data_6OWG
#
_entry.id   6OWG
#
_cell.length_a   1.00
_cell.length_b   1.00
_cell.length_c   1.00
_cell.angle_alpha   90.00
_cell.angle_beta   90.00
_cell.angle_gamma   90.00
#
_symmetry.space_group_name_H-M   'P 1'
#
loop_
_entity.id
_entity.type
_entity.pdbx_description
1 polymer 'Microcompartments protein'
2 polymer 'Ethanolamine utilization protein EutN/carboxysome structural protein Ccml'
#
loop_
_entity_poly.entity_id
_entity_poly.type
_entity_poly.pdbx_seq_one_letter_code
_entity_poly.pdbx_strand_id
1 'polypeptide(L)'
;MAVAVGMIETLGFPAVVEAADAMVKAARVTLVGYEKIGTGRVTVIVRGDVSEVQASVSAGTESVKRVNGGQVLSTHIIAR
PHENLEYVLPIRYTEEVEQFREGVGTPRNITRQ
;
A,B,C,E,F,G,I,J,K,M,N,O,Q,R,S,U,V,W,Y,Z,0,2,3,4,6,7,8,a,b,c,e,f,g,i,j,k,m,n,o,q,r,s,u,v,w,y,z,AA,AC,AD,AE,AG,AH,AI,AK,AL,AM,AO,AP,AQ,AS,AT,AU,AW,AX,AY,A0,A1,A2,A4,A5,A6,A8,A9,BA,BC,BD,BE,BG,BH,BI,BK,BL,BM,BO,BP,BQ,BS,BT,BU,BW,BX,BY,B0,B1,B2,B4,B5,B6,B8,B9,CA,CC,CD,CE,CG,CH,CI,CK,CL,CM,CO,CP,CQ,CS,CT,CU,CW,CX,CY,C0,C1,C2,C4,C5,C6,C8,C9,DA,DC,DD,DE,DG,DH,DI,DK,DL,DM,DO,DP,DQ,DS,DT,DU,DW,DX,DY,D0,D1,D2,D4,D5,D6,D8,D9,EA,EC,ED,EE,EG,EH,EI,EK,EL,EM,EO,EP,EQ,ES,ET,EU,EW,EX,EY,E0,E1,E2,E4,E5,E6
2 'polypeptide(L)'
;MQMAKVCGTVVGTQKLPSMTGVKLLLLQFIDANGELLPKYEVAADPVGAGLGEWVLVNRGSAARQTEYHQNRPLDAMVVA
IIDTVTVNNRRLYGEGSWSHPQFEK
;
D,H,L,P,T,X,1,5,9,d,h,l,p,t,x,AB,AF,AJ,AN,AR,AV,AZ,A3,A7,BB,BF,BJ,BN,BR,BV,BZ,B3,B7,CB,CF,CJ,CN,CR,CV,CZ,C3,C7,DB,DF,DJ,DN,DR,DV,DZ,D3,D7,EB,EF,EJ,EN,ER,EV,EZ,E3,E7
#
# COMPACT_ATOMS: atom_id res chain seq x y z
N ALA A 2 11.44 -86.70 -74.15
CA ALA A 2 10.50 -86.83 -75.25
C ALA A 2 10.25 -85.48 -75.92
N VAL A 3 9.21 -85.41 -76.74
CA VAL A 3 8.79 -84.16 -77.36
C VAL A 3 8.29 -83.20 -76.29
N ALA A 4 8.62 -81.92 -76.43
CA ALA A 4 8.40 -80.94 -75.37
C ALA A 4 6.91 -80.71 -75.13
N VAL A 5 6.59 -80.35 -73.89
CA VAL A 5 5.21 -80.18 -73.46
C VAL A 5 5.06 -78.80 -72.82
N GLY A 6 4.01 -78.10 -73.20
CA GLY A 6 3.69 -76.82 -72.60
C GLY A 6 2.28 -76.85 -72.03
N MET A 7 2.11 -76.21 -70.88
CA MET A 7 0.84 -76.18 -70.19
C MET A 7 0.50 -74.74 -69.83
N ILE A 8 -0.76 -74.35 -70.05
CA ILE A 8 -1.30 -73.09 -69.56
C ILE A 8 -2.53 -73.43 -68.74
N GLU A 9 -2.50 -73.07 -67.45
CA GLU A 9 -3.66 -73.23 -66.59
C GLU A 9 -4.35 -71.89 -66.44
N THR A 10 -5.64 -71.86 -66.77
CA THR A 10 -6.45 -70.66 -66.63
C THR A 10 -7.61 -70.93 -65.68
N LEU A 11 -8.13 -69.85 -65.12
CA LEU A 11 -9.35 -69.89 -64.30
C LEU A 11 -10.52 -69.54 -65.22
N GLY A 12 -11.18 -70.55 -65.75
CA GLY A 12 -12.29 -70.32 -66.64
C GLY A 12 -12.14 -70.97 -68.00
N PHE A 13 -13.26 -71.42 -68.56
CA PHE A 13 -13.28 -72.08 -69.86
C PHE A 13 -13.17 -71.16 -71.08
N PRO A 14 -13.75 -69.93 -71.11
CA PRO A 14 -13.42 -69.04 -72.23
C PRO A 14 -11.97 -68.61 -72.27
N ALA A 15 -11.29 -68.57 -71.12
CA ALA A 15 -9.88 -68.19 -71.11
C ALA A 15 -8.99 -69.34 -71.57
N VAL A 16 -9.45 -70.58 -71.40
CA VAL A 16 -8.60 -71.72 -71.75
C VAL A 16 -8.75 -72.06 -73.22
N VAL A 17 -9.86 -71.64 -73.84
CA VAL A 17 -10.02 -71.87 -75.28
C VAL A 17 -9.24 -70.83 -76.06
N GLU A 18 -9.18 -69.59 -75.54
CA GLU A 18 -8.31 -68.59 -76.14
C GLU A 18 -6.84 -68.94 -75.92
N ALA A 19 -6.52 -69.55 -74.77
CA ALA A 19 -5.16 -70.05 -74.57
C ALA A 19 -4.83 -71.17 -75.54
N ALA A 20 -5.77 -72.11 -75.73
CA ALA A 20 -5.52 -73.21 -76.66
C ALA A 20 -5.51 -72.74 -78.10
N ASP A 21 -6.32 -71.73 -78.43
CA ASP A 21 -6.37 -71.23 -79.80
C ASP A 21 -5.13 -70.41 -80.16
N ALA A 22 -4.66 -69.59 -79.23
CA ALA A 22 -3.50 -68.76 -79.52
C ALA A 22 -2.21 -69.56 -79.52
N MET A 23 -2.20 -70.72 -78.85
CA MET A 23 -0.99 -71.53 -78.82
C MET A 23 -0.76 -72.22 -80.16
N VAL A 24 -1.82 -72.78 -80.75
CA VAL A 24 -1.65 -73.48 -82.02
C VAL A 24 -1.63 -72.51 -83.19
N LYS A 25 -1.95 -71.24 -82.94
CA LYS A 25 -1.87 -70.24 -83.99
C LYS A 25 -0.55 -69.49 -83.97
N ALA A 26 0.14 -69.48 -82.83
CA ALA A 26 1.41 -68.76 -82.74
C ALA A 26 2.56 -69.58 -83.30
N ALA A 27 2.50 -70.89 -83.15
CA ALA A 27 3.61 -71.75 -83.56
C ALA A 27 3.05 -73.11 -83.98
N ARG A 28 3.96 -73.97 -84.44
CA ARG A 28 3.61 -75.31 -84.90
C ARG A 28 3.64 -76.27 -83.71
N VAL A 29 2.62 -76.15 -82.87
CA VAL A 29 2.42 -77.06 -81.76
C VAL A 29 1.15 -77.85 -82.01
N THR A 30 1.00 -78.93 -81.27
CA THR A 30 -0.19 -79.77 -81.34
C THR A 30 -0.86 -79.77 -79.97
N LEU A 31 -2.03 -79.15 -79.89
CA LEU A 31 -2.87 -79.24 -78.71
C LEU A 31 -3.36 -80.67 -78.56
N VAL A 32 -2.90 -81.36 -77.52
CA VAL A 32 -3.22 -82.76 -77.34
C VAL A 32 -4.17 -83.01 -76.18
N GLY A 33 -4.26 -82.09 -75.23
CA GLY A 33 -4.91 -82.40 -73.98
C GLY A 33 -5.67 -81.21 -73.43
N TYR A 34 -6.55 -81.50 -72.49
CA TYR A 34 -7.44 -80.52 -71.90
C TYR A 34 -7.87 -81.09 -70.56
N GLU A 35 -7.43 -80.46 -69.48
CA GLU A 35 -7.47 -81.08 -68.16
C GLU A 35 -8.16 -80.19 -67.15
N LYS A 36 -9.17 -80.74 -66.49
CA LYS A 36 -9.89 -80.06 -65.42
C LYS A 36 -9.57 -80.74 -64.10
N ILE A 37 -9.14 -79.95 -63.12
CA ILE A 37 -8.74 -80.46 -61.82
C ILE A 37 -9.62 -79.89 -60.71
N GLY A 38 -10.67 -79.17 -61.06
CA GLY A 38 -11.57 -78.62 -60.07
C GLY A 38 -11.33 -77.15 -59.77
N THR A 39 -12.36 -76.52 -59.21
CA THR A 39 -12.47 -75.09 -58.93
C THR A 39 -12.11 -74.20 -60.12
N GLY A 40 -12.51 -74.60 -61.32
CA GLY A 40 -12.29 -73.78 -62.49
C GLY A 40 -10.89 -73.75 -63.02
N ARG A 41 -9.94 -74.44 -62.37
CA ARG A 41 -8.58 -74.53 -62.87
C ARG A 41 -8.55 -75.50 -64.04
N VAL A 42 -8.47 -74.96 -65.25
CA VAL A 42 -8.51 -75.76 -66.46
C VAL A 42 -7.18 -75.57 -67.19
N THR A 43 -6.59 -76.68 -67.63
CA THR A 43 -5.27 -76.70 -68.25
C THR A 43 -5.36 -77.31 -69.64
N VAL A 44 -4.80 -76.62 -70.62
CA VAL A 44 -4.59 -77.17 -71.96
C VAL A 44 -3.12 -77.53 -72.12
N ILE A 45 -2.87 -78.59 -72.87
CA ILE A 45 -1.55 -79.18 -73.01
C ILE A 45 -1.20 -79.22 -74.49
N VAL A 46 -0.08 -78.61 -74.86
CA VAL A 46 0.41 -78.66 -76.23
C VAL A 46 1.71 -79.47 -76.27
N ARG A 47 1.97 -80.07 -77.42
CA ARG A 47 3.23 -80.77 -77.68
C ARG A 47 3.88 -80.18 -78.92
N GLY A 48 5.20 -80.27 -78.98
CA GLY A 48 5.92 -79.80 -80.14
C GLY A 48 7.38 -79.62 -79.82
N ASP A 49 8.10 -79.02 -80.76
CA ASP A 49 9.48 -78.68 -80.52
C ASP A 49 9.59 -77.55 -79.49
N VAL A 50 10.78 -77.42 -78.90
CA VAL A 50 10.98 -76.47 -77.80
C VAL A 50 10.86 -75.03 -78.29
N SER A 51 11.29 -74.77 -79.52
CA SER A 51 11.12 -73.45 -80.11
C SER A 51 9.66 -73.10 -80.33
N GLU A 52 8.86 -74.09 -80.73
CA GLU A 52 7.44 -73.85 -80.94
C GLU A 52 6.68 -73.75 -79.62
N VAL A 53 7.02 -74.59 -78.66
CA VAL A 53 6.28 -74.63 -77.38
C VAL A 53 6.59 -73.37 -76.56
N GLN A 54 7.83 -72.89 -76.60
CA GLN A 54 8.18 -71.65 -75.90
C GLN A 54 7.49 -70.45 -76.53
N ALA A 55 7.35 -70.45 -77.85
CA ALA A 55 6.67 -69.35 -78.52
C ALA A 55 5.17 -69.42 -78.31
N SER A 56 4.61 -70.63 -78.25
CA SER A 56 3.16 -70.78 -78.11
C SER A 56 2.69 -70.44 -76.70
N VAL A 57 3.42 -70.91 -75.68
CA VAL A 57 3.01 -70.68 -74.29
C VAL A 57 3.16 -69.21 -73.93
N SER A 58 4.21 -68.56 -74.44
CA SER A 58 4.41 -67.14 -74.16
C SER A 58 3.39 -66.28 -74.88
N ALA A 59 3.01 -66.66 -76.10
CA ALA A 59 1.98 -65.90 -76.81
C ALA A 59 0.58 -66.29 -76.34
N GLY A 60 0.41 -67.53 -75.89
CA GLY A 60 -0.87 -67.94 -75.33
C GLY A 60 -1.16 -67.33 -73.98
N THR A 61 -0.12 -66.91 -73.26
CA THR A 61 -0.32 -66.29 -71.96
C THR A 61 -0.77 -64.84 -72.11
N GLU A 62 -0.26 -64.14 -73.12
CA GLU A 62 -0.64 -62.75 -73.33
C GLU A 62 -2.04 -62.63 -73.90
N SER A 63 -2.51 -63.67 -74.61
CA SER A 63 -3.83 -63.60 -75.22
C SER A 63 -4.94 -63.77 -74.20
N VAL A 64 -4.68 -64.49 -73.10
CA VAL A 64 -5.68 -64.66 -72.04
C VAL A 64 -5.96 -63.35 -71.33
N LYS A 65 -4.97 -62.47 -71.22
CA LYS A 65 -5.21 -61.14 -70.67
C LYS A 65 -5.64 -60.16 -71.76
N ARG A 66 -6.58 -60.62 -72.59
CA ARG A 66 -7.32 -59.82 -73.57
C ARG A 66 -8.74 -60.34 -73.55
N VAL A 67 -8.98 -61.31 -72.66
CA VAL A 67 -10.29 -61.90 -72.41
C VAL A 67 -10.82 -61.31 -71.12
N ASN A 68 -12.09 -60.88 -71.12
CA ASN A 68 -12.70 -60.37 -69.91
C ASN A 68 -13.04 -61.53 -68.99
N GLY A 69 -12.59 -61.44 -67.74
CA GLY A 69 -12.75 -62.54 -66.82
C GLY A 69 -11.73 -63.64 -66.98
N GLY A 70 -10.72 -63.43 -67.82
CA GLY A 70 -9.67 -64.42 -68.05
C GLY A 70 -8.49 -64.16 -67.13
N GLN A 71 -7.95 -65.25 -66.58
CA GLN A 71 -6.86 -65.18 -65.64
C GLN A 71 -5.96 -66.39 -65.81
N VAL A 72 -4.68 -66.15 -66.07
CA VAL A 72 -3.69 -67.22 -66.15
C VAL A 72 -3.28 -67.57 -64.74
N LEU A 73 -3.45 -68.82 -64.36
CA LEU A 73 -3.02 -69.27 -63.04
C LEU A 73 -1.59 -69.78 -63.06
N SER A 74 -1.25 -70.59 -64.06
CA SER A 74 0.05 -71.24 -64.07
C SER A 74 0.41 -71.60 -65.50
N THR A 75 1.66 -71.31 -65.87
CA THR A 75 2.21 -71.69 -67.15
C THR A 75 3.52 -72.43 -66.91
N HIS A 76 3.77 -73.46 -67.72
CA HIS A 76 5.05 -74.15 -67.64
C HIS A 76 5.37 -74.81 -68.97
N ILE A 77 6.68 -74.94 -69.23
CA ILE A 77 7.20 -75.64 -70.39
C ILE A 77 8.23 -76.64 -69.89
N ILE A 78 8.07 -77.90 -70.27
CA ILE A 78 9.09 -78.93 -70.03
C ILE A 78 9.67 -79.31 -71.38
N ALA A 79 10.93 -78.94 -71.60
CA ALA A 79 11.54 -79.04 -72.92
C ALA A 79 11.82 -80.49 -73.30
N ARG A 80 12.01 -81.35 -72.31
CA ARG A 80 12.34 -82.76 -72.57
C ARG A 80 11.74 -83.59 -71.45
N PRO A 81 10.45 -83.91 -71.54
CA PRO A 81 9.83 -84.71 -70.48
C PRO A 81 10.25 -86.15 -70.56
N HIS A 82 10.27 -86.80 -69.40
CA HIS A 82 10.60 -88.21 -69.31
C HIS A 82 9.51 -89.04 -69.97
N GLU A 83 9.91 -90.19 -70.51
CA GLU A 83 8.98 -91.09 -71.16
C GLU A 83 8.05 -91.80 -70.17
N ASN A 84 8.35 -91.73 -68.87
CA ASN A 84 7.42 -92.20 -67.84
C ASN A 84 6.17 -91.34 -67.79
N LEU A 85 6.28 -90.04 -68.09
CA LEU A 85 5.17 -89.12 -67.89
C LEU A 85 4.07 -89.27 -68.92
N GLU A 86 4.37 -89.89 -70.06
CA GLU A 86 3.34 -90.08 -71.09
C GLU A 86 2.29 -91.09 -70.64
N TYR A 87 2.68 -92.06 -69.83
CA TYR A 87 1.79 -93.16 -69.52
C TYR A 87 0.98 -92.88 -68.25
N VAL A 88 1.37 -91.86 -67.49
CA VAL A 88 0.65 -91.54 -66.26
C VAL A 88 -0.16 -90.27 -66.42
N LEU A 89 0.45 -89.25 -66.94
CA LEU A 89 -0.18 -87.95 -67.08
C LEU A 89 -0.84 -87.81 -68.44
N PRO A 90 -1.96 -87.07 -68.53
CA PRO A 90 -2.64 -86.88 -69.83
C PRO A 90 -1.98 -85.81 -70.69
N ILE A 91 -0.72 -86.04 -71.05
CA ILE A 91 0.04 -85.14 -71.90
C ILE A 91 0.46 -85.79 -73.21
N ARG A 92 -0.08 -86.97 -73.53
CA ARG A 92 0.41 -87.72 -74.66
C ARG A 92 -0.43 -87.45 -75.90
N TYR A 93 0.13 -87.82 -77.05
CA TYR A 93 -0.59 -87.70 -78.30
C TYR A 93 -1.69 -88.75 -78.39
N THR A 94 -2.94 -88.27 -78.45
CA THR A 94 -4.07 -89.16 -78.69
C THR A 94 -4.26 -89.38 -80.19
N GLU A 95 -5.11 -90.35 -80.52
CA GLU A 95 -5.19 -90.77 -81.91
C GLU A 95 -6.04 -89.83 -82.76
N GLU A 96 -6.76 -88.89 -82.14
CA GLU A 96 -7.55 -87.94 -82.91
C GLU A 96 -6.74 -86.71 -83.27
N VAL A 97 -5.60 -86.51 -82.61
CA VAL A 97 -4.74 -85.36 -82.89
C VAL A 97 -3.46 -85.78 -83.60
N GLU A 98 -3.43 -86.97 -84.19
CA GLU A 98 -2.24 -87.43 -84.91
C GLU A 98 -2.09 -86.76 -86.27
N GLN A 99 -3.14 -86.11 -86.77
CA GLN A 99 -3.03 -85.40 -88.04
C GLN A 99 -2.29 -84.08 -87.90
N PHE A 100 -2.28 -83.50 -86.69
CA PHE A 100 -1.67 -82.20 -86.46
C PHE A 100 -0.22 -82.30 -86.01
N ARG A 101 0.29 -83.50 -85.77
CA ARG A 101 1.66 -83.66 -85.31
C ARG A 101 2.67 -83.40 -86.42
N ALA B 2 6.31 -102.92 -48.56
CA ALA B 2 6.54 -103.02 -50.00
C ALA B 2 7.58 -102.00 -50.45
N VAL B 3 7.68 -101.84 -51.77
CA VAL B 3 8.52 -100.80 -52.36
C VAL B 3 7.98 -99.44 -51.95
N ALA B 4 8.89 -98.53 -51.57
CA ALA B 4 8.51 -97.25 -50.95
C ALA B 4 7.72 -96.37 -51.92
N VAL B 5 6.88 -95.52 -51.34
CA VAL B 5 5.97 -94.67 -52.11
C VAL B 5 6.20 -93.22 -51.69
N GLY B 6 6.31 -92.34 -52.67
CA GLY B 6 6.39 -90.92 -52.41
C GLY B 6 5.29 -90.18 -53.14
N MET B 7 4.73 -89.19 -52.46
CA MET B 7 3.63 -88.40 -52.99
C MET B 7 3.96 -86.93 -52.88
N ILE B 8 3.70 -86.18 -53.94
CA ILE B 8 3.75 -84.72 -53.91
C ILE B 8 2.39 -84.21 -54.34
N GLU B 9 1.73 -83.44 -53.47
CA GLU B 9 0.48 -82.79 -53.80
C GLU B 9 0.72 -81.33 -54.09
N THR B 10 0.31 -80.87 -55.27
CA THR B 10 0.46 -79.48 -55.65
C THR B 10 -0.91 -78.88 -55.91
N LEU B 11 -0.95 -77.56 -55.92
CA LEU B 11 -2.13 -76.80 -56.33
C LEU B 11 -1.92 -76.41 -57.78
N GLY B 12 -2.48 -77.19 -58.69
CA GLY B 12 -2.35 -76.89 -60.10
C GLY B 12 -1.72 -78.01 -60.91
N PHE B 13 -2.16 -78.16 -62.14
CA PHE B 13 -1.64 -79.17 -63.05
C PHE B 13 -0.29 -78.84 -63.71
N PRO B 14 0.06 -77.59 -64.08
CA PRO B 14 1.44 -77.35 -64.53
C PRO B 14 2.49 -77.59 -63.46
N ALA B 15 2.15 -77.42 -62.18
CA ALA B 15 3.11 -77.67 -61.12
C ALA B 15 3.28 -79.16 -60.87
N VAL B 16 2.26 -79.96 -61.18
CA VAL B 16 2.33 -81.38 -60.83
C VAL B 16 3.04 -82.16 -61.92
N VAL B 17 3.12 -81.60 -63.14
CA VAL B 17 3.87 -82.26 -64.20
C VAL B 17 5.36 -81.94 -64.06
N GLU B 18 5.68 -80.72 -63.62
CA GLU B 18 7.06 -80.37 -63.35
C GLU B 18 7.57 -81.09 -62.11
N ALA B 19 6.70 -81.32 -61.13
CA ALA B 19 7.08 -82.13 -59.97
C ALA B 19 7.30 -83.58 -60.37
N ALA B 20 6.45 -84.12 -61.24
CA ALA B 20 6.60 -85.50 -61.69
C ALA B 20 7.81 -85.66 -62.60
N ASP B 21 8.13 -84.63 -63.39
CA ASP B 21 9.28 -84.72 -64.27
C ASP B 21 10.59 -84.57 -63.52
N ALA B 22 10.59 -83.76 -62.46
CA ALA B 22 11.80 -83.61 -61.66
C ALA B 22 12.04 -84.83 -60.80
N MET B 23 10.99 -85.57 -60.47
CA MET B 23 11.15 -86.74 -59.60
C MET B 23 11.81 -87.90 -60.33
N VAL B 24 11.34 -88.20 -61.54
CA VAL B 24 11.85 -89.36 -62.24
C VAL B 24 13.18 -89.06 -62.92
N LYS B 25 13.58 -87.79 -62.96
CA LYS B 25 14.91 -87.46 -63.48
C LYS B 25 15.95 -87.43 -62.37
N ALA B 26 15.52 -87.16 -61.14
CA ALA B 26 16.48 -86.99 -60.05
C ALA B 26 16.97 -88.32 -59.53
N ALA B 27 16.13 -89.36 -59.56
CA ALA B 27 16.50 -90.63 -58.96
C ALA B 27 15.82 -91.76 -59.73
N ARG B 28 16.06 -92.99 -59.26
CA ARG B 28 15.52 -94.19 -59.89
C ARG B 28 14.16 -94.54 -59.30
N VAL B 29 13.23 -93.61 -59.47
CA VAL B 29 11.85 -93.82 -59.07
C VAL B 29 11.02 -94.04 -60.31
N THR B 30 9.86 -94.66 -60.13
CA THR B 30 8.90 -94.88 -61.20
C THR B 30 7.63 -94.11 -60.86
N LEU B 31 7.29 -93.13 -61.69
CA LEU B 31 6.00 -92.47 -61.57
C LEU B 31 4.90 -93.46 -61.95
N VAL B 32 4.03 -93.78 -61.00
CA VAL B 32 2.99 -94.77 -61.23
C VAL B 32 1.59 -94.19 -61.12
N GLY B 33 1.42 -93.04 -60.50
CA GLY B 33 0.11 -92.61 -60.07
C GLY B 33 -0.12 -91.14 -60.34
N TYR B 34 -1.39 -90.78 -60.44
CA TYR B 34 -1.83 -89.43 -60.73
C TYR B 34 -3.25 -89.30 -60.21
N GLU B 35 -3.43 -88.49 -59.18
CA GLU B 35 -4.68 -88.48 -58.43
C GLU B 35 -5.22 -87.07 -58.29
N LYS B 36 -6.49 -86.90 -58.65
CA LYS B 36 -7.21 -85.64 -58.47
C LYS B 36 -8.27 -85.85 -57.40
N ILE B 37 -8.24 -85.00 -56.37
CA ILE B 37 -9.15 -85.12 -55.24
C ILE B 37 -10.03 -83.88 -55.10
N GLY B 38 -9.91 -82.91 -56.00
CA GLY B 38 -10.72 -81.72 -55.95
C GLY B 38 -9.96 -80.51 -55.43
N THR B 39 -10.57 -79.33 -55.67
CA THR B 39 -10.03 -78.00 -55.42
C THR B 39 -8.63 -77.79 -55.99
N GLY B 40 -8.32 -78.38 -57.13
CA GLY B 40 -7.01 -78.23 -57.72
C GLY B 40 -5.90 -78.98 -57.02
N ARG B 41 -6.21 -79.79 -56.02
CA ARG B 41 -5.21 -80.59 -55.32
C ARG B 41 -4.93 -81.83 -56.15
N VAL B 42 -3.75 -81.88 -56.76
CA VAL B 42 -3.37 -82.97 -57.65
C VAL B 42 -2.12 -83.63 -57.08
N THR B 43 -2.14 -84.95 -57.01
CA THR B 43 -1.06 -85.73 -56.41
C THR B 43 -0.46 -86.65 -57.46
N VAL B 44 0.86 -86.61 -57.59
CA VAL B 44 1.62 -87.60 -58.35
C VAL B 44 2.32 -88.54 -57.37
N ILE B 45 2.41 -89.80 -57.75
CA ILE B 45 2.85 -90.89 -56.88
C ILE B 45 4.03 -91.59 -57.55
N VAL B 46 5.16 -91.65 -56.87
CA VAL B 46 6.33 -92.36 -57.36
C VAL B 46 6.58 -93.58 -56.48
N ARG B 47 7.22 -94.59 -57.07
CA ARG B 47 7.63 -95.79 -56.36
C ARG B 47 9.11 -96.05 -56.59
N GLY B 48 9.79 -96.48 -55.55
CA GLY B 48 11.19 -96.85 -55.67
C GLY B 48 11.75 -97.23 -54.34
N ASP B 49 13.07 -97.36 -54.28
CA ASP B 49 13.74 -97.52 -52.99
C ASP B 49 13.64 -96.23 -52.20
N VAL B 50 13.72 -96.35 -50.87
CA VAL B 50 13.43 -95.22 -49.99
C VAL B 50 14.46 -94.10 -50.12
N SER B 51 15.71 -94.45 -50.44
CA SER B 51 16.72 -93.42 -50.66
C SER B 51 16.48 -92.70 -51.99
N GLU B 52 15.99 -93.43 -52.99
CA GLU B 52 15.67 -92.81 -54.26
C GLU B 52 14.37 -92.02 -54.18
N VAL B 53 13.42 -92.50 -53.37
CA VAL B 53 12.16 -91.79 -53.24
C VAL B 53 12.35 -90.50 -52.44
N GLN B 54 13.22 -90.55 -51.41
CA GLN B 54 13.53 -89.34 -50.65
C GLN B 54 14.29 -88.32 -51.48
N ALA B 55 15.15 -88.78 -52.38
CA ALA B 55 15.91 -87.88 -53.23
C ALA B 55 15.03 -87.27 -54.32
N SER B 56 14.00 -87.99 -54.74
CA SER B 56 13.14 -87.49 -55.81
C SER B 56 12.10 -86.52 -55.29
N VAL B 57 11.48 -86.85 -54.14
CA VAL B 57 10.40 -86.03 -53.59
C VAL B 57 10.93 -84.67 -53.14
N SER B 58 12.16 -84.64 -52.61
CA SER B 58 12.77 -83.35 -52.28
C SER B 58 13.14 -82.58 -53.53
N ALA B 59 13.52 -83.27 -54.60
CA ALA B 59 13.87 -82.58 -55.84
C ALA B 59 12.62 -82.17 -56.62
N GLY B 60 11.54 -82.94 -56.50
CA GLY B 60 10.30 -82.54 -57.12
C GLY B 60 9.63 -81.41 -56.40
N THR B 61 9.94 -81.22 -55.12
CA THR B 61 9.41 -80.08 -54.37
C THR B 61 10.13 -78.78 -54.77
N GLU B 62 11.43 -78.87 -55.06
CA GLU B 62 12.19 -77.69 -55.41
C GLU B 62 11.87 -77.18 -56.81
N SER B 63 11.37 -78.05 -57.69
CA SER B 63 11.10 -77.65 -59.06
C SER B 63 9.74 -77.01 -59.23
N VAL B 64 8.86 -77.09 -58.22
CA VAL B 64 7.59 -76.38 -58.27
C VAL B 64 7.82 -74.88 -58.08
N LYS B 65 8.93 -74.50 -57.44
CA LYS B 65 9.29 -73.09 -57.36
C LYS B 65 9.69 -72.51 -58.72
N ARG B 66 10.08 -73.37 -59.67
CA ARG B 66 10.32 -72.91 -61.04
C ARG B 66 9.02 -72.51 -61.71
N VAL B 67 7.93 -73.18 -61.38
CA VAL B 67 6.64 -72.90 -61.99
C VAL B 67 6.04 -71.65 -61.36
N ASN B 68 5.57 -70.73 -62.19
CA ASN B 68 4.84 -69.57 -61.70
C ASN B 68 3.42 -69.98 -61.41
N GLY B 69 2.92 -69.61 -60.23
CA GLY B 69 1.61 -70.06 -59.82
C GLY B 69 1.54 -71.48 -59.34
N GLY B 70 2.69 -72.12 -59.13
CA GLY B 70 2.75 -73.47 -58.62
C GLY B 70 3.07 -73.46 -57.14
N GLN B 71 2.41 -74.35 -56.40
CA GLN B 71 2.54 -74.40 -54.95
C GLN B 71 2.39 -75.83 -54.47
N VAL B 72 3.41 -76.33 -53.78
CA VAL B 72 3.37 -77.65 -53.16
C VAL B 72 2.49 -77.54 -51.92
N LEU B 73 1.46 -78.39 -51.85
CA LEU B 73 0.59 -78.38 -50.68
C LEU B 73 1.06 -79.37 -49.63
N SER B 74 1.41 -80.59 -50.05
CA SER B 74 1.76 -81.64 -49.11
C SER B 74 2.63 -82.67 -49.81
N THR B 75 3.72 -83.04 -49.15
CA THR B 75 4.57 -84.14 -49.59
C THR B 75 4.65 -85.17 -48.47
N HIS B 76 4.80 -86.44 -48.86
CA HIS B 76 5.00 -87.49 -47.89
C HIS B 76 5.70 -88.67 -48.54
N ILE B 77 6.45 -89.40 -47.72
CA ILE B 77 7.18 -90.59 -48.13
C ILE B 77 6.88 -91.70 -47.14
N ILE B 78 6.41 -92.84 -47.62
CA ILE B 78 6.26 -94.04 -46.80
C ILE B 78 7.32 -95.04 -47.23
N ALA B 79 8.19 -95.41 -46.29
CA ALA B 79 9.35 -96.23 -46.63
C ALA B 79 8.96 -97.66 -46.95
N ARG B 80 7.89 -98.16 -46.34
CA ARG B 80 7.46 -99.54 -46.51
C ARG B 80 5.95 -99.58 -46.40
N PRO B 81 5.23 -99.30 -47.48
CA PRO B 81 3.77 -99.35 -47.42
C PRO B 81 3.28 -100.78 -47.32
N HIS B 82 2.16 -100.94 -46.63
CA HIS B 82 1.53 -102.24 -46.47
C HIS B 82 0.98 -102.73 -47.80
N GLU B 83 0.86 -104.05 -47.93
CA GLU B 83 0.38 -104.65 -49.16
C GLU B 83 -1.10 -104.39 -49.40
N ASN B 84 -1.84 -104.01 -48.36
CA ASN B 84 -3.25 -103.65 -48.50
C ASN B 84 -3.43 -102.36 -49.28
N LEU B 85 -2.41 -101.50 -49.29
CA LEU B 85 -2.55 -100.16 -49.84
C LEU B 85 -2.58 -100.16 -51.36
N GLU B 86 -1.90 -101.10 -52.01
CA GLU B 86 -1.83 -101.09 -53.47
C GLU B 86 -3.12 -101.61 -54.09
N TYR B 87 -3.95 -102.30 -53.32
CA TYR B 87 -5.19 -102.83 -53.86
C TYR B 87 -6.35 -101.87 -53.66
N VAL B 88 -6.15 -100.83 -52.84
CA VAL B 88 -7.19 -99.84 -52.62
C VAL B 88 -6.77 -98.49 -53.20
N LEU B 89 -5.65 -98.00 -52.78
CA LEU B 89 -5.15 -96.71 -53.19
C LEU B 89 -4.39 -96.82 -54.50
N PRO B 90 -4.42 -95.78 -55.36
CA PRO B 90 -3.71 -95.84 -56.65
C PRO B 90 -2.22 -95.55 -56.51
N ILE B 91 -1.52 -96.39 -55.76
CA ILE B 91 -0.07 -96.32 -55.61
C ILE B 91 0.63 -97.52 -56.21
N ARG B 92 -0.08 -98.36 -56.95
CA ARG B 92 0.51 -99.60 -57.44
C ARG B 92 1.12 -99.39 -58.82
N TYR B 93 2.02 -100.31 -59.17
CA TYR B 93 2.57 -100.35 -60.52
C TYR B 93 1.50 -100.84 -61.48
N THR B 94 1.05 -99.96 -62.36
CA THR B 94 0.17 -100.37 -63.44
C THR B 94 0.98 -101.05 -64.53
N GLU B 95 0.27 -101.63 -65.50
CA GLU B 95 0.93 -102.39 -66.56
C GLU B 95 1.66 -101.46 -67.54
N GLU B 96 1.21 -100.21 -67.63
CA GLU B 96 1.81 -99.28 -68.58
C GLU B 96 3.17 -98.77 -68.09
N VAL B 97 3.42 -98.84 -66.78
CA VAL B 97 4.63 -98.28 -66.20
C VAL B 97 5.62 -99.37 -65.78
N GLU B 98 5.42 -100.61 -66.24
CA GLU B 98 6.33 -101.67 -65.86
C GLU B 98 7.63 -101.64 -66.64
N GLN B 99 7.71 -100.85 -67.71
CA GLN B 99 8.97 -100.73 -68.44
C GLN B 99 9.94 -99.79 -67.74
N PHE B 100 9.46 -99.02 -66.77
CA PHE B 100 10.28 -98.05 -66.06
C PHE B 100 10.66 -98.50 -64.65
N ARG B 101 10.27 -99.70 -64.25
CA ARG B 101 10.57 -100.18 -62.90
C ARG B 101 12.02 -100.63 -62.78
N ALA C 2 27.75 -73.05 -85.72
CA ALA C 2 26.95 -74.25 -85.93
C ALA C 2 25.78 -74.29 -84.96
N VAL C 3 25.88 -75.14 -83.96
CA VAL C 3 24.87 -75.18 -82.90
C VAL C 3 25.14 -74.05 -81.92
N ALA C 4 24.14 -73.72 -81.10
CA ALA C 4 24.27 -72.64 -80.15
C ALA C 4 25.20 -73.02 -79.00
N VAL C 5 25.60 -72.02 -78.23
CA VAL C 5 26.45 -72.22 -77.07
C VAL C 5 25.82 -71.48 -75.88
N GLY C 6 25.70 -72.18 -74.77
CA GLY C 6 25.22 -71.58 -73.54
C GLY C 6 26.24 -71.73 -72.43
N MET C 7 26.30 -70.74 -71.56
CA MET C 7 27.28 -70.70 -70.49
C MET C 7 26.57 -70.30 -69.20
N ILE C 8 26.87 -71.00 -68.12
CA ILE C 8 26.48 -70.61 -66.78
C ILE C 8 27.75 -70.53 -65.95
N GLU C 9 28.03 -69.35 -65.41
CA GLU C 9 29.15 -69.18 -64.50
C GLU C 9 28.64 -69.13 -63.06
N THR C 10 29.16 -70.03 -62.23
CA THR C 10 28.81 -70.07 -60.82
C THR C 10 30.03 -69.76 -59.98
N LEU C 11 29.78 -69.40 -58.73
CA LEU C 11 30.82 -69.26 -57.71
C LEU C 11 30.84 -70.56 -56.93
N GLY C 12 31.83 -71.41 -57.23
CA GLY C 12 31.92 -72.69 -56.55
C GLY C 12 31.73 -73.88 -57.46
N PHE C 13 32.44 -74.96 -57.18
CA PHE C 13 32.35 -76.20 -57.93
C PHE C 13 31.12 -77.08 -57.62
N PRO C 14 30.61 -77.19 -56.38
CA PRO C 14 29.34 -77.91 -56.22
C PRO C 14 28.15 -77.23 -56.88
N ALA C 15 28.19 -75.92 -57.06
CA ALA C 15 27.10 -75.23 -57.74
C ALA C 15 27.17 -75.41 -59.24
N VAL C 16 28.37 -75.68 -59.78
CA VAL C 16 28.52 -75.73 -61.23
C VAL C 16 28.27 -77.15 -61.73
N VAL C 17 28.31 -78.14 -60.84
CA VAL C 17 27.96 -79.51 -61.22
C VAL C 17 26.45 -79.68 -61.17
N GLU C 18 25.80 -79.02 -60.22
CA GLU C 18 24.33 -79.00 -60.19
C GLU C 18 23.78 -78.20 -61.35
N ALA C 19 24.46 -77.12 -61.74
CA ALA C 19 24.06 -76.36 -62.92
C ALA C 19 24.26 -77.18 -64.19
N ALA C 20 25.35 -77.93 -64.27
CA ALA C 20 25.60 -78.76 -65.45
C ALA C 20 24.65 -79.95 -65.51
N ASP C 21 24.31 -80.53 -64.36
CA ASP C 21 23.38 -81.65 -64.33
C ASP C 21 21.96 -81.22 -64.65
N ALA C 22 21.60 -79.98 -64.28
CA ALA C 22 20.27 -79.50 -64.58
C ALA C 22 20.11 -79.15 -66.05
N MET C 23 21.20 -78.81 -66.72
CA MET C 23 21.10 -78.41 -68.13
C MET C 23 20.87 -79.61 -69.02
N VAL C 24 21.65 -80.68 -68.84
CA VAL C 24 21.56 -81.80 -69.77
C VAL C 24 20.36 -82.68 -69.46
N LYS C 25 19.73 -82.49 -68.31
CA LYS C 25 18.48 -83.18 -68.02
C LYS C 25 17.28 -82.42 -68.56
N ALA C 26 17.37 -81.08 -68.61
CA ALA C 26 16.21 -80.28 -68.98
C ALA C 26 15.96 -80.31 -70.48
N ALA C 27 17.01 -80.30 -71.29
CA ALA C 27 16.86 -80.20 -72.72
C ALA C 27 17.94 -81.01 -73.42
N ARG C 28 17.87 -81.04 -74.75
CA ARG C 28 18.80 -81.81 -75.57
C ARG C 28 20.04 -80.96 -75.87
N VAL C 29 20.82 -80.73 -74.83
CA VAL C 29 22.08 -80.02 -74.94
C VAL C 29 23.20 -80.98 -74.58
N THR C 30 24.38 -80.71 -75.11
CA THR C 30 25.58 -81.47 -74.80
C THR C 30 26.52 -80.60 -73.98
N LEU C 31 26.77 -81.00 -72.75
CA LEU C 31 27.82 -80.38 -71.95
C LEU C 31 29.17 -80.71 -72.57
N VAL C 32 29.86 -79.70 -73.08
CA VAL C 32 31.12 -79.93 -73.79
C VAL C 32 32.31 -79.38 -73.04
N GLY C 33 32.11 -78.47 -72.11
CA GLY C 33 33.23 -77.69 -71.60
C GLY C 33 33.09 -77.37 -70.13
N TYR C 34 34.19 -76.90 -69.56
CA TYR C 34 34.33 -76.67 -68.14
C TYR C 34 35.52 -75.74 -67.96
N GLU C 35 35.27 -74.53 -67.47
CA GLU C 35 36.28 -73.48 -67.51
C GLU C 35 36.43 -72.84 -66.14
N LYS C 36 37.68 -72.68 -65.70
CA LYS C 36 38.02 -72.00 -64.47
C LYS C 36 38.87 -70.79 -64.81
N ILE C 37 38.44 -69.62 -64.34
CA ILE C 37 39.12 -68.37 -64.65
C ILE C 37 39.70 -67.71 -63.40
N GLY C 38 39.52 -68.32 -62.24
CA GLY C 38 40.00 -67.76 -61.00
C GLY C 38 38.89 -67.13 -60.18
N THR C 39 39.24 -66.82 -58.92
CA THR C 39 38.33 -66.40 -57.84
C THR C 39 37.11 -67.30 -57.69
N GLY C 40 37.26 -68.60 -57.89
CA GLY C 40 36.15 -69.52 -57.78
C GLY C 40 35.10 -69.40 -58.85
N ARG C 41 35.34 -68.61 -59.90
CA ARG C 41 34.38 -68.42 -60.98
C ARG C 41 34.54 -69.57 -61.96
N VAL C 42 33.58 -70.48 -61.97
CA VAL C 42 33.65 -71.69 -62.77
C VAL C 42 32.50 -71.67 -63.77
N THR C 43 32.81 -71.93 -65.04
CA THR C 43 31.84 -71.87 -66.12
C THR C 43 31.73 -73.23 -66.79
N VAL C 44 30.50 -73.67 -67.00
CA VAL C 44 30.21 -74.85 -67.81
C VAL C 44 29.56 -74.42 -69.11
N ILE C 45 29.88 -75.13 -70.19
CA ILE C 45 29.50 -74.76 -71.55
C ILE C 45 28.67 -75.88 -72.14
N VAL C 46 27.47 -75.56 -72.60
CA VAL C 46 26.62 -76.53 -73.28
C VAL C 46 26.44 -76.11 -74.74
N ARG C 47 26.26 -77.12 -75.60
CA ARG C 47 26.00 -76.90 -77.01
C ARG C 47 24.69 -77.58 -77.39
N GLY C 48 23.96 -76.95 -78.30
CA GLY C 48 22.72 -77.52 -78.78
C GLY C 48 22.00 -76.51 -79.64
N ASP C 49 20.73 -76.79 -79.92
CA ASP C 49 19.90 -75.80 -80.57
C ASP C 49 19.65 -74.64 -79.62
N VAL C 50 19.34 -73.48 -80.19
CA VAL C 50 19.19 -72.26 -79.39
C VAL C 50 17.97 -72.34 -78.49
N SER C 51 16.93 -73.05 -78.90
CA SER C 51 15.78 -73.28 -78.03
C SER C 51 16.10 -74.30 -76.94
N GLU C 52 16.92 -75.31 -77.28
CA GLU C 52 17.37 -76.28 -76.29
C GLU C 52 18.31 -75.63 -75.29
N VAL C 53 19.17 -74.73 -75.76
CA VAL C 53 20.14 -74.08 -74.88
C VAL C 53 19.43 -73.08 -73.96
N GLN C 54 18.43 -72.39 -74.47
CA GLN C 54 17.67 -71.43 -73.65
C GLN C 54 16.89 -72.12 -72.54
N ALA C 55 16.36 -73.30 -72.82
CA ALA C 55 15.62 -74.02 -71.80
C ALA C 55 16.55 -74.63 -70.76
N SER C 56 17.76 -75.02 -71.18
CA SER C 56 18.70 -75.64 -70.24
C SER C 56 19.36 -74.59 -69.36
N VAL C 57 19.76 -73.46 -69.95
CA VAL C 57 20.45 -72.41 -69.20
C VAL C 57 19.52 -71.77 -68.18
N SER C 58 18.24 -71.66 -68.53
CA SER C 58 17.25 -71.18 -67.57
C SER C 58 17.04 -72.18 -66.45
N ALA C 59 16.98 -73.47 -66.78
CA ALA C 59 16.75 -74.50 -65.77
C ALA C 59 17.99 -74.73 -64.92
N GLY C 60 19.18 -74.53 -65.50
CA GLY C 60 20.40 -74.62 -64.72
C GLY C 60 20.59 -73.44 -63.78
N THR C 61 19.90 -72.33 -64.04
CA THR C 61 20.04 -71.15 -63.19
C THR C 61 19.29 -71.31 -61.87
N GLU C 62 18.06 -71.83 -61.91
CA GLU C 62 17.30 -71.96 -60.66
C GLU C 62 17.76 -73.17 -59.85
N SER C 63 18.52 -74.08 -60.44
CA SER C 63 19.02 -75.22 -59.69
C SER C 63 20.22 -74.88 -58.83
N VAL C 64 20.88 -73.76 -59.08
CA VAL C 64 21.96 -73.32 -58.21
C VAL C 64 21.39 -72.74 -56.91
N LYS C 65 20.15 -72.25 -56.97
CA LYS C 65 19.49 -71.71 -55.78
C LYS C 65 19.20 -72.78 -54.73
N ARG C 66 19.12 -74.05 -55.11
CA ARG C 66 18.99 -75.13 -54.15
C ARG C 66 20.33 -75.55 -53.56
N VAL C 67 21.44 -75.13 -54.15
CA VAL C 67 22.76 -75.39 -53.59
C VAL C 67 23.09 -74.28 -52.59
N ASN C 68 23.30 -74.65 -51.34
CA ASN C 68 23.67 -73.70 -50.29
C ASN C 68 25.18 -73.51 -50.35
N GLY C 69 25.60 -72.30 -50.69
CA GLY C 69 27.01 -71.97 -50.82
C GLY C 69 27.45 -71.59 -52.22
N GLY C 70 26.55 -71.67 -53.21
CA GLY C 70 26.90 -71.28 -54.56
C GLY C 70 25.84 -70.37 -55.14
N GLN C 71 26.28 -69.53 -56.08
CA GLN C 71 25.40 -68.57 -56.72
C GLN C 71 25.77 -68.44 -58.18
N VAL C 72 24.80 -68.11 -59.01
CA VAL C 72 25.03 -67.86 -60.43
C VAL C 72 25.61 -66.46 -60.56
N LEU C 73 26.79 -66.37 -61.18
CA LEU C 73 27.41 -65.07 -61.38
C LEU C 73 27.00 -64.48 -62.73
N SER C 74 27.03 -65.29 -63.78
CA SER C 74 26.73 -64.80 -65.12
C SER C 74 26.23 -65.94 -65.98
N THR C 75 25.24 -65.64 -66.83
CA THR C 75 24.74 -66.58 -67.81
C THR C 75 24.69 -65.89 -69.16
N HIS C 76 24.92 -66.66 -70.22
CA HIS C 76 24.81 -66.11 -71.57
C HIS C 76 24.52 -67.22 -72.55
N ILE C 77 23.83 -66.85 -73.64
CA ILE C 77 23.44 -67.75 -74.72
C ILE C 77 23.78 -67.05 -76.03
N ILE C 78 24.54 -67.71 -76.89
CA ILE C 78 24.85 -67.23 -78.23
C ILE C 78 24.21 -68.18 -79.23
N ALA C 79 23.36 -67.65 -80.10
CA ALA C 79 22.49 -68.48 -80.93
C ALA C 79 23.28 -69.24 -81.98
N ARG C 80 24.31 -68.61 -82.55
CA ARG C 80 25.19 -69.26 -83.52
C ARG C 80 26.54 -68.58 -83.43
N PRO C 81 27.50 -69.17 -82.73
CA PRO C 81 28.82 -68.55 -82.60
C PRO C 81 29.59 -68.61 -83.91
N HIS C 82 30.56 -67.70 -84.01
CA HIS C 82 31.45 -67.64 -85.15
C HIS C 82 32.37 -68.86 -85.16
N GLU C 83 32.89 -69.18 -86.35
CA GLU C 83 33.82 -70.30 -86.46
C GLU C 83 35.18 -69.97 -85.84
N ASN C 84 35.46 -68.67 -85.64
CA ASN C 84 36.70 -68.25 -85.00
C ASN C 84 36.72 -68.62 -83.52
N LEU C 85 35.55 -68.65 -82.88
CA LEU C 85 35.49 -68.89 -81.45
C LEU C 85 35.76 -70.34 -81.09
N GLU C 86 35.57 -71.25 -82.05
CA GLU C 86 35.74 -72.68 -81.77
C GLU C 86 37.20 -73.04 -81.59
N TYR C 87 38.09 -72.28 -82.24
CA TYR C 87 39.51 -72.61 -82.20
C TYR C 87 40.22 -71.89 -81.05
N VAL C 88 39.67 -70.77 -80.59
CA VAL C 88 40.32 -70.01 -79.53
C VAL C 88 39.69 -70.34 -78.18
N LEU C 89 38.39 -70.28 -78.09
CA LEU C 89 37.68 -70.48 -76.85
C LEU C 89 37.28 -71.95 -76.69
N PRO C 90 37.30 -72.47 -75.46
CA PRO C 90 36.95 -73.89 -75.23
C PRO C 90 35.44 -74.15 -75.20
N ILE C 91 34.79 -73.86 -76.33
CA ILE C 91 33.36 -74.11 -76.48
C ILE C 91 33.06 -75.17 -77.53
N ARG C 92 34.07 -75.87 -78.02
CA ARG C 92 33.88 -76.82 -79.10
C ARG C 92 33.60 -78.21 -78.55
N TYR C 93 33.06 -79.06 -79.42
CA TYR C 93 32.85 -80.46 -79.09
C TYR C 93 34.19 -81.19 -79.01
N THR C 94 34.43 -81.85 -77.89
CA THR C 94 35.57 -82.74 -77.79
C THR C 94 35.17 -84.13 -78.26
N GLU C 95 36.18 -84.99 -78.43
CA GLU C 95 35.91 -86.35 -78.89
C GLU C 95 35.32 -87.23 -77.79
N GLU C 96 35.43 -86.79 -76.54
CA GLU C 96 34.86 -87.56 -75.43
C GLU C 96 33.35 -87.39 -75.36
N VAL C 97 32.83 -86.29 -75.88
CA VAL C 97 31.42 -85.96 -75.75
C VAL C 97 30.68 -86.07 -77.09
N GLU C 98 31.25 -86.77 -78.07
CA GLU C 98 30.53 -86.99 -79.32
C GLU C 98 29.44 -88.04 -79.18
N GLN C 99 29.44 -88.80 -78.08
CA GLN C 99 28.38 -89.78 -77.85
C GLN C 99 27.07 -89.11 -77.44
N PHE C 100 27.13 -87.88 -76.93
CA PHE C 100 25.96 -87.19 -76.43
C PHE C 100 25.43 -86.12 -77.37
N ARG C 101 26.05 -85.96 -78.54
CA ARG C 101 25.62 -84.94 -79.49
C ARG C 101 24.33 -85.33 -80.20
N MET D 1 -3.69 -49.00 -93.92
CA MET D 1 -3.63 -50.46 -93.76
C MET D 1 -3.53 -51.15 -95.11
N GLN D 2 -3.08 -52.41 -95.07
CA GLN D 2 -3.06 -53.27 -96.25
C GLN D 2 -3.82 -54.54 -95.93
N MET D 3 -4.40 -55.13 -96.96
CA MET D 3 -5.02 -56.44 -96.83
C MET D 3 -3.96 -57.50 -97.04
N ALA D 4 -3.91 -58.46 -96.13
CA ALA D 4 -2.92 -59.53 -96.20
C ALA D 4 -3.57 -60.84 -95.82
N LYS D 5 -2.98 -61.93 -96.33
CA LYS D 5 -3.40 -63.27 -96.00
C LYS D 5 -2.36 -63.92 -95.10
N VAL D 6 -2.82 -64.56 -94.03
CA VAL D 6 -1.93 -65.23 -93.07
C VAL D 6 -1.39 -66.48 -93.76
N CYS D 7 -0.09 -66.48 -94.07
CA CYS D 7 0.50 -67.64 -94.74
C CYS D 7 1.32 -68.49 -93.78
N GLY D 8 1.70 -67.93 -92.64
CA GLY D 8 2.42 -68.74 -91.68
C GLY D 8 2.86 -67.99 -90.46
N THR D 9 3.75 -68.62 -89.70
CA THR D 9 4.27 -68.09 -88.46
C THR D 9 5.78 -68.01 -88.51
N VAL D 10 6.35 -67.03 -87.81
CA VAL D 10 7.78 -66.88 -87.64
C VAL D 10 8.09 -66.96 -86.16
N VAL D 11 8.95 -67.90 -85.79
CA VAL D 11 9.36 -68.09 -84.40
C VAL D 11 10.82 -67.72 -84.29
N GLY D 12 11.12 -66.76 -83.41
CA GLY D 12 12.50 -66.44 -83.09
C GLY D 12 12.74 -66.57 -81.60
N THR D 13 13.73 -67.36 -81.21
CA THR D 13 14.03 -67.53 -79.80
C THR D 13 15.06 -66.52 -79.29
N GLN D 14 16.06 -66.20 -80.09
CA GLN D 14 17.08 -65.22 -79.74
C GLN D 14 16.61 -63.86 -80.26
N LYS D 15 16.08 -63.04 -79.37
CA LYS D 15 15.45 -61.79 -79.76
C LYS D 15 15.66 -60.76 -78.66
N LEU D 16 15.08 -59.58 -78.86
CA LEU D 16 15.09 -58.56 -77.84
C LEU D 16 14.14 -58.94 -76.71
N PRO D 17 14.41 -58.48 -75.47
CA PRO D 17 13.49 -58.78 -74.37
C PRO D 17 12.13 -58.13 -74.51
N SER D 18 12.05 -57.01 -75.23
CA SER D 18 10.77 -56.37 -75.48
C SER D 18 9.99 -57.05 -76.59
N MET D 19 10.60 -58.01 -77.29
CA MET D 19 9.90 -58.80 -78.29
C MET D 19 9.32 -60.09 -77.72
N THR D 20 9.32 -60.24 -76.39
CA THR D 20 8.85 -61.47 -75.78
C THR D 20 7.33 -61.44 -75.62
N GLY D 21 6.68 -62.52 -76.04
CA GLY D 21 5.24 -62.60 -76.00
C GLY D 21 4.55 -62.07 -77.25
N VAL D 22 5.30 -61.52 -78.19
CA VAL D 22 4.76 -60.99 -79.43
C VAL D 22 4.63 -62.14 -80.41
N LYS D 23 3.40 -62.41 -80.85
CA LYS D 23 3.13 -63.46 -81.82
C LYS D 23 3.39 -62.91 -83.22
N LEU D 24 4.28 -63.57 -83.96
CA LEU D 24 4.74 -63.08 -85.25
C LEU D 24 4.13 -63.91 -86.37
N LEU D 25 3.37 -63.26 -87.23
CA LEU D 25 2.71 -63.92 -88.35
C LEU D 25 3.35 -63.50 -89.66
N LEU D 26 3.59 -64.48 -90.52
CA LEU D 26 4.05 -64.24 -91.88
C LEU D 26 2.82 -64.00 -92.74
N LEU D 27 2.65 -62.78 -93.21
CA LEU D 27 1.48 -62.39 -93.99
C LEU D 27 1.91 -62.01 -95.40
N GLN D 28 1.32 -62.65 -96.40
CA GLN D 28 1.51 -62.26 -97.78
C GLN D 28 0.42 -61.27 -98.17
N PHE D 29 0.81 -60.20 -98.85
CA PHE D 29 -0.15 -59.17 -99.24
C PHE D 29 -0.99 -59.64 -100.41
N ILE D 30 -2.26 -59.28 -100.37
CA ILE D 30 -3.22 -59.57 -101.43
C ILE D 30 -3.65 -58.24 -102.04
N ASP D 31 -3.97 -58.25 -103.33
CA ASP D 31 -4.31 -57.00 -103.99
C ASP D 31 -5.77 -56.63 -103.75
N ALA D 32 -6.23 -55.59 -104.45
CA ALA D 32 -7.62 -55.17 -104.33
C ALA D 32 -8.56 -56.15 -105.02
N ASN D 33 -8.06 -56.99 -105.91
CA ASN D 33 -8.90 -57.97 -106.57
C ASN D 33 -8.90 -59.31 -105.84
N GLY D 34 -7.98 -59.50 -104.91
CA GLY D 34 -7.92 -60.72 -104.12
C GLY D 34 -6.80 -61.68 -104.46
N GLU D 35 -5.95 -61.35 -105.44
CA GLU D 35 -4.85 -62.21 -105.82
C GLU D 35 -3.63 -61.92 -104.96
N LEU D 36 -2.80 -62.93 -104.78
CA LEU D 36 -1.63 -62.82 -103.91
C LEU D 36 -0.54 -62.02 -104.59
N LEU D 37 -0.09 -60.96 -103.93
CA LEU D 37 1.03 -60.17 -104.40
C LEU D 37 2.35 -60.81 -103.99
N PRO D 38 3.42 -60.61 -104.78
CA PRO D 38 4.75 -61.09 -104.35
C PRO D 38 5.43 -60.15 -103.37
N LYS D 39 4.77 -59.93 -102.24
CA LYS D 39 5.25 -59.03 -101.19
C LYS D 39 4.66 -59.52 -99.88
N TYR D 40 5.50 -59.59 -98.85
CA TYR D 40 5.11 -60.14 -97.57
C TYR D 40 5.41 -59.16 -96.45
N GLU D 41 5.05 -59.57 -95.24
CA GLU D 41 5.34 -58.83 -94.02
C GLU D 41 5.34 -59.81 -92.86
N VAL D 42 6.09 -59.47 -91.82
CA VAL D 42 5.99 -60.14 -90.53
C VAL D 42 5.42 -59.14 -89.55
N ALA D 43 4.27 -59.48 -88.97
CA ALA D 43 3.53 -58.53 -88.14
C ALA D 43 3.18 -59.16 -86.80
N ALA D 44 3.06 -58.31 -85.79
CA ALA D 44 2.50 -58.70 -84.52
C ALA D 44 1.00 -58.96 -84.68
N ASP D 45 0.49 -59.88 -83.85
CA ASP D 45 -0.89 -60.34 -83.97
C ASP D 45 -1.58 -60.27 -82.61
N PRO D 46 -2.12 -59.11 -82.25
CA PRO D 46 -2.94 -59.05 -81.02
C PRO D 46 -4.33 -59.60 -81.23
N VAL D 47 -4.91 -59.39 -82.40
CA VAL D 47 -6.20 -59.95 -82.78
C VAL D 47 -5.93 -61.33 -83.32
N GLY D 48 -6.39 -62.36 -82.60
CA GLY D 48 -5.92 -63.72 -82.83
C GLY D 48 -6.34 -64.26 -84.20
N ALA D 49 -5.38 -64.39 -85.11
CA ALA D 49 -5.64 -64.73 -86.50
C ALA D 49 -4.87 -65.99 -86.86
N GLY D 50 -5.55 -66.94 -87.50
CA GLY D 50 -4.94 -68.18 -87.91
C GLY D 50 -4.63 -68.21 -89.39
N LEU D 51 -4.06 -69.34 -89.82
CA LEU D 51 -3.54 -69.46 -91.18
C LEU D 51 -4.67 -69.53 -92.20
N GLY D 52 -4.52 -68.75 -93.26
CA GLY D 52 -5.54 -68.63 -94.28
C GLY D 52 -6.45 -67.44 -94.14
N GLU D 53 -6.43 -66.78 -92.99
CA GLU D 53 -7.34 -65.66 -92.73
C GLU D 53 -6.91 -64.41 -93.48
N TRP D 54 -7.88 -63.56 -93.77
CA TRP D 54 -7.63 -62.25 -94.35
C TRP D 54 -7.58 -61.22 -93.23
N VAL D 55 -6.48 -60.47 -93.16
CA VAL D 55 -6.26 -59.53 -92.08
C VAL D 55 -5.95 -58.17 -92.65
N LEU D 56 -6.21 -57.14 -91.84
CA LEU D 56 -5.71 -55.79 -92.10
C LEU D 56 -4.46 -55.58 -91.25
N VAL D 57 -3.37 -55.22 -91.90
CA VAL D 57 -2.10 -54.98 -91.24
C VAL D 57 -1.68 -53.54 -91.49
N ASN D 58 -1.27 -52.84 -90.43
CA ASN D 58 -0.78 -51.48 -90.59
C ASN D 58 0.75 -51.50 -90.66
N ARG D 59 1.33 -50.32 -90.86
CA ARG D 59 2.76 -50.20 -91.01
C ARG D 59 3.24 -49.02 -90.17
N GLY D 60 4.48 -49.11 -89.70
CA GLY D 60 5.11 -47.97 -89.06
C GLY D 60 4.79 -47.80 -87.59
N SER D 61 4.68 -46.55 -87.15
CA SER D 61 4.45 -46.24 -85.76
C SER D 61 3.03 -46.51 -85.31
N ALA D 62 2.12 -46.85 -86.23
CA ALA D 62 0.77 -47.24 -85.87
C ALA D 62 0.73 -48.62 -85.22
N ALA D 63 1.78 -49.42 -85.38
CA ALA D 63 1.87 -50.72 -84.72
C ALA D 63 2.12 -50.59 -83.23
N ARG D 64 2.49 -49.41 -82.74
CA ARG D 64 2.80 -49.17 -81.34
C ARG D 64 1.72 -48.38 -80.62
N GLN D 65 0.46 -48.51 -81.06
CA GLN D 65 -0.62 -47.70 -80.50
C GLN D 65 -1.59 -48.48 -79.63
N THR D 66 -1.42 -49.80 -79.53
CA THR D 66 -2.39 -50.65 -78.86
C THR D 66 -2.10 -50.83 -77.36
N GLU D 67 -1.31 -49.92 -76.79
CA GLU D 67 -1.01 -49.73 -75.36
C GLU D 67 -0.31 -50.91 -74.68
N TYR D 68 -0.06 -52.00 -75.40
CA TYR D 68 0.89 -53.01 -74.95
C TYR D 68 1.99 -53.26 -75.97
N HIS D 69 2.00 -52.52 -77.08
CA HIS D 69 3.09 -52.52 -78.03
C HIS D 69 3.83 -51.19 -78.06
N GLN D 70 3.71 -50.39 -77.00
CA GLN D 70 4.07 -48.97 -77.07
C GLN D 70 5.57 -48.77 -77.13
N ASN D 71 6.33 -49.51 -76.35
CA ASN D 71 7.78 -49.38 -76.34
C ASN D 71 8.46 -50.60 -76.97
N ARG D 72 7.72 -51.34 -77.78
CA ARG D 72 8.13 -52.53 -78.49
C ARG D 72 8.60 -52.18 -79.89
N PRO D 73 9.68 -52.78 -80.37
CA PRO D 73 10.22 -52.45 -81.71
C PRO D 73 9.45 -53.14 -82.83
N LEU D 74 8.20 -52.69 -83.04
CA LEU D 74 7.30 -53.27 -84.01
C LEU D 74 6.94 -52.22 -85.05
N ASP D 75 6.97 -52.61 -86.32
CA ASP D 75 6.58 -51.72 -87.41
C ASP D 75 5.45 -52.30 -88.26
N ALA D 76 4.80 -53.35 -87.79
CA ALA D 76 3.68 -53.97 -88.49
C ALA D 76 2.84 -54.71 -87.47
N MET D 77 1.52 -54.67 -87.65
CA MET D 77 0.61 -55.23 -86.67
C MET D 77 -0.72 -55.53 -87.35
N VAL D 78 -1.24 -56.74 -87.11
CA VAL D 78 -2.60 -57.06 -87.53
C VAL D 78 -3.56 -56.29 -86.64
N VAL D 79 -4.37 -55.42 -87.24
CA VAL D 79 -5.33 -54.63 -86.48
C VAL D 79 -6.74 -55.18 -86.57
N ALA D 80 -7.05 -55.97 -87.59
CA ALA D 80 -8.39 -56.47 -87.79
C ALA D 80 -8.33 -57.76 -88.58
N ILE D 81 -9.22 -58.67 -88.26
CA ILE D 81 -9.52 -59.82 -89.12
C ILE D 81 -10.64 -59.39 -90.06
N ILE D 82 -10.41 -59.55 -91.36
CA ILE D 82 -11.37 -59.09 -92.35
C ILE D 82 -12.56 -60.03 -92.35
N ASP D 83 -13.75 -59.47 -92.12
CA ASP D 83 -14.99 -60.22 -92.29
C ASP D 83 -15.40 -60.24 -93.76
N THR D 84 -15.55 -59.07 -94.37
CA THR D 84 -16.01 -59.00 -95.75
C THR D 84 -15.39 -57.81 -96.45
N VAL D 85 -15.13 -57.98 -97.74
CA VAL D 85 -14.67 -56.91 -98.62
C VAL D 85 -15.68 -56.75 -99.74
N THR D 86 -16.25 -55.56 -99.85
CA THR D 86 -17.22 -55.24 -100.90
C THR D 86 -16.56 -54.28 -101.86
N VAL D 87 -16.41 -54.69 -103.12
CA VAL D 87 -15.80 -53.86 -104.15
C VAL D 87 -16.85 -53.59 -105.21
N ASN D 88 -17.14 -52.29 -105.42
CA ASN D 88 -18.13 -51.80 -106.40
C ASN D 88 -19.51 -52.41 -106.16
N ASN D 89 -19.93 -52.40 -104.89
CA ASN D 89 -21.17 -52.99 -104.36
C ASN D 89 -21.26 -54.49 -104.58
N ARG D 90 -20.16 -55.17 -104.89
CA ARG D 90 -20.12 -56.61 -105.06
C ARG D 90 -19.21 -57.18 -103.99
N ARG D 91 -19.69 -58.20 -103.29
CA ARG D 91 -18.92 -58.83 -102.22
C ARG D 91 -17.77 -59.62 -102.82
N LEU D 92 -16.54 -59.20 -102.50
CA LEU D 92 -15.34 -59.89 -102.93
C LEU D 92 -14.94 -61.02 -101.99
N TYR D 93 -15.12 -60.83 -100.69
CA TYR D 93 -14.68 -61.77 -99.68
C TYR D 93 -15.76 -61.91 -98.62
N GLY D 94 -15.88 -63.11 -98.05
CA GLY D 94 -16.84 -63.35 -96.99
C GLY D 94 -18.21 -63.75 -97.48
N ALA E 2 -54.06 43.45 91.22
CA ALA E 2 -53.67 43.09 92.58
C ALA E 2 -52.16 43.01 92.70
N VAL E 3 -51.69 42.33 93.77
CA VAL E 3 -50.28 42.10 93.99
C VAL E 3 -49.74 41.18 92.90
N ALA E 4 -48.53 41.48 92.39
CA ALA E 4 -47.98 40.81 91.23
C ALA E 4 -47.75 39.32 91.49
N VAL E 5 -47.87 38.53 90.43
CA VAL E 5 -47.76 37.08 90.52
C VAL E 5 -46.69 36.61 89.52
N GLY E 6 -45.80 35.76 89.98
CA GLY E 6 -44.81 35.14 89.11
C GLY E 6 -44.96 33.63 89.14
N MET E 7 -44.73 33.01 88.00
CA MET E 7 -44.85 31.57 87.86
C MET E 7 -43.62 31.03 87.16
N ILE E 8 -43.06 29.93 87.67
CA ILE E 8 -42.02 29.19 86.99
C ILE E 8 -42.52 27.76 86.85
N GLU E 9 -42.67 27.29 85.62
CA GLU E 9 -43.06 25.92 85.34
C GLU E 9 -41.83 25.12 84.97
N THR E 10 -41.57 24.05 85.72
CA THR E 10 -40.44 23.17 85.44
C THR E 10 -40.95 21.76 85.16
N LEU E 11 -40.08 20.97 84.54
CA LEU E 11 -40.33 19.56 84.32
C LEU E 11 -39.57 18.79 85.39
N GLY E 12 -40.26 18.45 86.48
CA GLY E 12 -39.62 17.74 87.57
C GLY E 12 -39.73 18.42 88.91
N PHE E 13 -39.82 17.63 89.98
CA PHE E 13 -39.93 18.12 91.34
C PHE E 13 -38.62 18.64 91.95
N PRO E 14 -37.42 18.06 91.72
CA PRO E 14 -36.21 18.75 92.20
C PRO E 14 -35.95 20.09 91.52
N ALA E 15 -36.42 20.27 90.29
CA ALA E 15 -36.22 21.55 89.62
C ALA E 15 -37.21 22.60 90.11
N VAL E 16 -38.37 22.16 90.62
CA VAL E 16 -39.38 23.12 91.03
C VAL E 16 -39.15 23.56 92.47
N VAL E 17 -38.41 22.75 93.23
CA VAL E 17 -38.08 23.14 94.60
C VAL E 17 -36.90 24.11 94.59
N GLU E 18 -35.94 23.89 93.68
CA GLU E 18 -34.88 24.86 93.48
C GLU E 18 -35.41 26.15 92.88
N ALA E 19 -36.42 26.06 92.02
CA ALA E 19 -37.09 27.27 91.54
C ALA E 19 -37.82 27.99 92.67
N ALA E 20 -38.49 27.26 93.54
CA ALA E 20 -39.19 27.88 94.65
C ALA E 20 -38.23 28.41 95.70
N ASP E 21 -37.10 27.72 95.89
CA ASP E 21 -36.14 28.16 96.91
C ASP E 21 -35.35 29.37 96.46
N ALA E 22 -34.95 29.42 95.18
CA ALA E 22 -34.16 30.54 94.71
C ALA E 22 -35.01 31.79 94.51
N MET E 23 -36.32 31.63 94.35
CA MET E 23 -37.19 32.79 94.17
C MET E 23 -37.36 33.55 95.47
N VAL E 24 -37.59 32.83 96.58
CA VAL E 24 -37.80 33.51 97.85
C VAL E 24 -36.49 33.89 98.50
N LYS E 25 -35.37 33.42 97.93
CA LYS E 25 -34.05 33.82 98.44
C LYS E 25 -33.48 35.00 97.65
N ALA E 26 -33.98 35.22 96.43
CA ALA E 26 -33.45 36.32 95.62
C ALA E 26 -34.10 37.65 95.99
N ALA E 27 -35.37 37.61 96.39
CA ALA E 27 -36.11 38.84 96.62
C ALA E 27 -37.16 38.60 97.68
N ARG E 28 -37.91 39.66 98.00
CA ARG E 28 -38.93 39.64 99.05
C ARG E 28 -40.26 39.25 98.40
N VAL E 29 -40.35 37.99 98.01
CA VAL E 29 -41.58 37.43 97.46
C VAL E 29 -42.11 36.39 98.43
N THR E 30 -43.37 36.04 98.27
CA THR E 30 -44.01 35.00 99.08
C THR E 30 -44.43 33.88 98.16
N LEU E 31 -43.79 32.72 98.30
CA LEU E 31 -44.24 31.51 97.64
C LEU E 31 -45.57 31.09 98.23
N VAL E 32 -46.63 31.17 97.43
CA VAL E 32 -47.96 30.90 97.92
C VAL E 32 -48.54 29.60 97.37
N GLY E 33 -48.03 29.10 96.26
CA GLY E 33 -48.75 28.09 95.52
C GLY E 33 -47.83 27.05 94.93
N TYR E 34 -48.44 25.94 94.52
CA TYR E 34 -47.74 24.76 94.03
C TYR E 34 -48.73 23.98 93.20
N GLU E 35 -48.52 23.95 91.89
CA GLU E 35 -49.55 23.45 90.98
C GLU E 35 -48.98 22.35 90.10
N LYS E 36 -49.67 21.21 90.08
CA LYS E 36 -49.35 20.08 89.23
C LYS E 36 -50.46 19.96 88.19
N ILE E 37 -50.09 19.93 86.92
CA ILE E 37 -51.05 19.86 85.82
C ILE E 37 -50.84 18.62 84.98
N GLY E 38 -49.99 17.70 85.40
CA GLY E 38 -49.77 16.47 84.68
C GLY E 38 -48.54 16.53 83.78
N THR E 39 -48.09 15.32 83.39
CA THR E 39 -46.84 15.05 82.66
C THR E 39 -45.63 15.73 83.26
N GLY E 40 -45.55 15.82 84.58
CA GLY E 40 -44.38 16.37 85.23
C GLY E 40 -44.24 17.88 85.15
N ARG E 41 -45.17 18.57 84.50
CA ARG E 41 -45.16 20.03 84.46
C ARG E 41 -45.64 20.55 85.81
N VAL E 42 -44.71 21.08 86.59
CA VAL E 42 -44.97 21.54 87.94
C VAL E 42 -44.67 23.03 88.01
N THR E 43 -45.60 23.80 88.58
CA THR E 43 -45.50 25.25 88.64
C THR E 43 -45.54 25.71 90.09
N VAL E 44 -44.60 26.57 90.46
CA VAL E 44 -44.64 27.29 91.72
C VAL E 44 -45.03 28.74 91.46
N ILE E 45 -45.79 29.32 92.39
CA ILE E 45 -46.40 30.62 92.23
C ILE E 45 -45.96 31.50 93.38
N VAL E 46 -45.34 32.63 93.06
CA VAL E 46 -44.92 33.59 94.07
C VAL E 46 -45.75 34.86 93.92
N ARG E 47 -45.92 35.57 95.03
CA ARG E 47 -46.56 36.87 95.04
C ARG E 47 -45.61 37.88 95.64
N GLY E 48 -45.82 39.16 95.29
CA GLY E 48 -45.00 40.21 95.86
C GLY E 48 -45.04 41.44 94.98
N ASP E 49 -44.19 42.39 95.29
CA ASP E 49 -44.05 43.58 94.48
C ASP E 49 -43.42 43.24 93.14
N VAL E 50 -43.60 44.14 92.17
CA VAL E 50 -43.19 43.87 90.79
C VAL E 50 -41.67 43.83 90.68
N SER E 51 -40.98 44.67 91.45
CA SER E 51 -39.52 44.63 91.48
C SER E 51 -39.02 43.33 92.10
N GLU E 52 -39.72 42.81 93.09
CA GLU E 52 -39.31 41.57 93.72
C GLU E 52 -39.62 40.37 92.84
N VAL E 53 -40.79 40.36 92.19
CA VAL E 53 -41.21 39.21 91.39
C VAL E 53 -40.38 39.11 90.12
N GLN E 54 -40.04 40.25 89.51
CA GLN E 54 -39.16 40.25 88.34
C GLN E 54 -37.76 39.78 88.70
N ALA E 55 -37.29 40.11 89.89
CA ALA E 55 -35.96 39.67 90.31
C ALA E 55 -35.96 38.20 90.69
N SER E 56 -37.06 37.74 91.30
CA SER E 56 -37.12 36.36 91.76
C SER E 56 -37.28 35.38 90.60
N VAL E 57 -38.16 35.70 89.64
CA VAL E 57 -38.42 34.81 88.52
C VAL E 57 -37.21 34.72 87.61
N SER E 58 -36.51 35.85 87.41
CA SER E 58 -35.31 35.84 86.59
C SER E 58 -34.16 35.10 87.26
N ALA E 59 -34.08 35.16 88.59
CA ALA E 59 -33.04 34.43 89.30
C ALA E 59 -33.46 32.97 89.53
N GLY E 60 -34.77 32.74 89.68
CA GLY E 60 -35.26 31.38 89.80
C GLY E 60 -35.13 30.58 88.51
N THR E 61 -35.13 31.27 87.36
CA THR E 61 -34.97 30.59 86.09
C THR E 61 -33.53 30.11 85.90
N GLU E 62 -32.56 30.95 86.27
CA GLU E 62 -31.16 30.59 86.08
C GLU E 62 -30.70 29.53 87.07
N SER E 63 -31.39 29.39 88.20
CA SER E 63 -31.00 28.40 89.18
C SER E 63 -31.44 27.00 88.79
N VAL E 64 -32.52 26.88 88.02
CA VAL E 64 -32.98 25.57 87.55
C VAL E 64 -32.02 24.94 86.56
N LYS E 65 -31.35 25.75 85.75
CA LYS E 65 -30.31 25.22 84.86
C LYS E 65 -28.96 25.17 85.57
N ARG E 66 -28.97 24.65 86.79
CA ARG E 66 -27.80 24.28 87.57
C ARG E 66 -28.15 23.00 88.30
N VAL E 67 -29.36 22.51 88.03
CA VAL E 67 -29.86 21.24 88.53
C VAL E 67 -29.76 20.21 87.41
N ASN E 68 -29.21 19.04 87.71
CA ASN E 68 -29.13 17.99 86.71
C ASN E 68 -30.51 17.38 86.49
N GLY E 69 -30.92 17.30 85.23
CA GLY E 69 -32.26 16.88 84.92
C GLY E 69 -33.30 17.96 85.09
N GLY E 70 -32.89 19.20 85.33
CA GLY E 70 -33.80 20.31 85.52
C GLY E 70 -34.02 21.05 84.22
N GLN E 71 -35.27 21.43 83.98
CA GLN E 71 -35.66 22.09 82.73
C GLN E 71 -36.78 23.08 83.01
N VAL E 72 -36.58 24.33 82.62
CA VAL E 72 -37.61 25.35 82.72
C VAL E 72 -38.50 25.21 81.49
N LEU E 73 -39.79 24.97 81.72
CA LEU E 73 -40.72 24.88 80.61
C LEU E 73 -41.30 26.25 80.26
N SER E 74 -41.74 27.00 81.27
CA SER E 74 -42.43 28.25 81.03
C SER E 74 -42.32 29.13 82.26
N THR E 75 -42.01 30.40 82.03
CA THR E 75 -41.97 31.40 83.09
C THR E 75 -42.81 32.59 82.67
N HIS E 76 -43.45 33.23 83.66
CA HIS E 76 -44.23 34.42 83.37
C HIS E 76 -44.37 35.26 84.64
N ILE E 77 -44.48 36.58 84.43
CA ILE E 77 -44.78 37.54 85.47
C ILE E 77 -45.99 38.34 85.03
N ILE E 78 -47.00 38.40 85.87
CA ILE E 78 -48.13 39.31 85.69
C ILE E 78 -48.02 40.38 86.76
N ALA E 79 -47.75 41.62 86.35
CA ALA E 79 -47.41 42.68 87.30
C ALA E 79 -48.64 43.16 88.05
N ARG E 80 -49.81 43.03 87.46
CA ARG E 80 -51.05 43.50 88.08
C ARG E 80 -52.18 42.58 87.65
N PRO E 81 -52.34 41.45 88.32
CA PRO E 81 -53.42 40.53 87.97
C PRO E 81 -54.77 41.08 88.42
N HIS E 82 -55.79 40.73 87.65
CA HIS E 82 -57.15 41.10 87.99
C HIS E 82 -57.59 40.40 89.26
N GLU E 83 -58.51 41.04 89.98
CA GLU E 83 -59.02 40.48 91.23
C GLU E 83 -59.96 39.29 91.00
N ASN E 84 -60.37 39.05 89.75
CA ASN E 84 -61.10 37.84 89.40
C ASN E 84 -60.22 36.60 89.49
N LEU E 85 -58.91 36.75 89.30
CA LEU E 85 -58.03 35.60 89.11
C LEU E 85 -57.73 34.86 90.40
N GLU E 86 -57.74 35.56 91.54
CA GLU E 86 -57.39 34.91 92.80
C GLU E 86 -58.49 33.97 93.27
N TYR E 87 -59.73 34.20 92.83
CA TYR E 87 -60.83 33.36 93.28
C TYR E 87 -60.95 32.10 92.42
N VAL E 88 -60.41 32.13 91.22
CA VAL E 88 -60.53 30.98 90.33
C VAL E 88 -59.21 30.21 90.26
N LEU E 89 -58.14 30.90 90.07
CA LEU E 89 -56.84 30.26 89.94
C LEU E 89 -56.16 30.15 91.30
N PRO E 90 -55.35 29.11 91.52
CA PRO E 90 -54.66 28.95 92.82
C PRO E 90 -53.40 29.80 92.93
N ILE E 91 -53.58 31.12 92.83
CA ILE E 91 -52.48 32.08 92.97
C ILE E 91 -52.65 33.00 94.16
N ARG E 92 -53.61 32.71 95.04
CA ARG E 92 -53.93 33.63 96.11
C ARG E 92 -53.15 33.28 97.38
N TYR E 93 -53.09 34.25 98.29
CA TYR E 93 -52.47 34.05 99.58
C TYR E 93 -53.32 33.13 100.44
N THR E 94 -52.72 32.07 100.95
CA THR E 94 -53.37 31.23 101.93
C THR E 94 -52.91 31.60 103.33
N GLU E 95 -53.58 31.01 104.34
CA GLU E 95 -53.27 31.36 105.72
C GLU E 95 -51.98 30.70 106.18
N GLU E 96 -51.52 29.68 105.47
CA GLU E 96 -50.25 29.04 105.80
C GLU E 96 -49.07 29.93 105.43
N VAL E 97 -49.26 30.86 104.51
CA VAL E 97 -48.19 31.75 104.05
C VAL E 97 -48.51 33.20 104.40
N GLU E 98 -49.37 33.44 105.38
CA GLU E 98 -49.70 34.81 105.78
C GLU E 98 -48.57 35.46 106.57
N GLN E 99 -47.68 34.65 107.17
CA GLN E 99 -46.57 35.22 107.93
C GLN E 99 -45.47 35.77 107.04
N PHE E 100 -45.43 35.35 105.78
CA PHE E 100 -44.35 35.75 104.88
C PHE E 100 -44.73 36.93 103.99
N ARG E 101 -45.97 37.42 104.06
CA ARG E 101 -46.40 38.52 103.22
C ARG E 101 -45.82 39.85 103.68
N ALA F 2 -78.06 29.94 78.10
CA ALA F 2 -77.53 30.86 79.09
C ALA F 2 -76.64 31.91 78.43
N VAL F 3 -75.86 32.62 79.24
CA VAL F 3 -74.94 33.62 78.71
C VAL F 3 -73.71 32.89 78.16
N ALA F 4 -72.96 33.56 77.29
CA ALA F 4 -71.99 32.87 76.44
C ALA F 4 -70.79 32.34 77.22
N VAL F 5 -70.15 31.32 76.65
CA VAL F 5 -69.02 30.63 77.25
C VAL F 5 -67.82 30.80 76.34
N GLY F 6 -66.69 31.19 76.89
CA GLY F 6 -65.43 31.16 76.17
C GLY F 6 -64.43 30.31 76.91
N MET F 7 -63.71 29.48 76.15
CA MET F 7 -62.71 28.58 76.70
C MET F 7 -61.42 28.73 75.92
N ILE F 8 -60.31 28.86 76.63
CA ILE F 8 -58.98 28.80 76.05
C ILE F 8 -58.24 27.66 76.72
N GLU F 9 -57.82 26.67 75.95
CA GLU F 9 -57.00 25.57 76.44
C GLU F 9 -55.56 25.81 76.07
N THR F 10 -54.68 25.82 77.07
CA THR F 10 -53.26 26.02 76.86
C THR F 10 -52.48 24.82 77.37
N LEU F 11 -51.25 24.69 76.88
CA LEU F 11 -50.30 23.71 77.38
C LEU F 11 -49.40 24.42 78.38
N GLY F 12 -49.72 24.27 79.66
CA GLY F 12 -48.93 24.91 80.68
C GLY F 12 -49.72 25.87 81.55
N PHE F 13 -49.36 25.94 82.82
CA PHE F 13 -50.02 26.83 83.78
C PHE F 13 -49.61 28.30 83.71
N PRO F 14 -48.36 28.70 83.43
CA PRO F 14 -48.11 30.14 83.20
C PRO F 14 -48.80 30.70 81.97
N ALA F 15 -49.08 29.86 80.97
CA ALA F 15 -49.79 30.34 79.79
C ALA F 15 -51.27 30.50 80.06
N VAL F 16 -51.81 29.78 81.05
CA VAL F 16 -53.26 29.81 81.26
C VAL F 16 -53.62 30.95 82.21
N VAL F 17 -52.67 31.46 82.97
CA VAL F 17 -52.94 32.58 83.86
C VAL F 17 -52.79 33.89 83.11
N GLU F 18 -51.87 33.95 82.15
CA GLU F 18 -51.76 35.11 81.27
C GLU F 18 -52.94 35.17 80.30
N ALA F 19 -53.44 34.01 79.86
CA ALA F 19 -54.64 33.98 79.05
C ALA F 19 -55.86 34.42 79.85
N ALA F 20 -55.95 34.00 81.11
CA ALA F 20 -57.09 34.38 81.94
C ALA F 20 -57.02 35.85 82.34
N ASP F 21 -55.80 36.38 82.53
CA ASP F 21 -55.67 37.78 82.91
C ASP F 21 -55.90 38.69 81.71
N ALA F 22 -55.55 38.24 80.51
CA ALA F 22 -55.82 39.03 79.32
C ALA F 22 -57.29 39.05 78.99
N MET F 23 -58.02 37.98 79.35
CA MET F 23 -59.43 37.89 78.98
C MET F 23 -60.29 38.84 79.79
N VAL F 24 -60.08 38.89 81.12
CA VAL F 24 -60.94 39.70 81.96
C VAL F 24 -60.54 41.17 81.91
N LYS F 25 -59.38 41.47 81.34
CA LYS F 25 -59.00 42.86 81.13
C LYS F 25 -59.48 43.39 79.79
N ALA F 26 -59.63 42.49 78.81
CA ALA F 26 -59.96 42.93 77.46
C ALA F 26 -61.43 43.30 77.33
N ALA F 27 -62.31 42.63 78.09
CA ALA F 27 -63.74 42.83 77.92
C ALA F 27 -64.45 42.55 79.24
N ARG F 28 -65.78 42.68 79.20
CA ARG F 28 -66.62 42.52 80.38
C ARG F 28 -67.04 41.05 80.50
N VAL F 29 -66.04 40.20 80.71
CA VAL F 29 -66.26 38.78 80.94
C VAL F 29 -65.91 38.48 82.38
N THR F 30 -66.45 37.37 82.87
CA THR F 30 -66.15 36.87 84.21
C THR F 30 -65.45 35.53 84.08
N LEU F 31 -64.21 35.45 84.52
CA LEU F 31 -63.53 34.19 84.67
C LEU F 31 -64.22 33.39 85.77
N VAL F 32 -64.85 32.28 85.41
CA VAL F 32 -65.61 31.48 86.37
C VAL F 32 -64.98 30.12 86.62
N GLY F 33 -64.12 29.63 85.74
CA GLY F 33 -63.76 28.24 85.76
C GLY F 33 -62.31 28.04 85.41
N TYR F 34 -61.79 26.89 85.81
CA TYR F 34 -60.39 26.54 85.62
C TYR F 34 -60.32 25.02 85.68
N GLU F 35 -59.92 24.39 84.58
CA GLU F 35 -60.07 22.95 84.45
C GLU F 35 -58.77 22.30 84.01
N LYS F 36 -58.40 21.23 84.70
CA LYS F 36 -57.24 20.41 84.35
C LYS F 36 -57.75 19.05 83.88
N ILE F 37 -57.29 18.63 82.72
CA ILE F 37 -57.73 17.37 82.13
C ILE F 37 -56.56 16.43 81.84
N GLY F 38 -55.35 16.81 82.23
CA GLY F 38 -54.19 15.97 82.05
C GLY F 38 -53.33 16.37 80.87
N THR F 39 -52.12 15.81 80.84
CA THR F 39 -51.01 16.14 79.92
C THR F 39 -50.73 17.62 79.82
N GLY F 40 -50.89 18.37 80.91
CA GLY F 40 -50.65 19.79 80.86
C GLY F 40 -51.69 20.60 80.13
N ARG F 41 -52.79 19.99 79.71
CA ARG F 41 -53.87 20.69 79.03
C ARG F 41 -54.74 21.36 80.08
N VAL F 42 -54.64 22.68 80.17
CA VAL F 42 -55.33 23.46 81.19
C VAL F 42 -56.26 24.43 80.49
N THR F 43 -57.50 24.53 80.98
CA THR F 43 -58.53 25.34 80.35
C THR F 43 -59.06 26.35 81.36
N VAL F 44 -59.12 27.61 80.96
CA VAL F 44 -59.82 28.66 81.70
C VAL F 44 -61.09 29.02 80.95
N ILE F 45 -62.15 29.31 81.70
CA ILE F 45 -63.50 29.46 81.18
C ILE F 45 -64.02 30.84 81.60
N VAL F 46 -64.47 31.62 80.62
CA VAL F 46 -65.05 32.93 80.90
C VAL F 46 -66.52 32.92 80.51
N ARG F 47 -67.29 33.76 81.18
CA ARG F 47 -68.70 33.97 80.88
C ARG F 47 -68.97 35.45 80.64
N GLY F 48 -69.81 35.73 79.66
CA GLY F 48 -70.20 37.09 79.39
C GLY F 48 -71.06 37.13 78.14
N ASP F 49 -71.34 38.33 77.68
CA ASP F 49 -72.02 38.49 76.39
C ASP F 49 -71.11 38.01 75.27
N VAL F 50 -71.73 37.58 74.16
CA VAL F 50 -71.02 36.90 73.09
C VAL F 50 -70.00 37.82 72.41
N SER F 51 -70.30 39.12 72.32
CA SER F 51 -69.34 40.07 71.77
C SER F 51 -68.18 40.29 72.74
N GLU F 52 -68.47 40.31 74.03
CA GLU F 52 -67.42 40.45 75.03
C GLU F 52 -66.60 39.17 75.14
N VAL F 53 -67.25 38.02 74.98
CA VAL F 53 -66.53 36.75 75.05
C VAL F 53 -65.65 36.57 73.82
N GLN F 54 -66.14 37.02 72.65
CA GLN F 54 -65.34 36.98 71.43
C GLN F 54 -64.15 37.91 71.50
N ALA F 55 -64.33 39.08 72.12
CA ALA F 55 -63.24 40.04 72.23
C ALA F 55 -62.20 39.58 73.25
N SER F 56 -62.63 38.82 74.25
CA SER F 56 -61.71 38.40 75.29
C SER F 56 -60.92 37.16 74.87
N VAL F 57 -61.61 36.18 74.26
CA VAL F 57 -60.98 34.91 73.90
C VAL F 57 -59.93 35.12 72.81
N SER F 58 -60.19 36.03 71.88
CA SER F 58 -59.18 36.37 70.88
C SER F 58 -58.02 37.13 71.50
N ALA F 59 -58.29 37.96 72.52
CA ALA F 59 -57.21 38.70 73.17
C ALA F 59 -56.43 37.81 74.13
N GLY F 60 -57.08 36.81 74.72
CA GLY F 60 -56.36 35.86 75.55
C GLY F 60 -55.49 34.92 74.75
N THR F 61 -55.80 34.72 73.47
CA THR F 61 -54.98 33.86 72.62
C THR F 61 -53.68 34.55 72.23
N GLU F 62 -53.72 35.87 71.97
CA GLU F 62 -52.52 36.58 71.56
C GLU F 62 -51.55 36.80 72.72
N SER F 63 -52.06 36.81 73.95
CA SER F 63 -51.20 37.07 75.10
C SER F 63 -50.40 35.85 75.52
N VAL F 64 -50.76 34.66 75.05
CA VAL F 64 -49.97 33.47 75.33
C VAL F 64 -48.67 33.51 74.54
N LYS F 65 -48.63 34.25 73.43
CA LYS F 65 -47.39 34.45 72.69
C LYS F 65 -46.38 35.30 73.48
N ARG F 66 -46.86 36.09 74.45
CA ARG F 66 -45.94 36.77 75.35
C ARG F 66 -45.22 35.78 76.26
N VAL F 67 -45.89 34.69 76.62
CA VAL F 67 -45.31 33.69 77.51
C VAL F 67 -44.36 32.80 76.72
N ASN F 68 -43.13 32.67 77.21
CA ASN F 68 -42.18 31.73 76.64
C ASN F 68 -42.55 30.32 77.10
N GLY F 69 -42.59 29.38 76.16
CA GLY F 69 -43.02 28.04 76.50
C GLY F 69 -44.52 27.89 76.64
N GLY F 70 -45.29 28.90 76.25
CA GLY F 70 -46.73 28.84 76.29
C GLY F 70 -47.30 28.59 74.91
N GLN F 71 -48.37 27.80 74.85
CA GLN F 71 -48.95 27.38 73.60
C GLN F 71 -50.45 27.16 73.77
N VAL F 72 -51.25 27.84 72.94
CA VAL F 72 -52.70 27.66 72.94
C VAL F 72 -53.01 26.39 72.17
N LEU F 73 -53.71 25.45 72.82
CA LEU F 73 -54.06 24.21 72.15
C LEU F 73 -55.41 24.33 71.45
N SER F 74 -56.40 24.88 72.13
CA SER F 74 -57.75 24.94 71.58
C SER F 74 -58.50 26.10 72.20
N THR F 75 -59.21 26.83 71.37
CA THR F 75 -60.14 27.87 71.81
C THR F 75 -61.51 27.58 71.24
N HIS F 76 -62.54 27.94 72.00
CA HIS F 76 -63.91 27.83 71.50
C HIS F 76 -64.80 28.82 72.23
N ILE F 77 -65.83 29.27 71.52
CA ILE F 77 -66.83 30.20 72.04
C ILE F 77 -68.20 29.61 71.74
N ILE F 78 -69.00 29.40 72.78
CA ILE F 78 -70.39 28.99 72.64
C ILE F 78 -71.27 30.18 72.98
N ALA F 79 -72.04 30.65 72.00
CA ALA F 79 -72.76 31.92 72.15
C ALA F 79 -73.94 31.80 73.07
N ARG F 80 -74.62 30.65 73.07
CA ARG F 80 -75.83 30.45 73.86
C ARG F 80 -75.85 29.00 74.31
N PRO F 81 -75.16 28.68 75.39
CA PRO F 81 -75.12 27.29 75.84
C PRO F 81 -76.43 26.87 76.47
N HIS F 82 -76.70 25.57 76.41
CA HIS F 82 -77.87 24.99 77.02
C HIS F 82 -77.75 25.06 78.54
N GLU F 83 -78.91 25.04 79.21
CA GLU F 83 -78.93 25.11 80.67
C GLU F 83 -78.45 23.82 81.32
N ASN F 84 -78.39 22.73 80.56
CA ASN F 84 -77.89 21.45 81.08
C ASN F 84 -76.40 21.50 81.35
N LEU F 85 -75.66 22.36 80.66
CA LEU F 85 -74.20 22.32 80.71
C LEU F 85 -73.64 22.93 81.98
N GLU F 86 -74.39 23.82 82.64
CA GLU F 86 -73.85 24.47 83.84
C GLU F 86 -73.98 23.57 85.06
N TYR F 87 -74.81 22.53 84.98
CA TYR F 87 -74.97 21.64 86.12
C TYR F 87 -74.03 20.44 86.03
N VAL F 88 -73.45 20.22 84.86
CA VAL F 88 -72.52 19.11 84.70
C VAL F 88 -71.10 19.63 84.51
N LEU F 89 -70.90 20.48 83.54
CA LEU F 89 -69.58 21.00 83.24
C LEU F 89 -69.26 22.19 84.13
N PRO F 90 -67.98 22.42 84.46
CA PRO F 90 -67.62 23.56 85.32
C PRO F 90 -67.53 24.88 84.56
N ILE F 91 -68.63 25.27 83.94
CA ILE F 91 -68.76 26.55 83.25
C ILE F 91 -69.70 27.49 83.96
N ARG F 92 -70.15 27.16 85.16
CA ARG F 92 -71.18 27.94 85.81
C ARG F 92 -70.59 29.02 86.70
N TYR F 93 -71.43 29.99 87.02
CA TYR F 93 -71.05 31.00 87.99
C TYR F 93 -71.07 30.42 89.40
N THR F 94 -69.92 30.47 90.07
CA THR F 94 -69.86 30.10 91.47
C THR F 94 -70.15 31.32 92.34
N GLU F 95 -70.30 31.07 93.65
CA GLU F 95 -70.62 32.15 94.58
C GLU F 95 -69.44 33.08 94.80
N GLU F 96 -68.22 32.57 94.60
CA GLU F 96 -67.02 33.38 94.80
C GLU F 96 -66.86 34.43 93.71
N VAL F 97 -67.40 34.18 92.52
CA VAL F 97 -67.22 35.06 91.37
C VAL F 97 -68.47 35.89 91.09
N GLU F 98 -69.39 35.98 92.05
CA GLU F 98 -70.61 36.77 91.84
C GLU F 98 -70.35 38.27 91.91
N GLN F 99 -69.22 38.68 92.49
CA GLN F 99 -68.91 40.11 92.56
C GLN F 99 -68.38 40.64 91.23
N PHE F 100 -67.98 39.76 90.33
CA PHE F 100 -67.41 40.16 89.05
C PHE F 100 -68.39 40.03 87.89
N ARG F 101 -69.60 39.54 88.14
CA ARG F 101 -70.56 39.34 87.07
C ARG F 101 -71.17 40.66 86.61
N ALA G 2 -38.32 61.72 90.13
CA ALA G 2 -38.81 60.88 91.20
C ALA G 2 -39.55 59.68 90.65
N VAL G 3 -40.71 59.96 90.04
CA VAL G 3 -41.48 58.93 89.36
C VAL G 3 -40.82 58.63 88.02
N ALA G 4 -40.65 57.33 87.73
CA ALA G 4 -39.99 56.92 86.49
C ALA G 4 -40.84 57.26 85.28
N VAL G 5 -40.20 57.29 84.11
CA VAL G 5 -40.85 57.64 82.86
C VAL G 5 -40.53 56.55 81.83
N GLY G 6 -41.54 56.10 81.12
CA GLY G 6 -41.34 55.17 80.01
C GLY G 6 -42.05 55.66 78.78
N MET G 7 -41.43 55.43 77.63
CA MET G 7 -41.93 55.91 76.35
C MET G 7 -41.98 54.75 75.37
N ILE G 8 -43.05 54.65 74.60
CA ILE G 8 -43.13 53.75 73.46
C ILE G 8 -43.47 54.60 72.25
N GLU G 9 -42.60 54.59 71.25
CA GLU G 9 -42.86 55.28 70.00
C GLU G 9 -43.30 54.28 68.94
N THR G 10 -44.50 54.48 68.41
CA THR G 10 -45.03 53.63 67.36
C THR G 10 -45.18 54.45 66.09
N LEU G 11 -45.26 53.73 64.97
CA LEU G 11 -45.59 54.33 63.67
C LEU G 11 -47.08 54.15 63.48
N GLY G 12 -47.84 55.21 63.67
CA GLY G 12 -49.28 55.13 63.53
C GLY G 12 -50.04 55.35 64.81
N PHE G 13 -51.22 55.95 64.71
CA PHE G 13 -52.08 56.22 65.85
C PHE G 13 -52.88 55.02 66.38
N PRO G 14 -53.40 54.08 65.57
CA PRO G 14 -54.00 52.88 66.19
C PRO G 14 -53.02 52.01 66.95
N ALA G 15 -51.74 52.03 66.58
CA ALA G 15 -50.76 51.23 67.30
C ALA G 15 -50.37 51.90 68.61
N VAL G 16 -50.52 53.22 68.70
CA VAL G 16 -50.07 53.91 69.91
C VAL G 16 -51.18 53.93 70.95
N VAL G 17 -52.42 53.66 70.55
CA VAL G 17 -53.51 53.55 71.50
C VAL G 17 -53.56 52.15 72.08
N GLU G 18 -53.25 51.14 71.25
CA GLU G 18 -53.13 49.78 71.75
C GLU G 18 -51.91 49.63 72.65
N ALA G 19 -50.83 50.36 72.34
CA ALA G 19 -49.68 50.39 73.24
C ALA G 19 -50.01 51.08 74.55
N ALA G 20 -50.75 52.20 74.49
CA ALA G 20 -51.09 52.92 75.71
C ALA G 20 -52.12 52.17 76.54
N ASP G 21 -53.02 51.42 75.89
CA ASP G 21 -54.00 50.64 76.63
C ASP G 21 -53.37 49.42 77.27
N ALA G 22 -52.35 48.84 76.65
CA ALA G 22 -51.69 47.69 77.24
C ALA G 22 -50.72 48.09 78.34
N MET G 23 -50.30 49.35 78.36
CA MET G 23 -49.35 49.79 79.39
C MET G 23 -50.05 50.00 80.72
N VAL G 24 -51.20 50.67 80.70
CA VAL G 24 -51.87 51.00 81.96
C VAL G 24 -52.68 49.83 82.49
N LYS G 25 -52.89 48.80 81.66
CA LYS G 25 -53.54 47.59 82.13
C LYS G 25 -52.54 46.62 82.75
N ALA G 26 -51.29 46.66 82.29
CA ALA G 26 -50.32 45.68 82.73
C ALA G 26 -49.79 46.00 84.13
N ALA G 27 -49.59 47.27 84.44
CA ALA G 27 -48.99 47.65 85.70
C ALA G 27 -49.60 48.95 86.19
N ARG G 28 -49.11 49.40 87.36
CA ARG G 28 -49.62 50.61 88.01
C ARG G 28 -48.83 51.82 87.50
N VAL G 29 -49.05 52.14 86.23
CA VAL G 29 -48.47 53.32 85.62
C VAL G 29 -49.61 54.26 85.23
N THR G 30 -49.27 55.53 85.07
CA THR G 30 -50.21 56.55 84.65
C THR G 30 -49.76 57.04 83.28
N LEU G 31 -50.61 56.82 82.27
CA LEU G 31 -50.41 57.46 80.98
C LEU G 31 -50.63 58.95 81.14
N VAL G 32 -49.56 59.73 80.97
CA VAL G 32 -49.63 61.17 81.18
C VAL G 32 -49.46 61.97 79.91
N GLY G 33 -48.92 61.38 78.85
CA GLY G 33 -48.44 62.17 77.73
C GLY G 33 -48.70 61.49 76.41
N TYR G 34 -48.59 62.27 75.36
CA TYR G 34 -48.93 61.86 74.01
C TYR G 34 -48.25 62.83 73.06
N GLU G 35 -47.26 62.36 72.31
CA GLU G 35 -46.38 63.25 71.58
C GLU G 35 -46.27 62.85 70.11
N LYS G 36 -46.40 63.82 69.23
CA LYS G 36 -46.23 63.65 67.80
C LYS G 36 -45.05 64.48 67.35
N ILE G 37 -44.11 63.85 66.64
CA ILE G 37 -42.90 64.52 66.18
C ILE G 37 -42.79 64.52 64.67
N GLY G 38 -43.79 64.00 63.97
CA GLY G 38 -43.76 63.93 62.52
C GLY G 38 -43.38 62.56 62.00
N THR G 39 -43.54 62.41 60.68
CA THR G 39 -43.46 61.15 59.93
C THR G 39 -44.27 60.01 60.56
N GLY G 40 -45.42 60.32 61.15
CA GLY G 40 -46.24 59.30 61.77
C GLY G 40 -45.71 58.73 63.06
N ARG G 41 -44.60 59.25 63.57
CA ARG G 41 -43.97 58.74 64.78
C ARG G 41 -44.70 59.33 65.98
N VAL G 42 -45.43 58.49 66.71
CA VAL G 42 -46.26 58.92 67.82
C VAL G 42 -45.77 58.23 69.08
N THR G 43 -45.63 58.99 70.16
CA THR G 43 -45.05 58.51 71.41
C THR G 43 -46.04 58.71 72.54
N VAL G 44 -46.27 57.66 73.34
CA VAL G 44 -47.02 57.76 74.59
C VAL G 44 -46.07 57.64 75.75
N ILE G 45 -46.35 58.38 76.83
CA ILE G 45 -45.48 58.52 77.98
C ILE G 45 -46.24 58.04 79.21
N VAL G 46 -45.66 57.08 79.93
CA VAL G 46 -46.25 56.61 81.17
C VAL G 46 -45.35 56.99 82.34
N ARG G 47 -45.96 57.18 83.50
CA ARG G 47 -45.24 57.45 84.73
C ARG G 47 -45.63 56.43 85.79
N GLY G 48 -44.63 55.87 86.44
CA GLY G 48 -44.88 54.97 87.55
C GLY G 48 -43.58 54.66 88.25
N ASP G 49 -43.60 53.60 89.06
CA ASP G 49 -42.35 53.05 89.55
C ASP G 49 -41.60 52.40 88.40
N VAL G 50 -40.28 52.27 88.56
CA VAL G 50 -39.44 51.78 87.48
C VAL G 50 -39.73 50.31 87.17
N SER G 51 -40.14 49.53 88.16
CA SER G 51 -40.53 48.15 87.92
C SER G 51 -41.88 48.07 87.22
N GLU G 52 -42.79 48.99 87.54
CA GLU G 52 -44.08 49.01 86.86
C GLU G 52 -43.96 49.55 85.44
N VAL G 53 -43.06 50.52 85.25
CA VAL G 53 -42.83 51.06 83.91
C VAL G 53 -42.16 50.02 83.02
N GLN G 54 -41.29 49.19 83.59
CA GLN G 54 -40.63 48.13 82.82
C GLN G 54 -41.62 47.05 82.41
N ALA G 55 -42.59 46.74 83.27
CA ALA G 55 -43.59 45.75 82.92
C ALA G 55 -44.60 46.31 81.93
N SER G 56 -44.82 47.62 81.95
CA SER G 56 -45.75 48.24 81.02
C SER G 56 -45.16 48.35 79.62
N VAL G 57 -43.90 48.77 79.53
CA VAL G 57 -43.27 49.02 78.23
C VAL G 57 -43.05 47.70 77.49
N SER G 58 -42.73 46.62 78.23
CA SER G 58 -42.60 45.31 77.60
C SER G 58 -43.95 44.76 77.16
N ALA G 59 -45.01 45.06 77.91
CA ALA G 59 -46.34 44.61 77.53
C ALA G 59 -46.93 45.47 76.42
N GLY G 60 -46.59 46.77 76.43
CA GLY G 60 -47.05 47.64 75.37
C GLY G 60 -46.34 47.41 74.06
N THR G 61 -45.12 46.87 74.10
CA THR G 61 -44.40 46.57 72.88
C THR G 61 -44.96 45.32 72.20
N GLU G 62 -45.34 44.31 73.00
CA GLU G 62 -45.86 43.07 72.44
C GLU G 62 -47.27 43.23 71.89
N SER G 63 -48.01 44.23 72.38
CA SER G 63 -49.38 44.42 71.95
C SER G 63 -49.48 45.18 70.63
N VAL G 64 -48.41 45.83 70.19
CA VAL G 64 -48.43 46.48 68.88
C VAL G 64 -48.32 45.45 67.77
N LYS G 65 -47.73 44.29 68.07
CA LYS G 65 -47.61 43.21 67.09
C LYS G 65 -48.96 42.62 66.69
N ARG G 66 -49.98 42.77 67.52
CA ARG G 66 -51.32 42.35 67.14
C ARG G 66 -52.04 43.40 66.30
N VAL G 67 -51.53 44.62 66.22
CA VAL G 67 -52.08 45.63 65.34
C VAL G 67 -51.42 45.48 63.96
N ASN G 68 -52.23 45.28 62.93
CA ASN G 68 -51.73 45.20 61.56
C ASN G 68 -51.65 46.61 60.99
N GLY G 69 -50.44 47.04 60.63
CA GLY G 69 -50.21 48.37 60.13
C GLY G 69 -49.45 49.27 61.07
N GLY G 70 -49.11 48.81 62.27
CA GLY G 70 -48.33 49.59 63.19
C GLY G 70 -47.15 48.80 63.72
N GLN G 71 -46.08 49.51 64.04
CA GLN G 71 -44.87 48.88 64.53
C GLN G 71 -44.23 49.78 65.57
N VAL G 72 -43.56 49.15 66.53
CA VAL G 72 -42.82 49.86 67.58
C VAL G 72 -41.52 50.36 66.96
N LEU G 73 -41.30 51.67 67.04
CA LEU G 73 -40.06 52.24 66.50
C LEU G 73 -38.99 52.31 67.57
N SER G 74 -39.34 52.77 68.76
CA SER G 74 -38.36 52.95 69.83
C SER G 74 -39.08 52.92 71.17
N THR G 75 -38.44 52.26 72.14
CA THR G 75 -38.88 52.27 73.52
C THR G 75 -37.71 52.69 74.41
N HIS G 76 -38.04 53.34 75.52
CA HIS G 76 -37.03 53.68 76.50
C HIS G 76 -37.68 53.85 77.87
N ILE G 77 -36.89 53.60 78.91
CA ILE G 77 -37.31 53.70 80.30
C ILE G 77 -36.21 54.45 81.05
N ILE G 78 -36.60 55.48 81.80
CA ILE G 78 -35.68 56.22 82.65
C ILE G 78 -36.14 56.03 84.09
N ALA G 79 -35.25 55.53 84.95
CA ALA G 79 -35.62 55.11 86.30
C ALA G 79 -36.00 56.30 87.18
N ARG G 80 -35.33 57.43 86.98
CA ARG G 80 -35.65 58.65 87.71
C ARG G 80 -35.19 59.83 86.85
N PRO G 81 -36.10 60.46 86.12
CA PRO G 81 -35.72 61.60 85.29
C PRO G 81 -35.34 62.80 86.13
N HIS G 82 -34.50 63.65 85.54
CA HIS G 82 -34.11 64.90 86.16
C HIS G 82 -35.29 65.85 86.23
N GLU G 83 -35.25 66.76 87.21
CA GLU G 83 -36.33 67.73 87.37
C GLU G 83 -36.33 68.78 86.26
N ASN G 84 -35.22 68.90 85.54
CA ASN G 84 -35.16 69.78 84.37
C ASN G 84 -36.03 69.29 83.23
N LEU G 85 -36.20 67.97 83.12
CA LEU G 85 -36.96 67.40 82.00
C LEU G 85 -38.45 67.62 82.15
N GLU G 86 -38.92 67.87 83.38
CA GLU G 86 -40.35 68.01 83.62
C GLU G 86 -40.88 69.30 83.02
N TYR G 87 -40.03 70.33 82.97
CA TYR G 87 -40.49 71.64 82.51
C TYR G 87 -40.31 71.81 81.01
N VAL G 88 -39.35 71.10 80.42
CA VAL G 88 -39.07 71.26 79.01
C VAL G 88 -39.82 70.22 78.19
N LEU G 89 -39.70 68.98 78.57
CA LEU G 89 -40.30 67.86 77.85
C LEU G 89 -41.68 67.53 78.41
N PRO G 90 -42.62 67.10 77.56
CA PRO G 90 -43.99 66.82 78.03
C PRO G 90 -44.13 65.44 78.67
N ILE G 91 -43.38 65.22 79.75
CA ILE G 91 -43.44 63.98 80.51
C ILE G 91 -44.01 64.18 81.92
N ARG G 92 -44.51 65.37 82.22
CA ARG G 92 -44.97 65.67 83.56
C ARG G 92 -46.41 65.23 83.76
N TYR G 93 -46.78 65.06 85.03
CA TYR G 93 -48.16 64.78 85.39
C TYR G 93 -49.01 66.03 85.16
N THR G 94 -50.05 65.88 84.34
CA THR G 94 -51.02 66.95 84.20
C THR G 94 -52.11 66.80 85.24
N GLU G 95 -52.89 67.86 85.43
CA GLU G 95 -53.95 67.84 86.43
C GLU G 95 -55.17 67.07 85.97
N GLU G 96 -55.23 66.72 84.68
CA GLU G 96 -56.33 65.90 84.19
C GLU G 96 -56.14 64.44 84.56
N VAL G 97 -54.90 64.02 84.81
CA VAL G 97 -54.59 62.61 85.04
C VAL G 97 -54.14 62.37 86.48
N GLU G 98 -54.40 63.31 87.39
CA GLU G 98 -53.99 63.11 88.78
C GLU G 98 -54.88 62.11 89.51
N GLN G 99 -56.04 61.78 88.96
CA GLN G 99 -56.89 60.76 89.57
C GLN G 99 -56.36 59.36 89.33
N PHE G 100 -55.49 59.19 88.32
CA PHE G 100 -54.91 57.89 88.01
C PHE G 100 -53.51 57.70 88.60
N ARG G 101 -53.02 58.67 89.35
CA ARG G 101 -51.67 58.57 89.93
C ARG G 101 -51.64 57.65 91.14
N MET H 1 -10.66 34.64 99.57
CA MET H 1 -12.05 34.63 100.02
C MET H 1 -12.18 35.30 101.37
N GLN H 2 -13.41 35.71 101.69
CA GLN H 2 -13.75 36.23 103.00
C GLN H 2 -14.98 35.51 103.50
N MET H 3 -15.10 35.40 104.82
CA MET H 3 -16.30 34.86 105.43
C MET H 3 -17.31 35.98 105.61
N ALA H 4 -18.53 35.74 105.17
CA ALA H 4 -19.57 36.75 105.23
C ALA H 4 -20.88 36.10 105.66
N LYS H 5 -21.75 36.91 106.24
CA LYS H 5 -23.08 36.49 106.65
C LYS H 5 -24.10 37.15 105.73
N VAL H 6 -25.03 36.36 105.21
CA VAL H 6 -26.08 36.86 104.32
C VAL H 6 -27.04 37.68 105.18
N CYS H 7 -27.05 38.99 104.97
CA CYS H 7 -27.93 39.85 105.75
C CYS H 7 -29.14 40.32 104.96
N GLY H 8 -29.07 40.25 103.64
CA GLY H 8 -30.23 40.63 102.86
C GLY H 8 -30.01 40.52 101.37
N THR H 9 -30.96 41.10 100.63
CA THR H 9 -30.97 41.05 99.17
C THR H 9 -31.00 42.47 98.63
N VAL H 10 -30.38 42.65 97.47
CA VAL H 10 -30.41 43.92 96.74
C VAL H 10 -31.05 43.66 95.39
N VAL H 11 -32.14 44.38 95.11
CA VAL H 11 -32.86 44.26 93.85
C VAL H 11 -32.69 45.56 93.10
N GLY H 12 -32.18 45.47 91.88
CA GLY H 12 -32.13 46.61 90.98
C GLY H 12 -32.79 46.29 89.66
N THR H 13 -33.76 47.10 89.24
CA THR H 13 -34.44 46.84 87.98
C THR H 13 -33.80 47.57 86.81
N GLN H 14 -33.27 48.76 87.03
CA GLN H 14 -32.58 49.52 86.01
C GLN H 14 -31.09 49.19 86.12
N LYS H 15 -30.61 48.31 85.25
CA LYS H 15 -29.27 47.78 85.36
C LYS H 15 -28.72 47.55 83.96
N LEU H 16 -27.51 46.98 83.91
CA LEU H 16 -26.93 46.58 82.64
C LEU H 16 -27.64 45.34 82.10
N PRO H 17 -27.66 45.16 80.78
CA PRO H 17 -28.28 43.93 80.23
C PRO H 17 -27.50 42.67 80.56
N SER H 18 -26.21 42.79 80.86
CA SER H 18 -25.43 41.63 81.27
C SER H 18 -25.61 41.33 82.75
N MET H 19 -26.29 42.21 83.49
CA MET H 19 -26.52 41.99 84.91
C MET H 19 -27.86 41.32 85.20
N THR H 20 -28.61 40.91 84.19
CA THR H 20 -29.90 40.28 84.44
C THR H 20 -29.73 38.81 84.75
N GLY H 21 -30.64 38.27 85.56
CA GLY H 21 -30.54 36.91 86.05
C GLY H 21 -29.57 36.72 87.19
N VAL H 22 -28.82 37.75 87.58
CA VAL H 22 -27.82 37.67 88.64
C VAL H 22 -28.50 37.98 89.95
N LYS H 23 -28.48 37.02 90.87
CA LYS H 23 -29.04 37.21 92.20
C LYS H 23 -28.01 37.92 93.07
N LEU H 24 -28.41 39.03 93.69
CA LEU H 24 -27.51 39.90 94.42
C LEU H 24 -27.83 39.85 95.91
N LEU H 25 -26.88 39.38 96.70
CA LEU H 25 -27.03 39.27 98.14
C LEU H 25 -26.22 40.35 98.84
N LEU H 26 -26.84 40.94 99.85
CA LEU H 26 -26.16 41.86 100.75
C LEU H 26 -25.51 41.04 101.85
N LEU H 27 -24.18 40.98 101.84
CA LEU H 27 -23.41 40.18 102.79
C LEU H 27 -22.64 41.10 103.71
N GLN H 28 -22.74 40.86 105.01
CA GLN H 28 -21.89 41.54 105.99
C GLN H 28 -20.72 40.65 106.34
N PHE H 29 -19.52 41.22 106.31
CA PHE H 29 -18.32 40.45 106.62
C PHE H 29 -18.24 40.16 108.11
N ILE H 30 -17.80 38.94 108.43
CA ILE H 30 -17.60 38.50 109.79
C ILE H 30 -16.12 38.20 109.98
N ASP H 31 -15.64 38.36 111.21
CA ASP H 31 -14.22 38.16 111.45
C ASP H 31 -13.93 36.67 111.67
N ALA H 32 -12.68 36.37 112.03
CA ALA H 32 -12.30 35.00 112.32
C ALA H 32 -12.89 34.51 113.64
N ASN H 33 -13.26 35.44 114.53
CA ASN H 33 -13.87 35.05 115.80
C ASN H 33 -15.37 34.84 115.66
N GLY H 34 -15.97 35.30 114.55
CA GLY H 34 -17.39 35.14 114.31
C GLY H 34 -18.23 36.38 114.52
N GLU H 35 -17.64 37.50 114.91
CA GLU H 35 -18.37 38.74 115.14
C GLU H 35 -18.52 39.50 113.83
N LEU H 36 -19.61 40.26 113.72
CA LEU H 36 -19.90 41.00 112.50
C LEU H 36 -19.00 42.22 112.40
N LEU H 37 -18.28 42.33 111.29
CA LEU H 37 -17.48 43.50 111.00
C LEU H 37 -18.34 44.59 110.39
N PRO H 38 -17.99 45.88 110.59
CA PRO H 38 -18.73 46.97 109.92
C PRO H 38 -18.27 47.19 108.48
N LYS H 39 -18.38 46.15 107.67
CA LYS H 39 -17.97 46.17 106.28
C LYS H 39 -18.83 45.16 105.54
N TYR H 40 -19.34 45.56 104.37
CA TYR H 40 -20.28 44.75 103.63
C TYR H 40 -19.82 44.54 102.20
N GLU H 41 -20.63 43.80 101.45
CA GLU H 41 -20.41 43.54 100.04
C GLU H 41 -21.74 43.15 99.42
N VAL H 42 -21.88 43.42 98.13
CA VAL H 42 -22.98 42.89 97.33
C VAL H 42 -22.35 41.91 96.34
N ALA H 43 -22.80 40.66 96.38
CA ALA H 43 -22.17 39.61 95.61
C ALA H 43 -23.20 38.85 94.79
N ALA H 44 -22.75 38.33 93.66
CA ALA H 44 -23.53 37.35 92.90
C ALA H 44 -23.59 36.04 93.68
N ASP H 45 -24.71 35.34 93.54
CA ASP H 45 -24.98 34.13 94.32
C ASP H 45 -25.35 32.98 93.41
N PRO H 46 -24.35 32.25 92.88
CA PRO H 46 -24.67 31.03 92.13
C PRO H 46 -25.00 29.86 93.04
N VAL H 47 -24.35 29.74 94.19
CA VAL H 47 -24.64 28.74 95.20
C VAL H 47 -25.76 29.32 96.07
N GLY H 48 -26.94 28.71 96.01
CA GLY H 48 -28.14 29.34 96.53
C GLY H 48 -28.12 29.50 98.04
N ALA H 49 -27.95 30.74 98.50
CA ALA H 49 -27.73 31.05 99.90
C ALA H 49 -28.84 31.95 100.41
N GLY H 50 -29.39 31.61 101.58
CA GLY H 50 -30.46 32.38 102.18
C GLY H 50 -29.98 33.20 103.36
N LEU H 51 -30.93 33.93 103.93
CA LEU H 51 -30.62 34.93 104.94
C LEU H 51 -30.19 34.27 106.24
N GLY H 52 -29.02 34.66 106.74
CA GLY H 52 -28.46 34.11 107.95
C GLY H 52 -27.32 33.14 107.73
N GLU H 53 -27.09 32.68 106.51
CA GLU H 53 -26.06 31.70 106.24
C GLU H 53 -24.68 32.33 106.26
N TRP H 54 -23.68 31.50 106.52
CA TRP H 54 -22.28 31.87 106.41
C TRP H 54 -21.78 31.46 105.04
N VAL H 55 -21.19 32.40 104.30
CA VAL H 55 -20.77 32.15 102.94
C VAL H 55 -19.30 32.53 102.79
N LEU H 56 -18.66 31.94 101.78
CA LEU H 56 -17.37 32.38 101.31
C LEU H 56 -17.58 33.22 100.06
N VAL H 57 -17.08 34.45 100.08
CA VAL H 57 -17.21 35.37 98.97
C VAL H 57 -15.82 35.79 98.51
N ASN H 58 -15.58 35.72 97.21
CA ASN H 58 -14.32 36.17 96.66
C ASN H 58 -14.46 37.60 96.15
N ARG H 59 -13.34 38.19 95.73
CA ARG H 59 -13.34 39.56 95.25
C ARG H 59 -12.57 39.62 93.94
N GLY H 60 -12.95 40.57 93.09
CA GLY H 60 -12.20 40.86 91.91
C GLY H 60 -12.54 40.00 90.71
N SER H 61 -11.52 39.64 89.92
CA SER H 61 -11.72 38.89 88.69
C SER H 61 -12.01 37.42 88.93
N ALA H 62 -11.91 36.95 90.17
CA ALA H 62 -12.28 35.58 90.51
C ALA H 62 -13.78 35.38 90.47
N ALA H 63 -14.56 36.46 90.53
CA ALA H 63 -16.01 36.37 90.44
C ALA H 63 -16.48 36.03 89.03
N ARG H 64 -15.61 36.13 88.04
CA ARG H 64 -15.94 35.88 86.64
C ARG H 64 -15.38 34.56 86.12
N GLN H 65 -15.21 33.57 86.99
CA GLN H 65 -14.57 32.32 86.59
C GLN H 65 -15.52 31.14 86.51
N THR H 66 -16.80 31.33 86.85
CA THR H 66 -17.74 30.22 86.95
C THR H 66 -18.48 29.95 85.64
N GLU H 67 -17.94 30.45 84.52
CA GLU H 67 -18.31 30.21 83.13
C GLU H 67 -19.73 30.64 82.75
N TYR H 68 -20.51 31.17 83.68
CA TYR H 68 -21.69 31.95 83.32
C TYR H 68 -21.63 33.37 83.87
N HIS H 69 -20.53 33.74 84.52
CA HIS H 69 -20.27 35.10 84.95
C HIS H 69 -19.10 35.72 84.20
N GLN H 70 -18.73 35.16 83.04
CA GLN H 70 -17.43 35.42 82.46
C GLN H 70 -17.31 36.84 81.91
N ASN H 71 -18.32 37.29 81.16
CA ASN H 71 -18.29 38.64 80.60
C ASN H 71 -19.26 39.57 81.32
N ARG H 72 -19.57 39.24 82.57
CA ARG H 72 -20.47 39.95 83.46
C ARG H 72 -19.68 40.89 84.37
N PRO H 73 -20.16 42.12 84.57
CA PRO H 73 -19.42 43.09 85.41
C PRO H 73 -19.57 42.81 86.91
N LEU H 74 -18.95 41.73 87.35
CA LEU H 74 -19.07 41.26 88.73
C LEU H 74 -17.70 41.26 89.38
N ASP H 75 -17.62 41.78 90.60
CA ASP H 75 -16.39 41.78 91.38
C ASP H 75 -16.55 41.12 92.73
N ALA H 76 -17.64 40.39 92.95
CA ALA H 76 -17.88 39.68 94.19
C ALA H 76 -18.85 38.54 93.91
N MET H 77 -18.56 37.37 94.48
CA MET H 77 -19.37 36.19 94.19
C MET H 77 -19.30 35.24 95.37
N VAL H 78 -20.47 34.80 95.83
CA VAL H 78 -20.52 33.70 96.80
C VAL H 78 -20.06 32.42 96.11
N VAL H 79 -18.97 31.84 96.60
CA VAL H 79 -18.42 30.64 95.98
C VAL H 79 -18.72 29.38 96.79
N ALA H 80 -19.09 29.52 98.06
CA ALA H 80 -19.33 28.37 98.91
C ALA H 80 -20.23 28.80 100.06
N ILE H 81 -21.13 27.90 100.44
CA ILE H 81 -21.86 28.01 101.69
C ILE H 81 -21.04 27.29 102.74
N ILE H 82 -20.73 27.99 103.84
CA ILE H 82 -19.84 27.43 104.85
C ILE H 82 -20.60 26.39 105.67
N ASP H 83 -20.06 25.17 105.71
CA ASP H 83 -20.56 24.14 106.60
C ASP H 83 -20.02 24.31 108.01
N THR H 84 -18.69 24.27 108.16
CA THR H 84 -18.09 24.38 109.48
C THR H 84 -16.79 25.16 109.41
N VAL H 85 -16.51 25.90 110.49
CA VAL H 85 -15.25 26.61 110.66
C VAL H 85 -14.59 26.07 111.91
N THR H 86 -13.38 25.55 111.76
CA THR H 86 -12.60 25.03 112.87
C THR H 86 -11.43 25.97 113.09
N VAL H 87 -11.32 26.52 114.29
CA VAL H 87 -10.23 27.42 114.65
C VAL H 87 -9.51 26.84 115.86
N ASN H 88 -8.20 26.58 115.71
CA ASN H 88 -7.35 26.00 116.76
C ASN H 88 -7.88 24.66 117.24
N ASN H 89 -8.27 23.81 116.28
CA ASN H 89 -8.91 22.50 116.45
C ASN H 89 -10.22 22.56 117.21
N ARG H 90 -10.85 23.74 117.32
CA ARG H 90 -12.13 23.91 117.99
C ARG H 90 -13.14 24.37 116.96
N ARG H 91 -14.30 23.73 116.92
CA ARG H 91 -15.35 24.08 115.98
C ARG H 91 -15.97 25.42 116.38
N LEU H 92 -15.86 26.41 115.50
CA LEU H 92 -16.42 27.73 115.73
C LEU H 92 -17.80 27.90 115.10
N TYR H 93 -18.08 27.22 114.00
CA TYR H 93 -19.35 27.32 113.32
C TYR H 93 -19.77 25.92 112.88
N GLY H 94 -21.08 25.68 112.87
CA GLY H 94 -21.61 24.42 112.41
C GLY H 94 -21.79 23.40 113.52
N ALA I 2 -65.64 -64.52 68.37
CA ALA I 2 -66.21 -63.93 69.58
C ALA I 2 -66.80 -62.55 69.29
N VAL I 3 -67.07 -61.80 70.36
CA VAL I 3 -67.54 -60.43 70.24
C VAL I 3 -66.43 -59.57 69.66
N ALA I 4 -66.79 -58.64 68.77
CA ALA I 4 -65.81 -57.90 67.98
C ALA I 4 -64.95 -56.99 68.85
N VAL I 5 -63.73 -56.76 68.40
CA VAL I 5 -62.74 -55.98 69.15
C VAL I 5 -62.20 -54.87 68.25
N GLY I 6 -62.14 -53.66 68.80
CA GLY I 6 -61.53 -52.55 68.10
C GLY I 6 -60.41 -51.96 68.93
N MET I 7 -59.35 -51.54 68.24
CA MET I 7 -58.17 -50.99 68.89
C MET I 7 -57.80 -49.68 68.21
N ILE I 8 -57.48 -48.68 69.01
CA ILE I 8 -56.89 -47.44 68.53
C ILE I 8 -55.59 -47.24 69.28
N GLU I 9 -54.48 -47.18 68.56
CA GLU I 9 -53.18 -46.88 69.14
C GLU I 9 -52.83 -45.43 68.88
N THR I 10 -52.57 -44.69 69.94
CA THR I 10 -52.17 -43.30 69.84
C THR I 10 -50.81 -43.10 70.46
N LEU I 11 -50.14 -42.03 70.04
CA LEU I 11 -48.88 -41.60 70.64
C LEU I 11 -49.21 -40.52 71.66
N GLY I 12 -49.32 -40.93 72.92
CA GLY I 12 -49.65 -39.98 73.97
C GLY I 12 -50.89 -40.37 74.76
N PHE I 13 -50.88 -40.07 76.05
CA PHE I 13 -52.00 -40.36 76.94
C PHE I 13 -53.20 -39.41 76.85
N PRO I 14 -53.06 -38.08 76.63
CA PRO I 14 -54.27 -37.30 76.34
C PRO I 14 -54.96 -37.69 75.06
N ALA I 15 -54.24 -38.23 74.07
CA ALA I 15 -54.86 -38.65 72.83
C ALA I 15 -55.58 -39.98 72.99
N VAL I 16 -55.14 -40.81 73.93
CA VAL I 16 -55.74 -42.14 74.06
C VAL I 16 -56.97 -42.07 74.94
N VAL I 17 -57.08 -41.03 75.78
CA VAL I 17 -58.28 -40.86 76.59
C VAL I 17 -59.39 -40.25 75.76
N GLU I 18 -59.05 -39.33 74.84
CA GLU I 18 -60.02 -38.83 73.88
C GLU I 18 -60.45 -39.92 72.91
N ALA I 19 -59.53 -40.82 72.54
CA ALA I 19 -59.89 -41.97 71.73
C ALA I 19 -60.83 -42.89 72.49
N ALA I 20 -60.54 -43.15 73.77
CA ALA I 20 -61.40 -44.03 74.56
C ALA I 20 -62.74 -43.37 74.87
N ASP I 21 -62.74 -42.05 75.05
CA ASP I 21 -63.99 -41.35 75.36
C ASP I 21 -64.89 -41.22 74.15
N ALA I 22 -64.32 -40.97 72.98
CA ALA I 22 -65.15 -40.81 71.79
C ALA I 22 -65.65 -42.15 71.27
N MET I 23 -64.98 -43.24 71.62
CA MET I 23 -65.43 -44.55 71.16
C MET I 23 -66.69 -44.99 71.91
N VAL I 24 -66.72 -44.81 73.22
CA VAL I 24 -67.88 -45.24 73.99
C VAL I 24 -69.00 -44.22 73.92
N LYS I 25 -68.73 -43.04 73.35
CA LYS I 25 -69.78 -42.05 73.17
C LYS I 25 -70.38 -42.10 71.78
N ALA I 26 -69.66 -42.67 70.81
CA ALA I 26 -70.19 -42.73 69.45
C ALA I 26 -71.14 -43.91 69.27
N ALA I 27 -70.89 -45.00 69.97
CA ALA I 27 -71.67 -46.22 69.79
C ALA I 27 -71.71 -46.98 71.10
N ARG I 28 -72.47 -48.08 71.09
CA ARG I 28 -72.64 -48.94 72.26
C ARG I 28 -71.52 -49.98 72.28
N VAL I 29 -70.33 -49.51 72.63
CA VAL I 29 -69.18 -50.38 72.82
C VAL I 29 -68.80 -50.35 74.29
N THR I 30 -68.00 -51.31 74.70
CA THR I 30 -67.48 -51.39 76.06
C THR I 30 -65.97 -51.30 76.01
N LEU I 31 -65.43 -50.19 76.50
CA LEU I 31 -63.99 -50.05 76.69
C LEU I 31 -63.55 -51.02 77.79
N VAL I 32 -62.76 -52.02 77.41
CA VAL I 32 -62.37 -53.08 78.34
C VAL I 32 -60.89 -53.01 78.70
N GLY I 33 -60.07 -52.38 77.88
CA GLY I 33 -58.63 -52.54 78.01
C GLY I 33 -57.90 -51.26 77.71
N TYR I 34 -56.65 -51.23 78.14
CA TYR I 34 -55.80 -50.06 78.04
C TYR I 34 -54.37 -50.56 78.13
N GLU I 35 -53.64 -50.45 77.03
CA GLU I 35 -52.40 -51.20 76.86
C GLU I 35 -51.25 -50.27 76.48
N LYS I 36 -50.17 -50.35 77.26
CA LYS I 36 -48.95 -49.60 77.01
C LYS I 36 -47.87 -50.60 76.60
N ILE I 37 -47.22 -50.33 75.47
CA ILE I 37 -46.19 -51.21 74.93
C ILE I 37 -44.85 -50.50 74.83
N GLY I 38 -44.74 -49.28 75.34
CA GLY I 38 -43.50 -48.55 75.32
C GLY I 38 -43.44 -47.51 74.21
N THR I 39 -42.52 -46.57 74.39
CA THR I 39 -42.32 -45.37 73.57
C THR I 39 -43.59 -44.57 73.33
N GLY I 40 -44.46 -44.47 74.33
CA GLY I 40 -45.65 -43.67 74.21
C GLY I 40 -46.76 -44.26 73.37
N ARG I 41 -46.57 -45.44 72.82
CA ARG I 41 -47.61 -46.12 72.06
C ARG I 41 -48.62 -46.70 73.03
N VAL I 42 -49.77 -46.05 73.15
CA VAL I 42 -50.82 -46.45 74.08
C VAL I 42 -52.03 -46.88 73.27
N THR I 43 -52.63 -48.02 73.65
CA THR I 43 -53.73 -48.61 72.92
C THR I 43 -54.91 -48.84 73.86
N VAL I 44 -56.08 -48.37 73.46
CA VAL I 44 -57.33 -48.69 74.15
C VAL I 44 -58.09 -49.72 73.31
N ILE I 45 -58.80 -50.60 74.00
CA ILE I 45 -59.46 -51.75 73.41
C ILE I 45 -60.94 -51.69 73.76
N VAL I 46 -61.80 -51.69 72.76
CA VAL I 46 -63.24 -51.73 72.97
C VAL I 46 -63.78 -53.06 72.47
N ARG I 47 -64.89 -53.48 73.06
CA ARG I 47 -65.63 -54.67 72.63
C ARG I 47 -67.06 -54.28 72.31
N GLY I 48 -67.68 -55.02 71.42
CA GLY I 48 -69.07 -54.78 71.09
C GLY I 48 -69.43 -55.44 69.79
N ASP I 49 -70.63 -55.12 69.30
CA ASP I 49 -71.04 -55.60 67.99
C ASP I 49 -70.24 -54.90 66.91
N VAL I 50 -70.24 -55.52 65.71
CA VAL I 50 -69.41 -55.04 64.61
C VAL I 50 -69.90 -53.69 64.11
N SER I 51 -71.20 -53.45 64.15
CA SER I 51 -71.74 -52.15 63.78
C SER I 51 -71.32 -51.07 64.77
N GLU I 52 -71.28 -51.40 66.06
CA GLU I 52 -70.86 -50.44 67.05
C GLU I 52 -69.35 -50.21 67.03
N VAL I 53 -68.57 -51.27 66.84
CA VAL I 53 -67.11 -51.16 66.90
C VAL I 53 -66.59 -50.42 65.67
N GLN I 54 -67.20 -50.65 64.50
CA GLN I 54 -66.81 -49.92 63.29
C GLN I 54 -67.15 -48.44 63.40
N ALA I 55 -68.28 -48.13 64.04
CA ALA I 55 -68.66 -46.73 64.21
C ALA I 55 -67.80 -46.05 65.26
N SER I 56 -67.42 -46.78 66.31
CA SER I 56 -66.66 -46.19 67.40
C SER I 56 -65.22 -45.93 66.99
N VAL I 57 -64.59 -46.89 66.31
CA VAL I 57 -63.18 -46.75 65.94
C VAL I 57 -63.02 -45.67 64.87
N SER I 58 -63.97 -45.56 63.96
CA SER I 58 -63.91 -44.54 62.93
C SER I 58 -64.17 -43.15 63.50
N ALA I 59 -65.07 -43.04 64.48
CA ALA I 59 -65.31 -41.75 65.11
C ALA I 59 -64.25 -41.44 66.16
N GLY I 60 -63.68 -42.47 66.78
CA GLY I 60 -62.60 -42.26 67.72
C GLY I 60 -61.30 -41.86 67.06
N THR I 61 -61.14 -42.18 65.78
CA THR I 61 -59.93 -41.80 65.07
C THR I 61 -59.96 -40.32 64.67
N GLU I 62 -61.14 -39.81 64.32
CA GLU I 62 -61.26 -38.42 63.93
C GLU I 62 -61.17 -37.48 65.13
N SER I 63 -61.53 -37.98 66.32
CA SER I 63 -61.50 -37.13 67.51
C SER I 63 -60.09 -36.89 68.01
N VAL I 64 -59.17 -37.83 67.77
CA VAL I 64 -57.78 -37.66 68.17
C VAL I 64 -57.10 -36.55 67.38
N LYS I 65 -57.49 -36.34 66.13
CA LYS I 65 -56.98 -35.20 65.36
C LYS I 65 -57.85 -33.97 65.59
N ARG I 66 -58.15 -33.71 66.86
CA ARG I 66 -58.76 -32.49 67.35
C ARG I 66 -58.08 -32.19 68.68
N VAL I 67 -57.11 -33.03 69.02
CA VAL I 67 -56.28 -32.90 70.21
C VAL I 67 -54.93 -32.38 69.78
N ASN I 68 -54.41 -31.36 70.48
CA ASN I 68 -53.08 -30.85 70.17
C ASN I 68 -52.04 -31.82 70.68
N GLY I 69 -51.11 -32.21 69.81
CA GLY I 69 -50.15 -33.23 70.15
C GLY I 69 -50.66 -34.64 70.07
N GLY I 70 -51.87 -34.83 69.53
CA GLY I 70 -52.47 -36.14 69.39
C GLY I 70 -52.19 -36.71 68.02
N GLN I 71 -51.85 -38.00 67.99
CA GLN I 71 -51.47 -38.68 66.77
C GLN I 71 -51.93 -40.13 66.83
N VAL I 72 -52.76 -40.54 65.87
CA VAL I 72 -53.19 -41.93 65.75
C VAL I 72 -52.07 -42.70 65.06
N LEU I 73 -51.58 -43.73 65.73
CA LEU I 73 -50.54 -44.56 65.12
C LEU I 73 -51.15 -45.73 64.35
N SER I 74 -52.14 -46.40 64.94
CA SER I 74 -52.68 -47.61 64.34
C SER I 74 -54.10 -47.83 64.83
N THR I 75 -54.99 -48.15 63.91
CA THR I 75 -56.35 -48.53 64.22
C THR I 75 -56.66 -49.86 63.56
N HIS I 76 -57.42 -50.69 64.24
CA HIS I 76 -57.86 -51.95 63.65
C HIS I 76 -59.15 -52.42 64.31
N ILE I 77 -59.93 -53.15 63.53
CA ILE I 77 -61.16 -53.80 63.98
C ILE I 77 -61.10 -55.26 63.57
N ILE I 78 -61.28 -56.16 64.53
CA ILE I 78 -61.44 -57.57 64.25
C ILE I 78 -62.87 -57.95 64.57
N ALA I 79 -63.65 -58.25 63.53
CA ALA I 79 -65.09 -58.42 63.68
C ALA I 79 -65.45 -59.70 64.40
N ARG I 80 -64.60 -60.71 64.33
CA ARG I 80 -64.87 -62.00 64.94
C ARG I 80 -63.54 -62.60 65.40
N PRO I 81 -63.05 -62.19 66.56
CA PRO I 81 -61.78 -62.74 67.04
C PRO I 81 -61.96 -64.16 67.56
N HIS I 82 -60.87 -64.92 67.45
CA HIS I 82 -60.83 -66.29 67.94
C HIS I 82 -60.92 -66.31 69.46
N GLU I 83 -61.45 -67.42 69.99
CA GLU I 83 -61.55 -67.59 71.43
C GLU I 83 -60.20 -67.81 72.09
N ASN I 84 -59.17 -68.16 71.31
CA ASN I 84 -57.81 -68.23 71.83
C ASN I 84 -57.28 -66.87 72.22
N LEU I 85 -57.75 -65.81 71.57
CA LEU I 85 -57.16 -64.48 71.75
C LEU I 85 -57.57 -63.85 73.07
N GLU I 86 -58.67 -64.31 73.68
CA GLU I 86 -59.10 -63.74 74.94
C GLU I 86 -58.17 -64.11 76.08
N TYR I 87 -57.58 -65.31 76.02
CA TYR I 87 -56.82 -65.82 77.15
C TYR I 87 -55.36 -65.39 77.09
N VAL I 88 -54.92 -64.89 75.94
CA VAL I 88 -53.52 -64.49 75.79
C VAL I 88 -53.41 -62.97 75.76
N LEU I 89 -54.21 -62.33 74.99
CA LEU I 89 -54.15 -60.89 74.79
C LEU I 89 -55.09 -60.18 75.75
N PRO I 90 -54.73 -58.98 76.21
CA PRO I 90 -55.60 -58.23 77.12
C PRO I 90 -56.74 -57.50 76.41
N ILE I 91 -57.60 -58.28 75.74
CA ILE I 91 -58.76 -57.75 75.04
C ILE I 91 -60.07 -58.26 75.61
N ARG I 92 -60.03 -58.93 76.76
CA ARG I 92 -61.21 -59.60 77.27
C ARG I 92 -61.98 -58.70 78.24
N TYR I 93 -63.23 -59.08 78.49
CA TYR I 93 -64.05 -58.38 79.46
C TYR I 93 -63.58 -58.67 80.87
N THR I 94 -63.12 -57.62 81.55
CA THR I 94 -62.78 -57.73 82.97
C THR I 94 -64.02 -57.53 83.83
N GLU I 95 -63.88 -57.84 85.11
CA GLU I 95 -65.07 -57.90 85.97
C GLU I 95 -65.53 -56.51 86.41
N GLU I 96 -64.71 -55.49 86.18
CA GLU I 96 -65.13 -54.13 86.56
C GLU I 96 -65.89 -53.45 85.44
N VAL I 97 -65.81 -53.99 84.22
CA VAL I 97 -66.51 -53.42 83.08
C VAL I 97 -67.68 -54.30 82.64
N GLU I 98 -68.14 -55.21 83.52
CA GLU I 98 -69.27 -56.06 83.17
C GLU I 98 -70.60 -55.33 83.24
N GLN I 99 -70.64 -54.13 83.84
CA GLN I 99 -71.88 -53.36 83.89
C GLN I 99 -72.17 -52.66 82.57
N PHE I 100 -71.13 -52.42 81.77
CA PHE I 100 -71.28 -51.69 80.51
C PHE I 100 -71.48 -52.61 79.32
N ARG I 101 -71.43 -53.92 79.51
CA ARG I 101 -71.59 -54.85 78.39
C ARG I 101 -73.06 -54.94 77.96
N ALA J 2 -39.34 -80.23 70.75
CA ALA J 2 -40.73 -80.17 71.21
C ALA J 2 -41.65 -79.77 70.07
N VAL J 3 -42.90 -79.43 70.43
CA VAL J 3 -43.86 -78.89 69.48
C VAL J 3 -43.35 -77.55 68.97
N ALA J 4 -43.47 -77.33 67.66
CA ALA J 4 -42.84 -76.18 67.00
C ALA J 4 -43.42 -74.86 67.48
N VAL J 5 -42.59 -73.82 67.42
CA VAL J 5 -42.94 -72.49 67.92
C VAL J 5 -42.77 -71.48 66.81
N GLY J 6 -43.75 -70.62 66.64
CA GLY J 6 -43.65 -69.51 65.70
C GLY J 6 -43.87 -68.19 66.40
N MET J 7 -43.08 -67.20 66.00
CA MET J 7 -43.13 -65.88 66.60
C MET J 7 -43.28 -64.84 65.51
N ILE J 8 -44.16 -63.87 65.71
CA ILE J 8 -44.26 -62.69 64.87
C ILE J 8 -44.09 -61.48 65.77
N GLU J 9 -43.07 -60.67 65.49
CA GLU J 9 -42.86 -59.41 66.19
C GLU J 9 -43.32 -58.25 65.32
N THR J 10 -44.24 -57.45 65.86
CA THR J 10 -44.75 -56.28 65.15
C THR J 10 -44.42 -55.03 65.94
N LEU J 11 -44.51 -53.90 65.25
CA LEU J 11 -44.41 -52.58 65.87
C LEU J 11 -45.83 -52.08 66.09
N GLY J 12 -46.34 -52.29 67.30
CA GLY J 12 -47.69 -51.85 67.60
C GLY J 12 -48.61 -52.95 68.06
N PHE J 13 -49.52 -52.62 68.97
CA PHE J 13 -50.49 -53.55 69.50
C PHE J 13 -51.68 -53.85 68.57
N PRO J 14 -52.26 -52.92 67.79
CA PRO J 14 -53.28 -53.35 66.82
C PRO J 14 -52.76 -54.29 65.75
N ALA J 15 -51.47 -54.22 65.40
CA ALA J 15 -50.92 -55.12 64.41
C ALA J 15 -50.67 -56.50 64.99
N VAL J 16 -50.44 -56.58 66.30
CA VAL J 16 -50.07 -57.87 66.88
C VAL J 16 -51.31 -58.69 67.22
N VAL J 17 -52.46 -58.03 67.33
CA VAL J 17 -53.71 -58.76 67.56
C VAL J 17 -54.25 -59.28 66.24
N GLU J 18 -54.08 -58.51 65.16
CA GLU J 18 -54.46 -58.99 63.83
C GLU J 18 -53.52 -60.09 63.37
N ALA J 19 -52.24 -60.02 63.73
CA ALA J 19 -51.32 -61.10 63.43
C ALA J 19 -51.67 -62.36 64.22
N ALA J 20 -52.06 -62.21 65.49
CA ALA J 20 -52.43 -63.35 66.30
C ALA J 20 -53.76 -63.94 65.87
N ASP J 21 -54.68 -63.09 65.39
CA ASP J 21 -55.97 -63.60 64.95
C ASP J 21 -55.87 -64.28 63.60
N ALA J 22 -54.98 -63.81 62.74
CA ALA J 22 -54.81 -64.46 61.44
C ALA J 22 -54.06 -65.78 61.58
N MET J 23 -53.24 -65.90 62.62
CA MET J 23 -52.45 -67.12 62.79
C MET J 23 -53.32 -68.29 63.23
N VAL J 24 -54.19 -68.08 64.22
CA VAL J 24 -54.97 -69.18 64.76
C VAL J 24 -56.17 -69.49 63.87
N LYS J 25 -56.47 -68.63 62.91
CA LYS J 25 -57.53 -68.93 61.95
C LYS J 25 -56.98 -69.66 60.74
N ALA J 26 -55.71 -69.43 60.40
CA ALA J 26 -55.16 -69.99 59.17
C ALA J 26 -54.82 -71.46 59.32
N ALA J 27 -54.41 -71.88 60.52
CA ALA J 27 -53.95 -73.25 60.71
C ALA J 27 -54.27 -73.70 62.13
N ARG J 28 -53.87 -74.93 62.43
CA ARG J 28 -54.13 -75.55 63.73
C ARG J 28 -52.98 -75.25 64.69
N VAL J 29 -52.78 -73.96 64.94
CA VAL J 29 -51.81 -73.50 65.91
C VAL J 29 -52.56 -73.03 67.14
N THR J 30 -51.84 -72.99 68.26
CA THR J 30 -52.36 -72.47 69.51
C THR J 30 -51.55 -71.25 69.90
N LEU J 31 -52.20 -70.09 69.95
CA LEU J 31 -51.59 -68.89 70.49
C LEU J 31 -51.39 -69.09 71.99
N VAL J 32 -50.13 -69.08 72.43
CA VAL J 32 -49.80 -69.33 73.83
C VAL J 32 -49.14 -68.14 74.49
N GLY J 33 -48.60 -67.19 73.73
CA GLY J 33 -47.66 -66.24 74.29
C GLY J 33 -47.91 -64.84 73.79
N TYR J 34 -47.46 -63.88 74.59
CA TYR J 34 -47.63 -62.47 74.31
C TYR J 34 -46.54 -61.74 75.07
N GLU J 35 -45.60 -61.14 74.35
CA GLU J 35 -44.37 -60.64 74.96
C GLU J 35 -44.11 -59.21 74.53
N LYS J 36 -43.88 -58.33 75.50
CA LYS J 36 -43.49 -56.96 75.28
C LYS J 36 -42.06 -56.78 75.74
N ILE J 37 -41.21 -56.28 74.85
CA ILE J 37 -39.79 -56.11 75.13
C ILE J 37 -39.36 -54.66 75.05
N GLY J 38 -40.29 -53.74 74.80
CA GLY J 38 -39.98 -52.33 74.73
C GLY J 38 -39.94 -51.80 73.31
N THR J 39 -39.98 -50.46 73.22
CA THR J 39 -40.08 -49.66 71.99
C THR J 39 -41.21 -50.12 71.07
N GLY J 40 -42.33 -50.57 71.62
CA GLY J 40 -43.43 -51.00 70.79
C GLY J 40 -43.24 -52.33 70.11
N ARG J 41 -42.14 -53.04 70.38
CA ARG J 41 -41.89 -54.35 69.81
C ARG J 41 -42.69 -55.37 70.61
N VAL J 42 -43.73 -55.92 70.00
CA VAL J 42 -44.63 -56.84 70.65
C VAL J 42 -44.62 -58.15 69.88
N THR J 43 -44.48 -59.26 70.59
CA THR J 43 -44.35 -60.58 69.98
C THR J 43 -45.49 -61.48 70.45
N VAL J 44 -46.18 -62.09 69.51
CA VAL J 44 -47.12 -63.17 69.79
C VAL J 44 -46.48 -64.50 69.39
N ILE J 45 -46.78 -65.54 70.16
CA ILE J 45 -46.12 -66.83 70.06
C ILE J 45 -47.19 -67.90 69.87
N VAL J 46 -47.07 -68.65 68.78
CA VAL J 46 -47.97 -69.76 68.51
C VAL J 46 -47.21 -71.07 68.63
N ARG J 47 -47.94 -72.14 68.95
CA ARG J 47 -47.40 -73.49 69.02
C ARG J 47 -48.24 -74.42 68.16
N GLY J 48 -47.57 -75.33 67.47
CA GLY J 48 -48.27 -76.34 66.69
C GLY J 48 -47.29 -77.20 65.95
N ASP J 49 -47.80 -77.99 65.02
CA ASP J 49 -46.93 -78.72 64.10
C ASP J 49 -46.26 -77.72 63.15
N VAL J 50 -45.10 -78.11 62.62
CA VAL J 50 -44.26 -77.19 61.87
C VAL J 50 -44.90 -76.76 60.56
N SER J 51 -45.70 -77.63 59.94
CA SER J 51 -46.43 -77.26 58.73
C SER J 51 -47.55 -76.29 59.05
N GLU J 52 -48.19 -76.45 60.21
CA GLU J 52 -49.23 -75.52 60.62
C GLU J 52 -48.65 -74.21 61.12
N VAL J 53 -47.47 -74.27 61.75
CA VAL J 53 -46.84 -73.05 62.24
C VAL J 53 -46.30 -72.23 61.08
N GLN J 54 -45.76 -72.90 60.05
CA GLN J 54 -45.29 -72.19 58.86
C GLN J 54 -46.44 -71.57 58.08
N ALA J 55 -47.59 -72.24 58.06
CA ALA J 55 -48.74 -71.71 57.34
C ALA J 55 -49.38 -70.55 58.08
N SER J 56 -49.27 -70.55 59.41
CA SER J 56 -49.88 -69.49 60.19
C SER J 56 -49.03 -68.24 60.22
N VAL J 57 -47.71 -68.41 60.38
CA VAL J 57 -46.79 -67.28 60.51
C VAL J 57 -46.72 -66.48 59.22
N SER J 58 -46.78 -67.17 58.07
CA SER J 58 -46.83 -66.47 56.79
C SER J 58 -48.17 -65.77 56.60
N ALA J 59 -49.25 -66.35 57.13
CA ALA J 59 -50.55 -65.73 57.00
C ALA J 59 -50.74 -64.60 58.00
N GLY J 60 -50.11 -64.72 59.18
CA GLY J 60 -50.15 -63.64 60.14
C GLY J 60 -49.27 -62.48 59.77
N THR J 61 -48.24 -62.72 58.95
CA THR J 61 -47.38 -61.63 58.49
C THR J 61 -48.07 -60.80 57.42
N GLU J 62 -48.82 -61.46 56.53
CA GLU J 62 -49.46 -60.74 55.43
C GLU J 62 -50.70 -60.00 55.89
N SER J 63 -51.27 -60.37 57.04
CA SER J 63 -52.45 -59.69 57.53
C SER J 63 -52.12 -58.41 58.30
N VAL J 64 -50.85 -58.18 58.63
CA VAL J 64 -50.44 -56.91 59.22
C VAL J 64 -50.49 -55.79 58.19
N LYS J 65 -50.40 -56.13 56.90
CA LYS J 65 -50.58 -55.15 55.84
C LYS J 65 -52.02 -54.63 55.77
N ARG J 66 -52.98 -55.37 56.31
CA ARG J 66 -54.34 -54.86 56.44
C ARG J 66 -54.40 -53.73 57.46
N VAL J 67 -53.58 -53.79 58.50
CA VAL J 67 -53.58 -52.77 59.54
C VAL J 67 -52.83 -51.54 59.05
N ASN J 68 -53.44 -50.38 59.22
CA ASN J 68 -52.76 -49.12 58.95
C ASN J 68 -51.84 -48.78 60.11
N GLY J 69 -50.59 -48.46 59.81
CA GLY J 69 -49.63 -48.22 60.87
C GLY J 69 -49.06 -49.48 61.48
N GLY J 70 -49.35 -50.64 60.91
CA GLY J 70 -48.82 -51.90 61.38
C GLY J 70 -47.62 -52.31 60.55
N GLN J 71 -46.61 -52.86 61.22
CA GLN J 71 -45.37 -53.23 60.58
C GLN J 71 -44.77 -54.44 61.28
N VAL J 72 -44.56 -55.52 60.51
CA VAL J 72 -43.90 -56.72 61.02
C VAL J 72 -42.42 -56.41 61.11
N LEU J 73 -41.84 -56.60 62.30
CA LEU J 73 -40.42 -56.37 62.47
C LEU J 73 -39.61 -57.63 62.24
N SER J 74 -40.06 -58.75 62.81
CA SER J 74 -39.30 -59.98 62.75
C SER J 74 -40.24 -61.16 62.94
N THR J 75 -40.10 -62.16 62.08
CA THR J 75 -40.78 -63.43 62.23
C THR J 75 -39.74 -64.54 62.28
N HIS J 76 -40.07 -65.61 63.01
CA HIS J 76 -39.21 -66.78 63.05
C HIS J 76 -40.03 -68.00 63.44
N ILE J 77 -39.57 -69.16 62.95
CA ILE J 77 -40.18 -70.45 63.23
C ILE J 77 -39.08 -71.41 63.65
N ILE J 78 -39.23 -72.03 64.81
CA ILE J 78 -38.35 -73.11 65.26
C ILE J 78 -39.13 -74.41 65.18
N ALA J 79 -38.64 -75.34 64.37
CA ALA J 79 -39.39 -76.56 64.08
C ALA J 79 -39.42 -77.51 65.27
N ARG J 80 -38.37 -77.48 66.10
CA ARG J 80 -38.25 -78.38 67.24
C ARG J 80 -37.48 -77.67 68.33
N PRO J 81 -38.16 -76.86 69.13
CA PRO J 81 -37.45 -76.16 70.21
C PRO J 81 -37.06 -77.12 71.32
N HIS J 82 -35.93 -76.82 71.95
CA HIS J 82 -35.42 -77.60 73.06
C HIS J 82 -36.35 -77.48 74.27
N GLU J 83 -36.32 -78.49 75.13
CA GLU J 83 -37.18 -78.52 76.30
C GLU J 83 -36.77 -77.49 77.35
N ASN J 84 -35.53 -76.98 77.27
CA ASN J 84 -35.07 -75.93 78.17
C ASN J 84 -35.77 -74.61 77.91
N LEU J 85 -36.29 -74.42 76.70
CA LEU J 85 -36.81 -73.12 76.30
C LEU J 85 -38.17 -72.82 76.93
N GLU J 86 -38.98 -73.84 77.19
CA GLU J 86 -40.32 -73.60 77.72
C GLU J 86 -40.28 -73.25 79.20
N TYR J 87 -39.18 -73.55 79.88
CA TYR J 87 -39.09 -73.24 81.30
C TYR J 87 -38.47 -71.88 81.55
N VAL J 88 -37.89 -71.27 80.51
CA VAL J 88 -37.32 -69.94 80.65
C VAL J 88 -38.10 -68.93 79.84
N LEU J 89 -38.24 -69.18 78.58
CA LEU J 89 -38.92 -68.26 77.67
C LEU J 89 -40.42 -68.52 77.69
N PRO J 90 -41.25 -67.46 77.50
CA PRO J 90 -42.71 -67.64 77.52
C PRO J 90 -43.26 -68.19 76.20
N ILE J 91 -42.83 -69.39 75.85
CA ILE J 91 -43.33 -70.11 74.68
C ILE J 91 -44.10 -71.36 75.06
N ARG J 92 -44.39 -71.56 76.33
CA ARG J 92 -45.01 -72.81 76.77
C ARG J 92 -46.53 -72.69 76.76
N TYR J 93 -47.17 -73.86 76.73
CA TYR J 93 -48.61 -73.92 76.89
C TYR J 93 -48.98 -73.59 78.33
N THR J 94 -49.63 -72.45 78.53
CA THR J 94 -50.19 -72.14 79.83
C THR J 94 -51.48 -72.93 80.04
N GLU J 95 -52.00 -72.88 81.27
CA GLU J 95 -53.19 -73.65 81.60
C GLU J 95 -54.44 -73.07 80.96
N GLU J 96 -54.42 -71.77 80.65
CA GLU J 96 -55.59 -71.11 80.08
C GLU J 96 -55.79 -71.48 78.62
N VAL J 97 -54.72 -71.90 77.94
CA VAL J 97 -54.78 -72.16 76.51
C VAL J 97 -54.77 -73.66 76.20
N GLU J 98 -54.99 -74.51 77.21
CA GLU J 98 -54.99 -75.95 76.96
C GLU J 98 -56.26 -76.44 76.31
N GLN J 99 -57.31 -75.62 76.26
CA GLN J 99 -58.52 -76.01 75.55
C GLN J 99 -58.38 -75.85 74.04
N PHE J 100 -57.36 -75.13 73.60
CA PHE J 100 -57.14 -74.88 72.18
C PHE J 100 -56.00 -75.70 71.59
N ARG J 101 -55.38 -76.58 72.37
CA ARG J 101 -54.27 -77.39 71.88
C ARG J 101 -54.75 -78.52 70.97
N ALA K 2 -84.07 -59.33 53.54
CA ALA K 2 -83.84 -59.89 54.87
C ALA K 2 -82.46 -59.50 55.37
N VAL K 3 -81.53 -60.45 55.36
CA VAL K 3 -80.14 -60.15 55.70
C VAL K 3 -79.45 -59.52 54.50
N ALA K 4 -78.31 -58.89 54.74
CA ALA K 4 -77.58 -58.22 53.67
C ALA K 4 -76.94 -59.23 52.73
N VAL K 5 -76.48 -58.74 51.58
CA VAL K 5 -75.81 -59.56 50.60
C VAL K 5 -74.52 -58.86 50.17
N GLY K 6 -73.43 -59.60 50.14
CA GLY K 6 -72.17 -59.08 49.67
C GLY K 6 -71.59 -59.95 48.58
N MET K 7 -70.91 -59.31 47.64
CA MET K 7 -70.35 -59.98 46.47
C MET K 7 -68.92 -59.52 46.28
N ILE K 8 -68.02 -60.47 46.04
CA ILE K 8 -66.67 -60.19 45.57
C ILE K 8 -66.49 -60.93 44.26
N GLU K 9 -66.20 -60.20 43.19
CA GLU K 9 -65.88 -60.80 41.91
C GLU K 9 -64.39 -60.76 41.69
N THR K 10 -63.80 -61.93 41.46
CA THR K 10 -62.39 -62.04 41.18
C THR K 10 -62.17 -62.58 39.77
N LEU K 11 -60.97 -62.38 39.27
CA LEU K 11 -60.52 -62.98 38.02
C LEU K 11 -59.75 -64.24 38.40
N GLY K 12 -60.39 -65.40 38.24
CA GLY K 12 -59.75 -66.64 38.60
C GLY K 12 -60.40 -67.37 39.76
N PHE K 13 -60.38 -68.68 39.70
CA PHE K 13 -60.93 -69.54 40.75
C PHE K 13 -60.06 -69.69 42.00
N PRO K 14 -58.71 -69.76 41.95
CA PRO K 14 -57.96 -69.75 43.22
C PRO K 14 -58.09 -68.44 43.99
N ALA K 15 -58.35 -67.33 43.31
CA ALA K 15 -58.52 -66.06 44.02
C ALA K 15 -59.90 -65.98 44.66
N VAL K 16 -60.88 -66.71 44.13
CA VAL K 16 -62.25 -66.56 44.64
C VAL K 16 -62.49 -67.52 45.79
N VAL K 17 -61.64 -68.54 45.95
CA VAL K 17 -61.75 -69.43 47.10
C VAL K 17 -61.03 -68.81 48.29
N GLU K 18 -59.93 -68.10 48.03
CA GLU K 18 -59.26 -67.33 49.09
C GLU K 18 -60.12 -66.15 49.54
N ALA K 19 -60.83 -65.53 48.59
CA ALA K 19 -61.78 -64.47 48.95
C ALA K 19 -62.94 -65.02 49.76
N ALA K 20 -63.44 -66.20 49.40
CA ALA K 20 -64.55 -66.79 50.13
C ALA K 20 -64.12 -67.29 51.50
N ASP K 21 -62.89 -67.81 51.60
CA ASP K 21 -62.40 -68.28 52.89
C ASP K 21 -62.09 -67.13 53.83
N ALA K 22 -61.69 -65.99 53.28
CA ALA K 22 -61.40 -64.84 54.12
C ALA K 22 -62.66 -64.18 54.64
N MET K 23 -63.77 -64.32 53.92
CA MET K 23 -65.02 -63.69 54.34
C MET K 23 -65.65 -64.41 55.52
N VAL K 24 -65.74 -65.73 55.45
CA VAL K 24 -66.47 -66.46 56.48
C VAL K 24 -65.61 -66.62 57.73
N LYS K 25 -64.30 -66.36 57.63
CA LYS K 25 -63.46 -66.35 58.82
C LYS K 25 -63.48 -64.99 59.50
N ALA K 26 -63.63 -63.92 58.74
CA ALA K 26 -63.51 -62.58 59.30
C ALA K 26 -64.75 -62.18 60.10
N ALA K 27 -65.93 -62.57 59.64
CA ALA K 27 -67.16 -62.14 60.27
C ALA K 27 -68.20 -63.24 60.18
N ARG K 28 -69.37 -62.98 60.79
CA ARG K 28 -70.46 -63.95 60.85
C ARG K 28 -71.33 -63.83 59.59
N VAL K 29 -70.75 -64.22 58.48
CA VAL K 29 -71.45 -64.26 57.21
C VAL K 29 -71.55 -65.71 56.76
N THR K 30 -72.55 -65.99 55.94
CA THR K 30 -72.75 -67.30 55.35
C THR K 30 -72.48 -67.20 53.86
N LEU K 31 -71.46 -67.91 53.40
CA LEU K 31 -71.24 -68.07 51.97
C LEU K 31 -72.36 -68.94 51.41
N VAL K 32 -73.20 -68.35 50.57
CA VAL K 32 -74.36 -69.06 50.04
C VAL K 32 -74.25 -69.35 48.55
N GLY K 33 -73.39 -68.66 47.83
CA GLY K 33 -73.48 -68.66 46.38
C GLY K 33 -72.12 -68.60 45.73
N TYR K 34 -72.12 -68.89 44.42
CA TYR K 34 -70.92 -69.04 43.63
C TYR K 34 -71.35 -68.91 42.17
N GLU K 35 -70.87 -67.87 41.50
CA GLU K 35 -71.41 -67.50 40.21
C GLU K 35 -70.30 -67.29 39.18
N LYS K 36 -70.47 -67.87 38.01
CA LYS K 36 -69.55 -67.71 36.90
C LYS K 36 -70.31 -67.07 35.74
N ILE K 37 -69.78 -65.96 35.23
CA ILE K 37 -70.44 -65.21 34.18
C ILE K 37 -69.61 -65.18 32.89
N GLY K 38 -68.44 -65.81 32.89
CA GLY K 38 -67.56 -65.78 31.75
C GLY K 38 -66.41 -64.82 31.90
N THR K 39 -65.45 -64.93 30.97
CA THR K 39 -64.12 -64.31 31.00
C THR K 39 -63.39 -64.48 32.32
N GLY K 40 -63.54 -65.64 32.96
CA GLY K 40 -62.90 -65.89 34.24
C GLY K 40 -63.42 -65.07 35.40
N ARG K 41 -64.51 -64.33 35.21
CA ARG K 41 -65.07 -63.49 36.26
C ARG K 41 -65.95 -64.35 37.15
N VAL K 42 -65.48 -64.62 38.36
CA VAL K 42 -66.15 -65.53 39.28
C VAL K 42 -66.54 -64.74 40.52
N THR K 43 -67.79 -64.89 40.94
CA THR K 43 -68.35 -64.12 42.04
C THR K 43 -68.80 -65.07 43.15
N VAL K 44 -68.42 -64.78 44.39
CA VAL K 44 -68.93 -65.47 45.56
C VAL K 44 -69.85 -64.52 46.32
N ILE K 45 -70.91 -65.08 46.90
CA ILE K 45 -71.99 -64.33 47.51
C ILE K 45 -72.08 -64.73 48.98
N VAL K 46 -72.01 -63.73 49.87
CA VAL K 46 -72.19 -63.97 51.30
C VAL K 46 -73.44 -63.27 51.79
N ARG K 47 -74.06 -63.84 52.81
CA ARG K 47 -75.23 -63.27 53.45
C ARG K 47 -74.96 -63.10 54.94
N GLY K 48 -75.49 -62.02 55.50
CA GLY K 48 -75.34 -61.77 56.92
C GLY K 48 -75.87 -60.40 57.25
N ASP K 49 -75.56 -59.93 58.46
CA ASP K 49 -75.84 -58.55 58.80
C ASP K 49 -74.95 -57.63 57.99
N VAL K 50 -75.40 -56.39 57.80
CA VAL K 50 -74.70 -55.45 56.92
C VAL K 50 -73.35 -55.05 57.49
N SER K 51 -73.22 -55.03 58.82
CA SER K 51 -71.92 -54.81 59.44
C SER K 51 -71.02 -56.03 59.30
N GLU K 52 -71.61 -57.23 59.37
CA GLU K 52 -70.85 -58.45 59.18
C GLU K 52 -70.40 -58.59 57.73
N VAL K 53 -71.26 -58.18 56.79
CA VAL K 53 -70.93 -58.28 55.37
C VAL K 53 -69.85 -57.26 55.01
N GLN K 54 -69.92 -56.06 55.59
CA GLN K 54 -68.93 -55.02 55.31
C GLN K 54 -67.55 -55.40 55.82
N ALA K 55 -67.49 -56.09 56.96
CA ALA K 55 -66.21 -56.51 57.49
C ALA K 55 -65.65 -57.69 56.70
N SER K 56 -66.52 -58.55 56.18
CA SER K 56 -66.05 -59.72 55.45
C SER K 56 -65.63 -59.36 54.04
N VAL K 57 -66.40 -58.51 53.36
CA VAL K 57 -66.10 -58.14 51.98
C VAL K 57 -64.83 -57.31 51.92
N SER K 58 -64.58 -56.48 52.94
CA SER K 58 -63.33 -55.75 53.02
C SER K 58 -62.17 -56.68 53.27
N ALA K 59 -62.35 -57.69 54.14
CA ALA K 59 -61.28 -58.62 54.46
C ALA K 59 -61.03 -59.61 53.33
N GLY K 60 -62.08 -59.95 52.57
CA GLY K 60 -61.91 -60.79 51.41
C GLY K 60 -61.23 -60.08 50.26
N THR K 61 -61.24 -58.75 50.26
CA THR K 61 -60.62 -57.99 49.18
C THR K 61 -59.09 -57.99 49.30
N GLU K 62 -58.55 -57.77 50.49
CA GLU K 62 -57.09 -57.74 50.63
C GLU K 62 -56.48 -59.13 50.63
N SER K 63 -57.30 -60.17 50.78
CA SER K 63 -56.78 -61.52 50.74
C SER K 63 -56.55 -62.02 49.32
N VAL K 64 -57.14 -61.36 48.33
CA VAL K 64 -56.87 -61.72 46.94
C VAL K 64 -55.49 -61.18 46.53
N LYS K 65 -55.02 -60.13 47.19
CA LYS K 65 -53.69 -59.57 46.92
C LYS K 65 -52.57 -60.52 47.30
N ARG K 66 -52.81 -61.46 48.21
CA ARG K 66 -51.82 -62.49 48.51
C ARG K 66 -51.83 -63.63 47.49
N VAL K 67 -52.87 -63.74 46.68
CA VAL K 67 -52.92 -64.74 45.61
C VAL K 67 -52.24 -64.16 44.38
N ASN K 68 -51.19 -64.83 43.93
CA ASN K 68 -50.47 -64.42 42.73
C ASN K 68 -51.18 -65.02 41.52
N GLY K 69 -51.77 -64.15 40.70
CA GLY K 69 -52.52 -64.58 39.53
C GLY K 69 -53.99 -64.23 39.56
N GLY K 70 -54.48 -63.65 40.66
CA GLY K 70 -55.87 -63.24 40.75
C GLY K 70 -55.99 -61.82 41.26
N GLN K 71 -57.08 -61.18 40.85
CA GLN K 71 -57.33 -59.80 41.25
C GLN K 71 -58.82 -59.62 41.48
N VAL K 72 -59.16 -58.67 42.36
CA VAL K 72 -60.54 -58.32 42.62
C VAL K 72 -61.01 -57.43 41.48
N LEU K 73 -62.09 -57.84 40.81
CA LEU K 73 -62.63 -57.03 39.72
C LEU K 73 -63.71 -56.08 40.24
N SER K 74 -64.60 -56.57 41.08
CA SER K 74 -65.70 -55.75 41.58
C SER K 74 -66.17 -56.29 42.91
N THR K 75 -66.52 -55.37 43.81
CA THR K 75 -67.12 -55.71 45.09
C THR K 75 -68.36 -54.86 45.29
N HIS K 76 -69.37 -55.42 45.95
CA HIS K 76 -70.55 -54.66 46.28
C HIS K 76 -71.24 -55.26 47.50
N ILE K 77 -71.92 -54.40 48.24
CA ILE K 77 -72.69 -54.76 49.44
C ILE K 77 -74.05 -54.10 49.34
N ILE K 78 -75.10 -54.88 49.48
CA ILE K 78 -76.47 -54.36 49.53
C ILE K 78 -77.03 -54.65 50.91
N ALA K 79 -77.46 -53.59 51.62
CA ALA K 79 -77.77 -53.68 53.04
C ALA K 79 -79.01 -54.52 53.30
N ARG K 80 -80.01 -54.42 52.42
CA ARG K 80 -81.22 -55.23 52.51
C ARG K 80 -81.77 -55.38 51.11
N PRO K 81 -81.50 -56.48 50.44
CA PRO K 81 -82.00 -56.66 49.06
C PRO K 81 -83.50 -56.88 49.05
N HIS K 82 -84.08 -56.57 47.89
CA HIS K 82 -85.49 -56.83 47.65
C HIS K 82 -85.73 -58.33 47.60
N GLU K 83 -86.95 -58.75 47.96
CA GLU K 83 -87.27 -60.17 47.91
C GLU K 83 -87.51 -60.65 46.48
N ASN K 84 -87.64 -59.72 45.53
CA ASN K 84 -87.65 -60.07 44.12
C ASN K 84 -86.32 -60.64 43.67
N LEU K 85 -85.22 -60.19 44.27
CA LEU K 85 -83.90 -60.64 43.85
C LEU K 85 -83.61 -62.06 44.30
N GLU K 86 -84.31 -62.54 45.32
CA GLU K 86 -84.02 -63.87 45.86
C GLU K 86 -84.48 -64.97 44.91
N TYR K 87 -85.51 -64.69 44.11
CA TYR K 87 -86.06 -65.71 43.23
C TYR K 87 -85.38 -65.68 41.86
N VAL K 88 -84.84 -64.53 41.46
CA VAL K 88 -84.22 -64.43 40.15
C VAL K 88 -82.72 -64.62 40.24
N LEU K 89 -82.08 -63.92 41.13
CA LEU K 89 -80.63 -63.95 41.27
C LEU K 89 -80.21 -64.99 42.30
N PRO K 90 -79.08 -65.68 42.08
CA PRO K 90 -78.63 -66.73 43.01
C PRO K 90 -77.93 -66.18 44.26
N ILE K 91 -78.66 -65.40 45.04
CA ILE K 91 -78.16 -64.83 46.29
C ILE K 91 -78.90 -65.37 47.50
N ARG K 92 -79.72 -66.39 47.33
CA ARG K 92 -80.54 -66.88 48.43
C ARG K 92 -79.84 -68.01 49.17
N TYR K 93 -80.32 -68.27 50.38
CA TYR K 93 -79.84 -69.40 51.16
C TYR K 93 -80.30 -70.71 50.54
N THR K 94 -79.36 -71.60 50.27
CA THR K 94 -79.72 -72.95 49.87
C THR K 94 -79.86 -73.82 51.12
N GLU K 95 -80.39 -75.03 50.91
CA GLU K 95 -80.60 -75.94 52.03
C GLU K 95 -79.29 -76.58 52.50
N GLU K 96 -78.25 -76.50 51.68
CA GLU K 96 -76.96 -77.06 52.07
C GLU K 96 -76.24 -76.15 53.07
N VAL K 97 -76.57 -74.87 53.07
CA VAL K 97 -75.85 -73.89 53.87
C VAL K 97 -76.71 -73.34 55.01
N GLU K 98 -77.79 -74.04 55.37
CA GLU K 98 -78.59 -73.63 56.52
C GLU K 98 -77.92 -73.97 57.83
N GLN K 99 -76.88 -74.80 57.81
CA GLN K 99 -76.14 -75.12 59.03
C GLN K 99 -75.25 -73.97 59.47
N PHE K 100 -74.91 -73.07 58.56
CA PHE K 100 -73.99 -71.98 58.83
C PHE K 100 -74.68 -70.63 59.02
N ARG K 101 -76.01 -70.60 58.95
CA ARG K 101 -76.74 -69.34 59.09
C ARG K 101 -76.79 -68.87 60.53
N MET L 1 -79.32 -21.50 66.94
CA MET L 1 -79.12 -22.77 67.62
C MET L 1 -80.31 -23.15 68.46
N GLN L 2 -80.40 -24.43 68.80
CA GLN L 2 -81.40 -24.94 69.71
C GLN L 2 -80.70 -25.67 70.85
N MET L 3 -81.32 -25.68 72.02
CA MET L 3 -80.85 -26.48 73.13
C MET L 3 -81.44 -27.88 73.02
N ALA L 4 -80.59 -28.88 73.13
CA ALA L 4 -81.01 -30.26 73.00
C ALA L 4 -80.29 -31.10 74.04
N LYS L 5 -80.92 -32.21 74.41
CA LYS L 5 -80.36 -33.18 75.33
C LYS L 5 -79.96 -34.43 74.54
N VAL L 6 -78.75 -34.93 74.80
CA VAL L 6 -78.23 -36.11 74.13
C VAL L 6 -78.99 -37.32 74.68
N CYS L 7 -79.84 -37.93 73.85
CA CYS L 7 -80.61 -39.07 74.32
C CYS L 7 -80.06 -40.38 73.78
N GLY L 8 -79.23 -40.35 72.75
CA GLY L 8 -78.66 -41.58 72.28
C GLY L 8 -77.79 -41.39 71.05
N THR L 9 -77.46 -42.52 70.44
CA THR L 9 -76.60 -42.58 69.27
C THR L 9 -77.33 -43.27 68.13
N VAL L 10 -77.00 -42.88 66.90
CA VAL L 10 -77.50 -43.53 65.69
C VAL L 10 -76.29 -44.03 64.92
N VAL L 11 -76.27 -45.33 64.64
CA VAL L 11 -75.19 -45.95 63.89
C VAL L 11 -75.76 -46.41 62.55
N GLY L 12 -75.17 -45.94 61.47
CA GLY L 12 -75.49 -46.43 60.16
C GLY L 12 -74.26 -46.94 59.45
N THR L 13 -74.29 -48.19 58.98
CA THR L 13 -73.14 -48.76 58.29
C THR L 13 -73.20 -48.54 56.79
N GLN L 14 -74.38 -48.63 56.20
CA GLN L 14 -74.57 -48.40 54.78
C GLN L 14 -74.93 -46.93 54.58
N LYS L 15 -73.95 -46.14 54.17
CA LYS L 15 -74.11 -44.69 54.12
C LYS L 15 -73.29 -44.14 52.96
N LEU L 16 -73.30 -42.82 52.83
CA LEU L 16 -72.45 -42.17 51.86
C LEU L 16 -71.00 -42.20 52.31
N PRO L 17 -70.04 -42.20 51.36
CA PRO L 17 -68.63 -42.19 51.76
C PRO L 17 -68.20 -40.91 52.47
N SER L 18 -68.89 -39.79 52.21
CA SER L 18 -68.59 -38.55 52.90
C SER L 18 -69.21 -38.51 54.30
N MET L 19 -70.03 -39.49 54.65
CA MET L 19 -70.58 -39.60 55.99
C MET L 19 -69.72 -40.49 56.89
N THR L 20 -68.53 -40.87 56.46
CA THR L 20 -67.68 -41.77 57.22
C THR L 20 -66.88 -41.00 58.25
N GLY L 21 -66.89 -41.48 59.49
CA GLY L 21 -66.24 -40.81 60.58
C GLY L 21 -67.08 -39.79 61.30
N VAL L 22 -68.30 -39.54 60.82
CA VAL L 22 -69.21 -38.58 61.42
C VAL L 22 -69.96 -39.29 62.55
N LYS L 23 -69.78 -38.81 63.77
CA LYS L 23 -70.46 -39.37 64.92
C LYS L 23 -71.87 -38.77 65.00
N LEU L 24 -72.88 -39.64 65.00
CA LEU L 24 -74.27 -39.23 64.91
C LEU L 24 -74.95 -39.40 66.26
N LEU L 25 -75.44 -38.31 66.81
CA LEU L 25 -76.11 -38.29 68.11
C LEU L 25 -77.60 -38.04 67.93
N LEU L 26 -78.40 -38.81 68.63
CA LEU L 26 -79.84 -38.60 68.70
C LEU L 26 -80.10 -37.61 69.82
N LEU L 27 -80.53 -36.40 69.47
CA LEU L 27 -80.74 -35.33 70.44
C LEU L 27 -82.22 -34.98 70.47
N GLN L 28 -82.81 -35.02 71.66
CA GLN L 28 -84.17 -34.53 71.86
C GLN L 28 -84.10 -33.08 72.27
N PHE L 29 -84.96 -32.25 71.67
CA PHE L 29 -84.96 -30.84 71.97
C PHE L 29 -85.62 -30.57 73.32
N ILE L 30 -85.05 -29.63 74.04
CA ILE L 30 -85.57 -29.17 75.33
C ILE L 30 -86.02 -27.73 75.16
N ASP L 31 -87.03 -27.33 75.94
CA ASP L 31 -87.58 -25.99 75.76
C ASP L 31 -86.74 -24.97 76.54
N ALA L 32 -87.22 -23.73 76.57
CA ALA L 32 -86.52 -22.67 77.29
C ALA L 32 -86.64 -22.83 78.80
N ASN L 33 -87.62 -23.61 79.26
CA ASN L 33 -87.77 -23.83 80.70
C ASN L 33 -87.06 -25.11 81.14
N GLY L 34 -86.65 -25.96 80.20
CA GLY L 34 -85.87 -27.14 80.50
C GLY L 34 -86.57 -28.48 80.33
N GLU L 35 -87.84 -28.49 79.93
CA GLU L 35 -88.56 -29.74 79.74
C GLU L 35 -88.34 -30.27 78.32
N LEU L 36 -88.48 -31.58 78.18
CA LEU L 36 -88.22 -32.24 76.90
C LEU L 36 -89.37 -31.99 75.94
N LEU L 37 -89.05 -31.46 74.77
CA LEU L 37 -90.04 -31.28 73.71
C LEU L 37 -90.20 -32.58 72.92
N PRO L 38 -91.38 -32.82 72.35
CA PRO L 38 -91.56 -33.99 71.46
C PRO L 38 -91.04 -33.73 70.04
N LYS L 39 -89.74 -33.42 69.96
CA LYS L 39 -89.07 -33.12 68.71
C LYS L 39 -87.61 -33.47 68.88
N TYR L 40 -87.04 -34.14 67.88
CA TYR L 40 -85.68 -34.65 67.96
C TYR L 40 -84.88 -34.19 66.75
N GLU L 41 -83.61 -34.57 66.76
CA GLU L 41 -82.69 -34.34 65.66
C GLU L 41 -81.59 -35.38 65.72
N VAL L 42 -81.00 -35.67 64.58
CA VAL L 42 -79.76 -36.43 64.50
C VAL L 42 -78.70 -35.47 63.99
N ALA L 43 -77.65 -35.28 64.79
CA ALA L 43 -76.65 -34.26 64.49
C ALA L 43 -75.25 -34.86 64.55
N ALA L 44 -74.36 -34.27 63.76
CA ALA L 44 -72.94 -34.55 63.89
C ALA L 44 -72.41 -33.96 65.19
N ASP L 45 -71.39 -34.62 65.74
CA ASP L 45 -70.86 -34.28 67.06
C ASP L 45 -69.34 -34.12 66.99
N PRO L 46 -68.85 -32.93 66.60
CA PRO L 46 -67.41 -32.69 66.70
C PRO L 46 -66.95 -32.40 68.11
N VAL L 47 -67.77 -31.70 68.88
CA VAL L 47 -67.50 -31.44 70.29
C VAL L 47 -68.01 -32.63 71.06
N GLY L 48 -67.09 -33.39 71.67
CA GLY L 48 -67.42 -34.73 72.16
C GLY L 48 -68.41 -34.72 73.30
N ALA L 49 -69.65 -35.14 73.03
CA ALA L 49 -70.75 -35.03 73.97
C ALA L 49 -71.33 -36.41 74.23
N GLY L 50 -71.55 -36.74 75.50
CA GLY L 50 -72.09 -38.01 75.89
C GLY L 50 -73.56 -37.92 76.27
N LEU L 51 -74.11 -39.08 76.63
CA LEU L 51 -75.54 -39.20 76.86
C LEU L 51 -75.96 -38.49 78.13
N GLY L 52 -77.04 -37.70 78.03
CA GLY L 52 -77.52 -36.90 79.12
C GLY L 52 -77.08 -35.46 79.09
N GLU L 53 -76.11 -35.11 78.26
CA GLU L 53 -75.55 -33.78 78.22
C GLU L 53 -76.49 -32.81 77.51
N TRP L 54 -76.39 -31.54 77.88
CA TRP L 54 -77.10 -30.45 77.22
C TRP L 54 -76.19 -29.84 76.17
N VAL L 55 -76.65 -29.78 74.93
CA VAL L 55 -75.84 -29.32 73.83
C VAL L 55 -76.58 -28.23 73.08
N LEU L 56 -75.81 -27.38 72.39
CA LEU L 56 -76.34 -26.47 71.40
C LEU L 56 -76.15 -27.09 70.02
N VAL L 57 -77.23 -27.23 69.28
CA VAL L 57 -77.21 -27.80 67.94
C VAL L 57 -77.73 -26.76 66.96
N ASN L 58 -77.01 -26.59 65.85
CA ASN L 58 -77.45 -25.68 64.81
C ASN L 58 -78.18 -26.48 63.72
N ARG L 59 -78.69 -25.77 62.73
CA ARG L 59 -79.45 -26.40 61.66
C ARG L 59 -79.01 -25.79 60.34
N GLY L 60 -79.08 -26.59 59.29
CA GLY L 60 -78.87 -26.08 57.95
C GLY L 60 -77.44 -26.05 57.50
N SER L 61 -77.08 -25.02 56.73
CA SER L 61 -75.74 -24.89 56.16
C SER L 61 -74.70 -24.47 57.17
N ALA L 62 -75.11 -24.12 58.40
CA ALA L 62 -74.18 -23.82 59.47
C ALA L 62 -73.48 -25.07 59.98
N ALA L 63 -74.03 -26.26 59.72
CA ALA L 63 -73.38 -27.50 60.09
C ALA L 63 -72.17 -27.81 59.24
N ARG L 64 -71.97 -27.10 58.13
CA ARG L 64 -70.87 -27.33 57.21
C ARG L 64 -69.80 -26.25 57.30
N GLN L 65 -69.63 -25.62 58.46
CA GLN L 65 -68.72 -24.49 58.60
C GLN L 65 -67.46 -24.82 59.38
N THR L 66 -67.36 -26.02 59.94
CA THR L 66 -66.27 -26.36 60.85
C THR L 66 -65.05 -26.93 60.14
N GLU L 67 -64.93 -26.69 58.84
CA GLU L 67 -63.80 -26.95 57.93
C GLU L 67 -63.42 -28.44 57.78
N TYR L 68 -64.10 -29.33 58.48
CA TYR L 68 -64.03 -30.76 58.15
C TYR L 68 -65.41 -31.34 57.89
N HIS L 69 -66.45 -30.52 57.91
CA HIS L 69 -67.79 -30.90 57.50
C HIS L 69 -68.24 -30.16 56.24
N GLN L 70 -67.29 -29.63 55.47
CA GLN L 70 -67.60 -28.62 54.46
C GLN L 70 -68.33 -29.20 53.27
N ASN L 71 -67.91 -30.37 52.80
CA ASN L 71 -68.54 -31.02 51.65
C ASN L 71 -69.31 -32.26 52.06
N ARG L 72 -69.67 -32.34 53.34
CA ARG L 72 -70.41 -33.43 53.96
C ARG L 72 -71.89 -33.10 53.99
N PRO L 73 -72.75 -34.07 53.70
CA PRO L 73 -74.20 -33.82 53.67
C PRO L 73 -74.83 -33.78 55.06
N LEU L 74 -74.49 -32.75 55.82
CA LEU L 74 -74.94 -32.58 57.20
C LEU L 74 -75.78 -31.32 57.30
N ASP L 75 -76.91 -31.43 58.00
CA ASP L 75 -77.78 -30.28 58.24
C ASP L 75 -78.01 -30.04 59.72
N ALA L 76 -77.24 -30.66 60.59
CA ALA L 76 -77.34 -30.46 62.03
C ALA L 76 -76.01 -30.84 62.64
N MET L 77 -75.60 -30.09 63.66
CA MET L 77 -74.28 -30.27 64.26
C MET L 77 -74.29 -29.72 65.67
N VAL L 78 -73.78 -30.50 66.62
CA VAL L 78 -73.53 -29.98 67.95
C VAL L 78 -72.36 -29.02 67.90
N VAL L 79 -72.61 -27.76 68.25
CA VAL L 79 -71.56 -26.75 68.22
C VAL L 79 -70.99 -26.46 69.61
N ALA L 80 -71.71 -26.78 70.67
CA ALA L 80 -71.27 -26.46 72.02
C ALA L 80 -71.92 -27.42 72.99
N ILE L 81 -71.18 -27.79 74.01
CA ILE L 81 -71.73 -28.43 75.19
C ILE L 81 -72.13 -27.33 76.16
N ILE L 82 -73.38 -27.33 76.59
CA ILE L 82 -73.88 -26.26 77.45
C ILE L 82 -73.29 -26.42 78.85
N ASP L 83 -72.62 -25.37 79.32
CA ASP L 83 -72.16 -25.32 80.70
C ASP L 83 -73.27 -24.86 81.63
N THR L 84 -73.86 -23.71 81.35
CA THR L 84 -74.89 -23.16 82.21
C THR L 84 -75.89 -22.35 81.38
N VAL L 85 -77.15 -22.39 81.80
CA VAL L 85 -78.21 -21.58 81.22
C VAL L 85 -78.79 -20.72 82.33
N THR L 86 -78.72 -19.40 82.15
CA THR L 86 -79.25 -18.45 83.09
C THR L 86 -80.47 -17.80 82.47
N VAL L 87 -81.64 -17.98 83.09
CA VAL L 87 -82.89 -17.40 82.61
C VAL L 87 -83.40 -16.42 83.64
N ASN L 88 -83.54 -15.15 83.24
CA ASN L 88 -84.03 -14.05 84.09
C ASN L 88 -83.17 -13.89 85.35
N ASN L 89 -81.85 -13.91 85.16
CA ASN L 89 -80.80 -13.86 86.17
C ASN L 89 -80.85 -15.03 87.15
N ARG L 90 -81.57 -16.10 86.82
CA ARG L 90 -81.63 -17.30 87.65
C ARG L 90 -81.03 -18.45 86.87
N ARG L 91 -80.12 -19.18 87.50
CA ARG L 91 -79.46 -20.31 86.84
C ARG L 91 -80.44 -21.45 86.66
N LEU L 92 -80.73 -21.79 85.40
CA LEU L 92 -81.59 -22.91 85.06
C LEU L 92 -80.85 -24.23 85.00
N TYR L 93 -79.60 -24.21 84.51
CA TYR L 93 -78.82 -25.42 84.30
C TYR L 93 -77.40 -25.17 84.74
N GLY L 94 -76.76 -26.22 85.26
CA GLY L 94 -75.38 -26.13 85.68
C GLY L 94 -75.19 -25.67 87.10
N ALA M 2 30.90 -26.09 107.18
CA ALA M 2 30.07 -26.90 108.05
C ALA M 2 29.38 -28.02 107.28
N VAL M 3 28.30 -28.55 107.86
CA VAL M 3 27.48 -29.57 107.22
C VAL M 3 26.80 -28.96 106.00
N ALA M 4 26.75 -29.72 104.90
CA ALA M 4 26.33 -29.21 103.60
C ALA M 4 24.87 -28.76 103.60
N VAL M 5 24.59 -27.75 102.78
CA VAL M 5 23.26 -27.16 102.65
C VAL M 5 22.74 -27.47 101.26
N GLY M 6 21.51 -27.92 101.18
CA GLY M 6 20.80 -28.03 99.92
C GLY M 6 19.55 -27.20 99.95
N MET M 7 19.27 -26.54 98.84
CA MET M 7 18.11 -25.66 98.71
C MET M 7 17.40 -25.95 97.40
N ILE M 8 16.09 -26.09 97.45
CA ILE M 8 15.26 -26.15 96.25
C ILE M 8 14.21 -25.05 96.38
N GLU M 9 14.23 -24.12 95.43
CA GLU M 9 13.23 -23.07 95.37
C GLU M 9 12.17 -23.40 94.34
N THR M 10 10.92 -23.46 94.76
CA THR M 10 9.82 -23.75 93.87
C THR M 10 8.85 -22.57 93.84
N LEU M 11 8.04 -22.53 92.80
CA LEU M 11 6.95 -21.58 92.66
C LEU M 11 5.68 -22.32 93.07
N GLY M 12 5.30 -22.22 94.33
CA GLY M 12 4.13 -22.91 94.81
C GLY M 12 4.38 -23.79 96.02
N PHE M 13 3.40 -23.87 96.91
CA PHE M 13 3.50 -24.69 98.12
C PHE M 13 3.28 -26.19 97.92
N PRO M 14 2.39 -26.68 97.03
CA PRO M 14 2.41 -28.13 96.76
C PRO M 14 3.71 -28.61 96.12
N ALA M 15 4.41 -27.76 95.38
CA ALA M 15 5.66 -28.16 94.77
C ALA M 15 6.79 -28.19 95.79
N VAL M 16 6.67 -27.39 96.87
CA VAL M 16 7.78 -27.30 97.82
C VAL M 16 7.65 -28.39 98.87
N VAL M 17 6.44 -28.93 99.05
CA VAL M 17 6.26 -30.04 99.98
C VAL M 17 6.69 -31.34 99.30
N GLU M 18 6.44 -31.47 97.99
CA GLU M 18 6.98 -32.60 97.24
C GLU M 18 8.50 -32.51 97.12
N ALA M 19 9.04 -31.30 97.02
CA ALA M 19 10.50 -31.13 97.05
C ALA M 19 11.06 -31.51 98.41
N ALA M 20 10.40 -31.10 99.49
CA ALA M 20 10.87 -31.45 100.82
C ALA M 20 10.69 -32.92 101.12
N ASP M 21 9.64 -33.54 100.58
CA ASP M 21 9.37 -34.95 100.87
C ASP M 21 10.28 -35.86 100.06
N ALA M 22 10.55 -35.51 98.81
CA ALA M 22 11.42 -36.36 97.99
C ALA M 22 12.89 -36.21 98.40
N MET M 23 13.24 -35.10 99.04
CA MET M 23 14.63 -34.91 99.45
C MET M 23 14.98 -35.79 100.63
N VAL M 24 14.13 -35.82 101.65
CA VAL M 24 14.44 -36.61 102.84
C VAL M 24 14.12 -38.08 102.61
N LYS M 25 13.46 -38.42 101.50
CA LYS M 25 13.21 -39.82 101.18
C LYS M 25 14.28 -40.38 100.24
N ALA M 26 14.99 -39.51 99.51
CA ALA M 26 16.00 -40.00 98.59
C ALA M 26 17.30 -40.33 99.30
N ALA M 27 17.61 -39.60 100.37
CA ALA M 27 18.89 -39.78 101.05
C ALA M 27 18.73 -39.40 102.51
N ARG M 28 19.82 -39.53 103.27
CA ARG M 28 19.84 -39.24 104.69
C ARG M 28 20.22 -37.77 104.88
N VAL M 29 19.23 -36.92 104.64
CA VAL M 29 19.34 -35.49 104.89
C VAL M 29 18.31 -35.10 105.93
N THR M 30 18.52 -33.95 106.54
CA THR M 30 17.59 -33.40 107.52
C THR M 30 17.00 -32.11 106.97
N LEU M 31 15.70 -32.13 106.69
CA LEU M 31 14.98 -30.92 106.36
C LEU M 31 14.92 -30.02 107.58
N VAL M 32 15.59 -28.87 107.50
CA VAL M 32 15.69 -27.98 108.65
C VAL M 32 14.91 -26.69 108.45
N GLY M 33 14.60 -26.30 107.23
CA GLY M 33 14.15 -24.96 106.97
C GLY M 33 13.07 -24.91 105.93
N TYR M 34 12.35 -23.80 105.92
CA TYR M 34 11.21 -23.57 105.03
C TYR M 34 11.06 -22.07 104.91
N GLU M 35 11.41 -21.53 103.74
CA GLU M 35 11.63 -20.10 103.60
C GLU M 35 10.73 -19.52 102.52
N LYS M 36 9.99 -18.48 102.87
CA LYS M 36 9.15 -17.74 101.93
C LYS M 36 9.74 -16.34 101.76
N ILE M 37 9.94 -15.93 100.52
CA ILE M 37 10.52 -14.64 100.20
C ILE M 37 9.58 -13.78 99.37
N GLY M 38 8.35 -14.22 99.15
CA GLY M 38 7.39 -13.46 98.39
C GLY M 38 7.28 -13.93 96.95
N THR M 39 6.18 -13.50 96.31
CA THR M 39 5.73 -13.90 94.97
C THR M 39 5.69 -15.41 94.76
N GLY M 40 5.32 -16.17 95.78
CA GLY M 40 5.20 -17.60 95.64
C GLY M 40 6.50 -18.37 95.62
N ARG M 41 7.64 -17.69 95.71
CA ARG M 41 8.94 -18.35 95.73
C ARG M 41 9.16 -18.93 97.13
N VAL M 42 9.09 -20.26 97.23
CA VAL M 42 9.23 -20.97 98.49
C VAL M 42 10.46 -21.85 98.40
N THR M 43 11.26 -21.86 99.46
CA THR M 43 12.50 -22.62 99.50
C THR M 43 12.51 -23.51 100.73
N VAL M 44 12.84 -24.79 100.53
CA VAL M 44 13.11 -25.73 101.61
C VAL M 44 14.61 -25.98 101.66
N ILE M 45 15.13 -26.11 102.88
CA ILE M 45 16.56 -26.21 103.14
C ILE M 45 16.82 -27.54 103.83
N VAL M 46 17.70 -28.36 103.25
CA VAL M 46 18.10 -29.61 103.86
C VAL M 46 19.56 -29.52 104.28
N ARG M 47 19.92 -30.28 105.31
CA ARG M 47 21.29 -30.41 105.76
C ARG M 47 21.69 -31.87 105.76
N GLY M 48 22.96 -32.13 105.54
CA GLY M 48 23.46 -33.49 105.59
C GLY M 48 24.85 -33.56 105.00
N ASP M 49 25.30 -34.79 104.77
CA ASP M 49 26.55 -35.02 104.09
C ASP M 49 26.43 -34.63 102.62
N VAL M 50 27.57 -34.41 101.98
CA VAL M 50 27.60 -33.91 100.61
C VAL M 50 27.04 -34.95 99.65
N SER M 51 27.31 -36.23 99.91
CA SER M 51 26.75 -37.29 99.09
C SER M 51 25.24 -37.39 99.23
N GLU M 52 24.73 -37.16 100.43
CA GLU M 52 23.29 -37.21 100.65
C GLU M 52 22.58 -35.99 100.10
N VAL M 53 23.20 -34.81 100.26
CA VAL M 53 22.57 -33.57 99.81
C VAL M 53 22.54 -33.50 98.29
N GLN M 54 23.62 -33.96 97.63
CA GLN M 54 23.65 -34.00 96.17
C GLN M 54 22.63 -34.99 95.62
N ALA M 55 22.42 -36.10 96.31
CA ALA M 55 21.42 -37.07 95.86
C ALA M 55 20.01 -36.56 96.12
N SER M 56 19.80 -35.85 97.23
CA SER M 56 18.47 -35.40 97.58
C SER M 56 18.01 -34.26 96.69
N VAL M 57 18.88 -33.28 96.44
CA VAL M 57 18.51 -32.11 95.65
C VAL M 57 18.28 -32.51 94.19
N SER M 58 19.07 -33.45 93.68
CA SER M 58 18.89 -33.90 92.30
C SER M 58 17.64 -34.75 92.15
N ALA M 59 17.31 -35.57 93.14
CA ALA M 59 16.08 -36.35 93.09
C ALA M 59 14.88 -35.49 93.46
N GLY M 60 15.08 -34.49 94.31
CA GLY M 60 13.99 -33.59 94.64
C GLY M 60 13.62 -32.64 93.51
N THR M 61 14.56 -32.38 92.60
CA THR M 61 14.26 -31.49 91.48
C THR M 61 13.41 -32.19 90.43
N GLU M 62 13.68 -33.47 90.18
CA GLU M 62 12.91 -34.21 89.19
C GLU M 62 11.51 -34.54 89.70
N SER M 63 11.34 -34.66 91.01
CA SER M 63 10.04 -35.01 91.57
C SER M 63 9.05 -33.85 91.50
N VAL M 64 9.54 -32.61 91.53
CA VAL M 64 8.67 -31.44 91.39
C VAL M 64 8.07 -31.35 90.00
N LYS M 65 8.77 -31.79 88.97
CA LYS M 65 8.19 -31.86 87.63
C LYS M 65 7.45 -33.17 87.41
N ARG M 66 6.63 -33.53 88.40
CA ARG M 66 5.65 -34.61 88.34
C ARG M 66 4.42 -34.10 89.08
N VAL M 67 4.51 -32.86 89.55
CA VAL M 67 3.41 -32.15 90.19
C VAL M 67 2.80 -31.21 89.16
N ASN M 68 1.47 -31.22 89.05
CA ASN M 68 0.79 -30.29 88.17
C ASN M 68 0.85 -28.89 88.77
N GLY M 69 1.34 -27.94 87.99
CA GLY M 69 1.56 -26.60 88.52
C GLY M 69 2.84 -26.44 89.30
N GLY M 70 3.71 -27.44 89.27
CA GLY M 70 4.97 -27.40 89.98
C GLY M 70 6.08 -26.89 89.08
N GLN M 71 6.89 -25.99 89.62
CA GLN M 71 7.96 -25.34 88.87
C GLN M 71 9.16 -25.11 89.78
N VAL M 72 10.28 -25.74 89.43
CA VAL M 72 11.54 -25.51 90.14
C VAL M 72 12.10 -24.18 89.66
N LEU M 73 12.31 -23.25 90.58
CA LEU M 73 12.89 -21.97 90.22
C LEU M 73 14.41 -21.99 90.33
N SER M 74 14.92 -22.51 91.43
CA SER M 74 16.35 -22.46 91.68
C SER M 74 16.74 -23.57 92.65
N THR M 75 17.78 -24.31 92.29
CA THR M 75 18.36 -25.33 93.17
C THR M 75 19.82 -25.02 93.36
N HIS M 76 20.34 -25.33 94.56
CA HIS M 76 21.76 -25.15 94.83
C HIS M 76 22.19 -26.05 95.97
N ILE M 77 23.44 -26.47 95.92
CA ILE M 77 24.10 -27.23 96.97
C ILE M 77 25.37 -26.50 97.36
N ILE M 78 25.51 -26.17 98.64
CA ILE M 78 26.76 -25.66 99.19
C ILE M 78 27.36 -26.75 100.06
N ALA M 79 28.48 -27.32 99.60
CA ALA M 79 29.02 -28.53 100.22
C ALA M 79 29.67 -28.24 101.56
N ARG M 80 30.26 -27.06 101.71
CA ARG M 80 30.93 -26.69 102.96
C ARG M 80 30.64 -25.22 103.22
N PRO M 81 29.49 -24.92 103.84
CA PRO M 81 29.17 -23.52 104.12
C PRO M 81 30.00 -22.99 105.26
N HIS M 82 30.22 -21.68 105.24
CA HIS M 82 30.89 -20.99 106.32
C HIS M 82 30.01 -20.99 107.56
N GLU M 83 30.64 -21.01 108.73
CA GLU M 83 29.91 -21.01 109.98
C GLU M 83 29.28 -19.65 110.28
N ASN M 84 29.63 -18.60 109.54
CA ASN M 84 28.94 -17.32 109.61
C ASN M 84 27.50 -17.43 109.11
N LEU M 85 27.24 -18.31 108.15
CA LEU M 85 25.94 -18.34 107.48
C LEU M 85 24.85 -18.94 108.34
N GLU M 86 25.21 -19.77 109.32
CA GLU M 86 24.20 -20.41 110.15
C GLU M 86 23.56 -19.41 111.10
N TYR M 87 24.30 -18.37 111.49
CA TYR M 87 23.76 -17.42 112.46
C TYR M 87 22.95 -16.32 111.79
N VAL M 88 23.14 -16.14 110.48
CA VAL M 88 22.43 -15.07 109.77
C VAL M 88 21.28 -15.65 108.96
N LEU M 89 21.54 -16.68 108.21
CA LEU M 89 20.56 -17.27 107.31
C LEU M 89 19.81 -18.40 108.00
N PRO M 90 18.53 -18.62 107.66
CA PRO M 90 17.77 -19.73 108.26
C PRO M 90 18.07 -21.09 107.64
N ILE M 91 19.33 -21.52 107.74
CA ILE M 91 19.78 -22.80 107.24
C ILE M 91 20.27 -23.71 108.34
N ARG M 92 20.04 -23.35 109.60
CA ARG M 92 20.67 -24.07 110.70
C ARG M 92 19.72 -25.10 111.30
N TYR M 93 20.30 -26.01 112.07
CA TYR M 93 19.51 -26.98 112.80
C TYR M 93 18.79 -26.31 113.96
N THR M 94 17.48 -26.50 114.02
CA THR M 94 16.70 -26.08 115.17
C THR M 94 16.41 -27.28 116.07
N GLU M 95 15.83 -27.01 117.24
CA GLU M 95 15.64 -28.07 118.23
C GLU M 95 14.48 -28.97 117.88
N GLU M 96 13.65 -28.58 116.91
CA GLU M 96 12.55 -29.44 116.49
C GLU M 96 13.04 -30.54 115.56
N VAL M 97 14.19 -30.35 114.94
CA VAL M 97 14.72 -31.29 113.96
C VAL M 97 16.01 -31.96 114.44
N GLU M 98 16.27 -31.94 115.74
CA GLU M 98 17.49 -32.57 116.24
C GLU M 98 17.39 -34.08 116.30
N GLN M 99 16.18 -34.64 116.19
CA GLN M 99 16.03 -36.09 116.19
C GLN M 99 16.37 -36.70 114.83
N PHE M 100 16.35 -35.91 113.77
CA PHE M 100 16.60 -36.41 112.43
C PHE M 100 18.04 -36.23 111.99
N ARG M 101 18.88 -35.56 112.77
CA ARG M 101 20.27 -35.34 112.39
C ARG M 101 21.09 -36.63 112.52
N ALA N 2 31.87 4.62 109.32
CA ALA N 2 32.04 3.37 110.05
C ALA N 2 32.73 2.32 109.19
N VAL N 3 32.74 1.08 109.68
CA VAL N 3 33.21 -0.06 108.91
C VAL N 3 32.31 -0.25 107.69
N ALA N 4 32.92 -0.51 106.54
CA ALA N 4 32.23 -0.52 105.25
C ALA N 4 31.16 -1.60 105.19
N VAL N 5 30.14 -1.37 104.37
CA VAL N 5 29.01 -2.27 104.23
C VAL N 5 28.85 -2.63 102.76
N GLY N 6 28.71 -3.91 102.48
CA GLY N 6 28.42 -4.37 101.13
C GLY N 6 27.12 -5.15 101.10
N MET N 7 26.32 -4.89 100.06
CA MET N 7 25.02 -5.50 99.92
C MET N 7 24.92 -6.13 98.54
N ILE N 8 24.48 -7.38 98.49
CA ILE N 8 24.14 -8.04 97.24
C ILE N 8 22.67 -8.41 97.31
N GLU N 9 21.88 -7.87 96.38
CA GLU N 9 20.48 -8.24 96.26
C GLU N 9 20.33 -9.24 95.12
N THR N 10 19.73 -10.39 95.41
CA THR N 10 19.46 -11.40 94.40
C THR N 10 17.96 -11.65 94.32
N LEU N 11 17.54 -12.24 93.21
CA LEU N 11 16.18 -12.71 93.03
C LEU N 11 16.18 -14.20 93.35
N GLY N 12 15.76 -14.55 94.56
CA GLY N 12 15.75 -15.93 94.96
C GLY N 12 16.63 -16.22 96.17
N PHE N 13 16.16 -17.13 97.01
CA PHE N 13 16.89 -17.54 98.21
C PHE N 13 18.08 -18.48 97.98
N PRO N 14 18.07 -19.47 97.06
CA PRO N 14 19.32 -20.22 96.83
C PRO N 14 20.43 -19.39 96.23
N ALA N 15 20.12 -18.29 95.55
CA ALA N 15 21.17 -17.44 95.02
C ALA N 15 21.78 -16.54 96.09
N VAL N 16 21.02 -16.26 97.16
CA VAL N 16 21.50 -15.32 98.15
C VAL N 16 22.33 -16.04 99.21
N VAL N 17 22.21 -17.38 99.29
CA VAL N 17 23.03 -18.14 100.22
C VAL N 17 24.37 -18.46 99.58
N GLU N 18 24.38 -18.67 98.27
CA GLU N 18 25.63 -18.85 97.55
C GLU N 18 26.40 -17.54 97.44
N ALA N 19 25.69 -16.43 97.28
CA ALA N 19 26.33 -15.12 97.31
C ALA N 19 26.90 -14.82 98.69
N ALA N 20 26.20 -15.21 99.75
CA ALA N 20 26.70 -14.96 101.10
C ALA N 20 27.84 -15.91 101.44
N ASP N 21 27.82 -17.13 100.91
CA ASP N 21 28.90 -18.07 101.18
C ASP N 21 30.15 -17.71 100.39
N ALA N 22 29.98 -17.13 99.21
CA ALA N 22 31.15 -16.71 98.43
C ALA N 22 31.78 -15.47 99.00
N MET N 23 30.99 -14.62 99.67
CA MET N 23 31.51 -13.35 100.18
C MET N 23 32.43 -13.57 101.37
N VAL N 24 32.01 -14.41 102.32
CA VAL N 24 32.78 -14.56 103.55
C VAL N 24 33.95 -15.51 103.35
N LYS N 25 33.99 -16.20 102.22
CA LYS N 25 35.16 -17.02 101.89
C LYS N 25 36.19 -16.23 101.10
N ALA N 26 35.74 -15.24 100.32
CA ALA N 26 36.64 -14.53 99.44
C ALA N 26 37.52 -13.53 100.20
N ALA N 27 37.01 -12.96 101.28
CA ALA N 27 37.74 -11.92 102.00
C ALA N 27 37.34 -11.94 103.47
N ARG N 28 37.98 -11.06 104.24
CA ARG N 28 37.74 -10.96 105.68
C ARG N 28 36.56 -10.03 105.95
N VAL N 29 35.39 -10.48 105.52
CA VAL N 29 34.14 -9.77 105.78
C VAL N 29 33.32 -10.61 106.74
N THR N 30 32.40 -9.94 107.42
CA THR N 30 31.46 -10.60 108.31
C THR N 30 30.06 -10.43 107.76
N LEU N 31 29.41 -11.54 107.41
CA LEU N 31 28.00 -11.51 107.09
C LEU N 31 27.22 -11.18 108.35
N VAL N 32 26.52 -10.04 108.33
CA VAL N 32 25.81 -9.57 109.51
C VAL N 32 24.31 -9.52 109.31
N GLY N 33 23.83 -9.51 108.07
CA GLY N 33 22.46 -9.12 107.82
C GLY N 33 21.84 -9.95 106.73
N TYR N 34 20.52 -9.92 106.68
CA TYR N 34 19.73 -10.73 105.77
C TYR N 34 18.35 -10.09 105.69
N GLU N 35 18.00 -9.57 104.52
CA GLU N 35 16.83 -8.72 104.41
C GLU N 35 15.92 -9.20 103.27
N LYS N 36 14.63 -9.26 103.56
CA LYS N 36 13.60 -9.58 102.58
C LYS N 36 12.68 -8.38 102.44
N ILE N 37 12.50 -7.91 101.21
CA ILE N 37 11.71 -6.71 100.94
C ILE N 37 10.54 -6.99 100.02
N GLY N 38 10.32 -8.24 99.63
CA GLY N 38 9.22 -8.59 98.75
C GLY N 38 9.66 -8.82 97.32
N THR N 39 8.75 -9.39 96.54
CA THR N 39 8.96 -9.91 95.17
C THR N 39 10.17 -10.81 95.03
N GLY N 40 10.50 -11.58 96.06
CA GLY N 40 11.68 -12.42 96.01
C GLY N 40 13.00 -11.71 96.05
N ARG N 41 13.01 -10.40 96.32
CA ARG N 41 14.25 -9.63 96.39
C ARG N 41 14.86 -9.82 97.77
N VAL N 42 15.96 -10.56 97.82
CA VAL N 42 16.60 -10.92 99.07
C VAL N 42 18.00 -10.31 99.08
N THR N 43 18.39 -9.72 100.20
CA THR N 43 19.65 -9.00 100.32
C THR N 43 20.44 -9.54 101.49
N VAL N 44 21.72 -9.87 101.26
CA VAL N 44 22.67 -10.17 102.32
C VAL N 44 23.63 -9.02 102.48
N ILE N 45 24.04 -8.76 103.72
CA ILE N 45 24.81 -7.58 104.10
C ILE N 45 26.08 -8.03 104.79
N VAL N 46 27.23 -7.64 104.24
CA VAL N 46 28.52 -7.94 104.85
C VAL N 46 29.14 -6.66 105.36
N ARG N 47 29.97 -6.80 106.39
CA ARG N 47 30.75 -5.70 106.93
C ARG N 47 32.22 -6.05 106.93
N GLY N 48 33.06 -5.06 106.66
CA GLY N 48 34.49 -5.27 106.70
C GLY N 48 35.20 -4.02 106.23
N ASP N 49 36.50 -4.16 106.02
CA ASP N 49 37.24 -3.08 105.38
C ASP N 49 36.83 -2.96 103.92
N VAL N 50 37.01 -1.75 103.36
CA VAL N 50 36.47 -1.44 102.03
C VAL N 50 37.15 -2.27 100.95
N SER N 51 38.43 -2.61 101.12
CA SER N 51 39.10 -3.49 100.17
C SER N 51 38.59 -4.91 100.29
N GLU N 52 38.30 -5.35 101.52
CA GLU N 52 37.75 -6.69 101.71
C GLU N 52 36.30 -6.76 101.27
N VAL N 53 35.54 -5.69 101.46
CA VAL N 53 34.14 -5.68 101.07
C VAL N 53 34.02 -5.63 99.54
N GLN N 54 34.90 -4.87 98.88
CA GLN N 54 34.90 -4.82 97.42
C GLN N 54 35.31 -6.15 96.82
N ALA N 55 36.28 -6.83 97.44
CA ALA N 55 36.72 -8.12 96.93
C ALA N 55 35.67 -9.20 97.16
N SER N 56 34.90 -9.09 98.24
CA SER N 56 33.89 -10.09 98.54
C SER N 56 32.65 -9.91 97.68
N VAL N 57 32.20 -8.66 97.52
CA VAL N 57 30.97 -8.37 96.78
C VAL N 57 31.16 -8.71 95.30
N SER N 58 32.36 -8.48 94.77
CA SER N 58 32.67 -8.87 93.40
C SER N 58 32.68 -10.39 93.25
N ALA N 59 33.16 -11.11 94.26
CA ALA N 59 33.17 -12.56 94.18
C ALA N 59 31.80 -13.15 94.51
N GLY N 60 30.94 -12.37 95.17
CA GLY N 60 29.60 -12.85 95.46
C GLY N 60 28.68 -12.79 94.26
N THR N 61 28.92 -11.86 93.34
CA THR N 61 28.12 -11.79 92.12
C THR N 61 28.48 -12.89 91.14
N GLU N 62 29.76 -13.31 91.15
CA GLU N 62 30.20 -14.33 90.21
C GLU N 62 29.71 -15.71 90.59
N SER N 63 29.37 -15.91 91.87
CA SER N 63 28.90 -17.22 92.31
C SER N 63 27.41 -17.41 92.12
N VAL N 64 26.66 -16.31 91.90
CA VAL N 64 25.26 -16.44 91.56
C VAL N 64 25.08 -17.00 90.15
N LYS N 65 26.07 -16.80 89.28
CA LYS N 65 26.06 -17.43 87.96
C LYS N 65 26.21 -18.95 88.05
N ARG N 66 26.80 -19.46 89.14
CA ARG N 66 26.82 -20.91 89.36
C ARG N 66 25.43 -21.43 89.66
N VAL N 67 24.59 -20.62 90.32
CA VAL N 67 23.25 -21.05 90.67
C VAL N 67 22.35 -20.96 89.45
N ASN N 68 21.66 -22.05 89.14
CA ASN N 68 20.66 -22.03 88.09
C ASN N 68 19.40 -21.36 88.60
N GLY N 69 18.88 -20.40 87.83
CA GLY N 69 17.75 -19.64 88.29
C GLY N 69 18.10 -18.53 89.26
N GLY N 70 19.39 -18.25 89.43
CA GLY N 70 19.84 -17.16 90.30
C GLY N 70 20.20 -15.95 89.47
N GLN N 71 19.87 -14.77 90.01
CA GLN N 71 20.04 -13.52 89.31
C GLN N 71 20.34 -12.41 90.30
N VAL N 72 21.46 -11.71 90.11
CA VAL N 72 21.81 -10.56 90.93
C VAL N 72 21.01 -9.36 90.44
N LEU N 73 20.26 -8.73 91.33
CA LEU N 73 19.46 -7.58 90.96
C LEU N 73 20.23 -6.28 91.16
N SER N 74 20.85 -6.11 92.33
CA SER N 74 21.51 -4.87 92.66
C SER N 74 22.61 -5.14 93.67
N THR N 75 23.75 -4.49 93.48
CA THR N 75 24.84 -4.54 94.43
C THR N 75 25.33 -3.14 94.73
N HIS N 76 25.81 -2.94 95.95
CA HIS N 76 26.40 -1.65 96.31
C HIS N 76 27.36 -1.84 97.47
N ILE N 77 28.36 -0.97 97.53
CA ILE N 77 29.33 -0.90 98.61
C ILE N 77 29.38 0.54 99.10
N ILE N 78 29.17 0.73 100.40
CA ILE N 78 29.35 2.03 101.04
C ILE N 78 30.62 1.94 101.86
N ALA N 79 31.62 2.74 101.50
CA ALA N 79 32.96 2.60 102.06
C ALA N 79 33.02 3.05 103.52
N ARG N 80 32.16 3.99 103.90
CA ARG N 80 32.17 4.56 105.24
C ARG N 80 30.75 4.99 105.56
N PRO N 81 29.91 4.07 106.00
CA PRO N 81 28.52 4.45 106.31
C PRO N 81 28.44 5.29 107.58
N HIS N 82 27.44 6.16 107.59
CA HIS N 82 27.19 7.01 108.75
C HIS N 82 26.72 6.17 109.93
N GLU N 83 26.98 6.67 111.14
CA GLU N 83 26.63 5.95 112.36
C GLU N 83 25.13 5.86 112.58
N ASN N 84 24.35 6.73 111.93
CA ASN N 84 22.90 6.68 112.02
C ASN N 84 22.33 5.43 111.34
N LEU N 85 23.06 4.88 110.38
CA LEU N 85 22.53 3.81 109.53
C LEU N 85 22.45 2.48 110.28
N GLU N 86 23.30 2.26 111.27
CA GLU N 86 23.32 0.97 111.95
C GLU N 86 22.22 0.88 112.99
N TYR N 87 21.62 2.01 113.36
CA TYR N 87 20.55 1.98 114.35
C TYR N 87 19.18 1.89 113.70
N VAL N 88 19.11 2.13 112.39
CA VAL N 88 17.84 2.03 111.68
C VAL N 88 17.84 0.83 110.75
N LEU N 89 18.81 0.75 109.88
CA LEU N 89 18.89 -0.31 108.89
C LEU N 89 19.59 -1.54 109.47
N PRO N 90 19.23 -2.74 109.02
CA PRO N 90 19.88 -3.97 109.53
C PRO N 90 21.24 -4.23 108.88
N ILE N 91 22.17 -3.31 109.12
CA ILE N 91 23.56 -3.46 108.67
C ILE N 91 24.53 -3.55 109.84
N ARG N 92 24.03 -3.59 111.07
CA ARG N 92 24.88 -3.53 112.23
C ARG N 92 25.38 -4.92 112.63
N TYR N 93 26.48 -4.93 113.38
CA TYR N 93 26.96 -6.16 113.97
C TYR N 93 26.05 -6.59 115.10
N THR N 94 25.35 -7.70 114.91
CA THR N 94 24.59 -8.31 115.98
C THR N 94 25.53 -9.08 116.91
N GLU N 95 25.00 -9.48 118.06
CA GLU N 95 25.82 -10.17 119.05
C GLU N 95 26.14 -11.60 118.60
N GLU N 96 25.30 -12.17 117.74
CA GLU N 96 25.52 -13.54 117.27
C GLU N 96 26.71 -13.64 116.33
N VAL N 97 27.06 -12.53 115.66
CA VAL N 97 28.10 -12.55 114.64
C VAL N 97 29.38 -11.86 115.12
N GLU N 98 29.53 -11.66 116.43
CA GLU N 98 30.74 -11.03 116.93
C GLU N 98 31.93 -11.98 116.98
N GLN N 99 31.69 -13.28 116.83
CA GLN N 99 32.81 -14.23 116.79
C GLN N 99 33.51 -14.22 115.43
N PHE N 100 32.89 -13.63 114.42
CA PHE N 100 33.46 -13.60 113.08
C PHE N 100 34.03 -12.25 112.70
N ARG N 101 33.97 -11.26 113.59
CA ARG N 101 34.44 -9.92 113.27
C ARG N 101 35.97 -9.85 113.29
N ALA O 2 42.30 -45.31 98.07
CA ALA O 2 41.85 -44.79 99.37
C ALA O 2 40.80 -43.71 99.15
N VAL O 3 41.21 -42.44 99.31
CA VAL O 3 40.31 -41.33 99.03
C VAL O 3 40.29 -41.08 97.52
N ALA O 4 39.28 -40.35 97.07
CA ALA O 4 39.13 -40.07 95.65
C ALA O 4 40.19 -39.07 95.19
N VAL O 5 40.33 -38.94 93.87
CA VAL O 5 41.26 -38.00 93.27
C VAL O 5 40.53 -37.22 92.18
N GLY O 6 40.67 -35.91 92.22
CA GLY O 6 40.10 -35.05 91.20
C GLY O 6 41.15 -34.14 90.61
N MET O 7 41.05 -33.92 89.31
CA MET O 7 42.03 -33.13 88.58
C MET O 7 41.30 -32.08 87.75
N ILE O 8 41.80 -30.85 87.77
CA ILE O 8 41.39 -29.81 86.84
C ILE O 8 42.63 -29.36 86.09
N GLU O 9 42.61 -29.51 84.78
CA GLU O 9 43.70 -29.00 83.94
C GLU O 9 43.25 -27.69 83.29
N THR O 10 44.04 -26.64 83.51
CA THR O 10 43.78 -25.35 82.91
C THR O 10 44.92 -24.98 81.97
N LEU O 11 44.65 -24.01 81.12
CA LEU O 11 45.67 -23.38 80.28
C LEU O 11 46.09 -22.10 81.00
N GLY O 12 47.23 -22.15 81.66
CA GLY O 12 47.71 -20.98 82.37
C GLY O 12 47.80 -21.15 83.88
N PHE O 13 48.80 -20.54 84.48
CA PHE O 13 49.01 -20.59 85.92
C PHE O 13 48.09 -19.68 86.75
N PRO O 14 47.70 -18.46 86.33
CA PRO O 14 46.66 -17.76 87.12
C PRO O 14 45.31 -18.46 87.14
N ALA O 15 44.98 -19.23 86.10
CA ALA O 15 43.72 -19.95 86.11
C ALA O 15 43.79 -21.19 87.02
N VAL O 16 44.98 -21.74 87.21
CA VAL O 16 45.08 -22.99 87.96
C VAL O 16 45.17 -22.72 89.45
N VAL O 17 45.54 -21.49 89.84
CA VAL O 17 45.53 -21.14 91.26
C VAL O 17 44.13 -20.74 91.68
N GLU O 18 43.37 -20.11 90.79
CA GLU O 18 41.97 -19.82 91.07
C GLU O 18 41.15 -21.09 91.06
N ALA O 19 41.50 -22.06 90.22
CA ALA O 19 40.86 -23.36 90.26
C ALA O 19 41.19 -24.09 91.55
N ALA O 20 42.44 -24.06 91.97
CA ALA O 20 42.83 -24.76 93.19
C ALA O 20 42.27 -24.08 94.44
N ASP O 21 42.14 -22.75 94.41
CA ASP O 21 41.58 -22.05 95.56
C ASP O 21 40.08 -22.27 95.68
N ALA O 22 39.39 -22.40 94.55
CA ALA O 22 37.96 -22.65 94.59
C ALA O 22 37.65 -24.09 94.99
N MET O 23 38.61 -25.00 94.80
CA MET O 23 38.37 -26.39 95.14
C MET O 23 38.43 -26.62 96.64
N VAL O 24 39.45 -26.08 97.31
CA VAL O 24 39.62 -26.36 98.73
C VAL O 24 38.72 -25.47 99.58
N LYS O 25 38.11 -24.45 98.97
CA LYS O 25 37.13 -23.65 99.69
C LYS O 25 35.74 -24.27 99.59
N ALA O 26 35.46 -24.97 98.49
CA ALA O 26 34.11 -25.47 98.25
C ALA O 26 33.79 -26.69 99.12
N ALA O 27 34.76 -27.59 99.30
CA ALA O 27 34.49 -28.84 99.99
C ALA O 27 35.71 -29.24 100.82
N ARG O 28 35.60 -30.39 101.48
CA ARG O 28 36.66 -30.90 102.35
C ARG O 28 37.60 -31.77 101.52
N VAL O 29 38.31 -31.11 100.61
CA VAL O 29 39.33 -31.76 99.80
C VAL O 29 40.68 -31.20 100.21
N THR O 30 41.72 -31.96 99.91
CA THR O 30 43.09 -31.54 100.14
C THR O 30 43.79 -31.40 98.79
N LEU O 31 44.17 -30.19 98.45
CA LEU O 31 45.06 -29.96 97.32
C LEU O 31 46.42 -30.58 97.63
N VAL O 32 46.78 -31.62 96.90
CA VAL O 32 48.01 -32.35 97.17
C VAL O 32 49.05 -32.16 96.08
N GLY O 33 48.67 -31.78 94.89
CA GLY O 33 49.56 -31.90 93.75
C GLY O 33 49.42 -30.76 92.79
N TYR O 34 50.38 -30.67 91.88
CA TYR O 34 50.52 -29.56 90.95
C TYR O 34 51.42 -30.04 89.83
N GLU O 35 50.88 -30.11 88.62
CA GLU O 35 51.56 -30.81 87.53
C GLU O 35 51.59 -29.97 86.28
N LYS O 36 52.75 -29.90 85.64
CA LYS O 36 52.96 -29.21 84.38
C LYS O 36 53.42 -30.22 83.35
N ILE O 37 52.75 -30.27 82.20
CA ILE O 37 53.06 -31.22 81.15
C ILE O 37 53.46 -30.54 79.86
N GLY O 38 53.57 -29.22 79.85
CA GLY O 38 53.96 -28.49 78.67
C GLY O 38 52.78 -27.86 77.94
N THR O 39 53.13 -26.92 77.05
CA THR O 39 52.22 -25.99 76.37
C THR O 39 51.24 -25.30 77.30
N GLY O 40 51.69 -24.93 78.50
CA GLY O 40 50.85 -24.21 79.43
C GLY O 40 49.76 -25.04 80.09
N ARG O 41 49.72 -26.34 79.85
CA ARG O 41 48.70 -27.20 80.44
C ARG O 41 49.13 -27.54 81.86
N VAL O 42 48.43 -26.97 82.84
CA VAL O 42 48.78 -27.11 84.24
C VAL O 42 47.61 -27.76 84.97
N THR O 43 47.91 -28.76 85.79
CA THR O 43 46.89 -29.56 86.47
C THR O 43 47.10 -29.47 87.98
N VAL O 44 46.02 -29.22 88.71
CA VAL O 44 46.00 -29.34 90.16
C VAL O 44 45.21 -30.58 90.55
N ILE O 45 45.67 -31.24 91.62
CA ILE O 45 45.14 -32.53 92.04
C ILE O 45 44.62 -32.38 93.47
N VAL O 46 43.35 -32.74 93.69
CA VAL O 46 42.77 -32.73 95.02
C VAL O 46 42.45 -34.17 95.43
N ARG O 47 42.55 -34.42 96.73
CA ARG O 47 42.18 -35.70 97.31
C ARG O 47 41.08 -35.47 98.34
N GLY O 48 40.16 -36.42 98.42
CA GLY O 48 39.10 -36.34 99.41
C GLY O 48 38.08 -37.43 99.14
N ASP O 49 36.92 -37.30 99.78
CA ASP O 49 35.80 -38.17 99.46
C ASP O 49 35.28 -37.84 98.06
N VAL O 50 34.62 -38.81 97.45
CA VAL O 50 34.19 -38.67 96.06
C VAL O 50 33.10 -37.62 95.91
N SER O 51 32.27 -37.43 96.94
CA SER O 51 31.26 -36.38 96.92
C SER O 51 31.90 -35.00 97.09
N GLU O 52 32.92 -34.92 97.95
CA GLU O 52 33.62 -33.66 98.15
C GLU O 52 34.48 -33.31 96.96
N VAL O 53 35.06 -34.32 96.30
CA VAL O 53 35.88 -34.07 95.12
C VAL O 53 35.00 -33.61 93.96
N GLN O 54 33.79 -34.19 93.84
CA GLN O 54 32.85 -33.78 92.81
C GLN O 54 32.35 -32.35 93.04
N ALA O 55 32.17 -31.97 94.30
CA ALA O 55 31.73 -30.61 94.59
C ALA O 55 32.84 -29.60 94.39
N SER O 56 34.09 -30.01 94.60
CA SER O 56 35.22 -29.11 94.44
C SER O 56 35.58 -28.92 92.97
N VAL O 57 35.59 -30.01 92.20
CA VAL O 57 35.96 -29.94 90.78
C VAL O 57 34.91 -29.17 89.99
N SER O 58 33.64 -29.31 90.37
CA SER O 58 32.58 -28.54 89.74
C SER O 58 32.69 -27.06 90.09
N ALA O 59 33.12 -26.76 91.31
CA ALA O 59 33.25 -25.36 91.71
C ALA O 59 34.53 -24.75 91.16
N GLY O 60 35.59 -25.55 91.04
CA GLY O 60 36.82 -25.06 90.46
C GLY O 60 36.74 -24.84 88.97
N THR O 61 35.80 -25.51 88.30
CA THR O 61 35.62 -25.33 86.86
C THR O 61 34.97 -24.00 86.54
N GLU O 62 33.94 -23.61 87.31
CA GLU O 62 33.25 -22.36 87.03
C GLU O 62 34.05 -21.14 87.47
N SER O 63 35.03 -21.33 88.36
CA SER O 63 35.82 -20.20 88.83
C SER O 63 36.92 -19.81 87.84
N VAL O 64 37.26 -20.68 86.89
CA VAL O 64 38.23 -20.32 85.86
C VAL O 64 37.58 -19.34 84.88
N LYS O 65 36.26 -19.39 84.73
CA LYS O 65 35.53 -18.48 83.86
C LYS O 65 35.62 -17.02 84.30
N ARG O 66 35.88 -16.77 85.58
CA ARG O 66 36.13 -15.41 86.04
C ARG O 66 37.55 -14.93 85.79
N VAL O 67 38.46 -15.84 85.44
CA VAL O 67 39.82 -15.47 85.08
C VAL O 67 39.88 -15.21 83.58
N ASN O 68 40.27 -13.99 83.20
CA ASN O 68 40.45 -13.64 81.79
C ASN O 68 41.84 -14.09 81.35
N GLY O 69 41.89 -15.03 80.42
CA GLY O 69 43.14 -15.57 79.92
C GLY O 69 43.35 -17.04 80.21
N GLY O 70 42.48 -17.68 80.98
CA GLY O 70 42.61 -19.08 81.27
C GLY O 70 41.30 -19.81 81.02
N GLN O 71 41.44 -21.08 80.65
CA GLN O 71 40.29 -21.92 80.35
C GLN O 71 40.54 -23.32 80.89
N VAL O 72 39.47 -24.00 81.24
CA VAL O 72 39.53 -25.39 81.70
C VAL O 72 39.70 -26.26 80.46
N LEU O 73 40.78 -27.04 80.42
CA LEU O 73 40.99 -27.94 79.30
C LEU O 73 40.39 -29.31 79.57
N SER O 74 40.58 -29.83 80.77
CA SER O 74 40.11 -31.17 81.09
C SER O 74 39.88 -31.29 82.59
N THR O 75 38.81 -31.96 82.96
CA THR O 75 38.53 -32.30 84.34
C THR O 75 38.23 -33.79 84.43
N HIS O 76 38.63 -34.41 85.53
CA HIS O 76 38.27 -35.79 85.77
C HIS O 76 38.26 -36.08 87.25
N ILE O 77 37.45 -37.05 87.64
CA ILE O 77 37.28 -37.49 89.01
C ILE O 77 37.32 -39.01 89.02
N ILE O 78 38.20 -39.59 89.83
CA ILE O 78 38.27 -41.04 90.02
C ILE O 78 37.85 -41.34 91.45
N ALA O 79 36.83 -42.19 91.60
CA ALA O 79 36.19 -42.40 92.89
C ALA O 79 37.10 -43.09 93.88
N ARG O 80 37.90 -44.04 93.41
CA ARG O 80 38.91 -44.69 94.24
C ARG O 80 40.02 -45.18 93.33
N PRO O 81 41.14 -44.46 93.28
CA PRO O 81 42.25 -44.90 92.42
C PRO O 81 42.92 -46.15 92.94
N HIS O 82 43.53 -46.88 92.02
CA HIS O 82 44.33 -48.05 92.36
C HIS O 82 45.55 -47.62 93.15
N GLU O 83 46.06 -48.55 93.98
CA GLU O 83 47.22 -48.25 94.81
C GLU O 83 48.49 -48.15 93.98
N ASN O 84 48.46 -48.63 92.74
CA ASN O 84 49.59 -48.48 91.82
C ASN O 84 49.80 -47.03 91.42
N LEU O 85 48.73 -46.22 91.39
CA LEU O 85 48.82 -44.88 90.83
C LEU O 85 49.53 -43.89 91.74
N GLU O 86 49.55 -44.14 93.06
CA GLU O 86 50.22 -43.20 93.95
C GLU O 86 51.73 -43.31 93.86
N TYR O 87 52.24 -44.46 93.41
CA TYR O 87 53.69 -44.62 93.34
C TYR O 87 54.24 -44.14 92.01
N VAL O 88 53.40 -44.09 90.96
CA VAL O 88 53.87 -43.65 89.66
C VAL O 88 53.44 -42.22 89.39
N LEU O 89 52.17 -41.94 89.57
CA LEU O 89 51.62 -40.62 89.28
C LEU O 89 51.67 -39.74 90.52
N PRO O 90 51.87 -38.43 90.36
CA PRO O 90 51.97 -37.52 91.52
C PRO O 90 50.61 -37.09 92.07
N ILE O 91 49.83 -38.07 92.50
CA ILE O 91 48.52 -37.84 93.11
C ILE O 91 48.48 -38.19 94.58
N ARG O 92 49.62 -38.52 95.18
CA ARG O 92 49.64 -38.98 96.55
C ARG O 92 49.77 -37.81 97.51
N TYR O 93 49.46 -38.08 98.77
CA TYR O 93 49.64 -37.08 99.82
C TYR O 93 51.13 -36.89 100.11
N THR O 94 51.59 -35.66 99.99
CA THR O 94 52.94 -35.33 100.42
C THR O 94 52.95 -35.05 101.92
N GLU O 95 54.15 -34.94 102.48
CA GLU O 95 54.28 -34.72 103.92
C GLU O 95 53.96 -33.28 104.30
N GLU O 96 53.91 -32.37 103.33
CA GLU O 96 53.64 -30.97 103.62
C GLU O 96 52.15 -30.72 103.80
N VAL O 97 51.31 -31.59 103.25
CA VAL O 97 49.88 -31.35 103.17
C VAL O 97 49.10 -32.27 104.10
N GLU O 98 49.77 -32.96 105.03
CA GLU O 98 49.06 -33.87 105.93
C GLU O 98 48.31 -33.13 107.03
N GLN O 99 48.58 -31.84 107.22
CA GLN O 99 47.82 -31.06 108.19
C GLN O 99 46.46 -30.65 107.64
N PHE O 100 46.28 -30.70 106.32
CA PHE O 100 45.02 -30.37 105.70
C PHE O 100 44.18 -31.61 105.37
N ARG O 101 44.64 -32.79 105.74
CA ARG O 101 43.91 -34.02 105.41
C ARG O 101 42.72 -34.23 106.34
N MET P 1 5.14 -58.11 88.56
CA MET P 1 5.53 -57.28 89.69
C MET P 1 5.76 -58.11 90.94
N GLN P 2 6.53 -57.55 91.86
CA GLN P 2 6.77 -58.14 93.17
C GLN P 2 6.45 -57.13 94.24
N MET P 3 5.96 -57.62 95.38
CA MET P 3 5.75 -56.79 96.55
C MET P 3 7.05 -56.69 97.32
N ALA P 4 7.42 -55.47 97.69
CA ALA P 4 8.66 -55.23 98.42
C ALA P 4 8.42 -54.18 99.48
N LYS P 5 9.29 -54.20 100.48
CA LYS P 5 9.28 -53.22 101.57
C LYS P 5 10.50 -52.33 101.45
N VAL P 6 10.30 -51.02 101.58
CA VAL P 6 11.40 -50.06 101.50
C VAL P 6 12.22 -50.20 102.78
N CYS P 7 13.46 -50.66 102.64
CA CYS P 7 14.33 -50.81 103.80
C CYS P 7 15.42 -49.76 103.85
N GLY P 8 15.61 -49.02 102.77
CA GLY P 8 16.55 -47.93 102.83
C GLY P 8 16.84 -47.31 101.47
N THR P 9 17.92 -46.54 101.43
CA THR P 9 18.31 -45.79 100.25
C THR P 9 19.74 -46.14 99.88
N VAL P 10 20.04 -46.13 98.58
CA VAL P 10 21.38 -46.32 98.06
C VAL P 10 21.77 -45.05 97.32
N VAL P 11 22.89 -44.45 97.71
CA VAL P 11 23.39 -43.23 97.08
C VAL P 11 24.72 -43.56 96.42
N GLY P 12 24.82 -43.30 95.13
CA GLY P 12 26.08 -43.39 94.43
C GLY P 12 26.38 -42.10 93.69
N THR P 13 27.55 -41.53 93.91
CA THR P 13 27.90 -40.28 93.26
C THR P 13 28.68 -40.48 91.97
N GLN P 14 29.51 -41.52 91.90
CA GLN P 14 30.24 -41.87 90.69
C GLN P 14 29.38 -42.88 89.92
N LYS P 15 28.72 -42.40 88.87
CA LYS P 15 27.74 -43.22 88.15
C LYS P 15 27.75 -42.81 86.69
N LEU P 16 26.84 -43.42 85.93
CA LEU P 16 26.64 -43.03 84.55
C LEU P 16 25.92 -41.68 84.50
N PRO P 17 26.14 -40.89 83.43
CA PRO P 17 25.42 -39.61 83.31
C PRO P 17 23.92 -39.77 83.12
N SER P 18 23.47 -40.90 82.58
CA SER P 18 22.05 -41.14 82.44
C SER P 18 21.42 -41.67 83.73
N MET P 19 22.23 -41.94 84.74
CA MET P 19 21.70 -42.39 86.03
C MET P 19 21.49 -41.24 87.01
N THR P 20 21.68 -40.00 86.59
CA THR P 20 21.53 -38.87 87.51
C THR P 20 20.06 -38.49 87.64
N GLY P 21 19.70 -37.97 88.82
CA GLY P 21 18.32 -37.67 89.13
C GLY P 21 17.47 -38.87 89.51
N VAL P 22 18.02 -40.08 89.44
CA VAL P 22 17.29 -41.30 89.74
C VAL P 22 17.42 -41.59 91.23
N LYS P 23 16.28 -41.66 91.92
CA LYS P 23 16.26 -42.00 93.33
C LYS P 23 16.28 -43.51 93.49
N LEU P 24 17.26 -44.02 94.22
CA LEU P 24 17.48 -45.45 94.34
C LEU P 24 17.09 -45.92 95.74
N LEU P 25 16.12 -46.80 95.81
CA LEU P 25 15.65 -47.36 97.07
C LEU P 25 16.12 -48.80 97.21
N LEU P 26 16.56 -49.14 98.41
CA LEU P 26 16.89 -50.51 98.78
C LEU P 26 15.60 -51.17 99.25
N LEU P 27 15.12 -52.14 98.49
CA LEU P 27 13.82 -52.75 98.71
C LEU P 27 14.00 -54.22 99.03
N GLN P 28 13.46 -54.67 100.15
CA GLN P 28 13.48 -56.08 100.49
C GLN P 28 12.17 -56.72 100.09
N PHE P 29 12.24 -57.84 99.37
CA PHE P 29 11.04 -58.50 98.91
C PHE P 29 10.33 -59.20 100.06
N ILE P 30 9.02 -59.07 100.07
CA ILE P 30 8.15 -59.71 101.04
C ILE P 30 7.32 -60.77 100.32
N ASP P 31 6.91 -61.80 101.05
CA ASP P 31 6.17 -62.88 100.40
C ASP P 31 4.68 -62.54 100.35
N ALA P 32 3.88 -63.48 99.85
CA ALA P 32 2.43 -63.29 99.80
C ALA P 32 1.81 -63.34 101.18
N ASN P 33 2.46 -63.99 102.14
CA ASN P 33 1.94 -64.05 103.49
C ASN P 33 2.34 -62.82 104.31
N GLY P 34 3.33 -62.07 103.84
CA GLY P 34 3.72 -60.82 104.46
C GLY P 34 5.07 -60.77 105.14
N GLU P 35 5.80 -61.89 105.21
CA GLU P 35 7.10 -61.90 105.87
C GLU P 35 8.20 -61.51 104.89
N LEU P 36 9.32 -61.04 105.45
CA LEU P 36 10.43 -60.58 104.64
C LEU P 36 11.21 -61.77 104.09
N LEU P 37 11.41 -61.78 102.78
CA LEU P 37 12.23 -62.79 102.15
C LEU P 37 13.69 -62.36 102.17
N PRO P 38 14.63 -63.32 102.19
CA PRO P 38 16.06 -62.97 102.08
C PRO P 38 16.48 -62.67 100.64
N LYS P 39 15.87 -61.65 100.06
CA LYS P 39 16.12 -61.24 98.68
C LYS P 39 15.77 -59.76 98.59
N TYR P 40 16.60 -59.01 97.89
CA TYR P 40 16.46 -57.57 97.81
C TYR P 40 16.54 -57.09 96.37
N GLU P 41 16.39 -55.78 96.21
CA GLU P 41 16.51 -55.11 94.93
C GLU P 41 16.84 -53.65 95.18
N VAL P 42 17.47 -53.02 94.20
CA VAL P 42 17.62 -51.58 94.17
C VAL P 42 16.85 -51.08 92.96
N ALA P 43 15.86 -50.22 93.19
CA ALA P 43 14.95 -49.80 92.14
C ALA P 43 14.88 -48.28 92.07
N ALA P 44 14.58 -47.79 90.87
CA ALA P 44 14.21 -46.39 90.70
C ALA P 44 12.85 -46.15 91.32
N ASP P 45 12.65 -44.93 91.82
CA ASP P 45 11.44 -44.57 92.57
C ASP P 45 10.82 -43.32 91.97
N PRO P 46 9.97 -43.46 90.94
CA PRO P 46 9.21 -42.31 90.46
C PRO P 46 8.03 -41.98 91.34
N VAL P 47 7.36 -43.01 91.88
CA VAL P 47 6.28 -42.84 92.83
C VAL P 47 6.92 -42.69 94.21
N GLY P 48 6.77 -41.52 94.82
CA GLY P 48 7.58 -41.16 95.97
C GLY P 48 7.29 -42.02 97.19
N ALA P 49 8.21 -42.92 97.51
CA ALA P 49 8.00 -43.92 98.54
C ALA P 49 9.09 -43.79 99.60
N GLY P 50 8.69 -43.87 100.87
CA GLY P 50 9.60 -43.71 101.98
C GLY P 50 9.80 -44.99 102.76
N LEU P 51 10.61 -44.87 103.81
CA LEU P 51 11.08 -46.01 104.58
C LEU P 51 9.93 -46.73 105.30
N GLY P 52 9.77 -48.01 105.00
CA GLY P 52 8.76 -48.83 105.62
C GLY P 52 7.54 -49.10 104.77
N GLU P 53 7.39 -48.44 103.63
CA GLU P 53 6.21 -48.62 102.80
C GLU P 53 6.28 -49.92 102.03
N TRP P 54 5.11 -50.37 101.58
CA TRP P 54 4.98 -51.53 100.71
C TRP P 54 4.82 -51.04 99.28
N VAL P 55 5.66 -51.54 98.39
CA VAL P 55 5.68 -51.07 97.01
C VAL P 55 5.53 -52.25 96.07
N LEU P 56 5.10 -51.95 94.85
CA LEU P 56 5.13 -52.90 93.75
C LEU P 56 6.33 -52.59 92.87
N VAL P 57 7.14 -53.60 92.60
CA VAL P 57 8.39 -53.46 91.87
C VAL P 57 8.33 -54.33 90.63
N ASN P 58 8.48 -53.71 89.47
CA ASN P 58 8.66 -54.51 88.27
C ASN P 58 10.15 -54.70 88.02
N ARG P 59 10.50 -55.56 87.08
CA ARG P 59 11.90 -55.73 86.73
C ARG P 59 12.02 -55.95 85.24
N GLY P 60 13.22 -55.71 84.73
CA GLY P 60 13.48 -55.88 83.32
C GLY P 60 13.27 -54.61 82.53
N SER P 61 12.82 -54.74 81.29
CA SER P 61 12.62 -53.60 80.42
C SER P 61 11.34 -52.83 80.74
N ALA P 62 10.52 -53.35 81.64
CA ALA P 62 9.33 -52.64 82.10
C ALA P 62 9.69 -51.43 82.96
N ALA P 63 10.89 -51.39 83.52
CA ALA P 63 11.36 -50.23 84.27
C ALA P 63 11.63 -49.03 83.37
N ARG P 64 11.75 -49.24 82.06
CA ARG P 64 12.06 -48.20 81.10
C ARG P 64 10.84 -47.74 80.31
N GLN P 65 9.65 -47.83 80.90
CA GLN P 65 8.41 -47.54 80.18
C GLN P 65 7.77 -46.22 80.56
N THR P 66 8.26 -45.55 81.61
CA THR P 66 7.58 -44.39 82.15
C THR P 66 8.00 -43.07 81.49
N GLU P 67 8.56 -43.15 80.28
CA GLU P 67 8.89 -42.08 79.33
C GLU P 67 9.89 -41.04 79.83
N TYR P 68 10.39 -41.19 81.07
CA TYR P 68 11.60 -40.51 81.49
C TYR P 68 12.66 -41.48 82.00
N HIS P 69 12.39 -42.78 81.91
CA HIS P 69 13.38 -43.82 82.17
C HIS P 69 13.73 -44.60 80.92
N GLN P 70 13.43 -44.04 79.74
CA GLN P 70 13.39 -44.83 78.51
C GLN P 70 14.77 -45.28 78.06
N ASN P 71 15.76 -44.39 78.12
CA ASN P 71 17.12 -44.72 77.71
C ASN P 71 18.06 -44.78 78.90
N ARG P 72 17.51 -45.04 80.08
CA ARG P 72 18.21 -45.14 81.35
C ARG P 72 18.50 -46.60 81.68
N PRO P 73 19.69 -46.92 82.16
CA PRO P 73 20.05 -48.32 82.46
C PRO P 73 19.43 -48.82 83.76
N LEU P 74 18.12 -48.98 83.75
CA LEU P 74 17.35 -49.39 84.92
C LEU P 74 16.66 -50.72 84.63
N ASP P 75 16.77 -51.65 85.58
CA ASP P 75 16.11 -52.94 85.47
C ASP P 75 15.18 -53.21 86.66
N ALA P 76 14.79 -52.17 87.39
CA ALA P 76 13.90 -52.29 88.53
C ALA P 76 13.32 -50.92 88.82
N MET P 77 12.02 -50.88 89.13
CA MET P 77 11.33 -49.61 89.33
C MET P 77 10.14 -49.82 90.24
N VAL P 78 9.96 -48.91 91.20
CA VAL P 78 8.73 -48.87 91.96
C VAL P 78 7.63 -48.29 91.07
N VAL P 79 6.59 -49.08 90.81
CA VAL P 79 5.50 -48.62 89.97
C VAL P 79 4.27 -48.22 90.76
N ALA P 80 4.14 -48.68 92.00
CA ALA P 80 2.97 -48.39 92.82
C ALA P 80 3.35 -48.48 94.28
N ILE P 81 2.70 -47.67 95.10
CA ILE P 81 2.72 -47.82 96.54
C ILE P 81 1.48 -48.61 96.92
N ILE P 82 1.68 -49.72 97.64
CA ILE P 82 0.59 -50.62 97.95
C ILE P 82 -0.31 -49.99 99.00
N ASP P 83 -1.61 -49.89 98.67
CA ASP P 83 -2.61 -49.47 99.63
C ASP P 83 -3.19 -50.65 100.40
N THR P 84 -3.64 -51.68 99.69
CA THR P 84 -4.33 -52.80 100.31
C THR P 84 -3.92 -54.09 99.62
N VAL P 85 -3.58 -55.10 100.43
CA VAL P 85 -3.43 -56.47 99.95
C VAL P 85 -4.53 -57.31 100.58
N THR P 86 -5.38 -57.90 99.74
CA THR P 86 -6.45 -58.77 100.19
C THR P 86 -6.14 -60.17 99.72
N VAL P 87 -5.98 -61.10 100.66
CA VAL P 87 -5.68 -62.50 100.34
C VAL P 87 -6.83 -63.34 100.88
N ASN P 88 -7.48 -64.10 99.97
CA ASN P 88 -8.61 -64.99 100.27
C ASN P 88 -9.75 -64.23 100.93
N ASN P 89 -10.08 -63.06 100.36
CA ASN P 89 -11.06 -62.09 100.83
C ASN P 89 -10.78 -61.56 102.23
N ARG P 90 -9.55 -61.69 102.72
CA ARG P 90 -9.14 -61.17 104.02
C ARG P 90 -8.03 -60.15 103.78
N ARG P 91 -8.18 -58.97 104.39
CA ARG P 91 -7.20 -57.92 104.21
C ARG P 91 -5.90 -58.26 104.93
N LEU P 92 -4.82 -58.39 104.17
CA LEU P 92 -3.49 -58.65 104.71
C LEU P 92 -2.74 -57.37 105.06
N TYR P 93 -2.91 -56.32 104.27
CA TYR P 93 -2.20 -55.06 104.46
C TYR P 93 -3.16 -53.91 104.24
N GLY P 94 -2.96 -52.83 105.00
CA GLY P 94 -3.80 -51.65 104.89
C GLY P 94 -4.88 -51.57 105.93
N ALA Q 2 60.91 -59.81 76.46
CA ALA Q 2 60.64 -59.80 77.89
C ALA Q 2 59.15 -59.76 78.17
N VAL Q 3 58.79 -59.30 79.37
CA VAL Q 3 57.40 -59.12 79.75
C VAL Q 3 56.79 -58.00 78.92
N ALA Q 4 55.54 -58.17 78.48
CA ALA Q 4 54.92 -57.30 77.51
C ALA Q 4 54.72 -55.88 78.06
N VAL Q 5 54.75 -54.91 77.16
CA VAL Q 5 54.65 -53.50 77.51
C VAL Q 5 53.51 -52.88 76.70
N GLY Q 6 52.66 -52.12 77.38
CA GLY Q 6 51.60 -51.38 76.73
C GLY Q 6 51.71 -49.91 77.06
N MET Q 7 51.45 -49.06 76.07
CA MET Q 7 51.55 -47.62 76.22
C MET Q 7 50.28 -46.98 75.72
N ILE Q 8 49.79 -45.99 76.46
CA ILE Q 8 48.69 -45.13 76.01
C ILE Q 8 49.18 -43.69 76.13
N GLU Q 9 49.25 -43.00 75.01
CA GLU Q 9 49.62 -41.59 74.99
C GLU Q 9 48.37 -40.75 74.85
N THR Q 10 48.13 -39.89 75.83
CA THR Q 10 46.99 -38.99 75.81
C THR Q 10 47.47 -37.54 75.76
N LEU Q 11 46.57 -36.67 75.35
CA LEU Q 11 46.80 -35.23 75.36
C LEU Q 11 46.14 -34.68 76.61
N GLY Q 12 46.93 -34.49 77.67
CA GLY Q 12 46.39 -34.00 78.92
C GLY Q 12 46.63 -34.92 80.09
N PHE Q 13 46.83 -34.34 81.26
CA PHE Q 13 47.07 -35.10 82.49
C PHE Q 13 45.83 -35.73 83.15
N PRO Q 14 44.63 -35.12 83.15
CA PRO Q 14 43.47 -35.90 83.62
C PRO Q 14 43.12 -37.08 82.73
N ALA Q 15 43.43 -37.02 81.45
CA ALA Q 15 43.16 -38.13 80.56
C ALA Q 15 44.16 -39.26 80.75
N VAL Q 16 45.36 -38.94 81.25
CA VAL Q 16 46.38 -39.97 81.36
C VAL Q 16 46.28 -40.67 82.71
N VAL Q 17 45.67 -40.02 83.70
CA VAL Q 17 45.44 -40.67 84.99
C VAL Q 17 44.25 -41.61 84.88
N GLU Q 18 43.23 -41.23 84.10
CA GLU Q 18 42.13 -42.14 83.80
C GLU Q 18 42.61 -43.31 82.93
N ALA Q 19 43.53 -43.05 82.01
CA ALA Q 19 44.13 -44.14 81.24
C ALA Q 19 44.94 -45.07 82.14
N ALA Q 20 45.70 -44.50 83.08
CA ALA Q 20 46.49 -45.32 84.00
C ALA Q 20 45.59 -46.06 84.98
N ASP Q 21 44.49 -45.43 85.41
CA ASP Q 21 43.59 -46.06 86.36
C ASP Q 21 42.78 -47.17 85.71
N ALA Q 22 42.32 -46.96 84.48
CA ALA Q 22 41.49 -47.98 83.83
C ALA Q 22 42.32 -49.16 83.37
N MET Q 23 43.61 -48.96 83.11
CA MET Q 23 44.45 -50.06 82.66
C MET Q 23 44.71 -51.05 83.78
N VAL Q 24 45.02 -50.55 84.99
CA VAL Q 24 45.34 -51.46 86.08
C VAL Q 24 44.08 -51.95 86.77
N LYS Q 25 42.91 -51.41 86.39
CA LYS Q 25 41.65 -51.91 86.93
C LYS Q 25 41.00 -52.91 85.99
N ALA Q 26 41.38 -52.89 84.71
CA ALA Q 26 40.77 -53.82 83.75
C ALA Q 26 41.42 -55.19 83.80
N ALA Q 27 42.71 -55.24 84.10
CA ALA Q 27 43.45 -56.50 84.07
C ALA Q 27 44.60 -56.44 85.06
N ARG Q 28 45.35 -57.53 85.13
CA ARG Q 28 46.46 -57.68 86.06
C ARG Q 28 47.74 -57.18 85.39
N VAL Q 29 47.84 -55.87 85.27
CA VAL Q 29 49.04 -55.22 84.75
C VAL Q 29 49.63 -54.35 85.85
N THR Q 30 50.88 -53.97 85.65
CA THR Q 30 51.59 -53.10 86.58
C THR Q 30 51.95 -51.81 85.86
N LEU Q 31 51.34 -50.71 86.29
CA LEU Q 31 51.73 -49.39 85.82
C LEU Q 31 53.13 -49.09 86.36
N VAL Q 32 54.10 -48.96 85.46
CA VAL Q 32 55.49 -48.79 85.85
C VAL Q 32 56.03 -47.42 85.50
N GLY Q 33 55.43 -46.70 84.56
CA GLY Q 33 56.07 -45.55 83.99
C GLY Q 33 55.08 -44.46 83.69
N TYR Q 34 55.61 -43.24 83.57
CA TYR Q 34 54.82 -42.04 83.33
C TYR Q 34 55.74 -41.07 82.61
N GLU Q 35 55.47 -40.85 81.33
CA GLU Q 35 56.43 -40.23 80.43
C GLU Q 35 55.84 -38.98 79.80
N LYS Q 36 56.57 -37.87 79.91
CA LYS Q 36 56.19 -36.61 79.31
C LYS Q 36 57.23 -36.23 78.26
N ILE Q 37 56.77 -35.94 77.05
CA ILE Q 37 57.64 -35.62 75.93
C ILE Q 37 57.37 -34.22 75.38
N GLY Q 38 56.54 -33.43 76.05
CA GLY Q 38 56.23 -32.09 75.60
C GLY Q 38 54.95 -32.01 74.79
N THR Q 39 54.49 -30.77 74.62
CA THR Q 39 53.17 -30.40 74.07
C THR Q 39 52.01 -31.15 74.67
N GLY Q 40 52.06 -31.45 75.96
CA GLY Q 40 50.97 -32.13 76.62
C GLY Q 40 50.85 -33.61 76.32
N ARG Q 41 51.72 -34.16 75.48
CA ARG Q 41 51.70 -35.58 75.16
C ARG Q 41 52.28 -36.36 76.33
N VAL Q 42 51.41 -37.04 77.07
CA VAL Q 42 51.80 -37.79 78.25
C VAL Q 42 51.50 -39.26 78.00
N THR Q 43 52.46 -40.12 78.35
CA THR Q 43 52.35 -41.55 78.12
C THR Q 43 52.50 -42.29 79.44
N VAL Q 44 51.56 -43.19 79.73
CA VAL Q 44 51.68 -44.14 80.83
C VAL Q 44 52.05 -45.50 80.26
N ILE Q 45 52.88 -46.23 80.99
CA ILE Q 45 53.47 -47.48 80.53
C ILE Q 45 53.09 -48.57 81.52
N VAL Q 46 52.43 -49.62 81.05
CA VAL Q 46 52.09 -50.76 81.88
C VAL Q 46 52.89 -51.97 81.42
N ARG Q 47 53.16 -52.87 82.35
CA ARG Q 47 53.80 -54.15 82.06
C ARG Q 47 52.90 -55.28 82.54
N GLY Q 48 53.06 -56.44 81.91
CA GLY Q 48 52.30 -57.60 82.34
C GLY Q 48 52.26 -58.63 81.23
N ASP Q 49 51.41 -59.63 81.43
CA ASP Q 49 51.20 -60.65 80.41
C ASP Q 49 50.48 -60.05 79.21
N VAL Q 50 50.57 -60.75 78.08
CA VAL Q 50 50.05 -60.23 76.82
C VAL Q 50 48.54 -60.17 76.84
N SER Q 51 47.90 -61.16 77.48
CA SER Q 51 46.45 -61.13 77.64
C SER Q 51 45.99 -59.98 78.52
N GLU Q 52 46.76 -59.68 79.56
CA GLU Q 52 46.40 -58.58 80.45
C GLU Q 52 46.67 -57.23 79.83
N VAL Q 53 47.79 -57.09 79.11
CA VAL Q 53 48.15 -55.81 78.51
C VAL Q 53 47.22 -55.48 77.35
N GLN Q 54 46.81 -56.49 76.58
CA GLN Q 54 45.85 -56.27 75.51
C GLN Q 54 44.48 -55.87 76.05
N ALA Q 55 44.08 -56.44 77.19
CA ALA Q 55 42.80 -56.06 77.79
C ALA Q 55 42.89 -54.68 78.43
N SER Q 56 44.06 -54.32 78.95
CA SER Q 56 44.22 -53.04 79.64
C SER Q 56 44.25 -51.88 78.66
N VAL Q 57 45.04 -52.00 77.60
CA VAL Q 57 45.20 -50.91 76.64
C VAL Q 57 43.91 -50.67 75.87
N SER Q 58 43.19 -51.75 75.56
CA SER Q 58 41.93 -51.62 74.84
C SER Q 58 40.84 -51.04 75.72
N ALA Q 59 40.86 -51.34 77.02
CA ALA Q 59 39.87 -50.76 77.93
C ALA Q 59 40.32 -49.39 78.43
N GLY Q 60 41.63 -49.16 78.51
CA GLY Q 60 42.13 -47.85 78.87
C GLY Q 60 41.92 -46.82 77.79
N THR Q 61 41.83 -47.25 76.53
CA THR Q 61 41.58 -46.31 75.44
C THR Q 61 40.14 -45.83 75.45
N GLU Q 62 39.19 -46.71 75.75
CA GLU Q 62 37.78 -46.33 75.74
C GLU Q 62 37.42 -45.51 76.96
N SER Q 63 38.24 -45.55 78.02
CA SER Q 63 37.93 -44.77 79.21
C SER Q 63 38.33 -43.30 79.05
N VAL Q 64 39.36 -43.03 78.25
CA VAL Q 64 39.77 -41.65 77.99
C VAL Q 64 38.72 -40.88 77.21
N LYS Q 65 37.97 -41.55 76.33
CA LYS Q 65 36.85 -40.90 75.64
C LYS Q 65 35.57 -41.00 76.46
N ARG Q 66 35.68 -40.71 77.75
CA ARG Q 66 34.59 -40.50 78.69
C ARG Q 66 35.02 -39.37 79.60
N VAL Q 67 36.21 -38.83 79.32
CA VAL Q 67 36.77 -37.67 80.01
C VAL Q 67 36.58 -36.47 79.11
N ASN Q 68 36.05 -35.38 79.66
CA ASN Q 68 35.91 -34.16 78.88
C ASN Q 68 37.28 -33.52 78.68
N GLY Q 69 37.59 -33.19 77.44
CA GLY Q 69 38.92 -32.71 77.12
C GLY Q 69 39.96 -33.80 77.01
N GLY Q 70 39.55 -35.07 77.06
CA GLY Q 70 40.46 -36.20 76.96
C GLY Q 70 40.57 -36.66 75.52
N GLN Q 71 41.80 -36.96 75.12
CA GLN Q 71 42.09 -37.33 73.74
C GLN Q 71 43.21 -38.36 73.71
N VAL Q 72 42.94 -39.52 73.13
CA VAL Q 72 43.97 -40.54 72.93
C VAL Q 72 44.75 -40.16 71.68
N LEU Q 73 46.06 -40.01 71.83
CA LEU Q 73 46.90 -39.70 70.68
C LEU Q 73 47.42 -40.96 70.03
N SER Q 74 48.00 -41.87 70.82
CA SER Q 74 48.60 -43.08 70.28
C SER Q 74 48.65 -44.14 71.35
N THR Q 75 48.25 -45.36 70.98
CA THR Q 75 48.35 -46.53 71.84
C THR Q 75 49.14 -47.60 71.11
N HIS Q 76 49.88 -48.40 71.87
CA HIS Q 76 50.60 -49.52 71.29
C HIS Q 76 50.85 -50.58 72.34
N ILE Q 77 50.93 -51.83 71.87
CA ILE Q 77 51.25 -52.99 72.68
C ILE Q 77 52.42 -53.72 72.03
N ILE Q 78 53.49 -53.94 72.78
CA ILE Q 78 54.60 -54.78 72.34
C ILE Q 78 54.58 -56.04 73.19
N ALA Q 79 54.25 -57.17 72.55
CA ALA Q 79 54.00 -58.39 73.29
C ALA Q 79 55.29 -59.00 73.84
N ARG Q 80 56.41 -58.78 73.16
CA ARG Q 80 57.68 -59.35 73.58
C ARG Q 80 58.77 -58.35 73.26
N PRO Q 81 58.99 -57.36 74.13
CA PRO Q 81 60.03 -56.38 73.87
C PRO Q 81 61.41 -56.96 74.10
N HIS Q 82 62.36 -56.45 73.34
CA HIS Q 82 63.75 -56.86 73.47
C HIS Q 82 64.31 -56.44 74.82
N GLU Q 83 65.28 -57.21 75.30
CA GLU Q 83 65.93 -56.92 76.57
C GLU Q 83 66.82 -55.68 76.51
N ASN Q 84 67.13 -55.19 75.31
CA ASN Q 84 67.82 -53.91 75.15
C ASN Q 84 66.94 -52.72 75.57
N LEU Q 85 65.62 -52.87 75.46
CA LEU Q 85 64.73 -51.71 75.56
C LEU Q 85 64.53 -51.26 76.99
N GLU Q 86 64.63 -52.15 77.97
CA GLU Q 86 64.39 -51.77 79.35
C GLU Q 86 65.52 -50.90 79.90
N TYR Q 87 66.71 -51.02 79.32
CA TYR Q 87 67.85 -50.27 79.83
C TYR Q 87 67.92 -48.87 79.25
N VAL Q 88 67.34 -48.66 78.08
CA VAL Q 88 67.39 -47.35 77.45
C VAL Q 88 66.09 -46.59 77.66
N LEU Q 89 64.98 -47.24 77.45
CA LEU Q 89 63.69 -46.60 77.55
C LEU Q 89 63.11 -46.75 78.96
N PRO Q 90 62.35 -45.78 79.45
CA PRO Q 90 61.74 -45.88 80.79
C PRO Q 90 60.48 -46.75 80.81
N ILE Q 91 60.63 -48.02 80.46
CA ILE Q 91 59.54 -48.99 80.49
C ILE Q 91 59.80 -50.11 81.47
N ARG Q 92 60.80 -49.99 82.33
CA ARG Q 92 61.19 -51.09 83.19
C ARG Q 92 60.52 -50.99 84.55
N TYR Q 93 60.54 -52.11 85.28
CA TYR Q 93 60.04 -52.14 86.64
C TYR Q 93 60.99 -51.39 87.56
N THR Q 94 60.48 -50.36 88.20
CA THR Q 94 61.22 -49.69 89.26
C THR Q 94 60.94 -50.38 90.58
N GLU Q 95 61.74 -50.05 91.60
CA GLU Q 95 61.62 -50.73 92.89
C GLU Q 95 60.41 -50.25 93.67
N GLU Q 96 59.79 -49.14 93.24
CA GLU Q 96 58.59 -48.66 93.89
C GLU Q 96 57.36 -49.48 93.50
N VAL Q 97 57.41 -50.16 92.36
CA VAL Q 97 56.26 -50.89 91.83
C VAL Q 97 56.50 -52.39 91.82
N GLU Q 98 57.47 -52.89 92.57
CA GLU Q 98 57.70 -54.33 92.62
C GLU Q 98 56.69 -55.07 93.48
N GLN Q 99 55.88 -54.36 94.25
CA GLN Q 99 54.83 -55.02 95.01
C GLN Q 99 53.63 -55.38 94.14
N PHE Q 100 53.50 -54.74 92.99
CA PHE Q 100 52.36 -54.95 92.10
C PHE Q 100 52.64 -55.94 90.99
N ARG Q 101 53.87 -56.42 90.86
CA ARG Q 101 54.20 -57.36 89.79
C ARG Q 101 53.66 -58.75 90.09
N ALA R 2 83.84 -44.04 63.55
CA ALA R 2 83.47 -44.99 64.59
C ALA R 2 82.44 -45.99 64.09
N VAL R 3 81.85 -46.75 65.01
CA VAL R 3 80.73 -47.62 64.70
C VAL R 3 79.54 -46.79 64.29
N ALA R 4 78.82 -47.23 63.25
CA ALA R 4 77.78 -46.43 62.61
C ALA R 4 76.61 -46.16 63.55
N VAL R 5 75.97 -45.02 63.35
CA VAL R 5 74.88 -44.57 64.20
C VAL R 5 73.64 -44.34 63.34
N GLY R 6 72.52 -44.88 63.79
CA GLY R 6 71.24 -44.64 63.13
C GLY R 6 70.25 -44.04 64.09
N MET R 7 69.49 -43.07 63.60
CA MET R 7 68.53 -42.34 64.42
C MET R 7 67.17 -42.37 63.74
N ILE R 8 66.13 -42.59 64.54
CA ILE R 8 64.75 -42.46 64.08
C ILE R 8 64.06 -41.48 65.03
N GLU R 9 63.57 -40.37 64.48
CA GLU R 9 62.79 -39.42 65.24
C GLU R 9 61.32 -39.61 64.94
N THR R 10 60.53 -39.83 65.97
CA THR R 10 59.09 -39.99 65.83
C THR R 10 58.37 -38.90 66.61
N LEU R 11 57.10 -38.71 66.28
CA LEU R 11 56.21 -37.85 67.04
C LEU R 11 55.40 -38.75 67.96
N GLY R 12 55.82 -38.85 69.20
CA GLY R 12 55.13 -39.70 70.14
C GLY R 12 55.99 -40.78 70.76
N PHE R 13 55.73 -41.08 72.02
CA PHE R 13 56.45 -42.13 72.74
C PHE R 13 56.03 -43.57 72.41
N PRO R 14 54.75 -43.91 72.17
CA PRO R 14 54.47 -45.27 71.69
C PRO R 14 55.04 -45.57 70.31
N ALA R 15 55.23 -44.55 69.47
CA ALA R 15 55.83 -44.78 68.16
C ALA R 15 57.33 -45.00 68.27
N VAL R 16 57.96 -44.46 69.31
CA VAL R 16 59.42 -44.53 69.39
C VAL R 16 59.85 -45.82 70.08
N VAL R 17 58.96 -46.45 70.84
CA VAL R 17 59.28 -47.72 71.47
C VAL R 17 59.09 -48.86 70.47
N GLU R 18 58.07 -48.73 69.61
CA GLU R 18 57.88 -49.71 68.54
C GLU R 18 58.98 -49.58 67.48
N ALA R 19 59.44 -48.36 67.22
CA ALA R 19 60.58 -48.18 66.33
C ALA R 19 61.86 -48.75 66.93
N ALA R 20 62.06 -48.56 68.23
CA ALA R 20 63.25 -49.09 68.87
C ALA R 20 63.19 -50.61 69.00
N ASP R 21 61.98 -51.17 69.16
CA ASP R 21 61.85 -52.61 69.26
C ASP R 21 61.97 -53.28 67.90
N ALA R 22 61.54 -52.60 66.84
CA ALA R 22 61.70 -53.14 65.51
C ALA R 22 63.16 -53.11 65.06
N MET R 23 63.92 -52.13 65.55
CA MET R 23 65.30 -51.96 65.10
C MET R 23 66.20 -53.05 65.64
N VAL R 24 66.10 -53.35 66.94
CA VAL R 24 67.03 -54.29 67.54
C VAL R 24 66.61 -55.72 67.25
N LYS R 25 65.40 -55.93 66.74
CA LYS R 25 65.00 -57.27 66.30
C LYS R 25 65.39 -57.50 64.85
N ALA R 26 65.50 -56.43 64.06
CA ALA R 26 65.72 -56.59 62.62
C ALA R 26 67.17 -56.89 62.31
N ALA R 27 68.10 -56.39 63.12
CA ALA R 27 69.51 -56.56 62.82
C ALA R 27 70.31 -56.56 64.12
N ARG R 28 71.63 -56.64 63.99
CA ARG R 28 72.53 -56.71 65.13
C ARG R 28 72.97 -55.29 65.50
N VAL R 29 71.98 -54.46 65.82
CA VAL R 29 72.24 -53.12 66.29
C VAL R 29 72.00 -53.10 67.79
N THR R 30 72.65 -52.16 68.46
CA THR R 30 72.48 -51.94 69.89
C THR R 30 71.79 -50.60 70.08
N LEU R 31 70.59 -50.63 70.64
CA LEU R 31 69.93 -49.42 71.07
C LEU R 31 70.70 -48.84 72.25
N VAL R 32 71.27 -47.65 72.06
CA VAL R 32 72.08 -47.04 73.09
C VAL R 32 71.50 -45.73 73.60
N GLY R 33 70.58 -45.11 72.88
CA GLY R 33 70.26 -43.72 73.13
C GLY R 33 68.77 -43.48 73.07
N TYR R 34 68.36 -42.41 73.75
CA TYR R 34 66.97 -42.02 73.86
C TYR R 34 66.95 -40.53 74.16
N GLU R 35 66.41 -39.74 73.24
CA GLU R 35 66.56 -38.30 73.31
C GLU R 35 65.23 -37.60 73.11
N LYS R 36 64.94 -36.63 73.99
CA LYS R 36 63.76 -35.79 73.90
C LYS R 36 64.21 -34.36 73.67
N ILE R 37 63.66 -33.73 72.62
CA ILE R 37 64.04 -32.38 72.25
C ILE R 37 62.85 -31.42 72.27
N GLY R 38 61.69 -31.89 72.72
CA GLY R 38 60.51 -31.06 72.80
C GLY R 38 59.55 -31.25 71.64
N THR R 39 58.33 -30.72 71.83
CA THR R 39 57.16 -30.89 70.96
C THR R 39 56.89 -32.34 70.56
N GLY R 40 57.11 -33.28 71.47
CA GLY R 40 56.86 -34.67 71.17
C GLY R 40 57.83 -35.32 70.21
N ARG R 41 58.90 -34.62 69.83
CA ARG R 41 59.91 -35.18 68.95
C ARG R 41 60.85 -36.03 69.77
N VAL R 42 60.73 -37.35 69.63
CA VAL R 42 61.49 -38.30 70.42
C VAL R 42 62.37 -39.10 69.49
N THR R 43 63.64 -39.27 69.87
CA THR R 43 64.63 -39.93 69.02
C THR R 43 65.25 -41.10 69.76
N VAL R 44 65.30 -42.26 69.10
CA VAL R 44 66.07 -43.40 69.57
C VAL R 44 67.28 -43.58 68.66
N ILE R 45 68.38 -44.03 69.26
CA ILE R 45 69.69 -44.08 68.62
C ILE R 45 70.23 -45.50 68.71
N VAL R 46 70.54 -46.09 67.57
CA VAL R 46 71.14 -47.41 67.53
C VAL R 46 72.56 -47.31 67.01
N ARG R 47 73.40 -48.26 67.43
CA ARG R 47 74.77 -48.39 66.96
C ARG R 47 74.99 -49.78 66.41
N GLY R 48 75.77 -49.88 65.34
CA GLY R 48 76.12 -51.17 64.78
C GLY R 48 76.88 -50.96 63.49
N ASP R 49 77.12 -52.06 62.79
CA ASP R 49 77.67 -51.97 61.45
C ASP R 49 76.66 -51.32 60.51
N VAL R 50 77.16 -50.67 59.47
CA VAL R 50 76.33 -49.81 58.62
C VAL R 50 75.32 -50.63 57.82
N SER R 51 75.62 -51.89 57.51
CA SER R 51 74.64 -52.76 56.88
C SER R 51 73.53 -53.14 57.87
N GLU R 52 73.89 -53.34 59.14
CA GLU R 52 72.89 -53.64 60.15
C GLU R 52 72.10 -52.40 60.52
N VAL R 53 72.75 -51.24 60.54
CA VAL R 53 72.06 -50.00 60.90
C VAL R 53 71.09 -49.58 59.80
N GLN R 54 71.48 -49.79 58.54
CA GLN R 54 70.57 -49.50 57.42
C GLN R 54 69.38 -50.44 57.41
N ALA R 55 69.59 -51.70 57.80
CA ALA R 55 68.51 -52.67 57.81
C ALA R 55 67.56 -52.44 58.97
N SER R 56 68.08 -51.93 60.09
CA SER R 56 67.25 -51.71 61.27
C SER R 56 66.43 -50.44 61.14
N VAL R 57 67.05 -49.35 60.68
CA VAL R 57 66.38 -48.06 60.57
C VAL R 57 65.27 -48.11 59.54
N SER R 58 65.48 -48.88 58.46
CA SER R 58 64.42 -49.10 57.49
C SER R 58 63.27 -49.91 58.08
N ALA R 59 63.59 -50.90 58.92
CA ALA R 59 62.54 -51.71 59.53
C ALA R 59 61.91 -51.00 60.72
N GLY R 60 62.66 -50.11 61.37
CA GLY R 60 62.08 -49.31 62.43
C GLY R 60 61.15 -48.22 61.93
N THR R 61 61.34 -47.80 60.67
CA THR R 61 60.45 -46.81 60.08
C THR R 61 59.13 -47.44 59.67
N GLU R 62 59.16 -48.69 59.19
CA GLU R 62 57.95 -49.33 58.71
C GLU R 62 57.03 -49.77 59.86
N SER R 63 57.60 -49.95 61.05
CA SER R 63 56.79 -50.42 62.17
C SER R 63 56.06 -49.30 62.89
N VAL R 64 56.41 -48.03 62.61
CA VAL R 64 55.64 -46.92 63.15
C VAL R 64 54.28 -46.82 62.47
N LYS R 65 54.16 -47.37 61.26
CA LYS R 65 52.86 -47.46 60.61
C LYS R 65 51.93 -48.44 61.31
N ARG R 66 52.48 -49.38 62.08
CA ARG R 66 51.64 -50.25 62.90
C ARG R 66 51.00 -49.47 64.04
N VAL R 67 51.70 -48.47 64.56
CA VAL R 67 51.17 -47.66 65.65
C VAL R 67 50.15 -46.67 65.12
N ASN R 68 48.95 -46.68 65.68
CA ASN R 68 47.95 -45.68 65.35
C ASN R 68 48.34 -44.36 66.00
N GLY R 69 48.38 -43.30 65.20
CA GLY R 69 48.82 -42.03 65.72
C GLY R 69 50.32 -41.89 65.83
N GLY R 70 51.08 -42.82 65.24
CA GLY R 70 52.52 -42.75 65.21
C GLY R 70 53.00 -42.22 63.87
N GLN R 71 54.02 -41.37 63.92
CA GLN R 71 54.52 -40.69 62.73
C GLN R 71 56.03 -40.52 62.83
N VAL R 72 56.74 -41.00 61.82
CA VAL R 72 58.18 -40.81 61.71
C VAL R 72 58.43 -39.40 61.20
N LEU R 73 59.20 -38.63 61.95
CA LEU R 73 59.52 -37.27 61.52
C LEU R 73 60.79 -37.25 60.69
N SER R 74 61.85 -37.88 61.17
CA SER R 74 63.13 -37.83 60.49
C SER R 74 63.94 -39.06 60.86
N THR R 75 64.56 -39.66 59.85
CA THR R 75 65.53 -40.73 60.06
C THR R 75 66.85 -40.33 59.42
N HIS R 76 67.94 -40.81 59.99
CA HIS R 76 69.26 -40.61 59.40
C HIS R 76 70.21 -41.71 59.86
N ILE R 77 71.18 -42.00 59.01
CA ILE R 77 72.22 -42.98 59.27
C ILE R 77 73.56 -42.34 58.94
N ILE R 78 74.48 -42.34 59.90
CA ILE R 78 75.86 -41.92 59.68
C ILE R 78 76.72 -43.16 59.70
N ALA R 79 77.41 -43.41 58.59
CA ALA R 79 78.13 -44.67 58.41
C ALA R 79 79.38 -44.75 59.28
N ARG R 80 79.98 -43.61 59.59
CA ARG R 80 81.23 -43.57 60.34
C ARG R 80 81.29 -42.23 61.06
N PRO R 81 80.64 -42.12 62.22
CA PRO R 81 80.65 -40.85 62.95
C PRO R 81 82.02 -40.56 63.55
N HIS R 82 82.33 -39.28 63.64
CA HIS R 82 83.58 -38.83 64.21
C HIS R 82 83.61 -39.12 65.71
N GLU R 83 84.82 -39.25 66.25
CA GLU R 83 85.01 -39.59 67.65
C GLU R 83 84.60 -38.46 68.59
N ASN R 84 84.51 -37.23 68.08
CA ASN R 84 84.05 -36.10 68.87
C ASN R 84 82.58 -36.22 69.22
N LEU R 85 81.81 -36.94 68.41
CA LEU R 85 80.35 -36.94 68.56
C LEU R 85 79.89 -37.76 69.76
N GLU R 86 80.64 -38.77 70.16
CA GLU R 86 80.20 -39.64 71.25
C GLU R 86 80.43 -38.98 72.60
N TYR R 87 81.26 -37.93 72.65
CA TYR R 87 81.53 -37.27 73.92
C TYR R 87 80.60 -36.08 74.13
N VAL R 88 79.91 -35.66 73.08
CA VAL R 88 78.97 -34.54 73.22
C VAL R 88 77.54 -35.03 73.05
N LEU R 89 77.26 -35.68 71.96
CA LEU R 89 75.91 -36.14 71.67
C LEU R 89 75.65 -37.48 72.35
N PRO R 90 74.41 -37.76 72.75
CA PRO R 90 74.09 -39.05 73.41
C PRO R 90 73.93 -40.20 72.41
N ILE R 91 75.02 -40.49 71.69
CA ILE R 91 75.07 -41.61 70.77
C ILE R 91 76.08 -42.67 71.20
N ARG R 92 76.65 -42.54 72.38
CA ARG R 92 77.72 -43.43 72.79
C ARG R 92 77.17 -44.66 73.51
N TYR R 93 78.00 -45.69 73.55
CA TYR R 93 77.67 -46.88 74.33
C TYR R 93 77.79 -46.57 75.81
N THR R 94 76.66 -46.61 76.51
CA THR R 94 76.69 -46.53 77.96
C THR R 94 77.02 -47.90 78.55
N GLU R 95 77.31 -47.91 79.85
CA GLU R 95 77.76 -49.15 80.49
C GLU R 95 76.62 -50.15 80.64
N GLU R 96 75.38 -49.68 80.68
CA GLU R 96 74.23 -50.56 80.86
C GLU R 96 73.93 -51.36 79.60
N VAL R 97 74.38 -50.88 78.44
CA VAL R 97 74.04 -51.51 77.17
C VAL R 97 75.24 -52.23 76.54
N GLU R 98 76.31 -52.44 77.31
CA GLU R 98 77.46 -53.15 76.76
C GLU R 98 77.25 -54.67 76.72
N GLN R 99 76.18 -55.17 77.33
CA GLN R 99 75.86 -56.59 77.21
C GLN R 99 75.20 -56.90 75.88
N PHE R 100 74.71 -55.88 75.17
CA PHE R 100 74.04 -56.07 73.90
C PHE R 100 74.91 -55.71 72.70
N ARG R 101 76.15 -55.32 72.92
CA ARG R 101 77.02 -54.92 71.83
C ARG R 101 77.59 -56.14 71.10
N ALA S 2 44.84 -77.62 73.13
CA ALA S 2 45.54 -77.10 74.30
C ALA S 2 46.26 -75.80 73.95
N VAL S 3 47.33 -75.94 73.19
CA VAL S 3 48.06 -74.80 72.68
C VAL S 3 47.31 -74.23 71.48
N ALA S 4 47.14 -72.90 71.46
CA ALA S 4 46.39 -72.26 70.38
C ALA S 4 47.14 -72.34 69.06
N VAL S 5 46.42 -72.13 67.97
CA VAL S 5 46.97 -72.21 66.63
C VAL S 5 46.59 -70.96 65.85
N GLY S 6 47.56 -70.38 65.17
CA GLY S 6 47.31 -69.25 64.30
C GLY S 6 47.88 -69.50 62.92
N MET S 7 47.17 -69.03 61.91
CA MET S 7 47.55 -69.24 60.51
C MET S 7 47.51 -67.91 59.78
N ILE S 8 48.52 -67.66 58.96
CA ILE S 8 48.51 -66.56 58.00
C ILE S 8 48.74 -67.17 56.63
N GLU S 9 47.80 -66.97 55.72
CA GLU S 9 47.97 -67.41 54.34
C GLU S 9 48.31 -66.21 53.46
N THR S 10 49.44 -66.29 52.78
CA THR S 10 49.87 -65.26 51.86
C THR S 10 49.90 -65.81 50.45
N LEU S 11 49.91 -64.89 49.49
CA LEU S 11 50.14 -65.22 48.08
C LEU S 11 51.63 -65.00 47.82
N GLY S 12 52.39 -66.08 47.77
CA GLY S 12 53.81 -65.98 47.52
C GLY S 12 54.68 -66.43 48.67
N PHE S 13 55.83 -67.01 48.35
CA PHE S 13 56.79 -67.47 49.35
C PHE S 13 57.64 -66.38 50.01
N PRO S 14 58.10 -65.31 49.32
CA PRO S 14 58.75 -64.23 50.09
C PRO S 14 57.83 -63.52 51.07
N ALA S 15 56.53 -63.48 50.80
CA ALA S 15 55.60 -62.86 51.75
C ALA S 15 55.35 -63.75 52.94
N VAL S 16 55.47 -65.07 52.78
CA VAL S 16 55.12 -65.97 53.88
C VAL S 16 56.31 -66.17 54.80
N VAL S 17 57.53 -65.85 54.34
CA VAL S 17 58.69 -65.92 55.21
C VAL S 17 58.80 -64.66 56.06
N GLU S 18 58.44 -63.51 55.46
CA GLU S 18 58.37 -62.27 56.24
C GLU S 18 57.22 -62.31 57.24
N ALA S 19 56.11 -62.96 56.87
CA ALA S 19 55.02 -63.17 57.82
C ALA S 19 55.44 -64.11 58.95
N ALA S 20 56.16 -65.18 58.62
CA ALA S 20 56.58 -66.13 59.65
C ALA S 20 57.67 -65.54 60.53
N ASP S 21 58.53 -64.68 59.97
CA ASP S 21 59.58 -64.06 60.78
C ASP S 21 59.02 -62.99 61.70
N ALA S 22 57.98 -62.28 61.27
CA ALA S 22 57.38 -61.26 62.12
C ALA S 22 56.54 -61.89 63.23
N MET S 23 56.10 -63.13 63.04
CA MET S 23 55.27 -63.78 64.05
C MET S 23 56.10 -64.23 65.23
N VAL S 24 57.22 -64.90 64.98
CA VAL S 24 57.98 -65.48 66.08
C VAL S 24 58.85 -64.42 66.75
N LYS S 25 58.98 -63.24 66.15
CA LYS S 25 59.68 -62.15 66.80
C LYS S 25 58.75 -61.36 67.70
N ALA S 26 57.48 -61.25 67.33
CA ALA S 26 56.56 -60.37 68.04
C ALA S 26 56.11 -60.97 69.37
N ALA S 27 55.97 -62.29 69.45
CA ALA S 27 55.42 -62.92 70.63
C ALA S 27 56.05 -64.28 70.83
N ARG S 28 55.66 -64.94 71.93
CA ARG S 28 56.19 -66.25 72.30
C ARG S 28 55.36 -67.34 71.62
N VAL S 29 55.50 -67.40 70.31
CA VAL S 29 54.84 -68.43 69.51
C VAL S 29 55.91 -69.27 68.85
N THR S 30 55.55 -70.51 68.52
CA THR S 30 56.43 -71.42 67.82
C THR S 30 55.88 -71.67 66.43
N LEU S 31 56.64 -71.27 65.41
CA LEU S 31 56.34 -71.67 64.04
C LEU S 31 56.55 -73.17 63.93
N VAL S 32 55.48 -73.89 63.62
CA VAL S 32 55.54 -75.35 63.56
C VAL S 32 55.29 -75.91 62.18
N GLY S 33 54.67 -75.15 61.28
CA GLY S 33 54.14 -75.74 60.07
C GLY S 33 54.22 -74.78 58.91
N TYR S 34 54.00 -75.34 57.72
CA TYR S 34 54.21 -74.64 56.46
C TYR S 34 53.44 -75.41 55.40
N GLU S 35 52.41 -74.79 54.84
CA GLU S 35 51.44 -75.50 54.03
C GLU S 35 51.29 -74.82 52.67
N LYS S 36 51.34 -75.62 51.62
CA LYS S 36 51.10 -75.16 50.24
C LYS S 36 49.89 -75.89 49.72
N ILE S 37 48.91 -75.15 49.21
CA ILE S 37 47.65 -75.72 48.73
C ILE S 37 47.43 -75.44 47.25
N GLY S 38 48.35 -74.74 46.60
CA GLY S 38 48.20 -74.41 45.20
C GLY S 38 47.80 -72.95 44.98
N THR S 39 47.96 -72.52 43.73
CA THR S 39 47.86 -71.13 43.26
C THR S 39 48.67 -70.15 44.10
N GLY S 40 49.84 -70.55 44.56
CA GLY S 40 50.68 -69.68 45.34
C GLY S 40 50.19 -69.37 46.73
N ARG S 41 49.10 -70.00 47.18
CA ARG S 41 48.55 -69.77 48.50
C ARG S 41 49.36 -70.58 49.50
N VAL S 42 50.17 -69.89 50.30
CA VAL S 42 51.09 -70.51 51.23
C VAL S 42 50.73 -70.08 52.64
N THR S 43 50.64 -71.04 53.56
CA THR S 43 50.21 -70.79 54.92
C THR S 43 51.32 -71.20 55.88
N VAL S 44 51.60 -70.35 56.87
CA VAL S 44 52.46 -70.69 58.00
C VAL S 44 51.60 -70.83 59.24
N ILE S 45 51.97 -71.77 60.10
CA ILE S 45 51.20 -72.15 61.27
C ILE S 45 52.05 -71.92 62.50
N VAL S 46 51.56 -71.09 63.43
CA VAL S 46 52.23 -70.86 64.69
C VAL S 46 51.42 -71.48 65.82
N ARG S 47 52.11 -71.88 66.88
CA ARG S 47 51.48 -72.38 68.08
C ARG S 47 51.95 -71.57 69.28
N GLY S 48 51.02 -71.23 70.16
CA GLY S 48 51.37 -70.56 71.39
C GLY S 48 50.13 -70.38 72.24
N ASP S 49 50.23 -69.50 73.23
CA ASP S 49 49.03 -69.05 73.92
C ASP S 49 48.21 -68.19 72.96
N VAL S 50 46.90 -68.15 73.20
CA VAL S 50 46.00 -67.44 72.30
C VAL S 50 46.25 -65.93 72.31
N SER S 51 46.73 -65.39 73.43
CA SER S 51 47.11 -63.99 73.47
C SER S 51 48.40 -63.75 72.68
N GLU S 52 49.34 -64.69 72.75
CA GLU S 52 50.57 -64.56 71.98
C GLU S 52 50.32 -64.83 70.50
N VAL S 53 49.39 -65.72 70.19
CA VAL S 53 49.07 -66.02 68.80
C VAL S 53 48.36 -64.83 68.16
N GLN S 54 47.52 -64.13 68.93
CA GLN S 54 46.82 -62.95 68.42
C GLN S 54 47.77 -61.80 68.16
N ALA S 55 48.80 -61.65 68.99
CA ALA S 55 49.75 -60.57 68.79
C ALA S 55 50.69 -60.87 67.64
N SER S 56 50.99 -62.15 67.41
CA SER S 56 51.90 -62.51 66.33
C SER S 56 51.20 -62.45 64.97
N VAL S 57 49.94 -62.89 64.91
CA VAL S 57 49.20 -62.90 63.65
C VAL S 57 48.90 -61.48 63.20
N SER S 58 48.64 -60.58 64.15
CA SER S 58 48.44 -59.17 63.82
C SER S 58 49.74 -58.53 63.35
N ALA S 59 50.87 -58.97 63.87
CA ALA S 59 52.16 -58.42 63.45
C ALA S 59 52.60 -59.03 62.13
N GLY S 60 52.32 -60.32 61.92
CA GLY S 60 52.69 -60.95 60.66
C GLY S 60 51.85 -60.49 59.49
N THR S 61 50.63 -60.03 59.76
CA THR S 61 49.78 -59.49 58.70
C THR S 61 50.29 -58.14 58.23
N GLU S 62 50.76 -57.30 59.17
CA GLU S 62 51.23 -55.96 58.81
C GLU S 62 52.60 -56.00 58.13
N SER S 63 53.36 -57.08 58.32
CA SER S 63 54.69 -57.16 57.73
C SER S 63 54.65 -57.59 56.27
N VAL S 64 53.54 -58.16 55.81
CA VAL S 64 53.42 -58.52 54.39
C VAL S 64 53.23 -57.26 53.55
N LYS S 65 52.69 -56.20 54.16
CA LYS S 65 52.51 -54.93 53.46
C LYS S 65 53.83 -54.27 53.07
N ARG S 66 54.93 -54.63 53.72
CA ARG S 66 56.25 -54.13 53.32
C ARG S 66 56.89 -55.00 52.22
N VAL S 67 56.37 -56.20 51.99
CA VAL S 67 56.82 -57.01 50.87
C VAL S 67 56.07 -56.58 49.62
N ASN S 68 56.81 -56.17 48.60
CA ASN S 68 56.22 -55.81 47.31
C ASN S 68 56.09 -57.06 46.46
N GLY S 69 54.86 -57.47 46.20
CA GLY S 69 54.58 -58.69 45.45
C GLY S 69 53.87 -59.77 46.24
N GLY S 70 53.55 -59.51 47.52
CA GLY S 70 52.82 -60.47 48.31
C GLY S 70 51.71 -59.78 49.08
N GLN S 71 50.65 -60.56 49.32
CA GLN S 71 49.49 -60.05 50.04
C GLN S 71 48.96 -61.14 50.95
N VAL S 72 48.36 -60.72 52.06
CA VAL S 72 47.72 -61.64 53.00
C VAL S 72 46.37 -62.04 52.40
N LEU S 73 46.16 -63.33 52.22
CA LEU S 73 44.89 -63.80 51.69
C LEU S 73 43.90 -64.09 52.81
N SER S 74 44.36 -64.75 53.87
CA SER S 74 43.48 -65.14 54.96
C SER S 74 44.30 -65.35 56.22
N THR S 75 43.74 -64.90 57.35
CA THR S 75 44.30 -65.17 58.66
C THR S 75 43.21 -65.74 59.55
N HIS S 76 43.62 -66.61 60.47
CA HIS S 76 42.68 -67.14 61.45
C HIS S 76 43.43 -67.60 62.70
N ILE S 77 42.73 -67.53 63.83
CA ILE S 77 43.25 -67.89 65.14
C ILE S 77 42.21 -68.78 65.81
N ILE S 78 42.64 -69.93 66.33
CA ILE S 78 41.79 -70.83 67.12
C ILE S 78 42.38 -70.92 68.51
N ALA S 79 41.56 -70.63 69.53
CA ALA S 79 42.07 -70.50 70.89
C ALA S 79 42.49 -71.84 71.48
N ARG S 80 41.77 -72.91 71.11
CA ARG S 80 42.10 -74.25 71.56
C ARG S 80 41.57 -75.22 70.51
N PRO S 81 42.42 -75.70 69.60
CA PRO S 81 41.95 -76.67 68.61
C PRO S 81 41.65 -78.02 69.25
N HIS S 82 40.72 -78.72 68.63
CA HIS S 82 40.39 -80.07 69.02
C HIS S 82 41.57 -80.99 68.74
N GLU S 83 41.71 -82.05 69.53
CA GLU S 83 42.86 -82.96 69.37
C GLU S 83 42.71 -83.85 68.13
N ASN S 84 41.52 -83.85 67.51
CA ASN S 84 41.36 -84.48 66.21
C ASN S 84 42.16 -83.76 65.13
N LEU S 85 42.38 -82.45 65.30
CA LEU S 85 43.00 -81.66 64.25
C LEU S 85 44.51 -81.88 64.15
N GLU S 86 45.16 -82.26 65.26
CA GLU S 86 46.61 -82.46 65.21
C GLU S 86 46.99 -83.71 64.45
N TYR S 87 46.08 -84.67 64.34
CA TYR S 87 46.40 -85.92 63.65
C TYR S 87 46.08 -85.82 62.16
N VAL S 88 45.16 -84.94 61.79
CA VAL S 88 44.77 -84.83 60.38
C VAL S 88 45.45 -83.62 59.73
N LEU S 89 45.44 -82.50 60.41
CA LEU S 89 45.99 -81.27 59.83
C LEU S 89 47.44 -81.08 60.29
N PRO S 90 48.29 -80.49 59.46
CA PRO S 90 49.70 -80.24 59.86
C PRO S 90 49.86 -79.00 60.73
N ILE S 91 49.23 -79.02 61.90
CA ILE S 91 49.32 -77.94 62.87
C ILE S 91 49.99 -78.36 64.16
N ARG S 92 50.49 -79.59 64.22
CA ARG S 92 51.06 -80.11 65.45
C ARG S 92 52.53 -79.73 65.56
N TYR S 93 53.05 -79.84 66.78
CA TYR S 93 54.47 -79.64 67.01
C TYR S 93 55.26 -80.79 66.43
N THR S 94 56.15 -80.49 65.49
CA THR S 94 57.10 -81.49 65.02
C THR S 94 58.25 -81.60 66.01
N GLU S 95 59.05 -82.65 65.82
CA GLU S 95 60.16 -82.90 66.75
C GLU S 95 61.34 -81.98 66.50
N GLU S 96 61.34 -81.29 65.36
CA GLU S 96 62.44 -80.38 65.05
C GLU S 96 62.24 -79.02 65.72
N VAL S 97 61.00 -78.71 66.10
CA VAL S 97 60.67 -77.39 66.63
C VAL S 97 60.39 -77.44 68.14
N GLU S 98 60.74 -78.55 68.80
CA GLU S 98 60.47 -78.66 70.23
C GLU S 98 61.42 -77.83 71.07
N GLN S 99 62.52 -77.35 70.49
CA GLN S 99 63.43 -76.48 71.23
C GLN S 99 62.87 -75.07 71.38
N PHE S 100 61.90 -74.69 70.55
CA PHE S 100 61.31 -73.37 70.58
C PHE S 100 60.01 -73.30 71.34
N ARG S 101 59.53 -74.42 71.89
CA ARG S 101 58.25 -74.46 72.57
C ARG S 101 58.34 -73.83 73.96
N MET T 1 18.30 -53.19 89.95
CA MET T 1 19.72 -53.24 90.22
C MET T 1 20.03 -54.09 91.45
N GLN T 2 21.26 -54.61 91.49
CA GLN T 2 21.75 -55.37 92.62
C GLN T 2 23.02 -54.71 93.13
N MET T 3 23.25 -54.81 94.42
CA MET T 3 24.51 -54.38 95.01
C MET T 3 25.51 -55.52 94.91
N ALA T 4 26.72 -55.20 94.47
CA ALA T 4 27.74 -56.21 94.26
C ALA T 4 29.09 -55.65 94.68
N LYS T 5 29.98 -56.56 95.05
CA LYS T 5 31.36 -56.23 95.39
C LYS T 5 32.28 -56.72 94.27
N VAL T 6 33.18 -55.85 93.83
CA VAL T 6 34.12 -56.19 92.78
C VAL T 6 35.15 -57.15 93.38
N CYS T 7 35.13 -58.40 92.92
CA CYS T 7 36.09 -59.37 93.43
C CYS T 7 37.25 -59.59 92.46
N GLY T 8 37.07 -59.24 91.19
CA GLY T 8 38.16 -59.37 90.27
C GLY T 8 37.80 -59.03 88.85
N THR T 9 38.67 -59.48 87.93
CA THR T 9 38.55 -59.18 86.51
C THR T 9 38.54 -60.46 85.71
N VAL T 10 37.84 -60.45 84.58
CA VAL T 10 37.82 -61.55 83.63
C VAL T 10 38.33 -61.03 82.30
N VAL T 11 39.35 -61.69 81.76
CA VAL T 11 39.95 -61.29 80.49
C VAL T 11 39.69 -62.42 79.48
N GLY T 12 39.10 -62.07 78.35
CA GLY T 12 38.94 -63.01 77.26
C GLY T 12 39.55 -62.49 75.98
N THR T 13 40.40 -63.28 75.34
CA THR T 13 41.05 -62.83 74.11
C THR T 13 40.26 -63.17 72.85
N GLN T 14 39.74 -64.39 72.74
CA GLN T 14 38.78 -64.69 71.68
C GLN T 14 37.38 -64.38 72.18
N LYS T 15 36.76 -63.39 71.55
CA LYS T 15 35.44 -62.94 71.90
C LYS T 15 34.76 -62.50 70.62
N LEU T 16 33.56 -61.95 70.75
CA LEU T 16 32.94 -61.30 69.62
C LEU T 16 33.64 -59.99 69.35
N PRO T 17 33.65 -59.53 68.09
CA PRO T 17 34.27 -58.21 67.79
C PRO T 17 33.54 -57.05 68.44
N SER T 18 32.25 -57.20 68.72
CA SER T 18 31.53 -56.18 69.47
C SER T 18 31.83 -56.23 70.96
N MET T 19 32.48 -57.29 71.43
CA MET T 19 32.93 -57.36 72.82
C MET T 19 34.31 -56.75 73.03
N THR T 20 34.89 -56.13 72.01
CA THR T 20 36.23 -55.57 72.12
C THR T 20 36.17 -54.20 72.78
N GLY T 21 37.01 -54.01 73.80
CA GLY T 21 37.04 -52.77 74.55
C GLY T 21 36.17 -52.77 75.79
N VAL T 22 35.37 -53.81 75.99
CA VAL T 22 34.48 -53.93 77.14
C VAL T 22 35.31 -54.46 78.30
N LYS T 23 35.40 -53.68 79.37
CA LYS T 23 36.08 -54.11 80.59
C LYS T 23 35.13 -55.00 81.38
N LEU T 24 35.61 -56.19 81.75
CA LEU T 24 34.77 -57.20 82.40
C LEU T 24 35.22 -57.39 83.83
N LEU T 25 34.32 -57.15 84.77
CA LEU T 25 34.57 -57.30 86.20
C LEU T 25 33.81 -58.49 86.74
N LEU T 26 34.47 -59.24 87.60
CA LEU T 26 33.83 -60.33 88.35
C LEU T 26 33.28 -59.74 89.64
N LEU T 27 31.96 -59.63 89.72
CA LEU T 27 31.28 -59.04 90.86
C LEU T 27 30.54 -60.12 91.64
N GLN T 28 30.79 -60.19 92.93
CA GLN T 28 30.03 -61.05 93.81
C GLN T 28 28.91 -60.25 94.45
N PHE T 29 27.70 -60.80 94.44
CA PHE T 29 26.56 -60.10 95.00
C PHE T 29 26.61 -60.09 96.52
N ILE T 30 26.28 -58.95 97.10
CA ILE T 30 26.16 -58.77 98.54
C ILE T 30 24.70 -58.60 98.87
N ASP T 31 24.32 -58.94 100.09
CA ASP T 31 22.91 -58.87 100.46
C ASP T 31 22.55 -57.46 100.93
N ALA T 32 21.35 -57.33 101.50
CA ALA T 32 20.93 -56.05 102.05
C ALA T 32 21.62 -55.75 103.38
N ASN T 33 22.20 -56.76 104.01
CA ASN T 33 22.92 -56.54 105.26
C ASN T 33 24.40 -56.31 105.04
N GLY T 34 24.89 -56.57 103.84
CA GLY T 34 26.30 -56.36 103.51
C GLY T 34 27.16 -57.60 103.45
N GLU T 35 26.57 -58.78 103.66
CA GLU T 35 27.32 -60.04 103.60
C GLU T 35 27.34 -60.56 102.17
N LEU T 36 28.41 -61.28 101.84
CA LEU T 36 28.59 -61.79 100.49
C LEU T 36 27.66 -62.97 100.24
N LEU T 37 26.88 -62.89 99.17
CA LEU T 37 26.02 -63.99 98.75
C LEU T 37 26.83 -64.96 97.87
N PRO T 38 26.46 -66.25 97.88
CA PRO T 38 27.12 -67.20 96.95
C PRO T 38 26.56 -67.12 95.53
N LYS T 39 26.71 -65.95 94.93
CA LYS T 39 26.21 -65.66 93.59
C LYS T 39 27.06 -64.56 93.01
N TYR T 40 27.40 -64.67 91.73
CA TYR T 40 28.28 -63.74 91.08
C TYR T 40 27.69 -63.25 89.76
N GLU T 41 28.43 -62.37 89.11
CA GLU T 41 28.11 -61.86 87.79
C GLU T 41 29.38 -61.38 87.13
N VAL T 42 29.41 -61.40 85.82
CA VAL T 42 30.44 -60.74 85.03
C VAL T 42 29.76 -59.60 84.28
N ALA T 43 30.19 -58.37 84.55
CA ALA T 43 29.50 -57.21 84.04
C ALA T 43 30.47 -56.26 83.33
N ALA T 44 29.94 -55.52 82.37
CA ALA T 44 30.66 -54.41 81.77
C ALA T 44 30.80 -53.28 82.78
N ASP T 45 31.86 -52.50 82.63
CA ASP T 45 32.23 -51.48 83.61
C ASP T 45 32.55 -50.16 82.89
N PRO T 46 31.54 -49.35 82.59
CA PRO T 46 31.82 -48.00 82.09
C PRO T 46 32.23 -47.04 83.20
N VAL T 47 31.65 -47.20 84.38
CA VAL T 47 31.99 -46.43 85.57
C VAL T 47 33.17 -47.13 86.22
N GLY T 48 34.34 -46.51 86.16
CA GLY T 48 35.58 -47.21 86.47
C GLY T 48 35.69 -47.61 87.93
N ALA T 49 35.55 -48.90 88.21
CA ALA T 49 35.50 -49.42 89.56
C ALA T 49 36.61 -50.44 89.76
N GLY T 50 37.29 -50.36 90.90
CA GLY T 50 38.39 -51.25 91.21
C GLY T 50 37.99 -52.33 92.19
N LEU T 51 38.99 -53.13 92.58
CA LEU T 51 38.75 -54.32 93.38
C LEU T 51 38.39 -53.94 94.82
N GLY T 52 37.29 -54.50 95.31
CA GLY T 52 36.79 -54.21 96.63
C GLY T 52 35.66 -53.21 96.67
N GLU T 53 35.39 -52.52 95.57
CA GLU T 53 34.38 -51.48 95.52
C GLU T 53 32.98 -52.08 95.54
N TRP T 54 32.06 -51.33 96.14
CA TRP T 54 30.64 -51.66 96.11
C TRP T 54 30.00 -50.97 94.91
N VAL T 55 29.34 -51.75 94.05
CA VAL T 55 28.78 -51.23 92.82
C VAL T 55 27.32 -51.62 92.73
N LEU T 56 26.59 -50.87 91.91
CA LEU T 56 25.25 -51.26 91.46
C LEU T 56 25.38 -51.82 90.05
N VAL T 57 24.84 -53.02 89.85
CA VAL T 57 24.88 -53.70 88.56
C VAL T 57 23.46 -54.00 88.12
N ASN T 58 23.15 -53.66 86.88
CA ASN T 58 21.83 -53.95 86.34
C ASN T 58 21.87 -55.30 85.62
N ARG T 59 20.74 -55.72 85.08
CA ARG T 59 20.61 -57.02 84.46
C ARG T 59 19.78 -56.86 83.20
N GLY T 60 20.07 -57.70 82.21
CA GLY T 60 19.26 -57.76 81.01
C GLY T 60 19.54 -56.67 80.00
N SER T 61 18.49 -56.17 79.36
CA SER T 61 18.63 -55.21 78.27
C SER T 61 18.90 -53.79 78.76
N ALA T 62 18.91 -53.58 80.07
CA ALA T 62 19.31 -52.29 80.62
C ALA T 62 20.81 -52.06 80.51
N ALA T 63 21.59 -53.11 80.32
CA ALA T 63 23.02 -52.99 80.09
C ALA T 63 23.34 -52.40 78.73
N ARG T 64 22.38 -52.40 77.80
CA ARG T 64 22.59 -51.90 76.45
C ARG T 64 22.00 -50.52 76.24
N GLN T 65 21.91 -49.71 77.29
CA GLN T 65 21.30 -48.39 77.21
C GLN T 65 22.32 -47.25 77.28
N THR T 66 23.60 -47.56 77.18
CA THR T 66 24.64 -46.60 77.56
C THR T 66 25.17 -45.88 76.31
N GLU T 67 24.49 -46.08 75.17
CA GLU T 67 24.72 -45.50 73.84
C GLU T 67 26.07 -45.84 73.22
N TYR T 68 26.91 -46.59 73.92
CA TYR T 68 28.04 -47.30 73.31
C TYR T 68 28.00 -48.78 73.62
N HIS T 69 27.00 -49.24 74.38
CA HIS T 69 26.75 -50.64 74.65
C HIS T 69 25.54 -51.15 73.90
N GLN T 70 25.06 -50.41 72.90
CA GLN T 70 23.71 -50.60 72.37
C GLN T 70 23.58 -51.88 71.57
N ASN T 71 24.53 -52.16 70.68
CA ASN T 71 24.50 -53.35 69.85
C ASN T 71 25.48 -54.41 70.33
N ARG T 72 25.92 -54.28 71.57
CA ARG T 72 26.86 -55.17 72.24
C ARG T 72 26.12 -56.26 73.01
N PRO T 73 26.60 -57.50 72.97
CA PRO T 73 25.91 -58.60 73.67
C PRO T 73 26.18 -58.61 75.17
N LEU T 74 25.63 -57.62 75.86
CA LEU T 74 25.85 -57.43 77.29
C LEU T 74 24.53 -57.54 78.02
N ASP T 75 24.51 -58.36 79.08
CA ASP T 75 23.32 -58.52 79.91
C ASP T 75 23.56 -58.09 81.35
N ALA T 76 24.71 -57.49 81.64
CA ALA T 76 25.02 -57.00 82.98
C ALA T 76 26.02 -55.87 82.85
N MET T 77 25.85 -54.84 83.67
CA MET T 77 26.69 -53.66 83.56
C MET T 77 26.71 -52.92 84.89
N VAL T 78 27.89 -52.50 85.31
CA VAL T 78 27.99 -51.61 86.47
C VAL T 78 27.45 -50.24 86.09
N VAL T 79 26.42 -49.80 86.78
CA VAL T 79 25.82 -48.49 86.49
C VAL T 79 26.28 -47.42 87.46
N ALA T 80 26.74 -47.79 88.65
CA ALA T 80 27.06 -46.81 89.68
C ALA T 80 28.04 -47.42 90.65
N ILE T 81 28.96 -46.61 91.12
CA ILE T 81 29.79 -46.93 92.27
C ILE T 81 29.05 -46.44 93.51
N ILE T 82 28.81 -47.35 94.45
CA ILE T 82 28.03 -47.03 95.64
C ILE T 82 28.88 -46.16 96.56
N ASP T 83 28.37 -44.98 96.91
CA ASP T 83 29.04 -44.15 97.90
C ASP T 83 28.57 -44.50 99.31
N THR T 84 27.26 -44.49 99.55
CA THR T 84 26.75 -44.85 100.86
C THR T 84 25.43 -45.62 100.73
N VAL T 85 25.21 -46.53 101.67
CA VAL T 85 23.96 -47.27 101.82
C VAL T 85 23.42 -47.01 103.21
N THR T 86 22.21 -46.47 103.27
CA THR T 86 21.51 -46.24 104.53
C THR T 86 20.39 -47.26 104.63
N VAL T 87 20.35 -48.02 105.73
CA VAL T 87 19.30 -49.00 105.99
C VAL T 87 18.67 -48.65 107.31
N ASN T 88 17.35 -48.36 107.28
CA ASN T 88 16.54 -47.99 108.46
C ASN T 88 17.13 -46.77 109.18
N ASN T 89 17.47 -45.74 108.40
CA ASN T 89 18.12 -44.49 108.79
C ASN T 89 19.48 -44.70 109.45
N ARG T 90 20.09 -45.86 109.28
CA ARG T 90 21.42 -46.15 109.79
C ARG T 90 22.35 -46.44 108.62
N ARG T 91 23.51 -45.80 108.62
CA ARG T 91 24.46 -45.97 107.54
C ARG T 91 25.09 -47.36 107.58
N LEU T 92 24.92 -48.12 106.51
CA LEU T 92 25.50 -49.44 106.37
C LEU T 92 26.86 -49.42 105.70
N TYR T 93 27.05 -48.55 104.71
CA TYR T 93 28.28 -48.48 103.94
C TYR T 93 28.66 -47.02 103.75
N GLY T 94 29.96 -46.78 103.67
CA GLY T 94 30.46 -45.42 103.47
C GLY T 94 30.76 -44.69 104.76
N ALA U 2 71.35 50.56 74.06
CA ALA U 2 72.18 49.84 75.03
C ALA U 2 72.70 48.53 74.43
N VAL U 3 73.05 47.60 75.31
CA VAL U 3 73.49 46.27 74.89
C VAL U 3 72.32 45.53 74.25
N ALA U 4 72.59 44.79 73.19
CA ALA U 4 71.53 44.20 72.36
C ALA U 4 70.74 43.14 73.12
N VAL U 5 69.47 43.00 72.74
CA VAL U 5 68.54 42.10 73.39
C VAL U 5 67.94 41.17 72.34
N GLY U 6 67.91 39.89 72.63
CA GLY U 6 67.26 38.91 71.77
C GLY U 6 66.22 38.14 72.55
N MET U 7 65.09 37.87 71.91
CA MET U 7 63.97 37.18 72.53
C MET U 7 63.55 36.03 71.64
N ILE U 8 63.27 34.88 72.25
CA ILE U 8 62.64 33.76 71.58
C ILE U 8 61.40 33.38 72.38
N GLU U 9 60.24 33.49 71.76
CA GLU U 9 58.99 33.09 72.40
C GLU U 9 58.57 31.72 71.87
N THR U 10 58.46 30.76 72.78
CA THR U 10 58.04 29.42 72.41
C THR U 10 56.70 29.09 73.08
N LEU U 11 56.04 28.08 72.53
CA LEU U 11 54.81 27.55 73.10
C LEU U 11 55.19 26.29 73.89
N GLY U 12 55.38 26.45 75.19
CA GLY U 12 55.78 25.34 76.02
C GLY U 12 57.08 25.57 76.78
N PHE U 13 57.17 25.01 77.99
CA PHE U 13 58.35 25.14 78.83
C PHE U 13 59.54 24.25 78.46
N PRO U 14 59.39 22.99 78.00
CA PRO U 14 60.58 22.29 77.48
C PRO U 14 61.17 22.92 76.23
N ALA U 15 60.36 23.60 75.43
CA ALA U 15 60.87 24.26 74.25
C ALA U 15 61.62 25.55 74.60
N VAL U 16 61.27 26.16 75.73
CA VAL U 16 61.89 27.44 76.05
C VAL U 16 63.19 27.22 76.83
N VAL U 17 63.35 26.06 77.47
CA VAL U 17 64.61 25.75 78.13
C VAL U 17 65.64 25.31 77.10
N GLU U 18 65.21 24.59 76.06
CA GLU U 18 66.09 24.29 74.94
C GLU U 18 66.46 25.56 74.17
N ALA U 19 65.50 26.50 74.04
CA ALA U 19 65.82 27.78 73.43
C ALA U 19 66.81 28.57 74.29
N ALA U 20 66.64 28.54 75.60
CA ALA U 20 67.56 29.25 76.49
C ALA U 20 68.91 28.55 76.53
N ASP U 21 68.93 27.22 76.46
CA ASP U 21 70.19 26.49 76.51
C ASP U 21 70.97 26.63 75.22
N ALA U 22 70.29 26.60 74.07
CA ALA U 22 70.99 26.69 72.80
C ALA U 22 71.49 28.10 72.52
N MET U 23 70.83 29.11 73.10
CA MET U 23 71.24 30.49 72.87
C MET U 23 72.56 30.78 73.57
N VAL U 24 72.71 30.35 74.82
CA VAL U 24 73.92 30.66 75.56
C VAL U 24 75.02 29.66 75.25
N LYS U 25 74.72 28.61 74.49
CA LYS U 25 75.74 27.68 74.06
C LYS U 25 76.24 28.00 72.65
N ALA U 26 75.45 28.75 71.87
CA ALA U 26 75.87 29.06 70.51
C ALA U 26 76.82 30.25 70.48
N ALA U 27 76.67 31.18 71.41
CA ALA U 27 77.46 32.40 71.38
C ALA U 27 77.61 32.93 72.81
N ARG U 28 78.32 34.05 72.93
CA ARG U 28 78.63 34.66 74.22
C ARG U 28 77.52 35.66 74.55
N VAL U 29 76.37 35.13 74.93
CA VAL U 29 75.24 35.93 75.39
C VAL U 29 74.96 35.58 76.83
N THR U 30 74.20 36.44 77.49
CA THR U 30 73.79 36.23 78.87
C THR U 30 72.28 36.13 78.92
N LEU U 31 71.77 34.95 79.25
CA LEU U 31 70.35 34.77 79.51
C LEU U 31 70.00 35.53 80.79
N VAL U 32 69.16 36.55 80.67
CA VAL U 32 68.85 37.42 81.79
C VAL U 32 67.41 37.29 82.25
N GLY U 33 66.51 36.79 81.40
CA GLY U 33 65.10 36.92 81.68
C GLY U 33 64.33 35.70 81.24
N TYR U 34 63.14 35.56 81.81
CA TYR U 34 62.27 34.42 81.58
C TYR U 34 60.85 34.92 81.82
N GLU U 35 60.08 35.05 80.75
CA GLU U 35 58.84 35.83 80.79
C GLU U 35 57.67 34.97 80.36
N LYS U 36 56.63 34.94 81.20
CA LYS U 36 55.39 34.22 80.91
C LYS U 36 54.27 35.23 80.78
N ILE U 37 53.53 35.15 79.67
CA ILE U 37 52.43 36.08 79.39
C ILE U 37 51.11 35.36 79.24
N GLY U 38 51.04 34.08 79.54
CA GLY U 38 49.81 33.32 79.43
C GLY U 38 49.68 32.56 78.13
N THR U 39 48.71 31.65 78.10
CA THR U 39 48.49 30.63 77.07
C THR U 39 49.75 29.85 76.69
N GLY U 40 50.63 29.58 77.65
CA GLY U 40 51.83 28.84 77.36
C GLY U 40 52.91 29.59 76.60
N ARG U 41 52.67 30.85 76.25
CA ARG U 41 53.65 31.66 75.54
C ARG U 41 54.72 32.09 76.53
N VAL U 42 55.90 31.50 76.41
CA VAL U 42 57.01 31.74 77.31
C VAL U 42 58.16 32.33 76.50
N THR U 43 58.76 33.39 77.01
CA THR U 43 59.84 34.10 76.34
C THR U 43 61.08 34.11 77.21
N VAL U 44 62.21 33.70 76.65
CA VAL U 44 63.52 33.89 77.26
C VAL U 44 64.22 35.05 76.60
N ILE U 45 64.96 35.82 77.39
CA ILE U 45 65.58 37.08 76.97
C ILE U 45 67.07 36.96 77.19
N VAL U 46 67.85 37.14 76.13
CA VAL U 46 69.31 37.14 76.24
C VAL U 46 69.83 38.54 75.93
N ARG U 47 70.96 38.88 76.53
CA ARG U 47 71.67 40.12 76.26
C ARG U 47 73.07 39.81 75.77
N GLY U 48 73.64 40.73 75.02
CA GLY U 48 75.01 40.57 74.57
C GLY U 48 75.28 41.45 73.37
N ASP U 49 76.42 41.20 72.74
CA ASP U 49 76.78 41.90 71.51
C ASP U 49 75.86 41.47 70.37
N VAL U 50 75.82 42.30 69.33
CA VAL U 50 74.89 42.09 68.22
C VAL U 50 75.27 40.85 67.43
N SER U 51 76.57 40.61 67.27
CA SER U 51 77.03 39.39 66.60
C SER U 51 76.69 38.15 67.39
N GLU U 52 76.77 38.22 68.73
CA GLU U 52 76.45 37.07 69.55
C GLU U 52 74.96 36.84 69.64
N VAL U 53 74.16 37.90 69.75
CA VAL U 53 72.71 37.76 69.88
C VAL U 53 72.10 37.28 68.57
N GLN U 54 72.63 37.74 67.43
CA GLN U 54 72.16 37.25 66.14
C GLN U 54 72.50 35.77 65.94
N ALA U 55 73.66 35.34 66.42
CA ALA U 55 74.02 33.94 66.31
C ALA U 55 73.22 33.09 67.27
N SER U 56 72.87 33.64 68.43
CA SER U 56 72.16 32.88 69.45
C SER U 56 70.70 32.67 69.08
N VAL U 57 70.02 33.73 68.65
CA VAL U 57 68.59 33.66 68.34
C VAL U 57 68.36 32.79 67.10
N SER U 58 69.27 32.88 66.13
CA SER U 58 69.14 32.08 64.92
C SER U 58 69.43 30.61 65.19
N ALA U 59 70.34 30.31 66.12
CA ALA U 59 70.61 28.92 66.47
C ALA U 59 69.64 28.41 67.52
N GLY U 60 69.14 29.31 68.37
CA GLY U 60 68.13 28.91 69.34
C GLY U 60 66.79 28.62 68.71
N THR U 61 66.51 29.21 67.54
CA THR U 61 65.26 28.94 66.85
C THR U 61 65.26 27.55 66.22
N GLU U 62 66.41 27.14 65.65
CA GLU U 62 66.49 25.85 65.00
C GLU U 62 66.55 24.71 65.99
N SER U 63 66.90 25.00 67.24
CA SER U 63 66.97 23.95 68.26
C SER U 63 65.60 23.58 68.80
N VAL U 64 64.67 24.54 68.84
CA VAL U 64 63.31 24.27 69.29
C VAL U 64 62.57 23.34 68.34
N LYS U 65 62.87 23.39 67.05
CA LYS U 65 62.29 22.43 66.10
C LYS U 65 63.14 21.17 66.00
N ARG U 66 63.56 20.66 67.16
CA ARG U 66 64.17 19.35 67.35
C ARG U 66 63.62 18.81 68.65
N VAL U 67 62.72 19.57 69.25
CA VAL U 67 61.99 19.19 70.46
C VAL U 67 60.59 18.76 70.03
N ASN U 68 60.14 17.60 70.52
CA ASN U 68 58.79 17.16 70.20
C ASN U 68 57.79 17.98 71.00
N GLY U 69 56.79 18.51 70.32
CA GLY U 69 55.88 19.45 70.95
C GLY U 69 56.41 20.84 71.09
N GLY U 70 57.57 21.14 70.50
CA GLY U 70 58.18 22.45 70.57
C GLY U 70 57.78 23.29 69.38
N GLN U 71 57.47 24.55 69.64
CA GLN U 71 56.97 25.46 68.61
C GLN U 71 57.47 26.87 68.89
N VAL U 72 58.19 27.44 67.93
CA VAL U 72 58.63 28.84 68.02
C VAL U 72 57.46 29.71 67.61
N LEU U 73 57.05 30.61 68.49
CA LEU U 73 55.97 31.52 68.15
C LEU U 73 56.51 32.81 67.54
N SER U 74 57.49 33.43 68.19
CA SER U 74 58.02 34.70 67.72
C SER U 74 59.43 34.89 68.25
N THR U 75 60.32 35.31 67.36
CA THR U 75 61.69 35.67 67.72
C THR U 75 61.96 37.09 67.25
N HIS U 76 62.80 37.80 67.99
CA HIS U 76 63.20 39.14 67.59
C HIS U 76 64.54 39.49 68.21
N ILE U 77 65.28 40.35 67.50
CA ILE U 77 66.55 40.89 67.95
C ILE U 77 66.47 42.40 67.86
N ILE U 78 66.75 43.09 68.96
CA ILE U 78 66.89 44.54 68.96
C ILE U 78 68.35 44.85 69.22
N ALA U 79 69.03 45.39 68.20
CA ALA U 79 70.48 45.55 68.25
C ALA U 79 70.90 46.67 69.19
N ARG U 80 70.06 47.68 69.34
CA ARG U 80 70.38 48.82 70.18
C ARG U 80 69.10 49.29 70.85
N PRO U 81 68.71 48.66 71.95
CA PRO U 81 67.49 49.09 72.64
C PRO U 81 67.70 50.39 73.39
N HIS U 82 66.63 51.15 73.48
CA HIS U 82 66.65 52.41 74.21
C HIS U 82 66.85 52.16 75.70
N GLU U 83 67.46 53.14 76.37
CA GLU U 83 67.71 53.04 77.80
C GLU U 83 66.43 53.14 78.63
N ASN U 84 65.31 53.56 78.02
CA ASN U 84 64.01 53.53 78.67
C ASN U 84 63.52 52.09 78.88
N LEU U 85 63.94 51.17 78.02
CA LEU U 85 63.31 49.85 77.97
C LEU U 85 63.73 48.95 79.12
N GLU U 86 64.94 49.13 79.65
CA GLU U 86 65.42 48.25 80.71
C GLU U 86 64.70 48.51 82.02
N TYR U 87 64.15 49.71 82.19
CA TYR U 87 63.50 50.06 83.46
C TYR U 87 62.05 49.60 83.47
N VAL U 88 61.43 49.47 82.30
CA VAL U 88 60.03 49.09 82.25
C VAL U 88 59.88 47.61 81.95
N LEU U 89 60.60 47.13 80.98
CA LEU U 89 60.50 45.74 80.55
C LEU U 89 61.52 44.88 81.28
N PRO U 90 61.20 43.60 81.54
CA PRO U 90 62.16 42.70 82.22
C PRO U 90 63.21 42.12 81.27
N ILE U 91 64.02 43.02 80.70
CA ILE U 91 65.11 42.63 79.80
C ILE U 91 66.47 43.04 80.36
N ARG U 92 66.53 43.47 81.60
CA ARG U 92 67.76 44.02 82.14
C ARG U 92 68.58 42.95 82.84
N TYR U 93 69.85 43.26 83.07
CA TYR U 93 70.73 42.39 83.83
C TYR U 93 70.36 42.42 85.30
N THR U 94 69.95 41.27 85.83
CA THR U 94 69.74 41.15 87.26
C THR U 94 71.05 40.78 87.94
N GLU U 95 71.06 40.83 89.27
CA GLU U 95 72.33 40.72 89.99
C GLU U 95 72.78 39.27 90.12
N GLU U 96 71.92 38.31 89.78
CA GLU U 96 72.32 36.90 89.83
C GLU U 96 72.99 36.47 88.53
N VAL U 97 72.82 37.25 87.47
CA VAL U 97 73.40 36.93 86.17
C VAL U 97 74.56 37.86 85.82
N GLU U 98 75.05 38.63 86.79
CA GLU U 98 76.16 39.54 86.51
C GLU U 98 77.50 38.84 86.42
N GLN U 99 77.57 37.55 86.77
CA GLN U 99 78.81 36.80 86.58
C GLN U 99 78.98 36.34 85.14
N PHE U 100 77.90 36.29 84.37
CA PHE U 100 77.94 35.80 83.00
C PHE U 100 78.08 36.91 81.97
N ARG U 101 78.06 38.17 82.39
CA ARG U 101 78.18 39.28 81.45
C ARG U 101 79.62 39.44 80.95
N ALA V 2 45.58 65.41 81.55
CA ALA V 2 47.00 65.22 81.86
C ALA V 2 47.82 65.07 80.59
N VAL V 3 49.07 64.65 80.76
CA VAL V 3 49.94 64.33 79.63
C VAL V 3 49.36 63.11 78.91
N ALA V 4 49.39 63.14 77.58
CA ALA V 4 48.70 62.14 76.77
C ALA V 4 49.29 60.75 76.93
N VAL V 5 48.44 59.74 76.78
CA VAL V 5 48.82 58.36 76.98
C VAL V 5 48.53 57.57 75.70
N GLY V 6 49.51 56.80 75.26
CA GLY V 6 49.32 55.91 74.12
C GLY V 6 49.61 54.48 74.52
N MET V 7 48.79 53.57 74.01
CA MET V 7 48.88 52.16 74.35
C MET V 7 48.94 51.35 73.07
N ILE V 8 49.81 50.34 73.05
CA ILE V 8 49.84 49.35 71.98
C ILE V 8 49.74 47.98 72.64
N GLU V 9 48.68 47.24 72.30
CA GLU V 9 48.53 45.87 72.76
C GLU V 9 48.93 44.92 71.65
N THR V 10 49.87 44.03 71.95
CA THR V 10 50.32 43.03 71.00
C THR V 10 50.04 41.64 71.55
N LEU V 11 50.06 40.67 70.65
CA LEU V 11 50.00 39.26 71.02
C LEU V 11 51.44 38.73 70.99
N GLY V 12 52.06 38.68 72.17
CA GLY V 12 53.42 38.22 72.25
C GLY V 12 54.37 39.21 72.86
N PHE V 13 55.36 38.72 73.60
CA PHE V 13 56.37 39.54 74.24
C PHE V 13 57.48 40.05 73.30
N PRO V 14 57.98 39.29 72.31
CA PRO V 14 58.91 39.93 71.35
C PRO V 14 58.27 41.02 70.51
N ALA V 15 56.96 40.95 70.28
CA ALA V 15 56.30 42.01 69.53
C ALA V 15 56.12 43.27 70.36
N VAL V 16 56.06 43.13 71.68
CA VAL V 16 55.75 44.28 72.52
C VAL V 16 57.03 45.02 72.90
N VAL V 17 58.19 44.35 72.80
CA VAL V 17 59.45 45.03 73.07
C VAL V 17 59.90 45.79 71.83
N GLU V 18 59.64 45.25 70.65
CA GLU V 18 59.91 45.96 69.41
C GLU V 18 58.97 47.15 69.24
N ALA V 19 57.71 46.99 69.66
CA ALA V 19 56.78 48.12 69.64
C ALA V 19 57.20 49.19 70.64
N ALA V 20 57.68 48.79 71.82
CA ALA V 20 58.12 49.77 72.80
C ALA V 20 59.42 50.43 72.39
N ASP V 21 60.29 49.70 71.69
CA ASP V 21 61.54 50.29 71.24
C ASP V 21 61.34 51.20 70.04
N ALA V 22 60.37 50.90 69.20
CA ALA V 22 60.06 51.78 68.08
C ALA V 22 59.40 53.06 68.54
N MET V 23 58.66 53.00 69.65
CA MET V 23 57.90 54.16 70.12
C MET V 23 58.81 55.23 70.69
N VAL V 24 59.76 54.84 71.55
CA VAL V 24 60.59 55.82 72.23
C VAL V 24 61.70 56.32 71.32
N LYS V 25 61.93 55.65 70.19
CA LYS V 25 62.87 56.16 69.21
C LYS V 25 62.20 57.09 68.22
N ALA V 26 60.90 56.91 67.99
CA ALA V 26 60.21 57.68 66.97
C ALA V 26 59.90 59.10 67.42
N ALA V 27 59.66 59.30 68.72
CA ALA V 27 59.26 60.59 69.21
C ALA V 27 59.72 60.76 70.65
N ARG V 28 59.36 61.89 71.25
CA ARG V 28 59.76 62.23 72.61
C ARG V 28 58.69 61.74 73.58
N VAL V 29 58.46 60.43 73.55
CA VAL V 29 57.56 59.79 74.48
C VAL V 29 58.39 59.06 75.52
N THR V 30 57.80 58.87 76.70
CA THR V 30 58.40 58.11 77.77
C THR V 30 57.62 56.83 77.95
N LEU V 31 58.26 55.69 77.72
CA LEU V 31 57.68 54.41 78.07
C LEU V 31 57.62 54.31 79.59
N VAL V 32 56.40 54.24 80.12
CA VAL V 32 56.21 54.21 81.57
C VAL V 32 55.59 52.91 82.05
N GLY V 33 54.97 52.13 81.18
CA GLY V 33 54.07 51.09 81.62
C GLY V 33 54.24 49.82 80.85
N TYR V 34 53.86 48.72 81.48
CA TYR V 34 53.98 47.39 80.93
C TYR V 34 52.94 46.53 81.61
N GLU V 35 51.97 46.03 80.84
CA GLU V 35 50.79 45.41 81.44
C GLU V 35 50.50 44.08 80.78
N LYS V 36 50.26 43.07 81.59
CA LYS V 36 49.85 41.74 81.14
C LYS V 36 48.45 41.47 81.65
N ILE V 37 47.54 41.11 80.74
CA ILE V 37 46.15 40.86 81.09
C ILE V 37 45.74 39.42 80.75
N GLY V 38 46.69 38.58 80.34
CA GLY V 38 46.40 37.19 80.07
C GLY V 38 46.24 36.90 78.59
N THR V 39 46.40 35.61 78.26
CA THR V 39 46.37 35.05 76.91
C THR V 39 47.29 35.76 75.93
N GLY V 40 48.49 36.13 76.37
CA GLY V 40 49.44 36.74 75.47
C GLY V 40 49.18 38.18 75.10
N ARG V 41 48.12 38.78 75.64
CA ARG V 41 47.82 40.18 75.36
C ARG V 41 48.67 41.04 76.26
N VAL V 42 49.70 41.66 75.68
CA VAL V 42 50.67 42.45 76.42
C VAL V 42 50.59 43.88 75.92
N THR V 43 50.58 44.83 76.86
CA THR V 43 50.39 46.23 76.54
C THR V 43 51.57 47.05 77.09
N VAL V 44 52.14 47.89 76.25
CA VAL V 44 53.10 48.90 76.67
C VAL V 44 52.44 50.28 76.57
N ILE V 45 52.81 51.15 77.50
CA ILE V 45 52.15 52.44 77.71
C ILE V 45 53.20 53.53 77.63
N VAL V 46 53.00 54.49 76.73
CA VAL V 46 53.88 55.64 76.61
C VAL V 46 53.14 56.90 77.04
N ARG V 47 53.89 57.88 77.52
CA ARG V 47 53.37 59.19 77.86
C ARG V 47 54.16 60.26 77.12
N GLY V 48 53.46 61.31 76.70
CA GLY V 48 54.11 62.42 76.05
C GLY V 48 53.06 63.39 75.54
N ASP V 49 53.52 64.38 74.78
CA ASP V 49 52.60 65.25 74.07
C ASP V 49 51.87 64.46 72.99
N VAL V 50 50.65 64.90 72.67
CA VAL V 50 49.76 64.12 71.81
C VAL V 50 50.28 64.03 70.38
N SER V 51 51.05 65.01 69.93
CA SER V 51 51.71 64.89 68.63
C SER V 51 52.82 63.85 68.67
N GLU V 52 53.54 63.78 69.78
CA GLU V 52 54.59 62.78 69.92
C GLU V 52 54.00 61.39 70.16
N VAL V 53 52.89 61.32 70.90
CA VAL V 53 52.27 60.04 71.19
C VAL V 53 51.62 59.46 69.93
N GLN V 54 51.02 60.32 69.10
CA GLN V 54 50.46 59.86 67.83
C GLN V 54 51.54 59.39 66.87
N ALA V 55 52.70 60.05 66.90
CA ALA V 55 53.79 59.67 66.01
C ALA V 55 54.45 58.39 66.47
N SER V 56 54.49 58.15 67.79
CA SER V 56 55.15 56.96 68.31
C SER V 56 54.28 55.73 68.18
N VAL V 57 53.00 55.85 68.54
CA VAL V 57 52.08 54.72 68.52
C VAL V 57 51.86 54.22 67.10
N SER V 58 51.85 55.15 66.13
CA SER V 58 51.79 54.77 64.73
C SER V 58 53.06 54.05 64.31
N ALA V 59 54.22 54.56 64.70
CA ALA V 59 55.49 53.95 64.29
C ALA V 59 55.77 52.68 65.08
N GLY V 60 55.19 52.55 66.27
CA GLY V 60 55.28 51.29 66.99
C GLY V 60 54.39 50.21 66.41
N THR V 61 53.41 50.59 65.59
CA THR V 61 52.51 49.62 65.01
C THR V 61 53.13 48.94 63.79
N GLU V 62 53.83 49.69 62.95
CA GLU V 62 54.44 49.07 61.76
C GLU V 62 55.66 48.24 62.10
N SER V 63 56.27 48.49 63.27
CA SER V 63 57.47 47.73 63.63
C SER V 63 57.13 46.34 64.16
N VAL V 64 55.88 46.08 64.52
CA VAL V 64 55.47 44.74 64.88
C VAL V 64 55.42 43.84 63.64
N LYS V 65 55.25 44.45 62.45
CA LYS V 65 55.34 43.69 61.21
C LYS V 65 56.76 43.20 60.93
N ARG V 66 57.77 43.84 61.53
CA ARG V 66 59.13 43.33 61.44
C ARG V 66 59.28 42.04 62.22
N VAL V 67 58.54 41.89 63.32
CA VAL V 67 58.62 40.68 64.13
C VAL V 67 57.81 39.58 63.46
N ASN V 68 58.44 38.43 63.24
CA ASN V 68 57.74 37.27 62.74
C ASN V 68 56.90 36.68 63.87
N GLY V 69 55.61 36.46 63.60
CA GLY V 69 54.73 35.99 64.64
C GLY V 69 54.27 37.06 65.59
N GLY V 70 54.50 38.33 65.26
CA GLY V 70 54.04 39.45 66.06
C GLY V 70 52.77 40.04 65.44
N GLN V 71 51.83 40.40 66.31
CA GLN V 71 50.53 40.88 65.88
C GLN V 71 50.02 41.94 66.82
N VAL V 72 49.69 43.11 66.28
CA VAL V 72 49.09 44.19 67.05
C VAL V 72 47.61 43.87 67.23
N LEU V 73 47.16 43.82 68.48
CA LEU V 73 45.75 43.55 68.75
C LEU V 73 44.96 44.85 68.81
N SER V 74 45.43 45.83 69.57
CA SER V 74 44.68 47.06 69.76
C SER V 74 45.65 48.18 70.11
N THR V 75 45.43 49.33 69.48
CA THR V 75 46.14 50.55 69.83
C THR V 75 45.12 51.61 70.19
N HIS V 76 45.51 52.52 71.07
CA HIS V 76 44.67 53.66 71.41
C HIS V 76 45.53 54.79 71.94
N ILE V 77 45.06 56.02 71.72
CA ILE V 77 45.70 57.24 72.19
C ILE V 77 44.64 58.08 72.88
N ILE V 78 44.89 58.47 74.12
CA ILE V 78 44.05 59.42 74.84
C ILE V 78 44.83 60.72 74.95
N ALA V 79 44.27 61.79 74.38
CA ALA V 79 45.01 63.05 74.25
C ALA V 79 45.16 63.76 75.58
N ARG V 80 44.24 63.54 76.50
CA ARG V 80 44.24 64.24 77.78
C ARG V 80 43.52 63.36 78.79
N PRO V 81 44.22 62.39 79.37
CA PRO V 81 43.56 61.50 80.34
C PRO V 81 43.27 62.22 81.65
N HIS V 82 42.20 61.79 82.28
CA HIS V 82 41.79 62.33 83.57
C HIS V 82 42.81 61.97 84.65
N GLU V 83 42.85 62.79 85.70
CA GLU V 83 43.81 62.60 86.77
C GLU V 83 43.50 61.37 87.63
N ASN V 84 42.27 60.86 87.55
CA ASN V 84 41.88 59.66 88.27
C ASN V 84 42.57 58.41 87.72
N LEU V 85 42.94 58.43 86.44
CA LEU V 85 43.44 57.23 85.78
C LEU V 85 44.85 56.86 86.20
N GLU V 86 45.66 57.85 86.59
CA GLU V 86 47.05 57.55 86.93
C GLU V 86 47.15 56.93 88.33
N TYR V 87 46.11 57.06 89.13
CA TYR V 87 46.15 56.48 90.47
C TYR V 87 45.54 55.09 90.49
N VAL V 88 44.88 54.69 89.42
CA VAL V 88 44.30 53.35 89.35
C VAL V 88 45.00 52.52 88.28
N LEU V 89 45.03 53.01 87.08
CA LEU V 89 45.62 52.30 85.97
C LEU V 89 47.12 52.51 85.93
N PRO V 90 47.91 51.52 85.47
CA PRO V 90 49.37 51.67 85.40
C PRO V 90 49.83 52.49 84.19
N ILE V 91 49.40 53.74 84.14
CA ILE V 91 49.80 54.68 83.10
C ILE V 91 50.60 55.84 83.66
N ARG V 92 50.95 55.81 84.93
CA ARG V 92 51.59 56.95 85.56
C ARG V 92 53.10 56.88 85.42
N TYR V 93 53.74 58.04 85.58
CA TYR V 93 55.19 58.10 85.64
C TYR V 93 55.68 57.53 86.97
N THR V 94 56.36 56.40 86.90
CA THR V 94 57.05 55.86 88.06
C THR V 94 58.39 56.58 88.24
N GLU V 95 58.99 56.37 89.41
CA GLU V 95 60.20 57.11 89.77
C GLU V 95 61.41 56.66 88.94
N GLU V 96 61.37 55.42 88.45
CA GLU V 96 62.50 54.89 87.68
C GLU V 96 62.57 55.50 86.28
N VAL V 97 61.45 56.02 85.77
CA VAL V 97 61.41 56.53 84.40
C VAL V 97 61.33 58.05 84.35
N GLU V 98 61.61 58.73 85.45
CA GLU V 98 61.58 60.20 85.43
C GLU V 98 62.84 60.80 84.83
N GLN V 99 63.87 59.98 84.57
CA GLN V 99 65.04 60.48 83.85
C GLN V 99 64.78 60.60 82.35
N PHE V 100 63.73 59.95 81.86
CA PHE V 100 63.40 59.97 80.44
C PHE V 100 62.26 60.91 80.10
N ARG V 101 61.70 61.60 81.09
CA ARG V 101 60.57 62.48 80.84
C ARG V 101 61.00 63.80 80.20
N ALA W 2 88.44 47.95 57.05
CA ALA W 2 88.44 47.85 58.51
C ALA W 2 87.02 47.89 59.05
N VAL W 3 86.44 49.09 59.01
CA VAL W 3 85.05 49.27 59.38
C VAL W 3 84.17 48.83 58.22
N ALA W 4 83.13 48.04 58.53
CA ALA W 4 82.26 47.51 57.49
C ALA W 4 81.44 48.62 56.85
N VAL W 5 80.90 48.33 55.67
CA VAL W 5 80.12 49.29 54.90
C VAL W 5 78.80 48.63 54.48
N GLY W 6 77.71 49.35 54.67
CA GLY W 6 76.41 48.90 54.19
C GLY W 6 75.75 49.96 53.37
N MET W 7 75.03 49.53 52.34
CA MET W 7 74.37 50.44 51.41
C MET W 7 72.93 50.01 51.24
N ILE W 8 72.02 50.98 51.22
CA ILE W 8 70.64 50.76 50.82
C ILE W 8 70.34 51.74 49.70
N GLU W 9 69.96 51.22 48.54
CA GLU W 9 69.55 52.06 47.42
C GLU W 9 68.03 52.04 47.30
N THR W 10 67.43 53.23 47.37
CA THR W 10 66.00 53.37 47.21
C THR W 10 65.70 54.18 45.97
N LEU W 11 64.46 54.08 45.51
CA LEU W 11 63.93 54.93 44.45
C LEU W 11 63.20 56.09 45.13
N GLY W 12 63.84 57.24 45.17
CA GLY W 12 63.24 58.40 45.80
C GLY W 12 63.96 58.90 47.02
N PHE W 13 63.93 60.21 47.23
CA PHE W 13 64.57 60.85 48.38
C PHE W 13 63.79 60.73 49.69
N PRO W 14 62.44 60.80 49.76
CA PRO W 14 61.78 60.49 51.04
C PRO W 14 61.98 59.07 51.52
N ALA W 15 62.17 58.12 50.60
CA ALA W 15 62.41 56.74 51.02
C ALA W 15 63.84 56.55 51.53
N VAL W 16 64.77 57.38 51.07
CA VAL W 16 66.17 57.16 51.44
C VAL W 16 66.48 57.86 52.76
N VAL W 17 65.66 58.82 53.17
CA VAL W 17 65.85 59.47 54.46
C VAL W 17 65.23 58.62 55.57
N GLU W 18 64.10 57.97 55.27
CA GLU W 18 63.53 57.02 56.22
C GLU W 18 64.40 55.78 56.34
N ALA W 19 65.04 55.37 55.25
CA ALA W 19 66.00 54.27 55.31
C ALA W 19 67.23 54.67 56.13
N ALA W 20 67.73 55.89 55.94
CA ALA W 20 68.90 56.33 56.67
C ALA W 20 68.60 56.57 58.14
N ASP W 21 67.37 57.01 58.45
CA ASP W 21 67.01 57.25 59.84
C ASP W 21 66.78 55.94 60.58
N ALA W 22 66.26 54.92 59.90
CA ALA W 22 66.05 53.63 60.54
C ALA W 22 67.36 52.90 60.76
N MET W 23 68.39 53.22 59.97
CA MET W 23 69.66 52.54 60.09
C MET W 23 70.43 53.00 61.33
N VAL W 24 70.53 54.31 61.53
CA VAL W 24 71.35 54.80 62.62
C VAL W 24 70.61 54.73 63.95
N LYS W 25 69.31 54.45 63.92
CA LYS W 25 68.56 54.23 65.16
C LYS W 25 68.65 52.78 65.60
N ALA W 26 68.73 51.84 64.64
CA ALA W 26 68.63 50.43 64.97
C ALA W 26 69.94 49.89 65.56
N ALA W 27 71.07 50.43 65.13
CA ALA W 27 72.35 49.88 65.55
C ALA W 27 73.38 50.99 65.63
N ARG W 28 74.59 50.61 66.05
CA ARG W 28 75.71 51.55 66.22
C ARG W 28 76.46 51.69 64.91
N VAL W 29 75.79 52.28 63.93
CA VAL W 29 76.38 52.57 62.64
C VAL W 29 76.42 54.06 62.45
N THR W 30 77.35 54.51 61.60
CA THR W 30 77.49 55.92 61.27
C THR W 30 77.11 56.10 59.80
N LEU W 31 76.05 56.86 59.56
CA LEU W 31 75.74 57.32 58.22
C LEU W 31 76.83 58.28 57.77
N VAL W 32 77.56 57.91 56.73
CA VAL W 32 78.69 58.70 56.28
C VAL W 32 78.49 59.29 54.89
N GLY W 33 77.59 58.76 54.10
CA GLY W 33 77.57 59.07 52.68
C GLY W 33 76.17 59.07 52.13
N TYR W 34 76.05 59.60 50.92
CA TYR W 34 74.77 59.87 50.29
C TYR W 34 75.04 60.02 48.79
N GLU W 35 74.52 59.11 47.99
CA GLU W 35 74.93 58.99 46.60
C GLU W 35 73.73 58.99 45.67
N LYS W 36 73.82 59.80 44.62
CA LYS W 36 72.83 59.86 43.55
C LYS W 36 73.50 59.45 42.26
N ILE W 37 72.89 58.50 41.54
CA ILE W 37 73.45 57.97 40.31
C ILE W 37 72.52 58.17 39.13
N GLY W 38 71.37 58.79 39.34
CA GLY W 38 70.41 59.00 38.27
C GLY W 38 69.23 58.05 38.34
N THR W 39 68.18 58.42 37.58
CA THR W 39 66.84 57.82 37.60
C THR W 39 66.25 57.66 39.00
N GLY W 40 66.50 58.62 39.88
CA GLY W 40 65.96 58.55 41.22
C GLY W 40 66.57 57.52 42.13
N ARG W 41 67.60 56.81 41.68
CA ARG W 41 68.26 55.79 42.48
C ARG W 41 69.21 56.48 43.45
N VAL W 42 68.84 56.48 44.72
CA VAL W 42 69.57 57.20 45.76
C VAL W 42 70.06 56.19 46.79
N THR W 43 71.35 56.27 47.14
CA THR W 43 71.99 55.32 48.03
C THR W 43 72.50 56.05 49.26
N VAL W 44 72.26 55.48 50.43
CA VAL W 44 72.88 55.93 51.67
C VAL W 44 73.88 54.88 52.14
N ILE W 45 74.98 55.33 52.72
CA ILE W 45 76.11 54.49 53.08
C ILE W 45 76.32 54.61 54.58
N VAL W 46 76.28 53.48 55.28
CA VAL W 46 76.56 53.45 56.71
C VAL W 46 77.87 52.71 56.94
N ARG W 47 78.56 53.08 58.02
CA ARG W 47 79.76 52.41 58.45
C ARG W 47 79.60 51.95 59.89
N GLY W 48 80.04 50.74 60.17
CA GLY W 48 80.04 50.24 61.53
C GLY W 48 80.69 48.88 61.58
N ASP W 49 80.46 48.18 62.68
CA ASP W 49 80.78 46.76 62.70
C ASP W 49 79.82 46.02 61.79
N VAL W 50 80.27 44.87 61.29
CA VAL W 50 79.49 44.12 60.30
C VAL W 50 78.20 43.56 60.90
N SER W 51 78.21 43.26 62.20
CA SER W 51 76.98 42.85 62.87
C SER W 51 76.02 44.02 63.03
N GLU W 52 76.54 45.21 63.31
CA GLU W 52 75.70 46.39 63.42
C GLU W 52 75.22 46.85 62.05
N VAL W 53 76.05 46.68 61.02
CA VAL W 53 75.66 47.06 59.67
C VAL W 53 74.56 46.14 59.15
N GLN W 54 74.63 44.85 59.51
CA GLN W 54 73.60 43.90 59.10
C GLN W 54 72.27 44.16 59.78
N ALA W 55 72.30 44.61 61.04
CA ALA W 55 71.06 44.89 61.75
C ALA W 55 70.44 46.20 61.27
N SER W 56 71.28 47.15 60.85
CA SER W 56 70.76 48.43 60.40
C SER W 56 70.20 48.34 58.98
N VAL W 57 70.87 47.59 58.10
CA VAL W 57 70.42 47.46 56.72
C VAL W 57 69.11 46.67 56.65
N SER W 58 68.96 45.67 57.53
CA SER W 58 67.70 44.93 57.60
C SER W 58 66.58 45.80 58.15
N ALA W 59 66.90 46.74 59.05
CA ALA W 59 65.89 47.62 59.58
C ALA W 59 65.56 48.76 58.63
N GLY W 60 66.57 49.25 57.90
CA GLY W 60 66.34 50.30 56.93
C GLY W 60 65.59 49.82 55.71
N THR W 61 65.68 48.53 55.39
CA THR W 61 64.92 47.97 54.28
C THR W 61 63.44 47.88 54.63
N GLU W 62 63.12 47.48 55.86
CA GLU W 62 61.73 47.32 56.26
C GLU W 62 61.03 48.66 56.47
N SER W 63 61.79 49.73 56.70
CA SER W 63 61.19 51.03 56.94
C SER W 63 60.79 51.74 55.66
N VAL W 64 61.32 51.33 54.51
CA VAL W 64 60.90 51.92 53.24
C VAL W 64 59.50 51.43 52.88
N LYS W 65 59.11 50.26 53.37
CA LYS W 65 57.78 49.72 53.13
C LYS W 65 56.67 50.57 53.76
N ARG W 66 56.99 51.37 54.76
CA ARG W 66 56.02 52.31 55.31
C ARG W 66 55.96 53.63 54.55
N VAL W 67 56.95 53.90 53.69
CA VAL W 67 56.92 55.09 52.84
C VAL W 67 56.12 54.76 51.59
N ASN W 68 55.05 55.51 51.36
CA ASN W 68 54.24 55.35 50.15
C ASN W 68 54.87 56.17 49.04
N GLY W 69 55.39 55.50 48.02
CA GLY W 69 56.05 56.16 46.92
C GLY W 69 57.51 55.81 46.75
N GLY W 70 58.08 55.00 47.64
CA GLY W 70 59.47 54.60 47.53
C GLY W 70 59.63 53.11 47.76
N GLN W 71 60.66 52.56 47.14
CA GLN W 71 60.95 51.13 47.24
C GLN W 71 62.45 50.93 47.31
N VAL W 72 62.86 49.87 47.98
CA VAL W 72 64.25 49.48 48.06
C VAL W 72 64.63 48.83 46.73
N LEU W 73 65.66 49.36 46.09
CA LEU W 73 66.11 48.78 44.83
C LEU W 73 67.20 47.75 45.05
N SER W 74 68.16 48.07 45.93
CA SER W 74 69.28 47.18 46.15
C SER W 74 69.89 47.47 47.52
N THR W 75 70.28 46.41 48.21
CA THR W 75 71.02 46.49 49.46
C THR W 75 72.25 45.62 49.38
N HIS W 76 73.32 46.04 50.05
CA HIS W 76 74.51 45.21 50.13
C HIS W 76 75.32 45.58 51.36
N ILE W 77 76.05 44.59 51.87
CA ILE W 77 76.87 44.70 53.07
C ILE W 77 78.23 44.09 52.76
N ILE W 78 79.30 44.82 53.04
CA ILE W 78 80.67 44.32 52.90
C ILE W 78 81.32 44.36 54.27
N ALA W 79 81.85 43.20 54.71
CA ALA W 79 82.34 43.06 56.08
C ALA W 79 83.60 43.88 56.32
N ARG W 80 84.46 43.97 55.31
CA ARG W 80 85.71 44.72 55.41
C ARG W 80 86.07 45.16 54.01
N PRO W 81 85.74 46.39 53.62
CA PRO W 81 86.12 46.87 52.29
C PRO W 81 87.62 47.08 52.19
N HIS W 82 88.12 46.90 50.97
CA HIS W 82 89.51 47.19 50.67
C HIS W 82 89.77 48.68 50.81
N GLU W 83 91.00 49.03 51.17
CA GLU W 83 91.33 50.44 51.39
C GLU W 83 91.44 51.21 50.08
N ASN W 84 91.45 50.51 48.95
CA ASN W 84 91.33 51.16 47.65
C ASN W 84 89.98 51.83 47.47
N LEU W 85 88.94 51.29 48.12
CA LEU W 85 87.58 51.78 47.88
C LEU W 85 87.30 53.10 48.58
N GLU W 86 88.00 53.41 49.67
CA GLU W 86 87.74 54.66 50.36
C GLU W 86 88.26 55.86 49.59
N TYR W 87 89.24 55.64 48.71
CA TYR W 87 89.81 56.77 47.96
C TYR W 87 89.06 56.99 46.65
N VAL W 88 88.38 55.97 46.14
CA VAL W 88 87.68 56.11 44.87
C VAL W 88 86.18 56.27 45.10
N LEU W 89 85.61 55.46 45.94
CA LEU W 89 84.18 55.47 46.19
C LEU W 89 83.86 56.29 47.44
N PRO W 90 82.73 57.00 47.46
CA PRO W 90 82.38 57.84 48.63
C PRO W 90 81.76 57.04 49.77
N ILE W 91 82.55 56.12 50.33
CA ILE W 91 82.15 55.32 51.48
C ILE W 91 82.97 55.62 52.71
N ARG W 92 83.84 56.61 52.67
CA ARG W 92 84.74 56.88 53.77
C ARG W 92 84.09 57.83 54.78
N TYR W 93 84.67 57.85 55.98
CA TYR W 93 84.25 58.79 57.00
C TYR W 93 84.68 60.20 56.62
N THR W 94 83.71 61.10 56.51
CA THR W 94 84.03 62.51 56.35
C THR W 94 84.33 63.13 57.70
N GLU W 95 84.86 64.35 57.68
CA GLU W 95 85.24 65.02 58.92
C GLU W 95 84.02 65.57 59.65
N GLU W 96 82.87 65.64 58.97
CA GLU W 96 81.66 66.15 59.60
C GLU W 96 80.99 65.07 60.44
N VAL W 97 81.28 63.81 60.18
CA VAL W 97 80.59 62.69 60.82
C VAL W 97 81.50 61.93 61.78
N GLU W 98 82.64 62.51 62.15
CA GLU W 98 83.54 61.85 63.08
C GLU W 98 83.03 61.88 64.52
N GLN W 99 82.06 62.73 64.81
CA GLN W 99 81.47 62.77 66.15
C GLN W 99 80.50 61.62 66.39
N PHE W 100 80.08 60.94 65.33
CA PHE W 100 79.17 59.80 65.44
C PHE W 100 79.89 58.46 65.36
N ARG W 101 81.21 58.46 65.19
CA ARG W 101 81.95 57.22 65.01
C ARG W 101 82.15 56.47 66.33
N MET X 1 84.79 8.81 63.15
CA MET X 1 84.58 9.87 64.13
C MET X 1 85.82 10.10 64.98
N GLN X 2 85.91 11.30 65.53
CA GLN X 2 86.97 11.67 66.44
C GLN X 2 86.36 12.16 67.74
N MET X 3 87.06 11.93 68.84
CA MET X 3 86.67 12.49 70.12
C MET X 3 87.26 13.89 70.23
N ALA X 4 86.44 14.84 70.66
CA ALA X 4 86.86 16.23 70.75
C ALA X 4 86.26 16.86 71.99
N LYS X 5 86.94 17.89 72.48
CA LYS X 5 86.48 18.69 73.60
C LYS X 5 86.03 20.05 73.09
N VAL X 6 84.85 20.49 73.51
CA VAL X 6 84.32 21.79 73.10
C VAL X 6 85.12 22.86 73.83
N CYS X 7 85.90 23.64 73.08
CA CYS X 7 86.69 24.70 73.70
C CYS X 7 86.04 26.06 73.50
N GLY X 8 85.14 26.20 72.54
CA GLY X 8 84.48 27.46 72.39
C GLY X 8 83.56 27.51 71.19
N THR X 9 83.20 28.74 70.81
CA THR X 9 82.25 29.01 69.75
C THR X 9 82.88 29.94 68.72
N VAL X 10 82.46 29.78 67.47
CA VAL X 10 82.86 30.66 66.37
C VAL X 10 81.60 31.28 65.78
N VAL X 11 81.58 32.60 65.71
CA VAL X 11 80.44 33.34 65.17
C VAL X 11 80.89 34.04 63.90
N GLY X 12 80.17 33.80 62.81
CA GLY X 12 80.39 34.53 61.57
C GLY X 12 79.13 35.21 61.10
N THR X 13 79.21 36.52 60.79
CA THR X 13 78.03 37.24 60.33
C THR X 13 77.91 37.26 58.81
N GLN X 14 78.99 37.48 58.09
CA GLN X 14 79.02 37.35 56.63
C GLN X 14 79.37 35.90 56.31
N LYS X 15 78.40 35.17 55.79
CA LYS X 15 78.57 33.76 55.49
C LYS X 15 77.71 33.45 54.28
N LEU X 16 77.67 32.18 53.91
CA LEU X 16 76.72 31.75 52.91
C LEU X 16 75.32 31.73 53.51
N PRO X 17 74.29 31.94 52.68
CA PRO X 17 72.91 31.87 53.20
C PRO X 17 72.51 30.48 53.67
N SER X 18 73.14 29.44 53.14
CA SER X 18 72.90 28.09 53.62
C SER X 18 73.64 27.81 54.93
N MET X 19 74.55 28.69 55.33
CA MET X 19 75.20 28.58 56.62
C MET X 19 74.44 29.28 57.73
N THR X 20 73.26 29.79 57.46
CA THR X 20 72.48 30.52 58.45
C THR X 20 71.74 29.56 59.36
N GLY X 21 71.88 29.76 60.67
CA GLY X 21 71.26 28.90 61.65
C GLY X 21 72.15 27.77 62.13
N VAL X 22 73.30 27.58 61.52
CA VAL X 22 74.25 26.53 61.90
C VAL X 22 75.05 27.04 63.09
N LYS X 23 74.96 26.33 64.21
CA LYS X 23 75.75 26.65 65.39
C LYS X 23 77.15 26.07 65.22
N LEU X 24 78.17 26.90 65.38
CA LEU X 24 79.55 26.52 65.11
C LEU X 24 80.34 26.45 66.41
N LEU X 25 80.86 25.27 66.71
CA LEU X 25 81.66 25.04 67.91
C LEU X 25 83.11 24.85 67.53
N LEU X 26 84.00 25.43 68.34
CA LEU X 26 85.43 25.21 68.23
C LEU X 26 85.77 24.01 69.11
N LEU X 27 86.10 22.89 68.48
CA LEU X 27 86.40 21.65 69.18
C LEU X 27 87.87 21.33 69.03
N GLN X 28 88.55 21.10 70.16
CA GLN X 28 89.92 20.61 70.15
C GLN X 28 89.91 19.09 70.28
N PHE X 29 90.68 18.43 69.44
CA PHE X 29 90.72 16.97 69.46
C PHE X 29 91.49 16.47 70.66
N ILE X 30 90.96 15.43 71.29
CA ILE X 30 91.59 14.74 72.39
C ILE X 30 92.03 13.36 71.90
N ASP X 31 93.05 12.80 72.53
CA ASP X 31 93.56 11.52 72.07
C ASP X 31 92.78 10.37 72.67
N ALA X 32 93.30 9.15 72.50
CA ALA X 32 92.66 7.98 73.09
C ALA X 32 92.92 7.90 74.59
N ASN X 33 93.92 8.64 75.09
CA ASN X 33 94.19 8.65 76.52
C ASN X 33 93.48 9.78 77.24
N GLY X 34 92.93 10.74 76.49
CA GLY X 34 92.20 11.84 77.07
C GLY X 34 92.94 13.16 77.11
N GLU X 35 94.16 13.23 76.58
CA GLU X 35 94.94 14.47 76.56
C GLU X 35 94.61 15.26 75.29
N LEU X 36 94.72 16.58 75.40
CA LEU X 36 94.39 17.46 74.29
C LEU X 36 95.47 17.41 73.22
N LEU X 37 95.06 17.12 71.99
CA LEU X 37 95.96 17.15 70.85
C LEU X 37 96.08 18.58 70.32
N PRO X 38 97.21 18.94 69.71
CA PRO X 38 97.32 20.26 69.06
C PRO X 38 96.67 20.30 67.69
N LYS X 39 95.36 20.03 67.65
CA LYS X 39 94.58 19.97 66.43
C LYS X 39 93.15 20.30 66.80
N TYR X 40 92.48 21.07 65.96
CA TYR X 40 91.13 21.54 66.23
C TYR X 40 90.22 21.30 65.04
N GLU X 41 88.96 21.68 65.22
CA GLU X 41 87.97 21.64 64.17
C GLU X 41 86.88 22.65 64.52
N VAL X 42 86.20 23.14 63.49
CA VAL X 42 84.97 23.92 63.67
C VAL X 42 83.85 23.09 63.07
N ALA X 43 82.88 22.71 63.89
CA ALA X 43 81.85 21.77 63.49
C ALA X 43 80.47 22.32 63.76
N ALA X 44 79.51 21.87 62.95
CA ALA X 44 78.11 22.10 63.23
C ALA X 44 77.67 21.29 64.44
N ASP X 45 76.67 21.79 65.15
CA ASP X 45 76.25 21.22 66.43
C ASP X 45 74.73 21.06 66.47
N PRO X 46 74.20 19.96 65.93
CA PRO X 46 72.76 19.69 66.12
C PRO X 46 72.46 19.14 67.49
N VAL X 47 73.37 18.35 68.05
CA VAL X 47 73.27 17.81 69.39
C VAL X 47 73.85 18.85 70.34
N GLY X 48 72.99 19.49 71.13
CA GLY X 48 73.37 20.70 71.83
C GLY X 48 74.43 20.48 72.90
N ALA X 49 75.66 20.91 72.63
CA ALA X 49 76.80 20.63 73.49
C ALA X 49 77.42 21.96 73.93
N GLY X 50 77.76 22.04 75.22
CA GLY X 50 78.34 23.24 75.79
C GLY X 50 79.83 23.11 75.99
N LEU X 51 80.40 24.16 76.58
CA LEU X 51 81.85 24.28 76.70
C LEU X 51 82.39 23.29 77.74
N GLY X 52 83.41 22.54 77.34
CA GLY X 52 84.00 21.53 78.18
C GLY X 52 83.51 20.12 77.91
N GLU X 53 82.46 19.96 77.12
CA GLU X 53 81.87 18.66 76.85
C GLU X 53 82.75 17.84 75.91
N TRP X 54 82.70 16.53 76.09
CA TRP X 54 83.35 15.58 75.19
C TRP X 54 82.35 15.16 74.13
N VAL X 55 82.71 15.34 72.86
CA VAL X 55 81.80 15.08 71.75
C VAL X 55 82.48 14.15 70.76
N LEU X 56 81.65 13.49 69.96
CA LEU X 56 82.10 12.81 68.75
C LEU X 56 81.78 13.68 67.56
N VAL X 57 82.79 13.92 66.73
CA VAL X 57 82.65 14.76 65.54
C VAL X 57 83.06 13.94 64.32
N ASN X 58 82.21 13.97 63.29
CA ASN X 58 82.54 13.28 62.06
C ASN X 58 83.24 14.23 61.10
N ARG X 59 83.58 13.73 59.93
CA ARG X 59 84.35 14.50 58.98
C ARG X 59 83.80 14.23 57.59
N GLY X 60 83.90 15.24 56.73
CA GLY X 60 83.56 15.06 55.33
C GLY X 60 82.08 15.10 55.03
N SER X 61 81.63 14.24 54.13
CA SER X 61 80.26 14.25 53.66
C SER X 61 79.29 13.60 54.62
N ALA X 62 79.78 13.03 55.73
CA ALA X 62 78.92 12.51 56.77
C ALA X 62 78.25 13.61 57.57
N ALA X 63 78.80 14.82 57.53
CA ALA X 63 78.18 15.97 58.17
C ALA X 63 76.90 16.41 57.48
N ARG X 64 76.68 15.99 56.24
CA ARG X 64 75.52 16.37 55.46
C ARG X 64 74.45 15.30 55.41
N GLN X 65 74.37 14.45 56.43
CA GLN X 65 73.44 13.33 56.45
C GLN X 65 72.27 13.54 57.41
N THR X 66 72.11 14.75 57.94
CA THR X 66 71.25 14.96 59.10
C THR X 66 69.88 15.47 58.65
N GLU X 67 69.63 15.43 57.34
CA GLU X 67 68.41 15.80 56.60
C GLU X 67 67.98 17.26 56.75
N TYR X 68 68.74 18.06 57.51
CA TYR X 68 68.68 19.51 57.43
C TYR X 68 70.05 20.11 57.19
N HIS X 69 71.08 19.27 57.10
CA HIS X 69 72.43 19.69 56.73
C HIS X 69 72.79 19.25 55.32
N GLN X 70 71.79 18.86 54.53
CA GLN X 70 72.04 18.07 53.32
C GLN X 70 72.68 18.90 52.22
N ASN X 71 72.19 20.11 51.99
CA ASN X 71 72.73 20.97 50.94
C ASN X 71 73.56 22.11 51.53
N ARG X 72 74.00 21.94 52.77
CA ARG X 72 74.81 22.89 53.53
C ARG X 72 76.29 22.58 53.38
N PRO X 73 77.13 23.59 53.22
CA PRO X 73 78.58 23.36 53.04
C PRO X 73 79.29 23.04 54.35
N LEU X 74 79.00 21.85 54.89
CA LEU X 74 79.54 21.43 56.17
C LEU X 74 80.38 20.18 55.98
N ASP X 75 81.59 20.19 56.53
CA ASP X 75 82.48 19.04 56.47
C ASP X 75 82.82 18.49 57.86
N ALA X 76 82.16 18.99 58.90
CA ALA X 76 82.38 18.52 60.26
C ALA X 76 81.12 18.80 61.06
N MET X 77 80.77 17.85 61.93
CA MET X 77 79.52 17.95 62.67
C MET X 77 79.62 17.13 63.94
N VAL X 78 79.16 17.70 65.06
CA VAL X 78 79.02 16.92 66.28
C VAL X 78 77.87 15.95 66.11
N VAL X 79 78.16 14.66 66.22
CA VAL X 79 77.11 13.64 66.07
C VAL X 79 76.62 13.12 67.42
N ALA X 80 77.41 13.23 68.48
CA ALA X 80 77.07 12.65 69.76
C ALA X 80 77.80 13.38 70.85
N ILE X 81 77.14 13.52 71.99
CA ILE X 81 77.77 13.93 73.23
C ILE X 81 78.22 12.66 73.93
N ILE X 82 79.51 12.59 74.26
CA ILE X 82 80.07 11.37 74.82
C ILE X 82 79.62 11.26 76.28
N ASP X 83 78.98 10.14 76.61
CA ASP X 83 78.68 9.85 78.00
C ASP X 83 79.86 9.22 78.72
N THR X 84 80.34 8.08 78.23
CA THR X 84 81.46 7.40 78.87
C THR X 84 82.37 6.79 77.81
N VAL X 85 83.66 6.74 78.12
CA VAL X 85 84.66 6.07 77.31
C VAL X 85 85.32 5.02 78.17
N THR X 86 85.24 3.77 77.73
CA THR X 86 85.89 2.65 78.40
C THR X 86 87.07 2.22 77.54
N VAL X 87 88.26 2.20 78.13
CA VAL X 87 89.48 1.77 77.45
C VAL X 87 90.07 0.61 78.23
N ASN X 88 90.17 -0.56 77.59
CA ASN X 88 90.71 -1.80 78.17
C ASN X 88 89.94 -2.20 79.42
N ASN X 89 88.60 -2.17 79.33
CA ASN X 89 87.62 -2.42 80.38
C ASN X 89 87.76 -1.48 81.58
N ARG X 90 88.44 -0.35 81.41
CA ARG X 90 88.58 0.65 82.45
C ARG X 90 87.94 1.95 81.96
N ARG X 91 87.10 2.55 82.81
CA ARG X 91 86.41 3.78 82.44
C ARG X 91 87.39 4.94 82.39
N LEU X 92 87.49 5.58 81.22
CA LEU X 92 88.32 6.75 81.02
C LEU X 92 87.58 8.05 81.26
N TYR X 93 86.32 8.12 80.87
CA TYR X 93 85.52 9.33 80.96
C TYR X 93 84.14 8.98 81.50
N GLY X 94 83.54 9.91 82.22
CA GLY X 94 82.22 9.72 82.76
C GLY X 94 82.22 9.08 84.14
N ALA Y 2 -21.95 4.53 112.39
CA ALA Y 2 -21.09 5.19 113.35
C ALA Y 2 -20.49 6.47 112.78
N VAL Y 3 -19.37 6.90 113.35
CA VAL Y 3 -18.63 8.06 112.85
C VAL Y 3 -18.04 7.72 111.50
N ALA Y 4 -18.07 8.69 110.57
CA ALA Y 4 -17.74 8.45 109.18
C ALA Y 4 -16.27 8.07 109.00
N VAL Y 5 -16.01 7.27 107.96
CA VAL Y 5 -14.67 6.77 107.68
C VAL Y 5 -14.31 7.13 106.24
N GLY Y 6 -13.11 7.65 106.06
CA GLY Y 6 -12.59 7.93 104.73
C GLY Y 6 -11.27 7.21 104.52
N MET Y 7 -11.08 6.69 103.31
CA MET Y 7 -9.90 5.93 102.98
C MET Y 7 -9.31 6.49 101.69
N ILE Y 8 -7.99 6.62 101.65
CA ILE Y 8 -7.26 6.93 100.43
C ILE Y 8 -6.19 5.86 100.26
N GLU Y 9 -6.28 5.11 99.17
CA GLU Y 9 -5.28 4.10 98.85
C GLU Y 9 -4.35 4.64 97.78
N THR Y 10 -3.06 4.71 98.11
CA THR Y 10 -2.05 5.18 97.19
C THR Y 10 -1.08 4.05 96.88
N LEU Y 11 -0.36 4.22 95.77
CA LEU Y 11 0.72 3.31 95.38
C LEU Y 11 2.03 3.97 95.81
N GLY Y 12 2.54 3.56 96.97
CA GLY Y 12 3.75 4.14 97.49
C GLY Y 12 3.61 4.77 98.85
N PHE Y 13 4.65 4.69 99.66
CA PHE Y 13 4.66 5.25 101.01
C PHE Y 13 4.87 6.78 101.10
N PRO Y 14 5.69 7.44 100.26
CA PRO Y 14 5.65 8.92 100.30
C PRO Y 14 4.33 9.51 99.85
N ALA Y 15 3.58 8.82 98.99
CA ALA Y 15 2.29 9.33 98.55
C ALA Y 15 1.24 9.14 99.64
N VAL Y 16 1.42 8.16 100.53
CA VAL Y 16 0.39 7.89 101.52
C VAL Y 16 0.61 8.75 102.76
N VAL Y 17 1.84 9.23 102.97
CA VAL Y 17 2.08 10.14 104.09
C VAL Y 17 1.61 11.54 103.72
N GLU Y 18 1.78 11.93 102.45
CA GLU Y 18 1.19 13.17 101.97
C GLU Y 18 -0.34 13.11 101.97
N ALA Y 19 -0.89 11.94 101.64
CA ALA Y 19 -2.34 11.76 101.74
C ALA Y 19 -2.80 11.84 103.20
N ALA Y 20 -2.04 11.24 104.12
CA ALA Y 20 -2.41 11.30 105.53
C ALA Y 20 -2.19 12.70 106.09
N ASP Y 21 -1.16 13.40 105.63
CA ASP Y 21 -0.89 14.75 106.12
C ASP Y 21 -1.90 15.76 105.60
N ALA Y 22 -2.29 15.65 104.34
CA ALA Y 22 -3.21 16.61 103.76
C ALA Y 22 -4.63 16.40 104.27
N MET Y 23 -4.97 15.18 104.67
CA MET Y 23 -6.31 14.91 105.16
C MET Y 23 -6.54 15.55 106.53
N VAL Y 24 -5.57 15.41 107.44
CA VAL Y 24 -5.77 15.96 108.78
C VAL Y 24 -5.43 17.44 108.81
N LYS Y 25 -4.90 17.99 107.73
CA LYS Y 25 -4.66 19.43 107.65
C LYS Y 25 -5.79 20.16 106.94
N ALA Y 26 -6.58 19.44 106.14
CA ALA Y 26 -7.66 20.10 105.41
C ALA Y 26 -8.90 20.27 106.28
N ALA Y 27 -9.13 19.34 107.20
CA ALA Y 27 -10.34 19.35 108.00
C ALA Y 27 -10.06 18.72 109.35
N ARG Y 28 -11.11 18.66 110.18
CA ARG Y 28 -11.02 18.14 111.54
C ARG Y 28 -11.34 16.65 111.52
N VAL Y 29 -10.41 15.88 110.99
CA VAL Y 29 -10.51 14.43 110.98
C VAL Y 29 -9.39 13.86 111.84
N THR Y 30 -9.53 12.59 112.18
CA THR Y 30 -8.53 11.88 112.97
C THR Y 30 -8.01 10.72 112.14
N LEU Y 31 -6.74 10.79 111.76
CA LEU Y 31 -6.07 9.67 111.13
C LEU Y 31 -5.92 8.56 112.16
N VAL Y 32 -6.58 7.43 111.92
CA VAL Y 32 -6.61 6.35 112.89
C VAL Y 32 -5.86 5.12 112.41
N GLY Y 33 -5.66 4.96 111.11
CA GLY Y 33 -5.23 3.68 110.59
C GLY Y 33 -4.26 3.83 109.45
N TYR Y 34 -3.51 2.77 109.20
CA TYR Y 34 -2.49 2.72 108.18
C TYR Y 34 -2.37 1.27 107.75
N GLU Y 35 -2.81 0.98 106.53
CA GLU Y 35 -3.08 -0.39 106.12
C GLU Y 35 -2.29 -0.74 104.88
N LYS Y 36 -1.54 -1.85 104.95
CA LYS Y 36 -0.77 -2.36 103.82
C LYS Y 36 -1.35 -3.70 103.42
N ILE Y 37 -1.66 -3.85 102.13
CA ILE Y 37 -2.26 -5.07 101.60
C ILE Y 37 -1.39 -5.71 100.53
N GLY Y 38 -0.18 -5.23 100.33
CA GLY Y 38 0.72 -5.79 99.33
C GLY Y 38 0.69 -5.04 98.01
N THR Y 39 1.68 -5.34 97.18
CA THR Y 39 2.03 -4.63 95.93
C THR Y 39 2.12 -3.12 96.09
N GLY Y 40 2.59 -2.63 97.23
CA GLY Y 40 2.71 -1.21 97.44
C GLY Y 40 1.41 -0.47 97.67
N ARG Y 41 0.27 -1.16 97.67
CA ARG Y 41 -1.02 -0.53 97.91
C ARG Y 41 -1.15 -0.25 99.40
N VAL Y 42 -1.06 1.01 99.76
CA VAL Y 42 -1.09 1.44 101.15
C VAL Y 42 -2.31 2.34 101.34
N THR Y 43 -3.07 2.11 102.40
CA THR Y 43 -4.28 2.85 102.69
C THR Y 43 -4.18 3.50 104.05
N VAL Y 44 -4.46 4.80 104.11
CA VAL Y 44 -4.64 5.52 105.36
C VAL Y 44 -6.13 5.73 105.59
N ILE Y 45 -6.54 5.65 106.85
CA ILE Y 45 -7.94 5.66 107.25
C ILE Y 45 -8.15 6.82 108.21
N VAL Y 46 -9.06 7.72 107.88
CA VAL Y 46 -9.41 8.83 108.76
C VAL Y 46 -10.83 8.64 109.25
N ARG Y 47 -11.11 9.17 110.43
CA ARG Y 47 -12.45 9.20 110.99
C ARG Y 47 -12.84 10.63 111.30
N GLY Y 48 -14.13 10.89 111.32
CA GLY Y 48 -14.61 12.22 111.67
C GLY Y 48 -16.02 12.42 111.16
N ASP Y 49 -16.46 13.67 111.22
CA ASP Y 49 -17.77 14.04 110.70
C ASP Y 49 -17.77 13.94 109.16
N VAL Y 50 -18.97 13.87 108.60
CA VAL Y 50 -19.11 13.63 107.16
C VAL Y 50 -18.64 14.85 106.37
N SER Y 51 -18.87 16.05 106.89
CA SER Y 51 -18.37 17.26 106.25
C SER Y 51 -16.85 17.32 106.28
N GLU Y 52 -16.25 16.87 107.37
CA GLU Y 52 -14.79 16.89 107.48
C GLU Y 52 -14.15 15.79 106.65
N VAL Y 53 -14.73 14.60 106.63
CA VAL Y 53 -14.15 13.48 105.90
C VAL Y 53 -14.27 13.70 104.39
N GLN Y 54 -15.39 14.29 103.95
CA GLN Y 54 -15.54 14.61 102.53
C GLN Y 54 -14.56 15.69 102.09
N ALA Y 55 -14.29 16.66 102.96
CA ALA Y 55 -13.32 17.70 102.63
C ALA Y 55 -11.90 17.17 102.68
N SER Y 56 -11.62 16.25 103.59
CA SER Y 56 -10.26 15.73 103.75
C SER Y 56 -9.88 14.78 102.62
N VAL Y 57 -10.78 13.88 102.24
CA VAL Y 57 -10.48 12.89 101.22
C VAL Y 57 -10.37 13.56 99.86
N SER Y 58 -11.21 14.57 99.60
CA SER Y 58 -11.15 15.28 98.34
C SER Y 58 -9.91 16.16 98.24
N ALA Y 59 -9.44 16.69 99.36
CA ALA Y 59 -8.21 17.49 99.34
C ALA Y 59 -6.99 16.60 99.47
N GLY Y 60 -7.13 15.44 100.15
CA GLY Y 60 -6.03 14.51 100.22
C GLY Y 60 -5.75 13.81 98.90
N THR Y 61 -6.76 13.71 98.03
CA THR Y 61 -6.55 13.10 96.72
C THR Y 61 -5.77 14.02 95.80
N GLU Y 62 -6.04 15.32 95.85
CA GLU Y 62 -5.36 16.27 94.98
C GLU Y 62 -3.93 16.54 95.43
N SER Y 63 -3.61 16.22 96.69
CA SER Y 63 -2.26 16.44 97.19
C SER Y 63 -1.30 15.35 96.73
N VAL Y 64 -1.80 14.13 96.55
CA VAL Y 64 -0.97 13.02 96.06
C VAL Y 64 -0.51 13.25 94.64
N LYS Y 65 -1.30 13.91 93.81
CA LYS Y 65 -0.86 14.28 92.46
C LYS Y 65 -0.13 15.61 92.45
N ARG Y 66 0.77 15.78 93.42
CA ARG Y 66 1.75 16.85 93.50
C ARG Y 66 3.03 16.22 94.02
N VAL Y 67 2.98 14.91 94.24
CA VAL Y 67 4.11 14.09 94.65
C VAL Y 67 4.62 13.36 93.42
N ASN Y 68 5.92 13.41 93.18
CA ASN Y 68 6.50 12.68 92.06
C ASN Y 68 6.52 11.19 92.38
N GLY Y 69 6.00 10.38 91.47
CA GLY Y 69 5.83 8.97 91.74
C GLY Y 69 4.63 8.64 92.59
N GLY Y 70 3.78 9.62 92.87
CA GLY Y 70 2.58 9.42 93.67
C GLY Y 70 1.39 9.12 92.78
N GLN Y 71 0.60 8.13 93.21
CA GLN Y 71 -0.53 7.66 92.43
C GLN Y 71 -1.67 7.26 93.36
N VAL Y 72 -2.83 7.87 93.18
CA VAL Y 72 -4.02 7.50 93.92
C VAL Y 72 -4.62 6.28 93.24
N LEU Y 73 -4.79 5.19 93.98
CA LEU Y 73 -5.40 4.01 93.42
C LEU Y 73 -6.91 4.02 93.64
N SER Y 74 -7.35 4.25 94.88
CA SER Y 74 -8.76 4.20 95.20
C SER Y 74 -9.03 5.03 96.45
N THR Y 75 -10.07 5.85 96.38
CA THR Y 75 -10.55 6.62 97.52
C THR Y 75 -12.01 6.30 97.75
N HIS Y 76 -12.43 6.35 99.01
CA HIS Y 76 -13.84 6.14 99.32
C HIS Y 76 -14.17 6.80 100.66
N ILE Y 77 -15.42 7.21 100.79
CA ILE Y 77 -15.98 7.76 102.01
C ILE Y 77 -17.23 6.96 102.35
N ILE Y 78 -17.29 6.45 103.57
CA ILE Y 78 -18.51 5.83 104.10
C ILE Y 78 -19.03 6.73 105.20
N ALA Y 79 -20.17 7.37 104.95
CA ALA Y 79 -20.67 8.41 105.84
C ALA Y 79 -21.21 7.85 107.15
N ARG Y 80 -21.72 6.63 107.12
CA ARG Y 80 -22.30 6.00 108.31
C ARG Y 80 -21.98 4.52 108.27
N PRO Y 81 -20.77 4.14 108.70
CA PRO Y 81 -20.42 2.72 108.69
C PRO Y 81 -21.14 1.98 109.81
N HIS Y 82 -21.41 0.71 109.53
CA HIS Y 82 -22.05 -0.17 110.49
C HIS Y 82 -21.14 -0.42 111.68
N GLU Y 83 -21.75 -0.66 112.83
CA GLU Y 83 -20.99 -0.93 114.05
C GLU Y 83 -20.29 -2.29 114.02
N ASN Y 84 -20.65 -3.16 113.07
CA ASN Y 84 -19.92 -4.41 112.86
C ASN Y 84 -18.51 -4.15 112.30
N LEU Y 85 -18.32 -3.05 111.57
CA LEU Y 85 -17.12 -2.87 110.77
C LEU Y 85 -15.91 -2.49 111.62
N GLU Y 86 -16.11 -1.82 112.75
CA GLU Y 86 -14.98 -1.38 113.56
C GLU Y 86 -14.31 -2.55 114.26
N TYR Y 87 -15.04 -3.65 114.47
CA TYR Y 87 -14.49 -4.78 115.20
C TYR Y 87 -13.71 -5.71 114.27
N VAL Y 88 -14.04 -5.72 112.99
CA VAL Y 88 -13.37 -6.62 112.06
C VAL Y 88 -12.29 -5.88 111.27
N LEU Y 89 -12.61 -4.72 110.77
CA LEU Y 89 -11.70 -3.95 109.95
C LEU Y 89 -10.89 -2.98 110.80
N PRO Y 90 -9.64 -2.69 110.43
CA PRO Y 90 -8.82 -1.74 111.20
C PRO Y 90 -9.14 -0.28 110.87
N ILE Y 91 -10.37 0.13 111.14
CA ILE Y 91 -10.83 1.49 110.94
C ILE Y 91 -11.24 2.17 112.23
N ARG Y 92 -10.95 1.56 113.38
CA ARG Y 92 -11.47 2.06 114.64
C ARG Y 92 -10.45 2.98 115.32
N TYR Y 93 -10.95 3.74 116.28
CA TYR Y 93 -10.09 4.60 117.09
C TYR Y 93 -9.25 3.76 118.04
N THR Y 94 -7.95 3.84 117.89
CA THR Y 94 -7.03 3.26 118.86
C THR Y 94 -6.74 4.29 119.95
N GLU Y 95 -6.08 3.84 121.02
CA GLU Y 95 -5.96 4.69 122.20
C GLU Y 95 -4.89 5.76 122.00
N GLU Y 96 -3.96 5.55 121.06
CA GLU Y 96 -2.92 6.55 120.84
C GLU Y 96 -3.44 7.72 120.02
N VAL Y 97 -4.59 7.56 119.37
CA VAL Y 97 -5.18 8.63 118.58
C VAL Y 97 -6.44 9.19 119.24
N GLU Y 98 -6.69 8.86 120.51
CA GLU Y 98 -7.87 9.38 121.19
C GLU Y 98 -7.72 10.82 121.64
N GLN Y 99 -6.51 11.39 121.55
CA GLN Y 99 -6.34 12.80 121.85
C GLN Y 99 -6.79 13.69 120.70
N PHE Y 100 -6.87 13.14 119.49
CA PHE Y 100 -7.21 13.90 118.31
C PHE Y 100 -8.69 13.84 117.95
N ARG Y 101 -9.48 13.04 118.66
CA ARG Y 101 -10.89 12.91 118.35
C ARG Y 101 -11.68 14.13 118.81
N ALA Z 2 -22.94 -25.91 108.68
CA ALA Z 2 -23.02 -24.81 109.63
C ALA Z 2 -23.79 -23.63 109.05
N VAL Z 3 -23.71 -22.49 109.74
CA VAL Z 3 -24.26 -21.25 109.23
C VAL Z 3 -23.51 -20.83 107.98
N ALA Z 4 -24.23 -20.34 106.97
CA ALA Z 4 -23.66 -20.11 105.65
C ALA Z 4 -22.60 -19.01 105.67
N VAL Z 5 -21.64 -19.11 104.77
CA VAL Z 5 -20.51 -18.20 104.70
C VAL Z 5 -20.47 -17.57 103.31
N GLY Z 6 -20.33 -16.25 103.26
CA GLY Z 6 -20.16 -15.55 102.00
C GLY Z 6 -18.88 -14.76 102.02
N MET Z 7 -18.18 -14.77 100.90
CA MET Z 7 -16.89 -14.11 100.77
C MET Z 7 -16.90 -13.20 99.55
N ILE Z 8 -16.36 -12.01 99.70
CA ILE Z 8 -16.11 -11.10 98.58
C ILE Z 8 -14.64 -10.74 98.61
N GLU Z 9 -13.93 -11.08 97.53
CA GLU Z 9 -12.54 -10.68 97.37
C GLU Z 9 -12.46 -9.49 96.44
N THR Z 10 -11.85 -8.41 96.91
CA THR Z 10 -11.66 -7.22 96.11
C THR Z 10 -10.17 -6.94 95.94
N LEU Z 11 -9.86 -6.12 94.95
CA LEU Z 11 -8.51 -5.58 94.76
C LEU Z 11 -8.50 -4.18 95.38
N GLY Z 12 -8.01 -4.08 96.60
CA GLY Z 12 -7.97 -2.80 97.27
C GLY Z 12 -8.72 -2.78 98.59
N PHE Z 13 -8.20 -2.02 99.54
CA PHE Z 13 -8.83 -1.86 100.85
C PHE Z 13 -10.02 -0.90 100.89
N PRO Z 14 -10.06 0.23 100.16
CA PRO Z 14 -11.33 0.98 100.13
C PRO Z 14 -12.48 0.24 99.47
N ALA Z 15 -12.19 -0.68 98.55
CA ALA Z 15 -13.26 -1.46 97.93
C ALA Z 15 -13.78 -2.53 98.87
N VAL Z 16 -12.96 -2.98 99.82
CA VAL Z 16 -13.37 -4.10 100.66
C VAL Z 16 -14.13 -3.60 101.88
N VAL Z 17 -13.96 -2.32 102.23
CA VAL Z 17 -14.72 -1.75 103.34
C VAL Z 17 -16.10 -1.33 102.87
N GLU Z 18 -16.20 -0.85 101.64
CA GLU Z 18 -17.50 -0.54 101.06
C GLU Z 18 -18.29 -1.81 100.77
N ALA Z 19 -17.59 -2.88 100.37
CA ALA Z 19 -18.25 -4.17 100.19
C ALA Z 19 -18.73 -4.73 101.52
N ALA Z 20 -17.93 -4.58 102.58
CA ALA Z 20 -18.32 -5.08 103.88
C ALA Z 20 -19.42 -4.23 104.49
N ASP Z 21 -19.44 -2.93 104.19
CA ASP Z 21 -20.49 -2.07 104.72
C ASP Z 21 -21.80 -2.26 103.97
N ALA Z 22 -21.73 -2.58 102.67
CA ALA Z 22 -22.94 -2.86 101.92
C ALA Z 22 -23.55 -4.19 102.32
N MET Z 23 -22.71 -5.14 102.75
CA MET Z 23 -23.21 -6.48 103.06
C MET Z 23 -24.02 -6.50 104.34
N VAL Z 24 -23.51 -5.86 105.40
CA VAL Z 24 -24.19 -5.95 106.69
C VAL Z 24 -25.36 -4.99 106.77
N LYS Z 25 -25.47 -4.08 105.81
CA LYS Z 25 -26.66 -3.23 105.73
C LYS Z 25 -27.75 -3.88 104.89
N ALA Z 26 -27.37 -4.74 103.95
CA ALA Z 26 -28.33 -5.30 103.02
C ALA Z 26 -29.15 -6.41 103.65
N ALA Z 27 -28.58 -7.16 104.58
CA ALA Z 27 -29.25 -8.31 105.15
C ALA Z 27 -28.76 -8.55 106.57
N ARG Z 28 -29.27 -9.62 107.18
CA ARG Z 28 -28.92 -9.97 108.55
C ARG Z 28 -27.71 -10.92 108.55
N VAL Z 29 -26.62 -10.42 107.99
CA VAL Z 29 -25.36 -11.14 108.01
C VAL Z 29 -24.47 -10.49 109.05
N THR Z 30 -23.54 -11.28 109.57
CA THR Z 30 -22.54 -10.80 110.50
C THR Z 30 -21.19 -10.84 109.81
N LEU Z 31 -20.57 -9.68 109.62
CA LEU Z 31 -19.19 -9.62 109.18
C LEU Z 31 -18.31 -10.17 110.29
N VAL Z 32 -17.63 -11.28 110.03
CA VAL Z 32 -16.81 -11.93 111.03
C VAL Z 32 -15.34 -11.95 110.66
N GLY Z 33 -14.99 -11.75 109.40
CA GLY Z 33 -13.67 -12.10 108.92
C GLY Z 33 -13.10 -11.03 108.02
N TYR Z 34 -11.77 -11.01 107.96
CA TYR Z 34 -11.02 -10.05 107.18
C TYR Z 34 -9.68 -10.69 106.87
N GLU Z 35 -9.41 -10.94 105.58
CA GLU Z 35 -8.27 -11.76 105.21
C GLU Z 35 -7.47 -11.09 104.11
N LYS Z 36 -6.15 -11.05 104.30
CA LYS Z 36 -5.21 -10.55 103.32
C LYS Z 36 -4.33 -11.70 102.86
N ILE Z 37 -4.27 -11.90 101.55
CA ILE Z 37 -3.50 -13.00 100.97
C ILE Z 37 -2.41 -12.51 100.04
N GLY Z 38 -2.20 -11.19 99.97
CA GLY Z 38 -1.14 -10.63 99.16
C GLY Z 38 -1.63 -10.09 97.84
N THR Z 39 -0.80 -9.19 97.27
CA THR Z 39 -1.05 -8.44 96.04
C THR Z 39 -2.39 -7.73 96.00
N GLY Z 40 -2.80 -7.14 97.11
CA GLY Z 40 -4.02 -6.36 97.14
C GLY Z 40 -5.30 -7.16 97.15
N ARG Z 41 -5.22 -8.48 97.17
CA ARG Z 41 -6.40 -9.34 97.22
C ARG Z 41 -6.86 -9.41 98.67
N VAL Z 42 -7.95 -8.69 98.96
CA VAL Z 42 -8.46 -8.58 100.32
C VAL Z 42 -9.86 -9.18 100.35
N THR Z 43 -10.13 -10.01 101.35
CA THR Z 43 -11.39 -10.74 101.44
C THR Z 43 -12.08 -10.42 102.76
N VAL Z 44 -13.36 -10.09 102.69
CA VAL Z 44 -14.22 -9.99 103.86
C VAL Z 44 -15.20 -11.16 103.86
N ILE Z 45 -15.52 -11.64 105.05
CA ILE Z 45 -16.27 -12.87 105.25
C ILE Z 45 -17.48 -12.57 106.11
N VAL Z 46 -18.67 -12.88 105.60
CA VAL Z 46 -19.91 -12.71 106.35
C VAL Z 46 -20.49 -14.07 106.66
N ARG Z 47 -21.24 -14.15 107.75
CA ARG Z 47 -21.98 -15.34 108.15
C ARG Z 47 -23.44 -14.99 108.34
N GLY Z 48 -24.32 -15.91 107.95
CA GLY Z 48 -25.74 -15.72 108.16
C GLY Z 48 -26.50 -16.84 107.48
N ASP Z 49 -27.83 -16.70 107.45
CA ASP Z 49 -28.64 -17.62 106.67
C ASP Z 49 -28.36 -17.41 105.18
N VAL Z 50 -28.55 -18.47 104.41
CA VAL Z 50 -28.12 -18.49 103.00
C VAL Z 50 -28.92 -17.51 102.16
N SER Z 51 -30.17 -17.22 102.53
CA SER Z 51 -30.93 -16.18 101.84
C SER Z 51 -30.38 -14.81 102.16
N GLU Z 52 -29.94 -14.60 103.41
CA GLU Z 52 -29.34 -13.32 103.78
C GLU Z 52 -27.95 -13.18 103.21
N VAL Z 53 -27.20 -14.29 103.15
CA VAL Z 53 -25.83 -14.23 102.63
C VAL Z 53 -25.85 -13.99 101.12
N GLN Z 54 -26.81 -14.60 100.41
CA GLN Z 54 -26.95 -14.36 98.97
C GLN Z 54 -27.38 -12.93 98.68
N ALA Z 55 -28.20 -12.35 99.55
CA ALA Z 55 -28.67 -10.99 99.34
C ALA Z 55 -27.57 -9.98 99.66
N SER Z 56 -26.70 -10.31 100.61
CA SER Z 56 -25.66 -9.37 101.01
C SER Z 56 -24.50 -9.39 100.04
N VAL Z 57 -24.07 -10.58 99.61
CA VAL Z 57 -22.92 -10.72 98.72
C VAL Z 57 -23.22 -10.12 97.35
N SER Z 58 -24.47 -10.24 96.91
CA SER Z 58 -24.90 -9.57 95.67
C SER Z 58 -24.89 -8.06 95.83
N ALA Z 59 -25.29 -7.56 97.00
CA ALA Z 59 -25.30 -6.12 97.23
C ALA Z 59 -23.92 -5.59 97.55
N GLY Z 60 -23.06 -6.44 98.13
CA GLY Z 60 -21.68 -6.04 98.36
C GLY Z 60 -20.86 -5.99 97.09
N THR Z 61 -21.27 -6.74 96.07
CA THR Z 61 -20.57 -6.71 94.79
C THR Z 61 -20.92 -5.45 94.01
N GLU Z 62 -22.18 -5.00 94.10
CA GLU Z 62 -22.62 -3.84 93.34
C GLU Z 62 -22.08 -2.53 93.91
N SER Z 63 -21.73 -2.51 95.19
CA SER Z 63 -21.26 -1.28 95.81
C SER Z 63 -19.78 -1.03 95.58
N VAL Z 64 -19.04 -2.03 95.10
CA VAL Z 64 -17.65 -1.80 94.72
C VAL Z 64 -17.57 -0.97 93.44
N LYS Z 65 -18.63 -0.98 92.64
CA LYS Z 65 -18.70 -0.08 91.48
C LYS Z 65 -18.83 1.38 91.90
N ARG Z 66 -19.32 1.65 93.11
CA ARG Z 66 -19.31 3.02 93.63
C ARG Z 66 -17.90 3.50 93.90
N VAL Z 67 -17.01 2.59 94.30
CA VAL Z 67 -15.63 2.96 94.59
C VAL Z 67 -14.86 3.12 93.28
N ASN Z 68 -14.22 4.27 93.11
CA ASN Z 68 -13.33 4.49 91.98
C ASN Z 68 -12.05 3.71 92.20
N GLY Z 69 -11.66 2.90 91.22
CA GLY Z 69 -10.50 2.06 91.40
C GLY Z 69 -10.74 0.82 92.22
N GLY Z 70 -12.00 0.48 92.49
CA GLY Z 70 -12.36 -0.72 93.20
C GLY Z 70 -12.81 -1.79 92.22
N GLN Z 71 -12.40 -3.03 92.48
CA GLN Z 71 -12.65 -4.14 91.58
C GLN Z 71 -12.87 -5.41 92.37
N VAL Z 72 -14.01 -6.07 92.13
CA VAL Z 72 -14.31 -7.35 92.74
C VAL Z 72 -13.55 -8.41 91.96
N LEU Z 73 -12.73 -9.20 92.67
CA LEU Z 73 -12.00 -10.27 92.02
C LEU Z 73 -12.79 -11.57 92.02
N SER Z 74 -13.31 -11.96 93.18
CA SER Z 74 -14.00 -13.23 93.31
C SER Z 74 -14.99 -13.15 94.46
N THR Z 75 -16.19 -13.67 94.20
CA THR Z 75 -17.19 -13.85 95.25
C THR Z 75 -17.59 -15.31 95.30
N HIS Z 76 -17.96 -15.78 96.48
CA HIS Z 76 -18.48 -17.13 96.63
C HIS Z 76 -19.35 -17.20 97.87
N ILE Z 77 -20.33 -18.11 97.83
CA ILE Z 77 -21.24 -18.38 98.93
C ILE Z 77 -21.28 -19.89 99.14
N ILE Z 78 -21.01 -20.33 100.36
CA ILE Z 78 -21.18 -21.72 100.76
C ILE Z 78 -22.39 -21.80 101.68
N ALA Z 79 -23.39 -22.57 101.26
CA ALA Z 79 -24.68 -22.57 101.96
C ALA Z 79 -24.60 -23.27 103.30
N ARG Z 80 -23.69 -24.23 103.43
CA ARG Z 80 -23.58 -25.04 104.65
C ARG Z 80 -22.15 -25.53 104.76
N PRO Z 81 -21.26 -24.70 105.29
CA PRO Z 81 -19.86 -25.11 105.40
C PRO Z 81 -19.68 -26.17 106.48
N HIS Z 82 -18.69 -27.03 106.26
CA HIS Z 82 -18.37 -28.09 107.20
C HIS Z 82 -17.79 -27.50 108.48
N GLU Z 83 -17.92 -28.25 109.57
CA GLU Z 83 -17.48 -27.78 110.88
C GLU Z 83 -15.96 -27.74 110.99
N ASN Z 84 -15.24 -28.44 110.11
CA ASN Z 84 -13.79 -28.38 110.07
C ASN Z 84 -13.28 -27.02 109.62
N LEU Z 85 -14.08 -26.29 108.85
CA LEU Z 85 -13.61 -25.07 108.21
C LEU Z 85 -13.46 -23.91 109.19
N GLU Z 86 -14.25 -23.89 110.26
CA GLU Z 86 -14.19 -22.76 111.18
C GLU Z 86 -13.00 -22.86 112.12
N TYR Z 87 -12.38 -24.04 112.21
CA TYR Z 87 -11.23 -24.19 113.10
C TYR Z 87 -9.92 -23.97 112.35
N VAL Z 88 -9.98 -23.94 111.02
CA VAL Z 88 -8.77 -23.69 110.23
C VAL Z 88 -8.86 -22.35 109.53
N LEU Z 89 -9.88 -22.14 108.77
CA LEU Z 89 -10.04 -20.91 108.02
C LEU Z 89 -10.65 -19.82 108.88
N PRO Z 90 -10.31 -18.55 108.65
CA PRO Z 90 -10.89 -17.44 109.45
C PRO Z 90 -12.30 -17.05 109.01
N ILE Z 91 -13.22 -18.00 109.12
CA ILE Z 91 -14.63 -17.79 108.83
C ILE Z 91 -15.50 -17.93 110.07
N ARG Z 92 -14.91 -18.09 111.24
CA ARG Z 92 -15.68 -18.39 112.43
C ARG Z 92 -16.10 -17.11 113.14
N TYR Z 93 -17.13 -17.24 113.97
CA TYR Z 93 -17.55 -16.14 114.83
C TYR Z 93 -16.54 -15.94 115.94
N THR Z 94 -15.86 -14.80 115.91
CA THR Z 94 -15.01 -14.41 117.02
C THR Z 94 -15.85 -13.79 118.13
N GLU Z 95 -15.23 -13.62 119.31
CA GLU Z 95 -15.97 -13.16 120.48
C GLU Z 95 -16.37 -11.68 120.35
N GLU Z 96 -15.61 -10.92 119.57
CA GLU Z 96 -15.89 -9.49 119.42
C GLU Z 96 -17.14 -9.24 118.56
N VAL Z 97 -17.52 -10.21 117.73
CA VAL Z 97 -18.63 -10.02 116.80
C VAL Z 97 -19.87 -10.81 117.21
N GLU Z 98 -19.91 -11.32 118.43
CA GLU Z 98 -21.09 -12.07 118.86
C GLU Z 98 -22.24 -11.15 119.27
N GLN Z 99 -22.00 -9.84 119.35
CA GLN Z 99 -23.10 -8.91 119.61
C GLN Z 99 -23.90 -8.63 118.33
N PHE Z 100 -23.37 -8.99 117.17
CA PHE Z 100 -24.02 -8.75 115.89
C PHE Z 100 -24.64 -10.00 115.30
N ARG Z 101 -24.55 -11.13 115.97
CA ARG Z 101 -25.08 -12.38 115.44
C ARG Z 101 -26.59 -12.45 115.59
N ALA AA 2 -33.41 25.37 107.81
CA ALA AA 2 -32.55 24.91 108.90
C ALA AA 2 -31.92 23.57 108.55
N VAL AA 3 -32.75 22.54 108.56
CA VAL AA 3 -32.32 21.22 108.13
C VAL AA 3 -32.32 21.16 106.61
N ALA AA 4 -31.24 20.64 106.02
CA ALA AA 4 -31.11 20.59 104.58
C ALA AA 4 -32.11 19.61 103.97
N VAL AA 5 -32.34 19.74 102.67
CA VAL AA 5 -33.30 18.92 101.95
C VAL AA 5 -32.63 18.37 100.70
N GLY AA 6 -32.81 17.08 100.47
CA GLY AA 6 -32.33 16.45 99.26
C GLY AA 6 -33.45 15.68 98.58
N MET AA 7 -33.43 15.71 97.25
CA MET AA 7 -34.47 15.06 96.45
C MET AA 7 -33.82 14.20 95.39
N ILE AA 8 -34.35 13.00 95.18
CA ILE AA 8 -34.01 12.18 94.04
C ILE AA 8 -35.30 11.85 93.32
N GLU AA 9 -35.38 12.22 92.05
CA GLU AA 9 -36.53 11.89 91.21
C GLU AA 9 -36.17 10.74 90.29
N THR AA 10 -36.92 9.65 90.38
CA THR AA 10 -36.72 8.49 89.52
C THR AA 10 -37.94 8.31 88.64
N LEU AA 11 -37.76 7.54 87.57
CA LEU AA 11 -38.85 7.08 86.72
C LEU AA 11 -39.24 5.68 87.21
N GLY AA 12 -40.33 5.60 87.95
CA GLY AA 12 -40.76 4.32 88.47
C GLY AA 12 -40.72 4.20 89.97
N PHE AA 13 -41.68 3.46 90.53
CA PHE AA 13 -41.76 3.23 91.97
C PHE AA 13 -40.77 2.20 92.52
N PRO AA 14 -40.41 1.08 91.86
CA PRO AA 14 -39.32 0.25 92.40
C PRO AA 14 -37.98 0.96 92.43
N ALA AA 15 -37.73 1.90 91.53
CA ALA AA 15 -36.47 2.63 91.56
C ALA AA 15 -36.44 3.65 92.68
N VAL AA 16 -37.61 4.16 93.08
CA VAL AA 16 -37.63 5.23 94.07
C VAL AA 16 -37.60 4.66 95.48
N VAL AA 17 -37.94 3.38 95.64
CA VAL AA 17 -37.83 2.74 96.95
C VAL AA 17 -36.40 2.28 97.21
N GLU AA 18 -35.72 1.82 96.15
CA GLU AA 18 -34.30 1.50 96.27
C GLU AA 18 -33.47 2.77 96.46
N ALA AA 19 -33.88 3.87 95.83
CA ALA AA 19 -33.22 5.15 96.07
C ALA AA 19 -33.46 5.63 97.50
N ALA AA 20 -34.68 5.49 98.00
CA ALA AA 20 -34.98 5.94 99.36
C ALA AA 20 -34.33 5.04 100.41
N ASP AA 21 -34.19 3.74 100.11
CA ASP AA 21 -33.55 2.84 101.06
C ASP AA 21 -32.05 3.05 101.11
N ALA AA 22 -31.44 3.39 99.97
CA ALA AA 22 -30.01 3.64 99.95
C ALA AA 22 -29.66 4.97 100.61
N MET AA 23 -30.62 5.90 100.67
CA MET AA 23 -30.35 7.20 101.25
C MET AA 23 -30.28 7.13 102.77
N VAL AA 24 -31.26 6.48 103.39
CA VAL AA 24 -31.32 6.49 104.85
C VAL AA 24 -30.37 5.48 105.45
N LYS AA 25 -29.79 4.60 104.63
CA LYS AA 25 -28.76 3.69 105.11
C LYS AA 25 -27.38 4.33 105.04
N ALA AA 26 -27.16 5.18 104.05
CA ALA AA 26 -25.82 5.70 103.80
C ALA AA 26 -25.43 6.78 104.80
N ALA AA 27 -26.40 7.57 105.27
CA ALA AA 27 -26.09 8.71 106.12
C ALA AA 27 -27.23 8.94 107.10
N ARG AA 28 -27.04 9.93 107.98
CA ARG AA 28 -28.02 10.27 109.01
C ARG AA 28 -29.02 11.27 108.45
N VAL AA 29 -29.83 10.78 107.51
CA VAL AA 29 -30.91 11.58 106.92
C VAL AA 29 -32.23 10.93 107.26
N THR AA 30 -33.27 11.74 107.27
CA THR AA 30 -34.64 11.27 107.52
C THR AA 30 -35.44 11.40 106.23
N LEU AA 31 -35.88 10.27 105.70
CA LEU AA 31 -36.87 10.27 104.63
C LEU AA 31 -38.18 10.82 105.18
N VAL AA 32 -38.62 11.95 104.64
CA VAL AA 32 -39.82 12.61 105.16
C VAL AA 32 -40.95 12.65 104.15
N GLY AA 33 -40.68 12.51 102.87
CA GLY AA 33 -41.66 12.84 101.86
C GLY AA 33 -41.57 11.94 100.66
N TYR AA 34 -42.59 12.03 99.82
CA TYR AA 34 -42.79 11.11 98.71
C TYR AA 34 -43.77 11.79 97.77
N GLU AA 35 -43.30 12.15 96.58
CA GLU AA 35 -44.05 13.03 95.69
C GLU AA 35 -44.22 12.40 94.32
N LYS AA 36 -45.45 12.43 93.81
CA LYS AA 36 -45.79 11.98 92.46
C LYS AA 36 -46.31 13.17 91.69
N ILE AA 37 -45.73 13.42 90.51
CA ILE AA 37 -46.10 14.56 89.69
C ILE AA 37 -46.62 14.14 88.32
N GLY AA 38 -46.68 12.84 88.05
CA GLY AA 38 -47.15 12.35 86.77
C GLY AA 38 -46.02 11.87 85.88
N THR AA 39 -46.40 11.14 84.83
CA THR AA 39 -45.54 10.38 83.92
C THR AA 39 -44.54 9.50 84.63
N GLY AA 40 -44.91 8.89 85.76
CA GLY AA 40 -44.01 8.02 86.46
C GLY AA 40 -42.87 8.70 87.19
N ARG AA 41 -42.82 10.02 87.18
CA ARG AA 41 -41.76 10.77 87.85
C ARG AA 41 -42.08 10.83 89.34
N VAL AA 42 -41.32 10.08 90.12
CA VAL AA 42 -41.55 9.94 91.55
C VAL AA 42 -40.34 10.45 92.30
N THR AA 43 -40.57 11.29 93.31
CA THR AA 43 -39.50 11.94 94.05
C THR AA 43 -39.60 11.55 95.52
N VAL AA 44 -38.47 11.21 96.12
CA VAL AA 44 -38.35 11.03 97.57
C VAL AA 44 -37.54 12.19 98.14
N ILE AA 45 -37.92 12.62 99.33
CA ILE AA 45 -37.36 13.80 99.97
C ILE AA 45 -36.73 13.38 101.29
N VAL AA 46 -35.45 13.66 101.46
CA VAL AA 46 -34.74 13.39 102.70
C VAL AA 46 -34.39 14.71 103.37
N ARG AA 47 -34.31 14.68 104.70
CA ARG AA 47 -33.87 15.81 105.48
C ARG AA 47 -32.71 15.41 106.38
N GLY AA 48 -31.70 16.26 106.44
CA GLY AA 48 -30.58 16.03 107.33
C GLY AA 48 -29.64 17.21 107.29
N ASP AA 49 -28.43 17.00 107.79
CA ASP AA 49 -27.37 17.95 107.54
C ASP AA 49 -26.99 17.89 106.06
N VAL AA 50 -26.46 19.00 105.55
CA VAL AA 50 -26.15 19.10 104.13
C VAL AA 50 -25.03 18.14 103.73
N SER AA 51 -24.11 17.84 104.65
CA SER AA 51 -23.09 16.84 104.38
C SER AA 51 -23.70 15.43 104.35
N GLU AA 52 -24.65 15.16 105.23
CA GLU AA 52 -25.32 13.86 105.23
C GLU AA 52 -26.27 13.73 104.05
N VAL AA 53 -26.89 14.84 103.64
CA VAL AA 53 -27.80 14.81 102.51
C VAL AA 53 -27.01 14.59 101.22
N GLN AA 54 -25.81 15.16 101.13
CA GLN AA 54 -24.97 14.98 99.94
C GLN AA 54 -24.46 13.55 99.83
N ALA AA 55 -24.17 12.91 100.96
CA ALA AA 55 -23.69 11.54 100.92
C ALA AA 55 -24.82 10.56 100.61
N SER AA 56 -26.04 10.89 101.04
CA SER AA 56 -27.18 10.01 100.81
C SER AA 56 -27.67 10.11 99.37
N VAL AA 57 -27.71 11.33 98.83
CA VAL AA 57 -28.21 11.54 97.47
C VAL AA 57 -27.25 10.93 96.45
N SER AA 58 -25.94 10.99 96.73
CA SER AA 58 -24.96 10.34 95.87
C SER AA 58 -25.07 8.83 95.95
N ALA AA 59 -25.45 8.29 97.11
CA ALA AA 59 -25.61 6.85 97.24
C ALA AA 59 -26.94 6.38 96.68
N GLY AA 60 -27.98 7.19 96.82
CA GLY AA 60 -29.27 6.83 96.27
C GLY AA 60 -29.32 6.90 94.76
N THR AA 61 -28.48 7.74 94.17
CA THR AA 61 -28.39 7.82 92.71
C THR AA 61 -27.72 6.59 92.13
N GLU AA 62 -26.67 6.09 92.80
CA GLU AA 62 -25.94 4.93 92.30
C GLU AA 62 -26.73 3.64 92.48
N SER AA 63 -27.67 3.61 93.42
CA SER AA 63 -28.43 2.40 93.69
C SER AA 63 -29.56 2.18 92.69
N VAL AA 64 -29.96 3.22 91.96
CA VAL AA 64 -30.99 3.05 90.94
C VAL AA 64 -30.42 2.31 89.74
N LYS AA 65 -29.10 2.40 89.53
CA LYS AA 65 -28.43 1.70 88.44
C LYS AA 65 -28.49 0.19 88.58
N ARG AA 66 -28.71 -0.33 89.79
CA ARG AA 66 -28.90 -1.75 89.99
C ARG AA 66 -30.35 -2.18 89.79
N VAL AA 67 -31.29 -1.24 89.76
CA VAL AA 67 -32.68 -1.55 89.42
C VAL AA 67 -32.81 -1.56 87.91
N ASN AA 68 -33.27 -2.68 87.34
CA ASN AA 68 -33.53 -2.77 85.92
C ASN AA 68 -34.95 -2.31 85.64
N GLY AA 69 -35.08 -1.19 84.94
CA GLY AA 69 -36.36 -0.59 84.65
C GLY AA 69 -36.58 0.76 85.29
N GLY AA 70 -35.60 1.30 86.01
CA GLY AA 70 -35.71 2.61 86.59
C GLY AA 70 -34.44 3.41 86.36
N GLN AA 71 -34.61 4.73 86.27
CA GLN AA 71 -33.50 5.63 86.05
C GLN AA 71 -33.72 6.89 86.87
N VAL AA 72 -32.61 7.51 87.27
CA VAL AA 72 -32.66 8.78 87.99
C VAL AA 72 -32.91 9.88 86.97
N LEU AA 73 -33.99 10.64 87.18
CA LEU AA 73 -34.30 11.74 86.27
C LEU AA 73 -33.63 13.04 86.73
N SER AA 74 -33.70 13.32 88.03
CA SER AA 74 -33.17 14.57 88.55
C SER AA 74 -32.86 14.41 90.04
N THR AA 75 -31.74 15.00 90.45
CA THR AA 75 -31.38 15.08 91.86
C THR AA 75 -31.04 16.52 92.19
N HIS AA 76 -31.34 16.92 93.43
CA HIS AA 76 -30.96 18.25 93.89
C HIS AA 76 -30.84 18.25 95.40
N ILE AA 77 -29.98 19.14 95.89
CA ILE AA 77 -29.69 19.32 97.31
C ILE AA 77 -29.73 20.80 97.61
N ILE AA 78 -30.48 21.19 98.64
CA ILE AA 78 -30.51 22.57 99.12
C ILE AA 78 -29.98 22.58 100.56
N ALA AA 79 -28.96 23.40 100.81
CA ALA AA 79 -28.24 23.36 102.09
C ALA AA 79 -29.11 23.87 103.22
N ARG AA 80 -29.95 24.86 102.96
CA ARG AA 80 -30.86 25.41 103.96
C ARG AA 80 -32.05 25.99 103.21
N PRO AA 81 -33.15 25.25 103.12
CA PRO AA 81 -34.34 25.80 102.46
C PRO AA 81 -34.96 26.92 103.27
N HIS AA 82 -35.63 27.81 102.55
CA HIS AA 82 -36.36 28.90 103.17
C HIS AA 82 -37.54 28.34 103.97
N GLU AA 83 -37.95 29.10 104.99
CA GLU AA 83 -39.06 28.65 105.83
C GLU AA 83 -40.41 28.75 105.12
N ASN AA 84 -40.44 29.47 103.99
CA ASN AA 84 -41.63 29.49 103.14
C ASN AA 84 -41.88 28.14 102.49
N LEU AA 85 -40.83 27.33 102.28
CA LEU AA 85 -40.96 26.14 101.46
C LEU AA 85 -41.64 24.99 102.20
N GLU AA 86 -41.52 24.92 103.54
CA GLU AA 86 -42.12 23.81 104.26
C GLU AA 86 -43.63 23.93 104.33
N TYR AA 87 -44.16 25.14 104.17
CA TYR AA 87 -45.62 25.31 104.24
C TYR AA 87 -46.26 25.08 102.87
N VAL AA 88 -45.51 25.23 101.79
CA VAL AA 88 -46.07 25.05 100.46
C VAL AA 88 -45.67 23.69 99.88
N LEU AA 89 -44.41 23.34 99.99
CA LEU AA 89 -43.91 22.12 99.41
C LEU AA 89 -43.90 21.00 100.45
N PRO AA 90 -44.12 19.75 100.05
CA PRO AA 90 -44.10 18.62 101.01
C PRO AA 90 -42.69 18.13 101.32
N ILE AA 91 -41.89 19.02 101.89
CA ILE AA 91 -40.53 18.71 102.31
C ILE AA 91 -40.34 18.79 103.82
N ARG AA 92 -41.41 19.00 104.57
CA ARG AA 92 -41.31 19.18 106.00
C ARG AA 92 -41.37 17.84 106.73
N TYR AA 93 -40.91 17.85 107.97
CA TYR AA 93 -41.03 16.68 108.83
C TYR AA 93 -42.49 16.46 109.21
N THR AA 94 -43.01 15.29 108.86
CA THR AA 94 -44.32 14.90 109.35
C THR AA 94 -44.20 14.33 110.75
N GLU AA 95 -45.35 14.16 111.41
CA GLU AA 95 -45.35 13.67 112.79
C GLU AA 95 -45.06 12.17 112.86
N GLU AA 96 -45.16 11.47 111.73
CA GLU AA 96 -44.90 10.04 111.71
C GLU AA 96 -43.40 9.74 111.66
N VAL AA 97 -42.60 10.71 111.21
CA VAL AA 97 -41.18 10.48 110.98
C VAL AA 97 -40.31 11.23 111.99
N GLU AA 98 -40.90 11.72 113.09
CA GLU AA 98 -40.12 12.43 114.09
C GLU AA 98 -39.27 11.50 114.93
N GLN AA 99 -39.54 10.19 114.90
CA GLN AA 99 -38.71 9.23 115.63
C GLN AA 99 -37.39 8.97 114.93
N PHE AA 100 -37.28 9.34 113.66
CA PHE AA 100 -36.05 9.16 112.89
C PHE AA 100 -35.20 10.41 112.80
N ARG AA 101 -35.65 11.52 113.39
CA ARG AA 101 -34.94 12.78 113.27
C ARG AA 101 -33.70 12.83 114.18
N MET BA 1 2.41 39.87 98.27
CA MET BA 1 2.12 38.83 99.25
C MET BA 1 2.04 39.39 100.65
N GLN BA 2 1.33 38.68 101.51
CA GLN BA 2 1.22 39.01 102.93
C GLN BA 2 1.67 37.81 103.74
N MET BA 3 2.22 38.09 104.91
CA MET BA 3 2.54 37.03 105.86
C MET BA 3 1.31 36.76 106.71
N ALA BA 4 0.99 35.48 106.89
CA ALA BA 4 -0.20 35.09 107.62
C ALA BA 4 0.10 33.86 108.45
N LYS BA 5 -0.66 33.70 109.52
CA LYS BA 5 -0.60 32.54 110.39
C LYS BA 5 -1.84 31.69 110.18
N VAL BA 6 -1.65 30.39 109.99
CA VAL BA 6 -2.76 29.47 109.79
C VAL BA 6 -3.47 29.30 111.13
N CYS BA 7 -4.70 29.81 111.22
CA CYS BA 7 -5.46 29.67 112.45
C CYS BA 7 -6.48 28.55 112.38
N GLY BA 8 -6.84 28.12 111.19
CA GLY BA 8 -7.76 27.01 111.09
C GLY BA 8 -8.18 26.69 109.67
N THR BA 9 -9.26 25.92 109.57
CA THR BA 9 -9.78 25.42 108.30
C THR BA 9 -11.23 25.82 108.14
N VAL BA 10 -11.64 26.01 106.89
CA VAL BA 10 -13.03 26.30 106.55
C VAL BA 10 -13.49 25.21 105.59
N VAL BA 11 -14.59 24.54 105.93
CA VAL BA 11 -15.15 23.47 105.12
C VAL BA 11 -16.51 23.93 104.61
N GLY BA 12 -16.70 23.88 103.30
CA GLY BA 12 -17.99 24.14 102.71
C GLY BA 12 -18.45 22.98 101.85
N THR BA 13 -19.66 22.49 102.08
CA THR BA 13 -20.15 21.35 101.31
C THR BA 13 -20.90 21.76 100.05
N GLN BA 14 -21.78 22.77 100.12
CA GLN BA 14 -22.33 23.37 98.91
C GLN BA 14 -21.42 24.50 98.46
N LYS BA 15 -20.84 24.32 97.28
CA LYS BA 15 -19.92 25.26 96.71
C LYS BA 15 -20.08 25.18 95.20
N LEU BA 16 -19.25 25.92 94.49
CA LEU BA 16 -19.19 25.75 93.06
C LEU BA 16 -18.49 24.43 92.73
N PRO BA 17 -18.82 23.80 91.60
CA PRO BA 17 -18.12 22.55 91.23
C PRO BA 17 -16.64 22.76 90.93
N SER BA 18 -16.25 23.97 90.53
CA SER BA 18 -14.83 24.28 90.37
C SER BA 18 -14.14 24.53 91.69
N MET BA 19 -14.90 24.67 92.78
CA MET BA 19 -14.32 24.79 94.12
C MET BA 19 -14.10 23.43 94.78
N THR BA 20 -14.33 22.33 94.07
CA THR BA 20 -14.19 21.00 94.65
C THR BA 20 -12.73 20.58 94.65
N GLY BA 21 -12.26 20.11 95.80
CA GLY BA 21 -10.89 19.71 95.96
C GLY BA 21 -9.96 20.79 96.47
N VAL BA 22 -10.44 22.03 96.57
CA VAL BA 22 -9.66 23.16 97.05
C VAL BA 22 -9.67 23.12 98.57
N LYS BA 23 -8.49 23.00 99.17
CA LYS BA 23 -8.35 23.04 100.62
C LYS BA 23 -8.35 24.50 101.06
N LEU BA 24 -9.22 24.82 102.02
CA LEU BA 24 -9.43 26.20 102.44
C LEU BA 24 -8.92 26.38 103.86
N LEU BA 25 -7.96 27.29 104.03
CA LEU BA 25 -7.38 27.60 105.32
C LEU BA 25 -7.80 28.98 105.77
N LEU BA 26 -8.10 29.09 107.05
CA LEU BA 26 -8.37 30.38 107.70
C LEU BA 26 -7.04 30.94 108.19
N LEU BA 27 -6.56 31.98 107.53
CA LEU BA 27 -5.27 32.58 107.84
C LEU BA 27 -5.50 33.96 108.44
N GLN BA 28 -4.92 34.20 109.61
CA GLN BA 28 -4.90 35.53 110.20
C GLN BA 28 -3.60 36.23 109.82
N PHE BA 29 -3.71 37.48 109.38
CA PHE BA 29 -2.53 38.22 108.96
C PHE BA 29 -1.71 38.65 110.17
N ILE BA 30 -0.40 38.53 110.04
CA ILE BA 30 0.56 38.98 111.03
C ILE BA 30 1.28 40.19 110.46
N ASP BA 31 1.79 41.04 111.34
CA ASP BA 31 2.44 42.26 110.87
C ASP BA 31 3.91 42.00 110.54
N ALA BA 32 4.66 43.07 110.31
CA ALA BA 32 6.09 42.95 110.06
C ALA BA 32 6.86 42.65 111.34
N ASN BA 33 6.25 42.89 112.50
CA ASN BA 33 6.92 42.59 113.76
C ASN BA 33 6.56 41.20 114.28
N GLY BA 34 5.56 40.56 113.70
CA GLY BA 34 5.17 39.22 114.09
C GLY BA 34 3.91 39.13 114.94
N GLU BA 35 3.25 40.24 115.22
CA GLU BA 35 2.03 40.26 116.01
C GLU BA 35 0.82 40.05 115.11
N LEU BA 36 -0.23 39.45 115.66
CA LEU BA 36 -1.41 39.14 114.89
C LEU BA 36 -2.23 40.40 114.63
N LEU BA 37 -2.53 40.67 113.37
CA LEU BA 37 -3.40 41.77 112.99
C LEU BA 37 -4.86 41.34 113.09
N PRO BA 38 -5.78 42.28 113.35
CA PRO BA 38 -7.22 41.93 113.32
C PRO BA 38 -7.78 41.89 111.90
N LYS BA 39 -7.22 41.01 111.08
CA LYS BA 39 -7.60 40.85 109.69
C LYS BA 39 -7.28 39.43 109.29
N TYR BA 40 -8.16 38.82 108.51
CA TYR BA 40 -8.02 37.42 108.13
C TYR BA 40 -8.20 37.25 106.63
N GLU BA 41 -8.07 36.01 106.19
CA GLU BA 41 -8.31 35.60 104.81
C GLU BA 41 -8.64 34.13 104.81
N VAL BA 42 -9.40 33.71 103.80
CA VAL BA 42 -9.58 32.29 103.49
C VAL BA 42 -8.91 32.04 102.15
N ALA BA 43 -7.90 31.17 102.15
CA ALA BA 43 -7.07 30.98 100.97
C ALA BA 43 -6.99 29.51 100.60
N ALA BA 44 -6.79 29.27 99.30
CA ALA BA 44 -6.45 27.95 98.82
C ALA BA 44 -5.04 27.58 99.27
N ASP BA 45 -4.80 26.28 99.42
CA ASP BA 45 -3.56 25.78 100.00
C ASP BA 45 -2.99 24.65 99.15
N PRO BA 46 -2.24 24.96 98.09
CA PRO BA 46 -1.53 23.90 97.38
C PRO BA 46 -0.29 23.44 98.12
N VAL BA 47 0.41 24.37 98.77
CA VAL BA 47 1.57 24.07 99.60
C VAL BA 47 1.05 23.67 100.96
N GLY BA 48 1.19 22.39 101.32
CA GLY BA 48 0.46 21.83 102.44
C GLY BA 48 0.92 22.39 103.78
N ALA BA 49 0.09 23.24 104.38
CA ALA BA 49 0.43 23.97 105.59
C ALA BA 49 -0.57 23.64 106.69
N GLY BA 50 -0.06 23.41 107.90
CA GLY BA 50 -0.89 23.06 109.03
C GLY BA 50 -1.10 24.23 109.97
N LEU BA 51 -1.78 23.94 111.07
CA LEU BA 51 -2.21 24.98 112.00
C LEU BA 51 -1.03 25.53 112.79
N GLY BA 52 -0.90 26.85 112.80
CA GLY BA 52 0.19 27.53 113.45
C GLY BA 52 1.32 27.94 112.55
N GLU BA 53 1.32 27.47 111.31
CA GLU BA 53 2.40 27.76 110.36
C GLU BA 53 2.32 29.19 109.87
N TRP BA 54 3.49 29.75 109.57
CA TRP BA 54 3.61 31.05 108.93
C TRP BA 54 3.66 30.85 107.43
N VAL BA 55 2.75 31.50 106.70
CA VAL BA 55 2.64 31.32 105.26
C VAL BA 55 2.69 32.67 104.57
N LEU BA 56 3.03 32.63 103.28
CA LEU BA 56 2.83 33.76 102.39
C LEU BA 56 1.58 33.50 101.55
N VAL BA 57 0.67 34.47 101.55
CA VAL BA 57 -0.57 34.37 100.83
C VAL BA 57 -0.68 35.53 99.86
N ASN BA 58 -0.99 35.24 98.60
CA ASN BA 58 -1.15 36.28 97.61
C ASN BA 58 -2.62 36.69 97.53
N ARG BA 59 -2.91 37.65 96.67
CA ARG BA 59 -4.25 38.20 96.56
C ARG BA 59 -4.59 38.38 95.10
N GLY BA 60 -5.88 38.27 94.79
CA GLY BA 60 -6.35 38.59 93.47
C GLY BA 60 -6.15 37.51 92.43
N SER BA 61 -5.80 37.91 91.22
CA SER BA 61 -5.67 36.98 90.10
C SER BA 61 -4.37 36.19 90.13
N ALA BA 62 -3.48 36.48 91.07
CA ALA BA 62 -2.27 35.69 91.25
C ALA BA 62 -2.56 34.32 91.85
N ALA BA 63 -3.72 34.17 92.50
CA ALA BA 63 -4.14 32.88 93.03
C ALA BA 63 -4.51 31.90 91.93
N ARG BA 64 -4.76 32.38 90.71
CA ARG BA 64 -5.16 31.54 89.59
C ARG BA 64 -4.02 31.26 88.63
N GLN BA 65 -2.78 31.26 89.11
CA GLN BA 65 -1.61 31.07 88.26
C GLN BA 65 -0.96 29.70 88.43
N THR BA 66 -1.61 28.77 89.13
CA THR BA 66 -0.94 27.57 89.62
C THR BA 66 -1.22 26.40 88.67
N GLU BA 67 -1.79 26.70 87.50
CA GLU BA 67 -2.11 25.82 86.37
C GLU BA 67 -3.12 24.70 86.70
N TYR BA 68 -3.58 24.62 87.95
CA TYR BA 68 -4.77 23.88 88.30
C TYR BA 68 -5.77 24.74 89.06
N HIS BA 69 -5.41 25.99 89.34
CA HIS BA 69 -6.31 26.99 89.92
C HIS BA 69 -6.79 27.99 88.89
N GLN BA 70 -6.62 27.68 87.60
CA GLN BA 70 -6.69 28.71 86.55
C GLN BA 70 -8.11 29.20 86.32
N ASN BA 71 -9.07 28.29 86.22
CA ASN BA 71 -10.45 28.66 85.98
C ASN BA 71 -11.29 28.53 87.25
N ARG BA 72 -10.63 28.53 88.40
CA ARG BA 72 -11.23 28.41 89.72
C ARG BA 72 -11.46 29.80 90.32
N PRO BA 73 -12.59 30.01 90.99
CA PRO BA 73 -12.90 31.33 91.57
C PRO BA 73 -12.15 31.59 92.87
N LEU BA 74 -10.85 31.76 92.77
CA LEU BA 74 -9.97 31.93 93.91
C LEU BA 74 -9.29 33.29 93.84
N ASP BA 75 -9.34 34.04 94.94
CA ASP BA 75 -8.69 35.34 95.02
C ASP BA 75 -7.62 35.39 96.11
N ALA BA 76 -7.30 34.24 96.72
CA ALA BA 76 -6.28 34.17 97.74
C ALA BA 76 -5.74 32.76 97.76
N MET BA 77 -4.42 32.63 97.94
CA MET BA 77 -3.77 31.33 97.86
C MET BA 77 -2.48 31.36 98.64
N VAL BA 78 -2.23 30.32 99.44
CA VAL BA 78 -0.92 30.16 100.07
C VAL BA 78 0.09 29.80 99.00
N VAL BA 79 1.12 30.63 98.84
CA VAL BA 79 2.14 30.37 97.84
C VAL BA 79 3.40 29.76 98.44
N ALA BA 80 3.64 29.95 99.74
CA ALA BA 80 4.88 29.51 100.35
C ALA BA 80 4.66 29.33 101.83
N ILE BA 81 5.32 28.33 102.39
CA ILE BA 81 5.47 28.18 103.83
C ILE BA 81 6.73 28.92 104.22
N ILE BA 82 6.60 29.86 105.16
CA ILE BA 82 7.73 30.70 105.54
C ILE BA 82 8.69 29.89 106.38
N ASP BA 83 9.95 29.82 105.93
CA ASP BA 83 11.00 29.22 106.74
C ASP BA 83 11.54 30.22 107.76
N THR BA 84 12.09 31.34 107.29
CA THR BA 84 12.65 32.33 108.19
C THR BA 84 12.35 33.73 107.67
N VAL BA 85 12.19 34.66 108.61
CA VAL BA 85 12.03 36.08 108.32
C VAL BA 85 13.15 36.83 109.03
N THR BA 86 13.95 37.55 108.25
CA THR BA 86 15.02 38.38 108.78
C THR BA 86 14.59 39.84 108.64
N VAL BA 87 14.59 40.58 109.75
CA VAL BA 87 14.25 41.99 109.76
C VAL BA 87 15.44 42.75 110.35
N ASN BA 88 15.99 43.68 109.57
CA ASN BA 88 17.15 44.51 109.94
C ASN BA 88 18.35 43.66 110.33
N ASN BA 89 18.63 42.63 109.51
CA ASN BA 89 19.65 41.60 109.68
C ASN BA 89 19.49 40.80 110.97
N ARG BA 90 18.30 40.80 111.57
CA ARG BA 90 18.01 40.03 112.77
C ARG BA 90 16.88 39.06 112.45
N ARG BA 91 17.07 37.79 112.82
CA ARG BA 91 16.08 36.77 112.54
C ARG BA 91 14.84 36.98 113.41
N LEU BA 92 13.70 37.16 112.75
CA LEU BA 92 12.42 37.30 113.43
C LEU BA 92 11.69 35.97 113.61
N TYR BA 93 11.78 35.09 112.63
CA TYR BA 93 11.06 33.82 112.65
C TYR BA 93 12.01 32.72 112.19
N GLY BA 94 11.79 31.52 112.71
CA GLY BA 94 12.60 30.38 112.34
C GLY BA 94 13.83 30.20 113.21
N ALA CA 2 -23.44 -86.23 71.78
CA ALA CA 2 -22.40 -87.14 72.26
C ALA CA 2 -21.11 -86.39 72.56
N VAL CA 3 -20.00 -87.14 72.59
CA VAL CA 3 -18.68 -86.56 72.77
C VAL CA 3 -18.32 -85.73 71.54
N ALA CA 4 -17.64 -84.60 71.75
CA ALA CA 4 -17.42 -83.62 70.69
C ALA CA 4 -16.52 -84.17 69.59
N VAL CA 5 -16.76 -83.70 68.37
CA VAL CA 5 -16.05 -84.16 67.18
C VAL CA 5 -15.42 -82.96 66.49
N GLY CA 6 -14.15 -83.08 66.13
CA GLY CA 6 -13.46 -82.05 65.38
C GLY CA 6 -12.92 -82.63 64.08
N MET CA 7 -12.97 -81.82 63.03
CA MET CA 7 -12.54 -82.26 61.71
C MET CA 7 -11.62 -81.20 61.13
N ILE CA 8 -10.52 -81.64 60.52
CA ILE CA 8 -9.66 -80.77 59.73
C ILE CA 8 -9.54 -81.40 58.35
N GLU CA 9 -9.99 -80.68 57.33
CA GLU CA 9 -9.86 -81.13 55.95
C GLU CA 9 -8.70 -80.39 55.30
N THR CA 10 -7.74 -81.15 54.79
CA THR CA 10 -6.59 -80.57 54.09
C THR CA 10 -6.54 -81.10 52.67
N LEU CA 11 -5.85 -80.35 51.82
CA LEU CA 11 -5.54 -80.77 50.46
C LEU CA 11 -4.15 -81.39 50.50
N GLY CA 12 -4.10 -82.72 50.57
CA GLY CA 12 -2.83 -83.40 50.63
C GLY CA 12 -2.66 -84.30 51.84
N PHE CA 13 -1.98 -85.42 51.65
CA PHE CA 13 -1.72 -86.38 52.71
C PHE CA 13 -0.59 -86.02 53.68
N PRO CA 14 0.53 -85.37 53.29
CA PRO CA 14 1.45 -84.89 54.33
C PRO CA 14 0.85 -83.80 55.21
N ALA CA 15 -0.09 -83.02 54.71
CA ALA CA 15 -0.72 -82.00 55.53
C ALA CA 15 -1.73 -82.62 56.50
N VAL CA 16 -2.32 -83.75 56.14
CA VAL CA 16 -3.36 -84.32 56.99
C VAL CA 16 -2.74 -85.16 58.10
N VAL CA 17 -1.50 -85.63 57.90
CA VAL CA 17 -0.82 -86.36 58.97
C VAL CA 17 -0.24 -85.38 59.98
N GLU CA 18 0.22 -84.21 59.51
CA GLU CA 18 0.61 -83.15 60.43
C GLU CA 18 -0.60 -82.58 61.17
N ALA CA 19 -1.74 -82.50 60.50
CA ALA CA 19 -2.98 -82.12 61.18
C ALA CA 19 -3.37 -83.15 62.23
N ALA CA 20 -3.27 -84.44 61.89
CA ALA CA 20 -3.62 -85.48 62.84
C ALA CA 20 -2.61 -85.56 63.98
N ASP CA 21 -1.33 -85.32 63.69
CA ASP CA 21 -0.31 -85.41 64.73
C ASP CA 21 -0.36 -84.23 65.68
N ALA CA 22 -0.62 -83.02 65.16
CA ALA CA 22 -0.65 -81.85 66.02
C ALA CA 22 -1.93 -81.80 66.84
N MET CA 23 -2.99 -82.48 66.39
CA MET CA 23 -4.23 -82.48 67.14
C MET CA 23 -4.12 -83.33 68.41
N VAL CA 24 -3.54 -84.52 68.28
CA VAL CA 24 -3.46 -85.40 69.44
C VAL CA 24 -2.27 -85.04 70.32
N LYS CA 25 -1.43 -84.10 69.88
CA LYS CA 25 -0.33 -83.64 70.71
C LYS CA 25 -0.66 -82.34 71.42
N ALA CA 26 -1.63 -81.57 70.91
CA ALA CA 26 -1.97 -80.30 71.54
C ALA CA 26 -2.89 -80.51 72.74
N ALA CA 27 -3.74 -81.53 72.69
CA ALA CA 27 -4.73 -81.73 73.73
C ALA CA 27 -5.04 -83.21 73.85
N ARG CA 28 -5.93 -83.53 74.79
CA ARG CA 28 -6.32 -84.91 75.08
C ARG CA 28 -7.52 -85.28 74.20
N VAL CA 29 -7.23 -85.53 72.92
CA VAL CA 29 -8.24 -85.98 71.98
C VAL CA 29 -7.84 -87.35 71.46
N THR CA 30 -8.80 -88.04 70.85
CA THR CA 30 -8.56 -89.33 70.22
C THR CA 30 -8.82 -89.20 68.72
N LEU CA 31 -7.77 -89.34 67.94
CA LEU CA 31 -7.91 -89.46 66.49
C LEU CA 31 -8.60 -90.77 66.18
N VAL CA 32 -9.81 -90.68 65.62
CA VAL CA 32 -10.61 -91.88 65.37
C VAL CA 32 -10.81 -92.15 63.88
N GLY CA 33 -10.61 -91.16 63.03
CA GLY CA 33 -11.09 -91.27 61.67
C GLY CA 33 -10.13 -90.63 60.69
N TYR CA 34 -10.27 -91.05 59.43
CA TYR CA 34 -9.41 -90.62 58.35
C TYR CA 34 -10.21 -90.80 57.08
N GLU CA 35 -10.63 -89.70 56.46
CA GLU CA 35 -11.68 -89.73 55.46
C GLU CA 35 -11.20 -89.14 54.15
N LYS CA 36 -11.27 -89.93 53.08
CA LYS CA 36 -10.95 -89.50 51.73
C LYS CA 36 -12.23 -89.37 50.94
N ILE CA 37 -12.45 -88.19 50.35
CA ILE CA 37 -13.65 -87.92 49.57
C ILE CA 37 -13.32 -87.56 48.14
N GLY CA 38 -12.08 -87.74 47.72
CA GLY CA 38 -11.68 -87.43 46.36
C GLY CA 38 -11.09 -86.03 46.24
N THR CA 39 -10.48 -85.80 45.06
CA THR CA 39 -9.67 -84.62 44.72
C THR CA 39 -8.63 -84.25 45.76
N GLY CA 40 -8.06 -85.24 46.45
CA GLY CA 40 -7.05 -84.96 47.46
C GLY CA 40 -7.57 -84.36 48.74
N ARG CA 41 -8.88 -84.18 48.89
CA ARG CA 41 -9.47 -83.64 50.10
C ARG CA 41 -9.51 -84.74 51.16
N VAL CA 42 -8.64 -84.63 52.16
CA VAL CA 42 -8.51 -85.63 53.20
C VAL CA 42 -8.89 -85.01 54.53
N THR CA 43 -9.72 -85.71 55.31
CA THR CA 43 -10.23 -85.22 56.57
C THR CA 43 -9.88 -86.21 57.67
N VAL CA 44 -9.20 -85.73 58.71
CA VAL CA 44 -9.00 -86.49 59.94
C VAL CA 44 -10.04 -86.03 60.95
N ILE CA 45 -10.51 -86.98 61.76
CA ILE CA 45 -11.60 -86.76 62.70
C ILE CA 45 -11.10 -87.12 64.09
N VAL CA 46 -11.19 -86.17 65.02
CA VAL CA 46 -10.83 -86.42 66.41
C VAL CA 46 -12.08 -86.35 67.26
N ARG CA 47 -12.05 -87.09 68.37
CA ARG CA 47 -13.09 -87.04 69.39
C ARG CA 47 -12.47 -86.64 70.72
N GLY CA 48 -13.29 -86.05 71.58
CA GLY CA 48 -12.82 -85.67 72.90
C GLY CA 48 -13.74 -84.63 73.50
N ASP CA 49 -13.33 -84.10 74.64
CA ASP CA 49 -14.07 -83.03 75.28
C ASP CA 49 -13.95 -81.74 74.46
N VAL CA 50 -14.88 -80.82 74.71
CA VAL CA 50 -14.98 -79.61 73.90
C VAL CA 50 -13.78 -78.71 74.11
N SER CA 51 -13.25 -78.68 75.32
CA SER CA 51 -12.02 -77.93 75.58
C SER CA 51 -10.83 -78.57 74.89
N GLU CA 52 -10.81 -79.89 74.80
CA GLU CA 52 -9.72 -80.58 74.12
C GLU CA 52 -9.83 -80.42 72.61
N VAL CA 53 -11.04 -80.53 72.06
CA VAL CA 53 -11.22 -80.52 70.62
C VAL CA 53 -11.02 -79.12 70.05
N GLN CA 54 -11.46 -78.09 70.78
CA GLN CA 54 -11.25 -76.71 70.35
C GLN CA 54 -9.77 -76.35 70.37
N ALA CA 55 -9.02 -76.87 71.34
CA ALA CA 55 -7.59 -76.60 71.40
C ALA CA 55 -6.84 -77.38 70.32
N SER CA 56 -7.31 -78.58 70.01
CA SER CA 56 -6.61 -79.43 69.05
C SER CA 56 -6.83 -78.95 67.62
N VAL CA 57 -8.07 -78.59 67.27
CA VAL CA 57 -8.38 -78.16 65.91
C VAL CA 57 -7.73 -76.81 65.61
N SER CA 58 -7.70 -75.92 66.60
CA SER CA 58 -7.09 -74.60 66.40
C SER CA 58 -5.58 -74.70 66.31
N ALA CA 59 -4.97 -75.64 67.04
CA ALA CA 59 -3.53 -75.82 66.94
C ALA CA 59 -3.18 -76.69 65.73
N GLY CA 60 -4.08 -77.59 65.35
CA GLY CA 60 -3.86 -78.38 64.15
C GLY CA 60 -3.98 -77.58 62.88
N THR CA 61 -4.76 -76.49 62.90
CA THR CA 61 -4.91 -75.65 61.72
C THR CA 61 -3.66 -74.81 61.49
N GLU CA 62 -3.04 -74.33 62.57
CA GLU CA 62 -1.84 -73.52 62.43
C GLU CA 62 -0.62 -74.36 62.04
N SER CA 63 -0.61 -75.63 62.44
CA SER CA 63 0.54 -76.48 62.14
C SER CA 63 0.59 -76.92 60.69
N VAL CA 64 -0.56 -77.00 60.01
CA VAL CA 64 -0.59 -77.33 58.60
C VAL CA 64 0.04 -76.25 57.74
N LYS CA 65 -0.10 -74.98 58.12
CA LYS CA 65 0.58 -73.90 57.42
C LYS CA 65 2.00 -73.70 57.94
N ARG CA 66 2.73 -74.81 58.08
CA ARG CA 66 4.15 -74.86 58.34
C ARG CA 66 4.68 -76.03 57.51
N VAL CA 67 3.78 -76.66 56.76
CA VAL CA 67 4.10 -77.72 55.82
C VAL CA 67 4.13 -77.11 54.42
N ASN CA 68 5.18 -77.42 53.66
CA ASN CA 68 5.25 -76.94 52.28
C ASN CA 68 4.26 -77.72 51.43
N GLY CA 69 3.42 -77.00 50.69
CA GLY CA 69 2.37 -77.66 49.95
C GLY CA 69 1.17 -78.05 50.78
N GLY CA 70 1.11 -77.63 52.04
CA GLY CA 70 0.01 -77.93 52.92
C GLY CA 70 -1.00 -76.79 52.92
N GLN CA 71 -2.27 -77.17 52.82
CA GLN CA 71 -3.36 -76.20 52.74
C GLN CA 71 -4.57 -76.74 53.49
N VAL CA 72 -5.08 -75.95 54.42
CA VAL CA 72 -6.30 -76.29 55.15
C VAL CA 72 -7.49 -75.89 54.28
N LEU CA 73 -8.36 -76.84 53.97
CA LEU CA 73 -9.56 -76.52 53.21
C LEU CA 73 -10.69 -76.09 54.12
N SER CA 74 -10.99 -76.90 55.14
CA SER CA 74 -12.11 -76.61 56.02
C SER CA 74 -11.89 -77.28 57.36
N THR CA 75 -12.21 -76.55 58.43
CA THR CA 75 -12.16 -77.06 59.78
C THR CA 75 -13.52 -76.84 60.42
N HIS CA 76 -13.90 -77.75 61.32
CA HIS CA 76 -15.12 -77.56 62.10
C HIS CA 76 -15.04 -78.34 63.40
N ILE CA 77 -15.74 -77.82 64.40
CA ILE CA 77 -15.92 -78.49 65.69
C ILE CA 77 -17.41 -78.56 65.97
N ILE CA 78 -17.91 -79.76 66.24
CA ILE CA 78 -19.28 -79.96 66.70
C ILE CA 78 -19.21 -80.41 68.16
N ALA CA 79 -19.64 -79.52 69.06
CA ALA CA 79 -19.43 -79.74 70.49
C ALA CA 79 -20.31 -80.85 71.04
N ARG CA 80 -21.49 -81.02 70.47
CA ARG CA 80 -22.43 -82.02 70.95
C ARG CA 80 -23.13 -82.63 69.75
N PRO CA 81 -22.50 -83.61 69.10
CA PRO CA 81 -23.14 -84.24 67.94
C PRO CA 81 -24.26 -85.17 68.37
N HIS CA 82 -25.28 -85.24 67.52
CA HIS CA 82 -26.40 -86.14 67.72
C HIS CA 82 -25.93 -87.59 67.64
N GLU CA 83 -26.59 -88.46 68.38
CA GLU CA 83 -26.24 -89.87 68.39
C GLU CA 83 -26.61 -90.59 67.10
N ASN CA 84 -27.37 -89.94 66.22
CA ASN CA 84 -27.63 -90.47 64.89
C ASN CA 84 -26.38 -90.46 64.02
N LEU CA 85 -25.46 -89.53 64.26
CA LEU CA 85 -24.36 -89.29 63.33
C LEU CA 85 -23.27 -90.35 63.42
N GLU CA 86 -23.10 -90.99 64.57
CA GLU CA 86 -22.05 -91.98 64.72
C GLU CA 86 -22.35 -93.26 63.94
N TYR CA 87 -23.64 -93.52 63.69
CA TYR CA 87 -24.00 -94.74 62.97
C TYR CA 87 -23.95 -94.53 61.47
N VAL CA 88 -24.02 -93.28 61.01
CA VAL CA 88 -24.01 -93.01 59.58
C VAL CA 88 -22.65 -92.49 59.13
N LEU CA 89 -22.13 -91.53 59.83
CA LEU CA 89 -20.87 -90.91 59.46
C LEU CA 89 -19.69 -91.60 60.15
N PRO CA 90 -18.52 -91.66 59.51
CA PRO CA 90 -17.35 -92.30 60.11
C PRO CA 90 -16.64 -91.41 61.13
N ILE CA 91 -17.36 -91.05 62.19
CA ILE CA 91 -16.81 -90.24 63.28
C ILE CA 91 -16.81 -90.99 64.59
N ARG CA 92 -17.08 -92.28 64.59
CA ARG CA 92 -17.24 -93.01 65.84
C ARG CA 92 -15.93 -93.64 66.28
N TYR CA 93 -15.90 -93.99 67.57
CA TYR CA 93 -14.75 -94.69 68.13
C TYR CA 93 -14.70 -96.11 67.60
N THR CA 94 -13.61 -96.45 66.92
CA THR CA 94 -13.36 -97.82 66.54
C THR CA 94 -12.64 -98.55 67.67
N GLU CA 95 -12.54 -99.87 67.54
CA GLU CA 95 -11.90 -100.67 68.58
C GLU CA 95 -10.38 -100.51 68.55
N GLU CA 96 -9.84 -100.03 67.41
CA GLU CA 96 -8.41 -99.80 67.31
C GLU CA 96 -7.97 -98.61 68.16
N VAL CA 97 -8.88 -97.69 68.44
CA VAL CA 97 -8.56 -96.45 69.14
C VAL CA 97 -9.22 -96.39 70.52
N GLU CA 98 -9.67 -97.52 71.05
CA GLU CA 98 -10.30 -97.52 72.38
C GLU CA 98 -9.28 -97.42 73.50
N GLN CA 99 -7.99 -97.63 73.20
CA GLN CA 99 -6.96 -97.47 74.24
C GLN CA 99 -6.63 -96.00 74.48
N PHE CA 100 -6.93 -95.13 73.52
CA PHE CA 100 -6.61 -93.72 73.61
C PHE CA 100 -7.78 -92.88 74.13
N ARG CA 101 -8.95 -93.46 74.33
CA ARG CA 101 -10.10 -92.70 74.79
C ARG CA 101 -9.99 -92.35 76.28
N ALA DA 2 -43.35 -92.86 49.56
CA ALA DA 2 -42.89 -93.35 50.86
C ALA DA 2 -42.60 -92.17 51.80
N VAL DA 3 -41.85 -92.45 52.85
CA VAL DA 3 -41.38 -91.41 53.76
C VAL DA 3 -40.41 -90.50 53.01
N ALA DA 4 -40.54 -89.18 53.22
CA ALA DA 4 -39.87 -88.18 52.38
C ALA DA 4 -38.35 -88.24 52.54
N VAL DA 5 -37.65 -87.83 51.48
CA VAL DA 5 -36.20 -87.85 51.41
C VAL DA 5 -35.70 -86.42 51.33
N GLY DA 6 -34.72 -86.09 52.15
CA GLY DA 6 -34.00 -84.84 51.99
C GLY DA 6 -32.52 -85.10 51.83
N MET DA 7 -31.93 -84.45 50.83
CA MET DA 7 -30.51 -84.61 50.53
C MET DA 7 -29.85 -83.25 50.50
N ILE DA 8 -28.71 -83.13 51.17
CA ILE DA 8 -27.85 -81.96 51.06
C ILE DA 8 -26.50 -82.44 50.55
N GLU DA 9 -26.07 -81.89 49.42
CA GLU DA 9 -24.75 -82.17 48.87
C GLU DA 9 -23.84 -80.98 49.16
N THR DA 10 -22.71 -81.25 49.81
CA THR DA 10 -21.73 -80.22 50.10
C THR DA 10 -20.39 -80.57 49.45
N LEU DA 11 -19.55 -79.56 49.31
CA LEU DA 11 -18.17 -79.73 48.89
C LEU DA 11 -17.33 -79.81 50.16
N GLY DA 12 -16.99 -81.02 50.58
CA GLY DA 12 -16.19 -81.19 51.77
C GLY DA 12 -16.86 -81.99 52.86
N PHE DA 13 -16.07 -82.75 53.60
CA PHE DA 13 -16.56 -83.57 54.70
C PHE DA 13 -16.85 -82.82 56.01
N PRO DA 14 -16.09 -81.79 56.44
CA PRO DA 14 -16.56 -81.02 57.62
C PRO DA 14 -17.85 -80.27 57.38
N ALA DA 15 -18.16 -79.89 56.14
CA ALA DA 15 -19.42 -79.22 55.86
C ALA DA 15 -20.59 -80.19 55.88
N VAL DA 16 -20.33 -81.47 55.62
CA VAL DA 16 -21.44 -82.42 55.49
C VAL DA 16 -21.78 -83.01 56.85
N VAL DA 17 -20.88 -82.93 57.82
CA VAL DA 17 -21.19 -83.37 59.17
C VAL DA 17 -21.93 -82.29 59.92
N GLU DA 18 -21.58 -81.02 59.65
CA GLU DA 18 -22.32 -79.91 60.22
C GLU DA 18 -23.71 -79.79 59.60
N ALA DA 19 -23.83 -80.12 58.31
CA ALA DA 19 -25.14 -80.18 57.68
C ALA DA 19 -25.99 -81.30 58.25
N ALA DA 20 -25.38 -82.46 58.49
CA ALA DA 20 -26.12 -83.59 59.03
C ALA DA 20 -26.47 -83.39 60.50
N ASP DA 21 -25.60 -82.71 61.25
CA ASP DA 21 -25.89 -82.46 62.65
C ASP DA 21 -26.96 -81.38 62.82
N ALA DA 22 -27.02 -80.43 61.89
CA ALA DA 22 -28.05 -79.41 61.96
C ALA DA 22 -29.40 -79.96 61.57
N MET DA 23 -29.43 -80.99 60.71
CA MET DA 23 -30.70 -81.51 60.21
C MET DA 23 -31.43 -82.30 61.29
N VAL DA 24 -30.72 -83.17 62.00
CA VAL DA 24 -31.39 -84.05 62.97
C VAL DA 24 -31.68 -83.31 64.26
N LYS DA 25 -31.09 -82.13 64.47
CA LYS DA 25 -31.42 -81.32 65.62
C LYS DA 25 -32.61 -80.40 65.32
N ALA DA 26 -32.78 -80.01 64.06
CA ALA DA 26 -33.80 -79.03 63.71
C ALA DA 26 -35.19 -79.65 63.67
N ALA DA 27 -35.30 -80.91 63.28
CA ALA DA 27 -36.61 -81.53 63.11
C ALA DA 27 -36.51 -83.02 63.43
N ARG DA 28 -37.65 -83.70 63.28
CA ARG DA 28 -37.76 -85.13 63.57
C ARG DA 28 -37.46 -85.93 62.31
N VAL DA 29 -36.24 -85.76 61.81
CA VAL DA 29 -35.76 -86.52 60.67
C VAL DA 29 -34.74 -87.53 61.16
N THR DA 30 -34.56 -88.58 60.39
CA THR DA 30 -33.55 -89.60 60.66
C THR DA 30 -32.50 -89.54 59.58
N LEU DA 31 -31.27 -89.23 59.96
CA LEU DA 31 -30.13 -89.36 59.06
C LEU DA 31 -29.90 -90.83 58.78
N VAL DA 32 -30.08 -91.25 57.54
CA VAL DA 32 -29.99 -92.65 57.18
C VAL DA 32 -28.83 -92.94 56.23
N GLY DA 33 -28.31 -91.93 55.54
CA GLY DA 33 -27.46 -92.19 54.40
C GLY DA 33 -26.30 -91.23 54.33
N TYR DA 34 -25.27 -91.63 53.61
CA TYR DA 34 -24.03 -90.90 53.49
C TYR DA 34 -23.36 -91.36 52.22
N GLU DA 35 -23.20 -90.45 51.26
CA GLU DA 35 -22.83 -90.84 49.91
C GLU DA 35 -21.68 -89.99 49.39
N LYS DA 36 -20.66 -90.65 48.86
CA LYS DA 36 -19.53 -90.01 48.20
C LYS DA 36 -19.58 -90.35 46.72
N ILE DA 37 -19.53 -89.34 45.86
CA ILE DA 37 -19.62 -89.53 44.43
C ILE DA 37 -18.39 -88.98 43.71
N GLY DA 38 -17.39 -88.49 44.44
CA GLY DA 38 -16.18 -87.98 43.85
C GLY DA 38 -16.13 -86.47 43.80
N THR DA 39 -14.92 -85.95 43.56
CA THR DA 39 -14.54 -84.54 43.62
C THR DA 39 -14.99 -83.83 44.89
N GLY DA 40 -14.98 -84.53 46.02
CA GLY DA 40 -15.39 -83.91 47.26
C GLY DA 40 -16.86 -83.64 47.40
N ARG DA 41 -17.69 -84.13 46.48
CA ARG DA 41 -19.13 -83.97 46.56
C ARG DA 41 -19.68 -85.04 47.48
N VAL DA 42 -20.08 -84.64 48.68
CA VAL DA 42 -20.54 -85.56 49.71
C VAL DA 42 -21.99 -85.24 50.03
N THR DA 43 -22.81 -86.28 50.12
CA THR DA 43 -24.25 -86.13 50.31
C THR DA 43 -24.68 -86.88 51.56
N VAL DA 44 -25.47 -86.21 52.41
CA VAL DA 44 -26.17 -86.85 53.52
C VAL DA 44 -27.65 -86.87 53.21
N ILE DA 45 -28.31 -87.94 53.66
CA ILE DA 45 -29.69 -88.24 53.31
C ILE DA 45 -30.50 -88.39 54.59
N VAL DA 46 -31.54 -87.57 54.74
CA VAL DA 46 -32.44 -87.69 55.89
C VAL DA 46 -33.78 -88.22 55.40
N ARG DA 47 -34.48 -88.92 56.30
CA ARG DA 47 -35.84 -89.38 56.07
C ARG DA 47 -36.74 -88.85 57.17
N GLY DA 48 -37.96 -88.50 56.78
CA GLY DA 48 -38.95 -88.06 57.76
C GLY DA 48 -40.21 -87.61 57.05
N ASP DA 49 -41.08 -86.97 57.83
CA ASP DA 49 -42.22 -86.30 57.22
C ASP DA 49 -41.75 -85.11 56.40
N VAL DA 50 -42.53 -84.75 55.38
CA VAL DA 50 -42.11 -83.74 54.41
C VAL DA 50 -41.97 -82.36 55.05
N SER DA 51 -42.80 -82.05 56.05
CA SER DA 51 -42.64 -80.80 56.79
C SER DA 51 -41.38 -80.81 57.64
N GLU DA 52 -41.05 -81.97 58.22
CA GLU DA 52 -39.83 -82.10 59.00
C GLU DA 52 -38.61 -82.15 58.10
N VAL DA 53 -38.74 -82.75 56.92
CA VAL DA 53 -37.61 -82.84 56.00
C VAL DA 53 -37.31 -81.46 55.40
N GLN DA 54 -38.36 -80.68 55.12
CA GLN DA 54 -38.16 -79.32 54.61
C GLN DA 54 -37.55 -78.42 55.67
N ALA DA 55 -37.94 -78.59 56.92
CA ALA DA 55 -37.41 -77.74 57.99
C ALA DA 55 -35.98 -78.09 58.32
N SER DA 56 -35.60 -79.36 58.14
CA SER DA 56 -34.24 -79.78 58.46
C SER DA 56 -33.27 -79.41 57.34
N VAL DA 57 -33.66 -79.63 56.09
CA VAL DA 57 -32.79 -79.38 54.95
C VAL DA 57 -32.52 -77.88 54.81
N SER DA 58 -33.51 -77.04 55.13
CA SER DA 58 -33.29 -75.60 55.15
C SER DA 58 -32.37 -75.19 56.29
N ALA DA 59 -32.45 -75.88 57.42
CA ALA DA 59 -31.58 -75.55 58.54
C ALA DA 59 -30.20 -76.15 58.37
N GLY DA 60 -30.10 -77.27 57.67
CA GLY DA 60 -28.80 -77.85 57.39
C GLY DA 60 -28.03 -77.10 56.33
N THR DA 61 -28.74 -76.35 55.47
CA THR DA 61 -28.09 -75.54 54.46
C THR DA 61 -27.48 -74.29 55.08
N GLU DA 62 -28.18 -73.68 56.04
CA GLU DA 62 -27.70 -72.45 56.64
C GLU DA 62 -26.54 -72.69 57.60
N SER DA 63 -26.39 -73.92 58.09
CA SER DA 63 -25.32 -74.22 59.04
C SER DA 63 -23.99 -74.51 58.36
N VAL DA 64 -24.00 -74.73 57.04
CA VAL DA 64 -22.75 -74.89 56.30
C VAL DA 64 -22.01 -73.56 56.21
N LYS DA 65 -22.73 -72.44 56.30
CA LYS DA 65 -22.10 -71.12 56.36
C LYS DA 65 -21.31 -70.91 57.64
N ARG DA 66 -21.62 -71.68 58.71
CA ARG DA 66 -20.77 -71.66 59.90
C ARG DA 66 -19.40 -72.26 59.62
N VAL DA 67 -19.35 -73.26 58.74
CA VAL DA 67 -18.09 -73.90 58.40
C VAL DA 67 -17.30 -73.00 57.47
N ASN DA 68 -16.06 -72.69 57.85
CA ASN DA 68 -15.15 -71.98 56.97
C ASN DA 68 -14.68 -72.94 55.88
N GLY DA 69 -14.82 -72.54 54.63
CA GLY DA 69 -14.49 -73.43 53.54
C GLY DA 69 -15.54 -74.48 53.25
N GLY DA 70 -16.73 -74.34 53.80
CA GLY DA 70 -17.84 -75.22 53.51
C GLY DA 70 -18.78 -74.58 52.51
N GLN DA 71 -19.30 -75.41 51.60
CA GLN DA 71 -20.11 -74.92 50.49
C GLN DA 71 -21.16 -75.95 50.12
N VAL DA 72 -22.42 -75.56 50.14
CA VAL DA 72 -23.53 -76.41 49.71
C VAL DA 72 -23.58 -76.38 48.18
N LEU DA 73 -23.51 -77.55 47.56
CA LEU DA 73 -23.59 -77.63 46.11
C LEU DA 73 -25.03 -77.77 45.64
N SER DA 74 -25.78 -78.69 46.26
CA SER DA 74 -27.13 -78.98 45.81
C SER DA 74 -27.94 -79.54 46.96
N THR DA 75 -29.18 -79.06 47.09
CA THR DA 75 -30.13 -79.61 48.03
C THR DA 75 -31.39 -80.00 47.28
N HIS DA 76 -32.06 -81.04 47.76
CA HIS DA 76 -33.33 -81.45 47.19
C HIS DA 76 -34.16 -82.20 48.22
N ILE DA 77 -35.47 -82.05 48.10
CA ILE DA 77 -36.44 -82.74 48.94
C ILE DA 77 -37.43 -83.46 48.03
N ILE DA 78 -37.59 -84.77 48.23
CA ILE DA 78 -38.60 -85.55 47.54
C ILE DA 78 -39.66 -85.91 48.56
N ALA DA 79 -40.88 -85.44 48.33
CA ALA DA 79 -41.94 -85.52 49.34
C ALA DA 79 -42.48 -86.94 49.49
N ARG DA 80 -42.52 -87.69 48.39
CA ARG DA 80 -43.07 -89.05 48.40
C ARG DA 80 -42.30 -89.86 47.38
N PRO DA 81 -41.16 -90.41 47.76
CA PRO DA 81 -40.37 -91.20 46.82
C PRO DA 81 -41.00 -92.54 46.54
N HIS DA 82 -40.75 -93.04 45.34
CA HIS DA 82 -41.22 -94.35 44.94
C HIS DA 82 -40.49 -95.43 45.74
N GLU DA 83 -41.15 -96.57 45.92
CA GLU DA 83 -40.58 -97.67 46.67
C GLU DA 83 -39.46 -98.40 45.92
N ASN DA 84 -39.31 -98.13 44.61
CA ASN DA 84 -38.17 -98.65 43.86
C ASN DA 84 -36.86 -97.99 44.28
N LEU DA 85 -36.93 -96.78 44.83
CA LEU DA 85 -35.72 -96.00 45.06
C LEU DA 85 -34.93 -96.50 46.26
N GLU DA 86 -35.60 -97.11 47.25
CA GLU DA 86 -34.90 -97.54 48.46
C GLU DA 86 -34.11 -98.81 48.24
N TYR DA 87 -34.42 -99.54 47.17
CA TYR DA 87 -33.71 -100.80 46.92
C TYR DA 87 -32.50 -100.58 46.01
N VAL DA 88 -32.41 -99.43 45.36
CA VAL DA 88 -31.26 -99.14 44.52
C VAL DA 88 -30.41 -98.04 45.14
N LEU DA 89 -30.99 -96.93 45.45
CA LEU DA 89 -30.28 -95.79 46.00
C LEU DA 89 -30.14 -95.92 47.51
N PRO DA 90 -29.04 -95.43 48.09
CA PRO DA 90 -28.85 -95.51 49.55
C PRO DA 90 -29.63 -94.44 50.31
N ILE DA 91 -30.96 -94.50 50.21
CA ILE DA 91 -31.86 -93.62 50.93
C ILE DA 91 -32.73 -94.38 51.93
N ARG DA 92 -32.50 -95.67 52.09
CA ARG DA 92 -33.39 -96.49 52.90
C ARG DA 92 -32.97 -96.48 54.36
N TYR DA 93 -33.92 -96.85 55.22
CA TYR DA 93 -33.62 -97.06 56.62
C TYR DA 93 -32.81 -98.34 56.79
N THR DA 94 -31.57 -98.20 57.23
CA THR DA 94 -30.78 -99.34 57.63
C THR DA 94 -31.13 -99.73 59.07
N GLU DA 95 -30.66 -100.91 59.48
CA GLU DA 95 -31.03 -101.43 60.79
C GLU DA 95 -30.30 -100.69 61.91
N GLU DA 96 -29.17 -100.06 61.60
CA GLU DA 96 -28.41 -99.35 62.62
C GLU DA 96 -29.09 -98.04 63.03
N VAL DA 97 -29.95 -97.50 62.16
CA VAL DA 97 -30.60 -96.22 62.43
C VAL DA 97 -32.09 -96.40 62.74
N GLU DA 98 -32.52 -97.62 63.08
CA GLU DA 98 -33.92 -97.83 63.40
C GLU DA 98 -34.28 -97.35 64.80
N GLN DA 99 -33.29 -97.03 65.63
CA GLN DA 99 -33.57 -96.49 66.95
C GLN DA 99 -33.93 -95.00 66.89
N PHE DA 100 -33.67 -94.35 65.76
CA PHE DA 100 -33.92 -92.92 65.60
C PHE DA 100 -35.15 -92.62 64.75
N ARG DA 101 -35.85 -93.64 64.27
CA ARG DA 101 -37.01 -93.43 63.42
C ARG DA 101 -38.22 -92.96 64.24
N ALA EA 2 -18.85 -70.71 89.94
CA ALA EA 2 -19.00 -72.14 89.74
C ALA EA 2 -18.86 -72.49 88.25
N VAL EA 3 -19.99 -72.75 87.60
CA VAL EA 3 -19.97 -72.97 86.16
C VAL EA 3 -19.91 -71.62 85.45
N ALA EA 4 -19.52 -71.63 84.18
CA ALA EA 4 -19.40 -70.39 83.43
C ALA EA 4 -20.76 -69.80 83.11
N VAL EA 5 -20.76 -68.54 82.68
CA VAL EA 5 -21.98 -67.85 82.27
C VAL EA 5 -21.73 -67.22 80.90
N GLY EA 6 -22.66 -67.40 80.00
CA GLY EA 6 -22.58 -66.75 78.69
C GLY EA 6 -23.88 -66.02 78.40
N MET EA 7 -23.74 -64.88 77.73
CA MET EA 7 -24.87 -64.02 77.42
C MET EA 7 -24.84 -63.67 75.95
N ILE EA 8 -26.01 -63.67 75.32
CA ILE EA 8 -26.20 -63.13 73.98
C ILE EA 8 -27.32 -62.12 74.05
N GLU EA 9 -27.04 -60.87 73.70
CA GLU EA 9 -28.05 -59.84 73.62
C GLU EA 9 -28.43 -59.60 72.17
N THR EA 10 -29.71 -59.81 71.87
CA THR EA 10 -30.23 -59.55 70.55
C THR EA 10 -31.20 -58.38 70.58
N LEU EA 11 -31.47 -57.83 69.40
CA LEU EA 11 -32.51 -56.84 69.21
C LEU EA 11 -33.75 -57.56 68.71
N GLY EA 12 -34.70 -57.78 69.60
CA GLY EA 12 -35.90 -58.49 69.23
C GLY EA 12 -36.08 -59.82 69.91
N PHE EA 13 -37.32 -60.19 70.18
CA PHE EA 13 -37.65 -61.46 70.80
C PHE EA 13 -37.62 -62.69 69.88
N PRO EA 14 -38.01 -62.65 68.60
CA PRO EA 14 -37.78 -63.84 67.75
C PRO EA 14 -36.32 -64.17 67.53
N ALA EA 15 -35.43 -63.17 67.60
CA ALA EA 15 -34.01 -63.45 67.45
C ALA EA 15 -33.42 -64.05 68.72
N VAL EA 16 -34.00 -63.73 69.88
CA VAL EA 16 -33.40 -64.19 71.12
C VAL EA 16 -33.88 -65.61 71.46
N VAL EA 17 -34.98 -66.05 70.84
CA VAL EA 17 -35.42 -67.43 71.03
C VAL EA 17 -34.64 -68.35 70.10
N GLU EA 18 -34.34 -67.88 68.88
CA GLU EA 18 -33.48 -68.64 67.98
C GLU EA 18 -32.05 -68.69 68.51
N ALA EA 19 -31.60 -67.62 69.16
CA ALA EA 19 -30.29 -67.64 69.80
C ALA EA 19 -30.26 -68.60 70.99
N ALA EA 20 -31.32 -68.61 71.80
CA ALA EA 20 -31.37 -69.49 72.95
C ALA EA 20 -31.55 -70.94 72.54
N ASP EA 21 -32.27 -71.19 71.44
CA ASP EA 21 -32.44 -72.55 70.95
C ASP EA 21 -31.17 -73.09 70.33
N ALA EA 22 -30.38 -72.22 69.70
CA ALA EA 22 -29.13 -72.66 69.11
C ALA EA 22 -28.06 -72.90 70.16
N MET EA 23 -28.18 -72.26 71.32
CA MET EA 23 -27.17 -72.42 72.36
C MET EA 23 -27.31 -73.77 73.05
N VAL EA 24 -28.54 -74.16 73.41
CA VAL EA 24 -28.71 -75.39 74.17
C VAL EA 24 -28.68 -76.60 73.26
N LYS EA 25 -28.71 -76.40 71.94
CA LYS EA 25 -28.53 -77.51 71.02
C LYS EA 25 -27.06 -77.71 70.68
N ALA EA 26 -26.27 -76.65 70.73
CA ALA EA 26 -24.88 -76.74 70.30
C ALA EA 26 -24.01 -77.47 71.32
N ALA EA 27 -24.22 -77.19 72.60
CA ALA EA 27 -23.34 -77.75 73.63
C ALA EA 27 -24.16 -78.04 74.88
N ARG EA 28 -23.47 -78.56 75.89
CA ARG EA 28 -24.09 -78.94 77.15
C ARG EA 28 -24.18 -77.74 78.09
N VAL EA 29 -25.00 -76.78 77.69
CA VAL EA 29 -25.28 -75.62 78.50
C VAL EA 29 -26.75 -75.65 78.91
N THR EA 30 -27.05 -74.96 80.00
CA THR EA 30 -28.40 -74.81 80.49
C THR EA 30 -28.82 -73.36 80.34
N LEU EA 31 -29.85 -73.12 79.54
CA LEU EA 31 -30.49 -71.82 79.49
C LEU EA 31 -31.19 -71.58 80.83
N VAL EA 32 -30.74 -70.57 81.56
CA VAL EA 32 -31.26 -70.32 82.90
C VAL EA 32 -32.00 -68.99 82.99
N GLY EA 33 -31.77 -68.07 82.08
CA GLY EA 33 -32.15 -66.68 82.30
C GLY EA 33 -32.65 -66.02 81.04
N TYR EA 34 -33.30 -64.88 81.24
CA TYR EA 34 -34.00 -64.16 80.19
C TYR EA 34 -34.21 -62.75 80.69
N GLU EA 35 -33.58 -61.78 80.03
CA GLU EA 35 -33.50 -60.43 80.57
C GLU EA 35 -33.89 -59.40 79.53
N LYS EA 36 -34.74 -58.45 79.93
CA LYS EA 36 -35.16 -57.34 79.10
C LYS EA 36 -34.75 -56.05 79.79
N ILE EA 37 -34.06 -55.18 79.06
CA ILE EA 37 -33.52 -53.95 79.63
C ILE EA 37 -34.06 -52.71 78.91
N GLY EA 38 -34.95 -52.88 77.94
CA GLY EA 38 -35.46 -51.78 77.16
C GLY EA 38 -34.77 -51.62 75.83
N THR EA 39 -35.34 -50.75 74.99
CA THR EA 39 -35.05 -50.59 73.56
C THR EA 39 -35.00 -51.90 72.80
N GLY EA 40 -35.85 -52.85 73.15
CA GLY EA 40 -35.87 -54.13 72.48
C GLY EA 40 -34.67 -55.02 72.71
N ARG EA 41 -33.77 -54.64 73.62
CA ARG EA 41 -32.55 -55.39 73.87
C ARG EA 41 -32.87 -56.52 74.84
N VAL EA 42 -32.84 -57.75 74.32
CA VAL EA 42 -33.21 -58.93 75.08
C VAL EA 42 -32.00 -59.84 75.20
N THR EA 43 -31.74 -60.35 76.40
CA THR EA 43 -30.57 -61.15 76.69
C THR EA 43 -31.00 -62.51 77.22
N VAL EA 44 -30.38 -63.57 76.71
CA VAL EA 44 -30.52 -64.91 77.25
C VAL EA 44 -29.20 -65.33 77.89
N ILE EA 45 -29.30 -66.02 79.02
CA ILE EA 45 -28.16 -66.37 79.86
C ILE EA 45 -28.07 -67.89 79.92
N VAL EA 46 -26.91 -68.43 79.52
CA VAL EA 46 -26.67 -69.86 79.63
C VAL EA 46 -25.59 -70.10 80.69
N ARG EA 47 -25.69 -71.24 81.36
CA ARG EA 47 -24.68 -71.69 82.30
C ARG EA 47 -24.12 -73.02 81.83
N GLY EA 48 -22.86 -73.27 82.16
CA GLY EA 48 -22.24 -74.53 81.80
C GLY EA 48 -20.75 -74.44 81.97
N ASP EA 49 -20.04 -75.43 81.45
CA ASP EA 49 -18.59 -75.34 81.40
C ASP EA 49 -18.18 -74.27 80.39
N VAL EA 50 -16.98 -73.72 80.58
CA VAL EA 50 -16.54 -72.58 79.79
C VAL EA 50 -16.32 -72.96 78.33
N SER EA 51 -15.91 -74.19 78.06
CA SER EA 51 -15.78 -74.65 76.68
C SER EA 51 -17.14 -74.86 76.04
N GLU EA 52 -18.12 -75.34 76.82
CA GLU EA 52 -19.46 -75.51 76.30
C GLU EA 52 -20.17 -74.17 76.12
N VAL EA 53 -19.89 -73.22 77.00
CA VAL EA 53 -20.48 -71.90 76.87
C VAL EA 53 -19.91 -71.17 75.66
N GLN EA 54 -18.62 -71.38 75.39
CA GLN EA 54 -17.99 -70.75 74.22
C GLN EA 54 -18.52 -71.34 72.92
N ALA EA 55 -18.80 -72.64 72.91
CA ALA EA 55 -19.32 -73.27 71.70
C ALA EA 55 -20.79 -72.90 71.48
N SER EA 56 -21.53 -72.66 72.55
CA SER EA 56 -22.95 -72.33 72.42
C SER EA 56 -23.13 -70.87 72.00
N VAL EA 57 -22.33 -69.96 72.57
CA VAL EA 57 -22.46 -68.54 72.27
C VAL EA 57 -22.04 -68.26 70.82
N SER EA 58 -21.04 -68.99 70.33
CA SER EA 58 -20.63 -68.83 68.94
C SER EA 58 -21.68 -69.38 67.98
N ALA EA 59 -22.40 -70.41 68.39
CA ALA EA 59 -23.46 -70.96 67.54
C ALA EA 59 -24.73 -70.14 67.66
N GLY EA 60 -24.99 -69.56 68.84
CA GLY EA 60 -26.15 -68.72 69.00
C GLY EA 60 -26.01 -67.39 68.31
N THR EA 61 -24.77 -66.93 68.10
CA THR EA 61 -24.54 -65.69 67.37
C THR EA 61 -24.80 -65.88 65.88
N GLU EA 62 -24.39 -67.04 65.34
CA GLU EA 62 -24.56 -67.31 63.91
C GLU EA 62 -26.00 -67.56 63.54
N SER EA 63 -26.83 -67.99 64.50
CA SER EA 63 -28.21 -68.34 64.20
C SER EA 63 -29.14 -67.13 64.15
N VAL EA 64 -28.69 -65.99 64.67
CA VAL EA 64 -29.50 -64.78 64.58
C VAL EA 64 -29.43 -64.22 63.16
N LYS EA 65 -28.36 -64.54 62.42
CA LYS EA 65 -28.22 -64.10 61.04
C LYS EA 65 -29.26 -64.72 60.11
N ARG EA 66 -29.84 -65.86 60.47
CA ARG EA 66 -30.91 -66.45 59.70
C ARG EA 66 -32.28 -65.89 60.06
N VAL EA 67 -32.40 -65.16 61.17
CA VAL EA 67 -33.63 -64.48 61.52
C VAL EA 67 -33.68 -63.15 60.80
N ASN EA 68 -34.76 -62.90 60.06
CA ASN EA 68 -34.96 -61.63 59.39
C ASN EA 68 -35.55 -60.62 60.37
N GLY EA 69 -34.80 -59.56 60.65
CA GLY EA 69 -35.23 -58.54 61.58
C GLY EA 69 -34.59 -58.61 62.96
N GLY EA 70 -33.61 -59.48 63.15
CA GLY EA 70 -32.91 -59.56 64.41
C GLY EA 70 -31.41 -59.50 64.21
N GLN EA 71 -30.74 -58.95 65.21
CA GLN EA 71 -29.28 -58.80 65.15
C GLN EA 71 -28.71 -58.98 66.54
N VAL EA 72 -27.51 -59.55 66.60
CA VAL EA 72 -26.77 -59.71 67.84
C VAL EA 72 -26.17 -58.36 68.19
N LEU EA 73 -26.50 -57.85 69.38
CA LEU EA 73 -25.93 -56.58 69.81
C LEU EA 73 -24.67 -56.80 70.62
N SER EA 74 -24.67 -57.78 71.52
CA SER EA 74 -23.54 -57.98 72.42
C SER EA 74 -23.54 -59.43 72.90
N THR EA 75 -22.35 -60.02 72.91
CA THR EA 75 -22.13 -61.34 73.49
C THR EA 75 -20.98 -61.24 74.48
N HIS EA 76 -21.05 -62.07 75.52
CA HIS EA 76 -19.95 -62.15 76.47
C HIS EA 76 -19.97 -63.51 77.17
N ILE EA 77 -18.78 -63.94 77.60
CA ILE EA 77 -18.57 -65.20 78.30
C ILE EA 77 -17.68 -64.92 79.49
N ILE EA 78 -18.09 -65.36 80.67
CA ILE EA 78 -17.29 -65.28 81.89
C ILE EA 78 -17.02 -66.70 82.36
N ALA EA 79 -15.74 -67.05 82.52
CA ALA EA 79 -15.35 -68.44 82.78
C ALA EA 79 -15.81 -68.91 84.15
N ARG EA 80 -15.74 -68.03 85.15
CA ARG EA 80 -16.20 -68.34 86.49
C ARG EA 80 -16.64 -67.04 87.14
N PRO EA 81 -17.94 -66.76 87.16
CA PRO EA 81 -18.42 -65.54 87.81
C PRO EA 81 -18.26 -65.60 89.31
N HIS EA 82 -18.22 -64.42 89.92
CA HIS EA 82 -18.15 -64.31 91.36
C HIS EA 82 -19.45 -64.78 91.99
N GLU EA 83 -19.36 -65.17 93.26
CA GLU EA 83 -20.56 -65.60 93.99
C GLU EA 83 -21.47 -64.42 94.32
N ASN EA 84 -20.93 -63.20 94.26
CA ASN EA 84 -21.73 -62.00 94.45
C ASN EA 84 -22.73 -61.78 93.31
N LEU EA 85 -22.38 -62.22 92.09
CA LEU EA 85 -23.21 -61.95 90.93
C LEU EA 85 -24.46 -62.80 90.89
N GLU EA 86 -24.45 -63.94 91.60
CA GLU EA 86 -25.61 -64.83 91.58
C GLU EA 86 -26.78 -64.24 92.35
N TYR EA 87 -26.49 -63.43 93.37
CA TYR EA 87 -27.55 -62.90 94.22
C TYR EA 87 -28.08 -61.57 93.69
N VAL EA 88 -27.28 -60.85 92.92
CA VAL EA 88 -27.71 -59.55 92.42
C VAL EA 88 -28.22 -59.66 90.99
N LEU EA 89 -27.46 -60.28 90.13
CA LEU EA 89 -27.78 -60.40 88.72
C LEU EA 89 -28.53 -61.70 88.46
N PRO EA 90 -29.48 -61.72 87.51
CA PRO EA 90 -30.29 -62.93 87.25
C PRO EA 90 -29.57 -63.94 86.36
N ILE EA 91 -28.43 -64.44 86.84
CA ILE EA 91 -27.65 -65.44 86.12
C ILE EA 91 -27.62 -66.78 86.85
N ARG EA 92 -28.37 -66.92 87.93
CA ARG EA 92 -28.31 -68.14 88.73
C ARG EA 92 -29.28 -69.19 88.20
N TYR EA 93 -29.03 -70.43 88.60
CA TYR EA 93 -29.94 -71.52 88.28
C TYR EA 93 -31.25 -71.36 89.05
N THR EA 94 -32.36 -71.37 88.33
CA THR EA 94 -33.66 -71.36 88.97
C THR EA 94 -34.08 -72.79 89.30
N GLU EA 95 -35.22 -72.92 89.99
CA GLU EA 95 -35.71 -74.23 90.39
C GLU EA 95 -36.26 -75.00 89.20
N GLU EA 96 -36.72 -74.30 88.17
CA GLU EA 96 -37.39 -74.96 87.05
C GLU EA 96 -36.37 -75.55 86.08
N VAL EA 97 -35.14 -75.05 86.09
CA VAL EA 97 -34.13 -75.47 85.13
C VAL EA 97 -33.15 -76.47 85.73
N GLU EA 98 -33.46 -77.04 86.89
CA GLU EA 98 -32.57 -77.98 87.54
C GLU EA 98 -32.56 -79.34 86.84
N GLN EA 99 -33.56 -79.62 86.01
CA GLN EA 99 -33.59 -80.88 85.27
C GLN EA 99 -32.61 -80.87 84.10
N PHE EA 100 -32.24 -79.68 83.63
CA PHE EA 100 -31.34 -79.55 82.48
C PHE EA 100 -29.89 -79.29 82.89
N ARG EA 101 -29.60 -79.25 84.18
CA ARG EA 101 -28.25 -78.97 84.64
C ARG EA 101 -27.34 -80.19 84.49
N MET FA 1 19.06 -71.31 76.14
CA MET FA 1 18.07 -72.38 76.12
C MET FA 1 18.20 -73.31 77.32
N GLN FA 2 17.15 -74.06 77.58
CA GLN FA 2 17.15 -75.09 78.60
C GLN FA 2 16.64 -76.38 77.98
N MET FA 3 17.13 -77.51 78.50
CA MET FA 3 16.61 -78.81 78.11
C MET FA 3 15.42 -79.14 78.99
N ALA FA 4 14.34 -79.59 78.38
CA ALA FA 4 13.13 -79.92 79.11
C ALA FA 4 12.52 -81.18 78.51
N LYS FA 5 11.72 -81.85 79.33
CA LYS FA 5 10.97 -83.03 78.93
C LYS FA 5 9.49 -82.68 78.86
N VAL FA 6 8.82 -83.08 77.79
CA VAL FA 6 7.39 -82.81 77.62
C VAL FA 6 6.63 -83.72 78.58
N CYS FA 7 6.03 -83.13 79.61
CA CYS FA 7 5.29 -83.93 80.57
C CYS FA 7 3.78 -83.80 80.38
N GLY FA 8 3.33 -82.82 79.62
CA GLY FA 8 1.91 -82.74 79.37
C GLY FA 8 1.51 -81.49 78.61
N THR FA 9 0.20 -81.28 78.55
CA THR FA 9 -0.40 -80.19 77.80
C THR FA 9 -1.24 -79.34 78.75
N VAL FA 10 -1.31 -78.04 78.47
CA VAL FA 10 -2.14 -77.09 79.20
C VAL FA 10 -3.10 -76.47 78.20
N VAL FA 11 -4.40 -76.57 78.49
CA VAL FA 11 -5.43 -76.04 77.62
C VAL FA 11 -6.19 -74.96 78.39
N GLY FA 12 -6.26 -73.77 77.81
CA GLY FA 12 -7.09 -72.71 78.36
C GLY FA 12 -8.03 -72.19 77.30
N THR FA 13 -9.32 -72.06 77.64
CA THR FA 13 -10.28 -71.56 76.67
C THR FA 13 -10.51 -70.06 76.78
N GLN FA 14 -10.55 -69.51 78.00
CA GLN FA 14 -10.64 -68.08 78.21
C GLN FA 14 -9.23 -67.51 78.25
N LYS FA 15 -8.84 -66.83 77.17
CA LYS FA 15 -7.48 -66.33 77.04
C LYS FA 15 -7.53 -65.05 76.22
N LEU FA 16 -6.36 -64.48 75.99
CA LEU FA 16 -6.26 -63.32 75.12
C LEU FA 16 -6.50 -63.74 73.66
N PRO FA 17 -7.03 -62.84 72.83
CA PRO FA 17 -7.24 -63.20 71.42
C PRO FA 17 -5.96 -63.41 70.64
N SER FA 18 -4.84 -62.89 71.12
CA SER FA 18 -3.55 -63.16 70.49
C SER FA 18 -2.96 -64.49 70.95
N MET FA 19 -3.59 -65.15 71.91
CA MET FA 19 -3.09 -66.44 72.39
C MET FA 19 -3.78 -67.62 71.73
N THR FA 20 -4.68 -67.39 70.77
CA THR FA 20 -5.37 -68.51 70.13
C THR FA 20 -4.50 -69.14 69.06
N GLY FA 21 -4.68 -70.44 68.85
CA GLY FA 21 -3.84 -71.19 67.95
C GLY FA 21 -2.49 -71.59 68.52
N VAL FA 22 -2.16 -71.15 69.72
CA VAL FA 22 -0.87 -71.43 70.35
C VAL FA 22 -1.00 -72.73 71.13
N LYS FA 23 -0.20 -73.72 70.75
CA LYS FA 23 -0.17 -74.99 71.46
C LYS FA 23 0.73 -74.86 72.68
N LEU FA 24 0.17 -75.15 73.86
CA LEU FA 24 0.86 -74.94 75.13
C LEU FA 24 1.24 -76.28 75.73
N LEU FA 25 2.53 -76.51 75.90
CA LEU FA 25 3.06 -77.74 76.46
C LEU FA 25 3.57 -77.49 77.87
N LEU FA 26 3.22 -78.40 78.78
CA LEU FA 26 3.77 -78.43 80.12
C LEU FA 26 5.08 -79.19 80.06
N LEU FA 27 6.18 -78.49 80.33
CA LEU FA 27 7.53 -79.04 80.18
C LEU FA 27 8.23 -79.01 81.52
N GLN FA 28 8.78 -80.15 81.92
CA GLN FA 28 9.60 -80.22 83.12
C GLN FA 28 11.06 -80.14 82.72
N PHE FA 29 11.81 -79.26 83.38
CA PHE FA 29 13.22 -79.10 83.08
C PHE FA 29 14.02 -80.30 83.58
N ILE FA 30 14.98 -80.71 82.77
CA ILE FA 30 15.91 -81.78 83.10
C ILE FA 30 17.29 -81.17 83.25
N ASP FA 31 18.14 -81.80 84.06
CA ASP FA 31 19.46 -81.22 84.29
C ASP FA 31 20.42 -81.65 83.20
N ALA FA 32 21.69 -81.25 83.34
CA ALA FA 32 22.71 -81.65 82.39
C ALA FA 32 23.07 -83.13 82.54
N ASN FA 33 22.76 -83.72 83.69
CA ASN FA 33 23.06 -85.13 83.90
C ASN FA 33 21.92 -86.03 83.41
N GLY FA 34 20.72 -85.47 83.22
CA GLY FA 34 19.60 -86.20 82.66
C GLY FA 34 18.40 -86.39 83.57
N GLU FA 35 18.48 -86.00 84.84
CA GLU FA 35 17.38 -86.20 85.78
C GLU FA 35 16.44 -85.02 85.76
N LEU FA 36 15.20 -85.27 86.17
CA LEU FA 36 14.16 -84.24 86.16
C LEU FA 36 14.36 -83.28 87.33
N LEU FA 37 14.39 -82.00 87.02
CA LEU FA 37 14.47 -80.96 88.04
C LEU FA 37 13.08 -80.63 88.56
N PRO FA 38 12.96 -80.19 89.82
CA PRO FA 38 11.66 -79.72 90.33
C PRO FA 38 11.34 -78.29 89.88
N LYS FA 39 11.26 -78.11 88.57
CA LYS FA 39 11.02 -76.82 87.94
C LYS FA 39 10.39 -77.07 86.59
N TYR FA 40 9.36 -76.31 86.26
CA TYR FA 40 8.59 -76.54 85.04
C TYR FA 40 8.48 -75.25 84.23
N GLU FA 41 7.84 -75.38 83.08
CA GLU FA 41 7.55 -74.26 82.21
C GLU FA 41 6.35 -74.63 81.35
N VAL FA 42 5.58 -73.62 80.97
CA VAL FA 42 4.56 -73.76 79.93
C VAL FA 42 5.05 -72.95 78.75
N ALA FA 43 5.23 -73.61 77.61
CA ALA FA 43 5.81 -72.97 76.45
C ALA FA 43 4.97 -73.20 75.21
N ALA FA 44 5.08 -72.28 74.27
CA ALA FA 44 4.53 -72.47 72.94
C ALA FA 44 5.33 -73.53 72.19
N ASP FA 45 4.66 -74.25 71.29
CA ASP FA 45 5.24 -75.38 70.59
C ASP FA 45 5.02 -75.24 69.09
N PRO FA 46 5.88 -74.48 68.40
CA PRO FA 46 5.82 -74.48 66.93
C PRO FA 46 6.42 -75.72 66.32
N VAL FA 47 7.49 -76.23 66.89
CA VAL FA 47 8.11 -77.49 66.48
C VAL FA 47 7.33 -78.60 67.17
N GLY FA 48 6.61 -79.40 66.38
CA GLY FA 48 5.58 -80.28 66.93
C GLY FA 48 6.16 -81.38 67.80
N ALA FA 49 5.98 -81.26 69.12
CA ALA FA 49 6.61 -82.14 70.09
C ALA FA 49 5.54 -82.80 70.94
N GLY FA 50 5.69 -84.10 71.19
CA GLY FA 50 4.74 -84.86 71.95
C GLY FA 50 5.29 -85.30 73.30
N LEU FA 51 4.44 -86.01 74.03
CA LEU FA 51 4.70 -86.36 75.41
C LEU FA 51 5.89 -87.31 75.55
N GLY FA 52 6.87 -86.90 76.35
CA GLY FA 52 8.05 -87.68 76.59
C GLY FA 52 9.30 -87.20 75.87
N GLU FA 53 9.17 -86.31 74.90
CA GLU FA 53 10.31 -85.87 74.11
C GLU FA 53 11.17 -84.89 74.89
N TRP FA 54 12.43 -84.80 74.48
CA TRP FA 54 13.37 -83.82 75.00
C TRP FA 54 13.40 -82.63 74.07
N VAL FA 55 13.18 -81.44 74.62
CA VAL FA 55 13.07 -80.23 73.81
C VAL FA 55 14.05 -79.18 74.34
N LEU FA 56 14.37 -78.23 73.46
CA LEU FA 56 15.09 -77.03 73.85
C LEU FA 56 14.09 -75.89 73.99
N VAL FA 57 14.13 -75.20 75.13
CA VAL FA 57 13.16 -74.17 75.47
C VAL FA 57 13.91 -72.87 75.69
N ASN FA 58 13.53 -71.82 74.97
CA ASN FA 58 14.09 -70.52 75.25
C ASN FA 58 13.17 -69.79 76.22
N ARG FA 59 13.64 -68.66 76.74
CA ARG FA 59 12.87 -67.89 77.69
C ARG FA 59 12.93 -66.43 77.30
N GLY FA 60 11.86 -65.69 77.63
CA GLY FA 60 11.86 -64.26 77.43
C GLY FA 60 11.38 -63.81 76.07
N SER FA 61 11.99 -62.75 75.55
CA SER FA 61 11.59 -62.19 74.28
C SER FA 61 12.12 -62.96 73.08
N ALA FA 62 12.91 -64.01 73.31
CA ALA FA 62 13.32 -64.90 72.24
C ALA FA 62 12.18 -65.80 71.77
N ALA FA 63 11.14 -65.96 72.59
CA ALA FA 63 9.96 -66.71 72.18
C ALA FA 63 9.15 -65.98 71.11
N ARG FA 64 9.38 -64.69 70.91
CA ARG FA 64 8.64 -63.87 69.96
C ARG FA 64 9.43 -63.58 68.70
N GLN FA 65 10.35 -64.47 68.32
CA GLN FA 65 11.24 -64.22 67.19
C GLN FA 65 10.89 -65.03 65.95
N THR FA 66 9.92 -65.94 66.03
CA THR FA 66 9.66 -66.88 64.94
C THR FA 66 8.63 -66.33 63.94
N GLU FA 67 8.49 -65.01 63.87
CA GLU FA 67 7.78 -64.20 62.87
C GLU FA 67 6.27 -64.46 62.81
N TYR FA 68 5.74 -65.34 63.65
CA TYR FA 68 4.31 -65.42 63.87
C TYR FA 68 3.95 -65.46 65.35
N HIS FA 69 4.95 -65.47 66.22
CA HIS FA 69 4.76 -65.25 67.65
C HIS FA 69 5.14 -63.84 68.06
N GLN FA 70 5.18 -62.90 67.10
CA GLN FA 70 5.87 -61.64 67.29
C GLN FA 70 5.14 -60.71 68.27
N ASN FA 71 3.83 -60.57 68.12
CA ASN FA 71 3.05 -59.69 68.97
C ASN FA 71 2.21 -60.49 69.96
N ARG FA 72 2.57 -61.73 70.19
CA ARG FA 72 1.92 -62.67 71.10
C ARG FA 72 2.57 -62.61 72.48
N PRO FA 73 1.79 -62.65 73.55
CA PRO FA 73 2.35 -62.57 74.91
C PRO FA 73 2.96 -63.87 75.39
N LEU FA 74 4.05 -64.27 74.74
CA LEU FA 74 4.73 -65.53 75.01
C LEU FA 74 6.12 -65.25 75.54
N ASP FA 75 6.51 -65.96 76.60
CA ASP FA 75 7.83 -65.81 77.19
C ASP FA 75 8.58 -67.14 77.24
N ALA FA 76 8.08 -68.17 76.57
CA ALA FA 76 8.73 -69.46 76.51
C ALA FA 76 8.26 -70.18 75.26
N MET FA 77 9.17 -70.87 74.60
CA MET FA 77 8.88 -71.49 73.31
C MET FA 77 9.81 -72.67 73.11
N VAL FA 78 9.27 -73.80 72.66
CA VAL FA 78 10.10 -74.90 72.19
C VAL FA 78 10.71 -74.50 70.85
N VAL FA 79 12.04 -74.45 70.80
CA VAL FA 79 12.73 -74.08 69.57
C VAL FA 79 13.28 -75.29 68.83
N ALA FA 80 13.48 -76.42 69.50
CA ALA FA 80 14.07 -77.59 68.88
C ALA FA 80 13.63 -78.81 69.64
N ILE FA 81 13.52 -79.92 68.92
CA ILE FA 81 13.40 -81.24 69.53
C ILE FA 81 14.79 -81.85 69.56
N ILE FA 82 15.21 -82.27 70.75
CA ILE FA 82 16.58 -82.74 70.95
C ILE FA 82 16.74 -84.11 70.31
N ASP FA 83 17.71 -84.22 69.41
CA ASP FA 83 18.09 -85.51 68.84
C ASP FA 83 19.14 -86.21 69.68
N THR FA 84 20.23 -85.52 69.99
CA THR FA 84 21.36 -86.12 70.68
C THR FA 84 21.96 -85.12 71.66
N VAL FA 85 22.20 -85.59 72.89
CA VAL FA 85 23.00 -84.86 73.87
C VAL FA 85 24.27 -85.67 74.10
N THR FA 86 25.41 -85.08 73.77
CA THR FA 86 26.71 -85.68 74.00
C THR FA 86 27.40 -84.88 75.09
N VAL FA 87 27.72 -85.55 76.21
CA VAL FA 87 28.40 -84.93 77.33
C VAL FA 87 29.73 -85.65 77.53
N ASN FA 88 30.83 -84.88 77.49
CA ASN FA 88 32.20 -85.38 77.67
C ASN FA 88 32.55 -86.47 76.66
N ASN FA 89 32.17 -86.23 75.40
CA ASN FA 89 32.27 -87.13 74.25
C ASN FA 89 31.52 -88.44 74.44
N ARG FA 90 30.57 -88.50 75.37
CA ARG FA 90 29.74 -89.67 75.61
C ARG FA 90 28.29 -89.28 75.36
N ARG FA 91 27.58 -90.10 74.59
CA ARG FA 91 26.19 -89.81 74.26
C ARG FA 91 25.31 -90.02 75.49
N LEU FA 92 24.66 -88.94 75.93
CA LEU FA 92 23.72 -88.99 77.04
C LEU FA 92 22.30 -89.32 76.59
N TYR FA 93 21.87 -88.77 75.45
CA TYR FA 93 20.53 -88.97 74.95
C TYR FA 93 20.60 -89.26 73.46
N GLY FA 94 19.69 -90.11 72.99
CA GLY FA 94 19.63 -90.45 71.59
C GLY FA 94 20.30 -91.77 71.26
N ALA GA 2 1.68 -109.58 -33.58
CA ALA GA 2 1.35 -110.67 -32.67
C ALA GA 2 0.19 -110.29 -31.77
N VAL GA 3 0.07 -111.01 -30.64
CA VAL GA 3 -0.95 -110.71 -29.64
C VAL GA 3 -0.62 -109.37 -28.99
N ALA GA 4 -1.66 -108.59 -28.67
CA ALA GA 4 -1.47 -107.21 -28.23
C ALA GA 4 -0.77 -107.13 -26.88
N VAL GA 5 -0.01 -106.05 -26.69
CA VAL GA 5 0.79 -105.85 -25.50
C VAL GA 5 0.42 -104.51 -24.89
N GLY GA 6 0.18 -104.50 -23.58
CA GLY GA 6 -0.09 -103.28 -22.85
C GLY GA 6 0.92 -103.09 -21.74
N MET GA 7 1.32 -101.85 -21.52
CA MET GA 7 2.32 -101.51 -20.52
C MET GA 7 1.81 -100.37 -19.66
N ILE GA 8 2.00 -100.49 -18.35
CA ILE GA 8 1.76 -99.39 -17.42
C ILE GA 8 3.05 -99.18 -16.64
N GLU GA 9 3.62 -97.99 -16.77
CA GLU GA 9 4.82 -97.62 -16.02
C GLU GA 9 4.41 -96.72 -14.86
N THR GA 10 4.76 -97.15 -13.65
CA THR GA 10 4.47 -96.37 -12.46
C THR GA 10 5.77 -96.03 -11.74
N LEU GA 11 5.70 -94.99 -10.92
CA LEU GA 11 6.78 -94.63 -10.01
C LEU GA 11 6.48 -95.26 -8.67
N GLY GA 12 7.09 -96.41 -8.40
CA GLY GA 12 6.85 -97.11 -7.16
C GLY GA 12 6.35 -98.52 -7.32
N PHE GA 13 6.76 -99.41 -6.42
CA PHE GA 13 6.36 -100.81 -6.43
C PHE GA 13 4.96 -101.11 -5.87
N PRO GA 14 4.43 -100.42 -4.84
CA PRO GA 14 3.01 -100.64 -4.53
C PRO GA 14 2.06 -100.18 -5.61
N ALA GA 15 2.44 -99.19 -6.41
CA ALA GA 15 1.59 -98.74 -7.50
C ALA GA 15 1.63 -99.71 -8.67
N VAL GA 16 2.74 -100.43 -8.84
CA VAL GA 16 2.86 -101.30 -10.01
C VAL GA 16 2.19 -102.64 -9.74
N VAL GA 17 2.03 -103.01 -8.47
CA VAL GA 17 1.34 -104.25 -8.13
C VAL GA 17 -0.16 -104.01 -8.21
N GLU GA 18 -0.62 -102.83 -7.83
CA GLU GA 18 -2.02 -102.47 -8.04
C GLU GA 18 -2.33 -102.30 -9.53
N ALA GA 19 -1.37 -101.80 -10.31
CA ALA GA 19 -1.54 -101.77 -11.75
C ALA GA 19 -1.61 -103.17 -12.33
N ALA GA 20 -0.74 -104.06 -11.86
CA ALA GA 20 -0.75 -105.43 -12.37
C ALA GA 20 -1.99 -106.19 -11.91
N ASP GA 21 -2.46 -105.91 -10.69
CA ASP GA 21 -3.63 -106.62 -10.18
C ASP GA 21 -4.92 -106.15 -10.82
N ALA GA 22 -5.04 -104.84 -11.06
CA ALA GA 22 -6.27 -104.32 -11.66
C ALA GA 22 -6.34 -104.64 -13.15
N MET GA 23 -5.19 -104.89 -13.79
CA MET GA 23 -5.21 -105.21 -15.21
C MET GA 23 -5.74 -106.62 -15.45
N VAL GA 24 -5.30 -107.59 -14.65
CA VAL GA 24 -5.73 -108.96 -14.88
C VAL GA 24 -7.08 -109.22 -14.23
N LYS GA 25 -7.61 -108.25 -13.48
CA LYS GA 25 -8.94 -108.39 -12.90
C LYS GA 25 -9.99 -107.68 -13.73
N ALA GA 26 -9.59 -106.70 -14.55
CA ALA GA 26 -10.56 -105.97 -15.35
C ALA GA 26 -10.94 -106.72 -16.60
N ALA GA 27 -10.01 -107.49 -17.16
CA ALA GA 27 -10.23 -108.16 -18.43
C ALA GA 27 -9.42 -109.44 -18.48
N ARG GA 28 -9.54 -110.16 -19.60
CA ARG GA 28 -8.88 -111.44 -19.79
C ARG GA 28 -7.52 -111.19 -20.45
N VAL GA 29 -6.58 -110.71 -19.64
CA VAL GA 29 -5.21 -110.49 -20.08
C VAL GA 29 -4.30 -111.39 -19.26
N THR GA 30 -3.08 -111.56 -19.74
CA THR GA 30 -2.05 -112.32 -19.04
C THR GA 30 -0.91 -111.38 -18.69
N LEU GA 31 -0.71 -111.15 -17.40
CA LEU GA 31 0.48 -110.45 -16.92
C LEU GA 31 1.70 -111.33 -17.17
N VAL GA 32 2.59 -110.89 -18.05
CA VAL GA 32 3.73 -111.69 -18.45
C VAL GA 32 5.05 -111.09 -17.98
N GLY GA 33 5.09 -109.81 -17.65
CA GLY GA 33 6.36 -109.13 -17.51
C GLY GA 33 6.33 -108.12 -16.38
N TYR GA 34 7.53 -107.78 -15.92
CA TYR GA 34 7.73 -106.89 -14.80
C TYR GA 34 9.12 -106.30 -14.98
N GLU GA 35 9.19 -105.01 -15.31
CA GLU GA 35 10.41 -104.42 -15.84
C GLU GA 35 10.86 -103.24 -15.00
N LYS GA 36 12.08 -103.33 -14.49
CA LYS GA 36 12.71 -102.26 -13.74
C LYS GA 36 13.79 -101.63 -14.61
N ILE GA 37 13.71 -100.32 -14.79
CA ILE GA 37 14.68 -99.59 -15.61
C ILE GA 37 15.40 -98.51 -14.80
N GLY GA 38 15.26 -98.52 -13.48
CA GLY GA 38 15.92 -97.55 -12.64
C GLY GA 38 15.05 -96.36 -12.32
N THR GA 39 15.53 -95.56 -11.35
CA THR GA 39 14.82 -94.44 -10.72
C THR GA 39 13.40 -94.77 -10.26
N GLY GA 40 13.16 -96.01 -9.84
CA GLY GA 40 11.83 -96.40 -9.39
C GLY GA 40 10.80 -96.55 -10.48
N ARG GA 41 11.17 -96.40 -11.74
CA ARG GA 41 10.25 -96.57 -12.86
C ARG GA 41 10.06 -98.05 -13.12
N VAL GA 42 8.89 -98.56 -12.77
CA VAL GA 42 8.58 -99.98 -12.87
C VAL GA 42 7.44 -100.16 -13.86
N THR GA 43 7.59 -101.10 -14.77
CA THR GA 43 6.63 -101.35 -15.83
C THR GA 43 6.18 -102.80 -15.78
N VAL GA 44 4.87 -103.02 -15.67
CA VAL GA 44 4.26 -104.33 -15.85
C VAL GA 44 3.73 -104.43 -17.27
N ILE GA 45 3.83 -105.63 -17.83
CA ILE GA 45 3.50 -105.89 -19.23
C ILE GA 45 2.44 -106.98 -19.27
N VAL GA 46 1.31 -106.67 -19.91
CA VAL GA 46 0.25 -107.66 -20.08
C VAL GA 46 0.12 -107.99 -21.56
N ARG GA 47 -0.32 -109.21 -21.83
CA ARG GA 47 -0.64 -109.65 -23.19
C ARG GA 47 -2.10 -110.08 -23.24
N GLY GA 48 -2.68 -110.00 -24.43
CA GLY GA 48 -4.06 -110.43 -24.61
C GLY GA 48 -4.63 -109.83 -25.86
N ASP GA 49 -5.93 -110.04 -26.05
CA ASP GA 49 -6.62 -109.43 -27.17
C ASP GA 49 -6.73 -107.92 -26.98
N VAL GA 50 -6.98 -107.22 -28.09
CA VAL GA 50 -6.96 -105.76 -28.08
C VAL GA 50 -8.11 -105.20 -27.24
N SER GA 51 -9.27 -105.88 -27.27
CA SER GA 51 -10.37 -105.48 -26.41
C SER GA 51 -10.05 -105.72 -24.95
N GLU GA 52 -9.31 -106.78 -24.64
CA GLU GA 52 -8.91 -107.05 -23.27
C GLU GA 52 -7.85 -106.08 -22.78
N VAL GA 53 -6.86 -105.79 -23.63
CA VAL GA 53 -5.73 -104.98 -23.21
C VAL GA 53 -6.13 -103.52 -23.05
N GLN GA 54 -7.00 -103.03 -23.94
CA GLN GA 54 -7.49 -101.65 -23.83
C GLN GA 54 -8.33 -101.45 -22.58
N ALA GA 55 -9.12 -102.46 -22.21
CA ALA GA 55 -9.92 -102.36 -20.99
C ALA GA 55 -9.05 -102.49 -19.75
N SER GA 56 -7.99 -103.28 -19.82
CA SER GA 56 -7.14 -103.51 -18.66
C SER GA 56 -6.25 -102.32 -18.37
N VAL GA 57 -5.65 -101.73 -19.40
CA VAL GA 57 -4.74 -100.60 -19.22
C VAL GA 57 -5.50 -99.36 -18.76
N SER GA 58 -6.72 -99.17 -19.28
CA SER GA 58 -7.53 -98.01 -18.88
C SER GA 58 -8.04 -98.18 -17.45
N ALA GA 59 -8.35 -99.40 -17.03
CA ALA GA 59 -8.78 -99.63 -15.66
C ALA GA 59 -7.59 -99.71 -14.72
N GLY GA 60 -6.44 -100.17 -15.22
CA GLY GA 60 -5.24 -100.18 -14.42
C GLY GA 60 -4.66 -98.81 -14.17
N THR GA 61 -4.92 -97.87 -15.08
CA THR GA 61 -4.41 -96.51 -14.89
C THR GA 61 -5.23 -95.76 -13.85
N GLU GA 62 -6.55 -96.00 -13.81
CA GLU GA 62 -7.39 -95.32 -12.83
C GLU GA 62 -7.20 -95.90 -11.43
N SER GA 63 -6.84 -97.18 -11.35
CA SER GA 63 -6.69 -97.81 -10.04
C SER GA 63 -5.41 -97.38 -9.33
N VAL GA 64 -4.37 -97.01 -10.08
CA VAL GA 64 -3.13 -96.52 -9.47
C VAL GA 64 -3.34 -95.18 -8.77
N LYS GA 65 -4.21 -94.32 -9.29
CA LYS GA 65 -4.54 -93.08 -8.60
C LYS GA 65 -5.65 -93.29 -7.57
N ARG GA 66 -5.51 -94.33 -6.78
CA ARG GA 66 -6.29 -94.62 -5.58
C ARG GA 66 -5.32 -95.19 -4.56
N VAL GA 67 -4.04 -95.24 -4.95
CA VAL GA 67 -2.94 -95.64 -4.08
C VAL GA 67 -2.23 -94.38 -3.62
N ASN GA 68 -1.97 -94.29 -2.31
CA ASN GA 68 -1.24 -93.15 -1.79
C ASN GA 68 0.23 -93.27 -2.18
N GLY GA 69 0.77 -92.21 -2.77
CA GLY GA 69 2.12 -92.28 -3.30
C GLY GA 69 2.23 -92.98 -4.64
N GLY GA 70 1.11 -93.29 -5.27
CA GLY GA 70 1.09 -93.96 -6.56
C GLY GA 70 0.95 -92.95 -7.67
N GLN GA 71 1.78 -93.12 -8.71
CA GLN GA 71 1.81 -92.19 -9.83
C GLN GA 71 2.06 -92.97 -11.12
N VAL GA 72 1.19 -92.78 -12.09
CA VAL GA 72 1.36 -93.38 -13.41
C VAL GA 72 2.30 -92.49 -14.20
N LEU GA 73 3.41 -93.05 -14.68
CA LEU GA 73 4.33 -92.29 -15.51
C LEU GA 73 3.94 -92.36 -16.98
N SER GA 74 3.73 -93.57 -17.50
CA SER GA 74 3.42 -93.73 -18.92
C SER GA 74 2.68 -95.04 -19.13
N THR GA 75 1.66 -94.98 -19.97
CA THR GA 75 0.90 -96.15 -20.39
C THR GA 75 0.90 -96.23 -21.90
N HIS GA 76 0.87 -97.45 -22.43
CA HIS GA 76 0.74 -97.63 -23.87
C HIS GA 76 0.14 -98.99 -24.17
N ILE GA 77 -0.56 -99.06 -25.31
CA ILE GA 77 -1.08 -100.29 -25.86
C ILE GA 77 -0.59 -100.41 -27.29
N ILE GA 78 0.03 -101.53 -27.62
CA ILE GA 78 0.39 -101.86 -29.00
C ILE GA 78 -0.48 -103.02 -29.43
N ALA GA 79 -1.42 -102.74 -30.34
CA ALA GA 79 -2.46 -103.72 -30.68
C ALA GA 79 -1.90 -104.88 -31.48
N ARG GA 80 -0.88 -104.63 -32.29
CA ARG GA 80 -0.30 -105.67 -33.13
C ARG GA 80 1.20 -105.49 -33.16
N PRO GA 81 1.91 -105.99 -32.16
CA PRO GA 81 3.37 -105.84 -32.15
C PRO GA 81 4.02 -106.77 -33.16
N HIS GA 82 5.13 -106.30 -33.71
CA HIS GA 82 5.93 -107.09 -34.63
C HIS GA 82 6.53 -108.29 -33.90
N GLU GA 83 6.72 -109.37 -34.64
CA GLU GA 83 7.29 -110.59 -34.05
C GLU GA 83 8.77 -110.46 -33.75
N ASN GA 84 9.43 -109.38 -34.20
CA ASN GA 84 10.79 -109.08 -33.80
C ASN GA 84 10.88 -108.70 -32.32
N LEU GA 85 9.82 -108.11 -31.77
CA LEU GA 85 9.91 -107.48 -30.46
C LEU GA 85 9.91 -108.49 -29.32
N GLU GA 86 9.31 -109.67 -29.51
CA GLU GA 86 9.25 -110.64 -28.43
C GLU GA 86 10.61 -111.26 -28.16
N TYR GA 87 11.50 -111.26 -29.15
CA TYR GA 87 12.81 -111.87 -28.97
C TYR GA 87 13.79 -110.88 -28.36
N VAL GA 88 13.51 -109.58 -28.46
CA VAL GA 88 14.43 -108.58 -27.93
C VAL GA 88 13.90 -107.99 -26.63
N LEU GA 89 12.65 -107.60 -26.62
CA LEU GA 89 12.06 -106.96 -25.46
C LEU GA 89 11.40 -108.00 -24.56
N PRO GA 90 11.40 -107.77 -23.24
CA PRO GA 90 10.76 -108.73 -22.31
C PRO GA 90 9.24 -108.59 -22.25
N ILE GA 91 8.59 -108.80 -23.39
CA ILE GA 91 7.14 -108.76 -23.49
C ILE GA 91 6.54 -110.10 -23.87
N ARG GA 92 7.33 -111.16 -23.87
CA ARG GA 92 6.86 -112.44 -24.38
C ARG GA 92 6.30 -113.29 -23.26
N TYR GA 93 5.53 -114.31 -23.67
CA TYR GA 93 4.99 -115.28 -22.72
C TYR GA 93 6.10 -116.18 -22.20
N THR GA 94 6.32 -116.13 -20.89
CA THR GA 94 7.21 -117.09 -20.26
C THR GA 94 6.42 -118.35 -19.90
N GLU GA 95 7.15 -119.40 -19.52
CA GLU GA 95 6.51 -120.68 -19.23
C GLU GA 95 5.78 -120.62 -17.89
N GLU GA 96 6.09 -119.64 -17.04
CA GLU GA 96 5.42 -119.48 -15.76
C GLU GA 96 3.98 -119.02 -15.95
N VAL GA 97 3.70 -118.34 -17.07
CA VAL GA 97 2.40 -117.70 -17.28
C VAL GA 97 1.64 -118.33 -18.45
N GLU GA 98 2.03 -119.54 -18.87
CA GLU GA 98 1.29 -120.18 -19.96
C GLU GA 98 -0.01 -120.80 -19.51
N GLN GA 99 -0.24 -120.92 -18.20
CA GLN GA 99 -1.51 -121.42 -17.70
C GLN GA 99 -2.60 -120.37 -17.77
N PHE GA 100 -2.22 -119.10 -17.85
CA PHE GA 100 -3.18 -118.00 -17.87
C PHE GA 100 -3.50 -117.50 -19.27
N ARG GA 101 -2.82 -118.01 -20.29
CA ARG GA 101 -3.04 -117.53 -21.66
C ARG GA 101 -4.35 -118.06 -22.23
N ALA HA 2 30.20 -101.69 -41.31
CA ALA HA 2 29.28 -102.83 -41.33
C ALA HA 2 27.86 -102.37 -41.67
N VAL HA 3 26.90 -103.23 -41.37
CA VAL HA 3 25.49 -102.89 -41.50
C VAL HA 3 25.15 -101.78 -40.50
N ALA HA 4 24.37 -100.78 -40.95
CA ALA HA 4 24.17 -99.55 -40.20
C ALA HA 4 23.43 -99.78 -38.89
N VAL HA 5 23.69 -98.92 -37.92
CA VAL HA 5 23.12 -98.99 -36.57
C VAL HA 5 22.23 -97.78 -36.37
N GLY HA 6 21.02 -98.01 -35.87
CA GLY HA 6 20.17 -96.93 -35.40
C GLY HA 6 19.79 -97.16 -33.96
N MET HA 7 19.93 -96.11 -33.15
CA MET HA 7 19.62 -96.18 -31.73
C MET HA 7 18.65 -95.08 -31.38
N ILE HA 8 17.60 -95.42 -30.65
CA ILE HA 8 16.70 -94.44 -30.05
C ILE HA 8 16.74 -94.65 -28.55
N GLU HA 9 17.10 -93.61 -27.81
CA GLU HA 9 17.07 -93.64 -26.36
C GLU HA 9 15.85 -92.85 -25.88
N THR HA 10 15.02 -93.51 -25.08
CA THR HA 10 13.85 -92.87 -24.50
C THR HA 10 13.92 -92.90 -22.98
N LEU HA 11 13.14 -92.04 -22.35
CA LEU HA 11 12.93 -92.05 -20.91
C LEU HA 11 11.67 -92.86 -20.66
N GLY HA 12 11.84 -94.12 -20.29
CA GLY HA 12 10.70 -94.97 -20.02
C GLY HA 12 10.60 -96.18 -20.91
N PHE HA 13 10.10 -97.28 -20.35
CA PHE HA 13 9.92 -98.53 -21.08
C PHE HA 13 8.69 -98.59 -22.00
N PRO HA 14 7.51 -98.02 -21.69
CA PRO HA 14 6.46 -97.98 -22.72
C PRO HA 14 6.80 -97.15 -23.93
N ALA HA 15 7.66 -96.13 -23.77
CA ALA HA 15 8.06 -95.33 -24.92
C ALA HA 15 9.07 -96.07 -25.80
N VAL HA 16 9.81 -97.01 -25.22
CA VAL HA 16 10.88 -97.66 -25.98
C VAL HA 16 10.33 -98.87 -26.73
N VAL HA 17 9.17 -99.39 -26.31
CA VAL HA 17 8.54 -100.48 -27.05
C VAL HA 17 7.75 -99.92 -28.23
N GLU HA 18 7.14 -98.75 -28.04
CA GLU HA 18 6.48 -98.08 -29.15
C GLU HA 18 7.48 -97.54 -30.15
N ALA HA 19 8.65 -97.12 -29.68
CA ALA HA 19 9.71 -96.72 -30.61
C ALA HA 19 10.25 -97.92 -31.37
N ALA HA 20 10.40 -99.06 -30.71
CA ALA HA 20 10.91 -100.26 -31.37
C ALA HA 20 9.88 -100.86 -32.31
N ASP HA 21 8.59 -100.76 -31.97
CA ASP HA 21 7.55 -101.29 -32.84
C ASP HA 21 7.34 -100.41 -34.06
N ALA HA 22 7.57 -99.11 -33.93
CA ALA HA 22 7.44 -98.22 -35.06
C ALA HA 22 8.60 -98.37 -36.03
N MET HA 23 9.77 -98.77 -35.51
CA MET HA 23 10.96 -98.84 -36.35
C MET HA 23 10.90 -100.04 -37.29
N VAL HA 24 10.50 -101.20 -36.77
CA VAL HA 24 10.54 -102.42 -37.59
C VAL HA 24 9.32 -102.49 -38.52
N LYS HA 25 8.33 -101.65 -38.28
CA LYS HA 25 7.20 -101.57 -39.20
C LYS HA 25 7.45 -100.56 -40.31
N ALA HA 26 8.26 -99.54 -40.03
CA ALA HA 26 8.45 -98.47 -41.01
C ALA HA 26 9.41 -98.86 -42.11
N ALA HA 27 10.39 -99.71 -41.81
CA ALA HA 27 11.41 -100.04 -42.80
C ALA HA 27 11.90 -101.46 -42.57
N ARG HA 28 12.86 -101.87 -43.40
CA ARG HA 28 13.43 -103.22 -43.35
C ARG HA 28 14.65 -103.22 -42.43
N VAL HA 29 14.39 -102.89 -41.17
CA VAL HA 29 15.41 -102.94 -40.14
C VAL HA 29 15.13 -104.12 -39.23
N THR HA 30 16.16 -104.58 -38.55
CA THR HA 30 16.04 -105.66 -37.58
C THR HA 30 16.35 -105.09 -36.21
N LEU HA 31 15.38 -105.12 -35.31
CA LEU HA 31 15.61 -104.81 -33.91
C LEU HA 31 16.47 -105.92 -33.31
N VAL HA 32 17.69 -105.58 -32.90
CA VAL HA 32 18.63 -106.56 -32.41
C VAL HA 32 18.97 -106.36 -30.94
N GLY HA 33 18.74 -105.18 -30.38
CA GLY HA 33 19.34 -104.83 -29.12
C GLY HA 33 18.38 -104.07 -28.24
N TYR HA 34 18.68 -104.08 -26.94
CA TYR HA 34 17.84 -103.49 -25.93
C TYR HA 34 18.73 -103.23 -24.72
N GLU HA 35 18.91 -101.96 -24.37
CA GLU HA 35 19.94 -101.58 -23.43
C GLU HA 35 19.38 -100.66 -22.35
N LYS HA 36 19.67 -100.99 -21.09
CA LYS HA 36 19.32 -100.18 -19.94
C LYS HA 36 20.62 -99.66 -19.32
N ILE HA 37 20.70 -98.34 -19.13
CA ILE HA 37 21.90 -97.72 -18.59
C ILE HA 37 21.61 -96.95 -17.31
N GLY HA 38 20.38 -97.01 -16.80
CA GLY HA 38 20.03 -96.34 -15.57
C GLY HA 38 19.26 -95.05 -15.79
N THR HA 39 18.65 -94.57 -14.71
CA THR HA 39 17.71 -93.44 -14.65
C THR HA 39 16.60 -93.52 -15.69
N GLY HA 40 16.13 -94.71 -16.01
CA GLY HA 40 15.08 -94.84 -16.99
C GLY HA 40 15.47 -94.60 -18.41
N ARG HA 41 16.76 -94.45 -18.70
CA ARG HA 41 17.25 -94.26 -20.05
C ARG HA 41 17.36 -95.62 -20.72
N VAL HA 42 16.44 -95.91 -21.63
CA VAL HA 42 16.36 -97.21 -22.28
C VAL HA 42 16.60 -97.01 -23.76
N THR HA 43 17.42 -97.88 -24.34
CA THR HA 43 17.84 -97.76 -25.74
C THR HA 43 17.49 -99.04 -26.48
N VAL HA 44 16.86 -98.89 -27.65
CA VAL HA 44 16.67 -99.97 -28.61
C VAL HA 44 17.56 -99.73 -29.82
N ILE HA 45 18.07 -100.82 -30.39
CA ILE HA 45 19.08 -100.78 -31.42
C ILE HA 45 18.58 -101.55 -32.63
N VAL HA 46 18.50 -100.89 -33.78
CA VAL HA 46 18.11 -101.55 -35.02
C VAL HA 46 19.32 -101.64 -35.94
N ARG HA 47 19.32 -102.66 -36.79
CA ARG HA 47 20.31 -102.83 -37.84
C ARG HA 47 19.63 -102.92 -39.20
N GLY HA 48 20.27 -102.34 -40.20
CA GLY HA 48 19.75 -102.43 -41.55
C GLY HA 48 20.58 -101.58 -42.48
N ASP HA 49 20.07 -101.40 -43.70
CA ASP HA 49 20.67 -100.44 -44.60
C ASP HA 49 20.45 -99.04 -44.07
N VAL HA 50 21.36 -98.13 -44.44
CA VAL HA 50 21.38 -96.78 -43.85
C VAL HA 50 20.15 -95.99 -44.24
N SER HA 51 19.59 -96.21 -45.43
CA SER HA 51 18.34 -95.57 -45.81
C SER HA 51 17.17 -96.15 -45.03
N GLU HA 52 17.19 -97.45 -44.76
CA GLU HA 52 16.15 -98.07 -43.95
C GLU HA 52 16.30 -97.69 -42.48
N VAL HA 53 17.54 -97.56 -42.02
CA VAL HA 53 17.77 -97.20 -40.62
C VAL HA 53 17.37 -95.75 -40.37
N GLN HA 54 17.64 -94.86 -41.34
CA GLN HA 54 17.24 -93.47 -41.22
C GLN HA 54 15.72 -93.32 -41.26
N ALA HA 55 15.05 -94.11 -42.09
CA ALA HA 55 13.60 -94.03 -42.21
C ALA HA 55 12.91 -94.60 -40.98
N SER HA 56 13.53 -95.59 -40.33
CA SER HA 56 12.93 -96.20 -39.17
C SER HA 56 13.13 -95.36 -37.92
N VAL HA 57 14.33 -94.82 -37.72
CA VAL HA 57 14.67 -94.05 -36.53
C VAL HA 57 13.88 -92.75 -36.50
N SER HA 58 13.64 -92.16 -37.68
CA SER HA 58 12.79 -90.97 -37.76
C SER HA 58 11.34 -91.31 -37.47
N ALA HA 59 10.89 -92.49 -37.87
CA ALA HA 59 9.51 -92.90 -37.60
C ALA HA 59 9.34 -93.39 -36.17
N GLY HA 60 10.39 -93.96 -35.59
CA GLY HA 60 10.33 -94.38 -34.21
C GLY HA 60 10.39 -93.22 -33.23
N THR HA 61 10.95 -92.08 -33.67
CA THR HA 61 10.99 -90.90 -32.82
C THR HA 61 9.62 -90.23 -32.76
N GLU HA 62 8.91 -90.19 -33.89
CA GLU HA 62 7.62 -89.53 -33.93
C GLU HA 62 6.53 -90.33 -33.23
N SER HA 63 6.73 -91.64 -33.07
CA SER HA 63 5.73 -92.47 -32.43
C SER HA 63 5.80 -92.43 -30.91
N VAL HA 64 6.89 -91.90 -30.35
CA VAL HA 64 6.96 -91.72 -28.90
C VAL HA 64 6.03 -90.60 -28.45
N LYS HA 65 5.69 -89.67 -29.34
CA LYS HA 65 4.70 -88.65 -29.04
C LYS HA 65 3.29 -89.22 -28.89
N ARG HA 66 3.05 -90.41 -29.44
CA ARG HA 66 1.79 -91.11 -29.17
C ARG HA 66 1.71 -91.55 -27.71
N VAL HA 67 2.85 -91.91 -27.13
CA VAL HA 67 2.88 -92.35 -25.74
C VAL HA 67 2.76 -91.14 -24.82
N ASN HA 68 1.77 -91.17 -23.93
CA ASN HA 68 1.66 -90.16 -22.89
C ASN HA 68 2.75 -90.41 -21.86
N GLY HA 69 3.53 -89.38 -21.56
CA GLY HA 69 4.65 -89.56 -20.65
C GLY HA 69 5.87 -90.21 -21.28
N GLY HA 70 5.90 -90.30 -22.60
CA GLY HA 70 7.06 -90.81 -23.32
C GLY HA 70 7.88 -89.67 -23.87
N GLN HA 71 9.20 -89.83 -23.82
CA GLN HA 71 10.12 -88.77 -24.20
C GLN HA 71 11.38 -89.36 -24.80
N VAL HA 72 11.72 -88.95 -26.01
CA VAL HA 72 12.95 -89.35 -26.67
C VAL HA 72 14.09 -88.49 -26.11
N LEU HA 73 15.12 -89.14 -25.59
CA LEU HA 73 16.26 -88.41 -25.06
C LEU HA 73 17.31 -88.19 -26.15
N SER HA 74 17.66 -89.23 -26.89
CA SER HA 74 18.72 -89.14 -27.87
C SER HA 74 18.52 -90.18 -28.94
N THR HA 75 18.72 -89.76 -30.20
CA THR HA 75 18.72 -90.67 -31.33
C THR HA 75 20.03 -90.51 -32.08
N HIS HA 76 20.50 -91.60 -32.69
CA HIS HA 76 21.69 -91.54 -33.52
C HIS HA 76 21.67 -92.66 -34.53
N ILE HA 77 22.26 -92.39 -35.69
CA ILE HA 77 22.42 -93.36 -36.77
C ILE HA 77 23.89 -93.39 -37.15
N ILE HA 78 24.49 -94.58 -37.13
CA ILE HA 78 25.84 -94.80 -37.60
C ILE HA 78 25.73 -95.58 -38.91
N ALA HA 79 26.20 -94.97 -40.00
CA ALA HA 79 25.95 -95.53 -41.33
C ALA HA 79 26.81 -96.76 -41.61
N ARG HA 80 28.03 -96.78 -41.07
CA ARG HA 80 28.96 -97.88 -41.32
C ARG HA 80 29.80 -98.07 -40.07
N PRO HA 81 29.30 -98.82 -39.09
CA PRO HA 81 30.05 -99.00 -37.86
C PRO HA 81 31.23 -99.94 -38.06
N HIS HA 82 32.26 -99.71 -37.26
CA HIS HA 82 33.44 -100.57 -37.28
C HIS HA 82 33.08 -101.95 -36.74
N GLU HA 83 33.83 -102.96 -37.19
CA GLU HA 83 33.58 -104.33 -36.77
C GLU HA 83 34.02 -104.60 -35.33
N ASN HA 84 34.78 -103.67 -34.73
CA ASN HA 84 35.12 -103.77 -33.30
C ASN HA 84 33.90 -103.55 -32.42
N LEU HA 85 32.90 -102.83 -32.92
CA LEU HA 85 31.79 -102.38 -32.08
C LEU HA 85 30.81 -103.51 -31.76
N GLU HA 86 30.70 -104.51 -32.64
CA GLU HA 86 29.73 -105.57 -32.43
C GLU HA 86 30.20 -106.57 -31.39
N TYR HA 87 31.50 -106.58 -31.09
CA TYR HA 87 32.02 -107.55 -30.12
C TYR HA 87 32.05 -106.96 -28.72
N VAL HA 88 31.89 -105.64 -28.60
CA VAL HA 88 31.87 -105.01 -27.28
C VAL HA 88 30.47 -104.49 -26.96
N LEU HA 89 29.93 -103.69 -27.83
CA LEU HA 89 28.62 -103.09 -27.62
C LEU HA 89 27.51 -104.03 -28.07
N PRO HA 90 26.35 -104.01 -27.40
CA PRO HA 90 25.23 -104.88 -27.80
C PRO HA 90 24.46 -104.35 -29.02
N ILE HA 91 25.15 -104.25 -30.15
CA ILE HA 91 24.55 -103.85 -31.41
C ILE HA 91 24.60 -104.96 -32.44
N ARG HA 92 25.03 -106.15 -32.06
CA ARG HA 92 25.25 -107.21 -33.03
C ARG HA 92 23.98 -108.03 -33.24
N TYR HA 93 23.96 -108.75 -34.36
CA TYR HA 93 22.90 -109.71 -34.62
C TYR HA 93 23.08 -110.92 -33.73
N THR HA 94 22.14 -111.12 -32.81
CA THR HA 94 22.08 -112.35 -32.04
C THR HA 94 21.38 -113.43 -32.86
N GLU HA 95 21.47 -114.67 -32.39
CA GLU HA 95 20.93 -115.79 -33.16
C GLU HA 95 19.41 -115.83 -33.08
N GLU HA 96 18.83 -115.22 -32.05
CA GLU HA 96 17.37 -115.23 -31.91
C GLU HA 96 16.69 -114.31 -32.92
N VAL HA 97 17.42 -113.34 -33.47
CA VAL HA 97 16.86 -112.37 -34.39
C VAL HA 97 17.38 -112.57 -35.82
N GLU HA 98 17.94 -113.75 -36.12
CA GLU HA 98 18.43 -114.00 -37.46
C GLU HA 98 17.31 -114.34 -38.44
N GLN HA 99 16.10 -114.60 -37.94
CA GLN HA 99 14.96 -114.84 -38.83
C GLN HA 99 14.41 -113.54 -39.40
N PHE HA 100 14.79 -112.40 -38.83
CA PHE HA 100 14.27 -111.11 -39.27
C PHE HA 100 15.28 -110.32 -40.08
N ARG HA 101 16.47 -110.85 -40.32
CA ARG HA 101 17.49 -110.13 -41.07
C ARG HA 101 17.18 -110.10 -42.56
N ALA IA 2 -21.70 -106.83 -39.49
CA ALA IA 2 -20.73 -107.91 -39.29
C ALA IA 2 -19.51 -107.38 -38.53
N VAL IA 3 -18.42 -107.16 -39.27
CA VAL IA 3 -17.24 -106.54 -38.66
C VAL IA 3 -17.46 -105.04 -38.60
N ALA IA 4 -16.69 -104.36 -37.74
CA ALA IA 4 -16.84 -102.93 -37.56
C ALA IA 4 -16.30 -102.18 -38.77
N VAL IA 5 -16.63 -100.89 -38.84
CA VAL IA 5 -16.15 -100.00 -39.89
C VAL IA 5 -15.59 -98.75 -39.24
N GLY IA 6 -14.41 -98.34 -39.68
CA GLY IA 6 -13.82 -97.09 -39.22
C GLY IA 6 -13.41 -96.23 -40.39
N MET IA 7 -13.56 -94.93 -40.23
CA MET IA 7 -13.29 -93.97 -41.28
C MET IA 7 -12.39 -92.88 -40.74
N ILE IA 8 -11.41 -92.46 -41.53
CA ILE IA 8 -10.63 -91.26 -41.26
C ILE IA 8 -10.71 -90.39 -42.50
N GLU IA 9 -11.22 -89.17 -42.33
CA GLU IA 9 -11.25 -88.20 -43.41
C GLU IA 9 -10.14 -87.19 -43.21
N THR IA 10 -9.25 -87.10 -44.19
CA THR IA 10 -8.17 -86.13 -44.18
C THR IA 10 -8.38 -85.10 -45.28
N LEU IA 11 -7.67 -83.99 -45.16
CA LEU IA 11 -7.60 -82.98 -46.20
C LEU IA 11 -6.32 -83.23 -46.97
N GLY IA 12 -6.44 -83.84 -48.15
CA GLY IA 12 -5.27 -84.14 -48.95
C GLY IA 12 -5.01 -85.61 -49.12
N PHE IA 13 -4.48 -85.99 -50.28
CA PHE IA 13 -4.14 -87.37 -50.59
C PHE IA 13 -2.84 -87.90 -49.95
N PRO IA 14 -1.74 -87.14 -49.80
CA PRO IA 14 -0.61 -87.69 -49.04
C PRO IA 14 -0.92 -87.94 -47.57
N ALA IA 15 -1.87 -87.20 -46.99
CA ALA IA 15 -2.23 -87.45 -45.60
C ALA IA 15 -3.12 -88.68 -45.46
N VAL IA 16 -3.88 -89.01 -46.51
CA VAL IA 16 -4.83 -90.11 -46.39
C VAL IA 16 -4.14 -91.44 -46.68
N VAL IA 17 -2.97 -91.40 -47.34
CA VAL IA 17 -2.21 -92.63 -47.55
C VAL IA 17 -1.39 -92.94 -46.31
N GLU IA 18 -0.86 -91.92 -45.64
CA GLU IA 18 -0.18 -92.12 -44.36
C GLU IA 18 -1.17 -92.55 -43.28
N ALA IA 19 -2.40 -92.03 -43.34
CA ALA IA 19 -3.44 -92.49 -42.42
C ALA IA 19 -3.82 -93.94 -42.69
N ALA IA 20 -3.97 -94.31 -43.96
CA ALA IA 20 -4.34 -95.68 -44.30
C ALA IA 20 -3.20 -96.65 -44.02
N ASP IA 21 -1.96 -96.21 -44.19
CA ASP IA 21 -0.81 -97.07 -43.89
C ASP IA 21 -0.64 -97.27 -42.39
N ALA IA 22 -0.96 -96.26 -41.60
CA ALA IA 22 -0.84 -96.39 -40.16
C ALA IA 22 -1.96 -97.24 -39.57
N MET IA 23 -3.10 -97.32 -40.27
CA MET IA 23 -4.22 -98.09 -39.75
C MET IA 23 -3.97 -99.58 -39.89
N VAL IA 24 -3.50 -100.02 -41.07
CA VAL IA 24 -3.35 -101.45 -41.30
C VAL IA 24 -2.07 -101.97 -40.67
N LYS IA 25 -1.19 -101.09 -40.22
CA LYS IA 25 -0.01 -101.51 -39.47
C LYS IA 25 -0.30 -101.60 -37.98
N ALA IA 26 -1.23 -100.80 -37.50
CA ALA IA 26 -1.48 -100.73 -36.06
C ALA IA 26 -2.23 -101.96 -35.55
N ALA IA 27 -3.23 -102.42 -36.29
CA ALA IA 27 -4.08 -103.49 -35.82
C ALA IA 27 -4.50 -104.35 -37.00
N ARG IA 28 -5.28 -105.39 -36.69
CA ARG IA 28 -5.74 -106.37 -37.69
C ARG IA 28 -7.01 -105.85 -38.36
N VAL IA 29 -6.85 -104.78 -39.12
CA VAL IA 29 -7.93 -104.23 -39.91
C VAL IA 29 -7.57 -104.38 -41.38
N THR IA 30 -8.60 -104.38 -42.21
CA THR IA 30 -8.45 -104.43 -43.66
C THR IA 30 -8.90 -103.10 -44.24
N LEU IA 31 -7.98 -102.40 -44.89
CA LEU IA 31 -8.34 -101.24 -45.69
C LEU IA 31 -9.14 -101.72 -46.89
N VAL IA 32 -10.40 -101.30 -46.97
CA VAL IA 32 -11.29 -101.77 -48.03
C VAL IA 32 -11.72 -100.67 -48.97
N GLY IA 33 -11.62 -99.41 -48.57
CA GLY IA 33 -12.33 -98.36 -49.27
C GLY IA 33 -11.53 -97.08 -49.34
N TYR IA 34 -11.98 -96.19 -50.21
CA TYR IA 34 -11.27 -94.97 -50.55
C TYR IA 34 -12.28 -94.05 -51.21
N GLU IA 35 -12.57 -92.92 -50.56
CA GLU IA 35 -13.70 -92.09 -50.96
C GLU IA 35 -13.29 -90.64 -51.09
N LYS IA 36 -13.68 -90.02 -52.19
CA LYS IA 36 -13.46 -88.60 -52.44
C LYS IA 36 -14.82 -87.93 -52.59
N ILE IA 37 -15.03 -86.84 -51.84
CA ILE IA 37 -16.31 -86.15 -51.83
C ILE IA 37 -16.19 -84.70 -52.25
N GLY IA 38 -14.99 -84.26 -52.63
CA GLY IA 38 -14.77 -82.88 -53.00
C GLY IA 38 -14.18 -82.06 -51.86
N THR IA 39 -13.75 -80.85 -52.21
CA THR IA 39 -12.91 -79.94 -51.41
C THR IA 39 -11.69 -80.63 -50.80
N GLY IA 40 -11.08 -81.57 -51.53
CA GLY IA 40 -9.92 -82.28 -51.03
C GLY IA 40 -10.17 -83.22 -49.88
N ARG IA 41 -11.42 -83.45 -49.51
CA ARG IA 41 -11.75 -84.30 -48.37
C ARG IA 41 -11.75 -85.75 -48.83
N VAL IA 42 -10.75 -86.50 -48.37
CA VAL IA 42 -10.55 -87.88 -48.79
C VAL IA 42 -10.69 -88.78 -47.57
N THR IA 43 -11.42 -89.88 -47.73
CA THR IA 43 -11.74 -90.78 -46.64
C THR IA 43 -11.24 -92.18 -46.98
N VAL IA 44 -10.58 -92.84 -46.02
CA VAL IA 44 -10.24 -94.24 -46.11
C VAL IA 44 -11.06 -95.04 -45.11
N ILE IA 45 -11.50 -96.22 -45.52
CA ILE IA 45 -12.43 -97.05 -44.76
C ILE IA 45 -11.73 -98.35 -44.42
N VAL IA 46 -11.67 -98.67 -43.13
CA VAL IA 46 -11.13 -99.94 -42.68
C VAL IA 46 -12.25 -100.79 -42.09
N ARG IA 47 -12.11 -102.10 -42.23
CA ARG IA 47 -13.02 -103.06 -41.61
C ARG IA 47 -12.24 -103.96 -40.67
N GLY IA 48 -12.90 -104.43 -39.63
CA GLY IA 48 -12.26 -105.32 -38.68
C GLY IA 48 -13.10 -105.43 -37.43
N ASP IA 49 -12.50 -106.01 -36.39
CA ASP IA 49 -13.15 -106.00 -35.09
C ASP IA 49 -13.13 -104.58 -34.53
N VAL IA 50 -14.08 -104.30 -33.63
CA VAL IA 50 -14.26 -102.95 -33.13
C VAL IA 50 -13.08 -102.49 -32.28
N SER IA 51 -12.42 -103.42 -31.58
CA SER IA 51 -11.23 -103.08 -30.84
C SER IA 51 -10.05 -102.81 -31.76
N GLU IA 52 -9.96 -103.56 -32.86
CA GLU IA 52 -8.90 -103.34 -33.82
C GLU IA 52 -9.14 -102.06 -34.63
N VAL IA 53 -10.41 -101.76 -34.91
CA VAL IA 53 -10.73 -100.55 -35.65
C VAL IA 53 -10.47 -99.32 -34.78
N GLN IA 54 -10.72 -99.43 -33.48
CA GLN IA 54 -10.46 -98.32 -32.56
C GLN IA 54 -8.96 -98.08 -32.41
N ALA IA 55 -8.16 -99.13 -32.42
CA ALA IA 55 -6.72 -98.97 -32.28
C ALA IA 55 -6.11 -98.44 -33.58
N SER IA 56 -6.70 -98.78 -34.72
CA SER IA 56 -6.15 -98.33 -36.00
C SER IA 56 -6.52 -96.87 -36.27
N VAL IA 57 -7.75 -96.48 -35.95
CA VAL IA 57 -8.21 -95.12 -36.21
C VAL IA 57 -7.47 -94.12 -35.31
N SER IA 58 -7.16 -94.53 -34.08
CA SER IA 58 -6.40 -93.67 -33.18
C SER IA 58 -4.96 -93.53 -33.64
N ALA IA 59 -4.40 -94.58 -34.26
CA ALA IA 59 -3.04 -94.49 -34.76
C ALA IA 59 -2.99 -93.79 -36.11
N GLY IA 60 -4.04 -93.93 -36.91
CA GLY IA 60 -4.09 -93.24 -38.18
C GLY IA 60 -4.34 -91.75 -38.03
N THR IA 61 -4.95 -91.34 -36.92
CA THR IA 61 -5.15 -89.92 -36.65
C THR IA 61 -3.84 -89.25 -36.25
N GLU IA 62 -3.03 -89.95 -35.45
CA GLU IA 62 -1.76 -89.39 -34.98
C GLU IA 62 -0.73 -89.31 -36.09
N SER IA 63 -0.85 -90.13 -37.13
CA SER IA 63 0.16 -90.17 -38.18
C SER IA 63 -0.04 -89.06 -39.22
N VAL IA 64 -1.20 -88.42 -39.25
CA VAL IA 64 -1.40 -87.31 -40.16
C VAL IA 64 -0.68 -86.07 -39.63
N LYS IA 65 -0.43 -86.01 -38.31
CA LYS IA 65 0.30 -84.90 -37.72
C LYS IA 65 1.76 -84.84 -38.16
N ARG IA 66 2.33 -85.95 -38.61
CA ARG IA 66 3.68 -85.95 -39.15
C ARG IA 66 3.72 -85.58 -40.64
N VAL IA 67 2.58 -85.57 -41.32
CA VAL IA 67 2.51 -85.12 -42.70
C VAL IA 67 2.38 -83.60 -42.71
N ASN IA 68 3.27 -82.92 -43.42
CA ASN IA 68 3.20 -81.47 -43.58
C ASN IA 68 2.22 -81.12 -44.69
N GLY IA 69 1.13 -80.46 -44.31
CA GLY IA 69 0.11 -80.07 -45.26
C GLY IA 69 -1.15 -80.92 -45.23
N GLY IA 70 -1.27 -81.83 -44.27
CA GLY IA 70 -2.47 -82.62 -44.13
C GLY IA 70 -3.01 -82.57 -42.72
N GLN IA 71 -4.33 -82.69 -42.61
CA GLN IA 71 -4.99 -82.62 -41.32
C GLN IA 71 -6.18 -83.57 -41.32
N VAL IA 72 -6.45 -84.16 -40.16
CA VAL IA 72 -7.60 -85.03 -39.96
C VAL IA 72 -8.82 -84.12 -39.82
N LEU IA 73 -9.82 -84.31 -40.69
CA LEU IA 73 -11.04 -83.53 -40.60
C LEU IA 73 -12.08 -84.23 -39.74
N SER IA 74 -12.24 -85.54 -39.92
CA SER IA 74 -13.28 -86.28 -39.24
C SER IA 74 -12.89 -87.74 -39.14
N THR IA 75 -13.11 -88.33 -37.98
CA THR IA 75 -12.96 -89.75 -37.76
C THR IA 75 -14.25 -90.29 -37.16
N HIS IA 76 -14.55 -91.54 -37.47
CA HIS IA 76 -15.68 -92.20 -36.85
C HIS IA 76 -15.49 -93.72 -36.89
N ILE IA 77 -16.09 -94.39 -35.91
CA ILE IA 77 -16.05 -95.84 -35.76
C ILE IA 77 -17.47 -96.31 -35.50
N ILE IA 78 -17.94 -97.28 -36.27
CA ILE IA 78 -19.23 -97.91 -36.06
C ILE IA 78 -18.97 -99.38 -35.73
N ALA IA 79 -19.45 -99.82 -34.56
CA ALA IA 79 -19.09 -101.13 -34.02
C ALA IA 79 -19.67 -102.26 -34.86
N ARG IA 80 -20.88 -102.05 -35.39
CA ARG IA 80 -21.52 -103.03 -36.27
C ARG IA 80 -22.46 -102.27 -37.19
N PRO IA 81 -22.06 -102.02 -38.43
CA PRO IA 81 -22.94 -101.33 -39.36
C PRO IA 81 -24.10 -102.21 -39.78
N HIS IA 82 -25.17 -101.55 -40.21
CA HIS IA 82 -26.33 -102.24 -40.74
C HIS IA 82 -26.00 -102.90 -42.07
N GLU IA 83 -26.78 -103.92 -42.43
CA GLU IA 83 -26.58 -104.58 -43.72
C GLU IA 83 -27.03 -103.71 -44.88
N ASN IA 84 -27.85 -102.70 -44.61
CA ASN IA 84 -28.26 -101.75 -45.63
C ASN IA 84 -27.09 -100.90 -46.12
N LEU IA 85 -26.13 -100.62 -45.24
CA LEU IA 85 -25.05 -99.69 -45.57
C LEU IA 85 -24.03 -100.31 -46.52
N GLU IA 86 -23.97 -101.64 -46.59
CA GLU IA 86 -22.99 -102.29 -47.45
C GLU IA 86 -23.36 -102.14 -48.92
N TYR IA 87 -24.65 -102.02 -49.21
CA TYR IA 87 -25.08 -101.97 -50.61
C TYR IA 87 -25.15 -100.54 -51.13
N VAL IA 88 -25.27 -99.57 -50.23
CA VAL IA 88 -25.38 -98.19 -50.67
C VAL IA 88 -24.05 -97.46 -50.53
N LEU IA 89 -23.43 -97.57 -49.40
CA LEU IA 89 -22.18 -96.90 -49.09
C LEU IA 89 -20.99 -97.80 -49.43
N PRO IA 90 -19.87 -97.23 -49.89
CA PRO IA 90 -18.70 -98.05 -50.27
C PRO IA 90 -17.84 -98.46 -49.08
N ILE IA 91 -18.44 -99.22 -48.16
CA ILE IA 91 -17.74 -99.72 -46.99
C ILE IA 91 -17.61 -101.23 -47.00
N ARG IA 92 -18.03 -101.90 -48.08
CA ARG IA 92 -18.01 -103.35 -48.12
C ARG IA 92 -16.65 -103.87 -48.58
N TYR IA 93 -16.41 -105.15 -48.31
CA TYR IA 93 -15.21 -105.82 -48.78
C TYR IA 93 -15.28 -106.01 -50.29
N THR IA 94 -14.28 -105.51 -51.00
CA THR IA 94 -14.17 -105.75 -52.42
C THR IA 94 -13.46 -107.07 -52.67
N GLU IA 95 -13.38 -107.45 -53.94
CA GLU IA 95 -12.82 -108.77 -54.29
C GLU IA 95 -11.31 -108.79 -54.17
N GLU IA 96 -10.65 -107.64 -54.33
CA GLU IA 96 -9.19 -107.63 -54.33
C GLU IA 96 -8.64 -107.60 -52.90
N VAL IA 97 -9.45 -107.25 -51.92
CA VAL IA 97 -9.00 -107.10 -50.55
C VAL IA 97 -9.36 -108.31 -49.69
N GLU IA 98 -9.84 -109.40 -50.31
CA GLU IA 98 -10.21 -110.58 -49.54
C GLU IA 98 -9.00 -111.36 -49.04
N GLN IA 99 -7.81 -111.09 -49.58
CA GLN IA 99 -6.61 -111.74 -49.08
C GLN IA 99 -6.16 -111.17 -47.74
N PHE IA 100 -6.57 -109.94 -47.43
CA PHE IA 100 -6.18 -109.27 -46.20
C PHE IA 100 -7.24 -109.37 -45.11
N ARG IA 101 -8.35 -110.05 -45.36
CA ARG IA 101 -9.42 -110.17 -44.39
C ARG IA 101 -9.08 -111.17 -43.29
N MET JA 1 -27.74 -102.34 -0.05
CA MET JA 1 -26.74 -103.16 -0.73
C MET JA 1 -27.21 -104.59 -0.87
N GLN JA 2 -26.56 -105.31 -1.79
CA GLN JA 2 -26.78 -106.73 -1.98
C GLN JA 2 -25.44 -107.44 -1.92
N MET JA 3 -25.46 -108.68 -1.46
CA MET JA 3 -24.29 -109.54 -1.53
C MET JA 3 -24.24 -110.21 -2.89
N ALA JA 4 -23.07 -110.18 -3.52
CA ALA JA 4 -22.91 -110.75 -4.84
C ALA JA 4 -21.56 -111.43 -4.94
N LYS JA 5 -21.48 -112.40 -5.85
CA LYS JA 5 -20.25 -113.11 -6.15
C LYS JA 5 -19.76 -112.69 -7.53
N VAL JA 6 -18.47 -112.34 -7.62
CA VAL JA 6 -17.88 -111.91 -8.89
C VAL JA 6 -17.75 -113.15 -9.77
N CYS JA 7 -18.55 -113.20 -10.84
CA CYS JA 7 -18.51 -114.35 -11.73
C CYS JA 7 -17.78 -114.06 -13.03
N GLY JA 8 -17.53 -112.79 -13.32
CA GLY JA 8 -16.77 -112.50 -14.51
C GLY JA 8 -16.67 -111.02 -14.80
N THR JA 9 -16.16 -110.73 -16.00
CA THR JA 9 -15.91 -109.37 -16.44
C THR JA 9 -16.68 -109.11 -17.73
N VAL JA 10 -17.12 -107.87 -17.92
CA VAL JA 10 -17.79 -107.42 -19.13
C VAL JA 10 -16.96 -106.29 -19.72
N VAL JA 11 -16.54 -106.45 -20.97
CA VAL JA 11 -15.71 -105.46 -21.66
C VAL JA 11 -16.51 -104.94 -22.85
N GLY JA 12 -16.70 -103.63 -22.89
CA GLY JA 12 -17.26 -102.99 -24.06
C GLY JA 12 -16.34 -101.90 -24.57
N THR JA 13 -16.07 -101.89 -25.87
CA THR JA 13 -15.19 -100.89 -26.43
C THR JA 13 -15.94 -99.70 -27.01
N GLN JA 14 -17.10 -99.94 -27.61
CA GLN JA 14 -17.96 -98.88 -28.14
C GLN JA 14 -18.92 -98.47 -27.03
N LYS JA 15 -18.63 -97.35 -26.38
CA LYS JA 15 -19.38 -96.93 -25.20
C LYS JA 15 -19.41 -95.41 -25.16
N LEU JA 16 -20.02 -94.89 -24.10
CA LEU JA 16 -20.03 -93.45 -23.86
C LEU JA 16 -18.64 -92.99 -23.43
N PRO JA 17 -18.28 -91.73 -23.71
CA PRO JA 17 -16.97 -91.24 -23.27
C PRO JA 17 -16.85 -91.08 -21.76
N SER JA 18 -17.97 -91.00 -21.05
CA SER JA 18 -17.93 -90.94 -19.59
C SER JA 18 -17.84 -92.33 -18.98
N MET JA 19 -17.94 -93.38 -19.79
CA MET JA 19 -17.83 -94.74 -19.29
C MET JA 19 -16.44 -95.33 -19.42
N THR JA 20 -15.46 -94.55 -19.87
CA THR JA 20 -14.11 -95.09 -20.04
C THR JA 20 -13.36 -95.08 -18.71
N GLY JA 21 -12.46 -96.04 -18.55
CA GLY JA 21 -11.77 -96.24 -17.30
C GLY JA 21 -12.57 -96.98 -16.24
N VAL JA 22 -13.83 -97.27 -16.49
CA VAL JA 22 -14.71 -97.94 -15.53
C VAL JA 22 -14.57 -99.44 -15.72
N LYS JA 23 -14.13 -100.12 -14.66
CA LYS JA 23 -14.01 -101.57 -14.68
C LYS JA 23 -15.37 -102.18 -14.39
N LEU JA 24 -15.85 -103.02 -15.30
CA LEU JA 24 -17.19 -103.59 -15.24
C LEU JA 24 -17.11 -105.07 -14.88
N LEU JA 25 -17.67 -105.43 -13.74
CA LEU JA 25 -17.69 -106.80 -13.27
C LEU JA 25 -19.09 -107.38 -13.39
N LEU JA 26 -19.13 -108.62 -13.87
CA LEU JA 26 -20.37 -109.40 -13.91
C LEU JA 26 -20.52 -110.12 -12.57
N LEU JA 27 -21.46 -109.68 -11.76
CA LEU JA 27 -21.70 -110.24 -10.44
C LEU JA 27 -23.00 -111.03 -10.44
N GLN JA 28 -22.98 -112.21 -9.85
CA GLN JA 28 -24.20 -112.96 -9.59
C GLN JA 28 -24.59 -112.78 -8.13
N PHE JA 29 -25.86 -112.49 -7.90
CA PHE JA 29 -26.34 -112.29 -6.55
C PHE JA 29 -26.43 -113.61 -5.80
N ILE JA 30 -26.02 -113.57 -4.54
CA ILE JA 30 -26.11 -114.70 -3.63
C ILE JA 30 -27.14 -114.36 -2.58
N ASP JA 31 -27.79 -115.37 -2.02
CA ASP JA 31 -28.83 -115.11 -1.04
C ASP JA 31 -28.23 -114.93 0.34
N ALA JA 32 -29.10 -114.76 1.34
CA ALA JA 32 -28.64 -114.64 2.72
C ALA JA 32 -28.14 -115.99 3.26
N ASN JA 33 -28.53 -117.09 2.63
CA ASN JA 33 -28.08 -118.41 3.08
C ASN JA 33 -26.77 -118.81 2.41
N GLY JA 34 -26.40 -118.15 1.32
CA GLY JA 34 -25.13 -118.39 0.67
C GLY JA 34 -25.18 -118.96 -0.73
N GLU JA 35 -26.35 -119.33 -1.24
CA GLU JA 35 -26.48 -119.94 -2.56
C GLU JA 35 -26.67 -118.87 -3.63
N LEU JA 36 -26.29 -119.22 -4.86
CA LEU JA 36 -26.36 -118.28 -5.97
C LEU JA 36 -27.80 -118.13 -6.43
N LEU JA 37 -28.26 -116.89 -6.53
CA LEU JA 37 -29.57 -116.59 -7.06
C LEU JA 37 -29.52 -116.50 -8.59
N PRO JA 38 -30.63 -116.82 -9.27
CA PRO JA 38 -30.67 -116.61 -10.74
C PRO JA 38 -30.94 -115.15 -11.10
N LYS JA 39 -30.03 -114.27 -10.69
CA LYS JA 39 -30.13 -112.85 -10.90
C LYS JA 39 -28.73 -112.27 -10.87
N TYR JA 40 -28.42 -111.36 -11.79
CA TYR JA 40 -27.08 -110.84 -11.94
C TYR JA 40 -27.10 -109.33 -11.96
N GLU JA 41 -25.90 -108.76 -12.06
CA GLU JA 41 -25.71 -107.32 -12.19
C GLU JA 41 -24.37 -107.10 -12.85
N VAL JA 42 -24.26 -105.99 -13.59
CA VAL JA 42 -22.98 -105.49 -14.07
C VAL JA 42 -22.70 -104.20 -13.30
N ALA JA 43 -21.59 -104.17 -12.57
CA ALA JA 43 -21.32 -103.09 -11.65
C ALA JA 43 -19.93 -102.51 -11.89
N ALA JA 44 -19.79 -101.23 -11.58
CA ALA JA 44 -18.48 -100.61 -11.52
C ALA JA 44 -17.72 -101.12 -10.30
N ASP JA 45 -16.39 -101.20 -10.43
CA ASP JA 45 -15.55 -101.80 -9.41
C ASP JA 45 -14.42 -100.85 -9.04
N PRO JA 46 -14.68 -99.91 -8.12
CA PRO JA 46 -13.56 -99.09 -7.60
C PRO JA 46 -12.73 -99.85 -6.58
N VAL JA 47 -13.38 -100.66 -5.74
CA VAL JA 47 -12.71 -101.54 -4.80
C VAL JA 47 -12.28 -102.78 -5.57
N GLY JA 48 -10.98 -102.97 -5.72
CA GLY JA 48 -10.47 -103.93 -6.70
C GLY JA 48 -10.80 -105.37 -6.34
N ALA JA 49 -11.75 -105.96 -7.06
CA ALA JA 49 -12.29 -107.28 -6.73
C ALA JA 49 -12.11 -108.21 -7.90
N GLY JA 50 -11.69 -109.44 -7.61
CA GLY JA 50 -11.45 -110.43 -8.63
C GLY JA 50 -12.46 -111.56 -8.61
N LEU JA 51 -12.25 -112.51 -9.51
CA LEU JA 51 -13.21 -113.57 -9.77
C LEU JA 51 -13.32 -114.52 -8.57
N GLY JA 52 -14.55 -114.66 -8.09
CA GLY JA 52 -14.85 -115.53 -6.97
C GLY JA 52 -15.12 -114.83 -5.66
N GLU JA 53 -14.80 -113.55 -5.56
CA GLU JA 53 -14.94 -112.83 -4.30
C GLU JA 53 -16.40 -112.51 -4.02
N TRP JA 54 -16.71 -112.34 -2.74
CA TRP JA 54 -18.00 -111.86 -2.29
C TRP JA 54 -17.93 -110.36 -2.12
N VAL JA 55 -18.83 -109.64 -2.77
CA VAL JA 55 -18.80 -108.19 -2.77
C VAL JA 55 -20.14 -107.66 -2.31
N LEU JA 56 -20.13 -106.43 -1.80
CA LEU JA 56 -21.34 -105.67 -1.57
C LEU JA 56 -21.51 -104.70 -2.73
N VAL JA 57 -22.68 -104.73 -3.35
CA VAL JA 57 -22.98 -103.90 -4.50
C VAL JA 57 -24.26 -103.10 -4.20
N ASN JA 58 -24.21 -101.80 -4.46
CA ASN JA 58 -25.38 -100.96 -4.29
C ASN JA 58 -26.06 -100.78 -5.65
N ARG JA 59 -27.24 -100.15 -5.63
CA ARG JA 59 -27.99 -99.94 -6.85
C ARG JA 59 -28.46 -98.50 -6.89
N GLY JA 60 -28.61 -97.98 -8.10
CA GLY JA 60 -29.20 -96.67 -8.28
C GLY JA 60 -28.22 -95.53 -8.26
N SER JA 61 -28.65 -94.40 -7.70
CA SER JA 61 -27.83 -93.19 -7.66
C SER JA 61 -26.77 -93.23 -6.56
N ALA JA 62 -26.75 -94.28 -5.74
CA ALA JA 62 -25.67 -94.47 -4.78
C ALA JA 62 -24.38 -94.89 -5.44
N ALA JA 63 -24.45 -95.40 -6.68
CA ALA JA 63 -23.25 -95.72 -7.44
C ALA JA 63 -22.47 -94.49 -7.86
N ARG JA 64 -23.09 -93.31 -7.83
CA ARG JA 64 -22.48 -92.07 -8.26
C ARG JA 64 -22.05 -91.19 -7.09
N GLN JA 65 -21.70 -91.78 -5.96
CA GLN JA 65 -21.38 -91.02 -4.76
C GLN JA 65 -19.90 -91.01 -4.42
N THR JA 66 -19.07 -91.74 -5.15
CA THR JA 66 -17.67 -91.90 -4.78
C THR JA 66 -16.75 -90.84 -5.39
N GLU JA 67 -17.33 -89.68 -5.74
CA GLU JA 67 -16.70 -88.41 -6.15
C GLU JA 67 -15.87 -88.50 -7.43
N TYR JA 68 -15.80 -89.65 -8.07
CA TYR JA 68 -15.30 -89.74 -9.43
C TYR JA 68 -16.22 -90.54 -10.33
N HIS JA 69 -17.29 -91.11 -9.78
CA HIS JA 69 -18.38 -91.69 -10.56
C HIS JA 69 -19.57 -90.75 -10.64
N GLN JA 70 -19.36 -89.46 -10.40
CA GLN JA 70 -20.46 -88.54 -10.09
C GLN JA 70 -21.33 -88.25 -11.31
N ASN JA 71 -20.73 -87.97 -12.45
CA ASN JA 71 -21.48 -87.65 -13.66
C ASN JA 71 -21.42 -88.79 -14.66
N ARG JA 72 -21.11 -89.99 -14.19
CA ARG JA 72 -21.01 -91.21 -14.97
C ARG JA 72 -22.34 -91.96 -14.95
N PRO JA 73 -22.77 -92.53 -16.08
CA PRO JA 73 -24.07 -93.23 -16.13
C PRO JA 73 -24.01 -94.63 -15.53
N LEU JA 74 -23.80 -94.68 -14.22
CA LEU JA 74 -23.65 -95.93 -13.48
C LEU JA 74 -24.79 -96.08 -12.50
N ASP JA 75 -25.37 -97.28 -12.45
CA ASP JA 75 -26.45 -97.58 -11.51
C ASP JA 75 -26.13 -98.78 -10.63
N ALA JA 76 -24.88 -99.24 -10.62
CA ALA JA 76 -24.44 -100.33 -9.78
C ALA JA 76 -22.95 -100.19 -9.55
N MET JA 77 -22.51 -100.45 -8.31
CA MET JA 77 -21.13 -100.23 -7.95
C MET JA 77 -20.77 -101.16 -6.80
N VAL JA 78 -19.65 -101.86 -6.92
CA VAL JA 78 -19.11 -102.60 -5.79
C VAL JA 78 -18.57 -101.60 -4.79
N VAL JA 79 -19.12 -101.61 -3.57
CA VAL JA 79 -18.70 -100.68 -2.54
C VAL JA 79 -17.78 -101.32 -1.52
N ALA JA 80 -17.80 -102.64 -1.38
CA ALA JA 80 -17.00 -103.32 -0.39
C ALA JA 80 -16.73 -104.74 -0.85
N ILE JA 81 -15.58 -105.25 -0.48
CA ILE JA 81 -15.29 -106.68 -0.58
C ILE JA 81 -15.61 -107.30 0.77
N ILE JA 82 -16.47 -108.33 0.77
CA ILE JA 82 -16.96 -108.90 2.00
C ILE JA 82 -15.86 -109.72 2.65
N ASP JA 83 -15.55 -109.41 3.91
CA ASP JA 83 -14.63 -110.19 4.72
C ASP JA 83 -15.36 -111.31 5.47
N THR JA 84 -16.43 -110.98 6.18
CA THR JA 84 -17.11 -111.93 7.04
C THR JA 84 -18.61 -111.67 6.98
N VAL JA 85 -19.38 -112.74 6.79
CA VAL JA 85 -20.82 -112.72 7.00
C VAL JA 85 -21.12 -113.60 8.19
N THR JA 86 -21.69 -113.01 9.24
CA THR JA 86 -22.12 -113.73 10.43
C THR JA 86 -23.63 -113.71 10.47
N VAL JA 87 -24.25 -114.89 10.42
CA VAL JA 87 -25.71 -115.03 10.47
C VAL JA 87 -26.06 -115.82 11.72
N ASN JA 88 -26.90 -115.23 12.57
CA ASN JA 88 -27.38 -115.83 13.83
C ASN JA 88 -26.22 -116.23 14.74
N ASN JA 89 -25.24 -115.31 14.86
CA ASN JA 89 -23.98 -115.45 15.59
C ASN JA 89 -23.11 -116.60 15.07
N ARG JA 90 -23.36 -117.09 13.87
CA ARG JA 90 -22.57 -118.14 13.24
C ARG JA 90 -21.95 -117.58 11.97
N ARG JA 91 -20.65 -117.79 11.80
CA ARG JA 91 -19.96 -117.28 10.63
C ARG JA 91 -20.37 -118.06 9.38
N LEU JA 92 -20.96 -117.36 8.42
CA LEU JA 92 -21.34 -117.94 7.14
C LEU JA 92 -20.23 -117.88 6.12
N TYR JA 93 -19.47 -116.79 6.09
CA TYR JA 93 -18.43 -116.57 5.11
C TYR JA 93 -17.20 -116.01 5.83
N GLY JA 94 -16.02 -116.40 5.36
CA GLY JA 94 -14.79 -115.92 5.93
C GLY JA 94 -14.16 -116.88 6.92
N ALA KA 2 80.47 -73.51 35.48
CA ALA KA 2 80.52 -74.89 35.02
C ALA KA 2 80.16 -74.99 33.54
N VAL KA 3 79.76 -76.19 33.12
CA VAL KA 3 79.30 -76.41 31.76
C VAL KA 3 77.99 -75.67 31.53
N ALA KA 4 77.80 -75.12 30.33
CA ALA KA 4 76.69 -74.22 30.06
C ALA KA 4 75.35 -74.93 30.14
N VAL KA 5 74.32 -74.18 30.54
CA VAL KA 5 72.98 -74.72 30.74
C VAL KA 5 72.01 -73.90 29.90
N GLY KA 6 71.14 -74.59 29.18
CA GLY KA 6 70.09 -73.95 28.41
C GLY KA 6 68.73 -74.46 28.84
N MET KA 7 67.75 -73.57 28.86
CA MET KA 7 66.40 -73.90 29.31
C MET KA 7 65.42 -73.39 28.29
N ILE KA 8 64.43 -74.20 27.96
CA ILE KA 8 63.28 -73.77 27.17
C ILE KA 8 62.03 -74.11 27.97
N GLU KA 9 61.26 -73.08 28.32
CA GLU KA 9 60.00 -73.26 29.02
C GLU KA 9 58.86 -73.11 28.03
N THR KA 10 58.03 -74.15 27.93
CA THR KA 10 56.87 -74.13 27.05
C THR KA 10 55.61 -74.33 27.87
N LEU KA 11 54.49 -73.90 27.29
CA LEU KA 11 53.17 -74.16 27.84
C LEU KA 11 52.63 -75.40 27.13
N GLY KA 12 52.77 -76.55 27.79
CA GLY KA 12 52.31 -77.79 27.19
C GLY KA 12 53.38 -78.86 27.07
N PHE KA 13 52.99 -80.11 27.26
CA PHE KA 13 53.89 -81.25 27.17
C PHE KA 13 54.25 -81.71 25.74
N PRO KA 14 53.36 -81.66 24.73
CA PRO KA 14 53.86 -81.93 23.37
C PRO KA 14 54.84 -80.88 22.87
N ALA KA 15 54.75 -79.64 23.34
CA ALA KA 15 55.70 -78.62 22.92
C ALA KA 15 57.05 -78.79 23.61
N VAL KA 16 57.06 -79.38 24.81
CA VAL KA 16 58.31 -79.48 25.54
C VAL KA 16 59.09 -80.71 25.10
N VAL KA 17 58.41 -81.71 24.51
CA VAL KA 17 59.11 -82.86 23.99
C VAL KA 17 59.70 -82.53 22.62
N GLU KA 18 59.00 -81.70 21.84
CA GLU KA 18 59.59 -81.19 20.60
C GLU KA 18 60.74 -80.23 20.90
N ALA KA 19 60.64 -79.44 21.96
CA ALA KA 19 61.76 -78.62 22.39
C ALA KA 19 62.94 -79.48 22.82
N ALA KA 20 62.67 -80.54 23.58
CA ALA KA 20 63.75 -81.41 24.03
C ALA KA 20 64.34 -82.22 22.88
N ASP KA 21 63.51 -82.60 21.91
CA ASP KA 21 64.01 -83.40 20.80
C ASP KA 21 64.79 -82.57 19.80
N ALA KA 22 64.36 -81.33 19.55
CA ALA KA 22 65.07 -80.49 18.59
C ALA KA 22 66.36 -79.94 19.18
N MET KA 23 66.46 -79.89 20.51
CA MET KA 23 67.68 -79.37 21.13
C MET KA 23 68.81 -80.39 21.00
N VAL KA 24 68.54 -81.66 21.27
CA VAL KA 24 69.60 -82.66 21.22
C VAL KA 24 69.85 -83.13 19.80
N LYS KA 25 69.02 -82.70 18.85
CA LYS KA 25 69.25 -83.04 17.45
C LYS KA 25 69.95 -81.90 16.70
N ALA KA 26 69.86 -80.68 17.21
CA ALA KA 26 70.49 -79.55 16.52
C ALA KA 26 71.98 -79.48 16.83
N ALA KA 27 72.37 -79.89 18.03
CA ALA KA 27 73.75 -79.74 18.45
C ALA KA 27 74.10 -80.84 19.44
N ARG KA 28 75.34 -80.83 19.91
CA ARG KA 28 75.87 -81.84 20.83
C ARG KA 28 75.63 -81.36 22.25
N VAL KA 29 74.38 -81.46 22.69
CA VAL KA 29 74.00 -81.15 24.06
C VAL KA 29 73.46 -82.40 24.71
N THR KA 30 73.36 -82.36 26.03
CA THR KA 30 72.79 -83.45 26.82
C THR KA 30 71.56 -82.93 27.53
N LEU KA 31 70.39 -83.46 27.16
CA LEU KA 31 69.17 -83.21 27.90
C LEU KA 31 69.28 -83.89 29.26
N VAL KA 32 69.31 -83.10 30.33
CA VAL KA 32 69.50 -83.63 31.66
C VAL KA 32 68.28 -83.48 32.54
N GLY KA 33 67.36 -82.59 32.20
CA GLY KA 33 66.34 -82.17 33.16
C GLY KA 33 65.01 -81.96 32.49
N TYR KA 34 63.97 -82.00 33.32
CA TYR KA 34 62.59 -81.88 32.89
C TYR KA 34 61.82 -81.38 34.09
N GLU KA 35 61.38 -80.13 34.05
CA GLU KA 35 60.93 -79.43 35.24
C GLU KA 35 59.51 -78.93 35.09
N LYS KA 36 58.64 -79.36 36.00
CA LYS KA 36 57.25 -78.91 36.05
C LYS KA 36 57.10 -77.99 37.26
N ILE KA 37 56.59 -76.79 37.02
CA ILE KA 37 56.39 -75.80 38.07
C ILE KA 37 54.93 -75.39 38.20
N GLY KA 38 54.02 -76.11 37.54
CA GLY KA 38 52.61 -75.81 37.62
C GLY KA 38 52.13 -74.91 36.48
N THR KA 39 50.81 -74.82 36.37
CA THR KA 39 50.06 -74.19 35.28
C THR KA 39 50.53 -74.60 33.89
N GLY KA 40 50.96 -75.85 33.72
CA GLY KA 40 51.41 -76.32 32.43
C GLY KA 40 52.75 -75.79 31.97
N ARG KA 41 53.43 -75.00 32.78
CA ARG KA 41 54.74 -74.47 32.43
C ARG KA 41 55.78 -75.56 32.65
N VAL KA 42 56.30 -76.10 31.55
CA VAL KA 42 57.25 -77.21 31.58
C VAL KA 42 58.56 -76.74 30.98
N THR KA 43 59.66 -77.04 31.66
CA THR KA 43 60.99 -76.61 31.27
C THR KA 43 61.89 -77.82 31.12
N VAL KA 44 62.50 -77.97 29.94
CA VAL KA 44 63.57 -78.93 29.72
C VAL KA 44 64.90 -78.20 29.82
N ILE KA 45 65.89 -78.90 30.35
CA ILE KA 45 67.20 -78.34 30.67
C ILE KA 45 68.25 -79.16 29.94
N VAL KA 46 69.06 -78.49 29.12
CA VAL KA 46 70.16 -79.14 28.43
C VAL KA 46 71.47 -78.60 28.96
N ARG KA 47 72.50 -79.45 28.91
CA ARG KA 47 73.86 -79.06 29.24
C ARG KA 47 74.76 -79.29 28.04
N GLY KA 48 75.85 -78.54 27.98
CA GLY KA 48 76.80 -78.71 26.90
C GLY KA 48 77.67 -77.49 26.77
N ASP KA 49 78.48 -77.47 25.72
CA ASP KA 49 79.31 -76.31 25.43
C ASP KA 49 78.43 -75.14 24.97
N VAL KA 50 79.00 -73.94 25.06
CA VAL KA 50 78.23 -72.72 24.81
C VAL KA 50 77.83 -72.63 23.34
N SER KA 51 78.69 -73.10 22.44
CA SER KA 51 78.35 -73.16 21.03
C SER KA 51 77.24 -74.17 20.77
N GLU KA 52 77.24 -75.27 21.51
CA GLU KA 52 76.20 -76.27 21.36
C GLU KA 52 74.88 -75.80 21.95
N VAL KA 53 74.92 -75.17 23.13
CA VAL KA 53 73.71 -74.80 23.83
C VAL KA 53 73.02 -73.63 23.14
N GLN KA 54 73.80 -72.67 22.62
CA GLN KA 54 73.23 -71.55 21.88
C GLN KA 54 72.57 -72.01 20.59
N ALA KA 55 73.16 -73.01 19.92
CA ALA KA 55 72.56 -73.54 18.71
C ALA KA 55 71.32 -74.37 19.00
N SER KA 56 71.32 -75.08 20.14
CA SER KA 56 70.22 -75.97 20.46
C SER KA 56 69.00 -75.19 20.94
N VAL KA 57 69.20 -74.18 21.80
CA VAL KA 57 68.09 -73.41 22.33
C VAL KA 57 67.44 -72.56 21.24
N SER KA 58 68.26 -72.01 20.34
CA SER KA 58 67.72 -71.19 19.25
C SER KA 58 66.99 -72.03 18.22
N ALA KA 59 67.45 -73.26 17.99
CA ALA KA 59 66.73 -74.15 17.08
C ALA KA 59 65.56 -74.83 17.76
N GLY KA 60 65.67 -75.04 19.07
CA GLY KA 60 64.55 -75.60 19.82
C GLY KA 60 63.41 -74.62 19.99
N THR KA 61 63.70 -73.31 19.96
CA THR KA 61 62.64 -72.32 20.08
C THR KA 61 61.84 -72.21 18.80
N GLU KA 62 62.50 -72.33 17.65
CA GLU KA 62 61.80 -72.24 16.37
C GLU KA 62 60.97 -73.50 16.09
N SER KA 63 61.41 -74.65 16.62
CA SER KA 63 60.70 -75.90 16.34
C SER KA 63 59.40 -76.01 17.13
N VAL KA 64 59.30 -75.36 18.29
CA VAL KA 64 58.07 -75.36 19.06
C VAL KA 64 56.96 -74.62 18.35
N LYS KA 65 57.27 -73.56 17.61
CA LYS KA 65 56.27 -72.87 16.81
C LYS KA 65 56.10 -73.53 15.44
N ARG KA 66 55.99 -74.85 15.44
CA ARG KA 66 55.60 -75.69 14.32
C ARG KA 66 54.71 -76.78 14.90
N VAL KA 67 54.47 -76.71 16.20
CA VAL KA 67 53.56 -77.58 16.92
C VAL KA 67 52.26 -76.83 17.13
N ASN KA 68 51.13 -77.47 16.83
CA ASN KA 68 49.84 -76.85 17.06
C ASN KA 68 49.54 -76.84 18.55
N GLY KA 69 49.20 -75.67 19.08
CA GLY KA 69 49.04 -75.53 20.52
C GLY KA 69 50.33 -75.40 21.28
N GLY KA 70 51.46 -75.24 20.58
CA GLY KA 70 52.76 -75.10 21.21
C GLY KA 70 53.12 -73.63 21.34
N GLN KA 71 53.61 -73.27 22.52
CA GLN KA 71 53.95 -71.89 22.83
C GLN KA 71 55.18 -71.86 23.71
N VAL KA 72 56.19 -71.11 23.29
CA VAL KA 72 57.40 -70.90 24.08
C VAL KA 72 57.11 -69.79 25.08
N LEU KA 73 57.27 -70.08 26.37
CA LEU KA 73 57.09 -69.06 27.38
C LEU KA 73 58.37 -68.28 27.63
N SER KA 74 59.48 -68.99 27.88
CA SER KA 74 60.74 -68.34 28.20
C SER KA 74 61.88 -69.27 27.85
N THR KA 75 62.93 -68.69 27.27
CA THR KA 75 64.17 -69.39 26.97
C THR KA 75 65.32 -68.63 27.60
N HIS KA 76 66.35 -69.36 28.01
CA HIS KA 76 67.57 -68.72 28.51
C HIS KA 76 68.76 -69.66 28.34
N ILE KA 77 69.92 -69.06 28.18
CA ILE KA 77 71.21 -69.75 28.16
C ILE KA 77 72.11 -69.10 29.19
N ILE KA 78 72.66 -69.90 30.10
CA ILE KA 78 73.68 -69.44 31.04
C ILE KA 78 74.98 -70.13 30.64
N ALA KA 79 75.93 -69.33 30.11
CA ALA KA 79 77.13 -69.90 29.50
C ALA KA 79 78.08 -70.47 30.54
N ARG KA 80 78.10 -69.90 31.73
CA ARG KA 80 79.00 -70.34 32.79
C ARG KA 80 78.26 -70.27 34.11
N PRO KA 81 77.48 -71.29 34.44
CA PRO KA 81 76.76 -71.27 35.71
C PRO KA 81 77.70 -71.55 36.88
N HIS KA 82 77.38 -70.92 38.00
CA HIS KA 82 78.12 -71.14 39.24
C HIS KA 82 77.93 -72.58 39.71
N GLU KA 83 78.96 -73.10 40.38
CA GLU KA 83 78.92 -74.46 40.88
C GLU KA 83 77.97 -74.63 42.07
N ASN KA 84 77.47 -73.53 42.63
CA ASN KA 84 76.41 -73.58 43.64
C ASN KA 84 75.09 -74.08 43.06
N LEU KA 85 74.84 -73.81 41.77
CA LEU KA 85 73.50 -74.00 41.21
C LEU KA 85 73.19 -75.46 40.95
N GLU KA 86 74.20 -76.31 40.71
CA GLU KA 86 73.92 -77.71 40.41
C GLU KA 86 73.45 -78.47 41.64
N TYR KA 87 73.79 -77.98 42.83
CA TYR KA 87 73.39 -78.68 44.04
C TYR KA 87 72.00 -78.25 44.51
N VAL KA 88 71.53 -77.09 44.04
CA VAL KA 88 70.23 -76.60 44.46
C VAL KA 88 69.20 -76.77 43.36
N LEU KA 89 69.54 -76.38 42.16
CA LEU KA 89 68.62 -76.42 41.06
C LEU KA 89 68.78 -77.74 40.29
N PRO KA 90 67.69 -78.27 39.72
CA PRO KA 90 67.76 -79.54 38.96
C PRO KA 90 68.31 -79.35 37.54
N ILE KA 91 69.54 -78.87 37.45
CA ILE KA 91 70.23 -78.68 36.18
C ILE KA 91 71.46 -79.55 36.05
N ARG KA 92 71.67 -80.49 36.97
CA ARG KA 92 72.90 -81.26 36.99
C ARG KA 92 72.77 -82.54 36.19
N TYR KA 93 73.92 -83.11 35.85
CA TYR KA 93 73.96 -84.39 35.16
C TYR KA 93 73.56 -85.51 36.12
N THR KA 94 72.47 -86.19 35.79
CA THR KA 94 72.11 -87.41 36.51
C THR KA 94 72.84 -88.59 35.89
N GLU KA 95 72.78 -89.73 36.59
CA GLU KA 95 73.51 -90.91 36.12
C GLU KA 95 72.81 -91.55 34.92
N GLU KA 96 71.54 -91.21 34.70
CA GLU KA 96 70.81 -91.73 33.55
C GLU KA 96 71.33 -91.14 32.24
N VAL KA 97 71.92 -89.95 32.30
CA VAL KA 97 72.32 -89.22 31.10
C VAL KA 97 73.84 -89.06 31.00
N GLU KA 98 74.61 -89.86 31.75
CA GLU KA 98 76.05 -89.76 31.65
C GLU KA 98 76.61 -90.45 30.41
N GLN KA 99 75.80 -91.25 29.71
CA GLN KA 99 76.26 -91.85 28.46
C GLN KA 99 76.22 -90.85 27.32
N PHE KA 100 75.44 -89.78 27.45
CA PHE KA 100 75.30 -88.79 26.41
C PHE KA 100 76.21 -87.58 26.59
N ARG KA 101 76.94 -87.50 27.69
CA ARG KA 101 77.80 -86.36 27.95
C ARG KA 101 79.06 -86.40 27.09
N ALA LA 2 69.68 -64.64 62.67
CA ALA LA 2 70.67 -65.52 62.07
C ALA LA 2 71.32 -64.85 60.86
N VAL LA 3 71.95 -65.67 60.02
CA VAL LA 3 72.49 -65.21 58.74
C VAL LA 3 71.33 -64.81 57.84
N ALA LA 4 71.48 -63.68 57.14
CA ALA LA 4 70.38 -63.04 56.43
C ALA LA 4 69.86 -63.90 55.27
N VAL LA 5 68.58 -63.72 54.96
CA VAL LA 5 67.88 -64.48 53.93
C VAL LA 5 67.49 -63.52 52.82
N GLY LA 6 67.77 -63.90 51.59
CA GLY LA 6 67.23 -63.19 50.43
C GLY LA 6 66.46 -64.14 49.54
N MET LA 7 65.27 -63.71 49.15
CA MET LA 7 64.39 -64.52 48.32
C MET LA 7 63.98 -63.72 47.10
N ILE LA 8 64.08 -64.33 45.93
CA ILE LA 8 63.52 -63.78 44.70
C ILE LA 8 62.51 -64.77 44.17
N GLU LA 9 61.27 -64.33 44.01
CA GLU LA 9 60.23 -65.14 43.41
C GLU LA 9 60.00 -64.66 41.97
N THR LA 10 60.11 -65.59 41.02
CA THR LA 10 59.87 -65.29 39.63
C THR LA 10 58.73 -66.15 39.09
N LEU LA 11 58.17 -65.72 37.97
CA LEU LA 11 57.20 -66.49 37.21
C LEU LA 11 57.98 -67.22 36.13
N GLY LA 12 58.28 -68.49 36.37
CA GLY LA 12 59.01 -69.27 35.40
C GLY LA 12 60.34 -69.79 35.89
N PHE LA 13 60.71 -70.98 35.43
CA PHE LA 13 61.97 -71.62 35.79
C PHE LA 13 63.21 -71.09 35.07
N PRO LA 14 63.21 -70.70 33.78
CA PRO LA 14 64.42 -70.05 33.24
C PRO LA 14 64.72 -68.70 33.88
N ALA LA 15 63.71 -68.00 34.39
CA ALA LA 15 63.97 -66.73 35.06
C ALA LA 15 64.55 -66.94 36.45
N VAL LA 16 64.29 -68.09 37.06
CA VAL LA 16 64.72 -68.29 38.45
C VAL LA 16 66.13 -68.87 38.48
N VAL LA 17 66.60 -69.45 37.37
CA VAL LA 17 67.98 -69.92 37.31
C VAL LA 17 68.91 -68.76 36.96
N GLU LA 18 68.43 -67.84 36.13
CA GLU LA 18 69.20 -66.62 35.85
C GLU LA 18 69.22 -65.70 37.06
N ALA LA 19 68.14 -65.67 37.83
CA ALA LA 19 68.15 -64.92 39.08
C ALA LA 19 69.12 -65.54 40.09
N ALA LA 20 69.15 -66.87 40.18
CA ALA LA 20 70.02 -67.54 41.13
C ALA LA 20 71.48 -67.45 40.68
N ASP LA 21 71.73 -67.47 39.37
CA ASP LA 21 73.10 -67.37 38.89
C ASP LA 21 73.65 -65.96 39.01
N ALA LA 22 72.78 -64.96 38.91
CA ALA LA 22 73.22 -63.58 39.09
C ALA LA 22 73.49 -63.27 40.56
N MET LA 23 72.79 -63.96 41.47
CA MET LA 23 72.94 -63.65 42.88
C MET LA 23 74.28 -64.13 43.43
N VAL LA 24 74.68 -65.35 43.09
CA VAL LA 24 75.88 -65.91 43.68
C VAL LA 24 77.13 -65.40 42.97
N LYS LA 25 76.96 -64.76 41.82
CA LYS LA 25 78.09 -64.11 41.16
C LYS LA 25 78.27 -62.67 41.65
N ALA LA 26 77.18 -62.04 42.07
CA ALA LA 26 77.25 -60.63 42.43
C ALA LA 26 77.87 -60.43 43.81
N ALA LA 27 77.66 -61.36 44.73
CA ALA LA 27 78.11 -61.17 46.09
C ALA LA 27 78.47 -62.51 46.71
N ARG LA 28 78.87 -62.47 47.99
CA ARG LA 28 79.28 -63.66 48.72
C ARG LA 28 78.07 -64.24 49.45
N VAL LA 29 77.08 -64.65 48.65
CA VAL LA 29 75.90 -65.31 49.17
C VAL LA 29 75.97 -66.78 48.78
N THR LA 30 75.26 -67.60 49.52
CA THR LA 30 75.14 -69.03 49.23
C THR LA 30 73.71 -69.31 48.85
N LEU LA 31 73.48 -69.76 47.62
CA LEU LA 31 72.19 -70.28 47.21
C LEU LA 31 71.94 -71.59 47.95
N VAL LA 32 70.93 -71.61 48.81
CA VAL LA 32 70.66 -72.76 49.65
C VAL LA 32 69.33 -73.42 49.33
N GLY LA 33 68.41 -72.72 48.67
CA GLY LA 33 67.03 -73.15 48.64
C GLY LA 33 66.41 -72.94 47.29
N TYR LA 34 65.33 -73.67 47.04
CA TYR LA 34 64.64 -73.67 45.77
C TYR LA 34 63.23 -74.17 46.03
N GLU LA 35 62.24 -73.31 45.81
CA GLU LA 35 60.90 -73.57 46.29
C GLU LA 35 59.88 -73.35 45.18
N LYS LA 36 59.00 -74.33 45.01
CA LYS LA 36 57.87 -74.25 44.08
C LYS LA 36 56.59 -74.24 44.90
N ILE LA 37 55.73 -73.25 44.65
CA ILE LA 37 54.49 -73.11 45.39
C ILE LA 37 53.27 -73.14 44.48
N GLY LA 38 53.46 -73.39 43.18
CA GLY LA 38 52.36 -73.47 42.25
C GLY LA 38 52.20 -72.21 41.41
N THR LA 39 51.41 -72.36 40.33
CA THR LA 39 51.20 -71.38 39.26
C THR LA 39 52.49 -70.81 38.69
N GLY LA 40 53.55 -71.60 38.62
CA GLY LA 40 54.80 -71.12 38.09
C GLY LA 40 55.56 -70.15 38.97
N ARG LA 41 55.12 -69.96 40.21
CA ARG LA 41 55.81 -69.10 41.16
C ARG LA 41 56.96 -69.89 41.78
N VAL LA 42 58.18 -69.57 41.38
CA VAL LA 42 59.36 -70.30 41.80
C VAL LA 42 60.26 -69.34 42.57
N THR LA 43 60.77 -69.81 43.71
CA THR LA 43 61.56 -68.98 44.62
C THR LA 43 62.92 -69.62 44.84
N VAL LA 44 63.98 -68.81 44.72
CA VAL LA 44 65.32 -69.20 45.13
C VAL LA 44 65.70 -68.39 46.37
N ILE LA 45 66.46 -69.02 47.25
CA ILE LA 45 66.77 -68.49 48.58
C ILE LA 45 68.27 -68.45 48.74
N VAL LA 46 68.81 -67.26 49.00
CA VAL LA 46 70.24 -67.12 49.28
C VAL LA 46 70.43 -66.77 50.74
N ARG LA 47 71.59 -67.17 51.28
CA ARG LA 47 72.01 -66.80 52.62
C ARG LA 47 73.36 -66.11 52.57
N GLY LA 48 73.52 -65.11 53.43
CA GLY LA 48 74.79 -64.42 53.53
C GLY LA 48 74.67 -63.26 54.49
N ASP LA 49 75.70 -62.42 54.49
CA ASP LA 49 75.62 -61.16 55.22
C ASP LA 49 74.60 -60.26 54.54
N VAL LA 50 74.01 -59.36 55.34
CA VAL LA 50 72.87 -58.55 54.87
C VAL LA 50 73.28 -57.59 53.76
N SER LA 51 74.52 -57.10 53.78
CA SER LA 51 75.02 -56.27 52.69
C SER LA 51 75.25 -57.09 51.43
N GLU LA 52 75.72 -58.33 51.59
CA GLU LA 52 75.89 -59.21 50.44
C GLU LA 52 74.54 -59.70 49.93
N VAL LA 53 73.59 -59.93 50.82
CA VAL LA 53 72.28 -60.42 50.42
C VAL LA 53 71.51 -59.31 49.70
N GLN LA 54 71.66 -58.06 50.16
CA GLN LA 54 71.03 -56.93 49.48
C GLN LA 54 71.64 -56.68 48.11
N ALA LA 55 72.96 -56.85 47.99
CA ALA LA 55 73.63 -56.63 46.71
C ALA LA 55 73.31 -57.73 45.72
N SER LA 56 73.07 -58.94 46.21
CA SER LA 56 72.79 -60.05 45.31
C SER LA 56 71.34 -60.05 44.85
N VAL LA 57 70.41 -59.81 45.76
CA VAL LA 57 68.98 -59.85 45.44
C VAL LA 57 68.62 -58.71 44.49
N SER LA 58 69.27 -57.56 44.64
CA SER LA 58 69.08 -56.47 43.70
C SER LA 58 69.65 -56.82 42.32
N ALA LA 59 70.82 -57.46 42.30
CA ALA LA 59 71.45 -57.79 41.03
C ALA LA 59 70.78 -58.99 40.36
N GLY LA 60 70.15 -59.86 41.15
CA GLY LA 60 69.37 -60.94 40.59
C GLY LA 60 68.03 -60.48 40.06
N THR LA 61 67.59 -59.28 40.45
CA THR LA 61 66.31 -58.77 39.99
C THR LA 61 66.41 -58.21 38.57
N GLU LA 62 67.48 -57.46 38.27
CA GLU LA 62 67.59 -56.88 36.93
C GLU LA 62 68.03 -57.92 35.91
N SER LA 63 68.60 -59.05 36.35
CA SER LA 63 69.04 -60.07 35.42
C SER LA 63 67.88 -60.90 34.90
N VAL LA 64 66.72 -60.85 35.54
CA VAL LA 64 65.53 -61.50 35.00
C VAL LA 64 65.03 -60.76 33.77
N LYS LA 65 65.33 -59.46 33.66
CA LYS LA 65 64.98 -58.71 32.46
C LYS LA 65 65.81 -59.14 31.25
N ARG LA 66 66.95 -59.81 31.47
CA ARG LA 66 67.66 -60.44 30.37
C ARG LA 66 66.85 -61.60 29.78
N VAL LA 67 66.11 -62.31 30.63
CA VAL LA 67 65.31 -63.44 30.18
C VAL LA 67 64.06 -62.92 29.48
N ASN LA 68 63.84 -63.36 28.25
CA ASN LA 68 62.60 -63.07 27.55
C ASN LA 68 61.49 -63.92 28.15
N GLY LA 69 60.40 -63.27 28.54
CA GLY LA 69 59.34 -63.99 29.21
C GLY LA 69 59.60 -64.27 30.68
N GLY LA 70 60.61 -63.64 31.26
CA GLY LA 70 60.91 -63.75 32.68
C GLY LA 70 60.36 -62.55 33.42
N GLN LA 71 59.83 -62.80 34.62
CA GLN LA 71 59.16 -61.77 35.39
C GLN LA 71 59.36 -62.03 36.88
N VAL LA 72 59.89 -61.04 37.59
CA VAL LA 72 60.05 -61.10 39.03
C VAL LA 72 58.70 -60.77 39.66
N LEU LA 73 58.19 -61.67 40.50
CA LEU LA 73 56.93 -61.42 41.18
C LEU LA 73 57.16 -60.71 42.51
N SER LA 74 58.09 -61.21 43.32
CA SER LA 74 58.30 -60.67 44.65
C SER LA 74 59.73 -60.94 45.09
N THR LA 75 60.35 -59.92 45.69
CA THR LA 75 61.65 -60.07 46.32
C THR LA 75 61.54 -59.61 47.76
N HIS LA 76 62.35 -60.22 48.62
CA HIS LA 76 62.41 -59.80 50.02
C HIS LA 76 63.76 -60.19 50.63
N ILE LA 77 64.21 -59.37 51.56
CA ILE LA 77 65.43 -59.61 52.32
C ILE LA 77 65.08 -59.53 53.80
N ILE LA 78 65.42 -60.58 54.54
CA ILE LA 78 65.29 -60.59 55.99
C ILE LA 78 66.70 -60.53 56.57
N ALA LA 79 66.99 -59.46 57.30
CA ALA LA 79 68.37 -59.18 57.72
C ALA LA 79 68.83 -60.11 58.83
N ARG LA 80 67.91 -60.51 59.71
CA ARG LA 80 68.26 -61.36 60.85
C ARG LA 80 67.06 -62.24 61.14
N PRO LA 81 66.94 -63.37 60.43
CA PRO LA 81 65.81 -64.26 60.66
C PRO LA 81 65.92 -65.00 61.97
N HIS LA 82 64.77 -65.32 62.53
CA HIS LA 82 64.70 -66.11 63.75
C HIS LA 82 65.18 -67.53 63.48
N GLU LA 83 65.70 -68.18 64.52
CA GLU LA 83 66.21 -69.54 64.40
C GLU LA 83 65.09 -70.57 64.27
N ASN LA 84 63.83 -70.19 64.53
CA ASN LA 84 62.69 -71.06 64.27
C ASN LA 84 62.46 -71.28 62.78
N LEU LA 85 62.90 -70.33 61.95
CA LEU LA 85 62.52 -70.34 60.54
C LEU LA 85 63.30 -71.40 59.75
N GLU LA 86 64.51 -71.74 60.18
CA GLU LA 86 65.32 -72.68 59.41
C GLU LA 86 64.86 -74.12 59.61
N TYR LA 87 64.08 -74.38 60.67
CA TYR LA 87 63.64 -75.74 60.92
C TYR LA 87 62.28 -76.01 60.28
N VAL LA 88 61.58 -74.96 59.85
CA VAL LA 88 60.31 -75.16 59.18
C VAL LA 88 60.41 -74.80 57.70
N LEU LA 89 60.88 -73.63 57.40
CA LEU LA 89 60.97 -73.14 56.04
C LEU LA 89 62.29 -73.60 55.40
N PRO LA 90 62.29 -73.87 54.09
CA PRO LA 90 63.53 -74.31 53.41
C PRO LA 90 64.48 -73.16 53.10
N ILE LA 91 64.96 -72.51 54.15
CA ILE LA 91 65.95 -71.45 54.05
C ILE LA 91 67.26 -71.82 54.71
N ARG LA 92 67.41 -73.05 55.18
CA ARG LA 92 68.57 -73.42 55.95
C ARG LA 92 69.70 -73.91 55.05
N TYR LA 93 70.91 -73.90 55.60
CA TYR LA 93 72.04 -74.50 54.93
C TYR LA 93 71.93 -76.02 54.96
N THR LA 94 71.75 -76.61 53.79
CA THR LA 94 71.84 -78.05 53.66
C THR LA 94 73.31 -78.46 53.57
N GLU LA 95 73.55 -79.77 53.70
CA GLU LA 95 74.93 -80.25 53.74
C GLU LA 95 75.56 -80.27 52.36
N GLU LA 96 74.76 -80.19 51.30
CA GLU LA 96 75.30 -80.19 49.94
C GLU LA 96 75.89 -78.83 49.57
N VAL LA 97 75.47 -77.78 50.26
CA VAL LA 97 75.91 -76.42 49.93
C VAL LA 97 76.83 -75.85 51.01
N GLU LA 98 77.41 -76.70 51.85
CA GLU LA 98 78.32 -76.22 52.88
C GLU LA 98 79.70 -75.90 52.33
N GLN LA 99 80.00 -76.31 51.10
CA GLN LA 99 81.27 -75.95 50.48
C GLN LA 99 81.26 -74.51 49.97
N PHE LA 100 80.08 -73.90 49.85
CA PHE LA 100 79.97 -72.55 49.33
C PHE LA 100 79.72 -71.50 50.41
N ARG LA 101 79.64 -71.91 51.67
CA ARG LA 101 79.39 -70.96 52.75
C ARG LA 101 80.61 -70.12 53.07
N ALA MA 2 93.70 -66.29 16.40
CA ALA MA 2 93.69 -67.37 17.38
C ALA MA 2 92.32 -67.46 18.04
N VAL MA 3 92.24 -66.97 19.28
CA VAL MA 3 90.95 -66.88 19.96
C VAL MA 3 90.21 -65.66 19.46
N ALA MA 4 88.90 -65.63 19.69
CA ALA MA 4 88.08 -64.52 19.22
C ALA MA 4 88.36 -63.26 20.04
N VAL MA 5 87.89 -62.14 19.52
CA VAL MA 5 88.00 -60.85 20.21
C VAL MA 5 86.63 -60.20 20.22
N GLY MA 6 86.23 -59.69 21.37
CA GLY MA 6 84.99 -58.95 21.50
C GLY MA 6 85.23 -57.61 22.17
N MET MA 7 84.50 -56.61 21.71
CA MET MA 7 84.66 -55.24 22.20
C MET MA 7 83.30 -54.69 22.59
N ILE MA 8 83.25 -53.97 23.70
CA ILE MA 8 82.08 -53.18 24.07
C ILE MA 8 82.57 -51.76 24.33
N GLU MA 9 82.04 -50.81 23.57
CA GLU MA 9 82.35 -49.40 23.79
C GLU MA 9 81.21 -48.74 24.53
N THR MA 10 81.51 -48.19 25.70
CA THR MA 10 80.52 -47.47 26.50
C THR MA 10 80.90 -45.99 26.55
N LEU MA 11 79.92 -45.18 26.92
CA LEU MA 11 80.14 -43.76 27.21
C LEU MA 11 80.27 -43.64 28.72
N GLY MA 12 81.51 -43.49 29.19
CA GLY MA 12 81.74 -43.40 30.61
C GLY MA 12 82.52 -44.57 31.20
N PHE MA 13 83.33 -44.28 32.21
CA PHE MA 13 84.12 -45.29 32.90
C PHE MA 13 83.36 -46.17 33.90
N PRO MA 14 82.38 -45.68 34.68
CA PRO MA 14 81.61 -46.65 35.50
C PRO MA 14 80.79 -47.63 34.68
N ALA MA 15 80.40 -47.28 33.46
CA ALA MA 15 79.67 -48.22 32.62
C ALA MA 15 80.61 -49.26 32.02
N VAL MA 16 81.87 -48.90 31.80
CA VAL MA 16 82.77 -49.82 31.11
C VAL MA 16 83.37 -50.82 32.10
N VAL MA 17 83.31 -50.51 33.40
CA VAL MA 17 83.76 -51.47 34.40
C VAL MA 17 82.64 -52.46 34.70
N GLU MA 18 81.39 -51.99 34.70
CA GLU MA 18 80.25 -52.89 34.84
C GLU MA 18 80.10 -53.78 33.60
N ALA MA 19 80.42 -53.25 32.41
CA ALA MA 19 80.43 -54.06 31.21
C ALA MA 19 81.54 -55.10 31.26
N ALA MA 20 82.74 -54.71 31.69
CA ALA MA 20 83.86 -55.65 31.75
C ALA MA 20 83.65 -56.69 32.84
N ASP MA 21 83.00 -56.31 33.95
CA ASP MA 21 82.73 -57.27 35.01
C ASP MA 21 81.65 -58.26 34.61
N ALA MA 22 80.69 -57.82 33.81
CA ALA MA 22 79.63 -58.72 33.37
C ALA MA 22 80.13 -59.67 32.29
N MET MA 23 81.19 -59.28 31.56
CA MET MA 23 81.69 -60.14 30.49
C MET MA 23 82.46 -61.32 31.05
N VAL MA 24 83.34 -61.08 32.03
CA VAL MA 24 84.19 -62.16 32.52
C VAL MA 24 83.43 -63.03 33.52
N LYS MA 25 82.25 -62.59 33.96
CA LYS MA 25 81.41 -63.44 34.80
C LYS MA 25 80.49 -64.30 33.96
N ALA MA 26 80.11 -63.84 32.77
CA ALA MA 26 79.13 -64.54 31.97
C ALA MA 26 79.71 -65.79 31.33
N ALA MA 27 80.94 -65.70 30.80
CA ALA MA 27 81.52 -66.80 30.06
C ALA MA 27 83.01 -66.85 30.32
N ARG MA 28 83.66 -67.84 29.69
CA ARG MA 28 85.09 -68.08 29.85
C ARG MA 28 85.88 -67.20 28.89
N VAL MA 29 85.82 -65.90 29.14
CA VAL MA 29 86.59 -64.93 28.38
C VAL MA 29 87.59 -64.28 29.31
N THR MA 30 88.66 -63.76 28.73
CA THR MA 30 89.68 -63.03 29.45
C THR MA 30 89.63 -61.57 29.03
N LEU MA 31 89.34 -60.69 29.98
CA LEU MA 31 89.49 -59.26 29.77
C LEU MA 31 90.98 -58.95 29.61
N VAL MA 32 91.37 -58.48 28.44
CA VAL MA 32 92.78 -58.25 28.15
C VAL MA 32 93.10 -56.78 27.93
N GLY MA 33 92.12 -55.95 27.63
CA GLY MA 33 92.40 -54.64 27.07
C GLY MA 33 91.44 -53.60 27.58
N TYR MA 34 91.82 -52.34 27.36
CA TYR MA 34 91.13 -51.19 27.90
C TYR MA 34 91.58 -49.99 27.08
N GLU MA 35 90.65 -49.36 26.36
CA GLU MA 35 91.00 -48.39 25.35
C GLU MA 35 90.17 -47.12 25.50
N LYS MA 36 90.83 -45.97 25.45
CA LYS MA 36 90.19 -44.67 25.49
C LYS MA 36 90.55 -43.93 24.21
N ILE MA 37 89.54 -43.42 23.51
CA ILE MA 37 89.73 -42.77 22.23
C ILE MA 37 89.23 -41.33 22.24
N GLY MA 38 88.76 -40.83 23.37
CA GLY MA 38 88.21 -39.50 23.46
C GLY MA 38 86.70 -39.48 23.39
N THR MA 39 86.15 -38.30 23.67
CA THR MA 39 84.71 -38.05 23.94
C THR MA 39 84.10 -39.02 24.93
N GLY MA 40 84.86 -39.45 25.93
CA GLY MA 40 84.35 -40.39 26.91
C GLY MA 40 84.10 -41.79 26.42
N ARG MA 41 84.49 -42.10 25.18
CA ARG MA 41 84.23 -43.41 24.59
C ARG MA 41 85.32 -44.38 25.05
N VAL MA 42 84.93 -45.31 25.91
CA VAL MA 42 85.85 -46.25 26.52
C VAL MA 42 85.48 -47.66 26.07
N THR MA 43 86.49 -48.44 25.68
CA THR MA 43 86.29 -49.77 25.14
C THR MA 43 87.04 -50.79 25.98
N VAL MA 44 86.39 -51.90 26.30
CA VAL MA 44 87.04 -53.06 26.92
C VAL MA 44 87.06 -54.20 25.92
N ILE MA 45 88.17 -54.94 25.92
CA ILE MA 45 88.44 -55.98 24.93
C ILE MA 45 88.55 -57.31 25.66
N VAL MA 46 87.73 -58.27 25.26
CA VAL MA 46 87.82 -59.62 25.81
C VAL MA 46 88.30 -60.57 24.73
N ARG MA 47 89.03 -61.60 25.16
CA ARG MA 47 89.47 -62.67 24.28
C ARG MA 47 88.90 -63.99 24.78
N GLY MA 48 88.66 -64.92 23.86
CA GLY MA 48 88.15 -66.21 24.22
C GLY MA 48 87.64 -66.93 23.00
N ASP MA 49 86.94 -68.03 23.23
CA ASP MA 49 86.25 -68.69 22.13
C ASP MA 49 85.09 -67.82 21.65
N VAL MA 50 84.70 -68.01 20.39
CA VAL MA 50 83.72 -67.14 19.77
C VAL MA 50 82.34 -67.29 20.39
N SER MA 51 82.01 -68.49 20.87
CA SER MA 51 80.74 -68.68 21.57
C SER MA 51 80.77 -68.03 22.95
N GLU MA 52 81.94 -68.08 23.62
CA GLU MA 52 82.06 -67.44 24.92
C GLU MA 52 82.12 -65.92 24.78
N VAL MA 53 82.73 -65.42 23.70
CA VAL MA 53 82.77 -63.99 23.47
C VAL MA 53 81.39 -63.45 23.13
N GLN MA 54 80.59 -64.23 22.40
CA GLN MA 54 79.24 -63.82 22.06
C GLN MA 54 78.33 -63.80 23.30
N ALA MA 55 78.54 -64.73 24.22
CA ALA MA 55 77.72 -64.76 25.43
C ALA MA 55 78.14 -63.66 26.40
N SER MA 56 79.42 -63.29 26.38
CA SER MA 56 79.89 -62.25 27.30
C SER MA 56 79.51 -60.86 26.81
N VAL MA 57 79.59 -60.61 25.50
CA VAL MA 57 79.29 -59.31 24.94
C VAL MA 57 77.80 -59.02 25.07
N SER MA 58 76.96 -60.04 24.92
CA SER MA 58 75.52 -59.86 25.09
C SER MA 58 75.15 -59.60 26.55
N ALA MA 59 75.92 -60.15 27.48
CA ALA MA 59 75.65 -59.91 28.89
C ALA MA 59 76.26 -58.59 29.34
N GLY MA 60 77.39 -58.19 28.74
CA GLY MA 60 77.98 -56.91 29.07
C GLY MA 60 77.21 -55.74 28.51
N THR MA 61 76.47 -55.95 27.43
CA THR MA 61 75.61 -54.91 26.88
C THR MA 61 74.39 -54.68 27.77
N GLU MA 62 73.82 -55.76 28.31
CA GLU MA 62 72.64 -55.65 29.15
C GLU MA 62 72.94 -55.04 30.50
N SER MA 63 74.19 -55.12 30.96
CA SER MA 63 74.54 -54.65 32.30
C SER MA 63 74.81 -53.16 32.35
N VAL MA 64 75.01 -52.52 31.19
CA VAL MA 64 75.19 -51.08 31.18
C VAL MA 64 73.85 -50.38 31.38
N LYS MA 65 72.75 -51.06 31.06
CA LYS MA 65 71.42 -50.51 31.27
C LYS MA 65 71.08 -50.32 32.74
N ARG MA 66 71.74 -51.05 33.64
CA ARG MA 66 71.54 -50.83 35.07
C ARG MA 66 72.41 -49.73 35.64
N VAL MA 67 73.42 -49.27 34.89
CA VAL MA 67 74.22 -48.13 35.30
C VAL MA 67 73.50 -46.84 34.91
N ASN MA 68 73.27 -45.96 35.88
CA ASN MA 68 72.67 -44.67 35.61
C ASN MA 68 73.74 -43.71 35.08
N GLY MA 69 73.57 -43.27 33.83
CA GLY MA 69 74.55 -42.43 33.18
C GLY MA 69 75.48 -43.17 32.25
N GLY MA 70 75.24 -44.46 31.99
CA GLY MA 70 76.06 -45.22 31.08
C GLY MA 70 75.26 -45.65 29.87
N GLN MA 71 75.98 -45.85 28.77
CA GLN MA 71 75.34 -46.13 27.49
C GLN MA 71 76.31 -46.87 26.59
N VAL MA 72 75.86 -48.02 26.09
CA VAL MA 72 76.62 -48.80 25.12
C VAL MA 72 76.57 -48.06 23.79
N LEU MA 73 77.74 -47.73 23.24
CA LEU MA 73 77.78 -47.04 21.96
C LEU MA 73 77.97 -48.05 20.82
N SER MA 74 78.87 -49.01 21.00
CA SER MA 74 79.18 -49.93 19.93
C SER MA 74 79.71 -51.23 20.52
N THR MA 75 79.24 -52.34 19.98
CA THR MA 75 79.75 -53.66 20.30
C THR MA 75 80.13 -54.37 19.02
N HIS MA 76 81.15 -55.23 19.10
CA HIS MA 76 81.53 -56.05 17.95
C HIS MA 76 82.25 -57.28 18.42
N ILE MA 77 82.16 -58.34 17.60
CA ILE MA 77 82.78 -59.64 17.84
C ILE MA 77 83.44 -60.09 16.55
N ILE MA 78 84.71 -60.46 16.62
CA ILE MA 78 85.44 -61.04 15.50
C ILE MA 78 85.85 -62.45 15.89
N ALA MA 79 85.46 -63.44 15.08
CA ALA MA 79 85.61 -64.84 15.45
C ALA MA 79 87.07 -65.26 15.48
N ARG MA 80 87.88 -64.75 14.56
CA ARG MA 80 89.31 -65.03 14.53
C ARG MA 80 89.99 -63.83 13.89
N PRO MA 81 90.55 -62.93 14.68
CA PRO MA 81 91.25 -61.78 14.11
C PRO MA 81 92.54 -62.20 13.42
N HIS MA 82 92.99 -61.34 12.52
CA HIS MA 82 94.25 -61.57 11.82
C HIS MA 82 95.41 -61.41 12.78
N GLU MA 83 96.55 -62.02 12.43
CA GLU MA 83 97.75 -61.90 13.25
C GLU MA 83 98.36 -60.50 13.15
N ASN MA 84 97.99 -59.74 12.10
CA ASN MA 84 98.42 -58.36 11.97
C ASN MA 84 97.83 -57.47 13.04
N LEU MA 85 96.61 -57.78 13.51
CA LEU MA 85 95.92 -56.90 14.43
C LEU MA 85 96.48 -56.97 15.85
N GLU MA 86 97.19 -58.05 16.18
CA GLU MA 86 97.72 -58.19 17.52
C GLU MA 86 98.90 -57.24 17.75
N TYR MA 87 99.62 -56.89 16.69
CA TYR MA 87 100.81 -56.06 16.85
C TYR MA 87 100.48 -54.58 16.73
N VAL MA 88 99.37 -54.24 16.07
CA VAL MA 88 99.04 -52.83 15.89
C VAL MA 88 97.98 -52.40 16.89
N LEU MA 89 96.92 -53.16 17.02
CA LEU MA 89 95.81 -52.84 17.89
C LEU MA 89 96.00 -53.50 19.26
N PRO MA 90 95.56 -52.84 20.34
CA PRO MA 90 95.75 -53.39 21.69
C PRO MA 90 94.71 -54.44 22.07
N ILE MA 91 94.68 -55.53 21.30
CA ILE MA 91 93.77 -56.64 21.55
C ILE MA 91 94.49 -57.91 21.96
N ARG MA 92 95.81 -57.84 22.15
CA ARG MA 92 96.58 -59.04 22.45
C ARG MA 92 96.60 -59.31 23.95
N TYR MA 93 96.93 -60.55 24.29
CA TYR MA 93 97.11 -60.94 25.69
C TYR MA 93 98.36 -60.27 26.25
N THR MA 94 98.18 -59.54 27.35
CA THR MA 94 99.32 -58.98 28.06
C THR MA 94 99.90 -60.04 29.00
N GLU MA 95 101.03 -59.69 29.62
CA GLU MA 95 101.70 -60.61 30.53
C GLU MA 95 100.93 -60.76 31.83
N GLU MA 96 100.20 -59.72 32.24
CA GLU MA 96 99.53 -59.72 33.54
C GLU MA 96 98.25 -60.56 33.51
N VAL MA 97 97.69 -60.80 32.33
CA VAL MA 97 96.40 -61.46 32.21
C VAL MA 97 96.55 -62.92 31.77
N GLU MA 98 97.77 -63.47 31.80
CA GLU MA 98 97.96 -64.85 31.38
C GLU MA 98 97.47 -65.85 32.41
N GLN MA 99 97.21 -65.42 33.64
CA GLN MA 99 96.65 -66.33 34.64
C GLN MA 99 95.18 -66.60 34.40
N PHE MA 100 94.50 -65.71 33.69
CA PHE MA 100 93.07 -65.85 33.41
C PHE MA 100 92.78 -66.45 32.04
N ARG MA 101 93.81 -66.81 31.27
CA ARG MA 101 93.62 -67.36 29.94
C ARG MA 101 93.17 -68.82 30.00
N MET NA 1 64.83 -83.73 -5.74
CA MET NA 1 65.32 -84.10 -4.41
C MET NA 1 66.39 -85.17 -4.49
N GLN NA 2 67.14 -85.31 -3.40
CA GLN NA 2 68.12 -86.37 -3.25
C GLN NA 2 67.87 -87.07 -1.92
N MET NA 3 68.20 -88.36 -1.88
CA MET NA 3 68.17 -89.11 -0.63
C MET NA 3 69.50 -88.94 0.08
N ALA NA 4 69.45 -88.64 1.36
CA ALA NA 4 70.66 -88.43 2.15
C ALA NA 4 70.48 -89.06 3.52
N LYS NA 5 71.61 -89.36 4.14
CA LYS NA 5 71.65 -89.89 5.51
C LYS NA 5 72.22 -88.81 6.43
N VAL NA 6 71.58 -88.61 7.56
CA VAL NA 6 72.02 -87.61 8.54
C VAL NA 6 73.28 -88.16 9.21
N CYS NA 7 74.43 -87.55 8.93
CA CYS NA 7 75.67 -88.02 9.52
C CYS NA 7 76.14 -87.11 10.64
N GLY NA 8 75.59 -85.90 10.75
CA GLY NA 8 75.98 -85.06 11.85
C GLY NA 8 75.39 -83.67 11.77
N THR NA 9 75.90 -82.80 12.65
CA THR NA 9 75.41 -81.44 12.79
C THR NA 9 76.57 -80.48 12.57
N VAL NA 10 76.26 -79.31 12.01
CA VAL NA 10 77.21 -78.22 11.84
C VAL NA 10 76.70 -77.01 12.60
N VAL NA 11 77.53 -76.48 13.50
CA VAL NA 11 77.16 -75.35 14.33
C VAL NA 11 78.11 -74.20 13.99
N GLY NA 12 77.54 -73.07 13.61
CA GLY NA 12 78.32 -71.86 13.43
C GLY NA 12 77.75 -70.73 14.27
N THR NA 13 78.61 -70.03 15.01
CA THR NA 13 78.13 -68.92 15.84
C THR NA 13 78.22 -67.58 15.15
N GLN NA 14 79.29 -67.32 14.40
CA GLN NA 14 79.43 -66.12 13.60
C GLN NA 14 78.80 -66.38 12.23
N LYS NA 15 77.63 -65.81 12.00
CA LYS NA 15 76.88 -66.06 10.78
C LYS NA 15 76.09 -64.80 10.44
N LEU NA 16 75.32 -64.89 9.37
CA LEU NA 16 74.42 -63.81 9.02
C LEU NA 16 73.25 -63.77 10.00
N PRO NA 17 72.67 -62.59 10.23
CA PRO NA 17 71.53 -62.51 11.15
C PRO NA 17 70.27 -63.21 10.63
N SER NA 18 70.19 -63.43 9.32
CA SER NA 18 69.08 -64.21 8.78
C SER NA 18 69.32 -65.71 8.88
N MET NA 19 70.50 -66.12 9.32
CA MET NA 19 70.80 -67.54 9.46
C MET NA 19 70.59 -68.05 10.88
N THR NA 20 70.10 -67.22 11.80
CA THR NA 20 69.92 -67.68 13.17
C THR NA 20 68.61 -68.44 13.31
N GLY NA 21 68.59 -69.41 14.23
CA GLY NA 21 67.47 -70.30 14.38
C GLY NA 21 67.41 -71.43 13.37
N VAL NA 22 68.32 -71.46 12.40
CA VAL NA 22 68.32 -72.48 11.35
C VAL NA 22 69.18 -73.64 11.83
N LYS NA 23 68.56 -74.82 11.95
CA LYS NA 23 69.26 -76.03 12.33
C LYS NA 23 69.97 -76.61 11.11
N LEU NA 24 71.28 -76.78 11.20
CA LEU NA 24 72.11 -77.20 10.08
C LEU NA 24 72.57 -78.63 10.29
N LEU NA 25 72.17 -79.52 9.39
CA LEU NA 25 72.53 -80.92 9.44
C LEU NA 25 73.56 -81.24 8.37
N LEU NA 26 74.58 -81.99 8.76
CA LEU NA 26 75.56 -82.55 7.83
C LEU NA 26 74.98 -83.85 7.30
N LEU NA 27 74.69 -83.89 6.01
CA LEU NA 27 74.01 -85.01 5.37
C LEU NA 27 74.90 -85.61 4.31
N GLN NA 28 75.09 -86.92 4.35
CA GLN NA 28 75.81 -87.61 3.30
C GLN NA 28 74.81 -88.24 2.34
N PHE NA 29 75.01 -88.00 1.05
CA PHE NA 29 74.12 -88.54 0.04
C PHE NA 29 74.30 -90.04 -0.11
N ILE NA 30 73.19 -90.74 -0.25
CA ILE NA 30 73.15 -92.17 -0.49
C ILE NA 30 72.64 -92.40 -1.90
N ASP NA 31 73.04 -93.51 -2.51
CA ASP NA 31 72.64 -93.75 -3.89
C ASP NA 31 71.26 -94.40 -3.93
N ALA NA 32 70.82 -94.74 -5.15
CA ALA NA 32 69.54 -95.43 -5.30
C ALA NA 32 69.62 -96.88 -4.83
N ASN NA 33 70.83 -97.44 -4.74
CA ASN NA 33 70.98 -98.81 -4.25
C ASN NA 33 71.10 -98.87 -2.74
N GLY NA 34 71.41 -97.75 -2.08
CA GLY NA 34 71.45 -97.69 -0.64
C GLY NA 34 72.80 -97.39 -0.01
N GLU NA 35 73.88 -97.34 -0.79
CA GLU NA 35 75.21 -97.13 -0.25
C GLU NA 35 75.54 -95.64 -0.19
N LEU NA 36 76.46 -95.30 0.71
CA LEU NA 36 76.83 -93.91 0.91
C LEU NA 36 77.73 -93.42 -0.23
N LEU NA 37 77.36 -92.30 -0.83
CA LEU NA 37 78.16 -91.67 -1.85
C LEU NA 37 79.21 -90.77 -1.22
N PRO NA 38 80.37 -90.57 -1.88
CA PRO NA 38 81.36 -89.61 -1.37
C PRO NA 38 80.99 -88.17 -1.73
N LYS NA 39 79.84 -87.73 -1.24
CA LYS NA 39 79.30 -86.41 -1.53
C LYS NA 39 78.36 -86.04 -0.38
N TYR NA 40 78.48 -84.81 0.10
CA TYR NA 40 77.74 -84.37 1.27
C TYR NA 40 76.97 -83.10 0.97
N GLU NA 41 76.23 -82.65 1.97
CA GLU NA 41 75.49 -81.41 1.94
C GLU NA 41 75.28 -80.93 3.36
N VAL NA 42 75.20 -79.62 3.54
CA VAL NA 42 74.72 -79.02 4.78
C VAL NA 42 73.39 -78.37 4.46
N ALA NA 43 72.34 -78.80 5.14
CA ALA NA 43 70.99 -78.35 4.82
C ALA NA 43 70.27 -77.88 6.07
N ALA NA 44 69.31 -76.98 5.86
CA ALA NA 44 68.37 -76.62 6.91
C ALA NA 44 67.43 -77.78 7.19
N ASP NA 45 66.96 -77.86 8.43
CA ASP NA 45 66.16 -78.98 8.90
C ASP NA 45 64.89 -78.46 9.58
N PRO NA 46 63.85 -78.14 8.82
CA PRO NA 46 62.56 -77.82 9.45
C PRO NA 46 61.82 -79.06 9.93
N VAL NA 47 61.91 -80.16 9.18
CA VAL NA 47 61.35 -81.44 9.58
C VAL NA 47 62.38 -82.09 10.49
N GLY NA 48 62.05 -82.25 11.76
CA GLY NA 48 63.06 -82.56 12.77
C GLY NA 48 63.65 -83.95 12.60
N ALA NA 49 64.91 -84.00 12.15
CA ALA NA 49 65.57 -85.24 11.77
C ALA NA 49 66.84 -85.40 12.57
N GLY NA 50 67.07 -86.61 13.07
CA GLY NA 50 68.24 -86.90 13.88
C GLY NA 50 69.23 -87.79 13.17
N LEU NA 51 70.31 -88.10 13.90
CA LEU NA 51 71.46 -88.79 13.33
C LEU NA 51 71.12 -90.21 12.92
N GLY NA 52 71.39 -90.53 11.66
CA GLY NA 52 71.14 -91.84 11.11
C GLY NA 52 69.92 -91.94 10.22
N GLU NA 53 69.05 -90.95 10.22
CA GLU NA 53 67.81 -91.02 9.46
C GLU NA 53 68.07 -90.80 7.97
N TRP NA 54 67.15 -91.29 7.16
CA TRP NA 54 67.14 -91.05 5.73
C TRP NA 54 66.21 -89.89 5.43
N VAL NA 55 66.72 -88.88 4.72
CA VAL NA 55 65.96 -87.67 4.47
C VAL NA 55 65.93 -87.39 2.97
N LEU NA 56 64.94 -86.60 2.57
CA LEU NA 56 64.89 -86.04 1.23
C LEU NA 56 65.38 -84.60 1.29
N VAL NA 57 66.33 -84.26 0.43
CA VAL NA 57 66.98 -82.95 0.45
C VAL NA 57 66.77 -82.30 -0.90
N ASN NA 58 66.22 -81.09 -0.90
CA ASN NA 58 66.14 -80.34 -2.14
C ASN NA 58 67.36 -79.43 -2.26
N ARG NA 59 67.54 -78.83 -3.42
CA ARG NA 59 68.68 -77.96 -3.65
C ARG NA 59 68.20 -76.70 -4.33
N GLY NA 60 68.92 -75.60 -4.07
CA GLY NA 60 68.66 -74.36 -4.76
C GLY NA 60 67.61 -73.49 -4.11
N SER NA 61 66.80 -72.82 -4.92
CA SER NA 61 65.79 -71.90 -4.44
C SER NA 61 64.54 -72.61 -3.93
N ALA NA 62 64.47 -73.93 -4.03
CA ALA NA 62 63.39 -74.68 -3.41
C ALA NA 62 63.53 -74.75 -1.90
N ALA NA 63 64.73 -74.50 -1.37
CA ALA NA 63 64.94 -74.44 0.07
C ALA NA 63 64.28 -73.23 0.69
N ARG NA 64 63.90 -72.22 -0.10
CA ARG NA 64 63.32 -70.99 0.38
C ARG NA 64 61.83 -70.91 0.14
N GLN NA 65 61.14 -72.05 0.10
CA GLN NA 65 59.72 -72.09 -0.24
C GLN NA 65 58.82 -72.37 0.97
N THR NA 66 59.38 -72.64 2.14
CA THR NA 66 58.58 -73.08 3.28
C THR NA 66 58.09 -71.91 4.14
N GLU NA 67 58.00 -70.71 3.54
CA GLU NA 67 57.36 -69.48 4.03
C GLU NA 67 57.99 -68.91 5.31
N TYR NA 68 59.03 -69.54 5.85
CA TYR NA 68 59.85 -68.90 6.86
C TYR NA 68 61.35 -69.02 6.55
N HIS NA 69 61.69 -69.72 5.47
CA HIS NA 69 63.04 -69.70 4.92
C HIS NA 69 63.15 -68.80 3.71
N GLN NA 70 62.20 -67.86 3.56
CA GLN NA 70 61.99 -67.19 2.28
C GLN NA 70 63.12 -66.22 1.92
N ASN NA 71 63.55 -65.40 2.87
CA ASN NA 71 64.59 -64.43 2.62
C ASN NA 71 65.90 -64.84 3.29
N ARG NA 72 66.04 -66.11 3.60
CA ARG NA 72 67.20 -66.73 4.23
C ARG NA 72 68.14 -67.27 3.17
N PRO NA 73 69.45 -67.10 3.34
CA PRO NA 73 70.42 -67.58 2.33
C PRO NA 73 70.68 -69.07 2.41
N LEU NA 74 69.64 -69.84 2.08
CA LEU NA 74 69.68 -71.30 2.15
C LEU NA 74 69.53 -71.88 0.75
N ASP NA 75 70.36 -72.87 0.44
CA ASP NA 75 70.29 -73.55 -0.86
C ASP NA 75 70.10 -75.05 -0.71
N ALA NA 76 69.79 -75.53 0.49
CA ALA NA 76 69.55 -76.94 0.74
C ALA NA 76 68.67 -77.05 1.98
N MET NA 77 67.73 -77.98 1.94
CA MET NA 77 66.75 -78.10 3.01
C MET NA 77 66.24 -79.54 3.05
N VAL NA 78 66.14 -80.11 4.24
CA VAL NA 78 65.44 -81.38 4.41
C VAL NA 78 63.94 -81.11 4.28
N VAL NA 79 63.31 -81.75 3.30
CA VAL NA 79 61.88 -81.56 3.07
C VAL NA 79 61.06 -82.72 3.63
N ALA NA 80 61.65 -83.88 3.82
CA ALA NA 80 60.92 -85.05 4.27
C ALA NA 80 61.88 -86.00 4.97
N ILE NA 81 61.35 -86.73 5.94
CA ILE NA 81 62.04 -87.88 6.49
C ILE NA 81 61.50 -89.11 5.78
N ILE NA 82 62.41 -89.91 5.22
CA ILE NA 82 62.02 -91.04 4.40
C ILE NA 82 61.47 -92.14 5.28
N ASP NA 83 60.25 -92.57 5.00
CA ASP NA 83 59.66 -93.74 5.63
C ASP NA 83 60.01 -95.02 4.90
N THR NA 84 59.76 -95.07 3.59
CA THR NA 84 59.93 -96.29 2.81
C THR NA 84 60.48 -95.94 1.44
N VAL NA 85 61.51 -96.68 1.02
CA VAL NA 85 61.99 -96.67 -0.35
C VAL NA 85 61.69 -98.04 -0.94
N THR NA 86 60.86 -98.07 -1.98
CA THR NA 86 60.54 -99.29 -2.70
C THR NA 86 61.17 -99.19 -4.08
N VAL NA 87 62.07 -100.12 -4.40
CA VAL NA 87 62.74 -100.15 -5.69
C VAL NA 87 62.39 -101.48 -6.36
N ASN NA 88 61.82 -101.39 -7.57
CA ASN NA 88 61.41 -102.55 -8.39
C ASN NA 88 60.43 -103.45 -7.63
N ASN NA 89 59.44 -102.82 -6.99
CA ASN NA 89 58.43 -103.41 -6.11
C ASN NA 89 59.02 -104.15 -4.92
N ARG NA 90 60.28 -103.89 -4.56
CA ARG NA 90 60.94 -104.49 -3.41
C ARG NA 90 61.31 -103.37 -2.45
N ARG NA 91 60.98 -103.54 -1.18
CA ARG NA 91 61.28 -102.52 -0.17
C ARG NA 91 62.78 -102.48 0.10
N LEU NA 92 63.38 -101.33 -0.19
CA LEU NA 92 64.79 -101.08 0.09
C LEU NA 92 65.04 -100.55 1.49
N TYR NA 93 64.16 -99.67 1.98
CA TYR NA 93 64.31 -99.03 3.27
C TYR NA 93 62.97 -99.03 3.97
N GLY NA 94 63.00 -99.20 5.29
CA GLY NA 94 61.79 -99.18 6.08
C GLY NA 94 61.28 -100.56 6.43
N ALA OA 2 105.81 -44.02 -3.21
CA ALA OA 2 106.13 -45.21 -2.41
C ALA OA 2 105.02 -46.24 -2.52
N VAL OA 3 105.05 -47.22 -1.61
CA VAL OA 3 104.01 -48.24 -1.53
C VAL OA 3 102.70 -47.57 -1.09
N ALA OA 4 101.59 -48.00 -1.70
CA ALA OA 4 100.31 -47.31 -1.53
C ALA OA 4 99.79 -47.41 -0.11
N VAL OA 5 99.03 -46.39 0.29
CA VAL OA 5 98.53 -46.27 1.65
C VAL OA 5 97.02 -46.08 1.60
N GLY OA 6 96.31 -46.83 2.43
CA GLY OA 6 94.87 -46.66 2.57
C GLY OA 6 94.51 -46.37 4.01
N MET OA 7 93.53 -45.49 4.19
CA MET OA 7 93.10 -45.07 5.51
C MET OA 7 91.59 -45.19 5.60
N ILE OA 8 91.11 -45.73 6.71
CA ILE OA 8 89.69 -45.71 7.06
C ILE OA 8 89.56 -45.05 8.42
N GLU OA 9 88.85 -43.93 8.48
CA GLU OA 9 88.55 -43.27 9.73
C GLU OA 9 87.14 -43.64 10.18
N THR OA 10 87.02 -44.19 11.38
CA THR OA 10 85.73 -44.51 11.95
C THR OA 10 85.52 -43.76 13.24
N LEU OA 11 84.25 -43.62 13.62
CA LEU OA 11 83.87 -43.05 14.90
C LEU OA 11 83.62 -44.21 15.85
N GLY OA 12 84.64 -44.56 16.64
CA GLY OA 12 84.51 -45.67 17.56
C GLY OA 12 85.57 -46.74 17.38
N PHE OA 13 85.99 -47.34 18.49
CA PHE OA 13 87.01 -48.39 18.47
C PHE OA 13 86.52 -49.78 18.03
N PRO OA 14 85.29 -50.25 18.36
CA PRO OA 14 84.85 -51.49 17.71
C PRO OA 14 84.68 -51.39 16.21
N ALA OA 15 84.40 -50.20 15.68
CA ALA OA 15 84.26 -50.04 14.24
C ALA OA 15 85.62 -49.99 13.55
N VAL OA 16 86.66 -49.57 14.26
CA VAL OA 16 87.97 -49.43 13.62
C VAL OA 16 88.71 -50.75 13.65
N VAL OA 17 88.33 -51.65 14.57
CA VAL OA 17 88.95 -52.97 14.59
C VAL OA 17 88.33 -53.86 13.52
N GLU OA 18 87.03 -53.71 13.29
CA GLU OA 18 86.39 -54.39 12.17
C GLU OA 18 86.88 -53.83 10.84
N ALA OA 19 87.15 -52.52 10.78
CA ALA OA 19 87.77 -51.95 9.59
C ALA OA 19 89.17 -52.51 9.37
N ALA OA 20 89.96 -52.60 10.44
CA ALA OA 20 91.32 -53.12 10.30
C ALA OA 20 91.31 -54.62 10.03
N ASP OA 21 90.34 -55.35 10.57
CA ASP OA 21 90.29 -56.79 10.36
C ASP OA 21 89.81 -57.14 8.96
N ALA OA 22 88.83 -56.40 8.43
CA ALA OA 22 88.30 -56.71 7.11
C ALA OA 22 89.25 -56.25 6.02
N MET OA 23 90.14 -55.30 6.31
CA MET OA 23 91.08 -54.84 5.30
C MET OA 23 92.16 -55.87 5.04
N VAL OA 24 92.72 -56.45 6.11
CA VAL OA 24 93.79 -57.43 5.92
C VAL OA 24 93.23 -58.80 5.58
N LYS OA 25 91.91 -58.97 5.66
CA LYS OA 25 91.30 -60.23 5.26
C LYS OA 25 90.79 -60.18 3.82
N ALA OA 26 90.55 -58.98 3.29
CA ALA OA 26 90.02 -58.88 1.94
C ALA OA 26 91.14 -58.98 0.91
N ALA OA 27 92.33 -58.48 1.24
CA ALA OA 27 93.43 -58.43 0.30
C ALA OA 27 94.75 -58.55 1.04
N ARG OA 28 95.84 -58.58 0.27
CA ARG OA 28 97.18 -58.72 0.82
C ARG OA 28 97.73 -57.32 1.12
N VAL OA 29 97.21 -56.73 2.20
CA VAL OA 29 97.69 -55.47 2.71
C VAL OA 29 98.32 -55.71 4.06
N THR OA 30 99.10 -54.74 4.52
CA THR OA 30 99.72 -54.79 5.84
C THR OA 30 99.20 -53.62 6.66
N LEU OA 31 98.42 -53.93 7.68
CA LEU OA 31 98.01 -52.93 8.66
C LEU OA 31 99.24 -52.48 9.44
N VAL OA 32 99.64 -51.22 9.26
CA VAL OA 32 100.85 -50.72 9.88
C VAL OA 32 100.59 -49.72 10.99
N GLY OA 33 99.43 -49.09 11.01
CA GLY OA 33 99.23 -47.93 11.85
C GLY OA 33 97.84 -47.88 12.42
N TYR OA 34 97.70 -47.06 13.45
CA TYR OA 34 96.46 -46.94 14.21
C TYR OA 34 96.52 -45.60 14.90
N GLU OA 35 95.66 -44.67 14.49
CA GLU OA 35 95.82 -43.27 14.79
C GLU OA 35 94.57 -42.68 15.43
N LYS OA 36 94.74 -42.08 16.59
CA LYS OA 36 93.67 -41.40 17.31
C LYS OA 36 93.96 -39.90 17.28
N ILE OA 37 92.98 -39.12 16.83
CA ILE OA 37 93.13 -37.68 16.71
C ILE OA 37 92.13 -36.93 17.59
N GLY OA 38 91.38 -37.65 18.43
CA GLY OA 38 90.43 -37.03 19.32
C GLY OA 38 89.00 -37.10 18.83
N THR OA 39 88.08 -36.92 19.77
CA THR OA 39 86.63 -37.06 19.63
C THR OA 39 86.22 -38.39 18.98
N GLY OA 40 86.89 -39.48 19.31
CA GLY OA 40 86.50 -40.78 18.80
C GLY OA 40 86.85 -41.05 17.36
N ARG OA 41 87.47 -40.10 16.67
CA ARG OA 41 87.91 -40.31 15.29
C ARG OA 41 89.17 -41.16 15.30
N VAL OA 42 89.02 -42.44 14.98
CA VAL OA 42 90.11 -43.40 14.99
C VAL OA 42 90.37 -43.85 13.56
N THR OA 43 91.65 -43.89 13.18
CA THR OA 43 92.06 -44.20 11.81
C THR OA 43 93.06 -45.34 11.84
N VAL OA 44 92.80 -46.37 11.03
CA VAL OA 44 93.75 -47.44 10.76
C VAL OA 44 94.36 -47.22 9.39
N ILE OA 45 95.62 -47.60 9.25
CA ILE OA 45 96.42 -47.34 8.07
C ILE OA 45 96.97 -48.65 7.55
N VAL OA 46 96.67 -48.98 6.29
CA VAL OA 46 97.21 -50.18 5.66
C VAL OA 46 98.19 -49.74 4.56
N ARG OA 47 99.14 -50.62 4.28
CA ARG OA 47 100.07 -50.45 3.17
C ARG OA 47 99.99 -51.66 2.26
N GLY OA 48 100.29 -51.47 0.99
CA GLY OA 48 100.31 -52.57 0.05
C GLY OA 48 100.27 -52.05 -1.36
N ASP OA 49 100.10 -52.97 -2.30
CA ASP OA 49 99.91 -52.60 -3.69
C ASP OA 49 98.56 -51.93 -3.88
N VAL OA 50 98.43 -51.20 -4.99
CA VAL OA 50 97.24 -50.39 -5.24
C VAL OA 50 96.02 -51.26 -5.47
N SER OA 51 96.22 -52.43 -6.09
CA SER OA 51 95.12 -53.37 -6.26
C SER OA 51 94.64 -53.93 -4.93
N GLU OA 52 95.57 -54.19 -4.01
CA GLU OA 52 95.19 -54.70 -2.70
C GLU OA 52 94.58 -53.62 -1.83
N VAL OA 53 95.14 -52.40 -1.87
CA VAL OA 53 94.67 -51.33 -0.99
C VAL OA 53 93.29 -50.85 -1.43
N GLN OA 54 93.03 -50.79 -2.74
CA GLN OA 54 91.71 -50.42 -3.23
C GLN OA 54 90.67 -51.46 -2.88
N ALA OA 55 91.04 -52.74 -2.91
CA ALA OA 55 90.11 -53.80 -2.55
C ALA OA 55 89.87 -53.84 -1.04
N SER OA 56 90.91 -53.55 -0.26
CA SER OA 56 90.80 -53.63 1.19
C SER OA 56 89.97 -52.48 1.75
N VAL OA 57 90.21 -51.26 1.27
CA VAL OA 57 89.52 -50.08 1.80
C VAL OA 57 88.04 -50.12 1.41
N SER OA 58 87.75 -50.60 0.20
CA SER OA 58 86.36 -50.69 -0.25
C SER OA 58 85.61 -51.79 0.49
N ALA OA 59 86.28 -52.90 0.79
CA ALA OA 59 85.63 -53.96 1.55
C ALA OA 59 85.64 -53.66 3.04
N GLY OA 60 86.64 -52.92 3.50
CA GLY OA 60 86.66 -52.51 4.90
C GLY OA 60 85.63 -51.45 5.23
N THR OA 61 85.18 -50.70 4.23
CA THR OA 61 84.16 -49.68 4.46
C THR OA 61 82.78 -50.31 4.60
N GLU OA 62 82.51 -51.36 3.83
CA GLU OA 62 81.21 -52.02 3.90
C GLU OA 62 81.06 -52.85 5.17
N SER OA 63 82.17 -53.30 5.74
CA SER OA 63 82.10 -54.13 6.93
C SER OA 63 81.78 -53.32 8.18
N VAL OA 64 82.16 -52.03 8.20
CA VAL OA 64 81.84 -51.17 9.33
C VAL OA 64 80.35 -50.90 9.44
N LYS OA 65 79.64 -50.85 8.32
CA LYS OA 65 78.18 -50.77 8.36
C LYS OA 65 77.54 -52.14 8.45
N ARG OA 66 78.07 -52.96 9.35
CA ARG OA 66 77.51 -54.23 9.78
C ARG OA 66 77.78 -54.32 11.28
N VAL OA 67 78.38 -53.25 11.81
CA VAL OA 67 78.65 -53.09 13.24
C VAL OA 67 77.63 -52.13 13.80
N ASN OA 68 77.04 -52.48 14.93
CA ASN OA 68 76.09 -51.58 15.59
C ASN OA 68 76.85 -50.44 16.25
N GLY OA 69 76.44 -49.20 15.95
CA GLY OA 69 77.18 -48.06 16.44
C GLY OA 69 78.42 -47.73 15.66
N GLY OA 70 78.63 -48.39 14.51
CA GLY OA 70 79.79 -48.16 13.67
C GLY OA 70 79.46 -47.18 12.57
N GLN OA 71 80.37 -46.21 12.39
CA GLN OA 71 80.19 -45.15 11.40
C GLN OA 71 81.53 -44.85 10.75
N VAL OA 72 81.56 -44.92 9.42
CA VAL OA 72 82.75 -44.53 8.66
C VAL OA 72 82.72 -43.02 8.49
N LEU OA 73 83.77 -42.35 8.96
CA LEU OA 73 83.85 -40.91 8.79
C LEU OA 73 84.55 -40.54 7.50
N SER OA 74 85.67 -41.19 7.21
CA SER OA 74 86.49 -40.80 6.07
C SER OA 74 87.31 -41.99 5.61
N THR OA 75 87.34 -42.19 4.29
CA THR OA 75 88.17 -43.20 3.67
C THR OA 75 88.98 -42.53 2.57
N HIS OA 76 90.23 -42.97 2.43
CA HIS OA 76 91.06 -42.48 1.33
C HIS OA 76 92.13 -43.50 0.99
N ILE OA 77 92.53 -43.48 -0.28
CA ILE OA 77 93.63 -44.29 -0.81
C ILE OA 77 94.57 -43.35 -1.55
N ILE OA 78 95.85 -43.39 -1.19
CA ILE OA 78 96.90 -42.70 -1.93
C ILE OA 78 97.76 -43.76 -2.59
N ALA OA 79 97.68 -43.85 -3.93
CA ALA OA 79 98.27 -44.96 -4.66
C ALA OA 79 99.79 -44.87 -4.70
N ARG OA 80 100.33 -43.67 -4.58
CA ARG OA 80 101.78 -43.45 -4.66
C ARG OA 80 102.14 -42.28 -3.77
N PRO OA 81 102.27 -42.51 -2.47
CA PRO OA 81 102.60 -41.39 -1.57
C PRO OA 81 104.05 -40.99 -1.72
N HIS OA 82 104.30 -39.71 -1.47
CA HIS OA 82 105.65 -39.16 -1.50
C HIS OA 82 106.49 -39.74 -0.37
N GLU OA 83 107.80 -39.79 -0.60
CA GLU OA 83 108.72 -40.32 0.39
C GLU OA 83 108.88 -39.40 1.58
N ASN OA 84 108.46 -38.14 1.47
CA ASN OA 84 108.43 -37.23 2.60
C ASN OA 84 107.42 -37.64 3.66
N LEU OA 85 106.33 -38.28 3.23
CA LEU OA 85 105.21 -38.54 4.15
C LEU OA 85 105.51 -39.67 5.12
N GLU OA 86 106.49 -40.51 4.81
CA GLU OA 86 106.82 -41.62 5.71
C GLU OA 86 107.49 -41.11 6.98
N TYR OA 87 108.23 -40.01 6.89
CA TYR OA 87 109.03 -39.55 8.02
C TYR OA 87 108.25 -38.60 8.91
N VAL OA 88 107.12 -38.09 8.43
CA VAL OA 88 106.34 -37.15 9.22
C VAL OA 88 105.06 -37.80 9.73
N LEU OA 89 104.35 -38.47 8.87
CA LEU OA 89 103.07 -39.07 9.20
C LEU OA 89 103.25 -40.51 9.66
N PRO OA 90 102.42 -40.99 10.59
CA PRO OA 90 102.52 -42.39 11.06
C PRO OA 90 101.89 -43.38 10.10
N ILE OA 91 102.41 -43.44 8.87
CA ILE OA 91 101.93 -44.35 7.84
C ILE OA 91 103.00 -45.34 7.41
N ARG OA 92 104.13 -45.39 8.12
CA ARG OA 92 105.27 -46.18 7.65
C ARG OA 92 105.26 -47.57 8.27
N TYR OA 93 106.04 -48.46 7.65
CA TYR OA 93 106.20 -49.80 8.17
C TYR OA 93 107.03 -49.79 9.44
N THR OA 94 106.42 -50.18 10.55
CA THR OA 94 107.14 -50.36 11.79
C THR OA 94 107.78 -51.75 11.83
N GLU OA 95 108.66 -51.96 12.80
CA GLU OA 95 109.48 -53.18 12.80
C GLU OA 95 108.72 -54.38 13.33
N GLU OA 96 107.54 -54.17 13.92
CA GLU OA 96 106.76 -55.31 14.42
C GLU OA 96 105.83 -55.85 13.34
N VAL OA 97 105.62 -55.09 12.27
CA VAL OA 97 104.75 -55.52 11.17
C VAL OA 97 105.56 -55.85 9.92
N GLU OA 98 106.87 -56.07 10.06
CA GLU OA 98 107.70 -56.41 8.90
C GLU OA 98 107.51 -57.85 8.46
N GLN OA 99 106.86 -58.69 9.27
CA GLN OA 99 106.61 -60.07 8.86
C GLN OA 99 105.44 -60.16 7.90
N PHE OA 100 104.53 -59.19 7.93
CA PHE OA 100 103.33 -59.22 7.11
C PHE OA 100 103.50 -58.50 5.78
N ARG OA 101 104.64 -57.86 5.54
CA ARG OA 101 104.86 -57.14 4.29
C ARG OA 101 105.10 -58.10 3.13
N ALA PA 2 112.51 -16.27 8.15
CA ALA PA 2 113.07 -17.56 7.76
C ALA PA 2 112.41 -18.09 6.50
N VAL PA 3 112.67 -19.36 6.19
CA VAL PA 3 112.00 -20.06 5.11
C VAL PA 3 110.51 -20.15 5.41
N ALA PA 4 109.67 -19.88 4.40
CA ALA PA 4 108.24 -19.72 4.60
C ALA PA 4 107.58 -21.01 5.08
N VAL PA 5 106.48 -20.85 5.81
CA VAL PA 5 105.77 -21.96 6.42
C VAL PA 5 104.33 -21.94 5.97
N GLY PA 6 103.82 -23.08 5.57
CA GLY PA 6 102.41 -23.22 5.22
C GLY PA 6 101.77 -24.30 6.07
N MET PA 7 100.54 -24.04 6.50
CA MET PA 7 99.80 -24.95 7.36
C MET PA 7 98.43 -25.19 6.75
N ILE PA 8 98.00 -26.45 6.73
CA ILE PA 8 96.63 -26.82 6.39
C ILE PA 8 96.07 -27.60 7.57
N GLU PA 9 94.99 -27.10 8.15
CA GLU PA 9 94.29 -27.82 9.21
C GLU PA 9 93.03 -28.45 8.63
N THR PA 10 92.91 -29.77 8.79
CA THR PA 10 91.73 -30.50 8.34
C THR PA 10 91.04 -31.15 9.52
N LEU PA 11 89.79 -31.54 9.29
CA LEU PA 11 89.02 -32.33 10.24
C LEU PA 11 89.13 -33.78 9.79
N GLY PA 12 90.07 -34.52 10.37
CA GLY PA 12 90.24 -35.91 10.01
C GLY PA 12 91.62 -36.25 9.51
N PHE PA 13 92.07 -37.46 9.82
CA PHE PA 13 93.38 -37.95 9.39
C PHE PA 13 93.47 -38.42 7.94
N PRO PA 14 92.46 -39.05 7.31
CA PRO PA 14 92.58 -39.29 5.86
C PRO PA 14 92.64 -38.02 5.02
N ALA PA 15 92.04 -36.93 5.48
CA ALA PA 15 92.11 -35.68 4.73
C ALA PA 15 93.46 -35.01 4.88
N VAL PA 16 94.15 -35.26 6.00
CA VAL PA 16 95.39 -34.53 6.27
C VAL PA 16 96.56 -35.22 5.59
N VAL PA 17 96.41 -36.50 5.25
CA VAL PA 17 97.46 -37.20 4.51
C VAL PA 17 97.34 -36.90 3.03
N GLU PA 18 96.11 -36.76 2.53
CA GLU PA 18 95.91 -36.34 1.14
C GLU PA 18 96.29 -34.89 0.94
N ALA PA 19 96.07 -34.05 1.95
CA ALA PA 19 96.55 -32.67 1.88
C ALA PA 19 98.07 -32.60 1.90
N ALA PA 20 98.71 -33.43 2.73
CA ALA PA 20 100.16 -33.44 2.80
C ALA PA 20 100.78 -34.04 1.54
N ASP PA 21 100.10 -35.02 0.94
CA ASP PA 21 100.62 -35.64 -0.27
C ASP PA 21 100.44 -34.73 -1.48
N ALA PA 22 99.37 -33.95 -1.51
CA ALA PA 22 99.17 -33.02 -2.62
C ALA PA 22 100.10 -31.82 -2.50
N MET PA 23 100.53 -31.49 -1.29
CA MET PA 23 101.38 -30.32 -1.11
C MET PA 23 102.79 -30.57 -1.61
N VAL PA 24 103.37 -31.71 -1.25
CA VAL PA 24 104.76 -31.96 -1.61
C VAL PA 24 104.88 -32.46 -3.05
N LYS PA 25 103.77 -32.78 -3.69
CA LYS PA 25 103.80 -33.13 -5.10
C LYS PA 25 103.61 -31.90 -5.98
N ALA PA 26 102.91 -30.89 -5.48
CA ALA PA 26 102.56 -29.74 -6.30
C ALA PA 26 103.74 -28.78 -6.45
N ALA PA 27 104.59 -28.68 -5.44
CA ALA PA 27 105.66 -27.70 -5.45
C ALA PA 27 106.86 -28.24 -4.68
N ARG PA 28 107.91 -27.41 -4.60
CA ARG PA 28 109.15 -27.77 -3.93
C ARG PA 28 109.09 -27.35 -2.46
N VAL PA 29 108.13 -27.93 -1.76
CA VAL PA 29 107.99 -27.73 -0.32
C VAL PA 29 108.45 -29.01 0.36
N THR PA 30 108.80 -28.86 1.64
CA THR PA 30 109.19 -29.98 2.48
C THR PA 30 108.17 -30.09 3.61
N LEU PA 31 107.44 -31.21 3.65
CA LEU PA 31 106.59 -31.51 4.79
C LEU PA 31 107.47 -31.79 6.00
N VAL PA 32 107.34 -30.96 7.03
CA VAL PA 32 108.18 -31.08 8.21
C VAL PA 32 107.38 -31.39 9.46
N GLY PA 33 106.07 -31.17 9.47
CA GLY PA 33 105.34 -31.10 10.71
C GLY PA 33 104.02 -31.81 10.63
N TYR PA 34 103.53 -32.23 11.79
CA TYR PA 34 102.29 -32.97 11.94
C TYR PA 34 101.80 -32.74 13.34
N GLU PA 35 100.69 -32.03 13.49
CA GLU PA 35 100.25 -31.54 14.79
C GLU PA 35 98.80 -31.89 15.05
N LYS PA 36 98.55 -32.50 16.20
CA LYS PA 36 97.21 -32.81 16.67
C LYS PA 36 96.92 -31.93 17.87
N ILE PA 37 95.81 -31.18 17.80
CA ILE PA 37 95.44 -30.25 18.86
C ILE PA 37 94.10 -30.61 19.48
N GLY PA 38 93.47 -31.71 19.06
CA GLY PA 38 92.21 -32.14 19.62
C GLY PA 38 91.04 -31.87 18.70
N THR PA 39 89.92 -32.54 19.03
CA THR PA 39 88.66 -32.57 18.26
C THR PA 39 88.86 -32.90 16.78
N GLY PA 40 89.82 -33.76 16.46
CA GLY PA 40 90.05 -34.11 15.08
C GLY PA 40 90.71 -33.05 14.24
N ARG PA 41 91.11 -31.93 14.83
CA ARG PA 41 91.81 -30.88 14.12
C ARG PA 41 93.28 -31.27 13.98
N VAL PA 42 93.68 -31.61 12.77
CA VAL PA 42 95.02 -32.10 12.49
C VAL PA 42 95.67 -31.16 11.48
N THR PA 43 96.90 -30.74 11.77
CA THR PA 43 97.61 -29.77 10.96
C THR PA 43 98.90 -30.38 10.43
N VAL PA 44 99.09 -30.28 9.12
CA VAL PA 44 100.37 -30.59 8.48
C VAL PA 44 101.06 -29.28 8.11
N ILE PA 45 102.38 -29.27 8.22
CA ILE PA 45 103.19 -28.07 8.11
C ILE PA 45 104.25 -28.30 7.03
N VAL PA 46 104.26 -27.44 6.02
CA VAL PA 46 105.26 -27.51 4.97
C VAL PA 46 106.18 -26.29 5.08
N ARG PA 47 107.40 -26.46 4.58
CA ARG PA 47 108.38 -25.38 4.50
C ARG PA 47 108.92 -25.27 3.09
N GLY PA 48 109.12 -24.03 2.63
CA GLY PA 48 109.71 -23.81 1.34
C GLY PA 48 109.75 -22.33 1.04
N ASP PA 49 110.05 -22.01 -0.22
CA ASP PA 49 109.92 -20.64 -0.67
C ASP PA 49 108.44 -20.27 -0.74
N VAL PA 50 108.16 -18.97 -0.62
CA VAL PA 50 106.79 -18.49 -0.46
C VAL PA 50 105.94 -18.74 -1.70
N SER PA 51 106.55 -18.72 -2.89
CA SER PA 51 105.81 -19.04 -4.10
C SER PA 51 105.49 -20.54 -4.17
N GLU PA 52 106.41 -21.37 -3.68
CA GLU PA 52 106.16 -22.80 -3.64
C GLU PA 52 105.19 -23.17 -2.52
N VAL PA 53 105.25 -22.45 -1.41
CA VAL PA 53 104.35 -22.73 -0.29
C VAL PA 53 102.92 -22.30 -0.64
N GLN PA 54 102.78 -21.17 -1.35
CA GLN PA 54 101.47 -20.72 -1.79
C GLN PA 54 100.88 -21.66 -2.84
N ALA PA 55 101.73 -22.23 -3.70
CA ALA PA 55 101.25 -23.15 -4.72
C ALA PA 55 100.87 -24.50 -4.12
N SER PA 56 101.52 -24.88 -3.03
CA SER PA 56 101.25 -26.19 -2.43
C SER PA 56 100.01 -26.14 -1.55
N VAL PA 57 99.88 -25.08 -0.73
CA VAL PA 57 98.78 -24.98 0.22
C VAL PA 57 97.44 -24.83 -0.50
N SER PA 58 97.44 -24.13 -1.64
CA SER PA 58 96.23 -24.05 -2.44
C SER PA 58 95.92 -25.39 -3.12
N ALA PA 59 96.97 -26.14 -3.48
CA ALA PA 59 96.74 -27.44 -4.11
C ALA PA 59 96.41 -28.51 -3.09
N GLY PA 60 96.94 -28.37 -1.87
CA GLY PA 60 96.56 -29.29 -0.81
C GLY PA 60 95.17 -29.05 -0.29
N THR PA 61 94.65 -27.83 -0.47
CA THR PA 61 93.27 -27.54 -0.09
C THR PA 61 92.28 -28.15 -1.09
N GLU PA 62 92.65 -28.17 -2.37
CA GLU PA 62 91.76 -28.68 -3.39
C GLU PA 62 91.66 -30.20 -3.36
N SER PA 63 92.66 -30.87 -2.81
CA SER PA 63 92.66 -32.33 -2.81
C SER PA 63 91.89 -32.92 -1.62
N VAL PA 64 91.53 -32.09 -0.64
CA VAL PA 64 90.68 -32.56 0.45
C VAL PA 64 89.25 -32.76 -0.04
N LYS PA 65 88.86 -32.09 -1.13
CA LYS PA 65 87.57 -32.35 -1.76
C LYS PA 65 87.51 -33.74 -2.39
N ARG PA 66 88.66 -34.31 -2.74
CA ARG PA 66 88.69 -35.69 -3.22
C ARG PA 66 88.34 -36.67 -2.11
N VAL PA 67 88.70 -36.34 -0.87
CA VAL PA 67 88.41 -37.23 0.25
C VAL PA 67 86.96 -37.07 0.66
N ASN PA 68 86.27 -38.20 0.82
CA ASN PA 68 84.93 -38.18 1.37
C ASN PA 68 85.00 -38.05 2.88
N GLY PA 69 84.24 -37.11 3.44
CA GLY PA 69 84.33 -36.84 4.85
C GLY PA 69 85.51 -35.99 5.25
N GLY PA 70 86.23 -35.43 4.28
CA GLY PA 70 87.35 -34.55 4.54
C GLY PA 70 86.92 -33.10 4.43
N GLN PA 71 87.44 -32.28 5.34
CA GLN PA 71 87.05 -30.88 5.41
C GLN PA 71 88.24 -30.05 5.89
N VAL PA 72 88.64 -29.07 5.09
CA VAL PA 72 89.68 -28.13 5.46
C VAL PA 72 89.08 -27.15 6.46
N LEU PA 73 89.69 -27.04 7.64
CA LEU PA 73 89.21 -26.10 8.63
C LEU PA 73 89.90 -24.75 8.51
N SER PA 74 91.22 -24.76 8.35
CA SER PA 74 91.98 -23.52 8.33
C SER PA 74 93.29 -23.73 7.58
N THR PA 75 93.60 -22.80 6.69
CA THR PA 75 94.89 -22.75 6.02
C THR PA 75 95.52 -21.39 6.28
N HIS PA 76 96.86 -21.39 6.34
CA HIS PA 76 97.59 -20.14 6.47
C HIS PA 76 99.00 -20.31 5.94
N ILE PA 77 99.56 -19.21 5.45
CA ILE PA 77 100.92 -19.14 4.93
C ILE PA 77 101.60 -17.93 5.57
N ILE PA 78 102.76 -18.17 6.19
CA ILE PA 78 103.61 -17.09 6.68
C ILE PA 78 104.84 -17.03 5.79
N ALA PA 79 105.04 -15.88 5.14
CA ALA PA 79 106.09 -15.76 4.13
C ALA PA 79 107.47 -15.74 4.76
N ARG PA 80 107.59 -15.20 5.97
CA ARG PA 80 108.88 -15.07 6.64
C ARG PA 80 108.64 -15.23 8.14
N PRO PA 81 108.60 -16.46 8.63
CA PRO PA 81 108.42 -16.65 10.08
C PRO PA 81 109.66 -16.25 10.85
N HIS PA 82 109.43 -15.73 12.05
CA HIS PA 82 110.51 -15.33 12.94
C HIS PA 82 111.28 -16.55 13.40
N GLU PA 83 112.55 -16.33 13.77
CA GLU PA 83 113.42 -17.42 14.20
C GLU PA 83 113.03 -17.98 15.56
N ASN PA 84 112.23 -17.23 16.34
CA ASN PA 84 111.73 -17.71 17.61
C ASN PA 84 110.72 -18.83 17.44
N LEU PA 85 110.08 -18.90 16.27
CA LEU PA 85 108.95 -19.82 16.08
C LEU PA 85 109.41 -21.26 15.91
N GLU PA 86 110.60 -21.48 15.36
CA GLU PA 86 111.05 -22.86 15.10
C GLU PA 86 111.53 -23.53 16.39
N TYR PA 87 111.81 -22.75 17.42
CA TYR PA 87 112.29 -23.35 18.67
C TYR PA 87 111.14 -23.62 19.62
N VAL PA 88 109.95 -23.10 19.32
CA VAL PA 88 108.78 -23.36 20.17
C VAL PA 88 107.77 -24.20 19.43
N LEU PA 89 107.34 -23.74 18.28
CA LEU PA 89 106.33 -24.40 17.49
C LEU PA 89 106.95 -25.47 16.61
N PRO PA 90 106.23 -26.58 16.34
CA PRO PA 90 106.79 -27.64 15.49
C PRO PA 90 106.70 -27.34 14.00
N ILE PA 91 107.37 -26.27 13.59
CA ILE PA 91 107.47 -25.89 12.19
C ILE PA 91 108.90 -26.00 11.66
N ARG PA 92 109.80 -26.59 12.42
CA ARG PA 92 111.20 -26.62 12.04
C ARG PA 92 111.52 -27.87 11.23
N TYR PA 93 112.63 -27.79 10.50
CA TYR PA 93 113.17 -28.96 9.82
C TYR PA 93 113.75 -29.92 10.84
N THR PA 94 113.13 -31.07 10.97
CA THR PA 94 113.72 -32.13 11.78
C THR PA 94 114.81 -32.83 10.99
N GLU PA 95 115.55 -33.71 11.67
CA GLU PA 95 116.68 -34.38 11.02
C GLU PA 95 116.21 -35.44 10.02
N GLU PA 96 114.98 -35.94 10.20
CA GLU PA 96 114.48 -36.99 9.32
C GLU PA 96 114.06 -36.43 7.96
N VAL PA 97 113.77 -35.15 7.89
CA VAL PA 97 113.26 -34.53 6.67
C VAL PA 97 114.30 -33.67 5.98
N GLU PA 98 115.58 -33.79 6.36
CA GLU PA 98 116.61 -32.98 5.73
C GLU PA 98 117.01 -33.51 4.36
N GLN PA 99 116.59 -34.73 4.00
CA GLN PA 99 116.88 -35.24 2.67
C GLN PA 99 115.92 -34.65 1.62
N PHE PA 100 114.83 -34.03 2.06
CA PHE PA 100 113.84 -33.48 1.16
C PHE PA 100 113.88 -31.97 1.07
N ARG PA 101 114.82 -31.32 1.75
CA ARG PA 101 114.92 -29.86 1.73
C ARG PA 101 115.50 -29.36 0.41
N ALA QA 2 98.97 -55.85 -23.22
CA ALA QA 2 100.06 -55.86 -22.24
C ALA QA 2 99.63 -55.15 -20.97
N VAL QA 3 100.14 -53.94 -20.77
CA VAL QA 3 99.71 -53.12 -19.65
C VAL QA 3 98.39 -52.45 -19.99
N ALA QA 4 97.70 -51.94 -18.98
CA ALA QA 4 96.39 -51.32 -19.19
C ALA QA 4 96.53 -49.97 -19.89
N VAL QA 5 95.41 -49.45 -20.36
CA VAL QA 5 95.37 -48.15 -21.02
C VAL QA 5 94.22 -47.34 -20.43
N GLY QA 6 94.50 -46.10 -20.09
CA GLY QA 6 93.47 -45.20 -19.60
C GLY QA 6 93.46 -43.92 -20.40
N MET QA 7 92.26 -43.37 -20.56
CA MET QA 7 92.04 -42.18 -21.36
C MET QA 7 91.18 -41.21 -20.59
N ILE QA 8 91.57 -39.94 -20.59
CA ILE QA 8 90.72 -38.84 -20.11
C ILE QA 8 90.59 -37.86 -21.26
N GLU QA 9 89.36 -37.61 -21.68
CA GLU QA 9 89.10 -36.60 -22.70
C GLU QA 9 88.53 -35.36 -22.03
N THR QA 10 89.16 -34.22 -22.28
CA THR QA 10 88.71 -32.96 -21.77
C THR QA 10 88.36 -32.02 -22.91
N LEU QA 11 87.60 -30.99 -22.58
CA LEU QA 11 87.34 -29.87 -23.48
C LEU QA 11 88.35 -28.78 -23.14
N GLY QA 12 89.39 -28.66 -23.96
CA GLY QA 12 90.41 -27.67 -23.71
C GLY QA 12 91.77 -28.23 -23.39
N PHE QA 13 92.81 -27.54 -23.85
CA PHE QA 13 94.19 -27.91 -23.60
C PHE QA 13 94.73 -27.59 -22.20
N PRO QA 14 94.38 -26.48 -21.53
CA PRO QA 14 94.82 -26.35 -20.12
C PRO QA 14 94.20 -27.38 -19.19
N ALA QA 15 93.03 -27.92 -19.53
CA ALA QA 15 92.43 -28.95 -18.70
C ALA QA 15 93.09 -30.30 -18.93
N VAL QA 16 93.69 -30.50 -20.10
CA VAL QA 16 94.22 -31.82 -20.43
C VAL QA 16 95.66 -31.95 -19.94
N VAL QA 17 96.32 -30.82 -19.65
CA VAL QA 17 97.66 -30.87 -19.07
C VAL QA 17 97.57 -31.04 -17.57
N GLU QA 18 96.56 -30.44 -16.95
CA GLU QA 18 96.30 -30.69 -15.53
C GLU QA 18 95.81 -32.10 -15.29
N ALA QA 19 95.02 -32.65 -16.23
CA ALA QA 19 94.61 -34.04 -16.14
C ALA QA 19 95.80 -34.98 -16.31
N ALA QA 20 96.71 -34.66 -17.23
CA ALA QA 20 97.88 -35.50 -17.46
C ALA QA 20 98.86 -35.40 -16.31
N ASP QA 21 99.01 -34.21 -15.72
CA ASP QA 21 99.92 -34.04 -14.59
C ASP QA 21 99.38 -34.71 -13.34
N ALA QA 22 98.06 -34.77 -13.19
CA ALA QA 22 97.49 -35.41 -12.01
C ALA QA 22 97.58 -36.92 -12.12
N MET QA 23 97.62 -37.47 -13.33
CA MET QA 23 97.67 -38.92 -13.49
C MET QA 23 99.04 -39.49 -13.15
N VAL QA 24 100.11 -38.87 -13.66
CA VAL QA 24 101.42 -39.45 -13.48
C VAL QA 24 101.97 -39.15 -12.09
N LYS QA 25 101.36 -38.20 -11.38
CA LYS QA 25 101.73 -37.96 -10.00
C LYS QA 25 101.00 -38.91 -9.05
N ALA QA 26 99.77 -39.29 -9.39
CA ALA QA 26 98.95 -40.07 -8.46
C ALA QA 26 99.38 -41.52 -8.40
N ALA QA 27 99.79 -42.09 -9.54
CA ALA QA 27 100.10 -43.51 -9.59
C ALA QA 27 101.23 -43.75 -10.58
N ARG QA 28 101.66 -45.01 -10.65
CA ARG QA 28 102.78 -45.41 -11.51
C ARG QA 28 102.26 -45.71 -12.92
N VAL QA 29 101.84 -44.65 -13.59
CA VAL QA 29 101.41 -44.73 -14.97
C VAL QA 29 102.37 -43.92 -15.83
N THR QA 30 102.45 -44.29 -17.10
CA THR QA 30 103.26 -43.58 -18.07
C THR QA 30 102.33 -42.89 -19.05
N LEU QA 31 102.37 -41.56 -19.07
CA LEU QA 31 101.70 -40.80 -20.11
C LEU QA 31 102.42 -41.04 -21.43
N VAL QA 32 101.73 -41.67 -22.38
CA VAL QA 32 102.35 -42.05 -23.63
C VAL QA 32 101.78 -41.30 -24.82
N GLY QA 33 100.61 -40.71 -24.70
CA GLY QA 33 99.88 -40.26 -25.87
C GLY QA 33 99.12 -38.99 -25.61
N TYR QA 34 98.67 -38.38 -26.71
CA TYR QA 34 98.05 -37.07 -26.71
C TYR QA 34 97.29 -36.94 -28.02
N GLU QA 35 95.98 -36.85 -27.96
CA GLU QA 35 95.15 -37.00 -29.15
C GLU QA 35 94.15 -35.87 -29.26
N LYS QA 36 94.05 -35.28 -30.45
CA LYS QA 36 93.09 -34.24 -30.76
C LYS QA 36 92.18 -34.75 -31.87
N ILE QA 37 90.87 -34.72 -31.62
CA ILE QA 37 89.90 -35.23 -32.57
C ILE QA 37 88.98 -34.13 -33.11
N GLY QA 38 89.16 -32.90 -32.65
CA GLY QA 38 88.31 -31.81 -33.06
C GLY QA 38 87.29 -31.42 -32.00
N THR QA 39 86.64 -30.29 -32.24
CA THR QA 39 85.78 -29.55 -31.30
C THR QA 39 86.40 -29.35 -29.91
N GLY QA 40 87.72 -29.14 -29.86
CA GLY QA 40 88.40 -28.95 -28.60
C GLY QA 40 88.49 -30.19 -27.73
N ARG QA 41 88.09 -31.36 -28.23
CA ARG QA 41 88.11 -32.59 -27.48
C ARG QA 41 89.51 -33.17 -27.53
N VAL QA 42 90.23 -33.10 -26.42
CA VAL QA 42 91.62 -33.50 -26.35
C VAL QA 42 91.75 -34.64 -25.36
N THR QA 43 92.44 -35.70 -25.76
CA THR QA 43 92.57 -36.91 -24.97
C THR QA 43 94.03 -37.19 -24.66
N VAL QA 44 94.33 -37.49 -23.40
CA VAL QA 44 95.63 -37.98 -22.98
C VAL QA 44 95.51 -39.46 -22.61
N ILE QA 45 96.55 -40.22 -22.93
CA ILE QA 45 96.56 -41.67 -22.80
C ILE QA 45 97.66 -42.07 -21.85
N VAL QA 46 97.32 -42.82 -20.80
CA VAL QA 46 98.30 -43.35 -19.87
C VAL QA 46 98.33 -44.86 -19.96
N ARG QA 47 99.50 -45.43 -19.68
CA ARG QA 47 99.71 -46.87 -19.65
C ARG QA 47 100.25 -47.27 -18.29
N GLY QA 48 99.83 -48.44 -17.81
CA GLY QA 48 100.32 -48.94 -16.54
C GLY QA 48 99.54 -50.17 -16.16
N ASP QA 49 99.69 -50.58 -14.90
CA ASP QA 49 98.83 -51.62 -14.37
C ASP QA 49 97.42 -51.08 -14.21
N VAL QA 50 96.44 -52.00 -14.23
CA VAL QA 50 95.04 -51.60 -14.23
C VAL QA 50 94.64 -50.94 -12.92
N SER QA 51 95.28 -51.32 -11.81
CA SER QA 51 95.05 -50.63 -10.55
C SER QA 51 95.72 -49.25 -10.55
N GLU QA 52 96.89 -49.15 -11.20
CA GLU QA 52 97.57 -47.87 -11.32
C GLU QA 52 96.79 -46.93 -12.23
N VAL QA 53 96.22 -47.47 -13.31
CA VAL QA 53 95.46 -46.67 -14.25
C VAL QA 53 94.16 -46.19 -13.63
N GLN QA 54 93.51 -47.06 -12.84
CA GLN QA 54 92.24 -46.69 -12.20
C GLN QA 54 92.43 -45.59 -11.16
N ALA QA 55 93.57 -45.61 -10.46
CA ALA QA 55 93.83 -44.57 -9.47
C ALA QA 55 94.22 -43.26 -10.14
N SER QA 56 94.89 -43.34 -11.28
CA SER QA 56 95.33 -42.12 -11.96
C SER QA 56 94.18 -41.45 -12.71
N VAL QA 57 93.35 -42.24 -13.40
CA VAL QA 57 92.26 -41.69 -14.18
C VAL QA 57 91.21 -41.08 -13.27
N SER QA 58 91.00 -41.67 -12.09
CA SER QA 58 90.11 -41.08 -11.11
C SER QA 58 90.68 -39.78 -10.56
N ALA QA 59 91.99 -39.75 -10.29
CA ALA QA 59 92.61 -38.55 -9.74
C ALA QA 59 92.76 -37.47 -10.80
N GLY QA 60 92.93 -37.85 -12.06
CA GLY QA 60 92.96 -36.88 -13.13
C GLY QA 60 91.61 -36.28 -13.44
N THR QA 61 90.53 -36.96 -13.02
CA THR QA 61 89.19 -36.46 -13.30
C THR QA 61 88.82 -35.29 -12.39
N GLU QA 62 89.09 -35.40 -11.08
CA GLU QA 62 88.72 -34.31 -10.19
C GLU QA 62 89.69 -33.14 -10.26
N SER QA 63 90.85 -33.32 -10.90
CA SER QA 63 91.79 -32.22 -11.05
C SER QA 63 91.39 -31.28 -12.18
N VAL QA 64 90.52 -31.72 -13.09
CA VAL QA 64 90.00 -30.82 -14.11
C VAL QA 64 88.98 -29.87 -13.50
N LYS QA 65 88.34 -30.29 -12.40
CA LYS QA 65 87.37 -29.45 -11.71
C LYS QA 65 87.99 -28.20 -11.08
N ARG QA 66 89.29 -28.22 -10.82
CA ARG QA 66 89.98 -27.02 -10.35
C ARG QA 66 90.39 -26.09 -11.49
N VAL QA 67 90.35 -26.56 -12.74
CA VAL QA 67 90.62 -25.72 -13.89
C VAL QA 67 89.33 -25.03 -14.31
N ASN QA 68 89.33 -23.70 -14.28
CA ASN QA 68 88.19 -22.92 -14.72
C ASN QA 68 88.26 -22.76 -16.23
N GLY QA 69 87.29 -23.34 -16.93
CA GLY QA 69 87.25 -23.31 -18.38
C GLY QA 69 87.38 -24.65 -19.06
N GLY QA 70 87.62 -25.72 -18.29
CA GLY QA 70 87.71 -27.05 -18.86
C GLY QA 70 86.88 -28.03 -18.06
N GLN QA 71 86.43 -29.07 -18.76
CA GLN QA 71 85.60 -30.10 -18.15
C GLN QA 71 85.98 -31.44 -18.74
N VAL QA 72 85.71 -32.49 -17.98
CA VAL QA 72 85.95 -33.87 -18.42
C VAL QA 72 84.78 -34.28 -19.29
N LEU QA 73 85.07 -34.67 -20.54
CA LEU QA 73 84.00 -35.12 -21.43
C LEU QA 73 83.80 -36.63 -21.32
N SER QA 74 84.89 -37.38 -21.31
CA SER QA 74 84.80 -38.84 -21.28
C SER QA 74 86.06 -39.42 -20.67
N THR QA 75 85.88 -40.48 -19.88
CA THR QA 75 86.99 -41.24 -19.33
C THR QA 75 86.74 -42.72 -19.58
N HIS QA 76 87.81 -43.46 -19.79
CA HIS QA 76 87.70 -44.90 -19.95
C HIS QA 76 89.00 -45.57 -19.55
N ILE QA 77 88.87 -46.80 -19.05
CA ILE QA 77 89.98 -47.63 -18.62
C ILE QA 77 89.78 -49.01 -19.24
N ILE QA 78 90.80 -49.51 -19.93
CA ILE QA 78 90.79 -50.86 -20.49
C ILE QA 78 91.90 -51.65 -19.81
N ALA QA 79 91.53 -52.79 -19.20
CA ALA QA 79 92.44 -53.52 -18.33
C ALA QA 79 93.58 -54.15 -19.11
N ARG QA 80 93.30 -54.65 -20.31
CA ARG QA 80 94.33 -55.23 -21.17
C ARG QA 80 93.87 -55.10 -22.61
N PRO QA 81 94.37 -54.11 -23.35
CA PRO QA 81 93.95 -53.93 -24.74
C PRO QA 81 94.51 -55.02 -25.64
N HIS QA 82 93.84 -55.20 -26.77
CA HIS QA 82 94.27 -56.14 -27.80
C HIS QA 82 95.56 -55.65 -28.45
N GLU QA 83 96.30 -56.59 -29.04
CA GLU QA 83 97.53 -56.22 -29.74
C GLU QA 83 97.24 -55.50 -31.05
N ASN QA 84 96.02 -55.62 -31.56
CA ASN QA 84 95.61 -54.91 -32.77
C ASN QA 84 95.52 -53.40 -32.53
N LEU QA 85 95.20 -52.98 -31.31
CA LEU QA 85 94.99 -51.57 -31.03
C LEU QA 85 96.29 -50.79 -30.98
N GLU QA 86 97.40 -51.48 -30.71
CA GLU QA 86 98.68 -50.79 -30.57
C GLU QA 86 99.19 -50.28 -31.89
N TYR QA 87 98.80 -50.93 -32.99
CA TYR QA 87 99.31 -50.55 -34.30
C TYR QA 87 98.40 -49.54 -34.98
N VAL QA 88 97.11 -49.51 -34.60
CA VAL QA 88 96.18 -48.62 -35.26
C VAL QA 88 95.95 -47.37 -34.42
N LEU QA 89 95.68 -47.53 -33.16
CA LEU QA 89 95.38 -46.43 -32.27
C LEU QA 89 96.65 -45.95 -31.57
N PRO QA 90 96.77 -44.62 -31.33
CA PRO QA 90 97.98 -44.08 -30.69
C PRO QA 90 97.99 -44.25 -29.17
N ILE QA 91 97.97 -45.50 -28.72
CA ILE QA 91 98.02 -45.84 -27.31
C ILE QA 91 99.29 -46.59 -26.94
N ARG QA 92 100.25 -46.66 -27.85
CA ARG QA 92 101.45 -47.46 -27.60
C ARG QA 92 102.54 -46.60 -26.98
N TYR QA 93 103.53 -47.28 -26.41
CA TYR QA 93 104.71 -46.62 -25.88
C TYR QA 93 105.57 -46.11 -27.02
N THR QA 94 105.87 -44.82 -27.01
CA THR QA 94 106.86 -44.27 -27.92
C THR QA 94 108.25 -44.40 -27.32
N GLU QA 95 109.26 -44.14 -28.14
CA GLU QA 95 110.65 -44.26 -27.68
C GLU QA 95 111.05 -43.09 -26.78
N GLU QA 96 110.28 -42.01 -26.81
CA GLU QA 96 110.58 -40.86 -25.97
C GLU QA 96 110.17 -41.11 -24.51
N VAL QA 97 109.22 -42.01 -24.30
CA VAL QA 97 108.63 -42.21 -22.97
C VAL QA 97 109.04 -43.56 -22.38
N GLU QA 98 110.07 -44.20 -22.93
CA GLU QA 98 110.54 -45.45 -22.34
C GLU QA 98 111.34 -45.22 -21.07
N GLN QA 99 111.73 -43.97 -20.78
CA GLN QA 99 112.42 -43.66 -19.54
C GLN QA 99 111.48 -43.70 -18.35
N PHE QA 100 110.18 -43.55 -18.59
CA PHE QA 100 109.19 -43.46 -17.51
C PHE QA 100 108.40 -44.74 -17.33
N ARG QA 101 108.69 -45.79 -18.11
CA ARG QA 101 107.95 -47.04 -18.02
C ARG QA 101 108.34 -47.84 -16.77
N MET RA 1 74.08 -75.79 1.58
CA MET RA 1 75.41 -75.24 1.83
C MET RA 1 76.48 -76.30 1.71
N GLN RA 2 77.72 -75.85 1.53
CA GLN RA 2 78.89 -76.71 1.53
C GLN RA 2 79.87 -76.20 2.56
N MET RA 3 80.65 -77.11 3.12
CA MET RA 3 81.75 -76.73 3.99
C MET RA 3 82.98 -76.46 3.15
N ALA RA 4 83.62 -75.31 3.40
CA ALA RA 4 84.78 -74.92 2.63
C ALA RA 4 85.80 -74.31 3.57
N LYS RA 5 87.06 -74.38 3.15
CA LYS RA 5 88.17 -73.78 3.87
C LYS RA 5 88.66 -72.56 3.10
N VAL RA 6 88.87 -71.45 3.81
CA VAL RA 6 89.34 -70.21 3.19
C VAL RA 6 90.81 -70.41 2.83
N CYS RA 7 91.10 -70.47 1.54
CA CYS RA 7 92.48 -70.67 1.11
C CYS RA 7 93.11 -69.38 0.60
N GLY RA 8 92.31 -68.39 0.25
CA GLY RA 8 92.89 -67.13 -0.16
C GLY RA 8 91.87 -66.12 -0.59
N THR RA 9 92.38 -65.07 -1.25
CA THR RA 9 91.57 -63.95 -1.69
C THR RA 9 91.75 -63.76 -3.20
N VAL RA 10 90.70 -63.27 -3.84
CA VAL RA 10 90.72 -62.90 -5.25
C VAL RA 10 90.40 -61.43 -5.35
N VAL RA 11 91.30 -60.66 -5.95
CA VAL RA 11 91.12 -59.23 -6.15
C VAL RA 11 90.95 -58.96 -7.63
N GLY RA 12 89.84 -58.35 -8.00
CA GLY RA 12 89.64 -57.89 -9.36
C GLY RA 12 89.35 -56.40 -9.38
N THR RA 13 90.12 -55.64 -10.15
CA THR RA 13 89.90 -54.20 -10.22
C THR RA 13 88.96 -53.82 -11.35
N GLN RA 14 89.05 -54.49 -12.49
CA GLN RA 14 88.19 -54.25 -13.63
C GLN RA 14 86.99 -55.19 -13.52
N LYS RA 15 85.86 -54.68 -13.05
CA LYS RA 15 84.72 -55.51 -12.72
C LYS RA 15 83.44 -54.71 -13.00
N LEU RA 16 82.31 -55.34 -12.69
CA LEU RA 16 81.03 -54.65 -12.78
C LEU RA 16 80.90 -53.65 -11.64
N PRO RA 17 80.14 -52.57 -11.85
CA PRO RA 17 79.94 -51.59 -10.76
C PRO RA 17 79.16 -52.15 -9.58
N SER RA 18 78.32 -53.15 -9.81
CA SER RA 18 77.60 -53.79 -8.72
C SER RA 18 78.46 -54.79 -7.96
N MET RA 19 79.66 -55.08 -8.45
CA MET RA 19 80.60 -55.92 -7.74
C MET RA 19 81.55 -55.14 -6.85
N THR RA 20 81.31 -53.84 -6.66
CA THR RA 20 82.20 -52.99 -5.88
C THR RA 20 81.89 -53.12 -4.39
N GLY RA 21 82.93 -53.34 -3.59
CA GLY RA 21 82.77 -53.55 -2.18
C GLY RA 21 82.55 -54.98 -1.77
N VAL RA 22 82.43 -55.90 -2.72
CA VAL RA 22 82.23 -57.31 -2.46
C VAL RA 22 83.58 -57.95 -2.22
N LYS RA 23 83.79 -58.48 -1.03
CA LYS RA 23 85.03 -59.16 -0.68
C LYS RA 23 84.97 -60.59 -1.21
N LEU RA 24 85.95 -60.96 -2.04
CA LEU RA 24 85.96 -62.23 -2.74
C LEU RA 24 86.99 -63.15 -2.12
N LEU RA 25 86.53 -64.29 -1.62
CA LEU RA 25 87.38 -65.29 -0.99
C LEU RA 25 87.48 -66.53 -1.86
N LEU RA 26 88.70 -67.02 -2.00
CA LEU RA 26 88.96 -68.29 -2.67
C LEU RA 26 88.82 -69.39 -1.63
N LEU RA 27 87.78 -70.20 -1.76
CA LEU RA 27 87.47 -71.25 -0.81
C LEU RA 27 87.61 -72.60 -1.47
N GLN RA 28 88.43 -73.48 -0.90
CA GLN RA 28 88.51 -74.86 -1.33
C GLN RA 28 87.52 -75.69 -0.52
N PHE RA 29 86.79 -76.57 -1.20
CA PHE RA 29 85.80 -77.38 -0.52
C PHE RA 29 86.47 -78.52 0.24
N ILE RA 30 85.92 -78.80 1.42
CA ILE RA 30 86.37 -79.89 2.26
C ILE RA 30 85.25 -80.91 2.34
N ASP RA 31 85.60 -82.18 2.51
CA ASP RA 31 84.58 -83.22 2.49
C ASP RA 31 83.92 -83.34 3.87
N ALA RA 32 83.08 -84.36 4.02
CA ALA RA 32 82.40 -84.59 5.29
C ALA RA 32 83.35 -85.14 6.35
N ASN RA 33 84.49 -85.69 5.92
CA ASN RA 33 85.46 -86.21 6.89
C ASN RA 33 86.53 -85.18 7.22
N GLY RA 34 86.61 -84.09 6.45
CA GLY RA 34 87.50 -83.00 6.74
C GLY RA 34 88.69 -82.82 5.81
N GLU RA 35 88.84 -83.66 4.80
CA GLU RA 35 89.95 -83.54 3.86
C GLU RA 35 89.58 -82.61 2.72
N LEU RA 36 90.60 -82.00 2.12
CA LEU RA 36 90.39 -81.01 1.07
C LEU RA 36 90.01 -81.69 -0.23
N LEU RA 37 88.89 -81.29 -0.80
CA LEU RA 37 88.46 -81.78 -2.10
C LEU RA 37 89.15 -80.98 -3.20
N PRO RA 38 89.38 -81.59 -4.38
CA PRO RA 38 89.90 -80.83 -5.53
C PRO RA 38 88.80 -80.04 -6.26
N LYS RA 39 88.16 -79.14 -5.51
CA LYS RA 39 87.08 -78.31 -6.02
C LYS RA 39 87.05 -77.04 -5.20
N TYR RA 40 86.92 -75.90 -5.86
CA TYR RA 40 87.00 -74.61 -5.22
C TYR RA 40 85.78 -73.77 -5.57
N GLU RA 41 85.74 -72.58 -4.98
CA GLU RA 41 84.72 -71.58 -5.26
C GLU RA 41 85.29 -70.21 -4.93
N VAL RA 42 84.76 -69.19 -5.59
CA VAL RA 42 85.00 -67.81 -5.20
C VAL RA 42 83.66 -67.26 -4.72
N ALA RA 43 83.63 -66.82 -3.46
CA ALA RA 43 82.38 -66.43 -2.83
C ALA RA 43 82.51 -65.05 -2.19
N ALA RA 44 81.38 -64.36 -2.13
CA ALA RA 44 81.27 -63.15 -1.34
C ALA RA 44 81.34 -63.48 0.14
N ASP RA 45 81.87 -62.55 0.92
CA ASP RA 45 82.14 -62.78 2.35
C ASP RA 45 81.56 -61.64 3.17
N PRO RA 46 80.26 -61.70 3.51
CA PRO RA 46 79.72 -60.71 4.45
C PRO RA 46 80.09 -61.00 5.89
N VAL RA 47 80.15 -62.28 6.26
CA VAL RA 47 80.59 -62.71 7.58
C VAL RA 47 82.12 -62.78 7.52
N GLY RA 48 82.78 -61.91 8.27
CA GLY RA 48 84.21 -61.67 8.05
C GLY RA 48 85.07 -62.88 8.40
N ALA RA 49 85.60 -63.54 7.37
CA ALA RA 49 86.32 -64.80 7.52
C ALA RA 49 87.72 -64.64 6.98
N GLY RA 50 88.71 -65.10 7.75
CA GLY RA 50 90.10 -65.04 7.35
C GLY RA 50 90.62 -66.37 6.87
N LEU RA 51 91.90 -66.36 6.48
CA LEU RA 51 92.51 -67.51 5.83
C LEU RA 51 92.71 -68.66 6.81
N GLY RA 52 92.32 -69.86 6.38
CA GLY RA 52 92.37 -71.03 7.22
C GLY RA 52 91.07 -71.39 7.89
N GLU RA 53 90.08 -70.50 7.87
CA GLU RA 53 88.83 -70.72 8.57
C GLU RA 53 87.94 -71.69 7.81
N TRP RA 54 87.07 -72.37 8.55
CA TRP RA 54 86.05 -73.24 7.98
C TRP RA 54 84.76 -72.45 7.87
N VAL RA 55 84.20 -72.40 6.67
CA VAL RA 55 83.02 -71.60 6.40
C VAL RA 55 81.96 -72.47 5.76
N LEU RA 56 80.71 -72.03 5.91
CA LEU RA 56 79.60 -72.56 5.13
C LEU RA 56 79.33 -71.60 3.98
N VAL RA 57 79.35 -72.13 2.76
CA VAL RA 57 79.11 -71.34 1.56
C VAL RA 57 77.90 -71.92 0.84
N ASN RA 58 76.99 -71.04 0.44
CA ASN RA 58 75.84 -71.47 -0.34
C ASN RA 58 76.10 -71.24 -1.82
N ARG RA 59 75.16 -71.65 -2.66
CA ARG RA 59 75.32 -71.54 -4.10
C ARG RA 59 74.02 -71.03 -4.69
N GLY RA 60 74.14 -70.31 -5.79
CA GLY RA 60 72.97 -69.93 -6.56
C GLY RA 60 72.31 -68.64 -6.11
N SER RA 61 70.99 -68.60 -6.19
CA SER RA 61 70.22 -67.42 -5.86
C SER RA 61 70.12 -67.16 -4.36
N ALA RA 62 70.58 -68.10 -3.54
CA ALA RA 62 70.64 -67.90 -2.10
C ALA RA 62 71.74 -66.91 -1.71
N ALA RA 63 72.70 -66.65 -2.59
CA ALA RA 63 73.73 -65.66 -2.33
C ALA RA 63 73.20 -64.23 -2.42
N ARG RA 64 72.00 -64.04 -2.95
CA ARG RA 64 71.40 -62.73 -3.13
C ARG RA 64 70.27 -62.46 -2.13
N GLN RA 65 70.33 -63.05 -0.95
CA GLN RA 65 69.23 -62.94 0.01
C GLN RA 65 69.56 -62.07 1.22
N THR RA 66 70.80 -61.59 1.33
CA THR RA 66 71.24 -60.89 2.52
C THR RA 66 71.01 -59.38 2.46
N GLU RA 67 70.11 -58.94 1.58
CA GLU RA 67 69.55 -57.60 1.41
C GLU RA 67 70.56 -56.50 1.05
N TYR RA 68 71.85 -56.83 0.97
CA TYR RA 68 72.80 -55.96 0.30
C TYR RA 68 73.51 -56.67 -0.84
N HIS RA 69 73.12 -57.91 -1.15
CA HIS RA 69 73.59 -58.62 -2.33
C HIS RA 69 72.45 -58.88 -3.30
N GLN RA 70 71.36 -58.13 -3.22
CA GLN RA 70 70.11 -58.52 -3.86
C GLN RA 70 70.16 -58.38 -5.37
N ASN RA 71 70.73 -57.30 -5.87
CA ASN RA 71 70.82 -57.07 -7.31
C ASN RA 71 72.26 -57.19 -7.80
N ARG RA 72 73.09 -57.89 -7.04
CA ARG RA 72 74.49 -58.16 -7.29
C ARG RA 72 74.66 -59.50 -7.99
N PRO RA 73 75.54 -59.59 -8.98
CA PRO RA 73 75.71 -60.85 -9.73
C PRO RA 73 76.59 -61.86 -8.99
N LEU RA 74 76.04 -62.38 -7.89
CA LEU RA 74 76.75 -63.30 -7.02
C LEU RA 74 76.03 -64.64 -7.01
N ASP RA 75 76.78 -65.73 -7.12
CA ASP RA 75 76.22 -67.08 -7.05
C ASP RA 75 76.86 -67.91 -5.95
N ALA RA 76 77.60 -67.30 -5.05
CA ALA RA 76 78.22 -67.98 -3.93
C ALA RA 76 78.48 -66.97 -2.83
N MET RA 77 78.29 -67.39 -1.59
CA MET RA 77 78.38 -66.48 -0.45
C MET RA 77 78.67 -67.26 0.80
N VAL RA 78 79.66 -66.80 1.58
CA VAL RA 78 79.87 -67.35 2.91
C VAL RA 78 78.73 -66.88 3.81
N VAL RA 79 77.97 -67.84 4.34
CA VAL RA 79 76.85 -67.51 5.21
C VAL RA 79 77.18 -67.69 6.68
N ALA RA 80 78.18 -68.50 7.01
CA ALA RA 80 78.51 -68.78 8.40
C ALA RA 80 79.97 -69.16 8.48
N ILE RA 81 80.61 -68.77 9.57
CA ILE RA 81 81.90 -69.32 9.97
C ILE RA 81 81.61 -70.53 10.85
N ILE RA 82 82.18 -71.67 10.48
CA ILE RA 82 81.92 -72.90 11.21
C ILE RA 82 82.64 -72.85 12.55
N ASP RA 83 81.88 -73.00 13.63
CA ASP RA 83 82.48 -73.12 14.95
C ASP RA 83 82.84 -74.58 15.25
N THR RA 84 81.90 -75.50 15.07
CA THR RA 84 82.15 -76.90 15.35
C THR RA 84 81.34 -77.79 14.43
N VAL RA 85 81.94 -78.91 14.04
CA VAL RA 85 81.27 -79.96 13.27
C VAL RA 85 81.31 -81.24 14.09
N THR RA 86 80.15 -81.78 14.38
CA THR RA 86 80.01 -83.04 15.12
C THR RA 86 79.50 -84.10 14.16
N VAL RA 87 80.29 -85.15 13.94
CA VAL RA 87 79.93 -86.25 13.06
C VAL RA 87 79.80 -87.52 13.89
N ASN RA 88 78.61 -88.11 13.89
CA ASN RA 88 78.30 -89.35 14.63
C ASN RA 88 78.59 -89.20 16.12
N ASN RA 89 78.12 -88.09 16.69
CA ASN RA 89 78.33 -87.65 18.07
C ASN RA 89 79.80 -87.47 18.45
N ARG RA 90 80.69 -87.38 17.47
CA ARG RA 90 82.10 -87.13 17.70
C ARG RA 90 82.46 -85.79 17.05
N ARG RA 91 83.13 -84.93 17.82
CA ARG RA 91 83.52 -83.62 17.31
C ARG RA 91 84.62 -83.76 16.28
N LEU RA 92 84.31 -83.36 15.04
CA LEU RA 92 85.27 -83.36 13.95
C LEU RA 92 86.11 -82.08 13.90
N TYR RA 93 85.49 -80.94 14.21
CA TYR RA 93 86.15 -79.65 14.10
C TYR RA 93 85.79 -78.81 15.31
N GLY RA 94 86.72 -77.97 15.73
CA GLY RA 94 86.49 -77.06 16.84
C GLY RA 94 86.81 -77.67 18.19
N ALA SA 2 68.36 -1.03 91.88
CA ALA SA 2 69.73 -1.54 91.87
C ALA SA 2 70.42 -1.24 90.54
N VAL SA 3 71.45 -2.02 90.24
CA VAL SA 3 72.17 -1.92 88.96
C VAL SA 3 71.23 -2.33 87.84
N ALA SA 4 71.28 -1.59 86.72
CA ALA SA 4 70.30 -1.71 85.65
C ALA SA 4 70.34 -3.08 84.97
N VAL SA 5 69.17 -3.52 84.51
CA VAL SA 5 68.99 -4.82 83.87
C VAL SA 5 68.67 -4.58 82.40
N GLY SA 6 69.32 -5.31 81.53
CA GLY SA 6 68.95 -5.36 80.13
C GLY SA 6 68.63 -6.78 79.71
N MET SA 7 67.60 -6.93 78.91
CA MET SA 7 67.15 -8.23 78.45
C MET SA 7 66.89 -8.17 76.95
N ILE SA 8 67.39 -9.16 76.23
CA ILE SA 8 67.05 -9.35 74.82
C ILE SA 8 66.52 -10.77 74.68
N GLU SA 9 65.26 -10.89 74.25
CA GLU SA 9 64.66 -12.18 74.00
C GLU SA 9 64.68 -12.46 72.50
N THR SA 10 65.30 -13.58 72.12
CA THR SA 10 65.37 -13.98 70.73
C THR SA 10 64.67 -15.33 70.55
N LEU SA 11 64.32 -15.60 69.31
CA LEU SA 11 63.79 -16.91 68.90
C LEU SA 11 64.94 -17.68 68.27
N GLY SA 12 65.62 -18.48 69.09
CA GLY SA 12 66.75 -19.24 68.60
C GLY SA 12 68.02 -19.02 69.40
N PHE SA 13 68.82 -20.07 69.53
CA PHE SA 13 70.09 -20.03 70.26
C PHE SA 13 71.26 -19.38 69.52
N PRO SA 14 71.44 -19.52 68.18
CA PRO SA 14 72.46 -18.67 67.54
C PRO SA 14 72.16 -17.18 67.59
N ALA SA 15 70.89 -16.80 67.66
CA ALA SA 15 70.55 -15.38 67.77
C ALA SA 15 70.79 -14.85 69.18
N VAL SA 16 70.73 -15.72 70.18
CA VAL SA 16 70.85 -15.23 71.55
C VAL SA 16 72.32 -15.17 71.97
N VAL SA 17 73.19 -15.92 71.27
CA VAL SA 17 74.61 -15.83 71.54
C VAL SA 17 75.20 -14.60 70.85
N GLU SA 18 74.69 -14.27 69.66
CA GLU SA 18 75.05 -13.02 69.02
C GLU SA 18 74.50 -11.82 69.79
N ALA SA 19 73.32 -11.95 70.39
CA ALA SA 19 72.80 -10.91 71.27
C ALA SA 19 73.67 -10.75 72.50
N ALA SA 20 74.08 -11.87 73.11
CA ALA SA 20 74.92 -11.80 74.30
C ALA SA 20 76.32 -11.31 73.97
N ASP SA 21 76.83 -11.64 72.78
CA ASP SA 21 78.19 -11.25 72.42
C ASP SA 21 78.26 -9.79 72.01
N ALA SA 22 77.25 -9.30 71.30
CA ALA SA 22 77.27 -7.90 70.88
C ALA SA 22 76.96 -6.97 72.04
N MET SA 23 76.29 -7.46 73.08
CA MET SA 23 75.97 -6.61 74.22
C MET SA 23 77.20 -6.33 75.06
N VAL SA 24 78.00 -7.34 75.36
CA VAL SA 24 79.17 -7.13 76.21
C VAL SA 24 80.33 -6.57 75.40
N LYS SA 25 80.19 -6.52 74.07
CA LYS SA 25 81.22 -5.90 73.24
C LYS SA 25 80.90 -4.44 72.93
N ALA SA 26 79.62 -4.06 73.03
CA ALA SA 26 79.26 -2.68 72.71
C ALA SA 26 79.55 -1.75 73.88
N ALA SA 27 79.42 -2.25 75.11
CA ALA SA 27 79.56 -1.39 76.28
C ALA SA 27 80.06 -2.24 77.44
N ARG SA 28 80.26 -1.57 78.58
CA ARG SA 28 80.77 -2.22 79.79
C ARG SA 28 79.57 -2.72 80.60
N VAL SA 29 79.04 -3.85 80.14
CA VAL SA 29 77.97 -4.56 80.84
C VAL SA 29 78.49 -5.94 81.20
N THR SA 30 77.82 -6.58 82.15
CA THR SA 30 78.14 -7.93 82.57
C THR SA 30 76.98 -8.84 82.21
N LEU SA 31 77.22 -9.76 81.27
CA LEU SA 31 76.27 -10.82 80.98
C LEU SA 31 76.19 -11.74 82.19
N VAL SA 32 75.04 -11.77 82.86
CA VAL SA 32 74.88 -12.54 84.08
C VAL SA 32 73.95 -13.73 83.90
N GLY SA 33 73.09 -13.72 82.90
CA GLY SA 33 71.98 -14.66 82.88
C GLY SA 33 71.70 -15.17 81.49
N TYR SA 34 70.99 -16.29 81.44
CA TYR SA 34 70.66 -16.97 80.20
C TYR SA 34 69.41 -17.79 80.49
N GLU SA 35 68.28 -17.38 79.95
CA GLU SA 35 66.99 -17.87 80.41
C GLU SA 35 66.20 -18.47 79.25
N LYS SA 36 65.75 -19.71 79.43
CA LYS SA 36 64.90 -20.41 78.48
C LYS SA 36 63.53 -20.58 79.10
N ILE SA 37 62.48 -20.18 78.38
CA ILE SA 37 61.11 -20.26 78.86
C ILE SA 37 60.24 -21.13 77.97
N GLY SA 38 60.83 -21.81 76.99
CA GLY SA 38 60.08 -22.66 76.10
C GLY SA 38 59.74 -21.98 74.78
N THR SA 39 59.34 -22.83 73.82
CA THR SA 39 59.10 -22.50 72.41
C THR SA 39 60.22 -21.72 71.76
N GLY SA 40 61.48 -22.00 72.11
CA GLY SA 40 62.60 -21.34 71.50
C GLY SA 40 62.86 -19.92 71.96
N ARG SA 41 62.03 -19.39 72.86
CA ARG SA 41 62.22 -18.04 73.38
C ARG SA 41 63.36 -18.07 74.40
N VAL SA 42 64.50 -17.51 74.02
CA VAL SA 42 65.69 -17.49 74.86
C VAL SA 42 66.02 -16.05 75.19
N THR SA 43 66.35 -15.79 76.45
CA THR SA 43 66.64 -14.44 76.93
C THR SA 43 68.01 -14.44 77.61
N VAL SA 44 68.85 -13.47 77.23
CA VAL SA 44 70.09 -13.17 77.92
C VAL SA 44 69.92 -11.89 78.71
N ILE SA 45 70.51 -11.85 79.90
CA ILE SA 45 70.33 -10.76 80.85
C ILE SA 45 71.70 -10.14 81.10
N VAL SA 46 71.80 -8.83 80.89
CA VAL SA 46 73.03 -8.10 81.19
C VAL SA 46 72.77 -7.15 82.34
N ARG SA 47 73.82 -6.85 83.10
CA ARG SA 47 73.78 -5.88 84.17
C ARG SA 47 74.85 -4.83 83.94
N GLY SA 48 74.60 -3.61 84.38
CA GLY SA 48 75.59 -2.56 84.28
C GLY SA 48 74.96 -1.22 84.57
N ASP SA 49 75.70 -0.16 84.25
CA ASP SA 49 75.17 1.18 84.34
C ASP SA 49 74.13 1.40 83.25
N VAL SA 50 73.30 2.43 83.45
CA VAL SA 50 72.16 2.66 82.57
C VAL SA 50 72.63 3.06 81.17
N SER SA 51 73.71 3.83 81.09
CA SER SA 51 74.25 4.21 79.79
C SER SA 51 74.86 3.02 79.06
N GLU SA 52 75.48 2.10 79.80
CA GLU SA 52 76.05 0.93 79.17
C GLU SA 52 74.98 -0.06 78.76
N VAL SA 53 73.92 -0.23 79.58
CA VAL SA 53 72.87 -1.18 79.26
C VAL SA 53 72.03 -0.67 78.10
N GLN SA 54 71.78 0.64 78.04
CA GLN SA 54 71.04 1.21 76.91
C GLN SA 54 71.83 1.10 75.61
N ALA SA 55 73.16 1.24 75.69
CA ALA SA 55 73.99 1.09 74.50
C ALA SA 55 74.09 -0.37 74.08
N SER SA 56 74.17 -1.28 75.05
CA SER SA 56 74.34 -2.69 74.73
C SER SA 56 73.08 -3.30 74.13
N VAL SA 57 71.91 -3.00 74.72
CA VAL SA 57 70.66 -3.59 74.27
C VAL SA 57 70.28 -3.05 72.90
N SER SA 58 70.56 -1.78 72.64
CA SER SA 58 70.26 -1.20 71.33
C SER SA 58 71.21 -1.71 70.26
N ALA SA 59 72.48 -1.91 70.60
CA ALA SA 59 73.42 -2.48 69.64
C ALA SA 59 73.26 -3.99 69.53
N GLY SA 60 72.83 -4.64 70.62
CA GLY SA 60 72.58 -6.06 70.57
C GLY SA 60 71.34 -6.42 69.79
N THR SA 61 70.39 -5.50 69.69
CA THR SA 61 69.16 -5.76 68.93
C THR SA 61 69.43 -5.71 67.43
N GLU SA 62 70.28 -4.77 66.99
CA GLU SA 62 70.55 -4.66 65.56
C GLU SA 62 71.50 -5.74 65.08
N SER SA 63 72.27 -6.34 65.98
CA SER SA 63 73.20 -7.39 65.58
C SER SA 63 72.50 -8.71 65.32
N VAL SA 64 71.38 -8.96 66.00
CA VAL SA 64 70.59 -10.17 65.78
C VAL SA 64 69.97 -10.20 64.39
N LYS SA 65 69.61 -9.04 63.85
CA LYS SA 65 69.12 -8.98 62.47
C LYS SA 65 70.28 -8.85 61.48
N ARG SA 66 71.31 -9.66 61.69
CA ARG SA 66 72.42 -9.88 60.77
C ARG SA 66 72.74 -11.37 60.83
N VAL SA 67 71.94 -12.09 61.62
CA VAL SA 67 72.00 -13.53 61.74
C VAL SA 67 70.87 -14.12 60.90
N ASN SA 68 71.20 -15.12 60.09
CA ASN SA 68 70.17 -15.80 59.32
C ASN SA 68 69.34 -16.67 60.25
N GLY SA 69 68.03 -16.49 60.21
CA GLY SA 69 67.16 -17.16 61.16
C GLY SA 69 67.09 -16.52 62.52
N GLY SA 70 67.64 -15.32 62.65
CA GLY SA 70 67.63 -14.60 63.91
C GLY SA 70 66.44 -13.66 63.98
N GLN SA 71 65.78 -13.65 65.14
CA GLN SA 71 64.57 -12.87 65.35
C GLN SA 71 64.54 -12.36 66.77
N VAL SA 72 64.54 -11.04 66.93
CA VAL SA 72 64.38 -10.42 68.23
C VAL SA 72 62.90 -10.47 68.58
N LEU SA 73 62.57 -11.09 69.71
CA LEU SA 73 61.18 -11.15 70.15
C LEU SA 73 60.84 -9.98 71.06
N SER SA 74 61.69 -9.71 72.04
CA SER SA 74 61.39 -8.69 73.03
C SER SA 74 62.68 -8.18 73.64
N THR SA 75 62.81 -6.86 73.71
CA THR SA 75 63.92 -6.21 74.39
C THR SA 75 63.38 -5.28 75.44
N HIS SA 76 64.10 -5.16 76.55
CA HIS SA 76 63.71 -4.21 77.60
C HIS SA 76 64.91 -3.84 78.43
N ILE SA 77 64.87 -2.61 78.95
CA ILE SA 77 65.86 -2.10 79.90
C ILE SA 77 65.12 -1.60 81.13
N ILE SA 78 65.48 -2.11 82.30
CA ILE SA 78 65.01 -1.58 83.57
C ILE SA 78 66.18 -0.88 84.23
N ALA SA 79 66.08 0.46 84.32
CA ALA SA 79 67.23 1.26 84.73
C ALA SA 79 67.52 1.14 86.22
N ARG SA 80 66.48 0.95 87.02
CA ARG SA 80 66.64 0.86 88.47
C ARG SA 80 65.69 -0.20 88.98
N PRO SA 81 66.09 -1.47 88.92
CA PRO SA 81 65.21 -2.53 89.41
C PRO SA 81 65.14 -2.55 90.92
N HIS SA 82 64.00 -3.00 91.43
CA HIS SA 82 63.80 -3.16 92.85
C HIS SA 82 64.70 -4.27 93.38
N GLU SA 83 65.06 -4.15 94.66
CA GLU SA 83 65.91 -5.15 95.30
C GLU SA 83 65.20 -6.48 95.51
N ASN SA 84 63.87 -6.50 95.38
CA ASN SA 84 63.10 -7.74 95.45
C ASN SA 84 63.37 -8.64 94.25
N LEU SA 85 63.68 -8.06 93.09
CA LEU SA 85 63.70 -8.83 91.84
C LEU SA 85 64.93 -9.71 91.71
N GLU SA 86 66.03 -9.37 92.38
CA GLU SA 86 67.23 -10.19 92.26
C GLU SA 86 67.08 -11.51 93.00
N TYR SA 87 66.21 -11.56 94.00
CA TYR SA 87 66.07 -12.78 94.78
C TYR SA 87 65.06 -13.73 94.16
N VAL SA 88 64.18 -13.22 93.29
CA VAL SA 88 63.16 -14.07 92.69
C VAL SA 88 63.51 -14.40 91.24
N LEU SA 89 63.88 -13.41 90.49
CA LEU SA 89 64.17 -13.57 89.08
C LEU SA 89 65.65 -13.84 88.85
N PRO SA 90 66.01 -14.61 87.82
CA PRO SA 90 67.43 -14.88 87.52
C PRO SA 90 68.12 -13.74 86.77
N ILE SA 91 68.17 -12.57 87.42
CA ILE SA 91 68.82 -11.39 86.86
C ILE SA 91 70.01 -10.94 87.70
N ARG SA 92 70.43 -11.74 88.67
CA ARG SA 92 71.41 -11.28 89.63
C ARG SA 92 72.82 -11.72 89.25
N TYR SA 93 73.79 -11.07 89.88
CA TYR SA 93 75.19 -11.44 89.70
C TYR SA 93 75.47 -12.76 90.39
N THR SA 94 76.03 -13.71 89.64
CA THR SA 94 76.51 -14.95 90.22
C THR SA 94 78.04 -14.90 90.38
N GLU SA 95 78.57 -15.92 91.05
CA GLU SA 95 80.00 -15.91 91.39
C GLU SA 95 80.85 -16.23 90.16
N GLU SA 96 80.25 -16.83 89.14
CA GLU SA 96 81.00 -17.13 87.91
C GLU SA 96 81.26 -15.88 87.09
N VAL SA 97 80.49 -14.82 87.33
CA VAL SA 97 80.61 -13.57 86.58
C VAL SA 97 81.00 -12.40 87.48
N GLU SA 98 81.60 -12.68 88.65
CA GLU SA 98 82.01 -11.60 89.54
C GLU SA 98 83.29 -10.91 89.06
N GLN SA 99 84.02 -11.53 88.14
CA GLN SA 99 85.24 -10.90 87.62
C GLN SA 99 84.93 -9.81 86.59
N PHE SA 100 83.75 -9.87 85.98
CA PHE SA 100 83.40 -8.94 84.92
C PHE SA 100 82.64 -7.72 85.42
N ARG SA 101 82.26 -7.69 86.70
CA ARG SA 101 81.51 -6.57 87.24
C ARG SA 101 82.37 -5.33 87.40
N ALA TA 2 44.42 -16.30 103.67
CA ALA TA 2 45.78 -15.80 103.95
C ALA TA 2 45.97 -14.42 103.33
N VAL TA 3 47.23 -13.98 103.34
CA VAL TA 3 47.62 -12.76 102.64
C VAL TA 3 47.39 -12.93 101.14
N ALA TA 4 46.83 -11.91 100.50
CA ALA TA 4 46.35 -12.00 99.12
C ALA TA 4 47.49 -12.26 98.14
N VAL TA 5 47.16 -12.89 97.03
CA VAL TA 5 48.12 -13.29 96.01
C VAL TA 5 47.68 -12.71 94.67
N GLY TA 6 48.62 -12.08 93.97
CA GLY TA 6 48.36 -11.60 92.63
C GLY TA 6 49.33 -12.22 91.65
N MET TA 7 48.81 -12.61 90.49
CA MET TA 7 49.59 -13.28 89.47
C MET TA 7 49.40 -12.55 88.16
N ILE TA 8 50.51 -12.26 87.48
CA ILE TA 8 50.48 -11.75 86.11
C ILE TA 8 51.22 -12.74 85.25
N GLU TA 9 50.53 -13.31 84.26
CA GLU TA 9 51.15 -14.17 83.28
C GLU TA 9 51.40 -13.39 81.99
N THR TA 10 52.64 -13.39 81.54
CA THR TA 10 53.01 -12.75 80.30
C THR TA 10 53.59 -13.76 79.33
N LEU TA 11 53.60 -13.40 78.06
CA LEU TA 11 54.26 -14.18 77.01
C LEU TA 11 55.64 -13.55 76.81
N GLY TA 12 56.65 -14.15 77.41
CA GLY TA 12 57.99 -13.61 77.29
C GLY TA 12 58.62 -13.21 78.61
N PHE TA 13 59.92 -13.41 78.73
CA PHE TA 13 60.66 -13.06 79.93
C PHE TA 13 60.98 -11.57 80.11
N PRO TA 14 61.30 -10.76 79.08
CA PRO TA 14 61.44 -9.32 79.35
C PRO TA 14 60.15 -8.63 79.76
N ALA TA 15 58.99 -9.19 79.40
CA ALA TA 15 57.74 -8.59 79.83
C ALA TA 15 57.41 -8.95 81.27
N VAL TA 16 57.94 -10.06 81.77
CA VAL TA 16 57.57 -10.52 83.11
C VAL TA 16 58.48 -9.87 84.15
N VAL TA 17 59.63 -9.34 83.74
CA VAL TA 17 60.50 -8.65 84.67
C VAL TA 17 60.06 -7.20 84.81
N GLU TA 18 59.55 -6.61 83.72
CA GLU TA 18 58.98 -5.28 83.80
C GLU TA 18 57.64 -5.29 84.55
N ALA TA 19 56.87 -6.36 84.38
CA ALA TA 19 55.64 -6.51 85.16
C ALA TA 19 55.96 -6.70 86.64
N ALA TA 20 57.01 -7.45 86.95
CA ALA TA 20 57.38 -7.66 88.35
C ALA TA 20 58.00 -6.39 88.95
N ASP TA 21 58.73 -5.62 88.15
CA ASP TA 21 59.32 -4.39 88.67
C ASP TA 21 58.29 -3.30 88.85
N ALA TA 22 57.25 -3.30 88.02
CA ALA TA 22 56.19 -2.31 88.18
C ALA TA 22 55.30 -2.64 89.37
N MET TA 23 55.18 -3.92 89.71
CA MET TA 23 54.28 -4.32 90.78
C MET TA 23 54.82 -3.92 92.14
N VAL TA 24 56.10 -4.18 92.39
CA VAL TA 24 56.65 -3.94 93.72
C VAL TA 24 57.00 -2.46 93.91
N LYS TA 25 56.96 -1.68 92.84
CA LYS TA 25 57.13 -0.23 92.97
C LYS TA 25 55.80 0.47 93.17
N ALA TA 26 54.71 -0.11 92.64
CA ALA TA 26 53.43 0.56 92.68
C ALA TA 26 52.78 0.49 94.05
N ALA TA 27 53.02 -0.59 94.79
CA ALA TA 27 52.36 -0.77 96.07
C ALA TA 27 53.24 -1.62 96.97
N ARG TA 28 52.77 -1.82 98.21
CA ARG TA 28 53.49 -2.59 99.22
C ARG TA 28 53.19 -4.08 99.05
N VAL TA 29 53.69 -4.62 97.95
CA VAL TA 29 53.58 -6.05 97.70
C VAL TA 29 54.99 -6.63 97.71
N THR TA 30 55.07 -7.93 97.95
CA THR TA 30 56.31 -8.66 97.92
C THR TA 30 56.26 -9.65 96.78
N LEU TA 31 57.15 -9.49 95.82
CA LEU TA 31 57.36 -10.49 94.79
C LEU TA 31 57.95 -11.74 95.44
N VAL TA 32 57.22 -12.84 95.40
CA VAL TA 32 57.64 -14.06 96.07
C VAL TA 32 57.91 -15.20 95.10
N GLY TA 33 57.40 -15.14 93.89
CA GLY TA 33 57.33 -16.32 93.06
C GLY TA 33 57.59 -16.00 91.62
N TYR TA 34 57.91 -17.04 90.86
CA TYR TA 34 58.31 -16.93 89.47
C TYR TA 34 58.13 -18.31 88.85
N GLU TA 35 57.20 -18.43 87.91
CA GLU TA 35 56.78 -19.74 87.44
C GLU TA 35 56.82 -19.81 85.93
N LYS TA 36 57.39 -20.90 85.41
CA LYS TA 36 57.42 -21.20 83.98
C LYS TA 36 56.62 -22.48 83.76
N ILE TA 37 55.67 -22.42 82.84
CA ILE TA 37 54.76 -23.54 82.58
C ILE TA 37 54.83 -23.99 81.13
N GLY TA 38 55.70 -23.41 80.32
CA GLY TA 38 55.83 -23.78 78.92
C GLY TA 38 55.15 -22.80 77.98
N THR TA 39 55.45 -22.96 76.70
CA THR TA 39 55.10 -22.05 75.59
C THR TA 39 55.42 -20.59 75.88
N GLY TA 40 56.49 -20.31 76.61
CA GLY TA 40 56.82 -18.95 76.95
C GLY TA 40 55.90 -18.27 77.92
N ARG TA 41 54.99 -19.01 78.56
CA ARG TA 41 54.05 -18.45 79.52
C ARG TA 41 54.75 -18.37 80.87
N VAL TA 42 55.08 -17.15 81.29
CA VAL TA 42 55.84 -16.91 82.50
C VAL TA 42 54.96 -16.11 83.45
N THR TA 43 54.97 -16.50 84.73
CA THR TA 43 54.10 -15.91 85.74
C THR TA 43 54.93 -15.43 86.92
N VAL TA 44 54.72 -14.18 87.33
CA VAL TA 44 55.27 -13.66 88.57
C VAL TA 44 54.14 -13.53 89.59
N ILE TA 45 54.47 -13.78 90.86
CA ILE TA 45 53.50 -13.90 91.93
C ILE TA 45 53.87 -12.92 93.04
N VAL TA 46 52.95 -12.01 93.36
CA VAL TA 46 53.16 -11.07 94.45
C VAL TA 46 52.23 -11.40 95.59
N ARG TA 47 52.64 -11.04 96.80
CA ARG TA 47 51.82 -11.17 97.99
C ARG TA 47 51.70 -9.82 98.70
N GLY TA 48 50.53 -9.56 99.26
CA GLY TA 48 50.32 -8.35 100.01
C GLY TA 48 48.88 -8.24 100.42
N ASP TA 49 48.51 -7.07 100.93
CA ASP TA 49 47.11 -6.79 101.18
C ASP TA 49 46.36 -6.67 99.85
N VAL TA 50 45.05 -6.92 99.89
CA VAL TA 50 44.25 -7.03 98.67
C VAL TA 50 44.17 -5.69 97.93
N SER TA 51 44.18 -4.57 98.67
CA SER TA 51 44.21 -3.27 98.03
C SER TA 51 45.57 -3.00 97.39
N GLU TA 52 46.65 -3.45 98.04
CA GLU TA 52 47.97 -3.28 97.48
C GLU TA 52 48.21 -4.24 96.32
N VAL TA 53 47.64 -5.44 96.39
CA VAL TA 53 47.82 -6.40 95.31
C VAL TA 53 47.02 -5.97 94.08
N GLN TA 54 45.82 -5.43 94.28
CA GLN TA 54 45.02 -4.91 93.18
C GLN TA 54 45.67 -3.71 92.52
N ALA TA 55 46.28 -2.84 93.33
CA ALA TA 55 46.94 -1.66 92.77
C ALA TA 55 48.22 -2.03 92.04
N SER TA 56 48.90 -3.09 92.48
CA SER TA 56 50.13 -3.49 91.84
C SER TA 56 49.88 -4.26 90.55
N VAL TA 57 48.92 -5.18 90.57
CA VAL TA 57 48.63 -6.03 89.41
C VAL TA 57 48.09 -5.19 88.26
N SER TA 58 47.29 -4.16 88.58
CA SER TA 58 46.81 -3.23 87.56
C SER TA 58 47.95 -2.41 86.98
N ALA TA 59 48.93 -2.03 87.80
CA ALA TA 59 50.06 -1.27 87.30
C ALA TA 59 51.09 -2.17 86.62
N GLY TA 60 51.03 -3.47 86.90
CA GLY TA 60 51.94 -4.40 86.23
C GLY TA 60 51.52 -4.72 84.82
N THR TA 61 50.22 -4.66 84.53
CA THR TA 61 49.76 -4.90 83.17
C THR TA 61 50.03 -3.71 82.26
N GLU TA 62 50.03 -2.50 82.84
CA GLU TA 62 50.24 -1.31 82.03
C GLU TA 62 51.69 -1.15 81.62
N SER TA 63 52.62 -1.75 82.37
CA SER TA 63 54.02 -1.63 82.05
C SER TA 63 54.49 -2.66 81.02
N VAL TA 64 53.70 -3.70 80.78
CA VAL TA 64 54.01 -4.64 79.71
C VAL TA 64 53.78 -3.99 78.34
N LYS TA 65 52.89 -2.99 78.28
CA LYS TA 65 52.72 -2.21 77.05
C LYS TA 65 53.95 -1.36 76.73
N ARG TA 66 54.76 -1.04 77.73
CA ARG TA 66 56.04 -0.38 77.47
C ARG TA 66 57.01 -1.33 76.77
N VAL TA 67 56.93 -2.62 77.07
CA VAL TA 67 57.83 -3.59 76.47
C VAL TA 67 57.36 -3.92 75.06
N ASN TA 68 58.27 -3.80 74.10
CA ASN TA 68 57.98 -4.23 72.74
C ASN TA 68 58.05 -5.74 72.66
N GLY TA 69 57.02 -6.35 72.08
CA GLY TA 69 56.96 -7.80 72.06
C GLY TA 69 56.45 -8.41 73.34
N GLY TA 70 55.97 -7.60 74.28
CA GLY TA 70 55.42 -8.08 75.53
C GLY TA 70 53.91 -8.12 75.47
N GLN TA 71 53.34 -9.16 76.07
CA GLN TA 71 51.91 -9.40 76.01
C GLN TA 71 51.45 -10.09 77.28
N VAL TA 72 50.48 -9.48 77.98
CA VAL TA 72 49.88 -10.07 79.16
C VAL TA 72 48.88 -11.11 78.71
N LEU TA 73 49.04 -12.35 79.19
CA LEU TA 73 48.12 -13.41 78.82
C LEU TA 73 46.96 -13.52 79.81
N SER TA 74 47.27 -13.53 81.10
CA SER TA 74 46.25 -13.76 82.12
C SER TA 74 46.70 -13.13 83.42
N THR TA 75 45.77 -12.48 84.10
CA THR TA 75 46.00 -11.93 85.42
C THR TA 75 44.89 -12.36 86.35
N HIS TA 76 45.23 -12.52 87.63
CA HIS TA 76 44.22 -12.82 88.63
C HIS TA 76 44.72 -12.39 90.01
N ILE TA 77 43.76 -12.05 90.87
CA ILE TA 77 44.00 -11.70 92.25
C ILE TA 77 43.08 -12.55 93.12
N ILE TA 78 43.66 -13.29 94.07
CA ILE TA 78 42.90 -14.01 95.07
C ILE TA 78 43.04 -13.27 96.38
N ALA TA 79 41.94 -12.75 96.90
CA ALA TA 79 41.97 -11.82 98.02
C ALA TA 79 42.35 -12.53 99.32
N ARG TA 80 42.03 -13.81 99.44
CA ARG TA 80 42.26 -14.57 100.67
C ARG TA 80 42.47 -16.01 100.28
N PRO TA 81 43.67 -16.38 99.86
CA PRO TA 81 43.91 -17.77 99.45
C PRO TA 81 43.92 -18.71 100.64
N HIS TA 82 43.49 -19.94 100.39
CA HIS TA 82 43.48 -20.98 101.41
C HIS TA 82 44.90 -21.35 101.80
N GLU TA 83 45.06 -21.83 103.03
CA GLU TA 83 46.37 -22.18 103.56
C GLU TA 83 46.97 -23.40 102.90
N ASN TA 84 46.15 -24.22 102.23
CA ASN TA 84 46.63 -25.37 101.48
C ASN TA 84 47.44 -24.95 100.26
N LEU TA 85 47.19 -23.75 99.73
CA LEU TA 85 47.76 -23.34 98.46
C LEU TA 85 49.24 -23.01 98.57
N GLU TA 86 49.70 -22.57 99.75
CA GLU TA 86 51.09 -22.15 99.88
C GLU TA 86 52.02 -23.36 100.05
N TYR TA 87 51.46 -24.53 100.36
CA TYR TA 87 52.30 -25.71 100.54
C TYR TA 87 52.40 -26.50 99.25
N VAL TA 88 51.54 -26.22 98.27
CA VAL TA 88 51.61 -26.91 96.99
C VAL TA 88 52.09 -25.97 95.90
N LEU TA 89 51.44 -24.87 95.73
CA LEU TA 89 51.75 -23.92 94.68
C LEU TA 89 52.84 -22.95 95.12
N PRO TA 90 53.68 -22.48 94.20
CA PRO TA 90 54.76 -21.54 94.57
C PRO TA 90 54.27 -20.10 94.74
N ILE TA 91 53.38 -19.91 95.72
CA ILE TA 91 52.90 -18.58 96.09
C ILE TA 91 53.31 -18.19 97.50
N ARG TA 92 54.12 -19.02 98.16
CA ARG TA 92 54.44 -18.78 99.56
C ARG TA 92 55.64 -17.84 99.70
N TYR TA 93 55.73 -17.24 100.88
CA TYR TA 93 56.90 -16.44 101.22
C TYR TA 93 58.09 -17.36 101.46
N THR TA 94 59.08 -17.28 100.58
CA THR TA 94 60.34 -17.96 100.81
C THR TA 94 61.19 -17.17 101.80
N GLU TA 95 62.25 -17.80 102.28
CA GLU TA 95 63.10 -17.15 103.28
C GLU TA 95 63.94 -16.02 102.66
N GLU TA 96 64.18 -16.09 101.36
CA GLU TA 96 64.98 -15.08 100.68
C GLU TA 96 64.24 -13.75 100.57
N VAL TA 97 62.91 -13.77 100.59
CA VAL TA 97 62.12 -12.59 100.36
C VAL TA 97 61.46 -12.09 101.65
N GLU TA 98 61.93 -12.54 102.81
CA GLU TA 98 61.35 -12.06 104.07
C GLU TA 98 61.83 -10.67 104.45
N GLN TA 99 62.86 -10.15 103.80
CA GLN TA 99 63.31 -8.79 104.08
C GLN TA 99 62.39 -7.76 103.42
N PHE TA 100 61.57 -8.18 102.46
CA PHE TA 100 60.70 -7.27 101.74
C PHE TA 100 59.24 -7.38 102.18
N ARG TA 101 58.93 -8.24 103.14
CA ARG TA 101 57.55 -8.42 103.59
C ARG TA 101 57.07 -7.26 104.44
N ALA UA 2 76.05 20.89 85.14
CA ALA UA 2 76.43 19.81 86.04
C ALA UA 2 75.73 18.52 85.65
N VAL UA 3 74.67 18.18 86.36
CA VAL UA 3 73.87 17.02 85.99
C VAL UA 3 72.89 17.41 84.90
N ALA UA 4 72.33 16.41 84.22
CA ALA UA 4 71.41 16.67 83.13
C ALA UA 4 70.07 17.18 83.66
N VAL UA 5 69.25 17.68 82.76
CA VAL UA 5 67.91 18.16 83.10
C VAL UA 5 66.92 17.58 82.10
N GLY UA 6 65.84 17.02 82.62
CA GLY UA 6 64.77 16.50 81.77
C GLY UA 6 63.44 17.09 82.18
N MET UA 7 62.60 17.36 81.19
CA MET UA 7 61.32 18.00 81.40
C MET UA 7 60.24 17.20 80.68
N ILE UA 8 59.12 16.97 81.36
CA ILE UA 8 57.91 16.46 80.73
C ILE UA 8 56.81 17.49 80.98
N GLU UA 9 56.25 18.03 79.91
CA GLU UA 9 55.11 18.91 80.01
C GLU UA 9 53.84 18.15 79.68
N THR UA 10 52.88 18.17 80.61
CA THR UA 10 51.60 17.53 80.40
C THR UA 10 50.50 18.58 80.41
N LEU UA 11 49.35 18.19 79.90
CA LEU UA 11 48.11 18.96 80.02
C LEU UA 11 47.34 18.40 81.20
N GLY UA 12 47.42 19.09 82.33
CA GLY UA 12 46.70 18.65 83.51
C GLY UA 12 47.60 18.25 84.67
N PHE UA 13 47.14 18.52 85.88
CA PHE UA 13 47.87 18.19 87.10
C PHE UA 13 47.83 16.71 87.52
N PRO UA 14 46.73 15.95 87.35
CA PRO UA 14 46.85 14.50 87.61
C PRO UA 14 47.80 13.78 86.67
N ALA UA 15 47.98 14.28 85.44
CA ALA UA 15 48.91 13.63 84.52
C ALA UA 15 50.35 13.97 84.87
N VAL UA 16 50.58 15.11 85.53
CA VAL UA 16 51.95 15.54 85.76
C VAL UA 16 52.49 14.95 87.06
N VAL UA 17 51.60 14.49 87.94
CA VAL UA 17 52.06 13.81 89.15
C VAL UA 17 52.36 12.35 88.83
N GLU UA 18 51.58 11.75 87.94
CA GLU UA 18 51.88 10.41 87.46
C GLU UA 18 53.14 10.39 86.61
N ALA UA 19 53.37 11.46 85.85
CA ALA UA 19 54.63 11.59 85.11
C ALA UA 19 55.80 11.76 86.06
N ALA UA 20 55.64 12.58 87.10
CA ALA UA 20 56.73 12.81 88.04
C ALA UA 20 57.00 11.58 88.90
N ASP UA 21 55.95 10.81 89.22
CA ASP UA 21 56.14 9.61 90.03
C ASP UA 21 56.78 8.49 89.22
N ALA UA 22 56.50 8.42 87.93
CA ALA UA 22 57.11 7.40 87.09
C ALA UA 22 58.56 7.74 86.78
N MET UA 23 58.94 9.01 86.88
CA MET UA 23 60.31 9.40 86.57
C MET UA 23 61.25 9.02 87.70
N VAL UA 24 60.88 9.32 88.95
CA VAL UA 24 61.81 9.10 90.05
C VAL UA 24 61.79 7.63 90.48
N LYS UA 25 60.81 6.86 90.01
CA LYS UA 25 60.82 5.42 90.27
C LYS UA 25 61.64 4.67 89.24
N ALA UA 26 61.71 5.19 88.02
CA ALA UA 26 62.36 4.46 86.93
C ALA UA 26 63.88 4.51 87.03
N ALA UA 27 64.43 5.65 87.45
CA ALA UA 27 65.87 5.83 87.45
C ALA UA 27 66.29 6.70 88.63
N ARG UA 28 67.60 6.94 88.72
CA ARG UA 28 68.17 7.72 89.82
C ARG UA 28 68.18 9.20 89.42
N VAL UA 29 66.98 9.76 89.30
CA VAL UA 29 66.80 11.18 89.04
C VAL UA 29 66.18 11.81 90.27
N THR UA 30 66.37 13.12 90.38
CA THR UA 30 65.76 13.91 91.44
C THR UA 30 64.76 14.87 90.82
N LEU UA 31 63.49 14.69 91.14
CA LEU UA 31 62.48 15.68 90.83
C LEU UA 31 62.76 16.95 91.62
N VAL UA 32 63.13 18.02 90.93
CA VAL UA 32 63.51 19.25 91.60
C VAL UA 32 62.51 20.37 91.39
N GLY UA 33 61.69 20.31 90.35
CA GLY UA 33 60.95 21.48 89.92
C GLY UA 33 59.55 21.14 89.46
N TYR UA 34 58.76 22.18 89.32
CA TYR UA 34 57.34 22.07 89.02
C TYR UA 34 56.89 23.42 88.50
N GLU UA 35 56.47 23.47 87.24
CA GLU UA 35 56.29 24.74 86.55
C GLU UA 35 54.94 24.80 85.86
N LYS UA 36 54.23 25.90 86.03
CA LYS UA 36 52.95 26.16 85.37
C LYS UA 36 53.11 27.41 84.51
N ILE UA 37 52.74 27.31 83.24
CA ILE UA 37 52.89 28.42 82.30
C ILE UA 37 51.55 28.86 81.73
N GLY UA 38 50.45 28.26 82.18
CA GLY UA 38 49.13 28.63 81.71
C GLY UA 38 48.56 27.66 80.69
N THR UA 39 47.25 27.78 80.49
CA THR UA 39 46.39 26.84 79.75
C THR UA 39 46.59 25.39 80.15
N GLY UA 40 46.79 25.13 81.45
CA GLY UA 40 46.93 23.78 81.92
C GLY UA 40 48.23 23.10 81.59
N ARG UA 41 49.17 23.80 80.96
CA ARG UA 41 50.46 23.22 80.60
C ARG UA 41 51.36 23.22 81.83
N VAL UA 42 51.61 22.05 82.38
CA VAL UA 42 52.36 21.89 83.61
C VAL UA 42 53.58 21.03 83.33
N THR UA 43 54.74 21.47 83.82
CA THR UA 43 56.02 20.81 83.54
C THR UA 43 56.67 20.40 84.85
N VAL UA 44 57.14 19.16 84.91
CA VAL UA 44 57.99 18.68 86.00
C VAL UA 44 59.41 18.53 85.47
N ILE UA 45 60.38 18.84 86.34
CA ILE UA 45 61.78 18.91 85.98
C ILE UA 45 62.55 17.92 86.85
N VAL UA 46 63.30 17.02 86.21
CA VAL UA 46 64.15 16.08 86.93
C VAL UA 46 65.60 16.40 86.62
N ARG UA 47 66.46 16.14 87.60
CA ARG UA 47 67.90 16.28 87.45
C ARG UA 47 68.56 14.94 87.72
N GLY UA 48 69.62 14.65 86.98
CA GLY UA 48 70.37 13.42 87.17
C GLY UA 48 71.39 13.25 86.07
N ASP UA 49 71.93 12.05 85.97
CA ASP UA 49 72.76 11.71 84.82
C ASP UA 49 71.88 11.62 83.58
N VAL UA 50 72.50 11.84 82.41
CA VAL UA 50 71.74 11.94 81.18
C VAL UA 50 71.16 10.59 80.78
N SER UA 51 71.82 9.48 81.14
CA SER UA 51 71.25 8.16 80.92
C SER UA 51 70.06 7.91 81.84
N GLU UA 52 70.17 8.36 83.10
CA GLU UA 52 69.06 8.21 84.03
C GLU UA 52 67.91 9.14 83.68
N VAL UA 53 68.22 10.32 83.18
CA VAL UA 53 67.18 11.26 82.78
C VAL UA 53 66.45 10.76 81.54
N GLN UA 54 67.18 10.13 80.61
CA GLN UA 54 66.57 9.56 79.42
C GLN UA 54 65.68 8.37 79.78
N ALA UA 55 66.07 7.58 80.78
CA ALA UA 55 65.25 6.45 81.19
C ALA UA 55 64.02 6.91 81.96
N SER UA 56 64.13 8.02 82.67
CA SER UA 56 63.00 8.52 83.45
C SER UA 56 61.98 9.24 82.57
N VAL UA 57 62.46 10.07 81.64
CA VAL UA 57 61.57 10.83 80.77
C VAL UA 57 60.82 9.90 79.82
N SER UA 58 61.48 8.84 79.36
CA SER UA 58 60.81 7.85 78.53
C SER UA 58 59.78 7.06 79.33
N ALA UA 59 60.05 6.80 80.60
CA ALA UA 59 59.09 6.08 81.43
C ALA UA 59 57.96 6.98 81.90
N GLY UA 60 58.26 8.26 82.14
CA GLY UA 60 57.21 9.19 82.51
C GLY UA 60 56.28 9.55 81.38
N THR UA 61 56.73 9.38 80.14
CA THR UA 61 55.89 9.67 78.99
C THR UA 61 54.82 8.59 78.80
N GLU UA 62 55.20 7.32 78.95
CA GLU UA 62 54.23 6.24 78.75
C GLU UA 62 53.27 6.11 79.91
N SER UA 63 53.60 6.67 81.07
CA SER UA 63 52.72 6.56 82.22
C SER UA 63 51.59 7.58 82.18
N VAL UA 64 51.70 8.62 81.36
CA VAL UA 64 50.61 9.57 81.21
C VAL UA 64 49.48 8.94 80.40
N LYS UA 65 49.81 7.96 79.55
CA LYS UA 65 48.81 7.26 78.75
C LYS UA 65 47.85 6.44 79.60
N ARG UA 66 48.24 6.05 80.81
CA ARG UA 66 47.32 5.39 81.73
C ARG UA 66 46.41 6.38 82.46
N VAL UA 67 46.71 7.67 82.41
CA VAL UA 67 45.86 8.69 83.00
C VAL UA 67 44.84 9.13 81.97
N ASN UA 68 43.55 8.97 82.27
CA ASN UA 68 42.49 9.42 81.39
C ASN UA 68 42.23 10.89 81.66
N GLY UA 69 42.49 11.73 80.66
CA GLY UA 69 42.30 13.16 80.79
C GLY UA 69 43.57 13.98 80.68
N GLY UA 70 44.74 13.33 80.57
CA GLY UA 70 45.98 14.04 80.43
C GLY UA 70 46.82 13.46 79.31
N GLN UA 71 47.62 14.35 78.69
CA GLN UA 71 48.45 13.96 77.57
C GLN UA 71 49.80 14.67 77.69
N VAL UA 72 50.83 14.03 77.16
CA VAL UA 72 52.17 14.62 77.11
C VAL UA 72 52.18 15.63 75.98
N LEU UA 73 52.49 16.89 76.30
CA LEU UA 73 52.58 17.91 75.26
C LEU UA 73 53.99 18.02 74.71
N SER UA 74 54.99 18.00 75.59
CA SER UA 74 56.36 18.19 75.16
C SER UA 74 57.30 17.54 76.16
N THR UA 75 58.34 16.89 75.64
CA THR UA 75 59.41 16.35 76.45
C THR UA 75 60.74 16.81 75.89
N HIS UA 76 61.70 17.04 76.77
CA HIS UA 76 63.04 17.37 76.33
C HIS UA 76 64.05 16.99 77.39
N ILE UA 77 65.27 16.68 76.93
CA ILE UA 77 66.38 16.28 77.77
C ILE UA 77 67.60 17.07 77.31
N ILE UA 78 68.25 17.76 78.25
CA ILE UA 78 69.50 18.47 77.99
C ILE UA 78 70.60 17.78 78.77
N ALA UA 79 71.65 17.35 78.07
CA ALA UA 79 72.66 16.47 78.65
C ALA UA 79 73.48 17.19 79.71
N ARG UA 80 73.80 18.46 79.48
CA ARG UA 80 74.48 19.28 80.47
C ARG UA 80 74.08 20.74 80.22
N PRO UA 81 73.17 21.28 81.02
CA PRO UA 81 72.77 22.68 80.82
C PRO UA 81 73.87 23.64 81.21
N HIS UA 82 73.80 24.82 80.61
CA HIS UA 82 74.71 25.91 80.94
C HIS UA 82 74.44 26.38 82.35
N GLU UA 83 75.48 26.94 82.99
CA GLU UA 83 75.35 27.42 84.36
C GLU UA 83 74.49 28.68 84.45
N ASN UA 84 74.24 29.34 83.31
CA ASN UA 84 73.33 30.47 83.27
C ASN UA 84 71.89 30.06 83.53
N LEU UA 85 71.52 28.83 83.18
CA LEU UA 85 70.11 28.43 83.21
C LEU UA 85 69.60 28.19 84.62
N GLU UA 86 70.47 27.85 85.57
CA GLU UA 86 70.00 27.59 86.93
C GLU UA 86 69.62 28.88 87.65
N TYR UA 87 70.18 30.01 87.22
CA TYR UA 87 69.88 31.26 87.90
C TYR UA 87 68.66 31.94 87.32
N VAL UA 88 68.28 31.59 86.08
CA VAL UA 88 67.12 32.21 85.46
C VAL UA 88 65.94 31.26 85.45
N LEU UA 89 66.15 30.05 85.01
CA LEU UA 89 65.09 29.06 84.89
C LEU UA 89 65.01 28.21 86.15
N PRO UA 90 63.81 27.76 86.55
CA PRO UA 90 63.66 26.97 87.78
C PRO UA 90 63.98 25.49 87.59
N ILE UA 91 65.22 25.21 87.19
CA ILE UA 91 65.70 23.84 87.00
C ILE UA 91 66.77 23.47 88.01
N ARG UA 92 67.03 24.32 89.00
CA ARG UA 92 68.11 24.07 89.94
C ARG UA 92 67.63 23.25 91.12
N TYR UA 93 68.59 22.68 91.85
CA TYR UA 93 68.29 21.95 93.07
C TYR UA 93 67.87 22.91 94.17
N THR UA 94 66.68 22.71 94.71
CA THR UA 94 66.26 23.46 95.88
C THR UA 94 66.81 22.80 97.14
N GLU UA 95 66.68 23.49 98.27
CA GLU UA 95 67.21 22.96 99.53
C GLU UA 95 66.35 21.85 100.10
N GLU UA 96 65.12 21.70 99.59
CA GLU UA 96 64.22 20.68 100.10
C GLU UA 96 64.53 19.32 99.50
N VAL UA 97 65.16 19.30 98.33
CA VAL UA 97 65.33 18.08 97.56
C VAL UA 97 66.78 17.59 97.57
N GLU UA 98 67.62 18.13 98.45
CA GLU UA 98 69.01 17.70 98.47
C GLU UA 98 69.19 16.34 99.14
N GLN UA 99 68.18 15.85 99.85
CA GLN UA 99 68.26 14.52 100.42
C GLN UA 99 68.02 13.44 99.38
N PHE UA 100 67.42 13.80 98.24
CA PHE UA 100 67.18 12.85 97.15
C PHE UA 100 68.23 12.92 96.06
N ARG UA 101 69.27 13.74 96.22
CA ARG UA 101 70.28 13.89 95.18
C ARG UA 101 71.26 12.73 95.20
N MET VA 1 91.65 1.34 53.30
CA MET VA 1 91.46 0.87 54.66
C MET VA 1 92.72 1.02 55.50
N GLN VA 2 92.53 1.01 56.81
CA GLN VA 2 93.63 1.05 57.77
C GLN VA 2 93.46 -0.11 58.74
N MET VA 3 94.58 -0.66 59.20
CA MET VA 3 94.57 -1.65 60.25
C MET VA 3 94.54 -0.95 61.60
N ALA VA 4 93.65 -1.40 62.47
CA ALA VA 4 93.50 -0.80 63.78
C ALA VA 4 93.27 -1.89 64.81
N LYS VA 5 93.55 -1.56 66.06
CA LYS VA 5 93.35 -2.44 67.19
C LYS VA 5 92.23 -1.88 68.06
N VAL VA 6 91.29 -2.74 68.45
CA VAL VA 6 90.17 -2.34 69.30
C VAL VA 6 90.72 -2.07 70.70
N CYS VA 7 90.68 -0.81 71.12
CA CYS VA 7 91.17 -0.46 72.45
C CYS VA 7 90.04 -0.15 73.40
N GLY VA 8 88.83 0.01 72.90
CA GLY VA 8 87.72 0.19 73.81
C GLY VA 8 86.44 0.59 73.11
N THR VA 9 85.50 1.07 73.92
CA THR VA 9 84.17 1.44 73.45
C THR VA 9 83.87 2.87 73.86
N VAL VA 10 83.10 3.56 73.01
CA VAL VA 10 82.61 4.91 73.29
C VAL VA 10 81.09 4.84 73.33
N VAL VA 11 80.50 5.29 74.42
CA VAL VA 11 79.05 5.30 74.60
C VAL VA 11 78.61 6.76 74.72
N GLY VA 12 77.69 7.15 73.86
CA GLY VA 12 77.07 8.46 73.98
C GLY VA 12 75.55 8.31 74.00
N THR VA 13 74.90 8.90 75.01
CA THR VA 13 73.46 8.79 75.11
C THR VA 13 72.73 9.93 74.44
N GLN VA 14 73.28 11.14 74.50
CA GLN VA 14 72.73 12.31 73.83
C GLN VA 14 73.38 12.40 72.45
N LYS VA 15 72.63 12.04 71.42
CA LYS VA 15 73.18 11.94 70.07
C LYS VA 15 72.09 12.25 69.07
N LEU VA 16 72.44 12.10 67.80
CA LEU VA 16 71.45 12.23 66.73
C LEU VA 16 70.54 11.02 66.71
N PRO VA 17 69.29 11.18 66.26
CA PRO VA 17 68.39 10.02 66.17
C PRO VA 17 68.83 8.99 65.15
N SER VA 18 69.59 9.39 64.13
CA SER VA 18 70.10 8.44 63.16
C SER VA 18 71.37 7.75 63.65
N MET VA 19 71.90 8.16 64.80
CA MET VA 19 73.08 7.50 65.37
C MET VA 19 72.71 6.42 66.37
N THR VA 20 71.44 6.09 66.54
CA THR VA 20 71.06 5.09 67.52
C THR VA 20 71.22 3.69 66.93
N GLY VA 21 71.50 2.72 67.81
CA GLY VA 21 71.81 1.37 67.38
C GLY VA 21 73.21 1.16 66.83
N VAL VA 22 74.00 2.22 66.71
CA VAL VA 22 75.35 2.15 66.15
C VAL VA 22 76.32 1.87 67.28
N LYS VA 23 77.05 0.77 67.17
CA LYS VA 23 78.06 0.40 68.16
C LYS VA 23 79.36 1.11 67.82
N LEU VA 24 79.87 1.89 68.76
CA LEU VA 24 81.04 2.74 68.55
C LEU VA 24 82.25 2.16 69.27
N LEU VA 25 83.27 1.80 68.50
CA LEU VA 25 84.50 1.26 69.04
C LEU VA 25 85.62 2.30 68.96
N LEU VA 26 86.39 2.39 70.03
CA LEU VA 26 87.60 3.19 70.06
C LEU VA 26 88.73 2.34 69.51
N LEU VA 27 89.27 2.72 68.37
CA LEU VA 27 90.23 1.92 67.63
C LEU VA 27 91.53 2.69 67.52
N GLN VA 28 92.62 2.09 67.95
CA GLN VA 28 93.94 2.68 67.79
C GLN VA 28 94.60 2.11 66.54
N PHE VA 29 95.12 2.98 65.69
CA PHE VA 29 95.74 2.53 64.46
C PHE VA 29 97.10 1.91 64.73
N ILE VA 30 97.35 0.79 64.08
CA ILE VA 30 98.62 0.08 64.14
C ILE VA 30 99.32 0.22 62.80
N ASP VA 31 100.65 0.16 62.81
CA ASP VA 31 101.38 0.32 61.56
C ASP VA 31 101.47 -1.01 60.82
N ALA VA 32 102.25 -1.02 59.73
CA ALA VA 32 102.47 -2.25 58.99
C ALA VA 32 103.40 -3.20 59.74
N ASN VA 33 104.19 -2.69 60.68
CA ASN VA 33 105.06 -3.56 61.47
C ASN VA 33 104.34 -4.17 62.66
N GLY VA 34 103.20 -3.61 63.04
CA GLY VA 34 102.42 -4.11 64.16
C GLY VA 34 102.46 -3.26 65.42
N GLU VA 35 103.20 -2.15 65.42
CA GLU VA 35 103.29 -1.28 66.58
C GLU VA 35 102.12 -0.31 66.59
N LEU VA 36 101.74 0.13 67.78
CA LEU VA 36 100.62 1.05 67.92
C LEU VA 36 101.05 2.46 67.55
N LEU VA 37 100.31 3.10 66.65
CA LEU VA 37 100.56 4.48 66.29
C LEU VA 37 99.83 5.41 67.26
N PRO VA 38 100.35 6.63 67.46
CA PRO VA 38 99.60 7.62 68.29
C PRO VA 38 98.50 8.31 67.50
N LYS VA 39 97.54 7.52 67.02
CA LYS VA 39 96.43 7.99 66.21
C LYS VA 39 95.28 7.02 66.40
N TYR VA 40 94.08 7.55 66.56
CA TYR VA 40 92.92 6.73 66.88
C TYR VA 40 91.76 7.08 65.95
N GLU VA 41 90.66 6.36 66.15
CA GLU VA 41 89.42 6.59 65.43
C GLU VA 41 88.28 6.02 66.27
N VAL VA 42 87.09 6.56 66.05
CA VAL VA 42 85.86 5.96 66.56
C VAL VA 42 85.05 5.54 65.36
N ALA VA 43 84.74 4.25 65.27
CA ALA VA 43 84.10 3.71 64.08
C ALA VA 43 82.87 2.90 64.46
N ALA VA 44 81.93 2.85 63.52
CA ALA VA 44 80.81 1.93 63.62
C ALA VA 44 81.30 0.50 63.43
N ASP VA 45 80.65 -0.44 64.11
CA ASP VA 45 81.08 -1.83 64.14
C ASP VA 45 79.94 -2.74 63.71
N PRO VA 46 79.74 -2.95 62.41
CA PRO VA 46 78.76 -3.95 61.97
C PRO VA 46 79.29 -5.37 62.09
N VAL VA 47 80.58 -5.57 61.85
CA VAL VA 47 81.24 -6.86 62.02
C VAL VA 47 81.65 -6.93 63.48
N GLY VA 48 81.06 -7.85 64.24
CA GLY VA 48 81.15 -7.81 65.69
C GLY VA 48 82.55 -8.05 66.21
N ALA VA 49 83.20 -6.99 66.69
CA ALA VA 49 84.60 -7.01 67.06
C ALA VA 49 84.75 -6.61 68.52
N GLY VA 50 85.58 -7.34 69.25
CA GLY VA 50 85.78 -7.10 70.66
C GLY VA 50 87.17 -6.57 70.98
N LEU VA 51 87.40 -6.38 72.28
CA LEU VA 51 88.59 -5.72 72.77
C LEU VA 51 89.86 -6.52 72.48
N GLY VA 52 90.78 -5.89 71.77
CA GLY VA 52 92.05 -6.50 71.44
C GLY VA 52 92.16 -7.01 70.02
N GLU VA 53 91.07 -7.06 69.27
CA GLU VA 53 91.12 -7.61 67.93
C GLU VA 53 91.75 -6.63 66.94
N TRP VA 54 92.19 -7.17 65.81
CA TRP VA 54 92.71 -6.39 64.70
C TRP VA 54 91.61 -6.24 63.67
N VAL VA 55 91.32 -5.01 63.27
CA VAL VA 55 90.22 -4.73 62.38
C VAL VA 55 90.72 -3.92 61.19
N LEU VA 56 89.97 -3.97 60.10
CA LEU VA 56 90.15 -3.08 58.97
C LEU VA 56 89.11 -1.98 59.04
N VAL VA 57 89.57 -0.73 58.95
CA VAL VA 57 88.73 0.44 59.12
C VAL VA 57 88.80 1.26 57.85
N ASN VA 58 87.66 1.51 57.23
CA ASN VA 58 87.62 2.47 56.15
C ASN VA 58 87.23 3.83 56.72
N ARG VA 59 87.36 4.88 55.91
CA ARG VA 59 86.92 6.18 56.36
C ARG VA 59 86.29 6.92 55.20
N GLY VA 60 85.50 7.93 55.53
CA GLY VA 60 84.82 8.74 54.54
C GLY VA 60 83.44 8.22 54.20
N SER VA 61 83.03 8.38 52.95
CA SER VA 61 81.71 7.95 52.53
C SER VA 61 81.61 6.45 52.31
N ALA VA 62 82.73 5.73 52.40
CA ALA VA 62 82.72 4.27 52.33
C ALA VA 62 82.09 3.65 53.56
N ALA VA 63 82.02 4.39 54.67
CA ALA VA 63 81.34 3.91 55.87
C ALA VA 63 79.83 3.85 55.70
N ARG VA 64 79.29 4.49 54.68
CA ARG VA 64 77.86 4.55 54.43
C ARG VA 64 77.42 3.64 53.29
N GLN VA 65 78.13 2.54 53.06
CA GLN VA 65 77.86 1.68 51.91
C GLN VA 65 77.17 0.38 52.27
N THR VA 66 77.01 0.07 53.56
CA THR VA 66 76.53 -1.24 53.98
C THR VA 66 75.02 -1.33 54.10
N GLU VA 67 74.30 -0.43 53.43
CA GLU VA 67 72.85 -0.37 53.19
C GLU VA 67 71.99 -0.25 54.45
N TYR VA 68 72.60 -0.20 55.63
CA TYR VA 68 71.92 0.29 56.82
C TYR VA 68 72.70 1.40 57.51
N HIS VA 69 73.81 1.84 56.92
CA HIS VA 69 74.53 3.03 57.35
C HIS VA 69 74.41 4.15 56.33
N GLN VA 70 73.42 4.07 55.43
CA GLN VA 70 73.44 4.87 54.20
C GLN VA 70 73.18 6.34 54.48
N ASN VA 71 72.21 6.65 55.35
CA ASN VA 71 71.89 8.03 55.67
C ASN VA 71 72.30 8.37 57.09
N ARG VA 72 73.27 7.65 57.63
CA ARG VA 72 73.82 7.80 58.96
C ARG VA 72 75.10 8.63 58.91
N PRO VA 73 75.27 9.56 59.84
CA PRO VA 73 76.46 10.44 59.84
C PRO VA 73 77.71 9.74 60.35
N LEU VA 74 78.21 8.79 59.56
CA LEU VA 74 79.35 7.97 59.93
C LEU VA 74 80.46 8.19 58.92
N ASP VA 75 81.68 8.40 59.42
CA ASP VA 75 82.85 8.55 58.56
C ASP VA 75 83.94 7.54 58.89
N ALA VA 76 83.60 6.46 59.57
CA ALA VA 76 84.53 5.40 59.93
C ALA VA 76 83.73 4.15 60.26
N MET VA 77 84.21 3.00 59.80
CA MET VA 77 83.48 1.76 59.96
C MET VA 77 84.44 0.59 59.94
N VAL VA 78 84.27 -0.34 60.87
CA VAL VA 78 84.98 -1.61 60.80
C VAL VA 78 84.34 -2.45 59.70
N VAL VA 79 85.14 -2.79 58.68
CA VAL VA 79 84.63 -3.57 57.57
C VAL VA 79 85.06 -5.03 57.62
N ALA VA 80 86.10 -5.35 58.39
CA ALA VA 80 86.62 -6.70 58.46
C ALA VA 80 87.36 -6.88 59.77
N ILE VA 81 87.30 -8.10 60.30
CA ILE VA 81 88.17 -8.51 61.38
C ILE VA 81 89.35 -9.23 60.74
N ILE VA 82 90.56 -8.79 61.08
CA ILE VA 82 91.76 -9.30 60.43
C ILE VA 82 92.04 -10.71 60.94
N ASP VA 83 92.14 -11.66 60.02
CA ASP VA 83 92.57 -13.02 60.33
C ASP VA 83 94.08 -13.16 60.25
N THR VA 84 94.68 -12.72 59.15
CA THR VA 84 96.09 -12.94 58.89
C THR VA 84 96.67 -11.72 58.18
N VAL VA 85 97.80 -11.23 58.67
CA VAL VA 85 98.63 -10.26 57.96
C VAL VA 85 99.92 -10.94 57.58
N THR VA 86 100.19 -11.01 56.29
CA THR VA 86 101.43 -11.59 55.77
C THR VA 86 102.23 -10.47 55.13
N VAL VA 87 103.43 -10.21 55.66
CA VAL VA 87 104.31 -9.18 55.14
C VAL VA 87 105.59 -9.85 54.65
N ASN VA 88 105.90 -9.66 53.36
CA ASN VA 88 107.09 -10.21 52.69
C ASN VA 88 107.15 -11.73 52.82
N ASN VA 89 106.00 -12.37 52.56
CA ASN VA 89 105.72 -13.80 52.69
C ASN VA 89 105.95 -14.34 54.09
N ARG VA 90 105.97 -13.48 55.11
CA ARG VA 90 106.12 -13.87 56.50
C ARG VA 90 104.86 -13.43 57.24
N ARG VA 91 104.26 -14.35 57.99
CA ARG VA 91 103.05 -14.04 58.73
C ARG VA 91 103.34 -13.12 59.90
N LEU VA 92 102.75 -11.92 59.87
CA LEU VA 92 102.88 -10.94 60.93
C LEU VA 92 101.82 -11.11 62.01
N TYR VA 93 100.60 -11.50 61.64
CA TYR VA 93 99.49 -11.62 62.56
C TYR VA 93 98.72 -12.88 62.22
N GLY VA 94 98.19 -13.52 63.26
CA GLY VA 94 97.40 -14.73 63.08
C GLY VA 94 98.18 -16.00 63.32
N ALA WA 2 27.29 -97.01 54.58
CA ALA WA 2 28.18 -97.01 55.73
C ALA WA 2 27.89 -95.81 56.64
N VAL WA 3 28.86 -95.50 57.50
CA VAL WA 3 28.77 -94.34 58.38
C VAL WA 3 28.80 -93.07 57.53
N ALA WA 4 27.96 -92.09 57.90
CA ALA WA 4 27.75 -90.89 57.09
C ALA WA 4 29.02 -90.06 56.95
N VAL WA 5 29.15 -89.38 55.82
CA VAL WA 5 30.33 -88.60 55.49
C VAL WA 5 29.90 -87.18 55.16
N GLY WA 6 30.57 -86.20 55.74
CA GLY WA 6 30.35 -84.80 55.42
C GLY WA 6 31.63 -84.17 54.89
N MET WA 7 31.47 -83.27 53.94
CA MET WA 7 32.60 -82.60 53.31
C MET WA 7 32.32 -81.11 53.27
N ILE WA 8 33.33 -80.31 53.63
CA ILE WA 8 33.29 -78.87 53.44
C ILE WA 8 34.51 -78.49 52.63
N GLU WA 9 34.29 -77.95 51.43
CA GLU WA 9 35.36 -77.46 50.58
C GLU WA 9 35.47 -75.96 50.71
N THR WA 10 36.66 -75.49 51.10
CA THR WA 10 36.92 -74.07 51.24
C THR WA 10 38.05 -73.66 50.29
N LEU WA 11 38.12 -72.36 50.05
CA LEU WA 11 39.23 -71.77 49.30
C LEU WA 11 40.19 -71.17 50.32
N GLY WA 12 41.22 -71.93 50.67
CA GLY WA 12 42.18 -71.46 51.64
C GLY WA 12 42.36 -72.37 52.83
N PHE WA 13 43.58 -72.43 53.36
CA PHE WA 13 43.92 -73.25 54.52
C PHE WA 13 43.47 -72.69 55.87
N PRO WA 14 43.47 -71.37 56.17
CA PRO WA 14 42.84 -70.94 57.42
C PRO WA 14 41.33 -71.15 57.45
N ALA WA 15 40.67 -71.17 56.30
CA ALA WA 15 39.23 -71.41 56.29
C ALA WA 15 38.92 -72.90 56.46
N VAL WA 16 39.85 -73.77 56.07
CA VAL WA 16 39.56 -75.20 56.14
C VAL WA 16 39.89 -75.75 57.51
N VAL WA 17 40.75 -75.04 58.26
CA VAL WA 17 41.04 -75.47 59.63
C VAL WA 17 39.93 -75.01 60.56
N GLU WA 18 39.38 -73.81 60.33
CA GLU WA 18 38.20 -73.38 61.06
C GLU WA 18 36.99 -74.25 60.70
N ALA WA 19 36.90 -74.69 59.44
CA ALA WA 19 35.85 -75.65 59.08
C ALA WA 19 36.06 -76.97 59.79
N ALA WA 20 37.29 -77.45 59.86
CA ALA WA 20 37.56 -78.72 60.53
C ALA WA 20 37.41 -78.59 62.05
N ASP WA 21 37.75 -77.44 62.60
CA ASP WA 21 37.66 -77.26 64.04
C ASP WA 21 36.23 -77.08 64.51
N ALA WA 22 35.42 -76.34 63.75
CA ALA WA 22 34.04 -76.11 64.17
C ALA WA 22 33.17 -77.33 63.94
N MET WA 23 33.58 -78.23 63.05
CA MET WA 23 32.79 -79.42 62.79
C MET WA 23 32.91 -80.41 63.95
N VAL WA 24 34.12 -80.62 64.45
CA VAL WA 24 34.29 -81.60 65.53
C VAL WA 24 33.96 -80.97 66.88
N LYS WA 25 33.73 -79.65 66.92
CA LYS WA 25 33.31 -79.01 68.14
C LYS WA 25 31.79 -78.86 68.21
N ALA WA 26 31.11 -78.93 67.07
CA ALA WA 26 29.66 -78.77 67.08
C ALA WA 26 28.95 -80.07 67.42
N ALA WA 27 29.53 -81.20 67.02
CA ALA WA 27 28.87 -82.49 67.19
C ALA WA 27 29.91 -83.57 67.35
N ARG WA 28 29.43 -84.81 67.53
CA ARG WA 28 30.28 -85.97 67.75
C ARG WA 28 30.62 -86.60 66.40
N VAL WA 29 31.46 -85.89 65.65
CA VAL WA 29 31.96 -86.39 64.37
C VAL WA 29 33.46 -86.63 64.52
N THR WA 30 34.01 -87.40 63.59
CA THR WA 30 35.43 -87.68 63.53
C THR WA 30 35.99 -87.12 62.24
N LEU WA 31 36.82 -86.09 62.35
CA LEU WA 31 37.57 -85.59 61.20
C LEU WA 31 38.58 -86.65 60.79
N VAL WA 32 38.39 -87.24 59.63
CA VAL WA 32 39.23 -88.34 59.18
C VAL WA 32 40.15 -87.94 58.03
N GLY WA 33 39.85 -86.89 57.30
CA GLY WA 33 40.48 -86.69 56.01
C GLY WA 33 40.75 -85.23 55.74
N TYR WA 34 41.60 -85.01 54.74
CA TYR WA 34 42.11 -83.70 54.38
C TYR WA 34 42.58 -83.77 52.94
N GLU WA 35 41.85 -83.13 52.04
CA GLU WA 35 42.07 -83.35 50.62
C GLU WA 35 42.30 -82.04 49.90
N LYS WA 36 43.42 -81.96 49.18
CA LYS WA 36 43.75 -80.82 48.33
C LYS WA 36 43.68 -81.28 46.88
N ILE WA 37 42.93 -80.54 46.07
CA ILE WA 37 42.70 -80.90 44.68
C ILE WA 37 43.21 -79.82 43.72
N GLY WA 38 43.94 -78.84 44.24
CA GLY WA 38 44.49 -77.79 43.41
C GLY WA 38 43.66 -76.52 43.41
N THR WA 39 44.32 -75.44 43.02
CA THR WA 39 43.82 -74.05 43.04
C THR WA 39 43.22 -73.65 44.38
N GLY WA 40 43.81 -74.11 45.49
CA GLY WA 40 43.36 -73.69 46.79
C GLY WA 40 42.07 -74.31 47.27
N ARG WA 41 41.43 -75.15 46.47
CA ARG WA 41 40.23 -75.86 46.88
C ARG WA 41 40.64 -76.97 47.84
N VAL WA 42 40.36 -76.79 49.12
CA VAL WA 42 40.78 -77.72 50.17
C VAL WA 42 39.53 -78.26 50.86
N THR WA 43 39.47 -79.56 51.03
CA THR WA 43 38.30 -80.23 51.59
C THR WA 43 38.69 -81.01 52.84
N VAL WA 44 37.93 -80.84 53.90
CA VAL WA 44 38.01 -81.68 55.09
C VAL WA 44 36.82 -82.62 55.11
N ILE WA 45 37.04 -83.83 55.61
CA ILE WA 45 36.07 -84.91 55.55
C ILE WA 45 35.83 -85.42 56.96
N VAL WA 46 34.58 -85.38 57.41
CA VAL WA 46 34.22 -85.90 58.72
C VAL WA 46 33.34 -87.13 58.54
N ARG WA 47 33.39 -88.02 59.52
CA ARG WA 47 32.52 -89.18 59.59
C ARG WA 47 31.76 -89.15 60.91
N GLY WA 48 30.60 -89.81 60.92
CA GLY WA 48 29.82 -89.89 62.14
C GLY WA 48 28.39 -90.22 61.81
N ASP WA 49 27.54 -90.14 62.83
CA ASP WA 49 26.12 -90.34 62.63
C ASP WA 49 25.52 -89.19 61.84
N VAL WA 50 24.34 -89.44 61.27
CA VAL WA 50 23.72 -88.49 60.35
C VAL WA 50 23.28 -87.23 61.07
N SER WA 51 22.82 -87.37 62.32
CA SER WA 51 22.46 -86.21 63.13
C SER WA 51 23.69 -85.38 63.48
N GLU WA 52 24.83 -86.03 63.71
CA GLU WA 52 26.05 -85.31 64.02
C GLU WA 52 26.65 -84.64 62.79
N VAL WA 53 26.63 -85.34 61.64
CA VAL WA 53 27.26 -84.81 60.43
C VAL WA 53 26.45 -83.65 59.87
N GLN WA 54 25.12 -83.74 59.94
CA GLN WA 54 24.27 -82.62 59.52
C GLN WA 54 24.45 -81.40 60.41
N ALA WA 55 24.67 -81.63 61.71
CA ALA WA 55 24.88 -80.52 62.62
C ALA WA 55 26.26 -79.92 62.45
N SER WA 56 27.26 -80.77 62.18
CA SER WA 56 28.63 -80.29 62.07
C SER WA 56 28.86 -79.51 60.79
N VAL WA 57 28.34 -80.02 59.66
CA VAL WA 57 28.56 -79.38 58.37
C VAL WA 57 27.81 -78.06 58.30
N SER WA 58 26.61 -78.00 58.89
CA SER WA 58 25.86 -76.75 58.91
C SER WA 58 26.49 -75.72 59.82
N ALA WA 59 27.11 -76.17 60.93
CA ALA WA 59 27.80 -75.23 61.81
C ALA WA 59 29.20 -74.92 61.31
N GLY WA 60 29.82 -75.88 60.63
CA GLY WA 60 31.12 -75.63 60.03
C GLY WA 60 31.06 -74.68 58.85
N THR WA 61 29.91 -74.60 58.18
CA THR WA 61 29.75 -73.68 57.06
C THR WA 61 29.64 -72.24 57.56
N GLU WA 62 28.89 -72.02 58.63
CA GLU WA 62 28.70 -70.67 59.15
C GLU WA 62 29.94 -70.13 59.83
N SER WA 63 30.82 -71.02 60.29
CA SER WA 63 32.04 -70.56 60.96
C SER WA 63 33.09 -70.07 59.98
N VAL WA 64 33.08 -70.59 58.74
CA VAL WA 64 34.02 -70.13 57.72
C VAL WA 64 33.74 -68.70 57.29
N LYS WA 65 32.49 -68.28 57.28
CA LYS WA 65 32.16 -66.88 57.01
C LYS WA 65 32.20 -66.04 58.28
N ARG WA 66 33.26 -66.23 59.06
CA ARG WA 66 33.65 -65.42 60.20
C ARG WA 66 35.16 -65.31 60.15
N VAL WA 67 35.75 -65.92 59.12
CA VAL WA 67 37.18 -65.86 58.84
C VAL WA 67 37.38 -64.86 57.71
N ASN WA 68 38.34 -63.95 57.88
CA ASN WA 68 38.64 -62.99 56.82
C ASN WA 68 39.40 -63.70 55.71
N GLY WA 69 38.91 -63.53 54.48
CA GLY WA 69 39.48 -64.27 53.37
C GLY WA 69 38.98 -65.70 53.25
N GLY WA 70 37.98 -66.07 54.05
CA GLY WA 70 37.45 -67.42 54.04
C GLY WA 70 36.22 -67.49 53.14
N GLN WA 71 36.12 -68.58 52.40
CA GLN WA 71 35.05 -68.78 51.43
C GLN WA 71 34.71 -70.26 51.34
N VAL WA 72 33.44 -70.58 51.54
CA VAL WA 72 32.94 -71.94 51.36
C VAL WA 72 32.67 -72.14 49.88
N LEU WA 73 33.33 -73.11 49.26
CA LEU WA 73 33.08 -73.40 47.87
C LEU WA 73 31.96 -74.42 47.71
N SER WA 74 32.01 -75.50 48.48
CA SER WA 74 31.06 -76.59 48.31
C SER WA 74 30.96 -77.38 49.60
N THR WA 75 29.72 -77.69 49.99
CA THR WA 75 29.46 -78.53 51.15
C THR WA 75 28.52 -79.65 50.73
N HIS WA 76 28.68 -80.81 51.35
CA HIS WA 76 27.79 -81.93 51.06
C HIS WA 76 27.80 -82.91 52.23
N ILE WA 77 26.67 -83.58 52.41
CA ILE WA 77 26.51 -84.67 53.37
C ILE WA 77 25.96 -85.87 52.62
N ILE WA 78 26.63 -87.01 52.72
CA ILE WA 78 26.12 -88.28 52.25
C ILE WA 78 25.79 -89.11 53.47
N ALA WA 79 24.49 -89.36 53.69
CA ALA WA 79 24.03 -89.98 54.93
C ALA WA 79 24.39 -91.45 55.00
N ARG WA 80 24.49 -92.11 53.85
CA ARG WA 80 24.77 -93.55 53.80
C ARG WA 80 25.60 -93.81 52.56
N PRO WA 81 26.92 -93.61 52.64
CA PRO WA 81 27.77 -93.89 51.49
C PRO WA 81 27.94 -95.38 51.27
N HIS WA 82 28.10 -95.74 50.00
CA HIS WA 82 28.35 -97.12 49.62
C HIS WA 82 29.71 -97.57 50.15
N GLU WA 83 29.81 -98.87 50.41
CA GLU WA 83 31.06 -99.43 50.92
C GLU WA 83 32.15 -99.50 49.86
N ASN WA 84 31.81 -99.25 48.58
CA ASN WA 84 32.81 -99.10 47.54
C ASN WA 84 33.62 -97.83 47.71
N LEU WA 85 33.04 -96.79 48.33
CA LEU WA 85 33.62 -95.46 48.30
C LEU WA 85 34.81 -95.31 49.24
N GLU WA 86 34.83 -96.07 50.34
CA GLU WA 86 35.92 -95.93 51.31
C GLU WA 86 37.23 -96.50 50.77
N TYR WA 87 37.16 -97.42 49.82
CA TYR WA 87 38.37 -98.03 49.30
C TYR WA 87 38.98 -97.18 48.18
N VAL WA 88 38.18 -96.34 47.55
CA VAL WA 88 38.69 -95.55 46.42
C VAL WA 88 38.91 -94.11 46.85
N LEU WA 89 37.95 -93.54 47.52
CA LEU WA 89 38.04 -92.15 47.93
C LEU WA 89 38.65 -92.04 49.32
N PRO WA 90 39.39 -90.96 49.60
CA PRO WA 90 40.00 -90.78 50.93
C PRO WA 90 39.02 -90.26 51.98
N ILE WA 91 37.96 -91.02 52.22
CA ILE WA 91 36.95 -90.69 53.22
C ILE WA 91 36.89 -91.71 54.33
N ARG WA 92 37.84 -92.64 54.39
CA ARG WA 92 37.75 -93.73 55.35
C ARG WA 92 38.49 -93.37 56.64
N TYR WA 93 38.18 -94.14 57.67
CA TYR WA 93 38.86 -93.99 58.95
C TYR WA 93 40.30 -94.49 58.85
N THR WA 94 41.23 -93.63 59.23
CA THR WA 94 42.63 -94.05 59.36
C THR WA 94 42.89 -94.46 60.80
N GLU WA 95 44.08 -95.04 61.03
CA GLU WA 95 44.41 -95.50 62.36
C GLU WA 95 44.82 -94.33 63.26
N GLU WA 96 45.09 -93.18 62.67
CA GLU WA 96 45.40 -91.98 63.46
C GLU WA 96 44.15 -91.44 64.15
N VAL WA 97 42.97 -91.72 63.59
CA VAL WA 97 41.73 -91.15 64.09
C VAL WA 97 40.82 -92.22 64.69
N GLU WA 98 41.36 -93.39 65.03
CA GLU WA 98 40.53 -94.44 65.63
C GLU WA 98 40.19 -94.16 67.09
N GLN WA 99 40.89 -93.23 67.74
CA GLN WA 99 40.56 -92.90 69.12
C GLN WA 99 39.35 -91.97 69.20
N PHE WA 100 39.01 -91.30 68.11
CA PHE WA 100 37.91 -90.35 68.10
C PHE WA 100 36.61 -90.93 67.56
N ARG WA 101 36.61 -92.17 67.10
CA ARG WA 101 35.40 -92.77 66.55
C ARG WA 101 34.41 -93.14 67.64
N ALA XA 2 37.97 -104.50 26.99
CA ALA XA 2 37.59 -104.89 28.35
C ALA XA 2 36.16 -104.47 28.65
N VAL XA 3 35.78 -104.51 29.93
CA VAL XA 3 34.45 -104.09 30.33
C VAL XA 3 34.42 -102.56 30.36
N ALA XA 4 33.22 -101.98 30.31
CA ALA XA 4 33.08 -100.56 29.95
C ALA XA 4 33.58 -99.63 31.06
N VAL XA 5 33.95 -98.42 30.65
CA VAL XA 5 34.49 -97.40 31.53
C VAL XA 5 33.54 -96.22 31.53
N GLY XA 6 33.21 -95.71 32.71
CA GLY XA 6 32.51 -94.45 32.83
C GLY XA 6 33.29 -93.49 33.68
N MET XA 7 33.38 -92.24 33.21
CA MET XA 7 34.11 -91.20 33.90
C MET XA 7 33.23 -89.97 34.06
N ILE XA 8 33.20 -89.43 35.27
CA ILE XA 8 32.58 -88.13 35.53
C ILE XA 8 33.66 -87.22 36.11
N GLU XA 9 33.91 -86.11 35.43
CA GLU XA 9 34.84 -85.11 35.92
C GLU XA 9 34.07 -83.94 36.50
N THR XA 10 34.33 -83.63 37.77
CA THR XA 10 33.67 -82.52 38.44
C THR XA 10 34.69 -81.49 38.88
N LEU XA 11 34.20 -80.28 39.13
CA LEU XA 11 34.99 -79.22 39.74
C LEU XA 11 34.68 -79.23 41.23
N GLY XA 12 35.56 -79.86 42.00
CA GLY XA 12 35.36 -79.92 43.43
C GLY XA 12 35.26 -81.34 43.97
N PHE XA 13 35.76 -81.55 45.17
CA PHE XA 13 35.73 -82.84 45.82
C PHE XA 13 34.39 -83.23 46.46
N PRO XA 14 33.58 -82.34 47.06
CA PRO XA 14 32.23 -82.80 47.47
C PRO XA 14 31.33 -83.17 46.31
N ALA XA 15 31.56 -82.63 45.11
CA ALA XA 15 30.76 -83.00 43.96
C ALA XA 15 31.17 -84.35 43.40
N VAL XA 16 32.41 -84.77 43.64
CA VAL XA 16 32.90 -86.00 43.02
C VAL XA 16 32.57 -87.19 43.91
N VAL XA 17 32.29 -86.96 45.19
CA VAL XA 17 31.93 -88.05 46.09
C VAL XA 17 30.43 -88.33 45.99
N GLU XA 18 29.63 -87.28 45.77
CA GLU XA 18 28.21 -87.46 45.51
C GLU XA 18 27.99 -88.08 44.13
N ALA XA 19 28.84 -87.73 43.16
CA ALA XA 19 28.76 -88.38 41.86
C ALA XA 19 29.15 -89.85 41.94
N ALA XA 20 30.18 -90.16 42.74
CA ALA XA 20 30.61 -91.55 42.87
C ALA XA 20 29.61 -92.36 43.69
N ASP XA 21 28.95 -91.74 44.67
CA ASP XA 21 27.98 -92.47 45.47
C ASP XA 21 26.68 -92.68 44.71
N ALA XA 22 26.33 -91.74 43.82
CA ALA XA 22 25.14 -91.92 43.01
C ALA XA 22 25.36 -92.98 41.94
N MET XA 23 26.61 -93.15 41.49
CA MET XA 23 26.89 -94.08 40.40
C MET XA 23 26.77 -95.53 40.85
N VAL XA 24 27.37 -95.86 42.01
CA VAL XA 24 27.39 -97.24 42.44
C VAL XA 24 26.07 -97.64 43.08
N LYS XA 25 25.20 -96.67 43.37
CA LYS XA 25 23.87 -97.00 43.85
C LYS XA 25 22.88 -97.15 42.70
N ALA XA 26 23.13 -96.47 41.58
CA ALA XA 26 22.17 -96.47 40.49
C ALA XA 26 22.22 -97.77 39.70
N ALA XA 27 23.39 -98.40 39.59
CA ALA XA 27 23.53 -99.57 38.74
C ALA XA 27 24.64 -100.46 39.29
N ARG XA 28 24.89 -101.56 38.57
CA ARG XA 28 25.86 -102.57 38.97
C ARG XA 28 27.23 -102.21 38.40
N VAL XA 29 27.74 -101.07 38.81
CA VAL XA 29 29.06 -100.62 38.42
C VAL XA 29 29.97 -100.70 39.64
N THR XA 30 31.27 -100.75 39.39
CA THR XA 30 32.28 -100.75 40.43
C THR XA 30 33.10 -99.48 40.30
N LEU XA 31 33.06 -98.63 41.31
CA LEU XA 31 33.98 -97.50 41.40
C LEU XA 31 35.39 -98.05 41.63
N VAL XA 32 36.26 -97.85 40.65
CA VAL XA 32 37.61 -98.39 40.73
C VAL XA 32 38.67 -97.31 40.83
N GLY XA 33 38.37 -96.08 40.48
CA GLY XA 33 39.40 -95.09 40.26
C GLY XA 33 38.97 -93.72 40.73
N TYR XA 34 39.98 -92.88 40.96
CA TYR XA 34 39.78 -91.53 41.46
C TYR XA 34 41.01 -90.74 41.09
N GLU XA 35 40.85 -89.73 40.25
CA GLU XA 35 41.98 -89.09 39.61
C GLU XA 35 41.91 -87.58 39.78
N LYS XA 36 43.03 -87.00 40.21
CA LYS XA 36 43.20 -85.55 40.31
C LYS XA 36 44.18 -85.10 39.25
N ILE XA 37 43.80 -84.12 38.44
CA ILE XA 37 44.63 -83.62 37.36
C ILE XA 37 44.93 -82.13 37.50
N GLY XA 38 44.49 -81.50 38.59
CA GLY XA 38 44.75 -80.10 38.83
C GLY XA 38 43.58 -79.20 38.49
N THR XA 39 43.69 -77.96 38.95
CA THR XA 39 42.64 -76.92 38.95
C THR XA 39 41.30 -77.39 39.49
N GLY XA 40 41.30 -78.27 40.48
CA GLY XA 40 40.07 -78.77 41.03
C GLY XA 40 39.31 -79.74 40.14
N ARG XA 41 39.90 -80.17 39.02
CA ARG XA 41 39.27 -81.12 38.13
C ARG XA 41 39.52 -82.53 38.67
N VAL XA 42 38.48 -83.14 39.21
CA VAL XA 42 38.57 -84.44 39.86
C VAL XA 42 37.68 -85.41 39.10
N THR XA 43 38.20 -86.60 38.81
CA THR XA 43 37.50 -87.60 38.01
C THR XA 43 37.38 -88.89 38.80
N VAL XA 44 36.17 -89.45 38.84
CA VAL XA 44 35.94 -90.79 39.36
C VAL XA 44 35.61 -91.71 38.19
N ILE XA 45 36.08 -92.95 38.28
CA ILE XA 45 36.01 -93.92 37.20
C ILE XA 45 35.23 -95.14 37.68
N VAL XA 46 34.19 -95.51 36.94
CA VAL XA 46 33.43 -96.71 37.25
C VAL XA 46 33.63 -97.74 36.14
N ARG XA 47 33.51 -99.01 36.50
CA ARG XA 47 33.58 -100.11 35.56
C ARG XA 47 32.34 -100.99 35.69
N GLY XA 48 31.82 -101.42 34.55
CA GLY XA 48 30.70 -102.33 34.53
C GLY XA 48 30.26 -102.57 33.10
N ASP XA 49 29.12 -103.23 32.95
CA ASP XA 49 28.53 -103.38 31.64
C ASP XA 49 28.07 -102.03 31.12
N VAL XA 50 28.02 -101.90 29.79
CA VAL XA 50 27.79 -100.61 29.15
C VAL XA 50 26.40 -100.06 29.45
N SER XA 51 25.40 -100.93 29.66
CA SER XA 51 24.08 -100.47 30.06
C SER XA 51 24.08 -99.99 31.50
N GLU XA 52 24.84 -100.68 32.36
CA GLU XA 52 24.95 -100.25 33.75
C GLU XA 52 25.81 -99.00 33.88
N VAL XA 53 26.84 -98.88 33.04
CA VAL XA 53 27.71 -97.71 33.09
C VAL XA 53 26.96 -96.48 32.56
N GLN XA 54 26.14 -96.67 31.53
CA GLN XA 54 25.32 -95.57 31.02
C GLN XA 54 24.27 -95.13 32.02
N ALA XA 55 23.70 -96.09 32.76
CA ALA XA 55 22.68 -95.75 33.75
C ALA XA 55 23.30 -95.06 34.96
N SER XA 56 24.55 -95.39 35.27
CA SER XA 56 25.19 -94.81 36.44
C SER XA 56 25.74 -93.43 36.16
N VAL XA 57 26.41 -93.27 35.01
CA VAL XA 57 27.07 -92.00 34.68
C VAL XA 57 26.05 -90.89 34.48
N SER XA 58 24.89 -91.22 33.90
CA SER XA 58 23.82 -90.23 33.79
C SER XA 58 23.21 -89.91 35.14
N ALA XA 59 23.15 -90.90 36.04
CA ALA XA 59 22.59 -90.66 37.36
C ALA XA 59 23.58 -89.93 38.26
N GLY XA 60 24.88 -90.16 38.04
CA GLY XA 60 25.88 -89.42 38.79
C GLY XA 60 26.00 -87.97 38.36
N THR XA 61 25.57 -87.66 37.13
CA THR XA 61 25.60 -86.28 36.66
C THR XA 61 24.48 -85.46 37.28
N GLU XA 62 23.30 -86.07 37.47
CA GLU XA 62 22.18 -85.33 38.03
C GLU XA 62 22.34 -85.09 39.53
N SER XA 63 23.10 -85.93 40.22
CA SER XA 63 23.25 -85.79 41.66
C SER XA 63 24.24 -84.70 42.04
N VAL XA 64 25.06 -84.23 41.10
CA VAL XA 64 25.94 -83.10 41.37
C VAL XA 64 25.14 -81.81 41.51
N LYS XA 65 23.96 -81.74 40.89
CA LYS XA 65 23.07 -80.60 41.07
C LYS XA 65 22.52 -80.52 42.49
N ARG XA 66 22.51 -81.63 43.23
CA ARG XA 66 22.18 -81.57 44.65
C ARG XA 66 23.26 -80.84 45.44
N VAL XA 67 24.51 -80.96 45.00
CA VAL XA 67 25.62 -80.32 45.70
C VAL XA 67 25.67 -78.85 45.33
N ASN XA 68 25.69 -77.98 46.35
CA ASN XA 68 25.89 -76.56 46.13
C ASN XA 68 27.37 -76.31 45.85
N GLY XA 69 27.65 -75.54 44.81
CA GLY XA 69 29.03 -75.33 44.41
C GLY XA 69 29.65 -76.49 43.65
N GLY XA 70 28.83 -77.46 43.24
CA GLY XA 70 29.30 -78.58 42.46
C GLY XA 70 28.94 -78.41 41.00
N GLN XA 71 29.84 -78.84 40.12
CA GLN XA 71 29.69 -78.64 38.70
C GLN XA 71 30.37 -79.78 37.94
N VAL XA 72 29.61 -80.45 37.08
CA VAL XA 72 30.14 -81.51 36.23
C VAL XA 72 30.86 -80.83 35.06
N LEU XA 73 32.14 -81.15 34.89
CA LEU XA 73 32.90 -80.57 33.79
C LEU XA 73 32.81 -81.44 32.54
N SER XA 74 33.01 -82.75 32.69
CA SER XA 74 33.03 -83.64 31.54
C SER XA 74 32.63 -85.03 31.97
N THR XA 75 31.80 -85.66 31.15
CA THR XA 75 31.44 -87.07 31.32
C THR XA 75 31.76 -87.80 30.03
N HIS XA 76 32.14 -89.06 30.17
CA HIS XA 76 32.34 -89.91 29.00
C HIS XA 76 32.18 -91.37 29.38
N ILE XA 77 31.72 -92.16 28.41
CA ILE XA 77 31.53 -93.59 28.55
C ILE XA 77 32.22 -94.27 27.38
N ILE XA 78 33.15 -95.18 27.68
CA ILE XA 78 33.80 -96.01 26.68
C ILE XA 78 33.26 -97.42 26.84
N ALA XA 79 32.57 -97.91 25.80
CA ALA XA 79 31.84 -99.17 25.90
C ALA XA 79 32.76 -100.38 25.93
N ARG XA 80 33.88 -100.30 25.21
CA ARG XA 80 34.81 -101.42 25.10
C ARG XA 80 36.20 -100.86 25.01
N PRO XA 81 36.83 -100.55 26.15
CA PRO XA 81 38.18 -100.01 26.11
C PRO XA 81 39.20 -101.06 25.73
N HIS XA 82 40.27 -100.60 25.09
CA HIS XA 82 41.37 -101.47 24.74
C HIS XA 82 42.09 -101.96 25.99
N GLU XA 83 42.75 -103.11 25.86
CA GLU XA 83 43.47 -103.69 26.99
C GLU XA 83 44.72 -102.91 27.36
N ASN XA 84 45.20 -102.05 26.47
CA ASN XA 84 46.35 -101.20 26.74
C ASN XA 84 46.04 -100.14 27.79
N LEU XA 85 44.77 -99.75 27.91
CA LEU XA 85 44.41 -98.60 28.73
C LEU XA 85 44.44 -98.90 30.22
N GLU XA 86 44.28 -100.17 30.61
CA GLU XA 86 44.23 -100.48 32.04
C GLU XA 86 45.63 -100.56 32.64
N TYR XA 87 46.65 -100.68 31.80
CA TYR XA 87 48.01 -100.78 32.32
C TYR XA 87 48.67 -99.41 32.39
N VAL XA 88 48.09 -98.41 31.72
CA VAL XA 88 48.64 -97.06 31.77
C VAL XA 88 47.73 -96.13 32.57
N LEU XA 89 46.49 -96.07 32.20
CA LEU XA 89 45.55 -95.17 32.85
C LEU XA 89 44.95 -95.83 34.08
N PRO XA 90 44.60 -95.04 35.12
CA PRO XA 90 44.00 -95.61 36.34
C PRO XA 90 42.51 -95.92 36.19
N ILE XA 91 42.19 -96.81 35.25
CA ILE XA 91 40.83 -97.29 35.04
C ILE XA 91 40.70 -98.76 35.36
N ARG XA 92 41.72 -99.39 35.94
CA ARG XA 92 41.72 -100.83 36.12
C ARG XA 92 41.15 -101.21 37.48
N TYR XA 93 40.75 -102.48 37.58
CA TYR XA 93 40.35 -103.04 38.86
C TYR XA 93 41.56 -103.26 39.74
N THR XA 94 41.55 -102.64 40.91
CA THR XA 94 42.57 -102.92 41.92
C THR XA 94 42.13 -104.07 42.80
N GLU XA 95 43.04 -104.53 43.66
CA GLU XA 95 42.73 -105.66 44.54
C GLU XA 95 41.77 -105.26 45.64
N GLU XA 96 41.75 -103.98 46.00
CA GLU XA 96 40.87 -103.50 47.07
C GLU XA 96 39.40 -103.47 46.63
N VAL XA 97 39.13 -103.37 45.33
CA VAL XA 97 37.77 -103.26 44.83
C VAL XA 97 37.30 -104.56 44.19
N GLU XA 98 37.98 -105.68 44.45
CA GLU XA 98 37.56 -106.95 43.87
C GLU XA 98 36.31 -107.51 44.53
N GLN XA 99 35.98 -107.05 45.74
CA GLN XA 99 34.78 -107.53 46.41
C GLN XA 99 33.51 -106.92 45.83
N PHE XA 100 33.65 -105.82 45.08
CA PHE XA 100 32.50 -105.11 44.53
C PHE XA 100 32.27 -105.40 43.05
N ARG XA 101 33.12 -106.21 42.42
CA ARG XA 101 33.00 -106.50 41.00
C ARG XA 101 31.85 -107.46 40.72
N ALA YA 2 7.53 -93.28 68.03
CA ALA YA 2 8.91 -93.63 68.38
C ALA YA 2 9.84 -93.41 67.20
N VAL YA 3 9.68 -94.26 66.18
CA VAL YA 3 10.41 -94.09 64.94
C VAL YA 3 9.76 -92.99 64.12
N ALA YA 4 10.57 -92.08 63.58
CA ALA YA 4 10.06 -90.93 62.85
C ALA YA 4 9.39 -91.34 61.54
N VAL YA 5 8.59 -90.44 61.00
CA VAL YA 5 7.83 -90.69 59.78
C VAL YA 5 8.06 -89.52 58.82
N GLY YA 6 8.33 -89.84 57.56
CA GLY YA 6 8.44 -88.82 56.53
C GLY YA 6 7.61 -89.19 55.33
N MET YA 7 7.04 -88.16 54.70
CA MET YA 7 6.13 -88.34 53.58
C MET YA 7 6.58 -87.44 52.44
N ILE YA 8 6.54 -87.97 51.22
CA ILE YA 8 6.71 -87.17 50.01
C ILE YA 8 5.48 -87.43 49.14
N GLU YA 9 4.72 -86.38 48.85
CA GLU YA 9 3.58 -86.49 47.96
C GLU YA 9 3.96 -85.95 46.59
N THR YA 10 3.87 -86.81 45.58
CA THR YA 10 4.13 -86.42 44.21
C THR YA 10 2.86 -86.49 43.38
N LEU YA 11 2.87 -85.79 42.26
CA LEU YA 11 1.82 -85.89 41.26
C LEU YA 11 2.28 -86.91 40.23
N GLY YA 12 1.72 -88.12 40.31
CA GLY YA 12 2.11 -89.16 39.38
C GLY YA 12 2.81 -90.33 40.02
N PHE YA 13 2.60 -91.52 39.48
CA PHE YA 13 3.22 -92.75 39.98
C PHE YA 13 4.68 -92.96 39.57
N PRO YA 14 5.16 -92.61 38.36
CA PRO YA 14 6.61 -92.71 38.13
C PRO YA 14 7.44 -91.77 39.00
N ALA YA 15 6.87 -90.63 39.42
CA ALA YA 15 7.63 -89.72 40.27
C ALA YA 15 7.67 -90.21 41.71
N VAL YA 16 6.69 -91.04 42.11
CA VAL YA 16 6.63 -91.45 43.51
C VAL YA 16 7.47 -92.71 43.71
N VAL YA 17 7.81 -93.41 42.63
CA VAL YA 17 8.71 -94.56 42.74
C VAL YA 17 10.16 -94.11 42.72
N GLU YA 18 10.46 -93.06 41.94
CA GLU YA 18 11.79 -92.46 41.97
C GLU YA 18 12.03 -91.75 43.30
N ALA YA 19 10.99 -91.16 43.87
CA ALA YA 19 11.11 -90.58 45.21
C ALA YA 19 11.32 -91.66 46.26
N ALA YA 20 10.59 -92.77 46.16
CA ALA YA 20 10.74 -93.84 47.13
C ALA YA 20 12.06 -94.57 46.98
N ASP YA 21 12.58 -94.66 45.75
CA ASP YA 21 13.86 -95.32 45.54
C ASP YA 21 15.02 -94.45 46.01
N ALA YA 22 14.87 -93.12 45.91
CA ALA YA 22 15.94 -92.24 46.36
C ALA YA 22 15.92 -92.08 47.87
N MET YA 23 14.80 -92.38 48.51
CA MET YA 23 14.72 -92.22 49.97
C MET YA 23 15.42 -93.37 50.69
N VAL YA 24 15.20 -94.60 50.25
CA VAL YA 24 15.76 -95.74 50.97
C VAL YA 24 17.20 -95.98 50.55
N LYS YA 25 17.67 -95.34 49.47
CA LYS YA 25 19.07 -95.41 49.11
C LYS YA 25 19.90 -94.37 49.84
N ALA YA 26 19.29 -93.23 50.17
CA ALA YA 26 20.05 -92.12 50.74
C ALA YA 26 20.36 -92.36 52.21
N ALA YA 27 19.45 -92.96 52.96
CA ALA YA 27 19.62 -93.12 54.39
C ALA YA 27 18.99 -94.43 54.84
N ARG YA 28 19.10 -94.69 56.15
CA ARG YA 28 18.60 -95.92 56.75
C ARG YA 28 17.14 -95.72 57.18
N VAL YA 29 16.29 -95.60 56.17
CA VAL YA 29 14.85 -95.52 56.38
C VAL YA 29 14.21 -96.74 55.75
N THR YA 30 13.01 -97.05 56.21
CA THR YA 30 12.21 -98.14 55.68
C THR YA 30 10.98 -97.55 55.02
N LEU YA 31 10.86 -97.75 53.71
CA LEU YA 31 9.63 -97.46 53.01
C LEU YA 31 8.56 -98.44 53.49
N VAL YA 32 7.55 -97.93 54.18
CA VAL YA 32 6.52 -98.78 54.76
C VAL YA 32 5.16 -98.61 54.11
N GLY YA 33 4.93 -97.51 53.41
CA GLY YA 33 3.58 -97.15 53.04
C GLY YA 33 3.52 -96.52 51.67
N TYR YA 34 2.30 -96.42 51.16
CA TYR YA 34 2.03 -95.99 49.80
C TYR YA 34 0.57 -95.60 49.75
N GLU YA 35 0.28 -94.32 49.52
CA GLU YA 35 -1.06 -93.80 49.74
C GLU YA 35 -1.52 -92.99 48.54
N LYS YA 36 -2.74 -93.26 48.09
CA LYS YA 36 -3.39 -92.53 47.01
C LYS YA 36 -4.64 -91.85 47.57
N ILE YA 37 -4.75 -90.54 47.34
CA ILE YA 37 -5.86 -89.76 47.87
C ILE YA 37 -6.68 -89.13 46.75
N GLY YA 38 -6.35 -89.41 45.50
CA GLY YA 38 -7.05 -88.83 44.38
C GLY YA 38 -6.32 -87.66 43.76
N THR YA 39 -6.84 -87.23 42.60
CA THR YA 39 -6.23 -86.28 41.67
C THR YA 39 -4.76 -86.57 41.36
N GLY YA 40 -4.38 -87.85 41.26
CA GLY YA 40 -3.03 -88.21 40.98
C GLY YA 40 -2.04 -87.97 42.10
N ARG YA 41 -2.49 -87.53 43.27
CA ARG YA 41 -1.62 -87.23 44.39
C ARG YA 41 -1.27 -88.53 45.11
N VAL YA 42 -0.01 -88.94 45.01
CA VAL YA 42 0.45 -90.20 45.54
C VAL YA 42 1.54 -89.92 46.57
N THR YA 43 1.44 -90.58 47.73
CA THR YA 43 2.32 -90.33 48.85
C THR YA 43 3.02 -91.62 49.26
N VAL YA 44 4.34 -91.55 49.42
CA VAL YA 44 5.12 -92.65 50.01
C VAL YA 44 5.56 -92.25 51.40
N ILE YA 45 5.59 -93.23 52.31
CA ILE YA 45 5.85 -93.02 53.72
C ILE YA 45 7.09 -93.82 54.10
N VAL YA 46 8.08 -93.14 54.67
CA VAL YA 46 9.28 -93.80 55.17
C VAL YA 46 9.31 -93.71 56.68
N ARG YA 47 9.94 -94.70 57.30
CA ARG YA 47 10.16 -94.71 58.74
C ARG YA 47 11.63 -94.89 59.04
N GLY YA 48 12.16 -94.05 59.91
CA GLY YA 48 13.53 -94.21 60.37
C GLY YA 48 13.78 -93.27 61.53
N ASP YA 49 15.07 -93.06 61.81
CA ASP YA 49 15.44 -91.98 62.71
C ASP YA 49 15.17 -90.64 62.02
N VAL YA 50 14.98 -89.59 62.83
CA VAL YA 50 14.59 -88.30 62.29
C VAL YA 50 15.69 -87.68 61.44
N SER YA 51 16.96 -87.97 61.74
CA SER YA 51 18.05 -87.50 60.91
C SER YA 51 18.12 -88.27 59.60
N GLU YA 52 17.79 -89.56 59.63
CA GLU YA 52 17.77 -90.35 58.41
C GLU YA 52 16.56 -90.02 57.55
N VAL YA 53 15.43 -89.72 58.18
CA VAL YA 53 14.23 -89.32 57.45
C VAL YA 53 14.44 -87.96 56.80
N GLN YA 54 15.17 -87.05 57.47
CA GLN YA 54 15.45 -85.73 56.90
C GLN YA 54 16.38 -85.82 55.70
N ALA YA 55 17.34 -86.75 55.74
CA ALA YA 55 18.24 -86.92 54.60
C ALA YA 55 17.54 -87.63 53.45
N SER YA 56 16.55 -88.47 53.77
CA SER YA 56 15.82 -89.19 52.73
C SER YA 56 14.84 -88.28 52.01
N VAL YA 57 14.10 -87.47 52.76
CA VAL YA 57 13.06 -86.62 52.17
C VAL YA 57 13.67 -85.53 51.30
N SER YA 58 14.83 -85.01 51.70
CA SER YA 58 15.53 -84.02 50.89
C SER YA 58 16.12 -84.65 49.63
N ALA YA 59 16.57 -85.91 49.73
CA ALA YA 59 17.09 -86.59 48.56
C ALA YA 59 15.98 -87.09 47.65
N GLY YA 60 14.84 -87.48 48.24
CA GLY YA 60 13.71 -87.90 47.44
C GLY YA 60 13.03 -86.75 46.75
N THR YA 61 13.15 -85.54 47.28
CA THR YA 61 12.56 -84.38 46.63
C THR YA 61 13.36 -83.96 45.41
N GLU YA 62 14.70 -84.04 45.50
CA GLU YA 62 15.55 -83.62 44.39
C GLU YA 62 15.52 -84.62 43.24
N SER YA 63 15.18 -85.88 43.53
CA SER YA 63 15.18 -86.89 42.50
C SER YA 63 13.91 -86.89 41.66
N VAL YA 64 12.86 -86.22 42.11
CA VAL YA 64 11.65 -86.09 41.30
C VAL YA 64 11.88 -85.10 40.16
N LYS YA 65 12.81 -84.14 40.36
CA LYS YA 65 13.12 -83.16 39.34
C LYS YA 65 13.77 -83.79 38.10
N ARG YA 66 14.37 -84.96 38.22
CA ARG YA 66 14.87 -85.68 37.06
C ARG YA 66 13.78 -86.46 36.34
N VAL YA 67 12.62 -86.64 36.94
CA VAL YA 67 11.49 -87.28 36.28
C VAL YA 67 10.71 -86.21 35.52
N ASN YA 68 10.56 -86.40 34.21
CA ASN YA 68 9.78 -85.49 33.38
C ASN YA 68 8.32 -85.93 33.44
N GLY YA 69 7.46 -85.06 33.95
CA GLY YA 69 6.05 -85.36 34.11
C GLY YA 69 5.59 -85.50 35.54
N GLY YA 70 6.50 -85.43 36.52
CA GLY YA 70 6.13 -85.52 37.91
C GLY YA 70 6.74 -84.38 38.70
N GLN YA 71 6.04 -84.01 39.76
CA GLN YA 71 6.48 -82.92 40.62
C GLN YA 71 6.13 -83.24 42.06
N VAL YA 72 6.94 -82.71 42.97
CA VAL YA 72 6.70 -82.86 44.41
C VAL YA 72 5.61 -81.88 44.81
N LEU YA 73 4.54 -82.38 45.40
CA LEU YA 73 3.46 -81.50 45.83
C LEU YA 73 3.66 -81.08 47.29
N SER YA 74 4.01 -82.01 48.15
CA SER YA 74 4.14 -81.71 49.58
C SER YA 74 5.07 -82.74 50.21
N THR YA 75 5.92 -82.24 51.11
CA THR YA 75 6.76 -83.09 51.94
C THR YA 75 6.57 -82.70 53.39
N HIS YA 76 6.71 -83.68 54.29
CA HIS YA 76 6.66 -83.41 55.71
C HIS YA 76 7.42 -84.49 56.46
N ILE YA 77 7.95 -84.12 57.62
CA ILE YA 77 8.70 -85.01 58.51
C ILE YA 77 8.18 -84.79 59.92
N ILE YA 78 7.84 -85.86 60.61
CA ILE YA 78 7.44 -85.81 62.01
C ILE YA 78 8.46 -86.60 62.81
N ALA YA 79 9.06 -85.95 63.81
CA ALA YA 79 10.22 -86.52 64.51
C ALA YA 79 9.83 -87.72 65.36
N ARG YA 80 8.63 -87.69 65.93
CA ARG YA 80 8.11 -88.81 66.71
C ARG YA 80 6.59 -88.72 66.67
N PRO YA 81 5.94 -89.51 65.81
CA PRO YA 81 4.48 -89.48 65.74
C PRO YA 81 3.85 -90.06 67.00
N HIS YA 82 2.65 -89.57 67.29
CA HIS YA 82 1.86 -90.10 68.38
C HIS YA 82 1.42 -91.53 68.05
N GLU YA 83 1.21 -92.33 69.11
CA GLU YA 83 0.86 -93.73 68.90
C GLU YA 83 -0.56 -93.90 68.39
N ASN YA 84 -1.36 -92.83 68.44
CA ASN YA 84 -2.69 -92.85 67.84
C ASN YA 84 -2.62 -92.92 66.32
N LEU YA 85 -1.56 -92.39 65.72
CA LEU YA 85 -1.51 -92.26 64.27
C LEU YA 85 -1.23 -93.59 63.56
N GLU YA 86 -0.63 -94.56 64.25
CA GLU YA 86 -0.34 -95.83 63.60
C GLU YA 86 -1.61 -96.64 63.38
N TYR YA 87 -2.62 -96.45 64.22
CA TYR YA 87 -3.83 -97.26 64.10
C TYR YA 87 -4.82 -96.64 63.12
N VAL YA 88 -4.73 -95.34 62.89
CA VAL YA 88 -5.68 -94.68 62.00
C VAL YA 88 -5.05 -94.46 60.63
N LEU YA 89 -3.89 -93.88 60.59
CA LEU YA 89 -3.19 -93.54 59.36
C LEU YA 89 -2.25 -94.66 58.95
N PRO YA 90 -2.07 -94.90 57.65
CA PRO YA 90 -1.22 -96.01 57.18
C PRO YA 90 0.26 -95.66 57.18
N ILE YA 91 0.80 -95.35 58.35
CA ILE YA 91 2.22 -95.05 58.54
C ILE YA 91 2.93 -96.09 59.37
N ARG YA 92 2.26 -97.18 59.72
CA ARG YA 92 2.86 -98.17 60.60
C ARG YA 92 3.70 -99.17 59.82
N TYR YA 93 4.60 -99.83 60.54
CA TYR YA 93 5.38 -100.92 59.96
C TYR YA 93 4.48 -102.12 59.69
N THR YA 94 4.47 -102.58 58.46
CA THR YA 94 3.80 -103.83 58.14
C THR YA 94 4.78 -104.98 58.27
N GLU YA 95 4.23 -106.20 58.33
CA GLU YA 95 5.07 -107.38 58.53
C GLU YA 95 5.78 -107.79 57.24
N GLU YA 96 5.39 -107.21 56.10
CA GLU YA 96 6.09 -107.49 54.85
C GLU YA 96 7.41 -106.73 54.78
N VAL YA 97 7.53 -105.63 55.52
CA VAL YA 97 8.70 -104.77 55.44
C VAL YA 97 9.51 -104.81 56.73
N GLU YA 98 9.28 -105.79 57.60
CA GLU YA 98 10.02 -105.87 58.85
C GLU YA 98 11.46 -106.35 58.65
N GLN YA 99 11.77 -106.90 57.48
CA GLN YA 99 13.15 -107.30 57.20
C GLN YA 99 14.02 -106.10 56.87
N PHE YA 100 13.42 -104.97 56.47
CA PHE YA 100 14.16 -103.76 56.15
C PHE YA 100 14.24 -102.78 57.30
N ARG YA 101 13.70 -103.13 58.47
CA ARG YA 101 13.71 -102.23 59.62
C ARG YA 101 15.08 -102.17 60.29
N MET ZA 1 26.79 -61.35 82.12
CA MET ZA 1 27.42 -62.61 81.72
C MET ZA 1 27.62 -63.53 82.90
N GLN ZA 2 27.79 -64.81 82.60
CA GLN ZA 2 28.14 -65.82 83.59
C GLN ZA 2 29.33 -66.60 83.07
N MET ZA 3 30.14 -67.11 84.00
CA MET ZA 3 31.22 -68.01 83.64
C MET ZA 3 30.69 -69.43 83.58
N ALA ZA 4 30.99 -70.12 82.49
CA ALA ZA 4 30.50 -71.47 82.28
C ALA ZA 4 31.60 -72.32 81.69
N LYS ZA 5 31.50 -73.61 81.93
CA LYS ZA 5 32.41 -74.60 81.38
C LYS ZA 5 31.68 -75.40 80.31
N VAL ZA 6 32.31 -75.57 79.15
CA VAL ZA 6 31.73 -76.32 78.04
C VAL ZA 6 31.77 -77.80 78.42
N CYS ZA 7 30.61 -78.39 78.67
CA CYS ZA 7 30.56 -79.79 79.06
C CYS ZA 7 30.11 -80.69 77.92
N GLY ZA 8 29.45 -80.13 76.91
CA GLY ZA 8 29.07 -80.96 75.79
C GLY ZA 8 28.32 -80.20 74.73
N THR ZA 9 27.72 -80.97 73.81
CA THR ZA 9 27.00 -80.44 72.67
C THR ZA 9 25.58 -80.98 72.67
N VAL ZA 10 24.66 -80.16 72.17
CA VAL ZA 10 23.27 -80.56 71.99
C VAL ZA 10 22.95 -80.45 70.51
N VAL ZA 11 22.53 -81.57 69.92
CA VAL ZA 11 22.16 -81.62 68.51
C VAL ZA 11 20.67 -81.86 68.42
N GLY ZA 12 19.97 -80.98 67.73
CA GLY ZA 12 18.57 -81.20 67.41
C GLY ZA 12 18.32 -81.07 65.94
N THR ZA 13 17.71 -82.10 65.33
CA THR ZA 13 17.46 -82.06 63.89
C THR ZA 13 16.09 -81.51 63.56
N GLN ZA 14 15.09 -81.76 64.40
CA GLN ZA 14 13.75 -81.22 64.23
C GLN ZA 14 13.66 -79.92 65.02
N LYS ZA 15 13.79 -78.80 64.34
CA LYS ZA 15 13.91 -77.51 64.99
C LYS ZA 15 13.21 -76.45 64.14
N LEU ZA 16 13.31 -75.21 64.59
CA LEU ZA 16 12.81 -74.10 63.80
C LEU ZA 16 13.73 -73.84 62.60
N PRO ZA 17 13.19 -73.29 61.51
CA PRO ZA 17 14.07 -72.97 60.36
C PRO ZA 17 15.05 -71.84 60.65
N SER ZA 18 14.75 -70.99 61.63
CA SER ZA 18 15.69 -69.95 62.02
C SER ZA 18 16.76 -70.47 62.98
N MET ZA 19 16.62 -71.72 63.45
CA MET ZA 19 17.60 -72.29 64.35
C MET ZA 19 18.66 -73.12 63.63
N THR ZA 20 18.67 -73.14 62.31
CA THR ZA 20 19.67 -73.94 61.60
C THR ZA 20 20.96 -73.18 61.47
N GLY ZA 21 22.07 -73.91 61.43
CA GLY ZA 21 23.40 -73.32 61.45
C GLY ZA 21 23.88 -72.88 62.81
N VAL ZA 22 23.04 -72.93 63.83
CA VAL ZA 22 23.38 -72.49 65.18
C VAL ZA 22 24.00 -73.66 65.92
N LYS ZA 23 25.25 -73.49 66.34
CA LYS ZA 23 25.94 -74.50 67.13
C LYS ZA 23 25.54 -74.35 68.58
N LEU ZA 24 25.08 -75.45 69.19
CA LEU ZA 24 24.51 -75.43 70.52
C LEU ZA 24 25.41 -76.19 71.48
N LEU ZA 25 25.92 -75.49 72.48
CA LEU ZA 25 26.81 -76.07 73.47
C LEU ZA 25 26.09 -76.22 74.80
N LEU ZA 26 26.30 -77.37 75.44
CA LEU ZA 26 25.83 -77.61 76.79
C LEU ZA 26 26.90 -77.08 77.74
N LEU ZA 27 26.58 -76.00 78.44
CA LEU ZA 27 27.51 -75.34 79.35
C LEU ZA 27 27.04 -75.52 80.78
N GLN ZA 28 27.94 -75.94 81.66
CA GLN ZA 28 27.66 -75.96 83.09
C GLN ZA 28 28.24 -74.71 83.73
N PHE ZA 29 27.43 -74.05 84.55
CA PHE ZA 29 27.89 -72.82 85.20
C PHE ZA 29 28.88 -73.15 86.31
N ILE ZA 30 29.90 -72.31 86.43
CA ILE ZA 30 30.92 -72.42 87.45
C ILE ZA 30 30.85 -71.18 88.32
N ASP ZA 31 31.23 -71.31 89.59
CA ASP ZA 31 31.12 -70.18 90.49
C ASP ZA 31 32.34 -69.27 90.34
N ALA ZA 32 32.43 -68.26 91.21
CA ALA ZA 32 33.58 -67.37 91.20
C ALA ZA 32 34.83 -68.06 91.73
N ASN ZA 33 34.67 -69.13 92.52
CA ASN ZA 33 35.82 -69.85 93.06
C ASN ZA 33 36.33 -70.89 92.06
N GLY ZA 34 35.52 -71.25 91.07
CA GLY ZA 34 35.92 -72.22 90.06
C GLY ZA 34 35.26 -73.57 90.13
N GLU ZA 35 34.39 -73.81 91.12
CA GLU ZA 35 33.69 -75.08 91.26
C GLU ZA 35 32.45 -75.10 90.39
N LEU ZA 36 32.07 -76.29 89.95
CA LEU ZA 36 30.93 -76.46 89.07
C LEU ZA 36 29.63 -76.31 89.86
N LEU ZA 37 28.78 -75.39 89.43
CA LEU ZA 37 27.46 -75.24 90.02
C LEU ZA 37 26.49 -76.25 89.41
N PRO ZA 38 25.46 -76.69 90.16
CA PRO ZA 38 24.45 -77.57 89.59
C PRO ZA 38 23.38 -76.82 88.79
N LYS ZA 39 23.84 -76.11 87.76
CA LYS ZA 39 22.99 -75.29 86.92
C LYS ZA 39 23.65 -75.20 85.55
N TYR ZA 40 22.87 -75.38 84.50
CA TYR ZA 40 23.40 -75.46 83.16
C TYR ZA 40 22.69 -74.48 82.24
N GLU ZA 41 23.12 -74.48 80.98
CA GLU ZA 41 22.53 -73.68 79.92
C GLU ZA 41 22.90 -74.30 78.59
N VAL ZA 42 22.04 -74.10 77.60
CA VAL ZA 42 22.35 -74.40 76.21
C VAL ZA 42 22.46 -73.07 75.49
N ALA ZA 43 23.62 -72.81 74.88
CA ALA ZA 43 23.89 -71.51 74.30
C ALA ZA 43 24.36 -71.65 72.86
N ALA ZA 44 24.06 -70.63 72.06
CA ALA ZA 44 24.67 -70.49 70.75
C ALA ZA 44 26.15 -70.16 70.91
N ASP ZA 45 26.96 -70.66 69.97
CA ASP ZA 45 28.42 -70.55 70.07
C ASP ZA 45 28.97 -69.92 68.79
N PRO ZA 46 29.01 -68.59 68.71
CA PRO ZA 46 29.69 -67.94 67.57
C PRO ZA 46 31.20 -67.96 67.72
N VAL ZA 47 31.71 -67.78 68.93
CA VAL ZA 47 33.13 -67.88 69.23
C VAL ZA 47 33.43 -69.35 69.46
N GLY ZA 48 34.22 -69.96 68.59
CA GLY ZA 48 34.32 -71.41 68.52
C GLY ZA 48 34.95 -72.02 69.76
N ALA ZA 49 34.15 -72.67 70.59
CA ALA ZA 49 34.58 -73.15 71.90
C ALA ZA 49 34.42 -74.66 71.96
N GLY ZA 50 35.44 -75.35 72.46
CA GLY ZA 50 35.42 -76.78 72.57
C GLY ZA 50 35.25 -77.24 74.00
N LEU ZA 51 35.22 -78.57 74.16
CA LEU ZA 51 34.85 -79.17 75.42
C LEU ZA 51 35.95 -78.98 76.46
N GLY ZA 52 35.56 -78.41 77.60
CA GLY ZA 52 36.48 -78.12 78.68
C GLY ZA 52 36.84 -76.67 78.84
N GLU ZA 53 36.52 -75.82 77.86
CA GLU ZA 53 36.90 -74.42 77.93
C GLU ZA 53 36.01 -73.65 78.89
N TRP ZA 54 36.54 -72.54 79.38
CA TRP ZA 54 35.79 -71.59 80.18
C TRP ZA 54 35.28 -70.50 79.27
N VAL ZA 55 33.98 -70.24 79.32
CA VAL ZA 55 33.36 -69.29 78.41
C VAL ZA 55 32.57 -68.27 79.22
N LEU ZA 56 32.36 -67.11 78.61
CA LEU ZA 56 31.39 -66.15 79.09
C LEU ZA 56 30.12 -66.29 78.27
N VAL ZA 57 29.00 -66.52 78.93
CA VAL ZA 57 27.71 -66.68 78.27
C VAL ZA 57 26.75 -65.62 78.81
N ASN ZA 58 26.06 -64.95 77.89
CA ASN ZA 58 25.10 -63.95 78.31
C ASN ZA 58 23.71 -64.58 78.35
N ARG ZA 59 22.71 -63.77 78.68
CA ARG ZA 59 21.37 -64.27 78.88
C ARG ZA 59 20.38 -63.31 78.25
N GLY ZA 60 19.31 -63.87 77.71
CA GLY ZA 60 18.19 -63.06 77.27
C GLY ZA 60 18.37 -62.40 75.92
N SER ZA 61 17.98 -61.12 75.85
CA SER ZA 61 17.95 -60.37 74.60
C SER ZA 61 19.34 -60.00 74.11
N ALA ZA 62 20.37 -60.15 74.94
CA ALA ZA 62 21.74 -59.86 74.53
C ALA ZA 62 22.29 -60.93 73.59
N ALA ZA 63 21.66 -62.11 73.55
CA ALA ZA 63 22.09 -63.16 72.64
C ALA ZA 63 21.76 -62.86 71.19
N ARG ZA 64 20.90 -61.88 70.93
CA ARG ZA 64 20.47 -61.53 69.59
C ARG ZA 64 21.12 -60.24 69.09
N GLN ZA 65 22.34 -59.95 69.51
CA GLN ZA 65 22.97 -58.68 69.18
C GLN ZA 65 24.15 -58.81 68.21
N THR ZA 66 24.53 -60.03 67.82
CA THR ZA 66 25.73 -60.23 67.03
C THR ZA 66 25.48 -60.19 65.52
N GLU ZA 67 24.40 -59.53 65.11
CA GLU ZA 67 24.00 -59.16 63.74
C GLU ZA 67 23.73 -60.33 62.81
N TYR ZA 68 23.91 -61.57 63.27
CA TYR ZA 68 23.37 -62.73 62.57
C TYR ZA 68 22.56 -63.63 63.48
N HIS ZA 69 22.40 -63.26 64.76
CA HIS ZA 69 21.46 -63.91 65.66
C HIS ZA 69 20.24 -63.04 65.92
N GLN ZA 70 19.98 -62.05 65.06
CA GLN ZA 70 19.10 -60.95 65.40
C GLN ZA 70 17.63 -61.38 65.48
N ASN ZA 71 17.14 -62.12 64.49
CA ASN ZA 71 15.77 -62.58 64.48
C ASN ZA 71 15.67 -64.06 64.81
N ARG ZA 72 16.68 -64.59 65.49
CA ARG ZA 72 16.82 -65.97 65.92
C ARG ZA 72 16.32 -66.13 67.35
N PRO ZA 73 15.57 -67.20 67.63
CA PRO ZA 73 15.01 -67.41 68.98
C PRO ZA 73 16.05 -67.92 69.98
N LEU ZA 74 16.99 -67.06 70.33
CA LEU ZA 74 18.11 -67.41 71.19
C LEU ZA 74 18.08 -66.56 72.45
N ASP ZA 75 18.28 -67.20 73.60
CA ASP ZA 75 18.33 -66.50 74.88
C ASP ZA 75 19.63 -66.76 75.62
N ALA ZA 76 20.61 -67.38 74.97
CA ALA ZA 76 21.91 -67.64 75.57
C ALA ZA 76 22.94 -67.74 74.46
N MET ZA 77 24.10 -67.13 74.68
CA MET ZA 77 25.12 -67.07 73.65
C MET ZA 77 26.49 -66.97 74.30
N VAL ZA 78 27.42 -67.82 73.88
CA VAL ZA 78 28.81 -67.66 74.27
C VAL ZA 78 29.37 -66.42 73.59
N VAL ZA 79 29.79 -65.45 74.39
CA VAL ZA 79 30.30 -64.19 73.84
C VAL ZA 79 31.81 -64.09 73.90
N ALA ZA 80 32.47 -64.91 74.72
CA ALA ZA 80 33.91 -64.83 74.90
C ALA ZA 80 34.41 -66.16 75.43
N ILE ZA 81 35.58 -66.56 74.95
CA ILE ZA 81 36.34 -67.64 75.56
C ILE ZA 81 37.25 -67.01 76.59
N ILE ZA 82 37.17 -67.50 77.83
CA ILE ZA 82 37.90 -66.89 78.93
C ILE ZA 82 39.38 -67.25 78.82
N ASP ZA 83 40.23 -66.23 78.77
CA ASP ZA 83 41.67 -66.43 78.86
C ASP ZA 83 42.12 -66.59 80.31
N THR ZA 84 41.87 -65.58 81.14
CA THR ZA 84 42.30 -65.63 82.53
C THR ZA 84 41.27 -64.97 83.43
N VAL ZA 85 41.15 -65.51 84.65
CA VAL ZA 85 40.33 -64.93 85.70
C VAL ZA 85 41.23 -64.59 86.86
N THR ZA 86 41.25 -63.32 87.24
CA THR ZA 86 42.03 -62.84 88.37
C THR ZA 86 41.06 -62.47 89.48
N VAL ZA 87 41.21 -63.08 90.65
CA VAL ZA 87 40.37 -62.80 91.80
C VAL ZA 87 41.27 -62.38 92.95
N ASN ZA 88 41.04 -61.17 93.48
CA ASN ZA 88 41.82 -60.57 94.57
C ASN ZA 88 43.30 -60.50 94.24
N ASN ZA 89 43.59 -60.04 93.02
CA ASN ZA 89 44.91 -59.95 92.38
C ASN ZA 89 45.62 -61.29 92.28
N ARG ZA 90 44.90 -62.41 92.38
CA ARG ZA 90 45.46 -63.74 92.25
C ARG ZA 90 44.83 -64.41 91.04
N ARG ZA 91 45.66 -64.98 90.17
CA ARG ZA 91 45.15 -65.65 88.97
C ARG ZA 91 44.46 -66.95 89.37
N LEU ZA 92 43.16 -67.04 89.06
CA LEU ZA 92 42.37 -68.22 89.33
C LEU ZA 92 42.30 -69.18 88.16
N TYR ZA 93 42.34 -68.65 86.93
CA TYR ZA 93 42.27 -69.46 85.73
C TYR ZA 93 43.29 -68.95 84.73
N GLY ZA 94 43.83 -69.85 83.92
CA GLY ZA 94 44.76 -69.48 82.88
C GLY ZA 94 46.21 -69.52 83.31
N ALA AB 2 46.07 -95.73 -42.98
CA ALA AB 2 47.47 -95.85 -43.36
C ALA AB 2 48.36 -95.09 -42.39
N VAL AB 3 49.57 -94.75 -42.86
CA VAL AB 3 50.51 -93.95 -42.08
C VAL AB 3 49.94 -92.55 -41.92
N ALA AB 4 50.12 -91.97 -40.72
CA ALA AB 4 49.46 -90.73 -40.35
C ALA AB 4 49.94 -89.55 -41.20
N VAL AB 5 49.06 -88.58 -41.38
CA VAL AB 5 49.32 -87.42 -42.22
C VAL AB 5 49.05 -86.16 -41.39
N GLY AB 6 49.97 -85.22 -41.45
CA GLY AB 6 49.80 -83.93 -40.81
C GLY AB 6 49.95 -82.82 -41.82
N MET AB 7 49.12 -81.79 -41.69
CA MET AB 7 49.11 -80.67 -42.61
C MET AB 7 49.18 -79.38 -41.82
N ILE AB 8 49.99 -78.44 -42.29
CA ILE AB 8 50.00 -77.08 -41.78
C ILE AB 8 49.80 -76.14 -42.96
N GLU AB 9 48.71 -75.39 -42.94
CA GLU AB 9 48.44 -74.40 -43.97
C GLU AB 9 48.80 -73.02 -43.46
N THR AB 10 49.73 -72.36 -44.14
CA THR AB 10 50.15 -71.02 -43.78
C THR AB 10 49.79 -70.06 -44.91
N LEU AB 11 49.76 -68.78 -44.54
CA LEU AB 11 49.57 -67.70 -45.51
C LEU AB 11 50.94 -67.13 -45.82
N GLY AB 12 51.54 -67.57 -46.92
CA GLY AB 12 52.86 -67.12 -47.29
C GLY AB 12 53.87 -68.23 -47.44
N PHE AB 13 54.81 -68.07 -48.37
CA PHE AB 13 55.85 -69.06 -48.63
C PHE AB 13 57.02 -69.07 -47.63
N PRO AB 14 57.51 -67.94 -47.08
CA PRO AB 14 58.49 -68.08 -45.98
C PRO AB 14 57.92 -68.72 -44.73
N ALA AB 15 56.62 -68.59 -44.48
CA ALA AB 15 56.02 -69.22 -43.32
C ALA AB 15 55.84 -70.72 -43.53
N VAL AB 16 55.74 -71.16 -44.78
CA VAL AB 16 55.47 -72.57 -45.02
C VAL AB 16 56.77 -73.35 -45.10
N VAL AB 17 57.88 -72.68 -45.40
CA VAL AB 17 59.17 -73.35 -45.39
C VAL AB 17 59.66 -73.50 -43.96
N GLU AB 18 59.38 -72.51 -43.11
CA GLU AB 18 59.65 -72.66 -41.68
C GLU AB 18 58.75 -73.71 -41.05
N ALA AB 19 57.50 -73.80 -41.50
CA ALA AB 19 56.62 -74.88 -41.05
C ALA AB 19 57.13 -76.23 -41.50
N ALA AB 20 57.62 -76.32 -42.74
CA ALA AB 20 58.14 -77.59 -43.24
C ALA AB 20 59.47 -77.93 -42.57
N ASP AB 21 60.29 -76.92 -42.28
CA ASP AB 21 61.57 -77.16 -41.64
C ASP AB 21 61.42 -77.55 -40.18
N ALA AB 22 60.51 -76.91 -39.46
CA ALA AB 22 60.35 -77.21 -38.04
C ALA AB 22 59.65 -78.55 -37.83
N MET AB 23 58.85 -78.98 -38.78
CA MET AB 23 58.15 -80.26 -38.63
C MET AB 23 59.11 -81.44 -38.73
N VAL AB 24 60.03 -81.40 -39.70
CA VAL AB 24 60.93 -82.53 -39.88
C VAL AB 24 62.13 -82.41 -38.97
N LYS AB 25 62.26 -81.29 -38.25
CA LYS AB 25 63.33 -81.16 -37.26
C LYS AB 25 62.84 -81.49 -35.86
N ALA AB 26 61.52 -81.42 -35.64
CA ALA AB 26 60.99 -81.71 -34.30
C ALA AB 26 60.86 -83.19 -34.06
N ALA AB 27 60.56 -83.96 -35.10
CA ALA AB 27 60.29 -85.38 -34.95
C ALA AB 27 60.67 -86.11 -36.23
N ARG AB 28 60.48 -87.43 -36.21
CA ARG AB 28 60.85 -88.30 -37.32
C ARG AB 28 59.65 -88.42 -38.26
N VAL AB 29 59.41 -87.34 -39.01
CA VAL AB 29 58.38 -87.32 -40.04
C VAL AB 29 59.05 -87.11 -41.39
N THR AB 30 58.30 -87.39 -42.45
CA THR AB 30 58.77 -87.20 -43.81
C THR AB 30 57.89 -86.18 -44.49
N LEU AB 31 58.45 -85.02 -44.81
CA LEU AB 31 57.76 -84.04 -45.63
C LEU AB 31 57.62 -84.60 -47.04
N VAL AB 32 56.38 -84.83 -47.46
CA VAL AB 32 56.11 -85.48 -48.73
C VAL AB 32 55.48 -84.54 -49.74
N GLY AB 33 54.85 -83.46 -49.31
CA GLY AB 33 53.97 -82.71 -50.18
C GLY AB 33 54.06 -81.23 -49.92
N TYR AB 34 53.64 -80.46 -50.92
CA TYR AB 34 53.69 -79.02 -50.90
C TYR AB 34 52.58 -78.54 -51.82
N GLU AB 35 51.53 -77.98 -51.23
CA GLU AB 35 50.26 -77.79 -51.91
C GLU AB 35 49.87 -76.31 -51.92
N LYS AB 36 49.57 -75.79 -53.10
CA LYS AB 36 49.10 -74.42 -53.26
C LYS AB 36 47.69 -74.44 -53.81
N ILE AB 37 46.79 -73.73 -53.15
CA ILE AB 37 45.38 -73.71 -53.51
C ILE AB 37 44.91 -72.30 -53.86
N GLY AB 38 45.81 -71.34 -53.95
CA GLY AB 38 45.46 -69.97 -54.27
C GLY AB 38 45.29 -69.10 -53.04
N THR AB 39 45.27 -67.78 -53.30
CA THR AB 39 45.30 -66.69 -52.32
C THR AB 39 46.41 -66.83 -51.29
N GLY AB 40 47.57 -67.35 -51.69
CA GLY AB 40 48.68 -67.49 -50.77
C GLY AB 40 48.56 -68.60 -49.75
N ARG AB 41 47.46 -69.36 -49.76
CA ARG AB 41 47.28 -70.46 -48.84
C ARG AB 41 48.13 -71.63 -49.32
N VAL AB 42 49.21 -71.91 -48.60
CA VAL AB 42 50.16 -72.95 -48.95
C VAL AB 42 50.16 -73.98 -47.84
N THR AB 43 50.11 -75.26 -48.22
CA THR AB 43 50.06 -76.36 -47.26
C THR AB 43 51.23 -77.29 -47.51
N VAL AB 44 51.96 -77.62 -46.43
CA VAL AB 44 52.96 -78.68 -46.45
C VAL AB 44 52.38 -79.90 -45.76
N ILE AB 45 52.71 -81.08 -46.26
CA ILE AB 45 52.13 -82.34 -45.83
C ILE AB 45 53.28 -83.24 -45.36
N VAL AB 46 53.19 -83.69 -44.11
CA VAL AB 46 54.17 -84.63 -43.57
C VAL AB 46 53.49 -85.96 -43.32
N ARG AB 47 54.27 -87.03 -43.41
CA ARG AB 47 53.82 -88.38 -43.06
C ARG AB 47 54.71 -88.95 -41.97
N GLY AB 48 54.16 -89.88 -41.21
CA GLY AB 48 54.95 -90.54 -40.19
C GLY AB 48 54.04 -91.18 -39.15
N ASP AB 49 54.66 -91.61 -38.06
CA ASP AB 49 53.91 -92.16 -36.94
C ASP AB 49 53.10 -91.06 -36.26
N VAL AB 50 52.10 -91.49 -35.49
CA VAL AB 50 51.15 -90.56 -34.88
C VAL AB 50 51.83 -89.73 -33.80
N SER AB 51 52.75 -90.34 -33.06
CA SER AB 51 53.52 -89.60 -32.06
C SER AB 51 54.43 -88.57 -32.71
N GLU AB 52 55.01 -88.90 -33.86
CA GLU AB 52 55.90 -87.97 -34.54
C GLU AB 52 55.13 -86.86 -35.24
N VAL AB 53 53.99 -87.19 -35.85
CA VAL AB 53 53.21 -86.19 -36.58
C VAL AB 53 52.55 -85.21 -35.60
N GLN AB 54 52.11 -85.71 -34.44
CA GLN AB 54 51.55 -84.83 -33.42
C GLN AB 54 52.61 -83.89 -32.84
N ALA AB 55 53.84 -84.37 -32.69
CA ALA AB 55 54.91 -83.52 -32.20
C ALA AB 55 55.35 -82.52 -33.27
N SER AB 56 55.28 -82.92 -34.53
CA SER AB 56 55.74 -82.06 -35.62
C SER AB 56 54.78 -80.92 -35.90
N VAL AB 57 53.49 -81.23 -35.98
CA VAL AB 57 52.49 -80.21 -36.31
C VAL AB 57 52.34 -79.21 -35.17
N SER AB 58 52.45 -79.69 -33.93
CA SER AB 58 52.34 -78.80 -32.78
C SER AB 58 53.57 -77.91 -32.65
N ALA AB 59 54.76 -78.42 -33.03
CA ALA AB 59 55.96 -77.60 -32.97
C ALA AB 59 56.11 -76.77 -34.25
N GLY AB 60 55.60 -77.27 -35.37
CA GLY AB 60 55.62 -76.50 -36.59
C GLY AB 60 54.67 -75.33 -36.58
N THR AB 61 53.61 -75.40 -35.77
CA THR AB 61 52.67 -74.29 -35.66
C THR AB 61 53.28 -73.14 -34.87
N GLU AB 62 54.02 -73.45 -33.80
CA GLU AB 62 54.60 -72.41 -32.97
C GLU AB 62 55.81 -71.75 -33.63
N SER AB 63 56.39 -72.41 -34.64
CA SER AB 63 57.54 -71.84 -35.32
C SER AB 63 57.13 -70.77 -36.34
N VAL AB 64 55.94 -70.92 -36.94
CA VAL AB 64 55.43 -69.94 -37.88
C VAL AB 64 55.14 -68.60 -37.21
N LYS AB 65 54.73 -68.61 -35.94
CA LYS AB 65 54.55 -67.37 -35.20
C LYS AB 65 55.85 -66.93 -34.52
N ARG AB 66 56.94 -67.00 -35.28
CA ARG AB 66 58.25 -66.44 -34.96
C ARG AB 66 58.80 -65.89 -36.26
N VAL AB 67 58.00 -66.00 -37.32
CA VAL AB 67 58.30 -65.45 -38.64
C VAL AB 67 57.48 -64.17 -38.79
N ASN AB 68 58.13 -63.09 -39.22
CA ASN AB 68 57.42 -61.85 -39.46
C ASN AB 68 56.60 -61.98 -40.73
N GLY AB 69 55.32 -61.62 -40.64
CA GLY AB 69 54.41 -61.85 -41.76
C GLY AB 69 53.95 -63.28 -41.91
N GLY AB 70 54.24 -64.13 -40.93
CA GLY AB 70 53.84 -65.52 -40.96
C GLY AB 70 52.54 -65.72 -40.20
N GLN AB 71 51.65 -66.51 -40.79
CA GLN AB 71 50.32 -66.72 -40.24
C GLN AB 71 49.87 -68.14 -40.50
N VAL AB 72 49.56 -68.87 -39.44
CA VAL AB 72 48.99 -70.22 -39.56
C VAL AB 72 47.50 -70.07 -39.84
N LEU AB 73 47.06 -70.64 -40.96
CA LEU AB 73 45.64 -70.60 -41.27
C LEU AB 73 44.91 -71.81 -40.71
N SER AB 74 45.43 -73.01 -40.96
CA SER AB 74 44.76 -74.23 -40.53
C SER AB 74 45.78 -75.35 -40.42
N THR AB 75 45.70 -76.09 -39.31
CA THR AB 75 46.51 -77.28 -39.10
C THR AB 75 45.58 -78.45 -38.80
N HIS AB 76 45.99 -79.64 -39.21
CA HIS AB 76 45.23 -80.84 -38.90
C HIS AB 76 46.14 -82.05 -38.93
N ILE AB 77 45.76 -83.05 -38.13
CA ILE AB 77 46.43 -84.34 -38.06
C ILE AB 77 45.39 -85.42 -38.27
N ILE AB 78 45.61 -86.30 -39.24
CA ILE AB 78 44.78 -87.49 -39.42
C ILE AB 78 45.64 -88.69 -39.06
N ALA AB 79 45.29 -89.36 -37.95
CA ALA AB 79 46.14 -90.40 -37.40
C ALA AB 79 46.12 -91.66 -38.23
N ARG AB 80 45.00 -91.93 -38.91
CA ARG AB 80 44.86 -93.14 -39.70
C ARG AB 80 44.03 -92.80 -40.93
N PRO AB 81 44.65 -92.25 -41.96
CA PRO AB 81 43.90 -91.92 -43.17
C PRO AB 81 43.55 -93.16 -43.96
N HIS AB 82 42.40 -93.09 -44.64
CA HIS AB 82 41.95 -94.16 -45.48
C HIS AB 82 42.88 -94.35 -46.67
N GLU AB 83 42.94 -95.60 -47.16
CA GLU AB 83 43.78 -95.91 -48.30
C GLU AB 83 43.25 -95.32 -49.61
N ASN AB 84 42.01 -94.84 -49.63
CA ASN AB 84 41.48 -94.10 -50.77
C ASN AB 84 42.16 -92.74 -50.93
N LEU AB 85 42.64 -92.16 -49.83
CA LEU AB 85 43.04 -90.75 -49.85
C LEU AB 85 44.39 -90.53 -50.53
N GLU AB 86 45.28 -91.52 -50.50
CA GLU AB 86 46.60 -91.33 -51.09
C GLU AB 86 46.54 -91.30 -52.61
N TYR AB 87 45.51 -91.90 -53.19
CA TYR AB 87 45.42 -91.96 -54.65
C TYR AB 87 44.77 -90.71 -55.22
N VAL AB 88 43.96 -90.01 -54.44
CA VAL AB 88 43.28 -88.82 -54.94
C VAL AB 88 43.99 -87.56 -54.48
N LEU AB 89 44.33 -87.50 -53.22
CA LEU AB 89 44.95 -86.32 -52.65
C LEU AB 89 46.46 -86.42 -52.71
N PRO AB 90 47.18 -85.29 -52.87
CA PRO AB 90 48.65 -85.32 -52.90
C PRO AB 90 49.27 -85.39 -51.51
N ILE AB 91 48.99 -86.48 -50.80
CA ILE AB 91 49.55 -86.73 -49.48
C ILE AB 91 50.40 -87.98 -49.45
N ARG AB 92 50.73 -88.56 -50.60
CA ARG AB 92 51.39 -89.84 -50.62
C ARG AB 92 52.91 -89.67 -50.73
N TYR AB 93 53.62 -90.75 -50.43
CA TYR AB 93 55.06 -90.77 -50.57
C TYR AB 93 55.43 -90.81 -52.05
N THR AB 94 56.14 -89.79 -52.50
CA THR AB 94 56.73 -89.81 -53.83
C THR AB 94 58.09 -90.50 -53.78
N GLU AB 95 58.62 -90.82 -54.96
CA GLU AB 95 59.88 -91.57 -55.02
C GLU AB 95 61.07 -90.68 -54.71
N GLU AB 96 60.88 -89.37 -54.68
CA GLU AB 96 61.96 -88.45 -54.33
C GLU AB 96 62.21 -88.45 -52.82
N VAL AB 97 61.21 -88.84 -52.03
CA VAL AB 97 61.30 -88.75 -50.58
C VAL AB 97 61.25 -90.14 -49.92
N GLU AB 98 61.55 -91.19 -50.67
CA GLU AB 98 61.57 -92.52 -50.06
C GLU AB 98 62.83 -92.79 -49.26
N GLN AB 99 63.84 -91.92 -49.34
CA GLN AB 99 65.02 -92.08 -48.50
C GLN AB 99 64.77 -91.61 -47.08
N PHE AB 100 63.75 -90.79 -46.87
CA PHE AB 100 63.48 -90.20 -45.56
C PHE AB 100 62.44 -90.98 -44.77
N ARG AB 101 61.81 -91.99 -45.36
CA ARG AB 101 60.78 -92.75 -44.68
C ARG AB 101 61.38 -93.70 -43.65
N ALA BB 2 23.41 -91.93 -63.31
CA ALA BB 2 24.57 -92.73 -62.94
C ALA BB 2 24.63 -92.93 -61.43
N VAL BB 3 25.77 -93.43 -60.96
CA VAL BB 3 26.04 -93.54 -59.53
C VAL BB 3 26.13 -92.14 -58.94
N ALA BB 4 25.56 -91.96 -57.75
CA ALA BB 4 25.37 -90.63 -57.16
C ALA BB 4 26.71 -89.98 -56.83
N VAL BB 5 26.73 -88.65 -56.89
CA VAL BB 5 27.94 -87.87 -56.67
C VAL BB 5 27.68 -86.88 -55.54
N GLY BB 6 28.61 -86.83 -54.59
CA GLY BB 6 28.56 -85.84 -53.52
C GLY BB 6 29.81 -85.01 -53.50
N MET BB 7 29.64 -83.71 -53.26
CA MET BB 7 30.74 -82.76 -53.29
C MET BB 7 30.74 -81.97 -52.00
N ILE BB 8 31.91 -81.78 -51.42
CA ILE BB 8 32.11 -80.86 -50.30
C ILE BB 8 33.18 -79.88 -50.70
N GLU BB 9 32.83 -78.60 -50.72
CA GLU BB 9 33.79 -77.53 -50.98
C GLU BB 9 34.18 -76.88 -49.66
N THR BB 10 35.47 -76.86 -49.37
CA THR BB 10 35.98 -76.22 -48.17
C THR BB 10 36.92 -75.09 -48.55
N LEU BB 11 37.16 -74.21 -47.58
CA LEU BB 11 38.18 -73.17 -47.69
C LEU BB 11 39.42 -73.68 -46.97
N GLY BB 12 40.36 -74.22 -47.73
CA GLY BB 12 41.56 -74.74 -47.13
C GLY BB 12 41.81 -76.21 -47.43
N PHE BB 13 43.08 -76.56 -47.57
CA PHE BB 13 43.47 -77.94 -47.83
C PHE BB 13 43.47 -78.87 -46.60
N PRO BB 14 43.83 -78.45 -45.37
CA PRO BB 14 43.61 -79.36 -44.23
C PRO BB 14 42.15 -79.64 -43.94
N ALA BB 15 41.24 -78.73 -44.29
CA ALA BB 15 39.82 -78.98 -44.09
C ALA BB 15 39.28 -79.96 -45.12
N VAL BB 16 39.90 -80.03 -46.30
CA VAL BB 16 39.34 -80.85 -47.36
C VAL BB 16 39.86 -82.28 -47.26
N VAL BB 17 40.97 -82.49 -46.56
CA VAL BB 17 41.48 -83.85 -46.37
C VAL BB 17 40.75 -84.51 -45.20
N GLU BB 18 40.41 -83.72 -44.18
CA GLU BB 18 39.59 -84.23 -43.08
C GLU BB 18 38.16 -84.50 -43.54
N ALA BB 19 37.64 -83.66 -44.43
CA ALA BB 19 36.32 -83.92 -45.01
C ALA BB 19 36.35 -85.17 -45.89
N ALA BB 20 37.42 -85.36 -46.66
CA ALA BB 20 37.51 -86.54 -47.51
C ALA BB 20 37.75 -87.81 -46.68
N ASP BB 21 38.47 -87.67 -45.56
CA ASP BB 21 38.71 -88.84 -44.71
C ASP BB 21 37.48 -89.21 -43.90
N ALA BB 22 36.67 -88.22 -43.53
CA ALA BB 22 35.45 -88.50 -42.81
C ALA BB 22 34.41 -89.14 -43.73
N MET BB 23 34.45 -88.81 -45.02
CA MET BB 23 33.44 -89.29 -45.95
C MET BB 23 33.60 -90.77 -46.24
N VAL BB 24 34.83 -91.21 -46.52
CA VAL BB 24 35.03 -92.60 -46.93
C VAL BB 24 35.04 -93.52 -45.73
N LYS BB 25 35.13 -92.97 -44.52
CA LYS BB 25 34.99 -93.80 -43.32
C LYS BB 25 33.53 -93.92 -42.90
N ALA BB 26 32.71 -92.93 -43.24
CA ALA BB 26 31.34 -92.90 -42.75
C ALA BB 26 30.45 -93.85 -43.53
N ALA BB 27 30.72 -94.07 -44.81
CA ALA BB 27 29.86 -94.87 -45.65
C ALA BB 27 30.68 -95.53 -46.74
N ARG BB 28 29.99 -96.26 -47.62
CA ARG BB 28 30.62 -97.00 -48.72
C ARG BB 28 30.66 -96.10 -49.96
N VAL BB 29 31.33 -94.96 -49.80
CA VAL BB 29 31.55 -94.06 -50.91
C VAL BB 29 33.00 -94.21 -51.35
N THR BB 30 33.25 -93.88 -52.60
CA THR BB 30 34.59 -93.87 -53.17
C THR BB 30 34.96 -92.43 -53.46
N LEU BB 31 36.00 -91.94 -52.79
CA LEU BB 31 36.60 -90.67 -53.13
C LEU BB 31 37.28 -90.80 -54.49
N VAL BB 32 36.78 -90.07 -55.48
CA VAL BB 32 37.30 -90.17 -56.83
C VAL BB 32 37.93 -88.87 -57.31
N GLY BB 33 37.64 -87.75 -56.68
CA GLY BB 33 37.91 -86.46 -57.30
C GLY BB 33 38.50 -85.49 -56.31
N TYR BB 34 39.21 -84.50 -56.86
CA TYR BB 34 39.89 -83.48 -56.09
C TYR BB 34 40.07 -82.28 -57.00
N GLU BB 35 39.43 -81.17 -56.67
CA GLU BB 35 39.32 -80.05 -57.59
C GLU BB 35 39.69 -78.74 -56.91
N LYS BB 36 40.54 -77.96 -57.57
CA LYS BB 36 40.93 -76.63 -57.12
C LYS BB 36 40.43 -75.62 -58.12
N ILE BB 37 39.68 -74.62 -57.66
CA ILE BB 37 39.08 -73.62 -58.53
C ILE BB 37 39.55 -72.21 -58.17
N GLY BB 38 40.49 -72.07 -57.24
CA GLY BB 38 41.01 -70.78 -56.86
C GLY BB 38 40.40 -70.24 -55.58
N THR BB 39 41.06 -69.21 -55.06
CA THR BB 39 40.80 -68.57 -53.75
C THR BB 39 40.67 -69.57 -52.60
N GLY BB 40 41.45 -70.64 -52.62
CA GLY BB 40 41.38 -71.62 -51.55
C GLY BB 40 40.14 -72.48 -51.53
N ARG BB 41 39.29 -72.38 -52.55
CA ARG BB 41 38.09 -73.20 -52.63
C ARG BB 41 38.48 -74.56 -53.20
N VAL BB 42 38.50 -75.57 -52.35
CA VAL BB 42 38.95 -76.90 -52.70
C VAL BB 42 37.77 -77.86 -52.54
N THR BB 43 37.58 -78.72 -53.53
CA THR BB 43 36.43 -79.61 -53.57
C THR BB 43 36.89 -81.06 -53.68
N VAL BB 44 36.36 -81.92 -52.83
CA VAL BB 44 36.52 -83.37 -52.96
C VAL BB 44 35.19 -83.98 -53.40
N ILE BB 45 35.27 -85.03 -54.20
CA ILE BB 45 34.13 -85.62 -54.88
C ILE BB 45 34.08 -87.10 -54.54
N VAL BB 46 32.96 -87.54 -54.00
CA VAL BB 46 32.75 -88.96 -53.70
C VAL BB 46 31.66 -89.51 -54.61
N ARG BB 47 31.74 -90.81 -54.87
CA ARG BB 47 30.72 -91.53 -55.62
C ARG BB 47 30.23 -92.71 -54.81
N GLY BB 48 28.93 -92.99 -54.90
CA GLY BB 48 28.37 -94.14 -54.23
C GLY BB 48 26.86 -94.12 -54.39
N ASP BB 49 26.20 -95.04 -53.68
CA ASP BB 49 24.75 -94.99 -53.61
C ASP BB 49 24.31 -93.75 -52.83
N VAL BB 50 23.11 -93.26 -53.15
CA VAL BB 50 22.65 -91.96 -52.66
C VAL BB 50 22.43 -91.98 -51.15
N SER BB 51 22.11 -93.13 -50.56
CA SER BB 51 22.03 -93.23 -49.12
C SER BB 51 23.42 -93.16 -48.49
N GLU BB 52 24.41 -93.75 -49.15
CA GLU BB 52 25.79 -93.68 -48.66
C GLU BB 52 26.38 -92.30 -48.90
N VAL BB 53 26.04 -91.67 -50.02
CA VAL BB 53 26.57 -90.35 -50.32
C VAL BB 53 25.98 -89.30 -49.40
N GLN BB 54 24.70 -89.43 -49.06
CA GLN BB 54 24.07 -88.51 -48.11
C GLN BB 54 24.65 -88.68 -46.71
N ALA BB 55 24.99 -89.91 -46.34
CA ALA BB 55 25.53 -90.17 -45.01
C ALA BB 55 26.98 -89.70 -44.92
N SER BB 56 27.72 -89.76 -46.01
CA SER BB 56 29.12 -89.37 -45.98
C SER BB 56 29.27 -87.86 -46.03
N VAL BB 57 28.52 -87.18 -46.89
CA VAL BB 57 28.63 -85.74 -47.06
C VAL BB 57 28.19 -85.01 -45.80
N SER BB 58 27.19 -85.56 -45.10
CA SER BB 58 26.79 -85.02 -43.81
C SER BB 58 27.88 -85.22 -42.76
N ALA BB 59 28.56 -86.37 -42.79
CA ALA BB 59 29.62 -86.62 -41.82
C ALA BB 59 30.91 -85.92 -42.21
N GLY BB 60 31.11 -85.68 -43.52
CA GLY BB 60 32.26 -84.92 -43.95
C GLY BB 60 32.13 -83.44 -43.65
N THR BB 61 30.90 -82.94 -43.51
CA THR BB 61 30.69 -81.55 -43.16
C THR BB 61 30.95 -81.32 -41.68
N GLU BB 62 30.59 -82.28 -40.84
CA GLU BB 62 30.73 -82.11 -39.39
C GLU BB 62 32.19 -82.22 -38.94
N SER BB 63 33.03 -82.89 -39.74
CA SER BB 63 34.41 -83.07 -39.34
C SER BB 63 35.30 -81.89 -39.70
N VAL BB 64 34.81 -80.96 -40.53
CA VAL BB 64 35.55 -79.75 -40.79
C VAL BB 64 35.53 -78.83 -39.57
N LYS BB 65 34.53 -79.00 -38.69
CA LYS BB 65 34.52 -78.28 -37.42
C LYS BB 65 35.63 -78.75 -36.48
N ARG BB 66 36.14 -79.97 -36.68
CA ARG BB 66 37.30 -80.41 -35.92
C ARG BB 66 38.55 -79.64 -36.33
N VAL BB 67 38.64 -79.26 -37.60
CA VAL BB 67 39.80 -78.52 -38.08
C VAL BB 67 39.69 -77.07 -37.66
N ASN BB 68 40.73 -76.57 -36.99
CA ASN BB 68 40.80 -75.15 -36.67
C ASN BB 68 41.13 -74.37 -37.93
N GLY BB 69 40.31 -73.35 -38.21
CA GLY BB 69 40.50 -72.62 -39.45
C GLY BB 69 39.93 -73.29 -40.67
N GLY BB 70 39.13 -74.34 -40.48
CA GLY BB 70 38.47 -75.04 -41.58
C GLY BB 70 37.02 -74.58 -41.68
N GLN BB 71 36.56 -74.41 -42.92
CA GLN BB 71 35.24 -73.88 -43.19
C GLN BB 71 34.65 -74.52 -44.43
N VAL BB 72 33.46 -75.11 -44.29
CA VAL BB 72 32.74 -75.68 -45.41
C VAL BB 72 32.08 -74.52 -46.16
N LEU BB 73 32.36 -74.40 -47.45
CA LEU BB 73 31.74 -73.36 -48.25
C LEU BB 73 30.43 -73.83 -48.87
N SER BB 74 30.45 -75.00 -49.49
CA SER BB 74 29.28 -75.49 -50.20
C SER BB 74 29.32 -77.00 -50.26
N THR BB 75 28.16 -77.61 -50.02
CA THR BB 75 27.99 -79.04 -50.19
C THR BB 75 26.84 -79.27 -51.16
N HIS BB 76 26.92 -80.37 -51.91
CA HIS BB 76 25.81 -80.77 -52.76
C HIS BB 76 25.89 -82.26 -53.03
N ILE BB 77 24.72 -82.85 -53.27
CA ILE BB 77 24.56 -84.26 -53.60
C ILE BB 77 23.64 -84.35 -54.81
N ILE BB 78 24.11 -85.01 -55.86
CA ILE BB 78 23.29 -85.31 -57.03
C ILE BB 78 23.01 -86.80 -57.00
N ALA BB 79 21.72 -87.16 -56.93
CA ALA BB 79 21.34 -88.56 -56.70
C ALA BB 79 21.57 -89.42 -57.93
N ARG BB 80 21.51 -88.83 -59.11
CA ARG BB 80 21.63 -89.58 -60.36
C ARG BB 80 22.17 -88.63 -61.42
N PRO BB 81 23.48 -88.43 -61.47
CA PRO BB 81 24.04 -87.51 -62.46
C PRO BB 81 23.96 -88.09 -63.87
N HIS BB 82 23.82 -87.19 -64.82
CA HIS BB 82 23.76 -87.57 -66.23
C HIS BB 82 25.11 -88.10 -66.69
N GLU BB 83 25.08 -88.93 -67.72
CA GLU BB 83 26.28 -89.57 -68.23
C GLU BB 83 27.23 -88.59 -68.93
N ASN BB 84 26.72 -87.42 -69.33
CA ASN BB 84 27.55 -86.39 -69.92
C ASN BB 84 28.52 -85.79 -68.91
N LEU BB 85 28.18 -85.85 -67.62
CA LEU BB 85 28.95 -85.13 -66.61
C LEU BB 85 30.28 -85.80 -66.31
N GLU BB 86 30.38 -87.12 -66.47
CA GLU BB 86 31.62 -87.80 -66.12
C GLU BB 86 32.68 -87.62 -67.19
N TYR BB 87 32.29 -87.19 -68.38
CA TYR BB 87 33.26 -87.00 -69.45
C TYR BB 87 33.78 -85.57 -69.49
N VAL BB 88 33.11 -84.66 -68.78
CA VAL BB 88 33.57 -83.28 -68.75
C VAL BB 88 34.08 -82.92 -67.35
N LEU BB 89 33.27 -83.12 -66.36
CA LEU BB 89 33.62 -82.76 -65.00
C LEU BB 89 34.43 -83.87 -64.35
N PRO BB 90 35.37 -83.54 -63.45
CA PRO BB 90 36.17 -84.58 -62.78
C PRO BB 90 35.42 -85.27 -61.64
N ILE BB 91 34.33 -85.94 -61.99
CA ILE BB 91 33.55 -86.73 -61.05
C ILE BB 91 33.57 -88.21 -61.39
N ARG BB 92 34.37 -88.63 -62.36
CA ARG BB 92 34.33 -90.01 -62.83
C ARG BB 92 35.30 -90.87 -62.04
N TYR BB 93 35.04 -92.18 -62.10
CA TYR BB 93 35.96 -93.14 -61.52
C TYR BB 93 37.22 -93.23 -62.38
N THR BB 94 38.34 -92.81 -61.81
CA THR BB 94 39.63 -93.02 -62.45
C THR BB 94 40.11 -94.45 -62.18
N GLU BB 95 41.14 -94.87 -62.91
CA GLU BB 95 41.61 -96.25 -62.83
C GLU BB 95 42.31 -96.53 -61.50
N GLU BB 96 42.86 -95.49 -60.87
CA GLU BB 96 43.57 -95.68 -59.60
C GLU BB 96 42.62 -95.95 -58.44
N VAL BB 97 41.36 -95.56 -58.57
CA VAL BB 97 40.41 -95.68 -57.47
C VAL BB 97 39.38 -96.78 -57.72
N GLU BB 98 39.62 -97.66 -58.70
CA GLU BB 98 38.67 -98.74 -58.93
C GLU BB 98 38.84 -99.89 -57.95
N GLN BB 99 39.88 -99.87 -57.11
CA GLN BB 99 40.01 -100.87 -56.06
C GLN BB 99 39.13 -100.53 -54.86
N PHE BB 100 38.61 -99.31 -54.79
CA PHE BB 100 37.78 -98.87 -53.68
C PHE BB 100 36.30 -98.80 -54.04
N ARG BB 101 35.93 -99.15 -55.26
CA ARG BB 101 34.54 -99.06 -55.68
C ARG BB 101 33.72 -100.24 -55.14
N ALA CB 2 51.29 -101.72 -20.11
CA ALA CB 2 52.01 -101.86 -21.38
C ALA CB 2 51.30 -101.08 -22.48
N VAL CB 3 50.15 -101.62 -22.89
CA VAL CB 3 49.30 -100.93 -23.85
C VAL CB 3 48.51 -99.85 -23.13
N ALA CB 4 48.48 -98.65 -23.71
CA ALA CB 4 47.79 -97.52 -23.07
C ALA CB 4 46.28 -97.74 -23.06
N VAL CB 5 45.61 -96.97 -22.20
CA VAL CB 5 44.17 -97.08 -22.03
C VAL CB 5 43.55 -95.69 -22.11
N GLY CB 6 42.48 -95.57 -22.88
CA GLY CB 6 41.73 -94.32 -22.93
C GLY CB 6 40.26 -94.57 -22.68
N MET CB 7 39.63 -93.62 -22.00
CA MET CB 7 38.23 -93.74 -21.61
C MET CB 7 37.50 -92.47 -22.00
N ILE CB 8 36.31 -92.62 -22.58
CA ILE CB 8 35.38 -91.53 -22.78
C ILE CB 8 34.09 -91.90 -22.07
N GLU CB 9 33.67 -91.08 -21.13
CA GLU CB 9 32.39 -91.26 -20.46
C GLU CB 9 31.37 -90.28 -21.01
N THR CB 10 30.27 -90.81 -21.53
CA THR CB 10 29.18 -89.99 -22.04
C THR CB 10 27.94 -90.20 -21.20
N LEU CB 11 27.01 -89.27 -21.32
CA LEU CB 11 25.67 -89.40 -20.75
C LEU CB 11 24.77 -89.92 -21.86
N GLY CB 12 24.47 -91.21 -21.81
CA GLY CB 12 23.62 -91.81 -22.81
C GLY CB 12 24.31 -92.85 -23.68
N PHE CB 13 23.55 -93.86 -24.08
CA PHE CB 13 24.06 -94.93 -24.93
C PHE CB 13 24.21 -94.58 -26.42
N PRO CB 14 23.32 -93.80 -27.07
CA PRO CB 14 23.65 -93.36 -28.44
C PRO CB 14 24.89 -92.49 -28.54
N ALA CB 15 25.22 -91.74 -27.49
CA ALA CB 15 26.42 -90.91 -27.52
C ALA CB 15 27.67 -91.76 -27.33
N VAL CB 16 27.55 -92.89 -26.65
CA VAL CB 16 28.75 -93.67 -26.34
C VAL CB 16 29.07 -94.62 -27.47
N VAL CB 17 28.11 -94.89 -28.36
CA VAL CB 17 28.39 -95.72 -29.53
C VAL CB 17 29.00 -94.87 -30.63
N GLU CB 18 28.56 -93.62 -30.76
CA GLU CB 18 29.21 -92.69 -31.68
C GLU CB 18 30.61 -92.31 -31.21
N ALA CB 19 30.80 -92.22 -29.89
CA ALA CB 19 32.14 -92.01 -29.36
C ALA CB 19 33.04 -93.22 -29.62
N ALA CB 20 32.50 -94.43 -29.42
CA ALA CB 20 33.30 -95.63 -29.63
C ALA CB 20 33.58 -95.87 -31.11
N ASP CB 21 32.65 -95.48 -31.99
CA ASP CB 21 32.87 -95.66 -33.42
C ASP CB 21 33.87 -94.66 -33.96
N ALA CB 22 33.89 -93.44 -33.40
CA ALA CB 22 34.84 -92.44 -33.85
C ALA CB 22 36.25 -92.74 -33.34
N MET CB 23 36.36 -93.52 -32.26
CA MET CB 23 37.66 -93.81 -31.70
C MET CB 23 38.40 -94.85 -32.54
N VAL CB 24 37.73 -95.94 -32.90
CA VAL CB 24 38.42 -97.02 -33.59
C VAL CB 24 38.57 -96.71 -35.08
N LYS CB 25 37.89 -95.67 -35.57
CA LYS CB 25 38.09 -95.24 -36.94
C LYS CB 25 39.26 -94.26 -37.06
N ALA CB 26 39.47 -93.46 -36.02
CA ALA CB 26 40.46 -92.39 -36.10
C ALA CB 26 41.88 -92.90 -35.98
N ALA CB 27 42.10 -93.95 -35.18
CA ALA CB 27 43.45 -94.40 -34.91
C ALA CB 27 43.44 -95.91 -34.72
N ARG CB 28 44.64 -96.46 -34.51
CA ARG CB 28 44.83 -97.90 -34.33
C ARG CB 28 44.66 -98.26 -32.86
N VAL CB 29 43.42 -98.13 -32.39
CA VAL CB 29 43.07 -98.50 -31.04
C VAL CB 29 42.06 -99.64 -31.10
N THR CB 30 42.01 -100.42 -30.03
CA THR CB 30 41.06 -101.52 -29.90
C THR CB 30 40.07 -101.18 -28.80
N LEU CB 31 38.81 -101.04 -29.17
CA LEU CB 31 37.73 -100.96 -28.20
C LEU CB 31 37.63 -102.30 -27.49
N VAL CB 32 37.87 -102.30 -26.18
CA VAL CB 32 37.90 -103.54 -25.42
C VAL CB 32 36.80 -103.62 -24.37
N GLY CB 33 36.22 -102.51 -23.96
CA GLY CB 33 35.40 -102.49 -22.77
C GLY CB 33 34.25 -101.52 -22.89
N TYR CB 34 33.33 -101.64 -21.94
CA TYR CB 34 32.05 -100.94 -21.98
C TYR CB 34 31.49 -100.99 -20.57
N GLU CB 35 31.40 -99.82 -19.92
CA GLU CB 35 31.14 -99.76 -18.49
C GLU CB 35 29.94 -98.86 -18.21
N LYS CB 36 29.03 -99.36 -17.39
CA LYS CB 36 27.87 -98.60 -16.91
C LYS CB 36 27.98 -98.49 -15.41
N ILE CB 37 27.90 -97.27 -14.89
CA ILE CB 37 28.05 -97.01 -13.46
C ILE CB 37 26.81 -96.37 -12.86
N GLY CB 38 25.77 -96.15 -13.66
CA GLY CB 38 24.56 -95.53 -13.16
C GLY CB 38 24.44 -94.07 -13.57
N THR CB 39 23.22 -93.55 -13.42
CA THR CB 39 22.74 -92.26 -13.92
C THR CB 39 23.07 -92.01 -15.39
N GLY CB 40 23.01 -93.04 -16.22
CA GLY CB 40 23.29 -92.87 -17.63
C GLY CB 40 24.73 -92.62 -17.99
N ARG CB 41 25.64 -92.67 -17.02
CA ARG CB 41 27.05 -92.45 -17.27
C ARG CB 41 27.65 -93.74 -17.82
N VAL CB 42 27.97 -93.72 -19.11
CA VAL CB 42 28.44 -94.89 -19.83
C VAL CB 42 29.83 -94.61 -20.36
N THR CB 43 30.76 -95.54 -20.14
CA THR CB 43 32.16 -95.36 -20.50
C THR CB 43 32.56 -96.46 -21.49
N VAL CB 44 33.27 -96.07 -22.55
CA VAL CB 44 33.93 -97.01 -23.45
C VAL CB 44 35.43 -96.92 -23.24
N ILE CB 45 36.10 -98.06 -23.34
CA ILE CB 45 37.52 -98.19 -23.04
C ILE CB 45 38.24 -98.67 -24.29
N VAL CB 46 39.22 -97.91 -24.74
CA VAL CB 46 40.05 -98.29 -25.87
C VAL CB 46 41.45 -98.60 -25.38
N ARG CB 47 42.13 -99.49 -26.10
CA ARG CB 47 43.53 -99.82 -25.85
C ARG CB 47 44.34 -99.61 -27.11
N GLY CB 48 45.50 -99.00 -26.96
CA GLY CB 48 46.41 -98.84 -28.07
C GLY CB 48 47.70 -98.23 -27.60
N ASP CB 49 48.49 -97.73 -28.54
CA ASP CB 49 49.59 -96.86 -28.18
C ASP CB 49 49.04 -95.54 -27.66
N VAL CB 50 49.83 -94.87 -26.82
CA VAL CB 50 49.36 -93.65 -26.17
C VAL CB 50 49.16 -92.52 -27.18
N SER CB 51 49.92 -92.51 -28.27
CA SER CB 51 49.69 -91.56 -29.35
C SER CB 51 48.41 -91.86 -30.10
N GLU CB 52 48.12 -93.15 -30.32
CA GLU CB 52 46.89 -93.54 -30.98
C GLU CB 52 45.68 -93.35 -30.06
N VAL CB 53 45.87 -93.57 -28.76
CA VAL CB 53 44.79 -93.38 -27.81
C VAL CB 53 44.44 -91.90 -27.68
N GLN CB 54 45.45 -91.03 -27.74
CA GLN CB 54 45.22 -89.59 -27.66
C GLN CB 54 44.49 -89.07 -28.89
N ALA CB 55 44.79 -89.62 -30.07
CA ALA CB 55 44.12 -89.18 -31.28
C ALA CB 55 42.69 -89.69 -31.35
N SER CB 56 42.44 -90.87 -30.78
CA SER CB 56 41.10 -91.45 -30.81
C SER CB 56 40.19 -90.78 -29.79
N VAL CB 57 40.70 -90.49 -28.60
CA VAL CB 57 39.89 -89.89 -27.54
C VAL CB 57 39.53 -88.46 -27.92
N SER CB 58 40.43 -87.75 -28.60
CA SER CB 58 40.13 -86.41 -29.08
C SER CB 58 39.10 -86.44 -30.20
N ALA CB 59 39.10 -87.51 -31.01
CA ALA CB 59 38.11 -87.62 -32.08
C ALA CB 59 36.78 -88.12 -31.55
N GLY CB 60 36.80 -89.00 -30.55
CA GLY CB 60 35.56 -89.49 -29.98
C GLY CB 60 34.84 -88.45 -29.15
N THR CB 61 35.59 -87.48 -28.60
CA THR CB 61 34.97 -86.40 -27.84
C THR CB 61 34.23 -85.44 -28.78
N GLU CB 62 34.81 -85.16 -29.95
CA GLU CB 62 34.19 -84.22 -30.87
C GLU CB 62 32.99 -84.82 -31.60
N SER CB 63 32.90 -86.15 -31.64
CA SER CB 63 31.80 -86.80 -32.34
C SER CB 63 30.54 -86.87 -31.50
N VAL CB 64 30.64 -86.69 -30.19
CA VAL CB 64 29.45 -86.66 -29.35
C VAL CB 64 28.70 -85.35 -29.54
N LYS CB 65 29.40 -84.30 -29.97
CA LYS CB 65 28.76 -83.01 -30.24
C LYS CB 65 27.80 -83.06 -31.42
N ARG CB 66 27.93 -84.05 -32.31
CA ARG CB 66 26.96 -84.24 -33.37
C ARG CB 66 25.77 -85.08 -32.94
N VAL CB 67 25.85 -85.78 -31.81
CA VAL CB 67 24.70 -86.49 -31.25
C VAL CB 67 23.87 -85.50 -30.44
N ASN CB 68 22.61 -85.35 -30.79
CA ASN CB 68 21.69 -84.50 -30.03
C ASN CB 68 21.07 -85.34 -28.91
N GLY CB 69 21.41 -84.99 -27.68
CA GLY CB 69 20.95 -85.71 -26.51
C GLY CB 69 22.05 -86.39 -25.72
N GLY CB 70 23.31 -86.25 -26.13
CA GLY CB 70 24.41 -86.82 -25.40
C GLY CB 70 25.54 -85.82 -25.26
N GLN CB 71 26.28 -85.97 -24.16
CA GLN CB 71 27.40 -85.09 -23.87
C GLN CB 71 28.52 -85.90 -23.25
N VAL CB 72 29.76 -85.47 -23.47
CA VAL CB 72 30.93 -86.09 -22.87
C VAL CB 72 31.00 -85.61 -21.43
N LEU CB 73 31.00 -86.55 -20.48
CA LEU CB 73 31.10 -86.18 -19.08
C LEU CB 73 32.55 -86.12 -18.63
N SER CB 74 33.35 -87.11 -19.04
CA SER CB 74 34.74 -87.19 -18.61
C SER CB 74 35.54 -87.98 -19.61
N THR CB 75 36.78 -87.55 -19.84
CA THR CB 75 37.73 -88.26 -20.67
C THR CB 75 39.04 -88.38 -19.92
N HIS CB 76 39.74 -89.50 -20.13
CA HIS CB 76 41.05 -89.66 -19.54
C HIS CB 76 41.87 -90.65 -20.36
N ILE CB 77 43.19 -90.46 -20.32
CA ILE CB 77 44.16 -91.28 -21.03
C ILE CB 77 45.28 -91.61 -20.06
N ILE CB 78 45.62 -92.89 -19.95
CA ILE CB 78 46.76 -93.34 -19.16
C ILE CB 78 47.77 -93.98 -20.10
N ALA CB 79 49.02 -93.50 -20.07
CA ALA CB 79 50.03 -93.90 -21.05
C ALA CB 79 50.45 -95.35 -20.86
N ARG CB 80 50.50 -95.81 -19.61
CA ARG CB 80 50.84 -97.19 -19.31
C ARG CB 80 50.20 -97.52 -17.97
N PRO CB 81 49.05 -98.20 -17.98
CA PRO CB 81 48.43 -98.58 -16.72
C PRO CB 81 49.21 -99.67 -16.01
N HIS CB 82 49.10 -99.67 -14.69
CA HIS CB 82 49.71 -100.70 -13.87
C HIS CB 82 49.04 -102.04 -14.13
N GLU CB 83 49.80 -103.12 -13.95
CA GLU CB 83 49.27 -104.45 -14.23
C GLU CB 83 48.27 -104.90 -13.17
N ASN CB 84 48.20 -104.18 -12.04
CA ASN CB 84 47.13 -104.39 -11.06
C ASN CB 84 45.76 -104.02 -11.62
N LEU CB 85 45.71 -103.08 -12.56
CA LEU CB 85 44.43 -102.53 -13.00
C LEU CB 85 43.66 -103.47 -13.92
N GLU CB 86 44.34 -104.32 -14.68
CA GLU CB 86 43.63 -105.19 -15.60
C GLU CB 86 42.91 -106.31 -14.88
N TYR CB 87 43.32 -106.64 -13.66
CA TYR CB 87 42.68 -107.71 -12.92
C TYR CB 87 41.49 -107.19 -12.11
N VAL CB 88 41.46 -105.90 -11.82
CA VAL CB 88 40.37 -105.33 -11.03
C VAL CB 88 39.42 -104.55 -11.93
N LEU CB 89 39.94 -103.73 -12.80
CA LEU CB 89 39.11 -102.89 -13.65
C LEU CB 89 38.89 -103.54 -15.01
N PRO CB 90 37.72 -103.34 -15.64
CA PRO CB 90 37.45 -103.93 -16.97
C PRO CB 90 38.08 -103.15 -18.11
N ILE CB 91 39.41 -103.05 -18.10
CA ILE CB 91 40.16 -102.38 -19.15
C ILE CB 91 41.05 -103.33 -19.92
N ARG CB 92 40.98 -104.62 -19.65
CA ARG CB 92 41.86 -105.58 -20.28
C ARG CB 92 41.29 -106.05 -21.61
N TYR CB 93 42.16 -106.64 -22.42
CA TYR CB 93 41.73 -107.26 -23.67
C TYR CB 93 40.96 -108.53 -23.39
N THR CB 94 39.72 -108.57 -23.83
CA THR CB 94 38.95 -109.80 -23.79
C THR CB 94 39.34 -110.69 -24.97
N GLU CB 95 38.89 -111.94 -24.92
CA GLU CB 95 39.24 -112.89 -25.97
C GLU CB 95 38.45 -112.64 -27.25
N GLU CB 96 37.37 -111.86 -27.17
CA GLU CB 96 36.56 -111.59 -28.36
C GLU CB 96 37.17 -110.49 -29.21
N VAL CB 97 38.03 -109.67 -28.63
CA VAL CB 97 38.57 -108.49 -29.31
C VAL CB 97 40.04 -108.67 -29.67
N GLU CB 98 40.57 -109.89 -29.59
CA GLU CB 98 41.98 -110.10 -29.90
C GLU CB 98 42.27 -110.05 -31.39
N GLN CB 99 41.24 -110.13 -32.24
CA GLN CB 99 41.45 -110.02 -33.67
C GLN CB 99 41.66 -108.57 -34.10
N PHE CB 100 41.33 -107.61 -33.24
CA PHE CB 100 41.52 -106.19 -33.54
C PHE CB 100 42.78 -105.61 -32.93
N ARG CB 101 43.56 -106.41 -32.20
CA ARG CB 101 44.75 -105.91 -31.51
C ARG CB 101 45.91 -105.70 -32.47
N MET DB 1 76.31 -70.77 -20.55
CA MET DB 1 75.93 -71.59 -21.68
C MET DB 1 76.96 -72.69 -21.93
N GLN DB 2 76.50 -73.77 -22.57
CA GLN DB 2 77.35 -74.86 -22.97
C GLN DB 2 77.20 -75.07 -24.47
N MET DB 3 78.28 -75.51 -25.10
CA MET DB 3 78.23 -75.92 -26.49
C MET DB 3 77.78 -77.36 -26.57
N ALA DB 4 76.83 -77.63 -27.47
CA ALA DB 4 76.27 -78.96 -27.60
C ALA DB 4 76.02 -79.27 -29.06
N LYS DB 5 76.02 -80.57 -29.37
CA LYS DB 5 75.70 -81.06 -30.71
C LYS DB 5 74.34 -81.73 -30.67
N VAL DB 6 73.49 -81.39 -31.63
CA VAL DB 6 72.14 -81.96 -31.72
C VAL DB 6 72.31 -83.40 -32.20
N CYS DB 7 72.00 -84.36 -31.32
CA CYS DB 7 72.10 -85.76 -31.70
C CYS DB 7 70.74 -86.36 -32.04
N GLY DB 8 69.66 -85.73 -31.59
CA GLY DB 8 68.36 -86.25 -31.96
C GLY DB 8 67.22 -85.50 -31.32
N THR DB 9 66.05 -86.14 -31.34
CA THR DB 9 64.80 -85.56 -30.86
C THR DB 9 64.18 -86.49 -29.82
N VAL DB 10 63.46 -85.90 -28.87
CA VAL DB 10 62.70 -86.63 -27.87
C VAL DB 10 61.25 -86.20 -28.00
N VAL DB 11 60.36 -87.18 -28.17
CA VAL DB 11 58.93 -86.92 -28.31
C VAL DB 11 58.23 -87.55 -27.12
N GLY DB 12 57.43 -86.75 -26.41
CA GLY DB 12 56.58 -87.25 -25.35
C GLY DB 12 55.13 -86.88 -25.59
N THR DB 13 54.24 -87.86 -25.51
CA THR DB 13 52.82 -87.58 -25.75
C THR DB 13 52.06 -87.22 -24.47
N GLN DB 14 52.26 -87.95 -23.38
CA GLN DB 14 51.76 -87.51 -22.08
C GLN DB 14 52.80 -86.63 -21.42
N LYS DB 15 52.44 -85.36 -21.27
CA LYS DB 15 53.30 -84.36 -20.68
C LYS DB 15 52.42 -83.40 -19.92
N LEU DB 16 53.03 -82.36 -19.36
CA LEU DB 16 52.24 -81.29 -18.79
C LEU DB 16 51.60 -80.49 -19.92
N PRO DB 17 50.44 -79.87 -19.66
CA PRO DB 17 49.80 -79.05 -20.71
C PRO DB 17 50.62 -77.82 -21.09
N SER DB 18 51.46 -77.33 -20.17
CA SER DB 18 52.36 -76.23 -20.50
C SER DB 18 53.59 -76.71 -21.27
N MET DB 19 53.78 -78.02 -21.38
CA MET DB 19 54.85 -78.57 -22.22
C MET DB 19 54.39 -78.81 -23.66
N THR DB 20 53.19 -78.40 -24.01
CA THR DB 20 52.66 -78.63 -25.35
C THR DB 20 53.19 -77.59 -26.32
N GLY DB 21 53.71 -78.05 -27.45
CA GLY DB 21 54.30 -77.18 -28.44
C GLY DB 21 55.79 -76.97 -28.30
N VAL DB 22 56.39 -77.45 -27.21
CA VAL DB 22 57.82 -77.32 -26.96
C VAL DB 22 58.53 -78.41 -27.75
N LYS DB 23 59.40 -78.01 -28.66
CA LYS DB 23 60.22 -78.95 -29.42
C LYS DB 23 61.41 -79.35 -28.56
N LEU DB 24 61.62 -80.65 -28.40
CA LEU DB 24 62.63 -81.19 -27.50
C LEU DB 24 63.74 -81.85 -28.31
N LEU DB 25 64.95 -81.36 -28.14
CA LEU DB 25 66.13 -81.88 -28.81
C LEU DB 25 67.03 -82.59 -27.82
N LEU DB 26 67.57 -83.72 -28.24
CA LEU DB 26 68.59 -84.44 -27.49
C LEU DB 26 69.95 -83.90 -27.91
N LEU DB 27 70.59 -83.15 -27.02
CA LEU DB 27 71.87 -82.51 -27.30
C LEU DB 27 72.96 -83.18 -26.48
N GLN DB 28 74.02 -83.61 -27.15
CA GLN DB 28 75.20 -84.11 -26.46
C GLN DB 28 76.21 -82.98 -26.33
N PHE DB 29 76.76 -82.82 -25.14
CA PHE DB 29 77.72 -81.75 -24.90
C PHE DB 29 79.05 -82.05 -25.55
N ILE DB 30 79.64 -81.03 -26.16
CA ILE DB 30 80.97 -81.10 -26.75
C ILE DB 30 81.89 -80.26 -25.89
N ASP DB 31 83.18 -80.59 -25.91
CA ASP DB 31 84.12 -79.87 -25.07
C ASP DB 31 84.60 -78.60 -25.75
N ALA DB 32 85.63 -77.97 -25.17
CA ALA DB 32 86.22 -76.78 -25.77
C ALA DB 32 87.09 -77.14 -26.98
N ASN DB 33 87.47 -78.41 -27.11
CA ASN DB 33 88.27 -78.82 -28.27
C ASN DB 33 87.41 -79.35 -29.40
N GLY DB 34 86.12 -79.60 -29.14
CA GLY DB 34 85.21 -80.08 -30.15
C GLY DB 34 84.87 -81.55 -30.08
N GLU DB 35 85.37 -82.28 -29.10
CA GLU DB 35 85.10 -83.70 -28.94
C GLU DB 35 83.83 -83.89 -28.10
N LEU DB 36 83.12 -84.97 -28.36
CA LEU DB 36 81.86 -85.24 -27.68
C LEU DB 36 82.12 -85.70 -26.25
N LEU DB 37 81.50 -85.03 -25.29
CA LEU DB 37 81.57 -85.44 -23.89
C LEU DB 37 80.51 -86.50 -23.60
N PRO DB 38 80.75 -87.39 -22.63
CA PRO DB 38 79.71 -88.35 -22.23
C PRO DB 38 78.67 -87.73 -21.30
N LYS DB 39 77.98 -86.71 -21.80
CA LYS DB 39 76.98 -85.97 -21.05
C LYS DB 39 76.01 -85.36 -22.05
N TYR DB 40 74.74 -85.38 -21.72
CA TYR DB 40 73.69 -84.94 -22.63
C TYR DB 40 72.74 -83.98 -21.92
N GLU DB 41 71.76 -83.51 -22.69
CA GLU DB 41 70.69 -82.66 -22.20
C GLU DB 41 69.51 -82.80 -23.14
N VAL DB 42 68.32 -82.58 -22.62
CA VAL DB 42 67.12 -82.41 -23.43
C VAL DB 42 66.66 -80.97 -23.25
N ALA DB 43 66.64 -80.21 -24.34
CA ALA DB 43 66.41 -78.78 -24.27
C ALA DB 43 65.28 -78.37 -25.20
N ALA DB 44 64.60 -77.29 -24.83
CA ALA DB 44 63.67 -76.63 -25.72
C ALA DB 44 64.44 -75.94 -26.85
N ASP DB 45 63.78 -75.80 -28.00
CA ASP DB 45 64.43 -75.32 -29.22
C ASP DB 45 63.57 -74.25 -29.88
N PRO DB 46 63.68 -72.99 -29.46
CA PRO DB 46 63.01 -71.92 -30.20
C PRO DB 46 63.77 -71.54 -31.47
N VAL DB 47 65.09 -71.59 -31.42
CA VAL DB 47 65.95 -71.35 -32.57
C VAL DB 47 66.07 -72.66 -33.32
N GLY DB 48 65.47 -72.74 -34.51
CA GLY DB 48 65.25 -74.02 -35.16
C GLY DB 48 66.53 -74.69 -35.61
N ALA DB 49 66.95 -75.74 -34.90
CA ALA DB 49 68.21 -76.41 -35.12
C ALA DB 49 67.97 -77.87 -35.47
N GLY DB 50 68.69 -78.36 -36.47
CA GLY DB 50 68.55 -79.72 -36.92
C GLY DB 50 69.68 -80.62 -36.43
N LEU DB 51 69.65 -81.86 -36.90
CA LEU DB 51 70.56 -82.88 -36.40
C LEU DB 51 71.97 -82.65 -36.91
N GLY DB 52 72.93 -82.65 -35.99
CA GLY DB 52 74.31 -82.40 -36.30
C GLY DB 52 74.78 -80.98 -36.04
N GLU DB 53 73.85 -80.07 -35.76
CA GLU DB 53 74.18 -78.67 -35.56
C GLU DB 53 74.85 -78.45 -34.21
N TRP DB 54 75.73 -77.46 -34.18
CA TRP DB 54 76.35 -76.99 -32.94
C TRP DB 54 75.51 -75.87 -32.37
N VAL DB 55 75.08 -76.03 -31.12
CA VAL DB 55 74.18 -75.07 -30.49
C VAL DB 55 74.78 -74.62 -29.17
N LEU DB 56 74.30 -73.47 -28.70
CA LEU DB 56 74.50 -73.03 -27.32
C LEU DB 56 73.23 -73.30 -26.54
N VAL DB 57 73.37 -73.97 -25.40
CA VAL DB 57 72.24 -74.31 -24.56
C VAL DB 57 72.49 -73.76 -23.16
N ASN DB 58 71.49 -73.08 -22.61
CA ASN DB 58 71.59 -72.56 -21.27
C ASN DB 58 71.00 -73.56 -20.28
N ARG DB 59 71.12 -73.25 -18.99
CA ARG DB 59 70.65 -74.14 -17.96
C ARG DB 59 69.85 -73.33 -16.94
N GLY DB 60 68.90 -73.99 -16.30
CA GLY DB 60 68.20 -73.39 -15.19
C GLY DB 60 67.08 -72.45 -15.58
N SER DB 61 66.94 -71.36 -14.83
CA SER DB 61 65.83 -70.43 -15.01
C SER DB 61 66.06 -69.48 -16.18
N ALA DB 62 67.21 -69.55 -16.84
CA ALA DB 62 67.45 -68.78 -18.05
C ALA DB 62 66.67 -69.33 -19.23
N ALA DB 63 66.24 -70.60 -19.15
CA ALA DB 63 65.40 -71.18 -20.19
C ALA DB 63 64.00 -70.60 -20.21
N ARG DB 64 63.58 -69.93 -19.13
CA ARG DB 64 62.24 -69.37 -19.01
C ARG DB 64 62.22 -67.87 -19.24
N GLN DB 65 63.14 -67.35 -20.05
CA GLN DB 65 63.25 -65.92 -20.28
C GLN DB 65 62.79 -65.49 -21.67
N THR DB 66 62.16 -66.39 -22.42
CA THR DB 66 61.98 -66.19 -23.85
C THR DB 66 60.57 -65.64 -24.13
N GLU DB 67 59.88 -65.23 -23.07
CA GLU DB 67 58.54 -64.61 -23.02
C GLU DB 67 57.41 -65.48 -23.57
N TYR DB 68 57.72 -66.68 -24.06
CA TYR DB 68 56.73 -67.73 -24.25
C TYR DB 68 57.13 -69.01 -23.54
N HIS DB 69 58.28 -69.03 -22.88
CA HIS DB 69 58.73 -70.13 -22.05
C HIS DB 69 58.62 -69.79 -20.56
N GLN DB 70 57.88 -68.73 -20.23
CA GLN DB 70 58.01 -68.09 -18.91
C GLN DB 70 57.42 -68.94 -17.80
N ASN DB 71 56.23 -69.50 -18.01
CA ASN DB 71 55.59 -70.31 -16.99
C ASN DB 71 55.65 -71.80 -17.35
N ARG DB 72 56.59 -72.17 -18.21
CA ARG DB 72 56.84 -73.51 -18.69
C ARG DB 72 57.92 -74.19 -17.87
N PRO DB 73 57.76 -75.46 -17.54
CA PRO DB 73 58.75 -76.18 -16.71
C PRO DB 73 59.98 -76.60 -17.51
N LEU DB 74 60.78 -75.62 -17.92
CA LEU DB 74 61.95 -75.84 -18.74
C LEU DB 74 63.19 -75.40 -18.00
N ASP DB 75 64.21 -76.26 -17.97
CA ASP DB 75 65.48 -75.95 -17.33
C ASP DB 75 66.64 -75.98 -18.32
N ALA DB 76 66.36 -76.11 -19.61
CA ALA DB 76 67.38 -76.12 -20.64
C ALA DB 76 66.75 -75.66 -21.95
N MET DB 77 67.50 -74.86 -22.70
CA MET DB 77 66.95 -74.27 -23.92
C MET DB 77 68.09 -73.93 -24.87
N VAL DB 78 67.92 -74.26 -26.15
CA VAL DB 78 68.86 -73.80 -27.17
C VAL DB 78 68.66 -72.30 -27.36
N VAL DB 79 69.71 -71.52 -27.11
CA VAL DB 79 69.62 -70.07 -27.27
C VAL DB 79 70.21 -69.59 -28.58
N ALA DB 80 71.10 -70.35 -29.19
CA ALA DB 80 71.81 -69.89 -30.38
C ALA DB 80 72.31 -71.09 -31.15
N ILE DB 81 72.27 -70.98 -32.46
CA ILE DB 81 72.96 -71.89 -33.36
C ILE DB 81 74.36 -71.33 -33.58
N ILE DB 82 75.37 -72.14 -33.28
CA ILE DB 82 76.75 -71.68 -33.36
C ILE DB 82 77.15 -71.57 -34.82
N ASP DB 83 77.61 -70.39 -35.23
CA ASP DB 83 78.15 -70.22 -36.56
C ASP DB 83 79.64 -70.55 -36.59
N THR DB 84 80.42 -69.91 -35.73
CA THR DB 84 81.85 -70.20 -35.67
C THR DB 84 82.35 -70.15 -34.24
N VAL DB 85 83.36 -70.98 -33.95
CA VAL DB 85 84.07 -70.97 -32.68
C VAL DB 85 85.54 -70.73 -32.99
N THR DB 86 86.09 -69.66 -32.42
CA THR DB 86 87.50 -69.33 -32.56
C THR DB 86 88.17 -69.60 -31.23
N VAL DB 87 89.20 -70.43 -31.22
CA VAL DB 87 89.96 -70.76 -30.02
C VAL DB 87 91.42 -70.42 -30.27
N ASN DB 88 91.98 -69.53 -29.42
CA ASN DB 88 93.36 -69.07 -29.49
C ASN DB 88 93.68 -68.45 -30.85
N ASN DB 89 92.78 -67.59 -31.32
CA ASN DB 89 92.77 -66.94 -32.64
C ASN DB 89 92.76 -67.92 -33.80
N ARG DB 90 92.38 -69.18 -33.58
CA ARG DB 90 92.28 -70.19 -34.60
C ARG DB 90 90.84 -70.68 -34.67
N ARG DB 91 90.30 -70.75 -35.87
CA ARG DB 91 88.91 -71.18 -36.06
C ARG DB 91 88.78 -72.68 -35.79
N LEU DB 92 87.95 -73.03 -34.81
CA LEU DB 92 87.66 -74.41 -34.47
C LEU DB 92 86.46 -74.97 -35.22
N TYR DB 93 85.44 -74.16 -35.42
CA TYR DB 93 84.19 -74.58 -36.05
C TYR DB 93 83.77 -73.53 -37.06
N GLY DB 94 83.11 -73.97 -38.13
CA GLY DB 94 82.62 -73.07 -39.15
C GLY DB 94 83.59 -72.86 -40.28
N ALA EB 2 31.88 -8.34 -109.76
CA ALA EB 2 32.43 -9.55 -110.36
C ALA EB 2 31.75 -10.79 -109.80
N VAL EB 3 32.45 -11.93 -109.90
CA VAL EB 3 31.97 -13.19 -109.33
C VAL EB 3 31.97 -13.07 -107.82
N ALA EB 4 30.94 -13.64 -107.18
CA ALA EB 4 30.70 -13.43 -105.75
C ALA EB 4 31.80 -14.04 -104.89
N VAL EB 5 32.03 -13.44 -103.74
CA VAL EB 5 33.08 -13.84 -102.82
C VAL EB 5 32.46 -14.10 -101.45
N GLY EB 6 32.82 -15.23 -100.84
CA GLY EB 6 32.40 -15.56 -99.49
C GLY EB 6 33.61 -15.81 -98.62
N MET EB 7 33.54 -15.34 -97.38
CA MET EB 7 34.63 -15.44 -96.43
C MET EB 7 34.10 -16.02 -95.13
N ILE EB 8 34.85 -16.95 -94.54
CA ILE EB 8 34.59 -17.44 -93.20
C ILE EB 8 35.87 -17.27 -92.40
N GLU EB 9 35.82 -16.46 -91.37
CA GLU EB 9 36.96 -16.27 -90.47
C GLU EB 9 36.76 -17.10 -89.22
N THR EB 10 37.68 -18.02 -88.96
CA THR EB 10 37.63 -18.86 -87.78
C THR EB 10 38.83 -18.57 -86.89
N LEU EB 11 38.71 -18.96 -85.63
CA LEU EB 11 39.79 -18.90 -84.66
C LEU EB 11 40.42 -20.29 -84.58
N GLY EB 12 41.49 -20.50 -85.32
CA GLY EB 12 42.14 -21.79 -85.35
C GLY EB 12 42.25 -22.41 -86.72
N PHE EB 13 43.32 -23.14 -86.97
CA PHE EB 13 43.55 -23.79 -88.26
C PHE EB 13 42.76 -25.09 -88.49
N PRO EB 14 42.50 -25.98 -87.51
CA PRO EB 14 41.56 -27.08 -87.81
C PRO EB 14 40.15 -26.61 -88.09
N ALA EB 15 39.73 -25.47 -87.53
CA ALA EB 15 38.40 -24.97 -87.80
C ALA EB 15 38.30 -24.34 -89.18
N VAL EB 16 39.43 -23.87 -89.72
CA VAL EB 16 39.37 -23.18 -91.01
C VAL EB 16 39.51 -24.18 -92.15
N VAL EB 17 40.09 -25.35 -91.89
CA VAL EB 17 40.16 -26.38 -92.91
C VAL EB 17 38.81 -27.09 -93.03
N GLU EB 18 38.12 -27.26 -91.90
CA GLU EB 18 36.75 -27.76 -91.95
C GLU EB 18 35.81 -26.74 -92.58
N ALA EB 19 36.04 -25.45 -92.35
CA ALA EB 19 35.27 -24.42 -93.04
C ALA EB 19 35.55 -24.44 -94.53
N ALA EB 20 36.81 -24.62 -94.92
CA ALA EB 20 37.15 -24.67 -96.34
C ALA EB 20 36.65 -25.95 -96.98
N ASP EB 21 36.67 -27.06 -96.23
CA ASP EB 21 36.22 -28.33 -96.79
C ASP EB 21 34.70 -28.38 -96.92
N ALA EB 22 33.98 -27.84 -95.94
CA ALA EB 22 32.52 -27.89 -96.00
C ALA EB 22 31.96 -26.91 -97.02
N MET EB 23 32.69 -25.83 -97.32
CA MET EB 23 32.21 -24.85 -98.28
C MET EB 23 32.25 -25.41 -99.70
N VAL EB 24 33.34 -26.08 -100.07
CA VAL EB 24 33.45 -26.59 -101.43
C VAL EB 24 32.76 -27.93 -101.57
N LYS EB 25 32.28 -28.51 -100.47
CA LYS EB 25 31.51 -29.74 -100.55
C LYS EB 25 30.01 -29.46 -100.53
N ALA EB 26 29.60 -28.29 -100.04
CA ALA EB 26 28.18 -27.98 -99.98
C ALA EB 26 27.65 -27.48 -101.31
N ALA EB 27 28.49 -26.79 -102.08
CA ALA EB 27 28.05 -26.17 -103.32
C ALA EB 27 29.22 -26.07 -104.28
N ARG EB 28 28.94 -25.53 -105.47
CA ARG EB 28 29.92 -25.41 -106.54
C ARG EB 28 30.63 -24.08 -106.41
N VAL EB 29 31.52 -23.99 -105.41
CA VAL EB 29 32.35 -22.82 -105.20
C VAL EB 29 33.80 -23.25 -105.38
N THR EB 30 34.67 -22.26 -105.55
CA THR EB 30 36.10 -22.48 -105.68
C THR EB 30 36.81 -21.79 -104.53
N LEU EB 31 37.41 -22.58 -103.65
CA LEU EB 31 38.27 -22.05 -102.61
C LEU EB 31 39.52 -21.48 -103.28
N VAL EB 32 39.71 -20.17 -103.17
CA VAL EB 32 40.79 -19.49 -103.85
C VAL EB 32 41.84 -18.94 -102.90
N GLY EB 33 41.51 -18.74 -101.64
CA GLY EB 33 42.37 -17.95 -100.77
C GLY EB 33 42.39 -18.49 -99.37
N TYR EB 34 43.43 -18.11 -98.64
CA TYR EB 34 43.68 -18.57 -97.28
C TYR EB 34 44.49 -17.46 -96.61
N GLU EB 35 43.86 -16.76 -95.68
CA GLU EB 35 44.37 -15.49 -95.20
C GLU EB 35 44.57 -15.51 -93.70
N LYS EB 36 45.77 -15.16 -93.25
CA LYS EB 36 46.10 -15.07 -91.84
C LYS EB 36 46.40 -13.62 -91.49
N ILE EB 37 45.73 -13.10 -90.47
CA ILE EB 37 45.89 -11.71 -90.06
C ILE EB 37 46.39 -11.59 -88.62
N GLY EB 38 46.77 -12.69 -88.00
CA GLY EB 38 47.27 -12.67 -86.64
C GLY EB 38 46.20 -12.99 -85.61
N THR EB 39 46.67 -13.25 -84.38
CA THR EB 39 45.91 -13.80 -83.25
C THR EB 39 45.08 -15.02 -83.60
N GLY EB 40 45.56 -15.89 -84.49
CA GLY EB 40 44.83 -17.08 -84.86
C GLY EB 40 43.64 -16.86 -85.76
N ARG EB 41 43.34 -15.62 -86.14
CA ARG EB 41 42.22 -15.32 -87.01
C ARG EB 41 42.61 -15.70 -88.43
N VAL EB 42 42.02 -16.79 -88.93
CA VAL EB 42 42.32 -17.32 -90.25
C VAL EB 42 41.05 -17.25 -91.08
N THR EB 43 41.19 -16.78 -92.32
CA THR EB 43 40.06 -16.61 -93.22
C THR EB 43 40.30 -17.40 -94.49
N VAL EB 44 39.32 -18.21 -94.88
CA VAL EB 44 39.30 -18.85 -96.19
C VAL EB 44 38.31 -18.11 -97.09
N ILE EB 45 38.65 -18.00 -98.36
CA ILE EB 45 37.92 -17.19 -99.32
C ILE EB 45 37.47 -18.10 -100.45
N VAL EB 46 36.17 -18.15 -100.71
CA VAL EB 46 35.63 -18.92 -101.83
C VAL EB 46 35.03 -17.95 -102.84
N ARG EB 47 35.05 -18.37 -104.10
CA ARG EB 47 34.41 -17.65 -105.19
C ARG EB 47 33.39 -18.54 -105.86
N GLY EB 48 32.39 -17.92 -106.49
CA GLY EB 48 31.41 -18.68 -107.23
C GLY EB 48 30.16 -17.86 -107.43
N ASP EB 49 29.11 -18.54 -107.88
CA ASP EB 49 27.81 -17.91 -108.04
C ASP EB 49 27.22 -17.58 -106.66
N VAL EB 50 26.24 -16.66 -106.67
CA VAL EB 50 25.67 -16.16 -105.42
C VAL EB 50 24.87 -17.23 -104.71
N SER EB 51 24.18 -18.08 -105.48
CA SER EB 51 23.46 -19.21 -104.89
C SER EB 51 24.41 -20.22 -104.27
N GLU EB 52 25.55 -20.45 -104.91
CA GLU EB 52 26.52 -21.41 -104.38
C GLU EB 52 27.27 -20.85 -103.19
N VAL EB 53 27.64 -19.57 -103.22
CA VAL EB 53 28.41 -18.97 -102.13
C VAL EB 53 27.53 -18.81 -100.89
N GLN EB 54 26.24 -18.48 -101.08
CA GLN EB 54 25.32 -18.40 -99.95
C GLN EB 54 25.09 -19.77 -99.31
N ALA EB 55 25.04 -20.83 -100.12
CA ALA EB 55 24.88 -22.16 -99.59
C ALA EB 55 26.16 -22.65 -98.91
N SER EB 56 27.31 -22.22 -99.42
CA SER EB 56 28.59 -22.68 -98.88
C SER EB 56 28.91 -22.03 -97.55
N VAL EB 57 28.74 -20.71 -97.45
CA VAL EB 57 29.09 -19.99 -96.23
C VAL EB 57 28.15 -20.35 -95.10
N SER EB 58 26.87 -20.57 -95.43
CA SER EB 58 25.89 -20.94 -94.41
C SER EB 58 26.12 -22.38 -93.93
N ALA EB 59 26.57 -23.27 -94.82
CA ALA EB 59 26.85 -24.64 -94.40
C ALA EB 59 28.26 -24.75 -93.83
N GLY EB 60 29.19 -23.91 -94.28
CA GLY EB 60 30.51 -23.89 -93.71
C GLY EB 60 30.55 -23.33 -92.30
N THR EB 61 29.59 -22.46 -91.96
CA THR EB 61 29.53 -21.92 -90.61
C THR EB 61 29.04 -22.96 -89.62
N GLU EB 62 28.08 -23.79 -90.03
CA GLU EB 62 27.54 -24.79 -89.12
C GLU EB 62 28.48 -25.97 -88.93
N SER EB 63 29.44 -26.14 -89.85
CA SER EB 63 30.37 -27.25 -89.73
C SER EB 63 31.49 -26.96 -88.74
N VAL EB 64 31.87 -25.68 -88.59
CA VAL EB 64 32.89 -25.29 -87.62
C VAL EB 64 32.43 -25.52 -86.19
N LYS EB 65 31.13 -25.39 -85.91
CA LYS EB 65 30.61 -25.71 -84.59
C LYS EB 65 30.22 -27.18 -84.50
N ARG EB 66 31.12 -28.04 -84.98
CA ARG EB 66 31.10 -29.49 -84.81
C ARG EB 66 32.55 -29.90 -84.62
N VAL EB 67 33.43 -28.91 -84.61
CA VAL EB 67 34.86 -29.07 -84.34
C VAL EB 67 35.12 -28.64 -82.91
N ASN EB 68 35.82 -29.46 -82.14
CA ASN EB 68 36.17 -29.09 -80.78
C ASN EB 68 37.26 -28.03 -80.81
N GLY EB 69 37.05 -26.94 -80.08
CA GLY EB 69 37.94 -25.81 -80.16
C GLY EB 69 37.75 -24.95 -81.39
N GLY EB 70 36.69 -25.18 -82.16
CA GLY EB 70 36.40 -24.42 -83.36
C GLY EB 70 35.45 -23.28 -83.04
N GLN EB 71 35.74 -22.11 -83.60
CA GLN EB 71 34.97 -20.92 -83.32
C GLN EB 71 34.90 -20.05 -84.57
N VAL EB 72 33.69 -19.75 -85.03
CA VAL EB 72 33.49 -18.84 -86.14
C VAL EB 72 33.57 -17.42 -85.59
N LEU EB 73 34.47 -16.62 -86.13
CA LEU EB 73 34.58 -15.23 -85.70
C LEU EB 73 33.70 -14.32 -86.56
N SER EB 74 33.81 -14.43 -87.88
CA SER EB 74 33.08 -13.56 -88.76
C SER EB 74 32.92 -14.23 -90.13
N THR EB 75 31.70 -14.18 -90.64
CA THR EB 75 31.40 -14.64 -91.99
C THR EB 75 30.78 -13.51 -92.77
N HIS EB 76 31.03 -13.48 -94.08
CA HIS EB 76 30.41 -12.50 -94.94
C HIS EB 76 30.35 -13.00 -96.37
N ILE EB 77 29.34 -12.54 -97.10
CA ILE EB 77 29.14 -12.82 -98.51
C ILE EB 77 29.00 -11.49 -99.23
N ILE EB 78 29.82 -11.26 -100.26
CA ILE EB 78 29.66 -10.12 -101.15
C ILE EB 78 29.23 -10.66 -102.51
N ALA EB 79 27.99 -10.37 -102.89
CA ALA EB 79 27.38 -10.99 -104.06
C ALA EB 79 27.96 -10.46 -105.35
N ARG EB 80 28.40 -9.20 -105.35
CA ARG EB 80 28.93 -8.57 -106.55
C ARG EB 80 30.07 -7.64 -106.14
N PRO EB 81 31.27 -8.18 -105.93
CA PRO EB 81 32.38 -7.32 -105.53
C PRO EB 81 32.87 -6.49 -106.70
N HIS EB 82 33.38 -5.31 -106.37
CA HIS EB 82 33.94 -4.40 -107.36
C HIS EB 82 35.20 -4.99 -107.95
N GLU EB 83 35.47 -4.62 -109.20
CA GLU EB 83 36.65 -5.09 -109.91
C GLU EB 83 37.95 -4.50 -109.35
N ASN EB 84 37.86 -3.46 -108.52
CA ASN EB 84 39.02 -2.95 -107.81
C ASN EB 84 39.52 -3.93 -106.75
N LEU EB 85 38.62 -4.75 -106.19
CA LEU EB 85 38.94 -5.52 -105.00
C LEU EB 85 39.85 -6.71 -105.28
N GLU EB 86 39.78 -7.28 -106.48
CA GLU EB 86 40.59 -8.46 -106.78
C GLU EB 86 42.06 -8.11 -106.92
N TYR EB 87 42.37 -6.86 -107.24
CA TYR EB 87 43.77 -6.49 -107.45
C TYR EB 87 44.44 -6.11 -106.14
N VAL EB 88 43.68 -5.69 -105.14
CA VAL EB 88 44.27 -5.27 -103.88
C VAL EB 88 44.16 -6.38 -102.84
N LEU EB 89 43.01 -6.97 -102.73
CA LEU EB 89 42.75 -7.99 -101.73
C LEU EB 89 43.03 -9.38 -102.30
N PRO EB 90 43.49 -10.33 -101.47
CA PRO EB 90 43.74 -11.70 -101.95
C PRO EB 90 42.47 -12.55 -102.03
N ILE EB 91 41.54 -12.11 -102.88
CA ILE EB 91 40.29 -12.82 -103.13
C ILE EB 91 40.17 -13.29 -104.57
N ARG EB 92 41.24 -13.21 -105.35
CA ARG EB 92 41.14 -13.48 -106.77
C ARG EB 92 41.50 -14.93 -107.08
N TYR EB 93 41.12 -15.35 -108.28
CA TYR EB 93 41.47 -16.68 -108.76
C TYR EB 93 42.95 -16.73 -109.09
N THR EB 94 43.68 -17.61 -108.41
CA THR EB 94 45.06 -17.87 -108.76
C THR EB 94 45.14 -18.99 -109.79
N GLU EB 95 46.33 -19.20 -110.34
CA GLU EB 95 46.44 -20.11 -111.48
C GLU EB 95 46.43 -21.57 -111.06
N GLU EB 96 46.61 -21.86 -109.77
CA GLU EB 96 46.55 -23.24 -109.31
C GLU EB 96 45.11 -23.70 -109.11
N VAL EB 97 44.18 -22.77 -108.98
CA VAL EB 97 42.77 -23.10 -108.76
C VAL EB 97 41.92 -22.80 -110.00
N GLU EB 98 42.54 -22.68 -111.17
CA GLU EB 98 41.77 -22.44 -112.39
C GLU EB 98 41.08 -23.71 -112.90
N GLN EB 99 41.44 -24.88 -112.37
CA GLN EB 99 40.76 -26.10 -112.77
C GLN EB 99 39.43 -26.28 -112.07
N PHE EB 100 39.23 -25.60 -110.94
CA PHE EB 100 38.02 -25.76 -110.15
C PHE EB 100 36.95 -24.70 -110.44
N ARG EB 101 37.26 -23.72 -111.28
CA ARG EB 101 36.29 -22.68 -111.60
C ARG EB 101 35.21 -23.19 -112.56
N ALA FB 2 48.97 15.68 -101.72
CA ALA FB 2 48.58 14.91 -102.90
C ALA FB 2 47.08 14.65 -102.91
N VAL FB 3 46.68 13.63 -103.67
CA VAL FB 3 45.29 13.17 -103.67
C VAL FB 3 44.98 12.59 -102.30
N ALA FB 4 43.76 12.84 -101.81
CA ALA FB 4 43.40 12.51 -100.43
C ALA FB 4 43.39 11.01 -100.18
N VAL FB 5 43.69 10.63 -98.94
CA VAL FB 5 43.80 9.24 -98.54
C VAL FB 5 42.83 8.98 -97.40
N GLY FB 6 42.07 7.90 -97.52
CA GLY FB 6 41.19 7.47 -96.45
C GLY FB 6 41.52 6.05 -96.03
N MET FB 7 41.48 5.81 -94.73
CA MET FB 7 41.83 4.52 -94.17
C MET FB 7 40.72 4.05 -93.26
N ILE FB 8 40.39 2.76 -93.34
CA ILE FB 8 39.48 2.11 -92.39
C ILE FB 8 40.21 0.91 -91.84
N GLU FB 9 40.42 0.90 -90.53
CA GLU FB 9 41.00 -0.26 -89.85
C GLU FB 9 39.88 -1.06 -89.18
N THR FB 10 39.80 -2.34 -89.51
CA THR FB 10 38.82 -3.23 -88.92
C THR FB 10 39.53 -4.35 -88.17
N LEU FB 11 38.78 -5.01 -87.31
CA LEU FB 11 39.22 -6.22 -86.64
C LEU FB 11 38.62 -7.40 -87.41
N GLY FB 12 39.40 -7.98 -88.30
CA GLY FB 12 38.91 -9.09 -89.09
C GLY FB 12 38.98 -8.86 -90.58
N PHE FB 13 39.25 -9.92 -91.33
CA PHE FB 13 39.32 -9.87 -92.78
C PHE FB 13 37.96 -9.85 -93.50
N PRO FB 14 36.90 -10.56 -93.07
CA PRO FB 14 35.60 -10.32 -93.71
C PRO FB 14 35.04 -8.92 -93.50
N ALA FB 15 35.42 -8.26 -92.40
CA ALA FB 15 34.96 -6.89 -92.19
C ALA FB 15 35.69 -5.90 -93.07
N VAL FB 16 36.92 -6.23 -93.48
CA VAL FB 16 37.73 -5.27 -94.22
C VAL FB 16 37.46 -5.38 -95.71
N VAL FB 17 36.92 -6.51 -96.16
CA VAL FB 17 36.55 -6.64 -97.57
C VAL FB 17 35.20 -6.01 -97.83
N GLU FB 18 34.29 -6.11 -96.86
CA GLU FB 18 33.01 -5.42 -96.96
C GLU FB 18 33.18 -3.91 -96.84
N ALA FB 19 34.12 -3.48 -95.99
CA ALA FB 19 34.44 -2.05 -95.91
C ALA FB 19 35.07 -1.55 -97.20
N ALA FB 20 35.95 -2.36 -97.81
CA ALA FB 20 36.58 -1.95 -99.06
C ALA FB 20 35.59 -1.99 -100.22
N ASP FB 21 34.64 -2.92 -100.18
CA ASP FB 21 33.65 -2.99 -101.25
C ASP FB 21 32.60 -1.89 -101.11
N ALA FB 22 32.29 -1.49 -99.89
CA ALA FB 22 31.36 -0.38 -99.70
C ALA FB 22 31.97 0.95 -100.09
N MET FB 23 33.30 1.07 -99.96
CA MET FB 23 33.97 2.34 -100.21
C MET FB 23 34.01 2.65 -101.71
N VAL FB 24 34.39 1.68 -102.53
CA VAL FB 24 34.57 1.95 -103.94
C VAL FB 24 33.24 1.97 -104.68
N LYS FB 25 32.18 1.49 -104.03
CA LYS FB 25 30.85 1.62 -104.62
C LYS FB 25 30.19 2.93 -104.22
N ALA FB 26 30.56 3.49 -103.07
CA ALA FB 26 29.90 4.68 -102.57
C ALA FB 26 30.34 5.94 -103.30
N ALA FB 27 31.59 5.98 -103.76
CA ALA FB 27 32.13 7.19 -104.35
C ALA FB 27 33.20 6.81 -105.37
N ARG FB 28 33.81 7.84 -105.95
CA ARG FB 28 34.84 7.66 -106.98
C ARG FB 28 36.22 7.62 -106.30
N VAL FB 29 36.37 6.65 -105.42
CA VAL FB 29 37.65 6.40 -104.76
C VAL FB 29 38.27 5.18 -105.41
N THR FB 30 39.59 5.10 -105.33
CA THR FB 30 40.34 3.95 -105.79
C THR FB 30 40.93 3.25 -104.59
N LEU FB 31 40.53 2.01 -104.35
CA LEU FB 31 41.18 1.17 -103.37
C LEU FB 31 42.58 0.83 -103.87
N VAL FB 32 43.59 1.29 -103.16
CA VAL FB 32 44.97 1.10 -103.58
C VAL FB 32 45.77 0.25 -102.60
N GLY FB 33 45.31 0.08 -101.37
CA GLY FB 33 46.17 -0.41 -100.32
C GLY FB 33 45.48 -1.43 -99.45
N TYR FB 34 46.29 -2.27 -98.83
CA TYR FB 34 45.83 -3.34 -97.97
C TYR FB 34 46.96 -3.64 -97.00
N GLU FB 35 46.73 -3.41 -95.72
CA GLU FB 35 47.82 -3.44 -94.74
C GLU FB 35 47.44 -4.27 -93.53
N LYS FB 36 48.35 -5.15 -93.13
CA LYS FB 36 48.21 -5.97 -91.93
C LYS FB 36 49.30 -5.57 -90.95
N ILE FB 37 48.90 -5.24 -89.72
CA ILE FB 37 49.84 -4.79 -88.70
C ILE FB 37 49.81 -5.72 -87.48
N GLY FB 38 49.09 -6.83 -87.56
CA GLY FB 38 49.06 -7.80 -86.48
C GLY FB 38 47.83 -7.68 -85.61
N THR FB 39 47.55 -8.77 -84.90
CA THR FB 39 46.39 -8.98 -84.03
C THR FB 39 45.06 -8.68 -84.70
N GLY FB 40 44.91 -9.06 -85.97
CA GLY FB 40 43.65 -8.89 -86.65
C GLY FB 40 43.33 -7.47 -87.08
N ARG FB 41 44.23 -6.52 -86.84
CA ARG FB 41 44.02 -5.15 -87.26
C ARG FB 41 44.39 -5.03 -88.73
N VAL FB 42 43.38 -4.94 -89.59
CA VAL FB 42 43.57 -4.92 -91.03
C VAL FB 42 43.06 -3.58 -91.56
N THR FB 43 43.84 -2.96 -92.43
CA THR FB 43 43.55 -1.63 -92.93
C THR FB 43 43.47 -1.66 -94.46
N VAL FB 44 42.41 -1.08 -95.01
CA VAL FB 44 42.29 -0.81 -96.43
C VAL FB 44 42.41 0.69 -96.66
N ILE FB 45 43.01 1.06 -97.78
CA ILE FB 45 43.40 2.44 -98.07
C ILE FB 45 42.80 2.83 -99.41
N VAL FB 46 42.02 3.90 -99.43
CA VAL FB 46 41.45 4.43 -100.65
C VAL FB 46 42.06 5.78 -100.96
N ARG FB 47 42.10 6.12 -102.24
CA ARG FB 47 42.55 7.42 -102.71
C ARG FB 47 41.47 8.05 -103.59
N GLY FB 48 41.33 9.37 -103.47
CA GLY FB 48 40.39 10.09 -104.31
C GLY FB 48 40.30 11.52 -103.85
N ASP FB 49 39.36 12.26 -104.43
CA ASP FB 49 39.08 13.60 -103.93
C ASP FB 49 38.48 13.51 -102.53
N VAL FB 50 38.69 14.58 -101.75
CA VAL FB 50 38.38 14.54 -100.33
C VAL FB 50 36.88 14.46 -100.07
N SER FB 51 36.06 14.96 -100.99
CA SER FB 51 34.61 14.78 -100.88
C SER FB 51 34.23 13.34 -101.15
N GLU FB 52 34.91 12.69 -102.10
CA GLU FB 52 34.65 11.29 -102.38
C GLU FB 52 35.22 10.39 -101.30
N VAL FB 53 36.37 10.77 -100.73
CA VAL FB 53 36.99 9.96 -99.69
C VAL FB 53 36.18 10.04 -98.40
N GLN FB 54 35.64 11.22 -98.09
CA GLN FB 54 34.79 11.37 -96.91
C GLN FB 54 33.48 10.61 -97.08
N ALA FB 55 32.96 10.55 -98.29
CA ALA FB 55 31.71 9.83 -98.53
C ALA FB 55 31.91 8.33 -98.51
N SER FB 56 33.09 7.87 -98.94
CA SER FB 56 33.36 6.44 -99.00
C SER FB 56 33.70 5.88 -97.62
N VAL FB 57 34.58 6.57 -96.89
CA VAL FB 57 35.04 6.10 -95.59
C VAL FB 57 33.89 6.07 -94.59
N SER FB 58 32.96 7.03 -94.70
CA SER FB 58 31.76 7.01 -93.89
C SER FB 58 30.87 5.83 -94.26
N ALA FB 59 30.68 5.58 -95.55
CA ALA FB 59 29.81 4.50 -95.99
C ALA FB 59 30.47 3.14 -95.82
N GLY FB 60 31.81 3.11 -95.80
CA GLY FB 60 32.50 1.88 -95.47
C GLY FB 60 32.44 1.54 -94.00
N THR FB 61 32.11 2.51 -93.15
CA THR FB 61 32.05 2.27 -91.72
C THR FB 61 30.73 1.61 -91.32
N GLU FB 62 29.61 2.03 -91.92
CA GLU FB 62 28.32 1.43 -91.55
C GLU FB 62 28.16 0.05 -92.15
N SER FB 63 28.91 -0.29 -93.19
CA SER FB 63 28.76 -1.60 -93.79
C SER FB 63 29.49 -2.69 -93.02
N VAL FB 64 30.38 -2.33 -92.09
CA VAL FB 64 30.96 -3.31 -91.20
C VAL FB 64 29.93 -3.80 -90.18
N LYS FB 65 28.91 -2.98 -89.91
CA LYS FB 65 27.80 -3.43 -89.07
C LYS FB 65 26.97 -4.52 -89.74
N ARG FB 66 27.02 -4.62 -91.07
CA ARG FB 66 26.38 -5.73 -91.76
C ARG FB 66 27.10 -7.03 -91.48
N VAL FB 67 28.42 -6.98 -91.29
CA VAL FB 67 29.20 -8.17 -91.01
C VAL FB 67 29.02 -8.56 -89.55
N ASN FB 68 28.62 -9.80 -89.32
CA ASN FB 68 28.56 -10.32 -87.96
C ASN FB 68 29.96 -10.60 -87.46
N GLY FB 69 30.30 -10.06 -86.29
CA GLY FB 69 31.66 -10.20 -85.80
C GLY FB 69 32.65 -9.24 -86.43
N GLY FB 70 32.16 -8.24 -87.15
CA GLY FB 70 33.01 -7.21 -87.74
C GLY FB 70 32.97 -5.95 -86.88
N GLN FB 71 34.13 -5.33 -86.73
CA GLN FB 71 34.28 -4.18 -85.85
C GLN FB 71 35.28 -3.20 -86.45
N VAL FB 72 34.85 -1.96 -86.61
CA VAL FB 72 35.74 -0.88 -87.06
C VAL FB 72 36.57 -0.43 -85.87
N LEU FB 73 37.89 -0.48 -86.01
CA LEU FB 73 38.76 -0.02 -84.94
C LEU FB 73 39.07 1.46 -85.08
N SER FB 74 39.49 1.90 -86.26
CA SER FB 74 39.90 3.27 -86.46
C SER FB 74 39.71 3.65 -87.92
N THR FB 75 39.16 4.84 -88.13
CA THR FB 75 39.09 5.44 -89.47
C THR FB 75 39.79 6.78 -89.43
N HIS FB 76 40.35 7.18 -90.57
CA HIS FB 76 40.93 8.50 -90.70
C HIS FB 76 40.96 8.90 -92.17
N ILE FB 77 40.88 10.21 -92.39
CA ILE FB 77 40.94 10.81 -93.72
C ILE FB 77 41.96 11.94 -93.67
N ILE FB 78 42.93 11.90 -94.57
CA ILE FB 78 43.88 13.01 -94.76
C ILE FB 78 43.53 13.68 -96.07
N ALA FB 79 43.24 14.98 -96.02
CA ALA FB 79 42.71 15.69 -97.18
C ALA FB 79 43.79 15.93 -98.22
N ARG FB 80 45.03 16.12 -97.80
CA ARG FB 80 46.14 16.37 -98.73
C ARG FB 80 47.40 15.81 -98.09
N PRO FB 81 47.69 14.53 -98.29
CA PRO FB 81 48.89 13.95 -97.71
C PRO FB 81 50.14 14.46 -98.41
N HIS FB 82 51.22 14.54 -97.64
CA HIS FB 82 52.51 14.96 -98.16
C HIS FB 82 53.06 13.93 -99.12
N GLU FB 83 53.93 14.40 -100.03
CA GLU FB 83 54.49 13.53 -101.07
C GLU FB 83 55.47 12.51 -100.51
N ASN FB 84 55.97 12.73 -99.30
CA ASN FB 84 56.87 11.78 -98.65
C ASN FB 84 56.16 10.50 -98.26
N LEU FB 85 54.85 10.56 -98.03
CA LEU FB 85 54.12 9.43 -97.47
C LEU FB 85 53.91 8.31 -98.49
N GLU FB 86 53.81 8.65 -99.78
CA GLU FB 86 53.54 7.63 -100.78
C GLU FB 86 54.78 6.78 -101.08
N TYR FB 87 55.95 7.28 -100.69
CA TYR FB 87 57.18 6.53 -100.95
C TYR FB 87 57.56 5.65 -99.77
N VAL FB 88 56.93 5.88 -98.61
CA VAL FB 88 57.21 5.07 -97.44
C VAL FB 88 56.01 4.22 -97.07
N LEU FB 89 54.88 4.83 -96.88
CA LEU FB 89 53.68 4.13 -96.48
C LEU FB 89 52.97 3.55 -97.70
N PRO FB 90 52.29 2.40 -97.54
CA PRO FB 90 51.57 1.79 -98.69
C PRO FB 90 50.23 2.46 -98.98
N ILE FB 91 50.28 3.74 -99.32
CA ILE FB 91 49.12 4.51 -99.73
C ILE FB 91 49.19 4.97 -101.17
N ARG FB 92 50.19 4.52 -101.92
CA ARG FB 92 50.40 5.03 -103.26
C ARG FB 92 49.62 4.22 -104.28
N TYR FB 93 49.40 4.84 -105.44
CA TYR FB 93 48.81 4.12 -106.56
C TYR FB 93 49.82 3.14 -107.14
N THR FB 94 49.54 1.86 -107.01
CA THR FB 94 50.32 0.84 -107.69
C THR FB 94 49.85 0.72 -109.14
N GLU FB 95 50.65 0.01 -109.94
CA GLU FB 95 50.40 -0.06 -111.38
C GLU FB 95 49.15 -0.90 -111.69
N GLU FB 96 48.81 -1.83 -110.79
CA GLU FB 96 47.66 -2.71 -111.03
C GLU FB 96 46.33 -1.97 -110.86
N VAL FB 97 46.33 -0.86 -110.12
CA VAL FB 97 45.08 -0.17 -109.80
C VAL FB 97 44.98 1.16 -110.56
N GLU FB 98 45.80 1.39 -111.58
CA GLU FB 98 45.69 2.62 -112.34
C GLU FB 98 44.56 2.59 -113.35
N GLN FB 99 43.93 1.43 -113.56
CA GLN FB 99 42.75 1.37 -114.41
C GLN FB 99 41.51 1.88 -113.68
N PHE FB 100 41.56 1.98 -112.35
CA PHE FB 100 40.43 2.43 -111.56
C PHE FB 100 40.56 3.87 -111.09
N ARG FB 101 41.64 4.55 -111.46
CA ARG FB 101 41.86 5.92 -111.00
C ARG FB 101 41.00 6.91 -111.78
N ALA GB 2 9.35 -16.11 -114.17
CA ALA GB 2 10.67 -16.49 -114.68
C ALA GB 2 11.75 -15.83 -113.87
N VAL GB 3 11.90 -14.53 -114.07
CA VAL GB 3 12.83 -13.73 -113.29
C VAL GB 3 12.20 -13.43 -111.93
N ALA GB 4 12.97 -13.61 -110.86
CA ALA GB 4 12.45 -13.41 -109.51
C ALA GB 4 12.16 -11.93 -109.24
N VAL GB 5 11.36 -11.68 -108.22
CA VAL GB 5 10.95 -10.32 -107.86
C VAL GB 5 11.19 -10.12 -106.37
N GLY GB 6 11.79 -8.99 -106.03
CA GLY GB 6 11.95 -8.61 -104.64
C GLY GB 6 11.43 -7.22 -104.39
N MET GB 7 10.85 -7.03 -103.21
CA MET GB 7 10.23 -5.76 -102.84
C MET GB 7 10.73 -5.34 -101.47
N ILE GB 8 11.08 -4.07 -101.33
CA ILE GB 8 11.33 -3.46 -100.04
C ILE GB 8 10.38 -2.28 -99.91
N GLU GB 9 9.55 -2.28 -98.88
CA GLU GB 9 8.67 -1.17 -98.58
C GLU GB 9 9.22 -0.37 -97.42
N THR GB 10 9.47 0.91 -97.64
CA THR GB 10 9.94 1.81 -96.60
C THR GB 10 8.89 2.87 -96.32
N LEU GB 11 9.03 3.51 -95.17
CA LEU GB 11 8.26 4.69 -94.82
C LEU GB 11 9.11 5.90 -95.18
N GLY GB 12 8.78 6.53 -96.30
CA GLY GB 12 9.53 7.69 -96.73
C GLY GB 12 10.29 7.51 -98.02
N PHE GB 13 10.39 8.57 -98.81
CA PHE GB 13 11.10 8.57 -100.07
C PHE GB 13 12.63 8.63 -99.97
N PRO GB 14 13.27 9.36 -99.04
CA PRO GB 14 14.73 9.20 -98.91
C PRO GB 14 15.17 7.83 -98.46
N ALA GB 15 14.33 7.10 -97.72
CA ALA GB 15 14.69 5.75 -97.32
C ALA GB 15 14.55 4.77 -98.47
N VAL GB 16 13.66 5.05 -99.43
CA VAL GB 16 13.40 4.09 -100.48
C VAL GB 16 14.39 4.27 -101.63
N VAL GB 17 15.06 5.42 -101.69
CA VAL GB 17 16.09 5.62 -102.71
C VAL GB 17 17.41 5.02 -102.23
N GLU GB 18 17.68 5.12 -100.92
CA GLU GB 18 18.84 4.45 -100.36
C GLU GB 18 18.66 2.93 -100.38
N ALA GB 19 17.43 2.46 -100.19
CA ALA GB 19 17.15 1.04 -100.33
C ALA GB 19 17.32 0.59 -101.77
N ALA GB 20 16.84 1.38 -102.73
CA ALA GB 20 16.95 1.00 -104.14
C ALA GB 20 18.39 1.09 -104.63
N ASP GB 21 19.17 2.03 -104.09
CA ASP GB 21 20.56 2.16 -104.50
C ASP GB 21 21.43 1.04 -103.92
N ALA GB 22 21.10 0.58 -102.71
CA ALA GB 22 21.85 -0.51 -102.11
C ALA GB 22 21.52 -1.84 -102.76
N MET GB 23 20.34 -1.95 -103.39
CA MET GB 23 19.95 -3.21 -104.01
C MET GB 23 20.70 -3.44 -105.31
N VAL GB 24 20.75 -2.43 -106.18
CA VAL GB 24 21.33 -2.65 -107.49
C VAL GB 24 22.86 -2.58 -107.43
N LYS GB 25 23.42 -2.14 -106.31
CA LYS GB 25 24.86 -2.18 -106.14
C LYS GB 25 25.32 -3.52 -105.58
N ALA GB 26 24.48 -4.15 -104.75
CA ALA GB 26 24.92 -5.34 -104.04
C ALA GB 26 24.91 -6.58 -104.95
N ALA GB 27 23.99 -6.64 -105.90
CA ALA GB 27 23.84 -7.83 -106.71
C ALA GB 27 23.40 -7.45 -108.12
N ARG GB 28 23.27 -8.47 -108.97
CA ARG GB 28 22.88 -8.29 -110.36
C ARG GB 28 21.36 -8.32 -110.47
N VAL GB 29 20.74 -7.28 -109.92
CA VAL GB 29 19.30 -7.11 -109.99
C VAL GB 29 19.01 -5.84 -110.77
N THR GB 30 17.82 -5.79 -111.36
CA THR GB 30 17.36 -4.62 -112.09
C THR GB 30 16.20 -4.00 -111.32
N LEU GB 31 16.40 -2.77 -110.85
CA LEU GB 31 15.30 -1.98 -110.34
C LEU GB 31 14.34 -1.65 -111.48
N VAL GB 32 13.12 -2.14 -111.40
CA VAL GB 32 12.17 -1.98 -112.49
C VAL GB 32 10.97 -1.12 -112.11
N GLY GB 33 10.69 -0.96 -110.83
CA GLY GB 33 9.41 -0.42 -110.42
C GLY GB 33 9.52 0.41 -109.17
N TYR GB 34 8.45 1.14 -108.88
CA TYR GB 34 8.42 2.13 -107.84
C TYR GB 34 6.96 2.40 -107.51
N GLU GB 35 6.53 2.06 -106.31
CA GLU GB 35 5.12 2.01 -105.99
C GLU GB 35 4.81 2.81 -104.73
N LYS GB 36 3.77 3.65 -104.82
CA LYS GB 36 3.25 4.41 -103.69
C LYS GB 36 1.82 3.97 -103.45
N ILE GB 37 1.51 3.61 -102.20
CA ILE GB 37 0.19 3.11 -101.84
C ILE GB 37 -0.48 3.98 -100.79
N GLY GB 38 0.17 5.05 -100.35
CA GLY GB 38 -0.38 5.92 -99.33
C GLY GB 38 0.25 5.72 -97.97
N THR GB 39 0.01 6.70 -97.10
CA THR GB 39 0.65 6.88 -95.79
C THR GB 39 2.16 6.79 -95.83
N GLY GB 40 2.79 7.30 -96.89
CA GLY GB 40 4.23 7.28 -96.99
C GLY GB 40 4.85 5.93 -97.24
N ARG GB 41 4.04 4.89 -97.44
CA ARG GB 41 4.54 3.54 -97.69
C ARG GB 41 4.95 3.45 -99.16
N VAL GB 42 6.25 3.40 -99.40
CA VAL GB 42 6.81 3.43 -100.74
C VAL GB 42 7.59 2.14 -100.96
N THR GB 43 7.35 1.50 -102.10
CA THR GB 43 7.92 0.20 -102.40
C THR GB 43 8.75 0.31 -103.68
N VAL GB 44 9.95 -0.26 -103.65
CA VAL GB 44 10.77 -0.45 -104.85
C VAL GB 44 10.81 -1.93 -105.20
N ILE GB 45 10.82 -2.22 -106.50
CA ILE GB 45 10.72 -3.57 -107.02
C ILE GB 45 11.96 -3.86 -107.85
N VAL GB 46 12.69 -4.92 -107.47
CA VAL GB 46 13.85 -5.36 -108.23
C VAL GB 46 13.53 -6.69 -108.89
N ARG GB 47 14.18 -6.94 -110.02
CA ARG GB 47 14.08 -8.21 -110.73
C ARG GB 47 15.47 -8.78 -110.93
N GLY GB 48 15.61 -10.07 -110.69
CA GLY GB 48 16.87 -10.75 -110.96
C GLY GB 48 16.70 -12.23 -110.71
N ASP GB 49 17.84 -12.92 -110.60
CA ASP GB 49 17.80 -14.27 -110.07
C ASP GB 49 17.44 -14.22 -108.59
N VAL GB 50 16.86 -15.31 -108.09
CA VAL GB 50 16.38 -15.34 -106.71
C VAL GB 50 17.53 -15.26 -105.71
N SER GB 51 18.71 -15.76 -106.08
CA SER GB 51 19.89 -15.60 -105.24
C SER GB 51 20.37 -14.16 -105.23
N GLU GB 52 20.31 -13.49 -106.38
CA GLU GB 52 20.70 -12.09 -106.45
C GLU GB 52 19.66 -11.19 -105.80
N VAL GB 53 18.38 -11.57 -105.90
CA VAL GB 53 17.32 -10.79 -105.28
C VAL GB 53 17.41 -10.90 -103.75
N GLN GB 54 17.78 -12.08 -103.25
CA GLN GB 54 17.92 -12.27 -101.80
C GLN GB 54 19.10 -11.49 -101.24
N ALA GB 55 20.19 -11.38 -102.01
CA ALA GB 55 21.34 -10.64 -101.53
C ALA GB 55 21.10 -9.14 -101.60
N SER GB 56 20.29 -8.69 -102.56
CA SER GB 56 20.03 -7.26 -102.70
C SER GB 56 19.01 -6.78 -101.67
N VAL GB 57 17.98 -7.59 -101.40
CA VAL GB 57 16.94 -7.20 -100.45
C VAL GB 57 17.50 -7.18 -99.04
N SER GB 58 18.42 -8.10 -98.73
CA SER GB 58 19.09 -8.09 -97.43
C SER GB 58 20.01 -6.88 -97.29
N ALA GB 59 20.61 -6.43 -98.39
CA ALA GB 59 21.48 -5.27 -98.34
C ALA GB 59 20.68 -3.97 -98.33
N GLY GB 60 19.56 -3.94 -99.06
CA GLY GB 60 18.72 -2.76 -99.06
C GLY GB 60 17.99 -2.54 -97.77
N THR GB 61 17.74 -3.61 -97.01
CA THR GB 61 17.11 -3.48 -95.70
C THR GB 61 18.07 -2.87 -94.69
N GLU GB 62 19.34 -3.26 -94.74
CA GLU GB 62 20.32 -2.76 -93.78
C GLU GB 62 20.73 -1.32 -94.08
N SER GB 63 20.52 -0.86 -95.31
CA SER GB 63 20.92 0.50 -95.67
C SER GB 63 19.90 1.54 -95.26
N VAL GB 64 18.67 1.13 -94.96
CA VAL GB 64 17.67 2.07 -94.46
C VAL GB 64 17.98 2.46 -93.02
N LYS GB 65 18.68 1.59 -92.29
CA LYS GB 65 19.08 1.89 -90.91
C LYS GB 65 20.07 3.04 -90.82
N ARG GB 66 20.77 3.38 -91.89
CA ARG GB 66 21.64 4.55 -91.90
C ARG GB 66 20.88 5.83 -92.28
N VAL GB 67 19.67 5.70 -92.82
CA VAL GB 67 18.84 6.87 -93.08
C VAL GB 67 18.09 7.22 -91.79
N ASN GB 68 18.27 8.45 -91.31
CA ASN GB 68 17.54 8.92 -90.14
C ASN GB 68 16.21 9.51 -90.60
N GLY GB 69 15.12 8.85 -90.22
CA GLY GB 69 13.79 9.25 -90.62
C GLY GB 69 13.07 8.26 -91.51
N GLY GB 70 13.69 7.11 -91.79
CA GLY GB 70 13.04 6.08 -92.59
C GLY GB 70 13.25 4.71 -91.96
N GLN GB 71 12.27 3.84 -92.20
CA GLN GB 71 12.32 2.49 -91.67
C GLN GB 71 11.72 1.53 -92.69
N VAL GB 72 12.23 0.31 -92.70
CA VAL GB 72 11.71 -0.74 -93.56
C VAL GB 72 10.41 -1.24 -92.95
N LEU GB 73 9.32 -1.16 -93.72
CA LEU GB 73 8.03 -1.64 -93.22
C LEU GB 73 7.83 -3.10 -93.56
N SER GB 74 8.17 -3.50 -94.78
CA SER GB 74 7.94 -4.87 -95.22
C SER GB 74 8.91 -5.20 -96.35
N THR GB 75 9.39 -6.44 -96.34
CA THR GB 75 10.22 -6.97 -97.41
C THR GB 75 9.67 -8.32 -97.83
N HIS GB 76 9.78 -8.63 -99.12
CA HIS GB 76 9.38 -9.94 -99.60
C HIS GB 76 10.11 -10.27 -100.88
N ILE GB 77 10.32 -11.58 -101.10
CA ILE GB 77 11.01 -12.13 -102.26
C ILE GB 77 10.17 -13.28 -102.79
N ILE GB 78 9.89 -13.26 -104.08
CA ILE GB 78 9.21 -14.37 -104.76
C ILE GB 78 10.16 -14.95 -105.79
N ALA GB 79 10.41 -16.26 -105.71
CA ALA GB 79 11.45 -16.90 -106.52
C ALA GB 79 11.07 -16.94 -107.99
N ARG GB 80 9.78 -17.11 -108.29
CA ARG GB 80 9.30 -17.12 -109.66
C ARG GB 80 7.85 -16.69 -109.61
N PRO GB 81 7.55 -15.41 -109.91
CA PRO GB 81 6.16 -14.96 -109.92
C PRO GB 81 5.41 -15.55 -111.10
N HIS GB 82 4.11 -15.72 -110.88
CA HIS GB 82 3.21 -16.14 -111.95
C HIS GB 82 3.13 -15.06 -113.01
N GLU GB 83 2.88 -15.46 -114.26
CA GLU GB 83 2.84 -14.49 -115.34
C GLU GB 83 1.56 -13.65 -115.33
N ASN GB 84 0.59 -14.03 -114.49
CA ASN GB 84 -0.57 -13.19 -114.25
C ASN GB 84 -0.19 -11.88 -113.55
N LEU GB 85 0.89 -11.92 -112.75
CA LEU GB 85 1.23 -10.77 -111.92
C LEU GB 85 1.88 -9.65 -112.71
N GLU GB 86 2.54 -9.96 -113.83
CA GLU GB 86 3.19 -8.91 -114.61
C GLU GB 86 2.18 -8.03 -115.33
N TYR GB 87 0.98 -8.55 -115.59
CA TYR GB 87 -0.02 -7.76 -116.31
C TYR GB 87 -0.88 -6.94 -115.36
N VAL GB 88 -0.97 -7.35 -114.09
CA VAL GB 88 -1.81 -6.64 -113.14
C VAL GB 88 -0.96 -5.77 -112.22
N LEU GB 89 0.09 -6.33 -111.69
CA LEU GB 89 0.94 -5.62 -110.74
C LEU GB 89 2.13 -5.00 -111.45
N PRO GB 90 2.61 -3.83 -111.01
CA PRO GB 90 3.75 -3.16 -111.67
C PRO GB 90 5.11 -3.73 -111.24
N ILE GB 91 5.32 -5.01 -111.55
CA ILE GB 91 6.58 -5.69 -111.28
C ILE GB 91 7.31 -6.10 -112.54
N ARG GB 92 6.82 -5.70 -113.71
CA ARG GB 92 7.40 -6.14 -114.96
C ARG GB 92 8.53 -5.21 -115.40
N TYR GB 93 9.35 -5.72 -116.31
CA TYR GB 93 10.38 -4.91 -116.92
C TYR GB 93 9.76 -3.88 -117.86
N THR GB 94 10.02 -2.60 -117.59
CA THR GB 94 9.64 -1.56 -118.52
C THR GB 94 10.68 -1.45 -119.62
N GLU GB 95 10.34 -0.70 -120.67
CA GLU GB 95 11.25 -0.56 -121.81
C GLU GB 95 12.40 0.39 -121.50
N GLU GB 96 12.29 1.17 -120.42
CA GLU GB 96 13.35 2.10 -120.06
C GLU GB 96 14.47 1.39 -119.32
N VAL GB 97 14.19 0.23 -118.73
CA VAL GB 97 15.14 -0.47 -117.88
C VAL GB 97 15.66 -1.75 -118.53
N GLU GB 98 15.45 -1.93 -119.82
CA GLU GB 98 15.94 -3.13 -120.50
C GLU GB 98 17.45 -3.10 -120.71
N GLN GB 99 18.09 -1.94 -120.58
CA GLN GB 99 19.54 -1.86 -120.70
C GLN GB 99 20.25 -2.38 -119.46
N PHE GB 100 19.52 -2.52 -118.35
CA PHE GB 100 20.10 -3.03 -117.11
C PHE GB 100 19.81 -4.50 -116.88
N ARG GB 101 19.08 -5.15 -117.77
CA ARG GB 101 18.68 -6.53 -117.57
C ARG GB 101 19.83 -7.51 -117.84
N MET HB 1 19.05 -48.13 -92.59
CA MET HB 1 19.95 -47.32 -93.41
C MET HB 1 20.16 -47.92 -94.78
N GLN HB 2 20.53 -47.08 -95.74
CA GLN HB 2 20.86 -47.49 -97.08
C GLN HB 2 22.26 -47.00 -97.42
N MET HB 3 22.96 -47.76 -98.24
CA MET HB 3 24.23 -47.33 -98.78
C MET HB 3 23.99 -46.48 -100.01
N ALA HB 4 24.67 -45.35 -100.10
CA ALA HB 4 24.46 -44.42 -101.20
C ALA HB 4 25.80 -43.82 -101.60
N LYS HB 5 25.87 -43.40 -102.85
CA LYS HB 5 27.02 -42.70 -103.40
C LYS HB 5 26.67 -41.24 -103.61
N VAL HB 6 27.53 -40.34 -103.14
CA VAL HB 6 27.31 -38.90 -103.30
C VAL HB 6 27.54 -38.56 -104.76
N CYS HB 7 26.47 -38.17 -105.47
CA CYS HB 7 26.61 -37.81 -106.86
C CYS HB 7 26.63 -36.31 -107.06
N GLY HB 8 26.15 -35.54 -106.08
CA GLY HB 8 26.22 -34.11 -106.22
C GLY HB 8 25.55 -33.37 -105.09
N THR HB 9 25.28 -32.09 -105.34
CA THR HB 9 24.72 -31.18 -104.36
C THR HB 9 23.46 -30.54 -104.91
N VAL HB 10 22.53 -30.21 -104.01
CA VAL HB 10 21.31 -29.50 -104.35
C VAL HB 10 21.29 -28.22 -103.52
N VAL HB 11 21.14 -27.09 -104.20
CA VAL HB 11 21.11 -25.78 -103.54
C VAL HB 11 19.73 -25.18 -103.76
N GLY HB 12 19.06 -24.80 -102.68
CA GLY HB 12 17.82 -24.06 -102.77
C GLY HB 12 17.90 -22.76 -102.01
N THR HB 13 17.50 -21.66 -102.65
CA THR HB 13 17.57 -20.36 -101.98
C THR HB 13 16.29 -19.99 -101.25
N GLN HB 14 15.12 -20.19 -101.87
CA GLN HB 14 13.86 -20.11 -101.14
C GLN HB 14 13.53 -21.46 -100.53
N LYS HB 15 13.55 -21.50 -99.21
CA LYS HB 15 13.29 -22.71 -98.46
C LYS HB 15 12.58 -22.29 -97.18
N LEU HB 16 12.32 -23.26 -96.32
CA LEU HB 16 11.83 -22.94 -95.00
C LEU HB 16 12.98 -22.32 -94.18
N PRO HB 17 12.66 -21.45 -93.22
CA PRO HB 17 13.73 -20.88 -92.38
C PRO HB 17 14.44 -21.91 -91.51
N SER HB 18 13.76 -23.01 -91.19
CA SER HB 18 14.41 -24.10 -90.47
C SER HB 18 15.26 -24.97 -91.39
N MET HB 19 15.16 -24.78 -92.71
CA MET HB 19 16.04 -25.45 -93.64
C MET HB 19 17.33 -24.67 -93.91
N THR HB 20 17.56 -23.59 -93.20
CA THR HB 20 18.73 -22.76 -93.43
C THR HB 20 19.95 -23.36 -92.73
N GLY HB 21 21.04 -23.50 -93.47
CA GLY HB 21 22.26 -24.09 -92.96
C GLY HB 21 22.37 -25.58 -93.18
N VAL HB 22 21.33 -26.22 -93.68
CA VAL HB 22 21.33 -27.65 -93.97
C VAL HB 22 22.01 -27.86 -95.31
N LYS HB 23 23.10 -28.62 -95.30
CA LYS HB 23 23.79 -28.98 -96.53
C LYS HB 23 23.07 -30.16 -97.18
N LEU HB 24 22.72 -30.03 -98.45
CA LEU HB 24 21.90 -31.00 -99.14
C LEU HB 24 22.73 -31.70 -100.21
N LEU HB 25 22.85 -33.01 -100.09
CA LEU HB 25 23.59 -33.84 -101.02
C LEU HB 25 22.63 -34.69 -101.84
N LEU HB 26 22.93 -34.80 -103.13
CA LEU HB 26 22.22 -35.71 -104.03
C LEU HB 26 22.94 -37.05 -103.98
N LEU HB 27 22.31 -38.03 -103.36
CA LEU HB 27 22.89 -39.36 -103.18
C LEU HB 27 22.13 -40.36 -104.04
N GLN HB 28 22.86 -41.10 -104.86
CA GLN HB 28 22.28 -42.22 -105.60
C GLN HB 28 22.52 -43.51 -104.82
N PHE HB 29 21.47 -44.31 -104.68
CA PHE HB 29 21.58 -45.54 -103.93
C PHE HB 29 22.35 -46.59 -104.71
N ILE HB 30 23.21 -47.30 -104.00
CA ILE HB 30 23.98 -48.41 -104.53
C ILE HB 30 23.42 -49.69 -103.93
N ASP HB 31 23.59 -50.81 -104.63
CA ASP HB 31 23.03 -52.06 -104.13
C ASP HB 31 24.01 -52.73 -103.16
N ALA HB 32 23.70 -53.98 -102.81
CA ALA HB 32 24.59 -54.75 -101.94
C ALA HB 32 25.83 -55.23 -102.69
N ASN HB 33 25.80 -55.21 -104.02
CA ASN HB 33 26.96 -55.62 -104.79
C ASN HB 33 27.84 -54.43 -105.18
N GLY HB 34 27.35 -53.22 -104.99
CA GLY HB 34 28.11 -52.02 -105.29
C GLY HB 34 27.73 -51.30 -106.57
N GLU HB 35 26.72 -51.77 -107.29
CA GLU HB 35 26.27 -51.15 -108.52
C GLU HB 35 25.24 -50.08 -108.21
N LEU HB 36 25.19 -49.05 -109.06
CA LEU HB 36 24.28 -47.93 -108.84
C LEU HB 36 22.85 -48.33 -109.18
N LEU HB 37 21.95 -48.12 -108.24
CA LEU HB 37 20.53 -48.35 -108.47
C LEU HB 37 19.89 -47.12 -109.11
N PRO HB 38 18.83 -47.29 -109.90
CA PRO HB 38 18.11 -46.13 -110.44
C PRO HB 38 17.15 -45.50 -109.42
N LYS HB 39 17.72 -45.03 -108.32
CA LYS HB 39 16.97 -44.45 -107.21
C LYS HB 39 17.90 -43.51 -106.48
N TYR HB 40 17.39 -42.36 -106.07
CA TYR HB 40 18.18 -41.32 -105.45
C TYR HB 40 17.53 -40.84 -104.16
N GLU HB 41 18.21 -39.90 -103.51
CA GLU HB 41 17.72 -39.22 -102.33
C GLU HB 41 18.43 -37.89 -102.21
N VAL HB 42 17.77 -36.93 -101.58
CA VAL HB 42 18.41 -35.69 -101.16
C VAL HB 42 18.42 -35.70 -99.63
N ALA HB 43 19.61 -35.68 -99.05
CA ALA HB 43 19.76 -35.86 -97.61
C ALA HB 43 20.58 -34.74 -97.00
N ALA HB 44 20.29 -34.46 -95.73
CA ALA HB 44 21.14 -33.60 -94.93
C ALA HB 44 22.47 -34.28 -94.66
N ASP HB 45 23.52 -33.48 -94.47
CA ASP HB 45 24.88 -33.98 -94.36
C ASP HB 45 25.59 -33.33 -93.17
N PRO HB 46 25.42 -33.87 -91.97
CA PRO HB 46 26.23 -33.39 -90.84
C PRO HB 46 27.63 -33.96 -90.87
N VAL HB 47 27.78 -35.20 -91.32
CA VAL HB 47 29.08 -35.85 -91.49
C VAL HB 47 29.58 -35.45 -92.86
N GLY HB 48 30.64 -34.63 -92.89
CA GLY HB 48 31.02 -33.94 -94.12
C GLY HB 48 31.53 -34.87 -95.19
N ALA HB 49 30.72 -35.09 -96.23
CA ALA HB 49 31.02 -36.06 -97.27
C ALA HB 49 31.05 -35.36 -98.62
N GLY HB 50 32.05 -35.71 -99.43
CA GLY HB 50 32.23 -35.11 -100.74
C GLY HB 50 31.76 -36.03 -101.86
N LEU HB 51 31.99 -35.56 -103.08
CA LEU HB 51 31.46 -36.23 -104.26
C LEU HB 51 32.22 -37.52 -104.53
N GLY HB 52 31.46 -38.60 -104.72
CA GLY HB 52 32.02 -39.92 -104.95
C GLY HB 52 32.10 -40.79 -103.71
N GLU HB 53 31.85 -40.23 -102.53
CA GLU HB 53 31.95 -40.97 -101.29
C GLU HB 53 30.78 -41.92 -101.11
N TRP HB 54 31.05 -43.03 -100.43
CA TRP HB 54 30.03 -43.99 -100.03
C TRP HB 54 29.54 -43.62 -98.64
N VAL HB 55 28.23 -43.43 -98.50
CA VAL HB 55 27.65 -42.97 -97.24
C VAL HB 55 26.52 -43.91 -96.84
N LEU HB 56 26.20 -43.87 -95.55
CA LEU HB 56 24.97 -44.45 -95.03
C LEU HB 56 23.98 -43.33 -94.80
N VAL HB 57 22.78 -43.49 -95.35
CA VAL HB 57 21.72 -42.49 -95.23
C VAL HB 57 20.50 -43.16 -94.61
N ASN HB 58 19.94 -42.53 -93.58
CA ASN HB 58 18.75 -43.05 -92.95
C ASN HB 58 17.52 -42.42 -93.58
N ARG HB 59 16.34 -42.83 -93.12
CA ARG HB 59 15.09 -42.37 -93.71
C ARG HB 59 14.12 -42.05 -92.58
N GLY HB 60 13.25 -41.10 -92.85
CA GLY HB 60 12.16 -40.82 -91.94
C GLY HB 60 12.53 -39.95 -90.76
N SER HB 61 11.96 -40.27 -89.59
CA SER HB 61 12.15 -39.46 -88.39
C SER HB 61 13.49 -39.69 -87.71
N ALA HB 62 14.29 -40.63 -88.22
CA ALA HB 62 15.64 -40.83 -87.71
C ALA HB 62 16.57 -39.71 -88.14
N ALA HB 63 16.22 -38.98 -89.19
CA ALA HB 63 16.99 -37.83 -89.62
C ALA HB 63 16.89 -36.66 -88.64
N ARG HB 64 15.90 -36.66 -87.75
CA ARG HB 64 15.69 -35.59 -86.81
C ARG HB 64 16.18 -35.93 -85.40
N GLN HB 65 17.19 -36.79 -85.29
CA GLN HB 65 17.67 -37.24 -83.99
C GLN HB 65 19.03 -36.65 -83.62
N THR HB 66 19.51 -35.66 -84.38
CA THR HB 66 20.90 -35.25 -84.30
C THR HB 66 21.06 -34.03 -83.40
N GLU HB 67 19.99 -33.68 -82.68
CA GLU HB 67 19.84 -32.61 -81.68
C GLU HB 67 20.07 -31.20 -82.24
N TYR HB 68 20.38 -31.07 -83.53
CA TYR HB 68 20.24 -29.81 -84.25
C TYR HB 68 19.38 -29.98 -85.50
N HIS HB 69 18.90 -31.19 -85.76
CA HIS HB 69 17.95 -31.47 -86.83
C HIS HB 69 16.56 -31.76 -86.29
N GLN HB 70 16.31 -31.42 -85.02
CA GLN HB 70 15.17 -31.98 -84.30
C GLN HB 70 13.84 -31.41 -84.77
N ASN HB 71 13.76 -30.11 -84.99
CA ASN HB 71 12.54 -29.46 -85.43
C ASN HB 71 12.63 -29.04 -86.89
N ARG HB 72 13.54 -29.65 -87.63
CA ARG HB 72 13.81 -29.41 -89.04
C ARG HB 72 13.05 -30.41 -89.90
N PRO HB 73 12.48 -29.97 -91.02
CA PRO HB 73 11.71 -30.88 -91.89
C PRO HB 73 12.59 -31.76 -92.76
N LEU HB 74 13.28 -32.69 -92.13
CA LEU HB 74 14.23 -33.57 -92.80
C LEU HB 74 13.77 -35.01 -92.66
N ASP HB 75 13.74 -35.73 -93.79
CA ASP HB 75 13.38 -37.14 -93.79
C ASP HB 75 14.50 -38.02 -94.29
N ALA HB 76 15.70 -37.47 -94.50
CA ALA HB 76 16.85 -38.23 -94.95
C ALA HB 76 18.10 -37.51 -94.49
N MET HB 77 19.10 -38.27 -94.06
CA MET HB 77 20.30 -37.69 -93.49
C MET HB 77 21.45 -38.66 -93.62
N VAL HB 78 22.62 -38.16 -94.04
CA VAL HB 78 23.83 -38.96 -94.02
C VAL HB 78 24.25 -39.15 -92.57
N VAL HB 79 24.30 -40.41 -92.12
CA VAL HB 79 24.70 -40.70 -90.74
C VAL HB 79 26.16 -41.12 -90.63
N ALA HB 80 26.75 -41.64 -91.69
CA ALA HB 80 28.09 -42.18 -91.63
C ALA HB 80 28.71 -42.16 -93.01
N ILE HB 81 30.01 -41.91 -93.04
CA ILE HB 81 30.82 -42.13 -94.23
C ILE HB 81 31.33 -43.56 -94.16
N ILE HB 82 31.06 -44.34 -95.20
CA ILE HB 82 31.42 -45.76 -95.18
C ILE HB 82 32.92 -45.89 -95.37
N ASP HB 83 33.57 -46.56 -94.42
CA ASP HB 83 34.98 -46.91 -94.58
C ASP HB 83 35.14 -48.17 -95.41
N THR HB 84 34.58 -49.29 -94.95
CA THR HB 84 34.70 -50.55 -95.66
C THR HB 84 33.40 -51.32 -95.58
N VAL HB 85 33.12 -52.09 -96.63
CA VAL HB 85 32.00 -53.01 -96.69
C VAL HB 85 32.55 -54.40 -96.93
N THR HB 86 32.27 -55.32 -96.02
CA THR HB 86 32.66 -56.71 -96.16
C THR HB 86 31.42 -57.52 -96.45
N VAL HB 87 31.42 -58.26 -97.56
CA VAL HB 87 30.31 -59.12 -97.95
C VAL HB 87 30.84 -60.55 -98.06
N ASN HB 88 30.29 -61.45 -97.25
CA ASN HB 88 30.67 -62.87 -97.19
C ASN HB 88 32.16 -63.05 -96.92
N ASN HB 89 32.64 -62.31 -95.91
CA ASN HB 89 34.04 -62.22 -95.47
C ASN HB 89 34.98 -61.72 -96.55
N ARG HB 90 34.47 -61.09 -97.62
CA ARG HB 90 35.27 -60.52 -98.69
C ARG HB 90 35.02 -59.02 -98.71
N ARG HB 91 36.10 -58.25 -98.76
CA ARG HB 91 35.99 -56.79 -98.77
C ARG HB 91 35.44 -56.31 -100.11
N LEU HB 92 34.30 -55.62 -100.05
CA LEU HB 92 33.68 -55.03 -101.23
C LEU HB 92 34.13 -53.60 -101.49
N TYR HB 93 34.33 -52.82 -100.44
CA TYR HB 93 34.68 -51.42 -100.54
C TYR HB 93 35.78 -51.10 -99.55
N GLY HB 94 36.63 -50.14 -99.90
CA GLY HB 94 37.71 -49.73 -99.03
C GLY HB 94 38.99 -50.51 -99.24
N ALA IB 2 110.10 -5.95 -31.22
CA ALA IB 2 110.55 -6.04 -32.61
C ALA IB 2 109.68 -5.17 -33.52
N VAL IB 3 109.69 -5.49 -34.81
CA VAL IB 3 108.84 -4.82 -35.78
C VAL IB 3 107.38 -5.14 -35.49
N ALA IB 4 106.50 -4.15 -35.63
CA ALA IB 4 105.13 -4.25 -35.17
C ALA IB 4 104.35 -5.29 -35.99
N VAL IB 5 103.36 -5.90 -35.34
CA VAL IB 5 102.55 -6.96 -35.93
C VAL IB 5 101.08 -6.57 -35.81
N GLY IB 6 100.35 -6.73 -36.90
CA GLY IB 6 98.91 -6.51 -36.91
C GLY IB 6 98.20 -7.75 -37.41
N MET IB 7 97.07 -8.05 -36.78
CA MET IB 7 96.29 -9.24 -37.10
C MET IB 7 94.85 -8.83 -37.33
N ILE IB 8 94.22 -9.40 -38.35
CA ILE IB 8 92.79 -9.29 -38.57
C ILE IB 8 92.24 -10.69 -38.70
N GLU IB 9 91.35 -11.07 -37.79
CA GLU IB 9 90.69 -12.37 -37.85
C GLU IB 9 89.30 -12.20 -38.42
N THR IB 10 89.04 -12.87 -39.54
CA THR IB 10 87.73 -12.83 -40.16
C THR IB 10 87.11 -14.21 -40.15
N LEU IB 11 85.79 -14.23 -40.33
CA LEU IB 11 85.03 -15.47 -40.48
C LEU IB 11 84.81 -15.68 -41.98
N GLY IB 12 85.65 -16.50 -42.59
CA GLY IB 12 85.55 -16.74 -44.02
C GLY IB 12 86.79 -16.39 -44.79
N PHE IB 13 87.07 -17.14 -45.85
CA PHE IB 13 88.24 -16.93 -46.70
C PHE IB 13 88.12 -15.78 -47.71
N PRO IB 14 86.96 -15.49 -48.34
CA PRO IB 14 86.91 -14.24 -49.13
C PRO IB 14 87.04 -12.98 -48.30
N ALA IB 15 86.65 -13.02 -47.03
CA ALA IB 15 86.79 -11.85 -46.18
C ALA IB 15 88.23 -11.66 -45.72
N VAL IB 16 89.02 -12.74 -45.70
CA VAL IB 16 90.37 -12.63 -45.18
C VAL IB 16 91.33 -12.25 -46.31
N VAL IB 17 90.96 -12.52 -47.56
CA VAL IB 17 91.79 -12.09 -48.68
C VAL IB 17 91.57 -10.62 -48.95
N GLU IB 18 90.33 -10.14 -48.77
CA GLU IB 18 90.08 -8.70 -48.83
C GLU IB 18 90.74 -7.98 -47.66
N ALA IB 19 90.78 -8.60 -46.48
CA ALA IB 19 91.51 -8.02 -45.36
C ALA IB 19 93.01 -7.99 -45.65
N ALA IB 20 93.54 -9.05 -46.25
CA ALA IB 20 94.97 -9.08 -46.58
C ALA IB 20 95.28 -8.13 -47.72
N ASP IB 21 94.36 -7.99 -48.68
CA ASP IB 21 94.60 -7.09 -49.81
C ASP IB 21 94.50 -5.63 -49.41
N ALA IB 22 93.53 -5.28 -48.54
CA ALA IB 22 93.36 -3.89 -48.17
C ALA IB 22 94.46 -3.43 -47.21
N MET IB 23 95.05 -4.36 -46.46
CA MET IB 23 96.09 -3.98 -45.52
C MET IB 23 97.38 -3.58 -46.24
N VAL IB 24 97.78 -4.37 -47.24
CA VAL IB 24 99.03 -4.06 -47.92
C VAL IB 24 98.82 -3.01 -48.99
N LYS IB 25 97.57 -2.62 -49.25
CA LYS IB 25 97.31 -1.53 -50.18
C LYS IB 25 97.11 -0.21 -49.47
N ALA IB 26 96.78 -0.24 -48.17
CA ALA IB 26 96.55 1.00 -47.44
C ALA IB 26 97.86 1.62 -46.97
N ALA IB 27 98.86 0.78 -46.66
CA ALA IB 27 100.10 1.28 -46.09
C ALA IB 27 101.23 0.34 -46.48
N ARG IB 28 102.44 0.69 -46.03
CA ARG IB 28 103.66 -0.04 -46.36
C ARG IB 28 103.88 -1.12 -45.29
N VAL IB 29 103.04 -2.15 -45.35
CA VAL IB 29 103.17 -3.31 -44.48
C VAL IB 29 103.48 -4.53 -45.34
N THR IB 30 103.95 -5.58 -44.69
CA THR IB 30 104.27 -6.84 -45.35
C THR IB 30 103.39 -7.92 -44.78
N LEU IB 31 102.48 -8.44 -45.60
CA LEU IB 31 101.70 -9.61 -45.23
C LEU IB 31 102.64 -10.81 -45.15
N VAL IB 32 102.78 -11.37 -43.96
CA VAL IB 32 103.74 -12.44 -43.73
C VAL IB 32 103.07 -13.76 -43.42
N GLY IB 33 101.83 -13.76 -42.97
CA GLY IB 33 101.25 -14.95 -42.37
C GLY IB 33 99.79 -15.10 -42.72
N TYR IB 34 99.32 -16.34 -42.59
CA TYR IB 34 97.96 -16.71 -42.92
C TYR IB 34 97.62 -17.91 -42.04
N GLU IB 35 96.75 -17.69 -41.07
CA GLU IB 35 96.59 -18.61 -39.96
C GLU IB 35 95.14 -19.09 -39.87
N LYS IB 36 94.96 -20.41 -39.83
CA LYS IB 36 93.65 -21.03 -39.66
C LYS IB 36 93.63 -21.79 -38.35
N ILE IB 37 92.61 -21.51 -37.53
CA ILE IB 37 92.48 -22.12 -36.21
C ILE IB 37 91.19 -22.90 -36.08
N GLY IB 38 90.44 -23.08 -37.16
CA GLY IB 38 89.20 -23.82 -37.12
C GLY IB 38 87.98 -22.93 -36.97
N THR IB 39 86.81 -23.54 -37.21
CA THR IB 39 85.50 -22.90 -37.35
C THR IB 39 85.50 -21.71 -38.30
N GLY IB 40 86.28 -21.76 -39.37
CA GLY IB 40 86.31 -20.66 -40.31
C GLY IB 40 87.04 -19.42 -39.86
N ARG IB 41 87.58 -19.41 -38.65
CA ARG IB 41 88.31 -18.27 -38.13
C ARG IB 41 89.69 -18.23 -38.78
N VAL IB 42 89.89 -17.28 -39.69
CA VAL IB 42 91.12 -17.16 -40.44
C VAL IB 42 91.76 -15.83 -40.10
N THR IB 43 93.06 -15.84 -39.85
CA THR IB 43 93.80 -14.65 -39.46
C THR IB 43 94.93 -14.41 -40.44
N VAL IB 44 95.02 -13.18 -40.96
CA VAL IB 44 96.18 -12.73 -41.72
C VAL IB 44 97.02 -11.83 -40.83
N ILE IB 45 98.34 -11.93 -40.98
CA ILE IB 45 99.31 -11.27 -40.12
C ILE IB 45 100.18 -10.37 -40.99
N VAL IB 46 100.22 -9.09 -40.66
CA VAL IB 46 101.08 -8.15 -41.36
C VAL IB 46 102.16 -7.65 -40.40
N ARG IB 47 103.31 -7.30 -40.96
CA ARG IB 47 104.40 -6.69 -40.22
C ARG IB 47 104.74 -5.34 -40.83
N GLY IB 48 105.30 -4.46 -40.03
CA GLY IB 48 105.73 -3.18 -40.53
C GLY IB 48 105.88 -2.19 -39.40
N ASP IB 49 106.04 -0.93 -39.78
CA ASP IB 49 106.12 0.16 -38.80
C ASP IB 49 104.75 0.35 -38.15
N VAL IB 50 104.77 1.02 -36.99
CA VAL IB 50 103.56 1.17 -36.18
C VAL IB 50 102.56 2.08 -36.87
N SER IB 51 103.05 3.11 -37.56
CA SER IB 51 102.16 3.99 -38.32
C SER IB 51 101.53 3.26 -39.48
N GLU IB 52 102.27 2.37 -40.13
CA GLU IB 52 101.74 1.62 -41.26
C GLU IB 52 100.79 0.51 -40.81
N VAL IB 53 101.11 -0.18 -39.72
CA VAL IB 53 100.27 -1.28 -39.25
C VAL IB 53 98.96 -0.75 -38.69
N GLN IB 54 99.01 0.40 -37.99
CA GLN IB 54 97.78 1.02 -37.49
C GLN IB 54 96.88 1.49 -38.62
N ALA IB 55 97.49 2.00 -39.71
CA ALA IB 55 96.70 2.44 -40.85
C ALA IB 55 96.14 1.26 -41.63
N SER IB 56 96.90 0.16 -41.69
CA SER IB 56 96.48 -0.99 -42.48
C SER IB 56 95.37 -1.77 -41.79
N VAL IB 57 95.50 -2.00 -40.49
CA VAL IB 57 94.51 -2.78 -39.76
C VAL IB 57 93.20 -2.03 -39.66
N SER IB 58 93.26 -0.71 -39.49
CA SER IB 58 92.05 0.10 -39.42
C SER IB 58 91.36 0.20 -40.78
N ALA IB 59 92.13 0.20 -41.86
CA ALA IB 59 91.53 0.24 -43.19
C ALA IB 59 91.17 -1.16 -43.66
N GLY IB 60 91.91 -2.18 -43.20
CA GLY IB 60 91.56 -3.55 -43.53
C GLY IB 60 90.30 -4.02 -42.83
N THR IB 61 89.98 -3.42 -41.69
CA THR IB 61 88.75 -3.79 -40.97
C THR IB 61 87.51 -3.26 -41.69
N GLU IB 62 87.59 -2.03 -42.21
CA GLU IB 62 86.45 -1.43 -42.88
C GLU IB 62 86.22 -2.03 -44.26
N SER IB 63 87.23 -2.69 -44.83
CA SER IB 63 87.05 -3.29 -46.15
C SER IB 63 86.31 -4.61 -46.08
N VAL IB 64 86.45 -5.35 -44.97
CA VAL IB 64 85.73 -6.61 -44.78
C VAL IB 64 84.23 -6.40 -44.68
N LYS IB 65 83.78 -5.27 -44.13
CA LYS IB 65 82.36 -4.94 -44.11
C LYS IB 65 81.94 -4.20 -45.37
N ARG IB 66 82.41 -4.70 -46.51
CA ARG IB 66 81.98 -4.33 -47.85
C ARG IB 66 81.93 -5.61 -48.67
N VAL IB 67 82.24 -6.72 -48.00
CA VAL IB 67 82.16 -8.07 -48.55
C VAL IB 67 80.89 -8.71 -48.03
N ASN IB 68 80.11 -9.30 -48.93
CA ASN IB 68 78.90 -10.00 -48.51
C ASN IB 68 79.28 -11.31 -47.86
N GLY IB 69 78.73 -11.55 -46.67
CA GLY IB 69 79.15 -12.70 -45.89
C GLY IB 69 80.47 -12.52 -45.16
N GLY IB 70 81.01 -11.31 -45.17
CA GLY IB 70 82.27 -11.00 -44.51
C GLY IB 70 82.01 -10.48 -43.10
N GLN IB 71 82.81 -10.96 -42.16
CA GLN IB 71 82.63 -10.62 -40.75
C GLN IB 71 83.99 -10.55 -40.08
N VAL IB 72 84.30 -9.40 -39.49
CA VAL IB 72 85.52 -9.25 -38.70
C VAL IB 72 85.24 -9.83 -37.32
N LEU IB 73 86.05 -10.81 -36.92
CA LEU IB 73 85.91 -11.38 -35.58
C LEU IB 73 86.78 -10.65 -34.58
N SER IB 74 88.05 -10.44 -34.91
CA SER IB 74 89.00 -9.88 -33.95
C SER IB 74 90.15 -9.23 -34.71
N THR IB 75 90.48 -8.01 -34.30
CA THR IB 75 91.64 -7.30 -34.81
C THR IB 75 92.51 -6.88 -33.65
N HIS IB 76 93.82 -6.84 -33.87
CA HIS IB 76 94.74 -6.36 -32.86
C HIS IB 76 96.04 -5.88 -33.51
N ILE IB 77 96.67 -4.92 -32.84
CA ILE IB 77 97.98 -4.40 -33.23
C ILE IB 77 98.89 -4.48 -32.01
N ILE IB 78 100.04 -5.11 -32.17
CA ILE IB 78 101.09 -5.11 -31.16
C ILE IB 78 102.24 -4.28 -31.70
N ALA IB 79 102.48 -3.12 -31.10
CA ALA IB 79 103.43 -2.15 -31.66
C ALA IB 79 104.86 -2.60 -31.48
N ARG IB 80 105.14 -3.36 -30.42
CA ARG IB 80 106.50 -3.80 -30.13
C ARG IB 80 106.43 -5.20 -29.56
N PRO IB 81 106.32 -6.22 -30.41
CA PRO IB 81 106.27 -7.58 -29.89
C PRO IB 81 107.62 -8.04 -29.40
N HIS IB 82 107.59 -8.92 -28.39
CA HIS IB 82 108.79 -9.49 -27.83
C HIS IB 82 109.48 -10.39 -28.84
N GLU IB 83 110.80 -10.55 -28.69
CA GLU IB 83 111.57 -11.40 -29.59
C GLU IB 83 111.26 -12.89 -29.40
N ASN IB 84 110.62 -13.25 -28.28
CA ASN IB 84 110.20 -14.62 -28.06
C ASN IB 84 109.07 -15.02 -29.00
N LEU IB 85 108.27 -14.05 -29.46
CA LEU IB 85 107.02 -14.37 -30.14
C LEU IB 85 107.24 -14.83 -31.57
N GLU IB 86 108.31 -14.38 -32.23
CA GLU IB 86 108.53 -14.76 -33.62
C GLU IB 86 108.95 -16.22 -33.74
N TYR IB 87 109.54 -16.78 -32.69
CA TYR IB 87 110.03 -18.15 -32.77
C TYR IB 87 108.92 -19.15 -32.46
N VAL IB 88 107.90 -18.74 -31.72
CA VAL IB 88 106.82 -19.66 -31.36
C VAL IB 88 105.61 -19.45 -32.24
N LEU IB 89 105.21 -18.21 -32.43
CA LEU IB 89 104.03 -17.89 -33.20
C LEU IB 89 104.37 -17.66 -34.67
N PRO IB 90 103.47 -17.99 -35.59
CA PRO IB 90 103.74 -17.75 -37.02
C PRO IB 90 103.48 -16.31 -37.45
N ILE IB 91 104.24 -15.38 -36.87
CA ILE IB 91 104.16 -13.96 -37.21
C ILE IB 91 105.45 -13.44 -37.79
N ARG IB 92 106.39 -14.31 -38.16
CA ARG IB 92 107.70 -13.86 -38.56
C ARG IB 92 107.81 -13.77 -40.08
N TYR IB 93 108.83 -13.05 -40.52
CA TYR IB 93 109.13 -12.95 -41.95
C TYR IB 93 109.66 -14.27 -42.48
N THR IB 94 108.95 -14.86 -43.42
CA THR IB 94 109.47 -15.99 -44.16
C THR IB 94 110.28 -15.50 -45.35
N GLU IB 95 111.01 -16.42 -45.97
CA GLU IB 95 111.91 -16.03 -47.05
C GLU IB 95 111.15 -15.76 -48.35
N GLU IB 96 109.87 -16.11 -48.42
CA GLU IB 96 109.07 -15.79 -49.60
C GLU IB 96 108.65 -14.33 -49.61
N VAL IB 97 108.59 -13.70 -48.44
CA VAL IB 97 108.10 -12.34 -48.31
C VAL IB 97 109.20 -11.36 -47.95
N GLU IB 98 110.47 -11.75 -48.11
CA GLU IB 98 111.56 -10.85 -47.79
C GLU IB 98 111.79 -9.79 -48.86
N GLN IB 99 111.16 -9.92 -50.02
CA GLN IB 99 111.26 -8.88 -51.04
C GLN IB 99 110.35 -7.70 -50.73
N PHE IB 100 109.33 -7.91 -49.90
CA PHE IB 100 108.35 -6.87 -49.60
C PHE IB 100 108.68 -6.11 -48.33
N ARG IB 101 109.70 -6.50 -47.58
CA ARG IB 101 110.04 -5.81 -46.34
C ARG IB 101 110.72 -4.47 -46.61
N ALA JB 2 109.27 -30.22 -12.45
CA ALA JB 2 110.09 -29.44 -13.37
C ALA JB 2 109.82 -27.95 -13.21
N VAL JB 3 110.33 -27.16 -14.17
CA VAL JB 3 110.03 -25.74 -14.23
C VAL JB 3 108.55 -25.54 -14.52
N ALA JB 4 107.92 -24.57 -13.84
CA ALA JB 4 106.47 -24.43 -13.87
C ALA JB 4 105.96 -24.05 -15.26
N VAL JB 5 104.74 -24.48 -15.55
CA VAL JB 5 104.12 -24.27 -16.84
C VAL JB 5 102.81 -23.51 -16.66
N GLY JB 6 102.62 -22.47 -17.46
CA GLY JB 6 101.36 -21.74 -17.47
C GLY JB 6 100.77 -21.74 -18.85
N MET JB 7 99.46 -21.90 -18.91
CA MET JB 7 98.73 -21.99 -20.17
C MET JB 7 97.59 -20.99 -20.17
N ILE JB 8 97.40 -20.30 -21.28
CA ILE JB 8 96.23 -19.46 -21.50
C ILE JB 8 95.59 -19.92 -22.80
N GLU JB 9 94.34 -20.37 -22.71
CA GLU JB 9 93.57 -20.72 -23.89
C GLU JB 9 92.60 -19.59 -24.22
N THR JB 10 92.68 -19.10 -25.45
CA THR JB 10 91.80 -18.04 -25.92
C THR JB 10 90.98 -18.54 -27.10
N LEU JB 11 89.91 -17.83 -27.38
CA LEU JB 11 89.11 -18.04 -28.59
C LEU JB 11 89.56 -17.00 -29.59
N GLY JB 12 90.44 -17.41 -30.50
CA GLY JB 12 90.94 -16.48 -31.49
C GLY JB 12 92.44 -16.31 -31.49
N PHE JB 13 93.01 -16.12 -32.66
CA PHE JB 13 94.45 -15.90 -32.81
C PHE JB 13 94.94 -14.50 -32.47
N PRO JB 14 94.23 -13.39 -32.75
CA PRO JB 14 94.71 -12.10 -32.21
C PRO JB 14 94.66 -12.01 -30.71
N ALA JB 15 93.78 -12.76 -30.04
CA ALA JB 15 93.74 -12.73 -28.59
C ALA JB 15 94.90 -13.54 -27.99
N VAL JB 16 95.41 -14.52 -28.74
CA VAL JB 16 96.42 -15.40 -28.16
C VAL JB 16 97.82 -14.82 -28.37
N VAL JB 17 97.97 -13.90 -29.33
CA VAL JB 17 99.26 -13.25 -29.53
C VAL JB 17 99.42 -12.10 -28.54
N GLU JB 18 98.33 -11.40 -28.24
CA GLU JB 18 98.36 -10.38 -27.21
C GLU JB 18 98.52 -10.98 -25.82
N ALA JB 19 97.93 -12.15 -25.59
CA ALA JB 19 98.15 -12.85 -24.33
C ALA JB 19 99.58 -13.35 -24.21
N ALA JB 20 100.16 -13.83 -25.31
CA ALA JB 20 101.54 -14.29 -25.28
C ALA JB 20 102.51 -13.12 -25.17
N ASP JB 21 102.16 -11.97 -25.74
CA ASP JB 21 103.03 -10.80 -25.65
C ASP JB 21 102.95 -10.15 -24.28
N ALA JB 22 101.78 -10.21 -23.63
CA ALA JB 22 101.65 -9.67 -22.29
C ALA JB 22 102.35 -10.54 -21.28
N MET JB 23 102.45 -11.86 -21.54
CA MET JB 23 103.02 -12.77 -20.58
C MET JB 23 104.54 -12.61 -20.49
N VAL JB 24 105.22 -12.54 -21.62
CA VAL JB 24 106.67 -12.50 -21.60
C VAL JB 24 107.19 -11.12 -21.28
N LYS JB 25 106.32 -10.11 -21.32
CA LYS JB 25 106.71 -8.77 -20.87
C LYS JB 25 106.48 -8.60 -19.38
N ALA JB 26 105.54 -9.35 -18.81
CA ALA JB 26 105.16 -9.13 -17.43
C ALA JB 26 106.15 -9.76 -16.46
N ALA JB 27 106.79 -10.86 -16.86
CA ALA JB 27 107.66 -11.58 -15.96
C ALA JB 27 108.74 -12.30 -16.75
N ARG JB 28 109.58 -13.05 -16.04
CA ARG JB 28 110.69 -13.79 -16.66
C ARG JB 28 110.22 -15.20 -17.03
N VAL JB 29 109.22 -15.24 -17.88
CA VAL JB 29 108.73 -16.49 -18.43
C VAL JB 29 109.23 -16.60 -19.86
N THR JB 30 109.34 -17.84 -20.32
CA THR JB 30 109.71 -18.13 -21.70
C THR JB 30 108.50 -18.73 -22.39
N LEU JB 31 108.00 -18.05 -23.40
CA LEU JB 31 106.99 -18.63 -24.28
C LEU JB 31 107.63 -19.75 -25.07
N VAL JB 32 107.17 -20.98 -24.86
CA VAL JB 32 107.75 -22.14 -25.51
C VAL JB 32 106.78 -22.85 -26.44
N GLY JB 33 105.48 -22.61 -26.31
CA GLY JB 33 104.50 -23.49 -26.90
C GLY JB 33 103.38 -22.72 -27.54
N TYR JB 34 102.74 -23.38 -28.50
CA TYR JB 34 101.64 -22.81 -29.27
C TYR JB 34 100.82 -23.97 -29.79
N GLU JB 35 99.58 -24.08 -29.34
CA GLU JB 35 98.79 -25.29 -29.58
C GLU JB 35 97.41 -24.94 -30.11
N LYS JB 36 97.01 -25.62 -31.17
CA LYS JB 36 95.68 -25.50 -31.74
C LYS JB 36 94.96 -26.83 -31.58
N ILE JB 37 93.77 -26.79 -31.00
CA ILE JB 37 93.00 -28.00 -30.74
C ILE JB 37 91.65 -27.96 -31.43
N GLY JB 38 91.40 -26.96 -32.27
CA GLY JB 38 90.17 -26.88 -33.02
C GLY JB 38 89.16 -25.92 -32.43
N THR JB 39 88.22 -25.51 -33.29
CA THR JB 39 87.17 -24.52 -33.01
C THR JB 39 87.68 -23.22 -32.43
N GLY JB 40 88.82 -22.74 -32.89
CA GLY JB 40 89.33 -21.47 -32.44
C GLY JB 40 89.95 -21.48 -31.06
N ARG JB 41 90.02 -22.62 -30.41
CA ARG JB 41 90.64 -22.72 -29.10
C ARG JB 41 92.15 -22.82 -29.29
N VAL JB 42 92.85 -21.72 -28.99
CA VAL JB 42 94.27 -21.61 -29.22
C VAL JB 42 94.94 -21.40 -27.87
N THR JB 43 96.03 -22.14 -27.63
CA THR JB 43 96.71 -22.12 -26.34
C THR JB 43 98.17 -21.75 -26.53
N VAL JB 44 98.65 -20.80 -25.73
CA VAL JB 44 100.06 -20.49 -25.62
C VAL JB 44 100.57 -20.97 -24.26
N ILE JB 45 101.81 -21.42 -24.23
CA ILE JB 45 102.40 -22.11 -23.09
C ILE JB 45 103.68 -21.39 -22.71
N VAL JB 46 103.76 -20.95 -21.45
CA VAL JB 46 104.96 -20.31 -20.94
C VAL JB 46 105.60 -21.21 -19.88
N ARG JB 47 106.91 -21.08 -19.74
CA ARG JB 47 107.66 -21.77 -18.70
C ARG JB 47 108.46 -20.77 -17.88
N GLY JB 48 108.54 -21.01 -16.58
CA GLY JB 48 109.34 -20.16 -15.72
C GLY JB 48 109.14 -20.58 -14.28
N ASP JB 49 109.68 -19.78 -13.37
CA ASP JB 49 109.39 -19.98 -11.95
C ASP JB 49 107.93 -19.66 -11.68
N VAL JB 50 107.38 -20.30 -10.65
CA VAL JB 50 105.94 -20.28 -10.40
C VAL JB 50 105.46 -18.89 -10.00
N SER JB 51 106.32 -18.08 -9.38
CA SER JB 51 105.97 -16.69 -9.11
C SER JB 51 105.92 -15.88 -10.40
N GLU JB 52 106.83 -16.16 -11.33
CA GLU JB 52 106.82 -15.48 -12.61
C GLU JB 52 105.69 -15.97 -13.50
N VAL JB 53 105.38 -17.27 -13.42
CA VAL JB 53 104.31 -17.83 -14.25
C VAL JB 53 102.95 -17.34 -13.76
N GLN JB 54 102.78 -17.21 -12.44
CA GLN JB 54 101.53 -16.68 -11.89
C GLN JB 54 101.36 -15.21 -12.25
N ALA JB 55 102.46 -14.46 -12.29
CA ALA JB 55 102.38 -13.03 -12.60
C ALA JB 55 102.13 -12.82 -14.09
N SER JB 56 102.62 -13.72 -14.94
CA SER JB 56 102.46 -13.55 -16.37
C SER JB 56 101.08 -13.98 -16.83
N VAL JB 57 100.59 -15.12 -16.32
CA VAL JB 57 99.30 -15.66 -16.74
C VAL JB 57 98.16 -14.75 -16.30
N SER JB 58 98.32 -14.12 -15.13
CA SER JB 58 97.35 -13.11 -14.70
C SER JB 58 97.39 -11.87 -15.58
N ALA JB 59 98.59 -11.48 -16.03
CA ALA JB 59 98.69 -10.30 -16.90
C ALA JB 59 98.35 -10.64 -18.34
N GLY JB 60 98.54 -11.89 -18.74
CA GLY JB 60 98.12 -12.31 -20.06
C GLY JB 60 96.62 -12.46 -20.19
N THR JB 61 95.94 -12.68 -19.07
CA THR JB 61 94.47 -12.77 -19.10
C THR JB 61 93.84 -11.39 -19.21
N GLU JB 62 94.44 -10.39 -18.56
CA GLU JB 62 93.88 -9.05 -18.55
C GLU JB 62 94.06 -8.34 -19.89
N SER JB 63 95.05 -8.74 -20.67
CA SER JB 63 95.32 -8.07 -21.94
C SER JB 63 94.45 -8.59 -23.08
N VAL JB 64 93.76 -9.71 -22.89
CA VAL JB 64 92.80 -10.16 -23.88
C VAL JB 64 91.58 -9.25 -23.88
N LYS JB 65 91.30 -8.57 -22.77
CA LYS JB 65 90.24 -7.58 -22.73
C LYS JB 65 90.55 -6.36 -23.60
N ARG JB 66 91.84 -6.11 -23.88
CA ARG JB 66 92.19 -5.06 -24.83
C ARG JB 66 91.78 -5.43 -26.25
N VAL JB 67 91.82 -6.73 -26.57
CA VAL JB 67 91.50 -7.19 -27.92
C VAL JB 67 89.99 -7.24 -28.08
N ASN JB 68 89.48 -6.58 -29.11
CA ASN JB 68 88.07 -6.68 -29.46
C ASN JB 68 87.80 -8.04 -30.09
N GLY JB 69 86.79 -8.74 -29.58
CA GLY JB 69 86.54 -10.08 -30.06
C GLY JB 69 87.43 -11.13 -29.47
N GLY JB 70 88.21 -10.79 -28.44
CA GLY JB 70 89.08 -11.73 -27.77
C GLY JB 70 88.45 -12.20 -26.47
N GLN JB 71 88.59 -13.49 -26.20
CA GLN JB 71 87.96 -14.11 -25.05
C GLN JB 71 88.87 -15.21 -24.50
N VAL JB 72 89.17 -15.12 -23.21
CA VAL JB 72 89.94 -16.16 -22.53
C VAL JB 72 88.99 -17.30 -22.20
N LEU JB 73 89.32 -18.50 -22.67
CA LEU JB 73 88.49 -19.66 -22.37
C LEU JB 73 88.93 -20.33 -21.08
N SER JB 74 90.22 -20.60 -20.94
CA SER JB 74 90.72 -21.34 -19.79
C SER JB 74 92.18 -20.98 -19.56
N THR JB 75 92.52 -20.75 -18.29
CA THR JB 75 93.90 -20.58 -17.88
C THR JB 75 94.21 -21.61 -16.81
N HIS JB 76 95.47 -22.03 -16.76
CA HIS JB 76 95.92 -22.92 -15.70
C HIS JB 76 97.42 -22.76 -15.51
N ILE JB 77 97.87 -23.01 -14.28
CA ILE JB 77 99.27 -22.98 -13.90
C ILE JB 77 99.59 -24.25 -13.14
N ILE JB 78 100.59 -24.98 -13.58
CA ILE JB 78 101.12 -26.13 -12.87
C ILE JB 78 102.47 -25.75 -12.30
N ALA JB 79 102.59 -25.80 -10.97
CA ALA JB 79 103.77 -25.27 -10.30
C ALA JB 79 104.99 -26.15 -10.51
N ARG JB 80 104.78 -27.45 -10.73
CA ARG JB 80 105.88 -28.40 -10.84
C ARG JB 80 105.39 -29.56 -11.68
N PRO JB 81 105.41 -29.43 -13.00
CA PRO JB 81 104.93 -30.52 -13.85
C PRO JB 81 105.90 -31.70 -13.84
N HIS JB 82 105.33 -32.88 -14.02
CA HIS JB 82 106.10 -34.11 -14.06
C HIS JB 82 106.95 -34.17 -15.31
N GLU JB 83 108.05 -34.93 -15.24
CA GLU JB 83 108.99 -35.02 -16.35
C GLU JB 83 108.42 -35.78 -17.53
N ASN JB 84 107.37 -36.57 -17.32
CA ASN JB 84 106.69 -37.26 -18.41
C ASN JB 84 105.97 -36.30 -19.35
N LEU JB 85 105.59 -35.13 -18.85
CA LEU JB 85 104.72 -34.24 -19.61
C LEU JB 85 105.46 -33.53 -20.74
N GLU JB 86 106.76 -33.30 -20.59
CA GLU JB 86 107.48 -32.56 -21.62
C GLU JB 86 107.81 -33.44 -22.83
N TYR JB 87 107.70 -34.76 -22.67
CA TYR JB 87 108.00 -35.64 -23.80
C TYR JB 87 106.74 -35.99 -24.57
N VAL JB 88 105.57 -35.68 -24.02
CA VAL JB 88 104.32 -35.94 -24.73
C VAL JB 88 103.64 -34.64 -25.12
N LEU JB 89 103.40 -33.80 -24.16
CA LEU JB 89 102.70 -32.55 -24.42
C LEU JB 89 103.68 -31.48 -24.90
N PRO JB 90 103.23 -30.54 -25.76
CA PRO JB 90 104.12 -29.49 -26.26
C PRO JB 90 104.33 -28.35 -25.26
N ILE JB 91 104.90 -28.69 -24.11
CA ILE JB 91 105.24 -27.72 -23.07
C ILE JB 91 106.73 -27.62 -22.84
N ARG JB 92 107.54 -28.29 -23.67
CA ARG JB 92 108.96 -28.35 -23.43
C ARG JB 92 109.69 -27.20 -24.11
N TYR JB 93 110.90 -26.93 -23.62
CA TYR JB 93 111.76 -25.95 -24.26
C TYR JB 93 112.29 -26.51 -25.57
N THR JB 94 111.90 -25.89 -26.68
CA THR JB 94 112.50 -26.19 -27.95
C THR JB 94 113.85 -25.50 -28.05
N GLU JB 95 114.65 -25.91 -29.06
CA GLU JB 95 115.99 -25.33 -29.23
C GLU JB 95 115.92 -23.89 -29.70
N GLU JB 96 114.81 -23.49 -30.33
CA GLU JB 96 114.68 -22.14 -30.85
C GLU JB 96 114.45 -21.12 -29.74
N VAL JB 97 113.96 -21.57 -28.58
CA VAL JB 97 113.60 -20.65 -27.51
C VAL JB 97 114.57 -20.73 -26.33
N GLU JB 98 115.74 -21.36 -26.52
CA GLU JB 98 116.69 -21.45 -25.43
C GLU JB 98 117.49 -20.16 -25.24
N GLN JB 99 117.38 -19.21 -26.17
CA GLN JB 99 118.00 -17.91 -25.97
C GLN JB 99 117.19 -17.03 -25.02
N PHE JB 100 115.94 -17.39 -24.77
CA PHE JB 100 115.06 -16.62 -23.89
C PHE JB 100 114.87 -17.26 -22.53
N ARG JB 101 115.50 -18.40 -22.26
CA ARG JB 101 115.35 -19.08 -20.99
C ARG JB 101 116.15 -18.39 -19.89
N ALA KB 2 109.55 18.24 -32.29
CA ALA KB 2 110.20 17.21 -33.09
C ALA KB 2 109.70 15.83 -32.69
N VAL KB 3 110.16 15.38 -31.52
CA VAL KB 3 109.68 14.14 -30.96
C VAL KB 3 108.32 14.37 -30.31
N ALA KB 4 107.37 13.48 -30.59
CA ALA KB 4 106.01 13.64 -30.07
C ALA KB 4 105.97 13.45 -28.57
N VAL KB 5 104.89 13.94 -27.95
CA VAL KB 5 104.73 13.88 -26.50
C VAL KB 5 103.35 13.30 -26.19
N GLY KB 6 103.31 12.36 -25.26
CA GLY KB 6 102.05 11.82 -24.78
C GLY KB 6 101.98 11.88 -23.28
N MET KB 7 100.79 12.13 -22.77
CA MET KB 7 100.56 12.29 -21.34
C MET KB 7 99.38 11.43 -20.93
N ILE KB 8 99.51 10.74 -19.80
CA ILE KB 8 98.40 10.08 -19.14
C ILE KB 8 98.32 10.61 -17.73
N GLU KB 9 97.20 11.20 -17.36
CA GLU KB 9 96.98 11.66 -16.00
C GLU KB 9 96.06 10.69 -15.27
N THR KB 10 96.54 10.15 -14.16
CA THR KB 10 95.77 9.25 -13.34
C THR KB 10 95.52 9.88 -11.98
N LEU KB 11 94.53 9.35 -11.27
CA LEU KB 11 94.28 9.68 -9.88
C LEU KB 11 94.98 8.61 -9.03
N GLY KB 12 96.13 8.97 -8.48
CA GLY KB 12 96.87 8.04 -7.66
C GLY KB 12 98.21 7.63 -8.22
N PHE KB 13 99.18 7.40 -7.34
CA PHE KB 13 100.52 6.98 -7.73
C PHE KB 13 100.65 5.50 -8.13
N PRO KB 14 99.98 4.51 -7.51
CA PRO KB 14 100.05 3.15 -8.09
C PRO KB 14 99.43 3.04 -9.47
N ALA KB 15 98.46 3.88 -9.82
CA ALA KB 15 97.88 3.83 -11.14
C ALA KB 15 98.81 4.46 -12.18
N VAL KB 16 99.64 5.41 -11.75
CA VAL KB 16 100.47 6.13 -12.72
C VAL KB 16 101.76 5.38 -12.98
N VAL KB 17 102.14 4.44 -12.11
CA VAL KB 17 103.31 3.62 -12.36
C VAL KB 17 102.94 2.44 -13.27
N GLU KB 18 101.73 1.91 -13.09
CA GLU KB 18 101.24 0.89 -14.02
C GLU KB 18 100.96 1.48 -15.39
N ALA KB 19 100.51 2.73 -15.44
CA ALA KB 19 100.35 3.42 -16.72
C ALA KB 19 101.70 3.67 -17.38
N ALA KB 20 102.69 4.09 -16.59
CA ALA KB 20 104.02 4.36 -17.16
C ALA KB 20 104.73 3.09 -17.57
N ASP KB 21 104.49 1.98 -16.85
CA ASP KB 21 105.12 0.72 -17.21
C ASP KB 21 104.49 0.11 -18.45
N ALA KB 22 103.19 0.30 -18.64
CA ALA KB 22 102.52 -0.23 -19.82
C ALA KB 22 102.88 0.58 -21.06
N MET KB 23 103.28 1.84 -20.88
CA MET KB 23 103.60 2.69 -22.03
C MET KB 23 104.93 2.31 -22.64
N VAL KB 24 105.96 2.15 -21.81
CA VAL KB 24 107.30 1.91 -22.36
C VAL KB 24 107.48 0.47 -22.75
N LYS KB 25 106.56 -0.41 -22.37
CA LYS KB 25 106.60 -1.79 -22.82
C LYS KB 25 105.90 -1.96 -24.17
N ALA KB 26 104.86 -1.16 -24.40
CA ALA KB 26 104.01 -1.38 -25.57
C ALA KB 26 104.67 -0.86 -26.84
N ALA KB 27 105.45 0.21 -26.74
CA ALA KB 27 106.02 0.83 -27.93
C ALA KB 27 107.37 1.43 -27.61
N ARG KB 28 108.01 2.00 -28.64
CA ARG KB 28 109.34 2.59 -28.51
C ARG KB 28 109.20 4.06 -28.10
N VAL KB 29 108.76 4.24 -26.86
CA VAL KB 29 108.63 5.56 -26.27
C VAL KB 29 109.56 5.64 -25.07
N THR KB 30 109.96 6.85 -24.73
CA THR KB 30 110.80 7.12 -23.58
C THR KB 30 110.00 7.88 -22.55
N LEU KB 31 109.80 7.27 -21.39
CA LEU KB 31 109.27 7.98 -20.23
C LEU KB 31 110.29 9.01 -19.78
N VAL KB 32 109.93 10.28 -19.86
CA VAL KB 32 110.87 11.35 -19.54
C VAL KB 32 110.46 12.16 -18.33
N GLY KB 33 109.20 12.14 -17.94
CA GLY KB 33 108.70 13.11 -16.99
C GLY KB 33 107.65 12.53 -16.09
N TYR KB 34 107.33 13.29 -15.05
CA TYR KB 34 106.48 12.84 -13.95
C TYR KB 34 106.02 14.09 -13.22
N GLU KB 35 104.72 14.37 -13.29
CA GLU KB 35 104.19 15.66 -12.86
C GLU KB 35 103.08 15.47 -11.85
N LYS KB 36 103.16 16.23 -10.75
CA LYS KB 36 102.13 16.27 -9.73
C LYS KB 36 101.57 17.69 -9.68
N ILE KB 37 100.25 17.82 -9.76
CA ILE KB 37 99.60 19.12 -9.78
C ILE KB 37 98.63 19.29 -8.62
N GLY KB 38 98.50 18.28 -7.76
CA GLY KB 38 97.58 18.36 -6.64
C GLY KB 38 96.33 17.54 -6.86
N THR KB 39 95.60 17.33 -5.75
CA THR KB 39 94.46 16.41 -5.61
C THR KB 39 94.72 15.02 -6.16
N GLY KB 40 95.94 14.50 -6.00
CA GLY KB 40 96.25 13.17 -6.47
C GLY KB 40 96.34 13.02 -7.98
N ARG KB 41 96.23 14.11 -8.73
CA ARG KB 41 96.31 14.06 -10.19
C ARG KB 41 97.78 13.99 -10.58
N VAL KB 42 98.21 12.83 -11.05
CA VAL KB 42 99.60 12.56 -11.37
C VAL KB 42 99.71 12.23 -12.85
N THR KB 43 100.65 12.86 -13.53
CA THR KB 43 100.81 12.71 -14.97
C THR KB 43 102.20 12.16 -15.27
N VAL KB 44 102.27 11.17 -16.16
CA VAL KB 44 103.52 10.70 -16.73
C VAL KB 44 103.61 11.14 -18.18
N ILE KB 45 104.81 11.48 -18.62
CA ILE KB 45 105.06 12.06 -19.93
C ILE KB 45 106.00 11.13 -20.69
N VAL KB 46 105.56 10.68 -21.86
CA VAL KB 46 106.40 9.85 -22.73
C VAL KB 46 106.75 10.65 -23.98
N ARG KB 47 107.91 10.34 -24.54
CA ARG KB 47 108.36 10.91 -25.79
C ARG KB 47 108.67 9.80 -26.78
N GLY KB 48 108.25 9.99 -28.02
CA GLY KB 48 108.58 9.04 -29.06
C GLY KB 48 108.05 9.54 -30.39
N ASP KB 49 108.01 8.64 -31.36
CA ASP KB 49 107.26 8.93 -32.57
C ASP KB 49 105.77 8.96 -32.25
N VAL KB 50 105.01 9.70 -33.04
CA VAL KB 50 103.59 9.91 -32.76
C VAL KB 50 102.79 8.61 -32.91
N SER KB 51 103.23 7.70 -33.78
CA SER KB 51 102.60 6.40 -33.86
C SER KB 51 102.92 5.55 -32.64
N GLU KB 52 104.14 5.63 -32.14
CA GLU KB 52 104.51 4.90 -30.94
C GLU KB 52 103.88 5.52 -29.70
N VAL KB 53 103.72 6.83 -29.68
CA VAL KB 53 103.09 7.50 -28.55
C VAL KB 53 101.61 7.16 -28.49
N GLN KB 54 100.97 7.02 -29.65
CA GLN KB 54 99.55 6.66 -29.70
C GLN KB 54 99.32 5.22 -29.26
N ALA KB 55 100.26 4.33 -29.57
CA ALA KB 55 100.11 2.94 -29.16
C ALA KB 55 100.39 2.77 -27.67
N SER KB 56 101.28 3.59 -27.12
CA SER KB 56 101.62 3.48 -25.71
C SER KB 56 100.55 4.10 -24.82
N VAL KB 57 99.99 5.23 -25.25
CA VAL KB 57 98.97 5.92 -24.45
C VAL KB 57 97.68 5.10 -24.42
N SER KB 58 97.36 4.43 -25.53
CA SER KB 58 96.20 3.54 -25.56
C SER KB 58 96.42 2.31 -24.68
N ALA KB 59 97.67 1.84 -24.58
CA ALA KB 59 97.96 0.70 -23.74
C ALA KB 59 98.06 1.10 -22.26
N GLY KB 60 98.59 2.29 -21.99
CA GLY KB 60 98.68 2.75 -20.62
C GLY KB 60 97.34 3.12 -20.02
N THR KB 61 96.38 3.50 -20.87
CA THR KB 61 95.04 3.79 -20.39
C THR KB 61 94.31 2.52 -19.97
N GLU KB 62 94.48 1.45 -20.75
CA GLU KB 62 93.79 0.19 -20.46
C GLU KB 62 94.39 -0.52 -19.25
N SER KB 63 95.64 -0.23 -18.92
CA SER KB 63 96.30 -0.91 -17.80
C SER KB 63 95.92 -0.32 -16.45
N VAL KB 64 95.37 0.89 -16.43
CA VAL KB 64 94.91 1.47 -15.16
C VAL KB 64 93.63 0.79 -14.71
N LYS KB 65 92.87 0.23 -15.65
CA LYS KB 65 91.64 -0.50 -15.31
C LYS KB 65 91.90 -1.77 -14.51
N ARG KB 66 93.11 -2.31 -14.56
CA ARG KB 66 93.47 -3.44 -13.72
C ARG KB 66 93.95 -3.02 -12.33
N VAL KB 67 94.27 -1.74 -12.14
CA VAL KB 67 94.60 -1.22 -10.81
C VAL KB 67 93.29 -0.87 -10.10
N ASN KB 68 93.07 -1.47 -8.93
CA ASN KB 68 91.90 -1.15 -8.12
C ASN KB 68 92.25 0.02 -7.21
N GLY KB 69 91.60 1.16 -7.45
CA GLY KB 69 91.86 2.37 -6.71
C GLY KB 69 92.43 3.50 -7.54
N GLY KB 70 92.61 3.30 -8.85
CA GLY KB 70 93.09 4.35 -9.71
C GLY KB 70 92.28 4.41 -10.99
N GLN KB 71 92.20 5.62 -11.54
CA GLN KB 71 91.45 5.84 -12.76
C GLN KB 71 92.19 6.86 -13.61
N VAL KB 72 92.03 6.72 -14.93
CA VAL KB 72 92.60 7.67 -15.88
C VAL KB 72 91.73 8.91 -15.87
N LEU KB 73 92.34 10.07 -15.60
CA LEU KB 73 91.58 11.32 -15.61
C LEU KB 73 91.62 11.98 -16.97
N SER KB 74 92.80 12.01 -17.60
CA SER KB 74 92.95 12.69 -18.88
C SER KB 74 94.16 12.11 -19.61
N THR KB 75 94.00 11.95 -20.92
CA THR KB 75 95.09 11.56 -21.81
C THR KB 75 95.15 12.53 -22.98
N HIS KB 76 96.36 12.78 -23.46
CA HIS KB 76 96.52 13.61 -24.65
C HIS KB 76 97.83 13.28 -25.35
N ILE KB 77 97.82 13.48 -26.67
CA ILE KB 77 98.95 13.20 -27.55
C ILE KB 77 99.15 14.40 -28.45
N ILE KB 78 100.37 14.92 -28.53
CA ILE KB 78 100.72 16.00 -29.44
C ILE KB 78 101.79 15.47 -30.39
N ALA KB 79 101.54 15.60 -31.70
CA ALA KB 79 102.40 14.97 -32.71
C ALA KB 79 103.76 15.64 -32.77
N ARG KB 80 103.81 16.95 -32.59
CA ARG KB 80 105.06 17.70 -32.64
C ARG KB 80 104.86 18.94 -31.77
N PRO KB 81 105.31 18.90 -30.52
CA PRO KB 81 105.19 20.10 -29.67
C PRO KB 81 106.12 21.20 -30.14
N HIS KB 82 105.69 22.42 -29.89
CA HIS KB 82 106.51 23.60 -30.16
C HIS KB 82 107.72 23.60 -29.23
N GLU KB 83 108.82 24.18 -29.71
CA GLU KB 83 110.05 24.17 -28.91
C GLU KB 83 109.98 25.14 -27.74
N ASN KB 84 108.96 26.00 -27.70
CA ASN KB 84 108.68 26.79 -26.52
C ASN KB 84 108.27 25.92 -25.34
N LEU KB 85 107.67 24.76 -25.61
CA LEU KB 85 107.11 23.94 -24.53
C LEU KB 85 108.18 23.19 -23.76
N GLU KB 86 109.31 22.87 -24.38
CA GLU KB 86 110.34 22.11 -23.67
C GLU KB 86 111.05 22.95 -22.63
N TYR KB 87 111.03 24.28 -22.78
CA TYR KB 87 111.72 25.14 -21.83
C TYR KB 87 110.81 25.53 -20.67
N VAL KB 88 109.50 25.48 -20.87
CA VAL KB 88 108.57 25.87 -19.82
C VAL KB 88 107.96 24.65 -19.14
N LEU KB 89 107.53 23.68 -19.93
CA LEU KB 89 106.87 22.50 -19.40
C LEU KB 89 107.88 21.37 -19.22
N PRO KB 90 107.69 20.51 -18.21
CA PRO KB 90 108.61 19.38 -18.00
C PRO KB 90 108.31 18.18 -18.90
N ILE KB 91 108.42 18.39 -20.21
CA ILE KB 91 108.22 17.36 -21.21
C ILE KB 91 109.47 17.04 -21.98
N ARG KB 92 110.61 17.64 -21.62
CA ARG KB 92 111.83 17.47 -22.36
C ARG KB 92 112.60 16.23 -21.87
N TYR KB 93 113.52 15.78 -22.71
CA TYR KB 93 114.41 14.70 -22.33
C TYR KB 93 115.39 15.18 -21.29
N THR KB 94 115.40 14.52 -20.13
CA THR KB 94 116.44 14.78 -19.15
C THR KB 94 117.68 13.97 -19.51
N GLU KB 95 118.78 14.29 -18.84
CA GLU KB 95 120.04 13.60 -19.13
C GLU KB 95 120.09 12.21 -18.53
N GLU KB 96 119.16 11.91 -17.61
CA GLU KB 96 119.14 10.59 -17.00
C GLU KB 96 118.45 9.58 -17.93
N VAL KB 97 117.64 10.06 -18.86
CA VAL KB 97 116.83 9.18 -19.70
C VAL KB 97 117.30 9.18 -21.16
N GLU KB 98 118.51 9.69 -21.43
CA GLU KB 98 119.01 9.70 -22.79
C GLU KB 98 119.46 8.32 -23.25
N GLN KB 99 119.64 7.37 -22.33
CA GLN KB 99 120.00 6.01 -22.72
C GLN KB 99 118.82 5.23 -23.27
N PHE KB 100 117.60 5.71 -23.03
CA PHE KB 100 116.40 5.08 -23.54
C PHE KB 100 115.86 5.70 -24.81
N ARG KB 101 116.49 6.75 -25.31
CA ARG KB 101 115.99 7.46 -26.48
C ARG KB 101 116.27 6.70 -27.77
N MET LB 1 84.41 13.70 -62.77
CA MET LB 1 85.48 12.79 -62.38
C MET LB 1 86.75 13.03 -63.18
N GLN LB 2 87.87 12.64 -62.62
CA GLN LB 2 89.17 12.71 -63.28
C GLN LB 2 89.79 11.32 -63.28
N MET LB 3 90.56 11.04 -64.31
CA MET LB 3 91.36 9.82 -64.36
C MET LB 3 92.68 10.07 -63.65
N ALA LB 4 93.06 9.13 -62.78
CA ALA LB 4 94.26 9.28 -61.98
C ALA LB 4 94.96 7.95 -61.87
N LYS LB 5 96.26 8.01 -61.65
CA LYS LB 5 97.10 6.84 -61.41
C LYS LB 5 97.51 6.81 -59.95
N VAL LB 6 97.34 5.66 -59.30
CA VAL LB 6 97.70 5.49 -57.90
C VAL LB 6 99.23 5.48 -57.83
N CYS LB 7 99.81 6.51 -57.22
CA CYS LB 7 101.26 6.55 -57.09
C CYS LB 7 101.71 6.16 -55.68
N GLY LB 8 100.83 6.21 -54.71
CA GLY LB 8 101.22 5.78 -53.39
C GLY LB 8 100.15 5.98 -52.35
N THR LB 9 100.59 5.93 -51.09
CA THR LB 9 99.71 6.01 -49.93
C THR LB 9 100.17 7.13 -49.01
N VAL LB 10 99.22 7.73 -48.31
CA VAL LB 10 99.49 8.74 -47.29
C VAL LB 10 98.91 8.24 -45.98
N VAL LB 11 99.73 8.20 -44.94
CA VAL LB 11 99.32 7.75 -43.62
C VAL LB 11 99.42 8.92 -42.67
N GLY LB 12 98.33 9.22 -41.97
CA GLY LB 12 98.33 10.21 -40.91
C GLY LB 12 97.84 9.63 -39.60
N THR LB 13 98.60 9.82 -38.53
CA THR LB 13 98.19 9.29 -37.23
C THR LB 13 97.38 10.28 -36.41
N GLN LB 14 97.79 11.54 -36.35
CA GLN LB 14 97.00 12.60 -35.74
C GLN LB 14 96.08 13.17 -36.81
N LYS LB 15 94.79 12.91 -36.66
CA LYS LB 15 93.80 13.33 -37.63
C LYS LB 15 92.51 13.59 -36.87
N LEU LB 16 91.46 13.91 -37.63
CA LEU LB 16 90.15 13.99 -37.02
C LEU LB 16 89.65 12.59 -36.71
N PRO LB 17 88.80 12.43 -35.68
CA PRO LB 17 88.25 11.11 -35.39
C PRO LB 17 87.33 10.57 -36.47
N SER LB 18 86.72 11.45 -37.26
CA SER LB 18 85.92 11.03 -38.39
C SER LB 18 86.79 10.63 -39.59
N MET LB 19 88.09 10.92 -39.54
CA MET LB 19 89.02 10.47 -40.57
C MET LB 19 89.60 9.10 -40.27
N THR LB 20 89.15 8.44 -39.20
CA THR LB 20 89.69 7.14 -38.81
C THR LB 20 89.09 6.03 -39.66
N GLY LB 21 89.95 5.18 -40.21
CA GLY LB 21 89.51 4.11 -41.08
C GLY LB 21 89.49 4.45 -42.54
N VAL LB 22 89.70 5.71 -42.90
CA VAL LB 22 89.71 6.16 -44.29
C VAL LB 22 91.08 5.85 -44.87
N LYS LB 23 91.12 5.03 -45.91
CA LYS LB 23 92.36 4.72 -46.61
C LYS LB 23 92.66 5.85 -47.58
N LEU LB 24 93.87 6.39 -47.50
CA LEU LB 24 94.26 7.57 -48.27
C LEU LB 24 95.29 7.21 -49.32
N LEU LB 25 94.96 7.44 -50.58
CA LEU LB 25 95.84 7.15 -51.69
C LEU LB 25 96.33 8.44 -52.31
N LEU LB 26 97.61 8.45 -52.67
CA LEU LB 26 98.22 9.54 -53.42
C LEU LB 26 98.04 9.23 -54.90
N LEU LB 27 97.15 9.97 -55.56
CA LEU LB 27 96.84 9.76 -56.97
C LEU LB 27 97.38 10.91 -57.78
N GLN LB 28 98.15 10.59 -58.82
CA GLN LB 28 98.59 11.59 -59.79
C GLN LB 28 97.65 11.58 -60.98
N PHE LB 29 97.21 12.76 -61.40
CA PHE LB 29 96.27 12.85 -62.50
C PHE LB 29 96.97 12.56 -63.82
N ILE LB 30 96.29 11.81 -64.67
CA ILE LB 30 96.72 11.51 -66.02
C ILE LB 30 95.82 12.26 -66.98
N ASP LB 31 96.33 12.55 -68.18
CA ASP LB 31 95.54 13.32 -69.13
C ASP LB 31 94.63 12.40 -69.93
N ALA LB 32 94.02 12.96 -70.99
CA ALA LB 32 93.17 12.17 -71.87
C ALA LB 32 94.00 11.28 -72.79
N ASN LB 33 95.30 11.57 -72.93
CA ASN LB 33 96.16 10.75 -73.78
C ASN LB 33 96.87 9.66 -72.96
N GLY LB 34 96.83 9.75 -71.64
CA GLY LB 34 97.45 8.77 -70.77
C GLY LB 34 98.76 9.18 -70.14
N GLU LB 35 99.23 10.40 -70.38
CA GLU LB 35 100.47 10.89 -69.80
C GLU LB 35 100.20 11.51 -68.43
N LEU LB 36 101.19 11.44 -67.55
CA LEU LB 36 101.03 11.94 -66.20
C LEU LB 36 101.08 13.46 -66.18
N LEU LB 37 100.05 14.08 -65.60
CA LEU LB 37 100.02 15.51 -65.40
C LEU LB 37 100.78 15.89 -64.13
N PRO LB 38 101.36 17.10 -64.06
CA PRO LB 38 101.97 17.56 -62.80
C PRO LB 38 100.95 18.08 -61.81
N LYS LB 39 100.03 17.20 -61.40
CA LYS LB 39 98.96 17.53 -60.49
C LYS LB 39 98.55 16.25 -59.78
N TYR LB 40 98.28 16.34 -58.50
CA TYR LB 40 97.97 15.17 -57.68
C TYR LB 40 96.71 15.40 -56.86
N GLU LB 41 96.35 14.38 -56.10
CA GLU LB 41 95.25 14.42 -55.16
C GLU LB 41 95.48 13.35 -54.10
N VAL LB 42 94.94 13.57 -52.92
CA VAL LB 42 94.84 12.55 -51.89
C VAL LB 42 93.36 12.24 -51.71
N ALA LB 43 92.98 11.00 -51.98
CA ALA LB 43 91.57 10.64 -52.03
C ALA LB 43 91.30 9.43 -51.13
N ALA LB 44 90.07 9.38 -50.63
CA ALA LB 44 89.58 8.19 -49.97
C ALA LB 44 89.39 7.06 -50.99
N ASP LB 45 89.51 5.82 -50.52
CA ASP LB 45 89.52 4.65 -51.40
C ASP LB 45 88.59 3.58 -50.85
N PRO LB 46 87.29 3.66 -51.15
CA PRO LB 46 86.41 2.52 -50.81
C PRO LB 46 86.56 1.36 -51.77
N VAL LB 47 86.79 1.66 -53.05
CA VAL LB 47 87.03 0.67 -54.08
C VAL LB 47 88.51 0.34 -54.02
N GLY LB 48 88.86 -0.87 -53.57
CA GLY LB 48 90.23 -1.18 -53.19
C GLY LB 48 91.19 -1.19 -54.36
N ALA LB 49 92.03 -0.16 -54.45
CA ALA LB 49 92.92 0.03 -55.59
C ALA LB 49 94.36 0.07 -55.11
N GLY LB 50 95.24 -0.61 -55.84
CA GLY LB 50 96.64 -0.68 -55.49
C GLY LB 50 97.50 0.23 -56.35
N LEU LB 51 98.80 0.13 -56.13
CA LEU LB 51 99.74 1.05 -56.75
C LEU LB 51 99.91 0.74 -58.24
N GLY LB 52 99.77 1.79 -59.05
CA GLY LB 52 99.84 1.67 -60.48
C GLY LB 52 98.51 1.60 -61.19
N GLU LB 53 97.42 1.44 -60.43
CA GLU LB 53 96.09 1.31 -61.01
C GLU LB 53 95.58 2.63 -61.53
N TRP LB 54 94.76 2.55 -62.58
CA TRP LB 54 94.05 3.70 -63.12
C TRP LB 54 92.69 3.79 -62.45
N VAL LB 55 92.39 4.94 -61.85
CA VAL LB 55 91.16 5.10 -61.09
C VAL LB 55 90.43 6.35 -61.58
N LEU LB 56 89.13 6.38 -61.29
CA LEU LB 56 88.34 7.60 -61.40
C LEU LB 56 88.16 8.18 -60.01
N VAL LB 57 88.48 9.45 -59.86
CA VAL LB 57 88.38 10.15 -58.60
C VAL LB 57 87.47 11.36 -58.77
N ASN LB 58 86.50 11.51 -57.87
CA ASN LB 58 85.61 12.65 -57.92
C ASN LB 58 86.15 13.76 -57.04
N ARG LB 59 85.45 14.88 -56.99
CA ARG LB 59 85.90 16.05 -56.26
C ARG LB 59 84.72 16.65 -55.53
N GLY LB 60 85.02 17.27 -54.39
CA GLY LB 60 84.02 18.03 -53.68
C GLY LB 60 83.07 17.22 -52.83
N SER LB 61 81.80 17.60 -52.82
CA SER LB 61 80.80 16.97 -51.96
C SER LB 61 80.31 15.64 -52.51
N ALA LB 62 80.75 15.24 -53.70
CA ALA LB 62 80.44 13.92 -54.23
C ALA LB 62 81.20 12.83 -53.52
N ALA LB 63 82.30 13.17 -52.84
CA ALA LB 63 83.04 12.21 -52.03
C ALA LB 63 82.28 11.78 -50.79
N ARG LB 64 81.26 12.54 -50.38
CA ARG LB 64 80.49 12.25 -49.18
C ARG LB 64 79.15 11.61 -49.49
N GLN LB 65 79.04 10.88 -50.59
CA GLN LB 65 77.78 10.28 -51.01
C GLN LB 65 77.74 8.76 -50.81
N THR LB 66 78.72 8.20 -50.12
CA THR LB 66 78.94 6.75 -50.15
C THR LB 66 78.29 6.10 -48.93
N GLU LB 67 77.48 6.86 -48.20
CA GLU LB 67 76.66 6.51 -47.02
C GLU LB 67 77.47 6.02 -45.82
N TYR LB 68 78.80 5.95 -45.94
CA TYR LB 68 79.69 5.89 -44.79
C TYR LB 68 80.74 6.98 -44.82
N HIS LB 69 80.75 7.79 -45.88
CA HIS LB 69 81.60 8.97 -45.99
C HIS LB 69 80.81 10.26 -45.77
N GLN LB 70 79.61 10.15 -45.21
CA GLN LB 70 78.63 11.25 -45.31
C GLN LB 70 79.00 12.43 -44.43
N ASN LB 71 79.40 12.18 -43.18
CA ASN LB 71 79.77 13.25 -42.27
C ASN LB 71 81.27 13.33 -42.09
N ARG LB 72 82.02 12.78 -43.03
CA ARG LB 72 83.47 12.73 -43.05
C ARG LB 72 84.02 13.90 -43.87
N PRO LB 73 85.09 14.54 -43.43
CA PRO LB 73 85.66 15.70 -44.15
C PRO LB 73 86.49 15.28 -45.36
N LEU LB 74 85.81 14.76 -46.38
CA LEU LB 74 86.44 14.25 -47.58
C LEU LB 74 85.99 15.05 -48.78
N ASP LB 75 86.95 15.50 -49.59
CA ASP LB 75 86.65 16.24 -50.81
C ASP LB 75 87.16 15.52 -52.06
N ALA LB 76 87.64 14.28 -51.92
CA ALA LB 76 88.11 13.50 -53.05
C ALA LB 76 87.98 12.04 -52.69
N MET LB 77 87.58 11.22 -53.66
CA MET LB 77 87.31 9.81 -53.40
C MET LB 77 87.45 9.03 -54.68
N VAL LB 78 88.12 7.88 -54.62
CA VAL LB 78 88.14 6.95 -55.75
C VAL LB 78 86.76 6.32 -55.87
N VAL LB 79 86.11 6.53 -57.01
CA VAL LB 79 84.79 5.97 -57.23
C VAL LB 79 84.82 4.69 -58.07
N ALA LB 80 85.86 4.48 -58.86
CA ALA LB 80 85.90 3.36 -59.78
C ALA LB 80 87.34 3.05 -60.12
N ILE LB 81 87.62 1.77 -60.28
CA ILE LB 81 88.86 1.30 -60.89
C ILE LB 81 88.61 1.20 -62.38
N ILE LB 82 89.44 1.87 -63.17
CA ILE LB 82 89.23 1.92 -64.61
C ILE LB 82 89.62 0.59 -65.21
N ASP LB 83 88.67 -0.04 -65.93
CA ASP LB 83 88.99 -1.22 -66.71
C ASP LB 83 89.59 -0.86 -68.05
N THR LB 84 88.86 -0.12 -68.88
CA THR LB 84 89.35 0.26 -70.19
C THR LB 84 88.93 1.68 -70.52
N VAL LB 85 89.78 2.37 -71.29
CA VAL LB 85 89.49 3.68 -71.83
C VAL LB 85 89.58 3.60 -73.34
N THR LB 86 88.49 3.94 -74.01
CA THR LB 86 88.44 3.99 -75.47
C THR LB 86 88.41 5.45 -75.88
N VAL LB 87 89.34 5.85 -76.74
CA VAL LB 87 89.40 7.22 -77.25
C VAL LB 87 89.37 7.13 -78.78
N ASN LB 88 88.36 7.76 -79.38
CA ASN LB 88 88.14 7.80 -80.84
C ASN LB 88 88.01 6.39 -81.41
N ASN LB 89 87.23 5.55 -80.73
CA ASN LB 89 87.01 4.12 -80.99
C ASN LB 89 88.29 3.29 -80.95
N ARG LB 90 89.34 3.79 -80.32
CA ARG LB 90 90.60 3.07 -80.16
C ARG LB 90 90.87 2.90 -78.67
N ARG LB 91 91.21 1.68 -78.28
CA ARG LB 91 91.45 1.39 -76.87
C ARG LB 91 92.76 2.03 -76.42
N LEU LB 92 92.66 2.90 -75.41
CA LEU LB 92 93.81 3.55 -74.81
C LEU LB 92 94.39 2.78 -73.63
N TYR LB 93 93.53 2.18 -72.82
CA TYR LB 93 93.94 1.48 -71.61
C TYR LB 93 93.20 0.16 -71.53
N GLY LB 94 93.84 -0.83 -70.92
CA GLY LB 94 93.23 -2.13 -70.75
C GLY LB 94 93.49 -3.07 -71.91
N ALA MB 2 102.49 47.09 -20.23
CA ALA MB 2 103.56 46.34 -20.87
C ALA MB 2 103.02 45.46 -22.00
N VAL MB 3 103.82 44.47 -22.39
CA VAL MB 3 103.41 43.50 -23.40
C VAL MB 3 102.26 42.66 -22.86
N ALA MB 4 101.26 42.39 -23.72
CA ALA MB 4 100.02 41.74 -23.29
C ALA MB 4 100.25 40.33 -22.76
N VAL MB 5 99.42 39.94 -21.81
CA VAL MB 5 99.54 38.65 -21.14
C VAL MB 5 98.21 37.90 -21.27
N GLY MB 6 98.29 36.64 -21.65
CA GLY MB 6 97.12 35.77 -21.70
C GLY MB 6 97.32 34.58 -20.78
N MET MB 7 96.24 34.16 -20.15
CA MET MB 7 96.26 33.04 -19.22
C MET MB 7 95.13 32.09 -19.56
N ILE MB 8 95.42 30.80 -19.58
CA ILE MB 8 94.40 29.76 -19.66
C ILE MB 8 94.60 28.84 -18.47
N GLU MB 9 93.59 28.76 -17.61
CA GLU MB 9 93.60 27.86 -16.47
C GLU MB 9 92.78 26.63 -16.78
N THR MB 10 93.42 25.46 -16.70
CA THR MB 10 92.74 24.20 -16.94
C THR MB 10 92.80 23.33 -15.69
N LEU MB 11 91.92 22.35 -15.65
CA LEU MB 11 91.92 21.33 -14.61
C LEU MB 11 92.61 20.10 -15.18
N GLY MB 12 93.90 19.97 -14.93
CA GLY MB 12 94.65 18.84 -15.45
C GLY MB 12 95.87 19.22 -16.28
N PHE MB 13 96.91 18.40 -16.19
CA PHE MB 13 98.15 18.61 -16.94
C PHE MB 13 98.10 18.26 -18.43
N PRO MB 14 97.40 17.21 -18.90
CA PRO MB 14 97.25 17.06 -20.36
C PRO MB 14 96.44 18.17 -21.01
N ALA MB 15 95.53 18.79 -20.27
CA ALA MB 15 94.75 19.89 -20.85
C ALA MB 15 95.55 21.18 -20.88
N VAL MB 16 96.53 21.32 -19.99
CA VAL MB 16 97.28 22.57 -19.94
C VAL MB 16 98.45 22.54 -20.91
N VAL MB 17 98.87 21.35 -21.33
CA VAL MB 17 99.92 21.25 -22.34
C VAL MB 17 99.32 21.45 -23.72
N GLU MB 18 98.12 20.93 -23.95
CA GLU MB 18 97.39 21.25 -25.18
C GLU MB 18 97.01 22.71 -25.25
N ALA MB 19 96.69 23.32 -24.10
CA ALA MB 19 96.46 24.76 -24.07
C ALA MB 19 97.75 25.53 -24.39
N ALA MB 20 98.87 25.09 -23.83
CA ALA MB 20 100.14 25.77 -24.11
C ALA MB 20 100.62 25.52 -25.53
N ASP MB 21 100.34 24.33 -26.07
CA ASP MB 21 100.80 24.00 -27.41
C ASP MB 21 99.98 24.70 -28.47
N ALA MB 22 98.65 24.78 -28.29
CA ALA MB 22 97.81 25.40 -29.29
C ALA MB 22 97.92 26.92 -29.27
N MET MB 23 98.36 27.49 -28.14
CA MET MB 23 98.49 28.93 -28.06
C MET MB 23 99.70 29.41 -28.87
N VAL MB 24 100.83 28.72 -28.75
CA VAL MB 24 102.01 29.17 -29.47
C VAL MB 24 101.99 28.67 -30.91
N LYS MB 25 101.03 27.82 -31.26
CA LYS MB 25 100.89 27.39 -32.64
C LYS MB 25 99.85 28.23 -33.39
N ALA MB 26 98.96 28.89 -32.66
CA ALA MB 26 97.93 29.69 -33.32
C ALA MB 26 98.45 31.07 -33.71
N ALA MB 27 99.36 31.62 -32.93
CA ALA MB 27 99.81 32.99 -33.13
C ALA MB 27 101.24 33.13 -32.66
N ARG MB 28 101.79 34.34 -32.81
CA ARG MB 28 103.16 34.64 -32.46
C ARG MB 28 103.19 35.13 -31.01
N VAL MB 29 102.96 34.20 -30.10
CA VAL MB 29 103.06 34.46 -28.67
C VAL MB 29 104.23 33.68 -28.10
N THR MB 30 104.66 34.07 -26.91
CA THR MB 30 105.73 33.39 -26.20
C THR MB 30 105.17 32.84 -24.90
N LEU MB 31 105.10 31.51 -24.81
CA LEU MB 31 104.78 30.85 -23.55
C LEU MB 31 105.92 31.08 -22.57
N VAL MB 32 105.66 31.84 -21.52
CA VAL MB 32 106.70 32.22 -20.57
C VAL MB 32 106.54 31.52 -19.23
N GLY MB 33 105.36 31.05 -18.89
CA GLY MB 33 105.07 30.72 -17.51
C GLY MB 33 104.21 29.48 -17.39
N TYR MB 34 104.18 28.94 -16.18
CA TYR MB 34 103.53 27.69 -15.86
C TYR MB 34 103.26 27.70 -14.37
N GLU MB 35 102.00 27.81 -13.99
CA GLU MB 35 101.66 28.09 -12.59
C GLU MB 35 100.70 27.04 -12.06
N LYS MB 36 101.07 26.45 -10.93
CA LYS MB 36 100.23 25.50 -10.20
C LYS MB 36 99.80 26.16 -8.90
N ILE MB 37 98.50 26.19 -8.66
CA ILE MB 37 97.93 26.83 -7.48
C ILE MB 37 97.17 25.84 -6.61
N GLY MB 38 97.24 24.55 -6.91
CA GLY MB 38 96.58 23.55 -6.11
C GLY MB 38 95.23 23.13 -6.69
N THR MB 39 94.77 21.96 -6.21
CA THR MB 39 93.59 21.23 -6.69
C THR MB 39 93.54 21.06 -8.19
N GLY MB 40 94.69 20.84 -8.83
CA GLY MB 40 94.71 20.59 -10.26
C GLY MB 40 94.49 21.79 -11.15
N ARG MB 41 94.26 22.97 -10.57
CA ARG MB 41 94.11 24.19 -11.35
C ARG MB 41 95.50 24.62 -11.83
N VAL MB 42 95.76 24.44 -13.12
CA VAL MB 42 97.06 24.70 -13.71
C VAL MB 42 96.89 25.78 -14.77
N THR MB 43 97.76 26.79 -14.73
CA THR MB 43 97.68 27.93 -15.62
C THR MB 43 98.96 28.07 -16.43
N VAL MB 44 98.83 28.23 -17.73
CA VAL MB 44 99.92 28.63 -18.60
C VAL MB 44 99.76 30.09 -18.98
N ILE MB 45 100.88 30.78 -19.13
CA ILE MB 45 100.92 32.23 -19.31
C ILE MB 45 101.70 32.52 -20.58
N VAL MB 46 101.07 33.21 -21.52
CA VAL MB 46 101.74 33.61 -22.75
C VAL MB 46 101.87 35.13 -22.77
N ARG MB 47 102.89 35.61 -23.47
CA ARG MB 47 103.09 37.02 -23.71
C ARG MB 47 103.15 37.27 -25.22
N GLY MB 48 102.84 38.50 -25.61
CA GLY MB 48 102.91 38.85 -27.02
C GLY MB 48 102.06 40.06 -27.30
N ASP MB 49 101.91 40.36 -28.57
CA ASP MB 49 101.03 41.44 -28.99
C ASP MB 49 99.58 41.08 -28.73
N VAL MB 50 98.73 42.11 -28.71
CA VAL MB 50 97.33 41.93 -28.31
C VAL MB 50 96.58 41.13 -29.36
N SER MB 51 96.91 41.34 -30.64
CA SER MB 51 96.30 40.54 -31.71
C SER MB 51 96.72 39.08 -31.62
N GLU MB 52 97.95 38.82 -31.21
CA GLU MB 52 98.42 37.46 -31.09
C GLU MB 52 97.86 36.77 -29.85
N VAL MB 53 97.78 37.49 -28.73
CA VAL MB 53 97.32 36.90 -27.48
C VAL MB 53 95.83 36.63 -27.53
N GLN MB 54 95.05 37.51 -28.16
CA GLN MB 54 93.62 37.29 -28.34
C GLN MB 54 93.37 36.10 -29.25
N ALA MB 55 94.19 35.92 -30.27
CA ALA MB 55 94.03 34.78 -31.18
C ALA MB 55 94.47 33.49 -30.53
N SER MB 56 95.53 33.54 -29.71
CA SER MB 56 96.06 32.34 -29.10
C SER MB 56 95.16 31.82 -27.98
N VAL MB 57 94.66 32.72 -27.13
CA VAL MB 57 93.83 32.31 -25.99
C VAL MB 57 92.49 31.79 -26.47
N SER MB 58 91.93 32.41 -27.53
CA SER MB 58 90.67 31.94 -28.08
C SER MB 58 90.82 30.60 -28.79
N ALA MB 59 91.98 30.36 -29.42
CA ALA MB 59 92.21 29.08 -30.07
C ALA MB 59 92.70 28.04 -29.07
N GLY MB 60 93.41 28.49 -28.02
CA GLY MB 60 93.82 27.57 -26.98
C GLY MB 60 92.67 27.09 -26.12
N THR MB 61 91.59 27.88 -26.04
CA THR MB 61 90.43 27.47 -25.27
C THR MB 61 89.65 26.36 -26.00
N GLU MB 62 89.51 26.49 -27.31
CA GLU MB 62 88.75 25.51 -28.08
C GLU MB 62 89.51 24.19 -28.23
N SER MB 63 90.84 24.23 -28.10
CA SER MB 63 91.62 23.01 -28.25
C SER MB 63 91.55 22.13 -27.01
N VAL MB 64 91.34 22.74 -25.83
CA VAL MB 64 91.21 21.97 -24.59
C VAL MB 64 89.95 21.14 -24.57
N LYS MB 65 88.86 21.61 -25.16
CA LYS MB 65 87.65 20.81 -25.29
C LYS MB 65 87.70 19.93 -26.55
N ARG MB 66 88.84 19.28 -26.75
CA ARG MB 66 89.05 18.22 -27.73
C ARG MB 66 89.94 17.19 -27.05
N VAL MB 67 90.27 17.45 -25.79
CA VAL MB 67 91.02 16.55 -24.92
C VAL MB 67 90.03 15.85 -24.01
N ASN MB 68 90.15 14.54 -23.89
CA ASN MB 68 89.29 13.79 -22.98
C ASN MB 68 89.73 14.05 -21.54
N GLY MB 69 88.78 14.42 -20.70
CA GLY MB 69 89.13 14.82 -19.34
C GLY MB 69 89.66 16.23 -19.23
N GLY MB 70 89.61 17.01 -20.31
CA GLY MB 70 90.10 18.38 -20.32
C GLY MB 70 88.98 19.35 -20.03
N GLN MB 71 89.28 20.36 -19.22
CA GLN MB 71 88.29 21.34 -18.80
C GLN MB 71 88.96 22.69 -18.63
N VAL MB 72 88.44 23.71 -19.30
CA VAL MB 72 88.91 25.08 -19.13
C VAL MB 72 88.21 25.65 -17.90
N LEU MB 73 88.99 26.07 -16.91
CA LEU MB 73 88.41 26.68 -15.73
C LEU MB 73 88.25 28.19 -15.91
N SER MB 74 89.30 28.85 -16.40
CA SER MB 74 89.30 30.30 -16.47
C SER MB 74 90.30 30.74 -17.52
N THR MB 75 89.87 31.70 -18.35
CA THR MB 75 90.73 32.31 -19.36
C THR MB 75 90.65 33.81 -19.21
N HIS MB 76 91.76 34.50 -19.48
CA HIS MB 76 91.77 35.95 -19.44
C HIS MB 76 92.91 36.49 -20.29
N ILE MB 77 92.68 37.68 -20.85
CA ILE MB 77 93.68 38.45 -21.57
C ILE MB 77 93.76 39.83 -20.95
N ILE MB 78 94.95 40.25 -20.55
CA ILE MB 78 95.22 41.61 -20.15
C ILE MB 78 96.06 42.25 -21.24
N ALA MB 79 95.49 43.22 -21.95
CA ALA MB 79 96.12 43.76 -23.15
C ALA MB 79 97.30 44.65 -22.81
N ARG MB 80 97.29 45.27 -21.63
CA ARG MB 80 98.36 46.18 -21.23
C ARG MB 80 98.52 46.07 -19.73
N PRO MB 81 99.27 45.08 -19.26
CA PRO MB 81 99.49 44.94 -17.83
C PRO MB 81 100.44 46.01 -17.31
N HIS MB 82 100.23 46.38 -16.05
CA HIS MB 82 101.09 47.33 -15.38
C HIS MB 82 102.48 46.73 -15.18
N GLU MB 83 103.48 47.60 -15.15
CA GLU MB 83 104.86 47.15 -14.97
C GLU MB 83 105.15 46.69 -13.53
N ASN MB 84 104.22 46.94 -12.60
CA ASN MB 84 104.31 46.36 -11.26
C ASN MB 84 104.09 44.86 -11.27
N LEU MB 85 103.34 44.35 -12.25
CA LEU MB 85 102.86 42.97 -12.19
C LEU MB 85 103.94 41.95 -12.53
N GLU MB 86 104.92 42.33 -13.36
CA GLU MB 86 105.94 41.37 -13.76
C GLU MB 86 106.90 41.07 -12.63
N TYR MB 87 107.04 41.99 -11.67
CA TYR MB 87 107.98 41.77 -10.58
C TYR MB 87 107.35 40.94 -9.47
N VAL MB 88 106.03 40.89 -9.41
CA VAL MB 88 105.36 40.15 -8.33
C VAL MB 88 104.77 38.85 -8.85
N LEU MB 89 104.09 38.91 -9.95
CA LEU MB 89 103.45 37.73 -10.52
C LEU MB 89 104.38 37.03 -11.50
N PRO MB 90 104.30 35.71 -11.62
CA PRO MB 90 105.17 34.98 -12.57
C PRO MB 90 104.66 35.02 -14.00
N ILE MB 91 104.55 36.23 -14.55
CA ILE MB 91 104.13 36.45 -15.92
C ILE MB 91 105.22 37.07 -16.77
N ARG MB 92 106.45 37.17 -16.25
CA ARG MB 92 107.50 37.89 -16.94
C ARG MB 92 108.30 36.95 -17.83
N TYR MB 93 109.05 37.55 -18.74
CA TYR MB 93 109.95 36.80 -19.61
C TYR MB 93 111.14 36.30 -18.82
N THR MB 94 111.38 34.99 -18.87
CA THR MB 94 112.57 34.42 -18.27
C THR MB 94 113.65 34.23 -19.34
N GLU MB 95 114.84 33.84 -18.89
CA GLU MB 95 115.99 33.81 -19.81
C GLU MB 95 115.98 32.58 -20.70
N GLU MB 96 115.15 31.58 -20.39
CA GLU MB 96 115.08 30.41 -21.26
C GLU MB 96 114.10 30.65 -22.42
N VAL MB 97 113.24 31.65 -22.30
CA VAL MB 97 112.25 31.94 -23.34
C VAL MB 97 112.57 33.24 -24.07
N GLU MB 98 113.81 33.74 -23.96
CA GLU MB 98 114.18 34.96 -24.67
C GLU MB 98 114.40 34.73 -26.16
N GLN MB 99 114.56 33.48 -26.59
CA GLN MB 99 114.74 33.21 -28.02
C GLN MB 99 113.42 33.27 -28.77
N PHE MB 100 112.30 33.11 -28.07
CA PHE MB 100 110.99 33.09 -28.70
C PHE MB 100 110.28 34.43 -28.70
N ARG MB 101 110.86 35.45 -28.09
CA ARG MB 101 110.23 36.77 -28.03
C ARG MB 101 110.31 37.49 -29.37
N ALA NB 2 102.10 50.62 10.06
CA ALA NB 2 102.71 50.92 8.76
C ALA NB 2 101.65 51.46 7.81
N VAL NB 3 101.99 51.52 6.52
CA VAL NB 3 101.05 51.98 5.51
C VAL NB 3 100.07 50.84 5.22
N ALA NB 4 98.91 51.16 4.64
CA ALA NB 4 97.77 50.25 4.66
C ALA NB 4 97.98 49.04 3.74
N VAL NB 5 97.26 47.97 4.06
CA VAL NB 5 97.36 46.69 3.35
C VAL NB 5 96.00 46.39 2.75
N GLY NB 6 95.97 46.03 1.48
CA GLY NB 6 94.78 45.49 0.85
C GLY NB 6 95.06 44.12 0.28
N MET NB 7 94.13 43.20 0.51
CA MET NB 7 94.25 41.84 0.04
C MET NB 7 92.97 41.44 -0.68
N ILE NB 8 93.12 40.85 -1.85
CA ILE NB 8 92.02 40.21 -2.57
C ILE NB 8 92.38 38.75 -2.76
N GLU NB 9 91.56 37.86 -2.23
CA GLU NB 9 91.73 36.43 -2.43
C GLU NB 9 90.75 35.95 -3.48
N THR NB 10 91.26 35.32 -4.54
CA THR NB 10 90.43 34.79 -5.60
C THR NB 10 90.64 33.29 -5.72
N LEU NB 11 89.67 32.64 -6.36
CA LEU NB 11 89.77 31.24 -6.74
C LEU NB 11 90.23 31.19 -8.19
N GLY NB 12 91.53 30.98 -8.38
CA GLY NB 12 92.06 30.92 -9.73
C GLY NB 12 93.11 31.97 -10.01
N PHE NB 13 94.09 31.61 -10.82
CA PHE NB 13 95.18 32.50 -11.20
C PHE NB 13 94.83 33.54 -12.28
N PRO NB 14 94.01 33.28 -13.30
CA PRO NB 14 93.60 34.40 -14.18
C PRO NB 14 92.76 35.45 -13.48
N ALA NB 15 92.04 35.08 -12.42
CA ALA NB 15 91.26 36.07 -11.68
C ALA NB 15 92.14 36.92 -10.79
N VAL NB 16 93.31 36.41 -10.39
CA VAL NB 16 94.13 37.14 -9.43
C VAL NB 16 95.06 38.10 -10.15
N VAL NB 17 95.29 37.89 -11.44
CA VAL NB 17 96.13 38.80 -12.21
C VAL NB 17 95.30 39.97 -12.73
N GLU NB 18 94.04 39.71 -13.06
CA GLU NB 18 93.12 40.80 -13.41
C GLU NB 18 92.77 41.64 -12.19
N ALA NB 19 92.67 41.00 -11.02
CA ALA NB 19 92.47 41.76 -9.79
C ALA NB 19 93.68 42.60 -9.45
N ALA NB 20 94.89 42.06 -9.65
CA ALA NB 20 96.10 42.81 -9.36
C ALA NB 20 96.33 43.92 -10.37
N ASP NB 21 95.93 43.71 -11.63
CA ASP NB 21 96.11 44.74 -12.64
C ASP NB 21 95.09 45.85 -12.50
N ALA NB 22 93.88 45.51 -12.02
CA ALA NB 22 92.88 46.54 -11.78
C ALA NB 22 93.22 47.37 -10.57
N MET NB 23 93.95 46.79 -9.60
CA MET NB 23 94.23 47.50 -8.36
C MET NB 23 95.27 48.59 -8.57
N VAL NB 24 96.35 48.28 -9.28
CA VAL NB 24 97.43 49.24 -9.42
C VAL NB 24 97.12 50.27 -10.50
N LYS NB 25 96.07 50.04 -11.28
CA LYS NB 25 95.63 51.05 -12.24
C LYS NB 25 94.59 51.99 -11.63
N ALA NB 26 93.85 51.51 -10.64
CA ALA NB 26 92.75 52.29 -10.09
C ALA NB 26 93.25 53.37 -9.14
N ALA NB 27 94.36 53.13 -8.45
CA ALA NB 27 94.82 54.05 -7.43
C ALA NB 27 96.33 53.94 -7.29
N ARG NB 28 96.88 54.74 -6.36
CA ARG NB 28 98.32 54.81 -6.12
C ARG NB 28 98.71 53.78 -5.07
N VAL NB 29 98.51 52.52 -5.42
CA VAL NB 29 98.91 51.40 -4.58
C VAL NB 29 100.08 50.69 -5.25
N THR NB 30 100.82 49.95 -4.45
CA THR NB 30 101.92 49.13 -4.93
C THR NB 30 101.59 47.68 -4.67
N LEU NB 31 101.45 46.89 -5.72
CA LEU NB 31 101.37 45.45 -5.59
C LEU NB 31 102.72 44.93 -5.09
N VAL NB 32 102.74 44.40 -3.88
CA VAL NB 32 103.99 43.94 -3.27
C VAL NB 32 104.03 42.44 -3.09
N GLY NB 33 102.91 41.75 -3.11
CA GLY NB 33 102.85 40.40 -2.63
C GLY NB 33 101.92 39.55 -3.45
N TYR NB 34 102.13 38.24 -3.36
CA TYR NB 34 101.37 37.26 -4.13
C TYR NB 34 101.50 35.94 -3.38
N GLU NB 35 100.39 35.41 -2.89
CA GLU NB 35 100.43 34.32 -1.93
C GLU NB 35 99.51 33.19 -2.38
N LYS NB 36 100.04 31.96 -2.34
CA LYS NB 36 99.28 30.75 -2.60
C LYS NB 36 99.18 29.97 -1.31
N ILE NB 37 97.95 29.60 -0.94
CA ILE NB 37 97.69 28.88 0.30
C ILE NB 37 97.01 27.54 0.06
N GLY NB 38 96.80 27.16 -1.20
CA GLY NB 38 96.19 25.90 -1.53
C GLY NB 38 94.72 26.01 -1.90
N THR NB 39 94.21 24.92 -2.48
CA THR NB 39 92.88 24.79 -3.11
C THR NB 39 92.56 25.92 -4.08
N GLY NB 40 93.55 26.42 -4.81
CA GLY NB 40 93.30 27.49 -5.74
C GLY NB 40 93.05 28.84 -5.12
N ARG NB 41 93.20 28.98 -3.80
CA ARG NB 41 93.01 30.25 -3.13
C ARG NB 41 94.28 31.06 -3.26
N VAL NB 42 94.24 32.09 -4.09
CA VAL NB 42 95.40 32.91 -4.41
C VAL NB 42 95.12 34.33 -3.98
N THR NB 43 96.08 34.96 -3.31
CA THR NB 43 95.92 36.29 -2.74
C THR NB 43 96.98 37.22 -3.30
N VAL NB 44 96.57 38.39 -3.78
CA VAL NB 44 97.47 39.47 -4.12
C VAL NB 44 97.33 40.57 -3.09
N ILE NB 45 98.44 41.22 -2.77
CA ILE NB 45 98.55 42.14 -1.65
C ILE NB 45 99.06 43.48 -2.18
N VAL NB 46 98.33 44.55 -1.89
CA VAL NB 46 98.73 45.90 -2.28
C VAL NB 46 99.03 46.71 -1.04
N ARG NB 47 99.92 47.70 -1.20
CA ARG NB 47 100.25 48.65 -0.15
C ARG NB 47 100.04 50.07 -0.66
N GLY NB 48 99.50 50.92 0.20
CA GLY NB 48 99.34 52.31 -0.14
C GLY NB 48 98.60 53.01 0.98
N ASP NB 49 98.22 54.26 0.71
CA ASP NB 49 97.36 54.97 1.65
C ASP NB 49 95.98 54.31 1.69
N VAL NB 50 95.30 54.48 2.82
CA VAL NB 50 94.05 53.75 3.08
C VAL NB 50 92.95 54.14 2.11
N SER NB 51 92.92 55.40 1.65
CA SER NB 51 91.95 55.80 0.64
C SER NB 51 92.30 55.20 -0.72
N GLU NB 52 93.60 55.11 -1.02
CA GLU NB 52 94.02 54.49 -2.27
C GLU NB 52 93.83 52.97 -2.22
N VAL NB 53 94.05 52.38 -1.05
CA VAL NB 53 93.87 50.94 -0.92
C VAL NB 53 92.40 50.57 -0.99
N GLN NB 54 91.54 51.42 -0.40
CA GLN NB 54 90.09 51.19 -0.49
C GLN NB 54 89.58 51.35 -1.90
N ALA NB 55 90.13 52.31 -2.65
CA ALA NB 55 89.69 52.53 -4.02
C ALA NB 55 90.18 51.43 -4.95
N SER NB 56 91.32 50.82 -4.61
CA SER NB 56 91.88 49.78 -5.48
C SER NB 56 91.24 48.43 -5.21
N VAL NB 57 91.06 48.07 -3.93
CA VAL NB 57 90.55 46.76 -3.56
C VAL NB 57 89.10 46.60 -4.01
N SER NB 58 88.32 47.67 -3.95
CA SER NB 58 86.96 47.62 -4.48
C SER NB 58 86.96 47.54 -6.00
N ALA NB 59 87.93 48.18 -6.65
CA ALA NB 59 87.99 48.13 -8.11
C ALA NB 59 88.58 46.81 -8.60
N GLY NB 60 89.45 46.18 -7.80
CA GLY NB 60 89.95 44.87 -8.14
C GLY NB 60 88.92 43.78 -7.95
N THR NB 61 87.91 44.02 -7.11
CA THR NB 61 86.85 43.03 -6.91
C THR NB 61 85.89 43.02 -8.08
N GLU NB 62 85.60 44.19 -8.67
CA GLU NB 62 84.65 44.24 -9.77
C GLU NB 62 85.25 43.71 -11.07
N SER NB 63 86.57 43.74 -11.20
CA SER NB 63 87.21 43.31 -12.43
C SER NB 63 87.32 41.79 -12.52
N VAL NB 64 87.14 41.07 -11.41
CA VAL NB 64 87.12 39.62 -11.46
C VAL NB 64 85.84 39.12 -12.14
N LYS NB 65 84.78 39.94 -12.12
CA LYS NB 65 83.56 39.60 -12.85
C LYS NB 65 83.77 39.64 -14.37
N ARG NB 66 84.79 40.37 -14.84
CA ARG NB 66 85.16 40.29 -16.25
C ARG NB 66 85.73 38.92 -16.60
N VAL NB 67 86.42 38.29 -15.65
CA VAL NB 67 87.03 37.00 -15.90
C VAL NB 67 85.97 35.91 -15.80
N ASN NB 68 85.89 35.07 -16.83
CA ASN NB 68 85.02 33.91 -16.78
C ASN NB 68 85.69 32.83 -15.94
N GLY NB 69 84.93 32.25 -15.02
CA GLY NB 69 85.51 31.28 -14.11
C GLY NB 69 86.30 31.90 -12.98
N GLY NB 70 86.22 33.21 -12.81
CA GLY NB 70 86.89 33.90 -11.73
C GLY NB 70 85.91 34.24 -10.61
N GLN NB 71 86.39 34.15 -9.38
CA GLN NB 71 85.54 34.33 -8.22
C GLN NB 71 86.37 34.88 -7.06
N VAL NB 72 85.92 36.01 -6.51
CA VAL NB 72 86.57 36.61 -5.34
C VAL NB 72 86.09 35.86 -4.12
N LEU NB 73 87.05 35.31 -3.35
CA LEU NB 73 86.69 34.57 -2.14
C LEU NB 73 86.64 35.50 -0.93
N SER NB 74 87.66 36.34 -0.77
CA SER NB 74 87.74 37.19 0.41
C SER NB 74 88.54 38.43 0.08
N THR NB 75 88.05 39.57 0.54
CA THR NB 75 88.78 40.83 0.48
C THR NB 75 88.89 41.40 1.88
N HIS NB 76 89.99 42.09 2.14
CA HIS NB 76 90.15 42.80 3.41
C HIS NB 76 91.13 43.95 3.24
N ILE NB 77 90.91 44.99 4.04
CA ILE NB 77 91.76 46.17 4.07
C ILE NB 77 92.12 46.45 5.52
N ILE NB 78 93.43 46.50 5.80
CA ILE NB 78 93.93 46.90 7.11
C ILE NB 78 94.55 48.27 6.97
N ALA NB 79 93.96 49.25 7.67
CA ALA NB 79 94.33 50.65 7.45
C ALA NB 79 95.69 50.99 8.03
N ARG NB 80 96.05 50.38 9.15
CA ARG NB 80 97.30 50.69 9.84
C ARG NB 80 97.81 49.40 10.46
N PRO NB 81 98.50 48.57 9.69
CA PRO NB 81 98.98 47.30 10.24
C PRO NB 81 100.16 47.50 11.17
N HIS NB 82 100.29 46.58 12.11
CA HIS NB 82 101.39 46.58 13.05
C HIS NB 82 102.70 46.28 12.32
N GLU NB 83 103.81 46.74 12.91
CA GLU NB 83 105.13 46.54 12.31
C GLU NB 83 105.58 45.09 12.39
N ASN NB 84 104.95 44.29 13.24
CA ASN NB 84 105.29 42.87 13.36
C ASN NB 84 104.87 42.08 12.12
N LEU NB 85 103.87 42.56 11.39
CA LEU NB 85 103.28 41.76 10.32
C LEU NB 85 104.15 41.74 9.07
N GLU NB 86 105.00 42.75 8.87
CA GLU NB 86 105.79 42.79 7.64
C GLU NB 86 107.00 41.87 7.73
N TYR NB 87 107.37 41.44 8.94
CA TYR NB 87 108.51 40.57 9.09
C TYR NB 87 108.10 39.10 9.07
N VAL NB 88 106.81 38.83 9.25
CA VAL NB 88 106.32 37.46 9.23
C VAL NB 88 105.51 37.19 7.96
N LEU NB 89 104.51 37.98 7.73
CA LEU NB 89 103.63 37.80 6.59
C LEU NB 89 104.21 38.47 5.36
N PRO NB 90 103.93 37.95 4.15
CA PRO NB 90 104.47 38.55 2.91
C PRO NB 90 103.66 39.76 2.44
N ILE NB 91 103.55 40.77 3.31
CA ILE NB 91 102.90 42.02 2.99
C ILE NB 91 103.88 43.17 2.89
N ARG NB 92 105.18 42.89 2.92
CA ARG NB 92 106.16 43.95 3.00
C ARG NB 92 106.63 44.39 1.62
N TYR NB 93 107.22 45.57 1.58
CA TYR NB 93 107.86 46.05 0.35
C TYR NB 93 109.17 45.32 0.13
N THR NB 94 109.26 44.62 -0.98
CA THR NB 94 110.52 44.01 -1.40
C THR NB 94 111.33 45.02 -2.20
N GLU NB 95 112.59 44.64 -2.49
CA GLU NB 95 113.49 45.55 -3.19
C GLU NB 95 113.11 45.69 -4.66
N GLU NB 96 112.45 44.67 -5.22
CA GLU NB 96 112.07 44.71 -6.63
C GLU NB 96 110.93 45.68 -6.88
N VAL NB 97 110.11 45.96 -5.87
CA VAL NB 97 108.94 46.82 -6.04
C VAL NB 97 109.17 48.21 -5.45
N GLU NB 98 110.43 48.59 -5.20
CA GLU NB 98 110.72 49.91 -4.66
C GLU NB 98 110.57 51.02 -5.69
N GLN NB 99 110.57 50.67 -6.98
CA GLN NB 99 110.40 51.68 -8.02
C GLN NB 99 108.94 52.11 -8.15
N PHE NB 100 108.01 51.34 -7.60
CA PHE NB 100 106.59 51.63 -7.73
C PHE NB 100 105.98 52.23 -6.47
N ARG NB 101 106.76 52.41 -5.42
CA ARG NB 101 106.25 52.94 -4.16
C ARG NB 101 106.00 54.44 -4.26
N ALA OB 2 93.37 54.47 -41.35
CA ALA OB 2 94.62 53.83 -40.97
C ALA OB 2 94.53 53.31 -39.55
N VAL OB 3 94.49 54.25 -38.60
CA VAL OB 3 94.29 53.91 -37.20
C VAL OB 3 92.82 53.57 -36.99
N ALA OB 4 92.57 52.46 -36.29
CA ALA OB 4 91.20 52.01 -36.06
C ALA OB 4 90.45 52.95 -35.12
N VAL OB 5 89.12 52.86 -35.16
CA VAL OB 5 88.27 53.72 -34.35
C VAL OB 5 87.27 52.85 -33.60
N GLY OB 6 87.10 53.12 -32.31
CA GLY OB 6 86.10 52.45 -31.52
C GLY OB 6 85.26 53.45 -30.76
N MET OB 7 83.98 53.16 -30.64
CA MET OB 7 83.02 54.05 -30.01
C MET OB 7 82.24 53.28 -28.97
N ILE OB 8 82.02 53.91 -27.81
CA ILE OB 8 81.10 53.41 -26.80
C ILE OB 8 80.10 54.52 -26.53
N GLU OB 9 78.82 54.26 -26.77
CA GLU OB 9 77.77 55.20 -26.46
C GLU OB 9 77.08 54.80 -25.16
N THR OB 10 77.11 55.69 -24.18
CA THR OB 10 76.46 55.46 -22.92
C THR OB 10 75.32 56.45 -22.74
N LEU OB 11 74.40 56.10 -21.85
CA LEU OB 11 73.35 57.00 -21.40
C LEU OB 11 73.83 57.64 -20.12
N GLY OB 12 74.27 58.90 -20.21
CA GLY OB 12 74.76 59.60 -19.04
C GLY OB 12 76.24 59.93 -19.11
N PHE OB 13 76.61 61.06 -18.54
CA PHE OB 13 78.00 61.50 -18.50
C PHE OB 13 78.90 60.81 -17.47
N PRO OB 14 78.47 60.46 -16.24
CA PRO OB 14 79.36 59.65 -15.40
C PRO OB 14 79.67 58.27 -15.96
N ALA OB 15 78.78 57.70 -16.76
CA ALA OB 15 79.06 56.39 -17.34
C ALA OB 15 80.02 56.50 -18.51
N VAL OB 16 80.08 57.66 -19.15
CA VAL OB 16 80.92 57.78 -20.35
C VAL OB 16 82.34 58.17 -19.95
N VAL OB 17 82.54 58.66 -18.73
CA VAL OB 17 83.88 58.96 -18.24
C VAL OB 17 84.51 57.69 -17.67
N GLU OB 18 83.71 56.85 -17.03
CA GLU OB 18 84.19 55.55 -16.58
C GLU OB 18 84.48 54.64 -17.76
N ALA OB 19 83.69 54.75 -18.83
CA ALA OB 19 83.97 54.01 -20.05
C ALA OB 19 85.25 54.52 -20.71
N ALA OB 20 85.44 55.84 -20.74
CA ALA OB 20 86.64 56.39 -21.37
C ALA OB 20 87.88 56.14 -20.54
N ASP OB 21 87.74 56.09 -19.22
CA ASP OB 21 88.88 55.81 -18.36
C ASP OB 21 89.28 54.33 -18.42
N ALA OB 22 88.30 53.44 -18.61
CA ALA OB 22 88.62 52.03 -18.70
C ALA OB 22 89.17 51.66 -20.07
N MET OB 23 88.91 52.50 -21.08
CA MET OB 23 89.39 52.19 -22.42
C MET OB 23 90.88 52.48 -22.57
N VAL OB 24 91.33 53.63 -22.06
CA VAL OB 24 92.72 54.02 -22.25
C VAL OB 24 93.62 53.36 -21.23
N LYS OB 25 93.04 52.76 -20.19
CA LYS OB 25 93.83 51.99 -19.24
C LYS OB 25 94.02 50.56 -19.70
N ALA OB 26 93.04 50.02 -20.45
CA ALA OB 26 93.09 48.61 -20.81
C ALA OB 26 94.09 48.35 -21.93
N ALA OB 27 94.19 49.26 -22.90
CA ALA OB 27 95.04 49.02 -24.05
C ALA OB 27 95.65 50.33 -24.52
N ARG OB 28 96.46 50.24 -25.57
CA ARG OB 28 97.18 51.39 -26.13
C ARG OB 28 96.30 52.09 -27.15
N VAL OB 29 95.25 52.71 -26.65
CA VAL OB 29 94.36 53.51 -27.48
C VAL OB 29 94.45 54.96 -27.00
N THR OB 30 94.07 55.87 -27.88
CA THR OB 30 94.02 57.29 -27.58
C THR OB 30 92.57 57.74 -27.62
N LEU OB 31 92.05 58.17 -26.48
CA LEU OB 31 90.77 58.85 -26.45
C LEU OB 31 90.90 60.19 -27.18
N VAL OB 32 90.22 60.32 -28.31
CA VAL OB 32 90.36 61.51 -29.13
C VAL OB 32 89.08 62.35 -29.18
N GLY OB 33 87.94 61.78 -28.85
CA GLY OB 33 86.68 62.41 -29.17
C GLY OB 33 85.65 62.20 -28.09
N TYR OB 34 84.60 63.00 -28.17
CA TYR OB 34 83.56 63.07 -27.15
C TYR OB 34 82.35 63.71 -27.80
N GLU OB 35 81.28 62.95 -27.98
CA GLU OB 35 80.17 63.39 -28.83
C GLU OB 35 78.85 63.26 -28.10
N LYS OB 36 78.04 64.31 -28.18
CA LYS OB 36 76.69 64.34 -27.63
C LYS OB 36 75.72 64.52 -28.78
N ILE OB 37 74.71 63.64 -28.84
CA ILE OB 37 73.73 63.67 -29.92
C ILE OB 37 72.32 63.89 -29.39
N GLY OB 38 72.16 64.10 -28.09
CA GLY OB 38 70.86 64.31 -27.50
C GLY OB 38 70.32 63.06 -26.83
N THR OB 39 69.22 63.26 -26.10
CA THR OB 39 68.60 62.32 -25.16
C THR OB 39 69.59 61.65 -24.21
N GLY OB 40 70.59 62.39 -23.76
CA GLY OB 40 71.58 61.84 -22.85
C GLY OB 40 72.54 60.84 -23.45
N ARG OB 41 72.48 60.62 -24.76
CA ARG OB 41 73.34 59.65 -25.43
C ARG OB 41 74.69 60.30 -25.69
N VAL OB 42 75.71 59.82 -24.99
CA VAL OB 42 77.04 60.40 -25.03
C VAL OB 42 78.01 59.33 -25.53
N THR OB 43 78.86 59.70 -26.48
CA THR OB 43 79.76 58.76 -27.14
C THR OB 43 81.20 59.23 -26.98
N VAL OB 44 82.08 58.32 -26.56
CA VAL OB 44 83.52 58.56 -26.56
C VAL OB 44 84.16 57.73 -27.67
N ILE OB 45 85.19 58.31 -28.29
CA ILE OB 45 85.84 57.76 -29.47
C ILE OB 45 87.30 57.52 -29.14
N VAL OB 46 87.77 56.29 -29.33
CA VAL OB 46 89.18 55.96 -29.14
C VAL OB 46 89.79 55.61 -30.48
N ARG OB 47 91.09 55.86 -30.60
CA ARG OB 47 91.87 55.48 -31.76
C ARG OB 47 93.06 54.63 -31.34
N GLY OB 48 93.26 53.52 -32.04
CA GLY OB 48 94.41 52.69 -31.81
C GLY OB 48 94.49 51.63 -32.89
N ASP OB 49 95.29 50.60 -32.61
CA ASP OB 49 95.23 49.41 -33.43
C ASP OB 49 93.91 48.69 -33.16
N VAL OB 50 93.49 47.88 -34.13
CA VAL OB 50 92.18 47.23 -34.05
C VAL OB 50 92.13 46.21 -32.92
N SER OB 51 93.26 45.58 -32.59
CA SER OB 51 93.30 44.67 -31.45
C SER OB 51 93.27 45.43 -30.13
N GLU OB 52 93.89 46.61 -30.09
CA GLU OB 52 93.85 47.42 -28.88
C GLU OB 52 92.48 48.08 -28.70
N VAL OB 53 91.85 48.46 -29.80
CA VAL OB 53 90.52 49.05 -29.74
C VAL OB 53 89.49 48.00 -29.30
N GLN OB 54 89.68 46.75 -29.73
CA GLN OB 54 88.78 45.67 -29.33
C GLN OB 54 88.91 45.35 -27.84
N ALA OB 55 90.12 45.43 -27.31
CA ALA OB 55 90.32 45.18 -25.89
C ALA OB 55 89.83 46.35 -25.05
N SER OB 56 89.86 47.55 -25.61
CA SER OB 56 89.39 48.73 -24.89
C SER OB 56 87.87 48.79 -24.83
N VAL OB 57 87.20 48.52 -25.96
CA VAL OB 57 85.75 48.63 -26.03
C VAL OB 57 85.08 47.55 -25.18
N SER OB 58 85.68 46.36 -25.12
CA SER OB 58 85.15 45.31 -24.27
C SER OB 58 85.38 45.63 -22.79
N ALA OB 59 86.50 46.27 -22.47
CA ALA OB 59 86.75 46.64 -21.08
C ALA OB 59 85.97 47.88 -20.69
N GLY OB 60 85.74 48.79 -21.64
CA GLY OB 60 84.93 49.96 -21.36
C GLY OB 60 83.46 49.64 -21.22
N THR OB 61 83.01 48.56 -21.85
CA THR OB 61 81.61 48.16 -21.72
C THR OB 61 81.33 47.54 -20.37
N GLU OB 62 82.28 46.74 -19.85
CA GLU OB 62 82.08 46.07 -18.57
C GLU OB 62 82.20 47.04 -17.40
N SER OB 63 82.89 48.16 -17.59
CA SER OB 63 83.09 49.11 -16.51
C SER OB 63 81.90 50.04 -16.32
N VAL OB 64 80.99 50.11 -17.29
CA VAL OB 64 79.79 50.92 -17.11
C VAL OB 64 78.82 50.21 -16.17
N LYS OB 65 78.90 48.87 -16.10
CA LYS OB 65 78.03 48.10 -15.21
C LYS OB 65 78.30 48.37 -13.74
N ARG OB 66 79.49 48.86 -13.39
CA ARG OB 66 79.76 49.28 -12.03
C ARG OB 66 79.26 50.68 -11.72
N VAL OB 67 78.88 51.45 -12.74
CA VAL OB 67 78.25 52.75 -12.52
C VAL OB 67 76.75 52.54 -12.38
N ASN OB 68 76.20 52.99 -11.26
CA ASN OB 68 74.75 52.92 -11.03
C ASN OB 68 74.11 54.16 -11.62
N GLY OB 69 73.23 53.96 -12.60
CA GLY OB 69 72.57 55.05 -13.29
C GLY OB 69 73.03 55.23 -14.72
N GLY OB 70 74.00 54.44 -15.18
CA GLY OB 70 74.44 54.51 -16.55
C GLY OB 70 74.45 53.14 -17.19
N GLN OB 71 74.24 53.14 -18.50
CA GLN OB 71 74.19 51.89 -19.26
C GLN OB 71 74.83 52.12 -20.62
N VAL OB 72 75.31 51.04 -21.22
CA VAL OB 72 75.89 51.07 -22.56
C VAL OB 72 74.75 50.94 -23.57
N LEU OB 73 74.64 51.92 -24.46
CA LEU OB 73 73.59 51.88 -25.47
C LEU OB 73 74.08 51.18 -26.74
N SER OB 74 75.28 51.52 -27.20
CA SER OB 74 75.80 50.97 -28.44
C SER OB 74 77.32 51.05 -28.42
N THR OB 75 77.95 50.00 -28.93
CA THR OB 75 79.38 49.97 -29.15
C THR OB 75 79.65 49.56 -30.59
N HIS OB 76 80.75 50.06 -31.15
CA HIS OB 76 81.16 49.64 -32.47
C HIS OB 76 82.66 49.86 -32.63
N ILE OB 77 83.26 49.04 -33.49
CA ILE OB 77 84.68 49.08 -33.80
C ILE OB 77 84.83 49.01 -35.32
N ILE OB 78 85.59 49.92 -35.89
CA ILE OB 78 85.91 49.91 -37.32
C ILE OB 78 87.42 49.73 -37.45
N ALA OB 79 87.83 48.69 -38.18
CA ALA OB 79 89.24 48.27 -38.21
C ALA OB 79 90.10 49.29 -38.92
N ARG OB 80 89.57 49.93 -39.96
CA ARG OB 80 90.27 50.99 -40.68
C ARG OB 80 89.22 51.88 -41.32
N PRO OB 81 88.92 53.03 -40.70
CA PRO OB 81 87.94 53.95 -41.28
C PRO OB 81 88.45 54.60 -42.55
N HIS OB 82 87.49 54.99 -43.38
CA HIS OB 82 87.81 55.71 -44.60
C HIS OB 82 88.33 57.10 -44.26
N GLU OB 83 89.13 57.66 -45.17
CA GLU OB 83 89.67 59.00 -44.94
C GLU OB 83 88.62 60.08 -45.10
N ASN OB 84 87.47 59.74 -45.71
CA ASN OB 84 86.33 60.65 -45.77
C ASN OB 84 85.73 60.91 -44.40
N LEU OB 85 85.78 59.91 -43.51
CA LEU OB 85 85.15 60.03 -42.20
C LEU OB 85 85.92 60.95 -41.27
N GLU OB 86 87.20 61.17 -41.55
CA GLU OB 86 88.03 61.97 -40.67
C GLU OB 86 87.64 63.45 -40.74
N TYR OB 87 87.16 63.90 -41.90
CA TYR OB 87 86.86 65.31 -42.09
C TYR OB 87 85.43 65.64 -41.70
N VAL OB 88 84.52 64.66 -41.79
CA VAL OB 88 83.12 64.92 -41.53
C VAL OB 88 82.78 64.58 -40.08
N LEU OB 89 83.15 63.41 -39.65
CA LEU OB 89 82.84 62.92 -38.32
C LEU OB 89 83.96 63.26 -37.35
N PRO OB 90 83.64 63.54 -36.08
CA PRO OB 90 84.68 63.92 -35.10
C PRO OB 90 85.41 62.72 -34.51
N ILE OB 91 86.06 61.95 -35.37
CA ILE OB 91 86.86 60.80 -34.95
C ILE OB 91 88.35 61.00 -35.20
N ARG OB 92 88.76 62.20 -35.60
CA ARG OB 92 90.15 62.42 -35.97
C ARG OB 92 90.98 62.77 -34.74
N TYR OB 93 92.29 62.58 -34.88
CA TYR OB 93 93.24 62.99 -33.86
C TYR OB 93 93.32 64.51 -33.81
N THR OB 94 93.05 65.07 -32.64
CA THR OB 94 93.27 66.50 -32.46
C THR OB 94 94.70 66.74 -31.97
N GLU OB 95 95.13 68.00 -32.06
CA GLU OB 95 96.50 68.33 -31.67
C GLU OB 95 96.66 68.41 -30.16
N GLU OB 96 95.56 68.38 -29.41
CA GLU OB 96 95.65 68.36 -27.96
C GLU OB 96 96.00 66.97 -27.45
N VAL OB 97 95.71 65.94 -28.24
CA VAL OB 97 95.89 64.56 -27.79
C VAL OB 97 97.00 63.85 -28.58
N GLU OB 98 97.87 64.60 -29.25
CA GLU OB 98 98.95 63.96 -30.01
C GLU OB 98 100.06 63.45 -29.10
N GLN OB 99 100.08 63.87 -27.83
CA GLN OB 99 101.07 63.34 -26.90
C GLN OB 99 100.71 61.93 -26.44
N PHE OB 100 99.45 61.53 -26.58
CA PHE OB 100 99.00 60.21 -26.18
C PHE OB 100 98.93 59.23 -27.35
N ARG OB 101 99.33 59.63 -28.54
CA ARG OB 101 99.25 58.76 -29.71
C ARG OB 101 100.40 57.74 -29.71
N MET PB 1 91.63 15.80 -50.80
CA MET PB 1 92.65 16.43 -49.96
C MET PB 1 93.88 16.81 -50.77
N GLN PB 2 94.66 17.71 -50.21
CA GLN PB 2 95.96 18.09 -50.76
C GLN PB 2 97.00 18.02 -49.65
N MET PB 3 98.23 17.74 -50.04
CA MET PB 3 99.34 17.80 -49.10
C MET PB 3 99.87 19.22 -49.04
N ALA PB 4 100.02 19.73 -47.83
CA ALA PB 4 100.46 21.10 -47.63
C ALA PB 4 101.46 21.15 -46.49
N LYS PB 5 102.31 22.17 -46.53
CA LYS PB 5 103.28 22.42 -45.48
C LYS PB 5 102.86 23.68 -44.72
N VAL PB 6 102.84 23.59 -43.39
CA VAL PB 6 102.48 24.71 -42.54
C VAL PB 6 103.61 25.74 -42.62
N CYS PB 7 103.34 26.88 -43.23
CA CYS PB 7 104.36 27.90 -43.36
C CYS PB 7 104.15 29.07 -42.41
N GLY PB 8 102.93 29.22 -41.89
CA GLY PB 8 102.73 30.28 -40.94
C GLY PB 8 101.30 30.36 -40.44
N THR PB 9 101.01 31.47 -39.76
CA THR PB 9 99.72 31.71 -39.15
C THR PB 9 99.14 33.01 -39.68
N VAL PB 10 97.82 33.07 -39.78
CA VAL PB 10 97.09 34.27 -40.15
C VAL PB 10 96.18 34.64 -38.99
N VAL PB 11 96.35 35.85 -38.47
CA VAL PB 11 95.54 36.36 -37.37
C VAL PB 11 94.70 37.50 -37.90
N GLY PB 12 93.39 37.39 -37.74
CA GLY PB 12 92.49 38.48 -38.04
C GLY PB 12 91.60 38.80 -36.86
N THR PB 13 91.61 40.06 -36.41
CA THR PB 13 90.80 40.43 -35.26
C THR PB 13 89.42 40.93 -35.65
N GLN PB 14 89.31 41.61 -36.78
CA GLN PB 14 88.03 42.08 -37.30
C GLN PB 14 87.50 41.02 -38.26
N LYS PB 15 86.57 40.20 -37.79
CA LYS PB 15 86.12 39.04 -38.54
C LYS PB 15 84.63 38.82 -38.26
N LEU PB 16 84.10 37.75 -38.82
CA LEU PB 16 82.74 37.35 -38.52
C LEU PB 16 82.65 36.78 -37.11
N PRO PB 17 81.48 36.88 -36.46
CA PRO PB 17 81.35 36.28 -35.13
C PRO PB 17 81.38 34.76 -35.14
N SER PB 18 81.08 34.14 -36.27
CA SER PB 18 81.19 32.69 -36.39
C SER PB 18 82.62 32.25 -36.69
N MET PB 19 83.52 33.20 -36.96
CA MET PB 19 84.91 32.87 -37.24
C MET PB 19 85.80 32.96 -36.02
N THR PB 20 85.24 33.15 -34.82
CA THR PB 20 86.08 33.26 -33.63
C THR PB 20 86.39 31.88 -33.07
N GLY PB 21 87.55 31.75 -32.43
CA GLY PB 21 88.03 30.47 -31.97
C GLY PB 21 88.65 29.60 -33.04
N VAL PB 22 88.59 30.00 -34.30
CA VAL PB 22 89.11 29.23 -35.42
C VAL PB 22 90.57 29.59 -35.62
N LYS PB 23 91.45 28.61 -35.47
CA LYS PB 23 92.88 28.80 -35.69
C LYS PB 23 93.15 28.71 -37.18
N LEU PB 24 93.81 29.72 -37.74
CA LEU PB 24 94.01 29.85 -39.17
C LEU PB 24 95.49 29.70 -39.50
N LEU PB 25 95.82 28.67 -40.27
CA LEU PB 25 97.18 28.38 -40.67
C LEU PB 25 97.38 28.74 -42.14
N LEU PB 26 98.52 29.36 -42.41
CA LEU PB 26 98.97 29.61 -43.77
C LEU PB 26 99.72 28.38 -44.24
N LEU PB 27 99.14 27.65 -45.18
CA LEU PB 27 99.71 26.41 -45.69
C LEU PB 27 100.15 26.60 -47.13
N GLN PB 28 101.37 26.20 -47.45
CA GLN PB 28 101.83 26.16 -48.83
C GLN PB 28 101.69 24.75 -49.35
N PHE PB 29 101.11 24.61 -50.54
CA PHE PB 29 100.91 23.29 -51.13
C PHE PB 29 102.23 22.72 -51.63
N ILE PB 30 102.40 21.43 -51.42
CA ILE PB 30 103.58 20.70 -51.87
C ILE PB 30 103.12 19.65 -52.87
N ASP PB 31 104.00 19.30 -53.81
CA ASP PB 31 103.61 18.36 -54.84
C ASP PB 31 103.78 16.92 -54.34
N ALA PB 32 103.58 15.97 -55.25
CA ALA PB 32 103.77 14.57 -54.89
C ALA PB 32 105.25 14.21 -54.71
N ASN PB 33 106.14 15.01 -55.31
CA ASN PB 33 107.57 14.77 -55.15
C ASN PB 33 108.11 15.39 -53.87
N GLY PB 34 107.35 16.28 -53.24
CA GLY PB 34 107.76 16.92 -52.01
C GLY PB 34 108.23 18.35 -52.14
N GLU PB 35 108.25 18.92 -53.35
CA GLU PB 35 108.69 20.29 -53.56
C GLU PB 35 107.53 21.25 -53.35
N LEU PB 36 107.86 22.47 -52.92
CA LEU PB 36 106.83 23.46 -52.61
C LEU PB 36 106.27 24.04 -53.90
N LEU PB 37 104.96 23.97 -54.05
CA LEU PB 37 104.27 24.58 -55.17
C LEU PB 37 104.02 26.06 -54.87
N PRO PB 38 103.96 26.91 -55.91
CA PRO PB 38 103.61 28.34 -55.70
C PRO PB 38 102.10 28.56 -55.58
N LYS PB 39 101.49 27.89 -54.60
CA LYS PB 39 100.07 27.96 -54.36
C LYS PB 39 99.84 27.69 -52.88
N TYR PB 40 98.99 28.50 -52.26
CA TYR PB 40 98.79 28.46 -50.83
C TYR PB 40 97.32 28.32 -50.48
N GLU PB 41 97.05 28.25 -49.19
CA GLU PB 41 95.71 28.18 -48.63
C GLU PB 41 95.76 28.66 -47.19
N VAL PB 42 94.65 29.20 -46.72
CA VAL PB 42 94.45 29.47 -45.30
C VAL PB 42 93.35 28.52 -44.83
N ALA PB 43 93.66 27.70 -43.84
CA ALA PB 43 92.77 26.64 -43.42
C ALA PB 43 92.53 26.68 -41.93
N ALA PB 44 91.36 26.23 -41.52
CA ALA PB 44 91.09 25.96 -40.12
C ALA PB 44 91.90 24.74 -39.67
N ASP PB 45 92.30 24.75 -38.40
CA ASP PB 45 93.21 23.74 -37.86
C ASP PB 45 92.62 23.13 -36.59
N PRO PB 46 91.77 22.11 -36.72
CA PRO PB 46 91.33 21.39 -35.53
C PRO PB 46 92.37 20.42 -35.01
N VAL PB 47 93.11 19.77 -35.89
CA VAL PB 47 94.22 18.89 -35.53
C VAL PB 47 95.44 19.79 -35.37
N GLY PB 48 95.96 19.90 -34.15
CA GLY PB 48 96.90 20.96 -33.81
C GLY PB 48 98.22 20.80 -34.53
N ALA PB 49 98.48 21.65 -35.52
CA ALA PB 49 99.63 21.54 -36.39
C ALA PB 49 100.51 22.77 -36.27
N GLY PB 50 101.82 22.55 -36.14
CA GLY PB 50 102.77 23.62 -36.01
C GLY PB 50 103.57 23.85 -37.28
N LEU PB 51 104.44 24.84 -37.21
CA LEU PB 51 105.15 25.32 -38.39
C LEU PB 51 106.17 24.31 -38.86
N GLY PB 52 106.08 23.94 -40.13
CA GLY PB 52 106.95 22.96 -40.73
C GLY PB 52 106.33 21.61 -40.96
N GLU PB 53 105.17 21.33 -40.39
CA GLU PB 53 104.54 20.03 -40.51
C GLU PB 53 103.91 19.84 -41.88
N TRP PB 54 103.77 18.58 -42.27
CA TRP PB 54 103.02 18.21 -43.47
C TRP PB 54 101.61 17.85 -43.06
N VAL PB 55 100.63 18.47 -43.71
CA VAL PB 55 99.24 18.29 -43.34
C VAL PB 55 98.44 17.90 -44.57
N LEU PB 56 97.30 17.25 -44.31
CA LEU PB 56 96.28 17.05 -45.33
C LEU PB 56 95.19 18.09 -45.12
N VAL PB 57 94.90 18.85 -46.16
CA VAL PB 57 93.90 19.90 -46.12
C VAL PB 57 92.86 19.63 -47.19
N ASN PB 58 91.59 19.70 -46.80
CA ASN PB 58 90.52 19.52 -47.76
C ASN PB 58 90.03 20.89 -48.25
N ARG PB 59 89.11 20.87 -49.21
CA ARG PB 59 88.60 22.10 -49.76
C ARG PB 59 87.08 22.01 -49.85
N GLY PB 60 86.43 23.16 -49.74
CA GLY PB 60 85.01 23.24 -49.98
C GLY PB 60 84.14 22.92 -48.79
N SER PB 61 83.02 22.24 -49.03
CA SER PB 61 82.05 21.94 -47.99
C SER PB 61 82.49 20.83 -47.06
N ALA PB 62 83.60 20.15 -47.39
CA ALA PB 62 84.15 19.13 -46.51
C ALA PB 62 84.79 19.74 -45.26
N ALA PB 63 85.11 21.03 -45.30
CA ALA PB 63 85.66 21.72 -44.14
C ALA PB 63 84.63 21.94 -43.05
N ARG PB 64 83.35 21.76 -43.35
CA ARG PB 64 82.25 21.98 -42.40
C ARG PB 64 81.64 20.69 -41.90
N GLN PB 65 82.41 19.61 -41.83
CA GLN PB 65 81.86 18.32 -41.47
C GLN PB 65 82.27 17.83 -40.09
N THR PB 66 83.13 18.57 -39.39
CA THR PB 66 83.70 18.12 -38.13
C THR PB 66 82.87 18.52 -36.91
N GLU PB 67 81.60 18.88 -37.13
CA GLU PB 67 80.52 19.13 -36.18
C GLU PB 67 80.77 20.29 -35.21
N TYR PB 68 81.91 20.96 -35.29
CA TYR PB 68 82.05 22.28 -34.70
C TYR PB 68 82.42 23.34 -35.73
N HIS PB 69 82.50 22.95 -37.01
CA HIS PB 69 82.68 23.88 -38.11
C HIS PB 69 81.46 23.94 -39.02
N GLN PB 70 80.30 23.51 -38.52
CA GLN PB 70 79.17 23.16 -39.38
C GLN PB 70 78.54 24.39 -40.02
N ASN PB 71 78.27 25.42 -39.23
CA ASN PB 71 77.67 26.64 -39.76
C ASN PB 71 78.68 27.78 -39.83
N ARG PB 72 79.97 27.43 -39.93
CA ARG PB 72 81.10 28.32 -40.01
C ARG PB 72 81.51 28.53 -41.47
N PRO PB 73 81.82 29.76 -41.87
CA PRO PB 73 82.18 30.04 -43.27
C PRO PB 73 83.61 29.60 -43.61
N LEU PB 74 83.81 28.30 -43.65
CA LEU PB 74 85.13 27.71 -43.86
C LEU PB 74 85.12 26.88 -45.14
N ASP PB 75 86.15 27.04 -45.96
CA ASP PB 75 86.30 26.27 -47.18
C ASP PB 75 87.64 25.54 -47.24
N ALA PB 76 88.35 25.45 -46.13
CA ALA PB 76 89.62 24.74 -46.06
C ALA PB 76 89.87 24.35 -44.62
N MET PB 77 90.33 23.12 -44.42
CA MET PB 77 90.50 22.59 -43.07
C MET PB 77 91.60 21.55 -43.08
N VAL PB 78 92.55 21.68 -42.16
CA VAL PB 78 93.52 20.61 -41.91
C VAL PB 78 92.79 19.44 -41.28
N VAL PB 79 92.78 18.30 -41.96
CA VAL PB 79 92.08 17.13 -41.46
C VAL PB 79 93.02 16.08 -40.89
N ALA PB 80 94.30 16.14 -41.20
CA ALA PB 80 95.25 15.15 -40.73
C ALA PB 80 96.65 15.75 -40.76
N ILE PB 81 97.44 15.41 -39.76
CA ILE PB 81 98.88 15.64 -39.79
C ILE PB 81 99.51 14.42 -40.42
N ILE PB 82 100.32 14.63 -41.45
CA ILE PB 82 100.88 13.52 -42.22
C ILE PB 82 102.00 12.88 -41.42
N ASP PB 83 101.89 11.58 -41.17
CA ASP PB 83 102.97 10.80 -40.59
C ASP PB 83 103.99 10.40 -41.65
N THR PB 84 103.57 9.67 -42.67
CA THR PB 84 104.48 9.19 -43.69
C THR PB 84 103.80 9.18 -45.05
N VAL PB 85 104.58 9.48 -46.09
CA VAL PB 85 104.14 9.39 -47.48
C VAL PB 85 105.01 8.35 -48.16
N THR PB 86 104.38 7.32 -48.71
CA THR PB 86 105.07 6.27 -49.45
C THR PB 86 104.69 6.43 -50.92
N VAL PB 87 105.68 6.59 -51.79
CA VAL PB 87 105.47 6.72 -53.22
C VAL PB 87 106.28 5.64 -53.92
N ASN PB 88 105.59 4.78 -54.68
CA ASN PB 88 106.19 3.65 -55.42
C ASN PB 88 106.95 2.71 -54.48
N ASN PB 89 106.32 2.39 -53.35
CA ASN PB 89 106.84 1.60 -52.24
C ASN PB 89 108.10 2.17 -51.61
N ARG PB 90 108.38 3.45 -51.82
CA ARG PB 90 109.52 4.13 -51.24
C ARG PB 90 109.01 5.24 -50.34
N ARG PB 91 109.53 5.30 -49.12
CA ARG PB 91 109.12 6.32 -48.16
C ARG PB 91 109.66 7.68 -48.60
N LEU PB 92 108.75 8.62 -48.86
CA LEU PB 92 109.11 9.97 -49.26
C LEU PB 92 109.15 10.94 -48.09
N TYR PB 93 108.32 10.72 -47.07
CA TYR PB 93 108.26 11.58 -45.91
C TYR PB 93 108.15 10.71 -44.66
N GLY PB 94 108.72 11.20 -43.56
CA GLY PB 94 108.63 10.49 -42.30
C GLY PB 94 109.77 9.53 -42.06
N ALA QB 2 94.36 -32.95 56.17
CA ALA QB 2 95.65 -32.39 55.78
C ALA QB 2 95.55 -30.88 55.57
N VAL QB 3 96.57 -30.32 54.93
CA VAL QB 3 96.58 -28.91 54.58
C VAL QB 3 95.52 -28.66 53.51
N ALA QB 4 94.81 -27.53 53.62
CA ALA QB 4 93.63 -27.28 52.79
C ALA QB 4 93.98 -27.12 51.33
N VAL QB 5 93.02 -27.48 50.47
CA VAL QB 5 93.21 -27.48 49.03
C VAL QB 5 92.10 -26.66 48.38
N GLY QB 6 92.47 -25.73 47.52
CA GLY QB 6 91.51 -24.99 46.74
C GLY QB 6 91.72 -25.24 45.26
N MET QB 7 90.62 -25.32 44.53
CA MET QB 7 90.65 -25.59 43.10
C MET QB 7 89.80 -24.57 42.38
N ILE QB 8 90.30 -24.04 41.28
CA ILE QB 8 89.53 -23.22 40.36
C ILE QB 8 89.62 -23.86 38.98
N GLU QB 9 88.49 -24.27 38.44
CA GLU QB 9 88.42 -24.78 37.09
C GLU QB 9 87.95 -23.69 36.14
N THR QB 10 88.74 -23.40 35.12
CA THR QB 10 88.36 -22.42 34.12
C THR QB 10 88.30 -23.09 32.75
N LEU QB 11 87.57 -22.45 31.84
CA LEU QB 11 87.52 -22.85 30.44
C LEU QB 11 88.52 -21.97 29.69
N GLY QB 12 89.73 -22.49 29.48
CA GLY QB 12 90.74 -21.73 28.79
C GLY QB 12 92.02 -21.56 29.60
N PHE QB 13 93.15 -21.56 28.91
CA PHE QB 13 94.46 -21.40 29.53
C PHE QB 13 94.84 -19.96 29.94
N PRO QB 14 94.49 -18.89 29.20
CA PRO QB 14 94.70 -17.55 29.79
C PRO QB 14 93.88 -17.28 31.03
N ALA QB 15 92.72 -17.92 31.18
CA ALA QB 15 91.91 -17.71 32.37
C ALA QB 15 92.45 -18.49 33.55
N VAL QB 16 93.15 -19.60 33.30
CA VAL QB 16 93.63 -20.41 34.41
C VAL QB 16 94.96 -19.89 34.93
N VAL QB 17 95.68 -19.12 34.11
CA VAL QB 17 96.92 -18.50 34.57
C VAL QB 17 96.61 -17.27 35.40
N GLU QB 18 95.58 -16.52 35.02
CA GLU QB 18 95.12 -15.41 35.85
C GLU QB 18 94.50 -15.91 37.15
N ALA QB 19 93.83 -17.06 37.09
CA ALA QB 19 93.34 -17.69 38.33
C ALA QB 19 94.49 -18.13 39.21
N ALA QB 20 95.52 -18.74 38.64
CA ALA QB 20 96.67 -19.18 39.43
C ALA QB 20 97.49 -17.99 39.92
N ASP QB 21 97.56 -16.91 39.14
CA ASP QB 21 98.34 -15.75 39.54
C ASP QB 21 97.64 -14.95 40.63
N ALA QB 22 96.32 -14.81 40.55
CA ALA QB 22 95.61 -14.03 41.55
C ALA QB 22 95.44 -14.79 42.85
N MET QB 23 95.55 -16.12 42.81
CA MET QB 23 95.43 -16.89 44.04
C MET QB 23 96.67 -16.75 44.91
N VAL QB 24 97.85 -16.83 44.30
CA VAL QB 24 99.08 -16.74 45.09
C VAL QB 24 99.43 -15.29 45.39
N LYS QB 25 98.73 -14.34 44.77
CA LYS QB 25 98.95 -12.94 45.08
C LYS QB 25 97.98 -12.41 46.11
N ALA QB 26 96.83 -13.08 46.28
CA ALA QB 26 95.84 -12.60 47.24
C ALA QB 26 96.17 -13.06 48.66
N ALA QB 27 96.77 -14.24 48.79
CA ALA QB 27 97.03 -14.80 50.09
C ALA QB 27 98.28 -15.68 50.02
N ARG QB 28 98.66 -16.21 51.18
CA ARG QB 28 99.85 -17.05 51.31
C ARG QB 28 99.45 -18.51 51.04
N VAL QB 29 99.22 -18.79 49.76
CA VAL QB 29 98.95 -20.15 49.31
C VAL QB 29 100.09 -20.59 48.42
N THR QB 30 100.17 -21.89 48.19
CA THR QB 30 101.17 -22.47 47.31
C THR QB 30 100.46 -23.17 46.16
N LEU QB 31 100.60 -22.61 44.97
CA LEU QB 31 100.13 -23.28 43.76
C LEU QB 31 100.98 -24.52 43.53
N VAL QB 32 100.36 -25.69 43.64
CA VAL QB 32 101.09 -26.95 43.54
C VAL QB 32 100.76 -27.72 42.28
N GLY QB 33 99.64 -27.46 41.64
CA GLY QB 33 99.15 -28.36 40.62
C GLY QB 33 98.47 -27.61 39.50
N TYR QB 34 98.31 -28.32 38.39
CA TYR QB 34 97.77 -27.75 37.16
C TYR QB 34 97.25 -28.92 36.36
N GLU QB 35 95.94 -29.01 36.19
CA GLU QB 35 95.29 -30.24 35.76
C GLU QB 35 94.40 -29.99 34.56
N LYS QB 36 94.63 -30.74 33.49
CA LYS QB 36 93.81 -30.71 32.29
C LYS QB 36 93.05 -32.01 32.19
N ILE QB 37 91.73 -31.92 32.03
CA ILE QB 37 90.86 -33.08 31.96
C ILE QB 37 90.13 -33.17 30.62
N GLY QB 38 90.46 -32.29 29.68
CA GLY QB 38 89.86 -32.31 28.37
C GLY QB 38 88.77 -31.26 28.20
N THR QB 39 88.46 -30.98 26.93
CA THR QB 39 87.56 -29.92 26.46
C THR QB 39 87.85 -28.56 27.07
N GLY QB 40 89.12 -28.22 27.25
CA GLY QB 40 89.47 -26.90 27.74
C GLY QB 40 89.24 -26.67 29.22
N ARG QB 41 88.74 -27.67 29.95
CA ARG QB 41 88.55 -27.56 31.39
C ARG QB 41 89.91 -27.71 32.07
N VAL QB 42 90.48 -26.59 32.51
CA VAL QB 42 91.79 -26.56 33.13
C VAL QB 42 91.63 -26.15 34.59
N THR QB 43 92.30 -26.86 35.48
CA THR QB 43 92.17 -26.65 36.92
C THR QB 43 93.55 -26.41 37.53
N VAL QB 44 93.67 -25.34 38.29
CA VAL QB 44 94.85 -25.09 39.13
C VAL QB 44 94.50 -25.40 40.58
N ILE QB 45 95.49 -25.92 41.30
CA ILE QB 45 95.30 -26.41 42.67
C ILE QB 45 96.28 -25.66 43.58
N VAL QB 46 95.75 -25.01 44.61
CA VAL QB 46 96.58 -24.35 45.60
C VAL QB 46 96.46 -25.10 46.92
N ARG QB 47 97.50 -24.99 47.73
CA ARG QB 47 97.51 -25.52 49.09
C ARG QB 47 97.84 -24.40 50.06
N GLY QB 48 97.34 -24.54 51.29
CA GLY QB 48 97.64 -23.56 52.32
C GLY QB 48 96.66 -23.69 53.46
N ASP QB 49 96.74 -22.73 54.37
CA ASP QB 49 95.78 -22.66 55.45
C ASP QB 49 94.40 -22.28 54.92
N VAL QB 50 93.37 -22.57 55.73
CA VAL QB 50 91.99 -22.39 55.30
C VAL QB 50 91.66 -20.91 55.12
N SER QB 51 92.26 -20.05 55.95
CA SER QB 51 92.07 -18.62 55.78
C SER QB 51 92.70 -18.10 54.49
N GLU QB 52 93.85 -18.66 54.12
CA GLU QB 52 94.51 -18.24 52.89
C GLU QB 52 93.81 -18.82 51.67
N VAL QB 53 93.38 -20.09 51.74
CA VAL QB 53 92.78 -20.75 50.59
C VAL QB 53 91.40 -20.18 50.29
N GLN QB 54 90.63 -19.84 51.32
CA GLN QB 54 89.34 -19.21 51.13
C GLN QB 54 89.48 -17.81 50.53
N ALA QB 55 90.51 -17.08 50.94
CA ALA QB 55 90.74 -15.75 50.39
C ALA QB 55 91.27 -15.82 48.96
N SER QB 56 92.09 -16.83 48.67
CA SER QB 56 92.70 -16.94 47.35
C SER QB 56 91.69 -17.39 46.30
N VAL QB 57 90.86 -18.38 46.63
CA VAL QB 57 89.90 -18.92 45.66
C VAL QB 57 88.81 -17.89 45.37
N SER QB 58 88.39 -17.14 46.39
CA SER QB 58 87.37 -16.12 46.20
C SER QB 58 87.90 -14.94 45.41
N ALA QB 59 89.17 -14.57 45.63
CA ALA QB 59 89.74 -13.49 44.85
C ALA QB 59 90.21 -13.97 43.48
N GLY QB 60 90.59 -15.23 43.37
CA GLY QB 60 90.95 -15.79 42.08
C GLY QB 60 89.76 -16.00 41.17
N THR QB 61 88.56 -16.12 41.73
CA THR QB 61 87.37 -16.28 40.91
C THR QB 61 86.94 -14.96 40.30
N GLU QB 62 87.09 -13.86 41.03
CA GLU QB 62 86.69 -12.55 40.51
C GLU QB 62 87.67 -12.05 39.46
N SER QB 63 88.93 -12.50 39.52
CA SER QB 63 89.93 -12.03 38.57
C SER QB 63 89.74 -12.65 37.19
N VAL QB 64 89.19 -13.87 37.12
CA VAL QB 64 88.93 -14.51 35.84
C VAL QB 64 87.85 -13.79 35.05
N LYS QB 65 86.88 -13.17 35.73
CA LYS QB 65 85.90 -12.34 35.04
C LYS QB 65 86.39 -10.90 34.92
N ARG QB 66 87.65 -10.77 34.49
CA ARG QB 66 88.28 -9.53 34.08
C ARG QB 66 89.15 -9.88 32.88
N VAL QB 67 89.10 -11.15 32.49
CA VAL QB 67 89.78 -11.69 31.33
C VAL QB 67 88.77 -11.88 30.22
N ASN QB 68 89.10 -11.41 29.01
CA ASN QB 68 88.21 -11.61 27.88
C ASN QB 68 88.28 -13.06 27.43
N GLY QB 69 87.12 -13.69 27.31
CA GLY QB 69 87.08 -15.10 27.01
C GLY QB 69 87.32 -16.01 28.19
N GLY QB 70 87.39 -15.45 29.39
CA GLY QB 70 87.62 -16.21 30.60
C GLY QB 70 86.29 -16.58 31.26
N GLN QB 71 86.20 -17.83 31.72
CA GLN QB 71 84.99 -18.35 32.31
C GLN QB 71 85.34 -19.33 33.41
N VAL QB 72 84.86 -19.08 34.62
CA VAL QB 72 85.04 -19.99 35.74
C VAL QB 72 83.99 -21.08 35.62
N LEU QB 73 84.43 -22.33 35.54
CA LEU QB 73 83.50 -23.45 35.47
C LEU QB 73 83.16 -23.96 36.87
N SER QB 74 84.16 -24.12 37.72
CA SER QB 74 83.94 -24.74 39.02
C SER QB 74 85.02 -24.29 39.98
N THR QB 75 84.59 -23.92 41.19
CA THR QB 75 85.50 -23.59 42.28
C THR QB 75 85.13 -24.43 43.49
N HIS QB 76 86.14 -24.86 44.23
CA HIS QB 76 85.88 -25.57 45.47
C HIS QB 76 87.07 -25.42 46.42
N ILE QB 77 86.76 -25.48 47.71
CA ILE QB 77 87.75 -25.47 48.79
C ILE QB 77 87.45 -26.65 49.70
N ILE QB 78 88.45 -27.49 49.94
CA ILE QB 78 88.37 -28.54 50.93
C ILE QB 78 89.30 -28.17 52.07
N ALA QB 79 88.72 -27.83 53.23
CA ALA QB 79 89.49 -27.24 54.32
C ALA QB 79 90.38 -28.26 55.00
N ARG QB 80 90.02 -29.54 54.94
CA ARG QB 80 90.77 -30.60 55.60
C ARG QB 80 90.64 -31.85 54.76
N PRO QB 81 91.44 -31.99 53.71
CA PRO QB 81 91.36 -33.18 52.88
C PRO QB 81 91.97 -34.38 53.57
N HIS QB 82 91.45 -35.55 53.22
CA HIS QB 82 91.96 -36.81 53.75
C HIS QB 82 93.36 -37.07 53.22
N GLU QB 83 94.15 -37.78 54.03
CA GLU QB 83 95.51 -38.13 53.62
C GLU QB 83 95.55 -39.19 52.54
N ASN QB 84 94.43 -39.87 52.28
CA ASN QB 84 94.30 -40.74 51.12
C ASN QB 84 94.34 -39.95 49.81
N LEU QB 85 93.88 -38.70 49.83
CA LEU QB 85 93.69 -37.95 48.59
C LEU QB 85 95.01 -37.46 48.00
N GLU QB 86 96.06 -37.38 48.81
CA GLU QB 86 97.35 -36.90 48.31
C GLU QB 86 97.99 -37.90 47.36
N TYR QB 87 97.75 -39.19 47.60
CA TYR QB 87 98.48 -40.23 46.86
C TYR QB 87 97.76 -40.62 45.58
N VAL QB 88 96.50 -40.22 45.44
CA VAL QB 88 95.74 -40.57 44.24
C VAL QB 88 95.56 -39.37 43.34
N LEU QB 89 95.16 -38.27 43.90
CA LEU QB 89 94.86 -37.06 43.16
C LEU QB 89 96.08 -36.15 43.08
N PRO QB 90 96.26 -35.43 41.98
CA PRO QB 90 97.41 -34.52 41.84
C PRO QB 90 97.21 -33.19 42.57
N ILE QB 91 97.04 -33.27 43.90
CA ILE QB 91 96.88 -32.10 44.75
C ILE QB 91 98.00 -31.96 45.76
N ARG QB 92 99.06 -32.76 45.64
CA ARG QB 92 100.08 -32.80 46.67
C ARG QB 92 101.22 -31.84 46.36
N TYR QB 93 102.02 -31.57 47.38
CA TYR QB 93 103.20 -30.73 47.23
C TYR QB 93 104.28 -31.48 46.46
N THR QB 94 104.62 -30.96 45.29
CA THR QB 94 105.75 -31.50 44.53
C THR QB 94 107.04 -30.85 44.99
N GLU QB 95 108.16 -31.42 44.55
CA GLU QB 95 109.45 -31.02 45.11
C GLU QB 95 109.96 -29.71 44.51
N GLU QB 96 109.33 -29.22 43.44
CA GLU QB 96 109.76 -27.95 42.86
C GLU QB 96 109.03 -26.78 43.51
N VAL QB 97 107.95 -27.04 44.22
CA VAL QB 97 107.18 -26.00 44.89
C VAL QB 97 107.37 -26.04 46.41
N GLU QB 98 108.40 -26.72 46.89
CA GLU QB 98 108.65 -26.79 48.33
C GLU QB 98 109.24 -25.51 48.88
N GLN QB 99 109.73 -24.61 48.02
CA GLN QB 99 110.26 -23.34 48.50
C GLN QB 99 109.15 -22.36 48.85
N PHE QB 100 107.96 -22.53 48.27
CA PHE QB 100 106.85 -21.61 48.49
C PHE QB 100 105.93 -22.05 49.63
N ARG QB 101 106.16 -23.21 50.21
CA ARG QB 101 105.30 -23.69 51.29
C ARG QB 101 105.56 -22.94 52.59
N ALA RB 2 86.08 -60.10 44.36
CA ALA RB 2 87.09 -59.42 45.16
C ALA RB 2 86.45 -58.39 46.09
N VAL RB 3 87.29 -57.54 46.68
CA VAL RB 3 86.82 -56.41 47.48
C VAL RB 3 86.06 -55.45 46.57
N ALA RB 4 84.91 -54.96 47.07
CA ALA RB 4 83.97 -54.21 46.24
C ALA RB 4 84.57 -52.89 45.75
N VAL RB 5 84.08 -52.44 44.60
CA VAL RB 5 84.59 -51.25 43.93
C VAL RB 5 83.45 -50.27 43.70
N GLY RB 6 83.67 -49.02 44.03
CA GLY RB 6 82.70 -47.97 43.73
C GLY RB 6 83.34 -46.89 42.90
N MET RB 7 82.57 -46.39 41.94
CA MET RB 7 83.04 -45.37 41.01
C MET RB 7 82.06 -44.22 41.00
N ILE RB 8 82.57 -42.99 41.04
CA ILE RB 8 81.77 -41.79 40.80
C ILE RB 8 82.42 -41.04 39.65
N GLU RB 9 81.67 -40.83 38.58
CA GLU RB 9 82.12 -40.02 37.46
C GLU RB 9 81.47 -38.65 37.52
N THR RB 10 82.29 -37.61 37.54
CA THR RB 10 81.79 -36.24 37.56
C THR RB 10 82.27 -35.50 36.33
N LEU RB 11 81.62 -34.38 36.05
CA LEU RB 11 82.04 -33.45 35.01
C LEU RB 11 82.82 -32.35 35.70
N GLY RB 12 84.15 -32.48 35.71
CA GLY RB 12 84.98 -31.47 36.34
C GLY RB 12 85.86 -32.01 37.44
N PHE RB 13 87.05 -31.43 37.56
CA PHE RB 13 88.02 -31.80 38.58
C PHE RB 13 87.73 -31.27 39.99
N PRO RB 14 87.21 -30.05 40.22
CA PRO RB 14 86.82 -29.70 41.59
C PRO RB 14 85.69 -30.55 42.15
N ALA RB 15 84.81 -31.07 41.30
CA ALA RB 15 83.74 -31.93 41.79
C ALA RB 15 84.25 -33.32 42.13
N VAL RB 16 85.33 -33.76 41.48
CA VAL RB 16 85.78 -35.14 41.67
C VAL RB 16 86.67 -35.24 42.89
N VAL RB 17 87.25 -34.12 43.34
CA VAL RB 17 88.05 -34.14 44.57
C VAL RB 17 87.13 -34.04 45.78
N GLU RB 18 86.04 -33.29 45.67
CA GLU RB 18 85.05 -33.24 46.73
C GLU RB 18 84.29 -34.56 46.83
N ALA RB 19 84.06 -35.23 45.70
CA ALA RB 19 83.45 -36.55 45.73
C ALA RB 19 84.40 -37.57 46.36
N ALA RB 20 85.69 -37.49 46.05
CA ALA RB 20 86.65 -38.41 46.62
C ALA RB 20 86.89 -38.13 48.09
N ASP RB 21 86.81 -36.86 48.50
CA ASP RB 21 87.00 -36.53 49.90
C ASP RB 21 85.80 -36.90 50.75
N ALA RB 22 84.60 -36.80 50.18
CA ALA RB 22 83.40 -37.20 50.92
C ALA RB 22 83.29 -38.70 51.02
N MET RB 23 83.89 -39.43 50.08
CA MET RB 23 83.78 -40.88 50.08
C MET RB 23 84.62 -41.50 51.18
N VAL RB 24 85.88 -41.07 51.32
CA VAL RB 24 86.78 -41.69 52.27
C VAL RB 24 86.54 -41.16 53.69
N LYS RB 25 85.74 -40.10 53.83
CA LYS RB 25 85.37 -39.63 55.15
C LYS RB 25 84.09 -40.29 55.64
N ALA RB 26 83.22 -40.69 54.71
CA ALA RB 26 81.92 -41.21 55.10
C ALA RB 26 82.00 -42.65 55.59
N ALA RB 27 82.92 -43.44 55.04
CA ALA RB 27 82.98 -44.85 55.36
C ALA RB 27 84.42 -45.33 55.27
N ARG RB 28 84.61 -46.63 55.52
CA ARG RB 28 85.93 -47.26 55.53
C ARG RB 28 86.26 -47.78 54.13
N VAL RB 29 86.31 -46.85 53.19
CA VAL RB 29 86.72 -47.15 51.83
C VAL RB 29 88.13 -46.60 51.63
N THR RB 30 88.81 -47.13 50.64
CA THR RB 30 90.13 -46.67 50.24
C THR RB 30 90.04 -46.13 48.83
N LEU RB 31 90.30 -44.84 48.66
CA LEU RB 31 90.44 -44.26 47.34
C LEU RB 31 91.70 -44.81 46.69
N VAL RB 32 91.54 -45.52 45.59
CA VAL RB 32 92.68 -46.15 44.93
C VAL RB 32 92.90 -45.62 43.52
N GLY RB 33 91.92 -44.97 42.91
CA GLY RB 33 91.95 -44.77 41.48
C GLY RB 33 91.52 -43.37 41.09
N TYR RB 34 91.96 -42.96 39.92
CA TYR RB 34 91.70 -41.63 39.38
C TYR RB 34 91.85 -41.74 37.87
N GLU RB 35 90.75 -41.59 37.14
CA GLU RB 35 90.73 -41.91 35.73
C GLU RB 35 90.13 -40.77 34.93
N LYS RB 36 90.85 -40.34 33.90
CA LYS RB 36 90.38 -39.34 32.95
C LYS RB 36 90.16 -40.02 31.62
N ILE RB 37 88.96 -39.87 31.08
CA ILE RB 37 88.58 -40.52 29.83
C ILE RB 37 88.21 -39.50 28.75
N GLY RB 38 88.34 -38.21 29.03
CA GLY RB 38 88.04 -37.18 28.07
C GLY RB 38 86.71 -36.49 28.32
N THR RB 39 86.56 -35.33 27.67
CA THR RB 39 85.44 -34.38 27.81
C THR RB 39 85.14 -34.01 29.25
N GLY RB 40 86.15 -33.92 30.11
CA GLY RB 40 85.92 -33.57 31.49
C GLY RB 40 85.29 -34.65 32.33
N ARG RB 41 85.12 -35.86 31.79
CA ARG RB 41 84.59 -36.98 32.55
C ARG RB 41 85.72 -37.60 33.36
N VAL RB 42 85.69 -37.38 34.67
CA VAL RB 42 86.73 -37.82 35.57
C VAL RB 42 86.11 -38.76 36.59
N THR RB 43 86.75 -39.91 36.80
CA THR RB 43 86.24 -40.95 37.68
C THR RB 43 87.23 -41.21 38.81
N VAL RB 44 86.73 -41.18 40.04
CA VAL RB 44 87.47 -41.65 41.21
C VAL RB 44 86.92 -43.01 41.62
N ILE RB 45 87.81 -43.87 42.09
CA ILE RB 45 87.53 -45.28 42.35
C ILE RB 45 87.88 -45.58 43.79
N VAL RB 46 86.90 -46.07 44.55
CA VAL RB 46 87.13 -46.48 45.93
C VAL RB 46 87.00 -47.99 46.03
N ARG RB 47 87.67 -48.56 47.03
CA ARG RB 47 87.59 -49.98 47.33
C ARG RB 47 87.25 -50.17 48.81
N GLY RB 48 86.40 -51.15 49.08
CA GLY RB 48 86.08 -51.48 50.45
C GLY RB 48 85.04 -52.57 50.50
N ASP RB 49 84.48 -52.80 51.68
CA ASP RB 49 83.33 -53.68 51.80
C ASP RB 49 82.12 -53.02 51.15
N VAL RB 50 81.17 -53.84 50.71
CA VAL RB 50 80.06 -53.37 49.89
C VAL RB 50 79.13 -52.43 50.66
N SER RB 51 79.00 -52.63 51.97
CA SER RB 51 78.20 -51.71 52.78
C SER RB 51 78.91 -50.38 52.95
N GLU RB 52 80.24 -50.41 53.05
CA GLU RB 52 81.00 -49.17 53.15
C GLU RB 52 81.09 -48.48 51.80
N VAL RB 53 81.16 -49.25 50.72
CA VAL RB 53 81.23 -48.64 49.39
C VAL RB 53 79.90 -48.01 49.01
N GLN RB 54 78.79 -48.66 49.38
CA GLN RB 54 77.48 -48.09 49.14
C GLN RB 54 77.23 -46.84 49.96
N ALA RB 55 77.76 -46.80 51.18
CA ALA RB 55 77.59 -45.62 52.02
C ALA RB 55 78.46 -44.47 51.56
N SER RB 56 79.60 -44.77 50.95
CA SER RB 56 80.51 -43.71 50.51
C SER RB 56 80.06 -43.11 49.18
N VAL RB 57 79.66 -43.97 48.23
CA VAL RB 57 79.31 -43.52 46.89
C VAL RB 57 78.04 -42.66 46.92
N SER RB 58 77.10 -43.00 47.81
CA SER RB 58 75.93 -42.15 47.99
C SER RB 58 76.28 -40.84 48.67
N ALA RB 59 77.27 -40.87 49.57
CA ALA RB 59 77.67 -39.64 50.25
C ALA RB 59 78.59 -38.79 49.37
N GLY RB 60 79.37 -39.42 48.50
CA GLY RB 60 80.17 -38.67 47.55
C GLY RB 60 79.34 -38.06 46.44
N THR RB 61 78.16 -38.62 46.18
CA THR RB 61 77.25 -38.04 45.20
C THR RB 61 76.57 -36.79 45.75
N GLU RB 62 76.26 -36.79 47.04
CA GLU RB 62 75.56 -35.66 47.65
C GLU RB 62 76.48 -34.46 47.83
N SER RB 63 77.80 -34.68 47.90
CA SER RB 63 78.72 -33.58 48.13
C SER RB 63 79.11 -32.85 46.85
N VAL RB 64 78.79 -33.41 45.69
CA VAL RB 64 79.02 -32.70 44.44
C VAL RB 64 78.01 -31.57 44.28
N LYS RB 65 76.85 -31.67 44.95
CA LYS RB 65 75.90 -30.56 44.98
C LYS RB 65 76.44 -29.36 45.77
N ARG RB 66 77.40 -29.58 46.66
CA ARG RB 66 78.07 -28.48 47.34
C ARG RB 66 78.94 -27.69 46.37
N VAL RB 67 79.51 -28.36 45.37
CA VAL RB 67 80.38 -27.71 44.41
C VAL RB 67 79.54 -26.97 43.38
N ASN RB 68 79.87 -25.71 43.13
CA ASN RB 68 79.24 -24.95 42.06
C ASN RB 68 79.87 -25.36 40.73
N GLY RB 69 79.03 -25.68 39.76
CA GLY RB 69 79.54 -26.17 38.49
C GLY RB 69 79.92 -27.63 38.51
N GLY RB 70 79.61 -28.35 39.59
CA GLY RB 70 79.89 -29.77 39.70
C GLY RB 70 78.65 -30.58 39.37
N GLN RB 71 78.85 -31.68 38.65
CA GLN RB 71 77.75 -32.52 38.19
C GLN RB 71 78.20 -33.97 38.14
N VAL RB 72 77.50 -34.83 38.87
CA VAL RB 72 77.74 -36.26 38.84
C VAL RB 72 77.15 -36.80 37.53
N LEU RB 73 77.99 -37.47 36.73
CA LEU RB 73 77.50 -38.04 35.48
C LEU RB 73 77.03 -39.48 35.68
N SER RB 74 77.82 -40.28 36.38
CA SER RB 74 77.50 -41.69 36.51
C SER RB 74 78.17 -42.24 37.78
N THR RB 75 77.40 -42.98 38.55
CA THR RB 75 77.92 -43.72 39.69
C THR RB 75 77.60 -45.19 39.52
N HIS RB 76 78.47 -46.05 40.05
CA HIS RB 76 78.21 -47.47 40.03
C HIS RB 76 78.99 -48.15 41.15
N ILE RB 77 78.45 -49.26 41.63
CA ILE RB 77 79.05 -50.08 42.67
C ILE RB 77 79.00 -51.52 42.21
N ILE RB 78 80.15 -52.19 42.20
CA ILE RB 78 80.24 -53.62 41.95
C ILE RB 78 80.60 -54.30 43.27
N ALA RB 79 79.72 -55.18 43.74
CA ALA RB 79 79.87 -55.76 45.07
C ALA RB 79 81.02 -56.77 45.12
N ARG RB 80 81.30 -57.43 44.01
CA ARG RB 80 82.32 -58.46 43.95
C ARG RB 80 82.92 -58.45 42.56
N PRO RB 81 83.88 -57.58 42.29
CA PRO RB 81 84.50 -57.56 40.97
C PRO RB 81 85.39 -58.78 40.76
N HIS RB 82 85.45 -59.21 39.51
CA HIS RB 82 86.27 -60.34 39.12
C HIS RB 82 87.74 -59.99 39.26
N GLU RB 83 88.58 -61.02 39.44
CA GLU RB 83 90.01 -60.82 39.62
C GLU RB 83 90.69 -60.38 38.33
N ASN RB 84 90.06 -60.56 37.18
CA ASN RB 84 90.58 -60.09 35.91
C ASN RB 84 90.57 -58.58 35.81
N LEU RB 85 89.70 -57.92 36.57
CA LEU RB 85 89.47 -56.49 36.41
C LEU RB 85 90.61 -55.66 37.00
N GLU RB 86 91.27 -56.15 38.04
CA GLU RB 86 92.31 -55.35 38.68
C GLU RB 86 93.60 -55.36 37.88
N TYR RB 87 93.74 -56.30 36.95
CA TYR RB 87 94.97 -56.36 36.16
C TYR RB 87 94.82 -55.59 34.86
N VAL RB 88 93.60 -55.18 34.51
CA VAL RB 88 93.39 -54.40 33.30
C VAL RB 88 92.93 -52.98 33.67
N LEU RB 89 91.87 -52.89 34.41
CA LEU RB 89 91.30 -51.60 34.77
C LEU RB 89 91.99 -51.04 36.01
N PRO RB 90 92.11 -49.70 36.12
CA PRO RB 90 92.77 -49.10 37.29
C PRO RB 90 91.87 -49.03 38.53
N ILE RB 91 91.44 -50.20 39.00
CA ILE RB 91 90.66 -50.31 40.22
C ILE RB 91 91.42 -51.03 41.32
N ARG RB 92 92.71 -51.30 41.13
CA ARG RB 92 93.45 -52.09 42.09
C ARG RB 92 94.10 -51.22 43.15
N TYR RB 93 94.43 -51.85 44.27
CA TYR RB 93 95.22 -51.19 45.30
C TYR RB 93 96.65 -50.99 44.81
N THR RB 94 97.03 -49.75 44.59
CA THR RB 94 98.42 -49.46 44.30
C THR RB 94 99.23 -49.47 45.60
N GLU RB 95 100.55 -49.39 45.45
CA GLU RB 95 101.43 -49.50 46.62
C GLU RB 95 101.36 -48.24 47.49
N GLU RB 96 100.97 -47.11 46.90
CA GLU RB 96 100.93 -45.86 47.66
C GLU RB 96 99.73 -45.80 48.60
N VAL RB 97 98.69 -46.58 48.31
CA VAL RB 97 97.45 -46.51 49.07
C VAL RB 97 97.28 -47.73 49.98
N GLU RB 98 98.34 -48.50 50.22
CA GLU RB 98 98.21 -49.66 51.10
C GLU RB 98 98.20 -49.28 52.58
N GLN RB 99 98.54 -48.04 52.92
CA GLN RB 99 98.46 -47.61 54.31
C GLN RB 99 97.04 -47.28 54.72
N PHE RB 100 96.13 -47.14 53.75
CA PHE RB 100 94.74 -46.78 54.02
C PHE RB 100 93.78 -47.94 53.89
N ARG RB 101 94.27 -49.13 53.60
CA ARG RB 101 93.41 -50.29 53.41
C ARG RB 101 92.90 -50.84 54.75
N ALA SB 2 88.75 -16.35 72.87
CA ALA SB 2 89.88 -17.19 72.47
C ALA SB 2 89.70 -17.67 71.04
N VAL SB 3 89.34 -18.94 70.88
CA VAL SB 3 89.03 -19.46 69.55
C VAL SB 3 87.60 -19.07 69.18
N ALA SB 4 87.27 -19.18 67.90
CA ALA SB 4 85.96 -18.80 67.43
C ALA SB 4 84.90 -19.79 67.88
N VAL SB 5 83.64 -19.40 67.74
CA VAL SB 5 82.51 -20.26 68.09
C VAL SB 5 81.52 -20.25 66.92
N GLY SB 6 81.07 -21.43 66.53
CA GLY SB 6 80.06 -21.56 65.50
C GLY SB 6 78.89 -22.37 65.99
N MET SB 7 77.70 -22.00 65.52
CA MET SB 7 76.46 -22.64 65.94
C MET SB 7 75.64 -22.96 64.71
N ILE SB 8 75.08 -24.16 64.67
CA ILE SB 8 74.06 -24.53 63.70
C ILE SB 8 72.85 -25.00 64.49
N GLU SB 9 71.72 -24.33 64.29
CA GLU SB 9 70.47 -24.76 64.90
C GLU SB 9 69.60 -25.45 63.86
N THR SB 10 69.19 -26.67 64.16
CA THR SB 10 68.32 -27.43 63.28
C THR SB 10 67.01 -27.73 64.00
N LEU SB 11 66.00 -28.08 63.20
CA LEU SB 11 64.74 -28.62 63.71
C LEU SB 11 64.87 -30.13 63.67
N GLY SB 12 65.10 -30.75 64.82
CA GLY SB 12 65.23 -32.19 64.88
C GLY SB 12 66.60 -32.67 65.29
N PHE SB 13 66.63 -33.78 66.03
CA PHE SB 13 67.87 -34.40 66.48
C PHE SB 13 68.62 -35.22 65.42
N PRO SB 14 67.99 -35.95 64.48
CA PRO SB 14 68.79 -36.57 63.41
C PRO SB 14 69.45 -35.55 62.49
N ALA SB 15 68.90 -34.35 62.37
CA ALA SB 15 69.53 -33.32 61.55
C ALA SB 15 70.69 -32.67 62.27
N VAL SB 16 70.69 -32.70 63.61
CA VAL SB 16 71.72 -31.98 64.35
C VAL SB 16 72.93 -32.88 64.57
N VAL SB 17 72.77 -34.18 64.41
CA VAL SB 17 73.91 -35.10 64.49
C VAL SB 17 74.62 -35.16 63.15
N GLU SB 18 73.86 -35.08 62.06
CA GLU SB 18 74.47 -34.98 60.73
C GLU SB 18 75.16 -33.64 60.54
N ALA SB 19 74.59 -32.57 61.10
CA ALA SB 19 75.26 -31.27 61.07
C ALA SB 19 76.53 -31.29 61.89
N ALA SB 20 76.50 -31.94 63.06
CA ALA SB 20 77.68 -32.00 63.90
C ALA SB 20 78.75 -32.90 63.30
N ASP SB 21 78.34 -33.99 62.64
CA ASP SB 21 79.31 -34.88 62.02
C ASP SB 21 79.94 -34.26 60.78
N ALA SB 22 79.19 -33.40 60.08
CA ALA SB 22 79.74 -32.74 58.91
C ALA SB 22 80.72 -31.65 59.29
N MET SB 23 80.56 -31.06 60.48
CA MET SB 23 81.43 -29.95 60.87
C MET SB 23 82.82 -30.45 61.26
N VAL SB 24 82.89 -31.51 62.07
CA VAL SB 24 84.19 -31.93 62.58
C VAL SB 24 84.95 -32.75 61.54
N LYS SB 25 84.27 -33.18 60.48
CA LYS SB 25 84.95 -33.83 59.37
C LYS SB 25 85.50 -32.81 58.38
N ALA SB 26 84.80 -31.68 58.22
CA ALA SB 26 85.17 -30.73 57.18
C ALA SB 26 86.40 -29.92 57.55
N ALA SB 27 86.53 -29.55 58.82
CA ALA SB 27 87.60 -28.67 59.24
C ALA SB 27 88.06 -29.04 60.64
N ARG SB 28 89.09 -28.34 61.12
CA ARG SB 28 89.68 -28.59 62.42
C ARG SB 28 88.93 -27.80 63.49
N VAL SB 29 87.70 -28.23 63.73
CA VAL SB 29 86.86 -27.66 64.78
C VAL SB 29 86.60 -28.74 65.82
N THR SB 30 86.34 -28.30 67.04
CA THR SB 30 85.98 -29.20 68.13
C THR SB 30 84.53 -28.97 68.48
N LEU SB 31 83.71 -29.99 68.29
CA LEU SB 31 82.34 -29.98 68.80
C LEU SB 31 82.38 -30.03 70.31
N VAL SB 32 81.94 -28.96 70.96
CA VAL SB 32 82.03 -28.84 72.40
C VAL SB 32 80.67 -28.85 73.08
N GLY SB 33 79.60 -28.58 72.36
CA GLY SB 33 78.35 -28.26 73.00
C GLY SB 33 77.15 -28.79 72.24
N TYR SB 34 76.01 -28.79 72.91
CA TYR SB 34 74.78 -29.39 72.44
C TYR SB 34 73.65 -28.78 73.25
N GLU SB 35 72.77 -28.03 72.60
CA GLU SB 35 71.82 -27.20 73.31
C GLU SB 35 70.41 -27.41 72.78
N LYS SB 36 69.47 -27.60 73.70
CA LYS SB 36 68.05 -27.73 73.38
C LYS SB 36 67.30 -26.59 74.04
N ILE SB 37 66.56 -25.82 73.26
CA ILE SB 37 65.83 -24.66 73.77
C ILE SB 37 64.32 -24.84 73.66
N GLY SB 38 63.86 -25.97 73.16
CA GLY SB 38 62.44 -26.21 72.99
C GLY SB 38 61.99 -26.04 71.55
N THR SB 39 60.76 -26.49 71.30
CA THR SB 39 60.13 -26.68 69.98
C THR SB 39 61.02 -27.42 68.99
N GLY SB 40 61.77 -28.42 69.45
CA GLY SB 40 62.64 -29.18 68.58
C GLY SB 40 63.83 -28.43 68.04
N ARG SB 41 64.10 -27.22 68.53
CA ARG SB 41 65.22 -26.42 68.06
C ARG SB 41 66.47 -26.87 68.81
N VAL SB 42 67.35 -27.56 68.11
CA VAL SB 42 68.55 -28.15 68.70
C VAL SB 42 69.77 -27.50 68.08
N THR SB 43 70.72 -27.10 68.92
CA THR SB 43 71.90 -26.36 68.49
C THR SB 43 73.15 -27.12 68.89
N VAL SB 44 74.08 -27.28 67.96
CA VAL SB 44 75.41 -27.79 68.23
C VAL SB 44 76.43 -26.67 68.09
N ILE SB 45 77.44 -26.70 68.95
CA ILE SB 45 78.41 -25.62 69.08
C ILE SB 45 79.80 -26.18 68.79
N VAL SB 46 80.50 -25.56 67.84
CA VAL SB 46 81.87 -25.94 67.53
C VAL SB 46 82.80 -24.79 67.88
N ARG SB 47 84.03 -25.15 68.23
CA ARG SB 47 85.08 -24.19 68.54
C ARG SB 47 86.28 -24.46 67.64
N GLY SB 48 86.95 -23.39 67.22
CA GLY SB 48 88.13 -23.53 66.41
C GLY SB 48 88.58 -22.16 65.92
N ASP SB 49 89.49 -22.16 64.96
CA ASP SB 49 89.82 -20.92 64.28
C ASP SB 49 88.64 -20.47 63.43
N VAL SB 50 88.58 -19.16 63.18
CA VAL SB 50 87.43 -18.57 62.50
C VAL SB 50 87.33 -19.04 61.06
N SER SB 51 88.46 -19.34 60.42
CA SER SB 51 88.43 -19.94 59.09
C SER SB 51 88.00 -21.39 59.15
N GLU SB 52 88.40 -22.10 60.21
CA GLU SB 52 87.98 -23.48 60.39
C GLU SB 52 86.49 -23.56 60.71
N VAL SB 53 85.99 -22.60 61.50
CA VAL SB 53 84.59 -22.58 61.88
C VAL SB 53 83.72 -22.22 60.67
N GLN SB 54 84.19 -21.29 59.84
CA GLN SB 54 83.43 -20.87 58.66
C GLN SB 54 83.31 -22.00 57.65
N ALA SB 55 84.35 -22.82 57.51
CA ALA SB 55 84.30 -23.94 56.59
C ALA SB 55 83.43 -25.06 57.12
N SER SB 56 83.40 -25.24 58.44
CA SER SB 56 82.62 -26.32 59.03
C SER SB 56 81.14 -25.98 59.09
N VAL SB 57 80.81 -24.74 59.47
CA VAL SB 57 79.42 -24.32 59.59
C VAL SB 57 78.75 -24.27 58.23
N SER SB 58 79.50 -23.90 57.20
CA SER SB 58 78.98 -23.95 55.84
C SER SB 58 78.76 -25.38 55.38
N ALA SB 59 79.70 -26.28 55.71
CA ALA SB 59 79.58 -27.67 55.29
C ALA SB 59 78.53 -28.41 56.11
N GLY SB 60 78.34 -28.02 57.37
CA GLY SB 60 77.28 -28.59 58.17
C GLY SB 60 75.89 -28.13 57.74
N THR SB 61 75.82 -27.02 57.01
CA THR SB 61 74.51 -26.50 56.59
C THR SB 61 73.95 -27.31 55.42
N GLU SB 62 74.78 -27.62 54.42
CA GLU SB 62 74.27 -28.37 53.27
C GLU SB 62 74.09 -29.85 53.58
N SER SB 63 74.65 -30.33 54.67
CA SER SB 63 74.48 -31.74 55.03
C SER SB 63 73.14 -32.00 55.70
N VAL SB 64 72.46 -30.97 56.18
CA VAL SB 64 71.12 -31.15 56.73
C VAL SB 64 70.12 -31.34 55.59
N LYS SB 65 70.44 -30.81 54.40
CA LYS SB 65 69.58 -30.97 53.23
C LYS SB 65 69.48 -32.41 52.76
N ARG SB 66 70.45 -33.25 53.08
CA ARG SB 66 70.36 -34.68 52.78
C ARG SB 66 69.55 -35.44 53.82
N VAL SB 67 69.28 -34.84 54.97
CA VAL SB 67 68.43 -35.45 55.98
C VAL SB 67 66.98 -35.09 55.67
N ASN SB 68 66.15 -36.10 55.42
CA ASN SB 68 64.73 -35.90 55.17
C ASN SB 68 64.01 -35.80 56.50
N GLY SB 69 63.46 -34.63 56.78
CA GLY SB 69 62.77 -34.37 58.04
C GLY SB 69 63.42 -33.33 58.92
N GLY SB 70 64.58 -32.80 58.53
CA GLY SB 70 65.24 -31.77 59.30
C GLY SB 70 65.65 -30.61 58.41
N GLN SB 71 65.71 -29.43 59.01
CA GLN SB 71 66.07 -28.22 58.29
C GLN SB 71 66.91 -27.34 59.21
N VAL SB 72 67.79 -26.54 58.59
CA VAL SB 72 68.60 -25.58 59.32
C VAL SB 72 67.72 -24.39 59.65
N LEU SB 73 67.62 -24.05 60.93
CA LEU SB 73 66.84 -22.89 61.33
C LEU SB 73 67.70 -21.64 61.40
N SER SB 74 68.89 -21.75 61.99
CA SER SB 74 69.75 -20.59 62.16
C SER SB 74 71.19 -21.04 62.28
N THR SB 75 72.09 -20.27 61.68
CA THR SB 75 73.52 -20.48 61.79
C THR SB 75 74.19 -19.16 62.16
N HIS SB 76 75.25 -19.24 62.94
CA HIS SB 76 76.02 -18.05 63.27
C HIS SB 76 77.45 -18.43 63.61
N ILE SB 77 78.36 -17.50 63.35
CA ILE SB 77 79.79 -17.64 63.63
C ILE SB 77 80.25 -16.36 64.31
N ILE SB 78 80.90 -16.49 65.46
CA ILE SB 78 81.49 -15.37 66.17
C ILE SB 78 83.00 -15.58 66.18
N ALA SB 79 83.74 -14.60 65.64
CA ALA SB 79 85.17 -14.78 65.35
C ALA SB 79 85.99 -14.89 66.62
N ARG SB 80 85.64 -14.12 67.65
CA ARG SB 80 86.31 -14.20 68.94
C ARG SB 80 85.30 -13.76 70.00
N PRO SB 81 84.65 -14.71 70.67
CA PRO SB 81 83.65 -14.34 71.68
C PRO SB 81 84.30 -13.75 72.92
N HIS SB 82 83.49 -12.98 73.64
CA HIS SB 82 83.92 -12.43 74.92
C HIS SB 82 84.08 -13.55 75.93
N GLU SB 83 84.96 -13.34 76.91
CA GLU SB 83 85.15 -14.36 77.94
C GLU SB 83 84.01 -14.36 78.95
N ASN SB 84 83.15 -13.34 78.92
CA ASN SB 84 81.91 -13.36 79.69
C ASN SB 84 80.96 -14.44 79.20
N LEU SB 85 80.98 -14.75 77.90
CA LEU SB 85 80.06 -15.72 77.33
C LEU SB 85 80.43 -17.14 77.72
N GLU SB 86 81.69 -17.38 78.09
CA GLU SB 86 82.14 -18.73 78.38
C GLU SB 86 81.56 -19.24 79.69
N TYR SB 87 81.27 -18.33 80.62
CA TYR SB 87 80.78 -18.74 81.93
C TYR SB 87 79.26 -18.80 81.96
N VAL SB 88 78.59 -18.06 81.09
CA VAL SB 88 77.13 -18.03 81.10
C VAL SB 88 76.57 -18.99 80.07
N LEU SB 89 77.05 -18.90 78.85
CA LEU SB 89 76.55 -19.71 77.76
C LEU SB 89 77.37 -20.99 77.60
N PRO SB 90 76.72 -22.10 77.22
CA PRO SB 90 77.43 -23.39 77.09
C PRO SB 90 78.20 -23.52 75.77
N ILE SB 91 79.17 -22.62 75.58
CA ILE SB 91 80.04 -22.64 74.40
C ILE SB 91 81.49 -22.93 74.76
N ARG SB 92 81.76 -23.32 75.99
CA ARG SB 92 83.13 -23.53 76.43
C ARG SB 92 83.56 -24.97 76.21
N TYR SB 93 84.88 -25.17 76.25
CA TYR SB 93 85.44 -26.51 76.18
C TYR SB 93 85.17 -27.26 77.48
N THR SB 94 84.57 -28.44 77.36
CA THR SB 94 84.45 -29.32 78.51
C THR SB 94 85.69 -30.20 78.60
N GLU SB 95 85.81 -30.90 79.74
CA GLU SB 95 86.99 -31.74 79.95
C GLU SB 95 86.91 -33.04 79.15
N GLU SB 96 85.73 -33.37 78.63
CA GLU SB 96 85.58 -34.59 77.83
C GLU SB 96 86.11 -34.39 76.42
N VAL SB 97 86.16 -33.14 75.96
CA VAL SB 97 86.50 -32.85 74.57
C VAL SB 97 87.85 -32.15 74.44
N GLU SB 98 88.68 -32.19 75.48
CA GLU SB 98 90.01 -31.59 75.39
C GLU SB 98 90.97 -32.42 74.56
N GLN SB 99 90.63 -33.70 74.31
CA GLN SB 99 91.47 -34.53 73.47
C GLN SB 99 91.29 -34.22 71.99
N PHE SB 100 90.21 -33.53 71.63
CA PHE SB 100 89.95 -33.15 70.25
C PHE SB 100 90.32 -31.71 69.94
N ARG SB 101 90.86 -30.97 70.90
CA ARG SB 101 91.21 -29.57 70.70
C ARG SB 101 92.49 -29.43 69.89
N MET TB 1 96.12 10.33 43.44
CA MET TB 1 96.74 9.04 43.70
C MET TB 1 98.05 9.18 44.46
N GLN TB 2 98.47 8.09 45.08
CA GLN TB 2 99.76 8.01 45.73
C GLN TB 2 100.53 6.82 45.16
N MET TB 3 101.85 6.92 45.16
CA MET TB 3 102.69 5.80 44.80
C MET TB 3 102.94 4.95 46.04
N ALA TB 4 102.73 3.65 45.90
CA ALA TB 4 102.90 2.74 47.02
C ALA TB 4 103.58 1.47 46.53
N LYS TB 5 104.26 0.80 47.46
CA LYS TB 5 104.91 -0.48 47.20
C LYS TB 5 104.11 -1.58 47.90
N VAL TB 6 103.85 -2.66 47.17
CA VAL TB 6 103.10 -3.80 47.71
C VAL TB 6 104.00 -4.52 48.70
N CYS TB 7 103.68 -4.43 49.98
CA CYS TB 7 104.51 -5.08 50.99
C CYS TB 7 103.87 -6.36 51.52
N GLY TB 8 102.59 -6.56 51.30
CA GLY TB 8 101.99 -7.80 51.72
C GLY TB 8 100.50 -7.86 51.48
N THR TB 9 99.89 -8.87 52.10
CA THR TB 9 98.46 -9.14 51.96
C THR TB 9 97.80 -9.14 53.33
N VAL TB 10 96.54 -8.73 53.37
CA VAL TB 10 95.71 -8.80 54.57
C VAL TB 10 94.53 -9.69 54.27
N VAL TB 11 94.35 -10.74 55.07
CA VAL TB 11 93.25 -11.67 54.91
C VAL TB 11 92.33 -11.52 56.11
N GLY TB 12 91.07 -11.23 55.85
CA GLY TB 12 90.07 -11.22 56.89
C GLY TB 12 88.93 -12.15 56.53
N THR TB 13 88.61 -13.09 57.43
CA THR TB 13 87.53 -14.03 57.15
C THR TB 13 86.18 -13.54 57.69
N GLN TB 14 86.18 -12.89 58.84
CA GLN TB 14 84.97 -12.34 59.44
C GLN TB 14 84.85 -10.89 58.97
N LYS TB 15 84.01 -10.65 57.98
CA LYS TB 15 83.93 -9.35 57.34
C LYS TB 15 82.50 -9.10 56.89
N LEU TB 16 82.29 -7.96 56.23
CA LEU TB 16 81.01 -7.66 55.64
C LEU TB 16 80.78 -8.53 54.41
N PRO TB 17 79.52 -8.85 54.08
CA PRO TB 17 79.25 -9.63 52.87
C PRO TB 17 79.61 -8.92 51.58
N SER TB 18 79.60 -7.59 51.59
CA SER TB 18 80.01 -6.83 50.41
C SER TB 18 81.53 -6.74 50.29
N MET TB 19 82.27 -7.20 51.29
CA MET TB 19 83.72 -7.26 51.21
C MET TB 19 84.21 -8.61 50.70
N THR TB 20 83.32 -9.46 50.20
CA THR TB 20 83.71 -10.80 49.76
C THR TB 20 84.23 -10.76 48.34
N GLY TB 21 85.38 -11.39 48.12
CA GLY TB 21 86.03 -11.38 46.83
C GLY TB 21 86.97 -10.21 46.61
N VAL TB 22 87.06 -9.29 47.56
CA VAL TB 22 87.94 -8.14 47.47
C VAL TB 22 89.32 -8.55 47.96
N LYS TB 23 90.30 -8.48 47.08
CA LYS TB 23 91.68 -8.80 47.42
C LYS TB 23 92.31 -7.59 48.11
N LEU TB 24 92.81 -7.79 49.33
CA LEU TB 24 93.31 -6.72 50.16
C LEU TB 24 94.84 -6.76 50.23
N LEU TB 25 95.47 -5.70 49.77
CA LEU TB 25 96.91 -5.59 49.74
C LEU TB 25 97.39 -4.57 50.76
N LEU TB 26 98.42 -4.94 51.50
CA LEU TB 26 99.10 -4.03 52.42
C LEU TB 26 100.15 -3.28 51.62
N LEU TB 27 99.94 -1.99 51.42
CA LEU TB 27 100.82 -1.16 50.61
C LEU TB 27 101.47 -0.11 51.49
N GLN TB 28 102.81 -0.07 51.47
CA GLN TB 28 103.54 1.00 52.12
C GLN TB 28 103.80 2.12 51.12
N PHE TB 29 103.56 3.35 51.55
CA PHE TB 29 103.74 4.49 50.66
C PHE TB 29 105.21 4.79 50.46
N ILE TB 30 105.56 5.15 49.23
CA ILE TB 30 106.90 5.56 48.87
C ILE TB 30 106.85 7.04 48.47
N ASP TB 31 107.96 7.74 48.69
CA ASP TB 31 107.95 9.17 48.43
C ASP TB 31 108.21 9.45 46.94
N ALA TB 32 108.40 10.72 46.61
CA ALA TB 32 108.70 11.10 45.24
C ALA TB 32 110.12 10.73 44.84
N ASN TB 33 111.00 10.48 45.82
CA ASN TB 33 112.36 10.08 45.50
C ASN TB 33 112.52 8.56 45.46
N GLY TB 34 111.52 7.83 45.94
CA GLY TB 34 111.55 6.37 45.91
C GLY TB 34 111.81 5.69 47.23
N GLU TB 35 111.99 6.43 48.32
CA GLU TB 35 112.24 5.85 49.62
C GLU TB 35 110.92 5.53 50.32
N LEU TB 36 110.94 4.55 51.20
CA LEU TB 36 109.73 4.09 51.87
C LEU TB 36 109.34 5.06 52.97
N LEU TB 37 108.11 5.55 52.91
CA LEU TB 37 107.56 6.40 53.96
C LEU TB 37 107.00 5.55 55.09
N PRO TB 38 107.02 6.07 56.33
CA PRO TB 38 106.37 5.34 57.45
C PRO TB 38 104.86 5.55 57.48
N LYS TB 39 104.20 5.16 56.40
CA LYS TB 39 102.76 5.30 56.24
C LYS TB 39 102.30 4.23 55.28
N TYR TB 40 101.21 3.56 55.62
CA TYR TB 40 100.72 2.43 54.87
C TYR TB 40 99.25 2.62 54.52
N GLU TB 41 98.73 1.64 53.78
CA GLU TB 41 97.32 1.58 53.42
C GLU TB 41 96.97 0.12 53.15
N VAL TB 42 95.71 -0.21 53.33
CA VAL TB 42 95.15 -1.47 52.86
C VAL TB 42 94.16 -1.13 51.76
N ALA TB 43 94.40 -1.65 50.56
CA ALA TB 43 93.63 -1.26 49.39
C ALA TB 43 93.12 -2.48 48.65
N ALA TB 44 91.98 -2.31 47.99
CA ALA TB 44 91.49 -3.30 47.04
C ALA TB 44 92.40 -3.33 45.82
N ASP TB 45 92.49 -4.50 45.19
CA ASP TB 45 93.42 -4.74 44.09
C ASP TB 45 92.68 -5.37 42.92
N PRO TB 46 92.04 -4.56 42.07
CA PRO TB 46 91.47 -5.12 40.83
C PRO TB 46 92.52 -5.38 39.77
N VAL TB 47 93.53 -4.52 39.67
CA VAL TB 47 94.66 -4.69 38.77
C VAL TB 47 95.64 -5.58 39.50
N GLY TB 48 95.85 -6.80 38.99
CA GLY TB 48 96.51 -7.84 39.77
C GLY TB 48 97.97 -7.54 40.03
N ALA TB 49 98.30 -7.18 41.27
CA ALA TB 49 99.61 -6.71 41.66
C ALA TB 49 100.19 -7.63 42.73
N GLY TB 50 101.45 -8.02 42.56
CA GLY TB 50 102.12 -8.88 43.50
C GLY TB 50 103.10 -8.12 44.39
N LEU TB 51 103.73 -8.87 45.28
CA LEU TB 51 104.57 -8.27 46.31
C LEU TB 51 105.86 -7.71 45.72
N GLY TB 52 106.18 -6.48 46.13
CA GLY TB 52 107.33 -5.76 45.60
C GLY TB 52 107.00 -4.78 44.50
N GLU TB 53 105.81 -4.83 43.94
CA GLU TB 53 105.44 -3.98 42.82
C GLU TB 53 105.16 -2.55 43.27
N TRP TB 54 105.35 -1.63 42.36
CA TRP TB 54 104.99 -0.23 42.55
C TRP TB 54 103.61 0.00 41.96
N VAL TB 55 102.70 0.53 42.78
CA VAL TB 55 101.32 0.71 42.36
C VAL TB 55 100.91 2.15 42.61
N LEU TB 56 99.89 2.58 41.87
CA LEU TB 56 99.17 3.81 42.16
C LEU TB 56 97.89 3.44 42.91
N VAL TB 57 97.71 4.03 44.07
CA VAL TB 57 96.55 3.78 44.91
C VAL TB 57 95.81 5.10 45.11
N ASN TB 58 94.49 5.08 44.93
CA ASN TB 58 93.69 6.26 45.18
C ASN TB 58 93.07 6.17 46.57
N ARG TB 59 92.36 7.22 46.96
CA ARG TB 59 91.78 7.28 48.29
C ARG TB 59 90.36 7.81 48.16
N GLY TB 60 89.51 7.38 49.09
CA GLY TB 60 88.17 7.95 49.20
C GLY TB 60 87.15 7.32 48.29
N SER TB 61 86.23 8.15 47.78
CA SER TB 61 85.13 7.67 46.96
C SER TB 61 85.56 7.30 45.55
N ALA TB 62 86.81 7.57 45.17
CA ALA TB 62 87.34 7.14 43.89
C ALA TB 62 87.58 5.64 43.85
N ALA TB 63 87.67 4.98 45.01
CA ALA TB 63 87.80 3.54 45.06
C ALA TB 63 86.53 2.81 44.67
N ARG TB 64 85.40 3.51 44.59
CA ARG TB 64 84.11 2.92 44.27
C ARG TB 64 83.65 3.26 42.85
N GLN TB 65 84.58 3.48 41.92
CA GLN TB 65 84.23 3.93 40.58
C GLN TB 65 84.40 2.87 39.51
N THR TB 66 84.94 1.70 39.86
CA THR TB 66 85.31 0.69 38.88
C THR TB 66 84.17 -0.29 38.58
N GLU TB 67 82.94 0.09 38.89
CA GLU TB 67 81.64 -0.54 38.55
C GLU TB 67 81.44 -1.94 39.14
N TYR TB 68 82.44 -2.48 39.85
CA TYR TB 68 82.20 -3.64 40.71
C TYR TB 68 82.61 -3.36 42.15
N HIS TB 69 83.04 -2.15 42.45
CA HIS TB 69 83.27 -1.70 43.82
C HIS TB 69 82.28 -0.62 44.24
N GLN TB 70 81.14 -0.53 43.56
CA GLN TB 70 80.31 0.67 43.64
C GLN TB 70 79.59 0.79 44.99
N ASN TB 71 79.06 -0.32 45.49
CA ASN TB 71 78.35 -0.31 46.77
C ASN TB 71 79.14 -1.04 47.83
N ARG TB 72 80.44 -1.18 47.62
CA ARG TB 72 81.40 -1.82 48.51
C ARG TB 72 82.05 -0.79 49.42
N PRO TB 73 82.23 -1.10 50.69
CA PRO TB 73 82.80 -0.14 51.65
C PRO TB 73 84.32 -0.04 51.55
N LEU TB 74 84.79 0.52 50.43
CA LEU TB 74 86.21 0.62 50.12
C LEU TB 74 86.59 2.08 50.02
N ASP TB 75 87.72 2.45 50.63
CA ASP TB 75 88.23 3.82 50.56
C ASP TB 75 89.64 3.87 49.99
N ALA TB 76 90.13 2.78 49.41
CA ALA TB 76 91.45 2.73 48.82
C ALA TB 76 91.46 1.61 47.78
N MET TB 77 92.14 1.85 46.68
CA MET TB 77 92.12 0.90 45.56
C MET TB 77 93.35 1.10 44.70
N VAL TB 78 94.03 0.00 44.37
CA VAL TB 78 95.09 0.06 43.37
C VAL TB 78 94.47 0.28 42.00
N VAL TB 79 94.81 1.39 41.36
CA VAL TB 79 94.25 1.71 40.05
C VAL TB 79 95.22 1.39 38.92
N ALA TB 80 96.52 1.30 39.19
CA ALA TB 80 97.51 1.09 38.17
C ALA TB 80 98.73 0.44 38.79
N ILE TB 81 99.35 -0.45 38.02
CA ILE TB 81 100.70 -0.92 38.31
C ILE TB 81 101.65 0.02 37.60
N ILE TB 82 102.60 0.58 38.36
CA ILE TB 82 103.51 1.57 37.81
C ILE TB 82 104.51 0.88 36.90
N ASP TB 83 104.58 1.32 35.65
CA ASP TB 83 105.61 0.87 34.72
C ASP TB 83 106.90 1.65 34.92
N THR TB 84 106.83 2.97 34.85
CA THR TB 84 108.00 3.81 34.96
C THR TB 84 107.65 5.15 35.59
N VAL TB 85 108.57 5.68 36.37
CA VAL TB 85 108.46 7.02 36.95
C VAL TB 85 109.65 7.83 36.46
N THR TB 86 109.36 8.93 35.77
CA THR TB 86 110.39 9.82 35.27
C THR TB 86 110.32 11.12 36.07
N VAL TB 87 111.40 11.45 36.78
CA VAL TB 87 111.47 12.67 37.58
C VAL TB 87 112.56 13.55 37.00
N ASN TB 88 112.17 14.76 36.58
CA ASN TB 88 113.08 15.77 36.00
C ASN TB 88 113.81 15.23 34.78
N ASN TB 89 113.07 14.57 33.89
CA ASN TB 89 113.51 13.88 32.68
C ASN TB 89 114.50 12.75 32.96
N ARG TB 90 114.60 12.28 34.20
CA ARG TB 90 115.44 11.15 34.57
C ARG TB 90 114.55 10.03 35.06
N ARG TB 91 114.77 8.83 34.54
CA ARG TB 91 113.97 7.67 34.93
C ARG TB 91 114.31 7.25 36.35
N LEU TB 92 113.34 7.36 37.24
CA LEU TB 92 113.47 6.93 38.63
C LEU TB 92 113.19 5.44 38.81
N TYR TB 93 112.20 4.91 38.09
CA TYR TB 93 111.76 3.54 38.26
C TYR TB 93 111.51 2.93 36.89
N GLY TB 94 111.77 1.63 36.79
CA GLY TB 94 111.53 0.91 35.55
C GLY TB 94 112.71 0.94 34.59
N ALA UB 2 84.45 -57.81 -51.48
CA ALA UB 2 85.65 -58.23 -50.77
C ALA UB 2 85.33 -58.66 -49.35
N VAL UB 3 86.35 -58.67 -48.49
CA VAL UB 3 86.20 -58.98 -47.07
C VAL UB 3 85.36 -57.89 -46.41
N ALA UB 4 84.45 -58.29 -45.52
CA ALA UB 4 83.44 -57.41 -44.97
C ALA UB 4 84.04 -56.28 -44.14
N VAL UB 5 83.36 -55.13 -44.16
CA VAL UB 5 83.77 -53.93 -43.45
C VAL UB 5 82.79 -53.66 -42.33
N GLY UB 6 83.29 -53.39 -41.15
CA GLY UB 6 82.47 -52.88 -40.07
C GLY UB 6 82.99 -51.55 -39.60
N MET UB 7 82.06 -50.64 -39.31
CA MET UB 7 82.40 -49.29 -38.89
C MET UB 7 81.55 -48.92 -37.68
N ILE UB 8 82.17 -48.37 -36.65
CA ILE UB 8 81.47 -47.77 -35.53
C ILE UB 8 81.96 -46.33 -35.41
N GLU UB 9 81.04 -45.38 -35.54
CA GLU UB 9 81.36 -43.98 -35.37
C GLU UB 9 80.90 -43.53 -33.99
N THR UB 10 81.84 -43.01 -33.20
CA THR UB 10 81.54 -42.51 -31.88
C THR UB 10 81.87 -41.03 -31.78
N LEU UB 11 81.27 -40.38 -30.80
CA LEU UB 11 81.57 -39.00 -30.45
C LEU UB 11 82.54 -39.03 -29.27
N GLY UB 12 83.84 -38.98 -29.56
CA GLY UB 12 84.82 -39.06 -28.51
C GLY UB 12 85.84 -40.15 -28.70
N PHE UB 13 87.08 -39.89 -28.28
CA PHE UB 13 88.18 -40.85 -28.39
C PHE UB 13 88.20 -41.95 -27.33
N PRO UB 14 87.82 -41.74 -26.05
CA PRO UB 14 87.66 -42.91 -25.17
C PRO UB 14 86.56 -43.85 -25.60
N ALA UB 15 85.53 -43.35 -26.28
CA ALA UB 15 84.46 -44.23 -26.75
C ALA UB 15 84.87 -45.02 -27.97
N VAL UB 16 85.85 -44.51 -28.74
CA VAL UB 16 86.21 -45.19 -29.98
C VAL UB 16 87.28 -46.24 -29.71
N VAL UB 17 87.99 -46.14 -28.59
CA VAL UB 17 88.97 -47.16 -28.23
C VAL UB 17 88.27 -48.33 -27.56
N GLU UB 18 87.21 -48.06 -26.79
CA GLU UB 18 86.36 -49.13 -26.30
C GLU UB 18 85.59 -49.79 -27.44
N ALA UB 19 85.19 -49.01 -28.45
CA ALA UB 19 84.57 -49.60 -29.64
C ALA UB 19 85.55 -50.46 -30.40
N ALA UB 20 86.79 -49.98 -30.56
CA ALA UB 20 87.79 -50.73 -31.32
C ALA UB 20 88.22 -51.99 -30.57
N ASP UB 21 88.24 -51.94 -29.24
CA ASP UB 21 88.75 -53.08 -28.50
C ASP UB 21 87.68 -54.13 -28.28
N ALA UB 22 86.43 -53.72 -28.06
CA ALA UB 22 85.36 -54.68 -27.91
C ALA UB 22 85.01 -55.35 -29.22
N MET UB 23 85.37 -54.73 -30.34
CA MET UB 23 85.15 -55.37 -31.64
C MET UB 23 86.14 -56.51 -31.86
N VAL UB 24 87.42 -56.27 -31.59
CA VAL UB 24 88.41 -57.30 -31.84
C VAL UB 24 88.45 -58.33 -30.72
N LYS UB 25 87.76 -58.06 -29.61
CA LYS UB 25 87.67 -59.05 -28.54
C LYS UB 25 86.43 -59.92 -28.66
N ALA UB 26 85.40 -59.44 -29.36
CA ALA UB 26 84.17 -60.21 -29.48
C ALA UB 26 84.29 -61.29 -30.54
N ALA UB 27 85.05 -61.03 -31.60
CA ALA UB 27 85.12 -61.94 -32.73
C ALA UB 27 86.47 -61.81 -33.40
N ARG UB 28 86.67 -62.62 -34.43
CA ARG UB 28 87.94 -62.67 -35.18
C ARG UB 28 87.83 -61.66 -36.32
N VAL UB 29 88.00 -60.39 -35.96
CA VAL UB 29 88.07 -59.30 -36.91
C VAL UB 29 89.43 -58.64 -36.78
N THR UB 30 89.81 -57.89 -37.80
CA THR UB 30 91.06 -57.14 -37.81
C THR UB 30 90.72 -55.65 -37.85
N LEU UB 31 91.05 -54.95 -36.78
CA LEU UB 31 90.99 -53.50 -36.76
C LEU UB 31 92.04 -52.95 -37.71
N VAL UB 32 91.61 -52.31 -38.78
CA VAL UB 32 92.52 -51.83 -39.81
C VAL UB 32 92.59 -50.32 -39.87
N GLY UB 33 91.61 -49.61 -39.35
CA GLY UB 33 91.48 -48.21 -39.65
C GLY UB 33 91.02 -47.41 -38.46
N TYR UB 34 91.25 -46.11 -38.52
CA TYR UB 34 90.93 -45.17 -37.46
C TYR UB 34 90.79 -43.81 -38.11
N GLU UB 35 89.55 -43.32 -38.20
CA GLU UB 35 89.23 -42.21 -39.08
C GLU UB 35 88.61 -41.06 -38.30
N LYS UB 36 89.19 -39.88 -38.47
CA LYS UB 36 88.66 -38.65 -37.87
C LYS UB 36 88.15 -37.75 -38.99
N ILE UB 37 86.93 -37.27 -38.86
CA ILE UB 37 86.30 -36.44 -39.87
C ILE UB 37 85.90 -35.08 -39.31
N GLY UB 38 86.28 -34.78 -38.08
CA GLY UB 38 85.96 -33.50 -37.48
C GLY UB 38 84.74 -33.57 -36.56
N THR UB 39 84.62 -32.52 -35.74
CA THR UB 39 83.65 -32.37 -34.65
C THR UB 39 83.57 -33.57 -33.72
N GLY UB 40 84.71 -34.20 -33.44
CA GLY UB 40 84.73 -35.32 -32.51
C GLY UB 40 84.21 -36.63 -33.05
N ARG UB 41 83.73 -36.67 -34.29
CA ARG UB 41 83.23 -37.89 -34.90
C ARG UB 41 84.43 -38.76 -35.30
N VAL UB 42 84.64 -39.84 -34.57
CA VAL UB 42 85.75 -40.74 -34.78
C VAL UB 42 85.19 -42.11 -35.18
N THR UB 43 85.80 -42.72 -36.19
CA THR UB 43 85.35 -44.00 -36.72
C THR UB 43 86.51 -44.99 -36.73
N VAL UB 44 86.27 -46.18 -36.20
CA VAL UB 44 87.19 -47.30 -36.33
C VAL UB 44 86.61 -48.31 -37.31
N ILE UB 45 87.47 -48.91 -38.11
CA ILE UB 45 87.09 -49.78 -39.21
C ILE UB 45 87.68 -51.16 -38.95
N VAL UB 46 86.83 -52.18 -38.93
CA VAL UB 46 87.29 -53.55 -38.79
C VAL UB 46 87.02 -54.31 -40.08
N ARG UB 47 87.84 -55.31 -40.34
CA ARG UB 47 87.66 -56.22 -41.47
C ARG UB 47 87.58 -57.64 -40.97
N GLY UB 48 86.85 -58.48 -41.69
CA GLY UB 48 86.76 -59.88 -41.33
C GLY UB 48 85.64 -60.54 -42.07
N ASP UB 49 85.32 -61.76 -41.64
CA ASP UB 49 84.17 -62.48 -42.18
C ASP UB 49 82.88 -61.80 -41.70
N VAL UB 50 81.80 -62.10 -42.42
CA VAL UB 50 80.51 -61.43 -42.15
C VAL UB 50 79.97 -61.83 -40.80
N SER UB 51 80.17 -63.09 -40.40
CA SER UB 51 79.75 -63.54 -39.08
C SER UB 51 80.54 -62.87 -37.98
N GLU UB 52 81.84 -62.64 -38.20
CA GLU UB 52 82.66 -61.98 -37.20
C GLU UB 52 82.38 -60.49 -37.13
N VAL UB 53 82.18 -59.85 -38.28
CA VAL UB 53 81.97 -58.40 -38.31
C VAL UB 53 80.61 -58.04 -37.72
N GLN UB 54 79.59 -58.86 -38.00
CA GLN UB 54 78.26 -58.65 -37.42
C GLN UB 54 78.27 -58.84 -35.91
N ALA UB 55 79.07 -59.79 -35.42
CA ALA UB 55 79.17 -60.00 -33.98
C ALA UB 55 79.98 -58.89 -33.32
N SER UB 56 81.02 -58.41 -34.00
CA SER UB 56 81.89 -57.41 -33.41
C SER UB 56 81.22 -56.04 -33.33
N VAL UB 57 80.54 -55.64 -34.41
CA VAL UB 57 79.91 -54.32 -34.45
C VAL UB 57 78.73 -54.25 -33.48
N SER UB 58 77.99 -55.35 -33.34
CA SER UB 58 76.86 -55.38 -32.41
C SER UB 58 77.33 -55.42 -30.96
N ALA UB 59 78.43 -56.12 -30.68
CA ALA UB 59 78.97 -56.12 -29.33
C ALA UB 59 79.78 -54.86 -29.06
N GLY UB 60 80.38 -54.28 -30.10
CA GLY UB 60 81.09 -53.04 -29.93
C GLY UB 60 80.19 -51.85 -29.70
N THR UB 61 78.94 -51.93 -30.19
CA THR UB 61 78.01 -50.83 -30.00
C THR UB 61 77.49 -50.78 -28.57
N GLU UB 62 77.25 -51.95 -27.96
CA GLU UB 62 76.74 -51.99 -26.60
C GLU UB 62 77.82 -51.66 -25.58
N SER UB 63 79.09 -51.86 -25.94
CA SER UB 63 80.17 -51.59 -25.00
C SER UB 63 80.44 -50.10 -24.86
N VAL UB 64 80.16 -49.32 -25.90
CA VAL UB 64 80.32 -47.87 -25.84
C VAL UB 64 79.33 -47.23 -24.88
N LYS UB 65 78.14 -47.77 -24.75
CA LYS UB 65 77.19 -47.28 -23.75
C LYS UB 65 77.41 -47.96 -22.40
N ARG UB 66 78.68 -48.03 -21.99
CA ARG UB 66 79.13 -48.41 -20.67
C ARG UB 66 80.30 -47.50 -20.34
N VAL UB 67 80.59 -46.60 -21.27
CA VAL UB 67 81.61 -45.55 -21.11
C VAL UB 67 80.89 -44.26 -20.76
N ASN UB 68 81.38 -43.57 -19.73
CA ASN UB 68 80.81 -42.27 -19.38
C ASN UB 68 81.23 -41.24 -20.43
N GLY UB 69 80.26 -40.54 -20.99
CA GLY UB 69 80.54 -39.64 -22.08
C GLY UB 69 80.67 -40.32 -23.43
N GLY UB 70 80.33 -41.60 -23.52
CA GLY UB 70 80.41 -42.35 -24.75
C GLY UB 70 79.09 -42.32 -25.49
N GLN UB 71 79.15 -42.07 -26.80
CA GLN UB 71 77.98 -41.94 -27.63
C GLN UB 71 78.25 -42.55 -29.00
N VAL UB 72 77.50 -43.57 -29.36
CA VAL UB 72 77.57 -44.17 -30.69
C VAL UB 72 76.80 -43.25 -31.64
N LEU UB 73 77.47 -42.76 -32.67
CA LEU UB 73 76.81 -41.92 -33.65
C LEU UB 73 76.24 -42.74 -34.80
N SER UB 74 77.04 -43.64 -35.34
CA SER UB 74 76.64 -44.39 -36.51
C SER UB 74 77.41 -45.70 -36.58
N THR UB 75 76.69 -46.79 -36.81
CA THR UB 75 77.28 -48.09 -37.03
C THR UB 75 76.80 -48.63 -38.37
N HIS UB 76 77.67 -49.38 -39.05
CA HIS UB 76 77.29 -50.01 -40.30
C HIS UB 76 78.18 -51.20 -40.58
N ILE UB 77 77.62 -52.19 -41.26
CA ILE UB 77 78.33 -53.36 -41.75
C ILE UB 77 78.07 -53.47 -43.24
N ILE UB 78 79.13 -53.52 -44.04
CA ILE UB 78 79.05 -53.83 -45.46
C ILE UB 78 79.64 -55.22 -45.65
N ALA UB 79 78.78 -56.18 -45.99
CA ALA UB 79 79.19 -57.59 -45.98
C ALA UB 79 80.08 -57.93 -47.15
N ARG UB 80 79.88 -57.28 -48.29
CA ARG UB 80 80.68 -57.55 -49.48
C ARG UB 80 80.94 -56.21 -50.17
N PRO UB 81 81.98 -55.49 -49.74
CA PRO UB 81 82.27 -54.21 -50.37
C PRO UB 81 82.91 -54.40 -51.74
N HIS UB 82 82.70 -53.41 -52.59
CA HIS UB 82 83.33 -53.39 -53.90
C HIS UB 82 84.82 -53.17 -53.74
N GLU UB 83 85.59 -53.73 -54.67
CA GLU UB 83 87.04 -53.59 -54.63
C GLU UB 83 87.50 -52.18 -55.02
N ASN UB 84 86.60 -51.35 -55.56
CA ASN UB 84 86.88 -49.93 -55.76
C ASN UB 84 87.07 -49.19 -54.45
N LEU UB 85 86.38 -49.61 -53.39
CA LEU UB 85 86.35 -48.84 -52.15
C LEU UB 85 87.64 -48.95 -51.36
N GLU UB 86 88.41 -50.01 -51.57
CA GLU UB 86 89.65 -50.18 -50.81
C GLU UB 86 90.71 -49.18 -51.26
N TYR UB 87 90.66 -48.77 -52.52
CA TYR UB 87 91.70 -47.88 -53.04
C TYR UB 87 91.38 -46.42 -52.77
N VAL UB 88 90.12 -46.12 -52.48
CA VAL UB 88 89.72 -44.73 -52.25
C VAL UB 88 89.52 -44.46 -50.77
N LEU UB 89 88.81 -45.32 -50.10
CA LEU UB 89 88.48 -45.14 -48.70
C LEU UB 89 89.50 -45.83 -47.80
N PRO UB 90 89.76 -45.30 -46.60
CA PRO UB 90 90.71 -45.94 -45.68
C PRO UB 90 90.11 -47.11 -44.91
N ILE UB 91 89.68 -48.13 -45.65
CA ILE UB 91 89.11 -49.35 -45.08
C ILE UB 91 89.95 -50.57 -45.39
N ARG UB 92 91.14 -50.40 -45.94
CA ARG UB 92 91.90 -51.52 -46.44
C ARG UB 92 92.91 -52.01 -45.42
N TYR UB 93 93.41 -53.23 -45.65
CA TYR UB 93 94.47 -53.79 -44.83
C TYR UB 93 95.78 -53.06 -45.10
N THR UB 94 96.39 -52.53 -44.06
CA THR UB 94 97.72 -51.96 -44.15
C THR UB 94 98.76 -52.99 -43.69
N GLU UB 95 100.04 -52.65 -43.90
CA GLU UB 95 101.09 -53.61 -43.62
C GLU UB 95 101.39 -53.73 -42.13
N GLU UB 96 100.86 -52.81 -41.32
CA GLU UB 96 101.06 -52.90 -39.88
C GLU UB 96 100.11 -53.91 -39.25
N VAL UB 97 99.02 -54.23 -39.94
CA VAL UB 97 97.98 -55.11 -39.39
C VAL UB 97 97.88 -56.42 -40.19
N GLU UB 98 98.92 -56.79 -40.94
CA GLU UB 98 98.87 -58.03 -41.70
C GLU UB 98 99.05 -59.26 -40.81
N GLN UB 99 99.54 -59.10 -39.58
CA GLN UB 99 99.69 -60.24 -38.70
C GLN UB 99 98.37 -60.66 -38.08
N PHE UB 100 97.39 -59.77 -38.03
CA PHE UB 100 96.11 -60.06 -37.41
C PHE UB 100 95.06 -60.57 -38.38
N ARG UB 101 95.36 -60.60 -39.68
CA ARG UB 101 94.39 -61.06 -40.67
C ARG UB 101 94.23 -62.57 -40.62
N ALA VB 2 83.82 -33.04 -69.72
CA ALA VB 2 84.49 -34.32 -69.51
C ALA VB 2 83.49 -35.40 -69.09
N VAL VB 3 84.03 -36.52 -68.61
CA VAL VB 3 83.21 -37.58 -68.02
C VAL VB 3 82.52 -37.04 -66.77
N ALA VB 4 81.23 -37.36 -66.62
CA ALA VB 4 80.40 -36.75 -65.59
C ALA VB 4 80.86 -37.11 -64.19
N VAL VB 5 80.57 -36.23 -63.24
CA VAL VB 5 81.00 -36.37 -61.86
C VAL VB 5 79.77 -36.31 -60.95
N GLY VB 6 79.68 -37.26 -60.04
CA GLY VB 6 78.62 -37.24 -59.04
C GLY VB 6 79.21 -37.22 -57.65
N MET VB 7 78.63 -36.40 -56.79
CA MET VB 7 79.11 -36.22 -55.43
C MET VB 7 77.96 -36.43 -54.46
N ILE VB 8 78.18 -37.23 -53.44
CA ILE VB 8 77.25 -37.38 -52.33
C ILE VB 8 77.97 -36.95 -51.07
N GLU VB 9 77.46 -35.91 -50.41
CA GLU VB 9 77.98 -35.49 -49.13
C GLU VB 9 77.08 -36.02 -48.01
N THR VB 10 77.68 -36.73 -47.07
CA THR VB 10 76.97 -37.24 -45.91
C THR VB 10 77.57 -36.66 -44.64
N LEU VB 11 76.80 -36.74 -43.57
CA LEU VB 11 77.26 -36.40 -42.23
C LEU VB 11 77.65 -37.71 -41.55
N GLY VB 12 78.94 -38.01 -41.54
CA GLY VB 12 79.40 -39.23 -40.94
C GLY VB 12 80.12 -40.15 -41.91
N PHE VB 13 81.14 -40.83 -41.41
CA PHE VB 13 81.93 -41.77 -42.21
C PHE VB 13 81.27 -43.13 -42.48
N PRO VB 14 80.51 -43.77 -41.56
CA PRO VB 14 79.81 -45.00 -41.98
C PRO VB 14 78.73 -44.77 -43.02
N ALA VB 15 78.18 -43.56 -43.11
CA ALA VB 15 77.19 -43.30 -44.14
C ALA VB 15 77.83 -43.06 -45.50
N VAL VB 16 79.09 -42.63 -45.52
CA VAL VB 16 79.71 -42.28 -46.79
C VAL VB 16 80.35 -43.51 -47.43
N VAL VB 17 80.56 -44.56 -46.65
CA VAL VB 17 81.09 -45.81 -47.21
C VAL VB 17 79.95 -46.65 -47.77
N GLU VB 18 78.79 -46.59 -47.13
CA GLU VB 18 77.61 -47.25 -47.67
C GLU VB 18 77.08 -46.53 -48.91
N ALA VB 19 77.18 -45.20 -48.92
CA ALA VB 19 76.84 -44.44 -50.12
C ALA VB 19 77.80 -44.75 -51.25
N ALA VB 20 79.09 -44.91 -50.95
CA ALA VB 20 80.06 -45.21 -51.99
C ALA VB 20 79.93 -46.65 -52.46
N ASP VB 21 79.55 -47.57 -51.57
CA ASP VB 21 79.39 -48.96 -51.96
C ASP VB 21 78.11 -49.16 -52.76
N ALA VB 22 77.08 -48.36 -52.48
CA ALA VB 22 75.85 -48.46 -53.25
C ALA VB 22 76.01 -47.85 -54.64
N MET VB 23 76.88 -46.87 -54.78
CA MET VB 23 77.02 -46.18 -56.06
C MET VB 23 77.72 -47.04 -57.09
N VAL VB 24 78.81 -47.70 -56.71
CA VAL VB 24 79.58 -48.46 -57.68
C VAL VB 24 78.96 -49.83 -57.94
N LYS VB 25 77.97 -50.22 -57.14
CA LYS VB 25 77.22 -51.44 -57.43
C LYS VB 25 76.01 -51.16 -58.30
N ALA VB 26 75.44 -49.95 -58.20
CA ALA VB 26 74.20 -49.65 -58.90
C ALA VB 26 74.44 -49.42 -60.39
N ALA VB 27 75.59 -48.88 -60.76
CA ALA VB 27 75.85 -48.52 -62.15
C ALA VB 27 77.34 -48.60 -62.43
N ARG VB 28 77.69 -48.34 -63.69
CA ARG VB 28 79.09 -48.41 -64.15
C ARG VB 28 79.78 -47.07 -63.89
N VAL VB 29 79.94 -46.76 -62.61
CA VAL VB 29 80.66 -45.59 -62.19
C VAL VB 29 81.94 -46.04 -61.50
N THR VB 30 82.91 -45.13 -61.45
CA THR VB 30 84.17 -45.36 -60.77
C THR VB 30 84.27 -44.39 -59.60
N LEU VB 31 84.32 -44.92 -58.39
CA LEU VB 31 84.64 -44.12 -57.22
C LEU VB 31 86.08 -43.67 -57.33
N VAL VB 32 86.29 -42.36 -57.43
CA VAL VB 32 87.63 -41.82 -57.64
C VAL VB 32 88.10 -40.97 -56.48
N GLY VB 33 87.20 -40.48 -55.63
CA GLY VB 33 87.55 -39.41 -54.73
C GLY VB 33 86.89 -39.57 -53.39
N TYR VB 34 87.43 -38.86 -52.41
CA TYR VB 34 87.01 -38.96 -51.02
C TYR VB 34 87.50 -37.70 -50.33
N GLU VB 35 86.57 -36.86 -49.88
CA GLU VB 35 86.92 -35.52 -49.43
C GLU VB 35 86.33 -35.24 -48.06
N LYS VB 36 87.15 -34.69 -47.17
CA LYS VB 36 86.75 -34.24 -45.85
C LYS VB 36 86.94 -32.74 -45.77
N ILE VB 37 85.88 -32.02 -45.39
CA ILE VB 37 85.91 -30.56 -45.36
C ILE VB 37 85.60 -30.01 -43.98
N GLY VB 38 85.44 -30.87 -42.98
CA GLY VB 38 85.15 -30.44 -41.63
C GLY VB 38 83.69 -30.59 -41.25
N THR VB 39 83.43 -30.45 -39.96
CA THR VB 39 82.15 -30.73 -39.27
C THR VB 39 81.55 -32.08 -39.63
N GLY VB 40 82.38 -33.10 -39.87
CA GLY VB 40 81.89 -34.40 -40.24
C GLY VB 40 81.29 -34.49 -41.63
N ARG VB 41 81.45 -33.45 -42.46
CA ARG VB 41 80.92 -33.46 -43.82
C ARG VB 41 81.89 -34.19 -44.72
N VAL VB 42 81.52 -35.38 -45.14
CA VAL VB 42 82.38 -36.25 -45.93
C VAL VB 42 81.73 -36.46 -47.29
N THR VB 43 82.53 -36.40 -48.35
CA THR VB 43 82.04 -36.46 -49.72
C THR VB 43 82.78 -37.54 -50.49
N VAL VB 44 82.04 -38.42 -51.15
CA VAL VB 44 82.59 -39.37 -52.11
C VAL VB 44 82.24 -38.92 -53.52
N ILE VB 45 83.16 -39.15 -54.45
CA ILE VB 45 83.08 -38.62 -55.81
C ILE VB 45 83.18 -39.78 -56.79
N VAL VB 46 82.15 -39.95 -57.62
CA VAL VB 46 82.16 -40.98 -58.65
C VAL VB 46 82.27 -40.32 -60.02
N ARG VB 47 82.83 -41.06 -60.96
CA ARG VB 47 82.91 -40.64 -62.36
C ARG VB 47 82.28 -41.70 -63.26
N GLY VB 48 81.62 -41.25 -64.30
CA GLY VB 48 81.03 -42.17 -65.26
C GLY VB 48 80.22 -41.40 -66.28
N ASP VB 49 79.46 -42.14 -67.08
CA ASP VB 49 78.51 -41.50 -67.95
C ASP VB 49 77.37 -40.91 -67.13
N VAL VB 50 76.70 -39.89 -67.69
CA VAL VB 50 75.73 -39.11 -66.94
C VAL VB 50 74.50 -39.95 -66.55
N SER VB 51 74.12 -40.91 -67.37
CA SER VB 51 73.04 -41.82 -67.01
C SER VB 51 73.47 -42.77 -65.90
N GLU VB 52 74.72 -43.22 -65.94
CA GLU VB 52 75.23 -44.10 -64.89
C GLU VB 52 75.47 -43.33 -63.60
N VAL VB 53 75.90 -42.08 -63.71
CA VAL VB 53 76.16 -41.27 -62.52
C VAL VB 53 74.84 -40.89 -61.85
N GLN VB 54 73.81 -40.58 -62.64
CA GLN VB 54 72.50 -40.27 -62.09
C GLN VB 54 71.87 -41.48 -61.43
N ALA VB 55 72.05 -42.66 -62.02
CA ALA VB 55 71.50 -43.88 -61.44
C ALA VB 55 72.22 -44.28 -60.17
N SER VB 56 73.53 -43.98 -60.10
CA SER VB 56 74.30 -44.36 -58.93
C SER VB 56 74.07 -43.40 -57.77
N VAL VB 57 74.05 -42.09 -58.05
CA VAL VB 57 73.89 -41.09 -57.01
C VAL VB 57 72.51 -41.18 -56.36
N SER VB 58 71.49 -41.50 -57.16
CA SER VB 58 70.15 -41.73 -56.62
C SER VB 58 70.10 -42.98 -55.74
N ALA VB 59 70.84 -44.02 -56.13
CA ALA VB 59 70.88 -45.24 -55.31
C ALA VB 59 71.80 -45.08 -54.11
N GLY VB 60 72.72 -44.12 -54.17
CA GLY VB 60 73.59 -43.88 -53.04
C GLY VB 60 72.92 -43.12 -51.91
N THR VB 61 71.91 -42.31 -52.24
CA THR VB 61 71.17 -41.61 -51.19
C THR VB 61 70.20 -42.54 -50.47
N GLU VB 62 69.68 -43.54 -51.18
CA GLU VB 62 68.72 -44.45 -50.59
C GLU VB 62 69.38 -45.42 -49.61
N SER VB 63 70.68 -45.66 -49.76
CA SER VB 63 71.37 -46.59 -48.88
C SER VB 63 71.86 -45.93 -47.60
N VAL VB 64 71.91 -44.59 -47.55
CA VAL VB 64 72.23 -43.92 -46.30
C VAL VB 64 71.09 -44.04 -45.30
N LYS VB 65 69.85 -44.23 -45.80
CA LYS VB 65 68.72 -44.49 -44.92
C LYS VB 65 68.84 -45.86 -44.25
N ARG VB 66 69.60 -46.78 -44.83
CA ARG VB 66 69.89 -48.05 -44.15
C ARG VB 66 70.80 -47.84 -42.96
N VAL VB 67 71.69 -46.84 -43.04
CA VAL VB 67 72.63 -46.57 -41.97
C VAL VB 67 71.91 -45.80 -40.87
N ASN VB 68 72.01 -46.31 -39.63
CA ASN VB 68 71.50 -45.58 -38.48
C ASN VB 68 72.47 -44.46 -38.13
N GLY VB 69 71.94 -43.25 -37.96
CA GLY VB 69 72.80 -42.11 -37.72
C GLY VB 69 73.44 -41.55 -38.97
N GLY VB 70 73.02 -42.01 -40.14
CA GLY VB 70 73.53 -41.50 -41.42
C GLY VB 70 72.54 -40.51 -42.01
N GLN VB 71 73.10 -39.46 -42.62
CA GLN VB 71 72.29 -38.37 -43.16
C GLN VB 71 72.99 -37.78 -44.37
N VAL VB 72 72.28 -37.73 -45.50
CA VAL VB 72 72.79 -37.11 -46.71
C VAL VB 72 72.61 -35.61 -46.57
N LEU VB 73 73.70 -34.86 -46.73
CA LEU VB 73 73.62 -33.41 -46.62
C LEU VB 73 73.38 -32.76 -47.98
N SER VB 74 74.13 -33.17 -48.99
CA SER VB 74 74.07 -32.52 -50.29
C SER VB 74 74.52 -33.49 -51.35
N THR VB 75 73.80 -33.50 -52.48
CA THR VB 75 74.19 -34.30 -53.63
C THR VB 75 74.15 -33.42 -54.87
N HIS VB 76 75.02 -33.73 -55.83
CA HIS VB 76 75.00 -33.03 -57.11
C HIS VB 76 75.64 -33.90 -58.17
N ILE VB 77 75.19 -33.68 -59.41
CA ILE VB 77 75.73 -34.34 -60.59
C ILE VB 77 76.05 -33.26 -61.61
N ILE VB 78 77.29 -33.23 -62.07
CA ILE VB 78 77.70 -32.36 -63.17
C ILE VB 78 77.91 -33.25 -64.39
N ALA VB 79 77.08 -33.04 -65.42
CA ALA VB 79 77.05 -33.94 -66.57
C ALA VB 79 78.31 -33.82 -67.43
N ARG VB 80 78.92 -32.64 -67.45
CA ARG VB 80 80.10 -32.40 -68.27
C ARG VB 80 80.97 -31.39 -67.54
N PRO VB 81 81.81 -31.84 -66.61
CA PRO VB 81 82.69 -30.91 -65.91
C PRO VB 81 83.79 -30.40 -66.82
N HIS VB 82 84.16 -29.14 -66.60
CA HIS VB 82 85.23 -28.52 -67.34
C HIS VB 82 86.56 -29.20 -67.01
N GLU VB 83 87.49 -29.14 -67.96
CA GLU VB 83 88.78 -29.80 -67.81
C GLU VB 83 89.65 -29.13 -66.76
N ASN VB 84 89.36 -27.88 -66.39
CA ASN VB 84 90.07 -27.19 -65.32
C ASN VB 84 89.78 -27.82 -63.96
N LEU VB 85 88.63 -28.48 -63.81
CA LEU VB 85 88.19 -28.94 -62.50
C LEU VB 85 88.97 -30.14 -62.02
N GLU VB 86 89.51 -30.96 -62.93
CA GLU VB 86 90.20 -32.18 -62.51
C GLU VB 86 91.62 -31.88 -62.06
N TYR VB 87 92.14 -30.69 -62.38
CA TYR VB 87 93.49 -30.35 -61.98
C TYR VB 87 93.50 -29.59 -60.66
N VAL VB 88 92.35 -29.13 -60.21
CA VAL VB 88 92.27 -28.42 -58.93
C VAL VB 88 91.52 -29.25 -57.91
N LEU VB 89 90.32 -29.65 -58.23
CA LEU VB 89 89.46 -30.40 -57.32
C LEU VB 89 89.75 -31.89 -57.40
N PRO VB 90 89.60 -32.62 -56.30
CA PRO VB 90 89.86 -34.08 -56.32
C PRO VB 90 88.70 -34.89 -56.92
N ILE VB 91 88.44 -34.64 -58.20
CA ILE VB 91 87.45 -35.39 -58.96
C ILE VB 91 88.08 -36.18 -60.09
N ARG VB 92 89.41 -36.19 -60.20
CA ARG VB 92 90.07 -36.80 -61.33
C ARG VB 92 90.31 -38.29 -61.09
N TYR VB 93 90.50 -39.01 -62.20
CA TYR VB 93 90.90 -40.40 -62.12
C TYR VB 93 92.35 -40.50 -61.66
N THR VB 94 92.55 -41.03 -60.47
CA THR VB 94 93.89 -41.34 -60.02
C THR VB 94 94.36 -42.65 -60.65
N GLU VB 95 95.65 -42.93 -60.51
CA GLU VB 95 96.23 -44.12 -61.13
C GLU VB 95 95.78 -45.39 -60.41
N GLU VB 96 95.41 -45.28 -59.14
CA GLU VB 96 94.99 -46.44 -58.37
C GLU VB 96 93.63 -46.96 -58.81
N VAL VB 97 92.81 -46.09 -59.40
CA VAL VB 97 91.44 -46.45 -59.76
C VAL VB 97 91.27 -46.62 -61.27
N GLU VB 98 92.36 -46.78 -62.02
CA GLU VB 98 92.24 -46.97 -63.45
C GLU VB 98 91.83 -48.39 -63.83
N GLN VB 99 91.88 -49.33 -62.88
CA GLN VB 99 91.42 -50.68 -63.18
C GLN VB 99 89.90 -50.78 -63.16
N PHE VB 100 89.22 -49.78 -62.62
CA PHE VB 100 87.77 -49.80 -62.51
C PHE VB 100 87.08 -48.89 -63.52
N ARG VB 101 87.85 -48.20 -64.36
CA ARG VB 101 87.26 -47.27 -65.32
C ARG VB 101 86.61 -48.00 -66.49
N ALA WB 2 72.60 -78.07 -45.80
CA ALA WB 2 73.91 -77.63 -46.26
C ALA WB 2 74.11 -76.15 -45.98
N VAL WB 3 73.99 -75.34 -47.04
CA VAL WB 3 74.05 -73.90 -46.87
C VAL WB 3 72.70 -73.38 -46.39
N ALA WB 4 72.68 -72.17 -45.85
CA ALA WB 4 71.46 -71.59 -45.33
C ALA WB 4 70.51 -71.22 -46.47
N VAL WB 5 69.26 -70.94 -46.12
CA VAL WB 5 68.25 -70.51 -47.08
C VAL WB 5 67.54 -69.28 -46.52
N GLY WB 6 67.42 -68.26 -47.36
CA GLY WB 6 66.70 -67.06 -46.99
C GLY WB 6 65.65 -66.73 -48.03
N MET WB 7 64.51 -66.24 -47.56
CA MET WB 7 63.37 -65.95 -48.41
C MET WB 7 62.87 -64.55 -48.12
N ILE WB 8 62.59 -63.78 -49.16
CA ILE WB 8 61.87 -62.52 -49.06
C ILE WB 8 60.62 -62.65 -49.91
N GLU WB 9 59.46 -62.52 -49.31
CA GLU WB 9 58.20 -62.49 -50.03
C GLU WB 9 57.73 -61.06 -50.17
N THR WB 10 57.50 -60.62 -51.40
CA THR WB 10 56.99 -59.29 -51.67
C THR WB 10 55.63 -59.39 -52.35
N LEU WB 11 54.92 -58.28 -52.32
CA LEU WB 11 53.68 -58.12 -53.08
C LEU WB 11 54.06 -57.39 -54.37
N GLY WB 12 54.16 -58.15 -55.47
CA GLY WB 12 54.50 -57.56 -56.73
C GLY WB 12 55.82 -58.03 -57.30
N PHE WB 13 55.89 -58.14 -58.62
CA PHE WB 13 57.09 -58.56 -59.32
C PHE WB 13 58.17 -57.49 -59.47
N PRO WB 14 57.89 -56.19 -59.68
CA PRO WB 14 59.00 -55.21 -59.61
C PRO WB 14 59.65 -55.12 -58.25
N ALA WB 15 58.92 -55.39 -57.16
CA ALA WB 15 59.53 -55.34 -55.84
C ALA WB 15 60.40 -56.58 -55.58
N VAL WB 16 60.09 -57.69 -56.24
CA VAL WB 16 60.80 -58.93 -55.93
C VAL WB 16 62.08 -59.03 -56.74
N VAL WB 17 62.19 -58.27 -57.84
CA VAL WB 17 63.44 -58.23 -58.59
C VAL WB 17 64.40 -57.26 -57.94
N GLU WB 18 63.89 -56.16 -57.38
CA GLU WB 18 64.73 -55.26 -56.61
C GLU WB 18 65.18 -55.90 -55.30
N ALA WB 19 64.32 -56.73 -54.70
CA ALA WB 19 64.72 -57.49 -53.54
C ALA WB 19 65.79 -58.52 -53.89
N ALA WB 20 65.62 -59.22 -55.01
CA ALA WB 20 66.59 -60.23 -55.41
C ALA WB 20 67.91 -59.61 -55.85
N ASP WB 21 67.85 -58.43 -56.47
CA ASP WB 21 69.08 -57.77 -56.90
C ASP WB 21 69.86 -57.20 -55.72
N ALA WB 22 69.16 -56.74 -54.68
CA ALA WB 22 69.83 -56.22 -53.51
C ALA WB 22 70.42 -57.34 -52.67
N MET WB 23 69.90 -58.56 -52.80
CA MET WB 23 70.40 -59.66 -52.00
C MET WB 23 71.74 -60.16 -52.52
N VAL WB 24 71.85 -60.37 -53.83
CA VAL WB 24 73.07 -60.95 -54.37
C VAL WB 24 74.17 -59.91 -54.53
N LYS WB 25 73.82 -58.63 -54.40
CA LYS WB 25 74.84 -57.58 -54.40
C LYS WB 25 75.40 -57.37 -53.00
N ALA WB 26 74.58 -57.61 -51.97
CA ALA WB 26 74.99 -57.29 -50.61
C ALA WB 26 75.99 -58.30 -50.06
N ALA WB 27 75.79 -59.58 -50.35
CA ALA WB 27 76.61 -60.62 -49.76
C ALA WB 27 76.85 -61.74 -50.76
N ARG WB 28 77.57 -62.76 -50.33
CA ARG WB 28 77.92 -63.91 -51.17
C ARG WB 28 76.82 -64.96 -51.07
N VAL WB 29 75.65 -64.61 -51.58
CA VAL WB 29 74.53 -65.52 -51.66
C VAL WB 29 74.26 -65.82 -53.12
N THR WB 30 73.60 -66.94 -53.36
CA THR WB 30 73.17 -67.34 -54.69
C THR WB 30 71.65 -67.33 -54.73
N LEU WB 31 71.09 -66.44 -55.54
CA LEU WB 31 69.68 -66.51 -55.87
C LEU WB 31 69.42 -67.78 -56.66
N VAL WB 32 68.66 -68.70 -56.07
CA VAL WB 32 68.42 -69.99 -56.69
C VAL WB 32 66.98 -70.17 -57.13
N GLY WB 33 66.04 -69.43 -56.57
CA GLY WB 33 64.64 -69.78 -56.71
C GLY WB 33 63.76 -68.57 -56.84
N TYR WB 34 62.52 -68.83 -57.23
CA TYR WB 34 61.55 -67.80 -57.57
C TYR WB 34 60.19 -68.45 -57.52
N GLU WB 35 59.34 -68.01 -56.60
CA GLU WB 35 58.11 -68.73 -56.28
C GLU WB 35 56.92 -67.81 -56.26
N LYS WB 36 55.83 -68.23 -56.90
CA LYS WB 36 54.57 -67.52 -56.93
C LYS WB 36 53.51 -68.41 -56.31
N ILE WB 37 52.78 -67.89 -55.33
CA ILE WB 37 51.77 -68.66 -54.62
C ILE WB 37 50.39 -68.05 -54.77
N GLY WB 38 50.24 -66.99 -55.56
CA GLY WB 38 48.96 -66.36 -55.77
C GLY WB 38 48.77 -65.09 -54.96
N THR WB 39 47.76 -64.32 -55.38
CA THR WB 39 47.48 -62.94 -54.93
C THR WB 39 48.70 -62.03 -54.97
N GLY WB 40 49.56 -62.18 -55.97
CA GLY WB 40 50.71 -61.32 -56.11
C GLY WB 40 51.83 -61.57 -55.13
N ARG WB 41 51.73 -62.60 -54.30
CA ARG WB 41 52.76 -62.91 -53.31
C ARG WB 41 53.87 -63.68 -54.01
N VAL WB 42 55.01 -63.03 -54.19
CA VAL WB 42 56.13 -63.58 -54.93
C VAL WB 42 57.33 -63.66 -54.01
N THR WB 43 58.01 -64.81 -54.02
CA THR WB 43 59.12 -65.08 -53.10
C THR WB 43 60.37 -65.39 -53.91
N VAL WB 44 61.48 -64.77 -53.54
CA VAL WB 44 62.80 -65.13 -54.05
C VAL WB 44 63.58 -65.83 -52.94
N ILE WB 45 64.38 -66.82 -53.34
CA ILE WB 45 65.08 -67.70 -52.42
C ILE WB 45 66.58 -67.58 -52.69
N VAL WB 46 67.35 -67.27 -51.65
CA VAL WB 46 68.80 -67.21 -51.76
C VAL WB 46 69.41 -68.33 -50.90
N ARG WB 47 70.54 -68.84 -51.36
CA ARG WB 47 71.32 -69.82 -50.62
C ARG WB 47 72.71 -69.27 -50.35
N GLY WB 48 73.24 -69.60 -49.18
CA GLY WB 48 74.58 -69.16 -48.83
C GLY WB 48 74.87 -69.49 -47.39
N ASP WB 49 75.94 -68.91 -46.86
CA ASP WB 49 76.20 -69.00 -45.43
C ASP WB 49 75.15 -68.19 -44.67
N VAL WB 50 74.95 -68.55 -43.40
CA VAL WB 50 73.88 -67.95 -42.61
C VAL WB 50 74.16 -66.48 -42.32
N SER WB 51 75.43 -66.09 -42.22
CA SER WB 51 75.78 -64.69 -42.04
C SER WB 51 75.56 -63.90 -43.33
N GLU WB 52 75.88 -64.51 -44.48
CA GLU WB 52 75.67 -63.85 -45.76
C GLU WB 52 74.19 -63.79 -46.11
N VAL WB 53 73.43 -64.80 -45.72
CA VAL WB 53 71.99 -64.79 -45.99
C VAL WB 53 71.30 -63.75 -45.12
N GLN WB 54 71.76 -63.59 -43.87
CA GLN WB 54 71.21 -62.57 -42.98
C GLN WB 54 71.55 -61.16 -43.48
N ALA WB 55 72.73 -60.98 -44.06
CA ALA WB 55 73.09 -59.67 -44.59
C ALA WB 55 72.35 -59.36 -45.88
N SER WB 56 72.03 -60.39 -46.66
CA SER WB 56 71.33 -60.18 -47.92
C SER WB 56 69.84 -59.94 -47.70
N VAL WB 57 69.22 -60.71 -46.81
CA VAL WB 57 67.78 -60.57 -46.56
C VAL WB 57 67.48 -59.24 -45.88
N SER WB 58 68.39 -58.78 -45.02
CA SER WB 58 68.22 -57.47 -44.41
C SER WB 58 68.39 -56.35 -45.43
N ALA WB 59 69.28 -56.55 -46.40
CA ALA WB 59 69.49 -55.52 -47.42
C ALA WB 59 68.39 -55.57 -48.48
N GLY WB 60 67.88 -56.77 -48.77
CA GLY WB 60 66.78 -56.88 -49.71
C GLY WB 60 65.47 -56.37 -49.17
N THR WB 61 65.32 -56.32 -47.85
CA THR WB 61 64.10 -55.81 -47.24
C THR WB 61 64.01 -54.29 -47.36
N GLU WB 62 65.12 -53.59 -47.12
CA GLU WB 62 65.09 -52.13 -47.18
C GLU WB 62 65.05 -51.61 -48.61
N SER WB 63 65.43 -52.45 -49.58
CA SER WB 63 65.43 -52.00 -50.97
C SER WB 63 64.04 -52.05 -51.60
N VAL WB 64 63.10 -52.77 -50.99
CA VAL WB 64 61.73 -52.77 -51.49
C VAL WB 64 61.06 -51.45 -51.16
N LYS WB 65 61.51 -50.77 -50.11
CA LYS WB 65 60.97 -49.47 -49.71
C LYS WB 65 61.23 -48.38 -50.74
N ARG WB 66 62.25 -48.54 -51.58
CA ARG WB 66 62.48 -47.61 -52.68
C ARG WB 66 61.59 -47.91 -53.88
N VAL WB 67 60.95 -49.07 -53.93
CA VAL WB 67 60.00 -49.39 -55.00
C VAL WB 67 58.62 -48.92 -54.57
N ASN WB 68 58.02 -48.04 -55.36
CA ASN WB 68 56.65 -47.58 -55.12
C ASN WB 68 55.69 -48.58 -55.73
N GLY WB 69 54.89 -49.22 -54.89
CA GLY WB 69 53.92 -50.21 -55.32
C GLY WB 69 54.19 -51.61 -54.80
N GLY WB 70 55.31 -51.84 -54.11
CA GLY WB 70 55.60 -53.13 -53.56
C GLY WB 70 56.01 -53.02 -52.10
N GLN WB 71 55.70 -54.09 -51.36
CA GLN WB 71 55.99 -54.14 -49.94
C GLN WB 71 56.45 -55.54 -49.58
N VAL WB 72 57.29 -55.63 -48.55
CA VAL WB 72 57.77 -56.90 -48.03
C VAL WB 72 56.64 -57.49 -47.18
N LEU WB 73 56.19 -58.69 -47.54
CA LEU WB 73 55.14 -59.35 -46.77
C LEU WB 73 55.75 -60.22 -45.68
N SER WB 74 56.78 -60.99 -46.01
CA SER WB 74 57.36 -61.92 -45.07
C SER WB 74 58.80 -62.18 -45.44
N THR WB 75 59.66 -62.27 -44.42
CA THR WB 75 61.04 -62.66 -44.60
C THR WB 75 61.36 -63.77 -43.59
N HIS WB 76 62.21 -64.70 -44.00
CA HIS WB 76 62.67 -65.72 -43.07
C HIS WB 76 64.03 -66.23 -43.50
N ILE WB 77 64.79 -66.70 -42.52
CA ILE WB 77 66.13 -67.24 -42.71
C ILE WB 77 66.22 -68.52 -41.91
N ILE WB 78 66.61 -69.61 -42.57
CA ILE WB 78 66.85 -70.90 -41.91
C ILE WB 78 68.33 -71.20 -42.01
N ALA WB 79 68.97 -71.41 -40.85
CA ALA WB 79 70.42 -71.49 -40.78
C ALA WB 79 70.96 -72.73 -41.48
N ARG WB 80 70.26 -73.85 -41.36
CA ARG WB 80 70.61 -75.08 -42.08
C ARG WB 80 69.34 -75.88 -42.27
N PRO WB 81 68.75 -75.85 -43.47
CA PRO WB 81 67.52 -76.61 -43.71
C PRO WB 81 67.78 -78.10 -43.72
N HIS WB 82 66.72 -78.85 -43.41
CA HIS WB 82 66.77 -80.30 -43.49
C HIS WB 82 66.93 -80.74 -44.94
N GLU WB 83 67.54 -81.91 -45.15
CA GLU WB 83 67.76 -82.40 -46.49
C GLU WB 83 66.46 -82.87 -47.15
N ASN WB 84 65.39 -83.03 -46.37
CA ASN WB 84 64.07 -83.30 -46.91
C ASN WB 84 63.52 -82.13 -47.71
N LEU WB 85 63.90 -80.90 -47.36
CA LEU WB 85 63.24 -79.73 -47.92
C LEU WB 85 63.68 -79.43 -49.35
N GLU WB 86 64.86 -79.88 -49.76
CA GLU WB 86 65.31 -79.59 -51.13
C GLU WB 86 64.57 -80.45 -52.15
N TYR WB 87 64.03 -81.59 -51.72
CA TYR WB 87 63.34 -82.46 -52.67
C TYR WB 87 61.87 -82.09 -52.81
N VAL WB 88 61.31 -81.43 -51.80
CA VAL WB 88 59.90 -81.06 -51.87
C VAL WB 88 59.75 -79.59 -52.21
N LEU WB 89 60.43 -78.74 -51.50
CA LEU WB 89 60.34 -77.31 -51.70
C LEU WB 89 61.36 -76.82 -52.71
N PRO WB 90 61.04 -75.79 -53.50
CA PRO WB 90 61.98 -75.30 -54.54
C PRO WB 90 63.04 -74.35 -53.99
N ILE WB 91 63.84 -74.84 -53.05
CA ILE WB 91 64.92 -74.08 -52.45
C ILE WB 91 66.29 -74.65 -52.82
N ARG WB 92 66.34 -75.63 -53.72
CA ARG WB 92 67.60 -76.27 -54.04
C ARG WB 92 68.33 -75.53 -55.17
N TYR WB 93 69.61 -75.83 -55.29
CA TYR WB 93 70.41 -75.29 -56.39
C TYR WB 93 70.01 -75.95 -57.70
N THR WB 94 69.61 -75.13 -58.67
CA THR WB 94 69.39 -75.62 -60.02
C THR WB 94 70.71 -75.66 -60.77
N GLU WB 95 70.68 -76.30 -61.95
CA GLU WB 95 71.90 -76.45 -62.73
C GLU WB 95 72.31 -75.15 -63.41
N GLU WB 96 71.38 -74.19 -63.51
CA GLU WB 96 71.69 -72.93 -64.19
C GLU WB 96 72.47 -71.99 -63.28
N VAL WB 97 72.37 -72.18 -61.97
CA VAL WB 97 72.91 -71.23 -61.01
C VAL WB 97 74.14 -71.79 -60.29
N GLU WB 98 74.73 -72.88 -60.78
CA GLU WB 98 75.90 -73.44 -60.12
C GLU WB 98 77.17 -72.65 -60.41
N GLN WB 99 77.13 -71.76 -61.40
CA GLN WB 99 78.28 -70.89 -61.66
C GLN WB 99 78.36 -69.74 -60.66
N PHE WB 100 77.27 -69.44 -59.98
CA PHE WB 100 77.24 -68.40 -58.96
C PHE WB 100 77.40 -68.93 -57.55
N ARG WB 101 77.60 -70.23 -57.38
CA ARG WB 101 77.72 -70.82 -56.05
C ARG WB 101 79.09 -70.57 -55.44
N MET XB 1 81.18 -67.82 -7.56
CA MET XB 1 81.94 -67.57 -8.77
C MET XB 1 83.01 -68.60 -9.00
N GLN XB 2 83.46 -68.70 -10.25
CA GLN XB 2 84.56 -69.57 -10.62
C GLN XB 2 85.60 -68.76 -11.37
N MET XB 3 86.87 -69.13 -11.19
CA MET XB 3 87.95 -68.54 -11.97
C MET XB 3 88.08 -69.29 -13.29
N ALA XB 4 88.16 -68.52 -14.37
CA ALA XB 4 88.26 -69.11 -15.71
C ALA XB 4 89.26 -68.31 -16.52
N LYS XB 5 89.77 -68.95 -17.56
CA LYS XB 5 90.68 -68.33 -18.51
C LYS XB 5 89.98 -68.18 -19.85
N VAL XB 6 90.10 -67.00 -20.46
CA VAL XB 6 89.49 -66.73 -21.76
C VAL XB 6 90.27 -67.52 -22.80
N CYS XB 7 89.62 -68.51 -23.41
CA CYS XB 7 90.29 -69.32 -24.42
C CYS XB 7 89.85 -68.94 -25.83
N GLY XB 8 88.70 -68.31 -25.97
CA GLY XB 8 88.29 -67.88 -27.28
C GLY XB 8 86.91 -67.25 -27.29
N THR XB 9 86.35 -67.17 -28.49
CA THR XB 9 85.06 -66.52 -28.71
C THR XB 9 84.12 -67.48 -29.43
N VAL XB 10 82.84 -67.38 -29.13
CA VAL XB 10 81.79 -68.12 -29.81
C VAL XB 10 80.86 -67.13 -30.48
N VAL XB 11 80.69 -67.28 -31.78
CA VAL XB 11 79.82 -66.40 -32.57
C VAL XB 11 78.67 -67.23 -33.12
N GLY XB 12 77.46 -66.83 -32.81
CA GLY XB 12 76.28 -67.43 -33.41
C GLY XB 12 75.41 -66.37 -34.03
N THR XB 13 75.05 -66.53 -35.30
CA THR XB 13 74.23 -65.53 -35.98
C THR XB 13 72.75 -65.86 -35.92
N GLN XB 14 72.39 -67.14 -35.94
CA GLN XB 14 71.00 -67.58 -35.80
C GLN XB 14 70.76 -67.84 -34.31
N LYS XB 15 70.08 -66.91 -33.66
CA LYS XB 15 69.91 -66.95 -32.22
C LYS XB 15 68.57 -66.34 -31.86
N LEU XB 16 68.32 -66.24 -30.55
CA LEU XB 16 67.15 -65.55 -30.07
C LEU XB 16 67.32 -64.04 -30.24
N PRO XB 17 66.22 -63.29 -30.41
CA PRO XB 17 66.34 -61.84 -30.53
C PRO XB 17 66.82 -61.16 -29.26
N SER XB 18 66.62 -61.78 -28.10
CA SER XB 18 67.13 -61.22 -26.86
C SER XB 18 68.60 -61.57 -26.63
N MET XB 19 69.17 -62.40 -27.49
CA MET XB 19 70.59 -62.75 -27.37
C MET XB 19 71.49 -61.86 -28.23
N THR XB 20 70.94 -60.84 -28.88
CA THR XB 20 71.76 -60.00 -29.74
C THR XB 20 72.48 -58.95 -28.92
N GLY XB 21 73.66 -58.55 -29.40
CA GLY XB 21 74.52 -57.64 -28.66
C GLY XB 21 75.31 -58.28 -27.54
N VAL XB 22 75.10 -59.56 -27.27
CA VAL XB 22 75.77 -60.26 -26.17
C VAL XB 22 77.06 -60.85 -26.72
N LYS XB 23 78.18 -60.45 -26.11
CA LYS XB 23 79.49 -60.99 -26.48
C LYS XB 23 79.73 -62.28 -25.73
N LEU XB 24 79.98 -63.36 -26.47
CA LEU XB 24 80.09 -64.69 -25.91
C LEU XB 24 81.55 -65.16 -25.94
N LEU XB 25 82.10 -65.40 -24.75
CA LEU XB 25 83.47 -65.86 -24.60
C LEU XB 25 83.49 -67.33 -24.22
N LEU XB 26 84.40 -68.07 -24.85
CA LEU XB 26 84.68 -69.45 -24.49
C LEU XB 26 85.71 -69.43 -23.37
N LEU XB 27 85.31 -69.86 -22.19
CA LEU XB 27 86.10 -69.72 -20.97
C LEU XB 27 86.42 -71.11 -20.43
N GLN XB 28 87.69 -71.41 -20.26
CA GLN XB 28 88.09 -72.67 -19.65
C GLN XB 28 88.35 -72.46 -18.16
N PHE XB 29 87.76 -73.31 -17.34
CA PHE XB 29 87.90 -73.16 -15.90
C PHE XB 29 89.28 -73.59 -15.44
N ILE XB 30 89.86 -72.79 -14.56
CA ILE XB 30 91.15 -73.06 -13.95
C ILE XB 30 90.91 -73.38 -12.48
N ASP XB 31 91.82 -74.16 -11.89
CA ASP XB 31 91.63 -74.53 -10.49
C ASP XB 31 92.23 -73.46 -9.57
N ALA XB 32 92.25 -73.77 -8.27
CA ALA XB 32 92.86 -72.85 -7.31
C ALA XB 32 94.38 -72.85 -7.41
N ASN XB 33 94.97 -73.89 -8.00
CA ASN XB 33 96.42 -73.93 -8.17
C ASN XB 33 96.85 -73.21 -9.44
N GLY XB 34 95.93 -72.97 -10.37
CA GLY XB 34 96.23 -72.29 -11.61
C GLY XB 34 96.27 -73.17 -12.84
N GLU XB 35 96.03 -74.47 -12.70
CA GLU XB 35 96.04 -75.40 -13.83
C GLU XB 35 94.69 -75.40 -14.51
N LEU XB 36 94.70 -75.68 -15.81
CA LEU XB 36 93.46 -75.69 -16.58
C LEU XB 36 92.69 -76.97 -16.30
N LEU XB 37 91.42 -76.83 -15.94
CA LEU XB 37 90.55 -77.97 -15.74
C LEU XB 37 89.91 -78.38 -17.06
N PRO XB 38 89.57 -79.67 -17.24
CA PRO XB 38 88.82 -80.08 -18.44
C PRO XB 38 87.32 -79.78 -18.34
N LYS XB 39 87.00 -78.50 -18.20
CA LYS XB 39 85.64 -78.01 -18.06
C LYS XB 39 85.61 -76.58 -18.56
N TYR XB 40 84.57 -76.24 -19.31
CA TYR XB 40 84.48 -74.95 -19.96
C TYR XB 40 83.11 -74.32 -19.70
N GLU XB 41 82.95 -73.12 -20.24
CA GLU XB 41 81.70 -72.39 -20.17
C GLU XB 41 81.68 -71.38 -21.31
N VAL XB 42 80.48 -71.00 -21.73
CA VAL XB 42 80.28 -69.86 -22.62
C VAL XB 42 79.50 -68.82 -21.83
N ALA XB 43 80.09 -67.64 -21.65
CA ALA XB 43 79.51 -66.63 -20.79
C ALA XB 43 79.38 -65.31 -21.53
N ALA XB 44 78.40 -64.52 -21.10
CA ALA XB 44 78.32 -63.12 -21.52
C ALA XB 44 79.46 -62.32 -20.90
N ASP XB 45 79.91 -61.30 -21.62
CA ASP XB 45 81.08 -60.51 -21.23
C ASP XB 45 80.73 -59.03 -21.21
N PRO XB 46 80.19 -58.53 -20.10
CA PRO XB 46 80.01 -57.08 -19.98
C PRO XB 46 81.30 -56.36 -19.63
N VAL XB 47 82.13 -56.97 -18.80
CA VAL XB 47 83.46 -56.46 -18.47
C VAL XB 47 84.40 -56.92 -19.56
N GLY XB 48 84.92 -55.97 -20.35
CA GLY XB 48 85.58 -56.31 -21.60
C GLY XB 48 86.85 -57.10 -21.40
N ALA XB 49 86.81 -58.39 -21.71
CA ALA XB 49 87.90 -59.31 -21.41
C ALA XB 49 88.40 -59.94 -22.70
N GLY XB 50 89.73 -59.97 -22.85
CA GLY XB 50 90.34 -60.51 -24.04
C GLY XB 50 90.98 -61.87 -23.79
N LEU XB 51 91.54 -62.42 -24.86
CA LEU XB 51 92.02 -63.80 -24.85
C LEU XB 51 93.26 -63.95 -23.98
N GLY XB 52 93.19 -64.91 -23.06
CA GLY XB 52 94.26 -65.16 -22.13
C GLY XB 52 94.06 -64.60 -20.73
N GLU XB 53 93.05 -63.76 -20.54
CA GLU XB 53 92.84 -63.14 -19.24
C GLU XB 53 92.21 -64.12 -18.27
N TRP XB 54 92.33 -63.79 -16.99
CA TRP XB 54 91.67 -64.53 -15.92
C TRP XB 54 90.42 -63.78 -15.49
N VAL XB 55 89.29 -64.46 -15.49
CA VAL XB 55 88.01 -63.82 -15.22
C VAL XB 55 87.31 -64.55 -14.09
N LEU XB 56 86.37 -63.85 -13.46
CA LEU XB 56 85.44 -64.46 -12.52
C LEU XB 56 84.10 -64.64 -13.23
N VAL XB 57 83.58 -65.85 -13.18
CA VAL XB 57 82.36 -66.23 -13.89
C VAL XB 57 81.32 -66.66 -12.87
N ASN XB 58 80.14 -66.05 -12.92
CA ASN XB 58 79.07 -66.53 -12.07
C ASN XB 58 78.24 -67.55 -12.85
N ARG XB 59 77.21 -68.09 -12.20
CA ARG XB 59 76.44 -69.17 -12.79
C ARG XB 59 74.99 -69.00 -12.38
N GLY XB 60 74.09 -69.29 -13.32
CA GLY XB 60 72.68 -69.29 -13.02
C GLY XB 60 72.00 -67.96 -13.19
N SER XB 61 71.10 -67.62 -12.27
CA SER XB 61 70.33 -66.40 -12.36
C SER XB 61 71.11 -65.17 -11.94
N ALA XB 62 72.33 -65.34 -11.42
CA ALA XB 62 73.21 -64.22 -11.13
C ALA XB 62 73.71 -63.54 -12.39
N ALA XB 63 73.68 -64.24 -13.52
CA ALA XB 63 74.05 -63.65 -14.80
C ALA XB 63 73.03 -62.61 -15.29
N ARG XB 64 71.83 -62.61 -14.72
CA ARG XB 64 70.76 -61.71 -15.11
C ARG XB 64 70.56 -60.56 -14.14
N GLN XB 65 71.61 -60.13 -13.46
CA GLN XB 65 71.49 -59.13 -12.41
C GLN XB 65 72.01 -57.75 -12.81
N THR XB 66 72.70 -57.65 -13.95
CA THR XB 66 73.40 -56.42 -14.31
C THR XB 66 72.54 -55.41 -15.06
N GLU XB 67 71.21 -55.55 -14.95
CA GLU XB 67 70.15 -54.63 -15.40
C GLU XB 67 70.09 -54.39 -16.91
N TYR XB 68 70.99 -54.99 -17.69
CA TYR XB 68 70.80 -55.13 -19.12
C TYR XB 68 70.87 -56.57 -19.57
N HIS XB 69 70.98 -57.51 -18.64
CA HIS XB 69 70.86 -58.93 -18.91
C HIS XB 69 69.63 -59.54 -18.24
N GLN XB 70 68.66 -58.70 -17.86
CA GLN XB 70 67.63 -59.11 -16.90
C GLN XB 70 66.65 -60.11 -17.49
N ASN XB 71 66.22 -59.88 -18.73
CA ASN XB 71 65.28 -60.78 -19.39
C ASN XB 71 65.95 -61.55 -20.52
N ARG XB 72 67.27 -61.70 -20.45
CA ARG XB 72 68.11 -62.38 -21.41
C ARG XB 72 68.38 -63.81 -20.96
N PRO XB 73 68.32 -64.78 -21.86
CA PRO XB 73 68.52 -66.20 -21.48
C PRO XB 73 69.99 -66.54 -21.27
N LEU XB 74 70.56 -66.02 -20.19
CA LEU XB 74 71.96 -66.18 -19.87
C LEU XB 74 72.10 -66.87 -18.52
N ASP XB 75 72.97 -67.88 -18.45
CA ASP XB 75 73.25 -68.58 -17.21
C ASP XB 75 74.72 -68.49 -16.82
N ALA XB 76 75.50 -67.64 -17.49
CA ALA XB 76 76.90 -67.47 -17.17
C ALA XB 76 77.32 -66.09 -17.65
N MET XB 77 78.16 -65.42 -16.85
CA MET XB 77 78.54 -64.05 -17.13
C MET XB 77 79.88 -63.76 -16.48
N VAL XB 78 80.78 -63.13 -17.22
CA VAL XB 78 82.00 -62.60 -16.64
C VAL XB 78 81.65 -61.38 -15.79
N VAL XB 79 81.93 -61.46 -14.49
CA VAL XB 79 81.61 -60.36 -13.59
C VAL XB 79 82.84 -59.55 -13.22
N ALA XB 80 84.04 -60.08 -13.39
CA ALA XB 80 85.26 -59.40 -12.99
C ALA XB 80 86.41 -59.94 -13.81
N ILE XB 81 87.37 -59.08 -14.10
CA ILE XB 81 88.66 -59.49 -14.61
C ILE XB 81 89.60 -59.58 -13.41
N ILE XB 82 90.24 -60.74 -13.26
CA ILE XB 82 91.06 -61.00 -12.08
C ILE XB 82 92.35 -60.20 -12.17
N ASP XB 83 92.61 -59.39 -11.15
CA ASP XB 83 93.88 -58.69 -11.01
C ASP XB 83 94.90 -59.54 -10.26
N THR XB 84 94.53 -60.03 -9.08
CA THR XB 84 95.46 -60.73 -8.20
C THR XB 84 94.75 -61.89 -7.54
N VAL XB 85 95.40 -63.06 -7.55
CA VAL XB 85 95.00 -64.20 -6.74
C VAL XB 85 96.10 -64.44 -5.71
N THR XB 86 95.76 -64.35 -4.45
CA THR XB 86 96.68 -64.60 -3.35
C THR XB 86 96.22 -65.85 -2.63
N VAL XB 87 97.05 -66.89 -2.62
CA VAL XB 87 96.74 -68.15 -1.95
C VAL XB 87 97.78 -68.36 -0.85
N ASN XB 88 97.29 -68.49 0.40
CA ASN XB 88 98.12 -68.71 1.60
C ASN XB 88 99.16 -67.61 1.76
N ASN XB 89 98.72 -66.36 1.60
CA ASN XB 89 99.50 -65.13 1.60
C ASN XB 89 100.60 -65.10 0.55
N ARG XB 90 100.50 -65.93 -0.49
CA ARG XB 90 101.44 -65.94 -1.60
C ARG XB 90 100.69 -65.61 -2.87
N ARG XB 91 101.22 -64.67 -3.64
CA ARG XB 91 100.56 -64.26 -4.87
C ARG XB 91 100.67 -65.34 -5.93
N LEU XB 92 99.52 -65.87 -6.36
CA LEU XB 92 99.45 -66.86 -7.42
C LEU XB 92 99.35 -66.24 -8.80
N TYR XB 93 98.64 -65.13 -8.93
CA TYR XB 93 98.41 -64.49 -10.21
C TYR XB 93 98.56 -62.98 -10.04
N GLY XB 94 99.08 -62.33 -11.07
CA GLY XB 94 99.27 -60.90 -11.06
C GLY XB 94 100.68 -60.47 -10.72
N ALA YB 2 58.44 27.94 -94.50
CA ALA YB 2 59.46 28.98 -94.55
C ALA YB 2 60.30 28.98 -93.29
N VAL YB 3 60.92 30.13 -93.01
CA VAL YB 3 61.69 30.32 -91.78
C VAL YB 3 60.73 30.31 -90.59
N ALA YB 4 61.14 29.66 -89.49
CA ALA YB 4 60.24 29.40 -88.37
C ALA YB 4 59.81 30.69 -87.67
N VAL YB 5 58.62 30.65 -87.09
CA VAL YB 5 58.02 31.81 -86.46
C VAL YB 5 57.62 31.45 -85.03
N GLY YB 6 57.96 32.30 -84.09
CA GLY YB 6 57.55 32.14 -82.71
C GLY YB 6 56.78 33.36 -82.24
N MET YB 7 55.75 33.11 -81.44
CA MET YB 7 54.89 34.16 -80.93
C MET YB 7 54.73 34.01 -79.43
N ILE YB 8 54.83 35.12 -78.72
CA ILE YB 8 54.50 35.19 -77.29
C ILE YB 8 53.45 36.27 -77.13
N GLU YB 9 52.27 35.89 -76.65
CA GLU YB 9 51.22 36.85 -76.33
C GLU YB 9 51.21 37.12 -74.84
N THR YB 10 51.33 38.38 -74.47
CA THR YB 10 51.28 38.78 -73.08
C THR YB 10 50.15 39.76 -72.86
N LEU YB 11 49.71 39.85 -71.61
CA LEU YB 11 48.73 40.83 -71.18
C LEU YB 11 49.49 42.01 -70.60
N GLY YB 12 49.73 43.03 -71.42
CA GLY YB 12 50.47 44.18 -70.96
C GLY YB 12 51.70 44.49 -71.80
N PHE YB 13 51.99 45.78 -71.96
CA PHE YB 13 53.14 46.24 -72.74
C PHE YB 13 54.50 46.13 -72.05
N PRO YB 14 54.66 46.34 -70.72
CA PRO YB 14 55.96 45.99 -70.12
C PRO YB 14 56.30 44.52 -70.17
N ALA YB 15 55.29 43.64 -70.19
CA ALA YB 15 55.56 42.21 -70.28
C ALA YB 15 55.93 41.80 -71.69
N VAL YB 16 55.46 42.53 -72.70
CA VAL YB 16 55.73 42.12 -74.07
C VAL YB 16 57.09 42.65 -74.53
N VAL YB 17 57.60 43.69 -73.87
CA VAL YB 17 58.93 44.19 -74.20
C VAL YB 17 59.99 43.31 -73.56
N GLU YB 18 59.72 42.82 -72.35
CA GLU YB 18 60.60 41.84 -71.73
C GLU YB 18 60.56 40.51 -72.48
N ALA YB 19 59.39 40.14 -73.02
CA ALA YB 19 59.30 38.97 -73.88
C ALA YB 19 60.11 39.17 -75.16
N ALA YB 20 59.99 40.33 -75.78
CA ALA YB 20 60.73 40.61 -77.01
C ALA YB 20 62.22 40.75 -76.75
N ASP YB 21 62.59 41.29 -75.58
CA ASP YB 21 64.00 41.48 -75.27
C ASP YB 21 64.68 40.16 -74.91
N ALA YB 22 64.00 39.29 -74.17
CA ALA YB 22 64.61 38.04 -73.77
C ALA YB 22 64.66 37.04 -74.92
N MET YB 23 63.81 37.22 -75.93
CA MET YB 23 63.82 36.30 -77.06
C MET YB 23 65.04 36.54 -77.94
N VAL YB 24 65.35 37.80 -78.23
CA VAL YB 24 66.49 38.09 -79.11
C VAL YB 24 67.80 38.04 -78.34
N LYS YB 25 67.74 37.93 -77.01
CA LYS YB 25 68.96 37.80 -76.22
C LYS YB 25 69.26 36.34 -75.90
N ALA YB 26 68.26 35.47 -75.97
CA ALA YB 26 68.51 34.06 -75.67
C ALA YB 26 69.06 33.31 -76.85
N ALA YB 27 68.68 33.70 -78.07
CA ALA YB 27 69.09 32.99 -79.25
C ALA YB 27 69.18 33.96 -80.43
N ARG YB 28 69.61 33.43 -81.57
CA ARG YB 28 69.77 34.22 -82.79
C ARG YB 28 68.45 34.22 -83.55
N VAL YB 29 67.50 34.98 -83.03
CA VAL YB 29 66.21 35.20 -83.69
C VAL YB 29 66.13 36.66 -84.08
N THR YB 30 65.20 36.96 -84.97
CA THR YB 30 64.93 38.32 -85.41
C THR YB 30 63.50 38.68 -85.03
N LEU YB 31 63.36 39.60 -84.09
CA LEU YB 31 62.07 40.18 -83.77
C LEU YB 31 61.60 41.01 -84.95
N VAL YB 32 60.53 40.57 -85.60
CA VAL YB 32 60.06 41.23 -86.81
C VAL YB 32 58.73 41.94 -86.62
N GLY YB 33 57.97 41.60 -85.61
CA GLY YB 33 56.58 42.03 -85.54
C GLY YB 33 56.15 42.31 -84.12
N TYR YB 34 55.05 43.02 -84.02
CA TYR YB 34 54.52 43.48 -82.75
C TYR YB 34 53.05 43.78 -82.98
N GLU YB 35 52.17 42.98 -82.38
CA GLU YB 35 50.78 42.91 -82.79
C GLU YB 35 49.85 43.13 -81.61
N LYS YB 36 48.95 44.10 -81.73
CA LYS YB 36 47.93 44.38 -80.74
C LYS YB 36 46.58 44.00 -81.33
N ILE YB 37 45.83 43.19 -80.59
CA ILE YB 37 44.53 42.70 -81.03
C ILE YB 37 43.41 43.15 -80.09
N GLY YB 38 43.72 44.00 -79.13
CA GLY YB 38 42.71 44.50 -78.22
C GLY YB 38 42.72 43.80 -76.88
N THR YB 39 42.12 44.49 -75.89
CA THR YB 39 42.08 44.13 -74.47
C THR YB 39 43.44 43.80 -73.88
N GLY YB 40 44.48 44.53 -74.29
CA GLY YB 40 45.79 44.35 -73.71
C GLY YB 40 46.55 43.13 -74.17
N ARG YB 41 45.96 42.32 -75.05
CA ARG YB 41 46.65 41.16 -75.61
C ARG YB 41 47.64 41.64 -76.67
N VAL YB 42 48.91 41.65 -76.30
CA VAL YB 42 49.98 42.12 -77.18
C VAL YB 42 50.87 40.94 -77.52
N THR YB 43 51.22 40.81 -78.81
CA THR YB 43 51.99 39.69 -79.31
C THR YB 43 53.22 40.20 -80.04
N VAL YB 44 54.38 39.68 -79.69
CA VAL YB 44 55.62 39.89 -80.45
C VAL YB 44 55.93 38.64 -81.25
N ILE YB 45 56.51 38.84 -82.43
CA ILE YB 45 56.74 37.79 -83.39
C ILE YB 45 58.22 37.76 -83.73
N VAL YB 46 58.87 36.61 -83.54
CA VAL YB 46 60.26 36.44 -83.92
C VAL YB 46 60.34 35.46 -85.07
N ARG YB 47 61.40 35.61 -85.87
CA ARG YB 47 61.72 34.68 -86.95
C ARG YB 47 63.12 34.14 -86.74
N GLY YB 48 63.38 32.94 -87.23
CA GLY YB 48 64.70 32.35 -87.14
C GLY YB 48 64.63 30.87 -87.38
N ASP YB 49 65.76 30.21 -87.14
CA ASP YB 49 65.80 28.76 -87.21
C ASP YB 49 65.02 28.16 -86.04
N VAL YB 50 64.64 26.88 -86.22
CA VAL YB 50 63.78 26.21 -85.25
C VAL YB 50 64.49 26.02 -83.91
N SER YB 51 65.81 25.79 -83.95
CA SER YB 51 66.58 25.69 -82.72
C SER YB 51 66.63 27.03 -81.98
N GLU YB 52 66.73 28.13 -82.71
CA GLU YB 52 66.76 29.43 -82.09
C GLU YB 52 65.38 29.86 -81.59
N VAL YB 53 64.33 29.59 -82.37
CA VAL YB 53 62.99 30.03 -82.02
C VAL YB 53 62.45 29.24 -80.84
N GLN YB 54 62.76 27.94 -80.76
CA GLN YB 54 62.36 27.13 -79.60
C GLN YB 54 63.08 27.58 -78.34
N ALA YB 55 64.34 27.97 -78.46
CA ALA YB 55 65.09 28.43 -77.30
C ALA YB 55 64.64 29.82 -76.87
N SER YB 56 64.27 30.67 -77.84
CA SER YB 56 63.90 32.04 -77.53
C SER YB 56 62.51 32.11 -76.90
N VAL YB 57 61.54 31.36 -77.43
CA VAL YB 57 60.18 31.41 -76.92
C VAL YB 57 60.10 30.79 -75.52
N SER YB 58 60.88 29.72 -75.29
CA SER YB 58 60.89 29.08 -73.98
C SER YB 58 61.59 29.95 -72.94
N ALA YB 59 62.65 30.66 -73.34
CA ALA YB 59 63.32 31.57 -72.41
C ALA YB 59 62.58 32.88 -72.29
N GLY YB 60 61.89 33.30 -73.34
CA GLY YB 60 61.09 34.50 -73.27
C GLY YB 60 59.84 34.34 -72.44
N THR YB 61 59.36 33.10 -72.28
CA THR YB 61 58.18 32.86 -71.46
C THR YB 61 58.52 32.92 -69.98
N GLU YB 62 59.70 32.43 -69.60
CA GLU YB 62 60.10 32.46 -68.20
C GLU YB 62 60.47 33.85 -67.72
N SER YB 63 60.89 34.72 -68.65
CA SER YB 63 61.30 36.06 -68.27
C SER YB 63 60.11 36.95 -67.96
N VAL YB 64 58.96 36.71 -68.59
CA VAL YB 64 57.75 37.47 -68.31
C VAL YB 64 57.23 37.23 -66.90
N LYS YB 65 57.42 36.03 -66.36
CA LYS YB 65 57.10 35.78 -64.96
C LYS YB 65 58.26 36.13 -64.04
N ARG YB 66 58.85 37.30 -64.29
CA ARG YB 66 59.82 37.97 -63.44
C ARG YB 66 59.49 39.45 -63.48
N VAL YB 67 58.42 39.76 -64.21
CA VAL YB 67 57.88 41.11 -64.34
C VAL YB 67 56.63 41.20 -63.46
N ASN YB 68 56.54 42.27 -62.67
CA ASN YB 68 55.35 42.46 -61.85
C ASN YB 68 54.20 42.92 -62.73
N GLY YB 69 53.07 42.23 -62.62
CA GLY YB 69 51.95 42.50 -63.50
C GLY YB 69 52.07 41.88 -64.87
N GLY YB 70 53.07 41.03 -65.09
CA GLY YB 70 53.29 40.38 -66.36
C GLY YB 70 52.65 39.01 -66.38
N GLN YB 71 51.94 38.72 -67.47
CA GLN YB 71 51.22 37.47 -67.63
C GLN YB 71 51.34 37.00 -69.06
N VAL YB 72 51.81 35.77 -69.25
CA VAL YB 72 51.85 35.15 -70.57
C VAL YB 72 50.48 34.57 -70.85
N LEU YB 73 49.87 35.02 -71.94
CA LEU YB 73 48.56 34.48 -72.32
C LEU YB 73 48.71 33.27 -73.23
N SER YB 74 49.58 33.37 -74.23
CA SER YB 74 49.67 32.32 -75.23
C SER YB 74 51.04 32.36 -75.89
N THR YB 75 51.66 31.19 -76.04
CA THR YB 75 52.91 31.04 -76.75
C THR YB 75 52.75 29.96 -77.81
N HIS YB 76 53.40 30.17 -78.95
CA HIS YB 76 53.40 29.14 -79.99
C HIS YB 76 54.63 29.28 -80.87
N ILE YB 77 55.05 28.15 -81.42
CA ILE YB 77 56.14 28.07 -82.39
C ILE YB 77 55.64 27.28 -83.59
N ILE YB 78 55.75 27.86 -84.77
CA ILE YB 78 55.50 27.14 -86.02
C ILE YB 78 56.83 26.97 -86.73
N ALA YB 79 57.30 25.73 -86.79
CA ALA YB 79 58.66 25.45 -87.24
C ALA YB 79 58.82 25.66 -88.74
N ARG YB 80 57.74 25.51 -89.49
CA ARG YB 80 57.79 25.63 -90.95
C ARG YB 80 56.47 26.21 -91.41
N PRO YB 81 56.29 27.53 -91.34
CA PRO YB 81 55.03 28.13 -91.77
C PRO YB 81 54.92 28.13 -93.28
N HIS YB 82 53.67 28.06 -93.74
CA HIS YB 82 53.37 28.11 -95.15
C HIS YB 82 53.72 29.47 -95.74
N GLU YB 83 54.08 29.47 -97.02
CA GLU YB 83 54.43 30.70 -97.71
C GLU YB 83 53.22 31.59 -97.96
N ASN YB 84 52.00 31.07 -97.80
CA ASN YB 84 50.79 31.88 -97.81
C ASN YB 84 50.73 32.83 -96.61
N LEU YB 85 51.33 32.43 -95.48
CA LEU YB 85 51.06 33.11 -94.21
C LEU YB 85 51.77 34.46 -94.11
N GLU YB 86 52.88 34.64 -94.80
CA GLU YB 86 53.62 35.90 -94.69
C GLU YB 86 52.90 37.04 -95.41
N TYR YB 87 52.05 36.72 -96.38
CA TYR YB 87 51.39 37.75 -97.16
C TYR YB 87 50.10 38.21 -96.50
N VAL YB 88 49.58 37.43 -95.56
CA VAL YB 88 48.34 37.80 -94.89
C VAL YB 88 48.58 38.25 -93.47
N LEU YB 89 49.36 37.49 -92.75
CA LEU YB 89 49.63 37.76 -91.34
C LEU YB 89 50.88 38.61 -91.19
N PRO YB 90 50.92 39.48 -90.17
CA PRO YB 90 52.10 40.33 -89.94
C PRO YB 90 53.25 39.59 -89.25
N ILE YB 91 53.75 38.54 -89.89
CA ILE YB 91 54.86 37.75 -89.39
C ILE YB 91 56.08 37.82 -90.29
N ARG YB 92 56.08 38.69 -91.28
CA ARG YB 92 57.12 38.68 -92.29
C ARG YB 92 58.24 39.64 -91.91
N TYR YB 93 59.38 39.45 -92.57
CA TYR YB 93 60.52 40.34 -92.40
C TYR YB 93 60.22 41.68 -93.06
N THR YB 94 60.13 42.73 -92.25
CA THR YB 94 60.06 44.08 -92.78
C THR YB 94 61.47 44.56 -93.08
N GLU YB 95 61.57 45.65 -93.86
CA GLU YB 95 62.88 46.11 -94.29
C GLU YB 95 63.63 46.87 -93.22
N GLU YB 96 62.97 47.15 -92.08
CA GLU YB 96 63.67 47.79 -90.98
C GLU YB 96 64.46 46.78 -90.16
N VAL YB 97 64.13 45.50 -90.27
CA VAL YB 97 64.74 44.46 -89.46
C VAL YB 97 65.56 43.48 -90.31
N GLU YB 98 65.89 43.83 -91.54
CA GLU YB 98 66.68 42.92 -92.37
C GLU YB 98 68.16 42.93 -92.01
N GLN YB 99 68.60 43.87 -91.18
CA GLN YB 99 69.99 43.86 -90.72
C GLN YB 99 70.23 42.79 -89.66
N PHE YB 100 69.17 42.34 -88.99
CA PHE YB 100 69.28 41.36 -87.93
C PHE YB 100 69.06 39.93 -88.40
N ARG YB 101 68.68 39.72 -89.65
CA ARG YB 101 68.41 38.39 -90.16
C ARG YB 101 69.70 37.61 -90.38
N ALA ZB 2 29.95 32.15 -105.16
CA ALA ZB 2 31.37 32.23 -105.51
C ALA ZB 2 32.15 31.07 -104.93
N VAL ZB 3 33.48 31.18 -104.96
CA VAL ZB 3 34.36 30.22 -104.31
C VAL ZB 3 34.13 30.27 -102.81
N ALA ZB 4 34.06 29.09 -102.18
CA ALA ZB 4 33.62 28.97 -100.78
C ALA ZB 4 34.59 29.66 -99.83
N VAL ZB 5 34.06 30.11 -98.70
CA VAL ZB 5 34.81 30.87 -97.72
C VAL ZB 5 34.70 30.18 -96.36
N GLY ZB 6 35.82 30.03 -95.69
CA GLY ZB 6 35.83 29.49 -94.34
C GLY ZB 6 36.50 30.47 -93.40
N MET ZB 7 35.95 30.59 -92.20
CA MET ZB 7 36.42 31.52 -91.19
C MET ZB 7 36.64 30.77 -89.89
N ILE ZB 8 37.76 31.03 -89.23
CA ILE ZB 8 37.99 30.57 -87.86
C ILE ZB 8 38.29 31.79 -87.02
N GLU ZB 9 37.48 32.02 -86.00
CA GLU ZB 9 37.73 33.09 -85.04
C GLU ZB 9 38.30 32.51 -83.76
N THR ZB 10 39.47 33.00 -83.36
CA THR ZB 10 40.11 32.56 -82.14
C THR ZB 10 40.26 33.73 -81.18
N LEU ZB 11 40.50 33.40 -79.92
CA LEU ZB 11 40.85 34.39 -78.90
C LEU ZB 11 42.37 34.37 -78.78
N GLY ZB 12 43.03 35.30 -79.46
CA GLY ZB 12 44.47 35.36 -79.40
C GLY ZB 12 45.15 35.24 -80.74
N PHE ZB 13 46.25 35.95 -80.90
CA PHE ZB 13 47.05 35.91 -82.13
C PHE ZB 13 47.94 34.68 -82.31
N PRO ZB 14 48.58 34.08 -81.27
CA PRO ZB 14 49.27 32.80 -81.54
C PRO ZB 14 48.33 31.67 -81.94
N ALA ZB 15 47.08 31.69 -81.51
CA ALA ZB 15 46.15 30.65 -81.91
C ALA ZB 15 45.68 30.85 -83.35
N VAL ZB 16 45.67 32.09 -83.83
CA VAL ZB 16 45.09 32.36 -85.15
C VAL ZB 16 46.12 32.12 -86.23
N VAL ZB 17 47.41 32.13 -85.89
CA VAL ZB 17 48.45 31.81 -86.85
C VAL ZB 17 48.59 30.30 -86.98
N GLU ZB 18 48.43 29.58 -85.88
CA GLU ZB 18 48.44 28.12 -85.93
C GLU ZB 18 47.18 27.59 -86.62
N ALA ZB 19 46.05 28.28 -86.44
CA ALA ZB 19 44.85 27.92 -87.18
C ALA ZB 19 45.00 28.19 -88.67
N ALA ZB 20 45.64 29.31 -89.03
CA ALA ZB 20 45.84 29.64 -90.43
C ALA ZB 20 46.89 28.73 -91.07
N ASP ZB 21 47.88 28.31 -90.30
CA ASP ZB 21 48.91 27.42 -90.84
C ASP ZB 21 48.40 26.01 -91.00
N ALA ZB 22 47.52 25.56 -90.11
CA ALA ZB 22 46.96 24.22 -90.25
C ALA ZB 22 45.93 24.16 -91.36
N MET ZB 23 45.31 25.29 -91.69
CA MET ZB 23 44.28 25.30 -92.73
C MET ZB 23 44.89 25.14 -94.12
N VAL ZB 24 45.94 25.90 -94.41
CA VAL ZB 24 46.50 25.87 -95.76
C VAL ZB 24 47.41 24.68 -95.96
N LYS ZB 25 47.75 23.97 -94.88
CA LYS ZB 25 48.50 22.73 -95.03
C LYS ZB 25 47.59 21.53 -95.18
N ALA ZB 26 46.37 21.61 -94.65
CA ALA ZB 26 45.48 20.46 -94.67
C ALA ZB 26 44.86 20.25 -96.03
N ALA ZB 27 44.50 21.32 -96.72
CA ALA ZB 27 43.77 21.21 -97.97
C ALA ZB 27 44.21 22.31 -98.92
N ARG ZB 28 43.58 22.33 -100.10
CA ARG ZB 28 43.91 23.30 -101.16
C ARG ZB 28 43.06 24.56 -100.98
N VAL ZB 29 43.26 25.21 -99.84
CA VAL ZB 29 42.62 26.49 -99.57
C VAL ZB 29 43.67 27.57 -99.69
N THR ZB 30 43.21 28.80 -99.88
CA THR ZB 30 44.06 29.97 -99.93
C THR ZB 30 43.67 30.88 -98.78
N LEU ZB 31 44.60 31.11 -97.86
CA LEU ZB 31 44.41 32.11 -96.82
C LEU ZB 31 44.44 33.50 -97.48
N VAL ZB 32 43.32 34.21 -97.39
CA VAL ZB 32 43.21 35.51 -98.03
C VAL ZB 32 43.00 36.65 -97.03
N GLY ZB 33 42.59 36.35 -95.81
CA GLY ZB 33 42.03 37.39 -94.95
C GLY ZB 33 42.53 37.26 -93.53
N TYR ZB 34 42.49 38.38 -92.83
CA TYR ZB 34 42.95 38.50 -91.46
C TYR ZB 34 42.23 39.68 -90.85
N GLU ZB 35 41.36 39.43 -89.89
CA GLU ZB 35 40.43 40.44 -89.41
C GLU ZB 35 40.46 40.53 -87.90
N LYS ZB 36 40.65 41.74 -87.38
CA LYS ZB 36 40.58 42.03 -85.96
C LYS ZB 36 39.34 42.87 -85.70
N ILE ZB 37 38.50 42.40 -84.78
CA ILE ZB 37 37.25 43.08 -84.47
C ILE ZB 37 37.19 43.52 -83.01
N GLY ZB 38 38.26 43.33 -82.25
CA GLY ZB 38 38.30 43.75 -80.87
C GLY ZB 38 38.13 42.60 -79.89
N THR ZB 39 38.50 42.89 -78.63
CA THR ZB 39 38.58 41.96 -77.50
C THR ZB 39 39.37 40.69 -77.81
N GLY ZB 40 40.42 40.79 -78.61
CA GLY ZB 40 41.21 39.63 -78.93
C GLY ZB 40 40.57 38.65 -79.90
N ARG ZB 41 39.39 38.98 -80.44
CA ARG ZB 41 38.73 38.13 -81.41
C ARG ZB 41 39.37 38.38 -82.77
N VAL ZB 42 40.11 37.40 -83.26
CA VAL ZB 42 40.86 37.51 -84.50
C VAL ZB 42 40.38 36.41 -85.43
N THR ZB 43 40.08 36.78 -86.68
CA THR ZB 43 39.52 35.87 -87.66
C THR ZB 43 40.46 35.76 -88.86
N VAL ZB 44 40.79 34.53 -89.23
CA VAL ZB 44 41.47 34.25 -90.50
C VAL ZB 44 40.46 33.65 -91.46
N ILE ZB 45 40.62 33.99 -92.75
CA ILE ZB 45 39.65 33.70 -93.79
C ILE ZB 45 40.36 32.93 -94.89
N VAL ZB 46 39.86 31.74 -95.20
CA VAL ZB 46 40.39 30.94 -96.30
C VAL ZB 46 39.35 30.87 -97.41
N ARG ZB 47 39.85 30.65 -98.64
CA ARG ZB 47 39.00 30.47 -99.80
C ARG ZB 47 39.41 29.19 -100.53
N GLY ZB 48 38.42 28.46 -101.01
CA GLY ZB 48 38.69 27.28 -101.80
C GLY ZB 48 37.40 26.59 -102.17
N ASP ZB 49 37.53 25.36 -102.69
CA ASP ZB 49 36.35 24.53 -102.88
C ASP ZB 49 35.80 24.11 -101.53
N VAL ZB 50 34.50 23.81 -101.50
CA VAL ZB 50 33.79 23.59 -100.24
C VAL ZB 50 34.28 22.33 -99.52
N SER ZB 51 34.71 21.32 -100.26
CA SER ZB 51 35.27 20.13 -99.63
C SER ZB 51 36.65 20.42 -99.04
N GLU ZB 52 37.41 21.28 -99.69
CA GLU ZB 52 38.72 21.67 -99.17
C GLU ZB 52 38.57 22.65 -98.02
N VAL ZB 53 37.56 23.52 -98.08
CA VAL ZB 53 37.35 24.48 -97.00
C VAL ZB 53 36.84 23.78 -95.75
N GLN ZB 54 35.98 22.77 -95.93
CA GLN ZB 54 35.49 22.00 -94.78
C GLN ZB 54 36.60 21.18 -94.16
N ALA ZB 55 37.52 20.66 -94.97
CA ALA ZB 55 38.61 19.86 -94.44
C ALA ZB 55 39.65 20.73 -93.75
N SER ZB 56 39.79 21.99 -94.17
CA SER ZB 56 40.78 22.86 -93.57
C SER ZB 56 40.28 23.47 -92.26
N VAL ZB 57 39.01 23.90 -92.25
CA VAL ZB 57 38.46 24.58 -91.07
C VAL ZB 57 38.35 23.62 -89.89
N SER ZB 58 38.04 22.35 -90.16
CA SER ZB 58 38.03 21.36 -89.09
C SER ZB 58 39.45 21.04 -88.62
N ALA ZB 59 40.42 21.10 -89.54
CA ALA ZB 59 41.80 20.85 -89.16
C ALA ZB 59 42.42 22.05 -88.47
N GLY ZB 60 42.01 23.26 -88.86
CA GLY ZB 60 42.50 24.45 -88.20
C GLY ZB 60 41.88 24.66 -86.84
N THR ZB 61 40.70 24.09 -86.61
CA THR ZB 61 40.07 24.19 -85.29
C THR ZB 61 40.74 23.27 -84.29
N GLU ZB 62 41.10 22.06 -84.72
CA GLU ZB 62 41.70 21.10 -83.81
C GLU ZB 62 43.15 21.42 -83.50
N SER ZB 63 43.79 22.23 -84.33
CA SER ZB 63 45.18 22.59 -84.10
C SER ZB 63 45.34 23.77 -83.14
N VAL ZB 64 44.25 24.44 -82.79
CA VAL ZB 64 44.30 25.47 -81.75
C VAL ZB 64 44.46 24.83 -80.38
N LYS ZB 65 44.08 23.55 -80.23
CA LYS ZB 65 44.34 22.81 -79.00
C LYS ZB 65 45.82 22.55 -78.78
N ARG ZB 66 46.64 22.63 -79.85
CA ARG ZB 66 48.10 22.59 -79.67
C ARG ZB 66 48.58 23.83 -78.94
N VAL ZB 67 47.95 24.97 -79.18
CA VAL ZB 67 48.39 26.23 -78.59
C VAL ZB 67 47.89 26.30 -77.14
N ASN ZB 68 48.80 26.62 -76.22
CA ASN ZB 68 48.40 26.89 -74.85
C ASN ZB 68 47.83 28.30 -74.76
N GLY ZB 69 46.66 28.41 -74.14
CA GLY ZB 69 46.00 29.70 -74.11
C GLY ZB 69 45.26 30.05 -75.38
N GLY ZB 70 45.14 29.11 -76.32
CA GLY ZB 70 44.41 29.31 -77.54
C GLY ZB 70 43.01 28.73 -77.43
N GLN ZB 71 42.04 29.45 -77.98
CA GLN ZB 71 40.64 29.06 -77.88
C GLN ZB 71 39.89 29.51 -79.13
N VAL ZB 72 39.29 28.54 -79.82
CA VAL ZB 72 38.45 28.82 -80.98
C VAL ZB 72 37.13 29.37 -80.46
N LEU ZB 73 36.75 30.56 -80.93
CA LEU ZB 73 35.49 31.15 -80.52
C LEU ZB 73 34.36 30.78 -81.47
N SER ZB 74 34.61 30.87 -82.77
CA SER ZB 74 33.56 30.64 -83.74
C SER ZB 74 34.19 30.24 -85.07
N THR ZB 75 33.65 29.19 -85.68
CA THR ZB 75 34.00 28.79 -87.03
C THR ZB 75 32.76 28.78 -87.89
N HIS ZB 76 32.93 29.05 -89.18
CA HIS ZB 76 31.83 28.97 -90.12
C HIS ZB 76 32.36 28.77 -91.53
N ILE ZB 77 31.56 28.10 -92.34
CA ILE ZB 77 31.86 27.83 -93.75
C ILE ZB 77 30.64 28.21 -94.57
N ILE ZB 78 30.84 29.07 -95.57
CA ILE ZB 78 29.81 29.39 -96.55
C ILE ZB 78 30.21 28.74 -97.87
N ALA ZB 79 29.37 27.84 -98.36
CA ALA ZB 79 29.72 27.04 -99.53
C ALA ZB 79 29.71 27.86 -100.81
N ARG ZB 80 28.88 28.89 -100.87
CA ARG ZB 80 28.74 29.71 -102.07
C ARG ZB 80 28.39 31.12 -101.65
N PRO ZB 81 29.39 31.94 -101.28
CA PRO ZB 81 29.08 33.31 -100.89
C PRO ZB 81 28.67 34.15 -102.07
N HIS ZB 82 27.79 35.11 -101.81
CA HIS ZB 82 27.31 36.03 -102.82
C HIS ZB 82 28.44 36.95 -103.27
N GLU ZB 83 28.30 37.45 -104.50
CA GLU ZB 83 29.33 38.31 -105.08
C GLU ZB 83 29.38 39.69 -104.42
N ASN ZB 84 28.33 40.07 -103.69
CA ASN ZB 84 28.32 41.32 -102.95
C ASN ZB 84 29.27 41.28 -101.77
N LEU ZB 85 29.59 40.09 -101.27
CA LEU ZB 85 30.34 39.96 -100.02
C LEU ZB 85 31.82 40.29 -100.20
N GLU ZB 86 32.37 40.03 -101.39
CA GLU ZB 86 33.81 40.25 -101.58
C GLU ZB 86 34.13 41.73 -101.76
N TYR ZB 87 33.12 42.55 -102.06
CA TYR ZB 87 33.37 43.97 -102.25
C TYR ZB 87 33.17 44.75 -100.96
N VAL ZB 88 32.59 44.11 -99.95
CA VAL ZB 88 32.40 44.79 -98.67
C VAL ZB 88 33.26 44.13 -97.60
N LEU ZB 89 33.10 42.85 -97.42
CA LEU ZB 89 33.81 42.12 -96.39
C LEU ZB 89 35.17 41.68 -96.89
N PRO ZB 90 36.18 41.61 -96.01
CA PRO ZB 90 37.54 41.21 -96.43
C PRO ZB 90 37.69 39.69 -96.59
N ILE ZB 91 36.91 39.12 -97.50
CA ILE ZB 91 37.00 37.70 -97.85
C ILE ZB 91 37.47 37.50 -99.27
N ARG ZB 92 37.94 38.53 -99.94
CA ARG ZB 92 38.28 38.43 -101.35
C ARG ZB 92 39.75 38.06 -101.52
N TYR ZB 93 40.06 37.52 -102.69
CA TYR ZB 93 41.45 37.31 -103.07
C TYR ZB 93 42.13 38.65 -103.33
N THR ZB 94 43.08 39.00 -102.48
CA THR ZB 94 43.94 40.14 -102.76
C THR ZB 94 45.02 39.71 -103.74
N GLU ZB 95 45.73 40.70 -104.29
CA GLU ZB 95 46.70 40.37 -105.33
C GLU ZB 95 48.01 39.82 -104.76
N GLU ZB 96 48.18 39.90 -103.44
CA GLU ZB 96 49.35 39.29 -102.82
C GLU ZB 96 49.21 37.77 -102.75
N VAL ZB 97 47.98 37.27 -102.71
CA VAL ZB 97 47.73 35.86 -102.48
C VAL ZB 97 47.24 35.15 -103.75
N GLU ZB 98 47.41 35.78 -104.92
CA GLU ZB 98 46.99 35.13 -106.16
C GLU ZB 98 47.96 34.07 -106.63
N GLN ZB 99 49.17 34.02 -106.05
CA GLN ZB 99 50.10 32.94 -106.39
C GLN ZB 99 49.73 31.64 -105.70
N PHE ZB 100 48.86 31.68 -104.69
CA PHE ZB 100 48.48 30.50 -103.95
C PHE ZB 100 47.09 30.00 -104.30
N ARG ZB 101 46.41 30.62 -105.28
CA ARG ZB 101 45.07 30.23 -105.65
C ARG ZB 101 45.07 28.94 -106.48
N ALA AC 2 74.65 11.04 -88.10
CA ALA AC 2 74.51 12.15 -89.04
C ALA AC 2 73.39 13.08 -88.58
N VAL AC 3 72.26 13.03 -89.29
CA VAL AC 3 71.09 13.79 -88.88
C VAL AC 3 70.37 13.04 -87.76
N ALA AC 4 69.48 13.73 -87.07
CA ALA AC 4 68.75 13.12 -85.96
C ALA AC 4 67.72 12.12 -86.45
N VAL AC 5 67.21 11.30 -85.54
CA VAL AC 5 66.18 10.33 -85.84
C VAL AC 5 65.07 10.47 -84.82
N GLY AC 6 63.83 10.53 -85.28
CA GLY AC 6 62.68 10.56 -84.39
C GLY AC 6 61.72 9.44 -84.73
N MET AC 7 61.07 8.92 -83.70
CA MET AC 7 60.17 7.79 -83.83
C MET AC 7 58.88 8.09 -83.08
N ILE AC 8 57.75 7.82 -83.70
CA ILE AC 8 56.46 7.81 -83.03
C ILE AC 8 55.85 6.44 -83.24
N GLU AC 9 55.57 5.74 -82.15
CA GLU AC 9 54.88 4.46 -82.22
C GLU AC 9 53.43 4.65 -81.82
N THR AC 10 52.53 4.22 -82.69
CA THR AC 10 51.11 4.28 -82.42
C THR AC 10 50.52 2.89 -82.41
N LEU AC 11 49.33 2.77 -81.86
CA LEU AC 11 48.52 1.56 -81.93
C LEU AC 11 47.55 1.76 -83.09
N GLY AC 12 47.85 1.13 -84.22
CA GLY AC 12 46.99 1.27 -85.38
C GLY AC 12 47.63 1.96 -86.56
N PHE AC 13 47.27 1.52 -87.76
CA PHE AC 13 47.77 2.11 -89.00
C PHE AC 13 47.12 3.44 -89.41
N PRO AC 14 45.82 3.71 -89.21
CA PRO AC 14 45.35 5.08 -89.49
C PRO AC 14 45.94 6.13 -88.56
N ALA AC 15 46.37 5.76 -87.36
CA ALA AC 15 47.00 6.72 -86.48
C ALA AC 15 48.44 6.98 -86.87
N VAL AC 16 49.08 6.03 -87.56
CA VAL AC 16 50.50 6.17 -87.86
C VAL AC 16 50.69 6.92 -89.18
N VAL AC 17 49.64 6.99 -89.99
CA VAL AC 17 49.71 7.79 -91.22
C VAL AC 17 49.40 9.25 -90.91
N GLU AC 18 48.49 9.49 -89.96
CA GLU AC 18 48.25 10.85 -89.49
C GLU AC 18 49.44 11.39 -88.71
N ALA AC 19 50.11 10.52 -87.94
CA ALA AC 19 51.34 10.93 -87.27
C ALA AC 19 52.45 11.24 -88.26
N ALA AC 20 52.57 10.43 -89.32
CA ALA AC 20 53.61 10.66 -90.31
C ALA AC 20 53.31 11.89 -91.16
N ASP AC 21 52.03 12.14 -91.46
CA ASP AC 21 51.67 13.31 -92.23
C ASP AC 21 51.82 14.59 -91.43
N ALA AC 22 51.63 14.52 -90.11
CA ALA AC 22 51.80 15.69 -89.27
C ALA AC 22 53.26 16.05 -89.07
N MET AC 23 54.16 15.06 -89.17
CA MET AC 23 55.57 15.32 -88.94
C MET AC 23 56.21 16.04 -90.12
N VAL AC 24 55.94 15.58 -91.34
CA VAL AC 24 56.65 16.15 -92.49
C VAL AC 24 56.02 17.46 -92.92
N LYS AC 25 54.82 17.78 -92.41
CA LYS AC 25 54.23 19.08 -92.66
C LYS AC 25 54.71 20.11 -91.65
N ALA AC 26 55.00 19.67 -90.42
CA ALA AC 26 55.33 20.62 -89.35
C ALA AC 26 56.75 21.15 -89.49
N ALA AC 27 57.69 20.32 -89.90
CA ALA AC 27 59.09 20.72 -89.93
C ALA AC 27 59.79 20.04 -91.11
N ARG AC 28 61.06 20.39 -91.29
CA ARG AC 28 61.87 19.89 -92.40
C ARG AC 28 62.49 18.55 -92.01
N VAL AC 29 61.63 17.54 -91.88
CA VAL AC 29 62.06 16.19 -91.62
C VAL AC 29 61.70 15.32 -92.81
N THR AC 30 62.45 14.24 -92.99
CA THR AC 30 62.20 13.27 -94.03
C THR AC 30 61.70 11.98 -93.39
N LEU AC 31 60.47 11.61 -93.69
CA LEU AC 31 59.97 10.30 -93.32
C LEU AC 31 60.72 9.25 -94.13
N VAL AC 32 61.50 8.42 -93.46
CA VAL AC 32 62.33 7.43 -94.14
C VAL AC 32 61.90 6.01 -93.88
N GLY AC 33 61.12 5.76 -92.84
CA GLY AC 33 60.94 4.39 -92.37
C GLY AC 33 59.55 4.14 -91.85
N TYR AC 34 59.24 2.87 -91.67
CA TYR AC 34 57.91 2.39 -91.34
C TYR AC 34 58.09 0.98 -90.79
N GLU AC 35 57.77 0.78 -89.52
CA GLU AC 35 58.15 -0.44 -88.83
C GLU AC 35 56.95 -1.04 -88.10
N LYS AC 36 56.76 -2.33 -88.27
CA LYS AC 36 55.72 -3.09 -87.57
C LYS AC 36 56.40 -4.15 -86.72
N ILE AC 37 56.09 -4.18 -85.44
CA ILE AC 37 56.71 -5.10 -84.49
C ILE AC 37 55.69 -6.07 -83.90
N GLY AC 38 54.42 -5.95 -84.26
CA GLY AC 38 53.39 -6.79 -83.69
C GLY AC 38 52.57 -6.07 -82.65
N THR AC 39 51.47 -6.73 -82.25
CA THR AC 39 50.36 -6.19 -81.44
C THR AC 39 49.86 -4.84 -81.93
N GLY AC 40 49.82 -4.63 -83.24
CA GLY AC 40 49.38 -3.36 -83.79
C GLY AC 40 50.27 -2.19 -83.54
N ARG AC 41 51.47 -2.40 -83.00
CA ARG AC 41 52.40 -1.32 -82.68
C ARG AC 41 53.17 -0.97 -83.94
N VAL AC 42 52.85 0.18 -84.51
CA VAL AC 42 53.42 0.62 -85.78
C VAL AC 42 54.24 1.88 -85.53
N THR AC 43 55.45 1.91 -86.07
CA THR AC 43 56.38 3.00 -85.84
C THR AC 43 56.77 3.64 -87.17
N VAL AC 44 56.73 4.97 -87.22
CA VAL AC 44 57.27 5.73 -88.35
C VAL AC 44 58.52 6.47 -87.89
N ILE AC 45 59.50 6.57 -88.78
CA ILE AC 45 60.82 7.09 -88.49
C ILE AC 45 61.08 8.30 -89.37
N VAL AC 46 61.41 9.43 -88.75
CA VAL AC 46 61.77 10.64 -89.49
C VAL AC 46 63.22 10.96 -89.23
N ARG AC 47 63.85 11.59 -90.23
CA ARG AC 47 65.23 12.06 -90.12
C ARG AC 47 65.28 13.55 -90.41
N GLY AC 48 66.16 14.24 -89.71
CA GLY AC 48 66.33 15.67 -89.93
C GLY AC 48 67.24 16.23 -88.87
N ASP AC 49 67.27 17.56 -88.79
CA ASP AC 49 67.95 18.21 -87.68
C ASP AC 49 67.18 17.95 -86.39
N VAL AC 50 67.90 18.01 -85.27
CA VAL AC 50 67.31 17.65 -83.98
C VAL AC 50 66.23 18.64 -83.55
N SER AC 51 66.34 19.90 -83.97
CA SER AC 51 65.28 20.87 -83.72
C SER AC 51 64.09 20.61 -84.64
N GLU AC 52 64.36 20.17 -85.88
CA GLU AC 52 63.29 19.83 -86.80
C GLU AC 52 62.56 18.57 -86.35
N VAL AC 53 63.32 17.61 -85.81
CA VAL AC 53 62.72 16.35 -85.35
C VAL AC 53 61.90 16.58 -84.09
N GLN AC 54 62.36 17.46 -83.20
CA GLN AC 54 61.62 17.74 -81.96
C GLN AC 54 60.31 18.45 -82.25
N ALA AC 55 60.29 19.32 -83.26
CA ALA AC 55 59.04 20.00 -83.60
C ALA AC 55 58.08 19.08 -84.32
N SER AC 56 58.60 18.12 -85.10
CA SER AC 56 57.74 17.22 -85.85
C SER AC 56 57.14 16.15 -84.94
N VAL AC 57 57.96 15.60 -84.03
CA VAL AC 57 57.49 14.54 -83.14
C VAL AC 57 56.45 15.07 -82.16
N SER AC 58 56.63 16.32 -81.71
CA SER AC 58 55.63 16.95 -80.85
C SER AC 58 54.34 17.23 -81.61
N ALA AC 59 54.45 17.55 -82.90
CA ALA AC 59 53.25 17.79 -83.71
C ALA AC 59 52.58 16.48 -84.12
N GLY AC 60 53.38 15.44 -84.38
CA GLY AC 60 52.81 14.16 -84.74
C GLY AC 60 52.18 13.44 -83.57
N THR AC 61 52.59 13.77 -82.35
CA THR AC 61 51.97 13.16 -81.16
C THR AC 61 50.58 13.73 -80.93
N GLU AC 62 50.42 15.05 -81.07
CA GLU AC 62 49.15 15.68 -80.80
C GLU AC 62 48.12 15.39 -81.89
N SER AC 63 48.58 15.05 -83.09
CA SER AC 63 47.67 14.76 -84.20
C SER AC 63 47.06 13.37 -84.13
N VAL AC 64 47.61 12.48 -83.31
CA VAL AC 64 46.99 11.17 -83.13
C VAL AC 64 45.74 11.28 -82.27
N LYS AC 65 45.67 12.31 -81.42
CA LYS AC 65 44.50 12.55 -80.58
C LYS AC 65 43.25 12.89 -81.38
N ARG AC 66 43.40 13.39 -82.60
CA ARG AC 66 42.26 13.61 -83.47
C ARG AC 66 41.80 12.34 -84.18
N VAL AC 67 42.62 11.29 -84.19
CA VAL AC 67 42.23 10.01 -84.76
C VAL AC 67 41.50 9.21 -83.69
N ASN AC 68 40.24 8.87 -83.94
CA ASN AC 68 39.47 8.04 -83.03
C ASN AC 68 39.79 6.58 -83.32
N GLY AC 69 40.41 5.91 -82.35
CA GLY AC 69 40.82 4.53 -82.51
C GLY AC 69 42.30 4.29 -82.45
N GLY AC 70 43.12 5.35 -82.37
CA GLY AC 70 44.55 5.20 -82.28
C GLY AC 70 45.11 6.08 -81.19
N GLN AC 71 46.21 5.60 -80.60
CA GLN AC 71 46.87 6.31 -79.51
C GLN AC 71 48.37 6.19 -79.70
N VAL AC 72 49.09 7.20 -79.19
CA VAL AC 72 50.55 7.19 -79.21
C VAL AC 72 51.01 6.28 -78.08
N LEU AC 73 51.81 5.26 -78.43
CA LEU AC 73 52.34 4.36 -77.41
C LEU AC 73 53.68 4.85 -76.90
N SER AC 74 54.56 5.25 -77.81
CA SER AC 74 55.91 5.67 -77.41
C SER AC 74 56.46 6.62 -78.46
N THR AC 75 57.19 7.63 -77.98
CA THR AC 75 57.90 8.55 -78.84
C THR AC 75 59.34 8.68 -78.33
N HIS AC 76 60.27 8.87 -79.27
CA HIS AC 76 61.65 9.11 -78.89
C HIS AC 76 62.36 9.89 -79.98
N ILE AC 77 63.36 10.66 -79.55
CA ILE AC 77 64.19 11.48 -80.42
C ILE AC 77 65.64 11.23 -80.02
N ILE AC 78 66.48 10.88 -81.00
CA ILE AC 78 67.91 10.72 -80.79
C ILE AC 78 68.61 11.79 -81.62
N ALA AC 79 69.43 12.61 -80.96
CA ALA AC 79 69.97 13.82 -81.58
C ALA AC 79 70.98 13.50 -82.67
N ARG AC 80 71.80 12.47 -82.45
CA ARG AC 80 72.76 12.01 -83.44
C ARG AC 80 73.01 10.53 -83.19
N PRO AC 81 72.37 9.65 -83.94
CA PRO AC 81 72.56 8.21 -83.72
C PRO AC 81 73.94 7.76 -84.17
N HIS AC 82 74.35 6.63 -83.60
CA HIS AC 82 75.58 5.97 -84.03
C HIS AC 82 75.40 5.44 -85.44
N GLU AC 83 76.51 5.34 -86.19
CA GLU AC 83 76.43 4.81 -87.54
C GLU AC 83 76.30 3.29 -87.54
N ASN AC 84 76.49 2.65 -86.39
CA ASN AC 84 76.17 1.24 -86.23
C ASN AC 84 74.67 0.99 -86.36
N LEU AC 85 73.85 1.96 -85.95
CA LEU AC 85 72.40 1.77 -85.97
C LEU AC 85 71.84 1.84 -87.39
N GLU AC 86 72.57 2.47 -88.31
CA GLU AC 86 72.07 2.66 -89.66
C GLU AC 86 72.06 1.35 -90.43
N TYR AC 87 72.96 0.43 -90.09
CA TYR AC 87 73.07 -0.82 -90.84
C TYR AC 87 72.19 -1.90 -90.22
N VAL AC 88 71.88 -1.80 -88.93
CA VAL AC 88 71.08 -2.83 -88.28
C VAL AC 88 69.62 -2.42 -88.22
N LEU AC 89 69.36 -1.23 -87.75
CA LEU AC 89 67.99 -0.75 -87.58
C LEU AC 89 67.52 0.00 -88.81
N PRO AC 90 66.23 -0.11 -89.17
CA PRO AC 90 65.70 0.56 -90.38
C PRO AC 90 65.40 2.04 -90.16
N ILE AC 91 66.44 2.81 -89.84
CA ILE AC 91 66.33 4.24 -89.65
C ILE AC 91 67.12 5.02 -90.69
N ARG AC 92 67.62 4.36 -91.73
CA ARG AC 92 68.47 5.02 -92.70
C ARG AC 92 67.65 5.56 -93.86
N TYR AC 93 68.27 6.46 -94.62
CA TYR AC 93 67.66 7.00 -95.82
C TYR AC 93 67.64 5.94 -96.91
N THR AC 94 66.45 5.65 -97.44
CA THR AC 94 66.35 4.80 -98.61
C THR AC 94 66.51 5.65 -99.87
N GLU AC 95 66.68 4.98 -101.01
CA GLU AC 95 66.88 5.68 -102.26
C GLU AC 95 65.58 6.28 -102.79
N GLU AC 96 64.44 5.85 -102.26
CA GLU AC 96 63.16 6.39 -102.70
C GLU AC 96 62.89 7.75 -102.08
N VAL AC 97 63.53 8.05 -100.95
CA VAL AC 97 63.23 9.25 -100.20
C VAL AC 97 64.39 10.24 -100.21
N GLU AC 98 65.34 10.08 -101.14
CA GLU AC 98 66.44 11.04 -101.22
C GLU AC 98 66.01 12.35 -101.87
N GLN AC 99 64.85 12.38 -102.54
CA GLN AC 99 64.35 13.62 -103.12
C GLN AC 99 63.73 14.53 -102.06
N PHE AC 100 63.41 13.99 -100.88
CA PHE AC 100 62.82 14.76 -99.80
C PHE AC 100 63.85 15.16 -98.75
N ARG AC 101 65.11 14.80 -98.91
CA ARG AC 101 66.14 15.12 -97.93
C ARG AC 101 66.55 16.58 -98.00
N MET BC 1 82.07 35.59 -56.85
CA MET BC 1 81.68 35.90 -58.22
C MET BC 1 82.88 36.27 -59.08
N GLN BC 2 82.70 36.19 -60.39
CA GLN BC 2 83.69 36.63 -61.35
C GLN BC 2 83.04 37.64 -62.28
N MET BC 3 83.84 38.56 -62.80
CA MET BC 3 83.40 39.48 -63.83
C MET BC 3 83.58 38.82 -65.19
N ALA BC 4 82.53 38.85 -66.00
CA ALA BC 4 82.56 38.22 -67.30
C ALA BC 4 81.85 39.12 -68.31
N LYS BC 5 82.25 38.97 -69.57
CA LYS BC 5 81.63 39.68 -70.68
C LYS BC 5 80.79 38.70 -71.48
N VAL BC 6 79.57 39.10 -71.81
CA VAL BC 6 78.66 38.26 -72.60
C VAL BC 6 79.17 38.24 -74.03
N CYS BC 7 79.68 37.08 -74.46
CA CYS BC 7 80.20 36.97 -75.81
C CYS BC 7 79.25 36.26 -76.75
N GLY BC 8 78.31 35.49 -76.21
CA GLY BC 8 77.34 34.87 -77.08
C GLY BC 8 76.35 34.00 -76.34
N THR BC 9 75.64 33.18 -77.12
CA THR BC 9 74.59 32.31 -76.60
C THR BC 9 74.90 30.88 -77.00
N VAL BC 10 74.48 29.93 -76.16
CA VAL BC 10 74.56 28.51 -76.44
C VAL BC 10 73.16 27.95 -76.42
N VAL BC 11 72.75 27.32 -77.53
CA VAL BC 11 71.44 26.72 -77.65
C VAL BC 11 71.62 25.21 -77.73
N GLY BC 12 70.98 24.49 -76.81
CA GLY BC 12 70.93 23.05 -76.89
C GLY BC 12 69.50 22.56 -76.90
N THR BC 13 69.13 21.77 -77.89
CA THR BC 13 67.77 21.26 -77.97
C THR BC 13 67.60 19.92 -77.27
N GLN BC 14 68.60 19.05 -77.37
CA GLN BC 14 68.59 17.75 -76.72
C GLN BC 14 69.26 17.90 -75.36
N LYS BC 15 68.46 18.01 -74.30
CA LYS BC 15 68.97 18.34 -72.99
C LYS BC 15 68.12 17.64 -71.94
N LEU BC 16 68.42 17.90 -70.68
CA LEU BC 16 67.62 17.40 -69.58
C LEU BC 16 66.31 18.17 -69.51
N PRO BC 17 65.24 17.54 -69.01
CA PRO BC 17 63.96 18.27 -68.87
C PRO BC 17 64.00 19.40 -67.86
N SER BC 18 64.89 19.31 -66.87
CA SER BC 18 65.05 20.39 -65.91
C SER BC 18 65.90 21.53 -66.45
N MET BC 19 66.49 21.36 -67.62
CA MET BC 19 67.21 22.44 -68.28
C MET BC 19 66.35 23.22 -69.25
N THR BC 20 65.04 23.01 -69.24
CA THR BC 20 64.14 23.67 -70.18
C THR BC 20 63.76 25.05 -69.67
N GLY BC 21 63.88 26.05 -70.55
CA GLY BC 21 63.63 27.42 -70.18
C GLY BC 21 64.81 28.16 -69.62
N VAL BC 22 65.94 27.49 -69.44
CA VAL BC 22 67.17 28.09 -68.93
C VAL BC 22 67.90 28.74 -70.10
N LYS BC 23 68.07 30.04 -70.04
CA LYS BC 23 68.79 30.78 -71.08
C LYS BC 23 70.29 30.67 -70.81
N LEU BC 24 71.03 30.15 -71.77
CA LEU BC 24 72.45 29.84 -71.62
C LEU BC 24 73.28 30.87 -72.36
N LEU BC 25 74.13 31.57 -71.63
CA LEU BC 25 75.00 32.60 -72.18
C LEU BC 25 76.45 32.14 -72.15
N LEU BC 26 77.14 32.36 -73.25
CA LEU BC 26 78.58 32.13 -73.33
C LEU BC 26 79.28 33.38 -72.85
N LEU BC 27 79.92 33.30 -71.69
CA LEU BC 27 80.57 34.44 -71.07
C LEU BC 27 82.07 34.21 -71.02
N GLN BC 28 82.84 35.14 -71.57
CA GLN BC 28 84.28 35.13 -71.43
C GLN BC 28 84.67 35.95 -70.22
N PHE BC 29 85.58 35.42 -69.41
CA PHE BC 29 85.99 36.11 -68.20
C PHE BC 29 86.92 37.27 -68.53
N ILE BC 30 86.75 38.36 -67.80
CA ILE BC 30 87.60 39.53 -67.91
C ILE BC 30 88.36 39.69 -66.61
N ASP BC 31 89.56 40.26 -66.68
CA ASP BC 31 90.37 40.36 -65.49
C ASP BC 31 89.98 41.58 -64.65
N ALA BC 32 90.77 41.84 -63.60
CA ALA BC 32 90.49 42.99 -62.74
C ALA BC 32 90.83 44.30 -63.43
N ASN BC 33 91.67 44.27 -64.48
CA ASN BC 33 92.00 45.48 -65.20
C ASN BC 33 91.09 45.70 -66.40
N GLY BC 34 90.32 44.69 -66.78
CA GLY BC 34 89.34 44.82 -67.84
C GLY BC 34 89.63 44.11 -69.14
N GLU BC 35 90.76 43.41 -69.26
CA GLU BC 35 91.09 42.69 -70.47
C GLU BC 35 90.50 41.29 -70.44
N LEU BC 36 90.27 40.74 -71.63
CA LEU BC 36 89.62 39.43 -71.75
C LEU BC 36 90.61 38.32 -71.41
N LEU BC 37 90.23 37.47 -70.47
CA LEU BC 37 91.02 36.31 -70.11
C LEU BC 37 90.70 35.16 -71.07
N PRO BC 38 91.67 34.26 -71.32
CA PRO BC 38 91.37 33.06 -72.12
C PRO BC 38 90.69 31.97 -71.32
N LYS BC 39 89.52 32.30 -70.76
CA LYS BC 39 88.73 31.40 -69.94
C LYS BC 39 87.28 31.82 -70.06
N TYR BC 40 86.40 30.85 -70.25
CA TYR BC 40 85.00 31.12 -70.49
C TYR BC 40 84.13 30.34 -69.52
N GLU BC 41 82.83 30.56 -69.64
CA GLU BC 41 81.82 29.84 -68.88
C GLU BC 41 80.52 29.87 -69.67
N VAL BC 42 79.68 28.87 -69.45
CA VAL BC 42 78.29 28.90 -69.90
C VAL BC 42 77.43 28.97 -68.65
N ALA BC 43 76.63 30.02 -68.54
CA ALA BC 43 75.88 30.30 -67.33
C ALA BC 43 74.41 30.53 -67.64
N ALA BC 44 73.56 30.21 -66.67
CA ALA BC 44 72.17 30.60 -66.72
C ALA BC 44 72.05 32.11 -66.54
N ASP BC 45 71.01 32.69 -67.13
CA ASP BC 45 70.82 34.14 -67.16
C ASP BC 45 69.41 34.50 -66.72
N PRO BC 46 69.17 34.60 -65.41
CA PRO BC 46 67.87 35.12 -64.96
C PRO BC 46 67.77 36.63 -65.08
N VAL BC 47 68.86 37.35 -64.84
CA VAL BC 47 68.93 38.78 -65.03
C VAL BC 47 69.25 39.01 -66.49
N GLY BC 48 68.31 39.59 -67.23
CA GLY BC 48 68.37 39.56 -68.69
C GLY BC 48 69.51 40.37 -69.25
N ALA BC 49 70.54 39.69 -69.76
CA ALA BC 49 71.79 40.31 -70.19
C ALA BC 49 72.03 40.00 -71.66
N GLY BC 50 72.38 41.03 -72.43
CA GLY BC 50 72.64 40.88 -73.84
C GLY BC 50 74.13 40.89 -74.14
N LEU BC 51 74.43 40.75 -75.43
CA LEU BC 51 75.80 40.56 -75.89
C LEU BC 51 76.62 41.84 -75.73
N GLY BC 52 77.81 41.70 -75.16
CA GLY BC 52 78.67 42.83 -74.88
C GLY BC 52 78.60 43.33 -73.46
N GLU BC 53 77.62 42.89 -72.68
CA GLU BC 53 77.43 43.39 -71.33
C GLU BC 53 78.44 42.78 -70.37
N TRP BC 54 78.71 43.52 -69.30
CA TRP BC 54 79.55 43.05 -68.21
C TRP BC 54 78.65 42.48 -67.12
N VAL BC 55 78.89 41.24 -66.73
CA VAL BC 55 78.04 40.56 -65.78
C VAL BC 55 78.88 40.00 -64.64
N LEU BC 56 78.23 39.80 -63.50
CA LEU BC 56 78.80 39.01 -62.41
C LEU BC 56 78.21 37.61 -62.49
N VAL BC 57 79.07 36.61 -62.56
CA VAL BC 57 78.66 35.22 -62.63
C VAL BC 57 79.24 34.47 -61.43
N ASN BC 58 78.39 33.69 -60.77
CA ASN BC 58 78.86 32.88 -59.65
C ASN BC 58 79.15 31.46 -60.15
N ARG BC 59 79.65 30.62 -59.26
CA ARG BC 59 80.02 29.26 -59.60
C ARG BC 59 79.50 28.34 -58.52
N GLY BC 60 79.18 27.11 -58.92
CA GLY BC 60 78.87 26.07 -57.95
C GLY BC 60 77.42 26.03 -57.51
N SER BC 61 77.21 25.71 -56.23
CA SER BC 61 75.86 25.55 -55.69
C SER BC 61 75.16 26.88 -55.45
N ALA BC 62 75.87 28.00 -55.61
CA ALA BC 62 75.24 29.32 -55.54
C ALA BC 62 74.37 29.60 -56.74
N ALA BC 63 74.54 28.87 -57.83
CA ALA BC 63 73.68 29.01 -59.00
C ALA BC 63 72.29 28.44 -58.78
N ARG BC 64 72.09 27.68 -57.71
CA ARG BC 64 70.81 27.04 -57.42
C ARG BC 64 70.09 27.71 -56.25
N GLN BC 65 70.29 29.00 -56.04
CA GLN BC 65 69.73 29.68 -54.87
C GLN BC 65 68.59 30.63 -55.22
N THR BC 66 68.30 30.84 -56.50
CA THR BC 66 67.35 31.85 -56.93
C THR BC 66 65.90 31.34 -57.01
N GLU BC 67 65.62 30.22 -56.33
CA GLU BC 67 64.33 29.59 -56.07
C GLU BC 67 63.56 29.12 -57.32
N TYR BC 68 64.09 29.37 -58.52
CA TYR BC 68 63.62 28.67 -59.71
C TYR BC 68 64.75 27.91 -60.40
N HIS BC 69 65.94 27.88 -59.80
CA HIS BC 69 67.05 27.05 -60.26
C HIS BC 69 67.42 26.00 -59.23
N GLN BC 70 66.51 25.68 -58.30
CA GLN BC 70 66.88 24.96 -57.09
C GLN BC 70 67.22 23.51 -57.36
N ASN BC 71 66.44 22.83 -58.19
CA ASN BC 71 66.67 21.43 -58.50
C ASN BC 71 67.16 21.26 -59.94
N ARG BC 72 67.72 22.32 -60.51
CA ARG BC 72 68.26 22.39 -61.86
C ARG BC 72 69.76 22.13 -61.84
N PRO BC 73 70.28 21.38 -62.79
CA PRO BC 73 71.72 21.05 -62.81
C PRO BC 73 72.57 22.19 -63.36
N LEU BC 74 72.64 23.27 -62.60
CA LEU BC 74 73.35 24.47 -62.99
C LEU BC 74 74.49 24.74 -62.02
N ASP BC 75 75.67 25.06 -62.55
CA ASP BC 75 76.82 25.40 -61.73
C ASP BC 75 77.38 26.77 -62.05
N ALA BC 76 76.63 27.60 -62.78
CA ALA BC 76 77.04 28.95 -63.11
C ALA BC 76 75.78 29.75 -63.42
N MET BC 77 75.77 31.01 -63.01
CA MET BC 77 74.58 31.84 -63.13
C MET BC 77 74.98 33.30 -63.10
N VAL BC 78 74.47 34.08 -64.05
CA VAL BC 78 74.61 35.53 -63.99
C VAL BC 78 73.73 36.05 -62.86
N VAL BC 79 74.35 36.68 -61.87
CA VAL BC 79 73.61 37.21 -60.74
C VAL BC 79 73.37 38.72 -60.84
N ALA BC 80 74.18 39.42 -61.62
CA ALA BC 80 74.08 40.87 -61.71
C ALA BC 80 74.64 41.32 -63.04
N ILE BC 81 74.02 42.35 -63.61
CA ILE BC 81 74.61 43.12 -64.69
C ILE BC 81 75.42 44.23 -64.07
N ILE BC 82 76.70 44.31 -64.44
CA ILE BC 82 77.59 45.28 -63.84
C ILE BC 82 77.24 46.68 -64.35
N ASP BC 83 76.96 47.59 -63.42
CA ASP BC 83 76.78 48.99 -63.75
C ASP BC 83 78.12 49.71 -63.85
N THR BC 84 78.92 49.61 -62.81
CA THR BC 84 80.20 50.32 -62.77
C THR BC 84 81.20 49.54 -61.92
N VAL BC 85 82.46 49.59 -62.32
CA VAL BC 85 83.57 49.03 -61.57
C VAL BC 85 84.54 50.16 -61.25
N THR BC 86 84.77 50.39 -59.97
CA THR BC 86 85.69 51.41 -59.50
C THR BC 86 86.91 50.71 -58.91
N VAL BC 87 88.08 50.94 -59.50
CA VAL BC 87 89.33 50.34 -59.03
C VAL BC 87 90.24 51.46 -58.58
N ASN BC 88 90.63 51.42 -57.29
CA ASN BC 88 91.52 52.41 -56.65
C ASN BC 88 90.97 53.82 -56.77
N ASN BC 89 89.67 53.97 -56.48
CA ASN BC 89 88.87 55.18 -56.58
C ASN BC 89 88.80 55.75 -58.01
N ARG BC 90 89.16 54.95 -59.02
CA ARG BC 90 89.06 55.36 -60.41
C ARG BC 90 88.05 54.44 -61.10
N ARG BC 91 87.12 55.05 -61.83
CA ARG BC 91 86.09 54.28 -62.53
C ARG BC 91 86.70 53.53 -63.70
N LEU BC 92 86.67 52.19 -63.64
CA LEU BC 92 87.14 51.34 -64.71
C LEU BC 92 86.08 51.09 -65.78
N TYR BC 93 84.83 50.95 -65.37
CA TYR BC 93 83.74 50.61 -66.28
C TYR BC 93 82.52 51.45 -65.94
N GLY BC 94 81.75 51.79 -66.96
CA GLY BC 94 80.52 52.54 -66.77
C GLY BC 94 80.73 54.04 -66.80
N ALA CC 2 -16.61 99.17 -54.86
CA ALA CC 2 -15.88 99.55 -56.07
C ALA CC 2 -15.65 98.33 -56.96
N VAL CC 3 -14.65 98.44 -57.85
CA VAL CC 3 -14.25 97.34 -58.71
C VAL CC 3 -13.67 96.22 -57.87
N ALA CC 4 -14.00 94.97 -58.21
CA ALA CC 4 -13.72 93.82 -57.37
C ALA CC 4 -12.22 93.57 -57.21
N VAL CC 5 -11.84 93.04 -56.04
CA VAL CC 5 -10.46 92.76 -55.70
C VAL CC 5 -10.28 91.25 -55.61
N GLY CC 6 -9.23 90.74 -56.21
CA GLY CC 6 -8.83 89.36 -56.01
C GLY CC 6 -7.41 89.31 -55.49
N MET CC 7 -7.18 88.40 -54.55
CA MET CC 7 -5.88 88.26 -53.91
C MET CC 7 -5.52 86.79 -53.86
N ILE CC 8 -4.30 86.45 -54.24
CA ILE CC 8 -3.74 85.13 -54.04
C ILE CC 8 -2.45 85.29 -53.26
N GLU CC 9 -2.39 84.70 -52.08
CA GLU CC 9 -1.18 84.71 -51.26
C GLU CC 9 -0.46 83.38 -51.41
N THR CC 10 0.79 83.44 -51.84
CA THR CC 10 1.61 82.26 -51.99
C THR CC 10 2.82 82.33 -51.08
N LEU CC 11 3.41 81.17 -50.82
CA LEU CC 11 4.66 81.05 -50.10
C LEU CC 11 5.76 80.88 -51.15
N GLY CC 12 6.37 81.99 -51.56
CA GLY CC 12 7.40 81.94 -52.56
C GLY CC 12 7.15 82.85 -53.75
N PHE CC 13 8.21 83.41 -54.30
CA PHE CC 13 8.14 84.31 -55.44
C PHE CC 13 7.94 83.63 -56.81
N PRO CC 14 8.49 82.45 -57.13
CA PRO CC 14 8.06 81.78 -58.36
C PRO CC 14 6.60 81.37 -58.36
N ALA CC 15 6.01 81.11 -57.19
CA ALA CC 15 4.61 80.75 -57.14
C ALA CC 15 3.71 81.97 -57.30
N VAL CC 16 4.21 83.16 -56.95
CA VAL CC 16 3.36 84.33 -57.00
C VAL CC 16 3.39 84.96 -58.38
N VAL CC 17 4.44 84.68 -59.16
CA VAL CC 17 4.49 85.16 -60.54
C VAL CC 17 3.63 84.28 -61.43
N GLU CC 18 3.60 82.97 -61.14
CA GLU CC 18 2.66 82.08 -61.82
C GLU CC 18 1.22 82.39 -61.43
N ALA CC 19 1.00 82.78 -60.18
CA ALA CC 19 -0.33 83.22 -59.77
C ALA CC 19 -0.72 84.51 -60.48
N ALA CC 20 0.21 85.46 -60.59
CA ALA CC 20 -0.09 86.72 -61.28
C ALA CC 20 -0.24 86.51 -62.77
N ASP CC 21 0.52 85.58 -63.35
CA ASP CC 21 0.44 85.34 -64.79
C ASP CC 21 -0.81 84.60 -65.18
N ALA CC 22 -1.21 83.60 -64.38
CA ALA CC 22 -2.39 82.81 -64.72
C ALA CC 22 -3.66 83.59 -64.46
N MET CC 23 -3.61 84.60 -63.58
CA MET CC 23 -4.80 85.39 -63.30
C MET CC 23 -5.13 86.32 -64.46
N VAL CC 24 -4.13 87.02 -64.99
CA VAL CC 24 -4.41 87.96 -66.07
C VAL CC 24 -4.52 87.25 -67.41
N LYS CC 25 -4.19 85.95 -67.46
CA LYS CC 25 -4.36 85.20 -68.69
C LYS CC 25 -5.68 84.43 -68.70
N ALA CC 26 -6.27 84.19 -67.53
CA ALA CC 26 -7.53 83.44 -67.49
C ALA CC 26 -8.71 84.34 -67.81
N ALA CC 27 -8.64 85.62 -67.44
CA ALA CC 27 -9.76 86.52 -67.59
C ALA CC 27 -9.25 87.94 -67.77
N ARG CC 28 -10.19 88.86 -67.95
CA ARG CC 28 -9.89 90.27 -68.17
C ARG CC 28 -9.83 90.96 -66.81
N VAL CC 29 -8.71 90.75 -66.12
CA VAL CC 29 -8.42 91.43 -64.87
C VAL CC 29 -7.15 92.23 -65.05
N THR CC 30 -6.94 93.19 -64.15
CA THR CC 30 -5.75 94.02 -64.14
C THR CC 30 -4.96 93.72 -62.88
N LEU CC 31 -3.77 93.14 -63.05
CA LEU CC 31 -2.84 93.00 -61.95
C LEU CC 31 -2.35 94.38 -61.54
N VAL CC 32 -2.68 94.80 -60.33
CA VAL CC 32 -2.36 96.14 -59.87
C VAL CC 32 -1.34 96.14 -58.76
N GLY CC 33 -1.16 95.05 -58.04
CA GLY CC 33 -0.45 95.08 -56.78
C GLY CC 33 0.42 93.87 -56.60
N TYR CC 34 1.38 94.00 -55.69
CA TYR CC 34 2.36 92.97 -55.39
C TYR CC 34 2.84 93.25 -53.98
N GLU CC 35 2.44 92.41 -53.03
CA GLU CC 35 2.54 92.74 -51.62
C GLU CC 35 3.35 91.69 -50.87
N LYS CC 36 4.38 92.13 -50.16
CA LYS CC 36 5.19 91.27 -49.31
C LYS CC 36 4.97 91.67 -47.86
N ILE CC 37 4.66 90.68 -47.03
CA ILE CC 37 4.38 90.91 -45.61
C ILE CC 37 5.34 90.16 -44.71
N GLY CC 38 6.36 89.52 -45.27
CA GLY CC 38 7.33 88.80 -44.49
C GLY CC 38 7.05 87.30 -44.45
N THR CC 39 8.09 86.57 -44.04
CA THR CC 39 8.19 85.10 -44.03
C THR CC 39 7.78 84.45 -45.35
N GLY CC 40 8.13 85.07 -46.46
CA GLY CC 40 7.84 84.49 -47.76
C GLY CC 40 6.42 84.60 -48.23
N ARG CC 41 5.51 85.13 -47.41
CA ARG CC 41 4.12 85.30 -47.80
C ARG CC 41 4.01 86.48 -48.76
N VAL CC 42 3.76 86.18 -50.02
CA VAL CC 42 3.68 87.18 -51.07
C VAL CC 42 2.28 87.15 -51.68
N THR CC 43 1.70 88.33 -51.87
CA THR CC 43 0.34 88.46 -52.37
C THR CC 43 0.33 89.33 -53.61
N VAL CC 44 -0.32 88.86 -54.67
CA VAL CC 44 -0.61 89.66 -55.85
C VAL CC 44 -2.10 90.01 -55.83
N ILE CC 45 -2.41 91.23 -56.28
CA ILE CC 45 -3.75 91.79 -56.21
C ILE CC 45 -4.20 92.11 -57.63
N VAL CC 46 -5.36 91.57 -58.02
CA VAL CC 46 -5.95 91.86 -59.32
C VAL CC 46 -7.24 92.64 -59.10
N ARG CC 47 -7.58 93.46 -60.08
CA ARG CC 47 -8.84 94.19 -60.11
C ARG CC 47 -9.58 93.87 -61.39
N GLY CC 48 -10.91 93.92 -61.32
CA GLY CC 48 -11.71 93.71 -62.50
C GLY CC 48 -13.15 93.49 -62.13
N ASP CC 49 -13.92 93.03 -63.10
CA ASP CC 49 -15.30 92.64 -62.84
C ASP CC 49 -15.33 91.37 -62.01
N VAL CC 50 -16.49 91.13 -61.38
CA VAL CC 50 -16.61 90.03 -60.42
C VAL CC 50 -16.50 88.68 -61.13
N SER CC 51 -17.04 88.58 -62.34
CA SER CC 51 -16.92 87.35 -63.12
C SER CC 51 -15.48 87.09 -63.55
N GLU CC 52 -14.75 88.16 -63.88
CA GLU CC 52 -13.36 87.99 -64.28
C GLU CC 52 -12.47 87.68 -63.09
N VAL CC 53 -12.73 88.31 -61.95
CA VAL CC 53 -11.90 88.10 -60.76
C VAL CC 53 -12.15 86.70 -60.19
N GLN CC 54 -13.40 86.24 -60.21
CA GLN CC 54 -13.71 84.89 -59.75
C GLN CC 54 -13.08 83.83 -60.66
N ALA CC 55 -13.03 84.10 -61.96
CA ALA CC 55 -12.41 83.16 -62.88
C ALA CC 55 -10.89 83.18 -62.75
N SER CC 56 -10.32 84.36 -62.52
CA SER CC 56 -8.87 84.49 -62.45
C SER CC 56 -8.31 83.87 -61.17
N VAL CC 57 -8.95 84.14 -60.04
CA VAL CC 57 -8.45 83.65 -58.75
C VAL CC 57 -8.59 82.14 -58.66
N SER CC 58 -9.67 81.59 -59.22
CA SER CC 58 -9.87 80.14 -59.20
C SER CC 58 -8.92 79.43 -60.15
N ALA CC 59 -8.63 80.04 -61.31
CA ALA CC 59 -7.67 79.45 -62.22
C ALA CC 59 -6.24 79.74 -61.79
N GLY CC 60 -6.03 80.86 -61.12
CA GLY CC 60 -4.70 81.16 -60.59
C GLY CC 60 -4.32 80.31 -59.41
N THR CC 61 -5.30 79.78 -58.67
CA THR CC 61 -5.00 78.93 -57.53
C THR CC 61 -4.56 77.55 -57.98
N GLU CC 62 -5.18 77.01 -59.02
CA GLU CC 62 -4.82 75.69 -59.52
C GLU CC 62 -3.49 75.70 -60.25
N SER CC 63 -3.11 76.84 -60.83
CA SER CC 63 -1.87 76.93 -61.57
C SER CC 63 -0.64 76.95 -60.66
N VAL CC 64 -0.80 77.45 -59.42
CA VAL CC 64 0.30 77.45 -58.47
C VAL CC 64 0.66 76.04 -58.02
N LYS CC 65 -0.31 75.13 -57.95
CA LYS CC 65 -0.02 73.73 -57.66
C LYS CC 65 0.32 72.96 -58.93
N ARG CC 66 1.19 73.56 -59.75
CA ARG CC 66 1.84 72.95 -60.90
C ARG CC 66 3.26 73.47 -60.91
N VAL CC 67 3.58 74.28 -59.90
CA VAL CC 67 4.92 74.81 -59.66
C VAL CC 67 5.55 73.98 -58.56
N ASN CC 68 6.78 73.55 -58.77
CA ASN CC 68 7.51 72.82 -57.73
C ASN CC 68 7.92 73.80 -56.64
N GLY CC 69 7.55 73.47 -55.40
CA GLY CC 69 7.78 74.40 -54.30
C GLY CC 69 6.74 75.49 -54.19
N GLY CC 70 5.66 75.40 -54.96
CA GLY CC 70 4.59 76.39 -54.94
C GLY CC 70 3.51 75.97 -53.94
N GLN CC 71 3.06 76.95 -53.16
CA GLN CC 71 2.07 76.71 -52.11
C GLN CC 71 1.15 77.92 -52.00
N VAL CC 72 -0.14 77.70 -52.24
CA VAL CC 72 -1.14 78.73 -52.04
C VAL CC 72 -1.43 78.81 -50.56
N LEU CC 73 -1.23 79.99 -49.97
CA LEU CC 73 -1.52 80.17 -48.56
C LEU CC 73 -2.95 80.65 -48.34
N SER CC 74 -3.38 81.66 -49.11
CA SER CC 74 -4.69 82.26 -48.88
C SER CC 74 -5.15 82.93 -50.16
N THR CC 75 -6.40 82.64 -50.54
CA THR CC 75 -7.04 83.29 -51.67
C THR CC 75 -8.32 83.94 -51.19
N HIS CC 76 -8.67 85.08 -51.79
CA HIS CC 76 -9.93 85.74 -51.46
C HIS CC 76 -10.36 86.63 -52.61
N ILE CC 77 -11.67 86.79 -52.74
CA ILE CC 77 -12.29 87.71 -53.68
C ILE CC 77 -13.24 88.60 -52.91
N ILE CC 78 -13.06 89.91 -53.02
CA ILE CC 78 -14.02 90.89 -52.50
C ILE CC 78 -14.72 91.52 -53.70
N ALA CC 79 -16.01 91.24 -53.85
CA ALA CC 79 -16.72 91.60 -55.07
C ALA CC 79 -17.01 93.09 -55.14
N ARG CC 80 -17.22 93.73 -54.00
CA ARG CC 80 -17.55 95.14 -53.95
C ARG CC 80 -16.83 95.76 -52.76
N PRO CC 81 -15.57 96.13 -52.90
CA PRO CC 81 -14.86 96.74 -51.78
C PRO CC 81 -15.30 98.17 -51.54
N HIS CC 82 -15.17 98.58 -50.29
CA HIS CC 82 -15.46 99.95 -49.90
C HIS CC 82 -14.43 100.90 -50.49
N GLU CC 83 -14.84 102.16 -50.67
CA GLU CC 83 -13.92 103.18 -51.19
C GLU CC 83 -12.83 103.52 -50.18
N ASN CC 84 -13.07 103.26 -48.89
CA ASN CC 84 -12.07 103.47 -47.86
C ASN CC 84 -10.85 102.57 -48.03
N LEU CC 85 -11.03 101.39 -48.60
CA LEU CC 85 -9.93 100.43 -48.73
C LEU CC 85 -8.96 100.83 -49.82
N GLU CC 86 -9.39 101.67 -50.77
CA GLU CC 86 -8.53 102.07 -51.87
C GLU CC 86 -7.40 102.97 -51.39
N TYR CC 87 -7.66 103.75 -50.34
CA TYR CC 87 -6.70 104.77 -49.91
C TYR CC 87 -5.77 104.24 -48.85
N VAL CC 88 -6.13 103.14 -48.19
CA VAL CC 88 -5.31 102.61 -47.11
C VAL CC 88 -4.52 101.39 -47.57
N LEU CC 89 -5.17 100.50 -48.23
CA LEU CC 89 -4.55 99.25 -48.65
C LEU CC 89 -3.99 99.38 -50.07
N PRO CC 90 -2.90 98.67 -50.38
CA PRO CC 90 -2.34 98.71 -51.74
C PRO CC 90 -3.08 97.80 -52.73
N ILE CC 91 -4.37 98.09 -52.92
CA ILE CC 91 -5.21 97.36 -53.85
C ILE CC 91 -5.72 98.23 -54.97
N ARG CC 92 -5.20 99.45 -55.12
CA ARG CC 92 -5.78 100.41 -56.04
C ARG CC 92 -5.04 100.41 -57.37
N TYR CC 93 -5.70 101.01 -58.36
CA TYR CC 93 -5.08 101.19 -59.66
C TYR CC 93 -4.00 102.27 -59.58
N THR CC 94 -2.80 101.92 -60.01
CA THR CC 94 -1.73 102.90 -60.14
C THR CC 94 -1.57 103.31 -61.59
N GLU CC 95 -0.76 104.35 -61.82
CA GLU CC 95 -0.68 104.94 -63.15
C GLU CC 95 0.17 104.09 -64.10
N GLU CC 96 0.91 103.12 -63.57
CA GLU CC 96 1.69 102.24 -64.43
C GLU CC 96 0.80 101.17 -65.07
N VAL CC 97 -0.35 100.89 -64.47
CA VAL CC 97 -1.24 99.84 -64.95
C VAL CC 97 -2.58 100.43 -65.44
N GLU CC 98 -2.59 101.71 -65.83
CA GLU CC 98 -3.83 102.31 -66.32
C GLU CC 98 -4.13 101.91 -67.76
N GLN CC 99 -3.18 101.32 -68.47
CA GLN CC 99 -3.43 100.88 -69.83
C GLN CC 99 -4.17 99.55 -69.87
N PHE CC 100 -4.10 98.78 -68.78
CA PHE CC 100 -4.70 97.45 -68.75
C PHE CC 100 -6.12 97.45 -68.20
N ARG CC 101 -6.60 98.57 -67.70
CA ARG CC 101 -7.93 98.64 -67.11
C ARG CC 101 -9.03 98.58 -68.18
N ALA DC 2 -9.43 110.30 -27.08
CA ALA DC 2 -9.77 110.66 -28.45
C ALA DC 2 -10.85 109.73 -28.99
N VAL DC 3 -11.08 109.83 -30.31
CA VAL DC 3 -11.96 108.90 -31.02
C VAL DC 3 -11.37 107.50 -30.94
N ALA DC 4 -12.23 106.51 -30.68
CA ALA DC 4 -11.80 105.15 -30.37
C ALA DC 4 -11.07 104.50 -31.54
N VAL DC 5 -10.19 103.56 -31.23
CA VAL DC 5 -9.36 102.88 -32.22
C VAL DC 5 -9.57 101.38 -32.08
N GLY DC 6 -9.81 100.71 -33.19
CA GLY DC 6 -9.89 99.26 -33.21
C GLY DC 6 -8.86 98.68 -34.15
N MET DC 7 -8.22 97.60 -33.71
CA MET DC 7 -7.16 96.96 -34.46
C MET DC 7 -7.47 95.49 -34.60
N ILE DC 8 -7.38 94.96 -35.81
CA ILE DC 8 -7.45 93.52 -36.05
C ILE DC 8 -6.13 93.11 -36.68
N GLU DC 9 -5.41 92.21 -36.02
CA GLU DC 9 -4.20 91.63 -36.58
C GLU DC 9 -4.51 90.26 -37.13
N THR DC 10 -4.18 90.05 -38.40
CA THR DC 10 -4.35 88.75 -39.03
C THR DC 10 -3.01 88.22 -39.51
N LEU DC 11 -2.96 86.93 -39.75
CA LEU DC 11 -1.81 86.28 -40.38
C LEU DC 11 -2.13 86.15 -41.86
N GLY DC 12 -1.61 87.06 -42.66
CA GLY DC 12 -1.87 87.03 -44.09
C GLY DC 12 -2.55 88.28 -44.61
N PHE DC 13 -2.20 88.68 -45.82
CA PHE DC 13 -2.78 89.85 -46.46
C PHE DC 13 -4.19 89.66 -47.05
N PRO DC 14 -4.58 88.52 -47.64
CA PRO DC 14 -6.00 88.40 -48.03
C PRO DC 14 -6.98 88.37 -46.86
N ALA DC 15 -6.52 87.99 -45.68
CA ALA DC 15 -7.40 88.00 -44.51
C ALA DC 15 -7.55 89.41 -43.95
N VAL DC 16 -6.57 90.28 -44.17
CA VAL DC 16 -6.61 91.60 -43.56
C VAL DC 16 -7.38 92.57 -44.43
N VAL DC 17 -7.58 92.23 -45.71
CA VAL DC 17 -8.39 93.07 -46.58
C VAL DC 17 -9.86 92.73 -46.42
N GLU DC 18 -10.16 91.45 -46.18
CA GLU DC 18 -11.53 91.06 -45.88
C GLU DC 18 -11.95 91.53 -44.49
N ALA DC 19 -11.02 91.53 -43.54
CA ALA DC 19 -11.30 92.09 -42.22
C ALA DC 19 -11.51 93.59 -42.31
N ALA DC 20 -10.75 94.28 -43.15
CA ALA DC 20 -10.93 95.73 -43.30
C ALA DC 20 -12.19 96.05 -44.07
N ASP DC 21 -12.57 95.20 -45.03
CA ASP DC 21 -13.78 95.45 -45.79
C ASP DC 21 -15.03 95.14 -44.97
N ALA DC 22 -14.94 94.18 -44.05
CA ALA DC 22 -16.08 93.87 -43.20
C ALA DC 22 -16.27 94.93 -42.13
N MET DC 23 -15.18 95.59 -41.72
CA MET DC 23 -15.28 96.56 -40.63
C MET DC 23 -15.97 97.83 -41.07
N VAL DC 24 -15.61 98.35 -42.24
CA VAL DC 24 -16.17 99.63 -42.66
C VAL DC 24 -17.56 99.46 -43.26
N LYS DC 25 -17.98 98.23 -43.51
CA LYS DC 25 -19.36 97.99 -43.94
C LYS DC 25 -20.27 97.75 -42.76
N ALA DC 26 -19.74 97.21 -41.66
CA ALA DC 26 -20.57 96.83 -40.54
C ALA DC 26 -21.02 98.04 -39.72
N ALA DC 27 -20.19 99.08 -39.65
CA ALA DC 27 -20.49 100.22 -38.81
C ALA DC 27 -19.86 101.47 -39.39
N ARG DC 28 -20.10 102.60 -38.73
CA ARG DC 28 -19.59 103.90 -39.17
C ARG DC 28 -18.19 104.12 -38.61
N VAL DC 29 -17.26 103.30 -39.09
CA VAL DC 29 -15.85 103.43 -38.75
C VAL DC 29 -15.10 103.88 -39.99
N THR DC 30 -13.94 104.46 -39.78
CA THR DC 30 -13.05 104.87 -40.86
C THR DC 30 -11.78 104.04 -40.75
N LEU DC 31 -11.49 103.25 -41.78
CA LEU DC 31 -10.20 102.59 -41.90
C LEU DC 31 -9.14 103.66 -42.15
N VAL DC 32 -8.21 103.80 -41.22
CA VAL DC 32 -7.20 104.84 -41.31
C VAL DC 32 -5.79 104.28 -41.46
N GLY DC 33 -5.56 103.03 -41.12
CA GLY DC 33 -4.20 102.56 -40.92
C GLY DC 33 -4.03 101.15 -41.44
N TYR DC 34 -2.77 100.79 -41.64
CA TYR DC 34 -2.39 99.52 -42.22
C TYR DC 34 -0.94 99.28 -41.86
N GLU DC 35 -0.68 98.26 -41.04
CA GLU DC 35 0.63 98.10 -40.43
C GLU DC 35 1.16 96.70 -40.65
N LYS DC 36 2.43 96.62 -41.06
CA LYS DC 36 3.15 95.37 -41.21
C LYS DC 36 4.29 95.36 -40.21
N ILE DC 37 4.38 94.30 -39.40
CA ILE DC 37 5.36 94.20 -38.34
C ILE DC 37 6.25 92.97 -38.48
N GLY DC 38 6.08 92.20 -39.55
CA GLY DC 38 6.87 91.00 -39.76
C GLY DC 38 6.13 89.74 -39.41
N THR DC 39 6.72 88.61 -39.84
CA THR DC 39 6.16 87.25 -39.82
C THR DC 39 4.74 87.17 -40.37
N GLY DC 40 4.41 87.98 -41.38
CA GLY DC 40 3.09 87.98 -41.93
C GLY DC 40 2.01 88.55 -41.05
N ARG DC 41 2.38 89.19 -39.93
CA ARG DC 41 1.41 89.79 -39.03
C ARG DC 41 1.02 91.16 -39.55
N VAL DC 42 -0.20 91.28 -40.06
CA VAL DC 42 -0.68 92.49 -40.70
C VAL DC 42 -1.86 93.02 -39.88
N THR DC 43 -1.87 94.32 -39.65
CA THR DC 43 -2.87 94.96 -38.79
C THR DC 43 -3.55 96.09 -39.55
N VAL DC 44 -4.88 96.10 -39.55
CA VAL DC 44 -5.67 97.22 -40.02
C VAL DC 44 -6.27 97.95 -38.82
N ILE DC 45 -6.37 99.27 -38.94
CA ILE DC 45 -6.73 100.15 -37.84
C ILE DC 45 -7.93 100.99 -38.26
N VAL DC 46 -9.02 100.88 -37.50
CA VAL DC 46 -10.21 101.68 -37.76
C VAL DC 46 -10.39 102.68 -36.63
N ARG DC 47 -11.03 103.81 -36.96
CA ARG DC 47 -11.39 104.82 -35.99
C ARG DC 47 -12.88 105.10 -36.06
N GLY DC 48 -13.48 105.34 -34.90
CA GLY DC 48 -14.89 105.68 -34.84
C GLY DC 48 -15.34 105.78 -33.40
N ASP DC 49 -16.64 105.88 -33.22
CA ASP DC 49 -17.20 105.79 -31.87
C ASP DC 49 -17.02 104.37 -31.34
N VAL DC 50 -16.99 104.25 -30.01
CA VAL DC 50 -16.66 102.98 -29.37
C VAL DC 50 -17.71 101.90 -29.64
N SER DC 51 -18.97 102.29 -29.78
CA SER DC 51 -20.00 101.32 -30.15
C SER DC 51 -19.85 100.89 -31.60
N GLU DC 52 -19.46 101.82 -32.47
CA GLU DC 52 -19.24 101.47 -33.87
C GLU DC 52 -17.95 100.68 -34.06
N VAL DC 53 -16.94 100.98 -33.26
CA VAL DC 53 -15.67 100.27 -33.37
C VAL DC 53 -15.83 98.85 -32.84
N GLN DC 54 -16.58 98.67 -31.74
CA GLN DC 54 -16.84 97.34 -31.20
C GLN DC 54 -17.68 96.50 -32.15
N ALA DC 55 -18.65 97.12 -32.82
CA ALA DC 55 -19.49 96.39 -33.77
C ALA DC 55 -18.72 96.02 -35.02
N SER DC 56 -17.77 96.85 -35.42
CA SER DC 56 -17.00 96.59 -36.63
C SER DC 56 -15.94 95.54 -36.40
N VAL DC 57 -15.21 95.64 -35.28
CA VAL DC 57 -14.12 94.73 -34.99
C VAL DC 57 -14.63 93.31 -34.76
N SER DC 58 -15.82 93.20 -34.15
CA SER DC 58 -16.46 91.88 -33.98
C SER DC 58 -16.87 91.31 -35.33
N ALA DC 59 -17.33 92.16 -36.25
CA ALA DC 59 -17.72 91.67 -37.56
C ALA DC 59 -16.52 91.46 -38.47
N GLY DC 60 -15.38 92.07 -38.13
CA GLY DC 60 -14.17 91.86 -38.91
C GLY DC 60 -13.50 90.54 -38.61
N THR DC 61 -13.67 90.02 -37.40
CA THR DC 61 -13.10 88.72 -37.07
C THR DC 61 -13.91 87.59 -37.69
N GLU DC 62 -15.21 87.79 -37.84
CA GLU DC 62 -16.07 86.74 -38.39
C GLU DC 62 -15.87 86.56 -39.88
N SER DC 63 -15.38 87.60 -40.56
CA SER DC 63 -15.18 87.51 -42.00
C SER DC 63 -13.83 86.91 -42.38
N VAL DC 64 -12.90 86.83 -41.43
CA VAL DC 64 -11.65 86.13 -41.68
C VAL DC 64 -11.88 84.62 -41.75
N LYS DC 65 -12.93 84.12 -41.10
CA LYS DC 65 -13.32 82.73 -41.23
C LYS DC 65 -13.83 82.40 -42.64
N ARG DC 66 -14.31 83.40 -43.37
CA ARG DC 66 -14.66 83.19 -44.78
C ARG DC 66 -13.41 82.97 -45.62
N VAL DC 67 -12.29 83.60 -45.24
CA VAL DC 67 -11.06 83.47 -46.00
C VAL DC 67 -10.41 82.14 -45.66
N ASN DC 68 -10.08 81.36 -46.69
CA ASN DC 68 -9.31 80.14 -46.49
C ASN DC 68 -7.85 80.50 -46.27
N GLY DC 69 -7.25 79.93 -45.23
CA GLY DC 69 -5.90 80.30 -44.88
C GLY DC 69 -5.78 81.60 -44.12
N GLY DC 70 -6.90 82.17 -43.69
CA GLY DC 70 -6.90 83.39 -42.91
C GLY DC 70 -7.09 83.07 -41.43
N GLN DC 71 -6.39 83.83 -40.59
CA GLN DC 71 -6.37 83.58 -39.16
C GLN DC 71 -6.18 84.90 -38.42
N VAL DC 72 -7.10 85.21 -37.51
CA VAL DC 72 -7.00 86.39 -36.66
C VAL DC 72 -6.03 86.07 -35.54
N LEU DC 73 -4.99 86.89 -35.39
CA LEU DC 73 -4.02 86.68 -34.34
C LEU DC 73 -4.39 87.44 -33.07
N SER DC 74 -4.73 88.72 -33.21
CA SER DC 74 -4.97 89.56 -32.04
C SER DC 74 -5.90 90.69 -32.44
N THR DC 75 -6.86 90.99 -31.57
CA THR DC 75 -7.74 92.13 -31.75
C THR DC 75 -7.80 92.93 -30.46
N HIS DC 76 -7.98 94.24 -30.60
CA HIS DC 76 -8.15 95.09 -29.44
C HIS DC 76 -8.91 96.35 -29.83
N ILE DC 77 -9.63 96.91 -28.86
CA ILE DC 77 -10.34 98.17 -28.99
C ILE DC 77 -9.95 99.05 -27.82
N ILE DC 78 -9.45 100.25 -28.12
CA ILE DC 78 -9.19 101.27 -27.11
C ILE DC 78 -10.27 102.33 -27.24
N ALA DC 79 -11.09 102.48 -26.20
CA ALA DC 79 -12.29 103.30 -26.29
C ALA DC 79 -11.96 104.78 -26.35
N ARG DC 80 -10.85 105.19 -25.76
CA ARG DC 80 -10.47 106.60 -25.70
C ARG DC 80 -8.96 106.66 -25.66
N PRO DC 81 -8.30 106.58 -26.80
CA PRO DC 81 -6.84 106.62 -26.81
C PRO DC 81 -6.31 108.02 -26.48
N HIS DC 82 -5.15 108.04 -25.86
CA HIS DC 82 -4.48 109.28 -25.51
C HIS DC 82 -4.02 110.01 -26.77
N GLU DC 83 -3.94 111.33 -26.68
CA GLU DC 83 -3.58 112.17 -27.82
C GLU DC 83 -2.13 111.97 -28.25
N ASN DC 84 -1.28 111.43 -27.37
CA ASN DC 84 0.11 111.13 -27.71
C ASN DC 84 0.20 110.00 -28.73
N LEU DC 85 -0.80 109.12 -28.77
CA LEU DC 85 -0.71 107.91 -29.58
C LEU DC 85 -0.84 108.19 -31.07
N GLU DC 86 -1.53 109.27 -31.45
CA GLU DC 86 -1.75 109.52 -32.87
C GLU DC 86 -0.54 110.19 -33.51
N TYR DC 87 0.39 110.69 -32.70
CA TYR DC 87 1.58 111.33 -33.26
C TYR DC 87 2.73 110.35 -33.37
N VAL DC 88 2.63 109.19 -32.70
CA VAL DC 88 3.68 108.19 -32.79
C VAL DC 88 3.22 106.99 -33.59
N LEU DC 89 2.12 106.40 -33.19
CA LEU DC 89 1.59 105.20 -33.81
C LEU DC 89 0.72 105.55 -35.01
N PRO DC 90 0.68 104.70 -36.04
CA PRO DC 90 -0.16 104.98 -37.23
C PRO DC 90 -1.63 104.65 -37.01
N ILE DC 91 -2.25 105.37 -36.07
CA ILE DC 91 -3.68 105.26 -35.81
C ILE DC 91 -4.41 106.56 -36.11
N ARG DC 92 -3.72 107.56 -36.66
CA ARG DC 92 -4.31 108.87 -36.85
C ARG DC 92 -5.06 108.95 -38.17
N TYR DC 93 -5.97 109.91 -38.24
CA TYR DC 93 -6.63 110.24 -39.48
C TYR DC 93 -5.67 110.93 -40.42
N THR DC 94 -5.30 110.26 -41.51
CA THR DC 94 -4.55 110.90 -42.56
C THR DC 94 -5.47 111.74 -43.43
N GLU DC 95 -4.86 112.56 -44.29
CA GLU DC 95 -5.65 113.47 -45.13
C GLU DC 95 -6.40 112.72 -46.23
N GLU DC 96 -5.91 111.53 -46.60
CA GLU DC 96 -6.53 110.76 -47.67
C GLU DC 96 -7.87 110.16 -47.23
N VAL DC 97 -8.06 109.95 -45.93
CA VAL DC 97 -9.25 109.28 -45.42
C VAL DC 97 -10.19 110.26 -44.72
N GLU DC 98 -10.05 111.56 -44.96
CA GLU DC 98 -10.96 112.52 -44.34
C GLU DC 98 -12.31 112.58 -45.04
N GLN DC 99 -12.43 111.98 -46.22
CA GLN DC 99 -13.73 111.94 -46.89
C GLN DC 99 -14.64 110.88 -46.30
N PHE DC 100 -14.07 109.94 -45.54
CA PHE DC 100 -14.82 108.84 -44.95
C PHE DC 100 -15.09 109.02 -43.46
N ARG DC 101 -14.62 110.11 -42.87
CA ARG DC 101 -14.80 110.33 -41.43
C ARG DC 101 -16.24 110.72 -41.10
N ALA EC 2 -34.01 88.09 -67.43
CA ALA EC 2 -33.22 89.31 -67.47
C ALA EC 2 -31.97 89.17 -66.61
N VAL EC 3 -32.01 89.77 -65.43
CA VAL EC 3 -30.91 89.60 -64.47
C VAL EC 3 -31.09 88.28 -63.74
N ALA EC 4 -30.03 87.82 -63.09
CA ALA EC 4 -30.08 86.56 -62.37
C ALA EC 4 -30.92 86.68 -61.10
N VAL EC 5 -31.27 85.53 -60.53
CA VAL EC 5 -32.01 85.49 -59.28
C VAL EC 5 -31.31 84.54 -58.32
N GLY EC 6 -31.10 84.99 -57.10
CA GLY EC 6 -30.52 84.15 -56.06
C GLY EC 6 -31.39 84.13 -54.83
N MET EC 7 -31.48 82.97 -54.20
CA MET EC 7 -32.34 82.76 -53.05
C MET EC 7 -31.53 82.11 -51.94
N ILE EC 8 -31.70 82.62 -50.72
CA ILE EC 8 -31.21 81.96 -49.51
C ILE EC 8 -32.41 81.72 -48.62
N GLU EC 9 -32.68 80.45 -48.32
CA GLU EC 9 -33.72 80.08 -47.37
C GLU EC 9 -33.09 79.77 -46.02
N THR EC 10 -33.54 80.46 -44.99
CA THR EC 10 -33.08 80.22 -43.64
C THR EC 10 -34.23 79.75 -42.77
N LEU EC 11 -33.88 79.17 -41.64
CA LEU EC 11 -34.84 78.85 -40.58
C LEU EC 11 -34.79 79.99 -39.57
N GLY EC 12 -35.77 80.89 -39.64
CA GLY EC 12 -35.81 81.99 -38.71
C GLY EC 12 -35.66 83.35 -39.36
N PHE EC 13 -36.35 84.33 -38.82
CA PHE EC 13 -36.30 85.71 -39.30
C PHE EC 13 -35.04 86.51 -38.92
N PRO EC 14 -34.43 86.36 -37.72
CA PRO EC 14 -33.13 87.02 -37.52
C PRO EC 14 -32.03 86.51 -38.42
N ALA EC 15 -32.10 85.25 -38.85
CA ALA EC 15 -31.09 84.73 -39.76
C ALA EC 15 -31.30 85.23 -41.19
N VAL EC 16 -32.55 85.56 -41.55
CA VAL EC 16 -32.83 85.91 -42.94
C VAL EC 16 -32.55 87.40 -43.17
N VAL EC 17 -32.51 88.20 -42.11
CA VAL EC 17 -32.16 89.60 -42.26
C VAL EC 17 -30.65 89.76 -42.29
N GLU EC 18 -29.93 88.93 -41.54
CA GLU EC 18 -28.47 88.91 -41.61
C GLU EC 18 -28.00 88.33 -42.95
N ALA EC 19 -28.75 87.36 -43.49
CA ALA EC 19 -28.46 86.85 -44.82
C ALA EC 19 -28.72 87.91 -45.88
N ALA EC 20 -29.83 88.64 -45.76
CA ALA EC 20 -30.17 89.67 -46.75
C ALA EC 20 -29.23 90.86 -46.65
N ASP EC 21 -28.78 91.20 -45.44
CA ASP EC 21 -27.86 92.32 -45.28
C ASP EC 21 -26.46 91.98 -45.80
N ALA EC 22 -26.04 90.72 -45.66
CA ALA EC 22 -24.74 90.33 -46.16
C ALA EC 22 -24.74 90.20 -47.67
N MET EC 23 -25.91 90.00 -48.28
CA MET EC 23 -25.98 89.85 -49.72
C MET EC 23 -25.82 91.19 -50.43
N VAL EC 24 -26.54 92.21 -49.98
CA VAL EC 24 -26.51 93.48 -50.68
C VAL EC 24 -25.28 94.29 -50.32
N LYS EC 25 -24.55 93.89 -49.28
CA LYS EC 25 -23.28 94.54 -48.96
C LYS EC 25 -22.14 93.91 -49.74
N ALA EC 26 -22.24 92.63 -50.08
CA ALA EC 26 -21.14 91.92 -50.70
C ALA EC 26 -20.98 92.29 -52.17
N ALA EC 27 -22.09 92.44 -52.89
CA ALA EC 27 -22.04 92.66 -54.33
C ALA EC 27 -23.15 93.61 -54.75
N ARG EC 28 -23.20 93.86 -56.05
CA ARG EC 28 -24.19 94.77 -56.64
C ARG EC 28 -25.45 93.99 -56.99
N VAL EC 29 -26.12 93.52 -55.95
CA VAL EC 29 -27.40 92.84 -56.09
C VAL EC 29 -28.47 93.71 -55.45
N THR EC 30 -29.71 93.48 -55.88
CA THR EC 30 -30.86 94.16 -55.31
C THR EC 30 -31.73 93.14 -54.62
N LEU EC 31 -31.85 93.26 -53.30
CA LEU EC 31 -32.85 92.50 -52.56
C LEU EC 31 -34.22 92.97 -52.99
N VAL EC 32 -34.97 92.08 -53.64
CA VAL EC 32 -36.27 92.44 -54.18
C VAL EC 32 -37.43 91.75 -53.44
N GLY EC 33 -37.18 90.65 -52.76
CA GLY EC 33 -38.27 89.79 -52.32
C GLY EC 33 -38.01 89.21 -50.96
N TYR EC 34 -39.07 88.63 -50.40
CA TYR EC 34 -39.09 88.13 -49.04
C TYR EC 34 -40.27 87.18 -48.94
N GLU EC 35 -40.00 85.90 -48.69
CA GLU EC 35 -41.01 84.87 -48.85
C GLU EC 35 -41.06 83.96 -47.64
N LYS EC 36 -42.26 83.70 -47.15
CA LYS EC 36 -42.50 82.77 -46.04
C LYS EC 36 -43.38 81.65 -46.54
N ILE EC 37 -42.95 80.41 -46.32
CA ILE EC 37 -43.69 79.24 -46.80
C ILE EC 37 -44.13 78.35 -45.66
N GLY EC 38 -43.88 78.74 -44.41
CA GLY EC 38 -44.29 77.96 -43.26
C GLY EC 38 -43.16 77.16 -42.65
N THR EC 39 -43.40 76.71 -41.42
CA THR EC 39 -42.43 76.11 -40.49
C THR EC 39 -41.15 76.93 -40.35
N GLY EC 40 -41.27 78.26 -40.33
CA GLY EC 40 -40.12 79.11 -40.14
C GLY EC 40 -39.18 79.21 -41.31
N ARG EC 41 -39.50 78.60 -42.45
CA ARG EC 41 -38.66 78.64 -43.62
C ARG EC 41 -38.90 79.95 -44.35
N VAL EC 42 -37.92 80.85 -44.29
CA VAL EC 42 -38.03 82.19 -44.83
C VAL EC 42 -36.95 82.38 -45.89
N THR EC 43 -37.33 82.93 -47.04
CA THR EC 43 -36.44 83.07 -48.19
C THR EC 43 -36.34 84.53 -48.57
N VAL EC 44 -35.11 85.00 -48.79
CA VAL EC 44 -34.86 86.31 -49.38
C VAL EC 44 -34.36 86.12 -50.80
N ILE EC 45 -34.78 87.01 -51.69
CA ILE EC 45 -34.53 86.92 -53.12
C ILE EC 45 -33.74 88.14 -53.55
N VAL EC 46 -32.59 87.92 -54.18
CA VAL EC 46 -31.79 89.01 -54.73
C VAL EC 46 -31.78 88.90 -56.25
N ARG EC 47 -31.70 90.05 -56.91
CA ARG EC 47 -31.55 90.13 -58.36
C ARG EC 47 -30.27 90.87 -58.70
N GLY EC 48 -29.62 90.43 -59.77
CA GLY EC 48 -28.41 91.09 -60.22
C GLY EC 48 -27.76 90.28 -61.31
N ASP EC 49 -26.51 90.61 -61.61
CA ASP EC 49 -25.73 89.76 -62.50
C ASP EC 49 -25.39 88.46 -61.79
N VAL EC 50 -25.16 87.41 -62.58
CA VAL EC 50 -24.98 86.08 -62.01
C VAL EC 50 -23.67 85.97 -61.24
N SER EC 51 -22.66 86.73 -61.61
CA SER EC 51 -21.43 86.79 -60.83
C SER EC 51 -21.64 87.52 -59.51
N GLU EC 52 -22.45 88.60 -59.54
CA GLU EC 52 -22.75 89.33 -58.30
C GLU EC 52 -23.70 88.53 -57.42
N VAL EC 53 -24.61 87.78 -58.02
CA VAL EC 53 -25.53 86.97 -57.24
C VAL EC 53 -24.79 85.80 -56.60
N GLN EC 54 -23.81 85.23 -57.30
CA GLN EC 54 -22.99 84.16 -56.73
C GLN EC 54 -22.11 84.66 -55.60
N ALA EC 55 -21.62 85.90 -55.70
CA ALA EC 55 -20.81 86.46 -54.63
C ALA EC 55 -21.66 86.83 -53.43
N SER EC 56 -22.91 87.22 -53.66
CA SER EC 56 -23.78 87.62 -52.55
C SER EC 56 -24.34 86.40 -51.82
N VAL EC 57 -24.78 85.39 -52.56
CA VAL EC 57 -25.36 84.20 -51.96
C VAL EC 57 -24.32 83.42 -51.16
N SER EC 58 -23.07 83.40 -51.64
CA SER EC 58 -22.00 82.77 -50.91
C SER EC 58 -21.64 83.56 -49.65
N ALA EC 59 -21.77 84.88 -49.70
CA ALA EC 59 -21.48 85.70 -48.53
C ALA EC 59 -22.64 85.69 -47.55
N GLY EC 60 -23.87 85.61 -48.06
CA GLY EC 60 -25.02 85.53 -47.18
C GLY EC 60 -25.15 84.19 -46.49
N THR EC 61 -24.54 83.14 -47.05
CA THR EC 61 -24.59 81.82 -46.43
C THR EC 61 -23.69 81.74 -45.21
N GLU EC 62 -22.48 82.31 -45.30
CA GLU EC 62 -21.55 82.24 -44.17
C GLU EC 62 -21.93 83.20 -43.07
N SER EC 63 -22.76 84.21 -43.36
CA SER EC 63 -23.13 85.17 -42.33
C SER EC 63 -24.26 84.66 -41.44
N VAL EC 64 -24.97 83.62 -41.86
CA VAL EC 64 -25.98 83.01 -41.00
C VAL EC 64 -25.31 82.23 -39.87
N LYS EC 65 -24.08 81.75 -40.11
CA LYS EC 65 -23.33 81.01 -39.10
C LYS EC 65 -22.96 81.87 -37.89
N ARG EC 66 -22.91 83.18 -38.04
CA ARG EC 66 -22.71 84.07 -36.89
C ARG EC 66 -24.00 84.32 -36.11
N VAL EC 67 -25.15 83.98 -36.68
CA VAL EC 67 -26.42 84.10 -35.96
C VAL EC 67 -26.68 82.80 -35.21
N ASN EC 68 -26.82 82.89 -33.89
CA ASN EC 68 -27.15 81.74 -33.05
C ASN EC 68 -28.66 81.56 -33.07
N GLY EC 69 -29.12 80.44 -33.61
CA GLY EC 69 -30.54 80.14 -33.71
C GLY EC 69 -31.05 80.03 -35.12
N GLY EC 70 -30.25 80.34 -36.14
CA GLY EC 70 -30.68 80.24 -37.51
C GLY EC 70 -29.66 79.47 -38.33
N GLN EC 71 -30.17 78.78 -39.35
CA GLN EC 71 -29.35 77.98 -40.23
C GLN EC 71 -29.84 78.13 -41.66
N VAL EC 72 -28.92 78.00 -42.61
CA VAL EC 72 -29.25 78.02 -44.02
C VAL EC 72 -29.85 76.67 -44.39
N LEU EC 73 -31.08 76.69 -44.90
CA LEU EC 73 -31.72 75.44 -45.31
C LEU EC 73 -31.43 75.14 -46.77
N SER EC 74 -31.55 76.14 -47.63
CA SER EC 74 -31.37 75.94 -49.06
C SER EC 74 -30.92 77.23 -49.71
N THR EC 75 -30.01 77.09 -50.66
CA THR EC 75 -29.57 78.21 -51.49
C THR EC 75 -29.63 77.79 -52.95
N HIS EC 76 -29.98 78.73 -53.82
CA HIS EC 76 -29.94 78.45 -55.24
C HIS EC 76 -29.74 79.74 -56.02
N ILE EC 77 -29.14 79.61 -57.19
CA ILE EC 77 -28.84 80.71 -58.10
C ILE EC 77 -29.27 80.28 -59.49
N ILE EC 78 -30.10 81.09 -60.15
CA ILE EC 78 -30.50 80.87 -61.53
C ILE EC 78 -29.93 82.01 -62.37
N ALA EC 79 -29.15 81.66 -63.39
CA ALA EC 79 -28.37 82.65 -64.14
C ALA EC 79 -29.25 83.60 -64.93
N ARG EC 80 -30.33 83.09 -65.50
CA ARG EC 80 -31.35 83.93 -66.15
C ARG EC 80 -32.66 83.18 -66.07
N PRO EC 81 -33.57 83.60 -65.19
CA PRO EC 81 -34.88 82.95 -65.11
C PRO EC 81 -35.72 83.24 -66.35
N HIS EC 82 -36.64 82.32 -66.62
CA HIS EC 82 -37.62 82.50 -67.69
C HIS EC 82 -38.54 83.66 -67.35
N GLU EC 83 -39.09 84.30 -68.39
CA GLU EC 83 -39.97 85.43 -68.19
C GLU EC 83 -41.31 85.02 -67.60
N ASN EC 84 -41.63 83.72 -67.63
CA ASN EC 84 -42.82 83.21 -66.97
C ASN EC 84 -42.73 83.31 -65.45
N LEU EC 85 -41.52 83.25 -64.90
CA LEU EC 85 -41.36 83.15 -63.45
C LEU EC 85 -41.63 84.45 -62.73
N GLU EC 86 -41.47 85.60 -63.38
CA GLU EC 86 -41.70 86.86 -62.71
C GLU EC 86 -43.19 87.12 -62.50
N TYR EC 87 -44.04 86.50 -63.32
CA TYR EC 87 -45.47 86.75 -63.19
C TYR EC 87 -46.12 85.80 -62.19
N VAL EC 88 -45.49 84.65 -61.94
CA VAL EC 88 -46.07 83.69 -61.01
C VAL EC 88 -45.34 83.75 -59.67
N LEU EC 89 -44.03 83.68 -59.69
CA LEU EC 89 -43.23 83.67 -58.48
C LEU EC 89 -42.83 85.08 -58.08
N PRO EC 90 -42.71 85.36 -56.78
CA PRO EC 90 -42.37 86.72 -56.32
C PRO EC 90 -40.87 87.00 -56.36
N ILE EC 91 -40.28 86.92 -57.55
CA ILE EC 91 -38.88 87.22 -57.77
C ILE EC 91 -38.67 88.46 -58.61
N ARG EC 92 -39.73 89.21 -58.91
CA ARG EC 92 -39.62 90.35 -59.80
C ARG EC 92 -39.27 91.62 -59.01
N TYR EC 93 -38.82 92.63 -59.75
CA TYR EC 93 -38.56 93.93 -59.15
C TYR EC 93 -39.86 94.63 -58.80
N THR EC 94 -40.01 94.98 -57.54
CA THR EC 94 -41.13 95.81 -57.13
C THR EC 94 -40.79 97.28 -57.36
N GLU EC 95 -41.81 98.14 -57.23
CA GLU EC 95 -41.61 99.56 -57.50
C GLU EC 95 -40.85 100.25 -56.38
N GLU EC 96 -40.78 99.62 -55.21
CA GLU EC 96 -40.10 100.24 -54.07
C GLU EC 96 -38.59 100.08 -54.16
N VAL EC 97 -38.13 99.09 -54.93
CA VAL EC 97 -36.72 98.72 -54.94
C VAL EC 97 -36.04 99.10 -56.27
N GLU EC 98 -36.69 99.93 -57.08
CA GLU EC 98 -36.08 100.31 -58.36
C GLU EC 98 -34.99 101.35 -58.18
N GLN EC 99 -34.90 101.98 -57.02
CA GLN EC 99 -33.80 102.92 -56.76
C GLN EC 99 -32.50 102.19 -56.44
N PHE EC 100 -32.58 100.91 -56.07
CA PHE EC 100 -31.40 100.11 -55.78
C PHE EC 100 -30.97 99.24 -56.96
N ARG EC 101 -31.64 99.35 -58.10
CA ARG EC 101 -31.31 98.51 -59.25
C ARG EC 101 -30.08 99.02 -59.98
N MET FC 1 -3.56 66.21 -82.76
CA MET FC 1 -3.52 67.59 -82.31
C MET FC 1 -3.72 68.56 -83.46
N GLN FC 2 -4.14 69.77 -83.11
CA GLN FC 2 -4.29 70.86 -84.06
C GLN FC 2 -3.53 72.07 -83.56
N MET FC 3 -2.97 72.84 -84.48
CA MET FC 3 -2.36 74.12 -84.14
C MET FC 3 -3.43 75.19 -84.09
N ALA FC 4 -3.42 75.98 -83.01
CA ALA FC 4 -4.41 77.02 -82.82
C ALA FC 4 -3.72 78.25 -82.26
N LYS FC 5 -4.38 79.40 -82.45
CA LYS FC 5 -3.92 80.67 -81.92
C LYS FC 5 -4.88 81.13 -80.84
N VAL FC 6 -4.33 81.58 -79.71
CA VAL FC 6 -5.14 82.07 -78.59
C VAL FC 6 -5.73 83.41 -79.00
N CYS FC 7 -7.05 83.45 -79.17
CA CYS FC 7 -7.71 84.70 -79.55
C CYS FC 7 -8.47 85.32 -78.38
N GLY FC 8 -8.65 84.58 -77.30
CA GLY FC 8 -9.26 85.19 -76.14
C GLY FC 8 -9.62 84.20 -75.07
N THR FC 9 -10.46 84.65 -74.14
CA THR FC 9 -10.86 83.88 -72.98
C THR FC 9 -12.39 83.81 -72.92
N VAL FC 10 -12.89 82.69 -72.42
CA VAL FC 10 -14.32 82.49 -72.17
C VAL FC 10 -14.49 82.28 -70.68
N VAL FC 11 -15.35 83.09 -70.07
CA VAL FC 11 -15.63 82.99 -68.64
C VAL FC 11 -17.09 82.63 -68.48
N GLY FC 12 -17.36 81.54 -67.77
CA GLY FC 12 -18.72 81.19 -67.40
C GLY FC 12 -18.83 80.98 -65.91
N THR FC 13 -19.77 81.65 -65.26
CA THR FC 13 -19.92 81.52 -63.83
C THR FC 13 -20.91 80.45 -63.43
N GLN FC 14 -21.98 80.27 -64.20
CA GLN FC 14 -22.96 79.21 -63.98
C GLN FC 14 -22.53 78.01 -64.80
N LYS FC 15 -21.98 77.00 -64.12
CA LYS FC 15 -21.38 75.86 -64.81
C LYS FC 15 -21.53 74.63 -63.92
N LEU FC 16 -20.96 73.52 -64.39
CA LEU FC 16 -20.92 72.31 -63.60
C LEU FC 16 -19.90 72.46 -62.46
N PRO FC 17 -20.11 71.77 -61.34
CA PRO FC 17 -19.13 71.84 -60.24
C PRO FC 17 -17.78 71.23 -60.60
N SER FC 18 -17.74 70.31 -61.56
CA SER FC 18 -16.46 69.74 -61.98
C SER FC 18 -15.77 70.61 -63.01
N MET FC 19 -16.43 71.68 -63.47
CA MET FC 19 -15.80 72.61 -64.40
C MET FC 19 -15.14 73.79 -63.72
N THR FC 20 -15.08 73.82 -62.38
CA THR FC 20 -14.49 74.95 -61.70
C THR FC 20 -12.97 74.81 -61.66
N GLY FC 21 -12.28 75.95 -61.63
CA GLY FC 21 -10.84 75.97 -61.71
C GLY FC 21 -10.27 75.76 -63.10
N VAL FC 22 -11.10 75.49 -64.09
CA VAL FC 22 -10.66 75.23 -65.46
C VAL FC 22 -10.59 76.55 -66.20
N LYS FC 23 -9.41 76.88 -66.71
CA LYS FC 23 -9.21 78.09 -67.50
C LYS FC 23 -9.58 77.80 -68.95
N LEU FC 24 -10.52 78.57 -69.49
CA LEU FC 24 -11.07 78.33 -70.81
C LEU FC 24 -10.57 79.39 -71.79
N LEU FC 25 -9.84 78.94 -72.81
CA LEU FC 25 -9.31 79.83 -73.83
C LEU FC 25 -10.09 79.66 -75.12
N LEU FC 26 -10.38 80.78 -75.76
CA LEU FC 26 -10.97 80.80 -77.10
C LEU FC 26 -9.82 80.72 -78.10
N LEU FC 27 -9.74 79.62 -78.82
CA LEU FC 27 -8.63 79.31 -79.69
C LEU FC 27 -9.12 79.23 -81.13
N GLN FC 28 -8.51 80.00 -82.02
CA GLN FC 28 -8.83 79.91 -83.43
C GLN FC 28 -7.81 79.03 -84.12
N PHE FC 29 -8.30 78.06 -84.90
CA PHE FC 29 -7.41 77.14 -85.57
C PHE FC 29 -6.70 77.81 -86.74
N ILE FC 30 -5.41 77.54 -86.85
CA ILE FC 30 -4.57 78.03 -87.94
C ILE FC 30 -4.18 76.84 -88.81
N ASP FC 31 -3.92 77.11 -90.09
CA ASP FC 31 -3.60 76.02 -91.00
C ASP FC 31 -2.11 75.69 -90.94
N ALA FC 32 -1.68 74.76 -91.78
CA ALA FC 32 -0.27 74.40 -91.84
C ALA FC 32 0.57 75.50 -92.47
N ASN FC 33 -0.05 76.36 -93.29
CA ASN FC 33 0.69 77.46 -93.90
C ASN FC 33 0.75 78.68 -92.96
N GLY FC 34 -0.08 78.71 -91.94
CA GLY FC 34 -0.02 79.74 -90.92
C GLY FC 34 -1.17 80.72 -90.86
N GLU FC 35 -2.14 80.65 -91.78
CA GLU FC 35 -3.25 81.58 -91.79
C GLU FC 35 -4.38 81.08 -90.90
N LEU FC 36 -5.21 82.00 -90.45
CA LEU FC 36 -6.31 81.67 -89.54
C LEU FC 36 -7.45 81.01 -90.32
N LEU FC 37 -7.88 79.85 -89.85
CA LEU FC 37 -9.03 79.18 -90.42
C LEU FC 37 -10.31 79.70 -89.78
N PRO FC 38 -11.45 79.66 -90.49
CA PRO FC 38 -12.74 80.03 -89.86
C PRO FC 38 -13.32 78.89 -89.03
N LYS FC 39 -12.58 78.50 -88.00
CA LYS FC 39 -12.96 77.42 -87.11
C LYS FC 39 -12.28 77.66 -85.78
N TYR FC 40 -13.00 77.44 -84.69
CA TYR FC 40 -12.50 77.76 -83.36
C TYR FC 40 -12.73 76.58 -82.43
N GLU FC 41 -12.29 76.77 -81.18
CA GLU FC 41 -12.47 75.81 -80.11
C GLU FC 41 -12.37 76.56 -78.78
N VAL FC 42 -12.99 75.99 -77.76
CA VAL FC 42 -12.77 76.41 -76.39
C VAL FC 42 -12.12 75.24 -75.66
N ALA FC 43 -10.93 75.47 -75.12
CA ALA FC 43 -10.15 74.39 -74.54
C ALA FC 43 -9.71 74.75 -73.12
N ALA FC 44 -9.52 73.72 -72.32
CA ALA FC 44 -8.84 73.86 -71.04
C ALA FC 44 -7.38 74.16 -71.26
N ASP FC 45 -6.79 74.93 -70.34
CA ASP FC 45 -5.42 75.42 -70.49
C ASP FC 45 -4.61 75.07 -69.24
N PRO FC 46 -4.03 73.87 -69.18
CA PRO FC 46 -3.11 73.56 -68.08
C PRO FC 46 -1.74 74.17 -68.30
N VAL FC 47 -1.27 74.22 -69.54
CA VAL FC 47 -0.03 74.88 -69.91
C VAL FC 47 -0.35 76.35 -70.13
N GLY FC 48 0.19 77.22 -69.28
CA GLY FC 48 -0.29 78.59 -69.19
C GLY FC 48 0.00 79.39 -70.44
N ALA FC 49 -1.04 79.66 -71.23
CA ALA FC 49 -0.91 80.27 -72.54
C ALA FC 49 -1.72 81.55 -72.58
N GLY FC 50 -1.14 82.60 -73.17
CA GLY FC 50 -1.77 83.90 -73.23
C GLY FC 50 -2.14 84.30 -74.65
N LEU FC 51 -2.68 85.51 -74.75
CA LEU FC 51 -3.27 86.01 -75.98
C LEU FC 51 -2.23 86.18 -77.08
N GLY FC 52 -2.45 85.49 -78.19
CA GLY FC 52 -1.58 85.56 -79.35
C GLY FC 52 -0.65 84.39 -79.53
N GLU FC 53 -0.54 83.50 -78.55
CA GLU FC 53 0.39 82.38 -78.65
C GLU FC 53 -0.14 81.32 -79.58
N TRP FC 54 0.78 80.46 -80.03
CA TRP FC 54 0.45 79.29 -80.83
C TRP FC 54 0.46 78.07 -79.93
N VAL FC 55 -0.62 77.32 -79.93
CA VAL FC 55 -0.78 76.19 -79.03
C VAL FC 55 -1.10 74.94 -79.83
N LEU FC 56 -0.84 73.79 -79.22
CA LEU FC 56 -1.30 72.51 -79.72
C LEU FC 56 -2.52 72.09 -78.91
N VAL FC 57 -3.60 71.75 -79.61
CA VAL FC 57 -4.87 71.44 -79.00
C VAL FC 57 -5.26 70.02 -79.40
N ASN FC 58 -5.47 69.16 -78.40
CA ASN FC 58 -6.05 67.87 -78.70
C ASN FC 58 -7.56 67.96 -78.52
N ARG FC 59 -8.28 66.92 -78.95
CA ARG FC 59 -9.71 66.91 -78.73
C ARG FC 59 -10.15 65.50 -78.40
N GLY FC 60 -11.33 65.40 -77.79
CA GLY FC 60 -11.87 64.11 -77.42
C GLY FC 60 -11.49 63.71 -76.02
N SER FC 61 -11.33 62.40 -75.80
CA SER FC 61 -11.00 61.89 -74.48
C SER FC 61 -9.54 62.08 -74.11
N ALA FC 62 -8.72 62.55 -75.05
CA ALA FC 62 -7.33 62.88 -74.76
C ALA FC 62 -7.21 64.11 -73.86
N ALA FC 63 -8.25 64.93 -73.80
CA ALA FC 63 -8.25 66.08 -72.89
C ALA FC 63 -8.38 65.66 -71.43
N ARG FC 64 -8.75 64.42 -71.16
CA ARG FC 64 -8.97 63.92 -69.81
C ARG FC 64 -7.85 63.01 -69.33
N GLN FC 65 -6.62 63.25 -69.78
CA GLN FC 65 -5.52 62.35 -69.47
C GLN FC 65 -4.53 62.92 -68.46
N THR FC 66 -4.65 64.20 -68.11
CA THR FC 66 -3.58 64.89 -67.38
C THR FC 66 -3.71 64.82 -65.86
N GLU FC 67 -4.53 63.88 -65.36
CA GLU FC 67 -4.67 63.44 -63.96
C GLU FC 67 -5.40 64.46 -63.09
N TYR FC 68 -5.64 65.66 -63.60
CA TYR FC 68 -6.56 66.59 -62.96
C TYR FC 68 -7.71 66.99 -63.87
N HIS FC 69 -7.83 66.36 -65.04
CA HIS FC 69 -8.96 66.53 -65.93
C HIS FC 69 -9.70 65.23 -66.15
N GLN FC 70 -9.49 64.24 -65.29
CA GLN FC 70 -9.86 62.85 -65.59
C GLN FC 70 -11.36 62.64 -65.60
N ASN FC 71 -12.08 63.21 -64.64
CA ASN FC 71 -13.52 63.09 -64.56
C ASN FC 71 -14.23 64.40 -64.86
N ARG FC 72 -13.55 65.28 -65.59
CA ARG FC 72 -14.02 66.59 -65.99
C ARG FC 72 -14.59 66.54 -67.40
N PRO FC 73 -15.72 67.20 -67.64
CA PRO FC 73 -16.37 67.17 -68.96
C PRO FC 73 -15.67 68.07 -69.98
N LEU FC 74 -14.46 67.68 -70.37
CA LEU FC 74 -13.63 68.45 -71.27
C LEU FC 74 -13.36 67.64 -72.53
N ASP FC 75 -13.53 68.27 -73.69
CA ASP FC 75 -13.24 67.63 -74.96
C ASP FC 75 -12.21 68.40 -75.78
N ALA FC 76 -11.45 69.29 -75.14
CA ALA FC 76 -10.42 70.07 -75.80
C ALA FC 76 -9.47 70.59 -74.74
N MET FC 77 -8.17 70.56 -75.03
CA MET FC 77 -7.17 70.92 -74.05
C MET FC 77 -5.92 71.41 -74.76
N VAL FC 78 -5.35 72.52 -74.29
CA VAL FC 78 -4.03 72.93 -74.74
C VAL FC 78 -3.00 72.00 -74.10
N VAL FC 79 -2.25 71.28 -74.93
CA VAL FC 79 -1.25 70.34 -74.42
C VAL FC 79 0.17 70.88 -74.55
N ALA FC 80 0.39 71.87 -75.40
CA ALA FC 80 1.72 72.41 -75.63
C ALA FC 80 1.60 73.83 -76.14
N ILE FC 81 2.57 74.65 -75.78
CA ILE FC 81 2.77 75.95 -76.41
C ILE FC 81 3.82 75.75 -77.49
N ILE FC 82 3.48 76.15 -78.72
CA ILE FC 82 4.34 75.90 -79.86
C ILE FC 82 5.56 76.82 -79.80
N ASP FC 83 6.75 76.23 -79.82
CA ASP FC 83 7.99 76.98 -79.93
C ASP FC 83 8.37 77.20 -81.39
N THR FC 84 8.41 76.14 -82.18
CA THR FC 84 8.90 76.21 -83.56
C THR FC 84 8.05 75.31 -84.44
N VAL FC 85 7.62 75.85 -85.57
CA VAL FC 85 7.04 75.05 -86.66
C VAL FC 85 8.00 75.11 -87.84
N THR FC 86 8.49 73.95 -88.26
CA THR FC 86 9.38 73.84 -89.41
C THR FC 86 8.66 73.07 -90.49
N VAL FC 87 8.43 73.71 -91.63
CA VAL FC 87 7.74 73.09 -92.76
C VAL FC 87 8.72 73.05 -93.93
N ASN FC 88 8.98 71.83 -94.43
CA ASN FC 88 9.89 71.57 -95.56
C ASN FC 88 11.29 72.11 -95.29
N ASN FC 89 11.79 71.85 -94.09
CA ASN FC 89 13.06 72.32 -93.52
C ASN FC 89 13.17 73.83 -93.48
N ARG FC 90 12.05 74.55 -93.52
CA ARG FC 90 12.02 76.00 -93.41
C ARG FC 90 11.19 76.35 -92.17
N ARG FC 91 11.74 77.21 -91.32
CA ARG FC 91 11.04 77.61 -90.10
C ARG FC 91 9.86 78.50 -90.44
N LEU FC 92 8.65 78.03 -90.11
CA LEU FC 92 7.43 78.79 -90.29
C LEU FC 92 7.10 79.67 -89.10
N TYR FC 93 7.39 79.21 -87.90
CA TYR FC 93 7.06 79.93 -86.67
C TYR FC 93 8.22 79.82 -85.71
N GLY FC 94 8.44 80.88 -84.94
CA GLY FC 94 9.50 80.91 -83.96
C GLY FC 94 10.75 81.62 -84.43
N ALA GC 2 78.79 83.20 -0.58
CA ALA GC 2 78.57 84.45 -1.29
C ALA GC 2 77.14 84.93 -1.14
N VAL GC 3 76.72 85.83 -2.04
CA VAL GC 3 75.35 86.32 -2.07
C VAL GC 3 74.42 85.18 -2.45
N ALA GC 4 73.26 85.11 -1.79
CA ALA GC 4 72.34 83.98 -1.91
C ALA GC 4 71.80 83.84 -3.33
N VAL GC 5 71.52 82.62 -3.73
CA VAL GC 5 71.07 82.30 -5.08
C VAL GC 5 69.76 81.51 -4.98
N GLY GC 6 68.77 81.91 -5.76
CA GLY GC 6 67.51 81.18 -5.86
C GLY GC 6 67.29 80.73 -7.29
N MET GC 7 66.71 79.55 -7.44
CA MET GC 7 66.44 78.98 -8.75
C MET GC 7 65.00 78.48 -8.78
N ILE GC 8 64.29 78.78 -9.85
CA ILE GC 8 62.99 78.19 -10.13
C ILE GC 8 63.07 77.53 -11.50
N GLU GC 9 62.88 76.22 -11.53
CA GLU GC 9 62.85 75.47 -12.78
C GLU GC 9 61.41 75.20 -13.17
N THR GC 10 61.03 75.64 -14.37
CA THR GC 10 59.70 75.42 -14.88
C THR GC 10 59.76 74.61 -16.16
N LEU GC 11 58.64 74.01 -16.52
CA LEU GC 11 58.47 73.33 -17.80
C LEU GC 11 57.75 74.29 -18.74
N GLY GC 12 58.51 75.01 -19.55
CA GLY GC 12 57.91 75.97 -20.45
C GLY GC 12 58.46 77.38 -20.30
N PHE GC 13 58.54 78.10 -21.41
CA PHE GC 13 59.03 79.47 -21.42
C PHE GC 13 58.04 80.54 -20.94
N PRO GC 14 56.72 80.47 -21.19
CA PRO GC 14 55.83 81.44 -20.53
C PRO GC 14 55.78 81.28 -19.02
N ALA GC 15 56.01 80.07 -18.49
CA ALA GC 15 56.00 79.89 -17.05
C ALA GC 15 57.29 80.39 -16.42
N VAL GC 16 58.38 80.43 -17.19
CA VAL GC 16 59.65 80.83 -16.60
C VAL GC 16 59.81 82.34 -16.65
N VAL GC 17 59.06 83.01 -17.54
CA VAL GC 17 59.09 84.46 -17.57
C VAL GC 17 58.21 85.03 -16.48
N GLU GC 18 57.07 84.38 -16.21
CA GLU GC 18 56.27 84.73 -15.04
C GLU GC 18 57.00 84.41 -13.75
N ALA GC 19 57.79 83.34 -13.73
CA ALA GC 19 58.64 83.07 -12.58
C ALA GC 19 59.70 84.14 -12.42
N ALA GC 20 60.32 84.57 -13.51
CA ALA GC 20 61.35 85.60 -13.43
C ALA GC 20 60.75 86.96 -13.11
N ASP GC 21 59.55 87.24 -13.62
CA ASP GC 21 58.93 88.54 -13.40
C ASP GC 21 58.40 88.68 -11.98
N ALA GC 22 57.81 87.62 -11.44
CA ALA GC 22 57.25 87.70 -10.09
C ALA GC 22 58.33 87.66 -9.03
N MET GC 23 59.50 87.13 -9.36
CA MET GC 23 60.59 87.09 -8.38
C MET GC 23 61.18 88.47 -8.16
N VAL GC 24 61.42 89.22 -9.23
CA VAL GC 24 62.03 90.54 -9.07
C VAL GC 24 60.99 91.57 -8.71
N LYS GC 25 59.70 91.21 -8.74
CA LYS GC 25 58.66 92.12 -8.30
C LYS GC 25 58.26 91.87 -6.84
N ALA GC 26 58.58 90.69 -6.32
CA ALA GC 26 58.20 90.39 -4.94
C ALA GC 26 59.21 90.95 -3.95
N ALA GC 27 60.48 91.00 -4.34
CA ALA GC 27 61.54 91.38 -3.42
C ALA GC 27 62.67 92.02 -4.19
N ARG GC 28 63.71 92.45 -3.46
CA ARG GC 28 64.86 93.14 -4.03
C ARG GC 28 65.90 92.10 -4.40
N VAL GC 29 65.61 91.34 -5.45
CA VAL GC 29 66.54 90.37 -6.01
C VAL GC 29 66.95 90.83 -7.39
N THR GC 30 68.04 90.26 -7.89
CA THR GC 30 68.53 90.54 -9.22
C THR GC 30 68.49 89.26 -10.03
N LEU GC 31 67.61 89.22 -11.03
CA LEU GC 31 67.62 88.13 -12.00
C LEU GC 31 68.89 88.22 -12.84
N VAL GC 32 69.77 87.25 -12.67
CA VAL GC 32 71.07 87.29 -13.33
C VAL GC 32 71.19 86.27 -14.46
N GLY GC 33 70.40 85.21 -14.45
CA GLY GC 33 70.66 84.08 -15.31
C GLY GC 33 69.39 83.45 -15.80
N TYR GC 34 69.55 82.61 -16.81
CA TYR GC 34 68.43 81.98 -17.50
C TYR GC 34 69.01 80.76 -18.20
N GLU GC 35 68.64 79.57 -17.76
CA GLU GC 35 69.34 78.36 -18.12
C GLU GC 35 68.39 77.33 -18.72
N LYS GC 36 68.73 76.83 -19.89
CA LYS GC 36 67.98 75.77 -20.56
C LYS GC 36 68.85 74.52 -20.58
N ILE GC 37 68.30 73.41 -20.09
CA ILE GC 37 69.02 72.15 -19.97
C ILE GC 37 68.38 71.05 -20.80
N GLY GC 38 67.40 71.37 -21.63
CA GLY GC 38 66.75 70.39 -22.46
C GLY GC 38 65.43 69.91 -21.90
N THR GC 39 64.64 69.30 -22.78
CA THR GC 39 63.24 68.89 -22.57
C THR GC 39 62.36 69.97 -21.96
N GLY GC 40 62.56 71.23 -22.35
CA GLY GC 40 61.73 72.29 -21.86
C GLY GC 40 61.96 72.72 -20.44
N ARG GC 41 62.89 72.09 -19.73
CA ARG GC 41 63.22 72.47 -18.35
C ARG GC 41 64.04 73.75 -18.40
N VAL GC 42 63.44 74.86 -18.00
CA VAL GC 42 64.06 76.17 -18.05
C VAL GC 42 64.17 76.70 -16.64
N THR GC 43 65.34 77.20 -16.26
CA THR GC 43 65.62 77.69 -14.92
C THR GC 43 66.03 79.15 -14.99
N VAL GC 44 65.41 79.99 -14.17
CA VAL GC 44 65.86 81.36 -13.95
C VAL GC 44 66.55 81.43 -12.60
N ILE GC 45 67.57 82.28 -12.52
CA ILE GC 45 68.46 82.35 -11.37
C ILE GC 45 68.47 83.78 -10.87
N VAL GC 46 68.11 83.97 -9.60
CA VAL GC 46 68.13 85.29 -8.98
C VAL GC 46 69.21 85.31 -7.91
N ARG GC 47 69.77 86.49 -7.68
CA ARG GC 47 70.70 86.72 -6.58
C ARG GC 47 70.17 87.81 -5.68
N GLY GC 48 70.60 87.80 -4.43
CA GLY GC 48 70.19 88.83 -3.50
C GLY GC 48 70.39 88.36 -2.08
N ASP GC 49 69.87 89.15 -1.15
CA ASP GC 49 69.91 88.78 0.26
C ASP GC 49 68.97 87.60 0.51
N VAL GC 50 69.19 86.91 1.63
CA VAL GC 50 68.48 85.67 1.92
C VAL GC 50 67.01 85.94 2.19
N SER GC 51 66.70 87.07 2.84
CA SER GC 51 65.30 87.45 3.05
C SER GC 51 64.61 87.77 1.74
N GLU GC 52 65.33 88.36 0.79
CA GLU GC 52 64.75 88.68 -0.50
C GLU GC 52 64.58 87.44 -1.37
N VAL GC 53 65.57 86.55 -1.36
CA VAL GC 53 65.54 85.37 -2.23
C VAL GC 53 64.48 84.38 -1.74
N GLN GC 54 64.34 84.23 -0.42
CA GLN GC 54 63.30 83.37 0.14
C GLN GC 54 61.92 83.92 -0.17
N ALA GC 55 61.76 85.24 -0.17
CA ALA GC 55 60.46 85.83 -0.48
C ALA GC 55 60.16 85.75 -1.97
N SER GC 56 61.19 85.91 -2.80
CA SER GC 56 61.00 85.92 -4.25
C SER GC 56 60.69 84.52 -4.78
N VAL GC 57 61.44 83.51 -4.33
CA VAL GC 57 61.25 82.15 -4.83
C VAL GC 57 59.92 81.58 -4.36
N SER GC 58 59.50 81.91 -3.14
CA SER GC 58 58.21 81.45 -2.65
C SER GC 58 57.06 82.15 -3.36
N ALA GC 59 57.23 83.41 -3.73
CA ALA GC 59 56.19 84.11 -4.47
C ALA GC 59 56.26 83.80 -5.96
N GLY GC 60 57.47 83.54 -6.46
CA GLY GC 60 57.61 83.14 -7.85
C GLY GC 60 57.06 81.75 -8.13
N THR GC 61 57.02 80.89 -7.11
CA THR GC 61 56.48 79.55 -7.28
C THR GC 61 54.96 79.60 -7.38
N GLU GC 62 54.30 80.42 -6.56
CA GLU GC 62 52.85 80.50 -6.58
C GLU GC 62 52.32 81.21 -7.81
N SER GC 63 53.16 82.05 -8.44
CA SER GC 63 52.70 82.77 -9.62
C SER GC 63 52.70 81.89 -10.86
N VAL GC 64 53.55 80.86 -10.91
CA VAL GC 64 53.58 79.94 -12.03
C VAL GC 64 52.33 79.09 -12.10
N LYS GC 65 51.75 78.73 -10.97
CA LYS GC 65 50.47 78.03 -10.96
C LYS GC 65 49.30 79.01 -11.01
N ARG GC 66 49.40 79.98 -11.90
CA ARG GC 66 48.33 80.89 -12.29
C ARG GC 66 48.48 81.09 -13.80
N VAL GC 67 49.46 80.40 -14.38
CA VAL GC 67 49.70 80.36 -15.81
C VAL GC 67 49.14 79.06 -16.36
N ASN GC 68 48.38 79.14 -17.44
CA ASN GC 68 47.85 77.93 -18.06
C ASN GC 68 48.98 77.21 -18.79
N GLY GC 69 49.12 75.91 -18.51
CA GLY GC 69 50.24 75.18 -19.05
C GLY GC 69 51.53 75.39 -18.29
N GLY GC 70 51.49 76.06 -17.15
CA GLY GC 70 52.67 76.33 -16.35
C GLY GC 70 52.83 75.29 -15.26
N GLN GC 71 54.07 74.86 -15.06
CA GLN GC 71 54.39 73.82 -14.10
C GLN GC 71 55.75 74.08 -13.48
N VAL GC 72 55.80 74.13 -12.15
CA VAL GC 72 57.06 74.25 -11.43
C VAL GC 72 57.65 72.85 -11.31
N LEU GC 73 58.85 72.66 -11.84
CA LEU GC 73 59.52 71.38 -11.70
C LEU GC 73 60.35 71.31 -10.43
N SER GC 74 61.14 72.34 -10.18
CA SER GC 74 62.07 72.32 -9.05
C SER GC 74 62.40 73.74 -8.64
N THR GC 75 62.39 73.98 -7.34
CA THR GC 75 62.79 75.26 -6.77
C THR GC 75 63.82 75.00 -5.68
N HIS GC 76 64.76 75.94 -5.54
CA HIS GC 76 65.76 75.83 -4.48
C HIS GC 76 66.33 77.19 -4.15
N ILE GC 77 66.72 77.36 -2.89
CA ILE GC 77 67.43 78.53 -2.40
C ILE GC 77 68.71 78.04 -1.73
N ILE GC 78 69.85 78.59 -2.15
CA ILE GC 78 71.11 78.39 -1.45
C ILE GC 78 71.46 79.72 -0.81
N ALA GC 79 71.45 79.77 0.53
CA ALA GC 79 71.57 81.03 1.25
C ALA GC 79 72.98 81.57 1.21
N ARG GC 80 73.97 80.68 1.07
CA ARG GC 80 75.38 81.08 1.09
C ARG GC 80 76.13 80.14 0.17
N PRO GC 81 76.12 80.39 -1.13
CA PRO GC 81 76.86 79.52 -2.04
C PRO GC 81 78.36 79.76 -1.93
N HIS GC 82 79.11 78.68 -2.19
CA HIS GC 82 80.56 78.76 -2.20
C HIS GC 82 81.03 79.61 -3.37
N GLU GC 83 82.19 80.25 -3.18
CA GLU GC 83 82.75 81.10 -4.22
C GLU GC 83 83.31 80.31 -5.40
N ASN GC 84 83.42 78.98 -5.27
CA ASN GC 84 83.74 78.13 -6.40
C ASN GC 84 82.61 78.08 -7.43
N LEU GC 85 81.37 78.27 -6.98
CA LEU GC 85 80.21 77.98 -7.82
C LEU GC 85 79.96 79.04 -8.89
N GLU GC 86 80.35 80.29 -8.62
CA GLU GC 86 80.09 81.36 -9.59
C GLU GC 86 80.97 81.24 -10.81
N TYR GC 87 82.13 80.58 -10.68
CA TYR GC 87 83.05 80.48 -11.80
C TYR GC 87 82.68 79.30 -12.70
N VAL GC 88 81.96 78.33 -12.17
CA VAL GC 88 81.63 77.13 -12.96
C VAL GC 88 80.17 77.18 -13.40
N LEU GC 89 79.28 77.48 -12.51
CA LEU GC 89 77.87 77.51 -12.82
C LEU GC 89 77.43 78.90 -13.27
N PRO GC 90 76.44 78.99 -14.16
CA PRO GC 90 75.97 80.32 -14.63
C PRO GC 90 75.01 80.98 -13.64
N ILE GC 91 75.49 81.23 -12.43
CA ILE GC 91 74.73 81.90 -11.39
C ILE GC 91 75.35 83.23 -10.99
N ARG GC 92 76.37 83.69 -11.70
CA ARG GC 92 77.09 84.88 -11.29
C ARG GC 92 76.47 86.13 -11.89
N TYR GC 93 76.83 87.28 -11.31
CA TYR GC 93 76.39 88.56 -11.83
C TYR GC 93 77.10 88.86 -13.13
N THR GC 94 76.32 89.14 -14.17
CA THR GC 94 76.89 89.59 -15.44
C THR GC 94 76.83 91.13 -15.49
N GLU GC 95 77.45 91.68 -16.52
CA GLU GC 95 77.62 93.13 -16.56
C GLU GC 95 76.34 93.84 -16.98
N GLU GC 96 75.42 93.13 -17.63
CA GLU GC 96 74.17 93.76 -18.04
C GLU GC 96 73.19 93.87 -16.86
N VAL GC 97 73.43 93.13 -15.79
CA VAL GC 97 72.57 93.16 -14.62
C VAL GC 97 73.26 93.82 -13.42
N GLU GC 98 74.35 94.56 -13.66
CA GLU GC 98 75.02 95.25 -12.56
C GLU GC 98 74.27 96.48 -12.09
N GLN GC 99 73.34 97.00 -12.89
CA GLN GC 99 72.55 98.15 -12.46
C GLN GC 99 71.47 97.75 -11.46
N PHE GC 100 71.09 96.48 -11.42
CA PHE GC 100 70.03 96.02 -10.54
C PHE GC 100 70.54 95.44 -9.22
N ARG GC 101 71.85 95.35 -9.04
CA ARG GC 101 72.40 94.79 -7.81
C ARG GC 101 72.27 95.75 -6.64
N ALA HC 2 95.86 61.12 -12.89
CA ALA HC 2 95.75 62.45 -12.29
C ALA HC 2 95.04 62.37 -10.95
N VAL HC 3 94.64 63.53 -10.42
CA VAL HC 3 93.92 63.56 -9.15
C VAL HC 3 92.47 63.16 -9.42
N ALA HC 4 91.75 62.73 -8.38
CA ALA HC 4 90.51 61.97 -8.55
C ALA HC 4 89.38 62.84 -9.09
N VAL HC 5 88.41 62.18 -9.74
CA VAL HC 5 87.26 62.83 -10.36
C VAL HC 5 86.00 62.33 -9.68
N GLY HC 6 85.13 63.24 -9.30
CA GLY HC 6 83.79 62.88 -8.86
C GLY HC 6 82.75 63.57 -9.71
N MET HC 7 81.73 62.81 -10.10
CA MET HC 7 80.66 63.31 -10.94
C MET HC 7 79.33 62.96 -10.30
N ILE HC 8 78.42 63.93 -10.22
CA ILE HC 8 77.04 63.71 -9.84
C ILE HC 8 76.17 64.19 -10.99
N GLU HC 9 75.38 63.29 -11.56
CA GLU HC 9 74.43 63.65 -12.59
C GLU HC 9 73.03 63.73 -11.99
N THR HC 10 72.39 64.88 -12.16
CA THR HC 10 71.04 65.09 -11.65
C THR HC 10 70.10 65.42 -12.79
N LEU HC 11 68.81 65.23 -12.52
CA LEU HC 11 67.75 65.64 -13.44
C LEU HC 11 67.26 67.01 -12.94
N GLY HC 12 67.75 68.06 -13.58
CA GLY HC 12 67.34 69.39 -13.19
C GLY HC 12 68.49 70.27 -12.73
N PHE HC 13 68.40 71.56 -13.04
CA PHE HC 13 69.42 72.53 -12.66
C PHE HC 13 69.39 73.00 -11.20
N PRO HC 14 68.25 73.17 -10.52
CA PRO HC 14 68.34 73.45 -9.07
C PRO HC 14 68.91 72.29 -8.26
N ALA HC 15 68.78 71.06 -8.74
CA ALA HC 15 69.37 69.93 -8.04
C ALA HC 15 70.87 69.85 -8.23
N VAL HC 16 71.38 70.42 -9.33
CA VAL HC 16 72.79 70.26 -9.64
C VAL HC 16 73.60 71.36 -8.99
N VAL HC 17 72.96 72.46 -8.59
CA VAL HC 17 73.66 73.54 -7.90
C VAL HC 17 73.72 73.26 -6.41
N GLU HC 18 72.67 72.63 -5.87
CA GLU HC 18 72.71 72.18 -4.49
C GLU HC 18 73.67 71.01 -4.31
N ALA HC 19 73.77 70.15 -5.33
CA ALA HC 19 74.76 69.08 -5.29
C ALA HC 19 76.17 69.63 -5.37
N ALA HC 20 76.38 70.66 -6.21
CA ALA HC 20 77.71 71.25 -6.34
C ALA HC 20 78.09 72.06 -5.11
N ASP HC 21 77.10 72.70 -4.46
CA ASP HC 21 77.40 73.48 -3.28
C ASP HC 21 77.63 72.59 -2.07
N ALA HC 22 76.96 71.43 -2.01
CA ALA HC 22 77.21 70.50 -0.92
C ALA HC 22 78.55 69.82 -1.06
N MET HC 23 79.04 69.67 -2.30
CA MET HC 23 80.29 68.94 -2.52
C MET HC 23 81.49 69.75 -2.07
N VAL HC 24 81.54 71.03 -2.43
CA VAL HC 24 82.72 71.83 -2.12
C VAL HC 24 82.71 72.31 -0.68
N LYS HC 25 81.57 72.16 0.01
CA LYS HC 25 81.52 72.47 1.43
C LYS HC 25 81.87 71.26 2.28
N ALA HC 26 81.61 70.06 1.76
CA ALA HC 26 81.80 68.86 2.56
C ALA HC 26 83.26 68.46 2.66
N ALA HC 27 84.07 68.76 1.65
CA ALA HC 27 85.44 68.30 1.62
C ALA HC 27 86.29 69.26 0.79
N ARG HC 28 87.58 68.93 0.69
CA ARG HC 28 88.55 69.76 -0.03
C ARG HC 28 88.59 69.35 -1.50
N VAL HC 29 87.46 69.54 -2.17
CA VAL HC 29 87.36 69.28 -3.59
C VAL HC 29 87.22 70.62 -4.31
N THR HC 30 87.53 70.62 -5.58
CA THR HC 30 87.36 71.78 -6.45
C THR HC 30 86.34 71.44 -7.52
N LEU HC 31 85.21 72.15 -7.51
CA LEU HC 31 84.28 72.09 -8.62
C LEU HC 31 84.93 72.70 -9.84
N VAL HC 32 85.17 71.88 -10.87
CA VAL HC 32 85.86 72.34 -12.06
C VAL HC 32 84.97 72.34 -13.29
N GLY HC 33 83.87 71.61 -13.28
CA GLY HC 33 83.17 71.31 -14.52
C GLY HC 33 81.68 71.31 -14.31
N TYR HC 34 80.96 71.48 -15.42
CA TYR HC 34 79.51 71.54 -15.43
C TYR HC 34 79.08 71.18 -16.84
N GLU HC 35 78.36 70.08 -16.98
CA GLU HC 35 78.11 69.50 -18.29
C GLU HC 35 76.63 69.23 -18.51
N LYS HC 36 76.13 69.65 -19.66
CA LYS HC 36 74.77 69.40 -20.09
C LYS HC 36 74.82 68.44 -21.27
N ILE HC 37 74.08 67.34 -21.19
CA ILE HC 37 74.07 66.32 -22.23
C ILE HC 37 72.67 66.10 -22.79
N GLY HC 38 71.69 66.86 -22.35
CA GLY HC 38 70.33 66.75 -22.86
C GLY HC 38 69.41 65.98 -21.93
N THR HC 39 68.11 66.11 -22.23
CA THR HC 39 66.97 65.63 -21.42
C THR HC 39 67.05 66.02 -19.95
N GLY HC 40 67.59 67.21 -19.66
CA GLY HC 40 67.71 67.64 -18.28
C GLY HC 40 68.77 66.94 -17.48
N ARG HC 41 69.60 66.11 -18.10
CA ARG HC 41 70.67 65.42 -17.41
C ARG HC 41 71.87 66.35 -17.31
N VAL HC 42 72.12 66.85 -16.11
CA VAL HC 42 73.16 67.84 -15.87
C VAL HC 42 74.16 67.24 -14.89
N THR HC 43 75.45 67.40 -15.19
CA THR HC 43 76.52 66.79 -14.41
C THR HC 43 77.46 67.88 -13.91
N VAL HC 44 77.76 67.86 -12.62
CA VAL HC 44 78.82 68.67 -12.04
C VAL HC 44 79.99 67.77 -11.68
N ILE HC 45 81.21 68.28 -11.85
CA ILE HC 45 82.43 67.50 -11.78
C ILE HC 45 83.35 68.16 -10.75
N VAL HC 46 83.79 67.37 -9.77
CA VAL HC 46 84.72 67.86 -8.76
C VAL HC 46 86.05 67.13 -8.90
N ARG HC 47 87.12 67.80 -8.49
CA ARG HC 47 88.46 67.23 -8.46
C ARG HC 47 89.04 67.37 -7.06
N GLY HC 48 89.73 66.32 -6.62
CA GLY HC 48 90.41 66.37 -5.34
C GLY HC 48 91.00 65.02 -5.04
N ASP HC 49 91.48 64.85 -3.81
CA ASP HC 49 91.93 63.55 -3.37
C ASP HC 49 90.74 62.60 -3.26
N VAL HC 50 91.04 61.30 -3.39
CA VAL HC 50 89.99 60.29 -3.52
C VAL HC 50 89.14 60.18 -2.25
N SER HC 51 89.74 60.42 -1.07
CA SER HC 51 88.96 60.44 0.16
C SER HC 51 88.10 61.68 0.24
N GLU HC 52 88.62 62.81 -0.25
CA GLU HC 52 87.81 64.04 -0.28
C GLU HC 52 86.73 63.96 -1.34
N VAL HC 53 87.03 63.32 -2.47
CA VAL HC 53 86.04 63.19 -3.53
C VAL HC 53 84.94 62.23 -3.11
N GLN HC 54 85.30 61.16 -2.39
CA GLN HC 54 84.31 60.22 -1.87
C GLN HC 54 83.43 60.85 -0.81
N ALA HC 55 84.01 61.72 0.03
CA ALA HC 55 83.23 62.37 1.07
C ALA HC 55 82.32 63.44 0.49
N SER HC 56 82.71 64.04 -0.64
CA SER HC 56 81.91 65.12 -1.22
C SER HC 56 80.79 64.56 -2.08
N VAL HC 57 81.08 63.54 -2.89
CA VAL HC 57 80.09 62.99 -3.83
C VAL HC 57 78.96 62.32 -3.08
N SER HC 58 79.26 61.66 -1.96
CA SER HC 58 78.21 61.09 -1.13
C SER HC 58 77.41 62.18 -0.43
N ALA HC 59 78.05 63.28 -0.06
CA ALA HC 59 77.34 64.37 0.60
C ALA HC 59 76.54 65.19 -0.40
N GLY HC 60 77.01 65.28 -1.65
CA GLY HC 60 76.24 65.96 -2.68
C GLY HC 60 75.03 65.17 -3.12
N THR HC 61 75.04 63.85 -2.92
CA THR HC 61 73.90 63.03 -3.29
C THR HC 61 72.76 63.19 -2.27
N GLU HC 62 73.09 63.32 -0.99
CA GLU HC 62 72.05 63.45 0.02
C GLU HC 62 71.40 64.82 0.01
N SER HC 63 72.11 65.85 -0.47
CA SER HC 63 71.56 67.20 -0.47
C SER HC 63 70.57 67.43 -1.60
N VAL HC 64 70.53 66.56 -2.60
CA VAL HC 64 69.52 66.66 -3.66
C VAL HC 64 68.14 66.29 -3.12
N LYS HC 65 68.09 65.48 -2.05
CA LYS HC 65 66.83 65.17 -1.39
C LYS HC 65 66.23 66.40 -0.70
N ARG HC 66 67.05 67.40 -0.38
CA ARG HC 66 66.52 68.67 0.11
C ARG HC 66 65.75 69.40 -0.99
N VAL HC 67 66.19 69.24 -2.24
CA VAL HC 67 65.54 69.92 -3.35
C VAL HC 67 64.27 69.18 -3.73
N ASN HC 68 63.16 69.90 -3.80
CA ASN HC 68 61.92 69.34 -4.31
C ASN HC 68 61.99 69.27 -5.83
N GLY HC 69 61.63 68.11 -6.38
CA GLY HC 69 61.76 67.93 -7.81
C GLY HC 69 63.17 67.64 -8.28
N GLY HC 70 64.08 67.38 -7.34
CA GLY HC 70 65.45 67.03 -7.67
C GLY HC 70 65.68 65.54 -7.54
N GLN HC 71 66.49 64.99 -8.44
CA GLN HC 71 66.72 63.57 -8.51
C GLN HC 71 68.11 63.28 -9.04
N VAL HC 72 68.89 62.52 -8.29
CA VAL HC 72 70.23 62.11 -8.70
C VAL HC 72 70.06 60.94 -9.67
N LEU HC 73 70.59 61.09 -10.88
CA LEU HC 73 70.51 60.02 -11.87
C LEU HC 73 71.69 59.07 -11.76
N SER HC 74 72.90 59.61 -11.66
CA SER HC 74 74.09 58.78 -11.67
C SER HC 74 75.22 59.50 -10.94
N THR HC 75 75.93 58.76 -10.11
CA THR HC 75 77.14 59.24 -9.47
C THR HC 75 78.27 58.28 -9.78
N HIS HC 76 79.48 58.82 -9.89
CA HIS HC 76 80.66 57.99 -10.07
C HIS HC 76 81.90 58.72 -9.57
N ILE HC 77 82.86 57.94 -9.10
CA ILE HC 77 84.14 58.44 -8.61
C ILE HC 77 85.24 57.64 -9.29
N ILE HC 78 86.15 58.35 -9.97
CA ILE HC 78 87.33 57.75 -10.56
C ILE HC 78 88.53 58.20 -9.75
N ALA HC 79 89.19 57.24 -9.09
CA ALA HC 79 90.24 57.57 -8.12
C ALA HC 79 91.50 58.08 -8.79
N ARG HC 80 91.82 57.56 -9.98
CA ARG HC 80 93.04 57.92 -10.68
C ARG HC 80 92.73 57.93 -12.17
N PRO HC 81 92.20 59.04 -12.68
CA PRO HC 81 91.91 59.10 -14.12
C PRO HC 81 93.19 59.20 -14.94
N HIS HC 82 93.10 58.66 -16.15
CA HIS HC 82 94.20 58.77 -17.10
C HIS HC 82 94.39 60.20 -17.54
N GLU HC 83 95.61 60.52 -17.97
CA GLU HC 83 95.93 61.87 -18.41
C GLU HC 83 95.27 62.23 -19.74
N ASN HC 84 94.81 61.22 -20.49
CA ASN HC 84 94.10 61.46 -21.74
C ASN HC 84 92.74 62.10 -21.52
N LEU HC 85 92.14 61.89 -20.34
CA LEU HC 85 90.75 62.28 -20.12
C LEU HC 85 90.59 63.77 -19.91
N GLU HC 86 91.64 64.46 -19.45
CA GLU HC 86 91.49 65.89 -19.17
C GLU HC 86 91.60 66.72 -20.43
N TYR HC 87 92.12 66.15 -21.50
CA TYR HC 87 92.26 66.91 -22.74
C TYR HC 87 91.05 66.71 -23.65
N VAL HC 88 90.22 65.70 -23.36
CA VAL HC 88 89.04 65.48 -24.16
C VAL HC 88 87.78 65.81 -23.36
N LEU HC 89 87.63 65.21 -22.22
CA LEU HC 89 86.45 65.41 -21.40
C LEU HC 89 86.61 66.65 -20.53
N PRO HC 90 85.51 67.35 -20.20
CA PRO HC 90 85.61 68.58 -19.39
C PRO HC 90 85.72 68.28 -17.90
N ILE HC 91 86.76 67.54 -17.52
CA ILE HC 91 87.07 67.23 -16.13
C ILE HC 91 88.34 67.93 -15.66
N ARG HC 92 88.88 68.84 -16.45
CA ARG HC 92 90.18 69.40 -16.15
C ARG HC 92 90.05 70.69 -15.34
N TYR HC 93 91.16 71.07 -14.70
CA TYR HC 93 91.23 72.35 -14.03
C TYR HC 93 91.36 73.47 -15.05
N THR HC 94 90.42 74.40 -15.04
CA THR HC 94 90.52 75.61 -15.84
C THR HC 94 91.27 76.68 -15.07
N GLU HC 95 91.59 77.78 -15.75
CA GLU HC 95 92.34 78.86 -15.13
C GLU HC 95 91.47 79.63 -14.13
N GLU HC 96 90.16 79.61 -14.32
CA GLU HC 96 89.25 80.33 -13.42
C GLU HC 96 89.13 79.65 -12.05
N VAL HC 97 89.39 78.35 -11.99
CA VAL HC 97 89.23 77.60 -10.74
C VAL HC 97 90.58 77.27 -10.11
N GLU HC 98 91.66 77.95 -10.51
CA GLU HC 98 92.96 77.67 -9.93
C GLU HC 98 93.10 78.23 -8.52
N GLN HC 99 92.25 79.19 -8.13
CA GLN HC 99 92.32 79.74 -6.78
C GLN HC 99 91.72 78.80 -5.75
N PHE HC 100 90.93 77.82 -6.19
CA PHE HC 100 90.26 76.89 -5.28
C PHE HC 100 90.95 75.54 -5.20
N ARG HC 101 92.03 75.32 -5.94
CA ARG HC 101 92.70 74.04 -5.93
C ARG HC 101 93.53 73.84 -4.67
N ALA IC 2 68.22 91.45 19.52
CA ALA IC 2 68.67 92.08 18.30
C ALA IC 2 68.98 91.04 17.23
N VAL IC 3 70.04 90.27 17.48
CA VAL IC 3 70.39 89.16 16.63
C VAL IC 3 69.45 87.99 16.91
N ALA IC 4 68.91 87.39 15.85
CA ALA IC 4 67.95 86.29 16.01
C ALA IC 4 68.63 85.04 16.57
N VAL IC 5 67.81 84.15 17.12
CA VAL IC 5 68.30 82.93 17.74
C VAL IC 5 67.53 81.74 17.16
N GLY IC 6 68.25 80.70 16.80
CA GLY IC 6 67.63 79.46 16.35
C GLY IC 6 68.21 78.29 17.09
N MET IC 7 67.35 77.31 17.37
CA MET IC 7 67.72 76.14 18.15
C MET IC 7 67.28 74.90 17.41
N ILE IC 8 68.15 73.88 17.39
CA ILE IC 8 67.79 72.55 16.94
C ILE IC 8 68.11 71.59 18.06
N GLU IC 9 67.09 70.89 18.55
CA GLU IC 9 67.29 69.87 19.57
C GLU IC 9 67.28 68.49 18.92
N THR IC 10 68.37 67.76 19.07
CA THR IC 10 68.47 66.41 18.56
C THR IC 10 68.58 65.43 19.71
N LEU IC 11 68.28 64.17 19.42
CA LEU IC 11 68.51 63.07 20.35
C LEU IC 11 69.85 62.45 19.98
N GLY IC 12 70.88 62.75 20.75
CA GLY IC 12 72.20 62.23 20.47
C GLY IC 12 73.21 63.29 20.09
N PHE IC 13 74.46 63.07 20.48
CA PHE IC 13 75.56 63.99 20.18
C PHE IC 13 76.11 63.92 18.75
N PRO IC 14 76.22 62.76 18.06
CA PRO IC 14 76.60 62.84 16.64
C PRO IC 14 75.58 63.54 15.76
N ALA IC 15 74.30 63.53 16.13
CA ALA IC 15 73.29 64.21 15.33
C ALA IC 15 73.33 65.71 15.56
N VAL IC 16 73.82 66.14 16.72
CA VAL IC 16 73.79 67.57 17.04
C VAL IC 16 75.03 68.26 16.50
N VAL IC 17 76.07 67.49 16.17
CA VAL IC 17 77.26 68.07 15.54
C VAL IC 17 77.05 68.18 14.04
N GLU IC 18 76.36 67.20 13.45
CA GLU IC 18 75.98 67.30 12.04
C GLU IC 18 74.95 68.41 11.83
N ALA IC 19 74.06 68.60 12.80
CA ALA IC 19 73.13 69.72 12.73
C ALA IC 19 73.86 71.05 12.86
N ALA IC 20 74.83 71.14 13.78
CA ALA IC 20 75.56 72.38 13.97
C ALA IC 20 76.49 72.67 12.80
N ASP IC 21 77.03 71.63 12.18
CA ASP IC 21 77.90 71.84 11.03
C ASP IC 21 77.12 72.24 9.79
N ALA IC 22 75.88 71.76 9.66
CA ALA IC 22 75.07 72.13 8.51
C ALA IC 22 74.47 73.51 8.67
N MET IC 23 74.38 74.00 9.91
CA MET IC 23 73.78 75.31 10.13
C MET IC 23 74.74 76.43 9.76
N VAL IC 24 76.00 76.31 10.17
CA VAL IC 24 76.94 77.40 9.93
C VAL IC 24 77.51 77.34 8.53
N LYS IC 25 77.30 76.23 7.83
CA LYS IC 25 77.70 76.15 6.42
C LYS IC 25 76.62 76.70 5.51
N ALA IC 26 75.35 76.58 5.92
CA ALA IC 26 74.26 76.96 5.04
C ALA IC 26 74.08 78.47 4.95
N ALA IC 27 74.28 79.18 6.06
CA ALA IC 27 74.03 80.60 6.09
C ALA IC 27 75.02 81.29 7.02
N ARG IC 28 74.89 82.61 7.11
CA ARG IC 28 75.78 83.44 7.93
C ARG IC 28 75.24 83.52 9.35
N VAL IC 29 75.31 82.38 10.03
CA VAL IC 29 74.96 82.31 11.45
C VAL IC 29 76.19 81.94 12.23
N THR IC 30 76.16 82.25 13.52
CA THR IC 30 77.23 81.91 14.45
C THR IC 30 76.69 80.90 15.45
N LEU IC 31 77.26 79.70 15.43
CA LEU IC 31 77.01 78.75 16.50
C LEU IC 31 77.62 79.27 17.78
N VAL IC 32 76.77 79.61 18.75
CA VAL IC 32 77.24 80.21 19.99
C VAL IC 32 77.07 79.31 21.19
N GLY IC 33 76.20 78.30 21.12
CA GLY IC 33 75.79 77.60 22.32
C GLY IC 33 75.59 76.13 22.08
N TYR IC 34 75.47 75.40 23.18
CA TYR IC 34 75.44 73.95 23.19
C TYR IC 34 74.86 73.54 24.54
N GLU IC 35 73.69 72.92 24.53
CA GLU IC 35 72.93 72.74 25.76
C GLU IC 35 72.46 71.30 25.90
N LYS IC 36 72.67 70.73 27.08
CA LYS IC 36 72.21 69.40 27.43
C LYS IC 36 71.21 69.53 28.57
N ILE IC 37 70.04 68.93 28.41
CA ILE IC 37 68.96 69.00 29.40
C ILE IC 37 68.59 67.63 29.93
N GLY IC 38 69.28 66.58 29.51
CA GLY IC 38 68.98 65.24 29.94
C GLY IC 38 68.18 64.46 28.92
N THR IC 39 68.05 63.15 29.19
CA THR IC 39 67.52 62.12 28.29
C THR IC 39 68.12 62.18 26.89
N GLY IC 40 69.40 62.50 26.76
CA GLY IC 40 70.04 62.58 25.47
C GLY IC 40 69.61 63.75 24.60
N ARG IC 41 68.79 64.64 25.10
CA ARG IC 41 68.29 65.77 24.34
C ARG IC 41 69.35 66.87 24.34
N VAL IC 42 69.95 67.12 23.19
CA VAL IC 42 71.06 68.04 23.05
C VAL IC 42 70.64 69.13 22.07
N THR IC 43 70.90 70.40 22.43
CA THR IC 43 70.45 71.54 21.67
C THR IC 43 71.65 72.41 21.29
N VAL IC 44 71.74 72.78 20.02
CA VAL IC 44 72.70 73.77 19.56
C VAL IC 44 71.97 75.06 19.21
N ILE IC 45 72.62 76.18 19.50
CA ILE IC 45 72.04 77.51 19.39
C ILE IC 45 72.86 78.31 18.39
N VAL IC 46 72.21 78.85 17.36
CA VAL IC 46 72.87 79.71 16.40
C VAL IC 46 72.32 81.13 16.52
N ARG IC 47 73.17 82.09 16.19
CA ARG IC 47 72.77 83.49 16.15
C ARG IC 47 73.07 84.08 14.78
N GLY IC 48 72.09 84.77 14.22
CA GLY IC 48 72.30 85.46 12.97
C GLY IC 48 71.12 86.35 12.68
N ASP IC 49 71.01 86.79 11.42
CA ASP IC 49 69.77 87.40 10.97
C ASP IC 49 68.69 86.33 10.90
N VAL IC 50 67.43 86.78 10.96
CA VAL IC 50 66.31 85.85 11.02
C VAL IC 50 66.16 85.06 9.72
N SER IC 51 66.53 85.65 8.59
CA SER IC 51 66.52 84.93 7.32
C SER IC 51 67.65 83.92 7.25
N GLU IC 52 68.80 84.25 7.83
CA GLU IC 52 69.91 83.31 7.84
C GLU IC 52 69.67 82.19 8.85
N VAL IC 53 69.04 82.51 9.96
CA VAL IC 53 68.71 81.50 10.96
C VAL IC 53 67.65 80.54 10.42
N GLN IC 54 66.71 81.05 9.62
CA GLN IC 54 65.69 80.19 9.02
C GLN IC 54 66.28 79.25 7.98
N ALA IC 55 67.28 79.71 7.24
CA ALA IC 55 67.91 78.85 6.25
C ALA IC 55 68.84 77.84 6.93
N SER IC 56 69.38 78.18 8.09
CA SER IC 56 70.26 77.27 8.81
C SER IC 56 69.47 76.17 9.49
N VAL IC 57 68.36 76.52 10.15
CA VAL IC 57 67.59 75.55 10.92
C VAL IC 57 66.92 74.54 9.99
N SER IC 58 66.48 74.98 8.81
CA SER IC 58 65.91 74.06 7.84
C SER IC 58 66.98 73.16 7.23
N ALA IC 59 68.19 73.67 7.06
CA ALA IC 59 69.27 72.84 6.54
C ALA IC 59 69.84 71.93 7.60
N GLY IC 60 69.85 72.40 8.86
CA GLY IC 60 70.32 71.56 9.94
C GLY IC 60 69.35 70.45 10.30
N THR IC 61 68.07 70.65 10.00
CA THR IC 61 67.08 69.61 10.27
C THR IC 61 67.17 68.48 9.25
N GLU IC 62 67.42 68.83 7.98
CA GLU IC 62 67.50 67.82 6.93
C GLU IC 62 68.79 67.01 7.01
N SER IC 63 69.83 67.56 7.63
CA SER IC 63 71.11 66.86 7.70
C SER IC 63 71.16 65.85 8.84
N VAL IC 64 70.22 65.90 9.78
CA VAL IC 64 70.17 64.88 10.82
C VAL IC 64 69.61 63.59 10.26
N LYS IC 65 68.81 63.67 9.20
CA LYS IC 65 68.24 62.48 8.55
C LYS IC 65 69.31 61.60 7.90
N ARG IC 66 70.47 62.15 7.58
CA ARG IC 66 71.57 61.35 7.07
C ARG IC 66 72.37 60.69 8.19
N VAL IC 67 72.18 61.11 9.44
CA VAL IC 67 72.79 60.44 10.59
C VAL IC 67 71.88 59.30 11.02
N ASN IC 68 72.41 58.09 11.04
CA ASN IC 68 71.67 56.92 11.52
C ASN IC 68 71.85 56.82 13.03
N GLY IC 69 70.75 56.92 13.76
CA GLY IC 69 70.76 56.89 15.21
C GLY IC 69 70.44 58.22 15.87
N GLY IC 70 70.22 59.28 15.09
CA GLY IC 70 69.84 60.55 15.63
C GLY IC 70 68.61 61.10 14.93
N GLN IC 71 67.83 61.88 15.67
CA GLN IC 71 66.61 62.46 15.14
C GLN IC 71 66.42 63.84 15.73
N VAL IC 72 65.77 64.71 14.96
CA VAL IC 72 65.44 66.06 15.39
C VAL IC 72 64.22 65.97 16.30
N LEU IC 73 64.35 66.48 17.53
CA LEU IC 73 63.23 66.46 18.45
C LEU IC 73 62.42 67.74 18.35
N SER IC 74 63.09 68.89 18.31
CA SER IC 74 62.40 70.16 18.29
C SER IC 74 63.30 71.22 17.67
N THR IC 75 62.70 72.08 16.85
CA THR IC 75 63.38 73.24 16.31
C THR IC 75 62.54 74.48 16.61
N HIS IC 76 63.23 75.61 16.77
CA HIS IC 76 62.52 76.88 16.94
C HIS IC 76 63.42 78.01 16.51
N ILE IC 77 62.80 79.10 16.06
CA ILE IC 77 63.47 80.31 15.61
C ILE IC 77 62.75 81.49 16.25
N ILE IC 78 63.51 82.40 16.87
CA ILE IC 78 62.99 83.63 17.43
C ILE IC 78 63.64 84.79 16.70
N ALA IC 79 62.82 85.66 16.11
CA ALA IC 79 63.31 86.69 15.19
C ALA IC 79 64.12 87.75 15.92
N ARG IC 80 63.74 88.06 17.15
CA ARG IC 80 64.48 89.01 17.98
C ARG IC 80 64.18 88.67 19.43
N PRO IC 81 65.08 87.95 20.11
CA PRO IC 81 64.85 87.62 21.51
C PRO IC 81 64.95 88.84 22.40
N HIS IC 82 64.26 88.75 23.53
CA HIS IC 82 64.31 89.79 24.55
C HIS IC 82 65.70 89.84 25.18
N GLU IC 83 66.05 91.00 25.71
CA GLU IC 83 67.35 91.16 26.35
C GLU IC 83 67.42 90.44 27.69
N ASN IC 84 66.26 90.09 28.25
CA ASN IC 84 66.21 89.28 29.47
C ASN IC 84 66.72 87.87 29.24
N LEU IC 85 66.52 87.33 28.03
CA LEU IC 85 66.90 85.95 27.75
C LEU IC 85 68.40 85.78 27.61
N GLU IC 86 69.12 86.87 27.36
CA GLU IC 86 70.57 86.78 27.14
C GLU IC 86 71.30 86.46 28.44
N TYR IC 87 70.75 86.91 29.57
CA TYR IC 87 71.43 86.75 30.84
C TYR IC 87 71.03 85.45 31.53
N VAL IC 88 69.83 84.96 31.26
CA VAL IC 88 69.34 83.77 31.94
C VAL IC 88 69.63 82.52 31.12
N LEU IC 89 69.29 82.55 29.87
CA LEU IC 89 69.44 81.41 28.98
C LEU IC 89 70.77 81.49 28.23
N PRO IC 90 71.41 80.34 27.96
CA PRO IC 90 72.73 80.35 27.29
C PRO IC 90 72.62 80.51 25.77
N ILE IC 91 72.07 81.64 25.34
CA ILE IC 91 71.95 81.96 23.92
C ILE IC 91 72.79 83.17 23.54
N ARG IC 92 73.62 83.67 24.44
CA ARG IC 92 74.37 84.88 24.18
C ARG IC 92 75.68 84.57 23.45
N TYR IC 93 76.22 85.59 22.79
CA TYR IC 93 77.53 85.48 22.18
C TYR IC 93 78.61 85.40 23.25
N THR IC 94 79.41 84.35 23.21
CA THR IC 94 80.58 84.29 24.06
C THR IC 94 81.77 84.91 23.35
N GLU IC 95 82.81 85.23 24.13
CA GLU IC 95 83.98 85.88 23.56
C GLU IC 95 84.87 84.90 22.80
N GLU IC 96 84.62 83.60 22.93
CA GLU IC 96 85.37 82.63 22.16
C GLU IC 96 84.88 82.57 20.71
N VAL IC 97 83.63 82.97 20.47
CA VAL IC 97 83.01 82.86 19.16
C VAL IC 97 82.77 84.23 18.52
N GLU IC 98 83.39 85.28 19.06
CA GLU IC 98 83.18 86.62 18.50
C GLU IC 98 83.91 86.83 17.18
N GLN IC 99 84.84 85.93 16.84
CA GLN IC 99 85.52 86.02 15.55
C GLN IC 99 84.62 85.54 14.41
N PHE IC 100 83.58 84.76 14.72
CA PHE IC 100 82.66 84.25 13.72
C PHE IC 100 81.39 85.09 13.60
N ARG IC 101 81.29 86.19 14.34
CA ARG IC 101 80.10 87.02 14.29
C ARG IC 101 80.06 87.89 13.03
N MET JC 1 36.81 99.28 -3.72
CA MET JC 1 38.21 99.36 -4.12
C MET JC 1 38.75 100.76 -3.99
N GLN JC 2 40.07 100.87 -3.94
CA GLN JC 2 40.77 102.14 -3.97
C GLN JC 2 41.84 102.08 -5.04
N MET JC 3 42.16 103.24 -5.59
CA MET JC 3 43.29 103.34 -6.52
C MET JC 3 44.56 103.58 -5.72
N ALA JC 4 45.58 102.80 -6.01
CA ALA JC 4 46.84 102.88 -5.29
C ALA JC 4 47.99 102.75 -6.28
N LYS JC 5 49.12 103.33 -5.89
CA LYS JC 5 50.36 103.24 -6.65
C LYS JC 5 51.32 102.33 -5.91
N VAL JC 6 51.92 101.37 -6.62
CA VAL JC 6 52.88 100.45 -6.05
C VAL JC 6 54.16 101.23 -5.76
N CYS JC 7 54.47 101.41 -4.48
CA CYS JC 7 55.66 102.16 -4.10
C CYS JC 7 56.79 101.26 -3.63
N GLY JC 8 56.46 100.04 -3.23
CA GLY JC 8 57.53 99.14 -2.82
C GLY JC 8 57.02 97.79 -2.38
N THR JC 9 57.93 97.04 -1.77
CA THR JC 9 57.67 95.67 -1.32
C THR JC 9 57.95 95.57 0.17
N VAL JC 10 57.20 94.71 0.85
CA VAL JC 10 57.41 94.40 2.25
C VAL JC 10 57.72 92.92 2.35
N VAL JC 11 58.89 92.59 2.91
CA VAL JC 11 59.31 91.21 3.10
C VAL JC 11 59.34 90.94 4.60
N GLY JC 12 58.62 89.90 5.02
CA GLY JC 12 58.71 89.43 6.38
C GLY JC 12 59.00 87.95 6.41
N THR JC 13 60.05 87.55 7.13
CA THR JC 13 60.40 86.14 7.19
C THR JC 13 59.77 85.43 8.38
N GLN JC 14 59.61 86.12 9.50
CA GLN JC 14 58.94 85.57 10.67
C GLN JC 14 57.47 85.95 10.60
N LYS JC 15 56.64 85.01 10.17
CA LYS JC 15 55.25 85.29 9.88
C LYS JC 15 54.41 84.07 10.24
N LEU JC 16 53.12 84.16 9.95
CA LEU JC 16 52.24 83.02 10.13
C LEU JC 16 52.50 81.99 9.03
N PRO JC 17 52.24 80.70 9.30
CA PRO JC 17 52.41 79.69 8.25
C PRO JC 17 51.42 79.82 7.11
N SER JC 18 50.26 80.46 7.35
CA SER JC 18 49.32 80.70 6.28
C SER JC 18 49.67 81.95 5.48
N MET JC 19 50.68 82.70 5.90
CA MET JC 19 51.10 83.89 5.18
C MET JC 19 52.26 83.64 4.23
N THR JC 20 52.68 82.39 4.05
CA THR JC 20 53.81 82.12 3.16
C THR JC 20 53.33 82.02 1.72
N GLY JC 21 54.20 82.39 0.79
CA GLY JC 21 53.84 82.47 -0.61
C GLY JC 21 53.07 83.71 -1.00
N VAL JC 22 52.69 84.55 -0.05
CA VAL JC 22 51.92 85.75 -0.30
C VAL JC 22 52.87 86.89 -0.58
N LYS JC 23 52.79 87.46 -1.79
CA LYS JC 23 53.60 88.61 -2.16
C LYS JC 23 52.97 89.87 -1.61
N LEU JC 24 53.73 90.66 -0.87
CA LEU JC 24 53.23 91.82 -0.15
C LEU JC 24 53.79 93.09 -0.76
N LEU JC 25 52.91 93.92 -1.29
CA LEU JC 25 53.28 95.19 -1.90
C LEU JC 25 52.91 96.35 -1.00
N LEU JC 26 53.83 97.31 -0.91
CA LEU JC 26 53.57 98.57 -0.23
C LEU JC 26 52.95 99.51 -1.25
N LEU JC 27 51.67 99.82 -1.08
CA LEU JC 27 50.91 100.66 -1.99
C LEU JC 27 50.58 101.97 -1.32
N GLN JC 28 50.83 103.08 -2.00
CA GLN JC 28 50.39 104.39 -1.54
C GLN JC 28 49.11 104.75 -2.28
N PHE JC 29 48.11 105.19 -1.53
CA PHE JC 29 46.83 105.56 -2.12
C PHE JC 29 46.94 106.87 -2.88
N ILE JC 30 46.28 106.92 -4.03
CA ILE JC 30 46.23 108.10 -4.88
C ILE JC 30 44.78 108.55 -4.95
N ASP JC 31 44.58 109.86 -5.12
CA ASP JC 31 43.22 110.38 -5.15
C ASP JC 31 42.61 110.23 -6.54
N ALA JC 32 41.41 110.80 -6.71
CA ALA JC 32 40.75 110.76 -8.01
C ALA JC 32 41.44 111.69 -9.01
N ASN JC 33 42.18 112.69 -8.52
CA ASN JC 33 42.90 113.59 -9.41
C ASN JC 33 44.24 113.01 -9.83
N GLY JC 34 44.72 111.98 -9.14
CA GLY JC 34 45.98 111.35 -9.46
C GLY JC 34 47.14 111.69 -8.55
N GLU JC 35 46.92 112.53 -7.54
CA GLU JC 35 47.97 112.91 -6.60
C GLU JC 35 48.08 111.89 -5.48
N LEU JC 36 49.29 111.74 -4.94
CA LEU JC 36 49.53 110.75 -3.90
C LEU JC 36 48.97 111.24 -2.57
N LEU JC 37 48.11 110.42 -1.96
CA LEU JC 37 47.58 110.70 -0.64
C LEU JC 37 48.57 110.23 0.42
N PRO JC 38 48.60 110.88 1.60
CA PRO JC 38 49.45 110.39 2.71
C PRO JC 38 48.81 109.25 3.48
N LYS JC 39 48.50 108.17 2.77
CA LYS JC 39 47.87 106.98 3.33
C LYS JC 39 48.30 105.79 2.50
N TYR JC 40 48.67 104.71 3.17
CA TYR JC 40 49.24 103.56 2.50
C TYR JC 40 48.48 102.29 2.89
N GLU JC 41 48.94 101.18 2.30
CA GLU JC 41 48.41 99.85 2.58
C GLU JC 41 49.47 98.83 2.19
N VAL JC 42 49.45 97.68 2.86
CA VAL JC 42 50.20 96.51 2.44
C VAL JC 42 49.18 95.48 1.99
N ALA JC 43 49.30 95.03 0.74
CA ALA JC 43 48.30 94.17 0.15
C ALA JC 43 48.94 92.95 -0.47
N ALA JC 44 48.16 91.86 -0.50
CA ALA JC 44 48.53 90.69 -1.28
C ALA JC 44 48.39 91.01 -2.76
N ASP JC 45 49.25 90.38 -3.57
CA ASP JC 45 49.35 90.70 -5.00
C ASP JC 45 49.23 89.44 -5.83
N PRO JC 46 48.01 88.99 -6.14
CA PRO JC 46 47.88 87.86 -7.07
C PRO JC 46 48.07 88.27 -8.52
N VAL JC 47 47.62 89.47 -8.89
CA VAL JC 47 47.85 90.04 -10.21
C VAL JC 47 49.20 90.72 -10.17
N GLY JC 48 50.17 90.19 -10.92
CA GLY JC 48 51.57 90.55 -10.73
C GLY JC 48 51.85 91.99 -11.09
N ALA JC 49 52.09 92.82 -10.07
CA ALA JC 49 52.21 94.26 -10.23
C ALA JC 49 53.58 94.72 -9.75
N GLY JC 50 54.24 95.54 -10.55
CA GLY JC 50 55.56 96.04 -10.23
C GLY JC 50 55.52 97.50 -9.79
N LEU JC 51 56.71 98.02 -9.49
CA LEU JC 51 56.83 99.33 -8.86
C LEU JC 51 56.49 100.44 -9.83
N GLY JC 52 55.55 101.29 -9.42
CA GLY JC 52 55.08 102.38 -10.23
C GLY JC 52 53.71 102.18 -10.84
N GLU JC 53 53.18 100.96 -10.82
CA GLU JC 53 51.90 100.68 -11.46
C GLU JC 53 50.75 101.21 -10.63
N TRP JC 54 49.67 101.54 -11.31
CA TRP JC 54 48.40 101.90 -10.68
C TRP JC 54 47.57 100.63 -10.51
N VAL JC 55 47.12 100.37 -9.28
CA VAL JC 55 46.41 99.14 -8.99
C VAL JC 55 45.08 99.48 -8.32
N LEU JC 56 44.15 98.54 -8.41
CA LEU JC 56 42.94 98.55 -7.61
C LEU JC 56 43.13 97.59 -6.46
N VAL JC 57 42.95 98.09 -5.24
CA VAL JC 57 43.11 97.29 -4.03
C VAL JC 57 41.81 97.35 -3.23
N ASN JC 58 41.33 96.18 -2.81
CA ASN JC 58 40.15 96.13 -1.98
C ASN JC 58 40.56 96.04 -0.52
N ARG JC 59 39.57 96.09 0.37
CA ARG JC 59 39.84 96.05 1.80
C ARG JC 59 38.86 95.08 2.45
N GLY JC 60 39.32 94.44 3.52
CA GLY JC 60 38.45 93.63 4.34
C GLY JC 60 38.35 92.19 3.91
N SER JC 61 37.15 91.62 4.03
CA SER JC 61 36.93 90.21 3.72
C SER JC 61 36.88 89.93 2.23
N ALA JC 62 36.88 90.97 1.39
CA ALA JC 62 36.95 90.79 -0.05
C ALA JC 62 38.32 90.32 -0.50
N ALA JC 63 39.35 90.49 0.33
CA ALA JC 63 40.68 90.01 0.02
C ALA JC 63 40.80 88.50 0.10
N ARG JC 64 39.80 87.83 0.68
CA ARG JC 64 39.81 86.39 0.87
C ARG JC 64 38.86 85.66 -0.07
N GLN JC 65 38.60 86.22 -1.25
CA GLN JC 65 37.60 85.66 -2.16
C GLN JC 65 38.20 84.99 -3.39
N THR JC 66 39.52 85.06 -3.57
CA THR JC 66 40.15 84.58 -4.79
C THR JC 66 40.55 83.11 -4.74
N GLU JC 67 39.97 82.36 -3.79
CA GLU JC 67 40.00 80.90 -3.60
C GLU JC 67 41.39 80.32 -3.33
N TYR JC 68 42.44 81.14 -3.30
CA TYR JC 68 43.69 80.74 -2.68
C TYR JC 68 44.09 81.67 -1.55
N HIS JC 69 43.26 82.65 -1.22
CA HIS JC 69 43.43 83.51 -0.07
C HIS JC 69 42.34 83.29 0.97
N GLN JC 70 41.65 82.15 0.92
CA GLN JC 70 40.36 82.01 1.60
C GLN JC 70 40.51 81.94 3.11
N ASN JC 71 41.43 81.13 3.61
CA ASN JC 71 41.65 81.01 5.04
C ASN JC 71 42.94 81.70 5.46
N ARG JC 72 43.38 82.67 4.68
CA ARG JC 72 44.57 83.49 4.87
C ARG JC 72 44.22 84.78 5.58
N PRO JC 73 45.01 85.21 6.55
CA PRO JC 73 44.72 86.43 7.31
C PRO JC 73 45.06 87.71 6.53
N LEU JC 74 44.28 87.97 5.48
CA LEU JC 74 44.53 89.08 4.57
C LEU JC 74 43.34 90.02 4.59
N ASP JC 75 43.62 91.33 4.67
CA ASP JC 75 42.58 92.34 4.63
C ASP JC 75 42.81 93.37 3.53
N ALA JC 76 43.70 93.09 2.59
CA ALA JC 76 43.97 93.96 1.46
C ALA JC 76 44.56 93.14 0.34
N MET JC 77 44.10 93.39 -0.89
CA MET JC 77 44.51 92.58 -2.02
C MET JC 77 44.42 93.42 -3.29
N VAL JC 78 45.49 93.42 -4.07
CA VAL JC 78 45.45 93.98 -5.42
C VAL JC 78 44.57 93.09 -6.28
N VAL JC 79 43.47 93.64 -6.79
CA VAL JC 79 42.53 92.86 -7.58
C VAL JC 79 42.64 93.17 -9.08
N ALA JC 80 43.24 94.29 -9.45
CA ALA JC 80 43.34 94.69 -10.85
C ALA JC 80 44.50 95.64 -11.00
N ILE JC 81 45.21 95.50 -12.12
CA ILE JC 81 46.16 96.49 -12.57
C ILE JC 81 45.39 97.47 -13.45
N ILE JC 82 45.48 98.75 -13.12
CA ILE JC 82 44.68 99.76 -13.81
C ILE JC 82 45.28 100.02 -15.19
N ASP JC 83 44.47 99.84 -16.24
CA ASP JC 83 44.84 100.24 -17.58
C ASP JC 83 44.61 101.73 -17.79
N THR JC 84 43.39 102.19 -17.65
CA THR JC 84 43.08 103.59 -17.89
C THR JC 84 42.03 104.08 -16.91
N VAL JC 85 42.14 105.36 -16.54
CA VAL JC 85 41.15 106.05 -15.71
C VAL JC 85 40.62 107.22 -16.52
N THR JC 86 39.31 107.22 -16.75
CA THR JC 86 38.63 108.30 -17.46
C THR JC 86 37.80 109.05 -16.44
N VAL JC 87 38.04 110.36 -16.32
CA VAL JC 87 37.30 111.23 -15.42
C VAL JC 87 36.69 112.36 -16.24
N ASN JC 88 35.35 112.47 -16.19
CA ASN JC 88 34.58 113.48 -16.91
C ASN JC 88 34.84 113.41 -18.43
N ASN JC 89 34.82 112.18 -18.95
CA ASN JC 89 35.13 111.80 -20.33
C ASN JC 89 36.54 112.19 -20.78
N ARG JC 90 37.44 112.47 -19.83
CA ARG JC 90 38.82 112.81 -20.13
C ARG JC 90 39.72 111.74 -19.54
N ARG JC 91 40.65 111.23 -20.33
CA ARG JC 91 41.57 110.20 -19.87
C ARG JC 91 42.56 110.80 -18.88
N LEU JC 92 42.55 110.30 -17.65
CA LEU JC 92 43.46 110.76 -16.61
C LEU JC 92 44.70 109.89 -16.49
N TYR JC 93 44.59 108.60 -16.79
CA TYR JC 93 45.71 107.67 -16.70
C TYR JC 93 45.68 106.76 -17.92
N GLY JC 94 46.85 106.35 -18.38
CA GLY JC 94 46.97 105.42 -19.48
C GLY JC 94 47.09 106.11 -20.83
N ALA KC 2 55.70 87.52 48.76
CA ALA KC 2 56.57 88.39 47.99
C ALA KC 2 55.98 88.70 46.63
N VAL KC 3 56.84 89.13 45.70
CA VAL KC 3 56.44 89.37 44.32
C VAL KC 3 56.08 88.04 43.66
N ALA KC 4 55.06 88.05 42.80
CA ALA KC 4 54.49 86.82 42.26
C ALA KC 4 55.47 86.09 41.36
N VAL KC 5 55.37 84.76 41.34
CA VAL KC 5 56.28 83.90 40.60
C VAL KC 5 55.46 83.02 39.67
N GLY KC 6 55.87 82.94 38.41
CA GLY KC 6 55.24 82.07 37.44
C GLY KC 6 56.26 81.10 36.87
N MET KC 7 55.82 79.88 36.63
CA MET KC 7 56.68 78.82 36.13
C MET KC 7 56.00 78.14 34.95
N ILE KC 8 56.77 77.89 33.90
CA ILE KC 8 56.33 77.05 32.79
C ILE KC 8 57.36 75.95 32.62
N GLU KC 9 56.93 74.70 32.79
CA GLU KC 9 57.78 73.54 32.58
C GLU KC 9 57.46 72.92 31.23
N THR KC 10 58.48 72.83 30.38
CA THR KC 10 58.32 72.21 29.07
C THR KC 10 59.26 71.03 28.94
N LEU KC 11 58.92 70.14 28.02
CA LEU KC 11 59.77 69.02 27.63
C LEU KC 11 60.57 69.47 26.40
N GLY KC 12 61.79 69.91 26.62
CA GLY KC 12 62.62 70.39 25.53
C GLY KC 12 63.11 71.81 25.70
N PHE KC 13 64.33 72.07 25.23
CA PHE KC 13 64.96 73.38 25.29
C PHE KC 13 64.49 74.40 24.24
N PRO KC 14 64.18 74.04 22.98
CA PRO KC 14 63.54 75.06 22.13
C PRO KC 14 62.16 75.48 22.60
N ALA KC 15 61.43 74.62 23.31
CA ALA KC 15 60.12 75.01 23.82
C ALA KC 15 60.26 75.91 25.04
N VAL KC 16 61.34 75.78 25.79
CA VAL KC 16 61.46 76.56 27.02
C VAL KC 16 62.00 77.95 26.72
N VAL KC 17 62.68 78.12 25.58
CA VAL KC 17 63.15 79.44 25.19
C VAL KC 17 62.01 80.23 24.56
N GLU KC 18 61.14 79.55 23.83
CA GLU KC 18 59.92 80.20 23.34
C GLU KC 18 58.97 80.52 24.50
N ALA KC 19 58.93 79.66 25.52
CA ALA KC 19 58.17 79.99 26.72
C ALA KC 19 58.76 81.19 27.44
N ALA KC 20 60.09 81.24 27.55
CA ALA KC 20 60.74 82.36 28.21
C ALA KC 20 60.62 83.64 27.40
N ASP KC 21 60.64 83.52 26.07
CA ASP KC 21 60.57 84.70 25.22
C ASP KC 21 59.16 85.27 25.15
N ALA KC 22 58.14 84.41 25.11
CA ALA KC 22 56.77 84.90 25.03
C ALA KC 22 56.28 85.42 26.36
N MET KC 23 56.91 85.00 27.46
CA MET KC 23 56.49 85.50 28.77
C MET KC 23 56.92 86.93 28.98
N VAL KC 24 58.17 87.26 28.63
CA VAL KC 24 58.65 88.61 28.88
C VAL KC 24 58.23 89.56 27.75
N LYS KC 25 57.63 89.03 26.69
CA LYS KC 25 57.12 89.88 25.62
C LYS KC 25 55.63 90.14 25.76
N ALA KC 26 54.92 89.28 26.50
CA ALA KC 26 53.47 89.48 26.65
C ALA KC 26 53.16 90.49 27.74
N ALA KC 27 54.01 90.55 28.77
CA ALA KC 27 53.73 91.40 29.92
C ALA KC 27 55.04 91.87 30.53
N ARG KC 28 54.92 92.68 31.58
CA ARG KC 28 56.06 93.27 32.26
C ARG KC 28 56.49 92.35 33.40
N VAL KC 29 57.16 91.26 33.01
CA VAL KC 29 57.72 90.30 33.97
C VAL KC 29 59.22 90.26 33.79
N THR KC 30 59.90 89.70 34.78
CA THR KC 30 61.34 89.51 34.73
C THR KC 30 61.64 88.02 34.77
N LEU KC 31 62.17 87.50 33.68
CA LEU KC 31 62.71 86.14 33.66
C LEU KC 31 63.94 86.08 34.54
N VAL KC 32 63.83 85.32 35.64
CA VAL KC 32 64.91 85.27 36.62
C VAL KC 32 65.58 83.90 36.67
N GLY KC 33 64.95 82.86 36.17
CA GLY KC 33 65.38 81.52 36.49
C GLY KC 33 65.23 80.59 35.32
N TYR KC 34 65.99 79.51 35.36
CA TYR KC 34 66.05 78.50 34.31
C TYR KC 34 66.50 77.22 34.98
N GLU KC 35 65.58 76.26 35.08
CA GLU KC 35 65.75 75.14 36.00
C GLU KC 35 65.66 73.82 35.25
N LYS KC 36 66.72 73.03 35.34
CA LYS KC 36 66.77 71.69 34.77
C LYS KC 36 66.70 70.68 35.90
N ILE KC 37 65.75 69.76 35.81
CA ILE KC 37 65.54 68.74 36.83
C ILE KC 37 65.69 67.34 36.26
N GLY KC 38 66.17 67.21 35.03
CA GLY KC 38 66.34 65.92 34.40
C GLY KC 38 65.15 65.50 33.55
N THR KC 39 65.37 64.44 32.77
CA THR KC 39 64.49 63.92 31.72
C THR KC 39 63.99 64.99 30.76
N GLY KC 40 64.80 66.00 30.46
CA GLY KC 40 64.39 67.05 29.56
C GLY KC 40 63.37 68.03 30.10
N ARG KC 41 62.96 67.89 31.36
CA ARG KC 41 61.99 68.79 31.97
C ARG KC 41 62.70 70.07 32.35
N VAL KC 42 62.41 71.14 31.62
CA VAL KC 42 63.06 72.43 31.82
C VAL KC 42 62.01 73.45 32.23
N THR KC 43 62.31 74.23 33.27
CA THR KC 43 61.39 75.19 33.83
C THR KC 43 62.03 76.57 33.82
N VAL KC 44 61.37 77.54 33.19
CA VAL KC 44 61.73 78.95 33.31
C VAL KC 44 60.83 79.60 34.35
N ILE KC 45 61.40 80.53 35.10
CA ILE KC 45 60.77 81.17 36.23
C ILE KC 45 60.75 82.67 35.99
N VAL KC 46 59.56 83.26 36.01
CA VAL KC 46 59.43 84.71 35.87
C VAL KC 46 58.91 85.29 37.18
N ARG KC 47 59.27 86.54 37.43
CA ARG KC 47 58.76 87.30 38.56
C ARG KC 47 58.07 88.56 38.05
N GLY KC 48 57.13 89.06 38.83
CA GLY KC 48 56.44 90.29 38.46
C GLY KC 48 55.15 90.40 39.23
N ASP KC 49 54.36 91.40 38.86
CA ASP KC 49 53.05 91.57 39.46
C ASP KC 49 52.11 90.47 38.99
N VAL KC 50 51.02 90.28 39.74
CA VAL KC 50 50.12 89.16 39.50
C VAL KC 50 49.38 89.33 38.18
N SER KC 51 49.05 90.57 37.82
CA SER KC 51 48.47 90.83 36.51
C SER KC 51 49.47 90.57 35.39
N GLU KC 52 50.75 90.84 35.64
CA GLU KC 52 51.76 90.59 34.64
C GLU KC 52 52.06 89.10 34.50
N VAL KC 53 52.14 88.39 35.62
CA VAL KC 53 52.54 86.98 35.60
C VAL KC 53 51.43 86.11 35.03
N GLN KC 54 50.17 86.42 35.36
CA GLN KC 54 49.04 85.67 34.82
C GLN KC 54 48.91 85.85 33.31
N ALA KC 55 49.21 87.05 32.81
CA ALA KC 55 49.16 87.28 31.38
C ALA KC 55 50.33 86.61 30.67
N SER KC 56 51.49 86.56 31.34
CA SER KC 56 52.69 86.01 30.71
C SER KC 56 52.63 84.49 30.64
N VAL KC 57 52.19 83.85 31.73
CA VAL KC 57 52.15 82.39 31.78
C VAL KC 57 51.07 81.86 30.82
N SER KC 58 49.94 82.55 30.72
CA SER KC 58 48.88 82.12 29.82
C SER KC 58 49.27 82.33 28.36
N ALA KC 59 50.01 83.39 28.06
CA ALA KC 59 50.47 83.60 26.70
C ALA KC 59 51.70 82.76 26.40
N GLY KC 60 52.51 82.48 27.43
CA GLY KC 60 53.65 81.60 27.24
C GLY KC 60 53.27 80.15 27.05
N THR KC 61 52.10 79.75 27.56
CA THR KC 61 51.67 78.36 27.40
C THR KC 61 51.16 78.10 26.00
N GLU KC 62 50.44 79.07 25.42
CA GLU KC 62 49.90 78.87 24.08
C GLU KC 62 50.96 79.05 23.01
N SER KC 63 52.05 79.73 23.32
CA SER KC 63 53.11 79.92 22.34
C SER KC 63 53.98 78.69 22.18
N VAL KC 64 54.08 77.87 23.23
CA VAL KC 64 54.84 76.61 23.14
C VAL KC 64 54.16 75.62 22.20
N LYS KC 65 52.83 75.62 22.14
CA LYS KC 65 52.13 74.76 21.18
C LYS KC 65 51.99 75.46 19.82
N ARG KC 66 53.10 76.03 19.35
CA ARG KC 66 53.30 76.55 18.01
C ARG KC 66 54.72 76.18 17.62
N VAL KC 67 55.40 75.48 18.53
CA VAL KC 67 56.74 74.94 18.31
C VAL KC 67 56.59 73.47 17.99
N ASN KC 68 57.28 73.01 16.94
CA ASN KC 68 57.25 71.59 16.60
C ASN KC 68 58.11 70.83 17.61
N GLY KC 69 57.52 69.78 18.20
CA GLY KC 69 58.21 69.08 19.26
C GLY KC 69 58.14 69.76 20.61
N GLY KC 70 57.35 70.82 20.74
CA GLY KC 70 57.20 71.54 21.98
C GLY KC 70 55.98 71.06 22.74
N GLN KC 71 56.16 70.83 24.03
CA GLN KC 71 55.12 70.30 24.88
C GLN KC 71 55.21 70.94 26.27
N VAL KC 72 54.11 71.52 26.72
CA VAL KC 72 54.02 72.09 28.07
C VAL KC 72 53.72 70.94 29.02
N LEU KC 73 54.57 70.75 30.02
CA LEU KC 73 54.32 69.73 31.03
C LEU KC 73 53.48 70.28 32.17
N SER KC 74 53.88 71.41 32.74
CA SER KC 74 53.19 71.96 33.88
C SER KC 74 53.43 73.46 33.96
N THR KC 75 52.37 74.20 34.27
CA THR KC 75 52.44 75.64 34.50
C THR KC 75 51.84 75.94 35.86
N HIS KC 76 52.36 76.98 36.51
CA HIS KC 76 51.76 77.44 37.75
C HIS KC 76 52.11 78.89 37.99
N ILE KC 77 51.21 79.58 38.70
CA ILE KC 77 51.42 80.95 39.17
C ILE KC 77 51.18 80.96 40.67
N ILE KC 78 52.14 81.46 41.42
CA ILE KC 78 51.98 81.71 42.86
C ILE KC 78 51.97 83.22 43.05
N ALA KC 79 50.80 83.75 43.41
CA ALA KC 79 50.60 85.20 43.42
C ALA KC 79 51.34 85.87 44.56
N ARG KC 80 51.50 85.16 45.68
CA ARG KC 80 52.15 85.74 46.86
C ARG KC 80 52.98 84.64 47.50
N PRO KC 81 54.20 84.41 47.02
CA PRO KC 81 55.05 83.39 47.63
C PRO KC 81 55.62 83.86 48.95
N HIS KC 82 55.79 82.90 49.86
CA HIS KC 82 56.41 83.15 51.14
C HIS KC 82 57.86 83.54 50.94
N GLU KC 83 58.37 84.39 51.84
CA GLU KC 83 59.76 84.82 51.76
C GLU KC 83 60.76 83.73 52.13
N ASN KC 84 60.28 82.59 52.64
CA ASN KC 84 61.14 81.42 52.83
C ASN KC 84 61.59 80.83 51.51
N LEU KC 85 60.78 80.96 50.45
CA LEU KC 85 61.00 80.22 49.22
C LEU KC 85 62.14 80.77 48.39
N GLU KC 86 62.42 82.08 48.49
CA GLU KC 86 63.46 82.68 47.67
C GLU KC 86 64.85 82.24 48.13
N TYR KC 87 64.99 81.84 49.39
CA TYR KC 87 66.29 81.45 49.90
C TYR KC 87 66.57 79.97 49.63
N VAL KC 88 65.52 79.19 49.37
CA VAL KC 88 65.71 77.75 49.13
C VAL KC 88 65.55 77.44 47.65
N LEU KC 89 64.51 77.94 47.04
CA LEU KC 89 64.23 77.63 45.65
C LEU KC 89 64.86 78.67 44.74
N PRO KC 90 65.28 78.28 43.53
CA PRO KC 90 65.88 79.25 42.59
C PRO KC 90 64.85 80.10 41.85
N ILE KC 91 64.07 80.87 42.60
CA ILE KC 91 63.07 81.76 42.06
C ILE KC 91 63.37 83.22 42.36
N ARG KC 92 64.56 83.52 42.86
CA ARG KC 92 64.85 84.87 43.32
C ARG KC 92 65.52 85.69 42.23
N TYR KC 93 65.49 87.00 42.42
CA TYR KC 93 66.17 87.93 41.52
C TYR KC 93 67.68 87.81 41.69
N THR KC 94 68.36 87.47 40.62
CA THR KC 94 69.81 87.52 40.61
C THR KC 94 70.27 88.90 40.13
N GLU KC 95 71.57 89.17 40.28
CA GLU KC 95 72.11 90.48 39.89
C GLU KC 95 72.17 90.61 38.37
N GLU KC 96 72.11 89.49 37.66
CA GLU KC 96 72.04 89.51 36.19
C GLU KC 96 70.77 90.19 35.69
N VAL KC 97 69.68 90.10 36.45
CA VAL KC 97 68.37 90.52 35.98
C VAL KC 97 67.79 91.66 36.82
N GLU KC 98 68.63 92.40 37.54
CA GLU KC 98 68.12 93.54 38.30
C GLU KC 98 67.85 94.75 37.43
N GLN KC 99 68.34 94.76 36.19
CA GLN KC 99 68.05 95.87 35.29
C GLN KC 99 66.65 95.75 34.69
N PHE KC 100 66.07 94.55 34.70
CA PHE KC 100 64.76 94.32 34.13
C PHE KC 100 63.64 94.36 35.15
N ARG KC 101 63.95 94.51 36.43
CA ARG KC 101 62.92 94.52 37.47
C ARG KC 101 62.17 95.85 37.49
N ALA LC 2 65.66 64.82 66.67
CA ALA LC 2 65.78 66.26 66.48
C ALA LC 2 64.44 66.87 66.09
N VAL LC 3 64.50 68.09 65.54
CA VAL LC 3 63.32 68.74 64.99
C VAL LC 3 62.84 67.94 63.78
N ALA LC 4 61.52 67.76 63.67
CA ALA LC 4 60.93 66.81 62.71
C ALA LC 4 61.17 67.24 61.27
N VAL LC 5 61.20 66.26 60.37
CA VAL LC 5 61.48 66.46 58.96
C VAL LC 5 60.24 66.07 58.17
N GLY LC 6 59.82 66.92 57.26
CA GLY LC 6 58.79 66.56 56.28
C GLY LC 6 59.32 66.74 54.88
N MET LC 7 59.10 65.73 54.05
CA MET LC 7 59.56 65.73 52.68
C MET LC 7 58.39 65.45 51.76
N ILE LC 8 58.25 66.25 50.71
CA ILE LC 8 57.31 65.97 49.63
C ILE LC 8 58.12 65.87 48.34
N GLU LC 9 58.03 64.72 47.69
CA GLU LC 9 58.65 64.52 46.39
C GLU LC 9 57.59 64.61 45.30
N THR LC 10 57.81 65.50 44.34
CA THR LC 10 56.90 65.66 43.22
C THR LC 10 57.64 65.39 41.92
N LEU LC 11 56.85 65.12 40.88
CA LEU LC 11 57.36 65.02 39.52
C LEU LC 11 57.17 66.38 38.87
N GLY LC 12 58.24 67.17 38.83
CA GLY LC 12 58.15 68.49 38.23
C GLY LC 12 58.47 69.62 39.18
N PHE LC 13 59.08 70.67 38.65
CA PHE LC 13 59.43 71.86 39.42
C PHE LC 13 58.29 72.83 39.73
N PRO LC 14 57.30 73.09 38.83
CA PRO LC 14 56.16 73.90 39.28
C PRO LC 14 55.32 73.24 40.37
N ALA LC 15 55.31 71.91 40.44
CA ALA LC 15 54.56 71.24 41.49
C ALA LC 15 55.29 71.30 42.83
N VAL LC 16 56.61 71.48 42.79
CA VAL LC 16 57.38 71.42 44.04
C VAL LC 16 57.47 72.81 44.66
N VAL LC 17 57.23 73.86 43.87
CA VAL LC 17 57.20 75.21 44.43
C VAL LC 17 55.83 75.48 45.04
N GLU LC 18 54.78 74.94 44.42
CA GLU LC 18 53.44 75.04 44.99
C GLU LC 18 53.31 74.17 46.23
N ALA LC 19 54.00 73.02 46.26
CA ALA LC 19 54.03 72.21 47.47
C ALA LC 19 54.79 72.92 48.58
N ALA LC 20 55.90 73.57 48.25
CA ALA LC 20 56.69 74.25 49.26
C ALA LC 20 55.99 75.53 49.74
N ASP LC 21 55.26 76.20 48.86
CA ASP LC 21 54.55 77.41 49.27
C ASP LC 21 53.32 77.08 50.11
N ALA LC 22 52.70 75.93 49.87
CA ALA LC 22 51.56 75.53 50.67
C ALA LC 22 52.00 75.06 52.05
N MET LC 23 53.22 74.54 52.17
CA MET LC 23 53.67 73.99 53.44
C MET LC 23 53.98 75.10 54.44
N VAL LC 24 54.68 76.14 54.01
CA VAL LC 24 55.11 77.16 54.95
C VAL LC 24 53.98 78.14 55.25
N LYS LC 25 52.91 78.11 54.48
CA LYS LC 25 51.73 78.91 54.80
C LYS LC 25 50.79 78.16 55.72
N ALA LC 26 50.79 76.83 55.66
CA ALA LC 26 49.81 76.05 56.42
C ALA LC 26 50.19 75.95 57.89
N ALA LC 27 51.49 75.91 58.19
CA ALA LC 27 51.93 75.69 59.56
C ALA LC 27 53.23 76.42 59.81
N ARG LC 28 53.75 76.26 61.03
CA ARG LC 28 54.99 76.91 61.45
C ARG LC 28 56.17 75.98 61.15
N VAL LC 29 56.35 75.69 59.87
CA VAL LC 29 57.49 74.91 59.42
C VAL LC 29 58.44 75.83 58.68
N THR LC 30 59.70 75.42 58.62
CA THR LC 30 60.72 76.15 57.88
C THR LC 30 61.14 75.29 56.70
N LEU LC 31 60.92 75.79 55.49
CA LEU LC 31 61.48 75.18 54.30
C LEU LC 31 62.99 75.36 54.33
N VAL LC 32 63.73 74.26 54.44
CA VAL LC 32 65.18 74.32 54.56
C VAL LC 32 65.90 73.70 53.38
N GLY LC 33 65.25 72.88 52.59
CA GLY LC 33 65.96 72.00 51.67
C GLY LC 33 65.27 71.91 50.33
N TYR LC 34 66.06 71.51 49.33
CA TYR LC 34 65.60 71.43 47.96
C TYR LC 34 66.52 70.44 47.26
N GLU LC 35 65.98 69.32 46.82
CA GLU LC 35 66.81 68.22 46.36
C GLU LC 35 66.33 67.71 45.01
N LYS LC 36 67.27 67.55 44.08
CA LYS LC 36 67.02 66.96 42.77
C LYS LC 36 67.79 65.65 42.70
N ILE LC 37 67.10 64.57 42.35
CA ILE LC 37 67.70 63.25 42.29
C ILE LC 37 67.59 62.63 40.90
N GLY LC 38 67.06 63.37 39.93
CA GLY LC 38 66.94 62.88 38.57
C GLY LC 38 65.55 62.43 38.21
N THR LC 39 65.33 62.27 36.91
CA THR LC 39 64.04 62.01 36.25
C THR LC 39 62.91 62.92 36.71
N GLY LC 40 63.21 64.18 36.99
CA GLY LC 40 62.19 65.11 37.41
C GLY LC 40 61.68 64.91 38.81
N ARG LC 41 62.30 64.04 39.60
CA ARG LC 41 61.90 63.81 40.98
C ARG LC 41 62.55 64.88 41.85
N VAL LC 42 61.75 65.83 42.31
CA VAL LC 42 62.22 66.98 43.05
C VAL LC 42 61.60 66.94 44.45
N THR LC 43 62.43 67.18 45.47
CA THR LC 43 62.02 67.05 46.85
C THR LC 43 62.27 68.36 47.58
N VAL LC 44 61.27 68.84 48.31
CA VAL LC 44 61.42 69.94 49.26
C VAL LC 44 61.31 69.40 50.67
N ILE LC 45 62.08 69.99 51.59
CA ILE LC 45 62.25 69.50 52.94
C ILE LC 45 61.89 70.61 53.91
N VAL LC 46 60.93 70.34 54.79
CA VAL LC 46 60.55 71.29 55.83
C VAL LC 46 60.98 70.76 57.19
N ARG LC 47 61.26 71.67 58.11
CA ARG LC 47 61.56 71.35 59.49
C ARG LC 47 60.59 72.07 60.41
N GLY LC 48 60.19 71.40 61.48
CA GLY LC 48 59.32 72.02 62.46
C GLY LC 48 58.92 71.01 63.50
N ASP LC 49 57.95 71.39 64.32
CA ASP LC 49 57.33 70.44 65.23
C ASP LC 49 56.53 69.42 64.43
N VAL LC 50 56.39 68.22 64.99
CA VAL LC 50 55.80 67.10 64.26
C VAL LC 50 54.32 67.35 63.94
N SER LC 51 53.61 68.07 64.80
CA SER LC 51 52.23 68.44 64.50
C SER LC 51 52.18 69.49 63.38
N GLU LC 52 53.14 70.40 63.37
CA GLU LC 52 53.20 71.39 62.30
C GLU LC 52 53.71 70.77 61.01
N VAL LC 53 54.62 69.80 61.11
CA VAL LC 53 55.15 69.16 59.92
C VAL LC 53 54.09 68.27 59.28
N GLN LC 54 53.28 67.59 60.09
CA GLN LC 54 52.19 66.77 59.57
C GLN LC 54 51.11 67.63 58.93
N ALA LC 55 50.82 68.79 59.51
CA ALA LC 55 49.78 69.66 58.96
C ALA LC 55 50.24 70.32 57.67
N SER LC 56 51.54 70.56 57.54
CA SER LC 56 52.05 71.22 56.33
C SER LC 56 52.19 70.24 55.18
N VAL LC 57 52.73 69.04 55.45
CA VAL LC 57 52.96 68.05 54.41
C VAL LC 57 51.64 67.55 53.83
N SER LC 58 50.61 67.45 54.67
CA SER LC 58 49.28 67.10 54.18
C SER LC 58 48.69 68.22 53.35
N ALA LC 59 48.97 69.47 53.71
CA ALA LC 59 48.45 70.60 52.94
C ALA LC 59 49.28 70.85 51.69
N GLY LC 60 50.56 70.52 51.72
CA GLY LC 60 51.38 70.64 50.52
C GLY LC 60 51.11 69.55 49.50
N THR LC 61 50.56 68.42 49.95
CA THR LC 61 50.19 67.35 49.02
C THR LC 61 48.90 67.70 48.27
N GLU LC 62 47.95 68.32 48.97
CA GLU LC 62 46.67 68.66 48.35
C GLU LC 62 46.79 69.80 47.37
N SER LC 63 47.82 70.64 47.51
CA SER LC 63 47.97 71.80 46.65
C SER LC 63 48.66 71.47 45.33
N VAL LC 64 49.26 70.29 45.21
CA VAL LC 64 49.85 69.89 43.94
C VAL LC 64 48.75 69.57 42.92
N LYS LC 65 47.56 69.20 43.38
CA LYS LC 65 46.43 68.98 42.48
C LYS LC 65 45.93 70.29 41.87
N ARG LC 66 46.27 71.44 42.46
CA ARG LC 66 46.02 72.71 41.80
C ARG LC 66 46.88 72.87 40.56
N VAL LC 67 48.10 72.32 40.59
CA VAL LC 67 49.00 72.42 39.45
C VAL LC 67 48.56 71.42 38.38
N ASN LC 68 48.32 71.91 37.18
CA ASN LC 68 48.07 71.04 36.05
C ASN LC 68 49.37 70.36 35.64
N GLY LC 69 49.35 69.04 35.55
CA GLY LC 69 50.58 68.32 35.26
C GLY LC 69 51.48 68.15 36.45
N GLY LC 70 51.00 68.42 37.65
CA GLY LC 70 51.75 68.19 38.88
C GLY LC 70 51.31 66.90 39.53
N GLN LC 71 52.29 66.19 40.09
CA GLN LC 71 52.05 64.86 40.65
C GLN LC 71 52.98 64.62 41.82
N VAL LC 72 52.40 64.29 42.97
CA VAL LC 72 53.16 63.92 44.17
C VAL LC 72 53.59 62.46 44.02
N LEU LC 73 54.89 62.22 44.10
CA LEU LC 73 55.39 60.85 44.02
C LEU LC 73 55.46 60.21 45.39
N SER LC 74 56.02 60.91 46.37
CA SER LC 74 56.23 60.33 47.69
C SER LC 74 56.28 61.43 48.73
N THR LC 75 55.60 61.19 49.85
CA THR LC 75 55.68 62.06 51.02
C THR LC 75 56.09 61.23 52.22
N HIS LC 76 56.81 61.87 53.14
CA HIS LC 76 57.18 61.20 54.38
C HIS LC 76 57.44 62.24 55.46
N ILE LC 77 57.14 61.85 56.69
CA ILE LC 77 57.39 62.67 57.88
C ILE LC 77 58.19 61.82 58.86
N ILE LC 78 59.33 62.34 59.29
CA ILE LC 78 60.13 61.74 60.35
C ILE LC 78 59.99 62.61 61.58
N ALA LC 79 59.42 62.05 62.65
CA ALA LC 79 59.04 62.84 63.82
C ALA LC 79 60.25 63.26 64.64
N ARG LC 80 61.28 62.44 64.69
CA ARG LC 80 62.46 62.72 65.50
C ARG LC 80 63.66 62.12 64.79
N PRO LC 81 64.24 62.85 63.84
CA PRO LC 81 65.38 62.30 63.10
C PRO LC 81 66.64 62.30 63.95
N HIS LC 82 67.50 61.34 63.65
CA HIS LC 82 68.80 61.26 64.32
C HIS LC 82 69.67 62.43 63.92
N GLU LC 83 70.59 62.80 64.81
CA GLU LC 83 71.49 63.92 64.56
C GLU LC 83 72.56 63.61 63.53
N ASN LC 84 72.73 62.33 63.17
CA ASN LC 84 73.62 61.96 62.07
C ASN LC 84 73.08 62.40 60.72
N LEU LC 85 71.76 62.58 60.61
CA LEU LC 85 71.14 62.81 59.31
C LEU LC 85 71.36 64.22 58.79
N GLU LC 86 71.54 65.19 59.68
CA GLU LC 86 71.67 66.58 59.24
C GLU LC 86 73.06 66.87 58.70
N TYR LC 87 74.04 66.01 59.02
CA TYR LC 87 75.39 66.25 58.54
C TYR LC 87 75.66 65.54 57.22
N VAL LC 88 74.78 64.62 56.83
CA VAL LC 88 74.93 63.95 55.55
C VAL LC 88 73.86 64.38 54.57
N LEU LC 89 72.62 64.25 54.97
CA LEU LC 89 71.49 64.57 54.10
C LEU LC 89 71.17 66.06 54.18
N PRO LC 90 70.71 66.67 53.09
CA PRO LC 90 70.36 68.11 53.09
C PRO LC 90 69.01 68.40 53.74
N ILE LC 91 68.89 68.08 55.02
CA ILE LC 91 67.71 68.37 55.82
C ILE LC 91 68.00 69.36 56.93
N ARG LC 92 69.19 69.92 56.98
CA ARG LC 92 69.58 70.75 58.10
C ARG LC 92 69.21 72.21 57.87
N TYR LC 93 69.16 72.96 58.96
CA TYR LC 93 68.98 74.40 58.87
C TYR LC 93 70.25 75.06 58.36
N THR LC 94 70.16 75.66 57.19
CA THR LC 94 71.23 76.50 56.68
C THR LC 94 71.12 77.89 57.31
N GLU LC 95 72.18 78.69 57.15
CA GLU LC 95 72.21 80.00 57.79
C GLU LC 95 71.32 81.00 57.08
N GLU LC 96 70.92 80.72 55.84
CA GLU LC 96 70.07 81.64 55.11
C GLU LC 96 68.62 81.53 55.55
N VAL LC 97 68.23 80.41 56.15
CA VAL LC 97 66.85 80.18 56.55
C VAL LC 97 66.68 80.27 58.07
N GLU LC 98 67.65 80.84 58.78
CA GLU LC 98 67.55 80.96 60.22
C GLU LC 98 66.61 82.08 60.65
N GLN LC 99 66.22 82.96 59.73
CA GLN LC 99 65.25 83.99 60.06
C GLN LC 99 63.82 83.45 60.11
N PHE LC 100 63.60 82.25 59.56
CA PHE LC 100 62.27 81.66 59.52
C PHE LC 100 62.07 80.56 60.54
N ARG LC 101 63.06 80.27 61.35
CA ARG LC 101 62.94 79.20 62.34
C ARG LC 101 62.07 79.62 63.52
N ALA MC 2 36.29 101.18 43.50
CA ALA MC 2 37.68 101.35 43.92
C ALA MC 2 38.47 100.08 43.66
N VAL MC 3 38.75 99.33 44.71
CA VAL MC 3 39.38 98.02 44.56
C VAL MC 3 38.33 97.01 44.16
N ALA MC 4 38.78 95.88 43.61
CA ALA MC 4 37.85 94.85 43.15
C ALA MC 4 37.20 94.13 44.32
N VAL MC 5 36.14 93.39 44.02
CA VAL MC 5 35.44 92.59 45.01
C VAL MC 5 35.30 91.17 44.48
N GLY MC 6 35.60 90.19 45.30
CA GLY MC 6 35.41 88.80 44.94
C GLY MC 6 34.62 88.09 46.01
N MET MC 7 33.77 87.16 45.57
CA MET MC 7 32.88 86.43 46.47
C MET MC 7 33.00 84.95 46.19
N ILE MC 8 33.02 84.15 47.25
CA ILE MC 8 32.90 82.70 47.15
C ILE MC 8 31.75 82.30 48.06
N GLU MC 9 30.72 81.68 47.49
CA GLU MC 9 29.62 81.14 48.26
C GLU MC 9 29.79 79.64 48.42
N THR MC 10 29.87 79.18 49.66
CA THR MC 10 29.97 77.77 49.96
C THR MC 10 28.71 77.30 50.67
N LEU MC 11 28.51 75.99 50.67
CA LEU MC 11 27.46 75.35 51.45
C LEU MC 11 28.11 74.86 52.74
N GLY MC 12 27.90 75.59 53.82
CA GLY MC 12 28.50 75.20 55.09
C GLY MC 12 29.53 76.19 55.60
N PHE MC 13 29.59 76.34 56.91
CA PHE MC 13 30.55 77.22 57.57
C PHE MC 13 32.00 76.69 57.66
N PRO MC 14 32.28 75.39 57.88
CA PRO MC 14 33.69 74.97 57.78
C PRO MC 14 34.28 75.11 56.40
N ALA MC 15 33.48 75.07 55.34
CA ALA MC 15 34.00 75.27 54.00
C ALA MC 15 34.27 76.73 53.72
N VAL MC 16 33.52 77.63 54.36
CA VAL MC 16 33.66 79.05 54.03
C VAL MC 16 34.81 79.67 54.81
N VAL MC 17 35.26 79.00 55.88
CA VAL MC 17 36.43 79.48 56.61
C VAL MC 17 37.71 79.00 55.92
N GLU MC 18 37.68 77.78 55.38
CA GLU MC 18 38.79 77.29 54.58
C GLU MC 18 38.91 78.06 53.27
N ALA MC 19 37.76 78.45 52.69
CA ALA MC 19 37.79 79.29 51.50
C ALA MC 19 38.34 80.68 51.82
N ALA MC 20 37.92 81.26 52.94
CA ALA MC 20 38.40 82.59 53.31
C ALA MC 20 39.87 82.56 53.72
N ASP MC 21 40.31 81.47 54.33
CA ASP MC 21 41.72 81.36 54.71
C ASP MC 21 42.61 81.13 53.50
N ALA MC 22 42.10 80.44 52.48
CA ALA MC 22 42.89 80.22 51.28
C ALA MC 22 42.96 81.47 50.42
N MET MC 23 41.97 82.36 50.55
CA MET MC 23 41.96 83.58 49.74
C MET MC 23 43.01 84.57 50.21
N VAL MC 24 43.08 84.79 51.52
CA VAL MC 24 43.97 85.83 52.04
C VAL MC 24 45.40 85.31 52.14
N LYS MC 25 45.61 83.99 51.97
CA LYS MC 25 46.95 83.46 51.89
C LYS MC 25 47.47 83.46 50.46
N ALA MC 26 46.58 83.36 49.48
CA ALA MC 26 47.01 83.23 48.09
C ALA MC 26 47.52 84.54 47.54
N ALA MC 27 46.84 85.65 47.83
CA ALA MC 27 47.17 86.92 47.22
C ALA MC 27 46.95 88.04 48.22
N ARG MC 28 47.23 89.26 47.79
CA ARG MC 28 47.12 90.45 48.64
C ARG MC 28 45.69 90.98 48.58
N VAL MC 29 44.78 90.19 49.15
CA VAL MC 29 43.39 90.59 49.29
C VAL MC 29 43.08 90.73 50.77
N THR MC 30 42.06 91.51 51.07
CA THR MC 30 41.56 91.70 52.42
C THR MC 30 40.18 91.07 52.52
N LEU MC 31 40.04 90.07 53.37
CA LEU MC 31 38.73 89.55 53.73
C LEU MC 31 38.00 90.62 54.53
N VAL MC 32 36.89 91.11 53.98
CA VAL MC 32 36.17 92.21 54.61
C VAL MC 32 34.78 91.81 55.06
N GLY MC 33 34.22 90.72 54.55
CA GLY MC 33 32.80 90.49 54.68
C GLY MC 33 32.48 89.03 54.88
N TYR MC 34 31.25 88.79 55.31
CA TYR MC 34 30.79 87.47 55.71
C TYR MC 34 29.27 87.51 55.70
N GLU MC 35 28.66 86.74 54.81
CA GLU MC 35 27.23 86.89 54.54
C GLU MC 35 26.53 85.54 54.59
N LYS MC 36 25.39 85.52 55.28
CA LYS MC 36 24.52 84.35 55.36
C LYS MC 36 23.16 84.72 54.80
N ILE MC 37 22.67 83.91 53.86
CA ILE MC 37 21.42 84.19 53.17
C ILE MC 37 20.40 83.08 53.37
N GLY MC 38 20.72 82.06 54.14
CA GLY MC 38 19.84 80.93 54.33
C GLY MC 38 20.20 79.74 53.46
N THR MC 39 19.55 78.61 53.76
CA THR MC 39 19.87 77.27 53.27
C THR MC 39 21.35 76.91 53.37
N GLY MC 40 22.02 77.37 54.42
CA GLY MC 40 23.44 77.09 54.60
C GLY MC 40 24.37 77.76 53.63
N ARG MC 41 23.87 78.67 52.79
CA ARG MC 41 24.68 79.33 51.79
C ARG MC 41 25.40 80.51 52.44
N VAL MC 42 26.71 80.37 52.58
CA VAL MC 42 27.54 81.34 53.28
C VAL MC 42 28.54 81.92 52.29
N THR MC 43 28.68 83.24 52.30
CA THR MC 43 29.54 83.94 51.34
C THR MC 43 30.59 84.74 52.10
N VAL MC 44 31.84 84.66 51.64
CA VAL MC 44 32.91 85.53 52.12
C VAL MC 44 33.32 86.48 51.00
N ILE MC 45 33.60 87.72 51.37
CA ILE MC 45 33.86 88.81 50.43
C ILE MC 45 35.28 89.30 50.64
N VAL MC 46 36.07 89.29 49.59
CA VAL MC 46 37.43 89.83 49.63
C VAL MC 46 37.50 91.07 48.78
N ARG MC 47 38.35 92.00 49.18
CA ARG MC 47 38.64 93.20 48.40
C ARG MC 47 40.12 93.23 48.05
N GLY MC 48 40.45 93.84 46.93
CA GLY MC 48 41.83 93.94 46.51
C GLY MC 48 41.91 94.34 45.06
N ASP MC 49 43.10 94.24 44.50
CA ASP MC 49 43.25 94.41 43.07
C ASP MC 49 42.61 93.23 42.35
N VAL MC 50 42.19 93.46 41.09
CA VAL MC 50 41.42 92.46 40.36
C VAL MC 50 42.28 91.24 40.01
N SER MC 51 43.59 91.43 39.83
CA SER MC 51 44.49 90.31 39.62
C SER MC 51 44.67 89.51 40.91
N GLU MC 52 44.73 90.20 42.05
CA GLU MC 52 44.86 89.51 43.33
C GLU MC 52 43.55 88.84 43.72
N VAL MC 53 42.42 89.46 43.37
CA VAL MC 53 41.13 88.86 43.69
C VAL MC 53 40.90 87.62 42.83
N GLN MC 54 41.37 87.64 41.58
CA GLN MC 54 41.24 86.47 40.71
C GLN MC 54 42.11 85.32 41.17
N ALA MC 55 43.28 85.62 41.71
CA ALA MC 55 44.16 84.57 42.20
C ALA MC 55 43.67 84.00 43.52
N SER MC 56 43.00 84.82 44.33
CA SER MC 56 42.51 84.35 45.61
C SER MC 56 41.24 83.53 45.46
N VAL MC 57 40.34 83.95 44.58
CA VAL MC 57 39.07 83.25 44.37
C VAL MC 57 39.31 81.88 43.74
N SER MC 58 40.29 81.78 42.85
CA SER MC 58 40.63 80.51 42.24
C SER MC 58 41.28 79.56 43.25
N ALA MC 59 42.00 80.11 44.23
CA ALA MC 59 42.61 79.27 45.26
C ALA MC 59 41.62 78.92 46.35
N GLY MC 60 40.68 79.83 46.62
CA GLY MC 60 39.65 79.53 47.61
C GLY MC 60 38.61 78.55 47.11
N THR MC 61 38.45 78.44 45.79
CA THR MC 61 37.55 77.45 45.23
C THR MC 61 38.15 76.05 45.32
N GLU MC 62 39.46 75.94 45.09
CA GLU MC 62 40.12 74.65 45.13
C GLU MC 62 40.26 74.10 46.55
N SER MC 63 40.24 74.98 47.55
CA SER MC 63 40.45 74.54 48.92
C SER MC 63 39.18 74.01 49.58
N VAL MC 64 38.02 74.26 48.99
CA VAL MC 64 36.80 73.68 49.53
C VAL MC 64 36.71 72.20 49.16
N LYS MC 65 37.40 71.79 48.09
CA LYS MC 65 37.44 70.39 47.70
C LYS MC 65 38.16 69.50 48.71
N ARG MC 66 39.02 70.07 49.54
CA ARG MC 66 39.65 69.30 50.61
C ARG MC 66 38.80 69.26 51.88
N VAL MC 67 37.77 70.08 51.97
CA VAL MC 67 36.86 70.05 53.12
C VAL MC 67 35.83 68.94 52.89
N ASN MC 68 35.73 68.03 53.85
CA ASN MC 68 34.75 66.94 53.79
C ASN MC 68 33.38 67.52 54.15
N GLY MC 69 32.47 67.52 53.18
CA GLY MC 69 31.14 68.08 53.38
C GLY MC 69 30.98 69.51 52.94
N GLY MC 70 31.95 70.07 52.22
CA GLY MC 70 31.84 71.42 51.73
C GLY MC 70 31.74 71.45 50.22
N GLN MC 71 31.13 72.53 49.72
CA GLN MC 71 30.83 72.63 48.30
C GLN MC 71 30.71 74.09 47.91
N VAL MC 72 31.49 74.48 46.91
CA VAL MC 72 31.40 75.82 46.33
C VAL MC 72 30.12 75.89 45.51
N LEU MC 73 29.25 76.83 45.84
CA LEU MC 73 28.01 76.99 45.08
C LEU MC 73 28.17 78.04 43.99
N SER MC 74 28.80 79.17 44.32
CA SER MC 74 28.91 80.27 43.38
C SER MC 74 30.12 81.12 43.72
N THR MC 75 30.86 81.49 42.68
CA THR MC 75 31.96 82.43 42.81
C THR MC 75 31.76 83.54 41.79
N HIS MC 76 32.20 84.75 42.15
CA HIS MC 76 32.16 85.86 41.22
C HIS MC 76 33.22 86.89 41.59
N ILE MC 77 33.67 87.62 40.57
CA ILE MC 77 34.67 88.67 40.70
C ILE MC 77 34.17 89.88 39.92
N ILE MC 78 34.16 91.04 40.56
CA ILE MC 78 33.83 92.31 39.91
C ILE MC 78 35.06 93.19 39.98
N ALA MC 79 35.53 93.64 38.81
CA ALA MC 79 36.83 94.30 38.71
C ALA MC 79 36.83 95.66 39.38
N ARG MC 80 35.70 96.38 39.29
CA ARG MC 80 35.54 97.66 39.97
C ARG MC 80 34.05 97.85 40.24
N PRO MC 81 33.59 97.57 41.46
CA PRO MC 81 32.17 97.76 41.77
C PRO MC 81 31.80 99.24 41.79
N HIS MC 82 30.51 99.48 41.60
CA HIS MC 82 29.97 100.82 41.68
C HIS MC 82 30.01 101.34 43.10
N GLU MC 83 30.03 102.66 43.25
CA GLU MC 83 30.04 103.25 44.58
C GLU MC 83 28.67 103.14 45.27
N ASN MC 84 27.63 102.82 44.50
CA ASN MC 84 26.31 102.55 45.07
C ASN MC 84 26.32 101.25 45.89
N LEU MC 85 27.13 100.27 45.48
CA LEU MC 85 27.07 98.94 46.10
C LEU MC 85 27.70 98.93 47.48
N GLU MC 86 28.56 99.90 47.80
CA GLU MC 86 29.23 99.90 49.09
C GLU MC 86 28.27 100.26 50.22
N TYR MC 87 27.24 101.04 49.90
CA TYR MC 87 26.33 101.52 50.94
C TYR MC 87 25.15 100.57 51.13
N VAL MC 88 24.85 99.75 50.12
CA VAL MC 88 23.71 98.85 50.21
C VAL MC 88 24.15 97.44 50.56
N LEU MC 89 25.11 96.94 49.84
CA LEU MC 89 25.62 95.59 50.01
C LEU MC 89 26.81 95.57 50.96
N PRO MC 90 26.97 94.51 51.76
CA PRO MC 90 28.07 94.45 52.75
C PRO MC 90 29.39 94.01 52.14
N ILE MC 91 29.89 94.80 51.19
CA ILE MC 91 31.17 94.56 50.52
C ILE MC 91 32.20 95.61 50.85
N ARG MC 92 31.90 96.55 51.75
CA ARG MC 92 32.81 97.64 52.03
C ARG MC 92 33.80 97.26 53.12
N TYR MC 93 34.89 98.04 53.19
CA TYR MC 93 35.87 97.87 54.25
C TYR MC 93 35.27 98.33 55.58
N THR MC 94 35.38 97.48 56.59
CA THR MC 94 34.96 97.86 57.93
C THR MC 94 36.13 98.47 58.69
N GLU MC 95 35.84 98.89 59.93
CA GLU MC 95 36.86 99.57 60.74
C GLU MC 95 37.92 98.60 61.25
N GLU MC 96 37.56 97.33 61.43
CA GLU MC 96 38.50 96.39 62.04
C GLU MC 96 39.46 95.80 61.00
N VAL MC 97 39.10 95.85 59.73
CA VAL MC 97 39.90 95.24 58.68
C VAL MC 97 40.81 96.26 57.99
N GLU MC 98 40.93 97.46 58.55
CA GLU MC 98 41.78 98.49 57.95
C GLU MC 98 43.26 98.20 58.12
N GLN MC 99 43.62 97.33 59.07
CA GLN MC 99 45.03 96.97 59.24
C GLN MC 99 45.52 96.03 58.14
N PHE MC 100 44.61 95.31 57.49
CA PHE MC 100 44.96 94.36 56.45
C PHE MC 100 44.82 94.92 55.05
N ARG MC 101 44.43 96.19 54.91
CA ARG MC 101 44.23 96.78 53.59
C ARG MC 101 45.57 97.14 52.94
N MET NC 1 46.81 95.03 5.04
CA MET NC 1 47.67 95.13 6.22
C MET NC 1 48.21 96.53 6.41
N GLN NC 2 48.67 96.81 7.62
CA GLN NC 2 49.34 98.05 7.94
C GLN NC 2 50.66 97.73 8.62
N MET NC 3 51.63 98.62 8.42
CA MET NC 3 52.90 98.52 9.14
C MET NC 3 52.76 99.24 10.48
N ALA NC 4 53.20 98.59 11.53
CA ALA NC 4 53.12 99.16 12.87
C ALA NC 4 54.39 98.83 13.65
N LYS NC 5 54.64 99.65 14.65
CA LYS NC 5 55.76 99.46 15.57
C LYS NC 5 55.22 99.05 16.93
N VAL NC 6 55.83 98.02 17.52
CA VAL NC 6 55.41 97.54 18.83
C VAL NC 6 55.85 98.57 19.87
N CYS NC 7 54.88 99.26 20.47
CA CYS NC 7 55.23 100.26 21.47
C CYS NC 7 54.95 99.77 22.89
N GLY NC 8 54.20 98.69 23.04
CA GLY NC 8 54.00 98.16 24.36
C GLY NC 8 52.98 97.04 24.41
N THR NC 9 52.60 96.70 25.64
CA THR NC 9 51.69 95.60 25.92
C THR NC 9 50.48 96.11 26.68
N VAL NC 10 49.33 95.48 26.45
CA VAL NC 10 48.10 95.76 27.16
C VAL NC 10 47.67 94.47 27.85
N VAL NC 11 47.49 94.54 29.17
CA VAL NC 11 47.09 93.39 29.96
C VAL NC 11 45.74 93.68 30.58
N GLY NC 12 44.78 92.80 30.34
CA GLY NC 12 43.50 92.87 31.02
C GLY NC 12 43.19 91.54 31.68
N THR NC 13 42.81 91.56 32.94
CA THR NC 13 42.48 90.32 33.63
C THR NC 13 40.99 90.02 33.62
N GLN NC 14 40.14 91.04 33.71
CA GLN NC 14 38.70 90.89 33.62
C GLN NC 14 38.32 91.01 32.15
N LYS NC 15 38.05 89.88 31.51
CA LYS NC 15 37.82 89.84 30.08
C LYS NC 15 36.86 88.71 29.76
N LEU NC 16 36.59 88.52 28.48
CA LEU NC 16 35.79 87.40 28.02
C LEU NC 16 36.59 86.10 28.16
N PRO NC 17 35.90 84.97 28.37
CA PRO NC 17 36.62 83.68 28.46
C PRO NC 17 37.25 83.23 27.16
N SER NC 18 36.79 83.76 26.02
CA SER NC 18 37.42 83.44 24.75
C SER NC 18 38.61 84.35 24.47
N MET NC 19 38.86 85.34 25.33
CA MET NC 19 40.01 86.21 25.15
C MET NC 19 41.22 85.79 25.98
N THR NC 20 41.16 84.67 26.67
CA THR NC 20 42.29 84.25 27.49
C THR NC 20 43.34 83.55 26.64
N GLY NC 21 44.60 83.68 27.06
CA GLY NC 21 45.71 83.19 26.28
C GLY NC 21 46.13 84.07 25.12
N VAL NC 22 45.40 85.15 24.85
CA VAL NC 22 45.66 86.04 23.73
C VAL NC 22 46.61 87.12 24.20
N LYS NC 23 47.79 87.19 23.58
CA LYS NC 23 48.77 88.21 23.89
C LYS NC 23 48.41 89.49 23.14
N LEU NC 24 48.24 90.59 23.87
CA LEU NC 24 47.77 91.84 23.33
C LEU NC 24 48.90 92.85 23.29
N LEU NC 25 49.26 93.30 22.10
CA LEU NC 25 50.32 94.26 21.90
C LEU NC 25 49.74 95.62 21.53
N LEU NC 26 50.27 96.66 22.16
CA LEU NC 26 49.97 98.04 21.81
C LEU NC 26 50.91 98.43 20.66
N LEU NC 27 50.34 98.69 19.49
CA LEU NC 27 51.10 98.93 18.28
C LEU NC 27 50.79 100.32 17.77
N GLN NC 28 51.82 101.10 17.48
CA GLN NC 28 51.64 102.40 16.84
C GLN NC 28 51.91 102.27 15.35
N PHE NC 29 50.99 102.78 14.54
CA PHE NC 29 51.15 102.70 13.10
C PHE NC 29 52.23 103.64 12.62
N ILE NC 30 53.02 103.17 11.67
CA ILE NC 30 54.07 103.94 11.02
C ILE NC 30 53.67 104.15 9.58
N ASP NC 31 54.12 105.24 8.98
CA ASP NC 31 53.72 105.53 7.61
C ASP NC 31 54.60 104.76 6.61
N ALA NC 32 54.38 105.02 5.32
CA ALA NC 32 55.19 104.39 4.29
C ALA NC 32 56.60 104.96 4.26
N ASN NC 33 56.80 106.16 4.83
CA ASN NC 33 58.13 106.75 4.85
C ASN NC 33 58.92 106.34 6.09
N GLY NC 34 58.24 105.82 7.12
CA GLY NC 34 58.90 105.31 8.29
C GLY NC 34 58.64 106.04 9.60
N GLU NC 35 57.92 107.16 9.57
CA GLU NC 35 57.65 107.94 10.77
C GLU NC 35 56.38 107.44 11.47
N LEU NC 36 56.31 107.69 12.77
CA LEU NC 36 55.19 107.21 13.57
C LEU NC 36 53.96 108.08 13.33
N LEU NC 37 52.85 107.44 13.02
CA LEU NC 37 51.58 108.12 12.86
C LEU NC 37 50.89 108.27 14.22
N PRO NC 38 50.07 109.32 14.41
CA PRO NC 38 49.29 109.44 15.65
C PRO NC 38 48.04 108.56 15.62
N LYS NC 39 48.25 107.25 15.51
CA LYS NC 39 47.19 106.27 15.42
C LYS NC 39 47.74 104.94 15.90
N TYR NC 40 46.97 104.24 16.71
CA TYR NC 40 47.43 103.03 17.34
C TYR NC 40 46.45 101.89 17.10
N GLU NC 41 46.81 100.72 17.61
CA GLU NC 41 45.99 99.53 17.56
C GLU NC 41 46.41 98.61 18.69
N VAL NC 42 45.47 97.82 19.19
CA VAL NC 42 45.77 96.71 20.07
C VAL NC 42 45.44 95.44 19.30
N ALA NC 43 46.44 94.58 19.11
CA ALA NC 43 46.28 93.41 18.27
C ALA NC 43 46.74 92.16 18.99
N ALA NC 44 46.16 91.03 18.58
CA ALA NC 44 46.67 89.74 19.00
C ALA NC 44 48.00 89.46 18.33
N ASP NC 45 48.86 88.72 19.03
CA ASP NC 45 50.23 88.47 18.59
C ASP NC 45 50.51 86.97 18.59
N PRO NC 46 50.14 86.27 17.51
CA PRO NC 46 50.56 84.86 17.39
C PRO NC 46 52.02 84.73 16.97
N VAL NC 47 52.49 85.60 16.10
CA VAL NC 47 53.89 85.67 15.71
C VAL NC 47 54.61 86.49 16.77
N GLY NC 48 55.49 85.83 17.52
CA GLY NC 48 55.99 86.42 18.76
C GLY NC 48 56.85 87.65 18.52
N ALA NC 49 56.32 88.82 18.85
CA ALA NC 49 56.94 90.10 18.53
C ALA NC 49 57.14 90.90 19.81
N GLY NC 50 58.31 91.51 19.94
CA GLY NC 50 58.66 92.27 21.12
C GLY NC 50 58.74 93.77 20.83
N LEU NC 51 59.06 94.50 21.89
CA LEU NC 51 59.01 95.96 21.87
C LEU NC 51 60.04 96.55 20.93
N GLY NC 52 59.56 97.37 19.99
CA GLY NC 52 60.40 98.03 19.02
C GLY NC 52 60.36 97.44 17.62
N GLU NC 53 59.80 96.24 17.46
CA GLU NC 53 59.80 95.59 16.17
C GLU NC 53 58.77 96.21 15.23
N TRP NC 54 59.00 96.01 13.94
CA TRP NC 54 58.07 96.41 12.90
C TRP NC 54 57.22 95.19 12.52
N VAL NC 55 55.91 95.34 12.58
CA VAL NC 55 55.00 94.23 12.34
C VAL NC 55 54.02 94.60 11.26
N LEU NC 56 53.45 93.57 10.63
CA LEU NC 56 52.31 93.73 9.74
C LEU NC 56 51.05 93.38 10.49
N VAL NC 57 50.06 94.27 10.46
CA VAL NC 57 48.84 94.15 11.24
C VAL NC 57 47.66 94.15 10.28
N ASN NC 58 46.86 93.09 10.31
CA ASN NC 58 45.61 93.12 9.58
C ASN NC 58 44.50 93.57 10.53
N ARG NC 59 43.32 93.83 9.97
CA ARG NC 59 42.18 94.17 10.81
C ARG NC 59 40.93 93.53 10.25
N GLY NC 60 39.89 93.50 11.08
CA GLY NC 60 38.62 92.96 10.68
C GLY NC 60 38.51 91.47 10.94
N SER NC 61 37.79 90.78 10.07
CA SER NC 61 37.60 89.34 10.20
C SER NC 61 38.80 88.53 9.73
N ALA NC 62 39.83 89.20 9.20
CA ALA NC 62 41.06 88.52 8.84
C ALA NC 62 41.89 88.14 10.06
N ALA NC 63 41.63 88.78 11.21
CA ALA NC 63 42.28 88.41 12.45
C ALA NC 63 41.82 87.05 12.97
N ARG NC 64 40.70 86.54 12.47
CA ARG NC 64 40.12 85.28 12.92
C ARG NC 64 40.35 84.15 11.94
N GLN NC 65 41.43 84.19 11.16
CA GLN NC 65 41.68 83.21 10.12
C GLN NC 65 42.77 82.20 10.46
N THR NC 66 43.46 82.37 11.59
CA THR NC 66 44.62 81.54 11.91
C THR NC 66 44.26 80.27 12.68
N GLU NC 67 43.02 79.81 12.54
CA GLU NC 67 42.44 78.52 12.95
C GLU NC 67 42.48 78.27 14.46
N TYR NC 68 42.96 79.21 15.25
CA TYR NC 68 42.76 79.18 16.68
C TYR NC 68 42.28 80.52 17.23
N HIS NC 69 42.19 81.54 16.37
CA HIS NC 69 41.52 82.79 16.68
C HIS NC 69 40.12 82.85 16.08
N GLN NC 70 39.54 81.70 15.74
CA GLN NC 70 38.39 81.65 14.84
C GLN NC 70 37.13 82.19 15.48
N ASN NC 71 36.84 81.77 16.72
CA ASN NC 71 35.63 82.20 17.40
C ASN NC 71 35.95 83.20 18.51
N ARG NC 72 37.11 83.83 18.43
CA ARG NC 72 37.61 84.83 19.37
C ARG NC 72 37.23 86.22 18.90
N PRO NC 73 36.83 87.11 19.80
CA PRO NC 73 36.41 88.48 19.40
C PRO NC 73 37.60 89.40 19.13
N LEU NC 74 38.34 89.08 18.07
CA LEU NC 74 39.54 89.80 17.71
C LEU NC 74 39.32 90.49 16.37
N ASP NC 75 39.71 91.76 16.28
CA ASP NC 75 39.61 92.51 15.04
C ASP NC 75 40.95 93.11 14.61
N ALA NC 76 42.06 92.61 15.16
CA ALA NC 76 43.39 93.04 14.79
C ALA NC 76 44.36 91.96 15.21
N MET NC 77 45.36 91.70 14.36
CA MET NC 77 46.29 90.60 14.59
C MET NC 77 47.61 90.91 13.90
N VAL NC 78 48.71 90.68 14.61
CA VAL NC 78 50.02 90.70 13.96
C VAL NC 78 50.15 89.43 13.13
N VAL NC 79 50.32 89.59 11.82
CA VAL NC 79 50.46 88.45 10.93
C VAL NC 79 51.91 88.19 10.53
N ALA NC 80 52.79 89.17 10.65
CA ALA NC 80 54.16 89.02 10.22
C ALA NC 80 55.02 90.00 10.99
N ILE NC 81 56.26 89.60 11.23
CA ILE NC 81 57.30 90.52 11.68
C ILE NC 81 58.07 90.97 10.45
N ILE NC 82 58.18 92.28 10.27
CA ILE NC 82 58.77 92.83 9.06
C ILE NC 82 60.27 92.64 9.09
N ASP NC 83 60.80 91.99 8.06
CA ASP NC 83 62.24 91.87 7.87
C ASP NC 83 62.80 93.05 7.09
N THR NC 84 62.23 93.35 5.93
CA THR NC 84 62.77 94.37 5.04
C THR NC 84 61.62 95.13 4.39
N VAL NC 85 61.71 96.46 4.41
CA VAL NC 85 60.85 97.32 3.60
C VAL NC 85 61.73 97.98 2.56
N THR NC 86 61.44 97.71 1.29
CA THR NC 86 62.15 98.33 0.17
C THR NC 86 61.18 99.27 -0.52
N VAL NC 87 61.51 100.56 -0.56
CA VAL NC 87 60.68 101.57 -1.22
C VAL NC 87 61.51 102.20 -2.34
N ASN NC 88 60.96 102.14 -3.57
CA ASN NC 88 61.59 102.69 -4.78
C ASN NC 88 62.98 102.09 -5.01
N ASN NC 89 63.07 100.77 -4.86
CA ASN NC 89 64.29 99.95 -4.93
C ASN NC 89 65.34 100.35 -3.90
N ARG NC 90 64.97 101.09 -2.86
CA ARG NC 90 65.87 101.49 -1.79
C ARG NC 90 65.36 100.89 -0.48
N ARG NC 91 66.25 100.26 0.26
CA ARG NC 91 65.88 99.63 1.53
C ARG NC 91 65.57 100.70 2.57
N LEU NC 92 64.32 100.69 3.05
CA LEU NC 92 63.88 101.59 4.11
C LEU NC 92 64.11 101.00 5.50
N TYR NC 93 63.89 99.70 5.67
CA TYR NC 93 64.01 99.03 6.95
C TYR NC 93 64.75 97.72 6.75
N GLY NC 94 65.55 97.36 7.75
CA GLY NC 94 66.30 96.11 7.70
C GLY NC 94 67.73 96.28 7.25
N ALA OC 2 113.52 -1.09 15.84
CA ALA OC 2 114.22 0.01 16.50
C ALA OC 2 113.41 0.55 17.67
N VAL OC 3 113.72 1.78 18.07
CA VAL OC 3 112.98 2.47 19.12
C VAL OC 3 111.57 2.77 18.62
N ALA OC 4 110.58 2.67 19.51
CA ALA OC 4 109.18 2.73 19.11
C ALA OC 4 108.80 4.11 18.58
N VAL OC 5 107.85 4.12 17.65
CA VAL OC 5 107.41 5.34 16.98
C VAL OC 5 105.91 5.48 17.16
N GLY OC 6 105.47 6.67 17.54
CA GLY OC 6 104.05 6.98 17.66
C GLY OC 6 103.69 8.15 16.77
N MET OC 7 102.52 8.09 16.17
CA MET OC 7 102.05 9.12 15.25
C MET OC 7 100.65 9.52 15.64
N ILE OC 8 100.39 10.82 15.64
CA ILE OC 8 99.03 11.35 15.77
C ILE OC 8 98.79 12.26 14.57
N GLU OC 9 97.80 11.91 13.76
CA GLU OC 9 97.40 12.73 12.62
C GLU OC 9 96.15 13.50 12.98
N THR OC 10 96.23 14.83 12.88
CA THR OC 10 95.10 15.69 13.15
C THR OC 10 94.76 16.50 11.91
N LEU OC 11 93.52 16.98 11.86
CA LEU OC 11 93.07 17.92 10.86
C LEU OC 11 93.21 19.32 11.44
N GLY OC 12 94.30 19.99 11.11
CA GLY OC 12 94.55 21.32 11.64
C GLY OC 12 95.85 21.46 12.39
N PHE OC 13 96.47 22.63 12.27
CA PHE OC 13 97.73 22.95 12.94
C PHE OC 13 97.62 23.30 14.43
N PRO OC 14 96.59 24.00 14.93
CA PRO OC 14 96.49 24.11 16.40
C PRO OC 14 96.23 22.78 17.09
N ALA OC 15 95.60 21.82 16.43
CA ALA OC 15 95.38 20.52 17.03
C ALA OC 15 96.66 19.69 17.05
N VAL OC 16 97.55 19.92 16.08
CA VAL OC 16 98.74 19.08 15.99
C VAL OC 16 99.83 19.60 16.94
N VAL OC 17 99.75 20.87 17.32
CA VAL OC 17 100.70 21.40 18.29
C VAL OC 17 100.28 21.01 19.70
N GLU OC 18 98.97 20.95 19.96
CA GLU OC 18 98.48 20.40 21.21
C GLU OC 18 98.75 18.90 21.30
N ALA OC 19 98.65 18.19 20.18
CA ALA OC 19 99.04 16.79 20.15
C ALA OC 19 100.52 16.62 20.42
N ALA OC 20 101.36 17.46 19.82
CA ALA OC 20 102.80 17.36 20.03
C ALA OC 20 103.19 17.79 21.44
N ASP OC 21 102.47 18.77 22.00
CA ASP OC 21 102.80 19.25 23.34
C ASP OC 21 102.36 18.28 24.42
N ALA OC 22 101.18 17.67 24.24
CA ALA OC 22 100.69 16.75 25.26
C ALA OC 22 101.43 15.41 25.21
N MET OC 23 102.03 15.08 24.07
CA MET OC 23 102.77 13.83 23.97
C MET OC 23 104.08 13.90 24.74
N VAL OC 24 104.83 14.99 24.60
CA VAL OC 24 106.12 15.07 25.27
C VAL OC 24 105.96 15.53 26.71
N LYS OC 25 104.75 15.89 27.12
CA LYS OC 25 104.51 16.25 28.51
C LYS OC 25 103.93 15.09 29.31
N ALA OC 26 103.30 14.13 28.63
CA ALA OC 26 102.70 13.00 29.34
C ALA OC 26 103.73 11.94 29.68
N ALA OC 27 104.76 11.79 28.85
CA ALA OC 27 105.72 10.72 29.02
C ALA OC 27 107.07 11.17 28.47
N ARG OC 28 108.06 10.30 28.61
CA ARG OC 28 109.43 10.57 28.20
C ARG OC 28 109.61 10.11 26.76
N VAL OC 29 109.08 10.92 25.84
CA VAL OC 29 109.22 10.68 24.41
C VAL OC 29 109.95 11.87 23.81
N THR OC 30 110.44 11.67 22.59
CA THR OC 30 111.10 12.73 21.82
C THR OC 30 110.29 13.00 20.57
N LEU OC 31 109.71 14.19 20.49
CA LEU OC 31 109.09 14.66 19.26
C LEU OC 31 110.18 14.88 18.22
N VAL OC 32 110.16 14.08 17.15
CA VAL OC 32 111.20 14.13 16.15
C VAL OC 32 110.69 14.64 14.80
N GLY OC 33 109.40 14.61 14.56
CA GLY OC 33 108.90 14.77 13.21
C GLY OC 33 107.62 15.56 13.17
N TYR OC 34 107.35 16.12 12.00
CA TYR OC 34 106.20 16.98 11.76
C TYR OC 34 105.91 16.89 10.27
N GLU OC 35 104.82 16.23 9.92
CA GLU OC 35 104.60 15.77 8.56
C GLU OC 35 103.31 16.32 7.99
N LYS OC 36 103.42 17.02 6.87
CA LYS OC 36 102.28 17.56 6.14
C LYS OC 36 102.11 16.76 4.86
N ILE OC 37 100.93 16.21 4.65
CA ILE OC 37 100.62 15.41 3.47
C ILE OC 37 99.49 16.00 2.65
N GLY OC 38 99.08 17.23 2.95
CA GLY OC 38 98.01 17.87 2.22
C GLY OC 38 96.65 17.68 2.88
N THR OC 39 95.69 18.46 2.38
CA THR OC 39 94.33 18.63 2.91
C THR OC 39 94.29 18.90 4.41
N GLY OC 40 95.28 19.60 4.96
CA GLY OC 40 95.31 19.88 6.38
C GLY OC 40 95.63 18.73 7.28
N ARG OC 41 95.93 17.56 6.72
CA ARG OC 41 96.29 16.39 7.52
C ARG OC 41 97.73 16.52 7.96
N VAL OC 42 97.92 16.78 9.25
CA VAL OC 42 99.24 17.02 9.82
C VAL OC 42 99.54 15.94 10.84
N THR OC 43 100.73 15.36 10.76
CA THR OC 43 101.14 14.26 11.62
C THR OC 43 102.41 14.64 12.36
N VAL OC 44 102.38 14.56 13.68
CA VAL OC 44 103.58 14.64 14.51
C VAL OC 44 104.02 13.24 14.87
N ILE OC 45 105.33 13.05 14.93
CA ILE OC 45 105.96 11.74 15.13
C ILE OC 45 106.83 11.82 16.37
N VAL OC 46 106.57 10.94 17.33
CA VAL OC 46 107.39 10.86 18.54
C VAL OC 46 108.12 9.53 18.55
N ARG OC 47 109.29 9.53 19.18
CA ARG OC 47 110.07 8.32 19.41
C ARG OC 47 110.27 8.13 20.91
N GLY OC 48 110.44 6.88 21.32
CA GLY OC 48 110.69 6.59 22.71
C GLY OC 48 110.43 5.14 23.00
N ASP OC 49 110.49 4.78 24.28
CA ASP OC 49 110.17 3.43 24.70
C ASP OC 49 108.67 3.18 24.53
N VAL OC 50 108.31 1.89 24.49
CA VAL OC 50 106.94 1.49 24.18
C VAL OC 50 105.98 1.92 25.29
N SER OC 51 106.44 1.87 26.54
CA SER OC 51 105.64 2.38 27.65
C SER OC 51 105.48 3.88 27.56
N GLU OC 52 106.50 4.59 27.08
CA GLU OC 52 106.41 6.04 26.94
C GLU OC 52 105.51 6.42 25.77
N VAL OC 53 105.64 5.72 24.65
CA VAL OC 53 104.93 6.10 23.43
C VAL OC 53 103.44 5.79 23.56
N GLN OC 54 103.10 4.65 24.19
CA GLN OC 54 101.70 4.29 24.40
C GLN OC 54 101.01 5.27 25.35
N ALA OC 55 101.73 5.76 26.36
CA ALA OC 55 101.15 6.74 27.26
C ALA OC 55 101.01 8.10 26.60
N SER OC 56 101.96 8.44 25.72
CA SER OC 56 101.94 9.75 25.09
C SER OC 56 100.87 9.86 24.01
N VAL OC 57 100.72 8.81 23.19
CA VAL OC 57 99.75 8.83 22.10
C VAL OC 57 98.33 8.79 22.65
N SER OC 58 98.11 8.03 23.74
CA SER OC 58 96.79 7.95 24.34
C SER OC 58 96.42 9.25 25.05
N ALA OC 59 97.39 9.92 25.66
CA ALA OC 59 97.11 11.21 26.29
C ALA OC 59 97.11 12.33 25.26
N GLY OC 60 97.87 12.18 24.19
CA GLY OC 60 97.84 13.16 23.12
C GLY OC 60 96.55 13.12 22.31
N THR OC 61 95.89 11.96 22.26
CA THR OC 61 94.65 11.86 21.51
C THR OC 61 93.49 12.52 22.25
N GLU OC 62 93.45 12.37 23.58
CA GLU OC 62 92.36 12.95 24.33
C GLU OC 62 92.54 14.45 24.54
N SER OC 63 93.77 14.94 24.40
CA SER OC 63 94.01 16.37 24.57
C SER OC 63 93.59 17.17 23.34
N VAL OC 64 93.62 16.54 22.15
CA VAL OC 64 93.16 17.20 20.94
C VAL OC 64 91.67 17.47 20.96
N LYS OC 65 90.89 16.59 21.59
CA LYS OC 65 89.45 16.83 21.74
C LYS OC 65 89.16 17.65 22.99
N ARG OC 66 89.94 18.72 23.16
CA ARG OC 66 89.73 19.79 24.12
C ARG OC 66 90.08 21.09 23.41
N VAL OC 67 90.45 20.96 22.14
CA VAL OC 67 90.73 22.09 21.25
C VAL OC 67 89.50 22.30 20.38
N ASN OC 68 89.06 23.56 20.26
CA ASN OC 68 87.94 23.86 19.38
C ASN OC 68 88.41 23.78 17.93
N GLY OC 69 87.68 23.02 17.12
CA GLY OC 69 88.11 22.79 15.77
C GLY OC 69 89.19 21.74 15.63
N GLY OC 70 89.52 21.03 16.70
CA GLY OC 70 90.53 20.00 16.69
C GLY OC 70 89.89 18.63 16.49
N GLN OC 71 90.49 17.85 15.60
CA GLN OC 71 89.96 16.54 15.24
C GLN OC 71 91.12 15.58 14.99
N VAL OC 72 91.11 14.46 15.68
CA VAL OC 72 92.10 13.41 15.46
C VAL OC 72 91.64 12.58 14.28
N LEU OC 73 92.49 12.48 13.25
CA LEU OC 73 92.17 11.64 12.11
C LEU OC 73 92.62 10.21 12.32
N SER OC 74 93.88 10.01 12.69
CA SER OC 74 94.42 8.67 12.84
C SER OC 74 95.60 8.70 13.80
N THR OC 75 95.64 7.70 14.68
CA THR OC 75 96.76 7.50 15.60
C THR OC 75 97.29 6.09 15.42
N HIS OC 76 98.59 5.93 15.62
CA HIS OC 76 99.18 4.59 15.61
C HIS OC 76 100.46 4.58 16.42
N ILE OC 77 100.77 3.41 16.98
CA ILE OC 77 102.02 3.13 17.67
C ILE OC 77 102.63 1.89 17.03
N ILE OC 78 103.88 2.00 16.60
CA ILE OC 78 104.66 0.86 16.14
C ILE OC 78 105.76 0.62 17.17
N ALA OC 79 105.63 -0.48 17.91
CA ALA OC 79 106.49 -0.72 19.06
C ALA OC 79 107.92 -1.06 18.66
N ARG OC 80 108.08 -1.70 17.52
CA ARG OC 80 109.41 -2.12 17.06
C ARG OC 80 109.46 -1.93 15.56
N PRO OC 81 109.75 -0.71 15.09
CA PRO OC 81 109.83 -0.49 13.64
C PRO OC 81 111.11 -1.06 13.07
N HIS OC 82 110.99 -1.52 11.83
CA HIS OC 82 112.14 -2.03 11.09
C HIS OC 82 113.14 -0.91 10.83
N GLU OC 83 114.42 -1.27 10.77
CA GLU OC 83 115.47 -0.28 10.54
C GLU OC 83 115.48 0.24 9.10
N ASN OC 84 114.70 -0.37 8.20
CA ASN OC 84 114.50 0.17 6.87
C ASN OC 84 113.70 1.47 6.89
N LEU OC 85 112.83 1.64 7.87
CA LEU OC 85 111.84 2.72 7.82
C LEU OC 85 112.45 4.08 8.16
N GLU OC 86 113.51 4.12 8.95
CA GLU OC 86 114.10 5.40 9.33
C GLU OC 86 114.81 6.06 8.17
N TYR OC 87 115.24 5.28 7.19
CA TYR OC 87 115.95 5.85 6.05
C TYR OC 87 114.99 6.34 4.98
N VAL OC 88 113.76 5.83 4.98
CA VAL OC 88 112.80 6.21 3.95
C VAL OC 88 111.77 7.18 4.51
N LEU OC 89 111.22 6.87 5.65
CA LEU OC 89 110.17 7.68 6.25
C LEU OC 89 110.77 8.70 7.21
N PRO OC 90 110.16 9.89 7.34
CA PRO OC 90 110.68 10.91 8.25
C PRO OC 90 110.29 10.66 9.71
N ILE OC 91 110.74 9.54 10.24
CA ILE OC 91 110.51 9.17 11.63
C ILE OC 91 111.80 9.07 12.43
N ARG OC 92 112.92 9.51 11.87
CA ARG OC 92 114.20 9.30 12.51
C ARG OC 92 114.58 10.51 13.37
N TYR OC 93 115.53 10.26 14.27
CA TYR OC 93 116.08 11.33 15.10
C TYR OC 93 116.94 12.26 14.26
N THR OC 94 116.54 13.52 14.19
CA THR OC 94 117.39 14.55 13.60
C THR OC 94 118.33 15.09 14.68
N GLU OC 95 119.32 15.87 14.23
CA GLU OC 95 120.32 16.39 15.15
C GLU OC 95 119.75 17.51 16.02
N GLU OC 96 118.63 18.09 15.61
CA GLU OC 96 117.98 19.13 16.40
C GLU OC 96 117.38 18.57 17.69
N VAL OC 97 117.03 17.29 17.69
CA VAL OC 97 116.31 16.69 18.80
C VAL OC 97 117.14 15.62 19.51
N GLU OC 98 118.46 15.62 19.33
CA GLU OC 98 119.28 14.63 20.03
C GLU OC 98 119.54 15.01 21.48
N GLN OC 99 119.22 16.25 21.88
CA GLN OC 99 119.34 16.63 23.28
C GLN OC 99 118.19 16.09 24.11
N PHE OC 100 117.08 15.74 23.47
CA PHE OC 100 115.91 15.25 24.18
C PHE OC 100 115.81 13.73 24.21
N ARG OC 101 116.71 13.03 23.53
CA ARG OC 101 116.65 11.57 23.48
C ARG OC 101 117.12 10.95 24.80
N ALA PC 2 112.78 -5.55 -14.40
CA ALA PC 2 113.72 -5.41 -13.28
C ALA PC 2 113.18 -6.11 -12.04
N VAL PC 3 113.75 -5.76 -10.89
CA VAL PC 3 113.25 -6.23 -9.60
C VAL PC 3 111.86 -5.65 -9.37
N ALA PC 4 110.94 -6.48 -8.87
CA ALA PC 4 109.53 -6.15 -8.84
C ALA PC 4 109.23 -4.98 -7.90
N VAL PC 5 108.16 -4.25 -8.20
CA VAL PC 5 107.73 -3.07 -7.47
C VAL PC 5 106.40 -3.36 -6.81
N GLY PC 6 106.28 -3.04 -5.53
CA GLY PC 6 104.99 -3.05 -4.87
C GLY PC 6 104.71 -1.69 -4.26
N MET PC 7 103.50 -1.19 -4.51
CA MET PC 7 103.09 0.11 -4.01
C MET PC 7 101.79 -0.03 -3.25
N ILE PC 8 101.73 0.57 -2.06
CA ILE PC 8 100.49 0.70 -1.31
C ILE PC 8 100.24 2.19 -1.12
N GLU PC 9 99.09 2.66 -1.59
CA GLU PC 9 98.66 4.03 -1.37
C GLU PC 9 97.61 4.06 -0.29
N THR PC 10 97.85 4.85 0.76
CA THR PC 10 96.89 5.01 1.84
C THR PC 10 96.47 6.46 1.97
N LEU PC 11 95.35 6.68 2.64
CA LEU PC 11 94.89 8.00 3.01
C LEU PC 11 95.38 8.24 4.44
N GLY PC 12 96.49 8.97 4.57
CA GLY PC 12 97.02 9.26 5.88
C GLY PC 12 98.42 8.74 6.10
N PHE PC 13 99.21 9.48 6.88
CA PHE PC 13 100.58 9.11 7.21
C PHE PC 13 100.73 8.04 8.30
N PRO PC 14 99.92 7.96 9.37
CA PRO PC 14 100.04 6.80 10.25
C PRO PC 14 99.66 5.48 9.61
N ALA PC 15 98.80 5.50 8.60
CA ALA PC 15 98.45 4.26 7.89
C ALA PC 15 99.57 3.82 6.96
N VAL PC 16 100.40 4.76 6.49
CA VAL PC 16 101.40 4.41 5.50
C VAL PC 16 102.68 3.94 6.18
N VAL PC 17 102.87 4.27 7.45
CA VAL PC 17 104.02 3.76 8.18
C VAL PC 17 103.73 2.36 8.71
N GLU PC 18 102.49 2.10 9.08
CA GLU PC 18 102.09 0.76 9.47
C GLU PC 18 102.04 -0.17 8.26
N ALA PC 19 101.67 0.36 7.09
CA ALA PC 19 101.74 -0.43 5.87
C ALA PC 19 103.18 -0.73 5.49
N ALA PC 20 104.08 0.24 5.65
CA ALA PC 20 105.48 0.04 5.31
C ALA PC 20 106.18 -0.87 6.31
N ASP PC 21 105.78 -0.80 7.59
CA ASP PC 21 106.39 -1.66 8.59
C ASP PC 21 105.90 -3.09 8.47
N ALA PC 22 104.67 -3.29 8.01
CA ALA PC 22 104.17 -4.63 7.82
C ALA PC 22 104.77 -5.28 6.60
N MET PC 23 105.16 -4.48 5.60
CA MET PC 23 105.68 -5.04 4.37
C MET PC 23 107.08 -5.61 4.54
N VAL PC 24 107.95 -4.88 5.22
CA VAL PC 24 109.35 -5.31 5.32
C VAL PC 24 109.51 -6.36 6.40
N LYS PC 25 108.50 -6.56 7.24
CA LYS PC 25 108.53 -7.65 8.20
C LYS PC 25 107.97 -8.93 7.61
N ALA PC 26 107.04 -8.81 6.66
CA ALA PC 26 106.36 -9.99 6.14
C ALA PC 26 107.22 -10.75 5.15
N ALA PC 27 108.07 -10.07 4.40
CA ALA PC 27 108.83 -10.73 3.36
C ALA PC 27 110.17 -10.03 3.18
N ARG PC 28 110.96 -10.53 2.22
CA ARG PC 28 112.30 -10.01 1.94
C ARG PC 28 112.19 -8.92 0.87
N VAL PC 29 111.47 -7.86 1.22
CA VAL PC 29 111.35 -6.69 0.36
C VAL PC 29 112.15 -5.56 0.99
N THR PC 30 112.55 -4.62 0.15
CA THR PC 30 113.24 -3.42 0.60
C THR PC 30 112.33 -2.23 0.37
N LEU PC 31 111.94 -1.55 1.43
CA LEU PC 31 111.26 -0.27 1.32
C LEU PC 31 112.24 0.75 0.77
N VAL PC 32 111.98 1.26 -0.42
CA VAL PC 32 112.90 2.17 -1.09
C VAL PC 32 112.32 3.56 -1.27
N GLY PC 33 111.01 3.72 -1.21
CA GLY PC 33 110.39 4.92 -1.71
C GLY PC 33 109.26 5.38 -0.82
N TYR PC 34 108.92 6.65 -0.95
CA TYR PC 34 107.92 7.30 -0.12
C TYR PC 34 107.45 8.53 -0.88
N GLU PC 35 106.17 8.53 -1.27
CA GLU PC 35 105.69 9.51 -2.22
C GLU PC 35 104.42 10.17 -1.72
N LYS PC 36 104.39 11.51 -1.79
CA LYS PC 36 103.22 12.31 -1.48
C LYS PC 36 102.73 12.97 -2.76
N ILE PC 37 101.45 12.81 -3.07
CA ILE PC 37 100.88 13.36 -4.29
C ILE PC 37 99.72 14.30 -4.01
N GLY PC 38 99.44 14.58 -2.74
CA GLY PC 38 98.38 15.50 -2.37
C GLY PC 38 97.12 14.79 -1.92
N THR PC 39 96.24 15.58 -1.27
CA THR PC 39 95.02 15.15 -0.58
C THR PC 39 95.23 13.99 0.38
N GLY PC 40 96.38 13.94 1.05
CA GLY PC 40 96.65 12.86 1.97
C GLY PC 40 96.91 11.51 1.36
N ARG PC 41 97.06 11.44 0.04
CA ARG PC 41 97.36 10.19 -0.64
C ARG PC 41 98.87 9.96 -0.56
N VAL PC 42 99.27 9.02 0.28
CA VAL PC 42 100.68 8.75 0.53
C VAL PC 42 100.98 7.33 0.08
N THR PC 43 102.10 7.17 -0.62
CA THR PC 43 102.48 5.89 -1.22
C THR PC 43 103.85 5.48 -0.72
N VAL PC 44 103.97 4.22 -0.29
CA VAL PC 44 105.25 3.59 -0.01
C VAL PC 44 105.53 2.54 -1.08
N ILE PC 45 106.80 2.40 -1.43
CA ILE PC 45 107.24 1.58 -2.55
C ILE PC 45 108.26 0.56 -2.05
N VAL PC 46 107.96 -0.72 -2.25
CA VAL PC 46 108.90 -1.78 -1.89
C VAL PC 46 109.44 -2.40 -3.17
N ARG PC 47 110.67 -2.93 -3.07
CA ARG PC 47 111.29 -3.69 -4.14
C ARG PC 47 111.69 -5.06 -3.62
N GLY PC 48 111.54 -6.06 -4.48
CA GLY PC 48 111.97 -7.41 -4.12
C GLY PC 48 111.57 -8.38 -5.21
N ASP PC 49 111.70 -9.65 -4.91
CA ASP PC 49 111.16 -10.68 -5.80
C ASP PC 49 109.65 -10.60 -5.79
N VAL PC 50 109.04 -11.04 -6.92
CA VAL PC 50 107.60 -10.86 -7.12
C VAL PC 50 106.78 -11.66 -6.12
N SER PC 51 107.27 -12.82 -5.68
CA SER PC 51 106.59 -13.58 -4.64
C SER PC 51 106.72 -12.89 -3.29
N GLU PC 52 107.87 -12.27 -3.02
CA GLU PC 52 108.04 -11.52 -1.79
C GLU PC 52 107.28 -10.22 -1.82
N VAL PC 53 107.19 -9.59 -3.00
CA VAL PC 53 106.47 -8.33 -3.12
C VAL PC 53 104.96 -8.57 -2.99
N GLN PC 54 104.47 -9.68 -3.54
CA GLN PC 54 103.06 -10.02 -3.41
C GLN PC 54 102.70 -10.37 -1.97
N ALA PC 55 103.61 -11.05 -1.27
CA ALA PC 55 103.32 -11.44 0.11
C ALA PC 55 103.39 -10.25 1.05
N SER PC 56 104.20 -9.25 0.72
CA SER PC 56 104.35 -8.08 1.58
C SER PC 56 103.20 -7.11 1.36
N VAL PC 57 102.83 -6.85 0.10
CA VAL PC 57 101.78 -5.88 -0.22
C VAL PC 57 100.43 -6.36 0.29
N SER PC 58 100.19 -7.68 0.27
CA SER PC 58 98.98 -8.22 0.84
C SER PC 58 98.98 -8.12 2.36
N ALA PC 59 100.16 -8.25 2.99
CA ALA PC 59 100.24 -8.13 4.44
C ALA PC 59 100.25 -6.67 4.88
N GLY PC 60 100.77 -5.78 4.03
CA GLY PC 60 100.73 -4.36 4.36
C GLY PC 60 99.35 -3.75 4.19
N THR PC 61 98.50 -4.38 3.36
CA THR PC 61 97.14 -3.91 3.20
C THR PC 61 96.28 -4.28 4.39
N GLU PC 62 96.48 -5.48 4.94
CA GLU PC 62 95.67 -5.93 6.06
C GLU PC 62 96.05 -5.23 7.36
N SER PC 63 97.25 -4.68 7.45
CA SER PC 63 97.69 -4.03 8.68
C SER PC 63 97.21 -2.59 8.78
N VAL PC 64 96.69 -2.01 7.70
CA VAL PC 64 96.10 -0.69 7.77
C VAL PC 64 94.77 -0.73 8.50
N LYS PC 65 94.11 -1.90 8.54
CA LYS PC 65 92.91 -2.07 9.34
C LYS PC 65 93.19 -2.01 10.83
N ARG PC 66 94.44 -2.26 11.25
CA ARG PC 66 94.82 -2.02 12.64
C ARG PC 66 94.78 -0.54 12.99
N VAL PC 67 95.11 0.31 12.02
CA VAL PC 67 95.11 1.75 12.25
C VAL PC 67 93.68 2.26 12.24
N ASN PC 68 93.28 2.93 13.32
CA ASN PC 68 92.01 3.62 13.35
C ASN PC 68 92.09 4.86 12.47
N GLY PC 69 91.15 4.99 11.55
CA GLY PC 69 91.21 6.10 10.62
C GLY PC 69 92.20 5.89 9.48
N GLY PC 70 92.69 4.68 9.30
CA GLY PC 70 93.56 4.35 8.19
C GLY PC 70 92.78 3.66 7.09
N GLN PC 71 93.13 3.98 5.85
CA GLN PC 71 92.38 3.49 4.70
C GLN PC 71 93.31 3.31 3.51
N VAL PC 72 93.34 2.11 2.95
CA VAL PC 72 94.11 1.82 1.75
C VAL PC 72 93.30 2.31 0.55
N LEU PC 73 93.91 3.17 -0.26
CA LEU PC 73 93.24 3.67 -1.46
C LEU PC 73 93.52 2.77 -2.65
N SER PC 74 94.78 2.42 -2.88
CA SER PC 74 95.15 1.66 -4.05
C SER PC 74 96.43 0.89 -3.78
N THR PC 75 96.45 -0.37 -4.22
CA THR PC 75 97.64 -1.19 -4.18
C THR PC 75 97.92 -1.71 -5.59
N HIS PC 76 99.20 -1.90 -5.89
CA HIS PC 76 99.58 -2.49 -7.17
C HIS PC 76 100.94 -3.14 -7.05
N ILE PC 77 101.13 -4.21 -7.82
CA ILE PC 77 102.39 -4.93 -7.93
C ILE PC 77 102.77 -5.03 -9.39
N ILE PC 78 103.96 -4.56 -9.74
CA ILE PC 78 104.53 -4.73 -11.07
C ILE PC 78 105.64 -5.75 -10.98
N ALA PC 79 105.48 -6.87 -11.67
CA ALA PC 79 106.38 -8.00 -11.50
C ALA PC 79 107.74 -7.75 -12.14
N ARG PC 80 107.77 -7.03 -13.25
CA ARG PC 80 109.00 -6.77 -13.98
C ARG PC 80 108.91 -5.38 -14.58
N PRO PC 81 109.26 -4.35 -13.81
CA PRO PC 81 109.20 -2.99 -14.34
C PRO PC 81 110.32 -2.74 -15.34
N HIS PC 82 110.01 -1.87 -16.30
CA HIS PC 82 111.00 -1.46 -17.27
C HIS PC 82 112.09 -0.62 -16.59
N GLU PC 83 113.28 -0.65 -17.17
CA GLU PC 83 114.41 0.09 -16.62
C GLU PC 83 114.29 1.59 -16.81
N ASN PC 84 113.35 2.05 -17.65
CA ASN PC 84 113.07 3.48 -17.78
C ASN PC 84 112.40 4.03 -16.54
N LEU PC 85 111.72 3.18 -15.77
CA LEU PC 85 110.88 3.66 -14.67
C LEU PC 85 111.70 4.10 -13.46
N GLU PC 86 112.88 3.51 -13.26
CA GLU PC 86 113.66 3.84 -12.07
C GLU PC 86 114.37 5.18 -12.21
N TYR PC 87 114.49 5.69 -13.42
CA TYR PC 87 115.17 6.97 -13.62
C TYR PC 87 114.20 8.13 -13.60
N VAL PC 88 112.91 7.86 -13.69
CA VAL PC 88 111.91 8.92 -13.62
C VAL PC 88 111.11 8.83 -12.33
N LEU PC 89 110.53 7.70 -12.07
CA LEU PC 89 109.70 7.50 -10.90
C LEU PC 89 110.55 7.14 -9.69
N PRO PC 90 110.16 7.56 -8.48
CA PRO PC 90 110.92 7.23 -7.27
C PRO PC 90 110.67 5.80 -6.77
N ILE PC 91 111.04 4.83 -7.60
CA ILE PC 91 110.94 3.42 -7.26
C ILE PC 91 112.31 2.75 -7.21
N ARG PC 92 113.39 3.52 -7.35
CA ARG PC 92 114.71 2.93 -7.47
C ARG PC 92 115.36 2.75 -6.10
N TYR PC 93 116.36 1.87 -6.08
CA TYR PC 93 117.18 1.71 -4.89
C TYR PC 93 118.08 2.92 -4.71
N THR PC 94 117.84 3.68 -3.64
CA THR PC 94 118.76 4.74 -3.25
C THR PC 94 119.91 4.13 -2.45
N GLU PC 95 120.95 4.94 -2.25
CA GLU PC 95 122.15 4.43 -1.60
C GLU PC 95 121.95 4.23 -0.10
N GLU PC 96 120.97 4.93 0.47
CA GLU PC 96 120.71 4.81 1.91
C GLU PC 96 120.05 3.48 2.26
N VAL PC 97 119.41 2.83 1.29
CA VAL PC 97 118.69 1.59 1.54
C VAL PC 97 119.40 0.40 0.90
N GLU PC 98 120.67 0.54 0.54
CA GLU PC 98 121.41 -0.57 -0.05
C GLU PC 98 121.85 -1.61 1.00
N GLN PC 99 121.75 -1.27 2.28
CA GLN PC 99 122.08 -2.25 3.32
C GLN PC 99 120.95 -3.24 3.54
N PHE PC 100 119.76 -2.96 3.01
CA PHE PC 100 118.61 -3.82 3.19
C PHE PC 100 118.26 -4.63 1.95
N ARG PC 101 119.01 -4.50 0.88
CA ARG PC 101 118.72 -5.22 -0.35
C ARG PC 101 119.09 -6.70 -0.25
N ALA QC 2 109.18 -11.59 37.32
CA ALA QC 2 110.28 -10.96 36.60
C ALA QC 2 109.75 -10.18 35.41
N VAL QC 3 109.92 -10.73 34.20
CA VAL QC 3 109.34 -10.12 33.02
C VAL QC 3 107.87 -10.51 32.93
N ALA QC 4 107.10 -9.76 32.15
CA ALA QC 4 105.67 -10.01 32.05
C ALA QC 4 105.40 -11.26 31.23
N VAL QC 5 104.17 -11.74 31.29
CA VAL QC 5 103.72 -12.89 30.51
C VAL QC 5 102.43 -12.52 29.79
N GLY QC 6 102.37 -12.84 28.52
CA GLY QC 6 101.15 -12.64 27.74
C GLY QC 6 100.75 -13.92 27.03
N MET QC 7 99.45 -14.13 26.94
CA MET QC 7 98.90 -15.35 26.36
C MET QC 7 97.84 -14.97 25.33
N ILE QC 8 97.84 -15.67 24.21
CA ILE QC 8 96.76 -15.60 23.24
C ILE QC 8 96.29 -17.03 22.99
N GLU QC 9 95.03 -17.30 23.26
CA GLU QC 9 94.43 -18.59 22.97
C GLU QC 9 93.59 -18.49 21.71
N THR QC 10 93.93 -19.28 20.71
CA THR QC 10 93.18 -19.34 19.47
C THR QC 10 92.53 -20.70 19.33
N LEU QC 11 91.54 -20.77 18.45
CA LEU QC 11 90.92 -22.02 18.04
C LEU QC 11 91.59 -22.45 16.74
N GLY QC 12 92.49 -23.42 16.84
CA GLY QC 12 93.21 -23.89 15.67
C GLY QC 12 94.69 -23.59 15.68
N PHE QC 13 95.47 -24.49 15.09
CA PHE QC 13 96.91 -24.34 14.99
C PHE QC 13 97.42 -23.36 13.91
N PRO QC 14 96.82 -23.24 12.72
CA PRO QC 14 97.28 -22.16 11.82
C PRO QC 14 97.02 -20.76 12.36
N ALA QC 15 96.01 -20.59 13.20
CA ALA QC 15 95.76 -19.27 13.78
C ALA QC 15 96.74 -18.96 14.90
N VAL QC 16 97.26 -19.99 15.58
CA VAL QC 16 98.11 -19.74 16.73
C VAL QC 16 99.56 -19.53 16.29
N VAL QC 17 99.89 -19.94 15.07
CA VAL QC 17 101.23 -19.68 14.54
C VAL QC 17 101.29 -18.27 13.97
N GLU QC 18 100.20 -17.82 13.33
CA GLU QC 18 100.11 -16.44 12.87
C GLU QC 18 100.03 -15.48 14.05
N ALA QC 19 99.37 -15.89 15.14
CA ALA QC 19 99.35 -15.08 16.35
C ALA QC 19 100.74 -15.01 16.97
N ALA QC 20 101.45 -16.13 17.03
CA ALA QC 20 102.79 -16.14 17.62
C ALA QC 20 103.79 -15.41 16.74
N ASP QC 21 103.61 -15.46 15.41
CA ASP QC 21 104.51 -14.74 14.52
C ASP QC 21 104.27 -13.24 14.57
N ALA QC 22 103.02 -12.83 14.79
CA ALA QC 22 102.73 -11.41 14.88
C ALA QC 22 103.18 -10.83 16.21
N MET QC 23 103.29 -11.66 17.24
CA MET QC 23 103.69 -11.16 18.55
C MET QC 23 105.17 -10.83 18.59
N VAL QC 24 106.01 -11.73 18.07
CA VAL QC 24 107.45 -11.53 18.18
C VAL QC 24 107.95 -10.57 17.11
N LYS QC 25 107.10 -10.22 16.13
CA LYS QC 25 107.46 -9.20 15.17
C LYS QC 25 107.05 -7.81 15.65
N ALA QC 26 106.00 -7.74 16.46
CA ALA QC 26 105.46 -6.45 16.86
C ALA QC 26 106.35 -5.77 17.89
N ALA QC 27 106.85 -6.51 18.87
CA ALA QC 27 107.59 -5.92 19.97
C ALA QC 27 108.70 -6.86 20.40
N ARG QC 28 109.46 -6.43 21.40
CA ARG QC 28 110.61 -7.18 21.91
C ARG QC 28 110.14 -8.18 22.97
N VAL QC 29 109.39 -9.17 22.50
CA VAL QC 29 108.94 -10.26 23.35
C VAL QC 29 109.58 -11.55 22.85
N THR QC 30 109.68 -12.52 23.74
CA THR QC 30 110.20 -13.84 23.42
C THR QC 30 109.06 -14.84 23.53
N LEU QC 31 108.73 -15.48 22.42
CA LEU QC 31 107.83 -16.62 22.44
C LEU QC 31 108.52 -17.77 23.16
N VAL QC 32 107.96 -18.18 24.29
CA VAL QC 32 108.60 -19.20 25.12
C VAL QC 32 107.78 -20.47 25.21
N GLY QC 33 106.49 -20.44 24.91
CA GLY QC 33 105.62 -21.53 25.30
C GLY QC 33 104.55 -21.79 24.26
N TYR QC 34 103.91 -22.93 24.42
CA TYR QC 34 102.97 -23.47 23.44
C TYR QC 34 102.13 -24.52 24.16
N GLU QC 35 100.84 -24.27 24.30
CA GLU QC 35 100.01 -25.07 25.18
C GLU QC 35 98.74 -25.52 24.48
N LYS QC 36 98.43 -26.81 24.59
CA LYS QC 36 97.20 -27.39 24.07
C LYS QC 36 96.42 -27.96 25.25
N ILE QC 37 95.14 -27.60 25.34
CA ILE QC 37 94.29 -28.00 26.45
C ILE QC 37 93.08 -28.79 25.98
N GLY QC 38 92.95 -29.04 24.69
CA GLY QC 38 91.79 -29.72 24.16
C GLY QC 38 90.78 -28.77 23.55
N THR QC 39 89.80 -29.37 22.85
CA THR QC 39 88.84 -28.71 21.96
C THR QC 39 89.49 -27.73 20.99
N GLY QC 40 90.68 -28.05 20.49
CA GLY QC 40 91.36 -27.18 19.56
C GLY QC 40 91.88 -25.88 20.14
N ARG QC 41 91.79 -25.68 21.44
CA ARG QC 41 92.19 -24.44 22.08
C ARG QC 41 93.70 -24.48 22.30
N VAL QC 42 94.42 -23.66 21.53
CA VAL QC 42 95.88 -23.64 21.55
C VAL QC 42 96.32 -22.27 22.02
N THR QC 43 97.29 -22.24 22.94
CA THR QC 43 97.77 -21.01 23.56
C THR QC 43 99.26 -20.87 23.30
N VAL QC 44 99.68 -19.66 22.91
CA VAL QC 44 101.09 -19.30 22.84
C VAL QC 44 101.39 -18.28 23.92
N ILE QC 45 102.57 -18.42 24.54
CA ILE QC 45 102.98 -17.64 25.70
C ILE QC 45 104.21 -16.83 25.32
N VAL QC 46 104.12 -15.51 25.49
CA VAL QC 46 105.26 -14.64 25.26
C VAL QC 46 105.70 -14.05 26.59
N ARG QC 47 107.00 -13.81 26.70
CA ARG QC 47 107.58 -13.12 27.85
C ARG QC 47 108.25 -11.84 27.38
N GLY QC 48 108.29 -10.84 28.25
CA GLY QC 48 108.94 -9.60 27.91
C GLY QC 48 108.54 -8.52 28.90
N ASP QC 49 108.88 -7.29 28.58
CA ASP QC 49 108.38 -6.17 29.35
C ASP QC 49 106.87 -6.02 29.12
N VAL QC 50 106.18 -5.44 30.10
CA VAL QC 50 104.72 -5.39 30.06
C VAL QC 50 104.22 -4.48 28.97
N SER QC 51 104.97 -3.44 28.62
CA SER QC 51 104.61 -2.60 27.49
C SER QC 51 104.81 -3.33 26.17
N GLU QC 52 105.87 -4.15 26.08
CA GLU QC 52 106.11 -4.93 24.87
C GLU QC 52 105.12 -6.09 24.76
N VAL QC 53 104.73 -6.66 25.90
CA VAL QC 53 103.77 -7.75 25.88
C VAL QC 53 102.39 -7.23 25.49
N GLN QC 54 102.05 -6.01 25.91
CA GLN QC 54 100.77 -5.40 25.55
C GLN QC 54 100.71 -5.06 24.06
N ALA QC 55 101.84 -4.64 23.50
CA ALA QC 55 101.86 -4.31 22.07
C ALA QC 55 101.86 -5.56 21.21
N SER QC 56 102.43 -6.65 21.71
CA SER QC 56 102.48 -7.89 20.94
C SER QC 56 101.14 -8.61 20.97
N VAL QC 57 100.48 -8.64 22.13
CA VAL QC 57 99.21 -9.34 22.28
C VAL QC 57 98.11 -8.64 21.47
N SER QC 58 98.17 -7.31 21.41
CA SER QC 58 97.20 -6.56 20.61
C SER QC 58 97.43 -6.77 19.12
N ALA QC 59 98.69 -6.97 18.71
CA ALA QC 59 98.97 -7.23 17.30
C ALA QC 59 98.72 -8.69 16.95
N GLY QC 60 98.94 -9.59 17.90
CA GLY QC 60 98.67 -11.00 17.66
C GLY QC 60 97.19 -11.31 17.63
N THR QC 61 96.37 -10.48 18.28
CA THR QC 61 94.93 -10.66 18.22
C THR QC 61 94.38 -10.23 16.87
N GLU QC 62 94.90 -9.13 16.32
CA GLU QC 62 94.42 -8.62 15.04
C GLU QC 62 94.84 -9.51 13.87
N SER QC 63 95.92 -10.28 14.03
CA SER QC 63 96.42 -11.08 12.92
C SER QC 63 95.68 -12.40 12.76
N VAL QC 64 94.90 -12.81 13.77
CA VAL QC 64 94.10 -14.01 13.62
C VAL QC 64 92.88 -13.72 12.75
N LYS QC 65 92.47 -12.45 12.66
CA LYS QC 65 91.37 -12.06 11.80
C LYS QC 65 91.68 -12.23 10.32
N ARG QC 66 92.95 -12.26 9.93
CA ARG QC 66 93.32 -12.54 8.56
C ARG QC 66 93.44 -14.03 8.28
N VAL QC 67 93.46 -14.87 9.30
CA VAL QC 67 93.48 -16.32 9.12
C VAL QC 67 92.06 -16.80 8.89
N ASN QC 68 91.84 -17.52 7.80
CA ASN QC 68 90.53 -18.09 7.48
C ASN QC 68 90.35 -19.36 8.29
N GLY QC 69 89.39 -19.34 9.21
CA GLY QC 69 89.08 -20.50 10.03
C GLY QC 69 89.64 -20.47 11.43
N GLY QC 70 90.22 -19.35 11.86
CA GLY QC 70 90.74 -19.23 13.21
C GLY QC 70 90.18 -18.00 13.90
N GLN QC 71 90.05 -18.12 15.22
CA GLN QC 71 89.50 -17.04 16.02
C GLN QC 71 90.22 -17.00 17.37
N VAL QC 72 90.37 -15.79 17.90
CA VAL QC 72 90.95 -15.59 19.22
C VAL QC 72 89.87 -15.90 20.25
N LEU QC 73 90.17 -16.84 21.14
CA LEU QC 73 89.22 -17.18 22.19
C LEU QC 73 89.46 -16.36 23.45
N SER QC 74 90.73 -16.20 23.84
CA SER QC 74 91.06 -15.54 25.08
C SER QC 74 92.47 -14.97 25.01
N THR QC 75 92.62 -13.75 25.49
CA THR QC 75 93.93 -13.12 25.65
C THR QC 75 94.06 -12.62 27.08
N HIS QC 76 95.28 -12.63 27.59
CA HIS QC 76 95.54 -12.06 28.90
C HIS QC 76 97.00 -11.65 29.02
N ILE QC 77 97.26 -10.66 29.86
CA ILE QC 77 98.57 -10.11 30.13
C ILE QC 77 98.72 -9.97 31.64
N ILE QC 78 99.80 -10.51 32.18
CA ILE QC 78 100.15 -10.34 33.60
C ILE QC 78 101.48 -9.60 33.66
N ALA QC 79 101.49 -8.46 34.37
CA ALA QC 79 102.65 -7.56 34.34
C ALA QC 79 103.85 -8.18 35.03
N ARG QC 80 103.62 -8.93 36.09
CA ARG QC 80 104.70 -9.61 36.82
C ARG QC 80 104.09 -10.85 37.44
N PRO QC 81 104.27 -12.02 36.84
CA PRO QC 81 103.77 -13.25 37.44
C PRO QC 81 104.55 -13.62 38.69
N HIS QC 82 103.90 -14.38 39.55
CA HIS QC 82 104.54 -14.89 40.75
C HIS QC 82 105.61 -15.91 40.39
N GLU QC 83 106.56 -16.10 41.30
CA GLU QC 83 107.61 -17.08 41.08
C GLU QC 83 107.09 -18.51 41.20
N ASN QC 84 105.92 -18.67 41.84
CA ASN QC 84 105.27 -19.97 41.91
C ASN QC 84 104.79 -20.45 40.56
N LEU QC 85 104.40 -19.52 39.67
CA LEU QC 85 103.79 -19.91 38.40
C LEU QC 85 104.82 -20.44 37.41
N GLU QC 86 106.10 -20.13 37.61
CA GLU QC 86 107.12 -20.59 36.67
C GLU QC 86 107.37 -22.09 36.81
N TYR QC 87 107.15 -22.62 38.01
CA TYR QC 87 107.46 -24.03 38.24
C TYR QC 87 106.26 -24.93 37.96
N VAL QC 88 105.05 -24.38 38.01
CA VAL QC 88 103.87 -25.19 37.79
C VAL QC 88 103.35 -25.03 36.37
N LEU QC 89 103.21 -23.81 35.92
CA LEU QC 89 102.67 -23.49 34.61
C LEU QC 89 103.80 -23.34 33.60
N PRO QC 90 103.58 -23.75 32.34
CA PRO QC 90 104.63 -23.68 31.31
C PRO QC 90 104.79 -22.29 30.70
N ILE QC 91 105.12 -21.31 31.55
CA ILE QC 91 105.35 -19.93 31.12
C ILE QC 91 106.79 -19.51 31.30
N ARG QC 92 107.68 -20.40 31.68
CA ARG QC 92 109.06 -20.04 31.95
C ARG QC 92 109.89 -20.09 30.67
N TYR QC 93 111.05 -19.43 30.73
CA TYR QC 93 112.00 -19.48 29.63
C TYR QC 93 112.63 -20.87 29.54
N THR QC 94 112.49 -21.50 28.39
CA THR QC 94 113.18 -22.76 28.15
C THR QC 94 114.61 -22.48 27.70
N GLU QC 95 115.38 -23.56 27.53
CA GLU QC 95 116.79 -23.40 27.21
C GLU QC 95 117.01 -23.02 25.75
N GLU QC 96 116.09 -23.42 24.87
CA GLU QC 96 116.30 -23.18 23.45
C GLU QC 96 115.91 -21.74 23.06
N VAL QC 97 115.18 -21.05 23.92
CA VAL QC 97 114.70 -19.71 23.61
C VAL QC 97 115.53 -18.63 24.31
N GLU QC 98 116.67 -19.00 24.91
CA GLU QC 98 117.49 -18.02 25.61
C GLU QC 98 118.25 -17.12 24.66
N GLN QC 99 118.36 -17.48 23.37
CA GLN QC 99 119.01 -16.61 22.41
C GLN QC 99 118.13 -15.43 22.03
N PHE QC 100 116.82 -15.55 22.22
CA PHE QC 100 115.87 -14.50 21.87
C PHE QC 100 115.47 -13.63 23.05
N ARG QC 101 116.02 -13.88 24.23
CA ARG QC 101 115.67 -13.12 25.42
C ARG QC 101 116.33 -11.75 25.42
N MET RC 1 92.03 23.35 47.20
CA MET RC 1 93.16 23.12 46.31
C MET RC 1 94.48 23.29 47.02
N GLN RC 2 95.54 22.74 46.42
CA GLN RC 2 96.89 22.92 46.89
C GLN RC 2 97.75 23.40 45.73
N MET RC 3 98.78 24.18 46.06
CA MET RC 3 99.77 24.56 45.07
C MET RC 3 100.83 23.47 44.99
N ALA RC 4 101.17 23.08 43.77
CA ALA RC 4 102.13 22.01 43.57
C ALA RC 4 103.01 22.35 42.38
N LYS RC 5 104.20 21.75 42.36
CA LYS RC 5 105.14 21.89 41.27
C LYS RC 5 105.25 20.56 40.54
N VAL RC 6 105.15 20.61 39.22
CA VAL RC 6 105.22 19.40 38.39
C VAL RC 6 106.68 18.92 38.41
N CYS RC 7 106.92 17.79 39.06
CA CYS RC 7 108.29 17.27 39.13
C CYS RC 7 108.51 16.09 38.21
N GLY RC 8 107.44 15.52 37.66
CA GLY RC 8 107.65 14.45 36.72
C GLY RC 8 106.36 13.77 36.31
N THR RC 9 106.53 12.66 35.60
CA THR RC 9 105.42 11.90 35.04
C THR RC 9 105.45 10.48 35.57
N VAL RC 10 104.28 9.88 35.74
CA VAL RC 10 104.12 8.49 36.14
C VAL RC 10 103.36 7.77 35.03
N VAL RC 11 103.94 6.70 34.50
CA VAL RC 11 103.34 5.93 33.43
C VAL RC 11 103.08 4.53 33.94
N GLY RC 12 101.83 4.08 33.83
CA GLY RC 12 101.49 2.71 34.12
C GLY RC 12 100.79 2.05 32.94
N THR RC 13 101.22 0.86 32.56
CA THR RC 13 100.59 0.17 31.44
C THR RC 13 99.49 -0.78 31.87
N GLN RC 14 99.69 -1.52 32.95
CA GLN RC 14 98.66 -2.38 33.52
C GLN RC 14 97.84 -1.56 34.50
N LYS RC 15 96.63 -1.21 34.09
CA LYS RC 15 95.78 -0.34 34.89
C LYS RC 15 94.33 -0.73 34.64
N LEU RC 16 93.42 -0.01 35.27
CA LEU RC 16 92.01 -0.18 35.02
C LEU RC 16 91.66 0.36 33.63
N PRO RC 17 90.64 -0.21 32.97
CA PRO RC 17 90.25 0.30 31.64
C PRO RC 17 89.66 1.70 31.68
N SER RC 18 89.19 2.15 32.84
CA SER RC 18 88.72 3.52 32.97
C SER RC 18 89.86 4.49 33.23
N MET RC 19 91.08 3.98 33.43
CA MET RC 19 92.23 4.84 33.67
C MET RC 19 93.04 5.12 32.41
N THR RC 20 92.59 4.65 31.24
CA THR RC 20 93.37 4.88 30.03
C THR RC 20 93.07 6.27 29.46
N GLY RC 21 94.06 6.85 28.80
CA GLY RC 21 93.97 8.20 28.32
C GLY RC 21 94.22 9.27 29.37
N VAL RC 22 94.39 8.89 30.63
CA VAL RC 22 94.58 9.83 31.73
C VAL RC 22 96.08 10.09 31.86
N LYS RC 23 96.46 11.35 31.70
CA LYS RC 23 97.85 11.75 31.86
C LYS RC 23 98.13 11.95 33.35
N LEU RC 24 99.13 11.25 33.86
CA LEU RC 24 99.44 11.23 35.28
C LEU RC 24 100.73 11.98 35.55
N LEU RC 25 100.62 13.06 36.31
CA LEU RC 25 101.77 13.90 36.66
C LEU RC 25 102.15 13.68 38.11
N LEU RC 26 103.45 13.58 38.35
CA LEU RC 26 104.00 13.53 39.69
C LEU RC 26 104.26 14.96 40.14
N LEU RC 27 103.45 15.44 41.09
CA LEU RC 27 103.54 16.80 41.60
C LEU RC 27 104.09 16.78 43.01
N GLN RC 28 105.02 17.68 43.30
CA GLN RC 28 105.47 17.92 44.66
C GLN RC 28 104.79 19.17 45.20
N PHE RC 29 104.25 19.08 46.40
CA PHE RC 29 103.57 20.22 46.99
C PHE RC 29 104.57 21.28 47.43
N ILE RC 30 104.21 22.53 47.19
CA ILE RC 30 104.98 23.69 47.62
C ILE RC 30 104.17 24.42 48.68
N ASP RC 31 104.86 25.11 49.59
CA ASP RC 31 104.14 25.77 50.66
C ASP RC 31 103.64 27.14 50.21
N ALA RC 32 103.05 27.89 51.14
CA ALA RC 32 102.58 29.23 50.83
C ALA RC 32 103.75 30.21 50.64
N ASN RC 33 104.92 29.87 51.16
CA ASN RC 33 106.08 30.74 51.01
C ASN RC 33 106.85 30.43 49.73
N GLY RC 34 106.63 29.25 49.14
CA GLY RC 34 107.25 28.91 47.87
C GLY RC 34 108.22 27.75 47.88
N GLU RC 35 108.55 27.19 49.04
CA GLU RC 35 109.52 26.11 49.13
C GLU RC 35 108.82 24.76 48.98
N LEU RC 36 109.59 23.76 48.54
CA LEU RC 36 109.05 22.44 48.29
C LEU RC 36 108.81 21.70 49.60
N LEU RC 37 107.61 21.18 49.77
CA LEU RC 37 107.28 20.36 50.93
C LEU RC 37 107.67 18.90 50.67
N PRO RC 38 108.00 18.14 51.72
CA PRO RC 38 108.25 16.70 51.54
C PRO RC 38 106.95 15.89 51.45
N LYS RC 39 106.15 16.21 50.45
CA LYS RC 39 104.85 15.59 50.24
C LYS RC 39 104.51 15.71 48.77
N TYR RC 40 103.99 14.65 48.18
CA TYR RC 40 103.74 14.59 46.76
C TYR RC 40 102.32 14.15 46.47
N GLU RC 41 102.00 14.11 45.18
CA GLU RC 41 100.72 13.63 44.69
C GLU RC 41 100.92 13.18 43.25
N VAL RC 42 100.12 12.19 42.84
CA VAL RC 42 99.98 11.84 41.44
C VAL RC 42 98.58 12.25 41.02
N ALA RC 43 98.49 13.12 40.02
CA ALA RC 43 97.23 13.74 39.66
C ALA RC 43 96.99 13.61 38.16
N ALA RC 44 95.71 13.57 37.80
CA ALA RC 44 95.31 13.69 36.41
C ALA RC 44 95.54 15.11 35.93
N ASP RC 45 95.86 15.25 34.64
CA ASP RC 45 96.24 16.54 34.06
C ASP RC 45 95.40 16.82 32.83
N PRO RC 46 94.20 17.37 33.00
CA PRO RC 46 93.44 17.84 31.83
C PRO RC 46 93.97 19.15 31.29
N VAL RC 47 94.37 20.06 32.17
CA VAL RC 47 95.01 21.32 31.79
C VAL RC 47 96.47 21.01 31.54
N GLY RC 48 96.92 21.12 30.29
CA GLY RC 48 98.19 20.56 29.88
C GLY RC 48 99.37 21.24 30.53
N ALA RC 49 100.01 20.58 31.47
CA ALA RC 49 101.06 21.16 32.30
C ALA RC 49 102.33 20.33 32.17
N GLY RC 50 103.47 21.02 32.05
CA GLY RC 50 104.74 20.37 31.88
C GLY RC 50 105.64 20.53 33.09
N LEU RC 51 106.84 19.97 32.96
CA LEU RC 51 107.77 19.85 34.07
C LEU RC 51 108.27 21.22 34.53
N GLY RC 52 108.09 21.50 35.82
CA GLY RC 52 108.52 22.73 36.42
C GLY RC 52 107.42 23.74 36.69
N GLU RC 53 106.23 23.54 36.14
CA GLU RC 53 105.16 24.51 36.30
C GLU RC 53 104.53 24.42 37.69
N TRP RC 54 103.94 25.54 38.10
CA TRP RC 54 103.15 25.60 39.33
C TRP RC 54 101.70 25.36 38.98
N VAL RC 55 101.09 24.37 39.64
CA VAL RC 55 99.72 23.98 39.32
C VAL RC 55 98.88 24.03 40.58
N LEU RC 56 97.57 24.18 40.38
CA LEU RC 56 96.59 23.98 41.43
C LEU RC 56 96.02 22.58 41.26
N VAL RC 57 96.07 21.79 42.33
CA VAL RC 57 95.58 20.42 42.31
C VAL RC 57 94.54 20.27 43.42
N ASN RC 58 93.40 19.68 43.07
CA ASN RC 58 92.37 19.41 44.06
C ASN RC 58 92.50 17.97 44.54
N ARG RC 59 91.68 17.60 45.53
CA ARG RC 59 91.76 16.28 46.12
C ARG RC 59 90.35 15.73 46.26
N GLY RC 60 90.24 14.41 46.18
CA GLY RC 60 88.99 13.74 46.47
C GLY RC 60 88.05 13.63 45.29
N SER RC 61 86.76 13.78 45.55
CA SER RC 61 85.74 13.64 44.53
C SER RC 61 85.59 14.87 43.65
N ALA RC 62 86.35 15.93 43.92
CA ALA RC 62 86.39 17.08 43.03
C ALA RC 62 87.18 16.79 41.77
N ALA RC 63 88.03 15.76 41.79
CA ALA RC 63 88.74 15.33 40.59
C ALA RC 63 87.83 14.73 39.54
N ARG RC 64 86.62 14.33 39.92
CA ARG RC 64 85.66 13.69 39.03
C ARG RC 64 84.56 14.62 38.58
N GLN RC 65 84.82 15.92 38.50
CA GLN RC 65 83.79 16.90 38.20
C GLN RC 65 83.90 17.48 36.79
N THR RC 66 84.94 17.14 36.03
CA THR RC 66 85.19 17.77 34.74
C THR RC 66 84.51 17.07 33.57
N GLU RC 67 83.43 16.33 33.86
CA GLU RC 67 82.46 15.70 32.95
C GLU RC 67 83.05 14.68 31.99
N TYR RC 68 84.35 14.38 32.10
CA TYR RC 68 84.91 13.21 31.45
C TYR RC 68 85.82 12.41 32.39
N HIS RC 69 86.04 12.90 33.61
CA HIS RC 69 86.65 12.14 34.68
C HIS RC 69 85.61 11.59 35.65
N GLN RC 70 84.35 11.49 35.22
CA GLN RC 70 83.24 11.33 36.15
C GLN RC 70 83.20 9.95 36.79
N ASN RC 71 83.35 8.91 35.99
CA ASN RC 71 83.31 7.54 36.50
C ASN RC 71 84.70 6.92 36.55
N ARG RC 72 85.72 7.75 36.56
CA ARG RC 72 87.13 7.38 36.61
C ARG RC 72 87.62 7.37 38.04
N PRO RC 73 88.44 6.40 38.44
CA PRO RC 73 88.92 6.31 39.82
C PRO RC 73 90.06 7.27 40.11
N LEU RC 74 89.74 8.56 40.09
CA LEU RC 74 90.72 9.62 40.28
C LEU RC 74 90.39 10.39 41.55
N ASP RC 75 91.40 10.67 42.36
CA ASP RC 75 91.24 11.45 43.58
C ASP RC 75 92.13 12.68 43.61
N ALA RC 76 92.77 13.02 42.49
CA ALA RC 76 93.60 14.21 42.39
C ALA RC 76 93.62 14.63 40.94
N MET RC 77 93.56 15.94 40.72
CA MET RC 77 93.46 16.48 39.37
C MET RC 77 94.04 17.89 39.35
N VAL RC 78 94.91 18.16 38.38
CA VAL RC 78 95.34 19.53 38.14
C VAL RC 78 94.16 20.30 37.54
N VAL RC 79 93.73 21.35 38.23
CA VAL RC 79 92.60 22.14 37.77
C VAL RC 79 93.04 23.45 37.13
N ALA RC 80 94.24 23.94 37.42
CA ALA RC 80 94.70 25.21 36.90
C ALA RC 80 96.22 25.20 36.87
N ILE RC 81 96.77 25.91 35.90
CA ILE RC 81 98.18 26.27 35.89
C ILE RC 81 98.30 27.66 36.49
N ILE RC 82 99.15 27.78 37.51
CA ILE RC 82 99.24 29.02 38.26
C ILE RC 82 99.97 30.07 37.44
N ASP RC 83 99.33 31.21 37.22
CA ASP RC 83 99.95 32.35 36.59
C ASP RC 83 100.67 33.23 37.61
N THR RC 84 99.98 33.64 38.67
CA THR RC 84 100.53 34.59 39.63
C THR RC 84 100.07 34.21 41.03
N VAL RC 85 101.01 34.18 41.97
CA VAL RC 85 100.71 34.11 43.39
C VAL RC 85 101.13 35.43 44.01
N THR RC 86 100.16 36.15 44.58
CA THR RC 86 100.41 37.39 45.28
C THR RC 86 100.15 37.16 46.75
N VAL RC 87 101.18 37.33 47.58
CA VAL RC 87 101.07 37.16 49.03
C VAL RC 87 101.39 38.49 49.68
N ASN RC 88 100.45 38.99 50.50
CA ASN RC 88 100.56 40.26 51.24
C ASN RC 88 100.83 41.44 50.30
N ASN RC 89 100.07 41.47 49.19
CA ASN RC 89 100.18 42.41 48.07
C ASN RC 89 101.54 42.40 47.39
N ARG RC 90 102.33 41.36 47.58
CA ARG RC 90 103.63 41.20 46.94
C ARG RC 90 103.59 39.96 46.08
N ARG RC 91 104.04 40.07 44.83
CA ARG RC 91 104.03 38.95 43.92
C ARG RC 91 105.08 37.92 44.32
N LEU RC 92 104.63 36.71 44.61
CA LEU RC 92 105.50 35.58 44.94
C LEU RC 92 105.92 34.80 43.71
N TYR RC 93 105.02 34.61 42.76
CA TYR RC 93 105.27 33.81 41.57
C TYR RC 93 104.71 34.55 40.36
N GLY RC 94 105.40 34.42 39.24
CA GLY RC 94 104.97 35.06 38.01
C GLY RC 94 105.66 36.37 37.72
N ALA SC 2 70.60 68.09 -59.32
CA ALA SC 2 72.05 68.05 -59.13
C ALA SC 2 72.53 66.62 -58.95
N VAL SC 3 73.73 66.48 -58.37
CA VAL SC 3 74.29 65.17 -58.05
C VAL SC 3 73.45 64.52 -56.96
N ALA SC 4 73.27 63.20 -57.03
CA ALA SC 4 72.33 62.50 -56.16
C ALA SC 4 72.77 62.53 -54.71
N VAL SC 5 71.80 62.53 -53.81
CA VAL SC 5 72.03 62.63 -52.38
C VAL SC 5 71.37 61.44 -51.69
N GLY SC 6 72.11 60.79 -50.80
CA GLY SC 6 71.58 59.70 -50.00
C GLY SC 6 71.73 60.01 -48.53
N MET SC 7 70.73 59.62 -47.76
CA MET SC 7 70.70 59.89 -46.32
C MET SC 7 70.37 58.60 -45.59
N ILE SC 8 71.09 58.35 -44.50
CA ILE SC 8 70.75 57.27 -43.57
C ILE SC 8 70.63 57.91 -42.19
N GLU SC 9 69.45 57.81 -41.60
CA GLU SC 9 69.21 58.30 -40.25
C GLU SC 9 69.20 57.12 -39.29
N THR SC 10 70.08 57.17 -38.30
CA THR SC 10 70.15 56.13 -37.28
C THR SC 10 69.90 56.74 -35.90
N LEU SC 11 69.50 55.87 -34.98
CA LEU SC 11 69.37 56.22 -33.58
C LEU SC 11 70.67 55.81 -32.89
N GLY SC 12 71.57 56.76 -32.71
CA GLY SC 12 72.85 56.48 -32.10
C GLY SC 12 74.05 56.84 -32.95
N PHE SC 13 75.11 57.30 -32.30
CA PHE SC 13 76.35 57.68 -32.96
C PHE SC 13 77.27 56.53 -33.40
N PRO SC 14 77.41 55.40 -32.68
CA PRO SC 14 78.14 54.28 -33.28
C PRO SC 14 77.46 53.69 -34.50
N ALA SC 15 76.14 53.77 -34.59
CA ALA SC 15 75.45 53.27 -35.77
C ALA SC 15 75.62 54.21 -36.96
N VAL SC 16 75.79 55.51 -36.71
CA VAL SC 16 75.86 56.45 -37.82
C VAL SC 16 77.26 56.49 -38.39
N VAL SC 17 78.26 56.11 -37.60
CA VAL SC 17 79.63 56.05 -38.12
C VAL SC 17 79.82 54.77 -38.93
N GLU SC 18 79.18 53.68 -38.51
CA GLU SC 18 79.16 52.48 -39.33
C GLU SC 18 78.35 52.68 -40.61
N ALA SC 19 77.26 53.45 -40.53
CA ALA SC 19 76.53 53.82 -41.73
C ALA SC 19 77.39 54.69 -42.65
N ALA SC 20 78.12 55.65 -42.09
CA ALA SC 20 78.98 56.50 -42.91
C ALA SC 20 80.16 55.73 -43.46
N ASP SC 21 80.68 54.76 -42.70
CA ASP SC 21 81.85 54.01 -43.15
C ASP SC 21 81.48 52.99 -44.21
N ALA SC 22 80.34 52.34 -44.08
CA ALA SC 22 79.94 51.34 -45.05
C ALA SC 22 79.45 51.97 -46.34
N MET SC 23 79.01 53.23 -46.29
CA MET SC 23 78.54 53.89 -47.50
C MET SC 23 79.69 54.25 -48.43
N VAL SC 24 80.77 54.80 -47.86
CA VAL SC 24 81.87 55.22 -48.71
C VAL SC 24 82.80 54.05 -49.03
N LYS SC 25 82.57 52.90 -48.42
CA LYS SC 25 83.36 51.71 -48.74
C LYS SC 25 82.65 50.81 -49.74
N ALA SC 26 81.33 50.92 -49.84
CA ALA SC 26 80.59 50.07 -50.76
C ALA SC 26 80.63 50.61 -52.17
N ALA SC 27 80.68 51.93 -52.33
CA ALA SC 27 80.60 52.54 -53.63
C ALA SC 27 81.38 53.85 -53.63
N ARG SC 28 81.42 54.49 -54.80
CA ARG SC 28 82.18 55.73 -55.00
C ARG SC 28 81.26 56.91 -54.69
N VAL SC 29 81.05 57.14 -53.40
CA VAL SC 29 80.27 58.28 -52.92
C VAL SC 29 81.17 59.15 -52.06
N THR SC 30 80.71 60.37 -51.81
CA THR SC 30 81.40 61.31 -50.95
C THR SC 30 80.51 61.63 -49.76
N LEU SC 31 80.94 61.21 -48.57
CA LEU SC 31 80.30 61.62 -47.34
C LEU SC 31 80.54 63.11 -47.14
N VAL SC 32 79.47 63.91 -47.20
CA VAL SC 32 79.60 65.35 -47.12
C VAL SC 32 79.00 65.92 -45.85
N GLY SC 33 78.14 65.19 -45.17
CA GLY SC 33 77.29 65.80 -44.16
C GLY SC 33 77.09 64.88 -42.98
N TYR SC 34 76.74 65.50 -41.85
CA TYR SC 34 76.55 64.80 -40.58
C TYR SC 34 75.60 65.67 -39.78
N GLU SC 35 74.37 65.20 -39.61
CA GLU SC 35 73.26 66.04 -39.18
C GLU SC 35 72.63 65.52 -37.90
N LYS SC 36 72.62 66.34 -36.86
CA LYS SC 36 71.98 66.03 -35.60
C LYS SC 36 70.72 66.89 -35.47
N ILE SC 37 69.58 66.24 -35.24
CA ILE SC 37 68.31 66.91 -35.12
C ILE SC 37 67.66 66.67 -33.76
N GLY SC 38 68.39 66.09 -32.82
CA GLY SC 38 67.87 65.82 -31.49
C GLY SC 38 67.29 64.42 -31.37
N THR SC 39 67.03 64.05 -30.11
CA THR SC 39 66.64 62.71 -29.65
C THR SC 39 67.54 61.59 -30.18
N GLY SC 40 68.83 61.86 -30.38
CA GLY SC 40 69.73 60.85 -30.88
C GLY SC 40 69.59 60.51 -32.34
N ARG SC 41 68.70 61.17 -33.06
CA ARG SC 41 68.51 60.93 -34.48
C ARG SC 41 69.63 61.62 -35.25
N VAL SC 42 70.55 60.82 -35.79
CA VAL SC 42 71.72 61.33 -36.49
C VAL SC 42 71.67 60.86 -37.93
N THR SC 43 71.92 61.79 -38.85
CA THR SC 43 71.83 61.53 -40.28
C THR SC 43 73.15 61.87 -40.94
N VAL SC 44 73.74 60.91 -41.64
CA VAL SC 44 74.87 61.15 -42.52
C VAL SC 44 74.36 61.29 -43.94
N ILE SC 45 75.00 62.16 -44.70
CA ILE SC 45 74.57 62.55 -46.05
C ILE SC 45 75.72 62.27 -47.00
N VAL SC 46 75.47 61.45 -48.01
CA VAL SC 46 76.47 61.17 -49.04
C VAL SC 46 76.00 61.76 -50.37
N ARG SC 47 76.97 62.12 -51.21
CA ARG SC 47 76.71 62.58 -52.56
C ARG SC 47 77.43 61.65 -53.54
N GLY SC 48 76.91 61.58 -54.76
CA GLY SC 48 77.54 60.77 -55.78
C GLY SC 48 76.55 60.47 -56.88
N ASP SC 49 76.98 59.62 -57.81
CA ASP SC 49 76.10 59.17 -58.87
C ASP SC 49 75.01 58.25 -58.31
N VAL SC 50 73.94 58.10 -59.09
CA VAL SC 50 72.75 57.40 -58.62
C VAL SC 50 73.05 55.91 -58.43
N SER SC 51 73.89 55.35 -59.30
CA SER SC 51 74.32 53.97 -59.11
C SER SC 51 75.18 53.82 -57.87
N GLU SC 52 75.99 54.84 -57.56
CA GLU SC 52 76.84 54.78 -56.38
C GLU SC 52 76.02 54.97 -55.11
N VAL SC 53 75.07 55.90 -55.13
CA VAL SC 53 74.32 56.25 -53.93
C VAL SC 53 73.34 55.13 -53.56
N GLN SC 54 72.71 54.51 -54.56
CA GLN SC 54 71.79 53.41 -54.32
C GLN SC 54 72.51 52.20 -53.76
N ALA SC 55 73.75 51.94 -54.21
CA ALA SC 55 74.52 50.83 -53.68
C ALA SC 55 75.02 51.13 -52.28
N SER SC 56 75.34 52.40 -52.00
CA SER SC 56 75.90 52.76 -50.70
C SER SC 56 74.84 52.76 -49.62
N VAL SC 57 73.66 53.31 -49.91
CA VAL SC 57 72.59 53.40 -48.92
C VAL SC 57 72.04 52.02 -48.60
N SER SC 58 71.95 51.15 -49.60
CA SER SC 58 71.44 49.80 -49.37
C SER SC 58 72.45 48.96 -48.61
N ALA SC 59 73.75 49.18 -48.83
CA ALA SC 59 74.75 48.46 -48.07
C ALA SC 59 75.00 49.11 -46.71
N GLY SC 60 74.79 50.41 -46.62
CA GLY SC 60 74.89 51.08 -45.33
C GLY SC 60 73.75 50.75 -44.40
N THR SC 61 72.58 50.41 -44.95
CA THR SC 61 71.44 50.06 -44.11
C THR SC 61 71.61 48.67 -43.51
N GLU SC 62 72.18 47.73 -44.27
CA GLU SC 62 72.38 46.38 -43.77
C GLU SC 62 73.51 46.33 -42.76
N SER SC 63 74.49 47.21 -42.88
CA SER SC 63 75.64 47.18 -41.98
C SER SC 63 75.31 47.73 -40.61
N VAL SC 64 74.33 48.62 -40.49
CA VAL SC 64 73.92 49.14 -39.19
C VAL SC 64 73.26 48.06 -38.35
N LYS SC 65 72.54 47.13 -38.96
CA LYS SC 65 71.98 46.00 -38.22
C LYS SC 65 72.99 44.86 -38.10
N ARG SC 66 74.21 45.21 -37.73
CA ARG SC 66 75.28 44.31 -37.32
C ARG SC 66 76.00 44.99 -36.16
N VAL SC 67 75.49 46.16 -35.79
CA VAL SC 67 75.96 46.92 -34.63
C VAL SC 67 74.99 46.67 -33.49
N ASN SC 68 75.52 46.38 -32.31
CA ASN SC 68 74.67 46.20 -31.15
C ASN SC 68 74.16 47.56 -30.68
N GLY SC 69 72.85 47.67 -30.52
CA GLY SC 69 72.26 48.96 -30.21
C GLY SC 69 72.09 49.87 -31.40
N GLY SC 70 72.34 49.38 -32.60
CA GLY SC 70 72.22 50.16 -33.82
C GLY SC 70 70.85 49.93 -34.45
N GLN SC 71 70.22 51.04 -34.84
CA GLN SC 71 68.88 51.00 -35.41
C GLN SC 71 68.76 52.05 -36.51
N VAL SC 72 68.35 51.62 -37.69
CA VAL SC 72 68.10 52.53 -38.81
C VAL SC 72 66.70 53.10 -38.62
N LEU SC 73 66.61 54.44 -38.57
CA LEU SC 73 65.30 55.08 -38.46
C LEU SC 73 64.70 55.32 -39.84
N SER SC 74 65.46 55.95 -40.73
CA SER SC 74 64.94 56.30 -42.04
C SER SC 74 66.09 56.44 -43.02
N THR SC 75 65.89 55.90 -44.22
CA THR SC 75 66.83 56.04 -45.33
C THR SC 75 66.10 56.62 -46.52
N HIS SC 76 66.82 57.40 -47.33
CA HIS SC 76 66.25 57.90 -48.57
C HIS SC 76 67.36 58.22 -49.57
N ILE SC 77 67.02 58.11 -50.85
CA ILE SC 77 67.88 58.51 -51.95
C ILE SC 77 67.08 59.46 -52.83
N ILE SC 78 67.64 60.63 -53.09
CA ILE SC 78 67.09 61.58 -54.06
C ILE SC 78 68.05 61.62 -55.24
N ALA SC 79 67.61 61.07 -56.37
CA ALA SC 79 68.51 60.87 -57.51
C ALA SC 79 68.88 62.18 -58.19
N ARG SC 80 67.98 63.15 -58.16
CA ARG SC 80 68.22 64.43 -58.84
C ARG SC 80 67.64 65.53 -57.96
N PRO SC 81 68.38 65.99 -56.95
CA PRO SC 81 67.86 67.05 -56.11
C PRO SC 81 67.92 68.39 -56.81
N HIS SC 82 66.95 69.23 -56.47
CA HIS SC 82 66.89 70.59 -56.99
C HIS SC 82 68.06 71.40 -56.49
N GLU SC 83 68.50 72.36 -57.31
CA GLU SC 83 69.63 73.20 -56.94
C GLU SC 83 69.27 74.21 -55.86
N ASN SC 84 67.99 74.36 -55.54
CA ASN SC 84 67.57 75.14 -54.37
C ASN SC 84 68.00 74.47 -53.06
N LEU SC 85 68.11 73.14 -53.06
CA LEU SC 85 68.23 72.40 -51.81
C LEU SC 85 69.62 72.50 -51.19
N GLU SC 86 70.66 72.69 -52.01
CA GLU SC 86 72.02 72.74 -51.48
C GLU SC 86 72.28 74.02 -50.70
N TYR SC 87 71.54 75.09 -51.01
CA TYR SC 87 71.76 76.35 -50.34
C TYR SC 87 71.01 76.43 -49.02
N VAL SC 88 69.99 75.59 -48.84
CA VAL SC 88 69.21 75.62 -47.61
C VAL SC 88 69.56 74.43 -46.72
N LEU SC 89 69.60 73.27 -47.28
CA LEU SC 89 69.85 72.06 -46.52
C LEU SC 89 71.34 71.74 -46.49
N PRO SC 90 71.85 71.15 -45.40
CA PRO SC 90 73.28 70.79 -45.33
C PRO SC 90 73.61 69.50 -46.07
N ILE SC 91 73.37 69.50 -47.38
CA ILE SC 91 73.68 68.37 -48.24
C ILE SC 91 74.73 68.71 -49.28
N ARG SC 92 75.38 69.85 -49.17
CA ARG SC 92 76.29 70.31 -50.21
C ARG SC 92 77.72 69.91 -49.92
N TYR SC 93 78.54 69.94 -50.97
CA TYR SC 93 79.96 69.68 -50.82
C TYR SC 93 80.64 70.83 -50.09
N THR SC 94 81.27 70.53 -48.97
CA THR SC 94 82.12 71.49 -48.29
C THR SC 94 83.55 71.36 -48.80
N GLU SC 95 84.39 72.33 -48.44
CA GLU SC 95 85.78 72.32 -48.91
C GLU SC 95 86.60 71.27 -48.18
N GLU SC 96 86.08 70.70 -47.10
CA GLU SC 96 86.73 69.58 -46.43
C GLU SC 96 86.76 68.35 -47.31
N VAL SC 97 85.74 68.16 -48.15
CA VAL SC 97 85.52 66.90 -48.83
C VAL SC 97 85.61 67.05 -50.35
N GLU SC 98 86.27 68.10 -50.84
CA GLU SC 98 86.42 68.25 -52.29
C GLU SC 98 87.50 67.35 -52.85
N GLN SC 99 88.34 66.76 -52.01
CA GLN SC 99 89.35 65.83 -52.49
C GLN SC 99 88.74 64.46 -52.79
N PHE SC 100 87.59 64.15 -52.20
CA PHE SC 100 86.94 62.86 -52.38
C PHE SC 100 85.89 62.87 -53.48
N ARG SC 101 85.60 64.02 -54.07
CA ARG SC 101 84.58 64.10 -55.11
C ARG SC 101 85.07 63.53 -56.44
N ALA TC 2 52.34 89.42 -47.18
CA ALA TC 2 53.51 89.26 -48.05
C ALA TC 2 53.35 88.05 -48.96
N VAL TC 3 54.47 87.60 -49.52
CA VAL TC 3 54.51 86.36 -50.28
C VAL TC 3 54.23 85.19 -49.34
N ALA TC 4 53.40 84.25 -49.82
CA ALA TC 4 52.85 83.20 -48.95
C ALA TC 4 53.92 82.25 -48.42
N VAL TC 5 53.65 81.68 -47.25
CA VAL TC 5 54.58 80.80 -46.55
C VAL TC 5 53.95 79.41 -46.50
N GLY TC 6 54.73 78.41 -46.85
CA GLY TC 6 54.34 77.03 -46.61
C GLY TC 6 55.38 76.31 -45.79
N MET TC 7 54.91 75.61 -44.76
CA MET TC 7 55.80 74.89 -43.85
C MET TC 7 55.35 73.45 -43.77
N ILE TC 8 56.30 72.53 -43.88
CA ILE TC 8 56.07 71.11 -43.61
C ILE TC 8 57.01 70.71 -42.49
N GLU TC 9 56.45 70.22 -41.38
CA GLU TC 9 57.23 69.68 -40.29
C GLU TC 9 57.19 68.17 -40.34
N THR TC 10 58.36 67.54 -40.38
CA THR TC 10 58.47 66.09 -40.38
C THR TC 10 59.27 65.63 -39.17
N LEU TC 11 59.11 64.35 -38.85
CA LEU TC 11 59.93 63.68 -37.85
C LEU TC 11 61.06 63.00 -38.58
N GLY TC 12 62.23 63.63 -38.61
CA GLY TC 12 63.37 63.06 -39.28
C GLY TC 12 63.91 63.90 -40.40
N PHE TC 13 65.22 63.84 -40.60
CA PHE TC 13 65.91 64.58 -41.65
C PHE TC 13 65.81 63.98 -43.07
N PRO TC 14 65.84 62.65 -43.29
CA PRO TC 14 65.56 62.18 -44.65
C PRO TC 14 64.16 62.45 -45.14
N ALA TC 15 63.18 62.58 -44.23
CA ALA TC 15 61.83 62.91 -44.64
C ALA TC 15 61.69 64.38 -45.01
N VAL TC 16 62.56 65.23 -44.45
CA VAL TC 16 62.39 66.67 -44.66
C VAL TC 16 63.14 67.11 -45.91
N VAL TC 17 64.09 66.31 -46.38
CA VAL TC 17 64.76 66.62 -47.64
C VAL TC 17 63.93 66.13 -48.81
N GLU TC 18 63.24 65.01 -48.64
CA GLU TC 18 62.30 64.54 -49.65
C GLU TC 18 61.07 65.43 -49.71
N ALA TC 19 60.64 65.97 -48.58
CA ALA TC 19 59.56 66.95 -48.58
C ALA TC 19 59.98 68.24 -49.26
N ALA TC 20 61.20 68.69 -49.02
CA ALA TC 20 61.67 69.93 -49.63
C ALA TC 20 61.96 69.74 -51.11
N ASP TC 21 62.41 68.56 -51.51
CA ASP TC 21 62.67 68.32 -52.93
C ASP TC 21 61.38 68.14 -53.71
N ALA TC 22 60.34 67.62 -53.08
CA ALA TC 22 59.06 67.47 -53.76
C ALA TC 22 58.36 68.82 -53.90
N MET TC 23 58.62 69.75 -52.98
CA MET TC 23 57.93 71.03 -53.01
C MET TC 23 58.42 71.91 -54.15
N VAL TC 24 59.73 72.01 -54.33
CA VAL TC 24 60.27 72.92 -55.32
C VAL TC 24 60.18 72.34 -56.72
N LYS TC 25 59.91 71.04 -56.83
CA LYS TC 25 59.67 70.44 -58.14
C LYS TC 25 58.20 70.54 -58.53
N ALA TC 26 57.31 70.58 -57.55
CA ALA TC 26 55.89 70.54 -57.86
C ALA TC 26 55.37 71.89 -58.32
N ALA TC 27 55.93 72.98 -57.82
CA ALA TC 27 55.41 74.31 -58.13
C ALA TC 27 56.54 75.32 -58.13
N ARG TC 28 56.17 76.58 -58.37
CA ARG TC 28 57.13 77.68 -58.43
C ARG TC 28 57.28 78.31 -57.05
N VAL TC 29 57.75 77.49 -56.12
CA VAL TC 29 58.04 77.95 -54.77
C VAL TC 29 59.55 77.99 -54.60
N THR TC 30 59.99 78.81 -53.65
CA THR TC 30 61.40 78.90 -53.30
C THR TC 30 61.56 78.36 -51.89
N LEU TC 31 62.33 77.28 -51.75
CA LEU TC 31 62.75 76.80 -50.44
C LEU TC 31 63.70 77.83 -49.84
N VAL TC 32 63.31 78.46 -48.74
CA VAL TC 32 64.09 79.51 -48.14
C VAL TC 32 64.60 79.16 -46.75
N GLY TC 33 64.01 78.17 -46.09
CA GLY TC 33 64.20 78.02 -44.66
C GLY TC 33 64.35 76.58 -44.27
N TYR TC 34 64.96 76.38 -43.10
CA TYR TC 34 65.26 75.07 -42.57
C TYR TC 34 65.39 75.22 -41.07
N GLU TC 35 64.50 74.59 -40.31
CA GLU TC 35 64.40 74.88 -38.89
C GLU TC 35 64.36 73.58 -38.08
N LYS TC 36 65.21 73.53 -37.05
CA LYS TC 36 65.24 72.43 -36.10
C LYS TC 36 64.79 72.97 -34.75
N ILE TC 37 63.80 72.31 -34.14
CA ILE TC 37 63.24 72.74 -32.88
C ILE TC 37 63.35 71.67 -31.79
N GLY TC 38 64.02 70.56 -32.09
CA GLY TC 38 64.21 69.49 -31.12
C GLY TC 38 63.26 68.34 -31.32
N THR TC 39 63.62 67.22 -30.66
CA THR TC 39 62.98 65.89 -30.78
C THR TC 39 62.81 65.43 -32.22
N GLY TC 40 63.73 65.76 -33.11
CA GLY TC 40 63.63 65.35 -34.48
C GLY TC 40 62.57 66.06 -35.29
N ARG TC 41 61.96 67.11 -34.76
CA ARG TC 41 60.97 67.88 -35.49
C ARG TC 41 61.69 68.89 -36.36
N VAL TC 42 61.71 68.64 -37.66
CA VAL TC 42 62.45 69.45 -38.62
C VAL TC 42 61.44 70.07 -39.58
N THR TC 43 61.63 71.36 -39.86
CA THR TC 43 60.69 72.13 -40.67
C THR TC 43 61.42 72.76 -41.84
N VAL TC 44 60.87 72.61 -43.03
CA VAL TC 44 61.31 73.34 -44.21
C VAL TC 44 60.23 74.35 -44.59
N ILE TC 45 60.66 75.50 -45.09
CA ILE TC 45 59.81 76.65 -45.34
C ILE TC 45 59.95 77.07 -46.79
N VAL TC 46 58.84 77.09 -47.51
CA VAL TC 46 58.83 77.56 -48.90
C VAL TC 46 58.09 78.88 -48.98
N ARG TC 47 58.48 79.69 -49.96
CA ARG TC 47 57.79 80.95 -50.27
C ARG TC 47 57.36 80.94 -51.72
N GLY TC 48 56.18 81.50 -51.97
CA GLY TC 48 55.69 81.62 -53.33
C GLY TC 48 54.30 82.19 -53.33
N ASP TC 49 53.67 82.14 -54.50
CA ASP TC 49 52.25 82.45 -54.58
C ASP TC 49 51.45 81.39 -53.84
N VAL TC 50 50.28 81.78 -53.35
CA VAL TC 50 49.49 80.91 -52.46
C VAL TC 50 48.98 79.68 -53.20
N SER TC 51 48.69 79.79 -54.50
CA SER TC 51 48.32 78.62 -55.29
C SER TC 51 49.51 77.70 -55.50
N GLU TC 52 50.69 78.28 -55.67
CA GLU TC 52 51.89 77.46 -55.81
C GLU TC 52 52.32 76.88 -54.47
N VAL TC 53 52.11 77.62 -53.39
CA VAL TC 53 52.48 77.12 -52.07
C VAL TC 53 51.55 76.00 -51.64
N GLN TC 54 50.26 76.12 -51.96
CA GLN TC 54 49.31 75.06 -51.66
C GLN TC 54 49.58 73.80 -52.49
N ALA TC 55 49.99 73.97 -53.74
CA ALA TC 55 50.27 72.82 -54.59
C ALA TC 55 51.56 72.13 -54.19
N SER TC 56 52.51 72.89 -53.65
CA SER TC 56 53.79 72.30 -53.27
C SER TC 56 53.70 71.60 -51.92
N VAL TC 57 53.06 72.24 -50.94
CA VAL TC 57 52.98 71.70 -49.59
C VAL TC 57 52.14 70.43 -49.57
N SER TC 58 51.11 70.37 -50.41
CA SER TC 58 50.34 69.13 -50.57
C SER TC 58 51.17 68.04 -51.22
N ALA TC 59 51.96 68.39 -52.23
CA ALA TC 59 52.76 67.40 -52.94
C ALA TC 59 53.99 66.98 -52.14
N GLY TC 60 54.47 67.86 -51.26
CA GLY TC 60 55.54 67.48 -50.36
C GLY TC 60 55.07 66.62 -49.21
N THR TC 61 53.76 66.59 -48.97
CA THR TC 61 53.23 65.78 -47.88
C THR TC 61 53.14 64.30 -48.27
N GLU TC 62 52.68 64.00 -49.48
CA GLU TC 62 52.56 62.60 -49.87
C GLU TC 62 53.92 61.99 -50.23
N SER TC 63 54.92 62.83 -50.50
CA SER TC 63 56.23 62.30 -50.85
C SER TC 63 57.00 61.83 -49.63
N VAL TC 64 56.57 62.22 -48.42
CA VAL TC 64 57.17 61.69 -47.21
C VAL TC 64 56.78 60.23 -47.01
N LYS TC 65 55.63 59.82 -47.57
CA LYS TC 65 55.24 58.41 -47.54
C LYS TC 65 56.13 57.53 -48.41
N ARG TC 66 56.87 58.12 -49.35
CA ARG TC 66 57.90 57.38 -50.06
C ARG TC 66 59.05 57.02 -49.13
N VAL TC 67 59.34 57.88 -48.16
CA VAL TC 67 60.43 57.62 -47.21
C VAL TC 67 59.96 56.60 -46.18
N ASN TC 68 60.72 55.51 -46.04
CA ASN TC 68 60.48 54.55 -44.98
C ASN TC 68 60.92 55.16 -43.66
N GLY TC 69 60.01 55.16 -42.67
CA GLY TC 69 60.33 55.82 -41.42
C GLY TC 69 60.18 57.31 -41.45
N GLY TC 70 59.56 57.87 -42.49
CA GLY TC 70 59.28 59.28 -42.58
C GLY TC 70 57.84 59.55 -42.18
N GLN TC 71 57.64 60.66 -41.47
CA GLN TC 71 56.34 60.99 -40.92
C GLN TC 71 56.16 62.50 -40.87
N VAL TC 72 55.10 62.98 -41.50
CA VAL TC 72 54.74 64.41 -41.46
C VAL TC 72 54.04 64.67 -40.13
N LEU TC 73 54.56 65.62 -39.36
CA LEU TC 73 53.94 65.97 -38.10
C LEU TC 73 52.91 67.09 -38.28
N SER TC 74 53.28 68.14 -39.01
CA SER TC 74 52.41 69.29 -39.14
C SER TC 74 52.73 70.03 -40.43
N THR TC 75 51.69 70.42 -41.15
CA THR TC 75 51.81 71.28 -42.32
C THR TC 75 50.94 72.51 -42.12
N HIS TC 76 51.37 73.63 -42.70
CA HIS TC 76 50.56 74.83 -42.66
C HIS TC 76 50.94 75.75 -43.80
N ILE TC 77 49.94 76.50 -44.29
CA ILE TC 77 50.12 77.50 -45.34
C ILE TC 77 49.55 78.81 -44.82
N ILE TC 78 50.36 79.86 -44.84
CA ILE TC 78 49.91 81.21 -44.55
C ILE TC 78 49.89 81.98 -45.86
N ALA TC 79 48.70 82.45 -46.26
CA ALA TC 79 48.52 83.01 -47.60
C ALA TC 79 49.13 84.39 -47.72
N ARG TC 80 49.09 85.18 -46.65
CA ARG TC 80 49.60 86.55 -46.68
C ARG TC 80 50.16 86.86 -45.31
N PRO TC 81 51.41 86.48 -45.05
CA PRO TC 81 52.00 86.74 -43.74
C PRO TC 81 52.33 88.20 -43.55
N HIS TC 82 52.28 88.62 -42.29
CA HIS TC 82 52.64 89.97 -41.92
C HIS TC 82 54.14 90.18 -42.13
N GLU TC 83 54.51 91.43 -42.38
CA GLU TC 83 55.91 91.78 -42.62
C GLU TC 83 56.75 91.75 -41.34
N ASN TC 84 56.11 91.66 -40.17
CA ASN TC 84 56.84 91.46 -38.92
C ASN TC 84 57.45 90.07 -38.83
N LEU TC 85 56.89 89.10 -39.55
CA LEU TC 85 57.28 87.71 -39.37
C LEU TC 85 58.62 87.40 -40.00
N GLU TC 86 58.99 88.11 -41.06
CA GLU TC 86 60.24 87.79 -41.76
C GLU TC 86 61.46 88.30 -41.01
N TYR TC 87 61.26 89.23 -40.08
CA TYR TC 87 62.40 89.77 -39.34
C TYR TC 87 62.65 89.00 -38.05
N VAL TC 88 61.69 88.18 -37.63
CA VAL TC 88 61.87 87.37 -36.43
C VAL TC 88 62.00 85.89 -36.79
N LEU TC 89 61.05 85.37 -37.49
CA LEU TC 89 61.02 83.96 -37.86
C LEU TC 89 61.85 83.73 -39.12
N PRO TC 90 62.50 82.56 -39.23
CA PRO TC 90 63.31 82.27 -40.43
C PRO TC 90 62.47 81.82 -41.63
N ILE TC 91 61.61 82.72 -42.09
CA ILE TC 91 60.80 82.49 -43.28
C ILE TC 91 61.14 83.45 -44.40
N ARG TC 92 62.18 84.26 -44.24
CA ARG TC 92 62.48 85.30 -45.21
C ARG TC 92 63.39 84.78 -46.31
N TYR TC 93 63.39 85.51 -47.42
CA TYR TC 93 64.33 85.25 -48.49
C TYR TC 93 65.73 85.67 -48.08
N THR TC 94 66.62 84.70 -47.94
CA THR TC 94 68.04 85.01 -47.75
C THR TC 94 68.67 85.29 -49.11
N GLU TC 95 69.90 85.82 -49.07
CA GLU TC 95 70.55 86.23 -50.31
C GLU TC 95 71.07 85.04 -51.10
N GLU TC 96 71.21 83.87 -50.46
CA GLU TC 96 71.70 82.70 -51.16
C GLU TC 96 70.62 82.07 -52.05
N VAL TC 97 69.35 82.35 -51.76
CA VAL TC 97 68.24 81.74 -52.49
C VAL TC 97 67.52 82.76 -53.37
N GLU TC 98 68.15 83.90 -53.66
CA GLU TC 98 67.52 84.90 -54.51
C GLU TC 98 67.60 84.54 -55.99
N GLN TC 99 68.41 83.54 -56.35
CA GLN TC 99 68.46 83.08 -57.73
C GLN TC 99 67.26 82.20 -58.07
N PHE TC 100 66.54 81.71 -57.07
CA PHE TC 100 65.41 80.82 -57.28
C PHE TC 100 64.07 81.51 -57.11
N ARG TC 101 64.05 82.80 -56.82
CA ARG TC 101 62.80 83.51 -56.61
C ARG TC 101 62.08 83.79 -57.93
N ALA UC 2 71.64 50.42 -75.98
CA ALA UC 2 72.34 51.65 -75.64
C ALA UC 2 72.01 52.06 -74.21
N VAL UC 3 71.16 53.09 -74.07
CA VAL UC 3 70.69 53.47 -72.75
C VAL UC 3 69.57 52.53 -72.34
N ALA UC 4 69.26 52.50 -71.04
CA ALA UC 4 68.24 51.60 -70.54
C ALA UC 4 66.84 52.07 -70.93
N VAL UC 5 65.87 51.20 -70.76
CA VAL UC 5 64.47 51.50 -71.03
C VAL UC 5 63.64 51.09 -69.82
N GLY UC 6 62.76 51.97 -69.40
CA GLY UC 6 61.83 51.66 -68.32
C GLY UC 6 60.42 51.97 -68.74
N MET UC 7 59.50 51.13 -68.27
CA MET UC 7 58.09 51.24 -68.64
C MET UC 7 57.25 51.22 -67.38
N ILE UC 8 56.23 52.05 -67.33
CA ILE UC 8 55.18 51.99 -66.31
C ILE UC 8 53.85 51.92 -67.04
N GLU UC 9 53.11 50.85 -66.81
CA GLU UC 9 51.76 50.72 -67.36
C GLU UC 9 50.74 51.02 -66.27
N THR UC 10 49.89 52.01 -66.52
CA THR UC 10 48.82 52.35 -65.61
C THR UC 10 47.48 52.09 -66.26
N LEU UC 11 46.45 52.04 -65.43
CA LEU UC 11 45.07 51.99 -65.89
C LEU UC 11 44.53 53.41 -65.86
N GLY UC 12 44.45 54.03 -67.02
CA GLY UC 12 43.96 55.39 -67.10
C GLY UC 12 44.99 56.41 -67.55
N PHE UC 13 44.55 57.42 -68.27
CA PHE UC 13 45.40 58.50 -68.76
C PHE UC 13 45.80 59.56 -67.72
N PRO UC 14 44.96 59.98 -66.76
CA PRO UC 14 45.49 60.87 -65.71
C PRO UC 14 46.55 60.23 -64.82
N ALA UC 15 46.53 58.90 -64.69
CA ALA UC 15 47.57 58.24 -63.92
C ALA UC 15 48.87 58.13 -64.71
N VAL UC 16 48.77 58.07 -66.03
CA VAL UC 16 49.98 57.86 -66.83
C VAL UC 16 50.71 59.17 -67.05
N VAL UC 17 50.03 60.30 -66.88
CA VAL UC 17 50.70 61.59 -66.99
C VAL UC 17 51.39 61.94 -65.68
N GLU UC 18 50.76 61.60 -64.56
CA GLU UC 18 51.39 61.77 -63.25
C GLU UC 18 52.57 60.82 -63.10
N ALA UC 19 52.48 59.61 -63.65
CA ALA UC 19 53.61 58.70 -63.64
C ALA UC 19 54.75 59.21 -64.51
N ALA UC 20 54.42 59.73 -65.70
CA ALA UC 20 55.45 60.24 -66.59
C ALA UC 20 56.07 61.53 -66.07
N ASP UC 21 55.28 62.34 -65.36
CA ASP UC 21 55.82 63.57 -64.78
C ASP UC 21 56.71 63.27 -63.58
N ALA UC 22 56.40 62.22 -62.83
CA ALA UC 22 57.21 61.86 -61.68
C ALA UC 22 58.50 61.19 -62.11
N MET UC 23 58.52 60.58 -63.30
CA MET UC 23 59.72 59.90 -63.76
C MET UC 23 60.79 60.89 -64.19
N VAL UC 24 60.41 61.90 -64.97
CA VAL UC 24 61.40 62.81 -65.52
C VAL UC 24 61.79 63.87 -64.50
N LYS UC 25 61.07 63.96 -63.38
CA LYS UC 25 61.49 64.83 -62.30
C LYS UC 25 62.41 64.11 -61.32
N ALA UC 26 62.27 62.80 -61.20
CA ALA UC 26 63.03 62.06 -60.20
C ALA UC 26 64.48 61.90 -60.61
N ALA UC 27 64.75 61.60 -61.88
CA ALA UC 27 66.10 61.31 -62.32
C ALA UC 27 66.30 61.83 -63.73
N ARG UC 28 67.51 61.63 -64.25
CA ARG UC 28 67.90 62.11 -65.57
C ARG UC 28 67.49 61.08 -66.63
N VAL UC 29 66.19 60.94 -66.79
CA VAL UC 29 65.62 60.10 -67.83
C VAL UC 29 64.88 60.98 -68.82
N THR UC 30 64.72 60.47 -70.03
CA THR UC 30 63.98 61.13 -71.08
C THR UC 30 62.73 60.32 -71.37
N LEU UC 31 61.56 60.92 -71.14
CA LEU UC 31 60.31 60.35 -71.60
C LEU UC 31 60.29 60.39 -73.12
N VAL UC 32 60.26 59.22 -73.75
CA VAL UC 32 60.35 59.13 -75.20
C VAL UC 32 59.08 58.57 -75.82
N GLY UC 33 58.24 57.88 -75.07
CA GLY UC 33 57.22 57.05 -75.68
C GLY UC 33 55.94 57.07 -74.89
N TYR UC 34 54.88 56.58 -75.53
CA TYR UC 34 53.53 56.65 -75.02
C TYR UC 34 52.71 55.63 -75.79
N GLU UC 35 52.21 54.61 -75.10
CA GLU UC 35 51.65 53.45 -75.77
C GLU UC 35 50.29 53.09 -75.19
N LYS UC 36 49.33 52.85 -76.06
CA LYS UC 36 47.99 52.41 -75.71
C LYS UC 36 47.74 51.05 -76.35
N ILE UC 37 47.31 50.08 -75.55
CA ILE UC 37 47.12 48.71 -76.03
C ILE UC 37 45.69 48.25 -75.84
N GLY UC 38 44.80 49.10 -75.33
CA GLY UC 38 43.44 48.71 -75.06
C GLY UC 38 43.21 48.38 -73.60
N THR UC 39 41.93 48.24 -73.26
CA THR UC 39 41.38 48.17 -71.89
C THR UC 39 41.91 49.26 -70.97
N GLY UC 40 42.14 50.46 -71.50
CA GLY UC 40 42.65 51.55 -70.69
C GLY UC 40 44.08 51.41 -70.22
N ARG UC 41 44.81 50.40 -70.69
CA ARG UC 41 46.16 50.15 -70.27
C ARG UC 41 47.10 51.06 -71.07
N VAL UC 42 47.68 52.04 -70.40
CA VAL UC 42 48.51 53.05 -71.04
C VAL UC 42 49.91 52.96 -70.45
N THR UC 43 50.92 52.97 -71.33
CA THR UC 43 52.30 52.80 -70.93
C THR UC 43 53.11 54.01 -71.37
N VAL UC 44 53.96 54.50 -70.47
CA VAL UC 44 54.96 55.52 -70.80
C VAL UC 44 56.34 54.89 -70.72
N ILE UC 45 57.20 55.28 -71.66
CA ILE UC 45 58.52 54.69 -71.83
C ILE UC 45 59.57 55.77 -71.59
N VAL UC 46 60.47 55.52 -70.65
CA VAL UC 46 61.59 56.42 -70.40
C VAL UC 46 62.88 55.76 -70.82
N ARG UC 47 63.83 56.56 -71.27
CA ARG UC 47 65.17 56.11 -71.59
C ARG UC 47 66.17 56.84 -70.71
N GLY UC 48 67.29 56.19 -70.42
CA GLY UC 48 68.32 56.81 -69.62
C GLY UC 48 69.29 55.76 -69.14
N ASP UC 49 70.14 56.16 -68.20
CA ASP UC 49 70.99 55.18 -67.53
C ASP UC 49 70.13 54.29 -66.65
N VAL UC 50 70.61 53.07 -66.40
CA VAL UC 50 69.82 52.07 -65.70
C VAL UC 50 69.60 52.44 -64.23
N SER UC 51 70.55 53.15 -63.62
CA SER UC 51 70.35 53.66 -62.27
C SER UC 51 69.32 54.79 -62.26
N GLU UC 52 69.32 55.64 -63.28
CA GLU UC 52 68.35 56.71 -63.36
C GLU UC 52 66.96 56.17 -63.73
N VAL UC 53 66.93 55.13 -64.56
CA VAL UC 53 65.64 54.53 -64.92
C VAL UC 53 65.03 53.81 -63.72
N GLN UC 54 65.86 53.20 -62.88
CA GLN UC 54 65.38 52.53 -61.67
C GLN UC 54 64.84 53.53 -60.66
N ALA UC 55 65.47 54.69 -60.56
CA ALA UC 55 65.01 55.70 -59.62
C ALA UC 55 63.75 56.38 -60.11
N SER UC 56 63.59 56.49 -61.43
CA SER UC 56 62.41 57.15 -61.98
C SER UC 56 61.19 56.24 -61.94
N VAL UC 57 61.38 54.95 -62.24
CA VAL UC 57 60.26 54.00 -62.27
C VAL UC 57 59.72 53.77 -60.86
N SER UC 58 60.61 53.77 -59.86
CA SER UC 58 60.16 53.63 -58.48
C SER UC 58 59.42 54.87 -57.99
N ALA UC 59 59.77 56.03 -58.51
CA ALA UC 59 59.07 57.25 -58.13
C ALA UC 59 57.79 57.43 -58.91
N GLY UC 60 57.76 56.96 -60.16
CA GLY UC 60 56.55 57.02 -60.96
C GLY UC 60 55.51 56.02 -60.51
N THR UC 61 55.93 54.93 -59.86
CA THR UC 61 54.98 53.98 -59.31
C THR UC 61 54.30 54.53 -58.06
N GLU UC 62 55.06 55.24 -57.23
CA GLU UC 62 54.49 55.78 -55.99
C GLU UC 62 53.57 56.96 -56.25
N SER UC 63 53.73 57.64 -57.39
CA SER UC 63 52.93 58.83 -57.67
C SER UC 63 51.55 58.51 -58.22
N VAL UC 64 51.34 57.28 -58.68
CA VAL UC 64 50.01 56.90 -59.15
C VAL UC 64 49.09 56.66 -57.96
N LYS UC 65 49.67 56.34 -56.79
CA LYS UC 65 48.90 56.16 -55.56
C LYS UC 65 48.22 57.44 -55.09
N ARG UC 66 48.73 58.61 -55.48
CA ARG UC 66 48.07 59.86 -55.16
C ARG UC 66 47.00 60.25 -56.17
N VAL UC 67 46.95 59.57 -57.32
CA VAL UC 67 45.90 59.82 -58.30
C VAL UC 67 44.66 59.03 -57.91
N ASN UC 68 43.53 59.73 -57.80
CA ASN UC 68 42.26 59.09 -57.49
C ASN UC 68 41.74 58.41 -58.75
N GLY UC 69 41.66 57.09 -58.74
CA GLY UC 69 41.22 56.32 -59.88
C GLY UC 69 42.33 55.80 -60.75
N GLY UC 70 43.59 55.88 -60.30
CA GLY UC 70 44.70 55.37 -61.07
C GLY UC 70 45.33 54.18 -60.38
N GLN UC 71 45.95 53.33 -61.19
CA GLN UC 71 46.48 52.06 -60.70
C GLN UC 71 47.61 51.60 -61.61
N VAL UC 72 48.77 51.35 -61.01
CA VAL UC 72 49.91 50.79 -61.73
C VAL UC 72 49.62 49.32 -61.99
N LEU UC 73 49.63 48.93 -63.26
CA LEU UC 73 49.40 47.54 -63.61
C LEU UC 73 50.72 46.77 -63.73
N SER UC 74 51.70 47.37 -64.39
CA SER UC 74 52.95 46.67 -64.65
C SER UC 74 54.07 47.68 -64.83
N THR UC 75 55.21 47.38 -64.22
CA THR UC 75 56.43 48.14 -64.41
C THR UC 75 57.55 47.20 -64.80
N HIS UC 76 58.49 47.68 -65.62
CA HIS UC 76 59.65 46.90 -65.97
C HIS UC 76 60.79 47.81 -66.37
N ILE UC 77 62.02 47.31 -66.17
CA ILE UC 77 63.25 48.01 -66.47
C ILE UC 77 64.17 47.03 -67.20
N ILE UC 78 64.70 47.43 -68.35
CA ILE UC 78 65.69 46.65 -69.08
C ILE UC 78 66.97 47.49 -69.15
N ALA UC 79 68.08 46.92 -68.66
CA ALA UC 79 69.32 47.68 -68.49
C ALA UC 79 69.93 48.10 -69.82
N ARG UC 80 69.84 47.23 -70.82
CA ARG UC 80 70.33 47.53 -72.17
C ARG UC 80 69.50 46.72 -73.13
N PRO UC 81 68.50 47.32 -73.76
CA PRO UC 81 67.69 46.60 -74.74
C PRO UC 81 68.49 46.28 -75.99
N HIS UC 82 68.03 45.26 -76.70
CA HIS UC 82 68.65 44.87 -77.96
C HIS UC 82 68.39 45.94 -79.02
N GLU UC 83 69.27 45.99 -80.02
CA GLU UC 83 69.10 46.94 -81.11
C GLU UC 83 67.95 46.54 -82.04
N ASN UC 84 67.49 45.29 -81.94
CA ASN UC 84 66.30 44.86 -82.66
C ASN UC 84 65.04 45.55 -82.15
N LEU UC 85 64.99 45.84 -80.85
CA LEU UC 85 63.76 46.34 -80.24
C LEU UC 85 63.47 47.79 -80.60
N GLU UC 86 64.49 48.53 -81.02
CA GLU UC 86 64.29 49.95 -81.34
C GLU UC 86 63.50 50.10 -82.63
N TYR UC 87 63.60 49.14 -83.54
CA TYR UC 87 62.96 49.27 -84.84
C TYR UC 87 61.55 48.69 -84.83
N VAL UC 88 61.26 47.79 -83.90
CA VAL UC 88 59.94 47.16 -83.86
C VAL UC 88 59.07 47.81 -82.81
N LEU UC 89 59.57 47.96 -81.62
CA LEU UC 89 58.84 48.50 -80.49
C LEU UC 89 59.07 50.01 -80.38
N PRO UC 90 58.06 50.76 -79.94
CA PRO UC 90 58.20 52.24 -79.85
C PRO UC 90 58.91 52.68 -78.58
N ILE UC 91 60.17 52.25 -78.43
CA ILE UC 91 60.99 52.64 -77.29
C ILE UC 91 62.17 53.50 -77.70
N ARG UC 92 62.26 53.91 -78.96
CA ARG UC 92 63.40 54.66 -79.44
C ARG UC 92 63.21 56.15 -79.22
N TYR UC 93 64.32 56.88 -79.27
CA TYR UC 93 64.29 58.33 -79.20
C TYR UC 93 63.69 58.90 -80.48
N THR UC 94 62.70 59.76 -80.33
CA THR UC 94 62.12 60.45 -81.47
C THR UC 94 62.86 61.76 -81.72
N GLU UC 95 62.43 62.47 -82.78
CA GLU UC 95 63.13 63.69 -83.17
C GLU UC 95 62.81 64.84 -82.23
N GLU UC 96 61.67 64.81 -81.56
CA GLU UC 96 61.25 65.95 -80.74
C GLU UC 96 61.84 65.86 -79.33
N VAL UC 97 62.25 64.66 -78.91
CA VAL UC 97 62.74 64.46 -77.54
C VAL UC 97 64.26 64.50 -77.49
N GLU UC 98 64.92 64.92 -78.57
CA GLU UC 98 66.38 64.98 -78.57
C GLU UC 98 66.94 66.12 -77.73
N GLN UC 99 66.10 67.11 -77.39
CA GLN UC 99 66.56 68.20 -76.54
C GLN UC 99 66.67 67.76 -75.08
N PHE UC 100 65.95 66.72 -74.69
CA PHE UC 100 65.95 66.23 -73.32
C PHE UC 100 66.88 65.06 -73.10
N ARG UC 101 67.61 64.62 -74.12
CA ARG UC 101 68.51 63.48 -73.99
C ARG UC 101 69.79 63.85 -73.25
N MET VC 1 90.30 29.26 -47.24
CA MET VC 1 90.34 30.70 -47.46
C MET VC 1 91.55 31.10 -48.28
N GLN VC 2 91.48 32.30 -48.86
CA GLN VC 2 92.59 32.90 -49.57
C GLN VC 2 92.82 34.30 -49.01
N MET VC 3 94.07 34.73 -49.05
CA MET VC 3 94.40 36.11 -48.72
C MET VC 3 94.22 36.97 -49.96
N ALA VC 4 93.56 38.11 -49.80
CA ALA VC 4 93.28 38.99 -50.92
C ALA VC 4 93.41 40.43 -50.46
N LYS VC 5 93.67 41.30 -51.42
CA LYS VC 5 93.76 42.74 -51.21
C LYS VC 5 92.57 43.41 -51.88
N VAL VC 6 91.89 44.28 -51.13
CA VAL VC 6 90.72 44.99 -51.65
C VAL VC 6 91.22 46.03 -52.66
N CYS VC 7 90.93 45.81 -53.94
CA CYS VC 7 91.39 46.73 -54.97
C CYS VC 7 90.27 47.62 -55.48
N GLY VC 8 89.02 47.30 -55.16
CA GLY VC 8 87.95 48.17 -55.58
C GLY VC 8 86.58 47.61 -55.29
N THR VC 9 85.58 48.30 -55.84
CA THR VC 9 84.18 47.96 -55.64
C THR VC 9 83.52 47.70 -56.98
N VAL VC 10 82.54 46.79 -56.97
CA VAL VC 10 81.72 46.49 -58.14
C VAL VC 10 80.28 46.78 -57.78
N VAL VC 11 79.62 47.63 -58.58
CA VAL VC 11 78.25 48.03 -58.34
C VAL VC 11 77.42 47.56 -59.53
N GLY VC 12 76.36 46.79 -59.24
CA GLY VC 12 75.40 46.43 -60.25
C GLY VC 12 74.00 46.82 -59.83
N THR VC 13 73.25 47.47 -60.73
CA THR VC 13 71.89 47.87 -60.38
C THR VC 13 70.85 46.85 -60.83
N GLN VC 14 70.99 46.27 -62.01
CA GLN VC 14 70.11 45.19 -62.47
C GLN VC 14 70.69 43.87 -61.99
N LYS VC 15 70.06 43.29 -60.98
CA LYS VC 15 70.55 42.07 -60.36
C LYS VC 15 69.35 41.26 -59.87
N LEU VC 16 69.65 40.14 -59.25
CA LEU VC 16 68.60 39.35 -58.62
C LEU VC 16 68.09 40.06 -57.38
N PRO VC 17 66.81 39.85 -57.01
CA PRO VC 17 66.29 40.49 -55.80
C PRO VC 17 66.90 39.97 -54.51
N SER VC 18 67.51 38.78 -54.55
CA SER VC 18 68.22 38.29 -53.38
C SER VC 18 69.65 38.83 -53.30
N MET VC 19 70.08 39.58 -54.32
CA MET VC 19 71.42 40.16 -54.32
C MET VC 19 71.43 41.61 -53.84
N THR VC 20 70.30 42.15 -53.40
CA THR VC 20 70.28 43.54 -52.98
C THR VC 20 70.77 43.65 -51.53
N GLY VC 21 71.38 44.80 -51.22
CA GLY VC 21 72.00 44.98 -49.92
C GLY VC 21 73.37 44.34 -49.77
N VAL VC 22 73.82 43.58 -50.76
CA VAL VC 22 75.10 42.88 -50.70
C VAL VC 22 76.18 43.81 -51.23
N LYS VC 23 77.16 44.13 -50.38
CA LYS VC 23 78.28 44.95 -50.79
C LYS VC 23 79.31 44.07 -51.50
N LEU VC 24 79.64 44.44 -52.73
CA LEU VC 24 80.50 43.65 -53.60
C LEU VC 24 81.86 44.32 -53.74
N LEU VC 25 82.90 43.64 -53.28
CA LEU VC 25 84.26 44.14 -53.35
C LEU VC 25 85.05 43.38 -54.40
N LEU VC 26 85.83 44.13 -55.17
CA LEU VC 26 86.77 43.56 -56.13
C LEU VC 26 88.08 43.33 -55.39
N LEU VC 27 88.42 42.07 -55.16
CA LEU VC 27 89.63 41.68 -54.43
C LEU VC 27 90.61 41.07 -55.39
N GLN VC 28 91.88 41.45 -55.28
CA GLN VC 28 92.96 40.78 -55.99
C GLN VC 28 93.68 39.85 -55.02
N PHE VC 29 93.91 38.62 -55.45
CA PHE VC 29 94.58 37.66 -54.60
C PHE VC 29 96.06 37.98 -54.48
N ILE VC 30 96.59 37.82 -53.27
CA ILE VC 30 97.99 37.99 -52.97
C ILE VC 30 98.55 36.63 -52.60
N ASP VC 31 99.84 36.42 -52.85
CA ASP VC 31 100.42 35.11 -52.57
C ASP VC 31 100.81 35.01 -51.10
N ALA VC 32 101.44 33.88 -50.75
CA ALA VC 32 101.92 33.70 -49.38
C ALA VC 32 103.12 34.58 -49.08
N ASN VC 33 103.82 35.06 -50.12
CA ASN VC 33 104.96 35.93 -49.90
C ASN VC 33 104.57 37.40 -49.85
N GLY VC 34 103.36 37.74 -50.31
CA GLY VC 34 102.85 39.09 -50.21
C GLY VC 34 102.65 39.84 -51.52
N GLU VC 35 103.03 39.26 -52.66
CA GLU VC 35 102.89 39.94 -53.94
C GLU VC 35 101.53 39.64 -54.56
N LEU VC 36 101.07 40.55 -55.42
CA LEU VC 36 99.76 40.43 -56.04
C LEU VC 36 99.78 39.38 -57.14
N LEU VC 37 98.84 38.44 -57.08
CA LEU VC 37 98.69 37.43 -58.11
C LEU VC 37 97.80 37.98 -59.24
N PRO VC 38 98.00 37.51 -60.48
CA PRO VC 38 97.09 37.90 -61.57
C PRO VC 38 95.78 37.10 -61.55
N LYS VC 39 95.04 37.24 -60.46
CA LYS VC 39 93.81 36.51 -60.23
C LYS VC 39 92.98 37.32 -59.26
N TYR VC 40 91.68 37.43 -59.52
CA TYR VC 40 90.80 38.28 -58.74
C TYR VC 40 89.58 37.52 -58.30
N GLU VC 41 88.74 38.21 -57.54
CA GLU VC 41 87.46 37.70 -57.08
C GLU VC 41 86.56 38.88 -56.78
N VAL VC 42 85.25 38.68 -56.95
CA VAL VC 42 84.25 39.60 -56.45
C VAL VC 42 83.54 38.91 -55.30
N ALA VC 43 83.58 39.51 -54.12
CA ALA VC 43 83.11 38.86 -52.92
C ALA VC 43 82.14 39.75 -52.17
N ALA VC 44 81.22 39.11 -51.45
CA ALA VC 44 80.39 39.81 -50.49
C ALA VC 44 81.23 40.24 -49.29
N ASP VC 45 80.86 41.36 -48.69
CA ASP VC 45 81.64 41.97 -47.62
C ASP VC 45 80.76 42.25 -46.41
N PRO VC 46 80.54 41.25 -45.55
CA PRO VC 46 79.85 41.53 -44.28
C PRO VC 46 80.76 42.20 -43.26
N VAL VC 47 82.02 41.81 -43.22
CA VAL VC 47 83.03 42.45 -42.38
C VAL VC 47 83.52 43.67 -43.14
N GLY VC 48 83.23 44.86 -42.62
CA GLY VC 48 83.37 46.08 -43.41
C GLY VC 48 84.80 46.40 -43.74
N ALA VC 49 85.19 46.21 -45.01
CA ALA VC 49 86.57 46.31 -45.45
C ALA VC 49 86.66 47.34 -46.56
N GLY VC 50 87.70 48.19 -46.49
CA GLY VC 50 87.89 49.24 -47.45
C GLY VC 50 89.09 48.99 -48.34
N LEU VC 51 89.33 49.95 -49.23
CA LEU VC 51 90.32 49.82 -50.29
C LEU VC 51 91.74 49.76 -49.72
N GLY VC 52 92.45 48.70 -50.09
CA GLY VC 52 93.82 48.50 -49.65
C GLY VC 52 94.01 47.47 -48.55
N GLU VC 53 92.94 47.05 -47.90
CA GLU VC 53 93.05 46.13 -46.78
C GLU VC 53 93.34 44.72 -47.25
N TRP VC 54 93.96 43.94 -46.38
CA TRP VC 54 94.16 42.52 -46.59
C TRP VC 54 93.01 41.75 -45.94
N VAL VC 55 92.34 40.93 -46.73
CA VAL VC 55 91.16 40.22 -46.25
C VAL VC 55 91.35 38.73 -46.46
N LEU VC 56 90.62 37.94 -45.67
CA LEU VC 56 90.45 36.52 -45.91
C LEU VC 56 89.12 36.32 -46.61
N VAL VC 57 89.15 35.65 -47.76
CA VAL VC 57 87.96 35.40 -48.54
C VAL VC 57 87.84 33.89 -48.77
N ASN VC 58 86.64 33.37 -48.53
CA ASN VC 58 86.37 31.98 -48.81
C ASN VC 58 85.61 31.88 -50.13
N ARG VC 59 85.36 30.65 -50.58
CA ARG VC 59 84.57 30.46 -51.79
C ARG VC 59 83.68 29.25 -51.62
N GLY VC 60 82.72 29.13 -52.54
CA GLY VC 60 81.81 28.01 -52.53
C GLY VC 60 80.59 28.25 -51.69
N SER VC 61 80.07 27.18 -51.09
CA SER VC 61 78.90 27.27 -50.24
C SER VC 61 79.22 27.80 -48.85
N ALA VC 62 80.50 28.04 -48.54
CA ALA VC 62 80.89 28.64 -47.28
C ALA VC 62 80.55 30.13 -47.23
N ALA VC 63 80.34 30.75 -48.39
CA ALA VC 63 79.87 32.13 -48.43
C ALA VC 63 78.44 32.29 -47.95
N ARG VC 64 77.68 31.20 -47.87
CA ARG VC 64 76.28 31.21 -47.49
C ARG VC 64 76.05 30.70 -46.07
N GLN VC 65 77.04 30.86 -45.19
CA GLN VC 65 76.95 30.31 -43.84
C GLN VC 65 76.71 31.35 -42.76
N THR VC 66 76.70 32.64 -43.11
CA THR VC 66 76.63 33.70 -42.10
C THR VC 66 75.20 34.10 -41.75
N GLU VC 67 74.24 33.19 -41.97
CA GLU VC 67 72.83 33.20 -41.55
C GLU VC 67 72.01 34.37 -42.09
N TYR VC 68 72.60 35.22 -42.93
CA TYR VC 68 71.82 36.15 -43.73
C TYR VC 68 72.27 36.15 -45.19
N HIS VC 69 73.30 35.39 -45.53
CA HIS VC 69 73.66 35.09 -46.91
C HIS VC 69 73.19 33.71 -47.34
N GLN VC 70 72.20 33.15 -46.64
CA GLN VC 70 71.93 31.71 -46.71
C GLN VC 70 71.30 31.32 -48.04
N ASN VC 71 70.31 32.06 -48.50
CA ASN VC 71 69.63 31.73 -49.75
C ASN VC 71 70.00 32.72 -50.86
N ARG VC 72 71.14 33.39 -50.70
CA ARG VC 72 71.70 34.36 -51.63
C ARG VC 72 72.67 33.68 -52.58
N PRO VC 73 72.66 34.02 -53.86
CA PRO VC 73 73.55 33.36 -54.83
C PRO VC 73 74.98 33.90 -54.77
N LEU VC 74 75.65 33.62 -53.66
CA LEU VC 74 76.99 34.12 -53.40
C LEU VC 74 77.96 32.93 -53.33
N ASP VC 75 79.10 33.06 -53.99
CA ASP VC 75 80.13 32.03 -53.95
C ASP VC 75 81.47 32.59 -53.52
N ALA VC 76 81.49 33.76 -52.89
CA ALA VC 76 82.70 34.37 -52.35
C ALA VC 76 82.29 35.37 -51.29
N MET VC 77 83.03 35.40 -50.19
CA MET VC 77 82.67 36.24 -49.06
C MET VC 77 83.93 36.57 -48.28
N VAL VC 78 84.12 37.86 -47.97
CA VAL VC 78 85.15 38.25 -47.03
C VAL VC 78 84.72 37.81 -45.64
N VAL VC 79 85.51 36.95 -45.00
CA VAL VC 79 85.18 36.45 -43.68
C VAL VC 79 85.98 37.13 -42.58
N ALA VC 80 87.11 37.73 -42.91
CA ALA VC 80 87.97 38.34 -41.90
C ALA VC 80 88.80 39.43 -42.56
N ILE VC 81 89.10 40.47 -41.80
CA ILE VC 81 90.11 41.44 -42.16
C ILE VC 81 91.40 41.01 -41.48
N ILE VC 82 92.46 40.87 -42.28
CA ILE VC 82 93.72 40.32 -41.77
C ILE VC 82 94.41 41.36 -40.91
N ASP VC 83 94.71 40.99 -39.67
CA ASP VC 83 95.52 41.81 -38.78
C ASP VC 83 97.01 41.54 -38.96
N THR VC 84 97.41 40.28 -38.88
CA THR VC 84 98.82 39.92 -38.89
C THR VC 84 99.00 38.62 -39.67
N VAL VC 85 99.98 38.61 -40.58
CA VAL VC 85 100.46 37.39 -41.20
C VAL VC 85 101.88 37.16 -40.72
N THR VC 86 102.09 36.04 -40.04
CA THR VC 86 103.41 35.64 -39.58
C THR VC 86 103.83 34.42 -40.37
N VAL VC 87 104.94 34.54 -41.11
CA VAL VC 87 105.48 33.44 -41.91
C VAL VC 87 106.86 33.12 -41.39
N ASN VC 88 107.07 31.85 -41.02
CA ASN VC 88 108.34 31.33 -40.48
C ASN VC 88 108.80 32.11 -39.27
N ASN VC 89 107.87 32.37 -38.35
CA ASN VC 89 108.00 33.18 -37.14
C ASN VC 89 108.43 34.62 -37.42
N ARG VC 90 108.27 35.11 -38.64
CA ARG VC 90 108.58 36.48 -39.02
C ARG VC 90 107.29 37.14 -39.49
N ARG VC 91 107.02 38.33 -38.98
CA ARG VC 91 105.80 39.05 -39.35
C ARG VC 91 105.91 39.55 -40.79
N LEU VC 92 105.00 39.09 -41.63
CA LEU VC 92 104.89 39.53 -43.01
C LEU VC 92 104.00 40.75 -43.18
N TYR VC 93 102.90 40.80 -42.44
CA TYR VC 93 101.93 41.88 -42.55
C TYR VC 93 101.52 42.30 -41.15
N GLY VC 94 101.26 43.60 -40.99
CA GLY VC 94 100.82 44.14 -39.72
C GLY VC 94 101.95 44.75 -38.90
N ALA WC 2 -3.35 113.93 -11.55
CA ALA WC 2 -2.98 114.83 -10.47
C ALA WC 2 -1.80 114.29 -9.68
N VAL WC 3 -1.63 114.79 -8.46
CA VAL WC 3 -0.60 114.31 -7.54
C VAL WC 3 -0.91 112.88 -7.14
N ALA WC 4 0.13 112.04 -7.08
CA ALA WC 4 -0.01 110.60 -6.95
C ALA WC 4 -0.66 110.21 -5.61
N VAL WC 5 -1.41 109.10 -5.64
CA VAL WC 5 -2.13 108.59 -4.48
C VAL WC 5 -1.50 107.27 -4.09
N GLY WC 6 -1.25 107.10 -2.80
CA GLY WC 6 -0.87 105.80 -2.26
C GLY WC 6 -1.83 105.38 -1.19
N MET WC 7 -2.16 104.10 -1.19
CA MET WC 7 -3.13 103.54 -0.25
C MET WC 7 -2.57 102.25 0.33
N ILE WC 8 -2.65 102.10 1.64
CA ILE WC 8 -2.35 100.85 2.32
C ILE WC 8 -3.57 100.48 3.14
N GLU WC 9 -4.17 99.34 2.82
CA GLU WC 9 -5.30 98.82 3.58
C GLU WC 9 -4.83 97.73 4.53
N THR WC 10 -5.08 97.93 5.82
CA THR WC 10 -4.72 96.96 6.83
C THR WC 10 -5.95 96.44 7.53
N LEU WC 11 -5.80 95.29 8.17
CA LEU WC 11 -6.82 94.72 9.04
C LEU WC 11 -6.44 95.07 10.47
N GLY WC 12 -6.99 96.18 10.96
CA GLY WC 12 -6.65 96.62 12.31
C GLY WC 12 -6.15 98.04 12.38
N PHE WC 13 -6.49 98.74 13.46
CA PHE WC 13 -6.08 100.12 13.68
C PHE WC 13 -4.63 100.31 14.17
N PRO WC 14 -4.04 99.45 15.01
CA PRO WC 14 -2.59 99.60 15.25
C PRO WC 14 -1.74 99.36 14.01
N ALA WC 15 -2.21 98.54 13.08
CA ALA WC 15 -1.44 98.29 11.86
C ALA WC 15 -1.56 99.46 10.88
N VAL WC 16 -2.64 100.24 10.98
CA VAL WC 16 -2.84 101.31 10.00
C VAL WC 16 -2.16 102.58 10.48
N VAL WC 17 -1.88 102.69 11.78
CA VAL WC 17 -1.14 103.84 12.28
C VAL WC 17 0.34 103.65 12.04
N GLU WC 18 0.82 102.41 12.15
CA GLU WC 18 2.19 102.09 11.75
C GLU WC 18 2.36 102.24 10.23
N ALA WC 19 1.33 101.90 9.45
CA ALA WC 19 1.37 102.14 8.02
C ALA WC 19 1.41 103.64 7.72
N ALA WC 20 0.60 104.42 8.42
CA ALA WC 20 0.58 105.87 8.18
C ALA WC 20 1.85 106.53 8.69
N ASP WC 21 2.43 106.01 9.77
CA ASP WC 21 3.64 106.62 10.32
C ASP WC 21 4.86 106.28 9.49
N ALA WC 22 4.97 105.05 9.02
CA ALA WC 22 6.14 104.66 8.25
C ALA WC 22 6.09 105.23 6.84
N MET WC 23 4.91 105.59 6.35
CA MET WC 23 4.81 106.17 5.02
C MET WC 23 5.33 107.60 5.00
N VAL WC 24 4.93 108.41 5.98
CA VAL WC 24 5.36 109.81 5.99
C VAL WC 24 6.77 109.94 6.56
N LYS WC 25 7.32 108.87 7.12
CA LYS WC 25 8.69 108.91 7.60
C LYS WC 25 9.67 108.38 6.56
N ALA WC 26 9.19 107.57 5.62
CA ALA WC 26 10.10 107.02 4.61
C ALA WC 26 10.38 108.02 3.51
N ALA WC 27 9.42 108.88 3.18
CA ALA WC 27 9.55 109.79 2.06
C ALA WC 27 8.73 111.04 2.32
N ARG WC 28 8.81 111.98 1.39
CA ARG WC 28 8.11 113.26 1.49
C ARG WC 28 6.72 113.08 0.86
N VAL WC 29 5.84 112.45 1.62
CA VAL WC 29 4.44 112.31 1.25
C VAL WC 29 3.60 113.01 2.32
N THR WC 30 2.35 113.30 1.97
CA THR WC 30 1.41 113.91 2.88
C THR WC 30 0.28 112.93 3.14
N LEU WC 31 0.19 112.45 4.38
CA LEU WC 31 -0.96 111.67 4.82
C LEU WC 31 -2.19 112.57 4.83
N VAL WC 32 -3.15 112.29 3.96
CA VAL WC 32 -4.32 113.14 3.81
C VAL WC 32 -5.59 112.46 4.29
N GLY WC 33 -5.63 111.15 4.36
CA GLY WC 33 -6.89 110.46 4.50
C GLY WC 33 -6.78 109.27 5.43
N TYR WC 34 -7.94 108.82 5.90
CA TYR WC 34 -8.06 107.73 6.85
C TYR WC 34 -9.46 107.16 6.66
N GLU WC 35 -9.55 105.98 6.08
CA GLU WC 35 -10.81 105.47 5.54
C GLU WC 35 -11.17 104.13 6.16
N LYS WC 36 -12.36 104.05 6.72
CA LYS WC 36 -12.90 102.81 7.28
C LYS WC 36 -14.08 102.37 6.42
N ILE WC 37 -14.06 101.11 5.99
CA ILE WC 37 -15.10 100.55 5.13
C ILE WC 37 -15.79 99.37 5.78
N GLY WC 38 -15.49 99.07 7.04
CA GLY WC 38 -16.11 97.96 7.73
C GLY WC 38 -15.24 96.71 7.74
N THR WC 39 -15.63 95.79 8.63
CA THR WC 39 -14.91 94.55 8.98
C THR WC 39 -13.44 94.77 9.28
N GLY WC 40 -13.09 95.88 9.93
CA GLY WC 40 -11.71 96.14 10.29
C GLY WC 40 -10.81 96.58 9.18
N ARG WC 41 -11.29 96.62 7.94
CA ARG WC 41 -10.48 97.05 6.80
C ARG WC 41 -10.34 98.57 6.85
N VAL WC 42 -9.15 99.04 7.19
CA VAL WC 42 -8.88 100.45 7.37
C VAL WC 42 -7.80 100.86 6.39
N THR WC 43 -7.99 101.98 5.71
CA THR WC 43 -7.08 102.45 4.68
C THR WC 43 -6.62 103.86 5.00
N VAL WC 44 -5.30 104.09 4.92
CA VAL WC 44 -4.72 105.41 4.97
C VAL WC 44 -4.26 105.81 3.58
N ILE WC 45 -4.43 107.08 3.25
CA ILE WC 45 -4.18 107.60 1.91
C ILE WC 45 -3.11 108.66 2.01
N VAL WC 46 -2.03 108.50 1.24
CA VAL WC 46 -0.97 109.50 1.17
C VAL WC 46 -0.97 110.13 -0.22
N ARG WC 47 -0.51 111.37 -0.28
CA ARG WC 47 -0.32 112.08 -1.54
C ARG WC 47 1.12 112.55 -1.63
N GLY WC 48 1.62 112.64 -2.86
CA GLY WC 48 2.95 113.17 -3.07
C GLY WC 48 3.41 112.87 -4.46
N ASP WC 49 4.71 113.07 -4.68
CA ASP WC 49 5.32 112.70 -5.95
C ASP WC 49 5.37 111.18 -6.08
N VAL WC 50 5.54 110.72 -7.32
CA VAL WC 50 5.46 109.29 -7.62
C VAL WC 50 6.62 108.54 -6.97
N SER WC 51 7.80 109.15 -6.95
CA SER WC 51 8.95 108.52 -6.30
C SER WC 51 8.78 108.45 -4.79
N GLU WC 52 8.16 109.47 -4.21
CA GLU WC 52 7.93 109.46 -2.77
C GLU WC 52 6.82 108.49 -2.39
N VAL WC 53 5.76 108.43 -3.19
CA VAL WC 53 4.64 107.54 -2.87
C VAL WC 53 5.05 106.08 -3.07
N GLN WC 54 5.84 105.79 -4.10
CA GLN WC 54 6.34 104.43 -4.31
C GLN WC 54 7.28 103.99 -3.19
N ALA WC 55 8.08 104.92 -2.67
CA ALA WC 55 8.98 104.59 -1.57
C ALA WC 55 8.20 104.45 -0.26
N SER WC 56 7.17 105.27 -0.06
CA SER WC 56 6.42 105.24 1.19
C SER WC 56 5.56 103.98 1.30
N VAL WC 57 4.85 103.64 0.22
CA VAL WC 57 3.94 102.49 0.24
C VAL WC 57 4.72 101.19 0.37
N SER WC 58 5.88 101.10 -0.28
CA SER WC 58 6.70 99.91 -0.19
C SER WC 58 7.36 99.77 1.18
N ALA WC 59 7.76 100.89 1.78
CA ALA WC 59 8.32 100.82 3.13
C ALA WC 59 7.22 100.74 4.18
N GLY WC 60 6.05 101.29 3.88
CA GLY WC 60 4.93 101.17 4.81
C GLY WC 60 4.33 99.78 4.84
N THR WC 61 4.48 99.02 3.76
CA THR WC 61 3.96 97.66 3.73
C THR WC 61 4.83 96.72 4.56
N GLU WC 62 6.14 96.91 4.52
CA GLU WC 62 7.05 96.05 5.28
C GLU WC 62 6.98 96.35 6.77
N SER WC 63 6.64 97.59 7.14
CA SER WC 63 6.60 97.97 8.55
C SER WC 63 5.40 97.38 9.27
N VAL WC 64 4.29 97.15 8.55
CA VAL WC 64 3.10 96.54 9.15
C VAL WC 64 3.35 95.10 9.55
N LYS WC 65 4.19 94.37 8.82
CA LYS WC 65 4.56 93.02 9.23
C LYS WC 65 5.75 93.04 10.18
N ARG WC 66 5.68 93.93 11.18
CA ARG WC 66 6.56 94.00 12.34
C ARG WC 66 5.67 94.34 13.52
N VAL WC 67 4.37 94.46 13.25
CA VAL WC 67 3.34 94.67 14.26
C VAL WC 67 2.68 93.34 14.53
N ASN WC 68 2.51 93.01 15.81
CA ASN WC 68 1.80 91.80 16.18
C ASN WC 68 0.31 91.99 15.91
N GLY WC 69 -0.28 91.08 15.17
CA GLY WC 69 -1.66 91.24 14.76
C GLY WC 69 -1.85 92.17 13.57
N GLY WC 70 -0.76 92.57 12.92
CA GLY WC 70 -0.81 93.45 11.77
C GLY WC 70 -0.85 92.65 10.48
N GLN WC 71 -1.75 93.06 9.58
CA GLN WC 71 -1.96 92.36 8.33
C GLN WC 71 -2.27 93.37 7.24
N VAL WC 72 -1.42 93.41 6.21
CA VAL WC 72 -1.66 94.24 5.03
C VAL WC 72 -2.67 93.52 4.16
N LEU WC 73 -3.80 94.18 3.90
CA LEU WC 73 -4.81 93.57 3.03
C LEU WC 73 -4.59 93.95 1.57
N SER WC 74 -4.36 95.23 1.32
CA SER WC 74 -4.27 95.70 -0.06
C SER WC 74 -3.45 97.00 -0.09
N THR WC 75 -2.49 97.05 -1.01
CA THR WC 75 -1.71 98.24 -1.26
C THR WC 75 -1.84 98.62 -2.73
N HIS WC 76 -1.83 99.92 -3.01
CA HIS WC 76 -1.86 100.38 -4.39
C HIS WC 76 -1.30 101.78 -4.49
N ILE WC 77 -0.70 102.07 -5.63
CA ILE WC 77 -0.21 103.39 -5.99
C ILE WC 77 -0.83 103.78 -7.32
N ILE WC 78 -1.50 104.92 -7.36
CA ILE WC 78 -1.95 105.52 -8.62
C ILE WC 78 -1.10 106.74 -8.88
N ALA WC 79 -0.27 106.67 -9.91
CA ALA WC 79 0.77 107.69 -10.12
C ALA WC 79 0.18 109.00 -10.64
N ARG WC 80 -0.90 108.92 -11.42
CA ARG WC 80 -1.52 110.11 -11.99
C ARG WC 80 -3.02 109.91 -11.96
N PRO WC 81 -3.66 110.21 -10.83
CA PRO WC 81 -5.11 110.04 -10.74
C PRO WC 81 -5.83 111.13 -11.52
N HIS WC 82 -7.01 110.76 -12.02
CA HIS WC 82 -7.88 111.70 -12.69
C HIS WC 82 -8.40 112.74 -11.70
N GLU WC 83 -8.69 113.94 -12.22
CA GLU WC 83 -9.20 115.01 -11.37
C GLU WC 83 -10.63 114.77 -10.93
N ASN WC 84 -11.33 113.81 -11.55
CA ASN WC 84 -12.66 113.41 -11.10
C ASN WC 84 -12.62 112.73 -9.74
N LEU WC 85 -11.52 112.02 -9.43
CA LEU WC 85 -11.49 111.17 -8.24
C LEU WC 85 -11.37 111.95 -6.96
N GLU WC 86 -10.81 113.16 -7.01
CA GLU WC 86 -10.61 113.93 -5.79
C GLU WC 86 -11.92 114.49 -5.26
N TYR WC 87 -12.91 114.66 -6.13
CA TYR WC 87 -14.18 115.23 -5.69
C TYR WC 87 -15.13 114.15 -5.20
N VAL WC 88 -14.89 112.89 -5.57
CA VAL WC 88 -15.79 111.81 -5.17
C VAL WC 88 -15.18 110.99 -4.04
N LEU WC 89 -13.93 110.63 -4.18
CA LEU WC 89 -13.26 109.77 -3.22
C LEU WC 89 -12.53 110.61 -2.18
N PRO WC 90 -12.39 110.12 -0.94
CA PRO WC 90 -11.65 110.86 0.10
C PRO WC 90 -10.14 110.70 -0.01
N ILE WC 91 -9.58 111.12 -1.14
CA ILE WC 91 -8.15 111.08 -1.39
C ILE WC 91 -7.55 112.46 -1.55
N ARG WC 92 -8.30 113.52 -1.26
CA ARG WC 92 -7.85 114.85 -1.60
C ARG WC 92 -7.20 115.53 -0.39
N TYR WC 93 -6.48 116.61 -0.69
CA TYR WC 93 -5.89 117.43 0.35
C TYR WC 93 -6.97 118.19 1.09
N THR WC 94 -7.00 118.05 2.40
CA THR WC 94 -7.88 118.85 3.24
C THR WC 94 -7.09 120.01 3.86
N GLU WC 95 -7.80 120.93 4.49
CA GLU WC 95 -7.16 122.14 4.99
C GLU WC 95 -6.41 121.89 6.29
N GLU WC 96 -6.63 120.73 6.92
CA GLU WC 96 -5.87 120.39 8.12
C GLU WC 96 -4.47 119.92 7.78
N VAL WC 97 -4.26 119.46 6.55
CA VAL WC 97 -2.98 118.92 6.12
C VAL WC 97 -2.33 119.77 5.03
N GLU WC 98 -2.69 121.05 4.93
CA GLU WC 98 -2.10 121.90 3.92
C GLU WC 98 -0.70 122.38 4.29
N GLN WC 99 -0.29 122.20 5.55
CA GLN WC 99 1.05 122.59 5.95
C GLN WC 99 2.08 121.55 5.55
N PHE WC 100 1.66 120.32 5.33
CA PHE WC 100 2.58 119.22 5.02
C PHE WC 100 2.78 119.02 3.53
N ARG WC 101 2.04 119.72 2.67
CA ARG WC 101 2.16 119.54 1.24
C ARG WC 101 3.45 120.16 0.69
N ALA XC 2 -32.72 107.63 -18.30
CA ALA XC 2 -31.73 108.70 -18.13
C ALA XC 2 -30.38 108.28 -18.70
N VAL XC 3 -29.36 109.09 -18.42
CA VAL XC 3 -27.98 108.76 -18.75
C VAL XC 3 -27.58 107.50 -17.99
N ALA XC 4 -26.88 106.58 -18.67
CA ALA XC 4 -26.60 105.25 -18.14
C ALA XC 4 -25.72 105.30 -16.90
N VAL XC 5 -25.85 104.29 -16.06
CA VAL XC 5 -25.14 104.21 -14.79
C VAL XC 5 -24.38 102.89 -14.75
N GLY XC 6 -23.10 102.96 -14.39
CA GLY XC 6 -22.30 101.77 -14.19
C GLY XC 6 -21.76 101.72 -12.78
N MET XC 7 -21.82 100.53 -12.18
CA MET XC 7 -21.39 100.34 -10.80
C MET XC 7 -20.40 99.19 -10.75
N ILE XC 8 -19.28 99.40 -10.09
CA ILE XC 8 -18.33 98.34 -9.78
C ILE XC 8 -18.22 98.25 -8.28
N GLU XC 9 -18.57 97.09 -7.73
CA GLU XC 9 -18.38 96.82 -6.31
C GLU XC 9 -17.13 95.99 -6.11
N THR XC 10 -16.23 96.48 -5.27
CA THR XC 10 -15.02 95.76 -4.92
C THR XC 10 -14.98 95.49 -3.43
N LEU XC 11 -14.15 94.53 -3.05
CA LEU XC 11 -13.86 94.25 -1.64
C LEU XC 11 -12.56 94.97 -1.31
N GLY XC 12 -12.67 96.13 -0.69
CA GLY XC 12 -11.49 96.90 -0.35
C GLY XC 12 -11.45 98.27 -0.99
N PHE XC 13 -10.92 99.24 -0.26
CA PHE XC 13 -10.80 100.61 -0.74
C PHE XC 13 -9.65 100.86 -1.74
N PRO XC 14 -8.45 100.26 -1.64
CA PRO XC 14 -7.48 100.47 -2.74
C PRO XC 14 -7.90 99.87 -4.07
N ALA XC 15 -8.78 98.87 -4.07
CA ALA XC 15 -9.26 98.32 -5.33
C ALA XC 15 -10.33 99.20 -5.95
N VAL XC 16 -11.04 99.98 -5.14
CA VAL XC 16 -12.16 100.75 -5.67
C VAL XC 16 -11.67 102.09 -6.20
N VAL XC 17 -10.48 102.52 -5.80
CA VAL XC 17 -9.91 103.76 -6.34
C VAL XC 17 -9.22 103.48 -7.66
N GLU XC 18 -8.60 102.29 -7.79
CA GLU XC 18 -8.02 101.90 -9.06
C GLU XC 18 -9.11 101.56 -10.08
N ALA XC 19 -10.21 100.97 -9.63
CA ALA XC 19 -11.36 100.75 -10.50
C ALA XC 19 -11.96 102.08 -10.95
N ALA XC 20 -12.03 103.06 -10.06
CA ALA XC 20 -12.60 104.36 -10.42
C ALA XC 20 -11.64 105.15 -11.31
N ASP XC 21 -10.33 104.97 -11.10
CA ASP XC 21 -9.37 105.68 -11.95
C ASP XC 21 -9.27 105.06 -13.33
N ALA XC 22 -9.49 103.75 -13.43
CA ALA XC 22 -9.47 103.10 -14.74
C ALA XC 22 -10.72 103.42 -15.53
N MET XC 23 -11.83 103.67 -14.85
CA MET XC 23 -13.10 103.89 -15.55
C MET XC 23 -13.12 105.24 -16.24
N VAL XC 24 -12.69 106.29 -15.55
CA VAL XC 24 -12.80 107.63 -16.12
C VAL XC 24 -11.66 107.92 -17.09
N LYS XC 25 -10.66 107.04 -17.13
CA LYS XC 25 -9.61 107.17 -18.15
C LYS XC 25 -9.96 106.39 -19.40
N ALA XC 26 -10.72 105.30 -19.26
CA ALA XC 26 -10.99 104.42 -20.39
C ALA XC 26 -12.02 105.03 -21.34
N ALA XC 27 -12.96 105.80 -20.82
CA ALA XC 27 -14.05 106.32 -21.65
C ALA XC 27 -14.54 107.64 -21.08
N ARG XC 28 -15.51 108.24 -21.77
CA ARG XC 28 -16.07 109.53 -21.38
C ARG XC 28 -17.21 109.32 -20.39
N VAL XC 29 -16.84 108.83 -19.21
CA VAL XC 29 -17.78 108.67 -18.12
C VAL XC 29 -17.41 109.66 -17.03
N THR XC 30 -18.37 109.95 -16.17
CA THR XC 30 -18.17 110.81 -15.02
C THR XC 30 -18.38 109.98 -13.76
N LEU XC 31 -17.34 109.86 -12.96
CA LEU XC 31 -17.47 109.29 -11.63
C LEU XC 31 -18.29 110.25 -10.78
N VAL XC 32 -19.46 109.80 -10.34
CA VAL XC 32 -20.37 110.65 -9.59
C VAL XC 32 -20.59 110.18 -8.16
N GLY XC 33 -20.29 108.93 -7.85
CA GLY XC 33 -20.79 108.33 -6.64
C GLY XC 33 -19.77 107.42 -6.01
N TYR XC 34 -19.98 107.15 -4.73
CA TYR XC 34 -19.07 106.37 -3.91
C TYR XC 34 -19.86 105.88 -2.71
N GLU XC 35 -20.04 104.56 -2.60
CA GLU XC 35 -20.98 104.00 -1.65
C GLU XC 35 -20.33 102.91 -0.82
N LYS XC 36 -20.54 102.98 0.49
CA LYS XC 36 -20.10 101.96 1.43
C LYS XC 36 -21.33 101.33 2.06
N ILE XC 37 -21.41 100.01 2.02
CA ILE XC 37 -22.59 99.29 2.49
C ILE XC 37 -22.22 98.27 3.57
N GLY XC 38 -20.97 98.22 4.00
CA GLY XC 38 -20.54 97.29 5.02
C GLY XC 38 -19.83 96.07 4.45
N THR XC 39 -19.18 95.33 5.36
CA THR XC 39 -18.25 94.22 5.10
C THR XC 39 -17.19 94.55 4.07
N GLY XC 40 -16.71 95.79 4.04
CA GLY XC 40 -15.72 96.17 3.06
C GLY XC 40 -16.21 96.26 1.63
N ARG XC 41 -17.52 96.16 1.39
CA ARG XC 41 -18.07 96.23 0.05
C ARG XC 41 -18.23 97.69 -0.34
N VAL XC 42 -17.37 98.15 -1.25
CA VAL XC 42 -17.32 99.54 -1.66
C VAL XC 42 -17.68 99.62 -3.14
N THR XC 43 -18.52 100.58 -3.49
CA THR XC 43 -19.03 100.73 -4.84
C THR XC 43 -18.76 102.14 -5.37
N VAL XC 44 -18.19 102.22 -6.56
CA VAL XC 44 -18.08 103.47 -7.30
C VAL XC 44 -19.08 103.47 -8.45
N ILE XC 45 -19.63 104.64 -8.74
CA ILE XC 45 -20.74 104.81 -9.67
C ILE XC 45 -20.33 105.81 -10.74
N VAL XC 46 -20.36 105.39 -12.00
CA VAL XC 46 -20.06 106.28 -13.11
C VAL XC 46 -21.33 106.51 -13.91
N ARG XC 47 -21.38 107.67 -14.56
CA ARG XC 47 -22.47 108.02 -15.47
C ARG XC 47 -21.91 108.38 -16.83
N GLY XC 48 -22.63 108.01 -17.87
CA GLY XC 48 -22.23 108.35 -19.22
C GLY XC 48 -23.16 107.69 -20.21
N ASP XC 49 -22.77 107.75 -21.48
CA ASP XC 49 -23.48 106.98 -22.50
C ASP XC 49 -23.21 105.50 -22.29
N VAL XC 50 -24.15 104.68 -22.77
CA VAL XC 50 -24.12 103.24 -22.48
C VAL XC 50 -22.91 102.56 -23.11
N SER XC 51 -22.44 103.04 -24.27
CA SER XC 51 -21.22 102.50 -24.86
C SER XC 51 -19.99 102.92 -24.06
N GLU XC 52 -20.00 104.15 -23.55
CA GLU XC 52 -18.88 104.60 -22.73
C GLU XC 52 -18.90 103.95 -21.35
N VAL XC 53 -20.09 103.71 -20.81
CA VAL XC 53 -20.19 103.08 -19.50
C VAL XC 53 -19.78 101.61 -19.58
N GLN XC 54 -20.17 100.93 -20.66
CA GLN XC 54 -19.77 99.53 -20.87
C GLN XC 54 -18.27 99.40 -21.08
N ALA XC 55 -17.67 100.36 -21.79
CA ALA XC 55 -16.23 100.31 -22.04
C ALA XC 55 -15.45 100.64 -20.77
N SER XC 56 -16.01 101.49 -19.92
CA SER XC 56 -15.30 101.86 -18.70
C SER XC 56 -15.42 100.79 -17.64
N VAL XC 57 -16.61 100.22 -17.46
CA VAL XC 57 -16.84 99.22 -16.42
C VAL XC 57 -16.05 97.94 -16.71
N SER XC 58 -15.92 97.59 -17.99
CA SER XC 58 -15.09 96.46 -18.38
C SER XC 58 -13.62 96.73 -18.11
N ALA XC 59 -13.17 97.98 -18.32
CA ALA XC 59 -11.78 98.31 -18.05
C ALA XC 59 -11.53 98.54 -16.58
N GLY XC 60 -12.60 98.80 -15.80
CA GLY XC 60 -12.43 98.97 -14.37
C GLY XC 60 -12.27 97.65 -13.64
N THR XC 61 -12.81 96.55 -14.19
CA THR XC 61 -12.64 95.25 -13.56
C THR XC 61 -11.25 94.70 -13.83
N GLU XC 62 -10.66 95.04 -14.98
CA GLU XC 62 -9.35 94.51 -15.33
C GLU XC 62 -8.24 95.18 -14.52
N SER XC 63 -8.49 96.37 -14.00
CA SER XC 63 -7.47 97.07 -13.22
C SER XC 63 -7.47 96.67 -11.75
N VAL XC 64 -8.53 96.03 -11.28
CA VAL XC 64 -8.53 95.50 -9.92
C VAL XC 64 -7.59 94.30 -9.82
N LYS XC 65 -7.36 93.59 -10.93
CA LYS XC 65 -6.37 92.52 -10.95
C LYS XC 65 -4.95 93.05 -10.79
N ARG XC 66 -4.71 94.33 -11.13
CA ARG XC 66 -3.42 94.93 -10.83
C ARG XC 66 -3.23 95.12 -9.34
N VAL XC 67 -4.31 95.37 -8.61
CA VAL XC 67 -4.22 95.58 -7.17
C VAL XC 67 -4.08 94.24 -6.47
N ASN XC 68 -3.07 94.13 -5.60
CA ASN XC 68 -2.93 92.95 -4.77
C ASN XC 68 -3.91 93.03 -3.62
N GLY XC 69 -4.65 91.95 -3.39
CA GLY XC 69 -5.69 91.97 -2.39
C GLY XC 69 -6.97 92.64 -2.83
N GLY XC 70 -7.10 92.95 -4.11
CA GLY XC 70 -8.29 93.55 -4.66
C GLY XC 70 -9.14 92.50 -5.35
N GLN XC 71 -10.46 92.63 -5.19
CA GLN XC 71 -11.39 91.64 -5.71
C GLN XC 71 -12.70 92.32 -6.08
N VAL XC 72 -13.12 92.15 -7.33
CA VAL XC 72 -14.39 92.68 -7.81
C VAL XC 72 -15.49 91.73 -7.33
N LEU XC 73 -16.47 92.26 -6.61
CA LEU XC 73 -17.56 91.44 -6.12
C LEU XC 73 -18.73 91.42 -7.10
N SER XC 74 -19.13 92.59 -7.58
CA SER XC 74 -20.32 92.68 -8.43
C SER XC 74 -20.20 93.90 -9.31
N THR XC 75 -20.58 93.74 -10.58
CA THR XC 75 -20.65 94.85 -11.52
C THR XC 75 -21.99 94.82 -12.22
N HIS XC 76 -22.48 96.01 -12.58
CA HIS XC 76 -23.70 96.10 -13.35
C HIS XC 76 -23.73 97.42 -14.11
N ILE XC 77 -24.42 97.40 -15.25
CA ILE XC 77 -24.67 98.58 -16.08
C ILE XC 77 -26.15 98.65 -16.36
N ILE XC 78 -26.77 99.78 -16.02
CA ILE XC 78 -28.16 100.07 -16.37
C ILE XC 78 -28.13 101.10 -17.49
N ALA XC 79 -28.62 100.72 -18.67
CA ALA XC 79 -28.45 101.52 -19.87
C ALA XC 79 -29.31 102.78 -19.83
N ARG XC 80 -30.44 102.73 -19.14
CA ARG XC 80 -31.38 103.84 -19.08
C ARG XC 80 -32.10 103.77 -17.76
N PRO XC 81 -31.50 104.30 -16.69
CA PRO XC 81 -32.16 104.24 -15.38
C PRO XC 81 -33.33 105.19 -15.31
N HIS XC 82 -34.33 104.78 -14.52
CA HIS XC 82 -35.51 105.58 -14.30
C HIS XC 82 -35.16 106.85 -13.51
N GLU XC 83 -35.94 107.90 -13.72
CA GLU XC 83 -35.69 109.19 -13.09
C GLU XC 83 -35.91 109.17 -11.59
N ASN XC 84 -36.65 108.17 -11.08
CA ASN XC 84 -36.85 108.01 -9.65
C ASN XC 84 -35.55 107.61 -8.94
N LEU XC 85 -34.64 106.97 -9.66
CA LEU XC 85 -33.45 106.39 -9.03
C LEU XC 85 -32.44 107.44 -8.60
N GLU XC 86 -32.41 108.60 -9.27
CA GLU XC 86 -31.40 109.59 -8.95
C GLU XC 86 -31.80 110.42 -7.73
N TYR XC 87 -33.06 110.33 -7.32
CA TYR XC 87 -33.49 111.09 -6.14
C TYR XC 87 -33.42 110.25 -4.88
N VAL XC 88 -33.26 108.94 -5.02
CA VAL XC 88 -33.15 108.08 -3.85
C VAL XC 88 -31.73 107.53 -3.73
N LEU XC 89 -31.24 106.91 -4.77
CA LEU XC 89 -29.93 106.27 -4.76
C LEU XC 89 -28.85 107.28 -5.13
N PRO XC 90 -27.63 107.13 -4.59
CA PRO XC 90 -26.54 108.07 -4.92
C PRO XC 90 -25.89 107.77 -6.27
N ILE XC 91 -26.68 107.91 -7.34
CA ILE XC 91 -26.20 107.77 -8.70
C ILE XC 91 -26.33 109.07 -9.48
N ARG XC 92 -26.74 110.15 -8.83
CA ARG XC 92 -27.02 111.39 -9.54
C ARG XC 92 -25.77 112.23 -9.71
N TYR XC 93 -25.83 113.13 -10.68
CA TYR XC 93 -24.78 114.12 -10.84
C TYR XC 93 -24.87 115.16 -9.74
N THR XC 94 -23.88 115.16 -8.85
CA THR XC 94 -23.76 116.21 -7.85
C THR XC 94 -23.12 117.44 -8.48
N GLU XC 95 -23.16 118.55 -7.74
CA GLU XC 95 -22.68 119.82 -8.27
C GLU XC 95 -21.15 119.87 -8.39
N GLU XC 96 -20.46 119.08 -7.56
CA GLU XC 96 -19.01 119.09 -7.57
C GLU XC 96 -18.44 118.40 -8.82
N VAL XC 97 -19.21 117.51 -9.43
CA VAL XC 97 -18.73 116.73 -10.56
C VAL XC 97 -19.34 117.21 -11.89
N GLU XC 98 -19.90 118.42 -11.91
CA GLU XC 98 -20.46 118.94 -13.16
C GLU XC 98 -19.40 119.46 -14.11
N GLN XC 99 -18.15 119.62 -13.65
CA GLN XC 99 -17.08 120.05 -14.54
C GLN XC 99 -16.57 118.89 -15.39
N PHE XC 100 -16.91 117.66 -15.03
CA PHE XC 100 -16.44 116.49 -15.75
C PHE XC 100 -17.52 115.84 -16.61
N ARG XC 101 -18.73 116.40 -16.62
CA ARG XC 101 -19.83 115.82 -17.39
C ARG XC 101 -19.65 116.08 -18.89
N ALA YC 2 19.23 112.67 -20.05
CA ALA YC 2 18.27 113.66 -19.55
C ALA YC 2 17.17 112.98 -18.75
N VAL YC 3 15.99 112.85 -19.36
CA VAL YC 3 14.91 112.11 -18.73
C VAL YC 3 15.12 110.62 -18.94
N ALA YC 4 14.41 109.81 -18.16
CA ALA YC 4 14.56 108.35 -18.26
C ALA YC 4 13.93 107.83 -19.54
N VAL YC 5 14.23 106.58 -19.85
CA VAL YC 5 13.66 105.91 -21.02
C VAL YC 5 13.14 104.55 -20.59
N GLY YC 6 11.92 104.25 -20.98
CA GLY YC 6 11.33 102.94 -20.72
C GLY YC 6 10.82 102.32 -22.00
N MET YC 7 10.99 101.01 -22.11
CA MET YC 7 10.62 100.27 -23.30
C MET YC 7 9.78 99.07 -22.90
N ILE YC 8 8.69 98.84 -23.63
CA ILE YC 8 7.93 97.60 -23.55
C ILE YC 8 7.92 96.99 -24.94
N GLU YC 9 8.47 95.79 -25.06
CA GLU YC 9 8.41 95.04 -26.31
C GLU YC 9 7.31 94.00 -26.23
N THR YC 10 6.38 94.05 -27.18
CA THR YC 10 5.31 93.08 -27.25
C THR YC 10 5.40 92.29 -28.55
N LEU YC 11 4.72 91.16 -28.58
CA LEU YC 11 4.53 90.39 -29.81
C LEU YC 11 3.17 90.78 -30.37
N GLY YC 12 3.19 91.64 -31.39
CA GLY YC 12 1.96 92.05 -32.01
C GLY YC 12 1.67 93.54 -31.86
N PHE YC 13 1.06 94.12 -32.89
CA PHE YC 13 0.69 95.53 -32.90
C PHE YC 13 -0.55 95.90 -32.08
N PRO YC 14 -1.63 95.09 -32.00
CA PRO YC 14 -2.69 95.45 -31.03
C PRO YC 14 -2.24 95.43 -29.58
N ALA YC 15 -1.25 94.60 -29.23
CA ALA YC 15 -0.76 94.58 -27.86
C ALA YC 15 0.12 95.79 -27.56
N VAL YC 16 0.76 96.35 -28.59
CA VAL YC 16 1.72 97.42 -28.34
C VAL YC 16 1.03 98.77 -28.30
N VAL YC 17 -0.17 98.87 -28.86
CA VAL YC 17 -0.94 100.11 -28.74
C VAL YC 17 -1.65 100.16 -27.40
N GLU YC 18 -2.10 98.99 -26.91
CA GLU YC 18 -2.67 98.93 -25.56
C GLU YC 18 -1.59 99.13 -24.50
N ALA YC 19 -0.37 98.66 -24.78
CA ALA YC 19 0.75 98.94 -23.89
C ALA YC 19 1.10 100.42 -23.90
N ALA YC 20 1.12 101.04 -25.08
CA ALA YC 20 1.46 102.46 -25.17
C ALA YC 20 0.37 103.34 -24.59
N ASP YC 21 -0.89 102.93 -24.72
CA ASP YC 21 -1.98 103.73 -24.18
C ASP YC 21 -2.05 103.63 -22.66
N ALA YC 22 -1.68 102.47 -22.11
CA ALA YC 22 -1.67 102.33 -20.66
C ALA YC 22 -0.49 103.05 -20.03
N MET YC 23 0.57 103.30 -20.80
CA MET YC 23 1.74 103.96 -20.26
C MET YC 23 1.50 105.45 -20.08
N VAL YC 24 0.95 106.11 -21.10
CA VAL YC 24 0.81 107.56 -21.04
C VAL YC 24 -0.41 107.95 -20.22
N LYS YC 25 -1.29 106.99 -19.91
CA LYS YC 25 -2.41 107.28 -19.02
C LYS YC 25 -2.01 107.11 -17.56
N ALA YC 26 -1.06 106.22 -17.28
CA ALA YC 26 -0.72 105.90 -15.91
C ALA YC 26 0.12 106.98 -15.25
N ALA YC 27 1.04 107.59 -15.99
CA ALA YC 27 1.97 108.53 -15.41
C ALA YC 27 2.28 109.64 -16.41
N ARG YC 28 3.14 110.56 -15.98
CA ARG YC 28 3.53 111.71 -16.80
C ARG YC 28 4.74 111.33 -17.66
N VAL YC 29 4.51 110.42 -18.58
CA VAL YC 29 5.52 110.01 -19.55
C VAL YC 29 5.07 110.47 -20.92
N THR YC 30 6.03 110.60 -21.82
CA THR YC 30 5.78 110.94 -23.20
C THR YC 30 6.17 109.76 -24.07
N LEU YC 31 5.18 109.15 -24.73
CA LEU YC 31 5.45 108.18 -25.79
C LEU YC 31 6.14 108.90 -26.94
N VAL YC 32 7.40 108.57 -27.18
CA VAL YC 32 8.19 109.24 -28.20
C VAL YC 32 8.50 108.34 -29.40
N GLY YC 33 8.45 107.03 -29.24
CA GLY YC 33 9.04 106.16 -30.23
C GLY YC 33 8.23 104.90 -30.43
N TYR YC 34 8.58 104.19 -31.50
CA TYR YC 34 7.85 103.03 -31.97
C TYR YC 34 8.77 102.26 -32.89
N GLU YC 35 9.13 101.04 -32.50
CA GLU YC 35 10.22 100.34 -33.16
C GLU YC 35 9.82 98.92 -33.51
N LYS YC 36 10.12 98.51 -34.73
CA LYS YC 36 9.87 97.17 -35.22
C LYS YC 36 11.21 96.55 -35.61
N ILE YC 37 11.50 95.36 -35.08
CA ILE YC 37 12.78 94.69 -35.32
C ILE YC 37 12.59 93.36 -36.01
N GLY YC 38 11.36 93.00 -36.36
CA GLY YC 38 11.09 91.74 -37.04
C GLY YC 38 10.55 90.66 -36.12
N THR YC 39 9.99 89.63 -36.74
CA THR YC 39 9.19 88.56 -36.13
C THR YC 39 8.10 89.08 -35.21
N GLY YC 40 7.45 90.19 -35.56
CA GLY YC 40 6.38 90.72 -34.77
C GLY YC 40 6.77 91.37 -33.46
N ARG YC 41 8.07 91.50 -33.19
CA ARG YC 41 8.55 92.12 -31.97
C ARG YC 41 8.51 93.63 -32.14
N VAL YC 42 7.58 94.28 -31.45
CA VAL YC 42 7.34 95.71 -31.59
C VAL YC 42 7.55 96.37 -30.23
N THR YC 43 8.29 97.47 -30.22
CA THR YC 43 8.67 98.16 -28.99
C THR YC 43 8.16 99.59 -29.02
N VAL YC 44 7.52 100.03 -27.95
CA VAL YC 44 7.19 101.43 -27.72
C VAL YC 44 8.10 101.99 -26.66
N ILE YC 45 8.48 103.26 -26.83
CA ILE YC 45 9.49 103.93 -26.02
C ILE YC 45 8.83 105.14 -25.36
N VAL YC 46 8.90 105.22 -24.03
CA VAL YC 46 8.40 106.38 -23.30
C VAL YC 46 9.58 107.11 -22.66
N ARG YC 47 9.45 108.42 -22.55
CA ARG YC 47 10.40 109.26 -21.86
C ARG YC 47 9.72 109.98 -20.71
N GLY YC 48 10.45 110.16 -19.61
CA GLY YC 48 9.92 110.88 -18.47
C GLY YC 48 10.85 110.74 -17.29
N ASP YC 49 10.36 111.10 -16.11
CA ASP YC 49 11.10 110.82 -14.89
C ASP YC 49 11.11 109.32 -14.64
N VAL YC 50 12.13 108.85 -13.92
CA VAL YC 50 12.31 107.42 -13.74
C VAL YC 50 11.23 106.81 -12.86
N SER YC 51 10.67 107.59 -11.94
CA SER YC 51 9.52 107.13 -11.16
C SER YC 51 8.27 107.04 -12.03
N GLU YC 52 8.08 108.01 -12.92
CA GLU YC 52 6.93 107.98 -13.82
C GLU YC 52 7.09 106.90 -14.88
N VAL YC 53 8.33 106.65 -15.32
CA VAL YC 53 8.58 105.61 -16.30
C VAL YC 53 8.38 104.23 -15.68
N GLN YC 54 8.76 104.07 -14.41
CA GLN YC 54 8.55 102.81 -13.71
C GLN YC 54 7.06 102.55 -13.48
N ALA YC 55 6.28 103.60 -13.22
CA ALA YC 55 4.86 103.42 -13.02
C ALA YC 55 4.14 103.15 -14.33
N SER YC 56 4.65 103.69 -15.44
CA SER YC 56 4.02 103.48 -16.74
C SER YC 56 4.35 102.11 -17.30
N VAL YC 57 5.61 101.69 -17.21
CA VAL YC 57 6.03 100.40 -17.75
C VAL YC 57 5.38 99.25 -16.99
N SER YC 58 5.21 99.42 -15.68
CA SER YC 58 4.53 98.41 -14.88
C SER YC 58 3.03 98.36 -15.22
N ALA YC 59 2.45 99.51 -15.55
CA ALA YC 59 1.03 99.52 -15.91
C ALA YC 59 0.82 99.07 -17.35
N GLY YC 60 1.77 99.35 -18.24
CA GLY YC 60 1.67 98.90 -19.61
C GLY YC 60 1.91 97.41 -19.74
N THR YC 61 2.60 96.79 -18.78
CA THR YC 61 2.84 95.36 -18.83
C THR YC 61 1.59 94.57 -18.49
N GLU YC 62 0.83 95.00 -17.47
CA GLU YC 62 -0.37 94.27 -17.08
C GLU YC 62 -1.52 94.51 -18.04
N SER YC 63 -1.46 95.56 -18.85
CA SER YC 63 -2.54 95.83 -19.78
C SER YC 63 -2.45 94.98 -21.05
N VAL YC 64 -1.29 94.40 -21.33
CA VAL YC 64 -1.17 93.49 -22.47
C VAL YC 64 -1.89 92.17 -22.16
N LYS YC 65 -2.01 91.82 -20.88
CA LYS YC 65 -2.71 90.61 -20.47
C LYS YC 65 -4.20 90.63 -20.79
N ARG YC 66 -4.79 91.82 -20.93
CA ARG YC 66 -6.17 91.92 -21.37
C ARG YC 66 -6.32 91.80 -22.89
N VAL YC 67 -5.22 91.89 -23.63
CA VAL YC 67 -5.26 91.69 -25.08
C VAL YC 67 -5.03 90.21 -25.37
N ASN YC 68 -6.00 89.59 -26.04
CA ASN YC 68 -5.88 88.19 -26.45
C ASN YC 68 -5.11 88.15 -27.77
N GLY YC 69 -3.93 87.53 -27.75
CA GLY YC 69 -3.10 87.44 -28.93
C GLY YC 69 -1.77 88.15 -28.82
N GLY YC 70 -1.53 88.88 -27.74
CA GLY YC 70 -0.27 89.56 -27.56
C GLY YC 70 0.30 89.32 -26.17
N GLN YC 71 1.62 89.34 -26.09
CA GLN YC 71 2.32 89.10 -24.84
C GLN YC 71 3.52 90.03 -24.75
N VAL YC 72 3.88 90.37 -23.52
CA VAL YC 72 5.06 91.19 -23.26
C VAL YC 72 6.29 90.30 -23.39
N LEU YC 73 7.19 90.67 -24.30
CA LEU YC 73 8.41 89.89 -24.47
C LEU YC 73 9.52 90.42 -23.57
N SER YC 74 9.68 91.73 -23.52
CA SER YC 74 10.77 92.33 -22.75
C SER YC 74 10.39 93.73 -22.33
N THR YC 75 10.75 94.08 -21.10
CA THR YC 75 10.61 95.43 -20.59
C THR YC 75 11.93 95.86 -19.99
N HIS YC 76 12.24 97.15 -20.12
CA HIS YC 76 13.41 97.69 -19.47
C HIS YC 76 13.23 99.18 -19.22
N ILE YC 77 13.91 99.67 -18.19
CA ILE YC 77 13.88 101.06 -17.76
C ILE YC 77 15.31 101.49 -17.51
N ILE YC 78 15.74 102.58 -18.14
CA ILE YC 78 17.05 103.17 -17.91
C ILE YC 78 16.83 104.54 -17.27
N ALA YC 79 17.43 104.75 -16.10
CA ALA YC 79 17.13 105.93 -15.28
C ALA YC 79 17.61 107.22 -15.94
N ARG YC 80 18.77 107.18 -16.58
CA ARG YC 80 19.25 108.30 -17.39
C ARG YC 80 20.15 107.72 -18.46
N PRO YC 81 19.69 107.65 -19.71
CA PRO YC 81 20.53 107.16 -20.79
C PRO YC 81 21.66 108.13 -21.10
N HIS YC 82 22.73 107.57 -21.66
CA HIS YC 82 23.85 108.37 -22.14
C HIS YC 82 23.41 109.22 -23.31
N GLU YC 83 24.09 110.35 -23.51
CA GLU YC 83 23.75 111.26 -24.60
C GLU YC 83 24.10 110.67 -25.97
N ASN YC 84 24.93 109.63 -25.99
CA ASN YC 84 25.24 108.91 -27.22
C ASN YC 84 24.02 108.18 -27.77
N LEU YC 85 23.11 107.74 -26.88
CA LEU YC 85 22.03 106.85 -27.31
C LEU YC 85 20.95 107.57 -28.09
N GLU YC 86 20.77 108.88 -27.89
CA GLU YC 86 19.72 109.58 -28.62
C GLU YC 86 20.10 109.79 -30.09
N TYR YC 87 21.39 109.77 -30.40
CA TYR YC 87 21.80 110.01 -31.78
C TYR YC 87 21.84 108.70 -32.58
N VAL YC 88 21.94 107.56 -31.90
CA VAL YC 88 21.99 106.29 -32.61
C VAL YC 88 20.66 105.57 -32.51
N LEU YC 89 20.13 105.44 -31.32
CA LEU YC 89 18.90 104.71 -31.07
C LEU YC 89 17.70 105.65 -31.13
N PRO YC 90 16.54 105.17 -31.61
CA PRO YC 90 15.35 106.04 -31.73
C PRO YC 90 14.59 106.19 -30.42
N ILE YC 91 15.26 106.73 -29.40
CA ILE YC 91 14.65 107.00 -28.11
C ILE YC 91 14.55 108.49 -27.82
N ARG YC 92 14.85 109.35 -28.79
CA ARG YC 92 14.86 110.78 -28.55
C ARG YC 92 13.48 111.38 -28.79
N TYR YC 93 13.31 112.60 -28.28
CA TYR YC 93 12.08 113.34 -28.52
C TYR YC 93 12.03 113.82 -29.95
N THR YC 94 10.99 113.44 -30.67
CA THR YC 94 10.75 113.99 -32.00
C THR YC 94 10.02 115.33 -31.88
N GLU YC 95 9.93 116.04 -33.00
CA GLU YC 95 9.32 117.36 -32.98
C GLU YC 95 7.80 117.28 -32.87
N GLU YC 96 7.22 116.13 -33.17
CA GLU YC 96 5.77 115.98 -33.13
C GLU YC 96 5.26 115.78 -31.71
N VAL YC 97 6.13 115.33 -30.81
CA VAL YC 97 5.72 114.94 -29.47
C VAL YC 97 6.19 115.93 -28.40
N GLU YC 98 6.65 117.11 -28.81
CA GLU YC 98 7.13 118.08 -27.83
C GLU YC 98 5.99 118.79 -27.11
N GLN YC 99 4.75 118.67 -27.62
CA GLN YC 99 3.61 119.24 -26.91
C GLN YC 99 3.18 118.37 -25.74
N PHE YC 100 3.59 117.11 -25.72
CA PHE YC 100 3.28 116.20 -24.62
C PHE YC 100 4.41 116.09 -23.60
N ARG YC 101 5.49 116.84 -23.77
CA ARG YC 101 6.63 116.75 -22.86
C ARG YC 101 6.37 117.49 -21.55
N MET ZC 1 28.51 100.62 17.49
CA MET ZC 1 27.44 101.54 17.10
C MET ZC 1 27.87 102.98 17.19
N GLN ZC 2 27.19 103.84 16.44
CA GLN ZC 2 27.38 105.27 16.49
C GLN ZC 2 26.06 105.96 16.75
N MET ZC 3 26.09 107.07 17.46
CA MET ZC 3 24.93 107.91 17.64
C MET ZC 3 24.79 108.84 16.45
N ALA ZC 4 23.59 108.93 15.90
CA ALA ZC 4 23.35 109.76 14.75
C ALA ZC 4 22.00 110.45 14.90
N LYS ZC 5 21.83 111.54 14.17
CA LYS ZC 5 20.60 112.29 14.14
C LYS ZC 5 19.97 112.16 12.75
N VAL ZC 6 18.67 111.88 12.71
CA VAL ZC 6 17.95 111.74 11.44
C VAL ZC 6 17.82 113.12 10.83
N CYS ZC 7 18.50 113.34 9.70
CA CYS ZC 7 18.42 114.63 9.03
C CYS ZC 7 17.57 114.57 7.76
N GLY ZC 8 17.23 113.37 7.31
CA GLY ZC 8 16.33 113.30 6.19
C GLY ZC 8 16.20 111.91 5.62
N THR ZC 9 15.66 111.84 4.40
CA THR ZC 9 15.37 110.60 3.72
C THR ZC 9 16.03 110.60 2.35
N VAL ZC 10 16.46 109.43 1.90
CA VAL ZC 10 17.00 109.22 0.57
C VAL ZC 10 16.09 108.24 -0.15
N VAL ZC 11 15.59 108.64 -1.32
CA VAL ZC 11 14.71 107.81 -2.12
C VAL ZC 11 15.42 107.51 -3.43
N GLY ZC 12 15.57 106.24 -3.75
CA GLY ZC 12 16.07 105.84 -5.05
C GLY ZC 12 15.12 104.85 -5.69
N THR ZC 13 14.73 105.12 -6.93
CA THR ZC 13 13.79 104.24 -7.62
C THR ZC 13 14.49 103.19 -8.47
N GLN ZC 14 15.61 103.55 -9.08
CA GLN ZC 14 16.42 102.61 -9.85
C GLN ZC 14 17.46 102.01 -8.91
N LYS ZC 15 17.24 100.76 -8.50
CA LYS ZC 15 18.07 100.14 -7.48
C LYS ZC 15 18.12 98.65 -7.74
N LEU ZC 16 18.78 97.93 -6.83
CA LEU ZC 16 18.81 96.48 -6.88
C LEU ZC 16 17.44 95.93 -6.45
N PRO ZC 17 17.06 94.75 -6.96
CA PRO ZC 17 15.79 94.15 -6.53
C PRO ZC 17 15.77 93.74 -5.06
N SER ZC 18 16.94 93.48 -4.47
CA SER ZC 18 16.99 93.16 -3.05
C SER ZC 18 16.99 94.40 -2.18
N MET ZC 19 17.07 95.58 -2.79
CA MET ZC 19 17.01 96.83 -2.02
C MET ZC 19 15.61 97.40 -1.92
N THR ZC 20 14.58 96.69 -2.41
CA THR ZC 20 13.23 97.24 -2.36
C THR ZC 20 12.61 96.99 -0.99
N GLY ZC 21 11.71 97.88 -0.60
CA GLY ZC 21 11.13 97.84 0.72
C GLY ZC 21 12.00 98.38 1.83
N VAL ZC 22 13.24 98.76 1.53
CA VAL ZC 22 14.20 99.25 2.52
C VAL ZC 22 14.03 100.75 2.63
N LYS ZC 23 13.72 101.22 3.83
CA LYS ZC 23 13.60 102.65 4.10
C LYS ZC 23 14.97 103.22 4.40
N LEU ZC 24 15.38 104.23 3.64
CA LEU ZC 24 16.72 104.78 3.72
C LEU ZC 24 16.68 106.16 4.35
N LEU ZC 25 17.34 106.30 5.50
CA LEU ZC 25 17.42 107.55 6.23
C LEU ZC 25 18.79 108.17 6.07
N LEU ZC 26 18.81 109.48 5.85
CA LEU ZC 26 20.04 110.26 5.85
C LEU ZC 26 20.32 110.66 7.30
N LEU ZC 27 21.40 110.14 7.87
CA LEU ZC 27 21.71 110.26 9.27
C LEU ZC 27 23.02 111.00 9.43
N GLN ZC 28 23.01 112.10 10.18
CA GLN ZC 28 24.25 112.82 10.48
C GLN ZC 28 24.77 112.38 11.85
N PHE ZC 29 26.04 112.03 11.90
CA PHE ZC 29 26.63 111.56 13.15
C PHE ZC 29 26.83 112.71 14.13
N ILE ZC 30 26.49 112.46 15.38
CA ILE ZC 30 26.66 113.40 16.47
C ILE ZC 30 27.76 112.87 17.38
N ASP ZC 31 28.44 113.77 18.08
CA ASP ZC 31 29.54 113.32 18.93
C ASP ZC 31 29.02 112.92 20.31
N ALA ZC 32 29.94 112.57 21.21
CA ALA ZC 32 29.56 112.20 22.57
C ALA ZC 32 29.08 113.41 23.36
N ASN ZC 33 29.51 114.62 22.97
CA ASN ZC 33 29.06 115.82 23.65
C ASN ZC 33 27.72 116.32 23.13
N GLY ZC 34 27.31 115.85 21.95
CA GLY ZC 34 26.00 116.14 21.41
C GLY ZC 34 25.96 117.01 20.17
N GLU ZC 35 27.09 117.51 19.69
CA GLU ZC 35 27.11 118.37 18.51
C GLU ZC 35 27.22 117.54 17.24
N LEU ZC 36 26.76 118.13 16.13
CA LEU ZC 36 26.74 117.43 14.86
C LEU ZC 36 28.15 117.39 14.26
N LEU ZC 37 28.59 116.19 13.91
CA LEU ZC 37 29.86 116.02 13.23
C LEU ZC 37 29.68 116.19 11.72
N PRO ZC 38 30.72 116.62 10.99
CA PRO ZC 38 30.63 116.68 9.53
C PRO ZC 38 30.85 115.31 8.88
N LYS ZC 39 29.97 114.37 9.20
CA LYS ZC 39 30.04 113.00 8.71
C LYS ZC 39 28.63 112.44 8.74
N TYR ZC 40 28.26 111.72 7.70
CA TYR ZC 40 26.90 111.23 7.56
C TYR ZC 40 26.91 109.75 7.20
N GLU ZC 41 25.71 109.20 7.06
CA GLU ZC 41 25.49 107.83 6.65
C GLU ZC 41 24.08 107.72 6.07
N VAL ZC 42 23.89 106.73 5.21
CA VAL ZC 42 22.56 106.33 4.78
C VAL ZC 42 22.35 104.91 5.28
N ALA ZC 43 21.32 104.72 6.09
CA ALA ZC 43 21.10 103.45 6.75
C ALA ZC 43 19.68 102.95 6.52
N ALA ZC 44 19.54 101.63 6.57
CA ALA ZC 44 18.22 101.01 6.64
C ALA ZC 44 17.58 101.29 7.99
N ASP ZC 45 16.26 101.39 8.00
CA ASP ZC 45 15.51 101.79 9.20
C ASP ZC 45 14.42 100.76 9.49
N PRO ZC 46 14.75 99.68 10.21
CA PRO ZC 46 13.69 98.77 10.66
C PRO ZC 46 12.94 99.31 11.86
N VAL ZC 47 13.62 99.99 12.77
CA VAL ZC 47 13.02 100.65 13.92
C VAL ZC 47 12.57 102.02 13.44
N GLY ZC 48 11.25 102.25 13.41
CA GLY ZC 48 10.70 103.38 12.69
C GLY ZC 48 11.08 104.71 13.30
N ALA ZC 49 11.97 105.43 12.63
CA ALA ZC 49 12.57 106.65 13.16
C ALA ZC 49 12.29 107.80 12.20
N GLY ZC 50 11.94 108.95 12.76
CA GLY ZC 50 11.59 110.12 11.98
C GLY ZC 50 12.59 111.26 12.15
N LEU ZC 51 12.27 112.36 11.46
CA LEU ZC 51 13.18 113.49 11.34
C LEU ZC 51 13.44 114.16 12.68
N GLY ZC 52 14.72 114.20 13.05
CA GLY ZC 52 15.15 114.83 14.29
C GLY ZC 52 15.48 113.89 15.41
N GLU ZC 53 15.18 112.59 15.28
CA GLU ZC 53 15.41 111.66 16.37
C GLU ZC 53 16.89 111.30 16.46
N TRP ZC 54 17.26 110.78 17.62
CA TRP ZC 54 18.60 110.26 17.87
C TRP ZC 54 18.55 108.75 17.76
N VAL ZC 55 19.42 108.19 16.92
CA VAL ZC 55 19.40 106.76 16.64
C VAL ZC 55 20.77 106.17 16.90
N LEU ZC 56 20.80 104.86 17.10
CA LEU ZC 56 22.03 104.09 17.13
C LEU ZC 56 22.18 103.39 15.80
N VAL ZC 57 23.34 103.56 15.17
CA VAL ZC 57 23.62 103.05 13.84
C VAL ZC 57 24.80 102.10 13.92
N ASN ZC 58 24.61 100.87 13.49
CA ASN ZC 58 25.75 99.98 13.32
C ASN ZC 58 26.22 100.06 11.88
N ARG ZC 59 27.39 99.48 11.60
CA ARG ZC 59 27.86 99.46 10.24
C ARG ZC 59 28.53 98.12 9.98
N GLY ZC 60 28.64 97.79 8.69
CA GLY ZC 60 29.27 96.54 8.29
C GLY ZC 60 28.28 95.41 8.15
N SER ZC 61 28.72 94.19 8.45
CA SER ZC 61 27.87 93.02 8.32
C SER ZC 61 26.86 92.88 9.46
N ALA ZC 62 26.94 93.74 10.48
CA ALA ZC 62 25.96 93.77 11.54
C ALA ZC 62 24.62 94.30 11.07
N ALA ZC 63 24.60 95.03 9.95
CA ALA ZC 63 23.35 95.50 9.36
C ALA ZC 63 22.54 94.37 8.74
N ARG ZC 64 23.15 93.21 8.53
CA ARG ZC 64 22.50 92.06 7.90
C ARG ZC 64 22.13 90.99 8.90
N GLN ZC 65 21.85 91.34 10.15
CA GLN ZC 65 21.62 90.36 11.20
C GLN ZC 65 20.16 90.24 11.61
N THR ZC 66 19.30 91.14 11.13
CA THR ZC 66 17.92 91.21 11.62
C THR ZC 66 16.95 90.30 10.87
N GLU ZC 67 17.47 89.28 10.19
CA GLU ZC 67 16.81 88.14 9.55
C GLU ZC 67 15.83 88.51 8.42
N TYR ZC 68 15.67 89.80 8.12
CA TYR ZC 68 15.08 90.23 6.87
C TYR ZC 68 16.00 91.18 6.10
N HIS ZC 69 17.22 91.39 6.60
CA HIS ZC 69 18.26 92.10 5.87
C HIS ZC 69 19.43 91.18 5.53
N GLN ZC 70 19.22 89.87 5.56
CA GLN ZC 70 20.33 88.91 5.61
C GLN ZC 70 21.09 88.85 4.30
N ASN ZC 71 20.39 88.87 3.17
CA ASN ZC 71 21.04 88.81 1.87
C ASN ZC 71 20.88 90.12 1.12
N ARG ZC 72 20.66 91.21 1.84
CA ARG ZC 72 20.49 92.55 1.34
C ARG ZC 72 21.81 93.31 1.39
N PRO ZC 73 22.15 94.07 0.35
CA PRO ZC 73 23.42 94.80 0.31
C PRO ZC 73 23.40 96.06 1.17
N LEU ZC 74 23.36 95.86 2.49
CA LEU ZC 74 23.27 96.94 3.45
C LEU ZC 74 24.49 96.92 4.35
N ASP ZC 75 25.10 98.09 4.55
CA ASP ZC 75 26.25 98.23 5.44
C ASP ZC 75 26.00 99.26 6.54
N ALA ZC 76 24.74 99.60 6.80
CA ALA ZC 76 24.38 100.55 7.83
C ALA ZC 76 22.91 100.34 8.17
N MET ZC 77 22.58 100.39 9.45
CA MET ZC 77 21.22 100.09 9.89
C MET ZC 77 20.95 100.79 11.21
N VAL ZC 78 19.79 101.43 11.32
CA VAL ZC 78 19.33 101.92 12.62
C VAL ZC 78 18.89 100.72 13.46
N VAL ZC 79 19.55 100.52 14.59
CA VAL ZC 79 19.22 99.40 15.46
C VAL ZC 79 18.40 99.82 16.68
N ALA ZC 80 18.43 101.10 17.04
CA ALA ZC 80 17.75 101.58 18.23
C ALA ZC 80 17.44 103.06 18.06
N ILE ZC 81 16.33 103.48 18.63
CA ILE ZC 81 16.04 104.90 18.82
C ILE ZC 81 16.49 105.25 20.22
N ILE ZC 82 17.33 106.28 20.33
CA ILE ZC 82 17.93 106.63 21.62
C ILE ZC 82 16.88 107.28 22.50
N ASP ZC 83 16.68 106.72 23.69
CA ASP ZC 83 15.83 107.32 24.71
C ASP ZC 83 16.63 108.27 25.60
N THR ZC 84 17.74 107.81 26.15
CA THR ZC 84 18.49 108.59 27.12
C THR ZC 84 19.99 108.37 26.88
N VAL ZC 85 20.75 109.46 26.85
CA VAL ZC 85 22.19 109.43 26.92
C VAL ZC 85 22.62 110.05 28.23
N THR ZC 86 23.30 109.27 29.07
CA THR ZC 86 23.81 109.74 30.34
C THR ZC 86 25.34 109.74 30.26
N VAL ZC 87 25.95 110.91 30.40
CA VAL ZC 87 27.40 111.06 30.36
C VAL ZC 87 27.86 111.59 31.70
N ASN ZC 88 28.74 110.82 32.37
CA ASN ZC 88 29.32 111.16 33.68
C ASN ZC 88 28.23 111.38 34.73
N ASN ZC 89 27.25 110.46 34.75
CA ASN ZC 89 26.04 110.46 35.58
C ASN ZC 89 25.18 111.69 35.37
N ARG ZC 90 25.33 112.40 34.24
CA ARG ZC 90 24.51 113.54 33.90
C ARG ZC 90 23.79 113.23 32.60
N ARG ZC 91 22.48 113.46 32.58
CA ARG ZC 91 21.68 113.17 31.40
C ARG ZC 91 21.98 114.19 30.30
N LEU ZC 92 22.51 113.69 29.18
CA LEU ZC 92 22.79 114.51 28.02
C LEU ZC 92 21.60 114.62 27.07
N TYR ZC 93 20.82 113.56 26.94
CA TYR ZC 93 19.69 113.52 26.02
C TYR ZC 93 18.53 112.82 26.69
N GLY ZC 94 17.32 113.28 26.38
CA GLY ZC 94 16.13 112.69 26.94
C GLY ZC 94 15.55 113.46 28.11
N ALA AD 2 -76.81 64.56 55.33
CA ALA AD 2 -76.84 66.01 55.19
C ALA AD 2 -76.56 66.42 53.74
N VAL AD 3 -76.19 67.70 53.56
CA VAL AD 3 -75.82 68.22 52.26
C VAL AD 3 -74.54 67.54 51.79
N ALA AD 4 -74.49 67.20 50.49
CA ALA AD 4 -73.41 66.38 49.93
C ALA AD 4 -72.06 67.08 50.03
N VAL AD 5 -71.01 66.28 50.18
CA VAL AD 5 -69.66 66.78 50.37
C VAL AD 5 -68.76 66.16 49.30
N GLY AD 6 -67.96 66.99 48.66
CA GLY AD 6 -66.96 66.51 47.70
C GLY AD 6 -65.57 66.93 48.16
N MET AD 7 -64.60 66.06 47.92
CA MET AD 7 -63.22 66.31 48.30
C MET AD 7 -62.32 66.01 47.13
N ILE AD 8 -61.37 66.90 46.86
CA ILE AD 8 -60.29 66.64 45.91
C ILE AD 8 -58.98 66.82 46.66
N GLU AD 9 -58.20 65.76 46.74
CA GLU AD 9 -56.88 65.81 47.36
C GLU AD 9 -55.81 65.90 46.27
N THR AD 10 -55.00 66.94 46.33
CA THR AD 10 -53.92 67.13 45.37
C THR AD 10 -52.59 67.14 46.10
N LEU AD 11 -51.52 66.92 45.34
CA LEU AD 11 -50.16 67.05 45.83
C LEU AD 11 -49.64 68.41 45.37
N GLY AD 12 -49.75 69.41 46.26
CA GLY AD 12 -49.32 70.74 45.91
C GLY AD 12 -50.39 71.80 46.07
N PHE AD 13 -49.99 73.00 46.45
CA PHE AD 13 -50.89 74.13 46.64
C PHE AD 13 -51.37 74.83 45.35
N PRO AD 14 -50.57 74.99 44.28
CA PRO AD 14 -51.17 75.50 43.04
C PRO AD 14 -52.18 74.54 42.42
N ALA AD 15 -52.04 73.24 42.64
CA ALA AD 15 -53.01 72.30 42.08
C ALA AD 15 -54.30 72.29 42.90
N VAL AD 16 -54.24 72.66 44.17
CA VAL AD 16 -55.42 72.59 45.01
C VAL AD 16 -56.23 73.88 44.89
N VAL AD 17 -55.59 74.97 44.44
CA VAL AD 17 -56.33 76.20 44.21
C VAL AD 17 -57.04 76.14 42.87
N GLU AD 18 -56.41 75.53 41.87
CA GLU AD 18 -57.11 75.24 40.62
C GLU AD 18 -58.22 74.22 40.81
N ALA AD 19 -58.02 73.26 41.72
CA ALA AD 19 -59.10 72.35 42.07
C ALA AD 19 -60.24 73.09 42.76
N ALA AD 20 -59.92 74.00 43.68
CA ALA AD 20 -60.96 74.74 44.37
C ALA AD 20 -61.63 75.75 43.45
N ASP AD 21 -60.87 76.33 42.52
CA ASP AD 21 -61.44 77.35 41.62
C ASP AD 21 -62.33 76.72 40.56
N ALA AD 22 -61.92 75.57 40.02
CA ALA AD 22 -62.70 74.95 38.96
C ALA AD 22 -63.95 74.27 39.51
N MET AD 23 -63.95 73.93 40.81
CA MET AD 23 -65.12 73.30 41.40
C MET AD 23 -66.25 74.29 41.57
N VAL AD 24 -65.95 75.48 42.08
CA VAL AD 24 -67.02 76.45 42.32
C VAL AD 24 -67.36 77.20 41.04
N LYS AD 25 -66.60 76.99 39.96
CA LYS AD 25 -66.94 77.59 38.68
C LYS AD 25 -67.70 76.62 37.80
N ALA AD 26 -67.62 75.31 38.08
CA ALA AD 26 -68.32 74.34 37.24
C ALA AD 26 -69.78 74.20 37.66
N ALA AD 27 -70.06 74.36 38.94
CA ALA AD 27 -71.40 74.12 39.46
C ALA AD 27 -71.66 75.00 40.66
N ARG AD 28 -72.87 74.89 41.22
CA ARG AD 28 -73.31 75.70 42.35
C ARG AD 28 -72.95 74.96 43.63
N VAL AD 29 -71.66 74.92 43.93
CA VAL AD 29 -71.16 74.34 45.17
C VAL AD 29 -70.55 75.46 46.00
N THR AD 30 -70.37 75.17 47.29
CA THR AD 30 -69.74 76.10 48.22
C THR AD 30 -68.47 75.47 48.73
N LEU AD 31 -67.33 76.04 48.35
CA LEU AD 31 -66.05 75.67 48.95
C LEU AD 31 -66.04 76.10 50.41
N VAL AD 32 -66.04 75.14 51.32
CA VAL AD 32 -66.14 75.43 52.74
C VAL AD 32 -64.84 75.19 53.48
N GLY AD 33 -63.96 74.36 52.97
CA GLY AD 33 -62.86 73.86 53.77
C GLY AD 33 -61.61 73.69 52.94
N TYR AD 34 -60.50 73.54 53.64
CA TYR AD 34 -59.18 73.46 53.03
C TYR AD 34 -58.29 72.78 54.06
N GLU AD 35 -57.83 71.57 53.76
CA GLU AD 35 -57.26 70.69 54.77
C GLU AD 35 -55.88 70.22 54.35
N LYS AD 36 -54.89 70.43 55.22
CA LYS AD 36 -53.53 69.96 55.02
C LYS AD 36 -53.26 68.85 56.04
N ILE AD 37 -52.80 67.70 55.56
CA ILE AD 37 -52.56 66.54 56.39
C ILE AD 37 -51.11 66.10 56.36
N GLY AD 38 -50.24 66.89 55.75
CA GLY AD 38 -48.82 66.57 55.68
C GLY AD 38 -48.42 65.95 54.36
N THR AD 39 -47.10 65.97 54.11
CA THR AD 39 -46.44 65.60 52.86
C THR AD 39 -47.05 66.25 51.63
N GLY AD 40 -47.51 67.49 51.73
CA GLY AD 40 -48.06 68.18 50.59
C GLY AD 40 -49.43 67.74 50.14
N ARG AD 41 -50.03 66.75 50.80
CA ARG AD 41 -51.37 66.31 50.48
C ARG AD 41 -52.36 67.34 51.00
N VAL AD 42 -52.97 68.10 50.09
CA VAL AD 42 -53.88 69.17 50.44
C VAL AD 42 -55.24 68.85 49.86
N THR AD 43 -56.28 68.98 50.67
CA THR AD 43 -57.65 68.65 50.28
C THR AD 43 -58.52 69.89 50.42
N VAL AD 44 -59.29 70.18 49.37
CA VAL AD 44 -60.36 71.17 49.42
C VAL AD 44 -61.69 70.45 49.49
N ILE AD 45 -62.64 71.04 50.20
CA ILE AD 45 -63.91 70.43 50.54
C ILE AD 45 -65.02 71.35 50.08
N VAL AD 46 -65.89 70.84 49.21
CA VAL AD 46 -67.04 71.61 48.74
C VAL AD 46 -68.31 70.96 49.27
N ARG AD 47 -69.34 71.79 49.46
CA ARG AD 47 -70.67 71.32 49.82
C ARG AD 47 -71.66 71.78 48.77
N GLY AD 48 -72.77 71.06 48.66
CA GLY AD 48 -73.81 71.44 47.73
C GLY AD 48 -74.70 70.27 47.42
N ASP AD 49 -75.57 70.46 46.44
CA ASP AD 49 -76.42 69.38 45.97
C ASP AD 49 -75.60 68.32 45.26
N VAL AD 50 -76.18 67.12 45.14
CA VAL AD 50 -75.44 65.97 44.62
C VAL AD 50 -75.13 66.15 43.14
N SER AD 51 -76.05 66.76 42.40
CA SER AD 51 -75.79 67.05 40.99
C SER AD 51 -74.68 68.08 40.83
N GLU AD 52 -74.61 69.04 41.74
CA GLU AD 52 -73.56 70.05 41.68
C GLU AD 52 -72.22 69.50 42.10
N VAL AD 53 -72.19 68.69 43.16
CA VAL AD 53 -70.93 68.17 43.69
C VAL AD 53 -70.32 67.15 42.74
N GLN AD 54 -71.16 66.32 42.11
CA GLN AD 54 -70.67 65.37 41.12
C GLN AD 54 -70.12 66.08 39.89
N ALA AD 55 -70.73 67.20 39.51
CA ALA AD 55 -70.23 67.95 38.36
C ALA AD 55 -68.97 68.72 38.70
N SER AD 56 -68.89 69.22 39.93
CA SER AD 56 -67.74 70.03 40.32
C SER AD 56 -66.49 69.18 40.53
N VAL AD 57 -66.64 68.03 41.20
CA VAL AD 57 -65.49 67.18 41.50
C VAL AD 57 -64.95 66.55 40.22
N SER AD 58 -65.84 66.19 39.29
CA SER AD 58 -65.40 65.62 38.02
C SER AD 58 -64.74 66.67 37.14
N ALA AD 59 -65.19 67.91 37.21
CA ALA AD 59 -64.54 68.98 36.44
C ALA AD 59 -63.32 69.52 37.16
N GLY AD 60 -63.34 69.48 38.50
CA GLY AD 60 -62.18 69.89 39.24
C GLY AD 60 -61.02 68.92 39.12
N THR AD 61 -61.31 67.65 38.85
CA THR AD 61 -60.26 66.66 38.67
C THR AD 61 -59.54 66.86 37.34
N GLU AD 62 -60.28 67.15 36.28
CA GLU AD 62 -59.68 67.32 34.96
C GLU AD 62 -58.91 68.63 34.85
N SER AD 63 -59.24 69.61 35.69
CA SER AD 63 -58.54 70.89 35.62
C SER AD 63 -57.17 70.83 36.28
N VAL AD 64 -56.97 69.94 37.26
CA VAL AD 64 -55.69 69.78 37.91
C VAL AD 64 -54.64 69.19 36.97
N LYS AD 65 -55.05 68.31 36.07
CA LYS AD 65 -54.13 67.80 35.03
C LYS AD 65 -54.10 68.72 33.82
N ARG AD 66 -53.98 70.02 34.10
CA ARG AD 66 -53.69 71.07 33.12
C ARG AD 66 -52.75 72.04 33.81
N VAL AD 67 -52.39 71.71 35.06
CA VAL AD 67 -51.42 72.45 35.85
C VAL AD 67 -50.10 71.69 35.81
N ASN AD 68 -49.01 72.40 35.55
CA ASN AD 68 -47.70 71.76 35.56
C ASN AD 68 -47.28 71.48 36.99
N GLY AD 69 -46.88 70.24 37.25
CA GLY AD 69 -46.60 69.83 38.61
C GLY AD 69 -47.83 69.51 39.43
N GLY AD 70 -49.00 69.46 38.82
CA GLY AD 70 -50.25 69.17 39.49
C GLY AD 70 -50.58 67.69 39.40
N GLN AD 71 -51.07 67.14 40.51
CA GLN AD 71 -51.36 65.72 40.60
C GLN AD 71 -52.54 65.50 41.53
N VAL AD 72 -53.59 64.85 41.03
CA VAL AD 72 -54.72 64.46 41.86
C VAL AD 72 -54.35 63.18 42.59
N LEU AD 73 -54.39 63.23 43.92
CA LEU AD 73 -54.10 62.04 44.71
C LEU AD 73 -55.37 61.23 44.94
N SER AD 74 -56.44 61.91 45.36
CA SER AD 74 -57.66 61.21 45.75
C SER AD 74 -58.84 62.15 45.62
N THR AD 75 -59.93 61.63 45.05
CA THR AD 75 -61.18 62.37 44.94
C THR AD 75 -62.30 61.49 45.48
N HIS AD 76 -63.30 62.13 46.09
CA HIS AD 76 -64.46 61.40 46.58
C HIS AD 76 -65.65 62.33 46.71
N ILE AD 77 -66.84 61.75 46.52
CA ILE AD 77 -68.10 62.42 46.74
C ILE AD 77 -68.92 61.56 47.71
N ILE AD 78 -69.38 62.16 48.80
CA ILE AD 78 -70.35 61.54 49.69
C ILE AD 78 -71.67 62.27 49.50
N ALA AD 79 -72.66 61.59 48.94
CA ALA AD 79 -73.89 62.25 48.53
C ALA AD 79 -74.76 62.61 49.72
N ARG AD 80 -74.64 61.87 50.82
CA ARG AD 80 -75.47 62.11 52.00
C ARG AD 80 -74.64 61.76 53.22
N PRO AD 81 -73.81 62.69 53.68
CA PRO AD 81 -73.01 62.41 54.88
C PRO AD 81 -73.85 62.45 56.13
N HIS AD 82 -73.45 61.64 57.10
CA HIS AD 82 -74.10 61.61 58.40
C HIS AD 82 -73.90 62.93 59.12
N GLU AD 83 -74.86 63.27 59.97
CA GLU AD 83 -74.78 64.52 60.73
C GLU AD 83 -73.74 64.46 61.85
N ASN AD 84 -73.21 63.27 62.15
CA ASN AD 84 -72.07 63.15 63.05
C ASN AD 84 -70.80 63.75 62.46
N LEU AD 85 -70.68 63.76 61.13
CA LEU AD 85 -69.40 64.04 60.48
C LEU AD 85 -69.05 65.52 60.48
N GLU AD 86 -70.05 66.40 60.50
CA GLU AD 86 -69.78 67.83 60.44
C GLU AD 86 -69.21 68.34 61.76
N TYR AD 87 -69.47 67.65 62.86
CA TYR AD 87 -68.99 68.10 64.15
C TYR AD 87 -67.56 67.63 64.41
N VAL AD 88 -67.14 66.57 63.73
CA VAL AD 88 -65.80 66.03 63.96
C VAL AD 88 -64.85 66.41 62.83
N LEU AD 89 -65.28 66.24 61.62
CA LEU AD 89 -64.45 66.52 60.47
C LEU AD 89 -64.64 67.96 60.00
N PRO AD 90 -63.61 68.60 59.44
CA PRO AD 90 -63.74 69.99 58.95
C PRO AD 90 -64.39 70.08 57.58
N ILE AD 91 -65.63 69.59 57.48
CA ILE AD 91 -66.41 69.65 56.26
C ILE AD 91 -67.66 70.50 56.40
N ARG AD 92 -67.81 71.22 57.50
CA ARG AD 92 -69.03 71.94 57.76
C ARG AD 92 -68.96 73.36 57.23
N TYR AD 93 -70.14 73.97 57.11
CA TYR AD 93 -70.23 75.37 56.71
C TYR AD 93 -69.74 76.27 57.84
N THR AD 94 -68.76 77.11 57.54
CA THR AD 94 -68.34 78.13 58.48
C THR AD 94 -69.05 79.45 58.16
N GLU AD 95 -68.89 80.43 59.05
CA GLU AD 95 -69.61 81.69 58.89
C GLU AD 95 -68.98 82.57 57.82
N GLU AD 96 -67.75 82.25 57.39
CA GLU AD 96 -67.12 83.00 56.32
C GLU AD 96 -67.72 82.66 54.97
N VAL AD 97 -68.32 81.48 54.84
CA VAL AD 97 -68.83 80.99 53.57
C VAL AD 97 -70.35 80.84 53.58
N GLU AD 98 -71.04 81.50 54.51
CA GLU AD 98 -72.49 81.41 54.55
C GLU AD 98 -73.16 82.23 53.45
N GLN AD 99 -72.44 83.16 52.83
CA GLN AD 99 -73.03 83.93 51.75
C GLN AD 99 -73.11 83.14 50.45
N PHE AD 100 -72.30 82.09 50.32
CA PHE AD 100 -72.25 81.31 49.09
C PHE AD 100 -73.14 80.08 49.13
N ARG AD 101 -73.81 79.80 50.25
CA ARG AD 101 -74.65 78.63 50.35
C ARG AD 101 -75.97 78.80 49.58
N ALA BD 2 -63.82 51.65 79.71
CA ALA BD 2 -64.89 52.44 79.12
C ALA BD 2 -65.53 51.69 77.96
N VAL BD 3 -66.33 52.39 77.16
CA VAL BD 3 -66.96 51.77 76.00
C VAL BD 3 -65.93 51.67 74.89
N ALA BD 4 -66.17 50.80 73.91
CA ALA BD 4 -65.11 50.36 73.01
C ALA BD 4 -64.67 51.45 72.04
N VAL BD 5 -63.44 51.32 71.55
CA VAL BD 5 -62.80 52.27 70.66
C VAL BD 5 -62.49 51.57 69.35
N GLY BD 6 -62.87 52.19 68.25
CA GLY BD 6 -62.43 51.74 66.94
C GLY BD 6 -61.69 52.85 66.21
N MET BD 7 -60.58 52.48 65.59
CA MET BD 7 -59.74 53.42 64.87
C MET BD 7 -59.45 52.87 63.48
N ILE BD 8 -59.62 53.71 62.47
CA ILE BD 8 -59.18 53.42 61.11
C ILE BD 8 -58.20 54.51 60.71
N GLU BD 9 -56.97 54.12 60.39
CA GLU BD 9 -55.98 55.04 59.88
C GLU BD 9 -55.85 54.88 58.37
N THR BD 10 -56.05 55.97 57.65
CA THR BD 10 -55.95 55.97 56.20
C THR BD 10 -54.85 56.93 55.74
N LEU BD 11 -54.40 56.71 54.52
CA LEU BD 11 -53.48 57.62 53.85
C LEU BD 11 -54.32 58.53 52.96
N GLY BD 12 -54.60 59.72 53.46
CA GLY BD 12 -55.40 60.65 52.69
C GLY BD 12 -56.70 61.06 53.37
N PHE BD 13 -57.09 62.31 53.18
CA PHE BD 13 -58.31 62.86 53.76
C PHE BD 13 -59.62 62.45 53.05
N PRO BD 14 -59.71 62.30 51.72
CA PRO BD 14 -60.96 61.74 51.18
C PRO BD 14 -61.22 60.29 51.58
N ALA BD 15 -60.17 59.53 51.91
CA ALA BD 15 -60.38 58.16 52.35
C ALA BD 15 -60.84 58.10 53.79
N VAL BD 16 -60.54 59.13 54.58
CA VAL BD 16 -60.86 59.07 56.01
C VAL BD 16 -62.27 59.58 56.25
N VAL BD 17 -62.83 60.34 55.31
CA VAL BD 17 -64.20 60.82 55.46
C VAL BD 17 -65.19 59.77 54.97
N GLU BD 18 -64.80 59.01 53.94
CA GLU BD 18 -65.60 57.88 53.50
C GLU BD 18 -65.55 56.74 54.52
N ALA BD 19 -64.40 56.57 55.18
CA ALA BD 19 -64.31 55.58 56.25
C ALA BD 19 -65.15 56.00 57.44
N ALA BD 20 -65.16 57.30 57.78
CA ALA BD 20 -65.95 57.77 58.91
C ALA BD 20 -67.44 57.76 58.59
N ASP BD 21 -67.80 58.01 57.34
CA ASP BD 21 -69.21 58.00 56.98
C ASP BD 21 -69.75 56.58 56.87
N ALA BD 22 -68.90 55.63 56.47
CA ALA BD 22 -69.33 54.24 56.42
C ALA BD 22 -69.46 53.65 57.81
N MET BD 23 -68.69 54.17 58.78
CA MET BD 23 -68.69 53.59 60.12
C MET BD 23 -69.97 53.94 60.87
N VAL BD 24 -70.38 55.21 60.82
CA VAL BD 24 -71.53 55.63 61.60
C VAL BD 24 -72.84 55.26 60.92
N LYS BD 25 -72.78 54.82 59.66
CA LYS BD 25 -73.96 54.31 58.99
C LYS BD 25 -74.12 52.81 59.19
N ALA BD 26 -73.02 52.10 59.37
CA ALA BD 26 -73.07 50.65 59.43
C ALA BD 26 -73.56 50.16 60.78
N ALA BD 27 -73.31 50.92 61.85
CA ALA BD 27 -73.64 50.45 63.18
C ALA BD 27 -73.90 51.65 64.09
N ARG BD 28 -74.22 51.35 65.35
CA ARG BD 28 -74.57 52.37 66.34
C ARG BD 28 -73.31 52.82 67.07
N VAL BD 29 -72.39 53.41 66.30
CA VAL BD 29 -71.17 53.98 66.84
C VAL BD 29 -71.26 55.49 66.74
N THR BD 30 -70.46 56.17 67.53
CA THR BD 30 -70.35 57.61 67.51
C THR BD 30 -68.94 57.99 67.08
N LEU BD 31 -68.82 58.66 65.94
CA LEU BD 31 -67.56 59.27 65.55
C LEU BD 31 -67.26 60.40 66.52
N VAL BD 32 -66.19 60.27 67.29
CA VAL BD 32 -65.85 61.25 68.31
C VAL BD 32 -64.55 61.98 67.99
N GLY BD 33 -63.70 61.43 67.15
CA GLY BD 33 -62.33 61.90 67.06
C GLY BD 33 -61.82 61.88 65.65
N TYR BD 34 -60.78 62.67 65.41
CA TYR BD 34 -60.18 62.83 64.10
C TYR BD 34 -58.76 63.33 64.34
N GLU BD 35 -57.77 62.53 63.97
CA GLU BD 35 -56.40 62.77 64.38
C GLU BD 35 -55.46 62.77 63.19
N LYS BD 36 -54.61 63.79 63.12
CA LYS BD 36 -53.56 63.90 62.12
C LYS BD 36 -52.22 63.74 62.82
N ILE BD 37 -51.39 62.83 62.32
CA ILE BD 37 -50.09 62.54 62.92
C ILE BD 37 -48.95 62.75 61.93
N GLY BD 38 -49.25 63.22 60.72
CA GLY BD 38 -48.22 63.50 59.73
C GLY BD 38 -48.10 62.41 58.68
N THR BD 39 -47.38 62.77 57.61
CA THR BD 39 -47.24 62.01 56.36
C THR BD 39 -48.56 61.54 55.77
N GLY BD 40 -49.62 62.33 55.91
CA GLY BD 40 -50.90 61.93 55.39
C GLY BD 40 -51.61 60.83 56.16
N ARG BD 41 -51.07 60.41 57.29
CA ARG BD 41 -51.70 59.38 58.12
C ARG BD 41 -52.77 60.04 58.97
N VAL BD 42 -54.03 59.78 58.63
CA VAL BD 42 -55.16 60.41 59.28
C VAL BD 42 -56.01 59.31 59.89
N THR BD 43 -56.41 59.51 61.15
CA THR BD 43 -57.14 58.51 61.91
C THR BD 43 -58.47 59.10 62.38
N VAL BD 44 -59.56 58.36 62.18
CA VAL BD 44 -60.85 58.66 62.77
C VAL BD 44 -61.17 57.63 63.84
N ILE BD 45 -61.82 58.08 64.90
CA ILE BD 45 -62.05 57.30 66.10
C ILE BD 45 -63.55 57.21 66.34
N VAL BD 46 -64.07 55.99 66.46
CA VAL BD 46 -65.48 55.78 66.79
C VAL BD 46 -65.57 55.16 68.18
N ARG BD 47 -66.70 55.43 68.85
CA ARG BD 47 -67.00 54.83 70.14
C ARG BD 47 -68.36 54.15 70.08
N GLY BD 48 -68.45 52.98 70.70
CA GLY BD 48 -69.71 52.29 70.80
C GLY BD 48 -69.50 50.95 71.46
N ASP BD 49 -70.53 50.12 71.44
CA ASP BD 49 -70.38 48.76 71.92
C ASP BD 49 -69.46 47.98 70.99
N VAL BD 50 -68.80 46.95 71.54
CA VAL BD 50 -67.75 46.24 70.82
C VAL BD 50 -68.28 45.50 69.60
N SER BD 51 -69.53 45.05 69.63
CA SER BD 51 -70.13 44.44 68.45
C SER BD 51 -70.43 45.49 67.39
N GLU BD 52 -70.86 46.68 67.83
CA GLU BD 52 -71.11 47.76 66.89
C GLU BD 52 -69.80 48.35 66.37
N VAL BD 53 -68.78 48.39 67.20
CA VAL BD 53 -67.49 48.94 66.77
C VAL BD 53 -66.82 47.98 65.79
N GLN BD 54 -66.94 46.67 66.03
CA GLN BD 54 -66.41 45.68 65.10
C GLN BD 54 -67.14 45.70 63.77
N ALA BD 55 -68.45 45.92 63.80
CA ALA BD 55 -69.23 45.95 62.56
C ALA BD 55 -68.96 47.22 61.77
N SER BD 56 -68.63 48.31 62.47
CA SER BD 56 -68.39 49.58 61.79
C SER BD 56 -66.99 49.65 61.21
N VAL BD 57 -65.99 49.23 61.99
CA VAL BD 57 -64.59 49.35 61.59
C VAL BD 57 -64.30 48.45 60.39
N SER BD 58 -64.91 47.27 60.35
CA SER BD 58 -64.76 46.41 59.18
C SER BD 58 -65.49 46.99 57.97
N ALA BD 59 -66.62 47.66 58.19
CA ALA BD 59 -67.34 48.26 57.08
C ALA BD 59 -66.69 49.55 56.61
N GLY BD 60 -66.02 50.27 57.51
CA GLY BD 60 -65.29 51.45 57.11
C GLY BD 60 -64.02 51.12 56.35
N THR BD 61 -63.50 49.91 56.53
CA THR BD 61 -62.30 49.49 55.80
C THR BD 61 -62.63 49.16 54.35
N GLU BD 62 -63.80 48.55 54.11
CA GLU BD 62 -64.15 48.18 52.74
C GLU BD 62 -64.56 49.38 51.90
N SER BD 63 -65.04 50.45 52.54
CA SER BD 63 -65.50 51.61 51.79
C SER BD 63 -64.34 52.49 51.31
N VAL BD 64 -63.15 52.31 51.85
CA VAL BD 64 -61.98 53.04 51.35
C VAL BD 64 -61.58 52.52 49.96
N LYS BD 65 -61.93 51.27 49.64
CA LYS BD 65 -61.70 50.74 48.31
C LYS BD 65 -62.58 51.42 47.26
N ARG BD 66 -63.69 52.03 47.68
CA ARG BD 66 -64.48 52.86 46.76
C ARG BD 66 -63.72 54.13 46.38
N VAL BD 67 -62.91 54.64 47.30
CA VAL BD 67 -62.15 55.86 47.05
C VAL BD 67 -60.94 55.54 46.19
N ASN BD 68 -60.78 56.26 45.09
CA ASN BD 68 -59.57 56.15 44.28
C ASN BD 68 -58.44 56.91 44.97
N GLY BD 69 -57.28 56.27 45.08
CA GLY BD 69 -56.19 56.88 45.80
C GLY BD 69 -56.31 56.80 47.31
N GLY BD 70 -57.26 56.00 47.81
CA GLY BD 70 -57.45 55.80 49.24
C GLY BD 70 -56.86 54.46 49.66
N GLN BD 71 -56.28 54.44 50.85
CA GLN BD 71 -55.58 53.28 51.35
C GLN BD 71 -55.66 53.23 52.87
N VAL BD 72 -56.16 52.12 53.40
CA VAL BD 72 -56.22 51.91 54.85
C VAL BD 72 -54.83 51.48 55.31
N LEU BD 73 -54.25 52.23 56.25
CA LEU BD 73 -52.95 51.88 56.76
C LEU BD 73 -53.05 50.95 57.95
N SER BD 74 -53.92 51.25 58.91
CA SER BD 74 -54.02 50.48 60.13
C SER BD 74 -55.41 50.62 60.71
N THR BD 75 -55.96 49.49 61.14
CA THR BD 75 -57.22 49.46 61.88
C THR BD 75 -56.98 48.76 63.21
N HIS BD 76 -57.71 49.19 64.23
CA HIS BD 76 -57.67 48.51 65.51
C HIS BD 76 -58.96 48.76 66.28
N ILE BD 77 -59.32 47.79 67.11
CA ILE BD 77 -60.49 47.85 67.98
C ILE BD 77 -60.05 47.49 69.38
N ILE BD 78 -60.30 48.38 70.34
CA ILE BD 78 -60.06 48.12 71.74
C ILE BD 78 -61.42 47.97 72.42
N ALA BD 79 -61.69 46.77 72.95
CA ALA BD 79 -63.02 46.43 73.43
C ALA BD 79 -63.35 47.15 74.73
N ARG BD 80 -62.36 47.34 75.59
CA ARG BD 80 -62.56 47.96 76.91
C ARG BD 80 -61.35 48.79 77.22
N PRO BD 81 -61.29 50.03 76.74
CA PRO BD 81 -60.14 50.88 77.04
C PRO BD 81 -60.14 51.32 78.49
N HIS BD 82 -58.94 51.54 79.00
CA HIS BD 82 -58.77 52.06 80.35
C HIS BD 82 -59.27 53.50 80.42
N GLU BD 83 -59.65 53.92 81.63
CA GLU BD 83 -60.16 55.27 81.83
C GLU BD 83 -59.08 56.33 81.70
N ASN BD 84 -57.81 55.93 81.78
CA ASN BD 84 -56.70 56.86 81.60
C ASN BD 84 -56.59 57.36 80.17
N LEU BD 85 -57.09 56.59 79.20
CA LEU BD 85 -56.84 56.88 77.80
C LEU BD 85 -57.70 58.03 77.29
N GLU BD 86 -58.86 58.28 77.91
CA GLU BD 86 -59.73 59.33 77.40
C GLU BD 86 -59.28 60.71 77.85
N TYR BD 87 -58.41 60.78 78.86
CA TYR BD 87 -57.95 62.08 79.33
C TYR BD 87 -56.65 62.49 78.65
N VAL BD 88 -56.00 61.55 77.98
CA VAL BD 88 -54.76 61.86 77.27
C VAL BD 88 -54.98 61.80 75.77
N LEU BD 89 -55.46 60.69 75.29
CA LEU BD 89 -55.65 60.49 73.86
C LEU BD 89 -56.99 61.05 73.41
N PRO BD 90 -57.10 61.54 72.16
CA PRO BD 90 -58.38 62.08 71.67
C PRO BD 90 -59.36 60.99 71.23
N ILE BD 91 -59.74 60.14 72.17
CA ILE BD 91 -60.75 59.11 71.95
C ILE BD 91 -62.00 59.35 72.77
N ARG BD 92 -62.12 60.49 73.43
CA ARG BD 92 -63.20 60.72 74.37
C ARG BD 92 -64.40 61.37 73.69
N TYR BD 93 -65.54 61.27 74.34
CA TYR BD 93 -66.73 61.97 73.90
C TYR BD 93 -66.61 63.45 74.21
N THR BD 94 -66.69 64.28 73.17
CA THR BD 94 -66.76 65.72 73.37
C THR BD 94 -68.21 66.15 73.54
N GLU BD 95 -68.40 67.41 73.89
CA GLU BD 95 -69.75 67.94 74.12
C GLU BD 95 -70.52 68.08 72.81
N GLU BD 96 -69.81 68.26 71.70
CA GLU BD 96 -70.47 68.44 70.41
C GLU BD 96 -71.06 67.14 69.88
N VAL BD 97 -70.53 66.00 70.31
CA VAL BD 97 -70.99 64.71 69.80
C VAL BD 97 -71.88 63.99 70.82
N GLU BD 98 -72.39 64.71 71.82
CA GLU BD 98 -73.26 64.07 72.81
C GLU BD 98 -74.65 63.77 72.27
N GLN BD 99 -75.05 64.41 71.17
CA GLN BD 99 -76.35 64.14 70.58
C GLN BD 99 -76.36 62.83 69.81
N PHE BD 100 -75.20 62.29 69.48
CA PHE BD 100 -75.09 61.06 68.69
C PHE BD 100 -74.77 59.84 69.53
N ARG BD 101 -74.57 59.99 70.83
CA ARG BD 101 -74.21 58.86 71.68
C ARG BD 101 -75.41 57.95 71.94
N ALA CD 2 -91.32 61.19 36.25
CA ALA CD 2 -90.95 62.39 36.99
C ALA CD 2 -89.74 62.12 37.88
N VAL CD 3 -89.95 61.27 38.89
CA VAL CD 3 -88.87 60.83 39.76
C VAL CD 3 -88.10 59.72 39.06
N ALA CD 4 -86.77 59.82 39.09
CA ALA CD 4 -85.90 58.87 38.39
C ALA CD 4 -85.99 57.48 39.01
N VAL CD 5 -85.56 56.49 38.24
CA VAL CD 5 -85.61 55.09 38.66
C VAL CD 5 -84.24 54.47 38.41
N GLY CD 6 -83.75 53.73 39.40
CA GLY CD 6 -82.52 52.99 39.26
C GLY CD 6 -82.70 51.56 39.70
N MET CD 7 -82.03 50.66 39.00
CA MET CD 7 -82.16 49.22 39.24
C MET CD 7 -80.78 48.61 39.38
N ILE CD 8 -80.63 47.72 40.35
CA ILE CD 8 -79.45 46.88 40.46
C ILE CD 8 -79.93 45.43 40.48
N GLU CD 9 -79.49 44.65 39.50
CA GLU CD 9 -79.79 43.23 39.46
C GLU CD 9 -78.60 42.43 39.96
N THR CD 10 -78.81 41.67 41.01
CA THR CD 10 -77.77 40.81 41.57
C THR CD 10 -78.17 39.36 41.39
N LEU CD 11 -77.18 38.49 41.46
CA LEU CD 11 -77.39 37.03 41.51
C LEU CD 11 -77.39 36.63 42.98
N GLY CD 12 -78.56 36.39 43.53
CA GLY CD 12 -78.67 36.03 44.92
C GLY CD 12 -79.37 37.05 45.79
N PHE CD 13 -80.09 36.57 46.80
CA PHE CD 13 -80.82 37.43 47.73
C PHE CD 13 -79.97 38.11 48.80
N PRO CD 14 -78.92 37.51 49.39
CA PRO CD 14 -78.07 38.32 50.29
C PRO CD 14 -77.34 39.45 49.60
N ALA CD 15 -77.05 39.32 48.31
CA ALA CD 15 -76.37 40.40 47.60
C ALA CD 15 -77.33 41.52 47.25
N VAL CD 16 -78.64 41.22 47.15
CA VAL CD 16 -79.58 42.25 46.73
C VAL CD 16 -80.08 43.03 47.93
N VAL CD 17 -79.90 42.50 49.14
CA VAL CD 17 -80.25 43.24 50.34
C VAL CD 17 -79.11 44.16 50.74
N GLU CD 18 -77.87 43.72 50.54
CA GLU CD 18 -76.71 44.60 50.75
C GLU CD 18 -76.66 45.70 49.71
N ALA CD 19 -77.09 45.39 48.47
CA ALA CD 19 -77.22 46.44 47.46
C ALA CD 19 -78.31 47.42 47.81
N ALA CD 20 -79.46 46.93 48.29
CA ALA CD 20 -80.56 47.82 48.64
C ALA CD 20 -80.26 48.63 49.89
N ASP CD 21 -79.50 48.07 50.82
CA ASP CD 21 -79.14 48.80 52.03
C ASP CD 21 -78.10 49.87 51.74
N ALA CD 22 -77.21 49.62 50.79
CA ALA CD 22 -76.19 50.61 50.45
C ALA CD 22 -76.76 51.72 49.57
N MET CD 23 -77.89 51.46 48.91
CA MET CD 23 -78.46 52.48 48.03
C MET CD 23 -79.18 53.55 48.83
N VAL CD 24 -79.98 53.15 49.82
CA VAL CD 24 -80.77 54.13 50.55
C VAL CD 24 -79.96 54.79 51.64
N LYS CD 25 -78.77 54.26 51.94
CA LYS CD 25 -77.87 54.93 52.88
C LYS CD 25 -77.00 55.96 52.17
N ALA CD 26 -76.70 55.73 50.89
CA ALA CD 26 -75.77 56.59 50.19
C ALA CD 26 -76.40 57.91 49.79
N ALA CD 27 -77.67 57.89 49.38
CA ALA CD 27 -78.31 59.09 48.88
C ALA CD 27 -79.79 59.09 49.26
N ARG CD 28 -80.49 60.14 48.86
CA ARG CD 28 -81.90 60.34 49.18
C ARG CD 28 -82.76 59.67 48.12
N VAL CD 29 -82.72 58.34 48.12
CA VAL CD 29 -83.56 57.53 47.24
C VAL CD 29 -84.49 56.72 48.11
N THR CD 30 -85.59 56.27 47.50
CA THR CD 30 -86.56 55.42 48.16
C THR CD 30 -86.54 54.07 47.47
N LEU CD 31 -86.16 53.03 48.20
CA LEU CD 31 -86.34 51.67 47.73
C LEU CD 31 -87.83 51.37 47.67
N VAL CD 32 -88.35 51.17 46.47
CA VAL CD 32 -89.78 50.97 46.28
C VAL CD 32 -90.12 49.57 45.80
N GLY CD 33 -89.17 48.83 45.26
CA GLY CD 33 -89.51 47.63 44.52
C GLY CD 33 -88.50 46.54 44.72
N TYR CD 34 -88.88 45.34 44.31
CA TYR CD 34 -88.12 44.13 44.55
C TYR CD 34 -88.65 43.09 43.57
N GLU CD 35 -87.82 42.66 42.64
CA GLU CD 35 -88.30 41.89 41.50
C GLU CD 35 -87.45 40.64 41.29
N LYS CD 36 -88.13 39.51 41.11
CA LYS CD 36 -87.50 38.23 40.81
C LYS CD 36 -87.97 37.78 39.43
N ILE CD 37 -87.03 37.46 38.56
CA ILE CD 37 -87.32 37.06 37.19
C ILE CD 37 -86.85 35.64 36.89
N GLY CD 38 -86.30 34.95 37.88
CA GLY CD 38 -85.79 33.61 37.68
C GLY CD 38 -84.28 33.57 37.52
N THR CD 39 -83.76 32.33 37.54
CA THR CD 39 -82.34 31.99 37.63
C THR CD 39 -81.59 32.76 38.71
N GLY CD 40 -82.23 33.02 39.85
CA GLY CD 40 -81.58 33.75 40.92
C GLY CD 40 -81.36 35.21 40.67
N ARG CD 41 -81.84 35.75 39.56
CA ARG CD 41 -81.63 37.15 39.21
C ARG CD 41 -82.66 37.99 39.94
N VAL CD 42 -82.20 38.78 40.90
CA VAL CD 42 -83.06 39.56 41.77
C VAL CD 42 -82.73 41.03 41.59
N THR CD 43 -83.75 41.87 41.44
CA THR CD 43 -83.59 43.28 41.13
C THR CD 43 -84.28 44.12 42.19
N VAL CD 44 -83.57 45.12 42.71
CA VAL CD 44 -84.16 46.13 43.58
C VAL CD 44 -84.25 47.45 42.82
N ILE CD 45 -85.33 48.19 43.07
CA ILE CD 45 -85.67 49.40 42.35
C ILE CD 45 -85.69 50.55 43.34
N VAL CD 46 -84.92 51.60 43.06
CA VAL CD 46 -84.94 52.80 43.88
C VAL CD 46 -85.53 53.95 43.08
N ARG CD 47 -86.15 54.88 43.78
CA ARG CD 47 -86.69 56.09 43.18
C ARG CD 47 -86.11 57.31 43.90
N GLY CD 48 -85.63 58.28 43.12
CA GLY CD 48 -85.17 59.52 43.69
C GLY CD 48 -84.89 60.50 42.58
N ASP CD 49 -84.15 61.55 42.92
CA ASP CD 49 -83.60 62.41 41.89
C ASP CD 49 -82.50 61.64 41.14
N VAL CD 50 -82.24 62.06 39.90
CA VAL CD 50 -81.32 61.32 39.04
C VAL CD 50 -79.89 61.38 39.56
N SER CD 51 -79.51 62.47 40.23
CA SER CD 51 -78.19 62.55 40.85
C SER CD 51 -78.10 61.66 42.09
N GLU CD 52 -79.20 61.55 42.83
CA GLU CD 52 -79.22 60.68 44.00
C GLU CD 52 -79.28 59.21 43.58
N VAL CD 53 -79.99 58.91 42.50
CA VAL CD 53 -80.07 57.56 42.00
C VAL CD 53 -78.72 57.12 41.44
N GLN CD 54 -77.99 58.04 40.82
CA GLN CD 54 -76.66 57.72 40.30
C GLN CD 54 -75.66 57.46 41.42
N ALA CD 55 -75.78 58.17 42.53
CA ALA CD 55 -74.89 57.95 43.66
C ALA CD 55 -75.27 56.68 44.41
N SER CD 56 -76.54 56.29 44.37
CA SER CD 56 -76.98 55.08 45.04
C SER CD 56 -76.59 53.83 44.26
N VAL CD 57 -76.81 53.84 42.96
CA VAL CD 57 -76.55 52.67 42.12
C VAL CD 57 -75.05 52.40 42.04
N SER CD 58 -74.24 53.45 42.05
CA SER CD 58 -72.79 53.28 42.09
C SER CD 58 -72.33 52.75 43.44
N ALA CD 59 -72.93 53.22 44.53
CA ALA CD 59 -72.55 52.73 45.85
C ALA CD 59 -73.13 51.34 46.12
N GLY CD 60 -74.30 51.05 45.57
CA GLY CD 60 -74.86 49.72 45.73
C GLY CD 60 -74.15 48.66 44.92
N THR CD 61 -73.44 49.08 43.88
CA THR CD 61 -72.69 48.12 43.06
C THR CD 61 -71.41 47.67 43.76
N GLU CD 62 -70.70 48.59 44.42
CA GLU CD 62 -69.46 48.23 45.07
C GLU CD 62 -69.69 47.48 46.38
N SER CD 63 -70.88 47.59 46.96
CA SER CD 63 -71.17 46.89 48.20
C SER CD 63 -71.49 45.42 47.98
N VAL CD 64 -71.81 45.02 46.75
CA VAL CD 64 -72.03 43.61 46.47
C VAL CD 64 -70.71 42.87 46.44
N LYS CD 65 -69.61 43.58 46.13
CA LYS CD 65 -68.28 42.98 46.10
C LYS CD 65 -67.82 42.51 47.48
N ARG CD 66 -68.36 43.08 48.55
CA ARG CD 66 -68.06 42.60 49.89
C ARG CD 66 -68.89 41.39 50.28
N VAL CD 67 -69.95 41.08 49.53
CA VAL CD 67 -70.71 39.85 49.75
C VAL CD 67 -70.05 38.73 48.96
N ASN CD 68 -69.68 37.66 49.67
CA ASN CD 68 -69.10 36.48 49.02
C ASN CD 68 -70.25 35.56 48.60
N GLY CD 69 -70.35 35.33 47.30
CA GLY CD 69 -71.41 34.52 46.73
C GLY CD 69 -72.44 35.30 45.93
N GLY CD 70 -72.30 36.62 45.85
CA GLY CD 70 -73.20 37.42 45.05
C GLY CD 70 -72.43 38.34 44.13
N GLN CD 71 -73.04 38.64 42.99
CA GLN CD 71 -72.41 39.49 41.99
C GLN CD 71 -73.47 40.35 41.33
N VAL CD 72 -73.06 41.54 40.89
CA VAL CD 72 -73.93 42.46 40.18
C VAL CD 72 -74.04 41.97 38.73
N LEU CD 73 -75.26 41.73 38.27
CA LEU CD 73 -75.45 41.28 36.90
C LEU CD 73 -75.68 42.46 35.97
N SER CD 74 -76.53 43.39 36.38
CA SER CD 74 -76.87 44.52 35.52
C SER CD 74 -77.35 45.68 36.38
N THR CD 75 -76.94 46.89 36.00
CA THR CD 75 -77.44 48.11 36.61
C THR CD 75 -77.92 49.04 35.51
N HIS CD 76 -78.92 49.86 35.84
CA HIS CD 76 -79.39 50.88 34.91
C HIS CD 76 -80.06 51.99 35.68
N ILE CD 77 -80.03 53.19 35.09
CA ILE CD 77 -80.60 54.41 35.65
C ILE CD 77 -81.37 55.11 34.53
N ILE CD 78 -82.62 55.48 34.81
CA ILE CD 78 -83.43 56.24 33.88
C ILE CD 78 -83.79 57.57 34.56
N ALA CD 79 -83.47 58.68 33.89
CA ALA CD 79 -83.57 59.99 34.52
C ALA CD 79 -85.01 60.40 34.76
N ARG CD 80 -85.90 60.07 33.83
CA ARG CD 80 -87.32 60.35 33.96
C ARG CD 80 -88.06 59.29 33.18
N PRO CD 81 -88.56 58.25 33.85
CA PRO CD 81 -89.31 57.20 33.15
C PRO CD 81 -90.64 57.74 32.63
N HIS CD 82 -91.12 57.11 31.58
CA HIS CD 82 -92.41 57.43 31.01
C HIS CD 82 -93.51 57.06 31.99
N GLU CD 83 -94.64 57.76 31.90
CA GLU CD 83 -95.76 57.49 32.80
C GLU CD 83 -96.45 56.17 32.47
N ASN CD 84 -96.15 55.58 31.31
CA ASN CD 84 -96.63 54.25 30.98
C ASN CD 84 -95.98 53.17 31.83
N LEU CD 85 -94.75 53.40 32.29
CA LEU CD 85 -93.97 52.33 32.92
C LEU CD 85 -94.42 52.02 34.34
N GLU CD 86 -95.04 52.97 35.03
CA GLU CD 86 -95.46 52.71 36.41
C GLU CD 86 -96.66 51.78 36.47
N TYR CD 87 -97.45 51.74 35.41
CA TYR CD 87 -98.64 50.90 35.42
C TYR CD 87 -98.33 49.47 35.00
N VAL CD 88 -97.31 49.28 34.17
CA VAL CD 88 -96.96 47.94 33.70
C VAL CD 88 -95.85 47.34 34.55
N LEU CD 89 -94.78 48.08 34.73
CA LEU CD 89 -93.61 47.61 35.45
C LEU CD 89 -93.68 48.01 36.93
N PRO CD 90 -93.17 47.15 37.83
CA PRO CD 90 -93.25 47.44 39.27
C PRO CD 90 -92.17 48.40 39.75
N ILE CD 91 -92.19 49.62 39.22
CA ILE CD 91 -91.26 50.67 39.61
C ILE CD 91 -91.96 51.84 40.29
N ARG CD 92 -93.25 51.72 40.56
CA ARG CD 92 -94.00 52.84 41.12
C ARG CD 92 -93.88 52.88 42.63
N TYR CD 93 -94.16 54.05 43.19
CA TYR CD 93 -94.23 54.20 44.63
C TYR CD 93 -95.45 53.48 45.18
N THR CD 94 -95.22 52.56 46.11
CA THR CD 94 -96.32 51.95 46.83
C THR CD 94 -96.65 52.78 48.07
N GLU CD 95 -97.83 52.55 48.64
CA GLU CD 95 -98.27 53.32 49.80
C GLU CD 95 -97.59 52.87 51.08
N GLU CD 96 -96.91 51.72 51.04
CA GLU CD 96 -96.15 51.27 52.22
C GLU CD 96 -94.85 52.05 52.36
N VAL CD 97 -94.34 52.61 51.27
CA VAL CD 97 -93.04 53.27 51.28
C VAL CD 97 -93.16 54.78 51.06
N GLU CD 98 -94.38 55.33 51.21
CA GLU CD 98 -94.56 56.76 50.99
C GLU CD 98 -94.02 57.60 52.15
N GLN CD 99 -93.71 56.97 53.29
CA GLN CD 99 -93.10 57.70 54.39
C GLN CD 99 -91.62 57.97 54.12
N PHE CD 100 -91.00 57.22 53.22
CA PHE CD 100 -89.59 57.40 52.89
C PHE CD 100 -89.38 58.25 51.64
N ARG CD 101 -90.44 58.78 51.05
CA ARG CD 101 -90.32 59.58 49.84
C ARG CD 101 -89.82 60.99 50.13
N MET DD 1 -64.47 82.57 15.91
CA MET DD 1 -64.81 82.76 17.31
C MET DD 1 -65.87 83.82 17.48
N GLN DD 2 -66.54 83.80 18.62
CA GLN DD 2 -67.48 84.83 19.03
C GLN DD 2 -67.12 85.29 20.42
N MET DD 3 -67.45 86.53 20.72
CA MET DD 3 -67.32 87.06 22.07
C MET DD 3 -68.58 86.73 22.85
N ALA DD 4 -68.41 86.16 24.04
CA ALA DD 4 -69.53 85.76 24.86
C ALA DD 4 -69.25 86.11 26.31
N LYS DD 5 -70.32 86.29 27.07
CA LYS DD 5 -70.26 86.54 28.50
C LYS DD 5 -70.76 85.32 29.24
N VAL DD 6 -69.99 84.88 30.23
CA VAL DD 6 -70.35 83.71 31.04
C VAL DD 6 -71.53 84.13 31.93
N CYS DD 7 -72.70 83.55 31.66
CA CYS DD 7 -73.88 83.90 32.45
C CYS DD 7 -74.25 82.80 33.42
N GLY DD 8 -73.78 81.59 33.22
CA GLY DD 8 -74.08 80.55 34.16
C GLY DD 8 -73.50 79.20 33.79
N THR DD 9 -73.96 78.18 34.50
CA THR DD 9 -73.49 76.82 34.34
C THR DD 9 -74.65 75.90 34.02
N VAL DD 10 -74.38 74.87 33.24
CA VAL DD 10 -75.35 73.82 32.92
C VAL DD 10 -74.79 72.50 33.45
N VAL DD 11 -75.56 71.84 34.30
CA VAL DD 11 -75.18 70.55 34.87
C VAL DD 11 -76.14 69.50 34.36
N GLY DD 12 -75.61 68.46 33.75
CA GLY DD 12 -76.41 67.30 33.37
C GLY DD 12 -75.79 66.02 33.90
N THR DD 13 -76.59 65.18 34.55
CA THR DD 13 -76.05 63.95 35.11
C THR DD 13 -76.22 62.75 34.20
N GLN DD 14 -77.34 62.67 33.48
CA GLN DD 14 -77.54 61.66 32.45
C GLN DD 14 -77.02 62.21 31.13
N LYS DD 15 -75.89 61.68 30.68
CA LYS DD 15 -75.23 62.19 29.49
C LYS DD 15 -74.51 61.01 28.83
N LEU DD 16 -73.79 61.33 27.76
CA LEU DD 16 -72.93 60.33 27.15
C LEU DD 16 -71.71 60.08 28.03
N PRO DD 17 -71.14 58.87 27.98
CA PRO DD 17 -69.92 58.62 28.77
C PRO DD 17 -68.71 59.40 28.30
N SER DD 18 -68.72 59.88 27.05
CA SER DD 18 -67.65 60.76 26.58
C SER DD 18 -67.88 62.21 27.01
N MET DD 19 -69.04 62.52 27.59
CA MET DD 19 -69.32 63.87 28.03
C MET DD 19 -69.00 64.10 29.50
N THR DD 20 -68.41 63.13 30.20
CA THR DD 20 -68.11 63.32 31.61
C THR DD 20 -66.79 64.04 31.78
N GLY DD 21 -66.67 64.80 32.87
CA GLY DD 21 -65.54 65.65 33.09
C GLY DD 21 -65.55 66.96 32.34
N VAL DD 22 -66.51 67.17 31.45
CA VAL DD 22 -66.61 68.36 30.63
C VAL DD 22 -67.40 69.41 31.40
N LYS DD 23 -66.78 70.54 31.67
CA LYS DD 23 -67.45 71.65 32.35
C LYS DD 23 -68.22 72.45 31.32
N LEU DD 24 -69.51 72.66 31.57
CA LEU DD 24 -70.41 73.27 30.61
C LEU DD 24 -70.86 74.63 31.12
N LEU DD 25 -70.53 75.68 30.38
CA LEU DD 25 -70.88 77.04 30.73
C LEU DD 25 -71.98 77.54 29.82
N LEU DD 26 -72.95 78.23 30.42
CA LEU DD 26 -73.98 78.94 29.69
C LEU DD 26 -73.44 80.32 29.36
N LEU DD 27 -73.18 80.57 28.08
CA LEU DD 27 -72.60 81.82 27.61
C LEU DD 27 -73.63 82.58 26.80
N GLN DD 28 -73.81 83.86 27.10
CA GLN DD 28 -74.62 84.73 26.26
C GLN DD 28 -73.71 85.52 25.34
N PHE DD 29 -74.05 85.55 24.06
CA PHE DD 29 -73.24 86.27 23.08
C PHE DD 29 -73.41 87.77 23.25
N ILE DD 30 -72.30 88.48 23.11
CA ILE DD 30 -72.27 89.93 23.18
C ILE DD 30 -71.84 90.46 21.82
N ASP DD 31 -72.29 91.67 21.48
CA ASP DD 31 -71.97 92.20 20.17
C ASP DD 31 -70.59 92.86 20.18
N ALA DD 32 -70.23 93.49 19.05
CA ALA DD 32 -68.94 94.16 18.96
C ALA DD 32 -68.93 95.45 19.78
N ASN DD 33 -70.10 96.02 20.07
CA ASN DD 33 -70.15 97.23 20.88
C ASN DD 33 -70.22 96.90 22.36
N GLY DD 34 -70.51 95.66 22.72
CA GLY DD 34 -70.48 95.23 24.10
C GLY DD 34 -71.81 94.89 24.74
N GLU DD 35 -72.93 95.06 24.03
CA GLU DD 35 -74.24 94.74 24.60
C GLU DD 35 -74.57 93.28 24.39
N LEU DD 36 -75.40 92.75 25.29
CA LEU DD 36 -75.76 91.34 25.25
C LEU DD 36 -76.75 91.07 24.12
N LEU DD 37 -76.40 90.13 23.25
CA LEU DD 37 -77.30 89.70 22.20
C LEU DD 37 -78.28 88.66 22.75
N PRO DD 38 -79.50 88.58 22.17
CA PRO DD 38 -80.44 87.52 22.59
C PRO DD 38 -80.14 86.17 21.92
N LYS DD 39 -78.93 85.68 22.14
CA LYS DD 39 -78.46 84.43 21.56
C LYS DD 39 -77.42 83.85 22.51
N TYR DD 40 -77.51 82.56 22.77
CA TYR DD 40 -76.68 81.92 23.77
C TYR DD 40 -75.98 80.69 23.19
N GLU DD 41 -75.18 80.06 24.03
CA GLU DD 41 -74.48 78.83 23.69
C GLU DD 41 -74.11 78.12 24.99
N VAL DD 42 -74.01 76.79 24.91
CA VAL DD 42 -73.42 75.99 25.98
C VAL DD 42 -72.11 75.45 25.44
N ALA DD 43 -71.02 75.74 26.13
CA ALA DD 43 -69.69 75.42 25.63
C ALA DD 43 -68.88 74.68 26.68
N ALA DD 44 -67.97 73.84 26.20
CA ALA DD 44 -66.95 73.26 27.05
C ALA DD 44 -65.96 74.34 27.47
N ASP DD 45 -65.41 74.20 28.68
CA ASP DD 45 -64.57 75.24 29.28
C ASP DD 45 -63.26 74.64 29.74
N PRO DD 46 -62.26 74.51 28.86
CA PRO DD 46 -60.94 74.09 29.32
C PRO DD 46 -60.16 75.21 29.99
N VAL DD 47 -60.31 76.44 29.52
CA VAL DD 47 -59.73 77.62 30.14
C VAL DD 47 -60.70 78.08 31.21
N GLY DD 48 -60.29 77.98 32.48
CA GLY DD 48 -61.23 78.07 33.59
C GLY DD 48 -61.84 79.46 33.72
N ALA DD 49 -63.12 79.58 33.37
CA ALA DD 49 -63.79 80.87 33.27
C ALA DD 49 -64.98 80.88 34.22
N GLY DD 50 -65.11 81.97 34.98
CA GLY DD 50 -66.18 82.13 35.93
C GLY DD 50 -67.23 83.12 35.45
N LEU DD 51 -68.24 83.30 36.30
CA LEU DD 51 -69.43 84.05 35.92
C LEU DD 51 -69.13 85.53 35.79
N GLY DD 52 -69.47 86.08 34.62
CA GLY DD 52 -69.22 87.46 34.33
C GLY DD 52 -68.07 87.72 33.38
N GLU DD 53 -67.23 86.73 33.12
CA GLU DD 53 -66.06 86.92 32.29
C GLU DD 53 -66.44 86.99 30.82
N TRP DD 54 -65.64 87.71 30.06
CA TRP DD 54 -65.73 87.75 28.60
C TRP DD 54 -64.84 86.67 28.03
N VAL DD 55 -65.41 85.80 27.19
CA VAL DD 55 -64.69 84.66 26.65
C VAL DD 55 -64.78 84.67 25.13
N LEU DD 56 -63.82 84.01 24.51
CA LEU DD 56 -63.89 83.66 23.10
C LEU DD 56 -64.33 82.21 23.00
N VAL DD 57 -65.41 81.98 22.27
CA VAL DD 57 -65.96 80.65 22.08
C VAL DD 57 -66.00 80.33 20.58
N ASN DD 58 -65.51 79.15 20.22
CA ASN DD 58 -65.54 78.75 18.83
C ASN DD 58 -66.78 77.89 18.57
N ARG DD 59 -66.90 77.39 17.34
CA ARG DD 59 -68.08 76.67 16.93
C ARG DD 59 -67.66 75.50 16.06
N GLY DD 60 -68.41 74.41 16.15
CA GLY DD 60 -68.24 73.31 15.23
C GLY DD 60 -67.11 72.38 15.56
N SER DD 61 -66.37 71.94 14.55
CA SER DD 61 -65.32 70.94 14.73
C SER DD 61 -64.05 71.53 15.34
N ALA DD 62 -63.98 72.85 15.49
CA ALA DD 62 -62.86 73.48 16.17
C ALA DD 62 -62.88 73.22 17.66
N ALA DD 63 -64.03 72.85 18.22
CA ALA DD 63 -64.13 72.52 19.64
C ALA DD 63 -63.46 71.20 19.97
N ARG DD 64 -63.12 70.38 18.98
CA ARG DD 64 -62.52 69.08 19.18
C ARG DD 64 -61.04 69.05 18.83
N GLN DD 65 -60.34 70.17 18.97
CA GLN DD 65 -58.95 70.27 18.55
C GLN DD 65 -57.96 70.33 19.70
N THR DD 66 -58.43 70.40 20.94
CA THR DD 66 -57.56 70.63 22.09
C THR DD 66 -57.02 69.33 22.70
N GLU DD 67 -57.08 68.23 21.94
CA GLU DD 67 -56.48 66.90 22.17
C GLU DD 67 -56.98 66.18 23.42
N TYR DD 68 -57.89 66.78 24.19
CA TYR DD 68 -58.68 66.02 25.13
C TYR DD 68 -60.18 66.16 24.86
N HIS DD 69 -60.56 66.87 23.81
CA HIS DD 69 -61.93 66.93 23.34
C HIS DD 69 -62.10 66.27 21.98
N GLN DD 70 -61.17 65.39 21.59
CA GLN DD 70 -61.03 64.99 20.20
C GLN DD 70 -62.19 64.11 19.74
N ASN DD 71 -62.53 63.08 20.52
CA ASN DD 71 -63.63 62.19 20.17
C ASN DD 71 -64.86 62.45 21.02
N ARG DD 72 -64.98 63.67 21.54
CA ARG DD 72 -66.06 64.15 22.38
C ARG DD 72 -67.10 64.89 21.54
N PRO DD 73 -68.39 64.67 21.79
CA PRO DD 73 -69.45 65.31 20.99
C PRO DD 73 -69.66 66.77 21.38
N LEU DD 74 -68.69 67.61 21.04
CA LEU DD 74 -68.69 69.02 21.41
C LEU DD 74 -68.68 69.88 20.16
N ASP DD 75 -69.52 70.90 20.14
CA ASP DD 75 -69.57 71.86 19.03
C ASP DD 75 -69.36 73.29 19.49
N ALA DD 76 -68.92 73.49 20.72
CA ALA DD 76 -68.67 74.83 21.26
C ALA DD 76 -67.67 74.70 22.39
N MET DD 77 -66.70 75.60 22.41
CA MET DD 77 -65.62 75.52 23.40
C MET DD 77 -65.08 76.90 23.66
N VAL DD 78 -64.97 77.27 24.94
CA VAL DD 78 -64.24 78.48 25.32
C VAL DD 78 -62.77 78.26 25.06
N VAL DD 79 -62.20 79.07 24.17
CA VAL DD 79 -60.79 78.92 23.80
C VAL DD 79 -59.90 79.98 24.43
N ALA DD 80 -60.47 81.08 24.91
CA ALA DD 80 -59.69 82.16 25.47
C ALA DD 80 -60.56 82.97 26.41
N ILE DD 81 -59.98 83.40 27.52
CA ILE DD 81 -60.58 84.43 28.37
C ILE DD 81 -60.10 85.76 27.85
N ILE DD 82 -61.03 86.66 27.55
CA ILE DD 82 -60.70 87.93 26.92
C ILE DD 82 -60.07 88.85 27.96
N ASP DD 83 -58.86 89.32 27.68
CA ASP DD 83 -58.23 90.36 28.48
C ASP DD 83 -58.74 91.74 28.08
N THR DD 84 -58.55 92.14 26.83
CA THR DD 84 -58.96 93.47 26.39
C THR DD 84 -59.47 93.41 24.96
N VAL DD 85 -60.46 94.26 24.68
CA VAL DD 85 -60.99 94.46 23.34
C VAL DD 85 -60.76 95.91 22.96
N THR DD 86 -60.03 96.12 21.87
CA THR DD 86 -59.76 97.46 21.35
C THR DD 86 -60.54 97.60 20.05
N VAL DD 87 -61.41 98.61 19.98
CA VAL DD 87 -62.20 98.89 18.79
C VAL DD 87 -61.91 100.33 18.36
N ASN DD 88 -61.42 100.48 17.12
CA ASN DD 88 -61.06 101.77 16.53
C ASN DD 88 -60.02 102.51 17.37
N ASN DD 89 -59.00 101.77 17.81
CA ASN DD 89 -57.92 102.19 18.70
C ASN DD 89 -58.41 102.66 20.06
N ARG DD 90 -59.64 102.32 20.45
CA ARG DD 90 -60.20 102.68 21.74
C ARG DD 90 -60.49 101.39 22.51
N ARG DD 91 -60.04 101.34 23.76
CA ARG DD 91 -60.25 100.16 24.58
C ARG DD 91 -61.72 100.06 24.98
N LEU DD 92 -62.36 98.96 24.56
CA LEU DD 92 -63.76 98.72 24.87
C LEU DD 92 -63.95 97.85 26.11
N TYR DD 93 -63.01 96.95 26.37
CA TYR DD 93 -63.08 96.05 27.51
C TYR DD 93 -61.70 95.95 28.15
N GLY DD 94 -61.68 95.77 29.45
CA GLY DD 94 -60.43 95.59 30.17
C GLY DD 94 -59.84 96.89 30.69
N ALA ED 2 29.81 70.81 84.99
CA ALA ED 2 28.88 71.64 85.73
C ALA ED 2 27.56 70.89 85.98
N VAL ED 3 26.49 71.66 86.21
CA VAL ED 3 25.16 71.10 86.36
C VAL ED 3 24.72 70.50 85.02
N ALA ED 4 24.06 69.34 85.09
CA ALA ED 4 23.76 68.57 83.88
C ALA ED 4 22.77 69.30 82.97
N VAL ED 5 22.87 69.02 81.68
CA VAL ED 5 22.07 69.69 80.67
C VAL ED 5 21.39 68.64 79.81
N GLY ED 6 20.09 68.82 79.58
CA GLY ED 6 19.35 67.96 78.69
C GLY ED 6 18.71 68.77 77.58
N MET ED 7 18.69 68.20 76.38
CA MET ED 7 18.16 68.87 75.21
C MET ED 7 17.19 67.94 74.50
N ILE ED 8 16.05 68.47 74.10
CA ILE ED 8 15.11 67.78 73.21
C ILE ED 8 14.89 68.67 72.00
N GLU ED 9 15.25 68.17 70.83
CA GLU ED 9 14.99 68.86 69.58
C GLU ED 9 13.74 68.28 68.92
N THR ED 10 12.76 69.13 68.65
CA THR ED 10 11.56 68.71 67.98
C THR ED 10 11.39 69.48 66.68
N LEU ED 11 10.60 68.91 65.77
CA LEU ED 11 10.21 69.57 64.54
C LEU ED 11 8.83 70.18 64.77
N GLY ED 12 8.82 71.47 65.11
CA GLY ED 12 7.57 72.14 65.39
C GLY ED 12 7.49 72.77 66.76
N PHE ED 13 6.81 73.91 66.85
CA PHE ED 13 6.65 74.64 68.10
C PHE ED 13 5.60 74.07 69.07
N PRO ED 14 4.44 73.52 68.64
CA PRO ED 14 3.61 72.81 69.63
C PRO ED 14 4.26 71.58 70.23
N ALA ED 15 5.17 70.93 69.51
CA ALA ED 15 5.85 69.76 70.04
C ALA ED 15 6.95 70.15 71.02
N VAL ED 16 7.51 71.35 70.87
CA VAL ED 16 8.62 71.74 71.74
C VAL ED 16 8.09 72.33 73.03
N VAL ED 17 6.85 72.82 73.04
CA VAL ED 17 6.26 73.33 74.27
C VAL ED 17 5.78 72.17 75.12
N GLU ED 18 5.24 71.12 74.49
CA GLU ED 18 4.92 69.90 75.22
C GLU ED 18 6.17 69.21 75.73
N ALA ED 19 7.26 69.27 74.96
CA ALA ED 19 8.55 68.75 75.45
C ALA ED 19 9.04 69.56 76.65
N ALA ED 20 8.94 70.89 76.57
CA ALA ED 20 9.39 71.73 77.68
C ALA ED 20 8.47 71.61 78.88
N ASP ED 21 7.17 71.40 78.65
CA ASP ED 21 6.23 71.30 79.76
C ASP ED 21 6.35 69.96 80.48
N ALA ED 22 6.55 68.88 79.73
CA ALA ED 22 6.63 67.56 80.35
C ALA ED 22 7.97 67.35 81.03
N MET ED 23 8.99 68.11 80.64
CA MET ED 23 10.29 67.95 81.28
C MET ED 23 10.29 68.54 82.68
N VAL ED 24 9.72 69.74 82.84
CA VAL ED 24 9.73 70.38 84.16
C VAL ED 24 8.60 69.83 85.03
N LYS ED 25 7.71 69.02 84.46
CA LYS ED 25 6.66 68.39 85.26
C LYS ED 25 7.05 66.99 85.69
N ALA ED 26 7.98 66.36 84.98
CA ALA ED 26 8.37 64.99 85.34
C ALA ED 26 9.39 64.98 86.46
N ALA ED 27 10.25 65.99 86.53
CA ALA ED 27 11.32 66.01 87.50
C ALA ED 27 11.65 67.46 87.87
N ARG ED 28 12.58 67.62 88.80
CA ARG ED 28 12.99 68.92 89.30
C ARG ED 28 14.14 69.43 88.42
N VAL ED 29 13.77 69.85 87.20
CA VAL ED 29 14.71 70.47 86.28
C VAL ED 29 14.29 71.91 86.09
N THR ED 30 15.20 72.71 85.54
CA THR ED 30 14.93 74.10 85.24
C THR ED 30 15.09 74.30 83.74
N LEU ED 31 13.98 74.56 83.06
CA LEU ED 31 14.01 74.96 81.66
C LEU ED 31 14.66 76.33 81.55
N VAL ED 32 15.84 76.39 80.94
CA VAL ED 32 16.60 77.63 80.88
C VAL ED 32 16.66 78.21 79.48
N GLY ED 33 16.43 77.41 78.45
CA GLY ED 33 16.76 77.84 77.10
C GLY ED 33 15.76 77.33 76.09
N TYR ED 34 15.79 77.95 74.93
CA TYR ED 34 14.85 77.68 73.86
C TYR ED 34 15.52 78.15 72.58
N GLU ED 35 15.86 77.22 71.70
CA GLU ED 35 16.81 77.48 70.63
C GLU ED 35 16.23 77.08 69.28
N LYS ED 36 16.22 78.02 68.35
CA LYS ED 36 15.78 77.79 66.98
C LYS ED 36 17.01 77.87 66.07
N ILE ED 37 17.20 76.84 65.25
CA ILE ED 37 18.35 76.77 64.35
C ILE ED 37 17.91 76.71 62.89
N GLY ED 38 16.62 76.88 62.62
CA GLY ED 38 16.13 76.88 61.27
C GLY ED 38 15.50 75.56 60.87
N THR ED 39 14.69 75.63 59.80
CA THR ED 39 13.84 74.56 59.27
C THR ED 39 12.97 73.88 60.33
N GLY ED 40 12.44 74.64 61.27
CA GLY ED 40 11.54 74.08 62.27
C GLY ED 40 12.19 73.26 63.35
N ARG ED 41 13.51 73.10 63.33
CA ARG ED 41 14.22 72.39 64.38
C ARG ED 41 14.32 73.29 65.60
N VAL ED 42 13.49 73.02 66.60
CA VAL ED 42 13.43 73.82 67.82
C VAL ED 42 13.90 72.96 68.98
N THR ED 43 14.76 73.52 69.83
CA THR ED 43 15.37 72.80 70.93
C THR ED 43 15.12 73.55 72.23
N VAL ED 44 14.61 72.85 73.23
CA VAL ED 44 14.52 73.35 74.59
C VAL ED 44 15.63 72.72 75.43
N ILE ED 45 16.13 73.48 76.38
CA ILE ED 45 17.29 73.12 77.18
C ILE ED 45 16.91 73.18 78.65
N VAL ED 46 17.07 72.06 79.36
CA VAL ED 46 16.83 72.03 80.79
C VAL ED 46 18.15 71.84 81.52
N ARG ED 47 18.21 72.32 82.75
CA ARG ED 47 19.33 72.11 83.64
C ARG ED 47 18.85 71.45 84.92
N GLY ED 48 19.72 70.69 85.57
CA GLY ED 48 19.38 70.08 86.83
C GLY ED 48 20.35 68.96 87.15
N ASP ED 49 20.02 68.21 88.19
CA ASP ED 49 20.80 67.03 88.53
C ASP ED 49 20.60 65.94 87.47
N VAL ED 50 21.54 64.99 87.45
CA VAL ED 50 21.55 63.96 86.41
C VAL ED 50 20.35 63.03 86.55
N SER ED 51 19.92 62.77 87.79
CA SER ED 51 18.73 61.97 88.00
C SER ED 51 17.48 62.68 87.51
N GLU ED 52 17.41 63.99 87.68
CA GLU ED 52 16.25 64.74 87.21
C GLU ED 52 16.28 64.92 85.70
N VAL ED 53 17.46 65.18 85.13
CA VAL ED 53 17.55 65.46 83.69
C VAL ED 53 17.32 64.18 82.88
N GLN ED 54 17.79 63.04 83.38
CA GLN ED 54 17.54 61.77 82.71
C GLN ED 54 16.06 61.40 82.76
N ALA ED 55 15.40 61.71 83.87
CA ALA ED 55 13.97 61.41 83.98
C ALA ED 55 13.14 62.37 83.15
N SER ED 56 13.57 63.63 83.05
CA SER ED 56 12.80 64.63 82.33
C SER ED 56 12.89 64.44 80.83
N VAL ED 57 14.10 64.16 80.32
CA VAL ED 57 14.30 64.03 78.87
C VAL ED 57 13.62 62.76 78.36
N SER ED 58 13.66 61.69 79.17
CA SER ED 58 13.02 60.44 78.77
C SER ED 58 11.50 60.55 78.82
N ALA ED 59 10.97 61.29 79.79
CA ALA ED 59 9.53 61.48 79.85
C ALA ED 59 9.08 62.58 78.90
N GLY ED 60 9.94 63.55 78.63
CA GLY ED 60 9.62 64.57 77.65
C GLY ED 60 9.64 64.07 76.23
N THR ED 61 10.36 62.98 75.97
CA THR ED 61 10.40 62.41 74.63
C THR ED 61 9.13 61.63 74.32
N GLU ED 62 8.59 60.93 75.32
CA GLU ED 62 7.36 60.16 75.11
C GLU ED 62 6.14 61.06 74.99
N SER ED 63 6.19 62.25 75.58
CA SER ED 63 5.04 63.14 75.54
C SER ED 63 4.87 63.79 74.19
N VAL ED 64 5.97 64.01 73.45
CA VAL ED 64 5.90 64.58 72.11
C VAL ED 64 5.20 63.65 71.13
N LYS ED 65 5.33 62.34 71.31
CA LYS ED 65 4.57 61.38 70.50
C LYS ED 65 3.21 61.10 71.11
N ARG ED 66 2.52 62.17 71.52
CA ARG ED 66 1.13 62.20 71.93
C ARG ED 66 0.55 63.49 71.37
N VAL ED 67 1.39 64.22 70.64
CA VAL ED 67 1.02 65.46 69.96
C VAL ED 67 0.88 65.14 68.47
N ASN ED 68 -0.22 65.61 67.87
CA ASN ED 68 -0.40 65.40 66.44
C ASN ED 68 0.51 66.34 65.67
N GLY ED 69 1.29 65.78 64.75
CA GLY ED 69 2.29 66.56 64.04
C GLY ED 69 3.56 66.78 64.82
N GLY ED 70 3.73 66.11 65.96
CA GLY ED 70 4.90 66.24 66.79
C GLY ED 70 5.91 65.15 66.47
N GLN ED 71 7.17 65.55 66.33
CA GLN ED 71 8.25 64.65 65.97
C GLN ED 71 9.50 65.03 66.74
N VAL ED 72 10.06 64.07 67.47
CA VAL ED 72 11.34 64.28 68.16
C VAL ED 72 12.45 64.04 67.15
N LEU ED 73 13.30 65.04 66.96
CA LEU ED 73 14.42 64.89 66.05
C LEU ED 73 15.65 64.37 66.78
N SER ED 74 15.96 64.94 67.94
CA SER ED 74 17.19 64.61 68.63
C SER ED 74 17.03 64.89 70.12
N THR ED 75 17.48 63.95 70.93
CA THR ED 75 17.53 64.10 72.37
C THR ED 75 18.94 63.79 72.85
N HIS ED 76 19.39 64.55 73.85
CA HIS ED 76 20.69 64.25 74.45
C HIS ED 76 20.73 64.77 75.87
N ILE ED 77 21.53 64.10 76.70
CA ILE ED 77 21.81 64.48 78.07
C ILE ED 77 23.33 64.51 78.24
N ILE ED 78 23.86 65.62 78.72
CA ILE ED 78 25.26 65.72 79.12
C ILE ED 78 25.29 65.88 80.63
N ALA ED 79 25.77 64.83 81.31
CA ALA ED 79 25.66 64.76 82.77
C ALA ED 79 26.59 65.74 83.47
N ARG ED 80 27.70 66.08 82.82
CA ARG ED 80 28.69 66.98 83.42
C ARG ED 80 29.30 67.80 82.31
N PRO ED 81 28.63 68.87 81.88
CA PRO ED 81 29.20 69.69 80.81
C PRO ED 81 30.36 70.53 81.30
N HIS ED 82 31.28 70.80 80.38
CA HIS ED 82 32.43 71.64 80.69
C HIS ED 82 31.99 73.07 80.95
N GLU ED 83 32.76 73.76 81.79
CA GLU ED 83 32.48 75.14 82.13
C GLU ED 83 32.70 76.10 80.96
N ASN ED 84 33.40 75.64 79.91
CA ASN ED 84 33.53 76.42 78.68
C ASN ED 84 32.19 76.57 77.94
N LEU ED 85 31.29 75.59 78.09
CA LEU ED 85 30.12 75.53 77.22
C LEU ED 85 29.05 76.55 77.59
N GLU ED 86 28.99 76.97 78.86
CA GLU ED 86 27.96 77.91 79.26
C GLU ED 86 28.23 79.32 78.72
N TYR ED 87 29.48 79.61 78.38
CA TYR ED 87 29.81 80.95 77.91
C TYR ED 87 29.65 81.06 76.39
N VAL ED 88 29.57 79.93 75.70
CA VAL ED 88 29.44 79.96 74.24
C VAL ED 88 28.05 79.54 73.81
N LEU ED 89 27.56 78.47 74.36
CA LEU ED 89 26.28 77.91 73.99
C LEU ED 89 25.17 78.44 74.88
N PRO ED 90 23.95 78.61 74.35
CA PRO ED 90 22.83 79.12 75.17
C PRO ED 90 22.20 78.04 76.05
N ILE ED 91 23.00 77.47 76.95
CA ILE ED 91 22.55 76.46 77.89
C ILE ED 91 22.67 76.92 79.33
N ARG ED 92 22.95 78.18 79.57
CA ARG ED 92 23.24 78.65 80.92
C ARG ED 92 22.00 79.18 81.61
N TYR ED 93 22.09 79.29 82.92
CA TYR ED 93 21.02 79.86 83.72
C TYR ED 93 20.93 81.36 83.48
N THR ED 94 19.79 81.81 82.97
CA THR ED 94 19.51 83.23 82.83
C THR ED 94 18.85 83.75 84.10
N GLU ED 95 18.77 85.08 84.22
CA GLU ED 95 18.32 85.65 85.48
C GLU ED 95 16.80 85.65 85.61
N GLU ED 96 16.08 85.32 84.55
CA GLU ED 96 14.62 85.19 84.68
C GLU ED 96 14.23 83.82 85.18
N VAL ED 97 15.14 82.85 85.11
CA VAL ED 97 14.86 81.49 85.54
C VAL ED 97 15.65 81.12 86.80
N GLU ED 98 16.16 82.11 87.54
CA GLU ED 98 16.89 81.82 88.76
C GLU ED 98 15.98 81.42 89.91
N GLN ED 99 14.68 81.66 89.80
CA GLN ED 99 13.76 81.26 90.86
C GLN ED 99 13.46 79.77 90.84
N PHE ED 100 13.65 79.12 89.70
CA PHE ED 100 13.33 77.71 89.55
C PHE ED 100 14.52 76.79 89.81
N ARG ED 101 15.71 77.34 90.02
CA ARG ED 101 16.89 76.51 90.23
C ARG ED 101 16.88 75.88 91.63
N ALA FD 2 47.95 82.05 62.91
CA ALA FD 2 47.54 82.22 64.30
C ALA FD 2 47.37 80.87 64.98
N VAL FD 3 46.76 80.90 66.17
CA VAL FD 3 46.39 79.68 66.88
C VAL FD 3 45.35 78.91 66.06
N ALA FD 4 45.52 77.59 65.96
CA ALA FD 4 44.74 76.77 65.04
C ALA FD 4 43.26 76.75 65.40
N VAL FD 5 42.44 76.56 64.39
CA VAL FD 5 40.99 76.61 64.52
C VAL FD 5 40.40 75.31 64.01
N GLY FD 6 39.49 74.73 64.79
CA GLY FD 6 38.75 73.55 64.35
C GLY FD 6 37.27 73.81 64.39
N MET FD 7 36.57 73.30 63.39
CA MET FD 7 35.14 73.50 63.25
C MET FD 7 34.47 72.15 63.05
N ILE FD 8 33.36 71.92 63.74
CA ILE FD 8 32.49 70.78 63.50
C ILE FD 8 31.11 71.33 63.20
N GLU FD 9 30.58 71.02 62.02
CA GLU FD 9 29.22 71.37 61.66
C GLU FD 9 28.33 70.15 61.77
N THR FD 10 27.27 70.27 62.56
CA THR FD 10 26.31 69.19 62.73
C THR FD 10 24.94 69.63 62.27
N LEU FD 11 24.07 68.66 62.05
CA LEU FD 11 22.65 68.91 61.77
C LEU FD 11 21.90 68.72 63.08
N GLY FD 12 21.65 69.82 63.78
CA GLY FD 12 20.94 69.74 65.03
C GLY FD 12 21.71 70.33 66.20
N PHE FD 13 20.98 70.94 67.13
CA PHE FD 13 21.55 71.52 68.34
C PHE FD 13 21.93 70.52 69.44
N PRO FD 14 21.20 69.42 69.71
CA PRO FD 14 21.75 68.44 70.67
C PRO FD 14 23.04 67.77 70.21
N ALA FD 15 23.26 67.65 68.91
CA ALA FD 15 24.50 67.06 68.42
C ALA FD 15 25.66 68.04 68.53
N VAL FD 16 25.38 69.35 68.49
CA VAL FD 16 26.46 70.32 68.44
C VAL FD 16 26.94 70.64 69.85
N VAL FD 17 26.12 70.36 70.86
CA VAL FD 17 26.55 70.56 72.25
C VAL FD 17 27.36 69.36 72.71
N GLU FD 18 26.99 68.16 72.26
CA GLU FD 18 27.77 66.97 72.55
C GLU FD 18 29.10 66.99 71.80
N ALA FD 19 29.11 67.56 70.60
CA ALA FD 19 30.36 67.73 69.87
C ALA FD 19 31.25 68.76 70.56
N ALA FD 20 30.66 69.84 71.06
CA ALA FD 20 31.44 70.87 71.74
C ALA FD 20 31.92 70.39 73.11
N ASP FD 21 31.13 69.54 73.77
CA ASP FD 21 31.54 69.03 75.08
C ASP FD 21 32.61 67.96 74.94
N ALA FD 22 32.57 67.17 73.88
CA ALA FD 22 33.60 66.16 73.67
C ALA FD 22 34.91 66.78 73.22
N MET FD 23 34.84 67.95 72.58
CA MET FD 23 36.05 68.59 72.07
C MET FD 23 36.89 69.16 73.21
N VAL FD 24 36.25 69.90 74.13
CA VAL FD 24 37.02 70.57 75.17
C VAL FD 24 37.38 69.62 76.29
N LYS FD 25 36.82 68.41 76.30
CA LYS FD 25 37.23 67.40 77.26
C LYS FD 25 38.37 66.55 76.73
N ALA FD 26 38.45 66.40 75.41
CA ALA FD 26 39.43 65.48 74.84
C ALA FD 26 40.82 66.09 74.81
N ALA FD 27 40.92 67.41 74.66
CA ALA FD 27 42.21 68.05 74.49
C ALA FD 27 42.16 69.47 75.07
N ARG FD 28 43.29 70.17 74.96
CA ARG FD 28 43.43 71.51 75.50
C ARG FD 28 43.04 72.54 74.43
N VAL FD 29 41.78 72.45 74.02
CA VAL FD 29 41.20 73.43 73.10
C VAL FD 29 40.27 74.32 73.88
N THR FD 30 39.99 75.49 73.33
CA THR FD 30 39.05 76.43 73.89
C THR FD 30 37.89 76.60 72.91
N LEU FD 31 36.70 76.21 73.32
CA LEU FD 31 35.50 76.51 72.56
C LEU FD 31 35.26 78.01 72.58
N VAL FD 32 35.31 78.64 71.42
CA VAL FD 32 35.17 80.09 71.32
C VAL FD 32 33.95 80.51 70.53
N GLY FD 33 33.37 79.63 69.72
CA GLY FD 33 32.45 80.06 68.69
C GLY FD 33 31.25 79.16 68.59
N TYR FD 34 30.17 79.72 68.06
CA TYR FD 34 28.90 79.04 67.91
C TYR FD 34 28.15 79.74 66.79
N GLU FD 35 27.95 79.06 65.67
CA GLU FD 35 27.48 79.71 64.46
C GLU FD 35 26.30 78.96 63.87
N LYS FD 36 25.23 79.68 63.60
CA LYS FD 36 24.05 79.16 62.93
C LYS FD 36 23.97 79.81 61.55
N ILE FD 37 23.90 78.98 60.51
CA ILE FD 37 23.88 79.45 59.14
C ILE FD 37 22.61 79.05 58.41
N GLY FD 38 21.67 78.41 59.10
CA GLY FD 38 20.42 78.00 58.50
C GLY FD 38 20.37 76.52 58.18
N THR FD 39 19.14 76.05 57.90
CA THR FD 39 18.75 74.65 57.70
C THR FD 39 19.26 73.70 58.78
N GLY FD 40 19.33 74.16 60.02
CA GLY FD 40 19.82 73.31 61.09
C GLY FD 40 21.31 73.06 61.09
N ARG FD 41 22.05 73.70 60.20
CA ARG FD 41 23.50 73.56 60.16
C ARG FD 41 24.10 74.45 61.23
N VAL FD 42 24.63 73.84 62.29
CA VAL FD 42 25.18 74.55 63.42
C VAL FD 42 26.64 74.18 63.57
N THR FD 43 27.50 75.19 63.74
CA THR FD 43 28.94 75.01 63.80
C THR FD 43 29.46 75.50 65.14
N VAL FD 44 30.24 74.65 65.82
CA VAL FD 44 31.02 75.05 66.98
C VAL FD 44 32.48 75.15 66.58
N ILE FD 45 33.17 76.12 67.16
CA ILE FD 45 34.53 76.51 66.77
C ILE FD 45 35.43 76.42 67.99
N VAL FD 46 36.49 75.63 67.88
CA VAL FD 46 37.48 75.52 68.95
C VAL FD 46 38.79 76.13 68.48
N ARG FD 47 39.58 76.59 69.45
CA ARG FD 47 40.91 77.12 69.20
C ARG FD 47 41.92 76.42 70.09
N GLY FD 48 43.10 76.15 69.53
CA GLY FD 48 44.16 75.56 70.32
C GLY FD 48 45.36 75.28 69.44
N ASP FD 49 46.30 74.52 69.98
CA ASP FD 49 47.39 74.01 69.17
C ASP FD 49 46.85 72.96 68.21
N VAL FD 50 47.55 72.77 67.09
CA VAL FD 50 47.04 71.96 65.98
C VAL FD 50 46.94 70.49 66.37
N SER FD 51 47.83 70.01 67.25
CA SER FD 51 47.74 68.63 67.72
C SER FD 51 46.55 68.46 68.66
N GLU FD 52 46.26 69.49 69.46
CA GLU FD 52 45.10 69.44 70.34
C GLU FD 52 43.81 69.65 69.56
N VAL FD 53 43.85 70.46 68.52
CA VAL FD 53 42.65 70.71 67.72
C VAL FD 53 42.31 69.47 66.89
N GLN FD 54 43.33 68.78 66.38
CA GLN FD 54 43.10 67.55 65.63
C GLN FD 54 42.57 66.44 66.52
N ALA FD 55 43.03 66.40 67.77
CA ALA FD 55 42.58 65.37 68.70
C ALA FD 55 41.17 65.64 69.18
N SER FD 56 40.78 66.91 69.24
CA SER FD 56 39.45 67.26 69.72
C SER FD 56 38.40 67.08 68.64
N VAL FD 57 38.70 67.52 67.41
CA VAL FD 57 37.73 67.49 66.32
C VAL FD 57 37.40 66.05 65.93
N SER FD 58 38.39 65.16 65.99
CA SER FD 58 38.12 63.75 65.74
C SER FD 58 37.32 63.12 66.88
N ALA FD 59 37.54 63.59 68.11
CA ALA FD 59 36.79 63.07 69.24
C ALA FD 59 35.39 63.69 69.31
N GLY FD 60 35.25 64.93 68.87
CA GLY FD 60 33.92 65.53 68.82
C GLY FD 60 33.07 65.01 67.69
N THR FD 61 33.71 64.48 66.64
CA THR FD 61 32.97 63.90 65.53
C THR FD 61 32.40 62.54 65.92
N GLU FD 62 33.18 61.75 66.65
CA GLU FD 62 32.74 60.40 66.99
C GLU FD 62 31.72 60.40 68.11
N SER FD 63 31.63 61.49 68.87
CA SER FD 63 30.65 61.56 69.96
C SER FD 63 29.28 61.99 69.48
N VAL FD 64 29.15 62.46 68.24
CA VAL FD 64 27.84 62.75 67.67
C VAL FD 64 27.09 61.45 67.36
N LYS FD 65 27.82 60.34 67.18
CA LYS FD 65 27.19 59.04 67.03
C LYS FD 65 26.49 58.59 68.30
N ARG FD 66 26.89 59.13 69.46
CA ARG FD 66 26.16 58.85 70.70
C ARG FD 66 24.77 59.50 70.67
N VAL FD 67 24.65 60.64 70.00
CA VAL FD 67 23.38 61.34 69.94
C VAL FD 67 22.48 60.67 68.91
N ASN FD 68 21.23 60.40 69.29
CA ASN FD 68 20.24 59.92 68.34
C ASN FD 68 19.71 61.09 67.53
N GLY FD 69 19.68 60.94 66.21
CA GLY FD 69 19.28 62.04 65.36
C GLY FD 69 20.37 63.07 65.14
N GLY FD 70 21.59 62.79 65.58
CA GLY FD 70 22.72 63.68 65.36
C GLY FD 70 23.54 63.23 64.18
N GLN FD 71 24.00 64.19 63.38
CA GLN FD 71 24.73 63.91 62.17
C GLN FD 71 25.75 65.01 61.92
N VAL FD 72 27.02 64.63 61.83
CA VAL FD 72 28.09 65.55 61.48
C VAL FD 72 28.00 65.81 59.99
N LEU FD 73 27.91 67.09 59.62
CA LEU FD 73 27.85 67.44 58.21
C LEU FD 73 29.24 67.73 57.65
N SER FD 74 30.04 68.49 58.39
CA SER FD 74 31.34 68.91 57.88
C SER FD 74 32.26 69.25 59.05
N THR FD 75 33.47 68.73 58.99
CA THR FD 75 34.53 69.09 59.92
C THR FD 75 35.71 69.63 59.14
N HIS FD 76 36.45 70.56 59.76
CA HIS FD 76 37.66 71.08 59.17
C HIS FD 76 38.57 71.63 60.25
N ILE FD 77 39.87 71.58 59.98
CA ILE FD 77 40.91 72.09 60.87
C ILE FD 77 41.85 72.95 60.03
N ILE FD 78 42.06 74.19 60.45
CA ILE FD 78 43.07 75.07 59.85
C ILE FD 78 44.20 75.23 60.86
N ALA FD 79 45.39 74.80 60.47
CA ALA FD 79 46.51 74.74 61.40
C ALA FD 79 47.04 76.12 61.76
N ARG FD 80 46.92 77.07 60.83
CA ARG FD 80 47.44 78.42 61.04
C ARG FD 80 46.54 79.39 60.29
N PRO FD 81 45.43 79.81 60.89
CA PRO FD 81 44.57 80.76 60.21
C PRO FD 81 45.19 82.14 60.15
N HIS FD 82 44.89 82.85 59.07
CA HIS FD 82 45.37 84.21 58.87
C HIS FD 82 44.74 85.15 59.90
N GLU FD 83 45.45 86.24 60.18
CA GLU FD 83 44.98 87.21 61.16
C GLU FD 83 43.76 87.99 60.69
N ASN FD 84 43.50 88.00 59.38
CA ASN FD 84 42.31 88.64 58.84
C ASN FD 84 41.04 87.90 59.23
N LEU FD 85 41.14 86.61 59.55
CA LEU FD 85 39.96 85.78 59.74
C LEU FD 85 39.29 86.04 61.08
N GLU FD 86 40.05 86.43 62.09
CA GLU FD 86 39.45 86.62 63.42
C GLU FD 86 38.68 87.94 63.50
N TYR FD 87 38.92 88.86 62.57
CA TYR FD 87 38.22 90.13 62.61
C TYR FD 87 36.95 90.10 61.76
N VAL FD 88 36.79 89.06 60.95
CA VAL FD 88 35.57 88.93 60.14
C VAL FD 88 34.75 87.74 60.60
N LEU FD 89 35.35 86.58 60.63
CA LEU FD 89 34.66 85.36 60.99
C LEU FD 89 34.66 85.18 62.50
N PRO FD 90 33.60 84.57 63.06
CA PRO FD 90 33.53 84.37 64.53
C PRO FD 90 34.36 83.18 65.01
N ILE FD 91 35.67 83.25 64.78
CA ILE FD 91 36.61 82.25 65.26
C ILE FD 91 37.56 82.82 66.30
N ARG FD 92 37.32 84.02 66.79
CA ARG FD 92 38.26 84.67 67.68
C ARG FD 92 37.94 84.36 69.14
N TYR FD 93 38.95 84.52 69.99
CA TYR FD 93 38.74 84.46 71.43
C TYR FD 93 37.94 85.67 71.89
N THR FD 94 36.71 85.44 72.31
CA THR FD 94 35.95 86.48 72.98
C THR FD 94 36.41 86.59 74.42
N GLU FD 95 36.00 87.66 75.09
CA GLU FD 95 36.50 87.90 76.44
C GLU FD 95 35.80 87.04 77.49
N GLU FD 96 34.72 86.36 77.10
CA GLU FD 96 34.08 85.43 78.02
C GLU FD 96 34.88 84.14 78.15
N VAL FD 97 35.63 83.78 77.12
CA VAL FD 97 36.31 82.49 77.07
C VAL FD 97 37.82 82.63 77.29
N GLU FD 98 38.28 83.78 77.78
CA GLU FD 98 39.72 83.94 78.03
C GLU FD 98 40.17 83.25 79.30
N GLN FD 99 39.25 82.81 80.15
CA GLN FD 99 39.64 82.04 81.32
C GLN FD 99 39.97 80.60 80.97
N PHE FD 100 39.59 80.14 79.78
CA PHE FD 100 39.82 78.77 79.36
C PHE FD 100 40.94 78.63 78.35
N ARG FD 101 41.63 79.72 78.02
CA ARG FD 101 42.69 79.68 77.03
C ARG FD 101 43.96 79.05 77.60
N ALA GD 2 26.73 52.09 100.15
CA ALA GD 2 26.89 53.53 100.19
C ALA GD 2 26.57 54.15 98.84
N VAL GD 3 27.61 54.56 98.10
CA VAL GD 3 27.43 55.05 96.75
C VAL GD 3 27.30 53.87 95.81
N ALA GD 4 26.83 54.13 94.59
CA ALA GD 4 26.62 53.07 93.62
C ALA GD 4 27.97 52.57 93.08
N VAL GD 5 27.92 51.43 92.39
CA VAL GD 5 29.10 50.84 91.77
C VAL GD 5 28.75 50.47 90.34
N GLY GD 6 29.63 50.85 89.41
CA GLY GD 6 29.47 50.48 88.03
C GLY GD 6 30.71 49.79 87.51
N MET GD 7 30.50 48.85 86.59
CA MET GD 7 31.56 48.03 86.04
C MET GD 7 31.42 47.96 84.54
N ILE GD 8 32.52 48.16 83.83
CA ILE GD 8 32.59 47.87 82.40
C ILE GD 8 33.72 46.87 82.20
N GLU GD 9 33.39 45.73 81.63
CA GLU GD 9 34.39 44.73 81.29
C GLU GD 9 34.65 44.76 79.78
N THR GD 10 35.90 44.95 79.40
CA THR GD 10 36.29 44.95 78.01
C THR GD 10 37.27 43.81 77.75
N LEU GD 11 37.41 43.49 76.47
CA LEU GD 11 38.45 42.57 76.01
C LEU GD 11 39.63 43.44 75.57
N GLY GD 12 40.66 43.51 76.41
CA GLY GD 12 41.82 44.31 76.08
C GLY GD 12 42.05 45.48 76.99
N PHE GD 13 43.33 45.80 77.23
CA PHE GD 13 43.73 46.93 78.06
C PHE GD 13 43.62 48.31 77.41
N PRO GD 14 43.90 48.51 76.10
CA PRO GD 14 43.61 49.85 75.53
C PRO GD 14 42.14 50.19 75.50
N ALA GD 15 41.25 49.19 75.47
CA ALA GD 15 39.83 49.46 75.50
C ALA GD 15 39.36 49.80 76.90
N VAL GD 16 40.08 49.34 77.92
CA VAL GD 16 39.60 49.52 79.29
C VAL GD 16 40.10 50.85 79.86
N VAL GD 17 41.13 51.44 79.22
CA VAL GD 17 41.59 52.76 79.62
C VAL GD 17 40.75 53.83 78.95
N GLU GD 18 40.31 53.57 77.72
CA GLU GD 18 39.38 54.48 77.06
C GLU GD 18 38.00 54.42 77.70
N ALA GD 19 37.59 53.24 78.16
CA ALA GD 19 36.34 53.13 78.91
C ALA GD 19 36.43 53.85 80.25
N ALA GD 20 37.57 53.74 80.93
CA ALA GD 20 37.73 54.41 82.22
C ALA GD 20 37.86 55.91 82.06
N ASP GD 21 38.51 56.36 80.99
CA ASP GD 21 38.64 57.79 80.75
C ASP GD 21 37.31 58.42 80.33
N ALA GD 22 36.46 57.65 79.65
CA ALA GD 22 35.17 58.17 79.24
C ALA GD 22 34.21 58.26 80.42
N MET GD 23 34.39 57.42 81.44
CA MET GD 23 33.46 57.43 82.57
C MET GD 23 33.69 58.63 83.47
N VAL GD 24 34.94 58.93 83.81
CA VAL GD 24 35.19 59.97 84.79
C VAL GD 24 35.10 61.34 84.15
N LYS GD 25 35.09 61.42 82.82
CA LYS GD 25 34.86 62.68 82.14
C LYS GD 25 33.36 62.95 81.98
N ALA GD 26 32.55 61.91 81.83
CA ALA GD 26 31.14 62.09 81.52
C ALA GD 26 30.34 62.52 82.74
N ALA GD 27 30.67 61.98 83.91
CA ALA GD 27 29.88 62.24 85.11
C ALA GD 27 30.79 62.27 86.32
N ARG GD 28 30.19 62.57 87.48
CA ARG GD 28 30.92 62.70 88.74
C ARG GD 28 31.05 61.32 89.39
N VAL GD 29 31.85 60.47 88.76
CA VAL GD 29 32.16 59.16 89.29
C VAL GD 29 33.65 59.12 89.61
N THR GD 30 34.00 58.26 90.55
CA THR GD 30 35.39 58.03 90.93
C THR GD 30 35.79 56.64 90.47
N LEU GD 31 36.75 56.57 89.55
CA LEU GD 31 37.37 55.31 89.20
C LEU GD 31 38.18 54.82 90.38
N VAL GD 32 37.78 53.71 90.97
CA VAL GD 32 38.42 53.20 92.18
C VAL GD 32 39.15 51.89 91.96
N GLY GD 33 38.85 51.17 90.89
CA GLY GD 33 39.28 49.79 90.80
C GLY GD 33 39.63 49.39 89.39
N TYR GD 34 40.29 48.25 89.29
CA TYR GD 34 40.87 47.75 88.04
C TYR GD 34 41.12 46.27 88.25
N GLU GD 35 40.41 45.43 87.49
CA GLU GD 35 40.37 44.01 87.78
C GLU GD 35 40.67 43.19 86.53
N LYS GD 36 41.54 42.20 86.66
CA LYS GD 36 41.88 41.27 85.59
C LYS GD 36 41.50 39.87 86.06
N ILE GD 37 40.69 39.18 85.27
CA ILE GD 37 40.21 37.85 85.63
C ILE GD 37 40.72 36.78 84.66
N GLY GD 38 41.47 37.16 83.64
CA GLY GD 38 41.94 36.22 82.64
C GLY GD 38 41.15 36.31 81.36
N THR GD 39 41.68 35.62 80.34
CA THR GD 39 41.28 35.70 78.92
C THR GD 39 41.17 37.13 78.41
N GLY GD 40 42.04 38.02 78.86
CA GLY GD 40 41.99 39.41 78.44
C GLY GD 40 40.80 40.20 78.93
N ARG GD 41 39.99 39.64 79.83
CA ARG GD 41 38.80 40.31 80.33
C ARG GD 41 39.22 41.24 81.46
N VAL GD 42 39.18 42.54 81.18
CA VAL GD 42 39.64 43.55 82.12
C VAL GD 42 38.45 44.42 82.51
N THR GD 43 38.31 44.66 83.81
CA THR GD 43 37.16 45.39 84.36
C THR GD 43 37.65 46.61 85.11
N VAL GD 44 37.02 47.76 84.85
CA VAL GD 44 37.22 48.96 85.63
C VAL GD 44 35.96 49.25 86.44
N ILE GD 45 36.15 49.75 87.65
CA ILE GD 45 35.09 49.93 88.63
C ILE GD 45 35.00 51.41 88.99
N VAL GD 46 33.81 51.99 88.83
CA VAL GD 46 33.58 53.38 89.22
C VAL GD 46 32.57 53.42 90.36
N ARG GD 47 32.71 54.43 91.20
CA ARG GD 47 31.80 54.68 92.31
C ARG GD 47 31.23 56.08 92.19
N GLY GD 48 29.95 56.22 92.57
CA GLY GD 48 29.31 57.52 92.54
C GLY GD 48 27.84 57.35 92.83
N ASP GD 49 27.09 58.42 92.58
CA ASP GD 49 25.64 58.31 92.63
C ASP GD 49 25.15 57.44 91.46
N VAL GD 50 23.98 56.83 91.64
CA VAL GD 50 23.47 55.88 90.66
C VAL GD 50 23.13 56.55 89.35
N SER GD 51 22.73 57.82 89.38
CA SER GD 51 22.53 58.56 88.14
C SER GD 51 23.85 58.94 87.50
N GLU GD 52 24.87 59.22 88.32
CA GLU GD 52 26.19 59.51 87.80
C GLU GD 52 26.83 58.26 87.20
N VAL GD 53 26.61 57.11 87.84
CA VAL GD 53 27.17 55.86 87.35
C VAL GD 53 26.49 55.42 86.06
N GLN GD 54 25.17 55.63 85.97
CA GLN GD 54 24.44 55.24 84.76
C GLN GD 54 24.85 56.08 83.55
N ALA GD 55 25.16 57.35 83.78
CA ALA GD 55 25.59 58.20 82.68
C ALA GD 55 27.03 57.89 82.28
N SER GD 56 27.86 57.47 83.23
CA SER GD 56 29.26 57.18 82.92
C SER GD 56 29.40 55.82 82.24
N VAL GD 57 28.68 54.80 82.72
CA VAL GD 57 28.77 53.45 82.17
C VAL GD 57 28.20 53.44 80.74
N SER GD 58 27.17 54.24 80.49
CA SER GD 58 26.64 54.37 79.14
C SER GD 58 27.63 55.09 78.23
N ALA GD 59 28.31 56.11 78.74
CA ALA GD 59 29.28 56.83 77.92
C ALA GD 59 30.57 56.02 77.77
N GLY GD 60 30.94 55.24 78.77
CA GLY GD 60 32.12 54.39 78.65
C GLY GD 60 31.92 53.21 77.73
N THR GD 61 30.67 52.84 77.48
CA THR GD 61 30.39 51.73 76.57
C THR GD 61 30.57 52.16 75.12
N GLU GD 62 30.09 53.35 74.76
CA GLU GD 62 30.17 53.79 73.38
C GLU GD 62 31.57 54.23 72.99
N SER GD 63 32.44 54.48 73.98
CA SER GD 63 33.80 54.90 73.69
C SER GD 63 34.71 53.72 73.36
N VAL GD 64 34.31 52.50 73.70
CA VAL GD 64 35.10 51.34 73.32
C VAL GD 64 34.92 51.06 71.83
N LYS GD 65 33.80 51.48 71.25
CA LYS GD 65 33.55 51.31 69.82
C LYS GD 65 34.52 52.12 68.95
N ARG GD 66 35.10 53.19 69.48
CA ARG GD 66 36.12 53.93 68.76
C ARG GD 66 37.50 53.28 68.86
N VAL GD 67 37.69 52.34 69.80
CA VAL GD 67 38.94 51.61 69.91
C VAL GD 67 38.88 50.40 68.98
N ASN GD 68 39.79 50.34 68.02
CA ASN GD 68 39.89 49.20 67.12
C ASN GD 68 40.71 48.12 67.80
N GLY GD 69 40.07 46.98 68.10
CA GLY GD 69 40.72 45.89 68.78
C GLY GD 69 40.14 45.56 70.14
N GLY GD 70 39.19 46.35 70.63
CA GLY GD 70 38.57 46.08 71.91
C GLY GD 70 37.07 46.18 71.82
N GLN GD 71 36.40 45.39 72.65
CA GLN GD 71 34.95 45.35 72.67
C GLN GD 71 34.48 45.24 74.11
N VAL GD 72 33.27 45.76 74.37
CA VAL GD 72 32.66 45.66 75.69
C VAL GD 72 32.10 44.25 75.83
N LEU GD 73 32.53 43.54 76.87
CA LEU GD 73 32.02 42.20 77.10
C LEU GD 73 30.81 42.23 78.02
N SER GD 74 30.88 43.01 79.10
CA SER GD 74 29.79 43.06 80.06
C SER GD 74 29.82 44.37 80.80
N THR GD 75 28.64 44.91 81.07
CA THR GD 75 28.47 46.10 81.88
C THR GD 75 27.42 45.83 82.94
N HIS GD 76 27.60 46.45 84.11
CA HIS GD 76 26.59 46.35 85.15
C HIS GD 76 26.67 47.53 86.08
N ILE GD 77 25.53 47.89 86.66
CA ILE GD 77 25.40 48.99 87.60
C ILE GD 77 24.60 48.48 88.79
N ILE GD 78 25.12 48.66 90.00
CA ILE GD 78 24.43 48.31 91.23
C ILE GD 78 24.19 49.61 91.99
N ALA GD 79 22.91 49.89 92.31
CA ALA GD 79 22.52 51.20 92.82
C ALA GD 79 23.04 51.44 94.23
N ARG GD 80 23.07 50.41 95.06
CA ARG GD 80 23.62 50.50 96.40
C ARG GD 80 24.08 49.10 96.79
N PRO GD 81 25.37 48.82 96.67
CA PRO GD 81 25.87 47.48 97.02
C PRO GD 81 25.85 47.26 98.52
N HIS GD 82 25.83 45.98 98.89
CA HIS GD 82 25.94 45.58 100.28
C HIS GD 82 27.34 45.91 100.79
N GLU GD 83 27.44 46.16 102.09
CA GLU GD 83 28.75 46.46 102.68
C GLU GD 83 29.58 45.20 102.86
N ASN GD 84 28.98 44.02 102.68
CA ASN GD 84 29.73 42.77 102.60
C ASN GD 84 30.61 42.74 101.35
N LEU GD 85 30.16 43.37 100.27
CA LEU GD 85 30.91 43.33 99.01
C LEU GD 85 32.16 44.19 99.07
N GLU GD 86 32.20 45.18 99.98
CA GLU GD 86 33.32 46.11 100.03
C GLU GD 86 34.57 45.43 100.57
N TYR GD 87 34.40 44.41 101.41
CA TYR GD 87 35.54 43.76 102.03
C TYR GD 87 36.03 42.57 101.21
N VAL GD 88 35.16 42.00 100.39
CA VAL GD 88 35.56 40.83 99.61
C VAL GD 88 35.94 41.25 98.19
N LEU GD 89 35.10 42.01 97.55
CA LEU GD 89 35.32 42.40 96.16
C LEU GD 89 36.05 43.73 96.09
N PRO GD 90 36.94 43.92 95.10
CA PRO GD 90 37.71 45.17 94.99
C PRO GD 90 36.92 46.31 94.36
N ILE GD 91 35.84 46.71 95.02
CA ILE GD 91 35.00 47.81 94.58
C ILE GD 91 35.03 48.98 95.54
N ARG GD 92 35.91 48.95 96.54
CA ARG GD 92 35.91 49.98 97.56
C ARG GD 92 36.85 51.12 97.19
N TYR GD 93 36.67 52.24 97.88
CA TYR GD 93 37.56 53.38 97.72
C TYR GD 93 38.91 53.09 98.33
N THR GD 94 39.96 53.21 97.54
CA THR GD 94 41.31 53.15 98.08
C THR GD 94 41.74 54.54 98.56
N GLU GD 95 42.85 54.58 99.29
CA GLU GD 95 43.33 55.85 99.83
C GLU GD 95 43.97 56.73 98.77
N GLU GD 96 44.30 56.14 97.62
CA GLU GD 96 44.90 56.92 96.54
C GLU GD 96 43.86 57.75 95.81
N VAL GD 97 42.60 57.33 95.86
CA VAL GD 97 41.55 57.95 95.06
C VAL GD 97 40.54 58.71 95.93
N GLU GD 98 40.89 59.02 97.18
CA GLU GD 98 39.99 59.80 98.02
C GLU GD 98 39.98 61.27 97.64
N GLN GD 99 40.96 61.73 96.87
CA GLN GD 99 40.97 63.12 96.42
C GLN GD 99 39.99 63.35 95.28
N PHE GD 100 39.55 62.28 94.61
CA PHE GD 100 38.59 62.38 93.51
C PHE GD 100 37.17 62.06 93.94
N ARG GD 101 36.93 61.77 95.20
CA ARG GD 101 35.59 61.43 95.68
C ARG GD 101 34.70 62.66 95.80
N MET HD 1 -12.21 55.12 89.71
CA MET HD 1 -11.20 56.16 89.84
C MET HD 1 -11.27 56.85 91.19
N GLN HD 2 -10.18 57.51 91.57
CA GLN HD 2 -10.14 58.34 92.76
C GLN HD 2 -9.68 59.73 92.36
N MET HD 3 -10.13 60.72 93.11
CA MET HD 3 -9.64 62.08 92.95
C MET HD 3 -8.39 62.26 93.78
N ALA HD 4 -7.34 62.80 93.16
CA ALA HD 4 -6.07 62.98 93.83
C ALA HD 4 -5.48 64.32 93.42
N LYS HD 5 -4.65 64.86 94.31
CA LYS HD 5 -3.93 66.10 94.07
C LYS HD 5 -2.46 65.77 93.83
N VAL HD 6 -1.89 66.37 92.78
CA VAL HD 6 -0.48 66.15 92.44
C VAL HD 6 0.36 66.88 93.48
N CYS HD 7 1.06 66.11 94.32
CA CYS HD 7 1.88 66.72 95.35
C CYS HD 7 3.35 66.70 95.00
N GLY HD 8 3.76 65.83 94.09
CA GLY HD 8 5.15 65.85 93.68
C GLY HD 8 5.48 64.78 92.66
N THR HD 9 6.78 64.57 92.48
CA THR HD 9 7.32 63.64 91.51
C THR HD 9 8.21 62.63 92.21
N VAL HD 10 8.25 61.41 91.67
CA VAL HD 10 9.16 60.36 92.13
C VAL HD 10 10.05 59.99 90.96
N VAL HD 11 11.37 60.09 91.16
CA VAL HD 11 12.34 59.74 90.14
C VAL HD 11 13.10 58.51 90.62
N GLY HD 12 13.07 57.46 89.82
CA GLY HD 12 13.88 56.29 90.07
C GLY HD 12 14.77 55.99 88.88
N THR HD 13 16.08 55.89 89.09
CA THR HD 13 16.99 55.59 88.00
C THR HD 13 17.24 54.10 87.83
N GLN HD 14 17.33 53.36 88.93
CA GLN HD 14 17.52 51.92 88.90
C GLN HD 14 16.14 51.26 88.93
N LYS HD 15 15.66 50.83 87.77
CA LYS HD 15 14.30 50.36 87.63
C LYS HD 15 14.25 49.26 86.57
N LEU HD 16 13.06 48.78 86.30
CA LEU HD 16 12.86 47.81 85.24
C LEU HD 16 12.98 48.51 83.88
N PRO HD 17 13.40 47.79 82.85
CA PRO HD 17 13.49 48.40 81.51
C PRO HD 17 12.13 48.79 80.92
N SER HD 18 11.07 48.12 81.35
CA SER HD 18 9.72 48.48 80.90
C SER HD 18 9.17 49.68 81.66
N MET HD 19 9.86 50.14 82.70
CA MET HD 19 9.48 51.35 83.41
C MET HD 19 10.17 52.60 82.87
N THR HD 20 10.85 52.49 81.74
CA THR HD 20 11.59 53.62 81.19
C THR HD 20 10.67 54.52 80.37
N GLY HD 21 10.74 55.82 80.64
CA GLY HD 21 9.88 56.78 80.00
C GLY HD 21 8.57 57.02 80.72
N VAL HD 22 8.29 56.30 81.79
CA VAL HD 22 7.07 56.45 82.56
C VAL HD 22 7.28 57.56 83.57
N LYS HD 23 6.50 58.62 83.45
CA LYS HD 23 6.55 59.74 84.38
C LYS HD 23 5.76 59.40 85.63
N LEU HD 24 6.42 59.45 86.79
CA LEU HD 24 5.85 59.01 88.05
C LEU HD 24 5.50 60.21 88.92
N LEU HD 25 4.22 60.34 89.24
CA LEU HD 25 3.72 61.44 90.05
C LEU HD 25 3.30 60.94 91.42
N LEU HD 26 3.70 61.67 92.45
CA LEU HD 26 3.26 61.43 93.81
C LEU HD 26 1.94 62.17 94.01
N LEU HD 27 0.85 61.43 94.14
CA LEU HD 27 -0.48 62.00 94.26
C LEU HD 27 -1.05 61.68 95.62
N GLN HD 28 -1.46 62.71 96.36
CA GLN HD 28 -2.19 62.52 97.60
C GLN HD 28 -3.68 62.52 97.31
N PHE HD 29 -4.39 61.57 97.90
CA PHE HD 29 -5.83 61.46 97.65
C PHE HD 29 -6.58 62.54 98.40
N ILE HD 30 -7.61 63.08 97.76
CA ILE HD 30 -8.49 64.07 98.35
C ILE HD 30 -9.88 63.43 98.48
N ASP HD 31 -10.63 63.88 99.47
CA ASP HD 31 -11.93 63.25 99.71
C ASP HD 31 -12.99 63.83 98.78
N ALA HD 32 -14.25 63.46 99.03
CA ALA HD 32 -15.35 63.98 98.25
C ALA HD 32 -15.66 65.44 98.59
N ASN HD 33 -15.20 65.91 99.76
CA ASN HD 33 -15.42 67.30 100.12
C ASN HD 33 -14.27 68.19 99.71
N GLY HD 34 -13.14 67.60 99.31
CA GLY HD 34 -12.00 68.36 98.85
C GLY HD 34 -10.81 68.44 99.78
N GLU HD 35 -10.88 67.82 100.97
CA GLU HD 35 -9.78 67.85 101.92
C GLU HD 35 -8.81 66.71 101.63
N LEU HD 36 -7.55 66.91 102.01
CA LEU HD 36 -6.50 65.95 101.73
C LEU HD 36 -6.62 64.76 102.68
N LEU HD 37 -6.71 63.56 102.11
CA LEU HD 37 -6.70 62.34 102.90
C LEU HD 37 -5.27 61.93 103.22
N PRO HD 38 -5.05 61.24 104.35
CA PRO HD 38 -3.70 60.68 104.63
C PRO HD 38 -3.43 59.38 103.90
N LYS HD 39 -3.50 59.43 102.57
CA LYS HD 39 -3.31 58.29 101.70
C LYS HD 39 -2.81 58.81 100.37
N TYR HD 40 -1.79 58.16 99.83
CA TYR HD 40 -1.12 58.60 98.62
C TYR HD 40 -1.06 57.48 97.60
N GLU HD 41 -0.51 57.82 96.44
CA GLU HD 41 -0.26 56.87 95.36
C GLU HD 41 0.87 57.42 94.50
N VAL HD 42 1.58 56.52 93.84
CA VAL HD 42 2.51 56.87 92.78
C VAL HD 42 1.93 56.32 91.50
N ALA HD 43 1.66 57.20 90.54
CA ALA HD 43 0.95 56.81 89.33
C ALA HD 43 1.70 57.29 88.09
N ALA HD 44 1.52 56.54 87.01
CA ALA HD 44 1.96 56.98 85.70
C ALA HD 44 1.10 58.15 85.23
N ASP HD 45 1.69 59.04 84.44
CA ASP HD 45 1.06 60.28 84.02
C ASP HD 45 1.16 60.43 82.51
N PRO HD 46 0.24 59.83 81.75
CA PRO HD 46 0.21 60.10 80.30
C PRO HD 46 -0.43 61.43 79.97
N VAL HD 47 -1.45 61.83 80.73
CA VAL HD 47 -2.09 63.14 80.59
C VAL HD 47 -1.27 64.11 81.42
N GLY HD 48 -0.61 65.05 80.76
CA GLY HD 48 0.46 65.82 81.40
C GLY HD 48 -0.05 66.72 82.50
N ALA HD 49 0.22 66.36 83.75
CA ALA HD 49 -0.32 67.03 84.92
C ALA HD 49 0.82 67.55 85.78
N GLY HD 50 0.71 68.80 86.22
CA GLY HD 50 1.70 69.43 87.04
C GLY HD 50 1.28 69.50 88.50
N LEU HD 51 2.17 70.07 89.31
CA LEU HD 51 2.01 70.06 90.76
C LEU HD 51 0.88 71.00 91.18
N GLY HD 52 0.01 70.49 92.05
CA GLY HD 52 -1.15 71.21 92.50
C GLY HD 52 -2.43 70.86 91.78
N GLU HD 53 -2.35 70.14 90.67
CA GLU HD 53 -3.52 69.84 89.86
C GLU HD 53 -4.36 68.74 90.50
N TRP HD 54 -5.65 68.75 90.18
CA TRP HD 54 -6.57 67.71 90.58
C TRP HD 54 -6.69 66.71 89.44
N VAL HD 55 -6.44 65.44 89.74
CA VAL HD 55 -6.42 64.40 88.72
C VAL HD 55 -7.34 63.27 89.13
N LEU HD 56 -7.80 62.52 88.13
CA LEU HD 56 -8.44 61.23 88.35
C LEU HD 56 -7.41 60.15 88.11
N VAL HD 57 -7.21 59.29 89.10
CA VAL HD 57 -6.27 58.19 89.02
C VAL HD 57 -7.02 56.88 89.20
N ASN HD 58 -6.74 55.91 88.33
CA ASN HD 58 -7.34 54.60 88.45
C ASN HD 58 -6.37 53.66 89.18
N ARG HD 59 -6.82 52.43 89.42
CA ARG HD 59 -6.03 51.47 90.15
C ARG HD 59 -6.13 50.14 89.42
N GLY HD 60 -5.06 49.35 89.52
CA GLY HD 60 -5.10 47.98 89.05
C GLY HD 60 -4.77 47.80 87.59
N SER HD 61 -5.45 46.86 86.94
CA SER HD 61 -5.19 46.52 85.55
C SER HD 61 -5.74 47.55 84.58
N ALA HD 62 -6.51 48.53 85.07
CA ALA HD 62 -6.97 49.63 84.23
C ALA HD 62 -5.84 50.58 83.86
N ALA HD 63 -4.74 50.55 84.60
CA ALA HD 63 -3.57 51.37 84.27
C ALA HD 63 -2.84 50.86 83.03
N ARG HD 64 -3.14 49.66 82.57
CA ARG HD 64 -2.48 49.05 81.43
C ARG HD 64 -3.36 49.02 80.19
N GLN HD 65 -4.28 49.97 80.04
CA GLN HD 65 -5.25 49.95 78.95
C GLN HD 65 -4.98 51.01 77.88
N THR HD 66 -4.01 51.89 78.09
CA THR HD 66 -3.81 53.03 77.22
C THR HD 66 -2.86 52.74 76.06
N GLU HD 67 -2.65 51.46 75.75
CA GLU HD 67 -1.95 50.88 74.59
C GLU HD 67 -0.47 51.22 74.49
N TYR HD 68 0.06 52.04 75.40
CA TYR HD 68 1.51 52.12 75.58
C TYR HD 68 1.92 51.79 77.01
N HIS HD 69 0.97 51.37 77.85
CA HIS HD 69 1.25 50.85 79.18
C HIS HD 69 0.88 49.39 79.30
N GLN HD 70 0.76 48.68 78.17
CA GLN HD 70 0.07 47.39 78.16
C GLN HD 70 0.87 46.30 78.84
N ASN HD 71 2.17 46.23 78.60
CA ASN HD 71 3.02 45.23 79.20
C ASN HD 71 3.96 45.83 80.24
N ARG HD 72 3.59 46.98 80.77
CA ARG HD 72 4.30 47.74 81.78
C ARG HD 72 3.77 47.42 83.16
N PRO HD 73 4.63 47.27 84.16
CA PRO HD 73 4.19 46.91 85.52
C PRO HD 73 3.64 48.10 86.29
N LEU HD 74 2.49 48.59 85.85
CA LEU HD 74 1.84 49.76 86.42
C LEU HD 74 0.50 49.37 87.01
N ASP HD 75 0.21 49.85 88.21
CA ASP HD 75 -1.07 49.61 88.86
C ASP HD 75 -1.80 50.90 89.22
N ALA HD 76 -1.35 52.03 88.70
CA ALA HD 76 -1.99 53.31 88.94
C ALA HD 76 -1.61 54.24 87.79
N MET HD 77 -2.58 55.06 87.37
CA MET HD 77 -2.38 55.91 86.20
C MET HD 77 -3.33 57.09 86.28
N VAL HD 78 -2.80 58.30 86.05
CA VAL HD 78 -3.66 59.46 85.88
C VAL HD 78 -4.37 59.35 84.54
N VAL HD 79 -5.71 59.29 84.58
CA VAL HD 79 -6.49 59.17 83.36
C VAL HD 79 -7.08 60.50 82.90
N ALA HD 80 -7.23 61.46 83.81
CA ALA HD 80 -7.86 62.72 83.48
C ALA HD 80 -7.35 63.79 84.43
N ILE HD 81 -7.20 65.00 83.92
CA ILE HD 81 -7.04 66.19 84.73
C ILE HD 81 -8.43 66.73 85.00
N ILE HD 82 -8.76 66.91 86.28
CA ILE HD 82 -10.10 67.33 86.66
C ILE HD 82 -10.28 68.81 86.29
N ASP HD 83 -11.31 69.08 85.50
CA ASP HD 83 -11.71 70.45 85.21
C ASP HD 83 -12.59 71.01 86.31
N THR HD 84 -13.67 70.30 86.64
CA THR HD 84 -14.62 70.79 87.63
C THR HD 84 -15.28 69.61 88.33
N VAL HD 85 -15.56 69.79 89.62
CA VAL HD 85 -16.30 68.84 90.42
C VAL HD 85 -17.54 69.54 90.94
N THR HD 86 -18.71 69.01 90.59
CA THR HD 86 -19.98 69.55 91.05
C THR HD 86 -20.59 68.56 92.04
N VAL HD 87 -20.79 69.00 93.28
CA VAL HD 87 -21.37 68.16 94.32
C VAL HD 87 -22.69 68.79 94.75
N ASN HD 88 -23.78 68.02 94.59
CA ASN HD 88 -25.15 68.44 94.95
C ASN HD 88 -25.55 69.73 94.24
N ASN HD 89 -25.27 69.78 92.93
CA ASN HD 89 -25.47 70.91 92.02
C ASN HD 89 -24.67 72.16 92.42
N ARG HD 90 -23.68 72.02 93.29
CA ARG HD 90 -22.82 73.12 93.69
C ARG HD 90 -21.40 72.80 93.24
N ARG HD 91 -20.76 73.76 92.58
CA ARG HD 91 -19.40 73.57 92.08
C ARG HD 91 -18.42 73.54 93.24
N LEU HD 92 -17.77 72.40 93.43
CA LEU HD 92 -16.74 72.23 94.44
C LEU HD 92 -15.36 72.67 93.97
N TYR HD 93 -15.04 72.42 92.70
CA TYR HD 93 -13.72 72.70 92.16
C TYR HD 93 -13.87 73.30 90.77
N GLY HD 94 -12.96 74.19 90.42
CA GLY HD 94 -12.95 74.80 89.10
C GLY HD 94 -13.79 76.06 89.02
N ALA ID 2 29.81 21.54 108.49
CA ALA ID 2 29.86 22.89 109.04
C ALA ID 2 28.75 23.76 108.47
N VAL ID 3 28.94 25.07 108.56
CA VAL ID 3 28.01 26.04 108.00
C VAL ID 3 28.01 25.92 106.48
N ALA ID 4 26.82 25.99 105.87
CA ALA ID 4 26.62 25.66 104.46
C ALA ID 4 27.37 26.61 103.53
N VAL ID 5 27.80 26.08 102.40
CA VAL ID 5 28.56 26.82 101.40
C VAL ID 5 27.70 26.96 100.15
N GLY ID 6 27.65 28.16 99.61
CA GLY ID 6 27.06 28.39 98.31
C GLY ID 6 28.08 29.00 97.38
N MET ID 7 28.06 28.55 96.13
CA MET ID 7 29.01 29.00 95.12
C MET ID 7 28.25 29.31 93.84
N ILE ID 8 28.52 30.46 93.24
CA ILE ID 8 28.05 30.78 91.91
C ILE ID 8 29.27 31.12 91.06
N GLU ID 9 29.48 30.35 90.00
CA GLU ID 9 30.56 30.60 89.07
C GLU ID 9 30.01 31.31 87.84
N THR ID 10 30.54 32.48 87.53
CA THR ID 10 30.13 33.23 86.37
C THR ID 10 31.31 33.43 85.42
N LEU ID 11 30.98 33.73 84.18
CA LEU ID 11 31.97 34.10 83.17
C LEU ID 11 31.96 35.62 83.08
N GLY ID 12 32.85 36.27 83.82
CA GLY ID 12 32.89 37.71 83.84
C GLY ID 12 32.77 38.32 85.22
N PHE ID 13 33.47 39.43 85.42
CA PHE ID 13 33.47 40.14 86.70
C PHE ID 13 32.23 41.01 86.98
N PRO ID 14 31.59 41.70 86.00
CA PRO ID 14 30.30 42.31 86.32
C PRO ID 14 29.20 41.32 86.67
N ALA ID 15 29.28 40.09 86.15
CA ALA ID 15 28.28 39.09 86.48
C ALA ID 15 28.52 38.50 87.87
N VAL ID 16 29.76 38.54 88.35
CA VAL ID 16 30.04 37.90 89.63
C VAL ID 16 29.80 38.88 90.77
N VAL ID 17 29.80 40.18 90.48
CA VAL ID 17 29.47 41.17 91.50
C VAL ID 17 27.96 41.26 91.67
N GLU ID 18 27.21 41.11 90.58
CA GLU ID 18 25.76 41.00 90.68
C GLU ID 18 25.35 39.69 91.35
N ALA ID 19 26.11 38.62 91.11
CA ALA ID 19 25.87 37.37 91.84
C ALA ID 19 26.16 37.54 93.32
N ALA ID 20 27.26 38.20 93.66
CA ALA ID 20 27.62 38.40 95.06
C ALA ID 20 26.67 39.38 95.74
N ASP ID 21 26.15 40.36 94.99
CA ASP ID 21 25.26 41.35 95.58
C ASP ID 21 23.86 40.80 95.78
N ALA ID 22 23.35 40.04 94.82
CA ALA ID 22 21.99 39.51 94.94
C ALA ID 22 21.93 38.36 95.94
N MET ID 23 23.07 37.72 96.22
CA MET ID 23 23.06 36.64 97.20
C MET ID 23 22.93 37.18 98.62
N VAL ID 24 23.69 38.22 98.96
CA VAL ID 24 23.64 38.72 100.32
C VAL ID 24 22.43 39.65 100.50
N LYS ID 25 21.75 39.99 99.43
CA LYS ID 25 20.53 40.79 99.54
C LYS ID 25 19.28 39.92 99.58
N ALA ID 26 19.36 38.69 99.08
CA ALA ID 26 18.18 37.83 99.06
C ALA ID 26 17.97 37.18 100.42
N ALA ID 27 19.04 36.89 101.15
CA ALA ID 27 18.93 36.15 102.39
C ALA ID 27 20.08 36.56 103.31
N ARG ID 28 20.09 35.97 104.51
CA ARG ID 28 21.09 36.26 105.53
C ARG ID 28 22.25 35.28 105.33
N VAL ID 29 23.07 35.58 104.33
CA VAL ID 29 24.30 34.85 104.07
C VAL ID 29 25.46 35.82 104.19
N THR ID 30 26.66 35.27 104.37
CA THR ID 30 27.88 36.04 104.45
C THR ID 30 28.75 35.72 103.25
N LEU ID 31 28.94 36.70 102.37
CA LEU ID 31 29.90 36.58 101.30
C LEU ID 31 31.30 36.56 101.90
N VAL ID 32 32.00 35.43 101.77
CA VAL ID 32 33.30 35.26 102.39
C VAL ID 32 34.42 35.17 101.37
N GLY ID 33 34.13 34.83 100.13
CA GLY ID 33 35.17 34.44 99.21
C GLY ID 33 34.94 34.97 97.82
N TYR ID 34 36.00 34.99 97.04
CA TYR ID 34 36.01 35.52 95.68
C TYR ID 34 37.17 34.84 94.97
N GLU ID 35 36.86 33.94 94.05
CA GLU ID 35 37.85 33.00 93.54
C GLU ID 35 37.96 33.09 92.03
N LYS ID 36 39.17 33.29 91.55
CA LYS ID 36 39.48 33.29 90.12
C LYS ID 36 40.33 32.08 89.79
N ILE ID 37 39.91 31.32 88.79
CA ILE ID 37 40.60 30.10 88.38
C ILE ID 37 41.08 30.17 86.93
N GLY ID 38 40.95 31.32 86.29
CA GLY ID 38 41.39 31.48 84.92
C GLY ID 38 40.26 31.35 83.92
N THR ID 39 40.56 31.81 82.71
CA THR ID 39 39.63 31.97 81.57
C THR ID 39 38.34 32.68 81.92
N GLY ID 40 38.40 33.69 82.79
CA GLY ID 40 37.22 34.46 83.14
C GLY ID 40 36.25 33.78 84.09
N ARG ID 41 36.51 32.54 84.48
CA ARG ID 41 35.66 31.84 85.42
C ARG ID 41 35.89 32.38 86.82
N VAL ID 42 34.93 33.13 87.34
CA VAL ID 42 35.03 33.77 88.65
C VAL ID 42 33.94 33.19 89.53
N THR ID 43 34.29 32.88 90.77
CA THR ID 43 33.38 32.26 91.72
C THR ID 43 33.35 33.08 93.01
N VAL ID 44 32.14 33.40 93.47
CA VAL ID 44 31.93 33.98 94.79
C VAL ID 44 31.33 32.93 95.71
N ILE ID 45 31.76 32.94 96.96
CA ILE ID 45 31.43 31.92 97.94
C ILE ID 45 30.69 32.59 99.09
N VAL ID 46 29.48 32.10 99.39
CA VAL ID 46 28.72 32.59 100.53
C VAL ID 46 28.61 31.50 101.58
N ARG ID 47 28.48 31.91 102.82
CA ARG ID 47 28.25 31.01 103.94
C ARG ID 47 26.99 31.42 104.67
N GLY ID 48 26.32 30.44 105.26
CA GLY ID 48 25.14 30.74 106.06
C GLY ID 48 24.37 29.46 106.34
N ASP ID 49 23.15 29.64 106.84
CA ASP ID 49 22.25 28.52 107.04
C ASP ID 49 21.80 27.98 105.69
N VAL ID 50 21.30 26.74 105.70
CA VAL ID 50 20.96 26.04 104.46
C VAL ID 50 19.79 26.70 103.76
N SER ID 51 18.82 27.20 104.53
CA SER ID 51 17.69 27.91 103.95
C SER ID 51 18.11 29.24 103.35
N GLU ID 52 19.06 29.93 103.98
CA GLU ID 52 19.53 31.19 103.44
C GLU ID 52 20.41 30.98 102.22
N VAL ID 53 21.25 29.95 102.22
CA VAL ID 53 22.16 29.70 101.10
C VAL ID 53 21.37 29.20 99.88
N GLN ID 54 20.35 28.37 100.11
CA GLN ID 54 19.50 27.91 99.02
C GLN ID 54 18.70 29.06 98.40
N ALA ID 55 18.27 30.01 99.23
CA ALA ID 55 17.54 31.15 98.72
C ALA ID 55 18.46 32.12 98.00
N SER ID 56 19.69 32.28 98.50
CA SER ID 56 20.62 33.24 97.92
C SER ID 56 21.15 32.75 96.57
N VAL ID 57 21.53 31.48 96.49
CA VAL ID 57 22.11 30.94 95.26
C VAL ID 57 21.07 30.87 94.16
N SER ID 58 19.82 30.54 94.50
CA SER ID 58 18.76 30.49 93.51
C SER ID 58 18.35 31.88 93.03
N ALA ID 59 18.36 32.87 93.94
CA ALA ID 59 18.05 34.23 93.53
C ALA ID 59 19.26 34.90 92.89
N GLY ID 60 20.47 34.49 93.30
CA GLY ID 60 21.66 35.02 92.67
C GLY ID 60 21.88 34.50 91.26
N THR ID 61 21.35 33.32 90.95
CA THR ID 61 21.51 32.77 89.61
C THR ID 61 20.60 33.48 88.62
N GLU ID 62 19.38 33.83 89.05
CA GLU ID 62 18.45 34.52 88.16
C GLU ID 62 18.85 35.97 87.92
N SER ID 63 19.56 36.57 88.87
CA SER ID 63 19.94 37.97 88.74
C SER ID 63 21.07 38.16 87.73
N VAL ID 64 21.94 37.16 87.56
CA VAL ID 64 23.02 37.23 86.59
C VAL ID 64 22.50 37.24 85.15
N LYS ID 65 21.38 36.57 84.90
CA LYS ID 65 20.75 36.65 83.58
C LYS ID 65 19.80 37.84 83.48
N ARG ID 66 20.28 38.99 83.96
CA ARG ID 66 19.67 40.30 83.78
C ARG ID 66 20.81 41.27 83.54
N VAL ID 67 22.02 40.73 83.50
CA VAL ID 67 23.25 41.46 83.19
C VAL ID 67 23.59 41.16 81.74
N ASN ID 68 23.88 42.21 80.97
CA ASN ID 68 24.33 42.02 79.59
C ASN ID 68 25.74 41.47 79.59
N GLY ID 69 25.93 40.35 78.89
CA GLY ID 69 27.22 39.67 78.93
C GLY ID 69 27.42 38.80 80.15
N GLY ID 70 26.37 38.59 80.95
CA GLY ID 70 26.45 37.77 82.13
C GLY ID 70 26.05 36.33 81.83
N GLN ID 71 26.84 35.40 82.35
CA GLN ID 71 26.65 33.98 82.10
C GLN ID 71 26.98 33.19 83.34
N VAL ID 72 26.00 32.47 83.88
CA VAL ID 72 26.22 31.56 85.00
C VAL ID 72 26.85 30.30 84.44
N LEU ID 73 28.03 29.95 84.94
CA LEU ID 73 28.69 28.73 84.49
C LEU ID 73 28.31 27.55 85.38
N SER ID 74 28.37 27.74 86.70
CA SER ID 74 28.14 26.63 87.61
C SER ID 74 27.70 27.18 88.97
N THR ID 75 26.62 26.59 89.49
CA THR ID 75 26.15 26.91 90.83
C THR ID 75 26.10 25.63 91.64
N HIS ID 76 26.37 25.74 92.93
CA HIS ID 76 26.26 24.59 93.83
C HIS ID 76 26.06 25.05 95.25
N ILE ID 77 25.35 24.22 96.02
CA ILE ID 77 25.16 24.40 97.45
C ILE ID 77 25.60 23.13 98.15
N ILE ID 78 26.52 23.25 99.10
CA ILE ID 78 26.89 22.16 99.99
C ILE ID 78 26.33 22.49 101.36
N ALA ID 79 25.33 21.72 101.80
CA ALA ID 79 24.57 22.07 102.99
C ALA ID 79 25.37 21.84 104.27
N ARG ID 80 26.23 20.82 104.27
CA ARG ID 80 27.02 20.48 105.44
C ARG ID 80 28.40 20.08 104.97
N PRO ID 81 29.28 21.05 104.77
CA PRO ID 81 30.64 20.71 104.32
C PRO ID 81 31.46 20.12 105.46
N HIS ID 82 32.40 19.27 105.07
CA HIS ID 82 33.34 18.70 106.01
C HIS ID 82 34.27 19.78 106.55
N GLU ID 83 34.75 19.57 107.77
CA GLU ID 83 35.64 20.54 108.39
C GLU ID 83 37.04 20.52 107.76
N ASN ID 84 37.35 19.50 106.96
CA ASN ID 84 38.59 19.48 106.20
C ASN ID 84 38.63 20.55 105.12
N LEU ID 85 37.47 20.91 104.57
CA LEU ID 85 37.44 21.75 103.38
C LEU ID 85 37.74 23.21 103.69
N GLU ID 86 37.51 23.65 104.93
CA GLU ID 86 37.75 25.05 105.26
C GLU ID 86 39.24 25.35 105.33
N TYR ID 87 40.07 24.36 105.63
CA TYR ID 87 41.49 24.59 105.76
C TYR ID 87 42.22 24.49 104.42
N VAL ID 88 41.59 23.84 103.44
CA VAL ID 88 42.24 23.68 102.14
C VAL ID 88 41.65 24.63 101.12
N LEU ID 89 40.36 24.71 101.05
CA LEU ID 89 39.67 25.52 100.06
C LEU ID 89 39.36 26.90 100.61
N PRO ID 90 39.35 27.94 99.76
CA PRO ID 90 39.02 29.31 100.23
C PRO ID 90 37.53 29.54 100.38
N ILE ID 91 36.89 28.77 101.27
CA ILE ID 91 35.48 28.88 101.57
C ILE ID 91 35.22 29.29 103.01
N ARG ID 92 36.25 29.69 103.74
CA ARG ID 92 36.11 29.88 105.18
C ARG ID 92 35.89 31.35 105.51
N TYR ID 93 35.43 31.58 106.73
CA TYR ID 93 35.27 32.93 107.24
C TYR ID 93 36.64 33.55 107.51
N THR ID 94 36.89 34.71 106.91
CA THR ID 94 38.08 35.48 107.23
C THR ID 94 37.70 36.60 108.20
N GLU ID 95 38.73 37.27 108.74
CA GLU ID 95 38.49 38.24 109.80
C GLU ID 95 37.92 39.56 109.26
N GLU ID 96 37.95 39.74 107.94
CA GLU ID 96 37.36 40.94 107.36
C GLU ID 96 35.84 40.84 107.29
N VAL ID 97 35.30 39.62 107.34
CA VAL ID 97 33.87 39.40 107.19
C VAL ID 97 33.25 38.78 108.44
N GLU ID 98 33.90 38.93 109.60
CA GLU ID 98 33.33 38.38 110.82
C GLU ID 98 32.21 39.25 111.39
N GLN ID 99 32.06 40.48 110.90
CA GLN ID 99 30.96 41.32 111.36
C GLN ID 99 29.64 40.92 110.71
N PHE ID 100 29.69 40.23 109.58
CA PHE ID 100 28.49 39.87 108.84
C PHE ID 100 27.96 38.48 109.18
N ARG ID 101 28.69 37.71 109.99
CA ARG ID 101 28.28 36.36 110.33
C ARG ID 101 27.10 36.35 111.30
N ALA JD 2 54.89 6.07 99.65
CA ALA JD 2 54.27 6.75 100.77
C ALA JD 2 52.79 6.47 100.85
N VAL JD 3 52.08 7.24 101.67
CA VAL JD 3 50.63 7.20 101.74
C VAL JD 3 50.06 7.64 100.39
N ALA JD 4 49.04 6.90 99.90
CA ALA JD 4 48.54 7.08 98.54
C ALA JD 4 47.92 8.45 98.33
N VAL JD 5 47.95 8.90 97.08
CA VAL JD 5 47.48 10.23 96.70
C VAL JD 5 46.43 10.08 95.61
N GLY JD 6 45.30 10.75 95.77
CA GLY JD 6 44.28 10.79 94.75
C GLY JD 6 44.01 12.22 94.32
N MET JD 7 43.86 12.41 93.02
CA MET JD 7 43.66 13.73 92.44
C MET JD 7 42.44 13.69 91.55
N ILE JD 8 41.54 14.66 91.72
CA ILE JD 8 40.43 14.87 90.82
C ILE JD 8 40.57 16.27 90.23
N GLU JD 9 40.71 16.34 88.92
CA GLU JD 9 40.73 17.62 88.22
C GLU JD 9 39.36 17.88 87.61
N THR JD 10 38.78 19.03 87.94
CA THR JD 10 37.51 19.44 87.38
C THR JD 10 37.67 20.75 86.63
N LEU JD 11 36.71 21.04 85.76
CA LEU JD 11 36.62 22.33 85.08
C LEU JD 11 35.63 23.17 85.87
N GLY JD 12 36.13 24.05 86.70
CA GLY JD 12 35.27 24.89 87.51
C GLY JD 12 35.46 24.70 89.01
N PHE JD 13 35.33 25.79 89.74
CA PHE JD 13 35.46 25.78 91.19
C PHE JD 13 34.27 25.22 91.98
N PRO JD 14 32.99 25.43 91.60
CA PRO JD 14 31.92 24.72 92.34
C PRO JD 14 31.94 23.23 92.17
N ALA JD 15 32.53 22.72 91.09
CA ALA JD 15 32.61 21.27 90.91
C ALA JD 15 33.74 20.68 91.74
N VAL JD 16 34.76 21.48 92.07
CA VAL JD 16 35.92 20.93 92.76
C VAL JD 16 35.70 20.95 94.26
N VAL JD 17 34.74 21.74 94.74
CA VAL JD 17 34.41 21.74 96.16
C VAL JD 17 33.44 20.62 96.48
N GLU JD 18 32.54 20.32 95.54
CA GLU JD 18 31.66 19.17 95.71
C GLU JD 18 32.42 17.86 95.55
N ALA JD 19 33.41 17.83 94.66
CA ALA JD 19 34.28 16.67 94.55
C ALA JD 19 35.11 16.48 95.81
N ALA JD 20 35.59 17.58 96.39
CA ALA JD 20 36.38 17.47 97.62
C ALA JD 20 35.51 17.12 98.82
N ASP JD 21 34.26 17.60 98.83
CA ASP JD 21 33.37 17.26 99.94
C ASP JD 21 32.87 15.83 99.85
N ALA JD 22 32.73 15.30 98.64
CA ALA JD 22 32.30 13.91 98.49
C ALA JD 22 33.44 12.96 98.82
N MET JD 23 34.68 13.38 98.62
CA MET JD 23 35.81 12.49 98.83
C MET JD 23 36.05 12.23 100.31
N VAL JD 24 36.03 13.28 101.13
CA VAL JD 24 36.37 13.11 102.54
C VAL JD 24 35.19 12.58 103.33
N LYS JD 25 34.00 12.54 102.72
CA LYS JD 25 32.87 11.91 103.37
C LYS JD 25 32.76 10.44 103.01
N ALA JD 26 33.25 10.06 101.82
CA ALA JD 26 33.08 8.70 101.35
C ALA JD 26 34.03 7.73 102.04
N ALA JD 27 35.22 8.19 102.41
CA ALA JD 27 36.23 7.31 102.97
C ALA JD 27 37.13 8.10 103.90
N ARG JD 28 38.08 7.39 104.53
CA ARG JD 28 39.01 7.98 105.49
C ARG JD 28 40.22 8.54 104.74
N VAL JD 29 39.95 9.59 103.96
CA VAL JD 29 41.00 10.32 103.26
C VAL JD 29 41.09 11.70 103.88
N THR JD 30 42.25 12.33 103.69
CA THR JD 30 42.48 13.69 104.12
C THR JD 30 42.70 14.56 102.90
N LEU JD 31 41.81 15.53 102.70
CA LEU JD 31 42.04 16.56 101.70
C LEU JD 31 43.21 17.42 102.14
N VAL JD 32 44.29 17.40 101.37
CA VAL JD 32 45.52 18.11 101.74
C VAL JD 32 45.85 19.24 100.78
N GLY JD 33 45.32 19.23 99.58
CA GLY JD 33 45.86 20.07 98.52
C GLY JD 33 44.78 20.63 97.65
N TYR JD 34 45.14 21.68 96.92
CA TYR JD 34 44.22 22.44 96.09
C TYR JD 34 45.05 23.21 95.09
N GLU JD 35 44.92 22.87 93.81
CA GLU JD 35 45.85 23.36 92.80
C GLU JD 35 45.10 23.97 91.63
N LYS JD 36 45.54 25.15 91.21
CA LYS JD 36 45.04 25.83 90.03
C LYS JD 36 46.17 25.93 89.02
N ILE JD 37 45.91 25.47 87.79
CA ILE JD 37 46.92 25.41 86.75
C ILE JD 37 46.53 26.20 85.52
N GLY JD 38 45.39 26.90 85.54
CA GLY JD 38 44.94 27.67 84.41
C GLY JD 38 43.84 26.98 83.62
N THR JD 39 43.22 27.77 82.74
CA THR JD 39 42.01 27.44 81.97
C THR JD 39 40.89 26.85 82.82
N GLY JD 40 40.75 27.30 84.06
CA GLY JD 40 39.73 26.75 84.92
C GLY JD 40 39.95 25.33 85.40
N ARG JD 41 41.13 24.76 85.15
CA ARG JD 41 41.43 23.39 85.57
C ARG JD 41 41.87 23.42 87.03
N VAL JD 42 41.02 22.92 87.91
CA VAL JD 42 41.24 22.97 89.34
C VAL JD 42 41.34 21.54 89.85
N THR JD 43 42.31 21.28 90.72
CA THR JD 43 42.60 19.94 91.21
C THR JD 43 42.60 19.94 92.73
N VAL JD 44 41.86 19.01 93.32
CA VAL JD 44 41.94 18.72 94.75
C VAL JD 44 42.68 17.40 94.96
N ILE JD 45 43.45 17.33 96.04
CA ILE JD 45 44.37 16.24 96.31
C ILE JD 45 44.05 15.65 97.67
N VAL JD 46 43.74 14.36 97.70
CA VAL JD 46 43.48 13.66 98.96
C VAL JD 46 44.60 12.67 99.21
N ARG JD 47 44.83 12.39 100.50
CA ARG JD 47 45.78 11.39 100.93
C ARG JD 47 45.10 10.38 101.83
N GLY JD 48 45.50 9.12 101.70
CA GLY JD 48 44.96 8.08 102.56
C GLY JD 48 45.49 6.74 102.11
N ASP JD 49 44.91 5.68 102.67
CA ASP JD 49 45.22 4.34 102.18
C ASP JD 49 44.62 4.16 100.78
N VAL JD 50 45.22 3.26 100.01
CA VAL JD 50 44.88 3.10 98.59
C VAL JD 50 43.44 2.64 98.40
N SER JD 51 42.91 1.82 99.32
CA SER JD 51 41.51 1.42 99.25
C SER JD 51 40.60 2.58 99.59
N GLU JD 52 41.00 3.42 100.54
CA GLU JD 52 40.21 4.59 100.89
C GLU JD 52 40.31 5.67 99.82
N VAL JD 53 41.48 5.80 99.19
CA VAL JD 53 41.65 6.80 98.15
C VAL JD 53 40.88 6.40 96.90
N GLN JD 54 40.88 5.11 96.56
CA GLN JD 54 40.11 4.62 95.41
C GLN JD 54 38.62 4.76 95.64
N ALA JD 55 38.16 4.53 96.87
CA ALA JD 55 36.74 4.65 97.17
C ALA JD 55 36.30 6.11 97.18
N SER JD 56 37.21 7.02 97.58
CA SER JD 56 36.86 8.42 97.65
C SER JD 56 36.89 9.07 96.28
N VAL JD 57 37.92 8.78 95.49
CA VAL JD 57 38.07 9.39 94.17
C VAL JD 57 36.96 8.94 93.22
N SER JD 58 36.53 7.69 93.35
CA SER JD 58 35.39 7.20 92.58
C SER JD 58 34.10 7.89 93.00
N ALA JD 59 33.94 8.17 94.29
CA ALA JD 59 32.74 8.84 94.75
C ALA JD 59 32.81 10.34 94.51
N GLY JD 60 34.01 10.87 94.30
CA GLY JD 60 34.14 12.28 94.00
C GLY JD 60 33.78 12.63 92.58
N THR JD 61 33.92 11.67 91.65
CA THR JD 61 33.55 11.92 90.26
C THR JD 61 32.04 11.88 90.07
N GLU JD 62 31.34 11.06 90.84
CA GLU JD 62 29.90 10.95 90.68
C GLU JD 62 29.17 12.15 91.24
N SER JD 63 29.80 12.88 92.15
CA SER JD 63 29.15 14.05 92.74
C SER JD 63 29.33 15.29 91.89
N VAL JD 64 30.26 15.29 90.94
CA VAL JD 64 30.37 16.39 90.00
C VAL JD 64 29.20 16.39 89.02
N LYS JD 65 28.60 15.21 88.79
CA LYS JD 65 27.38 15.13 87.99
C LYS JD 65 26.19 15.79 88.69
N ARG JD 66 26.23 15.91 90.01
CA ARG JD 66 25.21 16.69 90.72
C ARG JD 66 25.35 18.17 90.42
N VAL JD 67 26.57 18.64 90.19
CA VAL JD 67 26.81 20.04 89.93
C VAL JD 67 26.46 20.35 88.47
N ASN JD 68 25.61 21.34 88.26
CA ASN JD 68 25.33 21.81 86.91
C ASN JD 68 26.49 22.65 86.42
N GLY JD 69 26.96 22.36 85.21
CA GLY JD 69 28.13 23.03 84.71
C GLY JD 69 29.44 22.50 85.24
N GLY JD 70 29.41 21.37 85.94
CA GLY JD 70 30.60 20.73 86.47
C GLY JD 70 31.02 19.57 85.57
N GLN JD 71 32.33 19.43 85.39
CA GLN JD 71 32.89 18.43 84.49
C GLN JD 71 34.23 17.96 85.02
N VAL JD 72 34.36 16.65 85.21
CA VAL JD 72 35.62 16.05 85.62
C VAL JD 72 36.51 15.94 84.39
N LEU JD 73 37.71 16.51 84.46
CA LEU JD 73 38.63 16.45 83.34
C LEU JD 73 39.55 15.24 83.44
N SER JD 74 40.15 15.02 84.60
CA SER JD 74 41.13 13.97 84.76
C SER JD 74 41.18 13.54 86.22
N THR JD 75 41.27 12.23 86.43
CA THR JD 75 41.44 11.68 87.76
C THR JD 75 42.58 10.67 87.74
N HIS JD 76 43.28 10.56 88.86
CA HIS JD 76 44.33 9.57 88.99
C HIS JD 76 44.56 9.24 90.47
N ILE JD 77 45.01 8.02 90.70
CA ILE JD 77 45.39 7.53 92.02
C ILE JD 77 46.77 6.92 91.92
N ILE JD 78 47.70 7.41 92.75
CA ILE JD 78 49.02 6.81 92.88
C ILE JD 78 49.07 6.09 94.21
N ALA JD 79 49.20 4.76 94.17
CA ALA JD 79 49.06 3.94 95.37
C ALA JD 79 50.21 4.14 96.34
N ARG JD 80 51.39 4.47 95.82
CA ARG JD 80 52.59 4.62 96.64
C ARG JD 80 53.47 5.67 95.99
N PRO JD 81 53.21 6.95 96.25
CA PRO JD 81 54.04 8.00 95.66
C PRO JD 81 55.42 8.03 96.30
N HIS JD 82 56.41 8.35 95.47
CA HIS JD 82 57.78 8.49 95.93
C HIS JD 82 57.90 9.67 96.88
N GLU JD 83 58.88 9.57 97.79
CA GLU JD 83 59.08 10.59 98.82
C GLU JD 83 59.55 11.92 98.24
N ASN JD 84 60.10 11.91 97.03
CA ASN JD 84 60.50 13.14 96.36
C ASN JD 84 59.30 14.00 95.98
N LEU JD 85 58.14 13.38 95.80
CA LEU JD 85 56.98 14.09 95.26
C LEU JD 85 56.36 15.05 96.27
N GLU JD 86 56.51 14.78 97.57
CA GLU JD 86 55.85 15.61 98.56
C GLU JD 86 56.66 16.87 98.84
N TYR JD 87 57.91 16.93 98.39
CA TYR JD 87 58.71 18.11 98.62
C TYR JD 87 58.66 19.06 97.44
N VAL JD 88 58.16 18.58 96.29
CA VAL JD 88 58.04 19.44 95.12
C VAL JD 88 56.58 19.75 94.83
N LEU JD 89 55.78 18.73 94.69
CA LEU JD 89 54.38 18.88 94.35
C LEU JD 89 53.53 19.11 95.60
N PRO JD 90 52.44 19.86 95.49
CA PRO JD 90 51.57 20.11 96.66
C PRO JD 90 50.63 18.94 96.97
N ILE JD 91 51.23 17.79 97.30
CA ILE JD 91 50.48 16.62 97.73
C ILE JD 91 50.79 16.25 99.17
N ARG JD 92 51.57 17.06 99.88
CA ARG JD 92 52.02 16.69 101.21
C ARG JD 92 51.01 17.12 102.27
N TYR JD 93 51.11 16.47 103.42
CA TYR JD 93 50.32 16.88 104.58
C TYR JD 93 50.85 18.19 105.14
N THR JD 94 50.06 19.25 105.03
CA THR JD 94 50.39 20.49 105.69
C THR JD 94 50.02 20.41 107.16
N GLU JD 95 50.48 21.40 107.93
CA GLU JD 95 50.25 21.39 109.38
C GLU JD 95 48.79 21.70 109.71
N GLU JD 96 48.10 22.39 108.80
CA GLU JD 96 46.71 22.76 109.04
C GLU JD 96 45.77 21.54 108.96
N VAL JD 97 46.18 20.51 108.22
CA VAL JD 97 45.31 19.36 107.98
C VAL JD 97 45.77 18.13 108.77
N GLU JD 98 46.61 18.31 109.80
CA GLU JD 98 47.05 17.17 110.60
C GLU JD 98 45.99 16.71 111.58
N GLN JD 99 44.94 17.50 111.81
CA GLN JD 99 43.86 17.07 112.69
C GLN JD 99 42.94 16.07 112.01
N PHE JD 100 43.00 15.98 110.69
CA PHE JD 100 42.14 15.09 109.93
C PHE JD 100 42.85 13.83 109.43
N ARG JD 101 44.14 13.68 109.73
CA ARG JD 101 44.90 12.52 109.26
C ARG JD 101 44.54 11.27 110.05
N ALA KD 2 6.49 19.07 114.29
CA ALA KD 2 7.74 19.57 114.85
C ALA KD 2 8.76 19.81 113.75
N VAL KD 3 9.72 18.91 113.64
CA VAL KD 3 10.69 18.99 112.55
C VAL KD 3 10.08 18.41 111.28
N ALA KD 4 10.68 18.72 110.14
CA ALA KD 4 10.14 18.24 108.87
C ALA KD 4 10.40 16.74 108.70
N VAL KD 5 9.74 16.16 107.71
CA VAL KD 5 9.89 14.76 107.39
C VAL KD 5 10.12 14.62 105.88
N GLY KD 6 11.13 13.86 105.51
CA GLY KD 6 11.41 13.58 104.11
C GLY KD 6 11.51 12.09 103.88
N MET KD 7 11.01 11.66 102.73
CA MET KD 7 10.96 10.25 102.39
C MET KD 7 11.52 10.05 101.01
N ILE KD 8 12.37 9.04 100.84
CA ILE KD 8 12.79 8.56 99.53
C ILE KD 8 12.39 7.10 99.44
N GLU KD 9 11.55 6.77 98.47
CA GLU KD 9 11.20 5.38 98.19
C GLU KD 9 12.00 4.88 97.00
N THR KD 10 12.72 3.80 97.19
CA THR KD 10 13.48 3.18 96.13
C THR KD 10 12.95 1.77 95.87
N LEU KD 11 13.31 1.24 94.70
CA LEU KD 11 13.08 -0.16 94.37
C LEU KD 11 14.37 -0.90 94.68
N GLY KD 12 14.38 -1.61 95.81
CA GLY KD 12 15.56 -2.35 96.20
C GLY KD 12 16.23 -1.87 97.47
N PHE KD 13 16.77 -2.80 98.24
CA PHE KD 13 17.46 -2.49 99.48
C PHE KD 13 18.89 -1.95 99.32
N PRO KD 14 19.73 -2.37 98.36
CA PRO KD 14 21.00 -1.63 98.17
C PRO KD 14 20.82 -0.18 97.74
N ALA KD 15 19.74 0.14 97.04
CA ALA KD 15 19.51 1.53 96.65
C ALA KD 15 19.03 2.36 97.84
N VAL KD 16 18.38 1.73 98.82
CA VAL KD 16 17.77 2.51 99.89
C VAL KD 16 18.79 2.77 101.00
N VAL KD 17 19.86 1.99 101.06
CA VAL KD 17 20.93 2.26 102.01
C VAL KD 17 21.85 3.34 101.47
N GLU KD 18 22.08 3.33 100.16
CA GLU KD 18 22.83 4.42 99.53
C GLU KD 18 22.06 5.72 99.56
N ALA KD 19 20.73 5.65 99.43
CA ALA KD 19 19.91 6.84 99.60
C ALA KD 19 19.93 7.34 101.02
N ALA KD 20 19.86 6.44 102.00
CA ALA KD 20 19.87 6.86 103.40
C ALA KD 20 21.24 7.36 103.82
N ASP KD 21 22.31 6.80 103.26
CA ASP KD 21 23.65 7.26 103.62
C ASP KD 21 23.95 8.62 103.00
N ALA KD 22 23.42 8.89 101.81
CA ALA KD 22 23.64 10.18 101.19
C ALA KD 22 22.80 11.27 101.85
N MET KD 23 21.73 10.89 102.53
CA MET KD 23 20.88 11.88 103.17
C MET KD 23 21.51 12.42 104.44
N VAL KD 24 22.02 11.53 105.30
CA VAL KD 24 22.53 11.98 106.58
C VAL KD 24 23.94 12.53 106.46
N LYS KD 25 24.59 12.33 105.31
CA LYS KD 25 25.88 12.95 105.07
C LYS KD 25 25.73 14.35 104.49
N ALA KD 26 24.65 14.58 103.75
CA ALA KD 26 24.49 15.84 103.04
C ALA KD 26 24.08 16.97 103.97
N ALA KD 27 23.23 16.70 104.94
CA ALA KD 27 22.69 17.75 105.79
C ALA KD 27 22.49 17.23 107.20
N ARG KD 28 21.99 18.10 108.07
CA ARG KD 28 21.75 17.77 109.48
C ARG KD 28 20.35 17.18 109.64
N VAL KD 29 20.17 16.01 109.06
CA VAL KD 29 18.94 15.25 109.20
C VAL KD 29 19.24 14.00 110.01
N THR KD 30 18.18 13.45 110.60
CA THR KD 30 18.27 12.20 111.34
C THR KD 30 17.44 11.15 110.61
N LEU KD 31 18.11 10.12 110.11
CA LEU KD 31 17.42 8.94 109.62
C LEU KD 31 16.73 8.25 110.79
N VAL KD 32 15.41 8.26 110.79
CA VAL KD 32 14.64 7.71 111.90
C VAL KD 32 13.91 6.43 111.54
N GLY KD 33 13.65 6.18 110.26
CA GLY KD 33 12.69 5.16 109.89
C GLY KD 33 13.10 4.40 108.66
N TYR KD 34 12.41 3.30 108.42
CA TYR KD 34 12.73 2.35 107.39
C TYR KD 34 11.49 1.51 107.15
N GLU KD 35 10.91 1.60 105.96
CA GLU KD 35 9.58 1.07 105.73
C GLU KD 35 9.55 0.22 104.46
N LYS KD 36 8.93 -0.95 104.56
CA LYS KD 36 8.73 -1.86 103.43
C LYS KD 36 7.24 -2.05 103.24
N ILE KD 37 6.75 -1.83 102.02
CA ILE KD 37 5.34 -1.93 101.72
C ILE KD 37 5.06 -3.01 100.67
N GLY KD 38 6.06 -3.75 100.24
CA GLY KD 38 5.87 -4.81 99.27
C GLY KD 38 6.30 -4.40 97.87
N THR KD 39 6.46 -5.42 97.03
CA THR KD 39 7.07 -5.37 95.69
C THR KD 39 8.40 -4.63 95.66
N GLY KD 40 9.23 -4.81 96.68
CA GLY KD 40 10.53 -4.19 96.70
C GLY KD 40 10.55 -2.71 96.94
N ARG KD 41 9.39 -2.09 97.20
CA ARG KD 41 9.33 -0.65 97.44
C ARG KD 41 9.72 -0.39 98.89
N VAL KD 42 10.90 0.21 99.08
CA VAL KD 42 11.46 0.43 100.40
C VAL KD 42 11.67 1.93 100.59
N THR KD 43 11.25 2.45 101.74
CA THR KD 43 11.27 3.87 102.02
C THR KD 43 12.11 4.13 103.26
N VAL KD 44 13.01 5.11 103.18
CA VAL KD 44 13.72 5.63 104.35
C VAL KD 44 13.17 7.02 104.67
N ILE KD 45 13.10 7.31 105.97
CA ILE KD 45 12.47 8.52 106.49
C ILE KD 45 13.52 9.30 107.27
N VAL KD 46 13.71 10.57 106.91
CA VAL KD 46 14.60 11.46 107.64
C VAL KD 46 13.78 12.56 108.30
N ARG KD 47 14.26 13.01 109.46
CA ARG KD 47 13.68 14.13 110.17
C ARG KD 47 14.72 15.23 110.32
N GLY KD 48 14.28 16.47 110.24
CA GLY KD 48 15.17 17.60 110.42
C GLY KD 48 14.45 18.88 110.07
N ASP KD 49 15.22 19.95 109.92
CA ASP KD 49 14.67 21.18 109.38
C ASP KD 49 14.34 20.98 107.90
N VAL KD 50 13.38 21.77 107.41
CA VAL KD 50 12.87 21.56 106.06
C VAL KD 50 13.91 21.93 105.00
N SER KD 51 14.80 22.87 105.31
CA SER KD 51 15.92 23.16 104.42
C SER KD 51 16.93 22.02 104.40
N GLU KD 52 17.20 21.43 105.57
CA GLU KD 52 18.11 20.30 105.63
C GLU KD 52 17.49 19.05 105.02
N VAL KD 53 16.18 18.89 105.17
CA VAL KD 53 15.51 17.74 104.58
C VAL KD 53 15.46 17.86 103.06
N GLN KD 54 15.28 19.08 102.55
CA GLN KD 54 15.30 19.31 101.12
C GLN KD 54 16.68 19.09 100.52
N ALA KD 55 17.73 19.42 101.27
CA ALA KD 55 19.08 19.20 100.78
C ALA KD 55 19.46 17.72 100.84
N SER KD 56 18.90 16.99 101.81
CA SER KD 56 19.23 15.57 101.94
C SER KD 56 18.47 14.73 100.93
N VAL KD 57 17.18 15.02 100.74
CA VAL KD 57 16.35 14.25 99.81
C VAL KD 57 16.81 14.46 98.37
N SER KD 58 17.25 15.67 98.05
CA SER KD 58 17.80 15.94 96.72
C SER KD 58 19.14 15.25 96.52
N ALA KD 59 19.94 15.11 97.59
CA ALA KD 59 21.22 14.44 97.47
C ALA KD 59 21.05 12.92 97.50
N GLY KD 60 20.06 12.43 98.24
CA GLY KD 60 19.78 11.01 98.25
C GLY KD 60 19.16 10.50 96.98
N THR KD 61 18.53 11.39 96.21
CA THR KD 61 17.92 10.99 94.94
C THR KD 61 18.99 10.75 93.87
N GLU KD 62 19.99 11.63 93.79
CA GLU KD 62 21.02 11.48 92.77
C GLU KD 62 22.00 10.37 93.10
N SER KD 63 22.06 9.94 94.36
CA SER KD 63 23.00 8.88 94.73
C SER KD 63 22.46 7.49 94.40
N VAL KD 64 21.16 7.35 94.15
CA VAL KD 64 20.61 6.07 93.73
C VAL KD 64 21.02 5.79 92.28
N LYS KD 65 21.28 6.85 91.50
CA LYS KD 65 21.71 6.69 90.11
C LYS KD 65 23.08 6.03 89.98
N ARG KD 66 23.91 6.09 91.01
CA ARG KD 66 25.17 5.37 91.02
C ARG KD 66 25.01 3.90 91.38
N VAL KD 67 23.86 3.51 91.92
CA VAL KD 67 23.57 2.10 92.21
C VAL KD 67 22.94 1.48 90.98
N ASN KD 68 23.57 0.43 90.46
CA ASN KD 68 23.02 -0.33 89.34
C ASN KD 68 22.05 -1.36 89.88
N GLY KD 69 20.79 -1.23 89.51
CA GLY KD 69 19.74 -2.13 89.98
C GLY KD 69 18.69 -1.47 90.84
N GLY KD 70 18.85 -0.21 91.20
CA GLY KD 70 17.86 0.48 92.00
C GLY KD 70 17.51 1.82 91.39
N GLN KD 71 16.27 2.23 91.62
CA GLN KD 71 15.76 3.49 91.09
C GLN KD 71 14.89 4.15 92.14
N VAL KD 72 14.83 5.48 92.09
CA VAL KD 72 13.96 6.25 92.98
C VAL KD 72 12.54 6.17 92.42
N LEU KD 73 11.61 5.66 93.24
CA LEU KD 73 10.23 5.58 92.81
C LEU KD 73 9.47 6.85 93.19
N SER KD 74 9.66 7.33 94.41
CA SER KD 74 8.92 8.48 94.89
C SER KD 74 9.72 9.18 95.98
N THR KD 75 9.67 10.51 95.95
CA THR KD 75 10.24 11.33 97.00
C THR KD 75 9.20 12.35 97.44
N HIS KD 76 9.22 12.67 98.73
CA HIS KD 76 8.35 13.73 99.22
C HIS KD 76 8.94 14.34 100.47
N ILE KD 77 8.60 15.61 100.68
CA ILE KD 77 9.06 16.40 101.82
C ILE KD 77 7.84 17.13 102.39
N ILE KD 78 7.60 16.96 103.68
CA ILE KD 78 6.54 17.68 104.39
C ILE KD 78 7.21 18.62 105.38
N ALA KD 79 6.90 19.92 105.28
CA ALA KD 79 7.63 20.94 106.01
C ALA KD 79 7.38 20.86 107.50
N ARG KD 80 6.15 20.55 107.90
CA ARG KD 80 5.81 20.32 109.30
C ARG KD 80 4.62 19.38 109.34
N PRO KD 81 4.85 18.10 109.62
CA PRO KD 81 3.74 17.15 109.69
C PRO KD 81 2.85 17.40 110.89
N HIS KD 82 1.60 16.98 110.74
CA HIS KD 82 0.65 17.03 111.84
C HIS KD 82 1.07 16.09 112.94
N GLU KD 83 0.69 16.41 114.18
CA GLU KD 83 1.05 15.59 115.32
C GLU KD 83 0.30 14.26 115.35
N ASN KD 84 -0.76 14.14 114.53
CA ASN KD 84 -1.45 12.87 114.35
C ASN KD 84 -0.58 11.84 113.64
N LEU KD 85 0.34 12.28 112.78
CA LEU KD 85 1.04 11.35 111.90
C LEU KD 85 2.12 10.55 112.63
N GLU KD 86 2.65 11.06 113.74
CA GLU KD 86 3.69 10.33 114.45
C GLU KD 86 3.13 9.12 115.19
N TYR KD 87 1.84 9.15 115.52
CA TYR KD 87 1.26 8.05 116.28
C TYR KD 87 0.75 6.95 115.36
N VAL KD 88 0.49 7.27 114.10
CA VAL KD 88 -0.01 6.27 113.17
C VAL KD 88 1.09 5.81 112.22
N LEU KD 89 1.77 6.74 111.61
CA LEU KD 89 2.80 6.45 110.63
C LEU KD 89 4.17 6.35 111.30
N PRO KD 90 5.06 5.49 110.80
CA PRO KD 90 6.39 5.31 111.43
C PRO KD 90 7.40 6.38 111.00
N ILE KD 91 7.07 7.65 111.27
CA ILE KD 91 7.94 8.78 110.97
C ILE KD 91 8.48 9.44 112.22
N ARG KD 92 8.22 8.88 113.40
CA ARG KD 92 8.61 9.51 114.63
C ARG KD 92 10.04 9.11 115.03
N TYR KD 93 10.60 9.89 115.94
CA TYR KD 93 11.91 9.57 116.50
C TYR KD 93 11.82 8.37 117.42
N THR KD 94 12.61 7.35 117.13
CA THR KD 94 12.73 6.23 118.05
C THR KD 94 13.78 6.55 119.12
N GLU KD 95 13.85 5.69 120.13
CA GLU KD 95 14.77 5.93 121.23
C GLU KD 95 16.21 5.60 120.85
N GLU KD 96 16.41 4.88 119.74
CA GLU KD 96 17.75 4.50 119.33
C GLU KD 96 18.44 5.64 118.59
N VAL KD 97 17.67 6.57 118.03
CA VAL KD 97 18.20 7.59 117.14
C VAL KD 97 18.20 8.98 117.79
N GLU KD 98 17.97 9.05 119.10
CA GLU KD 98 17.96 10.35 119.76
C GLU KD 98 19.35 10.93 119.95
N GLN KD 99 20.40 10.12 119.79
CA GLN KD 99 21.76 10.64 119.86
C GLN KD 99 22.15 11.36 118.59
N PHE KD 100 21.44 11.13 117.49
CA PHE KD 100 21.71 11.79 116.23
C PHE KD 100 20.80 12.99 115.96
N ARG KD 101 19.93 13.34 116.92
CA ARG KD 101 19.00 14.44 116.72
C ARG KD 101 19.68 15.79 116.91
N MET LD 1 1.40 52.59 92.10
CA MET LD 1 2.55 52.17 92.89
C MET LD 1 2.54 52.79 94.27
N GLN LD 2 3.27 52.16 95.19
CA GLN LD 2 3.45 52.67 96.54
C GLN LD 2 4.93 52.76 96.84
N MET LD 3 5.30 53.75 97.63
CA MET LD 3 6.66 53.86 98.13
C MET LD 3 6.80 53.01 99.39
N ALA LD 4 7.86 52.21 99.43
CA ALA LD 4 8.11 51.33 100.55
C ALA LD 4 9.59 51.33 100.89
N LYS LD 5 9.88 50.94 102.11
CA LYS LD 5 11.25 50.80 102.60
C LYS LD 5 11.55 49.34 102.82
N VAL LD 6 12.72 48.89 102.35
CA VAL LD 6 13.14 47.51 102.50
C VAL LD 6 13.50 47.30 103.96
N CYS LD 7 12.71 46.47 104.65
CA CYS LD 7 12.97 46.22 106.07
C CYS LD 7 13.63 44.86 106.28
N GLY LD 8 13.48 43.95 105.32
CA GLY LD 8 14.15 42.68 105.45
C GLY LD 8 13.81 41.71 104.35
N THR LD 9 14.09 40.44 104.61
CA THR LD 9 13.92 39.37 103.63
C THR LD 9 13.04 38.28 104.22
N VAL LD 10 12.26 37.64 103.36
CA VAL LD 10 11.45 36.49 103.72
C VAL LD 10 11.93 35.31 102.89
N VAL LD 11 12.31 34.23 103.56
CA VAL LD 11 12.79 33.02 102.90
C VAL LD 11 11.80 31.91 103.20
N GLY LD 12 11.28 31.28 102.16
CA GLY LD 12 10.46 30.10 102.31
C GLY LD 12 11.00 28.97 101.46
N THR LD 13 11.23 27.80 102.07
CA THR LD 13 11.77 26.68 101.33
C THR LD 13 10.70 25.77 100.76
N GLN LD 14 9.60 25.58 101.49
CA GLN LD 14 8.46 24.80 101.02
C GLN LD 14 7.49 25.76 100.35
N LYS LD 15 7.45 25.72 99.01
CA LYS LD 15 6.69 26.68 98.24
C LYS LD 15 6.21 26.03 96.96
N LEU LD 16 5.56 26.83 96.12
CA LEU LD 16 5.17 26.37 94.80
C LEU LD 16 6.40 26.26 93.90
N PRO LD 17 6.38 25.35 92.92
CA PRO LD 17 7.52 25.26 91.99
C PRO LD 17 7.69 26.49 91.11
N SER LD 18 6.64 27.25 90.87
CA SER LD 18 6.76 28.48 90.11
C SER LD 18 7.24 29.64 90.96
N MET LD 19 7.35 29.46 92.27
CA MET LD 19 7.86 30.50 93.16
C MET LD 19 9.35 30.41 93.39
N THR LD 20 10.06 29.49 92.72
CA THR LD 20 11.48 29.34 92.96
C THR LD 20 12.26 30.38 92.15
N GLY LD 21 13.41 30.78 92.68
CA GLY LD 21 14.20 31.85 92.09
C GLY LD 21 13.70 33.25 92.38
N VAL LD 22 12.55 33.39 93.05
CA VAL LD 22 11.96 34.69 93.33
C VAL LD 22 12.52 35.18 94.66
N LYS LD 23 13.15 36.35 94.63
CA LYS LD 23 13.67 36.97 95.83
C LYS LD 23 12.56 37.78 96.50
N LEU LD 24 12.28 37.46 97.77
CA LEU LD 24 11.16 38.04 98.49
C LEU LD 24 11.67 39.01 99.54
N LEU LD 25 11.28 40.27 99.40
CA LEU LD 25 11.65 41.32 100.33
C LEU LD 25 10.47 41.71 101.20
N LEU LD 26 10.75 41.90 102.48
CA LEU LD 26 9.77 42.43 103.42
C LEU LD 26 9.87 43.96 103.35
N LEU LD 27 8.81 44.59 102.88
CA LEU LD 27 8.81 46.01 102.57
C LEU LD 27 7.78 46.71 103.44
N GLN LD 28 8.20 47.72 104.20
CA GLN LD 28 7.28 48.51 104.99
C GLN LD 28 6.91 49.77 104.22
N PHE LD 29 5.61 50.03 104.12
CA PHE LD 29 5.15 51.19 103.36
C PHE LD 29 5.43 52.48 104.12
N ILE LD 30 5.91 53.47 103.39
CA ILE LD 30 6.17 54.80 103.91
C ILE LD 30 5.17 55.76 103.28
N ASP LD 31 4.85 56.84 104.00
CA ASP LD 31 3.87 57.78 103.48
C ASP LD 31 4.54 58.80 102.56
N ALA LD 32 3.76 59.81 102.14
CA ALA LD 32 4.31 60.87 101.30
C ALA LD 32 5.21 61.80 102.10
N ASN LD 33 5.07 61.83 103.43
CA ASN LD 33 5.92 62.66 104.26
C ASN LD 33 7.23 61.97 104.59
N GLY LD 34 7.30 60.65 104.41
CA GLY LD 34 8.50 59.89 104.71
C GLY LD 34 8.46 59.05 105.96
N GLU LD 35 7.36 59.07 106.71
CA GLU LD 35 7.22 58.30 107.93
C GLU LD 35 6.78 56.88 107.61
N LEU LD 36 7.16 55.94 108.46
CA LEU LD 36 6.80 54.54 108.24
C LEU LD 36 5.35 54.32 108.64
N LEU LD 37 4.59 53.72 107.74
CA LEU LD 37 3.20 53.36 108.02
C LEU LD 37 3.15 51.98 108.66
N PRO LD 38 2.13 51.70 109.49
CA PRO LD 38 1.96 50.33 110.02
C PRO LD 38 1.30 49.39 109.03
N LYS LD 39 1.96 49.21 107.88
CA LYS LD 39 1.47 48.38 106.80
C LYS LD 39 2.67 47.88 106.02
N TYR LD 40 2.66 46.62 105.63
CA TYR LD 40 3.80 46.01 104.98
C TYR LD 40 3.36 45.24 103.74
N GLU LD 41 4.34 44.67 103.06
CA GLU LD 41 4.13 43.83 101.90
C GLU LD 41 5.33 42.91 101.74
N VAL LD 42 5.11 41.78 101.09
CA VAL LD 42 6.19 40.92 100.63
C VAL LD 42 6.12 40.93 99.10
N ALA LD 43 7.20 41.37 98.46
CA ALA LD 43 7.20 41.56 97.03
C ALA LD 43 8.39 40.85 96.39
N ALA LD 44 8.20 40.47 95.12
CA ALA LD 44 9.32 40.02 94.30
C ALA LD 44 10.24 41.19 93.99
N ASP LD 45 11.52 40.90 93.84
CA ASP LD 45 12.55 41.92 93.66
C ASP LD 45 13.38 41.61 92.42
N PRO LD 46 12.94 42.05 91.24
CA PRO LD 46 13.80 41.93 90.05
C PRO LD 46 14.87 43.00 90.01
N VAL LD 47 14.53 44.21 90.44
CA VAL LD 47 15.49 45.31 90.56
C VAL LD 47 16.17 45.15 91.90
N GLY LD 48 17.47 44.87 91.88
CA GLY LD 48 18.16 44.38 93.07
C GLY LD 48 18.25 45.43 94.15
N ALA LD 49 17.45 45.27 95.21
CA ALA LD 49 17.27 46.27 96.25
C ALA LD 49 17.68 45.67 97.59
N GLY LD 50 18.46 46.44 98.35
CA GLY LD 50 18.96 46.00 99.64
C GLY LD 50 18.25 46.70 100.79
N LEU LD 51 18.66 46.31 102.00
CA LEU LD 51 17.97 46.73 103.21
C LEU LD 51 18.17 48.21 103.48
N GLY LD 52 17.06 48.92 103.67
CA GLY LD 52 17.07 50.33 103.91
C GLY LD 52 16.74 51.19 102.72
N GLU LD 53 16.68 50.61 101.52
CA GLU LD 53 16.41 51.40 100.33
C GLU LD 53 14.94 51.76 100.22
N TRP LD 54 14.66 52.76 99.41
CA TRP LD 54 13.31 53.17 99.08
C TRP LD 54 12.95 52.61 97.71
N VAL LD 55 11.83 51.89 97.64
CA VAL LD 55 11.44 51.20 96.42
C VAL LD 55 10.03 51.62 96.03
N LEU LD 56 9.71 51.42 94.76
CA LEU LD 56 8.34 51.53 94.27
C LEU LD 56 7.79 50.12 94.10
N VAL LD 57 6.62 49.87 94.67
CA VAL LD 57 5.99 48.56 94.70
C VAL LD 57 4.66 48.65 93.99
N ASN LD 58 4.44 47.79 93.01
CA ASN LD 58 3.13 47.73 92.39
C ASN LD 58 2.29 46.67 93.11
N ARG LD 59 1.05 46.50 92.66
CA ARG LD 59 0.12 45.63 93.34
C ARG LD 59 -0.74 44.94 92.29
N GLY LD 60 -1.02 43.67 92.53
CA GLY LD 60 -1.94 42.94 91.68
C GLY LD 60 -1.31 42.29 90.48
N SER LD 61 -1.99 42.35 89.33
CA SER LD 61 -1.53 41.69 88.13
C SER LD 61 -0.42 42.46 87.43
N ALA LD 62 -0.09 43.66 87.89
CA ALA LD 62 1.06 44.40 87.38
C ALA LD 62 2.37 43.75 87.77
N ALA LD 63 2.38 42.93 88.82
CA ALA LD 63 3.57 42.19 89.22
C ALA LD 63 3.93 41.10 88.23
N ARG LD 64 3.01 40.71 87.35
CA ARG LD 64 3.22 39.65 86.37
C ARG LD 64 3.47 40.17 84.97
N GLN LD 65 4.06 41.36 84.84
CA GLN LD 65 4.22 42.00 83.54
C GLN LD 65 5.66 41.97 83.02
N THR LD 66 6.62 41.57 83.85
CA THR LD 66 8.03 41.69 83.50
C THR LD 66 8.59 40.50 82.73
N GLU LD 67 7.70 39.70 82.12
CA GLU LD 67 7.94 38.61 81.17
C GLU LD 67 8.76 37.43 81.72
N TYR LD 68 9.19 37.49 82.98
CA TYR LD 68 9.62 36.31 83.70
C TYR LD 68 8.85 36.11 84.99
N HIS LD 69 7.84 36.93 85.25
CA HIS LD 69 6.89 36.73 86.34
C HIS LD 69 5.49 36.45 85.83
N GLN LD 70 5.37 36.04 84.56
CA GLN LD 70 4.08 36.09 83.86
C GLN LD 70 3.09 35.05 84.40
N ASN LD 71 3.56 33.84 84.65
CA ASN LD 71 2.70 32.78 85.15
C ASN LD 71 3.04 32.42 86.60
N ARG LD 72 3.64 33.36 87.31
CA ARG LD 72 4.06 33.25 88.69
C ARG LD 72 3.01 33.86 89.62
N PRO LD 73 2.70 33.20 90.73
CA PRO LD 73 1.66 33.71 91.65
C PRO LD 73 2.15 34.86 92.51
N LEU LD 74 2.36 36.01 91.88
CA LEU LD 74 2.88 37.20 92.54
C LEU LD 74 1.87 38.33 92.42
N ASP LD 75 1.63 39.01 93.53
CA ASP LD 75 0.74 40.18 93.54
C ASP LD 75 1.45 41.44 94.00
N ALA LD 76 2.77 41.41 94.12
CA ALA LD 76 3.55 42.56 94.54
C ALA LD 76 4.95 42.41 94.00
N MET LD 77 5.53 43.52 93.53
CA MET LD 77 6.83 43.48 92.88
C MET LD 77 7.49 44.85 93.00
N VAL LD 78 8.77 44.85 93.37
CA VAL LD 78 9.56 46.08 93.31
C VAL LD 78 9.84 46.39 91.84
N VAL LD 79 9.37 47.55 91.39
CA VAL LD 79 9.55 47.94 89.99
C VAL LD 79 10.65 48.99 89.83
N ALA LD 80 11.01 49.69 90.89
CA ALA LD 80 12.00 50.76 90.80
C ALA LD 80 12.63 50.95 92.17
N ILE LD 81 13.90 51.33 92.17
CA ILE LD 81 14.56 51.84 93.36
C ILE LD 81 14.49 53.35 93.29
N ILE LD 82 13.96 53.96 94.34
CA ILE LD 82 13.72 55.40 94.34
C ILE LD 82 15.05 56.14 94.46
N ASP LD 83 15.30 57.03 93.49
CA ASP LD 83 16.44 57.93 93.55
C ASP LD 83 16.08 59.22 94.28
N THR LD 84 15.00 59.88 93.87
CA THR LD 84 14.66 61.19 94.39
C THR LD 84 13.14 61.28 94.54
N VAL LD 85 12.69 61.77 95.69
CA VAL LD 85 11.31 62.18 95.90
C VAL LD 85 11.30 63.68 96.11
N THR LD 86 10.61 64.40 95.22
CA THR LD 86 10.47 65.85 95.33
C THR LD 86 9.01 66.15 95.62
N VAL LD 87 8.74 66.77 96.77
CA VAL LD 87 7.40 67.14 97.18
C VAL LD 87 7.33 68.65 97.30
N ASN LD 88 6.43 69.27 96.52
CA ASN LD 88 6.19 70.72 96.49
C ASN LD 88 7.47 71.48 96.14
N ASN LD 89 8.17 70.98 95.11
CA ASN LD 89 9.47 71.45 94.62
C ASN LD 89 10.57 71.39 95.66
N ARG LD 90 10.40 70.61 96.73
CA ARG LD 90 11.40 70.41 97.76
C ARG LD 90 11.79 68.94 97.77
N ARG LD 91 13.07 68.66 97.75
CA ARG LD 91 13.55 67.28 97.75
C ARG LD 91 13.33 66.63 99.10
N LEU LD 92 12.51 65.59 99.12
CA LEU LD 92 12.23 64.81 100.33
C LEU LD 92 13.24 63.68 100.53
N TYR LD 93 13.67 63.04 99.45
CA TYR LD 93 14.56 61.90 99.52
C TYR LD 93 15.63 62.03 98.44
N GLY LD 94 16.83 61.57 98.75
CA GLY LD 94 17.92 61.61 97.80
C GLY LD 94 18.86 62.79 98.03
N ALA MD 2 99.30 50.45 27.00
CA ALA MD 2 99.64 50.75 28.39
C ALA MD 2 99.23 49.61 29.30
N VAL MD 3 99.15 49.90 30.60
CA VAL MD 3 98.69 48.94 31.60
C VAL MD 3 97.22 48.62 31.35
N ALA MD 4 96.85 47.34 31.49
CA ALA MD 4 95.53 46.87 31.12
C ALA MD 4 94.43 47.50 31.97
N VAL MD 5 93.26 47.67 31.37
CA VAL MD 5 92.13 48.33 32.01
C VAL MD 5 90.93 47.39 31.97
N GLY MD 6 90.25 47.24 33.09
CA GLY MD 6 89.02 46.47 33.16
C GLY MD 6 87.89 47.35 33.64
N MET MD 7 86.70 47.13 33.10
CA MET MD 7 85.51 47.90 33.44
C MET MD 7 84.38 46.95 33.72
N ILE MD 8 83.64 47.21 34.81
CA ILE MD 8 82.39 46.53 35.09
C ILE MD 8 81.32 47.60 35.24
N GLU MD 9 80.31 47.56 34.37
CA GLU MD 9 79.19 48.48 34.44
C GLU MD 9 78.01 47.77 35.08
N THR MD 10 77.51 48.33 36.17
CA THR MD 10 76.35 47.77 36.86
C THR MD 10 75.22 48.79 36.87
N LEU MD 11 74.02 48.28 37.12
CA LEU MD 11 72.84 49.13 37.32
C LEU MD 11 72.61 49.23 38.82
N GLY MD 12 73.12 50.30 39.42
CA GLY MD 12 72.98 50.48 40.85
C GLY MD 12 74.29 50.67 41.58
N PHE MD 13 74.29 51.46 42.64
CA PHE MD 13 75.47 51.74 43.44
C PHE MD 13 75.86 50.64 44.44
N PRO MD 14 74.95 49.90 45.10
CA PRO MD 14 75.43 48.74 45.88
C PRO MD 14 76.03 47.63 45.03
N ALA MD 15 75.62 47.51 43.77
CA ALA MD 15 76.20 46.47 42.91
C ALA MD 15 77.57 46.90 42.40
N VAL MD 16 77.83 48.20 42.32
CA VAL MD 16 79.10 48.65 41.76
C VAL MD 16 80.16 48.71 42.84
N VAL MD 17 79.75 48.78 44.11
CA VAL MD 17 80.73 48.74 45.20
C VAL MD 17 81.14 47.30 45.47
N GLU MD 18 80.21 46.36 45.35
CA GLU MD 18 80.57 44.94 45.40
C GLU MD 18 81.40 44.55 44.18
N ALA MD 19 81.14 45.15 43.02
CA ALA MD 19 82.00 44.95 41.86
C ALA MD 19 83.39 45.50 42.10
N ALA MD 20 83.48 46.69 42.70
CA ALA MD 20 84.79 47.29 42.96
C ALA MD 20 85.51 46.56 44.09
N ASP MD 21 84.77 46.07 45.09
CA ASP MD 21 85.41 45.40 46.21
C ASP MD 21 85.90 44.01 45.85
N ALA MD 22 85.12 43.28 45.05
CA ALA MD 22 85.53 41.92 44.69
C ALA MD 22 86.64 41.92 43.65
N MET MD 23 86.78 43.01 42.90
CA MET MD 23 87.84 43.07 41.90
C MET MD 23 89.20 43.24 42.55
N VAL MD 24 89.31 44.13 43.53
CA VAL MD 24 90.60 44.36 44.16
C VAL MD 24 90.89 43.32 45.22
N LYS MD 25 89.91 42.46 45.53
CA LYS MD 25 90.15 41.36 46.45
C LYS MD 25 90.49 40.07 45.72
N ALA MD 26 90.13 39.97 44.44
CA ALA MD 26 90.39 38.75 43.69
C ALA MD 26 91.81 38.72 43.16
N ALA MD 27 92.37 39.88 42.83
CA ALA MD 27 93.67 39.94 42.18
C ALA MD 27 94.35 41.25 42.53
N ARG MD 28 95.57 41.41 42.02
CA ARG MD 28 96.41 42.58 42.30
C ARG MD 28 96.12 43.65 41.25
N VAL MD 29 94.93 44.24 41.35
CA VAL MD 29 94.53 45.34 40.49
C VAL MD 29 94.38 46.59 41.35
N THR MD 30 94.37 47.73 40.68
CA THR MD 30 94.17 49.01 41.33
C THR MD 30 92.89 49.64 40.81
N LEU MD 31 91.89 49.74 41.67
CA LEU MD 31 90.69 50.50 41.34
C LEU MD 31 91.05 51.97 41.26
N VAL MD 32 90.97 52.54 40.07
CA VAL MD 32 91.40 53.91 39.83
C VAL MD 32 90.23 54.85 39.59
N GLY MD 33 89.09 54.35 39.15
CA GLY MD 33 88.06 55.23 38.63
C GLY MD 33 86.69 54.73 38.97
N TYR MD 34 85.71 55.61 38.80
CA TYR MD 34 84.32 55.36 39.16
C TYR MD 34 83.49 56.35 38.35
N GLU MD 35 82.70 55.83 37.42
CA GLU MD 35 82.11 56.66 36.37
C GLU MD 35 80.60 56.52 36.34
N LYS MD 36 79.91 57.65 36.39
CA LYS MD 36 78.46 57.72 36.28
C LYS MD 36 78.11 58.34 34.94
N ILE MD 37 77.28 57.67 34.15
CA ILE MD 37 76.91 58.13 32.83
C ILE MD 37 75.40 58.32 32.71
N GLY MD 38 74.66 58.23 33.82
CA GLY MD 38 73.23 58.42 33.80
C GLY MD 38 72.45 57.13 33.73
N THR MD 39 71.17 57.23 34.07
CA THR MD 39 70.21 56.14 34.27
C THR MD 39 70.74 55.02 35.16
N GLY MD 40 71.49 55.36 36.19
CA GLY MD 40 71.97 54.36 37.12
C GLY MD 40 73.09 53.48 36.62
N ARG MD 41 73.54 53.66 35.38
CA ARG MD 41 74.66 52.90 34.84
C ARG MD 41 75.94 53.43 35.45
N VAL MD 42 76.54 52.65 36.34
CA VAL MD 42 77.74 53.06 37.05
C VAL MD 42 78.86 52.08 36.69
N THR MD 43 80.02 52.61 36.35
CA THR MD 43 81.16 51.82 35.94
C THR MD 43 82.33 52.07 36.87
N VAL MD 44 82.95 50.99 37.35
CA VAL MD 44 84.22 51.06 38.06
C VAL MD 44 85.32 50.58 37.13
N ILE MD 45 86.50 51.18 37.26
CA ILE MD 45 87.62 50.99 36.35
C ILE MD 45 88.82 50.55 37.17
N VAL MD 46 89.37 49.38 36.84
CA VAL MD 46 90.57 48.88 37.49
C VAL MD 46 91.71 48.86 36.49
N ARG MD 47 92.92 49.02 37.00
CA ARG MD 47 94.14 48.88 36.21
C ARG MD 47 95.01 47.79 36.81
N GLY MD 48 95.86 47.21 35.98
CA GLY MD 48 96.78 46.20 36.47
C GLY MD 48 97.28 45.35 35.33
N ASP MD 49 97.97 44.28 35.68
CA ASP MD 49 98.43 43.32 34.69
C ASP MD 49 97.24 42.55 34.11
N VAL MD 50 97.48 41.95 32.93
CA VAL MD 50 96.39 41.33 32.18
C VAL MD 50 95.87 40.08 32.89
N SER MD 51 96.77 39.34 33.54
CA SER MD 51 96.35 38.20 34.35
C SER MD 51 95.53 38.62 35.55
N GLU MD 52 95.85 39.78 36.14
CA GLU MD 52 95.10 40.27 37.28
C GLU MD 52 93.75 40.84 36.87
N VAL MD 53 93.72 41.58 35.77
CA VAL MD 53 92.49 42.24 35.34
C VAL MD 53 91.49 41.23 34.82
N GLN MD 54 91.96 40.19 34.11
CA GLN MD 54 91.07 39.12 33.67
C GLN MD 54 90.51 38.34 34.84
N ALA MD 55 91.30 38.15 35.89
CA ALA MD 55 90.81 37.43 37.07
C ALA MD 55 89.86 38.29 37.89
N SER MD 56 90.14 39.59 37.96
CA SER MD 56 89.31 40.48 38.77
C SER MD 56 87.96 40.73 38.15
N VAL MD 57 87.93 40.98 36.83
CA VAL MD 57 86.67 41.30 36.15
C VAL MD 57 85.77 40.07 36.09
N SER MD 58 86.36 38.89 35.91
CA SER MD 58 85.57 37.66 35.90
C SER MD 58 85.04 37.32 37.29
N ALA MD 59 85.80 37.63 38.33
CA ALA MD 59 85.31 37.39 39.69
C ALA MD 59 84.42 38.52 40.17
N GLY MD 60 84.67 39.74 39.68
CA GLY MD 60 83.79 40.84 40.01
C GLY MD 60 82.43 40.74 39.36
N THR MD 61 82.34 40.04 38.24
CA THR MD 61 81.05 39.85 37.56
C THR MD 61 80.18 38.87 38.34
N GLU MD 62 80.77 37.78 38.83
CA GLU MD 62 80.00 36.77 39.54
C GLU MD 62 79.58 37.24 40.92
N SER MD 63 80.29 38.22 41.49
CA SER MD 63 79.93 38.70 42.82
C SER MD 63 78.74 39.63 42.78
N VAL MD 64 78.51 40.33 41.67
CA VAL MD 64 77.36 41.21 41.53
C VAL MD 64 76.05 40.43 41.50
N LYS MD 65 76.05 39.24 40.91
CA LYS MD 65 74.86 38.38 40.96
C LYS MD 65 74.84 37.53 42.23
N ARG MD 66 75.11 38.19 43.35
CA ARG MD 66 74.92 37.67 44.71
C ARG MD 66 74.40 38.83 45.54
N VAL MD 67 74.20 39.97 44.88
CA VAL MD 67 73.61 41.16 45.46
C VAL MD 67 72.15 41.23 45.01
N ASN MD 68 71.25 41.48 45.95
CA ASN MD 68 69.84 41.63 45.59
C ASN MD 68 69.63 42.98 44.91
N GLY MD 69 68.99 42.95 43.75
CA GLY MD 69 68.85 44.16 42.97
C GLY MD 69 70.07 44.52 42.17
N GLY MD 70 71.07 43.64 42.11
CA GLY MD 70 72.30 43.88 41.40
C GLY MD 70 72.24 43.26 40.01
N GLN MD 71 72.74 44.01 39.02
CA GLN MD 71 72.70 43.59 37.63
C GLN MD 71 73.94 44.10 36.91
N VAL MD 72 74.67 43.19 36.28
CA VAL MD 72 75.82 43.56 35.45
C VAL MD 72 75.27 43.96 34.09
N LEU MD 73 75.56 45.20 33.68
CA LEU MD 73 75.13 45.64 32.36
C LEU MD 73 76.18 45.32 31.31
N SER MD 74 77.43 45.62 31.59
CA SER MD 74 78.48 45.48 30.60
C SER MD 74 79.83 45.33 31.29
N THR MD 75 80.63 44.37 30.81
CA THR MD 75 81.97 44.17 31.30
C THR MD 75 82.92 44.13 30.12
N HIS MD 76 84.14 44.62 30.32
CA HIS MD 76 85.15 44.58 29.27
C HIS MD 76 86.53 44.66 29.88
N ILE MD 77 87.48 44.04 29.18
CA ILE MD 77 88.91 44.11 29.49
C ILE MD 77 89.64 44.54 28.23
N ILE MD 78 90.42 45.62 28.33
CA ILE MD 78 91.35 46.01 27.27
C ILE MD 78 92.75 45.72 27.79
N ALA MD 79 93.42 44.75 27.16
CA ALA MD 79 94.69 44.25 27.69
C ALA MD 79 95.82 45.23 27.47
N ARG MD 80 95.72 46.06 26.44
CA ARG MD 80 96.78 47.01 26.09
C ARG MD 80 96.12 48.25 25.52
N PRO MD 81 95.65 49.15 26.36
CA PRO MD 81 95.03 50.37 25.85
C PRO MD 81 96.07 51.33 25.30
N HIS MD 82 95.66 52.10 24.30
CA HIS MD 82 96.50 53.11 23.72
C HIS MD 82 96.77 54.22 24.73
N GLU MD 83 97.93 54.86 24.58
CA GLU MD 83 98.30 55.95 25.49
C GLU MD 83 97.50 57.23 25.24
N ASN MD 84 96.74 57.29 24.14
CA ASN MD 84 95.80 58.37 23.93
C ASN MD 84 94.62 58.32 24.90
N LEU MD 85 94.28 57.12 25.38
CA LEU MD 85 93.01 56.93 26.10
C LEU MD 85 93.07 57.45 27.53
N GLU MD 86 94.25 57.47 28.15
CA GLU MD 86 94.33 57.91 29.54
C GLU MD 86 94.16 59.42 29.67
N TYR MD 87 94.43 60.16 28.60
CA TYR MD 87 94.32 61.61 28.67
C TYR MD 87 92.89 62.07 28.41
N VAL MD 88 92.09 61.24 27.75
CA VAL MD 88 90.73 61.63 27.41
C VAL MD 88 89.72 60.93 28.31
N LEU MD 89 89.87 59.65 28.49
CA LEU MD 89 88.94 58.89 29.29
C LEU MD 89 89.41 58.82 30.75
N PRO MD 90 88.48 58.76 31.70
CA PRO MD 90 88.87 58.68 33.12
C PRO MD 90 89.26 57.27 33.56
N ILE MD 91 90.30 56.72 32.93
CA ILE MD 91 90.83 55.41 33.26
C ILE MD 91 92.26 55.47 33.77
N ARG MD 92 92.79 56.67 34.01
CA ARG MD 92 94.18 56.81 34.37
C ARG MD 92 94.37 56.74 35.88
N TYR MD 93 95.61 56.52 36.28
CA TYR MD 93 95.98 56.51 37.68
C TYR MD 93 95.94 57.93 38.25
N THR MD 94 95.17 58.11 39.30
CA THR MD 94 95.18 59.39 40.02
C THR MD 94 96.15 59.31 41.19
N GLU MD 95 96.35 60.46 41.85
CA GLU MD 95 97.39 60.53 42.86
C GLU MD 95 96.94 59.92 44.20
N GLU MD 96 95.63 59.72 44.37
CA GLU MD 96 95.16 59.08 45.60
C GLU MD 96 95.28 57.56 45.53
N VAL MD 97 95.43 57.02 44.33
CA VAL MD 97 95.54 55.57 44.15
C VAL MD 97 96.95 55.15 43.75
N GLU MD 98 97.95 56.03 43.93
CA GLU MD 98 99.31 55.68 43.60
C GLU MD 98 99.94 54.72 44.61
N GLN MD 99 99.37 54.61 45.80
CA GLN MD 99 99.91 53.68 46.79
C GLN MD 99 99.53 52.24 46.49
N PHE MD 100 98.49 52.03 45.69
CA PHE MD 100 98.01 50.68 45.38
C PHE MD 100 98.56 50.13 44.07
N ARG MD 101 99.33 50.92 43.32
CA ARG MD 101 99.86 50.45 42.05
C ARG MD 101 101.00 49.46 42.24
N ALA ND 2 88.04 72.48 9.14
CA ALA ND 2 89.16 71.90 9.87
C ALA ND 2 89.37 70.45 9.45
N VAL ND 3 90.19 69.72 10.23
CA VAL ND 3 90.42 68.32 9.94
C VAL ND 3 89.21 67.52 10.43
N ALA ND 4 89.04 66.31 9.91
CA ALA ND 4 87.76 65.62 9.99
C ALA ND 4 87.43 65.15 11.41
N VAL ND 5 86.14 64.98 11.67
CA VAL ND 5 85.61 64.59 12.98
C VAL ND 5 84.93 63.24 12.82
N GLY ND 6 85.23 62.31 13.71
CA GLY ND 6 84.46 61.08 13.81
C GLY ND 6 83.91 60.92 15.21
N MET ND 7 82.64 60.53 15.28
CA MET ND 7 81.95 60.35 16.55
C MET ND 7 81.29 58.98 16.56
N ILE ND 8 81.48 58.24 17.66
CA ILE ND 8 80.74 57.01 17.92
C ILE ND 8 80.01 57.20 19.23
N GLU ND 9 78.69 57.09 19.20
CA GLU ND 9 77.88 57.14 20.41
C GLU ND 9 77.45 55.74 20.79
N THR ND 10 77.78 55.33 22.01
CA THR ND 10 77.42 54.03 22.52
C THR ND 10 76.54 54.17 23.75
N LEU ND 11 75.84 53.08 24.06
CA LEU ND 11 75.06 52.96 25.28
C LEU ND 11 75.93 52.20 26.28
N GLY ND 12 76.60 52.93 27.16
CA GLY ND 12 77.46 52.29 28.14
C GLY ND 12 78.90 52.72 28.06
N PHE ND 13 79.56 52.79 29.20
CA PHE ND 13 80.96 53.18 29.29
C PHE ND 13 81.97 52.09 28.92
N PRO ND 14 81.79 50.78 29.21
CA PRO ND 14 82.74 49.81 28.64
C PRO ND 14 82.69 49.70 27.14
N ALA ND 15 81.56 50.04 26.51
CA ALA ND 15 81.49 49.99 25.05
C ALA ND 15 82.18 51.20 24.42
N VAL ND 16 82.29 52.31 25.16
CA VAL ND 16 82.84 53.52 24.57
C VAL ND 16 84.35 53.55 24.71
N VAL ND 17 84.91 52.75 25.62
CA VAL ND 17 86.36 52.69 25.77
C VAL ND 17 86.94 51.67 24.79
N GLU ND 18 86.19 50.61 24.51
CA GLU ND 18 86.60 49.67 23.47
C GLU ND 18 86.44 50.29 22.09
N ALA ND 19 85.43 51.13 21.90
CA ALA ND 19 85.29 51.86 20.65
C ALA ND 19 86.41 52.87 20.47
N ALA ND 20 86.79 53.55 21.56
CA ALA ND 20 87.87 54.54 21.47
C ALA ND 20 89.22 53.86 21.29
N ASP ND 21 89.41 52.70 21.88
CA ASP ND 21 90.69 52.00 21.75
C ASP ND 21 90.81 51.35 20.37
N ALA ND 22 89.70 50.91 19.79
CA ALA ND 22 89.75 50.36 18.44
C ALA ND 22 89.98 51.45 17.40
N MET ND 23 89.55 52.68 17.69
CA MET ND 23 89.66 53.74 16.70
C MET ND 23 91.10 54.22 16.55
N VAL ND 24 91.79 54.43 17.66
CA VAL ND 24 93.13 54.99 17.57
C VAL ND 24 94.16 53.92 17.22
N LYS ND 25 93.76 52.65 17.26
CA LYS ND 25 94.64 51.59 16.80
C LYS ND 25 94.45 51.29 15.32
N ALA ND 26 93.25 51.53 14.81
CA ALA ND 26 92.95 51.16 13.43
C ALA ND 26 93.54 52.14 12.44
N ALA ND 27 93.67 53.41 12.82
CA ALA ND 27 94.12 54.42 11.88
C ALA ND 27 94.83 55.54 12.63
N ARG ND 28 95.29 56.54 11.87
CA ARG ND 28 96.05 57.66 12.41
C ARG ND 28 95.10 58.78 12.81
N VAL ND 29 94.24 58.47 13.77
CA VAL ND 29 93.32 59.44 14.33
C VAL ND 29 93.76 59.76 15.75
N THR ND 30 93.32 60.90 16.24
CA THR ND 30 93.57 61.32 17.62
C THR ND 30 92.25 61.39 18.35
N LEU ND 31 92.11 60.56 19.38
CA LEU ND 31 90.99 60.70 20.31
C LEU ND 31 91.15 61.99 21.08
N VAL ND 32 90.25 62.94 20.88
CA VAL ND 32 90.35 64.24 21.51
C VAL ND 32 89.25 64.50 22.52
N GLY ND 33 88.14 63.77 22.46
CA GLY ND 33 86.95 64.18 23.18
C GLY ND 33 86.21 62.99 23.73
N TYR ND 34 85.37 63.27 24.72
CA TYR ND 34 84.60 62.26 25.42
C TYR ND 34 83.43 62.98 26.06
N GLU ND 35 82.22 62.65 25.63
CA GLU ND 35 81.05 63.45 25.96
C GLU ND 35 79.94 62.58 26.53
N LYS ND 36 79.38 63.02 27.64
CA LYS ND 36 78.22 62.40 28.27
C LYS ND 36 77.03 63.33 28.13
N ILE ND 37 75.92 62.81 27.61
CA ILE ND 37 74.72 63.61 27.37
C ILE ND 37 73.52 63.05 28.11
N GLY ND 38 73.69 62.00 28.90
CA GLY ND 38 72.61 61.43 29.66
C GLY ND 38 72.03 60.16 29.05
N THR ND 39 71.24 59.47 29.87
CA THR ND 39 70.69 58.13 29.61
C THR ND 39 71.73 57.12 29.14
N GLY ND 40 72.96 57.20 29.63
CA GLY ND 40 73.98 56.27 29.22
C GLY ND 40 74.51 56.49 27.82
N ARG ND 41 74.11 57.56 27.14
CA ARG ND 41 74.60 57.85 25.80
C ARG ND 41 75.94 58.56 25.92
N VAL ND 42 77.01 57.84 25.59
CA VAL ND 42 78.37 58.34 25.73
C VAL ND 42 78.99 58.38 24.34
N THR ND 43 79.68 59.49 24.04
CA THR ND 43 80.25 59.74 22.73
C THR ND 43 81.75 59.99 22.87
N VAL ND 44 82.54 59.32 22.05
CA VAL ND 44 83.97 59.62 21.90
C VAL ND 44 84.19 60.24 20.53
N ILE ND 45 85.12 61.19 20.47
CA ILE ND 45 85.35 62.01 19.30
C ILE ND 45 86.79 61.84 18.87
N VAL ND 46 87.01 61.46 17.60
CA VAL ND 46 88.35 61.35 17.04
C VAL ND 46 88.54 62.43 15.97
N ARG ND 47 89.79 62.83 15.79
CA ARG ND 47 90.16 63.78 14.75
C ARG ND 47 91.28 63.19 13.90
N GLY ND 48 91.16 63.41 12.60
CA GLY ND 48 92.21 62.98 11.68
C GLY ND 48 91.78 63.27 10.27
N ASP ND 49 92.55 62.75 9.32
CA ASP ND 49 92.14 62.83 7.92
C ASP ND 49 90.90 61.97 7.69
N VAL ND 50 90.13 62.35 6.67
CA VAL ND 50 88.81 61.76 6.45
C VAL ND 50 88.90 60.27 6.11
N SER ND 51 89.97 59.84 5.43
CA SER ND 51 90.16 58.42 5.18
C SER ND 51 90.54 57.68 6.45
N GLU ND 52 91.35 58.32 7.31
CA GLU ND 52 91.70 57.71 8.58
C GLU ND 52 90.52 57.72 9.54
N VAL ND 53 89.70 58.77 9.49
CA VAL ND 53 88.54 58.84 10.37
C VAL ND 53 87.48 57.83 9.93
N GLN ND 54 87.32 57.63 8.62
CA GLN ND 54 86.40 56.62 8.11
C GLN ND 54 86.86 55.21 8.45
N ALA ND 55 88.17 54.97 8.41
CA ALA ND 55 88.69 53.65 8.73
C ALA ND 55 88.60 53.36 10.22
N SER ND 56 88.69 54.41 11.04
CA SER ND 56 88.66 54.20 12.49
C SER ND 56 87.23 54.04 13.01
N VAL ND 57 86.32 54.89 12.53
CA VAL ND 57 84.94 54.91 13.03
C VAL ND 57 84.21 53.61 12.66
N SER ND 58 84.51 53.07 11.47
CA SER ND 58 83.94 51.79 11.09
C SER ND 58 84.56 50.66 11.91
N ALA ND 59 85.83 50.78 12.27
CA ALA ND 59 86.48 49.73 13.06
C ALA ND 59 86.10 49.84 14.53
N GLY ND 60 85.80 51.05 15.00
CA GLY ND 60 85.32 51.21 16.36
C GLY ND 60 83.90 50.73 16.54
N THR ND 61 83.13 50.68 15.46
CA THR ND 61 81.76 50.18 15.53
C THR ND 61 81.73 48.66 15.66
N GLU ND 62 82.63 47.97 14.97
CA GLU ND 62 82.65 46.51 15.02
C GLU ND 62 83.17 45.99 16.34
N SER ND 63 84.01 46.77 17.03
CA SER ND 63 84.60 46.31 18.28
C SER ND 63 83.65 46.40 19.46
N VAL ND 64 82.55 47.15 19.32
CA VAL ND 64 81.54 47.19 20.37
C VAL ND 64 80.79 45.86 20.44
N LYS ND 65 80.74 45.12 19.33
CA LYS ND 65 80.16 43.78 19.33
C LYS ND 65 80.98 42.80 20.16
N ARG ND 66 82.27 43.08 20.37
CA ARG ND 66 83.07 42.29 21.31
C ARG ND 66 82.59 42.49 22.73
N VAL ND 67 82.11 43.69 23.07
CA VAL ND 67 81.65 43.98 24.41
C VAL ND 67 80.26 43.40 24.61
N ASN ND 68 80.09 42.64 25.69
CA ASN ND 68 78.76 42.17 26.08
C ASN ND 68 78.00 43.31 26.74
N GLY ND 69 76.76 43.52 26.32
CA GLY ND 69 76.01 44.64 26.84
C GLY ND 69 76.37 45.97 26.24
N GLY ND 70 77.17 45.97 25.17
CA GLY ND 70 77.55 47.18 24.47
C GLY ND 70 76.74 47.33 23.18
N GLN ND 71 76.39 48.57 22.88
CA GLN ND 71 75.52 48.87 21.74
C GLN ND 71 75.86 50.23 21.17
N VAL ND 72 76.15 50.28 19.88
CA VAL ND 72 76.41 51.53 19.19
C VAL ND 72 75.06 52.18 18.88
N LEU ND 73 74.88 53.41 19.36
CA LEU ND 73 73.63 54.12 19.10
C LEU ND 73 73.71 54.93 17.82
N SER ND 74 74.79 55.68 17.63
CA SER ND 74 74.90 56.56 16.48
C SER ND 74 76.37 56.78 16.15
N THR ND 75 76.68 56.73 14.86
CA THR ND 75 78.00 57.09 14.37
C THR ND 75 77.83 58.16 13.31
N HIS ND 76 78.82 59.05 13.23
CA HIS ND 76 78.84 60.05 12.17
C HIS ND 76 80.27 60.52 11.92
N ILE ND 77 80.52 60.90 10.67
CA ILE ND 77 81.81 61.41 10.23
C ILE ND 77 81.56 62.72 9.50
N ILE ND 78 82.20 63.79 9.94
CA ILE ND 78 82.17 65.08 9.27
C ILE ND 78 83.55 65.31 8.66
N ALA ND 79 83.61 65.36 7.32
CA ALA ND 79 84.88 65.38 6.62
C ALA ND 79 85.60 66.72 6.77
N ARG ND 80 84.84 67.81 6.83
CA ARG ND 80 85.42 69.15 6.92
C ARG ND 80 84.52 69.98 7.81
N PRO ND 81 84.71 69.92 9.12
CA PRO ND 81 83.88 70.74 10.02
C PRO ND 81 84.26 72.19 9.93
N HIS ND 82 83.26 73.03 10.18
CA HIS ND 82 83.48 74.47 10.23
C HIS ND 82 84.33 74.84 11.43
N GLU ND 83 85.01 75.98 11.34
CA GLU ND 83 85.87 76.44 12.41
C GLU ND 83 85.09 76.90 13.63
N ASN ND 84 83.79 77.16 13.48
CA ASN ND 84 82.94 77.55 14.60
C ASN ND 84 82.71 76.40 15.56
N LEU ND 85 82.82 75.16 15.08
CA LEU ND 85 82.40 74.02 15.87
C LEU ND 85 83.42 73.65 16.95
N GLU ND 86 84.68 74.02 16.78
CA GLU ND 86 85.69 73.63 17.76
C GLU ND 86 85.69 74.55 18.96
N TYR ND 87 85.05 75.72 18.84
CA TYR ND 87 85.02 76.64 19.98
C TYR ND 87 83.77 76.45 20.81
N VAL ND 88 82.78 75.73 20.28
CA VAL ND 88 81.55 75.48 21.04
C VAL ND 88 81.49 74.02 21.46
N LEU ND 89 81.59 73.13 20.52
CA LEU ND 89 81.47 71.71 20.78
C LEU ND 89 82.81 71.12 21.20
N PRO ND 90 82.82 70.08 22.06
CA PRO ND 90 84.09 69.46 22.49
C PRO ND 90 84.65 68.50 21.46
N ILE ND 91 84.97 69.03 20.27
CA ILE ND 91 85.62 68.27 19.21
C ILE ND 91 87.02 68.79 18.93
N ARG ND 92 87.55 69.69 19.76
CA ARG ND 92 88.80 70.34 19.44
C ARG ND 92 89.98 69.60 20.06
N TYR ND 93 91.16 69.90 19.53
CA TYR ND 93 92.39 69.39 20.12
C TYR ND 93 92.70 70.14 21.40
N THR ND 94 92.78 69.41 22.50
CA THR ND 94 93.25 69.98 23.75
C THR ND 94 94.76 69.89 23.84
N GLU ND 95 95.32 70.52 24.87
CA GLU ND 95 96.77 70.56 25.02
C GLU ND 95 97.31 69.19 25.47
N GLU ND 96 96.48 68.39 26.12
CA GLU ND 96 96.90 67.08 26.62
C GLU ND 96 97.06 66.08 25.48
N VAL ND 97 96.35 66.29 24.37
CA VAL ND 97 96.37 65.33 23.26
C VAL ND 97 97.23 65.84 22.09
N GLU ND 98 98.07 66.84 22.32
CA GLU ND 98 98.91 67.36 21.25
C GLU ND 98 100.06 66.42 20.90
N GLN ND 99 100.41 65.49 21.80
CA GLN ND 99 101.48 64.54 21.51
C GLN ND 99 101.02 63.44 20.57
N PHE ND 100 99.71 63.27 20.38
CA PHE ND 100 99.17 62.21 19.55
C PHE ND 100 98.69 62.70 18.19
N ARG ND 101 98.79 64.00 17.92
CA ARG ND 101 98.31 64.55 16.65
C ARG ND 101 99.26 64.23 15.51
N ALA OD 2 108.73 28.18 27.73
CA ALA OD 2 108.83 29.31 28.64
C ALA OD 2 107.78 30.35 28.31
N VAL OD 3 107.97 31.03 27.17
CA VAL OD 3 106.99 31.97 26.66
C VAL OD 3 105.85 31.20 26.02
N ALA OD 4 104.61 31.58 26.34
CA ALA OD 4 103.43 30.88 25.85
C ALA OD 4 103.28 31.02 24.35
N VAL OD 5 102.48 30.14 23.76
CA VAL OD 5 102.25 30.10 22.32
C VAL OD 5 100.74 30.04 22.07
N GLY OD 6 100.27 30.86 21.16
CA GLY OD 6 98.88 30.82 20.74
C GLY OD 6 98.78 30.78 19.23
N MET OD 7 97.78 30.04 18.75
CA MET OD 7 97.60 29.82 17.33
C MET OD 7 96.15 30.11 16.96
N ILE OD 8 95.96 30.79 15.84
CA ILE OD 8 94.64 30.95 15.23
C ILE OD 8 94.74 30.41 13.81
N GLU OD 9 93.95 29.40 13.50
CA GLU OD 9 93.87 28.87 12.15
C GLU OD 9 92.62 29.40 11.46
N THR OD 10 92.82 30.10 10.35
CA THR OD 10 91.72 30.62 9.56
C THR OD 10 91.70 29.94 8.21
N LEU OD 11 90.54 30.01 7.55
CA LEU OD 11 90.39 29.57 6.17
C LEU OD 11 90.54 30.81 5.30
N GLY OD 12 91.71 30.95 4.68
CA GLY OD 12 91.97 32.11 3.85
C GLY OD 12 93.04 33.02 4.37
N PHE OD 13 93.79 33.63 3.46
CA PHE OD 13 94.87 34.55 3.80
C PHE OD 13 94.43 35.96 4.23
N PRO OD 14 93.40 36.60 3.65
CA PRO OD 14 92.96 37.88 4.25
C PRO OD 14 92.41 37.75 5.66
N ALA OD 15 91.87 36.60 6.03
CA ALA OD 15 91.37 36.44 7.39
C ALA OD 15 92.50 36.20 8.37
N VAL OD 16 93.64 35.69 7.90
CA VAL OD 16 94.72 35.36 8.82
C VAL OD 16 95.62 36.57 9.04
N VAL OD 17 95.53 37.57 8.17
CA VAL OD 17 96.27 38.82 8.38
C VAL OD 17 95.49 39.74 9.31
N GLU OD 18 94.16 39.73 9.19
CA GLU OD 18 93.32 40.47 10.13
C GLU OD 18 93.37 39.83 11.52
N ALA OD 19 93.48 38.50 11.58
CA ALA OD 19 93.68 37.83 12.85
C ALA OD 19 95.04 38.17 13.45
N ALA OD 20 96.09 38.18 12.63
CA ALA OD 20 97.42 38.48 13.13
C ALA OD 20 97.56 39.94 13.51
N ASP OD 21 96.86 40.84 12.80
CA ASP OD 21 96.93 42.26 13.14
C ASP OD 21 96.15 42.56 14.42
N ALA OD 22 95.07 41.83 14.68
CA ALA OD 22 94.30 42.07 15.88
C ALA OD 22 94.96 41.43 17.10
N MET OD 23 95.85 40.45 16.88
CA MET OD 23 96.49 39.79 18.01
C MET OD 23 97.59 40.66 18.60
N VAL OD 24 98.42 41.26 17.74
CA VAL OD 24 99.55 42.03 18.26
C VAL OD 24 99.13 43.43 18.66
N LYS OD 25 97.92 43.84 18.27
CA LYS OD 25 97.41 45.13 18.74
C LYS OD 25 96.70 44.99 20.08
N ALA OD 26 96.12 43.81 20.35
CA ALA OD 26 95.32 43.65 21.56
C ALA OD 26 96.19 43.50 22.80
N ALA OD 27 97.32 42.81 22.70
CA ALA OD 27 98.15 42.54 23.86
C ALA OD 27 99.62 42.52 23.45
N ARG OD 28 100.48 42.29 24.45
CA ARG OD 28 101.92 42.28 24.26
C ARG OD 28 102.38 40.89 23.85
N VAL OD 29 102.01 40.51 22.63
CA VAL OD 29 102.46 39.26 22.03
C VAL OD 29 103.29 39.59 20.82
N THR OD 30 104.12 38.63 20.42
CA THR OD 30 104.94 38.74 19.23
C THR OD 30 104.46 37.71 18.22
N LEU OD 31 103.97 38.18 17.08
CA LEU OD 31 103.71 37.31 15.95
C LEU OD 31 105.04 36.79 15.43
N VAL OD 32 105.27 35.49 15.56
CA VAL OD 32 106.54 34.90 15.18
C VAL OD 32 106.42 33.97 13.99
N GLY OD 33 105.24 33.49 13.67
CA GLY OD 33 105.12 32.37 12.75
C GLY OD 33 103.93 32.49 11.86
N TYR OD 34 103.91 31.68 10.81
CA TYR OD 34 102.93 31.73 9.75
C TYR OD 34 103.00 30.41 9.02
N GLU OD 35 101.93 29.62 9.09
CA GLU OD 35 101.99 28.23 8.67
C GLU OD 35 100.84 27.89 7.74
N LYS OD 36 101.16 27.22 6.64
CA LYS OD 36 100.19 26.73 5.68
C LYS OD 36 100.28 25.21 5.65
N ILE OD 37 99.14 24.55 5.81
CA ILE OD 37 99.07 23.10 5.85
C ILE OD 37 98.21 22.52 4.73
N GLY OD 38 97.69 23.38 3.85
CA GLY OD 38 96.84 22.93 2.78
C GLY OD 38 95.36 23.15 3.07
N THR OD 39 94.55 22.94 2.02
CA THR OD 39 93.13 23.28 1.93
C THR OD 39 92.81 24.69 2.41
N GLY OD 40 93.69 25.65 2.15
CA GLY OD 40 93.45 27.02 2.57
C GLY OD 40 93.56 27.27 4.05
N ARG OD 41 93.95 26.28 4.84
CA ARG OD 41 94.04 26.41 6.28
C ARG OD 41 95.37 27.07 6.63
N VAL OD 42 95.30 28.31 7.12
CA VAL OD 42 96.47 29.12 7.39
C VAL OD 42 96.49 29.47 8.86
N THR OD 43 97.65 29.31 9.50
CA THR OD 43 97.79 29.47 10.94
C THR OD 43 98.85 30.52 11.24
N VAL OD 44 98.52 31.48 12.11
CA VAL OD 44 99.50 32.42 12.65
C VAL OD 44 99.78 32.08 14.09
N ILE OD 45 101.03 32.26 14.50
CA ILE OD 45 101.53 31.85 15.81
C ILE OD 45 102.03 33.10 16.53
N VAL OD 46 101.51 33.34 17.72
CA VAL OD 46 101.97 34.44 18.56
C VAL OD 46 102.68 33.88 19.78
N ARG OD 47 103.63 34.64 20.31
CA ARG OD 47 104.33 34.31 21.53
C ARG OD 47 104.22 35.46 22.52
N GLY OD 48 103.86 35.14 23.75
CA GLY OD 48 103.85 36.13 24.80
C GLY OD 48 103.62 35.45 26.13
N ASP OD 49 103.23 36.25 27.12
CA ASP OD 49 102.73 35.68 28.36
C ASP OD 49 101.37 35.03 28.09
N VAL OD 50 101.00 34.08 28.95
CA VAL OD 50 99.77 33.31 28.73
C VAL OD 50 98.52 34.18 28.86
N SER OD 51 98.57 35.21 29.70
CA SER OD 51 97.46 36.15 29.81
C SER OD 51 97.38 37.05 28.59
N GLU OD 52 98.53 37.42 28.03
CA GLU OD 52 98.54 38.25 26.83
C GLU OD 52 98.16 37.43 25.60
N VAL OD 53 98.56 36.17 25.57
CA VAL OD 53 98.20 35.29 24.46
C VAL OD 53 96.70 35.00 24.49
N GLN OD 54 96.12 34.88 25.69
CA GLN OD 54 94.68 34.64 25.81
C GLN OD 54 93.87 35.85 25.37
N ALA OD 55 94.38 37.05 25.62
CA ALA OD 55 93.68 38.25 25.20
C ALA OD 55 93.85 38.47 23.69
N SER OD 56 94.97 38.00 23.14
CA SER OD 56 95.20 38.16 21.70
C SER OD 56 94.40 37.17 20.89
N VAL OD 57 94.38 35.90 21.30
CA VAL OD 57 93.71 34.85 20.54
C VAL OD 57 92.20 35.06 20.56
N SER OD 58 91.67 35.58 21.67
CA SER OD 58 90.25 35.91 21.71
C SER OD 58 89.93 37.09 20.82
N ALA OD 59 90.76 38.15 20.88
CA ALA OD 59 90.49 39.34 20.07
C ALA OD 59 90.77 39.09 18.60
N GLY OD 60 91.71 38.19 18.30
CA GLY OD 60 91.94 37.81 16.92
C GLY OD 60 90.83 36.93 16.36
N THR OD 61 90.06 36.31 17.23
CA THR OD 61 88.96 35.45 16.77
C THR OD 61 87.76 36.26 16.32
N GLU OD 62 87.38 37.30 17.07
CA GLU OD 62 86.22 38.08 16.67
C GLU OD 62 86.54 39.04 15.52
N SER OD 63 87.81 39.31 15.26
CA SER OD 63 88.17 40.18 14.15
C SER OD 63 88.07 39.47 12.80
N VAL OD 64 88.06 38.14 12.79
CA VAL OD 64 87.87 37.42 11.53
C VAL OD 64 86.42 37.51 11.09
N LYS OD 65 85.49 37.69 12.04
CA LYS OD 65 84.07 37.82 11.73
C LYS OD 65 83.76 39.07 10.92
N ARG OD 66 84.60 40.10 10.99
CA ARG OD 66 84.44 41.27 10.14
C ARG OD 66 85.00 41.07 8.74
N VAL OD 67 85.78 40.03 8.51
CA VAL OD 67 86.25 39.69 7.17
C VAL OD 67 85.19 38.81 6.52
N ASN OD 68 84.68 39.23 5.36
CA ASN OD 68 83.74 38.45 4.59
C ASN OD 68 84.50 37.49 3.69
N GLY OD 69 84.32 36.20 3.89
CA GLY OD 69 85.02 35.18 3.14
C GLY OD 69 86.04 34.40 3.94
N GLY OD 70 86.24 34.74 5.23
CA GLY OD 70 87.15 34.01 6.07
C GLY OD 70 86.48 33.63 7.38
N GLN OD 71 86.93 32.51 7.92
CA GLN OD 71 86.37 31.99 9.16
C GLN OD 71 87.47 31.35 9.99
N VAL OD 72 87.30 31.41 11.30
CA VAL OD 72 88.24 30.78 12.23
C VAL OD 72 87.94 29.29 12.26
N LEU OD 73 88.96 28.48 11.96
CA LEU OD 73 88.78 27.04 11.98
C LEU OD 73 89.13 26.46 13.35
N SER OD 74 90.25 26.90 13.92
CA SER OD 74 90.70 26.34 15.19
C SER OD 74 91.61 27.36 15.87
N THR OD 75 91.45 27.48 17.19
CA THR OD 75 92.33 28.26 18.03
C THR OD 75 92.82 27.40 19.18
N HIS OD 76 94.05 27.68 19.63
CA HIS OD 76 94.58 26.99 20.80
C HIS OD 76 95.64 27.87 21.45
N ILE OD 77 95.79 27.67 22.76
CA ILE OD 77 96.75 28.39 23.59
C ILE OD 77 97.45 27.36 24.47
N ILE OD 78 98.78 27.39 24.48
CA ILE OD 78 99.58 26.55 25.35
C ILE OD 78 100.36 27.47 26.29
N ALA OD 79 100.19 27.26 27.61
CA ALA OD 79 100.69 28.20 28.61
C ALA OD 79 102.21 28.18 28.67
N ARG OD 80 102.82 27.03 28.46
CA ARG OD 80 104.28 26.89 28.43
C ARG OD 80 104.60 25.67 27.59
N PRO OD 81 104.96 25.85 26.32
CA PRO OD 81 105.31 24.70 25.48
C PRO OD 81 106.60 24.05 25.92
N HIS OD 82 106.68 22.75 25.64
CA HIS OD 82 107.90 22.00 25.88
C HIS OD 82 109.00 22.49 24.96
N GLU OD 83 110.25 22.35 25.40
CA GLU OD 83 111.38 22.86 24.61
C GLU OD 83 111.64 21.99 23.38
N ASN OD 84 111.03 20.80 23.31
CA ASN OD 84 111.09 19.99 22.11
C ASN OD 84 110.34 20.62 20.95
N LEU OD 85 109.31 21.41 21.24
CA LEU OD 85 108.43 21.91 20.19
C LEU OD 85 109.05 23.04 19.38
N GLU OD 86 110.03 23.75 19.94
CA GLU OD 86 110.64 24.85 19.20
C GLU OD 86 111.53 24.34 18.07
N TYR OD 87 112.10 23.15 18.22
CA TYR OD 87 113.02 22.64 17.21
C TYR OD 87 112.28 21.91 16.10
N VAL OD 88 111.09 21.40 16.38
CA VAL OD 88 110.36 20.64 15.37
C VAL OD 88 109.29 21.50 14.72
N LEU OD 89 108.48 22.15 15.52
CA LEU OD 89 107.37 22.97 15.06
C LEU OD 89 107.81 24.42 14.90
N PRO OD 90 107.28 25.13 13.90
CA PRO OD 90 107.69 26.53 13.67
C PRO OD 90 106.99 27.53 14.59
N ILE OD 91 107.23 27.38 15.89
CA ILE OD 91 106.68 28.28 16.90
C ILE OD 91 107.76 29.07 17.61
N ARG OD 92 109.01 28.97 17.18
CA ARG OD 92 110.10 29.60 17.89
C ARG OD 92 110.27 31.05 17.43
N TYR OD 93 110.93 31.83 18.28
CA TYR OD 93 111.29 33.19 17.93
C TYR OD 93 112.37 33.19 16.86
N THR OD 94 112.09 33.83 15.73
CA THR OD 94 113.12 34.04 14.74
C THR OD 94 113.85 35.34 15.02
N GLU OD 95 115.02 35.50 14.39
CA GLU OD 95 115.84 36.68 14.64
C GLU OD 95 115.31 37.90 13.90
N GLU OD 96 114.37 37.71 12.98
CA GLU OD 96 113.76 38.86 12.30
C GLU OD 96 112.74 39.55 13.20
N VAL OD 97 112.19 38.83 14.18
CA VAL OD 97 111.13 39.36 15.04
C VAL OD 97 111.60 39.56 16.47
N GLU OD 98 112.92 39.56 16.70
CA GLU OD 98 113.43 39.72 18.06
C GLU OD 98 113.33 41.16 18.55
N GLN OD 99 113.07 42.12 17.64
CA GLN OD 99 112.86 43.50 18.06
C GLN OD 99 111.48 43.71 18.66
N PHE OD 100 110.53 42.82 18.37
CA PHE OD 100 109.19 42.90 18.91
C PHE OD 100 108.97 42.06 20.16
N ARG OD 101 110.01 41.40 20.65
CA ARG OD 101 109.89 40.53 21.82
C ARG OD 101 109.80 41.34 23.11
N MET PD 1 84.97 22.40 59.22
CA MET PD 1 85.59 23.66 58.85
C MET PD 1 86.90 23.86 59.59
N GLN PD 2 87.73 24.74 59.05
CA GLN PD 2 88.96 25.17 59.70
C GLN PD 2 88.99 26.69 59.71
N MET PD 3 89.67 27.24 60.71
CA MET PD 3 89.91 28.68 60.75
C MET PD 3 91.18 28.98 59.96
N ALA PD 4 91.08 29.95 59.07
CA ALA PD 4 92.19 30.31 58.21
C ALA PD 4 92.27 31.82 58.10
N LYS PD 5 93.48 32.30 57.81
CA LYS PD 5 93.74 33.71 57.57
C LYS PD 5 94.04 33.92 56.10
N VAL PD 6 93.37 34.90 55.49
CA VAL PD 6 93.58 35.23 54.08
C VAL PD 6 94.95 35.86 53.95
N CYS PD 7 95.88 35.15 53.31
CA CYS PD 7 97.23 35.68 53.15
C CYS PD 7 97.49 36.17 51.74
N GLY PD 8 96.69 35.74 50.77
CA GLY PD 8 96.89 36.25 49.43
C GLY PD 8 95.92 35.66 48.43
N THR PD 9 96.23 35.90 47.15
CA THR PD 9 95.40 35.48 46.04
C THR PD 9 96.23 34.63 45.09
N VAL PD 10 95.57 33.67 44.46
CA VAL PD 10 96.17 32.83 43.42
C VAL PD 10 95.41 33.07 42.13
N VAL PD 11 96.11 33.50 41.10
CA VAL PD 11 95.53 33.74 39.79
C VAL PD 11 96.10 32.72 38.82
N GLY PD 12 95.21 31.97 38.18
CA GLY PD 12 95.60 31.08 37.11
C GLY PD 12 94.80 31.35 35.85
N THR PD 13 95.48 31.62 34.74
CA THR PD 13 94.77 31.90 33.50
C THR PD 13 94.53 30.66 32.66
N GLN PD 14 95.45 29.71 32.68
CA GLN PD 14 95.29 28.45 31.98
C GLN PD 14 94.68 27.44 32.96
N LYS PD 15 93.38 27.22 32.84
CA LYS PD 15 92.64 26.44 33.82
C LYS PD 15 91.54 25.66 33.10
N LEU PD 16 90.74 24.95 33.89
CA LEU PD 16 89.57 24.29 33.35
C LEU PD 16 88.49 25.32 33.01
N PRO PD 17 87.62 25.01 32.04
CA PRO PD 17 86.52 25.95 31.73
C PRO PD 17 85.49 26.06 32.84
N SER PD 18 85.39 25.05 33.70
CA SER PD 18 84.49 25.13 34.85
C SER PD 18 85.13 25.88 36.01
N MET PD 19 86.41 26.22 35.91
CA MET PD 19 87.08 26.96 36.97
C MET PD 19 87.08 28.47 36.74
N THR PD 20 86.40 28.97 35.71
CA THR PD 20 86.40 30.39 35.46
C THR PD 20 85.37 31.10 36.32
N GLY PD 21 85.63 32.35 36.66
CA GLY PD 21 84.81 33.10 37.58
C GLY PD 21 85.01 32.77 39.04
N VAL PD 22 85.83 31.77 39.36
CA VAL PD 22 86.08 31.33 40.73
C VAL PD 22 87.23 32.14 41.28
N LYS PD 23 86.97 32.89 42.34
CA LYS PD 23 88.01 33.66 43.02
C LYS PD 23 88.76 32.74 43.97
N LEU PD 24 90.08 32.71 43.85
CA LEU PD 24 90.92 31.78 44.57
C LEU PD 24 91.79 32.53 45.57
N LEU PD 25 91.59 32.23 46.85
CA LEU PD 25 92.34 32.86 47.92
C LEU PD 25 93.35 31.89 48.51
N LEU PD 26 94.55 32.40 48.75
CA LEU PD 26 95.58 31.67 49.47
C LEU PD 26 95.36 31.91 50.96
N LEU PD 27 94.93 30.87 51.66
CA LEU PD 27 94.62 30.94 53.08
C LEU PD 27 95.64 30.15 53.87
N GLN PD 28 96.19 30.75 54.93
CA GLN PD 28 97.03 30.03 55.87
C GLN PD 28 96.19 29.62 57.07
N PHE PD 29 96.29 28.37 57.46
CA PHE PD 29 95.53 27.87 58.60
C PHE PD 29 96.09 28.41 59.90
N ILE PD 30 95.20 28.78 60.80
CA ILE PD 30 95.54 29.26 62.13
C ILE PD 30 95.01 28.26 63.14
N ASP PD 31 95.71 28.13 64.27
CA ASP PD 31 95.27 27.18 65.27
C ASP PD 31 94.21 27.82 66.17
N ALA PD 32 93.78 27.07 67.19
CA ALA PD 32 92.74 27.55 68.09
C ALA PD 32 93.24 28.67 69.01
N ASN PD 33 94.55 28.75 69.21
CA ASN PD 33 95.11 29.83 70.02
C ASN PD 33 95.26 31.12 69.22
N GLY PD 34 95.20 31.03 67.90
CA GLY PD 34 95.33 32.19 67.05
C GLY PD 34 96.64 32.30 66.28
N GLU PD 35 97.57 31.37 66.47
CA GLU PD 35 98.87 31.41 65.82
C GLU PD 35 98.79 30.75 64.45
N LEU PD 36 99.63 31.21 63.54
CA LEU PD 36 99.63 30.70 62.17
C LEU PD 36 100.29 29.33 62.12
N LEU PD 37 99.56 28.35 61.58
CA LEU PD 37 100.11 27.02 61.37
C LEU PD 37 100.87 26.98 60.04
N PRO PD 38 101.90 26.13 59.93
CA PRO PD 38 102.61 25.97 58.64
C PRO PD 38 101.86 25.04 57.68
N LYS PD 39 100.62 25.41 57.35
CA LYS PD 39 99.76 24.63 56.48
C LYS PD 39 98.79 25.60 55.83
N TYR PD 40 98.60 25.45 54.52
CA TYR PD 40 97.82 26.39 53.75
C TYR PD 40 96.75 25.67 52.94
N GLU PD 41 95.97 26.47 52.21
CA GLU PD 41 94.93 25.98 51.32
C GLU PD 41 94.65 27.05 50.28
N VAL PD 42 94.19 26.63 49.12
CA VAL PD 42 93.64 27.53 48.12
C VAL PD 42 92.15 27.21 48.01
N ALA PD 43 91.31 28.20 48.26
CA ALA PD 43 89.88 27.98 48.38
C ALA PD 43 89.12 28.94 47.49
N ALA PD 44 87.96 28.48 47.02
CA ALA PD 44 87.00 29.36 46.38
C ALA PD 44 86.39 30.30 47.42
N ASP PD 45 86.05 31.50 46.98
CA ASP PD 45 85.62 32.57 47.88
C ASP PD 45 84.30 33.16 47.41
N PRO PD 46 83.16 32.56 47.78
CA PRO PD 46 81.87 33.20 47.48
C PRO PD 46 81.55 34.34 48.42
N VAL PD 47 81.91 34.22 49.69
CA VAL PD 47 81.77 35.29 50.67
C VAL PD 47 83.01 36.16 50.54
N GLY PD 48 82.83 37.40 50.11
CA GLY PD 48 83.94 38.22 49.66
C GLY PD 48 84.90 38.58 50.79
N ALA PD 49 86.08 37.97 50.78
CA ALA PD 49 87.03 38.08 51.88
C ALA PD 49 88.33 38.68 51.37
N GLY PD 50 88.84 39.67 52.11
CA GLY PD 50 90.07 40.34 51.74
C GLY PD 50 91.24 39.91 52.62
N LEU PD 51 92.39 40.49 52.30
CA LEU PD 51 93.65 40.05 52.89
C LEU PD 51 93.72 40.45 54.36
N GLY PD 52 93.99 39.45 55.21
CA GLY PD 52 94.05 39.65 56.64
C GLY PD 52 92.86 39.15 57.41
N GLU PD 53 91.76 38.82 56.74
CA GLU PD 53 90.55 38.39 57.43
C GLU PD 53 90.68 36.96 57.93
N TRP PD 54 89.89 36.65 58.95
CA TRP PD 54 89.74 35.29 59.46
C TRP PD 54 88.52 34.67 58.81
N VAL PD 55 88.70 33.50 58.21
CA VAL PD 55 87.63 32.86 57.47
C VAL PD 55 87.45 31.44 57.97
N LEU PD 56 86.25 30.91 57.75
CA LEU PD 56 85.99 29.48 57.89
C LEU PD 56 86.02 28.85 56.51
N VAL PD 57 86.85 27.83 56.35
CA VAL PD 57 87.00 27.13 55.08
C VAL PD 57 86.71 25.65 55.31
N ASN PD 58 85.87 25.09 54.45
CA ASN PD 58 85.58 23.66 54.52
C ASN PD 58 86.48 22.92 53.54
N ARG PD 59 86.42 21.59 53.58
CA ARG PD 59 87.24 20.77 52.69
C ARG PD 59 86.36 19.68 52.10
N GLY PD 60 86.70 19.28 50.89
CA GLY PD 60 86.07 18.14 50.27
C GLY PD 60 84.84 18.46 49.46
N SER PD 61 83.85 17.57 49.50
CA SER PD 61 82.64 17.72 48.71
C SER PD 61 81.68 18.77 49.27
N ALA PD 62 81.96 19.30 50.45
CA ALA PD 62 81.18 20.38 51.01
C ALA PD 62 81.41 21.70 50.28
N ALA PD 63 82.51 21.81 49.53
CA ALA PD 63 82.77 23.00 48.73
C ALA PD 63 81.87 23.11 47.52
N ARG PD 64 81.16 22.04 47.17
CA ARG PD 64 80.29 22.00 46.00
C ARG PD 64 78.82 22.05 46.35
N GLN PD 65 78.47 22.67 47.47
CA GLN PD 65 77.09 22.66 47.96
C GLN PD 65 76.37 23.99 47.81
N THR PD 66 77.07 25.04 47.36
CA THR PD 66 76.50 26.38 47.33
C THR PD 66 75.77 26.71 46.03
N GLU PD 67 75.42 25.68 45.27
CA GLU PD 67 74.56 25.65 44.07
C GLU PD 67 75.08 26.47 42.89
N TYR PD 68 76.23 27.13 43.02
CA TYR PD 68 76.97 27.59 41.86
C TYR PD 68 78.37 27.00 41.80
N HIS PD 69 78.70 26.11 42.74
CA HIS PD 69 79.95 25.36 42.72
C HIS PD 69 79.70 23.87 42.54
N GLN PD 70 78.52 23.50 42.03
CA GLN PD 70 78.05 22.12 42.15
C GLN PD 70 78.83 21.15 41.28
N ASN PD 71 79.05 21.49 40.02
CA ASN PD 71 79.80 20.63 39.11
C ASN PD 71 81.19 21.18 38.84
N ARG PD 72 81.70 21.99 39.76
CA ARG PD 72 83.00 22.62 39.72
C ARG PD 72 84.03 21.80 40.49
N PRO PD 73 85.24 21.64 39.98
CA PRO PD 73 86.27 20.83 40.65
C PRO PD 73 86.91 21.55 41.83
N LEU PD 74 86.12 21.76 42.89
CA LEU PD 74 86.54 22.50 44.06
C LEU PD 74 86.52 21.60 45.28
N ASP PD 75 87.59 21.66 46.08
CA ASP PD 75 87.68 20.90 47.32
C ASP PD 75 87.94 21.79 48.53
N ALA PD 76 87.78 23.10 48.39
CA ALA PD 76 87.97 24.03 49.49
C ALA PD 76 87.19 25.29 49.17
N MET PD 77 86.50 25.83 50.18
CA MET PD 77 85.63 26.97 49.97
C MET PD 77 85.52 27.76 51.25
N VAL PD 78 85.72 29.07 51.17
CA VAL PD 78 85.42 29.96 52.28
C VAL PD 78 83.91 30.02 52.44
N VAL PD 79 83.41 29.58 53.59
CA VAL PD 79 81.97 29.54 53.83
C VAL PD 79 81.51 30.66 54.76
N ALA PD 80 82.41 31.28 55.50
CA ALA PD 80 82.04 32.32 56.45
C ALA PD 80 83.25 33.19 56.71
N ILE PD 81 83.00 34.49 56.85
CA ILE PD 81 83.98 35.41 57.41
C ILE PD 81 83.77 35.45 58.90
N ILE PD 82 84.83 35.20 59.67
CA ILE PD 82 84.71 35.06 61.11
C ILE PD 82 84.54 36.45 61.73
N ASP PD 83 83.45 36.63 62.47
CA ASP PD 83 83.25 37.83 63.28
C ASP PD 83 84.02 37.74 64.59
N THR PD 84 83.72 36.75 65.41
CA THR PD 84 84.36 36.63 66.71
C THR PD 84 84.58 35.16 67.05
N VAL PD 85 85.68 34.89 67.77
CA VAL PD 85 85.99 33.58 68.30
C VAL PD 85 86.07 33.71 69.81
N THR PD 86 85.23 32.95 70.51
CA THR PD 86 85.22 32.92 71.97
C THR PD 86 85.77 31.57 72.40
N VAL PD 87 86.83 31.58 73.20
CA VAL PD 87 87.44 30.36 73.72
C VAL PD 87 87.45 30.46 75.23
N ASN PD 88 86.80 29.49 75.89
CA ASN PD 88 86.68 29.40 77.36
C ASN PD 88 86.03 30.66 77.94
N ASN PD 89 84.94 31.10 77.29
CA ASN PD 89 84.18 32.32 77.56
C ASN PD 89 85.01 33.60 77.45
N ARG PD 90 86.16 33.55 76.79
CA ARG PD 90 87.01 34.69 76.57
C ARG PD 90 87.11 34.96 75.07
N ARG PD 91 86.88 36.21 74.68
CA ARG PD 91 86.94 36.58 73.28
C ARG PD 91 88.39 36.54 72.78
N LEU PD 92 88.65 35.67 71.81
CA LEU PD 92 89.98 35.54 71.22
C LEU PD 92 90.16 36.38 69.96
N TYR PD 93 89.08 36.59 69.21
CA TYR PD 93 89.13 37.37 67.97
C TYR PD 93 87.91 38.27 67.92
N GLY PD 94 88.07 39.44 67.32
CA GLY PD 94 86.97 40.36 67.13
C GLY PD 94 86.83 41.36 68.25
N ALA QD 2 4.78 106.55 41.90
CA ALA QD 2 6.03 107.19 42.27
C ALA QD 2 7.13 106.87 41.26
N VAL QD 3 8.38 107.04 41.70
CA VAL QD 3 9.54 106.69 40.88
C VAL QD 3 9.57 105.18 40.71
N ALA QD 4 9.93 104.72 39.51
CA ALA QD 4 9.80 103.32 39.14
C ALA QD 4 10.76 102.45 39.94
N VAL QD 5 10.35 101.19 40.15
CA VAL QD 5 11.11 100.25 40.96
C VAL QD 5 11.34 98.98 40.16
N GLY QD 6 12.58 98.50 40.17
CA GLY QD 6 12.91 97.23 39.54
C GLY QD 6 13.52 96.29 40.55
N MET QD 7 13.18 95.01 40.43
CA MET QD 7 13.64 93.99 41.35
C MET QD 7 14.20 92.82 40.55
N ILE QD 8 15.35 92.31 40.98
CA ILE QD 8 15.90 91.06 40.47
C ILE QD 8 16.12 90.14 41.66
N GLU QD 9 15.44 89.00 41.66
CA GLU QD 9 15.64 87.99 42.68
C GLU QD 9 16.56 86.90 42.14
N THR QD 10 17.65 86.65 42.84
CA THR QD 10 18.57 85.59 42.46
C THR QD 10 18.69 84.59 43.59
N LEU QD 11 19.12 83.38 43.22
CA LEU QD 11 19.45 82.33 44.18
C LEU QD 11 20.94 82.38 44.43
N GLY QD 12 21.35 83.07 45.48
CA GLY QD 12 22.77 83.19 45.78
C GLY QD 12 23.25 84.63 45.89
N PHE QD 13 24.19 84.87 46.79
CA PHE QD 13 24.75 86.20 47.01
C PHE QD 13 25.78 86.67 45.97
N PRO QD 14 26.67 85.82 45.40
CA PRO QD 14 27.46 86.32 44.25
C PRO QD 14 26.64 86.68 43.04
N ALA QD 15 25.48 86.05 42.85
CA ALA QD 15 24.63 86.37 41.70
C ALA QD 15 23.87 87.66 41.94
N VAL QD 16 23.62 88.02 43.19
CA VAL QD 16 22.81 89.21 43.46
C VAL QD 16 23.69 90.45 43.48
N VAL QD 17 24.99 90.28 43.70
CA VAL QD 17 25.91 91.42 43.64
C VAL QD 17 26.23 91.75 42.20
N GLU QD 18 26.36 90.72 41.35
CA GLU QD 18 26.49 90.96 39.91
C GLU QD 18 25.21 91.55 39.32
N ALA QD 19 24.06 91.13 39.83
CA ALA QD 19 22.79 91.76 39.43
C ALA QD 19 22.75 93.21 39.86
N ALA QD 20 23.15 93.51 41.09
CA ALA QD 20 23.13 94.89 41.57
C ALA QD 20 24.19 95.74 40.89
N ASP QD 21 25.33 95.13 40.54
CA ASP QD 21 26.40 95.89 39.89
C ASP QD 21 26.08 96.20 38.44
N ALA QD 22 25.50 95.23 37.72
CA ALA QD 22 25.19 95.45 36.32
C ALA QD 22 23.99 96.35 36.13
N MET QD 23 23.14 96.47 37.15
CA MET QD 23 21.97 97.34 37.03
C MET QD 23 22.38 98.82 37.10
N VAL QD 24 23.26 99.16 38.04
CA VAL QD 24 23.65 100.56 38.19
C VAL QD 24 24.74 100.93 37.19
N LYS QD 25 25.28 99.94 36.46
CA LYS QD 25 26.26 100.23 35.43
C LYS QD 25 25.62 100.32 34.06
N ALA QD 26 24.44 99.72 33.87
CA ALA QD 26 23.80 99.74 32.57
C ALA QD 26 23.03 101.04 32.36
N ALA QD 27 22.48 101.61 33.43
CA ALA QD 27 21.64 102.79 33.31
C ALA QD 27 21.75 103.62 34.58
N ARG QD 28 21.07 104.77 34.57
CA ARG QD 28 21.10 105.71 35.69
C ARG QD 28 19.98 105.33 36.66
N VAL QD 29 20.21 104.24 37.39
CA VAL QD 29 19.32 103.80 38.45
C VAL QD 29 20.05 103.94 39.77
N THR QD 30 19.29 103.90 40.85
CA THR QD 30 19.83 103.95 42.20
C THR QD 30 19.46 102.66 42.92
N LEU QD 31 20.47 101.83 43.19
CA LEU QD 31 20.28 100.66 44.03
C LEU QD 31 19.99 101.13 45.46
N VAL QD 32 18.78 100.87 45.93
CA VAL QD 32 18.35 101.36 47.23
C VAL QD 32 18.20 100.25 48.25
N GLY QD 33 18.02 99.01 47.82
CA GLY QD 33 17.57 97.97 48.73
C GLY QD 33 18.21 96.64 48.43
N TYR QD 34 18.13 95.75 49.41
CA TYR QD 34 18.75 94.45 49.35
C TYR QD 34 18.01 93.57 50.34
N GLU QD 35 17.28 92.58 49.82
CA GLU QD 35 16.25 91.91 50.60
C GLU QD 35 16.47 90.41 50.59
N LYS QD 36 16.54 89.81 51.78
CA LYS QD 36 16.66 88.37 51.96
C LYS QD 36 15.35 87.86 52.56
N ILE QD 37 14.76 86.86 51.92
CA ILE QD 37 13.49 86.29 52.35
C ILE QD 37 13.62 84.82 52.71
N GLY QD 38 14.84 84.29 52.74
CA GLY QD 38 15.06 82.91 53.10
C GLY QD 38 15.27 82.01 51.90
N THR QD 39 15.87 80.85 52.19
CA THR QD 39 16.32 79.83 51.23
C THR QD 39 17.15 80.40 50.09
N GLY QD 40 18.02 81.36 50.37
CA GLY QD 40 18.91 81.88 49.36
C GLY QD 40 18.28 82.80 48.35
N ARG QD 41 16.98 83.06 48.44
CA ARG QD 41 16.31 84.01 47.55
C ARG QD 41 16.67 85.43 48.00
N VAL QD 42 17.56 86.07 47.25
CA VAL QD 42 18.04 87.40 47.56
C VAL QD 42 17.59 88.35 46.47
N THR QD 43 17.07 89.50 46.86
CA THR QD 43 16.50 90.47 45.93
C THR QD 43 17.16 91.82 46.13
N VAL QD 44 17.65 92.41 45.05
CA VAL QD 44 18.11 93.80 45.04
C VAL QD 44 17.05 94.66 44.37
N ILE QD 45 16.94 95.90 44.85
CA ILE QD 45 15.89 96.82 44.45
C ILE QD 45 16.54 98.10 43.93
N VAL QD 46 16.22 98.48 42.71
CA VAL QD 46 16.70 99.73 42.13
C VAL QD 46 15.52 100.67 41.95
N ARG QD 47 15.82 101.96 41.99
CA ARG QD 47 14.85 103.01 41.69
C ARG QD 47 15.38 103.88 40.56
N GLY QD 48 14.48 104.48 39.80
CA GLY QD 48 14.87 105.38 38.74
C GLY QD 48 13.73 105.60 37.78
N ASP QD 49 14.04 106.25 36.67
CA ASP QD 49 13.06 106.41 35.61
C ASP QD 49 12.79 105.08 34.92
N VAL QD 50 11.66 105.01 34.23
CA VAL QD 50 11.20 103.76 33.63
C VAL QD 50 12.13 103.31 32.51
N SER QD 51 12.69 104.27 31.77
CA SER QD 51 13.67 103.94 30.74
C SER QD 51 14.95 103.37 31.34
N GLU QD 52 15.37 103.89 32.48
CA GLU QD 52 16.57 103.39 33.12
C GLU QD 52 16.32 102.05 33.81
N VAL QD 53 15.16 101.90 34.46
CA VAL QD 53 14.88 100.68 35.21
C VAL QD 53 14.65 99.50 34.26
N GLN QD 54 13.99 99.74 33.13
CA GLN QD 54 13.79 98.69 32.13
C GLN QD 54 15.11 98.26 31.51
N ALA QD 55 16.02 99.21 31.30
CA ALA QD 55 17.32 98.87 30.74
C ALA QD 55 18.20 98.16 31.76
N SER QD 56 18.10 98.56 33.03
CA SER QD 56 18.95 97.99 34.06
C SER QD 56 18.53 96.57 34.41
N VAL QD 57 17.23 96.31 34.54
CA VAL QD 57 16.75 94.99 34.94
C VAL QD 57 16.97 93.99 33.81
N SER QD 58 16.82 94.42 32.57
CA SER QD 58 17.04 93.54 31.43
C SER QD 58 18.52 93.23 31.24
N ALA QD 59 19.39 94.21 31.50
CA ALA QD 59 20.82 93.96 31.40
C ALA QD 59 21.35 93.28 32.65
N GLY QD 60 20.72 93.53 33.79
CA GLY QD 60 21.11 92.84 35.01
C GLY QD 60 20.71 91.39 35.03
N THR QD 61 19.71 91.01 34.25
CA THR QD 61 19.29 89.62 34.19
C THR QD 61 20.24 88.79 33.34
N GLU QD 62 20.76 89.38 32.26
CA GLU QD 62 21.69 88.65 31.40
C GLU QD 62 23.06 88.49 32.04
N SER QD 63 23.42 89.39 32.95
CA SER QD 63 24.73 89.33 33.57
C SER QD 63 24.82 88.22 34.62
N VAL QD 64 23.69 87.88 35.26
CA VAL QD 64 23.66 86.79 36.23
C VAL QD 64 23.91 85.44 35.58
N LYS QD 65 23.49 85.26 34.33
CA LYS QD 65 23.82 84.05 33.58
C LYS QD 65 25.16 84.19 32.86
N ARG QD 66 26.16 84.70 33.60
CA ARG QD 66 27.56 84.74 33.23
C ARG QD 66 28.34 84.46 34.51
N VAL QD 67 27.59 84.20 35.58
CA VAL QD 67 28.12 83.83 36.89
C VAL QD 67 27.92 82.34 37.06
N ASN QD 68 28.96 81.64 37.51
CA ASN QD 68 28.83 80.21 37.78
C ASN QD 68 28.05 80.00 39.07
N GLY QD 69 27.02 79.18 39.01
CA GLY QD 69 26.13 79.01 40.15
C GLY QD 69 25.12 80.12 40.32
N GLY QD 70 25.00 81.01 39.34
CA GLY QD 70 24.06 82.11 39.39
C GLY QD 70 22.77 81.76 38.67
N GLN QD 71 21.65 82.06 39.32
CA GLN QD 71 20.33 81.73 38.80
C GLN QD 71 19.38 82.87 39.12
N VAL QD 72 18.73 83.41 38.09
CA VAL QD 72 17.70 84.43 38.26
C VAL QD 72 16.40 83.70 38.59
N LEU QD 73 15.81 84.03 39.74
CA LEU QD 73 14.54 83.43 40.11
C LEU QD 73 13.37 84.27 39.60
N SER QD 74 13.44 85.58 39.79
CA SER QD 74 12.30 86.44 39.48
C SER QD 74 12.79 87.85 39.20
N THR QD 75 12.26 88.44 38.13
CA THR QD 75 12.53 89.82 37.80
C THR QD 75 11.20 90.54 37.60
N HIS QD 76 11.12 91.79 38.04
CA HIS QD 76 9.93 92.58 37.80
C HIS QD 76 10.27 94.06 37.80
N ILE QD 77 9.49 94.83 37.05
CA ILE QD 77 9.56 96.28 36.98
C ILE QD 77 8.16 96.82 37.23
N ILE QD 78 8.03 97.72 38.20
CA ILE QD 78 6.80 98.47 38.41
C ILE QD 78 7.09 99.92 38.04
N ALA QD 79 6.48 100.37 36.94
CA ALA QD 79 6.83 101.66 36.36
C ALA QD 79 6.32 102.82 37.20
N ARG QD 80 5.24 102.61 37.94
CA ARG QD 80 4.64 103.67 38.74
C ARG QD 80 4.04 103.05 39.99
N PRO QD 81 4.87 102.80 41.01
CA PRO QD 81 4.34 102.20 42.24
C PRO QD 81 3.55 103.21 43.05
N HIS QD 82 2.59 102.68 43.80
CA HIS QD 82 1.76 103.49 44.68
C HIS QD 82 2.59 104.07 45.81
N GLU QD 83 2.12 105.20 46.34
CA GLU QD 83 2.81 105.84 47.46
C GLU QD 83 2.66 105.05 48.75
N ASN QD 84 1.70 104.12 48.82
CA ASN QD 84 1.56 103.23 49.96
C ASN QD 84 2.74 102.27 50.08
N LEU QD 85 3.37 101.92 48.95
CA LEU QD 85 4.31 100.81 48.93
C LEU QD 85 5.66 101.16 49.55
N GLU QD 86 6.03 102.45 49.56
CA GLU QD 86 7.32 102.83 50.12
C GLU QD 86 7.32 102.73 51.65
N TYR QD 87 6.15 102.88 52.27
CA TYR QD 87 6.10 102.90 53.73
C TYR QD 87 5.99 101.48 54.31
N VAL QD 88 5.66 100.51 53.46
CA VAL QD 88 5.52 99.14 53.95
C VAL QD 88 6.67 98.27 53.45
N LEU QD 89 6.96 98.35 52.19
CA LEU QD 89 7.97 97.52 51.57
C LEU QD 89 9.32 98.22 51.56
N PRO QD 90 10.43 97.48 51.68
CA PRO QD 90 11.76 98.10 51.67
C PRO QD 90 12.26 98.44 50.26
N ILE QD 91 11.51 99.30 49.58
CA ILE QD 91 11.86 99.76 48.24
C ILE QD 91 12.13 101.25 48.19
N ARG QD 92 12.23 101.92 49.33
CA ARG QD 92 12.30 103.37 49.34
C ARG QD 92 13.75 103.84 49.38
N TYR QD 93 13.92 105.12 49.05
CA TYR QD 93 15.23 105.74 49.13
C TYR QD 93 15.66 105.94 50.57
N THR QD 94 16.74 105.30 50.97
CA THR QD 94 17.33 105.53 52.27
C THR QD 94 18.31 106.69 52.19
N GLU QD 95 18.73 107.18 53.37
CA GLU QD 95 19.53 108.40 53.39
C GLU QD 95 21.00 108.12 53.07
N GLU QD 96 21.40 106.85 53.00
CA GLU QD 96 22.78 106.56 52.59
C GLU QD 96 22.91 106.55 51.07
N VAL QD 97 21.80 106.46 50.35
CA VAL QD 97 21.82 106.41 48.90
C VAL QD 97 21.20 107.66 48.27
N GLU QD 98 21.10 108.76 49.04
CA GLU QD 98 20.55 109.99 48.47
C GLU QD 98 21.53 110.69 47.55
N GLN QD 99 22.80 110.32 47.57
CA GLN QD 99 23.77 110.95 46.69
C GLN QD 99 23.69 110.41 45.26
N PHE QD 100 23.12 109.21 45.09
CA PHE QD 100 23.05 108.58 43.78
C PHE QD 100 21.73 108.85 43.06
N ARG QD 101 20.77 109.50 43.71
CA ARG QD 101 19.48 109.77 43.09
C ARG QD 101 19.58 110.86 42.04
N ALA RD 2 -13.59 93.97 63.05
CA ALA RD 2 -12.91 95.19 62.67
C ALA RD 2 -12.96 95.39 61.16
N VAL RD 3 -12.16 96.33 60.67
CA VAL RD 3 -11.99 96.55 59.24
C VAL RD 3 -11.34 95.31 58.62
N ALA RD 4 -11.86 94.87 57.47
CA ALA RD 4 -11.49 93.59 56.88
C ALA RD 4 -10.01 93.54 56.48
N VAL RD 5 -9.46 92.34 56.49
CA VAL RD 5 -8.04 92.11 56.23
C VAL RD 5 -7.90 91.12 55.09
N GLY RD 6 -7.05 91.43 54.14
CA GLY RD 6 -6.73 90.52 53.06
C GLY RD 6 -5.24 90.25 53.03
N MET RD 7 -4.89 88.99 52.77
CA MET RD 7 -3.50 88.56 52.74
C MET RD 7 -3.24 87.82 51.44
N ILE RD 8 -2.12 88.11 50.79
CA ILE RD 8 -1.62 87.34 49.67
C ILE RD 8 -0.22 86.87 50.02
N GLU RD 9 -0.01 85.56 50.05
CA GLU RD 9 1.30 84.98 50.25
C GLU RD 9 1.86 84.52 48.92
N THR RD 10 3.04 85.01 48.57
CA THR RD 10 3.72 84.61 47.34
C THR RD 10 5.05 83.97 47.67
N LEU RD 11 5.59 83.26 46.68
CA LEU RD 11 6.94 82.72 46.76
C LEU RD 11 7.85 83.69 45.99
N GLY RD 12 8.49 84.58 46.74
CA GLY RD 12 9.37 85.54 46.12
C GLY RD 12 9.01 86.98 46.39
N PHE RD 13 10.02 87.83 46.50
CA PHE RD 13 9.84 89.26 46.73
C PHE RD 13 9.43 90.09 45.51
N PRO RD 14 9.89 89.83 44.27
CA PRO RD 14 9.29 90.57 43.14
C PRO RD 14 7.82 90.28 42.91
N ALA RD 15 7.34 89.09 43.28
CA ALA RD 15 5.92 88.79 43.12
C ALA RD 15 5.09 89.47 44.20
N VAL RD 16 5.68 89.73 45.37
CA VAL RD 16 4.89 90.25 46.48
C VAL RD 16 4.77 91.77 46.39
N VAL RD 17 5.67 92.41 45.64
CA VAL RD 17 5.56 93.85 45.43
C VAL RD 17 4.58 94.14 44.30
N GLU RD 18 4.55 93.28 43.29
CA GLU RD 18 3.54 93.41 42.23
C GLU RD 18 2.16 93.06 42.74
N ALA RD 19 2.06 92.10 43.66
CA ALA RD 19 0.79 91.80 44.31
C ALA RD 19 0.32 92.96 45.18
N ALA RD 20 1.25 93.58 45.90
CA ALA RD 20 0.89 94.71 46.76
C ALA RD 20 0.55 95.94 45.94
N ASP RD 21 1.21 96.11 44.79
CA ASP RD 21 0.93 97.27 43.95
C ASP RD 21 -0.38 97.11 43.21
N ALA RD 22 -0.73 95.89 42.82
CA ALA RD 22 -2.00 95.66 42.15
C ALA RD 22 -3.16 95.75 43.12
N MET RD 23 -2.92 95.50 44.40
CA MET RD 23 -4.00 95.52 45.37
C MET RD 23 -4.44 96.94 45.69
N VAL RD 24 -3.50 97.84 45.92
CA VAL RD 24 -3.86 99.19 46.33
C VAL RD 24 -4.24 100.05 45.14
N LYS RD 25 -4.02 99.55 43.92
CA LYS RD 25 -4.49 100.27 42.73
C LYS RD 25 -5.89 99.82 42.34
N ALA RD 26 -6.24 98.57 42.65
CA ALA RD 26 -7.51 98.03 42.19
C ALA RD 26 -8.68 98.52 43.01
N ALA RD 27 -8.47 98.79 44.29
CA ALA RD 27 -9.57 99.15 45.18
C ALA RD 27 -9.06 100.07 46.27
N ARG RD 28 -9.97 100.47 47.16
CA ARG RD 28 -9.67 101.39 48.25
C ARG RD 28 -9.23 100.60 49.48
N VAL RD 29 -8.13 99.87 49.32
CA VAL RD 29 -7.51 99.16 50.41
C VAL RD 29 -6.25 99.91 50.81
N THR RD 30 -5.79 99.66 52.03
CA THR RD 30 -4.56 100.22 52.55
C THR RD 30 -3.61 99.07 52.83
N LEU RD 31 -2.48 99.05 52.12
CA LEU RD 31 -1.41 98.12 52.43
C LEU RD 31 -0.79 98.51 53.77
N VAL RD 32 -0.90 97.64 54.76
CA VAL RD 32 -0.41 97.93 56.09
C VAL RD 32 0.72 97.01 56.54
N GLY RD 33 0.90 95.87 55.89
CA GLY RD 33 1.69 94.81 56.47
C GLY RD 33 2.59 94.15 55.46
N TYR RD 34 3.66 93.55 55.96
CA TYR RD 34 4.67 92.90 55.15
C TYR RD 34 5.36 91.88 56.05
N GLU RD 35 5.17 90.60 55.76
CA GLU RD 35 5.57 89.55 56.68
C GLU RD 35 6.39 88.49 55.99
N LYS RD 36 7.55 88.18 56.55
CA LYS RD 36 8.41 87.11 56.07
C LYS RD 36 8.41 86.00 57.12
N ILE RD 37 8.08 84.79 56.70
CA ILE RD 37 7.97 83.65 57.60
C ILE RD 37 8.96 82.54 57.23
N GLY RD 38 9.80 82.75 56.23
CA GLY RD 38 10.79 81.77 55.84
C GLY RD 38 10.41 81.04 54.57
N THR RD 39 11.43 80.38 53.99
CA THR RD 39 11.41 79.68 52.69
C THR RD 39 10.85 80.53 51.56
N GLY RD 40 11.11 81.83 51.56
CA GLY RD 40 10.61 82.68 50.51
C GLY RD 40 9.14 82.98 50.55
N ARG RD 41 8.43 82.51 51.58
CA ARG RD 41 7.01 82.80 51.74
C ARG RD 41 6.87 84.20 52.31
N VAL RD 42 6.39 85.12 51.49
CA VAL RD 42 6.27 86.52 51.86
C VAL RD 42 4.80 86.92 51.73
N THR RD 43 4.28 87.59 52.76
CA THR RD 43 2.87 87.95 52.83
C THR RD 43 2.74 89.46 52.93
N VAL RD 44 1.92 90.03 52.05
CA VAL RD 44 1.49 91.43 52.17
C VAL RD 44 0.05 91.44 52.66
N ILE RD 45 -0.27 92.44 53.48
CA ILE RD 45 -1.52 92.54 54.21
C ILE RD 45 -2.18 93.86 53.88
N VAL RD 46 -3.41 93.81 53.37
CA VAL RD 46 -4.18 95.01 53.08
C VAL RD 46 -5.35 95.08 54.05
N ARG RD 47 -5.83 96.31 54.29
CA ARG RD 47 -7.01 96.56 55.11
C ARG RD 47 -7.98 97.44 54.34
N GLY RD 48 -9.27 97.14 54.48
CA GLY RD 48 -10.29 97.96 53.87
C GLY RD 48 -11.64 97.37 54.12
N ASP RD 49 -12.65 97.89 53.41
CA ASP RD 49 -13.95 97.26 53.42
C ASP RD 49 -13.87 95.94 52.67
N VAL RD 50 -14.79 95.02 53.00
CA VAL RD 50 -14.70 93.64 52.53
C VAL RD 50 -14.92 93.55 51.02
N SER RD 51 -15.73 94.44 50.45
CA SER RD 51 -15.89 94.45 49.00
C SER RD 51 -14.65 94.98 48.31
N GLU RD 52 -13.96 95.94 48.94
CA GLU RD 52 -12.71 96.44 48.38
C GLU RD 52 -11.57 95.46 48.60
N VAL RD 53 -11.59 94.74 49.72
CA VAL RD 53 -10.54 93.77 50.00
C VAL RD 53 -10.67 92.56 49.08
N GLN RD 54 -11.91 92.14 48.81
CA GLN RD 54 -12.14 91.04 47.88
C GLN RD 54 -11.76 91.42 46.45
N ALA RD 55 -11.98 92.68 46.08
CA ALA RD 55 -11.64 93.12 44.74
C ALA RD 55 -10.14 93.29 44.57
N SER RD 56 -9.44 93.61 45.65
CA SER RD 56 -8.00 93.82 45.57
C SER RD 56 -7.23 92.50 45.58
N VAL RD 57 -7.63 91.59 46.47
CA VAL RD 57 -6.91 90.32 46.65
C VAL RD 57 -7.04 89.45 45.39
N SER RD 58 -8.20 89.51 44.73
CA SER RD 58 -8.35 88.80 43.46
C SER RD 58 -7.53 89.47 42.36
N ALA RD 59 -7.40 90.80 42.41
CA ALA RD 59 -6.62 91.50 41.40
C ALA RD 59 -5.13 91.39 41.67
N GLY RD 60 -4.74 91.31 42.95
CA GLY RD 60 -3.35 91.10 43.28
C GLY RD 60 -2.89 89.69 42.99
N THR RD 61 -3.83 88.74 42.94
CA THR RD 61 -3.49 87.36 42.58
C THR RD 61 -3.24 87.25 41.07
N GLU RD 62 -4.00 88.00 40.27
CA GLU RD 62 -3.87 87.92 38.82
C GLU RD 62 -2.59 88.59 38.33
N SER RD 63 -2.04 89.53 39.10
CA SER RD 63 -0.86 90.25 38.65
C SER RD 63 0.43 89.52 38.96
N VAL RD 64 0.38 88.48 39.79
CA VAL RD 64 1.56 87.66 40.02
C VAL RD 64 1.87 86.81 38.80
N LYS RD 65 0.86 86.53 37.96
CA LYS RD 65 1.08 85.86 36.69
C LYS RD 65 1.87 86.73 35.71
N ARG RD 66 1.85 88.05 35.89
CA ARG RD 66 2.70 88.92 35.08
C ARG RD 66 4.17 88.73 35.43
N VAL RD 67 4.45 88.42 36.69
CA VAL RD 67 5.83 88.25 37.13
C VAL RD 67 6.33 86.88 36.71
N ASN RD 68 7.51 86.84 36.10
CA ASN RD 68 8.17 85.57 35.79
C ASN RD 68 8.82 85.03 37.05
N GLY RD 69 8.57 83.76 37.36
CA GLY RD 69 9.07 83.20 38.59
C GLY RD 69 8.26 83.56 39.81
N GLY RD 70 7.11 84.19 39.62
CA GLY RD 70 6.22 84.54 40.72
C GLY RD 70 5.11 83.52 40.85
N GLN RD 71 4.78 83.19 42.09
CA GLN RD 71 3.79 82.16 42.38
C GLN RD 71 3.04 82.51 43.66
N VAL RD 72 1.73 82.63 43.56
CA VAL RD 72 0.87 82.85 44.73
C VAL RD 72 0.77 81.53 45.46
N LEU RD 73 1.11 81.53 46.75
CA LEU RD 73 1.01 80.31 47.55
C LEU RD 73 -0.35 80.24 48.25
N SER RD 74 -0.79 81.34 48.85
CA SER RD 74 -2.01 81.33 49.65
C SER RD 74 -2.58 82.73 49.72
N THR RD 75 -3.88 82.83 49.48
CA THR RD 75 -4.62 84.06 49.69
C THR RD 75 -5.76 83.79 50.67
N HIS RD 76 -6.10 84.82 51.45
CA HIS RD 76 -7.24 84.73 52.34
C HIS RD 76 -7.77 86.12 52.65
N ILE RD 77 -9.06 86.18 52.93
CA ILE RD 77 -9.77 87.41 53.29
C ILE RD 77 -10.60 87.12 54.54
N ILE RD 78 -10.41 87.93 55.58
CA ILE RD 78 -11.25 87.88 56.77
C ILE RD 78 -12.10 89.14 56.78
N ALA RD 79 -13.43 88.96 56.73
CA ALA RD 79 -14.33 90.08 56.58
C ALA RD 79 -14.41 90.93 57.83
N ARG RD 80 -14.25 90.33 58.99
CA ARG RD 80 -14.36 91.04 60.26
C ARG RD 80 -13.39 90.39 61.24
N PRO RD 81 -12.12 90.80 61.22
CA PRO RD 81 -11.16 90.24 62.17
C PRO RD 81 -11.43 90.74 63.58
N HIS RD 82 -11.16 89.87 64.55
CA HIS RD 82 -11.32 90.20 65.95
C HIS RD 82 -10.30 91.27 66.36
N GLU RD 83 -10.64 92.02 67.41
CA GLU RD 83 -9.78 93.09 67.88
C GLU RD 83 -8.51 92.57 68.55
N ASN RD 84 -8.49 91.30 68.95
CA ASN RD 84 -7.29 90.68 69.51
C ASN RD 84 -6.20 90.52 68.47
N LEU RD 85 -6.58 90.46 67.18
CA LEU RD 85 -5.62 90.10 66.14
C LEU RD 85 -4.68 91.24 65.81
N GLU RD 86 -5.11 92.49 65.95
CA GLU RD 86 -4.26 93.61 65.58
C GLU RD 86 -3.18 93.87 66.62
N TYR RD 87 -3.34 93.34 67.82
CA TYR RD 87 -2.35 93.56 68.87
C TYR RD 87 -1.31 92.46 68.89
N VAL RD 88 -1.56 91.37 68.19
CA VAL RD 88 -0.58 90.28 68.12
C VAL RD 88 -0.02 90.15 66.72
N LEU RD 89 -0.87 89.99 65.75
CA LEU RD 89 -0.46 89.80 64.37
C LEU RD 89 -0.23 91.14 63.69
N PRO RD 90 0.71 91.22 62.75
CA PRO RD 90 1.00 92.49 62.06
C PRO RD 90 0.00 92.80 60.94
N ILE RD 91 -1.27 92.94 61.32
CA ILE RD 91 -2.33 93.33 60.40
C ILE RD 91 -2.91 94.69 60.75
N ARG RD 92 -2.29 95.42 61.66
CA ARG RD 92 -2.86 96.67 62.12
C ARG RD 92 -2.37 97.84 61.28
N TYR RD 93 -3.13 98.93 61.32
CA TYR RD 93 -2.70 100.18 60.73
C TYR RD 93 -1.54 100.76 61.53
N THR RD 94 -0.37 100.79 60.94
CA THR RD 94 0.74 101.51 61.54
C THR RD 94 0.59 103.00 61.28
N GLU RD 95 1.42 103.80 61.94
CA GLU RD 95 1.26 105.25 61.86
C GLU RD 95 1.79 105.79 60.53
N GLU RD 96 2.59 105.01 59.82
CA GLU RD 96 3.13 105.47 58.55
C GLU RD 96 2.11 105.36 57.43
N VAL RD 97 1.12 104.48 57.59
CA VAL RD 97 0.13 104.22 56.56
C VAL RD 97 -1.21 104.86 56.88
N GLU RD 98 -1.27 105.77 57.85
CA GLU RD 98 -2.54 106.42 58.17
C GLU RD 98 -2.92 107.50 57.17
N GLN RD 99 -2.00 107.91 56.30
CA GLN RD 99 -2.35 108.86 55.25
C GLN RD 99 -3.10 108.20 54.11
N PHE RD 100 -3.04 106.87 54.03
CA PHE RD 100 -3.68 106.12 52.96
C PHE RD 100 -4.97 105.42 53.40
N ARG RD 101 -5.39 105.61 54.64
CA ARG RD 101 -6.60 104.96 55.13
C ARG RD 101 -7.85 105.62 54.59
N ALA SD 2 5.78 114.29 18.95
CA ALA SD 2 6.01 114.80 20.30
C ALA SD 2 6.21 113.64 21.27
N VAL SD 3 5.18 113.37 22.08
CA VAL SD 3 5.23 112.21 22.96
C VAL SD 3 4.87 110.97 22.18
N ALA SD 4 5.18 109.80 22.73
CA ALA SD 4 4.92 108.54 22.04
C ALA SD 4 3.44 108.23 22.00
N VAL SD 5 3.07 107.26 21.18
CA VAL SD 5 1.69 106.81 21.07
C VAL SD 5 1.66 105.29 21.17
N GLY SD 6 0.77 104.77 21.99
CA GLY SD 6 0.57 103.34 22.12
C GLY SD 6 -0.87 102.97 21.86
N MET SD 7 -1.06 101.81 21.25
CA MET SD 7 -2.38 101.34 20.86
C MET SD 7 -2.53 99.89 21.28
N ILE SD 8 -3.66 99.56 21.89
CA ILE SD 8 -4.07 98.18 22.12
C ILE SD 8 -5.42 98.00 21.47
N GLU SD 9 -5.52 97.06 20.54
CA GLU SD 9 -6.78 96.71 19.93
C GLU SD 9 -7.29 95.40 20.52
N THR SD 10 -8.51 95.42 21.03
CA THR SD 10 -9.13 94.23 21.58
C THR SD 10 -10.39 93.90 20.80
N LEU SD 11 -10.84 92.66 20.95
CA LEU SD 11 -12.14 92.23 20.46
C LEU SD 11 -13.12 92.36 21.62
N GLY SD 12 -13.93 93.41 21.59
CA GLY SD 12 -14.89 93.63 22.65
C GLY SD 12 -14.65 94.87 23.47
N PHE SD 13 -15.74 95.50 23.90
CA PHE SD 13 -15.68 96.70 24.73
C PHE SD 13 -15.36 96.46 26.22
N PRO SD 14 -15.82 95.39 26.90
CA PRO SD 14 -15.31 95.17 28.27
C PRO SD 14 -13.82 94.86 28.33
N ALA SD 15 -13.23 94.33 27.26
CA ALA SD 15 -11.81 94.07 27.25
C ALA SD 15 -11.01 95.34 27.01
N VAL SD 16 -11.63 96.34 26.37
CA VAL SD 16 -10.88 97.53 26.00
C VAL SD 16 -10.92 98.55 27.13
N VAL SD 17 -11.86 98.41 28.07
CA VAL SD 17 -11.89 99.29 29.23
C VAL SD 17 -10.94 98.76 30.30
N GLU SD 18 -10.82 97.43 30.40
CA GLU SD 18 -9.82 96.85 31.29
C GLU SD 18 -8.41 97.09 30.76
N ALA SD 19 -8.24 97.07 29.44
CA ALA SD 19 -6.95 97.41 28.85
C ALA SD 19 -6.61 98.88 29.08
N ALA SD 20 -7.60 99.77 28.95
CA ALA SD 20 -7.36 101.19 29.16
C ALA SD 20 -7.11 101.51 30.62
N ASP SD 21 -7.81 100.82 31.53
CA ASP SD 21 -7.62 101.05 32.95
C ASP SD 21 -6.27 100.51 33.42
N ALA SD 22 -5.79 99.45 32.79
CA ALA SD 22 -4.50 98.89 33.16
C ALA SD 22 -3.35 99.76 32.68
N MET SD 23 -3.56 100.51 31.59
CA MET SD 23 -2.48 101.32 31.05
C MET SD 23 -2.22 102.56 31.89
N VAL SD 24 -3.28 103.28 32.27
CA VAL SD 24 -3.08 104.54 32.95
C VAL SD 24 -2.77 104.32 34.43
N LYS SD 25 -2.97 103.11 34.93
CA LYS SD 25 -2.55 102.79 36.29
C LYS SD 25 -1.09 102.35 36.33
N ALA SD 26 -0.62 101.70 35.26
CA ALA SD 26 0.72 101.12 35.28
C ALA SD 26 1.80 102.17 35.13
N ALA SD 27 1.58 103.18 34.28
CA ALA SD 27 2.60 104.15 33.98
C ALA SD 27 1.97 105.52 33.77
N ARG SD 28 2.83 106.51 33.53
CA ARG SD 28 2.39 107.90 33.35
C ARG SD 28 2.04 108.13 31.89
N VAL SD 29 0.95 107.51 31.47
CA VAL SD 29 0.42 107.70 30.13
C VAL SD 29 -0.95 108.36 30.24
N THR SD 30 -1.34 109.06 29.19
CA THR SD 30 -2.64 109.69 29.11
C THR SD 30 -3.46 108.97 28.06
N LEU SD 31 -4.55 108.34 28.48
CA LEU SD 31 -5.53 107.81 27.54
C LEU SD 31 -6.21 108.97 26.83
N VAL SD 32 -6.00 109.08 25.53
CA VAL SD 32 -6.51 110.21 24.77
C VAL SD 32 -7.58 109.81 23.77
N GLY SD 33 -7.68 108.54 23.42
CA GLY SD 33 -8.46 108.16 22.25
C GLY SD 33 -9.14 106.83 22.42
N TYR SD 34 -10.07 106.57 21.52
CA TYR SD 34 -10.97 105.42 21.59
C TYR SD 34 -11.55 105.24 20.19
N GLU SD 35 -11.23 104.14 19.54
CA GLU SD 35 -11.49 103.99 18.12
C GLU SD 35 -12.19 102.66 17.84
N LYS SD 36 -13.27 102.72 17.05
CA LYS SD 36 -14.00 101.55 16.61
C LYS SD 36 -13.92 101.47 15.10
N ILE SD 37 -13.46 100.34 14.58
CA ILE SD 37 -13.27 100.16 13.14
C ILE SD 37 -14.17 99.09 12.58
N GLY SD 38 -14.99 98.46 13.41
CA GLY SD 38 -15.85 97.38 12.97
C GLY SD 38 -15.32 96.01 13.35
N THR SD 39 -16.18 95.01 13.16
CA THR SD 39 -16.04 93.62 13.64
C THR SD 39 -15.66 93.53 15.12
N GLY SD 40 -16.17 94.43 15.95
CA GLY SD 40 -15.85 94.44 17.36
C GLY SD 40 -14.43 94.81 17.69
N ARG SD 41 -13.64 95.26 16.72
CA ARG SD 41 -12.25 95.62 16.94
C ARG SD 41 -12.20 97.04 17.48
N VAL SD 42 -11.87 97.17 18.76
CA VAL SD 42 -11.90 98.45 19.45
C VAL SD 42 -10.49 98.76 19.94
N THR SD 43 -10.04 99.98 19.68
CA THR SD 43 -8.68 100.39 19.98
C THR SD 43 -8.69 101.58 20.93
N VAL SD 44 -7.88 101.51 21.97
CA VAL SD 44 -7.61 102.64 22.86
C VAL SD 44 -6.20 103.14 22.62
N ILE SD 45 -6.04 104.46 22.71
CA ILE SD 45 -4.81 105.15 22.35
C ILE SD 45 -4.29 105.88 23.59
N VAL SD 46 -3.05 105.60 23.96
CA VAL SD 46 -2.41 106.31 25.07
C VAL SD 46 -1.24 107.12 24.54
N ARG SD 47 -0.97 108.24 25.22
CA ARG SD 47 0.17 109.09 24.89
C ARG SD 47 1.05 109.25 26.12
N GLY SD 48 2.35 109.32 25.90
CA GLY SD 48 3.28 109.51 27.00
C GLY SD 48 4.70 109.36 26.48
N ASP SD 49 5.63 109.22 27.41
CA ASP SD 49 6.99 108.87 27.02
C ASP SD 49 7.01 107.43 26.51
N VAL SD 50 8.02 107.13 25.69
CA VAL SD 50 8.09 105.82 25.05
C VAL SD 50 8.35 104.70 26.06
N SER SD 51 9.05 105.01 27.15
CA SER SD 51 9.23 104.04 28.23
C SER SD 51 7.94 103.89 29.03
N GLU SD 52 7.20 104.99 29.21
CA GLU SD 52 5.92 104.92 29.90
C GLU SD 52 4.90 104.17 29.06
N VAL SD 53 4.93 104.37 27.74
CA VAL SD 53 3.97 103.72 26.85
C VAL SD 53 4.27 102.24 26.74
N GLN SD 54 5.55 101.86 26.72
CA GLN SD 54 5.93 100.46 26.65
C GLN SD 54 5.52 99.69 27.90
N ALA SD 55 5.61 100.33 29.07
CA ALA SD 55 5.22 99.67 30.31
C ALA SD 55 3.71 99.58 30.42
N SER SD 56 2.98 100.53 29.84
CA SER SD 56 1.53 100.52 29.93
C SER SD 56 0.92 99.53 28.94
N VAL SD 57 1.45 99.50 27.70
CA VAL SD 57 0.92 98.61 26.67
C VAL SD 57 1.19 97.15 27.03
N SER SD 58 2.34 96.90 27.67
CA SER SD 58 2.63 95.55 28.16
C SER SD 58 1.70 95.16 29.30
N ALA SD 59 1.42 96.10 30.22
CA ALA SD 59 0.52 95.81 31.32
C ALA SD 59 -0.93 95.75 30.87
N GLY SD 60 -1.29 96.55 29.86
CA GLY SD 60 -2.64 96.50 29.33
C GLY SD 60 -2.93 95.25 28.52
N THR SD 61 -1.87 94.59 28.04
CA THR SD 61 -2.06 93.35 27.27
C THR SD 61 -2.39 92.18 28.20
N GLU SD 62 -1.69 92.08 29.33
CA GLU SD 62 -1.90 90.95 30.23
C GLU SD 62 -3.20 91.07 31.02
N SER SD 63 -3.78 92.27 31.08
CA SER SD 63 -5.02 92.46 31.82
C SER SD 63 -6.24 92.05 31.01
N VAL SD 64 -6.11 91.90 29.69
CA VAL SD 64 -7.22 91.42 28.89
C VAL SD 64 -7.40 89.92 29.10
N LYS SD 65 -6.33 89.22 29.48
CA LYS SD 65 -6.40 87.79 29.76
C LYS SD 65 -7.27 87.45 30.96
N ARG SD 66 -7.45 88.39 31.89
CA ARG SD 66 -8.37 88.19 33.00
C ARG SD 66 -9.82 88.46 32.62
N VAL SD 67 -10.07 89.12 31.48
CA VAL SD 67 -11.42 89.33 30.99
C VAL SD 67 -11.83 88.10 30.18
N ASN SD 68 -12.89 87.44 30.60
CA ASN SD 68 -13.43 86.29 29.88
C ASN SD 68 -14.37 86.81 28.80
N GLY SD 69 -14.00 86.58 27.53
CA GLY SD 69 -14.77 87.05 26.40
C GLY SD 69 -14.06 88.07 25.53
N GLY SD 70 -12.87 88.52 25.93
CA GLY SD 70 -12.13 89.46 25.13
C GLY SD 70 -10.68 89.01 24.99
N GLN SD 71 -10.08 89.41 23.87
CA GLN SD 71 -8.71 89.06 23.57
C GLN SD 71 -8.03 90.24 22.90
N VAL SD 72 -6.70 90.28 23.00
CA VAL SD 72 -5.90 91.32 22.36
C VAL SD 72 -5.69 90.91 20.91
N LEU SD 73 -6.10 91.78 19.99
CA LEU SD 73 -5.92 91.48 18.57
C LEU SD 73 -4.59 92.04 18.07
N SER SD 74 -4.26 93.28 18.45
CA SER SD 74 -3.06 93.91 17.96
C SER SD 74 -2.61 94.98 18.95
N THR SD 75 -1.29 95.09 19.12
CA THR SD 75 -0.70 96.14 19.93
C THR SD 75 0.43 96.78 19.13
N HIS SD 76 0.63 98.08 19.32
CA HIS SD 76 1.74 98.77 18.69
C HIS SD 76 2.13 99.99 19.49
N ILE SD 77 3.40 100.35 19.39
CA ILE SD 77 4.00 101.50 20.07
C ILE SD 77 4.85 102.24 19.05
N ILE SD 78 4.60 103.54 18.90
CA ILE SD 78 5.42 104.41 18.05
C ILE SD 78 6.10 105.43 18.95
N ALA SD 79 7.44 105.47 18.88
CA ALA SD 79 8.22 106.23 19.85
C ALA SD 79 8.04 107.73 19.69
N ARG SD 80 7.92 108.20 18.46
CA ARG SD 80 7.65 109.62 18.19
C ARG SD 80 6.92 109.69 16.86
N PRO SD 81 5.60 109.81 16.86
CA PRO SD 81 4.86 109.88 15.61
C PRO SD 81 5.09 111.19 14.88
N HIS SD 82 4.85 111.15 13.58
CA HIS SD 82 4.90 112.35 12.76
C HIS SD 82 3.75 113.26 13.12
N GLU SD 83 3.94 114.56 12.94
CA GLU SD 83 2.88 115.51 13.25
C GLU SD 83 1.80 115.51 12.17
N ASN SD 84 2.05 114.87 11.03
CA ASN SD 84 1.00 114.62 10.05
C ASN SD 84 -0.07 113.68 10.58
N LEU SD 85 0.32 112.75 11.47
CA LEU SD 85 -0.63 111.76 12.00
C LEU SD 85 -1.59 112.38 13.00
N GLU SD 86 -1.22 113.51 13.60
CA GLU SD 86 -2.04 114.11 14.64
C GLU SD 86 -3.30 114.73 14.06
N TYR SD 87 -3.24 115.17 12.80
CA TYR SD 87 -4.37 115.85 12.19
C TYR SD 87 -5.29 114.87 11.47
N VAL SD 88 -4.76 113.71 11.06
CA VAL SD 88 -5.58 112.76 10.33
C VAL SD 88 -6.09 111.66 11.26
N LEU SD 89 -5.21 111.07 12.01
CA LEU SD 89 -5.56 109.97 12.90
C LEU SD 89 -5.94 110.47 14.28
N PRO SD 90 -6.92 109.84 14.95
CA PRO SD 90 -7.35 110.30 16.28
C PRO SD 90 -6.44 109.85 17.41
N ILE SD 91 -5.18 110.29 17.35
CA ILE SD 91 -4.18 110.00 18.38
C ILE SD 91 -3.74 111.24 19.12
N ARG SD 92 -4.41 112.37 18.92
CA ARG SD 92 -3.97 113.62 19.53
C ARG SD 92 -4.65 113.84 20.87
N TYR SD 93 -4.06 114.76 21.65
CA TYR SD 93 -4.65 115.16 22.91
C TYR SD 93 -5.90 115.99 22.67
N THR SD 94 -7.01 115.55 23.25
CA THR SD 94 -8.21 116.38 23.25
C THR SD 94 -8.18 117.33 24.44
N GLU SD 95 -9.10 118.29 24.43
CA GLU SD 95 -9.13 119.29 25.50
C GLU SD 95 -9.71 118.72 26.79
N GLU SD 96 -10.37 117.56 26.72
CA GLU SD 96 -10.94 116.95 27.90
C GLU SD 96 -9.87 116.25 28.73
N VAL SD 97 -8.76 115.86 28.10
CA VAL SD 97 -7.76 115.04 28.75
C VAL SD 97 -6.46 115.81 28.99
N GLU SD 98 -6.49 117.14 28.91
CA GLU SD 98 -5.28 117.90 29.19
C GLU SD 98 -4.97 117.99 30.67
N GLN SD 99 -5.93 117.66 31.53
CA GLN SD 99 -5.68 117.64 32.97
C GLN SD 99 -4.90 116.40 33.39
N PHE SD 100 -4.86 115.37 32.54
CA PHE SD 100 -4.13 114.15 32.84
C PHE SD 100 -2.77 114.08 32.15
N ARG SD 101 -2.39 115.11 31.39
CA ARG SD 101 -1.12 115.11 30.67
C ARG SD 101 0.05 115.36 31.61
N MET TD 1 41.66 95.73 18.27
CA MET TD 1 40.99 96.42 19.36
C MET TD 1 41.48 97.84 19.53
N GLN TD 2 40.67 98.65 20.20
CA GLN TD 2 41.05 100.01 20.57
C GLN TD 2 40.90 100.16 22.08
N MET TD 3 41.71 101.04 22.66
CA MET TD 3 41.56 101.40 24.05
C MET TD 3 40.56 102.54 24.16
N ALA TD 4 39.59 102.37 25.06
CA ALA TD 4 38.55 103.36 25.23
C ALA TD 4 38.26 103.53 26.71
N LYS TD 5 37.76 104.71 27.06
CA LYS TD 5 37.34 105.03 28.41
C LYS TD 5 35.82 105.08 28.46
N VAL TD 6 35.24 104.44 29.47
CA VAL TD 6 33.79 104.42 29.63
C VAL TD 6 33.35 105.80 30.10
N CYS TD 7 32.65 106.53 29.23
CA CYS TD 7 32.21 107.86 29.60
C CYS TD 7 30.73 107.90 29.95
N GLY TD 8 29.96 106.90 29.54
CA GLY TD 8 28.57 106.88 29.94
C GLY TD 8 27.80 105.72 29.37
N THR TD 9 26.48 105.82 29.47
CA THR TD 9 25.57 104.79 29.02
C THR TD 9 24.58 105.38 28.02
N VAL TD 10 24.14 104.53 27.09
CA VAL TD 10 23.10 104.87 26.13
C VAL TD 10 21.94 103.92 26.34
N VAL TD 11 20.75 104.47 26.61
CA VAL TD 11 19.55 103.66 26.81
C VAL TD 11 18.62 103.93 25.64
N GLY TD 12 18.24 102.88 24.94
CA GLY TD 12 17.22 102.97 23.92
C GLY TD 12 16.08 102.01 24.20
N THR TD 13 14.85 102.52 24.28
CA THR TD 13 13.71 101.66 24.54
C THR TD 13 13.07 101.13 23.28
N GLN TD 14 13.00 101.94 22.23
CA GLN TD 14 12.45 101.55 20.94
C GLN TD 14 13.59 101.04 20.08
N LYS TD 15 13.74 99.73 19.99
CA LYS TD 15 14.89 99.12 19.35
C LYS TD 15 14.46 97.82 18.69
N LEU TD 16 15.43 97.12 18.11
CA LEU TD 16 15.19 95.81 17.54
C LEU TD 16 14.99 94.79 18.67
N PRO TD 17 14.23 93.72 18.44
CA PRO TD 17 14.05 92.69 19.47
C PRO TD 17 15.33 91.93 19.79
N SER TD 18 16.26 91.86 18.84
CA SER TD 18 17.54 91.21 19.08
C SER TD 18 18.52 92.12 19.83
N MET TD 19 18.16 93.38 20.02
CA MET TD 19 18.96 94.29 20.83
C MET TD 19 18.52 94.33 22.28
N THR TD 20 17.64 93.42 22.70
CA THR TD 20 17.13 93.42 24.05
C THR TD 20 18.08 92.71 25.00
N GLY TD 21 18.39 93.35 26.12
CA GLY TD 21 19.35 92.83 27.07
C GLY TD 21 20.77 93.22 26.82
N VAL TD 22 21.04 93.93 25.73
CA VAL TD 22 22.38 94.39 25.38
C VAL TD 22 22.63 95.69 26.11
N LYS TD 23 23.63 95.69 26.99
CA LYS TD 23 24.02 96.88 27.72
C LYS TD 23 24.92 97.74 26.83
N LEU TD 24 24.52 98.99 26.62
CA LEU TD 24 25.17 99.88 25.67
C LEU TD 24 25.96 100.94 26.42
N LEU TD 25 27.27 100.95 26.21
CA LEU TD 25 28.17 101.89 26.86
C LEU TD 25 28.68 102.91 25.84
N LEU TD 26 28.68 104.17 26.26
CA LEU TD 26 29.29 105.25 25.49
C LEU TD 26 30.76 105.31 25.87
N LEU TD 27 31.63 104.94 24.94
CA LEU TD 27 33.07 104.88 25.19
C LEU TD 27 33.77 105.91 24.32
N GLN TD 28 34.55 106.79 24.95
CA GLN TD 28 35.42 107.70 24.22
C GLN TD 28 36.78 107.05 24.06
N PHE TD 29 37.33 107.14 22.84
CA PHE TD 29 38.62 106.52 22.57
C PHE TD 29 39.75 107.35 23.18
N ILE TD 30 40.73 106.64 23.71
CA ILE TD 30 41.94 107.24 24.26
C ILE TD 30 43.11 106.84 23.39
N ASP TD 31 44.12 107.69 23.31
CA ASP TD 31 45.24 107.41 22.42
C ASP TD 31 46.24 106.46 23.09
N ALA TD 32 47.37 106.25 22.41
CA ALA TD 32 48.40 105.37 22.95
C ALA TD 32 49.13 106.02 24.13
N ASN TD 33 49.06 107.34 24.24
CA ASN TD 33 49.71 108.02 25.36
C ASN TD 33 48.75 108.23 26.53
N GLY TD 34 47.45 108.03 26.32
CA GLY TD 34 46.48 108.08 27.38
C GLY TD 34 45.53 109.26 27.37
N GLU TD 35 45.64 110.17 26.40
CA GLU TD 35 44.74 111.31 26.33
C GLU TD 35 43.49 110.96 25.53
N LEU TD 36 42.41 111.68 25.82
CA LEU TD 36 41.12 111.40 25.20
C LEU TD 36 41.10 111.91 23.77
N LEU TD 37 40.78 111.02 22.83
CA LEU TD 37 40.62 111.40 21.44
C LEU TD 37 39.21 111.93 21.21
N PRO TD 38 39.02 112.83 20.23
CA PRO TD 38 37.67 113.27 19.87
C PRO TD 38 36.95 112.27 18.96
N LYS TD 39 36.79 111.05 19.45
CA LYS TD 39 36.16 109.97 18.72
C LYS TD 39 35.57 109.02 19.74
N TYR TD 40 34.34 108.58 19.51
CA TYR TD 40 33.61 107.77 20.46
C TYR TD 40 33.08 106.51 19.77
N GLU TD 41 32.44 105.67 20.58
CA GLU TD 41 31.77 104.48 20.11
C GLU TD 41 30.68 104.13 21.11
N VAL TD 42 29.65 103.44 20.62
CA VAL TD 42 28.66 102.79 21.48
C VAL TD 42 28.84 101.29 21.31
N ALA TD 43 29.15 100.60 22.39
CA ALA TD 43 29.51 99.19 22.32
C ALA TD 43 28.69 98.38 23.31
N ALA TD 44 28.47 97.12 22.96
CA ALA TD 44 27.93 96.15 23.89
C ALA TD 44 28.96 95.84 24.97
N ASP TD 45 28.47 95.50 26.16
CA ASP TD 45 29.31 95.31 27.34
C ASP TD 45 28.99 93.98 28.01
N PRO TD 46 29.57 92.88 27.54
CA PRO TD 46 29.41 91.62 28.28
C PRO TD 46 30.30 91.55 29.51
N VAL TD 47 31.50 92.11 29.43
CA VAL TD 47 32.43 92.21 30.55
C VAL TD 47 32.03 93.46 31.31
N GLY TD 48 31.52 93.28 32.53
CA GLY TD 48 30.82 94.35 33.23
C GLY TD 48 31.72 95.52 33.60
N ALA TD 49 31.59 96.63 32.90
CA ALA TD 49 32.50 97.76 33.02
C ALA TD 49 31.70 99.00 33.42
N GLY TD 50 32.20 99.74 34.41
CA GLY TD 50 31.56 100.94 34.88
C GLY TD 50 32.25 102.19 34.38
N LEU TD 51 31.69 103.33 34.78
CA LEU TD 51 32.10 104.62 34.26
C LEU TD 51 33.49 105.00 34.78
N GLY TD 52 34.33 105.45 33.85
CA GLY TD 52 35.71 105.79 34.17
C GLY TD 52 36.71 104.70 33.85
N GLU TD 53 36.26 103.49 33.57
CA GLU TD 53 37.15 102.36 33.36
C GLU TD 53 37.78 102.41 31.98
N TRP TD 54 38.95 101.79 31.87
CA TRP TD 54 39.64 101.62 30.60
C TRP TD 54 39.29 100.26 30.04
N VAL TD 55 38.78 100.22 28.81
CA VAL TD 55 38.32 98.98 28.22
C VAL TD 55 38.98 98.80 26.86
N LEU TD 56 39.05 97.54 26.43
CA LEU TD 56 39.38 97.21 25.05
C LEU TD 56 38.07 96.93 24.31
N VAL TD 57 37.85 97.64 23.22
CA VAL TD 57 36.66 97.50 22.40
C VAL TD 57 37.08 97.08 21.00
N ASN TD 58 36.40 96.07 20.46
CA ASN TD 58 36.67 95.65 19.09
C ASN TD 58 35.65 96.28 18.15
N ARG TD 59 35.81 96.03 16.86
CA ARG TD 59 34.97 96.63 15.85
C ARG TD 59 34.57 95.55 14.86
N GLY TD 60 33.39 95.70 14.28
CA GLY TD 60 33.00 94.85 13.17
C GLY TD 60 32.37 93.53 13.56
N SER TD 61 32.66 92.49 12.78
CA SER TD 61 32.08 91.17 12.99
C SER TD 61 32.69 90.43 14.18
N ALA TD 62 33.75 90.97 14.78
CA ALA TD 62 34.31 90.41 15.99
C ALA TD 62 33.42 90.64 17.20
N ALA TD 63 32.49 91.58 17.13
CA ALA TD 63 31.53 91.80 18.20
C ALA TD 63 30.48 90.71 18.29
N ARG TD 64 30.38 89.85 17.27
CA ARG TD 64 29.39 88.78 17.22
C ARG TD 64 30.00 87.40 17.45
N GLN TD 65 31.08 87.32 18.21
CA GLN TD 65 31.80 86.06 18.39
C GLN TD 65 31.63 85.45 19.77
N THR TD 66 30.96 86.15 20.70
CA THR TD 66 30.89 85.73 22.09
C THR TD 66 29.71 84.81 22.39
N GLU TD 67 29.14 84.19 21.35
CA GLU TD 67 28.12 83.13 21.32
C GLU TD 67 26.77 83.52 21.94
N TYR TD 68 26.64 84.72 22.49
CA TYR TD 68 25.33 85.29 22.77
C TYR TD 68 25.11 86.60 22.06
N HIS TD 69 26.04 87.02 21.21
CA HIS TD 69 25.88 88.17 20.32
C HIS TD 69 25.90 87.75 18.86
N GLN TD 70 25.63 86.48 18.56
CA GLN TD 70 25.97 85.91 17.26
C GLN TD 70 25.05 86.43 16.16
N ASN TD 71 23.76 86.52 16.42
CA ASN TD 71 22.80 86.99 15.43
C ASN TD 71 22.24 88.37 15.80
N ARG TD 72 22.97 89.09 16.65
CA ARG TD 72 22.67 90.41 17.14
C ARG TD 72 23.35 91.47 16.26
N PRO TD 73 22.66 92.56 15.95
CA PRO TD 73 23.23 93.60 15.06
C PRO TD 73 24.19 94.52 15.79
N LEU TD 74 25.34 93.97 16.18
CA LEU TD 74 26.34 94.67 16.96
C LEU TD 74 27.63 94.76 16.16
N ASP TD 75 28.25 95.94 16.14
CA ASP TD 75 29.51 96.14 15.47
C ASP TD 75 30.60 96.66 16.40
N ALA TD 76 30.36 96.63 17.71
CA ALA TD 76 31.34 97.07 18.70
C ALA TD 76 31.02 96.37 20.02
N MET TD 77 32.06 95.99 20.75
CA MET TD 77 31.88 95.20 21.96
C MET TD 77 33.09 95.37 22.85
N VAL TD 78 32.85 95.65 24.13
CA VAL TD 78 33.93 95.61 25.11
C VAL TD 78 34.34 94.17 25.33
N VAL TD 79 35.59 93.85 25.03
CA VAL TD 79 36.09 92.49 25.20
C VAL TD 79 36.91 92.31 26.46
N ALA TD 80 37.45 93.39 27.01
CA ALA TD 80 38.33 93.29 28.17
C ALA TD 80 38.28 94.61 28.92
N ILE TD 81 38.36 94.52 30.24
CA ILE TD 81 38.65 95.67 31.08
C ILE TD 81 40.16 95.73 31.25
N ILE TD 82 40.75 96.87 30.93
CA ILE TD 82 42.19 97.01 30.97
C ILE TD 82 42.67 97.06 32.41
N ASP TD 83 43.55 96.13 32.77
CA ASP TD 83 44.24 96.19 34.05
C ASP TD 83 45.41 97.15 34.01
N THR TD 84 46.34 96.94 33.07
CA THR TD 84 47.52 97.77 32.98
C THR TD 84 47.98 97.90 31.54
N VAL TD 85 48.53 99.06 31.23
CA VAL TD 85 49.16 99.34 29.93
C VAL TD 85 50.60 99.71 30.19
N THR TD 86 51.52 98.94 29.61
CA THR TD 86 52.95 99.20 29.73
C THR TD 86 53.46 99.67 28.38
N VAL TD 87 53.97 100.89 28.32
CA VAL TD 87 54.48 101.47 27.09
C VAL TD 87 55.98 101.72 27.27
N ASN TD 88 56.79 101.07 26.44
CA ASN TD 88 58.27 101.17 26.45
C ASN TD 88 58.84 100.79 27.81
N ASN TD 89 58.36 99.67 28.35
CA ASN TD 89 58.66 99.12 29.67
C ASN TD 89 58.31 100.05 30.82
N ARG TD 90 57.47 101.05 30.59
CA ARG TD 90 56.99 101.96 31.62
C ARG TD 90 55.49 101.81 31.74
N ARG TD 91 55.01 101.65 32.97
CA ARG TD 91 53.58 101.47 33.20
C ARG TD 91 52.84 102.77 32.96
N LEU TD 92 51.97 102.78 31.95
CA LEU TD 92 51.13 103.93 31.64
C LEU TD 92 49.85 103.97 32.45
N TYR TD 93 49.26 102.81 32.72
CA TYR TD 93 47.98 102.72 33.38
C TYR TD 93 48.02 101.58 34.39
N GLY TD 94 47.30 101.75 35.50
CA GLY TD 94 47.21 100.71 36.50
C GLY TD 94 48.31 100.78 37.54
N ALA UD 2 -2.20 -112.66 20.83
CA ALA UD 2 -3.44 -113.35 21.17
C ALA UD 2 -4.60 -112.82 20.32
N VAL UD 3 -5.82 -113.09 20.79
CA VAL UD 3 -7.03 -112.60 20.15
C VAL UD 3 -7.07 -111.08 20.27
N ALA UD 4 -7.49 -110.40 19.19
CA ALA UD 4 -7.42 -108.95 19.09
C ALA UD 4 -8.30 -108.26 20.13
N VAL UD 5 -7.87 -107.09 20.57
CA VAL UD 5 -8.54 -106.34 21.62
C VAL UD 5 -8.84 -104.93 21.09
N GLY UD 6 -10.07 -104.49 21.28
CA GLY UD 6 -10.46 -103.13 20.95
C GLY UD 6 -10.94 -102.40 22.19
N MET UD 7 -10.64 -101.11 22.26
CA MET UD 7 -11.01 -100.29 23.40
C MET UD 7 -11.64 -99.01 22.89
N ILE UD 8 -12.75 -98.60 23.50
CA ILE UD 8 -13.33 -97.29 23.27
C ILE UD 8 -13.45 -96.61 24.63
N GLU UD 9 -12.77 -95.49 24.79
CA GLU UD 9 -12.85 -94.70 26.01
C GLU UD 9 -13.77 -93.52 25.78
N THR UD 10 -14.82 -93.41 26.59
CA THR UD 10 -15.76 -92.32 26.50
C THR UD 10 -15.78 -91.55 27.81
N LEU UD 11 -16.29 -90.33 27.75
CA LEU UD 11 -16.52 -89.50 28.92
C LEU UD 11 -18.00 -89.61 29.27
N GLY UD 12 -18.32 -90.52 30.19
CA GLY UD 12 -19.69 -90.72 30.59
C GLY UD 12 -20.19 -92.15 30.43
N PHE UD 13 -21.07 -92.56 31.33
CA PHE UD 13 -21.66 -93.89 31.32
C PHE UD 13 -22.74 -94.14 30.27
N PRO UD 14 -23.65 -93.19 29.91
CA PRO UD 14 -24.52 -93.47 28.76
C PRO UD 14 -23.77 -93.56 27.44
N ALA UD 15 -22.63 -92.90 27.29
CA ALA UD 15 -21.87 -93.01 26.06
C ALA UD 15 -21.09 -94.31 26.00
N VAL UD 16 -20.77 -94.90 27.15
CA VAL UD 16 -19.95 -96.11 27.13
C VAL UD 16 -20.83 -97.34 26.99
N VAL UD 17 -22.12 -97.22 27.32
CA VAL UD 17 -23.04 -98.34 27.12
C VAL UD 17 -23.48 -98.38 25.67
N GLU UD 18 -23.67 -97.21 25.04
CA GLU UD 18 -23.91 -97.17 23.61
C GLU UD 18 -22.68 -97.62 22.82
N ALA UD 19 -21.48 -97.30 23.32
CA ALA UD 19 -20.27 -97.84 22.71
C ALA UD 19 -20.20 -99.35 22.86
N ALA UD 20 -20.54 -99.87 24.03
CA ALA UD 20 -20.50 -101.32 24.24
C ALA UD 20 -21.61 -102.02 23.48
N ASP UD 21 -22.77 -101.38 23.35
CA ASP UD 21 -23.89 -102.01 22.66
C ASP UD 21 -23.70 -102.02 21.15
N ALA UD 22 -23.17 -100.93 20.59
CA ALA UD 22 -23.01 -100.86 19.14
C ALA UD 22 -21.82 -101.70 18.67
N MET UD 23 -20.87 -102.00 19.57
CA MET UD 23 -19.72 -102.80 19.19
C MET UD 23 -20.13 -104.27 19.01
N VAL UD 24 -20.91 -104.80 19.94
CA VAL UD 24 -21.28 -106.21 19.84
C VAL UD 24 -22.45 -106.40 18.89
N LYS UD 25 -23.06 -105.31 18.42
CA LYS UD 25 -24.12 -105.40 17.43
C LYS UD 25 -23.59 -105.21 16.02
N ALA UD 26 -22.40 -104.61 15.88
CA ALA UD 26 -21.86 -104.37 14.55
C ALA UD 26 -21.13 -105.60 14.01
N ALA UD 27 -20.52 -106.37 14.91
CA ALA UD 27 -19.68 -107.49 14.48
C ALA UD 27 -19.69 -108.56 15.56
N ARG UD 28 -18.99 -109.66 15.28
CA ARG UD 28 -18.92 -110.81 16.18
C ARG UD 28 -17.75 -110.61 17.13
N VAL UD 29 -17.92 -109.68 18.05
CA VAL UD 29 -16.95 -109.44 19.12
C VAL UD 29 -17.58 -109.82 20.44
N THR UD 30 -16.73 -109.99 21.45
CA THR UD 30 -17.17 -110.30 22.80
C THR UD 30 -16.76 -109.16 23.72
N LEU UD 31 -17.73 -108.42 24.22
CA LEU UD 31 -17.47 -107.43 25.27
C LEU UD 31 -17.07 -108.16 26.54
N VAL UD 32 -15.82 -108.00 26.95
CA VAL UD 32 -15.29 -108.74 28.09
C VAL UD 32 -15.05 -107.84 29.30
N GLY UD 33 -14.92 -106.54 29.12
CA GLY UD 33 -14.34 -105.71 30.15
C GLY UD 33 -15.01 -104.37 30.24
N TYR UD 34 -14.76 -103.69 31.36
CA TYR UD 34 -15.39 -102.44 31.71
C TYR UD 34 -14.49 -101.76 32.72
N GLU UD 35 -13.84 -100.67 32.31
CA GLU UD 35 -12.77 -100.10 33.12
C GLU UD 35 -13.02 -98.62 33.37
N LYS UD 36 -13.01 -98.24 34.64
CA LYS UD 36 -13.12 -96.85 35.06
C LYS UD 36 -11.78 -96.45 35.66
N ILE UD 37 -11.23 -95.34 35.18
CA ILE UD 37 -9.92 -94.87 35.60
C ILE UD 37 -10.00 -93.48 36.23
N GLY UD 38 -11.20 -92.98 36.50
CA GLY UD 38 -11.37 -91.69 37.13
C GLY UD 38 -11.65 -90.58 36.14
N THR UD 39 -12.19 -89.48 36.68
CA THR UD 39 -12.71 -88.31 35.96
C THR UD 39 -13.67 -88.66 34.82
N GLY UD 40 -14.50 -89.69 35.01
CA GLY UD 40 -15.48 -90.03 34.02
C GLY UD 40 -14.96 -90.72 32.79
N ARG UD 41 -13.66 -90.95 32.68
CA ARG UD 41 -13.08 -91.68 31.56
C ARG UD 41 -13.39 -93.17 31.76
N VAL UD 42 -14.31 -93.69 30.96
CA VAL UD 42 -14.78 -95.05 31.08
C VAL UD 42 -14.47 -95.79 29.79
N THR UD 43 -13.89 -96.98 29.91
CA THR UD 43 -13.45 -97.76 28.76
C THR UD 43 -14.14 -99.11 28.76
N VAL UD 44 -14.69 -99.50 27.61
CA VAL UD 44 -15.16 -100.85 27.37
C VAL UD 44 -14.17 -101.57 26.47
N ILE UD 45 -14.01 -102.87 26.69
CA ILE UD 45 -12.98 -103.67 26.06
C ILE UD 45 -13.66 -104.85 25.37
N VAL UD 46 -13.46 -104.98 24.07
CA VAL UD 46 -14.02 -106.10 23.31
C VAL UD 46 -12.87 -106.97 22.83
N ARG UD 47 -13.16 -108.26 22.64
CA ARG UD 47 -12.23 -109.20 22.05
C ARG UD 47 -12.87 -109.84 20.84
N GLY UD 48 -12.03 -110.32 19.93
CA GLY UD 48 -12.54 -111.00 18.75
C GLY UD 48 -11.51 -111.01 17.66
N ASP UD 49 -11.93 -111.43 16.48
CA ASP UD 49 -11.07 -111.40 15.31
C ASP UD 49 -10.81 -109.96 14.88
N VAL UD 50 -9.75 -109.78 14.10
CA VAL UD 50 -9.29 -108.44 13.73
C VAL UD 50 -10.29 -107.76 12.81
N SER UD 51 -10.92 -108.52 11.92
CA SER UD 51 -11.97 -107.97 11.06
C SER UD 51 -13.19 -107.54 11.86
N GLU UD 52 -13.52 -108.29 12.91
CA GLU UD 52 -14.66 -107.94 13.75
C GLU UD 52 -14.35 -106.75 14.65
N VAL UD 53 -13.15 -106.71 15.23
CA VAL UD 53 -12.80 -105.65 16.18
C VAL UD 53 -12.62 -104.32 15.46
N GLN UD 54 -12.05 -104.35 14.25
CA GLN UD 54 -11.94 -103.12 13.45
C GLN UD 54 -13.31 -102.61 13.03
N ALA UD 55 -14.24 -103.52 12.74
CA ALA UD 55 -15.59 -103.09 12.35
C ALA UD 55 -16.38 -102.60 13.55
N SER UD 56 -16.18 -103.22 14.71
CA SER UD 56 -16.93 -102.86 15.90
C SER UD 56 -16.49 -101.52 16.48
N VAL UD 57 -15.16 -101.31 16.56
CA VAL UD 57 -14.64 -100.07 17.15
C VAL UD 57 -14.94 -98.88 16.26
N SER UD 58 -14.88 -99.07 14.94
CA SER UD 58 -15.21 -97.99 14.02
C SER UD 58 -16.70 -97.66 14.03
N ALA UD 59 -17.54 -98.68 14.22
CA ALA UD 59 -18.98 -98.43 14.31
C ALA UD 59 -19.38 -97.99 15.71
N GLY UD 60 -18.65 -98.47 16.73
CA GLY UD 60 -18.90 -98.02 18.08
C GLY UD 60 -18.51 -96.57 18.32
N THR UD 61 -17.55 -96.07 17.53
CA THR UD 61 -17.13 -94.68 17.67
C THR UD 61 -18.18 -93.73 17.10
N GLU UD 62 -18.77 -94.10 15.96
CA GLU UD 62 -19.75 -93.22 15.32
C GLU UD 62 -21.08 -93.24 16.07
N SER UD 63 -21.35 -94.28 16.85
CA SER UD 63 -22.61 -94.35 17.57
C SER UD 63 -22.59 -93.47 18.82
N VAL UD 64 -21.41 -93.23 19.41
CA VAL UD 64 -21.31 -92.36 20.57
C VAL UD 64 -21.60 -90.91 20.23
N LYS UD 65 -21.25 -90.47 19.03
CA LYS UD 65 -21.63 -89.12 18.59
C LYS UD 65 -23.02 -89.12 17.96
N ARG UD 66 -23.96 -89.77 18.63
CA ARG UD 66 -25.39 -89.72 18.37
C ARG UD 66 -26.08 -89.71 19.72
N VAL UD 67 -25.26 -89.71 20.77
CA VAL UD 67 -25.71 -89.60 22.16
C VAL UD 67 -25.48 -88.16 22.60
N ASN UD 68 -26.49 -87.56 23.24
CA ASN UD 68 -26.34 -86.21 23.75
C ASN UD 68 -25.47 -86.25 25.01
N GLY UD 69 -24.44 -85.41 25.03
CA GLY UD 69 -23.49 -85.46 26.12
C GLY UD 69 -22.46 -86.56 25.98
N GLY UD 70 -22.42 -87.25 24.83
CA GLY UD 70 -21.48 -88.33 24.60
C GLY UD 70 -20.25 -87.82 23.88
N GLN UD 71 -19.09 -88.32 24.31
CA GLN UD 71 -17.81 -87.88 23.77
C GLN UD 71 -16.84 -89.04 23.77
N VAL UD 72 -16.26 -89.34 22.61
CA VAL UD 72 -15.21 -90.34 22.50
C VAL UD 72 -13.90 -89.68 22.88
N LEU UD 73 -13.24 -90.21 23.91
CA LEU UD 73 -11.94 -89.67 24.29
C LEU UD 73 -10.81 -90.36 23.53
N SER UD 74 -10.84 -91.68 23.47
CA SER UD 74 -9.74 -92.44 22.89
C SER UD 74 -10.26 -93.79 22.44
N THR UD 75 -9.83 -94.18 21.23
CA THR UD 75 -10.14 -95.50 20.69
C THR UD 75 -8.85 -96.14 20.22
N HIS UD 76 -8.77 -97.46 20.34
CA HIS UD 76 -7.60 -98.19 19.85
C HIS UD 76 -7.95 -99.64 19.59
N ILE UD 77 -7.25 -100.22 18.63
CA ILE UD 77 -7.33 -101.64 18.30
C ILE UD 77 -5.92 -102.20 18.34
N ILE UD 78 -5.70 -103.25 19.11
CA ILE UD 78 -4.47 -104.02 19.07
C ILE UD 78 -4.80 -105.37 18.45
N ALA UD 79 -4.26 -105.60 17.24
CA ALA UD 79 -4.68 -106.76 16.45
C ALA UD 79 -4.11 -108.06 17.02
N ARG UD 80 -2.97 -107.99 17.70
CA ARG UD 80 -2.32 -109.18 18.23
C ARG UD 80 -1.63 -108.78 19.53
N PRO UD 81 -2.37 -108.76 20.63
CA PRO UD 81 -1.75 -108.41 21.91
C PRO UD 81 -0.89 -109.55 22.43
N HIS UD 82 0.16 -109.18 23.15
CA HIS UD 82 1.03 -110.14 23.79
C HIS UD 82 0.29 -110.90 24.87
N GLU UD 83 0.72 -112.13 25.11
CA GLU UD 83 0.09 -112.96 26.13
C GLU UD 83 0.44 -112.52 27.55
N ASN UD 84 1.40 -111.61 27.70
CA ASN UD 84 1.66 -110.97 28.99
C ASN UD 84 0.52 -110.05 29.41
N LEU UD 85 -0.21 -109.48 28.45
CA LEU UD 85 -1.14 -108.39 28.74
C LEU UD 85 -2.42 -108.86 29.40
N GLU UD 86 -2.85 -110.10 29.14
CA GLU UD 86 -4.11 -110.57 29.69
C GLU UD 86 -3.99 -110.84 31.18
N TYR UD 87 -2.78 -111.10 31.67
CA TYR UD 87 -2.61 -111.41 33.08
C TYR UD 87 -2.49 -110.14 33.92
N VAL UD 88 -2.11 -109.02 33.30
CA VAL UD 88 -1.92 -107.79 34.04
C VAL UD 88 -3.08 -106.83 33.80
N LEU UD 89 -3.45 -106.66 32.57
CA LEU UD 89 -4.51 -105.72 32.22
C LEU UD 89 -5.85 -106.43 32.19
N PRO UD 90 -6.94 -105.73 32.54
CA PRO UD 90 -8.29 -106.36 32.52
C PRO UD 90 -8.89 -106.43 31.13
N ILE UD 91 -8.21 -107.12 30.22
CA ILE UD 91 -8.68 -107.32 28.85
C ILE UD 91 -8.96 -108.78 28.54
N ARG UD 92 -8.93 -109.66 29.54
CA ARG UD 92 -9.03 -111.08 29.30
C ARG UD 92 -10.48 -111.55 29.35
N TYR UD 93 -10.71 -112.73 28.80
CA TYR UD 93 -12.03 -113.35 28.87
C TYR UD 93 -12.30 -113.83 30.29
N THR UD 94 -13.41 -113.38 30.85
CA THR UD 94 -13.87 -113.90 32.13
C THR UD 94 -14.91 -114.99 31.92
N GLU UD 95 -15.31 -115.64 33.02
CA GLU UD 95 -16.16 -116.81 32.90
C GLU UD 95 -17.62 -116.46 32.63
N GLU UD 96 -18.01 -115.21 32.88
CA GLU UD 96 -19.39 -114.82 32.59
C GLU UD 96 -19.58 -114.52 31.10
N VAL UD 97 -18.49 -114.27 30.38
CA VAL UD 97 -18.56 -113.96 28.96
C VAL UD 97 -17.98 -115.08 28.10
N GLU UD 98 -17.88 -116.30 28.65
CA GLU UD 98 -17.39 -117.41 27.85
C GLU UD 98 -18.43 -117.93 26.86
N GLN UD 99 -19.72 -117.62 27.08
CA GLN UD 99 -20.75 -118.06 26.15
C GLN UD 99 -20.76 -117.26 24.87
N PHE UD 100 -20.18 -116.06 24.88
CA PHE UD 100 -20.21 -115.19 23.71
C PHE UD 100 -18.97 -115.29 22.86
N ARG UD 101 -17.98 -116.09 23.26
CA ARG UD 101 -16.74 -116.20 22.51
C ARG UD 101 -16.92 -117.04 21.25
N ALA VD 2 17.34 -104.66 42.84
CA ALA VD 2 16.70 -105.69 42.04
C ALA VD 2 16.89 -105.41 40.56
N VAL VD 3 16.13 -106.12 39.72
CA VAL VD 3 16.20 -105.89 38.28
C VAL VD 3 15.41 -104.63 37.96
N ALA VD 4 15.67 -104.04 36.79
CA ALA VD 4 15.26 -102.65 36.54
C ALA VD 4 13.75 -102.50 36.37
N VAL VD 5 13.27 -101.29 36.63
CA VAL VD 5 11.86 -100.94 36.59
C VAL VD 5 11.65 -99.89 35.51
N GLY VD 6 10.68 -100.10 34.65
CA GLY VD 6 10.25 -99.06 33.73
C GLY VD 6 8.77 -98.77 33.93
N MET VD 7 8.45 -97.48 33.95
CA MET VD 7 7.07 -97.04 34.14
C MET VD 7 6.72 -96.04 33.05
N ILE VD 8 5.55 -96.23 32.44
CA ILE VD 8 4.97 -95.25 31.53
C ILE VD 8 3.60 -94.88 32.10
N GLU VD 9 3.42 -93.59 32.39
CA GLU VD 9 2.13 -93.09 32.84
C GLU VD 9 1.44 -92.37 31.69
N THR VD 10 0.23 -92.81 31.35
CA THR VD 10 -0.55 -92.21 30.30
C THR VD 10 -1.85 -91.66 30.84
N LEU VD 11 -2.44 -90.75 30.08
CA LEU VD 11 -3.79 -90.24 30.34
C LEU VD 11 -4.75 -91.04 29.47
N GLY VD 12 -5.37 -92.05 30.07
CA GLY VD 12 -6.30 -92.87 29.32
C GLY VD 12 -5.93 -94.34 29.28
N PHE VD 13 -6.93 -95.20 29.30
CA PHE VD 13 -6.73 -96.64 29.25
C PHE VD 13 -6.41 -97.22 27.86
N PRO VD 14 -6.95 -96.74 26.73
CA PRO VD 14 -6.44 -97.26 25.45
C PRO VD 14 -4.99 -96.88 25.17
N ALA VD 15 -4.50 -95.79 25.76
CA ALA VD 15 -3.10 -95.41 25.57
C ALA VD 15 -2.17 -96.27 26.41
N VAL VD 16 -2.68 -96.84 27.51
CA VAL VD 16 -1.80 -97.56 28.42
C VAL VD 16 -1.69 -99.02 27.99
N VAL VD 17 -2.64 -99.51 27.19
CA VAL VD 17 -2.58 -100.88 26.71
C VAL VD 17 -1.71 -100.95 25.46
N GLU VD 18 -1.74 -99.91 24.64
CA GLU VD 18 -0.83 -99.82 23.50
C GLU VD 18 0.60 -99.57 23.96
N ALA VD 19 0.76 -98.81 25.05
CA ALA VD 19 2.09 -98.63 25.62
C ALA VD 19 2.61 -99.93 26.22
N ALA VD 20 1.74 -100.71 26.87
CA ALA VD 20 2.17 -101.97 27.47
C ALA VD 20 2.42 -103.02 26.40
N ASP VD 21 1.66 -102.99 25.30
CA ASP VD 21 1.87 -103.97 24.25
C ASP VD 21 3.11 -103.65 23.42
N ALA VD 22 3.43 -102.35 23.28
CA ALA VD 22 4.66 -101.99 22.58
C ALA VD 22 5.89 -102.29 23.40
N MET VD 23 5.76 -102.28 24.72
CA MET VD 23 6.92 -102.49 25.58
C MET VD 23 7.38 -103.94 25.57
N VAL VD 24 6.45 -104.87 25.71
CA VAL VD 24 6.83 -106.27 25.81
C VAL VD 24 7.15 -106.87 24.45
N LYS VD 25 6.82 -106.15 23.37
CA LYS VD 25 7.21 -106.60 22.04
C LYS VD 25 8.57 -106.04 21.64
N ALA VD 26 8.93 -104.88 22.20
CA ALA VD 26 10.16 -104.22 21.77
C ALA VD 26 11.39 -104.86 22.38
N ALA VD 27 11.28 -105.42 23.58
CA ALA VD 27 12.44 -105.95 24.27
C ALA VD 27 12.02 -107.06 25.21
N ARG VD 28 13.00 -107.61 25.93
CA ARG VD 28 12.80 -108.74 26.84
C ARG VD 28 12.44 -108.22 28.23
N VAL VD 29 11.32 -107.53 28.30
CA VAL VD 29 10.79 -107.02 29.56
C VAL VD 29 9.55 -107.82 29.90
N THR VD 30 9.19 -107.81 31.18
CA THR VD 30 7.98 -108.44 31.67
C THR VD 30 7.07 -107.37 32.22
N LEU VD 31 5.90 -107.20 31.61
CA LEU VD 31 4.85 -106.37 32.20
C LEU VD 31 4.36 -107.04 33.46
N VAL VD 32 4.58 -106.41 34.61
CA VAL VD 32 4.22 -107.00 35.89
C VAL VD 32 3.11 -106.22 36.59
N GLY VD 33 2.87 -104.97 36.23
CA GLY VD 33 2.07 -104.11 37.07
C GLY VD 33 1.22 -103.18 36.25
N TYR VD 34 0.18 -102.67 36.89
CA TYR VD 34 -0.80 -101.81 36.25
C TYR VD 34 -1.47 -101.03 37.37
N GLU VD 35 -1.30 -99.71 37.36
CA GLU VD 35 -1.66 -98.90 38.51
C GLU VD 35 -2.54 -97.73 38.11
N LYS VD 36 -3.64 -97.54 38.83
CA LYS VD 36 -4.53 -96.41 38.67
C LYS VD 36 -4.40 -95.52 39.89
N ILE VD 37 -4.16 -94.24 39.68
CA ILE VD 37 -3.97 -93.29 40.77
C ILE VD 37 -4.97 -92.13 40.70
N GLY VD 38 -5.90 -92.16 39.74
CA GLY VD 38 -6.92 -91.14 39.63
C GLY VD 38 -6.63 -90.13 38.54
N THR VD 39 -7.67 -89.35 38.21
CA THR VD 39 -7.73 -88.41 37.09
C THR VD 39 -7.30 -89.01 35.76
N GLY VD 40 -7.57 -90.29 35.53
CA GLY VD 40 -7.18 -90.92 34.30
C GLY VD 40 -5.69 -91.20 34.16
N ARG VD 41 -4.91 -90.97 35.21
CA ARG VD 41 -3.48 -91.25 35.18
C ARG VD 41 -3.27 -92.73 35.46
N VAL VD 42 -2.89 -93.47 34.43
CA VAL VD 42 -2.75 -94.91 34.49
C VAL VD 42 -1.30 -95.26 34.17
N THR VD 43 -0.71 -96.13 34.98
CA THR VD 43 0.70 -96.48 34.86
C THR VD 43 0.84 -97.98 34.67
N VAL VD 44 1.63 -98.40 33.69
CA VAL VD 44 2.05 -99.78 33.52
C VAL VD 44 3.53 -99.89 33.86
N ILE VD 45 3.89 -101.01 34.47
CA ILE VD 45 5.22 -101.23 35.03
C ILE VD 45 5.83 -102.46 34.36
N VAL VD 46 7.02 -102.30 33.79
CA VAL VD 46 7.75 -103.42 33.21
C VAL VD 46 9.00 -103.69 34.03
N ARG VD 47 9.44 -104.94 34.02
CA ARG VD 47 10.68 -105.36 34.66
C ARG VD 47 11.58 -106.07 33.66
N GLY VD 48 12.86 -105.77 33.74
CA GLY VD 48 13.82 -106.46 32.90
C GLY VD 48 15.20 -105.86 33.13
N ASP VD 49 16.15 -106.25 32.29
CA ASP VD 49 17.46 -105.62 32.32
C ASP VD 49 17.33 -104.16 31.85
N VAL VD 50 18.27 -103.34 32.32
CA VAL VD 50 18.18 -101.89 32.12
C VAL VD 50 18.29 -101.52 30.64
N SER VD 51 19.02 -102.28 29.84
CA SER VD 51 19.06 -102.05 28.40
C SER VD 51 17.74 -102.43 27.75
N GLU VD 52 17.13 -103.50 28.22
CA GLU VD 52 15.83 -103.91 27.68
C GLU VD 52 14.72 -102.98 28.16
N VAL VD 53 14.84 -102.50 29.40
CA VAL VD 53 13.82 -101.60 29.94
C VAL VD 53 13.91 -100.24 29.25
N GLN VD 54 15.12 -99.78 28.95
CA GLN VD 54 15.30 -98.53 28.22
C GLN VD 54 14.78 -98.64 26.79
N ALA VD 55 14.98 -99.79 26.16
CA ALA VD 55 14.52 -99.98 24.79
C ALA VD 55 13.01 -100.11 24.73
N SER VD 56 12.39 -100.63 25.79
CA SER VD 56 10.96 -100.83 25.79
C SER VD 56 10.21 -99.56 26.14
N VAL VD 57 10.68 -98.84 27.16
CA VAL VD 57 9.99 -97.65 27.65
C VAL VD 57 10.01 -96.54 26.61
N SER VD 58 11.11 -96.42 25.87
CA SER VD 58 11.15 -95.46 24.77
C SER VD 58 10.26 -95.89 23.62
N ALA VD 59 10.13 -97.20 23.39
CA ALA VD 59 9.27 -97.68 22.31
C ALA VD 59 7.81 -97.64 22.70
N GLY VD 60 7.52 -97.79 24.00
CA GLY VD 60 6.15 -97.64 24.46
C GLY VD 60 5.67 -96.21 24.47
N THR VD 61 6.60 -95.25 24.52
CA THR VD 61 6.23 -93.84 24.47
C THR VD 61 5.84 -93.41 23.06
N GLU VD 62 6.52 -93.95 22.05
CA GLU VD 62 6.20 -93.56 20.67
C GLU VD 62 4.91 -94.18 20.18
N SER VD 63 4.51 -95.31 20.74
CA SER VD 63 3.31 -95.99 20.27
C SER VD 63 2.04 -95.35 20.81
N VAL VD 64 2.13 -94.50 21.82
CA VAL VD 64 0.96 -93.77 22.30
C VAL VD 64 0.54 -92.70 21.29
N LYS VD 65 1.48 -92.24 20.46
CA LYS VD 65 1.15 -91.32 19.38
C LYS VD 65 0.30 -91.98 18.30
N ARG VD 66 0.33 -93.32 18.20
CA ARG VD 66 -0.60 -94.02 17.32
C ARG VD 66 -2.03 -93.91 17.84
N VAL VD 67 -2.19 -93.85 19.17
CA VAL VD 67 -3.52 -93.78 19.76
C VAL VD 67 -4.03 -92.34 19.67
N ASN VD 68 -5.24 -92.18 19.13
CA ASN VD 68 -5.90 -90.88 19.13
C ASN VD 68 -6.46 -90.62 20.51
N GLY VD 69 -6.21 -89.43 21.04
CA GLY VD 69 -6.63 -89.13 22.40
C GLY VD 69 -5.74 -89.73 23.47
N GLY VD 70 -4.59 -90.26 23.08
CA GLY VD 70 -3.63 -90.81 24.03
C GLY VD 70 -2.49 -89.85 24.25
N GLN VD 71 -2.01 -89.80 25.49
CA GLN VD 71 -1.00 -88.84 25.90
C GLN VD 71 -0.15 -89.42 27.02
N VAL VD 72 1.16 -89.46 26.80
CA VAL VD 72 2.10 -89.92 27.83
C VAL VD 72 2.31 -88.77 28.81
N LEU VD 73 2.02 -89.03 30.09
CA LEU VD 73 2.22 -88.00 31.10
C LEU VD 73 3.62 -88.04 31.68
N SER VD 74 4.10 -89.23 32.04
CA SER VD 74 5.39 -89.35 32.69
C SER VD 74 5.98 -90.72 32.42
N THR VD 75 7.26 -90.75 32.11
CA THR VD 75 8.02 -91.99 32.00
C THR VD 75 9.21 -91.93 32.93
N HIS VD 76 9.59 -93.08 33.46
CA HIS VD 76 10.80 -93.16 34.27
C HIS VD 76 11.35 -94.58 34.24
N ILE VD 77 12.67 -94.68 34.37
CA ILE VD 77 13.38 -95.95 34.41
C ILE VD 77 14.30 -95.92 35.62
N ILE VD 78 14.14 -96.91 36.50
CA ILE VD 78 15.02 -97.10 37.65
C ILE VD 78 15.87 -98.33 37.36
N ALA VD 79 17.19 -98.14 37.25
CA ALA VD 79 18.07 -99.19 36.79
C ALA VD 79 18.26 -100.27 37.84
N ARG VD 80 18.29 -99.90 39.11
CA ARG VD 80 18.54 -100.83 40.20
C ARG VD 80 17.70 -100.40 41.39
N PRO VD 81 16.43 -100.80 41.43
CA PRO VD 81 15.58 -100.43 42.56
C PRO VD 81 15.97 -101.17 43.83
N HIS VD 82 15.73 -100.52 44.94
CA HIS VD 82 15.96 -101.12 46.24
C HIS VD 82 14.97 -102.26 46.47
N GLU VD 83 15.36 -103.21 47.34
CA GLU VD 83 14.51 -104.35 47.62
C GLU VD 83 13.29 -103.98 48.46
N ASN VD 84 13.30 -102.79 49.08
CA ASN VD 84 12.15 -102.33 49.85
C ASN VD 84 10.97 -101.98 48.96
N LEU VD 85 11.22 -101.64 47.69
CA LEU VD 85 10.18 -101.10 46.84
C LEU VD 85 9.22 -102.18 46.32
N GLU VD 86 9.68 -103.44 46.25
CA GLU VD 86 8.82 -104.47 45.70
C GLU VD 86 7.81 -104.96 46.72
N TYR VD 87 8.03 -104.67 48.00
CA TYR VD 87 7.10 -105.11 49.03
C TYR VD 87 6.06 -104.05 49.33
N VAL VD 88 6.29 -102.82 48.88
CA VAL VD 88 5.33 -101.75 49.11
C VAL VD 88 4.65 -101.35 47.80
N LEU VD 89 5.43 -101.02 46.81
CA LEU VD 89 4.90 -100.55 45.54
C LEU VD 89 4.59 -101.74 44.63
N PRO VD 90 3.57 -101.62 43.77
CA PRO VD 90 3.23 -102.72 42.84
C PRO VD 90 4.16 -102.80 41.62
N ILE VD 91 5.45 -103.01 41.88
CA ILE VD 91 6.45 -103.21 40.84
C ILE VD 91 7.02 -104.61 40.87
N ARG VD 92 6.46 -105.51 41.67
CA ARG VD 92 7.07 -106.82 41.87
C ARG VD 92 6.52 -107.84 40.89
N TYR VD 93 7.26 -108.92 40.74
CA TYR VD 93 6.79 -110.06 39.95
C TYR VD 93 5.72 -110.81 40.73
N THR VD 94 4.54 -110.92 40.14
CA THR VD 94 3.50 -111.77 40.71
C THR VD 94 3.64 -113.19 40.17
N GLU VD 95 2.84 -114.09 40.73
CA GLU VD 95 2.92 -115.50 40.34
C GLU VD 95 2.33 -115.71 38.95
N GLU VD 96 1.41 -114.84 38.53
CA GLU VD 96 0.76 -114.97 37.23
C GLU VD 96 1.71 -114.61 36.09
N VAL VD 97 2.70 -113.78 36.35
CA VAL VD 97 3.62 -113.31 35.31
C VAL VD 97 4.97 -114.02 35.38
N GLU VD 98 5.06 -115.14 36.10
CA GLU VD 98 6.33 -115.85 36.19
C GLU VD 98 6.68 -116.60 34.91
N GLN VD 99 5.69 -116.86 34.04
CA GLN VD 99 5.97 -117.54 32.79
C GLN VD 99 6.63 -116.62 31.77
N PHE VD 100 6.57 -115.31 31.99
CA PHE VD 100 7.11 -114.34 31.04
C PHE VD 100 8.44 -113.76 31.48
N ARG VD 101 8.96 -114.15 32.65
CA ARG VD 101 10.20 -113.60 33.15
C ARG VD 101 11.41 -114.20 32.42
N ALA WD 2 -5.42 -115.56 -2.96
CA ALA WD 2 -6.10 -116.14 -1.81
C ALA WD 2 -5.74 -115.37 -0.54
N VAL WD 3 -4.48 -115.48 -0.14
CA VAL WD 3 -3.97 -114.72 0.99
C VAL WD 3 -3.65 -113.31 0.52
N ALA WD 4 -4.08 -112.31 1.30
CA ALA WD 4 -3.92 -110.91 0.94
C ALA WD 4 -2.45 -110.50 0.93
N VAL WD 5 -2.16 -109.40 0.25
CA VAL WD 5 -0.80 -108.89 0.11
C VAL WD 5 -0.80 -107.42 0.48
N GLY WD 6 0.18 -107.01 1.28
CA GLY WD 6 0.37 -105.61 1.60
C GLY WD 6 1.80 -105.21 1.41
N MET WD 7 1.99 -103.97 0.95
CA MET WD 7 3.30 -103.44 0.62
C MET WD 7 3.48 -102.10 1.31
N ILE WD 8 4.67 -101.88 1.86
CA ILE WD 8 5.08 -100.56 2.35
C ILE WD 8 6.39 -100.23 1.64
N GLU WD 9 6.39 -99.15 0.88
CA GLU WD 9 7.60 -98.66 0.24
C GLU WD 9 8.18 -97.50 1.03
N THR WD 10 9.40 -97.66 1.50
CA THR WD 10 10.09 -96.61 2.22
C THR WD 10 11.29 -96.13 1.42
N LEU WD 11 11.76 -94.94 1.75
CA LEU WD 11 13.00 -94.41 1.22
C LEU WD 11 14.09 -94.72 2.23
N GLY WD 12 14.89 -95.74 1.94
CA GLY WD 12 15.95 -96.12 2.84
C GLY WD 12 15.77 -97.50 3.45
N PHE WD 13 16.88 -98.19 3.68
CA PHE WD 13 16.87 -99.53 4.26
C PHE WD 13 16.64 -99.59 5.79
N PRO WD 14 17.15 -98.67 6.64
CA PRO WD 14 16.73 -98.72 8.04
C PRO WD 14 15.26 -98.46 8.27
N ALA WD 15 14.60 -97.71 7.38
CA ALA WD 15 13.17 -97.46 7.55
C ALA WD 15 12.35 -98.66 7.10
N VAL WD 16 12.90 -99.49 6.22
CA VAL WD 16 12.12 -100.61 5.69
C VAL WD 16 12.24 -101.83 6.60
N VAL WD 17 13.25 -101.85 7.46
CA VAL WD 17 13.37 -102.93 8.44
C VAL WD 17 12.52 -102.63 9.66
N GLU WD 18 12.44 -101.36 10.05
CA GLU WD 18 11.52 -100.96 11.11
C GLU WD 18 10.07 -101.10 10.67
N ALA WD 19 9.79 -100.86 9.39
CA ALA WD 19 8.46 -101.10 8.86
C ALA WD 19 8.15 -102.59 8.83
N ALA WD 20 9.12 -103.42 8.42
CA ALA WD 20 8.88 -104.85 8.37
C ALA WD 20 8.79 -105.47 9.76
N ASP WD 21 9.52 -104.92 10.72
CA ASP WD 21 9.46 -105.44 12.08
C ASP WD 21 8.15 -105.04 12.77
N ALA WD 22 7.61 -103.87 12.43
CA ALA WD 22 6.35 -103.45 13.04
C ALA WD 22 5.17 -104.13 12.39
N MET WD 23 5.34 -104.66 11.18
CA MET WD 23 4.22 -105.31 10.50
C MET WD 23 3.97 -106.70 11.05
N VAL WD 24 5.03 -107.48 11.27
CA VAL WD 24 4.85 -108.85 11.70
C VAL WD 24 4.64 -108.93 13.20
N LYS WD 25 4.90 -107.84 13.92
CA LYS WD 25 4.60 -107.81 15.35
C LYS WD 25 3.15 -107.39 15.59
N ALA WD 26 2.59 -106.57 14.71
CA ALA WD 26 1.27 -106.01 14.96
C ALA WD 26 0.18 -107.03 14.70
N ALA WD 27 0.34 -107.88 13.69
CA ALA WD 27 -0.72 -108.80 13.30
C ALA WD 27 -0.10 -110.10 12.80
N ARG WD 28 -0.98 -111.03 12.43
CA ARG WD 28 -0.58 -112.35 11.96
C ARG WD 28 -0.36 -112.32 10.45
N VAL WD 29 0.70 -111.62 10.06
CA VAL WD 29 1.13 -111.57 8.67
C VAL WD 29 2.50 -112.20 8.58
N THR WD 30 2.84 -112.63 7.37
CA THR WD 30 4.14 -113.21 7.08
C THR WD 30 4.86 -112.27 6.13
N LEU WD 31 5.98 -111.72 6.58
CA LEU WD 31 6.89 -111.01 5.69
C LEU WD 31 7.51 -112.01 4.74
N VAL WD 32 7.19 -111.89 3.45
CA VAL WD 32 7.64 -112.86 2.46
C VAL WD 32 8.62 -112.26 1.48
N GLY WD 33 8.68 -110.95 1.33
CA GLY WD 33 9.36 -110.36 0.20
C GLY WD 33 10.06 -109.08 0.57
N TYR WD 34 10.92 -108.63 -0.33
CA TYR WD 34 11.81 -107.51 -0.11
C TYR WD 34 12.29 -107.05 -1.48
N GLU WD 35 11.93 -105.84 -1.89
CA GLU WD 35 12.09 -105.44 -3.27
C GLU WD 35 12.75 -104.07 -3.35
N LYS WD 36 13.77 -103.98 -4.22
CA LYS WD 36 14.47 -102.74 -4.51
C LYS WD 36 14.24 -102.39 -5.97
N ILE WD 37 13.78 -101.17 -6.23
CA ILE WD 37 13.48 -100.72 -7.58
C ILE WD 37 14.34 -99.53 -7.99
N GLY WD 38 15.26 -99.10 -7.14
CA GLY WD 38 16.11 -97.96 -7.43
C GLY WD 38 15.64 -96.69 -6.74
N THR WD 39 16.50 -95.68 -6.83
CA THR WD 39 16.43 -94.41 -6.08
C THR WD 39 16.16 -94.59 -4.59
N GLY WD 40 16.72 -95.63 -3.98
CA GLY WD 40 16.52 -95.87 -2.57
C GLY WD 40 15.13 -96.33 -2.18
N ARG WD 41 14.25 -96.59 -3.14
CA ARG WD 41 12.89 -96.99 -2.86
C ARG WD 41 12.88 -98.49 -2.59
N VAL WD 42 12.61 -98.87 -1.35
CA VAL WD 42 12.67 -100.24 -0.90
C VAL WD 42 11.29 -100.65 -0.40
N THR WD 43 10.82 -101.82 -0.82
CA THR WD 43 9.48 -102.28 -0.53
C THR WD 43 9.53 -103.63 0.17
N VAL WD 44 8.81 -103.75 1.28
CA VAL WD 44 8.60 -105.04 1.95
C VAL WD 44 7.17 -105.49 1.72
N ILE WD 45 7.00 -106.80 1.56
CA ILE WD 45 5.73 -107.42 1.19
C ILE WD 45 5.32 -108.38 2.29
N VAL WD 46 4.13 -108.19 2.84
CA VAL WD 46 3.58 -109.09 3.83
C VAL WD 46 2.39 -109.84 3.25
N ARG WD 47 2.18 -111.05 3.75
CA ARG WD 47 1.03 -111.86 3.37
C ARG WD 47 0.27 -112.27 4.61
N GLY WD 48 -1.05 -112.08 4.57
CA GLY WD 48 -1.89 -112.55 5.64
C GLY WD 48 -3.34 -112.41 5.24
N ASP WD 49 -4.22 -112.49 6.24
CA ASP WD 49 -5.60 -112.10 6.00
C ASP WD 49 -5.67 -110.59 5.81
N VAL WD 50 -6.73 -110.14 5.11
CA VAL WD 50 -6.83 -108.74 4.74
C VAL WD 50 -7.01 -107.83 5.95
N SER WD 51 -7.63 -108.33 7.02
CA SER WD 51 -7.74 -107.55 8.24
C SER WD 51 -6.40 -107.47 8.96
N GLU WD 52 -5.60 -108.55 8.90
CA GLU WD 52 -4.29 -108.54 9.52
C GLU WD 52 -3.31 -107.70 8.71
N VAL WD 53 -3.44 -107.72 7.39
CA VAL WD 53 -2.58 -106.91 6.53
C VAL WD 53 -2.90 -105.43 6.72
N GLN WD 54 -4.17 -105.09 6.93
CA GLN WD 54 -4.55 -103.70 7.17
C GLN WD 54 -4.03 -103.19 8.50
N ALA WD 55 -4.00 -104.05 9.52
CA ALA WD 55 -3.47 -103.64 10.80
C ALA WD 55 -1.94 -103.57 10.77
N SER WD 56 -1.31 -104.36 9.92
CA SER WD 56 0.14 -104.35 9.81
C SER WD 56 0.63 -103.13 9.05
N VAL WD 57 -0.02 -102.80 7.93
CA VAL WD 57 0.43 -101.71 7.08
C VAL WD 57 0.24 -100.36 7.77
N SER WD 58 -0.83 -100.23 8.56
CA SER WD 58 -1.04 -99.01 9.32
C SER WD 58 -0.05 -98.90 10.47
N ALA WD 59 0.33 -100.03 11.07
CA ALA WD 59 1.32 -99.99 12.14
C ALA WD 59 2.73 -99.84 11.60
N GLY WD 60 2.98 -100.41 10.41
CA GLY WD 60 4.29 -100.25 9.80
C GLY WD 60 4.51 -98.87 9.25
N THR WD 61 3.44 -98.15 8.91
CA THR WD 61 3.58 -96.79 8.42
C THR WD 61 3.90 -95.82 9.56
N GLU WD 62 3.29 -96.03 10.73
CA GLU WD 62 3.53 -95.14 11.86
C GLU WD 62 4.90 -95.35 12.48
N SER WD 63 5.49 -96.54 12.30
CA SER WD 63 6.78 -96.83 12.90
C SER WD 63 7.95 -96.27 12.10
N VAL WD 64 7.72 -95.88 10.85
CA VAL WD 64 8.79 -95.26 10.07
C VAL WD 64 9.02 -93.84 10.54
N LYS WD 65 7.98 -93.21 11.11
CA LYS WD 65 8.09 -91.84 11.62
C LYS WD 65 9.03 -91.73 12.81
N ARG WD 66 9.29 -92.83 13.52
CA ARG WD 66 10.29 -92.83 14.58
C ARG WD 66 11.71 -93.02 14.03
N VAL WD 67 11.87 -93.42 12.78
CA VAL WD 67 13.18 -93.51 12.15
C VAL WD 67 13.53 -92.15 11.56
N ASN WD 68 14.66 -91.59 11.98
CA ASN WD 68 15.14 -90.32 11.44
C ASN WD 68 15.96 -90.62 10.19
N GLY WD 69 15.51 -90.13 9.05
CA GLY WD 69 16.16 -90.37 7.78
C GLY WD 69 15.37 -91.22 6.82
N GLY WD 70 14.23 -91.75 7.23
CA GLY WD 70 13.41 -92.56 6.36
C GLY WD 70 11.97 -92.08 6.38
N GLN WD 71 11.30 -92.30 5.25
CA GLN WD 71 9.91 -91.88 5.10
C GLN WD 71 9.17 -92.91 4.27
N VAL WD 72 7.87 -93.02 4.53
CA VAL WD 72 7.00 -93.92 3.77
C VAL WD 72 6.67 -93.23 2.46
N LEU WD 73 6.96 -93.90 1.35
CA LEU WD 73 6.66 -93.34 0.04
C LEU WD 73 5.28 -93.78 -0.44
N SER WD 74 4.96 -95.06 -0.30
CA SER WD 74 3.71 -95.59 -0.80
C SER WD 74 3.35 -96.85 -0.04
N THR WD 75 2.07 -96.99 0.28
CA THR WD 75 1.53 -98.21 0.86
C THR WD 75 0.34 -98.67 0.03
N HIS WD 76 0.13 -99.97 -0.02
CA HIS WD 76 -1.04 -100.52 -0.67
C HIS WD 76 -1.36 -101.89 -0.10
N ILE WD 77 -2.65 -102.24 -0.15
CA ILE WD 77 -3.17 -103.51 0.33
C ILE WD 77 -4.10 -104.06 -0.74
N ILE WD 78 -3.91 -105.32 -1.12
CA ILE WD 78 -4.79 -106.00 -2.04
C ILE WD 78 -5.43 -107.17 -1.31
N ALA WD 79 -6.76 -107.21 -1.30
CA ALA WD 79 -7.50 -108.14 -0.44
C ALA WD 79 -7.34 -109.58 -0.91
N ARG WD 80 -7.27 -109.79 -2.22
CA ARG WD 80 -7.04 -111.12 -2.78
C ARG WD 80 -6.38 -110.91 -4.13
N PRO WD 81 -5.05 -111.05 -4.22
CA PRO WD 81 -4.37 -110.88 -5.50
C PRO WD 81 -4.72 -112.01 -6.46
N HIS WD 82 -4.66 -111.66 -7.74
CA HIS WD 82 -4.84 -112.65 -8.80
C HIS WD 82 -3.68 -113.64 -8.78
N GLU WD 83 -3.96 -114.88 -9.20
CA GLU WD 83 -2.94 -115.91 -9.18
C GLU WD 83 -1.87 -115.70 -10.24
N ASN WD 84 -2.11 -114.80 -11.19
CA ASN WD 84 -1.08 -114.39 -12.14
C ASN WD 84 0.05 -113.63 -11.46
N LEU WD 85 -0.24 -112.93 -10.36
CA LEU WD 85 0.74 -112.03 -9.77
C LEU WD 85 1.83 -112.77 -8.99
N GLU WD 86 1.56 -114.00 -8.55
CA GLU WD 86 2.58 -114.72 -7.78
C GLU WD 86 3.71 -115.19 -8.66
N TYR WD 87 3.44 -115.43 -9.94
CA TYR WD 87 4.47 -115.95 -10.84
C TYR WD 87 5.31 -114.83 -11.43
N VAL WD 88 4.76 -113.63 -11.53
CA VAL WD 88 5.50 -112.53 -12.14
C VAL WD 88 6.13 -111.64 -11.08
N LEU WD 89 5.34 -111.20 -10.14
CA LEU WD 89 5.77 -110.30 -9.08
C LEU WD 89 6.25 -111.09 -7.86
N PRO WD 90 7.26 -110.58 -7.13
CA PRO WD 90 7.81 -111.31 -5.98
C PRO WD 90 6.98 -111.13 -4.71
N ILE WD 91 5.71 -111.55 -4.76
CA ILE WD 91 4.81 -111.48 -3.62
C ILE WD 91 4.42 -112.86 -3.11
N ARG WD 92 5.02 -113.92 -3.65
CA ARG WD 92 4.61 -115.27 -3.29
C ARG WD 92 5.34 -115.73 -2.03
N TYR WD 93 4.76 -116.73 -1.38
CA TYR WD 93 5.40 -117.38 -0.25
C TYR WD 93 6.60 -118.18 -0.72
N THR WD 94 7.76 -117.89 -0.15
CA THR WD 94 8.93 -118.72 -0.39
C THR WD 94 9.00 -119.83 0.65
N GLU WD 95 9.83 -120.84 0.36
CA GLU WD 95 9.92 -121.99 1.26
C GLU WD 95 10.77 -121.68 2.49
N GLU WD 96 11.48 -120.55 2.48
CA GLU WD 96 12.24 -120.15 3.66
C GLU WD 96 11.33 -119.57 4.73
N VAL WD 97 10.17 -119.05 4.33
CA VAL WD 97 9.27 -118.37 5.26
C VAL WD 97 7.98 -119.16 5.48
N GLU WD 98 7.95 -120.44 5.11
CA GLU WD 98 6.75 -121.24 5.29
C GLU WD 98 6.51 -121.62 6.74
N GLN WD 99 7.52 -121.48 7.60
CA GLN WD 99 7.33 -121.74 9.02
C GLN WD 99 6.57 -120.62 9.71
N PHE WD 100 6.55 -119.43 9.11
CA PHE WD 100 5.85 -118.29 9.68
C PHE WD 100 4.45 -118.10 9.10
N ARG WD 101 4.01 -119.00 8.23
CA ARG WD 101 2.69 -118.86 7.60
C ARG WD 101 1.58 -119.26 8.55
N MET XD 1 -40.68 -97.79 2.69
CA MET XD 1 -40.00 -98.66 3.64
C MET XD 1 -40.49 -100.10 3.52
N GLN XD 2 -39.69 -101.02 4.06
CA GLN XD 2 -40.05 -102.42 4.16
C GLN XD 2 -39.78 -102.87 5.58
N MET XD 3 -40.55 -103.86 6.03
CA MET XD 3 -40.30 -104.50 7.31
C MET XD 3 -39.30 -105.61 7.11
N ALA XD 4 -38.26 -105.61 7.95
CA ALA XD 4 -37.20 -106.59 7.84
C ALA XD 4 -36.81 -107.06 9.23
N LYS XD 5 -36.26 -108.28 9.28
CA LYS XD 5 -35.74 -108.87 10.51
C LYS XD 5 -34.22 -108.91 10.42
N VAL XD 6 -33.56 -108.44 11.48
CA VAL XD 6 -32.10 -108.43 11.54
C VAL XD 6 -31.65 -109.88 11.72
N CYS XD 7 -31.01 -110.43 10.69
CA CYS XD 7 -30.56 -111.81 10.75
C CYS XD 7 -29.06 -111.91 10.97
N GLY XD 8 -28.32 -110.85 10.68
CA GLY XD 8 -26.90 -110.91 10.93
C GLY XD 8 -26.17 -109.64 10.55
N THR XD 9 -24.85 -109.75 10.52
CA THR XD 9 -23.96 -108.63 10.24
C THR XD 9 -23.07 -108.99 9.06
N VAL XD 10 -22.71 -107.97 8.27
CA VAL XD 10 -21.77 -108.11 7.18
C VAL XD 10 -20.58 -107.20 7.48
N VAL XD 11 -19.39 -107.78 7.51
CA VAL XD 11 -18.17 -107.03 7.77
C VAL XD 11 -17.31 -107.09 6.51
N GLY XD 12 -16.94 -105.93 6.00
CA GLY XD 12 -15.98 -105.84 4.92
C GLY XD 12 -14.85 -104.91 5.29
N THR XD 13 -13.61 -105.36 5.13
CA THR XD 13 -12.47 -104.52 5.47
C THR XD 13 -11.92 -103.76 4.27
N GLN XD 14 -11.91 -104.40 3.10
CA GLN XD 14 -11.50 -103.76 1.87
C GLN XD 14 -12.74 -103.11 1.25
N LYS XD 15 -12.84 -101.80 1.36
CA LYS XD 15 -14.05 -101.08 0.95
C LYS XD 15 -13.65 -99.69 0.47
N LEU XD 16 -14.68 -98.89 0.16
CA LEU XD 16 -14.45 -97.50 -0.16
C LEU XD 16 -14.12 -96.71 1.11
N PRO XD 17 -13.37 -95.61 0.99
CA PRO XD 17 -13.09 -94.79 2.17
C PRO XD 17 -14.31 -94.07 2.72
N SER XD 18 -15.34 -93.88 1.91
CA SER XD 18 -16.58 -93.29 2.39
C SER XD 18 -17.48 -94.32 3.07
N MET XD 19 -17.13 -95.60 2.97
CA MET XD 19 -17.92 -96.65 3.59
C MET XD 19 -17.43 -97.03 4.98
N THR XD 20 -16.45 -96.33 5.53
CA THR XD 20 -15.94 -96.68 6.85
C THR XD 20 -16.81 -96.05 7.93
N GLY XD 21 -16.88 -96.74 9.08
CA GLY XD 21 -17.77 -96.33 10.15
C GLY XD 21 -19.21 -96.74 9.96
N VAL XD 22 -19.58 -97.28 8.80
CA VAL XD 22 -20.95 -97.67 8.49
C VAL XD 22 -21.17 -99.09 8.97
N LYS XD 23 -22.11 -99.26 9.89
CA LYS XD 23 -22.47 -100.58 10.39
C LYS XD 23 -23.44 -101.22 9.41
N LEU XD 24 -23.12 -102.43 8.96
CA LEU XD 24 -23.87 -103.11 7.92
C LEU XD 24 -24.58 -104.32 8.49
N LEU XD 25 -25.90 -104.31 8.42
CA LEU XD 25 -26.73 -105.40 8.93
C LEU XD 25 -27.30 -106.20 7.78
N LEU XD 26 -27.27 -107.51 7.92
CA LEU XD 26 -27.95 -108.42 7.01
C LEU XD 26 -29.39 -108.57 7.49
N LEU XD 27 -30.32 -108.03 6.71
CA LEU XD 27 -31.74 -108.03 7.06
C LEU XD 27 -32.49 -108.93 6.09
N GLN XD 28 -33.33 -109.82 6.63
CA GLN XD 28 -34.24 -110.60 5.82
C GLN XD 28 -35.60 -109.94 5.85
N PHE XD 29 -36.20 -109.78 4.67
CA PHE XD 29 -37.51 -109.14 4.59
C PHE XD 29 -38.60 -110.07 5.09
N ILE XD 30 -39.55 -109.50 5.81
CA ILE XD 30 -40.71 -110.22 6.33
C ILE XD 30 -41.96 -109.65 5.69
N ASP XD 31 -42.98 -110.48 5.54
CA ASP XD 31 -44.19 -110.01 4.88
C ASP XD 31 -45.10 -109.28 5.87
N ALA XD 32 -46.30 -108.92 5.40
CA ALA XD 32 -47.26 -108.27 6.28
C ALA XD 32 -47.84 -109.24 7.31
N ASN XD 33 -47.78 -110.54 7.04
CA ASN XD 33 -48.28 -111.52 7.99
C ASN XD 33 -47.23 -111.87 9.04
N GLY XD 34 -45.97 -111.51 8.81
CA GLY XD 34 -44.91 -111.77 9.75
C GLY XD 34 -43.98 -112.90 9.38
N GLU XD 35 -44.21 -113.57 8.26
CA GLU XD 35 -43.36 -114.69 7.83
C GLU XD 35 -42.17 -114.16 7.05
N LEU XD 36 -41.06 -114.91 7.12
CA LEU XD 36 -39.83 -114.48 6.47
C LEU XD 36 -39.92 -114.71 4.97
N LEU XD 37 -39.70 -113.66 4.19
CA LEU XD 37 -39.64 -113.76 2.74
C LEU XD 37 -38.24 -114.21 2.31
N PRO XD 38 -38.12 -114.91 1.17
CA PRO XD 38 -36.78 -115.27 0.65
C PRO XD 38 -36.14 -114.12 -0.12
N LYS XD 39 -35.95 -113.00 0.55
CA LYS XD 39 -35.37 -111.80 -0.03
C LYS XD 39 -34.71 -111.02 1.09
N TYR XD 40 -33.49 -110.55 0.84
CA TYR XD 40 -32.68 -109.93 1.88
C TYR XD 40 -32.20 -108.56 1.42
N GLU XD 41 -31.46 -107.91 2.31
CA GLU XD 41 -30.84 -106.62 2.06
C GLU XD 41 -29.69 -106.44 3.03
N VAL XD 42 -28.70 -105.66 2.62
CA VAL XD 42 -27.65 -105.19 3.52
C VAL XD 42 -27.84 -103.69 3.65
N ALA XD 43 -28.04 -103.22 4.88
CA ALA XD 43 -28.40 -101.84 5.11
C ALA XD 43 -27.47 -101.19 6.14
N ALA XD 44 -27.29 -99.89 6.01
CA ALA XD 44 -26.67 -99.10 7.05
C ALA XD 44 -27.59 -99.01 8.25
N ASP XD 45 -27.01 -98.94 9.44
CA ASP XD 45 -27.76 -99.00 10.69
C ASP XD 45 -27.38 -97.83 11.59
N PRO XD 46 -28.01 -96.67 11.41
CA PRO XD 46 -27.78 -95.57 12.35
C PRO XD 46 -28.53 -95.76 13.66
N VAL XD 47 -29.74 -96.30 13.60
CA VAL XD 47 -30.53 -96.64 14.77
C VAL XD 47 -30.09 -98.04 15.21
N GLY XD 48 -29.48 -98.12 16.39
CA GLY XD 48 -28.74 -99.32 16.76
C GLY XD 48 -29.62 -100.53 16.95
N ALA XD 49 -29.56 -101.48 16.01
CA ALA XD 49 -30.47 -102.62 15.96
C ALA XD 49 -29.66 -103.90 16.07
N GLY XD 50 -30.13 -104.81 16.93
CA GLY XD 50 -29.46 -106.08 17.14
C GLY XD 50 -30.20 -107.23 16.50
N LEU XD 51 -29.61 -108.41 16.65
CA LEU XD 51 -30.07 -109.59 15.93
C LEU XD 51 -31.41 -110.07 16.47
N GLY XD 52 -32.38 -110.19 15.57
CA GLY XD 52 -33.72 -110.60 15.89
C GLY XD 52 -34.74 -109.50 15.88
N GLU XD 53 -34.32 -108.24 15.82
CA GLU XD 53 -35.26 -107.13 15.87
C GLU XD 53 -35.98 -106.95 14.54
N TRP XD 54 -37.15 -106.34 14.62
CA TRP XD 54 -37.90 -105.92 13.45
C TRP XD 54 -37.58 -104.48 13.15
N VAL XD 55 -37.17 -104.20 11.92
CA VAL XD 55 -36.72 -102.86 11.55
C VAL XD 55 -37.49 -102.40 10.33
N LEU XD 56 -37.55 -101.09 10.16
CA LEU XD 56 -37.97 -100.47 8.91
C LEU XD 56 -36.73 -100.06 8.14
N VAL XD 57 -36.61 -100.53 6.91
CA VAL XD 57 -35.49 -100.23 6.05
C VAL XD 57 -36.01 -99.56 4.78
N ASN XD 58 -35.39 -98.45 4.40
CA ASN XD 58 -35.78 -97.77 3.18
C ASN XD 58 -34.89 -98.23 2.02
N ARG XD 59 -35.11 -97.66 0.86
CA ARG XD 59 -34.42 -98.11 -0.35
C ARG XD 59 -34.01 -96.89 -1.15
N GLY XD 60 -32.85 -96.99 -1.80
CA GLY XD 60 -32.46 -96.01 -2.77
C GLY XD 60 -31.89 -94.74 -2.20
N SER XD 61 -32.32 -93.60 -2.76
CA SER XD 61 -31.77 -92.30 -2.42
C SER XD 61 -32.20 -91.80 -1.04
N ALA XD 62 -33.20 -92.45 -0.42
CA ALA XD 62 -33.64 -92.09 0.91
C ALA XD 62 -32.65 -92.51 1.98
N ALA XD 63 -31.72 -93.42 1.65
CA ALA XD 63 -30.70 -93.84 2.61
C ALA XD 63 -29.64 -92.77 2.83
N ARG XD 64 -29.58 -91.75 1.98
CA ARG XD 64 -28.59 -90.69 2.06
C ARG XD 64 -29.16 -89.39 2.59
N GLN XD 65 -30.18 -89.45 3.45
CA GLN XD 65 -30.87 -88.26 3.92
C GLN XD 65 -30.59 -87.91 5.37
N THR XD 66 -29.88 -88.76 6.09
CA THR XD 66 -29.70 -88.60 7.54
C THR XD 66 -28.50 -87.74 7.91
N GLU XD 67 -27.97 -86.98 6.95
CA GLU XD 67 -26.95 -85.93 7.04
C GLU XD 67 -25.58 -86.40 7.50
N TYR XD 68 -25.41 -87.69 7.81
CA TYR XD 68 -24.09 -88.28 7.87
C TYR XD 68 -23.93 -89.42 6.89
N HIS XD 69 -24.94 -89.69 6.07
CA HIS XD 69 -24.86 -90.64 4.97
C HIS XD 69 -24.99 -89.96 3.62
N GLN XD 70 -24.74 -88.65 3.55
CA GLN XD 70 -25.18 -87.84 2.41
C GLN XD 70 -24.39 -88.14 1.15
N ASN XD 71 -23.07 -88.19 1.26
CA ASN XD 71 -22.22 -88.48 0.11
C ASN XD 71 -21.66 -89.90 0.16
N ARG XD 72 -22.35 -90.78 0.87
CA ARG XD 72 -22.00 -92.18 1.06
C ARG XD 72 -22.74 -93.06 0.08
N PRO XD 73 -22.09 -94.06 -0.50
CA PRO XD 73 -22.73 -94.94 -1.49
C PRO XD 73 -23.65 -95.97 -0.86
N LEU XD 74 -24.77 -95.50 -0.32
CA LEU XD 74 -25.71 -96.33 0.42
C LEU XD 74 -27.06 -96.30 -0.28
N ASP XD 75 -27.67 -97.48 -0.46
CA ASP XD 75 -28.99 -97.59 -1.04
C ASP XD 75 -29.97 -98.31 -0.12
N ALA XD 76 -29.60 -98.52 1.14
CA ALA XD 76 -30.47 -99.17 2.11
C ALA XD 76 -30.06 -98.72 3.49
N MET XD 77 -31.03 -98.41 4.33
CA MET XD 77 -30.76 -97.87 5.66
C MET XD 77 -31.89 -98.23 6.60
N VAL XD 78 -31.54 -98.78 7.76
CA VAL XD 78 -32.52 -98.95 8.83
C VAL XD 78 -32.89 -97.57 9.36
N VAL XD 79 -34.17 -97.22 9.25
CA VAL XD 79 -34.63 -95.91 9.68
C VAL XD 79 -35.39 -95.97 11.00
N ALA XD 80 -35.86 -97.14 11.41
CA ALA XD 80 -36.65 -97.27 12.62
C ALA XD 80 -36.59 -98.70 13.11
N ILE XD 81 -36.53 -98.87 14.42
CA ILE XD 81 -36.76 -100.15 15.06
C ILE XD 81 -38.25 -100.24 15.34
N ILE XD 82 -38.87 -101.32 14.87
CA ILE XD 82 -40.32 -101.46 14.97
C ILE XD 82 -40.70 -101.80 16.41
N ASP XD 83 -41.55 -100.98 17.01
CA ASP XD 83 -42.14 -101.30 18.29
C ASP XD 83 -43.32 -102.25 18.13
N THR XD 84 -44.35 -101.83 17.39
CA THR XD 84 -45.54 -102.66 17.25
C THR XD 84 -46.10 -102.53 15.84
N VAL XD 85 -46.66 -103.63 15.34
CA VAL XD 85 -47.37 -103.66 14.07
C VAL XD 85 -48.81 -104.07 14.36
N THR XD 86 -49.75 -103.21 13.99
CA THR XD 86 -51.17 -103.48 14.14
C THR XD 86 -51.74 -103.70 12.75
N VAL XD 87 -52.36 -104.86 12.54
CA VAL XD 87 -52.99 -105.20 11.27
C VAL XD 87 -54.45 -105.53 11.54
N ASN XD 88 -55.36 -104.78 10.90
CA ASN XD 88 -56.82 -104.94 11.04
C ASN XD 88 -57.26 -104.79 12.49
N ASN XD 89 -56.71 -103.77 13.16
CA ASN XD 89 -56.88 -103.43 14.57
C ASN XD 89 -56.42 -104.55 15.52
N ARG XD 90 -55.61 -105.49 15.04
CA ARG XD 90 -55.06 -106.57 15.84
C ARG XD 90 -53.55 -106.42 15.88
N ARG XD 91 -52.97 -106.49 17.07
CA ARG XD 91 -51.53 -106.37 17.23
C ARG XD 91 -50.84 -107.61 16.70
N LEU XD 92 -50.00 -107.44 15.68
CA LEU XD 92 -49.26 -108.53 15.07
C LEU XD 92 -47.86 -108.68 15.66
N TYR XD 93 -47.24 -107.58 16.09
CA TYR XD 93 -45.91 -107.60 16.65
C TYR XD 93 -45.88 -106.69 17.87
N GLY XD 94 -45.05 -107.04 18.85
CA GLY XD 94 -44.88 -106.23 20.03
C GLY XD 94 -45.83 -106.60 21.15
N ALA YD 2 -21.14 -42.25 104.46
CA ALA YD 2 -21.26 -43.69 104.65
C ALA YD 2 -20.16 -44.42 103.89
N VAL YD 3 -20.34 -45.74 103.74
CA VAL YD 3 -19.42 -46.57 102.96
C VAL YD 3 -19.51 -46.16 101.49
N ALA YD 4 -18.36 -46.11 100.82
CA ALA YD 4 -18.28 -45.54 99.47
C ALA YD 4 -19.05 -46.36 98.45
N VAL YD 5 -19.54 -45.68 97.42
CA VAL YD 5 -20.39 -46.28 96.41
C VAL YD 5 -19.79 -45.99 95.03
N GLY YD 6 -19.70 -47.02 94.21
CA GLY YD 6 -19.27 -46.87 92.83
C GLY YD 6 -20.33 -47.37 91.88
N MET YD 7 -20.48 -46.67 90.76
CA MET YD 7 -21.48 -47.01 89.77
C MET YD 7 -20.83 -47.05 88.40
N ILE YD 8 -21.16 -48.07 87.62
CA ILE YD 8 -20.81 -48.15 86.21
C ILE YD 8 -22.09 -48.33 85.42
N GLU YD 9 -22.40 -47.38 84.56
CA GLU YD 9 -23.54 -47.49 83.66
C GLU YD 9 -23.07 -47.94 82.29
N THR YD 10 -23.62 -49.04 81.80
CA THR YD 10 -23.29 -49.54 80.48
C THR YD 10 -24.55 -49.59 79.63
N LEU YD 11 -24.34 -49.61 78.32
CA LEU YD 11 -25.42 -49.80 77.35
C LEU YD 11 -25.41 -51.27 76.97
N GLY YD 12 -26.25 -52.06 77.63
CA GLY YD 12 -26.31 -53.48 77.36
C GLY YD 12 -26.09 -54.34 78.58
N PHE YD 13 -26.78 -55.48 78.63
CA PHE YD 13 -26.68 -56.42 79.74
C PHE YD 13 -25.42 -57.31 79.74
N PRO YD 14 -24.89 -57.79 78.60
CA PRO YD 14 -23.57 -58.45 78.69
C PRO YD 14 -22.44 -57.53 79.13
N ALA YD 15 -22.54 -56.23 78.86
CA ALA YD 15 -21.51 -55.31 79.29
C ALA YD 15 -21.62 -54.99 80.76
N VAL YD 16 -22.81 -55.09 81.33
CA VAL YD 16 -22.98 -54.71 82.73
C VAL YD 16 -22.65 -55.89 83.63
N VAL YD 17 -22.68 -57.12 83.10
CA VAL YD 17 -22.30 -58.27 83.90
C VAL YD 17 -20.78 -58.39 83.93
N GLU YD 18 -20.11 -58.06 82.83
CA GLU YD 18 -18.66 -57.97 82.83
C GLU YD 18 -18.18 -56.80 83.69
N ALA YD 19 -18.93 -55.70 83.71
CA ALA YD 19 -18.62 -54.62 84.64
C ALA YD 19 -18.79 -55.05 86.08
N ALA YD 20 -19.86 -55.76 86.39
CA ALA YD 20 -20.10 -56.22 87.75
C ALA YD 20 -19.12 -57.32 88.15
N ASP YD 21 -18.71 -58.16 87.20
CA ASP YD 21 -17.79 -59.24 87.50
C ASP YD 21 -16.37 -58.73 87.70
N ALA YD 22 -15.93 -57.77 86.89
CA ALA YD 22 -14.57 -57.28 87.01
C ALA YD 22 -14.41 -56.35 88.21
N MET YD 23 -15.51 -55.78 88.71
CA MET YD 23 -15.42 -54.91 89.87
C MET YD 23 -15.17 -55.72 91.15
N VAL YD 24 -15.89 -56.83 91.32
CA VAL YD 24 -15.72 -57.62 92.54
C VAL YD 24 -14.52 -58.54 92.43
N LYS YD 25 -13.91 -58.63 91.25
CA LYS YD 25 -12.71 -59.43 91.09
C LYS YD 25 -11.45 -58.58 91.20
N ALA YD 26 -11.57 -57.27 90.97
CA ALA YD 26 -10.38 -56.40 91.03
C ALA YD 26 -10.06 -56.01 92.46
N ALA YD 27 -11.09 -55.85 93.30
CA ALA YD 27 -10.89 -55.37 94.65
C ALA YD 27 -11.96 -55.96 95.56
N ARG YD 28 -11.85 -55.65 96.85
CA ARG YD 28 -12.77 -56.14 97.87
C ARG YD 28 -13.95 -55.18 97.97
N VAL YD 29 -14.82 -55.24 96.96
CA VAL YD 29 -16.07 -54.49 96.96
C VAL YD 29 -17.21 -55.47 97.02
N THR YD 30 -18.39 -54.96 97.35
CA THR YD 30 -19.61 -55.76 97.40
C THR YD 30 -20.59 -55.19 96.39
N LEU YD 31 -20.84 -55.94 95.33
CA LEU YD 31 -21.90 -55.62 94.39
C LEU YD 31 -23.24 -55.75 95.09
N VAL YD 32 -23.94 -54.64 95.27
CA VAL YD 32 -25.18 -54.63 96.02
C VAL YD 32 -26.39 -54.38 95.15
N GLY YD 33 -26.23 -53.79 93.98
CA GLY YD 33 -27.36 -53.26 93.26
C GLY YD 33 -27.20 -53.44 91.77
N TYR YD 34 -28.32 -53.30 91.07
CA TYR YD 34 -28.40 -53.52 89.63
C TYR YD 34 -29.63 -52.77 89.16
N GLU YD 35 -29.43 -51.71 88.38
CA GLU YD 35 -30.45 -50.71 88.16
C GLU YD 35 -30.68 -50.50 86.66
N LYS YD 36 -31.92 -50.63 86.24
CA LYS YD 36 -32.33 -50.38 84.86
C LYS YD 36 -33.21 -49.13 84.86
N ILE YD 37 -32.86 -48.17 84.01
CA ILE YD 37 -33.57 -46.91 83.92
C ILE YD 37 -34.16 -46.70 82.53
N GLY YD 38 -34.10 -47.70 81.67
CA GLY YD 38 -34.66 -47.60 80.33
C GLY YD 38 -33.62 -47.31 79.27
N THR YD 39 -34.01 -47.60 78.03
CA THR YD 39 -33.19 -47.55 76.81
C THR YD 39 -31.85 -48.27 76.95
N GLY YD 40 -31.83 -49.41 77.63
CA GLY YD 40 -30.63 -50.20 77.72
C GLY YD 40 -29.57 -49.66 78.67
N ARG YD 41 -29.82 -48.54 79.32
CA ARG YD 41 -28.88 -47.99 80.31
C ARG YD 41 -29.00 -48.80 81.59
N VAL YD 42 -28.04 -49.68 81.83
CA VAL YD 42 -28.03 -50.56 82.98
C VAL YD 42 -26.86 -50.17 83.88
N THR YD 43 -27.11 -50.08 85.17
CA THR YD 43 -26.13 -49.63 86.15
C THR YD 43 -25.99 -50.67 87.24
N VAL YD 44 -24.75 -51.07 87.52
CA VAL YD 44 -24.42 -51.89 88.69
C VAL YD 44 -23.77 -51.00 89.74
N ILE YD 45 -24.05 -51.32 91.00
CA ILE YD 45 -23.66 -50.50 92.15
C ILE YD 45 -22.83 -51.37 93.09
N VAL YD 46 -21.62 -50.94 93.39
CA VAL YD 46 -20.77 -51.63 94.37
C VAL YD 46 -20.60 -50.74 95.59
N ARG YD 47 -20.35 -51.39 96.72
CA ARG YD 47 -20.03 -50.70 97.97
C ARG YD 47 -18.70 -51.22 98.48
N GLY YD 48 -17.99 -50.39 99.23
CA GLY YD 48 -16.74 -50.80 99.83
C GLY YD 48 -15.95 -49.59 100.26
N ASP YD 49 -14.70 -49.84 100.65
CA ASP YD 49 -13.79 -48.77 100.97
C ASP YD 49 -13.40 -48.00 99.71
N VAL YD 50 -12.91 -46.78 99.90
CA VAL YD 50 -12.62 -45.89 98.78
C VAL YD 50 -11.47 -46.41 97.94
N SER YD 51 -10.50 -47.07 98.58
CA SER YD 51 -9.40 -47.68 97.84
C SER YD 51 -9.89 -48.84 96.99
N GLU YD 52 -10.84 -49.62 97.50
CA GLU YD 52 -11.37 -50.74 96.73
C GLU YD 52 -12.31 -50.26 95.63
N VAL YD 53 -13.15 -49.27 95.91
CA VAL YD 53 -14.15 -48.82 94.94
C VAL YD 53 -13.47 -48.08 93.80
N GLN YD 54 -12.42 -47.30 94.08
CA GLN YD 54 -11.67 -46.63 93.02
C GLN YD 54 -10.94 -47.63 92.13
N ALA YD 55 -10.43 -48.70 92.73
CA ALA YD 55 -9.74 -49.72 91.94
C ALA YD 55 -10.72 -50.56 91.14
N SER YD 56 -11.91 -50.81 91.69
CA SER YD 56 -12.88 -51.67 91.03
C SER YD 56 -13.54 -50.95 89.85
N VAL YD 57 -13.92 -49.68 90.03
CA VAL YD 57 -14.60 -48.94 88.98
C VAL YD 57 -13.65 -48.65 87.81
N SER YD 58 -12.38 -48.38 88.12
CA SER YD 58 -11.40 -48.12 87.08
C SER YD 58 -11.05 -49.39 86.32
N ALA YD 59 -10.99 -50.53 87.01
CA ALA YD 59 -10.72 -51.78 86.32
C ALA YD 59 -11.98 -52.34 85.67
N GLY YD 60 -13.14 -52.04 86.25
CA GLY YD 60 -14.39 -52.46 85.63
C GLY YD 60 -14.73 -51.68 84.37
N THR YD 61 -14.18 -50.47 84.24
CA THR YD 61 -14.43 -49.68 83.03
C THR YD 61 -13.61 -50.19 81.85
N GLU YD 62 -12.38 -50.63 82.12
CA GLU YD 62 -11.53 -51.14 81.05
C GLU YD 62 -11.98 -52.50 80.56
N SER YD 63 -12.65 -53.27 81.41
CA SER YD 63 -13.07 -54.61 81.03
C SER YD 63 -14.27 -54.58 80.09
N VAL YD 64 -15.11 -53.55 80.18
CA VAL YD 64 -16.25 -53.42 79.28
C VAL YD 64 -15.82 -53.15 77.85
N LYS YD 65 -14.70 -52.47 77.65
CA LYS YD 65 -14.15 -52.30 76.31
C LYS YD 65 -13.22 -53.46 75.95
N ARG YD 66 -13.69 -54.67 76.23
CA ARG YD 66 -13.11 -55.94 75.79
C ARG YD 66 -14.29 -56.84 75.45
N VAL YD 67 -15.49 -56.28 75.57
CA VAL YD 67 -16.75 -56.94 75.22
C VAL YD 67 -17.22 -56.36 73.90
N ASN YD 68 -17.61 -57.24 72.97
CA ASN YD 68 -18.13 -56.78 71.70
C ASN YD 68 -19.55 -56.25 71.90
N GLY YD 69 -19.78 -55.03 71.43
CA GLY YD 69 -21.06 -54.38 71.68
C GLY YD 69 -21.19 -53.76 73.04
N GLY YD 70 -20.10 -53.72 73.81
CA GLY YD 70 -20.11 -53.14 75.14
C GLY YD 70 -19.68 -51.68 75.09
N GLN YD 71 -20.38 -50.85 75.86
CA GLN YD 71 -20.14 -49.42 75.87
C GLN YD 71 -20.40 -48.87 77.26
N VAL YD 72 -19.41 -48.23 77.85
CA VAL YD 72 -19.56 -47.57 79.14
C VAL YD 72 -20.20 -46.22 78.89
N LEU YD 73 -21.36 -45.98 79.51
CA LEU YD 73 -22.01 -44.69 79.37
C LEU YD 73 -21.55 -43.71 80.46
N SER YD 74 -21.48 -44.18 81.70
CA SER YD 74 -21.20 -43.29 82.81
C SER YD 74 -20.61 -44.09 83.96
N THR YD 75 -19.54 -43.55 84.55
CA THR YD 75 -18.94 -44.10 85.73
C THR YD 75 -18.83 -43.01 86.78
N HIS YD 76 -19.04 -43.38 88.04
CA HIS YD 76 -18.84 -42.42 89.12
C HIS YD 76 -18.53 -43.16 90.42
N ILE YD 77 -17.78 -42.47 91.28
CA ILE YD 77 -17.46 -42.95 92.62
C ILE YD 77 -17.80 -41.83 93.60
N ILE YD 78 -18.61 -42.15 94.60
CA ILE YD 78 -18.87 -41.23 95.71
C ILE YD 78 -18.21 -41.83 96.95
N ALA YD 79 -17.15 -41.16 97.42
CA ALA YD 79 -16.31 -41.74 98.46
C ALA YD 79 -16.99 -41.74 99.82
N ARG YD 80 -17.93 -40.83 100.04
CA ARG YD 80 -18.60 -40.71 101.32
C ARG YD 80 -20.02 -40.23 101.06
N PRO YD 81 -20.93 -41.14 100.70
CA PRO YD 81 -22.30 -40.72 100.44
C PRO YD 81 -23.04 -40.42 101.72
N HIS YD 82 -23.99 -39.49 101.61
CA HIS YD 82 -24.83 -39.10 102.72
C HIS YD 82 -25.73 -40.26 103.14
N GLU YD 83 -26.10 -40.27 104.42
CA GLU YD 83 -26.96 -41.31 104.95
C GLU YD 83 -28.40 -41.20 104.44
N ASN YD 84 -28.76 -40.06 103.86
CA ASN YD 84 -30.07 -39.91 103.23
C ASN YD 84 -30.19 -40.76 101.96
N LEU YD 85 -29.07 -41.00 101.28
CA LEU YD 85 -29.12 -41.64 99.96
C LEU YD 85 -29.39 -43.13 100.05
N GLU YD 86 -29.15 -43.74 101.22
CA GLU YD 86 -29.41 -45.17 101.37
C GLU YD 86 -30.89 -45.48 101.34
N TYR YD 87 -31.71 -44.56 101.84
CA TYR YD 87 -33.13 -44.84 102.02
C TYR YD 87 -33.94 -44.46 100.78
N VAL YD 88 -33.35 -43.70 99.87
CA VAL YD 88 -34.07 -43.28 98.68
C VAL YD 88 -33.56 -44.02 97.45
N LEU YD 89 -32.28 -44.07 97.28
CA LEU YD 89 -31.65 -44.67 96.11
C LEU YD 89 -31.32 -46.13 96.36
N PRO YD 90 -31.40 -46.98 95.33
CA PRO YD 90 -31.08 -48.41 95.50
C PRO YD 90 -29.57 -48.68 95.50
N ILE YD 91 -28.86 -48.10 96.46
CA ILE YD 91 -27.43 -48.28 96.62
C ILE YD 91 -27.07 -48.94 97.93
N ARG YD 92 -28.06 -49.45 98.67
CA ARG YD 92 -27.81 -49.94 100.02
C ARG YD 92 -27.54 -51.44 100.02
N TYR YD 93 -26.98 -51.90 101.12
CA TYR YD 93 -26.74 -53.33 101.31
C TYR YD 93 -28.05 -54.07 101.54
N THR YD 94 -28.37 -54.98 100.63
CA THR YD 94 -29.52 -55.86 100.83
C THR YD 94 -29.09 -57.08 101.65
N GLU YD 95 -30.09 -57.83 102.13
CA GLU YD 95 -29.80 -58.89 103.09
C GLU YD 95 -29.21 -60.13 102.43
N GLU YD 96 -29.32 -60.24 101.09
CA GLU YD 96 -28.74 -61.40 100.42
C GLU YD 96 -27.26 -61.22 100.15
N VAL YD 97 -26.77 -59.98 100.19
CA VAL YD 97 -25.36 -59.70 99.93
C VAL YD 97 -24.62 -59.29 101.21
N GLU YD 98 -25.17 -59.62 102.38
CA GLU YD 98 -24.49 -59.29 103.63
C GLU YD 98 -23.36 -60.26 103.94
N GLN YD 99 -23.26 -61.37 103.21
CA GLN YD 99 -22.14 -62.29 103.40
C GLN YD 99 -20.87 -61.77 102.74
N PHE YD 100 -21.00 -60.91 101.73
CA PHE YD 100 -19.85 -60.42 100.98
C PHE YD 100 -19.32 -59.10 101.54
N ARG YD 101 -19.97 -58.51 102.53
CA ARG YD 101 -19.51 -57.24 103.08
C ARG YD 101 -18.28 -57.43 103.96
N ALA ZD 2 -46.73 -25.66 100.73
CA ALA ZD 2 -46.03 -26.57 101.63
C ALA ZD 2 -44.53 -26.29 101.64
N VAL ZD 3 -43.77 -27.20 102.24
CA VAL ZD 3 -42.32 -27.14 102.20
C VAL ZD 3 -41.84 -27.28 100.75
N ALA ZD 4 -40.87 -26.46 100.36
CA ALA ZD 4 -40.47 -26.33 98.96
C ALA ZD 4 -39.88 -27.63 98.42
N VAL ZD 5 -40.02 -27.81 97.11
CA VAL ZD 5 -39.59 -29.03 96.44
C VAL ZD 5 -38.63 -28.66 95.31
N GLY ZD 6 -37.53 -29.37 95.24
CA GLY ZD 6 -36.59 -29.21 94.13
C GLY ZD 6 -36.37 -30.52 93.42
N MET ZD 7 -36.29 -30.46 92.11
CA MET ZD 7 -36.12 -31.64 91.27
C MET ZD 7 -34.96 -31.42 90.33
N ILE ZD 8 -34.11 -32.43 90.19
CA ILE ZD 8 -33.08 -32.46 89.17
C ILE ZD 8 -33.29 -33.72 88.34
N GLU ZD 9 -33.51 -33.55 87.04
CA GLU ZD 9 -33.61 -34.67 86.12
C GLU ZD 9 -32.31 -34.80 85.34
N THR ZD 10 -31.71 -35.98 85.42
CA THR ZD 10 -30.48 -36.26 84.68
C THR ZD 10 -30.71 -37.40 83.71
N LEU ZD 11 -29.81 -37.52 82.75
CA LEU ZD 11 -29.76 -38.65 81.83
C LEU ZD 11 -28.72 -39.62 82.38
N GLY ZD 12 -29.18 -40.62 83.13
CA GLY ZD 12 -28.27 -41.59 83.69
C GLY ZD 12 -28.33 -41.70 85.19
N PHE ZD 13 -28.14 -42.92 85.70
CA PHE ZD 13 -28.14 -43.18 87.13
C PHE ZD 13 -26.86 -42.78 87.88
N PRO ZD 14 -25.63 -42.90 87.34
CA PRO ZD 14 -24.49 -42.32 88.08
C PRO ZD 14 -24.56 -40.81 88.23
N ALA ZD 15 -25.19 -40.11 87.30
CA ALA ZD 15 -25.30 -38.66 87.43
C ALA ZD 15 -26.36 -38.28 88.46
N VAL ZD 16 -27.36 -39.13 88.67
CA VAL ZD 16 -28.47 -38.75 89.53
C VAL ZD 16 -28.13 -39.04 91.00
N VAL ZD 17 -27.15 -39.92 91.24
CA VAL ZD 17 -26.70 -40.17 92.61
C VAL ZD 17 -25.71 -39.11 93.04
N GLU ZD 18 -24.88 -38.64 92.11
CA GLU ZD 18 -23.99 -37.53 92.40
C GLU ZD 18 -24.75 -36.22 92.55
N ALA ZD 19 -25.83 -36.05 91.80
CA ALA ZD 19 -26.70 -34.89 91.98
C ALA ZD 19 -27.41 -34.95 93.33
N ALA ZD 20 -27.88 -36.14 93.73
CA ALA ZD 20 -28.55 -36.28 95.01
C ALA ZD 20 -27.59 -36.15 96.17
N ASP ZD 21 -26.34 -36.59 95.99
CA ASP ZD 21 -25.37 -36.47 97.06
C ASP ZD 21 -24.86 -35.05 97.21
N ALA ZD 22 -24.77 -34.31 96.12
CA ALA ZD 22 -24.35 -32.92 96.20
C ALA ZD 22 -25.45 -32.04 96.77
N MET ZD 23 -26.70 -32.45 96.61
CA MET ZD 23 -27.81 -31.63 97.07
C MET ZD 23 -27.93 -31.67 98.59
N VAL ZD 24 -27.86 -32.85 99.19
CA VAL ZD 24 -28.07 -32.97 100.63
C VAL ZD 24 -26.81 -32.60 101.40
N LYS ZD 25 -25.69 -32.44 100.72
CA LYS ZD 25 -24.48 -31.97 101.38
C LYS ZD 25 -24.39 -30.44 101.33
N ALA ZD 26 -24.96 -29.83 100.30
CA ALA ZD 26 -24.80 -28.40 100.11
C ALA ZD 26 -25.70 -27.60 101.05
N ALA ZD 27 -26.86 -28.12 101.39
CA ALA ZD 27 -27.83 -27.36 102.17
C ALA ZD 27 -28.65 -28.31 103.03
N ARG ZD 28 -29.58 -27.74 103.79
CA ARG ZD 28 -30.44 -28.49 104.70
C ARG ZD 28 -31.71 -28.93 103.98
N VAL ZD 29 -31.50 -29.73 102.94
CA VAL ZD 29 -32.61 -30.34 102.21
C VAL ZD 29 -32.67 -31.81 102.59
N THR ZD 30 -33.83 -32.41 102.37
CA THR ZD 30 -34.04 -33.83 102.58
C THR ZD 30 -34.37 -34.46 101.25
N LEU ZD 31 -33.51 -35.37 100.79
CA LEU ZD 31 -33.82 -36.18 99.62
C LEU ZD 31 -34.96 -37.14 99.98
N VAL ZD 32 -36.09 -36.99 99.30
CA VAL ZD 32 -37.27 -37.80 99.60
C VAL ZD 32 -37.68 -38.68 98.44
N GLY ZD 33 -37.23 -38.41 97.23
CA GLY ZD 33 -37.86 -38.98 96.06
C GLY ZD 33 -36.85 -39.44 95.03
N TYR ZD 34 -37.28 -40.39 94.21
CA TYR ZD 34 -36.46 -40.99 93.18
C TYR ZD 34 -37.41 -41.54 92.13
N GLU ZD 35 -37.39 -40.95 90.94
CA GLU ZD 35 -38.42 -41.22 89.94
C GLU ZD 35 -37.80 -41.55 88.60
N LYS ZD 36 -38.22 -42.67 88.03
CA LYS ZD 36 -37.83 -43.09 86.69
C LYS ZD 36 -39.03 -42.99 85.78
N ILE ZD 37 -38.88 -42.26 84.68
CA ILE ZD 37 -39.98 -42.02 83.75
C ILE ZD 37 -39.67 -42.57 82.36
N GLY ZD 38 -38.53 -43.23 82.18
CA GLY ZD 38 -38.17 -43.80 80.90
C GLY ZD 38 -37.12 -42.99 80.17
N THR ZD 39 -36.53 -43.66 79.16
CA THR ZD 39 -35.39 -43.19 78.35
C THR ZD 39 -34.22 -42.67 79.17
N GLY ZD 40 -33.95 -43.28 80.33
CA GLY ZD 40 -32.85 -42.83 81.14
C GLY ZD 40 -33.07 -41.53 81.87
N ARG ZD 41 -34.26 -40.95 81.79
CA ARG ZD 41 -34.58 -39.73 82.51
C ARG ZD 41 -34.92 -40.09 83.95
N VAL ZD 42 -34.02 -39.74 84.86
CA VAL ZD 42 -34.15 -40.08 86.27
C VAL ZD 42 -34.19 -38.79 87.08
N THR ZD 43 -35.15 -38.68 87.99
CA THR ZD 43 -35.36 -37.48 88.77
C THR ZD 43 -35.20 -37.79 90.25
N VAL ZD 44 -34.38 -37.00 90.93
CA VAL ZD 44 -34.31 -37.00 92.39
C VAL ZD 44 -35.00 -35.75 92.91
N ILE ZD 45 -35.67 -35.89 94.05
CA ILE ZD 45 -36.56 -34.88 94.60
C ILE ZD 45 -36.11 -34.56 96.02
N VAL ZD 46 -35.81 -33.30 96.27
CA VAL ZD 46 -35.44 -32.84 97.61
C VAL ZD 46 -36.54 -31.95 98.16
N ARG ZD 47 -36.63 -31.90 99.48
CA ARG ZD 47 -37.55 -31.03 100.19
C ARG ZD 47 -36.80 -30.20 101.22
N GLY ZD 48 -37.19 -28.93 101.34
CA GLY ZD 48 -36.61 -28.08 102.35
C GLY ZD 48 -37.16 -26.68 102.24
N ASP ZD 49 -36.53 -25.76 102.95
CA ASP ZD 49 -36.84 -24.35 102.75
C ASP ZD 49 -36.34 -23.90 101.38
N VAL ZD 50 -36.98 -22.86 100.84
CA VAL ZD 50 -36.74 -22.46 99.46
C VAL ZD 50 -35.33 -21.93 99.24
N SER ZD 51 -34.73 -21.32 100.25
CA SER ZD 51 -33.34 -20.87 100.14
C SER ZD 51 -32.39 -22.06 100.16
N GLU ZD 52 -32.72 -23.09 100.94
CA GLU ZD 52 -31.90 -24.29 100.97
C GLU ZD 52 -32.12 -25.14 99.73
N VAL ZD 53 -33.34 -25.14 99.20
CA VAL ZD 53 -33.62 -25.92 98.00
C VAL ZD 53 -32.96 -25.28 96.78
N GLN ZD 54 -32.96 -23.94 96.72
CA GLN ZD 54 -32.29 -23.23 95.64
C GLN ZD 54 -30.78 -23.41 95.70
N ALA ZD 55 -30.22 -23.48 96.91
CA ALA ZD 55 -28.78 -23.66 97.06
C ALA ZD 55 -28.36 -25.09 96.74
N SER ZD 56 -29.25 -26.04 96.96
CA SER ZD 56 -28.91 -27.44 96.72
C SER ZD 56 -29.04 -27.80 95.24
N VAL ZD 57 -30.13 -27.35 94.60
CA VAL ZD 57 -30.41 -27.71 93.22
C VAL ZD 57 -29.37 -27.10 92.28
N SER ZD 58 -28.89 -25.89 92.60
CA SER ZD 58 -27.81 -25.31 91.82
C SER ZD 58 -26.50 -26.04 92.06
N ALA ZD 59 -26.29 -26.54 93.29
CA ALA ZD 59 -25.06 -27.27 93.58
C ALA ZD 59 -25.12 -28.70 93.07
N GLY ZD 60 -26.32 -29.29 93.04
CA GLY ZD 60 -26.46 -30.60 92.44
C GLY ZD 60 -26.36 -30.59 90.94
N THR ZD 61 -26.63 -29.44 90.32
CA THR ZD 61 -26.45 -29.31 88.88
C THR ZD 61 -24.98 -29.21 88.50
N GLU ZD 62 -24.17 -28.55 89.35
CA GLU ZD 62 -22.76 -28.36 89.05
C GLU ZD 62 -21.97 -29.65 89.23
N SER ZD 63 -22.47 -30.57 90.04
CA SER ZD 63 -21.72 -31.81 90.31
C SER ZD 63 -21.96 -32.88 89.26
N VAL ZD 64 -22.94 -32.70 88.39
CA VAL ZD 64 -23.14 -33.62 87.28
C VAL ZD 64 -22.05 -33.43 86.23
N LYS ZD 65 -21.43 -32.25 86.18
CA LYS ZD 65 -20.26 -32.04 85.33
C LYS ZD 65 -19.06 -32.85 85.79
N ARG ZD 66 -19.00 -33.22 87.07
CA ARG ZD 66 -17.95 -34.11 87.55
C ARG ZD 66 -18.11 -35.51 86.97
N VAL ZD 67 -19.35 -35.94 86.74
CA VAL ZD 67 -19.60 -37.27 86.20
C VAL ZD 67 -19.34 -37.26 84.71
N ASN ZD 68 -18.58 -38.24 84.23
CA ASN ZD 68 -18.41 -38.44 82.80
C ASN ZD 68 -19.63 -39.15 82.24
N GLY ZD 69 -20.19 -38.62 81.16
CA GLY ZD 69 -21.41 -39.18 80.62
C GLY ZD 69 -22.65 -38.75 81.36
N GLY ZD 70 -22.55 -37.81 82.29
CA GLY ZD 70 -23.68 -37.29 83.02
C GLY ZD 70 -24.15 -35.99 82.41
N GLN ZD 71 -25.48 -35.83 82.36
CA GLN ZD 71 -26.08 -34.67 81.72
C GLN ZD 71 -27.38 -34.32 82.44
N VAL ZD 72 -27.46 -33.09 82.94
CA VAL ZD 72 -28.68 -32.58 83.55
C VAL ZD 72 -29.66 -32.26 82.43
N LEU ZD 73 -30.85 -32.85 82.48
CA LEU ZD 73 -31.86 -32.57 81.48
C LEU ZD 73 -32.76 -31.41 81.89
N SER ZD 74 -33.21 -31.42 83.14
CA SER ZD 74 -34.18 -30.43 83.59
C SER ZD 74 -34.09 -30.28 85.10
N THR ZD 75 -34.03 -29.04 85.56
CA THR ZD 75 -34.14 -28.73 86.98
C THR ZD 75 -35.31 -27.79 87.20
N HIS ZD 76 -35.94 -27.90 88.37
CA HIS ZD 76 -36.99 -26.98 88.74
C HIS ZD 76 -37.13 -26.93 90.25
N ILE ZD 77 -37.59 -25.78 90.74
CA ILE ZD 77 -37.83 -25.54 92.15
C ILE ZD 77 -39.21 -24.91 92.29
N ILE ZD 78 -40.06 -25.52 93.13
CA ILE ZD 78 -41.34 -24.95 93.48
C ILE ZD 78 -41.26 -24.50 94.93
N ALA ZD 79 -41.45 -23.20 95.16
CA ALA ZD 79 -41.24 -22.62 96.47
C ALA ZD 79 -42.31 -23.04 97.47
N ARG ZD 80 -43.54 -23.25 96.99
CA ARG ZD 80 -44.66 -23.60 97.84
C ARG ZD 80 -45.57 -24.53 97.07
N PRO ZD 81 -45.29 -25.83 97.06
CA PRO ZD 81 -46.17 -26.76 96.36
C PRO ZD 81 -47.49 -26.92 97.09
N HIS ZD 82 -48.54 -27.13 96.31
CA HIS ZD 82 -49.88 -27.35 96.84
C HIS ZD 82 -49.93 -28.68 97.59
N GLU ZD 83 -50.87 -28.78 98.53
CA GLU ZD 83 -51.01 -29.98 99.35
C GLU ZD 83 -51.56 -31.15 98.55
N ASN ZD 84 -52.16 -30.90 97.39
CA ASN ZD 84 -52.63 -31.96 96.51
C ASN ZD 84 -51.49 -32.74 95.89
N LEU ZD 85 -50.31 -32.13 95.79
CA LEU ZD 85 -49.21 -32.71 95.03
C LEU ZD 85 -48.54 -33.85 95.77
N GLU ZD 86 -48.53 -33.82 97.12
CA GLU ZD 86 -47.83 -34.85 97.86
C GLU ZD 86 -48.64 -36.15 97.92
N TYR ZD 87 -49.94 -36.08 97.61
CA TYR ZD 87 -50.76 -37.29 97.65
C TYR ZD 87 -50.82 -37.96 96.29
N VAL ZD 88 -50.35 -37.28 95.24
CA VAL ZD 88 -50.33 -37.88 93.92
C VAL ZD 88 -48.90 -38.11 93.44
N LEU ZD 89 -48.11 -37.07 93.44
CA LEU ZD 89 -46.75 -37.13 92.96
C LEU ZD 89 -45.81 -37.59 94.08
N PRO ZD 90 -44.73 -38.32 93.75
CA PRO ZD 90 -43.80 -38.78 94.79
C PRO ZD 90 -42.81 -37.71 95.25
N ILE ZD 91 -43.35 -36.64 95.81
CA ILE ZD 91 -42.56 -35.57 96.40
C ILE ZD 91 -42.74 -35.47 97.91
N ARG ZD 92 -43.38 -36.45 98.53
CA ARG ZD 92 -43.70 -36.35 99.95
C ARG ZD 92 -42.61 -36.99 100.79
N TYR ZD 93 -42.59 -36.59 102.06
CA TYR ZD 93 -41.71 -37.22 103.04
C TYR ZD 93 -42.23 -38.62 103.34
N THR ZD 94 -41.48 -39.63 102.94
CA THR ZD 94 -41.77 -40.99 103.34
C THR ZD 94 -41.30 -41.22 104.76
N GLU ZD 95 -41.66 -42.37 105.31
CA GLU ZD 95 -41.34 -42.67 106.71
C GLU ZD 95 -39.86 -42.99 106.88
N GLU ZD 96 -39.19 -43.38 105.80
CA GLU ZD 96 -37.78 -43.75 105.90
C GLU ZD 96 -36.88 -42.53 105.96
N VAL ZD 97 -37.36 -41.38 105.49
CA VAL ZD 97 -36.56 -40.17 105.40
C VAL ZD 97 -36.96 -39.15 106.46
N GLU ZD 98 -37.72 -39.55 107.48
CA GLU ZD 98 -38.12 -38.61 108.51
C GLU ZD 98 -37.02 -38.33 109.51
N GLN ZD 99 -35.95 -39.12 109.51
CA GLN ZD 99 -34.82 -38.84 110.40
C GLN ZD 99 -33.93 -37.73 109.85
N PHE ZD 100 -34.11 -37.37 108.58
CA PHE ZD 100 -33.30 -36.35 107.94
C PHE ZD 100 -34.04 -35.04 107.73
N ARG ZD 101 -35.27 -34.93 108.18
CA ARG ZD 101 -36.05 -33.70 108.00
C ARG ZD 101 -35.58 -32.61 108.96
N ALA AE 2 2.69 -40.80 108.55
CA ALA AE 2 1.49 -41.41 109.13
C ALA AE 2 0.38 -41.49 108.09
N VAL AE 3 -0.61 -40.61 108.24
CA VAL AE 3 -1.67 -40.50 107.24
C VAL AE 3 -1.17 -39.67 106.07
N ALA AE 4 -1.87 -39.74 104.95
CA ALA AE 4 -1.45 -39.02 103.75
C ALA AE 4 -1.71 -37.52 103.90
N VAL AE 5 -1.13 -36.74 103.00
CA VAL AE 5 -1.30 -35.30 102.99
C VAL AE 5 -1.66 -34.87 101.57
N GLY AE 6 -2.68 -34.04 101.46
CA GLY AE 6 -3.07 -33.48 100.17
C GLY AE 6 -3.13 -31.97 100.23
N MET AE 7 -2.76 -31.35 99.13
CA MET AE 7 -2.70 -29.89 99.04
C MET AE 7 -3.39 -29.45 97.76
N ILE AE 8 -4.22 -28.41 97.87
CA ILE AE 8 -4.75 -27.70 96.71
C ILE AE 8 -4.37 -26.25 96.87
N GLU AE 9 -3.63 -25.72 95.89
CA GLU AE 9 -3.29 -24.31 95.87
C GLU AE 9 -4.17 -23.59 94.87
N THR AE 10 -4.85 -22.55 95.32
CA THR AE 10 -5.69 -21.73 94.46
C THR AE 10 -5.18 -20.31 94.43
N LEU AE 11 -5.62 -19.57 93.42
CA LEU AE 11 -5.41 -18.14 93.34
C LEU AE 11 -6.67 -17.48 93.91
N GLY AE 12 -6.57 -17.00 95.15
CA GLY AE 12 -7.72 -16.37 95.78
C GLY AE 12 -8.25 -17.11 96.98
N PHE AE 13 -8.73 -16.35 97.96
CA PHE AE 13 -9.32 -16.89 99.18
C PHE AE 13 -10.76 -17.42 99.04
N PRO AE 14 -11.67 -16.83 98.25
CA PRO AE 14 -12.97 -17.52 98.06
C PRO AE 14 -12.85 -18.85 97.32
N ALA AE 15 -11.83 -19.04 96.51
CA ALA AE 15 -11.64 -20.31 95.83
C ALA AE 15 -11.05 -21.36 96.76
N VAL AE 16 -10.35 -20.93 97.81
CA VAL AE 16 -9.66 -21.89 98.67
C VAL AE 16 -10.59 -22.36 99.79
N VAL AE 17 -11.67 -21.62 100.05
CA VAL AE 17 -12.65 -22.06 101.03
C VAL AE 17 -13.63 -23.02 100.38
N GLU AE 18 -13.96 -22.79 99.11
CA GLU AE 18 -14.77 -23.75 98.36
C GLU AE 18 -14.00 -25.03 98.09
N ALA AE 19 -12.68 -24.93 97.86
CA ALA AE 19 -11.85 -26.11 97.72
C ALA AE 19 -11.77 -26.88 99.03
N ALA AE 20 -11.64 -26.18 100.15
CA ALA AE 20 -11.55 -26.84 101.45
C ALA AE 20 -12.88 -27.44 101.86
N ASP AE 21 -13.99 -26.78 101.53
CA ASP AE 21 -15.31 -27.31 101.87
C ASP AE 21 -15.65 -28.51 101.00
N ALA AE 22 -15.16 -28.56 99.78
CA ALA AE 22 -15.44 -29.70 98.91
C ALA AE 22 -14.63 -30.90 99.31
N MET AE 23 -13.47 -30.70 99.94
CA MET AE 23 -12.62 -31.84 100.31
C MET AE 23 -13.19 -32.59 101.51
N VAL AE 24 -13.59 -31.86 102.55
CA VAL AE 24 -14.00 -32.54 103.78
C VAL AE 24 -15.43 -33.06 103.66
N LYS AE 25 -16.16 -32.64 102.63
CA LYS AE 25 -17.47 -33.21 102.37
C LYS AE 25 -17.36 -34.47 101.51
N ALA AE 26 -16.37 -34.52 100.63
CA ALA AE 26 -16.29 -35.62 99.67
C ALA AE 26 -15.78 -36.90 100.31
N ALA AE 27 -14.83 -36.80 101.23
CA ALA AE 27 -14.20 -37.97 101.79
C ALA AE 27 -13.85 -37.71 103.25
N ARG AE 28 -13.32 -38.74 103.91
CA ARG AE 28 -12.97 -38.70 105.33
C ARG AE 28 -11.55 -38.14 105.48
N VAL AE 29 -11.41 -36.86 105.17
CA VAL AE 29 -10.16 -36.15 105.34
C VAL AE 29 -10.37 -35.07 106.40
N THR AE 30 -9.28 -34.70 107.05
CA THR AE 30 -9.28 -33.62 108.03
C THR AE 30 -8.51 -32.45 107.46
N LEU AE 31 -9.20 -31.34 107.25
CA LEU AE 31 -8.53 -30.08 106.93
C LEU AE 31 -7.75 -29.62 108.15
N VAL AE 32 -6.43 -29.59 108.02
CA VAL AE 32 -5.57 -29.27 109.15
C VAL AE 32 -4.84 -27.95 108.97
N GLY AE 33 -4.72 -27.44 107.77
CA GLY AE 33 -3.77 -26.38 107.51
C GLY AE 33 -4.28 -25.40 106.47
N TYR AE 34 -3.60 -24.26 106.40
CA TYR AE 34 -4.00 -23.13 105.59
C TYR AE 34 -2.77 -22.26 105.43
N GLU AE 35 -2.28 -22.12 104.20
CA GLU AE 35 -0.97 -21.55 103.96
C GLU AE 35 -1.03 -20.47 102.89
N LYS AE 36 -0.41 -19.32 103.17
CA LYS AE 36 -0.30 -18.22 102.24
C LYS AE 36 1.17 -17.98 101.96
N ILE AE 37 1.55 -18.00 100.68
CA ILE AE 37 2.94 -17.85 100.28
C ILE AE 37 3.17 -16.58 99.47
N GLY AE 38 2.11 -15.81 99.21
CA GLY AE 38 2.22 -14.60 98.40
C GLY AE 38 1.69 -14.80 97.00
N THR AE 39 1.57 -13.67 96.28
CA THR AE 39 0.87 -13.52 95.00
C THR AE 39 -0.51 -14.15 94.98
N GLY AE 40 -1.24 -14.08 96.09
CA GLY AE 40 -2.57 -14.66 96.17
C GLY AE 40 -2.61 -16.17 96.13
N ARG AE 41 -1.47 -16.84 96.20
CA ARG AE 41 -1.40 -18.29 96.14
C ARG AE 41 -1.67 -18.84 97.53
N VAL AE 42 -2.85 -19.43 97.72
CA VAL AE 42 -3.30 -19.90 99.02
C VAL AE 42 -3.49 -21.40 98.95
N THR AE 43 -2.96 -22.11 99.93
CA THR AE 43 -2.97 -23.57 99.95
C THR AE 43 -3.69 -24.06 101.20
N VAL AE 44 -4.59 -25.02 101.02
CA VAL AE 44 -5.22 -25.74 102.11
C VAL AE 44 -4.69 -27.18 102.13
N ILE AE 45 -4.51 -27.71 103.33
CA ILE AE 45 -3.86 -28.99 103.55
C ILE AE 45 -4.84 -29.92 104.24
N VAL AE 46 -5.07 -31.09 103.65
CA VAL AE 46 -5.91 -32.11 104.26
C VAL AE 46 -5.08 -33.33 104.60
N ARG AE 47 -5.50 -34.04 105.65
CA ARG AE 47 -4.86 -35.27 106.08
C ARG AE 47 -5.90 -36.39 106.11
N GLY AE 48 -5.47 -37.59 105.75
CA GLY AE 48 -6.35 -38.74 105.79
C GLY AE 48 -5.66 -39.93 105.15
N ASP AE 49 -6.45 -40.96 104.88
CA ASP AE 49 -5.94 -42.06 104.09
C ASP AE 49 -5.71 -41.60 102.65
N VAL AE 50 -4.80 -42.29 101.95
CA VAL AE 50 -4.39 -41.86 100.62
C VAL AE 50 -5.53 -41.99 99.61
N SER AE 51 -6.43 -42.95 99.82
CA SER AE 51 -7.62 -43.05 98.98
C SER AE 51 -8.62 -41.95 99.33
N GLU AE 52 -8.71 -41.60 100.61
CA GLU AE 52 -9.58 -40.50 101.03
C GLU AE 52 -9.05 -39.16 100.52
N VAL AE 53 -7.74 -39.00 100.54
CA VAL AE 53 -7.12 -37.75 100.09
C VAL AE 53 -7.25 -37.61 98.58
N GLN AE 54 -7.11 -38.71 97.84
CA GLN AE 54 -7.21 -38.66 96.39
C GLN AE 54 -8.63 -38.33 95.94
N ALA AE 55 -9.64 -38.80 96.67
CA ALA AE 55 -11.01 -38.49 96.31
C ALA AE 55 -11.37 -37.06 96.69
N SER AE 56 -10.77 -36.54 97.77
CA SER AE 56 -11.09 -35.18 98.20
C SER AE 56 -10.38 -34.14 97.35
N VAL AE 57 -9.10 -34.38 97.02
CA VAL AE 57 -8.32 -33.42 96.26
C VAL AE 57 -8.85 -33.33 94.82
N SER AE 58 -9.33 -34.45 94.29
CA SER AE 58 -9.97 -34.43 92.98
C SER AE 58 -11.30 -33.68 93.03
N ALA AE 59 -12.08 -33.88 94.08
CA ALA AE 59 -13.38 -33.22 94.20
C ALA AE 59 -13.23 -31.75 94.56
N GLY AE 60 -12.17 -31.40 95.29
CA GLY AE 60 -11.89 -30.00 95.57
C GLY AE 60 -11.38 -29.24 94.36
N THR AE 61 -10.87 -29.97 93.35
CA THR AE 61 -10.34 -29.31 92.17
C THR AE 61 -11.44 -28.80 91.26
N GLU AE 62 -12.47 -29.62 91.00
CA GLU AE 62 -13.54 -29.17 90.10
C GLU AE 62 -14.50 -28.21 90.78
N SER AE 63 -14.45 -28.11 92.12
CA SER AE 63 -15.32 -27.16 92.80
C SER AE 63 -14.79 -25.73 92.72
N VAL AE 64 -13.52 -25.55 92.38
CA VAL AE 64 -13.00 -24.21 92.16
C VAL AE 64 -13.49 -23.68 90.82
N LYS AE 65 -13.81 -24.58 89.89
CA LYS AE 65 -14.32 -24.18 88.58
C LYS AE 65 -15.69 -23.52 88.66
N ARG AE 66 -16.45 -23.77 89.72
CA ARG AE 66 -17.72 -23.07 89.93
C ARG AE 66 -17.53 -21.70 90.58
N VAL AE 67 -16.35 -21.41 91.13
CA VAL AE 67 -16.06 -20.10 91.68
C VAL AE 67 -15.54 -19.21 90.56
N ASN AE 68 -16.24 -18.11 90.30
CA ASN AE 68 -15.81 -17.14 89.30
C ASN AE 68 -14.81 -16.20 89.95
N GLY AE 69 -13.57 -16.23 89.46
CA GLY AE 69 -12.51 -15.42 90.00
C GLY AE 69 -11.37 -16.18 90.64
N GLY AE 70 -11.49 -17.50 90.74
CA GLY AE 70 -10.43 -18.31 91.30
C GLY AE 70 -10.15 -19.52 90.43
N GLN AE 71 -8.90 -19.97 90.48
CA GLN AE 71 -8.47 -21.11 89.69
C GLN AE 71 -7.51 -21.95 90.52
N VAL AE 72 -7.42 -23.23 90.19
CA VAL AE 72 -6.48 -24.14 90.84
C VAL AE 72 -5.11 -23.93 90.21
N LEU AE 73 -4.12 -23.61 91.04
CA LEU AE 73 -2.77 -23.44 90.53
C LEU AE 73 -1.99 -24.74 90.59
N SER AE 74 -2.07 -25.45 91.70
CA SER AE 74 -1.30 -26.68 91.87
C SER AE 74 -2.00 -27.58 92.88
N THR AE 75 -1.96 -28.88 92.59
CA THR AE 75 -2.46 -29.90 93.50
C THR AE 75 -1.41 -30.97 93.66
N HIS AE 76 -1.33 -31.55 94.86
CA HIS AE 76 -0.42 -32.66 95.08
C HIS AE 76 -0.93 -33.51 96.24
N ILE AE 77 -0.58 -34.80 96.17
CA ILE AE 77 -0.93 -35.80 97.18
C ILE AE 77 0.33 -36.59 97.49
N ILE AE 78 0.67 -36.69 98.77
CA ILE AE 78 1.79 -37.51 99.23
C ILE AE 78 1.21 -38.62 100.10
N ALA AE 79 1.49 -39.88 99.73
CA ALA AE 79 0.80 -41.02 100.31
C ALA AE 79 1.19 -41.24 101.76
N ARG AE 80 2.45 -40.99 102.10
CA ARG AE 80 2.92 -41.09 103.49
C ARG AE 80 4.11 -40.16 103.62
N PRO AE 81 3.91 -38.96 104.15
CA PRO AE 81 5.03 -38.03 104.30
C PRO AE 81 6.00 -38.47 105.38
N HIS AE 82 7.22 -37.96 105.26
CA HIS AE 82 8.27 -38.23 106.23
C HIS AE 82 7.94 -37.55 107.56
N GLU AE 83 8.53 -38.06 108.63
CA GLU AE 83 8.33 -37.46 109.94
C GLU AE 83 9.05 -36.12 110.07
N ASN AE 84 10.02 -35.87 109.19
CA ASN AE 84 10.72 -34.59 109.18
C ASN AE 84 9.82 -33.45 108.71
N LEU AE 85 8.86 -33.76 107.83
CA LEU AE 85 8.01 -32.71 107.26
C LEU AE 85 7.00 -32.19 108.27
N GLU AE 86 6.68 -32.98 109.29
CA GLU AE 86 5.64 -32.58 110.24
C GLU AE 86 6.12 -31.45 111.14
N TYR AE 87 7.44 -31.36 111.36
CA TYR AE 87 7.98 -30.36 112.27
C TYR AE 87 8.37 -29.09 111.53
N VAL AE 88 8.65 -29.18 110.24
CA VAL AE 88 9.09 -28.01 109.49
C VAL AE 88 7.92 -27.41 108.73
N LEU AE 89 7.19 -28.20 108.01
CA LEU AE 89 6.09 -27.74 107.18
C LEU AE 89 4.78 -27.80 107.94
N PRO AE 90 3.87 -26.84 107.71
CA PRO AE 90 2.59 -26.81 108.43
C PRO AE 90 1.55 -27.78 107.87
N ILE AE 91 1.87 -29.07 107.90
CA ILE AE 91 0.97 -30.12 107.45
C ILE AE 91 0.53 -31.03 108.57
N ARG AE 92 0.82 -30.69 109.82
CA ARG AE 92 0.53 -31.56 110.94
C ARG AE 92 -0.84 -31.26 111.52
N TYR AE 93 -1.34 -32.21 112.30
CA TYR AE 93 -2.59 -32.03 113.01
C TYR AE 93 -2.40 -31.04 114.15
N THR AE 94 -3.24 -30.01 114.18
CA THR AE 94 -3.27 -29.10 115.32
C THR AE 94 -4.24 -29.64 116.36
N GLU AE 95 -4.21 -29.02 117.55
CA GLU AE 95 -5.08 -29.47 118.63
C GLU AE 95 -6.51 -29.00 118.43
N GLU AE 96 -6.73 -28.04 117.52
CA GLU AE 96 -8.08 -27.56 117.26
C GLU AE 96 -8.84 -28.53 116.36
N VAL AE 97 -8.14 -29.35 115.60
CA VAL AE 97 -8.75 -30.22 114.60
C VAL AE 97 -8.64 -31.69 114.99
N GLU AE 98 -8.36 -31.99 116.25
CA GLU AE 98 -8.30 -33.38 116.69
C GLU AE 98 -9.69 -34.00 116.80
N GLN AE 99 -10.74 -33.19 116.86
CA GLN AE 99 -12.09 -33.71 116.93
C GLN AE 99 -12.59 -34.20 115.57
N PHE AE 100 -11.94 -33.78 114.49
CA PHE AE 100 -12.33 -34.18 113.15
C PHE AE 100 -11.47 -35.31 112.58
N ARG AE 101 -10.50 -35.80 113.35
CA ARG AE 101 -9.60 -36.85 112.87
C ARG AE 101 -10.29 -38.21 112.86
N MET BE 1 5.54 -69.27 80.03
CA MET BE 1 4.49 -69.05 81.02
C MET BE 1 4.66 -69.93 82.23
N GLN BE 2 4.02 -69.54 83.33
CA GLN BE 2 3.96 -70.34 84.54
C GLN BE 2 2.50 -70.54 84.91
N MET BE 3 2.22 -71.66 85.56
CA MET BE 3 0.90 -71.89 86.12
C MET BE 3 0.84 -71.29 87.51
N ALA BE 4 -0.21 -70.51 87.77
CA ALA BE 4 -0.36 -69.84 89.05
C ALA BE 4 -1.82 -69.91 89.47
N LYS BE 5 -2.02 -69.84 90.78
CA LYS BE 5 -3.34 -69.79 91.38
C LYS BE 5 -3.61 -68.38 91.90
N VAL BE 6 -4.79 -67.86 91.60
CA VAL BE 6 -5.18 -66.51 92.03
C VAL BE 6 -5.46 -66.59 93.53
N CYS BE 7 -4.60 -65.95 94.33
CA CYS BE 7 -4.78 -65.98 95.77
C CYS BE 7 -5.34 -64.67 96.29
N GLY BE 8 -5.23 -63.59 95.53
CA GLY BE 8 -5.84 -62.37 95.98
C GLY BE 8 -5.60 -61.21 95.05
N THR BE 9 -5.88 -60.00 95.57
CA THR BE 9 -5.77 -58.77 94.81
C THR BE 9 -4.85 -57.81 95.53
N VAL BE 10 -4.16 -56.98 94.76
CA VAL BE 10 -3.32 -55.90 95.28
C VAL BE 10 -3.87 -54.59 94.76
N VAL BE 11 -4.22 -53.68 95.66
CA VAL BE 11 -4.74 -52.37 95.30
C VAL BE 11 -3.69 -51.33 95.70
N GLY BE 12 -3.25 -50.54 94.73
CA GLY BE 12 -2.40 -49.41 95.00
C GLY BE 12 -3.03 -48.14 94.48
N THR BE 13 -3.19 -47.14 95.33
CA THR BE 13 -3.78 -45.87 94.90
C THR BE 13 -2.73 -44.87 94.44
N GLN BE 14 -1.58 -44.82 95.10
CA GLN BE 14 -0.49 -43.94 94.74
C GLN BE 14 0.44 -44.71 93.80
N LYS BE 15 0.32 -44.45 92.50
CA LYS BE 15 1.00 -45.25 91.50
C LYS BE 15 1.35 -44.35 90.32
N LEU BE 16 1.93 -44.96 89.29
CA LEU BE 16 2.21 -44.25 88.05
C LEU BE 16 0.91 -44.02 87.29
N PRO BE 17 0.83 -42.95 86.49
CA PRO BE 17 -0.38 -42.72 85.69
C PRO BE 17 -0.63 -43.76 84.63
N SER BE 18 0.43 -44.42 84.15
CA SER BE 18 0.27 -45.50 83.18
C SER BE 18 -0.14 -46.81 83.83
N MET BE 19 -0.16 -46.87 85.17
CA MET BE 19 -0.67 -48.03 85.89
C MET BE 19 -2.14 -47.91 86.23
N THR BE 20 -2.84 -46.92 85.69
CA THR BE 20 -4.23 -46.70 86.03
C THR BE 20 -5.13 -47.59 85.17
N GLY BE 21 -6.06 -48.28 85.82
CA GLY BE 21 -6.94 -49.21 85.15
C GLY BE 21 -6.41 -50.61 85.06
N VAL BE 22 -5.19 -50.85 85.53
CA VAL BE 22 -4.56 -52.17 85.50
C VAL BE 22 -5.00 -52.92 86.75
N LYS BE 23 -5.69 -54.05 86.55
CA LYS BE 23 -6.14 -54.87 87.65
C LYS BE 23 -4.99 -55.78 88.08
N LEU BE 24 -4.63 -55.71 89.36
CA LEU BE 24 -3.44 -56.38 89.88
C LEU BE 24 -3.86 -57.57 90.73
N LEU BE 25 -3.46 -58.76 90.32
CA LEU BE 25 -3.78 -60.00 91.02
C LEU BE 25 -2.54 -60.56 91.69
N LEU BE 26 -2.72 -60.98 92.94
CA LEU BE 26 -1.68 -61.70 93.68
C LEU BE 26 -1.82 -63.17 93.34
N LEU BE 27 -0.85 -63.71 92.60
CA LEU BE 27 -0.88 -65.09 92.14
C LEU BE 27 0.25 -65.86 92.79
N GLN BE 28 -0.10 -66.97 93.46
CA GLN BE 28 0.90 -67.89 93.96
C GLN BE 28 1.17 -68.96 92.91
N PHE BE 29 2.44 -69.26 92.68
CA PHE BE 29 2.80 -70.25 91.68
C PHE BE 29 2.52 -71.66 92.19
N ILE BE 30 2.03 -72.50 91.28
CA ILE BE 30 1.79 -73.91 91.56
C ILE BE 30 2.75 -74.72 90.71
N ASP BE 31 3.12 -75.91 91.20
CA ASP BE 31 4.10 -76.69 90.48
C ASP BE 31 3.43 -77.50 89.36
N ALA BE 32 4.23 -78.38 88.73
CA ALA BE 32 3.70 -79.21 87.66
C ALA BE 32 2.79 -80.32 88.20
N ASN BE 33 2.90 -80.63 89.49
CA ASN BE 33 2.03 -81.65 90.07
C ASN BE 33 0.78 -81.03 90.71
N GLY BE 34 0.76 -79.71 90.88
CA GLY BE 34 -0.41 -79.02 91.36
C GLY BE 34 -0.33 -78.45 92.76
N GLU BE 35 0.78 -78.61 93.46
CA GLU BE 35 0.92 -78.08 94.81
C GLU BE 35 1.44 -76.64 94.76
N LEU BE 36 1.12 -75.88 95.80
CA LEU BE 36 1.49 -74.47 95.84
C LEU BE 36 2.97 -74.30 96.15
N LEU BE 37 3.67 -73.58 95.30
CA LEU BE 37 5.06 -73.25 95.52
C LEU BE 37 5.17 -72.03 96.43
N PRO BE 38 6.25 -71.92 97.22
CA PRO BE 38 6.47 -70.69 98.01
C PRO BE 38 7.07 -69.56 97.17
N LYS BE 39 6.35 -69.17 96.13
CA LYS BE 39 6.77 -68.13 95.20
C LYS BE 39 5.52 -67.51 94.61
N TYR BE 40 5.49 -66.19 94.54
CA TYR BE 40 4.32 -65.46 94.11
C TYR BE 40 4.67 -64.49 93.00
N GLU BE 41 3.64 -63.81 92.51
CA GLU BE 41 3.78 -62.75 91.52
C GLU BE 41 2.58 -61.83 91.65
N VAL BE 42 2.77 -60.58 91.25
CA VAL BE 42 1.67 -59.65 91.04
C VAL BE 42 1.61 -59.36 89.56
N ALA BE 43 0.47 -59.67 88.93
CA ALA BE 43 0.35 -59.60 87.49
C ALA BE 43 -0.88 -58.81 87.09
N ALA BE 44 -0.80 -58.19 85.92
CA ALA BE 44 -1.96 -57.60 85.29
C ALA BE 44 -2.91 -58.70 84.83
N ASP BE 45 -4.20 -58.38 84.80
CA ASP BE 45 -5.25 -59.35 84.51
C ASP BE 45 -6.19 -58.81 83.44
N PRO BE 46 -5.85 -58.96 82.16
CA PRO BE 46 -6.81 -58.60 81.11
C PRO BE 46 -7.88 -59.66 80.92
N VAL BE 47 -7.53 -60.93 81.07
CA VAL BE 47 -8.47 -62.04 81.02
C VAL BE 47 -9.05 -62.16 82.42
N GLY BE 48 -10.34 -61.89 82.57
CA GLY BE 48 -10.92 -61.66 83.88
C GLY BE 48 -10.94 -62.92 84.75
N ALA BE 49 -10.07 -62.96 85.76
CA ALA BE 49 -9.85 -64.14 86.58
C ALA BE 49 -10.14 -63.81 88.03
N GLY BE 50 -10.89 -64.68 88.70
CA GLY BE 50 -11.24 -64.51 90.08
C GLY BE 50 -10.42 -65.40 91.00
N LEU BE 51 -10.70 -65.26 92.29
CA LEU BE 51 -9.89 -65.91 93.32
C LEU BE 51 -10.12 -67.42 93.32
N GLY BE 52 -9.02 -68.16 93.36
CA GLY BE 52 -9.06 -69.60 93.30
C GLY BE 52 -8.79 -70.18 91.93
N GLU BE 53 -8.81 -69.35 90.88
CA GLU BE 53 -8.67 -69.83 89.52
C GLU BE 53 -7.21 -70.17 89.21
N TRP BE 54 -7.04 -71.09 88.27
CA TRP BE 54 -5.72 -71.44 87.74
C TRP BE 54 -5.48 -70.62 86.48
N VAL BE 55 -4.38 -69.89 86.45
CA VAL BE 55 -4.08 -69.00 85.34
C VAL BE 55 -2.69 -69.31 84.80
N LEU BE 56 -2.48 -68.93 83.54
CA LEU BE 56 -1.14 -68.88 82.96
C LEU BE 56 -0.68 -67.43 83.00
N VAL BE 57 0.48 -67.20 83.60
CA VAL BE 57 1.07 -65.88 83.72
C VAL BE 57 2.42 -65.88 83.03
N ASN BE 58 2.66 -64.87 82.20
CA ASN BE 58 3.94 -64.73 81.55
C ASN BE 58 4.82 -63.75 82.35
N ARG BE 59 6.05 -63.58 81.91
CA ARG BE 59 6.99 -62.71 82.60
C ARG BE 59 7.73 -61.87 81.59
N GLY BE 60 8.14 -60.68 82.01
CA GLY BE 60 9.01 -59.86 81.20
C GLY BE 60 8.30 -58.99 80.18
N SER BE 61 8.92 -58.83 79.02
CA SER BE 61 8.40 -57.96 77.98
C SER BE 61 7.21 -58.56 77.24
N ALA BE 62 6.88 -59.83 77.51
CA ALA BE 62 5.69 -60.44 76.95
C ALA BE 62 4.42 -59.90 77.58
N ALA BE 63 4.51 -59.27 78.75
CA ALA BE 63 3.36 -58.64 79.39
C ALA BE 63 2.92 -57.37 78.67
N ARG BE 64 3.74 -56.84 77.77
CA ARG BE 64 3.45 -55.61 77.06
C ARG BE 64 3.08 -55.84 75.60
N GLN BE 65 2.48 -56.98 75.29
CA GLN BE 65 2.20 -57.34 73.90
C GLN BE 65 0.71 -57.29 73.55
N THR BE 66 -0.15 -57.04 74.52
CA THR BE 66 -1.59 -57.14 74.31
C THR BE 66 -2.23 -55.83 73.84
N GLU BE 67 -1.41 -54.91 73.31
CA GLU BE 67 -1.74 -53.65 72.62
C GLU BE 67 -2.47 -52.62 73.48
N TYR BE 68 -2.81 -52.94 74.72
CA TYR BE 68 -3.18 -51.92 75.69
C TYR BE 68 -2.29 -51.94 76.92
N HIS BE 69 -1.25 -52.76 76.91
CA HIS BE 69 -0.22 -52.75 77.94
C HIS BE 69 1.14 -52.37 77.37
N GLN BE 70 1.17 -51.70 76.20
CA GLN BE 70 2.39 -51.60 75.41
C GLN BE 70 3.41 -50.67 76.04
N ASN BE 71 2.97 -49.51 76.53
CA ASN BE 71 3.87 -48.55 77.15
C ASN BE 71 3.67 -48.49 78.66
N ARG BE 72 3.09 -49.54 79.22
CA ARG BE 72 2.80 -49.72 80.64
C ARG BE 72 3.94 -50.47 81.31
N PRO BE 73 4.33 -50.07 82.51
CA PRO BE 73 5.47 -50.71 83.21
C PRO BE 73 5.07 -52.02 83.88
N LEU BE 74 4.76 -53.02 83.06
CA LEU BE 74 4.28 -54.31 83.52
C LEU BE 74 5.27 -55.40 83.11
N ASP BE 75 5.58 -56.30 84.04
CA ASP BE 75 6.48 -57.41 83.76
C ASP BE 75 5.82 -58.76 84.05
N ALA BE 76 4.51 -58.79 84.25
CA ALA BE 76 3.78 -60.02 84.48
C ALA BE 76 2.33 -59.79 84.09
N MET BE 77 1.70 -60.81 83.50
CA MET BE 77 0.36 -60.66 82.96
C MET BE 77 -0.29 -62.02 82.86
N VAL BE 78 -1.52 -62.13 83.35
CA VAL BE 78 -2.32 -63.33 83.11
C VAL BE 78 -2.73 -63.36 81.65
N VAL BE 79 -2.29 -64.39 80.93
CA VAL BE 79 -2.61 -64.50 79.51
C VAL BE 79 -3.75 -65.49 79.25
N ALA BE 80 -4.02 -66.40 80.18
CA ALA BE 80 -5.04 -67.42 79.97
C ALA BE 80 -5.54 -67.88 81.33
N ILE BE 81 -6.83 -68.19 81.38
CA ILE BE 81 -7.40 -68.95 82.48
C ILE BE 81 -7.29 -70.42 82.10
N ILE BE 82 -6.68 -71.21 82.97
CA ILE BE 82 -6.47 -72.62 82.67
C ILE BE 82 -7.80 -73.36 82.78
N ASP BE 83 -8.19 -74.02 81.69
CA ASP BE 83 -9.36 -74.88 81.72
C ASP BE 83 -8.99 -76.28 82.20
N THR BE 84 -7.97 -76.88 81.60
CA THR BE 84 -7.57 -78.23 81.98
C THR BE 84 -6.07 -78.43 81.78
N VAL BE 85 -5.47 -79.19 82.68
CA VAL BE 85 -4.07 -79.61 82.59
C VAL BE 85 -4.03 -81.12 82.54
N THR BE 86 -3.46 -81.67 81.47
CA THR BE 86 -3.30 -83.10 81.29
C THR BE 86 -1.83 -83.43 81.42
N VAL BE 87 -1.47 -84.25 82.41
CA VAL BE 87 -0.09 -84.66 82.65
C VAL BE 87 0.00 -86.16 82.44
N ASN BE 88 0.82 -86.58 81.48
CA ASN BE 88 1.06 -88.00 81.13
C ASN BE 88 -0.25 -88.70 80.77
N ASN BE 89 -1.04 -88.05 79.92
CA ASN BE 89 -2.38 -88.45 79.47
C ASN BE 89 -3.38 -88.60 80.60
N ARG BE 90 -3.10 -88.05 81.77
CA ARG BE 90 -4.01 -88.07 82.91
C ARG BE 90 -4.39 -86.62 83.24
N ARG BE 91 -5.68 -86.36 83.37
CA ARG BE 91 -6.15 -85.02 83.67
C ARG BE 91 -5.80 -84.64 85.11
N LEU BE 92 -4.96 -83.62 85.24
CA LEU BE 92 -4.57 -83.09 86.55
C LEU BE 92 -5.56 -82.05 87.07
N TYR BE 93 -6.11 -81.22 86.18
CA TYR BE 93 -6.97 -80.13 86.58
C TYR BE 93 -8.14 -80.06 85.61
N GLY BE 94 -9.29 -79.65 86.12
CA GLY BE 94 -10.47 -79.48 85.30
C GLY BE 94 -11.30 -80.74 85.17
N ALA CE 2 -97.09 -55.47 24.78
CA ALA CE 2 -97.41 -55.98 26.10
C ALA CE 2 -96.89 -55.06 27.19
N VAL CE 3 -96.71 -55.61 28.39
CA VAL CE 3 -96.14 -54.89 29.52
C VAL CE 3 -94.69 -54.55 29.21
N ALA CE 4 -94.27 -53.33 29.56
CA ALA CE 4 -92.98 -52.78 29.14
C ALA CE 4 -91.80 -53.56 29.70
N VAL CE 5 -90.72 -53.60 28.91
CA VAL CE 5 -89.50 -54.33 29.25
C VAL CE 5 -88.40 -53.31 29.50
N GLY CE 6 -87.67 -53.48 30.58
CA GLY CE 6 -86.45 -52.74 30.81
C GLY CE 6 -85.27 -53.67 30.96
N MET CE 7 -84.14 -53.29 30.39
CA MET CE 7 -82.94 -54.11 30.41
C MET CE 7 -81.76 -53.22 30.77
N ILE CE 8 -80.93 -53.68 31.70
CA ILE CE 8 -79.64 -53.06 31.98
C ILE CE 8 -78.58 -54.13 31.83
N GLU CE 9 -77.65 -53.92 30.89
CA GLU CE 9 -76.53 -54.82 30.70
C GLU CE 9 -75.30 -54.24 31.37
N THR CE 10 -74.71 -55.01 32.28
CA THR CE 10 -73.51 -54.60 32.98
C THR CE 10 -72.37 -55.58 32.68
N LEU CE 11 -71.16 -55.11 32.91
CA LEU CE 11 -69.96 -55.94 32.84
C LEU CE 11 -69.60 -56.33 34.26
N GLY CE 12 -70.09 -57.48 34.70
CA GLY CE 12 -69.83 -57.93 36.06
C GLY CE 12 -71.08 -58.27 36.83
N PHE CE 13 -70.98 -59.28 37.69
CA PHE CE 13 -72.10 -59.72 38.53
C PHE CE 13 -72.40 -58.85 39.76
N PRO CE 14 -71.43 -58.26 40.48
CA PRO CE 14 -71.83 -57.26 41.49
C PRO CE 14 -72.51 -56.03 40.93
N ALA CE 15 -72.21 -55.66 39.68
CA ALA CE 15 -72.86 -54.51 39.08
C ALA CE 15 -74.28 -54.84 38.62
N VAL CE 16 -74.55 -56.12 38.33
CA VAL CE 16 -75.87 -56.47 37.80
C VAL CE 16 -76.84 -56.74 38.94
N VAL CE 17 -76.32 -57.04 40.14
CA VAL CE 17 -77.19 -57.21 41.29
C VAL CE 17 -77.57 -55.85 41.86
N GLU CE 18 -76.63 -54.89 41.82
CA GLU CE 18 -76.97 -53.52 42.17
C GLU CE 18 -77.92 -52.90 41.14
N ALA CE 19 -77.77 -53.26 39.87
CA ALA CE 19 -78.73 -52.82 38.86
C ALA CE 19 -80.11 -53.42 39.11
N ALA CE 20 -80.15 -54.71 39.45
CA ALA CE 20 -81.44 -55.35 39.71
C ALA CE 20 -82.05 -54.87 41.02
N ASP CE 21 -81.22 -54.53 42.00
CA ASP CE 21 -81.75 -54.11 43.29
C ASP CE 21 -82.24 -52.66 43.25
N ALA CE 22 -81.52 -51.79 42.53
CA ALA CE 22 -81.94 -50.40 42.46
C ALA CE 22 -83.14 -50.23 41.54
N MET CE 23 -83.37 -51.16 40.61
CA MET CE 23 -84.50 -51.05 39.71
C MET CE 23 -85.81 -51.35 40.42
N VAL CE 24 -85.85 -52.42 41.21
CA VAL CE 24 -87.10 -52.78 41.89
C VAL CE 24 -87.30 -51.95 43.14
N LYS CE 25 -86.28 -51.17 43.54
CA LYS CE 25 -86.44 -50.28 44.68
C LYS CE 25 -86.82 -48.86 44.24
N ALA CE 26 -86.53 -48.51 42.99
CA ALA CE 26 -86.85 -47.16 42.53
C ALA CE 26 -88.31 -47.03 42.14
N ALA CE 27 -88.91 -48.11 41.63
CA ALA CE 27 -90.27 -48.05 41.13
C ALA CE 27 -90.92 -49.42 41.28
N ARG CE 28 -92.19 -49.49 40.87
CA ARG CE 28 -92.98 -50.72 40.96
C ARG CE 28 -92.78 -51.50 39.67
N VAL CE 29 -91.63 -52.16 39.58
CA VAL CE 29 -91.32 -53.06 38.48
C VAL CE 29 -91.10 -54.46 39.06
N THR CE 30 -91.18 -55.46 38.20
CA THR CE 30 -90.93 -56.84 38.56
C THR CE 30 -89.69 -57.32 37.84
N LEU CE 31 -88.64 -57.59 38.60
CA LEU CE 31 -87.47 -58.27 38.05
C LEU CE 31 -87.85 -59.70 37.68
N VAL CE 32 -87.80 -60.00 36.39
CA VAL CE 32 -88.24 -61.30 35.91
C VAL CE 32 -87.10 -62.13 35.36
N GLY CE 33 -85.99 -61.52 34.98
CA GLY CE 33 -85.01 -62.21 34.17
C GLY CE 33 -83.60 -61.86 34.58
N TYR CE 34 -82.68 -62.72 34.17
CA TYR CE 34 -81.26 -62.60 34.49
C TYR CE 34 -80.51 -63.37 33.42
N GLU CE 35 -79.82 -62.65 32.54
CA GLU CE 35 -79.35 -63.22 31.29
C GLU CE 35 -77.84 -63.04 31.16
N LYS CE 36 -77.14 -64.15 30.91
CA LYS CE 36 -75.71 -64.16 30.65
C LYS CE 36 -75.49 -64.55 29.21
N ILE CE 37 -74.70 -63.75 28.49
CA ILE CE 37 -74.43 -63.98 27.08
C ILE CE 37 -72.94 -64.17 26.81
N GLY CE 38 -72.12 -64.23 27.85
CA GLY CE 38 -70.70 -64.41 27.70
C GLY CE 38 -69.91 -63.12 27.81
N THR CE 39 -68.60 -63.29 28.00
CA THR CE 39 -67.62 -62.24 28.29
C THR CE 39 -68.03 -61.29 29.41
N GLY CE 40 -68.69 -61.81 30.44
CA GLY CE 40 -69.07 -60.98 31.57
C GLY CE 40 -70.25 -60.07 31.35
N ARG CE 41 -70.83 -60.05 30.14
CA ARG CE 41 -71.99 -59.22 29.86
C ARG CE 41 -73.22 -59.88 30.47
N VAL CE 42 -73.74 -59.28 31.54
CA VAL CE 42 -74.88 -59.80 32.27
C VAL CE 42 -76.01 -58.80 32.17
N THR CE 43 -77.22 -59.28 31.92
CA THR CE 43 -78.39 -58.45 31.74
C THR CE 43 -79.50 -58.89 32.68
N VAL CE 44 -80.08 -57.94 33.40
CA VAL CE 44 -81.29 -58.16 34.18
C VAL CE 44 -82.46 -57.50 33.47
N ILE CE 45 -83.61 -58.14 33.52
CA ILE CE 45 -84.80 -57.74 32.78
C ILE CE 45 -85.91 -57.45 33.78
N VAL CE 46 -86.47 -56.25 33.72
CA VAL CE 46 -87.60 -55.88 34.56
C VAL CE 46 -88.83 -55.70 33.69
N ARG CE 47 -89.99 -55.93 34.28
CA ARG CE 47 -91.27 -55.69 33.63
C ARG CE 47 -92.10 -54.76 34.50
N GLY CE 48 -92.95 -53.97 33.85
CA GLY CE 48 -93.85 -53.11 34.58
C GLY CE 48 -94.48 -52.10 33.65
N ASP CE 49 -95.11 -51.09 34.25
CA ASP CE 49 -95.64 -49.98 33.48
C ASP CE 49 -94.49 -49.14 32.95
N VAL CE 50 -94.80 -48.33 31.94
CA VAL CE 50 -93.77 -47.58 31.22
C VAL CE 50 -93.15 -46.51 32.12
N SER CE 51 -93.97 -45.90 32.97
CA SER CE 51 -93.44 -44.90 33.92
C SER CE 51 -92.55 -45.55 34.97
N GLU CE 52 -92.89 -46.76 35.41
CA GLU CE 52 -92.08 -47.44 36.39
C GLU CE 52 -90.79 -47.97 35.78
N VAL CE 53 -90.86 -48.48 34.54
CA VAL CE 53 -89.68 -49.03 33.89
C VAL CE 53 -88.71 -47.92 33.51
N GLN CE 54 -89.23 -46.77 33.06
CA GLN CE 54 -88.37 -45.63 32.75
C GLN CE 54 -87.70 -45.07 34.00
N ALA CE 55 -88.40 -45.09 35.14
CA ALA CE 55 -87.81 -44.63 36.38
C ALA CE 55 -86.80 -45.61 36.92
N SER CE 56 -87.07 -46.91 36.76
CA SER CE 56 -86.19 -47.94 37.31
C SER CE 56 -84.88 -48.03 36.52
N VAL CE 57 -84.97 -48.03 35.19
CA VAL CE 57 -83.78 -48.18 34.35
C VAL CE 57 -82.88 -46.96 34.47
N SER CE 58 -83.47 -45.77 34.58
CA SER CE 58 -82.68 -44.55 34.72
C SER CE 58 -82.02 -44.46 36.10
N ALA CE 59 -82.73 -44.92 37.14
CA ALA CE 59 -82.12 -44.93 38.47
C ALA CE 59 -81.21 -46.13 38.66
N GLY CE 60 -81.50 -47.23 37.96
CA GLY CE 60 -80.61 -48.38 38.03
C GLY CE 60 -79.31 -48.17 37.29
N THR CE 61 -79.30 -47.27 36.31
CA THR CE 61 -78.06 -47.00 35.56
C THR CE 61 -77.10 -46.15 36.39
N GLU CE 62 -77.63 -45.20 37.15
CA GLU CE 62 -76.76 -44.34 37.95
C GLU CE 62 -76.26 -45.04 39.20
N SER CE 63 -76.95 -46.09 39.63
CA SER CE 63 -76.52 -46.81 40.84
C SER CE 63 -75.34 -47.73 40.55
N VAL CE 64 -75.23 -48.23 39.32
CA VAL CE 64 -74.10 -49.07 38.93
C VAL CE 64 -72.78 -48.29 38.93
N LYS CE 65 -72.82 -47.01 38.61
CA LYS CE 65 -71.62 -46.17 38.72
C LYS CE 65 -71.46 -45.60 40.12
N ARG CE 66 -71.65 -46.47 41.12
CA ARG CE 66 -71.35 -46.22 42.52
C ARG CE 66 -70.76 -47.52 43.06
N VAL CE 67 -70.63 -48.50 42.16
CA VAL CE 67 -70.00 -49.78 42.44
C VAL CE 67 -68.58 -49.73 41.88
N ASN CE 68 -67.61 -50.14 42.68
CA ASN CE 68 -66.24 -50.23 42.18
C ASN CE 68 -66.13 -51.41 41.23
N GLY CE 69 -65.62 -51.15 40.03
CA GLY CE 69 -65.58 -52.17 39.01
C GLY CE 69 -66.89 -52.36 38.28
N GLY CE 70 -67.85 -51.48 38.49
CA GLY CE 70 -69.15 -51.56 37.84
C GLY CE 70 -69.16 -50.73 36.58
N GLN CE 71 -69.72 -51.30 35.52
CA GLN CE 71 -69.76 -50.68 34.21
C GLN CE 71 -71.05 -51.02 33.50
N VAL CE 72 -71.86 -50.01 33.20
CA VAL CE 72 -73.07 -50.19 32.42
C VAL CE 72 -72.65 -50.32 30.96
N LEU CE 73 -73.02 -51.43 30.33
CA LEU CE 73 -72.71 -51.63 28.92
C LEU CE 73 -73.83 -51.12 28.03
N SER CE 74 -75.07 -51.48 28.35
CA SER CE 74 -76.19 -51.15 27.50
C SER CE 74 -77.47 -51.15 28.31
N THR CE 75 -78.25 -50.08 28.15
CA THR CE 75 -79.57 -49.99 28.76
C THR CE 75 -80.59 -49.74 27.68
N HIS CE 76 -81.79 -50.29 27.86
CA HIS CE 76 -82.88 -50.05 26.91
C HIS CE 76 -84.22 -50.27 27.59
N ILE CE 77 -85.21 -49.52 27.11
CA ILE CE 77 -86.61 -49.68 27.52
C ILE CE 77 -87.45 -49.88 26.27
N ILE CE 78 -88.21 -50.97 26.23
CA ILE CE 78 -89.21 -51.19 25.19
C ILE CE 78 -90.57 -51.03 25.85
N ALA CE 79 -91.28 -49.95 25.48
CA ALA CE 79 -92.50 -49.58 26.19
C ALA CE 79 -93.66 -50.52 25.88
N ARG CE 80 -93.70 -51.04 24.66
CA ARG CE 80 -94.80 -51.92 24.24
C ARG CE 80 -94.20 -53.02 23.38
N PRO CE 81 -93.68 -54.07 24.00
CA PRO CE 81 -93.11 -55.17 23.22
C PRO CE 81 -94.19 -56.00 22.56
N HIS CE 82 -93.83 -56.57 21.41
CA HIS CE 82 -94.72 -57.47 20.70
C HIS CE 82 -94.92 -58.74 21.49
N GLU CE 83 -96.09 -59.37 21.29
CA GLU CE 83 -96.42 -60.61 21.98
C GLU CE 83 -95.57 -61.78 21.50
N ASN CE 84 -94.89 -61.64 20.37
CA ASN CE 84 -93.96 -62.66 19.88
C ASN CE 84 -92.73 -62.78 20.78
N LEU CE 85 -92.31 -61.68 21.41
CA LEU CE 85 -91.00 -61.65 22.08
C LEU CE 85 -90.99 -62.40 23.39
N GLU CE 86 -92.14 -62.55 24.04
CA GLU CE 86 -92.16 -63.25 25.32
C GLU CE 86 -91.95 -64.75 25.15
N TYR CE 87 -92.28 -65.28 23.97
CA TYR CE 87 -92.17 -66.71 23.75
C TYR CE 87 -90.77 -67.11 23.28
N VAL CE 88 -90.02 -66.14 22.75
CA VAL CE 88 -88.69 -66.46 22.23
C VAL CE 88 -87.61 -65.97 23.18
N LEU CE 89 -87.73 -64.77 23.64
CA LEU CE 89 -86.72 -64.15 24.49
C LEU CE 89 -87.07 -64.35 25.97
N PRO CE 90 -86.06 -64.45 26.84
CA PRO CE 90 -86.32 -64.61 28.28
C PRO CE 90 -86.66 -63.30 28.99
N ILE CE 91 -87.75 -62.67 28.56
CA ILE CE 91 -88.24 -61.43 29.13
C ILE CE 91 -89.60 -61.58 29.76
N ARG CE 92 -90.10 -62.80 29.90
CA ARG CE 92 -91.48 -63.00 30.31
C ARG CE 92 -91.57 -63.26 31.81
N TYR CE 93 -92.80 -63.13 32.33
CA TYR CE 93 -93.08 -63.45 33.71
C TYR CE 93 -93.02 -64.95 33.93
N THR CE 94 -92.22 -65.38 34.89
CA THR CE 94 -92.21 -66.78 35.30
C THR CE 94 -93.03 -66.95 36.57
N GLU CE 95 -93.25 -68.21 36.95
CA GLU CE 95 -94.14 -68.48 38.08
C GLU CE 95 -93.45 -68.22 39.42
N GLU CE 96 -92.13 -68.03 39.42
CA GLU CE 96 -91.43 -67.71 40.66
C GLU CE 96 -91.61 -66.23 41.01
N VAL CE 97 -91.97 -65.40 40.04
CA VAL CE 97 -92.09 -63.96 40.24
C VAL CE 97 -93.52 -63.48 40.03
N GLU CE 98 -94.51 -64.37 40.13
CA GLU CE 98 -95.89 -63.96 39.94
C GLU CE 98 -96.45 -63.22 41.14
N GLN CE 99 -95.78 -63.28 42.29
CA GLN CE 99 -96.25 -62.55 43.47
C GLN CE 99 -95.90 -61.07 43.40
N PHE CE 100 -94.91 -60.70 42.59
CA PHE CE 100 -94.45 -59.32 42.52
C PHE CE 100 -95.12 -58.52 41.42
N ARG CE 101 -95.91 -59.16 40.56
CA ARG CE 101 -96.56 -58.47 39.46
C ARG CE 101 -97.70 -57.57 39.94
N ALA DE 2 -87.47 -73.03 1.44
CA ALA DE 2 -88.52 -72.86 2.45
C ALA DE 2 -88.86 -71.38 2.62
N VAL DE 3 -89.65 -71.10 3.66
CA VAL DE 3 -89.93 -69.72 4.06
C VAL DE 3 -88.63 -69.04 4.48
N ALA DE 4 -88.44 -67.79 4.05
CA ALA DE 4 -87.17 -67.09 4.19
C ALA DE 4 -86.81 -66.85 5.66
N VAL DE 5 -85.52 -66.75 5.92
CA VAL DE 5 -84.98 -66.60 7.26
C VAL DE 5 -84.11 -65.35 7.30
N GLY DE 6 -84.32 -64.52 8.29
CA GLY DE 6 -83.47 -63.36 8.51
C GLY DE 6 -82.85 -63.41 9.89
N MET DE 7 -81.57 -63.07 9.96
CA MET DE 7 -80.81 -63.14 11.20
C MET DE 7 -80.13 -61.80 11.42
N ILE DE 8 -80.26 -61.25 12.63
CA ILE DE 8 -79.51 -60.08 13.05
C ILE DE 8 -78.68 -60.49 14.25
N GLU DE 9 -77.36 -60.39 14.12
CA GLU DE 9 -76.46 -60.61 15.24
C GLU DE 9 -76.03 -59.28 15.82
N THR DE 10 -76.23 -59.12 17.12
CA THR DE 10 -75.80 -57.93 17.83
C THR DE 10 -74.82 -58.29 18.93
N LEU DE 11 -74.07 -57.30 19.38
CA LEU DE 11 -73.19 -57.42 20.54
C LEU DE 11 -73.96 -56.88 21.73
N GLY DE 12 -74.55 -57.78 22.51
CA GLY DE 12 -75.32 -57.35 23.67
C GLY DE 12 -76.77 -57.78 23.62
N PHE DE 13 -77.32 -58.09 24.77
CA PHE DE 13 -78.72 -58.51 24.90
C PHE DE 13 -79.75 -57.38 24.84
N PRO DE 14 -79.55 -56.16 25.38
CA PRO DE 14 -80.55 -55.12 25.13
C PRO DE 14 -80.65 -54.67 23.68
N ALA DE 15 -79.60 -54.87 22.89
CA ALA DE 15 -79.67 -54.52 21.48
C ALA DE 15 -80.40 -55.58 20.68
N VAL DE 16 -80.43 -56.82 21.16
CA VAL DE 16 -81.02 -57.90 20.38
C VAL DE 16 -82.51 -57.99 20.66
N VAL DE 17 -82.99 -57.40 21.75
CA VAL DE 17 -84.41 -57.39 22.03
C VAL DE 17 -85.07 -56.22 21.31
N GLU DE 18 -84.34 -55.11 21.18
CA GLU DE 18 -84.84 -53.99 20.38
C GLU DE 18 -84.80 -54.31 18.89
N ALA DE 19 -83.80 -55.06 18.46
CA ALA DE 19 -83.76 -55.54 17.08
C ALA DE 19 -84.89 -56.52 16.81
N ALA DE 20 -85.19 -57.38 17.77
CA ALA DE 20 -86.28 -58.34 17.58
C ALA DE 20 -87.64 -57.66 17.66
N ASP DE 21 -87.76 -56.63 18.49
CA ASP DE 21 -89.04 -55.92 18.58
C ASP DE 21 -89.28 -55.04 17.38
N ALA DE 22 -88.22 -54.51 16.77
CA ALA DE 22 -88.38 -53.70 15.58
C ALA DE 22 -88.70 -54.56 14.37
N MET DE 23 -88.24 -55.81 14.36
CA MET DE 23 -88.43 -56.67 13.20
C MET DE 23 -89.88 -57.12 13.06
N VAL DE 24 -90.49 -57.55 14.16
CA VAL DE 24 -91.83 -58.10 14.08
C VAL DE 24 -92.89 -57.00 14.04
N LYS DE 25 -92.48 -55.76 14.28
CA LYS DE 25 -93.40 -54.63 14.11
C LYS DE 25 -93.32 -54.06 12.71
N ALA DE 26 -92.16 -54.19 12.06
CA ALA DE 26 -91.97 -53.55 10.75
C ALA DE 26 -92.67 -54.32 9.65
N ALA DE 27 -92.77 -55.64 9.77
CA ALA DE 27 -93.32 -56.45 8.69
C ALA DE 27 -93.94 -57.71 9.28
N ARG DE 28 -94.54 -58.52 8.40
CA ARG DE 28 -95.21 -59.75 8.80
C ARG DE 28 -94.19 -60.88 8.87
N VAL DE 29 -93.31 -60.78 9.86
CA VAL DE 29 -92.34 -61.83 10.13
C VAL DE 29 -92.66 -62.42 11.50
N THR DE 30 -92.21 -63.64 11.71
CA THR DE 30 -92.36 -64.33 12.98
C THR DE 30 -90.98 -64.53 13.57
N LEU DE 31 -90.74 -63.92 14.73
CA LEU DE 31 -89.55 -64.22 15.51
C LEU DE 31 -89.65 -65.66 16.02
N VAL DE 32 -88.74 -66.51 15.58
CA VAL DE 32 -88.79 -67.91 15.93
C VAL DE 32 -87.60 -68.36 16.76
N GLY DE 33 -86.51 -67.62 16.77
CA GLY DE 33 -85.26 -68.15 17.26
C GLY DE 33 -84.48 -67.11 18.03
N TYR DE 34 -83.51 -67.60 18.81
CA TYR DE 34 -82.72 -66.79 19.71
C TYR DE 34 -81.48 -67.58 20.05
N GLU DE 35 -80.32 -67.11 19.62
CA GLU DE 35 -79.11 -67.92 19.66
C GLU DE 35 -77.98 -67.16 20.33
N LYS DE 36 -77.28 -67.82 21.24
CA LYS DE 36 -76.09 -67.31 21.90
C LYS DE 36 -74.92 -68.19 21.52
N ILE DE 37 -73.85 -67.57 21.01
CA ILE DE 37 -72.69 -68.30 20.52
C ILE DE 37 -71.41 -67.90 21.23
N GLY DE 38 -71.50 -67.04 22.24
CA GLY DE 38 -70.34 -66.60 22.98
C GLY DE 38 -69.85 -65.22 22.56
N THR DE 39 -68.95 -64.67 23.38
CA THR DE 39 -68.45 -63.29 23.33
C THR DE 39 -69.55 -62.25 23.24
N GLY DE 40 -70.71 -62.48 23.85
CA GLY DE 40 -71.80 -61.55 23.76
C GLY DE 40 -72.47 -61.46 22.41
N ARG DE 41 -72.16 -62.35 21.47
CA ARG DE 41 -72.75 -62.35 20.15
C ARG DE 41 -74.09 -63.06 20.22
N VAL DE 42 -75.17 -62.29 20.12
CA VAL DE 42 -76.52 -62.80 20.27
C VAL DE 42 -77.27 -62.59 18.95
N THR DE 43 -78.00 -63.61 18.52
CA THR DE 43 -78.67 -63.61 17.23
C THR DE 43 -80.14 -63.90 17.41
N VAL DE 44 -81.00 -63.07 16.83
CA VAL DE 44 -82.43 -63.34 16.72
C VAL DE 44 -82.75 -63.72 15.27
N ILE DE 45 -83.70 -64.64 15.11
CA ILE DE 45 -84.01 -65.26 13.83
C ILE DE 45 -85.49 -65.06 13.54
N VAL DE 46 -85.80 -64.42 12.42
CA VAL DE 46 -87.18 -64.23 11.99
C VAL DE 46 -87.44 -65.06 10.76
N ARG DE 47 -88.70 -65.45 10.58
CA ARG DE 47 -89.15 -66.15 9.39
C ARG DE 47 -90.31 -65.40 8.76
N GLY DE 48 -90.35 -65.41 7.43
CA GLY DE 48 -91.44 -64.79 6.71
C GLY DE 48 -91.17 -64.82 5.23
N ASP DE 49 -91.98 -64.10 4.48
CA ASP DE 49 -91.70 -63.91 3.06
C ASP DE 49 -90.46 -63.03 2.91
N VAL DE 50 -89.78 -63.17 1.77
CA VAL DE 50 -88.48 -62.54 1.56
C VAL DE 50 -88.60 -61.01 1.52
N SER DE 51 -89.71 -60.48 1.03
CA SER DE 51 -89.93 -59.05 1.07
C SER DE 51 -90.19 -58.57 2.49
N GLU DE 52 -90.91 -59.37 3.28
CA GLU DE 52 -91.16 -59.02 4.67
C GLU DE 52 -89.91 -59.20 5.52
N VAL DE 53 -89.10 -60.21 5.21
CA VAL DE 53 -87.88 -60.44 5.98
C VAL DE 53 -86.85 -59.35 5.68
N GLN DE 54 -86.76 -58.93 4.41
CA GLN DE 54 -85.84 -57.84 4.05
C GLN DE 54 -86.27 -56.52 4.66
N ALA DE 55 -87.58 -56.27 4.73
CA ALA DE 55 -88.07 -55.03 5.32
C ALA DE 55 -87.89 -55.03 6.83
N SER DE 56 -87.97 -56.21 7.45
CA SER DE 56 -87.84 -56.28 8.91
C SER DE 56 -86.38 -56.19 9.33
N VAL DE 57 -85.49 -56.91 8.63
CA VAL DE 57 -84.08 -56.97 9.00
C VAL DE 57 -83.43 -55.60 8.82
N SER DE 58 -83.85 -54.86 7.78
CA SER DE 58 -83.36 -53.50 7.58
C SER DE 58 -83.85 -52.57 8.68
N ALA DE 59 -85.08 -52.77 9.16
CA ALA DE 59 -85.59 -51.94 10.24
C ALA DE 59 -85.08 -52.38 11.59
N GLY DE 60 -84.59 -53.63 11.68
CA GLY DE 60 -84.02 -54.09 12.93
C GLY DE 60 -82.62 -53.58 13.18
N THR DE 61 -81.87 -53.28 12.12
CA THR DE 61 -80.54 -52.71 12.30
C THR DE 61 -80.62 -51.23 12.68
N GLU DE 62 -81.65 -50.53 12.23
CA GLU DE 62 -81.78 -49.11 12.50
C GLU DE 62 -82.19 -48.86 13.95
N SER DE 63 -82.82 -49.83 14.59
CA SER DE 63 -83.28 -49.65 15.97
C SER DE 63 -82.18 -49.98 16.98
N VAL DE 64 -81.12 -50.67 16.56
CA VAL DE 64 -79.98 -50.89 17.44
C VAL DE 64 -79.22 -49.59 17.66
N LYS DE 65 -79.29 -48.66 16.70
CA LYS DE 65 -78.71 -47.34 16.89
C LYS DE 65 -79.45 -46.53 17.97
N ARG DE 66 -80.72 -46.86 18.24
CA ARG DE 66 -81.41 -46.25 19.36
C ARG DE 66 -80.83 -46.73 20.69
N VAL DE 67 -80.35 -47.97 20.74
CA VAL DE 67 -79.80 -48.52 21.96
C VAL DE 67 -78.39 -47.99 22.17
N ASN DE 68 -78.14 -47.44 23.35
CA ASN DE 68 -76.79 -47.03 23.72
C ASN DE 68 -75.98 -48.26 24.09
N GLY DE 69 -74.79 -48.39 23.52
CA GLY DE 69 -74.00 -49.58 23.74
C GLY DE 69 -74.41 -50.76 22.88
N GLY DE 70 -75.31 -50.55 21.93
CA GLY DE 70 -75.75 -51.60 21.03
C GLY DE 70 -75.01 -51.49 19.69
N GLN DE 71 -74.67 -52.65 19.14
CA GLN DE 71 -73.88 -52.72 17.92
C GLN DE 71 -74.27 -53.97 17.13
N VAL DE 72 -74.67 -53.77 15.88
CA VAL DE 72 -74.98 -54.86 14.97
C VAL DE 72 -73.67 -55.43 14.45
N LEU DE 73 -73.46 -56.72 14.64
CA LEU DE 73 -72.24 -57.35 14.16
C LEU DE 73 -72.41 -57.92 12.75
N SER DE 74 -73.50 -58.65 12.52
CA SER DE 74 -73.69 -59.34 11.26
C SER DE 74 -75.18 -59.52 11.01
N THR DE 75 -75.60 -59.29 9.77
CA THR DE 75 -76.96 -59.56 9.34
C THR DE 75 -76.94 -60.34 8.05
N HIS DE 76 -77.95 -61.19 7.87
CA HIS DE 76 -78.09 -61.93 6.63
C HIS DE 76 -79.53 -62.34 6.44
N ILE DE 77 -79.92 -62.48 5.17
CA ILE DE 77 -81.23 -62.95 4.76
C ILE DE 77 -81.03 -64.07 3.76
N ILE DE 78 -81.60 -65.24 4.04
CA ILE DE 78 -81.64 -66.34 3.08
C ILE DE 78 -83.06 -66.43 2.55
N ALA DE 79 -83.22 -66.21 1.26
CA ALA DE 79 -84.56 -66.06 0.67
C ALA DE 79 -85.30 -67.37 0.62
N ARG DE 80 -84.59 -68.49 0.52
CA ARG DE 80 -85.21 -69.80 0.38
C ARG DE 80 -84.26 -70.81 1.00
N PRO DE 81 -84.29 -70.98 2.31
CA PRO DE 81 -83.38 -71.93 2.95
C PRO DE 81 -83.78 -73.37 2.65
N HIS DE 82 -82.77 -74.23 2.60
CA HIS DE 82 -82.98 -75.65 2.37
C HIS DE 82 -83.70 -76.27 3.57
N GLU DE 83 -84.43 -77.35 3.30
CA GLU DE 83 -85.22 -78.02 4.33
C GLU DE 83 -84.36 -78.72 5.37
N ASN DE 84 -83.08 -78.99 5.05
CA ASN DE 84 -82.15 -79.57 6.00
C ASN DE 84 -81.81 -78.61 7.14
N LEU DE 85 -81.93 -77.30 6.89
CA LEU DE 85 -81.46 -76.31 7.84
C LEU DE 85 -82.37 -76.20 9.07
N GLU DE 86 -83.65 -76.50 8.92
CA GLU DE 86 -84.57 -76.33 10.04
C GLU DE 86 -84.48 -77.47 11.02
N TYR DE 87 -83.86 -78.59 10.62
CA TYR DE 87 -83.75 -79.73 11.53
C TYR DE 87 -82.43 -79.70 12.29
N VAL DE 88 -81.49 -78.87 11.85
CA VAL DE 88 -80.21 -78.76 12.55
C VAL DE 88 -80.10 -77.41 13.25
N LEU DE 89 -80.26 -76.35 12.52
CA LEU DE 89 -80.11 -75.01 13.04
C LEU DE 89 -81.42 -74.52 13.67
N PRO DE 90 -81.34 -73.68 14.70
CA PRO DE 90 -82.57 -73.17 15.34
C PRO DE 90 -83.22 -72.02 14.56
N ILE DE 91 -83.67 -72.33 13.34
CA ILE DE 91 -84.40 -71.39 12.51
C ILE DE 91 -85.82 -71.87 12.24
N ARG DE 92 -86.25 -72.96 12.86
CA ARG DE 92 -87.53 -73.55 12.53
C ARG DE 92 -88.65 -72.92 13.35
N TYR DE 93 -89.86 -73.07 12.84
CA TYR DE 93 -91.04 -72.68 13.60
C TYR DE 93 -91.28 -73.66 14.74
N THR DE 94 -91.11 -73.19 15.96
CA THR DE 94 -91.48 -73.98 17.13
C THR DE 94 -92.98 -73.86 17.37
N GLU DE 95 -93.48 -74.71 18.28
CA GLU DE 95 -94.92 -74.77 18.52
C GLU DE 95 -95.42 -73.56 19.29
N GLU DE 96 -94.55 -72.92 20.08
CA GLU DE 96 -94.94 -71.77 20.87
C GLU DE 96 -95.18 -70.53 20.01
N VAL DE 97 -94.56 -70.47 18.84
CA VAL DE 97 -94.65 -69.31 17.98
C VAL DE 97 -95.56 -69.55 16.77
N GLU DE 98 -96.40 -70.59 16.82
CA GLU DE 98 -97.30 -70.86 15.70
C GLU DE 98 -98.51 -69.95 15.70
N GLN DE 99 -98.75 -69.21 16.79
CA GLN DE 99 -99.86 -68.26 16.81
C GLN DE 99 -99.53 -66.99 16.07
N PHE DE 100 -98.24 -66.74 15.79
CA PHE DE 100 -97.80 -65.54 15.12
C PHE DE 100 -97.42 -65.76 13.66
N ARG DE 101 -97.56 -66.98 13.16
CA ARG DE 101 -97.19 -67.29 11.78
C ARG DE 101 -98.22 -66.74 10.79
N ALA EE 2 -106.76 -33.99 30.26
CA ALA EE 2 -107.04 -35.41 30.45
C ALA EE 2 -105.77 -36.23 30.22
N VAL EE 3 -105.66 -36.82 29.04
CA VAL EE 3 -104.44 -37.55 28.69
C VAL EE 3 -103.41 -36.56 28.17
N ALA EE 4 -102.15 -36.98 28.13
CA ALA EE 4 -101.08 -36.11 27.69
C ALA EE 4 -101.15 -35.89 26.18
N VAL EE 5 -100.38 -34.91 25.71
CA VAL EE 5 -100.29 -34.61 24.28
C VAL EE 5 -98.82 -34.49 23.91
N GLY EE 6 -98.45 -35.16 22.84
CA GLY EE 6 -97.09 -35.06 22.31
C GLY EE 6 -97.12 -34.71 20.85
N MET EE 7 -96.15 -33.88 20.45
CA MET EE 7 -96.08 -33.37 19.08
C MET EE 7 -94.67 -33.58 18.55
N ILE EE 8 -94.57 -34.06 17.32
CA ILE EE 8 -93.31 -34.07 16.58
C ILE EE 8 -93.54 -33.27 15.31
N GLU EE 9 -92.79 -32.20 15.13
CA GLU EE 9 -92.81 -31.42 13.90
C GLU EE 9 -91.63 -31.81 13.03
N THR EE 10 -91.91 -32.23 11.81
CA THR EE 10 -90.87 -32.56 10.85
C THR EE 10 -90.94 -31.62 9.67
N LEU EE 11 -89.85 -31.59 8.91
CA LEU EE 11 -89.81 -30.91 7.62
C LEU EE 11 -90.04 -31.98 6.55
N GLY EE 12 -91.26 -32.03 6.04
CA GLY EE 12 -91.59 -32.99 5.01
C GLY EE 12 -92.64 -34.01 5.43
N PHE EE 13 -93.47 -34.41 4.48
CA PHE EE 13 -94.52 -35.41 4.71
C PHE EE 13 -94.05 -36.86 4.77
N PRO EE 14 -93.05 -37.34 4.00
CA PRO EE 14 -92.55 -38.70 4.29
C PRO EE 14 -91.89 -38.85 5.65
N ALA EE 15 -91.32 -37.78 6.20
CA ALA EE 15 -90.73 -37.88 7.52
C ALA EE 15 -91.79 -37.89 8.62
N VAL EE 16 -92.96 -37.30 8.34
CA VAL EE 16 -93.95 -37.16 9.40
C VAL EE 16 -94.84 -38.39 9.47
N VAL EE 17 -94.88 -39.19 8.41
CA VAL EE 17 -95.61 -40.46 8.46
C VAL EE 17 -94.75 -41.53 9.13
N GLU EE 18 -93.44 -41.48 8.90
CA GLU EE 18 -92.53 -42.38 9.61
C GLU EE 18 -92.43 -42.01 11.08
N ALA EE 19 -92.52 -40.71 11.40
CA ALA EE 19 -92.60 -40.29 12.79
C ALA EE 19 -93.89 -40.75 13.44
N ALA EE 20 -95.01 -40.62 12.73
CA ALA EE 20 -96.31 -41.01 13.29
C ALA EE 20 -96.41 -42.53 13.41
N ASP EE 21 -95.81 -43.28 12.49
CA ASP EE 21 -95.86 -44.73 12.55
C ASP EE 21 -94.97 -45.27 13.67
N ALA EE 22 -93.85 -44.61 13.94
CA ALA EE 22 -92.98 -45.04 15.03
C ALA EE 22 -93.56 -44.69 16.38
N MET EE 23 -94.46 -43.71 16.44
CA MET EE 23 -95.04 -43.31 17.71
C MET EE 23 -96.08 -44.31 18.18
N VAL EE 24 -97.00 -44.70 17.30
CA VAL EE 24 -98.09 -45.57 17.72
C VAL EE 24 -97.65 -47.02 17.81
N LYS EE 25 -96.47 -47.34 17.27
CA LYS EE 25 -95.93 -48.69 17.44
C LYS EE 25 -95.14 -48.81 18.74
N ALA EE 26 -94.54 -47.71 19.19
CA ALA EE 26 -93.64 -47.78 20.34
C ALA EE 26 -94.42 -47.90 21.64
N ALA EE 27 -95.55 -47.21 21.77
CA ALA EE 27 -96.27 -47.15 23.03
C ALA EE 27 -97.77 -47.10 22.77
N ARG EE 28 -98.53 -47.04 23.85
CA ARG EE 28 -99.99 -47.01 23.79
C ARG EE 28 -100.46 -45.56 23.68
N VAL EE 29 -100.14 -44.96 22.54
CA VAL EE 29 -100.59 -43.61 22.23
C VAL EE 29 -101.56 -43.70 21.06
N THR EE 30 -102.39 -42.68 20.94
CA THR EE 30 -103.32 -42.56 19.82
C THR EE 30 -102.92 -41.35 18.99
N LEU EE 31 -102.51 -41.59 17.76
CA LEU EE 31 -102.35 -40.52 16.79
C LEU EE 31 -103.71 -39.91 16.49
N VAL EE 32 -103.91 -38.67 16.89
CA VAL EE 32 -105.21 -38.02 16.74
C VAL EE 32 -105.20 -36.90 15.71
N GLY EE 33 -104.04 -36.34 15.40
CA GLY EE 33 -104.02 -35.08 14.69
C GLY EE 33 -102.88 -35.01 13.70
N TYR EE 34 -102.95 -34.01 12.84
CA TYR EE 34 -102.06 -33.85 11.70
C TYR EE 34 -102.18 -32.40 11.26
N GLU EE 35 -101.08 -31.65 11.37
CA GLU EE 35 -101.15 -30.20 11.24
C GLU EE 35 -100.08 -29.69 10.31
N LYS EE 36 -100.48 -28.80 9.39
CA LYS EE 36 -99.57 -28.14 8.46
C LYS EE 36 -99.64 -26.65 8.71
N ILE EE 37 -98.49 -26.01 8.91
CA ILE EE 37 -98.43 -24.58 9.20
C ILE EE 37 -97.65 -23.82 8.14
N GLY EE 38 -97.21 -24.48 7.09
CA GLY EE 38 -96.48 -23.82 6.02
C GLY EE 38 -94.99 -24.05 6.10
N THR EE 39 -94.32 -23.75 4.98
CA THR EE 39 -92.92 -24.07 4.68
C THR EE 39 -92.55 -25.52 4.97
N GLY EE 40 -93.45 -26.46 4.68
CA GLY EE 40 -93.17 -27.85 4.87
C GLY EE 40 -93.13 -28.33 6.31
N ARG EE 41 -93.45 -27.47 7.27
CA ARG EE 41 -93.44 -27.85 8.68
C ARG EE 41 -94.74 -28.58 8.99
N VAL EE 42 -94.64 -29.88 9.20
CA VAL EE 42 -95.80 -30.74 9.41
C VAL EE 42 -95.68 -31.38 10.78
N THR EE 43 -96.78 -31.36 11.54
CA THR EE 43 -96.80 -31.84 12.92
C THR EE 43 -97.83 -32.94 13.06
N VAL EE 44 -97.44 -34.04 13.71
CA VAL EE 44 -98.37 -35.08 14.13
C VAL EE 44 -98.53 -35.01 15.64
N ILE EE 45 -99.75 -35.29 16.10
CA ILE EE 45 -100.13 -35.13 17.50
C ILE EE 45 -100.60 -36.49 18.02
N VAL EE 46 -99.99 -36.94 19.12
CA VAL EE 46 -100.41 -38.18 19.77
C VAL EE 46 -100.98 -37.84 21.14
N ARG EE 47 -101.96 -38.65 21.57
CA ARG EE 47 -102.53 -38.55 22.89
C ARG EE 47 -102.33 -39.86 23.64
N GLY EE 48 -102.11 -39.77 24.94
CA GLY EE 48 -101.94 -40.95 25.75
C GLY EE 48 -101.48 -40.56 27.14
N ASP EE 49 -101.03 -41.56 27.89
CA ASP EE 49 -100.36 -41.27 29.16
C ASP EE 49 -99.02 -40.61 28.88
N VAL EE 50 -98.55 -39.83 29.86
CA VAL EE 50 -97.34 -39.03 29.66
C VAL EE 50 -96.10 -39.90 29.55
N SER EE 51 -96.10 -41.06 30.20
CA SER EE 51 -95.01 -42.02 30.03
C SER EE 51 -95.04 -42.65 28.64
N GLU EE 52 -96.23 -42.97 28.15
CA GLU EE 52 -96.36 -43.53 26.81
C GLU EE 52 -96.08 -42.47 25.74
N VAL EE 53 -96.45 -41.23 26.01
CA VAL EE 53 -96.20 -40.16 25.05
C VAL EE 53 -94.69 -39.85 24.99
N GLN EE 54 -94.01 -39.92 26.14
CA GLN EE 54 -92.57 -39.72 26.17
C GLN EE 54 -91.83 -40.84 25.45
N ALA EE 55 -92.34 -42.07 25.55
CA ALA EE 55 -91.69 -43.18 24.86
C ALA EE 55 -91.96 -43.13 23.37
N SER EE 56 -93.12 -42.60 22.96
CA SER EE 56 -93.45 -42.54 21.55
C SER EE 56 -92.72 -41.39 20.86
N VAL EE 57 -92.67 -40.21 21.50
CA VAL EE 57 -92.03 -39.04 20.90
C VAL EE 57 -90.53 -39.25 20.79
N SER EE 58 -89.93 -39.94 21.76
CA SER EE 58 -88.52 -40.27 21.68
C SER EE 58 -88.24 -41.29 20.58
N ALA EE 59 -89.18 -42.22 20.36
CA ALA EE 59 -88.99 -43.21 19.30
C ALA EE 59 -89.31 -42.64 17.93
N GLY EE 60 -90.27 -41.72 17.87
CA GLY EE 60 -90.58 -41.07 16.61
C GLY EE 60 -89.52 -40.09 16.16
N THR EE 61 -88.71 -39.59 17.09
CA THR EE 61 -87.64 -38.66 16.74
C THR EE 61 -86.48 -39.39 16.06
N GLU EE 62 -86.10 -40.56 16.57
CA GLU EE 62 -84.97 -41.28 15.99
C GLU EE 62 -85.34 -41.96 14.68
N SER EE 63 -86.63 -42.15 14.42
CA SER EE 63 -87.04 -42.80 13.18
C SER EE 63 -87.05 -41.86 11.98
N VAL EE 64 -87.02 -40.54 12.22
CA VAL EE 64 -86.92 -39.59 11.13
C VAL EE 64 -85.51 -39.61 10.56
N LYS EE 65 -84.52 -39.99 11.38
CA LYS EE 65 -83.14 -40.07 10.92
C LYS EE 65 -82.92 -41.16 9.88
N ARG EE 66 -83.78 -42.17 9.82
CA ARG EE 66 -83.72 -43.15 8.76
C ARG EE 66 -84.38 -42.67 7.46
N VAL EE 67 -85.14 -41.58 7.51
CA VAL EE 67 -85.72 -41.00 6.31
C VAL EE 67 -84.74 -39.98 5.74
N ASN EE 68 -84.33 -40.20 4.48
CA ASN EE 68 -83.44 -39.28 3.80
C ASN EE 68 -84.28 -38.17 3.17
N GLY EE 69 -84.09 -36.94 3.65
CA GLY EE 69 -84.84 -35.80 3.18
C GLY EE 69 -85.72 -35.15 4.21
N GLY EE 70 -85.83 -35.71 5.42
CA GLY EE 70 -86.64 -35.12 6.46
C GLY EE 70 -85.87 -35.05 7.76
N GLN EE 71 -86.21 -34.04 8.56
CA GLN EE 71 -85.56 -33.80 9.84
C GLN EE 71 -86.60 -33.36 10.85
N VAL EE 72 -86.32 -33.66 12.11
CA VAL EE 72 -87.18 -33.24 13.22
C VAL EE 72 -86.87 -31.78 13.51
N LEU EE 73 -87.89 -30.93 13.42
CA LEU EE 73 -87.70 -29.51 13.71
C LEU EE 73 -87.96 -29.22 15.18
N SER EE 74 -89.04 -29.77 15.73
CA SER EE 74 -89.41 -29.48 17.10
C SER EE 74 -90.22 -30.63 17.66
N THR EE 75 -89.95 -30.96 18.92
CA THR EE 75 -90.75 -31.94 19.66
C THR EE 75 -91.15 -31.33 20.99
N HIS EE 76 -92.34 -31.68 21.46
CA HIS EE 76 -92.76 -31.26 22.78
C HIS EE 76 -93.79 -32.23 23.33
N ILE EE 77 -93.83 -32.32 24.66
CA ILE EE 77 -94.73 -33.18 25.40
C ILE EE 77 -95.33 -32.36 26.53
N ILE EE 78 -96.66 -32.33 26.61
CA ILE EE 78 -97.37 -31.67 27.69
C ILE EE 78 -98.08 -32.75 28.50
N ALA EE 79 -97.79 -32.81 29.81
CA ALA EE 79 -98.21 -33.92 30.64
C ALA EE 79 -99.72 -33.96 30.83
N ARG EE 80 -100.34 -32.78 30.96
CA ARG EE 80 -101.80 -32.69 31.03
C ARG EE 80 -102.19 -31.31 30.49
N PRO EE 81 -102.66 -31.23 29.26
CA PRO EE 81 -103.06 -29.92 28.71
C PRO EE 81 -104.32 -29.40 29.36
N HIS EE 82 -104.46 -28.09 29.33
CA HIS EE 82 -105.66 -27.42 29.80
C HIS EE 82 -106.83 -27.77 28.90
N GLU EE 83 -108.04 -27.71 29.48
CA GLU EE 83 -109.24 -28.05 28.72
C GLU EE 83 -109.58 -26.99 27.67
N ASN EE 84 -108.98 -25.80 27.79
CA ASN EE 84 -109.13 -24.77 26.77
C ASN EE 84 -108.48 -25.17 25.45
N LEU EE 85 -107.42 -25.97 25.50
CA LEU EE 85 -106.63 -26.23 24.30
C LEU EE 85 -107.32 -27.17 23.32
N GLU EE 86 -108.22 -28.03 23.78
CA GLU EE 86 -108.89 -28.95 22.86
C GLU EE 86 -109.91 -28.24 22.00
N TYR EE 87 -110.43 -27.10 22.45
CA TYR EE 87 -111.45 -26.40 21.69
C TYR EE 87 -110.82 -25.43 20.69
N VAL EE 88 -109.58 -25.03 20.91
CA VAL EE 88 -108.93 -24.10 20.00
C VAL EE 88 -107.92 -24.81 19.12
N LEU EE 89 -107.05 -25.58 19.72
CA LEU EE 89 -106.00 -26.28 18.99
C LEU EE 89 -106.46 -27.68 18.58
N PRO EE 90 -105.99 -28.18 17.43
CA PRO EE 90 -106.43 -29.50 16.94
C PRO EE 90 -105.67 -30.66 17.59
N ILE EE 91 -105.77 -30.76 18.91
CA ILE EE 91 -105.14 -31.83 19.68
C ILE EE 91 -106.16 -32.76 20.31
N ARG EE 92 -107.44 -32.61 19.99
CA ARG EE 92 -108.47 -33.40 20.63
C ARG EE 92 -108.71 -34.70 19.87
N TYR EE 93 -109.38 -35.63 20.55
CA TYR EE 93 -109.76 -36.88 19.93
C TYR EE 93 -110.89 -36.65 18.93
N THR EE 94 -110.67 -37.04 17.68
CA THR EE 94 -111.73 -37.03 16.70
C THR EE 94 -112.57 -38.31 16.82
N GLU EE 95 -113.70 -38.33 16.11
CA GLU EE 95 -114.58 -39.48 16.19
C GLU EE 95 -114.05 -40.66 15.40
N GLU EE 96 -113.07 -40.43 14.53
CA GLU EE 96 -112.53 -41.51 13.70
C GLU EE 96 -111.52 -42.34 14.47
N VAL EE 97 -110.92 -41.76 15.52
CA VAL EE 97 -109.79 -42.38 16.20
C VAL EE 97 -110.18 -42.89 17.59
N GLU EE 98 -111.47 -42.96 17.89
CA GLU EE 98 -111.88 -43.44 19.21
C GLU EE 98 -111.75 -44.95 19.36
N GLN EE 99 -111.58 -45.67 18.26
CA GLN EE 99 -111.34 -47.11 18.35
C GLN EE 99 -109.92 -47.43 18.75
N PHE EE 100 -109.00 -46.47 18.60
CA PHE EE 100 -107.61 -46.65 19.00
C PHE EE 100 -107.30 -46.07 20.37
N ARG EE 101 -108.29 -45.54 21.08
CA ARG EE 101 -108.05 -44.93 22.38
C ARG EE 101 -107.90 -45.98 23.48
N MET FE 1 -80.02 -34.07 60.70
CA MET FE 1 -80.69 -35.19 60.05
C MET FE 1 -81.94 -35.62 60.81
N GLN FE 2 -82.82 -36.32 60.12
CA GLN FE 2 -84.02 -36.89 60.71
C GLN FE 2 -84.07 -38.38 60.38
N MET FE 3 -84.61 -39.16 61.30
CA MET FE 3 -84.87 -40.56 61.05
C MET FE 3 -86.22 -40.71 60.36
N ALA FE 4 -86.24 -41.50 59.29
CA ALA FE 4 -87.45 -41.69 58.52
C ALA FE 4 -87.54 -43.15 58.11
N LYS FE 5 -88.77 -43.58 57.81
CA LYS FE 5 -89.05 -44.91 57.33
C LYS FE 5 -89.49 -44.84 55.88
N VAL FE 6 -88.93 -45.71 55.04
CA VAL FE 6 -89.27 -45.76 53.62
C VAL FE 6 -90.68 -46.33 53.50
N CYS FE 7 -91.63 -45.50 53.07
CA CYS FE 7 -93.00 -45.97 52.91
C CYS FE 7 -93.38 -46.15 51.45
N GLY FE 8 -92.56 -45.66 50.53
CA GLY FE 8 -92.83 -45.93 49.14
C GLY FE 8 -91.97 -45.13 48.20
N THR FE 9 -92.40 -45.10 46.94
CA THR FE 9 -91.67 -44.45 45.86
C THR FE 9 -92.57 -43.45 45.17
N VAL FE 10 -91.96 -42.36 44.68
CA VAL FE 10 -92.64 -41.36 43.88
C VAL FE 10 -91.98 -41.33 42.52
N VAL FE 11 -92.76 -41.51 41.46
CA VAL FE 11 -92.26 -41.50 40.10
C VAL FE 11 -92.91 -40.31 39.38
N GLY FE 12 -92.07 -39.45 38.81
CA GLY FE 12 -92.56 -38.39 37.97
C GLY FE 12 -91.85 -38.41 36.63
N THR FE 13 -92.61 -38.43 35.53
CA THR FE 13 -92.00 -38.49 34.22
C THR FE 13 -91.77 -37.11 33.61
N GLN FE 14 -92.68 -36.17 33.86
CA GLN FE 14 -92.55 -34.78 33.42
C GLN FE 14 -91.86 -34.01 34.53
N LYS FE 15 -90.59 -33.70 34.34
CA LYS FE 15 -89.78 -33.09 35.39
C LYS FE 15 -88.71 -32.21 34.76
N LEU FE 16 -87.86 -31.66 35.60
CA LEU FE 16 -86.72 -30.90 35.13
C LEU FE 16 -85.68 -31.85 34.54
N PRO FE 17 -84.88 -31.38 33.57
CA PRO FE 17 -83.82 -32.24 33.02
C PRO FE 17 -82.71 -32.57 34.01
N SER FE 18 -82.53 -31.74 35.03
CA SER FE 18 -81.54 -32.05 36.06
C SER FE 18 -82.10 -32.99 37.12
N MET FE 19 -83.39 -33.31 37.06
CA MET FE 19 -83.98 -34.24 38.01
C MET FE 19 -84.00 -35.67 37.49
N THR FE 20 -83.40 -35.94 36.33
CA THR FE 20 -83.44 -37.29 35.79
C THR FE 20 -82.36 -38.15 36.43
N GLY FE 21 -82.63 -39.45 36.53
CA GLY FE 21 -81.75 -40.36 37.22
C GLY FE 21 -81.85 -40.34 38.73
N VAL FE 22 -82.65 -39.44 39.29
CA VAL FE 22 -82.79 -39.29 40.74
C VAL FE 22 -83.90 -40.21 41.20
N LYS FE 23 -83.58 -41.12 42.11
CA LYS FE 23 -84.56 -42.03 42.70
C LYS FE 23 -85.24 -41.34 43.87
N LEU FE 24 -86.56 -41.23 43.80
CA LEU FE 24 -87.35 -40.48 44.78
C LEU FE 24 -88.11 -41.44 45.68
N LEU FE 25 -87.80 -41.39 46.97
CA LEU FE 25 -88.46 -42.21 47.97
C LEU FE 25 -89.42 -41.39 48.80
N LEU FE 26 -90.60 -41.95 49.05
CA LEU FE 26 -91.57 -41.37 49.97
C LEU FE 26 -91.21 -41.87 51.37
N LEU FE 27 -90.78 -40.96 52.22
CA LEU FE 27 -90.25 -41.29 53.53
C LEU FE 27 -91.14 -40.67 54.61
N GLN FE 28 -91.62 -41.49 55.53
CA GLN FE 28 -92.39 -40.99 56.66
C GLN FE 28 -91.47 -40.85 57.86
N PHE FE 29 -91.51 -39.68 58.50
CA PHE FE 29 -90.64 -39.43 59.64
C PHE FE 29 -91.12 -40.19 60.87
N ILE FE 30 -90.16 -40.78 61.58
CA ILE FE 30 -90.40 -41.50 62.81
C ILE FE 30 -89.79 -40.70 63.95
N ASP FE 31 -90.33 -40.84 65.15
CA ASP FE 31 -89.82 -40.09 66.28
C ASP FE 31 -88.62 -40.80 66.91
N ALA FE 32 -88.16 -40.28 68.04
CA ALA FE 32 -87.07 -40.92 68.77
C ALA FE 32 -87.54 -42.18 69.48
N ASN FE 33 -88.85 -42.32 69.70
CA ASN FE 33 -89.37 -43.52 70.33
C ASN FE 33 -89.62 -44.64 69.33
N GLY FE 34 -89.67 -44.30 68.04
CA GLY FE 34 -89.92 -45.28 67.00
C GLY FE 34 -91.29 -45.26 66.37
N GLU FE 35 -92.18 -44.37 66.82
CA GLU FE 35 -93.52 -44.28 66.28
C GLU FE 35 -93.53 -43.39 65.04
N LEU FE 36 -94.47 -43.66 64.14
CA LEU FE 36 -94.56 -42.89 62.91
C LEU FE 36 -95.21 -41.54 63.19
N LEU FE 37 -94.55 -40.47 62.75
CA LEU FE 37 -95.10 -39.13 62.86
C LEU FE 37 -95.97 -38.82 61.65
N PRO FE 38 -96.98 -37.95 61.80
CA PRO FE 38 -97.77 -37.52 60.64
C PRO FE 38 -97.07 -36.44 59.82
N LYS FE 39 -95.89 -36.77 59.31
CA LYS FE 39 -95.06 -35.86 58.54
C LYS FE 39 -94.20 -36.71 57.61
N TYR FE 40 -94.05 -36.27 56.38
CA TYR FE 40 -93.36 -37.05 55.36
C TYR FE 40 -92.35 -36.18 54.63
N GLU FE 41 -91.64 -36.80 53.69
CA GLU FE 41 -90.69 -36.15 52.82
C GLU FE 41 -90.53 -36.99 51.57
N VAL FE 42 -90.12 -36.34 50.48
CA VAL FE 42 -89.65 -37.04 49.29
C VAL FE 42 -88.18 -36.68 49.12
N ALA FE 43 -87.33 -37.68 49.14
CA ALA FE 43 -85.89 -37.45 49.14
C ALA FE 43 -85.22 -38.25 48.03
N ALA FE 44 -84.09 -37.72 47.57
CA ALA FE 44 -83.20 -38.48 46.71
C ALA FE 44 -82.54 -39.60 47.49
N ASP FE 45 -82.26 -40.70 46.80
CA ASP FE 45 -81.75 -41.92 47.43
C ASP FE 45 -80.47 -42.38 46.74
N PRO FE 46 -79.31 -41.83 47.13
CA PRO FE 46 -78.05 -42.37 46.61
C PRO FE 46 -77.64 -43.65 47.30
N VAL FE 47 -77.91 -43.77 48.59
CA VAL FE 47 -77.68 -44.99 49.36
C VAL FE 47 -78.90 -45.86 49.17
N GLY FE 48 -78.73 -47.00 48.51
CA GLY FE 48 -79.86 -47.76 47.99
C GLY FE 48 -80.73 -48.34 49.09
N ALA FE 49 -81.91 -47.76 49.29
CA ALA FE 49 -82.79 -48.09 50.40
C ALA FE 49 -84.13 -48.55 49.87
N GLY FE 50 -84.65 -49.62 50.47
CA GLY FE 50 -85.90 -50.20 50.03
C GLY FE 50 -87.01 -50.02 51.04
N LEU FE 51 -88.17 -50.58 50.69
CA LEU FE 51 -89.40 -50.37 51.44
C LEU FE 51 -89.33 -50.96 52.84
N GLY FE 52 -89.53 -50.11 53.85
CA GLY FE 52 -89.53 -50.52 55.23
C GLY FE 52 -88.27 -50.19 56.00
N GLU FE 53 -87.21 -49.74 55.33
CA GLU FE 53 -85.96 -49.48 56.01
C GLU FE 53 -86.01 -48.18 56.79
N TRP FE 54 -85.09 -48.03 57.72
CA TRP FE 54 -84.90 -46.82 58.49
C TRP FE 54 -83.74 -46.05 57.90
N VAL FE 55 -83.95 -44.79 57.55
CA VAL FE 55 -82.95 -43.99 56.88
C VAL FE 55 -82.72 -42.69 57.65
N LEU FE 56 -81.56 -42.09 57.40
CA LEU FE 56 -81.27 -40.74 57.86
C LEU FE 56 -81.43 -39.79 56.67
N VAL FE 57 -82.22 -38.73 56.87
CA VAL FE 57 -82.56 -37.79 55.82
C VAL FE 57 -82.06 -36.42 56.23
N ASN FE 58 -81.29 -35.79 55.36
CA ASN FE 58 -80.91 -34.41 55.62
C ASN FE 58 -81.92 -33.47 54.97
N ARG FE 59 -81.70 -32.17 55.13
CA ARG FE 59 -82.66 -31.19 54.66
C ARG FE 59 -81.90 -29.98 54.15
N GLY FE 60 -82.39 -29.41 53.06
CA GLY FE 60 -81.84 -28.17 52.56
C GLY FE 60 -80.69 -28.34 51.59
N SER FE 61 -79.68 -27.50 51.72
CA SER FE 61 -78.54 -27.52 50.81
C SER FE 61 -77.55 -28.63 51.10
N ALA FE 62 -77.74 -29.37 52.20
CA ALA FE 62 -76.94 -30.55 52.49
C ALA FE 62 -77.24 -31.68 51.52
N ALA FE 63 -78.40 -31.67 50.88
CA ALA FE 63 -78.73 -32.66 49.87
C ALA FE 63 -77.91 -32.50 48.59
N ARG FE 64 -77.26 -31.36 48.40
CA ARG FE 64 -76.48 -31.07 47.22
C ARG FE 64 -74.98 -31.17 47.46
N GLN FE 65 -74.56 -32.03 48.39
CA GLN FE 65 -73.15 -32.10 48.77
C GLN FE 65 -72.44 -33.34 48.25
N THR FE 66 -73.16 -34.29 47.66
CA THR FE 66 -72.58 -35.58 47.31
C THR FE 66 -71.96 -35.62 45.92
N GLU FE 67 -71.63 -34.45 45.37
CA GLU FE 67 -70.84 -34.18 44.15
C GLU FE 67 -71.46 -34.70 42.86
N TYR FE 68 -72.63 -35.36 42.93
CA TYR FE 68 -73.46 -35.55 41.75
C TYR FE 68 -74.88 -35.05 41.97
N HIS FE 69 -75.16 -34.42 43.10
CA HIS FE 69 -76.39 -33.70 43.35
C HIS FE 69 -76.18 -32.21 43.45
N GLN FE 70 -75.03 -31.72 42.95
CA GLN FE 70 -74.54 -30.39 43.29
C GLN FE 70 -75.40 -29.28 42.68
N ASN FE 71 -75.77 -29.43 41.42
CA ASN FE 71 -76.59 -28.43 40.73
C ASN FE 71 -78.00 -28.94 40.47
N ARG FE 72 -78.44 -29.92 41.26
CA ARG FE 72 -79.74 -30.55 41.20
C ARG FE 72 -80.68 -29.92 42.20
N PRO FE 73 -81.93 -29.65 41.83
CA PRO FE 73 -82.89 -29.01 42.73
C PRO FE 73 -83.45 -29.95 43.78
N LEU FE 74 -82.60 -30.33 44.73
CA LEU FE 74 -82.95 -31.28 45.77
C LEU FE 74 -82.79 -30.63 47.13
N ASP FE 75 -83.78 -30.81 48.00
CA ASP FE 75 -83.73 -30.30 49.36
C ASP FE 75 -83.84 -31.40 50.40
N ALA FE 76 -83.76 -32.66 49.98
CA ALA FE 76 -83.85 -33.79 50.88
C ALA FE 76 -83.13 -34.97 50.25
N MET FE 77 -82.40 -35.73 51.05
CA MET FE 77 -81.57 -36.81 50.55
C MET FE 77 -81.35 -37.83 51.65
N VAL FE 78 -81.51 -39.12 51.31
CA VAL FE 78 -81.11 -40.18 52.22
C VAL FE 78 -79.58 -40.23 52.26
N VAL FE 79 -79.01 -40.03 53.44
CA VAL FE 79 -77.56 -40.03 53.57
C VAL FE 79 -77.04 -41.32 54.22
N ALA FE 80 -77.90 -42.06 54.90
CA ALA FE 80 -77.48 -43.27 55.59
C ALA FE 80 -78.68 -44.19 55.75
N ILE FE 81 -78.42 -45.49 55.72
CA ILE FE 81 -79.38 -46.49 56.15
C ILE FE 81 -79.05 -46.83 57.59
N ILE FE 82 -80.05 -46.71 58.46
CA ILE FE 82 -79.83 -46.88 59.89
C ILE FE 82 -79.61 -48.35 60.20
N ASP FE 83 -78.48 -48.64 60.84
CA ASP FE 83 -78.20 -49.98 61.36
C ASP FE 83 -78.73 -50.15 62.78
N THR FE 84 -78.40 -49.22 63.67
CA THR FE 84 -78.72 -49.36 65.08
C THR FE 84 -79.08 -48.00 65.66
N VAL FE 85 -80.18 -47.93 66.39
CA VAL FE 85 -80.52 -46.79 67.23
C VAL FE 85 -80.45 -47.25 68.67
N THR FE 86 -79.58 -46.62 69.44
CA THR FE 86 -79.44 -46.90 70.87
C THR FE 86 -79.89 -45.67 71.63
N VAL FE 87 -80.94 -45.82 72.45
CA VAL FE 87 -81.48 -44.74 73.25
C VAL FE 87 -81.33 -45.12 74.72
N ASN FE 88 -80.61 -44.28 75.48
CA ASN FE 88 -80.36 -44.45 76.92
C ASN FE 88 -79.68 -45.80 77.21
N ASN FE 89 -78.67 -46.12 76.40
CA ASN FE 89 -77.90 -47.37 76.37
C ASN FE 89 -78.76 -48.60 76.11
N ARG FE 90 -79.96 -48.43 75.56
CA ARG FE 90 -80.85 -49.52 75.20
C ARG FE 90 -81.08 -49.47 73.70
N ARG FE 91 -80.90 -50.61 73.04
CA ARG FE 91 -81.07 -50.68 71.59
C ARG FE 91 -82.53 -50.56 71.21
N LEU FE 92 -82.87 -49.50 70.47
CA LEU FE 92 -84.22 -49.27 69.98
C LEU FE 92 -84.46 -49.92 68.63
N TYR FE 93 -83.45 -49.96 67.76
CA TYR FE 93 -83.59 -50.49 66.42
C TYR FE 93 -82.35 -51.31 66.09
N GLY FE 94 -82.56 -52.37 65.32
CA GLY FE 94 -81.45 -53.23 64.91
C GLY FE 94 -81.32 -54.48 65.76
N ALA GE 2 -111.82 -2.83 24.91
CA ALA GE 2 -112.52 -4.02 25.41
C ALA GE 2 -111.64 -4.81 26.36
N VAL GE 3 -111.95 -6.10 26.50
CA VAL GE 3 -111.15 -7.02 27.31
C VAL GE 3 -109.79 -7.20 26.65
N ALA GE 4 -108.74 -7.27 27.46
CA ALA GE 4 -107.37 -7.23 26.96
C ALA GE 4 -107.03 -8.47 26.13
N VAL GE 5 -106.14 -8.30 25.17
CA VAL GE 5 -105.74 -9.35 24.25
C VAL GE 5 -104.23 -9.51 24.30
N GLY GE 6 -103.76 -10.74 24.40
CA GLY GE 6 -102.35 -11.05 24.34
C GLY GE 6 -102.07 -12.05 23.24
N MET GE 7 -100.96 -11.85 22.54
CA MET GE 7 -100.58 -12.69 21.42
C MET GE 7 -99.14 -13.14 21.61
N ILE GE 8 -98.88 -14.41 21.32
CA ILE GE 8 -97.53 -14.94 21.24
C ILE GE 8 -97.39 -15.61 19.89
N GLU GE 9 -96.49 -15.10 19.07
CA GLU GE 9 -96.20 -15.70 17.77
C GLU GE 9 -94.93 -16.52 17.86
N THR GE 10 -95.04 -17.81 17.59
CA THR GE 10 -93.90 -18.72 17.60
C THR GE 10 -93.64 -19.26 16.20
N LEU GE 11 -92.44 -19.76 16.01
CA LEU GE 11 -92.04 -20.44 14.78
C LEU GE 11 -92.14 -21.93 15.04
N GLY GE 12 -93.28 -22.53 14.66
CA GLY GE 12 -93.49 -23.94 14.90
C GLY GE 12 -94.72 -24.24 15.72
N PHE GE 13 -95.36 -25.37 15.41
CA PHE GE 13 -96.58 -25.80 16.11
C PHE GE 13 -96.36 -26.43 17.49
N PRO GE 14 -95.30 -27.22 17.78
CA PRO GE 14 -95.08 -27.60 19.19
C PRO GE 14 -94.75 -26.43 20.09
N ALA GE 15 -94.14 -25.37 19.55
CA ALA GE 15 -93.84 -24.21 20.37
C ALA GE 15 -95.08 -23.38 20.66
N VAL GE 16 -96.09 -23.46 19.78
CA VAL GE 16 -97.26 -22.61 19.96
C VAL GE 16 -98.29 -23.31 20.86
N VAL GE 17 -98.22 -24.63 20.97
CA VAL GE 17 -99.10 -25.34 21.89
C VAL GE 17 -98.56 -25.22 23.31
N GLU GE 18 -97.24 -25.21 23.46
CA GLU GE 18 -96.65 -24.91 24.76
C GLU GE 18 -96.88 -23.47 25.16
N ALA GE 19 -96.86 -22.55 24.19
CA ALA GE 19 -97.21 -21.16 24.47
C ALA GE 19 -98.67 -21.03 24.87
N ALA GE 20 -99.55 -21.76 24.19
CA ALA GE 20 -100.98 -21.72 24.54
C ALA GE 20 -101.24 -22.42 25.87
N ASP GE 21 -100.51 -23.49 26.16
CA ASP GE 21 -100.72 -24.21 27.40
C ASP GE 21 -100.17 -23.44 28.59
N ALA GE 22 -99.02 -22.80 28.44
CA ALA GE 22 -98.43 -22.08 29.58
C ALA GE 22 -99.17 -20.79 29.87
N MET GE 23 -99.83 -20.21 28.86
CA MET GE 23 -100.55 -18.96 29.06
C MET GE 23 -101.80 -19.19 29.91
N VAL GE 24 -102.56 -20.24 29.62
CA VAL GE 24 -103.80 -20.46 30.35
C VAL GE 24 -103.53 -21.20 31.65
N LYS GE 25 -102.29 -21.64 31.88
CA LYS GE 25 -101.95 -22.26 33.15
C LYS GE 25 -101.29 -21.26 34.10
N ALA GE 26 -100.76 -20.16 33.56
CA ALA GE 26 -100.10 -19.18 34.42
C ALA GE 26 -101.10 -18.24 35.06
N ALA GE 27 -102.20 -17.95 34.38
CA ALA GE 27 -103.17 -16.98 34.87
C ALA GE 27 -104.55 -17.32 34.33
N ARG GE 28 -105.53 -16.50 34.72
CA ARG GE 28 -106.92 -16.71 34.36
C ARG GE 28 -107.20 -15.97 33.05
N VAL GE 29 -106.71 -16.56 31.97
CA VAL GE 29 -106.97 -16.05 30.62
C VAL GE 29 -107.73 -17.11 29.85
N THR GE 30 -108.32 -16.68 28.73
CA THR GE 30 -109.05 -17.57 27.84
C THR GE 30 -108.36 -17.59 26.49
N LEU GE 31 -107.78 -18.73 26.14
CA LEU GE 31 -107.27 -18.94 24.79
C LEU GE 31 -108.45 -18.98 23.83
N VAL GE 32 -108.52 -18.00 22.93
CA VAL GE 32 -109.66 -17.86 22.05
C VAL GE 32 -109.30 -18.13 20.60
N GLY GE 33 -108.03 -18.02 20.22
CA GLY GE 33 -107.68 -17.96 18.82
C GLY GE 33 -106.40 -18.68 18.53
N TYR GE 34 -106.23 -19.03 17.26
CA TYR GE 34 -105.09 -19.80 16.78
C TYR GE 34 -104.90 -19.42 15.32
N GLU GE 35 -103.85 -18.68 15.03
CA GLU GE 35 -103.73 -17.97 13.77
C GLU GE 35 -102.46 -18.38 13.04
N LYS GE 36 -102.61 -18.78 11.78
CA LYS GE 36 -101.49 -19.14 10.92
C LYS GE 36 -101.41 -18.15 9.77
N ILE GE 37 -100.24 -17.57 9.56
CA ILE GE 37 -100.03 -16.56 8.53
C ILE GE 37 -98.98 -16.98 7.52
N GLY GE 38 -98.50 -18.22 7.59
CA GLY GE 38 -97.50 -18.71 6.67
C GLY GE 38 -96.09 -18.62 7.23
N THR GE 39 -95.18 -19.31 6.53
CA THR GE 39 -93.79 -19.59 6.94
C THR GE 39 -93.66 -20.11 8.36
N GLY GE 40 -94.62 -20.92 8.82
CA GLY GE 40 -94.54 -21.47 10.16
C GLY GE 40 -94.84 -20.51 11.28
N ARG GE 41 -95.14 -19.25 10.97
CA ARG GE 41 -95.45 -18.26 11.99
C ARG GE 41 -96.87 -18.51 12.48
N VAL GE 42 -96.98 -19.02 13.70
CA VAL GE 42 -98.26 -19.38 14.30
C VAL GE 42 -98.46 -18.51 15.53
N THR GE 43 -99.66 -17.94 15.67
CA THR GE 43 -100.00 -17.05 16.77
C THR GE 43 -101.19 -17.60 17.53
N VAL GE 44 -101.05 -17.71 18.85
CA VAL GE 44 -102.18 -17.98 19.74
C VAL GE 44 -102.59 -16.70 20.42
N ILE GE 45 -103.89 -16.53 20.61
CA ILE GE 45 -104.49 -15.29 21.10
C ILE GE 45 -105.25 -15.61 22.38
N VAL GE 46 -104.90 -14.93 23.47
CA VAL GE 46 -105.60 -15.08 24.73
C VAL GE 46 -106.33 -13.79 25.05
N ARG GE 47 -107.44 -13.91 25.77
CA ARG GE 47 -108.19 -12.78 26.29
C ARG GE 47 -108.29 -12.87 27.79
N GLY GE 48 -108.45 -11.72 28.43
CA GLY GE 48 -108.64 -11.71 29.87
C GLY GE 48 -108.33 -10.34 30.43
N ASP GE 49 -108.23 -10.29 31.75
CA ASP GE 49 -107.85 -9.06 32.42
C ASP GE 49 -106.38 -8.74 32.14
N VAL GE 50 -106.03 -7.47 32.36
CA VAL GE 50 -104.69 -6.98 32.02
C VAL GE 50 -103.63 -7.61 32.90
N SER GE 51 -103.96 -7.82 34.18
CA SER GE 51 -103.04 -8.50 35.09
C SER GE 51 -102.83 -9.95 34.70
N GLU GE 52 -103.89 -10.61 34.23
CA GLU GE 52 -103.78 -12.00 33.82
C GLU GE 52 -103.06 -12.15 32.49
N VAL GE 53 -103.34 -11.26 31.54
CA VAL GE 53 -102.74 -11.36 30.21
C VAL GE 53 -101.25 -11.00 30.28
N GLN GE 54 -100.89 -10.04 31.12
CA GLN GE 54 -99.47 -9.71 31.31
C GLN GE 54 -98.71 -10.85 31.97
N ALA GE 55 -99.35 -11.56 32.90
CA ALA GE 55 -98.70 -12.69 33.53
C ALA GE 55 -98.63 -13.89 32.59
N SER GE 56 -99.61 -14.02 31.70
CA SER GE 56 -99.66 -15.17 30.80
C SER GE 56 -98.64 -15.04 29.68
N VAL GE 57 -98.58 -13.87 29.05
CA VAL GE 57 -97.69 -13.68 27.90
C VAL GE 57 -96.23 -13.70 28.35
N SER GE 58 -95.95 -13.16 29.54
CA SER GE 58 -94.59 -13.16 30.05
C SER GE 58 -94.16 -14.56 30.48
N ALA GE 59 -95.09 -15.37 30.98
CA ALA GE 59 -94.74 -16.74 31.36
C ALA GE 59 -94.84 -17.68 30.15
N GLY GE 60 -95.71 -17.36 29.20
CA GLY GE 60 -95.78 -18.15 27.98
C GLY GE 60 -94.58 -17.96 27.08
N THR GE 61 -93.90 -16.82 27.18
CA THR GE 61 -92.70 -16.58 26.38
C THR GE 61 -91.53 -17.40 26.90
N GLU GE 62 -91.39 -17.51 28.22
CA GLU GE 62 -90.27 -18.24 28.80
C GLU GE 62 -90.45 -19.75 28.68
N SER GE 63 -91.68 -20.21 28.44
CA SER GE 63 -91.92 -21.64 28.31
C SER GE 63 -91.53 -22.15 26.92
N VAL GE 64 -91.65 -21.29 25.89
CA VAL GE 64 -91.25 -21.68 24.54
C VAL GE 64 -89.75 -21.90 24.43
N LYS GE 65 -88.95 -21.17 25.21
CA LYS GE 65 -87.51 -21.42 25.24
C LYS GE 65 -87.16 -22.47 26.29
N ARG GE 66 -87.92 -23.56 26.29
CA ARG GE 66 -87.66 -24.79 27.01
C ARG GE 66 -88.10 -25.92 26.10
N VAL GE 67 -88.54 -25.55 24.90
CA VAL GE 67 -88.91 -26.47 23.84
C VAL GE 67 -87.77 -26.51 22.83
N ASN GE 68 -87.33 -27.70 22.46
CA ASN GE 68 -86.28 -27.83 21.45
C ASN GE 68 -86.86 -27.49 20.09
N GLY GE 69 -86.19 -26.60 19.36
CA GLY GE 69 -86.73 -26.11 18.11
C GLY GE 69 -87.80 -25.06 18.27
N GLY GE 70 -88.02 -24.57 19.49
CA GLY GE 70 -89.02 -23.55 19.76
C GLY GE 70 -88.39 -22.17 19.73
N GLN GE 71 -89.10 -21.24 19.10
CA GLN GE 71 -88.60 -19.88 18.90
C GLN GE 71 -89.74 -18.89 18.98
N VAL GE 72 -89.65 -17.94 19.89
CA VAL GE 72 -90.62 -16.86 19.99
C VAL GE 72 -90.25 -15.82 18.94
N LEU GE 73 -91.19 -15.52 18.06
CA LEU GE 73 -90.95 -14.49 17.05
C LEU GE 73 -91.39 -13.12 17.53
N SER GE 74 -92.61 -13.02 18.04
CA SER GE 74 -93.16 -11.74 18.46
C SER GE 74 -94.25 -11.96 19.48
N THR GE 75 -94.21 -11.19 20.56
CA THR GE 75 -95.26 -11.18 21.58
C THR GE 75 -95.76 -9.75 21.74
N HIS GE 76 -97.04 -9.62 22.06
CA HIS GE 76 -97.60 -8.31 22.34
C HIS GE 76 -98.82 -8.45 23.22
N ILE GE 77 -99.08 -7.39 24.01
CA ILE GE 77 -100.24 -7.26 24.86
C ILE GE 77 -100.91 -5.95 24.55
N ILE GE 78 -102.20 -5.99 24.24
CA ILE GE 78 -103.01 -4.78 24.09
C ILE GE 78 -104.01 -4.76 25.23
N ALA GE 79 -103.82 -3.81 26.15
CA ALA GE 79 -104.57 -3.80 27.40
C ALA GE 79 -106.03 -3.41 27.19
N ARG GE 80 -106.29 -2.58 26.19
CA ARG GE 80 -107.65 -2.09 25.92
C ARG GE 80 -107.82 -1.99 24.42
N PRO GE 81 -108.13 -3.09 23.75
CA PRO GE 81 -108.33 -3.03 22.30
C PRO GE 81 -109.64 -2.37 21.95
N HIS GE 82 -109.64 -1.71 20.80
CA HIS GE 82 -110.83 -1.05 20.29
C HIS GE 82 -111.88 -2.08 19.93
N GLU GE 83 -113.15 -1.67 20.03
CA GLU GE 83 -114.27 -2.54 19.69
C GLU GE 83 -114.37 -2.82 18.19
N ASN GE 84 -113.65 -2.06 17.36
CA ASN GE 84 -113.55 -2.36 15.93
C ASN GE 84 -112.75 -3.63 15.67
N LEU GE 85 -111.82 -3.97 16.57
CA LEU GE 85 -110.83 -5.00 16.26
C LEU GE 85 -111.40 -6.41 16.36
N GLU GE 86 -112.41 -6.63 17.20
CA GLU GE 86 -112.95 -7.98 17.36
C GLU GE 86 -113.75 -8.42 16.14
N TYR GE 87 -114.26 -7.46 15.36
CA TYR GE 87 -115.08 -7.81 14.21
C TYR GE 87 -114.22 -8.10 12.98
N VAL GE 88 -113.02 -7.55 12.92
CA VAL GE 88 -112.17 -7.74 11.75
C VAL GE 88 -111.12 -8.81 12.02
N LEU GE 89 -110.47 -8.72 13.15
CA LEU GE 89 -109.40 -9.64 13.49
C LEU GE 89 -109.94 -10.84 14.27
N PRO GE 90 -109.32 -12.02 14.12
CA PRO GE 90 -109.78 -13.20 14.87
C PRO GE 90 -109.25 -13.25 16.30
N ILE GE 91 -109.62 -12.25 17.09
CA ILE GE 91 -109.26 -12.16 18.50
C ILE GE 91 -110.47 -12.21 19.42
N ARG GE 92 -111.64 -12.53 18.89
CA ARG GE 92 -112.86 -12.43 19.68
C ARG GE 92 -113.19 -13.77 20.32
N TYR GE 93 -114.07 -13.70 21.32
CA TYR GE 93 -114.56 -14.91 21.97
C TYR GE 93 -115.51 -15.66 21.05
N THR GE 94 -115.15 -16.88 20.69
CA THR GE 94 -116.06 -17.76 20.00
C THR GE 94 -116.89 -18.53 21.01
N GLU GE 95 -117.90 -19.26 20.50
CA GLU GE 95 -118.89 -19.85 21.42
C GLU GE 95 -118.33 -21.10 22.08
N GLU GE 96 -117.32 -21.74 21.50
CA GLU GE 96 -116.77 -22.94 22.09
C GLU GE 96 -115.85 -22.62 23.27
N VAL GE 97 -115.43 -21.37 23.40
CA VAL GE 97 -114.57 -20.95 24.50
C VAL GE 97 -115.31 -20.07 25.51
N GLU GE 98 -116.65 -20.02 25.42
CA GLU GE 98 -117.41 -19.19 26.35
C GLU GE 98 -117.55 -19.83 27.73
N GLN GE 99 -117.17 -21.10 27.87
CA GLN GE 99 -117.18 -21.71 29.20
C GLN GE 99 -115.97 -21.32 30.02
N PHE GE 100 -114.91 -20.85 29.37
CA PHE GE 100 -113.67 -20.51 30.04
C PHE GE 100 -113.55 -19.03 30.37
N ARG GE 101 -114.49 -18.20 29.93
CA ARG GE 101 -114.43 -16.77 30.21
C ARG GE 101 -114.77 -16.46 31.66
N ALA HE 2 -113.70 6.94 -3.96
CA ALA HE 2 -114.54 6.73 -2.79
C ALA HE 2 -113.87 7.29 -1.54
N VAL HE 3 -114.31 6.79 -0.38
CA VAL HE 3 -113.67 7.11 0.89
C VAL HE 3 -112.26 6.54 0.90
N ALA HE 4 -111.31 7.28 1.46
CA ALA HE 4 -109.89 6.93 1.35
C ALA HE 4 -109.57 5.63 2.07
N VAL HE 5 -108.55 4.93 1.56
CA VAL HE 5 -108.15 3.63 2.07
C VAL HE 5 -106.69 3.70 2.48
N GLY HE 6 -106.39 3.21 3.67
CA GLY HE 6 -105.01 3.09 4.13
C GLY HE 6 -104.69 1.67 4.49
N MET HE 7 -103.49 1.24 4.13
CA MET HE 7 -103.05 -0.13 4.34
C MET HE 7 -101.71 -0.13 5.05
N ILE HE 8 -101.56 -1.00 6.04
CA ILE HE 8 -100.27 -1.26 6.68
C ILE HE 8 -100.01 -2.75 6.58
N GLU HE 9 -98.92 -3.11 5.90
CA GLU HE 9 -98.49 -4.50 5.84
C GLU HE 9 -97.35 -4.73 6.82
N THR HE 10 -97.52 -5.69 7.71
CA THR HE 10 -96.50 -6.04 8.68
C THR HE 10 -96.06 -7.48 8.47
N LEU HE 11 -94.91 -7.80 9.03
CA LEU HE 11 -94.43 -9.18 9.10
C LEU HE 11 -94.77 -9.70 10.50
N GLY HE 12 -95.88 -10.43 10.59
CA GLY HE 12 -96.30 -10.95 11.87
C GLY HE 12 -97.68 -10.52 12.29
N PHE HE 13 -98.40 -11.41 12.97
CA PHE HE 13 -99.73 -11.12 13.47
C PHE HE 13 -99.79 -10.27 14.75
N PRO HE 14 -98.88 -10.40 15.74
CA PRO HE 14 -98.92 -9.41 16.83
C PRO HE 14 -98.57 -7.99 16.39
N ALA HE 15 -97.80 -7.83 15.33
CA ALA HE 15 -97.50 -6.49 14.84
C ALA HE 15 -98.68 -5.88 14.10
N VAL HE 16 -99.56 -6.72 13.54
CA VAL HE 16 -100.64 -6.19 12.72
C VAL HE 16 -101.85 -5.86 13.57
N VAL HE 17 -101.94 -6.43 14.77
CA VAL HE 17 -103.04 -6.11 15.68
C VAL HE 17 -102.72 -4.82 16.44
N GLU HE 18 -101.44 -4.62 16.77
CA GLU HE 18 -101.02 -3.36 17.38
C GLU HE 18 -101.08 -2.22 16.37
N ALA HE 19 -100.78 -2.49 15.11
CA ALA HE 19 -100.94 -1.48 14.07
C ALA HE 19 -102.41 -1.15 13.85
N ALA HE 20 -103.28 -2.15 13.88
CA ALA HE 20 -104.70 -1.91 13.69
C ALA HE 20 -105.31 -1.22 14.91
N ASP HE 21 -104.79 -1.50 16.11
CA ASP HE 21 -105.32 -0.85 17.30
C ASP HE 21 -104.81 0.57 17.43
N ALA HE 22 -103.61 0.85 16.94
CA ALA HE 22 -103.10 2.22 16.95
C ALA HE 22 -103.82 3.08 15.93
N MET HE 23 -104.28 2.47 14.83
CA MET HE 23 -104.89 3.25 13.76
C MET HE 23 -106.26 3.76 14.15
N VAL HE 24 -107.10 2.90 14.73
CA VAL HE 24 -108.48 3.30 15.00
C VAL HE 24 -108.56 4.13 16.27
N LYS HE 25 -107.48 4.17 17.06
CA LYS HE 25 -107.44 5.07 18.21
C LYS HE 25 -106.90 6.43 17.83
N ALA HE 26 -106.08 6.49 16.77
CA ALA HE 26 -105.42 7.75 16.42
C ALA HE 26 -106.36 8.71 15.70
N ALA HE 27 -107.31 8.18 14.93
CA ALA HE 27 -108.17 9.03 14.13
C ALA HE 27 -109.52 8.35 13.93
N ARG HE 28 -110.37 9.00 13.15
CA ARG HE 28 -111.72 8.51 12.87
C ARG HE 28 -111.69 7.63 11.61
N VAL HE 29 -110.91 6.58 11.69
CA VAL HE 29 -110.85 5.58 10.63
C VAL HE 29 -111.62 4.36 11.10
N THR HE 30 -112.12 3.60 10.14
CA THR HE 30 -112.79 2.34 10.40
C THR HE 30 -111.92 1.22 9.86
N LEU HE 31 -111.45 0.36 10.74
CA LEU HE 31 -110.80 -0.87 10.32
C LEU HE 31 -111.83 -1.78 9.68
N VAL HE 32 -111.66 -2.05 8.39
CA VAL HE 32 -112.63 -2.84 7.65
C VAL HE 32 -112.05 -4.15 7.13
N GLY HE 33 -110.74 -4.27 7.07
CA GLY HE 33 -110.13 -5.33 6.28
C GLY HE 33 -108.98 -5.98 7.00
N TYR HE 34 -108.72 -7.23 6.61
CA TYR HE 34 -107.67 -8.04 7.19
C TYR HE 34 -107.27 -9.07 6.15
N GLU HE 35 -106.04 -8.99 5.66
CA GLU HE 35 -105.64 -9.75 4.50
C GLU HE 35 -104.33 -10.49 4.75
N LYS HE 36 -104.32 -11.77 4.40
CA LYS HE 36 -103.12 -12.60 4.48
C LYS HE 36 -102.74 -13.02 3.06
N ILE HE 37 -101.50 -12.77 2.68
CA ILE HE 37 -101.03 -13.06 1.35
C ILE HE 37 -99.85 -14.05 1.36
N GLY HE 38 -99.52 -14.59 2.53
CA GLY HE 38 -98.48 -15.58 2.64
C GLY HE 38 -97.16 -15.01 3.13
N THR HE 39 -96.32 -15.92 3.65
CA THR HE 39 -95.03 -15.65 4.27
C THR HE 39 -95.07 -14.59 5.36
N GLY HE 40 -96.12 -14.59 6.18
CA GLY HE 40 -96.19 -13.68 7.28
C GLY HE 40 -96.54 -12.25 6.92
N ARG HE 41 -96.78 -11.96 5.66
CA ARG HE 41 -97.15 -10.62 5.23
C ARG HE 41 -98.64 -10.45 5.48
N VAL HE 42 -98.98 -9.69 6.51
CA VAL HE 42 -100.35 -9.50 6.95
C VAL HE 42 -100.69 -8.02 6.80
N THR HE 43 -101.86 -7.74 6.24
CA THR HE 43 -102.27 -6.38 5.93
C THR HE 43 -103.61 -6.07 6.62
N VAL HE 44 -103.67 -4.95 7.30
CA VAL HE 44 -104.92 -4.39 7.81
C VAL HE 44 -105.28 -3.15 6.99
N ILE HE 45 -106.57 -2.95 6.79
CA ILE HE 45 -107.10 -1.94 5.88
C ILE HE 45 -108.06 -1.05 6.65
N VAL HE 46 -107.80 0.26 6.64
CA VAL HE 46 -108.69 1.21 7.27
C VAL HE 46 -109.33 2.09 6.20
N ARG HE 47 -110.52 2.59 6.50
CA ARG HE 47 -111.22 3.54 5.65
C ARG HE 47 -111.58 4.78 6.45
N GLY HE 48 -111.51 5.93 5.80
CA GLY HE 48 -111.88 7.18 6.44
C GLY HE 48 -111.54 8.33 5.53
N ASP HE 49 -111.69 9.55 6.06
CA ASP HE 49 -111.21 10.72 5.35
C ASP HE 49 -109.69 10.69 5.28
N VAL HE 50 -109.15 11.33 4.23
CA VAL HE 50 -107.73 11.18 3.90
C VAL HE 50 -106.85 11.85 4.95
N SER HE 51 -107.34 12.87 5.65
CA SER HE 51 -106.61 13.43 6.77
C SER HE 51 -106.59 12.46 7.96
N GLU HE 52 -107.70 11.76 8.18
CA GLU HE 52 -107.74 10.77 9.24
C GLU HE 52 -106.95 9.52 8.88
N VAL HE 53 -106.97 9.14 7.61
CA VAL HE 53 -106.25 7.95 7.18
C VAL HE 53 -104.74 8.19 7.21
N GLN HE 54 -104.30 9.41 6.86
CA GLN HE 54 -102.89 9.75 6.93
C GLN HE 54 -102.41 9.81 8.38
N ALA HE 55 -103.28 10.27 9.28
CA ALA HE 55 -102.90 10.36 10.69
C ALA HE 55 -102.87 9.00 11.35
N SER HE 56 -103.73 8.08 10.90
CA SER HE 56 -103.79 6.76 11.51
C SER HE 56 -102.66 5.87 11.03
N VAL HE 57 -102.40 5.88 9.71
CA VAL HE 57 -101.38 5.01 9.12
C VAL HE 57 -99.99 5.40 9.61
N SER HE 58 -99.77 6.69 9.83
CA SER HE 58 -98.52 7.15 10.44
C SER HE 58 -98.40 6.69 11.89
N ALA HE 59 -99.51 6.72 12.63
CA ALA HE 59 -99.48 6.28 14.02
C ALA HE 59 -99.49 4.77 14.13
N GLY HE 60 -100.07 4.08 13.14
CA GLY HE 60 -100.02 2.63 13.13
C GLY HE 60 -98.65 2.09 12.75
N THR HE 61 -97.85 2.88 12.05
CA THR HE 61 -96.49 2.47 11.71
C THR HE 61 -95.56 2.61 12.91
N GLU HE 62 -95.77 3.64 13.73
CA GLU HE 62 -94.88 3.89 14.86
C GLU HE 62 -95.12 2.92 15.99
N SER HE 63 -96.31 2.32 16.06
CA SER HE 63 -96.62 1.41 17.16
C SER HE 63 -96.14 0.00 16.93
N VAL HE 64 -95.72 -0.33 15.70
CA VAL HE 64 -95.11 -1.62 15.44
C VAL HE 64 -93.71 -1.69 16.06
N LYS HE 65 -93.08 -0.52 16.27
CA LYS HE 65 -91.82 -0.47 16.99
C LYS HE 65 -91.98 -0.83 18.46
N ARG HE 66 -93.19 -0.70 19.02
CA ARG HE 66 -93.44 -1.18 20.37
C ARG HE 66 -93.41 -2.71 20.43
N VAL HE 67 -93.82 -3.36 19.35
CA VAL HE 67 -93.83 -4.82 19.32
C VAL HE 67 -92.42 -5.33 19.07
N ASN HE 68 -91.94 -6.21 19.94
CA ASN HE 68 -90.67 -6.87 19.72
C ASN HE 68 -90.83 -7.92 18.64
N GLY HE 69 -89.96 -7.87 17.63
CA GLY HE 69 -90.11 -8.77 16.51
C GLY HE 69 -91.16 -8.35 15.51
N GLY HE 70 -91.67 -7.12 15.62
CA GLY HE 70 -92.63 -6.60 14.67
C GLY HE 70 -91.93 -5.68 13.67
N GLN HE 71 -92.35 -5.78 12.41
CA GLN HE 71 -91.71 -5.07 11.32
C GLN HE 71 -92.74 -4.65 10.29
N VAL HE 72 -92.79 -3.35 9.99
CA VAL HE 72 -93.66 -2.83 8.94
C VAL HE 72 -92.97 -3.10 7.61
N LEU HE 73 -93.67 -3.80 6.71
CA LEU HE 73 -93.12 -4.07 5.39
C LEU HE 73 -93.48 -2.96 4.41
N SER HE 74 -94.76 -2.59 4.34
CA SER HE 74 -95.20 -1.61 3.37
C SER HE 74 -96.46 -0.93 3.89
N THR HE 75 -96.49 0.39 3.73
CA THR HE 75 -97.69 1.17 3.99
C THR HE 75 -98.06 1.94 2.73
N HIS HE 76 -99.35 2.19 2.56
CA HIS HE 76 -99.81 3.02 1.46
C HIS HE 76 -101.16 3.62 1.80
N ILE HE 77 -101.43 4.79 1.25
CA ILE HE 77 -102.68 5.51 1.40
C ILE HE 77 -103.16 5.92 0.01
N ILE HE 78 -104.39 5.57 -0.32
CA ILE HE 78 -105.04 6.04 -1.54
C ILE HE 78 -106.12 7.02 -1.13
N ALA HE 79 -106.03 8.25 -1.64
CA ALA HE 79 -106.90 9.33 -1.18
C ALA HE 79 -108.33 9.17 -1.68
N ARG HE 80 -108.50 8.60 -2.86
CA ARG HE 80 -109.82 8.41 -3.45
C ARG HE 80 -109.77 7.19 -4.33
N PRO HE 81 -109.98 6.00 -3.76
CA PRO HE 81 -109.95 4.78 -4.58
C PRO HE 81 -111.17 4.70 -5.49
N HIS HE 82 -110.95 4.06 -6.63
CA HIS HE 82 -112.00 3.86 -7.62
C HIS HE 82 -113.05 2.91 -7.07
N GLU HE 83 -114.28 3.03 -7.60
CA GLU HE 83 -115.40 2.22 -7.14
C GLU HE 83 -115.26 0.75 -7.53
N ASN HE 84 -114.42 0.44 -8.53
CA ASN HE 84 -114.16 -0.93 -8.93
C ASN HE 84 -113.39 -1.70 -7.85
N LEU HE 85 -112.64 -0.99 -7.01
CA LEU HE 85 -111.72 -1.65 -6.08
C LEU HE 85 -112.45 -2.31 -4.92
N GLU HE 86 -113.61 -1.78 -4.52
CA GLU HE 86 -114.29 -2.33 -3.35
C GLU HE 86 -115.04 -3.61 -3.70
N TYR HE 87 -115.24 -3.88 -4.98
CA TYR HE 87 -115.95 -5.10 -5.36
C TYR HE 87 -114.98 -6.25 -5.64
N VAL HE 88 -113.70 -5.94 -5.77
CA VAL HE 88 -112.71 -6.99 -5.99
C VAL HE 88 -111.80 -7.13 -4.79
N LEU HE 89 -111.18 -6.07 -4.37
CA LEU HE 89 -110.26 -6.11 -3.25
C LEU HE 89 -111.00 -6.01 -1.93
N PRO HE 90 -110.50 -6.64 -0.86
CA PRO HE 90 -111.17 -6.57 0.45
C PRO HE 90 -110.89 -5.27 1.20
N ILE HE 91 -111.30 -4.15 0.59
CA ILE HE 91 -111.20 -2.83 1.19
C ILE HE 91 -112.56 -2.22 1.47
N ARG HE 92 -113.65 -2.96 1.29
CA ARG HE 92 -114.97 -2.40 1.39
C ARG HE 92 -115.49 -2.49 2.82
N TYR HE 93 -116.48 -1.66 3.11
CA TYR HE 93 -117.18 -1.74 4.38
C TYR HE 93 -118.07 -2.98 4.41
N THR HE 94 -117.73 -3.92 5.28
CA THR HE 94 -118.61 -5.06 5.53
C THR HE 94 -119.71 -4.64 6.50
N GLU HE 95 -120.73 -5.50 6.62
CA GLU HE 95 -121.90 -5.15 7.42
C GLU HE 95 -121.59 -5.15 8.91
N GLU HE 96 -120.58 -5.92 9.32
CA GLU HE 96 -120.23 -6.01 10.74
C GLU HE 96 -119.55 -4.74 11.25
N VAL HE 97 -118.96 -3.97 10.35
CA VAL HE 97 -118.17 -2.80 10.75
C VAL HE 97 -118.88 -1.49 10.42
N GLU HE 98 -120.17 -1.54 10.09
CA GLU HE 98 -120.89 -0.30 9.80
C GLU HE 98 -121.31 0.44 11.07
N GLN HE 99 -121.14 -0.16 12.24
CA GLN HE 99 -121.39 0.56 13.48
C GLN HE 99 -120.23 1.48 13.84
N PHE HE 100 -119.07 1.31 13.19
CA PHE HE 100 -117.90 2.11 13.47
C PHE HE 100 -117.63 3.16 12.40
N ARG HE 101 -118.47 3.25 11.38
CA ARG HE 101 -118.25 4.19 10.29
C ARG HE 101 -118.64 5.61 10.69
N ALA IE 2 -105.39 3.08 47.54
CA ALA IE 2 -106.41 2.20 46.99
C ALA IE 2 -106.21 2.04 45.48
N VAL IE 3 -106.55 3.10 44.76
CA VAL IE 3 -106.31 3.14 43.33
C VAL IE 3 -104.84 3.47 43.08
N ALA IE 4 -104.20 2.71 42.18
CA ALA IE 4 -102.78 2.90 41.91
C ALA IE 4 -102.52 4.22 41.22
N VAL IE 5 -101.27 4.65 41.25
CA VAL IE 5 -100.86 5.93 40.68
C VAL IE 5 -99.64 5.70 39.79
N GLY IE 6 -99.67 6.28 38.61
CA GLY IE 6 -98.52 6.25 37.72
C GLY IE 6 -98.17 7.64 37.24
N MET IE 7 -96.88 7.88 37.10
CA MET IE 7 -96.36 9.19 36.71
C MET IE 7 -95.38 9.02 35.56
N ILE IE 8 -95.48 9.90 34.57
CA ILE IE 8 -94.46 10.04 33.53
C ILE IE 8 -94.01 11.48 33.53
N GLU IE 9 -92.73 11.70 33.76
CA GLU IE 9 -92.15 13.04 33.68
C GLU IE 9 -91.40 13.19 32.37
N THR IE 10 -91.79 14.18 31.58
CA THR IE 10 -91.13 14.49 30.33
C THR IE 10 -90.50 15.87 30.40
N LEU IE 11 -89.57 16.12 29.49
CA LEU IE 11 -88.99 17.44 29.28
C LEU IE 11 -89.77 18.08 28.14
N GLY IE 12 -90.67 18.98 28.48
CA GLY IE 12 -91.46 19.65 27.48
C GLY IE 12 -92.94 19.35 27.54
N PHE IE 13 -93.76 20.33 27.19
CA PHE IE 13 -95.21 20.20 27.19
C PHE IE 13 -95.79 19.44 25.98
N PRO IE 14 -95.29 19.55 24.73
CA PRO IE 14 -95.79 18.65 23.69
C PRO IE 14 -95.49 17.18 23.94
N ALA IE 15 -94.41 16.87 24.65
CA ALA IE 15 -94.11 15.48 24.96
C ALA IE 15 -95.01 14.95 26.06
N VAL IE 16 -95.51 15.82 26.94
CA VAL IE 16 -96.27 15.35 28.08
C VAL IE 16 -97.75 15.20 27.71
N VAL IE 17 -98.18 15.83 26.62
CA VAL IE 17 -99.55 15.66 26.16
C VAL IE 17 -99.66 14.39 25.32
N GLU IE 18 -98.61 14.09 24.54
CA GLU IE 18 -98.57 12.81 23.83
C GLU IE 18 -98.40 11.64 24.79
N ALA IE 19 -97.66 11.85 25.88
CA ALA IE 19 -97.56 10.83 26.92
C ALA IE 19 -98.91 10.64 27.62
N ALA IE 20 -99.61 11.73 27.92
CA ALA IE 20 -100.90 11.62 28.60
C ALA IE 20 -101.97 11.05 27.69
N ASP IE 21 -101.89 11.33 26.38
CA ASP IE 21 -102.87 10.79 25.46
C ASP IE 21 -102.65 9.31 25.19
N ALA IE 22 -101.40 8.87 25.20
CA ALA IE 22 -101.11 7.46 24.99
C ALA IE 22 -101.47 6.63 26.22
N MET IE 23 -101.50 7.27 27.40
CA MET IE 23 -101.80 6.53 28.63
C MET IE 23 -103.27 6.19 28.73
N VAL IE 24 -104.14 7.17 28.48
CA VAL IE 24 -105.57 6.93 28.70
C VAL IE 24 -106.18 6.20 27.53
N LYS IE 25 -105.45 6.07 26.42
CA LYS IE 25 -105.93 5.26 25.31
C LYS IE 25 -105.54 3.80 25.47
N ALA IE 26 -104.39 3.55 26.10
CA ALA IE 26 -103.86 2.19 26.15
C ALA IE 26 -104.58 1.33 27.17
N ALA IE 27 -105.03 1.93 28.28
CA ALA IE 27 -105.62 1.15 29.36
C ALA IE 27 -106.71 1.97 30.04
N ARG IE 28 -107.36 1.35 31.02
CA ARG IE 28 -108.45 1.97 31.78
C ARG IE 28 -107.88 2.74 32.96
N VAL IE 29 -107.18 3.82 32.63
CA VAL IE 29 -106.62 4.72 33.63
C VAL IE 29 -107.27 6.08 33.46
N THR IE 30 -107.28 6.85 34.54
CA THR IE 30 -107.82 8.20 34.55
C THR IE 30 -106.67 9.18 34.75
N LEU IE 31 -106.42 10.01 33.76
CA LEU IE 31 -105.53 11.15 33.93
C LEU IE 31 -106.17 12.13 34.91
N VAL IE 32 -105.51 12.33 36.05
CA VAL IE 32 -106.08 13.16 37.10
C VAL IE 32 -105.28 14.42 37.36
N GLY IE 33 -104.02 14.47 36.97
CA GLY IE 33 -103.13 15.51 37.47
C GLY IE 33 -102.10 15.91 36.44
N TYR IE 34 -101.43 17.01 36.73
CA TYR IE 34 -100.54 17.67 35.80
C TYR IE 34 -99.64 18.58 36.61
N GLU IE 35 -98.35 18.27 36.65
CA GLU IE 35 -97.44 18.91 37.60
C GLU IE 35 -96.25 19.51 36.89
N LYS IE 36 -95.93 20.75 37.22
CA LYS IE 36 -94.75 21.45 36.74
C LYS IE 36 -93.86 21.77 37.93
N ILE IE 37 -92.59 21.41 37.83
CA ILE IE 37 -91.64 21.60 38.92
C ILE IE 37 -90.47 22.47 38.51
N GLY IE 38 -90.44 22.95 37.28
CA GLY IE 38 -89.34 23.77 36.80
C GLY IE 38 -88.40 23.01 35.89
N THR IE 39 -87.56 23.79 35.19
CA THR IE 39 -86.68 23.37 34.09
C THR IE 39 -87.38 22.52 33.04
N GLY IE 40 -88.64 22.82 32.72
CA GLY IE 40 -89.36 22.09 31.72
C GLY IE 40 -89.76 20.68 32.09
N ARG IE 41 -89.52 20.27 33.33
CA ARG IE 41 -89.87 18.93 33.79
C ARG IE 41 -91.35 18.92 34.14
N VAL IE 42 -92.13 18.25 33.30
CA VAL IE 42 -93.59 18.23 33.41
C VAL IE 42 -94.04 16.80 33.62
N THR IE 43 -94.90 16.58 34.61
CA THR IE 43 -95.35 15.26 35.00
C THR IE 43 -96.86 15.17 34.82
N VAL IE 44 -97.33 14.08 34.23
CA VAL IE 44 -98.76 13.73 34.22
C VAL IE 44 -98.97 12.53 35.13
N ILE IE 45 -100.12 12.53 35.81
CA ILE IE 45 -100.45 11.56 36.83
C ILE IE 45 -101.71 10.81 36.40
N VAL IE 46 -101.62 9.49 36.30
CA VAL IE 46 -102.78 8.67 35.99
C VAL IE 46 -103.15 7.84 37.21
N ARG IE 47 -104.43 7.52 37.33
CA ARG IE 47 -104.93 6.64 38.36
C ARG IE 47 -105.68 5.48 37.73
N GLY IE 48 -105.46 4.29 38.24
CA GLY IE 48 -106.20 3.13 37.79
C GLY IE 48 -105.81 1.92 38.60
N ASP IE 49 -106.17 0.75 38.09
CA ASP IE 49 -105.59 -0.47 38.63
C ASP IE 49 -104.12 -0.53 38.27
N VAL IE 50 -103.36 -1.25 39.09
CA VAL IE 50 -101.90 -1.28 38.93
C VAL IE 50 -101.49 -1.99 37.64
N SER IE 51 -102.30 -2.95 37.18
CA SER IE 51 -102.04 -3.57 35.89
C SER IE 51 -102.34 -2.62 34.74
N GLU IE 52 -103.40 -1.81 34.88
CA GLU IE 52 -103.72 -0.82 33.86
C GLU IE 52 -102.74 0.34 33.89
N VAL IE 53 -102.25 0.70 35.08
CA VAL IE 53 -101.29 1.79 35.19
C VAL IE 53 -99.94 1.37 34.59
N GLN IE 54 -99.58 0.09 34.75
CA GLN IE 54 -98.33 -0.41 34.17
C GLN IE 54 -98.39 -0.47 32.65
N ALA IE 55 -99.57 -0.80 32.10
CA ALA IE 55 -99.69 -0.85 30.65
C ALA IE 55 -99.74 0.54 30.04
N SER IE 56 -100.27 1.51 30.78
CA SER IE 56 -100.38 2.86 30.26
C SER IE 56 -99.04 3.59 30.33
N VAL IE 57 -98.30 3.40 31.43
CA VAL IE 57 -97.02 4.08 31.61
C VAL IE 57 -95.99 3.55 30.61
N SER IE 58 -96.06 2.24 30.31
CA SER IE 58 -95.19 1.66 29.28
C SER IE 58 -95.55 2.18 27.89
N ALA IE 59 -96.83 2.44 27.65
CA ALA IE 59 -97.24 2.96 26.36
C ALA IE 59 -96.98 4.46 26.24
N GLY IE 60 -97.13 5.19 27.35
CA GLY IE 60 -96.85 6.62 27.32
C GLY IE 60 -95.38 6.94 27.22
N THR IE 61 -94.52 6.02 27.67
CA THR IE 61 -93.08 6.21 27.54
C THR IE 61 -92.63 6.04 26.09
N GLU IE 62 -93.22 5.06 25.38
CA GLU IE 62 -92.82 4.80 24.01
C GLU IE 62 -93.37 5.85 23.05
N SER IE 63 -94.42 6.58 23.44
CA SER IE 63 -95.00 7.57 22.56
C SER IE 63 -94.25 8.89 22.58
N VAL IE 64 -93.41 9.13 23.60
CA VAL IE 64 -92.60 10.34 23.61
C VAL IE 64 -91.46 10.24 22.60
N LYS IE 65 -91.06 9.01 22.26
CA LYS IE 65 -90.02 8.79 21.25
C LYS IE 65 -90.44 9.23 19.86
N ARG IE 66 -91.74 9.34 19.59
CA ARG IE 66 -92.20 9.88 18.32
C ARG IE 66 -92.30 11.40 18.33
N VAL IE 67 -92.25 12.03 19.50
CA VAL IE 67 -92.20 13.49 19.60
C VAL IE 67 -90.74 13.92 19.44
N ASN IE 68 -90.47 14.76 18.45
CA ASN IE 68 -89.14 15.31 18.26
C ASN IE 68 -89.00 16.57 19.09
N GLY IE 69 -88.14 16.53 20.11
CA GLY IE 69 -87.95 17.63 21.03
C GLY IE 69 -88.36 17.33 22.45
N GLY IE 70 -88.82 16.12 22.75
CA GLY IE 70 -89.17 15.74 24.09
C GLY IE 70 -88.61 14.38 24.44
N GLN IE 71 -88.33 14.19 25.73
CA GLN IE 71 -87.78 12.94 26.22
C GLN IE 71 -88.38 12.63 27.58
N VAL IE 72 -88.51 11.34 27.87
CA VAL IE 72 -88.99 10.88 29.17
C VAL IE 72 -87.84 11.03 30.16
N LEU IE 73 -88.07 11.78 31.23
CA LEU IE 73 -87.04 11.94 32.25
C LEU IE 73 -87.16 10.87 33.33
N SER IE 74 -88.39 10.60 33.77
CA SER IE 74 -88.59 9.65 34.86
C SER IE 74 -90.01 9.12 34.80
N THR IE 75 -90.14 7.82 35.08
CA THR IE 75 -91.43 7.17 35.21
C THR IE 75 -91.46 6.39 36.52
N HIS IE 76 -92.63 6.31 37.13
CA HIS IE 76 -92.79 5.50 38.33
C HIS IE 76 -94.24 5.08 38.49
N ILE IE 77 -94.43 3.93 39.13
CA ILE IE 77 -95.72 3.31 39.37
C ILE IE 77 -95.77 2.88 40.82
N ILE IE 78 -96.82 3.27 41.54
CA ILE IE 78 -97.06 2.83 42.91
C ILE IE 78 -98.37 2.07 42.94
N ALA IE 79 -98.34 0.83 43.46
CA ALA IE 79 -99.49 -0.06 43.38
C ALA IE 79 -100.64 0.42 44.26
N ARG IE 80 -100.32 0.99 45.42
CA ARG IE 80 -101.32 1.48 46.35
C ARG IE 80 -100.66 2.58 47.16
N PRO IE 81 -100.88 3.85 46.79
CA PRO IE 81 -100.32 4.94 47.59
C PRO IE 81 -101.02 5.06 48.93
N HIS IE 82 -100.26 5.58 49.89
CA HIS IE 82 -100.78 5.84 51.22
C HIS IE 82 -101.84 6.94 51.18
N GLU IE 83 -102.72 6.95 52.17
CA GLU IE 83 -103.77 7.96 52.21
C GLU IE 83 -103.22 9.35 52.54
N ASN IE 84 -102.01 9.41 53.08
CA ASN IE 84 -101.35 10.69 53.34
C ASN IE 84 -100.99 11.40 52.05
N LEU IE 85 -100.79 10.67 50.95
CA LEU IE 85 -100.25 11.27 49.74
C LEU IE 85 -101.30 12.06 48.96
N GLU IE 86 -102.59 11.71 49.06
CA GLU IE 86 -103.59 12.43 48.28
C GLU IE 86 -103.87 13.81 48.86
N TYR IE 87 -103.56 14.01 50.15
CA TYR IE 87 -103.83 15.31 50.76
C TYR IE 87 -102.65 16.25 50.59
N VAL IE 88 -101.45 15.72 50.34
CA VAL IE 88 -100.27 16.56 50.17
C VAL IE 88 -99.88 16.67 48.71
N LEU IE 89 -99.86 15.56 48.01
CA LEU IE 89 -99.44 15.55 46.62
C LEU IE 89 -100.64 15.62 45.69
N PRO IE 90 -100.51 16.26 44.52
CA PRO IE 90 -101.63 16.36 43.58
C PRO IE 90 -101.80 15.10 42.72
N ILE IE 91 -102.09 13.98 43.39
CA ILE IE 91 -102.33 12.71 42.72
C ILE IE 91 -103.76 12.22 42.93
N ARG IE 92 -104.62 13.03 43.55
CA ARG IE 92 -105.96 12.59 43.87
C ARG IE 92 -106.91 12.87 42.71
N TYR IE 93 -108.05 12.20 42.73
CA TYR IE 93 -109.11 12.46 41.77
C TYR IE 93 -109.74 13.82 42.04
N THR IE 94 -109.69 14.69 41.06
CA THR IE 94 -110.43 15.94 41.14
C THR IE 94 -111.88 15.70 40.75
N GLU IE 95 -112.73 16.71 41.01
CA GLU IE 95 -114.15 16.57 40.72
C GLU IE 95 -114.44 16.70 39.23
N GLU IE 96 -113.48 17.22 38.46
CA GLU IE 96 -113.68 17.37 37.03
C GLU IE 96 -113.46 16.05 36.29
N VAL IE 97 -112.73 15.13 36.90
CA VAL IE 97 -112.33 13.90 36.22
C VAL IE 97 -113.05 12.67 36.80
N GLU IE 98 -114.11 12.87 37.57
CA GLU IE 98 -114.84 11.74 38.13
C GLU IE 98 -115.70 11.03 37.10
N GLN IE 99 -115.93 11.65 35.94
CA GLN IE 99 -116.69 11.00 34.89
C GLN IE 99 -115.85 9.97 34.14
N PHE IE 100 -114.53 10.00 34.30
CA PHE IE 100 -113.63 9.06 33.65
C PHE IE 100 -113.20 7.93 34.58
N ARG IE 101 -113.64 7.93 35.83
CA ARG IE 101 -113.20 6.94 36.79
C ARG IE 101 -113.87 5.58 36.58
N MET JE 1 -88.13 -32.72 49.16
CA MET JE 1 -89.30 -32.35 48.37
C MET JE 1 -90.59 -32.71 49.10
N GLN JE 2 -91.65 -32.02 48.75
CA GLN JE 2 -92.98 -32.27 49.27
C GLN JE 2 -93.93 -32.52 48.11
N MET JE 3 -94.92 -33.37 48.34
CA MET JE 3 -95.99 -33.56 47.38
C MET JE 3 -97.05 -32.49 47.59
N ALA JE 4 -97.50 -31.88 46.51
CA ALA JE 4 -98.46 -30.79 46.59
C ALA JE 4 -99.44 -30.90 45.43
N LYS JE 5 -100.63 -30.35 45.66
CA LYS JE 5 -101.67 -30.26 44.65
C LYS JE 5 -101.80 -28.81 44.19
N VAL JE 6 -101.82 -28.60 42.89
CA VAL JE 6 -101.96 -27.25 42.32
C VAL JE 6 -103.40 -26.81 42.56
N CYS JE 7 -103.58 -25.80 43.41
CA CYS JE 7 -104.92 -25.30 43.67
C CYS JE 7 -105.20 -24.01 42.91
N GLY JE 8 -104.16 -23.32 42.47
CA GLY JE 8 -104.41 -22.13 41.69
C GLY JE 8 -103.16 -21.37 41.34
N THR JE 9 -103.35 -20.12 40.94
CA THR JE 9 -102.30 -19.25 40.46
C THR JE 9 -102.29 -17.95 41.26
N VAL JE 10 -101.10 -17.37 41.41
CA VAL JE 10 -100.92 -16.07 42.05
C VAL JE 10 -100.25 -15.15 41.04
N VAL JE 11 -100.87 -14.00 40.80
CA VAL JE 11 -100.36 -13.01 39.85
C VAL JE 11 -99.98 -11.76 40.63
N GLY JE 12 -98.74 -11.32 40.47
CA GLY JE 12 -98.31 -10.04 41.03
C GLY JE 12 -97.75 -9.13 39.97
N THR JE 13 -98.22 -7.89 39.91
CA THR JE 13 -97.74 -6.95 38.91
C THR JE 13 -96.56 -6.11 39.40
N GLN JE 14 -96.63 -5.59 40.62
CA GLN JE 14 -95.51 -4.92 41.25
C GLN JE 14 -94.68 -5.99 41.97
N LYS JE 15 -93.50 -6.26 41.44
CA LYS JE 15 -92.62 -7.27 41.97
C LYS JE 15 -91.19 -6.82 41.73
N LEU JE 16 -90.24 -7.68 42.09
CA LEU JE 16 -88.87 -7.42 41.73
C LEU JE 16 -88.69 -7.67 40.23
N PRO JE 17 -87.73 -6.97 39.60
CA PRO JE 17 -87.49 -7.22 38.17
C PRO JE 17 -86.95 -8.60 37.88
N SER JE 18 -86.29 -9.23 38.85
CA SER JE 18 -85.84 -10.61 38.69
C SER JE 18 -86.97 -11.60 38.88
N MET JE 19 -88.14 -11.15 39.38
CA MET JE 19 -89.31 -11.99 39.47
C MET JE 19 -90.16 -11.96 38.21
N THR JE 20 -89.70 -11.29 37.15
CA THR JE 20 -90.48 -11.17 35.93
C THR JE 20 -90.32 -12.43 35.08
N GLY JE 21 -91.46 -12.98 34.64
CA GLY JE 21 -91.48 -14.19 33.86
C GLY JE 21 -91.63 -15.46 34.67
N VAL JE 22 -91.59 -15.36 35.99
CA VAL JE 22 -91.74 -16.50 36.88
C VAL JE 22 -93.23 -16.79 37.04
N LYS JE 23 -93.65 -17.98 36.64
CA LYS JE 23 -95.03 -18.41 36.82
C LYS JE 23 -95.21 -18.90 38.25
N LEU JE 24 -96.20 -18.36 38.94
CA LEU JE 24 -96.41 -18.63 40.35
C LEU JE 24 -97.67 -19.44 40.55
N LEU JE 25 -97.53 -20.62 41.13
CA LEU JE 25 -98.64 -21.52 41.41
C LEU JE 25 -98.91 -21.58 42.90
N LEU JE 26 -100.17 -21.59 43.26
CA LEU JE 26 -100.61 -21.82 44.64
C LEU JE 26 -100.79 -23.32 44.82
N LEU JE 27 -99.89 -23.93 45.57
CA LEU JE 27 -99.89 -25.37 45.79
C LEU JE 27 -100.26 -25.66 47.23
N GLN JE 28 -101.27 -26.51 47.43
CA GLN JE 28 -101.60 -27.01 48.75
C GLN JE 28 -100.92 -28.35 48.98
N PHE JE 29 -100.28 -28.50 50.13
CA PHE JE 29 -99.57 -29.73 50.42
C PHE JE 29 -100.54 -30.86 50.73
N ILE JE 30 -100.23 -32.03 50.20
CA ILE JE 30 -100.97 -33.26 50.46
C ILE JE 30 -100.10 -34.16 51.31
N ASP JE 31 -100.72 -35.05 52.07
CA ASP JE 31 -99.95 -35.90 52.97
C ASP JE 31 -99.46 -37.14 52.23
N ALA JE 32 -98.92 -38.10 52.99
CA ALA JE 32 -98.48 -39.36 52.41
C ALA JE 32 -99.66 -40.26 52.05
N ASN JE 33 -100.84 -39.97 52.61
CA ASN JE 33 -102.02 -40.78 52.29
C ASN JE 33 -102.82 -40.16 51.14
N GLY JE 34 -102.52 -38.93 50.76
CA GLY JE 34 -103.20 -38.26 49.67
C GLY JE 34 -104.24 -37.22 50.07
N GLU JE 35 -104.41 -36.97 51.37
CA GLU JE 35 -105.36 -35.97 51.85
C GLU JE 35 -104.71 -34.61 51.90
N LEU JE 36 -105.51 -33.56 51.72
CA LEU JE 36 -105.00 -32.21 51.69
C LEU JE 36 -104.65 -31.74 53.10
N LEU JE 37 -103.42 -31.28 53.28
CA LEU JE 37 -102.98 -30.69 54.54
C LEU JE 37 -103.38 -29.22 54.59
N PRO JE 38 -103.61 -28.66 55.79
CA PRO JE 38 -103.86 -27.21 55.90
C PRO JE 38 -102.57 -26.39 55.86
N LYS JE 39 -101.85 -26.51 54.75
CA LYS JE 39 -100.58 -25.84 54.54
C LYS JE 39 -100.39 -25.66 53.05
N TYR JE 40 -99.88 -24.52 52.65
CA TYR JE 40 -99.73 -24.18 51.24
C TYR JE 40 -98.33 -23.66 50.95
N GLU JE 41 -98.11 -23.36 49.67
CA GLU JE 41 -96.87 -22.76 49.19
C GLU JE 41 -97.18 -22.03 47.89
N VAL JE 42 -96.39 -21.01 47.60
CA VAL JE 42 -96.37 -20.39 46.28
C VAL JE 42 -95.01 -20.68 45.68
N ALA JE 43 -95.01 -21.38 44.55
CA ALA JE 43 -93.76 -21.88 43.97
C ALA JE 43 -93.65 -21.48 42.51
N ALA JE 44 -92.41 -21.34 42.06
CA ALA JE 44 -92.11 -21.19 40.65
C ALA JE 44 -92.41 -22.51 39.93
N ASP JE 45 -92.75 -22.41 38.65
CA ASP JE 45 -93.21 -23.56 37.87
C ASP JE 45 -92.50 -23.59 36.52
N PRO JE 46 -91.30 -24.18 36.45
CA PRO JE 46 -90.68 -24.42 35.14
C PRO JE 46 -91.29 -25.60 34.43
N VAL JE 47 -91.67 -26.64 35.17
CA VAL JE 47 -92.33 -27.81 34.65
C VAL JE 47 -93.81 -27.49 34.59
N GLY JE 48 -94.36 -27.34 33.39
CA GLY JE 48 -95.67 -26.72 33.21
C GLY JE 48 -96.80 -27.57 33.78
N ALA JE 49 -97.36 -27.15 34.92
CA ALA JE 49 -98.36 -27.91 35.64
C ALA JE 49 -99.64 -27.09 35.77
N GLY JE 50 -100.77 -27.74 35.54
CA GLY JE 50 -102.06 -27.09 35.62
C GLY JE 50 -102.80 -27.41 36.90
N LEU JE 51 -104.03 -26.90 36.97
CA LEU JE 51 -104.81 -26.97 38.19
C LEU JE 51 -105.30 -28.39 38.45
N GLY JE 52 -105.06 -28.87 39.67
CA GLY JE 52 -105.42 -30.21 40.05
C GLY JE 52 -104.29 -31.22 39.99
N GLU JE 53 -103.16 -30.84 39.40
CA GLU JE 53 -102.04 -31.74 39.22
C GLU JE 53 -101.31 -31.98 40.53
N TRP JE 54 -100.74 -33.17 40.67
CA TRP JE 54 -99.86 -33.51 41.78
C TRP JE 54 -98.43 -33.21 41.38
N VAL JE 55 -97.75 -32.40 42.19
CA VAL JE 55 -96.40 -31.96 41.87
C VAL JE 55 -95.48 -32.24 43.05
N LEU JE 56 -94.19 -32.29 42.75
CA LEU JE 56 -93.15 -32.24 43.77
C LEU JE 56 -92.58 -30.83 43.80
N VAL JE 57 -92.54 -30.24 44.99
CA VAL JE 57 -92.04 -28.89 45.17
C VAL JE 57 -90.91 -28.93 46.19
N ASN JE 58 -89.78 -28.31 45.85
CA ASN JE 58 -88.65 -28.26 46.75
C ASN JE 58 -88.73 -26.96 47.58
N ARG JE 59 -87.77 -26.79 48.46
CA ARG JE 59 -87.78 -25.66 49.38
C ARG JE 59 -86.37 -25.10 49.48
N GLY JE 60 -86.29 -23.80 49.71
CA GLY JE 60 -85.02 -23.17 50.01
C GLY JE 60 -84.18 -22.85 48.79
N SER JE 61 -82.87 -23.06 48.91
CA SER JE 61 -81.93 -22.70 47.85
C SER JE 61 -81.89 -23.71 46.72
N ALA JE 62 -82.63 -24.81 46.84
CA ALA JE 62 -82.75 -25.77 45.76
C ALA JE 62 -83.62 -25.24 44.63
N ALA JE 63 -84.46 -24.24 44.92
CA ALA JE 63 -85.26 -23.59 43.89
C ALA JE 63 -84.42 -22.75 42.94
N ARG JE 64 -83.19 -22.42 43.31
CA ARG JE 64 -82.31 -21.58 42.51
C ARG JE 64 -81.25 -22.38 41.77
N GLN JE 65 -81.52 -23.64 41.45
CA GLN JE 65 -80.56 -24.52 40.81
C GLN JE 65 -80.87 -24.79 39.35
N THR JE 66 -81.81 -24.07 38.76
CA THR JE 66 -82.40 -24.46 37.48
C THR JE 66 -81.73 -23.70 36.34
N GLU JE 67 -80.63 -23.00 36.65
CA GLU JE 67 -79.74 -22.21 35.78
C GLU JE 67 -80.42 -21.04 35.06
N TYR JE 68 -81.72 -20.84 35.27
CA TYR JE 68 -82.39 -19.58 34.98
C TYR JE 68 -83.12 -19.04 36.20
N HIS JE 69 -83.08 -19.75 37.32
CA HIS JE 69 -83.61 -19.30 38.59
C HIS JE 69 -82.50 -18.92 39.57
N GLN JE 70 -81.27 -18.75 39.06
CA GLN JE 70 -80.08 -18.77 39.92
C GLN JE 70 -79.98 -17.52 40.78
N ASN JE 71 -80.21 -16.35 40.21
CA ASN JE 71 -80.13 -15.10 40.95
C ASN JE 71 -81.50 -14.52 41.24
N ARG JE 72 -82.53 -15.36 41.18
CA ARG JE 72 -83.92 -15.03 41.42
C ARG JE 72 -84.30 -15.31 42.86
N PRO JE 73 -85.07 -14.44 43.50
CA PRO JE 73 -85.46 -14.64 44.91
C PRO JE 73 -86.56 -15.67 45.09
N LEU JE 74 -86.23 -16.92 44.84
CA LEU JE 74 -87.18 -18.02 44.87
C LEU JE 74 -86.76 -19.02 45.95
N ASP JE 75 -87.72 -19.40 46.80
CA ASP JE 75 -87.46 -20.39 47.84
C ASP JE 75 -88.36 -21.62 47.69
N ALA JE 76 -89.09 -21.72 46.60
CA ALA JE 76 -89.95 -22.87 46.34
C ALA JE 76 -90.13 -22.99 44.83
N MET JE 77 -90.13 -24.23 44.35
CA MET JE 77 -90.18 -24.46 42.91
C MET JE 77 -90.73 -25.85 42.65
N VAL JE 78 -91.66 -25.95 41.69
CA VAL JE 78 -92.10 -27.26 41.22
C VAL JE 78 -90.98 -27.89 40.43
N VAL JE 79 -90.51 -29.06 40.88
CA VAL JE 79 -89.43 -29.75 40.20
C VAL JE 79 -89.94 -30.89 39.32
N ALA JE 80 -91.12 -31.42 39.59
CA ALA JE 80 -91.60 -32.59 38.88
C ALA JE 80 -93.11 -32.62 38.95
N ILE JE 81 -93.73 -33.08 37.88
CA ILE JE 81 -95.14 -33.46 37.87
C ILE JE 81 -95.20 -34.93 38.24
N ILE JE 82 -95.96 -35.25 39.28
CA ILE JE 82 -96.01 -36.61 39.78
C ILE JE 82 -96.83 -37.46 38.82
N ASP JE 83 -96.22 -38.54 38.33
CA ASP JE 83 -96.95 -39.52 37.55
C ASP JE 83 -97.68 -40.51 38.44
N THR JE 84 -96.94 -41.24 39.27
CA THR JE 84 -97.54 -42.23 40.15
C THR JE 84 -96.85 -42.22 41.50
N VAL JE 85 -97.62 -42.52 42.54
CA VAL JE 85 -97.12 -42.70 43.90
C VAL JE 85 -97.49 -44.10 44.34
N THR JE 86 -96.48 -44.90 44.68
CA THR JE 86 -96.69 -46.25 45.21
C THR JE 86 -96.35 -46.22 46.69
N VAL JE 87 -97.29 -46.63 47.53
CA VAL JE 87 -97.10 -46.71 48.97
C VAL JE 87 -97.34 -48.15 49.40
N ASN JE 88 -96.30 -48.78 49.97
CA ASN JE 88 -96.33 -50.17 50.45
C ASN JE 88 -96.71 -51.14 49.33
N ASN JE 89 -96.07 -50.97 48.17
CA ASN JE 89 -96.29 -51.68 46.92
C ASN JE 89 -97.72 -51.56 46.38
N ARG JE 90 -98.48 -50.57 46.84
CA ARG JE 90 -99.82 -50.30 46.37
C ARG JE 90 -99.85 -48.91 45.75
N ARG JE 91 -100.42 -48.81 44.55
CA ARG JE 91 -100.47 -47.53 43.84
C ARG JE 91 -101.46 -46.60 44.52
N LEU JE 92 -100.97 -45.44 44.96
CA LEU JE 92 -101.79 -44.41 45.57
C LEU JE 92 -102.32 -43.40 44.56
N TYR JE 93 -101.51 -43.04 43.58
CA TYR JE 93 -101.86 -42.03 42.60
C TYR JE 93 -101.47 -42.52 41.21
N GLY JE 94 -102.22 -42.09 40.21
CA GLY JE 94 -101.94 -42.46 38.84
C GLY JE 94 -102.63 -43.73 38.41
N ALA KE 2 -75.66 -55.85 -65.49
CA ALA KE 2 -77.10 -55.87 -65.23
C ALA KE 2 -77.59 -54.54 -64.70
N VAL KE 3 -78.73 -54.56 -64.01
CA VAL KE 3 -79.28 -53.38 -63.37
C VAL KE 3 -78.35 -52.96 -62.22
N ALA KE 4 -78.16 -51.64 -62.07
CA ALA KE 4 -77.15 -51.12 -61.17
C ALA KE 4 -77.46 -51.43 -59.70
N VAL KE 5 -76.41 -51.55 -58.90
CA VAL KE 5 -76.52 -51.91 -57.50
C VAL KE 5 -75.80 -50.85 -56.67
N GLY KE 6 -76.45 -50.39 -55.62
CA GLY KE 6 -75.85 -49.47 -54.67
C GLY KE 6 -75.90 -50.06 -53.27
N MET KE 7 -74.82 -49.84 -52.52
CA MET KE 7 -74.70 -50.38 -51.18
C MET KE 7 -74.29 -49.25 -50.24
N ILE KE 8 -74.92 -49.21 -49.07
CA ILE KE 8 -74.49 -48.34 -47.98
C ILE KE 8 -74.28 -49.20 -46.76
N GLU KE 9 -73.05 -49.24 -46.26
CA GLU KE 9 -72.72 -49.97 -45.05
C GLU KE 9 -72.63 -49.01 -43.88
N THR KE 10 -73.47 -49.22 -42.87
CA THR KE 10 -73.46 -48.39 -41.68
C THR KE 10 -73.08 -49.23 -40.47
N LEU KE 11 -72.67 -48.54 -39.42
CA LEU KE 11 -72.39 -49.15 -38.13
C LEU KE 11 -73.61 -48.93 -37.25
N GLY KE 12 -74.48 -49.93 -37.18
CA GLY KE 12 -75.70 -49.81 -36.40
C GLY KE 12 -76.97 -50.02 -37.20
N PHE KE 13 -77.97 -50.60 -36.57
CA PHE KE 13 -79.27 -50.86 -37.20
C PHE KE 13 -80.20 -49.65 -37.33
N PRO KE 14 -80.28 -48.69 -36.39
CA PRO KE 14 -81.05 -47.47 -36.72
C PRO KE 14 -80.44 -46.64 -37.83
N ALA KE 15 -79.13 -46.71 -38.03
CA ALA KE 15 -78.51 -45.97 -39.11
C ALA KE 15 -78.75 -46.64 -40.46
N VAL KE 16 -78.99 -47.94 -40.46
CA VAL KE 16 -79.13 -48.64 -41.73
C VAL KE 16 -80.58 -48.62 -42.19
N VAL KE 17 -81.52 -48.42 -41.27
CA VAL KE 17 -82.92 -48.27 -41.67
C VAL KE 17 -83.17 -46.87 -42.19
N GLU KE 18 -82.49 -45.87 -41.62
CA GLU KE 18 -82.53 -44.53 -42.19
C GLU KE 18 -81.82 -44.48 -43.54
N ALA KE 19 -80.74 -45.24 -43.70
CA ALA KE 19 -80.09 -45.34 -45.00
C ALA KE 19 -81.01 -46.03 -46.01
N ALA KE 20 -81.71 -47.09 -45.58
CA ALA KE 20 -82.62 -47.78 -46.49
C ALA KE 20 -83.85 -46.93 -46.78
N ASP KE 21 -84.32 -46.16 -45.80
CA ASP KE 21 -85.50 -45.33 -46.01
C ASP KE 21 -85.19 -44.13 -46.90
N ALA KE 22 -84.02 -43.51 -46.72
CA ALA KE 22 -83.70 -42.33 -47.50
C ALA KE 22 -83.34 -42.68 -48.93
N MET KE 23 -82.87 -43.89 -49.17
CA MET KE 23 -82.51 -44.29 -50.52
C MET KE 23 -83.74 -44.49 -51.39
N VAL KE 24 -84.76 -45.17 -50.86
CA VAL KE 24 -85.95 -45.42 -51.68
C VAL KE 24 -86.88 -44.23 -51.66
N LYS KE 25 -86.60 -43.22 -50.86
CA LYS KE 25 -87.39 -42.00 -50.89
C LYS KE 25 -86.74 -40.92 -51.75
N ALA KE 26 -85.44 -41.02 -52.00
CA ALA KE 26 -84.77 -40.00 -52.80
C ALA KE 26 -84.96 -40.25 -54.29
N ALA KE 27 -85.06 -41.52 -54.70
CA ALA KE 27 -85.13 -41.85 -56.10
C ALA KE 27 -85.92 -43.14 -56.28
N ARG KE 28 -86.05 -43.56 -57.53
CA ARG KE 28 -86.83 -44.74 -57.90
C ARG KE 28 -85.90 -45.96 -57.90
N VAL KE 29 -85.51 -46.38 -56.70
CA VAL KE 29 -84.71 -47.58 -56.52
C VAL KE 29 -85.54 -48.60 -55.75
N THR KE 30 -85.08 -49.84 -55.78
CA THR KE 30 -85.74 -50.93 -55.06
C THR KE 30 -84.76 -51.49 -54.05
N LEU KE 31 -85.06 -51.30 -52.77
CA LEU KE 31 -84.31 -51.95 -51.70
C LEU KE 31 -84.57 -53.45 -51.78
N VAL KE 32 -83.52 -54.21 -52.06
CA VAL KE 32 -83.66 -55.64 -52.27
C VAL KE 32 -83.00 -56.47 -51.18
N GLY KE 33 -82.05 -55.91 -50.45
CA GLY KE 33 -81.19 -56.73 -49.62
C GLY KE 33 -80.85 -56.04 -48.32
N TYR KE 34 -80.45 -56.85 -47.35
CA TYR KE 34 -80.14 -56.39 -46.00
C TYR KE 34 -79.11 -57.38 -45.46
N GLU KE 35 -77.88 -56.94 -45.32
CA GLU KE 35 -76.75 -57.84 -45.14
C GLU KE 35 -75.99 -57.50 -43.86
N LYS KE 36 -75.79 -58.52 -43.02
CA LYS KE 36 -75.03 -58.39 -41.79
C LYS KE 36 -73.80 -59.25 -41.88
N ILE KE 37 -72.63 -58.66 -41.61
CA ILE KE 37 -71.36 -59.35 -41.72
C ILE KE 37 -70.61 -59.36 -40.38
N GLY KE 38 -71.25 -58.92 -39.31
CA GLY KE 38 -70.62 -58.91 -38.00
C GLY KE 38 -70.02 -57.57 -37.64
N THR KE 39 -69.68 -57.43 -36.36
CA THR KE 39 -69.27 -56.19 -35.68
C THR KE 39 -70.20 -55.02 -35.95
N GLY KE 40 -71.50 -55.26 -36.07
CA GLY KE 40 -72.44 -54.19 -36.31
C GLY KE 40 -72.43 -53.61 -37.71
N ARG KE 41 -71.58 -54.11 -38.60
CA ARG KE 41 -71.52 -53.63 -39.97
C ARG KE 41 -72.70 -54.20 -40.73
N VAL KE 42 -73.67 -53.33 -41.03
CA VAL KE 42 -74.89 -53.72 -41.70
C VAL KE 42 -74.95 -52.99 -43.04
N THR KE 43 -75.30 -53.72 -44.10
CA THR KE 43 -75.35 -53.17 -45.44
C THR KE 43 -76.75 -53.37 -46.02
N VAL KE 44 -77.32 -52.30 -46.55
CA VAL KE 44 -78.54 -52.37 -47.34
C VAL KE 44 -78.18 -52.22 -48.80
N ILE KE 45 -78.88 -52.95 -49.66
CA ILE KE 45 -78.57 -53.06 -51.08
C ILE KE 45 -79.78 -52.60 -51.87
N VAL KE 46 -79.61 -51.60 -52.72
CA VAL KE 46 -80.67 -51.13 -53.59
C VAL KE 46 -80.31 -51.45 -55.04
N ARG KE 47 -81.34 -51.65 -55.86
CA ARG KE 47 -81.19 -51.83 -57.29
C ARG KE 47 -81.99 -50.77 -58.02
N GLY KE 48 -81.56 -50.47 -59.24
CA GLY KE 48 -82.29 -49.52 -60.06
C GLY KE 48 -81.41 -48.98 -61.16
N ASP KE 49 -81.91 -47.94 -61.81
CA ASP KE 49 -81.14 -47.26 -62.85
C ASP KE 49 -79.97 -46.51 -62.21
N VAL KE 50 -78.98 -46.18 -63.05
CA VAL KE 50 -77.74 -45.59 -62.56
C VAL KE 50 -77.98 -44.17 -62.05
N SER KE 51 -78.88 -43.44 -62.69
CA SER KE 51 -79.24 -42.11 -62.21
C SER KE 51 -79.96 -42.17 -60.88
N GLU KE 52 -80.80 -43.18 -60.68
CA GLU KE 52 -81.53 -43.32 -59.44
C GLU KE 52 -80.64 -43.84 -58.31
N VAL KE 53 -79.75 -44.79 -58.60
CA VAL KE 53 -78.89 -45.36 -57.58
C VAL KE 53 -77.85 -44.36 -57.13
N GLN KE 54 -77.32 -43.54 -58.06
CA GLN KE 54 -76.38 -42.49 -57.69
C GLN KE 54 -77.04 -41.42 -56.84
N ALA KE 55 -78.30 -41.10 -57.12
CA ALA KE 55 -79.01 -40.12 -56.32
C ALA KE 55 -79.39 -40.68 -54.96
N SER KE 56 -79.71 -41.97 -54.90
CA SER KE 56 -80.15 -42.56 -53.65
C SER KE 56 -79.00 -42.77 -52.68
N VAL KE 57 -77.87 -43.27 -53.17
CA VAL KE 57 -76.72 -43.56 -52.30
C VAL KE 57 -76.12 -42.27 -51.79
N SER KE 58 -76.08 -41.23 -52.62
CA SER KE 58 -75.55 -39.94 -52.20
C SER KE 58 -76.47 -39.24 -51.20
N ALA KE 59 -77.78 -39.44 -51.33
CA ALA KE 59 -78.71 -38.85 -50.38
C ALA KE 59 -78.88 -39.75 -49.16
N GLY KE 60 -78.72 -41.06 -49.34
CA GLY KE 60 -78.77 -41.97 -48.21
C GLY KE 60 -77.56 -41.85 -47.30
N THR KE 61 -76.43 -41.40 -47.84
CA THR KE 61 -75.24 -41.21 -47.02
C THR KE 61 -75.38 -40.00 -46.11
N GLU KE 62 -75.96 -38.92 -46.63
CA GLU KE 62 -76.11 -37.69 -45.85
C GLU KE 62 -77.20 -37.81 -44.80
N SER KE 63 -78.11 -38.78 -44.95
CA SER KE 63 -79.17 -38.96 -43.98
C SER KE 63 -78.70 -39.69 -42.73
N VAL KE 64 -77.72 -40.58 -42.88
CA VAL KE 64 -77.15 -41.30 -41.73
C VAL KE 64 -76.42 -40.36 -40.79
N LYS KE 65 -75.81 -39.29 -41.29
CA LYS KE 65 -75.19 -38.29 -40.43
C LYS KE 65 -76.19 -37.21 -40.02
N ARG KE 66 -77.39 -37.66 -39.63
CA ARG KE 66 -78.42 -36.87 -38.99
C ARG KE 66 -79.04 -37.78 -37.93
N VAL KE 67 -78.50 -38.99 -37.82
CA VAL KE 67 -78.87 -39.98 -36.81
C VAL KE 67 -77.81 -39.95 -35.72
N ASN KE 68 -78.23 -39.87 -34.47
CA ASN KE 68 -77.28 -39.91 -33.37
C ASN KE 68 -76.77 -41.33 -33.21
N GLY KE 69 -75.45 -41.47 -33.14
CA GLY KE 69 -74.84 -42.79 -33.14
C GLY KE 69 -74.78 -43.45 -34.49
N GLY KE 70 -75.10 -42.73 -35.56
CA GLY KE 70 -75.08 -43.24 -36.91
C GLY KE 70 -73.75 -42.94 -37.58
N GLN KE 71 -73.21 -43.93 -38.27
CA GLN KE 71 -71.90 -43.82 -38.88
C GLN KE 71 -71.88 -44.59 -40.19
N VAL KE 72 -71.56 -43.90 -41.28
CA VAL KE 72 -71.40 -44.55 -42.58
C VAL KE 72 -70.00 -45.15 -42.62
N LEU KE 73 -69.91 -46.45 -42.86
CA LEU KE 73 -68.62 -47.10 -42.96
C LEU KE 73 -68.13 -47.10 -44.41
N SER KE 74 -68.97 -47.55 -45.34
CA SER KE 74 -68.57 -47.67 -46.73
C SER KE 74 -69.81 -47.64 -47.63
N THR KE 75 -69.71 -46.84 -48.68
CA THR KE 75 -70.75 -46.79 -49.71
C THR KE 75 -70.11 -47.08 -51.05
N HIS KE 76 -70.88 -47.70 -51.95
CA HIS KE 76 -70.40 -47.95 -53.29
C HIS KE 76 -71.58 -48.10 -54.25
N ILE KE 77 -71.33 -47.75 -55.50
CA ILE KE 77 -72.28 -47.92 -56.59
C ILE KE 77 -71.57 -48.68 -57.71
N ILE KE 78 -72.18 -49.78 -58.15
CA ILE KE 78 -71.72 -50.49 -59.33
C ILE KE 78 -72.77 -50.31 -60.41
N ALA KE 79 -72.41 -49.56 -61.46
CA ALA KE 79 -73.39 -49.14 -62.45
C ALA KE 79 -73.84 -50.29 -63.35
N ARG KE 80 -72.95 -51.27 -63.56
CA ARG KE 80 -73.26 -52.38 -64.45
C ARG KE 80 -72.61 -53.63 -63.87
N PRO KE 81 -73.26 -54.27 -62.89
CA PRO KE 81 -72.69 -55.48 -62.31
C PRO KE 81 -72.80 -56.65 -63.26
N HIS KE 82 -71.83 -57.55 -63.16
CA HIS KE 82 -71.81 -58.76 -63.97
C HIS KE 82 -72.96 -59.67 -63.57
N GLU KE 83 -73.38 -60.52 -64.52
CA GLU KE 83 -74.47 -61.46 -64.28
C GLU KE 83 -74.06 -62.56 -63.31
N ASN KE 84 -72.77 -62.76 -63.09
CA ASN KE 84 -72.28 -63.73 -62.12
C ASN KE 84 -72.61 -63.30 -60.69
N LEU KE 85 -72.73 -61.99 -60.45
CA LEU KE 85 -72.77 -61.48 -59.08
C LEU KE 85 -74.12 -61.72 -58.42
N GLU KE 86 -75.20 -61.77 -59.20
CA GLU KE 86 -76.53 -61.94 -58.60
C GLU KE 86 -76.72 -63.35 -58.06
N TYR KE 87 -75.99 -64.33 -58.60
CA TYR KE 87 -76.18 -65.71 -58.18
C TYR KE 87 -75.35 -66.03 -56.94
N VAL KE 88 -74.27 -65.30 -56.72
CA VAL KE 88 -73.41 -65.58 -55.57
C VAL KE 88 -73.70 -64.62 -54.43
N LEU KE 89 -73.78 -63.35 -54.73
CA LEU KE 89 -73.97 -62.32 -53.72
C LEU KE 89 -75.46 -62.03 -53.53
N PRO KE 90 -75.88 -61.66 -52.31
CA PRO KE 90 -77.30 -61.34 -52.07
C PRO KE 90 -77.66 -59.92 -52.48
N ILE KE 91 -77.53 -59.64 -53.78
CA ILE KE 91 -77.88 -58.36 -54.37
C ILE KE 91 -79.00 -58.47 -55.38
N ARG KE 92 -79.67 -59.61 -55.46
CA ARG KE 92 -80.63 -59.85 -56.53
C ARG KE 92 -82.04 -59.52 -56.06
N TYR KE 93 -82.93 -59.37 -57.03
CA TYR KE 93 -84.34 -59.15 -56.74
C TYR KE 93 -84.98 -60.43 -56.22
N THR KE 94 -85.48 -60.37 -54.99
CA THR KE 94 -86.30 -61.45 -54.47
C THR KE 94 -87.75 -61.20 -54.81
N GLU KE 95 -88.60 -62.21 -54.57
CA GLU KE 95 -89.96 -62.14 -55.09
C GLU KE 95 -90.84 -61.21 -54.25
N GLU KE 96 -90.44 -60.94 -53.01
CA GLU KE 96 -91.24 -60.05 -52.17
C GLU KE 96 -91.01 -58.58 -52.54
N VAL KE 97 -89.95 -58.29 -53.28
CA VAL KE 97 -89.66 -56.92 -53.69
C VAL KE 97 -89.88 -56.73 -55.19
N GLU KE 98 -90.55 -57.68 -55.86
CA GLU KE 98 -90.80 -57.54 -57.29
C GLU KE 98 -91.94 -56.58 -57.60
N GLN KE 99 -92.69 -56.14 -56.59
CA GLN KE 99 -93.72 -55.14 -56.83
C GLN KE 99 -93.13 -53.74 -56.93
N PHE KE 100 -91.92 -53.55 -56.42
CA PHE KE 100 -91.29 -52.23 -56.39
C PHE KE 100 -90.35 -51.99 -57.56
N ARG KE 101 -90.11 -52.99 -58.41
CA ARG KE 101 -89.20 -52.84 -59.53
C ARG KE 101 -89.83 -52.01 -60.65
N ALA LE 2 -56.81 -79.22 -59.19
CA ALA LE 2 -58.05 -78.82 -59.85
C ALA LE 2 -57.89 -77.46 -60.53
N VAL LE 3 -59.02 -76.89 -60.95
CA VAL LE 3 -59.05 -75.54 -61.48
C VAL LE 3 -58.67 -74.55 -60.37
N ALA LE 4 -57.86 -73.55 -60.71
CA ALA LE 4 -57.25 -72.68 -59.72
C ALA LE 4 -58.30 -71.84 -58.98
N VAL LE 5 -58.00 -71.51 -57.73
CA VAL LE 5 -58.91 -70.78 -56.87
C VAL LE 5 -58.23 -69.50 -56.39
N GLY LE 6 -58.93 -68.39 -56.50
CA GLY LE 6 -58.44 -67.12 -55.97
C GLY LE 6 -59.42 -66.55 -54.98
N MET LE 7 -58.89 -66.00 -53.90
CA MET LE 7 -59.70 -65.46 -52.81
C MET LE 7 -59.26 -64.04 -52.51
N ILE LE 8 -60.22 -63.16 -52.30
CA ILE LE 8 -59.97 -61.82 -51.81
C ILE LE 8 -60.82 -61.62 -50.56
N GLU LE 9 -60.17 -61.38 -49.43
CA GLU LE 9 -60.86 -61.04 -48.19
C GLU LE 9 -60.82 -59.54 -47.97
N THR LE 10 -61.98 -58.94 -47.82
CA THR LE 10 -62.09 -57.52 -47.54
C THR LE 10 -62.76 -57.30 -46.20
N LEU LE 11 -62.60 -56.09 -45.68
CA LEU LE 11 -63.31 -55.63 -44.49
C LEU LE 11 -64.49 -54.80 -44.99
N GLY LE 12 -65.66 -55.42 -45.06
CA GLY LE 12 -66.83 -54.72 -45.54
C GLY LE 12 -67.49 -55.35 -46.73
N PHE LE 13 -68.81 -55.27 -46.80
CA PHE LE 13 -69.58 -55.81 -47.91
C PHE LE 13 -69.59 -54.95 -49.17
N PRO LE 14 -69.61 -53.60 -49.14
CA PRO LE 14 -69.42 -52.87 -50.41
C PRO LE 14 -68.05 -53.05 -51.03
N ALA LE 15 -67.03 -53.34 -50.23
CA ALA LE 15 -65.71 -53.58 -50.79
C ALA LE 15 -65.62 -54.95 -51.44
N VAL LE 16 -66.44 -55.90 -50.99
CA VAL LE 16 -66.31 -57.27 -51.49
C VAL LE 16 -67.14 -57.45 -52.75
N VAL LE 17 -68.13 -56.60 -52.98
CA VAL LE 17 -68.91 -56.67 -54.20
C VAL LE 17 -68.18 -55.97 -55.34
N GLU LE 18 -67.47 -54.89 -55.02
CA GLU LE 18 -66.63 -54.23 -56.02
C GLU LE 18 -65.42 -55.09 -56.37
N ALA LE 19 -64.88 -55.81 -55.39
CA ALA LE 19 -63.80 -56.74 -55.66
C ALA LE 19 -64.29 -57.91 -56.51
N ALA LE 20 -65.50 -58.40 -56.24
CA ALA LE 20 -66.02 -59.51 -57.03
C ALA LE 20 -66.43 -59.06 -58.43
N ASP LE 21 -66.87 -57.80 -58.56
CA ASP LE 21 -67.24 -57.29 -59.88
C ASP LE 21 -66.02 -56.96 -60.71
N ALA LE 22 -64.93 -56.53 -60.07
CA ALA LE 22 -63.70 -56.27 -60.80
C ALA LE 22 -63.05 -57.56 -61.27
N MET LE 23 -63.24 -58.65 -60.51
CA MET LE 23 -62.56 -59.90 -60.83
C MET LE 23 -63.15 -60.55 -62.07
N VAL LE 24 -64.47 -60.63 -62.15
CA VAL LE 24 -65.09 -61.36 -63.25
C VAL LE 24 -65.12 -60.52 -64.51
N LYS LE 25 -64.84 -59.22 -64.41
CA LYS LE 25 -64.70 -58.40 -65.60
C LYS LE 25 -63.27 -58.40 -66.12
N ALA LE 26 -62.30 -58.65 -65.23
CA ALA LE 26 -60.91 -58.54 -65.63
C ALA LE 26 -60.44 -59.76 -66.41
N ALA LE 27 -60.99 -60.94 -66.12
CA ALA LE 27 -60.52 -62.15 -66.74
C ALA LE 27 -61.66 -63.16 -66.82
N ARG LE 28 -61.33 -64.35 -67.32
CA ARG LE 28 -62.32 -65.42 -67.49
C ARG LE 28 -62.35 -66.29 -66.24
N VAL LE 29 -62.68 -65.65 -65.13
CA VAL LE 29 -62.87 -66.34 -63.86
C VAL LE 29 -64.36 -66.43 -63.60
N THR LE 30 -64.74 -67.43 -62.83
CA THR LE 30 -66.12 -67.61 -62.39
C THR LE 30 -66.17 -67.36 -60.90
N LEU LE 31 -66.91 -66.34 -60.49
CA LEU LE 31 -67.21 -66.14 -59.08
C LEU LE 31 -68.13 -67.26 -58.62
N VAL LE 32 -67.65 -68.09 -57.71
CA VAL LE 32 -68.42 -69.24 -57.24
C VAL LE 32 -68.77 -69.15 -55.76
N GLY LE 33 -68.10 -68.31 -55.00
CA GLY LE 33 -68.15 -68.43 -53.56
C GLY LE 33 -68.28 -67.09 -52.88
N TYR LE 34 -68.84 -67.13 -51.68
CA TYR LE 34 -69.08 -65.94 -50.86
C TYR LE 34 -69.11 -66.40 -49.42
N GLU LE 35 -68.16 -65.93 -48.63
CA GLU LE 35 -67.94 -66.50 -47.30
C GLU LE 35 -67.83 -65.39 -46.27
N LYS LE 36 -68.56 -65.56 -45.16
CA LYS LE 36 -68.51 -64.66 -44.02
C LYS LE 36 -67.97 -65.43 -42.83
N ILE LE 37 -66.92 -64.90 -42.21
CA ILE LE 37 -66.26 -65.56 -41.09
C ILE LE 37 -66.30 -64.71 -39.83
N GLY LE 38 -67.01 -63.59 -39.86
CA GLY LE 38 -67.17 -62.75 -38.68
C GLY LE 38 -66.26 -61.53 -38.69
N THR LE 39 -66.65 -60.55 -37.90
CA THR LE 39 -66.01 -59.23 -37.76
C THR LE 39 -65.78 -58.51 -39.08
N GLY LE 40 -66.74 -58.60 -40.00
CA GLY LE 40 -66.64 -57.89 -41.25
C GLY LE 40 -65.67 -58.48 -42.25
N ARG LE 41 -65.04 -59.59 -41.94
CA ARG LE 41 -64.12 -60.24 -42.87
C ARG LE 41 -64.94 -61.06 -43.85
N VAL LE 42 -65.07 -60.56 -45.07
CA VAL LE 42 -65.90 -61.17 -46.11
C VAL LE 42 -64.99 -61.58 -47.25
N THR LE 43 -65.20 -62.80 -47.75
CA THR LE 43 -64.34 -63.38 -48.78
C THR LE 43 -65.17 -63.79 -49.98
N VAL LE 44 -64.73 -63.39 -51.17
CA VAL LE 44 -65.27 -63.88 -52.43
C VAL LE 44 -64.24 -64.79 -53.09
N ILE LE 45 -64.72 -65.82 -53.76
CA ILE LE 45 -63.91 -66.91 -54.28
C ILE LE 45 -64.17 -67.04 -55.77
N VAL LE 46 -63.12 -66.94 -56.58
CA VAL LE 46 -63.22 -67.12 -58.02
C VAL LE 46 -62.49 -68.39 -58.41
N ARG LE 47 -62.94 -69.00 -59.51
CA ARG LE 47 -62.28 -70.16 -60.10
C ARG LE 47 -61.97 -69.88 -61.56
N GLY LE 48 -60.83 -70.37 -62.01
CA GLY LE 48 -60.46 -70.23 -63.41
C GLY LE 48 -59.05 -70.75 -63.61
N ASP LE 49 -58.52 -70.52 -64.81
CA ASP LE 49 -57.11 -70.81 -65.05
C ASP LE 49 -56.25 -69.85 -64.25
N VAL LE 50 -55.04 -70.30 -63.91
CA VAL LE 50 -54.19 -69.58 -62.96
C VAL LE 50 -53.72 -68.25 -63.53
N SER LE 51 -53.60 -68.12 -64.85
CA SER LE 51 -53.29 -66.83 -65.45
C SER LE 51 -54.48 -65.89 -65.34
N GLU LE 52 -55.70 -66.42 -65.49
CA GLU LE 52 -56.89 -65.60 -65.34
C GLU LE 52 -57.15 -65.27 -63.88
N VAL LE 53 -56.87 -66.21 -62.98
CA VAL LE 53 -57.10 -65.97 -61.56
C VAL LE 53 -56.10 -64.95 -61.01
N GLN LE 54 -54.85 -65.01 -61.48
CA GLN LE 54 -53.86 -64.01 -61.07
C GLN LE 54 -54.20 -62.63 -61.60
N ALA LE 55 -54.77 -62.56 -62.80
CA ALA LE 55 -55.11 -61.27 -63.39
C ALA LE 55 -56.35 -60.68 -62.73
N SER LE 56 -57.26 -61.53 -62.27
CA SER LE 56 -58.49 -61.04 -61.66
C SER LE 56 -58.27 -60.60 -60.23
N VAL LE 57 -57.52 -61.39 -59.45
CA VAL LE 57 -57.30 -61.11 -58.04
C VAL LE 57 -56.47 -59.84 -57.87
N SER LE 58 -55.53 -59.61 -58.80
CA SER LE 58 -54.79 -58.35 -58.81
C SER LE 58 -55.69 -57.17 -59.16
N ALA LE 59 -56.62 -57.36 -60.08
CA ALA LE 59 -57.53 -56.27 -60.45
C ALA LE 59 -58.64 -56.12 -59.43
N GLY LE 60 -59.01 -57.19 -58.73
CA GLY LE 60 -59.99 -57.08 -57.67
C GLY LE 60 -59.44 -56.41 -56.43
N THR LE 61 -58.11 -56.45 -56.25
CA THR LE 61 -57.50 -55.77 -55.12
C THR LE 61 -57.41 -54.27 -55.35
N GLU LE 62 -57.17 -53.86 -56.60
CA GLU LE 62 -57.00 -52.44 -56.91
C GLU LE 62 -58.33 -51.70 -56.90
N SER LE 63 -59.44 -52.40 -57.10
CA SER LE 63 -60.74 -51.74 -57.15
C SER LE 63 -61.35 -51.51 -55.78
N VAL LE 64 -60.80 -52.13 -54.73
CA VAL LE 64 -61.24 -51.84 -53.38
C VAL LE 64 -60.78 -50.44 -52.95
N LYS LE 65 -59.70 -49.94 -53.59
CA LYS LE 65 -59.29 -48.56 -53.35
C LYS LE 65 -60.28 -47.55 -53.91
N ARG LE 66 -61.11 -47.96 -54.87
CA ARG LE 66 -62.20 -47.09 -55.33
C ARG LE 66 -63.27 -46.93 -54.26
N VAL LE 67 -63.49 -47.97 -53.46
CA VAL LE 67 -64.49 -47.90 -52.41
C VAL LE 67 -63.94 -47.12 -51.22
N ASN LE 68 -64.69 -46.10 -50.80
CA ASN LE 68 -64.34 -45.36 -49.60
C ASN LE 68 -64.67 -46.22 -48.38
N GLY LE 69 -63.70 -46.39 -47.50
CA GLY LE 69 -63.91 -47.27 -46.37
C GLY LE 69 -63.76 -48.74 -46.68
N GLY LE 70 -63.24 -49.08 -47.85
CA GLY LE 70 -62.98 -50.46 -48.23
C GLY LE 70 -61.52 -50.79 -48.04
N GLN LE 71 -61.25 -51.99 -47.54
CA GLN LE 71 -59.90 -52.41 -47.20
C GLN LE 71 -59.74 -53.90 -47.49
N VAL LE 72 -58.73 -54.23 -48.28
CA VAL LE 72 -58.38 -55.62 -48.56
C VAL LE 72 -57.60 -56.14 -47.36
N LEU LE 73 -58.06 -57.23 -46.76
CA LEU LE 73 -57.35 -57.83 -45.64
C LEU LE 73 -56.35 -58.86 -46.11
N SER LE 74 -56.77 -59.78 -46.96
CA SER LE 74 -55.90 -60.86 -47.40
C SER LE 74 -56.36 -61.35 -48.77
N THR LE 75 -55.39 -61.58 -49.64
CA THR LE 75 -55.63 -62.23 -50.92
C THR LE 75 -54.74 -63.45 -51.02
N HIS LE 76 -55.21 -64.47 -51.75
CA HIS LE 76 -54.40 -65.64 -52.02
C HIS LE 76 -54.90 -66.32 -53.29
N ILE LE 77 -53.97 -66.98 -53.97
CA ILE LE 77 -54.24 -67.74 -55.18
C ILE LE 77 -53.61 -69.11 -55.02
N ILE LE 78 -54.40 -70.16 -55.18
CA ILE LE 78 -53.90 -71.54 -55.23
C ILE LE 78 -54.01 -72.01 -56.67
N ALA LE 79 -52.87 -72.37 -57.26
CA ALA LE 79 -52.82 -72.66 -58.69
C ALA LE 79 -53.48 -73.98 -59.02
N ARG LE 80 -53.48 -74.92 -58.08
CA ARG LE 80 -54.00 -76.26 -58.32
C ARG LE 80 -54.46 -76.83 -56.99
N PRO LE 81 -55.67 -76.48 -56.55
CA PRO LE 81 -56.16 -76.99 -55.27
C PRO LE 81 -56.48 -78.47 -55.34
N HIS LE 82 -56.32 -79.13 -54.21
CA HIS LE 82 -56.61 -80.55 -54.09
C HIS LE 82 -58.09 -80.79 -54.20
N GLU LE 83 -58.46 -82.01 -54.61
CA GLU LE 83 -59.86 -82.36 -54.83
C GLU LE 83 -60.64 -82.48 -53.51
N ASN LE 84 -59.93 -82.64 -52.39
CA ASN LE 84 -60.56 -82.67 -51.08
C ASN LE 84 -61.16 -81.32 -50.69
N LEU LE 85 -60.61 -80.23 -51.25
CA LEU LE 85 -60.97 -78.90 -50.79
C LEU LE 85 -62.36 -78.47 -51.26
N GLU LE 86 -62.81 -78.98 -52.40
CA GLU LE 86 -64.11 -78.54 -52.94
C GLU LE 86 -65.26 -79.22 -52.22
N TYR LE 87 -65.00 -80.29 -51.49
CA TYR LE 87 -66.06 -80.97 -50.78
C TYR LE 87 -66.20 -80.49 -49.35
N VAL LE 88 -65.22 -79.73 -48.87
CA VAL LE 88 -65.29 -79.18 -47.52
C VAL LE 88 -65.42 -77.66 -47.56
N LEU LE 89 -64.52 -77.01 -48.22
CA LEU LE 89 -64.53 -75.56 -48.29
C LEU LE 89 -65.46 -75.07 -49.39
N PRO LE 90 -66.10 -73.91 -49.23
CA PRO LE 90 -67.01 -73.38 -50.27
C PRO LE 90 -66.27 -72.72 -51.44
N ILE LE 91 -65.46 -73.51 -52.13
CA ILE LE 91 -64.75 -73.07 -53.32
C ILE LE 91 -65.21 -73.80 -54.58
N ARG LE 92 -66.25 -74.62 -54.48
CA ARG LE 92 -66.66 -75.45 -55.61
C ARG LE 92 -67.65 -74.72 -56.50
N TYR LE 93 -67.75 -75.21 -57.73
CA TYR LE 93 -68.77 -74.73 -58.65
C TYR LE 93 -70.14 -75.22 -58.22
N THR LE 94 -71.01 -74.29 -57.84
CA THR LE 94 -72.40 -74.63 -57.60
C THR LE 94 -73.13 -74.73 -58.93
N GLU LE 95 -74.35 -75.27 -58.89
CA GLU LE 95 -75.13 -75.46 -60.10
C GLU LE 95 -75.61 -74.13 -60.68
N GLU LE 96 -75.73 -73.10 -59.84
CA GLU LE 96 -76.23 -71.81 -60.29
C GLU LE 96 -75.19 -71.06 -61.12
N VAL LE 97 -73.91 -71.34 -60.91
CA VAL LE 97 -72.83 -70.55 -61.53
C VAL LE 97 -72.14 -71.31 -62.66
N GLU LE 98 -72.68 -72.45 -63.07
CA GLU LE 98 -72.06 -73.19 -64.16
C GLU LE 98 -72.45 -72.66 -65.53
N GLN LE 99 -73.34 -71.67 -65.60
CA GLN LE 99 -73.57 -70.97 -66.85
C GLN LE 99 -72.45 -69.97 -67.16
N PHE LE 100 -71.65 -69.63 -66.15
CA PHE LE 100 -70.55 -68.70 -66.31
C PHE LE 100 -69.19 -69.37 -66.36
N ARG LE 101 -69.14 -70.70 -66.31
CA ARG LE 101 -67.88 -71.42 -66.33
C ARG LE 101 -67.29 -71.46 -67.74
N ALA ME 2 -78.02 -35.16 -77.85
CA ALA ME 2 -78.96 -36.19 -77.42
C ALA ME 2 -78.29 -37.16 -76.47
N VAL ME 3 -77.41 -37.98 -77.02
CA VAL ME 3 -76.59 -38.87 -76.22
C VAL ME 3 -75.44 -38.09 -75.60
N ALA ME 4 -75.21 -38.28 -74.30
CA ALA ME 4 -74.17 -37.54 -73.60
C ALA ME 4 -72.79 -37.97 -74.07
N VAL ME 5 -71.80 -37.13 -73.78
CA VAL ME 5 -70.42 -37.36 -74.20
C VAL ME 5 -69.51 -37.20 -72.99
N GLY ME 6 -68.59 -38.14 -72.82
CA GLY ME 6 -67.58 -38.03 -71.78
C GLY ME 6 -66.20 -38.24 -72.37
N MET ME 7 -65.24 -37.49 -71.84
CA MET ME 7 -63.86 -37.52 -72.33
C MET ME 7 -62.92 -37.71 -71.15
N ILE ME 8 -61.92 -38.57 -71.32
CA ILE ME 8 -60.80 -38.66 -70.41
C ILE ME 8 -59.54 -38.45 -71.21
N GLU ME 9 -58.76 -37.44 -70.85
CA GLU ME 9 -57.47 -37.19 -71.48
C GLU ME 9 -56.35 -37.67 -70.58
N THR ME 10 -55.54 -38.58 -71.08
CA THR ME 10 -54.39 -39.09 -70.35
C THR ME 10 -53.11 -38.69 -71.05
N LEU ME 11 -52.01 -38.77 -70.32
CA LEU ME 11 -50.67 -38.62 -70.87
C LEU ME 11 -50.14 -40.02 -71.15
N GLY ME 12 -50.17 -40.42 -72.41
CA GLY ME 12 -49.70 -41.74 -72.77
C GLY ME 12 -50.76 -42.66 -73.31
N PHE ME 13 -50.38 -43.52 -74.25
CA PHE ME 13 -51.28 -44.49 -74.85
C PHE ME 13 -51.60 -45.73 -74.00
N PRO ME 14 -50.68 -46.31 -73.21
CA PRO ME 14 -51.13 -47.38 -72.28
C PRO ME 14 -52.10 -46.90 -71.22
N ALA ME 15 -52.04 -45.64 -70.82
CA ALA ME 15 -52.98 -45.13 -69.83
C ALA ME 15 -54.35 -44.88 -70.45
N VAL ME 16 -54.40 -44.60 -71.75
CA VAL ME 16 -55.67 -44.23 -72.36
C VAL ME 16 -56.43 -45.48 -72.80
N VAL ME 17 -55.74 -46.62 -72.92
CA VAL ME 17 -56.42 -47.87 -73.23
C VAL ME 17 -57.00 -48.49 -71.96
N GLU ME 18 -56.28 -48.35 -70.85
CA GLU ME 18 -56.83 -48.78 -69.56
C GLU ME 18 -57.98 -47.88 -69.13
N ALA ME 19 -57.90 -46.59 -69.45
CA ALA ME 19 -59.03 -45.70 -69.20
C ALA ME 19 -60.22 -46.06 -70.07
N ALA ME 20 -59.98 -46.36 -71.34
CA ALA ME 20 -61.09 -46.71 -72.24
C ALA ME 20 -61.68 -48.07 -71.91
N ASP ME 21 -60.86 -49.00 -71.42
CA ASP ME 21 -61.37 -50.32 -71.06
C ASP ME 21 -62.17 -50.28 -69.77
N ALA ME 22 -61.78 -49.41 -68.83
CA ALA ME 22 -62.51 -49.29 -67.58
C ALA ME 22 -63.83 -48.56 -67.78
N MET ME 23 -63.94 -47.75 -68.84
CA MET ME 23 -65.16 -46.98 -69.07
C MET ME 23 -66.27 -47.88 -69.60
N VAL ME 24 -65.96 -48.70 -70.61
CA VAL ME 24 -67.02 -49.47 -71.26
C VAL ME 24 -67.36 -50.71 -70.44
N LYS ME 25 -66.55 -51.04 -69.44
CA LYS ME 25 -66.88 -52.13 -68.54
C LYS ME 25 -67.77 -51.66 -67.39
N ALA ME 26 -67.58 -50.41 -66.96
CA ALA ME 26 -68.25 -49.94 -65.75
C ALA ME 26 -69.71 -49.60 -66.01
N ALA ME 27 -70.03 -49.13 -67.21
CA ALA ME 27 -71.38 -48.66 -67.49
C ALA ME 27 -71.73 -48.94 -68.95
N ARG ME 28 -72.97 -48.60 -69.31
CA ARG ME 28 -73.47 -48.81 -70.67
C ARG ME 28 -73.14 -47.58 -71.53
N VAL ME 29 -71.85 -47.44 -71.79
CA VAL ME 29 -71.35 -46.38 -72.66
C VAL ME 29 -70.69 -47.01 -73.86
N THR ME 30 -70.66 -46.27 -74.95
CA THR ME 30 -70.00 -46.71 -76.19
C THR ME 30 -68.77 -45.85 -76.42
N LEU ME 31 -67.60 -46.47 -76.39
CA LEU ME 31 -66.38 -45.82 -76.85
C LEU ME 31 -66.50 -45.57 -78.35
N VAL ME 32 -66.49 -44.30 -78.74
CA VAL ME 32 -66.69 -43.95 -80.15
C VAL ME 32 -65.48 -43.29 -80.77
N GLY ME 33 -64.58 -42.73 -79.98
CA GLY ME 33 -63.57 -41.84 -80.53
C GLY ME 33 -62.26 -41.95 -79.79
N TYR ME 34 -61.25 -41.35 -80.39
CA TYR ME 34 -59.86 -41.49 -79.96
C TYR ME 34 -59.09 -40.35 -80.58
N GLU ME 35 -58.60 -39.43 -79.76
CA GLU ME 35 -58.08 -38.16 -80.23
C GLU ME 35 -56.67 -37.93 -79.72
N LYS ME 36 -55.77 -37.54 -80.62
CA LYS ME 36 -54.41 -37.16 -80.31
C LYS ME 36 -54.21 -35.70 -80.68
N ILE ME 37 -53.72 -34.90 -79.74
CA ILE ME 37 -53.54 -33.47 -79.96
C ILE ME 37 -52.09 -33.05 -79.80
N GLY ME 38 -51.19 -33.99 -79.50
CA GLY ME 38 -49.79 -33.66 -79.31
C GLY ME 38 -49.38 -33.66 -77.86
N THR ME 39 -48.06 -33.67 -77.65
CA THR ME 39 -47.37 -33.87 -76.37
C THR ME 39 -47.89 -35.07 -75.59
N GLY ME 40 -48.24 -36.16 -76.26
CA GLY ME 40 -48.71 -37.34 -75.58
C GLY ME 40 -50.09 -37.24 -74.96
N ARG ME 41 -50.79 -36.13 -75.17
CA ARG ME 41 -52.13 -35.94 -74.62
C ARG ME 41 -53.12 -36.68 -75.51
N VAL ME 42 -53.64 -37.79 -75.00
CA VAL ME 42 -54.52 -38.67 -75.76
C VAL ME 42 -55.87 -38.72 -75.07
N THR ME 43 -56.94 -38.55 -75.83
CA THR ME 43 -58.29 -38.49 -75.29
C THR ME 43 -59.13 -39.61 -75.90
N VAL ME 44 -59.89 -40.30 -75.05
CA VAL ME 44 -60.92 -41.24 -75.50
C VAL ME 44 -62.29 -40.64 -75.21
N ILE ME 45 -63.23 -40.90 -76.11
CA ILE ME 45 -64.55 -40.30 -76.09
C ILE ME 45 -65.58 -41.41 -75.97
N VAL ME 46 -66.41 -41.35 -74.94
CA VAL ME 46 -67.50 -42.31 -74.76
C VAL ME 46 -68.83 -41.59 -74.96
N ARG ME 47 -69.82 -42.34 -75.41
CA ARG ME 47 -71.19 -41.85 -75.55
C ARG ME 47 -72.13 -42.75 -74.78
N GLY ME 48 -73.06 -42.14 -74.06
CA GLY ME 48 -74.08 -42.90 -73.37
C GLY ME 48 -75.08 -41.95 -72.73
N ASP ME 49 -75.86 -42.48 -71.81
CA ASP ME 49 -76.63 -41.62 -70.93
C ASP ME 49 -75.68 -40.89 -69.99
N VAL ME 50 -76.11 -39.72 -69.52
CA VAL ME 50 -75.24 -38.89 -68.68
C VAL ME 50 -74.95 -39.54 -67.35
N SER ME 51 -75.86 -40.35 -66.83
CA SER ME 51 -75.61 -41.13 -65.63
C SER ME 51 -74.58 -42.24 -65.89
N GLU ME 52 -74.69 -42.88 -67.05
CA GLU ME 52 -73.73 -43.92 -67.40
C GLU ME 52 -72.38 -43.32 -67.76
N VAL ME 53 -72.37 -42.14 -68.37
CA VAL ME 53 -71.12 -41.48 -68.71
C VAL ME 53 -70.39 -41.02 -67.45
N GLN ME 54 -71.15 -40.57 -66.44
CA GLN ME 54 -70.56 -40.14 -65.18
C GLN ME 54 -69.95 -41.31 -64.41
N ALA ME 55 -70.58 -42.48 -64.49
CA ALA ME 55 -70.06 -43.65 -63.78
C ALA ME 55 -68.83 -44.21 -64.50
N SER ME 56 -68.79 -44.08 -65.82
CA SER ME 56 -67.66 -44.62 -66.58
C SER ME 56 -66.44 -43.71 -66.47
N VAL ME 57 -66.65 -42.40 -66.51
CA VAL ME 57 -65.53 -41.45 -66.45
C VAL ME 57 -64.89 -41.47 -65.07
N SER ME 58 -65.70 -41.66 -64.02
CA SER ME 58 -65.16 -41.81 -62.68
C SER ME 58 -64.39 -43.10 -62.52
N ALA ME 59 -64.80 -44.16 -63.23
CA ALA ME 59 -64.09 -45.43 -63.15
C ALA ME 59 -62.85 -45.43 -64.02
N GLY ME 60 -62.92 -44.75 -65.17
CA GLY ME 60 -61.76 -44.67 -66.05
C GLY ME 60 -60.66 -43.78 -65.50
N THR ME 61 -61.03 -42.81 -64.66
CA THR ME 61 -60.03 -41.96 -64.02
C THR ME 61 -59.25 -42.73 -62.95
N GLU ME 62 -59.94 -43.57 -62.19
CA GLU ME 62 -59.30 -44.32 -61.12
C GLU ME 62 -58.42 -45.45 -61.65
N SER ME 63 -58.70 -45.92 -62.87
CA SER ME 63 -57.93 -47.03 -63.42
C SER ME 63 -56.60 -46.58 -64.01
N VAL ME 64 -56.42 -45.29 -64.28
CA VAL ME 64 -55.13 -44.81 -64.75
C VAL ME 64 -54.11 -44.80 -63.61
N LYS ME 65 -54.58 -44.71 -62.37
CA LYS ME 65 -53.70 -44.75 -61.20
C LYS ME 65 -53.01 -46.10 -61.03
N ARG ME 66 -53.54 -47.17 -61.61
CA ARG ME 66 -52.87 -48.45 -61.60
C ARG ME 66 -51.86 -48.60 -62.74
N VAL ME 67 -51.92 -47.74 -63.74
CA VAL ME 67 -50.90 -47.72 -64.80
C VAL ME 67 -49.72 -46.89 -64.31
N ASN ME 68 -48.55 -47.49 -64.29
CA ASN ME 68 -47.32 -46.78 -63.93
C ASN ME 68 -46.73 -46.15 -65.18
N GLY ME 69 -46.74 -44.82 -65.22
CA GLY ME 69 -46.28 -44.07 -66.37
C GLY ME 69 -47.34 -43.26 -67.07
N GLY ME 70 -48.58 -43.28 -66.58
CA GLY ME 70 -49.64 -42.49 -67.16
C GLY ME 70 -50.44 -41.79 -66.07
N GLN ME 71 -50.97 -40.62 -66.44
CA GLN ME 71 -51.76 -39.82 -65.52
C GLN ME 71 -52.92 -39.20 -66.28
N VAL ME 72 -54.01 -38.97 -65.57
CA VAL ME 72 -55.18 -38.30 -66.14
C VAL ME 72 -54.88 -36.81 -66.16
N LEU ME 73 -54.96 -36.21 -67.36
CA LEU ME 73 -54.72 -34.78 -67.48
C LEU ME 73 -56.02 -34.00 -67.31
N SER ME 74 -57.10 -34.46 -67.94
CA SER ME 74 -58.35 -33.74 -67.91
C SER ME 74 -59.50 -34.69 -68.20
N THR ME 75 -60.59 -34.51 -67.47
CA THR ME 75 -61.84 -35.22 -67.72
C THR ME 75 -62.97 -34.22 -67.82
N HIS ME 76 -63.96 -34.54 -68.65
CA HIS ME 76 -65.14 -33.71 -68.75
C HIS ME 76 -66.32 -34.53 -69.24
N ILE ME 77 -67.51 -34.11 -68.83
CA ILE ME 77 -68.77 -34.76 -69.17
C ILE ME 77 -69.74 -33.67 -69.61
N ILE ME 78 -70.38 -33.86 -70.77
CA ILE ME 78 -71.44 -32.98 -71.25
C ILE ME 78 -72.72 -33.77 -71.35
N ALA ME 79 -73.78 -33.29 -70.69
CA ALA ME 79 -75.01 -34.07 -70.55
C ALA ME 79 -75.75 -34.21 -71.89
N ARG ME 80 -75.67 -33.18 -72.72
CA ARG ME 80 -76.30 -33.20 -74.03
C ARG ME 80 -75.53 -32.23 -74.92
N PRO ME 81 -74.63 -32.72 -75.75
CA PRO ME 81 -73.90 -31.82 -76.66
C PRO ME 81 -74.80 -31.29 -77.75
N HIS ME 82 -74.44 -30.11 -78.24
CA HIS ME 82 -75.16 -29.48 -79.35
C HIS ME 82 -74.95 -30.29 -80.62
N GLU ME 83 -75.88 -30.14 -81.57
CA GLU ME 83 -75.78 -30.87 -82.83
C GLU ME 83 -74.65 -30.34 -83.71
N ASN ME 84 -74.16 -29.13 -83.43
CA ASN ME 84 -73.03 -28.58 -84.14
C ASN ME 84 -71.73 -29.35 -83.84
N LEU ME 85 -71.66 -29.99 -82.67
CA LEU ME 85 -70.40 -30.57 -82.22
C LEU ME 85 -70.08 -31.89 -82.91
N GLU ME 86 -71.10 -32.65 -83.33
CA GLU ME 86 -70.81 -33.95 -83.95
C GLU ME 86 -70.25 -33.78 -85.36
N TYR ME 87 -70.51 -32.64 -85.99
CA TYR ME 87 -70.02 -32.45 -87.35
C TYR ME 87 -68.61 -31.85 -87.35
N VAL ME 88 -68.23 -31.18 -86.27
CA VAL ME 88 -66.90 -30.57 -86.22
C VAL ME 88 -65.96 -31.41 -85.37
N LEU ME 89 -66.41 -31.84 -84.21
CA LEU ME 89 -65.56 -32.59 -83.30
C LEU ME 89 -65.77 -34.09 -83.49
N PRO ME 90 -64.72 -34.91 -83.31
CA PRO ME 90 -64.86 -36.36 -83.46
C PRO ME 90 -65.46 -37.04 -82.23
N ILE ME 91 -66.70 -36.67 -81.90
CA ILE ME 91 -67.43 -37.25 -80.79
C ILE ME 91 -68.66 -38.02 -81.24
N ARG ME 92 -68.86 -38.17 -82.55
CA ARG ME 92 -70.06 -38.80 -83.06
C ARG ME 92 -69.88 -40.32 -83.15
N TYR ME 93 -71.00 -41.02 -83.24
CA TYR ME 93 -70.98 -42.45 -83.47
C TYR ME 93 -70.51 -42.74 -84.88
N THR ME 94 -69.44 -43.52 -85.01
CA THR ME 94 -69.03 -44.00 -86.30
C THR ME 94 -69.82 -45.27 -86.65
N GLU ME 95 -69.71 -45.70 -87.90
CA GLU ME 95 -70.46 -46.86 -88.36
C GLU ME 95 -69.85 -48.16 -87.85
N GLU ME 96 -68.61 -48.11 -87.36
CA GLU ME 96 -67.96 -49.31 -86.85
C GLU ME 96 -68.43 -49.63 -85.44
N VAL ME 97 -68.95 -48.65 -84.72
CA VAL ME 97 -69.29 -48.81 -83.31
C VAL ME 97 -70.80 -48.78 -83.08
N GLU ME 98 -71.60 -48.93 -84.14
CA GLU ME 98 -73.05 -48.94 -83.98
C GLU ME 98 -73.57 -50.23 -83.36
N GLN ME 99 -72.74 -51.29 -83.34
CA GLN ME 99 -73.16 -52.54 -82.72
C GLN ME 99 -73.08 -52.47 -81.19
N PHE ME 100 -72.39 -51.47 -80.65
CA PHE ME 100 -72.26 -51.30 -79.21
C PHE ME 100 -73.21 -50.26 -78.65
N ARG ME 101 -74.01 -49.61 -79.49
CA ARG ME 101 -74.90 -48.54 -79.04
C ARG ME 101 -76.12 -49.08 -78.30
N MET NE 1 -94.08 -20.27 -44.62
CA MET NE 1 -94.15 -21.65 -45.06
C MET NE 1 -95.43 -21.94 -45.81
N GLN NE 2 -95.39 -22.96 -46.66
CA GLN NE 2 -96.55 -23.44 -47.38
C GLN NE 2 -96.74 -24.92 -47.09
N MET NE 3 -97.98 -25.36 -47.09
CA MET NE 3 -98.28 -26.77 -47.00
C MET NE 3 -98.23 -27.38 -48.39
N ALA NE 4 -97.56 -28.53 -48.50
CA ALA NE 4 -97.38 -29.17 -49.79
C ALA NE 4 -97.49 -30.67 -49.63
N LYS NE 5 -97.87 -31.33 -50.71
CA LYS NE 5 -97.93 -32.79 -50.79
C LYS NE 5 -96.80 -33.29 -51.66
N VAL NE 6 -96.07 -34.30 -51.17
CA VAL NE 6 -94.96 -34.88 -51.91
C VAL NE 6 -95.56 -35.70 -53.05
N CYS NE 7 -95.35 -35.24 -54.29
CA CYS NE 7 -95.86 -35.98 -55.44
C CYS NE 7 -94.78 -36.81 -56.12
N GLY NE 8 -93.52 -36.49 -55.88
CA GLY NE 8 -92.48 -37.30 -56.46
C GLY NE 8 -91.09 -36.77 -56.20
N THR NE 9 -90.15 -37.28 -56.99
CA THR NE 9 -88.73 -36.98 -56.85
C THR NE 9 -88.19 -36.45 -58.17
N VAL NE 10 -87.18 -35.59 -58.07
CA VAL NE 10 -86.46 -35.07 -59.23
C VAL NE 10 -84.99 -35.43 -59.06
N VAL NE 11 -84.42 -36.10 -60.05
CA VAL NE 11 -83.03 -36.51 -60.03
C VAL NE 11 -82.29 -35.77 -61.13
N GLY NE 12 -81.22 -35.07 -60.76
CA GLY NE 12 -80.34 -34.45 -61.75
C GLY NE 12 -78.92 -34.93 -61.59
N THR NE 13 -78.31 -35.37 -62.69
CA THR NE 13 -76.94 -35.88 -62.62
C THR NE 13 -75.90 -34.79 -62.85
N GLN NE 14 -76.08 -33.93 -63.85
CA GLN NE 14 -75.25 -32.74 -63.98
C GLN NE 14 -75.90 -31.61 -63.19
N LYS NE 15 -75.19 -31.16 -62.16
CA LYS NE 15 -75.67 -30.12 -61.28
C LYS NE 15 -74.44 -29.35 -60.81
N LEU NE 16 -74.65 -28.40 -59.92
CA LEU NE 16 -73.53 -27.77 -59.26
C LEU NE 16 -72.93 -28.75 -58.26
N PRO NE 17 -71.62 -28.63 -57.98
CA PRO NE 17 -71.02 -29.52 -56.97
C PRO NE 17 -71.54 -29.29 -55.57
N SER NE 18 -72.05 -28.10 -55.28
CA SER NE 18 -72.70 -27.84 -54.00
C SER NE 18 -74.11 -28.41 -53.96
N MET NE 19 -74.65 -28.82 -55.10
CA MET NE 19 -75.95 -29.49 -55.13
C MET NE 19 -75.84 -31.00 -54.95
N THR NE 20 -74.64 -31.52 -54.67
CA THR NE 20 -74.45 -32.95 -54.52
C THR NE 20 -74.87 -33.40 -53.14
N GLY NE 21 -75.69 -34.46 -53.09
CA GLY NE 21 -76.20 -34.97 -51.83
C GLY NE 21 -77.53 -34.40 -51.42
N VAL NE 22 -78.03 -33.39 -52.12
CA VAL NE 22 -79.31 -32.76 -51.82
C VAL NE 22 -80.40 -33.62 -52.43
N LYS NE 23 -81.29 -34.13 -51.59
CA LYS NE 23 -82.45 -34.89 -52.05
C LYS NE 23 -83.53 -33.92 -52.51
N LEU NE 24 -84.02 -34.10 -53.72
CA LEU NE 24 -84.95 -33.16 -54.34
C LEU NE 24 -86.32 -33.81 -54.49
N LEU NE 25 -87.33 -33.21 -53.87
CA LEU NE 25 -88.69 -33.70 -53.92
C LEU NE 25 -89.55 -32.76 -54.74
N LEU NE 26 -90.43 -33.35 -55.55
CA LEU NE 26 -91.44 -32.60 -56.28
C LEU NE 26 -92.67 -32.49 -55.39
N LEU NE 27 -92.92 -31.29 -54.87
CA LEU NE 27 -94.04 -31.04 -53.96
C LEU NE 27 -95.09 -30.21 -54.66
N GLN NE 28 -96.33 -30.67 -54.64
CA GLN NE 28 -97.46 -29.89 -55.12
C GLN NE 28 -98.11 -29.19 -53.94
N PHE NE 29 -98.38 -27.89 -54.09
CA PHE NE 29 -98.96 -27.13 -53.01
C PHE NE 29 -100.44 -27.48 -52.84
N ILE NE 30 -100.85 -27.60 -51.59
CA ILE NE 30 -102.23 -27.83 -51.21
C ILE NE 30 -102.74 -26.55 -50.56
N ASP NE 31 -104.06 -26.35 -50.61
CA ASP NE 31 -104.62 -25.12 -50.07
C ASP NE 31 -104.88 -25.26 -48.58
N ALA NE 32 -105.60 -24.28 -48.02
CA ALA NE 32 -105.97 -24.35 -46.60
C ALA NE 32 -107.10 -25.34 -46.37
N ASN NE 33 -107.81 -25.74 -47.43
CA ASN NE 33 -108.89 -26.72 -47.28
C ASN NE 33 -108.39 -28.14 -47.54
N GLY NE 34 -107.19 -28.29 -48.08
CA GLY NE 34 -106.62 -29.60 -48.35
C GLY NE 34 -106.66 -30.05 -49.79
N GLU NE 35 -107.15 -29.22 -50.71
CA GLU NE 35 -107.21 -29.56 -52.12
C GLU NE 35 -105.90 -29.16 -52.80
N LEU NE 36 -105.54 -29.89 -53.85
CA LEU NE 36 -104.29 -29.65 -54.55
C LEU NE 36 -104.40 -28.41 -55.42
N LEU NE 37 -103.47 -27.47 -55.23
CA LEU NE 37 -103.38 -26.29 -56.06
C LEU NE 37 -102.60 -26.60 -57.33
N PRO NE 38 -102.87 -25.90 -58.45
CA PRO NE 38 -102.04 -26.07 -59.65
C PRO NE 38 -100.74 -25.30 -59.58
N LYS NE 39 -99.91 -25.63 -58.59
CA LYS NE 39 -98.64 -24.97 -58.34
C LYS NE 39 -97.75 -25.97 -57.63
N TYR NE 40 -96.48 -26.00 -57.99
CA TYR NE 40 -95.54 -26.96 -57.45
C TYR NE 40 -94.26 -26.28 -56.99
N GLU NE 41 -93.36 -27.10 -56.47
CA GLU NE 41 -92.03 -26.66 -56.04
C GLU NE 41 -91.12 -27.88 -56.06
N VAL NE 42 -89.83 -27.62 -56.26
CA VAL NE 42 -88.80 -28.63 -56.04
C VAL NE 42 -87.97 -28.16 -54.85
N ALA NE 43 -87.96 -28.95 -53.79
CA ALA NE 43 -87.37 -28.52 -52.53
C ALA NE 43 -86.36 -29.56 -52.03
N ALA NE 44 -85.37 -29.06 -51.29
CA ALA NE 44 -84.48 -29.93 -50.55
C ALA NE 44 -85.23 -30.58 -49.40
N ASP NE 45 -84.78 -31.77 -49.00
CA ASP NE 45 -85.50 -32.59 -48.02
C ASP NE 45 -84.54 -33.11 -46.96
N PRO NE 46 -84.24 -32.33 -45.93
CA PRO NE 46 -83.48 -32.87 -44.80
C PRO NE 46 -84.33 -33.74 -43.89
N VAL NE 47 -85.59 -33.36 -43.71
CA VAL NE 47 -86.56 -34.14 -42.93
C VAL NE 47 -87.13 -35.18 -43.88
N GLY NE 48 -86.80 -36.46 -43.65
CA GLY NE 48 -87.02 -37.49 -44.65
C GLY NE 48 -88.49 -37.77 -44.88
N ALA NE 49 -89.01 -37.34 -46.02
CA ALA NE 49 -90.43 -37.41 -46.33
C ALA NE 49 -90.63 -38.22 -47.61
N GLY NE 50 -91.63 -39.10 -47.60
CA GLY NE 50 -91.92 -39.95 -48.73
C GLY NE 50 -93.13 -39.47 -49.51
N LEU NE 51 -93.49 -40.27 -50.50
CA LEU NE 51 -94.52 -39.87 -51.45
C LEU NE 51 -95.90 -39.92 -50.81
N GLY NE 52 -96.65 -38.83 -50.96
CA GLY NE 52 -97.95 -38.70 -50.37
C GLY NE 52 -98.00 -37.94 -49.07
N GLU NE 53 -96.84 -37.65 -48.48
CA GLU NE 53 -96.76 -36.97 -47.19
C GLU NE 53 -97.10 -35.50 -47.33
N TRP NE 54 -97.68 -34.95 -46.27
CA TRP NE 54 -97.93 -33.52 -46.15
C TRP NE 54 -96.74 -32.87 -45.46
N VAL NE 55 -96.15 -31.87 -46.10
CA VAL NE 55 -94.94 -31.24 -45.59
C VAL NE 55 -95.15 -29.73 -45.53
N LEU NE 56 -94.32 -29.09 -44.71
CA LEU NE 56 -94.15 -27.64 -44.74
C LEU NE 56 -92.87 -27.31 -45.48
N VAL NE 57 -92.96 -26.45 -46.47
CA VAL NE 57 -91.83 -26.05 -47.28
C VAL NE 57 -91.67 -24.54 -47.20
N ASN NE 58 -90.45 -24.09 -46.92
CA ASN NE 58 -90.19 -22.66 -46.87
C ASN NE 58 -89.70 -22.18 -48.23
N ARG NE 59 -89.46 -20.88 -48.34
CA ARG NE 59 -89.07 -20.28 -49.60
C ARG NE 59 -87.93 -19.31 -49.35
N GLY NE 60 -87.08 -19.16 -50.35
CA GLY NE 60 -86.06 -18.14 -50.32
C GLY NE 60 -84.83 -18.50 -49.52
N SER NE 61 -84.29 -17.52 -48.79
CA SER NE 61 -83.05 -17.69 -48.06
C SER NE 61 -83.22 -18.45 -46.75
N ALA NE 62 -84.45 -18.78 -46.38
CA ALA NE 62 -84.71 -19.62 -45.22
C ALA NE 62 -84.33 -21.07 -45.47
N ALA NE 63 -84.22 -21.47 -46.74
CA ALA NE 63 -83.76 -22.82 -47.08
C ALA NE 63 -82.27 -23.01 -46.79
N ARG NE 64 -81.52 -21.93 -46.61
CA ARG NE 64 -80.08 -21.99 -46.36
C ARG NE 64 -79.73 -21.78 -44.91
N GLN NE 65 -80.62 -22.13 -43.99
CA GLN NE 65 -80.41 -21.91 -42.56
C GLN NE 65 -80.12 -23.19 -41.79
N THR NE 66 -79.88 -24.30 -42.48
CA THR NE 66 -79.90 -25.62 -41.87
C THR NE 66 -78.49 -26.06 -41.50
N GLU NE 67 -77.53 -25.14 -41.61
CA GLU NE 67 -76.10 -25.24 -41.28
C GLU NE 67 -75.33 -26.28 -42.10
N TYR NE 68 -76.02 -27.00 -43.00
CA TYR NE 68 -75.36 -27.74 -44.08
C TYR NE 68 -75.94 -27.35 -45.43
N HIS NE 69 -76.94 -26.48 -45.46
CA HIS NE 69 -77.48 -25.91 -46.68
C HIS NE 69 -77.04 -24.47 -46.89
N GLN NE 70 -75.99 -24.04 -46.16
CA GLN NE 70 -75.72 -22.61 -46.00
C GLN NE 70 -75.18 -21.98 -47.27
N ASN NE 71 -74.22 -22.62 -47.92
CA ASN NE 71 -73.64 -22.08 -49.14
C ASN NE 71 -74.14 -22.82 -50.37
N ARG NE 72 -75.28 -23.49 -50.24
CA ARG NE 72 -75.93 -24.27 -51.29
C ARG NE 72 -76.97 -23.43 -51.99
N PRO NE 73 -77.08 -23.53 -53.31
CA PRO NE 73 -78.06 -22.72 -54.07
C PRO NE 73 -79.48 -23.27 -53.97
N LEU NE 74 -80.06 -23.16 -52.78
CA LEU NE 74 -81.38 -23.69 -52.49
C LEU NE 74 -82.32 -22.56 -52.11
N ASP NE 75 -83.49 -22.53 -52.74
CA ASP NE 75 -84.51 -21.53 -52.43
C ASP NE 75 -85.80 -22.16 -51.92
N ALA NE 76 -85.80 -23.47 -51.65
CA ALA NE 76 -86.96 -24.16 -51.13
C ALA NE 76 -86.49 -25.39 -50.38
N MET NE 77 -87.13 -25.67 -49.25
CA MET NE 77 -86.68 -26.76 -48.39
C MET NE 77 -87.84 -27.25 -47.55
N VAL NE 78 -88.00 -28.57 -47.45
CA VAL NE 78 -88.95 -29.13 -46.51
C VAL NE 78 -88.42 -28.93 -45.10
N VAL NE 79 -89.18 -28.21 -44.28
CA VAL NE 79 -88.76 -27.96 -42.90
C VAL NE 79 -89.43 -28.88 -41.89
N ALA NE 80 -90.59 -29.45 -42.23
CA ALA NE 80 -91.35 -30.23 -41.28
C ALA NE 80 -92.26 -31.17 -42.05
N ILE NE 81 -92.45 -32.36 -41.49
CA ILE NE 81 -93.49 -33.27 -41.90
C ILE NE 81 -94.72 -32.96 -41.07
N ILE NE 82 -95.83 -32.67 -41.73
CA ILE NE 82 -97.04 -32.25 -41.03
C ILE NE 82 -97.66 -33.45 -40.35
N ASP NE 83 -97.85 -33.35 -39.03
CA ASP NE 83 -98.61 -34.36 -38.30
C ASP NE 83 -100.10 -34.12 -38.40
N THR NE 84 -100.57 -32.96 -37.94
CA THR NE 84 -101.99 -32.66 -37.98
C THR NE 84 -102.20 -31.19 -38.32
N VAL NE 85 -103.31 -30.91 -39.00
CA VAL NE 85 -103.75 -29.55 -39.30
C VAL NE 85 -105.14 -29.39 -38.71
N THR NE 86 -105.29 -28.42 -37.82
CA THR NE 86 -106.57 -28.08 -37.22
C THR NE 86 -107.03 -26.76 -37.83
N VAL NE 87 -108.23 -26.75 -38.41
CA VAL NE 87 -108.82 -25.54 -38.98
C VAL NE 87 -110.16 -25.31 -38.29
N ASN NE 88 -110.31 -24.14 -37.66
CA ASN NE 88 -111.51 -23.72 -36.92
C ASN NE 88 -111.89 -24.73 -35.84
N ASN NE 89 -110.88 -25.16 -35.08
CA ASN NE 89 -110.92 -26.19 -34.03
C ASN NE 89 -111.38 -27.55 -34.55
N ARG NE 90 -111.31 -27.79 -35.85
CA ARG NE 90 -111.67 -29.08 -36.45
C ARG NE 90 -110.44 -29.64 -37.15
N ARG NE 91 -110.15 -30.91 -36.89
CA ARG NE 91 -108.98 -31.54 -37.47
C ARG NE 91 -109.18 -31.76 -38.97
N LEU NE 92 -108.29 -31.18 -39.77
CA LEU NE 92 -108.30 -31.34 -41.22
C LEU NE 92 -107.44 -32.50 -41.69
N TYR NE 93 -106.30 -32.71 -41.06
CA TYR NE 93 -105.35 -33.73 -41.46
C TYR NE 93 -104.86 -34.47 -40.23
N GLY NE 94 -104.53 -35.74 -40.41
CA GLY NE 94 -104.02 -36.54 -39.32
C GLY NE 94 -105.11 -37.25 -38.54
N ALA OE 2 -52.21 -95.71 35.27
CA ALA OE 2 -53.14 -96.48 34.47
C ALA OE 2 -52.71 -96.50 33.00
N VAL OE 3 -53.67 -96.75 32.12
CA VAL OE 3 -53.44 -96.71 30.68
C VAL OE 3 -53.13 -95.28 30.26
N ALA OE 4 -52.19 -95.12 29.34
CA ALA OE 4 -51.65 -93.80 29.00
C ALA OE 4 -52.68 -92.90 28.35
N VAL OE 5 -52.53 -91.61 28.55
CA VAL OE 5 -53.48 -90.61 28.05
C VAL OE 5 -52.70 -89.58 27.24
N GLY OE 6 -53.21 -89.25 26.07
CA GLY OE 6 -52.66 -88.20 25.23
C GLY OE 6 -53.71 -87.16 24.92
N MET OE 7 -53.30 -85.90 24.92
CA MET OE 7 -54.20 -84.78 24.69
C MET OE 7 -53.61 -83.89 23.62
N ILE OE 8 -54.45 -83.43 22.71
CA ILE OE 8 -54.08 -82.39 21.74
C ILE OE 8 -55.12 -81.29 21.86
N GLU OE 9 -54.68 -80.10 22.24
CA GLU OE 9 -55.55 -78.94 22.32
C GLU OE 9 -55.34 -78.07 21.10
N THR OE 10 -56.40 -77.87 20.33
CA THR OE 10 -56.35 -77.03 19.14
C THR OE 10 -57.26 -75.83 19.33
N LEU OE 11 -57.02 -74.81 18.51
CA LEU OE 11 -57.87 -73.62 18.44
C LEU OE 11 -58.79 -73.80 17.24
N GLY OE 12 -60.01 -74.27 17.49
CA GLY OE 12 -60.95 -74.50 16.43
C GLY OE 12 -61.44 -75.93 16.35
N PHE OE 13 -62.69 -76.10 15.95
CA PHE OE 13 -63.32 -77.42 15.81
C PHE OE 13 -62.94 -78.21 14.55
N PRO OE 14 -62.73 -77.63 13.36
CA PRO OE 14 -62.17 -78.45 12.28
C PRO OE 14 -60.75 -78.93 12.54
N ALA OE 15 -59.98 -78.20 13.33
CA ALA OE 15 -58.63 -78.63 13.65
C ALA OE 15 -58.63 -79.74 14.68
N VAL OE 16 -59.68 -79.84 15.50
CA VAL OE 16 -59.68 -80.83 16.56
C VAL OE 16 -60.27 -82.14 16.05
N VAL OE 17 -61.06 -82.10 14.99
CA VAL OE 17 -61.58 -83.32 14.40
C VAL OE 17 -60.50 -83.97 13.54
N GLU OE 18 -59.67 -83.15 12.88
CA GLU OE 18 -58.50 -83.68 12.18
C GLU OE 18 -57.47 -84.22 13.17
N ALA OE 19 -57.32 -83.57 14.32
CA ALA OE 19 -56.46 -84.10 15.37
C ALA OE 19 -57.00 -85.42 15.91
N ALA OE 20 -58.32 -85.51 16.10
CA ALA OE 20 -58.91 -86.74 16.60
C ALA OE 20 -58.88 -87.83 15.54
N ASP OE 21 -59.04 -87.46 14.27
CA ASP OE 21 -59.00 -88.45 13.20
C ASP OE 21 -57.60 -88.97 12.94
N ALA OE 22 -56.60 -88.10 12.98
CA ALA OE 22 -55.24 -88.53 12.69
C ALA OE 22 -54.65 -89.34 13.83
N MET OE 23 -55.13 -89.11 15.06
CA MET OE 23 -54.60 -89.84 16.20
C MET OE 23 -55.03 -91.30 16.17
N VAL OE 24 -56.30 -91.56 15.87
CA VAL OE 24 -56.78 -92.94 15.89
C VAL OE 24 -56.49 -93.63 14.57
N LYS OE 25 -55.98 -92.90 13.58
CA LYS OE 25 -55.57 -93.53 12.33
C LYS OE 25 -54.08 -93.81 12.31
N ALA OE 26 -53.30 -93.12 13.15
CA ALA OE 26 -51.86 -93.33 13.16
C ALA OE 26 -51.48 -94.55 13.98
N ALA OE 27 -52.23 -94.84 15.03
CA ALA OE 27 -51.89 -95.92 15.94
C ALA OE 27 -53.15 -96.48 16.57
N ARG OE 28 -52.96 -97.49 17.42
CA ARG OE 28 -54.06 -98.20 18.07
C ARG OE 28 -54.38 -97.52 19.39
N VAL OE 29 -55.01 -96.34 19.28
CA VAL OE 29 -55.48 -95.60 20.44
C VAL OE 29 -56.99 -95.52 20.38
N THR OE 30 -57.60 -95.17 21.50
CA THR OE 30 -59.04 -95.00 21.60
C THR OE 30 -59.33 -93.56 21.97
N LEU OE 31 -59.95 -92.82 21.04
CA LEU OE 31 -60.45 -91.49 21.34
C LEU OE 31 -61.61 -91.63 22.32
N VAL OE 32 -61.43 -91.09 23.53
CA VAL OE 32 -62.41 -91.26 24.59
C VAL OE 32 -63.11 -89.95 24.95
N GLY OE 33 -62.52 -88.81 24.66
CA GLY OE 33 -62.97 -87.58 25.24
C GLY OE 33 -62.88 -86.43 24.27
N TYR OE 34 -63.63 -85.38 24.57
CA TYR OE 34 -63.74 -84.20 23.73
C TYR OE 34 -64.11 -83.05 24.66
N GLU OE 35 -63.16 -82.16 24.89
CA GLU OE 35 -63.24 -81.22 26.00
C GLU OE 35 -63.16 -79.78 25.49
N LYS OE 36 -64.14 -78.97 25.87
CA LYS OE 36 -64.18 -77.55 25.54
C LYS OE 36 -64.04 -76.74 26.82
N ILE OE 37 -63.10 -75.81 26.84
CA ILE OE 37 -62.82 -74.99 28.01
C ILE OE 37 -63.00 -73.51 27.72
N GLY OE 38 -63.54 -73.15 26.56
CA GLY OE 38 -63.75 -71.76 26.21
C GLY OE 38 -62.63 -71.18 25.37
N THR OE 39 -62.92 -70.01 24.80
CA THR OE 39 -62.13 -69.31 23.77
C THR OE 39 -61.72 -70.20 22.61
N GLY OE 40 -62.56 -71.14 22.21
CA GLY OE 40 -62.22 -72.01 21.10
C GLY OE 40 -61.20 -73.08 21.39
N ARG OE 41 -60.67 -73.14 22.61
CA ARG OE 41 -59.69 -74.15 22.98
C ARG OE 41 -60.41 -75.47 23.18
N VAL OE 42 -60.21 -76.39 22.24
CA VAL OE 42 -60.87 -77.69 22.25
C VAL OE 42 -59.80 -78.76 22.37
N THR OE 43 -60.03 -79.73 23.25
CA THR OE 43 -59.07 -80.79 23.51
C THR OE 43 -59.73 -82.14 23.25
N VAL OE 44 -59.08 -82.98 22.46
CA VAL OE 44 -59.46 -84.38 22.31
C VAL OE 44 -58.49 -85.23 23.11
N ILE OE 45 -59.02 -86.30 23.71
CA ILE OE 45 -58.28 -87.13 24.65
C ILE OE 45 -58.30 -88.56 24.12
N VAL OE 46 -57.12 -89.13 23.92
CA VAL OE 46 -57.00 -90.52 23.50
C VAL OE 46 -56.38 -91.33 24.62
N ARG OE 47 -56.72 -92.61 24.66
CA ARG OE 47 -56.13 -93.57 25.59
C ARG OE 47 -55.50 -94.70 24.81
N GLY OE 48 -54.52 -95.35 25.42
CA GLY OE 48 -53.90 -96.51 24.79
C GLY OE 48 -52.54 -96.77 25.39
N ASP OE 49 -51.79 -97.64 24.73
CA ASP OE 49 -50.43 -97.93 25.13
C ASP OE 49 -49.53 -96.72 24.86
N VAL OE 50 -48.38 -96.71 25.53
CA VAL OE 50 -47.49 -95.56 25.47
C VAL OE 50 -46.87 -95.41 24.09
N SER OE 51 -46.56 -96.54 23.45
CA SER OE 51 -46.05 -96.51 22.07
C SER OE 51 -47.10 -95.99 21.10
N GLU OE 52 -48.36 -96.34 21.31
CA GLU OE 52 -49.42 -95.90 20.42
C GLU OE 52 -49.79 -94.45 20.67
N VAL OE 53 -49.81 -94.01 21.93
CA VAL OE 53 -50.19 -92.65 22.25
C VAL OE 53 -49.10 -91.67 21.82
N GLN OE 54 -47.83 -92.08 21.95
CA GLN OE 54 -46.73 -91.24 21.48
C GLN OE 54 -46.74 -91.11 19.95
N ALA OE 55 -47.11 -92.18 19.25
CA ALA OE 55 -47.19 -92.11 17.80
C ALA OE 55 -48.41 -91.30 17.36
N SER OE 56 -49.49 -91.36 18.14
CA SER OE 56 -50.73 -90.68 17.75
C SER OE 56 -50.63 -89.18 17.95
N VAL OE 57 -50.12 -88.75 19.11
CA VAL OE 57 -50.05 -87.32 19.43
C VAL OE 57 -49.03 -86.62 18.54
N SER OE 58 -47.93 -87.31 18.22
CA SER OE 58 -46.92 -86.72 17.34
C SER OE 58 -47.40 -86.64 15.90
N ALA OE 59 -48.21 -87.61 15.47
CA ALA OE 59 -48.75 -87.54 14.11
C ALA OE 59 -50.02 -86.70 14.06
N GLY OE 60 -50.76 -86.63 15.16
CA GLY OE 60 -51.92 -85.78 15.22
C GLY OE 60 -51.57 -84.31 15.26
N THR OE 61 -50.38 -83.98 15.77
CA THR OE 61 -49.95 -82.59 15.81
C THR OE 61 -49.57 -82.08 14.42
N GLU OE 62 -48.91 -82.93 13.62
CA GLU OE 62 -48.50 -82.52 12.30
C GLU OE 62 -49.67 -82.46 11.31
N SER OE 63 -50.78 -83.12 11.64
CA SER OE 63 -51.93 -83.11 10.75
C SER OE 63 -52.73 -81.82 10.89
N VAL OE 64 -52.74 -81.22 12.08
CA VAL OE 64 -53.43 -79.95 12.30
C VAL OE 64 -52.79 -78.81 11.52
N LYS OE 65 -51.48 -78.85 11.32
CA LYS OE 65 -50.82 -77.85 10.48
C LYS OE 65 -50.81 -78.28 9.01
N ARG OE 66 -51.96 -78.76 8.55
CA ARG OE 66 -52.29 -79.02 7.15
C ARG OE 66 -53.73 -78.60 6.96
N VAL OE 67 -54.32 -78.08 8.03
CA VAL OE 67 -55.67 -77.53 8.05
C VAL OE 67 -55.54 -76.01 8.01
N ASN OE 68 -56.28 -75.36 7.12
CA ASN OE 68 -56.27 -73.91 7.07
C ASN OE 68 -57.05 -73.36 8.25
N GLY OE 69 -56.44 -72.43 8.97
CA GLY OE 69 -57.03 -71.94 10.20
C GLY OE 69 -56.85 -72.86 11.38
N GLY OE 70 -56.04 -73.92 11.24
CA GLY OE 70 -55.80 -74.86 12.30
C GLY OE 70 -54.54 -74.50 13.07
N GLN OE 71 -54.62 -74.59 14.39
CA GLN OE 71 -53.53 -74.18 15.26
C GLN OE 71 -53.49 -75.10 16.47
N VAL OE 72 -52.33 -75.74 16.68
CA VAL OE 72 -52.11 -76.55 17.87
C VAL OE 72 -51.73 -75.62 19.00
N LEU OE 73 -52.50 -75.65 20.09
CA LEU OE 73 -52.17 -74.84 21.25
C LEU OE 73 -51.26 -75.57 22.21
N SER OE 74 -51.63 -76.79 22.58
CA SER OE 74 -50.86 -77.54 23.56
C SER OE 74 -51.13 -79.03 23.38
N THR OE 75 -50.05 -79.81 23.39
CA THR OE 75 -50.13 -81.26 23.36
C THR OE 75 -49.40 -81.82 24.56
N HIS OE 76 -49.86 -82.96 25.07
CA HIS OE 76 -49.16 -83.62 26.16
C HIS OE 76 -49.50 -85.10 26.16
N ILE OE 77 -48.56 -85.89 26.66
CA ILE OE 77 -48.69 -87.33 26.84
C ILE OE 77 -48.35 -87.65 28.28
N ILE OE 78 -49.26 -88.32 28.98
CA ILE OE 78 -48.98 -88.86 30.31
C ILE OE 78 -48.96 -90.37 30.20
N ALA OE 79 -47.76 -90.96 30.37
CA ALA OE 79 -47.56 -92.37 30.08
C ALA OE 79 -48.21 -93.26 31.12
N ARG OE 80 -48.32 -92.78 32.36
CA ARG OE 80 -48.88 -93.57 33.45
C ARG OE 80 -49.65 -92.63 34.36
N PRO OE 81 -50.88 -92.30 34.02
CA PRO OE 81 -51.66 -91.40 34.88
C PRO OE 81 -52.12 -92.12 36.13
N HIS OE 82 -52.25 -91.34 37.20
CA HIS OE 82 -52.74 -91.85 38.47
C HIS OE 82 -54.19 -92.26 38.35
N GLU OE 83 -54.57 -93.23 39.17
CA GLU OE 83 -55.94 -93.72 39.19
C GLU OE 83 -56.93 -92.71 39.78
N ASN OE 84 -56.43 -91.66 40.44
CA ASN OE 84 -57.27 -90.57 40.88
C ASN OE 84 -57.80 -89.74 39.71
N LEU OE 85 -57.07 -89.71 38.60
CA LEU OE 85 -57.35 -88.73 37.54
C LEU OE 85 -58.56 -89.11 36.71
N GLU OE 86 -58.87 -90.40 36.58
CA GLU OE 86 -59.97 -90.83 35.73
C GLU OE 86 -61.32 -90.48 36.36
N TYR OE 87 -61.35 -90.34 37.68
CA TYR OE 87 -62.62 -90.07 38.37
C TYR OE 87 -62.94 -88.58 38.39
N VAL OE 88 -61.92 -87.73 38.30
CA VAL OE 88 -62.16 -86.29 38.36
C VAL OE 88 -62.14 -85.68 36.97
N LEU OE 89 -61.16 -86.04 36.17
CA LEU OE 89 -61.01 -85.48 34.85
C LEU OE 89 -61.71 -86.34 33.81
N PRO OE 90 -62.24 -85.72 32.74
CA PRO OE 90 -62.92 -86.51 31.68
C PRO OE 90 -61.94 -87.15 30.69
N ILE OE 91 -61.10 -88.04 31.21
CA ILE OE 91 -60.15 -88.79 30.41
C ILE OE 91 -60.41 -90.29 30.43
N ARG OE 92 -61.55 -90.71 30.95
CA ARG OE 92 -61.78 -92.13 31.17
C ARG OE 92 -62.56 -92.74 30.02
N TYR OE 93 -62.52 -94.07 29.95
CA TYR OE 93 -63.29 -94.80 28.96
C TYR OE 93 -64.77 -94.75 29.29
N THR OE 94 -65.57 -94.25 28.37
CA THR OE 94 -67.01 -94.33 28.49
C THR OE 94 -67.51 -95.62 27.84
N GLU OE 95 -68.79 -95.92 28.05
CA GLU OE 95 -69.35 -97.17 27.52
C GLU OE 95 -69.60 -97.09 26.02
N GLU OE 96 -69.59 -95.88 25.46
CA GLU OE 96 -69.76 -95.74 24.01
C GLU OE 96 -68.48 -96.14 23.28
N VAL OE 97 -67.33 -96.06 23.95
CA VAL OE 97 -66.05 -96.31 23.31
C VAL OE 97 -65.40 -97.60 23.82
N GLU OE 98 -66.19 -98.49 24.44
CA GLU OE 98 -65.63 -99.76 24.91
C GLU OE 98 -65.39 -100.75 23.79
N GLN OE 99 -65.93 -100.51 22.60
CA GLN OE 99 -65.68 -101.41 21.47
C GLN OE 99 -64.32 -101.14 20.83
N PHE OE 100 -63.74 -99.98 21.07
CA PHE OE 100 -62.49 -99.60 20.44
C PHE OE 100 -61.27 -99.83 21.32
N ARG OE 101 -61.46 -100.24 22.57
CA ARG OE 101 -60.33 -100.48 23.46
C ARG OE 101 -59.61 -101.78 23.12
N ALA PE 2 -60.78 -77.09 58.07
CA ALA PE 2 -60.89 -78.42 57.49
C ALA PE 2 -59.55 -78.90 56.95
N VAL PE 3 -59.61 -80.00 56.19
CA VAL PE 3 -58.43 -80.49 55.48
C VAL PE 3 -58.04 -79.48 54.42
N ALA PE 4 -56.73 -79.26 54.26
CA ALA PE 4 -56.21 -78.16 53.44
C ALA PE 4 -56.54 -78.36 51.97
N VAL PE 5 -56.70 -77.26 51.25
CA VAL PE 5 -57.08 -77.26 49.85
C VAL PE 5 -56.02 -76.52 49.04
N GLY PE 6 -55.58 -77.14 47.96
CA GLY PE 6 -54.66 -76.48 47.03
C GLY PE 6 -55.25 -76.43 45.64
N MET PE 7 -55.05 -75.31 44.97
CA MET PE 7 -55.61 -75.07 43.65
C MET PE 7 -54.51 -74.64 42.71
N ILE PE 8 -54.52 -75.20 41.50
CA ILE PE 8 -53.66 -74.75 40.41
C ILE PE 8 -54.56 -74.40 39.24
N GLU PE 9 -54.52 -73.14 38.81
CA GLU PE 9 -55.23 -72.71 37.62
C GLU PE 9 -54.26 -72.60 36.46
N THR PE 10 -54.57 -73.30 35.38
CA THR PE 10 -53.76 -73.26 34.18
C THR PE 10 -54.58 -72.72 33.02
N LEU PE 11 -53.87 -72.29 31.98
CA LEU PE 11 -54.49 -71.92 30.71
C LEU PE 11 -54.34 -73.12 29.78
N GLY PE 12 -55.39 -73.92 29.69
CA GLY PE 12 -55.35 -75.10 28.84
C GLY PE 12 -55.63 -76.38 29.57
N PHE PE 13 -56.29 -77.31 28.89
CA PHE PE 13 -56.60 -78.62 29.45
C PHE PE 13 -55.43 -79.62 29.47
N PRO PE 14 -54.52 -79.69 28.48
CA PRO PE 14 -53.34 -80.55 28.68
C PRO PE 14 -52.42 -80.09 29.80
N ALA PE 15 -52.40 -78.79 30.11
CA ALA PE 15 -51.58 -78.31 31.21
C ALA PE 15 -52.20 -78.65 32.56
N VAL PE 16 -53.53 -78.82 32.61
CA VAL PE 16 -54.18 -79.01 33.90
C VAL PE 16 -54.23 -80.49 34.25
N VAL PE 17 -54.06 -81.37 33.27
CA VAL PE 17 -54.02 -82.80 33.55
C VAL PE 17 -52.60 -83.20 33.97
N GLU PE 18 -51.60 -82.56 33.39
CA GLU PE 18 -50.22 -82.77 33.84
C GLU PE 18 -49.99 -82.17 35.22
N ALA PE 19 -50.62 -81.04 35.51
CA ALA PE 19 -50.55 -80.47 36.85
C ALA PE 19 -51.26 -81.36 37.87
N ALA PE 20 -52.40 -81.93 37.49
CA ALA PE 20 -53.13 -82.81 38.40
C ALA PE 20 -52.41 -84.14 38.58
N ASP PE 21 -51.72 -84.61 37.53
CA ASP PE 21 -50.99 -85.87 37.64
C ASP PE 21 -49.70 -85.70 38.43
N ALA PE 22 -49.08 -84.52 38.34
CA ALA PE 22 -47.88 -84.26 39.11
C ALA PE 22 -48.21 -84.09 40.59
N MET PE 23 -49.41 -83.59 40.90
CA MET PE 23 -49.76 -83.30 42.28
C MET PE 23 -50.00 -84.56 43.08
N VAL PE 24 -50.75 -85.51 42.52
CA VAL PE 24 -51.12 -86.70 43.29
C VAL PE 24 -49.98 -87.70 43.31
N LYS PE 25 -48.97 -87.52 42.46
CA LYS PE 25 -47.78 -88.35 42.54
C LYS PE 25 -46.76 -87.79 43.50
N ALA PE 26 -46.77 -86.47 43.71
CA ALA PE 26 -45.73 -85.83 44.51
C ALA PE 26 -45.98 -86.02 46.00
N ALA PE 27 -47.24 -86.11 46.42
CA ALA PE 27 -47.55 -86.18 47.83
C ALA PE 27 -48.85 -86.95 48.02
N ARG PE 28 -49.29 -87.03 49.28
CA ARG PE 28 -50.50 -87.77 49.65
C ARG PE 28 -51.69 -86.81 49.63
N VAL PE 29 -51.92 -86.23 48.46
CA VAL PE 29 -53.07 -85.39 48.24
C VAL PE 29 -54.08 -86.17 47.43
N THR PE 30 -55.34 -85.79 47.58
CA THR PE 30 -56.43 -86.37 46.81
C THR PE 30 -56.96 -85.31 45.86
N LEU PE 31 -56.84 -85.56 44.56
CA LEU PE 31 -57.50 -84.73 43.57
C LEU PE 31 -59.00 -84.94 43.68
N VAL PE 32 -59.72 -83.89 44.04
CA VAL PE 32 -61.16 -83.99 44.26
C VAL PE 32 -61.95 -83.13 43.28
N GLY PE 33 -61.33 -82.16 42.63
CA GLY PE 33 -62.09 -81.11 41.98
C GLY PE 33 -61.53 -80.78 40.62
N TYR PE 34 -62.40 -80.24 39.77
CA TYR PE 34 -62.08 -79.88 38.41
C TYR PE 34 -63.05 -78.79 37.99
N GLU PE 35 -62.55 -77.59 37.75
CA GLU PE 35 -63.40 -76.43 37.59
C GLU PE 35 -63.04 -75.66 36.33
N LYS PE 36 -64.06 -75.32 35.54
CA LYS PE 36 -63.91 -74.49 34.35
C LYS PE 36 -64.67 -73.19 34.58
N ILE PE 37 -64.00 -72.07 34.40
CA ILE PE 37 -64.59 -70.76 34.63
C ILE PE 37 -64.58 -69.90 33.38
N GLY PE 38 -64.18 -70.46 32.24
CA GLY PE 38 -64.20 -69.76 30.98
C GLY PE 38 -62.84 -69.22 30.58
N THR PE 39 -62.72 -68.95 29.27
CA THR PE 39 -61.51 -68.49 28.57
C THR PE 39 -60.29 -69.37 28.84
N GLY PE 40 -60.48 -70.68 28.89
CA GLY PE 40 -59.36 -71.59 29.06
C GLY PE 40 -58.78 -71.65 30.45
N ARG PE 41 -59.35 -70.94 31.41
CA ARG PE 41 -58.88 -70.98 32.79
C ARG PE 41 -59.47 -72.20 33.46
N VAL PE 42 -58.65 -73.22 33.65
CA VAL PE 42 -59.07 -74.50 34.18
C VAL PE 42 -58.35 -74.73 35.50
N THR PE 43 -59.09 -75.16 36.52
CA THR PE 43 -58.57 -75.31 37.87
C THR PE 43 -58.77 -76.75 38.35
N VAL PE 44 -57.72 -77.35 38.87
CA VAL PE 44 -57.80 -78.62 39.59
C VAL PE 44 -57.58 -78.37 41.07
N ILE PE 45 -58.26 -79.13 41.90
CA ILE PE 45 -58.33 -78.91 43.34
C ILE PE 45 -57.91 -80.19 44.05
N VAL PE 46 -56.89 -80.09 44.90
CA VAL PE 46 -56.44 -81.21 45.71
C VAL PE 46 -56.75 -80.94 47.17
N ARG PE 47 -56.92 -82.02 47.92
CA ARG PE 47 -57.10 -81.96 49.37
C ARG PE 47 -56.08 -82.84 50.05
N GLY PE 48 -55.59 -82.39 51.20
CA GLY PE 48 -54.66 -83.19 51.97
C GLY PE 48 -54.14 -82.37 53.12
N ASP PE 49 -53.16 -82.92 53.83
CA ASP PE 49 -52.46 -82.15 54.85
C ASP PE 49 -51.66 -81.03 54.19
N VAL PE 50 -51.45 -79.95 54.94
CA VAL PE 50 -50.90 -78.72 54.37
C VAL PE 50 -49.44 -78.90 53.93
N SER PE 51 -48.70 -79.81 54.56
CA SER PE 51 -47.37 -80.13 54.10
C SER PE 51 -47.41 -80.89 52.79
N GLU PE 52 -48.40 -81.79 52.64
CA GLU PE 52 -48.56 -82.52 51.39
C GLU PE 52 -49.13 -81.64 50.29
N VAL PE 53 -50.02 -80.71 50.66
CA VAL PE 53 -50.62 -79.83 49.67
C VAL PE 53 -49.61 -78.83 49.16
N GLN PE 54 -48.74 -78.33 50.04
CA GLN PE 54 -47.67 -77.42 49.62
C GLN PE 54 -46.65 -78.12 48.74
N ALA PE 55 -46.39 -79.39 49.00
CA ALA PE 55 -45.42 -80.14 48.21
C ALA PE 55 -45.98 -80.51 46.85
N SER PE 56 -47.29 -80.73 46.77
CA SER PE 56 -47.91 -81.13 45.52
C SER PE 56 -48.12 -79.95 44.60
N VAL PE 57 -48.61 -78.82 45.14
CA VAL PE 57 -48.90 -77.64 44.34
C VAL PE 57 -47.63 -77.04 43.76
N SER PE 58 -46.53 -77.13 44.52
CA SER PE 58 -45.23 -76.70 44.00
C SER PE 58 -44.76 -77.62 42.89
N ALA PE 59 -45.00 -78.93 43.02
CA ALA PE 59 -44.57 -79.87 41.99
C ALA PE 59 -45.54 -79.87 40.81
N GLY PE 60 -46.81 -79.53 41.05
CA GLY PE 60 -47.75 -79.41 39.96
C GLY PE 60 -47.53 -78.16 39.13
N THR PE 61 -46.90 -77.13 39.72
CA THR PE 61 -46.58 -75.93 38.98
C THR PE 61 -45.39 -76.14 38.07
N GLU PE 62 -44.41 -76.92 38.52
CA GLU PE 62 -43.19 -77.13 37.75
C GLU PE 62 -43.42 -78.05 36.56
N SER PE 63 -44.45 -78.89 36.61
CA SER PE 63 -44.68 -79.83 35.53
C SER PE 63 -45.47 -79.24 34.38
N VAL PE 64 -46.07 -78.05 34.57
CA VAL PE 64 -46.70 -77.37 33.45
C VAL PE 64 -45.66 -76.82 32.49
N LYS PE 65 -44.43 -76.61 32.97
CA LYS PE 65 -43.33 -76.24 32.07
C LYS PE 65 -42.94 -77.38 31.14
N ARG PE 66 -43.26 -78.63 31.51
CA ARG PE 66 -43.06 -79.75 30.58
C ARG PE 66 -44.03 -79.67 29.42
N VAL PE 67 -45.23 -79.15 29.64
CA VAL PE 67 -46.21 -79.04 28.58
C VAL PE 67 -45.89 -77.85 27.70
N ASN PE 68 -45.77 -78.09 26.40
CA ASN PE 68 -45.62 -77.01 25.44
C ASN PE 68 -46.94 -76.28 25.28
N GLY PE 69 -46.91 -74.96 25.43
CA GLY PE 69 -48.15 -74.21 25.40
C GLY PE 69 -48.94 -74.26 26.67
N GLY PE 70 -48.36 -74.75 27.76
CA GLY PE 70 -49.00 -74.78 29.06
C GLY PE 70 -48.50 -73.64 29.92
N GLN PE 71 -49.42 -73.03 30.67
CA GLN PE 71 -49.11 -71.84 31.45
C GLN PE 71 -49.93 -71.85 32.74
N VAL PE 72 -49.25 -71.76 33.88
CA VAL PE 72 -49.90 -71.65 35.18
C VAL PE 72 -50.36 -70.20 35.33
N LEU PE 73 -51.66 -70.01 35.57
CA LEU PE 73 -52.18 -68.66 35.78
C LEU PE 73 -52.12 -68.28 37.24
N SER PE 74 -52.61 -69.15 38.12
CA SER PE 74 -52.70 -68.81 39.54
C SER PE 74 -52.67 -70.08 40.35
N THR PE 75 -51.90 -70.05 41.44
CA THR PE 75 -51.89 -71.13 42.41
C THR PE 75 -52.24 -70.55 43.77
N HIS PE 76 -52.88 -71.36 44.61
CA HIS PE 76 -53.14 -70.96 45.98
C HIS PE 76 -53.31 -72.21 46.85
N ILE PE 77 -52.96 -72.05 48.12
CA ILE PE 77 -53.10 -73.09 49.14
C ILE PE 77 -53.78 -72.46 50.36
N ILE PE 78 -54.88 -73.05 50.79
CA ILE PE 78 -55.54 -72.66 52.03
C ILE PE 78 -55.30 -73.77 53.04
N ALA PE 79 -54.65 -73.43 54.15
CA ALA PE 79 -54.18 -74.44 55.10
C ALA PE 79 -55.33 -75.05 55.89
N ARG PE 80 -56.41 -74.30 56.08
CA ARG PE 80 -57.53 -74.74 56.90
C ARG PE 80 -58.77 -74.03 56.42
N PRO PE 81 -59.41 -74.53 55.35
CA PRO PE 81 -60.60 -73.86 54.84
C PRO PE 81 -61.78 -74.06 55.77
N HIS PE 82 -62.65 -73.05 55.76
CA HIS PE 82 -63.86 -73.07 56.57
C HIS PE 82 -64.82 -74.13 56.06
N GLU PE 83 -65.69 -74.61 56.96
CA GLU PE 83 -66.63 -75.68 56.63
C GLU PE 83 -67.72 -75.21 55.68
N ASN PE 84 -67.94 -73.90 55.57
CA ASN PE 84 -68.90 -73.35 54.63
C ASN PE 84 -68.46 -73.53 53.19
N LEU PE 85 -67.15 -73.66 52.95
CA LEU PE 85 -66.62 -73.64 51.59
C LEU PE 85 -66.89 -74.94 50.84
N GLU PE 86 -66.99 -76.06 51.55
CA GLU PE 86 -67.17 -77.33 50.87
C GLU PE 86 -68.61 -77.54 50.42
N TYR PE 87 -69.54 -76.74 50.95
CA TYR PE 87 -70.93 -76.90 50.56
C TYR PE 87 -71.29 -75.95 49.42
N VAL PE 88 -70.43 -74.98 49.13
CA VAL PE 88 -70.68 -74.06 48.02
C VAL PE 88 -69.68 -74.29 46.90
N LEU PE 89 -68.42 -74.22 47.21
CA LEU PE 89 -67.38 -74.36 46.21
C LEU PE 89 -67.08 -75.83 45.96
N PRO PE 90 -66.70 -76.20 44.73
CA PRO PE 90 -66.37 -77.61 44.43
C PRO PE 90 -64.98 -78.02 44.90
N ILE PE 91 -64.77 -77.95 46.21
CA ILE PE 91 -63.54 -78.39 46.84
C ILE PE 91 -63.75 -79.57 47.77
N ARG PE 92 -64.94 -80.15 47.80
CA ARG PE 92 -65.25 -81.19 48.75
C ARG PE 92 -64.91 -82.56 48.20
N TYR PE 93 -64.76 -83.51 49.12
CA TYR PE 93 -64.58 -84.90 48.74
C TYR PE 93 -65.89 -85.47 48.19
N THR PE 94 -65.90 -85.79 46.91
CA THR PE 94 -67.02 -86.52 46.34
C THR PE 94 -66.89 -88.01 46.66
N GLU PE 95 -67.97 -88.75 46.40
CA GLU PE 95 -68.00 -90.16 46.77
C GLU PE 95 -67.10 -91.00 45.89
N GLU PE 96 -66.84 -90.54 44.67
CA GLU PE 96 -66.01 -91.30 43.73
C GLU PE 96 -64.53 -91.26 44.12
N VAL PE 97 -64.12 -90.26 44.89
CA VAL PE 97 -62.71 -90.07 45.22
C VAL PE 97 -62.41 -90.41 46.68
N GLU PE 98 -63.33 -91.08 47.38
CA GLU PE 98 -63.05 -91.46 48.75
C GLU PE 98 -62.16 -92.69 48.86
N GLN PE 99 -61.88 -93.37 47.75
CA GLN PE 99 -60.92 -94.47 47.78
C GLN PE 99 -59.49 -93.96 47.78
N PHE PE 100 -59.28 -92.69 47.43
CA PHE PE 100 -57.95 -92.11 47.37
C PHE PE 100 -57.63 -91.22 48.57
N ARG PE 101 -58.55 -91.09 49.52
CA ARG PE 101 -58.32 -90.22 50.67
C ARG PE 101 -57.40 -90.88 51.69
N ALA QE 2 -33.53 -107.74 25.53
CA ALA QE 2 -34.97 -107.98 25.59
C ALA QE 2 -35.69 -106.76 26.12
N VAL QE 3 -35.53 -106.54 27.42
CA VAL QE 3 -36.08 -105.35 28.06
C VAL QE 3 -35.16 -104.17 27.77
N ALA QE 4 -35.74 -103.04 27.37
CA ALA QE 4 -34.95 -101.86 27.01
C ALA QE 4 -34.26 -101.26 28.23
N VAL QE 5 -33.26 -100.44 27.97
CA VAL QE 5 -32.46 -99.82 29.03
C VAL QE 5 -32.36 -98.32 28.76
N GLY QE 6 -32.58 -97.52 29.78
CA GLY QE 6 -32.40 -96.08 29.69
C GLY QE 6 -31.51 -95.58 30.80
N MET QE 7 -30.69 -94.59 30.48
CA MET QE 7 -29.72 -94.05 31.42
C MET QE 7 -29.84 -92.53 31.43
N ILE QE 8 -29.82 -91.95 32.62
CA ILE QE 8 -29.68 -90.51 32.80
C ILE QE 8 -28.45 -90.28 33.67
N GLU QE 9 -27.47 -89.56 33.15
CA GLU QE 9 -26.30 -89.19 33.93
C GLU QE 9 -26.42 -87.73 34.36
N THR QE 10 -26.37 -87.50 35.67
CA THR QE 10 -26.41 -86.17 36.23
C THR QE 10 -25.10 -85.86 36.92
N LEU QE 11 -24.87 -84.58 37.15
CA LEU QE 11 -23.76 -84.10 37.98
C LEU QE 11 -24.33 -83.87 39.38
N GLY QE 12 -24.07 -84.80 40.28
CA GLY QE 12 -24.55 -84.68 41.63
C GLY QE 12 -25.55 -85.74 42.03
N PHE QE 13 -25.52 -86.13 43.31
CA PHE QE 13 -26.43 -87.13 43.85
C PHE QE 13 -27.85 -86.63 44.15
N PRO QE 14 -28.10 -85.39 44.64
CA PRO QE 14 -29.51 -84.94 44.71
C PRO QE 14 -30.20 -84.83 43.36
N ALA QE 15 -29.45 -84.56 42.29
CA ALA QE 15 -30.06 -84.49 40.97
C ALA QE 15 -30.38 -85.88 40.42
N VAL QE 16 -29.64 -86.89 40.86
CA VAL QE 16 -29.82 -88.22 40.27
C VAL QE 16 -30.93 -88.97 41.01
N VAL QE 17 -31.28 -88.53 42.22
CA VAL QE 17 -32.40 -89.15 42.93
C VAL QE 17 -33.71 -88.55 42.45
N GLU QE 18 -33.71 -87.25 42.15
CA GLU QE 18 -34.89 -86.63 41.54
C GLU QE 18 -35.10 -87.13 40.12
N ALA QE 19 -34.01 -87.40 39.40
CA ALA QE 19 -34.13 -88.01 38.08
C ALA QE 19 -34.66 -89.44 38.18
N ALA QE 20 -34.18 -90.21 39.16
CA ALA QE 20 -34.64 -91.59 39.30
C ALA QE 20 -36.07 -91.65 39.81
N ASP QE 21 -36.48 -90.68 40.64
CA ASP QE 21 -37.84 -90.68 41.15
C ASP QE 21 -38.83 -90.26 40.08
N ALA QE 22 -38.42 -89.35 39.18
CA ALA QE 22 -39.31 -88.92 38.11
C ALA QE 22 -39.45 -89.99 37.04
N MET QE 23 -38.47 -90.90 36.94
CA MET QE 23 -38.52 -91.93 35.92
C MET QE 23 -39.52 -93.01 36.27
N VAL QE 24 -39.48 -93.51 37.50
CA VAL QE 24 -40.33 -94.63 37.87
C VAL QE 24 -41.75 -94.18 38.18
N LYS QE 25 -41.97 -92.87 38.31
CA LYS QE 25 -43.32 -92.35 38.47
C LYS QE 25 -43.99 -92.11 37.13
N ALA QE 26 -43.21 -91.76 36.11
CA ALA QE 26 -43.78 -91.34 34.84
C ALA QE 26 -44.26 -92.53 34.02
N ALA QE 27 -43.57 -93.66 34.10
CA ALA QE 27 -43.88 -94.80 33.26
C ALA QE 27 -43.61 -96.09 34.00
N ARG QE 28 -43.91 -97.22 33.34
CA ARG QE 28 -43.74 -98.54 33.91
C ARG QE 28 -42.32 -99.04 33.64
N VAL QE 29 -41.37 -98.38 34.30
CA VAL QE 29 -39.97 -98.76 34.22
C VAL QE 29 -39.51 -99.18 35.61
N THR QE 30 -38.47 -100.00 35.64
CA THR QE 30 -37.87 -100.46 36.88
C THR QE 30 -36.48 -99.86 36.99
N LEU QE 31 -36.26 -99.04 38.00
CA LEU QE 31 -34.93 -98.59 38.36
C LEU QE 31 -34.15 -99.80 38.88
N VAL QE 32 -33.08 -100.17 38.18
CA VAL QE 32 -32.33 -101.36 38.52
C VAL QE 32 -30.90 -101.05 38.96
N GLY QE 33 -30.37 -99.90 38.61
CA GLY QE 33 -28.93 -99.70 38.73
C GLY QE 33 -28.60 -98.27 39.10
N TYR QE 34 -27.34 -98.07 39.48
CA TYR QE 34 -26.87 -96.83 40.05
C TYR QE 34 -25.35 -96.84 39.92
N GLU QE 35 -24.81 -95.94 39.10
CA GLU QE 35 -23.42 -96.02 38.69
C GLU QE 35 -22.71 -94.71 38.96
N LYS QE 36 -21.54 -94.80 39.59
CA LYS QE 36 -20.66 -93.66 39.83
C LYS QE 36 -19.36 -93.91 39.08
N ILE QE 37 -18.94 -92.93 38.28
CA ILE QE 37 -17.74 -93.08 37.46
C ILE QE 37 -16.70 -92.01 37.79
N GLY QE 38 -16.97 -91.14 38.75
CA GLY QE 38 -16.05 -90.08 39.11
C GLY QE 38 -16.47 -88.72 38.57
N THR QE 39 -15.82 -87.70 39.13
CA THR QE 39 -16.16 -86.27 38.97
C THR QE 39 -17.63 -85.95 39.17
N GLY QE 40 -18.29 -86.62 40.11
CA GLY QE 40 -19.69 -86.37 40.39
C GLY QE 40 -20.65 -86.84 39.33
N ARG QE 41 -20.18 -87.53 38.30
CA ARG QE 41 -21.03 -88.02 37.23
C ARG QE 41 -21.71 -89.30 37.71
N VAL QE 42 -23.00 -89.21 37.99
CA VAL QE 42 -23.77 -90.31 38.56
C VAL QE 42 -24.88 -90.68 37.60
N THR QE 43 -25.02 -91.98 37.32
CA THR QE 43 -25.97 -92.49 36.34
C THR QE 43 -26.95 -93.42 37.03
N VAL QE 44 -28.23 -93.27 36.73
CA VAL QE 44 -29.27 -94.22 37.11
C VAL QE 44 -29.74 -94.96 35.87
N ILE QE 45 -30.05 -96.24 36.04
CA ILE QE 45 -30.39 -97.14 34.95
C ILE QE 45 -31.79 -97.67 35.17
N VAL QE 46 -32.68 -97.46 34.21
CA VAL QE 46 -34.02 -97.99 34.26
C VAL QE 46 -34.18 -99.07 33.20
N ARG QE 47 -35.06 -100.03 33.47
CA ARG QE 47 -35.42 -101.07 32.52
C ARG QE 47 -36.92 -101.07 32.31
N GLY QE 48 -37.33 -101.20 31.06
CA GLY QE 48 -38.75 -101.32 30.76
C GLY QE 48 -38.92 -101.56 29.27
N ASP QE 49 -40.14 -101.37 28.80
CA ASP QE 49 -40.36 -101.27 27.37
C ASP QE 49 -39.74 -99.99 26.85
N VAL QE 50 -39.38 -99.99 25.57
CA VAL QE 50 -38.67 -98.85 24.99
C VAL QE 50 -39.57 -97.61 24.93
N SER QE 51 -40.88 -97.80 24.80
CA SER QE 51 -41.80 -96.67 24.87
C SER QE 51 -41.90 -96.12 26.29
N GLU QE 52 -41.89 -97.02 27.29
CA GLU QE 52 -41.91 -96.58 28.67
C GLU QE 52 -40.58 -95.98 29.10
N VAL QE 53 -39.49 -96.50 28.55
CA VAL QE 53 -38.16 -95.97 28.87
C VAL QE 53 -38.00 -94.57 28.27
N GLN QE 54 -38.56 -94.35 27.08
CA GLN QE 54 -38.48 -93.04 26.44
C GLN QE 54 -39.30 -92.00 27.17
N ALA QE 55 -40.45 -92.39 27.72
CA ALA QE 55 -41.28 -91.45 28.46
C ALA QE 55 -40.68 -91.14 29.83
N SER QE 56 -39.98 -92.10 30.43
CA SER QE 56 -39.38 -91.88 31.74
C SER QE 56 -38.11 -91.05 31.65
N VAL QE 57 -37.28 -91.29 30.63
CA VAL QE 57 -36.03 -90.57 30.47
C VAL QE 57 -36.30 -89.11 30.12
N SER QE 58 -37.35 -88.86 29.33
CA SER QE 58 -37.74 -87.49 29.02
C SER QE 58 -38.30 -86.78 30.25
N ALA QE 59 -38.95 -87.51 31.15
CA ALA QE 59 -39.48 -86.91 32.36
C ALA QE 59 -38.39 -86.73 33.42
N GLY QE 60 -37.44 -87.67 33.48
CA GLY QE 60 -36.35 -87.54 34.43
C GLY QE 60 -35.36 -86.46 34.06
N THR QE 61 -35.26 -86.15 32.77
CA THR QE 61 -34.39 -85.06 32.33
C THR QE 61 -34.96 -83.70 32.73
N GLU QE 62 -36.29 -83.55 32.62
CA GLU QE 62 -36.91 -82.27 32.93
C GLU QE 62 -37.00 -82.03 34.43
N SER QE 63 -36.91 -83.08 35.24
CA SER QE 63 -37.01 -82.92 36.68
C SER QE 63 -35.70 -82.48 37.32
N VAL QE 64 -34.58 -82.64 36.62
CA VAL QE 64 -33.30 -82.17 37.14
C VAL QE 64 -33.25 -80.64 37.07
N LYS QE 65 -34.00 -80.03 36.14
CA LYS QE 65 -34.05 -78.58 36.03
C LYS QE 65 -34.69 -77.90 37.24
N ARG QE 66 -35.47 -78.63 38.03
CA ARG QE 66 -36.00 -78.09 39.28
C ARG QE 66 -35.02 -78.25 40.45
N VAL QE 67 -34.01 -79.10 40.31
CA VAL QE 67 -32.96 -79.21 41.32
C VAL QE 67 -31.93 -78.12 41.06
N ASN QE 68 -31.71 -77.26 42.06
CA ASN QE 68 -30.69 -76.22 41.97
C ASN QE 68 -29.36 -76.81 42.43
N GLY QE 69 -28.41 -76.93 41.51
CA GLY QE 69 -27.12 -77.52 41.77
C GLY QE 69 -26.85 -78.80 41.02
N GLY QE 70 -27.78 -79.25 40.17
CA GLY QE 70 -27.56 -80.43 39.38
C GLY QE 70 -27.99 -80.20 37.94
N GLN QE 71 -27.33 -80.91 37.03
CA GLN QE 71 -27.62 -80.81 35.61
C GLN QE 71 -27.48 -82.18 34.98
N VAL QE 72 -28.25 -82.41 33.93
CA VAL QE 72 -28.18 -83.65 33.15
C VAL QE 72 -26.95 -83.55 32.25
N LEU QE 73 -26.04 -84.52 32.40
CA LEU QE 73 -24.85 -84.52 31.56
C LEU QE 73 -25.09 -85.31 30.27
N SER QE 74 -25.74 -86.46 30.39
CA SER QE 74 -25.95 -87.33 29.24
C SER QE 74 -27.15 -88.22 29.49
N THR QE 75 -27.92 -88.45 28.42
CA THR QE 75 -29.03 -89.39 28.45
C THR QE 75 -28.92 -90.30 27.25
N HIS QE 76 -29.34 -91.55 27.42
CA HIS QE 76 -29.37 -92.47 26.29
C HIS QE 76 -30.39 -93.58 26.56
N ILE QE 77 -30.95 -94.10 25.47
CA ILE QE 77 -31.95 -95.15 25.48
C ILE QE 77 -31.55 -96.19 24.44
N ILE QE 78 -31.51 -97.45 24.84
CA ILE QE 78 -31.27 -98.57 23.93
C ILE QE 78 -32.51 -99.45 23.91
N ALA QE 79 -33.06 -99.69 22.72
CA ALA QE 79 -34.35 -100.36 22.59
C ALA QE 79 -34.27 -101.83 22.99
N ARG QE 80 -33.14 -102.48 22.70
CA ARG QE 80 -32.93 -103.87 23.07
C ARG QE 80 -31.42 -104.06 23.19
N PRO QE 81 -30.88 -104.03 24.42
CA PRO QE 81 -29.45 -104.27 24.58
C PRO QE 81 -29.09 -105.72 24.30
N HIS QE 82 -27.85 -105.91 23.86
CA HIS QE 82 -27.31 -107.24 23.64
C HIS QE 82 -27.17 -107.96 24.97
N GLU QE 83 -27.26 -109.29 24.93
CA GLU QE 83 -27.19 -110.07 26.16
C GLU QE 83 -25.77 -110.14 26.71
N ASN QE 84 -24.78 -109.70 25.92
CA ASN QE 84 -23.42 -109.52 26.43
C ASN QE 84 -23.35 -108.40 27.47
N LEU QE 85 -24.23 -107.41 27.37
CA LEU QE 85 -24.11 -106.20 28.19
C LEU QE 85 -24.53 -106.42 29.63
N GLU QE 86 -25.45 -107.35 29.90
CA GLU QE 86 -25.91 -107.53 31.27
C GLU QE 86 -24.87 -108.23 32.13
N TYR QE 87 -23.93 -108.94 31.50
CA TYR QE 87 -22.91 -109.64 32.27
C TYR QE 87 -21.70 -108.75 32.54
N VAL QE 88 -21.51 -107.71 31.73
CA VAL QE 88 -20.38 -106.82 31.92
C VAL QE 88 -20.81 -105.51 32.57
N LEU QE 89 -21.89 -104.92 32.08
CA LEU QE 89 -22.34 -103.65 32.57
C LEU QE 89 -23.42 -103.83 33.64
N PRO QE 90 -23.49 -102.93 34.64
CA PRO QE 90 -24.52 -103.04 35.69
C PRO QE 90 -25.88 -102.50 35.25
N ILE QE 91 -26.45 -103.10 34.22
CA ILE QE 91 -27.76 -102.73 33.71
C ILE QE 91 -28.78 -103.83 33.88
N ARG QE 92 -28.42 -104.93 34.53
CA ARG QE 92 -29.31 -106.07 34.65
C ARG QE 92 -30.22 -105.92 35.87
N TYR QE 93 -31.29 -106.72 35.86
CA TYR QE 93 -32.18 -106.78 37.01
C TYR QE 93 -31.50 -107.49 38.16
N THR QE 94 -31.37 -106.80 39.29
CA THR QE 94 -30.90 -107.45 40.50
C THR QE 94 -32.07 -108.16 41.17
N GLU QE 95 -31.74 -108.98 42.17
CA GLU QE 95 -32.78 -109.75 42.84
C GLU QE 95 -33.60 -108.90 43.81
N GLU QE 96 -33.10 -107.71 44.15
CA GLU QE 96 -33.83 -106.85 45.07
C GLU QE 96 -34.94 -106.07 44.36
N VAL QE 97 -34.85 -105.94 43.04
CA VAL QE 97 -35.77 -105.10 42.28
C VAL QE 97 -36.72 -105.93 41.44
N GLU QE 98 -36.81 -107.25 41.68
CA GLU QE 98 -37.69 -108.10 40.89
C GLU QE 98 -39.16 -107.92 41.26
N GLN QE 99 -39.45 -107.27 42.39
CA GLN QE 99 -40.84 -107.01 42.75
C GLN QE 99 -41.43 -105.87 41.92
N PHE QE 100 -40.59 -105.04 41.31
CA PHE QE 100 -41.03 -103.90 40.53
C PHE QE 100 -41.06 -104.18 39.04
N ARG QE 101 -40.67 -105.38 38.61
CA ARG QE 101 -40.61 -105.70 37.19
C ARG QE 101 -41.99 -105.93 36.58
N MET RE 1 -46.93 -94.66 -9.60
CA MET RE 1 -47.74 -94.95 -8.42
C MET RE 1 -48.34 -96.34 -8.47
N GLN RE 2 -48.63 -96.87 -7.30
CA GLN RE 2 -49.31 -98.16 -7.16
C GLN RE 2 -50.57 -97.97 -6.34
N MET RE 3 -51.57 -98.78 -6.64
CA MET RE 3 -52.78 -98.83 -5.82
C MET RE 3 -52.55 -99.79 -4.67
N ALA RE 4 -52.92 -99.36 -3.47
CA ALA RE 4 -52.69 -100.16 -2.28
C ALA RE 4 -53.88 -100.01 -1.34
N LYS RE 5 -54.07 -101.04 -0.52
CA LYS RE 5 -55.09 -101.05 0.52
C LYS RE 5 -54.42 -100.90 1.88
N VAL RE 6 -54.93 -100.00 2.71
CA VAL RE 6 -54.39 -99.78 4.04
C VAL RE 6 -54.79 -100.97 4.90
N CYS RE 7 -53.80 -101.77 5.29
CA CYS RE 7 -54.09 -102.93 6.13
C CYS RE 7 -53.76 -102.67 7.60
N GLY RE 8 -52.93 -101.66 7.88
CA GLY RE 8 -52.67 -101.36 9.26
C GLY RE 8 -51.64 -100.27 9.44
N THR RE 9 -51.11 -100.20 10.66
CA THR RE 9 -50.17 -99.17 11.07
C THR RE 9 -48.91 -99.81 11.62
N VAL RE 10 -47.78 -99.12 11.45
CA VAL RE 10 -46.50 -99.54 12.01
C VAL RE 10 -46.01 -98.40 12.90
N VAL RE 11 -45.71 -98.73 14.16
CA VAL RE 11 -45.23 -97.76 15.12
C VAL RE 11 -43.81 -98.14 15.51
N GLY RE 12 -42.89 -97.19 15.37
CA GLY RE 12 -41.53 -97.37 15.86
C GLY RE 12 -41.14 -96.28 16.82
N THR RE 13 -40.60 -96.65 17.98
CA THR RE 13 -40.22 -95.63 18.96
C THR RE 13 -38.77 -95.19 18.82
N GLN RE 14 -37.82 -96.10 18.63
CA GLN RE 14 -36.47 -95.72 18.24
C GLN RE 14 -36.39 -95.64 16.73
N LYS RE 15 -36.18 -94.42 16.24
CA LYS RE 15 -36.10 -94.15 14.83
C LYS RE 15 -35.09 -93.02 14.65
N LEU RE 16 -34.93 -92.57 13.42
CA LEU RE 16 -34.15 -91.38 13.19
C LEU RE 16 -34.93 -90.16 13.67
N PRO RE 17 -34.24 -89.10 14.10
CA PRO RE 17 -34.97 -87.88 14.54
C PRO RE 17 -35.74 -87.21 13.42
N SER RE 18 -35.32 -87.40 12.17
CA SER RE 18 -36.08 -86.89 11.03
C SER RE 18 -37.27 -87.78 10.70
N MET RE 19 -37.37 -88.96 11.31
CA MET RE 19 -38.55 -89.80 11.16
C MET RE 19 -39.62 -89.50 12.20
N THR RE 20 -39.44 -88.47 13.00
CA THR RE 20 -40.39 -88.14 14.06
C THR RE 20 -41.57 -87.36 13.49
N GLY RE 21 -42.78 -87.81 13.80
CA GLY RE 21 -43.98 -87.19 13.30
C GLY RE 21 -44.52 -87.81 12.02
N VAL RE 22 -43.77 -88.72 11.41
CA VAL RE 22 -44.18 -89.40 10.19
C VAL RE 22 -45.12 -90.53 10.56
N LYS RE 23 -46.35 -90.47 10.07
CA LYS RE 23 -47.32 -91.54 10.28
C LYS RE 23 -47.05 -92.66 9.28
N LEU RE 24 -46.91 -93.87 9.77
CA LEU RE 24 -46.50 -95.01 8.96
C LEU RE 24 -47.67 -95.98 8.82
N LEU RE 25 -48.08 -96.23 7.59
CA LEU RE 25 -49.16 -97.15 7.27
C LEU RE 25 -48.61 -98.39 6.60
N LEU RE 26 -49.16 -99.54 6.98
CA LEU RE 26 -48.87 -100.81 6.33
C LEU RE 26 -49.88 -100.97 5.20
N LEU RE 27 -49.42 -100.84 3.97
CA LEU RE 27 -50.27 -100.92 2.79
C LEU RE 27 -49.96 -102.19 2.02
N GLN RE 28 -51.00 -102.98 1.74
CA GLN RE 28 -50.86 -104.13 0.86
C GLN RE 28 -51.26 -103.72 -0.55
N PHE RE 29 -50.44 -104.10 -1.52
CA PHE RE 29 -50.71 -103.74 -2.91
C PHE RE 29 -51.86 -104.56 -3.47
N ILE RE 30 -52.72 -103.90 -4.22
CA ILE RE 30 -53.84 -104.53 -4.92
C ILE RE 30 -53.52 -104.47 -6.41
N ASP RE 31 -54.09 -105.40 -7.17
CA ASP RE 31 -53.79 -105.44 -8.60
C ASP RE 31 -54.70 -104.50 -9.38
N ALA RE 32 -54.67 -104.61 -10.70
CA ALA RE 32 -55.55 -103.80 -11.54
C ALA RE 32 -56.98 -104.32 -11.50
N ASN RE 33 -57.19 -105.56 -11.04
CA ASN RE 33 -58.53 -106.11 -10.95
C ASN RE 33 -59.15 -105.88 -9.56
N GLY RE 34 -58.33 -105.48 -8.59
CA GLY RE 34 -58.81 -105.22 -7.25
C GLY RE 34 -58.50 -106.29 -6.22
N GLU RE 35 -57.79 -107.35 -6.60
CA GLU RE 35 -57.43 -108.42 -5.68
C GLU RE 35 -56.12 -108.08 -4.98
N LEU RE 36 -55.97 -108.57 -3.75
CA LEU RE 36 -54.78 -108.28 -2.96
C LEU RE 36 -53.58 -109.06 -3.47
N LEU RE 37 -52.50 -108.36 -3.76
CA LEU RE 37 -51.25 -108.99 -4.14
C LEU RE 37 -50.45 -109.40 -2.91
N PRO RE 38 -49.63 -110.44 -2.99
CA PRO RE 38 -48.74 -110.79 -1.86
C PRO RE 38 -47.50 -109.91 -1.81
N LYS RE 39 -47.71 -108.61 -1.64
CA LYS RE 39 -46.65 -107.61 -1.61
C LYS RE 39 -47.17 -106.42 -0.83
N TYR RE 40 -46.32 -105.84 -0.01
CA TYR RE 40 -46.71 -104.75 0.88
C TYR RE 40 -45.72 -103.60 0.79
N GLU RE 41 -46.02 -102.56 1.56
CA GLU RE 41 -45.16 -101.39 1.69
C GLU RE 41 -45.49 -100.72 3.01
N VAL RE 42 -44.52 -100.02 3.56
CA VAL RE 42 -44.73 -99.11 4.68
C VAL RE 42 -44.47 -97.70 4.16
N ALA RE 43 -45.49 -96.85 4.20
CA ALA RE 43 -45.42 -95.55 3.57
C ALA RE 43 -45.79 -94.45 4.55
N ALA RE 44 -45.23 -93.27 4.32
CA ALA RE 44 -45.68 -92.06 4.99
C ALA RE 44 -47.07 -91.68 4.51
N ASP RE 45 -47.82 -91.01 5.37
CA ASP RE 45 -49.22 -90.71 5.11
C ASP RE 45 -49.52 -89.25 5.44
N PRO RE 46 -49.27 -88.33 4.50
CA PRO RE 46 -49.74 -86.95 4.70
C PRO RE 46 -51.22 -86.79 4.45
N VAL RE 47 -51.75 -87.52 3.47
CA VAL RE 47 -53.17 -87.55 3.17
C VAL RE 47 -53.81 -88.57 4.10
N GLY RE 48 -54.60 -88.10 5.06
CA GLY RE 48 -55.00 -88.93 6.18
C GLY RE 48 -55.92 -90.06 5.78
N ALA RE 49 -55.40 -91.29 5.78
CA ALA RE 49 -56.12 -92.47 5.29
C ALA RE 49 -56.21 -93.49 6.40
N GLY RE 50 -57.39 -94.09 6.54
CA GLY RE 50 -57.65 -95.08 7.56
C GLY RE 50 -57.64 -96.49 7.02
N LEU RE 51 -57.95 -97.43 7.90
CA LEU RE 51 -57.83 -98.84 7.59
C LEU RE 51 -58.93 -99.28 6.62
N GLY RE 52 -58.51 -99.95 5.55
CA GLY RE 52 -59.42 -100.40 4.51
C GLY RE 52 -59.49 -99.50 3.30
N GLU RE 53 -58.89 -98.31 3.37
CA GLU RE 53 -58.95 -97.34 2.29
C GLU RE 53 -58.04 -97.76 1.13
N TRP RE 54 -58.47 -97.40 -0.07
CA TRP RE 54 -57.66 -97.55 -1.27
C TRP RE 54 -56.85 -96.29 -1.49
N VAL RE 55 -55.53 -96.43 -1.59
CA VAL RE 55 -54.64 -95.28 -1.70
C VAL RE 55 -53.74 -95.47 -2.91
N LEU RE 56 -53.20 -94.34 -3.37
CA LEU RE 56 -52.09 -94.33 -4.32
C LEU RE 56 -50.81 -94.04 -3.54
N VAL RE 57 -49.81 -94.90 -3.72
CA VAL RE 57 -48.53 -94.77 -3.04
C VAL RE 57 -47.43 -94.69 -4.08
N ASN RE 58 -46.55 -93.70 -3.92
CA ASN RE 58 -45.43 -93.57 -4.84
C ASN RE 58 -44.22 -94.29 -4.26
N ARG RE 59 -43.12 -94.30 -5.00
CA ARG RE 59 -41.93 -95.02 -4.61
C ARG RE 59 -40.73 -94.15 -4.87
N GLY RE 60 -39.69 -94.34 -4.05
CA GLY RE 60 -38.42 -93.69 -4.30
C GLY RE 60 -38.35 -92.24 -3.84
N SER RE 61 -37.68 -91.40 -4.63
CA SER RE 61 -37.44 -90.02 -4.24
C SER RE 61 -38.64 -89.12 -4.47
N ALA RE 62 -39.72 -89.65 -5.02
CA ALA RE 62 -40.97 -88.89 -5.13
C ALA RE 62 -41.65 -88.73 -3.79
N ALA RE 63 -41.32 -89.57 -2.81
CA ALA RE 63 -41.84 -89.44 -1.45
C ALA RE 63 -41.27 -88.23 -0.73
N ARG RE 64 -40.17 -87.66 -1.22
CA ARG RE 64 -39.52 -86.52 -0.58
C ARG RE 64 -39.82 -85.21 -1.29
N GLN RE 65 -40.97 -85.09 -1.94
CA GLN RE 65 -41.33 -83.91 -2.69
C GLN RE 65 -42.40 -83.06 -2.03
N THR RE 66 -42.75 -83.36 -0.78
CA THR RE 66 -43.97 -82.84 -0.16
C THR RE 66 -43.65 -81.60 0.68
N GLU RE 67 -42.42 -81.10 0.57
CA GLU RE 67 -41.82 -79.90 1.18
C GLU RE 67 -41.77 -79.95 2.72
N TYR RE 68 -42.30 -81.01 3.33
CA TYR RE 68 -41.98 -81.35 4.71
C TYR RE 68 -41.43 -82.77 4.83
N HIS RE 69 -41.29 -83.47 3.70
CA HIS RE 69 -40.65 -84.78 3.63
C HIS RE 69 -39.30 -84.71 2.93
N GLN RE 70 -38.75 -83.50 2.77
CA GLN RE 70 -37.68 -83.28 1.81
C GLN RE 70 -36.36 -83.90 2.25
N ASN RE 71 -36.00 -83.73 3.51
CA ASN RE 71 -34.74 -84.27 4.03
C ASN RE 71 -34.99 -85.47 4.92
N ARG RE 72 -36.15 -86.09 4.79
CA ARG RE 72 -36.60 -87.26 5.53
C ARG RE 72 -36.28 -88.53 4.77
N PRO RE 73 -35.82 -89.58 5.44
CA PRO RE 73 -35.47 -90.84 4.76
C PRO RE 73 -36.69 -91.68 4.41
N LEU RE 74 -37.47 -91.19 3.45
CA LEU RE 74 -38.72 -91.83 3.05
C LEU RE 74 -38.62 -92.24 1.59
N ASP RE 75 -38.98 -93.49 1.30
CA ASP RE 75 -38.98 -93.99 -0.07
C ASP RE 75 -40.37 -94.43 -0.52
N ALA RE 76 -41.40 -94.16 0.29
CA ALA RE 76 -42.76 -94.51 -0.05
C ALA RE 76 -43.70 -93.56 0.68
N MET RE 77 -44.76 -93.13 0.01
CA MET RE 77 -45.65 -92.13 0.58
C MET RE 77 -47.02 -92.24 -0.07
N VAL RE 78 -48.07 -92.21 0.74
CA VAL RE 78 -49.42 -92.10 0.20
C VAL RE 78 -49.61 -90.71 -0.39
N VAL RE 79 -49.90 -90.64 -1.68
CA VAL RE 79 -50.10 -89.36 -2.34
C VAL RE 79 -51.56 -89.01 -2.52
N ALA RE 80 -52.45 -90.00 -2.51
CA ALA RE 80 -53.86 -89.76 -2.82
C ALA RE 80 -54.69 -90.87 -2.22
N ILE RE 81 -55.87 -90.50 -1.73
CA ILE RE 81 -56.90 -91.46 -1.39
C ILE RE 81 -57.74 -91.67 -2.64
N ILE RE 82 -57.86 -92.92 -3.06
CA ILE RE 82 -58.57 -93.24 -4.29
C ILE RE 82 -60.06 -93.08 -4.05
N ASP RE 83 -60.70 -92.25 -4.88
CA ASP RE 83 -62.15 -92.14 -4.83
C ASP RE 83 -62.80 -93.17 -5.75
N THR RE 84 -62.42 -93.20 -7.02
CA THR RE 84 -62.98 -94.19 -7.93
C THR RE 84 -61.91 -94.67 -8.92
N VAL RE 85 -62.04 -95.92 -9.33
CA VAL RE 85 -61.22 -96.54 -10.37
C VAL RE 85 -62.14 -97.04 -11.46
N THR RE 86 -61.95 -96.54 -12.67
CA THR RE 86 -62.68 -96.99 -13.85
C THR RE 86 -61.74 -97.82 -14.69
N VAL RE 87 -62.15 -99.05 -15.03
CA VAL RE 87 -61.38 -99.94 -15.89
C VAL RE 87 -62.26 -100.33 -17.06
N ASN RE 88 -61.81 -99.97 -18.28
CA ASN RE 88 -62.52 -100.25 -19.55
C ASN RE 88 -63.93 -99.67 -19.54
N ASN RE 89 -64.03 -98.40 -19.11
CA ASN RE 89 -65.24 -97.61 -18.92
C ASN RE 89 -66.22 -98.23 -17.92
N ARG RE 90 -65.76 -99.16 -17.09
CA ARG RE 90 -66.57 -99.78 -16.05
C ARG RE 90 -65.96 -99.43 -14.70
N ARG RE 91 -66.80 -98.98 -13.77
CA ARG RE 91 -66.33 -98.59 -12.45
C ARG RE 91 -65.92 -99.82 -11.64
N LEU RE 92 -64.67 -99.87 -11.23
CA LEU RE 92 -64.13 -100.94 -10.40
C LEU RE 92 -64.25 -100.65 -8.92
N TYR RE 93 -64.05 -99.39 -8.51
CA TYR RE 93 -64.03 -99.00 -7.11
C TYR RE 93 -64.82 -97.71 -6.97
N GLY RE 94 -65.47 -97.54 -5.82
CA GLY RE 94 -66.23 -96.33 -5.55
C GLY RE 94 -67.68 -96.46 -5.93
N ALA SE 2 -60.67 -17.22 95.71
CA ALA SE 2 -62.03 -16.71 95.87
C ALA SE 2 -62.81 -16.84 94.58
N VAL SE 3 -63.88 -16.04 94.47
CA VAL SE 3 -64.69 -15.99 93.26
C VAL SE 3 -63.86 -15.37 92.14
N ALA SE 4 -64.03 -15.87 90.91
CA ALA SE 4 -63.16 -15.51 89.80
C ALA SE 4 -63.31 -14.04 89.41
N VAL SE 5 -62.22 -13.46 88.93
CA VAL SE 5 -62.15 -12.05 88.58
C VAL SE 5 -61.70 -11.93 87.13
N GLY SE 6 -62.41 -11.11 86.36
CA GLY SE 6 -62.03 -10.82 84.99
C GLY SE 6 -61.83 -9.33 84.79
N MET SE 7 -60.84 -8.98 83.99
CA MET SE 7 -60.48 -7.59 83.75
C MET SE 7 -60.37 -7.37 82.26
N ILE SE 8 -60.92 -6.26 81.78
CA ILE SE 8 -60.70 -5.79 80.41
C ILE SE 8 -60.19 -4.37 80.51
N GLU SE 9 -58.97 -4.15 80.01
CA GLU SE 9 -58.38 -2.82 79.96
C GLU SE 9 -58.49 -2.28 78.54
N THR SE 10 -59.14 -1.13 78.41
CA THR SE 10 -59.28 -0.47 77.12
C THR SE 10 -58.64 0.90 77.16
N LEU SE 11 -58.32 1.41 75.98
CA LEU SE 11 -57.86 2.78 75.80
C LEU SE 11 -59.07 3.62 75.43
N GLY SE 12 -59.65 4.28 76.42
CA GLY SE 12 -60.83 5.10 76.17
C GLY SE 12 -62.03 4.72 77.01
N PHE SE 13 -62.82 5.72 77.40
CA PHE SE 13 -64.02 5.53 78.20
C PHE SE 13 -65.26 5.02 77.45
N PRO SE 14 -65.54 5.40 76.18
CA PRO SE 14 -66.63 4.70 75.48
C PRO SE 14 -66.35 3.22 75.24
N ALA SE 15 -65.08 2.83 75.11
CA ALA SE 15 -64.77 1.43 74.91
C ALA SE 15 -64.89 0.64 76.21
N VAL SE 16 -64.71 1.30 77.36
CA VAL SE 16 -64.73 0.56 78.61
C VAL SE 16 -66.16 0.41 79.12
N VAL SE 17 -67.08 1.28 78.67
CA VAL SE 17 -68.48 1.13 79.04
C VAL SE 17 -69.12 0.06 78.17
N GLU SE 18 -68.71 -0.03 76.90
CA GLU SE 18 -69.14 -1.14 76.06
C GLU SE 18 -68.55 -2.47 76.53
N ALA SE 19 -67.31 -2.44 77.03
CA ALA SE 19 -66.74 -3.64 77.65
C ALA SE 19 -67.50 -4.03 78.91
N ALA SE 20 -67.85 -3.04 79.75
CA ALA SE 20 -68.59 -3.34 80.98
C ALA SE 20 -70.02 -3.78 80.68
N ASP SE 21 -70.63 -3.21 79.63
CA ASP SE 21 -72.01 -3.55 79.31
C ASP SE 21 -72.11 -4.92 78.65
N ALA SE 22 -71.16 -5.27 77.78
CA ALA SE 22 -71.22 -6.55 77.11
C ALA SE 22 -70.82 -7.69 78.03
N MET SE 23 -70.07 -7.39 79.09
CA MET SE 23 -69.67 -8.43 80.02
C MET SE 23 -70.84 -8.88 80.88
N VAL SE 24 -71.63 -7.93 81.39
CA VAL SE 24 -72.72 -8.32 82.26
C VAL SE 24 -73.95 -8.72 81.46
N LYS SE 25 -73.92 -8.55 80.14
CA LYS SE 25 -75.03 -8.99 79.31
C LYS SE 25 -74.75 -10.36 78.69
N ALA SE 26 -73.48 -10.75 78.58
CA ALA SE 26 -73.16 -12.04 77.97
C ALA SE 26 -73.32 -13.18 78.96
N ALA SE 27 -73.06 -12.93 80.23
CA ALA SE 27 -73.07 -13.98 81.24
C ALA SE 27 -73.48 -13.40 82.58
N ARG SE 28 -73.57 -14.28 83.57
CA ARG SE 28 -74.01 -13.93 84.92
C ARG SE 28 -72.79 -13.52 85.74
N VAL SE 29 -72.30 -12.31 85.48
CA VAL SE 29 -71.19 -11.74 86.22
C VAL SE 29 -71.66 -10.47 86.90
N THR SE 30 -70.88 -10.01 87.86
CA THR SE 30 -71.14 -8.77 88.56
C THR SE 30 -70.01 -7.79 88.29
N LEU SE 31 -70.31 -6.71 87.57
CA LEU SE 31 -69.37 -5.61 87.42
C LEU SE 31 -69.19 -4.94 88.77
N VAL SE 32 -67.99 -5.01 89.33
CA VAL SE 32 -67.72 -4.50 90.66
C VAL SE 32 -66.78 -3.30 90.65
N GLY SE 33 -66.02 -3.11 89.59
CA GLY SE 33 -64.88 -2.22 89.65
C GLY SE 33 -64.71 -1.44 88.37
N TYR SE 34 -64.02 -0.32 88.49
CA TYR SE 34 -63.77 0.60 87.38
C TYR SE 34 -62.51 1.36 87.75
N GLU SE 35 -61.42 1.07 87.03
CA GLU SE 35 -60.08 1.45 87.47
C GLU SE 35 -59.39 2.30 86.43
N LYS SE 36 -58.98 3.49 86.85
CA LYS SE 36 -58.21 4.42 86.02
C LYS SE 36 -56.78 4.46 86.53
N ILE SE 37 -55.83 4.19 85.64
CA ILE SE 37 -54.41 4.18 86.00
C ILE SE 37 -53.62 5.20 85.20
N GLY SE 38 -54.29 6.08 84.48
CA GLY SE 38 -53.62 7.10 83.69
C GLY SE 38 -53.41 6.68 82.24
N THR SE 39 -53.03 7.66 81.44
CA THR SE 39 -52.92 7.60 79.97
C THR SE 39 -54.14 7.01 79.28
N GLY SE 40 -55.34 7.23 79.83
CA GLY SE 40 -56.54 6.71 79.22
C GLY SE 40 -56.75 5.22 79.37
N ARG SE 41 -55.87 4.52 80.08
CA ARG SE 41 -56.01 3.09 80.31
C ARG SE 41 -57.04 2.87 81.40
N VAL SE 42 -58.20 2.37 81.01
CA VAL SE 42 -59.33 2.17 81.92
C VAL SE 42 -59.65 0.69 81.98
N THR SE 43 -59.82 0.17 83.19
CA THR SE 43 -60.06 -1.25 83.42
C THR SE 43 -61.34 -1.42 84.20
N VAL SE 44 -62.28 -2.20 83.66
CA VAL SE 44 -63.45 -2.66 84.38
C VAL SE 44 -63.19 -4.06 84.90
N ILE SE 45 -63.72 -4.35 86.08
CA ILE SE 45 -63.46 -5.58 86.80
C ILE SE 45 -64.80 -6.26 87.08
N VAL SE 46 -64.94 -7.50 86.63
CA VAL SE 46 -66.14 -8.28 86.90
C VAL SE 46 -65.78 -9.44 87.80
N ARG SE 47 -66.76 -9.88 88.59
CA ARG SE 47 -66.65 -11.07 89.42
C ARG SE 47 -67.74 -12.05 89.04
N GLY SE 48 -67.48 -13.33 89.29
CA GLY SE 48 -68.47 -14.35 89.01
C GLY SE 48 -67.81 -15.70 88.92
N ASP SE 49 -68.60 -16.70 88.53
CA ASP SE 49 -68.07 -18.03 88.32
C ASP SE 49 -67.16 -18.04 87.09
N VAL SE 50 -66.31 -19.09 87.01
CA VAL SE 50 -65.28 -19.15 85.99
C VAL SE 50 -65.90 -19.34 84.61
N SER SE 51 -67.00 -20.09 84.53
CA SER SE 51 -67.73 -20.20 83.27
C SER SE 51 -68.37 -18.88 82.87
N GLU SE 52 -68.82 -18.10 83.86
CA GLU SE 52 -69.43 -16.82 83.57
C GLU SE 52 -68.37 -15.80 83.15
N VAL SE 53 -67.24 -15.78 83.85
CA VAL SE 53 -66.23 -14.75 83.62
C VAL SE 53 -65.51 -14.99 82.29
N GLN SE 54 -65.24 -16.26 81.95
CA GLN SE 54 -64.60 -16.58 80.68
C GLN SE 54 -65.50 -16.23 79.50
N ALA SE 55 -66.81 -16.42 79.64
CA ALA SE 55 -67.73 -16.06 78.58
C ALA SE 55 -67.88 -14.54 78.46
N SER SE 56 -67.81 -13.83 79.60
CA SER SE 56 -68.02 -12.39 79.59
C SER SE 56 -66.81 -11.65 79.03
N VAL SE 57 -65.61 -12.06 79.43
CA VAL SE 57 -64.39 -11.40 78.99
C VAL SE 57 -64.16 -11.64 77.50
N SER SE 58 -64.47 -12.84 77.02
CA SER SE 58 -64.29 -13.15 75.61
C SER SE 58 -65.32 -12.43 74.74
N ALA SE 59 -66.53 -12.25 75.26
CA ALA SE 59 -67.54 -11.50 74.52
C ALA SE 59 -67.36 -10.00 74.70
N GLY SE 60 -66.82 -9.58 75.84
CA GLY SE 60 -66.52 -8.18 76.04
C GLY SE 60 -65.35 -7.70 75.22
N THR SE 61 -64.42 -8.60 74.87
CA THR SE 61 -63.27 -8.22 74.06
C THR SE 61 -63.67 -8.02 72.60
N GLU SE 62 -64.58 -8.85 72.10
CA GLU SE 62 -65.03 -8.74 70.72
C GLU SE 62 -65.94 -7.53 70.53
N SER SE 63 -66.67 -7.14 71.57
CA SER SE 63 -67.61 -6.03 71.44
C SER SE 63 -66.92 -4.68 71.41
N VAL SE 64 -65.74 -4.57 72.04
CA VAL SE 64 -64.97 -3.32 71.99
C VAL SE 64 -64.46 -3.01 70.59
N LYS SE 65 -64.13 -4.04 69.81
CA LYS SE 65 -63.74 -3.82 68.41
C LYS SE 65 -64.97 -3.79 67.50
N ARG SE 66 -65.98 -3.03 67.92
CA ARG SE 66 -67.14 -2.65 67.15
C ARG SE 66 -67.44 -1.21 67.51
N VAL SE 67 -66.60 -0.64 68.37
CA VAL SE 67 -66.65 0.77 68.76
C VAL SE 67 -65.58 1.50 67.96
N ASN SE 68 -65.95 2.65 67.39
CA ASN SE 68 -64.97 3.45 66.68
C ASN SE 68 -64.06 4.14 67.69
N GLY SE 69 -62.76 4.00 67.50
CA GLY SE 69 -61.81 4.51 68.48
C GLY SE 69 -61.66 3.63 69.69
N GLY SE 70 -62.22 2.44 69.68
CA GLY SE 70 -62.12 1.51 70.79
C GLY SE 70 -60.99 0.52 70.56
N GLN SE 71 -60.19 0.31 71.60
CA GLN SE 71 -59.03 -0.55 71.52
C GLN SE 71 -58.85 -1.29 72.84
N VAL SE 72 -58.78 -2.61 72.76
CA VAL SE 72 -58.51 -3.44 73.94
C VAL SE 72 -57.01 -3.45 74.16
N LEU SE 73 -56.57 -3.04 75.35
CA LEU SE 73 -55.15 -3.09 75.67
C LEU SE 73 -54.76 -4.44 76.26
N SER SE 74 -55.49 -4.89 77.27
CA SER SE 74 -55.16 -6.13 77.94
C SER SE 74 -56.38 -6.71 78.62
N THR SE 75 -56.54 -8.02 78.50
CA THR SE 75 -57.60 -8.77 79.16
C THR SE 75 -56.97 -9.88 79.98
N HIS SE 76 -57.61 -10.22 81.10
CA HIS SE 76 -57.16 -11.37 81.88
C HIS SE 76 -58.32 -11.91 82.70
N ILE SE 77 -58.26 -13.21 82.98
CA ILE SE 77 -59.17 -13.90 83.88
C ILE SE 77 -58.34 -14.63 84.91
N ILE SE 78 -58.61 -14.39 86.18
CA ILE SE 78 -58.03 -15.16 87.28
C ILE SE 78 -59.14 -15.99 87.90
N ALA SE 79 -59.07 -17.31 87.70
CA ALA SE 79 -60.17 -18.19 88.04
C ALA SE 79 -60.32 -18.35 89.55
N ARG SE 80 -59.22 -18.28 90.29
CA ARG SE 80 -59.25 -18.46 91.73
C ARG SE 80 -58.26 -17.49 92.35
N PRO SE 81 -58.66 -16.24 92.56
CA PRO SE 81 -57.75 -15.28 93.17
C PRO SE 81 -57.58 -15.53 94.65
N HIS SE 82 -56.38 -15.23 95.13
CA HIS SE 82 -56.08 -15.33 96.55
C HIS SE 82 -56.90 -14.32 97.34
N GLU SE 83 -57.23 -14.68 98.58
CA GLU SE 83 -58.02 -13.79 99.43
C GLU SE 83 -57.24 -12.59 99.92
N ASN SE 84 -55.93 -12.54 99.69
CA ASN SE 84 -55.13 -11.35 99.95
C ASN SE 84 -55.46 -10.22 98.98
N LEU SE 85 -55.89 -10.55 97.77
CA LEU SE 85 -55.98 -9.56 96.70
C LEU SE 85 -57.20 -8.65 96.86
N GLU SE 86 -58.26 -9.12 97.49
CA GLU SE 86 -59.46 -8.30 97.63
C GLU SE 86 -59.26 -7.15 98.60
N TYR SE 87 -58.32 -7.31 99.54
CA TYR SE 87 -58.08 -6.26 100.53
C TYR SE 87 -57.11 -5.21 100.00
N VAL SE 88 -56.34 -5.55 98.98
CA VAL SE 88 -55.35 -4.61 98.45
C VAL SE 88 -55.81 -4.03 97.12
N LEU SE 89 -56.25 -4.87 96.23
CA LEU SE 89 -56.66 -4.45 94.91
C LEU SE 89 -58.15 -4.16 94.86
N PRO SE 90 -58.59 -3.19 94.05
CA PRO SE 90 -60.02 -2.87 93.95
C PRO SE 90 -60.80 -3.84 93.07
N ILE SE 91 -60.81 -5.11 93.47
CA ILE SE 91 -61.55 -6.16 92.77
C ILE SE 91 -62.65 -6.76 93.63
N ARG SE 92 -62.95 -6.17 94.77
CA ARG SE 92 -63.87 -6.79 95.72
C ARG SE 92 -65.29 -6.30 95.50
N TYR SE 93 -66.24 -7.05 96.04
CA TYR SE 93 -67.64 -6.65 96.02
C TYR SE 93 -67.87 -5.48 96.97
N THR SE 94 -68.28 -4.35 96.42
CA THR SE 94 -68.71 -3.22 97.23
C THR SE 94 -70.22 -3.29 97.47
N GLU SE 95 -70.71 -2.43 98.36
CA GLU SE 95 -72.08 -2.58 98.85
C GLU SE 95 -73.11 -2.10 97.83
N GLU SE 96 -72.71 -1.33 96.83
CA GLU SE 96 -73.66 -0.90 95.81
C GLU SE 96 -73.99 -2.02 94.84
N VAL SE 97 -73.11 -3.01 94.72
CA VAL SE 97 -73.28 -4.08 93.73
C VAL SE 97 -73.55 -5.43 94.41
N GLU SE 98 -74.00 -5.43 95.66
CA GLU SE 98 -74.35 -6.69 96.30
C GLU SE 98 -75.72 -7.20 95.87
N GLN SE 99 -76.51 -6.38 95.20
CA GLN SE 99 -77.80 -6.84 94.69
C GLN SE 99 -77.63 -7.67 93.42
N PHE SE 100 -76.51 -7.52 92.73
CA PHE SE 100 -76.27 -8.25 91.48
C PHE SE 100 -75.47 -9.52 91.67
N ARG SE 101 -75.00 -9.82 92.87
CA ARG SE 101 -74.20 -11.01 93.10
C ARG SE 101 -75.06 -12.27 93.10
N ALA TE 2 -35.74 -4.46 107.99
CA ALA TE 2 -37.05 -5.01 108.36
C ALA TE 2 -37.37 -6.24 107.51
N VAL TE 3 -38.65 -6.60 107.49
CA VAL TE 3 -39.14 -7.66 106.61
C VAL TE 3 -39.00 -7.22 105.17
N ALA TE 4 -38.53 -8.12 104.30
CA ALA TE 4 -38.12 -7.76 102.95
C ALA TE 4 -39.28 -7.27 102.09
N VAL TE 5 -38.96 -6.43 101.11
CA VAL TE 5 -39.94 -5.81 100.22
C VAL TE 5 -39.68 -6.32 98.81
N GLY TE 6 -40.73 -6.74 98.14
CA GLY TE 6 -40.68 -7.03 96.71
C GLY TE 6 -41.68 -6.19 95.97
N MET TE 7 -41.23 -5.57 94.88
CA MET TE 7 -42.09 -4.71 94.07
C MET TE 7 -42.01 -5.16 92.63
N ILE TE 8 -43.17 -5.30 91.99
CA ILE TE 8 -43.25 -5.51 90.55
C ILE TE 8 -44.05 -4.36 89.97
N GLU TE 9 -43.44 -3.63 89.04
CA GLU TE 9 -44.13 -2.57 88.31
C GLU TE 9 -44.49 -3.07 86.92
N THR TE 10 -45.76 -2.99 86.57
CA THR TE 10 -46.22 -3.38 85.25
C THR TE 10 -46.89 -2.21 84.56
N LEU TE 11 -47.00 -2.31 83.24
CA LEU TE 11 -47.76 -1.37 82.43
C LEU TE 11 -49.16 -1.98 82.25
N GLY TE 12 -50.10 -1.53 83.06
CA GLY TE 12 -51.45 -2.03 82.96
C GLY TE 12 -51.97 -2.68 84.22
N PHE TE 13 -53.26 -2.53 84.48
CA PHE TE 13 -53.91 -3.12 85.64
C PHE TE 13 -54.22 -4.62 85.54
N PRO TE 14 -54.62 -5.21 84.40
CA PRO TE 14 -54.73 -6.68 84.37
C PRO TE 14 -53.41 -7.40 84.54
N ALA TE 15 -52.29 -6.78 84.17
CA ALA TE 15 -50.99 -7.40 84.38
C ALA TE 15 -50.57 -7.34 85.83
N VAL TE 16 -51.06 -6.36 86.58
CA VAL TE 16 -50.58 -6.18 87.94
C VAL TE 16 -51.40 -7.02 88.91
N VAL TE 17 -52.59 -7.46 88.51
CA VAL TE 17 -53.38 -8.36 89.34
C VAL TE 17 -52.91 -9.79 89.14
N GLU TE 18 -52.51 -10.14 87.92
CA GLU TE 18 -51.93 -11.44 87.66
C GLU TE 18 -50.54 -11.55 88.28
N ALA TE 19 -49.79 -10.44 88.31
CA ALA TE 19 -48.51 -10.45 89.02
C ALA TE 19 -48.71 -10.60 90.51
N ALA TE 20 -49.71 -9.93 91.07
CA ALA TE 20 -49.97 -10.01 92.51
C ALA TE 20 -50.55 -11.36 92.90
N ASP TE 21 -51.36 -11.97 92.02
CA ASP TE 21 -51.92 -13.27 92.32
C ASP TE 21 -50.88 -14.37 92.20
N ALA TE 22 -49.90 -14.20 91.32
CA ALA TE 22 -48.84 -15.19 91.19
C ALA TE 22 -47.87 -15.11 92.35
N MET TE 23 -47.72 -13.93 92.95
CA MET TE 23 -46.74 -13.75 94.01
C MET TE 23 -47.19 -14.42 95.30
N VAL TE 24 -48.45 -14.23 95.68
CA VAL TE 24 -48.91 -14.74 96.97
C VAL TE 24 -49.24 -16.22 96.88
N LYS TE 25 -49.32 -16.78 95.68
CA LYS TE 25 -49.48 -18.22 95.53
C LYS TE 25 -48.14 -18.93 95.49
N ALA TE 26 -47.09 -18.25 95.02
CA ALA TE 26 -45.81 -18.90 94.84
C ALA TE 26 -45.06 -19.07 96.15
N ALA TE 27 -45.23 -18.15 97.09
CA ALA TE 27 -44.45 -18.18 98.31
C ALA TE 27 -45.27 -17.59 99.45
N ARG TE 28 -44.64 -17.54 100.64
CA ARG TE 28 -45.29 -17.04 101.85
C ARG TE 28 -45.02 -15.54 101.98
N VAL TE 29 -45.50 -14.79 101.00
CA VAL TE 29 -45.42 -13.35 101.01
C VAL TE 29 -46.81 -12.79 101.26
N THR TE 30 -46.86 -11.57 101.78
CA THR TE 30 -48.11 -10.86 102.00
C THR TE 30 -48.15 -9.68 101.05
N LEU TE 31 -49.11 -9.67 100.15
CA LEU TE 31 -49.40 -8.49 99.34
C LEU TE 31 -49.95 -7.40 100.25
N VAL TE 32 -49.21 -6.31 100.40
CA VAL TE 32 -49.59 -5.25 101.32
C VAL TE 32 -49.91 -3.94 100.61
N GLY TE 33 -49.48 -3.76 99.39
CA GLY TE 33 -49.45 -2.43 98.80
C GLY TE 33 -49.85 -2.47 97.34
N TYR TE 34 -50.27 -1.31 96.86
CA TYR TE 34 -50.78 -1.14 95.51
C TYR TE 34 -50.64 0.33 95.16
N GLU TE 35 -49.80 0.63 94.16
CA GLU TE 35 -49.39 2.00 93.92
C GLU TE 35 -49.55 2.37 92.46
N LYS TE 36 -50.16 3.52 92.22
CA LYS TE 36 -50.30 4.10 90.89
C LYS TE 36 -49.48 5.38 90.84
N ILE TE 37 -48.61 5.51 89.85
CA ILE TE 37 -47.74 6.67 89.72
C ILE TE 37 -47.93 7.38 88.39
N GLY TE 38 -48.89 6.94 87.58
CA GLY TE 38 -49.17 7.58 86.31
C GLY TE 38 -48.60 6.82 85.12
N THR TE 39 -49.09 7.19 83.94
CA THR TE 39 -48.85 6.54 82.65
C THR TE 39 -49.05 5.04 82.66
N GLY TE 40 -50.02 4.56 83.44
CA GLY TE 40 -50.26 3.13 83.50
C GLY TE 40 -49.23 2.32 84.25
N ARG TE 41 -48.27 2.97 84.91
CA ARG TE 41 -47.27 2.27 85.70
C ARG TE 41 -47.87 1.94 87.06
N VAL TE 42 -48.18 0.66 87.27
CA VAL TE 42 -48.85 0.21 88.47
C VAL TE 42 -47.91 -0.76 89.19
N THR TE 43 -47.79 -0.59 90.51
CA THR TE 43 -46.86 -1.35 91.32
C THR TE 43 -47.61 -2.06 92.44
N VAL TE 44 -47.34 -3.36 92.60
CA VAL TE 44 -47.79 -4.12 93.76
C VAL TE 44 -46.58 -4.44 94.63
N ILE TE 45 -46.79 -4.46 95.94
CA ILE TE 45 -45.74 -4.56 96.93
C ILE TE 45 -46.02 -5.75 97.83
N VAL TE 46 -45.09 -6.70 97.89
CA VAL TE 46 -45.21 -7.84 98.79
C VAL TE 46 -44.19 -7.71 99.91
N ARG TE 47 -44.53 -8.28 101.07
CA ARG TE 47 -43.62 -8.38 102.19
C ARG TE 47 -43.46 -9.84 102.61
N GLY TE 48 -42.25 -10.20 103.00
CA GLY TE 48 -42.01 -11.54 103.49
C GLY TE 48 -40.53 -11.73 103.76
N ASP TE 49 -40.16 -12.98 103.98
CA ASP TE 49 -38.74 -13.32 104.05
C ASP TE 49 -38.12 -13.15 102.67
N VAL TE 50 -36.80 -12.87 102.65
CA VAL TE 50 -36.12 -12.50 101.42
C VAL TE 50 -36.08 -13.66 100.43
N SER TE 51 -36.02 -14.90 100.92
CA SER TE 51 -36.10 -16.06 100.03
C SER TE 51 -37.51 -16.23 99.48
N GLU TE 52 -38.53 -15.93 100.29
CA GLU TE 52 -39.90 -15.99 99.81
C GLU TE 52 -40.21 -14.82 98.89
N VAL TE 53 -39.63 -13.65 99.16
CA VAL TE 53 -39.87 -12.49 98.33
C VAL TE 53 -39.19 -12.66 96.97
N GLN TE 54 -38.00 -13.25 96.96
CA GLN TE 54 -37.30 -13.51 95.70
C GLN TE 54 -38.02 -14.57 94.87
N ALA TE 55 -38.59 -15.59 95.53
CA ALA TE 55 -39.29 -16.63 94.80
C ALA TE 55 -40.62 -16.15 94.26
N SER TE 56 -41.24 -15.19 94.94
CA SER TE 56 -42.54 -14.69 94.50
C SER TE 56 -42.39 -13.68 93.38
N VAL TE 57 -41.43 -12.77 93.49
CA VAL TE 57 -41.23 -11.70 92.51
C VAL TE 57 -40.77 -12.28 91.18
N SER TE 58 -39.97 -13.36 91.22
CA SER TE 58 -39.59 -14.05 90.00
C SER TE 58 -40.76 -14.79 89.38
N ALA TE 59 -41.67 -15.31 90.21
CA ALA TE 59 -42.84 -16.01 89.69
C ALA TE 59 -43.92 -15.03 89.24
N GLY TE 60 -43.98 -13.85 89.88
CA GLY TE 60 -44.93 -12.85 89.45
C GLY TE 60 -44.52 -12.15 88.17
N THR TE 61 -43.22 -12.18 87.85
CA THR TE 61 -42.74 -11.59 86.61
C THR TE 61 -43.06 -12.50 85.42
N GLU TE 62 -42.93 -13.82 85.61
CA GLU TE 62 -43.17 -14.75 84.52
C GLU TE 62 -44.66 -14.90 84.20
N SER TE 63 -45.53 -14.56 85.15
CA SER TE 63 -46.96 -14.71 84.93
C SER TE 63 -47.57 -13.53 84.18
N VAL TE 64 -46.84 -12.42 84.05
CA VAL TE 64 -47.32 -11.31 83.24
C VAL TE 64 -47.26 -11.66 81.76
N LYS TE 65 -46.40 -12.61 81.38
CA LYS TE 65 -46.37 -13.11 80.01
C LYS TE 65 -47.62 -13.89 79.65
N ARG TE 66 -48.36 -14.40 80.65
CA ARG TE 66 -49.66 -14.99 80.39
C ARG TE 66 -50.67 -13.94 79.95
N VAL TE 67 -50.54 -12.72 80.47
CA VAL TE 67 -51.45 -11.65 80.10
C VAL TE 67 -51.08 -11.12 78.74
N ASN TE 68 -52.05 -11.12 77.82
CA ASN TE 68 -51.87 -10.48 76.52
C ASN TE 68 -51.89 -8.97 76.72
N GLY TE 69 -50.87 -8.29 76.22
CA GLY TE 69 -50.78 -6.86 76.44
C GLY TE 69 -50.27 -6.47 77.82
N GLY TE 70 -49.73 -7.42 78.57
CA GLY TE 70 -49.11 -7.16 79.85
C GLY TE 70 -47.61 -7.09 79.72
N GLN TE 71 -47.01 -6.16 80.47
CA GLN TE 71 -45.58 -5.90 80.35
C GLN TE 71 -45.02 -5.46 81.69
N VAL TE 72 -44.00 -6.16 82.17
CA VAL TE 72 -43.30 -5.81 83.39
C VAL TE 72 -42.31 -4.69 83.06
N LEU TE 73 -42.43 -3.57 83.77
CA LEU TE 73 -41.51 -2.46 83.55
C LEU TE 73 -40.29 -2.57 84.44
N SER TE 74 -40.49 -2.84 85.73
CA SER TE 74 -39.39 -2.86 86.68
C SER TE 74 -39.75 -3.73 87.86
N THR TE 75 -38.79 -4.55 88.29
CA THR TE 75 -38.92 -5.34 89.50
C THR TE 75 -37.74 -5.03 90.41
N HIS TE 76 -37.97 -5.11 91.71
CA HIS TE 76 -36.89 -4.94 92.67
C HIS TE 76 -37.23 -5.64 93.97
N ILE TE 77 -36.20 -6.12 94.65
CA ILE TE 77 -36.30 -6.75 95.96
C ILE TE 77 -35.33 -6.05 96.89
N ILE TE 78 -35.84 -5.57 98.02
CA ILE TE 78 -35.03 -5.01 99.09
C ILE TE 78 -35.05 -6.00 100.25
N ALA TE 79 -33.88 -6.55 100.60
CA ALA TE 79 -33.83 -7.65 101.54
C ALA TE 79 -34.07 -7.18 102.97
N ARG TE 80 -33.64 -5.97 103.30
CA ARG TE 80 -33.77 -5.43 104.66
C ARG TE 80 -34.02 -3.94 104.54
N PRO TE 81 -35.27 -3.53 104.36
CA PRO TE 81 -35.56 -2.10 104.27
C PRO TE 81 -35.43 -1.43 105.62
N HIS TE 82 -35.03 -0.16 105.57
CA HIS TE 82 -34.96 0.66 106.77
C HIS TE 82 -36.36 0.90 107.32
N GLU TE 83 -36.44 1.12 108.62
CA GLU TE 83 -37.72 1.36 109.28
C GLU TE 83 -38.30 2.73 108.97
N ASN TE 84 -37.51 3.63 108.37
CA ASN TE 84 -38.02 4.92 107.90
C ASN TE 84 -38.94 4.74 106.69
N LEU TE 85 -38.77 3.66 105.95
CA LEU TE 85 -39.46 3.52 104.67
C LEU TE 85 -40.93 3.18 104.83
N GLU TE 86 -41.29 2.50 105.92
CA GLU TE 86 -42.68 2.07 106.08
C GLU TE 86 -43.58 3.22 106.52
N TYR TE 87 -43.00 4.30 107.02
CA TYR TE 87 -43.82 5.42 107.48
C TYR TE 87 -44.01 6.46 106.37
N VAL TE 88 -43.23 6.37 105.30
CA VAL TE 88 -43.39 7.29 104.18
C VAL TE 88 -43.95 6.57 102.97
N LEU TE 89 -43.30 5.52 102.55
CA LEU TE 89 -43.70 4.77 101.37
C LEU TE 89 -44.78 3.75 101.72
N PRO TE 90 -45.71 3.47 100.80
CA PRO TE 90 -46.77 2.49 101.07
C PRO TE 90 -46.29 1.04 100.92
N ILE TE 91 -45.34 0.65 101.76
CA ILE TE 91 -44.83 -0.72 101.80
C ILE TE 91 -45.12 -1.39 103.13
N ARG TE 92 -45.88 -0.75 104.01
CA ARG TE 92 -46.07 -1.26 105.35
C ARG TE 92 -47.25 -2.20 105.43
N TYR TE 93 -47.27 -3.01 106.48
CA TYR TE 93 -48.42 -3.85 106.76
C TYR TE 93 -49.57 -3.00 107.27
N THR TE 94 -50.63 -2.92 106.50
CA THR TE 94 -51.87 -2.32 106.96
C THR TE 94 -52.64 -3.34 107.79
N GLU TE 95 -53.67 -2.84 108.49
CA GLU TE 95 -54.41 -3.70 109.40
C GLU TE 95 -55.32 -4.67 108.66
N GLU TE 96 -55.68 -4.34 107.42
CA GLU TE 96 -56.57 -5.20 106.63
C GLU TE 96 -55.85 -6.46 106.15
N VAL TE 97 -54.52 -6.42 106.08
CA VAL TE 97 -53.75 -7.56 105.58
C VAL TE 97 -52.98 -8.26 106.70
N GLU TE 98 -53.35 -8.03 107.96
CA GLU TE 98 -52.66 -8.69 109.06
C GLU TE 98 -53.09 -10.14 109.22
N GLN TE 99 -54.17 -10.57 108.56
CA GLN TE 99 -54.58 -11.96 108.62
C GLN TE 99 -53.72 -12.83 107.70
N PHE TE 100 -52.96 -12.23 106.80
CA PHE TE 100 -52.15 -12.97 105.84
C PHE TE 100 -50.67 -12.95 106.17
N ARG TE 101 -50.27 -12.31 107.27
CA ARG TE 101 -48.87 -12.23 107.63
C ARG TE 101 -48.35 -13.55 108.19
N ALA UE 2 -69.21 -37.39 85.20
CA ALA UE 2 -69.49 -36.55 86.35
C ALA UE 2 -68.77 -35.20 86.20
N VAL UE 3 -67.69 -35.02 86.95
CA VAL UE 3 -66.87 -33.83 86.79
C VAL UE 3 -65.97 -34.02 85.57
N ALA UE 4 -65.44 -32.91 85.06
CA ALA UE 4 -64.60 -32.96 83.86
C ALA UE 4 -63.24 -33.55 84.19
N VAL UE 5 -62.50 -33.89 83.14
CA VAL UE 5 -61.14 -34.41 83.27
C VAL UE 5 -60.23 -33.62 82.33
N GLY UE 6 -59.10 -33.19 82.84
CA GLY UE 6 -58.10 -32.52 82.02
C GLY UE 6 -56.76 -33.17 82.19
N MET UE 7 -56.00 -33.22 81.09
CA MET UE 7 -54.70 -33.88 81.07
C MET UE 7 -53.68 -32.93 80.46
N ILE UE 8 -52.49 -32.91 81.03
CA ILE UE 8 -51.33 -32.24 80.44
C ILE UE 8 -50.22 -33.27 80.39
N GLU UE 9 -49.73 -33.56 79.18
CA GLU UE 9 -48.59 -34.44 79.01
C GLU UE 9 -47.35 -33.61 78.73
N THR UE 10 -46.33 -33.77 79.58
CA THR UE 10 -45.06 -33.09 79.39
C THR UE 10 -43.97 -34.11 79.12
N LEU UE 11 -42.85 -33.62 78.62
CA LEU UE 11 -41.63 -34.40 78.47
C LEU UE 11 -40.76 -34.10 79.68
N GLY UE 12 -40.73 -35.02 80.63
CA GLY UE 12 -39.94 -34.81 81.84
C GLY UE 12 -40.75 -34.67 83.10
N PHE UE 13 -40.20 -35.16 84.20
CA PHE UE 13 -40.83 -35.08 85.52
C PHE UE 13 -40.75 -33.71 86.21
N PRO UE 14 -39.67 -32.91 86.12
CA PRO UE 14 -39.77 -31.56 86.69
C PRO UE 14 -40.77 -30.66 85.99
N ALA UE 15 -41.08 -30.92 84.72
CA ALA UE 15 -42.09 -30.14 84.02
C ALA UE 15 -43.50 -30.58 84.43
N VAL UE 16 -43.66 -31.84 84.81
CA VAL UE 16 -45.01 -32.33 85.09
C VAL UE 16 -45.41 -31.97 86.52
N VAL UE 17 -44.45 -31.66 87.38
CA VAL UE 17 -44.77 -31.23 88.73
C VAL UE 17 -45.10 -29.73 88.73
N GLU UE 18 -44.39 -28.95 87.91
CA GLU UE 18 -44.72 -27.55 87.75
C GLU UE 18 -46.05 -27.37 87.03
N ALA UE 19 -46.35 -28.26 86.09
CA ALA UE 19 -47.66 -28.24 85.44
C ALA UE 19 -48.77 -28.60 86.42
N ALA UE 20 -48.54 -29.63 87.25
CA ALA UE 20 -49.55 -30.05 88.21
C ALA UE 20 -49.72 -29.03 89.32
N ASP UE 21 -48.64 -28.34 89.70
CA ASP UE 21 -48.75 -27.31 90.72
C ASP UE 21 -49.44 -26.07 90.20
N ALA UE 22 -49.27 -25.75 88.92
CA ALA UE 22 -49.93 -24.59 88.35
C ALA UE 22 -51.41 -24.86 88.11
N MET UE 23 -51.80 -26.13 87.96
CA MET UE 23 -53.19 -26.45 87.69
C MET UE 23 -54.04 -26.29 88.95
N VAL UE 24 -53.56 -26.82 90.08
CA VAL UE 24 -54.37 -26.81 91.29
C VAL UE 24 -54.30 -25.46 91.98
N LYS UE 25 -53.38 -24.58 91.55
CA LYS UE 25 -53.36 -23.23 92.07
C LYS UE 25 -54.25 -22.31 91.25
N ALA UE 26 -54.42 -22.61 89.96
CA ALA UE 26 -55.15 -21.71 89.08
C ALA UE 26 -56.65 -21.77 89.34
N ALA UE 27 -57.20 -22.95 89.53
CA ALA UE 27 -58.63 -23.11 89.65
C ALA UE 27 -58.96 -24.21 90.65
N ARG UE 28 -60.25 -24.44 90.85
CA ARG UE 28 -60.74 -25.42 91.82
C ARG UE 28 -60.80 -26.80 91.15
N VAL UE 29 -59.63 -27.32 90.85
CA VAL UE 29 -59.48 -28.67 90.33
C VAL UE 29 -58.74 -29.51 91.33
N THR UE 30 -58.93 -30.82 91.25
CA THR UE 30 -58.25 -31.79 92.09
C THR UE 30 -57.31 -32.60 91.21
N LEU UE 31 -56.01 -32.50 91.49
CA LEU UE 31 -55.06 -33.41 90.88
C LEU UE 31 -55.30 -34.82 91.43
N VAL UE 32 -55.67 -35.74 90.56
CA VAL UE 32 -56.04 -37.08 90.98
C VAL UE 32 -55.09 -38.14 90.45
N GLY UE 33 -54.33 -37.86 89.41
CA GLY UE 33 -53.68 -38.92 88.66
C GLY UE 33 -52.31 -38.50 88.18
N TYR UE 34 -51.55 -39.51 87.75
CA TYR UE 34 -50.15 -39.35 87.40
C TYR UE 34 -49.78 -40.56 86.57
N GLU UE 35 -49.44 -40.35 85.31
CA GLU UE 35 -49.31 -41.45 84.36
C GLU UE 35 -48.00 -41.35 83.59
N LYS UE 36 -47.30 -42.48 83.49
CA LYS UE 36 -46.08 -42.61 82.72
C LYS UE 36 -46.31 -43.66 81.64
N ILE UE 37 -46.00 -43.31 80.39
CA ILE UE 37 -46.25 -44.20 79.26
C ILE UE 37 -44.97 -44.53 78.50
N GLY UE 38 -43.83 -44.02 78.95
CA GLY UE 38 -42.57 -44.22 78.25
C GLY UE 38 -42.18 -43.03 77.42
N THR UE 39 -40.94 -43.09 76.92
CA THR UE 39 -40.19 -41.98 76.30
C THR UE 39 -40.26 -40.68 77.09
N GLY UE 40 -40.25 -40.76 78.42
CA GLY UE 40 -40.30 -39.57 79.24
C GLY UE 40 -41.62 -38.83 79.23
N ARG UE 41 -42.65 -39.36 78.59
CA ARG UE 41 -43.94 -38.70 78.46
C ARG UE 41 -44.74 -38.94 79.74
N VAL UE 42 -44.91 -37.90 80.53
CA VAL UE 42 -45.56 -37.98 81.82
C VAL UE 42 -46.81 -37.12 81.79
N THR UE 43 -47.93 -37.67 82.29
CA THR UE 43 -49.23 -37.01 82.23
C THR UE 43 -49.76 -36.85 83.65
N VAL UE 44 -50.28 -35.66 83.95
CA VAL UE 44 -51.04 -35.42 85.18
C VAL UE 44 -52.50 -35.18 84.82
N ILE UE 45 -53.39 -35.72 85.66
CA ILE UE 45 -54.82 -35.72 85.41
C ILE UE 45 -55.49 -34.92 86.51
N VAL UE 46 -56.25 -33.90 86.12
CA VAL UE 46 -57.04 -33.12 87.08
C VAL UE 46 -58.52 -33.38 86.83
N ARG UE 47 -59.29 -33.32 87.91
CA ARG UE 47 -60.75 -33.41 87.84
C ARG UE 47 -61.35 -32.13 88.39
N GLY UE 48 -62.52 -31.77 87.89
CA GLY UE 48 -63.20 -30.59 88.37
C GLY UE 48 -64.30 -30.20 87.42
N ASP UE 49 -64.85 -29.01 87.62
CA ASP UE 49 -65.78 -28.48 86.65
C ASP UE 49 -65.02 -28.12 85.37
N VAL UE 50 -65.74 -28.12 84.25
CA VAL UE 50 -65.11 -27.97 82.94
C VAL UE 50 -64.54 -26.57 82.76
N SER UE 51 -65.16 -25.56 83.38
CA SER UE 51 -64.60 -24.22 83.35
C SER UE 51 -63.33 -24.12 84.20
N GLU UE 52 -63.31 -24.83 85.33
CA GLU UE 52 -62.12 -24.84 86.17
C GLU UE 52 -61.01 -25.68 85.55
N VAL UE 53 -61.38 -26.76 84.85
CA VAL UE 53 -60.38 -27.59 84.20
C VAL UE 53 -59.77 -26.85 83.03
N GLN UE 54 -60.56 -26.04 82.32
CA GLN UE 54 -60.04 -25.24 81.21
C GLN UE 54 -59.10 -24.15 81.68
N ALA UE 55 -59.39 -23.56 82.84
CA ALA UE 55 -58.52 -22.51 83.36
C ALA UE 55 -57.24 -23.09 83.94
N SER UE 56 -57.30 -24.32 84.46
CA SER UE 56 -56.12 -24.93 85.04
C SER UE 56 -55.18 -25.47 83.97
N VAL UE 57 -55.73 -26.08 82.92
CA VAL UE 57 -54.92 -26.65 81.85
C VAL UE 57 -54.21 -25.56 81.06
N SER UE 58 -54.87 -24.41 80.88
CA SER UE 58 -54.25 -23.29 80.20
C SER UE 58 -53.14 -22.67 81.03
N ALA UE 59 -53.27 -22.72 82.36
CA ALA UE 59 -52.23 -22.18 83.22
C ALA UE 59 -51.10 -23.19 83.43
N GLY UE 60 -51.43 -24.48 83.41
CA GLY UE 60 -50.40 -25.50 83.51
C GLY UE 60 -49.57 -25.64 82.26
N THR UE 61 -50.13 -25.25 81.10
CA THR UE 61 -49.37 -25.26 79.87
C THR UE 61 -48.36 -24.12 79.83
N GLU UE 62 -48.75 -22.95 80.33
CA GLU UE 62 -47.87 -21.79 80.33
C GLU UE 62 -46.73 -21.92 81.33
N SER UE 63 -46.91 -22.74 82.37
CA SER UE 63 -45.90 -22.84 83.42
C SER UE 63 -44.78 -23.80 83.06
N VAL UE 64 -44.96 -24.64 82.04
CA VAL UE 64 -43.88 -25.51 81.60
C VAL UE 64 -42.85 -24.71 80.81
N LYS UE 65 -43.27 -23.58 80.24
CA LYS UE 65 -42.36 -22.69 79.52
C LYS UE 65 -41.31 -22.06 80.41
N ARG UE 66 -41.57 -21.95 81.71
CA ARG UE 66 -40.57 -21.46 82.65
C ARG UE 66 -39.64 -22.55 83.16
N VAL UE 67 -39.97 -23.83 82.92
CA VAL UE 67 -39.09 -24.93 83.29
C VAL UE 67 -38.04 -25.10 82.21
N ASN UE 68 -36.77 -25.09 82.61
CA ASN UE 68 -35.66 -25.30 81.68
C ASN UE 68 -35.56 -26.79 81.39
N GLY UE 69 -35.82 -27.17 80.14
CA GLY UE 69 -35.80 -28.56 79.75
C GLY UE 69 -37.15 -29.24 79.76
N GLY UE 70 -38.24 -28.49 79.91
CA GLY UE 70 -39.56 -29.07 79.89
C GLY UE 70 -40.34 -28.62 78.67
N GLN UE 71 -41.29 -29.46 78.28
CA GLN UE 71 -42.02 -29.24 77.04
C GLN UE 71 -43.38 -29.93 77.12
N VAL UE 72 -44.43 -29.16 76.90
CA VAL UE 72 -45.79 -29.69 76.83
C VAL UE 72 -45.93 -30.44 75.51
N LEU UE 73 -46.27 -31.71 75.59
CA LEU UE 73 -46.46 -32.50 74.37
C LEU UE 73 -47.93 -32.50 73.94
N SER UE 74 -48.83 -32.68 74.89
CA SER UE 74 -50.25 -32.82 74.57
C SER UE 74 -51.09 -32.41 75.76
N THR UE 75 -52.13 -31.64 75.48
CA THR UE 75 -53.14 -31.29 76.47
C THR UE 75 -54.51 -31.64 75.93
N HIS UE 76 -55.42 -32.02 76.82
CA HIS UE 76 -56.80 -32.28 76.42
C HIS UE 76 -57.72 -32.09 77.62
N ILE UE 77 -58.97 -31.75 77.31
CA ILE UE 77 -60.03 -31.52 78.28
C ILE UE 77 -61.28 -32.23 77.78
N ILE UE 78 -61.89 -33.06 78.64
CA ILE UE 78 -63.15 -33.71 78.35
C ILE UE 78 -64.16 -33.21 79.38
N ALA UE 79 -65.28 -32.65 78.90
CA ALA UE 79 -66.23 -31.96 79.77
C ALA UE 79 -66.95 -32.93 80.70
N ARG UE 80 -67.25 -34.13 80.21
CA ARG UE 80 -67.90 -35.16 81.01
C ARG UE 80 -67.46 -36.50 80.45
N PRO UE 81 -66.49 -37.16 81.07
CA PRO UE 81 -66.08 -38.48 80.61
C PRO UE 81 -67.16 -39.52 80.88
N HIS UE 82 -67.12 -40.58 80.09
CA HIS UE 82 -68.02 -41.70 80.28
C HIS UE 82 -67.69 -42.43 81.58
N GLU UE 83 -68.69 -43.15 82.10
CA GLU UE 83 -68.47 -43.92 83.32
C GLU UE 83 -67.60 -45.14 83.07
N ASN UE 84 -67.47 -45.55 81.79
CA ASN UE 84 -66.57 -46.63 81.42
C ASN UE 84 -65.12 -46.27 81.62
N LEU UE 85 -64.78 -44.98 81.45
CA LEU UE 85 -63.38 -44.57 81.50
C LEU UE 85 -62.81 -44.55 82.91
N GLU UE 86 -63.68 -44.48 83.92
CA GLU UE 86 -63.20 -44.43 85.30
C GLU UE 86 -62.64 -45.77 85.74
N TYR UE 87 -63.15 -46.86 85.17
CA TYR UE 87 -62.73 -48.19 85.62
C TYR UE 87 -61.54 -48.71 84.83
N VAL UE 88 -61.33 -48.19 83.63
CA VAL UE 88 -60.24 -48.67 82.80
C VAL UE 88 -59.04 -47.72 82.87
N LEU UE 89 -59.29 -46.45 82.69
CA LEU UE 89 -58.25 -45.43 82.67
C LEU UE 89 -58.07 -44.84 84.06
N PRO UE 90 -56.83 -44.47 84.44
CA PRO UE 90 -56.58 -43.93 85.78
C PRO UE 90 -56.91 -42.44 85.91
N ILE UE 91 -58.18 -42.11 85.68
CA ILE UE 91 -58.67 -40.74 85.81
C ILE UE 91 -59.65 -40.57 86.95
N ARG UE 92 -59.86 -41.60 87.76
CA ARG UE 92 -60.85 -41.53 88.83
C ARG UE 92 -60.24 -40.94 90.09
N TYR UE 93 -61.12 -40.49 90.98
CA TYR UE 93 -60.71 -40.00 92.28
C TYR UE 93 -60.20 -41.15 93.15
N THR UE 94 -58.96 -41.05 93.60
CA THR UE 94 -58.44 -42.01 94.55
C THR UE 94 -58.88 -41.64 95.96
N GLU UE 95 -58.53 -42.50 96.92
CA GLU UE 95 -58.99 -42.29 98.29
C GLU UE 95 -58.21 -41.19 98.99
N GLU UE 96 -56.95 -40.98 98.60
CA GLU UE 96 -56.12 -40.02 99.31
C GLU UE 96 -56.40 -38.59 98.84
N VAL UE 97 -57.08 -38.42 97.72
CA VAL UE 97 -57.33 -37.10 97.15
C VAL UE 97 -58.76 -36.64 97.42
N GLU UE 98 -59.51 -37.35 98.27
CA GLU UE 98 -60.89 -36.96 98.54
C GLU UE 98 -60.98 -35.74 99.44
N GLN UE 99 -59.90 -35.35 100.11
CA GLN UE 99 -59.91 -34.15 100.92
C GLN UE 99 -59.86 -32.89 100.05
N PHE UE 100 -59.36 -33.01 98.83
CA PHE UE 100 -59.24 -31.87 97.93
C PHE UE 100 -60.38 -31.77 96.93
N ARG UE 101 -61.36 -32.66 97.00
CA ARG UE 101 -62.48 -32.64 96.07
C ARG UE 101 -63.48 -31.54 96.40
N MET VE 1 -86.99 -12.39 59.33
CA MET VE 1 -86.71 -12.16 60.74
C MET VE 1 -87.92 -12.51 61.61
N GLN VE 2 -87.65 -12.70 62.89
CA GLN VE 2 -88.68 -12.91 63.89
C GLN VE 2 -88.46 -11.93 65.03
N MET VE 3 -89.53 -11.53 65.68
CA MET VE 3 -89.43 -10.74 66.90
C MET VE 3 -89.28 -11.69 68.07
N ALA VE 4 -88.31 -11.39 68.94
CA ALA VE 4 -88.02 -12.23 70.08
C ALA VE 4 -87.71 -11.35 71.28
N LYS VE 5 -87.91 -11.93 72.46
CA LYS VE 5 -87.58 -11.29 73.72
C LYS VE 5 -86.40 -12.00 74.36
N VAL VE 6 -85.42 -11.22 74.82
CA VAL VE 6 -84.23 -11.78 75.45
C VAL VE 6 -84.65 -12.28 76.82
N CYS VE 7 -84.65 -13.61 76.99
CA CYS VE 7 -85.04 -14.18 78.28
C CYS VE 7 -83.83 -14.68 79.06
N GLY VE 8 -82.68 -14.79 78.43
CA GLY VE 8 -81.52 -15.20 79.19
C GLY VE 8 -80.30 -15.44 78.32
N THR VE 9 -79.27 -16.01 78.96
CA THR VE 9 -77.99 -16.25 78.33
C THR VE 9 -77.66 -17.74 78.42
N VAL VE 10 -76.96 -18.24 77.41
CA VAL VE 10 -76.47 -19.62 77.38
C VAL VE 10 -74.96 -19.56 77.27
N VAL VE 11 -74.27 -20.22 78.20
CA VAL VE 11 -72.82 -20.23 78.24
C VAL VE 11 -72.36 -21.66 78.05
N GLY VE 12 -71.50 -21.89 77.06
CA GLY VE 12 -70.86 -23.17 76.90
C GLY VE 12 -69.35 -23.03 76.86
N THR VE 13 -68.64 -23.85 77.62
CA THR VE 13 -67.19 -23.77 77.64
C THR VE 13 -66.53 -24.73 76.66
N GLN VE 14 -67.03 -25.95 76.55
CA GLN VE 14 -66.55 -26.91 75.55
C GLN VE 14 -67.35 -26.70 74.27
N LYS VE 15 -66.70 -26.10 73.28
CA LYS VE 15 -67.36 -25.75 72.04
C LYS VE 15 -66.35 -25.84 70.91
N LEU VE 16 -66.79 -25.52 69.71
CA LEU VE 16 -65.89 -25.43 68.58
C LEU VE 16 -64.99 -24.20 68.72
N PRO VE 17 -63.77 -24.25 68.18
CA PRO VE 17 -62.89 -23.08 68.26
C PRO VE 17 -63.37 -21.89 67.46
N SER VE 18 -64.26 -22.11 66.48
CA SER VE 18 -64.86 -21.00 65.75
C SER VE 18 -66.05 -20.41 66.49
N MET VE 19 -66.46 -21.03 67.60
CA MET VE 19 -67.58 -20.52 68.38
C MET VE 19 -67.15 -19.65 69.55
N THR VE 20 -65.86 -19.37 69.70
CA THR VE 20 -65.41 -18.58 70.83
C THR VE 20 -65.58 -17.09 70.54
N GLY VE 21 -65.82 -16.31 71.59
CA GLY VE 21 -66.14 -14.91 71.44
C GLY VE 21 -67.56 -14.61 71.05
N VAL VE 22 -68.37 -15.63 70.76
CA VAL VE 22 -69.75 -15.45 70.33
C VAL VE 22 -70.64 -15.40 71.56
N LYS VE 23 -71.33 -14.28 71.74
CA LYS VE 23 -72.27 -14.13 72.84
C LYS VE 23 -73.59 -14.79 72.46
N LEU VE 24 -74.05 -15.73 73.29
CA LEU VE 24 -75.22 -16.54 72.99
C LEU VE 24 -76.37 -16.15 73.91
N LEU VE 25 -77.45 -15.65 73.32
CA LEU VE 25 -78.63 -15.23 74.04
C LEU VE 25 -79.76 -16.23 73.86
N LEU VE 26 -80.44 -16.54 74.95
CA LEU VE 26 -81.65 -17.35 74.91
C LEU VE 26 -82.82 -16.43 74.65
N LEU VE 27 -83.39 -16.53 73.46
CA LEU VE 27 -84.46 -15.66 73.01
C LEU VE 27 -85.76 -16.44 72.98
N GLN VE 28 -86.83 -15.86 73.52
CA GLN VE 28 -88.16 -16.42 73.37
C GLN VE 28 -88.93 -15.62 72.33
N PHE VE 29 -89.54 -16.32 71.38
CA PHE VE 29 -90.28 -15.66 70.32
C PHE VE 29 -91.59 -15.08 70.85
N ILE VE 30 -91.91 -13.89 70.40
CA ILE VE 30 -93.15 -13.21 70.70
C ILE VE 30 -93.96 -13.12 69.42
N ASP VE 31 -95.28 -13.09 69.54
CA ASP VE 31 -96.11 -13.06 68.35
C ASP VE 31 -96.25 -11.63 67.82
N ALA VE 32 -97.06 -11.47 66.78
CA ALA VE 32 -97.32 -10.14 66.23
C ALA VE 32 -98.20 -9.31 67.16
N ASN VE 33 -98.92 -9.95 68.08
CA ASN VE 33 -99.76 -9.21 69.02
C ASN VE 33 -98.98 -8.84 70.28
N GLY VE 34 -97.86 -9.48 70.54
CA GLY VE 34 -97.00 -9.13 71.66
C GLY VE 34 -96.85 -10.16 72.75
N GLU VE 35 -97.56 -11.28 72.68
CA GLU VE 35 -97.48 -12.30 73.71
C GLU VE 35 -96.38 -13.31 73.40
N LEU VE 36 -95.88 -13.95 74.46
CA LEU VE 36 -94.76 -14.89 74.31
C LEU VE 36 -95.26 -16.20 73.73
N LEU VE 37 -94.59 -16.65 72.67
CA LEU VE 37 -94.87 -17.94 72.07
C LEU VE 37 -94.11 -19.04 72.79
N PRO VE 38 -94.63 -20.28 72.81
CA PRO VE 38 -93.87 -21.41 73.37
C PRO VE 38 -92.83 -21.94 72.39
N LYS VE 39 -91.89 -21.08 72.01
CA LYS VE 39 -90.86 -21.40 71.04
C LYS VE 39 -89.69 -20.48 71.31
N TYR VE 40 -88.48 -21.02 71.26
CA TYR VE 40 -87.29 -20.28 71.64
C TYR VE 40 -86.22 -20.40 70.55
N GLU VE 41 -85.12 -19.70 70.79
CA GLU VE 41 -83.95 -19.74 69.94
C GLU VE 41 -82.74 -19.35 70.77
N VAL VE 42 -81.58 -19.90 70.40
CA VAL VE 42 -80.31 -19.42 70.91
C VAL VE 42 -79.60 -18.75 69.74
N ALA VE 43 -79.28 -17.47 69.89
CA ALA VE 43 -78.77 -16.67 68.80
C ALA VE 43 -77.50 -15.95 69.20
N ALA VE 44 -76.65 -15.70 68.20
CA ALA VE 44 -75.52 -14.82 68.38
C ALA VE 44 -76.00 -13.38 68.51
N ASP VE 45 -75.25 -12.59 69.29
CA ASP VE 45 -75.65 -11.23 69.63
C ASP VE 45 -74.51 -10.25 69.31
N PRO VE 46 -74.40 -9.80 68.06
CA PRO VE 46 -73.45 -8.72 67.77
C PRO VE 46 -73.95 -7.37 68.20
N VAL VE 47 -75.25 -7.12 68.05
CA VAL VE 47 -75.90 -5.91 68.54
C VAL VE 47 -76.19 -6.13 70.00
N GLY VE 48 -75.52 -5.38 70.88
CA GLY VE 48 -75.49 -5.72 72.30
C GLY VE 48 -76.84 -5.56 72.97
N ALA VE 49 -77.47 -6.69 73.28
CA ALA VE 49 -78.84 -6.72 73.79
C ALA VE 49 -78.88 -7.43 75.13
N GLY VE 50 -79.63 -6.85 76.08
CA GLY VE 50 -79.72 -7.40 77.40
C GLY VE 50 -81.09 -7.98 77.70
N LEU VE 51 -81.24 -8.46 78.92
CA LEU VE 51 -82.41 -9.23 79.33
C LEU VE 51 -83.66 -8.37 79.35
N GLY VE 52 -84.68 -8.83 78.62
CA GLY VE 52 -85.95 -8.15 78.53
C GLY VE 52 -86.18 -7.38 77.25
N GLU VE 53 -85.15 -7.17 76.44
CA GLU VE 53 -85.30 -6.37 75.23
C GLU VE 53 -86.01 -7.16 74.14
N TRP VE 54 -86.63 -6.42 73.22
CA TRP VE 54 -87.22 -6.97 72.02
C TRP VE 54 -86.20 -6.88 70.90
N VAL VE 55 -85.91 -8.02 70.27
CA VAL VE 55 -84.89 -8.08 69.24
C VAL VE 55 -85.47 -8.66 67.97
N LEU VE 56 -84.82 -8.35 66.85
CA LEU VE 56 -85.07 -9.03 65.59
C LEU VE 56 -83.98 -10.07 65.41
N VAL VE 57 -84.38 -11.31 65.18
CA VAL VE 57 -83.45 -12.42 65.01
C VAL VE 57 -83.73 -13.09 63.67
N ASN VE 58 -82.67 -13.29 62.89
CA ASN VE 58 -82.82 -13.99 61.62
C ASN VE 58 -82.48 -15.46 61.81
N ARG VE 59 -82.66 -16.25 60.75
CA ARG VE 59 -82.45 -17.67 60.83
C ARG VE 59 -81.66 -18.12 59.62
N GLY VE 60 -80.88 -19.17 59.80
CA GLY VE 60 -80.20 -19.81 58.69
C GLY VE 60 -78.86 -19.19 58.33
N SER VE 61 -78.56 -19.13 57.04
CA SER VE 61 -77.29 -18.63 56.56
C SER VE 61 -77.21 -17.11 56.55
N ALA VE 62 -78.29 -16.42 56.92
CA ALA VE 62 -78.26 -14.97 57.09
C ALA VE 62 -77.53 -14.58 58.36
N ALA VE 63 -77.36 -15.51 59.31
CA ALA VE 63 -76.58 -15.27 60.51
C ALA VE 63 -75.09 -15.14 60.22
N ARG VE 64 -74.64 -15.59 59.06
CA ARG VE 64 -73.23 -15.59 58.68
C ARG VE 64 -72.90 -14.48 57.69
N GLN VE 65 -73.62 -13.37 57.72
CA GLN VE 65 -73.45 -12.31 56.74
C GLN VE 65 -72.76 -11.08 57.28
N THR VE 66 -72.48 -11.02 58.58
CA THR VE 66 -71.97 -9.80 59.21
C THR VE 66 -70.44 -9.71 59.20
N GLU VE 67 -69.81 -10.42 58.26
CA GLU VE 67 -68.39 -10.39 57.86
C GLU VE 67 -67.41 -10.76 58.99
N TYR VE 68 -67.91 -11.15 60.16
CA TYR VE 68 -67.08 -11.81 61.15
C TYR VE 68 -67.75 -13.04 61.73
N HIS VE 69 -68.99 -13.32 61.33
CA HIS VE 69 -69.66 -14.58 61.59
C HIS VE 69 -69.64 -15.50 60.38
N GLN VE 70 -68.71 -15.25 59.43
CA GLN VE 70 -68.82 -15.81 58.09
C GLN VE 70 -68.57 -17.32 58.06
N ASN VE 71 -67.52 -17.78 58.73
CA ASN VE 71 -67.18 -19.19 58.73
C ASN VE 71 -67.50 -19.83 60.08
N ARG VE 72 -68.38 -19.21 60.83
CA ARG VE 72 -68.83 -19.65 62.15
C ARG VE 72 -70.11 -20.46 62.02
N PRO VE 73 -70.25 -21.55 62.77
CA PRO VE 73 -71.43 -22.41 62.67
C PRO VE 73 -72.64 -21.84 63.40
N LEU VE 74 -73.16 -20.73 62.88
CA LEU VE 74 -74.27 -20.01 63.48
C LEU VE 74 -75.46 -20.03 62.52
N ASP VE 75 -76.64 -20.31 63.06
CA ASP VE 75 -77.87 -20.31 62.28
C ASP VE 75 -78.91 -19.35 62.85
N ALA VE 76 -78.54 -18.51 63.80
CA ALA VE 76 -79.43 -17.52 64.36
C ALA VE 76 -78.60 -16.36 64.89
N MET VE 77 -79.08 -15.14 64.68
CA MET VE 77 -78.32 -13.95 65.02
C MET VE 77 -79.28 -12.81 65.29
N VAL VE 78 -79.08 -12.10 66.39
CA VAL VE 78 -79.80 -10.85 66.62
C VAL VE 78 -79.24 -9.81 65.65
N VAL VE 79 -80.11 -9.28 64.80
CA VAL VE 79 -79.69 -8.29 63.82
C VAL VE 79 -80.08 -6.88 64.21
N ALA VE 80 -81.07 -6.72 65.09
CA ALA VE 80 -81.55 -5.40 65.47
C ALA VE 80 -82.18 -5.49 66.85
N ILE VE 81 -82.06 -4.41 67.60
CA ILE VE 81 -82.84 -4.21 68.81
C ILE VE 81 -84.06 -3.38 68.41
N ILE VE 82 -85.25 -3.88 68.75
CA ILE VE 82 -86.48 -3.26 68.28
C ILE VE 82 -86.73 -1.99 69.08
N ASP VE 83 -86.89 -0.87 68.38
CA ASP VE 83 -87.28 0.38 68.98
C ASP VE 83 -88.80 0.51 69.06
N THR VE 84 -89.49 0.33 67.94
CA THR VE 84 -90.92 0.56 67.86
C THR VE 84 -91.56 -0.49 66.96
N VAL VE 85 -92.65 -1.09 67.43
CA VAL VE 85 -93.54 -1.90 66.60
C VAL VE 85 -94.85 -1.16 66.49
N THR VE 86 -95.22 -0.80 65.26
CA THR VE 86 -96.48 -0.16 64.97
C THR VE 86 -97.34 -1.14 64.20
N VAL VE 87 -98.49 -1.51 64.75
CA VAL VE 87 -99.43 -2.44 64.11
C VAL VE 87 -100.74 -1.70 63.88
N ASN VE 88 -101.18 -1.66 62.62
CA ASN VE 88 -102.43 -1.01 62.18
C ASN VE 88 -102.45 0.47 62.58
N ASN VE 89 -101.32 1.15 62.34
CA ASN VE 89 -101.03 2.54 62.71
C ASN VE 89 -101.12 2.81 64.20
N ARG VE 90 -101.07 1.77 65.04
CA ARG VE 90 -101.08 1.90 66.49
C ARG VE 90 -99.78 1.33 67.02
N ARG VE 91 -99.12 2.08 67.90
CA ARG VE 91 -97.86 1.65 68.48
C ARG VE 91 -98.09 0.49 69.44
N LEU VE 92 -97.49 -0.66 69.14
CA LEU VE 92 -97.54 -1.83 69.99
C LEU VE 92 -96.42 -1.85 71.02
N TYR VE 93 -95.21 -1.44 70.62
CA TYR VE 93 -94.04 -1.47 71.47
C TYR VE 93 -93.28 -0.16 71.32
N GLY VE 94 -92.69 0.30 72.41
CA GLY VE 94 -91.92 1.53 72.40
C GLY VE 94 -92.67 2.74 72.89
N ALA WE 2 -22.13 84.43 74.31
CA ALA WE 2 -22.88 84.19 75.54
C ALA WE 2 -22.48 82.87 76.17
N VAL WE 3 -23.36 82.35 77.04
CA VAL WE 3 -23.16 81.05 77.66
C VAL WE 3 -23.28 79.97 76.59
N ALA WE 4 -22.46 78.92 76.71
CA ALA WE 4 -22.33 77.92 75.65
C ALA WE 4 -23.62 77.12 75.46
N VAL WE 5 -23.85 76.70 74.22
CA VAL WE 5 -25.06 75.99 73.84
C VAL WE 5 -24.67 74.67 73.19
N GLY WE 6 -25.31 73.59 73.62
CA GLY WE 6 -25.10 72.28 73.03
C GLY WE 6 -26.42 71.73 72.52
N MET WE 7 -26.36 71.04 71.38
CA MET WE 7 -27.53 70.49 70.73
C MET WE 7 -27.27 69.04 70.39
N ILE WE 8 -28.25 68.19 70.65
CA ILE WE 8 -28.24 66.80 70.17
C ILE WE 8 -29.53 66.59 69.39
N GLU WE 9 -29.40 66.28 68.11
CA GLU WE 9 -30.54 65.96 67.27
C GLU WE 9 -30.64 64.46 67.10
N THR WE 10 -31.78 63.90 67.48
CA THR WE 10 -32.02 62.47 67.32
C THR WE 10 -33.24 62.25 66.44
N LEU WE 11 -33.30 61.04 65.87
CA LEU WE 11 -34.47 60.59 65.13
C LEU WE 11 -35.33 59.78 66.10
N GLY WE 12 -36.35 60.42 66.66
CA GLY WE 12 -37.20 59.76 67.61
C GLY WE 12 -37.28 60.45 68.96
N PHE WE 13 -38.47 60.40 69.57
CA PHE WE 13 -38.71 61.00 70.88
C PHE WE 13 -38.20 60.21 72.09
N PRO WE 14 -38.22 58.86 72.13
CA PRO WE 14 -37.51 58.20 73.24
C PRO WE 14 -36.02 58.42 73.23
N ALA WE 15 -35.42 58.63 72.07
CA ALA WE 15 -33.98 58.90 72.02
C ALA WE 15 -33.66 60.31 72.46
N VAL WE 16 -34.59 61.24 72.28
CA VAL WE 16 -34.28 62.63 72.60
C VAL WE 16 -34.50 62.90 74.09
N VAL WE 17 -35.32 62.08 74.74
CA VAL WE 17 -35.50 62.21 76.19
C VAL WE 17 -34.33 61.57 76.92
N GLU WE 18 -33.80 60.47 76.38
CA GLU WE 18 -32.56 59.92 76.92
C GLU WE 18 -31.38 60.84 76.66
N ALA WE 19 -31.36 61.51 75.51
CA ALA WE 19 -30.35 62.53 75.27
C ALA WE 19 -30.48 63.70 76.24
N ALA WE 20 -31.71 64.14 76.50
CA ALA WE 20 -31.92 65.24 77.43
C ALA WE 20 -31.63 64.82 78.86
N ASP WE 21 -31.92 63.56 79.20
CA ASP WE 21 -31.71 63.10 80.57
C ASP WE 21 -30.24 62.85 80.86
N ALA WE 22 -29.51 62.31 79.90
CA ALA WE 22 -28.10 62.02 80.12
C ALA WE 22 -27.26 63.29 80.07
N MET WE 23 -27.75 64.34 79.43
CA MET WE 23 -26.99 65.59 79.36
C MET WE 23 -27.00 66.30 80.70
N VAL WE 24 -28.17 66.39 81.34
CA VAL WE 24 -28.24 67.14 82.60
C VAL WE 24 -27.82 66.27 83.77
N LYS WE 25 -27.57 64.98 83.53
CA LYS WE 25 -27.06 64.11 84.59
C LYS WE 25 -25.55 63.95 84.52
N ALA WE 26 -24.95 64.19 83.36
CA ALA WE 26 -23.52 64.02 83.22
C ALA WE 26 -22.77 65.24 83.72
N ALA WE 27 -23.36 66.42 83.59
CA ALA WE 27 -22.68 67.66 83.92
C ALA WE 27 -23.69 68.70 84.38
N ARG WE 28 -23.19 69.86 84.76
CA ARG WE 28 -24.00 70.95 85.28
C ARG WE 28 -24.43 71.83 84.11
N VAL WE 29 -25.42 71.34 83.36
CA VAL WE 29 -26.01 72.09 82.26
C VAL WE 29 -27.49 72.28 82.56
N THR WE 30 -28.10 73.21 81.82
CA THR WE 30 -29.52 73.48 81.92
C THR WE 30 -30.18 73.15 80.59
N LEU WE 31 -31.02 72.13 80.58
CA LEU WE 31 -31.86 71.84 79.43
C LEU WE 31 -32.88 72.97 79.28
N VAL WE 32 -32.79 73.73 78.20
CA VAL WE 32 -33.65 74.89 78.01
C VAL WE 32 -34.61 74.71 76.85
N GLY WE 33 -34.37 73.79 75.95
CA GLY WE 33 -35.05 73.81 74.67
C GLY WE 33 -35.37 72.41 74.18
N TYR WE 34 -36.35 72.34 73.30
CA TYR WE 34 -36.85 71.09 72.75
C TYR WE 34 -37.47 71.44 71.42
N GLU WE 35 -36.82 71.03 70.33
CA GLU WE 35 -37.10 71.58 69.01
C GLU WE 35 -37.48 70.49 68.04
N LYS WE 36 -38.67 70.62 67.46
CA LYS WE 36 -39.17 69.71 66.43
C LYS WE 36 -39.15 70.44 65.10
N ILE WE 37 -38.49 69.85 64.11
CA ILE WE 37 -38.36 70.44 62.78
C ILE WE 37 -38.96 69.54 61.71
N GLY WE 38 -39.68 68.49 62.10
CA GLY WE 38 -40.28 67.59 61.14
C GLY WE 38 -39.41 66.38 60.84
N THR WE 39 -40.03 65.40 60.18
CA THR WE 39 -39.51 64.06 59.90
C THR WE 39 -38.94 63.35 61.12
N GLY WE 40 -39.50 63.60 62.31
CA GLY WE 40 -39.01 62.96 63.50
C GLY WE 40 -37.68 63.47 64.02
N ARG WE 41 -37.11 64.50 63.40
CA ARG WE 41 -35.85 65.08 63.84
C ARG WE 41 -36.13 65.99 65.03
N VAL WE 42 -35.72 65.56 66.21
CA VAL WE 42 -35.98 66.28 67.45
C VAL WE 42 -34.65 66.68 68.06
N THR WE 43 -34.55 67.94 68.48
CA THR WE 43 -33.33 68.50 69.02
C THR WE 43 -33.60 69.06 70.41
N VAL WE 44 -32.84 68.60 71.40
CA VAL WE 44 -32.81 69.20 72.72
C VAL WE 44 -31.61 70.12 72.80
N ILE WE 45 -31.78 71.23 73.52
CA ILE WE 45 -30.80 72.31 73.60
C ILE WE 45 -30.45 72.51 75.07
N VAL WE 46 -29.17 72.40 75.40
CA VAL WE 46 -28.70 72.65 76.76
C VAL WE 46 -27.83 73.89 76.75
N ARG WE 47 -27.81 74.58 77.89
CA ARG WE 47 -26.92 75.72 78.11
C ARG WE 47 -26.05 75.44 79.33
N GLY WE 48 -24.89 76.07 79.36
CA GLY WE 48 -23.99 75.91 80.49
C GLY WE 48 -22.59 76.33 80.10
N ASP WE 49 -21.66 76.09 81.01
CA ASP WE 49 -20.26 76.35 80.74
C ASP WE 49 -19.73 75.36 79.70
N VAL WE 50 -18.60 75.73 79.09
CA VAL WE 50 -18.07 74.96 77.96
C VAL WE 50 -17.57 73.59 78.43
N SER WE 51 -17.01 73.53 79.63
CA SER WE 51 -16.63 72.25 80.21
C SER WE 51 -17.85 71.39 80.52
N GLU WE 52 -18.95 72.02 80.93
CA GLU WE 52 -20.16 71.28 81.22
C GLU WE 52 -20.84 70.80 79.95
N VAL WE 53 -20.89 71.65 78.93
CA VAL WE 53 -21.63 71.33 77.70
C VAL WE 53 -20.89 70.27 76.90
N GLN WE 54 -19.56 70.35 76.84
CA GLN WE 54 -18.77 69.35 76.13
C GLN WE 54 -18.87 67.98 76.78
N ALA WE 55 -18.95 67.93 78.12
CA ALA WE 55 -19.11 66.67 78.80
C ALA WE 55 -20.51 66.11 78.63
N SER WE 56 -21.51 67.00 78.57
CA SER WE 56 -22.90 66.56 78.49
C SER WE 56 -23.24 66.04 77.09
N VAL WE 57 -22.79 66.75 76.06
CA VAL WE 57 -23.11 66.36 74.68
C VAL WE 57 -22.38 65.06 74.32
N SER WE 58 -21.15 64.89 74.80
CA SER WE 58 -20.41 63.66 74.51
C SER WE 58 -20.98 62.47 75.26
N ALA WE 59 -21.50 62.70 76.48
CA ALA WE 59 -22.13 61.61 77.21
C ALA WE 59 -23.57 61.40 76.77
N GLY WE 60 -24.21 62.46 76.30
CA GLY WE 60 -25.56 62.30 75.75
C GLY WE 60 -25.58 61.60 74.41
N THR WE 61 -24.48 61.69 73.65
CA THR WE 61 -24.42 61.01 72.36
C THR WE 61 -24.23 59.52 72.53
N GLU WE 62 -23.43 59.11 73.52
CA GLU WE 62 -23.19 57.69 73.75
C GLU WE 62 -24.41 57.01 74.37
N SER WE 63 -25.20 57.76 75.14
CA SER WE 63 -26.34 57.17 75.82
C SER WE 63 -27.50 56.89 74.88
N VAL WE 64 -27.61 57.66 73.77
CA VAL WE 64 -28.66 57.40 72.78
C VAL WE 64 -28.44 56.08 72.05
N LYS WE 65 -27.19 55.69 71.83
CA LYS WE 65 -26.91 54.38 71.24
C LYS WE 65 -26.85 53.29 72.31
N ARG WE 66 -27.84 53.30 73.20
CA ARG WE 66 -28.15 52.26 74.17
C ARG WE 66 -29.66 52.15 74.22
N VAL WE 67 -30.32 52.96 73.40
CA VAL WE 67 -31.77 52.93 73.21
C VAL WE 67 -32.06 52.17 71.93
N ASN WE 68 -33.01 51.25 71.98
CA ASN WE 68 -33.41 50.53 70.79
C ASN WE 68 -34.23 51.44 69.89
N GLY WE 69 -33.84 51.53 68.63
CA GLY WE 69 -34.47 52.48 67.74
C GLY WE 69 -34.00 53.90 67.90
N GLY WE 70 -32.95 54.13 68.69
CA GLY WE 70 -32.41 55.45 68.92
C GLY WE 70 -31.23 55.70 67.99
N GLN WE 71 -31.23 56.88 67.37
CA GLN WE 71 -30.21 57.25 66.40
C GLN WE 71 -29.89 58.73 66.54
N VAL WE 72 -28.61 59.05 66.73
CA VAL WE 72 -28.15 60.43 66.78
C VAL WE 72 -27.98 60.90 65.34
N LEU WE 73 -28.65 61.99 64.98
CA LEU WE 73 -28.49 62.56 63.65
C LEU WE 73 -27.35 63.55 63.61
N SER WE 74 -27.34 64.52 64.53
CA SER WE 74 -26.32 65.55 64.53
C SER WE 74 -26.18 66.13 65.93
N THR WE 75 -24.93 66.35 66.33
CA THR WE 75 -24.59 67.00 67.59
C THR WE 75 -23.69 68.18 67.30
N HIS WE 76 -23.81 69.22 68.13
CA HIS WE 76 -22.90 70.36 68.02
C HIS WE 76 -22.82 71.08 69.35
N ILE WE 77 -21.67 71.71 69.58
CA ILE WE 77 -21.43 72.60 70.71
C ILE WE 77 -20.93 73.92 70.17
N ILE WE 78 -21.59 75.00 70.56
CA ILE WE 78 -21.12 76.36 70.28
C ILE WE 78 -20.69 76.97 71.60
N ALA WE 79 -19.38 77.16 71.76
CA ALA WE 79 -18.83 77.54 73.07
C ALA WE 79 -19.15 78.98 73.42
N ARG WE 80 -19.28 79.85 72.43
CA ARG WE 80 -19.54 81.26 72.67
C ARG WE 80 -20.49 81.75 71.59
N PRO WE 81 -21.80 81.54 71.76
CA PRO WE 81 -22.74 82.02 70.76
C PRO WE 81 -22.94 83.53 70.84
N HIS WE 82 -23.17 84.13 69.69
CA HIS WE 82 -23.47 85.54 69.59
C HIS WE 82 -24.79 85.84 70.29
N GLU WE 83 -24.90 87.04 70.85
CA GLU WE 83 -26.13 87.44 71.53
C GLU WE 83 -27.28 87.72 70.58
N ASN WE 84 -27.03 87.74 69.27
CA ASN WE 84 -28.10 87.79 68.28
C ASN WE 84 -28.92 86.51 68.26
N LEU WE 85 -28.30 85.36 68.59
CA LEU WE 85 -28.93 84.07 68.35
C LEU WE 85 -30.02 83.75 69.37
N GLU WE 86 -29.93 84.30 70.58
CA GLU WE 86 -30.93 83.98 71.60
C GLU WE 86 -32.28 84.63 71.30
N TYR WE 87 -32.27 85.72 70.53
CA TYR WE 87 -33.53 86.40 70.21
C TYR WE 87 -34.20 85.78 68.99
N VAL WE 88 -33.45 85.05 68.18
CA VAL WE 88 -34.03 84.46 66.97
C VAL WE 88 -34.23 82.96 67.16
N LEU WE 89 -33.23 82.28 67.64
CA LEU WE 89 -33.29 80.84 67.78
C LEU WE 89 -33.78 80.46 69.17
N PRO WE 90 -34.51 79.34 69.30
CA PRO WE 90 -35.01 78.90 70.62
C PRO WE 90 -33.94 78.20 71.46
N ILE WE 91 -32.87 78.93 71.77
CA ILE WE 91 -31.79 78.43 72.60
C ILE WE 91 -31.65 79.21 73.90
N ARG WE 92 -32.60 80.07 74.22
CA ARG WE 92 -32.44 80.97 75.36
C ARG WE 92 -33.05 80.38 76.61
N TYR WE 93 -32.66 80.93 77.75
CA TYR WE 93 -33.24 80.55 79.03
C TYR WE 93 -34.66 81.08 79.15
N THR WE 94 -35.62 80.18 79.26
CA THR WE 94 -36.99 80.56 79.54
C THR WE 94 -37.23 80.53 81.05
N GLU WE 95 -38.38 81.06 81.47
CA GLU WE 95 -38.60 81.31 82.89
C GLU WE 95 -38.89 80.04 83.69
N GLU WE 96 -39.26 78.95 83.00
CA GLU WE 96 -39.49 77.70 83.71
C GLU WE 96 -38.20 77.04 84.15
N VAL WE 97 -37.09 77.34 83.47
CA VAL WE 97 -35.82 76.69 83.73
C VAL WE 97 -34.78 77.64 84.34
N GLU WE 98 -35.23 78.75 84.93
CA GLU WE 98 -34.30 79.65 85.59
C GLU WE 98 -33.89 79.14 86.97
N GLN WE 99 -34.59 78.14 87.51
CA GLN WE 99 -34.18 77.56 88.78
C GLN WE 99 -33.00 76.61 88.63
N PHE WE 100 -32.76 76.11 87.42
CA PHE WE 100 -31.68 75.18 87.17
C PHE WE 100 -30.41 75.84 86.67
N ARG WE 101 -30.43 77.15 86.41
CA ARG WE 101 -29.25 77.84 85.90
C ARG WE 101 -28.19 78.04 86.99
N ALA XE 2 -34.10 96.90 49.07
CA ALA XE 2 -33.88 97.16 50.48
C ALA XE 2 -32.52 96.65 50.94
N VAL XE 3 -32.36 96.51 52.26
CA VAL XE 3 -31.17 95.89 52.83
C VAL XE 3 -31.14 94.42 52.43
N ALA XE 4 -29.95 93.93 52.05
CA ALA XE 4 -29.81 92.63 51.40
C ALA XE 4 -30.18 91.47 52.33
N VAL XE 5 -30.63 90.38 51.73
CA VAL XE 5 -31.09 89.19 52.44
C VAL XE 5 -30.14 88.05 52.13
N GLY XE 6 -29.70 87.34 53.15
CA GLY XE 6 -28.99 86.09 52.96
C GLY XE 6 -29.70 84.97 53.69
N MET XE 7 -29.89 83.86 53.00
CA MET XE 7 -30.58 82.70 53.56
C MET XE 7 -29.70 81.48 53.40
N ILE XE 8 -29.55 80.71 54.47
CA ILE XE 8 -28.93 79.39 54.41
C ILE XE 8 -29.96 78.38 54.88
N GLU XE 9 -30.27 77.40 54.04
CA GLU XE 9 -31.15 76.31 54.40
C GLU XE 9 -30.32 75.07 54.67
N THR XE 10 -30.48 74.50 55.86
CA THR XE 10 -29.77 73.28 56.22
C THR XE 10 -30.78 72.17 56.54
N LEU XE 11 -30.29 70.94 56.51
CA LEU XE 11 -31.04 69.78 56.97
C LEU XE 11 -30.64 69.52 58.42
N GLY XE 12 -31.45 70.01 59.35
CA GLY XE 12 -31.14 69.81 60.74
C GLY XE 12 -31.00 71.09 61.53
N PHE XE 13 -31.39 71.06 62.79
CA PHE XE 13 -31.30 72.21 63.69
C PHE XE 13 -29.91 72.47 64.27
N PRO XE 14 -29.07 71.49 64.64
CA PRO XE 14 -27.70 71.85 65.02
C PRO XE 14 -26.87 72.45 63.90
N ALA XE 15 -27.18 72.12 62.65
CA ALA XE 15 -26.45 72.72 61.53
C ALA XE 15 -26.88 74.15 61.28
N VAL XE 16 -28.11 74.50 61.68
CA VAL XE 16 -28.62 75.83 61.34
C VAL XE 16 -28.26 76.82 62.43
N VAL XE 17 -27.90 76.35 63.62
CA VAL XE 17 -27.43 77.25 64.67
C VAL XE 17 -25.94 77.53 64.48
N GLU XE 18 -25.19 76.53 64.00
CA GLU XE 18 -23.80 76.76 63.65
C GLU XE 18 -23.67 77.62 62.41
N ALA XE 19 -24.61 77.48 61.46
CA ALA XE 19 -24.63 78.38 60.31
C ALA XE 19 -24.97 79.80 60.72
N ALA XE 20 -25.92 79.96 61.65
CA ALA XE 20 -26.32 81.30 62.08
C ALA XE 20 -25.26 81.93 62.95
N ASP XE 21 -24.54 81.13 63.75
CA ASP XE 21 -23.48 81.67 64.59
C ASP XE 21 -22.25 82.04 63.78
N ALA XE 22 -22.00 81.33 62.68
CA ALA XE 22 -20.87 81.67 61.84
C ALA XE 22 -21.16 82.92 61.02
N MET XE 23 -22.42 83.18 60.72
CA MET XE 23 -22.76 84.32 59.86
C MET XE 23 -22.59 85.64 60.60
N VAL XE 24 -23.09 85.72 61.84
CA VAL XE 24 -23.07 87.00 62.53
C VAL XE 24 -21.70 87.27 63.13
N LYS XE 25 -20.82 86.28 63.17
CA LYS XE 25 -19.44 86.50 63.60
C LYS XE 25 -18.56 86.91 62.42
N ALA XE 26 -18.91 86.47 61.22
CA ALA XE 26 -18.04 86.70 60.07
C ALA XE 26 -18.16 88.11 59.54
N ALA XE 27 -19.35 88.72 59.64
CA ALA XE 27 -19.57 90.02 59.05
C ALA XE 27 -20.59 90.79 59.87
N ARG XE 28 -20.91 92.00 59.39
CA ARG XE 28 -21.85 92.89 60.07
C ARG XE 28 -23.26 92.65 59.53
N VAL XE 29 -23.72 91.42 59.73
CA VAL XE 29 -25.08 91.05 59.37
C VAL XE 29 -25.89 90.88 60.65
N THR XE 30 -27.20 91.03 60.52
CA THR XE 30 -28.12 90.82 61.62
C THR XE 30 -28.95 89.59 61.30
N LEU XE 31 -28.83 88.56 62.14
CA LEU XE 31 -29.74 87.43 62.07
C LEU XE 31 -31.13 87.88 62.51
N VAL XE 32 -32.08 87.84 61.59
CA VAL XE 32 -33.42 88.35 61.86
C VAL XE 32 -34.48 87.26 61.82
N GLY XE 33 -34.20 86.12 61.22
CA GLY XE 33 -35.26 85.20 60.84
C GLY XE 33 -34.87 83.77 61.09
N TYR XE 34 -35.90 82.93 61.20
CA TYR XE 34 -35.74 81.52 61.51
C TYR XE 34 -36.99 80.82 61.00
N GLU XE 35 -36.83 79.95 60.02
CA GLU XE 35 -37.99 79.41 59.30
C GLU XE 35 -37.90 77.90 59.19
N LYS XE 36 -39.00 77.23 59.54
CA LYS XE 36 -39.15 75.79 59.39
C LYS XE 36 -40.22 75.54 58.34
N ILE XE 37 -39.90 74.72 57.35
CA ILE XE 37 -40.81 74.44 56.25
C ILE XE 37 -41.11 72.95 56.13
N GLY XE 38 -40.61 72.13 57.05
CA GLY XE 38 -40.86 70.71 57.03
C GLY XE 38 -39.70 69.90 56.48
N THR XE 39 -39.77 68.59 56.74
CA THR XE 39 -38.73 67.58 56.48
C THR XE 39 -37.35 67.99 56.98
N GLY XE 40 -37.28 68.69 58.10
CA GLY XE 40 -35.99 69.09 58.63
C GLY XE 40 -35.30 70.20 57.89
N ARG XE 41 -35.97 70.83 56.92
CA ARG XE 41 -35.39 71.94 56.18
C ARG XE 41 -35.59 73.21 56.98
N VAL XE 42 -34.50 73.71 57.57
CA VAL XE 42 -34.52 74.86 58.46
C VAL XE 42 -33.71 75.97 57.83
N THR XE 43 -34.24 77.19 57.85
CA THR XE 43 -33.63 78.33 57.20
C THR XE 43 -33.42 79.46 58.21
N VAL XE 44 -32.21 80.00 58.22
CA VAL XE 44 -31.90 81.23 58.94
C VAL XE 44 -31.69 82.36 57.94
N ILE XE 45 -32.10 83.57 58.32
CA ILE XE 45 -32.14 84.72 57.43
C ILE XE 45 -31.34 85.84 58.06
N VAL XE 46 -30.34 86.33 57.34
CA VAL XE 46 -29.55 87.48 57.81
C VAL XE 46 -29.85 88.68 56.93
N ARG XE 47 -29.72 89.86 57.51
CA ARG XE 47 -29.84 91.13 56.79
C ARG XE 47 -28.57 91.94 56.98
N GLY XE 48 -28.16 92.63 55.92
CA GLY XE 48 -27.01 93.50 56.01
C GLY XE 48 -26.68 94.07 54.64
N ASP XE 49 -25.52 94.70 54.55
CA ASP XE 49 -25.01 95.10 53.24
C ASP XE 49 -24.65 93.85 52.43
N VAL XE 50 -24.71 93.99 51.11
CA VAL XE 50 -24.57 92.85 50.22
C VAL XE 50 -23.16 92.25 50.29
N SER XE 51 -22.14 93.07 50.54
CA SER XE 51 -20.80 92.55 50.72
C SER XE 51 -20.69 91.80 52.06
N GLU XE 52 -21.37 92.31 53.09
CA GLU XE 52 -21.38 91.63 54.37
C GLU XE 52 -22.25 90.38 54.33
N VAL XE 53 -23.34 90.42 53.57
CA VAL XE 53 -24.22 89.26 53.47
C VAL XE 53 -23.55 88.15 52.67
N GLN XE 54 -22.80 88.51 51.62
CA GLN XE 54 -22.06 87.52 50.86
C GLN XE 54 -20.94 86.89 51.66
N ALA XE 55 -20.27 87.69 52.49
CA ALA XE 55 -19.16 87.18 53.29
C ALA XE 55 -19.66 86.30 54.43
N SER XE 56 -20.87 86.57 54.92
CA SER XE 56 -21.40 85.78 56.03
C SER XE 56 -21.98 84.46 55.54
N VAL XE 57 -22.73 84.50 54.43
CA VAL XE 57 -23.40 83.31 53.92
C VAL XE 57 -22.37 82.29 53.42
N SER XE 58 -21.26 82.78 52.86
CA SER XE 58 -20.17 81.89 52.47
C SER XE 58 -19.47 81.29 53.68
N ALA XE 59 -19.38 82.05 54.77
CA ALA XE 59 -18.75 81.55 55.98
C ALA XE 59 -19.70 80.66 56.77
N GLY XE 60 -21.00 80.93 56.69
CA GLY XE 60 -21.96 80.07 57.37
C GLY XE 60 -22.18 78.75 56.66
N THR XE 61 -21.90 78.70 55.36
CA THR XE 61 -22.02 77.45 54.61
C THR XE 61 -20.86 76.51 54.93
N GLU XE 62 -19.65 77.06 55.01
CA GLU XE 62 -18.47 76.23 55.24
C GLU XE 62 -18.37 75.76 56.68
N SER XE 63 -19.11 76.40 57.60
CA SER XE 63 -19.08 76.00 58.99
C SER XE 63 -20.06 74.88 59.32
N VAL XE 64 -20.97 74.56 58.39
CA VAL XE 64 -21.86 73.43 58.59
C VAL XE 64 -21.08 72.11 58.44
N LYS XE 65 -19.96 72.14 57.71
CA LYS XE 65 -19.10 70.96 57.61
C LYS XE 65 -18.39 70.65 58.93
N ARG XE 66 -18.35 71.60 59.86
CA ARG XE 66 -17.89 71.29 61.22
C ARG XE 66 -18.90 70.40 61.94
N VAL XE 67 -20.18 70.57 61.65
CA VAL XE 67 -21.21 69.77 62.29
C VAL XE 67 -21.24 68.39 61.65
N ASN XE 68 -21.12 67.36 62.48
CA ASN XE 68 -21.31 65.99 62.03
C ASN XE 68 -22.79 65.75 61.77
N GLY XE 69 -23.13 65.27 60.58
CA GLY XE 69 -24.52 65.11 60.25
C GLY XE 69 -25.22 66.39 59.84
N GLY XE 70 -24.47 67.46 59.58
CA GLY XE 70 -25.02 68.71 59.11
C GLY XE 70 -24.81 68.83 57.61
N GLN XE 71 -25.82 69.38 56.94
CA GLN XE 71 -25.82 69.44 55.48
C GLN XE 71 -26.56 70.69 55.03
N VAL XE 72 -25.88 71.52 54.23
CA VAL XE 72 -26.49 72.70 53.63
C VAL XE 72 -27.28 72.25 52.40
N LEU XE 73 -28.57 72.59 52.39
CA LEU XE 73 -29.41 72.24 51.24
C LEU XE 73 -29.38 73.33 50.19
N SER XE 74 -29.56 74.58 50.60
CA SER XE 74 -29.68 75.68 49.65
C SER XE 74 -29.26 76.98 50.33
N THR XE 75 -28.48 77.77 49.60
CA THR XE 75 -28.12 79.12 50.03
C THR XE 75 -28.50 80.10 48.93
N HIS XE 76 -28.86 81.31 49.33
CA HIS XE 76 -29.15 82.36 48.37
C HIS XE 76 -28.94 83.72 49.01
N ILE XE 77 -28.53 84.67 48.18
CA ILE XE 77 -28.35 86.06 48.56
C ILE XE 77 -29.14 86.93 47.60
N ILE XE 78 -30.02 87.77 48.14
CA ILE XE 78 -30.75 88.77 47.37
C ILE XE 78 -30.16 90.13 47.73
N ALA XE 79 -29.60 90.81 46.74
CA ALA XE 79 -28.81 92.02 47.02
C ALA XE 79 -29.70 93.21 47.35
N ARG XE 80 -30.88 93.27 46.75
CA ARG XE 80 -31.79 94.41 46.94
C ARG XE 80 -33.20 93.88 46.85
N PRO XE 81 -33.74 93.35 47.94
CA PRO XE 81 -35.10 92.80 47.90
C PRO XE 81 -36.14 93.89 47.84
N HIS XE 82 -37.26 93.56 47.22
CA HIS XE 82 -38.39 94.47 47.14
C HIS XE 82 -39.00 94.67 48.52
N GLU XE 83 -39.62 95.83 48.72
CA GLU XE 83 -40.22 96.15 50.01
C GLU XE 83 -41.53 95.38 50.26
N ASN XE 84 -42.07 94.72 49.23
CA ASN XE 84 -43.21 93.83 49.43
C ASN XE 84 -42.82 92.57 50.20
N LEU XE 85 -41.55 92.18 50.15
CA LEU XE 85 -41.14 90.89 50.70
C LEU XE 85 -41.09 90.88 52.21
N GLU XE 86 -40.84 92.03 52.84
CA GLU XE 86 -40.70 92.07 54.30
C GLU XE 86 -42.05 91.99 55.00
N TYR XE 87 -43.13 92.27 54.28
CA TYR XE 87 -44.45 92.25 54.89
C TYR XE 87 -45.11 90.88 54.74
N VAL XE 88 -44.58 90.03 53.87
CA VAL XE 88 -45.13 88.70 53.71
C VAL XE 88 -44.16 87.65 54.25
N LEU XE 89 -42.95 87.66 53.76
CA LEU XE 89 -41.95 86.68 54.16
C LEU XE 89 -41.27 87.11 55.44
N PRO XE 90 -40.86 86.16 56.30
CA PRO XE 90 -40.17 86.50 57.55
C PRO XE 90 -38.70 86.83 57.36
N ILE XE 91 -38.44 87.90 56.61
CA ILE XE 91 -37.09 88.42 56.39
C ILE XE 91 -36.92 89.81 56.98
N ARG XE 92 -37.91 90.32 57.70
CA ARG XE 92 -37.86 91.69 58.16
C ARG XE 92 -37.19 91.80 59.52
N TYR XE 93 -36.75 93.01 59.83
CA TYR XE 93 -36.23 93.31 61.16
C TYR XE 93 -37.36 93.34 62.17
N THR XE 94 -37.33 92.42 63.12
CA THR XE 94 -38.22 92.47 64.26
C THR XE 94 -37.64 93.42 65.29
N GLU XE 95 -38.47 93.79 66.28
CA GLU XE 95 -38.05 94.78 67.27
C GLU XE 95 -37.06 94.18 68.26
N GLU XE 96 -37.05 92.86 68.41
CA GLU XE 96 -36.14 92.21 69.34
C GLU XE 96 -34.70 92.22 68.82
N VAL XE 97 -34.51 92.33 67.50
CA VAL XE 97 -33.18 92.29 66.91
C VAL XE 97 -32.73 93.68 66.43
N GLU XE 98 -33.39 94.75 66.90
CA GLU XE 98 -32.99 96.09 66.50
C GLU XE 98 -31.75 96.57 67.22
N GLN XE 99 -31.31 95.87 68.27
CA GLN XE 99 -30.07 96.24 68.94
C GLN XE 99 -28.84 95.77 68.17
N PHE XE 100 -29.02 94.87 67.20
CA PHE XE 100 -27.92 94.32 66.44
C PHE XE 100 -27.82 94.89 65.03
N ARG XE 101 -28.69 95.82 64.66
CA ARG XE 101 -28.67 96.39 63.32
C ARG XE 101 -27.53 97.38 63.15
N ALA YE 2 -1.19 78.64 85.21
CA ALA YE 2 -2.38 79.43 85.48
C ALA YE 2 -3.51 79.03 84.53
N VAL YE 3 -3.77 79.86 83.53
CA VAL YE 3 -4.72 79.50 82.50
C VAL YE 3 -4.06 78.57 81.50
N ALA YE 4 -4.86 77.85 80.72
CA ALA YE 4 -4.33 76.90 79.76
C ALA YE 4 -3.67 77.60 78.58
N VAL YE 5 -2.92 76.84 77.81
CA VAL YE 5 -2.26 77.34 76.61
C VAL YE 5 -2.59 76.39 75.45
N GLY YE 6 -2.96 76.96 74.32
CA GLY YE 6 -3.20 76.18 73.12
C GLY YE 6 -2.43 76.76 71.96
N MET YE 7 -1.94 75.87 71.11
CA MET YE 7 -1.11 76.26 69.97
C MET YE 7 -1.66 75.60 68.71
N ILE YE 8 -1.68 76.35 67.62
CA ILE YE 8 -1.95 75.80 66.29
C ILE YE 8 -0.79 76.24 65.41
N GLU YE 9 -0.08 75.27 64.84
CA GLU YE 9 0.97 75.55 63.88
C GLU YE 9 0.46 75.30 62.48
N THR YE 10 0.49 76.34 61.65
CA THR YE 10 0.09 76.24 60.26
C THR YE 10 1.31 76.43 59.36
N LEU YE 11 1.17 76.01 58.12
CA LEU YE 11 2.14 76.27 57.07
C LEU YE 11 1.63 77.48 56.29
N GLY YE 12 2.21 78.64 56.56
CA GLY YE 12 1.78 79.85 55.89
C GLY YE 12 1.14 80.87 56.81
N PHE YE 13 1.35 82.14 56.50
CA PHE YE 13 0.78 83.25 57.27
C PHE YE 13 -0.71 83.54 57.01
N PRO YE 14 -1.28 83.44 55.79
CA PRO YE 14 -2.74 83.59 55.69
C PRO YE 14 -3.52 82.49 56.41
N ALA YE 15 -2.95 81.30 56.57
CA ALA YE 15 -3.64 80.25 57.30
C ALA YE 15 -3.57 80.49 58.81
N VAL YE 16 -2.51 81.16 59.28
CA VAL YE 16 -2.35 81.30 60.72
C VAL YE 16 -3.16 82.49 61.23
N VAL YE 17 -3.55 83.40 60.34
CA VAL YE 17 -4.42 84.50 60.75
C VAL YE 17 -5.87 84.03 60.77
N GLU YE 18 -6.25 83.19 59.81
CA GLU YE 18 -7.57 82.58 59.84
C GLU YE 18 -7.73 81.61 61.00
N ALA YE 19 -6.65 80.92 61.37
CA ALA YE 19 -6.67 80.08 62.55
C ALA YE 19 -6.80 80.90 63.81
N ALA YE 20 -6.04 82.01 63.91
CA ALA YE 20 -6.10 82.85 65.10
C ALA YE 20 -7.42 83.59 65.19
N ASP YE 21 -8.02 83.94 64.06
CA ASP YE 21 -9.32 84.62 64.08
C ASP YE 21 -10.43 83.65 64.44
N ALA YE 22 -10.31 82.39 64.05
CA ALA YE 22 -11.33 81.41 64.41
C ALA YE 22 -11.23 81.00 65.86
N MET YE 23 -10.05 81.13 66.47
CA MET YE 23 -9.88 80.73 67.86
C MET YE 23 -10.54 81.72 68.81
N VAL YE 24 -10.32 83.02 68.58
CA VAL YE 24 -10.81 84.01 69.52
C VAL YE 24 -12.28 84.31 69.26
N LYS YE 25 -12.84 83.83 68.16
CA LYS YE 25 -14.27 83.94 67.92
C LYS YE 25 -15.02 82.75 68.51
N ALA YE 26 -14.37 81.59 68.58
CA ALA YE 26 -15.06 80.38 68.99
C ALA YE 26 -15.32 80.37 70.50
N ALA YE 27 -14.34 80.79 71.30
CA ALA YE 27 -14.45 80.69 72.74
C ALA YE 27 -13.77 81.89 73.39
N ARG YE 28 -13.81 81.91 74.72
CA ARG YE 28 -13.25 83.00 75.51
C ARG YE 28 -11.76 82.75 75.76
N VAL YE 29 -11.00 82.81 74.68
CA VAL YE 29 -9.56 82.71 74.74
C VAL YE 29 -8.96 84.04 74.31
N THR YE 30 -7.73 84.28 74.75
CA THR YE 30 -6.98 85.46 74.37
C THR YE 30 -5.80 85.02 73.52
N LEU YE 31 -5.77 85.48 72.27
CA LEU YE 31 -4.58 85.34 71.44
C LEU YE 31 -3.47 86.19 72.02
N VAL YE 32 -2.40 85.56 72.46
CA VAL YE 32 -1.32 86.27 73.14
C VAL YE 32 -0.02 86.23 72.36
N GLY YE 33 0.15 85.30 71.44
CA GLY YE 33 1.47 85.00 70.92
C GLY YE 33 1.44 84.68 69.45
N TYR YE 34 2.62 84.69 68.85
CA TYR YE 34 2.80 84.56 67.41
C TYR YE 34 4.25 84.18 67.18
N GLU YE 35 4.48 82.98 66.65
CA GLU YE 35 5.82 82.41 66.63
C GLU YE 35 6.17 81.89 65.25
N LYS YE 36 7.36 82.23 64.78
CA LYS YE 36 7.90 81.76 63.52
C LYS YE 36 9.18 81.00 63.81
N ILE YE 37 9.29 79.77 63.29
CA ILE YE 37 10.42 78.91 63.57
C ILE YE 37 11.15 78.50 62.29
N GLY YE 38 10.72 78.99 61.14
CA GLY YE 38 11.32 78.61 59.88
C GLY YE 38 10.51 77.55 59.15
N THR YE 39 10.90 77.33 57.89
CA THR YE 39 10.16 76.56 56.87
C THR YE 39 8.69 76.94 56.77
N GLY YE 40 8.36 78.21 56.95
CA GLY YE 40 6.99 78.67 56.88
C GLY YE 40 6.09 78.20 58.00
N ARG YE 41 6.64 77.57 59.03
CA ARG YE 41 5.85 77.03 60.13
C ARG YE 41 5.58 78.16 61.12
N VAL YE 42 4.32 78.59 61.18
CA VAL YE 42 3.91 79.72 61.99
C VAL YE 42 2.92 79.23 63.03
N THR YE 43 3.11 79.64 64.28
CA THR YE 43 2.30 79.19 65.41
C THR YE 43 1.65 80.39 66.08
N VAL YE 44 0.36 80.26 66.38
CA VAL YE 44 -0.35 81.22 67.22
C VAL YE 44 -0.70 80.56 68.54
N ILE YE 45 -0.59 81.34 69.62
CA ILE YE 45 -0.73 80.85 70.98
C ILE YE 45 -1.91 81.54 71.62
N VAL YE 46 -2.88 80.77 72.10
CA VAL YE 46 -4.01 81.30 72.83
C VAL YE 46 -3.92 80.89 74.29
N ARG YE 47 -4.41 81.75 75.17
CA ARG YE 47 -4.53 81.45 76.59
C ARG YE 47 -5.99 81.52 77.00
N GLY YE 48 -6.36 80.73 78.00
CA GLY YE 48 -7.72 80.74 78.49
C GLY YE 48 -7.96 79.55 79.37
N ASP YE 49 -9.23 79.31 79.68
CA ASP YE 49 -9.59 78.07 80.36
C ASP YE 49 -9.40 76.91 79.40
N VAL YE 50 -9.17 75.71 79.96
CA VAL YE 50 -8.82 74.55 79.16
C VAL YE 50 -10.00 74.08 78.30
N SER YE 51 -11.23 74.28 78.78
CA SER YE 51 -12.40 73.98 77.97
C SER YE 51 -12.55 74.98 76.82
N GLU YE 52 -12.23 76.25 77.08
CA GLU YE 52 -12.29 77.26 76.04
C GLU YE 52 -11.15 77.10 75.04
N VAL YE 53 -9.98 76.68 75.53
CA VAL YE 53 -8.84 76.47 74.64
C VAL YE 53 -9.09 75.26 73.75
N GLN YE 54 -9.76 74.23 74.27
CA GLN YE 54 -10.09 73.05 73.48
C GLN YE 54 -11.12 73.37 72.41
N ALA YE 55 -12.07 74.24 72.71
CA ALA YE 55 -13.08 74.61 71.74
C ALA YE 55 -12.52 75.53 70.67
N SER YE 56 -11.53 76.35 71.03
CA SER YE 56 -10.95 77.28 70.08
C SER YE 56 -9.98 76.58 69.13
N VAL YE 57 -9.18 75.65 69.66
CA VAL YE 57 -8.18 74.95 68.85
C VAL YE 57 -8.87 74.03 67.85
N SER YE 58 -9.99 73.43 68.24
CA SER YE 58 -10.74 72.58 67.32
C SER YE 58 -11.41 73.41 66.22
N ALA YE 59 -11.79 74.64 66.53
CA ALA YE 59 -12.39 75.49 65.52
C ALA YE 59 -11.34 76.16 64.65
N GLY YE 60 -10.17 76.44 65.22
CA GLY YE 60 -9.08 77.01 64.43
C GLY YE 60 -8.45 76.01 63.50
N THR YE 61 -8.55 74.71 63.83
CA THR YE 61 -8.04 73.68 62.93
C THR YE 61 -8.95 73.51 61.72
N GLU YE 62 -10.26 73.59 61.93
CA GLU YE 62 -11.22 73.43 60.84
C GLU YE 62 -11.23 74.61 59.89
N SER YE 63 -10.79 75.78 60.36
CA SER YE 63 -10.84 76.98 59.53
C SER YE 63 -9.65 77.11 58.60
N VAL YE 64 -8.59 76.35 58.81
CA VAL YE 64 -7.47 76.36 57.89
C VAL YE 64 -7.82 75.57 56.63
N LYS YE 65 -8.77 74.64 56.75
CA LYS YE 65 -9.25 73.88 55.60
C LYS YE 65 -9.97 74.75 54.56
N ARG YE 66 -10.49 75.90 54.96
CA ARG YE 66 -11.09 76.82 54.01
C ARG YE 66 -10.08 77.77 53.37
N VAL YE 67 -8.86 77.83 53.90
CA VAL YE 67 -7.80 78.65 53.30
C VAL YE 67 -7.16 77.85 52.17
N ASN YE 68 -7.11 78.44 50.99
CA ASN YE 68 -6.47 77.81 49.84
C ASN YE 68 -4.96 77.97 49.99
N GLY YE 69 -4.25 76.85 50.17
CA GLY YE 69 -2.82 76.86 50.37
C GLY YE 69 -2.39 76.83 51.81
N GLY YE 70 -3.31 76.58 52.75
CA GLY YE 70 -2.96 76.50 54.15
C GLY YE 70 -3.12 75.08 54.66
N GLN YE 71 -2.37 74.78 55.71
CA GLN YE 71 -2.31 73.42 56.23
C GLN YE 71 -1.90 73.45 57.70
N VAL YE 72 -2.72 72.84 58.54
CA VAL YE 72 -2.40 72.67 59.95
C VAL YE 72 -1.32 71.61 60.07
N LEU YE 73 -0.19 71.97 60.67
CA LEU YE 73 0.89 71.01 60.86
C LEU YE 73 0.81 70.35 62.22
N SER YE 74 0.54 71.14 63.27
CA SER YE 74 0.55 70.60 64.62
C SER YE 74 -0.34 71.47 65.50
N THR YE 75 -1.13 70.82 66.34
CA THR YE 75 -1.91 71.47 67.37
C THR YE 75 -1.62 70.82 68.71
N HIS YE 76 -1.68 71.61 69.78
CA HIS YE 76 -1.53 71.06 71.12
C HIS YE 76 -2.20 71.97 72.14
N ILE YE 77 -2.62 71.36 73.24
CA ILE YE 77 -3.29 72.02 74.34
C ILE YE 77 -2.66 71.54 75.64
N ILE YE 78 -2.25 72.45 76.50
CA ILE YE 78 -1.74 72.14 77.83
C ILE YE 78 -2.67 72.79 78.84
N ALA YE 79 -3.22 71.98 79.76
CA ALA YE 79 -4.29 72.44 80.64
C ALA YE 79 -3.79 73.46 81.65
N ARG YE 80 -2.56 73.29 82.14
CA ARG YE 80 -1.94 74.24 83.06
C ARG YE 80 -0.45 74.14 82.86
N PRO YE 81 0.14 75.06 82.09
CA PRO YE 81 1.60 75.03 81.90
C PRO YE 81 2.33 75.40 83.17
N HIS YE 82 3.58 74.96 83.24
CA HIS YE 82 4.44 75.28 84.36
C HIS YE 82 4.78 76.77 84.35
N GLU YE 83 5.11 77.29 85.53
CA GLU YE 83 5.50 78.69 85.64
C GLU YE 83 6.89 78.94 85.06
N ASN YE 84 7.66 77.88 84.84
CA ASN YE 84 8.94 78.00 84.15
C ASN YE 84 8.75 78.37 82.67
N LEU YE 85 7.66 77.91 82.05
CA LEU YE 85 7.50 78.08 80.61
C LEU YE 85 7.14 79.51 80.23
N GLU YE 86 6.63 80.30 81.17
CA GLU YE 86 6.22 81.66 80.85
C GLU YE 86 7.43 82.56 80.63
N TYR YE 87 8.56 82.23 81.27
CA TYR YE 87 9.73 83.10 81.19
C TYR YE 87 10.64 82.70 80.03
N VAL YE 88 10.54 81.45 79.57
CA VAL YE 88 11.41 81.00 78.50
C VAL YE 88 10.69 81.03 77.16
N LEU YE 89 9.52 80.46 77.12
CA LEU YE 89 8.72 80.35 75.91
C LEU YE 89 7.77 81.53 75.78
N PRO YE 90 7.49 82.00 74.56
CA PRO YE 90 6.61 83.17 74.37
C PRO YE 90 5.12 82.81 74.41
N ILE YE 91 4.68 82.28 75.56
CA ILE YE 91 3.29 81.94 75.78
C ILE YE 91 2.62 82.80 76.84
N ARG YE 92 3.31 83.82 77.34
CA ARG YE 92 2.78 84.62 78.43
C ARG YE 92 1.93 85.77 77.88
N TYR YE 93 1.11 86.33 78.76
CA TYR YE 93 0.32 87.50 78.43
C TYR YE 93 1.24 88.72 78.30
N THR YE 94 1.12 89.43 77.19
CA THR YE 94 1.85 90.67 77.00
C THR YE 94 1.04 91.85 77.52
N GLU YE 95 1.63 93.04 77.42
CA GLU YE 95 0.98 94.23 77.96
C GLU YE 95 -0.17 94.70 77.08
N GLU YE 96 -0.13 94.40 75.78
CA GLU YE 96 -1.14 94.93 74.87
C GLU YE 96 -2.38 94.05 74.86
N VAL YE 97 -2.26 92.80 75.29
CA VAL YE 97 -3.38 91.85 75.22
C VAL YE 97 -4.10 91.73 76.56
N GLU YE 98 -3.81 92.63 77.51
CA GLU YE 98 -4.47 92.59 78.81
C GLU YE 98 -5.92 93.04 78.75
N GLN YE 99 -6.32 93.75 77.69
CA GLN YE 99 -7.71 94.16 77.55
C GLN YE 99 -8.61 92.99 77.15
N PHE YE 100 -8.04 91.95 76.55
CA PHE YE 100 -8.81 90.81 76.08
C PHE YE 100 -8.77 89.64 77.05
N ARG YE 101 -8.12 89.78 78.20
CA ARG YE 101 -8.01 88.69 79.16
C ARG YE 101 -9.31 88.52 79.95
N MET ZE 1 -19.64 44.05 94.42
CA MET ZE 1 -20.22 45.37 94.28
C MET ZE 1 -20.35 46.07 95.62
N GLN ZE 2 -20.53 47.39 95.56
CA GLN ZE 2 -20.80 48.20 96.72
C GLN ZE 2 -22.02 49.05 96.45
N MET ZE 3 -22.76 49.36 97.51
CA MET ZE 3 -23.86 50.31 97.41
C MET ZE 3 -23.31 51.71 97.59
N ALA ZE 4 -23.72 52.62 96.72
CA ALA ZE 4 -23.24 53.98 96.74
C ALA ZE 4 -24.37 54.93 96.40
N LYS ZE 5 -24.24 56.17 96.89
CA LYS ZE 5 -25.17 57.24 96.60
C LYS ZE 5 -24.50 58.24 95.67
N VAL ZE 6 -25.19 58.62 94.60
CA VAL ZE 6 -24.67 59.57 93.62
C VAL ZE 6 -24.68 60.94 94.28
N CYS ZE 7 -23.49 61.48 94.57
CA CYS ZE 7 -23.41 62.78 95.21
C CYS ZE 7 -23.00 63.88 94.25
N GLY ZE 8 -22.51 63.52 93.07
CA GLY ZE 8 -22.20 64.55 92.11
C GLY ZE 8 -21.52 64.03 90.87
N THR ZE 9 -21.03 64.97 90.07
CA THR ZE 9 -20.41 64.68 88.79
C THR ZE 9 -18.99 65.22 88.78
N VAL ZE 10 -18.10 64.53 88.07
CA VAL ZE 10 -16.72 64.97 87.86
C VAL ZE 10 -16.51 65.11 86.37
N VAL ZE 11 -16.07 66.30 85.94
CA VAL ZE 11 -15.85 66.60 84.53
C VAL ZE 11 -14.37 66.90 84.35
N GLY ZE 12 -13.73 66.18 83.44
CA GLY ZE 12 -12.37 66.50 83.05
C GLY ZE 12 -12.27 66.70 81.55
N THR ZE 13 -11.62 67.77 81.12
CA THR ZE 13 -11.49 68.01 79.68
C THR ZE 13 -10.18 67.46 79.11
N GLN ZE 14 -9.07 67.61 79.82
CA GLN ZE 14 -7.80 67.02 79.43
C GLN ZE 14 -7.72 65.62 80.00
N LYS ZE 15 -7.89 64.62 79.13
CA LYS ZE 15 -7.94 63.24 79.55
C LYS ZE 15 -7.36 62.38 78.43
N LEU ZE 16 -7.37 61.07 78.65
CA LEU ZE 16 -6.96 60.14 77.62
C LEU ZE 16 -8.02 60.09 76.52
N PRO ZE 17 -7.63 59.81 75.28
CA PRO ZE 17 -8.62 59.72 74.20
C PRO ZE 17 -9.57 58.54 74.33
N SER ZE 18 -9.21 57.54 75.11
CA SER ZE 18 -10.12 56.43 75.39
C SER ZE 18 -11.08 56.75 76.53
N MET ZE 19 -10.90 57.90 77.19
CA MET ZE 19 -11.78 58.29 78.27
C MET ZE 19 -12.89 59.24 77.82
N THR ZE 20 -13.00 59.54 76.53
CA THR ZE 20 -14.02 60.47 76.08
C THR ZE 20 -15.36 59.74 75.92
N GLY ZE 21 -16.44 60.49 76.13
CA GLY ZE 21 -17.76 59.90 76.14
C GLY ZE 21 -18.15 59.18 77.42
N VAL ZE 22 -17.22 59.05 78.37
CA VAL ZE 22 -17.46 58.34 79.62
C VAL ZE 22 -18.03 59.35 80.62
N LYS ZE 23 -19.24 59.08 81.10
CA LYS ZE 23 -19.86 59.91 82.12
C LYS ZE 23 -19.32 59.50 83.49
N LEU ZE 24 -18.76 60.46 84.21
CA LEU ZE 24 -18.08 60.20 85.48
C LEU ZE 24 -18.91 60.75 86.63
N LEU ZE 25 -19.35 59.86 87.51
CA LEU ZE 25 -20.16 60.22 88.66
C LEU ZE 25 -19.33 60.11 89.94
N LEU ZE 26 -19.49 61.10 90.80
CA LEU ZE 26 -18.91 61.08 92.13
C LEU ZE 26 -19.91 60.40 93.06
N LEU ZE 27 -19.57 59.19 93.51
CA LEU ZE 27 -20.44 58.40 94.37
C LEU ZE 27 -19.84 58.33 95.76
N GLN ZE 28 -20.68 58.51 96.78
CA GLN ZE 28 -20.28 58.26 98.15
C GLN ZE 28 -20.82 56.91 98.59
N PHE ZE 29 -19.97 56.10 99.19
CA PHE ZE 29 -20.40 54.78 99.63
C PHE ZE 29 -21.30 54.88 100.85
N ILE ZE 30 -22.33 54.07 100.87
CA ILE ZE 30 -23.26 53.95 101.99
C ILE ZE 30 -23.08 52.57 102.59
N ASP ZE 31 -23.35 52.44 103.89
CA ASP ZE 31 -23.13 51.16 104.54
C ASP ZE 31 -24.33 50.24 104.32
N ALA ZE 32 -24.29 49.07 104.96
CA ALA ZE 32 -25.41 48.14 104.88
C ALA ZE 32 -26.61 48.63 105.67
N ASN ZE 33 -26.40 49.55 106.62
CA ASN ZE 33 -27.51 50.08 107.40
C ASN ZE 33 -28.14 51.31 106.74
N GLY ZE 34 -27.44 51.93 105.79
CA GLY ZE 34 -27.98 53.03 105.03
C GLY ZE 34 -27.31 54.39 105.22
N GLU ZE 35 -26.35 54.50 106.14
CA GLU ZE 35 -25.69 55.77 106.39
C GLU ZE 35 -24.48 55.95 105.49
N LEU ZE 36 -24.11 57.21 105.25
CA LEU ZE 36 -23.03 57.52 104.34
C LEU ZE 36 -21.68 57.25 105.00
N LEU ZE 37 -20.83 56.49 104.31
CA LEU ZE 37 -19.49 56.23 104.77
C LEU ZE 37 -18.55 57.35 104.32
N PRO ZE 38 -17.48 57.62 105.08
CA PRO ZE 38 -16.47 58.61 104.63
C PRO ZE 38 -15.51 58.02 103.60
N LYS ZE 39 -16.06 57.59 102.47
CA LYS ZE 39 -15.31 56.93 101.40
C LYS ZE 39 -16.09 57.14 100.12
N TYR ZE 40 -15.39 57.47 99.04
CA TYR ZE 40 -16.02 57.81 97.79
C TYR ZE 40 -15.41 57.02 96.65
N GLU ZE 41 -15.96 57.24 95.46
CA GLU ZE 41 -15.49 56.65 94.23
C GLU ZE 41 -15.91 57.54 93.08
N VAL ZE 42 -15.12 57.55 92.02
CA VAL ZE 42 -15.53 58.12 90.74
C VAL ZE 42 -15.70 56.96 89.78
N ALA ZE 43 -16.90 56.82 89.23
CA ALA ZE 43 -17.25 55.65 88.45
C ALA ZE 43 -17.84 56.05 87.11
N ALA ZE 44 -17.64 55.19 86.12
CA ALA ZE 44 -18.35 55.31 84.86
C ALA ZE 44 -19.82 54.95 85.05
N ASP ZE 45 -20.68 55.59 84.27
CA ASP ZE 45 -22.12 55.47 84.43
C ASP ZE 45 -22.77 55.10 83.10
N PRO ZE 46 -22.80 53.82 82.75
CA PRO ZE 46 -23.57 53.40 81.57
C PRO ZE 46 -25.07 53.35 81.84
N VAL ZE 47 -25.45 52.92 83.04
CA VAL ZE 47 -26.84 52.93 83.49
C VAL ZE 47 -27.12 54.33 84.01
N GLY ZE 48 -27.99 55.06 83.31
CA GLY ZE 48 -28.10 56.50 83.52
C GLY ZE 48 -28.64 56.85 84.89
N ALA ZE 49 -27.78 57.36 85.77
CA ALA ZE 49 -28.10 57.59 87.17
C ALA ZE 49 -27.86 59.05 87.50
N GLY ZE 50 -28.80 59.64 88.24
CA GLY ZE 50 -28.71 61.04 88.61
C GLY ZE 50 -28.46 61.23 90.09
N LEU ZE 51 -28.40 62.50 90.48
CA LEU ZE 51 -27.99 62.90 91.81
C LEU ZE 51 -28.99 62.45 92.87
N GLY ZE 52 -28.50 61.71 93.85
CA GLY ZE 52 -29.30 61.21 94.94
C GLY ZE 52 -29.66 59.74 94.86
N GLU ZE 53 -29.46 59.10 93.72
CA GLU ZE 53 -29.86 57.72 93.55
C GLU ZE 53 -28.91 56.78 94.26
N TRP ZE 54 -29.42 55.61 94.61
CA TRP ZE 54 -28.62 54.52 95.15
C TRP ZE 54 -28.21 53.60 94.00
N VAL ZE 55 -26.91 53.39 93.86
CA VAL ZE 55 -26.38 52.61 92.75
C VAL ZE 55 -25.54 51.47 93.28
N LEU ZE 56 -25.40 50.44 92.46
CA LEU ZE 56 -24.42 49.39 92.67
C LEU ZE 56 -23.22 49.69 91.80
N VAL ZE 57 -22.05 49.76 92.40
CA VAL ZE 57 -20.81 50.05 91.70
C VAL ZE 57 -19.81 48.93 91.96
N ASN ZE 58 -19.21 48.43 90.89
CA ASN ZE 58 -18.16 47.44 91.02
C ASN ZE 58 -16.80 48.13 90.89
N ARG ZE 59 -15.73 47.36 91.07
CA ARG ZE 59 -14.41 47.92 90.87
C ARG ZE 59 -13.50 46.87 90.25
N GLY ZE 60 -12.35 47.34 89.77
CA GLY ZE 60 -11.38 46.46 89.16
C GLY ZE 60 -11.59 46.28 87.68
N SER ZE 61 -11.26 45.09 87.18
CA SER ZE 61 -11.43 44.79 85.77
C SER ZE 61 -12.86 44.45 85.40
N ALA ZE 62 -13.77 44.39 86.38
CA ALA ZE 62 -15.18 44.19 86.11
C ALA ZE 62 -15.83 45.42 85.51
N ALA ZE 63 -15.21 46.60 85.65
CA ALA ZE 63 -15.69 47.81 85.01
C ALA ZE 63 -15.49 47.77 83.50
N ARG ZE 64 -14.66 46.87 82.99
CA ARG ZE 64 -14.33 46.76 81.58
C ARG ZE 64 -15.02 45.58 80.91
N GLN ZE 65 -16.18 45.17 81.41
CA GLN ZE 65 -16.86 43.98 80.90
C GLN ZE 65 -18.08 44.28 80.05
N THR ZE 66 -18.48 45.55 79.94
CA THR ZE 66 -19.74 45.89 79.28
C THR ZE 66 -19.59 46.13 77.77
N GLU ZE 67 -18.53 45.55 77.18
CA GLU ZE 67 -18.24 45.43 75.74
C GLU ZE 67 -18.08 46.76 75.01
N TYR ZE 68 -18.15 47.89 75.71
CA TYR ZE 68 -17.71 49.15 75.15
C TYR ZE 68 -16.82 49.91 76.13
N HIS ZE 69 -16.63 49.40 77.34
CA HIS ZE 69 -15.62 49.88 78.27
C HIS ZE 69 -14.38 48.98 78.28
N GLN ZE 70 -14.18 48.20 77.22
CA GLN ZE 70 -13.27 47.06 77.27
C GLN ZE 70 -11.81 47.49 77.32
N ASN ZE 71 -11.41 48.43 76.47
CA ASN ZE 71 -10.04 48.88 76.42
C ASN ZE 71 -9.89 50.28 77.02
N ARG ZE 72 -10.85 50.68 77.84
CA ARG ZE 72 -10.90 51.96 78.54
C ARG ZE 72 -10.28 51.83 79.91
N PRO ZE 73 -9.51 52.82 80.36
CA PRO ZE 73 -8.84 52.74 81.67
C PRO ZE 73 -9.78 53.06 82.83
N LEU ZE 74 -10.75 52.18 83.03
CA LEU ZE 74 -11.78 52.36 84.04
C LEU ZE 74 -11.65 51.26 85.09
N ASP ZE 75 -11.72 51.66 86.36
CA ASP ZE 75 -11.67 50.71 87.46
C ASP ZE 75 -12.87 50.85 88.40
N ALA ZE 76 -13.95 51.48 87.94
CA ALA ZE 76 -15.18 51.62 88.70
C ALA ZE 76 -16.29 51.91 87.71
N MET ZE 77 -17.45 51.28 87.93
CA MET ZE 77 -18.55 51.40 87.00
C MET ZE 77 -19.86 51.17 87.75
N VAL ZE 78 -20.82 52.05 87.56
CA VAL ZE 78 -22.17 51.80 88.04
C VAL ZE 78 -22.78 50.71 87.18
N VAL ZE 79 -23.16 49.59 87.79
CA VAL ZE 79 -23.73 48.47 87.06
C VAL ZE 79 -25.24 48.39 87.21
N ALA ZE 80 -25.81 48.99 88.24
CA ALA ZE 80 -27.23 48.89 88.50
C ALA ZE 80 -27.67 50.11 89.30
N ILE ZE 81 -28.90 50.54 89.08
CA ILE ZE 81 -29.57 51.48 89.95
C ILE ZE 81 -30.41 50.67 90.91
N ILE ZE 82 -30.22 50.90 92.20
CA ILE ZE 82 -30.86 50.09 93.23
C ILE ZE 82 -32.33 50.44 93.31
N ASP ZE 83 -33.19 49.44 93.16
CA ASP ZE 83 -34.62 49.59 93.38
C ASP ZE 83 -34.99 49.36 94.84
N THR ZE 84 -34.58 48.24 95.40
CA THR ZE 84 -35.00 47.84 96.73
C THR ZE 84 -33.84 47.17 97.45
N VAL ZE 85 -33.58 47.59 98.69
CA VAL ZE 85 -32.71 46.88 99.60
C VAL ZE 85 -33.56 46.32 100.73
N THR ZE 86 -33.58 45.00 100.85
CA THR ZE 86 -34.29 44.32 101.93
C THR ZE 86 -33.26 43.71 102.85
N VAL ZE 87 -33.26 44.13 104.12
CA VAL ZE 87 -32.34 43.62 105.12
C VAL ZE 87 -33.16 42.97 106.23
N ASN ZE 88 -32.89 41.68 106.49
CA ASN ZE 88 -33.56 40.88 107.52
C ASN ZE 88 -35.07 40.84 107.31
N ASN ZE 89 -35.46 40.62 106.05
CA ASN ZE 89 -36.83 40.63 105.53
C ASN ZE 89 -37.56 41.96 105.76
N ARG ZE 90 -36.83 43.04 106.01
CA ARG ZE 90 -37.39 44.37 106.18
C ARG ZE 90 -36.82 45.27 105.09
N ARG ZE 91 -37.69 46.01 104.42
CA ARG ZE 91 -37.27 46.89 103.34
C ARG ZE 91 -36.52 48.09 103.91
N LEU ZE 92 -35.25 48.22 103.53
CA LEU ZE 92 -34.41 49.35 103.90
C LEU ZE 92 -34.53 50.52 102.94
N TYR ZE 93 -34.62 50.24 101.65
CA TYR ZE 93 -34.67 51.26 100.62
C TYR ZE 93 -35.74 50.89 99.61
N GLY ZE 94 -36.42 51.90 99.08
CA GLY ZE 94 -37.44 51.68 98.07
C GLY ZE 94 -38.85 51.68 98.64
N ALA AF 2 -105.36 42.91 14.07
CA ALA AF 2 -105.62 44.00 15.00
C ALA AF 2 -104.51 45.04 14.96
N VAL AF 3 -104.43 45.84 16.02
CA VAL AF 3 -103.36 46.82 16.17
C VAL AF 3 -102.03 46.09 16.35
N ALA AF 4 -100.96 46.64 15.79
CA ALA AF 4 -99.67 45.94 15.72
C ALA AF 4 -99.06 45.75 17.10
N VAL AF 5 -98.32 44.66 17.26
CA VAL AF 5 -97.72 44.28 18.53
C VAL AF 5 -96.23 44.10 18.33
N GLY AF 6 -95.44 44.70 19.22
CA GLY AF 6 -94.00 44.54 19.21
C GLY AF 6 -93.52 43.97 20.53
N MET AF 7 -92.53 43.11 20.46
CA MET AF 7 -91.99 42.43 21.64
C MET AF 7 -90.48 42.55 21.63
N ILE AF 8 -89.90 42.86 22.79
CA ILE AF 8 -88.46 42.79 22.99
C ILE AF 8 -88.22 41.89 24.18
N GLU AF 9 -87.51 40.79 23.96
CA GLU AF 9 -87.13 39.88 25.03
C GLU AF 9 -85.68 40.11 25.40
N THR AF 10 -85.44 40.43 26.67
CA THR AF 10 -84.10 40.64 27.17
C THR AF 10 -83.80 39.65 28.28
N LEU AF 11 -82.51 39.43 28.51
CA LEU AF 11 -82.02 38.66 29.65
C LEU AF 11 -81.69 39.65 30.75
N GLY AF 12 -82.63 39.82 31.69
CA GLY AF 12 -82.42 40.75 32.78
C GLY AF 12 -83.49 41.82 32.89
N PHE AF 13 -83.81 42.19 34.12
CA PHE AF 13 -84.82 43.22 34.41
C PHE AF 13 -84.36 44.67 34.22
N PRO AF 14 -83.11 45.09 34.50
CA PRO AF 14 -82.72 46.44 34.09
C PRO AF 14 -82.69 46.64 32.58
N ALA AF 15 -82.44 45.58 31.81
CA ALA AF 15 -82.46 45.71 30.36
C ALA AF 15 -83.88 45.80 29.82
N VAL AF 16 -84.84 45.20 30.52
CA VAL AF 16 -86.20 45.17 29.99
C VAL AF 16 -86.93 46.47 30.34
N VAL AF 17 -86.48 47.17 31.38
CA VAL AF 17 -87.06 48.46 31.71
C VAL AF 17 -86.52 49.53 30.78
N GLU AF 18 -85.23 49.42 30.41
CA GLU AF 18 -84.68 50.31 29.39
C GLU AF 18 -85.29 50.02 28.02
N ALA AF 19 -85.58 48.74 27.73
CA ALA AF 19 -86.32 48.41 26.52
C ALA AF 19 -87.72 48.98 26.54
N ALA AF 20 -88.41 48.89 27.68
CA ALA AF 20 -89.76 49.42 27.78
C ALA AF 20 -89.77 50.94 27.76
N ASP AF 21 -88.74 51.56 28.35
CA ASP AF 21 -88.70 53.02 28.40
C ASP AF 21 -88.33 53.63 27.06
N ALA AF 22 -87.39 53.00 26.33
CA ALA AF 22 -86.97 53.55 25.05
C ALA AF 22 -88.01 53.30 23.97
N MET AF 23 -88.89 52.30 24.16
CA MET AF 23 -89.91 52.03 23.17
C MET AF 23 -91.00 53.09 23.20
N VAL AF 24 -91.46 53.47 24.39
CA VAL AF 24 -92.54 54.44 24.48
C VAL AF 24 -92.02 55.86 24.37
N LYS AF 25 -90.70 56.04 24.35
CA LYS AF 25 -90.13 57.37 24.17
C LYS AF 25 -89.72 57.61 22.72
N ALA AF 26 -89.51 56.54 21.95
CA ALA AF 26 -89.08 56.72 20.56
C ALA AF 26 -90.27 56.99 19.66
N ALA AF 27 -91.44 56.43 19.98
CA ALA AF 27 -92.60 56.53 19.12
C ALA AF 27 -93.86 56.49 19.95
N ARG AF 28 -95.00 56.63 19.27
CA ARG AF 28 -96.31 56.68 19.92
C ARG AF 28 -96.86 55.25 20.02
N VAL AF 29 -96.30 54.50 20.98
CA VAL AF 29 -96.76 53.15 21.27
C VAL AF 29 -97.26 53.11 22.70
N THR AF 30 -98.00 52.06 23.02
CA THR AF 30 -98.50 51.82 24.36
C THR AF 30 -97.89 50.54 24.90
N LEU AF 31 -97.04 50.67 25.91
CA LEU AF 31 -96.56 49.51 26.66
C LEU AF 31 -97.73 48.89 27.41
N VAL AF 32 -98.10 47.67 27.03
CA VAL AF 32 -99.27 47.02 27.61
C VAL AF 32 -98.91 45.81 28.44
N GLY AF 33 -97.72 45.24 28.27
CA GLY AF 33 -97.46 43.91 28.78
C GLY AF 33 -96.05 43.78 29.29
N TYR AF 34 -95.86 42.80 30.16
CA TYR AF 34 -94.60 42.54 30.83
C TYR AF 34 -94.62 41.07 31.20
N GLU AF 35 -93.80 40.28 30.52
CA GLU AF 35 -93.96 38.83 30.51
C GLU AF 35 -92.69 38.13 30.98
N LYS AF 36 -92.82 37.34 32.04
CA LYS AF 36 -91.72 36.53 32.57
C LYS AF 36 -92.00 35.07 32.24
N ILE AF 37 -91.04 34.42 31.58
CA ILE AF 37 -91.17 33.03 31.20
C ILE AF 37 -90.10 32.16 31.82
N GLY AF 38 -89.32 32.69 32.76
CA GLY AF 38 -88.29 31.93 33.41
C GLY AF 38 -86.92 32.13 32.76
N THR AF 39 -85.90 31.65 33.48
CA THR AF 39 -84.47 31.86 33.21
C THR AF 39 -84.09 33.31 32.94
N GLY AF 40 -84.76 34.26 33.59
CA GLY AF 40 -84.45 35.66 33.39
C GLY AF 40 -84.89 36.24 32.06
N ARG AF 41 -85.57 35.47 31.22
CA ARG AF 41 -86.07 35.95 29.94
C ARG AF 41 -87.33 36.76 30.18
N VAL AF 42 -87.22 38.08 30.01
CA VAL AF 42 -88.31 39.00 30.28
C VAL AF 42 -88.68 39.71 28.98
N THR AF 43 -89.97 39.77 28.69
CA THR AF 43 -90.49 40.34 27.46
C THR AF 43 -91.47 41.45 27.77
N VAL AF 44 -91.21 42.64 27.26
CA VAL AF 44 -92.18 43.73 27.27
C VAL AF 44 -92.90 43.77 25.92
N ILE AF 45 -94.18 44.11 25.96
CA ILE AF 45 -95.06 44.06 24.81
C ILE AF 45 -95.65 45.45 24.62
N VAL AF 46 -95.45 46.02 23.43
CA VAL AF 46 -96.03 47.32 23.10
C VAL AF 46 -97.07 47.12 22.00
N ARG AF 47 -98.06 48.01 21.99
CA ARG AF 47 -99.07 48.06 20.94
C ARG AF 47 -99.03 49.44 20.29
N GLY AF 48 -99.47 49.50 19.03
CA GLY AF 48 -99.51 50.77 18.34
C GLY AF 48 -99.57 50.54 16.85
N ASP AF 49 -99.48 51.63 16.10
CA ASP AF 49 -99.44 51.53 14.65
C ASP AF 49 -98.10 50.93 14.21
N VAL AF 50 -98.09 50.44 12.97
CA VAL AF 50 -96.94 49.69 12.46
C VAL AF 50 -95.73 50.60 12.30
N SER AF 51 -95.96 51.86 11.91
CA SER AF 51 -94.87 52.83 11.87
C SER AF 51 -94.34 53.14 13.26
N GLU AF 52 -95.23 53.16 14.25
CA GLU AF 52 -94.80 53.42 15.61
C GLU AF 52 -94.06 52.23 16.21
N VAL AF 53 -94.56 51.02 15.96
CA VAL AF 53 -94.00 49.83 16.60
C VAL AF 53 -92.64 49.49 15.99
N GLN AF 54 -92.49 49.65 14.68
CA GLN AF 54 -91.22 49.39 14.02
C GLN AF 54 -90.14 50.37 14.47
N ALA AF 55 -90.52 51.63 14.72
CA ALA AF 55 -89.56 52.60 15.20
C ALA AF 55 -89.20 52.35 16.66
N SER AF 56 -90.17 51.86 17.44
CA SER AF 56 -89.94 51.67 18.87
C SER AF 56 -89.09 50.43 19.13
N VAL AF 57 -89.36 49.33 18.43
CA VAL AF 57 -88.62 48.09 18.63
C VAL AF 57 -87.18 48.23 18.15
N SER AF 58 -86.98 48.96 17.05
CA SER AF 58 -85.63 49.15 16.53
C SER AF 58 -84.83 50.09 17.42
N ALA AF 59 -85.48 51.08 18.02
CA ALA AF 59 -84.78 51.97 18.94
C ALA AF 59 -84.66 51.35 20.32
N GLY AF 60 -85.62 50.50 20.70
CA GLY AF 60 -85.52 49.79 21.96
C GLY AF 60 -84.45 48.72 21.95
N THR AF 61 -84.13 48.16 20.78
CA THR AF 61 -83.10 47.14 20.69
C THR AF 61 -81.71 47.75 20.82
N GLU AF 62 -81.51 48.94 20.25
CA GLU AF 62 -80.21 49.59 20.32
C GLU AF 62 -79.95 50.15 21.71
N SER AF 63 -81.01 50.53 22.43
CA SER AF 63 -80.84 51.13 23.74
C SER AF 63 -80.46 50.11 24.81
N VAL AF 64 -80.86 48.85 24.63
CA VAL AF 64 -80.48 47.79 25.58
C VAL AF 64 -78.98 47.51 25.53
N LYS AF 65 -78.36 47.63 24.37
CA LYS AF 65 -76.90 47.48 24.28
C LYS AF 65 -76.19 48.80 24.57
N ARG AF 66 -76.63 49.46 25.64
CA ARG AF 66 -75.98 50.61 26.27
C ARG AF 66 -76.13 50.42 27.77
N VAL AF 67 -76.74 49.30 28.15
CA VAL AF 67 -76.87 48.88 29.54
C VAL AF 67 -75.81 47.83 29.81
N ASN AF 68 -75.11 47.97 30.93
CA ASN AF 68 -74.12 46.97 31.31
C ASN AF 68 -74.84 45.72 31.81
N GLY AF 69 -74.48 44.57 31.25
CA GLY AF 69 -75.19 43.36 31.57
C GLY AF 69 -76.51 43.20 30.85
N GLY AF 70 -76.81 44.07 29.89
CA GLY AF 70 -78.04 44.01 29.12
C GLY AF 70 -77.81 43.27 27.81
N GLN AF 71 -78.73 42.37 27.50
CA GLN AF 71 -78.63 41.53 26.32
C GLN AF 71 -80.01 41.31 25.73
N VAL AF 72 -80.17 41.62 24.45
CA VAL AF 72 -81.41 41.37 23.74
C VAL AF 72 -81.39 39.91 23.29
N LEU AF 73 -82.41 39.15 23.69
CA LEU AF 73 -82.52 37.77 23.26
C LEU AF 73 -83.27 37.66 21.94
N SER AF 74 -84.45 38.27 21.87
CA SER AF 74 -85.28 38.15 20.68
C SER AF 74 -86.21 39.35 20.59
N THR AF 75 -86.35 39.87 19.38
CA THR AF 75 -87.30 40.94 19.08
C THR AF 75 -88.19 40.50 17.93
N HIS AF 76 -89.44 40.98 17.95
CA HIS AF 76 -90.33 40.72 16.83
C HIS AF 76 -91.41 41.79 16.77
N ILE AF 77 -91.89 42.04 15.56
CA ILE AF 77 -93.03 42.92 15.29
C ILE AF 77 -94.04 42.12 14.47
N ILE AF 78 -95.27 42.07 14.95
CA ILE AF 78 -96.39 41.51 14.19
C ILE AF 78 -97.30 42.67 13.81
N ALA AF 79 -97.33 43.00 12.52
CA ALA AF 79 -98.00 44.22 12.07
C ALA AF 79 -99.51 44.10 12.15
N ARG AF 80 -100.04 42.90 11.97
CA ARG AF 80 -101.49 42.69 11.98
C ARG AF 80 -101.76 41.37 12.67
N PRO AF 81 -101.81 41.37 14.01
CA PRO AF 81 -102.09 40.12 14.72
C PRO AF 81 -103.56 39.73 14.61
N HIS AF 82 -103.79 38.44 14.59
CA HIS AF 82 -105.15 37.90 14.58
C HIS AF 82 -105.85 38.24 15.89
N GLU AF 83 -107.16 38.40 15.82
CA GLU AF 83 -107.95 38.74 16.99
C GLU AF 83 -108.09 37.57 17.97
N ASN AF 84 -107.68 36.36 17.55
CA ASN AF 84 -107.60 35.23 18.47
C ASN AF 84 -106.51 35.42 19.51
N LEU AF 85 -105.45 36.15 19.19
CA LEU AF 85 -104.24 36.18 20.02
C LEU AF 85 -104.42 37.03 21.27
N GLU AF 86 -105.28 38.05 21.23
CA GLU AF 86 -105.45 38.92 22.39
C GLU AF 86 -106.17 38.21 23.53
N TYR AF 87 -106.96 37.19 23.22
CA TYR AF 87 -107.70 36.49 24.26
C TYR AF 87 -106.85 35.38 24.89
N VAL AF 88 -105.80 34.95 24.21
CA VAL AF 88 -104.97 33.87 24.74
C VAL AF 88 -103.65 34.41 25.25
N LEU AF 89 -103.00 35.23 24.47
CA LEU AF 89 -101.70 35.75 24.83
C LEU AF 89 -101.83 37.08 25.56
N PRO AF 90 -100.93 37.38 26.50
CA PRO AF 90 -100.99 38.67 27.23
C PRO AF 90 -100.43 39.84 26.44
N ILE AF 91 -101.04 40.12 25.29
CA ILE AF 91 -100.67 41.24 24.45
C ILE AF 91 -101.77 42.27 24.32
N ARG AF 92 -102.82 42.18 25.14
CA ARG AF 92 -103.97 43.03 24.95
C ARG AF 92 -103.89 44.26 25.84
N TYR AF 93 -104.69 45.27 25.49
CA TYR AF 93 -104.80 46.47 26.29
C TYR AF 93 -105.52 46.18 27.59
N THR AF 94 -104.86 46.43 28.70
CA THR AF 94 -105.51 46.38 30.01
C THR AF 94 -106.06 47.76 30.34
N GLU AF 95 -106.89 47.81 31.39
CA GLU AF 95 -107.50 49.08 31.79
C GLU AF 95 -106.49 50.01 32.44
N GLU AF 96 -105.35 49.46 32.88
CA GLU AF 96 -104.25 50.26 33.39
C GLU AF 96 -103.67 51.18 32.33
N VAL AF 97 -103.71 50.77 31.07
CA VAL AF 97 -102.99 51.45 29.99
C VAL AF 97 -103.94 52.00 28.93
N GLU AF 98 -105.21 52.17 29.25
CA GLU AF 98 -106.14 52.74 28.27
C GLU AF 98 -106.00 54.25 28.15
N GLN AF 99 -105.31 54.91 29.08
CA GLN AF 99 -105.10 56.34 28.97
C GLN AF 99 -104.00 56.67 27.96
N PHE AF 100 -103.14 55.71 27.64
CA PHE AF 100 -102.03 55.94 26.74
C PHE AF 100 -102.33 55.51 25.30
N ARG AF 101 -103.48 54.89 25.05
CA ARG AF 101 -103.81 54.41 23.72
C ARG AF 101 -104.20 55.56 22.79
N ALA BF 2 -111.23 13.50 20.09
CA ALA BF 2 -111.89 14.81 20.01
C ALA BF 2 -111.32 15.62 18.85
N VAL BF 3 -111.57 16.92 18.88
CA VAL BF 3 -110.98 17.85 17.92
C VAL BF 3 -109.47 17.89 18.13
N ALA BF 4 -108.72 17.87 17.03
CA ALA BF 4 -107.28 17.64 17.07
C ALA BF 4 -106.53 18.78 17.77
N VAL BF 5 -105.38 18.44 18.35
CA VAL BF 5 -104.56 19.36 19.12
C VAL BF 5 -103.23 19.54 18.38
N GLY BF 6 -102.82 20.78 18.23
CA GLY BF 6 -101.47 21.08 17.77
C GLY BF 6 -100.75 21.95 18.77
N MET BF 7 -99.52 21.56 19.08
CA MET BF 7 -98.71 22.29 20.05
C MET BF 7 -97.38 22.63 19.42
N ILE BF 8 -96.95 23.89 19.57
CA ILE BF 8 -95.61 24.30 19.21
C ILE BF 8 -94.95 24.86 20.47
N GLU BF 9 -93.84 24.26 20.86
CA GLU BF 9 -93.05 24.76 21.97
C GLU BF 9 -91.84 25.50 21.44
N THR BF 10 -91.68 26.75 21.86
CA THR BF 10 -90.54 27.56 21.46
C THR BF 10 -89.76 27.99 22.70
N LEU BF 11 -88.51 28.38 22.45
CA LEU BF 11 -87.67 29.00 23.48
C LEU BF 11 -87.81 30.50 23.31
N GLY BF 12 -88.67 31.11 24.12
CA GLY BF 12 -88.86 32.54 24.04
C GLY BF 12 -90.29 32.96 23.75
N PHE BF 13 -90.70 34.09 24.29
CA PHE BF 13 -92.03 34.63 24.09
C PHE BF 13 -92.26 35.36 22.75
N PRO BF 14 -91.30 36.13 22.18
CA PRO BF 14 -91.56 36.64 20.82
C PRO BF 14 -91.64 35.56 19.75
N ALA BF 15 -91.01 34.41 19.96
CA ALA BF 15 -91.11 33.33 19.00
C ALA BF 15 -92.45 32.61 19.11
N VAL BF 16 -93.10 32.66 20.28
CA VAL BF 16 -94.32 31.90 20.48
C VAL BF 16 -95.52 32.71 20.06
N VAL BF 17 -95.39 34.03 19.96
CA VAL BF 17 -96.48 34.85 19.45
C VAL BF 17 -96.47 34.85 17.93
N GLU BF 18 -95.27 34.81 17.33
CA GLU BF 18 -95.16 34.68 15.88
C GLU BF 18 -95.58 33.28 15.43
N ALA BF 19 -95.31 32.27 16.25
CA ALA BF 19 -95.80 30.92 15.95
C ALA BF 19 -97.31 30.86 16.05
N ALA BF 20 -97.88 31.49 17.08
CA ALA BF 20 -99.34 31.48 17.25
C ALA BF 20 -100.04 32.32 16.20
N ASP BF 21 -99.41 33.42 15.76
CA ASP BF 21 -100.02 34.25 14.74
C ASP BF 21 -99.95 33.59 13.36
N ALA BF 22 -98.90 32.81 13.12
CA ALA BF 22 -98.80 32.11 11.85
C ALA BF 22 -99.76 30.95 11.77
N MET BF 23 -100.11 30.36 12.92
CA MET BF 23 -100.96 29.18 12.91
C MET BF 23 -102.40 29.54 12.59
N VAL BF 24 -102.93 30.60 13.20
CA VAL BF 24 -104.35 30.91 13.01
C VAL BF 24 -104.57 31.63 11.69
N LYS BF 25 -103.51 32.10 11.05
CA LYS BF 25 -103.64 32.69 9.72
C LYS BF 25 -103.53 31.63 8.63
N ALA BF 26 -102.80 30.54 8.91
CA ALA BF 26 -102.53 29.55 7.88
C ALA BF 26 -103.72 28.63 7.65
N ALA BF 27 -104.50 28.36 8.70
CA ALA BF 27 -105.59 27.40 8.58
C ALA BF 27 -106.71 27.78 9.52
N ARG BF 28 -107.76 26.95 9.53
CA ARG BF 28 -108.95 27.17 10.35
C ARG BF 28 -108.77 26.48 11.69
N VAL BF 29 -107.76 26.92 12.43
CA VAL BF 29 -107.50 26.44 13.76
C VAL BF 29 -107.86 27.55 14.75
N THR BF 30 -108.14 27.16 15.97
CA THR BF 30 -108.41 28.09 17.06
C THR BF 30 -107.30 27.99 18.07
N LEU BF 31 -106.56 29.08 18.26
CA LEU BF 31 -105.62 29.17 19.36
C LEU BF 31 -106.39 29.21 20.67
N VAL BF 32 -106.21 28.19 21.50
CA VAL BF 32 -106.98 28.07 22.73
C VAL BF 32 -106.11 28.14 23.97
N GLY BF 33 -104.80 27.93 23.85
CA GLY BF 33 -103.99 27.65 25.02
C GLY BF 33 -102.66 28.34 24.95
N TYR BF 34 -102.05 28.51 26.12
CA TYR BF 34 -100.80 29.21 26.29
C TYR BF 34 -100.18 28.71 27.59
N GLU BF 35 -99.04 28.05 27.48
CA GLU BF 35 -98.49 27.31 28.62
C GLU BF 35 -97.03 27.65 28.82
N LYS BF 36 -96.67 27.96 30.06
CA LYS BF 36 -95.29 28.20 30.48
C LYS BF 36 -94.90 27.09 31.44
N ILE BF 37 -93.78 26.43 31.16
CA ILE BF 37 -93.32 25.31 31.97
C ILE BF 37 -91.93 25.56 32.54
N GLY BF 38 -91.37 26.74 32.33
CA GLY BF 38 -90.06 27.08 32.85
C GLY BF 38 -88.95 26.98 31.82
N THR BF 39 -87.81 27.58 32.17
CA THR BF 39 -86.63 27.79 31.32
C THR BF 39 -86.96 28.39 29.96
N GLY BF 40 -87.94 29.28 29.89
CA GLY BF 40 -88.29 29.89 28.63
C GLY BF 40 -88.99 29.00 27.65
N ARG BF 41 -89.40 27.80 28.05
CA ARG BF 41 -90.12 26.89 27.19
C ARG BF 41 -91.60 27.27 27.22
N VAL BF 42 -92.07 27.87 26.14
CA VAL BF 42 -93.43 28.39 26.05
C VAL BF 42 -94.16 27.63 24.95
N THR BF 43 -95.39 27.22 25.23
CA THR BF 43 -96.18 26.40 24.33
C THR BF 43 -97.50 27.08 24.03
N VAL BF 44 -97.84 27.15 22.75
CA VAL BF 44 -99.17 27.55 22.30
C VAL BF 44 -99.89 26.33 21.74
N ILE BF 45 -101.20 26.27 21.95
CA ILE BF 45 -102.02 25.12 21.65
C ILE BF 45 -103.15 25.53 20.73
N VAL BF 46 -103.24 24.90 19.57
CA VAL BF 46 -104.34 25.17 18.63
C VAL BF 46 -105.25 23.95 18.58
N ARG BF 47 -106.52 24.19 18.29
CA ARG BF 47 -107.50 23.14 18.06
C ARG BF 47 -108.13 23.32 16.69
N GLY BF 48 -108.40 22.21 16.03
CA GLY BF 48 -109.07 22.25 14.75
C GLY BF 48 -109.14 20.85 14.16
N ASP BF 49 -109.52 20.80 12.89
CA ASP BF 49 -109.43 19.55 12.14
C ASP BF 49 -107.96 19.19 11.95
N VAL BF 50 -107.69 17.89 11.81
CA VAL BF 50 -106.32 17.38 11.78
C VAL BF 50 -105.57 17.87 10.54
N SER BF 51 -106.26 18.05 9.42
CA SER BF 51 -105.63 18.62 8.24
C SER BF 51 -105.32 20.10 8.44
N GLU BF 52 -106.20 20.82 9.14
CA GLU BF 52 -105.95 22.22 9.44
C GLU BF 52 -104.89 22.37 10.53
N VAL BF 53 -104.87 21.44 11.49
CA VAL BF 53 -103.89 21.52 12.56
C VAL BF 53 -102.50 21.20 12.03
N GLN BF 54 -102.40 20.24 11.10
CA GLN BF 54 -101.12 19.91 10.48
C GLN BF 54 -100.61 21.05 9.61
N ALA BF 55 -101.51 21.73 8.90
CA ALA BF 55 -101.11 22.82 8.03
C ALA BF 55 -100.70 24.04 8.82
N SER BF 56 -101.28 24.23 10.00
CA SER BF 56 -100.97 25.40 10.81
C SER BF 56 -99.67 25.20 11.59
N VAL BF 57 -99.47 24.01 12.17
CA VAL BF 57 -98.30 23.74 13.00
C VAL BF 57 -97.04 23.73 12.13
N SER BF 58 -97.15 23.26 10.88
CA SER BF 58 -96.03 23.33 9.96
C SER BF 58 -95.73 24.76 9.55
N ALA BF 59 -96.77 25.59 9.43
CA ALA BF 59 -96.56 26.99 9.05
C ALA BF 59 -96.12 27.82 10.26
N GLY BF 60 -96.54 27.43 11.46
CA GLY BF 60 -96.09 28.13 12.65
C GLY BF 60 -94.66 27.80 13.03
N THR BF 61 -94.16 26.65 12.57
CA THR BF 61 -92.77 26.28 12.82
C THR BF 61 -91.83 27.07 11.91
N GLU BF 62 -92.22 27.28 10.65
CA GLU BF 62 -91.36 27.97 9.71
C GLU BF 62 -91.31 29.48 9.98
N SER BF 63 -92.31 30.02 10.68
CA SER BF 63 -92.34 31.45 10.95
C SER BF 63 -91.49 31.84 12.15
N VAL BF 64 -91.06 30.87 12.96
CA VAL BF 64 -90.14 31.17 14.05
C VAL BF 64 -88.76 31.51 13.52
N LYS BF 65 -88.43 31.03 12.31
CA LYS BF 65 -87.18 31.42 11.67
C LYS BF 65 -87.17 32.89 11.26
N ARG BF 66 -88.34 33.51 11.13
CA ARG BF 66 -88.38 34.96 10.94
C ARG BF 66 -87.92 35.70 12.18
N VAL BF 67 -88.19 35.14 13.36
CA VAL BF 67 -87.78 35.77 14.60
C VAL BF 67 -86.30 35.55 14.83
N ASN BF 68 -85.56 36.64 15.01
CA ASN BF 68 -84.16 36.55 15.40
C ASN BF 68 -84.08 36.12 16.85
N GLY BF 69 -83.32 35.07 17.12
CA GLY BF 69 -83.28 34.54 18.47
C GLY BF 69 -84.47 33.68 18.85
N GLY BF 70 -85.28 33.29 17.88
CA GLY BF 70 -86.39 32.39 18.11
C GLY BF 70 -86.02 30.98 17.69
N GLN BF 71 -86.49 30.01 18.48
CA GLN BF 71 -86.11 28.62 18.28
C GLN BF 71 -87.25 27.70 18.69
N VAL BF 72 -87.69 26.85 17.78
CA VAL BF 72 -88.71 25.84 18.05
C VAL BF 72 -88.04 24.68 18.77
N LEU BF 73 -88.54 24.33 19.95
CA LEU BF 73 -87.99 23.20 20.69
C LEU BF 73 -88.70 21.90 20.31
N SER BF 74 -90.03 21.92 20.29
CA SER BF 74 -90.78 20.70 20.06
C SER BF 74 -92.14 21.05 19.49
N THR BF 75 -92.56 20.29 18.48
CA THR BF 75 -93.89 20.39 17.92
C THR BF 75 -94.54 19.01 17.96
N HIS BF 76 -95.86 18.99 18.13
CA HIS BF 76 -96.60 17.74 18.08
C HIS BF 76 -98.04 18.00 17.69
N ILE BF 77 -98.63 17.03 17.00
CA ILE BF 77 -100.03 17.04 16.59
C ILE BF 77 -100.67 15.75 17.07
N ILE BF 78 -101.75 15.87 17.83
CA ILE BF 78 -102.57 14.74 18.24
C ILE BF 78 -103.87 14.81 17.46
N ALA BF 79 -104.13 13.79 16.63
CA ALA BF 79 -105.24 13.86 15.69
C ALA BF 79 -106.58 13.68 16.39
N ARG BF 80 -106.62 12.87 17.44
CA ARG BF 80 -107.87 12.58 18.15
C ARG BF 80 -107.54 12.42 19.62
N PRO BF 81 -107.47 13.51 20.37
CA PRO BF 81 -107.17 13.42 21.80
C PRO BF 81 -108.34 12.84 22.56
N HIS BF 82 -108.02 12.12 23.63
CA HIS BF 82 -109.02 11.60 24.53
C HIS BF 82 -109.72 12.73 25.26
N GLU BF 83 -110.97 12.49 25.65
CA GLU BF 83 -111.76 13.50 26.35
C GLU BF 83 -111.30 13.73 27.78
N ASN BF 84 -110.46 12.85 28.31
CA ASN BF 84 -109.84 13.07 29.63
C ASN BF 84 -108.83 14.22 29.59
N LEU BF 85 -108.27 14.51 28.42
CA LEU BF 85 -107.16 15.44 28.34
C LEU BF 85 -107.60 16.89 28.49
N GLU BF 86 -108.83 17.21 28.09
CA GLU BF 86 -109.29 18.60 28.13
C GLU BF 86 -109.64 19.04 29.54
N TYR BF 87 -109.84 18.09 30.45
CA TYR BF 87 -110.21 18.46 31.81
C TYR BF 87 -108.99 18.57 32.71
N VAL BF 88 -107.84 18.07 32.25
CA VAL BF 88 -106.62 18.20 33.03
C VAL BF 88 -105.64 19.16 32.37
N LEU BF 89 -105.33 18.92 31.13
CA LEU BF 89 -104.38 19.74 30.40
C LEU BF 89 -105.06 20.96 29.81
N PRO BF 90 -104.36 22.10 29.71
CA PRO BF 90 -104.97 23.31 29.13
C PRO BF 90 -104.99 23.30 27.61
N ILE BF 91 -105.73 22.34 27.05
CA ILE BF 91 -105.94 22.24 25.61
C ILE BF 91 -107.39 22.43 25.24
N ARG BF 92 -108.25 22.79 26.18
CA ARG BF 92 -109.67 22.85 25.92
C ARG BF 92 -110.09 24.22 25.40
N TYR BF 93 -111.26 24.24 24.77
CA TYR BF 93 -111.86 25.50 24.36
C TYR BF 93 -112.38 26.24 25.58
N THR BF 94 -111.78 27.39 25.88
CA THR BF 94 -112.32 28.29 26.88
C THR BF 94 -113.41 29.14 26.26
N GLU BF 95 -114.17 29.83 27.12
CA GLU BF 95 -115.32 30.58 26.64
C GLU BF 95 -114.90 31.86 25.92
N GLU BF 96 -113.69 32.34 26.19
CA GLU BF 96 -113.22 33.56 25.56
C GLU BF 96 -112.86 33.33 24.09
N VAL BF 97 -112.58 32.10 23.71
CA VAL BF 97 -112.17 31.79 22.34
C VAL BF 97 -113.26 31.02 21.58
N GLU BF 98 -114.50 31.05 22.07
CA GLU BF 98 -115.58 30.37 21.36
C GLU BF 98 -116.07 31.14 20.15
N GLN BF 99 -115.68 32.40 20.00
CA GLN BF 99 -116.04 33.16 18.81
C GLN BF 99 -115.18 32.79 17.62
N PHE BF 100 -114.07 32.09 17.84
CA PHE BF 100 -113.16 31.72 16.77
C PHE BF 100 -113.25 30.25 16.38
N ARG BF 101 -114.14 29.49 17.01
CA ARG BF 101 -114.27 28.06 16.70
C ARG BF 101 -114.96 27.83 15.37
N ALA CF 2 -100.04 58.51 -3.80
CA ALA CF 2 -101.04 58.33 -2.76
C ALA CF 2 -100.55 57.36 -1.70
N VAL CF 3 -101.07 56.13 -1.74
CA VAL CF 3 -100.56 55.09 -0.86
C VAL CF 3 -99.28 54.53 -1.45
N ALA CF 4 -98.49 53.84 -0.62
CA ALA CF 4 -97.23 53.29 -1.06
C ALA CF 4 -97.43 52.10 -2.00
N VAL CF 5 -96.36 51.72 -2.67
CA VAL CF 5 -96.38 50.55 -3.55
C VAL CF 5 -95.18 49.67 -3.20
N GLY CF 6 -95.42 48.38 -3.08
CA GLY CF 6 -94.36 47.43 -2.84
C GLY CF 6 -94.42 46.30 -3.86
N MET CF 7 -93.26 45.83 -4.26
CA MET CF 7 -93.15 44.79 -5.28
C MET CF 7 -92.24 43.69 -4.78
N ILE CF 8 -92.61 42.45 -5.04
CA ILE CF 8 -91.74 41.29 -4.85
C ILE CF 8 -91.70 40.54 -6.16
N GLU CF 9 -90.51 40.39 -6.73
CA GLU CF 9 -90.32 39.59 -7.93
C GLU CF 9 -89.73 38.26 -7.56
N THR CF 10 -90.44 37.19 -7.89
CA THR CF 10 -89.97 35.84 -7.67
C THR CF 10 -89.70 35.15 -9.00
N LEU CF 11 -88.95 34.06 -8.93
CA LEU CF 11 -88.75 33.17 -10.06
C LEU CF 11 -89.72 32.02 -9.91
N GLY CF 12 -90.81 32.05 -10.66
CA GLY CF 12 -91.81 31.02 -10.57
C GLY CF 12 -93.14 31.49 -10.03
N PHE CF 13 -94.22 30.88 -10.52
CA PHE CF 13 -95.58 31.20 -10.09
C PHE CF 13 -96.00 30.61 -8.74
N PRO CF 14 -95.62 29.39 -8.32
CA PRO CF 14 -95.95 28.99 -6.94
C PRO CF 14 -95.25 29.82 -5.87
N ALA CF 15 -94.09 30.40 -6.18
CA ALA CF 15 -93.42 31.25 -5.20
C ALA CF 15 -94.07 32.62 -5.12
N VAL CF 16 -94.70 33.08 -6.21
CA VAL CF 16 -95.24 34.43 -6.21
C VAL CF 16 -96.64 34.45 -5.60
N VAL CF 17 -97.29 33.29 -5.52
CA VAL CF 17 -98.58 33.21 -4.85
C VAL CF 17 -98.39 33.11 -3.35
N GLU CF 18 -97.37 32.38 -2.91
CA GLU CF 18 -97.02 32.33 -1.50
C GLU CF 18 -96.48 33.68 -1.03
N ALA CF 19 -95.76 34.39 -1.89
CA ALA CF 19 -95.32 35.74 -1.56
C ALA CF 19 -96.50 36.69 -1.45
N ALA CF 20 -97.45 36.60 -2.38
CA ALA CF 20 -98.62 37.47 -2.35
C ALA CF 20 -99.56 37.13 -1.20
N ASP CF 21 -99.63 35.85 -0.83
CA ASP CF 21 -100.47 35.45 0.30
C ASP CF 21 -99.85 35.87 1.63
N ALA CF 22 -98.52 35.88 1.71
CA ALA CF 22 -97.87 36.30 2.94
C ALA CF 22 -97.91 37.81 3.11
N MET CF 23 -98.04 38.54 2.01
CA MET CF 23 -98.06 40.00 2.10
C MET CF 23 -99.38 40.51 2.66
N VAL CF 24 -100.49 39.98 2.15
CA VAL CF 24 -101.80 40.49 2.56
C VAL CF 24 -102.22 39.92 3.90
N LYS CF 25 -101.51 38.90 4.39
CA LYS CF 25 -101.77 38.41 5.73
C LYS CF 25 -100.93 39.15 6.78
N ALA CF 26 -99.76 39.65 6.38
CA ALA CF 26 -98.87 40.27 7.34
C ALA CF 26 -99.35 41.63 7.78
N ALA CF 27 -99.84 42.45 6.85
CA ALA CF 27 -100.19 43.82 7.14
C ALA CF 27 -101.41 44.22 6.33
N ARG CF 28 -101.85 45.47 6.54
CA ARG CF 28 -103.04 46.01 5.88
C ARG CF 28 -102.64 46.57 4.51
N VAL CF 29 -102.26 45.67 3.62
CA VAL CF 29 -101.96 46.02 2.25
C VAL CF 29 -102.98 45.34 1.34
N THR CF 30 -103.16 45.91 0.16
CA THR CF 30 -104.04 45.37 -0.86
C THR CF 30 -103.19 44.89 -2.02
N LEU CF 31 -103.24 43.59 -2.30
CA LEU CF 31 -102.67 43.06 -3.52
C LEU CF 31 -103.48 43.56 -4.70
N VAL CF 32 -102.86 44.35 -5.56
CA VAL CF 32 -103.56 44.97 -6.67
C VAL CF 32 -103.08 44.48 -8.02
N GLY CF 33 -101.90 43.89 -8.11
CA GLY CF 33 -101.26 43.73 -9.40
C GLY CF 33 -100.52 42.42 -9.49
N TYR CF 34 -100.17 42.06 -10.72
CA TYR CF 34 -99.59 40.77 -11.05
C TYR CF 34 -98.94 40.92 -12.41
N GLU CF 35 -97.62 40.79 -12.46
CA GLU CF 35 -96.87 41.17 -13.66
C GLU CF 35 -95.91 40.06 -14.06
N LYS CF 36 -95.91 39.74 -15.35
CA LYS CF 36 -94.99 38.77 -15.94
C LYS CF 36 -94.17 39.48 -17.00
N ILE CF 37 -92.84 39.35 -16.92
CA ILE CF 37 -91.94 40.04 -17.82
C ILE CF 37 -91.06 39.08 -18.61
N GLY CF 38 -91.25 37.78 -18.44
CA GLY CF 38 -90.43 36.80 -19.09
C GLY CF 38 -89.33 36.25 -18.20
N THR CF 39 -88.68 35.19 -18.70
CA THR CF 39 -87.77 34.31 -17.95
C THR CF 39 -88.31 33.86 -16.61
N GLY CF 40 -89.62 33.62 -16.51
CA GLY CF 40 -90.21 33.18 -15.26
C GLY CF 40 -90.25 34.22 -14.16
N ARG CF 41 -89.88 35.46 -14.44
CA ARG CF 41 -89.83 36.52 -13.43
C ARG CF 41 -91.23 37.08 -13.27
N VAL CF 42 -91.84 36.81 -12.13
CA VAL CF 42 -93.22 37.19 -11.85
C VAL CF 42 -93.22 38.13 -10.66
N THR CF 43 -93.96 39.23 -10.78
CA THR CF 43 -94.01 40.27 -9.77
C THR CF 43 -95.43 40.46 -9.27
N VAL CF 44 -95.60 40.56 -7.96
CA VAL CF 44 -96.86 40.95 -7.34
C VAL CF 44 -96.70 42.33 -6.72
N ILE CF 45 -97.75 43.15 -6.84
CA ILE CF 45 -97.72 44.55 -6.44
C ILE CF 45 -98.75 44.74 -5.34
N VAL CF 46 -98.31 45.25 -4.20
CA VAL CF 46 -99.22 45.59 -3.11
C VAL CF 46 -99.26 47.10 -2.94
N ARG CF 47 -100.40 47.60 -2.51
CA ARG CF 47 -100.58 49.00 -2.16
C ARG CF 47 -100.99 49.11 -0.70
N GLY CF 48 -100.61 50.21 -0.07
CA GLY CF 48 -100.97 50.43 1.31
C GLY CF 48 -100.15 51.55 1.90
N ASP CF 49 -100.21 51.69 3.22
CA ASP CF 49 -99.31 52.61 3.88
C ASP CF 49 -97.89 52.06 3.83
N VAL CF 50 -96.90 52.96 3.91
CA VAL CF 50 -95.52 52.58 3.70
C VAL CF 50 -95.00 51.69 4.82
N SER CF 51 -95.52 51.87 6.04
CA SER CF 51 -95.17 50.97 7.13
C SER CF 51 -95.78 49.58 6.94
N GLU CF 52 -97.01 49.54 6.41
CA GLU CF 52 -97.65 48.26 6.14
C GLU CF 52 -97.03 47.58 4.93
N VAL CF 53 -96.60 48.36 3.94
CA VAL CF 53 -95.95 47.78 2.76
C VAL CF 53 -94.58 47.22 3.14
N GLN CF 54 -93.88 47.88 4.06
CA GLN CF 54 -92.57 47.40 4.50
C GLN CF 54 -92.70 46.12 5.32
N ALA CF 55 -93.76 46.00 6.11
CA ALA CF 55 -93.96 44.80 6.90
C ALA CF 55 -94.42 43.63 6.04
N SER CF 56 -95.16 43.92 4.95
CA SER CF 56 -95.65 42.86 4.09
C SER CF 56 -94.55 42.34 3.17
N VAL CF 57 -93.73 43.24 2.63
CA VAL CF 57 -92.66 42.84 1.71
C VAL CF 57 -91.60 42.03 2.43
N SER CF 58 -91.32 42.37 3.69
CA SER CF 58 -90.36 41.61 4.48
C SER CF 58 -90.90 40.23 4.83
N ALA CF 59 -92.21 40.11 5.00
CA ALA CF 59 -92.80 38.81 5.29
C ALA CF 59 -93.00 37.99 4.02
N GLY CF 60 -93.28 38.67 2.91
CA GLY CF 60 -93.40 37.96 1.65
C GLY CF 60 -92.08 37.47 1.10
N THR CF 61 -90.98 38.11 1.50
CA THR CF 61 -89.66 37.64 1.09
C THR CF 61 -89.26 36.38 1.85
N GLU CF 62 -89.61 36.31 3.14
CA GLU CF 62 -89.25 35.17 3.97
C GLU CF 62 -90.08 33.94 3.63
N SER CF 63 -91.26 34.12 3.03
CA SER CF 63 -92.15 33.00 2.75
C SER CF 63 -91.79 32.29 1.47
N VAL CF 64 -90.98 32.90 0.60
CA VAL CF 64 -90.55 32.21 -0.61
C VAL CF 64 -89.47 31.17 -0.26
N LYS CF 65 -88.78 31.37 0.87
CA LYS CF 65 -87.78 30.41 1.34
C LYS CF 65 -88.39 29.07 1.73
N ARG CF 66 -89.67 29.03 2.06
CA ARG CF 66 -90.34 27.77 2.34
C ARG CF 66 -90.89 27.11 1.08
N VAL CF 67 -90.93 27.82 -0.04
CA VAL CF 67 -91.35 27.23 -1.31
C VAL CF 67 -90.16 26.52 -1.93
N ASN CF 68 -90.34 25.25 -2.27
CA ASN CF 68 -89.29 24.46 -2.92
C ASN CF 68 -89.29 24.79 -4.40
N GLY CF 69 -88.21 25.41 -4.87
CA GLY CF 69 -88.06 25.75 -6.27
C GLY CF 69 -88.33 27.19 -6.61
N GLY CF 70 -88.52 28.07 -5.62
CA GLY CF 70 -88.74 29.47 -5.87
C GLY CF 70 -87.77 30.33 -5.09
N GLN CF 71 -87.44 31.48 -5.66
CA GLN CF 71 -86.50 32.39 -5.03
C GLN CF 71 -86.93 33.83 -5.32
N VAL CF 72 -86.68 34.71 -4.35
CA VAL CF 72 -86.94 36.13 -4.51
C VAL CF 72 -85.81 36.71 -5.35
N LEU CF 73 -86.17 37.35 -6.46
CA LEU CF 73 -85.16 37.98 -7.31
C LEU CF 73 -84.96 39.44 -6.93
N SER CF 74 -86.05 40.15 -6.69
CA SER CF 74 -85.96 41.58 -6.43
C SER CF 74 -87.18 42.03 -5.64
N THR CF 75 -86.94 42.87 -4.64
CA THR CF 75 -87.98 43.53 -3.89
C THR CF 75 -87.73 45.03 -3.90
N HIS CF 76 -88.80 45.81 -3.84
CA HIS CF 76 -88.67 47.25 -3.71
C HIS CF 76 -89.94 47.84 -3.11
N ILE CF 77 -89.77 48.97 -2.44
CA ILE CF 77 -90.84 49.71 -1.77
C ILE CF 77 -90.67 51.18 -2.13
N ILE CF 78 -91.74 51.80 -2.61
CA ILE CF 78 -91.78 53.24 -2.88
C ILE CF 78 -92.83 53.85 -1.97
N ALA CF 79 -92.42 54.84 -1.17
CA ALA CF 79 -93.29 55.37 -0.11
C ALA CF 79 -94.49 56.13 -0.68
N ARG CF 80 -94.28 56.85 -1.78
CA ARG CF 80 -95.36 57.57 -2.45
C ARG CF 80 -94.98 57.67 -3.92
N PRO CF 81 -95.52 56.80 -4.76
CA PRO CF 81 -95.22 56.88 -6.19
C PRO CF 81 -95.84 58.11 -6.82
N HIS CF 82 -95.26 58.51 -7.94
CA HIS CF 82 -95.77 59.64 -8.70
C HIS CF 82 -97.11 59.28 -9.33
N GLU CF 83 -97.91 60.31 -9.61
CA GLU CF 83 -99.20 60.09 -10.25
C GLU CF 83 -99.05 59.71 -11.73
N ASN CF 84 -97.86 59.93 -12.29
CA ASN CF 84 -97.57 59.47 -13.65
C ASN CF 84 -97.49 57.96 -13.72
N LEU CF 85 -97.05 57.30 -12.65
CA LEU CF 85 -96.79 55.86 -12.70
C LEU CF 85 -98.08 55.04 -12.67
N GLU CF 86 -99.18 55.62 -12.21
CA GLU CF 86 -100.42 54.87 -12.13
C GLU CF 86 -101.02 54.63 -13.51
N TYR CF 87 -100.74 55.53 -14.45
CA TYR CF 87 -101.36 55.42 -15.77
C TYR CF 87 -100.49 54.60 -16.73
N VAL CF 88 -99.20 54.49 -16.44
CA VAL CF 88 -98.30 53.76 -17.34
C VAL CF 88 -98.03 52.37 -16.80
N LEU CF 89 -97.66 52.27 -15.57
CA LEU CF 89 -97.30 51.02 -14.94
C LEU CF 89 -98.52 50.40 -14.24
N PRO CF 90 -98.62 49.06 -14.23
CA PRO CF 90 -99.80 48.40 -13.63
C PRO CF 90 -99.71 48.27 -12.12
N ILE CF 91 -99.64 49.42 -11.44
CA ILE CF 91 -99.57 49.47 -9.98
C ILE CF 91 -100.81 50.12 -9.38
N ARG CF 92 -101.82 50.44 -10.18
CA ARG CF 92 -102.98 51.14 -9.68
C ARG CF 92 -104.02 50.16 -9.15
N TYR CF 93 -104.93 50.70 -8.34
CA TYR CF 93 -106.06 49.93 -7.85
C TYR CF 93 -107.02 49.62 -8.99
N THR CF 94 -107.36 48.35 -9.15
CA THR CF 94 -108.36 47.96 -10.13
C THR CF 94 -109.75 47.98 -9.52
N GLU CF 95 -110.75 47.67 -10.35
CA GLU CF 95 -112.13 47.74 -9.90
C GLU CF 95 -112.49 46.59 -8.97
N GLU CF 96 -111.81 45.45 -9.11
CA GLU CF 96 -112.20 44.27 -8.33
C GLU CF 96 -111.56 44.27 -6.95
N VAL CF 97 -110.50 45.06 -6.75
CA VAL CF 97 -109.78 45.08 -5.49
C VAL CF 97 -110.21 46.23 -4.59
N GLU CF 98 -111.32 46.89 -4.93
CA GLU CF 98 -111.81 48.00 -4.12
C GLU CF 98 -112.40 47.54 -2.80
N GLN CF 99 -112.78 46.27 -2.68
CA GLN CF 99 -113.31 45.77 -1.42
C GLN CF 99 -112.22 45.56 -0.38
N PHE CF 100 -110.97 45.41 -0.81
CA PHE CF 100 -109.86 45.15 0.09
C PHE CF 100 -109.04 46.40 0.41
N ARG CF 101 -109.43 47.56 -0.12
CA ARG CF 101 -108.69 48.78 0.13
C ARG CF 101 -108.97 49.35 1.52
N MET DF 1 -73.10 73.58 22.18
CA MET DF 1 -74.38 72.95 22.47
C MET DF 1 -75.49 73.98 22.60
N GLN DF 2 -76.73 73.52 22.48
CA GLN DF 2 -77.90 74.35 22.71
C GLN DF 2 -78.81 73.63 23.69
N MET DF 3 -79.54 74.40 24.48
CA MET DF 3 -80.57 73.85 25.34
C MET DF 3 -81.88 73.73 24.55
N ALA DF 4 -82.51 72.58 24.65
CA ALA DF 4 -83.74 72.33 23.93
C ALA DF 4 -84.70 71.55 24.82
N LYS DF 5 -85.98 71.67 24.49
CA LYS DF 5 -87.05 70.94 25.17
C LYS DF 5 -87.61 69.89 24.21
N VAL DF 6 -87.78 68.67 24.71
CA VAL DF 6 -88.32 67.58 23.90
C VAL DF 6 -89.79 67.84 23.69
N CYS DF 7 -90.18 68.16 22.45
CA CYS DF 7 -91.58 68.43 22.17
C CYS DF 7 -92.26 67.27 21.45
N GLY DF 8 -91.48 66.34 20.92
CA GLY DF 8 -92.10 65.20 20.30
C GLY DF 8 -91.12 64.30 19.58
N THR DF 9 -91.68 63.37 18.81
CA THR DF 9 -90.92 62.35 18.09
C THR DF 9 -91.22 62.44 16.61
N VAL DF 10 -90.22 62.12 15.79
CA VAL DF 10 -90.36 62.05 14.34
C VAL DF 10 -90.02 60.63 13.92
N VAL DF 11 -90.94 59.98 13.21
CA VAL DF 11 -90.76 58.62 12.76
C VAL DF 11 -90.77 58.62 11.23
N GLY DF 12 -89.72 58.07 10.63
CA GLY DF 12 -89.69 57.85 9.21
C GLY DF 12 -89.36 56.40 8.90
N THR DF 13 -90.12 55.77 8.02
CA THR DF 13 -89.86 54.38 7.67
C THR DF 13 -89.01 54.23 6.42
N GLN DF 14 -89.21 55.07 5.42
CA GLN DF 14 -88.37 55.10 4.24
C GLN DF 14 -87.20 56.04 4.50
N LYS DF 15 -86.03 55.46 4.74
CA LYS DF 15 -84.86 56.24 5.11
C LYS DF 15 -83.63 55.52 4.58
N LEU DF 16 -82.47 56.10 4.87
CA LEU DF 16 -81.21 55.45 4.53
C LEU DF 16 -80.99 54.23 5.44
N PRO DF 17 -80.29 53.21 4.95
CA PRO DF 17 -80.04 52.04 5.81
C PRO DF 17 -79.12 52.32 6.99
N SER DF 18 -78.34 53.40 6.92
CA SER DF 18 -77.53 53.81 8.06
C SER DF 18 -78.33 54.62 9.07
N MET DF 19 -79.58 54.95 8.75
CA MET DF 19 -80.41 55.72 9.68
C MET DF 19 -81.33 54.83 10.50
N THR DF 20 -81.25 53.51 10.39
CA THR DF 20 -82.13 52.65 11.15
C THR DF 20 -81.60 52.46 12.57
N GLY DF 21 -82.52 52.25 13.51
CA GLY DF 21 -82.18 52.19 14.91
C GLY DF 21 -81.96 53.54 15.58
N VAL DF 22 -82.00 54.63 14.83
CA VAL DF 22 -81.75 55.96 15.35
C VAL DF 22 -83.07 56.55 15.82
N LYS DF 23 -83.16 56.86 17.11
CA LYS DF 23 -84.34 57.48 17.68
C LYS DF 23 -84.29 58.98 17.41
N LEU DF 24 -85.33 59.51 16.76
CA LEU DF 24 -85.36 60.89 16.32
C LEU DF 24 -86.35 61.68 17.16
N LEU DF 25 -85.86 62.68 17.87
CA LEU DF 25 -86.67 63.52 18.73
C LEU DF 25 -86.84 64.90 18.10
N LEU DF 26 -88.07 65.38 18.13
CA LEU DF 26 -88.38 66.75 17.74
C LEU DF 26 -88.16 67.64 18.97
N LEU DF 27 -87.19 68.52 18.87
CA LEU DF 27 -86.74 69.34 20.00
C LEU DF 27 -86.94 70.80 19.66
N GLN DF 28 -87.58 71.54 20.55
CA GLN DF 28 -87.70 72.99 20.40
C GLN DF 28 -86.66 73.67 21.27
N PHE DF 29 -85.91 74.60 20.67
CA PHE DF 29 -84.88 75.31 21.41
C PHE DF 29 -85.49 76.29 22.40
N ILE DF 30 -84.89 76.35 23.57
CA ILE DF 30 -85.27 77.28 24.63
C ILE DF 30 -84.13 78.26 24.80
N ASP DF 31 -84.44 79.47 25.25
CA ASP DF 31 -83.41 80.49 25.38
C ASP DF 31 -82.67 80.33 26.71
N ALA DF 32 -81.75 81.26 26.98
CA ALA DF 32 -81.02 81.24 28.24
C ALA DF 32 -81.91 81.64 29.41
N ASN DF 33 -83.03 82.32 29.14
CA ASN DF 33 -83.93 82.71 30.21
C ASN DF 33 -84.98 81.64 30.49
N GLY DF 34 -85.17 80.69 29.57
CA GLY DF 34 -86.07 79.58 29.79
C GLY DF 34 -87.29 79.50 28.89
N GLU DF 35 -87.53 80.50 28.04
CA GLU DF 35 -88.71 80.51 27.19
C GLU DF 35 -88.42 79.81 25.87
N LEU DF 36 -89.47 79.31 25.23
CA LEU DF 36 -89.33 78.56 24.00
C LEU DF 36 -89.06 79.49 22.83
N LEU DF 37 -88.01 79.19 22.07
CA LEU DF 37 -87.69 79.94 20.86
C LEU DF 37 -88.47 79.38 19.68
N PRO DF 38 -88.80 80.21 18.68
CA PRO DF 38 -89.43 79.68 17.45
C PRO DF 38 -88.41 79.04 16.50
N LYS DF 39 -87.74 78.00 16.99
CA LYS DF 39 -86.69 77.31 16.26
C LYS DF 39 -86.62 75.89 16.81
N TYR DF 40 -86.52 74.91 15.92
CA TYR DF 40 -86.56 73.52 16.31
C TYR DF 40 -85.36 72.77 15.74
N GLU DF 41 -85.30 71.49 16.09
CA GLU DF 41 -84.29 70.59 15.58
C GLU DF 41 -84.84 69.17 15.68
N VAL DF 42 -84.39 68.30 14.79
CA VAL DF 42 -84.60 66.87 14.91
C VAL DF 42 -83.24 66.25 15.16
N ALA DF 43 -83.08 65.57 16.28
CA ALA DF 43 -81.80 65.05 16.70
C ALA DF 43 -81.89 63.59 17.07
N ALA DF 44 -80.76 62.90 16.93
CA ALA DF 44 -80.61 61.56 17.47
C ALA DF 44 -80.56 61.61 18.99
N ASP DF 45 -81.05 60.54 19.62
CA ASP DF 45 -81.20 60.48 21.07
C ASP DF 45 -80.54 59.22 21.61
N PRO DF 46 -79.23 59.24 21.85
CA PRO DF 46 -78.60 58.10 22.54
C PRO DF 46 -78.86 58.10 24.03
N VAL DF 47 -78.88 59.27 24.66
CA VAL DF 47 -79.24 59.44 26.06
C VAL DF 47 -80.75 59.50 26.11
N GLY DF 48 -81.38 58.49 26.71
CA GLY DF 48 -82.81 58.28 26.56
C GLY DF 48 -83.64 59.39 27.18
N ALA DF 49 -84.24 60.24 26.35
CA ALA DF 49 -84.93 61.44 26.79
C ALA DF 49 -86.37 61.38 26.31
N GLY DF 50 -87.30 61.74 27.20
CA GLY DF 50 -88.70 61.72 26.90
C GLY DF 50 -89.30 63.11 26.80
N LEU DF 51 -90.61 63.13 26.52
CA LEU DF 51 -91.32 64.36 26.20
C LEU DF 51 -91.38 65.30 27.41
N GLY DF 52 -90.88 66.52 27.21
CA GLY DF 52 -90.86 67.54 28.23
C GLY DF 52 -89.51 67.80 28.85
N GLU DF 53 -88.53 66.93 28.63
CA GLU DF 53 -87.23 67.09 29.28
C GLU DF 53 -86.43 68.19 28.61
N TRP DF 54 -85.47 68.72 29.37
CA TRP DF 54 -84.50 69.69 28.87
C TRP DF 54 -83.23 68.94 28.50
N VAL DF 55 -82.76 69.12 27.27
CA VAL DF 55 -81.62 68.38 26.76
C VAL DF 55 -80.59 69.36 26.23
N LEU DF 56 -79.35 68.87 26.14
CA LEU DF 56 -78.28 69.56 25.44
C LEU DF 56 -78.11 68.93 24.08
N VAL DF 57 -78.11 69.75 23.03
CA VAL DF 57 -78.09 69.30 21.65
C VAL DF 57 -76.85 69.90 20.97
N ASN DF 58 -76.02 69.04 20.41
CA ASN DF 58 -74.91 69.55 19.61
C ASN DF 58 -75.34 69.61 18.14
N ARG DF 59 -74.52 70.24 17.32
CA ARG DF 59 -74.83 70.38 15.91
C ARG DF 59 -73.59 70.04 15.11
N GLY DF 60 -73.81 69.55 13.89
CA GLY DF 60 -72.72 69.32 12.97
C GLY DF 60 -72.08 67.95 13.10
N SER DF 61 -70.77 67.90 12.92
CA SER DF 61 -70.04 66.64 12.95
C SER DF 61 -69.78 66.14 14.37
N ALA DF 62 -70.18 66.90 15.38
CA ALA DF 62 -70.09 66.44 16.76
C ALA DF 62 -71.16 65.38 17.07
N ALA DF 63 -72.20 65.31 16.25
CA ALA DF 63 -73.22 64.26 16.39
C ALA DF 63 -72.67 62.89 16.02
N ARG DF 64 -71.55 62.82 15.32
CA ARG DF 64 -70.97 61.58 14.84
C ARG DF 64 -69.76 61.15 15.65
N GLN DF 65 -69.69 61.53 16.92
CA GLN DF 65 -68.53 61.27 17.76
C GLN DF 65 -68.74 60.17 18.78
N THR DF 66 -69.94 59.64 18.91
CA THR DF 66 -70.26 58.69 19.99
C THR DF 66 -70.01 57.24 19.60
N GLU DF 67 -69.12 57.03 18.63
CA GLU DF 67 -68.52 55.76 18.19
C GLU DF 67 -69.52 54.72 17.67
N TYR DF 68 -70.81 55.05 17.60
CA TYR DF 68 -71.76 54.26 16.85
C TYR DF 68 -72.64 55.11 15.95
N HIS DF 69 -72.49 56.44 16.02
CA HIS DF 69 -73.07 57.37 15.06
C HIS DF 69 -72.05 57.83 14.04
N GLN DF 70 -70.96 57.10 13.87
CA GLN DF 70 -69.76 57.62 13.21
C GLN DF 70 -69.96 57.80 11.71
N ASN DF 71 -70.53 56.81 11.04
CA ASN DF 71 -70.74 56.88 9.60
C ASN DF 71 -72.20 57.09 9.26
N ARG DF 72 -72.98 57.58 10.21
CA ARG DF 72 -74.40 57.87 10.10
C ARG DF 72 -74.60 59.32 9.70
N PRO DF 73 -75.55 59.60 8.80
CA PRO DF 73 -75.78 60.98 8.34
C PRO DF 73 -76.57 61.82 9.33
N LEU DF 74 -75.94 62.09 10.48
CA LEU DF 74 -76.57 62.82 11.57
C LEU DF 74 -75.83 64.13 11.79
N ASP DF 75 -76.58 65.21 11.96
CA ASP DF 75 -76.00 66.53 12.22
C ASP DF 75 -76.53 67.15 13.51
N ALA DF 76 -77.23 66.37 14.33
CA ALA DF 76 -77.75 66.85 15.60
C ALA DF 76 -77.95 65.64 16.50
N MET DF 77 -77.63 65.80 17.77
CA MET DF 77 -77.65 64.69 18.71
C MET DF 77 -77.87 65.23 20.11
N VAL DF 78 -78.74 64.59 20.88
CA VAL DF 78 -78.85 64.88 22.30
C VAL DF 78 -77.64 64.27 23.00
N VAL DF 79 -76.84 65.11 23.64
CA VAL DF 79 -75.65 64.63 24.33
C VAL DF 79 -75.85 64.51 25.84
N ALA DF 80 -76.82 65.22 26.41
CA ALA DF 80 -77.04 65.21 27.83
C ALA DF 80 -78.49 65.55 28.12
N ILE DF 81 -79.00 65.01 29.21
CA ILE DF 81 -80.25 65.46 29.79
C ILE DF 81 -79.91 66.45 30.88
N ILE DF 82 -80.49 67.65 30.80
CA ILE DF 82 -80.14 68.73 31.71
C ILE DF 82 -80.74 68.46 33.07
N ASP DF 83 -79.89 68.44 34.10
CA ASP DF 83 -80.34 68.36 35.48
C ASP DF 83 -80.60 69.74 36.06
N THR DF 84 -79.64 70.64 35.96
CA THR DF 84 -79.73 71.94 36.61
C THR DF 84 -79.13 73.01 35.70
N VAL DF 85 -79.86 74.11 35.52
CA VAL DF 85 -79.34 75.32 34.93
C VAL DF 85 -79.29 76.39 36.00
N THR DF 86 -78.09 76.87 36.30
CA THR DF 86 -77.89 77.94 37.27
C THR DF 86 -77.45 79.17 36.50
N VAL DF 87 -78.22 80.24 36.57
CA VAL DF 87 -77.90 81.51 35.90
C VAL DF 87 -77.76 82.58 36.97
N ASN DF 88 -76.59 83.24 36.98
CA ASN DF 88 -76.25 84.32 37.93
C ASN DF 88 -76.37 83.85 39.37
N ASN DF 89 -75.85 82.66 39.65
CA ASN DF 89 -75.91 81.92 40.92
C ASN DF 89 -77.33 81.63 41.38
N ARG DF 90 -78.31 81.70 40.49
CA ARG DF 90 -79.70 81.39 40.79
C ARG DF 90 -80.14 80.22 39.93
N ARG DF 91 -80.76 79.22 40.55
CA ARG DF 91 -81.20 78.04 39.83
C ARG DF 91 -82.37 78.39 38.92
N LEU DF 92 -82.20 78.19 37.62
CA LEU DF 92 -83.25 78.38 36.63
C LEU DF 92 -84.07 77.13 36.39
N TYR DF 93 -83.43 75.97 36.38
CA TYR DF 93 -84.09 74.71 36.09
C TYR DF 93 -83.59 73.66 37.08
N GLY DF 94 -84.48 72.76 37.47
CA GLY DF 94 -84.13 71.69 38.38
C GLY DF 94 -84.50 71.99 39.83
N ALA EF 2 -87.89 65.96 -32.41
CA ALA EF 2 -89.05 66.27 -31.57
C ALA EF 2 -88.61 66.48 -30.12
N VAL EF 3 -89.56 66.29 -29.21
CA VAL EF 3 -89.29 66.35 -27.78
C VAL EF 3 -88.38 65.18 -27.40
N ALA EF 4 -87.41 65.44 -26.51
CA ALA EF 4 -86.37 64.46 -26.22
C ALA EF 4 -86.92 63.24 -25.52
N VAL EF 5 -86.26 62.10 -25.73
CA VAL EF 5 -86.70 60.82 -25.21
C VAL EF 5 -85.55 60.18 -24.43
N GLY EF 6 -85.86 59.68 -23.24
CA GLY EF 6 -84.89 58.94 -22.46
C GLY EF 6 -85.42 57.56 -22.13
N MET EF 7 -84.52 56.59 -22.15
CA MET EF 7 -84.87 55.20 -21.91
C MET EF 7 -83.93 54.62 -20.87
N ILE EF 8 -84.48 53.88 -19.92
CA ILE EF 8 -83.70 53.08 -18.99
C ILE EF 8 -84.20 51.64 -19.09
N GLU EF 9 -83.32 50.74 -19.49
CA GLU EF 9 -83.63 49.32 -19.53
C GLU EF 9 -83.07 48.65 -18.29
N THR EF 10 -83.93 47.98 -17.53
CA THR EF 10 -83.51 47.25 -16.35
C THR EF 10 -83.87 45.77 -16.51
N LEU EF 11 -83.18 44.94 -15.74
CA LEU EF 11 -83.49 43.52 -15.65
C LEU EF 11 -84.34 43.33 -14.41
N GLY EF 12 -85.66 43.30 -14.59
CA GLY EF 12 -86.56 43.14 -13.47
C GLY EF 12 -87.59 44.25 -13.36
N PHE EF 13 -88.79 43.91 -12.91
CA PHE EF 13 -89.88 44.86 -12.74
C PHE EF 13 -89.80 45.74 -11.49
N PRO EF 14 -89.33 45.28 -10.31
CA PRO EF 14 -89.09 46.27 -9.24
C PRO EF 14 -88.02 47.29 -9.56
N ALA EF 15 -87.05 46.94 -10.40
CA ALA EF 15 -86.01 47.89 -10.76
C ALA EF 15 -86.51 48.90 -11.79
N VAL EF 16 -87.50 48.52 -12.59
CA VAL EF 16 -87.96 49.43 -13.64
C VAL EF 16 -89.00 50.40 -13.08
N VAL EF 17 -89.63 50.05 -11.96
CA VAL EF 17 -90.58 50.97 -11.35
C VAL EF 17 -89.83 52.02 -10.53
N GLU EF 18 -88.73 51.62 -9.89
CA GLU EF 18 -87.85 52.59 -9.24
C GLU EF 18 -87.16 53.49 -10.26
N ALA EF 19 -86.82 52.94 -11.43
CA ALA EF 19 -86.30 53.76 -12.51
C ALA EF 19 -87.34 54.75 -13.00
N ALA EF 20 -88.58 54.29 -13.19
CA ALA EF 20 -89.64 55.18 -13.66
C ALA EF 20 -90.04 56.19 -12.59
N ASP EF 21 -89.96 55.81 -11.31
CA ASP EF 21 -90.34 56.71 -10.24
C ASP EF 21 -89.29 57.78 -10.01
N ALA EF 22 -88.00 57.41 -10.07
CA ALA EF 22 -86.95 58.37 -9.81
C ALA EF 22 -86.75 59.32 -10.99
N MET EF 23 -87.19 58.92 -12.17
CA MET EF 23 -87.04 59.80 -13.34
C MET EF 23 -88.03 60.95 -13.27
N VAL EF 24 -89.29 60.67 -12.93
CA VAL EF 24 -90.29 61.74 -12.90
C VAL EF 24 -90.21 62.51 -11.59
N LYS EF 25 -89.41 62.05 -10.63
CA LYS EF 25 -89.22 62.78 -9.39
C LYS EF 25 -87.98 63.65 -9.43
N ALA EF 26 -87.02 63.32 -10.31
CA ALA EF 26 -85.80 64.10 -10.37
C ALA EF 26 -85.96 65.35 -11.22
N ALA EF 27 -86.81 65.29 -12.25
CA ALA EF 27 -86.97 66.39 -13.17
C ALA EF 27 -88.38 66.39 -13.73
N ARG EF 28 -88.67 67.40 -14.54
CA ARG EF 28 -89.99 67.57 -15.15
C ARG EF 28 -90.02 66.80 -16.47
N VAL EF 29 -90.10 65.48 -16.34
CA VAL EF 29 -90.26 64.61 -17.49
C VAL EF 29 -91.63 63.94 -17.39
N THR EF 30 -92.07 63.38 -18.50
CA THR EF 30 -93.33 62.65 -18.56
C THR EF 30 -93.03 61.20 -18.94
N LEU EF 31 -93.25 60.30 -17.99
CA LEU EF 31 -93.18 58.87 -18.28
C LEU EF 31 -94.35 58.50 -19.19
N VAL EF 32 -94.04 58.12 -20.43
CA VAL EF 32 -95.06 57.84 -21.42
C VAL EF 32 -95.17 56.37 -21.77
N GLY EF 33 -94.14 55.58 -21.51
CA GLY EF 33 -94.08 54.25 -22.09
C GLY EF 33 -93.45 53.26 -21.14
N TYR EF 34 -93.68 51.99 -21.44
CA TYR EF 34 -93.24 50.88 -20.61
C TYR EF 34 -93.19 49.66 -21.51
N GLU EF 35 -91.99 49.16 -21.78
CA GLU EF 35 -91.76 48.25 -22.88
C GLU EF 35 -91.07 46.98 -22.41
N LYS EF 36 -91.68 45.84 -22.70
CA LYS EF 36 -91.12 44.53 -22.40
C LYS EF 36 -90.73 43.86 -23.71
N ILE EF 37 -89.48 43.41 -23.80
CA ILE EF 37 -88.95 42.79 -25.01
C ILE EF 37 -88.52 41.35 -24.76
N GLY EF 38 -88.79 40.82 -23.57
CA GLY EF 38 -88.45 39.44 -23.25
C GLY EF 38 -87.18 39.32 -22.42
N THR EF 39 -87.06 38.16 -21.79
CA THR EF 39 -86.02 37.80 -20.81
C THR EF 39 -85.84 38.83 -19.71
N GLY EF 40 -86.93 39.43 -19.23
CA GLY EF 40 -86.84 40.36 -18.12
C GLY EF 40 -86.30 41.72 -18.45
N ARG EF 41 -85.94 41.98 -19.71
CA ARG EF 41 -85.48 43.29 -20.12
C ARG EF 41 -86.68 44.22 -20.25
N VAL EF 42 -86.86 45.09 -19.27
CA VAL EF 42 -87.99 46.01 -19.22
C VAL EF 42 -87.46 47.43 -19.36
N THR EF 43 -88.12 48.22 -20.19
CA THR EF 43 -87.68 49.57 -20.52
C THR EF 43 -88.82 50.55 -20.26
N VAL EF 44 -88.54 51.60 -19.49
CA VAL EF 44 -89.44 52.73 -19.34
C VAL EF 44 -88.94 53.89 -20.19
N ILE EF 45 -89.87 54.67 -20.71
CA ILE EF 45 -89.59 55.73 -21.68
C ILE EF 45 -90.15 57.03 -21.12
N VAL EF 46 -89.31 58.04 -20.98
CA VAL EF 46 -89.74 59.36 -20.55
C VAL EF 46 -89.58 60.34 -21.71
N ARG EF 47 -90.39 61.38 -21.70
CA ARG EF 47 -90.29 62.49 -22.65
C ARG EF 47 -90.14 63.78 -21.89
N GLY EF 48 -89.49 64.76 -22.50
CA GLY EF 48 -89.35 66.06 -21.90
C GLY EF 48 -88.25 66.84 -22.57
N ASP EF 49 -87.90 67.98 -21.97
CA ASP EF 49 -86.78 68.75 -22.46
C ASP EF 49 -85.47 68.03 -22.18
N VAL EF 50 -84.43 68.43 -22.91
CA VAL EF 50 -83.13 67.73 -22.84
C VAL EF 50 -82.48 67.91 -21.48
N SER EF 51 -82.69 69.07 -20.86
CA SER EF 51 -82.18 69.29 -19.51
C SER EF 51 -82.88 68.40 -18.49
N GLU EF 52 -84.18 68.19 -18.66
CA GLU EF 52 -84.92 67.33 -17.75
C GLU EF 52 -84.63 65.86 -18.00
N VAL EF 53 -84.52 65.46 -19.27
CA VAL EF 53 -84.33 64.05 -19.60
C VAL EF 53 -82.93 63.60 -19.21
N GLN EF 54 -81.92 64.46 -19.39
CA GLN EF 54 -80.56 64.13 -18.97
C GLN EF 54 -80.45 64.03 -17.46
N ALA EF 55 -81.18 64.87 -16.73
CA ALA EF 55 -81.16 64.81 -15.28
C ALA EF 55 -81.94 63.60 -14.77
N SER EF 56 -83.03 63.25 -15.44
CA SER EF 56 -83.87 62.15 -14.98
C SER EF 56 -83.21 60.79 -15.23
N VAL EF 57 -82.61 60.60 -16.40
CA VAL EF 57 -82.01 59.31 -16.75
C VAL EF 57 -80.77 59.08 -15.91
N SER EF 58 -79.99 60.13 -15.64
CA SER EF 58 -78.80 59.99 -14.81
C SER EF 58 -79.15 59.73 -13.35
N ALA EF 59 -80.22 60.36 -12.85
CA ALA EF 59 -80.64 60.10 -11.48
C ALA EF 59 -81.45 58.81 -11.38
N GLY EF 60 -82.15 58.45 -12.45
CA GLY EF 60 -82.86 57.18 -12.46
C GLY EF 60 -81.96 55.98 -12.55
N THR EF 61 -80.74 56.17 -13.08
CA THR EF 61 -79.79 55.06 -13.17
C THR EF 61 -79.16 54.76 -11.81
N GLU EF 62 -78.90 55.80 -11.02
CA GLU EF 62 -78.29 55.60 -9.71
C GLU EF 62 -79.28 55.02 -8.71
N SER EF 63 -80.58 55.26 -8.92
CA SER EF 63 -81.58 54.77 -7.98
C SER EF 63 -81.81 53.27 -8.12
N VAL EF 64 -81.61 52.72 -9.32
CA VAL EF 64 -81.75 51.28 -9.52
C VAL EF 64 -80.69 50.50 -8.79
N LYS EF 65 -79.49 51.05 -8.62
CA LYS EF 65 -78.47 50.41 -7.80
C LYS EF 65 -78.59 50.83 -6.33
N ARG EF 66 -79.83 50.80 -5.84
CA ARG EF 66 -80.19 50.93 -4.44
C ARG EF 66 -81.33 49.95 -4.20
N VAL EF 67 -81.67 49.20 -5.26
CA VAL EF 67 -82.66 48.15 -5.23
C VAL EF 67 -81.95 46.81 -5.21
N ASN EF 68 -82.37 45.91 -4.31
CA ASN EF 68 -81.77 44.59 -4.27
C ASN EF 68 -82.28 43.77 -5.44
N GLY EF 69 -81.36 43.18 -6.20
CA GLY EF 69 -81.73 42.48 -7.42
C GLY EF 69 -81.98 43.38 -8.60
N GLY EF 70 -81.69 44.67 -8.48
CA GLY EF 70 -81.88 45.62 -9.55
C GLY EF 70 -80.59 45.78 -10.35
N GLN EF 71 -80.74 45.83 -11.67
CA GLN EF 71 -79.61 45.91 -12.58
C GLN EF 71 -79.99 46.74 -13.80
N VAL EF 72 -79.25 47.81 -14.05
CA VAL EF 72 -79.45 48.62 -15.25
C VAL EF 72 -78.75 47.92 -16.40
N LEU EF 73 -79.51 47.61 -17.45
CA LEU EF 73 -78.91 46.99 -18.63
C LEU EF 73 -78.45 48.04 -19.63
N SER EF 74 -79.31 49.02 -19.91
CA SER EF 74 -79.01 49.98 -20.95
C SER EF 74 -79.76 51.29 -20.67
N THR EF 75 -79.04 52.39 -20.82
CA THR EF 75 -79.63 53.73 -20.71
C THR EF 75 -79.26 54.51 -21.96
N HIS EF 76 -80.20 55.33 -22.43
CA HIS EF 76 -79.91 56.20 -23.55
C HIS EF 76 -80.82 57.42 -23.53
N ILE EF 77 -80.31 58.52 -24.07
CA ILE EF 77 -81.05 59.76 -24.25
C ILE EF 77 -80.90 60.19 -25.70
N ILE EF 78 -82.01 60.42 -26.38
CA ILE EF 78 -82.01 61.02 -27.71
C ILE EF 78 -82.60 62.41 -27.58
N ALA EF 79 -81.77 63.42 -27.76
CA ALA EF 79 -82.15 64.80 -27.45
C ALA EF 79 -83.14 65.35 -28.46
N ARG EF 80 -83.11 64.84 -29.69
CA ARG EF 80 -83.97 65.34 -30.75
C ARG EF 80 -84.32 64.17 -31.66
N PRO EF 81 -85.30 63.36 -31.27
CA PRO EF 81 -85.66 62.21 -32.11
C PRO EF 81 -86.42 62.65 -33.35
N HIS EF 82 -86.26 61.88 -34.41
CA HIS EF 82 -86.96 62.13 -35.65
C HIS EF 82 -88.45 61.91 -35.48
N GLU EF 83 -89.24 62.65 -36.26
CA GLU EF 83 -90.70 62.54 -36.21
C GLU EF 83 -91.20 61.21 -36.76
N ASN EF 84 -90.35 60.47 -37.49
CA ASN EF 84 -90.69 59.11 -37.92
C ASN EF 84 -90.81 58.14 -36.74
N LEU EF 85 -90.06 58.38 -35.65
CA LEU EF 85 -89.92 57.38 -34.60
C LEU EF 85 -91.15 57.26 -33.72
N GLU EF 86 -91.94 58.32 -33.59
CA GLU EF 86 -93.11 58.26 -32.72
C GLU EF 86 -94.23 57.42 -33.33
N TYR EF 87 -94.20 57.22 -34.65
CA TYR EF 87 -95.26 56.46 -35.30
C TYR EF 87 -94.94 54.98 -35.35
N VAL EF 88 -93.67 54.62 -35.14
CA VAL EF 88 -93.28 53.21 -35.19
C VAL EF 88 -92.97 52.68 -33.81
N LEU EF 89 -92.20 53.40 -33.05
CA LEU EF 89 -91.76 52.98 -31.75
C LEU EF 89 -92.71 53.48 -30.67
N PRO EF 90 -92.89 52.71 -29.58
CA PRO EF 90 -93.78 53.16 -28.49
C PRO EF 90 -93.13 54.16 -27.55
N ILE EF 91 -92.76 55.32 -28.11
CA ILE EF 91 -92.16 56.41 -27.35
C ILE EF 91 -93.00 57.66 -27.37
N ARG EF 92 -94.22 57.59 -27.86
CA ARG EF 92 -95.02 58.78 -28.08
C ARG EF 92 -95.92 59.07 -26.88
N TYR EF 93 -96.41 60.30 -26.83
CA TYR EF 93 -97.36 60.69 -25.80
C TYR EF 93 -98.71 60.05 -26.04
N THR EF 94 -99.14 59.22 -25.11
CA THR EF 94 -100.48 58.67 -25.14
C THR EF 94 -101.45 59.62 -24.45
N GLU EF 95 -102.74 59.36 -24.63
CA GLU EF 95 -103.74 60.31 -24.14
C GLU EF 95 -104.01 60.15 -22.65
N GLU EF 96 -103.47 59.10 -22.01
CA GLU EF 96 -103.62 58.99 -20.57
C GLU EF 96 -102.55 59.79 -19.83
N VAL EF 97 -101.49 60.18 -20.53
CA VAL EF 97 -100.40 60.93 -19.93
C VAL EF 97 -100.31 62.36 -20.47
N GLU EF 98 -101.40 62.87 -21.06
CA GLU EF 98 -101.38 64.25 -21.56
C GLU EF 98 -101.49 65.27 -20.44
N GLN EF 99 -101.87 64.86 -19.24
CA GLN EF 99 -101.96 65.79 -18.13
C GLN EF 99 -100.59 66.12 -17.54
N PHE EF 100 -99.61 65.25 -17.76
CA PHE EF 100 -98.28 65.44 -17.18
C PHE EF 100 -97.32 66.15 -18.12
N ARG EF 101 -97.72 66.41 -19.37
CA ARG EF 101 -96.83 67.06 -20.32
C ARG EF 101 -96.66 68.54 -20.02
N ALA FF 2 -88.98 45.22 -55.02
CA ALA FF 2 -89.63 46.41 -54.49
C ALA FF 2 -88.59 47.40 -53.96
N VAL FF 3 -89.07 48.40 -53.23
CA VAL FF 3 -88.20 49.35 -52.54
C VAL FF 3 -87.39 48.60 -51.49
N ALA FF 4 -86.10 48.90 -51.40
CA ALA FF 4 -85.15 48.13 -50.59
C ALA FF 4 -85.48 48.20 -49.11
N VAL FF 5 -85.11 47.15 -48.38
CA VAL FF 5 -85.42 47.01 -46.98
C VAL FF 5 -84.13 46.79 -46.20
N GLY FF 6 -83.96 47.51 -45.11
CA GLY FF 6 -82.83 47.31 -44.22
C GLY FF 6 -83.32 47.00 -42.82
N MET FF 7 -82.63 46.07 -42.16
CA MET FF 7 -82.99 45.63 -40.82
C MET FF 7 -81.76 45.71 -39.94
N ILE FF 8 -81.94 46.22 -38.73
CA ILE FF 8 -80.92 46.15 -37.69
C ILE FF 8 -81.55 45.47 -36.48
N GLU FF 9 -80.98 44.35 -36.06
CA GLU FF 9 -81.42 43.67 -34.85
C GLU FF 9 -80.43 43.96 -33.73
N THR FF 10 -80.94 44.48 -32.63
CA THR FF 10 -80.14 44.77 -31.46
C THR FF 10 -80.63 43.97 -30.27
N LEU FF 11 -79.76 43.87 -29.26
CA LEU FF 11 -80.13 43.29 -27.97
C LEU FF 11 -80.47 44.44 -27.05
N GLY FF 12 -81.75 44.75 -26.93
CA GLY FF 12 -82.17 45.83 -26.07
C GLY FF 12 -82.96 46.92 -26.78
N PHE FF 13 -83.92 47.49 -26.06
CA PHE FF 13 -84.75 48.58 -26.59
C PHE FF 13 -84.09 49.96 -26.63
N PRO FF 14 -83.24 50.38 -25.66
CA PRO FF 14 -82.54 51.66 -25.89
C PRO FF 14 -81.57 51.64 -27.06
N ALA FF 15 -81.02 50.48 -27.42
CA ALA FF 15 -80.13 50.41 -28.57
C ALA FF 15 -80.91 50.45 -29.87
N VAL FF 16 -82.17 49.99 -29.87
CA VAL FF 16 -82.91 49.88 -31.11
C VAL FF 16 -83.57 51.20 -31.47
N VAL FF 17 -83.75 52.09 -30.49
CA VAL FF 17 -84.28 53.42 -30.78
C VAL FF 17 -83.18 54.33 -31.27
N GLU FF 18 -81.97 54.17 -30.73
CA GLU FF 18 -80.82 54.92 -31.22
C GLU FF 18 -80.41 54.44 -32.60
N ALA FF 19 -80.56 53.14 -32.88
CA ALA FF 19 -80.31 52.63 -34.22
C ALA FF 19 -81.35 53.16 -35.21
N ALA FF 20 -82.62 53.23 -34.78
CA ALA FF 20 -83.67 53.73 -35.66
C ALA FF 20 -83.55 55.23 -35.85
N ASP FF 21 -83.08 55.95 -34.83
CA ASP FF 21 -82.93 57.40 -34.98
C ASP FF 21 -81.72 57.76 -35.83
N ALA FF 22 -80.66 56.96 -35.75
CA ALA FF 22 -79.49 57.23 -36.58
C ALA FF 22 -79.74 56.86 -38.03
N MET FF 23 -80.66 55.93 -38.28
CA MET FF 23 -80.93 55.49 -39.64
C MET FF 23 -81.68 56.54 -40.43
N VAL FF 24 -82.74 57.09 -39.84
CA VAL FF 24 -83.58 58.03 -40.59
C VAL FF 24 -82.97 59.42 -40.61
N LYS FF 25 -81.92 59.65 -39.83
CA LYS FF 25 -81.21 60.93 -39.91
C LYS FF 25 -80.07 60.85 -40.92
N ALA FF 26 -79.51 59.67 -41.14
CA ALA FF 26 -78.33 59.56 -41.98
C ALA FF 26 -78.69 59.60 -43.45
N ALA FF 27 -79.86 59.11 -43.82
CA ALA FF 27 -80.22 59.00 -45.23
C ALA FF 27 -81.73 59.15 -45.39
N ARG FF 28 -82.18 59.06 -46.64
CA ARG FF 28 -83.60 59.22 -46.97
C ARG FF 28 -84.29 57.85 -46.93
N VAL FF 29 -84.28 57.27 -45.73
CA VAL FF 29 -85.00 56.03 -45.48
C VAL FF 29 -86.22 56.36 -44.65
N THR FF 30 -87.20 55.46 -44.69
CA THR FF 30 -88.39 55.56 -43.88
C THR FF 30 -88.43 54.39 -42.92
N LEU FF 31 -88.38 54.67 -41.62
CA LEU FF 31 -88.60 53.65 -40.61
C LEU FF 31 -90.06 53.21 -40.67
N VAL FF 32 -90.29 51.95 -40.99
CA VAL FF 32 -91.64 51.44 -41.14
C VAL FF 32 -91.98 50.35 -40.14
N GLY FF 33 -91.00 49.73 -39.51
CA GLY FF 33 -91.23 48.48 -38.83
C GLY FF 33 -90.54 48.41 -37.50
N TYR FF 34 -91.06 47.56 -36.62
CA TYR FF 34 -90.57 47.39 -35.27
C TYR FF 34 -91.01 46.01 -34.83
N GLU FF 35 -90.06 45.10 -34.64
CA GLU FF 35 -90.38 43.70 -34.45
C GLU FF 35 -89.67 43.13 -33.24
N LYS FF 36 -90.43 42.49 -32.37
CA LYS FF 36 -89.91 41.78 -31.21
C LYS FF 36 -90.10 40.29 -31.42
N ILE FF 37 -89.02 39.53 -31.32
CA ILE FF 37 -89.06 38.10 -31.56
C ILE FF 37 -88.64 37.31 -30.33
N GLY FF 38 -88.38 37.97 -29.20
CA GLY FF 38 -88.02 37.30 -27.98
C GLY FF 38 -86.54 37.40 -27.67
N THR FF 39 -86.22 37.09 -26.40
CA THR FF 39 -84.90 37.21 -25.77
C THR FF 39 -84.25 38.57 -25.97
N GLY FF 40 -85.03 39.65 -25.99
CA GLY FF 40 -84.48 40.97 -26.17
C GLY FF 40 -84.02 41.28 -27.57
N ARG FF 41 -84.24 40.39 -28.53
CA ARG FF 41 -83.88 40.64 -29.92
C ARG FF 41 -84.96 41.51 -30.54
N VAL FF 42 -84.62 42.76 -30.81
CA VAL FF 42 -85.57 43.74 -31.33
C VAL FF 42 -85.03 44.24 -32.67
N THR FF 43 -85.90 44.26 -33.68
CA THR FF 43 -85.53 44.63 -35.03
C THR FF 43 -86.32 45.85 -35.48
N VAL FF 44 -85.62 46.87 -35.97
CA VAL FF 44 -86.23 48.00 -36.67
C VAL FF 44 -85.97 47.84 -38.15
N ILE FF 45 -86.96 48.26 -38.95
CA ILE FF 45 -86.99 48.02 -40.38
C ILE FF 45 -87.14 49.35 -41.09
N VAL FF 46 -86.20 49.66 -41.98
CA VAL FF 46 -86.27 50.88 -42.78
C VAL FF 46 -86.51 50.49 -44.24
N ARG FF 47 -87.11 51.42 -44.99
CA ARG FF 47 -87.33 51.27 -46.42
C ARG FF 47 -86.79 52.48 -47.15
N GLY FF 48 -86.18 52.25 -48.31
CA GLY FF 48 -85.71 53.33 -49.14
C GLY FF 48 -84.99 52.79 -50.34
N ASP FF 49 -84.31 53.68 -51.05
CA ASP FF 49 -83.41 53.24 -52.10
C ASP FF 49 -82.21 52.54 -51.49
N VAL FF 50 -81.60 51.65 -52.28
CA VAL FF 50 -80.57 50.75 -51.74
C VAL FF 50 -79.31 51.51 -51.32
N SER FF 51 -78.99 52.62 -51.98
CA SER FF 51 -77.86 53.43 -51.55
C SER FF 51 -78.17 54.16 -50.26
N GLU FF 52 -79.42 54.57 -50.07
CA GLU FF 52 -79.82 55.21 -48.83
C GLU FF 52 -79.97 54.19 -47.71
N VAL FF 53 -80.43 52.99 -48.04
CA VAL FF 53 -80.60 51.96 -47.02
C VAL FF 53 -79.23 51.45 -46.55
N GLN FF 54 -78.27 51.33 -47.48
CA GLN FF 54 -76.92 50.93 -47.10
C GLN FF 54 -76.23 51.99 -46.26
N ALA FF 55 -76.50 53.26 -46.54
CA ALA FF 55 -75.89 54.34 -45.78
C ALA FF 55 -76.51 54.47 -44.39
N SER FF 56 -77.78 54.11 -44.26
CA SER FF 56 -78.46 54.23 -42.97
C SER FF 56 -78.12 53.08 -42.06
N VAL FF 57 -78.12 51.85 -42.59
CA VAL FF 57 -77.92 50.65 -41.78
C VAL FF 57 -76.49 50.61 -41.24
N SER FF 58 -75.52 51.09 -42.02
CA SER FF 58 -74.16 51.21 -41.51
C SER FF 58 -74.05 52.31 -40.46
N ALA FF 59 -74.83 53.38 -40.61
CA ALA FF 59 -74.78 54.46 -39.64
C ALA FF 59 -75.59 54.12 -38.39
N GLY FF 60 -76.65 53.33 -38.54
CA GLY FF 60 -77.38 52.88 -37.38
C GLY FF 60 -76.65 51.83 -36.60
N THR FF 61 -75.71 51.12 -37.24
CA THR FF 61 -74.88 50.15 -36.53
C THR FF 61 -73.82 50.86 -35.68
N GLU FF 62 -73.29 51.97 -36.19
CA GLU FF 62 -72.24 52.68 -35.46
C GLU FF 62 -72.78 53.43 -34.25
N SER FF 63 -74.07 53.76 -34.24
CA SER FF 63 -74.63 54.53 -33.14
C SER FF 63 -75.04 53.65 -31.96
N VAL FF 64 -75.10 52.33 -32.14
CA VAL FF 64 -75.36 51.44 -31.03
C VAL FF 64 -74.14 51.37 -30.11
N LYS FF 65 -72.95 51.67 -30.63
CA LYS FF 65 -71.76 51.78 -29.80
C LYS FF 65 -71.83 52.98 -28.86
N ARG FF 66 -72.64 54.00 -29.20
CA ARG FF 66 -72.86 55.11 -28.28
C ARG FF 66 -73.67 54.66 -27.06
N VAL FF 67 -74.56 53.69 -27.25
CA VAL FF 67 -75.40 53.22 -26.16
C VAL FF 67 -74.59 52.27 -25.28
N ASN FF 68 -74.65 52.49 -23.97
CA ASN FF 68 -74.04 51.56 -23.03
C ASN FF 68 -74.99 50.38 -22.84
N GLY FF 69 -74.44 49.16 -22.95
CA GLY FF 69 -75.27 47.99 -22.89
C GLY FF 69 -76.02 47.68 -24.17
N GLY FF 70 -75.70 48.38 -25.25
CA GLY FF 70 -76.30 48.14 -26.54
C GLY FF 70 -75.38 47.29 -27.41
N GLN FF 71 -75.99 46.36 -28.15
CA GLN FF 71 -75.24 45.42 -28.97
C GLN FF 71 -76.03 45.06 -30.20
N VAL FF 72 -75.45 45.30 -31.37
CA VAL FF 72 -76.05 44.92 -32.64
C VAL FF 72 -75.86 43.41 -32.79
N LEU FF 73 -76.97 42.70 -32.99
CA LEU FF 73 -76.88 41.25 -33.18
C LEU FF 73 -76.75 40.90 -34.66
N SER FF 74 -77.58 41.50 -35.50
CA SER FF 74 -77.61 41.15 -36.91
C SER FF 74 -78.16 42.32 -37.72
N THR FF 75 -77.47 42.63 -38.81
CA THR FF 75 -77.95 43.59 -39.78
C THR FF 75 -78.05 42.92 -41.14
N HIS FF 76 -78.99 43.38 -41.95
CA HIS FF 76 -79.10 42.90 -43.32
C HIS FF 76 -79.83 43.92 -44.17
N ILE FF 77 -79.49 43.91 -45.47
CA ILE FF 77 -80.08 44.78 -46.47
C ILE FF 77 -80.48 43.93 -47.65
N ILE FF 78 -81.74 44.02 -48.06
CA ILE FF 78 -82.23 43.39 -49.28
C ILE FF 78 -82.51 44.50 -50.28
N ALA FF 79 -81.82 44.47 -51.42
CA ALA FF 79 -81.88 45.56 -52.38
C ALA FF 79 -83.21 45.59 -53.11
N ARG FF 80 -83.83 44.43 -53.31
CA ARG FF 80 -85.09 44.35 -54.04
C ARG FF 80 -85.90 43.20 -53.44
N PRO FF 81 -86.65 43.47 -52.38
CA PRO FF 81 -87.47 42.41 -51.80
C PRO FF 81 -88.65 42.08 -52.69
N HIS FF 82 -89.04 40.82 -52.67
CA HIS FF 82 -90.18 40.34 -53.44
C HIS FF 82 -91.47 40.93 -52.89
N GLU FF 83 -92.48 41.01 -53.75
CA GLU FF 83 -93.76 41.61 -53.36
C GLU FF 83 -94.54 40.72 -52.40
N ASN FF 84 -94.19 39.44 -52.30
CA ASN FF 84 -94.80 38.54 -51.33
C ASN FF 84 -94.42 38.89 -49.91
N LEU FF 85 -93.28 39.56 -49.72
CA LEU FF 85 -92.75 39.77 -48.38
C LEU FF 85 -93.50 40.84 -47.61
N GLU FF 86 -94.06 41.84 -48.30
CA GLU FF 86 -94.73 42.92 -47.60
C GLU FF 86 -96.11 42.50 -47.10
N TYR FF 87 -96.64 41.40 -47.63
CA TYR FF 87 -97.97 40.96 -47.20
C TYR FF 87 -97.87 39.96 -46.06
N VAL FF 88 -96.67 39.43 -45.79
CA VAL FF 88 -96.50 38.50 -44.69
C VAL FF 88 -95.64 39.12 -43.60
N LEU FF 89 -94.48 39.56 -43.94
CA LEU FF 89 -93.54 40.13 -42.99
C LEU FF 89 -93.83 41.60 -42.76
N PRO FF 90 -93.59 42.11 -41.54
CA PRO FF 90 -93.86 43.54 -41.25
C PRO FF 90 -92.77 44.48 -41.76
N ILE FF 91 -92.55 44.47 -43.08
CA ILE FF 91 -91.62 45.36 -43.73
C ILE FF 91 -92.32 46.36 -44.65
N ARG FF 92 -93.65 46.43 -44.60
CA ARG FF 92 -94.37 47.27 -45.54
C ARG FF 92 -94.56 48.67 -44.98
N TYR FF 93 -94.82 49.61 -45.89
CA TYR FF 93 -95.22 50.95 -45.49
C TYR FF 93 -96.62 50.92 -44.89
N THR FF 94 -96.71 51.17 -43.60
CA THR FF 94 -98.01 51.36 -42.99
C THR FF 94 -98.51 52.78 -43.29
N GLU FF 95 -99.77 53.03 -42.96
CA GLU FF 95 -100.38 54.30 -43.34
C GLU FF 95 -99.92 55.43 -42.41
N GLU FF 96 -99.37 55.08 -41.26
CA GLU FF 96 -98.87 56.11 -40.34
C GLU FF 96 -97.55 56.71 -40.84
N VAL FF 97 -96.79 55.95 -41.62
CA VAL FF 97 -95.47 56.37 -42.05
C VAL FF 97 -95.44 56.81 -43.51
N GLU FF 98 -96.61 57.06 -44.11
CA GLU FF 98 -96.62 57.51 -45.50
C GLU FF 98 -96.28 58.99 -45.65
N GLN FF 99 -96.26 59.75 -44.55
CA GLN FF 99 -95.84 61.14 -44.63
C GLN FF 99 -94.31 61.26 -44.71
N PHE FF 100 -93.59 60.19 -44.41
CA PHE FF 100 -92.13 60.20 -44.40
C PHE FF 100 -91.53 59.49 -45.61
N ARG FF 101 -92.35 59.00 -46.53
CA ARG FF 101 -91.86 58.26 -47.68
C ARG FF 101 -91.24 59.21 -48.72
N ALA GF 2 -75.38 84.90 -23.81
CA ALA GF 2 -76.73 84.58 -24.24
C ALA GF 2 -76.94 83.07 -24.23
N VAL GF 3 -76.95 82.46 -25.42
CA VAL GF 3 -77.02 81.01 -25.52
C VAL GF 3 -75.64 80.43 -25.29
N ALA GF 4 -75.58 79.12 -25.02
CA ALA GF 4 -74.32 78.47 -24.73
C ALA GF 4 -73.48 78.33 -26.00
N VAL GF 5 -72.21 77.99 -25.82
CA VAL GF 5 -71.30 77.77 -26.92
C VAL GF 5 -70.58 76.43 -26.71
N GLY GF 6 -70.53 75.62 -27.74
CA GLY GF 6 -69.80 74.36 -27.70
C GLY GF 6 -68.79 74.28 -28.81
N MET GF 7 -67.66 73.67 -28.52
CA MET GF 7 -66.55 73.57 -29.47
C MET GF 7 -66.06 72.14 -29.51
N ILE GF 8 -65.83 71.62 -30.70
CA ILE GF 8 -65.11 70.36 -30.90
C ILE GF 8 -63.95 70.65 -31.82
N GLU GF 9 -62.74 70.38 -31.34
CA GLU GF 9 -61.55 70.51 -32.18
C GLU GF 9 -61.09 69.13 -32.62
N THR GF 10 -60.95 68.95 -33.92
CA THR GF 10 -60.47 67.70 -34.48
C THR GF 10 -59.17 67.93 -35.23
N LEU GF 11 -58.45 66.84 -35.47
CA LEU GF 11 -57.30 66.84 -36.36
C LEU GF 11 -57.80 66.38 -37.72
N GLY GF 12 -57.96 67.33 -38.64
CA GLY GF 12 -58.44 67.00 -39.96
C GLY GF 12 -59.79 67.58 -40.31
N PHE GF 13 -59.95 67.94 -41.57
CA PHE GF 13 -61.21 68.49 -42.08
C PHE GF 13 -62.32 67.45 -42.35
N PRO GF 14 -62.07 66.23 -42.83
CA PRO GF 14 -63.19 65.26 -42.87
C PRO GF 14 -63.73 64.87 -41.50
N ALA GF 15 -62.92 64.97 -40.45
CA ALA GF 15 -63.40 64.66 -39.12
C ALA GF 15 -64.22 65.81 -38.55
N VAL GF 16 -64.00 67.03 -39.04
CA VAL GF 16 -64.66 68.18 -38.45
C VAL GF 16 -66.01 68.43 -39.11
N VAL GF 17 -66.22 67.85 -40.31
CA VAL GF 17 -67.51 67.96 -40.97
C VAL GF 17 -68.44 66.88 -40.45
N GLU GF 18 -67.90 65.70 -40.13
CA GLU GF 18 -68.68 64.66 -39.48
C GLU GF 18 -69.03 65.05 -38.05
N ALA GF 19 -68.13 65.74 -37.36
CA ALA GF 19 -68.43 66.25 -36.03
C ALA GF 19 -69.49 67.34 -36.09
N ALA GF 20 -69.42 68.21 -37.10
CA ALA GF 20 -70.41 69.28 -37.23
C ALA GF 20 -71.77 68.73 -37.65
N ASP GF 21 -71.78 67.71 -38.51
CA ASP GF 21 -73.04 67.12 -38.95
C ASP GF 21 -73.69 66.31 -37.83
N ALA GF 22 -72.89 65.73 -36.94
CA ALA GF 22 -73.45 64.98 -35.84
C ALA GF 22 -74.03 65.89 -34.77
N MET GF 23 -73.52 67.12 -34.67
CA MET GF 23 -74.01 68.02 -33.62
C MET GF 23 -75.38 68.59 -33.97
N VAL GF 24 -75.56 69.05 -35.20
CA VAL GF 24 -76.81 69.72 -35.53
C VAL GF 24 -77.93 68.72 -35.79
N LYS GF 25 -77.58 67.45 -35.97
CA LYS GF 25 -78.60 66.41 -36.06
C LYS GF 25 -79.04 65.92 -34.69
N ALA GF 26 -78.12 65.93 -33.71
CA ALA GF 26 -78.41 65.33 -32.41
C ALA GF 26 -79.31 66.22 -31.57
N ALA GF 27 -79.11 67.54 -31.64
CA ALA GF 27 -79.84 68.44 -30.77
C ALA GF 27 -80.11 69.74 -31.51
N ARG GF 28 -80.83 70.65 -30.84
CA ARG GF 28 -81.22 71.94 -31.42
C ARG GF 28 -80.11 72.96 -31.18
N VAL GF 29 -79.00 72.75 -31.88
CA VAL GF 29 -77.88 73.66 -31.87
C VAL GF 29 -77.72 74.25 -33.25
N THR GF 30 -77.14 75.44 -33.31
CA THR GF 30 -76.83 76.10 -34.56
C THR GF 30 -75.32 76.11 -34.74
N LEU GF 31 -74.83 75.44 -35.77
CA LEU GF 31 -73.43 75.57 -36.18
C LEU GF 31 -73.22 76.96 -36.73
N VAL GF 32 -72.40 77.75 -36.04
CA VAL GF 32 -72.20 79.15 -36.40
C VAL GF 32 -70.79 79.42 -36.89
N GLY GF 33 -69.83 78.57 -36.59
CA GLY GF 33 -68.43 78.94 -36.75
C GLY GF 33 -67.58 77.78 -37.19
N TYR GF 34 -66.37 78.12 -37.61
CA TYR GF 34 -65.44 77.19 -38.23
C TYR GF 34 -64.07 77.83 -38.16
N GLU GF 35 -63.16 77.24 -37.40
CA GLU GF 35 -61.91 77.90 -37.05
C GLU GF 35 -60.72 77.00 -37.31
N LYS GF 36 -59.70 77.54 -37.97
CA LYS GF 36 -58.45 76.85 -38.24
C LYS GF 36 -57.33 77.61 -37.54
N ILE GF 37 -56.57 76.91 -36.71
CA ILE GF 37 -55.50 77.53 -35.93
C ILE GF 37 -54.13 77.00 -36.31
N GLY GF 38 -54.07 76.07 -37.25
CA GLY GF 38 -52.80 75.47 -37.65
C GLY GF 38 -52.62 74.08 -37.06
N THR GF 39 -51.57 73.40 -37.57
CA THR GF 39 -51.28 71.97 -37.38
C THR GF 39 -52.49 71.07 -37.61
N GLY GF 40 -53.34 71.40 -38.57
CA GLY GF 40 -54.52 70.61 -38.85
C GLY GF 40 -55.59 70.65 -37.78
N ARG GF 41 -55.45 71.51 -36.77
CA ARG GF 41 -56.40 71.60 -35.68
C ARG GF 41 -57.55 72.49 -36.12
N VAL GF 42 -58.71 71.87 -36.36
CA VAL GF 42 -59.86 72.57 -36.91
C VAL GF 42 -61.00 72.47 -35.89
N THR GF 43 -61.63 73.60 -35.61
CA THR GF 43 -62.66 73.70 -34.58
C THR GF 43 -63.97 74.17 -35.20
N VAL GF 44 -65.05 73.49 -34.88
CA VAL GF 44 -66.41 73.94 -35.21
C VAL GF 44 -67.11 74.39 -33.94
N ILE GF 45 -67.93 75.43 -34.08
CA ILE GF 45 -68.55 76.10 -32.95
C ILE GF 45 -70.06 76.02 -33.12
N VAL GF 46 -70.75 75.50 -32.10
CA VAL GF 46 -72.20 75.44 -32.10
C VAL GF 46 -72.74 76.33 -31.00
N ARG GF 47 -73.93 76.88 -31.22
CA ARG GF 47 -74.63 77.69 -30.24
C ARG GF 47 -76.00 77.10 -29.98
N GLY GF 48 -76.44 77.18 -28.73
CA GLY GF 48 -77.75 76.69 -28.36
C GLY GF 48 -77.91 76.75 -26.87
N ASP GF 49 -78.94 76.07 -26.37
CA ASP GF 49 -79.06 75.89 -24.94
C ASP GF 49 -77.97 74.96 -24.44
N VAL GF 50 -77.64 75.09 -23.16
CA VAL GF 50 -76.52 74.35 -22.58
C VAL GF 50 -76.81 72.84 -22.54
N SER GF 51 -78.08 72.46 -22.41
CA SER GF 51 -78.44 71.05 -22.50
C SER GF 51 -78.40 70.58 -23.95
N GLU GF 52 -78.78 71.45 -24.89
CA GLU GF 52 -78.68 71.11 -26.31
C GLU GF 52 -77.23 71.00 -26.74
N VAL GF 53 -76.38 71.89 -26.22
CA VAL GF 53 -74.98 71.91 -26.61
C VAL GF 53 -74.25 70.70 -26.02
N GLN GF 54 -74.61 70.30 -24.80
CA GLN GF 54 -73.98 69.14 -24.17
C GLN GF 54 -74.33 67.86 -24.88
N ALA GF 55 -75.57 67.74 -25.38
CA ALA GF 55 -75.97 66.55 -26.10
C ALA GF 55 -75.35 66.49 -27.48
N SER GF 56 -75.12 67.66 -28.09
CA SER GF 56 -74.54 67.68 -29.44
C SER GF 56 -73.04 67.46 -29.40
N VAL GF 57 -72.34 68.09 -28.44
CA VAL GF 57 -70.89 67.98 -28.35
C VAL GF 57 -70.49 66.55 -27.97
N SER GF 58 -71.30 65.90 -27.13
CA SER GF 58 -71.06 64.51 -26.82
C SER GF 58 -71.31 63.61 -28.03
N ALA GF 59 -72.36 63.88 -28.79
CA ALA GF 59 -72.67 63.07 -29.95
C ALA GF 59 -71.72 63.35 -31.11
N GLY GF 60 -71.21 64.58 -31.20
CA GLY GF 60 -70.20 64.89 -32.19
C GLY GF 60 -68.85 64.28 -31.88
N THR GF 61 -68.62 63.91 -30.61
CA THR GF 61 -67.33 63.33 -30.23
C THR GF 61 -67.21 61.88 -30.68
N GLU GF 62 -68.26 61.07 -30.48
CA GLU GF 62 -68.15 59.66 -30.88
C GLU GF 62 -68.31 59.47 -32.38
N SER GF 63 -68.77 60.49 -33.10
CA SER GF 63 -68.90 60.37 -34.55
C SER GF 63 -67.57 60.56 -35.25
N VAL GF 64 -66.57 61.13 -34.58
CA VAL GF 64 -65.25 61.25 -35.17
C VAL GF 64 -64.54 59.89 -35.14
N LYS GF 65 -64.94 59.03 -34.19
CA LYS GF 65 -64.36 57.69 -34.09
C LYS GF 65 -64.71 56.80 -35.29
N ARG GF 66 -65.79 57.10 -36.00
CA ARG GF 66 -66.11 56.39 -37.23
C ARG GF 66 -65.34 56.92 -38.44
N VAL GF 67 -64.72 58.09 -38.32
CA VAL GF 67 -63.88 58.63 -39.38
C VAL GF 67 -62.48 58.08 -39.19
N ASN GF 68 -61.98 57.36 -40.20
CA ASN GF 68 -60.62 56.82 -40.17
C ASN GF 68 -59.68 57.92 -40.67
N GLY GF 69 -58.80 58.39 -39.80
CA GLY GF 69 -57.88 59.45 -40.12
C GLY GF 69 -58.06 60.73 -39.34
N GLY GF 70 -59.10 60.81 -38.51
CA GLY GF 70 -59.32 61.98 -37.69
C GLY GF 70 -59.61 61.59 -36.25
N GLN GF 71 -59.26 62.49 -35.35
CA GLN GF 71 -59.45 62.27 -33.92
C GLN GF 71 -59.87 63.57 -33.27
N VAL GF 72 -60.56 63.46 -32.15
CA VAL GF 72 -60.97 64.61 -31.36
C VAL GF 72 -59.78 65.05 -30.51
N LEU GF 73 -59.36 66.31 -30.67
CA LEU GF 73 -58.25 66.82 -29.88
C LEU GF 73 -58.74 67.46 -28.60
N SER GF 74 -59.80 68.26 -28.68
CA SER GF 74 -60.29 68.98 -27.52
C SER GF 74 -61.76 69.32 -27.73
N THR GF 75 -62.53 69.22 -26.63
CA THR GF 75 -63.92 69.63 -26.62
C THR GF 75 -64.15 70.52 -25.41
N HIS GF 76 -65.05 71.48 -25.55
CA HIS GF 76 -65.42 72.32 -24.42
C HIS GF 76 -66.82 72.89 -24.62
N ILE GF 77 -67.49 73.15 -23.50
CA ILE GF 77 -68.83 73.70 -23.45
C ILE GF 77 -68.83 74.82 -22.43
N ILE GF 78 -69.28 76.01 -22.83
CA ILE GF 78 -69.46 77.14 -21.93
C ILE GF 78 -70.94 77.46 -21.86
N ALA GF 79 -71.50 77.44 -20.64
CA ALA GF 79 -72.95 77.50 -20.47
C ALA GF 79 -73.52 78.85 -20.85
N ARG GF 80 -72.80 79.93 -20.55
CA ARG GF 80 -73.22 81.27 -20.95
C ARG GF 80 -71.95 82.11 -21.08
N PRO GF 81 -71.44 82.30 -22.29
CA PRO GF 81 -70.22 83.08 -22.47
C PRO GF 81 -70.47 84.56 -22.22
N HIS GF 82 -69.38 85.25 -21.90
CA HIS GF 82 -69.41 86.69 -21.75
C HIS GF 82 -69.65 87.34 -23.11
N GLU GF 83 -70.27 88.52 -23.10
CA GLU GF 83 -70.53 89.22 -24.36
C GLU GF 83 -69.26 89.88 -24.90
N ASN GF 84 -68.20 89.93 -24.10
CA ASN GF 84 -66.89 90.33 -24.60
C ASN GF 84 -66.34 89.32 -25.59
N LEU GF 85 -66.67 88.04 -25.42
CA LEU GF 85 -66.15 87.00 -26.30
C LEU GF 85 -66.78 87.03 -27.67
N GLU GF 86 -67.97 87.63 -27.80
CA GLU GF 86 -68.69 87.62 -29.06
C GLU GF 86 -68.02 88.54 -30.08
N TYR GF 87 -67.35 89.58 -29.60
CA TYR GF 87 -66.75 90.55 -30.51
C TYR GF 87 -65.30 90.19 -30.85
N VAL GF 88 -64.65 89.40 -30.00
CA VAL GF 88 -63.26 89.04 -30.25
C VAL GF 88 -63.15 87.68 -30.89
N LEU GF 89 -63.81 86.71 -30.31
CA LEU GF 89 -63.73 85.33 -30.76
C LEU GF 89 -64.85 85.03 -31.77
N PRO GF 90 -64.59 84.19 -32.78
CA PRO GF 90 -65.62 83.89 -33.79
C PRO GF 90 -66.62 82.83 -33.33
N ILE GF 91 -67.36 83.15 -32.27
CA ILE GF 91 -68.39 82.29 -31.72
C ILE GF 91 -69.78 82.89 -31.85
N ARG GF 92 -69.93 83.98 -32.58
CA ARG GF 92 -71.20 84.67 -32.67
C ARG GF 92 -72.02 84.16 -33.84
N TYR GF 93 -73.31 84.48 -33.79
CA TYR GF 93 -74.20 84.16 -34.90
C TYR GF 93 -73.91 85.08 -36.07
N THR GF 94 -73.64 84.50 -37.24
CA THR GF 94 -73.54 85.26 -38.46
C THR GF 94 -74.93 85.42 -39.08
N GLU GF 95 -75.01 86.28 -40.10
CA GLU GF 95 -76.29 86.52 -40.74
C GLU GF 95 -76.68 85.38 -41.68
N GLU GF 96 -75.72 84.51 -42.02
CA GLU GF 96 -76.03 83.38 -42.89
C GLU GF 96 -76.73 82.27 -42.13
N VAL GF 97 -76.57 82.23 -40.82
CA VAL GF 97 -77.08 81.13 -40.01
C VAL GF 97 -78.22 81.58 -39.10
N GLU GF 98 -78.83 82.72 -39.38
CA GLU GF 98 -79.97 83.17 -38.57
C GLU GF 98 -81.23 82.37 -38.87
N GLN GF 99 -81.27 81.66 -39.99
CA GLN GF 99 -82.44 80.84 -40.33
C GLN GF 99 -82.44 79.53 -39.56
N PHE GF 100 -81.31 79.14 -38.99
CA PHE GF 100 -81.20 77.90 -38.22
C PHE GF 100 -81.26 78.13 -36.71
N ARG GF 101 -81.40 79.37 -36.27
CA ARG GF 101 -81.42 79.67 -34.84
C ARG GF 101 -82.75 79.28 -34.20
N MET HF 1 -80.97 67.32 12.13
CA MET HF 1 -81.83 67.34 10.96
C MET HF 1 -82.91 68.40 11.07
N GLN HF 2 -83.47 68.77 9.93
CA GLN HF 2 -84.60 69.67 9.86
C GLN HF 2 -85.72 68.99 9.10
N MET HF 3 -86.95 69.36 9.43
CA MET HF 3 -88.10 68.91 8.67
C MET HF 3 -88.33 69.87 7.51
N ALA HF 4 -88.50 69.31 6.32
CA ALA HF 4 -88.68 70.12 5.13
C ALA HF 4 -89.73 69.48 4.24
N LYS HF 5 -90.37 70.31 3.44
CA LYS HF 5 -91.36 69.86 2.46
C LYS HF 5 -90.75 69.99 1.07
N VAL HF 6 -90.91 68.94 0.26
CA VAL HF 6 -90.38 68.91 -1.10
C VAL HF 6 -91.25 69.85 -1.94
N CYS HF 7 -90.68 70.98 -2.36
CA CYS HF 7 -91.45 71.93 -3.15
C CYS HF 7 -91.08 71.88 -4.63
N GLY HF 8 -89.94 71.30 -4.97
CA GLY HF 8 -89.61 71.18 -6.36
C GLY HF 8 -88.25 70.57 -6.61
N THR HF 9 -87.80 70.69 -7.86
CA THR HF 9 -86.54 70.12 -8.31
C THR HF 9 -85.68 71.22 -8.90
N VAL HF 10 -84.36 71.06 -8.77
CA VAL HF 10 -83.38 71.94 -9.38
C VAL HF 10 -82.53 71.10 -10.32
N VAL HF 11 -82.50 71.49 -11.59
CA VAL HF 11 -81.71 70.79 -12.60
C VAL HF 11 -80.58 71.72 -13.02
N GLY HF 12 -79.35 71.25 -12.89
CA GLY HF 12 -78.20 71.96 -13.43
C GLY HF 12 -77.42 71.07 -14.37
N THR HF 13 -77.20 71.53 -15.60
CA THR HF 13 -76.45 70.75 -16.56
C THR HF 13 -74.96 71.04 -16.53
N GLN HF 14 -74.58 72.30 -16.33
CA GLN HF 14 -73.19 72.70 -16.24
C GLN HF 14 -72.79 72.67 -14.77
N LYS HF 15 -72.11 71.61 -14.36
CA LYS HF 15 -71.83 71.37 -12.95
C LYS HF 15 -70.48 70.67 -12.83
N LEU HF 16 -70.12 70.34 -11.59
CA LEU HF 16 -68.92 69.55 -11.35
C LEU HF 16 -69.14 68.11 -11.78
N PRO HF 17 -68.08 67.40 -12.17
CA PRO HF 17 -68.25 65.98 -12.54
C PRO HF 17 -68.64 65.09 -11.38
N SER HF 18 -68.31 65.48 -10.16
CA SER HF 18 -68.71 64.72 -8.98
C SER HF 18 -70.15 65.01 -8.58
N MET HF 19 -70.79 65.99 -9.21
CA MET HF 19 -72.20 66.26 -8.98
C MET HF 19 -73.11 65.52 -9.97
N THR HF 20 -72.55 64.59 -10.75
CA THR HF 20 -73.33 63.90 -11.76
C THR HF 20 -74.08 62.72 -11.14
N GLY HF 21 -75.38 62.63 -11.44
CA GLY HF 21 -76.22 61.60 -10.88
C GLY HF 21 -76.86 61.98 -9.56
N VAL HF 22 -76.54 63.14 -9.01
CA VAL HF 22 -77.11 63.62 -7.76
C VAL HF 22 -78.43 64.30 -8.07
N LYS HF 23 -79.51 63.76 -7.51
CA LYS HF 23 -80.84 64.33 -7.69
C LYS HF 23 -81.01 65.47 -6.69
N LEU HF 24 -81.33 66.65 -7.20
CA LEU HF 24 -81.37 67.87 -6.40
C LEU HF 24 -82.82 68.30 -6.19
N LEU HF 25 -83.24 68.33 -4.93
CA LEU HF 25 -84.59 68.71 -4.55
C LEU HF 25 -84.59 70.07 -3.89
N LEU HF 26 -85.54 70.91 -4.29
CA LEU HF 26 -85.79 72.19 -3.64
C LEU HF 26 -86.75 71.93 -2.48
N LEU HF 27 -86.26 72.07 -1.26
CA LEU HF 27 -87.02 71.79 -0.07
C LEU HF 27 -87.23 73.07 0.72
N GLN HF 28 -88.49 73.40 1.00
CA GLN HF 28 -88.80 74.50 1.90
C GLN HF 28 -88.94 73.96 3.32
N PHE HF 29 -88.34 74.66 4.28
CA PHE HF 29 -88.38 74.21 5.66
C PHE HF 29 -89.74 74.48 6.28
N ILE HF 30 -90.20 73.54 7.08
CA ILE HF 30 -91.44 73.66 7.83
C ILE HF 30 -91.10 73.72 9.31
N ASP HF 31 -91.92 74.41 10.08
CA ASP HF 31 -91.60 74.58 11.50
C ASP HF 31 -92.05 73.35 12.31
N ALA HF 32 -91.93 73.47 13.63
CA ALA HF 32 -92.33 72.37 14.51
C ALA HF 32 -93.85 72.22 14.57
N ASN HF 33 -94.59 73.27 14.21
CA ASN HF 33 -96.05 73.19 14.22
C ASN HF 33 -96.60 72.79 12.85
N GLY HF 34 -95.77 72.83 11.81
CA GLY HF 34 -96.15 72.36 10.49
C GLY HF 34 -96.34 73.41 9.43
N GLU HF 35 -96.15 74.69 9.74
CA GLU HF 35 -96.29 75.75 8.75
C GLU HF 35 -94.98 75.98 8.02
N LEU HF 36 -95.09 76.49 6.79
CA LEU HF 36 -93.92 76.68 5.94
C LEU HF 36 -93.11 77.89 6.40
N LEU HF 37 -91.82 77.67 6.66
CA LEU HF 37 -90.92 78.76 7.00
C LEU HF 37 -90.41 79.42 5.72
N PRO HF 38 -90.08 80.73 5.78
CA PRO HF 38 -89.44 81.38 4.62
C PRO HF 38 -87.95 81.09 4.53
N LYS HF 39 -87.61 79.81 4.42
CA LYS HF 39 -86.23 79.34 4.35
C LYS HF 39 -86.24 78.03 3.59
N TYR HF 40 -85.30 77.88 2.66
CA TYR HF 40 -85.26 76.73 1.79
C TYR HF 40 -83.89 76.09 1.81
N GLU HF 41 -83.76 74.99 1.07
CA GLU HF 41 -82.52 74.29 0.88
C GLU HF 41 -82.59 73.53 -0.44
N VAL HF 42 -81.43 73.28 -1.04
CA VAL HF 42 -81.32 72.34 -2.14
C VAL HF 42 -80.49 71.18 -1.63
N ALA HF 43 -81.06 69.98 -1.65
CA ALA HF 43 -80.44 68.82 -1.04
C ALA HF 43 -80.39 67.66 -2.01
N ALA HF 44 -79.39 66.80 -1.83
CA ALA HF 44 -79.35 65.53 -2.51
C ALA HF 44 -80.44 64.61 -1.96
N ASP HF 45 -80.93 63.71 -2.81
CA ASP HF 45 -82.07 62.87 -2.49
C ASP HF 45 -81.74 61.41 -2.80
N PRO HF 46 -81.08 60.69 -1.89
CA PRO HF 46 -80.90 59.24 -2.10
C PRO HF 46 -82.15 58.45 -1.78
N VAL HF 47 -82.91 58.88 -0.77
CA VAL HF 47 -84.19 58.28 -0.42
C VAL HF 47 -85.23 58.94 -1.31
N GLY HF 48 -85.82 58.18 -2.22
CA GLY HF 48 -86.57 58.75 -3.33
C GLY HF 48 -87.84 59.46 -2.87
N ALA HF 49 -87.84 60.79 -2.92
CA ALA HF 49 -88.90 61.61 -2.37
C ALA HF 49 -89.48 62.48 -3.48
N GLY HF 50 -90.81 62.53 -3.56
CA GLY HF 50 -91.50 63.32 -4.55
C GLY HF 50 -92.07 64.59 -3.96
N LEU HF 51 -92.71 65.36 -4.85
CA LEU HF 51 -93.17 66.70 -4.50
C LEU HF 51 -94.35 66.64 -3.54
N GLY HF 52 -94.28 67.45 -2.49
CA GLY HF 52 -95.27 67.46 -1.45
C GLY HF 52 -94.92 66.65 -0.22
N GLU HF 53 -93.89 65.82 -0.30
CA GLU HF 53 -93.53 64.93 0.80
C GLU HF 53 -92.82 65.69 1.91
N TRP HF 54 -92.93 65.16 3.12
CA TRP HF 54 -92.22 65.66 4.28
C TRP HF 54 -90.95 64.83 4.46
N VAL HF 55 -89.80 65.52 4.49
CA VAL HF 55 -88.52 64.84 4.55
C VAL HF 55 -87.72 65.38 5.71
N LEU HF 56 -86.78 64.56 6.19
CA LEU HF 56 -85.73 65.01 7.10
C LEU HF 56 -84.48 65.27 6.27
N VAL HF 57 -83.94 66.47 6.38
CA VAL HF 57 -82.74 66.87 5.67
C VAL HF 57 -81.68 67.26 6.68
N ASN HF 58 -80.46 66.75 6.48
CA ASN HF 58 -79.36 67.13 7.35
C ASN HF 58 -78.55 68.23 6.68
N ARG HF 59 -77.53 68.71 7.38
CA ARG HF 59 -76.72 69.80 6.89
C ARG HF 59 -75.27 69.48 7.16
N GLY HF 60 -74.39 70.00 6.30
CA GLY HF 60 -72.97 69.93 6.55
C GLY HF 60 -72.30 68.66 6.10
N SER HF 61 -71.32 68.19 6.86
CA SER HF 61 -70.54 67.02 6.50
C SER HF 61 -71.30 65.71 6.71
N ALA HF 62 -72.49 65.77 7.32
CA ALA HF 62 -73.34 64.59 7.45
C ALA HF 62 -73.95 64.18 6.12
N ALA HF 63 -73.98 65.08 5.14
CA ALA HF 63 -74.47 64.75 3.81
C ALA HF 63 -73.51 63.86 3.03
N ARG HF 64 -72.28 63.69 3.51
CA ARG HF 64 -71.26 62.90 2.85
C ARG HF 64 -70.99 61.58 3.56
N GLN HF 65 -71.98 61.01 4.23
CA GLN HF 65 -71.77 59.82 5.05
C GLN HF 65 -72.40 58.56 4.45
N THR HF 66 -73.16 58.70 3.36
CA THR HF 66 -73.94 57.59 2.82
C THR HF 66 -73.17 56.73 1.81
N GLU HF 67 -71.83 56.83 1.83
CA GLU HF 67 -70.82 56.03 1.12
C GLU HF 67 -70.89 56.10 -0.40
N TYR HF 68 -71.86 56.82 -0.97
CA TYR HF 68 -71.78 57.23 -2.36
C TYR HF 68 -71.83 58.74 -2.53
N HIS HF 69 -71.84 59.48 -1.42
CA HIS HF 69 -71.72 60.93 -1.43
C HIS HF 69 -70.43 61.39 -0.75
N GLN HF 70 -69.43 60.50 -0.62
CA GLN HF 70 -68.32 60.72 0.30
C GLN HF 70 -67.38 61.81 -0.19
N ASN HF 71 -67.05 61.82 -1.47
CA ASN HF 71 -66.14 62.82 -2.02
C ASN HF 71 -66.88 63.80 -2.91
N ARG HF 72 -68.19 63.90 -2.74
CA ARG HF 72 -69.11 64.77 -3.46
C ARG HF 72 -69.30 66.08 -2.70
N PRO HF 73 -69.33 67.20 -3.40
CA PRO HF 73 -69.45 68.51 -2.72
C PRO HF 73 -70.89 68.83 -2.32
N LEU HF 74 -71.39 68.07 -1.35
CA LEU HF 74 -72.78 68.18 -0.89
C LEU HF 74 -72.79 68.60 0.56
N ASP HF 75 -73.66 69.55 0.89
CA ASP HF 75 -73.82 70.00 2.28
C ASP HF 75 -75.25 69.86 2.77
N ALA HF 76 -76.10 69.14 2.05
CA ALA HF 76 -77.47 68.89 2.45
C ALA HF 76 -77.94 67.62 1.76
N MET HF 77 -78.74 66.83 2.48
CA MET HF 77 -79.15 65.52 1.98
C MET HF 77 -80.43 65.10 2.68
N VAL HF 78 -81.41 64.65 1.91
CA VAL HF 78 -82.59 64.01 2.49
C VAL HF 78 -82.18 62.65 3.04
N VAL HF 79 -82.34 62.47 4.34
CA VAL HF 79 -81.97 61.22 4.98
C VAL HF 79 -83.17 60.32 5.24
N ALA HF 80 -84.37 60.88 5.30
CA ALA HF 80 -85.56 60.11 5.64
C ALA HF 80 -86.78 60.80 5.04
N ILE HF 81 -87.74 60.00 4.61
CA ILE HF 81 -89.08 60.47 4.31
C ILE HF 81 -89.88 60.34 5.59
N ILE HF 82 -90.50 61.43 6.03
CA ILE HF 82 -91.22 61.44 7.30
C ILE HF 82 -92.52 60.67 7.13
N ASP HF 83 -92.70 59.63 7.96
CA ASP HF 83 -93.97 58.94 8.04
C ASP HF 83 -94.94 59.69 8.94
N THR HF 84 -94.55 59.96 10.17
CA THR HF 84 -95.44 60.61 11.12
C THR HF 84 -94.63 61.48 12.09
N VAL HF 85 -95.24 62.59 12.49
CA VAL HF 85 -94.70 63.48 13.52
C VAL HF 85 -95.71 63.55 14.64
N THR HF 86 -95.29 63.16 15.84
CA THR HF 86 -96.13 63.22 17.02
C THR HF 86 -95.60 64.31 17.93
N VAL HF 87 -96.41 65.33 18.18
CA VAL HF 87 -96.03 66.45 19.03
C VAL HF 87 -96.94 66.45 20.25
N ASN HF 88 -96.35 66.31 21.44
CA ASN HF 88 -97.04 66.29 22.73
C ASN HF 88 -98.11 65.20 22.78
N ASN HF 89 -97.73 63.99 22.34
CA ASN HF 89 -98.55 62.79 22.19
C ASN HF 89 -99.72 62.96 21.24
N ARG HF 90 -99.70 63.99 20.39
CA ARG HF 90 -100.72 64.23 19.38
C ARG HF 90 -100.07 64.13 18.01
N ARG HF 91 -100.68 63.36 17.13
CA ARG HF 91 -100.14 63.18 15.78
C ARG HF 91 -100.31 64.45 14.97
N LEU HF 92 -99.19 65.07 14.59
CA LEU HF 92 -99.19 66.25 13.75
C LEU HF 92 -99.25 65.93 12.27
N TYR HF 93 -98.59 64.86 11.85
CA TYR HF 93 -98.48 64.51 10.44
C TYR HF 93 -98.65 63.00 10.30
N GLY HF 94 -99.24 62.59 9.17
CA GLY HF 94 -99.42 61.18 8.88
C GLY HF 94 -100.69 60.60 9.46
N ALA IF 2 -104.13 -43.01 -20.68
CA ALA IF 2 -105.26 -42.19 -21.11
C ALA IF 2 -104.80 -41.08 -22.05
N VAL IF 3 -105.63 -40.05 -22.16
CA VAL IF 3 -105.30 -38.86 -22.95
C VAL IF 3 -104.12 -38.13 -22.32
N ALA IF 4 -103.19 -37.66 -23.15
CA ALA IF 4 -101.90 -37.16 -22.70
C ALA IF 4 -102.03 -35.90 -21.84
N VAL IF 5 -101.10 -35.77 -20.90
CA VAL IF 5 -101.07 -34.66 -19.95
C VAL IF 5 -99.86 -33.80 -20.26
N GLY IF 6 -100.06 -32.50 -20.31
CA GLY IF 6 -98.95 -31.56 -20.36
C GLY IF 6 -99.03 -30.61 -19.19
N MET IF 7 -97.86 -30.31 -18.62
CA MET IF 7 -97.77 -29.44 -17.46
C MET IF 7 -96.65 -28.45 -17.68
N ILE IF 8 -96.92 -27.17 -17.41
CA ILE IF 8 -95.89 -26.14 -17.37
C ILE IF 8 -95.98 -25.48 -16.00
N GLU IF 9 -94.89 -25.57 -15.24
CA GLU IF 9 -94.81 -24.91 -13.95
C GLU IF 9 -94.01 -23.63 -14.07
N THR IF 10 -94.63 -22.51 -13.69
CA THR IF 10 -93.98 -21.22 -13.74
C THR IF 10 -93.90 -20.63 -12.34
N LEU IF 11 -92.99 -19.68 -12.19
CA LEU IF 11 -92.87 -18.88 -10.97
C LEU IF 11 -93.59 -17.56 -11.23
N GLY IF 12 -94.86 -17.48 -10.85
CA GLY IF 12 -95.63 -16.28 -11.10
C GLY IF 12 -96.92 -16.52 -11.86
N PHE IF 13 -97.95 -15.75 -11.54
CA PHE IF 13 -99.25 -15.85 -12.19
C PHE IF 13 -99.35 -15.18 -13.57
N PRO IF 14 -98.71 -14.04 -13.86
CA PRO IF 14 -98.69 -13.60 -15.27
C PRO IF 14 -97.96 -14.55 -16.20
N ALA IF 15 -96.98 -15.30 -15.70
CA ALA IF 15 -96.27 -16.24 -16.54
C ALA IF 15 -97.09 -17.51 -16.78
N VAL IF 16 -98.01 -17.82 -15.88
CA VAL IF 16 -98.76 -19.07 -16.02
C VAL IF 16 -99.99 -18.87 -16.89
N VAL IF 17 -100.44 -17.62 -17.04
CA VAL IF 17 -101.56 -17.33 -17.93
C VAL IF 17 -101.07 -17.23 -19.36
N GLU IF 18 -99.86 -16.71 -19.56
CA GLU IF 18 -99.23 -16.78 -20.87
C GLU IF 18 -98.87 -18.22 -21.23
N ALA IF 19 -98.47 -19.03 -20.24
CA ALA IF 19 -98.25 -20.44 -20.49
C ALA IF 19 -99.54 -21.15 -20.85
N ALA IF 20 -100.63 -20.85 -20.14
CA ALA IF 20 -101.90 -21.51 -20.40
C ALA IF 20 -102.49 -21.07 -21.72
N ASP IF 21 -102.26 -19.82 -22.12
CA ASP IF 21 -102.90 -19.34 -23.35
C ASP IF 21 -102.10 -19.72 -24.58
N ALA IF 22 -100.78 -19.72 -24.50
CA ALA IF 22 -99.97 -20.13 -25.65
C ALA IF 22 -100.04 -21.62 -25.87
N MET IF 23 -100.43 -22.39 -24.85
CA MET IF 23 -100.62 -23.82 -25.04
C MET IF 23 -101.89 -24.11 -25.84
N VAL IF 24 -102.99 -23.46 -25.48
CA VAL IF 24 -104.25 -23.75 -26.17
C VAL IF 24 -104.34 -23.00 -27.49
N LYS IF 25 -103.40 -22.07 -27.75
CA LYS IF 25 -103.39 -21.39 -29.04
C LYS IF 25 -102.44 -22.07 -30.02
N ALA IF 26 -101.46 -22.83 -29.53
CA ALA IF 26 -100.51 -23.47 -30.43
C ALA IF 26 -101.08 -24.75 -31.03
N ALA IF 27 -101.93 -25.45 -30.29
CA ALA IF 27 -102.43 -26.73 -30.73
C ALA IF 27 -103.81 -26.98 -30.15
N ARG IF 28 -104.39 -28.12 -30.51
CA ARG IF 28 -105.73 -28.50 -30.08
C ARG IF 28 -105.60 -29.29 -28.78
N VAL IF 29 -105.37 -28.54 -27.70
CA VAL IF 29 -105.33 -29.10 -26.35
C VAL IF 29 -106.44 -28.44 -25.54
N THR IF 30 -106.80 -29.07 -24.44
CA THR IF 30 -107.79 -28.55 -23.52
C THR IF 30 -107.12 -28.23 -22.20
N LEU IF 31 -107.06 -26.94 -21.86
CA LEU IF 31 -106.63 -26.52 -20.54
C LEU IF 31 -107.66 -26.97 -19.52
N VAL IF 32 -107.29 -27.88 -18.64
CA VAL IF 32 -108.22 -28.46 -17.68
C VAL IF 32 -107.92 -28.06 -16.26
N GLY IF 33 -106.70 -27.63 -15.95
CA GLY IF 33 -106.27 -27.54 -14.57
C GLY IF 33 -105.42 -26.32 -14.33
N TYR IF 34 -105.32 -25.96 -13.06
CA TYR IF 34 -104.59 -24.78 -12.60
C TYR IF 34 -104.22 -25.03 -11.15
N GLU IF 35 -102.95 -25.28 -10.90
CA GLU IF 35 -102.52 -25.85 -9.63
C GLU IF 35 -101.50 -24.96 -8.95
N LYS IF 36 -101.77 -24.60 -7.69
CA LYS IF 36 -100.86 -23.84 -6.85
C LYS IF 36 -100.36 -24.74 -5.74
N ILE IF 37 -99.04 -24.80 -5.56
CA ILE IF 37 -98.42 -25.65 -4.56
C ILE IF 37 -97.60 -24.84 -3.57
N GLY IF 38 -97.66 -23.52 -3.64
CA GLY IF 38 -96.92 -22.67 -2.73
C GLY IF 38 -95.63 -22.15 -3.32
N THR IF 39 -95.10 -21.12 -2.65
CA THR IF 39 -93.93 -20.31 -3.06
C THR IF 39 -94.00 -19.82 -4.49
N GLY IF 40 -95.18 -19.46 -4.97
CA GLY IF 40 -95.32 -18.92 -6.31
C GLY IF 40 -95.25 -19.92 -7.43
N ARG IF 41 -95.03 -21.21 -7.13
CA ARG IF 41 -94.98 -22.24 -8.14
C ARG IF 41 -96.40 -22.57 -8.59
N VAL IF 42 -96.74 -22.16 -9.80
CA VAL IF 42 -98.07 -22.33 -10.36
C VAL IF 42 -97.95 -23.23 -11.59
N THR IF 43 -98.86 -24.19 -11.70
CA THR IF 43 -98.85 -25.17 -12.78
C THR IF 43 -100.20 -25.17 -13.48
N VAL IF 44 -100.18 -25.09 -14.81
CA VAL IF 44 -101.37 -25.30 -15.64
C VAL IF 44 -101.24 -26.64 -16.34
N ILE IF 45 -102.36 -27.34 -16.46
CA ILE IF 45 -102.42 -28.70 -16.96
C ILE IF 45 -103.28 -28.71 -18.22
N VAL IF 46 -102.73 -29.21 -19.32
CA VAL IF 46 -103.49 -29.36 -20.55
C VAL IF 46 -103.65 -30.85 -20.85
N ARG IF 47 -104.72 -31.16 -21.56
CA ARG IF 47 -104.98 -32.51 -22.04
C ARG IF 47 -105.18 -32.49 -23.54
N GLY IF 48 -104.82 -33.58 -24.20
CA GLY IF 48 -105.03 -33.68 -25.62
C GLY IF 48 -104.26 -34.85 -26.19
N ASP IF 49 -104.19 -34.89 -27.51
CA ASP IF 49 -103.36 -35.87 -28.19
C ASP IF 49 -101.89 -35.56 -27.95
N VAL IF 50 -101.04 -36.57 -28.18
CA VAL IF 50 -99.63 -36.45 -27.85
C VAL IF 50 -98.93 -35.44 -28.75
N SER IF 51 -99.34 -35.38 -30.02
CA SER IF 51 -98.78 -34.39 -30.93
C SER IF 51 -99.20 -32.98 -30.57
N GLU IF 52 -100.43 -32.81 -30.10
CA GLU IF 52 -100.90 -31.49 -29.69
C GLU IF 52 -100.26 -31.07 -28.37
N VAL IF 53 -100.11 -31.99 -27.43
CA VAL IF 53 -99.55 -31.65 -26.13
C VAL IF 53 -98.06 -31.36 -26.25
N GLN IF 54 -97.35 -32.11 -27.10
CA GLN IF 54 -95.93 -31.83 -27.34
C GLN IF 54 -95.72 -30.49 -28.03
N ALA IF 55 -96.63 -30.12 -28.93
CA ALA IF 55 -96.53 -28.83 -29.59
C ALA IF 55 -96.90 -27.69 -28.65
N SER IF 56 -97.89 -27.92 -27.78
CA SER IF 56 -98.36 -26.87 -26.89
C SER IF 56 -97.35 -26.57 -25.79
N VAL IF 57 -96.79 -27.61 -25.17
CA VAL IF 57 -95.86 -27.43 -24.06
C VAL IF 57 -94.56 -26.82 -24.54
N SER IF 58 -94.11 -27.19 -25.74
CA SER IF 58 -92.88 -26.63 -26.28
C SER IF 58 -93.06 -25.18 -26.72
N ALA IF 59 -94.24 -24.85 -27.27
CA ALA IF 59 -94.50 -23.47 -27.64
C ALA IF 59 -94.90 -22.64 -26.42
N GLY IF 60 -95.52 -23.28 -25.43
CA GLY IF 60 -95.86 -22.58 -24.21
C GLY IF 60 -94.66 -22.27 -23.33
N THR IF 61 -93.58 -23.05 -23.48
CA THR IF 61 -92.37 -22.80 -22.70
C THR IF 61 -91.62 -21.59 -23.24
N GLU IF 62 -91.57 -21.43 -24.56
CA GLU IF 62 -90.86 -20.32 -25.15
C GLU IF 62 -91.61 -19.01 -25.02
N SER IF 63 -92.94 -19.08 -24.83
CA SER IF 63 -93.73 -17.86 -24.70
C SER IF 63 -93.59 -17.23 -23.32
N VAL IF 64 -93.32 -18.04 -22.30
CA VAL IF 64 -93.10 -17.52 -20.95
C VAL IF 64 -91.82 -16.69 -20.86
N LYS IF 65 -90.80 -17.03 -21.63
CA LYS IF 65 -89.59 -16.20 -21.69
C LYS IF 65 -89.72 -15.10 -22.73
N ARG IF 66 -90.87 -14.42 -22.70
CA ARG IF 66 -91.16 -13.19 -23.42
C ARG IF 66 -91.98 -12.32 -22.48
N VAL IF 67 -92.20 -12.84 -21.27
CA VAL IF 67 -92.87 -12.14 -20.19
C VAL IF 67 -91.80 -11.62 -19.24
N ASN IF 68 -91.90 -10.35 -18.87
CA ASN IF 68 -90.98 -9.80 -17.89
C ASN IF 68 -91.31 -10.36 -16.51
N GLY IF 69 -90.30 -10.92 -15.85
CA GLY IF 69 -90.54 -11.60 -14.59
C GLY IF 69 -91.08 -13.00 -14.73
N GLY IF 70 -91.10 -13.54 -15.95
CA GLY IF 70 -91.59 -14.88 -16.21
C GLY IF 70 -90.45 -15.88 -16.16
N GLN IF 71 -90.69 -17.01 -15.50
CA GLN IF 71 -89.70 -18.04 -15.30
C GLN IF 71 -90.35 -19.41 -15.35
N VAL IF 72 -89.95 -20.23 -16.31
CA VAL IF 72 -90.41 -21.62 -16.39
C VAL IF 72 -89.62 -22.42 -15.37
N LEU IF 73 -90.33 -23.05 -14.43
CA LEU IF 73 -89.65 -23.88 -13.44
C LEU IF 73 -89.53 -25.32 -13.91
N SER IF 74 -90.62 -25.87 -14.42
CA SER IF 74 -90.63 -27.28 -14.78
C SER IF 74 -91.71 -27.53 -15.82
N THR IF 75 -91.33 -28.24 -16.89
CA THR IF 75 -92.27 -28.67 -17.91
C THR IF 75 -92.19 -30.18 -18.05
N HIS IF 76 -93.33 -30.81 -18.34
CA HIS IF 76 -93.35 -32.25 -18.57
C HIS IF 76 -94.55 -32.63 -19.41
N ILE IF 77 -94.37 -33.69 -20.19
CA ILE IF 77 -95.44 -34.30 -20.98
C ILE IF 77 -95.49 -35.77 -20.63
N ILE IF 78 -96.66 -36.25 -20.20
CA ILE IF 78 -96.91 -37.67 -20.02
C ILE IF 78 -97.86 -38.10 -21.13
N ALA IF 79 -97.34 -38.92 -22.06
CA ALA IF 79 -98.08 -39.22 -23.29
C ALA IF 79 -99.24 -40.17 -23.04
N ARG IF 80 -99.09 -41.08 -22.08
CA ARG IF 80 -100.12 -42.06 -21.78
C ARG IF 80 -100.18 -42.23 -20.27
N PRO IF 81 -100.90 -41.37 -19.58
CA PRO IF 81 -101.00 -41.50 -18.12
C PRO IF 81 -101.89 -42.66 -17.73
N HIS IF 82 -101.58 -43.23 -16.57
CA HIS IF 82 -102.39 -44.28 -15.99
C HIS IF 82 -103.74 -43.73 -15.57
N GLU IF 83 -104.75 -44.60 -15.60
CA GLU IF 83 -106.10 -44.20 -15.22
C GLU IF 83 -106.23 -43.96 -13.72
N ASN IF 84 -105.25 -44.40 -12.92
CA ASN IF 84 -105.22 -44.09 -11.50
C ASN IF 84 -105.00 -42.61 -11.24
N LEU IF 85 -104.26 -41.93 -12.12
CA LEU IF 85 -103.81 -40.57 -11.83
C LEU IF 85 -104.92 -39.54 -11.97
N GLU IF 86 -105.96 -39.83 -12.74
CA GLU IF 86 -107.03 -38.87 -12.93
C GLU IF 86 -107.90 -38.74 -11.67
N TYR IF 87 -107.96 -39.79 -10.86
CA TYR IF 87 -108.81 -39.76 -9.68
C TYR IF 87 -108.08 -39.16 -8.49
N VAL IF 88 -106.75 -39.14 -8.52
CA VAL IF 88 -106.00 -38.63 -7.39
C VAL IF 88 -105.47 -37.22 -7.69
N LEU IF 89 -104.89 -37.03 -8.84
CA LEU IF 89 -104.28 -35.77 -9.20
C LEU IF 89 -105.27 -34.88 -9.97
N PRO IF 90 -105.17 -33.57 -9.83
CA PRO IF 90 -106.07 -32.65 -10.57
C PRO IF 90 -105.65 -32.43 -12.02
N ILE IF 91 -105.63 -33.53 -12.79
CA ILE IF 91 -105.29 -33.49 -14.20
C ILE IF 91 -106.45 -33.91 -15.09
N ARG IF 92 -107.64 -34.05 -14.53
CA ARG IF 92 -108.74 -34.66 -15.27
C ARG IF 92 -109.65 -33.59 -15.87
N TYR IF 93 -110.48 -34.03 -16.81
CA TYR IF 93 -111.48 -33.16 -17.40
C TYR IF 93 -112.58 -32.89 -16.41
N THR IF 94 -112.84 -31.62 -16.16
CA THR IF 94 -114.00 -31.21 -15.37
C THR IF 94 -115.14 -30.80 -16.30
N GLU IF 95 -116.32 -30.59 -15.71
CA GLU IF 95 -117.51 -30.34 -16.53
C GLU IF 95 -117.53 -28.91 -17.07
N GLU IF 96 -116.66 -28.03 -16.57
CA GLU IF 96 -116.60 -26.67 -17.09
C GLU IF 96 -115.84 -26.63 -18.41
N VAL IF 97 -115.02 -27.63 -18.68
CA VAL IF 97 -114.16 -27.64 -19.86
C VAL IF 97 -114.50 -28.81 -20.79
N GLU IF 98 -115.71 -29.35 -20.71
CA GLU IF 98 -116.09 -30.43 -21.61
C GLU IF 98 -116.46 -29.94 -23.00
N GLN IF 99 -116.65 -28.63 -23.18
CA GLN IF 99 -116.93 -28.10 -24.51
C GLN IF 99 -115.68 -27.99 -25.36
N PHE IF 100 -114.50 -27.97 -24.74
CA PHE IF 100 -113.25 -27.80 -25.46
C PHE IF 100 -112.57 -29.11 -25.80
N ARG IF 101 -113.09 -30.24 -25.33
CA ARG IF 101 -112.47 -31.53 -25.58
C ARG IF 101 -112.68 -31.99 -27.02
N ALA JF 2 -100.59 -52.84 8.25
CA ALA JF 2 -101.51 -52.84 7.13
C ALA JF 2 -100.76 -53.02 5.81
N VAL JF 3 -101.46 -52.77 4.71
CA VAL JF 3 -100.85 -52.73 3.39
C VAL JF 3 -99.84 -51.60 3.34
N ALA JF 4 -98.66 -51.88 2.76
CA ALA JF 4 -97.53 -50.97 2.81
C ALA JF 4 -97.80 -49.66 2.09
N VAL JF 5 -97.13 -48.60 2.53
CA VAL JF 5 -97.33 -47.25 2.01
C VAL JF 5 -95.99 -46.72 1.53
N GLY JF 6 -95.96 -46.17 0.32
CA GLY JF 6 -94.78 -45.51 -0.19
C GLY JF 6 -95.08 -44.07 -0.53
N MET JF 7 -94.16 -43.18 -0.18
CA MET JF 7 -94.32 -41.75 -0.38
C MET JF 7 -93.12 -41.22 -1.11
N ILE JF 8 -93.34 -40.44 -2.16
CA ILE JF 8 -92.30 -39.70 -2.84
C ILE JF 8 -92.65 -38.22 -2.74
N GLU JF 9 -91.78 -37.45 -2.10
CA GLU JF 9 -91.93 -36.01 -2.05
C GLU JF 9 -91.02 -35.36 -3.07
N THR JF 10 -91.60 -34.54 -3.94
CA THR JF 10 -90.84 -33.80 -4.93
C THR JF 10 -91.04 -32.31 -4.72
N LEU JF 11 -90.13 -31.54 -5.30
CA LEU JF 11 -90.25 -30.08 -5.35
C LEU JF 11 -90.83 -29.74 -6.72
N GLY JF 12 -92.12 -29.49 -6.77
CA GLY JF 12 -92.76 -29.18 -8.02
C GLY JF 12 -93.86 -30.15 -8.41
N PHE JF 13 -94.91 -29.63 -9.03
CA PHE JF 13 -96.03 -30.45 -9.48
C PHE JF 13 -95.80 -31.25 -10.77
N PRO JF 14 -95.07 -30.79 -11.80
CA PRO JF 14 -94.79 -31.71 -12.92
C PRO JF 14 -93.89 -32.87 -12.56
N ALA JF 15 -93.08 -32.75 -11.50
CA ALA JF 15 -92.25 -33.87 -11.09
C ALA JF 15 -93.04 -34.89 -10.29
N VAL JF 16 -94.15 -34.47 -9.66
CA VAL JF 16 -94.88 -35.38 -8.79
C VAL JF 16 -95.91 -36.17 -9.61
N VAL JF 17 -96.24 -35.69 -10.81
CA VAL JF 17 -97.15 -36.45 -11.66
C VAL JF 17 -96.39 -37.50 -12.45
N GLU JF 18 -95.15 -37.18 -12.82
CA GLU JF 18 -94.29 -38.17 -13.47
C GLU JF 18 -93.84 -39.23 -12.47
N ALA JF 19 -93.59 -38.83 -11.22
CA ALA JF 19 -93.30 -39.81 -10.18
C ALA JF 19 -94.49 -40.71 -9.90
N ALA JF 20 -95.70 -40.14 -9.92
CA ALA JF 20 -96.89 -40.95 -9.67
C ALA JF 20 -97.22 -41.83 -10.87
N ASP JF 21 -96.92 -41.36 -12.09
CA ASP JF 21 -97.18 -42.18 -13.26
C ASP JF 21 -96.17 -43.29 -13.42
N ALA JF 22 -94.93 -43.06 -12.96
CA ALA JF 22 -93.93 -44.11 -13.02
C ALA JF 22 -94.16 -45.17 -11.96
N MET JF 23 -94.79 -44.79 -10.84
CA MET JF 23 -94.97 -45.74 -9.74
C MET JF 23 -96.03 -46.77 -10.07
N VAL JF 24 -97.16 -46.34 -10.61
CA VAL JF 24 -98.27 -47.27 -10.83
C VAL JF 24 -98.07 -48.06 -12.11
N LYS JF 25 -97.08 -47.68 -12.93
CA LYS JF 25 -96.74 -48.50 -14.09
C LYS JF 25 -95.66 -49.52 -13.76
N ALA JF 26 -94.81 -49.22 -12.78
CA ALA JF 26 -93.69 -50.09 -12.49
C ALA JF 26 -94.11 -51.34 -11.73
N ALA JF 27 -95.14 -51.24 -10.89
CA ALA JF 27 -95.55 -52.35 -10.05
C ALA JF 27 -97.04 -52.25 -9.75
N ARG JF 28 -97.53 -53.25 -9.03
CA ARG JF 28 -98.95 -53.34 -8.69
C ARG JF 28 -99.23 -52.54 -7.41
N VAL JF 29 -99.07 -51.23 -7.53
CA VAL JF 29 -99.39 -50.32 -6.45
C VAL JF 29 -100.59 -49.50 -6.87
N THR JF 30 -101.28 -48.95 -5.88
CA THR JF 30 -102.41 -48.06 -6.10
C THR JF 30 -102.05 -46.68 -5.58
N LEU JF 31 -102.01 -45.71 -6.47
CA LEU JF 31 -101.90 -44.31 -6.06
C LEU JF 31 -103.19 -43.92 -5.34
N VAL JF 32 -103.08 -43.58 -4.07
CA VAL JF 32 -104.24 -43.27 -3.26
C VAL JF 32 -104.27 -41.83 -2.78
N GLY JF 33 -103.14 -41.14 -2.77
CA GLY JF 33 -103.03 -39.91 -2.02
C GLY JF 33 -102.21 -38.88 -2.76
N TYR JF 34 -102.36 -37.64 -2.34
CA TYR JF 34 -101.74 -36.49 -2.98
C TYR JF 34 -101.76 -35.36 -1.96
N GLU JF 35 -100.59 -34.94 -1.50
CA GLU JF 35 -100.50 -34.05 -0.36
C GLU JF 35 -99.62 -32.85 -0.67
N LYS JF 36 -100.11 -31.66 -0.32
CA LYS JF 36 -99.37 -30.41 -0.42
C LYS JF 36 -99.16 -29.86 0.97
N ILE JF 37 -97.91 -29.55 1.31
CA ILE JF 37 -97.56 -29.10 2.65
C ILE JF 37 -96.88 -27.74 2.63
N GLY JF 38 -96.76 -27.11 1.47
CA GLY JF 38 -96.13 -25.81 1.37
C GLY JF 38 -94.72 -25.88 0.84
N THR JF 39 -94.19 -24.71 0.47
CA THR JF 39 -92.93 -24.48 -0.24
C THR JF 39 -92.77 -25.36 -1.48
N GLY JF 40 -93.86 -25.66 -2.18
CA GLY JF 40 -93.78 -26.52 -3.34
C GLY JF 40 -93.48 -27.97 -3.06
N ARG JF 41 -93.52 -28.39 -1.80
CA ARG JF 41 -93.26 -29.78 -1.44
C ARG JF 41 -94.54 -30.58 -1.63
N VAL JF 42 -94.56 -31.42 -2.66
CA VAL JF 42 -95.74 -32.18 -3.04
C VAL JF 42 -95.42 -33.65 -2.88
N THR JF 43 -96.35 -34.41 -2.31
CA THR JF 43 -96.15 -35.82 -1.99
C THR JF 43 -97.26 -36.65 -2.60
N VAL JF 44 -96.90 -37.70 -3.33
CA VAL JF 44 -97.84 -38.72 -3.78
C VAL JF 44 -97.64 -39.99 -2.95
N ILE JF 45 -98.74 -40.68 -2.68
CA ILE JF 45 -98.78 -41.80 -1.75
C ILE JF 45 -99.34 -43.02 -2.48
N VAL JF 46 -98.56 -44.09 -2.52
CA VAL JF 46 -99.01 -45.34 -3.13
C VAL JF 46 -99.18 -46.39 -2.04
N ARG JF 47 -100.09 -47.33 -2.30
CA ARG JF 47 -100.31 -48.47 -1.43
C ARG JF 47 -100.15 -49.76 -2.21
N GLY JF 48 -99.58 -50.77 -1.56
CA GLY JF 48 -99.44 -52.07 -2.19
C GLY JF 48 -98.65 -52.98 -1.29
N ASP JF 49 -98.27 -54.14 -1.83
CA ASP JF 49 -97.35 -55.00 -1.11
C ASP JF 49 -95.97 -54.35 -1.06
N VAL JF 50 -95.19 -54.74 -0.05
CA VAL JF 50 -93.92 -54.07 0.25
C VAL JF 50 -92.91 -54.26 -0.88
N SER JF 51 -92.94 -55.41 -1.56
CA SER JF 51 -92.07 -55.61 -2.71
C SER JF 51 -92.51 -54.76 -3.89
N GLU JF 52 -93.83 -54.60 -4.07
CA GLU JF 52 -94.34 -53.76 -5.13
C GLU JF 52 -94.15 -52.29 -4.82
N VAL JF 53 -94.27 -51.91 -3.55
CA VAL JF 53 -94.09 -50.52 -3.16
C VAL JF 53 -92.62 -50.12 -3.28
N GLN JF 54 -91.71 -51.02 -2.90
CA GLN JF 54 -90.28 -50.75 -3.04
C GLN JF 54 -89.86 -50.66 -4.50
N ALA JF 55 -90.45 -51.49 -5.35
CA ALA JF 55 -90.11 -51.45 -6.77
C ALA JF 55 -90.69 -50.20 -7.45
N SER JF 56 -91.84 -49.73 -6.96
CA SER JF 56 -92.47 -48.56 -7.57
C SER JF 56 -91.79 -47.28 -7.11
N VAL JF 57 -91.51 -47.16 -5.81
CA VAL JF 57 -90.92 -45.94 -5.26
C VAL JF 57 -89.51 -45.73 -5.80
N SER JF 58 -88.77 -46.82 -6.00
CA SER JF 58 -87.45 -46.73 -6.63
C SER JF 58 -87.55 -46.29 -8.08
N ALA JF 59 -88.58 -46.75 -8.79
CA ALA JF 59 -88.74 -46.36 -10.18
C ALA JF 59 -89.36 -44.98 -10.30
N GLY JF 60 -90.01 -44.50 -9.25
CA GLY JF 60 -90.57 -43.17 -9.27
C GLY JF 60 -89.54 -42.08 -9.09
N THR JF 61 -88.42 -42.39 -8.41
CA THR JF 61 -87.37 -41.39 -8.24
C THR JF 61 -86.55 -41.22 -9.51
N GLU JF 62 -86.39 -42.29 -10.29
CA GLU JF 62 -85.58 -42.19 -11.50
C GLU JF 62 -86.30 -41.44 -12.59
N SER JF 63 -87.62 -41.37 -12.54
CA SER JF 63 -88.39 -40.67 -13.57
C SER JF 63 -88.46 -39.17 -13.31
N VAL JF 64 -88.17 -38.72 -12.08
CA VAL JF 64 -88.09 -37.30 -11.82
C VAL JF 64 -86.86 -36.69 -12.48
N LYS JF 65 -85.82 -37.51 -12.70
CA LYS JF 65 -84.66 -37.05 -13.46
C LYS JF 65 -84.98 -36.81 -14.93
N ARG JF 66 -86.04 -37.43 -15.45
CA ARG JF 66 -86.52 -37.10 -16.79
C ARG JF 66 -87.12 -35.70 -16.83
N VAL JF 67 -87.73 -35.27 -15.73
CA VAL JF 67 -88.36 -33.96 -15.67
C VAL JF 67 -87.29 -32.90 -15.46
N ASN JF 68 -87.28 -31.89 -16.32
CA ASN JF 68 -86.41 -30.74 -16.13
C ASN JF 68 -86.98 -29.85 -15.05
N GLY JF 69 -86.15 -29.47 -14.08
CA GLY JF 69 -86.63 -28.71 -12.96
C GLY JF 69 -87.31 -29.53 -11.90
N GLY JF 70 -87.24 -30.86 -12.00
CA GLY JF 70 -87.82 -31.75 -11.02
C GLY JF 70 -86.75 -32.27 -10.07
N GLN JF 71 -87.11 -32.39 -8.80
CA GLN JF 71 -86.18 -32.77 -7.76
C GLN JF 71 -86.91 -33.54 -6.67
N VAL JF 72 -86.43 -34.75 -6.37
CA VAL JF 72 -86.98 -35.56 -5.29
C VAL JF 72 -86.39 -35.04 -3.99
N LEU JF 73 -87.27 -34.69 -3.05
CA LEU JF 73 -86.81 -34.19 -1.76
C LEU JF 73 -86.66 -35.32 -0.74
N SER JF 74 -87.67 -36.17 -0.63
CA SER JF 74 -87.68 -37.21 0.39
C SER JF 74 -88.55 -38.36 -0.08
N THR JF 75 -88.07 -39.58 0.17
CA THR JF 75 -88.84 -40.78 -0.11
C THR JF 75 -88.81 -41.68 1.12
N HIS JF 76 -89.89 -42.43 1.31
CA HIS JF 76 -89.93 -43.41 2.39
C HIS JF 76 -90.94 -44.49 2.06
N ILE JF 77 -90.68 -45.68 2.60
CA ILE JF 77 -91.57 -46.83 2.50
C ILE JF 77 -91.79 -47.37 3.90
N ILE JF 78 -93.05 -47.48 4.31
CA ILE JF 78 -93.42 -48.14 5.56
C ILE JF 78 -94.05 -49.48 5.19
N ALA JF 79 -93.39 -50.57 5.58
CA ALA JF 79 -93.80 -51.90 5.13
C ALA JF 79 -95.11 -52.34 5.74
N ARG JF 80 -95.42 -51.86 6.95
CA ARG JF 80 -96.63 -52.27 7.65
C ARG JF 80 -97.07 -51.09 8.51
N PRO JF 81 -97.80 -50.14 7.94
CA PRO JF 81 -98.27 -49.01 8.74
C PRO JF 81 -99.35 -49.42 9.71
N HIS JF 82 -99.35 -48.76 10.86
CA HIS JF 82 -100.36 -48.99 11.88
C HIS JF 82 -101.73 -48.54 11.38
N GLU JF 83 -102.77 -49.17 11.92
CA GLU JF 83 -104.14 -48.89 11.50
C GLU JF 83 -104.61 -47.50 11.90
N ASN JF 84 -103.95 -46.88 12.88
CA ASN JF 84 -104.26 -45.52 13.28
C ASN JF 84 -103.90 -44.51 12.19
N LEU JF 85 -102.94 -44.85 11.33
CA LEU JF 85 -102.40 -43.89 10.38
C LEU JF 85 -103.37 -43.59 9.24
N GLU JF 86 -104.25 -44.54 8.90
CA GLU JF 86 -105.13 -44.33 7.76
C GLU JF 86 -106.34 -43.48 8.13
N TYR JF 87 -106.58 -43.29 9.43
CA TYR JF 87 -107.71 -42.47 9.85
C TYR JF 87 -107.30 -41.03 10.09
N VAL JF 88 -105.99 -40.77 10.19
CA VAL JF 88 -105.51 -39.40 10.39
C VAL JF 88 -104.82 -38.89 9.14
N LEU JF 89 -103.85 -39.61 8.66
CA LEU JF 89 -103.06 -39.21 7.51
C LEU JF 89 -103.73 -39.64 6.21
N PRO JF 90 -103.57 -38.88 5.12
CA PRO JF 90 -104.17 -39.25 3.84
C PRO JF 90 -103.39 -40.33 3.09
N ILE JF 91 -103.30 -41.51 3.71
CA ILE JF 91 -102.69 -42.68 3.09
C ILE JF 91 -103.70 -43.79 2.85
N ARG JF 92 -104.97 -43.55 3.11
CA ARG JF 92 -105.96 -44.61 3.05
C ARG JF 92 -106.52 -44.76 1.64
N TYR JF 93 -107.09 -45.95 1.39
CA TYR JF 93 -107.81 -46.18 0.16
C TYR JF 93 -109.12 -45.42 0.17
N THR JF 94 -109.24 -44.42 -0.69
CA THR JF 94 -110.52 -43.75 -0.89
C THR JF 94 -111.39 -44.60 -1.80
N GLU JF 95 -112.67 -44.22 -1.88
CA GLU JF 95 -113.62 -45.00 -2.67
C GLU JF 95 -113.40 -44.81 -4.16
N GLU JF 96 -112.78 -43.69 -4.55
CA GLU JF 96 -112.53 -43.42 -5.97
C GLU JF 96 -111.45 -44.33 -6.55
N VAL JF 97 -110.55 -44.84 -5.70
CA VAL JF 97 -109.42 -45.61 -6.16
C VAL JF 97 -109.57 -47.11 -5.84
N GLU JF 98 -110.77 -47.56 -5.53
CA GLU JF 98 -110.98 -48.98 -5.24
C GLU JF 98 -111.01 -49.84 -6.50
N GLN JF 99 -111.12 -49.22 -7.69
CA GLN JF 99 -111.07 -49.98 -8.93
C GLN JF 99 -109.66 -50.38 -9.30
N PHE JF 100 -108.65 -49.76 -8.68
CA PHE JF 100 -107.26 -50.03 -8.98
C PHE JF 100 -106.56 -50.86 -7.91
N ARG JF 101 -107.26 -51.23 -6.84
CA ARG JF 101 -106.65 -52.00 -5.77
C ARG JF 101 -106.42 -53.46 -6.17
N ALA KF 2 -96.96 -46.64 -43.47
CA ALA KF 2 -98.19 -46.63 -42.67
C ALA KF 2 -97.94 -45.90 -41.35
N VAL KF 3 -97.81 -46.65 -40.27
CA VAL KF 3 -97.47 -46.06 -38.98
C VAL KF 3 -95.97 -45.82 -38.92
N ALA KF 4 -95.55 -44.98 -37.98
CA ALA KF 4 -94.14 -44.65 -37.85
C ALA KF 4 -93.35 -45.82 -37.29
N VAL KF 5 -92.03 -45.72 -37.37
CA VAL KF 5 -91.14 -46.73 -36.84
C VAL KF 5 -90.05 -46.04 -36.01
N GLY KF 6 -89.84 -46.54 -34.80
CA GLY KF 6 -88.78 -46.04 -33.95
C GLY KF 6 -87.89 -47.16 -33.48
N MET KF 7 -86.59 -46.87 -33.40
CA MET KF 7 -85.59 -47.87 -33.05
C MET KF 7 -84.72 -47.31 -31.94
N ILE KF 8 -84.44 -48.13 -30.93
CA ILE KF 8 -83.41 -47.84 -29.94
C ILE KF 8 -82.42 -48.99 -29.98
N GLU KF 9 -81.17 -48.68 -30.29
CA GLU KF 9 -80.10 -49.66 -30.23
C GLU KF 9 -79.31 -49.49 -28.95
N THR KF 10 -79.22 -50.55 -28.17
CA THR KF 10 -78.45 -50.54 -26.94
C THR KF 10 -77.30 -51.53 -27.06
N LEU KF 11 -76.33 -51.38 -26.16
CA LEU KF 11 -75.25 -52.34 -25.98
C LEU KF 11 -75.65 -53.23 -24.81
N GLY KF 12 -76.14 -54.43 -25.12
CA GLY KF 12 -76.55 -55.34 -24.07
C GLY KF 12 -78.02 -55.68 -24.08
N PHE KF 13 -78.35 -56.91 -23.72
CA PHE KF 13 -79.73 -57.38 -23.65
C PHE KF 13 -80.52 -56.93 -22.42
N PRO KF 14 -79.95 -56.82 -21.20
CA PRO KF 14 -80.74 -56.19 -20.12
C PRO KF 14 -81.10 -54.74 -20.37
N ALA KF 15 -80.28 -54.00 -21.13
CA ALA KF 15 -80.61 -52.61 -21.43
C ALA KF 15 -81.70 -52.52 -22.50
N VAL KF 16 -81.80 -53.52 -23.36
CA VAL KF 16 -82.73 -53.41 -24.48
C VAL KF 16 -84.12 -53.87 -24.06
N VAL KF 17 -84.23 -54.64 -22.97
CA VAL KF 17 -85.55 -55.01 -22.45
C VAL KF 17 -86.11 -53.88 -21.60
N GLU KF 18 -85.23 -53.17 -20.88
CA GLU KF 18 -85.67 -51.99 -20.15
C GLU KF 18 -86.01 -50.85 -21.11
N ALA KF 19 -85.31 -50.76 -22.23
CA ALA KF 19 -85.67 -49.80 -23.26
C ALA KF 19 -87.01 -50.16 -23.90
N ALA KF 20 -87.22 -51.44 -24.18
CA ALA KF 20 -88.47 -51.85 -24.81
C ALA KF 20 -89.65 -51.75 -23.85
N ASP KF 21 -89.42 -51.99 -22.56
CA ASP KF 21 -90.50 -51.89 -21.58
C ASP KF 21 -90.87 -50.44 -21.32
N ALA KF 22 -89.90 -49.53 -21.37
CA ALA KF 22 -90.21 -48.12 -21.17
C ALA KF 22 -90.89 -47.51 -22.39
N MET KF 23 -90.73 -48.13 -23.55
CA MET KF 23 -91.34 -47.59 -24.75
C MET KF 23 -92.83 -47.87 -24.80
N VAL KF 24 -93.23 -49.12 -24.52
CA VAL KF 24 -94.63 -49.48 -24.66
C VAL KF 24 -95.43 -49.04 -23.45
N LYS KF 25 -94.77 -48.64 -22.37
CA LYS KF 25 -95.47 -48.07 -21.22
C LYS KF 25 -95.69 -46.58 -21.39
N ALA KF 26 -94.80 -45.90 -22.11
CA ALA KF 26 -94.86 -44.45 -22.21
C ALA KF 26 -95.96 -43.99 -23.15
N ALA KF 27 -96.16 -44.68 -24.27
CA ALA KF 27 -97.09 -44.23 -25.29
C ALA KF 27 -97.77 -45.42 -25.93
N ARG KF 28 -98.64 -45.13 -26.89
CA ARG KF 28 -99.41 -46.15 -27.60
C ARG KF 28 -98.61 -46.64 -28.81
N VAL KF 29 -97.51 -47.30 -28.52
CA VAL KF 29 -96.68 -47.92 -29.55
C VAL KF 29 -96.77 -49.43 -29.37
N THR KF 30 -96.46 -50.14 -30.44
CA THR KF 30 -96.39 -51.59 -30.43
C THR KF 30 -94.95 -52.01 -30.68
N LEU KF 31 -94.34 -52.64 -29.69
CA LEU KF 31 -93.07 -53.32 -29.89
C LEU KF 31 -93.29 -54.49 -30.85
N VAL KF 32 -92.71 -54.40 -32.04
CA VAL KF 32 -92.91 -55.40 -33.07
C VAL KF 32 -91.67 -56.23 -33.33
N GLY KF 33 -90.48 -55.73 -33.01
CA GLY KF 33 -89.26 -56.31 -33.54
C GLY KF 33 -88.14 -56.30 -32.53
N TYR KF 34 -87.10 -57.05 -32.85
CA TYR KF 34 -85.99 -57.30 -31.97
C TYR KF 34 -84.83 -57.80 -32.83
N GLU KF 35 -83.75 -57.03 -32.89
CA GLU KF 35 -82.72 -57.26 -33.89
C GLU KF 35 -81.34 -57.27 -33.26
N LYS KF 36 -80.54 -58.26 -33.62
CA LYS KF 36 -79.15 -58.40 -33.19
C LYS KF 36 -78.26 -58.36 -34.41
N ILE KF 37 -77.26 -57.48 -34.40
CA ILE KF 37 -76.37 -57.30 -35.53
C ILE KF 37 -74.92 -57.61 -35.16
N GLY KF 38 -74.66 -58.07 -33.95
CA GLY KF 38 -73.32 -58.41 -33.53
C GLY KF 38 -72.68 -57.34 -32.67
N THR KF 39 -71.61 -57.75 -31.99
CA THR KF 39 -70.91 -57.01 -30.92
C THR KF 39 -71.84 -56.47 -29.86
N GLY KF 40 -72.87 -57.23 -29.49
CA GLY KF 40 -73.77 -56.82 -28.45
C GLY KF 40 -74.72 -55.69 -28.80
N ARG KF 41 -74.74 -55.25 -30.06
CA ARG KF 41 -75.62 -54.17 -30.49
C ARG KF 41 -77.00 -54.76 -30.77
N VAL KF 42 -77.95 -54.46 -29.89
CA VAL KF 42 -79.29 -55.02 -29.95
C VAL KF 42 -80.28 -53.89 -30.12
N THR KF 43 -81.22 -54.05 -31.06
CA THR KF 43 -82.18 -53.01 -31.42
C THR KF 43 -83.59 -53.53 -31.21
N VAL KF 44 -84.42 -52.73 -30.55
CA VAL KF 44 -85.86 -52.97 -30.48
C VAL KF 44 -86.58 -51.95 -31.36
N ILE KF 45 -87.66 -52.41 -32.00
CA ILE KF 45 -88.39 -51.64 -33.00
C ILE KF 45 -89.82 -51.48 -32.52
N VAL KF 46 -90.29 -50.23 -32.44
CA VAL KF 46 -91.68 -49.95 -32.10
C VAL KF 46 -92.38 -49.33 -33.31
N ARG KF 47 -93.67 -49.62 -33.42
CA ARG KF 47 -94.52 -49.03 -34.44
C ARG KF 47 -95.65 -48.26 -33.77
N GLY KF 48 -96.03 -47.15 -34.37
CA GLY KF 48 -97.14 -46.37 -33.85
C GLY KF 48 -97.22 -45.05 -34.59
N ASP KF 49 -98.01 -44.13 -34.04
CA ASP KF 49 -98.00 -42.77 -34.55
C ASP KF 49 -96.66 -42.11 -34.22
N VAL KF 50 -96.29 -41.12 -35.04
CA VAL KF 50 -94.96 -40.52 -34.91
C VAL KF 50 -94.83 -39.71 -33.63
N SER KF 51 -95.94 -39.15 -33.13
CA SER KF 51 -95.91 -38.50 -31.82
C SER KF 51 -95.76 -39.51 -30.70
N GLU KF 52 -96.42 -40.66 -30.81
CA GLU KF 52 -96.29 -41.70 -29.80
C GLU KF 52 -94.92 -42.37 -29.88
N VAL KF 53 -94.38 -42.50 -31.09
CA VAL KF 53 -93.05 -43.10 -31.24
C VAL KF 53 -91.98 -42.16 -30.70
N GLN KF 54 -92.15 -40.85 -30.88
CA GLN KF 54 -91.23 -39.88 -30.34
C GLN KF 54 -91.27 -39.84 -28.82
N ALA KF 55 -92.45 -40.03 -28.24
CA ALA KF 55 -92.56 -40.05 -26.79
C ALA KF 55 -92.01 -41.34 -26.19
N SER KF 56 -92.11 -42.44 -26.95
CA SER KF 56 -91.62 -43.72 -26.44
C SER KF 56 -90.10 -43.82 -26.56
N VAL KF 57 -89.55 -43.39 -27.69
CA VAL KF 57 -88.10 -43.47 -27.92
C VAL KF 57 -87.35 -42.55 -26.96
N SER KF 58 -87.94 -41.39 -26.67
CA SER KF 58 -87.33 -40.48 -25.70
C SER KF 58 -87.42 -41.05 -24.29
N ALA KF 59 -88.48 -41.79 -23.98
CA ALA KF 59 -88.60 -42.39 -22.66
C ALA KF 59 -87.77 -43.65 -22.53
N GLY KF 60 -87.63 -44.40 -23.63
CA GLY KF 60 -86.79 -45.58 -23.62
C GLY KF 60 -85.31 -45.26 -23.56
N THR KF 61 -84.92 -44.06 -23.99
CA THR KF 61 -83.52 -43.66 -23.95
C THR KF 61 -83.07 -43.35 -22.53
N GLU KF 62 -83.91 -42.64 -21.76
CA GLU KF 62 -83.52 -42.28 -20.41
C GLU KF 62 -83.62 -43.45 -19.45
N SER KF 63 -84.35 -44.50 -19.81
CA SER KF 63 -84.49 -45.65 -18.93
C SER KF 63 -83.31 -46.59 -19.01
N VAL KF 64 -82.48 -46.48 -20.05
CA VAL KF 64 -81.27 -47.29 -20.13
C VAL KF 64 -80.23 -46.77 -19.13
N LYS KF 65 -80.31 -45.48 -18.79
CA LYS KF 65 -79.39 -44.89 -17.82
C LYS KF 65 -79.55 -45.46 -16.41
N ARG KF 66 -80.72 -46.03 -16.09
CA ARG KF 66 -80.90 -46.72 -14.83
C ARG KF 66 -80.34 -48.14 -14.84
N VAL KF 67 -80.03 -48.68 -16.02
CA VAL KF 67 -79.41 -49.99 -16.13
C VAL KF 67 -77.89 -49.81 -16.09
N ASN KF 68 -77.24 -50.44 -15.12
CA ASN KF 68 -75.78 -50.42 -15.01
C ASN KF 68 -75.23 -51.52 -15.91
N GLY KF 69 -74.47 -51.12 -16.94
CA GLY KF 69 -73.90 -52.06 -17.88
C GLY KF 69 -74.40 -51.92 -19.29
N GLY KF 70 -75.40 -51.06 -19.53
CA GLY KF 70 -75.91 -50.85 -20.87
C GLY KF 70 -76.00 -49.38 -21.19
N GLN KF 71 -75.84 -49.08 -22.48
CA GLN KF 71 -75.88 -47.71 -22.96
C GLN KF 71 -76.61 -47.66 -24.29
N VAL KF 72 -77.25 -46.53 -24.56
CA VAL KF 72 -77.91 -46.30 -25.83
C VAL KF 72 -76.84 -45.97 -26.87
N LEU KF 73 -76.78 -46.77 -27.93
CA LEU KF 73 -75.81 -46.50 -28.99
C LEU KF 73 -76.41 -45.59 -30.06
N SER KF 74 -77.64 -45.88 -30.47
CA SER KF 74 -78.26 -45.13 -31.55
C SER KF 74 -79.77 -45.18 -31.40
N THR KF 75 -80.42 -44.05 -31.67
CA THR KF 75 -81.86 -43.97 -31.73
C THR KF 75 -82.26 -43.29 -33.03
N HIS KF 76 -83.38 -43.72 -33.59
CA HIS KF 76 -83.91 -43.04 -34.77
C HIS KF 76 -85.40 -43.25 -34.85
N ILE KF 77 -86.07 -42.29 -35.48
CA ILE KF 77 -87.52 -42.28 -35.67
C ILE KF 77 -87.78 -41.90 -37.12
N ILE KF 78 -88.54 -42.72 -37.83
CA ILE KF 78 -88.97 -42.43 -39.19
C ILE KF 78 -90.47 -42.23 -39.17
N ALA KF 79 -90.92 -41.07 -39.65
CA ALA KF 79 -92.32 -40.66 -39.47
C ALA KF 79 -93.27 -41.53 -40.28
N ARG KF 80 -92.86 -41.91 -41.49
CA ARG KF 80 -93.63 -42.84 -42.31
C ARG KF 80 -92.66 -43.57 -43.22
N PRO KF 81 -92.31 -44.81 -42.88
CA PRO KF 81 -91.38 -45.56 -43.73
C PRO KF 81 -92.01 -45.95 -45.05
N HIS KF 82 -91.14 -46.14 -46.04
CA HIS KF 82 -91.56 -46.63 -47.34
C HIS KF 82 -92.07 -48.05 -47.22
N GLU KF 83 -92.98 -48.43 -48.13
CA GLU KF 83 -93.57 -49.76 -48.10
C GLU KF 83 -92.57 -50.83 -48.54
N ASN KF 84 -91.44 -50.41 -49.13
CA ASN KF 84 -90.35 -51.33 -49.45
C ASN KF 84 -89.68 -51.88 -48.20
N LEU KF 85 -89.67 -51.09 -47.10
CA LEU KF 85 -88.85 -51.44 -45.95
C LEU KF 85 -89.45 -52.58 -45.13
N GLU KF 86 -90.76 -52.80 -45.19
CA GLU KF 86 -91.36 -53.86 -44.40
C GLU KF 86 -91.04 -55.24 -44.97
N TYR KF 87 -90.74 -55.30 -46.27
CA TYR KF 87 -90.48 -56.60 -46.88
C TYR KF 87 -89.01 -56.99 -46.77
N VAL KF 88 -88.13 -56.01 -46.56
CA VAL KF 88 -86.71 -56.31 -46.45
C VAL KF 88 -86.25 -56.25 -44.99
N LEU KF 89 -86.58 -55.19 -44.31
CA LEU KF 89 -86.16 -54.97 -42.94
C LEU KF 89 -87.20 -55.50 -41.97
N PRO KF 90 -86.78 -56.01 -40.81
CA PRO KF 90 -87.73 -56.58 -39.84
C PRO KF 90 -88.40 -55.53 -38.95
N ILE KF 91 -89.11 -54.60 -39.59
CA ILE KF 91 -89.85 -53.56 -38.89
C ILE KF 91 -91.35 -53.71 -39.05
N ARG KF 92 -91.82 -54.81 -39.63
CA ARG KF 92 -93.23 -54.98 -39.89
C ARG KF 92 -93.93 -55.63 -38.70
N TYR KF 93 -95.26 -55.51 -38.71
CA TYR KF 93 -96.07 -56.17 -37.69
C TYR KF 93 -96.09 -57.66 -37.93
N THR KF 94 -95.70 -58.43 -36.91
CA THR KF 94 -95.86 -59.87 -36.97
C THR KF 94 -97.25 -60.25 -36.50
N GLU KF 95 -97.60 -61.52 -36.68
CA GLU KF 95 -98.94 -61.98 -36.33
C GLU KF 95 -99.12 -62.14 -34.83
N GLU KF 96 -98.02 -62.18 -34.08
CA GLU KF 96 -98.11 -62.36 -32.64
C GLU KF 96 -98.44 -61.05 -31.94
N VAL KF 97 -98.17 -59.92 -32.59
CA VAL KF 97 -98.27 -58.61 -31.95
C VAL KF 97 -99.45 -57.80 -32.47
N GLU KF 98 -100.37 -58.43 -33.21
CA GLU KF 98 -101.52 -57.69 -33.73
C GLU KF 98 -102.56 -57.41 -32.66
N GLN KF 99 -102.48 -58.07 -31.51
CA GLN KF 99 -103.40 -57.78 -30.42
C GLN KF 99 -103.00 -56.50 -29.68
N PHE KF 100 -101.76 -56.05 -29.84
CA PHE KF 100 -101.28 -54.82 -29.23
C PHE KF 100 -101.32 -53.63 -30.16
N ARG KF 101 -101.82 -53.79 -31.38
CA ARG KF 101 -101.84 -52.70 -32.35
C ARG KF 101 -102.97 -51.71 -32.07
N MET LF 1 -95.63 -6.19 -45.42
CA MET LF 1 -96.50 -7.06 -44.64
C MET LF 1 -97.84 -7.29 -45.33
N GLN LF 2 -98.51 -8.36 -44.92
CA GLN LF 2 -99.84 -8.69 -45.38
C GLN LF 2 -100.76 -8.87 -44.20
N MET LF 3 -102.02 -8.50 -44.37
CA MET LF 3 -103.04 -8.78 -43.37
C MET LF 3 -103.59 -10.18 -43.58
N ALA LF 4 -103.67 -10.94 -42.50
CA ALA LF 4 -104.15 -12.31 -42.56
C ALA LF 4 -105.05 -12.59 -41.37
N LYS LF 5 -105.88 -13.60 -41.52
CA LYS LF 5 -106.76 -14.07 -40.46
C LYS LF 5 -106.31 -15.44 -40.00
N VAL LF 6 -106.23 -15.63 -38.68
CA VAL LF 6 -105.82 -16.91 -38.10
C VAL LF 6 -106.95 -17.90 -38.33
N CYS LF 7 -106.70 -18.91 -39.16
CA CYS LF 7 -107.71 -19.91 -39.44
C CYS LF 7 -107.46 -21.20 -38.70
N GLY LF 8 -106.22 -21.44 -38.26
CA GLY LF 8 -105.96 -22.62 -37.48
C GLY LF 8 -104.49 -22.80 -37.17
N THR LF 9 -104.15 -24.03 -36.78
CA THR LF 9 -102.81 -24.38 -36.34
C THR LF 9 -102.30 -25.55 -37.16
N VAL LF 10 -100.99 -25.57 -37.41
CA VAL LF 10 -100.31 -26.67 -38.05
C VAL LF 10 -99.30 -27.24 -37.06
N VAL LF 11 -99.40 -28.53 -36.79
CA VAL LF 11 -98.50 -29.22 -35.87
C VAL LF 11 -97.72 -30.24 -36.67
N GLY LF 12 -96.39 -30.16 -36.59
CA GLY LF 12 -95.54 -31.18 -37.18
C GLY LF 12 -94.57 -31.70 -36.14
N THR LF 13 -94.52 -33.02 -35.96
CA THR LF 13 -93.62 -33.60 -34.96
C THR LF 13 -92.27 -33.97 -35.54
N GLN LF 14 -92.24 -34.45 -36.77
CA GLN LF 14 -91.00 -34.77 -37.46
C GLN LF 14 -90.56 -33.54 -38.24
N LYS LF 15 -89.54 -32.84 -37.74
CA LYS LF 15 -89.14 -31.57 -38.29
C LYS LF 15 -87.64 -31.39 -38.08
N LEU LF 16 -87.15 -30.21 -38.48
CA LEU LF 16 -85.77 -29.86 -38.22
C LEU LF 16 -85.59 -29.54 -36.74
N PRO LF 17 -84.39 -29.77 -36.19
CA PRO LF 17 -84.15 -29.41 -34.78
C PRO LF 17 -84.21 -27.92 -34.50
N SER LF 18 -83.98 -27.09 -35.50
CA SER LF 18 -84.09 -25.65 -35.31
C SER LF 18 -85.53 -25.17 -35.44
N MET LF 19 -86.46 -26.06 -35.83
CA MET LF 19 -87.86 -25.69 -35.92
C MET LF 19 -88.64 -26.00 -34.66
N THR LF 20 -87.98 -26.44 -33.59
CA THR LF 20 -88.71 -26.78 -32.37
C THR LF 20 -88.98 -25.54 -31.55
N GLY LF 21 -90.08 -25.57 -30.81
CA GLY LF 21 -90.54 -24.41 -30.06
C GLY LF 21 -91.25 -23.37 -30.89
N VAL LF 22 -91.32 -23.53 -32.21
CA VAL LF 22 -91.94 -22.56 -33.10
C VAL LF 22 -93.41 -22.90 -33.22
N LYS LF 23 -94.27 -21.95 -32.86
CA LYS LF 23 -95.70 -22.12 -32.99
C LYS LF 23 -96.13 -21.74 -34.40
N LEU LF 24 -96.78 -22.67 -35.10
CA LEU LF 24 -97.12 -22.52 -36.51
C LEU LF 24 -98.62 -22.31 -36.66
N LEU LF 25 -98.99 -21.14 -37.19
CA LEU LF 25 -100.39 -20.80 -37.42
C LEU LF 25 -100.71 -20.87 -38.90
N LEU LF 26 -101.88 -21.42 -39.20
CA LEU LF 26 -102.43 -21.42 -40.55
C LEU LF 26 -103.19 -20.11 -40.72
N LEU LF 27 -102.71 -19.25 -41.60
CA LEU LF 27 -103.21 -17.89 -41.75
C LEU LF 27 -103.76 -17.72 -43.14
N GLN LF 28 -105.02 -17.32 -43.26
CA GLN LF 28 -105.62 -17.02 -44.55
C GLN LF 28 -105.53 -15.53 -44.81
N PHE LF 29 -105.03 -15.17 -45.98
CA PHE LF 29 -104.86 -13.75 -46.32
C PHE LF 29 -106.21 -13.11 -46.61
N ILE LF 30 -106.39 -11.91 -46.07
CA ILE LF 30 -107.58 -11.10 -46.29
C ILE LF 30 -107.17 -9.89 -47.12
N ASP LF 31 -108.11 -9.35 -47.90
CA ASP LF 31 -107.79 -8.22 -48.74
C ASP LF 31 -107.93 -6.91 -47.96
N ALA LF 32 -107.79 -5.78 -48.68
CA ALA LF 32 -107.97 -4.48 -48.05
C ALA LF 32 -109.43 -4.20 -47.74
N ASN LF 33 -110.36 -4.88 -48.40
CA ASN LF 33 -111.77 -4.70 -48.13
C ASN LF 33 -112.23 -5.55 -46.94
N GLY LF 34 -111.45 -6.56 -46.57
CA GLY LF 34 -111.80 -7.43 -45.47
C GLY LF 34 -112.28 -8.82 -45.86
N GLU LF 35 -112.35 -9.13 -47.15
CA GLU LF 35 -112.80 -10.43 -47.61
C GLU LF 35 -111.64 -11.41 -47.62
N LEU LF 36 -111.95 -12.69 -47.44
CA LEU LF 36 -110.91 -13.71 -47.41
C LEU LF 36 -110.46 -14.02 -48.83
N LEU LF 37 -109.15 -13.98 -49.04
CA LEU LF 37 -108.58 -14.34 -50.32
C LEU LF 37 -108.31 -15.84 -50.37
N PRO LF 38 -108.33 -16.46 -51.56
CA PRO LF 38 -107.95 -17.88 -51.67
C PRO LF 38 -106.44 -18.08 -51.69
N LYS LF 39 -105.78 -17.65 -50.62
CA LYS LF 39 -104.34 -17.72 -50.46
C LYS LF 39 -104.04 -17.78 -48.98
N TYR LF 40 -103.10 -18.64 -48.60
CA TYR LF 40 -102.80 -18.87 -47.20
C TYR LF 40 -101.30 -18.80 -46.96
N GLU LF 41 -100.93 -19.00 -45.70
CA GLU LF 41 -99.55 -19.04 -45.26
C GLU LF 41 -99.48 -19.81 -43.95
N VAL LF 42 -98.32 -20.38 -43.67
CA VAL LF 42 -98.01 -20.92 -42.36
C VAL LF 42 -96.87 -20.08 -41.81
N ALA LF 43 -97.09 -19.44 -40.67
CA ALA LF 43 -96.13 -18.50 -40.13
C ALA LF 43 -95.81 -18.83 -38.68
N ALA LF 44 -94.61 -18.44 -38.28
CA ALA LF 44 -94.25 -18.45 -36.86
C ALA LF 44 -95.02 -17.36 -36.13
N ASP LF 45 -95.32 -17.61 -34.86
CA ASP LF 45 -96.16 -16.73 -34.06
C ASP LF 45 -95.46 -16.37 -32.75
N PRO LF 46 -94.61 -15.34 -32.77
CA PRO LF 46 -94.05 -14.85 -31.50
C PRO LF 46 -95.03 -14.00 -30.72
N VAL LF 47 -95.83 -13.19 -31.42
CA VAL LF 47 -96.90 -12.41 -30.81
C VAL LF 47 -98.11 -13.31 -30.70
N GLY LF 48 -98.51 -13.62 -29.47
CA GLY LF 48 -99.44 -14.72 -29.24
C GLY LF 48 -100.82 -14.45 -29.80
N ALA LF 49 -101.16 -15.11 -30.90
CA ALA LF 49 -102.38 -14.83 -31.65
C ALA LF 49 -103.24 -16.07 -31.70
N GLY LF 50 -104.54 -15.89 -31.45
CA GLY LF 50 -105.47 -16.99 -31.43
C GLY LF 50 -106.37 -16.99 -32.66
N LEU LF 51 -107.25 -18.00 -32.70
CA LEU LF 51 -108.04 -18.26 -33.89
C LEU LF 51 -109.09 -17.19 -34.11
N GLY LF 52 -109.11 -16.64 -35.32
CA GLY LF 52 -110.03 -15.59 -35.66
C GLY LF 52 -109.44 -14.19 -35.65
N GLU LF 53 -108.23 -14.02 -35.12
CA GLU LF 53 -107.65 -12.69 -35.03
C GLU LF 53 -107.12 -12.23 -36.37
N TRP LF 54 -106.92 -10.93 -36.49
CA TRP LF 54 -106.30 -10.32 -37.66
C TRP LF 54 -104.83 -10.02 -37.32
N VAL LF 55 -103.93 -10.50 -38.16
CA VAL LF 55 -102.51 -10.39 -37.89
C VAL LF 55 -101.81 -9.74 -39.08
N LEU LF 56 -100.63 -9.20 -38.82
CA LEU LF 56 -99.73 -8.75 -39.87
C LEU LF 56 -98.63 -9.79 -40.04
N VAL LF 57 -98.42 -10.23 -41.27
CA VAL LF 57 -97.48 -11.29 -41.59
C VAL LF 57 -96.43 -10.73 -42.52
N ASN LF 58 -95.17 -10.92 -42.17
CA ASN LF 58 -94.11 -10.54 -43.09
C ASN LF 58 -93.72 -11.76 -43.93
N ARG LF 59 -92.76 -11.58 -44.83
CA ARG LF 59 -92.41 -12.62 -45.77
C ARG LF 59 -90.91 -12.56 -46.00
N GLY LF 60 -90.30 -13.74 -46.10
CA GLY LF 60 -88.90 -13.82 -46.46
C GLY LF 60 -87.95 -13.75 -45.29
N SER LF 61 -86.85 -13.03 -45.45
CA SER LF 61 -85.82 -12.96 -44.43
C SER LF 61 -86.18 -12.01 -43.30
N ALA LF 62 -87.28 -11.28 -43.41
CA ALA LF 62 -87.79 -10.46 -42.32
C ALA LF 62 -88.32 -11.30 -41.17
N ALA LF 63 -88.68 -12.56 -41.43
CA ALA LF 63 -89.10 -13.47 -40.39
C ALA LF 63 -87.96 -13.88 -39.46
N ARG LF 64 -86.72 -13.66 -39.86
CA ARG LF 64 -85.55 -14.03 -39.09
C ARG LF 64 -84.89 -12.85 -38.40
N GLN LF 65 -85.66 -11.83 -38.04
CA GLN LF 65 -85.10 -10.60 -37.50
C GLN LF 65 -85.34 -10.44 -36.00
N THR LF 66 -86.16 -11.29 -35.39
CA THR LF 66 -86.58 -11.09 -34.01
C THR LF 66 -85.64 -11.70 -32.97
N GLU LF 67 -84.40 -11.99 -33.38
CA GLU LF 67 -83.23 -12.40 -32.57
C GLU LF 67 -83.39 -13.73 -31.84
N TYR LF 68 -84.55 -14.40 -31.98
CA TYR LF 68 -84.65 -15.81 -31.65
C TYR LF 68 -85.16 -16.63 -32.82
N HIS LF 69 -85.33 -16.01 -33.98
CA HIS LF 69 -85.62 -16.70 -35.23
C HIS LF 69 -84.49 -16.57 -36.23
N GLN LF 70 -83.29 -16.20 -35.76
CA GLN LF 70 -82.24 -15.70 -36.65
C GLN LF 70 -81.67 -16.80 -37.55
N ASN LF 71 -81.43 -17.98 -37.01
CA ASN LF 71 -80.88 -19.08 -37.77
C ASN LF 71 -81.91 -20.19 -37.98
N ARG LF 72 -83.18 -19.84 -37.90
CA ARG LF 72 -84.32 -20.71 -38.06
C ARG LF 72 -84.87 -20.63 -39.48
N PRO LF 73 -85.21 -21.76 -40.09
CA PRO LF 73 -85.70 -21.77 -41.48
C PRO LF 73 -87.14 -21.31 -41.60
N LEU LF 74 -87.35 -20.02 -41.38
CA LEU LF 74 -88.68 -19.41 -41.39
C LEU LF 74 -88.74 -18.33 -42.47
N ASP LF 75 -89.80 -18.35 -43.25
CA ASP LF 75 -90.02 -17.33 -44.27
C ASP LF 75 -91.32 -16.56 -44.06
N ALA LF 76 -91.97 -16.75 -42.92
CA ALA LF 76 -93.21 -16.06 -42.60
C ALA LF 76 -93.35 -15.99 -41.10
N MET LF 77 -93.82 -14.84 -40.60
CA MET LF 77 -93.89 -14.61 -39.17
C MET LF 77 -94.98 -13.58 -38.88
N VAL LF 78 -95.81 -13.86 -37.88
CA VAL LF 78 -96.74 -12.86 -37.38
C VAL LF 78 -95.94 -11.81 -36.60
N VAL LF 79 -96.00 -10.57 -37.06
CA VAL LF 79 -95.25 -9.50 -36.41
C VAL LF 79 -96.15 -8.61 -35.56
N ALA LF 80 -97.45 -8.62 -35.78
CA ALA LF 80 -98.37 -7.75 -35.06
C ALA LF 80 -99.75 -8.37 -35.08
N ILE LF 81 -100.50 -8.14 -34.01
CA ILE LF 81 -101.93 -8.41 -33.99
C ILE LF 81 -102.62 -7.10 -34.31
N ILE LF 82 -103.49 -7.12 -35.32
CA ILE LF 82 -104.12 -5.91 -35.80
C ILE LF 82 -105.16 -5.44 -34.80
N ASP LF 83 -105.02 -4.19 -34.35
CA ASP LF 83 -106.03 -3.54 -33.53
C ASP LF 83 -107.07 -2.84 -34.38
N THR LF 84 -106.64 -1.99 -35.30
CA THR LF 84 -107.54 -1.14 -36.08
C THR LF 84 -107.04 -1.05 -37.51
N VAL LF 85 -107.94 -1.24 -38.46
CA VAL LF 85 -107.71 -0.92 -39.86
C VAL LF 85 -108.63 0.22 -40.23
N THR LF 86 -108.06 1.35 -40.64
CA THR LF 86 -108.81 2.52 -41.07
C THR LF 86 -108.55 2.71 -42.56
N VAL LF 87 -109.60 2.62 -43.37
CA VAL LF 87 -109.50 2.80 -44.81
C VAL LF 87 -110.33 4.01 -45.20
N ASN LF 88 -109.69 5.00 -45.82
CA ASN LF 88 -110.31 6.25 -46.30
C ASN LF 88 -111.00 6.99 -45.15
N ASN LF 89 -110.29 7.09 -44.01
CA ASN LF 89 -110.73 7.66 -42.74
C ASN LF 89 -111.95 6.97 -42.15
N ARG LF 90 -112.26 5.75 -42.59
CA ARG LF 90 -113.36 4.95 -42.06
C ARG LF 90 -112.78 3.68 -41.46
N ARG LF 91 -113.18 3.38 -40.23
CA ARG LF 91 -112.68 2.19 -39.55
C ARG LF 91 -113.25 0.93 -40.17
N LEU LF 92 -112.36 0.09 -40.71
CA LEU LF 92 -112.74 -1.19 -41.30
C LEU LF 92 -112.74 -2.31 -40.27
N TYR LF 93 -111.81 -2.28 -39.32
CA TYR LF 93 -111.66 -3.34 -38.34
C TYR LF 93 -111.39 -2.72 -36.97
N GLY LF 94 -111.90 -3.35 -35.93
CA GLY LF 94 -111.71 -2.87 -34.58
C GLY LF 94 -112.89 -2.08 -34.05
N ALA MF 2 -89.25 20.79 68.84
CA ALA MF 2 -90.57 20.25 68.54
C ALA MF 2 -90.48 18.82 68.01
N VAL MF 3 -91.55 18.36 67.37
CA VAL MF 3 -91.59 17.06 66.74
C VAL MF 3 -90.61 17.03 65.58
N ALA MF 4 -89.88 15.91 65.43
CA ALA MF 4 -88.79 15.79 64.47
C ALA MF 4 -89.26 15.94 63.04
N VAL MF 5 -88.40 16.49 62.19
CA VAL MF 5 -88.72 16.76 60.80
C VAL MF 5 -87.67 16.09 59.92
N GLY MF 6 -88.13 15.39 58.89
CA GLY MF 6 -87.25 14.80 57.90
C GLY MF 6 -87.57 15.35 56.52
N MET MF 7 -86.53 15.53 55.72
CA MET MF 7 -86.67 16.08 54.38
C MET MF 7 -85.90 15.20 53.41
N ILE MF 8 -86.50 14.89 52.27
CA ILE MF 8 -85.81 14.26 51.16
C ILE MF 8 -86.01 15.14 49.94
N GLU MF 9 -84.92 15.65 49.40
CA GLU MF 9 -84.95 16.45 48.19
C GLU MF 9 -84.54 15.60 47.01
N THR MF 10 -85.41 15.50 46.01
CA THR MF 10 -85.14 14.74 44.81
C THR MF 10 -85.19 15.65 43.60
N LEU MF 11 -84.59 15.18 42.51
CA LEU MF 11 -84.66 15.86 41.22
C LEU MF 11 -85.73 15.15 40.39
N GLY MF 12 -86.95 15.67 40.43
CA GLY MF 12 -88.03 15.05 39.70
C GLY MF 12 -89.24 14.70 40.54
N PHE MF 13 -90.43 14.80 39.95
CA PHE MF 13 -91.69 14.48 40.62
C PHE MF 13 -91.99 12.99 40.79
N PRO MF 14 -91.68 12.07 39.85
CA PRO MF 14 -91.84 10.64 40.19
C PRO MF 14 -90.91 10.16 41.29
N ALA MF 15 -89.75 10.79 41.45
CA ALA MF 15 -88.84 10.38 42.51
C ALA MF 15 -89.28 10.93 43.86
N VAL MF 16 -90.03 12.04 43.87
CA VAL MF 16 -90.41 12.64 45.14
C VAL MF 16 -91.70 12.02 45.65
N VAL MF 17 -92.48 11.40 44.77
CA VAL MF 17 -93.68 10.71 45.20
C VAL MF 17 -93.31 9.34 45.76
N GLU MF 18 -92.34 8.67 45.14
CA GLU MF 18 -91.80 7.44 45.71
C GLU MF 18 -91.07 7.71 47.02
N ALA MF 19 -90.40 8.86 47.14
CA ALA MF 19 -89.82 9.26 48.42
C ALA MF 19 -90.90 9.51 49.46
N ALA MF 20 -91.98 10.18 49.08
CA ALA MF 20 -93.07 10.44 50.03
C ALA MF 20 -93.84 9.18 50.35
N ASP MF 21 -93.99 8.27 49.38
CA ASP MF 21 -94.75 7.05 49.63
C ASP MF 21 -93.98 6.06 50.49
N ALA MF 22 -92.67 5.92 50.25
CA ALA MF 22 -91.89 4.96 51.01
C ALA MF 22 -91.60 5.45 52.42
N MET MF 23 -91.67 6.77 52.65
CA MET MF 23 -91.43 7.29 53.99
C MET MF 23 -92.59 6.98 54.91
N VAL MF 24 -93.82 7.18 54.44
CA VAL MF 24 -94.97 6.94 55.32
C VAL MF 24 -95.33 5.47 55.35
N LYS MF 25 -94.70 4.66 54.50
CA LYS MF 25 -94.91 3.21 54.55
C LYS MF 25 -93.85 2.52 55.38
N ALA MF 26 -92.70 3.15 55.60
CA ALA MF 26 -91.64 2.52 56.36
C ALA MF 26 -91.86 2.68 57.86
N ALA MF 27 -92.45 3.80 58.27
CA ALA MF 27 -92.57 4.12 59.69
C ALA MF 27 -93.80 4.96 59.91
N ARG MF 28 -94.04 5.31 61.18
CA ARG MF 28 -95.21 6.07 61.60
C ARG MF 28 -94.86 7.55 61.55
N VAL MF 29 -94.71 8.07 60.34
CA VAL MF 29 -94.47 9.49 60.12
C VAL MF 29 -95.68 10.08 59.41
N THR MF 30 -95.78 11.40 59.45
CA THR MF 30 -96.84 12.13 58.77
C THR MF 30 -96.22 13.02 57.72
N LEU MF 31 -96.47 12.71 56.45
CA LEU MF 31 -96.09 13.60 55.37
C LEU MF 31 -96.94 14.86 55.44
N VAL MF 32 -96.31 15.99 55.74
CA VAL MF 32 -97.04 17.23 55.95
C VAL MF 32 -96.83 18.22 54.83
N GLY MF 33 -95.77 18.10 54.07
CA GLY MF 33 -95.32 19.20 53.23
C GLY MF 33 -94.79 18.74 51.90
N TYR MF 34 -94.70 19.69 50.98
CA TYR MF 34 -94.33 19.47 49.60
C TYR MF 34 -93.80 20.78 49.05
N GLU MF 35 -92.49 20.84 48.80
CA GLU MF 35 -91.86 22.11 48.52
C GLU MF 35 -91.11 22.07 47.21
N LYS MF 36 -91.41 23.03 46.34
CA LYS MF 36 -90.73 23.22 45.07
C LYS MF 36 -89.91 24.50 45.16
N ILE MF 37 -88.62 24.40 44.87
CA ILE MF 37 -87.72 25.54 44.96
C ILE MF 37 -87.07 25.86 43.62
N GLY MF 38 -87.52 25.23 42.54
CA GLY MF 38 -87.00 25.51 41.22
C GLY MF 38 -85.92 24.52 40.78
N THR MF 39 -85.70 24.51 39.47
CA THR MF 39 -84.84 23.55 38.74
C THR MF 39 -85.11 22.10 39.08
N GLY MF 40 -86.37 21.74 39.31
CA GLY MF 40 -86.73 20.36 39.56
C GLY MF 40 -86.37 19.83 40.93
N ARG MF 41 -85.75 20.64 41.78
CA ARG MF 41 -85.45 20.24 43.15
C ARG MF 41 -86.74 20.27 43.95
N VAL MF 42 -87.26 19.09 44.27
CA VAL MF 42 -88.54 18.95 44.96
C VAL MF 42 -88.30 18.25 46.29
N THR MF 43 -88.86 18.80 47.35
CA THR MF 43 -88.65 18.29 48.70
C THR MF 43 -89.98 17.91 49.33
N VAL MF 44 -90.05 16.71 49.91
CA VAL MF 44 -91.15 16.30 50.76
C VAL MF 44 -90.70 16.32 52.21
N ILE MF 45 -91.61 16.69 53.10
CA ILE MF 45 -91.32 16.94 54.50
C ILE MF 45 -92.22 16.05 55.34
N VAL MF 46 -91.61 15.22 56.18
CA VAL MF 46 -92.37 14.36 57.09
C VAL MF 46 -92.12 14.82 58.52
N ARG MF 47 -93.10 14.58 59.38
CA ARG MF 47 -92.97 14.81 60.81
C ARG MF 47 -93.23 13.51 61.55
N GLY MF 48 -92.70 13.41 62.76
CA GLY MF 48 -92.93 12.24 63.57
C GLY MF 48 -91.87 12.12 64.63
N ASP MF 49 -91.88 10.98 65.32
CA ASP MF 49 -90.85 10.70 66.31
C ASP MF 49 -89.52 10.46 65.62
N VAL MF 50 -88.44 10.57 66.41
CA VAL MF 50 -87.09 10.53 65.86
C VAL MF 50 -86.75 9.14 65.35
N SER MF 51 -87.25 8.10 66.03
CA SER MF 51 -87.07 6.73 65.55
C SER MF 51 -87.82 6.50 64.25
N GLU MF 52 -88.98 7.11 64.09
CA GLU MF 52 -89.75 6.95 62.88
C GLU MF 52 -89.15 7.75 61.72
N VAL MF 53 -88.71 8.97 61.99
CA VAL MF 53 -88.20 9.85 60.93
C VAL MF 53 -86.85 9.34 60.43
N GLN MF 54 -86.01 8.82 61.32
CA GLN MF 54 -84.73 8.24 60.91
C GLN MF 54 -84.95 6.98 60.08
N ALA MF 55 -85.97 6.20 60.41
CA ALA MF 55 -86.26 4.99 59.63
C ALA MF 55 -86.89 5.32 58.30
N SER MF 56 -87.74 6.36 58.27
CA SER MF 56 -88.43 6.71 57.04
C SER MF 56 -87.51 7.36 56.02
N VAL MF 57 -86.65 8.29 56.48
CA VAL MF 57 -85.77 9.01 55.56
C VAL MF 57 -84.70 8.07 55.01
N SER MF 58 -84.22 7.14 55.83
CA SER MF 58 -83.23 6.18 55.36
C SER MF 58 -83.84 5.17 54.39
N ALA MF 59 -85.11 4.81 54.59
CA ALA MF 59 -85.77 3.90 53.66
C ALA MF 59 -86.31 4.65 52.46
N GLY MF 60 -86.70 5.92 52.65
CA GLY MF 60 -87.12 6.73 51.53
C GLY MF 60 -86.00 7.09 50.58
N THR MF 61 -84.77 7.12 51.07
CA THR MF 61 -83.62 7.41 50.22
C THR MF 61 -83.30 6.23 49.32
N GLU MF 62 -83.36 5.01 49.86
CA GLU MF 62 -83.03 3.83 49.07
C GLU MF 62 -84.10 3.50 48.05
N SER MF 63 -85.33 3.96 48.28
CA SER MF 63 -86.41 3.67 47.34
C SER MF 63 -86.35 4.55 46.10
N VAL MF 64 -85.78 5.74 46.22
CA VAL MF 64 -85.63 6.64 45.07
C VAL MF 64 -84.63 6.10 44.07
N LYS MF 65 -83.59 5.42 44.51
CA LYS MF 65 -82.66 4.75 43.59
C LYS MF 65 -83.15 3.36 43.22
N ARG MF 66 -84.43 3.27 42.89
CA ARG MF 66 -85.08 2.11 42.28
C ARG MF 66 -86.07 2.67 41.26
N VAL MF 67 -86.07 3.99 41.13
CA VAL MF 67 -86.86 4.71 40.14
C VAL MF 67 -85.93 5.11 39.00
N ASN MF 68 -86.36 4.87 37.77
CA ASN MF 68 -85.57 5.28 36.62
C ASN MF 68 -85.66 6.79 36.45
N GLY MF 69 -84.51 7.44 36.34
CA GLY MF 69 -84.48 8.89 36.31
C GLY MF 69 -84.64 9.54 37.67
N GLY MF 70 -84.57 8.76 38.74
CA GLY MF 70 -84.71 9.26 40.09
C GLY MF 70 -83.33 9.52 40.71
N GLN MF 71 -83.23 10.64 41.41
CA GLN MF 71 -81.97 11.07 42.00
C GLN MF 71 -82.24 11.79 43.31
N VAL MF 72 -81.60 11.33 44.38
CA VAL MF 72 -81.67 12.01 45.67
C VAL MF 72 -80.64 13.13 45.65
N LEU MF 73 -81.10 14.36 45.85
CA LEU MF 73 -80.17 15.48 45.91
C LEU MF 73 -79.67 15.71 47.33
N SER MF 74 -80.60 15.73 48.29
CA SER MF 74 -80.24 16.07 49.66
C SER MF 74 -81.27 15.48 50.61
N THR MF 75 -80.77 14.88 51.69
CA THR MF 75 -81.63 14.36 52.74
C THR MF 75 -81.14 14.90 54.08
N HIS MF 76 -82.08 15.13 54.99
CA HIS MF 76 -81.71 15.60 56.33
C HIS MF 76 -82.81 15.25 57.32
N ILE MF 77 -82.39 15.04 58.57
CA ILE MF 77 -83.28 14.83 59.71
C ILE MF 77 -82.89 15.83 60.78
N ILE MF 78 -83.86 16.62 61.25
CA ILE MF 78 -83.69 17.45 62.42
C ILE MF 78 -84.53 16.84 63.53
N ALA MF 79 -83.86 16.32 64.57
CA ALA MF 79 -84.54 15.53 65.59
C ALA MF 79 -85.38 16.40 66.51
N ARG MF 80 -85.00 17.66 66.67
CA ARG MF 80 -85.70 18.57 67.58
C ARG MF 80 -85.63 19.96 66.99
N PRO MF 81 -86.51 20.30 66.05
CA PRO MF 81 -86.48 21.63 65.48
C PRO MF 81 -87.03 22.66 66.45
N HIS MF 82 -86.51 23.87 66.34
CA HIS MF 82 -86.97 24.98 67.14
C HIS MF 82 -88.41 25.35 66.76
N GLU MF 83 -89.13 25.88 67.75
CA GLU MF 83 -90.53 26.27 67.52
C GLU MF 83 -90.65 27.53 66.66
N ASN MF 84 -89.54 28.23 66.40
CA ASN MF 84 -89.53 29.32 65.43
C ASN MF 84 -89.71 28.82 64.01
N LEU MF 85 -89.30 27.58 63.73
CA LEU MF 85 -89.17 27.12 62.34
C LEU MF 85 -90.52 26.78 61.72
N GLU MF 86 -91.51 26.37 62.53
CA GLU MF 86 -92.79 25.97 61.97
C GLU MF 86 -93.58 27.18 61.47
N TYR MF 87 -93.31 28.37 62.02
CA TYR MF 87 -94.05 29.54 61.62
C TYR MF 87 -93.47 30.17 60.36
N VAL MF 88 -92.21 29.88 60.06
CA VAL MF 88 -91.56 30.49 58.89
C VAL MF 88 -91.43 29.48 57.76
N LEU MF 89 -90.96 28.31 58.07
CA LEU MF 89 -90.75 27.29 57.05
C LEU MF 89 -91.99 26.41 56.91
N PRO MF 90 -92.28 25.90 55.71
CA PRO MF 90 -93.45 25.04 55.51
C PRO MF 90 -93.22 23.59 55.95
N ILE MF 91 -92.91 23.41 57.23
CA ILE MF 91 -92.71 22.10 57.82
C ILE MF 91 -93.74 21.78 58.89
N ARG MF 92 -94.78 22.59 59.02
CA ARG MF 92 -95.72 22.42 60.11
C ARG MF 92 -96.89 21.53 59.69
N TYR MF 93 -97.60 21.05 60.69
CA TYR MF 93 -98.80 20.26 60.44
C TYR MF 93 -99.93 21.14 59.94
N THR MF 94 -100.47 20.78 58.78
CA THR MF 94 -101.65 21.46 58.26
C THR MF 94 -102.91 20.69 58.65
N GLU MF 95 -104.06 21.29 58.37
CA GLU MF 95 -105.30 20.71 58.87
C GLU MF 95 -105.77 19.53 58.04
N GLU MF 96 -105.22 19.33 56.84
CA GLU MF 96 -105.59 18.17 56.04
C GLU MF 96 -104.82 16.93 56.47
N VAL MF 97 -103.72 17.10 57.20
CA VAL MF 97 -102.90 15.98 57.63
C VAL MF 97 -103.01 15.77 59.15
N GLU MF 98 -104.04 16.32 59.79
CA GLU MF 98 -104.21 16.11 61.22
C GLU MF 98 -104.75 14.73 61.56
N GLN MF 99 -105.30 14.01 60.57
CA GLN MF 99 -105.78 12.67 60.84
C GLN MF 99 -104.64 11.65 60.91
N PHE MF 100 -103.49 11.98 60.33
CA PHE MF 100 -102.37 11.06 60.27
C PHE MF 100 -101.36 11.28 61.38
N ARG MF 101 -101.55 12.27 62.24
CA ARG MF 101 -100.60 12.54 63.31
C ARG MF 101 -100.71 11.53 64.44
N ALA NF 2 -82.53 49.69 61.73
CA ALA NF 2 -83.25 48.73 62.57
C ALA NF 2 -82.28 47.74 63.20
N VAL NF 3 -82.83 46.64 63.74
CA VAL NF 3 -81.99 45.62 64.33
C VAL NF 3 -81.40 44.77 63.20
N ALA NF 4 -80.32 44.04 63.50
CA ALA NF 4 -79.47 43.49 62.44
C ALA NF 4 -80.13 42.35 61.67
N VAL NF 5 -79.68 42.16 60.43
CA VAL NF 5 -80.21 41.16 59.52
C VAL NF 5 -79.11 40.16 59.20
N GLY NF 6 -79.42 38.89 59.30
CA GLY NF 6 -78.52 37.85 58.81
C GLY NF 6 -79.22 37.00 57.77
N MET NF 7 -78.52 36.70 56.69
CA MET NF 7 -79.06 35.91 55.60
C MET NF 7 -78.08 34.81 55.25
N ILE NF 8 -78.58 33.59 55.13
CA ILE NF 8 -77.83 32.46 54.58
C ILE NF 8 -78.58 31.96 53.37
N GLU NF 9 -77.93 31.97 52.21
CA GLU NF 9 -78.49 31.42 51.00
C GLU NF 9 -77.86 30.06 50.72
N THR NF 10 -78.70 29.04 50.61
CA THR NF 10 -78.24 27.69 50.33
C THR NF 10 -78.83 27.19 49.02
N LEU NF 11 -78.18 26.17 48.46
CA LEU NF 11 -78.69 25.45 47.30
C LEU NF 11 -79.41 24.22 47.83
N GLY NF 12 -80.73 24.30 47.94
CA GLY NF 12 -81.49 23.18 48.44
C GLY NF 12 -82.28 23.48 49.70
N PHE NF 13 -83.46 22.88 49.81
CA PHE NF 13 -84.32 23.06 50.96
C PHE NF 13 -83.93 22.28 52.22
N PRO NF 14 -83.40 21.05 52.18
CA PRO NF 14 -82.90 20.47 53.45
C PRO NF 14 -81.70 21.20 54.03
N ALA NF 15 -80.93 21.90 53.20
CA ALA NF 15 -79.80 22.67 53.72
C ALA NF 15 -80.25 23.96 54.37
N VAL NF 16 -81.42 24.48 53.97
CA VAL NF 16 -81.84 25.78 54.47
C VAL NF 16 -82.62 25.63 55.77
N VAL NF 17 -83.12 24.43 56.05
CA VAL NF 17 -83.84 24.19 57.31
C VAL NF 17 -82.84 23.85 58.40
N GLU NF 18 -81.76 23.15 58.05
CA GLU NF 18 -80.69 22.91 59.00
C GLU NF 18 -79.92 24.19 59.30
N ALA NF 19 -79.78 25.06 58.30
CA ALA NF 19 -79.17 26.37 58.54
C ALA NF 19 -80.05 27.23 59.43
N ALA NF 20 -81.37 27.19 59.21
CA ALA NF 20 -82.28 27.99 60.03
C ALA NF 20 -82.40 27.44 61.44
N ASP NF 21 -82.30 26.11 61.60
CA ASP NF 21 -82.40 25.52 62.92
C ASP NF 21 -81.12 25.71 63.71
N ALA NF 22 -79.97 25.74 63.02
CA ALA NF 22 -78.72 26.01 63.71
C ALA NF 22 -78.61 27.46 64.13
N MET NF 23 -79.27 28.36 63.39
CA MET NF 23 -79.14 29.79 63.68
C MET NF 23 -79.89 30.18 64.95
N VAL NF 24 -81.12 29.70 65.09
CA VAL NF 24 -81.93 30.13 66.23
C VAL NF 24 -81.57 29.35 67.48
N LYS NF 25 -80.77 28.29 67.35
CA LYS NF 25 -80.27 27.59 68.52
C LYS NF 25 -78.94 28.16 69.00
N ALA NF 26 -78.16 28.73 68.08
CA ALA NF 26 -76.82 29.19 68.43
C ALA NF 26 -76.85 30.50 69.18
N ALA NF 27 -77.85 31.35 68.91
CA ALA NF 27 -77.87 32.68 69.50
C ALA NF 27 -79.31 33.16 69.62
N ARG NF 28 -79.46 34.38 70.14
CA ARG NF 28 -80.77 34.97 70.40
C ARG NF 28 -81.22 35.75 69.18
N VAL NF 29 -81.40 35.02 68.09
CA VAL NF 29 -81.92 35.60 66.85
C VAL NF 29 -83.32 35.06 66.63
N THR NF 30 -84.08 35.77 65.81
CA THR NF 30 -85.42 35.37 65.41
C THR NF 30 -85.42 35.11 63.92
N LEU NF 31 -85.69 33.87 63.53
CA LEU NF 31 -85.96 33.56 62.14
C LEU NF 31 -87.27 34.20 61.73
N VAL NF 32 -87.21 35.17 60.82
CA VAL NF 32 -88.39 35.92 60.43
C VAL NF 32 -88.78 35.66 58.98
N GLY NF 33 -87.89 35.16 58.15
CA GLY NF 33 -88.10 35.19 56.72
C GLY NF 33 -87.57 33.95 56.06
N TYR NF 34 -88.08 33.71 54.86
CA TYR NF 34 -87.74 32.53 54.07
C TYR NF 34 -88.07 32.87 52.63
N GLU NF 35 -87.05 32.88 51.77
CA GLU NF 35 -87.19 33.46 50.45
C GLU NF 35 -86.69 32.50 49.38
N LYS NF 36 -87.49 32.30 48.34
CA LYS NF 36 -87.13 31.52 47.17
C LYS NF 36 -86.98 32.47 45.99
N ILE NF 37 -85.85 32.39 45.30
CA ILE NF 37 -85.57 33.26 44.17
C ILE NF 37 -85.29 32.47 42.89
N GLY NF 38 -85.41 31.15 42.93
CA GLY NF 38 -85.21 30.32 41.77
C GLY NF 38 -83.85 29.64 41.74
N THR NF 39 -83.75 28.67 40.83
CA THR NF 39 -82.63 27.71 40.69
C THR NF 39 -82.21 27.06 42.00
N GLY NF 40 -83.16 26.78 42.89
CA GLY NF 40 -82.83 26.17 44.15
C GLY NF 40 -82.13 27.08 45.13
N ARG NF 41 -82.00 28.36 44.85
CA ARG NF 41 -81.38 29.31 45.75
C ARG NF 41 -82.41 29.74 46.78
N VAL NF 42 -82.26 29.27 48.01
CA VAL NF 42 -83.22 29.50 49.07
C VAL NF 42 -82.52 30.24 50.19
N THR NF 43 -83.15 31.30 50.70
CA THR NF 43 -82.55 32.17 51.70
C THR NF 43 -83.45 32.21 52.94
N VAL NF 44 -82.85 32.04 54.11
CA VAL NF 44 -83.52 32.28 55.38
C VAL NF 44 -82.92 33.52 56.03
N ILE NF 45 -83.77 34.28 56.71
CA ILE NF 45 -83.43 35.60 57.24
C ILE NF 45 -83.64 35.58 58.74
N VAL NF 46 -82.61 35.94 59.50
CA VAL NF 46 -82.73 36.06 60.95
C VAL NF 46 -82.58 37.52 61.34
N ARG NF 47 -83.20 37.88 62.47
CA ARG NF 47 -83.08 39.21 63.04
C ARG NF 47 -82.64 39.11 64.49
N GLY NF 48 -81.74 40.00 64.88
CA GLY NF 48 -81.31 40.07 66.25
C GLY NF 48 -80.23 41.11 66.39
N ASP NF 49 -79.59 41.14 67.56
CA ASP NF 49 -78.42 41.99 67.74
C ASP NF 49 -77.27 41.49 66.87
N VAL NF 50 -76.37 42.40 66.51
CA VAL NF 50 -75.33 42.13 65.53
C VAL NF 50 -74.35 41.06 66.02
N SER NF 51 -74.11 40.99 67.32
CA SER NF 51 -73.27 39.94 67.87
C SER NF 51 -73.99 38.60 67.84
N GLU NF 52 -75.31 38.61 68.10
CA GLU NF 52 -76.08 37.39 68.01
C GLU NF 52 -76.28 36.95 66.57
N VAL NF 53 -76.43 37.91 65.65
CA VAL NF 53 -76.60 37.58 64.25
C VAL NF 53 -75.30 37.04 63.66
N GLN NF 54 -74.16 37.59 64.08
CA GLN NF 54 -72.87 37.09 63.64
C GLN NF 54 -72.59 35.70 64.18
N ALA NF 55 -73.01 35.43 65.42
CA ALA NF 55 -72.78 34.12 66.02
C ALA NF 55 -73.70 33.07 65.41
N SER NF 56 -74.88 33.48 64.95
CA SER NF 56 -75.83 32.54 64.39
C SER NF 56 -75.50 32.22 62.94
N VAL NF 57 -75.20 33.25 62.14
CA VAL NF 57 -74.97 33.07 60.70
C VAL NF 57 -73.72 32.26 60.44
N SER NF 58 -72.69 32.43 61.28
CA SER NF 58 -71.50 31.59 61.16
C SER NF 58 -71.78 30.15 61.60
N ALA NF 59 -72.66 29.98 62.59
CA ALA NF 59 -73.00 28.64 63.04
C ALA NF 59 -73.97 27.95 62.09
N GLY NF 60 -74.81 28.72 61.40
CA GLY NF 60 -75.68 28.15 60.41
C GLY NF 60 -74.95 27.75 59.15
N THR NF 61 -73.79 28.34 58.90
CA THR NF 61 -72.99 27.98 57.73
C THR NF 61 -72.29 26.65 57.94
N GLU NF 62 -71.82 26.38 59.16
CA GLU NF 62 -71.11 25.13 59.42
C GLU NF 62 -72.04 23.94 59.47
N SER NF 63 -73.32 24.16 59.80
CA SER NF 63 -74.25 23.06 59.91
C SER NF 63 -74.77 22.56 58.57
N VAL NF 64 -74.57 23.34 57.50
CA VAL NF 64 -74.92 22.86 56.17
C VAL NF 64 -73.96 21.77 55.71
N LYS NF 65 -72.74 21.76 56.25
CA LYS NF 65 -71.79 20.67 55.98
C LYS NF 65 -72.26 19.34 56.57
N ARG NF 66 -73.13 19.38 57.59
CA ARG NF 66 -73.76 18.16 58.08
C ARG NF 66 -74.70 17.57 57.04
N VAL NF 67 -75.35 18.43 56.26
CA VAL NF 67 -76.30 17.98 55.25
C VAL NF 67 -75.54 17.48 54.03
N ASN NF 68 -75.87 16.26 53.59
CA ASN NF 68 -75.33 15.76 52.33
C ASN NF 68 -76.08 16.39 51.17
N GLY NF 69 -75.34 16.88 50.18
CA GLY NF 69 -75.97 17.59 49.09
C GLY NF 69 -76.37 19.01 49.41
N GLY NF 70 -75.92 19.53 50.56
CA GLY NF 70 -76.19 20.90 50.95
C GLY NF 70 -74.97 21.78 50.71
N GLN NF 71 -75.22 23.00 50.28
CA GLN NF 71 -74.17 23.93 49.90
C GLN NF 71 -74.60 25.36 50.18
N VAL NF 72 -73.80 26.08 50.94
CA VAL NF 72 -74.05 27.49 51.22
C VAL NF 72 -73.57 28.29 50.01
N LEU NF 73 -74.48 29.07 49.43
CA LEU NF 73 -74.11 29.89 48.28
C LEU NF 73 -73.61 31.26 48.71
N SER NF 74 -74.33 31.91 49.62
CA SER NF 74 -73.98 33.27 50.02
C SER NF 74 -74.50 33.52 51.43
N THR NF 75 -73.64 34.14 52.24
CA THR NF 75 -74.04 34.63 53.56
C THR NF 75 -73.75 36.12 53.63
N HIS NF 76 -74.57 36.83 54.38
CA HIS NF 76 -74.31 38.24 54.64
C HIS NF 76 -74.98 38.67 55.94
N ILE NF 77 -74.38 39.66 56.58
CA ILE NF 77 -74.88 40.26 57.81
C ILE NF 77 -74.90 41.77 57.64
N ILE NF 78 -76.07 42.37 57.81
CA ILE NF 78 -76.21 43.82 57.82
C ILE NF 78 -76.48 44.25 59.25
N ALA NF 79 -75.55 45.03 59.81
CA ALA NF 79 -75.58 45.32 61.24
C ALA NF 79 -76.69 46.30 61.61
N ARG NF 80 -76.99 47.25 60.73
CA ARG NF 80 -77.97 48.29 61.00
C ARG NF 80 -78.67 48.62 59.70
N PRO NF 81 -79.67 47.84 59.31
CA PRO NF 81 -80.35 48.10 58.05
C PRO NF 81 -81.25 49.33 58.13
N HIS NF 82 -81.43 49.95 56.98
CA HIS NF 82 -82.33 51.10 56.86
C HIS NF 82 -83.77 50.67 57.07
N GLU NF 83 -84.60 51.62 57.49
CA GLU NF 83 -86.01 51.34 57.75
C GLU NF 83 -86.80 51.11 56.46
N ASN NF 84 -86.24 51.51 55.31
CA ASN NF 84 -86.90 51.29 54.03
C ASN NF 84 -86.93 49.81 53.64
N LEU NF 85 -85.98 49.03 54.15
CA LEU NF 85 -85.82 47.66 53.68
C LEU NF 85 -86.87 46.71 54.24
N GLU NF 86 -87.45 47.03 55.39
CA GLU NF 86 -88.43 46.12 55.98
C GLU NF 86 -89.79 46.23 55.33
N TYR NF 87 -90.03 47.31 54.59
CA TYR NF 87 -91.32 47.49 53.93
C TYR NF 87 -91.30 46.94 52.51
N VAL NF 88 -90.10 46.70 51.97
CA VAL NF 88 -90.00 46.15 50.62
C VAL NF 88 -89.52 44.71 50.66
N LEU NF 89 -88.42 44.47 51.30
CA LEU NF 89 -87.82 43.15 51.35
C LEU NF 89 -88.42 42.34 52.49
N PRO NF 90 -88.52 41.00 52.35
CA PRO NF 90 -89.06 40.16 53.42
C PRO NF 90 -88.06 39.88 54.54
N ILE NF 91 -87.60 40.95 55.19
CA ILE NF 91 -86.72 40.86 56.34
C ILE NF 91 -87.37 41.34 57.62
N ARG NF 92 -88.67 41.64 57.58
CA ARG NF 92 -89.33 42.26 58.71
C ARG NF 92 -89.91 41.22 59.66
N TYR NF 93 -90.19 41.67 60.88
CA TYR NF 93 -90.89 40.85 61.85
C TYR NF 93 -92.36 40.76 61.48
N THR NF 94 -92.82 39.55 61.22
CA THR NF 94 -94.25 39.30 61.03
C THR NF 94 -94.92 39.07 62.38
N GLU NF 95 -96.25 39.01 62.35
CA GLU NF 95 -97.01 38.85 63.60
C GLU NF 95 -96.88 37.44 64.16
N GLU NF 96 -96.61 36.46 63.29
CA GLU NF 96 -96.49 35.07 63.73
C GLU NF 96 -95.21 34.83 64.51
N VAL NF 97 -94.18 35.64 64.28
CA VAL NF 97 -92.89 35.45 64.92
C VAL NF 97 -92.65 36.45 66.04
N GLU NF 98 -93.71 37.11 66.53
CA GLU NF 98 -93.54 38.06 67.62
C GLU NF 98 -93.32 37.39 68.96
N GLN NF 99 -93.63 36.10 69.08
CA GLN NF 99 -93.39 35.39 70.34
C GLN NF 99 -91.93 35.02 70.52
N PHE NF 100 -91.14 35.07 69.45
CA PHE NF 100 -89.74 34.68 69.50
C PHE NF 100 -88.78 35.87 69.53
N ARG NF 101 -89.29 37.09 69.48
CA ARG NF 101 -88.43 38.27 69.45
C ARG NF 101 -87.84 38.56 70.82
N ALA OF 2 -82.42 1.11 81.18
CA ALA OF 2 -83.73 1.56 80.70
C ALA OF 2 -83.56 2.69 79.69
N VAL OF 3 -83.16 3.86 80.19
CA VAL OF 3 -82.84 4.99 79.33
C VAL OF 3 -81.47 4.77 78.71
N ALA OF 4 -81.36 5.00 77.40
CA ALA OF 4 -80.12 4.75 76.68
C ALA OF 4 -79.01 5.70 77.11
N VAL OF 5 -77.77 5.34 76.79
CA VAL OF 5 -76.60 6.10 77.16
C VAL OF 5 -75.72 6.29 75.93
N GLY OF 6 -75.26 7.51 75.71
CA GLY OF 6 -74.33 7.80 74.64
C GLY OF 6 -73.15 8.58 75.16
N MET OF 7 -71.97 8.30 74.60
CA MET OF 7 -70.74 8.90 75.04
C MET OF 7 -69.99 9.44 73.84
N ILE OF 8 -69.43 10.63 73.99
CA ILE OF 8 -68.48 11.18 73.01
C ILE OF 8 -67.20 11.51 73.78
N GLU OF 9 -66.10 10.88 73.38
CA GLU OF 9 -64.80 11.18 73.95
C GLU OF 9 -64.02 12.07 73.00
N THR OF 10 -63.65 13.25 73.50
CA THR OF 10 -62.85 14.20 72.73
C THR OF 10 -61.50 14.36 73.38
N LEU OF 11 -60.55 14.85 72.59
CA LEU OF 11 -59.23 15.25 73.09
C LEU OF 11 -59.30 16.75 73.34
N GLY OF 12 -59.42 17.12 74.61
CA GLY OF 12 -59.52 18.53 74.95
C GLY OF 12 -60.85 18.93 75.55
N PHE OF 13 -60.81 19.89 76.46
CA PHE OF 13 -62.02 20.40 77.12
C PHE OF 13 -62.86 21.38 76.29
N PRO OF 14 -62.31 22.30 75.47
CA PRO OF 14 -63.21 23.07 74.60
C PRO OF 14 -63.95 22.23 73.58
N ALA OF 15 -63.40 21.11 73.16
CA ALA OF 15 -64.10 20.26 72.19
C ALA OF 15 -65.20 19.44 72.86
N VAL OF 16 -65.08 19.21 74.17
CA VAL OF 16 -66.06 18.36 74.84
C VAL OF 16 -67.24 19.19 75.32
N VAL OF 17 -67.08 20.51 75.40
CA VAL OF 17 -68.20 21.37 75.74
C VAL OF 17 -69.01 21.70 74.50
N GLU OF 18 -68.34 21.85 73.36
CA GLU OF 18 -69.05 22.01 72.09
C GLU OF 18 -69.76 20.72 71.69
N ALA OF 19 -69.16 19.57 72.02
CA ALA OF 19 -69.86 18.30 71.81
C ALA OF 19 -71.06 18.17 72.74
N ALA OF 20 -70.92 18.56 74.00
CA ALA OF 20 -72.03 18.44 74.94
C ALA OF 20 -73.12 19.45 74.64
N ASP OF 21 -72.76 20.63 74.13
CA ASP OF 21 -73.76 21.62 73.78
C ASP OF 21 -74.53 21.24 72.53
N ALA OF 22 -73.87 20.56 71.59
CA ALA OF 22 -74.54 20.16 70.37
C ALA OF 22 -75.40 18.92 70.60
N MET OF 23 -75.13 18.16 71.66
CA MET OF 23 -75.89 16.95 71.90
C MET OF 23 -77.26 17.27 72.50
N VAL OF 24 -77.31 18.18 73.47
CA VAL OF 24 -78.57 18.47 74.14
C VAL OF 24 -79.40 19.46 73.33
N LYS OF 25 -78.81 20.10 72.33
CA LYS OF 25 -79.58 20.95 71.44
C LYS OF 25 -80.19 20.16 70.30
N ALA OF 26 -79.54 19.07 69.89
CA ALA OF 26 -79.99 18.32 68.72
C ALA OF 26 -81.21 17.46 69.03
N ALA OF 27 -81.27 16.86 70.21
CA ALA OF 27 -82.35 15.95 70.54
C ALA OF 27 -82.68 16.06 72.02
N ARG OF 28 -83.66 15.25 72.44
CA ARG OF 28 -84.16 15.26 73.82
C ARG OF 28 -83.34 14.29 74.66
N VAL OF 29 -82.08 14.67 74.88
CA VAL OF 29 -81.19 13.91 75.75
C VAL OF 29 -80.82 14.79 76.93
N THR OF 30 -80.39 14.15 78.01
CA THR OF 30 -79.94 14.83 79.20
C THR OF 30 -78.45 14.56 79.37
N LEU OF 31 -77.64 15.60 79.28
CA LEU OF 31 -76.24 15.51 79.68
C LEU OF 31 -76.18 15.27 81.18
N VAL OF 32 -75.71 14.09 81.57
CA VAL OF 32 -75.68 13.71 82.97
C VAL OF 32 -74.27 13.60 83.52
N GLY OF 33 -73.27 13.44 82.68
CA GLY OF 33 -71.97 13.02 83.14
C GLY OF 33 -70.85 13.69 82.41
N TYR OF 34 -69.65 13.57 82.96
CA TYR OF 34 -68.47 14.26 82.50
C TYR OF 34 -67.27 13.54 83.10
N GLU OF 35 -66.45 12.92 82.26
CA GLU OF 35 -65.45 11.98 82.75
C GLU OF 35 -64.09 12.28 82.15
N LYS OF 36 -63.08 12.30 83.00
CA LYS OF 36 -61.68 12.48 82.61
C LYS OF 36 -60.92 11.22 82.98
N ILE OF 37 -60.20 10.65 82.02
CA ILE OF 37 -59.46 9.42 82.22
C ILE OF 37 -57.97 9.61 82.00
N GLY OF 38 -57.53 10.83 81.72
CA GLY OF 38 -56.12 11.11 81.47
C GLY OF 38 -55.81 11.23 79.99
N THR OF 39 -54.57 11.68 79.73
CA THR OF 39 -54.06 12.11 78.42
C THR OF 39 -55.00 13.05 77.67
N GLY OF 40 -55.69 13.94 78.39
CA GLY OF 40 -56.60 14.87 77.75
C GLY OF 40 -57.88 14.26 77.21
N ARG OF 41 -58.11 12.98 77.43
CA ARG OF 41 -59.28 12.30 76.91
C ARG OF 41 -60.46 12.58 77.84
N VAL OF 42 -61.43 13.35 77.35
CA VAL OF 42 -62.55 13.80 78.14
C VAL OF 42 -63.83 13.28 77.50
N THR OF 43 -64.72 12.73 78.32
CA THR OF 43 -65.93 12.07 77.84
C THR OF 43 -67.15 12.72 78.47
N VAL OF 44 -68.15 13.06 77.65
CA VAL OF 44 -69.45 13.50 78.13
C VAL OF 44 -70.47 12.40 77.87
N ILE OF 45 -71.40 12.24 78.80
CA ILE OF 45 -72.38 11.16 78.80
C ILE OF 45 -73.77 11.78 78.72
N VAL OF 46 -74.55 11.37 77.73
CA VAL OF 46 -75.94 11.80 77.61
C VAL OF 46 -76.86 10.61 77.86
N ARG OF 47 -78.05 10.91 78.35
CA ARG OF 47 -79.09 9.91 78.56
C ARG OF 47 -80.37 10.35 77.85
N GLY OF 48 -80.95 9.43 77.09
CA GLY OF 48 -82.24 9.68 76.48
C GLY OF 48 -82.77 8.41 75.87
N ASP OF 49 -83.73 8.56 74.97
CA ASP OF 49 -84.13 7.45 74.13
C ASP OF 49 -83.01 7.15 73.14
N VAL OF 50 -82.99 5.91 72.64
CA VAL OF 50 -81.90 5.47 71.78
C VAL OF 50 -81.90 6.21 70.44
N SER OF 51 -83.07 6.62 69.96
CA SER OF 51 -83.14 7.41 68.74
C SER OF 51 -82.67 8.84 68.99
N GLU OF 52 -82.97 9.38 70.17
CA GLU OF 52 -82.51 10.72 70.50
C GLU OF 52 -81.01 10.73 70.81
N VAL OF 53 -80.51 9.66 71.43
CA VAL OF 53 -79.09 9.56 71.70
C VAL OF 53 -78.30 9.40 70.41
N GLN OF 54 -78.87 8.68 69.43
CA GLN OF 54 -78.21 8.51 68.14
C GLN OF 54 -78.15 9.82 67.36
N ALA OF 55 -79.19 10.65 67.49
CA ALA OF 55 -79.18 11.94 66.82
C ALA OF 55 -78.26 12.92 67.53
N SER OF 56 -78.09 12.77 68.85
CA SER OF 56 -77.22 13.66 69.59
C SER OF 56 -75.75 13.33 69.37
N VAL OF 57 -75.41 12.04 69.44
CA VAL OF 57 -74.00 11.62 69.33
C VAL OF 57 -73.47 11.88 67.93
N SER OF 58 -74.33 11.74 66.92
CA SER OF 58 -73.91 12.08 65.56
C SER OF 58 -73.73 13.60 65.40
N ALA OF 59 -74.66 14.39 65.92
CA ALA OF 59 -74.56 15.84 65.78
C ALA OF 59 -73.48 16.42 66.67
N GLY OF 60 -73.21 15.77 67.80
CA GLY OF 60 -72.09 16.18 68.63
C GLY OF 60 -70.75 15.84 68.03
N THR OF 61 -70.72 14.89 67.08
CA THR OF 61 -69.46 14.49 66.46
C THR OF 61 -69.02 15.50 65.42
N GLU OF 62 -69.94 15.99 64.57
CA GLU OF 62 -69.53 16.94 63.54
C GLU OF 62 -69.31 18.33 64.12
N SER OF 63 -69.83 18.62 65.31
CA SER OF 63 -69.62 19.93 65.91
C SER OF 63 -68.22 20.08 66.49
N VAL OF 64 -67.51 18.98 66.75
CA VAL OF 64 -66.14 19.06 67.21
C VAL OF 64 -65.22 19.49 66.06
N LYS OF 65 -65.61 19.18 64.82
CA LYS OF 65 -64.82 19.56 63.65
C LYS OF 65 -64.75 21.07 63.46
N ARG OF 66 -65.69 21.83 64.00
CA ARG OF 66 -65.59 23.28 63.96
C ARG OF 66 -64.70 23.84 65.06
N VAL OF 67 -64.33 23.03 66.05
CA VAL OF 67 -63.37 23.45 67.07
C VAL OF 67 -61.97 23.14 66.55
N ASN OF 68 -61.12 24.16 66.48
CA ASN OF 68 -59.73 23.98 66.09
C ASN OF 68 -58.91 23.63 67.32
N GLY OF 69 -58.31 22.44 67.31
CA GLY OF 69 -57.54 21.94 68.42
C GLY OF 69 -58.18 20.80 69.17
N GLY OF 70 -59.39 20.37 68.77
CA GLY OF 70 -60.03 19.24 69.38
C GLY OF 70 -60.51 18.25 68.33
N GLN OF 71 -60.52 16.99 68.73
CA GLN OF 71 -60.93 15.92 67.83
C GLN OF 71 -61.70 14.86 68.61
N VAL OF 72 -62.62 14.21 67.92
CA VAL OF 72 -63.39 13.11 68.51
C VAL OF 72 -62.51 11.87 68.51
N LEU OF 73 -62.32 11.29 69.69
CA LEU OF 73 -61.51 10.08 69.80
C LEU OF 73 -62.37 8.83 69.67
N SER OF 74 -63.52 8.81 70.36
CA SER OF 74 -64.36 7.63 70.37
C SER OF 74 -65.78 8.04 70.71
N THR OF 75 -66.74 7.44 70.01
CA THR OF 75 -68.15 7.58 70.32
C THR OF 75 -68.77 6.20 70.48
N HIS OF 76 -69.78 6.10 71.33
CA HIS OF 76 -70.52 4.86 71.47
C HIS OF 76 -71.92 5.16 72.00
N ILE OF 77 -72.85 4.27 71.65
CA ILE OF 77 -74.25 4.36 72.05
C ILE OF 77 -74.67 2.97 72.51
N ILE OF 78 -75.28 2.90 73.70
CA ILE OF 78 -75.84 1.66 74.23
C ILE OF 78 -77.34 1.87 74.38
N ALA OF 79 -78.13 0.99 73.73
CA ALA OF 79 -79.56 1.20 73.61
C ALA OF 79 -80.27 1.05 74.96
N ARG OF 80 -79.80 0.15 75.80
CA ARG OF 80 -80.33 -0.04 77.14
C ARG OF 80 -79.23 -0.62 78.00
N PRO OF 81 -78.55 0.20 78.80
CA PRO OF 81 -77.49 -0.32 79.66
C PRO OF 81 -78.05 -1.18 80.78
N HIS OF 82 -77.20 -2.10 81.24
CA HIS OF 82 -77.54 -2.95 82.37
C HIS OF 82 -77.64 -2.12 83.64
N GLU OF 83 -78.42 -2.62 84.60
CA GLU OF 83 -78.60 -1.89 85.86
C GLU OF 83 -77.35 -1.93 86.72
N ASN OF 84 -76.40 -2.82 86.40
CA ASN OF 84 -75.12 -2.85 87.09
C ASN OF 84 -74.26 -1.64 86.77
N LEU OF 85 -74.43 -1.03 85.59
CA LEU OF 85 -73.51 -0.01 85.13
C LEU OF 85 -73.72 1.34 85.81
N GLU OF 86 -74.93 1.62 86.31
CA GLU OF 86 -75.17 2.91 86.94
C GLU OF 86 -74.51 2.99 88.31
N TYR OF 87 -74.29 1.86 88.97
CA TYR OF 87 -73.69 1.88 90.29
C TYR OF 87 -72.18 1.93 90.22
N VAL OF 88 -71.60 1.43 89.13
CA VAL OF 88 -70.14 1.40 89.01
C VAL OF 88 -69.65 2.56 88.16
N LEU OF 89 -70.20 2.71 86.98
CA LEU OF 89 -69.79 3.73 86.03
C LEU OF 89 -70.62 5.00 86.20
N PRO OF 90 -70.02 6.17 85.98
CA PRO OF 90 -70.74 7.45 86.19
C PRO OF 90 -71.63 7.83 85.01
N ILE OF 91 -72.62 6.98 84.71
CA ILE OF 91 -73.58 7.23 83.65
C ILE OF 91 -74.99 7.42 84.19
N ARG OF 92 -75.17 7.49 85.50
CA ARG OF 92 -76.49 7.56 86.07
C ARG OF 92 -76.98 9.00 86.13
N TYR OF 93 -78.30 9.15 86.23
CA TYR OF 93 -78.90 10.45 86.45
C TYR OF 93 -78.58 10.95 87.84
N THR OF 94 -77.96 12.12 87.93
CA THR OF 94 -77.78 12.76 89.21
C THR OF 94 -78.99 13.64 89.53
N GLU OF 95 -79.09 14.05 90.79
CA GLU OF 95 -80.24 14.85 91.21
C GLU OF 95 -80.10 16.30 90.80
N GLU OF 96 -78.93 16.71 90.33
CA GLU OF 96 -78.76 18.07 89.83
C GLU OF 96 -79.35 18.24 88.44
N VAL OF 97 -79.49 17.14 87.70
CA VAL OF 97 -79.94 17.20 86.31
C VAL OF 97 -81.30 16.54 86.12
N GLU OF 98 -82.06 16.36 87.21
CA GLU OF 98 -83.38 15.76 87.07
C GLU OF 98 -84.40 16.72 86.49
N GLN OF 99 -84.10 18.02 86.46
CA GLN OF 99 -84.99 18.98 85.82
C GLN OF 99 -84.93 18.90 84.30
N PHE OF 100 -83.85 18.36 83.76
CA PHE OF 100 -83.69 18.23 82.31
C PHE OF 100 -84.08 16.84 81.79
N ARG OF 101 -84.56 15.96 82.65
CA ARG OF 101 -84.93 14.61 82.24
C ARG OF 101 -86.26 14.59 81.49
N MET PF 1 -92.31 -19.24 48.34
CA MET PF 1 -92.96 -18.02 48.82
C MET PF 1 -94.17 -18.35 49.66
N GLN PF 2 -94.60 -17.37 50.46
CA GLN PF 2 -95.83 -17.45 51.22
C GLN PF 2 -96.63 -16.18 50.96
N MET PF 3 -97.95 -16.31 51.05
CA MET PF 3 -98.83 -15.15 51.00
C MET PF 3 -98.95 -14.55 52.39
N ALA PF 4 -98.75 -13.25 52.48
CA ALA PF 4 -98.79 -12.56 53.75
C ALA PF 4 -99.52 -11.24 53.59
N LYS PF 5 -100.08 -10.76 54.69
CA LYS PF 5 -100.75 -9.48 54.75
C LYS PF 5 -99.90 -8.52 55.58
N VAL PF 6 -99.67 -7.32 55.04
CA VAL PF 6 -98.88 -6.30 55.72
C VAL PF 6 -99.71 -5.79 56.90
N CYS PF 7 -99.28 -6.09 58.11
CA CYS PF 7 -100.02 -5.66 59.29
C CYS PF 7 -99.35 -4.49 59.99
N GLY PF 8 -98.06 -4.28 59.74
CA GLY PF 8 -97.42 -3.14 60.36
C GLY PF 8 -95.96 -3.02 60.00
N THR PF 9 -95.29 -2.14 60.75
CA THR PF 9 -93.88 -1.83 60.53
C THR PF 9 -93.10 -2.09 61.81
N VAL PF 10 -91.85 -2.50 61.65
CA VAL PF 10 -90.92 -2.68 62.76
C VAL PF 10 -89.76 -1.73 62.55
N VAL PF 11 -89.52 -0.85 63.52
CA VAL PF 11 -88.42 0.11 63.47
C VAL PF 11 -87.43 -0.27 64.55
N GLY PF 12 -86.18 -0.48 64.16
CA GLY PF 12 -85.11 -0.67 65.10
C GLY PF 12 -83.97 0.30 64.84
N THR PF 13 -83.58 1.07 65.84
CA THR PF 13 -82.51 2.04 65.65
C THR PF 13 -81.14 1.48 66.00
N GLN PF 14 -81.07 0.60 66.99
CA GLN PF 14 -79.83 -0.06 67.37
C GLN PF 14 -79.77 -1.39 66.62
N LYS PF 15 -79.00 -1.43 65.54
CA LYS PF 15 -78.99 -2.56 64.64
C LYS PF 15 -77.60 -2.74 64.08
N LEU PF 16 -77.46 -3.71 63.18
CA LEU PF 16 -76.20 -3.89 62.47
C LEU PF 16 -76.01 -2.78 61.44
N PRO PF 17 -74.77 -2.44 61.11
CA PRO PF 17 -74.54 -1.42 60.07
C PRO PF 17 -74.96 -1.86 58.68
N SER PF 18 -75.04 -3.18 58.43
CA SER PF 18 -75.53 -3.66 57.16
C SER PF 18 -77.05 -3.71 57.12
N MET PF 19 -77.71 -3.46 58.25
CA MET PF 19 -79.17 -3.46 58.28
C MET PF 19 -79.78 -2.08 58.10
N THR PF 20 -78.97 -1.06 57.79
CA THR PF 20 -79.53 0.28 57.63
C THR PF 20 -80.07 0.47 56.22
N GLY PF 21 -81.09 1.32 56.10
CA GLY PF 21 -81.78 1.49 54.85
C GLY PF 21 -82.78 0.41 54.51
N VAL PF 22 -82.86 -0.66 55.31
CA VAL PF 22 -83.75 -1.78 55.06
C VAL PF 22 -85.08 -1.49 55.72
N LYS PF 23 -86.14 -1.41 54.92
CA LYS PF 23 -87.49 -1.20 55.44
C LYS PF 23 -88.04 -2.54 55.91
N LEU PF 24 -88.51 -2.59 57.15
CA LEU PF 24 -88.93 -3.83 57.79
C LEU PF 24 -90.43 -3.80 58.03
N LEU PF 25 -91.14 -4.74 57.41
CA LEU PF 25 -92.58 -4.85 57.53
C LEU PF 25 -92.95 -6.04 58.38
N LEU PF 26 -93.92 -5.83 59.27
CA LEU PF 26 -94.54 -6.89 60.04
C LEU PF 26 -95.65 -7.49 59.19
N LEU PF 27 -95.45 -8.72 58.73
CA LEU PF 27 -96.40 -9.41 57.87
C LEU PF 27 -97.02 -10.58 58.61
N GLN PF 28 -98.34 -10.68 58.57
CA GLN PF 28 -99.03 -11.85 59.08
C GLN PF 28 -99.36 -12.78 57.92
N PHE PF 29 -99.05 -14.06 58.09
CA PHE PF 29 -99.30 -15.04 57.04
C PHE PF 29 -100.78 -15.33 56.92
N ILE PF 30 -101.25 -15.46 55.68
CA ILE PF 30 -102.63 -15.79 55.37
C ILE PF 30 -102.63 -17.14 54.67
N ASP PF 31 -103.72 -17.89 54.82
CA ASP PF 31 -103.78 -19.22 54.22
C ASP PF 31 -104.21 -19.12 52.76
N ALA PF 32 -104.42 -20.28 52.15
CA ALA PF 32 -104.89 -20.32 50.76
C ALA PF 32 -106.35 -19.89 50.66
N ASN PF 33 -107.11 -19.98 51.75
CA ASN PF 33 -108.50 -19.53 51.73
C ASN PF 33 -108.62 -18.04 51.96
N GLY PF 34 -107.57 -17.39 52.44
CA GLY PF 34 -107.57 -15.97 52.70
C GLY PF 34 -107.68 -15.55 54.15
N GLU PF 35 -107.78 -16.50 55.07
CA GLU PF 35 -107.89 -16.19 56.50
C GLU PF 35 -106.51 -16.01 57.10
N LEU PF 36 -106.44 -15.17 58.14
CA LEU PF 36 -105.16 -14.86 58.76
C LEU PF 36 -104.71 -16.03 59.64
N LEU PF 37 -103.50 -16.52 59.38
CA LEU PF 37 -102.89 -17.55 60.20
C LEU PF 37 -102.23 -16.91 61.43
N PRO PF 38 -102.15 -17.63 62.56
CA PRO PF 38 -101.42 -17.11 63.73
C PRO PF 38 -99.91 -17.32 63.62
N LYS PF 39 -99.32 -16.76 62.57
CA LYS PF 39 -97.90 -16.88 62.28
C LYS PF 39 -97.49 -15.65 61.51
N TYR PF 40 -96.36 -15.06 61.89
CA TYR PF 40 -95.93 -13.79 61.32
C TYR PF 40 -94.50 -13.88 60.81
N GLU PF 41 -94.04 -12.77 60.25
CA GLU PF 41 -92.67 -12.62 59.77
C GLU PF 41 -92.34 -11.14 59.73
N VAL PF 42 -91.06 -10.82 59.87
CA VAL PF 42 -90.54 -9.49 59.61
C VAL PF 42 -89.65 -9.61 58.37
N ALA PF 43 -89.98 -8.86 57.33
CA ALA PF 43 -89.32 -9.00 56.05
C ALA PF 43 -88.83 -7.66 55.54
N ALA PF 44 -87.74 -7.72 54.77
CA ALA PF 44 -87.31 -6.58 53.99
C ALA PF 44 -88.30 -6.31 52.86
N ASP PF 45 -88.45 -5.03 52.51
CA ASP PF 45 -89.47 -4.60 51.57
C ASP PF 45 -88.85 -3.76 50.46
N PRO PF 46 -88.32 -4.39 49.40
CA PRO PF 46 -87.86 -3.62 48.25
C PRO PF 46 -89.00 -3.15 47.36
N VAL PF 47 -90.03 -3.96 47.20
CA VAL PF 47 -91.24 -3.59 46.48
C VAL PF 47 -92.14 -2.87 47.48
N GLY PF 48 -92.38 -1.58 47.26
CA GLY PF 48 -92.96 -0.72 48.29
C GLY PF 48 -94.39 -1.11 48.63
N ALA PF 49 -94.60 -1.70 49.80
CA ALA PF 49 -95.88 -2.26 50.20
C ALA PF 49 -96.37 -1.57 51.45
N GLY PF 50 -97.65 -1.19 51.43
CA GLY PF 50 -98.26 -0.51 52.55
C GLY PF 50 -99.19 -1.42 53.33
N LEU PF 51 -99.76 -0.85 54.39
CA LEU PF 51 -100.53 -1.61 55.36
C LEU PF 51 -101.84 -2.09 54.76
N GLY PF 52 -102.07 -3.40 54.85
CA GLY PF 52 -103.25 -4.02 54.29
C GLY PF 52 -103.04 -4.77 53.01
N GLU PF 53 -101.89 -4.60 52.35
CA GLU PF 53 -101.66 -5.26 51.08
C GLU PF 53 -101.35 -6.73 51.26
N TRP PF 54 -101.60 -7.50 50.20
CA TRP PF 54 -101.21 -8.90 50.12
C TRP PF 54 -99.89 -8.98 49.40
N VAL PF 55 -98.91 -9.65 50.02
CA VAL PF 55 -97.56 -9.71 49.48
C VAL PF 55 -97.12 -11.16 49.38
N LEU PF 56 -96.16 -11.40 48.50
CA LEU PF 56 -95.43 -12.65 48.46
C LEU PF 56 -94.10 -12.43 49.17
N VAL PF 57 -93.83 -13.24 50.17
CA VAL PF 57 -92.59 -13.15 50.94
C VAL PF 57 -91.86 -14.49 50.86
N ASN PF 58 -90.57 -14.44 50.56
CA ASN PF 58 -89.77 -15.65 50.54
C ASN PF 58 -89.06 -15.81 51.88
N ARG PF 59 -88.40 -16.94 52.07
CA ARG PF 59 -87.70 -17.20 53.30
C ARG PF 59 -86.31 -17.70 52.98
N GLY PF 60 -85.37 -17.39 53.86
CA GLY PF 60 -84.04 -17.97 53.79
C GLY PF 60 -83.07 -17.22 52.91
N SER PF 61 -82.25 -17.97 52.19
CA SER PF 61 -81.18 -17.42 51.36
C SER PF 61 -81.70 -16.72 50.12
N ALA PF 62 -82.97 -16.89 49.76
CA ALA PF 62 -83.56 -16.22 48.62
C ALA PF 62 -83.78 -14.74 48.87
N ALA PF 63 -83.77 -14.30 50.14
CA ALA PF 63 -83.92 -12.90 50.47
C ALA PF 63 -82.68 -12.08 50.13
N ARG PF 64 -81.55 -12.74 49.84
CA ARG PF 64 -80.29 -12.07 49.54
C ARG PF 64 -79.94 -12.13 48.07
N GLN PF 65 -80.93 -12.16 47.18
CA GLN PF 65 -80.68 -12.35 45.75
C GLN PF 65 -80.94 -11.12 44.92
N THR PF 66 -81.45 -10.04 45.52
CA THR PF 66 -81.88 -8.86 44.76
C THR PF 66 -80.78 -7.83 44.56
N GLU PF 67 -79.52 -8.25 44.74
CA GLU PF 67 -78.25 -7.56 44.45
C GLU PF 67 -78.03 -6.27 45.25
N TYR PF 68 -78.97 -5.87 46.09
CA TYR PF 68 -78.67 -4.91 47.14
C TYR PF 68 -78.94 -5.46 48.53
N HIS PF 69 -79.33 -6.73 48.63
CA HIS PF 69 -79.47 -7.44 49.89
C HIS PF 69 -78.47 -8.56 50.02
N GLN PF 70 -77.39 -8.53 49.24
CA GLN PF 70 -76.56 -9.71 49.01
C GLN PF 70 -75.75 -10.10 50.25
N ASN PF 71 -75.09 -9.15 50.89
CA ASN PF 71 -74.30 -9.42 52.08
C ASN PF 71 -75.00 -8.91 53.33
N ARG PF 72 -76.32 -8.78 53.27
CA ARG PF 72 -77.19 -8.32 54.34
C ARG PF 72 -77.78 -9.50 55.10
N PRO PF 73 -77.85 -9.43 56.42
CA PRO PF 73 -78.38 -10.54 57.23
C PRO PF 73 -79.90 -10.62 57.20
N LEU PF 74 -80.43 -10.98 56.04
CA LEU PF 74 -81.87 -11.02 55.81
C LEU PF 74 -82.30 -12.44 55.47
N ASP PF 75 -83.38 -12.89 56.09
CA ASP PF 75 -83.95 -14.21 55.81
C ASP PF 75 -85.41 -14.14 55.40
N ALA PF 76 -85.91 -12.96 55.08
CA ALA PF 76 -87.28 -12.78 54.63
C ALA PF 76 -87.36 -11.50 53.82
N MET PF 77 -88.07 -11.55 52.70
CA MET PF 77 -88.12 -10.42 51.79
C MET PF 77 -89.43 -10.45 51.02
N VAL PF 78 -90.13 -9.33 51.00
CA VAL PF 78 -91.28 -9.16 50.11
C VAL PF 78 -90.77 -9.11 48.67
N VAL PF 79 -91.18 -10.07 47.85
CA VAL PF 79 -90.70 -10.13 46.48
C VAL PF 79 -91.75 -9.67 45.48
N ALA PF 80 -93.03 -9.61 45.87
CA ALA PF 80 -94.10 -9.23 44.97
C ALA PF 80 -95.27 -8.73 45.78
N ILE PF 81 -95.93 -7.70 45.27
CA ILE PF 81 -97.24 -7.30 45.75
C ILE PF 81 -98.27 -8.07 44.95
N ILE PF 82 -99.16 -8.76 45.65
CA ILE PF 82 -100.11 -9.65 44.99
C ILE PF 82 -101.21 -8.82 44.33
N ASP PF 83 -101.37 -9.00 43.02
CA ASP PF 83 -102.50 -8.41 42.29
C ASP PF 83 -103.75 -9.26 42.47
N THR PF 84 -103.72 -10.52 42.05
CA THR PF 84 -104.89 -11.36 42.14
C THR PF 84 -104.49 -12.79 42.48
N VAL PF 85 -105.35 -13.47 43.22
CA VAL PF 85 -105.22 -14.89 43.54
C VAL PF 85 -106.43 -15.61 42.97
N THR PF 86 -106.19 -16.57 42.09
CA THR PF 86 -107.24 -17.38 41.51
C THR PF 86 -107.10 -18.78 42.08
N VAL PF 87 -108.16 -19.29 42.71
CA VAL PF 87 -108.19 -20.63 43.28
C VAL PF 87 -109.36 -21.38 42.65
N ASN PF 88 -109.06 -22.50 41.99
CA ASN PF 88 -110.04 -23.36 41.31
C ASN PF 88 -110.83 -22.58 40.26
N ASN PF 89 -110.11 -21.79 39.47
CA ASN PF 89 -110.60 -20.85 38.45
C ASN PF 89 -111.54 -19.79 39.00
N ARG PF 90 -111.53 -19.55 40.30
CA ARG PF 90 -112.34 -18.52 40.94
C ARG PF 90 -111.41 -17.50 41.57
N ARG PF 91 -111.66 -16.22 41.30
CA ARG PF 91 -110.84 -15.15 41.84
C ARG PF 91 -111.09 -15.02 43.34
N LEU PF 92 -110.04 -15.22 44.13
CA LEU PF 92 -110.11 -15.10 45.57
C LEU PF 92 -109.69 -13.73 46.08
N TYR PF 93 -108.78 -13.06 45.38
CA TYR PF 93 -108.29 -11.75 45.77
C TYR PF 93 -108.18 -10.89 44.53
N GLY PF 94 -108.40 -9.59 44.71
CA GLY PF 94 -108.27 -8.64 43.61
C GLY PF 94 -109.56 -8.41 42.86
N ALA QF 2 -41.75 101.03 34.41
CA ALA QF 2 -42.55 101.91 33.57
C ALA QF 2 -43.48 101.10 32.67
N VAL QF 3 -43.89 101.73 31.57
CA VAL QF 3 -44.72 101.07 30.56
C VAL QF 3 -43.90 99.98 29.89
N ALA QF 4 -44.54 98.84 29.60
CA ALA QF 4 -43.83 97.65 29.16
C ALA QF 4 -43.20 97.83 27.79
N VAL QF 5 -42.11 97.13 27.55
CA VAL QF 5 -41.33 97.23 26.32
C VAL QF 5 -41.18 95.84 25.72
N GLY QF 6 -41.43 95.73 24.43
CA GLY QF 6 -41.22 94.50 23.69
C GLY QF 6 -40.27 94.73 22.54
N MET QF 7 -39.38 93.77 22.30
CA MET QF 7 -38.38 93.87 21.25
C MET QF 7 -38.42 92.61 20.42
N ILE QF 8 -38.35 92.77 19.10
CA ILE QF 8 -38.15 91.66 18.18
C ILE QF 8 -36.94 91.98 17.33
N GLU QF 9 -35.91 91.16 17.43
CA GLU QF 9 -34.72 91.30 16.63
C GLU QF 9 -34.76 90.32 15.47
N THR QF 10 -34.73 90.83 14.26
CA THR QF 10 -34.73 89.99 13.06
C THR QF 10 -33.43 90.19 12.30
N LEU QF 11 -33.14 89.22 11.43
CA LEU QF 11 -32.01 89.29 10.52
C LEU QF 11 -32.54 89.75 9.17
N GLY QF 12 -32.45 91.05 8.90
CA GLY QF 12 -32.96 91.59 7.67
C GLY QF 12 -34.00 92.68 7.86
N PHE QF 13 -34.00 93.66 6.95
CA PHE QF 13 -34.94 94.77 6.99
C PHE QF 13 -36.37 94.47 6.51
N PRO QF 14 -36.62 93.64 5.47
CA PRO QF 14 -38.02 93.27 5.21
C PRO QF 14 -38.65 92.43 6.32
N ALA QF 15 -37.85 91.68 7.08
CA ALA QF 15 -38.38 90.91 8.19
C ALA QF 15 -38.71 91.79 9.37
N VAL QF 16 -38.03 92.93 9.51
CA VAL QF 16 -38.24 93.76 10.69
C VAL QF 16 -39.39 94.74 10.46
N VAL QF 17 -39.71 95.03 9.20
CA VAL QF 17 -40.86 95.87 8.91
C VAL QF 17 -42.15 95.06 9.04
N GLU QF 18 -42.10 93.78 8.66
CA GLU QF 18 -43.21 92.88 8.93
C GLU QF 18 -43.38 92.63 10.42
N ALA QF 19 -42.26 92.54 11.16
CA ALA QF 19 -42.35 92.43 12.61
C ALA QF 19 -42.93 93.70 13.22
N ALA QF 20 -42.54 94.87 12.71
CA ALA QF 20 -43.08 96.12 13.24
C ALA QF 20 -44.53 96.30 12.82
N ASP QF 21 -44.89 95.85 11.62
CA ASP QF 21 -46.27 95.99 11.15
C ASP QF 21 -47.21 95.04 11.87
N ALA QF 22 -46.78 93.80 12.11
CA ALA QF 22 -47.66 92.83 12.75
C ALA QF 22 -47.82 93.11 14.23
N MET QF 23 -46.84 93.77 14.85
CA MET QF 23 -46.93 94.06 16.28
C MET QF 23 -47.98 95.13 16.55
N VAL QF 24 -48.00 96.19 15.75
CA VAL QF 24 -48.94 97.27 16.01
C VAL QF 24 -50.29 96.97 15.39
N LYS QF 25 -50.41 95.89 14.61
CA LYS QF 25 -51.70 95.49 14.08
C LYS QF 25 -52.34 94.41 14.95
N ALA QF 26 -51.55 93.70 15.76
CA ALA QF 26 -52.11 92.64 16.59
C ALA QF 26 -52.72 93.20 17.87
N ALA QF 27 -52.17 94.28 18.39
CA ALA QF 27 -52.62 94.82 19.66
C ALA QF 27 -52.37 96.32 19.69
N ARG QF 28 -52.75 96.93 20.81
CA ARG QF 28 -52.65 98.38 21.00
C ARG QF 28 -51.29 98.70 21.62
N VAL QF 29 -50.26 98.61 20.78
CA VAL QF 29 -48.91 98.98 21.17
C VAL QF 29 -48.46 100.14 20.30
N THR QF 30 -47.40 100.80 20.73
CA THR QF 30 -46.81 101.92 20.00
C THR QF 30 -45.39 101.55 19.61
N LEU QF 31 -45.15 101.38 18.32
CA LEU QF 31 -43.80 101.22 17.81
C LEU QF 31 -43.05 102.53 18.01
N VAL QF 32 -42.01 102.50 18.85
CA VAL QF 32 -41.29 103.70 19.22
C VAL QF 32 -39.87 103.72 18.67
N GLY QF 33 -39.30 102.59 18.34
CA GLY QF 33 -37.87 102.51 18.11
C GLY QF 33 -37.53 101.56 17.00
N TYR QF 34 -36.34 101.76 16.45
CA TYR QF 34 -35.84 100.98 15.33
C TYR QF 34 -34.32 101.00 15.45
N GLU QF 35 -33.73 99.86 15.80
CA GLU QF 35 -32.37 99.81 16.28
C GLU QF 35 -31.54 98.86 15.43
N LYS QF 36 -30.41 99.36 14.94
CA LYS QF 36 -29.46 98.58 14.14
C LYS QF 36 -28.16 98.47 14.91
N ILE QF 37 -27.67 97.25 15.08
CA ILE QF 37 -26.46 96.97 15.84
C ILE QF 37 -25.39 96.29 14.99
N GLY QF 38 -25.61 96.18 13.68
CA GLY QF 38 -24.65 95.55 12.80
C GLY QF 38 -24.96 94.09 12.52
N THR QF 39 -24.27 93.55 11.52
CA THR QF 39 -24.50 92.25 10.88
C THR QF 39 -25.96 91.99 10.52
N GLY QF 40 -26.69 93.03 10.11
CA GLY QF 40 -28.08 92.87 9.74
C GLY QF 40 -29.04 92.65 10.89
N ARG QF 41 -28.55 92.62 12.13
CA ARG QF 41 -29.40 92.44 13.30
C ARG QF 41 -30.14 93.74 13.56
N VAL QF 42 -31.43 93.76 13.25
CA VAL QF 42 -32.25 94.95 13.38
C VAL QF 42 -33.35 94.66 14.40
N THR QF 43 -33.58 95.59 15.31
CA THR QF 43 -34.55 95.44 16.39
C THR QF 43 -35.57 96.57 16.32
N VAL QF 44 -36.85 96.21 16.34
CA VAL QF 44 -37.93 97.17 16.53
C VAL QF 44 -38.42 97.06 17.97
N ILE QF 45 -38.79 98.20 18.53
CA ILE QF 45 -39.14 98.33 19.95
C ILE QF 45 -40.56 98.89 20.03
N VAL QF 46 -41.44 98.15 20.70
CA VAL QF 46 -42.79 98.62 20.92
C VAL QF 46 -42.99 98.87 22.41
N ARG QF 47 -43.88 99.81 22.72
CA ARG QF 47 -44.29 100.09 24.10
C ARG QF 47 -45.79 99.90 24.23
N GLY QF 48 -46.24 99.62 25.44
CA GLY QF 48 -47.66 99.50 25.68
C GLY QF 48 -47.91 98.73 26.96
N ASP QF 49 -49.18 98.35 27.14
CA ASP QF 49 -49.55 97.52 28.27
C ASP QF 49 -49.00 96.11 28.09
N VAL QF 50 -48.95 95.38 29.20
CA VAL QF 50 -48.31 94.06 29.21
C VAL QF 50 -49.12 93.06 28.41
N SER QF 51 -50.45 93.17 28.47
CA SER QF 51 -51.31 92.32 27.66
C SER QF 51 -51.15 92.61 26.18
N GLU QF 52 -50.98 93.87 25.82
CA GLU QF 52 -50.81 94.23 24.41
C GLU QF 52 -49.43 93.86 23.90
N VAL QF 53 -48.39 94.07 24.71
CA VAL QF 53 -47.02 93.79 24.27
C VAL QF 53 -46.79 92.28 24.15
N GLN QF 54 -47.38 91.50 25.06
CA GLN QF 54 -47.28 90.04 24.96
C GLN QF 54 -48.01 89.51 23.75
N ALA QF 55 -49.14 90.12 23.39
CA ALA QF 55 -49.86 89.70 22.19
C ALA QF 55 -49.15 90.15 20.94
N SER QF 56 -48.46 91.29 20.99
CA SER QF 56 -47.79 91.83 19.80
C SER QF 56 -46.53 91.06 19.47
N VAL QF 57 -45.69 90.80 20.48
CA VAL QF 57 -44.41 90.13 20.25
C VAL QF 57 -44.63 88.68 19.84
N SER QF 58 -45.66 88.04 20.41
CA SER QF 58 -45.96 86.65 20.05
C SER QF 58 -46.55 86.56 18.66
N ALA QF 59 -47.32 87.56 18.23
CA ALA QF 59 -47.87 87.55 16.88
C ALA QF 59 -46.88 88.12 15.88
N GLY QF 60 -46.01 89.04 16.33
CA GLY QF 60 -44.98 89.56 15.46
C GLY QF 60 -43.90 88.54 15.16
N THR QF 61 -43.69 87.58 16.06
CA THR QF 61 -42.69 86.54 15.82
C THR QF 61 -43.18 85.55 14.76
N GLU QF 62 -44.47 85.22 14.79
CA GLU QF 62 -45.01 84.26 13.83
C GLU QF 62 -45.16 84.87 12.44
N SER QF 63 -45.19 86.19 12.34
CA SER QF 63 -45.34 86.83 11.04
C SER QF 63 -44.04 86.88 10.26
N VAL QF 64 -42.90 86.96 10.97
CA VAL QF 64 -41.59 86.96 10.32
C VAL QF 64 -41.30 85.63 9.65
N LYS QF 65 -41.80 84.52 10.18
CA LYS QF 65 -41.66 83.23 9.52
C LYS QF 65 -42.81 82.98 8.54
N ARG QF 66 -43.12 84.00 7.75
CA ARG QF 66 -44.01 83.95 6.60
C ARG QF 66 -43.38 84.86 5.55
N VAL QF 67 -42.22 85.41 5.88
CA VAL QF 67 -41.39 86.22 5.00
C VAL QF 67 -40.25 85.35 4.50
N ASN QF 68 -40.04 85.35 3.18
CA ASN QF 68 -38.92 84.60 2.63
C ASN QF 68 -37.61 85.32 2.95
N GLY QF 69 -36.65 84.58 3.49
CA GLY QF 69 -35.44 85.20 3.97
C GLY QF 69 -35.57 85.89 5.30
N GLY QF 70 -36.70 85.72 5.98
CA GLY QF 70 -36.94 86.33 7.27
C GLY QF 70 -36.56 85.36 8.38
N GLN QF 71 -35.89 85.89 9.41
CA GLN QF 71 -35.38 85.09 10.49
C GLN QF 71 -35.46 85.88 11.79
N VAL QF 72 -36.17 85.33 12.78
CA VAL QF 72 -36.22 85.93 14.12
C VAL QF 72 -34.96 85.51 14.85
N LEU QF 73 -34.19 86.49 15.31
CA LEU QF 73 -33.00 86.17 16.09
C LEU QF 73 -33.31 86.11 17.58
N SER QF 74 -33.97 87.13 18.10
CA SER QF 74 -34.25 87.20 19.53
C SER QF 74 -35.44 88.10 19.78
N THR QF 75 -36.36 87.62 20.62
CA THR QF 75 -37.50 88.40 21.08
C THR QF 75 -37.48 88.45 22.59
N HIS QF 76 -37.97 89.55 23.14
CA HIS QF 76 -38.08 89.67 24.59
C HIS QF 76 -39.15 90.68 24.94
N ILE QF 77 -39.76 90.48 26.11
CA ILE QF 77 -40.74 91.37 26.69
C ILE QF 77 -40.28 91.69 28.11
N ILE QF 78 -40.18 92.98 28.42
CA ILE QF 78 -39.95 93.44 29.79
C ILE QF 78 -41.21 94.14 30.26
N ALA QF 79 -41.91 93.52 31.22
CA ALA QF 79 -43.23 93.98 31.60
C ALA QF 79 -43.19 95.27 32.39
N ARG QF 80 -42.10 95.50 33.13
CA ARG QF 80 -41.97 96.69 33.96
C ARG QF 80 -40.52 97.13 33.94
N PRO QF 81 -40.11 97.85 32.90
CA PRO QF 81 -38.72 98.30 32.84
C PRO QF 81 -38.46 99.42 33.82
N HIS QF 82 -37.23 99.47 34.31
CA HIS QF 82 -36.79 100.51 35.23
C HIS QF 82 -36.77 101.85 34.53
N GLU QF 83 -36.99 102.91 35.32
CA GLU QF 83 -37.00 104.26 34.78
C GLU QF 83 -35.60 104.74 34.37
N ASN QF 84 -34.55 104.02 34.77
CA ASN QF 84 -33.21 104.29 34.27
C ASN QF 84 -33.06 103.95 32.80
N LEU QF 85 -33.84 102.98 32.30
CA LEU QF 85 -33.58 102.39 30.99
C LEU QF 85 -34.01 103.30 29.85
N GLU QF 86 -35.02 104.15 30.06
CA GLU QF 86 -35.50 104.99 28.97
C GLU QF 86 -34.51 106.10 28.63
N TYR QF 87 -33.66 106.47 29.59
CA TYR QF 87 -32.73 107.57 29.36
C TYR QF 87 -31.45 107.10 28.67
N VAL QF 88 -31.11 105.82 28.83
CA VAL QF 88 -29.88 105.32 28.24
C VAL QF 88 -30.17 104.56 26.96
N LEU QF 89 -31.15 103.71 26.97
CA LEU QF 89 -31.49 102.87 25.83
C LEU QF 89 -32.53 103.55 24.96
N PRO QF 90 -32.50 103.34 23.64
CA PRO QF 90 -33.50 103.94 22.74
C PRO QF 90 -34.82 103.17 22.73
N ILE QF 91 -35.47 103.10 23.88
CA ILE QF 91 -36.78 102.46 24.03
C ILE QF 91 -37.86 103.42 24.45
N ARG QF 92 -37.60 104.72 24.41
CA ARG QF 92 -38.53 105.69 24.96
C ARG QF 92 -39.43 106.26 23.88
N TYR QF 93 -40.53 106.86 24.33
CA TYR QF 93 -41.44 107.54 23.42
C TYR QF 93 -40.81 108.83 22.89
N THR QF 94 -40.70 108.92 21.58
CA THR QF 94 -40.30 110.17 20.95
C THR QF 94 -41.54 111.02 20.65
N GLU QF 95 -41.31 112.27 20.25
CA GLU QF 95 -42.43 113.18 20.00
C GLU QF 95 -43.12 112.88 18.68
N GLU QF 96 -42.48 112.08 17.81
CA GLU QF 96 -43.12 111.70 16.55
C GLU QF 96 -44.19 110.63 16.79
N VAL QF 97 -44.07 109.88 17.88
CA VAL QF 97 -44.97 108.76 18.15
C VAL QF 97 -45.90 109.04 19.33
N GLU QF 98 -46.04 110.31 19.73
CA GLU QF 98 -46.93 110.65 20.83
C GLU QF 98 -48.40 110.61 20.44
N GLN QF 99 -48.71 110.53 19.15
CA GLN QF 99 -50.11 110.44 18.74
C GLN QF 99 -50.63 109.01 18.84
N PHE QF 100 -49.73 108.03 18.92
CA PHE QF 100 -50.13 106.63 18.94
C PHE QF 100 -50.17 106.04 20.34
N ARG QF 101 -49.75 106.78 21.36
CA ARG QF 101 -49.75 106.27 22.72
C ARG QF 101 -51.17 106.23 23.30
N ALA RF 2 -12.17 105.74 40.94
CA ALA RF 2 -13.50 106.33 40.92
C ALA RF 2 -14.54 105.32 41.36
N VAL RF 3 -15.82 105.67 41.13
CA VAL RF 3 -16.92 104.75 41.38
C VAL RF 3 -16.82 103.59 40.40
N ALA RF 4 -17.08 102.37 40.88
CA ALA RF 4 -16.81 101.16 40.12
C ALA RF 4 -17.70 101.06 38.89
N VAL RF 5 -17.17 100.42 37.85
CA VAL RF 5 -17.84 100.29 36.57
C VAL RF 5 -18.00 98.81 36.23
N GLY RF 6 -19.20 98.43 35.84
CA GLY RF 6 -19.45 97.08 35.37
C GLY RF 6 -20.01 97.10 33.97
N MET RF 7 -19.55 96.16 33.16
CA MET RF 7 -19.94 96.08 31.75
C MET RF 7 -20.43 94.69 31.45
N ILE RF 8 -21.51 94.59 30.68
CA ILE RF 8 -21.98 93.33 30.12
C ILE RF 8 -22.11 93.51 28.63
N GLU RF 9 -21.36 92.71 27.87
CA GLU RF 9 -21.47 92.70 26.42
C GLU RF 9 -22.29 91.50 25.99
N THR RF 10 -23.37 91.76 25.24
CA THR RF 10 -24.21 90.71 24.72
C THR RF 10 -24.19 90.73 23.19
N LEU RF 11 -24.62 89.63 22.60
CA LEU RF 11 -24.86 89.55 21.17
C LEU RF 11 -26.35 89.73 20.95
N GLY RF 12 -26.75 90.95 20.61
CA GLY RF 12 -28.15 91.24 20.41
C GLY RF 12 -28.69 92.34 21.29
N PHE RF 13 -29.61 93.12 20.75
CA PHE RF 13 -30.25 94.21 21.49
C PHE RF 13 -31.35 93.77 22.47
N PRO RF 14 -32.21 92.76 22.20
CA PRO RF 14 -33.09 92.31 23.29
C PRO RF 14 -32.36 91.67 24.46
N ALA RF 15 -31.17 91.11 24.24
CA ALA RF 15 -30.41 90.55 25.35
C ALA RF 15 -29.78 91.64 26.20
N VAL RF 16 -29.51 92.81 25.60
CA VAL RF 16 -28.78 93.84 26.34
C VAL RF 16 -29.74 94.73 27.12
N VAL RF 17 -31.03 94.73 26.74
CA VAL RF 17 -32.01 95.50 27.51
C VAL RF 17 -32.47 94.69 28.71
N GLU RF 18 -32.58 93.37 28.56
CA GLU RF 18 -32.88 92.51 29.69
C GLU RF 18 -31.71 92.44 30.67
N ALA RF 19 -30.48 92.48 30.16
CA ALA RF 19 -29.32 92.55 31.03
C ALA RF 19 -29.26 93.88 31.77
N ALA RF 20 -29.61 94.98 31.09
CA ALA RF 20 -29.60 96.29 31.73
C ALA RF 20 -30.75 96.43 32.71
N ASP RF 21 -31.89 95.79 32.43
CA ASP RF 21 -33.01 95.86 33.36
C ASP RF 21 -32.81 94.97 34.57
N ALA RF 22 -32.10 93.86 34.40
CA ALA RF 22 -31.79 93.01 35.54
C ALA RF 22 -30.75 93.65 36.45
N MET RF 23 -29.87 94.46 35.89
CA MET RF 23 -28.77 95.03 36.66
C MET RF 23 -29.27 96.11 37.62
N VAL RF 24 -30.11 97.01 37.14
CA VAL RF 24 -30.53 98.13 37.97
C VAL RF 24 -31.63 97.73 38.92
N LYS RF 25 -32.21 96.54 38.73
CA LYS RF 25 -33.17 96.03 39.71
C LYS RF 25 -32.47 95.21 40.78
N ALA RF 26 -31.32 94.63 40.47
CA ALA RF 26 -30.66 93.72 41.41
C ALA RF 26 -29.92 94.48 42.49
N ALA RF 27 -29.41 95.67 42.19
CA ALA RF 27 -28.60 96.40 43.14
C ALA RF 27 -28.75 97.90 42.89
N ARG RF 28 -28.02 98.68 43.68
CA ARG RF 28 -28.06 100.15 43.59
C ARG RF 28 -26.99 100.63 42.63
N VAL RF 29 -27.11 100.16 41.38
CA VAL RF 29 -26.23 100.61 40.31
C VAL RF 29 -27.03 101.56 39.44
N THR RF 30 -26.30 102.44 38.76
CA THR RF 30 -26.87 103.36 37.80
C THR RF 30 -26.41 102.97 36.41
N LEU RF 31 -27.35 102.58 35.56
CA LEU RF 31 -27.06 102.39 34.15
C LEU RF 31 -26.76 103.74 33.53
N VAL RF 32 -25.53 103.91 33.07
CA VAL RF 32 -25.09 105.19 32.52
C VAL RF 32 -24.73 105.11 31.04
N GLY RF 33 -24.50 103.92 30.51
CA GLY RF 33 -23.82 103.81 29.23
C GLY RF 33 -24.46 102.76 28.35
N TYR RF 34 -24.26 102.94 27.06
CA TYR RF 34 -24.82 102.06 26.04
C TYR RF 34 -23.91 102.18 24.82
N GLU RF 35 -23.25 101.09 24.45
CA GLU RF 35 -22.18 101.16 23.46
C GLU RF 35 -22.36 100.08 22.40
N LYS RF 36 -22.25 100.49 21.15
CA LYS RF 36 -22.28 99.58 20.00
C LYS RF 36 -20.93 99.62 19.32
N ILE RF 37 -20.32 98.45 19.13
CA ILE RF 37 -19.00 98.35 18.54
C ILE RF 37 -19.01 97.53 17.26
N GLY RF 38 -20.19 97.13 16.79
CA GLY RF 38 -20.32 96.40 15.55
C GLY RF 38 -20.50 94.90 15.75
N THR RF 39 -21.03 94.27 14.69
CA THR RF 39 -21.40 92.85 14.63
C THR RF 39 -22.27 92.39 15.79
N GLY RF 40 -23.23 93.20 16.20
CA GLY RF 40 -24.15 92.79 17.23
C GLY RF 40 -23.60 92.80 18.63
N ARG RF 41 -22.35 93.20 18.83
CA ARG RF 41 -21.76 93.27 20.15
C ARG RF 41 -22.19 94.57 20.80
N VAL RF 42 -23.12 94.47 21.75
CA VAL RF 42 -23.72 95.63 22.40
C VAL RF 42 -23.37 95.57 23.88
N THR RF 43 -22.94 96.70 24.44
CA THR RF 43 -22.47 96.77 25.81
C THR RF 43 -23.28 97.80 26.59
N VAL RF 44 -23.76 97.42 27.76
CA VAL RF 44 -24.35 98.34 28.72
C VAL RF 44 -23.39 98.49 29.90
N ILE RF 45 -23.35 99.69 30.46
CA ILE RF 45 -22.37 100.09 31.46
C ILE RF 45 -23.10 100.60 32.68
N VAL RF 46 -22.84 100.00 33.84
CA VAL RF 46 -23.40 100.45 35.10
C VAL RF 46 -22.30 101.02 35.98
N ARG RF 47 -22.69 101.93 36.86
CA ARG RF 47 -21.80 102.50 37.86
C ARG RF 47 -22.41 102.33 39.24
N GLY RF 48 -21.56 102.05 40.22
CA GLY RF 48 -22.02 101.95 41.59
C GLY RF 48 -20.88 101.49 42.47
N ASP RF 49 -21.19 101.19 43.72
CA ASP RF 49 -20.22 100.57 44.59
C ASP RF 49 -19.93 99.16 44.10
N VAL RF 50 -18.71 98.67 44.41
CA VAL RF 50 -18.21 97.44 43.81
C VAL RF 50 -18.99 96.22 44.30
N SER RF 51 -19.56 96.28 45.50
CA SER RF 51 -20.44 95.21 45.95
C SER RF 51 -21.76 95.22 45.18
N GLU RF 52 -22.27 96.41 44.87
CA GLU RF 52 -23.49 96.51 44.09
C GLU RF 52 -23.23 96.19 42.63
N VAL RF 53 -22.06 96.57 42.11
CA VAL RF 53 -21.74 96.31 40.71
C VAL RF 53 -21.50 94.82 40.49
N GLN RF 54 -20.87 94.14 41.45
CA GLN RF 54 -20.67 92.70 41.36
C GLN RF 54 -21.99 91.95 41.45
N ALA RF 55 -22.92 92.46 42.25
CA ALA RF 55 -24.21 91.80 42.40
C ALA RF 55 -25.10 92.02 41.18
N SER RF 56 -24.94 93.18 40.52
CA SER RF 56 -25.79 93.49 39.37
C SER RF 56 -25.28 92.79 38.12
N VAL RF 57 -23.97 92.84 37.87
CA VAL RF 57 -23.39 92.26 36.66
C VAL RF 57 -23.56 90.74 36.65
N SER RF 58 -23.49 90.12 37.83
CA SER RF 58 -23.78 88.70 37.94
C SER RF 58 -25.24 88.41 37.65
N ALA RF 59 -26.14 89.22 38.19
CA ALA RF 59 -27.58 88.99 38.00
C ALA RF 59 -28.03 89.41 36.62
N GLY RF 60 -27.30 90.33 35.98
CA GLY RF 60 -27.57 90.64 34.59
C GLY RF 60 -27.11 89.57 33.64
N THR RF 61 -26.21 88.70 34.08
CA THR RF 61 -25.69 87.65 33.22
C THR RF 61 -26.67 86.48 33.11
N GLU RF 62 -27.31 86.10 34.23
CA GLU RF 62 -28.24 84.97 34.16
C GLU RF 62 -29.56 85.36 33.51
N SER RF 63 -29.88 86.65 33.45
CA SER RF 63 -31.14 87.06 32.85
C SER RF 63 -31.08 87.07 31.33
N VAL RF 64 -29.89 87.01 30.74
CA VAL RF 64 -29.78 86.85 29.30
C VAL RF 64 -30.18 85.44 28.89
N LYS RF 65 -30.08 84.48 29.81
CA LYS RF 65 -30.58 83.13 29.55
C LYS RF 65 -32.11 83.08 29.45
N ARG RF 66 -32.79 84.08 30.02
CA ARG RF 66 -34.24 84.19 29.83
C ARG RF 66 -34.56 84.57 28.38
N VAL RF 67 -33.70 85.36 27.75
CA VAL RF 67 -33.93 85.77 26.37
C VAL RF 67 -33.55 84.63 25.44
N ASN RF 68 -34.48 84.25 24.57
CA ASN RF 68 -34.20 83.27 23.53
C ASN RF 68 -33.35 83.93 22.45
N GLY RF 69 -32.23 83.30 22.12
CA GLY RF 69 -31.33 83.90 21.17
C GLY RF 69 -30.44 84.98 21.76
N GLY RF 70 -30.40 85.10 23.08
CA GLY RF 70 -29.53 86.05 23.75
C GLY RF 70 -28.30 85.33 24.28
N GLN RF 71 -27.15 85.99 24.16
CA GLN RF 71 -25.87 85.40 24.50
C GLN RF 71 -24.95 86.46 25.08
N VAL RF 72 -24.44 86.22 26.28
CA VAL RF 72 -23.45 87.08 26.91
C VAL RF 72 -22.10 86.79 26.28
N LEU RF 73 -21.46 87.81 25.73
CA LEU RF 73 -20.15 87.63 25.14
C LEU RF 73 -19.04 87.85 26.16
N SER RF 74 -19.11 88.96 26.90
CA SER RF 74 -18.05 89.30 27.83
C SER RF 74 -18.63 90.19 28.93
N THR RF 75 -18.24 89.90 30.16
CA THR RF 75 -18.54 90.76 31.30
C THR RF 75 -17.24 91.14 31.98
N HIS RF 76 -17.22 92.33 32.59
CA HIS RF 76 -16.08 92.75 33.37
C HIS RF 76 -16.52 93.78 34.40
N ILE RF 77 -15.80 93.81 35.52
CA ILE RF 77 -16.02 94.76 36.60
C ILE RF 77 -14.68 95.37 36.96
N ILE RF 78 -14.60 96.70 36.93
CA ILE RF 78 -13.44 97.43 37.42
C ILE RF 78 -13.82 98.10 38.73
N ALA RF 79 -13.12 97.76 39.80
CA ALA RF 79 -13.53 98.18 41.13
C ALA RF 79 -13.26 99.66 41.37
N ARG RF 80 -12.26 100.21 40.69
CA ARG RF 80 -11.85 101.59 40.90
C ARG RF 80 -11.21 102.09 39.61
N PRO RF 81 -12.02 102.51 38.64
CA PRO RF 81 -11.44 102.99 37.38
C PRO RF 81 -10.75 104.33 37.56
N HIS RF 82 -9.73 104.54 36.74
CA HIS RF 82 -8.97 105.77 36.75
C HIS RF 82 -9.83 106.91 36.23
N GLU RF 83 -9.48 108.14 36.64
CA GLU RF 83 -10.24 109.32 36.29
C GLU RF 83 -10.10 109.68 34.80
N ASN RF 84 -9.06 109.17 34.14
CA ASN RF 84 -8.88 109.37 32.71
C ASN RF 84 -9.94 108.66 31.89
N LEU RF 85 -10.52 107.59 32.43
CA LEU RF 85 -11.39 106.73 31.64
C LEU RF 85 -12.76 107.36 31.39
N GLU RF 86 -13.23 108.22 32.29
CA GLU RF 86 -14.56 108.80 32.13
C GLU RF 86 -14.57 109.91 31.10
N TYR RF 87 -13.40 110.44 30.75
CA TYR RF 87 -13.35 111.52 29.77
C TYR RF 87 -13.12 110.98 28.36
N VAL RF 88 -12.76 109.72 28.25
CA VAL RF 88 -12.57 109.12 26.93
C VAL RF 88 -13.64 108.07 26.65
N LEU RF 89 -13.75 107.11 27.52
CA LEU RF 89 -14.70 106.03 27.33
C LEU RF 89 -16.09 106.43 27.82
N PRO RF 90 -17.16 105.92 27.21
CA PRO RF 90 -18.53 106.28 27.65
C PRO RF 90 -18.98 105.50 28.89
N ILE RF 91 -18.25 105.70 29.99
CA ILE RF 91 -18.60 105.13 31.27
C ILE RF 91 -18.96 106.18 32.30
N ARG RF 92 -19.09 107.44 31.90
CA ARG RF 92 -19.30 108.50 32.85
C ARG RF 92 -20.79 108.74 33.09
N TYR RF 93 -21.08 109.38 34.22
CA TYR RF 93 -22.44 109.81 34.51
C TYR RF 93 -22.81 110.98 33.61
N THR RF 94 -23.79 110.76 32.74
CA THR RF 94 -24.37 111.86 31.97
C THR RF 94 -25.37 112.61 32.84
N GLU RF 95 -25.78 113.79 32.37
CA GLU RF 95 -26.69 114.62 33.14
C GLU RF 95 -28.10 114.02 33.20
N GLU RF 96 -28.45 113.19 32.22
CA GLU RF 96 -29.77 112.58 32.17
C GLU RF 96 -29.94 111.50 33.24
N VAL RF 97 -28.85 110.93 33.73
CA VAL RF 97 -28.92 109.79 34.64
C VAL RF 97 -28.49 110.16 36.05
N GLU RF 98 -28.38 111.46 36.36
CA GLU RF 98 -27.99 111.85 37.72
C GLU RF 98 -29.16 111.78 38.69
N GLN RF 99 -30.37 111.56 38.21
CA GLN RF 99 -31.50 111.34 39.11
C GLN RF 99 -31.50 109.93 39.67
N PHE RF 100 -30.73 109.02 39.08
CA PHE RF 100 -30.66 107.62 39.51
C PHE RF 100 -29.40 107.30 40.28
N ARG RF 101 -28.52 108.28 40.51
CA ARG RF 101 -27.27 108.03 41.19
C ARG RF 101 -27.47 107.91 42.70
N ALA SF 2 -61.75 88.89 40.86
CA ALA SF 2 -61.50 90.22 40.33
C ALA SF 2 -60.04 90.36 39.92
N VAL SF 3 -59.18 90.50 40.93
CA VAL SF 3 -57.75 90.55 40.70
C VAL SF 3 -57.23 89.12 40.51
N ALA SF 4 -56.41 88.92 39.50
CA ALA SF 4 -55.89 87.58 39.20
C ALA SF 4 -54.94 87.10 40.29
N VAL SF 5 -54.71 85.80 40.32
CA VAL SF 5 -53.87 85.17 41.32
C VAL SF 5 -52.87 84.26 40.62
N GLY SF 6 -51.61 84.36 41.02
CA GLY SF 6 -50.58 83.46 40.54
C GLY SF 6 -49.82 82.84 41.69
N MET SF 7 -49.43 81.59 41.50
CA MET SF 7 -48.75 80.82 42.54
C MET SF 7 -47.51 80.18 41.94
N ILE SF 8 -46.41 80.22 42.67
CA ILE SF 8 -45.22 79.44 42.37
C ILE SF 8 -44.89 78.61 43.59
N GLU SF 9 -44.87 77.29 43.44
CA GLU SF 9 -44.47 76.39 44.52
C GLU SF 9 -43.05 75.90 44.27
N THR SF 10 -42.17 76.16 45.23
CA THR SF 10 -40.80 75.70 45.16
C THR SF 10 -40.53 74.70 46.28
N LEU SF 11 -39.46 73.94 46.12
CA LEU SF 11 -38.93 73.08 47.17
C LEU SF 11 -37.83 73.86 47.87
N GLY SF 12 -38.14 74.39 49.04
CA GLY SF 12 -37.15 75.14 49.78
C GLY SF 12 -37.50 76.61 49.95
N PHE SF 13 -37.12 77.17 51.09
CA PHE SF 13 -37.34 78.58 51.40
C PHE SF 13 -36.39 79.56 50.71
N PRO SF 14 -35.09 79.30 50.51
CA PRO SF 14 -34.31 80.23 49.68
C PRO SF 14 -34.77 80.30 48.24
N ALA SF 15 -35.36 79.23 47.70
CA ALA SF 15 -35.85 79.28 46.33
C ALA SF 15 -37.15 80.05 46.25
N VAL SF 16 -37.93 80.11 47.32
CA VAL SF 16 -39.24 80.74 47.25
C VAL SF 16 -39.12 82.23 47.51
N VAL SF 17 -38.03 82.69 48.11
CA VAL SF 17 -37.81 84.12 48.30
C VAL SF 17 -37.24 84.73 47.03
N GLU SF 18 -36.38 83.99 46.33
CA GLU SF 18 -35.90 84.44 45.02
C GLU SF 18 -37.02 84.42 44.00
N ALA SF 19 -37.93 83.44 44.10
CA ALA SF 19 -39.11 83.43 43.24
C ALA SF 19 -40.03 84.61 43.55
N ALA SF 20 -40.23 84.91 44.84
CA ALA SF 20 -41.11 86.01 45.21
C ALA SF 20 -40.49 87.36 44.88
N ASP SF 21 -39.16 87.47 44.96
CA ASP SF 21 -38.50 88.73 44.64
C ASP SF 21 -38.49 88.98 43.14
N ALA SF 22 -38.37 87.92 42.34
CA ALA SF 22 -38.39 88.09 40.89
C ALA SF 22 -39.77 88.40 40.38
N MET SF 23 -40.81 88.03 41.13
CA MET SF 23 -42.18 88.27 40.68
C MET SF 23 -42.56 89.73 40.82
N VAL SF 24 -42.28 90.32 41.98
CA VAL SF 24 -42.75 91.69 42.21
C VAL SF 24 -41.83 92.70 41.56
N LYS SF 25 -40.66 92.27 41.08
CA LYS SF 25 -39.80 93.15 40.32
C LYS SF 25 -40.15 93.16 38.84
N ALA SF 26 -40.64 92.03 38.33
CA ALA SF 26 -40.84 91.90 36.90
C ALA SF 26 -42.11 92.61 36.43
N ALA SF 27 -43.14 92.65 37.27
CA ALA SF 27 -44.41 93.20 36.85
C ALA SF 27 -45.10 93.86 38.04
N ARG SF 28 -46.27 94.45 37.77
CA ARG SF 28 -47.06 95.17 38.77
C ARG SF 28 -47.98 94.17 39.48
N VAL SF 29 -47.37 93.28 40.26
CA VAL SF 29 -48.09 92.32 41.06
C VAL SF 29 -47.79 92.59 42.52
N THR SF 30 -48.70 92.18 43.38
CA THR SF 30 -48.55 92.30 44.82
C THR SF 30 -48.41 90.91 45.41
N LEU SF 31 -47.25 90.64 46.00
CA LEU SF 31 -47.08 89.46 46.83
C LEU SF 31 -47.96 89.59 48.07
N VAL SF 32 -48.93 88.71 48.21
CA VAL SF 32 -49.90 88.81 49.29
C VAL SF 32 -49.81 87.65 50.27
N GLY SF 33 -49.22 86.53 49.89
CA GLY SF 33 -49.38 85.31 50.66
C GLY SF 33 -48.15 84.45 50.59
N TYR SF 34 -48.12 83.45 51.47
CA TYR SF 34 -46.95 82.62 51.70
C TYR SF 34 -47.43 81.36 52.39
N GLU SF 35 -47.31 80.22 51.72
CA GLU SF 35 -47.98 79.01 52.16
C GLU SF 35 -47.00 77.85 52.26
N LYS SF 36 -47.06 77.14 53.39
CA LYS SF 36 -46.30 75.93 53.62
C LYS SF 36 -47.27 74.77 53.81
N ILE SF 37 -47.06 73.69 53.05
CA ILE SF 37 -47.96 72.54 53.09
C ILE SF 37 -47.23 71.27 53.50
N GLY SF 38 -45.94 71.35 53.80
CA GLY SF 38 -45.18 70.19 54.18
C GLY SF 38 -44.27 69.68 53.07
N THR SF 39 -43.33 68.82 53.47
CA THR SF 39 -42.21 68.32 52.67
C THR SF 39 -41.44 69.42 51.96
N GLY SF 40 -41.27 70.57 52.58
CA GLY SF 40 -40.53 71.65 51.96
C GLY SF 40 -41.21 72.35 50.81
N ARG SF 41 -42.45 71.99 50.50
CA ARG SF 41 -43.20 72.60 49.41
C ARG SF 41 -43.75 73.93 49.89
N VAL SF 42 -43.17 75.02 49.39
CA VAL SF 42 -43.50 76.36 49.83
C VAL SF 42 -44.03 77.14 48.64
N THR SF 43 -45.17 77.81 48.83
CA THR SF 43 -45.86 78.53 47.76
C THR SF 43 -45.95 80.00 48.11
N VAL SF 44 -45.63 80.86 47.14
CA VAL SF 44 -45.89 82.29 47.24
C VAL SF 44 -47.03 82.66 46.30
N ILE SF 45 -47.86 83.61 46.72
CA ILE SF 45 -49.07 83.98 46.03
C ILE SF 45 -48.98 85.46 45.67
N VAL SF 46 -49.09 85.76 44.38
CA VAL SF 46 -49.10 87.15 43.91
C VAL SF 46 -50.50 87.48 43.39
N ARG SF 47 -50.86 88.75 43.49
CA ARG SF 47 -52.10 89.26 42.94
C ARG SF 47 -51.80 90.42 42.00
N GLY SF 48 -52.47 90.42 40.86
CA GLY SF 48 -52.34 91.54 39.94
C GLY SF 48 -53.29 91.35 38.78
N ASP SF 49 -53.06 92.11 37.72
CA ASP SF 49 -53.73 91.80 36.45
C ASP SF 49 -53.17 90.51 35.91
N VAL SF 50 -53.98 89.81 35.10
CA VAL SF 50 -53.61 88.49 34.61
C VAL SF 50 -52.41 88.56 33.65
N SER SF 51 -52.25 89.67 32.93
CA SER SF 51 -51.07 89.85 32.11
C SER SF 51 -49.82 90.09 32.96
N GLU SF 52 -49.98 90.84 34.06
CA GLU SF 52 -48.86 91.07 34.97
C GLU SF 52 -48.54 89.83 35.77
N VAL SF 53 -49.56 89.03 36.11
CA VAL SF 53 -49.33 87.80 36.85
C VAL SF 53 -48.62 86.78 35.98
N GLN SF 54 -48.93 86.76 34.68
CA GLN SF 54 -48.27 85.83 33.76
C GLN SF 54 -46.81 86.21 33.53
N ALA SF 55 -46.50 87.50 33.51
CA ALA SF 55 -45.13 87.93 33.32
C ALA SF 55 -44.30 87.71 34.57
N SER SF 56 -44.93 87.80 35.74
CA SER SF 56 -44.20 87.63 36.99
C SER SF 56 -43.94 86.15 37.28
N VAL SF 57 -44.92 85.30 37.00
CA VAL SF 57 -44.77 83.87 37.27
C VAL SF 57 -43.74 83.25 36.32
N SER SF 58 -43.69 83.73 35.09
CA SER SF 58 -42.67 83.27 34.14
C SER SF 58 -41.28 83.75 34.56
N ALA SF 59 -41.20 84.92 35.19
CA ALA SF 59 -39.91 85.42 35.63
C ALA SF 59 -39.50 84.79 36.96
N GLY SF 60 -40.46 84.51 37.83
CA GLY SF 60 -40.14 83.86 39.08
C GLY SF 60 -39.76 82.40 38.92
N THR SF 61 -40.24 81.76 37.87
CA THR SF 61 -39.86 80.38 37.59
C THR SF 61 -38.41 80.30 37.11
N GLU SF 62 -37.99 81.25 36.28
CA GLU SF 62 -36.63 81.21 35.73
C GLU SF 62 -35.59 81.62 36.78
N SER SF 63 -36.01 82.34 37.82
CA SER SF 63 -35.06 82.78 38.84
C SER SF 63 -34.73 81.71 39.85
N VAL SF 64 -35.54 80.66 39.95
CA VAL SF 64 -35.23 79.56 40.85
C VAL SF 64 -34.09 78.72 40.28
N LYS SF 65 -33.92 78.74 38.95
CA LYS SF 65 -32.82 78.03 38.31
C LYS SF 65 -31.45 78.57 38.68
N ARG SF 66 -31.37 79.82 39.13
CA ARG SF 66 -30.11 80.36 39.64
C ARG SF 66 -29.87 80.02 41.10
N VAL SF 67 -30.89 79.55 41.82
CA VAL SF 67 -30.72 79.10 43.20
C VAL SF 67 -30.27 77.64 43.18
N ASN SF 68 -29.10 77.38 43.73
CA ASN SF 68 -28.58 76.02 43.85
C ASN SF 68 -29.17 75.39 45.12
N GLY SF 69 -30.01 74.39 44.94
CA GLY SF 69 -30.68 73.72 46.03
C GLY SF 69 -32.19 73.83 46.04
N GLY SF 70 -32.78 74.57 45.08
CA GLY SF 70 -34.21 74.69 45.00
C GLY SF 70 -34.69 74.52 43.58
N GLN SF 71 -35.94 74.05 43.47
CA GLN SF 71 -36.54 73.80 42.17
C GLN SF 71 -38.01 74.18 42.24
N VAL SF 72 -38.55 74.59 41.10
CA VAL SF 72 -39.97 74.91 40.97
C VAL SF 72 -40.72 73.59 40.87
N LEU SF 73 -41.69 73.39 41.77
CA LEU SF 73 -42.49 72.18 41.74
C LEU SF 73 -43.75 72.38 40.90
N SER SF 74 -44.42 73.51 41.09
CA SER SF 74 -45.68 73.74 40.39
C SER SF 74 -45.93 75.24 40.31
N THR SF 75 -46.44 75.67 39.16
CA THR SF 75 -46.90 77.05 38.96
C THR SF 75 -48.31 77.02 38.39
N HIS SF 76 -49.09 78.03 38.75
CA HIS SF 76 -50.42 78.16 38.17
C HIS SF 76 -50.88 79.61 38.24
N ILE SF 77 -51.73 79.98 37.28
CA ILE SF 77 -52.27 81.32 37.13
C ILE SF 77 -53.77 81.20 36.91
N ILE SF 78 -54.56 81.94 37.69
CA ILE SF 78 -56.00 82.01 37.52
C ILE SF 78 -56.36 83.45 37.19
N ALA SF 79 -57.08 83.66 36.08
CA ALA SF 79 -57.33 85.00 35.57
C ALA SF 79 -58.28 85.78 36.48
N ARG SF 80 -59.26 85.09 37.05
CA ARG SF 80 -60.23 85.71 37.95
C ARG SF 80 -60.70 84.62 38.89
N PRO SF 81 -60.16 84.56 40.11
CA PRO SF 81 -60.64 83.56 41.07
C PRO SF 81 -62.04 83.90 41.57
N HIS SF 82 -62.78 82.85 41.90
CA HIS SF 82 -64.09 83.01 42.52
C HIS SF 82 -63.93 83.64 43.88
N GLU SF 83 -64.95 84.39 44.31
CA GLU SF 83 -64.87 85.08 45.60
C GLU SF 83 -65.02 84.12 46.77
N ASN SF 84 -65.41 82.87 46.52
CA ASN SF 84 -65.36 81.83 47.54
C ASN SF 84 -63.93 81.52 47.96
N LEU SF 85 -62.96 81.70 47.05
CA LEU SF 85 -61.59 81.29 47.33
C LEU SF 85 -60.86 82.24 48.26
N GLU SF 86 -61.25 83.51 48.30
CA GLU SF 86 -60.57 84.47 49.17
C GLU SF 86 -60.90 84.23 50.63
N TYR SF 87 -62.03 83.58 50.92
CA TYR SF 87 -62.40 83.36 52.31
C TYR SF 87 -61.86 82.04 52.82
N VAL SF 88 -61.61 81.08 51.94
CA VAL SF 88 -61.12 79.78 52.37
C VAL SF 88 -59.61 79.67 52.18
N LEU SF 89 -59.13 80.06 51.04
CA LEU SF 89 -57.72 79.94 50.72
C LEU SF 89 -56.99 81.24 50.99
N PRO SF 90 -55.73 81.19 51.44
CA PRO SF 90 -54.97 82.42 51.75
C PRO SF 90 -54.39 83.09 50.51
N ILE SF 91 -55.27 83.54 49.62
CA ILE SF 91 -54.88 84.26 48.41
C ILE SF 91 -55.38 85.70 48.42
N ARG SF 92 -55.99 86.15 49.51
CA ARG SF 92 -56.57 87.48 49.55
C ARG SF 92 -55.53 88.52 49.94
N TYR SF 93 -55.85 89.77 49.67
CA TYR SF 93 -55.02 90.89 50.11
C TYR SF 93 -55.13 91.05 51.62
N THR SF 94 -54.00 90.93 52.31
CA THR SF 94 -53.96 91.27 53.72
C THR SF 94 -53.83 92.78 53.87
N GLU SF 95 -54.04 93.24 55.11
CA GLU SF 95 -54.02 94.68 55.37
C GLU SF 95 -52.59 95.23 55.42
N GLU SF 96 -51.60 94.34 55.50
CA GLU SF 96 -50.21 94.80 55.55
C GLU SF 96 -49.68 95.07 54.14
N VAL SF 97 -50.32 94.52 53.13
CA VAL SF 97 -49.82 94.62 51.76
C VAL SF 97 -50.68 95.55 50.90
N GLU SF 98 -51.57 96.34 51.52
CA GLU SF 98 -52.44 97.21 50.74
C GLU SF 98 -51.70 98.43 50.20
N GLN SF 99 -50.51 98.72 50.70
CA GLN SF 99 -49.73 99.83 50.16
C GLN SF 99 -49.07 99.46 48.84
N PHE SF 100 -48.99 98.18 48.51
CA PHE SF 100 -48.40 97.73 47.26
C PHE SF 100 -49.45 97.43 46.18
N ARG SF 101 -50.73 97.60 46.47
CA ARG SF 101 -51.78 97.26 45.53
C ARG SF 101 -51.92 98.31 44.42
N MET TF 1 -67.02 82.21 2.00
CA MET TF 1 -66.37 83.38 2.60
C MET TF 1 -67.34 84.54 2.75
N GLN TF 2 -67.03 85.41 3.69
CA GLN TF 2 -67.79 86.64 3.91
C GLN TF 2 -66.84 87.83 3.82
N MET TF 3 -67.37 88.95 3.35
CA MET TF 3 -66.63 90.20 3.38
C MET TF 3 -66.82 90.85 4.74
N ALA TF 4 -65.73 91.31 5.33
CA ALA TF 4 -65.76 91.89 6.65
C ALA TF 4 -64.82 93.07 6.72
N LYS TF 5 -65.12 94.00 7.62
CA LYS TF 5 -64.28 95.15 7.90
C LYS TF 5 -63.60 94.97 9.24
N VAL TF 6 -62.28 95.18 9.28
CA VAL TF 6 -61.50 95.06 10.51
C VAL TF 6 -61.87 96.25 11.40
N CYS TF 7 -62.55 95.97 12.51
CA CYS TF 7 -62.91 97.03 13.44
C CYS TF 7 -61.99 97.09 14.64
N GLY TF 8 -61.28 96.01 14.93
CA GLY TF 8 -60.36 96.07 16.03
C GLY TF 8 -59.68 94.75 16.32
N THR TF 9 -59.10 94.67 17.51
CA THR TF 9 -58.32 93.52 17.96
C THR TF 9 -58.87 93.00 19.28
N VAL TF 10 -58.73 91.69 19.48
CA VAL TF 10 -59.10 91.04 20.74
C VAL TF 10 -57.85 90.36 21.28
N VAL TF 11 -57.50 90.67 22.52
CA VAL TF 11 -56.33 90.10 23.18
C VAL TF 11 -56.81 89.25 24.34
N GLY TF 12 -56.38 87.99 24.37
CA GLY TF 12 -56.64 87.12 25.49
C GLY TF 12 -55.35 86.55 26.06
N THR TF 13 -55.16 86.67 27.37
CA THR TF 13 -53.94 86.14 27.99
C THR TF 13 -54.09 84.71 28.49
N GLN TF 14 -55.19 84.39 29.16
CA GLN TF 14 -55.52 83.02 29.53
C GLN TF 14 -56.28 82.39 28.36
N LYS TF 15 -55.64 81.45 27.69
CA LYS TF 15 -56.20 80.81 26.52
C LYS TF 15 -55.67 79.39 26.48
N LEU TF 16 -56.03 78.67 25.42
CA LEU TF 16 -55.42 77.37 25.19
C LEU TF 16 -53.98 77.57 24.72
N PRO TF 17 -53.09 76.61 25.01
CA PRO TF 17 -51.71 76.73 24.52
C PRO TF 17 -51.59 76.66 23.01
N SER TF 18 -52.54 76.02 22.34
CA SER TF 18 -52.58 76.01 20.89
C SER TF 18 -53.11 77.32 20.32
N MET TF 19 -53.68 78.19 21.16
CA MET TF 19 -54.11 79.51 20.73
C MET TF 19 -53.00 80.55 20.86
N THR TF 20 -51.79 80.14 21.22
CA THR TF 20 -50.70 81.08 21.42
C THR TF 20 -50.07 81.46 20.08
N GLY TF 21 -49.91 82.75 19.86
CA GLY TF 21 -49.37 83.25 18.61
C GLY TF 21 -50.41 83.60 17.58
N VAL TF 22 -51.67 83.27 17.81
CA VAL TF 22 -52.75 83.54 16.89
C VAL TF 22 -53.19 85.00 17.09
N LYS TF 23 -53.07 85.80 16.05
CA LYS TF 23 -53.53 87.18 16.09
C LYS TF 23 -55.04 87.20 15.86
N LEU TF 24 -55.77 87.86 16.75
CA LEU TF 24 -57.22 87.84 16.74
C LEU TF 24 -57.75 89.22 16.37
N LEU TF 25 -58.50 89.29 15.28
CA LEU TF 25 -59.10 90.53 14.81
C LEU TF 25 -60.60 90.50 15.02
N LEU TF 26 -61.14 91.63 15.45
CA LEU TF 26 -62.58 91.82 15.53
C LEU TF 26 -63.06 92.38 14.19
N LEU TF 27 -63.76 91.55 13.43
CA LEU TF 27 -64.23 91.91 12.11
C LEU TF 27 -65.74 92.06 12.12
N GLN TF 28 -66.23 93.19 11.66
CA GLN TF 28 -67.66 93.39 11.44
C GLN TF 28 -68.01 93.08 10.00
N PHE TF 29 -69.07 92.29 9.81
CA PHE TF 29 -69.46 91.90 8.46
C PHE TF 29 -70.10 93.07 7.73
N ILE TF 30 -69.74 93.20 6.46
CA ILE TF 30 -70.33 94.19 5.56
C ILE TF 30 -71.18 93.43 4.55
N ASP TF 31 -72.18 94.11 4.00
CA ASP TF 31 -73.07 93.43 3.07
C ASP TF 31 -72.51 93.46 1.64
N ALA TF 32 -73.33 93.08 0.67
CA ALA TF 32 -72.91 93.13 -0.72
C ALA TF 32 -72.92 94.56 -1.26
N ASN TF 33 -73.59 95.48 -0.57
CA ASN TF 33 -73.60 96.88 -1.00
C ASN TF 33 -72.50 97.69 -0.32
N GLY TF 34 -71.87 97.13 0.72
CA GLY TF 34 -70.80 97.81 1.42
C GLY TF 34 -71.16 98.41 2.75
N GLU TF 35 -72.39 98.26 3.22
CA GLU TF 35 -72.83 98.78 4.50
C GLU TF 35 -72.55 97.77 5.60
N LEU TF 36 -72.31 98.29 6.81
CA LEU TF 36 -71.95 97.44 7.93
C LEU TF 36 -73.18 96.70 8.44
N LEU TF 37 -73.10 95.38 8.53
CA LEU TF 37 -74.15 94.56 9.10
C LEU TF 37 -73.99 94.51 10.62
N PRO TF 38 -75.10 94.34 11.36
CA PRO TF 38 -74.99 94.15 12.83
C PRO TF 38 -74.60 92.73 13.21
N LYS TF 39 -73.44 92.30 12.74
CA LYS TF 39 -72.92 90.95 12.96
C LYS TF 39 -71.41 91.02 12.88
N TYR TF 40 -70.74 90.30 13.77
CA TYR TF 40 -69.29 90.35 13.86
C TYR TF 40 -68.71 88.96 13.88
N GLU TF 41 -67.37 88.91 13.95
CA GLU TF 41 -66.62 87.69 14.08
C GLU TF 41 -65.27 88.03 14.70
N VAL TF 42 -64.68 87.04 15.37
CA VAL TF 42 -63.29 87.12 15.80
C VAL TF 42 -62.54 86.04 15.04
N ALA TF 43 -61.56 86.45 14.23
CA ALA TF 43 -60.90 85.54 13.32
C ALA TF 43 -59.39 85.61 13.48
N ALA TF 44 -58.75 84.49 13.17
CA ALA TF 44 -57.30 84.46 13.04
C ALA TF 44 -56.87 85.24 11.80
N ASP TF 45 -55.67 85.78 11.84
CA ASP TF 45 -55.18 86.69 10.80
C ASP TF 45 -53.77 86.30 10.37
N PRO TF 46 -53.63 85.35 9.44
CA PRO TF 46 -52.30 85.09 8.86
C PRO TF 46 -51.92 86.12 7.83
N VAL TF 47 -52.88 86.62 7.07
CA VAL TF 47 -52.68 87.69 6.10
C VAL TF 47 -52.79 89.00 6.86
N GLY TF 48 -51.67 89.70 7.02
CA GLY TF 48 -51.59 90.79 7.98
C GLY TF 48 -52.46 91.97 7.59
N ALA TF 49 -53.58 92.16 8.29
CA ALA TF 49 -54.57 93.16 7.96
C ALA TF 49 -54.76 94.10 9.14
N GLY TF 50 -54.80 95.40 8.85
CA GLY TF 50 -54.95 96.41 9.88
C GLY TF 50 -56.37 96.94 9.94
N LEU TF 51 -56.54 97.93 10.82
CA LEU TF 51 -57.86 98.44 11.14
C LEU TF 51 -58.43 99.26 9.98
N GLY TF 52 -59.64 98.91 9.58
CA GLY TF 52 -60.28 99.54 8.44
C GLY TF 52 -60.22 98.74 7.16
N GLU TF 53 -59.45 97.65 7.13
CA GLU TF 53 -59.32 96.83 5.95
C GLU TF 53 -60.58 96.04 5.65
N TRP TF 54 -60.84 95.85 4.37
CA TRP TF 54 -61.84 94.91 3.89
C TRP TF 54 -61.17 93.56 3.69
N VAL TF 55 -61.69 92.53 4.37
CA VAL TF 55 -61.07 91.21 4.33
C VAL TF 55 -62.12 90.19 3.93
N LEU TF 56 -61.64 89.05 3.44
CA LEU TF 56 -62.44 87.85 3.30
C LEU TF 56 -62.15 86.93 4.46
N VAL TF 57 -63.18 86.49 5.15
CA VAL TF 57 -63.06 85.61 6.29
C VAL TF 57 -63.88 84.34 6.03
N ASN TF 58 -63.25 83.19 6.25
CA ASN TF 58 -63.96 81.94 6.09
C ASN TF 58 -64.55 81.51 7.43
N ARG TF 59 -65.24 80.38 7.42
CA ARG TF 59 -65.93 79.91 8.61
C ARG TF 59 -65.72 78.41 8.72
N GLY TF 60 -65.72 77.93 9.96
CA GLY TF 60 -65.69 76.50 10.20
C GLY TF 60 -64.32 75.86 10.07
N SER TF 61 -64.28 74.67 9.49
CA SER TF 61 -63.05 73.89 9.42
C SER TF 61 -62.11 74.35 8.31
N ALA TF 62 -62.53 75.33 7.51
CA ALA TF 62 -61.66 75.92 6.50
C ALA TF 62 -60.60 76.81 7.14
N ALA TF 63 -60.82 77.26 8.37
CA ALA TF 63 -59.82 78.03 9.10
C ALA TF 63 -58.62 77.19 9.51
N ARG TF 64 -58.74 75.87 9.50
CA ARG TF 64 -57.67 74.97 9.92
C ARG TF 64 -56.94 74.34 8.74
N GLN TF 65 -56.90 75.01 7.60
CA GLN TF 65 -56.29 74.47 6.40
C GLN TF 65 -54.95 75.12 6.06
N THR TF 66 -54.39 75.93 6.96
CA THR TF 66 -53.31 76.83 6.60
C THR TF 66 -51.97 76.23 7.00
N GLU TF 67 -51.97 74.95 7.37
CA GLU TF 67 -50.84 74.07 7.74
C GLU TF 67 -50.07 74.53 8.97
N TYR TF 68 -50.42 75.67 9.55
CA TYR TF 68 -50.03 76.03 10.92
C TYR TF 68 -51.23 76.33 11.79
N HIS TF 69 -52.44 76.22 11.24
CA HIS TF 69 -53.69 76.34 11.99
C HIS TF 69 -54.39 75.00 12.13
N GLN TF 70 -53.68 73.90 11.86
CA GLN TF 70 -54.33 72.61 11.59
C GLN TF 70 -54.93 72.00 12.84
N ASN TF 71 -54.21 72.01 13.95
CA ASN TF 71 -54.69 71.43 15.20
C ASN TF 71 -55.07 72.51 16.19
N ARG TF 72 -55.32 73.72 15.70
CA ARG TF 72 -55.70 74.89 16.47
C ARG TF 72 -57.22 75.04 16.49
N PRO TF 73 -57.80 75.40 17.63
CA PRO TF 73 -59.27 75.54 17.74
C PRO TF 73 -59.79 76.83 17.13
N LEU TF 74 -59.72 76.92 15.81
CA LEU TF 74 -60.10 78.12 15.06
C LEU TF 74 -61.25 77.78 14.14
N ASP TF 75 -62.30 78.61 14.17
CA ASP TF 75 -63.45 78.44 13.30
C ASP TF 75 -63.66 79.63 12.38
N ALA TF 76 -62.72 80.58 12.37
CA ALA TF 76 -62.80 81.75 11.52
C ALA TF 76 -61.40 82.26 11.27
N MET TF 77 -61.13 82.70 10.04
CA MET TF 77 -59.79 83.10 9.65
C MET TF 77 -59.87 84.05 8.48
N VAL TF 78 -59.09 85.14 8.54
CA VAL TF 78 -58.93 86.01 7.38
C VAL TF 78 -58.10 85.28 6.33
N VAL TF 79 -58.68 85.08 5.16
CA VAL TF 79 -57.98 84.39 4.08
C VAL TF 79 -57.40 85.35 3.05
N ALA TF 80 -57.93 86.56 2.95
CA ALA TF 80 -57.52 87.48 1.90
C ALA TF 80 -57.84 88.90 2.34
N ILE TF 81 -56.95 89.81 1.98
CA ILE TF 81 -57.23 91.24 2.05
C ILE TF 81 -57.85 91.63 0.71
N ILE TF 82 -59.04 92.22 0.77
CA ILE TF 82 -59.77 92.55 -0.45
C ILE TF 82 -59.11 93.74 -1.12
N ASP TF 83 -58.74 93.56 -2.39
CA ASP TF 83 -58.26 94.68 -3.19
C ASP TF 83 -59.42 95.46 -3.79
N THR TF 84 -60.24 94.80 -4.60
CA THR TF 84 -61.37 95.48 -5.23
C THR TF 84 -62.58 94.55 -5.26
N VAL TF 85 -63.76 95.15 -5.19
CA VAL TF 85 -65.03 94.47 -5.34
C VAL TF 85 -65.78 95.12 -6.50
N THR TF 86 -66.10 94.33 -7.52
CA THR TF 86 -66.87 94.79 -8.66
C THR TF 86 -68.26 94.17 -8.55
N VAL TF 87 -69.28 95.00 -8.55
CA VAL TF 87 -70.67 94.56 -8.51
C VAL TF 87 -71.38 95.10 -9.74
N ASN TF 88 -71.89 94.18 -10.57
CA ASN TF 88 -72.61 94.49 -11.82
C ASN TF 88 -71.76 95.35 -12.76
N ASN TF 89 -70.50 94.93 -12.94
CA ASN TF 89 -69.44 95.59 -13.71
C ASN TF 89 -69.11 96.99 -13.22
N ARG TF 90 -69.49 97.35 -11.99
CA ARG TF 90 -69.19 98.63 -11.40
C ARG TF 90 -68.34 98.39 -10.15
N ARG TF 91 -67.25 99.14 -10.03
CA ARG TF 91 -66.34 98.97 -8.90
C ARG TF 91 -66.99 99.51 -7.63
N LEU TF 92 -67.14 98.64 -6.63
CA LEU TF 92 -67.67 99.00 -5.33
C LEU TF 92 -66.59 99.42 -4.34
N TYR TF 93 -65.45 98.76 -4.37
CA TYR TF 93 -64.37 98.99 -3.43
C TYR TF 93 -63.05 99.04 -4.18
N GLY TF 94 -62.11 99.82 -3.68
CA GLY TF 94 -60.81 99.93 -4.28
C GLY TF 94 -60.72 101.02 -5.33
N ALA UF 2 42.28 99.55 -37.90
CA ALA UF 2 41.79 100.86 -37.46
C ALA UF 2 41.43 100.84 -35.98
N VAL UF 3 40.59 101.78 -35.58
CA VAL UF 3 40.08 101.85 -34.21
C VAL UF 3 39.20 100.64 -33.94
N ALA UF 4 39.31 100.07 -32.74
CA ALA UF 4 38.68 98.79 -32.43
C ALA UF 4 37.15 98.88 -32.45
N VAL UF 5 36.52 97.76 -32.78
CA VAL UF 5 35.06 97.69 -32.92
C VAL UF 5 34.56 96.56 -32.04
N GLY UF 6 33.51 96.83 -31.28
CA GLY UF 6 32.85 95.82 -30.47
C GLY UF 6 31.37 95.75 -30.83
N MET UF 7 30.85 94.53 -30.86
CA MET UF 7 29.46 94.30 -31.24
C MET UF 7 28.81 93.42 -30.18
N ILE UF 8 27.58 93.76 -29.81
CA ILE UF 8 26.75 92.91 -28.98
C ILE UF 8 25.44 92.71 -29.71
N GLU UF 9 25.14 91.46 -30.06
CA GLU UF 9 23.88 91.12 -30.70
C GLU UF 9 22.92 90.53 -29.67
N THR UF 10 21.79 91.18 -29.48
CA THR UF 10 20.78 90.71 -28.55
C THR UF 10 19.51 90.35 -29.31
N LEU UF 11 18.67 89.55 -28.65
CA LEU UF 11 17.35 89.20 -29.16
C LEU UF 11 16.34 90.12 -28.47
N GLY UF 12 15.98 91.19 -29.15
CA GLY UF 12 15.05 92.15 -28.56
C GLY UF 12 15.60 93.55 -28.46
N PHE UF 13 14.72 94.54 -28.64
CA PHE UF 13 15.10 95.95 -28.56
C PHE UF 13 15.30 96.52 -27.16
N PRO UF 14 14.54 96.16 -26.11
CA PRO UF 14 14.95 96.61 -24.77
C PRO UF 14 16.28 96.03 -24.30
N ALA UF 15 16.66 94.85 -24.78
CA ALA UF 15 17.94 94.27 -24.40
C ALA UF 15 19.08 94.96 -25.12
N VAL UF 16 18.83 95.54 -26.29
CA VAL UF 16 19.92 96.11 -27.06
C VAL UF 16 20.15 97.57 -26.65
N VAL UF 17 19.14 98.22 -26.07
CA VAL UF 17 19.34 99.56 -25.56
C VAL UF 17 20.06 99.52 -24.22
N GLU UF 18 19.78 98.50 -23.41
CA GLU UF 18 20.57 98.28 -22.21
C GLU UF 18 22.00 97.87 -22.55
N ALA UF 19 22.18 97.07 -23.61
CA ALA UF 19 23.53 96.76 -24.08
C ALA UF 19 24.24 98.01 -24.58
N ALA UF 20 23.54 98.88 -25.30
CA ALA UF 20 24.17 100.10 -25.79
C ALA UF 20 24.41 101.09 -24.65
N ASP UF 21 23.52 101.12 -23.66
CA ASP UF 21 23.69 102.04 -22.53
C ASP UF 21 24.81 101.59 -21.61
N ALA UF 22 24.92 100.28 -21.35
CA ALA UF 22 25.94 99.80 -20.43
C ALA UF 22 27.33 99.85 -21.06
N MET UF 23 27.41 99.77 -22.39
CA MET UF 23 28.71 99.79 -23.05
C MET UF 23 29.35 101.18 -22.96
N VAL UF 24 28.56 102.23 -23.21
CA VAL UF 24 29.13 103.57 -23.20
C VAL UF 24 29.18 104.13 -21.79
N LYS UF 25 28.61 103.43 -20.82
CA LYS UF 25 28.74 103.85 -19.43
C LYS UF 25 29.85 103.12 -18.71
N ALA UF 26 30.29 101.97 -19.24
CA ALA UF 26 31.35 101.22 -18.58
C ALA UF 26 32.72 101.76 -18.94
N ALA UF 27 32.88 102.28 -20.15
CA ALA UF 27 34.18 102.72 -20.62
C ALA UF 27 34.00 103.85 -21.63
N ARG UF 28 35.12 104.35 -22.13
CA ARG UF 28 35.15 105.47 -23.07
C ARG UF 28 35.09 104.93 -24.48
N VAL UF 29 33.90 104.47 -24.87
CA VAL UF 29 33.63 104.01 -26.22
C VAL UF 29 32.58 104.92 -26.83
N THR UF 30 32.46 104.84 -28.15
CA THR UF 30 31.47 105.61 -28.90
C THR UF 30 30.54 104.64 -29.59
N LEU UF 31 29.28 104.62 -29.17
CA LEU UF 31 28.24 103.88 -29.87
C LEU UF 31 28.01 104.55 -31.21
N VAL UF 32 28.30 103.84 -32.30
CA VAL UF 32 28.23 104.41 -33.63
C VAL UF 32 27.12 103.79 -34.47
N GLY UF 33 26.65 102.61 -34.14
CA GLY UF 33 25.84 101.86 -35.07
C GLY UF 33 24.75 101.09 -34.36
N TYR UF 34 23.72 100.74 -35.12
CA TYR UF 34 22.55 100.04 -34.62
C TYR UF 34 22.00 99.26 -35.80
N GLU UF 35 22.13 97.94 -35.75
CA GLU UF 35 21.97 97.09 -36.92
C GLU UF 35 20.90 96.04 -36.68
N LYS UF 36 19.94 95.97 -37.59
CA LYS UF 36 18.86 94.98 -37.54
C LYS UF 36 18.99 94.07 -38.75
N ILE UF 37 19.01 92.77 -38.51
CA ILE UF 37 19.18 91.77 -39.56
C ILE UF 37 18.01 90.81 -39.64
N GLY UF 38 16.93 91.07 -38.89
CA GLY UF 38 15.76 90.21 -38.91
C GLY UF 38 15.75 89.20 -37.77
N THR UF 39 14.57 88.59 -37.59
CA THR UF 39 14.21 87.74 -36.45
C THR UF 39 14.52 88.35 -35.09
N GLY UF 40 14.41 89.66 -34.95
CA GLY UF 40 14.70 90.31 -33.69
C GLY UF 40 16.16 90.41 -33.32
N ARG UF 41 17.07 89.90 -34.16
CA ARG UF 41 18.50 89.97 -33.90
C ARG UF 41 18.97 91.39 -34.17
N VAL UF 42 19.26 92.13 -33.11
CA VAL UF 42 19.64 93.53 -33.20
C VAL UF 42 21.06 93.66 -32.64
N THR UF 43 21.91 94.38 -33.35
CA THR UF 43 23.31 94.55 -32.97
C THR UF 43 23.62 96.03 -32.81
N VAL UF 44 24.22 96.39 -31.69
CA VAL UF 44 24.80 97.72 -31.49
C VAL UF 44 26.31 97.61 -31.64
N ILE UF 45 26.91 98.65 -32.22
CA ILE UF 45 28.31 98.67 -32.59
C ILE UF 45 28.96 99.85 -31.87
N VAL UF 46 30.00 99.56 -31.10
CA VAL UF 46 30.76 100.61 -30.44
C VAL UF 46 32.17 100.64 -31.03
N ARG UF 47 32.77 101.83 -31.00
CA ARG UF 47 34.16 102.02 -31.40
C ARG UF 47 34.95 102.61 -30.24
N GLY UF 48 36.25 102.38 -30.25
CA GLY UF 48 37.10 102.97 -29.23
C GLY UF 48 38.40 102.20 -29.13
N ASP UF 49 39.15 102.51 -28.07
CA ASP UF 49 40.38 101.79 -27.79
C ASP UF 49 40.07 100.36 -27.36
N VAL UF 50 41.10 99.51 -27.46
CA VAL UF 50 40.91 98.08 -27.21
C VAL UF 50 40.62 97.82 -25.74
N SER UF 51 41.25 98.59 -24.84
CA SER UF 51 40.96 98.46 -23.42
C SER UF 51 39.54 98.90 -23.10
N GLU UF 52 39.05 99.94 -23.78
CA GLU UF 52 37.70 100.41 -23.53
C GLU UF 52 36.65 99.50 -24.14
N VAL UF 53 36.91 98.97 -25.34
CA VAL UF 53 35.95 98.12 -26.02
C VAL UF 53 35.84 96.77 -25.33
N GLN UF 54 36.97 96.25 -24.82
CA GLN UF 54 36.94 95.00 -24.06
C GLN UF 54 36.19 95.16 -22.74
N ALA UF 55 36.32 96.32 -22.10
CA ALA UF 55 35.60 96.57 -20.87
C ALA UF 55 34.11 96.80 -21.14
N SER UF 56 33.79 97.39 -22.29
CA SER UF 56 32.40 97.72 -22.60
C SER UF 56 31.61 96.50 -22.99
N VAL UF 57 32.17 95.65 -23.86
CA VAL UF 57 31.45 94.48 -24.36
C VAL UF 57 31.27 93.45 -23.24
N SER UF 58 32.27 93.33 -22.37
CA SER UF 58 32.18 92.39 -21.25
C SER UF 58 31.19 92.88 -20.20
N ALA UF 59 31.09 94.19 -20.00
CA ALA UF 59 30.11 94.71 -19.05
C ALA UF 59 28.74 94.88 -19.69
N GLY UF 60 28.71 95.13 -21.00
CA GLY UF 60 27.44 95.19 -21.70
C GLY UF 60 26.76 93.85 -21.83
N THR UF 61 27.54 92.76 -21.81
CA THR UF 61 26.95 91.43 -21.89
C THR UF 61 26.27 91.05 -20.59
N GLU UF 62 26.87 91.40 -19.46
CA GLU UF 62 26.30 91.05 -18.16
C GLU UF 62 25.09 91.91 -17.81
N SER UF 63 24.94 93.06 -18.47
CA SER UF 63 23.80 93.92 -18.19
C SER UF 63 22.53 93.43 -18.87
N VAL UF 64 22.67 92.79 -20.03
CA VAL UF 64 21.52 92.22 -20.74
C VAL UF 64 20.88 91.08 -19.96
N LYS UF 65 21.65 90.32 -19.21
CA LYS UF 65 21.08 89.28 -18.34
C LYS UF 65 20.73 89.86 -16.98
N ARG UF 66 20.08 91.02 -16.98
CA ARG UF 66 19.44 91.65 -15.84
C ARG UF 66 18.16 92.28 -16.37
N VAL UF 67 17.92 92.08 -17.66
CA VAL UF 67 16.70 92.50 -18.36
C VAL UF 67 15.81 91.28 -18.53
N ASN UF 68 14.54 91.41 -18.16
CA ASN UF 68 13.61 90.31 -18.35
C ASN UF 68 13.28 90.19 -19.83
N GLY UF 69 13.39 88.97 -20.36
CA GLY UF 69 13.25 88.78 -21.79
C GLY UF 69 14.46 89.17 -22.60
N GLY UF 70 15.58 89.49 -21.94
CA GLY UF 70 16.80 89.86 -22.61
C GLY UF 70 17.69 88.66 -22.81
N GLN UF 71 18.28 88.57 -23.99
CA GLN UF 71 19.10 87.42 -24.37
C GLN UF 71 20.24 87.88 -25.27
N VAL UF 72 21.47 87.61 -24.85
CA VAL UF 72 22.64 87.88 -25.67
C VAL UF 72 22.79 86.75 -26.66
N LEU UF 73 22.80 87.07 -27.95
CA LEU UF 73 22.98 86.04 -28.96
C LEU UF 73 24.46 85.87 -29.30
N SER UF 74 25.15 86.97 -29.58
CA SER UF 74 26.54 86.90 -29.99
C SER UF 74 27.23 88.22 -29.70
N THR UF 75 28.42 88.13 -29.12
CA THR UF 75 29.28 89.29 -28.88
C THR UF 75 30.63 89.04 -29.52
N HIS UF 76 31.26 90.10 -29.99
CA HIS UF 76 32.60 89.99 -30.54
C HIS UF 76 33.32 91.32 -30.44
N ILE UF 77 34.64 91.24 -30.34
CA ILE UF 77 35.54 92.39 -30.32
C ILE UF 77 36.59 92.17 -31.39
N ILE UF 78 36.74 93.14 -32.29
CA ILE UF 78 37.82 93.15 -33.26
C ILE UF 78 38.75 94.30 -32.89
N ALA UF 79 39.96 93.96 -32.44
CA ALA UF 79 40.86 94.95 -31.86
C ALA UF 79 41.46 95.86 -32.91
N ARG UF 80 41.62 95.36 -34.13
CA ARG UF 80 42.23 96.13 -35.20
C ARG UF 80 41.55 95.75 -36.50
N PRO UF 81 40.38 96.34 -36.79
CA PRO UF 81 39.70 96.01 -38.04
C PRO UF 81 40.39 96.63 -39.23
N HIS UF 82 40.29 95.94 -40.36
CA HIS UF 82 40.85 96.42 -41.61
C HIS UF 82 40.13 97.67 -42.07
N GLU UF 83 40.86 98.51 -42.81
CA GLU UF 83 40.29 99.75 -43.34
C GLU UF 83 39.27 99.50 -44.45
N ASN UF 84 39.22 98.28 -45.00
CA ASN UF 84 38.17 97.90 -45.94
C ASN UF 84 36.80 97.82 -45.27
N LEU UF 85 36.77 97.51 -43.97
CA LEU UF 85 35.52 97.13 -43.32
C LEU UF 85 34.61 98.33 -43.04
N GLU UF 86 35.18 99.52 -42.84
CA GLU UF 86 34.36 100.68 -42.51
C GLU UF 86 33.56 101.16 -43.71
N TYR UF 87 34.03 100.85 -44.92
CA TYR UF 87 33.35 101.33 -46.12
C TYR UF 87 32.20 100.41 -46.52
N VAL UF 88 32.28 99.13 -46.15
CA VAL UF 88 31.24 98.18 -46.54
C VAL UF 88 30.26 97.94 -45.40
N LEU UF 89 30.76 97.73 -44.22
CA LEU UF 89 29.95 97.43 -43.06
C LEU UF 89 29.58 98.70 -42.31
N PRO UF 90 28.40 98.76 -41.69
CA PRO UF 90 28.00 99.95 -40.92
C PRO UF 90 28.61 99.98 -39.52
N ILE UF 91 29.94 100.04 -39.46
CA ILE UF 91 30.67 100.13 -38.20
C ILE UF 91 31.46 101.43 -38.10
N ARG UF 92 31.25 102.38 -39.01
CA ARG UF 92 32.09 103.55 -39.06
C ARG UF 92 31.49 104.69 -38.26
N TYR UF 93 32.32 105.68 -37.97
CA TYR UF 93 31.88 106.89 -37.29
C TYR UF 93 31.03 107.74 -38.22
N THR UF 94 29.76 107.90 -37.87
CA THR UF 94 28.91 108.87 -38.55
C THR UF 94 29.10 110.24 -37.93
N GLU UF 95 28.54 111.26 -38.57
CA GLU UF 95 28.86 112.63 -38.19
C GLU UF 95 28.11 113.05 -36.93
N GLU UF 96 26.99 112.39 -36.63
CA GLU UF 96 26.22 112.77 -35.45
C GLU UF 96 26.85 112.21 -34.17
N VAL UF 97 27.77 111.26 -34.29
CA VAL UF 97 28.45 110.69 -33.14
C VAL UF 97 29.92 111.13 -33.08
N GLU UF 98 30.30 112.13 -33.87
CA GLU UF 98 31.68 112.61 -33.85
C GLU UF 98 31.98 113.49 -32.64
N GLN UF 99 30.96 113.89 -31.88
CA GLN UF 99 31.21 114.64 -30.66
C GLN UF 99 31.63 113.72 -29.52
N PHE UF 100 31.34 112.42 -29.64
CA PHE UF 100 31.64 111.47 -28.58
C PHE UF 100 32.95 110.73 -28.80
N ARG UF 101 33.63 110.96 -29.92
CA ARG UF 101 34.90 110.27 -30.18
C ARG UF 101 36.04 110.86 -29.33
N ALA VF 2 34.88 87.04 -64.92
CA ALA VF 2 35.40 88.23 -64.25
C ALA VF 2 36.33 87.84 -63.10
N VAL VF 3 36.65 88.83 -62.26
CA VAL VF 3 37.41 88.58 -61.04
C VAL VF 3 36.56 87.74 -60.10
N ALA VF 4 37.19 86.76 -59.43
CA ALA VF 4 36.47 85.76 -58.67
C ALA VF 4 35.75 86.36 -57.47
N VAL VF 5 34.65 85.74 -57.09
CA VAL VF 5 33.80 86.22 -56.01
C VAL VF 5 33.66 85.13 -54.95
N GLY VF 6 33.86 85.50 -53.70
CA GLY VF 6 33.63 84.59 -52.59
C GLY VF 6 32.62 85.16 -51.64
N MET VF 7 31.75 84.29 -51.14
CA MET VF 7 30.67 84.69 -50.25
C MET VF 7 30.69 83.83 -49.00
N ILE VF 8 30.50 84.45 -47.85
CA ILE VF 8 30.30 83.74 -46.60
C ILE VF 8 28.99 84.24 -46.00
N GLU VF 9 28.03 83.33 -45.82
CA GLU VF 9 26.79 83.65 -45.15
C GLU VF 9 26.84 83.15 -43.71
N THR VF 10 26.62 84.05 -42.77
CA THR VF 10 26.59 83.70 -41.36
C THR VF 10 25.22 84.00 -40.78
N LEU VF 11 24.95 83.42 -39.63
CA LEU VF 11 23.77 83.73 -38.83
C LEU VF 11 24.22 84.70 -37.74
N GLY VF 12 24.01 85.99 -37.99
CA GLY VF 12 24.41 86.99 -37.03
C GLY VF 12 25.36 88.02 -37.58
N PHE VF 13 25.23 89.26 -37.11
CA PHE VF 13 26.10 90.35 -37.52
C PHE VF 13 27.49 90.37 -36.86
N PRO VF 14 27.68 90.01 -35.58
CA PRO VF 14 29.07 89.88 -35.10
C PRO VF 14 29.86 88.76 -35.77
N ALA VF 15 29.19 87.72 -36.25
CA ALA VF 15 29.89 86.65 -36.95
C ALA VF 15 30.29 87.08 -38.35
N VAL VF 16 29.57 88.03 -38.95
CA VAL VF 16 29.83 88.38 -40.34
C VAL VF 16 30.89 89.47 -40.43
N VAL VF 17 31.12 90.20 -39.33
CA VAL VF 17 32.18 91.21 -39.33
C VAL VF 17 33.51 90.54 -39.03
N GLU VF 18 33.51 89.51 -38.18
CA GLU VF 18 34.72 88.74 -37.93
C GLU VF 18 35.09 87.90 -39.16
N ALA VF 19 34.09 87.39 -39.88
CA ALA VF 19 34.37 86.70 -41.13
C ALA VF 19 34.91 87.65 -42.19
N ALA VF 20 34.37 88.86 -42.26
CA ALA VF 20 34.86 89.83 -43.23
C ALA VF 20 36.24 90.36 -42.85
N ASP VF 21 36.53 90.45 -41.55
CA ASP VF 21 37.84 90.93 -41.12
C ASP VF 21 38.90 89.85 -41.28
N ALA VF 22 38.51 88.58 -41.13
CA ALA VF 22 39.45 87.49 -41.34
C ALA VF 22 39.78 87.33 -42.82
N MET VF 23 38.82 87.65 -43.70
CA MET VF 23 39.01 87.42 -45.13
C MET VF 23 40.01 88.40 -45.72
N VAL VF 24 39.88 89.69 -45.40
CA VAL VF 24 40.73 90.68 -46.04
C VAL VF 24 42.10 90.74 -45.38
N LYS VF 25 42.27 90.09 -44.25
CA LYS VF 25 43.60 89.98 -43.65
C LYS VF 25 44.31 88.74 -44.14
N ALA VF 26 43.57 87.71 -44.56
CA ALA VF 26 44.19 86.45 -44.92
C ALA VF 26 44.80 86.48 -46.32
N ALA VF 27 44.21 87.27 -47.22
CA ALA VF 27 44.67 87.29 -48.59
C ALA VF 27 44.40 88.65 -49.20
N ARG VF 28 44.73 88.79 -50.48
CA ARG VF 28 44.57 90.05 -51.22
C ARG VF 28 43.20 90.08 -51.88
N VAL VF 29 42.17 89.98 -51.04
CA VAL VF 29 40.80 90.11 -51.49
C VAL VF 29 40.30 91.48 -51.08
N THR VF 30 39.31 91.97 -51.82
CA THR VF 30 38.64 93.21 -51.51
C THR VF 30 37.22 92.90 -51.08
N LEU VF 31 36.89 93.23 -49.84
CA LEU VF 31 35.51 93.18 -49.38
C LEU VF 31 34.73 94.27 -50.10
N VAL VF 32 33.76 93.87 -50.91
CA VAL VF 32 32.99 94.82 -51.71
C VAL VF 32 31.52 94.84 -51.34
N GLY VF 33 31.02 93.82 -50.65
CA GLY VF 33 29.59 93.62 -50.58
C GLY VF 33 29.15 93.24 -49.19
N TYR VF 34 27.88 93.52 -48.91
CA TYR VF 34 27.27 93.26 -47.62
C TYR VF 34 25.78 93.12 -47.87
N GLU VF 35 25.23 91.94 -47.61
CA GLU VF 35 23.87 91.64 -48.04
C GLU VF 35 23.07 91.03 -46.90
N LYS VF 36 21.87 91.55 -46.69
CA LYS VF 36 20.92 91.02 -45.72
C LYS VF 36 19.71 90.48 -46.47
N ILE VF 37 19.36 89.23 -46.21
CA ILE VF 37 18.25 88.58 -46.89
C ILE VF 37 17.17 88.13 -45.92
N GLY VF 38 17.30 88.50 -44.64
CA GLY VF 38 16.28 88.18 -43.66
C GLY VF 38 16.65 86.99 -42.79
N THR VF 39 15.99 86.96 -41.62
CA THR VF 39 16.18 85.96 -40.56
C THR VF 39 17.62 85.79 -40.13
N GLY VF 40 18.37 86.88 -40.03
CA GLY VF 40 19.72 86.82 -39.54
C GLY VF 40 20.74 86.28 -40.51
N ARG VF 41 20.33 85.94 -41.73
CA ARG VF 41 21.25 85.44 -42.74
C ARG VF 41 21.94 86.64 -43.39
N VAL VF 42 23.20 86.85 -43.03
CA VAL VF 42 23.97 88.01 -43.47
C VAL VF 42 25.15 87.49 -44.30
N THR VF 43 25.38 88.12 -45.44
CA THR VF 43 26.40 87.68 -46.39
C THR VF 43 27.38 88.82 -46.65
N VAL VF 44 28.67 88.52 -46.56
CA VAL VF 44 29.73 89.41 -47.01
C VAL VF 44 30.35 88.82 -48.27
N ILE VF 45 30.76 89.70 -49.17
CA ILE VF 45 31.19 89.35 -50.52
C ILE VF 45 32.59 89.92 -50.74
N VAL VF 46 33.55 89.06 -51.07
CA VAL VF 46 34.89 89.49 -51.40
C VAL VF 46 35.16 89.24 -52.88
N ARG VF 47 36.06 90.03 -53.45
CA ARG VF 47 36.53 89.87 -54.80
C ARG VF 47 38.05 89.78 -54.82
N GLY VF 48 38.58 88.94 -55.70
CA GLY VF 48 40.02 88.82 -55.85
C GLY VF 48 40.33 87.68 -56.78
N ASP VF 49 41.61 87.36 -56.88
CA ASP VF 49 42.01 86.16 -57.61
C ASP VF 49 41.53 84.92 -56.87
N VAL VF 50 41.31 83.85 -57.62
CA VAL VF 50 40.64 82.66 -57.08
C VAL VF 50 41.51 81.95 -56.03
N SER VF 51 42.83 82.07 -56.13
CA SER VF 51 43.69 81.55 -55.07
C SER VF 51 43.56 82.38 -53.80
N GLU VF 52 43.44 83.70 -53.96
CA GLU VF 52 43.25 84.56 -52.79
C GLU VF 52 41.86 84.43 -52.22
N VAL VF 53 40.85 84.24 -53.08
CA VAL VF 53 39.48 84.11 -52.62
C VAL VF 53 39.28 82.80 -51.89
N GLN VF 54 39.91 81.73 -52.37
CA GLN VF 54 39.84 80.43 -51.69
C GLN VF 54 40.55 80.47 -50.35
N ALA VF 55 41.64 81.22 -50.26
CA ALA VF 55 42.39 81.30 -49.01
C ALA VF 55 41.67 82.17 -47.99
N SER VF 56 40.93 83.18 -48.46
CA SER VF 56 40.24 84.08 -47.54
C SER VF 56 38.96 83.46 -47.02
N VAL VF 57 38.17 82.84 -47.90
CA VAL VF 57 36.89 82.26 -47.51
C VAL VF 57 37.08 81.10 -46.55
N SER VF 58 38.16 80.34 -46.74
CA SER VF 58 38.51 79.28 -45.78
C SER VF 58 38.91 79.87 -44.43
N ALA VF 59 39.64 80.99 -44.44
CA ALA VF 59 40.05 81.61 -43.18
C ALA VF 59 38.92 82.42 -42.57
N GLY VF 60 37.99 82.92 -43.39
CA GLY VF 60 36.83 83.60 -42.85
C GLY VF 60 35.83 82.65 -42.23
N THR VF 61 35.85 81.38 -42.65
CA THR VF 61 34.96 80.39 -42.06
C THR VF 61 35.47 79.95 -40.69
N GLU VF 62 36.80 79.85 -40.54
CA GLU VF 62 37.37 79.36 -39.29
C GLU VF 62 37.28 80.40 -38.18
N SER VF 63 37.18 81.69 -38.53
CA SER VF 63 37.16 82.73 -37.53
C SER VF 63 35.78 82.97 -36.95
N VAL VF 64 34.74 82.42 -37.57
CA VAL VF 64 33.41 82.49 -36.98
C VAL VF 64 33.30 81.58 -35.75
N LYS VF 65 34.17 80.55 -35.68
CA LYS VF 65 34.26 79.73 -34.49
C LYS VF 65 34.82 80.50 -33.29
N ARG VF 66 35.56 81.59 -33.54
CA ARG VF 66 35.99 82.45 -32.46
C ARG VF 66 34.82 83.20 -31.84
N VAL VF 67 33.82 83.53 -32.66
CA VAL VF 67 32.66 84.25 -32.16
C VAL VF 67 31.73 83.30 -31.44
N ASN VF 68 31.38 83.63 -30.21
CA ASN VF 68 30.39 82.86 -29.47
C ASN VF 68 29.01 83.17 -30.02
N GLY VF 69 28.26 82.12 -30.37
CA GLY VF 69 26.98 82.34 -30.99
C GLY VF 69 27.04 82.67 -32.46
N GLY VF 70 28.20 82.52 -33.08
CA GLY VF 70 28.37 82.72 -34.51
C GLY VF 70 28.36 81.40 -35.24
N GLN VF 71 27.70 81.38 -36.40
CA GLN VF 71 27.50 80.16 -37.17
C GLN VF 71 27.53 80.47 -38.65
N VAL VF 72 28.40 79.78 -39.38
CA VAL VF 72 28.48 79.88 -40.83
C VAL VF 72 27.34 79.06 -41.40
N LEU VF 73 26.50 79.68 -42.22
CA LEU VF 73 25.41 78.96 -42.85
C LEU VF 73 25.83 78.39 -44.20
N SER VF 74 26.44 79.21 -45.04
CA SER VF 74 26.80 78.78 -46.38
C SER VF 74 27.98 79.61 -46.88
N THR VF 75 28.93 78.94 -47.50
CA THR VF 75 30.02 79.60 -48.21
C THR VF 75 30.04 79.12 -49.64
N HIS VF 76 30.48 79.99 -50.55
CA HIS VF 76 30.67 79.60 -51.93
C HIS VF 76 31.71 80.51 -52.58
N ILE VF 77 32.40 79.95 -53.57
CA ILE VF 77 33.40 80.66 -54.36
C ILE VF 77 33.10 80.41 -55.83
N ILE VF 78 32.95 81.47 -56.60
CA ILE VF 78 32.83 81.39 -58.05
C ILE VF 78 34.13 81.92 -58.65
N ALA VF 79 34.81 81.07 -59.40
CA ALA VF 79 36.15 81.37 -59.87
C ALA VF 79 36.15 82.43 -60.96
N ARG VF 80 35.06 82.51 -61.73
CA ARG VF 80 34.98 83.41 -62.87
C ARG VF 80 33.52 83.74 -63.09
N PRO VF 81 32.97 84.69 -62.35
CA PRO VF 81 31.55 85.03 -62.53
C PRO VF 81 31.32 85.76 -63.83
N HIS VF 82 30.13 85.56 -64.37
CA HIS VF 82 29.71 86.20 -65.60
C HIS VF 82 29.55 87.70 -65.40
N GLU VF 83 29.68 88.46 -66.49
CA GLU VF 83 29.61 89.91 -66.42
C GLU VF 83 28.20 90.42 -66.13
N ASN VF 84 27.18 89.57 -66.35
CA ASN VF 84 25.80 89.92 -66.03
C ASN VF 84 25.58 90.03 -64.52
N LEU VF 85 26.39 89.33 -63.73
CA LEU VF 85 26.13 89.20 -62.30
C LEU VF 85 26.46 90.49 -61.54
N GLU VF 86 27.41 91.28 -62.02
CA GLU VF 86 27.80 92.47 -61.28
C GLU VF 86 26.81 93.61 -61.47
N TYR VF 87 25.95 93.51 -62.48
CA TYR VF 87 24.97 94.57 -62.71
C TYR VF 87 23.65 94.27 -62.03
N VAL VF 88 23.47 93.04 -61.56
CA VAL VF 88 22.25 92.69 -60.84
C VAL VF 88 22.53 92.41 -59.38
N LEU VF 89 23.43 91.52 -59.12
CA LEU VF 89 23.75 91.13 -57.75
C LEU VF 89 24.77 92.09 -57.15
N PRO VF 90 24.72 92.34 -55.83
CA PRO VF 90 25.69 93.25 -55.19
C PRO VF 90 27.05 92.61 -54.93
N ILE VF 91 27.71 92.20 -56.02
CA ILE VF 91 29.05 91.64 -55.97
C ILE VF 91 30.06 92.52 -56.68
N ARG VF 92 29.66 93.71 -57.12
CA ARG VF 92 30.54 94.53 -57.94
C ARG VF 92 31.40 95.45 -57.07
N TYR VF 93 32.49 95.92 -57.66
CA TYR VF 93 33.32 96.92 -57.01
C TYR VF 93 32.60 98.26 -57.01
N THR VF 94 32.25 98.74 -55.82
CA THR VF 94 31.73 100.09 -55.67
C THR VF 94 32.89 101.08 -55.65
N GLU VF 95 32.56 102.37 -55.78
CA GLU VF 95 33.59 103.39 -55.89
C GLU VF 95 34.32 103.61 -54.56
N GLU VF 96 33.66 103.30 -53.45
CA GLU VF 96 34.27 103.51 -52.13
C GLU VF 96 35.36 102.48 -51.84
N VAL VF 97 35.32 101.33 -52.51
CA VAL VF 97 36.25 100.24 -52.22
C VAL VF 97 37.30 100.07 -53.32
N GLU VF 98 37.43 101.04 -54.22
CA GLU VF 98 38.44 100.92 -55.26
C GLU VF 98 39.84 101.28 -54.76
N GLN VF 99 39.96 101.80 -53.54
CA GLN VF 99 41.28 102.02 -52.96
C GLN VF 99 41.89 100.73 -52.41
N PHE VF 100 41.07 99.69 -52.26
CA PHE VF 100 41.53 98.41 -51.72
C PHE VF 100 41.70 97.34 -52.78
N ARG VF 101 41.45 97.66 -54.04
CA ARG VF 101 41.54 96.68 -55.11
C ARG VF 101 42.99 96.41 -55.50
N ALA WF 2 57.58 98.51 -19.13
CA ALA WF 2 56.90 99.59 -19.83
C ALA WF 2 55.90 99.03 -20.82
N VAL WF 3 56.41 98.52 -21.93
CA VAL WF 3 55.58 97.86 -22.92
C VAL WF 3 55.29 96.43 -22.45
N ALA WF 4 54.03 96.02 -22.55
CA ALA WF 4 53.63 94.70 -22.08
C ALA WF 4 54.22 93.60 -22.96
N VAL WF 5 54.23 92.39 -22.43
CA VAL WF 5 54.81 91.24 -23.11
C VAL WF 5 53.81 90.09 -23.07
N GLY WF 6 53.61 89.46 -24.22
CA GLY WF 6 52.79 88.26 -24.29
C GLY WF 6 53.53 87.14 -24.98
N MET WF 7 53.28 85.92 -24.51
CA MET WF 7 53.96 84.74 -25.01
C MET WF 7 52.93 83.67 -25.33
N ILE WF 8 53.10 83.01 -26.46
CA ILE WF 8 52.36 81.79 -26.79
C ILE WF 8 53.37 80.70 -27.07
N GLU WF 9 53.32 79.62 -26.31
CA GLU WF 9 54.16 78.47 -26.55
C GLU WF 9 53.36 77.36 -27.22
N THR WF 10 53.82 76.94 -28.40
CA THR WF 10 53.20 75.86 -29.14
C THR WF 10 54.15 74.69 -29.24
N LEU WF 11 53.58 73.53 -29.55
CA LEU WF 11 54.35 72.34 -29.88
C LEU WF 11 54.45 72.29 -31.41
N GLY WF 12 55.60 72.68 -31.94
CA GLY WF 12 55.79 72.66 -33.37
C GLY WF 12 55.99 74.03 -33.98
N PHE WF 13 56.81 74.09 -35.03
CA PHE WF 13 57.10 75.32 -35.75
C PHE WF 13 55.99 75.80 -36.71
N PRO WF 14 55.26 74.93 -37.45
CA PRO WF 14 54.11 75.48 -38.20
C PRO WF 14 53.01 76.04 -37.32
N ALA WF 15 52.86 75.55 -36.09
CA ALA WF 15 51.85 76.09 -35.20
C ALA WF 15 52.28 77.43 -34.63
N VAL WF 16 53.59 77.67 -34.52
CA VAL WF 16 54.05 78.89 -33.86
C VAL WF 16 54.13 80.04 -34.86
N VAL WF 17 54.16 79.73 -36.16
CA VAL WF 17 54.14 80.78 -37.17
C VAL WF 17 52.70 81.23 -37.42
N GLU WF 18 51.76 80.30 -37.37
CA GLU WF 18 50.34 80.67 -37.45
C GLU WF 18 49.90 81.42 -36.20
N ALA WF 19 50.48 81.06 -35.04
CA ALA WF 19 50.21 81.82 -33.82
C ALA WF 19 50.81 83.22 -33.91
N ALA WF 20 52.03 83.34 -34.44
CA ALA WF 20 52.67 84.64 -34.53
C ALA WF 20 52.02 85.52 -35.59
N ASP WF 21 51.50 84.90 -36.67
CA ASP WF 21 50.84 85.68 -37.71
C ASP WF 21 49.47 86.16 -37.27
N ALA WF 22 48.76 85.37 -36.45
CA ALA WF 22 47.46 85.79 -35.96
C ALA WF 22 47.59 86.85 -34.89
N MET WF 23 48.75 86.94 -34.23
CA MET WF 23 48.92 87.92 -33.17
C MET WF 23 49.11 89.32 -33.74
N VAL WF 24 49.99 89.46 -34.72
CA VAL WF 24 50.31 90.79 -35.22
C VAL WF 24 49.25 91.29 -36.19
N LYS WF 25 48.35 90.42 -36.62
CA LYS WF 25 47.23 90.85 -37.44
C LYS WF 25 46.06 91.33 -36.58
N ALA WF 26 45.89 90.72 -35.40
CA ALA WF 26 44.71 90.99 -34.60
C ALA WF 26 44.79 92.33 -33.88
N ALA WF 27 45.99 92.74 -33.47
CA ALA WF 27 46.14 93.94 -32.67
C ALA WF 27 47.46 94.62 -32.99
N ARG WF 28 47.68 95.76 -32.35
CA ARG WF 28 48.87 96.57 -32.55
C ARG WF 28 49.99 96.09 -31.61
N VAL WF 29 50.47 94.88 -31.89
CA VAL WF 29 51.57 94.29 -31.15
C VAL WF 29 52.73 94.09 -32.11
N THR WF 30 53.93 94.06 -31.55
CA THR WF 30 55.14 93.81 -32.31
C THR WF 30 55.71 92.47 -31.90
N LEU WF 31 55.75 91.53 -32.84
CA LEU WF 31 56.50 90.30 -32.65
C LEU WF 31 57.98 90.63 -32.57
N VAL WF 32 58.60 90.37 -31.43
CA VAL WF 32 59.98 90.74 -31.21
C VAL WF 32 60.90 89.54 -31.04
N GLY WF 33 60.38 88.38 -30.70
CA GLY WF 33 61.21 87.30 -30.23
C GLY WF 33 60.67 85.95 -30.65
N TYR WF 34 61.52 84.94 -30.47
CA TYR WF 34 61.27 83.60 -30.98
C TYR WF 34 62.18 82.67 -30.20
N GLU WF 35 61.60 81.78 -29.41
CA GLU WF 35 62.37 81.02 -28.43
C GLU WF 35 62.12 79.53 -28.57
N LYS WF 36 63.21 78.76 -28.59
CA LYS WF 36 63.17 77.30 -28.59
C LYS WF 36 63.84 76.80 -27.32
N ILE WF 37 63.15 75.95 -26.58
CA ILE WF 37 63.65 75.43 -25.31
C ILE WF 37 63.79 73.92 -25.32
N GLY WF 38 63.48 73.27 -26.44
CA GLY WF 38 63.57 71.82 -26.52
C GLY WF 38 62.21 71.14 -26.46
N THR WF 39 62.22 69.86 -26.86
CA THR WF 39 61.05 69.02 -27.10
C THR WF 39 60.00 69.67 -27.97
N GLY WF 40 60.40 70.44 -28.97
CA GLY WF 40 59.46 71.07 -29.86
C GLY WF 40 58.67 72.22 -29.27
N ARG WF 41 58.96 72.62 -28.04
CA ARG WF 41 58.26 73.71 -27.38
C ARG WF 41 58.84 75.02 -27.89
N VAL WF 42 58.07 75.72 -28.70
CA VAL WF 42 58.51 76.94 -29.37
C VAL WF 42 57.63 78.09 -28.93
N THR WF 43 58.25 79.20 -28.53
CA THR WF 43 57.54 80.34 -27.99
C THR WF 43 57.79 81.56 -28.87
N VAL WF 44 56.73 82.30 -29.17
CA VAL WF 44 56.84 83.62 -29.80
C VAL WF 44 56.46 84.69 -28.79
N ILE WF 45 57.15 85.82 -28.86
CA ILE WF 45 57.02 86.90 -27.89
C ILE WF 45 56.55 88.14 -28.61
N VAL WF 46 55.43 88.70 -28.18
CA VAL WF 46 54.92 89.95 -28.74
C VAL WF 46 55.04 91.04 -27.67
N ARG WF 47 55.20 92.28 -28.14
CA ARG WF 47 55.22 93.44 -27.29
C ARG WF 47 54.17 94.44 -27.76
N GLY WF 48 53.43 95.00 -26.82
CA GLY WF 48 52.47 96.03 -27.15
C GLY WF 48 51.86 96.59 -25.88
N ASP WF 49 50.77 97.30 -26.04
CA ASP WF 49 49.94 97.62 -24.89
C ASP WF 49 49.28 96.35 -24.37
N VAL WF 50 48.96 96.34 -23.08
CA VAL WF 50 48.45 95.14 -22.43
C VAL WF 50 47.07 94.76 -22.97
N SER WF 51 46.28 95.74 -23.40
CA SER WF 51 45.01 95.44 -24.05
C SER WF 51 45.22 94.85 -25.43
N GLU WF 52 46.21 95.34 -26.16
CA GLU WF 52 46.52 94.79 -27.47
C GLU WF 52 47.18 93.43 -27.36
N VAL WF 53 47.99 93.22 -26.31
CA VAL WF 53 48.64 91.94 -26.11
C VAL WF 53 47.62 90.88 -25.72
N GLN WF 54 46.59 91.27 -24.96
CA GLN WF 54 45.53 90.33 -24.58
C GLN WF 54 44.67 89.93 -25.77
N ALA WF 55 44.43 90.86 -26.69
CA ALA WF 55 43.63 90.55 -27.86
C ALA WF 55 44.40 89.70 -28.85
N SER WF 56 45.73 89.89 -28.92
CA SER WF 56 46.53 89.13 -29.85
C SER WF 56 46.78 87.70 -29.36
N VAL WF 57 47.02 87.55 -28.05
CA VAL WF 57 47.30 86.23 -27.49
C VAL WF 57 46.04 85.35 -27.54
N SER WF 58 44.87 85.96 -27.34
CA SER WF 58 43.61 85.24 -27.46
C SER WF 58 43.34 84.84 -28.92
N ALA WF 59 43.79 85.66 -29.87
CA ALA WF 59 43.59 85.33 -31.27
C ALA WF 59 44.65 84.34 -31.76
N GLY WF 60 45.87 84.44 -31.25
CA GLY WF 60 46.90 83.50 -31.64
C GLY WF 60 46.70 82.12 -31.06
N THR WF 61 45.99 82.02 -29.93
CA THR WF 61 45.67 80.72 -29.35
C THR WF 61 44.63 79.99 -30.19
N GLU WF 62 43.63 80.71 -30.68
CA GLU WF 62 42.55 80.09 -31.45
C GLU WF 62 43.00 79.71 -32.85
N SER WF 63 44.07 80.32 -33.35
CA SER WF 63 44.54 80.03 -34.70
C SER WF 63 45.37 78.75 -34.76
N VAL WF 64 45.89 78.28 -33.63
CA VAL WF 64 46.64 77.03 -33.63
C VAL WF 64 45.70 75.84 -33.80
N LYS WF 65 44.43 76.01 -33.42
CA LYS WF 65 43.44 74.96 -33.58
C LYS WF 65 43.14 74.62 -35.03
N ARG WF 66 43.43 75.54 -35.96
CA ARG WF 66 43.30 75.25 -37.38
C ARG WF 66 44.52 74.58 -37.98
N VAL WF 67 45.65 74.59 -37.27
CA VAL WF 67 46.85 73.87 -37.71
C VAL WF 67 46.70 72.41 -37.31
N ASN WF 68 46.87 71.51 -38.28
CA ASN WF 68 46.83 70.07 -38.01
C ASN WF 68 48.20 69.60 -37.56
N GLY WF 69 48.31 69.22 -36.29
CA GLY WF 69 49.55 68.75 -35.72
C GLY WF 69 50.21 69.71 -34.76
N GLY WF 70 49.55 70.81 -34.39
CA GLY WF 70 50.10 71.74 -33.44
C GLY WF 70 49.08 72.07 -32.36
N GLN WF 71 49.60 72.34 -31.17
CA GLN WF 71 48.75 72.66 -30.03
C GLN WF 71 49.44 73.72 -29.18
N VAL WF 72 48.62 74.56 -28.55
CA VAL WF 72 49.11 75.58 -27.63
C VAL WF 72 49.45 74.88 -26.31
N LEU WF 73 50.70 75.03 -25.87
CA LEU WF 73 51.10 74.43 -24.61
C LEU WF 73 50.89 75.41 -23.45
N SER WF 74 51.26 76.67 -23.63
CA SER WF 74 51.17 77.64 -22.57
C SER WF 74 51.10 79.04 -23.16
N THR WF 75 50.27 79.88 -22.56
CA THR WF 75 50.20 81.30 -22.88
C THR WF 75 50.31 82.11 -21.61
N HIS WF 76 50.90 83.29 -21.72
CA HIS WF 76 50.96 84.20 -20.58
C HIS WF 76 51.12 85.63 -21.06
N ILE WF 77 50.61 86.55 -20.25
CA ILE WF 77 50.61 87.98 -20.52
C ILE WF 77 51.08 88.69 -19.26
N ILE WF 78 52.07 89.58 -19.39
CA ILE WF 78 52.54 90.41 -18.30
C ILE WF 78 52.31 91.87 -18.69
N ALA WF 79 51.61 92.62 -17.82
CA ALA WF 79 51.18 93.96 -18.17
C ALA WF 79 52.35 94.93 -18.25
N ARG WF 80 53.34 94.75 -17.38
CA ARG WF 80 54.54 95.60 -17.36
C ARG WF 80 55.66 94.75 -16.80
N PRO WF 81 56.51 94.18 -17.65
CA PRO WF 81 57.65 93.44 -17.14
C PRO WF 81 58.68 94.34 -16.49
N HIS WF 82 59.38 93.79 -15.51
CA HIS WF 82 60.49 94.48 -14.88
C HIS WF 82 61.61 94.66 -15.88
N GLU WF 83 62.38 95.73 -15.71
CA GLU WF 83 63.45 96.03 -16.66
C GLU WF 83 64.65 95.08 -16.49
N ASN WF 84 64.67 94.29 -15.43
CA ASN WF 84 65.63 93.21 -15.31
C ASN WF 84 65.42 92.13 -16.36
N LEU WF 85 64.17 91.95 -16.81
CA LEU WF 85 63.85 90.84 -17.71
C LEU WF 85 64.31 91.09 -19.14
N GLU WF 86 64.43 92.35 -19.56
CA GLU WF 86 64.85 92.62 -20.93
C GLU WF 86 66.33 92.32 -21.13
N TYR WF 87 67.12 92.32 -20.06
CA TYR WF 87 68.55 92.08 -20.20
C TYR WF 87 68.88 90.59 -20.07
N VAL WF 88 68.00 89.83 -19.42
CA VAL WF 88 68.27 88.40 -19.25
C VAL WF 88 67.45 87.57 -20.22
N LEU WF 89 66.18 87.86 -20.34
CA LEU WF 89 65.30 87.09 -21.18
C LEU WF 89 65.13 87.76 -22.54
N PRO WF 90 64.97 86.98 -23.61
CA PRO WF 90 64.84 87.56 -24.96
C PRO WF 90 63.44 88.06 -25.27
N ILE WF 91 62.99 89.05 -24.51
CA ILE WF 91 61.70 89.68 -24.71
C ILE WF 91 61.81 91.13 -25.13
N ARG WF 92 63.02 91.62 -25.37
CA ARG WF 92 63.22 93.02 -25.68
C ARG WF 92 63.07 93.28 -27.17
N TYR WF 93 62.86 94.56 -27.50
CA TYR WF 93 62.83 94.98 -28.90
C TYR WF 93 64.23 94.89 -29.50
N THR WF 94 64.36 94.10 -30.56
CA THR WF 94 65.59 94.10 -31.34
C THR WF 94 65.59 95.28 -32.30
N GLU WF 95 66.75 95.54 -32.89
CA GLU WF 95 66.88 96.68 -33.80
C GLU WF 95 66.25 96.37 -35.16
N GLU WF 96 65.97 95.10 -35.45
CA GLU WF 96 65.37 94.75 -36.72
C GLU WF 96 63.86 94.99 -36.72
N VAL WF 97 63.26 95.05 -35.54
CA VAL WF 97 61.80 95.13 -35.42
C VAL WF 97 61.34 96.49 -34.92
N GLU WF 98 62.22 97.50 -34.96
CA GLU WF 98 61.83 98.83 -34.48
C GLU WF 98 60.92 99.56 -35.46
N GLN WF 99 60.84 99.10 -36.71
CA GLN WF 99 59.94 99.71 -37.67
C GLN WF 99 58.49 99.32 -37.43
N PHE WF 100 58.26 98.27 -36.65
CA PHE WF 100 56.91 97.81 -36.33
C PHE WF 100 56.41 98.31 -34.98
N ARG WF 101 57.22 99.04 -34.24
CA ARG WF 101 56.85 99.49 -32.91
C ARG WF 101 55.86 100.64 -32.95
N MET XF 1 25.48 102.91 3.92
CA MET XF 1 25.65 103.43 2.57
C MET XF 1 26.12 104.88 2.59
N GLN XF 2 26.78 105.28 1.51
CA GLN XF 2 27.22 106.65 1.32
C GLN XF 2 26.65 107.17 0.01
N MET XF 3 26.38 108.47 -0.02
CA MET XF 3 26.00 109.12 -1.26
C MET XF 3 27.26 109.52 -2.02
N ALA XF 4 27.28 109.23 -3.31
CA ALA XF 4 28.45 109.49 -4.13
C ALA XF 4 28.01 109.98 -5.49
N LYS XF 5 28.89 110.73 -6.13
CA LYS XF 5 28.70 111.21 -7.49
C LYS XF 5 29.62 110.46 -8.44
N VAL XF 6 29.06 109.95 -9.53
CA VAL XF 6 29.83 109.22 -10.53
C VAL XF 6 30.71 110.23 -11.27
N CYS XF 7 32.02 110.14 -11.06
CA CYS XF 7 32.92 111.05 -11.74
C CYS XF 7 33.61 110.40 -12.93
N GLY XF 8 33.63 109.07 -12.98
CA GLY XF 8 34.21 108.43 -14.15
C GLY XF 8 34.26 106.93 -14.04
N THR XF 9 35.10 106.35 -14.90
CA THR XF 9 35.22 104.90 -15.03
C THR XF 9 36.68 104.50 -14.86
N VAL XF 10 36.90 103.30 -14.33
CA VAL XF 10 38.23 102.70 -14.21
C VAL XF 10 38.22 101.39 -14.98
N VAL XF 11 39.15 101.24 -15.90
CA VAL XF 11 39.26 100.04 -16.72
C VAL XF 11 40.58 99.36 -16.37
N GLY XF 12 40.50 98.08 -16.01
CA GLY XF 12 41.69 97.27 -15.81
C GLY XF 12 41.67 96.03 -16.66
N THR XF 13 42.76 95.77 -17.40
CA THR XF 13 42.81 94.59 -18.25
C THR XF 13 43.42 93.38 -17.56
N GLN XF 14 44.53 93.55 -16.85
CA GLN XF 14 45.09 92.50 -16.01
C GLN XF 14 44.43 92.59 -14.65
N LYS XF 15 43.61 91.59 -14.33
CA LYS XF 15 42.84 91.57 -13.10
C LYS XF 15 42.67 90.11 -12.70
N LEU XF 16 41.93 89.89 -11.62
CA LEU XF 16 41.55 88.54 -11.28
C LEU XF 16 40.48 88.05 -12.26
N PRO XF 17 40.42 86.74 -12.51
CA PRO XF 17 39.37 86.22 -13.39
C PRO XF 17 37.97 86.39 -12.84
N SER XF 18 37.82 86.46 -11.52
CA SER XF 18 36.53 86.74 -10.91
C SER XF 18 36.17 88.23 -11.01
N MET XF 19 37.12 89.08 -11.39
CA MET XF 19 36.83 90.49 -11.62
C MET XF 19 36.38 90.76 -13.06
N THR XF 20 36.21 89.73 -13.87
CA THR XF 20 35.85 89.91 -15.27
C THR XF 20 34.34 90.16 -15.40
N GLY XF 21 33.99 91.20 -16.13
CA GLY XF 21 32.60 91.58 -16.30
C GLY XF 21 32.10 92.58 -15.31
N VAL XF 22 32.88 92.92 -14.30
CA VAL XF 22 32.51 93.89 -13.27
C VAL XF 22 32.79 95.28 -13.83
N LYS XF 23 31.75 96.09 -13.93
CA LYS XF 23 31.88 97.48 -14.36
C LYS XF 23 32.33 98.32 -13.17
N LEU XF 24 33.41 99.07 -13.34
CA LEU XF 24 34.03 99.81 -12.25
C LEU XF 24 33.84 101.31 -12.47
N LEU XF 25 33.19 101.95 -11.53
CA LEU XF 25 32.94 103.38 -11.56
C LEU XF 25 33.79 104.09 -10.52
N LEU XF 26 34.33 105.24 -10.91
CA LEU XF 26 35.03 106.14 -9.99
C LEU XF 26 33.99 107.09 -9.40
N LEU XF 27 33.67 106.90 -8.13
CA LEU XF 27 32.66 107.69 -7.45
C LEU XF 27 33.33 108.59 -6.42
N GLN XF 28 33.04 109.88 -6.49
CA GLN XF 28 33.47 110.82 -5.46
C GLN XF 28 32.35 111.01 -4.45
N PHE XF 29 32.69 110.93 -3.17
CA PHE XF 29 31.68 111.06 -2.13
C PHE XF 29 31.22 112.50 -1.99
N ILE XF 30 29.92 112.67 -1.82
CA ILE XF 30 29.30 113.96 -1.57
C ILE XF 30 28.82 113.96 -0.12
N ASP XF 31 28.71 115.14 0.46
CA ASP XF 31 28.30 115.21 1.86
C ASP XF 31 26.78 115.22 1.99
N ALA XF 32 26.30 115.49 3.20
CA ALA XF 32 24.86 115.59 3.42
C ALA XF 32 24.29 116.89 2.86
N ASN XF 33 25.14 117.87 2.58
CA ASN XF 33 24.66 119.13 2.00
C ASN XF 33 24.74 119.11 0.47
N GLY XF 34 25.42 118.12 -0.10
CA GLY XF 34 25.54 118.01 -1.53
C GLY XF 34 26.85 118.45 -2.14
N GLU XF 35 27.82 118.87 -1.32
CA GLU XF 35 29.13 119.29 -1.80
C GLU XF 35 30.05 118.10 -1.90
N LEU XF 36 31.00 118.18 -2.84
CA LEU XF 36 31.91 117.07 -3.09
C LEU XF 36 32.96 116.99 -1.98
N LEU XF 37 33.09 115.83 -1.36
CA LEU XF 37 34.12 115.58 -0.37
C LEU XF 37 35.42 115.18 -1.07
N PRO XF 38 36.58 115.46 -0.46
CA PRO XF 38 37.85 114.97 -1.02
C PRO XF 38 38.13 113.51 -0.68
N LYS XF 39 37.22 112.63 -1.12
CA LYS XF 39 37.29 111.21 -0.85
C LYS XF 39 36.55 110.50 -1.98
N TYR XF 40 37.10 109.39 -2.43
CA TYR XF 40 36.54 108.66 -3.57
C TYR XF 40 36.40 107.19 -3.25
N GLU XF 41 35.89 106.45 -4.24
CA GLU XF 41 35.77 105.02 -4.18
C GLU XF 41 35.71 104.49 -5.60
N VAL XF 42 36.12 103.24 -5.77
CA VAL XF 42 35.89 102.51 -7.02
C VAL XF 42 34.95 101.36 -6.68
N ALA XF 43 33.78 101.35 -7.30
CA ALA XF 43 32.73 100.42 -6.93
C ALA XF 43 32.21 99.67 -8.14
N ALA XF 44 31.73 98.46 -7.89
CA ALA XF 44 30.98 97.71 -8.88
C ALA XF 44 29.63 98.38 -9.12
N ASP XF 45 29.10 98.21 -10.33
CA ASP XF 45 27.90 98.91 -10.77
C ASP XF 45 26.92 97.93 -11.42
N PRO XF 46 26.09 97.23 -10.63
CA PRO XF 46 25.03 96.45 -11.25
C PRO XF 46 23.85 97.30 -11.68
N VAL XF 47 23.55 98.36 -10.94
CA VAL XF 47 22.52 99.33 -11.26
C VAL XF 47 23.16 100.34 -12.21
N GLY XF 48 22.77 100.32 -13.48
CA GLY XF 48 23.52 101.01 -14.51
C GLY XF 48 23.46 102.52 -14.36
N ALA XF 49 24.57 103.12 -13.92
CA ALA XF 49 24.64 104.53 -13.60
C ALA XF 49 25.71 105.19 -14.45
N GLY XF 50 25.39 106.36 -15.00
CA GLY XF 50 26.31 107.09 -15.84
C GLY XF 50 26.95 108.26 -15.12
N LEU XF 51 27.75 109.00 -15.88
CA LEU XF 51 28.57 110.06 -15.31
C LEU XF 51 27.72 111.24 -14.87
N GLY XF 52 27.92 111.66 -13.63
CA GLY XF 52 27.14 112.72 -13.04
C GLY XF 52 26.01 112.26 -12.14
N GLU XF 53 25.73 110.96 -12.11
CA GLU XF 53 24.66 110.43 -11.28
C GLU XF 53 25.00 110.47 -9.80
N TRP XF 54 23.98 110.68 -9.00
CA TRP XF 54 24.05 110.51 -7.55
C TRP XF 54 23.67 109.07 -7.24
N VAL XF 55 24.57 108.35 -6.58
CA VAL XF 55 24.35 106.94 -6.29
C VAL XF 55 24.52 106.69 -4.80
N LEU XF 56 23.95 105.58 -4.34
CA LEU XF 56 24.26 105.03 -3.03
C LEU XF 56 25.23 103.87 -3.22
N VAL XF 57 26.33 103.92 -2.49
CA VAL XF 57 27.36 102.90 -2.56
C VAL XF 57 27.57 102.31 -1.17
N ASN XF 58 27.57 100.99 -1.09
CA ASN XF 58 27.81 100.33 0.17
C ASN XF 58 29.30 100.03 0.32
N ARG XF 59 29.67 99.40 1.44
CA ARG XF 59 31.06 99.17 1.75
C ARG XF 59 31.19 97.78 2.36
N GLY XF 60 32.33 97.15 2.11
CA GLY XF 60 32.64 95.90 2.77
C GLY XF 60 31.97 94.69 2.16
N SER XF 61 31.51 93.77 3.01
CA SER XF 61 30.96 92.50 2.55
C SER XF 61 29.53 92.62 2.06
N ALA XF 62 28.93 93.80 2.15
CA ALA XF 62 27.60 94.04 1.59
C ALA XF 62 27.65 94.11 0.07
N ALA XF 63 28.83 94.38 -0.50
CA ALA XF 63 29.00 94.38 -1.95
C ALA XF 63 28.90 92.98 -2.55
N ARG XF 64 29.03 91.93 -1.73
CA ARG XF 64 29.00 90.57 -2.20
C ARG XF 64 27.67 89.88 -1.92
N GLN XF 65 26.58 90.64 -1.86
CA GLN XF 65 25.27 90.09 -1.54
C GLN XF 65 24.33 90.02 -2.75
N THR XF 66 24.85 90.24 -3.96
CA THR XF 66 24.00 90.51 -5.10
C THR XF 66 23.79 89.23 -5.92
N GLU XF 67 24.20 88.09 -5.36
CA GLU XF 67 24.09 86.71 -5.86
C GLU XF 67 24.82 86.46 -7.18
N TYR XF 68 25.45 87.48 -7.77
CA TYR XF 68 26.46 87.30 -8.79
C TYR XF 68 27.76 88.00 -8.43
N HIS XF 69 27.80 88.65 -7.27
CA HIS XF 69 29.02 89.25 -6.72
C HIS XF 69 29.54 88.47 -5.52
N GLN XF 70 29.06 87.24 -5.34
CA GLN XF 70 29.19 86.55 -4.05
C GLN XF 70 30.62 86.12 -3.76
N ASN XF 71 31.29 85.53 -4.75
CA ASN XF 71 32.66 85.07 -4.58
C ASN XF 71 33.65 85.99 -5.28
N ARG XF 72 33.24 87.22 -5.56
CA ARG XF 72 34.01 88.25 -6.23
C ARG XF 72 34.68 89.15 -5.19
N PRO XF 73 35.94 89.54 -5.42
CA PRO XF 73 36.67 90.38 -4.46
C PRO XF 73 36.26 91.85 -4.52
N LEU XF 74 35.03 92.13 -4.10
CA LEU XF 74 34.45 93.45 -4.17
C LEU XF 74 34.14 93.95 -2.77
N ASP XF 75 34.57 95.18 -2.46
CA ASP XF 75 34.29 95.79 -1.17
C ASP XF 75 33.49 97.08 -1.30
N ALA XF 76 33.01 97.39 -2.50
CA ALA XF 76 32.20 98.57 -2.74
C ALA XF 76 31.32 98.32 -3.95
N MET XF 77 30.08 98.78 -3.89
CA MET XF 77 29.12 98.49 -4.95
C MET XF 77 28.03 99.55 -4.95
N VAL XF 78 27.68 100.05 -6.13
CA VAL XF 78 26.51 100.91 -6.26
C VAL XF 78 25.26 100.08 -6.06
N VAL XF 79 24.47 100.42 -5.04
CA VAL XF 79 23.24 99.69 -4.76
C VAL XF 79 22.01 100.38 -5.30
N ALA XF 80 22.06 101.68 -5.52
CA ALA XF 80 20.88 102.44 -5.91
C ALA XF 80 21.31 103.70 -6.61
N ILE XF 81 20.54 104.08 -7.62
CA ILE XF 81 20.63 105.40 -8.22
C ILE XF 81 19.68 106.30 -7.45
N ILE XF 82 20.21 107.41 -6.92
CA ILE XF 82 19.42 108.28 -6.06
C ILE XF 82 18.44 109.06 -6.93
N ASP XF 83 17.16 108.96 -6.61
CA ASP XF 83 16.16 109.81 -7.24
C ASP XF 83 16.06 111.17 -6.58
N THR XF 84 15.75 111.20 -5.28
CA THR XF 84 15.62 112.45 -4.56
C THR XF 84 16.18 112.31 -3.15
N VAL XF 85 16.72 113.40 -2.64
CA VAL XF 85 17.18 113.51 -1.27
C VAL XF 85 16.42 114.66 -0.61
N THR XF 86 15.70 114.35 0.46
CA THR XF 86 14.99 115.35 1.24
C THR XF 86 15.73 115.53 2.56
N VAL XF 87 16.12 116.75 2.86
CA VAL XF 87 16.80 117.08 4.11
C VAL XF 87 15.97 118.14 4.83
N ASN XF 88 15.51 117.79 6.04
CA ASN XF 88 14.68 118.65 6.90
C ASN XF 88 13.40 119.10 6.18
N ASN XF 89 12.72 118.13 5.55
CA ASN XF 89 11.53 118.28 4.72
C ASN XF 89 11.73 119.20 3.52
N ARG XF 90 12.97 119.46 3.12
CA ARG XF 90 13.29 120.27 1.96
C ARG XF 90 14.06 119.40 0.96
N ARG XF 91 13.63 119.44 -0.30
CA ARG XF 91 14.27 118.62 -1.33
C ARG XF 91 15.65 119.16 -1.65
N LEU XF 92 16.67 118.32 -1.47
CA LEU XF 92 18.05 118.66 -1.79
C LEU XF 92 18.43 118.27 -3.21
N TYR XF 93 17.95 117.13 -3.68
CA TYR XF 93 18.31 116.60 -4.98
C TYR XF 93 17.05 116.10 -5.68
N GLY XF 94 17.04 116.17 -7.00
CA GLY XF 94 15.92 115.71 -7.78
C GLY XF 94 14.87 116.77 -8.02
N ALA YF 2 -59.20 68.59 -70.19
CA ALA YF 2 -58.69 69.85 -70.70
C ALA YF 2 -57.20 69.75 -71.03
N VAL YF 3 -56.52 70.89 -71.07
CA VAL YF 3 -55.09 70.95 -71.28
C VAL YF 3 -54.38 70.35 -70.07
N ALA YF 4 -53.31 69.58 -70.33
CA ALA YF 4 -52.68 68.78 -69.29
C ALA YF 4 -52.03 69.64 -68.20
N VAL YF 5 -51.98 69.11 -67.00
CA VAL YF 5 -51.46 69.81 -65.83
C VAL YF 5 -50.37 68.96 -65.20
N GLY YF 6 -49.25 69.60 -64.88
CA GLY YF 6 -48.17 68.94 -64.15
C GLY YF 6 -47.84 69.71 -62.89
N MET YF 7 -47.56 68.97 -61.82
CA MET YF 7 -47.28 69.56 -60.53
C MET YF 7 -45.99 68.96 -59.99
N ILE YF 8 -45.13 69.81 -59.42
CA ILE YF 8 -43.97 69.37 -58.68
C ILE YF 8 -44.04 70.01 -57.31
N GLU YF 9 -44.13 69.19 -56.26
CA GLU YF 9 -44.14 69.67 -54.89
C GLU YF 9 -42.76 69.47 -54.28
N THR YF 10 -42.14 70.57 -53.87
CA THR YF 10 -40.83 70.53 -53.24
C THR YF 10 -40.94 71.02 -51.80
N LEU YF 11 -39.92 70.66 -51.02
CA LEU YF 11 -39.78 71.13 -49.65
C LEU YF 11 -38.79 72.29 -49.68
N GLY YF 12 -39.31 73.51 -49.74
CA GLY YF 12 -38.45 74.68 -49.80
C GLY YF 12 -38.70 75.55 -51.01
N PHE YF 13 -38.53 76.85 -50.84
CA PHE YF 13 -38.72 77.83 -51.90
C PHE YF 13 -37.59 77.95 -52.93
N PRO YF 14 -36.29 77.83 -52.58
CA PRO YF 14 -35.29 77.75 -53.67
C PRO YF 14 -35.41 76.49 -54.53
N ALA YF 15 -35.93 75.40 -53.97
CA ALA YF 15 -36.11 74.19 -54.75
C ALA YF 15 -37.30 74.30 -55.68
N VAL YF 16 -38.28 75.13 -55.34
CA VAL YF 16 -39.49 75.21 -56.16
C VAL YF 16 -39.32 76.22 -57.27
N VAL YF 17 -38.40 77.17 -57.12
CA VAL YF 17 -38.12 78.11 -58.20
C VAL YF 17 -37.24 77.45 -59.24
N GLU YF 18 -36.32 76.58 -58.80
CA GLU YF 18 -35.57 75.76 -59.74
C GLU YF 18 -36.47 74.75 -60.44
N ALA YF 19 -37.44 74.19 -59.72
CA ALA YF 19 -38.44 73.33 -60.36
C ALA YF 19 -39.28 74.09 -61.37
N ALA YF 20 -39.68 75.32 -61.03
CA ALA YF 20 -40.47 76.11 -61.96
C ALA YF 20 -39.62 76.60 -63.12
N ASP YF 21 -38.35 76.90 -62.88
CA ASP YF 21 -37.48 77.37 -63.96
C ASP YF 21 -37.10 76.24 -64.91
N ALA YF 22 -36.83 75.04 -64.39
CA ALA YF 22 -36.42 73.94 -65.25
C ALA YF 22 -37.58 73.38 -66.04
N MET YF 23 -38.81 73.53 -65.53
CA MET YF 23 -39.97 73.00 -66.24
C MET YF 23 -40.27 73.81 -67.49
N VAL YF 24 -40.21 75.14 -67.39
CA VAL YF 24 -40.55 75.97 -68.54
C VAL YF 24 -39.34 76.16 -69.45
N LYS YF 25 -38.17 75.68 -69.03
CA LYS YF 25 -37.01 75.71 -69.92
C LYS YF 25 -36.81 74.39 -70.63
N ALA YF 26 -37.39 73.29 -70.11
CA ALA YF 26 -37.21 72.00 -70.75
C ALA YF 26 -38.17 71.81 -71.91
N ALA YF 27 -39.36 72.39 -71.83
CA ALA YF 27 -40.39 72.18 -72.83
C ALA YF 27 -41.29 73.40 -72.91
N ARG YF 28 -42.26 73.33 -73.81
CA ARG YF 28 -43.18 74.44 -74.08
C ARG YF 28 -44.39 74.28 -73.16
N VAL YF 29 -44.19 74.58 -71.88
CA VAL YF 29 -45.25 74.59 -70.89
C VAL YF 29 -45.41 76.00 -70.37
N THR YF 30 -46.53 76.24 -69.71
CA THR YF 30 -46.82 77.53 -69.10
C THR YF 30 -46.96 77.34 -67.60
N LEU YF 31 -46.04 77.89 -66.83
CA LEU YF 31 -46.17 77.94 -65.39
C LEU YF 31 -47.31 78.87 -65.04
N VAL YF 32 -48.36 78.33 -64.43
CA VAL YF 32 -49.57 79.09 -64.16
C VAL YF 32 -49.79 79.30 -62.67
N GLY YF 33 -49.22 78.49 -61.81
CA GLY YF 33 -49.64 78.46 -60.43
C GLY YF 33 -48.48 78.25 -59.50
N TYR YF 34 -48.69 78.62 -58.24
CA TYR YF 34 -47.69 78.55 -57.20
C TYR YF 34 -48.45 78.40 -55.89
N GLU YF 35 -48.37 77.22 -55.29
CA GLU YF 35 -49.29 76.81 -54.25
C GLU YF 35 -48.54 76.44 -52.99
N LYS YF 36 -48.93 77.05 -51.87
CA LYS YF 36 -48.35 76.76 -50.56
C LYS YF 36 -49.43 76.16 -49.67
N ILE YF 37 -49.14 75.01 -49.08
CA ILE YF 37 -50.09 74.29 -48.24
C ILE YF 37 -49.58 74.10 -46.82
N GLY YF 38 -48.46 74.73 -46.47
CA GLY YF 38 -47.90 74.63 -45.13
C GLY YF 38 -46.81 73.58 -45.03
N THR YF 39 -46.09 73.64 -43.91
CA THR YF 39 -44.84 72.91 -43.62
C THR YF 39 -43.82 73.00 -44.74
N GLY YF 40 -43.73 74.13 -45.43
CA GLY YF 40 -42.76 74.28 -46.49
C GLY YF 40 -43.08 73.53 -47.77
N ARG YF 41 -44.19 72.80 -47.82
CA ARG YF 41 -44.59 72.08 -49.02
C ARG YF 41 -45.14 73.07 -50.03
N VAL YF 42 -44.35 73.34 -51.07
CA VAL YF 42 -44.70 74.32 -52.09
C VAL YF 42 -44.82 73.60 -53.42
N THR YF 43 -45.88 73.91 -54.16
CA THR YF 43 -46.17 73.26 -55.44
C THR YF 43 -46.26 74.31 -56.53
N VAL YF 44 -45.53 74.09 -57.62
CA VAL YF 44 -45.70 74.85 -58.85
C VAL YF 44 -46.48 74.02 -59.85
N ILE YF 45 -47.33 74.69 -60.62
CA ILE YF 45 -48.28 74.05 -61.52
C ILE YF 45 -48.01 74.56 -62.92
N VAL YF 46 -47.74 73.64 -63.85
CA VAL YF 46 -47.56 74.00 -65.25
C VAL YF 46 -48.70 73.42 -66.06
N ARG YF 47 -49.02 74.10 -67.16
CA ARG YF 47 -50.00 73.62 -68.12
C ARG YF 47 -49.34 73.49 -69.49
N GLY YF 48 -49.90 72.63 -70.33
CA GLY YF 48 -49.39 72.49 -71.68
C GLY YF 48 -49.82 71.16 -72.26
N ASP YF 49 -49.22 70.84 -73.40
CA ASP YF 49 -49.46 69.55 -74.04
C ASP YF 49 -48.84 68.43 -73.20
N VAL YF 50 -49.31 67.21 -73.46
CA VAL YF 50 -48.92 66.06 -72.65
C VAL YF 50 -47.45 65.72 -72.88
N SER YF 51 -46.97 65.86 -74.11
CA SER YF 51 -45.56 65.65 -74.40
C SER YF 51 -44.69 66.68 -73.72
N GLU YF 52 -45.14 67.93 -73.65
CA GLU YF 52 -44.37 68.97 -73.01
C GLU YF 52 -44.40 68.86 -71.49
N VAL YF 53 -45.56 68.52 -70.92
CA VAL YF 53 -45.69 68.44 -69.47
C VAL YF 53 -44.93 67.22 -68.93
N GLN YF 54 -44.94 66.11 -69.67
CA GLN YF 54 -44.16 64.93 -69.28
C GLN YF 54 -42.67 65.21 -69.35
N ALA YF 55 -42.23 65.99 -70.33
CA ALA YF 55 -40.81 66.34 -70.42
C ALA YF 55 -40.43 67.35 -69.36
N SER YF 56 -41.35 68.22 -68.97
CA SER YF 56 -41.05 69.27 -68.01
C SER YF 56 -40.96 68.73 -66.59
N VAL YF 57 -41.94 67.90 -66.19
CA VAL YF 57 -41.98 67.38 -64.83
C VAL YF 57 -40.84 66.41 -64.59
N SER YF 58 -40.48 65.63 -65.62
CA SER YF 58 -39.37 64.69 -65.48
C SER YF 58 -38.03 65.40 -65.44
N ALA YF 59 -37.90 66.52 -66.15
CA ALA YF 59 -36.66 67.28 -66.11
C ALA YF 59 -36.65 68.24 -64.92
N GLY YF 60 -37.82 68.72 -64.50
CA GLY YF 60 -37.90 69.55 -63.31
C GLY YF 60 -37.63 68.79 -62.03
N THR YF 61 -37.89 67.48 -62.03
CA THR YF 61 -37.61 66.68 -60.84
C THR YF 61 -36.11 66.45 -60.67
N GLU YF 62 -35.39 66.25 -61.78
CA GLU YF 62 -33.96 66.00 -61.69
C GLU YF 62 -33.17 67.27 -61.39
N SER YF 63 -33.78 68.44 -61.62
CA SER YF 63 -33.08 69.69 -61.37
C SER YF 63 -33.10 70.07 -59.89
N VAL YF 64 -34.16 69.68 -59.17
CA VAL YF 64 -34.25 69.94 -57.74
C VAL YF 64 -33.20 69.17 -56.96
N LYS YF 65 -32.80 67.99 -57.41
CA LYS YF 65 -31.71 67.26 -56.78
C LYS YF 65 -30.37 67.66 -57.37
N ARG YF 66 -30.17 68.97 -57.53
CA ARG YF 66 -28.91 69.61 -57.85
C ARG YF 66 -28.87 70.90 -57.04
N VAL YF 67 -29.91 71.10 -56.23
CA VAL YF 67 -30.03 72.21 -55.29
C VAL YF 67 -29.71 71.67 -53.90
N ASN YF 68 -28.84 72.37 -53.19
CA ASN YF 68 -28.53 71.97 -51.82
C ASN YF 68 -29.71 72.31 -50.91
N GLY YF 69 -30.14 71.33 -50.13
CA GLY YF 69 -31.34 71.51 -49.34
C GLY YF 69 -32.63 71.37 -50.12
N GLY YF 70 -32.55 70.94 -51.39
CA GLY YF 70 -33.72 70.75 -52.23
C GLY YF 70 -34.20 69.31 -52.16
N GLN YF 71 -35.51 69.16 -52.06
CA GLN YF 71 -36.13 67.85 -51.89
C GLN YF 71 -37.46 67.81 -52.62
N VAL YF 72 -37.60 66.87 -53.55
CA VAL YF 72 -38.87 66.65 -54.24
C VAL YF 72 -39.74 65.81 -53.33
N LEU YF 73 -40.92 66.32 -53.01
CA LEU YF 73 -41.85 65.56 -52.19
C LEU YF 73 -42.78 64.72 -53.06
N SER YF 74 -43.41 65.34 -54.05
CA SER YF 74 -44.38 64.64 -54.88
C SER YF 74 -44.50 65.34 -56.22
N THR YF 75 -44.47 64.54 -57.29
CA THR YF 75 -44.71 65.02 -58.63
C THR YF 75 -45.86 64.23 -59.23
N HIS YF 76 -46.62 64.89 -60.10
CA HIS YF 76 -47.71 64.21 -60.80
C HIS YF 76 -48.02 64.94 -62.09
N ILE YF 77 -48.51 64.17 -63.07
CA ILE YF 77 -48.98 64.67 -64.35
C ILE YF 77 -50.38 64.13 -64.57
N ILE YF 78 -51.33 65.03 -64.84
CA ILE YF 78 -52.67 64.66 -65.26
C ILE YF 78 -52.83 65.07 -66.71
N ALA YF 79 -52.91 64.08 -67.61
CA ALA YF 79 -52.85 64.35 -69.03
C ALA YF 79 -54.12 64.99 -69.55
N ARG YF 80 -55.25 64.71 -68.92
CA ARG YF 80 -56.53 65.25 -69.36
C ARG YF 80 -57.37 65.52 -68.12
N PRO YF 81 -57.17 66.67 -67.47
CA PRO YF 81 -57.97 66.98 -66.29
C PRO YF 81 -59.38 67.37 -66.66
N HIS YF 82 -60.30 67.05 -65.75
CA HIS YF 82 -61.70 67.40 -65.93
C HIS YF 82 -61.88 68.90 -65.89
N GLU YF 83 -62.91 69.37 -66.60
CA GLU YF 83 -63.22 70.80 -66.64
C GLU YF 83 -63.76 71.32 -65.31
N ASN YF 84 -64.15 70.44 -64.39
CA ASN YF 84 -64.51 70.84 -63.04
C ASN YF 84 -63.31 71.35 -62.25
N LEU YF 85 -62.11 70.85 -62.57
CA LEU YF 85 -60.95 71.07 -61.71
C LEU YF 85 -60.39 72.47 -61.80
N GLU YF 86 -60.55 73.14 -62.94
CA GLU YF 86 -59.97 74.47 -63.10
C GLU YF 86 -60.72 75.51 -62.29
N TYR YF 87 -61.99 75.24 -61.98
CA TYR YF 87 -62.80 76.22 -61.25
C TYR YF 87 -62.61 76.10 -59.75
N VAL YF 88 -62.20 74.93 -59.27
CA VAL YF 88 -62.04 74.75 -57.83
C VAL YF 88 -60.58 74.84 -57.44
N LEU YF 89 -59.72 74.18 -58.17
CA LEU YF 89 -58.30 74.13 -57.85
C LEU YF 89 -57.56 75.24 -58.58
N PRO YF 90 -56.48 75.79 -57.99
CA PRO YF 90 -55.70 76.85 -58.65
C PRO YF 90 -54.71 76.31 -59.68
N ILE YF 91 -55.24 75.65 -60.71
CA ILE YF 91 -54.45 75.11 -61.81
C ILE YF 91 -54.79 75.76 -63.14
N ARG YF 92 -55.55 76.84 -63.14
CA ARG YF 92 -56.04 77.40 -64.38
C ARG YF 92 -55.15 78.53 -64.87
N TYR YF 93 -55.32 78.87 -66.14
CA TYR YF 93 -54.60 80.00 -66.73
C TYR YF 93 -55.15 81.31 -66.19
N THR YF 94 -54.30 82.07 -65.51
CA THR YF 94 -54.65 83.42 -65.12
C THR YF 94 -54.27 84.40 -66.23
N GLU YF 95 -54.71 85.65 -66.10
CA GLU YF 95 -54.60 86.57 -67.23
C GLU YF 95 -53.21 87.15 -67.36
N GLU YF 96 -52.34 86.95 -66.36
CA GLU YF 96 -50.98 87.45 -66.46
C GLU YF 96 -50.07 86.45 -67.17
N VAL YF 97 -50.51 85.21 -67.30
CA VAL YF 97 -49.73 84.17 -67.95
C VAL YF 97 -50.32 83.78 -69.31
N GLU YF 98 -51.26 84.58 -69.83
CA GLU YF 98 -51.87 84.25 -71.12
C GLU YF 98 -50.97 84.60 -72.30
N GLN YF 99 -49.87 85.31 -72.06
CA GLN YF 99 -48.91 85.56 -73.14
C GLN YF 99 -48.02 84.35 -73.40
N PHE YF 100 -47.90 83.45 -72.43
CA PHE YF 100 -47.02 82.30 -72.53
C PHE YF 100 -47.73 81.04 -73.02
N ARG YF 101 -49.05 81.08 -73.20
CA ARG YF 101 -49.78 79.91 -73.65
C ARG YF 101 -49.56 79.66 -75.14
N ALA ZF 2 -79.36 67.00 -47.10
CA ALA ZF 2 -79.06 67.60 -48.40
C ALA ZF 2 -78.41 66.59 -49.32
N VAL ZF 3 -77.88 67.09 -50.45
CA VAL ZF 3 -77.09 66.26 -51.36
C VAL ZF 3 -75.82 65.81 -50.66
N ALA ZF 4 -75.44 64.55 -50.85
CA ALA ZF 4 -74.37 63.93 -50.09
C ALA ZF 4 -73.02 64.57 -50.37
N VAL ZF 5 -72.15 64.57 -49.36
CA VAL ZF 5 -70.85 65.21 -49.42
C VAL ZF 5 -69.77 64.17 -49.15
N GLY ZF 6 -68.76 64.14 -50.00
CA GLY ZF 6 -67.61 63.28 -49.79
C GLY ZF 6 -66.34 64.10 -49.73
N MET ZF 7 -65.45 63.72 -48.82
CA MET ZF 7 -64.21 64.45 -48.59
C MET ZF 7 -63.04 63.48 -48.64
N ILE ZF 8 -61.97 63.88 -49.30
CA ILE ZF 8 -60.70 63.16 -49.26
C ILE ZF 8 -59.63 64.14 -48.81
N GLU ZF 9 -59.00 63.84 -47.68
CA GLU ZF 9 -57.87 64.63 -47.20
C GLU ZF 9 -56.57 63.91 -47.54
N THR ZF 10 -55.69 64.60 -48.24
CA THR ZF 10 -54.39 64.07 -48.60
C THR ZF 10 -53.29 64.92 -47.98
N LEU ZF 11 -52.10 64.35 -47.93
CA LEU ZF 11 -50.89 65.07 -47.55
C LEU ZF 11 -50.17 65.44 -48.84
N GLY ZF 12 -50.39 66.68 -49.28
CA GLY ZF 12 -49.77 67.12 -50.51
C GLY ZF 12 -50.75 67.60 -51.55
N PHE ZF 13 -50.35 68.61 -52.31
CA PHE ZF 13 -51.17 69.16 -53.39
C PHE ZF 13 -51.19 68.33 -54.68
N PRO ZF 14 -50.10 67.70 -55.16
CA PRO ZF 14 -50.27 66.78 -56.30
C PRO ZF 14 -51.14 65.56 -56.00
N ALA ZF 15 -51.21 65.14 -54.74
CA ALA ZF 15 -52.07 64.01 -54.39
C ALA ZF 15 -53.53 64.42 -54.37
N VAL ZF 16 -53.81 65.70 -54.11
CA VAL ZF 16 -55.20 66.12 -53.94
C VAL ZF 16 -55.81 66.50 -55.28
N VAL ZF 17 -54.98 66.79 -56.29
CA VAL ZF 17 -55.51 67.08 -57.62
C VAL ZF 17 -55.78 65.78 -58.36
N GLU ZF 18 -54.95 64.77 -58.15
CA GLU ZF 18 -55.20 63.46 -58.71
C GLU ZF 18 -56.40 62.79 -58.04
N ALA ZF 19 -56.58 63.01 -56.74
CA ALA ZF 19 -57.77 62.52 -56.06
C ALA ZF 19 -59.02 63.23 -56.55
N ALA ZF 20 -58.93 64.54 -56.80
CA ALA ZF 20 -60.09 65.28 -57.28
C ALA ZF 20 -60.38 64.95 -58.74
N ASP ZF 21 -59.36 64.64 -59.52
CA ASP ZF 21 -59.58 64.27 -60.92
C ASP ZF 21 -60.11 62.86 -61.06
N ALA ZF 22 -59.71 61.97 -60.15
CA ALA ZF 22 -60.25 60.61 -60.17
C ALA ZF 22 -61.69 60.58 -59.71
N MET ZF 23 -62.09 61.51 -58.85
CA MET ZF 23 -63.43 61.49 -58.28
C MET ZF 23 -64.48 61.91 -59.32
N VAL ZF 24 -64.22 62.99 -60.04
CA VAL ZF 24 -65.23 63.50 -60.96
C VAL ZF 24 -65.24 62.71 -62.26
N LYS ZF 25 -64.25 61.87 -62.48
CA LYS ZF 25 -64.28 60.97 -63.63
C LYS ZF 25 -64.96 59.66 -63.29
N ALA ZF 26 -64.92 59.27 -62.02
CA ALA ZF 26 -65.43 57.95 -61.63
C ALA ZF 26 -66.95 57.94 -61.55
N ALA ZF 27 -67.57 59.07 -61.19
CA ALA ZF 27 -69.00 59.10 -60.98
C ALA ZF 27 -69.53 60.50 -61.29
N ARG ZF 28 -70.83 60.68 -61.09
CA ARG ZF 28 -71.50 61.95 -61.37
C ARG ZF 28 -71.49 62.81 -60.11
N VAL ZF 29 -70.29 63.10 -59.63
CA VAL ZF 29 -70.11 64.00 -58.52
C VAL ZF 29 -69.62 65.33 -59.05
N THR ZF 30 -69.88 66.38 -58.29
CA THR ZF 30 -69.40 67.72 -58.60
C THR ZF 30 -68.36 68.11 -57.55
N LEU ZF 31 -67.13 68.32 -57.98
CA LEU ZF 31 -66.12 68.90 -57.13
C LEU ZF 31 -66.50 70.35 -56.86
N VAL ZF 32 -66.77 70.66 -55.60
CA VAL ZF 32 -67.22 72.00 -55.23
C VAL ZF 32 -66.24 72.70 -54.30
N GLY ZF 33 -65.34 71.99 -53.65
CA GLY ZF 33 -64.64 72.53 -52.52
C GLY ZF 33 -63.17 72.18 -52.53
N TYR ZF 34 -62.39 73.03 -51.87
CA TYR ZF 34 -60.94 72.89 -51.80
C TYR ZF 34 -60.51 73.58 -50.52
N GLU ZF 35 -59.96 72.83 -49.58
CA GLU ZF 35 -59.73 73.36 -48.24
C GLU ZF 35 -58.32 73.04 -47.77
N LYS ZF 36 -57.65 74.06 -47.25
CA LYS ZF 36 -56.32 73.92 -46.65
C LYS ZF 36 -56.43 74.24 -45.17
N ILE ZF 37 -55.95 73.32 -44.33
CA ILE ZF 37 -56.03 73.47 -42.89
C ILE ZF 37 -54.66 73.46 -42.24
N GLY ZF 38 -53.60 73.48 -43.04
CA GLY ZF 38 -52.25 73.55 -42.52
C GLY ZF 38 -51.55 72.21 -42.48
N THR ZF 39 -50.22 72.29 -42.44
CA THR ZF 39 -49.28 71.17 -42.46
C THR ZF 39 -49.51 70.19 -43.62
N GLY ZF 40 -49.81 70.71 -44.80
CA GLY ZF 40 -49.97 69.86 -45.95
C GLY ZF 40 -51.25 69.08 -46.02
N ARG ZF 41 -52.14 69.22 -45.05
CA ARG ZF 41 -53.41 68.53 -45.06
C ARG ZF 41 -54.38 69.29 -45.95
N VAL ZF 42 -54.61 68.76 -47.14
CA VAL ZF 42 -55.43 69.41 -48.16
C VAL ZF 42 -56.64 68.53 -48.43
N THR ZF 43 -57.82 69.15 -48.48
CA THR ZF 43 -59.08 68.42 -48.62
C THR ZF 43 -59.83 68.92 -49.85
N VAL ZF 44 -60.28 68.00 -50.68
CA VAL ZF 44 -61.22 68.29 -51.76
C VAL ZF 44 -62.58 67.70 -51.41
N ILE ZF 45 -63.62 68.40 -51.82
CA ILE ZF 45 -65.00 68.12 -51.41
C ILE ZF 45 -65.84 67.93 -52.65
N VAL ZF 46 -66.50 66.78 -52.76
CA VAL ZF 46 -67.42 66.51 -53.86
C VAL ZF 46 -68.84 66.43 -53.33
N ARG ZF 47 -69.79 66.75 -54.20
CA ARG ZF 47 -71.21 66.62 -53.91
C ARG ZF 47 -71.88 65.77 -54.97
N GLY ZF 48 -72.84 64.95 -54.56
CA GLY ZF 48 -73.58 64.14 -55.49
C GLY ZF 48 -74.50 63.20 -54.73
N ASP ZF 49 -75.13 62.30 -55.46
CA ASP ZF 49 -75.87 61.23 -54.82
C ASP ZF 49 -74.91 60.30 -54.09
N VAL ZF 50 -75.42 59.65 -53.04
CA VAL ZF 50 -74.56 58.90 -52.11
C VAL ZF 50 -73.95 57.67 -52.78
N SER ZF 51 -74.62 57.10 -53.79
CA SER ZF 51 -74.01 56.03 -54.56
C SER ZF 51 -72.88 56.54 -55.43
N GLU ZF 52 -73.04 57.74 -55.99
CA GLU ZF 52 -71.98 58.34 -56.79
C GLU ZF 52 -70.85 58.84 -55.91
N VAL ZF 53 -71.17 59.37 -54.73
CA VAL ZF 53 -70.15 59.88 -53.83
C VAL ZF 53 -69.32 58.74 -53.25
N GLN ZF 54 -69.96 57.61 -52.94
CA GLN ZF 54 -69.24 56.44 -52.46
C GLN ZF 54 -68.34 55.85 -53.53
N ALA ZF 55 -68.79 55.90 -54.79
CA ALA ZF 55 -67.99 55.36 -55.88
C ALA ZF 55 -66.82 56.28 -56.23
N SER ZF 56 -67.01 57.58 -56.05
CA SER ZF 56 -65.94 58.53 -56.40
C SER ZF 56 -64.88 58.59 -55.32
N VAL ZF 57 -65.30 58.67 -54.05
CA VAL ZF 57 -64.35 58.82 -52.93
C VAL ZF 57 -63.51 57.56 -52.80
N SER ZF 58 -64.07 56.39 -53.09
CA SER ZF 58 -63.30 55.16 -53.13
C SER ZF 58 -62.30 55.18 -54.27
N ALA ZF 59 -62.72 55.62 -55.45
CA ALA ZF 59 -61.84 55.63 -56.61
C ALA ZF 59 -60.83 56.78 -56.54
N GLY ZF 60 -61.16 57.83 -55.81
CA GLY ZF 60 -60.17 58.87 -55.56
C GLY ZF 60 -59.12 58.46 -54.56
N THR ZF 61 -59.39 57.43 -53.76
CA THR ZF 61 -58.44 56.99 -52.76
C THR ZF 61 -57.33 56.13 -53.38
N GLU ZF 62 -57.68 55.25 -54.33
CA GLU ZF 62 -56.64 54.40 -54.92
C GLU ZF 62 -55.78 55.17 -55.92
N SER ZF 63 -56.26 56.31 -56.42
CA SER ZF 63 -55.49 57.06 -57.39
C SER ZF 63 -54.39 57.89 -56.74
N VAL ZF 64 -54.44 58.08 -55.41
CA VAL ZF 64 -53.35 58.72 -54.71
C VAL ZF 64 -52.15 57.79 -54.64
N LYS ZF 65 -52.37 56.48 -54.74
CA LYS ZF 65 -51.27 55.52 -54.83
C LYS ZF 65 -50.51 55.65 -56.14
N ARG ZF 66 -51.14 56.22 -57.18
CA ARG ZF 66 -50.43 56.51 -58.42
C ARG ZF 66 -49.41 57.64 -58.20
N VAL ZF 67 -49.73 58.58 -57.33
CA VAL ZF 67 -48.82 59.69 -57.06
C VAL ZF 67 -47.71 59.23 -56.13
N ASN ZF 68 -46.47 59.45 -56.56
CA ASN ZF 68 -45.32 59.18 -55.71
C ASN ZF 68 -45.23 60.25 -54.63
N GLY ZF 69 -45.16 59.83 -53.37
CA GLY ZF 69 -45.16 60.79 -52.29
C GLY ZF 69 -46.53 61.31 -51.93
N GLY ZF 70 -47.59 60.69 -52.45
CA GLY ZF 70 -48.96 61.05 -52.12
C GLY ZF 70 -49.51 60.08 -51.09
N GLN ZF 71 -50.26 60.62 -50.13
CA GLN ZF 71 -50.78 59.86 -49.01
C GLN ZF 71 -52.15 60.37 -48.62
N VAL ZF 72 -53.13 59.47 -48.59
CA VAL ZF 72 -54.47 59.79 -48.12
C VAL ZF 72 -54.44 59.79 -46.60
N LEU ZF 73 -54.84 60.91 -46.00
CA LEU ZF 73 -54.89 60.99 -44.54
C LEU ZF 73 -56.25 60.54 -44.02
N SER ZF 74 -57.33 61.08 -44.57
CA SER ZF 74 -58.66 60.78 -44.07
C SER ZF 74 -59.67 60.97 -45.19
N THR ZF 75 -60.60 60.02 -45.28
CA THR ZF 75 -61.74 60.14 -46.17
C THR ZF 75 -63.01 60.00 -45.34
N HIS ZF 76 -64.07 60.66 -45.79
CA HIS ZF 76 -65.38 60.51 -45.15
C HIS ZF 76 -66.47 60.85 -46.15
N ILE ZF 77 -67.62 60.22 -45.96
CA ILE ZF 77 -68.81 60.44 -46.77
C ILE ZF 77 -69.98 60.67 -45.82
N ILE ZF 78 -70.68 61.78 -45.99
CA ILE ZF 78 -71.92 62.05 -45.28
C ILE ZF 78 -73.06 61.93 -46.27
N ALA ZF 79 -73.97 61.01 -46.01
CA ALA ZF 79 -75.01 60.66 -46.98
C ALA ZF 79 -76.06 61.75 -47.12
N ARG ZF 80 -76.27 62.53 -46.06
CA ARG ZF 80 -77.32 63.53 -46.04
C ARG ZF 80 -76.91 64.61 -45.04
N PRO ZF 81 -76.06 65.55 -45.45
CA PRO ZF 81 -75.63 66.59 -44.52
C PRO ZF 81 -76.74 67.58 -44.22
N HIS ZF 82 -76.70 68.11 -43.01
CA HIS ZF 82 -77.67 69.09 -42.57
C HIS ZF 82 -77.52 70.39 -43.35
N GLU ZF 83 -78.60 71.16 -43.43
CA GLU ZF 83 -78.61 72.40 -44.19
C GLU ZF 83 -77.76 73.49 -43.53
N ASN ZF 84 -77.46 73.35 -42.24
CA ASN ZF 84 -76.60 74.30 -41.54
C ASN ZF 84 -75.15 74.22 -42.03
N LEU ZF 85 -74.75 73.06 -42.57
CA LEU ZF 85 -73.35 72.82 -42.88
C LEU ZF 85 -72.89 73.59 -44.12
N GLU ZF 86 -73.80 73.85 -45.06
CA GLU ZF 86 -73.38 74.51 -46.30
C GLU ZF 86 -73.19 76.00 -46.10
N TYR ZF 87 -73.72 76.56 -45.02
CA TYR ZF 87 -73.57 77.99 -44.78
C TYR ZF 87 -72.36 78.29 -43.91
N VAL ZF 88 -71.78 77.27 -43.30
CA VAL ZF 88 -70.58 77.47 -42.49
C VAL ZF 88 -69.37 76.81 -43.13
N LEU ZF 89 -69.47 75.55 -43.41
CA LEU ZF 89 -68.36 74.81 -43.99
C LEU ZF 89 -68.32 74.98 -45.50
N PRO ZF 90 -67.14 74.96 -46.13
CA PRO ZF 90 -67.05 75.10 -47.59
C PRO ZF 90 -67.37 73.82 -48.35
N ILE ZF 91 -68.60 73.34 -48.18
CA ILE ZF 91 -69.10 72.18 -48.89
C ILE ZF 91 -70.23 72.52 -49.83
N ARG ZF 92 -70.53 73.80 -50.02
CA ARG ZF 92 -71.70 74.19 -50.79
C ARG ZF 92 -71.34 74.36 -52.27
N TYR ZF 93 -72.37 74.31 -53.10
CA TYR ZF 93 -72.21 74.61 -54.51
C TYR ZF 93 -71.99 76.10 -54.71
N THR ZF 94 -70.81 76.47 -55.18
CA THR ZF 94 -70.56 77.83 -55.59
C THR ZF 94 -71.16 78.06 -56.98
N GLU ZF 95 -71.24 79.33 -57.38
CA GLU ZF 95 -71.83 79.67 -58.67
C GLU ZF 95 -70.95 79.22 -59.83
N GLU ZF 96 -69.65 79.07 -59.58
CA GLU ZF 96 -68.71 78.68 -60.64
C GLU ZF 96 -68.87 77.21 -61.03
N VAL ZF 97 -69.43 76.39 -60.14
CA VAL ZF 97 -69.49 74.95 -60.38
C VAL ZF 97 -70.92 74.47 -60.62
N GLU ZF 98 -71.86 75.37 -60.90
CA GLU ZF 98 -73.22 74.94 -61.18
C GLU ZF 98 -73.41 74.44 -62.60
N GLN ZF 99 -72.40 74.58 -63.46
CA GLN ZF 99 -72.46 73.98 -64.78
C GLN ZF 99 -72.14 72.49 -64.73
N PHE ZF 100 -71.58 72.02 -63.63
CA PHE ZF 100 -71.21 70.61 -63.48
C PHE ZF 100 -72.16 69.84 -62.60
N ARG ZF 101 -73.20 70.47 -62.08
CA ARG ZF 101 -74.13 69.79 -61.18
C ARG ZF 101 -75.10 68.90 -61.94
N ALA AG 2 -48.97 56.32 -88.40
CA ALA AG 2 -49.38 57.70 -88.22
C ALA AG 2 -49.78 57.94 -86.77
N VAL AG 3 -50.98 57.45 -86.43
CA VAL AG 3 -51.46 57.51 -85.06
C VAL AG 3 -50.81 56.39 -84.25
N ALA AG 4 -50.32 56.71 -83.06
CA ALA AG 4 -49.64 55.72 -82.23
C ALA AG 4 -50.61 54.66 -81.73
N VAL AG 5 -50.05 53.54 -81.28
CA VAL AG 5 -50.84 52.42 -80.82
C VAL AG 5 -50.29 51.96 -79.47
N GLY AG 6 -51.19 51.75 -78.52
CA GLY AG 6 -50.82 51.19 -77.23
C GLY AG 6 -51.68 49.99 -76.89
N MET AG 7 -51.07 49.02 -76.23
CA MET AG 7 -51.74 47.77 -75.89
C MET AG 7 -51.50 47.47 -74.42
N ILE AG 8 -52.55 47.03 -73.74
CA ILE AG 8 -52.44 46.46 -72.40
C ILE AG 8 -53.06 45.08 -72.44
N GLU AG 9 -52.27 44.06 -72.11
CA GLU AG 9 -52.79 42.70 -72.02
C GLU AG 9 -52.97 42.32 -70.56
N THR AG 10 -54.19 41.95 -70.19
CA THR AG 10 -54.50 41.51 -68.85
C THR AG 10 -54.93 40.06 -68.87
N LEU AG 11 -54.88 39.43 -67.70
CA LEU AG 11 -55.45 38.11 -67.49
C LEU AG 11 -56.85 38.30 -66.92
N GLY AG 12 -57.84 38.13 -67.77
CA GLY AG 12 -59.21 38.30 -67.33
C GLY AG 12 -59.95 39.44 -67.98
N PHE AG 13 -61.25 39.27 -68.20
CA PHE AG 13 -62.09 40.30 -68.80
C PHE AG 13 -62.51 41.43 -67.86
N PRO AG 14 -62.80 41.23 -66.56
CA PRO AG 14 -63.00 42.41 -65.70
C PRO AG 14 -61.77 43.29 -65.54
N ALA AG 15 -60.57 42.72 -65.65
CA ALA AG 15 -59.37 43.53 -65.56
C ALA AG 15 -59.13 44.32 -66.83
N VAL AG 16 -59.62 43.83 -67.97
CA VAL AG 16 -59.32 44.49 -69.24
C VAL AG 16 -60.33 45.60 -69.52
N VAL AG 17 -61.49 45.57 -68.85
CA VAL AG 17 -62.46 46.64 -69.01
C VAL AG 17 -62.09 47.81 -68.10
N GLU AG 18 -61.56 47.51 -66.91
CA GLU AG 18 -61.04 48.56 -66.04
C GLU AG 18 -59.77 49.18 -66.62
N ALA AG 19 -58.96 48.37 -67.31
CA ALA AG 19 -57.80 48.91 -68.02
C ALA AG 19 -58.24 49.79 -69.18
N ALA AG 20 -59.24 49.36 -69.94
CA ALA AG 20 -59.70 50.14 -71.08
C ALA AG 20 -60.43 51.41 -70.65
N ASP AG 21 -61.13 51.36 -69.51
CA ASP AG 21 -61.83 52.54 -69.02
C ASP AG 21 -60.86 53.57 -68.46
N ALA AG 22 -59.77 53.11 -67.83
CA ALA AG 22 -58.78 54.04 -67.29
C ALA AG 22 -57.95 54.67 -68.39
N MET AG 23 -57.88 54.02 -69.56
CA MET AG 23 -57.07 54.56 -70.64
C MET AG 23 -57.76 55.74 -71.32
N VAL AG 24 -59.04 55.59 -71.65
CA VAL AG 24 -59.71 56.63 -72.42
C VAL AG 24 -60.16 57.78 -71.52
N LYS AG 25 -60.08 57.59 -70.20
CA LYS AG 25 -60.36 58.69 -69.29
C LYS AG 25 -59.11 59.52 -69.02
N ALA AG 26 -57.94 58.88 -69.04
CA ALA AG 26 -56.73 59.56 -68.62
C ALA AG 26 -56.20 60.50 -69.71
N ALA AG 27 -56.39 60.15 -70.97
CA ALA AG 27 -55.82 60.92 -72.05
C ALA AG 27 -56.73 60.87 -73.27
N ARG AG 28 -56.32 61.59 -74.32
CA ARG AG 28 -57.08 61.70 -75.56
C ARG AG 28 -56.70 60.54 -76.49
N VAL AG 29 -57.07 59.34 -76.08
CA VAL AG 29 -56.85 58.14 -76.87
C VAL AG 29 -58.20 57.56 -77.23
N THR AG 30 -58.22 56.80 -78.32
CA THR AG 30 -59.42 56.11 -78.77
C THR AG 30 -59.20 54.62 -78.63
N LEU AG 31 -60.00 53.99 -77.77
CA LEU AG 31 -60.07 52.54 -77.73
C LEU AG 31 -60.68 52.05 -79.04
N VAL AG 32 -59.90 51.29 -79.81
CA VAL AG 32 -60.34 50.85 -81.12
C VAL AG 32 -60.50 49.34 -81.21
N GLY AG 33 -59.89 48.58 -80.33
CA GLY AG 33 -59.76 47.15 -80.54
C GLY AG 33 -59.80 46.38 -79.25
N TYR AG 34 -59.95 45.07 -79.39
CA TYR AG 34 -60.20 44.17 -78.28
C TYR AG 34 -59.84 42.77 -78.75
N GLU AG 35 -58.82 42.17 -78.16
CA GLU AG 35 -58.22 40.97 -78.72
C GLU AG 35 -58.13 39.87 -77.67
N LYS AG 36 -58.57 38.67 -78.05
CA LYS AG 36 -58.45 37.48 -77.23
C LYS AG 36 -57.56 36.48 -77.96
N ILE AG 37 -56.54 35.96 -77.27
CA ILE AG 37 -55.59 35.05 -77.87
C ILE AG 37 -55.56 33.71 -77.14
N GLY AG 38 -56.38 33.52 -76.12
CA GLY AG 38 -56.40 32.29 -75.37
C GLY AG 38 -55.71 32.41 -74.02
N THR AG 39 -55.99 31.41 -73.17
CA THR AG 39 -55.64 31.36 -71.74
C THR AG 39 -56.00 32.61 -70.97
N GLY AG 40 -57.13 33.23 -71.30
CA GLY AG 40 -57.55 34.41 -70.58
C GLY AG 40 -56.76 35.66 -70.86
N ARG AG 41 -55.81 35.62 -71.78
CA ARG AG 41 -54.99 36.78 -72.12
C ARG AG 41 -55.78 37.66 -73.06
N VAL AG 42 -56.23 38.80 -72.54
CA VAL AG 42 -57.11 39.71 -73.26
C VAL AG 42 -56.40 41.05 -73.41
N THR AG 43 -56.39 41.59 -74.63
CA THR AG 43 -55.67 42.81 -74.96
C THR AG 43 -56.64 43.87 -75.45
N VAL AG 44 -56.51 45.09 -74.95
CA VAL AG 44 -57.21 46.25 -75.49
C VAL AG 44 -56.21 47.14 -76.20
N ILE AG 45 -56.65 47.75 -77.29
CA ILE AG 45 -55.80 48.53 -78.18
C ILE AG 45 -56.33 49.96 -78.22
N VAL AG 46 -55.49 50.92 -77.86
CA VAL AG 46 -55.85 52.34 -77.95
C VAL AG 46 -55.03 52.99 -79.05
N ARG AG 47 -55.60 54.02 -79.66
CA ARG AG 47 -54.92 54.83 -80.64
C ARG AG 47 -54.95 56.29 -80.22
N GLY AG 48 -53.82 56.96 -80.36
CA GLY AG 48 -53.76 58.38 -80.08
C GLY AG 48 -52.40 58.92 -80.45
N ASP AG 49 -52.11 60.11 -79.95
CA ASP AG 49 -50.74 60.59 -79.99
C ASP AG 49 -49.90 59.77 -79.02
N VAL AG 50 -48.60 59.69 -79.30
CA VAL AG 50 -47.72 58.83 -78.52
C VAL AG 50 -47.56 59.32 -77.08
N SER AG 51 -47.67 60.63 -76.85
CA SER AG 51 -47.68 61.15 -75.49
C SER AG 51 -48.97 60.80 -74.78
N GLU AG 52 -50.10 60.85 -75.49
CA GLU AG 52 -51.38 60.47 -74.89
C GLU AG 52 -51.47 58.97 -74.68
N VAL AG 53 -50.87 58.19 -75.59
CA VAL AG 53 -50.89 56.74 -75.45
C VAL AG 53 -50.02 56.31 -74.27
N GLN AG 54 -48.92 57.02 -74.03
CA GLN AG 54 -48.05 56.70 -72.89
C GLN AG 54 -48.71 57.04 -71.56
N ALA AG 55 -49.50 58.11 -71.52
CA ALA AG 55 -50.17 58.48 -70.29
C ALA AG 55 -51.35 57.56 -70.00
N SER AG 56 -52.00 57.05 -71.06
CA SER AG 56 -53.14 56.17 -70.87
C SER AG 56 -52.70 54.76 -70.47
N VAL AG 57 -51.63 54.27 -71.08
CA VAL AG 57 -51.15 52.91 -70.80
C VAL AG 57 -50.58 52.84 -69.38
N SER AG 58 -49.94 53.91 -68.92
CA SER AG 58 -49.45 53.97 -67.55
C SER AG 58 -50.61 54.06 -66.56
N ALA AG 59 -51.72 54.69 -66.95
CA ALA AG 59 -52.87 54.78 -66.06
C ALA AG 59 -53.70 53.50 -66.10
N GLY AG 60 -53.78 52.86 -67.27
CA GLY AG 60 -54.51 51.61 -67.36
C GLY AG 60 -53.80 50.45 -66.68
N THR AG 61 -52.48 50.53 -66.56
CA THR AG 61 -51.73 49.49 -65.85
C THR AG 61 -51.98 49.58 -64.35
N GLU AG 62 -52.04 50.80 -63.82
CA GLU AG 62 -52.21 50.97 -62.38
C GLU AG 62 -53.64 50.67 -61.94
N SER AG 63 -54.61 50.73 -62.86
CA SER AG 63 -56.00 50.49 -62.49
C SER AG 63 -56.33 49.01 -62.40
N VAL AG 64 -55.51 48.14 -62.97
CA VAL AG 64 -55.75 46.71 -62.85
C VAL AG 64 -55.41 46.23 -61.45
N LYS AG 65 -54.52 46.95 -60.75
CA LYS AG 65 -54.16 46.61 -59.38
C LYS AG 65 -55.32 46.76 -58.40
N ARG AG 66 -56.34 47.55 -58.74
CA ARG AG 66 -57.53 47.64 -57.92
C ARG AG 66 -58.56 46.56 -58.23
N VAL AG 67 -58.41 45.86 -59.35
CA VAL AG 67 -59.28 44.73 -59.67
C VAL AG 67 -58.77 43.50 -58.93
N ASN AG 68 -59.64 42.85 -58.16
CA ASN AG 68 -59.29 41.63 -57.45
C ASN AG 68 -59.45 40.43 -58.39
N GLY AG 69 -58.33 39.82 -58.77
CA GLY AG 69 -58.35 38.68 -59.66
C GLY AG 69 -57.83 38.96 -61.05
N GLY AG 70 -57.28 40.15 -61.31
CA GLY AG 70 -56.73 40.46 -62.60
C GLY AG 70 -55.34 41.07 -62.46
N GLN AG 71 -54.52 40.79 -63.47
CA GLN AG 71 -53.15 41.28 -63.48
C GLN AG 71 -52.76 41.66 -64.90
N VAL AG 72 -51.89 42.66 -65.00
CA VAL AG 72 -51.34 43.09 -66.29
C VAL AG 72 -50.26 42.09 -66.69
N LEU AG 73 -50.43 41.49 -67.87
CA LEU AG 73 -49.43 40.54 -68.35
C LEU AG 73 -48.36 41.25 -69.18
N SER AG 74 -48.77 42.15 -70.07
CA SER AG 74 -47.84 42.81 -70.95
C SER AG 74 -48.44 44.13 -71.42
N THR AG 75 -47.59 45.15 -71.50
CA THR AG 75 -47.96 46.43 -72.10
C THR AG 75 -46.91 46.82 -73.12
N HIS AG 76 -47.35 47.52 -74.16
CA HIS AG 76 -46.41 48.03 -75.15
C HIS AG 76 -47.01 49.24 -75.86
N ILE AG 77 -46.12 50.13 -76.30
CA ILE AG 77 -46.47 51.37 -76.98
C ILE AG 77 -45.59 51.49 -78.21
N ILE AG 78 -46.20 51.74 -79.36
CA ILE AG 78 -45.48 51.98 -80.61
C ILE AG 78 -45.83 53.39 -81.08
N ALA AG 79 -44.80 54.22 -81.31
CA ALA AG 79 -45.00 55.64 -81.59
C ALA AG 79 -45.66 55.86 -82.95
N ARG AG 80 -45.29 55.03 -83.93
CA ARG AG 80 -45.85 55.12 -85.27
C ARG AG 80 -45.78 53.73 -85.87
N PRO AG 81 -46.87 52.98 -85.86
CA PRO AG 81 -46.86 51.66 -86.49
C PRO AG 81 -46.80 51.78 -88.00
N HIS AG 82 -46.18 50.77 -88.61
CA HIS AG 82 -46.14 50.65 -90.05
C HIS AG 82 -47.55 50.42 -90.58
N GLU AG 83 -47.81 50.88 -91.81
CA GLU AG 83 -49.15 50.75 -92.38
C GLU AG 83 -49.46 49.32 -92.80
N ASN AG 84 -48.45 48.45 -92.82
CA ASN AG 84 -48.69 47.02 -92.99
C ASN AG 84 -49.46 46.43 -91.81
N LEU AG 85 -49.31 47.01 -90.62
CA LEU AG 85 -49.90 46.41 -89.42
C LEU AG 85 -51.40 46.66 -89.32
N GLU AG 86 -51.91 47.74 -89.93
CA GLU AG 86 -53.34 48.01 -89.84
C GLU AG 86 -54.16 47.04 -90.69
N TYR AG 87 -53.54 46.43 -91.70
CA TYR AG 87 -54.29 45.52 -92.54
C TYR AG 87 -54.22 44.09 -92.03
N VAL AG 88 -53.19 43.75 -91.25
CA VAL AG 88 -53.05 42.40 -90.75
C VAL AG 88 -53.50 42.30 -89.29
N LEU AG 89 -53.07 43.22 -88.47
CA LEU AG 89 -53.39 43.19 -87.06
C LEU AG 89 -54.58 44.08 -86.75
N PRO AG 90 -55.44 43.71 -85.79
CA PRO AG 90 -56.63 44.51 -85.47
C PRO AG 90 -56.32 45.71 -84.58
N ILE AG 91 -55.51 46.63 -85.10
CA ILE AG 91 -55.15 47.86 -84.40
C ILE AG 91 -55.69 49.10 -85.11
N ARG AG 92 -56.46 48.93 -86.17
CA ARG AG 92 -56.91 50.05 -86.96
C ARG AG 92 -58.20 50.64 -86.38
N TYR AG 93 -58.50 51.85 -86.80
CA TYR AG 93 -59.77 52.49 -86.44
C TYR AG 93 -60.91 51.80 -87.17
N THR AG 94 -61.86 51.28 -86.40
CA THR AG 94 -63.09 50.79 -87.00
C THR AG 94 -64.04 51.95 -87.23
N GLU AG 95 -65.11 51.68 -87.99
CA GLU AG 95 -66.04 52.74 -88.34
C GLU AG 95 -66.98 53.07 -87.19
N GLU AG 96 -67.02 52.21 -86.16
CA GLU AG 96 -67.89 52.48 -85.02
C GLU AG 96 -67.24 53.44 -84.03
N VAL AG 97 -65.92 53.57 -84.09
CA VAL AG 97 -65.18 54.36 -83.12
C VAL AG 97 -64.65 55.66 -83.72
N GLU AG 98 -65.13 56.05 -84.91
CA GLU AG 98 -64.65 57.26 -85.55
C GLU AG 98 -65.20 58.52 -84.89
N GLN AG 99 -66.23 58.40 -84.05
CA GLN AG 99 -66.73 59.56 -83.33
C GLN AG 99 -65.82 59.97 -82.19
N PHE AG 100 -64.95 59.06 -81.73
CA PHE AG 100 -64.05 59.33 -80.62
C PHE AG 100 -62.66 59.73 -81.06
N ARG AG 101 -62.39 59.78 -82.36
CA ARG AG 101 -61.06 60.08 -82.86
C ARG AG 101 -60.73 61.56 -82.74
N MET BG 1 -14.57 72.22 -76.33
CA MET BG 1 -15.89 72.83 -76.21
C MET BG 1 -16.19 73.78 -77.36
N GLN BG 2 -17.47 73.99 -77.63
CA GLN BG 2 -17.92 74.93 -78.62
C GLN BG 2 -18.88 75.91 -77.95
N MET BG 3 -18.88 77.14 -78.45
CA MET BG 3 -19.88 78.12 -78.03
C MET BG 3 -21.14 77.94 -78.87
N ALA BG 4 -22.28 77.93 -78.21
CA ALA BG 4 -23.53 77.70 -78.88
C ALA BG 4 -24.61 78.59 -78.28
N LYS BG 5 -25.61 78.89 -79.09
CA LYS BG 5 -26.78 79.64 -78.66
C LYS BG 5 -27.98 78.71 -78.55
N VAL BG 6 -28.69 78.78 -77.42
CA VAL BG 6 -29.87 77.96 -77.19
C VAL BG 6 -30.98 78.49 -78.10
N CYS BG 7 -31.36 77.70 -79.10
CA CYS BG 7 -32.44 78.12 -80.00
C CYS BG 7 -33.75 77.45 -79.66
N GLY BG 8 -33.72 76.34 -78.94
CA GLY BG 8 -34.97 75.73 -78.56
C GLY BG 8 -34.80 74.42 -77.82
N THR BG 9 -35.89 73.66 -77.77
CA THR BG 9 -35.97 72.41 -77.03
C THR BG 9 -36.43 71.29 -77.95
N VAL BG 10 -35.97 70.08 -77.66
CA VAL BG 10 -36.40 68.88 -78.37
C VAL BG 10 -36.99 67.93 -77.34
N VAL BG 11 -38.22 67.48 -77.58
CA VAL BG 11 -38.92 66.57 -76.69
C VAL BG 11 -39.13 65.26 -77.43
N GLY BG 12 -38.69 64.16 -76.81
CA GLY BG 12 -38.97 62.84 -77.34
C GLY BG 12 -39.64 61.97 -76.31
N THR BG 13 -40.77 61.35 -76.67
CA THR BG 13 -41.48 60.49 -75.73
C THR BG 13 -41.04 59.03 -75.79
N GLN BG 14 -40.90 58.47 -76.99
CA GLN BG 14 -40.31 57.15 -77.17
C GLN BG 14 -38.81 57.31 -77.27
N LYS BG 15 -38.10 56.83 -76.25
CA LYS BG 15 -36.66 56.97 -76.17
C LYS BG 15 -36.13 55.76 -75.41
N LEU BG 16 -34.83 55.76 -75.17
CA LEU BG 16 -34.25 54.76 -74.30
C LEU BG 16 -34.63 55.08 -72.86
N PRO BG 17 -34.74 54.07 -71.99
CA PRO BG 17 -35.04 54.34 -70.58
C PRO BG 17 -33.95 55.10 -69.85
N SER BG 18 -32.71 55.00 -70.32
CA SER BG 18 -31.61 55.78 -69.77
C SER BG 18 -31.64 57.23 -70.26
N MET BG 19 -32.45 57.52 -71.28
CA MET BG 19 -32.63 58.90 -71.74
C MET BG 19 -33.75 59.63 -70.99
N THR BG 20 -34.33 59.00 -69.97
CA THR BG 20 -35.44 59.60 -69.24
C THR BG 20 -34.92 60.60 -68.22
N GLY BG 21 -35.49 61.80 -68.22
CA GLY BG 21 -35.06 62.86 -67.34
C GLY BG 21 -34.02 63.78 -67.92
N VAL BG 22 -33.48 63.46 -69.08
CA VAL BG 22 -32.47 64.27 -69.74
C VAL BG 22 -33.18 65.40 -70.48
N LYS BG 23 -32.87 66.63 -70.11
CA LYS BG 23 -33.41 67.80 -70.79
C LYS BG 23 -32.59 68.05 -72.06
N LEU BG 24 -33.26 68.16 -73.20
CA LEU BG 24 -32.62 68.25 -74.49
C LEU BG 24 -32.83 69.63 -75.08
N LEU BG 25 -31.74 70.34 -75.32
CA LEU BG 25 -31.76 71.67 -75.91
C LEU BG 25 -31.24 71.63 -77.33
N LEU BG 26 -31.91 72.38 -78.20
CA LEU BG 26 -31.44 72.60 -79.57
C LEU BG 26 -30.53 73.82 -79.56
N LEU BG 27 -29.24 73.59 -79.73
CA LEU BG 27 -28.24 74.64 -79.69
C LEU BG 27 -27.66 74.86 -81.08
N GLN BG 28 -27.69 76.10 -81.55
CA GLN BG 28 -27.02 76.46 -82.78
C GLN BG 28 -25.64 77.02 -82.46
N PHE BG 29 -24.63 76.54 -83.18
CA PHE BG 29 -23.26 76.97 -82.93
C PHE BG 29 -23.04 78.39 -83.42
N ILE BG 30 -22.33 79.17 -82.62
CA ILE BG 30 -21.92 80.52 -82.97
C ILE BG 30 -20.41 80.50 -83.19
N ASP BG 31 -19.92 81.43 -83.99
CA ASP BG 31 -18.49 81.43 -84.29
C ASP BG 31 -17.71 82.20 -83.22
N ALA BG 32 -16.43 82.46 -83.50
CA ALA BG 32 -15.62 83.23 -82.58
C ALA BG 32 -15.95 84.72 -82.64
N ASN BG 33 -16.65 85.16 -83.68
CA ASN BG 33 -17.04 86.56 -83.78
C ASN BG 33 -18.44 86.80 -83.23
N GLY BG 34 -19.19 85.72 -82.96
CA GLY BG 34 -20.52 85.84 -82.41
C GLY BG 34 -21.67 85.64 -83.38
N GLU BG 35 -21.39 85.34 -84.65
CA GLU BG 35 -22.41 85.11 -85.65
C GLU BG 35 -22.83 83.65 -85.65
N LEU BG 36 -24.09 83.41 -86.01
CA LEU BG 36 -24.64 82.06 -85.98
C LEU BG 36 -24.10 81.25 -87.15
N LEU BG 37 -23.51 80.09 -86.86
CA LEU BG 37 -23.06 79.17 -87.88
C LEU BG 37 -24.22 78.29 -88.34
N PRO BG 38 -24.21 77.82 -89.60
CA PRO BG 38 -25.23 76.85 -90.04
C PRO BG 38 -24.95 75.43 -89.59
N LYS BG 39 -24.88 75.25 -88.28
CA LYS BG 39 -24.58 73.97 -87.65
C LYS BG 39 -25.22 73.97 -86.27
N TYR BG 40 -25.79 72.84 -85.89
CA TYR BG 40 -26.52 72.73 -84.63
C TYR BG 40 -26.06 71.52 -83.85
N GLU BG 41 -26.68 71.35 -82.68
CA GLU BG 41 -26.48 70.19 -81.82
C GLU BG 41 -27.69 70.06 -80.93
N VAL BG 42 -27.94 68.83 -80.49
CA VAL BG 42 -28.91 68.56 -79.42
C VAL BG 42 -28.12 68.02 -78.24
N ALA BG 43 -28.16 68.74 -77.12
CA ALA BG 43 -27.31 68.43 -75.99
C ALA BG 43 -28.12 68.29 -74.72
N ALA BG 44 -27.60 67.49 -73.81
CA ALA BG 44 -28.11 67.44 -72.45
C ALA BG 44 -27.79 68.73 -71.71
N ASP BG 45 -28.62 69.09 -70.75
CA ASP BG 45 -28.54 70.37 -70.07
C ASP BG 45 -28.63 70.18 -68.56
N PRO BG 46 -27.52 69.88 -67.89
CA PRO BG 46 -27.54 69.88 -66.42
C PRO BG 46 -27.48 71.29 -65.85
N VAL BG 47 -26.74 72.18 -66.50
CA VAL BG 47 -26.67 73.59 -66.13
C VAL BG 47 -27.85 74.28 -66.79
N GLY BG 48 -28.83 74.71 -65.97
CA GLY BG 48 -30.13 75.10 -66.49
C GLY BG 48 -30.08 76.35 -67.33
N ALA BG 49 -30.20 76.21 -68.64
CA ALA BG 49 -30.04 77.29 -69.59
C ALA BG 49 -31.31 77.45 -70.40
N GLY BG 50 -31.75 78.69 -70.58
CA GLY BG 50 -32.95 78.98 -71.32
C GLY BG 50 -32.67 79.50 -72.72
N LEU BG 51 -33.75 79.86 -73.41
CA LEU BG 51 -33.67 80.20 -74.81
C LEU BG 51 -32.99 81.55 -75.01
N GLY BG 52 -31.98 81.57 -75.88
CA GLY BG 52 -31.19 82.75 -76.11
C GLY BG 52 -29.86 82.77 -75.39
N GLU BG 53 -29.62 81.83 -74.49
CA GLU BG 53 -28.37 81.77 -73.74
C GLU BG 53 -27.20 81.36 -74.61
N TRP BG 54 -26.04 81.91 -74.29
CA TRP BG 54 -24.76 81.46 -74.82
C TRP BG 54 -24.21 80.40 -73.89
N VAL BG 55 -23.96 79.21 -74.43
CA VAL BG 55 -23.52 78.08 -73.61
C VAL BG 55 -22.24 77.51 -74.20
N LEU BG 56 -21.50 76.79 -73.36
CA LEU BG 56 -20.43 75.92 -73.80
C LEU BG 56 -20.94 74.50 -73.83
N VAL BG 57 -20.77 73.82 -74.95
CA VAL BG 57 -21.21 72.46 -75.13
C VAL BG 57 -20.02 71.59 -75.52
N ASN BG 58 -19.86 70.47 -74.84
CA ASN BG 58 -18.78 69.56 -75.17
C ASN BG 58 -19.29 68.50 -76.15
N ARG BG 59 -18.40 67.61 -76.56
CA ARG BG 59 -18.74 66.62 -77.57
C ARG BG 59 -18.14 65.29 -77.15
N GLY BG 60 -18.81 64.22 -77.55
CA GLY BG 60 -18.25 62.89 -77.35
C GLY BG 60 -18.43 62.34 -75.95
N SER BG 61 -17.40 61.65 -75.45
CA SER BG 61 -17.49 60.95 -74.18
C SER BG 61 -17.32 61.88 -72.98
N ALA BG 62 -17.05 63.16 -73.21
CA ALA BG 62 -17.00 64.14 -72.15
C ALA BG 62 -18.38 64.47 -71.62
N ALA BG 63 -19.42 64.18 -72.39
CA ALA BG 63 -20.80 64.37 -71.93
C ALA BG 63 -21.20 63.37 -70.86
N ARG BG 64 -20.46 62.28 -70.72
CA ARG BG 64 -20.77 61.23 -69.76
C ARG BG 64 -19.90 61.28 -68.52
N GLN BG 65 -19.42 62.46 -68.15
CA GLN BG 65 -18.52 62.61 -67.00
C GLN BG 65 -19.18 63.25 -65.79
N THR BG 66 -20.50 63.41 -65.81
CA THR BG 66 -21.17 64.29 -64.86
C THR BG 66 -21.75 63.48 -63.71
N GLU BG 67 -21.36 62.20 -63.62
CA GLU BG 67 -21.67 61.20 -62.60
C GLU BG 67 -23.16 60.85 -62.47
N TYR BG 68 -24.02 61.52 -63.24
CA TYR BG 68 -25.38 61.04 -63.49
C TYR BG 68 -25.66 60.91 -64.98
N HIS BG 69 -24.66 61.19 -65.83
CA HIS BG 69 -24.74 60.97 -67.27
C HIS BG 69 -23.84 59.82 -67.71
N GLN BG 70 -23.38 59.00 -66.75
CA GLN BG 70 -22.25 58.12 -66.99
C GLN BG 70 -22.58 56.96 -67.91
N ASN BG 71 -23.72 56.31 -67.71
CA ASN BG 71 -24.13 55.19 -68.53
C ASN BG 71 -25.26 55.58 -69.48
N ARG BG 72 -25.41 56.87 -69.73
CA ARG BG 72 -26.41 57.46 -70.60
C ARG BG 72 -25.85 57.67 -72.00
N PRO BG 73 -26.62 57.40 -73.04
CA PRO BG 73 -26.13 57.55 -74.43
C PRO BG 73 -26.12 59.00 -74.89
N LEU BG 74 -25.22 59.79 -74.31
CA LEU BG 74 -25.12 61.22 -74.58
C LEU BG 74 -23.76 61.52 -75.18
N ASP BG 75 -23.75 62.26 -76.30
CA ASP BG 75 -22.52 62.67 -76.94
C ASP BG 75 -22.37 64.19 -76.99
N ALA BG 76 -23.25 64.92 -76.31
CA ALA BG 76 -23.19 66.37 -76.27
C ALA BG 76 -23.88 66.83 -75.00
N MET BG 77 -23.32 67.86 -74.36
CA MET BG 77 -23.83 68.30 -73.07
C MET BG 77 -23.42 69.75 -72.85
N VAL BG 78 -24.36 70.57 -72.39
CA VAL BG 78 -24.03 71.92 -71.94
C VAL BG 78 -23.25 71.82 -70.64
N VAL BG 79 -22.01 72.33 -70.65
CA VAL BG 79 -21.17 72.30 -69.46
C VAL BG 79 -21.16 73.61 -68.71
N ALA BG 80 -21.48 74.72 -69.37
CA ALA BG 80 -21.36 76.03 -68.76
C ALA BG 80 -22.27 77.00 -69.48
N ILE BG 81 -22.87 77.90 -68.72
CA ILE BG 81 -23.53 79.08 -69.27
C ILE BG 81 -22.48 80.18 -69.36
N ILE BG 82 -22.31 80.73 -70.55
CA ILE BG 82 -21.25 81.70 -70.79
C ILE BG 82 -21.66 83.02 -70.15
N ASP BG 83 -20.80 83.54 -69.27
CA ASP BG 83 -20.99 84.88 -68.75
C ASP BG 83 -20.45 85.94 -69.68
N THR BG 84 -19.15 85.88 -69.99
CA THR BG 84 -18.53 86.87 -70.86
C THR BG 84 -17.51 86.19 -71.76
N VAL BG 85 -17.35 86.74 -72.97
CA VAL BG 85 -16.33 86.33 -73.92
C VAL BG 85 -15.49 87.56 -74.23
N THR BG 86 -14.19 87.46 -73.97
CA THR BG 86 -13.25 88.52 -74.29
C THR BG 86 -12.40 88.04 -75.46
N VAL BG 87 -12.39 88.81 -76.54
CA VAL BG 87 -11.58 88.50 -77.72
C VAL BG 87 -10.65 89.67 -77.97
N ASN BG 88 -9.33 89.41 -77.92
CA ASN BG 88 -8.26 90.39 -78.12
C ASN BG 88 -8.38 91.55 -77.14
N ASN BG 89 -8.58 91.21 -75.87
CA ASN BG 89 -8.81 92.11 -74.73
C ASN BG 89 -10.04 93.00 -74.90
N ARG BG 90 -10.96 92.65 -75.80
CA ARG BG 90 -12.19 93.38 -76.00
C ARG BG 90 -13.36 92.44 -75.69
N ARG BG 91 -14.31 92.93 -74.90
CA ARG BG 91 -15.46 92.12 -74.51
C ARG BG 91 -16.39 91.92 -75.70
N LEU BG 92 -16.61 90.66 -76.07
CA LEU BG 92 -17.53 90.29 -77.13
C LEU BG 92 -18.94 90.03 -76.64
N TYR BG 93 -19.08 89.42 -75.47
CA TYR BG 93 -20.36 89.03 -74.93
C TYR BG 93 -20.41 89.39 -73.45
N GLY BG 94 -21.60 89.70 -72.96
CA GLY BG 94 -21.77 90.03 -71.56
C GLY BG 94 -21.60 91.51 -71.27
N ALA CG 2 -40.55 29.11 -103.14
CA ALA CG 2 -41.18 30.40 -103.38
C ALA CG 2 -40.44 31.51 -102.64
N VAL CG 3 -41.13 32.65 -102.47
CA VAL CG 3 -40.60 33.78 -101.71
C VAL CG 3 -40.46 33.38 -100.25
N ALA CG 4 -39.35 33.79 -99.63
CA ALA CG 4 -38.98 33.34 -98.28
C ALA CG 4 -40.01 33.77 -97.23
N VAL CG 5 -40.16 32.95 -96.21
CA VAL CG 5 -41.15 33.18 -95.15
C VAL CG 5 -40.44 33.18 -93.80
N GLY CG 6 -40.74 34.17 -92.98
CA GLY CG 6 -40.23 34.22 -91.62
C GLY CG 6 -41.38 34.23 -90.63
N MET CG 7 -41.18 33.58 -89.51
CA MET CG 7 -42.20 33.48 -88.47
C MET CG 7 -41.56 33.81 -87.13
N ILE CG 8 -42.24 34.63 -86.34
CA ILE CG 8 -41.88 34.85 -84.94
C ILE CG 8 -43.10 34.51 -84.10
N GLU CG 9 -42.95 33.52 -83.23
CA GLU CG 9 -44.01 33.15 -82.31
C GLU CG 9 -43.72 33.74 -80.93
N THR CG 10 -44.65 34.52 -80.42
CA THR CG 10 -44.52 35.12 -79.10
C THR CG 10 -45.64 34.65 -78.20
N LEU CG 11 -45.43 34.80 -76.90
CA LEU CG 11 -46.46 34.55 -75.90
C LEU CG 11 -47.04 35.91 -75.51
N GLY CG 12 -48.16 36.27 -76.14
CA GLY CG 12 -48.78 37.55 -75.86
C GLY CG 12 -48.97 38.41 -77.09
N PHE CG 13 -50.05 39.18 -77.10
CA PHE CG 13 -50.37 40.08 -78.20
C PHE CG 13 -49.58 41.40 -78.24
N PRO CG 14 -49.23 42.07 -77.13
CA PRO CG 14 -48.30 43.20 -77.27
C PRO CG 14 -46.92 42.81 -77.75
N ALA CG 15 -46.47 41.59 -77.47
CA ALA CG 15 -45.16 41.18 -77.94
C ALA CG 15 -45.18 40.81 -79.42
N VAL CG 16 -46.35 40.43 -79.94
CA VAL CG 16 -46.40 39.99 -81.33
C VAL CG 16 -46.63 41.19 -82.24
N VAL CG 17 -47.14 42.30 -81.70
CA VAL CG 17 -47.28 43.50 -82.50
C VAL CG 17 -45.95 44.23 -82.60
N GLU CG 18 -45.17 44.21 -81.52
CA GLU CG 18 -43.79 44.71 -81.58
C GLU CG 18 -42.93 43.82 -82.47
N ALA CG 19 -43.19 42.52 -82.47
CA ALA CG 19 -42.51 41.63 -83.41
C ALA CG 19 -42.90 41.94 -84.84
N ALA CG 20 -44.19 42.20 -85.09
CA ALA CG 20 -44.62 42.51 -86.44
C ALA CG 20 -44.17 43.90 -86.87
N ASP CG 21 -44.12 44.85 -85.93
CA ASP CG 21 -43.73 46.21 -86.27
C ASP CG 21 -42.24 46.33 -86.52
N ALA CG 22 -41.42 45.65 -85.72
CA ALA CG 22 -39.98 45.75 -85.90
C ALA CG 22 -39.50 44.96 -87.10
N MET CG 23 -40.27 43.97 -87.55
CA MET CG 23 -39.87 43.20 -88.72
C MET CG 23 -40.02 44.01 -89.99
N VAL CG 24 -41.14 44.72 -90.14
CA VAL CG 24 -41.34 45.47 -91.38
C VAL CG 24 -40.64 46.82 -91.32
N LYS CG 25 -40.07 47.17 -90.16
CA LYS CG 25 -39.29 48.39 -90.05
C LYS CG 25 -37.79 48.11 -90.21
N ALA CG 26 -37.37 46.86 -90.01
CA ALA CG 26 -35.96 46.56 -90.12
C ALA CG 26 -35.55 46.31 -91.57
N ALA CG 27 -36.46 45.77 -92.38
CA ALA CG 27 -36.12 45.37 -93.73
C ALA CG 27 -37.35 45.47 -94.61
N ARG CG 28 -37.17 45.16 -95.89
CA ARG CG 28 -38.23 45.25 -96.90
C ARG CG 28 -38.96 43.90 -96.95
N VAL CG 29 -39.72 43.63 -95.89
CA VAL CG 29 -40.56 42.43 -95.84
C VAL CG 29 -42.01 42.87 -95.84
N THR CG 30 -42.89 41.93 -96.13
CA THR CG 30 -44.32 42.15 -96.11
C THR CG 30 -44.94 41.26 -95.06
N LEU CG 31 -45.45 41.86 -93.98
CA LEU CG 31 -46.25 41.14 -93.00
C LEU CG 31 -47.55 40.71 -93.67
N VAL CG 32 -47.73 39.41 -93.85
CA VAL CG 32 -48.88 38.89 -94.57
C VAL CG 32 -49.88 38.20 -93.66
N GLY CG 33 -49.46 37.73 -92.50
CA GLY CG 33 -50.28 36.81 -91.74
C GLY CG 33 -50.11 37.01 -90.26
N TYR CG 34 -51.03 36.43 -89.50
CA TYR CG 34 -51.11 36.60 -88.06
C TYR CG 34 -51.93 35.41 -87.56
N GLU CG 35 -51.29 34.53 -86.80
CA GLU CG 35 -51.85 33.22 -86.52
C GLU CG 35 -51.93 32.97 -85.03
N LYS CG 36 -53.11 32.57 -84.57
CA LYS CG 36 -53.36 32.19 -83.19
C LYS CG 36 -53.61 30.69 -83.13
N ILE CG 37 -52.85 30.00 -82.30
CA ILE CG 37 -52.94 28.54 -82.19
C ILE CG 37 -53.32 28.11 -80.78
N GLY CG 38 -53.66 29.04 -79.90
CA GLY CG 38 -54.06 28.71 -78.55
C GLY CG 38 -52.93 28.88 -77.55
N THR CG 39 -53.35 28.95 -76.27
CA THR CG 39 -52.52 29.26 -75.10
C THR CG 39 -51.66 30.52 -75.27
N GLY CG 40 -52.18 31.53 -75.96
CA GLY CG 40 -51.46 32.77 -76.11
C GLY CG 40 -50.30 32.74 -77.09
N ARG CG 41 -50.02 31.60 -77.71
CA ARG CG 41 -48.97 31.49 -78.71
C ARG CG 41 -49.46 32.15 -80.00
N VAL CG 42 -48.91 33.31 -80.31
CA VAL CG 42 -49.32 34.09 -81.48
C VAL CG 42 -48.12 34.21 -82.41
N THR CG 43 -48.34 33.95 -83.69
CA THR CG 43 -47.29 33.98 -84.70
C THR CG 43 -47.64 35.00 -85.76
N VAL CG 44 -46.69 35.87 -86.09
CA VAL CG 44 -46.77 36.74 -87.25
C VAL CG 44 -45.87 36.19 -88.34
N ILE CG 45 -46.29 36.35 -89.59
CA ILE CG 45 -45.67 35.74 -90.75
C ILE CG 45 -45.31 36.85 -91.73
N VAL CG 46 -44.03 36.95 -92.07
CA VAL CG 46 -43.58 37.92 -93.06
C VAL CG 46 -43.08 37.18 -94.29
N ARG CG 47 -43.20 37.84 -95.44
CA ARG CG 47 -42.64 37.35 -96.69
C ARG CG 47 -41.67 38.37 -97.25
N GLY CG 48 -40.74 37.90 -98.07
CA GLY CG 48 -39.79 38.80 -98.70
C GLY CG 48 -38.57 38.04 -99.15
N ASP CG 49 -37.57 38.79 -99.58
CA ASP CG 49 -36.29 38.20 -99.96
C ASP CG 49 -35.58 37.65 -98.73
N VAL CG 50 -34.63 36.76 -98.97
CA VAL CG 50 -33.97 36.02 -97.88
C VAL CG 50 -33.10 36.95 -97.05
N SER CG 51 -32.47 37.94 -97.70
CA SER CG 51 -31.69 38.93 -96.97
C SER CG 51 -32.59 39.80 -96.10
N GLU CG 52 -33.80 40.10 -96.57
CA GLU CG 52 -34.72 40.92 -95.80
C GLU CG 52 -35.34 40.13 -94.66
N VAL CG 53 -35.71 38.87 -94.90
CA VAL CG 53 -36.39 38.07 -93.89
C VAL CG 53 -35.43 37.68 -92.77
N GLN CG 54 -34.17 37.39 -93.11
CA GLN CG 54 -33.16 37.10 -92.10
C GLN CG 54 -32.86 38.33 -91.25
N ALA CG 55 -32.89 39.51 -91.85
CA ALA CG 55 -32.64 40.74 -91.09
C ALA CG 55 -33.84 41.10 -90.24
N SER CG 56 -35.05 40.85 -90.75
CA SER CG 56 -36.26 41.25 -90.03
C SER CG 56 -36.51 40.33 -88.83
N VAL CG 57 -36.35 39.02 -89.01
CA VAL CG 57 -36.63 38.07 -87.94
C VAL CG 57 -35.60 38.19 -86.83
N SER CG 58 -34.34 38.45 -87.19
CA SER CG 58 -33.30 38.64 -86.18
C SER CG 58 -33.48 39.95 -85.43
N ALA CG 59 -33.98 40.98 -86.09
CA ALA CG 59 -34.23 42.25 -85.41
C ALA CG 59 -35.58 42.23 -84.71
N GLY CG 60 -36.54 41.48 -85.25
CA GLY CG 60 -37.82 41.32 -84.58
C GLY CG 60 -37.74 40.50 -83.31
N THR CG 61 -36.74 39.62 -83.23
CA THR CG 61 -36.56 38.81 -82.02
C THR CG 61 -36.00 39.65 -80.88
N GLU CG 62 -35.04 40.52 -81.17
CA GLU CG 62 -34.42 41.34 -80.14
C GLU CG 62 -35.36 42.44 -79.65
N SER CG 63 -36.34 42.83 -80.46
CA SER CG 63 -37.24 43.88 -80.05
C SER CG 63 -38.30 43.39 -79.07
N VAL CG 64 -38.64 42.10 -79.12
CA VAL CG 64 -39.60 41.52 -78.20
C VAL CG 64 -39.06 41.46 -76.78
N LYS CG 65 -37.77 41.25 -76.61
CA LYS CG 65 -37.14 41.32 -75.28
C LYS CG 65 -36.74 42.75 -74.94
N ARG CG 66 -37.66 43.68 -75.18
CA ARG CG 66 -37.61 45.07 -74.74
C ARG CG 66 -39.03 45.44 -74.36
N VAL CG 67 -39.93 44.47 -74.47
CA VAL CG 67 -41.32 44.59 -74.06
C VAL CG 67 -41.48 43.88 -72.72
N ASN CG 68 -42.12 44.54 -71.76
CA ASN CG 68 -42.37 43.93 -70.47
C ASN CG 68 -43.46 42.88 -70.60
N GLY CG 69 -43.19 41.68 -70.12
CA GLY CG 69 -44.11 40.58 -70.33
C GLY CG 69 -44.02 39.93 -71.69
N GLY CG 70 -43.02 40.31 -72.49
CA GLY CG 70 -42.84 39.78 -73.83
C GLY CG 70 -41.86 38.62 -73.81
N GLN CG 71 -42.17 37.58 -74.58
CA GLN CG 71 -41.38 36.37 -74.63
C GLN CG 71 -41.44 35.77 -76.02
N VAL CG 72 -40.28 35.53 -76.62
CA VAL CG 72 -40.19 34.85 -77.91
C VAL CG 72 -40.24 33.36 -77.63
N LEU CG 73 -41.24 32.68 -78.20
CA LEU CG 73 -41.31 31.24 -78.04
C LEU CG 73 -40.53 30.52 -79.13
N SER CG 74 -40.70 30.93 -80.38
CA SER CG 74 -40.11 30.21 -81.50
C SER CG 74 -39.99 31.16 -82.68
N THR CG 75 -38.83 31.11 -83.33
CA THR CG 75 -38.58 31.87 -84.55
C THR CG 75 -38.03 30.93 -85.60
N HIS CG 76 -38.38 31.19 -86.87
CA HIS CG 76 -37.86 30.39 -87.96
C HIS CG 76 -37.91 31.18 -89.26
N ILE CG 77 -36.96 30.88 -90.14
CA ILE CG 77 -36.91 31.39 -91.50
C ILE CG 77 -36.83 30.21 -92.45
N ILE CG 78 -37.74 30.16 -93.41
CA ILE CG 78 -37.65 29.21 -94.52
C ILE CG 78 -37.31 30.03 -95.76
N ALA CG 79 -36.11 29.82 -96.30
CA ALA CG 79 -35.60 30.68 -97.37
C ALA CG 79 -36.29 30.40 -98.69
N ARG CG 80 -36.79 29.18 -98.88
CA ARG CG 80 -37.42 28.79 -100.13
C ARG CG 80 -38.51 27.78 -99.82
N PRO CG 81 -39.69 28.24 -99.43
CA PRO CG 81 -40.77 27.30 -99.13
C PRO CG 81 -41.34 26.71 -100.41
N HIS CG 82 -41.82 25.48 -100.29
CA HIS CG 82 -42.47 24.80 -101.38
C HIS CG 82 -43.78 25.49 -101.74
N GLU CG 83 -44.17 25.38 -103.01
CA GLU CG 83 -45.40 25.99 -103.48
C GLU CG 83 -46.65 25.27 -102.98
N ASN CG 84 -46.49 24.08 -102.38
CA ASN CG 84 -47.59 23.41 -101.71
C ASN CG 84 -48.01 24.15 -100.45
N LEU CG 85 -47.09 24.87 -99.81
CA LEU CG 85 -47.31 25.37 -98.45
C LEU CG 85 -48.23 26.59 -98.42
N GLU CG 86 -48.24 27.39 -99.50
CA GLU CG 86 -49.07 28.60 -99.50
C GLU CG 86 -50.55 28.27 -99.60
N TYR CG 87 -50.89 27.10 -100.15
CA TYR CG 87 -52.29 26.75 -100.31
C TYR CG 87 -52.87 26.12 -99.04
N VAL CG 88 -52.00 25.57 -98.20
CA VAL CG 88 -52.48 24.90 -96.99
C VAL CG 88 -52.25 25.77 -95.76
N LEU CG 89 -51.08 26.31 -95.63
CA LEU CG 89 -50.74 27.12 -94.47
C LEU CG 89 -51.05 28.59 -94.73
N PRO CG 90 -51.42 29.35 -93.69
CA PRO CG 90 -51.73 30.79 -93.87
C PRO CG 90 -50.47 31.65 -93.92
N ILE CG 91 -49.60 31.38 -94.90
CA ILE CG 91 -48.39 32.15 -95.12
C ILE CG 91 -48.39 32.87 -96.45
N ARG CG 92 -49.52 32.89 -97.16
CA ARG CG 92 -49.54 33.43 -98.49
C ARG CG 92 -49.91 34.90 -98.48
N TYR CG 93 -49.63 35.57 -99.59
CA TYR CG 93 -50.00 36.96 -99.77
C TYR CG 93 -51.51 37.08 -99.94
N THR CG 94 -52.13 37.90 -99.11
CA THR CG 94 -53.52 38.26 -99.29
C THR CG 94 -53.63 39.54 -100.11
N GLU CG 95 -54.86 39.88 -100.51
CA GLU CG 95 -55.05 41.06 -101.33
C GLU CG 95 -54.98 42.33 -100.48
N GLU CG 96 -55.04 42.19 -99.16
CA GLU CG 96 -54.90 43.33 -98.27
C GLU CG 96 -53.46 43.83 -98.23
N VAL CG 97 -52.50 42.94 -98.52
CA VAL CG 97 -51.08 43.26 -98.39
C VAL CG 97 -50.38 43.25 -99.75
N GLU CG 98 -51.13 43.39 -100.85
CA GLU CG 98 -50.50 43.42 -102.16
C GLU CG 98 -49.82 44.75 -102.46
N GLN CG 99 -50.15 45.80 -101.71
CA GLN CG 99 -49.48 47.08 -101.92
C GLN CG 99 -48.09 47.11 -101.32
N PHE CG 100 -47.81 46.23 -100.35
CA PHE CG 100 -46.53 46.22 -99.67
C PHE CG 100 -45.53 45.22 -100.26
N ARG CG 101 -45.93 44.44 -101.26
CA ARG CG 101 -45.03 43.45 -101.85
C ARG CG 101 -43.99 44.10 -102.75
N ALA DG 2 -57.55 4.18 -98.81
CA ALA DG 2 -57.05 5.22 -99.69
C ALA DG 2 -55.53 5.26 -99.65
N VAL DG 3 -54.96 6.34 -100.20
CA VAL DG 3 -53.50 6.50 -100.19
C VAL DG 3 -53.09 6.96 -98.79
N ALA DG 4 -51.81 6.78 -98.45
CA ALA DG 4 -51.38 6.82 -97.06
C ALA DG 4 -51.42 8.24 -96.47
N VAL DG 5 -51.54 8.30 -95.15
CA VAL DG 5 -51.64 9.54 -94.39
C VAL DG 5 -50.45 9.65 -93.47
N GLY DG 6 -49.79 10.79 -93.47
CA GLY DG 6 -48.78 11.10 -92.47
C GLY DG 6 -49.14 12.37 -91.74
N MET DG 7 -48.99 12.33 -90.42
CA MET DG 7 -49.31 13.46 -89.56
C MET DG 7 -48.13 13.73 -88.64
N ILE DG 8 -47.73 14.99 -88.55
CA ILE DG 8 -46.77 15.45 -87.55
C ILE DG 8 -47.45 16.51 -86.71
N GLU DG 9 -47.55 16.27 -85.41
CA GLU DG 9 -48.09 17.26 -84.48
C GLU DG 9 -46.95 17.94 -83.74
N THR DG 10 -46.88 19.26 -83.83
CA THR DG 10 -45.87 20.04 -83.16
C THR DG 10 -46.51 21.00 -82.18
N LEU DG 11 -45.68 21.47 -81.24
CA LEU DG 11 -46.07 22.53 -80.32
C LEU DG 11 -45.52 23.83 -80.88
N GLY DG 12 -46.37 24.57 -81.57
CA GLY DG 12 -45.94 25.83 -82.15
C GLY DG 12 -46.08 25.89 -83.65
N PHE DG 13 -46.41 27.06 -84.17
CA PHE DG 13 -46.57 27.28 -85.59
C PHE DG 13 -45.28 27.42 -86.41
N PRO DG 14 -44.18 28.02 -85.93
CA PRO DG 14 -42.95 27.93 -86.74
C PRO DG 14 -42.39 26.52 -86.85
N ALA DG 15 -42.68 25.64 -85.89
CA ALA DG 15 -42.22 24.27 -85.99
C ALA DG 15 -43.05 23.47 -86.98
N VAL DG 16 -44.30 23.88 -87.22
CA VAL DG 16 -45.18 23.07 -88.06
C VAL DG 16 -45.02 23.46 -89.51
N VAL DG 17 -44.46 24.64 -89.80
CA VAL DG 17 -44.22 25.05 -91.17
C VAL DG 17 -42.89 24.51 -91.66
N GLU DG 18 -41.91 24.41 -90.77
CA GLU DG 18 -40.65 23.76 -91.10
C GLU DG 18 -40.84 22.25 -91.24
N ALA DG 19 -41.74 21.67 -90.44
CA ALA DG 19 -42.06 20.26 -90.61
C ALA DG 19 -42.79 20.01 -91.92
N ALA DG 20 -43.70 20.91 -92.30
CA ALA DG 20 -44.44 20.75 -93.54
C ALA DG 20 -43.55 21.01 -94.75
N ASP DG 21 -42.58 21.93 -94.63
CA ASP DG 21 -41.70 22.21 -95.75
C ASP DG 21 -40.65 21.12 -95.92
N ALA DG 22 -40.24 20.48 -94.82
CA ALA DG 22 -39.30 19.37 -94.93
C ALA DG 22 -39.97 18.14 -95.49
N MET DG 23 -41.28 17.99 -95.29
CA MET DG 23 -41.98 16.78 -95.72
C MET DG 23 -42.15 16.75 -97.23
N VAL DG 24 -42.58 17.87 -97.82
CA VAL DG 24 -42.88 17.87 -99.24
C VAL DG 24 -41.61 18.01 -100.07
N LYS DG 25 -40.49 18.34 -99.43
CA LYS DG 25 -39.21 18.36 -100.14
C LYS DG 25 -38.52 17.01 -100.07
N ALA DG 26 -38.79 16.23 -99.02
CA ALA DG 26 -38.06 14.98 -98.82
C ALA DG 26 -38.59 13.88 -99.73
N ALA DG 27 -39.87 13.90 -100.07
CA ALA DG 27 -40.46 12.81 -100.82
C ALA DG 27 -41.64 13.34 -101.64
N ARG DG 28 -42.28 12.42 -102.37
CA ARG DG 28 -43.40 12.75 -103.26
C ARG DG 28 -44.71 12.66 -102.48
N VAL DG 29 -44.83 13.52 -101.48
CA VAL DG 29 -46.05 13.62 -100.70
C VAL DG 29 -46.72 14.95 -101.03
N THR DG 30 -48.00 15.02 -100.75
CA THR DG 30 -48.78 16.25 -100.91
C THR DG 30 -49.27 16.69 -99.54
N LEU DG 31 -48.82 17.86 -99.10
CA LEU DG 31 -49.40 18.50 -97.93
C LEU DG 31 -50.83 18.91 -98.26
N VAL DG 32 -51.80 18.29 -97.58
CA VAL DG 32 -53.20 18.54 -97.87
C VAL DG 32 -53.92 19.22 -96.72
N GLY DG 33 -53.38 19.18 -95.51
CA GLY DG 33 -54.16 19.54 -94.34
C GLY DG 33 -53.32 20.25 -93.32
N TYR DG 34 -54.01 20.97 -92.44
CA TYR DG 34 -53.39 21.76 -91.40
C TYR DG 34 -54.43 21.97 -90.32
N GLU DG 35 -54.18 21.44 -89.13
CA GLU DG 35 -55.21 21.31 -88.11
C GLU DG 35 -54.74 21.90 -86.80
N LYS DG 36 -55.58 22.73 -86.19
CA LYS DG 36 -55.37 23.29 -84.87
C LYS DG 36 -56.38 22.68 -83.92
N ILE DG 37 -55.90 22.14 -82.80
CA ILE DG 37 -56.76 21.49 -81.83
C ILE DG 37 -56.64 22.12 -80.45
N GLY DG 38 -55.87 23.19 -80.31
CA GLY DG 38 -55.73 23.89 -79.05
C GLY DG 38 -54.45 23.55 -78.32
N THR DG 39 -54.15 24.38 -77.31
CA THR DG 39 -52.90 24.42 -76.54
C THR DG 39 -51.65 24.43 -77.40
N GLY DG 40 -51.69 25.09 -78.55
CA GLY DG 40 -50.54 25.12 -79.42
C GLY DG 40 -50.23 23.84 -80.15
N ARG DG 41 -51.10 22.83 -80.06
CA ARG DG 41 -50.90 21.57 -80.75
C ARG DG 41 -51.39 21.72 -82.18
N VAL DG 42 -50.46 21.79 -83.12
CA VAL DG 42 -50.76 22.03 -84.53
C VAL DG 42 -50.29 20.83 -85.32
N THR DG 43 -51.12 20.35 -86.24
CA THR DG 43 -50.85 19.15 -87.01
C THR DG 43 -50.89 19.49 -88.50
N VAL DG 44 -49.87 19.07 -89.23
CA VAL DG 44 -49.86 19.08 -90.69
C VAL DG 44 -49.98 17.67 -91.20
N ILE DG 45 -50.70 17.50 -92.30
CA ILE DG 45 -51.12 16.21 -92.82
C ILE DG 45 -50.64 16.09 -94.26
N VAL DG 46 -49.91 15.02 -94.55
CA VAL DG 46 -49.44 14.76 -95.91
C VAL DG 46 -50.09 13.49 -96.43
N ARG DG 47 -50.24 13.42 -97.75
CA ARG DG 47 -50.74 12.25 -98.44
C ARG DG 47 -49.76 11.80 -99.51
N GLY DG 48 -49.59 10.50 -99.63
CA GLY DG 48 -48.74 9.95 -100.65
C GLY DG 48 -48.64 8.46 -100.47
N ASP DG 49 -47.74 7.84 -101.24
CA ASP DG 49 -47.45 6.44 -101.04
C ASP DG 49 -46.78 6.22 -99.69
N VAL DG 50 -46.93 5.02 -99.15
CA VAL DG 50 -46.52 4.74 -97.77
C VAL DG 50 -45.01 4.85 -97.59
N SER DG 51 -44.23 4.51 -98.62
CA SER DG 51 -42.78 4.70 -98.55
C SER DG 51 -42.42 6.17 -98.63
N GLU DG 52 -43.16 6.94 -99.44
CA GLU DG 52 -42.92 8.37 -99.50
C GLU DG 52 -43.39 9.08 -98.23
N VAL DG 53 -44.49 8.60 -97.65
CA VAL DG 53 -45.00 9.20 -96.44
C VAL DG 53 -44.08 8.88 -95.26
N GLN DG 54 -43.52 7.65 -95.24
CA GLN DG 54 -42.55 7.29 -94.20
C GLN DG 54 -41.27 8.08 -94.32
N ALA DG 55 -40.83 8.35 -95.55
CA ALA DG 55 -39.60 9.10 -95.75
C ALA DG 55 -39.78 10.57 -95.43
N SER DG 56 -41.01 11.08 -95.60
CA SER DG 56 -41.26 12.50 -95.35
C SER DG 56 -41.50 12.77 -93.88
N VAL DG 57 -42.29 11.93 -93.21
CA VAL DG 57 -42.66 12.15 -91.82
C VAL DG 57 -41.45 12.03 -90.91
N SER DG 58 -40.54 11.11 -91.22
CA SER DG 58 -39.29 11.02 -90.47
C SER DG 58 -38.38 12.22 -90.75
N ALA DG 59 -38.41 12.74 -91.98
CA ALA DG 59 -37.58 13.89 -92.30
C ALA DG 59 -38.18 15.19 -91.77
N GLY DG 60 -39.51 15.24 -91.66
CA GLY DG 60 -40.15 16.40 -91.05
C GLY DG 60 -39.96 16.45 -89.55
N THR DG 61 -39.70 15.30 -88.92
CA THR DG 61 -39.47 15.27 -87.48
C THR DG 61 -38.08 15.80 -87.14
N GLU DG 62 -37.08 15.50 -87.97
CA GLU DG 62 -35.72 15.96 -87.68
C GLU DG 62 -35.55 17.44 -87.93
N SER DG 63 -36.36 18.02 -88.82
CA SER DG 63 -36.21 19.44 -89.15
C SER DG 63 -36.81 20.35 -88.09
N VAL DG 64 -37.63 19.83 -87.19
CA VAL DG 64 -38.14 20.63 -86.08
C VAL DG 64 -37.03 20.93 -85.07
N LYS DG 65 -36.00 20.08 -85.03
CA LYS DG 65 -34.84 20.35 -84.19
C LYS DG 65 -34.03 21.55 -84.69
N ARG DG 66 -34.17 21.91 -85.97
CA ARG DG 66 -33.59 23.16 -86.47
C ARG DG 66 -34.29 24.36 -85.86
N VAL DG 67 -35.59 24.24 -85.59
CA VAL DG 67 -36.35 25.35 -85.04
C VAL DG 67 -36.09 25.45 -83.55
N ASN DG 68 -35.72 26.65 -83.09
CA ASN DG 68 -35.60 26.91 -81.67
C ASN DG 68 -36.98 27.10 -81.07
N GLY DG 69 -37.24 26.42 -79.96
CA GLY DG 69 -38.57 26.47 -79.38
C GLY DG 69 -39.58 25.58 -80.08
N GLY DG 70 -39.12 24.72 -80.98
CA GLY DG 70 -40.00 23.78 -81.68
C GLY DG 70 -39.87 22.40 -81.08
N GLN DG 71 -40.99 21.70 -81.03
CA GLN DG 71 -41.07 20.40 -80.38
C GLN DG 71 -42.13 19.54 -81.05
N VAL DG 72 -41.73 18.36 -81.51
CA VAL DG 72 -42.66 17.40 -82.10
C VAL DG 72 -43.39 16.70 -80.96
N LEU DG 73 -44.72 16.77 -80.96
CA LEU DG 73 -45.49 16.11 -79.91
C LEU DG 73 -45.85 14.68 -80.31
N SER DG 74 -46.32 14.49 -81.53
CA SER DG 74 -46.79 13.18 -81.96
C SER DG 74 -46.68 13.07 -83.47
N THR DG 75 -46.19 11.93 -83.93
CA THR DG 75 -46.18 11.59 -85.34
C THR DG 75 -46.89 10.27 -85.53
N HIS DG 76 -47.55 10.12 -86.67
CA HIS DG 76 -48.17 8.84 -87.01
C HIS DG 76 -48.31 8.73 -88.52
N ILE DG 77 -48.25 7.49 -89.00
CA ILE DG 77 -48.41 7.16 -90.41
C ILE DG 77 -49.45 6.04 -90.52
N ILE DG 78 -50.50 6.30 -91.30
CA ILE DG 78 -51.51 5.30 -91.61
C ILE DG 78 -51.33 4.91 -93.06
N ALA DG 79 -50.96 3.64 -93.29
CA ALA DG 79 -50.57 3.20 -94.63
C ALA DG 79 -51.75 3.10 -95.58
N ARG DG 80 -52.92 2.72 -95.06
CA ARG DG 80 -54.10 2.53 -95.89
C ARG DG 80 -55.31 2.96 -95.08
N PRO DG 81 -55.62 4.25 -95.06
CA PRO DG 81 -56.78 4.72 -94.30
C PRO DG 81 -58.09 4.31 -94.97
N HIS DG 82 -59.10 4.13 -94.13
CA HIS DG 82 -60.44 3.83 -94.62
C HIS DG 82 -61.02 5.02 -95.36
N GLU DG 83 -61.96 4.74 -96.26
CA GLU DG 83 -62.58 5.79 -97.06
C GLU DG 83 -63.50 6.68 -96.24
N ASN DG 84 -63.91 6.22 -95.05
CA ASN DG 84 -64.74 7.02 -94.16
C ASN DG 84 -63.99 8.21 -93.58
N LEU DG 85 -62.66 8.12 -93.50
CA LEU DG 85 -61.88 9.11 -92.77
C LEU DG 85 -61.72 10.41 -93.55
N GLU DG 86 -61.81 10.37 -94.89
CA GLU DG 86 -61.59 11.58 -95.67
C GLU DG 86 -62.83 12.46 -95.69
N TYR DG 87 -63.98 11.91 -95.33
CA TYR DG 87 -65.21 12.70 -95.35
C TYR DG 87 -65.48 13.33 -93.99
N VAL DG 88 -64.79 12.86 -92.95
CA VAL DG 88 -64.97 13.43 -91.63
C VAL DG 88 -63.73 14.20 -91.21
N LEU DG 89 -62.60 13.57 -91.22
CA LEU DG 89 -61.36 14.19 -90.79
C LEU DG 89 -60.74 14.99 -91.93
N PRO DG 90 -60.01 16.08 -91.63
CA PRO DG 90 -59.40 16.89 -92.70
C PRO DG 90 -58.08 16.31 -93.22
N ILE DG 91 -58.15 15.08 -93.73
CA ILE DG 91 -57.02 14.41 -94.35
C ILE DG 91 -57.21 14.25 -95.85
N ARG DG 92 -58.21 14.88 -96.43
CA ARG DG 92 -58.55 14.62 -97.82
C ARG DG 92 -57.86 15.62 -98.75
N TYR DG 93 -57.80 15.25 -100.02
CA TYR DG 93 -57.31 16.16 -101.04
C TYR DG 93 -58.36 17.22 -101.33
N THR DG 94 -58.00 18.48 -101.15
CA THR DG 94 -58.84 19.58 -101.56
C THR DG 94 -58.55 19.95 -103.01
N GLU DG 95 -59.38 20.83 -103.56
CA GLU DG 95 -59.22 21.24 -104.96
C GLU DG 95 -57.99 22.14 -105.14
N GLU DG 96 -57.59 22.83 -104.08
CA GLU DG 96 -56.44 23.73 -104.16
C GLU DG 96 -55.12 22.97 -104.26
N VAL DG 97 -55.08 21.74 -103.76
CA VAL DG 97 -53.84 20.96 -103.74
C VAL DG 97 -53.84 19.86 -104.80
N GLU DG 98 -54.72 19.96 -105.80
CA GLU DG 98 -54.74 18.95 -106.86
C GLU DG 98 -53.57 19.08 -107.82
N GLN DG 99 -52.93 20.24 -107.87
CA GLN DG 99 -51.78 20.42 -108.76
C GLN DG 99 -50.53 19.74 -108.22
N PHE DG 100 -50.52 19.40 -106.92
CA PHE DG 100 -49.35 18.81 -106.29
C PHE DG 100 -49.47 17.31 -106.09
N ARG DG 101 -50.59 16.71 -106.48
CA ARG DG 101 -50.81 15.28 -106.28
C ARG DG 101 -50.01 14.46 -107.29
N ALA EG 2 -18.39 37.66 -107.85
CA ALA EG 2 -19.72 38.21 -108.05
C ALA EG 2 -20.75 37.42 -107.27
N VAL EG 3 -21.01 36.20 -107.74
CA VAL EG 3 -21.89 35.28 -107.04
C VAL EG 3 -21.14 34.69 -105.85
N ALA EG 4 -21.79 34.67 -104.69
CA ALA EG 4 -21.15 34.19 -103.46
C ALA EG 4 -20.85 32.70 -103.52
N VAL EG 5 -19.96 32.26 -102.64
CA VAL EG 5 -19.52 30.87 -102.59
C VAL EG 5 -19.62 30.38 -101.15
N GLY EG 6 -20.19 29.20 -100.97
CA GLY EG 6 -20.23 28.57 -99.66
C GLY EG 6 -19.74 27.15 -99.74
N MET EG 7 -19.05 26.72 -98.68
CA MET EG 7 -18.43 25.41 -98.63
C MET EG 7 -18.83 24.73 -97.33
N ILE EG 8 -19.15 23.45 -97.42
CA ILE EG 8 -19.32 22.59 -96.25
C ILE EG 8 -18.37 21.42 -96.42
N GLU EG 9 -17.44 21.26 -95.49
CA GLU EG 9 -16.54 20.12 -95.48
C GLU EG 9 -17.02 19.09 -94.47
N THR EG 10 -17.30 17.89 -94.94
CA THR EG 10 -17.72 16.80 -94.09
C THR EG 10 -16.67 15.71 -94.09
N LEU EG 11 -16.71 14.87 -93.06
CA LEU EG 11 -15.92 13.65 -92.99
C LEU EG 11 -16.79 12.52 -93.49
N GLY EG 12 -16.56 12.09 -94.73
CA GLY EG 12 -17.36 11.03 -95.31
C GLY EG 12 -18.22 11.46 -96.47
N PHE EG 13 -18.40 10.56 -97.43
CA PHE EG 13 -19.21 10.82 -98.62
C PHE EG 13 -20.73 10.75 -98.41
N PRO EG 14 -21.31 9.85 -97.60
CA PRO EG 14 -22.76 9.98 -97.34
C PRO EG 14 -23.15 11.26 -96.61
N ALA EG 15 -22.25 11.84 -95.82
CA ALA EG 15 -22.59 13.08 -95.13
C ALA EG 15 -22.49 14.28 -96.07
N VAL EG 16 -21.70 14.16 -97.13
CA VAL EG 16 -21.50 15.32 -98.01
C VAL EG 16 -22.57 15.35 -99.08
N VAL EG 17 -23.27 14.24 -99.30
CA VAL EG 17 -24.39 14.22 -100.24
C VAL EG 17 -25.65 14.70 -99.54
N GLU EG 18 -25.81 14.36 -98.26
CA GLU EG 18 -26.92 14.90 -97.47
C GLU EG 18 -26.74 16.39 -97.23
N ALA EG 19 -25.49 16.84 -97.07
CA ALA EG 19 -25.22 18.26 -96.96
C ALA EG 19 -25.51 18.98 -98.28
N ALA EG 20 -25.11 18.37 -99.41
CA ALA EG 20 -25.35 19.01 -100.69
C ALA EG 20 -26.82 18.99 -101.07
N ASP EG 21 -27.55 17.95 -100.66
CA ASP EG 21 -28.97 17.89 -100.95
C ASP EG 21 -29.77 18.87 -100.10
N ALA EG 22 -29.32 19.12 -98.87
CA ALA EG 22 -30.02 20.07 -98.01
C ALA EG 22 -29.70 21.50 -98.38
N MET EG 23 -28.59 21.72 -99.08
CA MET EG 23 -28.21 23.09 -99.44
C MET EG 23 -29.04 23.60 -100.61
N VAL EG 24 -29.22 22.78 -101.64
CA VAL EG 24 -29.92 23.25 -102.83
C VAL EG 24 -31.42 23.16 -102.66
N LYS EG 25 -31.88 22.47 -101.62
CA LYS EG 25 -33.31 22.47 -101.31
C LYS EG 25 -33.69 23.65 -100.44
N ALA EG 26 -32.77 24.14 -99.61
CA ALA EG 26 -33.11 25.17 -98.66
C ALA EG 26 -33.21 26.55 -99.31
N ALA EG 27 -32.35 26.83 -100.28
CA ALA EG 27 -32.31 28.15 -100.89
C ALA EG 27 -31.95 28.03 -102.36
N ARG EG 28 -31.89 29.19 -103.03
CA ARG EG 28 -31.62 29.26 -104.46
C ARG EG 28 -30.10 29.35 -104.68
N VAL EG 29 -29.44 28.24 -104.38
CA VAL EG 29 -28.02 28.09 -104.64
C VAL EG 29 -27.82 27.00 -105.67
N THR EG 30 -26.67 27.03 -106.33
CA THR EG 30 -26.30 26.02 -107.30
C THR EG 30 -25.10 25.27 -106.75
N LEU EG 31 -25.27 23.98 -106.52
CA LEU EG 31 -24.14 23.11 -106.23
C LEU EG 31 -23.30 22.99 -107.49
N VAL EG 32 -22.07 23.51 -107.43
CA VAL EG 32 -21.21 23.55 -108.60
C VAL EG 32 -19.99 22.66 -108.46
N GLY EG 33 -19.62 22.27 -107.25
CA GLY EG 33 -18.31 21.69 -107.04
C GLY EG 33 -18.34 20.60 -106.01
N TYR EG 34 -17.25 19.85 -105.96
CA TYR EG 34 -17.12 18.65 -105.15
C TYR EG 34 -15.64 18.35 -105.04
N GLU EG 35 -15.10 18.44 -103.83
CA GLU EG 35 -13.65 18.45 -103.66
C GLU EG 35 -13.22 17.46 -102.59
N LYS EG 36 -12.21 16.66 -102.91
CA LYS EG 36 -11.61 15.71 -101.99
C LYS EG 36 -10.15 16.11 -101.78
N ILE EG 37 -9.75 16.26 -100.52
CA ILE EG 37 -8.41 16.68 -100.17
C ILE EG 37 -7.67 15.63 -99.36
N GLY EG 38 -8.28 14.48 -99.13
CA GLY EG 38 -7.67 13.42 -98.34
C GLY EG 38 -8.18 13.38 -96.92
N THR EG 39 -7.79 12.30 -96.22
CA THR EG 39 -8.30 11.87 -94.92
C THR EG 39 -9.82 11.88 -94.82
N GLY EG 40 -10.51 11.52 -95.90
CA GLY EG 40 -11.96 11.50 -95.89
C GLY EG 40 -12.64 12.85 -95.87
N ARG EG 41 -11.88 13.94 -95.95
CA ARG EG 41 -12.43 15.28 -95.88
C ARG EG 41 -12.96 15.65 -97.26
N VAL EG 42 -14.27 15.76 -97.38
CA VAL EG 42 -14.94 15.99 -98.65
C VAL EG 42 -15.71 17.30 -98.54
N THR EG 43 -15.59 18.16 -99.56
CA THR EG 43 -16.15 19.49 -99.55
C THR EG 43 -17.07 19.66 -100.76
N VAL EG 44 -18.28 20.17 -100.51
CA VAL EG 44 -19.19 20.59 -101.58
C VAL EG 44 -19.26 22.10 -101.60
N ILE EG 45 -19.36 22.66 -102.80
CA ILE EG 45 -19.30 24.09 -103.05
C ILE EG 45 -20.61 24.52 -103.69
N VAL EG 46 -21.28 25.50 -103.08
CA VAL EG 46 -22.50 26.06 -103.65
C VAL EG 46 -22.24 27.50 -104.07
N ARG EG 47 -22.97 27.95 -105.08
CA ARG EG 47 -22.92 29.32 -105.55
C ARG EG 47 -24.32 29.91 -105.55
N GLY EG 48 -24.45 31.10 -104.98
CA GLY EG 48 -25.71 31.82 -105.04
C GLY EG 48 -25.51 33.22 -104.51
N ASP EG 49 -26.62 33.87 -104.17
CA ASP EG 49 -26.52 35.11 -103.40
C ASP EG 49 -26.05 34.79 -101.99
N VAL EG 50 -25.48 35.80 -101.33
CA VAL EG 50 -24.86 35.59 -100.02
C VAL EG 50 -25.92 35.25 -98.96
N SER EG 51 -27.13 35.77 -99.11
CA SER EG 51 -28.22 35.41 -98.20
C SER EG 51 -28.71 33.99 -98.44
N GLU EG 52 -28.72 33.56 -99.71
CA GLU EG 52 -29.13 32.20 -100.02
C GLU EG 52 -28.04 31.20 -99.65
N VAL EG 53 -26.78 31.58 -99.79
CA VAL EG 53 -25.68 30.72 -99.40
C VAL EG 53 -25.64 30.57 -97.89
N GLN EG 54 -25.98 31.62 -97.15
CA GLN EG 54 -26.01 31.55 -95.69
C GLN EG 54 -27.13 30.64 -95.19
N ALA EG 55 -28.27 30.66 -95.88
CA ALA EG 55 -29.37 29.80 -95.49
C ALA EG 55 -29.11 28.35 -95.89
N SER EG 56 -28.32 28.14 -96.94
CA SER EG 56 -28.00 26.79 -97.38
C SER EG 56 -26.96 26.15 -96.47
N VAL EG 57 -25.92 26.89 -96.11
CA VAL EG 57 -24.82 26.33 -95.32
C VAL EG 57 -25.30 26.00 -93.91
N SER EG 58 -26.19 26.82 -93.36
CA SER EG 58 -26.75 26.53 -92.04
C SER EG 58 -27.70 25.34 -92.10
N ALA EG 59 -28.42 25.17 -93.20
CA ALA EG 59 -29.32 24.03 -93.33
C ALA EG 59 -28.53 22.77 -93.69
N GLY EG 60 -27.46 22.92 -94.45
CA GLY EG 60 -26.63 21.77 -94.78
C GLY EG 60 -25.81 21.28 -93.60
N THR EG 61 -25.52 22.16 -92.65
CA THR EG 61 -24.78 21.75 -91.46
C THR EG 61 -25.67 20.96 -90.51
N GLU EG 62 -26.94 21.35 -90.37
CA GLU EG 62 -27.84 20.66 -89.46
C GLU EG 62 -28.27 19.31 -90.00
N SER EG 63 -28.21 19.11 -91.31
CA SER EG 63 -28.65 17.86 -91.91
C SER EG 63 -27.59 16.77 -91.84
N VAL EG 64 -26.34 17.12 -91.56
CA VAL EG 64 -25.31 16.09 -91.38
C VAL EG 64 -25.49 15.40 -90.05
N LYS EG 65 -26.09 16.08 -89.07
CA LYS EG 65 -26.34 15.50 -87.75
C LYS EG 65 -27.33 14.34 -87.79
N ARG EG 66 -28.18 14.27 -88.82
CA ARG EG 66 -29.05 13.11 -89.00
C ARG EG 66 -28.35 11.94 -89.68
N VAL EG 67 -27.18 12.17 -90.26
CA VAL EG 67 -26.37 11.07 -90.81
C VAL EG 67 -25.50 10.50 -89.69
N ASN EG 68 -25.64 9.21 -89.43
CA ASN EG 68 -24.82 8.53 -88.44
C ASN EG 68 -23.54 8.06 -89.12
N GLY EG 69 -22.40 8.57 -88.64
CA GLY EG 69 -21.10 8.27 -89.22
C GLY EG 69 -20.47 9.43 -89.96
N GLY EG 70 -21.15 10.56 -90.06
CA GLY EG 70 -20.59 11.73 -90.70
C GLY EG 70 -20.73 12.95 -89.81
N GLN EG 71 -19.78 13.87 -89.95
CA GLN EG 71 -19.76 15.08 -89.17
C GLN EG 71 -19.28 16.23 -90.03
N VAL EG 72 -19.64 17.44 -89.63
CA VAL EG 72 -19.21 18.65 -90.33
C VAL EG 72 -17.85 19.05 -89.76
N LEU EG 73 -16.86 19.17 -90.63
CA LEU EG 73 -15.52 19.57 -90.17
C LEU EG 73 -15.35 21.07 -90.23
N SER EG 74 -15.77 21.69 -91.33
CA SER EG 74 -15.57 23.12 -91.52
C SER EG 74 -16.60 23.65 -92.50
N THR EG 75 -17.13 24.82 -92.21
CA THR EG 75 -17.99 25.56 -93.12
C THR EG 75 -17.45 26.96 -93.28
N HIS EG 76 -17.68 27.54 -94.47
CA HIS EG 76 -17.30 28.92 -94.71
C HIS EG 76 -18.16 29.49 -95.82
N ILE EG 77 -18.36 30.81 -95.78
CA ILE EG 77 -19.14 31.56 -96.75
C ILE EG 77 -18.33 32.79 -97.12
N ILE EG 78 -18.16 33.03 -98.42
CA ILE EG 78 -17.51 34.23 -98.92
C ILE EG 78 -18.54 35.00 -99.74
N ALA EG 79 -18.77 36.27 -99.37
CA ALA EG 79 -19.88 37.04 -99.92
C ALA EG 79 -19.65 37.38 -101.39
N ARG EG 80 -18.41 37.62 -101.78
CA ARG EG 80 -18.05 37.88 -103.17
C ARG EG 80 -16.60 37.48 -103.35
N PRO EG 81 -16.34 36.29 -103.90
CA PRO EG 81 -14.96 35.87 -104.11
C PRO EG 81 -14.28 36.71 -105.20
N HIS EG 82 -12.96 36.78 -105.08
CA HIS EG 82 -12.15 37.44 -106.10
C HIS EG 82 -12.20 36.67 -107.40
N GLU EG 83 -11.96 37.37 -108.51
CA GLU EG 83 -11.99 36.73 -109.82
C GLU EG 83 -10.79 35.81 -110.03
N ASN EG 84 -9.75 35.95 -109.19
CA ASN EG 84 -8.61 35.05 -109.23
C ASN EG 84 -8.97 33.63 -108.79
N LEU EG 85 -9.97 33.49 -107.91
CA LEU EG 85 -10.21 32.20 -107.27
C LEU EG 85 -10.90 31.20 -108.20
N GLU EG 86 -11.63 31.68 -109.22
CA GLU EG 86 -12.32 30.74 -110.09
C GLU EG 86 -11.35 30.02 -111.02
N TYR EG 87 -10.20 30.62 -111.30
CA TYR EG 87 -9.25 30.01 -112.21
C TYR EG 87 -8.33 29.03 -111.49
N VAL EG 88 -8.11 29.23 -110.20
CA VAL EG 88 -7.23 28.33 -109.45
C VAL EG 88 -8.04 27.29 -108.69
N LEU EG 89 -9.02 27.73 -107.94
CA LEU EG 89 -9.82 26.86 -107.09
C LEU EG 89 -11.07 26.40 -107.81
N PRO EG 90 -11.54 25.17 -107.56
CA PRO EG 90 -12.72 24.64 -108.27
C PRO EG 90 -14.04 25.11 -107.67
N ILE EG 91 -14.25 26.42 -107.70
CA ILE EG 91 -15.49 27.03 -107.21
C ILE EG 91 -16.28 27.68 -108.33
N ARG EG 92 -15.87 27.53 -109.59
CA ARG EG 92 -16.52 28.20 -110.68
C ARG EG 92 -17.71 27.40 -111.19
N TYR EG 93 -18.60 28.10 -111.88
CA TYR EG 93 -19.72 27.45 -112.55
C TYR EG 93 -19.21 26.63 -113.73
N THR EG 94 -19.53 25.34 -113.72
CA THR EG 94 -19.27 24.51 -114.88
C THR EG 94 -20.47 24.56 -115.82
N GLU EG 95 -20.25 24.13 -117.07
CA GLU EG 95 -21.31 24.19 -118.06
C GLU EG 95 -22.32 23.05 -117.89
N GLU EG 96 -22.01 22.07 -117.05
CA GLU EG 96 -22.97 21.01 -116.75
C GLU EG 96 -24.05 21.48 -115.79
N VAL EG 97 -23.75 22.51 -115.00
CA VAL EG 97 -24.66 22.98 -113.96
C VAL EG 97 -25.21 24.37 -114.27
N GLU EG 98 -25.08 24.82 -115.52
CA GLU EG 98 -25.58 26.15 -115.86
C GLU EG 98 -27.10 26.18 -116.00
N GLN EG 99 -27.75 25.02 -116.06
CA GLN EG 99 -29.21 24.99 -116.09
C GLN EG 99 -29.80 25.26 -114.71
N PHE EG 100 -29.02 25.08 -113.65
CA PHE EG 100 -29.48 25.32 -112.29
C PHE EG 100 -29.09 26.69 -111.75
N ARG EG 101 -28.46 27.53 -112.57
CA ARG EG 101 -28.03 28.85 -112.13
C ARG EG 101 -29.20 29.83 -112.06
N MET FG 1 -26.13 64.77 -79.67
CA MET FG 1 -27.11 64.20 -80.58
C MET FG 1 -27.32 65.07 -81.79
N GLN FG 2 -27.86 64.47 -82.84
CA GLN FG 2 -28.27 65.18 -84.05
C GLN FG 2 -29.70 64.78 -84.37
N MET FG 3 -30.42 65.68 -85.02
CA MET FG 3 -31.73 65.36 -85.54
C MET FG 3 -31.60 64.77 -86.92
N ALA FG 4 -32.26 63.63 -87.13
CA ALA FG 4 -32.16 62.92 -88.39
C ALA FG 4 -33.54 62.41 -88.78
N LYS FG 5 -33.73 62.23 -90.08
CA LYS FG 5 -34.94 61.66 -90.64
C LYS FG 5 -34.64 60.26 -91.15
N VAL FG 6 -35.48 59.29 -90.79
CA VAL FG 6 -35.32 57.90 -91.22
C VAL FG 6 -35.67 57.85 -92.71
N CYS FG 7 -34.67 57.61 -93.54
CA CYS FG 7 -34.90 57.55 -94.98
C CYS FG 7 -34.90 56.12 -95.51
N GLY FG 8 -34.32 55.19 -94.77
CA GLY FG 8 -34.37 53.82 -95.22
C GLY FG 8 -33.65 52.87 -94.30
N THR FG 9 -33.44 51.66 -94.80
CA THR FG 9 -32.83 50.57 -94.06
C THR FG 9 -31.62 50.05 -94.80
N VAL FG 10 -30.62 49.60 -94.06
CA VAL FG 10 -29.44 48.96 -94.60
C VAL FG 10 -29.38 47.54 -94.06
N VAL FG 11 -29.36 46.57 -94.97
CA VAL FG 11 -29.29 45.16 -94.61
C VAL FG 11 -27.94 44.63 -95.08
N GLY FG 12 -27.18 44.06 -94.15
CA GLY FG 12 -25.96 43.37 -94.49
C GLY FG 12 -25.94 41.97 -93.93
N THR FG 13 -25.75 40.97 -94.77
CA THR FG 13 -25.76 39.59 -94.29
C THR FG 13 -24.37 39.10 -93.91
N GLN FG 14 -23.34 39.55 -94.61
CA GLN FG 14 -21.95 39.20 -94.30
C GLN FG 14 -21.40 40.30 -93.38
N LYS FG 15 -21.36 40.02 -92.09
CA LYS FG 15 -21.03 41.03 -91.10
C LYS FG 15 -20.26 40.37 -89.96
N LEU FG 16 -19.95 41.17 -88.95
CA LEU FG 16 -19.34 40.64 -87.74
C LEU FG 16 -20.37 39.84 -86.94
N PRO FG 17 -19.93 38.86 -86.16
CA PRO FG 17 -20.88 38.11 -85.31
C PRO FG 17 -21.47 38.96 -84.19
N SER FG 18 -20.80 40.03 -83.78
CA SER FG 18 -21.36 40.93 -82.78
C SER FG 18 -22.32 41.93 -83.40
N MET FG 19 -22.43 41.96 -84.73
CA MET FG 19 -23.34 42.88 -85.40
C MET FG 19 -24.68 42.25 -85.73
N THR FG 20 -24.95 41.02 -85.29
CA THR FG 20 -26.21 40.39 -85.61
C THR FG 20 -27.30 40.82 -84.62
N GLY FG 21 -28.54 40.84 -85.10
CA GLY FG 21 -29.64 41.36 -84.32
C GLY FG 21 -29.75 42.87 -84.29
N VAL FG 22 -28.77 43.59 -84.84
CA VAL FG 22 -28.74 45.04 -84.82
C VAL FG 22 -29.50 45.56 -86.04
N LYS FG 23 -30.57 46.30 -85.80
CA LYS FG 23 -31.34 46.91 -86.88
C LYS FG 23 -30.65 48.19 -87.31
N LEU FG 24 -30.37 48.31 -88.60
CA LEU FG 24 -29.59 49.41 -89.14
C LEU FG 24 -30.47 50.30 -90.01
N LEU FG 25 -30.61 51.55 -89.61
CA LEU FG 25 -31.41 52.53 -90.32
C LEU FG 25 -30.52 53.52 -91.03
N LEU FG 26 -30.90 53.83 -92.27
CA LEU FG 26 -30.27 54.89 -93.04
C LEU FG 26 -30.98 56.19 -92.68
N LEU FG 27 -30.28 57.07 -91.98
CA LEU FG 27 -30.83 58.34 -91.51
C LEU FG 27 -30.17 59.48 -92.25
N GLN FG 28 -30.97 60.40 -92.77
CA GLN FG 28 -30.45 61.65 -93.33
C GLN FG 28 -30.57 62.74 -92.29
N PHE FG 29 -29.50 63.49 -92.09
CA PHE FG 29 -29.50 64.56 -91.12
C PHE FG 29 -30.32 65.75 -91.61
N ILE FG 30 -31.06 66.34 -90.70
CA ILE FG 30 -31.88 67.53 -90.96
C ILE FG 30 -31.33 68.66 -90.12
N ASP FG 31 -31.51 69.90 -90.59
CA ASP FG 31 -30.97 71.03 -89.87
C ASP FG 31 -31.92 71.47 -88.77
N ALA FG 32 -31.59 72.58 -88.12
CA ALA FG 32 -32.47 73.12 -87.09
C ALA FG 32 -33.73 73.73 -87.68
N ASN FG 33 -33.70 74.11 -88.96
CA ASN FG 33 -34.88 74.67 -89.60
C ASN FG 33 -35.80 73.58 -90.12
N GLY FG 34 -35.31 72.36 -90.27
CA GLY FG 34 -36.11 71.25 -90.74
C GLY FG 34 -35.81 70.76 -92.14
N GLU FG 35 -34.86 71.38 -92.84
CA GLU FG 35 -34.51 70.97 -94.20
C GLU FG 35 -33.48 69.85 -94.15
N LEU FG 36 -33.51 69.00 -95.18
CA LEU FG 36 -32.61 67.86 -95.23
C LEU FG 36 -31.19 68.30 -95.60
N LEU FG 37 -30.23 67.95 -94.75
CA LEU FG 37 -28.83 68.21 -95.06
C LEU FG 37 -28.27 67.10 -95.94
N PRO FG 38 -27.27 67.42 -96.79
CA PRO FG 38 -26.62 66.36 -97.61
C PRO FG 38 -25.58 65.58 -96.82
N LYS FG 39 -26.02 64.95 -95.73
CA LYS FG 39 -25.15 64.20 -94.84
C LYS FG 39 -26.00 63.13 -94.18
N TYR FG 40 -25.49 61.91 -94.13
CA TYR FG 40 -26.27 60.78 -93.65
C TYR FG 40 -25.51 60.03 -92.56
N GLU FG 41 -26.15 58.99 -92.06
CA GLU FG 41 -25.57 58.10 -91.06
C GLU FG 41 -26.31 56.77 -91.12
N VAL FG 42 -25.63 55.71 -90.74
CA VAL FG 42 -26.26 54.41 -90.50
C VAL FG 42 -26.15 54.15 -89.01
N ALA FG 43 -27.29 53.96 -88.35
CA ALA FG 43 -27.33 53.86 -86.91
C ALA FG 43 -28.08 52.62 -86.46
N ALA FG 44 -27.69 52.12 -85.29
CA ALA FG 44 -28.47 51.10 -84.62
C ALA FG 44 -29.77 51.70 -84.09
N ASP FG 45 -30.82 50.90 -84.07
CA ASP FG 45 -32.16 51.38 -83.75
C ASP FG 45 -32.77 50.52 -82.64
N PRO FG 46 -32.49 50.83 -81.37
CA PRO FG 46 -33.19 50.15 -80.29
C PRO FG 46 -34.60 50.66 -80.07
N VAL FG 47 -34.82 51.96 -80.24
CA VAL FG 47 -36.13 52.57 -80.17
C VAL FG 47 -36.74 52.44 -81.56
N GLY FG 48 -37.80 51.65 -81.68
CA GLY FG 48 -38.27 51.19 -82.99
C GLY FG 48 -38.80 52.31 -83.85
N ALA FG 49 -38.06 52.69 -84.88
CA ALA FG 49 -38.35 53.86 -85.69
C ALA FG 49 -38.55 53.44 -87.14
N GLY FG 50 -39.61 53.94 -87.76
CA GLY FG 50 -39.93 53.63 -89.13
C GLY FG 50 -39.63 54.79 -90.07
N LEU FG 51 -39.91 54.55 -91.34
CA LEU FG 51 -39.49 55.46 -92.40
C LEU FG 51 -40.29 56.75 -92.36
N GLY FG 52 -39.56 57.87 -92.31
CA GLY FG 52 -40.16 59.18 -92.22
C GLY FG 52 -40.09 59.83 -90.86
N GLU FG 53 -39.77 59.07 -89.82
CA GLU FG 53 -39.75 59.63 -88.47
C GLU FG 53 -38.54 60.51 -88.24
N TRP FG 54 -38.70 61.47 -87.35
CA TRP FG 54 -37.61 62.30 -86.86
C TRP FG 54 -37.02 61.64 -85.63
N VAL FG 55 -35.70 61.41 -85.64
CA VAL FG 55 -35.04 60.70 -84.56
C VAL FG 55 -33.88 61.54 -84.03
N LEU FG 56 -33.50 61.26 -82.80
CA LEU FG 56 -32.25 61.74 -82.23
C LEU FG 56 -31.23 60.62 -82.32
N VAL FG 57 -30.10 60.89 -82.96
CA VAL FG 57 -29.04 59.92 -83.12
C VAL FG 57 -27.76 60.47 -82.50
N ASN FG 58 -27.09 59.65 -81.69
CA ASN FG 58 -25.85 60.07 -81.09
C ASN FG 58 -24.68 59.57 -81.93
N ARG FG 59 -23.47 59.83 -81.46
CA ARG FG 59 -22.27 59.53 -82.22
C ARG FG 59 -21.21 59.00 -81.27
N GLY FG 60 -20.39 58.09 -81.78
CA GLY FG 60 -19.21 57.66 -81.05
C GLY FG 60 -19.48 56.62 -80.00
N SER FG 61 -18.82 56.74 -78.85
CA SER FG 61 -18.90 55.75 -77.79
C SER FG 61 -20.20 55.82 -77.01
N ALA FG 62 -21.03 56.84 -77.25
CA ALA FG 62 -22.34 56.93 -76.63
C ALA FG 62 -23.31 55.90 -77.20
N ALA FG 63 -23.02 55.36 -78.38
CA ALA FG 63 -23.85 54.32 -78.98
C ALA FG 63 -23.71 52.99 -78.27
N ARG FG 64 -22.71 52.82 -77.41
CA ARG FG 64 -22.44 51.59 -76.71
C ARG FG 64 -22.82 51.65 -75.23
N GLN FG 65 -23.80 52.47 -74.87
CA GLN FG 65 -24.15 52.68 -73.47
C GLN FG 65 -25.46 52.04 -73.06
N THR FG 66 -26.20 51.46 -73.98
CA THR FG 66 -27.55 50.96 -73.71
C THR FG 66 -27.57 49.51 -73.23
N GLU FG 67 -26.43 49.01 -72.77
CA GLU FG 67 -26.17 47.73 -72.08
C GLU FG 67 -26.50 46.48 -72.89
N TYR FG 68 -26.98 46.63 -74.12
CA TYR FG 68 -26.94 45.53 -75.07
C TYR FG 68 -26.16 45.89 -76.33
N HIS FG 69 -25.57 47.08 -76.38
CA HIS FG 69 -24.66 47.49 -77.44
C HIS FG 69 -23.25 47.69 -76.92
N GLN FG 70 -22.92 47.09 -75.77
CA GLN FG 70 -21.73 47.51 -75.01
C GLN FG 70 -20.44 47.09 -75.70
N ASN FG 71 -20.34 45.85 -76.13
CA ASN FG 71 -19.14 45.36 -76.81
C ASN FG 71 -19.37 45.20 -78.30
N ARG FG 72 -20.33 45.94 -78.84
CA ARG FG 72 -20.72 45.96 -80.24
C ARG FG 72 -20.03 47.11 -80.97
N PRO FG 73 -19.54 46.87 -82.18
CA PRO FG 73 -18.82 47.91 -82.93
C PRO FG 73 -19.76 48.94 -83.56
N LEU FG 74 -20.36 49.76 -82.71
CA LEU FG 74 -21.37 50.74 -83.12
C LEU FG 74 -20.89 52.14 -82.77
N ASP FG 75 -21.03 53.06 -83.71
CA ASP FG 75 -20.69 54.46 -83.50
C ASP FG 75 -21.86 55.40 -83.76
N ALA FG 76 -23.06 54.86 -83.90
CA ALA FG 76 -24.25 55.67 -84.14
C ALA FG 76 -25.46 54.89 -83.66
N MET FG 77 -26.37 55.56 -82.98
CA MET FG 77 -27.52 54.88 -82.38
C MET FG 77 -28.67 55.87 -82.26
N VAL FG 78 -29.84 55.47 -82.74
CA VAL FG 78 -31.07 56.21 -82.47
C VAL FG 78 -31.40 56.08 -81.00
N VAL FG 79 -31.41 57.20 -80.28
CA VAL FG 79 -31.68 57.18 -78.84
C VAL FG 79 -33.08 57.66 -78.50
N ALA FG 80 -33.75 58.36 -79.42
CA ALA FG 80 -35.07 58.91 -79.14
C ALA FG 80 -35.79 59.13 -80.46
N ILE FG 81 -37.09 58.85 -80.46
CA ILE FG 81 -37.97 59.29 -81.52
C ILE FG 81 -38.50 60.66 -81.13
N ILE FG 82 -38.32 61.64 -82.02
CA ILE FG 82 -38.66 63.02 -81.70
C ILE FG 82 -40.17 63.19 -81.73
N ASP FG 83 -40.74 63.64 -80.62
CA ASP FG 83 -42.14 64.03 -80.57
C ASP FG 83 -42.33 65.44 -81.12
N THR FG 84 -41.70 66.43 -80.53
CA THR FG 84 -41.88 67.81 -80.97
C THR FG 84 -40.57 68.57 -80.85
N VAL FG 85 -40.37 69.52 -81.77
CA VAL FG 85 -39.25 70.44 -81.75
C VAL FG 85 -39.82 71.85 -81.67
N THR FG 86 -39.45 72.57 -80.62
CA THR FG 86 -39.86 73.95 -80.42
C THR FG 86 -38.64 74.84 -80.63
N VAL FG 87 -38.73 75.77 -81.56
CA VAL FG 87 -37.65 76.71 -81.85
C VAL FG 87 -38.20 78.12 -81.69
N ASN FG 88 -37.58 78.90 -80.78
CA ASN FG 88 -37.97 80.28 -80.47
C ASN FG 88 -39.43 80.36 -80.01
N ASN FG 89 -39.81 79.43 -79.13
CA ASN FG 89 -41.16 79.22 -78.60
C ASN FG 89 -42.19 78.92 -79.67
N ARG FG 90 -41.77 78.51 -80.86
CA ARG FG 90 -42.65 78.13 -81.95
C ARG FG 90 -42.43 76.67 -82.27
N ARG FG 91 -43.52 75.91 -82.35
CA ARG FG 91 -43.43 74.49 -82.66
C ARG FG 91 -43.03 74.29 -84.11
N LEU FG 92 -41.88 73.66 -84.32
CA LEU FG 92 -41.36 73.36 -85.65
C LEU FG 92 -41.75 71.99 -86.15
N TYR FG 93 -41.88 71.01 -85.24
CA TYR FG 93 -42.23 69.65 -85.59
C TYR FG 93 -43.25 69.13 -84.60
N GLY FG 94 -44.14 68.26 -85.06
CA GLY FG 94 -45.12 67.65 -84.19
C GLY FG 94 -46.42 68.40 -84.13
N ALA GG 2 -112.18 10.98 -20.52
CA ALA GG 2 -112.74 11.33 -21.80
C ALA GG 2 -111.97 10.67 -22.94
N VAL GG 3 -112.07 11.25 -24.13
CA VAL GG 3 -111.31 10.79 -25.30
C VAL GG 3 -109.83 11.04 -25.05
N ALA GG 4 -108.98 10.09 -25.44
CA ALA GG 4 -107.57 10.12 -25.08
C ALA GG 4 -106.84 11.29 -25.75
N VAL GG 5 -105.79 11.76 -25.08
CA VAL GG 5 -105.04 12.92 -25.52
C VAL GG 5 -103.56 12.55 -25.59
N GLY GG 6 -102.93 12.92 -26.70
CA GLY GG 6 -101.50 12.74 -26.85
C GLY GG 6 -100.83 14.07 -27.13
N MET GG 7 -99.63 14.23 -26.56
CA MET GG 7 -98.88 15.47 -26.70
C MET GG 7 -97.46 15.14 -27.10
N ILE GG 8 -96.93 15.89 -28.06
CA ILE GG 8 -95.52 15.86 -28.42
C ILE GG 8 -94.98 17.26 -28.31
N GLU GG 9 -94.02 17.46 -27.42
CA GLU GG 9 -93.34 18.74 -27.29
C GLU GG 9 -92.01 18.69 -28.03
N THR GG 10 -91.82 19.62 -28.96
CA THR GG 10 -90.57 19.71 -29.69
C THR GG 10 -89.94 21.07 -29.47
N LEU GG 11 -88.64 21.15 -29.70
CA LEU GG 11 -87.90 22.39 -29.68
C LEU GG 11 -87.79 22.88 -31.12
N GLY GG 12 -88.70 23.76 -31.53
CA GLY GG 12 -88.69 24.25 -32.88
C GLY GG 12 -90.00 24.04 -33.62
N PHE GG 13 -90.36 25.00 -34.47
CA PHE GG 13 -91.59 24.93 -35.26
C PHE GG 13 -91.55 24.00 -36.48
N PRO GG 14 -90.45 23.86 -37.24
CA PRO GG 14 -90.45 22.78 -38.26
C PRO GG 14 -90.54 21.39 -37.68
N ALA GG 15 -90.06 21.18 -36.46
CA ALA GG 15 -90.15 19.85 -35.84
C ALA GG 15 -91.56 19.58 -35.32
N VAL GG 16 -92.31 20.62 -34.98
CA VAL GG 16 -93.63 20.40 -34.40
C VAL GG 16 -94.67 20.24 -35.50
N VAL GG 17 -94.38 20.72 -36.71
CA VAL GG 17 -95.29 20.51 -37.83
C VAL GG 17 -95.11 19.11 -38.39
N GLU GG 18 -93.87 18.62 -38.42
CA GLU GG 18 -93.64 17.22 -38.77
C GLU GG 18 -94.21 16.28 -37.72
N ALA GG 19 -94.15 16.67 -36.44
CA ALA GG 19 -94.81 15.89 -35.39
C ALA GG 19 -96.32 15.88 -35.58
N ALA GG 20 -96.90 17.04 -35.89
CA ALA GG 20 -98.35 17.11 -36.08
C ALA GG 20 -98.78 16.42 -37.37
N ASP GG 21 -97.93 16.46 -38.40
CA ASP GG 21 -98.29 15.83 -39.67
C ASP GG 21 -98.17 14.32 -39.60
N ALA GG 22 -97.14 13.81 -38.93
CA ALA GG 22 -96.96 12.36 -38.86
C ALA GG 22 -97.95 11.72 -37.88
N MET GG 23 -98.49 12.49 -36.95
CA MET GG 23 -99.45 11.93 -36.01
C MET GG 23 -100.79 11.66 -36.68
N VAL GG 24 -101.27 12.62 -37.48
CA VAL GG 24 -102.58 12.43 -38.12
C VAL GG 24 -102.45 11.58 -39.38
N LYS GG 25 -101.22 11.27 -39.80
CA LYS GG 25 -101.03 10.38 -40.94
C LYS GG 25 -100.79 8.95 -40.50
N ALA GG 26 -100.35 8.74 -39.26
CA ALA GG 26 -100.08 7.39 -38.79
C ALA GG 26 -101.35 6.69 -38.33
N ALA GG 27 -102.30 7.44 -37.78
CA ALA GG 27 -103.49 6.86 -37.21
C ALA GG 27 -104.65 7.84 -37.33
N ARG GG 28 -105.83 7.40 -36.90
CA ARG GG 28 -107.05 8.20 -36.97
C ARG GG 28 -107.16 9.02 -35.69
N VAL GG 29 -106.32 10.06 -35.61
CA VAL GG 29 -106.37 11.02 -34.52
C VAL GG 29 -106.78 12.36 -35.09
N THR GG 30 -107.19 13.26 -34.20
CA THR GG 30 -107.57 14.61 -34.58
C THR GG 30 -106.63 15.58 -33.88
N LEU GG 31 -105.78 16.24 -34.65
CA LEU GG 31 -104.96 17.33 -34.13
C LEU GG 31 -105.88 18.49 -33.77
N VAL GG 32 -105.97 18.80 -32.48
CA VAL GG 32 -106.88 19.82 -32.00
C VAL GG 32 -106.17 21.06 -31.50
N GLY GG 33 -104.90 20.98 -31.14
CA GLY GG 33 -104.27 22.03 -30.38
C GLY GG 33 -102.84 22.23 -30.78
N TYR GG 34 -102.31 23.38 -30.40
CA TYR GG 34 -100.96 23.81 -30.77
C TYR GG 34 -100.56 24.85 -29.75
N GLU GG 35 -99.59 24.51 -28.91
CA GLU GG 35 -99.34 25.25 -27.68
C GLU GG 35 -97.89 25.69 -27.59
N LYS GG 36 -97.69 26.99 -27.39
CA LYS GG 36 -96.37 27.57 -27.20
C LYS GG 36 -96.27 28.05 -25.75
N ILE GG 37 -95.22 27.62 -25.06
CA ILE GG 37 -95.01 27.96 -23.66
C ILE GG 37 -93.73 28.74 -23.46
N GLY GG 38 -93.05 29.13 -24.53
CA GLY GG 38 -91.83 29.90 -24.44
C GLY GG 38 -90.58 29.04 -24.60
N THR GG 39 -89.48 29.73 -24.91
CA THR GG 39 -88.17 29.18 -25.27
C THR GG 39 -88.23 28.10 -26.33
N GLY GG 40 -89.08 28.26 -27.33
CA GLY GG 40 -89.13 27.32 -28.42
C GLY GG 40 -89.79 25.99 -28.13
N ARG GG 41 -90.27 25.78 -26.91
CA ARG GG 41 -90.98 24.57 -26.55
C ARG GG 41 -92.39 24.65 -27.12
N VAL GG 42 -92.63 23.94 -28.22
CA VAL GG 42 -93.91 23.95 -28.91
C VAL GG 42 -94.53 22.56 -28.78
N THR GG 43 -95.82 22.52 -28.46
CA THR GG 43 -96.53 21.27 -28.22
C THR GG 43 -97.77 21.21 -29.11
N VAL GG 44 -97.92 20.11 -29.83
CA VAL GG 44 -99.14 19.79 -30.55
C VAL GG 44 -99.92 18.73 -29.78
N ILE GG 45 -101.24 18.82 -29.84
CA ILE GG 45 -102.15 18.01 -29.05
C ILE GG 45 -103.09 17.28 -30.00
N VAL GG 46 -103.11 15.95 -29.93
CA VAL GG 46 -104.05 15.17 -30.72
C VAL GG 46 -105.06 14.52 -29.78
N ARG GG 47 -106.24 14.25 -30.31
CA ARG GG 47 -107.28 13.51 -29.62
C ARG GG 47 -107.67 12.29 -30.44
N GLY GG 48 -108.14 11.25 -29.77
CA GLY GG 48 -108.61 10.07 -30.48
C GLY GG 48 -108.70 8.90 -29.52
N ASP GG 49 -108.93 7.73 -30.09
CA ASP GG 49 -108.91 6.50 -29.31
C ASP GG 49 -107.48 6.18 -28.86
N VAL GG 50 -107.39 5.34 -27.83
CA VAL GG 50 -106.10 5.05 -27.21
C VAL GG 50 -105.19 4.27 -28.17
N SER GG 51 -105.79 3.41 -29.00
CA SER GG 51 -105.01 2.70 -30.01
C SER GG 51 -104.47 3.64 -31.06
N GLU GG 52 -105.24 4.65 -31.44
CA GLU GG 52 -104.77 5.61 -32.43
C GLU GG 52 -103.76 6.59 -31.83
N VAL GG 53 -103.99 7.04 -30.60
CA VAL GG 53 -103.11 8.04 -29.99
C VAL GG 53 -101.76 7.44 -29.64
N GLN GG 54 -101.75 6.17 -29.20
CA GLN GG 54 -100.48 5.49 -28.92
C GLN GG 54 -99.68 5.25 -30.20
N ALA GG 55 -100.37 4.95 -31.29
CA ALA GG 55 -99.69 4.74 -32.56
C ALA GG 55 -99.20 6.06 -33.16
N SER GG 56 -99.97 7.13 -32.97
CA SER GG 56 -99.62 8.42 -33.56
C SER GG 56 -98.45 9.07 -32.84
N VAL GG 57 -98.45 9.04 -31.50
CA VAL GG 57 -97.40 9.68 -30.71
C VAL GG 57 -96.08 8.94 -30.88
N SER GG 58 -96.14 7.61 -30.96
CA SER GG 58 -94.92 6.82 -31.15
C SER GG 58 -94.35 7.00 -32.56
N ALA GG 59 -95.22 7.12 -33.55
CA ALA GG 59 -94.73 7.35 -34.92
C ALA GG 59 -94.39 8.81 -35.14
N GLY GG 60 -95.07 9.71 -34.43
CA GLY GG 60 -94.74 11.12 -34.52
C GLY GG 60 -93.44 11.47 -33.84
N THR GG 61 -93.00 10.66 -32.89
CA THR GG 61 -91.73 10.90 -32.21
C THR GG 61 -90.55 10.50 -33.08
N GLU GG 62 -90.70 9.42 -33.84
CA GLU GG 62 -89.61 8.97 -34.71
C GLU GG 62 -89.45 9.86 -35.93
N SER GG 63 -90.52 10.54 -36.34
CA SER GG 63 -90.45 11.37 -37.53
C SER GG 63 -89.71 12.68 -37.26
N VAL GG 64 -89.75 13.18 -36.03
CA VAL GG 64 -89.03 14.40 -35.67
C VAL GG 64 -87.53 14.20 -35.71
N LYS GG 65 -87.04 12.99 -35.42
CA LYS GG 65 -85.62 12.69 -35.60
C LYS GG 65 -85.33 12.21 -37.03
N ARG GG 66 -85.89 12.93 -37.99
CA ARG GG 66 -85.60 12.82 -39.41
C ARG GG 66 -85.59 14.25 -39.95
N VAL GG 67 -85.80 15.20 -39.04
CA VAL GG 67 -85.77 16.63 -39.33
C VAL GG 67 -84.44 17.18 -38.82
N ASN GG 68 -83.77 17.97 -39.63
CA ASN GG 68 -82.52 18.59 -39.19
C ASN GG 68 -82.83 19.73 -38.23
N GLY GG 69 -82.20 19.71 -37.07
CA GLY GG 69 -82.52 20.67 -36.04
C GLY GG 69 -83.77 20.35 -35.25
N GLY GG 70 -84.33 19.17 -35.44
CA GLY GG 70 -85.54 18.75 -34.74
C GLY GG 70 -85.18 17.94 -33.50
N GLN GG 71 -85.82 18.27 -32.39
CA GLN GG 71 -85.57 17.63 -31.11
C GLN GG 71 -86.87 17.45 -30.37
N VAL GG 72 -87.16 16.21 -29.98
CA VAL GG 72 -88.33 15.91 -29.15
C VAL GG 72 -87.94 16.19 -27.71
N LEU GG 73 -88.68 17.08 -27.06
CA LEU GG 73 -88.41 17.37 -25.66
C LEU GG 73 -89.21 16.46 -24.74
N SER GG 74 -90.50 16.28 -25.03
CA SER GG 74 -91.37 15.54 -24.13
C SER GG 74 -92.56 15.00 -24.90
N THR GG 75 -92.88 13.73 -24.66
CA THR GG 75 -94.06 13.09 -25.22
C THR GG 75 -94.86 12.47 -24.10
N HIS GG 76 -96.19 12.52 -24.22
CA HIS GG 76 -97.04 11.85 -23.25
C HIS GG 76 -98.38 11.51 -23.88
N ILE GG 77 -98.99 10.45 -23.36
CA ILE GG 77 -100.32 10.00 -23.73
C ILE GG 77 -101.12 9.83 -22.45
N ILE GG 78 -102.28 10.46 -22.38
CA ILE GG 78 -103.24 10.23 -21.31
C ILE GG 78 -104.44 9.53 -21.90
N ALA GG 79 -104.63 8.26 -21.55
CA ALA GG 79 -105.60 7.41 -22.22
C ALA GG 79 -107.04 7.78 -21.85
N ARG GG 80 -107.23 8.35 -20.67
CA ARG GG 80 -108.55 8.71 -20.19
C ARG GG 80 -108.43 9.96 -19.34
N PRO GG 81 -108.38 11.13 -19.97
CA PRO GG 81 -108.25 12.36 -19.18
C PRO GG 81 -109.55 12.72 -18.50
N HIS GG 82 -109.43 13.38 -17.36
CA HIS GG 82 -110.58 13.84 -16.60
C HIS GG 82 -111.32 14.91 -17.37
N GLU GG 83 -112.63 14.98 -17.14
CA GLU GG 83 -113.47 15.99 -17.79
C GLU GG 83 -113.19 17.40 -17.30
N ASN GG 84 -112.48 17.55 -16.17
CA ASN GG 84 -112.03 18.86 -15.71
C ASN GG 84 -110.99 19.47 -16.64
N LEU GG 85 -110.20 18.63 -17.32
CA LEU GG 85 -109.01 19.14 -18.01
C LEU GG 85 -109.35 19.86 -19.31
N GLU GG 86 -110.47 19.52 -19.95
CA GLU GG 86 -110.81 20.16 -21.22
C GLU GG 86 -111.25 21.60 -21.03
N TYR GG 87 -111.70 21.96 -19.82
CA TYR GG 87 -112.18 23.31 -19.58
C TYR GG 87 -111.06 24.24 -19.15
N VAL GG 88 -109.93 23.68 -18.72
CA VAL GG 88 -108.80 24.50 -18.26
C VAL GG 88 -107.67 24.48 -19.27
N LEU GG 89 -107.30 23.32 -19.71
CA LEU GG 89 -106.18 23.14 -20.61
C LEU GG 89 -106.63 23.18 -22.05
N PRO GG 90 -105.81 23.69 -22.97
CA PRO GG 90 -106.18 23.74 -24.41
C PRO GG 90 -105.99 22.41 -25.12
N ILE GG 91 -106.72 21.39 -24.66
CA ILE GG 91 -106.69 20.06 -25.25
C ILE GG 91 -108.03 19.65 -25.81
N ARG GG 92 -108.99 20.56 -25.89
CA ARG GG 92 -110.35 20.19 -26.24
C ARG GG 92 -110.59 20.35 -27.74
N TYR GG 93 -111.66 19.73 -28.21
CA TYR GG 93 -112.07 19.84 -29.59
C TYR GG 93 -112.63 21.24 -29.86
N THR GG 94 -111.98 21.96 -30.76
CA THR GG 94 -112.49 23.24 -31.22
C THR GG 94 -113.42 23.03 -32.43
N GLU GG 95 -114.15 24.08 -32.79
CA GLU GG 95 -115.19 23.91 -33.80
C GLU GG 95 -114.62 23.92 -35.21
N GLU GG 96 -113.35 24.28 -35.39
CA GLU GG 96 -112.76 24.20 -36.72
C GLU GG 96 -112.25 22.80 -37.02
N VAL GG 97 -112.10 21.96 -35.99
CA VAL GG 97 -111.60 20.61 -36.17
C VAL GG 97 -112.69 19.56 -35.88
N GLU GG 98 -113.96 19.97 -35.90
CA GLU GG 98 -115.03 19.00 -35.68
C GLU GG 98 -115.27 18.10 -36.88
N GLN GG 99 -114.74 18.45 -38.06
CA GLN GG 99 -114.91 17.60 -39.23
C GLN GG 99 -113.98 16.40 -39.21
N PHE GG 100 -112.89 16.46 -38.45
CA PHE GG 100 -111.91 15.39 -38.42
C PHE GG 100 -112.14 14.40 -37.28
N ARG GG 101 -113.10 14.66 -36.41
CA ARG GG 101 -113.35 13.77 -35.28
C ARG GG 101 -114.05 12.48 -35.72
N ALA HG 2 -109.61 31.16 2.50
CA ALA HG 2 -110.54 30.57 1.53
C ALA HG 2 -110.27 29.09 1.36
N VAL HG 3 -110.88 28.50 0.33
CA VAL HG 3 -110.63 27.12 -0.06
C VAL HG 3 -109.17 27.00 -0.52
N ALA HG 4 -108.49 25.94 -0.08
CA ALA HG 4 -107.05 25.80 -0.26
C ALA HG 4 -106.67 25.70 -1.73
N VAL HG 5 -105.45 26.14 -2.03
CA VAL HG 5 -104.95 26.21 -3.39
C VAL HG 5 -103.64 25.42 -3.47
N GLY HG 6 -103.52 24.59 -4.49
CA GLY HG 6 -102.27 23.89 -4.75
C GLY HG 6 -101.79 24.19 -6.15
N MET HG 7 -100.48 24.36 -6.27
CA MET HG 7 -99.85 24.69 -7.54
C MET HG 7 -98.72 23.72 -7.81
N ILE HG 8 -98.63 23.22 -9.04
CA ILE HG 8 -97.48 22.47 -9.51
C ILE HG 8 -96.94 23.17 -10.74
N GLU HG 9 -95.68 23.59 -10.67
CA GLU HG 9 -95.00 24.18 -11.81
C GLU HG 9 -94.07 23.14 -12.43
N THR HG 10 -94.25 22.89 -13.72
CA THR HG 10 -93.41 21.96 -14.46
C THR HG 10 -92.70 22.69 -15.58
N LEU HG 11 -91.64 22.05 -16.09
CA LEU HG 11 -90.95 22.51 -17.29
C LEU HG 11 -91.50 21.69 -18.44
N GLY HG 12 -92.46 22.25 -19.16
CA GLY HG 12 -93.05 21.55 -20.28
C GLY HG 12 -94.54 21.35 -20.18
N PHE HG 13 -95.22 21.40 -21.32
CA PHE HG 13 -96.66 21.19 -21.40
C PHE HG 13 -97.12 19.73 -21.32
N PRO HG 14 -96.43 18.71 -21.86
CA PRO HG 14 -96.88 17.34 -21.58
C PRO HG 14 -96.77 16.94 -20.11
N ALA HG 15 -95.83 17.53 -19.37
CA ALA HG 15 -95.72 17.21 -17.95
C ALA HG 15 -96.81 17.90 -17.14
N VAL HG 16 -97.32 19.03 -17.61
CA VAL HG 16 -98.26 19.80 -16.81
C VAL HG 16 -99.67 19.27 -17.00
N VAL HG 17 -99.93 18.54 -18.10
CA VAL HG 17 -101.24 17.92 -18.30
C VAL HG 17 -101.31 16.61 -17.53
N GLU HG 18 -100.19 15.88 -17.46
CA GLU HG 18 -100.14 14.68 -16.66
C GLU HG 18 -100.17 15.01 -15.17
N ALA HG 19 -99.58 16.13 -14.77
CA ALA HG 19 -99.68 16.59 -13.40
C ALA HG 19 -101.11 17.01 -13.06
N ALA HG 20 -101.78 17.69 -14.00
CA ALA HG 20 -103.16 18.12 -13.76
C ALA HG 20 -104.12 16.94 -13.79
N ASP HG 21 -103.83 15.93 -14.60
CA ASP HG 21 -104.71 14.77 -14.67
C ASP HG 21 -104.53 13.87 -13.44
N ALA HG 22 -103.32 13.79 -12.91
CA ALA HG 22 -103.10 12.98 -11.72
C ALA HG 22 -103.65 13.67 -10.48
N MET HG 23 -103.75 15.00 -10.50
CA MET HG 23 -104.23 15.73 -9.34
C MET HG 23 -105.74 15.54 -9.15
N VAL HG 24 -106.51 15.68 -10.21
CA VAL HG 24 -107.96 15.63 -10.08
C VAL HG 24 -108.46 14.19 -10.03
N LYS HG 25 -107.59 13.23 -10.30
CA LYS HG 25 -107.96 11.83 -10.14
C LYS HG 25 -107.63 11.32 -8.75
N ALA HG 26 -106.62 11.92 -8.10
CA ALA HG 26 -106.16 11.41 -6.82
C ALA HG 26 -107.10 11.82 -5.69
N ALA HG 27 -107.64 13.04 -5.74
CA ALA HG 27 -108.44 13.55 -4.64
C ALA HG 27 -109.55 14.43 -5.18
N ARG HG 28 -110.34 14.99 -4.26
CA ARG HG 28 -111.50 15.82 -4.61
C ARG HG 28 -111.06 17.28 -4.74
N VAL HG 29 -110.16 17.51 -5.69
CA VAL HG 29 -109.73 18.86 -6.02
C VAL HG 29 -110.37 19.25 -7.34
N THR HG 30 -110.42 20.54 -7.59
CA THR HG 30 -110.92 21.09 -8.84
C THR HG 30 -109.78 21.84 -9.52
N LEU HG 31 -109.36 21.38 -10.68
CA LEU HG 31 -108.43 22.12 -11.51
C LEU HG 31 -109.11 23.38 -12.02
N VAL HG 32 -108.60 24.54 -11.62
CA VAL HG 32 -109.22 25.81 -11.99
C VAL HG 32 -108.31 26.68 -12.84
N GLY HG 33 -107.02 26.42 -12.87
CA GLY HG 33 -106.08 27.40 -13.37
C GLY HG 33 -105.01 26.78 -14.23
N TYR HG 34 -104.44 27.62 -15.09
CA TYR HG 34 -103.42 27.22 -16.04
C TYR HG 34 -102.63 28.46 -16.40
N GLU HG 35 -101.37 28.52 -16.00
CA GLU HG 35 -100.61 29.75 -16.07
C GLU HG 35 -99.27 29.52 -16.74
N LYS HG 36 -98.97 30.35 -17.73
CA LYS HG 36 -97.69 30.36 -18.42
C LYS HG 36 -96.97 31.65 -18.07
N ILE HG 37 -95.75 31.52 -17.56
CA ILE HG 37 -94.98 32.67 -17.11
C ILE HG 37 -93.68 32.81 -17.89
N GLY HG 38 -93.44 31.97 -18.88
CA GLY HG 38 -92.24 32.04 -19.69
C GLY HG 38 -91.22 30.97 -19.33
N THR HG 39 -90.25 30.82 -20.24
CA THR HG 39 -89.20 29.79 -20.23
C THR HG 39 -89.73 28.37 -20.04
N GLY HG 40 -90.91 28.07 -20.56
CA GLY HG 40 -91.47 26.75 -20.39
C GLY HG 40 -91.99 26.44 -19.01
N ARG HG 41 -91.99 27.41 -18.10
CA ARG HG 41 -92.52 27.21 -16.76
C ARG HG 41 -94.04 27.33 -16.82
N VAL HG 42 -94.73 26.21 -16.65
CA VAL HG 42 -96.18 26.15 -16.74
C VAL HG 42 -96.74 25.67 -15.42
N THR HG 43 -97.75 26.36 -14.91
CA THR HG 43 -98.33 26.07 -13.61
C THR HG 43 -99.80 25.73 -13.77
N VAL HG 44 -100.20 24.59 -13.19
CA VAL HG 44 -101.61 24.24 -13.02
C VAL HG 44 -102.00 24.45 -11.57
N ILE HG 45 -103.23 24.88 -11.36
CA ILE HG 45 -103.73 25.34 -10.06
C ILE HG 45 -104.98 24.53 -9.73
N VAL HG 46 -104.96 23.85 -8.59
CA VAL HG 46 -106.12 23.11 -8.11
C VAL HG 46 -106.67 23.80 -6.87
N ARG HG 47 -107.96 23.60 -6.62
CA ARG HG 47 -108.63 24.10 -5.43
C ARG HG 47 -109.37 22.95 -4.74
N GLY HG 48 -109.32 22.95 -3.42
CA GLY HG 48 -110.07 21.96 -2.66
C GLY HG 48 -109.79 22.11 -1.19
N ASP HG 49 -110.22 21.13 -0.41
CA ASP HG 49 -109.83 21.07 0.99
C ASP HG 49 -108.35 20.75 1.08
N VAL HG 50 -107.73 21.16 2.19
CA VAL HG 50 -106.28 21.10 2.33
C VAL HG 50 -105.75 19.68 2.36
N SER HG 51 -106.54 18.74 2.90
CA SER HG 51 -106.14 17.34 2.88
C SER HG 51 -106.23 16.76 1.47
N GLU HG 52 -107.21 17.21 0.70
CA GLU HG 52 -107.33 16.76 -0.68
C GLU HG 52 -106.31 17.45 -1.57
N VAL HG 53 -105.98 18.70 -1.27
CA VAL HG 53 -105.00 19.41 -2.08
C VAL HG 53 -103.59 18.86 -1.81
N GLN HG 54 -103.30 18.49 -0.56
CA GLN HG 54 -102.02 17.88 -0.23
C GLN HG 54 -101.88 16.51 -0.86
N ALA HG 55 -102.98 15.75 -0.93
CA ALA HG 55 -102.94 14.42 -1.52
C ALA HG 55 -102.82 14.48 -3.03
N SER HG 56 -103.34 15.54 -3.65
CA SER HG 56 -103.30 15.65 -5.10
C SER HG 56 -101.95 16.17 -5.57
N VAL HG 57 -101.41 17.18 -4.88
CA VAL HG 57 -100.16 17.81 -5.31
C VAL HG 57 -98.99 16.85 -5.18
N SER HG 58 -99.00 16.00 -4.15
CA SER HG 58 -97.98 14.97 -4.04
C SER HG 58 -98.15 13.88 -5.10
N ALA HG 59 -99.40 13.61 -5.48
CA ALA HG 59 -99.64 12.61 -6.51
C ALA HG 59 -99.38 13.17 -7.90
N GLY HG 60 -99.64 14.47 -8.10
CA GLY HG 60 -99.34 15.09 -9.38
C GLY HG 60 -97.86 15.33 -9.58
N THR HG 61 -97.09 15.42 -8.49
CA THR HG 61 -95.64 15.58 -8.60
C THR HG 61 -94.98 14.28 -9.00
N GLU HG 62 -95.44 13.16 -8.44
CA GLU HG 62 -94.82 11.88 -8.71
C GLU HG 62 -95.20 11.33 -10.08
N SER HG 63 -96.29 11.85 -10.67
CA SER HG 63 -96.70 11.38 -12.00
C SER HG 63 -95.98 12.10 -13.12
N VAL HG 64 -95.24 13.18 -12.82
CA VAL HG 64 -94.40 13.80 -13.83
C VAL HG 64 -93.20 12.92 -14.15
N LYS HG 65 -92.82 12.03 -13.24
CA LYS HG 65 -91.77 11.04 -13.51
C LYS HG 65 -92.21 10.02 -14.56
N ARG HG 66 -93.53 9.86 -14.78
CA ARG HG 66 -94.01 9.05 -15.90
C ARG HG 66 -93.64 9.70 -17.23
N VAL HG 67 -93.66 11.03 -17.29
CA VAL HG 67 -93.40 11.74 -18.53
C VAL HG 67 -91.90 11.79 -18.78
N ASN HG 68 -91.49 11.41 -19.98
CA ASN HG 68 -90.11 11.58 -20.40
C ASN HG 68 -89.87 13.04 -20.77
N GLY HG 69 -88.81 13.63 -20.23
CA GLY HG 69 -88.58 15.03 -20.45
C GLY HG 69 -89.42 15.95 -19.59
N GLY HG 70 -90.14 15.40 -18.62
CA GLY HG 70 -90.94 16.17 -17.69
C GLY HG 70 -90.18 16.38 -16.40
N GLN HG 71 -90.30 17.59 -15.85
CA GLN HG 71 -89.57 17.96 -14.65
C GLN HG 71 -90.40 18.95 -13.84
N VAL HG 72 -90.68 18.59 -12.58
CA VAL HG 72 -91.38 19.48 -11.66
C VAL HG 72 -90.37 20.53 -11.20
N LEU HG 73 -90.72 21.80 -11.39
CA LEU HG 73 -89.84 22.87 -10.94
C LEU HG 73 -90.19 23.31 -9.52
N SER HG 74 -91.47 23.50 -9.24
CA SER HG 74 -91.88 24.04 -7.95
C SER HG 74 -93.31 23.62 -7.67
N THR HG 75 -93.53 23.13 -6.44
CA THR HG 75 -94.86 22.86 -5.94
C THR HG 75 -95.08 23.66 -4.66
N HIS HG 76 -96.34 24.05 -4.43
CA HIS HG 76 -96.70 24.71 -3.19
C HIS HG 76 -98.18 24.53 -2.92
N ILE HG 77 -98.52 24.54 -1.64
CA ILE HG 77 -99.89 24.42 -1.15
C ILE HG 77 -100.12 25.54 -0.14
N ILE HG 78 -101.16 26.33 -0.35
CA ILE HG 78 -101.62 27.31 0.63
C ILE HG 78 -102.93 26.82 1.21
N ALA HG 79 -102.95 26.60 2.52
CA ALA HG 79 -104.10 25.97 3.17
C ALA HG 79 -105.29 26.90 3.23
N ARG HG 80 -105.05 28.20 3.34
CA ARG HG 80 -106.13 29.18 3.47
C ARG HG 80 -105.68 30.46 2.78
N PRO HG 81 -105.85 30.55 1.46
CA PRO HG 81 -105.47 31.78 0.77
C PRO HG 81 -106.41 32.92 1.10
N HIS HG 82 -105.84 34.13 1.12
CA HIS HG 82 -106.60 35.34 1.38
C HIS HG 82 -107.57 35.61 0.24
N GLU HG 83 -108.65 36.33 0.54
CA GLU HG 83 -109.67 36.63 -0.45
C GLU HG 83 -109.19 37.62 -1.50
N ASN HG 84 -108.12 38.36 -1.22
CA ASN HG 84 -107.52 39.27 -2.19
C ASN HG 84 -106.87 38.52 -3.34
N LEU HG 85 -106.49 37.26 -3.13
CA LEU HG 85 -105.70 36.54 -4.11
C LEU HG 85 -106.52 36.08 -5.30
N GLU HG 86 -107.81 35.80 -5.11
CA GLU HG 86 -108.62 35.28 -6.20
C GLU HG 86 -109.03 36.39 -7.16
N TYR HG 87 -108.92 37.64 -6.75
CA TYR HG 87 -109.30 38.74 -7.63
C TYR HG 87 -108.11 39.25 -8.43
N VAL HG 88 -106.89 38.85 -8.06
CA VAL HG 88 -105.71 39.27 -8.80
C VAL HG 88 -105.06 38.08 -9.49
N LEU HG 89 -104.76 37.06 -8.76
CA LEU HG 89 -104.09 35.88 -9.29
C LEU HG 89 -105.11 34.90 -9.87
N PRO HG 90 -104.75 34.16 -10.92
CA PRO HG 90 -105.69 33.21 -11.53
C PRO HG 90 -105.81 31.89 -10.76
N ILE HG 91 -106.23 31.98 -9.51
CA ILE HG 91 -106.48 30.82 -8.67
C ILE HG 91 -107.96 30.66 -8.33
N ARG HG 92 -108.83 31.43 -8.96
CA ARG HG 92 -110.24 31.42 -8.59
C ARG HG 92 -111.00 30.39 -9.41
N TYR HG 93 -112.15 29.98 -8.86
CA TYR HG 93 -113.09 29.16 -9.61
C TYR HG 93 -113.70 29.96 -10.74
N THR HG 94 -113.37 29.63 -11.97
CA THR HG 94 -114.06 30.21 -13.11
C THR HG 94 -115.40 29.51 -13.30
N GLU HG 95 -116.23 30.08 -14.16
CA GLU HG 95 -117.59 29.56 -14.31
C GLU HG 95 -117.62 28.30 -15.16
N GLU HG 96 -116.52 27.97 -15.83
CA GLU HG 96 -116.48 26.73 -16.60
C GLU HG 96 -116.25 25.53 -15.69
N VAL HG 97 -115.59 25.73 -14.56
CA VAL HG 97 -115.18 24.63 -13.69
C VAL HG 97 -116.08 24.51 -12.46
N GLU HG 98 -117.25 25.17 -12.45
CA GLU HG 98 -118.13 25.06 -11.30
C GLU HG 98 -118.92 23.76 -11.27
N GLN HG 99 -118.90 22.99 -12.35
CA GLN HG 99 -119.55 21.68 -12.33
C GLN HG 99 -118.68 20.65 -11.63
N PHE HG 100 -117.40 20.95 -11.41
CA PHE HG 100 -116.48 20.02 -10.78
C PHE HG 100 -116.16 20.37 -9.34
N ARG HG 101 -116.78 21.42 -8.79
CA ARG HG 101 -116.50 21.85 -7.43
C ARG HG 101 -117.15 20.93 -6.41
N ALA IG 2 -112.38 -12.73 -25.83
CA ALA IG 2 -113.23 -11.56 -25.96
C ALA IG 2 -112.41 -10.28 -25.83
N VAL IG 3 -112.54 -9.61 -24.69
CA VAL IG 3 -111.72 -8.45 -24.41
C VAL IG 3 -110.36 -8.90 -23.92
N ALA IG 4 -109.39 -7.99 -23.91
CA ALA IG 4 -108.04 -8.32 -23.49
C ALA IG 4 -107.96 -8.54 -21.99
N VAL IG 5 -106.85 -9.12 -21.55
CA VAL IG 5 -106.60 -9.35 -20.13
C VAL IG 5 -105.20 -8.86 -19.79
N GLY IG 6 -105.08 -8.11 -18.71
CA GLY IG 6 -103.79 -7.66 -18.23
C GLY IG 6 -103.60 -8.03 -16.78
N MET IG 7 -102.35 -8.33 -16.43
CA MET IG 7 -101.99 -8.78 -15.09
C MET IG 7 -100.78 -8.01 -14.62
N ILE IG 8 -100.84 -7.53 -13.38
CA ILE IG 8 -99.67 -6.99 -12.69
C ILE IG 8 -99.50 -7.79 -11.41
N GLU IG 9 -98.35 -8.43 -11.25
CA GLU IG 9 -98.02 -9.13 -10.03
C GLU IG 9 -97.04 -8.30 -9.22
N THR IG 10 -97.41 -8.03 -7.97
CA THR IG 10 -96.55 -7.29 -7.05
C THR IG 10 -96.18 -8.17 -5.88
N LEU IG 11 -95.15 -7.74 -5.15
CA LEU IG 11 -94.79 -8.33 -3.87
C LEU IG 11 -95.42 -7.45 -2.79
N GLY IG 12 -96.52 -7.91 -2.22
CA GLY IG 12 -97.20 -7.14 -1.21
C GLY IG 12 -98.59 -6.67 -1.59
N PHE IG 13 -99.47 -6.63 -0.60
CA PHE IG 13 -100.84 -6.16 -0.79
C PHE IG 13 -101.02 -4.64 -0.86
N PRO IG 14 -100.29 -3.78 -0.13
CA PRO IG 14 -100.42 -2.34 -0.41
C PRO IG 14 -99.92 -1.93 -1.79
N ALA IG 15 -99.00 -2.68 -2.39
CA ALA IG 15 -98.54 -2.37 -3.73
C ALA IG 15 -99.55 -2.82 -4.78
N VAL IG 16 -100.38 -3.81 -4.45
CA VAL IG 16 -101.28 -4.36 -5.46
C VAL IG 16 -102.59 -3.58 -5.49
N VAL IG 17 -102.88 -2.82 -4.43
CA VAL IG 17 -104.06 -1.96 -4.43
C VAL IG 17 -103.74 -0.64 -5.11
N GLU IG 18 -102.52 -0.16 -4.95
CA GLU IG 18 -102.08 1.02 -5.71
C GLU IG 18 -101.93 0.70 -7.18
N ALA IG 19 -101.48 -0.52 -7.52
CA ALA IG 19 -101.44 -0.94 -8.91
C ALA IG 19 -102.84 -1.07 -9.50
N ALA IG 20 -103.78 -1.61 -8.72
CA ALA IG 20 -105.14 -1.76 -9.22
C ALA IG 20 -105.85 -0.42 -9.33
N ASP IG 21 -105.59 0.50 -8.41
CA ASP IG 21 -106.20 1.82 -8.47
C ASP IG 21 -105.64 2.66 -9.60
N ALA IG 22 -104.37 2.43 -9.95
CA ALA IG 22 -103.77 3.19 -11.04
C ALA IG 22 -104.25 2.68 -12.39
N MET IG 23 -104.66 1.41 -12.48
CA MET IG 23 -105.09 0.86 -13.76
C MET IG 23 -106.47 1.35 -14.15
N VAL IG 24 -107.42 1.33 -13.21
CA VAL IG 24 -108.79 1.65 -13.57
C VAL IG 24 -108.99 3.16 -13.66
N LYS IG 25 -108.05 3.94 -13.14
CA LYS IG 25 -108.09 5.39 -13.32
C LYS IG 25 -107.46 5.80 -14.65
N ALA IG 26 -106.47 5.06 -15.12
CA ALA IG 26 -105.72 5.48 -16.29
C ALA IG 26 -106.49 5.23 -17.58
N ALA IG 27 -107.21 4.12 -17.65
CA ALA IG 27 -107.88 3.74 -18.89
C ALA IG 27 -109.19 3.05 -18.57
N ARG IG 28 -109.93 2.71 -19.62
CA ARG IG 28 -111.24 2.08 -19.50
C ARG IG 28 -111.08 0.56 -19.39
N VAL IG 29 -110.53 0.14 -18.26
CA VAL IG 29 -110.38 -1.26 -17.94
C VAL IG 29 -111.24 -1.57 -16.73
N THR IG 30 -111.65 -2.83 -16.63
CA THR IG 30 -112.41 -3.32 -15.49
C THR IG 30 -111.53 -4.26 -14.68
N LEU IG 31 -111.24 -3.88 -13.45
CA LEU IG 31 -110.60 -4.79 -12.51
C LEU IG 31 -111.58 -5.90 -12.16
N VAL IG 32 -111.27 -7.12 -12.55
CA VAL IG 32 -112.17 -8.25 -12.37
C VAL IG 32 -111.65 -9.26 -11.37
N GLY IG 33 -110.36 -9.27 -11.07
CA GLY IG 33 -109.77 -10.41 -10.39
C GLY IG 33 -108.68 -9.99 -9.44
N TYR IG 34 -108.30 -10.94 -8.58
CA TYR IG 34 -107.38 -10.72 -7.49
C TYR IG 34 -106.87 -12.08 -7.06
N GLU IG 35 -105.58 -12.33 -7.24
CA GLU IG 35 -105.05 -13.68 -7.12
C GLU IG 35 -103.83 -13.70 -6.22
N LYS IG 36 -103.80 -14.66 -5.29
CA LYS IG 36 -102.68 -14.88 -4.39
C LYS IG 36 -102.14 -16.28 -4.66
N ILE IG 37 -100.85 -16.38 -4.95
CA ILE IG 37 -100.21 -17.65 -5.27
C ILE IG 37 -99.17 -18.05 -4.24
N GLY IG 38 -98.95 -17.22 -3.22
CA GLY IG 38 -97.94 -17.50 -2.22
C GLY IG 38 -96.68 -16.66 -2.42
N THR IG 39 -95.81 -16.72 -1.40
CA THR IG 39 -94.64 -15.86 -1.21
C THR IG 39 -94.94 -14.37 -1.38
N GLY IG 40 -96.12 -13.92 -0.95
CA GLY IG 40 -96.50 -12.53 -1.10
C GLY IG 40 -96.74 -12.07 -2.52
N ARG IG 41 -96.74 -12.98 -3.49
CA ARG IG 41 -96.93 -12.62 -4.89
C ARG IG 41 -98.43 -12.49 -5.15
N VAL IG 42 -98.89 -11.26 -5.32
CA VAL IG 42 -100.30 -10.97 -5.47
C VAL IG 42 -100.53 -10.35 -6.84
N THR IG 43 -101.54 -10.85 -7.55
CA THR IG 43 -101.82 -10.44 -8.92
C THR IG 43 -103.22 -9.87 -9.02
N VAL IG 44 -103.34 -8.72 -9.67
CA VAL IG 44 -104.63 -8.15 -10.03
C VAL IG 44 -104.83 -8.26 -11.54
N ILE IG 45 -106.07 -8.51 -11.94
CA ILE IG 45 -106.41 -8.82 -13.33
C ILE IG 45 -107.40 -7.78 -13.82
N VAL IG 46 -107.07 -7.12 -14.94
CA VAL IG 46 -107.97 -6.16 -15.56
C VAL IG 46 -108.39 -6.67 -16.92
N ARG IG 47 -109.60 -6.29 -17.33
CA ARG IG 47 -110.15 -6.62 -18.63
C ARG IG 47 -110.52 -5.35 -19.37
N GLY IG 48 -110.33 -5.34 -20.68
CA GLY IG 48 -110.69 -4.20 -21.49
C GLY IG 48 -110.20 -4.40 -22.89
N ASP IG 49 -110.21 -3.31 -23.66
CA ASP IG 49 -109.56 -3.34 -24.96
C ASP IG 49 -108.05 -3.41 -24.77
N VAL IG 50 -107.36 -3.92 -25.79
CA VAL IG 50 -105.92 -4.17 -25.68
C VAL IG 50 -105.14 -2.86 -25.58
N SER IG 51 -105.64 -1.78 -26.19
CA SER IG 51 -105.03 -0.48 -26.02
C SER IG 51 -105.31 0.09 -24.63
N GLU IG 52 -106.50 -0.19 -24.10
CA GLU IG 52 -106.85 0.25 -22.75
C GLU IG 52 -106.03 -0.51 -21.71
N VAL IG 53 -105.82 -1.80 -21.95
CA VAL IG 53 -105.06 -2.63 -21.02
C VAL IG 53 -103.58 -2.26 -21.04
N GLN IG 54 -103.05 -1.93 -22.22
CA GLN IG 54 -101.64 -1.55 -22.32
C GLN IG 54 -101.36 -0.23 -21.62
N ALA IG 55 -102.31 0.70 -21.68
CA ALA IG 55 -102.13 1.98 -21.00
C ALA IG 55 -102.30 1.84 -19.50
N SER IG 56 -103.15 0.92 -19.05
CA SER IG 56 -103.39 0.75 -17.62
C SER IG 56 -102.24 -0.01 -16.97
N VAL IG 57 -101.74 -1.05 -17.63
CA VAL IG 57 -100.67 -1.87 -17.06
C VAL IG 57 -99.37 -1.08 -16.98
N SER IG 58 -99.13 -0.20 -17.96
CA SER IG 58 -97.96 0.67 -17.92
C SER IG 58 -98.11 1.72 -16.82
N ALA IG 59 -99.33 2.17 -16.55
CA ALA IG 59 -99.55 3.13 -15.48
C ALA IG 59 -99.54 2.46 -14.11
N GLY IG 60 -100.04 1.23 -14.04
CA GLY IG 60 -100.03 0.51 -12.78
C GLY IG 60 -98.65 0.03 -12.37
N THR IG 61 -97.76 -0.15 -13.35
CA THR IG 61 -96.39 -0.56 -13.04
C THR IG 61 -95.61 0.59 -12.41
N GLU IG 62 -95.76 1.80 -12.96
CA GLU IG 62 -95.00 2.94 -12.47
C GLU IG 62 -95.52 3.43 -11.11
N SER IG 63 -96.78 3.12 -10.79
CA SER IG 63 -97.35 3.57 -9.53
C SER IG 63 -96.92 2.71 -8.34
N VAL IG 64 -96.36 1.52 -8.58
CA VAL IG 64 -95.85 0.71 -7.49
C VAL IG 64 -94.54 1.29 -6.97
N LYS IG 65 -93.81 2.03 -7.82
CA LYS IG 65 -92.57 2.67 -7.43
C LYS IG 65 -92.76 3.76 -6.38
N ARG IG 66 -93.96 4.32 -6.26
CA ARG IG 66 -94.26 5.26 -5.19
C ARG IG 66 -94.61 4.56 -3.88
N VAL IG 67 -94.90 3.28 -3.92
CA VAL IG 67 -95.15 2.51 -2.70
C VAL IG 67 -93.82 2.00 -2.15
N ASN IG 68 -93.47 2.42 -0.94
CA ASN IG 68 -92.26 1.95 -0.28
C ASN IG 68 -92.57 0.62 0.39
N GLY IG 69 -91.92 -0.43 -0.08
CA GLY IG 69 -92.14 -1.77 0.44
C GLY IG 69 -92.72 -2.75 -0.56
N GLY IG 70 -93.08 -2.30 -1.77
CA GLY IG 70 -93.62 -3.18 -2.78
C GLY IG 70 -92.94 -2.94 -4.11
N GLN IG 71 -92.86 -4.02 -4.89
CA GLN IG 71 -92.22 -3.97 -6.20
C GLN IG 71 -93.03 -4.80 -7.18
N VAL IG 72 -92.96 -4.43 -8.45
CA VAL IG 72 -93.61 -5.18 -9.52
C VAL IG 72 -92.74 -6.40 -9.82
N LEU IG 73 -93.33 -7.59 -9.71
CA LEU IG 73 -92.59 -8.80 -10.01
C LEU IG 73 -92.75 -9.19 -11.47
N SER IG 74 -93.97 -9.13 -11.98
CA SER IG 74 -94.23 -9.56 -13.35
C SER IG 74 -95.48 -8.85 -13.87
N THR IG 75 -95.43 -8.47 -15.14
CA THR IG 75 -96.57 -7.90 -15.83
C THR IG 75 -96.76 -8.64 -17.16
N HIS IG 76 -98.01 -8.77 -17.58
CA HIS IG 76 -98.29 -9.35 -18.89
C HIS IG 76 -99.62 -8.85 -19.40
N ILE IG 77 -99.72 -8.78 -20.72
CA ILE IG 77 -100.91 -8.34 -21.43
C ILE IG 77 -101.17 -9.35 -22.54
N ILE IG 78 -102.39 -9.88 -22.58
CA ILE IG 78 -102.82 -10.78 -23.63
C ILE IG 78 -103.95 -10.10 -24.40
N ALA IG 79 -103.78 -9.97 -25.73
CA ALA IG 79 -104.67 -9.15 -26.54
C ALA IG 79 -106.05 -9.76 -26.66
N ARG IG 80 -106.13 -11.08 -26.77
CA ARG IG 80 -107.42 -11.79 -26.83
C ARG IG 80 -107.19 -13.20 -26.31
N PRO IG 81 -107.54 -13.46 -25.05
CA PRO IG 81 -107.33 -14.80 -24.51
C PRO IG 81 -108.31 -15.81 -25.08
N HIS IG 82 -107.90 -17.08 -25.01
CA HIS IG 82 -108.77 -18.17 -25.40
C HIS IG 82 -109.92 -18.28 -24.42
N GLU IG 83 -111.06 -18.80 -24.89
CA GLU IG 83 -112.21 -18.95 -24.01
C GLU IG 83 -112.05 -20.14 -23.07
N ASN IG 84 -111.06 -20.99 -23.32
CA ASN IG 84 -110.70 -22.04 -22.37
C ASN IG 84 -110.15 -21.46 -21.08
N LEU IG 85 -109.49 -20.29 -21.15
CA LEU IG 85 -108.88 -19.70 -19.96
C LEU IG 85 -109.91 -19.10 -19.02
N GLU IG 86 -111.10 -18.77 -19.55
CA GLU IG 86 -112.10 -18.09 -18.74
C GLU IG 86 -112.71 -19.04 -17.71
N TYR IG 87 -112.72 -20.34 -18.01
CA TYR IG 87 -113.34 -21.31 -17.11
C TYR IG 87 -112.33 -21.87 -16.12
N VAL IG 88 -111.04 -21.86 -16.46
CA VAL IG 88 -110.03 -22.43 -15.59
C VAL IG 88 -109.36 -21.35 -14.76
N LEU IG 89 -108.93 -20.30 -15.39
CA LEU IG 89 -108.20 -19.23 -14.72
C LEU IG 89 -109.15 -18.12 -14.28
N PRO IG 90 -108.90 -17.49 -13.13
CA PRO IG 90 -109.80 -16.44 -12.62
C PRO IG 90 -109.57 -15.08 -13.29
N ILE IG 91 -109.78 -15.04 -14.61
CA ILE IG 91 -109.67 -13.82 -15.39
C ILE IG 91 -111.00 -13.37 -15.97
N ARG IG 92 -112.09 -13.99 -15.57
CA ARG IG 92 -113.39 -13.69 -16.17
C ARG IG 92 -114.11 -12.59 -15.40
N TYR IG 93 -115.11 -12.02 -16.05
CA TYR IG 93 -115.97 -11.04 -15.40
C TYR IG 93 -116.87 -11.73 -14.39
N THR IG 94 -116.85 -11.26 -13.15
CA THR IG 94 -117.81 -11.70 -12.16
C THR IG 94 -119.05 -10.82 -12.23
N GLU IG 95 -120.10 -11.25 -11.52
CA GLU IG 95 -121.35 -10.51 -11.54
C GLU IG 95 -121.28 -9.25 -10.67
N GLU IG 96 -120.27 -9.17 -9.81
CA GLU IG 96 -120.11 -7.98 -8.97
C GLU IG 96 -119.52 -6.82 -9.76
N VAL IG 97 -118.81 -7.12 -10.84
CA VAL IG 97 -118.09 -6.10 -11.60
C VAL IG 97 -118.70 -5.86 -12.97
N GLU IG 98 -119.95 -6.27 -13.18
CA GLU IG 98 -120.62 -5.97 -14.44
C GLU IG 98 -121.06 -4.52 -14.53
N GLN IG 99 -121.06 -3.79 -13.42
CA GLN IG 99 -121.41 -2.38 -13.43
C GLN IG 99 -120.31 -1.53 -14.05
N PHE IG 100 -119.08 -2.03 -14.04
CA PHE IG 100 -117.92 -1.27 -14.50
C PHE IG 100 -117.46 -1.67 -15.90
N ARG IG 101 -118.13 -2.62 -16.54
CA ARG IG 101 -117.74 -3.09 -17.86
C ARG IG 101 -118.09 -2.06 -18.94
N MET JG 1 -89.24 -1.86 -57.16
CA MET JG 1 -90.32 -1.13 -56.50
C MET JG 1 -91.64 -1.28 -57.24
N GLN JG 2 -92.72 -1.01 -56.53
CA GLN JG 2 -94.05 -0.97 -57.12
C GLN JG 2 -94.67 0.38 -56.82
N MET JG 3 -95.55 0.83 -57.71
CA MET JG 3 -96.34 2.02 -57.46
C MET JG 3 -97.59 1.63 -56.69
N ALA JG 4 -97.86 2.36 -55.61
CA ALA JG 4 -99.00 2.06 -54.78
C ALA JG 4 -99.66 3.35 -54.34
N LYS JG 5 -100.95 3.27 -54.05
CA LYS JG 5 -101.72 4.39 -53.54
C LYS JG 5 -102.02 4.15 -52.06
N VAL JG 6 -101.81 5.18 -51.24
CA VAL JG 6 -102.05 5.09 -49.80
C VAL JG 6 -103.56 5.07 -49.59
N CYS JG 7 -104.09 3.93 -49.17
CA CYS JG 7 -105.53 3.82 -48.95
C CYS JG 7 -105.90 3.89 -47.48
N GLY JG 8 -104.96 3.63 -46.59
CA GLY JG 8 -105.27 3.77 -45.20
C GLY JG 8 -104.12 3.41 -44.29
N THR JG 9 -104.45 3.25 -43.01
CA THR JG 9 -103.47 2.95 -41.96
C THR JG 9 -103.87 1.67 -41.25
N VAL JG 10 -102.86 0.95 -40.77
CA VAL JG 10 -103.05 -0.24 -39.94
C VAL JG 10 -102.39 0.02 -38.60
N VAL JG 11 -103.16 -0.09 -37.52
CA VAL JG 11 -102.66 0.10 -36.18
C VAL JG 11 -102.70 -1.24 -35.46
N GLY JG 12 -101.56 -1.68 -34.96
CA GLY JG 12 -101.50 -2.85 -34.11
C GLY JG 12 -100.85 -2.52 -32.79
N THR JG 13 -101.53 -2.80 -31.68
CA THR JG 13 -100.97 -2.50 -30.37
C THR JG 13 -100.18 -3.68 -29.79
N GLN JG 14 -100.65 -4.91 -30.02
CA GLN JG 14 -99.96 -6.11 -29.57
C GLN JG 14 -99.05 -6.58 -30.69
N LYS JG 15 -97.76 -6.28 -30.58
CA LYS JG 15 -96.83 -6.51 -31.66
C LYS JG 15 -95.46 -6.86 -31.06
N LEU JG 16 -94.49 -7.03 -31.95
CA LEU JG 16 -93.12 -7.24 -31.51
C LEU JG 16 -92.53 -5.93 -31.00
N PRO JG 17 -91.58 -6.00 -30.06
CA PRO JG 17 -90.95 -4.76 -29.57
C PRO JG 17 -90.12 -4.03 -30.62
N SER JG 18 -89.63 -4.75 -31.63
CA SER JG 18 -88.89 -4.12 -32.72
C SER JG 18 -89.84 -3.48 -33.74
N MET JG 19 -91.14 -3.71 -33.62
CA MET JG 19 -92.12 -3.06 -34.48
C MET JG 19 -92.66 -1.77 -33.87
N THR JG 20 -92.06 -1.27 -32.80
CA THR JG 20 -92.57 -0.09 -32.12
C THR JG 20 -92.03 1.17 -32.79
N GLY JG 21 -92.94 2.10 -33.08
CA GLY JG 21 -92.58 3.31 -33.79
C GLY JG 21 -92.65 3.22 -35.29
N VAL JG 22 -92.95 2.04 -35.82
CA VAL JG 22 -93.06 1.81 -37.26
C VAL JG 22 -94.48 2.20 -37.68
N LYS JG 23 -94.59 3.19 -38.54
CA LYS JG 23 -95.88 3.63 -39.07
C LYS JG 23 -96.27 2.70 -40.21
N LEU JG 24 -97.44 2.08 -40.09
CA LEU JG 24 -97.90 1.07 -41.03
C LEU JG 24 -99.00 1.62 -41.91
N LEU JG 25 -98.76 1.65 -43.21
CA LEU JG 25 -99.70 2.16 -44.19
C LEU JG 25 -100.27 1.02 -45.02
N LEU JG 26 -101.58 1.05 -45.21
CA LEU JG 26 -102.27 0.14 -46.11
C LEU JG 26 -102.22 0.74 -47.50
N LEU JG 27 -101.46 0.12 -48.40
CA LEU JG 27 -101.26 0.63 -49.75
C LEU JG 27 -101.86 -0.35 -50.74
N GLN JG 28 -102.74 0.14 -51.60
CA GLN JG 28 -103.25 -0.65 -52.71
C GLN JG 28 -102.38 -0.38 -53.93
N PHE JG 29 -102.01 -1.45 -54.63
CA PHE JG 29 -101.16 -1.32 -55.79
C PHE JG 29 -101.94 -0.76 -56.98
N ILE JG 30 -101.29 0.10 -57.74
CA ILE JG 30 -101.84 0.67 -58.96
C ILE JG 30 -101.02 0.16 -60.13
N ASP JG 31 -101.64 0.04 -61.30
CA ASP JG 31 -100.93 -0.52 -62.42
C ASP JG 31 -100.09 0.54 -63.13
N ALA JG 32 -99.51 0.17 -64.27
CA ALA JG 32 -98.70 1.11 -65.04
C ALA JG 32 -99.55 2.16 -65.74
N ASN JG 33 -100.85 1.89 -65.90
CA ASN JG 33 -101.73 2.88 -66.53
C ASN JG 33 -102.43 3.75 -65.50
N GLY JG 34 -102.37 3.38 -64.21
CA GLY JG 34 -102.90 4.20 -63.14
C GLY JG 34 -104.15 3.68 -62.45
N GLU JG 35 -104.69 2.54 -62.87
CA GLU JG 35 -105.88 1.99 -62.23
C GLU JG 35 -105.50 1.11 -61.05
N LEU JG 36 -106.43 0.99 -60.09
CA LEU JG 36 -106.16 0.26 -58.86
C LEU JG 36 -106.21 -1.24 -59.12
N LEU JG 37 -105.13 -1.93 -58.76
CA LEU JG 37 -105.09 -3.38 -58.85
C LEU JG 37 -105.73 -3.99 -57.61
N PRO JG 38 -106.32 -5.20 -57.73
CA PRO JG 38 -106.83 -5.91 -56.54
C PRO JG 38 -105.73 -6.62 -55.77
N LYS JG 39 -104.76 -5.83 -55.30
CA LYS JG 39 -103.61 -6.34 -54.57
C LYS JG 39 -103.11 -5.22 -53.67
N TYR JG 40 -102.82 -5.53 -52.42
CA TYR JG 40 -102.45 -4.55 -51.43
C TYR JG 40 -101.14 -4.93 -50.76
N GLU JG 41 -100.70 -4.05 -49.87
CA GLU JG 41 -99.53 -4.28 -49.03
C GLU JG 41 -99.66 -3.43 -47.79
N VAL JG 42 -99.03 -3.88 -46.71
CA VAL JG 42 -98.84 -3.06 -45.52
C VAL JG 42 -97.35 -2.79 -45.42
N ALA JG 43 -96.97 -1.51 -45.44
CA ALA JG 43 -95.57 -1.13 -45.52
C ALA JG 43 -95.23 -0.11 -44.44
N ALA JG 44 -93.97 -0.13 -44.03
CA ALA JG 44 -93.42 0.92 -43.19
C ALA JG 44 -93.31 2.21 -44.00
N ASP JG 45 -93.44 3.34 -43.32
CA ASP JG 45 -93.49 4.65 -43.95
C ASP JG 45 -92.50 5.59 -43.28
N PRO JG 46 -91.23 5.57 -43.69
CA PRO JG 46 -90.29 6.58 -43.19
C PRO JG 46 -90.45 7.92 -43.88
N VAL JG 47 -90.76 7.91 -45.17
CA VAL JG 47 -91.06 9.11 -45.93
C VAL JG 47 -92.53 9.42 -45.71
N GLY JG 48 -92.82 10.52 -45.03
CA GLY JG 48 -94.16 10.75 -44.48
C GLY JG 48 -95.22 10.94 -45.55
N ALA JG 49 -96.06 9.94 -45.73
CA ALA JG 49 -97.04 9.89 -46.81
C ALA JG 49 -98.43 9.78 -46.24
N GLY JG 50 -99.35 10.61 -46.74
CA GLY JG 50 -100.72 10.61 -46.30
C GLY JG 50 -101.64 9.91 -47.27
N LEU JG 51 -102.92 9.88 -46.90
CA LEU JG 51 -103.91 9.11 -47.63
C LEU JG 51 -104.22 9.73 -48.98
N GLY JG 52 -104.22 8.89 -50.02
CA GLY JG 52 -104.42 9.33 -51.38
C GLY JG 52 -103.15 9.52 -52.17
N GLU JG 53 -101.99 9.51 -51.52
CA GLU JG 53 -100.73 9.78 -52.19
C GLU JG 53 -100.26 8.56 -52.99
N TRP JG 54 -99.48 8.84 -54.02
CA TRP JG 54 -98.83 7.81 -54.82
C TRP JG 54 -97.42 7.60 -54.28
N VAL JG 55 -97.10 6.36 -53.93
CA VAL JG 55 -95.82 6.05 -53.32
C VAL JG 55 -95.14 4.94 -54.09
N LEU JG 56 -93.82 4.89 -53.96
CA LEU JG 56 -93.03 3.73 -54.38
C LEU JG 56 -92.75 2.88 -53.15
N VAL JG 57 -93.12 1.61 -53.22
CA VAL JG 57 -92.91 0.68 -52.13
C VAL JG 57 -92.03 -0.46 -52.64
N ASN JG 58 -91.02 -0.82 -51.85
CA ASN JG 58 -90.17 -1.94 -52.19
C ASN JG 58 -90.64 -3.18 -51.45
N ARG JG 59 -89.99 -4.31 -51.70
CA ARG JG 59 -90.37 -5.56 -51.10
C ARG JG 59 -89.12 -6.29 -50.65
N GLY JG 60 -89.25 -7.06 -49.58
CA GLY JG 60 -88.18 -7.96 -49.19
C GLY JG 60 -87.15 -7.33 -48.27
N SER JG 61 -85.89 -7.73 -48.44
CA SER JG 61 -84.81 -7.28 -47.60
C SER JG 61 -84.38 -5.84 -47.89
N ALA JG 62 -84.91 -5.24 -48.96
CA ALA JG 62 -84.66 -3.84 -49.24
C ALA JG 62 -85.37 -2.91 -48.26
N ALA JG 63 -86.38 -3.41 -47.56
CA ALA JG 63 -87.06 -2.63 -46.53
C ALA JG 63 -86.22 -2.42 -45.29
N ARG JG 64 -85.12 -3.16 -45.15
CA ARG JG 64 -84.25 -3.10 -43.98
C ARG JG 64 -82.93 -2.39 -44.27
N GLN JG 65 -82.92 -1.45 -45.21
CA GLN JG 65 -81.67 -0.81 -45.64
C GLN JG 65 -81.55 0.64 -45.17
N THR JG 66 -82.59 1.20 -44.56
CA THR JG 66 -82.62 2.62 -44.23
C THR JG 66 -82.03 2.94 -42.86
N GLU JG 67 -81.22 2.02 -42.32
CA GLU JG 67 -80.38 2.12 -41.12
C GLU JG 67 -81.13 2.35 -39.80
N TYR JG 68 -82.45 2.51 -39.86
CA TYR JG 68 -83.27 2.38 -38.65
C TYR JG 68 -84.32 1.30 -38.78
N HIS JG 69 -84.32 0.56 -39.89
CA HIS JG 69 -85.16 -0.62 -40.07
C HIS JG 69 -84.33 -1.89 -40.19
N GLN JG 70 -83.07 -1.85 -39.71
CA GLN JG 70 -82.10 -2.87 -40.08
C GLN JG 70 -82.39 -4.22 -39.43
N ASN JG 71 -82.75 -4.22 -38.16
CA ASN JG 71 -83.04 -5.46 -37.45
C ASN JG 71 -84.53 -5.58 -37.13
N ARG JG 72 -85.36 -4.88 -37.89
CA ARG JG 72 -86.80 -4.83 -37.80
C ARG JG 72 -87.42 -5.82 -38.77
N PRO JG 73 -88.46 -6.55 -38.36
CA PRO JG 73 -89.08 -7.56 -39.23
C PRO JG 73 -90.02 -6.95 -40.26
N LEU JG 74 -89.44 -6.22 -41.21
CA LEU JG 74 -90.19 -5.50 -42.24
C LEU JG 74 -89.83 -6.06 -43.61
N ASP JG 75 -90.85 -6.29 -44.44
CA ASP JG 75 -90.64 -6.77 -45.80
C ASP JG 75 -91.25 -5.83 -46.82
N ALA JG 76 -91.64 -4.63 -46.43
CA ALA JG 76 -92.20 -3.64 -47.34
C ALA JG 76 -92.00 -2.28 -46.72
N MET JG 77 -91.70 -1.28 -47.57
CA MET JG 77 -91.35 0.04 -47.09
C MET JG 77 -91.59 1.05 -48.20
N VAL JG 78 -92.28 2.15 -47.85
CA VAL JG 78 -92.39 3.28 -48.77
C VAL JG 78 -91.02 3.95 -48.86
N VAL JG 79 -90.44 3.98 -50.06
CA VAL JG 79 -89.14 4.60 -50.25
C VAL JG 79 -89.23 5.98 -50.86
N ALA JG 80 -90.33 6.31 -51.52
CA ALA JG 80 -90.46 7.59 -52.19
C ALA JG 80 -91.93 7.93 -52.32
N ILE JG 81 -92.24 9.21 -52.20
CA ILE JG 81 -93.53 9.76 -52.61
C ILE JG 81 -93.40 10.14 -54.07
N ILE JG 82 -94.29 9.63 -54.90
CA ILE JG 82 -94.21 9.87 -56.34
C ILE JG 82 -94.61 11.31 -56.63
N ASP JG 83 -93.71 12.05 -57.29
CA ASP JG 83 -94.03 13.37 -57.79
C ASP JG 83 -94.75 13.30 -59.13
N THR JG 84 -94.16 12.61 -60.10
CA THR JG 84 -94.73 12.54 -61.43
C THR JG 84 -94.34 11.21 -62.08
N VAL JG 85 -95.26 10.69 -62.88
CA VAL JG 85 -95.04 9.50 -63.69
C VAL JG 85 -95.25 9.89 -65.14
N THR JG 86 -94.22 9.72 -65.95
CA THR JG 86 -94.26 10.01 -67.38
C THR JG 86 -94.22 8.69 -68.13
N VAL JG 87 -95.27 8.39 -68.89
CA VAL JG 87 -95.36 7.16 -69.67
C VAL JG 87 -95.42 7.54 -71.14
N ASN JG 88 -94.44 7.07 -71.91
CA ASN JG 88 -94.32 7.31 -73.36
C ASN JG 88 -94.28 8.80 -73.67
N ASN JG 89 -93.47 9.54 -72.91
CA ASN JG 89 -93.29 11.00 -72.93
C ASN JG 89 -94.58 11.76 -72.63
N ARG JG 90 -95.58 11.11 -72.05
CA ARG JG 90 -96.82 11.75 -71.65
C ARG JG 90 -96.94 11.63 -70.13
N ARG JG 91 -97.23 12.75 -69.48
CA ARG JG 91 -97.35 12.77 -68.02
C ARG JG 91 -98.62 12.04 -67.60
N LEU JG 92 -98.45 10.94 -66.88
CA LEU JG 92 -99.57 10.18 -66.32
C LEU JG 92 -100.05 10.71 -64.99
N TYR JG 93 -99.12 11.17 -64.15
CA TYR JG 93 -99.44 11.61 -62.80
C TYR JG 93 -98.66 12.88 -62.49
N GLY JG 94 -99.27 13.75 -61.69
CA GLY JG 94 -98.61 14.97 -61.27
C GLY JG 94 -98.84 16.13 -62.23
N ALA KG 2 -48.70 101.75 -19.79
CA ALA KG 2 -50.12 101.93 -20.01
C ALA KG 2 -50.94 100.97 -19.16
N VAL KG 3 -52.18 100.72 -19.59
CA VAL KG 3 -53.06 99.76 -18.95
C VAL KG 3 -52.48 98.36 -19.10
N ALA KG 4 -52.55 97.56 -18.04
CA ALA KG 4 -51.84 96.29 -17.96
C ALA KG 4 -52.34 95.28 -18.99
N VAL KG 5 -51.42 94.43 -19.44
CA VAL KG 5 -51.69 93.42 -20.46
C VAL KG 5 -51.59 92.05 -19.81
N GLY KG 6 -52.55 91.19 -20.07
CA GLY KG 6 -52.45 89.79 -19.69
C GLY KG 6 -52.59 88.92 -20.92
N MET KG 7 -51.79 87.87 -20.98
CA MET KG 7 -51.78 86.95 -22.11
C MET KG 7 -51.79 85.52 -21.59
N ILE KG 8 -52.65 84.69 -22.17
CA ILE KG 8 -52.63 83.25 -21.93
C ILE KG 8 -52.51 82.58 -23.29
N GLU KG 9 -51.43 81.83 -23.48
CA GLU KG 9 -51.23 81.07 -24.70
C GLU KG 9 -51.58 79.62 -24.46
N THR KG 10 -52.52 79.09 -25.24
CA THR KG 10 -52.92 77.71 -25.13
C THR KG 10 -52.63 76.97 -26.43
N LEU KG 11 -52.58 75.65 -26.33
CA LEU KG 11 -52.48 74.77 -27.48
C LEU KG 11 -53.88 74.26 -27.78
N GLY KG 12 -54.59 74.96 -28.68
CA GLY KG 12 -55.94 74.57 -29.00
C GLY KG 12 -56.95 75.69 -28.84
N PHE KG 13 -57.95 75.71 -29.71
CA PHE KG 13 -59.01 76.72 -29.68
C PHE KG 13 -60.10 76.51 -28.62
N PRO KG 14 -60.54 75.29 -28.26
CA PRO KG 14 -61.42 75.18 -27.09
C PRO KG 14 -60.76 75.60 -25.78
N ALA KG 15 -59.44 75.46 -25.68
CA ALA KG 15 -58.75 75.87 -24.46
C ALA KG 15 -58.58 77.38 -24.39
N VAL KG 16 -58.57 78.05 -25.54
CA VAL KG 16 -58.32 79.49 -25.53
C VAL KG 16 -59.63 80.25 -25.35
N VAL KG 17 -60.76 79.62 -25.65
CA VAL KG 17 -62.05 80.25 -25.41
C VAL KG 17 -62.42 80.12 -23.94
N GLU KG 18 -62.06 78.99 -23.31
CA GLU KG 18 -62.20 78.86 -21.87
C GLU KG 18 -61.24 79.79 -21.13
N ALA KG 19 -60.04 80.00 -21.68
CA ALA KG 19 -59.13 80.98 -21.11
C ALA KG 19 -59.68 82.39 -21.24
N ALA KG 20 -60.26 82.72 -22.40
CA ALA KG 20 -60.82 84.05 -22.60
C ALA KG 20 -62.09 84.25 -21.77
N ASP KG 21 -62.87 83.19 -21.59
CA ASP KG 21 -64.11 83.30 -20.84
C ASP KG 21 -63.85 83.40 -19.34
N ALA KG 22 -62.91 82.61 -18.83
CA ALA KG 22 -62.64 82.63 -17.40
C ALA KG 22 -61.90 83.90 -16.99
N MET KG 23 -61.21 84.53 -17.92
CA MET KG 23 -60.48 85.76 -17.59
C MET KG 23 -61.44 86.92 -17.38
N VAL KG 24 -62.40 87.09 -18.28
CA VAL KG 24 -63.31 88.23 -18.16
C VAL KG 24 -64.42 87.94 -17.16
N LYS KG 25 -64.52 86.70 -16.69
CA LYS KG 25 -65.50 86.37 -15.65
C LYS KG 25 -64.88 86.43 -14.26
N ALA KG 26 -63.56 86.30 -14.15
CA ALA KG 26 -62.93 86.32 -12.84
C ALA KG 26 -62.75 87.74 -12.33
N ALA KG 27 -62.54 88.70 -13.23
CA ALA KG 27 -62.24 90.06 -12.83
C ALA KG 27 -62.71 91.02 -13.91
N ARG KG 28 -62.54 92.31 -13.64
CA ARG KG 28 -62.97 93.38 -14.54
C ARG KG 28 -61.82 93.66 -15.50
N VAL KG 29 -61.67 92.78 -16.48
CA VAL KG 29 -60.72 92.96 -17.57
C VAL KG 29 -61.49 93.01 -18.87
N THR KG 30 -60.84 93.55 -19.90
CA THR KG 30 -61.41 93.62 -21.24
C THR KG 30 -60.61 92.73 -22.17
N LEU KG 31 -61.23 91.66 -22.66
CA LEU KG 31 -60.64 90.86 -23.71
C LEU KG 31 -60.59 91.68 -24.99
N VAL KG 32 -59.39 91.99 -25.45
CA VAL KG 32 -59.21 92.86 -26.60
C VAL KG 32 -58.65 92.12 -27.80
N GLY KG 33 -58.01 90.98 -27.62
CA GLY KG 33 -57.21 90.41 -28.68
C GLY KG 33 -57.33 88.91 -28.73
N TYR KG 34 -56.94 88.37 -29.87
CA TYR KG 34 -57.02 86.93 -30.15
C TYR KG 34 -55.99 86.66 -31.23
N GLU KG 35 -54.90 85.98 -30.86
CA GLU KG 35 -53.71 85.94 -31.68
C GLU KG 35 -53.31 84.51 -31.99
N LYS KG 36 -53.16 84.20 -33.28
CA LYS KG 36 -52.69 82.91 -33.74
C LYS KG 36 -51.32 83.09 -34.38
N ILE KG 37 -50.37 82.26 -33.96
CA ILE KG 37 -48.99 82.34 -34.44
C ILE KG 37 -48.55 81.04 -35.09
N GLY KG 38 -49.45 80.09 -35.28
CA GLY KG 38 -49.13 78.82 -35.89
C GLY KG 38 -48.87 77.71 -34.90
N THR KG 39 -48.88 76.49 -35.43
CA THR KG 39 -48.83 75.21 -34.69
C THR KG 39 -49.80 75.13 -33.53
N GLY KG 40 -51.00 75.69 -33.68
CA GLY KG 40 -52.00 75.61 -32.64
C GLY KG 40 -51.80 76.52 -31.46
N ARG KG 41 -50.69 77.26 -31.41
CA ARG KG 41 -50.44 78.19 -30.31
C ARG KG 41 -51.32 79.42 -30.49
N VAL KG 42 -52.33 79.55 -29.65
CA VAL KG 42 -53.31 80.62 -29.74
C VAL KG 42 -53.26 81.41 -28.45
N THR KG 43 -53.25 82.73 -28.56
CA THR KG 43 -53.13 83.63 -27.42
C THR KG 43 -54.30 84.60 -27.40
N VAL KG 44 -54.93 84.74 -26.23
CA VAL KG 44 -55.91 85.79 -25.97
C VAL KG 44 -55.29 86.84 -25.08
N ILE KG 45 -55.62 88.09 -25.34
CA ILE KG 45 -55.01 89.24 -24.68
C ILE KG 45 -56.10 90.00 -23.95
N VAL KG 46 -55.92 90.22 -22.64
CA VAL KG 46 -56.85 91.02 -21.86
C VAL KG 46 -56.14 92.29 -21.43
N ARG KG 47 -56.94 93.34 -21.22
CA ARG KG 47 -56.46 94.59 -20.68
C ARG KG 47 -57.26 94.94 -19.44
N GLY KG 48 -56.62 95.65 -18.51
CA GLY KG 48 -57.32 96.12 -17.34
C GLY KG 48 -56.33 96.60 -16.30
N ASP KG 49 -56.84 96.80 -15.09
CA ASP KG 49 -55.98 97.14 -13.97
C ASP KG 49 -55.13 95.94 -13.59
N VAL KG 50 -54.05 96.21 -12.85
CA VAL KG 50 -53.06 95.19 -12.54
C VAL KG 50 -53.65 94.13 -11.62
N SER KG 51 -54.50 94.55 -10.68
CA SER KG 51 -55.15 93.59 -9.79
C SER KG 51 -56.15 92.73 -10.54
N GLU KG 52 -56.85 93.30 -11.52
CA GLU KG 52 -57.80 92.53 -12.30
C GLU KG 52 -57.10 91.58 -13.25
N VAL KG 53 -56.01 92.03 -13.88
CA VAL KG 53 -55.29 91.19 -14.84
C VAL KG 53 -54.57 90.06 -14.13
N GLN KG 54 -54.01 90.32 -12.94
CA GLN KG 54 -53.38 89.26 -12.16
C GLN KG 54 -54.39 88.22 -11.68
N ALA KG 55 -55.60 88.66 -11.34
CA ALA KG 55 -56.63 87.73 -10.92
C ALA KG 55 -57.18 86.94 -12.11
N SER KG 56 -57.30 87.59 -13.26
CA SER KG 56 -57.89 86.94 -14.43
C SER KG 56 -56.94 85.90 -15.02
N VAL KG 57 -55.66 86.24 -15.16
CA VAL KG 57 -54.69 85.33 -15.77
C VAL KG 57 -54.45 84.12 -14.87
N SER KG 58 -54.44 84.33 -13.55
CA SER KG 58 -54.24 83.22 -12.63
C SER KG 58 -55.47 82.31 -12.57
N ALA KG 59 -56.67 82.88 -12.66
CA ALA KG 59 -57.86 82.06 -12.68
C ALA KG 59 -58.12 81.49 -14.07
N GLY KG 60 -57.68 82.20 -15.11
CA GLY KG 60 -57.82 81.68 -16.46
C GLY KG 60 -56.86 80.54 -16.75
N THR KG 61 -55.74 80.48 -16.03
CA THR KG 61 -54.80 79.39 -16.23
C THR KG 61 -55.30 78.09 -15.61
N GLU KG 62 -55.95 78.17 -14.46
CA GLU KG 62 -56.46 76.97 -13.80
C GLU KG 62 -57.71 76.44 -14.48
N SER KG 63 -58.43 77.29 -15.21
CA SER KG 63 -59.65 76.85 -15.86
C SER KG 63 -59.35 76.05 -17.13
N VAL KG 64 -58.22 76.32 -17.79
CA VAL KG 64 -57.83 75.57 -18.98
C VAL KG 64 -57.49 74.12 -18.64
N LYS KG 65 -56.95 73.86 -17.46
CA LYS KG 65 -56.71 72.48 -17.03
C LYS KG 65 -57.96 71.90 -16.35
N ARG KG 66 -59.11 72.10 -16.98
CA ARG KG 66 -60.39 71.47 -16.67
C ARG KG 66 -61.05 71.18 -18.00
N VAL KG 67 -60.34 71.51 -19.09
CA VAL KG 67 -60.74 71.22 -20.44
C VAL KG 67 -59.97 69.99 -20.90
N ASN KG 68 -60.67 69.02 -21.51
CA ASN KG 68 -60.01 67.86 -22.06
C ASN KG 68 -59.27 68.26 -23.33
N GLY KG 69 -57.98 67.95 -23.38
CA GLY KG 69 -57.16 68.40 -24.48
C GLY KG 69 -56.68 69.83 -24.36
N GLY KG 70 -56.88 70.44 -23.20
CA GLY KG 70 -56.46 71.82 -22.96
C GLY KG 70 -55.08 71.85 -22.33
N GLN KG 71 -54.24 72.75 -22.84
CA GLN KG 71 -52.86 72.86 -22.40
C GLN KG 71 -52.44 74.32 -22.42
N VAL KG 72 -52.08 74.85 -21.26
CA VAL KG 72 -51.53 76.20 -21.16
C VAL KG 72 -50.07 76.14 -21.58
N LEU KG 73 -49.72 76.91 -22.62
CA LEU KG 73 -48.33 76.94 -23.06
C LEU KG 73 -47.55 78.04 -22.35
N SER KG 74 -48.12 79.24 -22.28
CA SER KG 74 -47.39 80.37 -21.74
C SER KG 74 -48.38 81.41 -21.24
N THR KG 75 -48.15 81.89 -20.02
CA THR KG 75 -48.93 82.97 -19.44
C THR KG 75 -47.98 84.09 -19.04
N HIS KG 76 -48.45 85.33 -19.16
CA HIS KG 76 -47.65 86.46 -18.73
C HIS KG 76 -48.55 87.65 -18.45
N ILE KG 77 -48.12 88.48 -17.50
CA ILE KG 77 -48.75 89.75 -17.17
C ILE KG 77 -47.69 90.84 -17.26
N ILE KG 78 -47.96 91.87 -18.06
CA ILE KG 78 -47.14 93.07 -18.09
C ILE KG 78 -47.96 94.18 -17.45
N ALA KG 79 -47.52 94.63 -16.26
CA ALA KG 79 -48.33 95.53 -15.45
C ALA KG 79 -48.37 96.94 -16.02
N ARG KG 80 -47.28 97.37 -16.65
CA ARG KG 80 -47.19 98.71 -17.21
C ARG KG 80 -46.47 98.63 -18.53
N PRO KG 81 -47.19 98.32 -19.61
CA PRO KG 81 -46.53 98.24 -20.91
C PRO KG 81 -46.19 99.62 -21.44
N HIS KG 82 -45.12 99.66 -22.24
CA HIS KG 82 -44.72 100.88 -22.91
C HIS KG 82 -45.76 101.27 -23.96
N GLU KG 83 -45.84 102.58 -24.21
CA GLU KG 83 -46.78 103.10 -25.20
C GLU KG 83 -46.40 102.73 -26.63
N ASN KG 84 -45.16 102.27 -26.85
CA ASN KG 84 -44.75 101.77 -28.15
C ASN KG 84 -45.44 100.47 -28.52
N LEU KG 85 -45.79 99.64 -27.53
CA LEU KG 85 -46.23 98.28 -27.82
C LEU KG 85 -47.65 98.21 -28.37
N GLU KG 86 -48.49 99.21 -28.08
CA GLU KG 86 -49.86 99.16 -28.57
C GLU KG 86 -49.93 99.42 -30.08
N TYR KG 87 -48.92 100.11 -30.62
CA TYR KG 87 -48.95 100.45 -32.04
C TYR KG 87 -48.35 99.33 -32.89
N VAL KG 88 -47.54 98.47 -32.28
CA VAL KG 88 -46.89 97.41 -33.05
C VAL KG 88 -47.56 96.07 -32.79
N LEU KG 89 -47.81 95.76 -31.55
CA LEU KG 89 -48.38 94.47 -31.17
C LEU KG 89 -49.90 94.56 -31.07
N PRO KG 90 -50.61 93.47 -31.38
CA PRO KG 90 -52.10 93.48 -31.27
C PRO KG 90 -52.59 93.29 -29.84
N ILE KG 91 -52.23 94.23 -28.97
CA ILE KG 91 -52.65 94.23 -27.58
C ILE KG 91 -53.51 95.43 -27.23
N ARG KG 92 -53.94 96.21 -28.22
CA ARG KG 92 -54.58 97.48 -27.95
C ARG KG 92 -56.09 97.35 -27.99
N TYR KG 93 -56.76 98.35 -27.43
CA TYR KG 93 -58.20 98.43 -27.48
C TYR KG 93 -58.66 98.76 -28.90
N THR KG 94 -59.53 97.93 -29.45
CA THR KG 94 -60.20 98.24 -30.70
C THR KG 94 -61.60 98.75 -30.43
N GLU KG 95 -62.26 99.26 -31.48
CA GLU KG 95 -63.54 99.93 -31.28
C GLU KG 95 -64.68 98.95 -31.08
N GLU KG 96 -64.44 97.66 -31.32
CA GLU KG 96 -65.47 96.65 -31.07
C GLU KG 96 -65.58 96.35 -29.57
N VAL KG 97 -64.52 96.64 -28.81
CA VAL KG 97 -64.49 96.31 -27.39
C VAL KG 97 -64.37 97.56 -26.51
N GLU KG 98 -64.77 98.72 -27.02
CA GLU KG 98 -64.70 99.94 -26.21
C GLU KG 98 -65.85 100.04 -25.22
N GLN KG 99 -66.89 99.21 -25.37
CA GLN KG 99 -67.99 99.22 -24.42
C GLN KG 99 -67.62 98.50 -23.12
N PHE KG 100 -66.63 97.61 -23.18
CA PHE KG 100 -66.25 96.81 -22.02
C PHE KG 100 -65.13 97.43 -21.20
N ARG KG 101 -64.54 98.53 -21.67
CA ARG KG 101 -63.43 99.16 -20.95
C ARG KG 101 -63.92 99.89 -19.70
N ALA LG 2 -27.66 102.18 -42.21
CA ALA LG 2 -28.76 102.92 -41.60
C ALA LG 2 -28.71 102.80 -40.08
N VAL LG 3 -29.80 103.25 -39.44
CA VAL LG 3 -29.99 103.06 -38.01
C VAL LG 3 -30.08 101.57 -37.71
N ALA LG 4 -29.40 101.13 -36.64
CA ALA LG 4 -29.22 99.71 -36.34
C ALA LG 4 -30.55 99.02 -36.05
N VAL LG 5 -30.59 97.72 -36.31
CA VAL LG 5 -31.79 96.91 -36.16
C VAL LG 5 -31.47 95.73 -35.25
N GLY LG 6 -32.33 95.51 -34.27
CA GLY LG 6 -32.21 94.34 -33.41
C GLY LG 6 -33.46 93.50 -33.48
N MET LG 7 -33.27 92.19 -33.55
CA MET LG 7 -34.37 91.25 -33.67
C MET LG 7 -34.25 90.20 -32.58
N ILE LG 8 -35.34 89.94 -31.89
CA ILE LG 8 -35.44 88.81 -30.95
C ILE LG 8 -36.55 87.91 -31.44
N GLU LG 9 -36.20 86.66 -31.76
CA GLU LG 9 -37.19 85.66 -32.11
C GLU LG 9 -37.45 84.77 -30.91
N THR LG 10 -38.72 84.66 -30.53
CA THR LG 10 -39.13 83.79 -29.45
C THR LG 10 -40.12 82.75 -29.96
N LEU LG 11 -40.26 81.69 -29.19
CA LEU LG 11 -41.29 80.67 -29.44
C LEU LG 11 -42.47 81.00 -28.54
N GLY LG 12 -43.48 81.64 -29.11
CA GLY LG 12 -44.64 82.02 -28.32
C GLY LG 12 -44.89 83.51 -28.29
N PHE LG 13 -46.16 83.89 -28.28
CA PHE LG 13 -46.56 85.29 -28.23
C PHE LG 13 -46.46 85.97 -26.86
N PRO LG 14 -46.74 85.32 -25.71
CA PRO LG 14 -46.47 86.03 -24.44
C PRO LG 14 -45.00 86.29 -24.17
N ALA LG 15 -44.10 85.51 -24.78
CA ALA LG 15 -42.67 85.76 -24.60
C ALA LG 15 -42.20 86.91 -25.48
N VAL LG 16 -42.89 87.17 -26.59
CA VAL LG 16 -42.41 88.18 -27.52
C VAL LG 16 -42.92 89.55 -27.12
N VAL LG 17 -43.95 89.62 -26.29
CA VAL LG 17 -44.44 90.90 -25.80
C VAL LG 17 -43.63 91.34 -24.60
N GLU LG 18 -43.20 90.38 -23.77
CA GLU LG 18 -42.30 90.70 -22.67
C GLU LG 18 -40.91 91.05 -23.17
N ALA LG 19 -40.46 90.39 -24.25
CA ALA LG 19 -39.19 90.76 -24.87
C ALA LG 19 -39.27 92.14 -25.49
N ALA LG 20 -40.41 92.48 -26.10
CA ALA LG 20 -40.57 93.81 -26.70
C ALA LG 20 -40.73 94.88 -25.63
N ASP LG 21 -41.37 94.55 -24.51
CA ASP LG 21 -41.54 95.53 -23.44
C ASP LG 21 -40.24 95.76 -22.68
N ALA LG 22 -39.40 94.73 -22.59
CA ALA LG 22 -38.11 94.90 -21.92
C ALA LG 22 -37.14 95.68 -22.79
N MET LG 23 -37.29 95.59 -24.11
CA MET LG 23 -36.33 96.23 -25.00
C MET LG 23 -36.50 97.75 -25.00
N VAL LG 24 -37.75 98.23 -25.09
CA VAL LG 24 -37.96 99.65 -25.21
C VAL LG 24 -37.89 100.35 -23.85
N LYS LG 25 -37.84 99.57 -22.77
CA LYS LG 25 -37.62 100.16 -21.45
C LYS LG 25 -36.14 100.21 -21.11
N ALA LG 26 -35.35 99.27 -21.65
CA ALA LG 26 -33.95 99.18 -21.28
C ALA LG 26 -33.11 100.27 -21.93
N ALA LG 27 -33.48 100.70 -23.13
CA ALA LG 27 -32.66 101.65 -23.87
C ALA LG 27 -33.55 102.47 -24.79
N ARG LG 28 -32.93 103.43 -25.49
CA ARG LG 28 -33.63 104.33 -26.39
C ARG LG 28 -33.75 103.68 -27.76
N VAL LG 29 -34.53 102.62 -27.82
CA VAL LG 29 -34.85 101.95 -29.05
C VAL LG 29 -36.32 102.16 -29.35
N THR LG 30 -36.69 102.00 -30.62
CA THR LG 30 -38.06 102.08 -31.06
C THR LG 30 -38.48 100.72 -31.59
N LEU LG 31 -39.46 100.11 -30.95
CA LEU LG 31 -40.09 98.92 -31.50
C LEU LG 31 -40.85 99.31 -32.76
N VAL LG 32 -40.44 98.77 -33.90
CA VAL LG 32 -41.03 99.14 -35.18
C VAL LG 32 -41.75 97.99 -35.86
N GLY LG 33 -41.46 96.75 -35.48
CA GLY LG 33 -41.83 95.62 -36.30
C GLY LG 33 -42.27 94.45 -35.47
N TYR LG 34 -42.97 93.53 -36.12
CA TYR LG 34 -43.58 92.38 -35.47
C TYR LG 34 -43.87 91.37 -36.57
N GLU LG 35 -43.19 90.23 -36.53
CA GLU LG 35 -43.20 89.31 -37.65
C GLU LG 35 -43.53 87.90 -37.19
N LYS LG 36 -44.44 87.26 -37.92
CA LYS LG 36 -44.81 85.87 -37.71
C LYS LG 36 -44.41 85.08 -38.94
N ILE LG 37 -43.65 84.00 -38.76
CA ILE LG 37 -43.13 83.22 -39.87
C ILE LG 37 -43.56 81.76 -39.79
N GLY LG 38 -44.38 81.40 -38.81
CA GLY LG 38 -44.84 80.03 -38.66
C GLY LG 38 -44.12 79.28 -37.57
N THR LG 39 -44.69 78.11 -37.22
CA THR LG 39 -44.33 77.27 -36.07
C THR LG 39 -44.20 78.04 -34.76
N GLY LG 40 -45.02 79.06 -34.56
CA GLY LG 40 -44.93 79.84 -33.35
C GLY LG 40 -43.71 80.72 -33.23
N ARG LG 41 -42.91 80.86 -34.29
CA ARG LG 41 -41.72 81.68 -34.26
C ARG LG 41 -42.11 83.13 -34.52
N VAL LG 42 -42.05 83.95 -33.47
CA VAL LG 42 -42.48 85.33 -33.52
C VAL LG 42 -41.28 86.23 -33.28
N THR LG 43 -41.15 87.29 -34.06
CA THR LG 43 -40.00 88.18 -34.02
C THR LG 43 -40.46 89.61 -33.83
N VAL LG 44 -39.87 90.30 -32.85
CA VAL LG 44 -40.02 91.74 -32.68
C VAL LG 44 -38.73 92.43 -33.12
N ILE LG 45 -38.88 93.61 -33.72
CA ILE LG 45 -37.79 94.33 -34.38
C ILE LG 45 -37.71 95.72 -33.77
N VAL LG 46 -36.55 96.05 -33.21
CA VAL LG 46 -36.31 97.38 -32.67
C VAL LG 46 -35.30 98.10 -33.53
N ARG LG 47 -35.38 99.43 -33.53
CA ARG LG 47 -34.42 100.29 -34.21
C ARG LG 47 -33.85 101.30 -33.22
N GLY LG 48 -32.57 101.59 -33.39
CA GLY LG 48 -31.93 102.59 -32.56
C GLY LG 48 -30.45 102.64 -32.86
N ASP LG 49 -29.72 103.35 -32.02
CA ASP LG 49 -28.26 103.32 -32.11
C ASP LG 49 -27.77 101.94 -31.68
N VAL LG 50 -26.58 101.57 -32.16
CA VAL LG 50 -26.07 100.21 -31.98
C VAL LG 50 -25.77 99.91 -30.51
N SER LG 51 -25.37 100.90 -29.73
CA SER LG 51 -25.19 100.70 -28.30
C SER LG 51 -26.52 100.53 -27.59
N GLU LG 52 -27.54 101.27 -28.04
CA GLU LG 52 -28.87 101.13 -27.45
C GLU LG 52 -29.54 99.84 -27.89
N VAL LG 53 -29.30 99.42 -29.13
CA VAL LG 53 -29.90 98.19 -29.63
C VAL LG 53 -29.26 96.98 -28.95
N GLN LG 54 -27.93 97.02 -28.74
CA GLN LG 54 -27.24 95.94 -28.04
C GLN LG 54 -27.67 95.85 -26.58
N ALA LG 55 -27.90 96.99 -25.94
CA ALA LG 55 -28.32 96.99 -24.54
C ALA LG 55 -29.77 96.52 -24.41
N SER LG 56 -30.59 96.80 -25.42
CA SER LG 56 -32.00 96.41 -25.34
C SER LG 56 -32.17 94.94 -25.66
N VAL LG 57 -31.49 94.45 -26.70
CA VAL LG 57 -31.65 93.06 -27.13
C VAL LG 57 -31.12 92.09 -26.07
N SER LG 58 -30.04 92.49 -25.37
CA SER LG 58 -29.54 91.70 -24.26
C SER LG 58 -30.52 91.68 -23.10
N ALA LG 59 -31.20 92.81 -22.85
CA ALA LG 59 -32.18 92.85 -21.77
C ALA LG 59 -33.49 92.21 -22.18
N GLY LG 60 -33.73 92.09 -23.49
CA GLY LG 60 -34.94 91.44 -23.95
C GLY LG 60 -34.88 89.92 -23.85
N THR LG 61 -33.68 89.35 -23.91
CA THR LG 61 -33.54 87.90 -23.76
C THR LG 61 -33.66 87.49 -22.30
N GLU LG 62 -33.25 88.36 -21.38
CA GLU LG 62 -33.29 88.02 -19.96
C GLU LG 62 -34.71 88.06 -19.42
N SER LG 63 -35.62 88.80 -20.08
CA SER LG 63 -36.98 88.89 -19.61
C SER LG 63 -37.86 87.75 -20.11
N VAL LG 64 -37.42 87.03 -21.14
CA VAL LG 64 -38.15 85.84 -21.58
C VAL LG 64 -38.02 84.72 -20.56
N LYS LG 65 -36.93 84.73 -19.77
CA LYS LG 65 -36.79 83.77 -18.67
C LYS LG 65 -37.80 84.03 -17.56
N ARG LG 66 -38.32 85.26 -17.46
CA ARG LG 66 -39.42 85.53 -16.53
C ARG LG 66 -40.71 84.86 -16.98
N VAL LG 67 -40.89 84.73 -18.30
CA VAL LG 67 -42.10 84.13 -18.84
C VAL LG 67 -41.99 82.61 -18.74
N ASN LG 68 -43.00 81.99 -18.14
CA ASN LG 68 -43.08 80.54 -18.12
C ASN LG 68 -43.54 80.05 -19.49
N GLY LG 69 -42.83 79.07 -20.04
CA GLY LG 69 -43.14 78.62 -21.37
C GLY LG 69 -42.59 79.49 -22.47
N GLY LG 70 -41.75 80.47 -22.13
CA GLY LG 70 -41.13 81.34 -23.10
C GLY LG 70 -39.71 80.90 -23.39
N GLN LG 71 -39.31 81.01 -24.66
CA GLN LG 71 -38.02 80.53 -25.11
C GLN LG 71 -37.52 81.39 -26.26
N VAL LG 72 -36.33 81.96 -26.10
CA VAL LG 72 -35.70 82.74 -27.16
C VAL LG 72 -35.08 81.76 -28.15
N LEU LG 73 -35.46 81.88 -29.42
CA LEU LG 73 -34.92 81.00 -30.45
C LEU LG 73 -33.68 81.60 -31.09
N SER LG 74 -33.74 82.86 -31.48
CA SER LG 74 -32.65 83.48 -32.22
C SER LG 74 -32.68 84.97 -31.99
N THR LG 75 -31.50 85.56 -31.79
CA THR LG 75 -31.35 87.00 -31.69
C THR LG 75 -30.23 87.45 -32.61
N HIS LG 76 -30.36 88.67 -33.12
CA HIS LG 76 -29.30 89.26 -33.93
C HIS LG 76 -29.41 90.77 -33.90
N ILE LG 77 -28.26 91.42 -34.06
CA ILE LG 77 -28.15 92.87 -34.17
C ILE LG 77 -27.33 93.18 -35.41
N ILE LG 78 -27.90 93.99 -36.31
CA ILE LG 78 -27.17 94.52 -37.46
C ILE LG 78 -26.89 95.98 -37.18
N ALA LG 79 -25.61 96.34 -37.08
CA ALA LG 79 -25.22 97.66 -36.60
C ALA LG 79 -25.52 98.74 -37.62
N ARG LG 80 -25.51 98.39 -38.90
CA ARG LG 80 -25.71 99.36 -39.98
C ARG LG 80 -26.34 98.64 -41.14
N PRO LG 81 -27.65 98.45 -41.12
CA PRO LG 81 -28.30 97.73 -42.22
C PRO LG 81 -28.32 98.56 -43.50
N HIS LG 82 -28.27 97.86 -44.62
CA HIS LG 82 -28.35 98.50 -45.93
C HIS LG 82 -29.72 99.11 -46.15
N GLU LG 83 -29.76 100.15 -46.98
CA GLU LG 83 -31.00 100.87 -47.24
C GLU LG 83 -32.00 100.05 -48.04
N ASN LG 84 -31.55 98.99 -48.72
CA ASN LG 84 -32.44 98.09 -49.44
C ASN LG 84 -33.31 97.28 -48.49
N LEU LG 85 -32.87 97.07 -47.25
CA LEU LG 85 -33.54 96.16 -46.33
C LEU LG 85 -34.85 96.74 -45.81
N GLU LG 86 -34.96 98.07 -45.72
CA GLU LG 86 -36.15 98.66 -45.13
C GLU LG 86 -37.31 98.69 -46.13
N TYR LG 87 -37.01 98.51 -47.41
CA TYR LG 87 -38.08 98.54 -48.41
C TYR LG 87 -38.61 97.14 -48.68
N VAL LG 88 -37.90 96.11 -48.25
CA VAL LG 88 -38.36 94.74 -48.44
C VAL LG 88 -38.78 94.13 -47.12
N LEU LG 89 -37.91 94.13 -46.16
CA LEU LG 89 -38.16 93.51 -44.87
C LEU LG 89 -38.87 94.48 -43.93
N PRO LG 90 -39.72 93.98 -43.03
CA PRO LG 90 -40.45 94.86 -42.09
C PRO LG 90 -39.58 95.31 -40.92
N ILE LG 91 -38.52 96.05 -41.23
CA ILE LG 91 -37.65 96.65 -40.21
C ILE LG 91 -37.70 98.17 -40.26
N ARG LG 92 -38.55 98.76 -41.09
CA ARG LG 92 -38.56 100.19 -41.29
C ARG LG 92 -39.42 100.89 -40.26
N TYR LG 93 -39.15 102.18 -40.08
CA TYR LG 93 -40.00 103.02 -39.26
C TYR LG 93 -41.32 103.27 -39.97
N THR LG 94 -42.40 102.74 -39.42
CA THR LG 94 -43.73 103.08 -39.91
C THR LG 94 -44.15 104.43 -39.35
N GLU LG 95 -45.24 104.96 -39.90
CA GLU LG 95 -45.71 106.29 -39.48
C GLU LG 95 -46.33 106.26 -38.09
N GLU LG 96 -46.82 105.09 -37.66
CA GLU LG 96 -47.44 104.96 -36.35
C GLU LG 96 -46.41 105.05 -35.22
N VAL LG 97 -45.16 104.72 -35.49
CA VAL LG 97 -44.14 104.67 -34.46
C VAL LG 97 -43.15 105.82 -34.56
N GLU LG 98 -43.51 106.89 -35.28
CA GLU LG 98 -42.61 108.04 -35.38
C GLU LG 98 -42.64 108.92 -34.14
N GLN LG 99 -43.62 108.72 -33.24
CA GLN LG 99 -43.64 109.48 -32.01
C GLN LG 99 -42.65 108.95 -30.99
N PHE LG 100 -42.13 107.73 -31.21
CA PHE LG 100 -41.20 107.11 -30.28
C PHE LG 100 -39.76 107.11 -30.79
N ARG LG 101 -39.51 107.68 -31.97
CA ARG LG 101 -38.17 107.68 -32.53
C ARG LG 101 -37.27 108.70 -31.83
N ALA MG 2 -51.63 103.84 4.14
CA ALA MG 2 -52.10 104.45 2.92
C ALA MG 2 -51.85 103.53 1.73
N VAL MG 3 -50.82 103.83 0.94
CA VAL MG 3 -50.43 102.95 -0.15
C VAL MG 3 -49.60 101.80 0.41
N ALA MG 4 -49.45 100.75 -0.38
CA ALA MG 4 -48.69 99.58 0.06
C ALA MG 4 -47.20 99.87 0.11
N VAL MG 5 -46.45 98.99 0.74
CA VAL MG 5 -45.01 99.10 0.83
C VAL MG 5 -44.40 97.75 0.44
N GLY MG 6 -43.42 97.80 -0.45
CA GLY MG 6 -42.68 96.61 -0.83
C GLY MG 6 -41.20 96.82 -0.67
N MET MG 7 -40.52 95.76 -0.22
CA MET MG 7 -39.09 95.82 0.06
C MET MG 7 -38.41 94.66 -0.63
N ILE MG 8 -37.27 94.93 -1.27
CA ILE MG 8 -36.36 93.90 -1.75
C ILE MG 8 -35.02 94.15 -1.08
N GLU MG 9 -34.54 93.17 -0.32
CA GLU MG 9 -33.21 93.23 0.27
C GLU MG 9 -32.26 92.39 -0.57
N THR MG 10 -31.18 93.02 -1.03
CA THR MG 10 -30.16 92.32 -1.79
C THR MG 10 -28.84 92.37 -1.02
N LEU MG 11 -27.94 91.47 -1.42
CA LEU MG 11 -26.55 91.51 -0.95
C LEU MG 11 -25.74 92.23 -2.02
N GLY MG 12 -25.43 93.50 -1.75
CA GLY MG 12 -24.66 94.27 -2.69
C GLY MG 12 -25.39 95.45 -3.28
N PHE MG 13 -24.68 96.54 -3.54
CA PHE MG 13 -25.23 97.75 -4.12
C PHE MG 13 -25.49 97.70 -5.63
N PRO MG 14 -24.66 97.04 -6.48
CA PRO MG 14 -25.10 96.89 -7.88
C PRO MG 14 -26.36 96.05 -8.06
N ALA MG 15 -26.63 95.11 -7.15
CA ALA MG 15 -27.85 94.33 -7.26
C ALA MG 15 -29.07 95.11 -6.80
N VAL MG 16 -28.87 96.10 -5.92
CA VAL MG 16 -30.02 96.79 -5.35
C VAL MG 16 -30.45 97.94 -6.25
N VAL MG 17 -29.57 98.40 -7.15
CA VAL MG 17 -29.95 99.42 -8.11
C VAL MG 17 -30.65 98.79 -9.29
N GLU MG 18 -30.23 97.57 -9.68
CA GLU MG 18 -30.93 96.83 -10.71
C GLU MG 18 -32.29 96.35 -10.20
N ALA MG 19 -32.39 96.03 -8.91
CA ALA MG 19 -33.68 95.70 -8.32
C ALA MG 19 -34.59 96.92 -8.28
N ALA MG 20 -34.04 98.08 -7.90
CA ALA MG 20 -34.85 99.29 -7.81
C ALA MG 20 -35.25 99.79 -9.19
N ASP MG 21 -34.39 99.61 -10.20
CA ASP MG 21 -34.72 100.05 -11.55
C ASP MG 21 -35.77 99.14 -12.19
N ALA MG 22 -35.75 97.85 -11.87
CA ALA MG 22 -36.74 96.94 -12.41
C ALA MG 22 -38.09 97.12 -11.74
N MET MG 23 -38.10 97.67 -10.52
CA MET MG 23 -39.36 97.85 -9.82
C MET MG 23 -40.15 99.02 -10.38
N VAL MG 24 -39.51 100.16 -10.59
CA VAL MG 24 -40.24 101.34 -11.02
C VAL MG 24 -40.50 101.32 -12.51
N LYS MG 25 -39.86 100.41 -13.24
CA LYS MG 25 -40.17 100.24 -14.66
C LYS MG 25 -41.33 99.28 -14.86
N ALA MG 26 -41.51 98.33 -13.94
CA ALA MG 26 -42.50 97.28 -14.14
C ALA MG 26 -43.91 97.77 -13.85
N ALA MG 27 -44.08 98.62 -12.82
CA ALA MG 27 -45.40 99.03 -12.41
C ALA MG 27 -45.36 100.47 -11.93
N ARG MG 28 -46.52 100.96 -11.51
CA ARG MG 28 -46.68 102.34 -11.04
C ARG MG 28 -46.39 102.40 -9.54
N VAL MG 29 -45.14 102.16 -9.22
CA VAL MG 29 -44.66 102.28 -7.84
C VAL MG 29 -43.69 103.44 -7.79
N THR MG 30 -43.49 103.96 -6.59
CA THR MG 30 -42.54 105.02 -6.32
C THR MG 30 -41.46 104.47 -5.41
N LEU MG 31 -40.24 104.40 -5.91
CA LEU MG 31 -39.09 104.13 -5.06
C LEU MG 31 -38.89 105.31 -4.12
N VAL MG 32 -39.09 105.08 -2.83
CA VAL MG 32 -39.03 106.15 -1.84
C VAL MG 32 -37.83 106.03 -0.92
N GLY MG 33 -37.25 104.85 -0.77
CA GLY MG 33 -36.33 104.61 0.32
C GLY MG 33 -35.18 103.73 -0.09
N TYR MG 34 -34.18 103.70 0.78
CA TYR MG 34 -32.91 103.04 0.52
C TYR MG 34 -32.24 102.83 1.87
N GLU MG 35 -32.05 101.57 2.26
CA GLU MG 35 -31.68 101.27 3.63
C GLU MG 35 -30.51 100.30 3.68
N LYS MG 36 -29.53 100.60 4.51
CA LYS MG 36 -28.36 99.75 4.74
C LYS MG 36 -28.35 99.36 6.21
N ILE MG 37 -28.26 98.06 6.48
CA ILE MG 37 -28.29 97.55 7.85
C ILE MG 37 -27.01 96.82 8.21
N GLY MG 38 -26.03 96.78 7.31
CA GLY MG 38 -24.77 96.13 7.57
C GLY MG 38 -24.66 94.76 6.93
N THR MG 39 -23.42 94.28 6.87
CA THR MG 39 -22.97 93.11 6.10
C THR MG 39 -23.45 93.10 4.65
N GLY MG 40 -23.48 94.27 4.02
CA GLY MG 40 -23.86 94.36 2.63
C GLY MG 40 -25.33 94.17 2.34
N ARG MG 41 -26.16 94.04 3.37
CA ARG MG 41 -27.60 93.86 3.19
C ARG MG 41 -28.23 95.22 2.94
N VAL MG 42 -28.67 95.45 1.71
CA VAL MG 42 -29.20 96.73 1.29
C VAL MG 42 -30.63 96.53 0.81
N THR MG 43 -31.54 97.40 1.26
CA THR MG 43 -32.96 97.27 0.97
C THR MG 43 -33.45 98.51 0.25
N VAL MG 44 -34.21 98.32 -0.82
CA VAL MG 44 -34.94 99.39 -1.48
C VAL MG 44 -36.42 99.25 -1.18
N ILE MG 45 -37.09 100.38 -1.00
CA ILE MG 45 -38.48 100.44 -0.56
C ILE MG 45 -39.29 101.13 -1.64
N VAL MG 46 -40.35 100.47 -2.11
CA VAL MG 46 -41.26 101.07 -3.07
C VAL MG 46 -42.62 101.26 -2.41
N ARG MG 47 -43.32 102.30 -2.83
CA ARG MG 47 -44.69 102.57 -2.40
C ARG MG 47 -45.61 102.60 -3.61
N GLY MG 48 -46.83 102.09 -3.44
CA GLY MG 48 -47.80 102.11 -4.50
C GLY MG 48 -49.01 101.29 -4.10
N ASP MG 49 -49.85 100.99 -5.08
CA ASP MG 49 -50.93 100.04 -4.84
C ASP MG 49 -50.35 98.65 -4.67
N VAL MG 50 -51.09 97.80 -3.95
CA VAL MG 50 -50.56 96.48 -3.58
C VAL MG 50 -50.43 95.57 -4.80
N SER MG 51 -51.27 95.76 -5.81
CA SER MG 51 -51.10 95.03 -7.06
C SER MG 51 -49.87 95.51 -7.82
N GLU MG 52 -49.63 96.82 -7.83
CA GLU MG 52 -48.44 97.36 -8.48
C GLU MG 52 -47.18 97.02 -7.70
N VAL MG 53 -47.27 96.97 -6.38
CA VAL MG 53 -46.11 96.62 -5.57
C VAL MG 53 -45.77 95.14 -5.74
N GLN MG 54 -46.80 94.30 -5.87
CA GLN MG 54 -46.58 92.87 -6.11
C GLN MG 54 -45.97 92.63 -7.49
N ALA MG 55 -46.35 93.42 -8.49
CA ALA MG 55 -45.79 93.26 -9.81
C ALA MG 55 -44.37 93.79 -9.88
N SER MG 56 -44.06 94.81 -9.08
CA SER MG 56 -42.72 95.38 -9.09
C SER MG 56 -41.73 94.52 -8.31
N VAL MG 57 -42.13 94.03 -7.14
CA VAL MG 57 -41.25 93.23 -6.30
C VAL MG 57 -40.94 91.89 -6.97
N SER MG 58 -41.93 91.33 -7.68
CA SER MG 58 -41.68 90.10 -8.43
C SER MG 58 -40.77 90.35 -9.61
N ALA MG 59 -40.84 91.53 -10.22
CA ALA MG 59 -39.98 91.83 -11.35
C ALA MG 59 -38.58 92.25 -10.88
N GLY MG 60 -38.50 92.90 -9.74
CA GLY MG 60 -37.21 93.26 -9.18
C GLY MG 60 -36.44 92.08 -8.64
N THR MG 61 -37.14 91.00 -8.30
CA THR MG 61 -36.47 89.81 -7.79
C THR MG 61 -35.76 89.04 -8.90
N GLU MG 62 -36.41 88.91 -10.07
CA GLU MG 62 -35.80 88.17 -11.16
C GLU MG 62 -34.70 88.96 -11.86
N SER MG 63 -34.67 90.28 -11.68
CA SER MG 63 -33.65 91.09 -12.33
C SER MG 63 -32.32 91.07 -11.57
N VAL MG 64 -32.32 90.64 -10.32
CA VAL MG 64 -31.07 90.50 -9.59
C VAL MG 64 -30.30 89.28 -10.10
N LYS MG 65 -31.02 88.30 -10.66
CA LYS MG 65 -30.39 87.10 -11.22
C LYS MG 65 -29.52 87.40 -12.43
N ARG MG 66 -29.76 88.51 -13.13
CA ARG MG 66 -28.88 88.93 -14.21
C ARG MG 66 -27.64 89.66 -13.71
N VAL MG 67 -27.62 90.07 -12.45
CA VAL MG 67 -26.43 90.69 -11.87
C VAL MG 67 -25.55 89.59 -11.27
N ASN MG 68 -24.31 89.50 -11.76
CA ASN MG 68 -23.34 88.55 -11.22
C ASN MG 68 -22.68 89.18 -10.00
N GLY MG 69 -22.90 88.57 -8.83
CA GLY MG 69 -22.35 89.07 -7.59
C GLY MG 69 -23.37 89.52 -6.58
N GLY MG 70 -24.66 89.54 -6.93
CA GLY MG 70 -25.69 89.93 -6.01
C GLY MG 70 -26.83 88.93 -6.01
N GLN MG 71 -27.48 88.82 -4.84
CA GLN MG 71 -28.58 87.88 -4.67
C GLN MG 71 -29.64 88.53 -3.82
N VAL MG 72 -30.89 88.12 -4.05
CA VAL MG 72 -32.02 88.58 -3.25
C VAL MG 72 -32.00 87.82 -1.92
N LEU MG 73 -31.91 88.56 -0.82
CA LEU MG 73 -31.92 87.92 0.49
C LEU MG 73 -33.34 87.80 1.03
N SER MG 74 -34.13 88.87 0.91
CA SER MG 74 -35.47 88.87 1.46
C SER MG 74 -36.34 89.84 0.69
N THR MG 75 -37.58 89.44 0.46
CA THR MG 75 -38.59 90.29 -0.13
C THR MG 75 -39.85 90.24 0.73
N HIS MG 76 -40.54 91.37 0.82
CA HIS MG 76 -41.81 91.39 1.51
C HIS MG 76 -42.68 92.51 0.98
N ILE MG 77 -43.99 92.31 1.09
CA ILE MG 77 -45.01 93.25 0.62
C ILE MG 77 -46.04 93.37 1.72
N ILE MG 78 -46.33 94.60 2.16
CA ILE MG 78 -47.38 94.88 3.12
C ILE MG 78 -48.45 95.69 2.42
N ALA MG 79 -49.69 95.19 2.45
CA ALA MG 79 -50.77 95.76 1.63
C ALA MG 79 -51.15 97.15 2.08
N ARG MG 80 -51.16 97.39 3.39
CA ARG MG 80 -51.35 98.74 3.93
C ARG MG 80 -50.66 98.78 5.28
N PRO MG 81 -49.50 99.43 5.37
CA PRO MG 81 -48.82 99.54 6.66
C PRO MG 81 -49.58 100.45 7.62
N HIS MG 82 -49.35 100.21 8.90
CA HIS MG 82 -49.90 101.06 9.95
C HIS MG 82 -49.28 102.45 9.86
N GLU MG 83 -50.01 103.45 10.34
CA GLU MG 83 -49.53 104.83 10.30
C GLU MG 83 -48.38 105.06 11.27
N ASN MG 84 -48.18 104.14 12.22
CA ASN MG 84 -47.04 104.20 13.12
C ASN MG 84 -45.72 103.96 12.38
N LEU MG 85 -45.75 103.18 11.30
CA LEU MG 85 -44.51 102.74 10.67
C LEU MG 85 -43.83 103.83 9.87
N GLU MG 86 -44.57 104.83 9.39
CA GLU MG 86 -43.94 105.89 8.61
C GLU MG 86 -43.12 106.83 9.48
N TYR MG 87 -43.44 106.91 10.77
CA TYR MG 87 -42.73 107.82 11.65
C TYR MG 87 -41.49 107.18 12.24
N VAL MG 88 -41.44 105.85 12.28
CA VAL MG 88 -40.29 105.16 12.85
C VAL MG 88 -39.41 104.57 11.75
N LEU MG 89 -40.01 103.86 10.84
CA LEU MG 89 -39.27 103.20 9.77
C LEU MG 89 -39.18 104.09 8.55
N PRO MG 90 -38.08 104.03 7.78
CA PRO MG 90 -37.90 104.90 6.60
C PRO MG 90 -38.62 104.39 5.36
N ILE MG 91 -39.94 104.24 5.45
CA ILE MG 91 -40.76 103.80 4.35
C ILE MG 91 -41.71 104.88 3.85
N ARG MG 92 -41.56 106.11 4.34
CA ARG MG 92 -42.48 107.17 3.98
C ARG MG 92 -42.01 107.90 2.73
N TYR MG 93 -42.95 108.65 2.14
CA TYR MG 93 -42.63 109.48 0.99
C TYR MG 93 -41.80 110.68 1.43
N THR MG 94 -40.63 110.83 0.85
CA THR MG 94 -39.84 112.03 1.06
C THR MG 94 -40.30 113.13 0.12
N GLU MG 95 -39.79 114.35 0.35
CA GLU MG 95 -40.19 115.49 -0.47
C GLU MG 95 -39.57 115.45 -1.85
N GLU MG 96 -38.48 114.68 -2.01
CA GLU MG 96 -37.80 114.63 -3.30
C GLU MG 96 -38.52 113.72 -4.28
N VAL MG 97 -39.35 112.80 -3.78
CA VAL MG 97 -39.95 111.78 -4.63
C VAL MG 97 -41.45 112.01 -4.81
N GLU MG 98 -41.96 113.19 -4.45
CA GLU MG 98 -43.38 113.46 -4.59
C GLU MG 98 -43.78 113.72 -6.03
N GLN MG 99 -42.81 113.97 -6.92
CA GLN MG 99 -43.12 114.14 -8.33
C GLN MG 99 -43.37 112.80 -9.01
N PHE MG 100 -42.93 111.70 -8.41
CA PHE MG 100 -43.12 110.37 -8.96
C PHE MG 100 -44.31 109.64 -8.36
N ARG MG 101 -45.05 110.27 -7.44
CA ARG MG 101 -46.17 109.62 -6.78
C ARG MG 101 -47.39 109.54 -7.68
N MET NG 1 -77.19 72.72 -0.28
CA MET NG 1 -76.89 73.77 -1.25
C MET NG 1 -77.90 74.90 -1.17
N GLN NG 2 -77.49 76.06 -1.65
CA GLN NG 2 -78.35 77.23 -1.76
C GLN NG 2 -78.30 77.75 -3.17
N MET NG 3 -79.43 78.29 -3.64
CA MET NG 3 -79.48 78.98 -4.91
C MET NG 3 -79.04 80.42 -4.73
N ALA NG 4 -78.13 80.86 -5.60
CA ALA NG 4 -77.61 82.21 -5.52
C ALA NG 4 -77.49 82.78 -6.92
N LYS NG 5 -77.44 84.11 -6.98
CA LYS NG 5 -77.25 84.84 -8.22
C LYS NG 5 -75.90 85.52 -8.20
N VAL NG 6 -75.15 85.40 -9.30
CA VAL NG 6 -73.83 86.02 -9.41
C VAL NG 6 -74.03 87.52 -9.54
N CYS NG 7 -73.61 88.27 -8.52
CA CYS NG 7 -73.75 89.72 -8.56
C CYS NG 7 -72.42 90.42 -8.81
N GLY NG 8 -71.31 89.68 -8.71
CA GLY NG 8 -70.05 90.29 -9.05
C GLY NG 8 -68.86 89.45 -8.68
N THR NG 9 -67.70 90.09 -8.67
CA THR NG 9 -66.42 89.43 -8.42
C THR NG 9 -65.71 90.15 -7.28
N VAL NG 10 -64.95 89.37 -6.50
CA VAL NG 10 -64.10 89.90 -5.44
C VAL NG 10 -62.66 89.53 -5.79
N VAL NG 11 -61.80 90.53 -5.85
CA VAL NG 11 -60.38 90.33 -6.15
C VAL NG 11 -59.58 90.75 -4.94
N GLY NG 12 -58.75 89.84 -4.44
CA GLY NG 12 -57.81 90.17 -3.39
C GLY NG 12 -56.41 89.78 -3.79
N THR NG 13 -55.47 90.71 -3.71
CA THR NG 13 -54.09 90.41 -4.11
C THR NG 13 -53.23 89.95 -2.95
N GLN NG 14 -53.45 90.49 -1.76
CA GLN NG 14 -52.75 90.07 -0.55
C GLN NG 14 -53.59 88.99 0.11
N LYS NG 15 -53.16 87.74 -0.02
CA LYS NG 15 -53.96 86.60 0.43
C LYS NG 15 -53.01 85.49 0.86
N LEU NG 16 -53.61 84.36 1.23
CA LEU NG 16 -52.83 83.18 1.54
C LEU NG 16 -52.26 82.56 0.26
N PRO NG 17 -51.12 81.88 0.33
CA PRO NG 17 -50.57 81.23 -0.87
C PRO NG 17 -51.43 80.09 -1.39
N SER NG 18 -52.24 79.47 -0.53
CA SER NG 18 -53.15 78.42 -0.99
C SER NG 18 -54.43 78.99 -1.58
N MET NG 19 -54.64 80.31 -1.48
CA MET NG 19 -55.80 80.94 -2.08
C MET NG 19 -55.56 81.46 -3.48
N THR NG 20 -54.39 81.20 -4.07
CA THR NG 20 -54.11 81.71 -5.40
C THR NG 20 -54.73 80.80 -6.46
N GLY NG 21 -55.08 81.40 -7.60
CA GLY NG 21 -55.79 80.69 -8.64
C GLY NG 21 -57.26 80.48 -8.40
N VAL NG 22 -57.77 80.87 -7.24
CA VAL NG 22 -59.17 80.68 -6.87
C VAL NG 22 -59.96 81.89 -7.35
N LYS NG 23 -60.95 81.65 -8.19
CA LYS NG 23 -61.83 82.71 -8.68
C LYS NG 23 -62.95 82.93 -7.67
N LEU NG 24 -63.08 84.16 -7.18
CA LEU NG 24 -64.01 84.48 -6.12
C LEU NG 24 -65.17 85.29 -6.68
N LEU NG 25 -66.38 84.74 -6.56
CA LEU NG 25 -67.59 85.40 -7.02
C LEU NG 25 -68.40 85.90 -5.83
N LEU NG 26 -68.92 87.11 -5.97
CA LEU NG 26 -69.86 87.67 -5.02
C LEU NG 26 -71.25 87.22 -5.43
N LEU NG 27 -71.87 86.39 -4.59
CA LEU NG 27 -73.11 85.72 -4.90
C LEU NG 27 -74.18 86.17 -3.92
N GLN NG 28 -75.30 86.67 -4.42
CA GLN NG 28 -76.43 87.03 -3.58
C GLN NG 28 -77.43 85.89 -3.58
N PHE NG 29 -77.85 85.47 -2.38
CA PHE NG 29 -78.78 84.37 -2.27
C PHE NG 29 -80.18 84.78 -2.69
N ILE NG 30 -80.82 83.90 -3.45
CA ILE NG 30 -82.19 84.08 -3.90
C ILE NG 30 -83.06 83.05 -3.20
N ASP NG 31 -84.34 83.37 -3.03
CA ASP NG 31 -85.22 82.45 -2.32
C ASP NG 31 -85.78 81.41 -3.28
N ALA NG 32 -86.71 80.60 -2.77
CA ALA NG 32 -87.38 79.61 -3.62
C ALA NG 32 -88.37 80.26 -4.58
N ASN NG 33 -88.81 81.49 -4.28
CA ASN NG 33 -89.72 82.19 -5.18
C ASN NG 33 -88.96 82.92 -6.28
N GLY NG 34 -87.65 83.13 -6.11
CA GLY NG 34 -86.84 83.82 -7.08
C GLY NG 34 -86.44 85.24 -6.72
N GLU NG 35 -86.87 85.75 -5.58
CA GLU NG 35 -86.53 87.11 -5.15
C GLU NG 35 -85.17 87.10 -4.46
N LEU NG 36 -84.48 88.24 -4.54
CA LEU NG 36 -83.16 88.36 -3.93
C LEU NG 36 -83.29 88.54 -2.43
N LEU NG 37 -82.57 87.70 -1.68
CA LEU NG 37 -82.53 87.84 -0.23
C LEU NG 37 -81.44 88.81 0.18
N PRO NG 38 -81.58 89.49 1.32
CA PRO NG 38 -80.48 90.35 1.83
C PRO NG 38 -79.40 89.54 2.54
N LYS NG 39 -78.78 88.62 1.79
CA LYS NG 39 -77.74 87.74 2.31
C LYS NG 39 -76.86 87.35 1.13
N TYR NG 40 -75.56 87.34 1.34
CA TYR NG 40 -74.61 87.10 0.28
C TYR NG 40 -73.59 86.05 0.71
N GLU NG 41 -72.67 85.76 -0.22
CA GLU NG 41 -71.57 84.85 0.00
C GLU NG 41 -70.47 85.16 -1.00
N VAL NG 42 -69.24 84.82 -0.65
CA VAL NG 42 -68.14 84.81 -1.60
C VAL NG 42 -67.69 83.37 -1.72
N ALA NG 43 -67.74 82.83 -2.94
CA ALA NG 43 -67.48 81.42 -3.16
C ALA NG 43 -66.43 81.23 -4.24
N ALA NG 44 -65.73 80.11 -4.15
CA ALA NG 44 -64.88 79.64 -5.24
C ALA NG 44 -65.74 79.18 -6.39
N ASP NG 45 -65.23 79.34 -7.61
CA ASP NG 45 -65.99 79.08 -8.83
C ASP NG 45 -65.19 78.14 -9.73
N PRO NG 46 -65.31 76.83 -9.53
CA PRO NG 46 -64.71 75.89 -10.49
C PRO NG 46 -65.55 75.73 -11.75
N VAL NG 47 -66.87 75.77 -11.62
CA VAL NG 47 -67.78 75.74 -12.74
C VAL NG 47 -67.94 77.18 -13.22
N GLY NG 48 -67.48 77.47 -14.43
CA GLY NG 48 -67.28 78.84 -14.86
C GLY NG 48 -68.58 79.60 -15.01
N ALA NG 49 -68.85 80.51 -14.07
CA ALA NG 49 -70.12 81.20 -13.97
C ALA NG 49 -69.89 82.70 -14.06
N GLY NG 50 -70.75 83.39 -14.82
CA GLY NG 50 -70.62 84.81 -15.03
C GLY NG 50 -71.76 85.60 -14.42
N LEU NG 51 -71.69 86.91 -14.63
CA LEU NG 51 -72.57 87.86 -13.98
C LEU NG 51 -74.02 87.67 -14.40
N GLY NG 52 -74.89 87.43 -13.42
CA GLY NG 52 -76.30 87.25 -13.63
C GLY NG 52 -76.78 85.82 -13.62
N GLU NG 53 -75.90 84.84 -13.59
CA GLU NG 53 -76.31 83.45 -13.65
C GLU NG 53 -76.85 83.00 -12.29
N TRP NG 54 -77.60 81.90 -12.33
CA TRP NG 54 -78.09 81.24 -11.13
C TRP NG 54 -77.21 80.03 -10.84
N VAL NG 55 -76.68 79.97 -9.62
CA VAL NG 55 -75.73 78.94 -9.25
C VAL NG 55 -76.22 78.21 -8.02
N LEU NG 56 -75.71 76.99 -7.83
CA LEU NG 56 -75.86 76.26 -6.59
C LEU NG 56 -74.59 76.38 -5.79
N VAL NG 57 -74.73 76.79 -4.53
CA VAL NG 57 -73.59 77.07 -3.66
C VAL NG 57 -73.68 76.15 -2.44
N ASN NG 58 -72.65 75.36 -2.23
CA ASN NG 58 -72.57 74.63 -0.97
C ASN NG 58 -71.76 75.45 0.02
N ARG NG 59 -71.75 75.04 1.28
CA ARG NG 59 -70.93 75.72 2.25
C ARG NG 59 -70.35 74.71 3.22
N GLY NG 60 -69.29 75.11 3.90
CA GLY NG 60 -68.63 74.26 4.86
C GLY NG 60 -67.51 73.45 4.24
N SER NG 61 -67.29 72.24 4.74
CA SER NG 61 -66.21 71.39 4.24
C SER NG 61 -66.55 70.72 2.91
N ALA NG 62 -67.77 70.87 2.43
CA ALA NG 62 -68.14 70.38 1.11
C ALA NG 62 -67.48 71.19 -0.01
N ALA NG 63 -67.03 72.41 0.29
CA ALA NG 63 -66.28 73.20 -0.69
C ALA NG 63 -64.90 72.65 -0.95
N ARG NG 64 -64.40 71.76 -0.10
CA ARG NG 64 -63.07 71.18 -0.22
C ARG NG 64 -63.09 69.76 -0.75
N GLN NG 65 -64.07 69.40 -1.57
CA GLN NG 65 -64.25 68.03 -2.02
C GLN NG 65 -63.84 67.80 -3.47
N THR NG 66 -63.57 68.87 -4.22
CA THR NG 66 -63.38 68.76 -5.66
C THR NG 66 -61.93 68.46 -6.06
N GLU NG 67 -61.13 67.95 -5.13
CA GLU NG 67 -59.77 67.39 -5.26
C GLU NG 67 -58.71 68.38 -5.75
N TYR NG 68 -59.10 69.64 -6.02
CA TYR NG 68 -58.13 70.71 -6.12
C TYR NG 68 -58.44 71.86 -5.16
N HIS NG 69 -59.46 71.68 -4.31
CA HIS NG 69 -59.74 72.60 -3.22
C HIS NG 69 -59.54 71.94 -1.87
N GLN NG 70 -58.78 70.84 -1.82
CA GLN NG 70 -58.81 69.93 -0.67
C GLN NG 70 -58.14 70.55 0.55
N ASN NG 71 -57.02 71.23 0.38
CA ASN NG 71 -56.30 71.84 1.48
C ASN NG 71 -56.35 73.35 1.40
N ARG NG 72 -57.36 73.88 0.72
CA ARG NG 72 -57.60 75.29 0.51
C ARG NG 72 -58.61 75.82 1.53
N PRO NG 73 -58.37 76.99 2.11
CA PRO NG 73 -59.28 77.53 3.12
C PRO NG 73 -60.56 78.13 2.53
N LEU NG 74 -61.41 77.24 2.01
CA LEU NG 74 -62.63 77.63 1.33
C LEU NG 74 -63.83 77.05 2.07
N ASP NG 75 -64.84 77.87 2.33
CA ASP NG 75 -66.06 77.42 2.97
C ASP NG 75 -67.29 77.70 2.12
N ALA NG 76 -67.12 77.93 0.83
CA ALA NG 76 -68.21 78.19 -0.10
C ALA NG 76 -67.70 77.93 -1.51
N MET NG 77 -68.54 77.30 -2.33
CA MET NG 77 -68.11 76.90 -3.67
C MET NG 77 -69.33 76.79 -4.56
N VAL NG 78 -69.23 77.33 -5.78
CA VAL NG 78 -70.24 77.08 -6.80
C VAL NG 78 -70.05 75.65 -7.31
N VAL NG 79 -71.07 74.81 -7.13
CA VAL NG 79 -70.99 73.43 -7.57
C VAL NG 79 -71.75 73.18 -8.86
N ALA NG 80 -72.69 74.05 -9.22
CA ALA NG 80 -73.51 73.84 -10.40
C ALA NG 80 -74.01 75.19 -10.88
N ILE NG 81 -74.17 75.32 -12.19
CA ILE NG 81 -74.91 76.41 -12.79
C ILE NG 81 -76.33 75.91 -13.02
N ILE NG 82 -77.31 76.65 -12.50
CA ILE NG 82 -78.69 76.21 -12.55
C ILE NG 82 -79.22 76.34 -13.97
N ASP NG 83 -79.72 75.24 -14.52
CA ASP NG 83 -80.42 75.24 -15.79
C ASP NG 83 -81.91 75.51 -15.62
N THR NG 84 -82.56 74.77 -14.74
CA THR NG 84 -84.01 74.82 -14.60
C THR NG 84 -84.38 74.67 -13.13
N VAL NG 85 -85.24 75.55 -12.63
CA VAL NG 85 -85.91 75.38 -11.35
C VAL NG 85 -87.39 75.15 -11.63
N THR NG 86 -87.90 74.00 -11.20
CA THR NG 86 -89.31 73.67 -11.33
C THR NG 86 -89.91 73.61 -9.94
N VAL NG 87 -90.88 74.47 -9.66
CA VAL NG 87 -91.56 74.52 -8.37
C VAL NG 87 -93.03 74.21 -8.59
N ASN NG 88 -93.51 73.14 -7.93
CA ASN NG 88 -94.90 72.68 -8.00
C ASN NG 88 -95.31 72.35 -9.44
N ASN NG 89 -94.43 71.64 -10.14
CA ASN NG 89 -94.51 71.27 -11.56
C ASN NG 89 -94.62 72.48 -12.48
N ARG NG 90 -94.23 73.66 -12.03
CA ARG NG 90 -94.20 74.87 -12.84
C ARG NG 90 -92.76 75.37 -12.91
N ARG NG 91 -92.29 75.65 -14.13
CA ARG NG 91 -90.92 76.10 -14.32
C ARG NG 91 -90.76 77.53 -13.80
N LEU NG 92 -89.91 77.69 -12.78
CA LEU NG 92 -89.59 79.00 -12.22
C LEU NG 92 -88.44 79.67 -12.94
N TYR NG 93 -87.45 78.91 -13.39
CA TYR NG 93 -86.26 79.45 -14.01
C TYR NG 93 -85.89 78.58 -15.21
N GLY NG 94 -85.37 79.23 -16.25
CA GLY NG 94 -84.95 78.51 -17.45
C GLY NG 94 -85.98 78.55 -18.56
N ALA OG 2 28.29 78.87 -78.25
CA ALA OG 2 28.07 78.60 -79.66
C ALA OG 2 26.70 77.96 -79.89
N VAL OG 3 26.52 77.40 -81.08
CA VAL OG 3 25.30 76.67 -81.42
C VAL OG 3 25.22 75.41 -80.56
N ALA OG 4 24.02 75.09 -80.08
CA ALA OG 4 23.84 74.03 -79.08
C ALA OG 4 24.19 72.65 -79.63
N VAL OG 5 24.63 71.78 -78.74
CA VAL OG 5 25.11 70.45 -79.10
C VAL OG 5 24.37 69.42 -78.26
N GLY OG 6 23.87 68.38 -78.92
CA GLY OG 6 23.26 67.27 -78.23
C GLY OG 6 23.95 65.97 -78.56
N MET OG 7 24.09 65.11 -77.57
CA MET OG 7 24.77 63.84 -77.72
C MET OG 7 23.89 62.73 -77.18
N ILE OG 8 23.81 61.63 -77.92
CA ILE OG 8 23.20 60.39 -77.45
C ILE OG 8 24.23 59.29 -77.58
N GLU OG 9 24.61 58.68 -76.46
CA GLU OG 9 25.50 57.54 -76.46
C GLU OG 9 24.69 56.26 -76.33
N THR OG 10 24.85 55.35 -77.28
CA THR OG 10 24.18 54.07 -77.24
C THR OG 10 25.21 52.95 -77.22
N LEU OG 11 24.77 51.80 -76.75
CA LEU OG 11 25.57 50.57 -76.80
C LEU OG 11 25.12 49.79 -78.03
N GLY OG 12 25.85 49.97 -79.13
CA GLY OG 12 25.49 49.28 -80.35
C GLY OG 12 25.29 50.21 -81.53
N PHE OG 13 25.66 49.76 -82.72
CA PHE OG 13 25.52 50.54 -83.95
C PHE OG 13 24.11 50.60 -84.54
N PRO OG 14 23.27 49.54 -84.51
CA PRO OG 14 21.87 49.76 -84.91
C PRO OG 14 21.11 50.72 -84.00
N ALA OG 15 21.49 50.82 -82.73
CA ALA OG 15 20.81 51.74 -81.84
C ALA OG 15 21.26 53.18 -82.07
N VAL OG 16 22.48 53.37 -82.56
CA VAL OG 16 22.99 54.73 -82.72
C VAL OG 16 22.54 55.31 -84.06
N VAL OG 17 22.17 54.45 -85.02
CA VAL OG 17 21.65 54.94 -86.28
C VAL OG 17 20.18 55.32 -86.13
N GLU OG 18 19.43 54.57 -85.32
CA GLU OG 18 18.07 54.96 -84.98
C GLU OG 18 18.06 56.22 -84.12
N ALA OG 19 19.06 56.38 -83.24
CA ALA OG 19 19.21 57.62 -82.49
C ALA OG 19 19.51 58.78 -83.42
N ALA OG 20 20.43 58.59 -84.37
CA ALA OG 20 20.78 59.66 -85.30
C ALA OG 20 19.64 59.95 -86.28
N ASP OG 21 18.87 58.93 -86.65
CA ASP OG 21 17.77 59.13 -87.58
C ASP OG 21 16.59 59.82 -86.93
N ALA OG 22 16.26 59.45 -85.68
CA ALA OG 22 15.12 60.05 -85.02
C ALA OG 22 15.41 61.46 -84.55
N MET OG 23 16.69 61.81 -84.40
CA MET OG 23 17.04 63.16 -83.96
C MET OG 23 16.82 64.17 -85.09
N VAL OG 24 17.26 63.83 -86.30
CA VAL OG 24 17.12 64.77 -87.41
C VAL OG 24 15.72 64.70 -88.01
N LYS OG 25 14.91 63.74 -87.59
CA LYS OG 25 13.54 63.67 -88.06
C LYS OG 25 12.57 64.33 -87.08
N ALA OG 26 12.96 64.47 -85.82
CA ALA OG 26 12.07 65.07 -84.83
C ALA OG 26 12.13 66.59 -84.88
N ALA OG 27 13.29 67.14 -85.21
CA ALA OG 27 13.48 68.59 -85.19
C ALA OG 27 14.50 68.99 -86.24
N ARG OG 28 14.72 70.29 -86.36
CA ARG OG 28 15.65 70.86 -87.33
C ARG OG 28 17.03 70.94 -86.69
N VAL OG 29 17.65 69.77 -86.56
CA VAL OG 29 19.03 69.67 -86.08
C VAL OG 29 19.89 69.16 -87.23
N THR OG 30 21.19 69.32 -87.08
CA THR OG 30 22.16 68.82 -88.04
C THR OG 30 23.05 67.80 -87.36
N LEU OG 31 22.92 66.55 -87.75
CA LEU OG 31 23.83 65.50 -87.32
C LEU OG 31 25.20 65.77 -87.93
N VAL OG 32 26.17 66.09 -87.08
CA VAL OG 32 27.49 66.47 -87.56
C VAL OG 32 28.56 65.43 -87.25
N GLY OG 33 28.33 64.57 -86.27
CA GLY OG 33 29.41 63.76 -85.74
C GLY OG 33 28.95 62.38 -85.37
N TYR OG 34 29.92 61.49 -85.20
CA TYR OG 34 29.68 60.08 -84.94
C TYR OG 34 30.96 59.55 -84.31
N GLU OG 35 30.89 59.19 -83.03
CA GLU OG 35 32.09 59.02 -82.22
C GLU OG 35 32.08 57.64 -81.55
N LYS OG 36 33.15 56.89 -81.77
CA LYS OG 36 33.35 55.60 -81.13
C LYS OG 36 34.50 55.73 -80.13
N ILE OG 37 34.26 55.32 -78.90
CA ILE OG 37 35.24 55.42 -77.83
C ILE OG 37 35.61 54.05 -77.27
N GLY OG 38 35.13 52.98 -77.89
CA GLY OG 38 35.45 51.65 -77.45
C GLY OG 38 34.35 51.01 -76.62
N THR OG 39 34.42 49.68 -76.53
CA THR OG 39 33.43 48.78 -75.91
C THR OG 39 32.00 49.03 -76.40
N GLY OG 40 31.83 49.33 -77.67
CA GLY OG 40 30.50 49.49 -78.22
C GLY OG 40 29.80 50.78 -77.87
N ARG OG 41 30.43 51.66 -77.09
CA ARG OG 41 29.85 52.95 -76.75
C ARG OG 41 30.00 53.87 -77.96
N VAL OG 42 28.90 54.09 -78.67
CA VAL OG 42 28.88 54.89 -79.88
C VAL OG 42 28.02 56.13 -79.61
N THR OG 43 28.52 57.29 -80.01
CA THR OG 43 27.87 58.56 -79.75
C THR OG 43 27.67 59.32 -81.06
N VAL OG 44 26.45 59.76 -81.30
CA VAL OG 44 26.14 60.69 -82.39
C VAL OG 44 25.94 62.08 -81.82
N ILE OG 45 26.34 63.08 -82.59
CA ILE OG 45 26.38 64.48 -82.15
C ILE OG 45 25.55 65.30 -83.12
N VAL OG 46 24.55 66.01 -82.60
CA VAL OG 46 23.75 66.91 -83.42
C VAL OG 46 24.03 68.34 -82.99
N ARG OG 47 23.85 69.27 -83.93
CA ARG OG 47 23.94 70.70 -83.65
C ARG OG 47 22.64 71.37 -84.07
N GLY OG 48 22.32 72.47 -83.42
CA GLY OG 48 21.13 73.22 -83.78
C GLY OG 48 20.75 74.17 -82.67
N ASP OG 49 19.57 74.76 -82.81
CA ASP OG 49 19.03 75.60 -81.76
C ASP OG 49 18.63 74.76 -80.55
N VAL OG 50 18.50 75.42 -79.40
CA VAL OG 50 18.25 74.72 -78.15
C VAL OG 50 16.87 74.08 -78.15
N SER OG 51 15.90 74.72 -78.79
CA SER OG 51 14.57 74.14 -78.91
C SER OG 51 14.59 72.89 -79.78
N GLU OG 52 15.38 72.89 -80.84
CA GLU OG 52 15.47 71.73 -81.71
C GLU OG 52 16.29 70.61 -81.07
N VAL OG 53 17.39 70.95 -80.39
CA VAL OG 53 18.27 69.94 -79.82
C VAL OG 53 17.61 69.26 -78.63
N GLN OG 54 16.86 70.02 -77.83
CA GLN OG 54 16.12 69.42 -76.71
C GLN OG 54 15.01 68.49 -77.20
N ALA OG 55 14.36 68.86 -78.30
CA ALA OG 55 13.31 68.01 -78.85
C ALA OG 55 13.89 66.78 -79.53
N SER OG 56 15.06 66.93 -80.16
CA SER OG 56 15.66 65.82 -80.89
C SER OG 56 16.24 64.77 -79.95
N VAL OG 57 16.95 65.21 -78.91
CA VAL OG 57 17.60 64.28 -78.00
C VAL OG 57 16.56 63.53 -77.17
N SER OG 58 15.48 64.21 -76.79
CA SER OG 58 14.42 63.57 -76.02
C SER OG 58 13.63 62.59 -76.87
N ALA OG 59 13.41 62.91 -78.14
CA ALA OG 59 12.71 61.98 -79.02
C ALA OG 59 13.65 60.90 -79.54
N GLY OG 60 14.93 61.22 -79.68
CA GLY OG 60 15.90 60.22 -80.07
C GLY OG 60 16.20 59.20 -79.00
N THR OG 61 15.96 59.56 -77.74
CA THR OG 61 16.18 58.63 -76.64
C THR OG 61 15.05 57.59 -76.55
N GLU OG 62 13.82 58.02 -76.83
CA GLU OG 62 12.68 57.10 -76.78
C GLU OG 62 12.68 56.14 -77.96
N SER OG 63 13.28 56.53 -79.08
CA SER OG 63 13.28 55.68 -80.26
C SER OG 63 14.25 54.52 -80.13
N VAL OG 64 15.34 54.70 -79.37
CA VAL OG 64 16.30 53.62 -79.15
C VAL OG 64 15.69 52.48 -78.34
N LYS OG 65 14.77 52.78 -77.43
CA LYS OG 65 14.04 51.73 -76.72
C LYS OG 65 12.80 51.30 -77.50
N ARG OG 66 12.99 51.07 -78.80
CA ARG OG 66 12.04 50.45 -79.71
C ARG OG 66 12.87 49.58 -80.64
N VAL OG 67 14.18 49.55 -80.39
CA VAL OG 67 15.14 48.71 -81.10
C VAL OG 67 15.49 47.55 -80.21
N ASN OG 68 15.48 46.33 -80.77
CA ASN OG 68 15.87 45.16 -80.01
C ASN OG 68 17.39 45.15 -79.85
N GLY OG 69 17.83 45.01 -78.61
CA GLY OG 69 19.25 45.10 -78.32
C GLY OG 69 19.78 46.51 -78.23
N GLY OG 70 18.90 47.51 -78.27
CA GLY OG 70 19.28 48.90 -78.18
C GLY OG 70 19.23 49.39 -76.74
N GLN OG 71 20.24 50.15 -76.36
CA GLN OG 71 20.38 50.64 -74.99
C GLN OG 71 21.02 52.01 -75.01
N VAL OG 72 20.33 53.00 -74.44
CA VAL OG 72 20.88 54.34 -74.30
C VAL OG 72 21.79 54.34 -73.07
N LEU OG 73 23.05 54.70 -73.27
CA LEU OG 73 23.98 54.78 -72.16
C LEU OG 73 23.98 56.17 -71.54
N SER OG 74 24.05 57.20 -72.38
CA SER OG 74 24.20 58.56 -71.88
C SER OG 74 23.64 59.54 -72.90
N THR OG 75 22.87 60.50 -72.40
CA THR OG 75 22.36 61.60 -73.22
C THR OG 75 22.71 62.91 -72.54
N HIS OG 76 23.05 63.91 -73.35
CA HIS OG 76 23.30 65.24 -72.80
C HIS OG 76 23.05 66.29 -73.86
N ILE OG 77 22.67 67.49 -73.39
CA ILE OG 77 22.48 68.66 -74.22
C ILE OG 77 23.27 69.80 -73.58
N ILE OG 78 24.13 70.44 -74.35
CA ILE OG 78 24.80 71.66 -73.94
C ILE OG 78 24.25 72.79 -74.78
N ALA OG 79 23.50 73.69 -74.14
CA ALA OG 79 22.73 74.69 -74.86
C ALA OG 79 23.62 75.77 -75.45
N ARG OG 80 24.78 76.00 -74.85
CA ARG OG 80 25.70 77.06 -75.30
C ARG OG 80 27.12 76.60 -75.04
N PRO OG 81 27.68 75.77 -75.92
CA PRO OG 81 29.04 75.30 -75.69
C PRO OG 81 30.06 76.39 -75.96
N HIS OG 82 31.18 76.31 -75.25
CA HIS OG 82 32.28 77.24 -75.43
C HIS OG 82 32.92 77.06 -76.80
N GLU OG 83 33.51 78.15 -77.30
CA GLU OG 83 34.16 78.12 -78.60
C GLU OG 83 35.45 77.32 -78.58
N ASN OG 84 35.99 77.03 -77.40
CA ASN OG 84 37.15 76.16 -77.28
C ASN OG 84 36.82 74.72 -77.65
N LEU OG 85 35.58 74.28 -77.43
CA LEU OG 85 35.23 72.88 -77.58
C LEU OG 85 35.13 72.46 -79.04
N GLU OG 86 34.95 73.42 -79.95
CA GLU OG 86 34.84 73.08 -81.37
C GLU OG 86 36.18 72.60 -81.93
N TYR OG 87 37.28 73.11 -81.39
CA TYR OG 87 38.59 72.85 -81.97
C TYR OG 87 39.23 71.60 -81.36
N VAL OG 88 38.71 71.14 -80.23
CA VAL OG 88 39.29 69.98 -79.57
C VAL OG 88 38.39 68.76 -79.75
N LEU OG 89 37.12 68.92 -79.53
CA LEU OG 89 36.18 67.82 -79.56
C LEU OG 89 35.53 67.71 -80.94
N PRO OG 90 35.20 66.49 -81.39
CA PRO OG 90 34.57 66.32 -82.70
C PRO OG 90 33.07 66.62 -82.69
N ILE OG 91 32.71 67.85 -82.35
CA ILE OG 91 31.34 68.31 -82.31
C ILE OG 91 31.07 69.43 -83.30
N ARG OG 92 32.00 69.71 -84.19
CA ARG OG 92 31.89 70.89 -85.04
C ARG OG 92 31.26 70.54 -86.39
N TYR OG 93 30.80 71.58 -87.07
CA TYR OG 93 30.26 71.43 -88.41
C TYR OG 93 31.38 71.14 -89.39
N THR OG 94 31.36 69.94 -89.98
CA THR OG 94 32.26 69.61 -91.06
C THR OG 94 31.63 70.00 -92.39
N GLU OG 95 32.45 70.01 -93.45
CA GLU OG 95 31.99 70.56 -94.73
C GLU OG 95 31.10 69.58 -95.49
N GLU OG 96 31.02 68.32 -95.03
CA GLU OG 96 30.11 67.38 -95.66
C GLU OG 96 28.66 67.67 -95.26
N VAL OG 97 28.46 68.30 -94.10
CA VAL OG 97 27.13 68.52 -93.56
C VAL OG 97 26.78 70.00 -93.49
N GLU OG 98 27.44 70.84 -94.28
CA GLU OG 98 27.11 72.26 -94.27
C GLU OG 98 25.85 72.58 -95.08
N GLN OG 99 25.32 71.60 -95.82
CA GLN OG 99 24.07 71.83 -96.54
C GLN OG 99 22.87 71.71 -95.62
N PHE OG 100 23.01 71.00 -94.50
CA PHE OG 100 21.89 70.77 -93.60
C PHE OG 100 21.79 71.79 -92.48
N ARG OG 101 22.75 72.71 -92.37
CA ARG OG 101 22.73 73.71 -91.32
C ARG OG 101 21.66 74.78 -91.57
N ALA PG 2 56.13 73.78 -66.30
CA ALA PG 2 55.41 74.53 -67.32
C ALA PG 2 54.06 75.00 -66.78
N VAL PG 3 53.21 75.47 -67.68
CA VAL PG 3 51.84 75.83 -67.36
C VAL PG 3 51.09 74.56 -66.92
N ALA PG 4 50.30 74.69 -65.84
CA ALA PG 4 49.70 73.54 -65.18
C ALA PG 4 48.70 72.81 -66.08
N VAL PG 5 48.55 71.52 -65.84
CA VAL PG 5 47.72 70.65 -66.66
C VAL PG 5 46.70 69.96 -65.76
N GLY PG 6 45.45 69.96 -66.19
CA GLY PG 6 44.40 69.23 -65.49
C GLY PG 6 43.74 68.24 -66.43
N MET PG 7 43.44 67.07 -65.91
CA MET PG 7 42.83 65.99 -66.68
C MET PG 7 41.60 65.49 -65.95
N ILE PG 8 40.52 65.27 -66.68
CA ILE PG 8 39.35 64.58 -66.17
C ILE PG 8 39.09 63.40 -67.10
N GLU PG 9 39.10 62.19 -66.54
CA GLU PG 9 38.75 60.99 -67.28
C GLU PG 9 37.35 60.56 -66.91
N THR PG 10 36.48 60.44 -67.91
CA THR PG 10 35.12 59.99 -67.70
C THR PG 10 34.87 58.70 -68.46
N LEU PG 11 33.80 58.01 -68.08
CA LEU PG 11 33.31 56.85 -68.81
C LEU PG 11 32.18 57.34 -69.71
N GLY PG 12 32.50 57.62 -70.96
CA GLY PG 12 31.49 58.09 -71.88
C GLY PG 12 31.79 59.42 -72.51
N PHE PG 13 31.39 59.59 -73.76
CA PHE PG 13 31.58 60.83 -74.49
C PHE PG 13 30.61 61.96 -74.16
N PRO PG 14 29.31 61.74 -73.86
CA PRO PG 14 28.51 62.88 -73.37
C PRO PG 14 28.97 63.44 -72.04
N ALA PG 15 29.58 62.63 -71.18
CA ALA PG 15 30.08 63.14 -69.91
C ALA PG 15 31.37 63.93 -70.10
N VAL PG 16 32.14 63.63 -71.14
CA VAL PG 16 33.44 64.26 -71.29
C VAL PG 16 33.31 65.61 -71.98
N VAL PG 17 32.21 65.83 -72.70
CA VAL PG 17 31.97 67.12 -73.32
C VAL PG 17 31.37 68.08 -72.30
N GLU PG 18 30.53 67.57 -71.40
CA GLU PG 18 30.00 68.39 -70.31
C GLU PG 18 31.10 68.72 -69.30
N ALA PG 19 32.03 67.79 -69.09
CA ALA PG 19 33.18 68.09 -68.23
C ALA PG 19 34.09 69.13 -68.87
N ALA PG 20 34.30 69.03 -70.19
CA ALA PG 20 35.14 70.00 -70.86
C ALA PG 20 34.47 71.37 -70.96
N ASP PG 21 33.13 71.38 -71.09
CA ASP PG 21 32.42 72.65 -71.17
C ASP PG 21 32.33 73.33 -69.81
N ALA PG 22 32.24 72.55 -68.74
CA ALA PG 22 32.20 73.14 -67.41
C ALA PG 22 33.57 73.64 -66.99
N MET PG 23 34.63 73.06 -67.55
CA MET PG 23 35.98 73.46 -67.15
C MET PG 23 36.35 74.82 -67.71
N VAL PG 24 36.09 75.03 -68.99
CA VAL PG 24 36.53 76.28 -69.63
C VAL PG 24 35.57 77.42 -69.33
N LYS PG 25 34.41 77.11 -68.75
CA LYS PG 25 33.50 78.17 -68.31
C LYS PG 25 33.78 78.59 -66.88
N ALA PG 26 34.30 77.67 -66.07
CA ALA PG 26 34.48 77.95 -64.65
C ALA PG 26 35.69 78.82 -64.39
N ALA PG 27 36.74 78.69 -65.20
CA ALA PG 27 37.98 79.39 -64.94
C ALA PG 27 38.68 79.70 -66.26
N ARG PG 28 39.86 80.32 -66.15
CA ARG PG 28 40.63 80.74 -67.30
C ARG PG 28 41.60 79.63 -67.70
N VAL PG 29 41.02 78.49 -68.05
CA VAL PG 29 41.79 77.36 -68.57
C VAL PG 29 41.54 77.27 -70.06
N THR PG 30 42.45 76.59 -70.74
CA THR PG 30 42.33 76.33 -72.17
C THR PG 30 42.26 74.82 -72.35
N LEU PG 31 41.12 74.35 -72.88
CA LEU PG 31 41.01 72.97 -73.30
C LEU PG 31 41.91 72.73 -74.50
N VAL PG 32 42.90 71.86 -74.34
CA VAL PG 32 43.87 71.62 -75.39
C VAL PG 32 43.84 70.18 -75.90
N GLY PG 33 43.25 69.25 -75.16
CA GLY PG 33 43.50 67.85 -75.40
C GLY PG 33 42.24 67.02 -75.30
N TYR PG 34 42.27 65.88 -75.97
CA TYR PG 34 41.14 64.96 -76.03
C TYR PG 34 41.72 63.59 -76.34
N GLU PG 35 41.63 62.67 -75.40
CA GLU PG 35 42.35 61.41 -75.49
C GLU PG 35 41.43 60.24 -75.23
N LYS PG 36 41.46 59.28 -76.15
CA LYS PG 36 40.74 58.02 -76.02
C LYS PG 36 41.76 56.91 -75.82
N ILE PG 37 41.60 56.14 -74.76
CA ILE PG 37 42.53 55.08 -74.42
C ILE PG 37 41.86 53.71 -74.40
N GLY PG 38 40.58 53.64 -74.74
CA GLY PG 38 39.87 52.38 -74.76
C GLY PG 38 38.94 52.19 -73.58
N THR PG 39 38.05 51.21 -73.72
CA THR PG 39 36.95 50.87 -72.81
C THR PG 39 36.09 52.07 -72.42
N GLY PG 40 35.88 53.02 -73.33
CA GLY PG 40 35.09 54.19 -73.02
C GLY PG 40 35.74 55.19 -72.11
N ARG PG 41 37.02 54.99 -71.75
CA ARG PG 41 37.74 55.93 -70.91
C ARG PG 41 38.23 57.08 -71.79
N VAL PG 42 37.63 58.25 -71.61
CA VAL PG 42 37.93 59.42 -72.42
C VAL PG 42 38.42 60.53 -71.52
N THR PG 43 39.53 61.16 -71.90
CA THR PG 43 40.18 62.18 -71.08
C THR PG 43 40.22 63.49 -71.85
N VAL PG 44 39.76 64.56 -71.20
CA VAL PG 44 39.96 65.93 -71.68
C VAL PG 44 41.03 66.59 -70.83
N ILE PG 45 41.83 67.44 -71.47
CA ILE PG 45 43.03 68.02 -70.89
C ILE PG 45 42.93 69.53 -70.99
N VAL PG 46 43.01 70.21 -69.85
CA VAL PG 46 43.02 71.67 -69.82
C VAL PG 46 44.38 72.16 -69.38
N ARG PG 47 44.72 73.38 -69.80
CA ARG PG 47 45.95 74.05 -69.39
C ARG PG 47 45.63 75.43 -68.84
N GLY PG 48 46.34 75.81 -67.79
CA GLY PG 48 46.19 77.14 -67.24
C GLY PG 48 47.04 77.30 -66.01
N ASP PG 49 46.81 78.38 -65.28
CA ASP PG 49 47.42 78.53 -63.97
C ASP PG 49 46.80 77.52 -63.01
N VAL PG 50 47.57 77.16 -61.97
CA VAL PG 50 47.20 76.05 -61.10
C VAL PG 50 45.95 76.37 -60.28
N SER PG 51 45.72 77.64 -59.94
CA SER PG 51 44.49 78.01 -59.25
C SER PG 51 43.30 77.93 -60.17
N GLU PG 52 43.50 78.26 -61.45
CA GLU PG 52 42.41 78.14 -62.42
C GLU PG 52 42.19 76.70 -62.82
N VAL PG 53 43.25 75.89 -62.86
CA VAL PG 53 43.10 74.50 -63.24
C VAL PG 53 42.42 73.72 -62.10
N GLN PG 54 42.75 74.05 -60.85
CA GLN PG 54 42.08 73.42 -59.71
C GLN PG 54 40.61 73.81 -59.63
N ALA PG 55 40.29 75.05 -60.00
CA ALA PG 55 38.91 75.51 -59.95
C ALA PG 55 38.09 74.90 -61.08
N SER PG 56 38.73 74.62 -62.21
CA SER PG 56 38.01 74.07 -63.36
C SER PG 56 37.79 72.57 -63.21
N VAL PG 57 38.81 71.84 -62.76
CA VAL PG 57 38.74 70.38 -62.69
C VAL PG 57 37.73 69.95 -61.62
N SER PG 58 37.64 70.71 -60.52
CA SER PG 58 36.62 70.42 -59.53
C SER PG 58 35.22 70.77 -60.05
N ALA PG 59 35.13 71.81 -60.89
CA ALA PG 59 33.83 72.18 -61.44
C ALA PG 59 33.43 71.28 -62.60
N GLY PG 60 34.41 70.78 -63.34
CA GLY PG 60 34.12 69.82 -64.39
C GLY PG 60 33.76 68.45 -63.84
N THR PG 61 34.18 68.15 -62.62
CA THR PG 61 33.79 66.90 -61.98
C THR PG 61 32.35 66.96 -61.49
N GLU PG 62 31.91 68.12 -61.02
CA GLU PG 62 30.56 68.26 -60.50
C GLU PG 62 29.51 68.25 -61.59
N SER PG 63 29.90 68.61 -62.83
CA SER PG 63 28.92 68.69 -63.91
C SER PG 63 28.68 67.35 -64.59
N VAL PG 64 29.52 66.35 -64.30
CA VAL PG 64 29.26 65.01 -64.82
C VAL PG 64 28.08 64.37 -64.09
N LYS PG 65 27.78 64.82 -62.87
CA LYS PG 65 26.58 64.39 -62.17
C LYS PG 65 25.30 64.88 -62.86
N ARG PG 66 25.40 65.97 -63.63
CA ARG PG 66 24.25 66.41 -64.43
C ARG PG 66 23.95 65.43 -65.55
N VAL PG 67 24.98 64.78 -66.09
CA VAL PG 67 24.79 63.84 -67.18
C VAL PG 67 24.28 62.53 -66.62
N ASN PG 68 23.22 62.00 -67.23
CA ASN PG 68 22.75 60.66 -66.89
C ASN PG 68 23.63 59.63 -67.58
N GLY PG 69 24.10 58.65 -66.82
CA GLY PG 69 25.02 57.68 -67.38
C GLY PG 69 26.45 58.18 -67.47
N GLY PG 70 26.74 59.33 -66.89
CA GLY PG 70 28.09 59.88 -66.87
C GLY PG 70 28.76 59.57 -65.54
N GLN PG 71 30.05 59.23 -65.61
CA GLN PG 71 30.80 58.83 -64.43
C GLN PG 71 32.25 59.26 -64.58
N VAL PG 72 32.73 60.06 -63.64
CA VAL PG 72 34.13 60.47 -63.60
C VAL PG 72 34.93 59.28 -63.09
N LEU PG 73 35.93 58.85 -63.87
CA LEU PG 73 36.78 57.75 -63.45
C LEU PG 73 38.00 58.25 -62.68
N SER PG 74 38.66 59.28 -63.20
CA SER PG 74 39.90 59.75 -62.62
C SER PG 74 40.12 61.20 -62.99
N THR PG 75 40.48 62.01 -61.98
CA THR PG 75 40.90 63.38 -62.19
C THR PG 75 42.28 63.56 -61.60
N HIS PG 76 43.07 64.44 -62.21
CA HIS PG 76 44.38 64.79 -61.68
C HIS PG 76 44.79 66.16 -62.17
N ILE PG 77 45.60 66.84 -61.36
CA ILE PG 77 46.15 68.15 -61.65
C ILE PG 77 47.65 68.11 -61.38
N ILE PG 78 48.45 68.49 -62.37
CA ILE PG 78 49.88 68.66 -62.20
C ILE PG 78 50.18 70.15 -62.26
N ALA PG 79 50.73 70.69 -61.17
CA ALA PG 79 50.91 72.13 -61.04
C ALA PG 79 52.01 72.65 -61.95
N ARG PG 80 53.02 71.84 -62.21
CA ARG PG 80 54.16 72.24 -63.03
C ARG PG 80 54.66 71.02 -63.78
N PRO PG 81 54.06 70.71 -64.93
CA PRO PG 81 54.54 69.58 -65.71
C PRO PG 81 55.88 69.87 -66.35
N HIS PG 82 56.69 68.82 -66.46
CA HIS PG 82 57.99 68.92 -67.09
C HIS PG 82 57.85 69.21 -68.58
N GLU PG 83 58.88 69.81 -69.16
CA GLU PG 83 58.86 70.18 -70.57
C GLU PG 83 58.94 68.97 -71.49
N ASN PG 84 59.38 67.82 -70.97
CA ASN PG 84 59.39 66.58 -71.74
C ASN PG 84 57.99 66.07 -72.03
N LEU PG 85 57.01 66.46 -71.22
CA LEU PG 85 55.68 65.87 -71.31
C LEU PG 85 54.90 66.39 -72.49
N GLU PG 86 55.13 67.63 -72.91
CA GLU PG 86 54.35 68.20 -74.00
C GLU PG 86 54.80 67.67 -75.36
N TYR PG 87 55.99 67.08 -75.43
CA TYR PG 87 56.48 66.57 -76.70
C TYR PG 87 56.12 65.11 -76.88
N VAL PG 88 55.66 64.45 -75.82
CA VAL PG 88 55.25 63.04 -75.92
C VAL PG 88 53.76 62.91 -75.70
N LEU PG 89 53.27 63.40 -74.60
CA LEU PG 89 51.87 63.28 -74.25
C LEU PG 89 51.06 64.41 -74.88
N PRO PG 90 49.80 64.18 -75.25
CA PRO PG 90 48.97 65.23 -75.87
C PRO PG 90 48.39 66.21 -74.85
N ILE PG 91 49.27 66.90 -74.14
CA ILE PG 91 48.89 67.95 -73.21
C ILE PG 91 49.34 69.32 -73.65
N ARG PG 92 49.84 69.45 -74.88
CA ARG PG 92 50.42 70.71 -75.32
C ARG PG 92 49.37 71.59 -75.99
N TYR PG 93 49.68 72.89 -76.04
CA TYR PG 93 48.86 73.81 -76.81
C TYR PG 93 49.06 73.56 -78.29
N THR PG 94 48.02 73.08 -78.95
CA THR PG 94 48.04 73.00 -80.41
C THR PG 94 47.74 74.37 -81.00
N GLU PG 95 47.94 74.50 -82.30
CA GLU PG 95 47.81 75.81 -82.94
C GLU PG 95 46.36 76.21 -83.13
N GLU PG 96 45.42 75.27 -82.96
CA GLU PG 96 44.01 75.61 -83.08
C GLU PG 96 43.50 76.31 -81.83
N VAL PG 97 44.12 76.04 -80.68
CA VAL PG 97 43.62 76.52 -79.40
C VAL PG 97 44.45 77.69 -78.87
N GLU PG 98 45.28 78.32 -79.71
CA GLU PG 98 46.07 79.44 -79.24
C GLU PG 98 45.27 80.73 -79.17
N GLN PG 99 44.06 80.76 -79.72
CA GLN PG 99 43.20 81.92 -79.57
C GLN PG 99 42.54 81.96 -78.19
N PHE PG 100 42.55 80.85 -77.47
CA PHE PG 100 41.92 80.74 -76.17
C PHE PG 100 42.92 80.75 -75.02
N ARG PG 101 44.21 80.87 -75.30
CA ARG PG 101 45.23 80.87 -74.26
C ARG PG 101 45.24 82.17 -73.49
N ALA QG 2 6.73 89.07 -74.01
CA ALA QG 2 7.81 89.13 -74.99
C ALA QG 2 8.67 87.88 -74.90
N VAL QG 3 9.86 88.01 -74.32
CA VAL QG 3 10.71 86.86 -74.07
C VAL QG 3 10.24 86.15 -72.82
N ALA QG 4 10.69 84.91 -72.63
CA ALA QG 4 10.27 84.12 -71.49
C ALA QG 4 10.90 84.63 -70.20
N VAL QG 5 10.39 84.16 -69.07
CA VAL QG 5 10.92 84.52 -67.77
C VAL QG 5 11.13 83.24 -66.96
N GLY QG 6 12.29 83.11 -66.35
CA GLY QG 6 12.59 81.99 -65.48
C GLY QG 6 13.01 82.47 -64.12
N MET QG 7 12.63 81.72 -63.10
CA MET QG 7 12.89 82.08 -61.71
C MET QG 7 13.44 80.86 -60.98
N ILE QG 8 14.49 81.06 -60.20
CA ILE QG 8 14.97 80.08 -59.25
C ILE QG 8 15.00 80.74 -57.89
N GLU QG 9 14.25 80.17 -56.94
CA GLU QG 9 14.28 80.65 -55.57
C GLU QG 9 15.12 79.70 -54.72
N THR QG 10 16.11 80.25 -54.03
CA THR QG 10 16.96 79.48 -53.14
C THR QG 10 16.83 79.99 -51.73
N LEU QG 11 17.25 79.16 -50.79
CA LEU QG 11 17.40 79.57 -49.39
C LEU QG 11 18.86 79.96 -49.21
N GLY QG 12 19.12 81.26 -49.17
CA GLY QG 12 20.47 81.74 -49.00
C GLY QG 12 21.02 82.50 -50.18
N PHE QG 13 21.84 83.50 -49.89
CA PHE QG 13 22.48 84.32 -50.92
C PHE QG 13 23.69 83.68 -51.62
N PRO QG 14 24.57 82.89 -50.97
CA PRO QG 14 25.59 82.19 -51.77
C PRO QG 14 25.02 81.15 -52.73
N ALA QG 15 23.84 80.61 -52.44
CA ALA QG 15 23.23 79.65 -53.35
C ALA QG 15 22.58 80.37 -54.54
N VAL QG 16 22.20 81.63 -54.37
CA VAL QG 16 21.46 82.31 -55.42
C VAL QG 16 22.42 82.98 -56.40
N VAL QG 17 23.68 83.17 -56.00
CA VAL QG 17 24.68 83.70 -56.92
C VAL QG 17 25.26 82.57 -57.76
N GLU QG 18 25.40 81.38 -57.17
CA GLU QG 18 25.79 80.20 -57.95
C GLU QG 18 24.69 79.78 -58.90
N ALA QG 19 23.42 79.92 -58.49
CA ALA QG 19 22.31 79.66 -59.39
C ALA QG 19 22.27 80.67 -60.53
N ALA QG 20 22.53 81.94 -60.24
CA ALA QG 20 22.51 82.97 -61.27
C ALA QG 20 23.69 82.84 -62.20
N ASP QG 21 24.86 82.45 -61.68
CA ASP QG 21 26.04 82.27 -62.52
C ASP QG 21 25.91 81.04 -63.41
N ALA QG 22 25.21 80.02 -62.94
CA ALA QG 22 25.03 78.82 -63.75
C ALA QG 22 24.03 79.04 -64.85
N MET QG 23 23.09 79.98 -64.67
CA MET QG 23 22.07 80.20 -65.70
C MET QG 23 22.63 80.95 -66.90
N VAL QG 24 23.39 82.03 -66.66
CA VAL QG 24 23.82 82.85 -67.77
C VAL QG 24 25.03 82.23 -68.47
N LYS QG 25 25.65 81.22 -67.86
CA LYS QG 25 26.69 80.49 -68.54
C LYS QG 25 26.13 79.35 -69.39
N ALA QG 26 25.01 78.77 -68.95
CA ALA QG 26 24.49 77.59 -69.63
C ALA QG 26 23.80 77.93 -70.93
N ALA QG 27 23.08 79.06 -70.98
CA ALA QG 27 22.30 79.40 -72.15
C ALA QG 27 22.29 80.90 -72.34
N ARG QG 28 21.64 81.35 -73.42
CA ARG QG 28 21.57 82.75 -73.79
C ARG QG 28 20.39 83.41 -73.08
N VAL QG 29 20.53 83.53 -71.76
CA VAL QG 29 19.55 84.22 -70.94
C VAL QG 29 20.21 85.45 -70.34
N THR QG 30 19.38 86.43 -70.01
CA THR QG 30 19.83 87.65 -69.36
C THR QG 30 19.30 87.66 -67.94
N LEU QG 31 20.19 87.62 -66.96
CA LEU QG 31 19.82 87.85 -65.58
C LEU QG 31 19.40 89.32 -65.42
N VAL QG 32 18.13 89.54 -65.11
CA VAL QG 32 17.60 90.89 -65.04
C VAL QG 32 17.20 91.29 -63.63
N GLY QG 33 17.00 90.35 -62.73
CA GLY QG 33 16.32 90.65 -61.49
C GLY QG 33 16.87 89.85 -60.33
N TYR QG 34 16.48 90.30 -59.14
CA TYR QG 34 17.01 89.79 -57.88
C TYR QG 34 16.02 90.19 -56.80
N GLU QG 35 15.38 89.22 -56.16
CA GLU QG 35 14.22 89.50 -55.32
C GLU QG 35 14.36 88.80 -53.98
N LYS QG 36 14.14 89.56 -52.91
CA LYS QG 36 14.14 89.03 -51.55
C LYS QG 36 12.74 89.21 -50.97
N ILE QG 37 12.14 88.13 -50.49
CA ILE QG 37 10.80 88.15 -49.96
C ILE QG 37 10.75 87.82 -48.47
N GLY QG 38 11.90 87.55 -47.86
CA GLY QG 38 11.95 87.18 -46.47
C GLY QG 38 12.15 85.69 -46.26
N THR QG 39 12.42 85.33 -45.00
CA THR QG 39 12.89 84.00 -44.55
C THR QG 39 14.05 83.46 -45.37
N GLY QG 40 14.96 84.32 -45.81
CA GLY QG 40 16.09 83.89 -46.61
C GLY QG 40 15.75 83.42 -48.01
N ARG QG 41 14.49 83.56 -48.44
CA ARG QG 41 14.06 83.11 -49.75
C ARG QG 41 14.43 84.16 -50.78
N VAL QG 42 15.42 83.87 -51.60
CA VAL QG 42 15.98 84.83 -52.54
C VAL QG 42 15.77 84.27 -53.95
N THR QG 43 15.26 85.11 -54.84
CA THR QG 43 14.89 84.70 -56.19
C THR QG 43 15.69 85.52 -57.21
N VAL QG 44 16.26 84.84 -58.19
CA VAL QG 44 16.87 85.49 -59.35
C VAL QG 44 16.01 85.23 -60.57
N ILE QG 45 15.94 86.23 -61.45
CA ILE QG 45 15.03 86.22 -62.59
C ILE QG 45 15.86 86.35 -63.86
N VAL QG 46 15.67 85.40 -64.78
CA VAL QG 46 16.33 85.45 -66.08
C VAL QG 46 15.30 85.64 -67.17
N ARG QG 47 15.71 86.29 -68.25
CA ARG QG 47 14.87 86.50 -69.42
C ARG QG 47 15.57 85.94 -70.64
N GLY QG 48 14.80 85.37 -71.56
CA GLY QG 48 15.36 84.84 -72.78
C GLY QG 48 14.29 84.09 -73.54
N ASP QG 49 14.73 83.32 -74.52
CA ASP QG 49 13.81 82.40 -75.18
C ASP QG 49 13.45 81.27 -74.22
N VAL QG 50 12.29 80.66 -74.46
CA VAL QG 50 11.77 79.65 -73.55
C VAL QG 50 12.63 78.40 -73.54
N SER QG 51 13.29 78.09 -74.67
CA SER QG 51 14.24 76.99 -74.69
C SER QG 51 15.54 77.37 -73.98
N GLU QG 52 15.94 78.63 -74.11
CA GLU QG 52 17.12 79.11 -73.40
C GLU QG 52 16.86 79.17 -71.90
N VAL QG 53 15.65 79.57 -71.52
CA VAL QG 53 15.32 79.70 -70.10
C VAL QG 53 15.19 78.32 -69.46
N GLN QG 54 14.64 77.35 -70.19
CA GLN QG 54 14.50 75.99 -69.67
C GLN QG 54 15.85 75.33 -69.45
N ALA QG 55 16.80 75.59 -70.35
CA ALA QG 55 18.13 75.00 -70.20
C ALA QG 55 18.90 75.68 -69.07
N SER QG 56 18.66 76.96 -68.83
CA SER QG 56 19.39 77.68 -67.79
C SER QG 56 18.82 77.36 -66.41
N VAL QG 57 17.49 77.32 -66.29
CA VAL QG 57 16.85 77.08 -65.01
C VAL QG 57 17.12 75.65 -64.54
N SER QG 58 17.20 74.72 -65.47
CA SER QG 58 17.57 73.35 -65.12
C SER QG 58 19.03 73.28 -64.68
N ALA QG 59 19.92 74.00 -65.38
CA ALA QG 59 21.34 73.97 -65.04
C ALA QG 59 21.62 74.76 -63.77
N GLY QG 60 20.84 75.81 -63.51
CA GLY QG 60 20.97 76.54 -62.26
C GLY QG 60 20.46 75.77 -61.06
N THR QG 61 19.62 74.77 -61.30
CA THR QG 61 19.06 73.99 -60.19
C THR QG 61 20.08 73.02 -59.61
N GLU QG 62 20.81 72.29 -60.47
CA GLU QG 62 21.76 71.32 -59.94
C GLU QG 62 23.05 71.99 -59.45
N SER QG 63 23.27 73.26 -59.80
CA SER QG 63 24.45 73.95 -59.31
C SER QG 63 24.30 74.42 -57.87
N VAL QG 64 23.07 74.49 -57.36
CA VAL QG 64 22.87 74.80 -55.95
C VAL QG 64 23.23 73.59 -55.10
N LYS QG 65 23.14 72.39 -55.67
CA LYS QG 65 23.50 71.16 -54.96
C LYS QG 65 24.98 71.08 -54.62
N ARG QG 66 25.83 71.81 -55.34
CA ARG QG 66 27.25 71.88 -55.00
C ARG QG 66 27.53 72.93 -53.92
N VAL QG 67 26.58 73.81 -53.63
CA VAL QG 67 26.73 74.78 -52.56
C VAL QG 67 26.26 74.13 -51.26
N ASN QG 68 27.16 74.03 -50.29
CA ASN QG 68 26.82 73.49 -48.97
C ASN QG 68 26.22 74.62 -48.13
N GLY QG 69 24.95 74.47 -47.78
CA GLY QG 69 24.24 75.47 -47.02
C GLY QG 69 23.08 76.12 -47.73
N GLY QG 70 22.88 75.82 -49.01
CA GLY QG 70 21.76 76.37 -49.75
C GLY QG 70 21.04 75.28 -50.52
N GLN QG 71 19.75 75.51 -50.74
CA GLN QG 71 18.91 74.56 -51.44
C GLN QG 71 17.94 75.32 -52.33
N VAL QG 72 17.46 74.66 -53.37
CA VAL QG 72 16.46 75.24 -54.27
C VAL QG 72 15.09 75.06 -53.61
N LEU QG 73 14.38 76.16 -53.42
CA LEU QG 73 13.05 76.08 -52.83
C LEU QG 73 11.99 75.95 -53.92
N SER QG 74 12.09 76.75 -54.97
CA SER QG 74 11.09 76.75 -56.02
C SER QG 74 11.71 77.24 -57.31
N THR QG 75 11.29 76.62 -58.42
CA THR QG 75 11.67 77.05 -59.75
C THR QG 75 10.41 77.14 -60.61
N HIS QG 76 10.41 78.09 -61.54
CA HIS QG 76 9.32 78.21 -62.48
C HIS QG 76 9.78 78.88 -63.76
N ILE QG 77 9.11 78.54 -64.85
CA ILE QG 77 9.38 79.07 -66.19
C ILE QG 77 8.04 79.45 -66.80
N ILE QG 78 7.93 80.69 -67.27
CA ILE QG 78 6.76 81.16 -68.00
C ILE QG 78 7.19 81.49 -69.42
N ALA QG 79 6.54 80.85 -70.41
CA ALA QG 79 7.02 80.89 -71.79
C ALA QG 79 6.86 82.28 -72.40
N ARG QG 80 5.77 82.97 -72.07
CA ARG QG 80 5.55 84.34 -72.54
C ARG QG 80 4.66 85.02 -71.51
N PRO QG 81 5.24 85.80 -70.60
CA PRO QG 81 4.43 86.48 -69.59
C PRO QG 81 3.59 87.59 -70.18
N HIS QG 82 2.53 87.92 -69.46
CA HIS QG 82 1.69 89.05 -69.82
C HIS QG 82 2.46 90.34 -69.61
N GLU QG 83 2.12 91.36 -70.39
CA GLU QG 83 2.80 92.65 -70.25
C GLU QG 83 2.30 93.41 -69.02
N ASN QG 84 1.22 92.95 -68.40
CA ASN QG 84 0.81 93.47 -67.09
C ASN QG 84 1.83 93.12 -66.01
N LEU QG 85 2.50 91.98 -66.15
CA LEU QG 85 3.46 91.55 -65.13
C LEU QG 85 4.74 92.36 -65.16
N GLU QG 86 5.04 93.00 -66.29
CA GLU QG 86 6.30 93.73 -66.42
C GLU QG 86 6.29 95.02 -65.60
N TYR QG 87 5.11 95.58 -65.37
CA TYR QG 87 5.02 96.85 -64.65
C TYR QG 87 4.85 96.62 -63.15
N VAL QG 88 4.30 95.48 -62.75
CA VAL QG 88 4.05 95.23 -61.34
C VAL QG 88 5.18 94.42 -60.73
N LEU QG 89 5.53 93.33 -61.37
CA LEU QG 89 6.54 92.43 -60.87
C LEU QG 89 7.92 92.79 -61.42
N PRO QG 90 8.98 92.62 -60.62
CA PRO QG 90 10.34 92.99 -61.08
C PRO QG 90 10.98 91.92 -61.97
N ILE QG 91 10.36 91.67 -63.11
CA ILE QG 91 10.86 90.72 -64.09
C ILE QG 91 11.25 91.39 -65.40
N ARG QG 92 11.29 92.72 -65.44
CA ARG QG 92 11.54 93.42 -66.68
C ARG QG 92 13.04 93.69 -66.84
N TYR QG 93 13.40 94.02 -68.08
CA TYR QG 93 14.77 94.42 -68.37
C TYR QG 93 15.05 95.80 -67.80
N THR QG 94 16.09 95.90 -66.99
CA THR QG 94 16.56 97.21 -66.54
C THR QG 94 17.54 97.76 -67.57
N GLU QG 95 17.87 99.05 -67.41
CA GLU QG 95 18.78 99.70 -68.34
C GLU QG 95 20.23 99.29 -68.11
N GLU QG 96 20.52 98.67 -66.97
CA GLU QG 96 21.89 98.24 -66.69
C GLU QG 96 22.21 96.94 -67.42
N VAL QG 97 21.19 96.17 -67.78
CA VAL QG 97 21.39 94.84 -68.34
C VAL QG 97 20.97 94.76 -69.81
N GLU QG 98 20.82 95.91 -70.48
CA GLU QG 98 20.49 95.88 -71.89
C GLU QG 98 21.68 95.50 -72.77
N GLN QG 99 22.89 95.56 -72.22
CA GLN QG 99 24.07 95.14 -72.97
C GLN QG 99 24.19 93.63 -73.05
N PHE QG 100 23.49 92.91 -72.18
CA PHE QG 100 23.52 91.45 -72.17
C PHE QG 100 22.32 90.82 -72.86
N ARG QG 101 21.41 91.63 -73.40
CA ARG QG 101 20.21 91.11 -74.04
C ARG QG 101 20.51 90.53 -75.42
N MET RG 1 -8.28 55.20 -90.10
CA MET RG 1 -7.05 55.91 -90.41
C MET RG 1 -7.22 56.81 -91.63
N GLN RG 2 -6.32 57.78 -91.74
CA GLN RG 2 -6.24 58.65 -92.90
C GLN RG 2 -4.84 58.57 -93.48
N MET RG 3 -4.72 58.77 -94.78
CA MET RG 3 -3.44 58.89 -95.42
C MET RG 3 -2.98 60.34 -95.35
N ALA RG 4 -1.74 60.53 -94.91
CA ALA RG 4 -1.20 61.87 -94.75
C ALA RG 4 0.24 61.89 -95.22
N LYS RG 5 0.70 63.06 -95.63
CA LYS RG 5 2.07 63.30 -96.03
C LYS RG 5 2.77 64.11 -94.96
N VAL RG 6 3.98 63.68 -94.58
CA VAL RG 6 4.77 64.38 -93.56
C VAL RG 6 5.29 65.67 -94.18
N CYS RG 7 4.75 66.81 -93.72
CA CYS RG 7 5.19 68.08 -94.26
C CYS RG 7 6.15 68.80 -93.34
N GLY RG 8 6.18 68.45 -92.07
CA GLY RG 8 7.15 69.06 -91.19
C GLY RG 8 7.04 68.59 -89.76
N THR RG 9 7.70 69.34 -88.88
CA THR RG 9 7.77 69.04 -87.46
C THR RG 9 7.26 70.22 -86.66
N VAL RG 10 6.69 69.92 -85.50
CA VAL RG 10 6.26 70.92 -84.53
C VAL RG 10 7.01 70.68 -83.24
N VAL RG 11 7.73 71.69 -82.78
CA VAL RG 11 8.49 71.61 -81.53
C VAL RG 11 7.83 72.53 -80.52
N GLY RG 12 7.44 71.98 -79.38
CA GLY RG 12 6.97 72.79 -78.28
C GLY RG 12 7.79 72.51 -77.03
N THR RG 13 8.35 73.55 -76.42
CA THR RG 13 9.15 73.37 -75.22
C THR RG 13 8.32 73.49 -73.95
N GLN RG 14 7.36 74.41 -73.93
CA GLN RG 14 6.47 74.60 -72.79
C GLN RG 14 5.23 73.75 -73.01
N LYS RG 15 5.18 72.60 -72.37
CA LYS RG 15 4.14 71.61 -72.63
C LYS RG 15 3.83 70.87 -71.34
N LEU RG 16 2.93 69.89 -71.45
CA LEU RG 16 2.62 69.02 -70.33
C LEU RG 16 3.78 68.05 -70.09
N PRO RG 17 3.98 67.61 -68.84
CA PRO RG 17 5.05 66.64 -68.57
C PRO RG 17 4.83 65.29 -69.23
N SER RG 18 3.58 64.92 -69.49
CA SER RG 18 3.28 63.68 -70.18
C SER RG 18 3.46 63.79 -71.69
N MET RG 19 3.70 65.00 -72.19
CA MET RG 19 4.01 65.20 -73.60
C MET RG 19 5.51 65.18 -73.88
N THR RG 20 6.33 64.79 -72.89
CA THR RG 20 7.77 64.82 -73.06
C THR RG 20 8.25 63.54 -73.76
N GLY RG 21 9.08 63.71 -74.78
CA GLY RG 21 9.56 62.61 -75.57
C GLY RG 21 8.68 62.25 -76.75
N VAL RG 22 7.53 62.90 -76.90
CA VAL RG 22 6.61 62.66 -77.99
C VAL RG 22 7.07 63.48 -79.18
N LYS RG 23 7.40 62.80 -80.28
CA LYS RG 23 7.82 63.47 -81.50
C LYS RG 23 6.57 63.89 -82.27
N LEU RG 24 6.48 65.18 -82.57
CA LEU RG 24 5.28 65.76 -83.16
C LEU RG 24 5.53 66.11 -84.62
N LEU RG 25 4.77 65.47 -85.51
CA LEU RG 25 4.89 65.68 -86.95
C LEU RG 25 3.69 66.45 -87.47
N LEU RG 26 3.97 67.44 -88.32
CA LEU RG 26 2.95 68.17 -89.04
C LEU RG 26 2.64 67.40 -90.31
N LEU RG 27 1.46 66.81 -90.39
CA LEU RG 27 1.06 65.98 -91.50
C LEU RG 27 -0.10 66.63 -92.24
N GLN RG 28 0.07 66.85 -93.54
CA GLN RG 28 -1.03 67.30 -94.39
C GLN RG 28 -1.73 66.08 -94.98
N PHE RG 29 -3.06 66.11 -94.96
CA PHE RG 29 -3.82 64.98 -95.46
C PHE RG 29 -3.83 64.97 -96.98
N ILE RG 30 -3.74 63.76 -97.54
CA ILE RG 30 -3.81 63.55 -98.97
C ILE RG 30 -5.08 62.77 -99.27
N ASP RG 31 -5.65 62.97 -100.45
CA ASP RG 31 -6.91 62.33 -100.76
C ASP RG 31 -6.69 60.90 -101.25
N ALA RG 32 -7.77 60.27 -101.69
CA ALA RG 32 -7.68 58.90 -102.20
C ALA RG 32 -6.98 58.85 -103.56
N ASN RG 33 -6.94 59.96 -104.28
CA ASN RG 33 -6.26 59.99 -105.57
C ASN RG 33 -4.81 60.44 -105.44
N GLY RG 34 -4.43 60.98 -104.29
CA GLY RG 34 -3.05 61.33 -104.03
C GLY RG 34 -2.72 62.81 -103.96
N GLU RG 35 -3.69 63.70 -104.15
CA GLU RG 35 -3.45 65.13 -104.08
C GLU RG 35 -3.60 65.63 -102.65
N LEU RG 36 -2.91 66.73 -102.36
CA LEU RG 36 -2.89 67.27 -101.00
C LEU RG 36 -4.20 67.98 -100.69
N LEU RG 37 -4.84 67.57 -99.60
CA LEU RG 37 -6.05 68.23 -99.13
C LEU RG 37 -5.67 69.45 -98.28
N PRO RG 38 -6.53 70.48 -98.25
CA PRO RG 38 -6.29 71.62 -97.34
C PRO RG 38 -6.73 71.32 -95.90
N LYS RG 39 -6.13 70.29 -95.32
CA LYS RG 39 -6.44 69.85 -93.97
C LYS RG 39 -5.20 69.16 -93.43
N TYR RG 40 -4.84 69.48 -92.19
CA TYR RG 40 -3.63 68.99 -91.58
C TYR RG 40 -3.92 68.34 -90.25
N GLU RG 41 -2.86 67.82 -89.63
CA GLU RG 41 -2.90 67.25 -88.30
C GLU RG 41 -1.50 67.33 -87.70
N VAL RG 42 -1.44 67.37 -86.38
CA VAL RG 42 -0.19 67.18 -85.66
C VAL RG 42 -0.33 65.88 -84.90
N ALA RG 43 0.55 64.93 -85.18
CA ALA RG 43 0.42 63.59 -84.64
C ALA RG 43 1.72 63.13 -84.00
N ALA RG 44 1.58 62.26 -83.02
CA ALA RG 44 2.73 61.55 -82.46
C ALA RG 44 3.28 60.56 -83.49
N ASP RG 45 4.58 60.30 -83.42
CA ASP RG 45 5.27 59.49 -84.42
C ASP RG 45 6.11 58.43 -83.72
N PRO RG 46 5.52 57.28 -83.35
CA PRO RG 46 6.34 56.18 -82.85
C PRO RG 46 7.06 55.42 -83.95
N VAL RG 47 6.43 55.28 -85.11
CA VAL RG 47 7.04 54.68 -86.29
C VAL RG 47 7.81 55.79 -86.99
N GLY RG 48 9.13 55.68 -87.01
CA GLY RG 48 9.98 56.82 -87.35
C GLY RG 48 9.83 57.25 -88.80
N ALA RG 49 9.18 58.38 -89.02
CA ALA RG 49 8.82 58.85 -90.36
C ALA RG 49 9.44 60.22 -90.59
N GLY RG 50 10.05 60.39 -91.76
CA GLY RG 50 10.68 61.64 -92.13
C GLY RG 50 9.84 62.43 -93.13
N LEU RG 51 10.37 63.59 -93.49
CA LEU RG 51 9.63 64.55 -94.29
C LEU RG 51 9.47 64.06 -95.72
N GLY RG 52 8.24 64.16 -96.23
CA GLY RG 52 7.90 63.67 -97.54
C GLY RG 52 7.25 62.31 -97.56
N GLU RG 53 7.29 61.58 -96.44
CA GLU RG 53 6.79 60.22 -96.41
C GLU RG 53 5.27 60.19 -96.35
N TRP RG 54 4.69 59.11 -96.84
CA TRP RG 54 3.27 58.85 -96.75
C TRP RG 54 3.02 57.98 -95.52
N VAL RG 55 2.13 58.44 -94.64
CA VAL RG 55 1.88 57.76 -93.39
C VAL RG 55 0.39 57.52 -93.24
N LEU RG 56 0.06 56.52 -92.43
CA LEU RG 56 -1.30 56.33 -91.94
C LEU RG 56 -1.38 56.91 -90.53
N VAL RG 57 -2.31 57.82 -90.32
CA VAL RG 57 -2.51 58.46 -89.03
C VAL RG 57 -3.92 58.16 -88.56
N ASN RG 58 -4.05 57.75 -87.30
CA ASN RG 58 -5.36 57.53 -86.71
C ASN RG 58 -5.79 58.76 -85.93
N ARG RG 59 -7.00 58.71 -85.39
CA ARG RG 59 -7.55 59.84 -84.66
C ARG RG 59 -8.22 59.32 -83.41
N GLY RG 60 -8.24 60.17 -82.37
CA GLY RG 60 -9.01 59.87 -81.19
C GLY RG 60 -8.31 59.01 -80.17
N SER RG 61 -9.06 58.14 -79.51
CA SER RG 61 -8.53 57.30 -78.45
C SER RG 61 -7.68 56.15 -78.96
N ALA RG 62 -7.64 55.94 -80.29
CA ALA RG 62 -6.76 54.95 -80.88
C ALA RG 62 -5.30 55.37 -80.82
N ALA RG 63 -5.02 56.65 -80.62
CA ALA RG 63 -3.66 57.13 -80.46
C ALA RG 63 -3.04 56.74 -79.14
N ARG RG 64 -3.85 56.26 -78.19
CA ARG RG 64 -3.40 55.89 -76.86
C ARG RG 64 -3.36 54.38 -76.65
N GLN RG 65 -3.15 53.61 -77.70
CA GLN RG 65 -3.21 52.15 -77.62
C GLN RG 65 -1.86 51.47 -77.71
N THR RG 66 -0.79 52.22 -77.97
CA THR RG 66 0.52 51.64 -78.24
C THR RG 66 1.37 51.43 -76.99
N GLU RG 67 0.72 51.41 -75.82
CA GLU RG 67 1.22 51.05 -74.49
C GLU RG 67 2.34 51.96 -73.95
N TYR RG 68 2.81 52.92 -74.73
CA TYR RG 68 3.60 54.02 -74.18
C TYR RG 68 2.96 55.37 -74.46
N HIS RG 69 1.76 55.39 -75.02
CA HIS RG 69 0.96 56.61 -75.18
C HIS RG 69 -0.33 56.53 -74.39
N GLN RG 70 -0.39 55.65 -73.37
CA GLN RG 70 -1.67 55.25 -72.79
C GLN RG 70 -2.29 56.37 -71.96
N ASN RG 71 -1.49 57.05 -71.15
CA ASN RG 71 -2.00 58.13 -70.30
C ASN RG 71 -1.52 59.48 -70.80
N ARG RG 72 -1.13 59.56 -72.06
CA ARG RG 72 -0.65 60.74 -72.75
C ARG RG 72 -1.80 61.43 -73.48
N PRO RG 73 -1.85 62.76 -73.44
CA PRO RG 73 -2.97 63.50 -74.06
C PRO RG 73 -2.80 63.64 -75.57
N LEU RG 74 -2.91 62.51 -76.27
CA LEU RG 74 -2.69 62.44 -77.70
C LEU RG 74 -3.98 62.00 -78.39
N ASP RG 75 -4.33 62.68 -79.47
CA ASP RG 75 -5.52 62.31 -80.25
C ASP RG 75 -5.18 62.03 -81.71
N ALA RG 76 -3.91 61.87 -82.05
CA ALA RG 76 -3.48 61.54 -83.39
C ALA RG 76 -2.11 60.89 -83.30
N MET RG 77 -1.88 59.89 -84.16
CA MET RG 77 -0.66 59.10 -84.08
C MET RG 77 -0.41 58.44 -85.43
N VAL RG 78 0.83 58.55 -85.91
CA VAL RG 78 1.24 57.79 -87.08
C VAL RG 78 1.35 56.32 -86.68
N VAL RG 79 0.55 55.47 -87.31
CA VAL RG 79 0.58 54.05 -87.00
C VAL RG 79 1.36 53.24 -88.02
N ALA RG 80 1.56 53.76 -89.22
CA ALA RG 80 2.23 53.02 -90.28
C ALA RG 80 2.84 54.00 -91.26
N ILE RG 81 4.00 53.63 -91.79
CA ILE RG 81 4.56 54.28 -92.97
C ILE RG 81 4.02 53.52 -94.18
N ILE RG 82 3.41 54.24 -95.10
CA ILE RG 82 2.79 53.60 -96.26
C ILE RG 82 3.88 53.12 -97.21
N ASP RG 83 3.85 51.82 -97.51
CA ASP RG 83 4.71 51.26 -98.54
C ASP RG 83 4.11 51.45 -99.92
N THR RG 84 2.87 51.02 -100.12
CA THR RG 84 2.24 51.10 -101.43
C THR RG 84 0.73 51.25 -101.26
N VAL RG 85 0.13 52.01 -102.17
CA VAL RG 85 -1.31 52.16 -102.26
C VAL RG 85 -1.75 51.69 -103.63
N THR RG 86 -2.61 50.68 -103.66
CA THR RG 86 -3.15 50.14 -104.89
C THR RG 86 -4.62 50.53 -104.98
N VAL RG 87 -4.98 51.29 -106.01
CA VAL RG 87 -6.36 51.74 -106.22
C VAL RG 87 -6.85 51.14 -107.52
N ASN RG 88 -7.92 50.33 -107.45
CA ASN RG 88 -8.56 49.66 -108.58
C ASN RG 88 -7.57 48.79 -109.35
N ASN RG 89 -6.79 48.00 -108.60
CA ASN RG 89 -5.70 47.12 -109.05
C ASN RG 89 -4.57 47.87 -109.75
N ARG RG 90 -4.49 49.18 -109.59
CA ARG RG 90 -3.42 50.00 -110.15
C ARG RG 90 -2.65 50.63 -109.00
N ARG RG 91 -1.33 50.50 -109.04
CA ARG RG 91 -0.48 51.05 -107.99
C ARG RG 91 -0.46 52.57 -108.06
N LEU RG 92 -0.99 53.21 -107.02
CA LEU RG 92 -0.98 54.66 -106.90
C LEU RG 92 0.31 55.20 -106.30
N TYR RG 93 0.88 54.48 -105.33
CA TYR RG 93 2.06 54.95 -104.61
C TYR RG 93 3.01 53.78 -104.43
N GLY RG 94 4.30 54.08 -104.43
CA GLY RG 94 5.31 53.07 -104.20
C GLY RG 94 5.76 52.37 -105.47
N ALA SG 2 82.86 -17.67 -77.09
CA ALA SG 2 83.24 -16.67 -78.09
C ALA SG 2 83.16 -15.26 -77.51
N VAL SG 3 83.07 -14.28 -78.41
CA VAL SG 3 82.90 -12.88 -78.02
C VAL SG 3 81.55 -12.70 -77.34
N ALA SG 4 81.52 -11.91 -76.26
CA ALA SG 4 80.36 -11.82 -75.38
C ALA SG 4 79.14 -11.24 -76.08
N VAL SG 5 77.96 -11.70 -75.65
CA VAL SG 5 76.69 -11.28 -76.21
C VAL SG 5 75.94 -10.49 -75.16
N GLY SG 6 75.39 -9.35 -75.56
CA GLY SG 6 74.47 -8.61 -74.72
C GLY SG 6 73.14 -8.45 -75.44
N MET SG 7 72.06 -8.59 -74.67
CA MET SG 7 70.72 -8.50 -75.21
C MET SG 7 69.88 -7.62 -74.31
N ILE SG 8 69.14 -6.69 -74.90
CA ILE SG 8 68.13 -5.92 -74.19
C ILE SG 8 66.82 -6.10 -74.94
N GLU SG 9 65.82 -6.67 -74.26
CA GLU SG 9 64.50 -6.83 -74.82
C GLU SG 9 63.59 -5.74 -74.29
N THR SG 10 63.00 -4.97 -75.21
CA THR SG 10 62.09 -3.90 -74.84
C THR SG 10 60.71 -4.17 -75.45
N LEU SG 11 59.71 -3.52 -74.87
CA LEU SG 11 58.35 -3.53 -75.40
C LEU SG 11 58.17 -2.23 -76.18
N GLY SG 12 58.41 -2.29 -77.48
CA GLY SG 12 58.31 -1.11 -78.31
C GLY SG 12 59.55 -0.80 -79.10
N PHE SG 13 59.37 -0.27 -80.30
CA PHE SG 13 60.46 0.09 -81.20
C PHE SG 13 61.19 1.41 -80.87
N PRO SG 14 60.54 2.49 -80.39
CA PRO SG 14 61.35 3.61 -79.89
C PRO SG 14 62.21 3.27 -78.68
N ALA SG 15 61.79 2.31 -77.86
CA ALA SG 15 62.59 1.92 -76.72
C ALA SG 15 63.78 1.05 -77.12
N VAL SG 16 63.66 0.34 -78.25
CA VAL SG 16 64.73 -0.58 -78.63
C VAL SG 16 65.79 0.15 -79.44
N VAL SG 17 65.45 1.30 -80.02
CA VAL SG 17 66.44 2.10 -80.73
C VAL SG 17 67.25 2.93 -79.74
N GLU SG 18 66.60 3.39 -78.67
CA GLU SG 18 67.33 4.03 -77.58
C GLU SG 18 68.20 3.02 -76.84
N ALA SG 19 67.73 1.78 -76.70
CA ALA SG 19 68.57 0.73 -76.14
C ALA SG 19 69.77 0.44 -77.04
N ALA SG 20 69.54 0.35 -78.35
CA ALA SG 20 70.64 0.08 -79.27
C ALA SG 20 71.59 1.26 -79.38
N ASP SG 21 71.07 2.49 -79.23
CA ASP SG 21 71.92 3.66 -79.34
C ASP SG 21 72.75 3.88 -78.09
N ALA SG 22 72.15 3.68 -76.91
CA ALA SG 22 72.88 3.91 -75.68
C ALA SG 22 73.90 2.80 -75.42
N MET SG 23 73.71 1.63 -76.02
CA MET SG 23 74.65 0.54 -75.82
C MET SG 23 75.96 0.80 -76.58
N VAL SG 24 75.86 1.21 -77.85
CA VAL SG 24 77.07 1.41 -78.62
C VAL SG 24 77.69 2.77 -78.32
N LYS SG 25 77.00 3.62 -77.56
CA LYS SG 25 77.58 4.89 -77.15
C LYS SG 25 78.21 4.80 -75.76
N ALA SG 26 77.81 3.82 -74.95
CA ALA SG 26 78.38 3.71 -73.61
C ALA SG 26 79.73 3.02 -73.64
N ALA SG 27 79.94 2.10 -74.56
CA ALA SG 27 81.15 1.29 -74.59
C ALA SG 27 81.44 0.88 -76.02
N ARG SG 28 82.55 0.16 -76.18
CA ARG SG 28 83.02 -0.31 -77.49
C ARG SG 28 82.40 -1.69 -77.73
N VAL SG 29 81.13 -1.67 -78.10
CA VAL SG 29 80.40 -2.87 -78.50
C VAL SG 29 79.94 -2.68 -79.95
N THR SG 30 79.61 -3.78 -80.59
CA THR SG 30 79.10 -3.78 -81.95
C THR SG 30 77.67 -4.28 -81.93
N LEU SG 31 76.74 -3.39 -82.25
CA LEU SG 31 75.35 -3.78 -82.47
C LEU SG 31 75.28 -4.64 -83.73
N VAL SG 32 74.94 -5.91 -83.58
CA VAL SG 32 74.94 -6.85 -84.69
C VAL SG 32 73.55 -7.31 -85.06
N GLY SG 33 72.58 -7.21 -84.17
CA GLY SG 33 71.32 -7.90 -84.36
C GLY SG 33 70.14 -7.08 -83.92
N TYR SG 34 68.97 -7.47 -84.40
CA TYR SG 34 67.72 -6.78 -84.14
C TYR SG 34 66.62 -7.80 -84.36
N GLU SG 35 66.00 -8.23 -83.27
CA GLU SG 35 65.17 -9.43 -83.29
C GLU SG 35 63.76 -9.12 -82.81
N LYS SG 36 62.77 -9.49 -83.63
CA LYS SG 36 61.35 -9.38 -83.28
C LYS SG 36 60.78 -10.77 -83.11
N ILE SG 37 60.11 -11.00 -81.99
CA ILE SG 37 59.54 -12.30 -81.67
C ILE SG 37 58.03 -12.23 -81.49
N GLY SG 38 57.42 -11.07 -81.75
CA GLY SG 38 55.99 -10.92 -81.61
C GLY SG 38 55.59 -10.24 -80.31
N THR SG 39 54.34 -9.78 -80.29
CA THR SG 39 53.71 -8.97 -79.25
C THR SG 39 54.55 -7.76 -78.83
N GLY SG 40 55.24 -7.12 -79.77
CA GLY SG 40 56.00 -5.94 -79.46
C GLY SG 40 57.32 -6.17 -78.76
N ARG SG 41 57.66 -7.42 -78.45
CA ARG SG 41 58.92 -7.74 -77.79
C ARG SG 41 60.03 -7.68 -78.82
N VAL SG 42 60.86 -6.64 -78.72
CA VAL SG 42 61.95 -6.40 -79.66
C VAL SG 42 63.27 -6.50 -78.90
N THR SG 43 64.24 -7.17 -79.48
CA THR SG 43 65.54 -7.39 -78.86
C THR SG 43 66.65 -6.93 -79.79
N VAL SG 44 67.57 -6.14 -79.26
CA VAL SG 44 68.81 -5.78 -79.95
C VAL SG 44 69.96 -6.54 -79.31
N ILE SG 45 70.90 -6.97 -80.13
CA ILE SG 45 72.00 -7.84 -79.72
C ILE SG 45 73.31 -7.10 -79.99
N VAL SG 46 74.13 -6.96 -78.96
CA VAL SG 46 75.45 -6.36 -79.12
C VAL SG 46 76.51 -7.43 -78.87
N ARG SG 47 77.66 -7.24 -79.49
CA ARG SG 47 78.82 -8.09 -79.28
C ARG SG 47 80.00 -7.24 -78.86
N GLY SG 48 80.89 -7.82 -78.07
CA GLY SG 48 82.10 -7.11 -77.68
C GLY SG 48 82.77 -7.84 -76.54
N ASP SG 49 83.74 -7.15 -75.93
CA ASP SG 49 84.39 -7.66 -74.74
C ASP SG 49 83.41 -7.63 -73.57
N VAL SG 50 83.72 -8.41 -72.53
CA VAL SG 50 82.81 -8.59 -71.41
C VAL SG 50 82.64 -7.30 -70.62
N SER SG 51 83.72 -6.53 -70.49
CA SER SG 51 83.65 -5.24 -69.81
C SER SG 51 82.83 -4.23 -70.60
N GLU SG 52 82.94 -4.26 -71.92
CA GLU SG 52 82.16 -3.35 -72.74
C GLU SG 52 80.70 -3.75 -72.79
N VAL SG 53 80.41 -5.05 -72.85
CA VAL SG 53 79.03 -5.52 -72.93
C VAL SG 53 78.31 -5.30 -71.60
N GLN SG 54 79.01 -5.51 -70.48
CA GLN SG 54 78.43 -5.25 -69.17
C GLN SG 54 78.16 -3.77 -68.95
N ALA SG 55 79.03 -2.91 -69.48
CA ALA SG 55 78.81 -1.48 -69.37
C ALA SG 55 77.69 -1.01 -70.29
N SER SG 56 77.60 -1.61 -71.48
CA SER SG 56 76.60 -1.18 -72.45
C SER SG 56 75.19 -1.60 -72.04
N VAL SG 57 75.03 -2.84 -71.60
CA VAL SG 57 73.71 -3.36 -71.24
C VAL SG 57 73.19 -2.67 -69.99
N SER SG 58 74.07 -2.37 -69.04
CA SER SG 58 73.64 -1.68 -67.82
C SER SG 58 73.29 -0.23 -68.10
N ALA SG 59 74.04 0.43 -68.99
CA ALA SG 59 73.71 1.80 -69.34
C ALA SG 59 72.57 1.86 -70.34
N GLY SG 60 72.44 0.83 -71.18
CA GLY SG 60 71.31 0.77 -72.09
C GLY SG 60 70.00 0.49 -71.42
N THR SG 61 70.03 -0.18 -70.26
CA THR SG 61 68.79 -0.45 -69.52
C THR SG 61 68.27 0.80 -68.84
N GLU SG 62 69.17 1.65 -68.33
CA GLU SG 62 68.74 2.87 -67.66
C GLU SG 62 68.25 3.92 -68.65
N SER SG 63 68.71 3.86 -69.89
CA SER SG 63 68.33 4.86 -70.87
C SER SG 63 66.92 4.63 -71.42
N VAL SG 64 66.46 3.37 -71.43
CA VAL SG 64 65.11 3.05 -71.87
C VAL SG 64 64.06 3.60 -70.92
N LYS SG 65 64.35 3.66 -69.62
CA LYS SG 65 63.44 4.30 -68.67
C LYS SG 65 63.70 5.81 -68.58
N ARG SG 66 63.83 6.43 -69.75
CA ARG SG 66 63.86 7.88 -69.95
C ARG SG 66 63.08 8.14 -71.22
N VAL SG 67 62.55 7.07 -71.81
CA VAL SG 67 61.68 7.11 -72.97
C VAL SG 67 60.25 6.96 -72.49
N ASN SG 68 59.36 7.83 -72.96
CA ASN SG 68 57.94 7.70 -72.63
C ASN SG 68 57.36 6.51 -73.38
N GLY SG 69 56.73 5.61 -72.63
CA GLY SG 69 56.25 4.37 -73.22
C GLY SG 69 57.31 3.31 -73.39
N GLY SG 70 58.49 3.52 -72.83
CA GLY SG 70 59.59 2.58 -72.90
C GLY SG 70 59.58 1.64 -71.71
N GLN SG 71 59.78 0.36 -71.99
CA GLN SG 71 59.72 -0.68 -70.97
C GLN SG 71 60.75 -1.76 -71.29
N VAL SG 72 61.71 -1.95 -70.39
CA VAL SG 72 62.68 -3.04 -70.51
C VAL SG 72 61.99 -4.31 -70.06
N LEU SG 73 61.94 -5.31 -70.94
CA LEU SG 73 61.33 -6.58 -70.59
C LEU SG 73 62.37 -7.54 -70.02
N SER SG 74 63.52 -7.66 -70.69
CA SER SG 74 64.51 -8.64 -70.29
C SER SG 74 65.89 -8.20 -70.80
N THR SG 75 66.87 -8.24 -69.89
CA THR SG 75 68.25 -7.98 -70.25
C THR SG 75 69.09 -9.18 -69.84
N HIS SG 76 70.12 -9.46 -70.63
CA HIS SG 76 71.04 -10.54 -70.28
C HIS SG 76 72.39 -10.32 -70.95
N ILE SG 77 73.44 -10.79 -70.28
CA ILE SG 77 74.80 -10.81 -70.81
C ILE SG 77 75.32 -12.24 -70.73
N ILE SG 78 75.76 -12.78 -71.84
CA ILE SG 78 76.47 -14.05 -71.88
C ILE SG 78 77.92 -13.74 -72.20
N ALA SG 79 78.80 -13.96 -71.22
CA ALA SG 79 80.18 -13.50 -71.34
C ALA SG 79 80.99 -14.35 -72.30
N ARG SG 80 80.69 -15.64 -72.37
CA ARG SG 80 81.43 -16.56 -73.23
C ARG SG 80 80.43 -17.51 -73.86
N PRO SG 81 79.79 -17.11 -74.94
CA PRO SG 81 78.83 -18.00 -75.59
C PRO SG 81 79.51 -19.13 -76.33
N HIS SG 82 78.82 -20.25 -76.40
CA HIS SG 82 79.30 -21.40 -77.16
C HIS SG 82 79.29 -21.07 -78.65
N GLU SG 83 80.19 -21.72 -79.38
CA GLU SG 83 80.30 -21.49 -80.82
C GLU SG 83 79.13 -22.11 -81.58
N ASN SG 84 78.34 -22.97 -80.94
CA ASN SG 84 77.12 -23.49 -81.54
C ASN SG 84 76.06 -22.40 -81.72
N LEU SG 85 76.04 -21.41 -80.83
CA LEU SG 85 74.93 -20.46 -80.79
C LEU SG 85 74.98 -19.45 -81.93
N GLU SG 86 76.16 -19.21 -82.50
CA GLU SG 86 76.26 -18.23 -83.58
C GLU SG 86 75.65 -18.74 -84.87
N TYR SG 87 75.63 -20.06 -85.05
CA TYR SG 87 75.11 -20.63 -86.29
C TYR SG 87 73.60 -20.83 -86.23
N VAL SG 88 73.03 -20.87 -85.03
CA VAL SG 88 71.60 -21.09 -84.89
C VAL SG 88 70.87 -19.80 -84.57
N LEU SG 89 71.38 -19.05 -83.63
CA LEU SG 89 70.73 -17.84 -83.16
C LEU SG 89 71.26 -16.62 -83.91
N PRO SG 90 70.43 -15.59 -84.12
CA PRO SG 90 70.91 -14.37 -84.81
C PRO SG 90 71.68 -13.43 -83.89
N ILE SG 91 72.80 -13.92 -83.37
CA ILE SG 91 73.68 -13.15 -82.50
C ILE SG 91 75.05 -12.95 -83.11
N ARG SG 92 75.24 -13.28 -84.38
CA ARG SG 92 76.57 -13.32 -84.95
C ARG SG 92 76.86 -12.04 -85.73
N TYR SG 93 78.15 -11.83 -86.00
CA TYR SG 93 78.57 -10.71 -86.82
C TYR SG 93 78.18 -10.95 -88.28
N THR SG 94 77.49 -9.99 -88.86
CA THR SG 94 77.21 -10.01 -90.28
C THR SG 94 78.17 -9.08 -91.02
N GLU SG 95 78.14 -9.14 -92.35
CA GLU SG 95 79.11 -8.41 -93.15
C GLU SG 95 78.79 -6.92 -93.22
N GLU SG 96 77.59 -6.52 -92.79
CA GLU SG 96 77.25 -5.11 -92.77
C GLU SG 96 77.85 -4.41 -91.56
N VAL SG 97 78.23 -5.16 -90.54
CA VAL SG 97 78.73 -4.60 -89.28
C VAL SG 97 80.17 -5.03 -89.01
N GLU SG 98 80.91 -5.44 -90.04
CA GLU SG 98 82.29 -5.83 -89.83
C GLU SG 98 83.22 -4.63 -89.68
N GLN SG 99 82.76 -3.43 -90.02
CA GLN SG 99 83.59 -2.24 -89.85
C GLN SG 99 83.62 -1.78 -88.40
N PHE SG 100 82.63 -2.18 -87.61
CA PHE SG 100 82.51 -1.73 -86.22
C PHE SG 100 83.14 -2.68 -85.23
N ARG SG 101 83.60 -3.85 -85.67
CA ARG SG 101 84.17 -4.84 -84.77
C ARG SG 101 85.56 -4.42 -84.28
N ALA TG 2 65.03 -41.87 -83.65
CA ALA TG 2 66.26 -41.20 -84.02
C ALA TG 2 67.00 -40.67 -82.79
N VAL TG 3 68.00 -39.82 -83.02
CA VAL TG 3 68.69 -39.12 -81.95
C VAL TG 3 67.70 -38.21 -81.24
N ALA TG 4 67.75 -38.21 -79.90
CA ALA TG 4 66.74 -37.55 -79.07
C ALA TG 4 66.73 -36.04 -79.28
N VAL TG 5 65.56 -35.44 -79.04
CA VAL TG 5 65.34 -34.02 -79.27
C VAL TG 5 64.83 -33.40 -77.97
N GLY TG 6 65.42 -32.29 -77.57
CA GLY TG 6 64.94 -31.54 -76.43
C GLY TG 6 64.58 -30.12 -76.84
N MET TG 7 63.46 -29.64 -76.32
CA MET TG 7 62.95 -28.33 -76.65
C MET TG 7 62.69 -27.56 -75.38
N ILE TG 8 63.17 -26.32 -75.30
CA ILE TG 8 62.83 -25.41 -74.23
C ILE TG 8 62.14 -24.21 -74.87
N GLU TG 9 60.89 -23.96 -74.49
CA GLU TG 9 60.18 -22.77 -74.91
C GLU TG 9 60.21 -21.74 -73.80
N THR TG 10 60.68 -20.54 -74.13
CA THR TG 10 60.70 -19.43 -73.19
C THR TG 10 59.87 -18.28 -73.73
N LEU TG 11 59.49 -17.38 -72.83
CA LEU TG 11 58.83 -16.14 -73.18
C LEU TG 11 59.92 -15.06 -73.22
N GLY TG 12 60.39 -14.75 -74.42
CA GLY TG 12 61.44 -13.76 -74.56
C GLY TG 12 62.70 -14.28 -75.19
N PHE TG 13 63.36 -13.45 -75.98
CA PHE TG 13 64.60 -13.80 -76.65
C PHE TG 13 65.86 -13.80 -75.78
N PRO TG 14 66.06 -12.89 -74.81
CA PRO TG 14 67.24 -13.06 -73.93
C PRO TG 14 67.18 -14.30 -73.05
N ALA TG 15 65.99 -14.83 -72.77
CA ALA TG 15 65.90 -16.05 -71.98
C ALA TG 15 66.19 -17.28 -72.83
N VAL TG 16 65.97 -17.20 -74.14
CA VAL TG 16 66.12 -18.38 -74.97
C VAL TG 16 67.57 -18.53 -75.43
N VAL TG 17 68.36 -17.46 -75.34
CA VAL TG 17 69.78 -17.55 -75.67
C VAL TG 17 70.56 -18.05 -74.47
N GLU TG 18 70.14 -17.68 -73.26
CA GLU TG 18 70.74 -18.21 -72.05
C GLU TG 18 70.36 -19.67 -71.85
N ALA TG 19 69.14 -20.03 -72.20
CA ALA TG 19 68.73 -21.44 -72.16
C ALA TG 19 69.51 -22.26 -73.19
N ALA TG 20 69.76 -21.70 -74.36
CA ALA TG 20 70.52 -22.42 -75.39
C ALA TG 20 72.00 -22.49 -75.03
N ASP TG 21 72.53 -21.46 -74.37
CA ASP TG 21 73.93 -21.48 -73.98
C ASP TG 21 74.16 -22.41 -72.80
N ALA TG 22 73.17 -22.54 -71.92
CA ALA TG 22 73.32 -23.46 -70.79
C ALA TG 22 73.19 -24.90 -71.24
N MET TG 23 72.43 -25.16 -72.31
CA MET TG 23 72.20 -26.53 -72.74
C MET TG 23 73.44 -27.15 -73.37
N VAL TG 24 74.10 -26.41 -74.25
CA VAL TG 24 75.23 -26.98 -74.97
C VAL TG 24 76.49 -26.96 -74.13
N LYS TG 25 76.47 -26.28 -72.99
CA LYS TG 25 77.60 -26.34 -72.07
C LYS TG 25 77.41 -27.45 -71.05
N ALA TG 26 76.16 -27.79 -70.74
CA ALA TG 26 75.90 -28.77 -69.68
C ALA TG 26 76.18 -30.19 -70.14
N ALA TG 27 75.95 -30.48 -71.41
CA ALA TG 27 76.09 -31.85 -71.90
C ALA TG 27 76.47 -31.83 -73.36
N ARG TG 28 76.66 -33.03 -73.93
CA ARG TG 28 77.06 -33.19 -75.33
C ARG TG 28 75.83 -33.20 -76.22
N VAL TG 29 75.19 -32.03 -76.27
CA VAL TG 29 74.06 -31.83 -77.16
C VAL TG 29 74.46 -30.83 -78.23
N THR TG 30 73.76 -30.87 -79.35
CA THR TG 30 73.95 -29.93 -80.44
C THR TG 30 72.70 -29.09 -80.57
N LEU TG 31 72.84 -27.80 -80.37
CA LEU TG 31 71.77 -26.86 -80.70
C LEU TG 31 71.60 -26.83 -82.21
N VAL TG 32 70.43 -27.25 -82.68
CA VAL TG 32 70.19 -27.35 -84.11
C VAL TG 32 69.10 -26.41 -84.60
N GLY TG 33 68.25 -25.91 -83.72
CA GLY TG 33 67.02 -25.30 -84.15
C GLY TG 33 66.67 -24.09 -83.31
N TYR TG 34 65.78 -23.27 -83.85
CA TYR TG 34 65.40 -22.00 -83.25
C TYR TG 34 64.07 -21.61 -83.89
N GLU TG 35 63.01 -21.58 -83.10
CA GLU TG 35 61.67 -21.47 -83.64
C GLU TG 35 60.90 -20.35 -82.95
N LYS TG 36 60.23 -19.52 -83.76
CA LYS TG 36 59.35 -18.47 -83.29
C LYS TG 36 57.94 -18.78 -83.76
N ILE TG 37 56.99 -18.81 -82.83
CA ILE TG 37 55.61 -19.18 -83.13
C ILE TG 37 54.63 -18.08 -82.78
N GLY TG 38 55.11 -16.92 -82.32
CA GLY TG 38 54.25 -15.82 -81.96
C GLY TG 38 54.06 -15.68 -80.46
N THR TG 39 53.49 -14.54 -80.07
CA THR TG 39 53.35 -14.05 -78.70
C THR TG 39 54.64 -14.12 -77.89
N GLY TG 40 55.78 -13.91 -78.53
CA GLY TG 40 57.04 -13.99 -77.83
C GLY TG 40 57.47 -15.39 -77.41
N ARG TG 41 56.77 -16.42 -77.86
CA ARG TG 41 57.11 -17.79 -77.51
C ARG TG 41 58.22 -18.28 -78.44
N VAL TG 42 59.42 -18.41 -77.89
CA VAL TG 42 60.60 -18.77 -78.65
C VAL TG 42 61.11 -20.11 -78.15
N THR TG 43 61.49 -20.98 -79.07
CA THR TG 43 61.89 -22.35 -78.75
C THR TG 43 63.26 -22.64 -79.36
N VAL TG 44 64.17 -23.15 -78.54
CA VAL TG 44 65.44 -23.70 -79.01
C VAL TG 44 65.39 -25.22 -78.93
N ILE TG 45 66.03 -25.88 -79.89
CA ILE TG 45 65.94 -27.31 -80.08
C ILE TG 45 67.33 -27.89 -80.07
N VAL TG 46 67.59 -28.83 -79.15
CA VAL TG 46 68.88 -29.51 -79.09
C VAL TG 46 68.69 -30.96 -79.48
N ARG TG 47 69.76 -31.55 -80.00
CA ARG TG 47 69.80 -32.96 -80.34
C ARG TG 47 70.97 -33.63 -79.64
N GLY TG 48 70.77 -34.86 -79.20
CA GLY TG 48 71.83 -35.62 -78.57
C GLY TG 48 71.29 -36.93 -78.06
N ASP TG 49 72.12 -37.63 -77.28
CA ASP TG 49 71.64 -38.80 -76.58
C ASP TG 49 70.65 -38.38 -75.49
N VAL TG 50 69.77 -39.31 -75.13
CA VAL TG 50 68.66 -38.99 -74.22
C VAL TG 50 69.14 -38.60 -72.83
N SER TG 51 70.25 -39.18 -72.37
CA SER TG 51 70.82 -38.78 -71.09
C SER TG 51 71.44 -37.40 -71.18
N GLU TG 52 72.07 -37.09 -72.32
CA GLU TG 52 72.65 -35.77 -72.50
C GLU TG 52 71.58 -34.72 -72.74
N VAL TG 53 70.50 -35.09 -73.42
CA VAL TG 53 69.42 -34.14 -73.67
C VAL TG 53 68.66 -33.84 -72.38
N GLN TG 54 68.44 -34.87 -71.54
CA GLN TG 54 67.80 -34.66 -70.26
C GLN TG 54 68.64 -33.82 -69.31
N ALA TG 55 69.96 -34.02 -69.35
CA ALA TG 55 70.85 -33.23 -68.49
C ALA TG 55 70.94 -31.79 -68.96
N SER TG 56 70.83 -31.58 -70.28
CA SER TG 56 70.95 -30.22 -70.81
C SER TG 56 69.67 -29.44 -70.62
N VAL TG 57 68.51 -30.07 -70.88
CA VAL TG 57 67.22 -29.39 -70.80
C VAL TG 57 66.91 -29.00 -69.36
N SER TG 58 67.30 -29.85 -68.41
CA SER TG 58 67.16 -29.51 -67.00
C SER TG 58 68.05 -28.35 -66.60
N ALA TG 59 69.26 -28.28 -67.17
CA ALA TG 59 70.15 -27.17 -66.86
C ALA TG 59 69.78 -25.92 -67.64
N GLY TG 60 69.03 -26.07 -68.73
CA GLY TG 60 68.59 -24.91 -69.48
C GLY TG 60 67.45 -24.18 -68.84
N THR TG 61 66.62 -24.88 -68.07
CA THR TG 61 65.53 -24.22 -67.36
C THR TG 61 66.03 -23.45 -66.14
N GLU TG 62 67.11 -23.94 -65.53
CA GLU TG 62 67.63 -23.30 -64.33
C GLU TG 62 68.36 -22.00 -64.65
N SER TG 63 68.82 -21.85 -65.89
CA SER TG 63 69.54 -20.64 -66.27
C SER TG 63 68.61 -19.52 -66.72
N VAL TG 64 67.35 -19.84 -67.03
CA VAL TG 64 66.38 -18.80 -67.32
C VAL TG 64 66.01 -18.03 -66.06
N LYS TG 65 66.14 -18.66 -64.88
CA LYS TG 65 65.95 -17.96 -63.62
C LYS TG 65 67.05 -16.92 -63.38
N ARG TG 66 68.22 -17.08 -64.00
CA ARG TG 66 69.25 -16.04 -63.94
C ARG TG 66 68.81 -14.81 -64.73
N VAL TG 67 68.05 -15.00 -65.80
CA VAL TG 67 67.61 -13.89 -66.64
C VAL TG 67 66.44 -13.19 -65.96
N ASN TG 68 66.56 -11.88 -65.80
CA ASN TG 68 65.45 -11.08 -65.31
C ASN TG 68 64.44 -10.89 -66.42
N GLY TG 69 63.16 -11.15 -66.13
CA GLY TG 69 62.16 -11.10 -67.16
C GLY TG 69 62.10 -12.32 -68.05
N GLY TG 70 62.82 -13.38 -67.69
CA GLY TG 70 62.81 -14.62 -68.43
C GLY TG 70 61.90 -15.64 -67.76
N GLN TG 71 61.19 -16.40 -68.57
CA GLN TG 71 60.20 -17.35 -68.08
C GLN TG 71 60.12 -18.54 -69.02
N VAL TG 72 60.32 -19.74 -68.49
CA VAL TG 72 60.18 -20.97 -69.25
C VAL TG 72 58.69 -21.29 -69.35
N LEU TG 73 58.20 -21.44 -70.58
CA LEU TG 73 56.79 -21.76 -70.78
C LEU TG 73 56.56 -23.26 -70.84
N SER TG 74 57.36 -23.97 -71.63
CA SER TG 74 57.14 -25.39 -71.85
C SER TG 74 58.45 -26.05 -72.23
N THR TG 75 58.69 -27.22 -71.68
CA THR TG 75 59.85 -28.03 -72.03
C THR TG 75 59.40 -29.45 -72.32
N HIS TG 76 60.11 -30.12 -73.22
CA HIS TG 76 59.84 -31.51 -73.51
C HIS TG 76 61.08 -32.17 -74.08
N ILE TG 77 61.19 -33.48 -73.84
CA ILE TG 77 62.24 -34.32 -74.38
C ILE TG 77 61.59 -35.52 -75.03
N ILE TG 78 61.89 -35.75 -76.31
CA ILE TG 78 61.47 -36.96 -77.01
C ILE TG 78 62.71 -37.83 -77.20
N ALA TG 79 62.69 -39.00 -76.56
CA ALA TG 79 63.89 -39.84 -76.48
C ALA TG 79 64.23 -40.46 -77.83
N ARG TG 80 63.23 -40.69 -78.67
CA ARG TG 80 63.43 -41.33 -79.97
C ARG TG 80 62.40 -40.78 -80.92
N PRO TG 81 62.66 -39.62 -81.53
CA PRO TG 81 61.69 -39.06 -82.48
C PRO TG 81 61.66 -39.87 -83.76
N HIS TG 82 60.47 -39.95 -84.34
CA HIS TG 82 60.27 -40.63 -85.62
C HIS TG 82 61.00 -39.90 -86.73
N GLU TG 83 61.39 -40.64 -87.76
CA GLU TG 83 62.16 -40.09 -88.88
C GLU TG 83 61.34 -39.12 -89.72
N ASN TG 84 60.02 -39.17 -89.63
CA ASN TG 84 59.15 -38.22 -90.32
C ASN TG 84 59.28 -36.82 -89.76
N LEU TG 85 59.67 -36.70 -88.49
CA LEU TG 85 59.64 -35.42 -87.80
C LEU TG 85 60.75 -34.48 -88.26
N GLU TG 86 61.87 -35.03 -88.74
CA GLU TG 86 63.00 -34.17 -89.12
C GLU TG 86 62.81 -33.58 -90.51
N TYR TG 87 61.85 -34.11 -91.28
CA TYR TG 87 61.62 -33.58 -92.61
C TYR TG 87 60.51 -32.53 -92.61
N VAL TG 88 59.74 -32.46 -91.52
CA VAL TG 88 58.68 -31.46 -91.44
C VAL TG 88 59.04 -30.40 -90.41
N LEU TG 89 59.34 -30.80 -89.21
CA LEU TG 89 59.63 -29.90 -88.12
C LEU TG 89 61.11 -29.51 -88.12
N PRO TG 90 61.44 -28.28 -87.68
CA PRO TG 90 62.85 -27.85 -87.64
C PRO TG 90 63.61 -28.41 -86.44
N ILE TG 91 63.73 -29.73 -86.39
CA ILE TG 91 64.52 -30.42 -85.38
C ILE TG 91 65.71 -31.16 -85.97
N ARG TG 92 65.94 -31.01 -87.27
CA ARG TG 92 66.97 -31.79 -87.94
C ARG TG 92 68.33 -31.12 -87.84
N TYR TG 93 69.37 -31.92 -88.03
CA TYR TG 93 70.72 -31.40 -88.13
C TYR TG 93 70.90 -30.68 -89.46
N THR TG 94 71.08 -29.37 -89.41
CA THR TG 94 71.44 -28.61 -90.58
C THR TG 94 72.93 -28.77 -90.87
N GLU TG 95 73.35 -28.33 -92.05
CA GLU TG 95 74.74 -28.49 -92.45
C GLU TG 95 75.65 -27.54 -91.68
N GLU TG 96 75.11 -26.43 -91.18
CA GLU TG 96 75.90 -25.46 -90.45
C GLU TG 96 76.32 -25.97 -89.07
N VAL TG 97 75.55 -26.91 -88.51
CA VAL TG 97 75.79 -27.38 -87.15
C VAL TG 97 76.38 -28.80 -87.14
N GLU TG 98 76.93 -29.26 -88.27
CA GLU TG 98 77.53 -30.59 -88.29
C GLU TG 98 78.92 -30.62 -87.65
N GLN TG 99 79.52 -29.45 -87.39
CA GLN TG 99 80.81 -29.43 -86.72
C GLN TG 99 80.66 -29.66 -85.22
N PHE TG 100 79.45 -29.53 -84.68
CA PHE TG 100 79.21 -29.69 -83.26
C PHE TG 100 78.54 -31.02 -82.91
N ARG TG 101 78.25 -31.86 -83.89
CA ARG TG 101 77.58 -33.13 -83.63
C ARG TG 101 78.53 -34.14 -83.00
N ALA UG 2 98.40 -8.80 -60.88
CA ALA UG 2 98.34 -9.13 -62.29
C ALA UG 2 96.89 -9.25 -62.74
N VAL UG 3 96.42 -10.48 -62.91
CA VAL UG 3 95.02 -10.71 -63.23
C VAL UG 3 94.19 -10.64 -61.95
N ALA UG 4 92.88 -10.48 -62.10
CA ALA UG 4 92.00 -10.37 -60.96
C ALA UG 4 91.85 -11.72 -60.25
N VAL UG 5 91.29 -11.67 -59.05
CA VAL UG 5 91.03 -12.88 -58.26
C VAL UG 5 89.59 -12.83 -57.77
N GLY UG 6 88.87 -13.91 -57.95
CA GLY UG 6 87.51 -14.02 -57.45
C GLY UG 6 87.36 -15.28 -56.62
N MET UG 7 86.57 -15.17 -55.55
CA MET UG 7 86.38 -16.26 -54.61
C MET UG 7 84.90 -16.45 -54.37
N ILE UG 8 84.46 -17.71 -54.37
CA ILE UG 8 83.13 -18.08 -53.90
C ILE UG 8 83.32 -19.08 -52.77
N GLU UG 9 82.84 -18.74 -51.59
CA GLU UG 9 82.84 -19.65 -50.47
C GLU UG 9 81.46 -20.27 -50.31
N THR UG 10 81.40 -21.59 -50.33
CA THR UG 10 80.16 -22.31 -50.13
C THR UG 10 80.24 -23.16 -48.88
N LEU UG 11 79.08 -23.58 -48.39
CA LEU UG 11 78.98 -24.56 -47.32
C LEU UG 11 78.74 -25.91 -47.98
N GLY UG 12 79.79 -26.71 -48.06
CA GLY UG 12 79.67 -28.02 -48.68
C GLY UG 12 80.49 -28.19 -49.94
N PHE UG 13 81.01 -29.39 -50.14
CA PHE UG 13 81.80 -29.73 -51.32
C PHE UG 13 81.00 -29.97 -52.60
N PRO UG 14 79.79 -30.57 -52.61
CA PRO UG 14 79.01 -30.58 -53.87
C PRO UG 14 78.61 -29.19 -54.35
N ALA UG 15 78.45 -28.23 -53.45
CA ALA UG 15 78.11 -26.88 -53.88
C ALA UG 15 79.32 -26.15 -54.45
N VAL UG 16 80.52 -26.52 -54.01
CA VAL UG 16 81.70 -25.77 -54.42
C VAL UG 16 82.23 -26.28 -55.76
N VAL UG 17 81.86 -27.50 -56.15
CA VAL UG 17 82.24 -28.00 -57.46
C VAL UG 17 81.28 -27.46 -58.52
N GLU UG 18 79.99 -27.33 -58.16
CA GLU UG 18 79.04 -26.71 -59.06
C GLU UG 18 79.31 -25.22 -59.21
N ALA UG 19 79.78 -24.58 -58.14
CA ALA UG 19 80.21 -23.19 -58.23
C ALA UG 19 81.44 -23.05 -59.11
N ALA UG 20 82.41 -23.96 -58.96
CA ALA UG 20 83.64 -23.89 -59.74
C ALA UG 20 83.38 -24.24 -61.21
N ASP UG 21 82.44 -25.16 -61.47
CA ASP UG 21 82.15 -25.53 -62.84
C ASP UG 21 81.37 -24.43 -63.56
N ALA UG 22 80.52 -23.70 -62.84
CA ALA UG 22 79.77 -22.62 -63.45
C ALA UG 22 80.66 -21.40 -63.69
N MET UG 23 81.77 -21.29 -62.96
CA MET UG 23 82.64 -20.14 -63.13
C MET UG 23 83.47 -20.26 -64.40
N VAL UG 24 84.08 -21.42 -64.63
CA VAL UG 24 84.99 -21.55 -65.76
C VAL UG 24 84.22 -21.78 -67.05
N LYS UG 25 82.92 -22.08 -66.97
CA LYS UG 25 82.10 -22.17 -68.16
C LYS UG 25 81.55 -20.82 -68.58
N ALA UG 26 81.32 -19.93 -67.60
CA ALA UG 26 80.68 -18.66 -67.90
C ALA UG 26 81.61 -17.68 -68.59
N ALA UG 27 82.88 -17.66 -68.19
CA ALA UG 27 83.81 -16.66 -68.69
C ALA UG 27 85.19 -17.26 -68.83
N ARG UG 28 86.13 -16.44 -69.28
CA ARG UG 28 87.52 -16.85 -69.50
C ARG UG 28 88.31 -16.66 -68.21
N VAL UG 29 87.96 -17.44 -67.21
CA VAL UG 29 88.68 -17.46 -65.94
C VAL UG 29 89.36 -18.81 -65.81
N THR UG 30 90.38 -18.84 -64.97
CA THR UG 30 91.09 -20.07 -64.64
C THR UG 30 90.87 -20.38 -63.17
N LEU UG 31 90.20 -21.49 -62.90
CA LEU UG 31 90.13 -22.02 -61.55
C LEU UG 31 91.53 -22.47 -61.14
N VAL UG 32 92.12 -21.78 -60.16
CA VAL UG 32 93.48 -22.06 -59.75
C VAL UG 32 93.56 -22.68 -58.37
N GLY UG 33 92.55 -22.53 -57.53
CA GLY UG 33 92.70 -22.81 -56.12
C GLY UG 33 91.47 -23.42 -55.52
N TYR UG 34 91.64 -23.94 -54.31
CA TYR UG 34 90.62 -24.72 -53.61
C TYR UG 34 91.01 -24.74 -52.15
N GLU UG 35 90.19 -24.14 -51.30
CA GLU UG 35 90.60 -23.85 -49.93
C GLU UG 35 89.54 -24.30 -48.94
N LYS UG 36 89.98 -24.99 -47.89
CA LYS UG 36 89.11 -25.43 -46.80
C LYS UG 36 89.60 -24.79 -45.52
N ILE UG 37 88.71 -24.12 -44.79
CA ILE UG 37 89.05 -23.42 -43.57
C ILE UG 37 88.31 -23.98 -42.36
N GLY UG 38 87.54 -25.04 -42.53
CA GLY UG 38 86.82 -25.65 -41.43
C GLY UG 38 85.35 -25.26 -41.40
N THR UG 39 84.59 -26.04 -40.62
CA THR UG 39 83.13 -26.06 -40.57
C THR UG 39 82.47 -26.12 -41.93
N GLY UG 40 83.04 -26.89 -42.86
CA GLY UG 40 82.45 -27.04 -44.17
C GLY UG 40 82.56 -25.86 -45.09
N ARG UG 41 83.25 -24.80 -44.69
CA ARG UG 41 83.40 -23.60 -45.50
C ARG UG 41 84.51 -23.85 -46.51
N VAL UG 42 84.12 -24.00 -47.78
CA VAL UG 42 85.04 -24.35 -48.85
C VAL UG 42 85.02 -23.24 -49.89
N THR UG 43 86.19 -22.81 -50.32
CA THR UG 43 86.35 -21.68 -51.22
C THR UG 43 87.06 -22.13 -52.49
N VAL UG 44 86.54 -21.74 -53.64
CA VAL UG 44 87.22 -21.88 -54.93
C VAL UG 44 87.67 -20.52 -55.40
N ILE UG 45 88.85 -20.49 -56.02
CA ILE UG 45 89.52 -19.26 -56.42
C ILE UG 45 89.70 -19.29 -57.93
N VAL UG 46 89.21 -18.25 -58.61
CA VAL UG 46 89.41 -18.11 -60.05
C VAL UG 46 90.30 -16.90 -60.31
N ARG UG 47 91.09 -16.98 -61.37
CA ARG UG 47 91.91 -15.88 -61.85
C ARG UG 47 91.52 -15.52 -63.27
N GLY UG 48 91.55 -14.23 -63.58
CA GLY UG 48 91.25 -13.79 -64.92
C GLY UG 48 91.16 -12.28 -64.95
N ASP UG 49 90.62 -11.76 -66.03
CA ASP UG 49 90.29 -10.34 -66.09
C ASP UG 49 89.13 -10.06 -65.15
N VAL UG 50 89.05 -8.81 -64.67
CA VAL UG 50 88.07 -8.47 -63.64
C VAL UG 50 86.65 -8.50 -64.19
N SER UG 51 86.48 -8.23 -65.49
CA SER UG 51 85.17 -8.39 -66.10
C SER UG 51 84.79 -9.86 -66.23
N GLU UG 52 85.75 -10.71 -66.57
CA GLU UG 52 85.49 -12.15 -66.65
C GLU UG 52 85.30 -12.75 -65.27
N VAL UG 53 86.01 -12.24 -64.27
CA VAL UG 53 85.86 -12.75 -62.91
C VAL UG 53 84.51 -12.34 -62.34
N GLN UG 54 84.04 -11.13 -62.67
CA GLN UG 54 82.73 -10.67 -62.24
C GLN UG 54 81.61 -11.46 -62.90
N ALA UG 55 81.80 -11.87 -64.15
CA ALA UG 55 80.80 -12.65 -64.83
C ALA UG 55 80.78 -14.09 -64.34
N SER UG 56 81.94 -14.60 -63.90
CA SER UG 56 82.01 -15.98 -63.43
C SER UG 56 81.49 -16.10 -62.01
N VAL UG 57 81.85 -15.16 -61.13
CA VAL UG 57 81.44 -15.21 -59.74
C VAL UG 57 79.94 -15.00 -59.61
N SER UG 58 79.37 -14.15 -60.46
CA SER UG 58 77.93 -13.96 -60.49
C SER UG 58 77.21 -15.19 -61.02
N ALA UG 59 77.83 -15.91 -61.96
CA ALA UG 59 77.21 -17.12 -62.49
C ALA UG 59 77.41 -18.30 -61.55
N GLY UG 60 78.55 -18.34 -60.85
CA GLY UG 60 78.77 -19.39 -59.88
C GLY UG 60 77.93 -19.26 -58.63
N THR UG 61 77.46 -18.05 -58.34
CA THR UG 61 76.61 -17.83 -57.17
C THR UG 61 75.19 -18.37 -57.40
N GLU UG 62 74.64 -18.15 -58.59
CA GLU UG 62 73.28 -18.61 -58.86
C GLU UG 62 73.22 -20.11 -59.10
N SER UG 63 74.36 -20.74 -59.42
CA SER UG 63 74.36 -22.17 -59.68
C SER UG 63 74.39 -22.99 -58.41
N VAL UG 64 74.74 -22.39 -57.27
CA VAL UG 64 74.68 -23.10 -56.00
C VAL UG 64 73.23 -23.28 -55.56
N LYS UG 65 72.34 -22.38 -56.02
CA LYS UG 65 70.92 -22.47 -55.70
C LYS UG 65 70.26 -23.70 -56.30
N ARG UG 66 70.81 -24.27 -57.36
CA ARG UG 66 70.32 -25.52 -57.90
C ARG UG 66 70.82 -26.74 -57.13
N VAL UG 67 71.83 -26.58 -56.28
CA VAL UG 67 72.32 -27.66 -55.44
C VAL UG 67 71.53 -27.64 -54.14
N ASN UG 68 70.86 -28.75 -53.83
CA ASN UG 68 70.13 -28.90 -52.59
C ASN UG 68 71.09 -29.36 -51.51
N GLY UG 69 71.31 -28.52 -50.51
CA GLY UG 69 72.23 -28.82 -49.43
C GLY UG 69 73.42 -27.90 -49.34
N GLY UG 70 73.59 -26.98 -50.28
CA GLY UG 70 74.70 -26.05 -50.24
C GLY UG 70 74.22 -24.63 -50.47
N GLN UG 71 74.94 -23.69 -49.87
CA GLN UG 71 74.62 -22.28 -49.97
C GLN UG 71 75.90 -21.48 -50.09
N VAL UG 72 75.79 -20.32 -50.75
CA VAL UG 72 76.91 -19.40 -50.89
C VAL UG 72 77.03 -18.63 -49.58
N LEU UG 73 78.20 -18.72 -48.95
CA LEU UG 73 78.43 -17.99 -47.71
C LEU UG 73 79.01 -16.61 -47.99
N SER UG 74 80.00 -16.54 -48.87
CA SER UG 74 80.67 -15.29 -49.14
C SER UG 74 81.25 -15.30 -50.54
N THR UG 75 81.15 -14.17 -51.23
CA THR UG 75 81.78 -13.97 -52.51
C THR UG 75 82.56 -12.67 -52.48
N HIS UG 76 83.69 -12.65 -53.18
CA HIS UG 76 84.44 -11.40 -53.31
C HIS UG 76 85.26 -11.43 -54.58
N ILE UG 77 85.52 -10.24 -55.11
CA ILE UG 77 86.29 -10.03 -56.33
C ILE UG 77 87.28 -8.91 -56.06
N ILE UG 78 88.56 -9.16 -56.30
CA ILE UG 78 89.60 -8.15 -56.19
C ILE UG 78 90.14 -7.89 -57.58
N ALA UG 79 90.08 -6.63 -58.02
CA ALA UG 79 90.36 -6.28 -59.42
C ALA UG 79 91.82 -6.51 -59.78
N ARG UG 80 92.74 -6.20 -58.86
CA ARG UG 80 94.16 -6.48 -59.05
C ARG UG 80 94.78 -6.66 -57.68
N PRO UG 81 95.02 -7.90 -57.26
CA PRO UG 81 95.63 -8.14 -55.95
C PRO UG 81 97.08 -7.70 -55.92
N HIS UG 82 97.54 -7.38 -54.71
CA HIS UG 82 98.92 -7.05 -54.47
C HIS UG 82 99.80 -8.28 -54.71
N GLU UG 83 101.06 -8.04 -55.07
CA GLU UG 83 101.98 -9.13 -55.33
C GLU UG 83 102.39 -9.88 -54.07
N ASN UG 84 102.12 -9.28 -52.90
CA ASN UG 84 102.34 -9.95 -51.63
C ASN UG 84 101.40 -11.12 -51.42
N LEU UG 85 100.20 -11.06 -52.00
CA LEU UG 85 99.15 -12.03 -51.68
C LEU UG 85 99.40 -13.39 -52.34
N GLU UG 86 100.13 -13.43 -53.45
CA GLU UG 86 100.36 -14.71 -54.11
C GLU UG 86 101.37 -15.57 -53.34
N TYR UG 87 102.22 -14.95 -52.53
CA TYR UG 87 103.22 -15.70 -51.80
C TYR UG 87 102.70 -16.19 -50.46
N VAL UG 88 101.65 -15.55 -49.94
CA VAL UG 88 101.11 -15.96 -48.65
C VAL UG 88 99.80 -16.73 -48.84
N LEU UG 89 98.90 -16.19 -49.61
CA LEU UG 89 97.59 -16.78 -49.81
C LEU UG 89 97.60 -17.69 -51.04
N PRO UG 90 96.83 -18.78 -51.04
CA PRO UG 90 96.81 -19.72 -52.18
C PRO UG 90 95.91 -19.26 -53.32
N ILE UG 91 96.22 -18.10 -53.88
CA ILE UG 91 95.50 -17.55 -55.02
C ILE UG 91 96.35 -17.48 -56.28
N ARG UG 92 97.55 -18.06 -56.25
CA ARG UG 92 98.45 -17.96 -57.38
C ARG UG 92 98.21 -19.10 -58.37
N TYR UG 93 98.72 -18.91 -59.59
CA TYR UG 93 98.66 -19.95 -60.59
C TYR UG 93 99.62 -21.08 -60.23
N THR UG 94 99.09 -22.30 -60.17
CA THR UG 94 99.94 -23.47 -60.01
C THR UG 94 100.41 -23.95 -61.38
N GLU UG 95 101.36 -24.89 -61.37
CA GLU UG 95 101.93 -25.38 -62.61
C GLU UG 95 100.97 -26.31 -63.35
N GLU UG 96 99.94 -26.81 -62.65
CA GLU UG 96 99.00 -27.74 -63.27
C GLU UG 96 97.98 -27.00 -64.11
N VAL UG 97 97.73 -25.73 -63.82
CA VAL UG 97 96.64 -24.98 -64.42
C VAL UG 97 97.14 -23.93 -65.41
N GLU UG 98 98.40 -24.01 -65.82
CA GLU UG 98 98.91 -23.03 -66.78
C GLU UG 98 98.43 -23.30 -68.20
N GLN UG 99 97.88 -24.49 -68.46
CA GLN UG 99 97.32 -24.77 -69.77
C GLN UG 99 95.95 -24.13 -69.95
N PHE UG 100 95.29 -23.75 -68.86
CA PHE UG 100 93.99 -23.09 -68.91
C PHE UG 100 94.08 -21.58 -68.79
N ARG UG 101 95.28 -21.02 -68.72
CA ARG UG 101 95.45 -19.58 -68.55
C ARG UG 101 95.22 -18.83 -69.87
N MET VG 1 78.43 26.01 -66.47
CA MET VG 1 78.69 24.92 -67.40
C MET VG 1 79.89 25.19 -68.28
N GLN VG 2 80.44 24.11 -68.85
CA GLN VG 2 81.53 24.18 -69.79
C GLN VG 2 81.15 23.45 -71.06
N MET VG 3 81.64 23.94 -72.19
CA MET VG 3 81.48 23.23 -73.46
C MET VG 3 82.61 22.21 -73.60
N ALA VG 4 82.23 20.99 -73.97
CA ALA VG 4 83.20 19.92 -74.11
C ALA VG 4 82.85 19.09 -75.34
N LYS VG 5 83.85 18.39 -75.84
CA LYS VG 5 83.70 17.48 -76.97
C LYS VG 5 83.86 16.05 -76.48
N VAL VG 6 82.95 15.17 -76.91
CA VAL VG 6 83.00 13.76 -76.53
C VAL VG 6 84.18 13.13 -77.26
N CYS VG 7 85.20 12.72 -76.52
CA CYS VG 7 86.36 12.10 -77.13
C CYS VG 7 86.37 10.59 -76.96
N GLY VG 8 85.63 10.08 -75.97
CA GLY VG 8 85.54 8.65 -75.84
C GLY VG 8 84.77 8.22 -74.61
N THR VG 9 84.96 6.97 -74.23
CA THR VG 9 84.23 6.35 -73.14
C THR VG 9 85.21 5.78 -72.13
N VAL VG 10 84.83 5.80 -70.86
CA VAL VG 10 85.59 5.19 -69.78
C VAL VG 10 84.71 4.10 -69.16
N VAL VG 11 85.22 2.88 -69.12
CA VAL VG 11 84.50 1.74 -68.55
C VAL VG 11 85.28 1.27 -67.33
N GLY VG 12 84.61 1.21 -66.19
CA GLY VG 12 85.18 0.61 -65.01
C GLY VG 12 84.26 -0.45 -64.45
N THR VG 13 84.79 -1.65 -64.23
CA THR VG 13 83.96 -2.74 -63.72
C THR VG 13 83.98 -2.84 -62.21
N GLN VG 14 85.13 -2.56 -61.59
CA GLN VG 14 85.26 -2.54 -60.14
C GLN VG 14 85.00 -1.11 -59.67
N LYS VG 15 83.83 -0.88 -59.09
CA LYS VG 15 83.41 0.47 -58.74
C LYS VG 15 82.50 0.41 -57.52
N LEU VG 16 81.99 1.56 -57.15
CA LEU VG 16 81.00 1.63 -56.07
C LEU VG 16 79.67 1.07 -56.56
N PRO VG 17 78.85 0.51 -55.66
CA PRO VG 17 77.53 0.02 -56.08
C PRO VG 17 76.58 1.12 -56.52
N SER VG 18 76.79 2.35 -56.07
CA SER VG 18 75.96 3.46 -56.52
C SER VG 18 76.44 4.02 -57.84
N MET VG 19 77.58 3.56 -58.35
CA MET VG 19 78.08 4.01 -59.64
C MET VG 19 77.64 3.11 -60.79
N THR VG 20 76.80 2.11 -60.54
CA THR VG 20 76.40 1.22 -61.62
C THR VG 20 75.27 1.83 -62.42
N GLY VG 21 75.20 1.48 -63.71
CA GLY VG 21 74.26 2.07 -64.63
C GLY VG 21 74.65 3.44 -65.14
N VAL VG 22 75.74 4.02 -64.64
CA VAL VG 22 76.16 5.36 -65.02
C VAL VG 22 77.08 5.24 -66.23
N LYS VG 23 76.69 5.90 -67.32
CA LYS VG 23 77.51 5.93 -68.53
C LYS VG 23 78.54 7.04 -68.41
N LEU VG 24 79.81 6.69 -68.54
CA LEU VG 24 80.92 7.60 -68.31
C LEU VG 24 81.58 7.97 -69.64
N LEU VG 25 81.53 9.24 -69.99
CA LEU VG 25 82.13 9.76 -71.20
C LEU VG 25 83.40 10.53 -70.88
N LEU VG 26 84.42 10.31 -71.71
CA LEU VG 26 85.65 11.08 -71.65
C LEU VG 26 85.44 12.32 -72.53
N LEU VG 27 85.43 13.48 -71.90
CA LEU VG 27 85.06 14.74 -72.55
C LEU VG 27 86.24 15.68 -72.52
N GLN VG 28 86.67 16.16 -73.68
CA GLN VG 28 87.73 17.15 -73.75
C GLN VG 28 87.12 18.54 -73.85
N PHE VG 29 87.57 19.44 -73.00
CA PHE VG 29 87.02 20.79 -72.98
C PHE VG 29 87.49 21.59 -74.19
N ILE VG 30 86.56 22.31 -74.79
CA ILE VG 30 86.82 23.19 -75.92
C ILE VG 30 86.63 24.62 -75.45
N ASP VG 31 87.33 25.55 -76.09
CA ASP VG 31 87.24 26.94 -75.68
C ASP VG 31 86.05 27.62 -76.35
N ALA VG 32 85.94 28.95 -76.15
CA ALA VG 32 84.88 29.71 -76.80
C ALA VG 32 85.14 29.87 -78.29
N ASN VG 33 86.39 29.72 -78.73
CA ASN VG 33 86.70 29.82 -80.15
C ASN VG 33 86.47 28.50 -80.88
N GLY VG 34 86.37 27.39 -80.14
CA GLY VG 34 86.17 26.10 -80.72
C GLY VG 34 87.38 25.17 -80.74
N GLU VG 35 88.52 25.62 -80.23
CA GLU VG 35 89.73 24.82 -80.21
C GLU VG 35 89.73 23.92 -78.97
N LEU VG 36 90.39 22.77 -79.09
CA LEU VG 36 90.45 21.83 -77.98
C LEU VG 36 91.45 22.31 -76.95
N LEU VG 37 91.02 22.38 -75.69
CA LEU VG 37 91.90 22.73 -74.60
C LEU VG 37 92.59 21.49 -74.06
N PRO VG 38 93.79 21.62 -73.49
CA PRO VG 38 94.45 20.47 -72.83
C PRO VG 38 93.90 20.21 -71.43
N LYS VG 39 92.59 19.94 -71.36
CA LYS VG 39 91.89 19.70 -70.11
C LYS VG 39 90.71 18.81 -70.42
N TYR VG 40 90.45 17.84 -69.57
CA TYR VG 40 89.41 16.86 -69.81
C TYR VG 40 88.54 16.68 -68.58
N GLU VG 41 87.55 15.81 -68.71
CA GLU VG 41 86.65 15.44 -67.64
C GLU VG 41 86.05 14.08 -67.96
N VAL VG 42 85.63 13.37 -66.92
CA VAL VG 42 84.79 12.19 -67.08
C VAL VG 42 83.46 12.50 -66.42
N ALA VG 43 82.39 12.44 -67.19
CA ALA VG 43 81.09 12.87 -66.72
C ALA VG 43 80.05 11.79 -66.96
N ALA VG 44 79.02 11.80 -66.11
CA ALA VG 44 77.83 11.01 -66.36
C ALA VG 44 77.07 11.57 -67.54
N ASP VG 45 76.38 10.69 -68.27
CA ASP VG 45 75.71 11.05 -69.51
C ASP VG 45 74.26 10.60 -69.48
N PRO VG 46 73.36 11.41 -68.90
CA PRO VG 46 71.93 11.09 -69.00
C PRO VG 46 71.35 11.44 -70.35
N VAL VG 47 71.79 12.54 -70.94
CA VAL VG 47 71.41 12.95 -72.29
C VAL VG 47 72.33 12.21 -73.24
N GLY VG 48 71.77 11.31 -74.05
CA GLY VG 48 72.57 10.33 -74.77
C GLY VG 48 73.43 10.97 -75.84
N ALA VG 49 74.74 11.03 -75.57
CA ALA VG 49 75.68 11.76 -76.41
C ALA VG 49 76.74 10.81 -76.93
N GLY VG 50 77.03 10.90 -78.22
CA GLY VG 50 78.00 10.04 -78.85
C GLY VG 50 79.30 10.77 -79.18
N LEU VG 51 80.23 10.01 -79.75
CA LEU VG 51 81.59 10.49 -79.95
C LEU VG 51 81.65 11.57 -81.01
N GLY VG 52 82.25 12.70 -80.65
CA GLY VG 52 82.36 13.83 -81.53
C GLY VG 52 81.38 14.95 -81.27
N GLU VG 53 80.37 14.72 -80.44
CA GLU VG 53 79.36 15.74 -80.19
C GLU VG 53 79.89 16.81 -79.26
N TRP VG 54 79.21 17.95 -79.28
CA TRP VG 54 79.49 19.05 -78.37
C TRP VG 54 78.45 19.03 -77.25
N VAL VG 55 78.92 19.02 -76.01
CA VAL VG 55 78.05 18.87 -74.86
C VAL VG 55 78.28 20.01 -73.88
N LEU VG 56 77.30 20.25 -73.03
CA LEU VG 56 77.44 21.13 -71.89
C LEU VG 56 77.62 20.27 -70.64
N VAL VG 57 78.67 20.57 -69.87
CA VAL VG 57 79.04 19.78 -68.71
C VAL VG 57 78.98 20.68 -67.50
N ASN VG 58 78.27 20.25 -66.47
CA ASN VG 58 78.29 21.00 -65.22
C ASN VG 58 79.37 20.41 -64.31
N ARG VG 59 79.52 20.99 -63.13
CA ARG VG 59 80.60 20.62 -62.24
C ARG VG 59 80.08 20.68 -60.81
N GLY VG 60 80.50 19.71 -60.01
CA GLY VG 60 80.19 19.74 -58.59
C GLY VG 60 78.88 19.09 -58.23
N SER VG 61 78.16 19.71 -57.29
CA SER VG 61 76.90 19.15 -56.80
C SER VG 61 75.74 19.35 -57.75
N ALA VG 62 75.94 20.10 -58.84
CA ALA VG 62 74.92 20.22 -59.88
C ALA VG 62 74.74 18.93 -60.65
N ALA VG 63 75.74 18.04 -60.63
CA ALA VG 63 75.63 16.73 -61.27
C ALA VG 63 74.65 15.81 -60.54
N ARG VG 64 74.29 16.13 -59.30
CA ARG VG 64 73.40 15.33 -58.49
C ARG VG 64 71.99 15.89 -58.39
N GLN VG 65 71.55 16.60 -59.42
CA GLN VG 65 70.26 17.30 -59.36
C GLN VG 65 69.17 16.64 -60.21
N THR VG 66 69.52 15.65 -61.03
CA THR VG 66 68.59 15.09 -61.99
C THR VG 66 67.73 13.95 -61.45
N GLU VG 67 67.63 13.85 -60.12
CA GLU VG 67 66.74 12.99 -59.32
C GLU VG 67 66.96 11.48 -59.50
N TYR VG 68 67.91 11.08 -60.36
CA TYR VG 68 68.43 9.73 -60.32
C TYR VG 68 69.94 9.72 -60.16
N HIS VG 69 70.56 10.88 -59.97
CA HIS VG 69 71.96 11.00 -59.60
C HIS VG 69 72.14 11.57 -58.21
N GLN VG 70 71.08 11.54 -57.39
CA GLN VG 70 71.01 12.36 -56.19
C GLN VG 70 71.99 11.91 -55.11
N ASN VG 71 72.10 10.61 -54.88
CA ASN VG 71 72.99 10.06 -53.88
C ASN VG 71 74.17 9.32 -54.51
N ARG VG 72 74.48 9.66 -55.75
CA ARG VG 72 75.55 9.10 -56.55
C ARG VG 72 76.79 9.97 -56.49
N PRO VG 73 77.97 9.38 -56.34
CA PRO VG 73 79.21 10.16 -56.21
C PRO VG 73 79.70 10.72 -57.54
N LEU VG 74 78.96 11.69 -58.07
CA LEU VG 74 79.24 12.29 -59.37
C LEU VG 74 79.50 13.78 -59.19
N ASP VG 75 80.55 14.27 -59.83
CA ASP VG 75 80.88 15.70 -59.81
C ASP VG 75 80.89 16.30 -61.20
N ALA VG 76 80.43 15.57 -62.21
CA ALA VG 76 80.38 16.06 -63.58
C ALA VG 76 79.30 15.31 -64.32
N MET VG 77 78.55 16.03 -65.16
CA MET VG 77 77.40 15.45 -65.84
C MET VG 77 77.13 16.23 -67.11
N VAL VG 78 76.90 15.50 -68.21
CA VAL VG 78 76.42 16.13 -69.43
C VAL VG 78 74.96 16.53 -69.22
N VAL VG 79 74.68 17.83 -69.32
CA VAL VG 79 73.32 18.32 -69.11
C VAL VG 79 72.63 18.66 -70.43
N ALA VG 80 73.37 18.86 -71.50
CA ALA VG 80 72.79 19.26 -72.78
C ALA VG 80 73.73 18.84 -73.89
N ILE VG 81 73.15 18.50 -75.03
CA ILE VG 81 73.89 18.36 -76.28
C ILE VG 81 73.75 19.68 -77.02
N ILE VG 82 74.89 20.27 -77.38
CA ILE VG 82 74.90 21.59 -77.98
C ILE VG 82 74.37 21.51 -79.41
N ASP VG 83 73.34 22.30 -79.70
CA ASP VG 83 72.83 22.46 -81.05
C ASP VG 83 73.56 23.59 -81.78
N THR VG 84 73.61 24.77 -81.18
CA THR VG 84 74.14 25.95 -81.85
C THR VG 84 74.93 26.78 -80.83
N VAL VG 85 76.12 27.20 -81.23
CA VAL VG 85 76.89 28.21 -80.52
C VAL VG 85 76.98 29.43 -81.41
N THR VG 86 76.45 30.56 -80.95
CA THR VG 86 76.49 31.82 -81.66
C THR VG 86 77.38 32.77 -80.87
N VAL VG 87 78.48 33.21 -81.47
CA VAL VG 87 79.41 34.14 -80.84
C VAL VG 87 79.44 35.42 -81.67
N ASN VG 88 79.10 36.54 -81.02
CA ASN VG 88 79.08 37.88 -81.62
C ASN VG 88 78.15 37.93 -82.84
N ASN VG 89 76.95 37.35 -82.67
CA ASN VG 89 75.91 37.15 -83.68
C ASN VG 89 76.37 36.34 -84.89
N ARG VG 90 77.46 35.58 -84.76
CA ARG VG 90 77.96 34.70 -85.81
C ARG VG 90 77.91 33.27 -85.30
N ARG VG 91 77.34 32.37 -86.09
CA ARG VG 91 77.22 30.98 -85.69
C ARG VG 91 78.58 30.30 -85.71
N LEU VG 92 79.02 29.84 -84.54
CA LEU VG 92 80.28 29.11 -84.40
C LEU VG 92 80.10 27.61 -84.61
N TYR VG 93 78.99 27.06 -84.16
CA TYR VG 93 78.74 25.62 -84.21
C TYR VG 93 77.29 25.39 -84.64
N GLY VG 94 77.07 24.33 -85.40
CA GLY VG 94 75.75 23.98 -85.86
C GLY VG 94 75.46 24.43 -87.27
N ALA WG 2 -22.54 -14.01 -111.49
CA ALA WG 2 -21.46 -14.20 -112.46
C ALA WG 2 -20.39 -15.11 -111.90
N VAL WG 3 -19.20 -15.07 -112.53
CA VAL WG 3 -18.05 -15.83 -112.07
C VAL WG 3 -17.60 -15.28 -110.71
N ALA WG 4 -17.23 -16.19 -109.80
CA ALA WG 4 -16.95 -15.83 -108.41
C ALA WG 4 -15.76 -14.90 -108.28
N VAL WG 5 -15.79 -14.05 -107.27
CA VAL WG 5 -14.77 -13.04 -107.05
C VAL WG 5 -14.23 -13.18 -105.64
N GLY WG 6 -12.90 -13.19 -105.51
CA GLY WG 6 -12.25 -13.20 -104.21
C GLY WG 6 -11.39 -11.96 -104.05
N MET WG 7 -11.34 -11.45 -102.83
CA MET WG 7 -10.57 -10.25 -102.52
C MET WG 7 -9.75 -10.51 -101.27
N ILE WG 8 -8.48 -10.12 -101.31
CA ILE WG 8 -7.63 -10.09 -100.12
C ILE WG 8 -7.10 -8.68 -99.98
N GLU WG 9 -7.44 -8.03 -98.88
CA GLU WG 9 -6.94 -6.69 -98.57
C GLU WG 9 -5.81 -6.79 -97.57
N THR WG 10 -4.65 -6.26 -97.93
CA THR WG 10 -3.49 -6.26 -97.06
C THR WG 10 -3.06 -4.83 -96.78
N LEU WG 11 -2.28 -4.69 -95.72
CA LEU WG 11 -1.64 -3.42 -95.39
C LEU WG 11 -0.20 -3.49 -95.88
N GLY WG 12 0.05 -2.97 -97.07
CA GLY WG 12 1.38 -3.02 -97.63
C GLY WG 12 1.44 -3.68 -98.99
N PHE WG 13 2.34 -3.20 -99.84
CA PHE WG 13 2.53 -3.74 -101.19
C PHE WG 13 3.32 -5.05 -101.28
N PRO WG 14 4.37 -5.32 -100.46
CA PRO WG 14 4.94 -6.68 -100.51
C PRO WG 14 3.99 -7.75 -100.01
N ALA WG 15 3.05 -7.42 -99.13
CA ALA WG 15 2.09 -8.41 -98.66
C ALA WG 15 1.01 -8.68 -99.69
N VAL WG 16 0.74 -7.70 -100.56
CA VAL WG 16 -0.35 -7.87 -101.51
C VAL WG 16 0.15 -8.58 -102.77
N VAL WG 17 1.46 -8.55 -103.01
CA VAL WG 17 2.02 -9.28 -104.14
C VAL WG 17 2.17 -10.75 -103.77
N GLU WG 18 2.54 -11.03 -102.52
CA GLU WG 18 2.52 -12.41 -102.03
C GLU WG 18 1.09 -12.95 -101.95
N ALA WG 19 0.13 -12.09 -101.62
CA ALA WG 19 -1.27 -12.49 -101.68
C ALA WG 19 -1.70 -12.78 -103.11
N ALA WG 20 -1.29 -11.94 -104.06
CA ALA WG 20 -1.67 -12.17 -105.45
C ALA WG 20 -0.92 -13.36 -106.04
N ASP WG 21 0.33 -13.58 -105.63
CA ASP WG 21 1.10 -14.68 -106.19
C ASP WG 21 0.65 -16.02 -105.64
N ALA WG 22 0.33 -16.10 -104.36
CA ALA WG 22 -0.07 -17.37 -103.77
C ALA WG 22 -1.49 -17.74 -104.17
N MET WG 23 -2.30 -16.76 -104.57
CA MET WG 23 -3.67 -17.07 -104.98
C MET WG 23 -3.69 -17.75 -106.34
N VAL WG 24 -2.91 -17.24 -107.30
CA VAL WG 24 -2.93 -17.83 -108.63
C VAL WG 24 -2.03 -19.05 -108.70
N LYS WG 25 -1.27 -19.33 -107.63
CA LYS WG 25 -0.47 -20.54 -107.58
C LYS WG 25 -1.19 -21.66 -106.83
N ALA WG 26 -2.18 -21.32 -106.01
CA ALA WG 26 -2.89 -22.34 -105.24
C ALA WG 26 -3.98 -23.00 -106.07
N ALA WG 27 -4.60 -22.25 -106.98
CA ALA WG 27 -5.75 -22.75 -107.71
C ALA WG 27 -5.82 -22.07 -109.07
N ARG WG 28 -6.82 -22.47 -109.85
CA ARG WG 28 -7.01 -21.97 -111.21
C ARG WG 28 -7.90 -20.73 -111.15
N VAL WG 29 -7.34 -19.65 -110.63
CA VAL WG 29 -8.01 -18.35 -110.59
C VAL WG 29 -7.27 -17.40 -111.51
N THR WG 30 -7.93 -16.30 -111.84
CA THR WG 30 -7.34 -15.26 -112.66
C THR WG 30 -7.29 -13.97 -111.84
N LEU WG 31 -6.10 -13.52 -111.50
CA LEU WG 31 -5.90 -12.21 -110.90
C LEU WG 31 -6.24 -11.15 -111.94
N VAL WG 32 -7.32 -10.41 -111.70
CA VAL WG 32 -7.80 -9.45 -112.68
C VAL WG 32 -7.58 -8.01 -112.24
N GLY WG 33 -7.44 -7.75 -110.95
CA GLY WG 33 -7.53 -6.39 -110.46
C GLY WG 33 -6.59 -6.17 -109.31
N TYR WG 34 -6.38 -4.90 -108.99
CA TYR WG 34 -5.43 -4.46 -107.98
C TYR WG 34 -5.86 -3.06 -107.58
N GLU WG 35 -6.33 -2.91 -106.34
CA GLU WG 35 -7.05 -1.72 -105.94
C GLU WG 35 -6.42 -1.09 -104.71
N LYS WG 36 -6.12 0.21 -104.81
CA LYS WG 36 -5.60 0.99 -103.71
C LYS WG 36 -6.66 2.00 -103.29
N ILE WG 37 -6.99 2.01 -102.00
CA ILE WG 37 -8.05 2.86 -101.47
C ILE WG 37 -7.52 3.83 -100.43
N GLY WG 38 -6.20 3.91 -100.26
CA GLY WG 38 -5.61 4.83 -99.30
C GLY WG 38 -5.24 4.15 -98.00
N THR WG 39 -4.38 4.83 -97.24
CA THR WG 39 -3.70 4.37 -96.03
C THR WG 39 -3.06 3.01 -96.16
N GLY WG 40 -2.48 2.70 -97.33
CA GLY WG 40 -1.79 1.45 -97.51
C GLY WG 40 -2.66 0.22 -97.66
N ARG WG 41 -3.99 0.38 -97.59
CA ARG WG 41 -4.91 -0.73 -97.78
C ARG WG 41 -4.96 -1.06 -99.26
N VAL WG 42 -4.37 -2.19 -99.64
CA VAL WG 42 -4.28 -2.61 -101.03
C VAL WG 42 -5.03 -3.93 -101.17
N THR WG 43 -5.88 -4.02 -102.19
CA THR WG 43 -6.70 -5.20 -102.43
C THR WG 43 -6.38 -5.77 -103.80
N VAL WG 44 -6.15 -7.07 -103.87
CA VAL WG 44 -6.07 -7.81 -105.13
C VAL WG 44 -7.35 -8.60 -105.31
N ILE WG 45 -7.79 -8.71 -106.56
CA ILE WG 45 -9.08 -9.29 -106.91
C ILE WG 45 -8.84 -10.44 -107.88
N VAL WG 46 -9.30 -11.63 -107.52
CA VAL WG 46 -9.21 -12.79 -108.39
C VAL WG 46 -10.61 -13.20 -108.83
N ARG WG 47 -10.68 -13.80 -110.00
CA ARG WG 47 -11.91 -14.39 -110.51
C ARG WG 47 -11.68 -15.86 -110.80
N GLY WG 48 -12.76 -16.63 -110.79
CA GLY WG 48 -12.65 -18.04 -111.11
C GLY WG 48 -13.84 -18.79 -110.55
N ASP WG 49 -13.75 -20.12 -110.63
CA ASP WG 49 -14.78 -20.97 -110.04
C ASP WG 49 -14.74 -20.88 -108.52
N VAL WG 50 -15.84 -21.29 -107.90
CA VAL WG 50 -16.00 -21.12 -106.46
C VAL WG 50 -15.05 -22.01 -105.69
N SER WG 51 -14.80 -23.22 -106.21
CA SER WG 51 -13.82 -24.12 -105.59
C SER WG 51 -12.42 -23.55 -105.70
N GLU WG 52 -12.09 -22.89 -106.80
CA GLU WG 52 -10.77 -22.30 -106.96
C GLU WG 52 -10.60 -21.05 -106.12
N VAL WG 53 -11.64 -20.20 -106.06
CA VAL WG 53 -11.53 -18.93 -105.34
C VAL WG 53 -11.49 -19.17 -103.84
N GLN WG 54 -12.26 -20.14 -103.35
CA GLN WG 54 -12.19 -20.50 -101.92
C GLN WG 54 -10.84 -21.09 -101.56
N ALA WG 55 -10.23 -21.85 -102.47
CA ALA WG 55 -8.92 -22.42 -102.18
C ALA WG 55 -7.83 -21.37 -102.28
N SER WG 56 -7.97 -20.42 -103.21
CA SER WG 56 -6.93 -19.41 -103.42
C SER WG 56 -6.93 -18.38 -102.29
N VAL WG 57 -8.11 -17.91 -101.89
CA VAL WG 57 -8.19 -16.87 -100.86
C VAL WG 57 -7.77 -17.43 -99.51
N SER WG 58 -8.11 -18.68 -99.22
CA SER WG 58 -7.69 -19.30 -97.97
C SER WG 58 -6.19 -19.57 -97.94
N ALA WG 59 -5.61 -19.91 -99.10
CA ALA WG 59 -4.16 -20.12 -99.15
C ALA WG 59 -3.42 -18.80 -99.30
N GLY WG 60 -4.05 -17.81 -99.95
CA GLY WG 60 -3.45 -16.49 -100.04
C GLY WG 60 -3.43 -15.75 -98.71
N THR WG 61 -4.35 -16.08 -97.81
CA THR WG 61 -4.37 -15.45 -96.50
C THR WG 61 -3.24 -15.97 -95.63
N GLU WG 62 -2.98 -17.28 -95.66
CA GLU WG 62 -1.93 -17.86 -94.84
C GLU WG 62 -0.54 -17.51 -95.33
N SER WG 63 -0.41 -17.16 -96.62
CA SER WG 63 0.90 -16.82 -97.15
C SER WG 63 1.34 -15.42 -96.76
N VAL WG 64 0.38 -14.52 -96.52
CA VAL WG 64 0.71 -13.15 -96.10
C VAL WG 64 1.29 -13.13 -94.69
N LYS WG 65 0.85 -14.01 -93.81
CA LYS WG 65 1.47 -14.13 -92.49
C LYS WG 65 2.68 -15.07 -92.52
N ARG WG 66 3.53 -14.87 -93.52
CA ARG WG 66 4.85 -15.46 -93.64
C ARG WG 66 5.76 -14.38 -94.22
N VAL WG 67 5.17 -13.20 -94.43
CA VAL WG 67 5.87 -12.00 -94.88
C VAL WG 67 6.10 -11.12 -93.66
N ASN WG 68 7.32 -10.61 -93.50
CA ASN WG 68 7.61 -9.70 -92.40
C ASN WG 68 7.00 -8.34 -92.70
N GLY WG 69 6.25 -7.81 -91.75
CA GLY WG 69 5.51 -6.59 -91.98
C GLY WG 69 4.24 -6.78 -92.78
N GLY WG 70 3.82 -8.01 -93.01
CA GLY WG 70 2.62 -8.32 -93.76
C GLY WG 70 1.44 -8.52 -92.83
N GLN WG 71 0.29 -7.98 -93.23
CA GLN WG 71 -0.91 -8.03 -92.42
C GLN WG 71 -2.13 -8.12 -93.31
N VAL WG 72 -2.97 -9.13 -93.08
CA VAL WG 72 -4.23 -9.26 -93.79
C VAL WG 72 -5.25 -8.39 -93.06
N LEU WG 73 -5.82 -7.42 -93.78
CA LEU WG 73 -6.85 -6.59 -93.19
C LEU WG 73 -8.23 -7.20 -93.36
N SER WG 74 -8.55 -7.65 -94.57
CA SER WG 74 -9.89 -8.13 -94.87
C SER WG 74 -9.84 -9.07 -96.06
N THR WG 75 -10.54 -10.19 -95.94
CA THR WG 75 -10.68 -11.15 -97.03
C THR WG 75 -12.15 -11.45 -97.22
N HIS WG 76 -12.54 -11.69 -98.47
CA HIS WG 76 -13.91 -12.06 -98.77
C HIS WG 76 -14.00 -12.81 -100.08
N ILE WG 77 -14.99 -13.70 -100.17
CA ILE WG 77 -15.33 -14.42 -101.38
C ILE WG 77 -16.81 -14.20 -101.65
N ILE WG 78 -17.14 -13.73 -102.85
CA ILE WG 78 -18.51 -13.69 -103.32
C ILE WG 78 -18.65 -14.73 -104.40
N ALA WG 79 -19.43 -15.78 -104.13
CA ALA WG 79 -19.49 -16.95 -104.99
C ALA WG 79 -20.24 -16.67 -106.28
N ARG WG 80 -21.18 -15.73 -106.24
CA ARG WG 80 -22.01 -15.42 -107.40
C ARG WG 80 -22.33 -13.93 -107.35
N PRO WG 81 -21.42 -13.09 -107.84
CA PRO WG 81 -21.70 -11.65 -107.84
C PRO WG 81 -22.71 -11.29 -108.91
N HIS WG 82 -23.48 -10.25 -108.62
CA HIS WG 82 -24.44 -9.73 -109.56
C HIS WG 82 -23.72 -9.12 -110.77
N GLU WG 83 -24.40 -9.16 -111.91
CA GLU WG 83 -23.83 -8.62 -113.14
C GLU WG 83 -23.79 -7.09 -113.15
N ASN WG 84 -24.45 -6.44 -112.19
CA ASN WG 84 -24.30 -5.00 -111.99
C ASN WG 84 -22.91 -4.63 -111.50
N LEU WG 85 -22.25 -5.54 -110.77
CA LEU WG 85 -21.04 -5.19 -110.02
C LEU WG 85 -19.82 -5.04 -110.92
N GLU WG 86 -19.77 -5.75 -112.04
CA GLU WG 86 -18.59 -5.69 -112.90
C GLU WG 86 -18.49 -4.36 -113.64
N TYR WG 87 -19.63 -3.68 -113.82
CA TYR WG 87 -19.62 -2.43 -114.55
C TYR WG 87 -19.26 -1.25 -113.64
N VAL WG 88 -19.45 -1.42 -112.34
CA VAL WG 88 -19.18 -0.31 -111.41
C VAL WG 88 -17.89 -0.55 -110.65
N LEU WG 89 -17.70 -1.74 -110.14
CA LEU WG 89 -16.53 -2.04 -109.36
C LEU WG 89 -15.42 -2.62 -110.24
N PRO WG 90 -14.15 -2.37 -109.91
CA PRO WG 90 -13.04 -2.91 -110.72
C PRO WG 90 -12.73 -4.37 -110.42
N ILE WG 91 -13.71 -5.24 -110.63
CA ILE WG 91 -13.56 -6.66 -110.44
C ILE WG 91 -13.73 -7.45 -111.74
N ARG WG 92 -13.81 -6.77 -112.87
CA ARG WG 92 -14.11 -7.44 -114.12
C ARG WG 92 -12.83 -7.88 -114.82
N TYR WG 93 -13.01 -8.78 -115.79
CA TYR WG 93 -11.90 -9.23 -116.61
C TYR WG 93 -11.49 -8.14 -117.58
N THR WG 94 -10.20 -7.79 -117.55
CA THR WG 94 -9.65 -6.85 -118.52
C THR WG 94 -9.00 -7.62 -119.67
N GLU WG 95 -8.59 -6.88 -120.70
CA GLU WG 95 -8.12 -7.55 -121.91
C GLU WG 95 -6.69 -8.06 -121.77
N GLU WG 96 -5.96 -7.61 -120.76
CA GLU WG 96 -4.61 -8.13 -120.55
C GLU WG 96 -4.62 -9.46 -119.79
N VAL WG 97 -5.74 -9.78 -119.15
CA VAL WG 97 -5.85 -11.01 -118.38
C VAL WG 97 -6.81 -12.01 -119.03
N GLU WG 98 -7.13 -11.82 -120.31
CA GLU WG 98 -8.00 -12.76 -121.00
C GLU WG 98 -7.31 -14.06 -121.35
N GLN WG 99 -5.98 -14.10 -121.33
CA GLN WG 99 -5.26 -15.33 -121.62
C GLN WG 99 -5.28 -16.29 -120.44
N PHE WG 100 -5.53 -15.78 -119.23
CA PHE WG 100 -5.50 -16.60 -118.02
C PHE WG 100 -6.87 -17.09 -117.60
N ARG WG 101 -7.93 -16.71 -118.30
CA ARG WG 101 -9.27 -17.12 -117.93
C ARG WG 101 -9.54 -18.58 -118.31
N ALA XG 2 -35.14 13.57 -108.05
CA ALA XG 2 -34.93 12.36 -108.84
C ALA XG 2 -35.30 11.13 -108.04
N VAL XG 3 -34.91 9.96 -108.55
CA VAL XG 3 -35.18 8.70 -107.84
C VAL XG 3 -34.16 8.58 -106.70
N ALA XG 4 -34.47 7.74 -105.71
CA ALA XG 4 -33.79 7.81 -104.42
C ALA XG 4 -32.35 7.32 -104.50
N VAL XG 5 -31.53 7.79 -103.55
CA VAL XG 5 -30.10 7.49 -103.48
C VAL XG 5 -29.84 6.76 -102.17
N GLY XG 6 -29.12 5.65 -102.25
CA GLY XG 6 -28.61 5.00 -101.05
C GLY XG 6 -27.10 4.89 -101.11
N MET XG 7 -26.46 5.19 -100.00
CA MET XG 7 -25.02 5.16 -99.89
C MET XG 7 -24.61 4.35 -98.67
N ILE XG 8 -23.67 3.44 -98.85
CA ILE XG 8 -23.03 2.74 -97.74
C ILE XG 8 -21.53 3.03 -97.83
N GLU XG 9 -20.97 3.63 -96.79
CA GLU XG 9 -19.55 3.86 -96.71
C GLU XG 9 -18.92 2.83 -95.77
N THR XG 10 -17.94 2.09 -96.29
CA THR XG 10 -17.24 1.09 -95.51
C THR XG 10 -15.77 1.43 -95.43
N LEU XG 11 -15.11 0.83 -94.43
CA LEU XG 11 -13.66 0.90 -94.29
C LEU XG 11 -13.10 -0.38 -94.92
N GLY XG 12 -12.65 -0.28 -96.16
CA GLY XG 12 -12.11 -1.44 -96.83
C GLY XG 12 -12.84 -1.82 -98.10
N PHE XG 13 -12.10 -2.30 -99.09
CA PHE XG 13 -12.67 -2.72 -100.36
C PHE XG 13 -13.37 -4.08 -100.36
N PRO XG 14 -12.94 -5.13 -99.64
CA PRO XG 14 -13.79 -6.33 -99.59
C PRO XG 14 -15.12 -6.12 -98.88
N ALA XG 15 -15.21 -5.13 -97.99
CA ALA XG 15 -16.48 -4.85 -97.32
C ALA XG 15 -17.42 -4.09 -98.23
N VAL XG 16 -16.88 -3.36 -99.22
CA VAL XG 16 -17.74 -2.51 -100.04
C VAL XG 16 -18.28 -3.30 -101.23
N VAL XG 17 -17.65 -4.42 -101.57
CA VAL XG 17 -18.14 -5.25 -102.66
C VAL XG 17 -19.21 -6.20 -102.15
N GLU XG 18 -19.06 -6.67 -100.91
CA GLU XG 18 -20.11 -7.46 -100.29
C GLU XG 18 -21.32 -6.61 -99.95
N ALA XG 19 -21.10 -5.34 -99.59
CA ALA XG 19 -22.21 -4.42 -99.38
C ALA XG 19 -22.93 -4.12 -100.69
N ALA XG 20 -22.17 -3.95 -101.77
CA ALA XG 20 -22.79 -3.66 -103.07
C ALA XG 20 -23.48 -4.89 -103.64
N ASP XG 21 -22.97 -6.09 -103.37
CA ASP XG 21 -23.60 -7.30 -103.88
C ASP XG 21 -24.84 -7.65 -103.08
N ALA XG 22 -24.85 -7.32 -101.78
CA ALA XG 22 -26.04 -7.56 -100.98
C ALA XG 22 -27.15 -6.58 -101.32
N MET XG 23 -26.79 -5.38 -101.79
CA MET XG 23 -27.78 -4.35 -102.05
C MET XG 23 -28.58 -4.66 -103.31
N VAL XG 24 -27.91 -5.06 -104.38
CA VAL XG 24 -28.60 -5.26 -105.65
C VAL XG 24 -29.30 -6.63 -105.68
N LYS XG 25 -29.00 -7.49 -104.71
CA LYS XG 25 -29.73 -8.75 -104.60
C LYS XG 25 -30.95 -8.61 -103.70
N ALA XG 26 -30.91 -7.70 -102.73
CA ALA XG 26 -31.99 -7.61 -101.77
C ALA XG 26 -33.20 -6.90 -102.33
N ALA XG 27 -33.01 -5.99 -103.28
CA ALA XG 27 -34.11 -5.20 -103.79
C ALA XG 27 -33.82 -4.77 -105.21
N ARG XG 28 -34.77 -4.02 -105.79
CA ARG XG 28 -34.70 -3.57 -107.18
C ARG XG 28 -34.00 -2.21 -107.24
N VAL XG 29 -32.74 -2.22 -106.83
CA VAL XG 29 -31.90 -1.03 -106.90
C VAL XG 29 -30.84 -1.27 -107.97
N THR XG 30 -30.27 -0.18 -108.46
CA THR XG 30 -29.19 -0.20 -109.43
C THR XG 30 -27.95 0.39 -108.78
N LEU XG 31 -26.91 -0.41 -108.63
CA LEU XG 31 -25.60 0.10 -108.25
C LEU XG 31 -25.07 0.95 -109.39
N VAL XG 32 -24.91 2.25 -109.15
CA VAL XG 32 -24.48 3.17 -110.18
C VAL XG 32 -23.11 3.76 -109.92
N GLY XG 33 -22.63 3.74 -108.68
CA GLY XG 33 -21.50 4.56 -108.31
C GLY XG 33 -20.60 3.84 -107.33
N TYR XG 34 -19.36 4.30 -107.27
CA TYR XG 34 -18.33 3.72 -106.43
C TYR XG 34 -17.30 4.81 -106.21
N GLU XG 35 -17.13 5.24 -104.97
CA GLU XG 35 -16.39 6.46 -104.67
C GLU XG 35 -15.33 6.20 -103.61
N LYS XG 36 -14.10 6.63 -103.89
CA LYS XG 36 -12.99 6.59 -102.95
C LYS XG 36 -12.67 8.01 -102.53
N ILE XG 37 -12.63 8.25 -101.22
CA ILE XG 37 -12.37 9.58 -100.68
C ILE XG 37 -11.15 9.60 -99.77
N GLY XG 38 -10.44 8.47 -99.65
CA GLY XG 38 -9.23 8.41 -98.85
C GLY XG 38 -9.45 7.77 -97.49
N THR XG 39 -8.32 7.44 -96.85
CA THR XG 39 -8.22 6.64 -95.61
C THR XG 39 -9.02 5.36 -95.63
N GLY XG 40 -9.14 4.71 -96.78
CA GLY XG 40 -9.89 3.49 -96.87
C GLY XG 40 -11.40 3.66 -96.82
N ARG XG 41 -11.89 4.89 -96.83
CA ARG XG 41 -13.33 5.14 -96.82
C ARG XG 41 -13.85 5.02 -98.23
N VAL XG 42 -14.58 3.94 -98.50
CA VAL XG 42 -15.08 3.62 -99.84
C VAL XG 42 -16.60 3.59 -99.78
N THR XG 43 -17.24 4.25 -100.74
CA THR XG 43 -18.69 4.39 -100.77
C THR XG 43 -19.22 3.80 -102.07
N VAL XG 44 -20.27 2.98 -101.97
CA VAL XG 44 -21.03 2.53 -103.12
C VAL XG 44 -22.41 3.19 -103.09
N ILE XG 45 -22.94 3.52 -104.26
CA ILE XG 45 -24.15 4.30 -104.41
C ILE XG 45 -25.15 3.48 -105.20
N VAL XG 46 -26.35 3.29 -104.65
CA VAL XG 46 -27.44 2.62 -105.36
C VAL XG 46 -28.54 3.62 -105.65
N ARG XG 47 -29.28 3.35 -106.73
CA ARG XG 47 -30.44 4.13 -107.11
C ARG XG 47 -31.65 3.23 -107.26
N GLY XG 48 -32.79 3.71 -106.78
CA GLY XG 48 -34.04 2.99 -106.95
C GLY XG 48 -35.14 3.72 -106.23
N ASP XG 49 -36.29 3.07 -106.13
CA ASP XG 49 -37.37 3.60 -105.31
C ASP XG 49 -36.97 3.57 -103.84
N VAL XG 50 -37.58 4.48 -103.07
CA VAL XG 50 -37.17 4.70 -101.68
C VAL XG 50 -37.40 3.47 -100.81
N SER XG 51 -38.44 2.69 -101.08
CA SER XG 51 -38.66 1.45 -100.35
C SER XG 51 -37.63 0.40 -100.74
N GLU XG 52 -37.27 0.36 -102.03
CA GLU XG 52 -36.24 -0.57 -102.47
C GLU XG 52 -34.86 -0.14 -101.98
N VAL XG 53 -34.62 1.17 -101.93
CA VAL XG 53 -33.33 1.67 -101.46
C VAL XG 53 -33.19 1.45 -99.96
N GLN XG 54 -34.29 1.61 -99.21
CA GLN XG 54 -34.27 1.34 -97.77
C GLN XG 54 -34.07 -0.14 -97.48
N ALA XG 55 -34.66 -1.01 -98.30
CA ALA XG 55 -34.52 -2.44 -98.09
C ALA XG 55 -33.12 -2.92 -98.47
N SER XG 56 -32.49 -2.24 -99.43
CA SER XG 56 -31.16 -2.67 -99.88
C SER XG 56 -30.07 -2.17 -98.95
N VAL XG 57 -30.15 -0.90 -98.54
CA VAL XG 57 -29.11 -0.27 -97.74
C VAL XG 57 -29.03 -0.90 -96.35
N SER XG 58 -30.19 -1.29 -95.79
CA SER XG 58 -30.19 -2.00 -94.52
C SER XG 58 -29.65 -3.41 -94.69
N ALA XG 59 -29.90 -4.04 -95.84
CA ALA XG 59 -29.40 -5.39 -96.07
C ALA XG 59 -27.92 -5.38 -96.43
N GLY XG 60 -27.45 -4.30 -97.06
CA GLY XG 60 -26.03 -4.18 -97.34
C GLY XG 60 -25.21 -3.88 -96.10
N THR XG 61 -25.85 -3.33 -95.07
CA THR XG 61 -25.15 -3.05 -93.82
C THR XG 61 -24.92 -4.33 -93.02
N GLU XG 62 -25.88 -5.25 -93.04
CA GLU XG 62 -25.75 -6.48 -92.27
C GLU XG 62 -24.76 -7.44 -92.91
N SER XG 63 -24.56 -7.34 -94.23
CA SER XG 63 -23.66 -8.27 -94.90
C SER XG 63 -22.19 -7.91 -94.74
N VAL XG 64 -21.89 -6.70 -94.27
CA VAL XG 64 -20.51 -6.35 -93.96
C VAL XG 64 -20.03 -7.08 -92.71
N LYS XG 65 -20.96 -7.47 -91.83
CA LYS XG 65 -20.61 -8.29 -90.67
C LYS XG 65 -20.16 -9.69 -91.08
N ARG XG 66 -20.55 -10.16 -92.28
CA ARG XG 66 -20.01 -11.40 -92.80
C ARG XG 66 -18.53 -11.26 -93.13
N VAL XG 67 -18.10 -10.08 -93.56
CA VAL XG 67 -16.72 -9.85 -93.92
C VAL XG 67 -15.89 -9.65 -92.66
N ASN XG 68 -14.80 -10.40 -92.55
CA ASN XG 68 -13.84 -10.19 -91.47
C ASN XG 68 -12.99 -8.96 -91.80
N GLY XG 69 -12.83 -8.07 -90.82
CA GLY XG 69 -12.12 -6.84 -91.09
C GLY XG 69 -12.91 -5.80 -91.84
N GLY XG 70 -14.22 -6.02 -91.99
CA GLY XG 70 -15.09 -5.07 -92.65
C GLY XG 70 -15.90 -4.28 -91.62
N GLN XG 71 -16.11 -3.01 -91.92
CA GLN XG 71 -16.76 -2.10 -90.99
C GLN XG 71 -17.52 -1.03 -91.75
N VAL XG 72 -18.81 -0.90 -91.48
CA VAL XG 72 -19.63 0.15 -92.07
C VAL XG 72 -19.35 1.45 -91.31
N LEU XG 73 -18.93 2.48 -92.04
CA LEU XG 73 -18.66 3.76 -91.40
C LEU XG 73 -19.91 4.64 -91.38
N SER XG 74 -20.60 4.74 -92.51
CA SER XG 74 -21.74 5.63 -92.61
C SER XG 74 -22.69 5.12 -93.68
N THR XG 75 -23.97 5.16 -93.37
CA THR XG 75 -25.02 4.88 -94.34
C THR XG 75 -25.97 6.06 -94.38
N HIS XG 76 -26.54 6.31 -95.56
CA HIS XG 76 -27.56 7.34 -95.69
C HIS XG 76 -28.44 7.04 -96.89
N ILE XG 77 -29.70 7.46 -96.79
CA ILE XG 77 -30.69 7.31 -97.84
C ILE XG 77 -31.33 8.67 -98.08
N ILE XG 78 -31.28 9.15 -99.31
CA ILE XG 78 -31.96 10.37 -99.72
C ILE XG 78 -33.12 9.97 -100.62
N ALA XG 79 -34.35 10.23 -100.15
CA ALA XG 79 -35.54 9.72 -100.83
C ALA XG 79 -35.81 10.44 -102.14
N ARG XG 80 -35.50 11.73 -102.20
CA ARG XG 80 -35.76 12.55 -103.39
C ARG XG 80 -34.62 13.55 -103.53
N PRO XG 81 -33.53 13.14 -104.17
CA PRO XG 81 -32.42 14.08 -104.36
C PRO XG 81 -32.76 15.12 -105.39
N HIS XG 82 -32.16 16.30 -105.21
CA HIS XG 82 -32.30 17.38 -106.18
C HIS XG 82 -31.62 17.02 -107.48
N GLU XG 83 -32.08 17.64 -108.57
CA GLU XG 83 -31.52 17.38 -109.89
C GLU XG 83 -30.11 17.93 -110.05
N ASN XG 84 -29.71 18.85 -109.17
CA ASN XG 84 -28.36 19.41 -109.20
C ASN XG 84 -27.31 18.38 -108.79
N LEU XG 85 -27.70 17.38 -108.01
CA LEU XG 85 -26.73 16.49 -107.39
C LEU XG 85 -26.19 15.45 -108.37
N GLU XG 86 -26.92 15.15 -109.44
CA GLU XG 86 -26.46 14.12 -110.37
C GLU XG 86 -25.44 14.67 -111.34
N TYR XG 87 -25.35 15.99 -111.46
CA TYR XG 87 -24.38 16.57 -112.39
C TYR XG 87 -23.07 16.90 -111.70
N VAL XG 88 -23.07 16.90 -110.37
CA VAL XG 88 -21.83 17.17 -109.63
C VAL XG 88 -21.33 15.92 -108.95
N LEU XG 89 -22.15 15.29 -108.17
CA LEU XG 89 -21.77 14.11 -107.41
C LEU XG 89 -21.94 12.85 -108.25
N PRO XG 90 -21.10 11.82 -108.03
CA PRO XG 90 -21.23 10.57 -108.81
C PRO XG 90 -22.34 9.66 -108.29
N ILE XG 91 -23.57 10.17 -108.33
CA ILE XG 91 -24.76 9.40 -107.98
C ILE XG 91 -25.66 9.16 -109.18
N ARG XG 92 -25.22 9.50 -110.38
CA ARG XG 92 -26.08 9.47 -111.54
C ARG XG 92 -25.99 8.12 -112.25
N TYR XG 93 -27.00 7.86 -113.07
CA TYR XG 93 -26.98 6.69 -113.94
C TYR XG 93 -26.01 6.91 -115.09
N THR XG 94 -25.02 6.05 -115.19
CA THR XG 94 -24.13 6.05 -116.34
C THR XG 94 -24.71 5.18 -117.45
N GLU XG 95 -24.08 5.23 -118.62
CA GLU XG 95 -24.58 4.47 -119.78
C GLU XG 95 -24.31 2.98 -119.61
N GLU XG 96 -23.30 2.62 -118.82
CA GLU XG 96 -22.96 1.22 -118.61
C GLU XG 96 -23.98 0.50 -117.74
N VAL XG 97 -24.68 1.24 -116.87
CA VAL XG 97 -25.62 0.64 -115.93
C VAL XG 97 -27.07 0.85 -116.36
N GLU XG 98 -27.30 1.21 -117.63
CA GLU XG 98 -28.67 1.41 -118.10
C GLU XG 98 -29.42 0.10 -118.30
N GLN XG 99 -28.71 -1.03 -118.41
CA GLN XG 99 -29.37 -2.32 -118.57
C GLN XG 99 -29.94 -2.83 -117.25
N PHE XG 100 -29.52 -2.26 -116.13
CA PHE XG 100 -29.96 -2.71 -114.81
C PHE XG 100 -31.01 -1.80 -114.18
N ARG XG 101 -31.38 -0.71 -114.85
CA ARG XG 101 -32.35 0.23 -114.29
C ARG XG 101 -33.76 -0.31 -114.37
N ALA YG 2 -24.49 -37.62 -106.66
CA ALA YG 2 -23.79 -36.89 -107.71
C ALA YG 2 -23.70 -35.42 -107.37
N VAL YG 3 -24.86 -34.76 -107.38
CA VAL YG 3 -24.95 -33.37 -106.97
C VAL YG 3 -24.97 -33.30 -105.45
N ALA YG 4 -24.17 -32.40 -104.87
CA ALA YG 4 -24.05 -32.29 -103.42
C ALA YG 4 -25.34 -31.81 -102.78
N VAL YG 5 -25.46 -32.05 -101.48
CA VAL YG 5 -26.65 -31.68 -100.73
C VAL YG 5 -26.21 -30.91 -99.48
N GLY YG 6 -26.89 -29.81 -99.21
CA GLY YG 6 -26.66 -29.05 -97.99
C GLY YG 6 -27.95 -28.75 -97.28
N MET YG 7 -27.90 -28.77 -95.96
CA MET YG 7 -29.08 -28.59 -95.13
C MET YG 7 -28.79 -27.52 -94.08
N ILE YG 8 -29.76 -26.64 -93.86
CA ILE YG 8 -29.74 -25.71 -92.74
C ILE YG 8 -31.02 -25.94 -91.95
N GLU YG 9 -30.88 -26.33 -90.69
CA GLU YG 9 -32.02 -26.48 -89.81
C GLU YG 9 -32.14 -25.26 -88.90
N THR YG 10 -33.26 -24.57 -88.98
CA THR YG 10 -33.53 -23.42 -88.14
C THR YG 10 -34.69 -23.73 -87.21
N LEU YG 11 -34.77 -22.95 -86.14
CA LEU YG 11 -35.92 -22.98 -85.23
C LEU YG 11 -36.85 -21.86 -85.67
N GLY YG 12 -37.92 -22.23 -86.36
CA GLY YG 12 -38.86 -21.24 -86.85
C GLY YG 12 -38.93 -21.13 -88.35
N PHE YG 13 -40.11 -20.83 -88.86
CA PHE YG 13 -40.34 -20.68 -90.30
C PHE YG 13 -39.86 -19.35 -90.91
N PRO YG 14 -39.97 -18.18 -90.27
CA PRO YG 14 -39.33 -16.99 -90.88
C PRO YG 14 -37.81 -17.08 -90.97
N ALA YG 15 -37.16 -17.84 -90.09
CA ALA YG 15 -35.72 -17.97 -90.18
C ALA YG 15 -35.31 -18.95 -91.28
N VAL YG 16 -36.21 -19.86 -91.65
CA VAL YG 16 -35.83 -20.87 -92.64
C VAL YG 16 -36.10 -20.36 -94.04
N VAL YG 17 -36.91 -19.31 -94.18
CA VAL YG 17 -37.12 -18.70 -95.48
C VAL YG 17 -36.02 -17.69 -95.78
N GLU YG 18 -35.54 -16.99 -94.75
CA GLU YG 18 -34.38 -16.12 -94.91
C GLU YG 18 -33.11 -16.94 -95.15
N ALA YG 19 -33.02 -18.12 -94.53
CA ALA YG 19 -31.92 -19.01 -94.83
C ALA YG 19 -32.00 -19.54 -96.25
N ALA YG 20 -33.20 -19.92 -96.70
CA ALA YG 20 -33.34 -20.46 -98.05
C ALA YG 20 -33.17 -19.37 -99.09
N ASP YG 21 -33.56 -18.13 -98.79
CA ASP YG 21 -33.37 -17.04 -99.74
C ASP YG 21 -31.91 -16.63 -99.85
N ALA YG 22 -31.16 -16.73 -98.76
CA ALA YG 22 -29.76 -16.37 -98.79
C ALA YG 22 -28.91 -17.47 -99.42
N MET YG 23 -29.42 -18.69 -99.47
CA MET YG 23 -28.65 -19.80 -100.03
C MET YG 23 -28.66 -19.74 -101.55
N VAL YG 24 -29.82 -19.51 -102.15
CA VAL YG 24 -29.91 -19.55 -103.60
C VAL YG 24 -29.47 -18.24 -104.22
N LYS YG 25 -29.31 -17.19 -103.40
CA LYS YG 25 -28.76 -15.94 -103.90
C LYS YG 25 -27.24 -15.94 -103.84
N ALA YG 26 -26.66 -16.67 -102.89
CA ALA YG 26 -25.22 -16.62 -102.69
C ALA YG 26 -24.47 -17.43 -103.75
N ALA YG 27 -25.02 -18.57 -104.16
CA ALA YG 27 -24.32 -19.44 -105.08
C ALA YG 27 -25.31 -20.14 -106.00
N ARG YG 28 -24.79 -20.97 -106.89
CA ARG YG 28 -25.59 -21.68 -107.89
C ARG YG 28 -26.06 -23.00 -107.30
N VAL YG 29 -26.96 -22.90 -106.34
CA VAL YG 29 -27.61 -24.07 -105.75
C VAL YG 29 -29.09 -23.99 -106.06
N THR YG 30 -29.74 -25.15 -105.99
CA THR YG 30 -31.18 -25.25 -106.17
C THR YG 30 -31.81 -25.67 -104.86
N LEU YG 31 -32.64 -24.82 -104.30
CA LEU YG 31 -33.48 -25.20 -103.18
C LEU YG 31 -34.49 -26.22 -103.67
N VAL YG 32 -34.39 -27.45 -103.19
CA VAL YG 32 -35.24 -28.53 -103.66
C VAL YG 32 -36.20 -29.03 -102.59
N GLY YG 33 -35.95 -28.76 -101.33
CA GLY YG 33 -36.65 -29.46 -100.27
C GLY YG 33 -36.93 -28.57 -99.08
N TYR YG 34 -37.80 -29.06 -98.21
CA TYR YG 34 -38.33 -28.30 -97.09
C TYR YG 34 -38.91 -29.31 -96.13
N GLU YG 35 -38.34 -29.43 -94.94
CA GLU YG 35 -38.64 -30.55 -94.06
C GLU YG 35 -38.95 -30.06 -92.65
N LYS YG 36 -40.04 -30.58 -92.09
CA LYS YG 36 -40.44 -30.31 -90.72
C LYS YG 36 -40.41 -31.62 -89.95
N ILE YG 37 -39.72 -31.62 -88.81
CA ILE YG 37 -39.55 -32.81 -87.99
C ILE YG 37 -40.14 -32.63 -86.60
N GLY YG 38 -40.76 -31.49 -86.32
CA GLY YG 38 -41.33 -31.22 -85.02
C GLY YG 38 -40.44 -30.33 -84.17
N THR YG 39 -41.01 -29.90 -83.04
CA THR YG 39 -40.49 -28.86 -82.14
C THR YG 39 -40.01 -27.60 -82.86
N GLY YG 40 -40.70 -27.20 -83.93
CA GLY YG 40 -40.32 -26.02 -84.66
C GLY YG 40 -39.04 -26.14 -85.48
N ARG YG 41 -38.44 -27.31 -85.53
CA ARG YG 41 -37.20 -27.53 -86.25
C ARG YG 41 -37.51 -27.72 -87.73
N VAL YG 42 -37.13 -26.75 -88.55
CA VAL YG 42 -37.45 -26.72 -89.96
C VAL YG 42 -36.16 -26.72 -90.75
N THR YG 43 -36.08 -27.56 -91.78
CA THR YG 43 -34.87 -27.77 -92.54
C THR YG 43 -35.13 -27.49 -94.01
N VAL YG 44 -34.27 -26.69 -94.64
CA VAL YG 44 -34.28 -26.50 -96.09
C VAL YG 44 -33.08 -27.20 -96.69
N ILE YG 45 -33.28 -27.77 -97.88
CA ILE YG 45 -32.29 -28.62 -98.55
C ILE YG 45 -31.94 -27.98 -99.88
N VAL YG 46 -30.66 -27.72 -100.10
CA VAL YG 46 -30.19 -27.20 -101.38
C VAL YG 46 -29.36 -28.26 -102.09
N ARG YG 47 -29.37 -28.21 -103.41
CA ARG YG 47 -28.54 -29.07 -104.23
C ARG YG 47 -27.70 -28.24 -105.18
N GLY YG 48 -26.40 -28.56 -105.23
CA GLY YG 48 -25.53 -27.92 -106.19
C GLY YG 48 -24.19 -28.61 -106.18
N ASP YG 49 -23.19 -27.93 -106.73
CA ASP YG 49 -21.83 -28.38 -106.55
C ASP YG 49 -21.41 -28.15 -105.11
N VAL YG 50 -20.43 -28.92 -104.65
CA VAL YG 50 -20.04 -28.89 -103.24
C VAL YG 50 -19.42 -27.55 -102.84
N SER YG 51 -18.77 -26.87 -103.78
CA SER YG 51 -18.25 -25.53 -103.50
C SER YG 51 -19.37 -24.51 -103.43
N GLU YG 52 -20.40 -24.68 -104.26
CA GLU YG 52 -21.54 -23.77 -104.23
C GLU YG 52 -22.42 -24.04 -103.01
N VAL YG 53 -22.54 -25.30 -102.61
CA VAL YG 53 -23.29 -25.64 -101.40
C VAL YG 53 -22.59 -25.12 -100.16
N GLN YG 54 -21.25 -25.15 -100.16
CA GLN YG 54 -20.50 -24.63 -99.01
C GLN YG 54 -20.63 -23.12 -98.90
N ALA YG 55 -20.70 -22.43 -100.02
CA ALA YG 55 -20.87 -20.98 -100.00
C ALA YG 55 -22.31 -20.60 -99.64
N SER YG 56 -23.27 -21.47 -99.98
CA SER YG 56 -24.66 -21.18 -99.67
C SER YG 56 -24.98 -21.45 -98.21
N VAL YG 57 -24.51 -22.58 -97.67
CA VAL YG 57 -24.83 -22.97 -96.30
C VAL YG 57 -24.18 -22.02 -95.31
N SER YG 58 -22.99 -21.52 -95.64
CA SER YG 58 -22.35 -20.52 -94.78
C SER YG 58 -23.08 -19.20 -94.84
N ALA YG 59 -23.47 -18.76 -96.04
CA ALA YG 59 -24.15 -17.48 -96.18
C ALA YG 59 -25.58 -17.55 -95.67
N GLY YG 60 -26.20 -18.73 -95.75
CA GLY YG 60 -27.51 -18.91 -95.16
C GLY YG 60 -27.47 -18.97 -93.65
N THR YG 61 -26.30 -19.24 -93.07
CA THR YG 61 -26.19 -19.31 -91.62
C THR YG 61 -26.12 -17.93 -90.98
N GLU YG 62 -25.35 -17.01 -91.57
CA GLU YG 62 -25.25 -15.67 -90.98
C GLU YG 62 -26.48 -14.83 -91.27
N SER YG 63 -27.29 -15.22 -92.26
CA SER YG 63 -28.50 -14.45 -92.55
C SER YG 63 -29.62 -14.75 -91.57
N VAL YG 64 -29.54 -15.85 -90.83
CA VAL YG 64 -30.53 -16.13 -89.80
C VAL YG 64 -30.31 -15.22 -88.60
N LYS YG 65 -29.07 -14.76 -88.39
CA LYS YG 65 -28.74 -13.87 -87.29
C LYS YG 65 -29.40 -12.51 -87.41
N ARG YG 66 -29.79 -12.10 -88.62
CA ARG YG 66 -30.55 -10.87 -88.80
C ARG YG 66 -32.04 -11.06 -88.54
N VAL YG 67 -32.52 -12.31 -88.46
CA VAL YG 67 -33.90 -12.57 -88.08
C VAL YG 67 -33.97 -12.65 -86.56
N ASN YG 68 -34.81 -11.81 -85.95
CA ASN YG 68 -35.03 -11.84 -84.51
C ASN YG 68 -36.12 -12.86 -84.20
N GLY YG 69 -35.76 -13.88 -83.44
CA GLY YG 69 -36.66 -14.97 -83.11
C GLY YG 69 -36.34 -16.29 -83.76
N GLY YG 70 -35.31 -16.34 -84.61
CA GLY YG 70 -34.89 -17.58 -85.21
C GLY YG 70 -33.40 -17.80 -85.04
N GLN YG 71 -33.03 -19.07 -84.97
CA GLN YG 71 -31.64 -19.45 -84.78
C GLN YG 71 -31.34 -20.70 -85.58
N VAL YG 72 -30.09 -20.81 -86.00
CA VAL YG 72 -29.61 -21.99 -86.73
C VAL YG 72 -29.37 -23.10 -85.71
N LEU YG 73 -30.02 -24.24 -85.90
CA LEU YG 73 -29.84 -25.36 -84.99
C LEU YG 73 -28.72 -26.27 -85.48
N SER YG 74 -28.72 -26.59 -86.78
CA SER YG 74 -27.75 -27.53 -87.31
C SER YG 74 -27.59 -27.28 -88.80
N THR YG 75 -26.34 -27.35 -89.27
CA THR YG 75 -26.04 -27.30 -90.70
C THR YG 75 -25.17 -28.50 -91.05
N HIS YG 76 -25.31 -28.97 -92.28
CA HIS YG 76 -24.44 -30.03 -92.77
C HIS YG 76 -24.39 -29.98 -94.29
N ILE YG 77 -23.26 -30.45 -94.83
CA ILE YG 77 -22.99 -30.51 -96.26
C ILE YG 77 -22.44 -31.90 -96.56
N ILE YG 78 -23.01 -32.56 -97.57
CA ILE YG 78 -22.52 -33.85 -98.05
C ILE YG 78 -22.07 -33.66 -99.49
N ALA YG 79 -20.80 -33.99 -99.77
CA ALA YG 79 -20.19 -33.66 -101.05
C ALA YG 79 -20.79 -34.46 -102.20
N ARG YG 80 -21.14 -35.72 -101.93
CA ARG YG 80 -21.80 -36.56 -102.93
C ARG YG 80 -22.62 -37.59 -102.16
N PRO YG 81 -23.92 -37.37 -102.01
CA PRO YG 81 -24.75 -38.34 -101.30
C PRO YG 81 -24.89 -39.64 -102.07
N HIS YG 82 -25.08 -40.71 -101.31
CA HIS YG 82 -25.36 -42.02 -101.90
C HIS YG 82 -26.71 -41.99 -102.60
N GLU YG 83 -26.84 -42.80 -103.65
CA GLU YG 83 -28.06 -42.82 -104.43
C GLU YG 83 -29.22 -43.48 -103.68
N ASN YG 84 -28.93 -44.16 -102.58
CA ASN YG 84 -29.98 -44.66 -101.69
C ASN YG 84 -30.75 -43.52 -101.01
N LEU YG 85 -30.09 -42.38 -100.79
CA LEU YG 85 -30.69 -41.32 -99.98
C LEU YG 85 -31.76 -40.55 -100.73
N GLU YG 86 -31.75 -40.56 -102.07
CA GLU YG 86 -32.75 -39.81 -102.82
C GLU YG 86 -34.12 -40.47 -102.75
N TYR YG 87 -34.14 -41.80 -102.57
CA TYR YG 87 -35.42 -42.50 -102.57
C TYR YG 87 -36.04 -42.52 -101.20
N VAL YG 88 -35.24 -42.40 -100.14
CA VAL YG 88 -35.77 -42.46 -98.79
C VAL YG 88 -35.95 -41.07 -98.21
N LEU YG 89 -34.92 -40.26 -98.27
CA LEU YG 89 -34.92 -38.93 -97.72
C LEU YG 89 -35.34 -37.91 -98.77
N PRO YG 90 -36.04 -36.84 -98.37
CA PRO YG 90 -36.54 -35.85 -99.34
C PRO YG 90 -35.47 -34.82 -99.75
N ILE YG 91 -34.39 -35.31 -100.35
CA ILE YG 91 -33.31 -34.46 -100.84
C ILE YG 91 -33.19 -34.50 -102.35
N ARG YG 92 -34.12 -35.15 -103.04
CA ARG YG 92 -34.01 -35.30 -104.48
C ARG YG 92 -34.59 -34.10 -105.20
N TYR YG 93 -34.17 -33.95 -106.45
CA TYR YG 93 -34.74 -32.93 -107.32
C TYR YG 93 -36.17 -33.29 -107.68
N THR YG 94 -37.10 -32.39 -107.38
CA THR YG 94 -38.46 -32.56 -107.85
C THR YG 94 -38.62 -31.89 -109.22
N GLU YG 95 -39.70 -32.25 -109.91
CA GLU YG 95 -39.92 -31.73 -111.25
C GLU YG 95 -40.43 -30.30 -111.24
N GLU YG 96 -40.83 -29.80 -110.07
CA GLU YG 96 -41.24 -28.40 -109.98
C GLU YG 96 -40.04 -27.46 -109.96
N VAL YG 97 -38.87 -27.97 -109.56
CA VAL YG 97 -37.68 -27.14 -109.40
C VAL YG 97 -36.61 -27.48 -110.43
N GLU YG 98 -36.98 -28.20 -111.50
CA GLU YG 98 -36.00 -28.58 -112.51
C GLU YG 98 -35.62 -27.41 -113.41
N GLN YG 99 -36.38 -26.32 -113.38
CA GLN YG 99 -36.01 -25.14 -114.14
C GLN YG 99 -34.88 -24.36 -113.48
N PHE YG 100 -34.66 -24.57 -112.18
CA PHE YG 100 -33.60 -23.90 -111.45
C PHE YG 100 -32.34 -24.73 -111.33
N ARG YG 101 -32.30 -25.91 -111.93
CA ARG YG 101 -31.13 -26.79 -111.84
C ARG YG 101 -29.99 -26.32 -112.73
N MET ZG 1 14.53 -36.13 -98.55
CA MET ZG 1 13.84 -35.33 -99.55
C MET ZG 1 13.92 -35.97 -100.91
N GLN ZG 2 13.01 -35.56 -101.79
CA GLN ZG 2 13.03 -35.96 -103.19
C GLN ZG 2 12.92 -34.71 -104.05
N MET ZG 3 13.48 -34.78 -105.24
CA MET ZG 3 13.32 -33.71 -106.22
C MET ZG 3 12.04 -33.96 -107.01
N ALA ZG 4 11.21 -32.93 -107.10
CA ALA ZG 4 9.93 -33.04 -107.78
C ALA ZG 4 9.69 -31.80 -108.61
N LYS ZG 5 8.88 -31.97 -109.65
CA LYS ZG 5 8.46 -30.87 -110.51
C LYS ZG 5 6.99 -30.58 -110.26
N VAL ZG 6 6.67 -29.30 -110.06
CA VAL ZG 6 5.29 -28.87 -109.81
C VAL ZG 6 4.53 -29.02 -111.12
N CYS ZG 7 3.59 -29.97 -111.17
CA CYS ZG 7 2.83 -30.20 -112.39
C CYS ZG 7 1.42 -29.65 -112.28
N GLY ZG 8 0.92 -29.42 -111.08
CA GLY ZG 8 -0.39 -28.85 -110.96
C GLY ZG 8 -0.83 -28.66 -109.53
N THR ZG 9 -2.13 -28.37 -109.38
CA THR ZG 9 -2.74 -28.09 -108.09
C THR ZG 9 -3.89 -29.05 -107.86
N VAL ZG 10 -4.11 -29.40 -106.58
CA VAL ZG 10 -5.24 -30.21 -106.17
C VAL ZG 10 -6.08 -29.37 -105.22
N VAL ZG 11 -7.36 -29.21 -105.55
CA VAL ZG 11 -8.28 -28.44 -104.73
C VAL ZG 11 -9.34 -29.41 -104.20
N GLY ZG 12 -9.49 -29.45 -102.89
CA GLY ZG 12 -10.57 -30.18 -102.27
C GLY ZG 12 -11.35 -29.29 -101.33
N THR ZG 13 -12.67 -29.25 -101.49
CA THR ZG 13 -13.48 -28.40 -100.62
C THR ZG 13 -14.04 -29.15 -99.42
N GLN ZG 14 -14.41 -30.41 -99.59
CA GLN ZG 14 -14.86 -31.27 -98.50
C GLN ZG 14 -13.64 -31.96 -97.92
N LYS ZG 15 -13.18 -31.50 -96.77
CA LYS ZG 15 -11.93 -31.98 -96.18
C LYS ZG 15 -12.04 -31.91 -94.67
N LEU ZG 16 -10.92 -32.23 -94.00
CA LEU ZG 16 -10.84 -32.06 -92.57
C LEU ZG 16 -10.73 -30.59 -92.21
N PRO ZG 17 -11.19 -30.19 -91.02
CA PRO ZG 17 -11.04 -28.77 -90.62
C PRO ZG 17 -9.60 -28.37 -90.36
N SER ZG 18 -8.71 -29.33 -90.09
CA SER ZG 18 -7.30 -29.02 -89.93
C SER ZG 18 -6.59 -28.92 -91.28
N MET ZG 19 -7.26 -29.30 -92.36
CA MET ZG 19 -6.65 -29.23 -93.69
C MET ZG 19 -6.96 -27.93 -94.42
N THR ZG 20 -7.63 -26.97 -93.78
CA THR ZG 20 -7.96 -25.73 -94.46
C THR ZG 20 -6.78 -24.77 -94.40
N GLY ZG 21 -6.68 -23.93 -95.43
CA GLY ZG 21 -5.54 -23.05 -95.58
C GLY ZG 21 -4.30 -23.70 -96.16
N VAL ZG 22 -4.31 -25.02 -96.33
CA VAL ZG 22 -3.15 -25.76 -96.83
C VAL ZG 22 -3.21 -25.79 -98.34
N LYS ZG 23 -2.20 -25.23 -98.98
CA LYS ZG 23 -2.10 -25.24 -100.44
C LYS ZG 23 -1.51 -26.57 -100.87
N LEU ZG 24 -2.20 -27.26 -101.78
CA LEU ZG 24 -1.85 -28.61 -102.19
C LEU ZG 24 -1.38 -28.61 -103.63
N LEU ZG 25 -0.12 -28.99 -103.84
CA LEU ZG 25 0.48 -29.06 -105.16
C LEU ZG 25 0.62 -30.50 -105.61
N LEU ZG 26 0.29 -30.73 -106.88
CA LEU ZG 26 0.53 -32.01 -107.52
C LEU ZG 26 1.95 -31.98 -108.08
N LEU ZG 27 2.83 -32.77 -107.48
CA LEU ZG 27 4.24 -32.81 -107.86
C LEU ZG 27 4.56 -34.14 -108.50
N GLN ZG 28 5.21 -34.12 -109.65
CA GLN ZG 28 5.75 -35.33 -110.26
C GLN ZG 28 7.22 -35.46 -109.91
N PHE ZG 29 7.62 -36.64 -109.46
CA PHE ZG 29 9.01 -36.87 -109.09
C PHE ZG 29 9.89 -36.94 -110.31
N ILE ZG 30 11.07 -36.35 -110.21
CA ILE ZG 30 12.07 -36.37 -111.26
C ILE ZG 30 13.29 -37.12 -110.74
N ASP ZG 31 14.03 -37.75 -111.64
CA ASP ZG 31 15.17 -38.53 -111.21
C ASP ZG 31 16.39 -37.63 -111.00
N ALA ZG 32 17.55 -38.25 -110.72
CA ALA ZG 32 18.78 -37.50 -110.56
C ALA ZG 32 19.28 -36.96 -111.90
N ASN ZG 33 18.87 -37.58 -113.01
CA ASN ZG 33 19.30 -37.10 -114.32
C ASN ZG 33 18.40 -35.97 -114.83
N GLY ZG 34 17.22 -35.81 -114.25
CA GLY ZG 34 16.31 -34.75 -114.63
C GLY ZG 34 15.06 -35.19 -115.39
N GLU ZG 35 14.90 -36.48 -115.66
CA GLU ZG 35 13.74 -36.98 -116.38
C GLU ZG 35 12.60 -37.24 -115.40
N LEU ZG 36 11.37 -37.12 -115.90
CA LEU ZG 36 10.18 -37.29 -115.07
C LEU ZG 36 9.95 -38.77 -114.78
N LEU ZG 37 9.87 -39.11 -113.51
CA LEU ZG 37 9.53 -40.46 -113.10
C LEU ZG 37 8.01 -40.64 -113.11
N PRO ZG 38 7.52 -41.86 -113.35
CA PRO ZG 38 6.06 -42.12 -113.27
C PRO ZG 38 5.59 -42.33 -111.83
N LYS ZG 39 5.81 -41.32 -110.99
CA LYS ZG 39 5.46 -41.37 -109.58
C LYS ZG 39 5.23 -39.94 -109.13
N TYR ZG 40 4.16 -39.72 -108.39
CA TYR ZG 40 3.74 -38.39 -108.02
C TYR ZG 40 3.53 -38.28 -106.51
N GLU ZG 41 3.17 -37.08 -106.07
CA GLU ZG 41 2.85 -36.79 -104.69
C GLU ZG 41 1.98 -35.54 -104.65
N VAL ZG 42 1.15 -35.45 -103.62
CA VAL ZG 42 0.44 -34.22 -103.29
C VAL ZG 42 1.00 -33.71 -101.99
N ALA ZG 43 1.54 -32.50 -102.00
CA ALA ZG 43 2.27 -31.97 -100.88
C ALA ZG 43 1.74 -30.60 -100.48
N ALA ZG 44 1.87 -30.30 -99.19
CA ALA ZG 44 1.65 -28.96 -98.70
C ALA ZG 44 2.78 -28.05 -99.18
N ASP ZG 45 2.45 -26.78 -99.44
CA ASP ZG 45 3.38 -25.84 -100.05
C ASP ZG 45 3.47 -24.57 -99.20
N PRO ZG 46 4.34 -24.57 -98.17
CA PRO ZG 46 4.57 -23.32 -97.44
C PRO ZG 46 5.47 -22.36 -98.19
N VAL ZG 47 6.47 -22.88 -98.89
CA VAL ZG 47 7.35 -22.07 -99.75
C VAL ZG 47 6.67 -21.96 -101.09
N GLY ZG 48 6.27 -20.76 -101.47
CA GLY ZG 48 5.33 -20.56 -102.56
C GLY ZG 48 5.91 -20.96 -103.91
N ALA ZG 49 5.44 -22.10 -104.45
CA ALA ZG 49 6.00 -22.69 -105.65
C ALA ZG 49 4.93 -22.76 -106.73
N GLY ZG 50 5.29 -22.36 -107.94
CA GLY ZG 50 4.38 -22.36 -109.07
C GLY ZG 50 4.69 -23.48 -110.04
N LEU ZG 51 3.86 -23.53 -111.08
CA LEU ZG 51 3.88 -24.65 -112.01
C LEU ZG 51 5.12 -24.63 -112.87
N GLY ZG 52 5.84 -25.76 -112.87
CA GLY ZG 52 7.07 -25.90 -113.60
C GLY ZG 52 8.32 -25.85 -112.76
N GLU ZG 53 8.22 -25.43 -111.49
CA GLU ZG 53 9.40 -25.30 -110.65
C GLU ZG 53 9.89 -26.65 -110.17
N TRP ZG 54 11.18 -26.70 -109.85
CA TRP ZG 54 11.79 -27.84 -109.20
C TRP ZG 54 11.78 -27.62 -107.70
N VAL ZG 55 11.24 -28.58 -106.94
CA VAL ZG 55 11.09 -28.43 -105.51
C VAL ZG 55 11.71 -29.61 -104.81
N LEU ZG 56 12.07 -29.39 -103.54
CA LEU ZG 56 12.41 -30.47 -102.63
C LEU ZG 56 11.19 -30.76 -101.76
N VAL ZG 57 10.75 -32.00 -101.77
CA VAL ZG 57 9.61 -32.43 -100.98
C VAL ZG 57 10.03 -33.55 -100.04
N ASN ZG 58 9.68 -33.43 -98.78
CA ASN ZG 58 9.97 -34.47 -97.82
C ASN ZG 58 8.75 -35.39 -97.68
N ARG ZG 59 8.92 -36.47 -96.93
CA ARG ZG 59 7.86 -37.44 -96.76
C ARG ZG 59 7.71 -37.77 -95.28
N GLY ZG 60 6.49 -38.07 -94.89
CA GLY ZG 60 6.24 -38.60 -93.56
C GLY ZG 60 6.08 -37.55 -92.47
N SER ZG 61 6.65 -37.85 -91.31
CA SER ZG 61 6.51 -37.02 -90.12
C SER ZG 61 7.28 -35.71 -90.21
N ALA ZG 62 8.18 -35.59 -91.18
CA ALA ZG 62 8.94 -34.35 -91.37
C ALA ZG 62 8.09 -33.24 -91.95
N ALA ZG 63 6.93 -33.57 -92.53
CA ALA ZG 63 6.03 -32.55 -93.06
C ALA ZG 63 5.32 -31.77 -91.96
N ARG ZG 64 5.39 -32.23 -90.72
CA ARG ZG 64 4.72 -31.59 -89.60
C ARG ZG 64 5.68 -30.86 -88.67
N GLN ZG 65 6.79 -30.35 -89.20
CA GLN ZG 65 7.83 -29.75 -88.37
C GLN ZG 65 7.92 -28.24 -88.50
N THR ZG 66 7.15 -27.63 -89.41
CA THR ZG 66 7.28 -26.21 -89.70
C THR ZG 66 6.43 -25.31 -88.83
N GLU ZG 67 5.96 -25.85 -87.69
CA GLU ZG 67 5.26 -25.20 -86.57
C GLU ZG 67 3.92 -24.56 -86.92
N TYR ZG 68 3.50 -24.63 -88.19
CA TYR ZG 68 2.09 -24.40 -88.51
C TYR ZG 68 1.47 -25.60 -89.21
N HIS ZG 69 2.22 -26.69 -89.36
CA HIS ZG 69 1.71 -27.96 -89.86
C HIS ZG 69 1.75 -29.04 -88.80
N GLN ZG 70 1.84 -28.65 -87.52
CA GLN ZG 70 2.25 -29.58 -86.47
C GLN ZG 70 1.19 -30.64 -86.17
N ASN ZG 71 -0.06 -30.23 -86.01
CA ASN ZG 71 -1.14 -31.17 -85.73
C ASN ZG 71 -2.03 -31.37 -86.95
N ARG ZG 72 -1.47 -31.14 -88.13
CA ARG ZG 72 -2.12 -31.27 -89.43
C ARG ZG 72 -1.81 -32.63 -90.04
N PRO ZG 73 -2.80 -33.29 -90.64
CA PRO ZG 73 -2.58 -34.62 -91.23
C PRO ZG 73 -1.85 -34.57 -92.57
N LEU ZG 74 -0.57 -34.22 -92.52
CA LEU ZG 74 0.25 -34.01 -93.71
C LEU ZG 74 1.42 -34.99 -93.69
N ASP ZG 75 1.66 -35.64 -94.83
CA ASP ZG 75 2.78 -36.55 -94.97
C ASP ZG 75 3.69 -36.17 -96.12
N ALA ZG 76 3.54 -34.97 -96.68
CA ALA ZG 76 4.38 -34.48 -97.76
C ALA ZG 76 4.35 -32.97 -97.74
N MET ZG 77 5.51 -32.35 -97.93
CA MET ZG 77 5.63 -30.91 -97.82
C MET ZG 77 6.78 -30.43 -98.69
N VAL ZG 78 6.51 -29.42 -99.51
CA VAL ZG 78 7.59 -28.73 -100.22
C VAL ZG 78 8.39 -27.94 -99.20
N VAL ZG 79 9.67 -28.27 -99.06
CA VAL ZG 79 10.52 -27.61 -98.08
C VAL ZG 79 11.46 -26.59 -98.71
N ALA ZG 80 11.69 -26.67 -100.02
CA ALA ZG 80 12.63 -25.79 -100.69
C ALA ZG 80 12.28 -25.74 -102.16
N ILE ZG 81 12.43 -24.56 -102.76
CA ILE ZG 81 12.44 -24.40 -104.20
C ILE ZG 81 13.88 -24.55 -104.65
N ILE ZG 82 14.12 -25.45 -105.60
CA ILE ZG 82 15.48 -25.76 -106.02
C ILE ZG 82 16.00 -24.63 -106.89
N ASP ZG 83 17.14 -24.05 -106.49
CA ASP ZG 83 17.85 -23.11 -107.33
C ASP ZG 83 18.71 -23.83 -108.36
N THR ZG 84 19.65 -24.64 -107.92
CA THR ZG 84 20.55 -25.32 -108.85
C THR ZG 84 20.86 -26.72 -108.35
N VAL ZG 85 21.03 -27.64 -109.29
CA VAL ZG 85 21.47 -29.00 -109.02
C VAL ZG 85 22.79 -29.21 -109.75
N THR ZG 86 23.83 -29.55 -109.00
CA THR ZG 86 25.14 -29.84 -109.56
C THR ZG 86 25.38 -31.33 -109.40
N VAL ZG 87 25.63 -32.03 -110.50
CA VAL ZG 87 25.92 -33.46 -110.51
C VAL ZG 87 27.28 -33.67 -111.17
N ASN ZG 88 28.21 -34.27 -110.42
CA ASN ZG 88 29.58 -34.55 -110.87
C ASN ZG 88 30.30 -33.27 -111.31
N ASN ZG 89 30.16 -32.22 -110.49
CA ASN ZG 89 30.65 -30.86 -110.70
C ASN ZG 89 30.10 -30.20 -111.96
N ARG ZG 90 29.01 -30.72 -112.52
CA ARG ZG 90 28.37 -30.15 -113.70
C ARG ZG 90 26.97 -29.70 -113.30
N ARG ZG 91 26.62 -28.47 -113.66
CA ARG ZG 91 25.32 -27.92 -113.34
C ARG ZG 91 24.25 -28.60 -114.18
N LEU ZG 92 23.32 -29.28 -113.52
CA LEU ZG 92 22.21 -29.97 -114.18
C LEU ZG 92 20.96 -29.12 -114.28
N TYR ZG 93 20.73 -28.25 -113.30
CA TYR ZG 93 19.55 -27.39 -113.27
C TYR ZG 93 19.97 -26.00 -112.83
N GLY ZG 94 19.27 -25.00 -113.36
CA GLY ZG 94 19.53 -23.62 -112.96
C GLY ZG 94 20.54 -22.93 -113.86
N ALA AH 2 -35.25 -62.36 -89.48
CA ALA AH 2 -35.05 -61.93 -90.87
C ALA AH 2 -33.68 -61.27 -91.03
N VAL AH 3 -33.55 -60.47 -92.09
CA VAL AH 3 -32.32 -59.71 -92.34
C VAL AH 3 -32.18 -58.64 -91.26
N ALA AH 4 -30.94 -58.38 -90.83
CA ALA AH 4 -30.69 -57.53 -89.67
C ALA AH 4 -31.10 -56.09 -89.93
N VAL AH 5 -31.51 -55.41 -88.86
CA VAL AH 5 -32.01 -54.04 -88.93
C VAL AH 5 -31.20 -53.18 -87.97
N GLY AH 6 -30.75 -52.03 -88.45
CA GLY AH 6 -30.04 -51.07 -87.62
C GLY AH 6 -30.76 -49.74 -87.64
N MET AH 7 -30.78 -49.07 -86.50
CA MET AH 7 -31.48 -47.80 -86.34
C MET AH 7 -30.54 -46.81 -85.68
N ILE AH 8 -30.52 -45.59 -86.19
CA ILE AH 8 -29.84 -44.47 -85.54
C ILE AH 8 -30.87 -43.36 -85.38
N GLU AH 9 -31.15 -42.99 -84.13
CA GLU AH 9 -32.05 -41.89 -83.82
C GLU AH 9 -31.23 -40.66 -83.46
N THR AH 10 -31.45 -39.58 -84.20
CA THR AH 10 -30.77 -38.33 -83.95
C THR AH 10 -31.79 -37.24 -83.64
N LEU AH 11 -31.32 -36.19 -82.98
CA LEU AH 11 -32.10 -34.98 -82.75
C LEU AH 11 -31.72 -33.99 -83.84
N GLY AH 12 -32.54 -33.94 -84.88
CA GLY AH 12 -32.27 -33.04 -86.00
C GLY AH 12 -32.17 -33.74 -87.34
N PHE AH 13 -32.63 -33.06 -88.38
CA PHE AH 13 -32.60 -33.57 -89.75
C PHE AH 13 -31.24 -33.50 -90.46
N PRO AH 14 -30.38 -32.48 -90.28
CA PRO AH 14 -29.03 -32.61 -90.85
C PRO AH 14 -28.20 -33.73 -90.22
N ALA AH 15 -28.47 -34.07 -88.96
CA ALA AH 15 -27.73 -35.16 -88.34
C ALA AH 15 -28.23 -36.52 -88.82
N VAL AH 16 -29.49 -36.60 -89.24
CA VAL AH 16 -30.03 -37.90 -89.62
C VAL AH 16 -29.70 -38.20 -91.08
N VAL AH 17 -29.41 -37.18 -91.87
CA VAL AH 17 -29.00 -37.41 -93.25
C VAL AH 17 -27.53 -37.78 -93.29
N GLU AH 18 -26.72 -37.20 -92.40
CA GLU AH 18 -25.34 -37.65 -92.24
C GLU AH 18 -25.27 -39.05 -91.65
N ALA AH 19 -26.19 -39.38 -90.73
CA ALA AH 19 -26.28 -40.75 -90.24
C ALA AH 19 -26.68 -41.71 -91.37
N ALA AH 20 -27.65 -41.31 -92.20
CA ALA AH 20 -28.08 -42.18 -93.29
C ALA AH 20 -27.01 -42.29 -94.37
N ASP AH 21 -26.27 -41.20 -94.61
CA ASP AH 21 -25.24 -41.22 -95.65
C ASP AH 21 -24.02 -42.01 -95.23
N ALA AH 22 -23.61 -41.89 -93.96
CA ALA AH 22 -22.42 -42.60 -93.50
C ALA AH 22 -22.69 -44.07 -93.29
N MET AH 23 -23.96 -44.45 -93.10
CA MET AH 23 -24.29 -45.86 -92.92
C MET AH 23 -24.17 -46.63 -94.23
N VAL AH 24 -24.70 -46.06 -95.33
CA VAL AH 24 -24.67 -46.79 -96.59
C VAL AH 24 -23.34 -46.60 -97.30
N LYS AH 25 -22.45 -45.75 -96.76
CA LYS AH 25 -21.13 -45.58 -97.34
C LYS AH 25 -20.09 -46.40 -96.60
N ALA AH 26 -20.37 -46.77 -95.33
CA ALA AH 26 -19.38 -47.52 -94.57
C ALA AH 26 -19.46 -49.01 -94.88
N ALA AH 27 -20.64 -49.50 -95.22
CA ALA AH 27 -20.84 -50.92 -95.43
C ALA AH 27 -21.94 -51.15 -96.45
N ARG AH 28 -22.19 -52.42 -96.77
CA ARG AH 28 -23.17 -52.81 -97.77
C ARG AH 28 -24.52 -53.01 -97.06
N VAL AH 29 -25.16 -51.89 -96.74
CA VAL AH 29 -26.49 -51.90 -96.15
C VAL AH 29 -27.43 -51.17 -97.09
N THR AH 30 -28.72 -51.35 -96.86
CA THR AH 30 -29.77 -50.67 -97.61
C THR AH 30 -30.57 -49.79 -96.66
N LEU AH 31 -30.47 -48.48 -96.85
CA LEU AH 31 -31.33 -47.54 -96.15
C LEU AH 31 -32.75 -47.72 -96.66
N VAL AH 32 -33.64 -48.17 -95.79
CA VAL AH 32 -35.01 -48.48 -96.18
C VAL AH 32 -36.02 -47.54 -95.55
N GLY AH 33 -35.67 -46.86 -94.47
CA GLY AH 33 -36.68 -46.22 -93.65
C GLY AH 33 -36.20 -44.88 -93.12
N TYR AH 34 -37.18 -44.06 -92.76
CA TYR AH 34 -36.95 -42.71 -92.29
C TYR AH 34 -38.15 -42.35 -91.43
N GLU AH 35 -37.95 -42.27 -90.12
CA GLU AH 35 -39.05 -42.30 -89.17
C GLU AH 35 -39.03 -41.06 -88.28
N LYS AH 36 -40.13 -40.32 -88.30
CA LYS AH 36 -40.32 -39.14 -87.46
C LYS AH 36 -41.34 -39.49 -86.38
N ILE AH 37 -40.97 -39.30 -85.13
CA ILE AH 37 -41.85 -39.59 -84.00
C ILE AH 37 -42.13 -38.36 -83.16
N GLY AH 38 -41.76 -37.17 -83.64
CA GLY AH 38 -41.99 -35.95 -82.91
C GLY AH 38 -40.80 -35.54 -82.07
N THR AH 39 -40.88 -34.29 -81.58
CA THR AH 39 -39.81 -33.55 -80.89
C THR AH 39 -38.47 -33.59 -81.60
N GLY AH 40 -38.47 -33.62 -82.93
CA GLY AH 40 -37.22 -33.65 -83.67
C GLY AH 40 -36.47 -34.96 -83.64
N ARG AH 41 -37.03 -35.99 -83.01
CA ARG AH 41 -36.39 -37.30 -82.95
C ARG AH 41 -36.63 -38.02 -84.26
N VAL AH 42 -35.58 -38.13 -85.06
CA VAL AH 42 -35.66 -38.72 -86.40
C VAL AH 42 -34.80 -39.97 -86.43
N THR AH 43 -35.35 -41.05 -86.97
CA THR AH 43 -34.68 -42.34 -87.01
C THR AH 43 -34.61 -42.82 -88.45
N VAL AH 44 -33.40 -43.12 -88.92
CA VAL AH 44 -33.19 -43.82 -90.18
C VAL AH 44 -32.96 -45.29 -89.88
N ILE AH 45 -33.46 -46.14 -90.79
CA ILE AH 45 -33.46 -47.59 -90.61
C ILE AH 45 -32.74 -48.21 -91.79
N VAL AH 46 -31.70 -48.98 -91.51
CA VAL AH 46 -30.97 -49.70 -92.54
C VAL AH 46 -31.20 -51.20 -92.36
N ARG AH 47 -31.13 -51.92 -93.48
CA ARG AH 47 -31.19 -53.37 -93.49
C ARG AH 47 -29.92 -53.92 -94.13
N GLY AH 48 -29.55 -55.14 -93.76
CA GLY AH 48 -28.39 -55.77 -94.34
C GLY AH 48 -27.92 -56.90 -93.46
N ASP AH 49 -26.77 -57.46 -93.82
CA ASP AH 49 -26.17 -58.50 -93.01
C ASP AH 49 -25.64 -57.91 -91.70
N VAL AH 50 -25.43 -58.79 -90.72
CA VAL AH 50 -25.08 -58.36 -89.37
C VAL AH 50 -23.69 -57.72 -89.34
N SER AH 51 -22.77 -58.24 -90.16
CA SER AH 51 -21.47 -57.61 -90.29
C SER AH 51 -21.57 -56.24 -90.95
N GLU AH 52 -22.50 -56.09 -91.89
CA GLU AH 52 -22.69 -54.81 -92.55
C GLU AH 52 -23.36 -53.80 -91.64
N VAL AH 53 -24.38 -54.25 -90.90
CA VAL AH 53 -25.18 -53.33 -90.09
C VAL AH 53 -24.39 -52.86 -88.87
N GLN AH 54 -23.61 -53.75 -88.26
CA GLN AH 54 -22.78 -53.37 -87.12
C GLN AH 54 -21.70 -52.37 -87.52
N ALA AH 55 -21.14 -52.52 -88.72
CA ALA AH 55 -20.14 -51.58 -89.18
C ALA AH 55 -20.77 -50.24 -89.55
N SER AH 56 -21.99 -50.27 -90.08
CA SER AH 56 -22.64 -49.04 -90.54
C SER AH 56 -23.14 -48.21 -89.38
N VAL AH 57 -23.75 -48.85 -88.37
CA VAL AH 57 -24.30 -48.13 -87.22
C VAL AH 57 -23.18 -47.54 -86.37
N SER AH 58 -22.07 -48.26 -86.24
CA SER AH 58 -20.94 -47.76 -85.45
C SER AH 58 -20.23 -46.63 -86.17
N ALA AH 59 -20.18 -46.67 -87.50
CA ALA AH 59 -19.57 -45.57 -88.24
C ALA AH 59 -20.55 -44.43 -88.44
N GLY AH 60 -21.85 -44.74 -88.49
CA GLY AH 60 -22.85 -43.69 -88.56
C GLY AH 60 -23.00 -42.92 -87.27
N THR AH 61 -22.69 -43.55 -86.13
CA THR AH 61 -22.80 -42.86 -84.85
C THR AH 61 -21.64 -41.88 -84.66
N GLU AH 62 -20.44 -42.24 -85.13
CA GLU AH 62 -19.29 -41.36 -84.99
C GLU AH 62 -19.38 -40.19 -85.96
N SER AH 63 -20.02 -40.38 -87.11
CA SER AH 63 -20.09 -39.32 -88.10
C SER AH 63 -21.07 -38.22 -87.72
N VAL AH 64 -22.10 -38.54 -86.93
CA VAL AH 64 -23.04 -37.53 -86.46
C VAL AH 64 -22.38 -36.55 -85.51
N LYS AH 65 -21.43 -37.00 -84.70
CA LYS AH 65 -20.68 -36.08 -83.83
C LYS AH 65 -19.49 -35.48 -84.57
N ARG AH 66 -19.75 -35.00 -85.79
CA ARG AH 66 -18.87 -34.19 -86.60
C ARG AH 66 -19.74 -33.15 -87.28
N VAL AH 67 -21.04 -33.21 -86.98
CA VAL AH 67 -22.03 -32.24 -87.44
C VAL AH 67 -22.29 -31.27 -86.31
N ASN AH 68 -22.29 -29.98 -86.62
CA ASN AH 68 -22.61 -28.98 -85.60
C ASN AH 68 -24.11 -29.01 -85.32
N GLY AH 69 -24.46 -29.11 -84.05
CA GLY AH 69 -25.86 -29.28 -83.70
C GLY AH 69 -26.37 -30.69 -83.87
N GLY AH 70 -25.51 -31.65 -84.16
CA GLY AH 70 -25.88 -33.03 -84.33
C GLY AH 70 -25.70 -33.80 -83.04
N GLN AH 71 -26.71 -34.60 -82.70
CA GLN AH 71 -26.71 -35.36 -81.46
C GLN AH 71 -27.38 -36.71 -81.69
N VAL AH 72 -26.68 -37.78 -81.35
CA VAL AH 72 -27.23 -39.13 -81.43
C VAL AH 72 -28.04 -39.36 -80.16
N LEU AH 73 -29.33 -39.69 -80.32
CA LEU AH 73 -30.15 -40.00 -79.16
C LEU AH 73 -30.07 -41.48 -78.80
N SER AH 74 -30.28 -42.35 -79.78
CA SER AH 74 -30.28 -43.78 -79.50
C SER AH 74 -29.93 -44.55 -80.77
N THR AH 75 -29.10 -45.57 -80.61
CA THR AH 75 -28.74 -46.49 -81.69
C THR AH 75 -29.04 -47.90 -81.25
N HIS AH 76 -29.42 -48.76 -82.20
CA HIS AH 76 -29.60 -50.17 -81.90
C HIS AH 76 -29.42 -50.99 -83.17
N ILE AH 77 -28.98 -52.23 -82.98
CA ILE AH 77 -28.89 -53.24 -84.03
C ILE AH 77 -29.65 -54.47 -83.55
N ILE AH 78 -30.58 -54.94 -84.36
CA ILE AH 78 -31.26 -56.22 -84.13
C ILE AH 78 -30.80 -57.17 -85.22
N ALA AH 79 -30.00 -58.17 -84.83
CA ALA AH 79 -29.32 -59.02 -85.79
C ALA AH 79 -30.28 -59.97 -86.50
N ARG AH 80 -31.34 -60.39 -85.82
CA ARG AH 80 -32.31 -61.32 -86.38
C ARG AH 80 -33.69 -60.91 -85.93
N PRO AH 81 -34.31 -59.95 -86.61
CA PRO AH 81 -35.66 -59.54 -86.21
C PRO AH 81 -36.70 -60.56 -86.61
N HIS AH 82 -37.73 -60.67 -85.79
CA HIS AH 82 -38.85 -61.54 -86.06
C HIS AH 82 -39.59 -61.06 -87.31
N GLU AH 83 -40.19 -62.01 -88.02
CA GLU AH 83 -40.92 -61.68 -89.24
C GLU AH 83 -42.25 -60.99 -88.96
N ASN AH 84 -42.67 -60.92 -87.70
CA ASN AH 84 -43.82 -60.12 -87.31
C ASN AH 84 -43.55 -58.63 -87.43
N LEU AH 85 -42.30 -58.22 -87.27
CA LEU AH 85 -41.98 -56.80 -87.11
C LEU AH 85 -42.03 -56.04 -88.44
N GLU AH 86 -41.80 -56.71 -89.56
CA GLU AH 86 -41.79 -56.01 -90.84
C GLU AH 86 -43.20 -55.59 -91.26
N TYR AH 87 -44.22 -56.29 -90.76
CA TYR AH 87 -45.58 -55.97 -91.15
C TYR AH 87 -46.17 -54.87 -90.26
N VAL AH 88 -45.58 -54.65 -89.09
CA VAL AH 88 -46.10 -53.64 -88.17
C VAL AH 88 -45.21 -52.41 -88.16
N LEU AH 89 -43.94 -52.60 -88.04
CA LEU AH 89 -43.00 -51.50 -87.94
C LEU AH 89 -42.46 -51.13 -89.33
N PRO AH 90 -42.17 -49.84 -89.57
CA PRO AH 90 -41.64 -49.43 -90.88
C PRO AH 90 -40.15 -49.71 -91.04
N ILE AH 91 -39.78 -50.98 -90.98
CA ILE AH 91 -38.42 -51.43 -91.16
C ILE AH 91 -38.25 -52.33 -92.37
N ARG AH 92 -39.26 -52.41 -93.23
CA ARG AH 92 -39.23 -53.37 -94.33
C ARG AH 92 -38.72 -52.73 -95.60
N TYR AH 93 -38.32 -53.58 -96.53
CA TYR AH 93 -37.89 -53.14 -97.84
C TYR AH 93 -39.09 -52.65 -98.65
N THR AH 94 -39.04 -51.40 -99.09
CA THR AH 94 -40.01 -50.90 -100.03
C THR AH 94 -39.50 -51.11 -101.45
N GLU AH 95 -40.39 -50.91 -102.43
CA GLU AH 95 -40.00 -51.14 -103.83
C GLU AH 95 -39.11 -50.02 -104.35
N GLU AH 96 -39.03 -48.90 -103.63
CA GLU AH 96 -38.12 -47.83 -104.01
C GLU AH 96 -36.67 -48.23 -103.79
N VAL AH 97 -36.42 -49.11 -102.83
CA VAL AH 97 -35.07 -49.45 -102.41
C VAL AH 97 -34.72 -50.91 -102.72
N GLU AH 98 -35.46 -51.55 -103.63
CA GLU AH 98 -35.14 -52.94 -103.97
C GLU AH 98 -33.97 -53.04 -104.93
N GLN AH 99 -33.53 -51.93 -105.52
CA GLN AH 99 -32.36 -51.97 -106.38
C GLN AH 99 -31.06 -51.99 -105.57
N PHE AH 100 -31.12 -51.60 -104.31
CA PHE AH 100 -29.94 -51.53 -103.46
C PHE AH 100 -29.76 -52.77 -102.58
N ARG AH 101 -30.72 -53.69 -102.58
CA ARG AH 101 -30.63 -54.87 -101.72
C ARG AH 101 -29.62 -55.88 -102.26
N ALA BH 2 -61.77 -60.04 -74.43
CA ALA BH 2 -61.18 -60.61 -75.64
C ALA BH 2 -59.79 -61.16 -75.36
N VAL BH 3 -59.02 -61.36 -76.43
CA VAL BH 3 -57.62 -61.74 -76.32
C VAL BH 3 -56.85 -60.59 -75.71
N ALA BH 4 -55.94 -60.90 -74.77
CA ALA BH 4 -55.32 -59.90 -73.92
C ALA BH 4 -54.42 -58.95 -74.71
N VAL BH 5 -54.28 -57.73 -74.19
CA VAL BH 5 -53.51 -56.66 -74.83
C VAL BH 5 -52.32 -56.34 -73.94
N GLY BH 6 -51.15 -56.25 -74.53
CA GLY BH 6 -49.98 -55.71 -73.86
C GLY BH 6 -49.41 -54.55 -74.62
N MET BH 7 -49.14 -53.46 -73.90
CA MET BH 7 -48.60 -52.25 -74.50
C MET BH 7 -47.34 -51.85 -73.77
N ILE BH 8 -46.29 -51.54 -74.53
CA ILE BH 8 -45.08 -50.93 -73.99
C ILE BH 8 -44.90 -49.59 -74.69
N GLU BH 9 -44.85 -48.52 -73.91
CA GLU BH 9 -44.56 -47.19 -74.44
C GLU BH 9 -43.13 -46.82 -74.10
N THR BH 10 -42.36 -46.48 -75.12
CA THR BH 10 -40.98 -46.06 -74.93
C THR BH 10 -40.78 -44.66 -75.47
N LEU BH 11 -39.70 -44.03 -75.03
CA LEU BH 11 -39.26 -42.75 -75.56
C LEU BH 11 -38.20 -43.06 -76.63
N GLY BH 12 -38.62 -43.05 -77.88
CA GLY BH 12 -37.70 -43.33 -78.96
C GLY BH 12 -38.07 -44.53 -79.80
N PHE BH 13 -37.77 -44.46 -81.10
CA PHE BH 13 -38.05 -45.54 -82.03
C PHE BH 13 -37.06 -46.71 -82.00
N PRO BH 14 -35.74 -46.56 -81.79
CA PRO BH 14 -34.92 -47.77 -81.60
C PRO BH 14 -35.25 -48.56 -80.35
N ALA BH 15 -35.78 -47.90 -79.31
CA ALA BH 15 -36.18 -48.63 -78.11
C ALA BH 15 -37.46 -49.39 -78.32
N VAL BH 16 -38.31 -48.95 -79.25
CA VAL BH 16 -39.62 -49.57 -79.40
C VAL BH 16 -39.54 -50.75 -80.36
N VAL BH 17 -38.50 -50.81 -81.18
CA VAL BH 17 -38.31 -51.96 -82.06
C VAL BH 17 -37.62 -53.08 -81.29
N GLU BH 18 -36.72 -52.73 -80.38
CA GLU BH 18 -36.11 -53.72 -79.51
C GLU BH 18 -37.11 -54.25 -78.48
N ALA BH 19 -38.04 -53.39 -78.04
CA ALA BH 19 -39.11 -53.87 -77.17
C ALA BH 19 -40.05 -54.79 -77.92
N ALA BH 20 -40.37 -54.46 -79.18
CA ALA BH 20 -41.28 -55.30 -79.95
C ALA BH 20 -40.62 -56.60 -80.38
N ASP BH 21 -39.31 -56.57 -80.64
CA ASP BH 21 -38.61 -57.79 -81.02
C ASP BH 21 -38.41 -58.72 -79.84
N ALA BH 22 -38.27 -58.16 -78.64
CA ALA BH 22 -38.13 -58.99 -77.45
C ALA BH 22 -39.45 -59.62 -77.06
N MET BH 23 -40.57 -58.97 -77.38
CA MET BH 23 -41.86 -59.47 -76.96
C MET BH 23 -42.28 -60.70 -77.75
N VAL BH 24 -42.10 -60.66 -79.08
CA VAL BH 24 -42.60 -61.76 -79.91
C VAL BH 24 -41.63 -62.94 -79.88
N LYS BH 25 -40.41 -62.73 -79.37
CA LYS BH 25 -39.48 -63.84 -79.18
C LYS BH 25 -39.68 -64.50 -77.82
N ALA BH 26 -40.14 -63.75 -76.84
CA ALA BH 26 -40.24 -64.28 -75.48
C ALA BH 26 -41.44 -65.19 -75.31
N ALA BH 27 -42.54 -64.90 -75.99
CA ALA BH 27 -43.77 -65.66 -75.79
C ALA BH 27 -44.55 -65.73 -77.09
N ARG BH 28 -45.72 -66.38 -77.02
CA ARG BH 28 -46.58 -66.58 -78.17
C ARG BH 28 -47.58 -65.42 -78.27
N VAL BH 29 -47.02 -64.22 -78.44
CA VAL BH 29 -47.82 -63.03 -78.65
C VAL BH 29 -47.68 -62.60 -80.10
N THR BH 30 -48.66 -61.86 -80.57
CA THR BH 30 -48.65 -61.29 -81.92
C THR BH 30 -48.55 -59.79 -81.80
N LEU BH 31 -47.46 -59.22 -82.30
CA LEU BH 31 -47.35 -57.77 -82.45
C LEU BH 31 -48.35 -57.34 -83.53
N VAL BH 32 -49.34 -56.54 -83.13
CA VAL BH 32 -50.40 -56.13 -84.04
C VAL BH 32 -50.41 -54.64 -84.28
N GLY BH 33 -49.79 -53.85 -83.43
CA GLY BH 33 -50.05 -52.42 -83.42
C GLY BH 33 -48.79 -51.63 -83.20
N TYR BH 34 -48.84 -50.36 -83.59
CA TYR BH 34 -47.71 -49.46 -83.54
C TYR BH 34 -48.27 -48.05 -83.55
N GLU BH 35 -48.06 -47.31 -82.46
CA GLU BH 35 -48.77 -46.07 -82.25
C GLU BH 35 -47.81 -44.96 -81.87
N LYS BH 36 -47.95 -43.81 -82.55
CA LYS BH 36 -47.21 -42.60 -82.25
C LYS BH 36 -48.19 -41.56 -81.74
N ILE BH 37 -47.91 -40.97 -80.58
CA ILE BH 37 -48.78 -39.99 -79.97
C ILE BH 37 -48.09 -38.65 -79.74
N GLY BH 38 -46.84 -38.51 -80.19
CA GLY BH 38 -46.12 -37.27 -80.06
C GLY BH 38 -45.11 -37.29 -78.93
N THR BH 39 -44.20 -36.31 -78.96
CA THR BH 39 -43.02 -36.17 -78.11
C THR BH 39 -42.17 -37.43 -78.02
N GLY BH 40 -42.07 -38.19 -79.11
CA GLY BH 40 -41.28 -39.39 -79.09
C GLY BH 40 -41.86 -40.54 -78.30
N ARG BH 41 -43.11 -40.43 -77.84
CA ARG BH 41 -43.76 -41.51 -77.11
C ARG BH 41 -44.33 -42.49 -78.13
N VAL BH 42 -43.69 -43.64 -78.25
CA VAL BH 42 -44.05 -44.64 -79.25
C VAL BH 42 -44.51 -45.89 -78.52
N THR BH 43 -45.61 -46.48 -78.97
CA THR BH 43 -46.22 -47.62 -78.31
C THR BH 43 -46.35 -48.77 -79.30
N VAL BH 44 -45.92 -49.97 -78.88
CA VAL BH 44 -46.19 -51.20 -79.60
C VAL BH 44 -47.20 -52.03 -78.80
N ILE BH 45 -48.06 -52.74 -79.52
CA ILE BH 45 -49.19 -53.44 -78.95
C ILE BH 45 -49.12 -54.91 -79.35
N VAL BH 46 -49.09 -55.79 -78.35
CA VAL BH 46 -49.11 -57.23 -78.61
C VAL BH 46 -50.45 -57.79 -78.16
N ARG BH 47 -50.85 -58.87 -78.82
CA ARG BH 47 -52.03 -59.64 -78.44
C ARG BH 47 -51.65 -61.09 -78.19
N GLY BH 48 -52.29 -61.69 -77.20
CA GLY BH 48 -52.06 -63.09 -76.92
C GLY BH 48 -52.80 -63.49 -75.67
N ASP BH 49 -52.50 -64.69 -75.18
CA ASP BH 49 -52.99 -65.10 -73.87
C ASP BH 49 -52.33 -64.26 -72.80
N VAL BH 50 -53.05 -64.10 -71.67
CA VAL BH 50 -52.61 -63.17 -70.62
C VAL BH 50 -51.30 -63.60 -69.98
N SER BH 51 -51.05 -64.91 -69.89
CA SER BH 51 -49.77 -65.39 -69.39
C SER BH 51 -48.66 -65.13 -70.40
N GLU BH 52 -48.96 -65.26 -71.69
CA GLU BH 52 -47.98 -64.96 -72.72
C GLU BH 52 -47.76 -63.46 -72.85
N VAL BH 53 -48.82 -62.67 -72.66
CA VAL BH 53 -48.70 -61.21 -72.76
C VAL BH 53 -47.91 -60.67 -71.57
N GLN BH 54 -48.12 -61.25 -70.38
CA GLN BH 54 -47.36 -60.83 -69.21
C GLN BH 54 -45.89 -61.20 -69.33
N ALA BH 55 -45.61 -62.37 -69.91
CA ALA BH 55 -44.22 -62.81 -70.04
C ALA BH 55 -43.49 -62.02 -71.12
N SER BH 56 -44.21 -61.56 -72.13
CA SER BH 56 -43.58 -60.80 -73.21
C SER BH 56 -43.34 -59.36 -72.81
N VAL BH 57 -44.32 -58.72 -72.17
CA VAL BH 57 -44.22 -57.31 -71.80
C VAL BH 57 -43.14 -57.10 -70.75
N SER BH 58 -42.97 -58.08 -69.85
CA SER BH 58 -41.89 -58.02 -68.88
C SER BH 58 -40.53 -58.22 -69.55
N ALA BH 59 -40.47 -59.05 -70.60
CA ALA BH 59 -39.22 -59.26 -71.30
C ALA BH 59 -38.93 -58.13 -72.27
N GLY BH 60 -39.96 -57.49 -72.81
CA GLY BH 60 -39.76 -56.35 -73.68
C GLY BH 60 -39.35 -55.10 -72.92
N THR BH 61 -39.68 -55.03 -71.63
CA THR BH 61 -39.26 -53.90 -70.81
C THR BH 61 -37.79 -53.99 -70.46
N GLU BH 62 -37.30 -55.20 -70.18
CA GLU BH 62 -35.91 -55.38 -69.77
C GLU BH 62 -34.96 -55.23 -70.95
N SER BH 63 -35.44 -55.41 -72.17
CA SER BH 63 -34.58 -55.32 -73.35
C SER BH 63 -34.37 -53.88 -73.81
N VAL BH 64 -35.16 -52.93 -73.32
CA VAL BH 64 -34.94 -51.53 -73.62
C VAL BH 64 -33.68 -51.02 -72.91
N LYS BH 65 -33.29 -51.66 -71.81
CA LYS BH 65 -32.03 -51.34 -71.15
C LYS BH 65 -30.82 -51.71 -71.98
N ARG BH 66 -30.97 -52.64 -72.95
CA ARG BH 66 -29.90 -52.90 -73.90
C ARG BH 66 -29.68 -51.71 -74.82
N VAL BH 67 -30.75 -50.98 -75.15
CA VAL BH 67 -30.65 -49.82 -76.01
C VAL BH 67 -30.06 -48.66 -75.24
N ASN BH 68 -28.96 -48.10 -75.74
CA ASN BH 68 -28.43 -46.86 -75.18
C ASN BH 68 -29.33 -45.71 -75.56
N GLY BH 69 -29.76 -44.94 -74.57
CA GLY BH 69 -30.70 -43.87 -74.85
C GLY BH 69 -32.13 -44.33 -75.01
N GLY BH 70 -32.43 -45.57 -74.64
CA GLY BH 70 -33.79 -46.10 -74.67
C GLY BH 70 -34.38 -46.06 -73.27
N GLN BH 71 -35.67 -45.73 -73.20
CA GLN BH 71 -36.34 -45.54 -71.93
C GLN BH 71 -37.80 -45.95 -72.04
N VAL BH 72 -38.23 -46.86 -71.19
CA VAL BH 72 -39.63 -47.28 -71.11
C VAL BH 72 -40.39 -46.23 -70.30
N LEU BH 73 -41.44 -45.67 -70.90
CA LEU BH 73 -42.25 -44.68 -70.19
C LEU BH 73 -43.38 -45.36 -69.43
N SER BH 74 -44.11 -46.26 -70.08
CA SER BH 74 -45.28 -46.86 -69.47
C SER BH 74 -45.54 -48.21 -70.10
N THR BH 75 -45.86 -49.20 -69.26
CA THR BH 75 -46.28 -50.51 -69.71
C THR BH 75 -47.63 -50.82 -69.07
N HIS BH 76 -48.45 -51.58 -69.79
CA HIS BH 76 -49.72 -52.03 -69.23
C HIS BH 76 -50.17 -53.30 -69.93
N ILE BH 77 -50.87 -54.15 -69.18
CA ILE BH 77 -51.46 -55.38 -69.68
C ILE BH 77 -52.94 -55.38 -69.32
N ILE BH 78 -53.80 -55.54 -70.31
CA ILE BH 78 -55.23 -55.71 -70.12
C ILE BH 78 -55.57 -57.17 -70.42
N ALA BH 79 -56.05 -57.89 -69.41
CA ALA BH 79 -56.20 -59.34 -69.54
C ALA BH 79 -57.39 -59.70 -70.41
N ARG BH 80 -58.45 -58.90 -70.38
CA ARG BH 80 -59.67 -59.18 -71.14
C ARG BH 80 -60.24 -57.85 -71.59
N PRO BH 81 -59.78 -57.32 -72.72
CA PRO BH 81 -60.32 -56.06 -73.21
C PRO BH 81 -61.72 -56.24 -73.76
N HIS BH 82 -62.51 -55.18 -73.62
CA HIS BH 82 -63.84 -55.15 -74.20
C HIS BH 82 -63.76 -55.15 -75.71
N GLU BH 83 -64.80 -55.68 -76.34
CA GLU BH 83 -64.85 -55.74 -77.80
C GLU BH 83 -65.07 -54.39 -78.46
N ASN BH 84 -65.45 -53.36 -77.68
CA ASN BH 84 -65.54 -52.00 -78.19
C ASN BH 84 -64.16 -51.42 -78.50
N LEU BH 85 -63.11 -51.94 -77.84
CA LEU BH 85 -61.80 -51.31 -77.92
C LEU BH 85 -61.10 -51.58 -79.25
N GLU BH 86 -61.40 -52.72 -79.88
CA GLU BH 86 -60.70 -53.07 -81.11
C GLU BH 86 -61.22 -52.29 -82.30
N TYR BH 87 -62.40 -51.69 -82.19
CA TYR BH 87 -62.95 -50.94 -83.31
C TYR BH 87 -62.59 -49.47 -83.24
N VAL BH 88 -62.09 -49.02 -82.08
CA VAL BH 88 -61.67 -47.63 -81.96
C VAL BH 88 -60.15 -47.53 -81.84
N LEU BH 89 -59.60 -48.23 -80.90
CA LEU BH 89 -58.17 -48.18 -80.66
C LEU BH 89 -57.43 -49.16 -81.56
N PRO BH 90 -56.20 -48.83 -81.98
CA PRO BH 90 -55.43 -49.73 -82.86
C PRO BH 90 -54.77 -50.88 -82.09
N ILE BH 91 -55.61 -51.73 -81.50
CA ILE BH 91 -55.16 -52.94 -80.80
C ILE BH 91 -55.67 -54.19 -81.47
N ARG BH 92 -56.32 -54.09 -82.62
CA ARG BH 92 -56.96 -55.23 -83.23
C ARG BH 92 -56.01 -55.98 -84.15
N TYR BH 93 -56.36 -57.23 -84.43
CA TYR BH 93 -55.64 -58.00 -85.42
C TYR BH 93 -55.96 -57.49 -86.82
N THR BH 94 -54.96 -56.93 -87.47
CA THR BH 94 -55.06 -56.60 -88.88
C THR BH 94 -54.82 -57.85 -89.72
N GLU BH 95 -55.14 -57.75 -91.01
CA GLU BH 95 -55.05 -58.92 -91.89
C GLU BH 95 -53.60 -59.26 -92.23
N GLU BH 96 -52.70 -58.27 -92.11
CA GLU BH 96 -51.30 -58.51 -92.43
C GLU BH 96 -50.60 -59.36 -91.36
N VAL BH 97 -51.15 -59.38 -90.15
CA VAL BH 97 -50.53 -60.10 -89.05
C VAL BH 97 -51.33 -61.34 -88.66
N GLU BH 98 -52.22 -61.82 -89.53
CA GLU BH 98 -52.99 -63.01 -89.22
C GLU BH 98 -52.18 -64.30 -89.40
N GLN BH 99 -51.01 -64.21 -90.04
CA GLN BH 99 -50.16 -65.38 -90.16
C GLN BH 99 -49.40 -65.68 -88.87
N PHE BH 100 -49.37 -64.72 -87.94
CA PHE BH 100 -48.63 -64.88 -86.69
C PHE BH 100 -49.54 -65.15 -85.50
N ARG BH 101 -50.85 -65.23 -85.70
CA ARG BH 101 -51.78 -65.45 -84.60
C ARG BH 101 -51.74 -66.89 -84.12
N ALA CH 2 -13.39 -72.93 -89.16
CA ALA CH 2 -14.55 -72.83 -90.03
C ALA CH 2 -15.44 -71.67 -89.58
N VAL CH 3 -16.55 -72.00 -88.94
CA VAL CH 3 -17.40 -70.97 -88.36
C VAL CH 3 -16.81 -70.52 -87.03
N ALA CH 4 -17.23 -69.34 -86.57
CA ALA CH 4 -16.69 -68.80 -85.32
C ALA CH 4 -17.22 -69.56 -84.12
N VAL CH 5 -16.60 -69.33 -82.97
CA VAL CH 5 -17.02 -69.93 -81.71
C VAL CH 5 -17.13 -68.81 -80.68
N GLY CH 6 -18.22 -68.81 -79.93
CA GLY CH 6 -18.40 -67.87 -78.84
C GLY CH 6 -18.77 -68.59 -77.57
N MET CH 7 -18.28 -68.09 -76.45
CA MET CH 7 -18.48 -68.72 -75.15
C MET CH 7 -18.96 -67.67 -74.17
N ILE CH 8 -19.92 -68.04 -73.33
CA ILE CH 8 -20.32 -67.24 -72.19
C ILE CH 8 -20.25 -68.15 -70.97
N GLU CH 9 -19.43 -67.77 -70.00
CA GLU CH 9 -19.35 -68.49 -68.74
C GLU CH 9 -20.11 -67.74 -67.67
N THR CH 10 -21.11 -68.39 -67.09
CA THR CH 10 -21.89 -67.82 -66.01
C THR CH 10 -21.64 -68.60 -64.73
N LEU CH 11 -21.99 -67.98 -63.61
CA LEU CH 11 -22.01 -68.63 -62.31
C LEU CH 11 -23.43 -69.10 -62.05
N GLY CH 12 -23.67 -70.39 -62.24
CA GLY CH 12 -25.00 -70.92 -62.04
C GLY CH 12 -25.65 -71.44 -63.29
N PHE CH 13 -26.46 -72.49 -63.14
CA PHE CH 13 -27.19 -73.09 -64.26
C PHE CH 13 -28.44 -72.33 -64.72
N PRO CH 14 -29.27 -71.69 -63.87
CA PRO CH 14 -30.35 -70.86 -64.44
C PRO CH 14 -29.85 -69.65 -65.22
N ALA CH 15 -28.67 -69.15 -64.91
CA ALA CH 15 -28.12 -68.02 -65.67
C ALA CH 15 -27.57 -68.48 -67.01
N VAL CH 16 -27.11 -69.74 -67.10
CA VAL CH 16 -26.47 -70.18 -68.33
C VAL CH 16 -27.52 -70.66 -69.34
N VAL CH 17 -28.72 -70.96 -68.87
CA VAL CH 17 -29.80 -71.32 -69.79
C VAL CH 17 -30.44 -70.07 -70.37
N GLU CH 18 -30.57 -69.02 -69.56
CA GLU CH 18 -31.03 -67.73 -70.06
C GLU CH 18 -30.00 -67.10 -70.99
N ALA CH 19 -28.71 -67.31 -70.72
CA ALA CH 19 -27.67 -66.85 -71.62
C ALA CH 19 -27.72 -67.62 -72.94
N ALA CH 20 -27.91 -68.95 -72.88
CA ALA CH 20 -27.96 -69.75 -74.09
C ALA CH 20 -29.24 -69.48 -74.88
N ASP CH 21 -30.34 -69.19 -74.19
CA ASP CH 21 -31.59 -68.89 -74.88
C ASP CH 21 -31.54 -67.51 -75.54
N ALA CH 22 -30.83 -66.57 -74.94
CA ALA CH 22 -30.71 -65.24 -75.53
C ALA CH 22 -29.76 -65.24 -76.71
N MET CH 23 -28.82 -66.18 -76.76
CA MET CH 23 -27.86 -66.21 -77.84
C MET CH 23 -28.49 -66.71 -79.13
N VAL CH 24 -29.26 -67.80 -79.05
CA VAL CH 24 -29.81 -68.40 -80.26
C VAL CH 24 -31.05 -67.65 -80.72
N LYS CH 25 -31.58 -66.75 -79.91
CA LYS CH 25 -32.68 -65.88 -80.35
C LYS CH 25 -32.16 -64.61 -80.99
N ALA CH 26 -30.97 -64.16 -80.56
CA ALA CH 26 -30.46 -62.87 -81.04
C ALA CH 26 -29.97 -62.96 -82.48
N ALA CH 27 -29.26 -64.02 -82.82
CA ALA CH 27 -28.64 -64.11 -84.13
C ALA CH 27 -28.67 -65.55 -84.61
N ARG CH 28 -28.14 -65.77 -85.81
CA ARG CH 28 -28.13 -67.08 -86.45
C ARG CH 28 -26.91 -67.87 -85.98
N VAL CH 29 -26.93 -68.23 -84.70
CA VAL CH 29 -25.91 -69.07 -84.12
C VAL CH 29 -26.55 -70.39 -83.70
N THR CH 30 -25.72 -71.41 -83.60
CA THR CH 30 -26.15 -72.72 -83.13
C THR CH 30 -25.48 -72.99 -81.79
N LEU CH 31 -26.29 -73.15 -80.75
CA LEU CH 31 -25.80 -73.65 -79.48
C LEU CH 31 -25.38 -75.10 -79.66
N VAL CH 32 -24.10 -75.37 -79.47
CA VAL CH 32 -23.56 -76.70 -79.72
C VAL CH 32 -23.03 -77.36 -78.46
N GLY CH 33 -22.74 -76.61 -77.41
CA GLY CH 33 -21.94 -77.15 -76.33
C GLY CH 33 -22.39 -76.63 -74.98
N TYR CH 34 -21.89 -77.27 -73.94
CA TYR CH 34 -22.32 -77.05 -72.58
C TYR CH 34 -21.25 -77.64 -71.67
N GLU CH 35 -20.57 -76.80 -70.90
CA GLU CH 35 -19.36 -77.20 -70.21
C GLU CH 35 -19.41 -76.80 -68.75
N LYS CH 36 -19.09 -77.74 -67.87
CA LYS CH 36 -18.99 -77.52 -66.44
C LYS CH 36 -17.55 -77.79 -66.01
N ILE CH 37 -16.94 -76.84 -65.31
CA ILE CH 37 -15.54 -76.94 -64.91
C ILE CH 37 -15.37 -76.89 -63.40
N GLY CH 38 -16.46 -76.80 -62.65
CA GLY CH 38 -16.38 -76.68 -61.21
C GLY CH 38 -16.55 -75.25 -60.73
N THR CH 39 -16.71 -75.12 -59.40
CA THR CH 39 -17.15 -73.91 -58.70
C THR CH 39 -18.36 -73.25 -59.32
N GLY CH 40 -19.31 -74.03 -59.84
CA GLY CH 40 -20.49 -73.48 -60.44
C GLY CH 40 -20.28 -72.75 -61.75
N ARG CH 41 -19.09 -72.79 -62.31
CA ARG CH 41 -18.78 -72.07 -63.54
C ARG CH 41 -19.23 -72.92 -64.73
N VAL CH 42 -20.29 -72.45 -65.39
CA VAL CH 42 -20.91 -73.19 -66.49
C VAL CH 42 -20.78 -72.36 -67.75
N THR CH 43 -20.38 -73.01 -68.85
CA THR CH 43 -20.11 -72.35 -70.11
C THR CH 43 -21.00 -72.94 -71.19
N VAL CH 44 -21.62 -72.08 -72.01
CA VAL CH 44 -22.32 -72.49 -73.21
C VAL CH 44 -21.55 -71.99 -74.43
N ILE CH 45 -21.50 -72.84 -75.45
CA ILE CH 45 -20.69 -72.61 -76.65
C ILE CH 45 -21.61 -72.50 -77.84
N VAL CH 46 -21.52 -71.39 -78.57
CA VAL CH 46 -22.28 -71.20 -79.79
C VAL CH 46 -21.32 -71.19 -80.98
N ARG CH 47 -21.80 -71.66 -82.11
CA ARG CH 47 -21.07 -71.60 -83.37
C ARG CH 47 -21.88 -70.79 -84.37
N GLY CH 48 -21.18 -70.14 -85.30
CA GLY CH 48 -21.85 -69.36 -86.32
C GLY CH 48 -20.87 -68.46 -87.00
N ASP CH 49 -21.38 -67.53 -87.80
CA ASP CH 49 -20.54 -66.48 -88.34
C ASP CH 49 -20.11 -65.54 -87.21
N VAL CH 50 -18.97 -64.88 -87.42
CA VAL CH 50 -18.36 -64.08 -86.35
C VAL CH 50 -19.19 -62.86 -86.03
N SER CH 51 -19.91 -62.30 -87.01
CA SER CH 51 -20.83 -61.20 -86.74
C SER CH 51 -22.04 -61.68 -85.97
N GLU CH 52 -22.53 -62.89 -86.27
CA GLU CH 52 -23.66 -63.44 -85.55
C GLU CH 52 -23.25 -63.88 -84.15
N VAL CH 53 -22.02 -64.38 -84.00
CA VAL CH 53 -21.55 -64.78 -82.68
C VAL CH 53 -21.33 -63.56 -81.80
N GLN CH 54 -20.88 -62.45 -82.38
CA GLN CH 54 -20.70 -61.21 -81.61
C GLN CH 54 -22.03 -60.62 -81.17
N ALA CH 55 -23.05 -60.74 -82.00
CA ALA CH 55 -24.36 -60.20 -81.63
C ALA CH 55 -25.05 -61.09 -80.60
N SER CH 56 -24.78 -62.39 -80.63
CA SER CH 56 -25.40 -63.31 -79.68
C SER CH 56 -24.74 -63.23 -78.32
N VAL CH 57 -23.41 -63.13 -78.28
CA VAL CH 57 -22.68 -63.09 -77.01
C VAL CH 57 -22.97 -61.78 -76.27
N SER CH 58 -23.14 -60.69 -77.00
CA SER CH 58 -23.49 -59.41 -76.38
C SER CH 58 -24.91 -59.43 -75.84
N ALA CH 59 -25.81 -60.17 -76.49
CA ALA CH 59 -27.18 -60.27 -76.00
C ALA CH 59 -27.29 -61.29 -74.89
N GLY CH 60 -26.48 -62.34 -74.93
CA GLY CH 60 -26.48 -63.33 -73.87
C GLY CH 60 -25.83 -62.82 -72.59
N THR CH 61 -24.95 -61.83 -72.70
CA THR CH 61 -24.36 -61.23 -71.52
C THR CH 61 -25.36 -60.32 -70.80
N GLU CH 62 -26.16 -59.59 -71.58
CA GLU CH 62 -27.14 -58.67 -70.99
C GLU CH 62 -28.32 -59.41 -70.35
N SER CH 63 -28.58 -60.63 -70.78
CA SER CH 63 -29.74 -61.37 -70.27
C SER CH 63 -29.46 -62.05 -68.94
N VAL CH 64 -28.21 -62.19 -68.55
CA VAL CH 64 -27.90 -62.75 -67.24
C VAL CH 64 -28.17 -61.71 -66.15
N LYS CH 65 -28.15 -60.42 -66.51
CA LYS CH 65 -28.47 -59.35 -65.57
C LYS CH 65 -29.92 -59.39 -65.10
N ARG CH 66 -30.83 -59.99 -65.88
CA ARG CH 66 -32.20 -60.16 -65.44
C ARG CH 66 -32.41 -61.42 -64.61
N VAL CH 67 -31.44 -62.32 -64.58
CA VAL CH 67 -31.51 -63.51 -63.73
C VAL CH 67 -31.07 -63.13 -62.33
N ASN CH 68 -31.91 -63.43 -61.33
CA ASN CH 68 -31.59 -63.17 -59.94
C ASN CH 68 -30.68 -64.28 -59.43
N GLY CH 69 -29.45 -63.94 -59.11
CA GLY CH 69 -28.50 -64.90 -58.59
C GLY CH 69 -27.49 -65.42 -59.58
N GLY CH 70 -27.43 -64.86 -60.78
CA GLY CH 70 -26.46 -65.28 -61.76
C GLY CH 70 -25.67 -64.10 -62.28
N GLN CH 71 -24.42 -64.39 -62.66
CA GLN CH 71 -23.53 -63.35 -63.17
C GLN CH 71 -22.64 -63.94 -64.26
N VAL CH 72 -22.32 -63.11 -65.24
CA VAL CH 72 -21.39 -63.48 -66.31
C VAL CH 72 -19.98 -63.38 -65.75
N LEU CH 73 -19.24 -64.50 -65.82
CA LEU CH 73 -17.86 -64.48 -65.35
C LEU CH 73 -16.90 -64.16 -66.48
N SER CH 74 -17.11 -64.75 -67.65
CA SER CH 74 -16.19 -64.60 -68.76
C SER CH 74 -16.90 -64.84 -70.07
N THR CH 75 -16.62 -63.98 -71.05
CA THR CH 75 -17.10 -64.16 -72.41
C THR CH 75 -15.90 -64.08 -73.35
N HIS CH 76 -15.98 -64.81 -74.46
CA HIS CH 76 -14.95 -64.72 -75.48
C HIS CH 76 -15.51 -65.15 -76.82
N ILE CH 77 -14.93 -64.61 -77.89
CA ILE CH 77 -15.30 -64.87 -79.27
C ILE CH 77 -14.03 -65.11 -80.06
N ILE CH 78 -13.97 -66.22 -80.78
CA ILE CH 78 -12.87 -66.53 -81.69
C ILE CH 78 -13.44 -66.61 -83.10
N ALA CH 79 -12.89 -65.79 -84.01
CA ALA CH 79 -13.48 -65.63 -85.34
C ALA CH 79 -13.35 -66.89 -86.17
N ARG CH 80 -12.24 -67.62 -86.02
CA ARG CH 80 -12.02 -68.87 -86.74
C ARG CH 80 -11.10 -69.70 -85.87
N PRO CH 81 -11.64 -70.66 -85.12
CA PRO CH 81 -10.80 -71.54 -84.32
C PRO CH 81 -9.99 -72.49 -85.21
N HIS CH 82 -8.89 -72.95 -84.65
CA HIS CH 82 -8.06 -73.93 -85.32
C HIS CH 82 -8.78 -75.27 -85.41
N GLU CH 83 -8.36 -76.09 -86.38
CA GLU CH 83 -8.96 -77.42 -86.53
C GLU CH 83 -8.52 -78.36 -85.41
N ASN CH 84 -7.43 -78.01 -84.71
CA ASN CH 84 -6.99 -78.77 -83.56
C ASN CH 84 -7.96 -78.68 -82.40
N LEU CH 85 -8.65 -77.54 -82.27
CA LEU CH 85 -9.50 -77.31 -81.10
C LEU CH 85 -10.80 -78.10 -81.17
N GLU CH 86 -11.20 -78.53 -82.36
CA GLU CH 86 -12.46 -79.27 -82.49
C GLU CH 86 -12.33 -80.67 -81.92
N TYR CH 87 -11.13 -81.24 -81.94
CA TYR CH 87 -10.96 -82.62 -81.50
C TYR CH 87 -10.64 -82.70 -80.02
N VAL CH 88 -10.11 -81.62 -79.44
CA VAL CH 88 -9.73 -81.65 -78.04
C VAL CH 88 -10.79 -80.98 -77.18
N LEU CH 89 -11.20 -79.81 -77.55
CA LEU CH 89 -12.17 -79.02 -76.81
C LEU CH 89 -13.58 -79.29 -77.32
N PRO CH 90 -14.58 -79.27 -76.43
CA PRO CH 90 -15.97 -79.57 -76.83
C PRO CH 90 -16.68 -78.37 -77.46
N ILE CH 91 -16.14 -77.89 -78.58
CA ILE CH 91 -16.72 -76.77 -79.32
C ILE CH 91 -17.23 -77.20 -80.69
N ARG CH 92 -17.20 -78.48 -81.01
CA ARG CH 92 -17.58 -78.93 -82.33
C ARG CH 92 -19.09 -79.18 -82.40
N TYR CH 93 -19.59 -79.23 -83.64
CA TYR CH 93 -20.99 -79.56 -83.88
C TYR CH 93 -21.24 -81.03 -83.56
N THR CH 94 -22.17 -81.29 -82.67
CA THR CH 94 -22.60 -82.65 -82.40
C THR CH 94 -23.62 -83.09 -83.44
N GLU CH 95 -23.98 -84.37 -83.39
CA GLU CH 95 -24.93 -84.91 -84.35
C GLU CH 95 -26.35 -84.42 -84.10
N GLU CH 96 -26.66 -84.05 -82.85
CA GLU CH 96 -28.03 -83.69 -82.51
C GLU CH 96 -28.35 -82.26 -82.91
N VAL CH 97 -27.33 -81.42 -83.11
CA VAL CH 97 -27.52 -80.00 -83.35
C VAL CH 97 -27.35 -79.65 -84.83
N GLU CH 98 -27.28 -80.66 -85.71
CA GLU CH 98 -27.08 -80.39 -87.13
C GLU CH 98 -28.34 -79.85 -87.80
N GLN CH 99 -29.50 -79.97 -87.16
CA GLN CH 99 -30.71 -79.39 -87.72
C GLN CH 99 -30.74 -77.88 -87.57
N PHE CH 100 -30.00 -77.34 -86.61
CA PHE CH 100 -29.97 -75.91 -86.33
C PHE CH 100 -28.79 -75.20 -86.99
N ARG CH 101 -27.96 -75.91 -87.73
CA ARG CH 101 -26.79 -75.32 -88.36
C ARG CH 101 -27.17 -74.51 -89.60
N MET DH 1 0.59 -36.73 -99.46
CA MET DH 1 -0.69 -37.32 -99.82
C MET DH 1 -0.63 -38.01 -101.18
N GLN DH 2 -1.59 -38.88 -101.41
CA GLN DH 2 -1.78 -39.53 -102.70
C GLN DH 2 -3.22 -39.35 -103.13
N MET DH 3 -3.43 -39.28 -104.45
CA MET DH 3 -4.77 -39.29 -104.99
C MET DH 3 -5.23 -40.73 -105.15
N ALA DH 4 -6.45 -41.01 -104.69
CA ALA DH 4 -6.98 -42.35 -104.74
C ALA DH 4 -8.45 -42.31 -105.09
N LYS DH 5 -8.94 -43.41 -105.64
CA LYS DH 5 -10.34 -43.58 -105.98
C LYS DH 5 -10.96 -44.62 -105.04
N VAL DH 6 -12.10 -44.27 -104.46
CA VAL DH 6 -12.79 -45.17 -103.53
C VAL DH 6 -13.38 -46.31 -104.34
N CYS DH 7 -12.83 -47.52 -104.17
CA CYS DH 7 -13.31 -48.66 -104.93
C CYS DH 7 -14.17 -49.59 -104.08
N GLY DH 8 -14.15 -49.42 -102.76
CA GLY DH 8 -15.01 -50.25 -101.95
C GLY DH 8 -14.78 -50.07 -100.47
N THR DH 9 -15.41 -50.95 -99.70
CA THR DH 9 -15.38 -50.92 -98.25
C THR DH 9 -14.83 -52.23 -97.72
N VAL DH 10 -14.13 -52.15 -96.59
CA VAL DH 10 -13.60 -53.31 -95.88
C VAL DH 10 -14.21 -53.32 -94.49
N VAL DH 11 -14.86 -54.42 -94.13
CA VAL DH 11 -15.53 -54.56 -92.83
C VAL DH 11 -14.85 -55.69 -92.08
N GLY DH 12 -14.37 -55.40 -90.88
CA GLY DH 12 -13.87 -56.43 -89.99
C GLY DH 12 -14.56 -56.34 -88.65
N THR DH 13 -15.04 -57.48 -88.13
CA THR DH 13 -15.71 -57.48 -86.84
C THR DH 13 -14.78 -57.83 -85.69
N GLN DH 14 -13.85 -58.77 -85.89
CA GLN DH 14 -12.83 -59.08 -84.90
C GLN DH 14 -11.65 -58.16 -85.13
N LYS DH 15 -11.49 -57.17 -84.26
CA LYS DH 15 -10.47 -56.16 -84.42
C LYS DH 15 -10.04 -55.69 -83.04
N LEU DH 16 -9.12 -54.74 -83.02
CA LEU DH 16 -8.72 -54.11 -81.78
C LEU DH 16 -9.85 -53.22 -81.25
N PRO DH 17 -9.96 -53.05 -79.93
CA PRO DH 17 -11.02 -52.17 -79.40
C PRO DH 17 -10.83 -50.70 -79.74
N SER DH 18 -9.61 -50.30 -80.09
CA SER DH 18 -9.38 -48.93 -80.55
C SER DH 18 -9.71 -48.76 -82.03
N MET DH 19 -10.03 -49.85 -82.72
CA MET DH 19 -10.38 -49.77 -84.14
C MET DH 19 -11.88 -49.71 -84.38
N THR DH 20 -12.70 -49.66 -83.33
CA THR DH 20 -14.14 -49.64 -83.54
C THR DH 20 -14.61 -48.22 -83.85
N GLY DH 21 -15.68 -48.12 -84.63
CA GLY DH 21 -16.16 -46.84 -85.12
C GLY DH 21 -15.40 -46.29 -86.29
N VAL DH 22 -14.32 -46.92 -86.72
CA VAL DH 22 -13.48 -46.45 -87.81
C VAL DH 22 -14.03 -47.02 -89.10
N LYS DH 23 -14.43 -46.13 -90.01
CA LYS DH 23 -14.92 -46.54 -91.32
C LYS DH 23 -13.72 -46.80 -92.23
N LEU DH 24 -13.65 -48.00 -92.79
CA LEU DH 24 -12.50 -48.44 -93.57
C LEU DH 24 -12.88 -48.53 -95.04
N LEU DH 25 -12.23 -47.72 -95.86
CA LEU DH 25 -12.47 -47.66 -97.29
C LEU DH 25 -11.32 -48.31 -98.04
N LEU DH 26 -11.66 -49.12 -99.04
CA LEU DH 26 -10.69 -49.70 -99.97
C LEU DH 26 -10.49 -48.71 -101.10
N LEU DH 27 -9.33 -48.07 -101.15
CA LEU DH 27 -9.01 -47.07 -102.16
C LEU DH 27 -7.98 -47.63 -103.12
N GLN DH 28 -8.18 -47.42 -104.41
CA GLN DH 28 -7.18 -47.71 -105.41
C GLN DH 28 -6.49 -46.41 -105.81
N PHE DH 29 -5.16 -46.43 -105.85
CA PHE DH 29 -4.41 -45.24 -106.20
C PHE DH 29 -4.53 -44.95 -107.68
N ILE DH 30 -4.67 -43.68 -108.02
CA ILE DH 30 -4.70 -43.19 -109.38
C ILE DH 30 -3.44 -42.37 -109.61
N ASP DH 31 -2.98 -42.31 -110.85
CA ASP DH 31 -1.75 -41.59 -111.13
C ASP DH 31 -2.03 -40.10 -111.31
N ALA DH 32 -0.99 -39.35 -111.65
CA ALA DH 32 -1.16 -37.92 -111.91
C ALA DH 32 -1.90 -37.66 -113.21
N ASN DH 33 -1.92 -38.64 -114.11
CA ASN DH 33 -2.63 -38.49 -115.37
C ASN DH 33 -4.10 -38.91 -115.27
N GLY DH 34 -4.46 -39.66 -114.22
CA GLY DH 34 -5.84 -40.03 -113.98
C GLY DH 34 -6.17 -41.50 -114.09
N GLU DH 35 -5.23 -42.36 -114.49
CA GLU DH 35 -5.50 -43.78 -114.64
C GLU DH 35 -5.24 -44.52 -113.35
N LEU DH 36 -5.89 -45.66 -113.19
CA LEU DH 36 -5.79 -46.45 -111.97
C LEU DH 36 -4.45 -47.19 -111.92
N LEU DH 37 -3.75 -47.03 -110.82
CA LEU DH 37 -2.51 -47.77 -110.58
C LEU DH 37 -2.82 -49.14 -109.97
N PRO DH 38 -1.97 -50.15 -110.22
CA PRO DH 38 -2.14 -51.44 -109.55
C PRO DH 38 -1.60 -51.44 -108.12
N LYS DH 39 -2.17 -50.57 -107.30
CA LYS DH 39 -1.74 -50.38 -105.92
C LYS DH 39 -2.92 -49.83 -105.15
N TYR DH 40 -3.14 -50.34 -103.94
CA TYR DH 40 -4.32 -50.00 -103.17
C TYR DH 40 -3.92 -49.58 -101.77
N GLU DH 41 -4.93 -49.20 -100.99
CA GLU DH 41 -4.78 -48.85 -99.59
C GLU DH 41 -6.12 -49.06 -98.90
N VAL DH 42 -6.08 -49.40 -97.62
CA VAL DH 42 -7.25 -49.36 -96.77
C VAL DH 42 -7.06 -48.21 -95.80
N ALA DH 43 -7.97 -47.25 -95.81
CA ALA DH 43 -7.80 -46.02 -95.07
C ALA DH 43 -9.01 -45.73 -94.21
N ALA DH 44 -8.77 -45.04 -93.10
CA ALA DH 44 -9.85 -44.47 -92.31
C ALA DH 44 -10.47 -43.30 -93.06
N ASP DH 45 -11.77 -43.11 -92.85
CA ASP DH 45 -12.55 -42.13 -93.60
C ASP DH 45 -13.31 -41.22 -92.65
N PRO DH 46 -12.66 -40.17 -92.12
CA PRO DH 46 -13.42 -39.17 -91.36
C PRO DH 46 -14.21 -38.24 -92.26
N VAL DH 47 -13.67 -37.86 -93.40
CA VAL DH 47 -14.36 -37.08 -94.41
C VAL DH 47 -15.21 -38.04 -95.22
N GLY DH 48 -16.52 -37.91 -95.11
CA GLY DH 48 -17.42 -38.96 -95.57
C GLY DH 48 -17.41 -39.14 -97.08
N ALA DH 49 -16.80 -40.20 -97.56
CA ALA DH 49 -16.54 -40.42 -98.98
C ALA DH 49 -17.17 -41.73 -99.41
N GLY DH 50 -17.83 -41.71 -100.57
CA GLY DH 50 -18.49 -42.88 -101.10
C GLY DH 50 -17.81 -43.43 -102.32
N LEU DH 51 -18.41 -44.50 -102.86
CA LEU DH 51 -17.82 -45.28 -103.93
C LEU DH 51 -17.72 -44.48 -105.23
N GLY DH 52 -16.50 -44.39 -105.74
CA GLY DH 52 -16.23 -43.69 -106.98
C GLY DH 52 -15.57 -42.34 -106.82
N GLU DH 53 -15.53 -41.79 -105.62
CA GLU DH 53 -14.99 -40.46 -105.42
C GLU DH 53 -13.47 -40.47 -105.47
N TRP DH 54 -12.91 -39.31 -105.81
CA TRP DH 54 -11.48 -39.09 -105.76
C TRP DH 54 -11.13 -38.47 -104.41
N VAL DH 55 -10.22 -39.11 -103.69
CA VAL DH 55 -9.88 -38.66 -102.35
C VAL DH 55 -8.39 -38.42 -102.25
N LEU DH 56 -8.01 -37.59 -101.30
CA LEU DH 56 -6.62 -37.44 -100.89
C LEU DH 56 -6.42 -38.28 -99.65
N VAL DH 57 -5.44 -39.17 -99.68
CA VAL DH 57 -5.14 -40.07 -98.57
C VAL DH 57 -3.67 -39.89 -98.17
N ASN DH 58 -3.44 -39.71 -96.88
CA ASN DH 58 -2.08 -39.65 -96.38
C ASN DH 58 -1.71 -41.01 -95.78
N ARG DH 59 -0.46 -41.15 -95.37
CA ARG DH 59 -0.05 -42.38 -94.72
C ARG DH 59 0.91 -42.07 -93.60
N GLY DH 60 1.13 -43.06 -92.75
CA GLY DH 60 2.05 -42.94 -91.64
C GLY DH 60 1.38 -42.40 -90.39
N SER DH 61 2.16 -41.63 -89.61
CA SER DH 61 1.65 -41.05 -88.38
C SER DH 61 0.81 -39.80 -88.62
N ALA DH 62 0.67 -39.36 -89.87
CA ALA DH 62 -0.22 -38.26 -90.20
C ALA DH 62 -1.68 -38.68 -90.14
N ALA DH 63 -1.96 -39.98 -90.21
CA ALA DH 63 -3.31 -40.49 -90.05
C ALA DH 63 -3.84 -40.32 -88.63
N ARG DH 64 -2.95 -40.10 -87.66
CA ARG DH 64 -3.30 -39.98 -86.26
C ARG DH 64 -3.28 -38.55 -85.76
N GLN DH 65 -3.55 -37.58 -86.64
CA GLN DH 65 -3.45 -36.17 -86.28
C GLN DH 65 -4.79 -35.49 -86.11
N THR DH 66 -5.91 -36.16 -86.40
CA THR DH 66 -7.21 -35.52 -86.41
C THR DH 66 -7.92 -35.55 -85.06
N GLU DH 67 -7.14 -35.67 -83.98
CA GLU DH 67 -7.48 -35.53 -82.55
C GLU DH 67 -8.54 -36.52 -82.05
N TYR DH 68 -9.01 -37.43 -82.89
CA TYR DH 68 -9.76 -38.59 -82.41
C TYR DH 68 -9.25 -39.89 -83.01
N HIS DH 69 -8.27 -39.81 -83.92
CA HIS DH 69 -7.52 -40.97 -84.39
C HIS DH 69 -6.17 -41.07 -83.71
N GLN DH 70 -5.99 -40.43 -82.55
CA GLN DH 70 -4.66 -40.15 -82.01
C GLN DH 70 -3.98 -41.40 -81.49
N ASN DH 71 -4.70 -42.23 -80.73
CA ASN DH 71 -4.12 -43.44 -80.16
C ASN DH 71 -4.64 -44.69 -80.87
N ARG DH 72 -5.16 -44.52 -82.07
CA ARG DH 72 -5.70 -45.57 -82.93
C ARG DH 72 -4.62 -46.10 -83.85
N PRO DH 73 -4.56 -47.41 -84.08
CA PRO DH 73 -3.51 -48.00 -84.94
C PRO DH 73 -3.81 -47.83 -86.43
N LEU DH 74 -3.78 -46.59 -86.89
CA LEU DH 74 -4.12 -46.23 -88.24
C LEU DH 74 -2.90 -45.66 -88.94
N ASP DH 75 -2.62 -46.14 -90.16
CA ASP DH 75 -1.52 -45.64 -90.96
C ASP DH 75 -1.98 -45.15 -92.33
N ALA DH 76 -3.26 -44.87 -92.49
CA ALA DH 76 -3.82 -44.32 -93.72
C ALA DH 76 -5.14 -43.66 -93.38
N MET DH 77 -5.39 -42.50 -93.97
CA MET DH 77 -6.58 -41.73 -93.65
C MET DH 77 -6.94 -40.86 -94.84
N VAL DH 78 -8.21 -40.89 -95.24
CA VAL DH 78 -8.71 -39.92 -96.21
C VAL DH 78 -8.79 -38.57 -95.53
N VAL DH 79 -8.05 -37.60 -96.05
CA VAL DH 79 -8.03 -36.26 -95.46
C VAL DH 79 -8.88 -35.26 -96.23
N ALA DH 80 -9.18 -35.54 -97.50
CA ALA DH 80 -9.93 -34.61 -98.32
C ALA DH 80 -10.62 -35.39 -99.43
N ILE DH 81 -11.79 -34.90 -99.83
CA ILE DH 81 -12.43 -35.33 -101.06
C ILE DH 81 -12.03 -34.34 -102.14
N ILE DH 82 -11.50 -34.85 -103.25
CA ILE DH 82 -10.94 -34.01 -104.28
C ILE DH 82 -12.08 -33.36 -105.07
N ASP DH 83 -12.06 -32.03 -105.14
CA ASP DH 83 -12.99 -31.28 -105.97
C ASP DH 83 -12.45 -31.11 -107.39
N THR DH 84 -11.23 -30.60 -107.52
CA THR DH 84 -10.65 -30.26 -108.81
C THR DH 84 -9.17 -30.62 -108.83
N VAL DH 85 -8.75 -31.31 -109.89
CA VAL DH 85 -7.34 -31.47 -110.20
C VAL DH 85 -7.05 -30.70 -111.48
N THR DH 86 -6.17 -29.71 -111.38
CA THR DH 86 -5.73 -28.92 -112.53
C THR DH 86 -4.28 -29.27 -112.79
N VAL DH 87 -4.00 -29.81 -113.98
CA VAL DH 87 -2.64 -30.17 -114.39
C VAL DH 87 -2.28 -29.33 -115.61
N ASN DH 88 -1.17 -28.59 -115.51
CA ASN DH 88 -0.65 -27.71 -116.58
C ASN DH 88 -1.69 -26.70 -117.03
N ASN DH 89 -2.36 -26.08 -116.05
CA ASN DH 89 -3.47 -25.13 -116.20
C ASN DH 89 -4.67 -25.72 -116.93
N ARG DH 90 -4.78 -27.04 -117.02
CA ARG DH 90 -5.91 -27.72 -117.64
C ARG DH 90 -6.58 -28.58 -116.59
N ARG DH 91 -7.90 -28.47 -116.48
CA ARG DH 91 -8.65 -29.24 -115.49
C ARG DH 91 -8.67 -30.71 -115.86
N LEU DH 92 -8.11 -31.55 -115.00
CA LEU DH 92 -8.13 -32.99 -115.15
C LEU DH 92 -9.36 -33.64 -114.55
N TYR DH 93 -9.80 -33.16 -113.40
CA TYR DH 93 -10.93 -33.73 -112.68
C TYR DH 93 -11.82 -32.60 -112.19
N GLY DH 94 -13.13 -32.85 -112.18
CA GLY DH 94 -14.08 -31.86 -111.70
C GLY DH 94 -14.74 -31.07 -112.81
N ALA EH 2 -88.65 31.70 -65.39
CA ALA EH 2 -89.10 30.89 -66.52
C ALA EH 2 -89.06 29.40 -66.16
N VAL EH 3 -89.05 28.56 -67.20
CA VAL EH 3 -88.93 27.12 -67.03
C VAL EH 3 -87.53 26.81 -66.50
N ALA EH 4 -87.43 25.81 -65.62
CA ALA EH 4 -86.19 25.55 -64.89
C ALA EH 4 -85.08 25.07 -65.82
N VAL EH 5 -83.85 25.40 -65.45
CA VAL EH 5 -82.67 25.10 -66.25
C VAL EH 5 -81.69 24.32 -65.40
N GLY EH 6 -81.17 23.22 -65.94
CA GLY EH 6 -80.15 22.43 -65.27
C GLY EH 6 -78.91 22.34 -66.14
N MET EH 7 -77.75 22.38 -65.51
CA MET EH 7 -76.48 22.36 -66.20
C MET EH 7 -75.59 21.30 -65.55
N ILE EH 8 -74.91 20.52 -66.38
CA ILE EH 8 -73.85 19.62 -65.92
C ILE EH 8 -72.60 19.96 -66.72
N GLU EH 9 -71.55 20.38 -66.04
CA GLU EH 9 -70.27 20.65 -66.67
C GLU EH 9 -69.33 19.50 -66.40
N THR EH 10 -68.82 18.90 -67.47
CA THR EH 10 -67.87 17.80 -67.37
C THR EH 10 -66.57 18.18 -68.06
N LEU EH 11 -65.50 17.49 -67.66
CA LEU EH 11 -64.21 17.58 -68.32
C LEU EH 11 -64.14 16.45 -69.33
N GLY EH 12 -64.43 16.75 -70.60
CA GLY EH 12 -64.43 15.73 -71.62
C GLY EH 12 -65.74 15.58 -72.36
N PHE EH 13 -65.65 15.29 -73.65
CA PHE EH 13 -66.80 15.10 -74.52
C PHE EH 13 -67.52 13.74 -74.39
N PRO EH 14 -66.84 12.59 -74.17
CA PRO EH 14 -67.64 11.38 -73.86
C PRO EH 14 -68.39 11.47 -72.55
N ALA EH 15 -67.91 12.25 -71.58
CA ALA EH 15 -68.63 12.39 -70.32
C ALA EH 15 -69.83 13.31 -70.48
N VAL EH 16 -69.77 14.26 -71.42
CA VAL EH 16 -70.86 15.22 -71.53
C VAL EH 16 -71.99 14.66 -72.38
N VAL EH 17 -71.70 13.66 -73.22
CA VAL EH 17 -72.75 13.01 -73.99
C VAL EH 17 -73.47 12.00 -73.11
N GLU EH 18 -72.74 11.33 -72.21
CA GLU EH 18 -73.39 10.48 -71.21
C GLU EH 18 -74.19 11.32 -70.21
N ALA EH 19 -73.70 12.51 -69.87
CA ALA EH 19 -74.48 13.42 -69.05
C ALA EH 19 -75.74 13.87 -69.77
N ALA EH 20 -75.63 14.20 -71.06
CA ALA EH 20 -76.79 14.63 -71.83
C ALA EH 20 -77.76 13.49 -72.07
N ASP EH 21 -77.25 12.27 -72.25
CA ASP EH 21 -78.11 11.13 -72.53
C ASP EH 21 -78.83 10.65 -71.28
N ALA EH 22 -78.16 10.66 -70.13
CA ALA EH 22 -78.79 10.20 -68.91
C ALA EH 22 -79.77 11.23 -68.35
N MET EH 23 -79.62 12.49 -68.74
CA MET EH 23 -80.54 13.52 -68.25
C MET EH 23 -81.89 13.39 -68.94
N VAL EH 24 -81.90 13.21 -70.26
CA VAL EH 24 -83.17 13.15 -70.96
C VAL EH 24 -83.78 11.76 -70.88
N LYS EH 25 -83.06 10.79 -70.32
CA LYS EH 25 -83.61 9.46 -70.13
C LYS EH 25 -84.14 9.26 -68.72
N ALA EH 26 -83.65 10.04 -67.76
CA ALA EH 26 -84.10 9.88 -66.38
C ALA EH 26 -85.43 10.57 -66.14
N ALA EH 27 -85.68 11.68 -66.83
CA ALA EH 27 -86.86 12.48 -66.59
C ALA EH 27 -87.28 13.17 -67.87
N ARG EH 28 -88.39 13.90 -67.78
CA ARG EH 28 -88.98 14.58 -68.94
C ARG EH 28 -88.39 15.99 -69.02
N VAL EH 29 -87.15 16.05 -69.51
CA VAL EH 29 -86.46 17.31 -69.74
C VAL EH 29 -86.14 17.43 -71.22
N THR EH 30 -85.81 18.62 -71.65
CA THR EH 30 -85.39 18.90 -73.02
C THR EH 30 -83.97 19.40 -73.01
N LEU EH 31 -83.06 18.60 -73.56
CA LEU EH 31 -81.69 19.05 -73.82
C LEU EH 31 -81.72 20.13 -74.89
N VAL EH 32 -81.36 21.35 -74.52
CA VAL EH 32 -81.44 22.49 -75.41
C VAL EH 32 -80.08 23.04 -75.79
N GLY EH 33 -79.04 22.74 -75.03
CA GLY EH 33 -77.80 23.49 -75.14
C GLY EH 33 -76.60 22.62 -74.97
N TYR EH 34 -75.48 23.10 -75.49
CA TYR EH 34 -74.21 22.38 -75.48
C TYR EH 34 -73.13 23.44 -75.57
N GLU EH 35 -72.41 23.66 -74.47
CA GLU EH 35 -71.60 24.85 -74.30
C GLU EH 35 -70.15 24.49 -74.06
N LYS EH 36 -69.27 25.00 -74.91
CA LYS EH 36 -67.83 24.83 -74.77
C LYS EH 36 -67.22 26.17 -74.36
N ILE EH 37 -66.48 26.17 -73.26
CA ILE EH 37 -65.85 27.37 -72.73
C ILE EH 37 -64.33 27.24 -72.67
N GLY EH 38 -63.77 26.20 -73.27
CA GLY EH 38 -62.34 26.00 -73.26
C GLY EH 38 -61.88 25.10 -72.13
N THR EH 39 -60.61 24.69 -72.24
CA THR EH 39 -59.94 23.68 -71.41
C THR EH 39 -60.73 22.38 -71.26
N GLY EH 40 -61.48 21.98 -72.28
CA GLY EH 40 -62.26 20.77 -72.20
C GLY EH 40 -63.49 20.83 -71.31
N ARG EH 41 -63.79 21.98 -70.72
CA ARG EH 41 -64.97 22.14 -69.89
C ARG EH 41 -66.19 22.28 -70.78
N VAL EH 42 -67.01 21.24 -70.81
CA VAL EH 42 -68.18 21.19 -71.68
C VAL EH 42 -69.43 21.10 -70.80
N THR EH 43 -70.43 21.92 -71.12
CA THR EH 43 -71.65 22.01 -70.34
C THR EH 43 -72.84 21.74 -71.25
N VAL EH 44 -73.67 20.76 -70.87
CA VAL EH 44 -74.97 20.55 -71.48
C VAL EH 44 -76.04 21.20 -70.62
N ILE EH 45 -77.06 21.75 -71.27
CA ILE EH 45 -78.10 22.53 -70.62
C ILE EH 45 -79.44 21.89 -70.93
N VAL EH 46 -80.18 21.52 -69.89
CA VAL EH 46 -81.52 20.96 -70.07
C VAL EH 46 -82.54 21.95 -69.51
N ARG EH 47 -83.75 21.91 -70.08
CA ARG EH 47 -84.88 22.68 -69.60
C ARG EH 47 -86.01 21.72 -69.23
N GLY EH 48 -86.87 22.16 -68.32
CA GLY EH 48 -88.00 21.35 -67.95
C GLY EH 48 -88.55 21.80 -66.61
N ASP EH 49 -89.51 21.04 -66.09
CA ASP EH 49 -90.04 21.32 -64.77
C ASP EH 49 -89.00 21.02 -63.69
N VAL EH 50 -89.23 21.58 -62.51
CA VAL EH 50 -88.23 21.52 -61.44
C VAL EH 50 -88.09 20.09 -60.92
N SER EH 51 -89.19 19.34 -60.89
CA SER EH 51 -89.13 17.94 -60.54
C SER EH 51 -88.38 17.13 -61.59
N GLU EH 52 -88.53 17.51 -62.86
CA GLU EH 52 -87.83 16.81 -63.93
C GLU EH 52 -86.35 17.15 -63.94
N VAL EH 53 -86.02 18.42 -63.74
CA VAL EH 53 -84.63 18.86 -63.86
C VAL EH 53 -83.80 18.37 -62.67
N GLN EH 54 -84.38 18.37 -61.47
CA GLN EH 54 -83.69 17.87 -60.28
C GLN EH 54 -83.42 16.37 -60.38
N ALA EH 55 -84.34 15.62 -60.98
CA ALA EH 55 -84.13 14.20 -61.15
C ALA EH 55 -83.11 13.92 -62.24
N SER EH 56 -83.08 14.76 -63.28
CA SER EH 56 -82.19 14.53 -64.41
C SER EH 56 -80.75 14.87 -64.06
N VAL EH 57 -80.54 16.01 -63.37
CA VAL EH 57 -79.19 16.45 -63.03
C VAL EH 57 -78.57 15.50 -62.00
N SER EH 58 -79.37 15.02 -61.06
CA SER EH 58 -78.85 14.10 -60.05
C SER EH 58 -78.54 12.73 -60.64
N ALA EH 59 -79.33 12.29 -61.63
CA ALA EH 59 -79.04 11.02 -62.28
C ALA EH 59 -77.97 11.20 -63.35
N GLY EH 60 -77.89 12.38 -63.95
CA GLY EH 60 -76.83 12.64 -64.90
C GLY EH 60 -75.46 12.78 -64.25
N THR EH 61 -75.42 13.20 -62.99
CA THR EH 61 -74.15 13.34 -62.29
C THR EH 61 -73.59 11.97 -61.90
N GLU EH 62 -74.45 11.05 -61.51
CA GLU EH 62 -74.01 9.72 -61.12
C GLU EH 62 -73.58 8.90 -62.33
N SER EH 63 -74.19 9.16 -63.48
CA SER EH 63 -73.89 8.37 -64.67
C SER EH 63 -72.54 8.73 -65.28
N VAL EH 64 -72.07 9.96 -65.09
CA VAL EH 64 -70.75 10.37 -65.58
C VAL EH 64 -69.64 9.64 -64.85
N LYS EH 65 -69.81 9.35 -63.56
CA LYS EH 65 -68.83 8.55 -62.83
C LYS EH 65 -69.08 7.06 -63.01
N ARG EH 66 -69.30 6.66 -64.25
CA ARG EH 66 -69.35 5.28 -64.71
C ARG EH 66 -68.67 5.27 -66.08
N VAL EH 67 -68.19 6.44 -66.49
CA VAL EH 67 -67.41 6.61 -67.71
C VAL EH 67 -65.94 6.69 -67.32
N ASN EH 68 -65.09 5.94 -68.02
CA ASN EH 68 -63.67 6.02 -67.75
C ASN EH 68 -63.12 7.33 -68.30
N GLY EH 69 -62.40 8.07 -67.46
CA GLY EH 69 -61.96 9.39 -67.86
C GLY EH 69 -63.01 10.46 -67.76
N GLY EH 70 -64.17 10.15 -67.18
CA GLY EH 70 -65.26 11.10 -67.03
C GLY EH 70 -65.22 11.73 -65.64
N GLN EH 71 -65.37 13.05 -65.62
CA GLN EH 71 -65.29 13.82 -64.39
C GLN EH 71 -66.29 14.96 -64.43
N VAL EH 72 -67.15 15.03 -63.42
CA VAL EH 72 -68.10 16.13 -63.29
C VAL EH 72 -67.36 17.29 -62.64
N LEU EH 73 -67.36 18.45 -63.32
CA LEU EH 73 -66.74 19.63 -62.74
C LEU EH 73 -67.73 20.41 -61.89
N SER EH 74 -68.90 20.72 -62.43
CA SER EH 74 -69.87 21.52 -61.72
C SER EH 74 -71.27 21.22 -62.24
N THR EH 75 -72.22 21.11 -61.32
CA THR EH 75 -73.63 20.94 -61.65
C THR EH 75 -74.43 22.03 -60.95
N HIS EH 76 -75.52 22.46 -61.58
CA HIS EH 76 -76.42 23.41 -60.94
C HIS EH 76 -77.81 23.28 -61.53
N ILE EH 77 -78.81 23.60 -60.71
CA ILE EH 77 -80.21 23.71 -61.12
C ILE EH 77 -80.70 25.08 -60.70
N ILE EH 78 -81.26 25.82 -61.65
CA ILE EH 78 -81.96 27.07 -61.36
C ILE EH 78 -83.44 26.84 -61.62
N ALA EH 79 -84.22 26.82 -60.55
CA ALA EH 79 -85.62 26.40 -60.64
C ALA EH 79 -86.48 27.42 -61.35
N ARG EH 80 -86.14 28.70 -61.23
CA ARG EH 80 -86.93 29.77 -61.83
C ARG EH 80 -85.97 30.82 -62.34
N PRO EH 81 -85.42 30.64 -63.53
CA PRO EH 81 -84.50 31.64 -64.08
C PRO EH 81 -85.25 32.87 -64.56
N HIS EH 82 -84.59 34.01 -64.42
CA HIS EH 82 -85.12 35.28 -64.92
C HIS EH 82 -85.22 35.25 -66.43
N GLU EH 83 -86.21 35.96 -66.97
CA GLU EH 83 -86.41 36.01 -68.41
C GLU EH 83 -85.34 36.83 -69.13
N ASN EH 84 -84.49 37.54 -68.39
CA ASN EH 84 -83.33 38.20 -68.97
C ASN EH 84 -82.28 37.19 -69.45
N LEU EH 85 -82.22 36.01 -68.82
CA LEU EH 85 -81.10 35.10 -69.05
C LEU EH 85 -81.21 34.36 -70.37
N GLU EH 86 -82.42 34.14 -70.88
CA GLU EH 86 -82.57 33.39 -72.12
C GLU EH 86 -82.09 34.19 -73.32
N TYR EH 87 -82.08 35.51 -73.23
CA TYR EH 87 -81.66 36.33 -74.35
C TYR EH 87 -80.16 36.53 -74.36
N VAL EH 88 -79.50 36.32 -73.22
CA VAL EH 88 -78.05 36.52 -73.15
C VAL EH 88 -77.33 35.19 -73.12
N LEU EH 89 -77.77 34.30 -72.28
CA LEU EH 89 -77.10 33.01 -72.12
C LEU EH 89 -77.71 31.97 -73.04
N PRO EH 90 -76.92 31.01 -73.54
CA PRO EH 90 -77.45 29.97 -74.43
C PRO EH 90 -78.17 28.85 -73.69
N ILE EH 91 -79.24 29.21 -72.98
CA ILE EH 91 -80.07 28.26 -72.26
C ILE EH 91 -81.49 28.20 -72.79
N ARG EH 92 -81.75 28.80 -73.96
CA ARG EH 92 -83.11 28.91 -74.44
C ARG EH 92 -83.45 27.78 -75.40
N TYR EH 93 -84.74 27.59 -75.61
CA TYR EH 93 -85.23 26.62 -76.57
C TYR EH 93 -84.96 27.09 -77.99
N THR EH 94 -84.20 26.31 -78.73
CA THR EH 94 -84.06 26.56 -80.16
C THR EH 94 -85.15 25.79 -80.92
N GLU EH 95 -85.28 26.11 -82.21
CA GLU EH 95 -86.33 25.49 -83.01
C GLU EH 95 -86.01 24.04 -83.35
N GLU EH 96 -84.75 23.62 -83.14
CA GLU EH 96 -84.39 22.22 -83.34
C GLU EH 96 -84.99 21.33 -82.27
N VAL EH 97 -85.25 21.86 -81.09
CA VAL EH 97 -85.65 21.07 -79.94
C VAL EH 97 -87.07 21.41 -79.47
N GLU EH 98 -87.88 22.05 -80.32
CA GLU EH 98 -89.25 22.36 -79.91
C GLU EH 98 -90.17 21.15 -80.02
N GLN EH 99 -89.73 20.07 -80.67
CA GLN EH 99 -90.52 18.86 -80.72
C GLN EH 99 -90.45 18.08 -79.41
N PHE EH 100 -89.41 18.32 -78.62
CA PHE EH 100 -89.22 17.59 -77.37
C PHE EH 100 -89.74 18.35 -76.16
N ARG EH 101 -90.21 19.58 -76.32
CA ARG EH 101 -90.70 20.36 -75.19
C ARG EH 101 -92.06 19.88 -74.72
N ALA FH 2 -71.23 56.67 -68.38
CA ALA FH 2 -72.51 56.11 -68.81
C ALA FH 2 -73.17 55.34 -67.68
N VAL FH 3 -74.14 54.48 -68.02
CA VAL FH 3 -74.76 53.58 -67.07
C VAL FH 3 -73.72 52.57 -66.59
N ALA FH 4 -73.70 52.29 -65.29
CA ALA FH 4 -72.62 51.54 -64.66
C ALA FH 4 -72.56 50.10 -65.15
N VAL FH 5 -71.35 49.53 -65.11
CA VAL FH 5 -71.07 48.19 -65.58
C VAL FH 5 -70.66 47.34 -64.39
N GLY FH 6 -71.24 46.16 -64.27
CA GLY FH 6 -70.76 45.16 -63.33
C GLY FH 6 -70.42 43.87 -64.04
N MET FH 7 -69.25 43.34 -63.73
CA MET FH 7 -68.76 42.11 -64.35
C MET FH 7 -68.40 41.12 -63.27
N ILE FH 8 -68.85 39.88 -63.44
CA ILE FH 8 -68.41 38.76 -62.60
C ILE FH 8 -67.79 37.73 -63.52
N GLU FH 9 -66.51 37.41 -63.29
CA GLU FH 9 -65.84 36.35 -64.02
C GLU FH 9 -65.76 35.11 -63.13
N THR FH 10 -66.28 34.00 -63.64
CA THR FH 10 -66.22 32.73 -62.93
C THR FH 10 -65.45 31.70 -63.75
N LEU FH 11 -65.01 30.65 -63.07
CA LEU FH 11 -64.42 29.49 -63.71
C LEU FH 11 -65.53 28.46 -63.87
N GLY FH 12 -66.12 28.41 -65.07
CA GLY FH 12 -67.18 27.47 -65.32
C GLY FH 12 -68.48 28.10 -65.75
N PHE FH 13 -69.22 27.41 -66.60
CA PHE FH 13 -70.51 27.88 -67.08
C PHE FH 13 -71.70 27.69 -66.12
N PRO FH 14 -71.82 26.61 -65.33
CA PRO FH 14 -72.89 26.61 -64.32
C PRO FH 14 -72.73 27.66 -63.24
N ALA FH 15 -71.50 28.09 -62.95
CA ALA FH 15 -71.30 29.14 -61.96
C ALA FH 15 -71.67 30.51 -62.52
N VAL FH 16 -71.60 30.67 -63.84
CA VAL FH 16 -71.81 32.00 -64.42
C VAL FH 16 -73.29 32.22 -64.71
N VAL FH 17 -74.08 31.14 -64.78
CA VAL FH 17 -75.53 31.29 -64.94
C VAL FH 17 -76.18 31.54 -63.59
N GLU FH 18 -75.63 30.91 -62.54
CA GLU FH 18 -76.11 31.19 -61.18
C GLU FH 18 -75.69 32.60 -60.73
N ALA FH 19 -74.51 33.06 -61.18
CA ALA FH 19 -74.11 34.42 -60.90
C ALA FH 19 -75.00 35.41 -61.64
N ALA FH 20 -75.35 35.12 -62.89
CA ALA FH 20 -76.18 36.02 -63.68
C ALA FH 20 -77.62 36.00 -63.19
N ASP FH 21 -78.10 34.85 -62.72
CA ASP FH 21 -79.47 34.78 -62.22
C ASP FH 21 -79.62 35.45 -60.87
N ALA FH 22 -78.56 35.42 -60.05
CA ALA FH 22 -78.61 36.09 -58.77
C ALA FH 22 -78.52 37.60 -58.91
N MET FH 23 -77.86 38.07 -59.98
CA MET FH 23 -77.66 39.50 -60.16
C MET FH 23 -78.96 40.20 -60.55
N VAL FH 24 -79.70 39.63 -61.50
CA VAL FH 24 -80.88 40.32 -62.00
C VAL FH 24 -82.06 40.13 -61.07
N LYS FH 25 -81.96 39.21 -60.11
CA LYS FH 25 -82.98 39.08 -59.09
C LYS FH 25 -82.71 40.00 -57.90
N ALA FH 26 -81.45 40.31 -57.65
CA ALA FH 26 -81.10 41.07 -56.45
C ALA FH 26 -81.39 42.54 -56.62
N ALA FH 27 -81.25 43.07 -57.83
CA ALA FH 27 -81.39 44.51 -58.04
C ALA FH 27 -81.94 44.78 -59.43
N ARG FH 28 -82.08 46.06 -59.75
CA ARG FH 28 -82.63 46.50 -61.03
C ARG FH 28 -81.49 46.69 -62.04
N VAL FH 29 -80.80 45.59 -62.31
CA VAL FH 29 -79.75 45.57 -63.31
C VAL FH 29 -80.26 44.78 -64.51
N THR FH 30 -79.66 45.07 -65.66
CA THR FH 30 -79.96 44.35 -66.89
C THR FH 30 -78.74 43.55 -67.29
N LEU FH 31 -78.87 42.23 -67.31
CA LEU FH 31 -77.84 41.38 -67.89
C LEU FH 31 -77.79 41.62 -69.39
N VAL FH 32 -76.67 42.14 -69.87
CA VAL FH 32 -76.54 42.51 -71.27
C VAL FH 32 -75.50 41.69 -72.00
N GLY FH 33 -74.58 41.05 -71.30
CA GLY FH 33 -73.38 40.56 -71.94
C GLY FH 33 -72.99 39.20 -71.42
N TYR FH 34 -72.19 38.51 -72.23
CA TYR FH 34 -71.76 37.15 -71.95
C TYR FH 34 -70.48 36.92 -72.74
N GLU FH 35 -69.37 36.73 -72.04
CA GLU FH 35 -68.07 36.74 -72.68
C GLU FH 35 -67.25 35.52 -72.28
N LYS FH 36 -66.69 34.86 -73.27
CA LYS FH 36 -65.77 33.74 -73.08
C LYS FH 36 -64.40 34.17 -73.58
N ILE FH 37 -63.38 34.01 -72.74
CA ILE FH 37 -62.03 34.43 -73.06
C ILE FH 37 -61.04 33.28 -73.00
N GLY FH 38 -61.52 32.06 -72.77
CA GLY FH 38 -60.67 30.89 -72.73
C GLY FH 38 -60.34 30.43 -71.31
N THR FH 39 -59.83 29.20 -71.23
CA THR FH 39 -59.57 28.44 -70.00
C THR FH 39 -60.75 28.41 -69.04
N GLY FH 40 -61.97 28.38 -69.56
CA GLY FH 40 -63.13 28.34 -68.69
C GLY FH 40 -63.45 29.64 -67.97
N ARG FH 41 -62.78 30.73 -68.31
CA ARG FH 41 -63.05 32.02 -67.71
C ARG FH 41 -64.22 32.66 -68.44
N VAL FH 42 -65.38 32.68 -67.79
CA VAL FH 42 -66.62 33.15 -68.39
C VAL FH 42 -67.08 34.38 -67.61
N THR FH 43 -67.50 35.41 -68.33
CA THR FH 43 -67.87 36.69 -67.73
C THR FH 43 -69.28 37.06 -68.15
N VAL FH 44 -70.10 37.43 -67.17
CA VAL FH 44 -71.40 38.05 -67.42
C VAL FH 44 -71.33 39.52 -67.04
N ILE FH 45 -72.05 40.35 -67.79
CA ILE FH 45 -71.98 41.80 -67.68
C ILE FH 45 -73.37 42.35 -67.43
N VAL FH 46 -73.53 43.08 -66.33
CA VAL FH 46 -74.80 43.73 -66.03
C VAL FH 46 -74.64 45.23 -66.17
N ARG FH 47 -75.74 45.90 -66.50
CA ARG FH 47 -75.81 47.35 -66.56
C ARG FH 47 -76.92 47.85 -65.65
N GLY FH 48 -76.67 48.97 -64.99
CA GLY FH 48 -77.69 49.57 -64.15
C GLY FH 48 -77.12 50.76 -63.42
N ASP FH 49 -77.88 51.27 -62.47
CA ASP FH 49 -77.35 52.27 -61.56
C ASP FH 49 -76.27 51.66 -60.68
N VAL FH 50 -75.34 52.50 -60.23
CA VAL FH 50 -74.15 52.01 -59.52
C VAL FH 50 -74.50 51.38 -58.18
N SER FH 51 -75.55 51.86 -57.52
CA SER FH 51 -76.02 51.23 -56.29
C SER FH 51 -76.67 49.88 -56.59
N GLU FH 52 -77.38 49.78 -57.70
CA GLU FH 52 -77.98 48.51 -58.10
C GLU FH 52 -76.93 47.55 -58.62
N VAL FH 53 -75.90 48.08 -59.31
CA VAL FH 53 -74.85 47.22 -59.84
C VAL FH 53 -73.98 46.68 -58.71
N GLN FH 54 -73.72 47.49 -57.69
CA GLN FH 54 -72.96 47.04 -56.53
C GLN FH 54 -73.73 46.00 -55.73
N ALA FH 55 -75.04 46.17 -55.61
CA ALA FH 55 -75.85 45.24 -54.83
C ALA FH 55 -76.02 43.92 -55.57
N SER FH 56 -76.01 43.95 -56.90
CA SER FH 56 -76.19 42.73 -57.67
C SER FH 56 -74.89 41.93 -57.76
N VAL FH 57 -73.76 42.61 -57.99
CA VAL FH 57 -72.48 41.94 -58.16
C VAL FH 57 -72.03 41.29 -56.85
N SER FH 58 -72.35 41.93 -55.72
CA SER FH 58 -72.08 41.32 -54.43
C SER FH 58 -72.98 40.11 -54.17
N ALA FH 59 -74.21 40.15 -54.67
CA ALA FH 59 -75.12 39.02 -54.50
C ALA FH 59 -74.83 37.91 -55.50
N GLY FH 60 -74.34 38.26 -56.69
CA GLY FH 60 -73.98 37.25 -57.66
C GLY FH 60 -72.68 36.55 -57.33
N THR FH 61 -71.82 37.21 -56.56
CA THR FH 61 -70.58 36.57 -56.12
C THR FH 61 -70.84 35.54 -55.04
N GLU FH 62 -71.75 35.86 -54.11
CA GLU FH 62 -72.01 34.98 -52.98
C GLU FH 62 -72.87 33.79 -53.38
N SER FH 63 -73.52 33.85 -54.54
CA SER FH 63 -74.35 32.75 -55.00
C SER FH 63 -73.56 31.70 -55.76
N VAL FH 64 -72.32 31.99 -56.15
CA VAL FH 64 -71.48 31.00 -56.80
C VAL FH 64 -71.03 29.93 -55.79
N LYS FH 65 -71.01 30.27 -54.50
CA LYS FH 65 -70.71 29.29 -53.47
C LYS FH 65 -71.84 28.26 -53.30
N ARG FH 66 -73.04 28.56 -53.81
CA ARG FH 66 -74.08 27.54 -53.90
C ARG FH 66 -73.70 26.46 -54.91
N VAL FH 67 -73.01 26.86 -55.98
CA VAL FH 67 -72.62 25.91 -57.01
C VAL FH 67 -71.43 25.09 -56.53
N ASN FH 68 -71.56 23.77 -56.56
CA ASN FH 68 -70.44 22.90 -56.29
C ASN FH 68 -69.49 22.94 -57.48
N GLY FH 69 -68.21 23.21 -57.21
CA GLY FH 69 -67.27 23.36 -58.30
C GLY FH 69 -67.33 24.69 -59.00
N GLY FH 70 -68.03 25.67 -58.42
CA GLY FH 70 -68.08 27.02 -58.95
C GLY FH 70 -67.13 27.93 -58.20
N GLN FH 71 -66.46 28.81 -58.93
CA GLN FH 71 -65.42 29.66 -58.37
C GLN FH 71 -65.41 31.00 -59.08
N VAL FH 72 -65.54 32.08 -58.31
CA VAL FH 72 -65.46 33.44 -58.84
C VAL FH 72 -63.98 33.77 -58.98
N LEU FH 73 -63.57 34.15 -60.20
CA LEU FH 73 -62.20 34.54 -60.43
C LEU FH 73 -61.98 36.03 -60.21
N SER FH 74 -62.86 36.85 -60.77
CA SER FH 74 -62.68 38.30 -60.70
C SER FH 74 -64.02 38.99 -60.82
N THR FH 75 -64.23 40.00 -59.98
CA THR FH 75 -65.39 40.87 -60.08
C THR FH 75 -64.93 42.31 -60.17
N HIS FH 76 -65.70 43.13 -60.87
CA HIS FH 76 -65.39 44.55 -60.94
C HIS FH 76 -66.66 45.33 -61.26
N ILE FH 77 -66.72 46.56 -60.73
CA ILE FH 77 -67.80 47.49 -60.99
C ILE FH 77 -67.19 48.79 -61.48
N ILE FH 78 -67.63 49.26 -62.64
CA ILE FH 78 -67.25 50.57 -63.16
C ILE FH 78 -68.47 51.47 -63.04
N ALA FH 79 -68.35 52.54 -62.27
CA ALA FH 79 -69.50 53.35 -61.90
C ALA FH 79 -69.98 54.22 -63.05
N ARG FH 80 -69.06 54.70 -63.88
CA ARG FH 80 -69.38 55.59 -64.98
C ARG FH 80 -68.42 55.29 -66.12
N PRO FH 81 -68.73 54.29 -66.94
CA PRO FH 81 -67.82 53.95 -68.03
C PRO FH 81 -67.88 54.98 -69.15
N HIS FH 82 -66.76 55.11 -69.85
CA HIS FH 82 -66.69 55.99 -71.00
C HIS FH 82 -67.54 55.44 -72.13
N GLU FH 83 -68.01 56.34 -72.99
CA GLU FH 83 -68.86 55.95 -74.11
C GLU FH 83 -68.08 55.26 -75.22
N ASN FH 84 -66.75 55.30 -75.19
CA ASN FH 84 -65.93 54.52 -76.11
C ASN FH 84 -66.03 53.03 -75.84
N LEU FH 85 -66.35 52.63 -74.61
CA LEU FH 85 -66.26 51.24 -74.22
C LEU FH 85 -67.40 50.40 -74.78
N GLU FH 86 -68.56 51.00 -75.02
CA GLU FH 86 -69.70 50.23 -75.48
C GLU FH 86 -69.60 49.88 -76.96
N TYR FH 87 -68.74 50.58 -77.70
CA TYR FH 87 -68.60 50.30 -79.13
C TYR FH 87 -67.50 49.30 -79.40
N VAL FH 88 -66.66 49.02 -78.41
CA VAL FH 88 -65.60 48.03 -78.59
C VAL FH 88 -65.88 46.80 -77.74
N LEU FH 89 -66.07 46.98 -76.47
CA LEU FH 89 -66.29 45.89 -75.54
C LEU FH 89 -67.76 45.49 -75.52
N PRO FH 90 -68.08 44.20 -75.32
CA PRO FH 90 -69.48 43.76 -75.27
C PRO FH 90 -70.15 44.05 -73.93
N ILE FH 91 -70.27 45.33 -73.60
CA ILE FH 91 -70.95 45.79 -72.41
C ILE FH 91 -72.18 46.62 -72.74
N ARG FH 92 -72.54 46.73 -74.01
CA ARG FH 92 -73.61 47.62 -74.42
C ARG FH 92 -74.96 46.93 -74.37
N TYR FH 93 -76.01 47.74 -74.33
CA TYR FH 93 -77.36 47.24 -74.45
C TYR FH 93 -77.63 46.79 -75.88
N THR FH 94 -77.85 45.50 -76.05
CA THR FH 94 -78.33 44.99 -77.32
C THR FH 94 -79.83 45.17 -77.42
N GLU FH 95 -80.38 44.98 -78.62
CA GLU FH 95 -81.80 45.25 -78.83
C GLU FH 95 -82.67 44.13 -78.25
N GLU FH 96 -82.09 42.97 -77.98
CA GLU FH 96 -82.86 41.87 -77.41
C GLU FH 96 -83.11 42.06 -75.92
N VAL FH 97 -82.29 42.86 -75.24
CA VAL FH 97 -82.41 43.07 -73.81
C VAL FH 97 -82.98 44.45 -73.48
N GLU FH 98 -83.59 45.13 -74.45
CA GLU FH 98 -84.16 46.44 -74.19
C GLU FH 98 -85.48 46.37 -73.45
N GLN FH 99 -86.09 45.19 -73.35
CA GLN FH 99 -87.31 45.04 -72.57
C GLN FH 99 -87.03 44.99 -71.07
N PHE FH 100 -85.78 44.76 -70.68
CA PHE FH 100 -85.41 44.64 -69.29
C PHE FH 100 -84.71 45.88 -68.74
N ARG FH 101 -84.53 46.91 -69.55
CA ARG FH 101 -83.85 48.12 -69.10
C ARG FH 101 -84.73 48.96 -68.19
N ALA GH 2 -102.84 19.51 -49.88
CA ALA GH 2 -102.93 20.10 -51.21
C ALA GH 2 -101.53 20.36 -51.77
N VAL GH 3 -101.11 21.62 -51.75
CA VAL GH 3 -99.75 21.95 -52.13
C VAL GH 3 -98.82 21.66 -50.96
N ALA GH 4 -97.52 21.54 -51.24
CA ALA GH 4 -96.56 21.24 -50.20
C ALA GH 4 -96.34 22.42 -49.26
N VAL GH 5 -95.71 22.15 -48.14
CA VAL GH 5 -95.36 23.17 -47.16
C VAL GH 5 -93.88 23.03 -46.81
N GLY GH 6 -93.18 24.15 -46.81
CA GLY GH 6 -91.78 24.16 -46.39
C GLY GH 6 -91.56 25.23 -45.34
N MET GH 7 -90.69 24.92 -44.39
CA MET GH 7 -90.41 25.80 -43.27
C MET GH 7 -88.91 25.97 -43.14
N ILE GH 8 -88.47 27.19 -42.86
CA ILE GH 8 -87.11 27.49 -42.46
C ILE GH 8 -87.17 28.25 -41.16
N GLU GH 9 -86.57 27.69 -40.11
CA GLU GH 9 -86.46 28.39 -38.83
C GLU GH 9 -85.06 28.96 -38.67
N THR GH 10 -84.99 30.27 -38.49
CA THR GH 10 -83.73 30.94 -38.25
C THR GH 10 -83.70 31.53 -36.85
N LEU GH 11 -82.50 31.86 -36.40
CA LEU GH 11 -82.31 32.61 -35.17
C LEU GH 11 -82.14 34.08 -35.55
N GLY GH 12 -83.19 34.86 -35.37
CA GLY GH 12 -83.14 36.27 -35.72
C GLY GH 12 -84.06 36.66 -36.85
N PHE GH 13 -84.58 37.87 -36.79
CA PHE GH 13 -85.47 38.43 -37.81
C PHE GH 13 -84.78 38.92 -39.09
N PRO GH 14 -83.58 39.52 -39.09
CA PRO GH 14 -82.93 39.80 -40.39
C PRO GH 14 -82.56 38.55 -41.17
N ALA GH 15 -82.34 37.41 -40.50
CA ALA GH 15 -82.06 36.18 -41.22
C ALA GH 15 -83.33 35.58 -41.80
N VAL GH 16 -84.48 35.82 -41.16
CA VAL GH 16 -85.70 35.16 -41.61
C VAL GH 16 -86.32 35.92 -42.77
N VAL GH 17 -85.93 37.20 -42.96
CA VAL GH 17 -86.41 37.96 -44.11
C VAL GH 17 -85.54 37.65 -45.32
N GLU GH 18 -84.24 37.46 -45.11
CA GLU GH 18 -83.35 37.04 -46.18
C GLU GH 18 -83.66 35.61 -46.61
N ALA GH 19 -84.04 34.75 -45.67
CA ALA GH 19 -84.47 33.40 -46.01
C ALA GH 19 -85.78 33.42 -46.78
N ALA GH 20 -86.75 34.24 -46.36
CA ALA GH 20 -88.03 34.30 -47.04
C ALA GH 20 -87.90 34.96 -48.41
N ASP GH 21 -86.99 35.92 -48.56
CA ASP GH 21 -86.78 36.56 -49.85
C ASP GH 21 -86.07 35.63 -50.82
N ALA GH 22 -85.19 34.77 -50.31
CA ALA GH 22 -84.49 33.83 -51.17
C ALA GH 22 -85.40 32.68 -51.59
N MET GH 23 -86.44 32.39 -50.80
CA MET GH 23 -87.33 31.28 -51.13
C MET GH 23 -88.25 31.65 -52.29
N VAL GH 24 -88.85 32.84 -52.24
CA VAL GH 24 -89.84 33.19 -53.25
C VAL GH 24 -89.16 33.67 -54.53
N LYS GH 25 -87.85 33.92 -54.48
CA LYS GH 25 -87.12 34.24 -55.70
C LYS GH 25 -86.61 32.98 -56.38
N ALA GH 26 -86.34 31.93 -55.61
CA ALA GH 26 -85.72 30.73 -56.17
C ALA GH 26 -86.72 29.92 -57.00
N ALA GH 27 -87.95 29.77 -56.52
CA ALA GH 27 -88.91 28.91 -57.18
C ALA GH 27 -90.31 29.51 -57.05
N ARG GH 28 -91.28 28.81 -57.62
CA ARG GH 28 -92.67 29.25 -57.65
C ARG GH 28 -93.37 28.81 -56.36
N VAL GH 29 -92.94 29.39 -55.26
CA VAL GH 29 -93.57 29.18 -53.97
C VAL GH 29 -94.18 30.47 -53.50
N THR GH 30 -95.18 30.36 -52.63
CA THR GH 30 -95.84 31.50 -52.02
C THR GH 30 -95.49 31.52 -50.54
N LEU GH 31 -94.83 32.58 -50.10
CA LEU GH 31 -94.65 32.83 -48.68
C LEU GH 31 -96.01 33.16 -48.07
N VAL GH 32 -96.49 32.31 -47.17
CA VAL GH 32 -97.81 32.47 -46.60
C VAL GH 32 -97.78 32.77 -45.11
N GLY GH 33 -96.70 32.48 -44.42
CA GLY GH 33 -96.74 32.43 -42.98
C GLY GH 33 -95.47 32.95 -42.35
N TYR GH 34 -95.55 33.21 -41.06
CA TYR GH 34 -94.50 33.87 -40.30
C TYR GH 34 -94.77 33.58 -38.83
N GLU GH 35 -93.87 32.85 -38.18
CA GLU GH 35 -94.14 32.30 -36.88
C GLU GH 35 -93.00 32.59 -35.91
N LYS GH 36 -93.35 33.05 -34.71
CA LYS GH 36 -92.42 33.30 -33.63
C LYS GH 36 -92.81 32.41 -32.46
N ILE GH 37 -91.84 31.67 -31.93
CA ILE GH 37 -92.09 30.71 -30.86
C ILE GH 37 -91.26 31.02 -29.61
N GLY GH 38 -90.47 32.08 -29.63
CA GLY GH 38 -89.61 32.41 -28.52
C GLY GH 38 -88.17 31.98 -28.76
N THR GH 39 -87.30 32.45 -27.86
CA THR GH 39 -85.83 32.42 -27.97
C THR GH 39 -85.31 32.88 -29.32
N GLY GH 40 -85.94 33.88 -29.93
CA GLY GH 40 -85.53 34.38 -31.21
C GLY GH 40 -85.72 33.45 -32.38
N ARG GH 41 -86.41 32.32 -32.19
CA ARG GH 41 -86.60 31.33 -33.24
C ARG GH 41 -87.78 31.75 -34.09
N VAL GH 42 -87.50 32.16 -35.32
CA VAL GH 42 -88.50 32.70 -36.22
C VAL GH 42 -88.58 31.78 -37.45
N THR GH 43 -89.81 31.45 -37.85
CA THR GH 43 -90.05 30.50 -38.93
C THR GH 43 -90.87 31.19 -40.02
N VAL GH 44 -90.47 31.00 -41.27
CA VAL GH 44 -91.27 31.39 -42.42
C VAL GH 44 -91.76 30.14 -43.14
N ILE GH 45 -93.00 30.20 -43.62
CA ILE GH 45 -93.69 29.06 -44.18
C ILE GH 45 -94.00 29.38 -45.64
N VAL GH 46 -93.54 28.52 -46.55
CA VAL GH 46 -93.86 28.66 -47.97
C VAL GH 46 -94.77 27.52 -48.38
N ARG GH 47 -95.63 27.79 -49.35
CA ARG GH 47 -96.47 26.78 -49.97
C ARG GH 47 -96.17 26.72 -51.45
N GLY GH 48 -96.35 25.53 -52.03
CA GLY GH 48 -96.13 25.37 -53.45
C GLY GH 48 -96.05 23.90 -53.80
N ASP GH 49 -95.61 23.61 -55.02
CA ASP GH 49 -95.31 22.24 -55.37
C ASP GH 49 -94.08 21.77 -54.61
N VAL GH 50 -93.98 20.45 -54.40
CA VAL GH 50 -92.94 19.90 -53.54
C VAL GH 50 -91.56 20.05 -54.17
N SER GH 51 -91.47 20.04 -55.50
CA SER GH 51 -90.21 20.31 -56.17
C SER GH 51 -89.82 21.78 -56.04
N GLU GH 52 -90.80 22.68 -56.10
CA GLU GH 52 -90.52 24.10 -55.92
C GLU GH 52 -90.21 24.43 -54.46
N VAL GH 53 -90.86 23.73 -53.53
CA VAL GH 53 -90.59 23.96 -52.12
C VAL GH 53 -89.20 23.45 -51.76
N GLN GH 54 -88.77 22.35 -52.37
CA GLN GH 54 -87.42 21.82 -52.13
C GLN GH 54 -86.35 22.74 -52.68
N ALA GH 55 -86.61 23.37 -53.82
CA ALA GH 55 -85.64 24.27 -54.41
C ALA GH 55 -85.57 25.59 -53.65
N SER GH 56 -86.69 26.01 -53.06
CA SER GH 56 -86.72 27.27 -52.33
C SER GH 56 -86.09 27.13 -50.95
N VAL GH 57 -86.35 26.01 -50.27
CA VAL GH 57 -85.83 25.80 -48.92
C VAL GH 57 -84.31 25.62 -48.96
N SER GH 58 -83.80 24.97 -50.01
CA SER GH 58 -82.36 24.82 -50.16
C SER GH 58 -81.68 26.15 -50.48
N ALA GH 59 -82.38 27.05 -51.17
CA ALA GH 59 -81.81 28.36 -51.47
C ALA GH 59 -81.98 29.31 -50.30
N GLY GH 60 -83.06 29.16 -49.54
CA GLY GH 60 -83.24 29.98 -48.35
C GLY GH 60 -82.31 29.61 -47.22
N THR GH 61 -81.85 28.35 -47.19
CA THR GH 61 -80.89 27.94 -46.18
C THR GH 61 -79.51 28.52 -46.50
N GLU GH 62 -79.14 28.57 -47.78
CA GLU GH 62 -77.83 29.07 -48.18
C GLU GH 62 -77.73 30.59 -48.01
N SER GH 63 -78.85 31.29 -48.02
CA SER GH 63 -78.82 32.74 -47.96
C SER GH 63 -78.72 33.27 -46.54
N VAL GH 64 -78.96 32.45 -45.53
CA VAL GH 64 -78.78 32.89 -44.16
C VAL GH 64 -77.29 32.94 -43.82
N LYS GH 65 -76.47 32.17 -44.54
CA LYS GH 65 -75.02 32.19 -44.35
C LYS GH 65 -74.40 33.52 -44.74
N ARG GH 66 -75.05 34.31 -45.59
CA ARG GH 66 -74.56 35.64 -45.93
C ARG GH 66 -74.99 36.70 -44.93
N VAL GH 67 -75.96 36.41 -44.06
CA VAL GH 67 -76.35 37.33 -43.01
C VAL GH 67 -75.40 37.15 -41.83
N ASN GH 68 -74.78 38.24 -41.39
CA ASN GH 68 -73.93 38.23 -40.20
C ASN GH 68 -74.81 38.27 -38.96
N GLY GH 69 -74.75 37.21 -38.15
CA GLY GH 69 -75.61 37.07 -37.00
C GLY GH 69 -76.85 36.25 -37.22
N GLY GH 70 -76.96 35.57 -38.36
CA GLY GH 70 -78.09 34.72 -38.62
C GLY GH 70 -77.66 33.27 -38.73
N GLN GH 71 -78.61 32.38 -38.41
CA GLN GH 71 -78.29 30.96 -38.32
C GLN GH 71 -79.56 30.16 -38.53
N VAL GH 72 -79.52 29.26 -39.50
CA VAL GH 72 -80.61 28.32 -39.76
C VAL GH 72 -80.62 27.30 -38.63
N LEU GH 73 -81.75 27.20 -37.93
CA LEU GH 73 -81.86 26.21 -36.86
C LEU GH 73 -82.49 24.92 -37.36
N SER GH 74 -83.55 25.03 -38.14
CA SER GH 74 -84.29 23.86 -38.58
C SER GH 74 -85.00 24.17 -39.89
N THR GH 75 -84.92 23.22 -40.82
CA THR GH 75 -85.68 23.27 -42.05
C THR GH 75 -86.46 21.97 -42.21
N HIS GH 76 -87.63 22.05 -42.83
CA HIS GH 76 -88.40 20.86 -43.13
C HIS GH 76 -89.33 21.11 -44.31
N ILE GH 77 -89.64 20.03 -45.02
CA ILE GH 77 -90.51 20.02 -46.19
C ILE GH 77 -91.48 18.87 -46.05
N ILE GH 78 -92.77 19.15 -46.19
CA ILE GH 78 -93.81 18.12 -46.21
C ILE GH 78 -94.49 18.18 -47.57
N ALA GH 79 -94.51 17.05 -48.28
CA ALA GH 79 -94.93 17.01 -49.68
C ALA GH 79 -96.42 17.29 -49.82
N ARG GH 80 -97.22 16.80 -48.88
CA ARG GH 80 -98.66 17.05 -48.87
C ARG GH 80 -99.12 16.98 -47.43
N PRO GH 81 -99.28 18.12 -46.77
CA PRO GH 81 -99.76 18.11 -45.38
C PRO GH 81 -101.21 17.67 -45.31
N HIS GH 82 -101.58 17.19 -44.13
CA HIS GH 82 -102.95 16.78 -43.87
C HIS GH 82 -103.86 18.00 -43.83
N GLU GH 83 -105.14 17.79 -44.10
CA GLU GH 83 -106.11 18.88 -44.05
C GLU GH 83 -106.41 19.31 -42.62
N ASN GH 84 -106.05 18.49 -41.65
CA ASN GH 84 -106.15 18.87 -40.24
C ASN GH 84 -105.17 19.99 -39.89
N LEU GH 85 -104.01 20.02 -40.54
CA LEU GH 85 -102.95 20.96 -40.15
C LEU GH 85 -103.25 22.38 -40.58
N GLU GH 86 -104.13 22.57 -41.57
CA GLU GH 86 -104.43 23.91 -42.06
C GLU GH 86 -105.25 24.69 -41.05
N TYR GH 87 -106.05 24.00 -40.25
CA TYR GH 87 -106.95 24.69 -39.33
C TYR GH 87 -106.29 24.92 -37.97
N VAL GH 88 -105.26 24.14 -37.65
CA VAL GH 88 -104.62 24.27 -36.34
C VAL GH 88 -103.33 25.07 -36.46
N LEU GH 89 -102.49 24.71 -37.37
CA LEU GH 89 -101.19 25.32 -37.58
C LEU GH 89 -101.29 26.44 -38.61
N PRO GH 90 -100.50 27.51 -38.46
CA PRO GH 90 -100.58 28.66 -39.39
C PRO GH 90 -99.78 28.44 -40.68
N ILE GH 91 -100.17 27.41 -41.43
CA ILE GH 91 -99.54 27.09 -42.70
C ILE GH 91 -100.47 27.28 -43.88
N ARG GH 92 -101.67 27.81 -43.66
CA ARG GH 92 -102.65 27.94 -44.72
C ARG GH 92 -102.46 29.25 -45.48
N TYR GH 93 -103.03 29.29 -46.67
CA TYR GH 93 -103.05 30.52 -47.46
C TYR GH 93 -103.98 31.54 -46.81
N THR GH 94 -103.46 32.75 -46.60
CA THR GH 94 -104.28 33.83 -46.10
C THR GH 94 -104.92 34.58 -47.25
N GLU GH 95 -105.73 35.59 -46.91
CA GLU GH 95 -106.47 36.32 -47.93
C GLU GH 95 -105.56 37.26 -48.72
N GLU GH 96 -104.47 37.73 -48.12
CA GLU GH 96 -103.64 38.73 -48.77
C GLU GH 96 -102.62 38.11 -49.71
N VAL GH 97 -102.35 36.81 -49.55
CA VAL GH 97 -101.32 36.15 -50.33
C VAL GH 97 -101.90 35.37 -51.50
N GLU GH 98 -103.20 35.55 -51.80
CA GLU GH 98 -103.81 34.83 -52.90
C GLU GH 98 -103.39 35.36 -54.26
N GLN GH 99 -102.83 36.57 -54.32
CA GLN GH 99 -102.33 37.09 -55.59
C GLN GH 99 -101.05 36.41 -56.02
N PHE GH 100 -100.30 35.84 -55.07
CA PHE GH 100 -99.04 35.18 -55.36
C PHE GH 100 -99.16 33.67 -55.50
N ARG GH 101 -100.37 33.13 -55.39
CA ARG GH 101 -100.57 31.68 -55.47
C ARG GH 101 -100.52 31.20 -56.92
N MET HH 1 -83.76 -13.25 -63.68
CA MET HH 1 -84.08 -12.00 -64.38
C MET HH 1 -85.39 -12.12 -65.15
N GLN HH 2 -85.94 -10.96 -65.51
CA GLN HH 2 -87.11 -10.89 -66.36
C GLN HH 2 -86.82 -9.93 -67.50
N MET HH 3 -87.44 -10.19 -68.65
CA MET HH 3 -87.37 -9.26 -69.77
C MET HH 3 -88.48 -8.22 -69.62
N ALA HH 4 -88.11 -6.96 -69.79
CA ALA HH 4 -89.06 -5.87 -69.64
C ALA HH 4 -88.81 -4.83 -70.72
N LYS HH 5 -89.85 -4.06 -71.00
CA LYS HH 5 -89.78 -2.94 -71.94
C LYS HH 5 -89.89 -1.63 -71.16
N VAL HH 6 -89.01 -0.68 -71.48
CA VAL HH 6 -89.02 0.62 -70.80
C VAL HH 6 -90.23 1.40 -71.32
N CYS HH 7 -91.21 1.60 -70.44
CA CYS HH 7 -92.41 2.32 -70.85
C CYS HH 7 -92.42 3.74 -70.30
N GLY HH 8 -91.57 4.05 -69.33
CA GLY HH 8 -91.52 5.41 -68.86
C GLY HH 8 -90.63 5.59 -67.65
N THR HH 9 -90.73 6.78 -67.06
CA THR HH 9 -89.91 7.18 -65.93
C THR HH 9 -90.80 7.56 -64.77
N VAL HH 10 -90.31 7.30 -63.56
CA VAL HH 10 -90.98 7.68 -62.32
C VAL HH 10 -90.05 8.61 -61.56
N VAL HH 11 -90.54 9.80 -61.22
CA VAL HH 11 -89.75 10.80 -60.51
C VAL HH 11 -90.42 11.06 -59.17
N GLY HH 12 -89.66 10.91 -58.09
CA GLY HH 12 -90.11 11.29 -56.78
C GLY HH 12 -89.16 12.25 -56.13
N THR HH 13 -89.67 13.35 -55.57
CA THR HH 13 -88.80 14.32 -54.92
C THR HH 13 -88.67 14.09 -53.41
N GLN HH 14 -89.75 13.75 -52.73
CA GLN HH 14 -89.71 13.39 -51.32
C GLN HH 14 -89.44 11.90 -51.22
N LYS HH 15 -88.22 11.55 -50.84
CA LYS HH 15 -87.79 10.16 -50.79
C LYS HH 15 -86.78 10.01 -49.66
N LEU HH 16 -86.27 8.80 -49.51
CA LEU HH 16 -85.21 8.55 -48.57
C LEU HH 16 -83.90 9.18 -49.07
N PRO HH 17 -83.01 9.60 -48.16
CA PRO HH 17 -81.74 10.18 -48.61
C PRO HH 17 -80.82 9.19 -49.29
N SER HH 18 -81.03 7.89 -49.08
CA SER HH 18 -80.27 6.88 -49.80
C SER HH 18 -80.85 6.59 -51.18
N MET HH 19 -82.01 7.18 -51.50
CA MET HH 19 -82.62 6.98 -52.80
C MET HH 19 -82.30 8.09 -53.79
N THR HH 20 -81.45 9.05 -53.43
CA THR HH 20 -81.15 10.15 -54.34
C THR HH 20 -80.07 9.72 -55.34
N GLY HH 21 -80.13 10.30 -56.53
CA GLY HH 21 -79.26 9.90 -57.62
C GLY HH 21 -79.67 8.63 -58.33
N VAL HH 22 -80.72 7.95 -57.88
CA VAL HH 22 -81.17 6.70 -58.46
C VAL HH 22 -82.19 7.01 -59.54
N LYS HH 23 -81.88 6.61 -60.77
CA LYS HH 23 -82.78 6.80 -61.89
C LYS HH 23 -83.82 5.67 -61.88
N LEU HH 24 -85.10 6.03 -61.85
CA LEU HH 24 -86.19 5.08 -61.70
C LEU HH 24 -86.96 4.97 -63.01
N LEU HH 25 -86.96 3.78 -63.59
CA LEU HH 25 -87.64 3.51 -64.84
C LEU HH 25 -88.89 2.69 -64.58
N LEU HH 26 -89.98 3.09 -65.23
CA LEU HH 26 -91.21 2.31 -65.25
C LEU HH 26 -91.10 1.30 -66.38
N LEU HH 27 -91.07 0.03 -66.03
CA LEU HH 27 -90.81 -1.06 -66.96
C LEU HH 27 -92.01 -1.98 -67.00
N GLN HH 28 -92.50 -2.29 -68.19
CA GLN HH 28 -93.56 -3.28 -68.35
C GLN HH 28 -92.94 -4.60 -68.78
N PHE HH 29 -93.30 -5.67 -68.09
CA PHE HH 29 -92.77 -6.98 -68.40
C PHE HH 29 -93.36 -7.50 -69.70
N ILE HH 30 -92.49 -8.12 -70.50
CA ILE HH 30 -92.87 -8.77 -71.75
C ILE HH 30 -92.69 -10.27 -71.58
N ASP HH 31 -93.46 -11.05 -72.32
CA ASP HH 31 -93.38 -12.49 -72.15
C ASP HH 31 -92.23 -13.07 -72.97
N ALA HH 32 -92.11 -14.39 -72.96
CA ALA HH 32 -91.08 -15.05 -73.76
C ALA HH 32 -91.39 -14.99 -75.25
N ASN HH 33 -92.65 -14.76 -75.61
CA ASN HH 33 -93.01 -14.66 -77.02
C ASN HH 33 -92.89 -13.23 -77.55
N GLY HH 34 -92.81 -12.24 -76.66
CA GLY HH 34 -92.59 -10.87 -77.05
C GLY HH 34 -93.72 -9.89 -76.78
N GLU HH 35 -94.87 -10.35 -76.30
CA GLU HH 35 -96.00 -9.48 -76.05
C GLU HH 35 -95.95 -8.91 -74.64
N LEU HH 36 -96.58 -7.76 -74.45
CA LEU HH 36 -96.56 -7.07 -73.17
C LEU HH 36 -97.48 -7.76 -72.17
N LEU HH 37 -96.95 -8.06 -71.00
CA LEU HH 37 -97.74 -8.62 -69.91
C LEU HH 37 -98.39 -7.51 -69.12
N PRO HH 38 -99.57 -7.77 -68.50
CA PRO HH 38 -100.17 -6.77 -67.60
C PRO HH 38 -99.53 -6.77 -66.21
N LYS HH 39 -98.23 -6.48 -66.18
CA LYS HH 39 -97.43 -6.50 -64.97
C LYS HH 39 -96.26 -5.56 -65.18
N TYR HH 40 -95.96 -4.74 -64.19
CA TYR HH 40 -94.94 -3.72 -64.32
C TYR HH 40 -93.94 -3.82 -63.17
N GLU HH 41 -92.94 -2.95 -63.23
CA GLU HH 41 -91.94 -2.81 -62.21
C GLU HH 41 -91.35 -1.41 -62.29
N VAL HH 42 -90.92 -0.88 -61.16
CA VAL HH 42 -90.09 0.32 -61.11
C VAL HH 42 -88.72 -0.13 -60.64
N ALA HH 43 -87.70 0.11 -61.46
CA ALA HH 43 -86.37 -0.40 -61.18
C ALA HH 43 -85.33 0.72 -61.30
N ALA HH 44 -84.23 0.55 -60.58
CA ALA HH 44 -83.07 1.38 -60.76
C ALA HH 44 -82.40 1.07 -62.08
N ASP HH 45 -81.77 2.08 -62.67
CA ASP HH 45 -81.20 1.97 -64.01
C ASP HH 45 -79.75 2.44 -63.99
N PRO HH 46 -78.81 1.56 -63.63
CA PRO HH 46 -77.39 1.91 -63.78
C PRO HH 46 -76.91 1.81 -65.22
N VAL HH 47 -77.40 0.82 -65.96
CA VAL HH 47 -77.13 0.68 -67.38
C VAL HH 47 -78.11 1.58 -68.11
N GLY HH 48 -77.60 2.64 -68.75
CA GLY HH 48 -78.44 3.73 -69.20
C GLY HH 48 -79.41 3.31 -70.30
N ALA HH 49 -80.69 3.19 -69.97
CA ALA HH 49 -81.70 2.64 -70.86
C ALA HH 49 -82.81 3.68 -71.06
N GLY HH 50 -83.24 3.84 -72.31
CA GLY HH 50 -84.26 4.80 -72.65
C GLY HH 50 -85.57 4.13 -73.05
N LEU HH 51 -86.53 4.99 -73.38
CA LEU HH 51 -87.90 4.56 -73.62
C LEU HH 51 -88.02 3.69 -74.86
N GLY HH 52 -88.57 2.49 -74.68
CA GLY HH 52 -88.77 1.54 -75.75
C GLY HH 52 -87.80 0.38 -75.75
N GLU HH 53 -86.71 0.45 -74.99
CA GLU HH 53 -85.69 -0.59 -75.02
C GLU HH 53 -86.15 -1.83 -74.27
N TRP HH 54 -85.54 -2.95 -74.61
CA TRP HH 54 -85.74 -4.21 -73.91
C TRP HH 54 -84.61 -4.38 -72.90
N VAL HH 55 -84.97 -4.60 -71.64
CA VAL HH 55 -83.99 -4.68 -70.57
C VAL HH 55 -84.16 -6.00 -69.81
N LEU HH 56 -83.10 -6.39 -69.12
CA LEU HH 56 -83.15 -7.48 -68.16
C LEU HH 56 -83.24 -6.88 -66.76
N VAL HH 57 -84.21 -7.33 -65.98
CA VAL HH 57 -84.50 -6.77 -64.67
C VAL HH 57 -84.38 -7.88 -63.63
N ASN HH 58 -83.55 -7.68 -62.63
CA ASN HH 58 -83.50 -8.63 -61.53
C ASN HH 58 -84.46 -8.15 -60.44
N ARG HH 59 -84.70 -9.00 -59.45
CA ARG HH 59 -85.61 -8.67 -58.37
C ARG HH 59 -84.97 -9.07 -57.05
N GLY HH 60 -85.30 -8.32 -56.01
CA GLY HH 60 -84.87 -8.67 -54.68
C GLY HH 60 -83.53 -8.07 -54.27
N SER HH 61 -82.75 -8.84 -53.52
CA SER HH 61 -81.47 -8.38 -53.02
C SER HH 61 -80.37 -8.42 -54.06
N ALA HH 62 -80.65 -8.92 -55.27
CA ALA HH 62 -79.69 -8.85 -56.36
C ALA HH 62 -79.58 -7.44 -56.92
N ALA HH 63 -80.56 -6.58 -56.65
CA ALA HH 63 -80.48 -5.18 -57.05
C ALA HH 63 -79.44 -4.41 -56.25
N ARG HH 64 -78.98 -4.94 -55.13
CA ARG HH 64 -78.02 -4.28 -54.25
C ARG HH 64 -76.62 -4.86 -54.38
N GLN HH 65 -76.27 -5.40 -55.53
CA GLN HH 65 -74.99 -6.08 -55.72
C GLN HH 65 -73.98 -5.28 -56.54
N THR HH 66 -74.37 -4.13 -57.10
CA THR HH 66 -73.52 -3.40 -58.02
C THR HH 66 -72.60 -2.40 -57.33
N GLU HH 67 -72.32 -2.62 -56.04
CA GLU HH 67 -71.32 -1.97 -55.17
C GLU HH 67 -71.52 -0.47 -54.99
N TYR HH 68 -72.59 0.10 -55.54
CA TYR HH 68 -73.03 1.43 -55.16
C TYR HH 68 -74.53 1.48 -54.89
N HIS HH 69 -75.24 0.38 -55.10
CA HIS HH 69 -76.62 0.20 -54.66
C HIS HH 69 -76.70 -0.63 -53.39
N GLN HH 70 -75.60 -0.73 -52.64
CA GLN HH 70 -75.45 -1.77 -51.63
C GLN HH 70 -76.34 -1.53 -50.42
N ASN HH 71 -76.37 -0.31 -49.90
CA ASN HH 71 -77.17 0.00 -48.73
C ASN HH 71 -78.40 0.84 -49.09
N ARG HH 72 -78.81 0.77 -50.35
CA ARG HH 72 -79.95 1.47 -50.91
C ARG HH 72 -81.18 0.58 -50.89
N PRO HH 73 -82.34 1.11 -50.57
CA PRO HH 73 -83.56 0.29 -50.48
C PRO HH 73 -84.16 -0.01 -51.85
N LEU HH 74 -83.44 -0.80 -52.64
CA LEU HH 74 -83.82 -1.14 -54.00
C LEU HH 74 -84.07 -2.64 -54.09
N ASP HH 75 -85.17 -3.01 -54.74
CA ASP HH 75 -85.51 -4.41 -54.94
C ASP HH 75 -85.69 -4.76 -56.42
N ALA HH 76 -85.29 -3.87 -57.32
CA ALA HH 76 -85.37 -4.11 -58.75
C ALA HH 76 -84.34 -3.23 -59.43
N MET HH 77 -83.69 -3.76 -60.45
CA MET HH 77 -82.59 -3.07 -61.10
C MET HH 77 -82.47 -3.57 -62.53
N VAL HH 78 -82.30 -2.66 -63.48
CA VAL HH 78 -81.92 -3.05 -64.83
C VAL HH 78 -80.45 -3.46 -64.81
N VAL HH 79 -80.19 -4.72 -65.18
CA VAL HH 79 -78.82 -5.23 -65.19
C VAL HH 79 -78.23 -5.26 -66.59
N ALA HH 80 -79.05 -5.27 -67.63
CA ALA HH 80 -78.57 -5.38 -68.99
C ALA HH 80 -79.60 -4.77 -69.93
N ILE HH 81 -79.11 -4.22 -71.02
CA ILE HH 81 -79.95 -3.87 -72.16
C ILE HH 81 -79.88 -5.02 -73.14
N ILE HH 82 -81.05 -5.53 -73.53
CA ILE HH 82 -81.11 -6.72 -74.36
C ILE HH 82 -80.71 -6.38 -75.79
N ASP HH 83 -79.70 -7.06 -76.30
CA ASP HH 83 -79.31 -6.96 -77.70
C ASP HH 83 -80.11 -7.92 -78.58
N THR HH 84 -80.13 -9.20 -78.22
CA THR HH 84 -80.73 -10.23 -79.06
C THR HH 84 -81.41 -11.26 -78.17
N VAL HH 85 -82.66 -11.59 -78.51
CA VAL HH 85 -83.35 -12.75 -77.96
C VAL HH 85 -83.52 -13.77 -79.08
N THR HH 86 -82.92 -14.94 -78.90
CA THR HH 86 -83.06 -16.04 -79.84
C THR HH 86 -83.88 -17.12 -79.17
N VAL HH 87 -85.03 -17.46 -79.75
CA VAL HH 87 -85.91 -18.51 -79.23
C VAL HH 87 -86.02 -19.59 -80.29
N ASN HH 88 -85.68 -20.82 -79.91
CA ASN HH 88 -85.73 -22.02 -80.77
C ASN HH 88 -84.89 -21.83 -82.04
N ASN HH 89 -83.68 -21.30 -81.84
CA ASN HH 89 -82.71 -20.92 -82.87
C ASN HH 89 -83.24 -19.88 -83.86
N ARG HH 90 -84.30 -19.16 -83.51
CA ARG HH 90 -84.87 -18.10 -84.33
C ARG HH 90 -84.77 -16.80 -83.55
N ARG HH 91 -84.28 -15.76 -84.20
CA ARG HH 91 -84.12 -14.46 -83.55
C ARG HH 91 -85.49 -13.81 -83.33
N LEU HH 92 -85.83 -13.58 -82.07
CA LEU HH 92 -87.06 -12.90 -81.68
C LEU HH 92 -86.89 -11.40 -81.62
N TYR HH 93 -85.76 -10.92 -81.13
CA TYR HH 93 -85.50 -9.50 -80.95
C TYR HH 93 -84.09 -9.19 -81.44
N GLY HH 94 -83.93 -8.01 -82.02
CA GLY HH 94 -82.63 -7.57 -82.50
C GLY HH 94 -82.43 -7.79 -83.99
N ALA IH 2 13.49 35.36 -108.19
CA ALA IH 2 12.37 35.81 -109.01
C ALA IH 2 11.39 36.62 -108.19
N VAL IH 3 10.15 36.71 -108.68
CA VAL IH 3 9.07 37.39 -107.96
C VAL IH 3 8.73 36.57 -106.72
N ALA IH 4 8.39 37.27 -105.63
CA ALA IH 4 8.25 36.63 -104.32
C ALA IH 4 7.05 35.67 -104.29
N VAL IH 5 7.18 34.63 -103.49
CA VAL IH 5 6.17 33.58 -103.38
C VAL IH 5 5.76 33.44 -101.93
N GLY IH 6 4.45 33.40 -101.69
CA GLY IH 6 3.91 33.17 -100.36
C GLY IH 6 3.03 31.95 -100.36
N MET IH 7 3.09 31.20 -99.27
CA MET IH 7 2.33 29.96 -99.14
C MET IH 7 1.62 29.96 -97.80
N ILE IH 8 0.35 29.55 -97.80
CA ILE IH 8 -0.39 29.29 -96.57
C ILE IH 8 -0.92 27.87 -96.67
N GLU IH 9 -0.49 27.01 -95.75
CA GLU IH 9 -0.98 25.64 -95.65
C GLU IH 9 -2.00 25.55 -94.54
N THR IH 10 -3.21 25.10 -94.90
CA THR IH 10 -4.27 24.92 -93.93
C THR IH 10 -4.71 23.46 -93.92
N LEU IH 11 -5.33 23.07 -92.81
CA LEU IH 11 -5.99 21.77 -92.69
C LEU IH 11 -7.45 21.98 -93.03
N GLY IH 12 -7.82 21.66 -94.26
CA GLY IH 12 -9.19 21.84 -94.70
C GLY IH 12 -9.35 22.74 -95.90
N PHE IH 13 -10.33 22.41 -96.75
CA PHE IH 13 -10.63 23.18 -97.95
C PHE IH 13 -11.43 24.47 -97.74
N PRO IH 14 -12.40 24.58 -96.81
CA PRO IH 14 -12.96 25.92 -96.54
C PRO IH 14 -11.97 26.90 -95.95
N ALA IH 15 -10.96 26.41 -95.22
CA ALA IH 15 -9.95 27.31 -94.68
C ALA IH 15 -8.98 27.77 -95.76
N VAL IH 16 -8.76 26.96 -96.80
CA VAL IH 16 -7.77 27.32 -97.79
C VAL IH 16 -8.37 28.25 -98.83
N VAL IH 17 -9.70 28.26 -98.97
CA VAL IH 17 -10.35 29.19 -99.88
C VAL IH 17 -10.47 30.56 -99.21
N GLU IH 18 -10.70 30.58 -97.90
CA GLU IH 18 -10.65 31.83 -97.16
C GLU IH 18 -9.22 32.38 -97.11
N ALA IH 19 -8.23 31.49 -97.01
CA ALA IH 19 -6.84 31.93 -97.11
C ALA IH 19 -6.53 32.49 -98.48
N ALA IH 20 -7.01 31.83 -99.54
CA ALA IH 20 -6.77 32.31 -100.90
C ALA IH 20 -7.54 33.59 -101.18
N ASP IH 21 -8.74 33.73 -100.63
CA ASP IH 21 -9.55 34.92 -100.88
C ASP IH 21 -9.04 36.13 -100.12
N ALA IH 22 -8.59 35.93 -98.87
CA ALA IH 22 -8.11 37.07 -98.10
C ALA IH 22 -6.73 37.51 -98.54
N MET IH 23 -5.98 36.63 -99.20
CA MET IH 23 -4.65 37.01 -99.68
C MET IH 23 -4.75 37.95 -100.88
N VAL IH 24 -5.63 37.64 -101.83
CA VAL IH 24 -5.71 38.48 -103.02
C VAL IH 24 -6.60 39.70 -102.78
N LYS IH 25 -7.25 39.77 -101.62
CA LYS IH 25 -8.04 40.95 -101.28
C LYS IH 25 -7.28 41.90 -100.38
N ALA IH 26 -6.26 41.42 -99.67
CA ALA IH 26 -5.51 42.29 -98.78
C ALA IH 26 -4.46 43.10 -99.53
N ALA IH 27 -3.91 42.53 -100.60
CA ALA IH 27 -2.82 43.16 -101.31
C ALA IH 27 -2.86 42.76 -102.77
N ARG IH 28 -1.93 43.32 -103.54
CA ARG IH 28 -1.85 43.10 -104.98
C ARG IH 28 -0.95 41.89 -105.24
N VAL IH 29 -1.52 40.71 -105.00
CA VAL IH 29 -0.85 39.45 -105.27
C VAL IH 29 -1.66 38.67 -106.29
N THR IH 30 -1.03 37.66 -106.88
CA THR IH 30 -1.67 36.77 -107.83
C THR IH 30 -1.68 35.37 -107.26
N LEU IH 31 -2.86 34.86 -106.94
CA LEU IH 31 -3.02 33.45 -106.58
C LEU IH 31 -2.75 32.61 -107.81
N VAL IH 32 -1.68 31.83 -107.77
CA VAL IH 32 -1.26 31.04 -108.93
C VAL IH 32 -1.41 29.54 -108.70
N GLY IH 33 -1.50 29.09 -107.47
CA GLY IH 33 -1.31 27.68 -107.18
C GLY IH 33 -2.24 27.20 -106.10
N TYR IH 34 -2.45 25.90 -106.09
CA TYR IH 34 -3.36 25.23 -105.17
C TYR IH 34 -2.87 23.79 -105.06
N GLU IH 35 -2.32 23.45 -103.91
CA GLU IH 35 -1.50 22.25 -103.78
C GLU IH 35 -2.05 21.33 -102.70
N LYS IH 36 -2.35 20.10 -103.08
CA LYS IH 36 -2.80 19.05 -102.16
C LYS IH 36 -1.68 18.04 -102.01
N ILE IH 37 -1.29 17.78 -100.76
CA ILE IH 37 -0.22 16.83 -100.46
C ILE IH 37 -0.71 15.69 -99.58
N GLY IH 38 -2.01 15.57 -99.37
CA GLY IH 38 -2.57 14.52 -98.55
C GLY IH 38 -2.79 14.94 -97.11
N THR IH 39 -3.52 14.09 -96.39
CA THR IH 39 -4.04 14.31 -95.03
C THR IH 39 -4.76 15.64 -94.86
N GLY IH 40 -5.43 16.13 -95.90
CA GLY IH 40 -6.14 17.39 -95.81
C GLY IH 40 -5.26 18.63 -95.78
N ARG IH 41 -3.95 18.49 -95.91
CA ARG IH 41 -3.04 19.62 -95.93
C ARG IH 41 -3.09 20.25 -97.31
N VAL IH 42 -3.69 21.44 -97.39
CA VAL IH 42 -3.88 22.14 -98.65
C VAL IH 42 -3.13 23.45 -98.60
N THR IH 43 -2.38 23.75 -99.65
CA THR IH 43 -1.54 24.94 -99.72
C THR IH 43 -1.92 25.75 -100.94
N VAL IH 44 -2.26 27.02 -100.73
CA VAL IH 44 -2.42 28.00 -101.80
C VAL IH 44 -1.13 28.80 -101.91
N ILE IH 45 -0.77 29.16 -103.14
CA ILE IH 45 0.49 29.81 -103.47
C ILE IH 45 0.17 31.11 -104.18
N VAL IH 46 0.66 32.22 -103.63
CA VAL IH 46 0.50 33.52 -104.26
C VAL IH 46 1.86 34.02 -104.71
N ARG IH 47 1.85 34.84 -105.76
CA ARG IH 47 3.03 35.53 -106.25
C ARG IH 47 2.79 37.03 -106.22
N GLY IH 48 3.87 37.79 -106.12
CA GLY IH 48 3.76 39.24 -106.13
C GLY IH 48 5.00 39.86 -105.54
N ASP IH 49 4.95 41.17 -105.36
CA ASP IH 49 6.04 41.89 -104.72
C ASP IH 49 6.10 41.53 -103.24
N VAL IH 50 7.27 41.80 -102.64
CA VAL IH 50 7.53 41.36 -101.27
C VAL IH 50 6.64 42.13 -100.28
N SER IH 51 6.38 43.40 -100.56
CA SER IH 51 5.44 44.16 -99.76
C SER IH 51 4.03 43.63 -99.90
N GLU IH 52 3.67 43.16 -101.09
CA GLU IH 52 2.34 42.62 -101.31
C GLU IH 52 2.19 41.25 -100.66
N VAL IH 53 3.21 40.40 -100.78
CA VAL IH 53 3.11 39.03 -100.32
C VAL IH 53 3.15 38.97 -98.79
N GLN IH 54 3.97 39.82 -98.16
CA GLN IH 54 4.03 39.87 -96.70
C GLN IH 54 2.72 40.37 -96.10
N ALA IH 55 2.06 41.32 -96.77
CA ALA IH 55 0.78 41.80 -96.28
C ALA IH 55 -0.32 40.77 -96.50
N SER IH 56 -0.24 40.01 -97.59
CA SER IH 56 -1.28 39.05 -97.93
C SER IH 56 -1.21 37.82 -97.03
N VAL IH 57 0.00 37.30 -96.79
CA VAL IH 57 0.16 36.09 -95.98
C VAL IH 57 -0.19 36.38 -94.53
N SER IH 58 0.17 37.57 -94.03
CA SER IH 58 -0.14 37.93 -92.66
C SER IH 58 -1.64 38.17 -92.47
N ALA IH 59 -2.30 38.73 -93.47
CA ALA IH 59 -3.75 38.92 -93.37
C ALA IH 59 -4.49 37.64 -93.71
N GLY IH 60 -3.90 36.80 -94.56
CA GLY IH 60 -4.51 35.51 -94.86
C GLY IH 60 -4.42 34.53 -93.71
N THR IH 61 -3.42 34.70 -92.83
CA THR IH 61 -3.28 33.80 -91.70
C THR IH 61 -4.31 34.11 -90.62
N GLU IH 62 -4.57 35.39 -90.38
CA GLU IH 62 -5.52 35.76 -89.34
C GLU IH 62 -6.96 35.57 -89.80
N SER IH 63 -7.20 35.51 -91.10
CA SER IH 63 -8.55 35.31 -91.59
C SER IH 63 -8.99 33.86 -91.50
N VAL IH 64 -8.04 32.92 -91.54
CA VAL IH 64 -8.36 31.50 -91.38
C VAL IH 64 -8.84 31.19 -89.97
N LYS IH 65 -8.33 31.89 -88.96
CA LYS IH 65 -8.82 31.72 -87.60
C LYS IH 65 -10.02 32.62 -87.32
N ARG IH 66 -10.96 32.61 -88.28
CA ARG IH 66 -12.29 33.20 -88.16
C ARG IH 66 -13.24 32.23 -88.86
N VAL IH 67 -12.67 31.13 -89.34
CA VAL IH 67 -13.42 30.02 -89.94
C VAL IH 67 -13.55 28.93 -88.90
N ASN IH 68 -14.75 28.39 -88.74
CA ASN IH 68 -14.94 27.29 -87.82
C ASN IH 68 -14.36 26.02 -88.43
N GLY IH 69 -13.50 25.33 -87.67
CA GLY IH 69 -12.80 24.20 -88.21
C GLY IH 69 -11.62 24.54 -89.07
N GLY IH 70 -11.23 25.81 -89.12
CA GLY IH 70 -10.09 26.26 -89.91
C GLY IH 70 -8.85 26.34 -89.04
N GLN IH 71 -7.75 25.81 -89.57
CA GLN IH 71 -6.50 25.75 -88.85
C GLN IH 71 -5.34 25.98 -89.82
N VAL IH 72 -4.48 26.95 -89.51
CA VAL IH 72 -3.28 27.21 -90.29
C VAL IH 72 -2.22 26.23 -89.82
N LEU IH 73 -1.68 25.44 -90.75
CA LEU IH 73 -0.59 24.53 -90.41
C LEU IH 73 0.76 25.21 -90.54
N SER IH 74 1.02 25.84 -91.68
CA SER IH 74 2.32 26.44 -91.92
C SER IH 74 2.17 27.56 -92.96
N THR IH 75 2.86 28.67 -92.69
CA THR IH 75 2.94 29.79 -93.62
C THR IH 75 4.40 30.10 -93.88
N HIS IH 76 4.69 30.57 -95.09
CA HIS IH 76 6.04 31.03 -95.40
C HIS IH 76 6.00 32.03 -96.55
N ILE IH 77 6.97 32.93 -96.54
CA ILE IH 77 7.22 33.88 -97.62
C ILE IH 77 8.66 33.73 -98.05
N ILE IH 78 8.89 33.51 -99.34
CA ILE IH 78 10.22 33.54 -99.93
C ILE IH 78 10.30 34.77 -100.82
N ALA IH 79 11.09 35.75 -100.39
CA ALA IH 79 11.10 37.06 -101.04
C ALA IH 79 11.75 37.03 -102.40
N ARG IH 80 12.73 36.15 -102.58
CA ARG IH 80 13.48 36.07 -103.84
C ARG IH 80 13.76 34.60 -104.12
N PRO IH 81 12.79 33.88 -104.69
CA PRO IH 81 13.04 32.47 -104.99
C PRO IH 81 13.94 32.31 -106.20
N HIS IH 82 14.74 31.25 -106.16
CA HIS IH 82 15.61 30.89 -107.26
C HIS IH 82 14.79 30.51 -108.48
N GLU IH 83 15.33 30.78 -109.66
CA GLU IH 83 14.64 30.47 -110.91
C GLU IH 83 14.58 28.97 -111.20
N ASN IH 84 15.33 28.16 -110.44
CA ASN IH 84 15.20 26.71 -110.52
C ASN IH 84 13.84 26.23 -109.99
N LEU IH 85 13.25 26.96 -109.05
CA LEU IH 85 12.10 26.44 -108.32
C LEU IH 85 10.81 26.49 -109.13
N GLU IH 86 10.69 27.41 -110.07
CA GLU IH 86 9.46 27.52 -110.85
C GLU IH 86 9.30 26.36 -111.82
N TYR IH 87 10.40 25.74 -112.21
CA TYR IH 87 10.32 24.62 -113.16
C TYR IH 87 10.05 23.31 -112.45
N VAL IH 88 10.33 23.23 -111.15
CA VAL IH 88 10.13 21.98 -110.41
C VAL IH 88 8.89 22.08 -109.53
N LEU IH 89 8.77 23.15 -108.79
CA LEU IH 89 7.65 23.30 -107.87
C LEU IH 89 6.50 24.02 -108.52
N PRO IH 90 5.25 23.71 -108.15
CA PRO IH 90 4.08 24.38 -108.75
C PRO IH 90 3.81 25.76 -108.15
N ILE IH 91 4.78 26.66 -108.30
CA ILE IH 91 4.66 28.03 -107.83
C ILE IH 91 4.71 29.04 -108.96
N ARG IH 92 4.64 28.60 -110.21
CA ARG IH 92 4.85 29.49 -111.33
C ARG IH 92 3.52 30.05 -111.84
N TYR IH 93 3.63 31.13 -112.60
CA TYR IH 93 2.47 31.72 -113.26
C TYR IH 93 1.99 30.82 -114.38
N THR IH 94 0.77 30.33 -114.26
CA THR IH 94 0.12 29.62 -115.34
C THR IH 94 -0.72 30.59 -116.18
N GLU IH 95 -1.21 30.10 -117.32
CA GLU IH 95 -1.80 30.98 -118.32
C GLU IH 95 -3.17 31.50 -117.90
N GLU IH 96 -3.86 30.77 -117.01
CA GLU IH 96 -5.18 31.22 -116.56
C GLU IH 96 -5.09 32.43 -115.63
N VAL IH 97 -3.93 32.63 -115.00
CA VAL IH 97 -3.77 33.70 -114.03
C VAL IH 97 -2.80 34.78 -114.52
N GLU IH 98 -2.55 34.85 -115.83
CA GLU IH 98 -1.70 35.92 -116.35
C GLU IH 98 -2.45 37.24 -116.50
N GLN IH 99 -3.77 37.23 -116.38
CA GLN IH 99 -4.53 38.48 -116.43
C GLN IH 99 -4.45 39.22 -115.11
N PHE IH 100 -4.11 38.53 -114.02
CA PHE IH 100 -4.04 39.14 -112.71
C PHE IH 100 -2.64 39.57 -112.31
N ARG IH 101 -1.63 39.28 -113.14
CA ARG IH 101 -0.25 39.64 -112.80
C ARG IH 101 -0.01 41.13 -112.97
N ALA JH 2 26.76 7.90 -110.37
CA ALA JH 2 26.43 9.08 -111.17
C ALA JH 2 26.64 10.35 -110.35
N VAL JH 3 26.04 11.44 -110.83
CA VAL JH 3 26.01 12.70 -110.09
C VAL JH 3 25.19 12.51 -108.82
N ALA JH 4 25.68 13.05 -107.70
CA ALA JH 4 25.14 12.74 -106.37
C ALA JH 4 23.72 13.26 -106.21
N VAL JH 5 22.96 12.59 -105.34
CA VAL JH 5 21.56 12.88 -105.08
C VAL JH 5 21.42 13.34 -103.64
N GLY JH 6 20.72 14.44 -103.43
CA GLY JH 6 20.32 14.84 -102.09
C GLY JH 6 18.82 14.99 -102.01
N MET JH 7 18.24 14.40 -100.96
CA MET JH 7 16.81 14.43 -100.76
C MET JH 7 16.52 14.97 -99.37
N ILE JH 8 15.58 15.91 -99.29
CA ILE JH 8 15.04 16.36 -98.01
C ILE JH 8 13.54 16.10 -98.03
N GLU JH 9 13.07 15.31 -97.08
CA GLU JH 9 11.65 15.06 -96.90
C GLU JH 9 11.14 15.89 -95.75
N THR JH 10 10.11 16.70 -96.01
CA THR JH 10 9.49 17.51 -94.98
C THR JH 10 8.02 17.15 -94.85
N LEU JH 11 7.45 17.52 -93.71
CA LEU JH 11 6.01 17.43 -93.48
C LEU JH 11 5.41 18.79 -93.82
N GLY JH 12 4.88 18.91 -95.03
CA GLY JH 12 4.28 20.17 -95.44
C GLY JH 12 4.91 20.77 -96.68
N PHE JH 13 4.10 21.44 -97.48
CA PHE JH 13 4.56 22.11 -98.69
C PHE JH 13 5.26 23.46 -98.50
N PRO JH 14 4.88 24.34 -97.56
CA PRO JH 14 5.73 25.53 -97.33
C PRO JH 14 7.11 25.21 -96.78
N ALA JH 15 7.27 24.08 -96.09
CA ALA JH 15 8.58 23.71 -95.59
C ALA JH 15 9.45 23.15 -96.70
N VAL JH 16 8.85 22.60 -97.75
CA VAL JH 16 9.63 21.93 -98.79
C VAL JH 16 10.05 22.92 -99.85
N VAL JH 17 9.38 24.07 -99.94
CA VAL JH 17 9.80 25.12 -100.87
C VAL JH 17 10.92 25.94 -100.25
N GLU JH 18 10.87 26.15 -98.93
CA GLU JH 18 11.95 26.82 -98.23
C GLU JH 18 13.19 25.91 -98.15
N ALA JH 19 12.99 24.61 -98.05
CA ALA JH 19 14.12 23.68 -98.12
C ALA JH 19 14.73 23.67 -99.51
N ALA JH 20 13.90 23.69 -100.55
CA ALA JH 20 14.42 23.68 -101.92
C ALA JH 20 15.07 25.00 -102.29
N ASP JH 21 14.55 26.12 -101.75
CA ASP JH 21 15.15 27.41 -102.05
C ASP JH 21 16.46 27.61 -101.31
N ALA JH 22 16.59 27.01 -100.13
CA ALA JH 22 17.84 27.11 -99.40
C ALA JH 22 18.91 26.25 -100.01
N MET JH 23 18.53 25.15 -100.67
CA MET JH 23 19.50 24.22 -101.22
C MET JH 23 20.20 24.80 -102.44
N VAL JH 24 19.44 25.39 -103.35
CA VAL JH 24 20.03 25.85 -104.61
C VAL JH 24 20.72 27.19 -104.43
N LYS JH 25 20.50 27.86 -103.30
CA LYS JH 25 21.24 29.08 -103.00
C LYS JH 25 22.53 28.78 -102.27
N ALA JH 26 22.56 27.67 -101.51
CA ALA JH 26 23.72 27.39 -100.67
C ALA JH 26 24.88 26.82 -101.48
N ALA JH 27 24.58 26.07 -102.55
CA ALA JH 27 25.64 25.40 -103.29
C ALA JH 27 25.24 25.29 -104.75
N ARG JH 28 26.12 24.66 -105.53
CA ARG JH 28 25.92 24.48 -106.97
C ARG JH 28 25.20 23.16 -107.22
N VAL JH 29 24.00 23.07 -106.69
CA VAL JH 29 23.14 21.91 -106.92
C VAL JH 29 22.01 22.33 -107.82
N THR JH 30 21.42 21.35 -108.51
CA THR JH 30 20.26 21.57 -109.36
C THR JH 30 19.08 20.85 -108.74
N LEU JH 31 18.06 21.62 -108.36
CA LEU JH 31 16.79 21.04 -107.96
C LEU JH 31 16.14 20.41 -109.19
N VAL JH 32 15.99 19.08 -109.16
CA VAL JH 32 15.47 18.37 -110.32
C VAL JH 32 14.13 17.70 -110.05
N GLY JH 33 13.76 17.49 -108.80
CA GLY JH 33 12.69 16.57 -108.48
C GLY JH 33 11.80 17.09 -107.39
N TYR JH 34 10.59 16.55 -107.35
CA TYR JH 34 9.55 16.97 -106.43
C TYR JH 34 8.59 15.80 -106.29
N GLU JH 35 8.51 15.22 -105.10
CA GLU JH 35 7.81 13.96 -104.93
C GLU JH 35 6.84 14.03 -103.75
N LYS JH 36 5.61 13.59 -104.00
CA LYS JH 36 4.59 13.47 -102.97
C LYS JH 36 4.27 12.00 -102.79
N ILE JH 37 4.33 11.51 -101.55
CA ILE JH 37 4.11 10.11 -101.25
C ILE JH 37 2.96 9.91 -100.28
N GLY JH 38 2.26 10.98 -99.91
CA GLY JH 38 1.12 10.89 -99.01
C GLY JH 38 1.45 11.29 -97.59
N THR JH 39 0.39 11.52 -96.82
CA THR JH 39 0.39 12.07 -95.45
C THR JH 39 1.22 13.34 -95.31
N GLY JH 40 1.25 14.19 -96.33
CA GLY JH 40 2.00 15.41 -96.26
C GLY JH 40 3.50 15.24 -96.33
N ARG JH 41 4.00 14.06 -96.63
CA ARG JH 41 5.43 13.81 -96.77
C ARG JH 41 5.85 14.21 -98.17
N VAL JH 42 6.55 15.34 -98.28
CA VAL JH 42 6.93 15.91 -99.56
C VAL JH 42 8.46 15.93 -99.63
N THR JH 43 8.99 15.51 -100.78
CA THR JH 43 10.43 15.37 -100.97
C THR JH 43 10.88 16.19 -102.16
N VAL JH 44 11.94 16.97 -101.97
CA VAL JH 44 12.65 17.63 -103.05
C VAL JH 44 14.00 16.97 -103.25
N ILE JH 45 14.44 16.90 -104.50
CA ILE JH 45 15.62 16.15 -104.90
C ILE JH 45 16.56 17.08 -105.62
N VAL JH 46 17.80 17.18 -105.12
CA VAL JH 46 18.83 17.98 -105.78
C VAL JH 46 19.89 17.06 -106.34
N ARG JH 47 20.54 17.51 -107.41
CA ARG JH 47 21.67 16.82 -108.01
C ARG JH 47 22.87 17.75 -108.06
N GLY JH 48 24.05 17.20 -107.82
CA GLY JH 48 25.27 17.98 -107.92
C GLY JH 48 26.44 17.14 -107.49
N ASP JH 49 27.58 17.82 -107.32
CA ASP JH 49 28.72 17.17 -106.70
C ASP JH 49 28.43 16.88 -105.24
N VAL JH 50 29.08 15.84 -104.70
CA VAL JH 50 28.75 15.34 -103.36
C VAL JH 50 29.09 16.37 -102.28
N SER JH 51 30.12 17.19 -102.48
CA SER JH 51 30.42 18.27 -101.55
C SER JH 51 29.38 19.36 -101.63
N GLU JH 52 28.89 19.64 -102.84
CA GLU JH 52 27.83 20.63 -102.99
C GLU JH 52 26.49 20.09 -102.51
N VAL JH 53 26.25 18.80 -102.70
CA VAL JH 53 24.99 18.20 -102.26
C VAL JH 53 24.94 18.14 -100.74
N GLN JH 54 26.08 17.83 -100.10
CA GLN JH 54 26.14 17.80 -98.64
C GLN JH 54 25.98 19.20 -98.05
N ALA JH 55 26.54 20.21 -98.70
CA ALA JH 55 26.45 21.57 -98.19
C ALA JH 55 25.04 22.13 -98.37
N SER JH 56 24.34 21.69 -99.41
CA SER JH 56 23.00 22.20 -99.66
C SER JH 56 21.97 21.53 -98.77
N VAL JH 57 22.06 20.20 -98.62
CA VAL JH 57 21.09 19.45 -97.84
C VAL JH 57 21.18 19.83 -96.35
N SER JH 58 22.39 20.12 -95.88
CA SER JH 58 22.55 20.60 -94.51
C SER JH 58 21.99 22.01 -94.35
N ALA JH 59 22.10 22.84 -95.39
CA ALA JH 59 21.56 24.19 -95.31
C ALA JH 59 20.05 24.20 -95.55
N GLY JH 60 19.55 23.25 -96.33
CA GLY JH 60 18.11 23.16 -96.54
C GLY JH 60 17.39 22.58 -95.34
N THR JH 61 18.10 21.84 -94.50
CA THR JH 61 17.50 21.30 -93.28
C THR JH 61 17.35 22.39 -92.22
N GLU JH 62 18.34 23.26 -92.12
CA GLU JH 62 18.30 24.31 -91.09
C GLU JH 62 17.31 25.42 -91.43
N SER JH 63 16.95 25.56 -92.72
CA SER JH 63 16.03 26.61 -93.12
C SER JH 63 14.57 26.22 -92.91
N VAL JH 64 14.28 24.95 -92.67
CA VAL JH 64 12.92 24.55 -92.35
C VAL JH 64 12.53 25.02 -90.95
N LYS JH 65 13.53 25.26 -90.08
CA LYS JH 65 13.26 25.84 -88.77
C LYS JH 65 12.80 27.30 -88.87
N ARG JH 66 13.08 27.97 -89.99
CA ARG JH 66 12.50 29.29 -90.23
C ARG JH 66 11.00 29.20 -90.44
N VAL JH 67 10.54 28.11 -91.05
CA VAL JH 67 9.11 27.93 -91.30
C VAL JH 67 8.42 27.52 -90.01
N ASN JH 68 7.40 28.29 -89.63
CA ASN JH 68 6.54 27.90 -88.52
C ASN JH 68 5.66 26.74 -88.95
N GLY JH 69 5.67 25.66 -88.17
CA GLY JH 69 4.93 24.49 -88.57
C GLY JH 69 5.61 23.65 -89.63
N GLY JH 70 6.88 23.90 -89.90
CA GLY JH 70 7.67 23.10 -90.82
C GLY JH 70 8.53 22.11 -90.06
N GLN JH 71 8.66 20.91 -90.61
CA GLN JH 71 9.36 19.83 -89.93
C GLN JH 71 10.02 18.92 -90.95
N VAL JH 72 11.33 18.73 -90.81
CA VAL JH 72 12.09 17.81 -91.65
C VAL JH 72 11.87 16.40 -91.11
N LEU JH 73 11.40 15.50 -91.97
CA LEU JH 73 11.19 14.13 -91.56
C LEU JH 73 12.45 13.29 -91.81
N SER JH 74 13.03 13.40 -92.99
CA SER JH 74 14.16 12.56 -93.35
C SER JH 74 15.00 13.25 -94.41
N THR JH 75 16.31 13.20 -94.23
CA THR JH 75 17.26 13.67 -95.22
C THR JH 75 18.22 12.54 -95.57
N HIS JH 76 18.69 12.52 -96.81
CA HIS JH 76 19.68 11.55 -97.22
C HIS JH 76 20.47 12.08 -98.40
N ILE JH 77 21.74 11.68 -98.47
CA ILE JH 77 22.64 12.01 -99.57
C ILE JH 77 23.22 10.71 -100.09
N ILE JH 78 23.07 10.47 -101.39
CA ILE JH 78 23.71 9.36 -102.07
C ILE JH 78 24.83 9.93 -102.94
N ALA JH 79 26.07 9.55 -102.64
CA ALA JH 79 27.23 10.19 -103.26
C ALA JH 79 27.41 9.77 -104.71
N ARG JH 80 27.06 8.53 -105.04
CA ARG JH 80 27.25 8.00 -106.39
C ARG JH 80 26.13 7.02 -106.66
N PRO JH 81 24.97 7.51 -107.09
CA PRO JH 81 23.86 6.61 -107.36
C PRO JH 81 24.07 5.80 -108.62
N HIS JH 82 23.49 4.61 -108.62
CA HIS JH 82 23.53 3.75 -109.80
C HIS JH 82 22.71 4.35 -110.92
N GLU JH 83 23.08 4.02 -112.16
CA GLU JH 83 22.39 4.54 -113.33
C GLU JH 83 21.02 3.93 -113.53
N ASN JH 84 20.71 2.84 -112.82
CA ASN JH 84 19.35 2.27 -112.83
C ASN JH 84 18.35 3.18 -112.14
N LEU JH 85 18.82 4.02 -111.22
CA LEU JH 85 17.91 4.77 -110.37
C LEU JH 85 17.25 5.93 -111.09
N GLU JH 86 17.91 6.50 -112.10
CA GLU JH 86 17.36 7.67 -112.77
C GLU JH 86 16.24 7.30 -113.74
N TYR JH 87 16.16 6.02 -114.13
CA TYR JH 87 15.13 5.61 -115.06
C TYR JH 87 13.87 5.13 -114.34
N VAL JH 88 13.97 4.89 -113.04
CA VAL JH 88 12.80 4.48 -112.28
C VAL JH 88 12.36 5.59 -111.32
N LEU JH 89 13.26 6.03 -110.50
CA LEU JH 89 12.96 7.05 -109.50
C LEU JH 89 13.07 8.44 -110.10
N PRO JH 90 12.25 9.40 -109.66
CA PRO JH 90 12.31 10.77 -110.18
C PRO JH 90 13.46 11.59 -109.60
N ILE JH 91 14.69 11.14 -109.86
CA ILE JH 91 15.89 11.85 -109.46
C ILE JH 91 16.70 12.32 -110.65
N ARG JH 92 16.18 12.17 -111.86
CA ARG JH 92 16.96 12.45 -113.05
C ARG JH 92 16.82 13.91 -113.48
N TYR JH 93 17.76 14.35 -114.28
CA TYR JH 93 17.67 15.67 -114.90
C TYR JH 93 16.61 15.66 -116.00
N THR JH 94 15.55 16.43 -115.79
CA THR JH 94 14.57 16.68 -116.82
C THR JH 94 15.09 17.78 -117.75
N GLU JH 95 14.43 17.93 -118.90
CA GLU JH 95 14.91 18.89 -119.89
C GLU JH 95 14.59 20.33 -119.51
N GLU JH 96 13.67 20.52 -118.56
CA GLU JH 96 13.33 21.87 -118.13
C GLU JH 96 14.37 22.44 -117.18
N VAL JH 97 15.15 21.59 -116.52
CA VAL JH 97 16.13 22.03 -115.54
C VAL JH 97 17.56 21.90 -116.08
N GLU JH 98 17.72 21.76 -117.39
CA GLU JH 98 19.06 21.64 -117.95
C GLU JH 98 19.78 22.98 -118.04
N GLN JH 99 19.06 24.09 -117.86
CA GLN JH 99 19.71 25.39 -117.84
C GLN JH 99 20.42 25.66 -116.51
N PHE JH 100 20.11 24.88 -115.47
CA PHE JH 100 20.69 25.08 -114.15
C PHE JH 100 21.76 24.08 -113.81
N ARG JH 101 22.08 23.16 -114.72
CA ARG JH 101 23.10 22.14 -114.44
C ARG JH 101 24.50 22.72 -114.50
N ALA KH 2 16.32 57.79 -99.20
CA ALA KH 2 16.08 57.14 -100.49
C ALA KH 2 15.59 55.72 -100.28
N VAL KH 3 16.47 54.74 -100.50
CA VAL KH 3 16.15 53.36 -100.20
C VAL KH 3 16.31 53.12 -98.71
N ALA KH 4 15.71 52.04 -98.21
CA ALA KH 4 15.77 51.74 -96.79
C ALA KH 4 17.16 51.27 -96.38
N VAL KH 5 17.40 51.24 -95.07
CA VAL KH 5 18.64 50.76 -94.51
C VAL KH 5 18.32 49.74 -93.42
N GLY KH 6 19.00 48.61 -93.44
CA GLY KH 6 18.86 47.61 -92.40
C GLY KH 6 20.21 47.23 -91.85
N MET KH 7 20.25 46.97 -90.55
CA MET KH 7 21.48 46.66 -89.86
C MET KH 7 21.28 45.39 -89.03
N ILE KH 8 22.28 44.52 -89.02
CA ILE KH 8 22.35 43.39 -88.10
C ILE KH 8 23.69 43.47 -87.40
N GLU KH 9 23.66 43.59 -86.08
CA GLU KH 9 24.88 43.56 -85.28
C GLU KH 9 25.03 42.19 -84.64
N THR KH 10 26.15 41.53 -84.93
CA THR KH 10 26.45 40.26 -84.32
C THR KH 10 27.68 40.38 -83.44
N LEU KH 11 27.86 39.38 -82.58
CA LEU KH 11 29.08 39.24 -81.79
C LEU KH 11 29.98 38.25 -82.53
N GLY KH 12 30.98 38.76 -83.21
CA GLY KH 12 31.88 37.91 -83.97
C GLY KH 12 31.83 38.10 -85.46
N PHE KH 13 32.97 37.94 -86.11
CA PHE KH 13 33.08 38.06 -87.57
C PHE KH 13 32.58 36.86 -88.38
N PRO KH 14 32.73 35.59 -87.97
CA PRO KH 14 32.05 34.53 -88.73
C PRO KH 14 30.53 34.60 -88.70
N ALA KH 15 29.95 35.20 -87.66
CA ALA KH 15 28.51 35.37 -87.63
C ALA KH 15 28.05 36.51 -88.52
N VAL KH 16 28.91 37.52 -88.72
CA VAL KH 16 28.48 38.69 -89.46
C VAL KH 16 28.61 38.44 -90.95
N VAL KH 17 29.42 37.44 -91.36
CA VAL KH 17 29.51 37.09 -92.77
C VAL KH 17 28.36 36.16 -93.15
N GLU KH 18 27.98 35.26 -92.24
CA GLU KH 18 26.80 34.43 -92.46
C GLU KH 18 25.52 35.26 -92.44
N ALA KH 19 25.47 36.29 -91.60
CA ALA KH 19 24.34 37.20 -91.60
C ALA KH 19 24.28 38.01 -92.89
N ALA KH 20 25.43 38.51 -93.35
CA ALA KH 20 25.47 39.31 -94.58
C ALA KH 20 25.20 38.45 -95.81
N ASP KH 21 25.63 37.19 -95.78
CA ASP KH 21 25.36 36.30 -96.92
C ASP KH 21 23.90 35.88 -96.96
N ALA KH 22 23.26 35.76 -95.80
CA ALA KH 22 21.85 35.39 -95.77
C ALA KH 22 20.96 36.56 -96.16
N MET KH 23 21.45 37.79 -95.99
CA MET KH 23 20.64 38.96 -96.31
C MET KH 23 20.56 39.17 -97.81
N VAL KH 24 21.68 39.08 -98.51
CA VAL KH 24 21.67 39.38 -99.94
C VAL KH 24 21.17 38.20 -100.75
N LYS KH 25 21.03 37.03 -100.12
CA LYS KH 25 20.41 35.90 -100.79
C LYS KH 25 18.90 35.90 -100.61
N ALA KH 26 18.42 36.46 -99.49
CA ALA KH 26 17.00 36.39 -99.18
C ALA KH 26 16.18 37.33 -100.04
N ALA KH 27 16.67 38.54 -100.26
CA ALA KH 27 15.89 39.56 -100.96
C ALA KH 27 16.82 40.42 -101.80
N ARG KH 28 16.21 41.38 -102.51
CA ARG KH 28 16.93 42.28 -103.41
C ARG KH 28 17.48 43.46 -102.62
N VAL KH 29 18.43 43.16 -101.75
CA VAL KH 29 19.14 44.18 -101.00
C VAL KH 29 20.60 44.18 -101.43
N THR KH 30 21.26 45.31 -101.22
CA THR KH 30 22.67 45.47 -101.50
C THR KH 30 23.40 45.64 -100.18
N LEU KH 31 24.30 44.71 -99.88
CA LEU KH 31 25.23 44.88 -98.77
C LEU KH 31 26.19 46.01 -99.13
N VAL KH 32 26.15 47.09 -98.36
CA VAL KH 32 26.96 48.26 -98.68
C VAL KH 32 28.00 48.56 -97.62
N GLY KH 33 27.85 48.03 -96.40
CA GLY KH 33 28.60 48.55 -95.28
C GLY KH 33 29.02 47.45 -94.33
N TYR KH 34 29.96 47.80 -93.47
CA TYR KH 34 30.61 46.86 -92.57
C TYR KH 34 31.27 47.68 -91.47
N GLU KH 35 30.79 47.52 -90.24
CA GLU KH 35 31.15 48.43 -89.16
C GLU KH 35 31.60 47.66 -87.93
N LYS KH 36 32.72 48.09 -87.36
CA LYS KH 36 33.25 47.54 -86.11
C LYS KH 36 33.30 48.67 -85.08
N ILE KH 37 32.73 48.42 -83.91
CA ILE KH 37 32.65 49.44 -82.87
C ILE KH 37 33.34 48.99 -81.59
N GLY KH 38 33.94 47.82 -81.57
CA GLY KH 38 34.58 47.30 -80.38
C GLY KH 38 33.72 46.29 -79.65
N THR KH 39 34.34 45.63 -78.68
CA THR KH 39 33.85 44.42 -77.98
C THR KH 39 33.33 43.35 -78.92
N GLY KH 40 33.96 43.17 -80.08
CA GLY KH 40 33.53 42.18 -81.04
C GLY KH 40 32.21 42.44 -81.71
N ARG KH 41 31.62 43.62 -81.51
CA ARG KH 41 30.31 43.94 -82.07
C ARG KH 41 30.50 44.43 -83.50
N VAL KH 42 30.07 43.60 -84.45
CA VAL KH 42 30.27 43.86 -85.86
C VAL KH 42 28.91 44.00 -86.53
N THR KH 43 28.75 45.04 -87.36
CA THR KH 43 27.48 45.37 -87.99
C THR KH 43 27.65 45.35 -89.49
N VAL KH 44 26.70 44.73 -90.19
CA VAL KH 44 26.60 44.82 -91.64
C VAL KH 44 25.35 45.62 -92.00
N ILE KH 45 25.48 46.45 -93.04
CA ILE KH 45 24.46 47.40 -93.45
C ILE KH 45 24.00 47.03 -94.84
N VAL KH 46 22.69 46.80 -95.00
CA VAL KH 46 22.11 46.54 -96.31
C VAL KH 46 21.22 47.72 -96.69
N ARG KH 47 21.16 47.99 -97.99
CA ARG KH 47 20.25 48.97 -98.55
C ARG KH 47 19.30 48.30 -99.52
N GLY KH 48 18.10 48.85 -99.64
CA GLY KH 48 17.13 48.31 -100.57
C GLY KH 48 15.77 48.87 -100.27
N ASP KH 49 14.75 48.28 -100.88
CA ASP KH 49 13.38 48.62 -100.51
C ASP KH 49 13.10 48.09 -99.11
N VAL KH 50 12.14 48.74 -98.43
CA VAL KH 50 11.88 48.44 -97.02
C VAL KH 50 11.28 47.05 -96.84
N SER KH 51 10.52 46.57 -97.83
CA SER KH 51 10.01 45.21 -97.79
C SER KH 51 11.14 44.20 -98.00
N GLU KH 52 12.09 44.52 -98.88
CA GLU KH 52 13.23 43.64 -99.11
C GLU KH 52 14.20 43.68 -97.93
N VAL KH 53 14.34 44.85 -97.30
CA VAL KH 53 15.22 44.96 -96.14
C VAL KH 53 14.64 44.20 -94.96
N GLN KH 54 13.31 44.21 -94.82
CA GLN KH 54 12.66 43.47 -93.74
C GLN KH 54 12.78 41.96 -93.94
N ALA KH 55 12.73 41.51 -95.18
CA ALA KH 55 12.85 40.08 -95.45
C ALA KH 55 14.29 39.61 -95.30
N SER KH 56 15.26 40.49 -95.59
CA SER KH 56 16.65 40.11 -95.48
C SER KH 56 17.12 40.09 -94.04
N VAL KH 57 16.70 41.09 -93.24
CA VAL KH 57 17.12 41.19 -91.85
C VAL KH 57 16.54 40.04 -91.03
N SER KH 58 15.31 39.62 -91.34
CA SER KH 58 14.71 38.49 -90.66
C SER KH 58 15.39 37.18 -91.02
N ALA KH 59 15.92 37.08 -92.25
CA ALA KH 59 16.63 35.87 -92.65
C ALA KH 59 18.07 35.90 -92.17
N GLY KH 60 18.67 37.09 -92.07
CA GLY KH 60 20.02 37.19 -91.56
C GLY KH 60 20.09 36.97 -90.06
N THR KH 61 18.99 37.24 -89.35
CA THR KH 61 18.94 36.97 -87.91
C THR KH 61 18.85 35.47 -87.64
N GLU KH 62 18.08 34.76 -88.45
CA GLU KH 62 17.89 33.33 -88.27
C GLU KH 62 19.15 32.54 -88.63
N SER KH 63 20.01 33.09 -89.48
CA SER KH 63 21.17 32.34 -89.95
C SER KH 63 22.35 32.42 -88.99
N VAL KH 64 22.32 33.34 -88.02
CA VAL KH 64 23.38 33.39 -87.03
C VAL KH 64 23.20 32.26 -86.01
N LYS KH 65 21.97 31.77 -85.87
CA LYS KH 65 21.69 30.65 -84.98
C LYS KH 65 22.35 29.35 -85.41
N ARG KH 66 22.68 29.21 -86.70
CA ARG KH 66 23.42 28.04 -87.17
C ARG KH 66 24.92 28.19 -87.01
N VAL KH 67 25.42 29.39 -86.75
CA VAL KH 67 26.84 29.59 -86.46
C VAL KH 67 27.08 29.29 -84.99
N ASN KH 68 28.02 28.39 -84.72
CA ASN KH 68 28.43 28.09 -83.34
C ASN KH 68 29.40 29.17 -82.86
N GLY KH 69 28.99 29.90 -81.83
CA GLY KH 69 29.75 31.01 -81.32
C GLY KH 69 29.32 32.36 -81.85
N GLY KH 70 28.20 32.44 -82.54
CA GLY KH 70 27.68 33.70 -83.03
C GLY KH 70 26.37 34.04 -82.36
N GLN KH 71 26.10 35.34 -82.30
CA GLN KH 71 24.95 35.83 -81.55
C GLN KH 71 24.54 37.19 -82.10
N VAL KH 72 23.28 37.30 -82.50
CA VAL KH 72 22.71 38.56 -82.94
C VAL KH 72 22.52 39.44 -81.70
N LEU KH 73 23.13 40.62 -81.71
CA LEU KH 73 22.98 41.53 -80.58
C LEU KH 73 21.87 42.53 -80.84
N SER KH 74 21.82 43.09 -82.04
CA SER KH 74 20.84 44.13 -82.34
C SER KH 74 20.57 44.15 -83.83
N THR KH 75 19.29 44.27 -84.17
CA THR KH 75 18.86 44.48 -85.54
C THR KH 75 17.96 45.71 -85.60
N HIS KH 76 18.00 46.41 -86.72
CA HIS KH 76 17.11 47.54 -86.92
C HIS KH 76 16.91 47.78 -88.41
N ILE KH 77 15.75 48.36 -88.74
CA ILE KH 77 15.35 48.69 -90.11
C ILE KH 77 14.78 50.10 -90.08
N ILE KH 78 15.28 50.97 -90.97
CA ILE KH 78 14.76 52.31 -91.16
C ILE KH 78 14.24 52.40 -92.59
N ALA KH 79 12.95 52.77 -92.73
CA ALA KH 79 12.28 52.70 -94.03
C ALA KH 79 12.84 53.71 -95.01
N ARG KH 80 13.18 54.91 -94.53
CA ARG KH 80 13.78 55.95 -95.36
C ARG KH 80 14.64 56.80 -94.45
N PRO KH 81 15.95 56.57 -94.44
CA PRO KH 81 16.83 57.40 -93.61
C PRO KH 81 16.93 58.82 -94.14
N HIS KH 82 17.28 59.72 -93.24
CA HIS KH 82 17.48 61.11 -93.61
C HIS KH 82 18.72 61.24 -94.49
N GLU KH 83 18.75 62.31 -95.29
CA GLU KH 83 19.91 62.55 -96.15
C GLU KH 83 21.11 63.03 -95.36
N ASN KH 84 20.91 63.45 -94.11
CA ASN KH 84 22.02 63.77 -93.22
C ASN KH 84 22.83 62.54 -92.84
N LEU KH 85 22.17 61.38 -92.75
CA LEU KH 85 22.83 60.18 -92.23
C LEU KH 85 23.80 59.56 -93.23
N GLU KH 86 23.64 59.86 -94.52
CA GLU KH 86 24.51 59.28 -95.53
C GLU KH 86 25.91 59.87 -95.46
N TYR KH 87 26.02 61.11 -95.00
CA TYR KH 87 27.32 61.78 -94.99
C TYR KH 87 28.06 61.53 -93.69
N VAL KH 88 27.34 61.26 -92.60
CA VAL KH 88 28.00 61.07 -91.31
C VAL KH 88 28.20 59.58 -91.03
N LEU KH 89 27.18 58.80 -91.18
CA LEU KH 89 27.20 57.39 -90.89
C LEU KH 89 27.54 56.58 -92.14
N PRO KH 90 28.26 55.46 -92.00
CA PRO KH 90 28.67 54.67 -93.18
C PRO KH 90 27.58 53.73 -93.68
N ILE KH 91 26.46 54.31 -94.10
CA ILE KH 91 25.33 53.57 -94.63
C ILE KH 91 25.09 53.86 -96.11
N ARG KH 92 25.96 54.64 -96.75
CA ARG KH 92 25.75 55.04 -98.12
C ARG KH 92 26.31 54.00 -99.08
N TYR KH 93 25.85 54.07 -100.33
CA TYR KH 93 26.39 53.23 -101.38
C TYR KH 93 27.80 53.66 -101.73
N THR KH 94 28.72 52.71 -101.77
CA THR KH 94 30.08 52.98 -102.19
C THR KH 94 30.23 52.76 -103.69
N GLU KH 95 31.43 53.01 -104.20
CA GLU KH 95 31.67 52.90 -105.64
C GLU KH 95 31.74 51.46 -106.10
N GLU KH 96 32.13 50.54 -105.21
CA GLU KH 96 32.33 49.15 -105.63
C GLU KH 96 31.04 48.36 -105.59
N VAL KH 97 30.03 48.85 -104.87
CA VAL KH 97 28.78 48.11 -104.71
C VAL KH 97 27.69 48.63 -105.66
N GLU KH 98 28.06 49.46 -106.64
CA GLU KH 98 27.08 50.00 -107.57
C GLU KH 98 26.60 48.96 -108.58
N GLN KH 99 27.35 47.86 -108.75
CA GLN KH 99 26.92 46.80 -109.66
C GLN KH 99 25.79 45.98 -109.07
N PHE KH 100 25.64 45.97 -107.74
CA PHE KH 100 24.62 45.19 -107.07
C PHE KH 100 23.40 46.00 -106.71
N ARG KH 101 23.35 47.28 -107.05
CA ARG KH 101 22.21 48.13 -106.71
C ARG KH 101 21.01 47.87 -107.62
N MET LH 1 -22.36 54.42 -88.24
CA MET LH 1 -21.68 53.84 -89.39
C MET LH 1 -21.83 54.71 -90.63
N GLN LH 2 -20.97 54.48 -91.60
CA GLN LH 2 -21.05 55.11 -92.90
C GLN LH 2 -21.00 54.04 -93.97
N MET LH 3 -21.66 54.31 -95.10
CA MET LH 3 -21.56 53.45 -96.25
C MET LH 3 -20.36 53.86 -97.09
N ALA LH 4 -19.56 52.89 -97.48
CA ALA LH 4 -18.35 53.16 -98.26
C ALA LH 4 -18.19 52.10 -99.33
N LYS LH 5 -17.46 52.46 -100.37
CA LYS LH 5 -17.11 51.55 -101.46
C LYS LH 5 -15.63 51.23 -101.38
N VAL LH 6 -15.29 49.95 -101.51
CA VAL LH 6 -13.89 49.51 -101.45
C VAL LH 6 -13.23 49.95 -102.76
N CYS LH 7 -12.32 50.91 -102.67
CA CYS LH 7 -11.64 51.39 -103.87
C CYS LH 7 -10.22 50.86 -103.96
N GLY LH 8 -9.67 50.33 -102.87
CA GLY LH 8 -8.36 49.75 -102.96
C GLY LH 8 -7.79 49.32 -101.63
N THR LH 9 -6.50 48.98 -101.65
CA THR LH 9 -5.79 48.48 -100.49
C THR LH 9 -4.61 49.38 -100.19
N VAL LH 10 -4.28 49.48 -98.90
CA VAL LH 10 -3.12 50.22 -98.43
C VAL LH 10 -2.22 49.24 -97.68
N VAL LH 11 -0.97 49.15 -98.10
CA VAL LH 11 0.00 48.23 -97.51
C VAL LH 11 1.12 49.06 -96.90
N GLY LH 12 1.38 48.86 -95.61
CA GLY LH 12 2.54 49.45 -94.97
C GLY LH 12 3.39 48.40 -94.31
N THR LH 13 4.71 48.44 -94.54
CA THR LH 13 5.59 47.46 -93.93
C THR LH 13 6.20 47.93 -92.62
N GLN LH 14 6.60 49.19 -92.53
CA GLN LH 14 7.08 49.78 -91.28
C GLN LH 14 5.88 50.33 -90.53
N LYS LH 15 5.48 49.64 -89.47
CA LYS LH 15 4.30 50.01 -88.72
C LYS LH 15 4.52 49.62 -87.26
N LEU LH 16 3.51 49.86 -86.45
CA LEU LH 16 3.53 49.41 -85.07
C LEU LH 16 3.40 47.89 -85.01
N PRO LH 17 3.98 47.24 -83.99
CA PRO LH 17 3.84 45.78 -83.88
C PRO LH 17 2.43 45.32 -83.58
N SER LH 18 1.58 46.20 -83.06
CA SER LH 18 0.18 45.87 -82.86
C SER LH 18 -0.64 46.06 -84.13
N MET LH 19 -0.03 46.60 -85.19
CA MET LH 19 -0.74 46.79 -86.45
C MET LH 19 -0.49 45.66 -87.45
N THR LH 20 0.23 44.62 -87.07
CA THR LH 20 0.51 43.53 -88.02
C THR LH 20 -0.68 42.57 -88.07
N GLY LH 21 -0.86 41.95 -89.23
CA GLY LH 21 -2.01 41.12 -89.47
C GLY LH 21 -3.29 41.85 -89.80
N VAL LH 22 -3.29 43.18 -89.74
CA VAL LH 22 -4.47 44.00 -89.97
C VAL LH 22 -4.54 44.32 -91.46
N LYS LH 23 -5.61 43.88 -92.11
CA LYS LH 23 -5.84 44.18 -93.51
C LYS LH 23 -6.44 45.58 -93.64
N LEU LH 24 -5.78 46.44 -94.41
CA LEU LH 24 -6.15 47.84 -94.52
C LEU LH 24 -6.74 48.11 -95.89
N LEU LH 25 -8.00 48.52 -95.92
CA LEU LH 25 -8.71 48.82 -97.15
C LEU LH 25 -8.88 50.33 -97.31
N LEU LH 26 -8.60 50.80 -98.53
CA LEU LH 26 -8.89 52.18 -98.91
C LEU LH 26 -10.34 52.23 -99.35
N LEU LH 27 -11.17 52.95 -98.60
CA LEU LH 27 -12.61 53.00 -98.81
C LEU LH 27 -13.03 54.42 -99.13
N GLN LH 28 -13.78 54.60 -100.20
CA GLN LH 28 -14.36 55.90 -100.52
C GLN LH 28 -15.80 55.92 -100.06
N PHE LH 29 -16.17 56.96 -99.33
CA PHE LH 29 -17.53 57.10 -98.83
C PHE LH 29 -18.49 57.41 -99.95
N ILE LH 30 -19.66 56.78 -99.90
CA ILE LH 30 -20.75 57.01 -100.83
C ILE LH 30 -21.88 57.67 -100.07
N ASP LH 31 -22.70 58.45 -100.76
CA ASP LH 31 -23.77 59.16 -100.07
C ASP LH 31 -24.99 58.27 -99.92
N ALA LH 32 -26.06 58.84 -99.37
CA ALA LH 32 -27.31 58.10 -99.24
C ALA LH 32 -27.99 57.91 -100.59
N ASN LH 33 -27.64 58.72 -101.58
CA ASN LH 33 -28.23 58.58 -102.91
C ASN LH 33 -27.46 57.59 -103.77
N GLY LH 34 -26.23 57.26 -103.39
CA GLY LH 34 -25.45 56.25 -104.08
C GLY LH 34 -24.19 56.73 -104.79
N GLU LH 35 -23.94 58.03 -104.84
CA GLU LH 35 -22.79 58.57 -105.56
C GLU LH 35 -21.58 58.66 -104.62
N LEU LH 36 -20.39 58.66 -105.22
CA LEU LH 36 -19.16 58.69 -104.45
C LEU LH 36 -18.90 60.09 -103.92
N LEU LH 37 -18.65 60.20 -102.63
CA LEU LH 37 -18.29 61.45 -102.00
C LEU LH 37 -16.78 61.68 -102.13
N PRO LH 38 -16.33 62.94 -102.17
CA PRO LH 38 -14.88 63.22 -102.14
C PRO LH 38 -14.30 63.13 -100.73
N LYS LH 39 -14.41 61.95 -100.13
CA LYS LH 39 -13.98 61.69 -98.77
C LYS LH 39 -13.68 60.21 -98.66
N TYR LH 40 -12.57 59.86 -98.03
CA TYR LH 40 -12.12 58.49 -97.96
C TYR LH 40 -11.84 58.09 -96.52
N GLU LH 41 -11.46 56.83 -96.35
CA GLU LH 41 -11.07 56.27 -95.08
C GLU LH 41 -10.17 55.07 -95.35
N VAL LH 42 -9.25 54.81 -94.43
CA VAL LH 42 -8.52 53.56 -94.39
C VAL LH 42 -8.98 52.81 -93.16
N ALA LH 43 -9.52 51.61 -93.34
CA ALA LH 43 -10.13 50.87 -92.26
C ALA LH 43 -9.60 49.45 -92.21
N ALA LH 44 -9.65 48.88 -91.01
CA ALA LH 44 -9.41 47.46 -90.83
C ALA LH 44 -10.57 46.67 -91.41
N ASP LH 45 -10.27 45.47 -91.91
CA ASP LH 45 -11.24 44.63 -92.61
C ASP LH 45 -11.28 43.24 -92.01
N PRO LH 46 -12.03 43.04 -90.92
CA PRO LH 46 -12.22 41.66 -90.42
C PRO LH 46 -13.22 40.89 -91.26
N VAL LH 47 -14.27 41.54 -91.73
CA VAL LH 47 -15.24 40.95 -92.64
C VAL LH 47 -14.65 41.06 -94.03
N GLY LH 48 -14.31 39.92 -94.64
CA GLY LH 48 -13.46 39.92 -95.82
C GLY LH 48 -14.14 40.55 -97.03
N ALA LH 49 -13.69 41.74 -97.40
CA ALA LH 49 -14.33 42.55 -98.42
C ALA LH 49 -13.33 42.89 -99.52
N GLY LH 50 -13.77 42.76 -100.77
CA GLY LH 50 -12.92 43.01 -101.90
C GLY LH 50 -13.30 44.27 -102.66
N LEU LH 51 -12.55 44.52 -103.72
CA LEU LH 51 -12.63 45.77 -104.47
C LEU LH 51 -13.97 45.91 -105.17
N GLY LH 52 -14.66 47.02 -104.89
CA GLY LH 52 -15.94 47.31 -105.48
C GLY LH 52 -17.13 47.10 -104.57
N GLU LH 53 -16.96 46.43 -103.44
CA GLU LH 53 -18.07 46.11 -102.56
C GLU LH 53 -18.51 47.34 -101.77
N TRP LH 54 -19.75 47.31 -101.31
CA TRP LH 54 -20.30 48.31 -100.42
C TRP LH 54 -20.20 47.80 -98.99
N VAL LH 55 -19.59 48.60 -98.12
CA VAL LH 55 -19.33 48.18 -96.75
C VAL LH 55 -19.90 49.21 -95.79
N LEU LH 56 -20.12 48.76 -94.55
CA LEU LH 56 -20.43 49.65 -93.45
C LEU LH 56 -19.17 49.85 -92.62
N VAL LH 57 -18.83 51.12 -92.36
CA VAL LH 57 -17.59 51.48 -91.70
C VAL LH 57 -17.93 52.26 -90.44
N ASN LH 58 -17.44 51.79 -89.30
CA ASN LH 58 -17.60 52.57 -88.08
C ASN LH 58 -16.36 53.45 -87.89
N ARG LH 59 -16.44 54.37 -86.95
CA ARG LH 59 -15.33 55.28 -86.69
C ARG LH 59 -15.12 55.36 -85.19
N GLY LH 60 -13.86 55.61 -84.81
CA GLY LH 60 -13.54 55.85 -83.42
C GLY LH 60 -13.19 54.60 -82.64
N SER LH 61 -13.62 54.56 -81.38
CA SER LH 61 -13.31 53.44 -80.50
C SER LH 61 -14.20 52.23 -80.74
N ALA LH 62 -15.18 52.34 -81.64
CA ALA LH 62 -15.98 51.20 -82.04
C ALA LH 62 -15.21 50.23 -82.91
N ALA LH 63 -14.11 50.68 -83.52
CA ALA LH 63 -13.24 49.80 -84.28
C ALA LH 63 -12.49 48.81 -83.39
N ARG LH 64 -12.43 49.07 -82.09
CA ARG LH 64 -11.69 48.24 -81.15
C ARG LH 64 -12.60 47.37 -80.30
N GLN LH 65 -13.76 46.99 -80.83
CA GLN LH 65 -14.74 46.23 -80.06
C GLN LH 65 -14.85 44.77 -80.45
N THR LH 66 -14.14 44.34 -81.50
CA THR LH 66 -14.31 42.99 -82.03
C THR LH 66 -13.39 41.96 -81.38
N GLU LH 67 -12.95 42.25 -80.15
CA GLU LH 67 -12.23 41.39 -79.20
C GLU LH 67 -10.88 40.86 -79.68
N TYR LH 68 -10.44 41.27 -80.88
CA TYR LH 68 -9.06 41.08 -81.28
C TYR LH 68 -8.45 42.35 -81.88
N HIS LH 69 -9.25 43.41 -82.02
CA HIS LH 69 -8.76 44.75 -82.33
C HIS LH 69 -8.70 45.62 -81.10
N GLN LH 70 -8.67 45.02 -79.90
CA GLN LH 70 -8.97 45.74 -78.67
C GLN LH 70 -7.87 46.72 -78.28
N ASN LH 71 -6.62 46.29 -78.34
CA ASN LH 71 -5.51 47.15 -77.96
C ASN LH 71 -4.72 47.60 -79.18
N ARG LH 72 -5.34 47.55 -80.35
CA ARG LH 72 -4.79 47.95 -81.63
C ARG LH 72 -5.15 49.40 -81.92
N PRO LH 73 -4.23 50.19 -82.47
CA PRO LH 73 -4.49 51.61 -82.75
C PRO LH 73 -5.31 51.83 -84.01
N LEU LH 74 -6.56 51.38 -83.96
CA LEU LH 74 -7.48 51.44 -85.09
C LEU LH 74 -8.63 52.36 -84.76
N ASP LH 75 -8.99 53.23 -85.70
CA ASP LH 75 -10.11 54.15 -85.53
C ASP LH 75 -11.15 54.00 -86.64
N ALA LH 76 -11.05 52.96 -87.46
CA ALA LH 76 -12.00 52.70 -88.52
C ALA LH 76 -11.96 51.21 -88.83
N MET LH 77 -13.12 50.63 -89.08
CA MET LH 77 -13.24 49.19 -89.27
C MET LH 77 -14.46 48.90 -90.13
N VAL LH 78 -14.30 48.01 -91.10
CA VAL LH 78 -15.46 47.48 -91.82
C VAL LH 78 -16.18 46.50 -90.89
N VAL LH 79 -17.44 46.80 -90.59
CA VAL LH 79 -18.23 45.95 -89.70
C VAL LH 79 -19.18 45.05 -90.47
N ALA LH 80 -19.53 45.40 -91.70
CA ALA LH 80 -20.51 44.64 -92.46
C ALA LH 80 -20.26 44.87 -93.94
N ILE LH 81 -20.56 43.85 -94.74
CA ILE LH 81 -20.67 44.01 -96.18
C ILE LH 81 -22.13 44.22 -96.51
N ILE LH 82 -22.43 45.29 -97.21
CA ILE LH 82 -23.81 45.68 -97.47
C ILE LH 82 -24.42 44.74 -98.48
N ASP LH 83 -25.54 44.12 -98.11
CA ASP LH 83 -26.33 43.31 -99.03
C ASP LH 83 -27.35 44.15 -99.78
N THR LH 84 -28.17 44.91 -99.05
CA THR LH 84 -29.27 45.66 -99.65
C THR LH 84 -29.40 47.00 -98.96
N VAL LH 85 -29.51 48.07 -99.75
CA VAL LH 85 -29.93 49.38 -99.26
C VAL LH 85 -31.29 49.68 -99.85
N THR LH 86 -32.28 49.84 -98.98
CA THR LH 86 -33.64 50.20 -99.39
C THR LH 86 -33.89 51.61 -98.92
N VAL LH 87 -34.17 52.53 -99.84
CA VAL LH 87 -34.47 53.93 -99.52
C VAL LH 87 -35.86 54.23 -100.02
N ASN LH 88 -36.73 54.69 -99.10
CA ASN LH 88 -38.13 55.06 -99.37
C ASN LH 88 -38.90 53.89 -99.98
N ASN LH 89 -38.72 52.71 -99.39
CA ASN LH 89 -39.25 51.41 -99.82
C ASN LH 89 -38.82 51.01 -101.22
N ARG LH 90 -37.77 51.62 -101.76
CA ARG LH 90 -37.23 51.29 -103.07
C ARG LH 90 -35.80 50.81 -102.90
N ARG LH 91 -35.48 49.67 -103.51
CA ARG LH 91 -34.14 49.12 -103.39
C ARG LH 91 -33.14 49.97 -104.17
N LEU LH 92 -32.17 50.52 -103.44
CA LEU LH 92 -31.08 51.29 -104.02
C LEU LH 92 -29.90 50.43 -104.43
N TYR LH 93 -29.56 49.43 -103.62
CA TYR LH 93 -28.42 48.57 -103.86
C TYR LH 93 -28.83 47.12 -103.62
N GLY LH 94 -28.27 46.22 -104.41
CA GLY LH 94 -28.54 44.80 -104.26
C GLY LH 94 -29.58 44.28 -105.23
N ALA MH 2 52.66 -53.29 -86.63
CA ALA MH 2 52.09 -54.42 -87.34
C ALA MH 2 50.58 -54.27 -87.48
N VAL MH 3 49.91 -55.40 -87.70
CA VAL MH 3 48.44 -55.45 -87.78
C VAL MH 3 47.88 -55.10 -86.41
N ALA MH 4 46.80 -54.29 -86.40
CA ALA MH 4 46.27 -53.69 -85.19
C ALA MH 4 45.75 -54.73 -84.20
N VAL MH 5 45.87 -54.40 -82.91
CA VAL MH 5 45.46 -55.28 -81.82
C VAL MH 5 44.27 -54.64 -81.12
N GLY MH 6 43.25 -55.42 -80.86
CA GLY MH 6 42.16 -55.01 -80.00
C GLY MH 6 42.02 -55.96 -78.83
N MET MH 7 41.76 -55.40 -77.66
CA MET MH 7 41.63 -56.17 -76.43
C MET MH 7 40.40 -55.70 -75.68
N ILE MH 8 39.60 -56.65 -75.22
CA ILE MH 8 38.50 -56.38 -74.30
C ILE MH 8 38.70 -57.26 -73.08
N GLU MH 9 38.87 -56.64 -71.93
CA GLU MH 9 38.99 -57.37 -70.67
C GLU MH 9 37.66 -57.34 -69.93
N THR MH 10 37.13 -58.51 -69.64
CA THR MH 10 35.87 -58.62 -68.90
C THR MH 10 36.11 -59.36 -67.59
N LEU MH 11 35.16 -59.17 -66.67
CA LEU MH 11 35.11 -59.90 -65.42
C LEU MH 11 34.11 -61.04 -65.60
N GLY MH 12 34.59 -62.21 -65.97
CA GLY MH 12 33.71 -63.34 -66.21
C GLY MH 12 33.86 -63.96 -67.58
N PHE MH 13 33.71 -65.27 -67.65
CA PHE MH 13 33.81 -66.01 -68.90
C PHE MH 13 32.58 -65.93 -69.83
N PRO MH 14 31.32 -65.89 -69.35
CA PRO MH 14 30.23 -65.59 -70.30
C PRO MH 14 30.31 -64.21 -70.92
N ALA MH 15 30.91 -63.23 -70.22
CA ALA MH 15 31.04 -61.90 -70.78
C ALA MH 15 32.16 -61.83 -71.80
N VAL MH 16 33.15 -62.73 -71.71
CA VAL MH 16 34.29 -62.64 -72.61
C VAL MH 16 34.01 -63.42 -73.88
N VAL MH 17 33.07 -64.37 -73.85
CA VAL MH 17 32.69 -65.08 -75.04
C VAL MH 17 31.74 -64.22 -75.87
N GLU MH 18 30.87 -63.46 -75.20
CA GLU MH 18 30.05 -62.47 -75.90
C GLU MH 18 30.90 -61.35 -76.45
N ALA MH 19 31.96 -60.96 -75.74
CA ALA MH 19 32.90 -59.98 -76.28
C ALA MH 19 33.63 -60.53 -77.49
N ALA MH 20 34.06 -61.78 -77.44
CA ALA MH 20 34.76 -62.38 -78.57
C ALA MH 20 33.82 -62.63 -79.73
N ASP MH 21 32.55 -62.95 -79.45
CA ASP MH 21 31.61 -63.25 -80.52
C ASP MH 21 31.11 -61.99 -81.21
N ALA MH 22 30.88 -60.93 -80.45
CA ALA MH 22 30.40 -59.69 -81.05
C ALA MH 22 31.52 -58.97 -81.79
N MET MH 23 32.77 -59.23 -81.45
CA MET MH 23 33.88 -58.57 -82.13
C MET MH 23 34.07 -59.12 -83.53
N VAL MH 24 34.08 -60.44 -83.68
CA VAL MH 24 34.31 -61.01 -85.00
C VAL MH 24 33.03 -61.00 -85.84
N LYS MH 25 31.90 -60.63 -85.24
CA LYS MH 25 30.66 -60.49 -86.00
C LYS MH 25 30.44 -59.05 -86.43
N ALA MH 26 31.04 -58.08 -85.73
CA ALA MH 26 30.82 -56.69 -86.09
C ALA MH 26 31.68 -56.27 -87.27
N ALA MH 27 32.87 -56.86 -87.40
CA ALA MH 27 33.81 -56.44 -88.44
C ALA MH 27 34.69 -57.62 -88.82
N ARG MH 28 35.58 -57.38 -89.78
CA ARG MH 28 36.49 -58.40 -90.30
C ARG MH 28 37.77 -58.36 -89.45
N VAL MH 29 37.67 -58.95 -88.27
CA VAL MH 29 38.80 -59.13 -87.38
C VAL MH 29 39.00 -60.62 -87.15
N THR MH 30 40.18 -60.97 -86.68
CA THR MH 30 40.52 -62.35 -86.35
C THR MH 30 40.78 -62.44 -84.85
N LEU MH 31 39.90 -63.15 -84.15
CA LEU MH 31 40.13 -63.49 -82.76
C LEU MH 31 41.31 -64.45 -82.68
N VAL MH 32 42.40 -64.00 -82.07
CA VAL MH 32 43.62 -64.80 -82.03
C VAL MH 32 43.95 -65.29 -80.63
N GLY MH 33 43.43 -64.66 -79.60
CA GLY MH 33 43.94 -64.86 -78.27
C GLY MH 33 42.84 -64.88 -77.23
N TYR MH 34 43.18 -65.45 -76.08
CA TYR MH 34 42.26 -65.60 -74.96
C TYR MH 34 43.13 -65.72 -73.72
N GLU MH 35 43.12 -64.68 -72.88
CA GLU MH 35 44.12 -64.52 -71.85
C GLU MH 35 43.48 -64.39 -70.49
N LYS MH 36 43.92 -65.24 -69.55
CA LYS MH 36 43.48 -65.20 -68.17
C LYS MH 36 44.65 -64.75 -67.31
N ILE MH 37 44.42 -63.76 -66.46
CA ILE MH 37 45.44 -63.20 -65.60
C ILE MH 37 45.08 -63.32 -64.12
N GLY MH 38 43.99 -64.00 -63.80
CA GLY MH 38 43.57 -64.19 -62.44
C GLY MH 38 42.48 -63.21 -62.01
N THR MH 39 41.84 -63.56 -60.91
CA THR MH 39 40.65 -62.90 -60.34
C THR MH 39 39.54 -62.66 -61.34
N GLY MH 40 39.33 -63.59 -62.26
CA GLY MH 40 38.25 -63.47 -63.21
C GLY MH 40 38.46 -62.50 -64.35
N ARG MH 41 39.59 -61.78 -64.36
CA ARG MH 41 39.90 -60.85 -65.43
C ARG MH 41 40.35 -61.66 -66.65
N VAL MH 42 39.49 -61.69 -67.67
CA VAL MH 42 39.72 -62.48 -68.86
C VAL MH 42 39.74 -61.52 -70.05
N THR MH 43 40.73 -61.68 -70.93
CA THR MH 43 40.92 -60.81 -72.08
C THR MH 43 40.93 -61.63 -73.36
N VAL MH 44 40.16 -61.19 -74.34
CA VAL MH 44 40.22 -61.73 -75.70
C VAL MH 44 40.92 -60.70 -76.59
N ILE MH 45 41.70 -61.19 -77.53
CA ILE MH 45 42.56 -60.38 -78.38
C ILE MH 45 42.16 -60.61 -79.83
N VAL MH 46 41.83 -59.53 -80.53
CA VAL MH 46 41.52 -59.61 -81.95
C VAL MH 46 42.60 -58.89 -82.74
N ARG MH 47 42.80 -59.33 -83.97
CA ARG MH 47 43.71 -58.69 -84.90
C ARG MH 47 42.96 -58.33 -86.17
N GLY MH 48 43.39 -57.25 -86.82
CA GLY MH 48 42.81 -56.87 -88.08
C GLY MH 48 43.24 -55.47 -88.46
N ASP MH 49 42.56 -54.92 -89.46
CA ASP MH 49 42.77 -53.53 -89.83
C ASP MH 49 42.24 -52.61 -88.74
N VAL MH 50 42.71 -51.36 -88.77
CA VAL MH 50 42.40 -50.41 -87.70
C VAL MH 50 40.92 -50.06 -87.70
N SER MH 51 40.32 -49.94 -88.89
CA SER MH 51 38.89 -49.67 -88.98
C SER MH 51 38.06 -50.84 -88.48
N GLU MH 52 38.51 -52.06 -88.74
CA GLU MH 52 37.78 -53.23 -88.28
C GLU MH 52 37.94 -53.43 -86.78
N VAL MH 53 39.14 -53.18 -86.25
CA VAL MH 53 39.39 -53.37 -84.82
C VAL MH 53 38.68 -52.29 -84.01
N GLN MH 54 38.64 -51.05 -84.51
CA GLN MH 54 37.91 -49.99 -83.83
C GLN MH 54 36.41 -50.25 -83.84
N ALA MH 55 35.89 -50.83 -84.91
CA ALA MH 55 34.47 -51.15 -84.97
C ALA MH 55 34.14 -52.35 -84.10
N SER MH 56 35.05 -53.33 -84.03
CA SER MH 56 34.79 -54.54 -83.26
C SER MH 56 34.84 -54.29 -81.76
N VAL MH 57 35.85 -53.55 -81.31
CA VAL MH 57 36.04 -53.31 -79.88
C VAL MH 57 34.93 -52.41 -79.34
N SER MH 58 34.49 -51.44 -80.14
CA SER MH 58 33.42 -50.56 -79.71
C SER MH 58 32.07 -51.27 -79.70
N ALA MH 59 31.84 -52.17 -80.67
CA ALA MH 59 30.60 -52.93 -80.66
C ALA MH 59 30.68 -54.10 -79.68
N GLY MH 60 31.88 -54.62 -79.45
CA GLY MH 60 32.05 -55.68 -78.48
C GLY MH 60 31.91 -55.19 -77.04
N THR MH 61 32.18 -53.90 -76.80
CA THR MH 61 32.04 -53.36 -75.46
C THR MH 61 30.58 -53.17 -75.08
N GLU MH 62 29.75 -52.74 -76.04
CA GLU MH 62 28.34 -52.52 -75.74
C GLU MH 62 27.57 -53.82 -75.65
N SER MH 63 28.09 -54.89 -76.26
CA SER MH 63 27.39 -56.16 -76.22
C SER MH 63 27.56 -56.87 -74.87
N VAL MH 64 28.67 -56.62 -74.18
CA VAL MH 64 28.89 -57.20 -72.85
C VAL MH 64 27.92 -56.64 -71.83
N LYS MH 65 27.51 -55.38 -71.97
CA LYS MH 65 26.48 -54.82 -71.09
C LYS MH 65 25.08 -55.12 -71.62
N ARG MH 66 24.88 -56.37 -72.02
CA ARG MH 66 23.58 -56.95 -72.35
C ARG MH 66 23.60 -58.37 -71.80
N VAL MH 67 24.71 -58.71 -71.15
CA VAL MH 67 24.88 -59.98 -70.45
C VAL MH 67 24.66 -59.73 -68.96
N ASN MH 68 23.86 -60.58 -68.33
CA ASN MH 68 23.66 -60.47 -66.90
C ASN MH 68 24.92 -60.95 -66.19
N GLY MH 69 25.44 -60.11 -65.29
CA GLY MH 69 26.71 -60.40 -64.66
C GLY MH 69 27.92 -60.08 -65.51
N GLY MH 70 27.73 -59.39 -66.63
CA GLY MH 70 28.81 -59.02 -67.52
C GLY MH 70 29.33 -57.63 -67.18
N GLN MH 71 30.66 -57.50 -67.15
CA GLN MH 71 31.31 -56.27 -66.77
C GLN MH 71 32.57 -56.09 -67.59
N VAL MH 72 32.62 -55.01 -68.38
CA VAL MH 72 33.83 -54.65 -69.12
C VAL MH 72 34.79 -54.00 -68.14
N LEU MH 73 35.99 -54.56 -68.01
CA LEU MH 73 36.98 -53.98 -67.13
C LEU MH 73 37.88 -53.00 -67.87
N SER MH 74 38.36 -53.40 -69.05
CA SER MH 74 39.32 -52.58 -69.76
C SER MH 74 39.28 -52.94 -71.25
N THR MH 75 39.18 -51.91 -72.08
CA THR MH 75 39.26 -52.06 -73.53
C THR MH 75 40.38 -51.20 -74.05
N HIS MH 76 41.05 -51.67 -75.10
CA HIS MH 76 42.09 -50.89 -75.74
C HIS MH 76 42.30 -51.34 -77.17
N ILE MH 77 42.70 -50.39 -78.02
CA ILE MH 77 43.09 -50.65 -79.40
C ILE MH 77 44.48 -50.08 -79.62
N ILE MH 78 45.40 -50.92 -80.07
CA ILE MH 78 46.71 -50.47 -80.52
C ILE MH 78 46.75 -50.60 -82.03
N ALA MH 79 46.78 -49.45 -82.72
CA ALA MH 79 46.59 -49.45 -84.17
C ALA MH 79 47.80 -49.98 -84.91
N ARG MH 80 48.99 -49.75 -84.37
CA ARG MH 80 50.23 -50.18 -85.01
C ARG MH 80 51.17 -50.68 -83.93
N PRO MH 81 51.03 -51.93 -83.51
CA PRO MH 81 51.92 -52.46 -82.48
C PRO MH 81 53.32 -52.72 -83.03
N HIS MH 82 54.30 -52.60 -82.15
CA HIS MH 82 55.67 -52.90 -82.49
C HIS MH 82 55.83 -54.40 -82.75
N GLU MH 83 56.81 -54.72 -83.60
CA GLU MH 83 57.08 -56.11 -83.94
C GLU MH 83 57.68 -56.89 -82.77
N ASN MH 84 58.15 -56.21 -81.72
CA ASN MH 84 58.62 -56.86 -80.51
C ASN MH 84 57.48 -57.52 -79.74
N LEU MH 85 56.27 -56.98 -79.82
CA LEU MH 85 55.20 -57.40 -78.92
C LEU MH 85 54.60 -58.75 -79.30
N GLU MH 86 54.70 -59.16 -80.56
CA GLU MH 86 54.12 -60.43 -80.96
C GLU MH 86 54.94 -61.61 -80.42
N TYR MH 87 56.22 -61.38 -80.15
CA TYR MH 87 57.07 -62.48 -79.70
C TYR MH 87 57.02 -62.63 -78.18
N VAL MH 88 56.58 -61.60 -77.47
CA VAL MH 88 56.55 -61.68 -76.01
C VAL MH 88 55.12 -61.86 -75.51
N LEU MH 89 54.21 -61.08 -76.03
CA LEU MH 89 52.83 -61.09 -75.59
C LEU MH 89 52.00 -62.04 -76.45
N PRO MH 90 50.96 -62.67 -75.88
CA PRO MH 90 50.10 -63.58 -76.66
C PRO MH 90 49.05 -62.84 -77.48
N ILE MH 91 49.53 -62.01 -78.42
CA ILE MH 91 48.66 -61.25 -79.31
C ILE MH 91 48.87 -61.64 -80.77
N ARG MH 92 49.61 -62.72 -81.04
CA ARG MH 92 50.02 -63.00 -82.40
C ARG MH 92 49.08 -64.02 -83.05
N TYR MH 93 49.18 -64.11 -84.37
CA TYR MH 93 48.44 -65.10 -85.13
C TYR MH 93 49.02 -66.48 -84.89
N THR MH 94 48.18 -67.43 -84.51
CA THR MH 94 48.57 -68.81 -84.41
C THR MH 94 48.06 -69.59 -85.62
N GLU MH 95 48.48 -70.85 -85.74
CA GLU MH 95 48.16 -71.62 -86.93
C GLU MH 95 46.70 -72.09 -86.91
N GLU MH 96 46.08 -72.11 -85.72
CA GLU MH 96 44.68 -72.51 -85.63
C GLU MH 96 43.74 -71.44 -86.16
N VAL MH 97 44.22 -70.20 -86.25
CA VAL MH 97 43.41 -69.08 -86.71
C VAL MH 97 43.96 -68.48 -88.01
N GLU MH 98 44.76 -69.22 -88.75
CA GLU MH 98 45.29 -68.70 -90.00
C GLU MH 98 44.27 -68.70 -91.13
N GLN MH 99 43.16 -69.43 -90.97
CA GLN MH 99 42.13 -69.44 -92.00
C GLN MH 99 41.25 -68.20 -91.94
N PHE MH 100 41.22 -67.52 -90.79
CA PHE MH 100 40.37 -66.35 -90.61
C PHE MH 100 41.08 -65.05 -90.90
N ARG MH 101 42.38 -65.06 -91.16
CA ARG MH 101 43.12 -63.84 -91.43
C ARG MH 101 42.79 -63.28 -92.82
N ALA NH 2 74.72 -55.95 -65.37
CA ALA NH 2 74.36 -56.28 -66.74
C ALA NH 2 73.62 -55.12 -67.39
N VAL NH 3 73.03 -55.40 -68.56
CA VAL NH 3 72.16 -54.44 -69.24
C VAL NH 3 70.93 -54.18 -68.37
N ALA NH 4 70.53 -52.91 -68.27
CA ALA NH 4 69.51 -52.49 -67.32
C ALA NH 4 68.15 -53.11 -67.62
N VAL NH 5 67.34 -53.25 -66.58
CA VAL NH 5 66.04 -53.89 -66.67
C VAL NH 5 64.99 -52.93 -66.13
N GLY NH 6 63.91 -52.75 -66.88
CA GLY NH 6 62.78 -51.97 -66.42
C GLY NH 6 61.52 -52.81 -66.40
N MET NH 7 60.74 -52.64 -65.34
CA MET NH 7 59.53 -53.42 -65.14
C MET NH 7 58.38 -52.46 -64.88
N ILE NH 8 57.27 -52.65 -65.58
CA ILE NH 8 56.02 -51.96 -65.29
C ILE NH 8 54.99 -53.01 -64.95
N GLU NH 9 54.45 -52.95 -63.74
CA GLU NH 9 53.35 -53.80 -63.34
C GLU NH 9 52.05 -53.04 -63.44
N THR NH 10 51.09 -53.60 -64.17
CA THR NH 10 49.77 -53.01 -64.30
C THR NH 10 48.72 -53.99 -63.78
N LEU NH 11 47.55 -53.44 -63.48
CA LEU NH 11 46.37 -54.24 -63.13
C LEU NH 11 45.55 -54.38 -64.40
N GLY NH 12 45.69 -55.52 -65.07
CA GLY NH 12 44.96 -55.73 -66.30
C GLY NH 12 45.84 -55.96 -67.51
N PHE NH 13 45.40 -56.83 -68.40
CA PHE NH 13 46.12 -57.14 -69.63
C PHE NH 13 46.03 -56.09 -70.75
N PRO NH 14 44.92 -55.38 -71.00
CA PRO NH 14 44.99 -54.29 -71.99
C PRO NH 14 45.89 -53.13 -71.58
N ALA NH 15 46.13 -52.95 -70.28
CA ALA NH 15 47.02 -51.89 -69.84
C ALA NH 15 48.48 -52.31 -69.99
N VAL NH 16 48.76 -53.61 -69.97
CA VAL NH 16 50.14 -54.06 -69.99
C VAL NH 16 50.65 -54.16 -71.42
N VAL NH 17 49.74 -54.22 -72.40
CA VAL NH 17 50.15 -54.26 -73.79
C VAL NH 17 50.37 -52.84 -74.31
N GLU NH 18 49.57 -51.89 -73.81
CA GLU NH 18 49.80 -50.49 -74.15
C GLU NH 18 51.05 -49.95 -73.46
N ALA NH 19 51.33 -50.41 -72.24
CA ALA NH 19 52.56 -50.06 -71.57
C ALA NH 19 53.76 -50.66 -72.29
N ALA NH 20 53.63 -51.88 -72.79
CA ALA NH 20 54.74 -52.52 -73.51
C ALA NH 20 54.92 -51.89 -74.89
N ASP NH 21 53.83 -51.46 -75.53
CA ASP NH 21 53.95 -50.84 -76.84
C ASP NH 21 54.50 -49.43 -76.74
N ALA NH 22 54.21 -48.73 -75.65
CA ALA NH 22 54.74 -47.39 -75.46
C ALA NH 22 56.22 -47.44 -75.10
N MET NH 23 56.67 -48.51 -74.45
CA MET NH 23 58.05 -48.58 -74.00
C MET NH 23 59.01 -48.79 -75.16
N VAL NH 24 58.69 -49.71 -76.07
CA VAL NH 24 59.62 -50.03 -77.14
C VAL NH 24 59.54 -49.02 -78.27
N LYS NH 25 58.55 -48.14 -78.24
CA LYS NH 25 58.49 -47.05 -79.20
C LYS NH 25 59.20 -45.81 -78.68
N ALA NH 26 59.24 -45.63 -77.37
CA ALA NH 26 59.79 -44.41 -76.78
C ALA NH 26 61.31 -44.39 -76.83
N ALA NH 27 61.94 -45.56 -76.71
CA ALA NH 27 63.39 -45.62 -76.63
C ALA NH 27 63.88 -46.95 -77.19
N ARG NH 28 65.20 -47.11 -77.21
CA ARG NH 28 65.85 -48.31 -77.74
C ARG NH 28 65.94 -49.37 -76.65
N VAL NH 29 64.77 -49.86 -76.26
CA VAL NH 29 64.67 -50.96 -75.31
C VAL NH 29 64.13 -52.17 -76.04
N THR NH 30 64.38 -53.34 -75.48
CA THR NH 30 63.87 -54.59 -75.99
C THR NH 30 62.92 -55.19 -74.95
N LEU NH 31 61.65 -55.33 -75.32
CA LEU NH 31 60.71 -56.09 -74.51
C LEU NH 31 61.12 -57.55 -74.54
N VAL NH 32 61.49 -58.09 -73.38
CA VAL NH 32 61.98 -59.45 -73.30
C VAL NH 32 61.08 -60.36 -72.49
N GLY NH 33 60.21 -59.81 -71.65
CA GLY NH 33 59.58 -60.61 -70.62
C GLY NH 33 58.14 -60.21 -70.42
N TYR NH 34 57.39 -61.10 -69.79
CA TYR NH 34 55.96 -60.96 -69.59
C TYR NH 34 55.57 -61.91 -68.47
N GLU NH 35 55.15 -61.36 -67.33
CA GLU NH 35 55.01 -62.14 -66.12
C GLU NH 35 53.63 -61.94 -65.51
N LYS NH 36 53.00 -63.04 -65.13
CA LYS NH 36 51.73 -63.05 -64.42
C LYS NH 36 51.95 -63.66 -63.05
N ILE NH 37 51.55 -62.95 -62.00
CA ILE NH 37 51.79 -63.37 -60.63
C ILE NH 37 50.49 -63.51 -59.84
N GLY NH 38 49.35 -63.33 -60.48
CA GLY NH 38 48.07 -63.44 -59.81
C GLY NH 38 47.47 -62.08 -59.47
N THR NH 39 46.19 -62.13 -59.09
CA THR NH 39 45.29 -60.98 -58.88
C THR NH 39 45.31 -59.98 -60.03
N GLY NH 40 45.47 -60.44 -61.26
CA GLY NH 40 45.53 -59.53 -62.38
C GLY NH 40 46.77 -58.68 -62.47
N ARG NH 41 47.78 -58.95 -61.64
CA ARG NH 41 49.02 -58.17 -61.65
C ARG NH 41 49.92 -58.72 -62.75
N VAL NH 42 50.06 -57.94 -63.82
CA VAL NH 42 50.81 -58.36 -65.01
C VAL NH 42 51.99 -57.41 -65.18
N THR NH 43 53.16 -57.98 -65.46
CA THR NH 43 54.40 -57.22 -65.55
C THR NH 43 55.07 -57.46 -66.89
N VAL NH 44 55.44 -56.38 -67.57
CA VAL NH 44 56.28 -56.43 -68.76
C VAL NH 44 57.68 -55.97 -68.39
N ILE NH 45 58.68 -56.59 -69.02
CA ILE NH 45 60.08 -56.41 -68.67
C ILE NH 45 60.84 -56.00 -69.92
N VAL NH 46 61.46 -54.82 -69.87
CA VAL NH 46 62.28 -54.34 -70.98
C VAL NH 46 63.74 -54.35 -70.56
N ARG NH 47 64.62 -54.49 -71.55
CA ARG NH 47 66.06 -54.40 -71.35
C ARG NH 47 66.64 -53.34 -72.27
N GLY NH 48 67.64 -52.63 -71.77
CA GLY NH 48 68.33 -51.64 -72.58
C GLY NH 48 69.31 -50.88 -71.73
N ASP NH 49 69.86 -49.82 -72.31
CA ASP NH 49 70.68 -48.91 -71.53
C ASP NH 49 69.80 -48.17 -70.53
N VAL NH 50 70.42 -47.72 -69.43
CA VAL NH 50 69.68 -47.17 -68.29
C VAL NH 50 68.97 -45.86 -68.67
N SER NH 51 69.55 -45.07 -69.57
CA SER NH 51 68.88 -43.87 -70.05
C SER NH 51 67.69 -44.24 -70.94
N GLU NH 52 67.84 -45.28 -71.75
CA GLU NH 52 66.73 -45.72 -72.60
C GLU NH 52 65.65 -46.42 -71.78
N VAL NH 53 66.05 -47.16 -70.75
CA VAL NH 53 65.07 -47.85 -69.91
C VAL NH 53 64.29 -46.84 -69.07
N GLN NH 54 64.96 -45.80 -68.57
CA GLN NH 54 64.28 -44.76 -67.80
C GLN NH 54 63.33 -43.96 -68.68
N ALA NH 55 63.72 -43.70 -69.92
CA ALA NH 55 62.86 -42.95 -70.83
C ALA NH 55 61.67 -43.78 -71.27
N SER NH 56 61.84 -45.09 -71.38
CA SER NH 56 60.75 -45.96 -71.82
C SER NH 56 59.76 -46.22 -70.71
N VAL NH 57 60.26 -46.51 -69.50
CA VAL NH 57 59.40 -46.85 -68.37
C VAL NH 57 58.55 -45.65 -67.96
N SER NH 58 59.12 -44.44 -68.06
CA SER NH 58 58.35 -43.22 -67.80
C SER NH 58 57.27 -43.01 -68.85
N ALA NH 59 57.56 -43.35 -70.11
CA ALA NH 59 56.56 -43.20 -71.15
C ALA NH 59 55.56 -44.36 -71.15
N GLY NH 60 55.92 -45.48 -70.52
CA GLY NH 60 55.00 -46.59 -70.42
C GLY NH 60 53.94 -46.38 -69.36
N THR NH 61 54.24 -45.60 -68.32
CA THR NH 61 53.23 -45.31 -67.30
C THR NH 61 52.22 -44.29 -67.79
N GLU NH 62 52.66 -43.38 -68.67
CA GLU NH 62 51.76 -42.34 -69.16
C GLU NH 62 50.75 -42.88 -70.15
N SER NH 63 51.05 -44.00 -70.81
CA SER NH 63 50.14 -44.58 -71.79
C SER NH 63 49.09 -45.47 -71.15
N VAL NH 64 49.29 -45.89 -69.91
CA VAL NH 64 48.26 -46.63 -69.20
C VAL NH 64 47.09 -45.72 -68.83
N LYS NH 65 47.35 -44.41 -68.70
CA LYS NH 65 46.27 -43.45 -68.51
C LYS NH 65 45.39 -43.30 -69.74
N ARG NH 66 45.91 -43.65 -70.92
CA ARG NH 66 45.07 -43.71 -72.12
C ARG NH 66 44.08 -44.86 -72.04
N VAL NH 67 44.47 -45.95 -71.39
CA VAL NH 67 43.61 -47.12 -71.29
C VAL NH 67 42.58 -46.88 -70.21
N ASN NH 68 41.30 -47.08 -70.55
CA ASN NH 68 40.24 -47.03 -69.57
C ASN NH 68 40.24 -48.32 -68.76
N GLY NH 69 40.21 -48.20 -67.44
CA GLY NH 69 40.32 -49.37 -66.60
C GLY NH 69 41.73 -49.87 -66.41
N GLY NH 70 42.73 -49.13 -66.87
CA GLY NH 70 44.12 -49.48 -66.70
C GLY NH 70 44.73 -48.71 -65.54
N GLN NH 71 45.60 -49.40 -64.79
CA GLN NH 71 46.18 -48.85 -63.58
C GLN NH 71 47.57 -49.43 -63.38
N VAL NH 72 48.57 -48.54 -63.28
CA VAL NH 72 49.94 -48.94 -62.99
C VAL NH 72 50.03 -49.22 -61.49
N LEU NH 73 50.48 -50.42 -61.14
CA LEU NH 73 50.63 -50.77 -59.73
C LEU NH 73 52.02 -50.46 -59.21
N SER NH 74 53.05 -50.87 -59.95
CA SER NH 74 54.42 -50.73 -59.48
C SER NH 74 55.35 -50.67 -60.68
N THR NH 75 56.32 -49.76 -60.60
CA THR NH 75 57.37 -49.68 -61.61
C THR NH 75 58.72 -49.64 -60.93
N HIS NH 76 59.73 -50.18 -61.60
CA HIS NH 76 61.09 -50.11 -61.09
C HIS NH 76 62.08 -50.25 -62.24
N ILE NH 77 63.24 -49.65 -62.06
CA ILE NH 77 64.36 -49.74 -62.99
C ILE NH 77 65.59 -50.14 -62.20
N ILE NH 78 66.24 -51.23 -62.60
CA ILE NH 78 67.52 -51.63 -62.05
C ILE NH 78 68.58 -51.33 -63.09
N ALA NH 79 69.50 -50.42 -62.75
CA ALA NH 79 70.43 -49.88 -63.74
C ALA NH 79 71.48 -50.90 -64.15
N ARG NH 80 71.80 -51.84 -63.27
CA ARG NH 80 72.85 -52.82 -63.52
C ARG NH 80 72.51 -54.06 -62.73
N PRO NH 81 71.64 -54.91 -63.24
CA PRO NH 81 71.26 -56.12 -62.50
C PRO NH 81 72.40 -57.13 -62.47
N HIS NH 82 72.44 -57.89 -61.39
CA HIS NH 82 73.43 -58.95 -61.23
C HIS NH 82 73.19 -60.06 -62.23
N GLU NH 83 74.25 -60.77 -62.58
CA GLU NH 83 74.18 -61.83 -63.57
C GLU NH 83 73.40 -63.04 -63.08
N ASN NH 84 73.22 -63.18 -61.76
CA ASN NH 84 72.41 -64.26 -61.20
C ASN NH 84 70.93 -64.09 -61.52
N LEU NH 85 70.49 -62.85 -61.77
CA LEU NH 85 69.07 -62.57 -61.92
C LEU NH 85 68.50 -63.08 -63.24
N GLU NH 86 69.32 -63.17 -64.28
CA GLU NH 86 68.81 -63.56 -65.59
C GLU NH 86 68.64 -65.07 -65.68
N TYR NH 87 69.25 -65.82 -64.76
CA TYR NH 87 69.12 -67.27 -64.80
C TYR NH 87 67.96 -67.75 -63.94
N VAL NH 88 67.45 -66.89 -63.06
CA VAL NH 88 66.32 -67.27 -62.22
C VAL NH 88 65.06 -66.53 -62.65
N LEU NH 89 65.12 -65.23 -62.71
CA LEU NH 89 63.97 -64.40 -63.04
C LEU NH 89 63.84 -64.25 -64.55
N PRO NH 90 62.61 -64.12 -65.06
CA PRO NH 90 62.41 -63.95 -66.51
C PRO NH 90 62.67 -62.53 -67.00
N ILE NH 91 63.93 -62.08 -66.85
CA ILE NH 91 64.38 -60.79 -67.34
C ILE NH 91 65.44 -60.95 -68.43
N ARG NH 92 65.74 -62.17 -68.85
CA ARG NH 92 66.83 -62.40 -69.77
C ARG NH 92 66.38 -62.26 -71.22
N TYR NH 93 67.35 -62.02 -72.09
CA TYR NH 93 67.08 -62.03 -73.52
C TYR NH 93 66.85 -63.45 -74.00
N THR NH 94 65.63 -63.74 -74.43
CA THR NH 94 65.34 -65.00 -75.07
C THR NH 94 65.80 -64.95 -76.52
N GLU NH 95 65.81 -66.12 -77.17
CA GLU NH 95 66.28 -66.20 -78.55
C GLU NH 95 65.29 -65.58 -79.53
N GLU NH 96 64.01 -65.51 -79.15
CA GLU NH 96 62.99 -64.95 -80.02
C GLU NH 96 63.12 -63.43 -80.15
N VAL NH 97 63.72 -62.77 -79.15
CA VAL NH 97 63.78 -61.33 -79.12
C VAL NH 97 65.19 -60.81 -79.42
N GLU NH 98 66.06 -61.65 -79.99
CA GLU NH 98 67.42 -61.19 -80.32
C GLU NH 98 67.46 -60.35 -81.58
N GLN NH 99 66.37 -60.32 -82.36
CA GLN NH 99 66.34 -59.46 -83.54
C GLN NH 99 66.08 -58.00 -83.17
N PHE NH 100 65.61 -57.75 -81.95
CA PHE NH 100 65.28 -56.41 -81.51
C PHE NH 100 66.32 -55.83 -80.55
N ARG NH 101 67.38 -56.57 -80.24
CA ARG NH 101 68.38 -56.09 -79.30
C ARG NH 101 69.29 -55.03 -79.93
N ALA OH 2 41.77 -37.66 -101.52
CA ALA OH 2 42.49 -38.92 -101.57
C ALA OH 2 42.53 -39.57 -100.20
N VAL OH 3 43.67 -39.44 -99.51
CA VAL OH 3 43.76 -39.93 -98.14
C VAL OH 3 43.18 -38.89 -97.20
N ALA OH 4 42.88 -39.31 -95.97
CA ALA OH 4 42.29 -38.41 -95.00
C ALA OH 4 43.32 -37.40 -94.49
N VAL OH 5 42.84 -36.39 -93.80
CA VAL OH 5 43.68 -35.35 -93.21
C VAL OH 5 43.26 -35.15 -91.76
N GLY OH 6 44.23 -35.16 -90.87
CA GLY OH 6 43.98 -34.88 -89.46
C GLY OH 6 44.89 -33.78 -88.96
N MET OH 7 44.33 -32.94 -88.09
CA MET OH 7 45.05 -31.78 -87.58
C MET OH 7 44.93 -31.76 -86.06
N ILE OH 8 46.04 -31.50 -85.39
CA ILE OH 8 46.04 -31.19 -83.97
C ILE OH 8 46.67 -29.81 -83.81
N GLU OH 9 45.92 -28.87 -83.26
CA GLU OH 9 46.45 -27.56 -82.94
C GLU OH 9 46.76 -27.48 -81.46
N THR OH 10 48.00 -27.15 -81.13
CA THR OH 10 48.42 -26.98 -79.75
C THR OH 10 48.85 -25.54 -79.52
N LEU OH 11 48.91 -25.18 -78.25
CA LEU OH 11 49.50 -23.91 -77.82
C LEU OH 11 50.94 -24.21 -77.41
N GLY OH 12 51.88 -23.89 -78.29
CA GLY OH 12 53.28 -24.11 -77.99
C GLY OH 12 53.95 -25.12 -78.91
N PHE OH 13 55.22 -24.88 -79.20
CA PHE OH 13 56.01 -25.76 -80.05
C PHE OH 13 56.50 -27.06 -79.38
N PRO OH 14 56.89 -27.10 -78.09
CA PRO OH 14 57.17 -28.43 -77.49
C PRO OH 14 55.95 -29.34 -77.43
N ALA OH 15 54.74 -28.79 -77.34
CA ALA OH 15 53.55 -29.63 -77.32
C ALA OH 15 53.22 -30.16 -78.70
N VAL OH 16 53.62 -29.44 -79.76
CA VAL OH 16 53.21 -29.83 -81.09
C VAL OH 16 54.18 -30.84 -81.68
N VAL OH 17 55.39 -30.93 -81.15
CA VAL OH 17 56.32 -31.96 -81.58
C VAL OH 17 56.01 -33.27 -80.88
N GLU OH 18 55.58 -33.21 -79.62
CA GLU OH 18 55.12 -34.41 -78.92
C GLU OH 18 53.80 -34.91 -79.49
N ALA OH 19 52.94 -33.98 -79.94
CA ALA OH 19 51.72 -34.38 -80.65
C ALA OH 19 52.05 -35.03 -81.98
N ALA OH 20 53.00 -34.46 -82.73
CA ALA OH 20 53.35 -35.00 -84.03
C ALA OH 20 54.10 -36.33 -83.89
N ASP OH 21 54.89 -36.50 -82.84
CA ASP OH 21 55.62 -37.75 -82.65
C ASP OH 21 54.68 -38.86 -82.19
N ALA OH 22 53.65 -38.54 -81.42
CA ALA OH 22 52.70 -39.54 -80.99
C ALA OH 22 51.77 -39.95 -82.12
N MET OH 23 51.62 -39.10 -83.13
CA MET OH 23 50.72 -39.41 -84.23
C MET OH 23 51.34 -40.45 -85.17
N VAL OH 24 52.60 -40.23 -85.56
CA VAL OH 24 53.21 -41.10 -86.56
C VAL OH 24 53.69 -42.40 -85.92
N LYS OH 25 53.75 -42.46 -84.60
CA LYS OH 25 54.08 -43.71 -83.92
C LYS OH 25 52.84 -44.57 -83.70
N ALA OH 26 51.68 -43.94 -83.55
CA ALA OH 26 50.47 -44.69 -83.20
C ALA OH 26 49.91 -45.44 -84.40
N ALA OH 27 49.95 -44.85 -85.58
CA ALA OH 27 49.31 -45.44 -86.74
C ALA OH 27 50.13 -45.15 -87.99
N ARG OH 28 49.63 -45.64 -89.12
CA ARG OH 28 50.30 -45.48 -90.41
C ARG OH 28 49.84 -44.18 -91.07
N VAL OH 29 50.22 -43.08 -90.44
CA VAL OH 29 49.97 -41.75 -90.98
C VAL OH 29 51.30 -41.13 -91.35
N THR OH 30 51.23 -40.15 -92.24
CA THR OH 30 52.39 -39.37 -92.65
C THR OH 30 52.21 -37.94 -92.18
N LEU OH 31 53.06 -37.50 -91.28
CA LEU OH 31 53.16 -36.08 -90.95
C LEU OH 31 53.66 -35.33 -92.17
N VAL OH 32 52.81 -34.48 -92.74
CA VAL OH 32 53.15 -33.78 -93.96
C VAL OH 32 53.33 -32.29 -93.76
N GLY OH 33 52.77 -31.72 -92.70
CA GLY OH 33 52.63 -30.28 -92.62
C GLY OH 33 52.83 -29.76 -91.22
N TYR OH 34 52.98 -28.45 -91.13
CA TYR OH 34 53.34 -27.75 -89.90
C TYR OH 34 52.98 -26.29 -90.10
N GLU OH 35 52.03 -25.80 -89.31
CA GLU OH 35 51.41 -24.52 -89.59
C GLU OH 35 51.37 -23.65 -88.34
N LYS OH 36 51.76 -22.39 -88.51
CA LYS OH 36 51.71 -21.39 -87.44
C LYS OH 36 50.79 -20.27 -87.89
N ILE OH 37 49.81 -19.92 -87.05
CA ILE OH 37 48.83 -18.90 -87.38
C ILE OH 37 48.88 -17.73 -86.40
N GLY OH 38 49.81 -17.74 -85.46
CA GLY OH 38 49.94 -16.66 -84.50
C GLY OH 38 49.34 -17.00 -83.16
N THR OH 39 49.72 -16.18 -82.17
CA THR OH 39 49.50 -16.38 -80.73
C THR OH 39 49.87 -17.78 -80.24
N GLY OH 40 50.95 -18.34 -80.76
CA GLY OH 40 51.42 -19.63 -80.32
C GLY OH 40 50.58 -20.82 -80.76
N ARG OH 41 49.58 -20.60 -81.61
CA ARG OH 41 48.73 -21.68 -82.09
C ARG OH 41 49.44 -22.37 -83.24
N VAL OH 42 49.90 -23.58 -82.99
CA VAL OH 42 50.70 -24.34 -83.95
C VAL OH 42 49.97 -25.63 -84.27
N THR OH 43 49.88 -25.96 -85.57
CA THR OH 43 49.12 -27.09 -86.05
C THR OH 43 50.03 -28.03 -86.82
N VAL OH 44 49.95 -29.32 -86.53
CA VAL OH 44 50.58 -30.36 -87.33
C VAL OH 44 49.50 -31.12 -88.10
N ILE OH 45 49.84 -31.52 -89.32
CA ILE OH 45 48.89 -32.12 -90.26
C ILE OH 45 49.41 -33.50 -90.62
N VAL OH 46 48.57 -34.52 -90.43
CA VAL OH 46 48.90 -35.88 -90.84
C VAL OH 46 47.97 -36.30 -91.97
N ARG OH 47 48.50 -37.14 -92.86
CA ARG OH 47 47.72 -37.74 -93.93
C ARG OH 47 47.76 -39.26 -93.79
N GLY OH 48 46.65 -39.90 -94.12
CA GLY OH 48 46.60 -41.35 -94.08
C GLY OH 48 45.17 -41.81 -94.30
N ASP OH 49 44.93 -43.08 -94.01
CA ASP OH 49 43.56 -43.57 -93.97
C ASP OH 49 42.83 -42.97 -92.78
N VAL OH 50 41.50 -42.88 -92.89
CA VAL OH 50 40.71 -42.17 -91.88
C VAL OH 50 40.70 -42.93 -90.56
N SER OH 51 40.82 -44.26 -90.60
CA SER OH 51 40.94 -45.03 -89.38
C SER OH 51 42.31 -44.80 -88.73
N GLU OH 52 43.36 -44.72 -89.55
CA GLU OH 52 44.69 -44.45 -89.02
C GLU OH 52 44.82 -43.02 -88.54
N VAL OH 53 44.15 -42.09 -89.21
CA VAL OH 53 44.19 -40.69 -88.80
C VAL OH 53 43.42 -40.51 -87.49
N GLN OH 54 42.31 -41.23 -87.32
CA GLN OH 54 41.55 -41.18 -86.07
C GLN OH 54 42.34 -41.78 -84.92
N ALA OH 55 43.12 -42.82 -85.18
CA ALA OH 55 43.91 -43.42 -84.12
C ALA OH 55 45.12 -42.55 -83.77
N SER OH 56 45.64 -41.81 -84.75
CA SER OH 56 46.80 -40.96 -84.48
C SER OH 56 46.40 -39.67 -83.77
N VAL OH 57 45.30 -39.05 -84.21
CA VAL OH 57 44.86 -37.78 -83.61
C VAL OH 57 44.39 -38.00 -82.18
N SER OH 58 43.77 -39.14 -81.90
CA SER OH 58 43.38 -39.47 -80.54
C SER OH 58 44.60 -39.75 -79.66
N ALA OH 59 45.65 -40.34 -80.24
CA ALA OH 59 46.85 -40.61 -79.46
C ALA OH 59 47.71 -39.36 -79.31
N GLY OH 60 47.70 -38.49 -80.32
CA GLY OH 60 48.44 -37.24 -80.21
C GLY OH 60 47.80 -36.25 -79.26
N THR OH 61 46.50 -36.40 -79.00
CA THR OH 61 45.81 -35.50 -78.08
C THR OH 61 46.18 -35.82 -76.63
N GLU OH 62 46.24 -37.10 -76.27
CA GLU OH 62 46.56 -37.47 -74.89
C GLU OH 62 48.04 -37.30 -74.57
N SER OH 63 48.89 -37.22 -75.59
CA SER OH 63 50.32 -37.07 -75.34
C SER OH 63 50.71 -35.63 -75.05
N VAL OH 64 49.85 -34.66 -75.37
CA VAL OH 64 50.13 -33.28 -75.01
C VAL OH 64 49.93 -33.07 -73.52
N LYS OH 65 49.10 -33.91 -72.89
CA LYS OH 65 48.87 -33.82 -71.45
C LYS OH 65 50.10 -34.17 -70.64
N ARG OH 66 51.03 -34.93 -71.19
CA ARG OH 66 52.31 -35.17 -70.52
C ARG OH 66 53.30 -34.03 -70.69
N VAL OH 67 53.03 -33.09 -71.60
CA VAL OH 67 53.87 -31.91 -71.75
C VAL OH 67 53.35 -30.82 -70.83
N ASN OH 68 54.19 -30.35 -69.92
CA ASN OH 68 53.84 -29.27 -69.01
C ASN OH 68 54.09 -27.94 -69.73
N GLY OH 69 53.03 -27.19 -69.99
CA GLY OH 69 53.12 -25.93 -70.68
C GLY OH 69 52.41 -25.88 -72.01
N GLY OH 70 51.85 -27.00 -72.48
CA GLY OH 70 51.14 -27.02 -73.73
C GLY OH 70 49.80 -27.71 -73.58
N GLN OH 71 48.85 -27.27 -74.40
CA GLN OH 71 47.50 -27.82 -74.37
C GLN OH 71 46.97 -27.93 -75.79
N VAL OH 72 46.09 -28.90 -75.99
CA VAL OH 72 45.42 -29.09 -77.28
C VAL OH 72 44.32 -28.04 -77.39
N LEU OH 73 44.40 -27.20 -78.43
CA LEU OH 73 43.36 -26.20 -78.64
C LEU OH 73 42.25 -26.74 -79.51
N SER OH 74 42.59 -27.42 -80.60
CA SER OH 74 41.60 -27.90 -81.53
C SER OH 74 42.13 -29.11 -82.27
N THR OH 75 41.25 -30.09 -82.48
CA THR OH 75 41.56 -31.25 -83.29
C THR OH 75 40.44 -31.44 -84.30
N HIS OH 76 40.79 -31.91 -85.49
CA HIS OH 76 39.79 -32.25 -86.48
C HIS OH 76 40.32 -33.29 -87.43
N ILE OH 77 39.40 -34.08 -87.99
CA ILE OH 77 39.70 -35.15 -88.93
C ILE OH 77 38.70 -35.03 -90.08
N ILE OH 78 39.22 -34.96 -91.31
CA ILE OH 78 38.38 -34.96 -92.51
C ILE OH 78 38.66 -36.25 -93.25
N ALA OH 79 37.59 -37.02 -93.51
CA ALA OH 79 37.73 -38.38 -94.01
C ALA OH 79 38.28 -38.40 -95.44
N ARG OH 80 37.84 -37.46 -96.27
CA ARG OH 80 38.38 -37.31 -97.62
C ARG OH 80 38.23 -35.85 -98.02
N PRO OH 81 39.31 -35.07 -97.95
CA PRO OH 81 39.22 -33.66 -98.34
C PRO OH 81 39.01 -33.50 -99.84
N HIS OH 82 38.42 -32.36 -100.18
CA HIS OH 82 38.25 -31.97 -101.58
C HIS OH 82 39.61 -31.71 -102.20
N GLU OH 83 39.69 -31.89 -103.53
CA GLU OH 83 40.94 -31.69 -104.25
C GLU OH 83 41.31 -30.20 -104.33
N ASN OH 84 40.36 -29.31 -104.05
CA ASN OH 84 40.64 -27.89 -103.98
C ASN OH 84 41.53 -27.54 -102.79
N LEU OH 85 41.46 -28.31 -101.71
CA LEU OH 85 42.12 -27.93 -100.47
C LEU OH 85 43.64 -28.13 -100.52
N GLU OH 86 44.13 -29.05 -101.36
CA GLU OH 86 45.56 -29.28 -101.41
C GLU OH 86 46.30 -28.14 -102.12
N TYR OH 87 45.59 -27.40 -102.97
CA TYR OH 87 46.25 -26.32 -103.71
C TYR OH 87 46.22 -25.02 -102.93
N VAL OH 88 45.28 -24.87 -101.99
CA VAL OH 88 45.20 -23.64 -101.22
C VAL OH 88 45.77 -23.83 -99.83
N LEU OH 89 45.35 -24.87 -99.15
CA LEU OH 89 45.78 -25.13 -97.79
C LEU OH 89 47.01 -26.04 -97.77
N PRO OH 90 47.91 -25.86 -96.80
CA PRO OH 90 49.14 -26.67 -96.75
C PRO OH 90 48.93 -28.04 -96.10
N ILE OH 91 48.05 -28.84 -96.69
CA ILE OH 91 47.77 -30.20 -96.24
C ILE OH 91 48.24 -31.25 -97.23
N ARG OH 92 48.95 -30.85 -98.27
CA ARG OH 92 49.34 -31.79 -99.31
C ARG OH 92 50.67 -32.45 -98.98
N TYR OH 93 50.94 -33.55 -99.67
CA TYR OH 93 52.22 -34.23 -99.54
C TYR OH 93 53.32 -33.41 -100.19
N THR OH 94 54.35 -33.09 -99.42
CA THR OH 94 55.53 -32.43 -99.99
C THR OH 94 56.47 -33.48 -100.57
N GLU OH 95 57.52 -32.99 -101.24
CA GLU OH 95 58.47 -33.90 -101.87
C GLU OH 95 59.37 -34.57 -100.84
N GLU OH 96 59.48 -33.99 -99.64
CA GLU OH 96 60.40 -34.53 -98.64
C GLU OH 96 59.80 -35.72 -97.92
N VAL OH 97 58.48 -35.84 -97.91
CA VAL OH 97 57.79 -36.80 -97.05
C VAL OH 97 57.19 -37.96 -97.86
N GLU OH 98 57.57 -38.10 -99.13
CA GLU OH 98 57.02 -39.18 -99.93
C GLU OH 98 57.64 -40.53 -99.60
N GLN OH 99 58.75 -40.55 -98.85
CA GLN OH 99 59.33 -41.81 -98.42
C GLN OH 99 58.57 -42.40 -97.23
N PHE OH 100 57.78 -41.59 -96.54
CA PHE OH 100 56.98 -42.05 -95.41
C PHE OH 100 55.54 -42.34 -95.78
N ARG OH 101 55.17 -42.22 -97.05
CA ARG OH 101 53.79 -42.42 -97.47
C ARG OH 101 53.44 -43.90 -97.56
N MET PH 1 7.68 -56.10 -89.69
CA MET PH 1 9.03 -56.63 -89.83
C MET PH 1 9.24 -57.31 -91.16
N GLN PH 2 10.50 -57.46 -91.54
CA GLN PH 2 10.89 -58.18 -92.74
C GLN PH 2 11.91 -59.24 -92.38
N MET PH 3 11.87 -60.35 -93.09
CA MET PH 3 12.90 -61.38 -92.97
C MET PH 3 14.06 -61.04 -93.87
N ALA PH 4 15.26 -61.11 -93.31
CA ALA PH 4 16.47 -60.77 -94.06
C ALA PH 4 17.56 -61.77 -93.70
N LYS PH 5 18.54 -61.87 -94.59
CA LYS PH 5 19.71 -62.71 -94.41
C LYS PH 5 20.94 -61.83 -94.23
N VAL PH 6 21.75 -62.14 -93.23
CA VAL PH 6 22.98 -61.39 -92.96
C VAL PH 6 23.97 -61.70 -94.07
N CYS PH 7 24.28 -60.71 -94.90
CA CYS PH 7 25.23 -60.93 -95.98
C CYS PH 7 26.56 -60.26 -95.70
N GLY PH 8 26.64 -59.40 -94.69
CA GLY PH 8 27.92 -58.85 -94.33
C GLY PH 8 27.83 -57.73 -93.34
N THR PH 9 28.93 -56.99 -93.22
CA THR PH 9 29.07 -55.91 -92.25
C THR PH 9 29.46 -54.64 -92.97
N VAL PH 10 29.00 -53.50 -92.44
CA VAL PH 10 29.37 -52.18 -92.92
C VAL PH 10 30.06 -51.46 -91.78
N VAL PH 11 31.28 -50.99 -92.03
CA VAL PH 11 32.06 -50.27 -91.04
C VAL PH 11 32.26 -48.85 -91.55
N GLY PH 12 31.87 -47.87 -90.74
CA GLY PH 12 32.16 -46.49 -91.03
C GLY PH 12 32.86 -45.83 -89.87
N THR PH 13 33.99 -45.19 -90.11
CA THR PH 13 34.74 -44.57 -89.02
C THR PH 13 34.37 -43.10 -88.84
N GLN PH 14 34.10 -42.39 -89.93
CA GLN PH 14 33.66 -41.00 -89.88
C GLN PH 14 32.14 -41.00 -89.85
N LYS PH 15 31.56 -40.73 -88.69
CA LYS PH 15 30.12 -40.86 -88.50
C LYS PH 15 29.68 -39.85 -87.46
N LEU PH 16 28.39 -39.89 -87.13
CA LEU PH 16 27.86 -39.08 -86.06
C LEU PH 16 28.32 -39.62 -84.71
N PRO PH 17 28.45 -38.75 -83.69
CA PRO PH 17 28.83 -39.25 -82.36
C PRO PH 17 27.79 -40.14 -81.72
N SER PH 18 26.53 -40.01 -82.10
CA SER PH 18 25.49 -40.89 -81.58
C SER PH 18 25.43 -42.21 -82.32
N MET PH 19 26.20 -42.36 -83.40
CA MET PH 19 26.25 -43.61 -84.13
C MET PH 19 27.38 -44.53 -83.67
N THR PH 20 28.11 -44.17 -82.62
CA THR PH 20 29.22 -45.00 -82.19
C THR PH 20 28.72 -46.14 -81.31
N GLY PH 21 29.43 -47.26 -81.35
CA GLY PH 21 29.01 -48.46 -80.67
C GLY PH 21 27.93 -49.26 -81.37
N VAL PH 22 27.40 -48.76 -82.48
CA VAL PH 22 26.32 -49.40 -83.21
C VAL PH 22 26.94 -50.36 -84.22
N LYS PH 23 26.59 -51.63 -84.12
CA LYS PH 23 27.05 -52.64 -85.06
C LYS PH 23 26.13 -52.65 -86.27
N LEU PH 24 26.70 -52.44 -87.45
CA LEU PH 24 25.94 -52.29 -88.69
C LEU PH 24 26.10 -53.54 -89.56
N LEU PH 25 24.99 -54.22 -89.81
CA LEU PH 25 24.96 -55.40 -90.64
C LEU PH 25 24.35 -55.10 -91.99
N LEU PH 26 24.96 -55.62 -93.04
CA LEU PH 26 24.40 -55.57 -94.39
C LEU PH 26 23.48 -56.77 -94.53
N LEU PH 27 22.18 -56.50 -94.66
CA LEU PH 27 21.16 -57.53 -94.64
C LEU PH 27 20.44 -57.54 -95.98
N GLN PH 28 20.39 -58.70 -96.63
CA GLN PH 28 19.64 -58.84 -97.87
C GLN PH 28 18.28 -59.44 -97.55
N PHE PH 29 17.22 -58.80 -98.06
CA PHE PH 29 15.88 -59.27 -97.79
C PHE PH 29 15.57 -60.55 -98.56
N ILE PH 30 14.93 -61.49 -97.88
CA ILE PH 30 14.49 -62.75 -98.45
C ILE PH 30 12.98 -62.74 -98.50
N ASP PH 31 12.40 -63.48 -99.45
CA ASP PH 31 10.96 -63.49 -99.59
C ASP PH 31 10.34 -64.52 -98.64
N ALA PH 32 9.02 -64.71 -98.77
CA ALA PH 32 8.35 -65.72 -97.97
C ALA PH 32 8.68 -67.13 -98.43
N ASN PH 33 9.15 -67.28 -99.67
CA ASN PH 33 9.53 -68.60 -100.16
C ASN PH 33 10.96 -68.96 -99.77
N GLY PH 34 11.75 -67.98 -99.37
CA GLY PH 34 13.13 -68.21 -98.97
C GLY PH 34 14.19 -67.76 -99.96
N GLU PH 35 13.80 -67.21 -101.11
CA GLU PH 35 14.74 -66.75 -102.12
C GLU PH 35 15.19 -65.33 -101.80
N LEU PH 36 16.40 -65.00 -102.22
CA LEU PH 36 16.95 -63.68 -101.96
C LEU PH 36 16.34 -62.65 -102.90
N LEU PH 37 15.82 -61.57 -102.34
CA LEU PH 37 15.29 -60.48 -103.13
C LEU PH 37 16.40 -59.50 -103.49
N PRO PH 38 16.28 -58.78 -104.62
CA PRO PH 38 17.27 -57.72 -104.94
C PRO PH 38 17.00 -56.43 -104.18
N LYS PH 39 17.04 -56.51 -102.86
CA LYS PH 39 16.77 -55.39 -101.97
C LYS PH 39 17.52 -55.65 -100.68
N TYR PH 40 18.15 -54.62 -100.14
CA TYR PH 40 18.99 -54.77 -98.96
C TYR PH 40 18.64 -53.71 -97.92
N GLU PH 41 19.35 -53.78 -96.80
CA GLU PH 41 19.23 -52.82 -95.72
C GLU PH 41 20.52 -52.85 -94.91
N VAL PH 42 20.81 -51.74 -94.24
CA VAL PH 42 21.84 -51.71 -93.21
C VAL PH 42 21.13 -51.42 -91.89
N ALA PH 43 21.27 -52.32 -90.94
CA ALA PH 43 20.53 -52.23 -89.69
C ALA PH 43 21.46 -52.34 -88.50
N ALA PH 44 21.04 -51.73 -87.40
CA ALA PH 44 21.68 -51.95 -86.12
C ALA PH 44 21.39 -53.36 -85.63
N ASP PH 45 22.35 -53.92 -84.89
CA ASP PH 45 22.28 -55.32 -84.46
C ASP PH 45 22.47 -55.41 -82.95
N PRO PH 46 21.40 -55.24 -82.17
CA PRO PH 46 21.51 -55.50 -80.73
C PRO PH 46 21.48 -56.97 -80.40
N VAL PH 47 20.69 -57.76 -81.14
CA VAL PH 47 20.66 -59.21 -81.00
C VAL PH 47 21.78 -59.76 -81.86
N GLY PH 48 22.78 -60.36 -81.22
CA GLY PH 48 24.05 -60.63 -81.90
C GLY PH 48 23.92 -61.66 -83.00
N ALA PH 49 23.99 -61.20 -84.26
CA ALA PH 49 23.72 -62.02 -85.42
C ALA PH 49 24.93 -62.02 -86.33
N GLY PH 50 25.28 -63.20 -86.85
CA GLY PH 50 26.44 -63.36 -87.68
C GLY PH 50 26.08 -63.70 -89.12
N LEU PH 51 27.13 -63.90 -89.92
CA LEU PH 51 27.01 -64.05 -91.36
C LEU PH 51 26.25 -65.32 -91.73
N GLY PH 52 25.16 -65.13 -92.48
CA GLY PH 52 24.35 -66.24 -92.94
C GLY PH 52 23.06 -66.46 -92.18
N GLU PH 53 22.87 -65.78 -91.05
CA GLU PH 53 21.68 -66.02 -90.24
C GLU PH 53 20.47 -65.34 -90.85
N TRP PH 54 19.29 -65.81 -90.43
CA TRP PH 54 18.02 -65.21 -90.80
C TRP PH 54 17.55 -64.33 -89.66
N VAL PH 55 17.25 -63.08 -89.95
CA VAL PH 55 16.90 -62.10 -88.92
C VAL PH 55 15.57 -61.46 -89.27
N LEU PH 56 14.93 -60.91 -88.25
CA LEU PH 56 13.78 -60.04 -88.42
C LEU PH 56 14.23 -58.59 -88.27
N VAL PH 57 13.88 -57.76 -89.26
CA VAL PH 57 14.32 -56.38 -89.31
C VAL PH 57 13.09 -55.49 -89.28
N ASN PH 58 13.09 -54.52 -88.38
CA ASN PH 58 12.01 -53.55 -88.39
C ASN PH 58 12.45 -52.33 -89.21
N ARG PH 59 11.56 -51.35 -89.32
CA ARG PH 59 11.81 -50.21 -90.19
C ARG PH 59 11.23 -48.97 -89.53
N GLY PH 60 11.96 -47.87 -89.63
CA GLY PH 60 11.46 -46.60 -89.17
C GLY PH 60 11.75 -46.30 -87.71
N SER PH 61 10.79 -45.73 -87.02
CA SER PH 61 10.97 -45.33 -85.63
C SER PH 61 10.90 -46.48 -84.65
N ALA PH 62 10.55 -47.68 -85.12
CA ALA PH 62 10.60 -48.88 -84.29
C ALA PH 62 12.02 -49.29 -83.96
N ALA PH 63 13.00 -48.85 -84.75
CA ALA PH 63 14.41 -49.11 -84.46
C ALA PH 63 14.90 -48.34 -83.25
N ARG PH 64 14.17 -47.31 -82.80
CA ARG PH 64 14.55 -46.48 -81.68
C ARG PH 64 13.77 -46.80 -80.42
N GLN PH 65 13.34 -48.05 -80.24
CA GLN PH 65 12.48 -48.42 -79.12
C GLN PH 65 13.19 -49.23 -78.05
N THR PH 66 14.44 -49.64 -78.28
CA THR PH 66 15.11 -50.57 -77.38
C THR PH 66 15.88 -49.89 -76.25
N GLU PH 67 15.54 -48.63 -75.96
CA GLU PH 67 15.94 -47.80 -74.81
C GLU PH 67 17.45 -47.49 -74.75
N TYR PH 68 18.23 -47.99 -75.70
CA TYR PH 68 19.57 -47.46 -75.94
C TYR PH 68 19.78 -47.06 -77.39
N HIS PH 69 18.73 -47.14 -78.21
CA HIS PH 69 18.72 -46.59 -79.56
C HIS PH 69 17.79 -45.40 -79.67
N GLN PH 70 17.41 -44.80 -78.54
CA GLN PH 70 16.25 -43.90 -78.49
C GLN PH 70 16.51 -42.58 -79.21
N ASN PH 71 17.69 -42.01 -79.04
CA ASN PH 71 18.02 -40.75 -79.68
C ASN PH 71 19.10 -40.94 -80.74
N ARG PH 72 19.21 -42.14 -81.27
CA ARG PH 72 20.15 -42.55 -82.30
C ARG PH 72 19.49 -42.51 -83.67
N PRO PH 73 20.18 -42.00 -84.67
CA PRO PH 73 19.60 -41.88 -86.03
C PRO PH 73 19.56 -43.21 -86.77
N LEU PH 74 18.69 -44.10 -86.31
CA LEU PH 74 18.56 -45.45 -86.87
C LEU PH 74 17.14 -45.64 -87.39
N ASP PH 75 17.04 -46.19 -88.60
CA ASP PH 75 15.74 -46.51 -89.18
C ASP PH 75 15.59 -47.99 -89.49
N ALA PH 76 16.51 -48.82 -89.02
CA ALA PH 76 16.47 -50.26 -89.25
C ALA PH 76 17.23 -50.95 -88.13
N MET PH 77 16.69 -52.07 -87.65
CA MET PH 77 17.27 -52.75 -86.50
C MET PH 77 16.89 -54.22 -86.55
N VAL PH 78 17.87 -55.10 -86.32
CA VAL PH 78 17.57 -56.51 -86.12
C VAL PH 78 16.90 -56.68 -84.76
N VAL PH 79 15.68 -57.19 -84.76
CA VAL PH 79 14.95 -57.37 -83.52
C VAL PH 79 14.91 -58.82 -83.06
N ALA PH 80 15.17 -59.76 -83.96
CA ALA PH 80 15.10 -61.18 -83.63
C ALA PH 80 15.97 -61.95 -84.60
N ILE PH 81 16.55 -63.04 -84.12
CA ILE PH 81 17.17 -64.04 -84.96
C ILE PH 81 16.14 -65.14 -85.19
N ILE PH 82 15.87 -65.44 -86.45
CA ILE PH 82 14.81 -66.37 -86.79
C ILE PH 82 15.23 -67.78 -86.45
N ASP PH 83 14.42 -68.46 -85.63
CA ASP PH 83 14.61 -69.87 -85.35
C ASP PH 83 13.89 -70.75 -86.35
N THR PH 84 12.60 -70.49 -86.58
CA THR PH 84 11.76 -71.35 -87.41
C THR PH 84 10.80 -70.50 -88.21
N VAL PH 85 10.71 -70.76 -89.51
CA VAL PH 85 9.65 -70.24 -90.36
C VAL PH 85 8.79 -71.42 -90.80
N THR PH 86 7.51 -71.37 -90.44
CA THR PH 86 6.54 -72.38 -90.82
C THR PH 86 5.55 -71.75 -91.78
N VAL PH 87 5.48 -72.24 -93.01
CA VAL PH 87 4.57 -71.74 -94.02
C VAL PH 87 3.62 -72.86 -94.40
N ASN PH 88 2.31 -72.62 -94.22
CA ASN PH 88 1.24 -73.57 -94.53
C ASN PH 88 1.42 -74.90 -93.79
N ASN PH 89 1.73 -74.79 -92.49
CA ASN PH 89 2.06 -75.87 -91.56
C ASN PH 89 3.26 -76.70 -92.00
N ARG PH 90 4.10 -76.18 -92.89
CA ARG PH 90 5.32 -76.84 -93.33
C ARG PH 90 6.51 -75.97 -92.94
N ARG PH 91 7.50 -76.57 -92.31
CA ARG PH 91 8.67 -75.82 -91.87
C ARG PH 91 9.53 -75.42 -93.06
N LEU PH 92 9.67 -74.11 -93.26
CA LEU PH 92 10.50 -73.56 -94.31
C LEU PH 92 11.95 -73.37 -93.87
N TYR PH 93 12.17 -72.99 -92.62
CA TYR PH 93 13.49 -72.70 -92.10
C TYR PH 93 13.62 -73.28 -90.71
N GLY PH 94 14.82 -73.75 -90.39
CA GLY PH 94 15.08 -74.32 -89.07
C GLY PH 94 15.05 -75.82 -89.05
N ALA QH 2 43.62 -105.41 10.80
CA ALA QH 2 44.27 -106.09 9.69
C ALA QH 2 45.13 -105.11 8.89
N VAL QH 3 45.45 -105.51 7.65
CA VAL QH 3 46.20 -104.66 6.74
C VAL QH 3 45.35 -103.45 6.35
N ALA QH 4 45.98 -102.27 6.30
CA ALA QH 4 45.27 -101.01 6.13
C ALA QH 4 44.54 -100.94 4.79
N VAL QH 5 43.42 -100.23 4.78
CA VAL QH 5 42.56 -100.12 3.62
C VAL QH 5 42.35 -98.64 3.30
N GLY QH 6 42.51 -98.29 2.03
CA GLY QH 6 42.23 -96.94 1.56
C GLY QH 6 41.15 -96.98 0.50
N MET QH 7 40.30 -95.96 0.51
CA MET QH 7 39.20 -95.86 -0.45
C MET QH 7 39.18 -94.48 -1.04
N ILE QH 8 39.02 -94.38 -2.36
CA ILE QH 8 38.76 -93.13 -3.04
C ILE QH 8 37.47 -93.29 -3.81
N GLU QH 9 36.47 -92.49 -3.48
CA GLU QH 9 35.20 -92.48 -4.19
C GLU QH 9 35.16 -91.31 -5.14
N THR QH 10 34.96 -91.60 -6.42
CA THR QH 10 34.87 -90.57 -7.44
C THR QH 10 33.51 -90.63 -8.12
N LEU QH 11 33.17 -89.53 -8.78
CA LEU QH 11 31.97 -89.47 -9.62
C LEU QH 11 32.42 -89.65 -11.07
N GLY QH 12 32.35 -90.89 -11.55
CA GLY QH 12 32.77 -91.17 -12.90
C GLY QH 12 33.83 -92.25 -13.02
N PHE QH 13 33.76 -93.03 -14.09
CA PHE QH 13 34.71 -94.10 -14.37
C PHE QH 13 36.08 -93.66 -14.87
N PRO QH 14 36.26 -92.62 -15.72
CA PRO QH 14 37.63 -92.16 -15.98
C PRO QH 14 38.33 -91.57 -14.77
N ALA QH 15 37.59 -91.01 -13.81
CA ALA QH 15 38.22 -90.48 -12.62
C ALA QH 15 38.61 -91.59 -11.64
N VAL QH 16 37.92 -92.73 -11.71
CA VAL QH 16 38.19 -93.79 -10.74
C VAL QH 16 39.32 -94.68 -11.25
N VAL QH 17 39.57 -94.67 -12.56
CA VAL QH 17 40.70 -95.44 -13.09
C VAL QH 17 41.99 -94.66 -12.90
N GLU QH 18 41.93 -93.32 -13.04
CA GLU QH 18 43.07 -92.49 -12.69
C GLU QH 18 43.35 -92.53 -11.18
N ALA QH 19 42.29 -92.61 -10.37
CA ALA QH 19 42.49 -92.81 -8.93
C ALA QH 19 43.13 -94.16 -8.64
N ALA QH 20 42.68 -95.22 -9.33
CA ALA QH 20 43.25 -96.54 -9.10
C ALA QH 20 44.66 -96.64 -9.66
N ASP QH 21 44.93 -95.95 -10.77
CA ASP QH 21 46.26 -96.03 -11.38
C ASP QH 21 47.28 -95.23 -10.60
N ALA QH 22 46.91 -94.05 -10.11
CA ALA QH 22 47.87 -93.22 -9.40
C ALA QH 22 48.14 -93.74 -7.99
N MET QH 23 47.21 -94.54 -7.44
CA MET QH 23 47.41 -95.08 -6.11
C MET QH 23 48.46 -96.18 -6.13
N VAL QH 24 48.39 -97.08 -7.10
CA VAL QH 24 49.36 -98.18 -7.13
C VAL QH 24 50.66 -97.75 -7.76
N LYS QH 25 50.71 -96.54 -8.32
CA LYS QH 25 51.96 -96.00 -8.86
C LYS QH 25 52.67 -95.12 -7.86
N ALA QH 26 51.95 -94.61 -6.86
CA ALA QH 26 52.58 -93.73 -5.87
C ALA QH 26 53.28 -94.52 -4.78
N ALA QH 27 52.75 -95.69 -4.44
CA ALA QH 27 53.27 -96.45 -3.31
C ALA QH 27 53.03 -97.93 -3.54
N ARG QH 28 53.49 -98.74 -2.60
CA ARG QH 28 53.40 -100.20 -2.68
C ARG QH 28 52.08 -100.64 -2.04
N VAL QH 29 50.98 -100.34 -2.74
CA VAL QH 29 49.66 -100.79 -2.34
C VAL QH 29 49.15 -101.78 -3.37
N THR QH 30 48.13 -102.53 -2.98
CA THR QH 30 47.49 -103.49 -3.86
C THR QH 30 46.04 -103.06 -4.07
N LEU QH 31 45.71 -102.66 -5.29
CA LEU QH 31 44.32 -102.42 -5.64
C LEU QH 31 43.58 -103.75 -5.66
N VAL QH 32 42.66 -103.92 -4.73
CA VAL QH 32 41.96 -105.19 -4.58
C VAL QH 32 40.50 -105.12 -5.01
N GLY QH 33 39.91 -103.94 -5.07
CA GLY QH 33 38.47 -103.85 -5.12
C GLY QH 33 38.00 -102.72 -6.00
N TYR QH 34 36.72 -102.78 -6.35
CA TYR QH 34 36.09 -101.88 -7.30
C TYR QH 34 34.60 -101.93 -7.02
N GLU QH 35 34.06 -100.84 -6.47
CA GLU QH 35 32.70 -100.87 -5.94
C GLU QH 35 31.87 -99.76 -6.54
N LYS QH 36 30.73 -100.13 -7.12
CA LYS QH 36 29.75 -99.19 -7.64
C LYS QH 36 28.52 -99.27 -6.76
N ILE QH 37 28.06 -98.12 -6.28
CA ILE QH 37 26.93 -98.04 -5.37
C ILE QH 37 25.79 -97.22 -5.95
N GLY QH 38 25.85 -96.87 -7.23
CA GLY QH 38 24.80 -96.12 -7.87
C GLY QH 38 25.08 -94.63 -7.94
N THR QH 39 24.35 -93.98 -8.84
CA THR QH 39 24.51 -92.57 -9.24
C THR QH 39 25.94 -92.18 -9.58
N GLY QH 40 26.70 -93.08 -10.20
CA GLY QH 40 28.04 -92.75 -10.63
C GLY QH 40 29.08 -92.70 -9.54
N ARG QH 41 28.70 -92.91 -8.28
CA ARG QH 41 29.65 -92.96 -7.18
C ARG QH 41 30.39 -94.29 -7.26
N VAL QH 42 31.66 -94.23 -7.67
CA VAL QH 42 32.48 -95.41 -7.88
C VAL QH 42 33.68 -95.34 -6.94
N THR QH 43 33.95 -96.44 -6.25
CA THR QH 43 35.01 -96.50 -5.25
C THR QH 43 36.00 -97.58 -5.62
N VAL QH 44 37.29 -97.24 -5.58
CA VAL QH 44 38.37 -98.22 -5.65
C VAL QH 44 38.97 -98.39 -4.27
N ILE QH 45 39.41 -99.61 -3.97
CA ILE QH 45 39.84 -100.01 -2.64
C ILE QH 45 41.26 -100.57 -2.76
N VAL QH 46 42.20 -99.98 -2.03
CA VAL QH 46 43.57 -100.48 -2.01
C VAL QH 46 43.88 -101.02 -0.63
N ARG QH 47 44.79 -101.97 -0.58
CA ARG QH 47 45.31 -102.50 0.67
C ARG QH 47 46.82 -102.33 0.70
N GLY QH 48 47.38 -102.28 1.91
CA GLY QH 48 48.81 -102.19 2.05
C GLY QH 48 49.18 -101.67 3.42
N ASP QH 49 50.45 -101.36 3.59
CA ASP QH 49 50.91 -100.75 4.82
C ASP QH 49 50.38 -99.33 4.95
N VAL QH 50 50.40 -98.82 6.19
CA VAL QH 50 49.78 -97.54 6.49
C VAL QH 50 50.54 -96.40 5.84
N SER QH 51 51.87 -96.51 5.77
CA SER QH 51 52.68 -95.51 5.07
C SER QH 51 52.40 -95.51 3.59
N GLU QH 52 52.14 -96.69 3.00
CA GLU QH 52 51.85 -96.77 1.58
C GLU QH 52 50.44 -96.28 1.27
N VAL QH 53 49.47 -96.65 2.11
CA VAL QH 53 48.07 -96.30 1.85
C VAL QH 53 47.84 -94.81 2.04
N GLN QH 54 48.49 -94.21 3.04
CA GLN QH 54 48.40 -92.76 3.23
C GLN QH 54 49.05 -92.00 2.08
N ALA QH 55 50.13 -92.54 1.53
CA ALA QH 55 50.78 -91.89 0.39
C ALA QH 55 49.99 -92.07 -0.89
N SER QH 56 49.37 -93.24 -1.06
CA SER QH 56 48.64 -93.53 -2.28
C SER QH 56 47.33 -92.76 -2.36
N VAL QH 57 46.58 -92.71 -1.25
CA VAL QH 57 45.28 -92.04 -1.24
C VAL QH 57 45.46 -90.54 -1.38
N SER QH 58 46.50 -89.99 -0.77
CA SER QH 58 46.77 -88.55 -0.90
C SER QH 58 47.24 -88.19 -2.30
N ALA QH 59 47.99 -89.09 -2.94
CA ALA QH 59 48.43 -88.82 -4.31
C ALA QH 59 47.34 -89.19 -5.31
N GLY QH 60 46.52 -90.19 -4.97
CA GLY QH 60 45.40 -90.53 -5.83
C GLY QH 60 44.31 -89.48 -5.84
N THR QH 61 44.20 -88.70 -4.76
CA THR QH 61 43.20 -87.64 -4.69
C THR QH 61 43.60 -86.48 -5.59
N GLU QH 62 44.88 -86.11 -5.59
CA GLU QH 62 45.34 -84.97 -6.38
C GLU QH 62 45.36 -85.29 -7.87
N SER QH 63 45.45 -86.58 -8.23
CA SER QH 63 45.49 -86.94 -9.64
C SER QH 63 44.12 -86.89 -10.29
N VAL QH 64 43.05 -87.08 -9.50
CA VAL QH 64 41.69 -87.00 -10.04
C VAL QH 64 41.33 -85.58 -10.43
N LYS QH 65 41.83 -84.58 -9.73
CA LYS QH 65 41.63 -83.18 -10.14
C LYS QH 65 42.70 -82.75 -11.14
N ARG QH 66 42.95 -83.59 -12.12
CA ARG QH 66 43.75 -83.31 -13.31
C ARG QH 66 43.04 -84.00 -14.47
N VAL QH 67 41.91 -84.62 -14.16
CA VAL QH 67 41.02 -85.25 -15.14
C VAL QH 67 39.86 -84.31 -15.38
N ASN QH 68 39.53 -84.08 -16.65
CA ASN QH 68 38.38 -83.25 -16.98
C ASN QH 68 37.10 -84.01 -16.69
N GLY QH 69 36.20 -83.39 -15.94
CA GLY QH 69 35.01 -84.10 -15.50
C GLY QH 69 35.23 -85.01 -14.32
N GLY QH 70 36.40 -84.96 -13.70
CA GLY QH 70 36.73 -85.81 -12.57
C GLY QH 70 36.46 -85.07 -11.26
N GLN QH 71 35.89 -85.80 -10.31
CA GLN QH 71 35.51 -85.22 -9.02
C GLN QH 71 35.68 -86.26 -7.93
N VAL QH 72 36.43 -85.92 -6.89
CA VAL QH 72 36.58 -86.77 -5.72
C VAL QH 72 35.38 -86.51 -4.82
N LEU QH 73 34.60 -87.56 -4.54
CA LEU QH 73 33.48 -87.41 -3.63
C LEU QH 73 33.89 -87.64 -2.19
N SER QH 74 34.64 -88.71 -1.94
CA SER QH 74 34.98 -89.11 -0.58
C SER QH 74 36.24 -89.96 -0.60
N THR QH 75 37.14 -89.66 0.33
CA THR QH 75 38.36 -90.44 0.52
C THR QH 75 38.47 -90.81 1.99
N HIS QH 76 39.03 -91.99 2.26
CA HIS QH 76 39.24 -92.41 3.64
C HIS QH 76 40.34 -93.46 3.70
N ILE QH 77 41.04 -93.47 4.82
CA ILE QH 77 42.05 -94.48 5.15
C ILE QH 77 41.69 -95.05 6.51
N ILE QH 78 41.57 -96.37 6.59
CA ILE QH 78 41.46 -97.08 7.85
C ILE QH 78 42.76 -97.84 8.06
N ALA QH 79 43.54 -97.42 9.07
CA ALA QH 79 44.90 -97.93 9.23
C ALA QH 79 44.90 -99.35 9.76
N ARG QH 80 43.86 -99.75 10.49
CA ARG QH 80 43.80 -101.08 11.08
C ARG QH 80 42.35 -101.51 11.11
N PRO QH 81 41.82 -102.03 10.00
CA PRO QH 81 40.44 -102.48 9.99
C PRO QH 81 40.27 -103.77 10.76
N HIS QH 82 39.08 -103.91 11.34
CA HIS QH 82 38.73 -105.13 12.05
C HIS QH 82 38.64 -106.30 11.09
N GLU QH 83 38.92 -107.50 11.61
CA GLU QH 83 38.87 -108.70 10.80
C GLU QH 83 37.44 -109.13 10.46
N ASN QH 84 36.43 -108.51 11.09
CA ASN QH 84 35.04 -108.69 10.68
C ASN QH 84 34.76 -108.08 9.32
N LEU QH 85 35.50 -107.03 8.95
CA LEU QH 85 35.13 -106.21 7.80
C LEU QH 85 35.44 -106.88 6.47
N GLU QH 86 36.46 -107.73 6.41
CA GLU QH 86 36.85 -108.35 5.15
C GLU QH 86 35.82 -109.39 4.71
N TYR QH 87 35.07 -109.97 5.65
CA TYR QH 87 34.12 -111.00 5.30
C TYR QH 87 32.80 -110.40 4.84
N VAL QH 88 32.51 -109.16 5.22
CA VAL QH 88 31.24 -108.54 4.86
C VAL QH 88 31.43 -107.53 3.74
N LEU QH 89 32.42 -106.69 3.86
CA LEU QH 89 32.65 -105.65 2.87
C LEU QH 89 33.63 -106.13 1.81
N PRO QH 90 33.50 -105.66 0.57
CA PRO QH 90 34.41 -106.09 -0.51
C PRO QH 90 35.74 -105.35 -0.49
N ILE QH 91 36.48 -105.48 0.62
CA ILE QH 91 37.78 -104.87 0.78
C ILE QH 91 38.89 -105.90 0.93
N ARG QH 92 38.59 -107.18 0.72
CA ARG QH 92 39.56 -108.23 0.99
C ARG QH 92 40.38 -108.55 -0.24
N TYR QH 93 41.49 -109.23 -0.01
CA TYR QH 93 42.34 -109.70 -1.10
C TYR QH 93 41.65 -110.85 -1.84
N THR QH 94 41.50 -110.71 -3.14
CA THR QH 94 41.00 -111.79 -3.97
C THR QH 94 42.17 -112.54 -4.61
N GLU QH 95 41.85 -113.63 -5.29
CA GLU QH 95 42.89 -114.52 -5.78
C GLU QH 95 43.56 -113.98 -7.05
N GLU QH 96 42.94 -113.01 -7.71
CA GLU QH 96 43.57 -112.44 -8.91
C GLU QH 96 44.59 -111.37 -8.53
N VAL QH 97 44.51 -110.84 -7.31
CA VAL QH 97 45.42 -109.81 -6.86
C VAL QH 97 46.39 -110.32 -5.79
N GLU QH 98 46.58 -111.64 -5.71
CA GLU QH 98 47.53 -112.18 -4.75
C GLU QH 98 48.98 -112.01 -5.19
N GLN QH 99 49.21 -111.77 -6.47
CA GLN QH 99 50.57 -111.58 -6.96
C GLN QH 99 51.12 -110.20 -6.60
N PHE QH 100 50.24 -109.25 -6.31
CA PHE QH 100 50.66 -107.87 -6.03
C PHE QH 100 50.80 -107.58 -4.55
N ARG QH 101 50.48 -108.54 -3.68
CA ARG QH 101 50.55 -108.30 -2.24
C ARG QH 101 51.99 -108.30 -1.75
N ALA RH 2 14.74 -112.03 18.06
CA ALA RH 2 16.13 -112.40 17.98
C ALA RH 2 17.01 -111.37 18.68
N VAL RH 3 18.32 -111.46 18.48
CA VAL RH 3 19.23 -110.49 19.07
C VAL RH 3 19.17 -109.20 18.25
N ALA RH 4 19.61 -108.09 18.83
CA ALA RH 4 19.26 -106.77 18.32
C ALA RH 4 19.96 -106.45 17.01
N VAL RH 5 19.35 -105.54 16.24
CA VAL RH 5 19.83 -105.13 14.92
C VAL RH 5 20.16 -103.66 14.98
N GLY RH 6 21.33 -103.29 14.49
CA GLY RH 6 21.66 -101.89 14.26
C GLY RH 6 22.02 -101.65 12.81
N MET RH 7 21.49 -100.58 12.26
CA MET RH 7 21.73 -100.22 10.87
C MET RH 7 22.15 -98.77 10.79
N ILE RH 8 23.22 -98.51 10.04
CA ILE RH 8 23.64 -97.16 9.69
C ILE RH 8 23.62 -97.05 8.18
N GLU RH 9 22.82 -96.13 7.65
CA GLU RH 9 22.79 -95.86 6.22
C GLU RH 9 23.57 -94.59 5.92
N THR RH 10 24.57 -94.70 5.06
CA THR RH 10 25.39 -93.56 4.68
C THR RH 10 25.27 -93.31 3.18
N LEU RH 11 25.62 -92.10 2.78
CA LEU RH 11 25.74 -91.73 1.38
C LEU RH 11 27.22 -91.86 1.01
N GLY RH 12 27.57 -92.98 0.40
CA GLY RH 12 28.94 -93.20 0.02
C GLY RH 12 29.57 -94.43 0.65
N PHE RH 13 30.44 -95.09 -0.10
CA PHE RH 13 31.14 -96.28 0.37
C PHE RH 13 32.32 -96.04 1.32
N PRO RH 14 33.14 -94.99 1.20
CA PRO RH 14 34.13 -94.74 2.28
C PRO RH 14 33.51 -94.38 3.61
N ALA RH 15 32.31 -93.81 3.61
CA ALA RH 15 31.64 -93.49 4.87
C ALA RH 15 31.06 -94.73 5.52
N VAL RH 16 30.76 -95.77 4.73
CA VAL RH 16 30.08 -96.93 5.28
C VAL RH 16 31.09 -97.93 5.82
N VAL RH 17 32.35 -97.84 5.40
CA VAL RH 17 33.38 -98.73 5.91
C VAL RH 17 33.96 -98.17 7.20
N GLU RH 18 34.05 -96.84 7.30
CA GLU RH 18 34.44 -96.21 8.56
C GLU RH 18 33.35 -96.35 9.61
N ALA RH 19 32.09 -96.32 9.17
CA ALA RH 19 30.99 -96.58 10.11
C ALA RH 19 31.00 -98.02 10.58
N ALA RH 20 31.28 -98.96 9.68
CA ALA RH 20 31.31 -100.37 10.05
C ALA RH 20 32.53 -100.70 10.91
N ASP RH 21 33.65 -100.02 10.66
CA ASP RH 21 34.85 -100.28 11.46
C ASP RH 21 34.75 -99.63 12.83
N ALA RH 22 34.05 -98.50 12.95
CA ALA RH 22 33.84 -97.89 14.25
C ALA RH 22 32.86 -98.68 15.09
N MET RH 23 31.92 -99.39 14.44
CA MET RH 23 30.89 -100.11 15.18
C MET RH 23 31.44 -101.34 15.87
N VAL RH 24 32.24 -102.14 15.15
CA VAL RH 24 32.71 -103.39 15.72
C VAL RH 24 33.89 -103.17 16.65
N LYS RH 25 34.46 -101.97 16.64
CA LYS RH 25 35.50 -101.64 17.61
C LYS RH 25 34.92 -101.04 18.88
N ALA RH 26 33.76 -100.40 18.78
CA ALA RH 26 33.20 -99.70 19.93
C ALA RH 26 32.55 -100.65 20.92
N ALA RH 27 31.99 -101.77 20.43
CA ALA RH 27 31.24 -102.65 21.30
C ALA RH 27 31.30 -104.08 20.76
N ARG RH 28 30.64 -104.99 21.46
CA ARG RH 28 30.63 -106.41 21.13
C ARG RH 28 29.48 -106.70 20.15
N VAL RH 29 29.58 -106.09 18.98
CA VAL RH 29 28.62 -106.33 17.92
C VAL RH 29 29.32 -107.10 16.81
N THR RH 30 28.53 -107.76 15.98
CA THR RH 30 29.02 -108.46 14.80
C THR RH 30 28.44 -107.80 13.57
N LEU RH 31 29.31 -107.25 12.74
CA LEU RH 31 28.92 -106.81 11.41
C LEU RH 31 28.55 -108.02 10.57
N VAL RH 32 27.27 -108.13 10.21
CA VAL RH 32 26.80 -109.30 9.48
C VAL RH 32 26.36 -108.96 8.06
N GLY RH 33 26.08 -107.72 7.76
CA GLY RH 33 25.37 -107.39 6.54
C GLY RH 33 25.87 -106.10 5.93
N TYR RH 34 25.60 -105.96 4.64
CA TYR RH 34 26.04 -104.82 3.86
C TYR RH 34 25.11 -104.73 2.66
N GLU RH 35 24.37 -103.63 2.57
CA GLU RH 35 23.25 -103.55 1.64
C GLU RH 35 23.33 -102.29 0.79
N LYS RH 36 23.17 -102.46 -0.51
CA LYS RH 36 23.11 -101.36 -1.46
C LYS RH 36 21.69 -101.30 -2.01
N ILE RH 37 21.08 -100.12 -1.95
CA ILE RH 37 19.70 -99.93 -2.39
C ILE RH 37 19.60 -98.86 -3.47
N GLY RH 38 20.72 -98.31 -3.92
CA GLY RH 38 20.73 -97.32 -4.98
C GLY RH 38 20.88 -95.90 -4.46
N THR RH 39 21.17 -95.00 -5.41
CA THR RH 39 21.56 -93.59 -5.21
C THR RH 39 22.66 -93.40 -4.17
N GLY RH 40 23.61 -94.33 -4.09
CA GLY RH 40 24.66 -94.21 -3.12
C GLY RH 40 24.26 -94.48 -1.68
N ARG RH 41 23.03 -94.92 -1.45
CA ARG RH 41 22.57 -95.22 -0.10
C ARG RH 41 23.03 -96.62 0.26
N VAL RH 42 24.02 -96.71 1.15
CA VAL RH 42 24.65 -97.96 1.53
C VAL RH 42 24.43 -98.16 3.02
N THR RH 43 24.04 -99.38 3.40
CA THR RH 43 23.70 -99.70 4.78
C THR RH 43 24.56 -100.85 5.26
N VAL RH 44 25.18 -100.68 6.42
CA VAL RH 44 25.84 -101.77 7.14
C VAL RH 44 25.01 -102.14 8.35
N ILE RH 45 24.97 -103.44 8.66
CA ILE RH 45 24.07 -104.01 9.64
C ILE RH 45 24.90 -104.76 10.68
N VAL RH 46 24.70 -104.42 11.95
CA VAL RH 46 25.38 -105.10 13.05
C VAL RH 46 24.36 -105.85 13.89
N ARG RH 47 24.82 -106.92 14.52
CA ARG RH 47 24.02 -107.70 15.45
C ARG RH 47 24.74 -107.81 16.79
N GLY RH 48 23.97 -107.71 17.86
CA GLY RH 48 24.52 -107.87 19.19
C GLY RH 48 23.46 -107.59 20.21
N ASP RH 49 23.87 -107.51 21.47
CA ASP RH 49 22.96 -107.09 22.52
C ASP RH 49 22.59 -105.62 22.32
N VAL RH 50 21.41 -105.25 22.83
CA VAL RH 50 20.83 -103.94 22.55
C VAL RH 50 21.68 -102.81 23.12
N SER RH 51 22.34 -103.03 24.25
CA SER RH 51 23.23 -102.02 24.81
C SER RH 51 24.51 -101.91 23.98
N GLU RH 52 25.00 -103.05 23.47
CA GLU RH 52 26.18 -103.02 22.61
C GLU RH 52 25.83 -102.46 21.23
N VAL RH 53 24.63 -102.74 20.75
CA VAL RH 53 24.21 -102.20 19.46
C VAL RH 53 23.98 -100.70 19.55
N GLN RH 54 23.43 -100.23 20.68
CA GLN RH 54 23.25 -98.80 20.90
C GLN RH 54 24.58 -98.07 21.03
N ALA RH 55 25.57 -98.71 21.68
CA ALA RH 55 26.86 -98.09 21.84
C ALA RH 55 27.65 -98.07 20.54
N SER RH 56 27.40 -99.03 19.66
CA SER RH 56 28.13 -99.11 18.41
C SER RH 56 27.54 -98.18 17.36
N VAL RH 57 26.20 -98.16 17.24
CA VAL RH 57 25.53 -97.39 16.20
C VAL RH 57 25.72 -95.89 16.43
N SER RH 58 25.74 -95.47 17.69
CA SER RH 58 26.03 -94.07 17.99
C SER RH 58 27.49 -93.75 17.72
N ALA RH 59 28.39 -94.71 17.95
CA ALA RH 59 29.81 -94.47 17.70
C ALA RH 59 30.13 -94.54 16.22
N GLY RH 60 29.39 -95.35 15.46
CA GLY RH 60 29.57 -95.39 14.03
C GLY RH 60 29.03 -94.16 13.33
N THR RH 61 28.10 -93.45 13.97
CA THR RH 61 27.56 -92.22 13.38
C THR RH 61 28.55 -91.08 13.51
N GLU RH 62 29.29 -91.01 14.63
CA GLU RH 62 30.23 -89.92 14.83
C GLU RH 62 31.48 -90.07 13.98
N SER RH 63 31.83 -91.31 13.61
CA SER RH 63 33.04 -91.54 12.85
C SER RH 63 32.88 -91.21 11.37
N VAL RH 64 31.65 -91.06 10.89
CA VAL RH 64 31.43 -90.63 9.51
C VAL RH 64 31.81 -89.15 9.35
N LYS RH 65 31.77 -88.38 10.43
CA LYS RH 65 32.24 -87.00 10.39
C LYS RH 65 33.75 -86.91 10.19
N ARG RH 66 34.49 -87.97 10.50
CA ARG RH 66 35.91 -88.02 10.15
C ARG RH 66 36.09 -88.11 8.64
N VAL RH 67 35.16 -88.77 7.95
CA VAL RH 67 35.27 -88.94 6.51
C VAL RH 67 34.81 -87.66 5.82
N ASN RH 68 35.66 -87.15 4.92
CA ASN RH 68 35.28 -86.02 4.09
C ASN RH 68 34.36 -86.51 2.98
N GLY RH 69 33.25 -85.82 2.76
CA GLY RH 69 32.28 -86.28 1.80
C GLY RH 69 31.41 -87.41 2.27
N GLY RH 70 31.46 -87.73 3.56
CA GLY RH 70 30.64 -88.77 4.15
C GLY RH 70 29.47 -88.17 4.90
N GLN RH 71 28.32 -88.83 4.82
CA GLN RH 71 27.09 -88.32 5.40
C GLN RH 71 26.19 -89.48 5.82
N VAL RH 72 25.80 -89.48 7.08
CA VAL RH 72 24.87 -90.49 7.61
C VAL RH 72 23.46 -90.08 7.18
N LEU RH 73 22.77 -90.96 6.46
CA LEU RH 73 21.42 -90.67 6.04
C LEU RH 73 20.40 -91.11 7.07
N SER RH 74 20.53 -92.34 7.58
CA SER RH 74 19.55 -92.88 8.51
C SER RH 74 20.21 -93.92 9.39
N THR RH 75 19.89 -93.86 10.68
CA THR RH 75 20.28 -94.89 11.63
C THR RH 75 19.03 -95.42 12.31
N HIS RH 76 19.08 -96.70 12.67
CA HIS RH 76 17.99 -97.29 13.44
C HIS RH 76 18.51 -98.50 14.21
N ILE RH 77 17.89 -98.74 15.36
CA ILE RH 77 18.20 -99.86 16.23
C ILE RH 77 16.89 -100.57 16.55
N ILE RH 78 16.83 -101.87 16.24
CA ILE RH 78 15.69 -102.72 16.62
C ILE RH 78 16.17 -103.66 17.71
N ALA RH 79 15.59 -103.50 18.91
CA ALA RH 79 16.09 -104.21 20.09
C ALA RH 79 15.77 -105.70 20.04
N ARG RH 80 14.62 -106.06 19.48
CA ARG RH 80 14.19 -107.45 19.44
C ARG RH 80 13.47 -107.67 18.12
N PRO RH 81 14.19 -107.96 17.05
CA PRO RH 81 13.54 -108.20 15.77
C PRO RH 81 12.82 -109.54 15.76
N HIS RH 82 11.76 -109.58 14.97
CA HIS RH 82 11.01 -110.82 14.78
C HIS RH 82 11.85 -111.83 14.01
N GLU RH 83 11.53 -113.11 14.20
CA GLU RH 83 12.28 -114.18 13.54
C GLU RH 83 12.00 -114.23 12.04
N ASN RH 84 10.94 -113.59 11.58
CA ASN RH 84 10.62 -113.53 10.15
C ASN RH 84 11.62 -112.68 9.40
N LEU RH 85 12.26 -111.73 10.07
CA LEU RH 85 13.07 -110.73 9.37
C LEU RH 85 14.41 -111.28 8.93
N GLU RH 86 14.92 -112.32 9.58
CA GLU RH 86 16.25 -112.83 9.21
C GLU RH 86 16.18 -113.73 7.98
N TYR RH 87 14.99 -114.19 7.62
CA TYR RH 87 14.87 -115.06 6.46
C TYR RH 87 14.55 -114.27 5.20
N VAL RH 88 14.14 -113.01 5.36
CA VAL RH 88 13.85 -112.17 4.20
C VAL RH 88 14.91 -111.09 4.04
N LEU RH 89 15.11 -110.31 5.06
CA LEU RH 89 16.06 -109.21 5.03
C LEU RH 89 17.47 -109.70 5.33
N PRO RH 90 18.50 -109.06 4.76
CA PRO RH 90 19.89 -109.49 5.02
C PRO RH 90 20.44 -108.98 6.35
N ILE RH 91 19.76 -109.31 7.43
CA ILE RH 91 20.20 -108.98 8.78
C ILE RH 91 20.66 -110.20 9.56
N ARG RH 92 20.79 -111.35 8.90
CA ARG RH 92 21.04 -112.59 9.61
C ARG RH 92 22.54 -112.88 9.69
N TYR RH 93 22.88 -113.75 10.63
CA TYR RH 93 24.24 -114.24 10.73
C TYR RH 93 24.53 -115.23 9.61
N THR RH 94 25.52 -114.91 8.78
CA THR RH 94 26.00 -115.85 7.78
C THR RH 94 27.07 -116.74 8.39
N GLU RH 95 27.47 -117.77 7.64
CA GLU RH 95 28.45 -118.73 8.13
C GLU RH 95 29.85 -118.12 8.20
N GLU RH 96 30.10 -117.10 7.37
CA GLU RH 96 31.41 -116.47 7.33
C GLU RH 96 31.66 -115.61 8.56
N VAL RH 97 30.60 -115.11 9.20
CA VAL RH 97 30.74 -114.22 10.35
C VAL RH 97 30.46 -114.94 11.67
N GLU RH 98 30.47 -116.28 11.67
CA GLU RH 98 30.23 -117.01 12.90
C GLU RH 98 31.40 -116.97 13.86
N GLN RH 99 32.59 -116.62 13.38
CA GLN RH 99 33.76 -116.54 14.27
C GLN RH 99 33.75 -115.26 15.09
N PHE RH 100 32.93 -114.28 14.71
CA PHE RH 100 32.89 -112.99 15.40
C PHE RH 100 31.68 -112.84 16.31
N ARG RH 101 30.80 -113.83 16.37
CA ARG RH 101 29.60 -113.74 17.18
C ARG RH 101 29.92 -113.91 18.67
N ALA SH 2 64.08 -94.65 17.97
CA ALA SH 2 63.82 -95.72 17.01
C ALA SH 2 62.33 -95.79 16.67
N VAL SH 3 61.55 -96.23 17.66
CA VAL SH 3 60.10 -96.24 17.53
C VAL SH 3 59.58 -94.82 17.74
N ALA SH 4 58.68 -94.38 16.86
CA ALA SH 4 58.16 -93.02 16.89
C ALA SH 4 57.30 -92.77 18.13
N VAL SH 5 57.10 -91.50 18.45
CA VAL SH 5 56.35 -91.09 19.63
C VAL SH 5 55.32 -90.05 19.21
N GLY SH 6 54.09 -90.23 19.68
CA GLY SH 6 53.05 -89.25 19.45
C GLY SH 6 52.36 -88.89 20.74
N MET SH 7 51.97 -87.62 20.86
CA MET SH 7 51.38 -87.09 22.08
C MET SH 7 50.11 -86.34 21.72
N ILE SH 8 49.07 -86.55 22.52
CA ILE SH 8 47.86 -85.74 22.47
C ILE SH 8 47.63 -85.16 23.84
N GLU SH 9 47.63 -83.84 23.95
CA GLU SH 9 47.33 -83.17 25.20
C GLU SH 9 45.89 -82.67 25.19
N THR SH 10 45.10 -83.14 26.13
CA THR SH 10 43.71 -82.71 26.27
C THR SH 10 43.55 -81.95 27.57
N LEU SH 11 42.48 -81.17 27.64
CA LEU SH 11 42.06 -80.51 28.88
C LEU SH 11 41.00 -81.41 29.51
N GLY SH 12 41.38 -82.14 30.53
CA GLY SH 12 40.45 -83.04 31.19
C GLY SH 12 40.80 -84.51 31.04
N PHE SH 13 40.49 -85.28 32.07
CA PHE SH 13 40.76 -86.72 32.09
C PHE SH 13 39.76 -87.58 31.28
N PRO SH 14 38.44 -87.30 31.22
CA PRO SH 14 37.61 -88.09 30.29
C PRO SH 14 37.96 -87.89 28.83
N ALA SH 15 38.51 -86.74 28.45
CA ALA SH 15 38.88 -86.52 27.06
C ALA SH 15 40.19 -87.22 26.73
N VAL SH 16 41.03 -87.47 27.73
CA VAL SH 16 42.34 -88.06 27.45
C VAL SH 16 42.24 -89.58 27.43
N VAL SH 17 41.16 -90.14 27.99
CA VAL SH 17 40.96 -91.58 27.92
C VAL SH 17 40.27 -91.94 26.61
N GLU SH 18 39.37 -91.07 26.13
CA GLU SH 18 38.78 -91.27 24.81
C GLU SH 18 39.82 -91.05 23.71
N ALA SH 19 40.74 -90.13 23.93
CA ALA SH 19 41.85 -89.96 22.99
C ALA SH 19 42.77 -91.17 23.00
N ALA SH 20 43.07 -91.70 24.19
CA ALA SH 20 43.96 -92.85 24.27
C ALA SH 20 43.30 -94.11 23.75
N ASP SH 21 41.98 -94.23 23.92
CA ASP SH 21 41.27 -95.40 23.40
C ASP SH 21 41.13 -95.35 21.89
N ALA SH 22 41.01 -94.16 21.33
CA ALA SH 22 40.88 -94.04 19.88
C ALA SH 22 42.24 -94.19 19.19
N MET SH 23 43.33 -93.98 19.93
CA MET SH 23 44.65 -94.07 19.32
C MET SH 23 45.07 -95.52 19.14
N VAL SH 24 44.85 -96.36 20.14
CA VAL SH 24 45.32 -97.74 20.06
C VAL SH 24 44.34 -98.60 19.29
N LYS SH 25 43.13 -98.10 19.04
CA LYS SH 25 42.20 -98.82 18.19
C LYS SH 25 42.42 -98.50 16.72
N ALA SH 26 42.91 -97.30 16.42
CA ALA SH 26 43.02 -96.88 15.03
C ALA SH 26 44.22 -97.53 14.34
N ALA SH 27 45.34 -97.69 15.04
CA ALA SH 27 46.55 -98.19 14.42
C ALA SH 27 47.32 -99.04 15.41
N ARG SH 28 48.46 -99.57 14.95
CA ARG SH 28 49.30 -100.44 15.74
C ARG SH 28 50.30 -99.60 16.54
N VAL SH 29 49.76 -98.88 17.52
CA VAL SH 29 50.58 -98.11 18.45
C VAL SH 29 50.38 -98.68 19.84
N THR SH 30 51.33 -98.40 20.71
CA THR SH 30 51.28 -98.82 22.10
C THR SH 30 51.17 -97.57 22.96
N LEU SH 31 50.07 -97.42 23.67
CA LEU SH 31 49.96 -96.40 24.70
C LEU SH 31 50.92 -96.77 25.83
N VAL SH 32 51.95 -95.95 26.02
CA VAL SH 32 52.98 -96.25 27.01
C VAL SH 32 52.97 -95.29 28.18
N GLY SH 33 52.37 -94.11 28.03
CA GLY SH 33 52.60 -93.05 28.98
C GLY SH 33 51.36 -92.24 29.23
N TYR SH 34 51.43 -91.43 30.29
CA TYR SH 34 50.29 -90.67 30.79
C TYR SH 34 50.88 -89.58 31.68
N GLU SH 35 50.70 -88.32 31.28
CA GLU SH 35 51.44 -87.23 31.91
C GLU SH 35 50.51 -86.09 32.29
N LYS SH 36 50.66 -85.61 33.52
CA LYS SH 36 49.93 -84.46 34.03
C LYS SH 36 50.94 -83.36 34.35
N ILE SH 37 50.70 -82.17 33.81
CA ILE SH 37 51.60 -81.05 33.99
C ILE SH 37 50.92 -79.88 34.71
N GLY SH 38 49.68 -80.05 35.12
CA GLY SH 38 48.94 -78.99 35.78
C GLY SH 38 47.98 -78.27 34.85
N THR SH 39 47.16 -77.41 35.45
CA THR SH 39 45.99 -76.75 34.85
C THR SH 39 45.08 -77.69 34.07
N GLY SH 40 44.92 -78.93 34.52
CA GLY SH 40 44.07 -79.87 33.83
C GLY SH 40 44.63 -80.40 32.52
N ARG SH 41 45.85 -80.03 32.15
CA ARG SH 41 46.44 -80.44 30.89
C ARG SH 41 47.02 -81.84 31.06
N VAL SH 42 46.41 -82.80 30.39
CA VAL SH 42 46.77 -84.21 30.52
C VAL SH 42 47.21 -84.73 29.15
N THR SH 43 48.32 -85.45 29.12
CA THR SH 43 48.94 -85.90 27.88
C THR SH 43 49.08 -87.42 27.91
N VAL SH 44 48.65 -88.07 26.83
CA VAL SH 44 48.91 -89.49 26.62
C VAL SH 44 49.94 -89.66 25.51
N ILE SH 45 50.81 -90.65 25.67
CA ILE SH 45 51.95 -90.88 24.79
C ILE SH 45 51.80 -92.25 24.16
N VAL SH 46 51.84 -92.31 22.83
CA VAL SH 46 51.80 -93.58 22.12
C VAL SH 46 53.14 -93.80 21.43
N ARG SH 47 53.49 -95.07 21.25
CA ARG SH 47 54.68 -95.46 20.54
C ARG SH 47 54.32 -96.44 19.42
N GLY SH 48 54.82 -96.17 18.23
CA GLY SH 48 54.66 -97.08 17.12
C GLY SH 48 55.50 -96.65 15.96
N ASP SH 49 55.19 -97.17 14.78
CA ASP SH 49 55.75 -96.61 13.57
C ASP SH 49 55.18 -95.23 13.32
N VAL SH 50 55.90 -94.42 12.55
CA VAL SH 50 55.51 -93.03 12.35
C VAL SH 50 54.22 -92.92 11.55
N SER SH 51 53.96 -93.87 10.65
CA SER SH 51 52.70 -93.90 9.91
C SER SH 51 51.55 -94.33 10.81
N GLU SH 52 51.81 -95.24 11.74
CA GLU SH 52 50.77 -95.67 12.67
C GLU SH 52 50.50 -94.60 13.73
N VAL SH 53 51.55 -93.90 14.14
CA VAL SH 53 51.39 -92.82 15.11
C VAL SH 53 50.62 -91.65 14.49
N GLN SH 54 50.84 -91.39 13.18
CA GLN SH 54 50.13 -90.33 12.50
C GLN SH 54 48.65 -90.66 12.33
N ALA SH 55 48.33 -91.93 12.11
CA ALA SH 55 46.93 -92.32 11.99
C ALA SH 55 46.25 -92.35 13.35
N SER SH 56 47.01 -92.60 14.41
CA SER SH 56 46.43 -92.62 15.76
C SER SH 56 46.16 -91.22 16.27
N VAL SH 57 47.11 -90.30 16.07
CA VAL SH 57 46.98 -88.95 16.62
C VAL SH 57 45.86 -88.19 15.92
N SER SH 58 45.68 -88.43 14.62
CA SER SH 58 44.58 -87.81 13.89
C SER SH 58 43.23 -88.41 14.30
N ALA SH 59 43.21 -89.71 14.61
CA ALA SH 59 41.96 -90.32 15.06
C ALA SH 59 41.68 -90.00 16.52
N GLY SH 60 42.74 -89.85 17.33
CA GLY SH 60 42.54 -89.47 18.71
C GLY SH 60 42.13 -88.03 18.88
N THR SH 61 42.47 -87.18 17.91
CA THR SH 61 42.08 -85.78 17.98
C THR SH 61 40.60 -85.61 17.64
N GLU SH 62 40.11 -86.39 16.66
CA GLU SH 62 38.71 -86.27 16.25
C GLU SH 62 37.76 -86.87 17.27
N SER SH 63 38.25 -87.81 18.10
CA SER SH 63 37.39 -88.46 19.07
C SER SH 63 37.20 -87.64 20.33
N VAL SH 64 38.02 -86.62 20.56
CA VAL SH 64 37.80 -85.75 21.71
C VAL SH 64 36.62 -84.82 21.45
N LYS SH 65 36.32 -84.54 20.18
CA LYS SH 65 35.20 -83.69 19.82
C LYS SH 65 33.86 -84.30 20.17
N ARG SH 66 33.78 -85.63 20.32
CA ARG SH 66 32.57 -86.27 20.80
C ARG SH 66 32.45 -86.23 22.32
N VAL SH 67 33.51 -85.89 23.04
CA VAL SH 67 33.45 -85.72 24.49
C VAL SH 67 33.03 -84.28 24.78
N ASN SH 68 31.94 -84.12 25.52
CA ASN SH 68 31.48 -82.79 25.94
C ASN SH 68 32.19 -82.43 27.23
N GLY SH 69 32.97 -81.35 27.18
CA GLY SH 69 33.74 -80.91 28.32
C GLY SH 69 35.24 -81.05 28.16
N GLY SH 70 35.71 -81.65 27.06
CA GLY SH 70 37.13 -81.79 26.83
C GLY SH 70 37.50 -81.30 25.45
N GLN SH 71 38.74 -80.83 25.33
CA GLN SH 71 39.24 -80.30 24.08
C GLN SH 71 40.71 -80.66 23.93
N VAL SH 72 41.13 -80.81 22.68
CA VAL SH 72 42.53 -81.08 22.37
C VAL SH 72 43.30 -79.77 22.47
N LEU SH 73 44.34 -79.74 23.30
CA LEU SH 73 45.14 -78.54 23.45
C LEU SH 73 46.32 -78.56 22.49
N SER SH 74 47.02 -79.68 22.40
CA SER SH 74 48.21 -79.77 21.56
C SER SH 74 48.45 -81.22 21.17
N THR SH 75 48.84 -81.41 19.91
CA THR SH 75 49.27 -82.71 19.43
C THR SH 75 50.64 -82.56 18.78
N HIS SH 76 51.44 -83.62 18.86
CA HIS SH 76 52.72 -83.63 18.17
C HIS SH 76 53.14 -85.07 17.90
N ILE SH 77 53.93 -85.25 16.84
CA ILE SH 77 54.45 -86.54 16.41
C ILE SH 77 55.93 -86.35 16.11
N ILE SH 78 56.77 -87.21 16.67
CA ILE SH 78 58.20 -87.23 16.38
C ILE SH 78 58.53 -88.57 15.73
N ALA SH 79 59.12 -88.51 14.54
CA ALA SH 79 59.28 -89.71 13.72
C ALA SH 79 60.29 -90.68 14.32
N ARG SH 80 61.33 -90.14 14.96
CA ARG SH 80 62.33 -90.96 15.64
C ARG SH 80 62.94 -90.09 16.73
N PRO SH 81 62.51 -90.26 17.98
CA PRO SH 81 63.09 -89.47 19.07
C PRO SH 81 64.54 -89.86 19.34
N HIS SH 82 65.28 -88.89 19.84
CA HIS SH 82 66.64 -89.13 20.29
C HIS SH 82 66.64 -90.04 21.51
N GLU SH 83 67.72 -90.80 21.68
CA GLU SH 83 67.79 -91.76 22.78
C GLU SH 83 67.96 -91.06 24.13
N ASN SH 84 68.29 -89.77 24.13
CA ASN SH 84 68.34 -88.99 25.35
C ASN SH 84 66.95 -88.80 25.95
N LEU SH 85 65.90 -88.79 25.11
CA LEU SH 85 64.57 -88.44 25.58
C LEU SH 85 63.91 -89.55 26.38
N GLU SH 86 64.33 -90.80 26.19
CA GLU SH 86 63.71 -91.89 26.93
C GLU SH 86 64.10 -91.88 28.40
N TYR SH 87 65.29 -91.35 28.71
CA TYR SH 87 65.78 -91.39 30.08
C TYR SH 87 65.28 -90.18 30.87
N VAL SH 88 64.94 -89.09 30.18
CA VAL SH 88 64.51 -87.89 30.88
C VAL SH 88 63.00 -87.76 30.85
N LEU SH 89 62.42 -87.86 29.68
CA LEU SH 89 60.99 -87.70 29.48
C LEU SH 89 60.29 -89.06 29.57
N PRO SH 90 59.05 -89.10 30.08
CA PRO SH 90 58.34 -90.39 30.25
C PRO SH 90 57.67 -90.86 28.97
N ILE SH 91 58.47 -91.10 27.93
CA ILE SH 91 57.99 -91.60 26.66
C ILE SH 91 58.51 -93.00 26.35
N ARG SH 92 59.18 -93.64 27.31
CA ARG SH 92 59.79 -94.93 27.05
C ARG SH 92 58.79 -96.06 27.28
N TYR SH 93 59.09 -97.21 26.68
CA TYR SH 93 58.31 -98.41 26.91
C TYR SH 93 58.54 -98.90 28.34
N THR SH 94 57.46 -99.03 29.09
CA THR SH 94 57.55 -99.67 30.40
C THR SH 94 57.34 -101.17 30.26
N GLU SH 95 57.71 -101.91 31.30
CA GLU SH 95 57.61 -103.36 31.25
C GLU SH 95 56.17 -103.85 31.46
N GLU SH 96 55.28 -102.94 31.87
CA GLU SH 96 53.87 -103.32 32.00
C GLU SH 96 53.18 -103.37 30.65
N VAL SH 97 53.71 -102.65 29.66
CA VAL SH 97 53.06 -102.53 28.36
C VAL SH 97 53.87 -103.22 27.25
N GLU SH 98 54.79 -104.12 27.61
CA GLU SH 98 55.56 -104.82 26.60
C GLU SH 98 54.76 -105.90 25.89
N GLN SH 99 53.61 -106.28 26.43
CA GLN SH 99 52.76 -107.25 25.75
C GLN SH 99 52.00 -106.62 24.58
N PHE SH 100 51.88 -105.29 24.57
CA PHE SH 100 51.19 -104.58 23.50
C PHE SH 100 52.13 -104.01 22.46
N ARG SH 101 53.43 -104.26 22.58
CA ARG SH 101 54.40 -103.73 21.63
C ARG SH 101 54.40 -104.50 20.32
N MET TH 1 66.14 -80.51 -19.24
CA MET TH 1 65.59 -81.80 -18.86
C MET TH 1 66.62 -82.90 -18.98
N GLN TH 2 66.37 -84.00 -18.29
CA GLN TH 2 67.17 -85.21 -18.40
C GLN TH 2 66.23 -86.39 -18.65
N MET TH 3 66.75 -87.39 -19.33
CA MET TH 3 66.02 -88.64 -19.51
C MET TH 3 66.30 -89.54 -18.31
N ALA TH 4 65.23 -90.07 -17.72
CA ALA TH 4 65.34 -90.90 -16.54
C ALA TH 4 64.40 -92.07 -16.65
N LYS TH 5 64.75 -93.15 -15.96
CA LYS TH 5 63.92 -94.34 -15.88
C LYS TH 5 63.35 -94.44 -14.47
N VAL TH 6 62.03 -94.66 -14.39
CA VAL TH 6 61.34 -94.80 -13.11
C VAL TH 6 61.77 -96.13 -12.49
N CYS TH 7 62.53 -96.07 -11.41
CA CYS TH 7 63.00 -97.30 -10.76
C CYS TH 7 62.23 -97.60 -9.48
N GLY TH 8 61.58 -96.61 -8.90
CA GLY TH 8 60.80 -96.89 -7.72
C GLY TH 8 60.12 -95.67 -7.15
N THR TH 9 59.61 -95.83 -5.94
CA THR TH 9 58.86 -94.81 -5.23
C THR TH 9 59.52 -94.52 -3.90
N VAL TH 10 59.42 -93.27 -3.46
CA VAL TH 10 59.89 -92.85 -2.14
C VAL TH 10 58.69 -92.34 -1.37
N VAL TH 11 58.42 -92.93 -0.22
CA VAL TH 11 57.32 -92.53 0.65
C VAL TH 11 57.91 -91.94 1.91
N GLY TH 12 57.54 -90.71 2.23
CA GLY TH 12 57.89 -90.11 3.49
C GLY TH 12 56.66 -89.60 4.21
N THR TH 13 56.45 -90.04 5.45
CA THR TH 13 55.27 -89.61 6.19
C THR TH 13 55.53 -88.37 7.04
N GLN TH 14 56.73 -88.23 7.58
CA GLN TH 14 57.13 -87.05 8.34
C GLN TH 14 57.79 -86.07 7.38
N LYS TH 15 57.04 -85.07 6.95
CA LYS TH 15 57.49 -84.16 5.89
C LYS TH 15 56.96 -82.77 6.18
N LEU TH 16 57.23 -81.86 5.25
CA LEU TH 16 56.67 -80.53 5.34
C LEU TH 16 55.18 -80.57 5.00
N PRO TH 17 54.38 -79.62 5.53
CA PRO TH 17 52.96 -79.59 5.16
C PRO TH 17 52.72 -79.20 3.71
N SER TH 18 53.67 -78.52 3.07
CA SER TH 18 53.54 -78.20 1.66
C SER TH 18 53.97 -79.37 0.77
N MET TH 19 54.52 -80.42 1.37
CA MET TH 19 54.95 -81.58 0.60
C MET TH 19 53.90 -82.69 0.55
N THR TH 20 52.71 -82.47 1.09
CA THR TH 20 51.69 -83.50 1.08
C THR TH 20 50.95 -83.53 -0.26
N GLY TH 21 50.49 -84.70 -0.65
CA GLY TH 21 49.89 -84.89 -1.95
C GLY TH 21 50.86 -85.02 -3.10
N VAL TH 22 52.15 -84.84 -2.85
CA VAL TH 22 53.18 -84.89 -3.89
C VAL TH 22 53.66 -86.32 -4.01
N LYS TH 23 53.48 -86.90 -5.19
CA LYS TH 23 53.95 -88.25 -5.47
C LYS TH 23 55.42 -88.20 -5.83
N LEU TH 24 56.24 -88.99 -5.14
CA LEU TH 24 57.69 -88.93 -5.26
C LEU TH 24 58.20 -90.20 -5.90
N LEU TH 25 58.81 -90.08 -7.06
CA LEU TH 25 59.36 -91.20 -7.80
C LEU TH 25 60.88 -91.20 -7.71
N LEU TH 26 61.44 -92.39 -7.50
CA LEU TH 26 62.87 -92.61 -7.57
C LEU TH 26 63.23 -92.89 -9.02
N LEU TH 27 63.92 -91.95 -9.65
CA LEU TH 27 64.29 -92.05 -11.06
C LEU TH 27 65.79 -92.23 -11.18
N GLN TH 28 66.22 -93.20 -11.97
CA GLN TH 28 67.62 -93.35 -12.32
C GLN TH 28 67.86 -92.73 -13.69
N PHE TH 29 68.90 -91.91 -13.78
CA PHE TH 29 69.21 -91.24 -15.04
C PHE TH 29 69.79 -92.23 -16.05
N ILE TH 30 69.38 -92.07 -17.29
CA ILE TH 30 69.87 -92.88 -18.40
C ILE TH 30 70.58 -91.96 -19.38
N ASP TH 31 71.58 -92.51 -20.07
CA ASP TH 31 72.35 -91.68 -20.99
C ASP TH 31 71.64 -91.54 -22.33
N ALA TH 32 72.32 -90.91 -23.29
CA ALA TH 32 71.76 -90.77 -24.62
C ALA TH 32 71.74 -92.10 -25.38
N ASN TH 33 72.60 -93.05 -24.97
CA ASN TH 33 72.62 -94.36 -25.62
C ASN TH 33 71.56 -95.28 -25.03
N GLY TH 34 70.99 -94.94 -23.88
CA GLY TH 34 69.98 -95.74 -23.25
C GLY TH 34 70.43 -96.56 -22.05
N GLU TH 35 71.70 -96.49 -21.68
CA GLU TH 35 72.23 -97.24 -20.54
C GLU TH 35 72.01 -96.46 -19.26
N LEU TH 36 71.86 -97.20 -18.16
CA LEU TH 36 71.58 -96.57 -16.87
C LEU TH 36 72.84 -95.94 -16.31
N LEU TH 37 72.77 -94.65 -16.00
CA LEU TH 37 73.87 -93.95 -15.34
C LEU TH 37 73.81 -94.19 -13.83
N PRO TH 38 74.97 -94.16 -13.14
CA PRO TH 38 74.96 -94.27 -11.67
C PRO TH 38 74.65 -92.94 -10.99
N LYS TH 39 73.48 -92.38 -11.29
CA LYS TH 39 73.04 -91.10 -10.77
C LYS TH 39 71.52 -91.11 -10.77
N TYR TH 40 70.93 -90.66 -9.67
CA TYR TH 40 69.50 -90.75 -9.48
C TYR TH 40 68.93 -89.39 -9.12
N GLU TH 41 67.60 -89.38 -8.94
CA GLU TH 41 66.86 -88.20 -8.52
C GLU TH 41 65.54 -88.66 -7.91
N VAL TH 42 65.02 -87.87 -6.99
CA VAL TH 42 63.65 -88.02 -6.51
C VAL TH 42 62.87 -86.82 -7.02
N ALA TH 43 61.80 -87.09 -7.76
CA ALA TH 43 61.08 -86.03 -8.44
C ALA TH 43 59.59 -86.12 -8.14
N ALA TH 44 58.93 -84.97 -8.17
CA ALA TH 44 57.48 -84.93 -8.17
C ALA TH 44 56.95 -85.43 -9.50
N ASP TH 45 55.79 -86.08 -9.46
CA ASP TH 45 55.22 -86.75 -10.62
C ASP TH 45 53.80 -86.28 -10.87
N PRO TH 46 53.61 -85.16 -11.57
CA PRO TH 46 52.25 -84.77 -11.95
C PRO TH 46 51.71 -85.58 -13.12
N VAL TH 47 52.56 -85.93 -14.07
CA VAL TH 47 52.21 -86.79 -15.19
C VAL TH 47 52.40 -88.22 -14.71
N GLY TH 48 51.32 -88.99 -14.61
CA GLY TH 48 51.33 -90.24 -13.88
C GLY TH 48 52.21 -91.29 -14.52
N ALA TH 49 53.35 -91.58 -13.92
CA ALA TH 49 54.37 -92.45 -14.49
C ALA TH 49 54.60 -93.63 -13.57
N GLY TH 50 54.64 -94.83 -14.16
CA GLY TH 50 54.84 -96.05 -13.41
C GLY TH 50 56.24 -96.61 -13.60
N LEU TH 51 56.48 -97.73 -12.92
CA LEU TH 51 57.82 -98.29 -12.82
C LEU TH 51 58.26 -98.88 -14.16
N GLY TH 52 59.43 -98.45 -14.62
CA GLY TH 52 59.97 -98.88 -15.89
C GLY TH 52 59.86 -97.87 -17.00
N GLU TH 53 59.06 -96.81 -16.84
CA GLU TH 53 58.86 -95.85 -17.90
C GLU TH 53 60.06 -94.93 -18.05
N TRP TH 54 60.20 -94.39 -19.25
CA TRP TH 54 61.18 -93.35 -19.54
C TRP TH 54 60.50 -91.99 -19.40
N VAL TH 55 61.10 -91.12 -18.59
CA VAL TH 55 60.49 -89.83 -18.29
C VAL TH 55 61.49 -88.72 -18.57
N LEU TH 56 60.96 -87.53 -18.81
CA LEU TH 56 61.75 -86.31 -18.80
C LEU TH 56 61.57 -85.62 -17.46
N VAL TH 57 62.67 -85.37 -16.78
CA VAL TH 57 62.65 -84.72 -15.48
C VAL TH 57 63.48 -83.44 -15.56
N ASN TH 58 62.92 -82.34 -15.06
CA ASN TH 58 63.64 -81.08 -15.05
C ASN TH 58 64.32 -80.90 -13.70
N ARG TH 59 65.00 -79.76 -13.54
CA ARG TH 59 65.80 -79.53 -12.36
C ARG TH 59 65.59 -78.10 -11.90
N GLY TH 60 65.62 -77.92 -10.58
CA GLY TH 60 65.67 -76.59 -10.02
C GLY TH 60 64.34 -75.87 -9.97
N SER TH 61 64.35 -74.60 -10.34
CA SER TH 61 63.20 -73.73 -10.24
C SER TH 61 62.11 -74.04 -11.27
N ALA TH 62 62.43 -74.84 -12.29
CA ALA TH 62 61.44 -75.23 -13.28
C ALA TH 62 60.43 -76.23 -12.74
N ALA TH 63 60.74 -76.89 -11.61
CA ALA TH 63 59.81 -77.82 -11.01
C ALA TH 63 58.64 -77.13 -10.34
N ARG TH 64 58.70 -75.81 -10.14
CA ARG TH 64 57.67 -75.04 -9.49
C ARG TH 64 56.84 -74.20 -10.45
N GLN TH 65 56.71 -74.64 -11.70
CA GLN TH 65 56.05 -73.85 -12.73
C GLN TH 65 54.68 -74.38 -13.12
N THR TH 66 54.26 -75.53 -12.61
CA THR TH 66 53.04 -76.19 -13.07
C THR TH 66 51.80 -75.76 -12.29
N GLU TH 67 51.89 -74.63 -11.58
CA GLU TH 67 50.83 -73.87 -10.89
C GLU TH 67 50.13 -74.62 -9.76
N TYR TH 68 50.50 -75.88 -9.50
CA TYR TH 68 50.18 -76.50 -8.23
C TYR TH 68 51.43 -76.93 -7.47
N HIS TH 69 52.61 -76.63 -8.00
CA HIS TH 69 53.87 -76.83 -7.31
C HIS TH 69 54.58 -75.52 -7.01
N GLN TH 70 53.84 -74.40 -7.01
CA GLN TH 70 54.45 -73.08 -7.11
C GLN TH 70 55.19 -72.69 -5.84
N ASN TH 71 54.57 -72.87 -4.68
CA ASN TH 71 55.20 -72.54 -3.40
C ASN TH 71 55.63 -73.80 -2.66
N ARG TH 72 55.86 -74.88 -3.39
CA ARG TH 72 56.28 -76.18 -2.90
C ARG TH 72 57.78 -76.33 -3.00
N PRO TH 73 58.44 -76.89 -1.98
CA PRO TH 73 59.91 -77.04 -2.00
C PRO TH 73 60.38 -78.20 -2.88
N LEU TH 74 60.23 -78.02 -4.18
CA LEU TH 74 60.53 -79.05 -5.17
C LEU TH 74 61.62 -78.56 -6.11
N ASP TH 75 62.60 -79.42 -6.38
CA ASP TH 75 63.68 -79.09 -7.31
C ASP TH 75 63.80 -80.13 -8.42
N ALA TH 76 62.82 -81.02 -8.56
CA ALA TH 76 62.82 -82.03 -9.60
C ALA TH 76 61.38 -82.43 -9.87
N MET TH 77 61.04 -82.57 -11.14
CA MET TH 77 59.66 -82.85 -11.52
C MET TH 77 59.65 -83.59 -12.85
N VAL TH 78 58.91 -84.70 -12.90
CA VAL TH 78 58.64 -85.36 -14.17
C VAL TH 78 57.71 -84.48 -14.98
N VAL TH 79 58.17 -84.03 -16.14
CA VAL TH 79 57.37 -83.14 -16.97
C VAL TH 79 56.77 -83.85 -18.18
N ALA TH 80 57.27 -85.02 -18.54
CA ALA TH 80 56.79 -85.73 -19.71
C ALA TH 80 57.14 -87.20 -19.57
N ILE TH 81 56.22 -88.05 -20.02
CA ILE TH 81 56.51 -89.46 -20.25
C ILE TH 81 57.02 -89.59 -21.67
N ILE TH 82 58.18 -90.20 -21.84
CA ILE TH 82 58.81 -90.27 -23.15
C ILE TH 82 58.10 -91.31 -24.00
N ASP TH 83 57.60 -90.90 -25.16
CA ASP TH 83 57.08 -91.82 -26.15
C ASP TH 83 58.19 -92.45 -26.97
N THR TH 84 58.97 -91.64 -27.67
CA THR TH 84 60.03 -92.16 -28.52
C THR TH 84 61.25 -91.25 -28.48
N VAL TH 85 62.43 -91.86 -28.58
CA VAL TH 85 63.69 -91.14 -28.70
C VAL TH 85 64.31 -91.55 -30.03
N THR TH 86 64.55 -90.56 -30.89
CA THR TH 86 65.20 -90.77 -32.17
C THR TH 86 66.58 -90.17 -32.09
N VAL TH 87 67.62 -90.97 -32.34
CA VAL TH 87 69.00 -90.52 -32.34
C VAL TH 87 69.61 -90.85 -33.69
N ASN TH 88 70.09 -89.81 -34.39
CA ASN TH 88 70.70 -89.92 -35.73
C ASN TH 88 69.74 -90.56 -36.73
N ASN TH 89 68.49 -90.10 -36.70
CA ASN TH 89 67.35 -90.59 -37.48
C ASN TH 89 67.02 -92.06 -37.23
N ARG TH 90 67.51 -92.64 -36.13
CA ARG TH 90 67.24 -94.02 -35.76
C ARG TH 90 66.48 -94.02 -34.45
N ARG TH 91 65.38 -94.77 -34.40
CA ARG TH 91 64.57 -94.85 -33.20
C ARG TH 91 65.31 -95.64 -32.13
N LEU TH 92 65.59 -95.00 -31.00
CA LEU TH 92 66.28 -95.63 -29.88
C LEU TH 92 65.31 -96.17 -28.84
N TYR TH 93 64.16 -95.53 -28.66
CA TYR TH 93 63.17 -95.94 -27.68
C TYR TH 93 61.79 -95.84 -28.32
N GLY TH 94 60.89 -96.73 -27.89
CA GLY TH 94 59.53 -96.70 -28.37
C GLY TH 94 59.30 -97.56 -29.61
N ALA UH 2 -46.08 -90.72 -52.84
CA ALA UH 2 -45.41 -92.01 -52.75
C ALA UH 2 -44.96 -92.30 -51.32
N VAL UH 3 -44.09 -93.30 -51.17
CA VAL UH 3 -43.50 -93.63 -49.89
C VAL UH 3 -42.59 -92.48 -49.45
N ALA UH 4 -42.61 -92.15 -48.15
CA ALA UH 4 -41.96 -90.95 -47.65
C ALA UH 4 -40.44 -91.03 -47.79
N VAL UH 5 -39.82 -89.86 -47.94
CA VAL UH 5 -38.39 -89.76 -48.18
C VAL UH 5 -37.78 -88.81 -47.15
N GLY UH 6 -36.68 -89.23 -46.55
CA GLY UH 6 -35.94 -88.38 -45.64
C GLY UH 6 -34.51 -88.23 -46.11
N MET UH 7 -33.98 -87.02 -45.94
CA MET UH 7 -32.63 -86.68 -46.37
C MET UH 7 -31.89 -86.03 -45.23
N ILE UH 8 -30.64 -86.43 -45.02
CA ILE UH 8 -29.72 -85.75 -44.13
C ILE UH 8 -28.49 -85.39 -44.93
N GLU UH 9 -28.19 -84.10 -45.02
CA GLU UH 9 -26.98 -83.63 -45.67
C GLU UH 9 -25.94 -83.28 -44.62
N THR UH 10 -24.78 -83.91 -44.72
CA THR UH 10 -23.68 -83.64 -43.80
C THR UH 10 -22.48 -83.12 -44.58
N LEU UH 11 -21.59 -82.43 -43.88
CA LEU UH 11 -20.32 -82.00 -44.41
C LEU UH 11 -19.28 -83.03 -43.98
N GLY UH 12 -18.99 -83.98 -44.86
CA GLY UH 12 -18.03 -85.01 -44.53
C GLY UH 12 -18.59 -86.42 -44.65
N PHE UH 13 -17.74 -87.35 -45.08
CA PHE UH 13 -18.12 -88.75 -45.25
C PHE UH 13 -18.20 -89.58 -43.97
N PRO UH 14 -17.35 -89.40 -42.93
CA PRO UH 14 -17.65 -90.09 -41.67
C PRO UH 14 -18.95 -89.64 -41.00
N ALA UH 15 -19.37 -88.40 -41.23
CA ALA UH 15 -20.61 -87.93 -40.64
C ALA UH 15 -21.82 -88.45 -41.39
N VAL UH 16 -21.67 -88.77 -42.68
CA VAL UH 16 -22.82 -89.20 -43.46
C VAL UH 16 -23.03 -90.71 -43.30
N VAL UH 17 -21.98 -91.44 -42.90
CA VAL UH 17 -22.15 -92.86 -42.64
C VAL UH 17 -22.77 -93.08 -41.28
N GLU UH 18 -22.42 -92.24 -40.30
CA GLU UH 18 -23.10 -92.27 -39.01
C GLU UH 18 -24.54 -91.81 -39.14
N ALA UH 19 -24.81 -90.84 -40.04
CA ALA UH 19 -26.18 -90.45 -40.32
C ALA UH 19 -26.95 -91.60 -40.97
N ALA UH 20 -26.34 -92.29 -41.93
CA ALA UH 20 -27.01 -93.39 -42.59
C ALA UH 20 -27.16 -94.59 -41.67
N ASP UH 21 -26.20 -94.80 -40.77
CA ASP UH 21 -26.28 -95.93 -39.86
C ASP UH 21 -27.30 -95.71 -38.76
N ALA UH 22 -27.39 -94.50 -38.22
CA ALA UH 22 -28.34 -94.24 -37.15
C ALA UH 22 -29.76 -94.13 -37.65
N MET UH 23 -29.94 -93.86 -38.94
CA MET UH 23 -31.28 -93.77 -39.50
C MET UH 23 -31.91 -95.15 -39.63
N VAL UH 24 -31.16 -96.12 -40.13
CA VAL UH 24 -31.73 -97.45 -40.32
C VAL UH 24 -31.70 -98.24 -39.02
N LYS UH 25 -31.04 -97.73 -37.99
CA LYS UH 25 -31.05 -98.39 -36.70
C LYS UH 25 -32.12 -97.82 -35.77
N ALA UH 26 -32.57 -96.59 -36.03
CA ALA UH 26 -33.57 -95.99 -35.15
C ALA UH 26 -34.98 -96.45 -35.52
N ALA UH 27 -35.22 -96.70 -36.80
CA ALA UH 27 -36.56 -97.05 -37.25
C ALA UH 27 -36.45 -97.97 -38.47
N ARG UH 28 -37.61 -98.42 -38.94
CA ARG UH 28 -37.70 -99.32 -40.08
C ARG UH 28 -37.76 -98.49 -41.36
N VAL UH 29 -36.61 -97.94 -41.72
CA VAL UH 29 -36.45 -97.22 -42.98
C VAL UH 29 -35.49 -98.00 -43.85
N THR UH 30 -35.48 -97.68 -45.14
CA THR UH 30 -34.57 -98.28 -46.10
C THR UH 30 -33.69 -97.19 -46.68
N LEU UH 31 -32.41 -97.24 -46.35
CA LEU UH 31 -31.42 -96.37 -46.98
C LEU UH 31 -31.29 -96.78 -48.44
N VAL UH 32 -31.71 -95.91 -49.34
CA VAL UH 32 -31.73 -96.23 -50.77
C VAL UH 32 -30.69 -95.46 -51.55
N GLY UH 33 -30.19 -94.34 -51.05
CA GLY UH 33 -29.44 -93.42 -51.87
C GLY UH 33 -28.31 -92.79 -51.10
N TYR UH 34 -27.37 -92.21 -51.85
CA TYR UH 34 -26.17 -91.63 -51.30
C TYR UH 34 -25.67 -90.65 -52.37
N GLU UH 35 -25.72 -89.36 -52.06
CA GLU UH 35 -25.61 -88.33 -53.09
C GLU UH 35 -24.53 -87.32 -52.72
N LYS UH 36 -23.60 -87.11 -53.64
CA LYS UH 36 -22.55 -86.11 -53.51
C LYS UH 36 -22.80 -85.01 -54.52
N ILE UH 37 -22.84 -83.76 -54.05
CA ILE UH 37 -23.10 -82.61 -54.89
C ILE UH 37 -21.93 -81.65 -54.91
N GLY UH 38 -20.80 -82.01 -54.31
CA GLY UH 38 -19.62 -81.18 -54.31
C GLY UH 38 -19.44 -80.41 -53.01
N THR UH 39 -18.19 -79.96 -52.81
CA THR UH 39 -17.68 -79.31 -51.60
C THR UH 39 -18.00 -80.07 -50.31
N GLY UH 40 -17.93 -81.40 -50.35
CA GLY UH 40 -18.12 -82.19 -49.15
C GLY UH 40 -19.55 -82.31 -48.68
N ARG UH 41 -20.50 -81.72 -49.38
CA ARG UH 41 -21.92 -81.86 -49.04
C ARG UH 41 -22.40 -83.22 -49.51
N VAL UH 42 -22.54 -84.15 -48.57
CA VAL UH 42 -22.93 -85.53 -48.86
C VAL UH 42 -24.30 -85.76 -48.24
N THR UH 43 -25.20 -86.38 -49.01
CA THR UH 43 -26.57 -86.60 -48.59
C THR UH 43 -26.91 -88.08 -48.72
N VAL UH 44 -27.46 -88.65 -47.65
CA VAL UH 44 -28.04 -89.98 -47.66
C VAL UH 44 -29.56 -89.86 -47.67
N ILE UH 45 -30.21 -90.79 -48.36
CA ILE UH 45 -31.64 -90.76 -48.62
C ILE UH 45 -32.25 -92.06 -48.09
N VAL UH 46 -33.23 -91.94 -47.20
CA VAL UH 46 -33.95 -93.09 -46.70
C VAL UH 46 -35.39 -93.04 -47.20
N ARG UH 47 -36.01 -94.20 -47.31
CA ARG UH 47 -37.42 -94.34 -47.65
C ARG UH 47 -38.11 -95.14 -46.57
N GLY UH 48 -39.40 -94.89 -46.39
CA GLY UH 48 -40.17 -95.65 -45.43
C GLY UH 48 -41.46 -94.93 -45.11
N ASP UH 49 -42.16 -95.44 -44.10
CA ASP UH 49 -43.36 -94.77 -43.62
C ASP UH 49 -42.98 -93.47 -42.91
N VAL UH 50 -43.97 -92.59 -42.77
CA VAL UH 50 -43.73 -91.25 -42.24
C VAL UH 50 -43.35 -91.31 -40.76
N SER UH 51 -43.90 -92.27 -40.03
CA SER UH 51 -43.51 -92.46 -38.63
C SER UH 51 -42.07 -92.93 -38.51
N GLU UH 52 -41.63 -93.80 -39.42
CA GLU UH 52 -40.26 -94.28 -39.39
C GLU UH 52 -39.28 -93.22 -39.88
N VAL UH 53 -39.65 -92.48 -40.93
CA VAL UH 53 -38.73 -91.51 -41.52
C VAL UH 53 -38.55 -90.31 -40.59
N GLN UH 54 -39.62 -89.89 -39.90
CA GLN UH 54 -39.51 -88.81 -38.94
C GLN UH 54 -38.67 -89.20 -37.74
N ALA UH 55 -38.77 -90.46 -37.32
CA ALA UH 55 -37.97 -90.93 -36.19
C ALA UH 55 -36.51 -91.13 -36.60
N SER UH 56 -36.28 -91.57 -37.84
CA SER UH 56 -34.92 -91.85 -38.29
C SER UH 56 -34.13 -90.56 -38.54
N VAL UH 57 -34.75 -89.57 -39.18
CA VAL UH 57 -34.06 -88.34 -39.52
C VAL UH 57 -33.77 -87.53 -38.26
N SER UH 58 -34.69 -87.55 -37.29
CA SER UH 58 -34.48 -86.83 -36.04
C SER UH 58 -33.42 -87.51 -35.18
N ALA UH 59 -33.37 -88.84 -35.19
CA ALA UH 59 -32.33 -89.53 -34.44
C ALA UH 59 -31.01 -89.56 -35.21
N GLY UH 60 -31.08 -89.55 -36.53
CA GLY UH 60 -29.87 -89.48 -37.33
C GLY UH 60 -29.19 -88.13 -37.28
N THR UH 61 -29.95 -87.07 -36.96
CA THR UH 61 -29.37 -85.74 -36.85
C THR UH 61 -28.59 -85.57 -35.54
N GLU UH 62 -29.10 -86.17 -34.46
CA GLU UH 62 -28.42 -86.07 -33.18
C GLU UH 62 -27.16 -86.92 -33.13
N SER UH 63 -27.10 -87.98 -33.93
CA SER UH 63 -25.94 -88.86 -33.90
C SER UH 63 -24.74 -88.24 -34.60
N VAL UH 64 -24.97 -87.38 -35.59
CA VAL UH 64 -23.88 -86.70 -36.28
C VAL UH 64 -23.15 -85.73 -35.37
N LYS UH 65 -23.84 -85.13 -34.41
CA LYS UH 65 -23.18 -84.29 -33.41
C LYS UH 65 -22.73 -85.13 -32.22
N ARG UH 66 -22.10 -86.26 -32.53
CA ARG UH 66 -21.37 -87.13 -31.60
C ARG UH 66 -20.14 -87.60 -32.35
N VAL UH 67 -20.00 -87.13 -33.58
CA VAL UH 67 -18.85 -87.41 -34.44
C VAL UH 67 -17.97 -86.17 -34.44
N ASN UH 68 -16.66 -86.37 -34.26
CA ASN UH 68 -15.73 -85.25 -34.32
C ASN UH 68 -15.54 -84.83 -35.76
N GLY UH 69 -15.71 -83.53 -36.01
CA GLY UH 69 -15.68 -83.04 -37.38
C GLY UH 69 -16.95 -83.26 -38.16
N GLY UH 70 -18.00 -83.71 -37.50
CA GLY UH 70 -19.28 -83.95 -38.14
C GLY UH 70 -20.19 -82.74 -38.00
N GLN UH 71 -20.88 -82.41 -39.09
CA GLN UH 71 -21.72 -81.23 -39.15
C GLN UH 71 -22.92 -81.51 -40.05
N VAL UH 72 -24.12 -81.37 -39.51
CA VAL UH 72 -25.34 -81.50 -40.29
C VAL UH 72 -25.57 -80.19 -41.01
N LEU UH 73 -25.66 -80.25 -42.33
CA LEU UH 73 -25.94 -79.05 -43.11
C LEU UH 73 -27.43 -78.87 -43.32
N SER UH 74 -28.14 -79.93 -43.70
CA SER UH 74 -29.53 -79.80 -44.04
C SER UH 74 -30.24 -81.14 -43.83
N THR UH 75 -31.41 -81.08 -43.20
CA THR UH 75 -32.26 -82.24 -43.02
C THR UH 75 -33.65 -81.90 -43.54
N HIS UH 76 -34.30 -82.88 -44.17
CA HIS UH 76 -35.67 -82.69 -44.61
C HIS UH 76 -36.39 -84.02 -44.70
N ILE UH 77 -37.70 -83.97 -44.50
CA ILE UH 77 -38.60 -85.11 -44.66
C ILE UH 77 -39.74 -84.68 -45.57
N ILE UH 78 -39.96 -85.44 -46.64
CA ILE UH 78 -41.14 -85.26 -47.48
C ILE UH 78 -42.04 -86.47 -47.27
N ALA UH 79 -43.18 -86.25 -46.63
CA ALA UH 79 -44.03 -87.35 -46.16
C ALA UH 79 -44.73 -88.04 -47.31
N ARG UH 80 -44.95 -87.34 -48.42
CA ARG UH 80 -45.66 -87.89 -49.57
C ARG UH 80 -45.10 -87.26 -50.82
N PRO UH 81 -43.97 -87.76 -51.32
CA PRO UH 81 -43.39 -87.17 -52.53
C PRO UH 81 -44.18 -87.55 -53.76
N HIS UH 82 -44.14 -86.66 -54.74
CA HIS UH 82 -44.78 -86.91 -56.02
C HIS UH 82 -44.08 -88.03 -56.76
N GLU UH 83 -44.85 -88.76 -57.58
CA GLU UH 83 -44.31 -89.86 -58.35
C GLU UH 83 -43.41 -89.39 -59.50
N ASN UH 84 -43.46 -88.09 -59.84
CA ASN UH 84 -42.51 -87.51 -60.77
C ASN UH 84 -41.09 -87.52 -60.22
N LEU UH 85 -40.93 -87.40 -58.90
CA LEU UH 85 -39.60 -87.22 -58.32
C LEU UH 85 -38.78 -88.49 -58.32
N GLU UH 86 -39.42 -89.65 -58.45
CA GLU UH 86 -38.68 -90.92 -58.45
C GLU UH 86 -37.85 -91.06 -59.72
N TYR UH 87 -38.32 -90.50 -60.83
CA TYR UH 87 -37.69 -90.75 -62.12
C TYR UH 87 -36.62 -89.71 -62.42
N VAL UH 88 -36.60 -88.62 -61.67
CA VAL UH 88 -35.63 -87.56 -61.92
C VAL UH 88 -34.57 -87.54 -60.84
N LEU UH 89 -34.97 -87.58 -59.62
CA LEU UH 89 -34.08 -87.49 -58.48
C LEU UH 89 -33.65 -88.87 -58.01
N PRO UH 90 -32.42 -89.02 -57.50
CA PRO UH 90 -31.96 -90.33 -57.01
C PRO UH 90 -32.47 -90.65 -55.60
N ILE UH 91 -33.80 -90.73 -55.46
CA ILE UH 91 -34.44 -91.07 -54.21
C ILE UH 91 -35.23 -92.36 -54.30
N ARG UH 92 -35.09 -93.12 -55.38
CA ARG UH 92 -35.95 -94.27 -55.59
C ARG UH 92 -35.30 -95.55 -55.08
N TYR UH 93 -36.13 -96.57 -54.93
CA TYR UH 93 -35.65 -97.89 -54.53
C TYR UH 93 -34.87 -98.54 -55.66
N THR UH 94 -33.59 -98.77 -55.43
CA THR UH 94 -32.77 -99.53 -56.36
C THR UH 94 -32.92 -101.03 -56.09
N GLU UH 95 -32.41 -101.84 -57.03
CA GLU UH 95 -32.69 -103.26 -56.96
C GLU UH 95 -31.80 -103.98 -55.96
N GLU UH 96 -30.77 -103.31 -55.44
CA GLU UH 96 -29.91 -103.95 -54.44
C GLU UH 96 -30.44 -103.73 -53.03
N VAL UH 97 -31.36 -102.77 -52.86
CA VAL UH 97 -31.93 -102.48 -51.56
C VAL UH 97 -33.39 -102.94 -51.46
N GLU UH 98 -33.82 -103.83 -52.37
CA GLU UH 98 -35.19 -104.32 -52.33
C GLU UH 98 -35.41 -105.35 -51.23
N GLN UH 99 -34.34 -105.86 -50.61
CA GLN UH 99 -34.51 -106.81 -49.52
C GLN UH 99 -34.84 -106.11 -48.22
N PHE UH 100 -34.49 -104.84 -48.09
CA PHE UH 100 -34.71 -104.08 -46.86
C PHE UH 100 -36.02 -103.33 -46.85
N ARG UH 101 -36.78 -103.34 -47.94
CA ARG UH 101 -38.04 -102.61 -47.99
C ARG UH 101 -39.13 -103.31 -47.20
N ALA VH 2 -40.69 -73.09 -77.41
CA ALA VH 2 -41.20 -74.38 -76.97
C ALA VH 2 -42.01 -74.25 -75.68
N VAL VH 3 -42.31 -75.39 -75.07
CA VAL VH 3 -42.94 -75.42 -73.76
C VAL VH 3 -42.01 -74.79 -72.73
N ALA VH 4 -42.57 -73.94 -71.85
CA ALA VH 4 -41.78 -73.10 -70.96
C ALA VH 4 -40.97 -73.93 -69.97
N VAL VH 5 -39.85 -73.37 -69.53
CA VAL VH 5 -38.91 -74.06 -68.65
C VAL VH 5 -38.69 -73.20 -67.41
N GLY VH 6 -38.75 -73.82 -66.26
CA GLY VH 6 -38.43 -73.15 -65.00
C GLY VH 6 -37.32 -73.88 -64.28
N MET VH 7 -36.42 -73.12 -63.69
CA MET VH 7 -35.27 -73.65 -62.99
C MET VH 7 -35.20 -73.04 -61.61
N ILE VH 8 -34.94 -73.87 -60.60
CA ILE VH 8 -34.62 -73.40 -59.26
C ILE VH 8 -33.27 -73.99 -58.88
N GLU VH 9 -32.30 -73.13 -58.59
CA GLU VH 9 -31.01 -73.56 -58.10
C GLU VH 9 -30.93 -73.34 -56.61
N THR VH 10 -30.64 -74.40 -55.87
CA THR VH 10 -30.48 -74.32 -54.42
C THR VH 10 -29.08 -74.73 -54.02
N LEU VH 11 -28.71 -74.37 -52.81
CA LEU VH 11 -27.47 -74.82 -52.18
C LEU VH 11 -27.83 -76.00 -51.29
N GLY VH 12 -27.66 -77.20 -51.81
CA GLY VH 12 -27.98 -78.38 -51.03
C GLY VH 12 -29.00 -79.29 -51.67
N PHE VH 13 -28.83 -80.58 -51.48
CA PHE VH 13 -29.75 -81.59 -52.00
C PHE VH 13 -31.07 -81.76 -51.23
N PRO VH 14 -31.15 -81.65 -49.89
CA PRO VH 14 -32.49 -81.65 -49.27
C PRO VH 14 -33.35 -80.46 -49.66
N ALA VH 15 -32.75 -79.32 -50.00
CA ALA VH 15 -33.54 -78.17 -50.42
C ALA VH 15 -34.04 -78.34 -51.85
N VAL VH 16 -33.33 -79.10 -52.67
CA VAL VH 16 -33.68 -79.18 -54.08
C VAL VH 16 -34.76 -80.24 -54.31
N VAL VH 17 -34.91 -81.17 -53.37
CA VAL VH 17 -35.98 -82.16 -53.47
C VAL VH 17 -37.28 -81.56 -52.95
N GLU VH 18 -37.20 -80.73 -51.92
CA GLU VH 18 -38.37 -80.01 -51.45
C GLU VH 18 -38.82 -78.96 -52.44
N ALA VH 19 -37.87 -78.33 -53.15
CA ALA VH 19 -38.23 -77.41 -54.21
C ALA VH 19 -38.88 -78.13 -55.38
N ALA VH 20 -38.36 -79.32 -55.73
CA ALA VH 20 -38.94 -80.09 -56.83
C ALA VH 20 -40.28 -80.67 -56.44
N ASP VH 21 -40.47 -81.03 -55.17
CA ASP VH 21 -41.74 -81.58 -54.74
C ASP VH 21 -42.82 -80.51 -54.62
N ALA VH 22 -42.43 -79.29 -54.24
CA ALA VH 22 -43.39 -78.20 -54.15
C ALA VH 22 -43.78 -77.70 -55.53
N MET VH 23 -42.91 -77.88 -56.52
CA MET VH 23 -43.19 -77.37 -57.86
C MET VH 23 -44.24 -78.22 -58.56
N VAL VH 24 -44.09 -79.54 -58.51
CA VAL VH 24 -45.01 -80.40 -59.26
C VAL VH 24 -46.31 -80.61 -58.51
N LYS VH 25 -46.38 -80.17 -57.25
CA LYS VH 25 -47.65 -80.22 -56.52
C LYS VH 25 -48.43 -78.92 -56.70
N ALA VH 26 -47.73 -77.82 -56.92
CA ALA VH 26 -48.40 -76.53 -56.97
C ALA VH 26 -49.11 -76.30 -58.30
N ALA VH 27 -48.58 -76.85 -59.38
CA ALA VH 27 -49.13 -76.58 -60.71
C ALA VH 27 -48.92 -77.78 -61.61
N ARG VH 28 -49.37 -77.65 -62.85
CA ARG VH 28 -49.28 -78.71 -63.85
C ARG VH 28 -47.96 -78.60 -64.62
N VAL VH 29 -46.87 -78.72 -63.87
CA VAL VH 29 -45.55 -78.75 -64.46
C VAL VH 29 -45.04 -80.19 -64.38
N THR VH 30 -44.06 -80.49 -65.22
CA THR VH 30 -43.39 -81.78 -65.23
C THR VH 30 -41.94 -81.56 -64.88
N LEU VH 31 -41.51 -82.13 -63.75
CA LEU VH 31 -40.09 -82.16 -63.41
C LEU VH 31 -39.38 -83.07 -64.39
N VAL VH 32 -38.46 -82.50 -65.17
CA VAL VH 32 -37.75 -83.27 -66.19
C VAL VH 32 -36.25 -83.35 -65.94
N GLY VH 33 -35.69 -82.48 -65.12
CA GLY VH 33 -34.26 -82.30 -65.11
C GLY VH 33 -33.72 -82.18 -63.70
N TYR VH 34 -32.44 -82.48 -63.57
CA TYR VH 34 -31.73 -82.47 -62.30
C TYR VH 34 -30.27 -82.31 -62.61
N GLU VH 35 -29.69 -81.17 -62.24
CA GLU VH 35 -28.37 -80.80 -62.72
C GLU VH 35 -27.48 -80.39 -61.55
N LYS VH 36 -26.30 -80.99 -61.50
CA LYS VH 36 -25.26 -80.65 -60.54
C LYS VH 36 -24.11 -79.98 -61.29
N ILE VH 37 -23.74 -78.78 -60.85
CA ILE VH 37 -22.70 -78.00 -61.51
C ILE VH 37 -21.52 -77.73 -60.58
N GLY VH 38 -21.55 -78.25 -59.36
CA GLY VH 38 -20.46 -78.05 -58.42
C GLY VH 38 -20.79 -77.04 -57.34
N THR VH 39 -19.95 -77.05 -56.30
CA THR VH 39 -20.09 -76.29 -55.05
C THR VH 39 -21.47 -76.40 -54.40
N GLY VH 40 -22.10 -77.57 -54.50
CA GLY VH 40 -23.41 -77.74 -53.92
C GLY VH 40 -24.54 -77.04 -54.64
N ARG VH 41 -24.28 -76.44 -55.80
CA ARG VH 41 -25.31 -75.78 -56.58
C ARG VH 41 -26.04 -76.84 -57.39
N VAL VH 42 -27.28 -77.10 -57.01
CA VAL VH 42 -28.09 -78.15 -57.64
C VAL VH 42 -29.33 -77.49 -58.23
N THR VH 43 -29.64 -77.81 -59.48
CA THR VH 43 -30.75 -77.21 -60.20
C THR VH 43 -31.74 -78.29 -60.60
N VAL VH 44 -33.02 -78.08 -60.28
CA VAL VH 44 -34.12 -78.86 -60.81
C VAL VH 44 -34.84 -78.06 -61.87
N ILE VH 45 -35.32 -78.76 -62.89
CA ILE VH 45 -35.86 -78.15 -64.11
C ILE VH 45 -37.27 -78.69 -64.31
N VAL VH 46 -38.24 -77.78 -64.39
CA VAL VH 46 -39.62 -78.16 -64.68
C VAL VH 46 -40.00 -77.63 -66.05
N ARG VH 47 -40.97 -78.31 -66.68
CA ARG VH 47 -41.55 -77.89 -67.95
C ARG VH 47 -43.06 -77.81 -67.84
N GLY VH 48 -43.63 -76.80 -68.47
CA GLY VH 48 -45.07 -76.68 -68.52
C GLY VH 48 -45.46 -75.40 -69.23
N ASP VH 49 -46.74 -75.05 -69.12
CA ASP VH 49 -47.18 -73.75 -69.59
C ASP VH 49 -46.62 -72.67 -68.68
N VAL VH 50 -46.49 -71.46 -69.23
CA VAL VH 50 -45.76 -70.39 -68.54
C VAL VH 50 -46.49 -69.93 -67.28
N SER VH 51 -47.82 -70.00 -67.26
CA SER VH 51 -48.57 -69.66 -66.06
C SER VH 51 -48.39 -70.73 -64.98
N GLU VH 52 -48.29 -72.00 -65.41
CA GLU VH 52 -48.05 -73.07 -64.45
C GLU VH 52 -46.60 -73.09 -63.99
N VAL VH 53 -45.68 -72.72 -64.88
CA VAL VH 53 -44.27 -72.71 -64.50
C VAL VH 53 -43.99 -71.55 -63.55
N GLN VH 54 -44.64 -70.40 -63.77
CA GLN VH 54 -44.49 -69.26 -62.87
C GLN VH 54 -45.11 -69.55 -61.50
N ALA VH 55 -46.21 -70.30 -61.47
CA ALA VH 55 -46.86 -70.63 -60.21
C ALA VH 55 -46.06 -71.67 -59.44
N SER VH 56 -45.35 -72.54 -60.15
CA SER VH 56 -44.60 -73.60 -59.48
C SER VH 56 -43.26 -73.10 -58.94
N VAL VH 57 -42.55 -72.29 -59.75
CA VAL VH 57 -41.22 -71.81 -59.38
C VAL VH 57 -41.29 -70.87 -58.18
N SER VH 58 -42.36 -70.06 -58.10
CA SER VH 58 -42.56 -69.22 -56.93
C SER VH 58 -42.94 -70.06 -55.71
N ALA VH 59 -43.67 -71.16 -55.92
CA ALA VH 59 -44.05 -72.01 -54.80
C ALA VH 59 -42.91 -72.92 -54.38
N GLY VH 60 -42.05 -73.32 -55.33
CA GLY VH 60 -40.89 -74.09 -54.98
C GLY VH 60 -39.82 -73.26 -54.29
N THR VH 61 -39.85 -71.94 -54.50
CA THR VH 61 -38.92 -71.06 -53.79
C THR VH 61 -39.35 -70.88 -52.34
N GLU VH 62 -40.65 -70.83 -52.08
CA GLU VH 62 -41.14 -70.62 -50.73
C GLU VH 62 -40.96 -71.85 -49.85
N SER VH 63 -40.86 -73.04 -50.44
CA SER VH 63 -40.76 -74.25 -49.66
C SER VH 63 -39.33 -74.57 -49.26
N VAL VH 64 -38.34 -73.88 -49.84
CA VAL VH 64 -36.96 -74.04 -49.39
C VAL VH 64 -36.77 -73.38 -48.02
N LYS VH 65 -37.61 -72.40 -47.69
CA LYS VH 65 -37.59 -71.81 -46.35
C LYS VH 65 -38.06 -72.80 -45.29
N ARG VH 66 -38.83 -73.83 -45.68
CA ARG VH 66 -39.18 -74.90 -44.75
C ARG VH 66 -37.97 -75.74 -44.38
N VAL VH 67 -37.04 -75.89 -45.33
CA VAL VH 67 -35.85 -76.71 -45.08
C VAL VH 67 -34.86 -75.91 -44.26
N ASN VH 68 -34.34 -76.53 -43.20
CA ASN VH 68 -33.26 -75.93 -42.43
C ASN VH 68 -31.94 -76.14 -43.17
N GLY VH 69 -31.17 -75.08 -43.33
CA GLY VH 69 -29.96 -75.17 -44.10
C GLY VH 69 -30.17 -75.13 -45.60
N GLY VH 70 -31.39 -74.86 -46.05
CA GLY VH 70 -31.70 -74.74 -47.46
C GLY VH 70 -31.72 -73.29 -47.89
N GLN VH 71 -31.18 -73.03 -49.07
CA GLN VH 71 -31.06 -71.68 -49.59
C GLN VH 71 -31.19 -71.69 -51.11
N VAL VH 72 -32.16 -70.94 -51.61
CA VAL VH 72 -32.34 -70.76 -53.05
C VAL VH 72 -31.25 -69.81 -53.53
N LEU VH 73 -30.47 -70.24 -54.52
CA LEU VH 73 -29.42 -69.40 -55.07
C LEU VH 73 -29.94 -68.60 -56.27
N SER VH 74 -30.66 -69.26 -57.17
CA SER VH 74 -31.08 -68.61 -58.40
C SER VH 74 -32.31 -69.32 -58.95
N THR VH 75 -33.31 -68.53 -59.32
CA THR VH 75 -34.47 -69.03 -60.03
C THR VH 75 -34.60 -68.27 -61.35
N HIS VH 76 -35.14 -68.96 -62.36
CA HIS VH 76 -35.42 -68.32 -63.63
C HIS VH 76 -36.50 -69.09 -64.36
N ILE VH 77 -37.26 -68.37 -65.18
CA ILE VH 77 -38.33 -68.91 -66.01
C ILE VH 77 -38.13 -68.38 -67.42
N ILE VH 78 -38.07 -69.28 -68.40
CA ILE VH 78 -38.06 -68.91 -69.81
C ILE VH 78 -39.40 -69.33 -70.40
N ALA VH 79 -40.16 -68.35 -70.91
CA ALA VH 79 -41.53 -68.60 -71.35
C ALA VH 79 -41.57 -69.42 -72.63
N ARG VH 80 -40.57 -69.25 -73.49
CA ARG VH 80 -40.53 -69.94 -74.78
C ARG VH 80 -39.08 -70.22 -75.11
N PRO VH 81 -38.53 -71.32 -74.62
CA PRO VH 81 -37.15 -71.66 -74.95
C PRO VH 81 -37.03 -72.11 -76.40
N HIS VH 82 -35.89 -71.78 -76.99
CA HIS VH 82 -35.59 -72.17 -78.36
C HIS VH 82 -35.43 -73.68 -78.46
N GLU VH 83 -35.66 -74.21 -79.66
CA GLU VH 83 -35.58 -75.65 -79.88
C GLU VH 83 -34.15 -76.17 -79.83
N ASN VH 84 -33.16 -75.28 -79.96
CA ASN VH 84 -31.76 -75.67 -79.84
C ASN VH 84 -31.40 -76.06 -78.41
N LEU VH 85 -32.17 -75.56 -77.43
CA LEU VH 85 -31.78 -75.71 -76.03
C LEU VH 85 -32.03 -77.12 -75.52
N GLU VH 86 -33.04 -77.81 -76.05
CA GLU VH 86 -33.36 -79.15 -75.53
C GLU VH 86 -32.38 -80.20 -76.03
N TYR VH 87 -31.62 -79.88 -77.08
CA TYR VH 87 -30.68 -80.86 -77.60
C TYR VH 87 -29.29 -80.69 -76.99
N VAL VH 88 -29.08 -79.58 -76.28
CA VAL VH 88 -27.79 -79.36 -75.62
C VAL VH 88 -27.97 -79.39 -74.11
N LEU VH 89 -28.82 -78.57 -73.60
CA LEU VH 89 -29.05 -78.46 -72.17
C LEU VH 89 -30.04 -79.50 -71.69
N PRO VH 90 -29.91 -80.00 -70.45
CA PRO VH 90 -30.83 -81.03 -69.94
C PRO VH 90 -32.15 -80.45 -69.45
N ILE VH 91 -32.89 -79.82 -70.35
CA ILE VH 91 -34.22 -79.29 -70.08
C ILE VH 91 -35.30 -80.02 -70.86
N ARG VH 92 -34.97 -81.13 -71.52
CA ARG VH 92 -35.92 -81.80 -72.38
C ARG VH 92 -36.70 -82.86 -71.62
N TYR VH 93 -37.85 -83.22 -72.17
CA TYR VH 93 -38.62 -84.35 -71.67
C TYR VH 93 -37.90 -85.65 -71.98
N THR VH 94 -37.43 -86.32 -70.95
CA THR VH 94 -36.89 -87.67 -71.14
C THR VH 94 -38.03 -88.66 -71.24
N GLU VH 95 -37.69 -89.90 -71.57
CA GLU VH 95 -38.72 -90.92 -71.79
C GLU VH 95 -39.32 -91.39 -70.47
N GLU VH 96 -38.60 -91.18 -69.35
CA GLU VH 96 -39.10 -91.64 -68.06
C GLU VH 96 -40.16 -90.70 -67.51
N VAL VH 97 -40.19 -89.46 -67.97
CA VAL VH 97 -41.09 -88.45 -67.44
C VAL VH 97 -42.24 -88.14 -68.42
N GLU VH 98 -42.43 -88.97 -69.44
CA GLU VH 98 -43.50 -88.70 -70.40
C GLU VH 98 -44.87 -89.08 -69.87
N GLN VH 99 -44.95 -89.82 -68.76
CA GLN VH 99 -46.23 -90.14 -68.17
C GLN VH 99 -46.80 -88.97 -67.37
N PHE VH 100 -45.97 -87.98 -67.07
CA PHE VH 100 -46.38 -86.84 -66.26
C PHE VH 100 -46.60 -85.58 -67.09
N ARG VH 101 -46.46 -85.65 -68.41
CA ARG VH 101 -46.61 -84.48 -69.25
C ARG VH 101 -48.09 -84.12 -69.45
N ALA WH 2 -60.23 -93.34 -33.36
CA ALA WH 2 -59.82 -94.09 -34.54
C ALA WH 2 -58.54 -93.50 -35.12
N VAL WH 3 -58.66 -92.79 -36.24
CA VAL WH 3 -57.52 -92.08 -36.81
C VAL WH 3 -57.32 -90.78 -36.05
N ALA WH 4 -56.14 -90.18 -36.20
CA ALA WH 4 -55.82 -88.96 -35.50
C ALA WH 4 -56.59 -87.77 -36.08
N VAL WH 5 -56.58 -86.67 -35.34
CA VAL WH 5 -57.23 -85.44 -35.76
C VAL WH 5 -56.25 -84.29 -35.61
N GLY WH 6 -56.10 -83.48 -36.65
CA GLY WH 6 -55.27 -82.30 -36.58
C GLY WH 6 -56.07 -81.07 -36.94
N MET WH 7 -55.74 -79.97 -36.29
CA MET WH 7 -56.46 -78.71 -36.45
C MET WH 7 -55.46 -77.59 -36.64
N ILE WH 8 -55.72 -76.72 -37.61
CA ILE WH 8 -55.01 -75.46 -37.75
C ILE WH 8 -56.04 -74.36 -37.74
N GLU WH 9 -55.91 -73.43 -36.79
CA GLU WH 9 -56.77 -72.27 -36.74
C GLU WH 9 -56.02 -71.06 -37.26
N THR WH 10 -56.59 -70.38 -38.26
CA THR WH 10 -56.00 -69.18 -38.81
C THR WH 10 -56.94 -68.01 -38.60
N LEU WH 11 -56.39 -66.81 -38.74
CA LEU WH 11 -57.16 -65.58 -38.80
C LEU WH 11 -57.36 -65.26 -40.26
N GLY WH 12 -58.56 -65.54 -40.77
CA GLY WH 12 -58.85 -65.27 -42.15
C GLY WH 12 -59.13 -66.50 -42.99
N PHE WH 13 -60.04 -66.36 -43.95
CA PHE WH 13 -60.39 -67.44 -44.87
C PHE WH 13 -59.39 -67.71 -46.00
N PRO WH 14 -58.72 -66.72 -46.61
CA PRO WH 14 -57.65 -67.11 -47.57
C PRO WH 14 -56.48 -67.83 -46.92
N ALA WH 15 -56.23 -67.61 -45.63
CA ALA WH 15 -55.16 -68.32 -44.97
C ALA WH 15 -55.56 -69.74 -44.62
N VAL WH 16 -56.86 -70.01 -44.49
CA VAL WH 16 -57.30 -71.32 -44.04
C VAL WH 16 -57.47 -72.26 -45.23
N VAL WH 17 -57.58 -71.71 -46.44
CA VAL WH 17 -57.64 -72.55 -47.63
C VAL WH 17 -56.24 -72.93 -48.07
N GLU WH 18 -55.29 -72.02 -47.89
CA GLU WH 18 -53.89 -72.35 -48.14
C GLU WH 18 -53.36 -73.34 -47.10
N ALA WH 19 -53.82 -73.21 -45.85
CA ALA WH 19 -53.47 -74.19 -44.83
C ALA WH 19 -54.07 -75.55 -45.13
N ALA WH 20 -55.33 -75.57 -45.60
CA ALA WH 20 -55.97 -76.84 -45.91
C ALA WH 20 -55.38 -77.48 -47.16
N ASP WH 21 -55.00 -76.67 -48.14
CA ASP WH 21 -54.40 -77.21 -49.36
C ASP WH 21 -52.99 -77.73 -49.10
N ALA WH 22 -52.27 -77.11 -48.16
CA ALA WH 22 -50.93 -77.58 -47.85
C ALA WH 22 -50.96 -78.87 -47.05
N MET WH 23 -52.04 -79.12 -46.30
CA MET WH 23 -52.09 -80.33 -45.49
C MET WH 23 -52.34 -81.57 -46.32
N VAL WH 24 -53.31 -81.50 -47.24
CA VAL WH 24 -53.68 -82.71 -47.98
C VAL WH 24 -52.71 -82.99 -49.10
N LYS WH 25 -51.85 -82.02 -49.43
CA LYS WH 25 -50.78 -82.27 -50.39
C LYS WH 25 -49.54 -82.85 -49.72
N ALA WH 26 -49.31 -82.49 -48.46
CA ALA WH 26 -48.07 -82.89 -47.80
C ALA WH 26 -48.10 -84.35 -47.36
N ALA WH 27 -49.25 -84.82 -46.89
CA ALA WH 27 -49.34 -86.16 -46.34
C ALA WH 27 -50.70 -86.75 -46.65
N ARG WH 28 -50.88 -88.02 -46.25
CA ARG WH 28 -52.11 -88.76 -46.50
C ARG WH 28 -53.13 -88.48 -45.40
N VAL WH 29 -53.62 -87.26 -45.40
CA VAL WH 29 -54.66 -86.85 -44.48
C VAL WH 29 -55.90 -86.50 -45.29
N THR WH 30 -57.06 -86.61 -44.64
CA THR WH 30 -58.33 -86.25 -45.24
C THR WH 30 -58.85 -85.01 -44.54
N LEU WH 31 -58.97 -83.92 -45.28
CA LEU WH 31 -59.67 -82.74 -44.79
C LEU WH 31 -61.14 -83.07 -44.66
N VAL WH 32 -61.65 -83.08 -43.42
CA VAL WH 32 -63.01 -83.47 -43.16
C VAL WH 32 -63.88 -82.32 -42.69
N GLY WH 33 -63.31 -81.24 -42.20
CA GLY WH 33 -64.07 -80.27 -41.45
C GLY WH 33 -63.59 -78.86 -41.68
N TYR WH 34 -64.42 -77.92 -41.25
CA TYR WH 34 -64.23 -76.50 -41.49
C TYR WH 34 -65.10 -75.77 -40.49
N GLU WH 35 -64.47 -75.03 -39.57
CA GLU WH 35 -65.17 -74.50 -38.41
C GLU WH 35 -64.91 -73.01 -38.24
N LYS WH 36 -65.98 -72.26 -38.02
CA LYS WH 36 -65.91 -70.83 -37.75
C LYS WH 36 -66.47 -70.58 -36.36
N ILE WH 37 -65.68 -69.91 -35.51
CA ILE WH 37 -66.07 -69.66 -34.14
C ILE WH 37 -66.22 -68.18 -33.84
N GLY WH 38 -65.98 -67.32 -34.83
CA GLY WH 38 -66.05 -65.89 -34.63
C GLY WH 38 -64.68 -65.25 -34.51
N THR WH 39 -64.68 -63.91 -34.55
CA THR WH 39 -63.50 -63.03 -34.69
C THR WH 39 -62.56 -63.45 -35.81
N GLY WH 40 -63.10 -63.95 -36.93
CA GLY WH 40 -62.28 -64.39 -38.03
C GLY WH 40 -61.45 -65.64 -37.77
N ARG WH 41 -61.65 -66.31 -36.63
CA ARG WH 41 -60.89 -67.50 -36.28
C ARG WH 41 -61.52 -68.69 -36.98
N VAL WH 42 -60.84 -69.20 -38.00
CA VAL WH 42 -61.36 -70.27 -38.83
C VAL WH 42 -60.45 -71.48 -38.70
N THR WH 43 -61.04 -72.64 -38.48
CA THR WH 43 -60.30 -73.88 -38.22
C THR WH 43 -60.65 -74.91 -39.27
N VAL WH 44 -59.64 -75.56 -39.83
CA VAL WH 44 -59.81 -76.73 -40.69
C VAL WH 44 -59.30 -77.95 -39.95
N ILE WH 45 -59.99 -79.08 -40.17
CA ILE WH 45 -59.77 -80.31 -39.43
C ILE WH 45 -59.38 -81.40 -40.43
N VAL WH 46 -58.23 -82.04 -40.19
CA VAL WH 46 -57.78 -83.16 -41.00
C VAL WH 46 -57.78 -84.42 -40.17
N ARG WH 47 -58.01 -85.56 -40.82
CA ARG WH 47 -57.97 -86.86 -40.20
C ARG WH 47 -56.97 -87.74 -40.92
N GLY WH 48 -56.28 -88.58 -40.16
CA GLY WH 48 -55.33 -89.50 -40.75
C GLY WH 48 -54.55 -90.19 -39.67
N ASP WH 49 -53.46 -90.84 -40.05
CA ASP WH 49 -52.53 -91.36 -39.07
C ASP WH 49 -51.83 -90.21 -38.37
N VAL WH 50 -51.35 -90.48 -37.15
CA VAL WH 50 -50.76 -89.42 -36.33
C VAL WH 50 -49.45 -88.91 -36.93
N SER WH 51 -48.72 -89.77 -37.64
CA SER WH 51 -47.52 -89.32 -38.35
C SER WH 51 -47.90 -88.53 -39.60
N GLU WH 52 -48.99 -88.93 -40.26
CA GLU WH 52 -49.48 -88.19 -41.42
C GLU WH 52 -50.03 -86.83 -40.98
N VAL WH 53 -50.70 -86.80 -39.84
CA VAL WH 53 -51.30 -85.55 -39.36
C VAL WH 53 -50.23 -84.58 -38.89
N GLN WH 54 -49.17 -85.11 -38.25
CA GLN WH 54 -48.08 -84.26 -37.78
C GLN WH 54 -47.30 -83.64 -38.93
N ALA WH 55 -47.15 -84.37 -40.02
CA ALA WH 55 -46.44 -83.83 -41.17
C ALA WH 55 -47.29 -82.81 -41.92
N SER WH 56 -48.61 -83.00 -41.92
CA SER WH 56 -49.49 -82.08 -42.64
C SER WH 56 -49.70 -80.80 -41.85
N VAL WH 57 -49.90 -80.91 -40.53
CA VAL WH 57 -50.16 -79.74 -39.70
C VAL WH 57 -48.92 -78.86 -39.63
N SER WH 58 -47.74 -79.47 -39.63
CA SER WH 58 -46.50 -78.69 -39.68
C SER WH 58 -46.36 -78.00 -41.03
N ALA WH 59 -46.68 -78.69 -42.12
CA ALA WH 59 -46.54 -78.11 -43.46
C ALA WH 59 -47.63 -77.09 -43.74
N GLY WH 60 -48.82 -77.27 -43.14
CA GLY WH 60 -49.86 -76.27 -43.27
C GLY WH 60 -49.58 -75.01 -42.47
N THR WH 61 -48.69 -75.10 -41.47
CA THR WH 61 -48.39 -73.95 -40.65
C THR WH 61 -47.49 -72.95 -41.37
N GLU WH 62 -46.43 -73.43 -42.04
CA GLU WH 62 -45.53 -72.50 -42.72
C GLU WH 62 -46.11 -71.99 -44.04
N SER WH 63 -47.17 -72.62 -44.54
CA SER WH 63 -47.79 -72.15 -45.77
C SER WH 63 -48.69 -70.95 -45.53
N VAL WH 64 -49.10 -70.70 -44.29
CA VAL WH 64 -49.85 -69.49 -43.99
C VAL WH 64 -48.92 -68.29 -43.99
N LYS WH 65 -47.63 -68.51 -43.74
CA LYS WH 65 -46.64 -67.44 -43.75
C LYS WH 65 -46.44 -66.83 -45.14
N ARG WH 66 -46.77 -67.56 -46.20
CA ARG WH 66 -46.73 -67.01 -47.54
C ARG WH 66 -47.99 -66.23 -47.89
N VAL WH 67 -49.06 -66.37 -47.10
CA VAL WH 67 -50.27 -65.59 -47.31
C VAL WH 67 -50.13 -64.27 -46.56
N ASN WH 68 -50.20 -63.17 -47.30
CA ASN WH 68 -50.14 -61.84 -46.70
C ASN WH 68 -51.54 -61.46 -46.24
N GLY WH 69 -51.71 -61.31 -44.92
CA GLY WH 69 -52.99 -60.99 -44.34
C GLY WH 69 -53.56 -62.06 -43.43
N GLY WH 70 -52.91 -63.22 -43.32
CA GLY WH 70 -53.37 -64.27 -42.45
C GLY WH 70 -52.22 -64.82 -41.62
N GLN WH 71 -52.58 -65.32 -40.44
CA GLN WH 71 -51.60 -65.87 -39.52
C GLN WH 71 -52.20 -67.09 -38.84
N VAL WH 72 -51.34 -67.97 -38.38
CA VAL WH 72 -51.75 -69.16 -37.63
C VAL WH 72 -51.99 -68.74 -36.19
N LEU WH 73 -53.20 -68.99 -35.68
CA LEU WH 73 -53.50 -68.65 -34.30
C LEU WH 73 -53.21 -69.82 -33.38
N SER WH 74 -53.62 -71.02 -33.78
CA SER WH 74 -53.46 -72.19 -32.92
C SER WH 74 -53.43 -73.44 -33.78
N THR WH 75 -52.58 -74.39 -33.39
CA THR WH 75 -52.51 -75.70 -34.01
C THR WH 75 -52.54 -76.76 -32.93
N HIS WH 76 -53.16 -77.89 -33.22
CA HIS WH 76 -53.15 -79.00 -32.29
C HIS WH 76 -53.33 -80.31 -33.04
N ILE WH 77 -52.77 -81.37 -32.45
CA ILE WH 77 -52.83 -82.73 -32.98
C ILE WH 77 -53.21 -83.65 -31.82
N ILE WH 78 -54.26 -84.45 -32.02
CA ILE WH 78 -54.66 -85.47 -31.05
C ILE WH 78 -54.49 -86.82 -31.71
N ALA WH 79 -53.69 -87.69 -31.08
CA ALA WH 79 -53.23 -88.92 -31.72
C ALA WH 79 -54.35 -89.91 -31.92
N ARG WH 80 -55.28 -89.99 -30.96
CA ARG WH 80 -56.45 -90.85 -31.07
C ARG WH 80 -57.55 -90.23 -30.23
N PRO WH 81 -58.48 -89.52 -30.84
CA PRO WH 81 -59.56 -88.89 -30.08
C PRO WH 81 -60.54 -89.92 -29.54
N HIS WH 82 -61.25 -89.50 -28.49
CA HIS WH 82 -62.29 -90.32 -27.90
C HIS WH 82 -63.47 -90.44 -28.85
N GLU WH 83 -64.26 -91.51 -28.66
CA GLU WH 83 -65.45 -91.70 -29.48
C GLU WH 83 -66.54 -90.69 -29.14
N ASN WH 84 -66.45 -90.07 -27.96
CA ASN WH 84 -67.41 -89.04 -27.56
C ASN WH 84 -67.25 -87.77 -28.39
N LEU WH 85 -66.04 -87.48 -28.86
CA LEU WH 85 -65.77 -86.24 -29.58
C LEU WH 85 -66.34 -86.28 -30.99
N GLU WH 86 -66.56 -87.47 -31.54
CA GLU WH 86 -67.02 -87.58 -32.92
C GLU WH 86 -68.48 -87.16 -33.05
N TYR WH 87 -69.25 -87.31 -31.98
CA TYR WH 87 -70.67 -87.01 -32.04
C TYR WH 87 -70.96 -85.56 -31.64
N VAL WH 88 -70.07 -84.95 -30.87
CA VAL WH 88 -70.30 -83.60 -30.39
C VAL WH 88 -69.56 -82.60 -31.26
N LEU WH 89 -68.29 -82.82 -31.47
CA LEU WH 89 -67.43 -81.91 -32.21
C LEU WH 89 -67.39 -82.28 -33.69
N PRO WH 90 -67.32 -81.29 -34.58
CA PRO WH 90 -67.31 -81.57 -36.03
C PRO WH 90 -65.94 -82.00 -36.56
N ILE WH 91 -65.44 -83.13 -36.03
CA ILE WH 91 -64.17 -83.70 -36.46
C ILE WH 91 -64.34 -85.05 -37.14
N ARG WH 92 -65.57 -85.45 -37.44
CA ARG WH 92 -65.82 -86.77 -37.98
C ARG WH 92 -65.79 -86.75 -39.50
N TYR WH 93 -65.67 -87.93 -40.08
CA TYR WH 93 -65.74 -88.08 -41.53
C TYR WH 93 -67.18 -87.88 -42.00
N THR WH 94 -67.37 -86.98 -42.95
CA THR WH 94 -68.65 -86.84 -43.60
C THR WH 94 -68.73 -87.79 -44.79
N GLU WH 95 -69.93 -87.92 -45.36
CA GLU WH 95 -70.12 -88.82 -46.48
C GLU WH 95 -69.58 -88.22 -47.78
N GLU WH 96 -69.31 -86.92 -47.79
CA GLU WH 96 -68.78 -86.28 -48.99
C GLU WH 96 -67.29 -86.56 -49.13
N VAL WH 97 -66.61 -86.87 -48.04
CA VAL WH 97 -65.16 -87.01 -48.02
C VAL WH 97 -64.73 -88.46 -47.80
N GLU WH 98 -65.64 -89.42 -48.00
CA GLU WH 98 -65.26 -90.82 -47.86
C GLU WH 98 -64.42 -91.31 -49.03
N GLN WH 99 -64.42 -90.60 -50.15
CA GLN WH 99 -63.62 -90.98 -51.30
C GLN WH 99 -62.16 -90.61 -51.12
N PHE WH 100 -61.85 -89.72 -50.17
CA PHE WH 100 -60.48 -89.30 -49.91
C PHE WH 100 -59.86 -89.99 -48.70
N ARG WH 101 -60.60 -90.88 -48.05
CA ARG WH 101 -60.10 -91.56 -46.85
C ARG WH 101 -59.08 -92.65 -47.21
N MET XH 1 -25.77 -101.85 -14.06
CA MET XH 1 -26.16 -102.11 -15.44
C MET XH 1 -26.67 -103.53 -15.60
N GLN XH 2 -27.41 -103.76 -16.69
CA GLN XH 2 -27.86 -105.08 -17.08
C GLN XH 2 -27.40 -105.35 -18.50
N MET XH 3 -27.18 -106.62 -18.80
CA MET XH 3 -26.90 -107.03 -20.17
C MET XH 3 -28.20 -107.28 -20.89
N ALA XH 4 -28.34 -106.71 -22.07
CA ALA XH 4 -29.56 -106.82 -22.85
C ALA XH 4 -29.22 -107.01 -24.31
N LYS XH 5 -30.13 -107.65 -25.04
CA LYS XH 5 -30.02 -107.86 -26.46
C LYS XH 5 -31.00 -106.94 -27.17
N VAL XH 6 -30.53 -106.25 -28.22
CA VAL XH 6 -31.37 -105.34 -28.99
C VAL XH 6 -32.32 -106.19 -29.83
N CYS XH 7 -33.61 -106.16 -29.48
CA CYS XH 7 -34.58 -106.95 -30.23
C CYS XH 7 -35.39 -106.11 -31.19
N GLY XH 8 -35.44 -104.80 -30.99
CA GLY XH 8 -36.14 -103.98 -31.95
C GLY XH 8 -36.15 -102.52 -31.57
N THR XH 9 -37.03 -101.78 -32.26
CA THR XH 9 -37.15 -100.34 -32.10
C THR XH 9 -38.58 -99.99 -31.72
N VAL XH 10 -38.74 -98.91 -30.96
CA VAL XH 10 -40.04 -98.36 -30.61
C VAL XH 10 -40.09 -96.94 -31.14
N VAL XH 11 -41.08 -96.65 -31.98
CA VAL XH 11 -41.27 -95.32 -32.55
C VAL XH 11 -42.54 -94.74 -31.97
N GLY XH 12 -42.43 -93.58 -31.34
CA GLY XH 12 -43.59 -92.84 -30.90
C GLY XH 12 -43.59 -91.44 -31.48
N THR XH 13 -44.66 -91.05 -32.17
CA THR XH 13 -44.73 -89.73 -32.75
C THR XH 13 -45.36 -88.71 -31.81
N GLN XH 14 -46.38 -89.11 -31.06
CA GLN XH 14 -47.04 -88.25 -30.10
C GLN XH 14 -46.36 -88.44 -28.75
N LYS XH 15 -45.48 -87.51 -28.38
CA LYS XH 15 -44.63 -87.67 -27.21
C LYS XH 15 -44.37 -86.31 -26.60
N LEU XH 16 -43.56 -86.30 -25.56
CA LEU XH 16 -43.13 -85.06 -24.94
C LEU XH 16 -42.11 -84.35 -25.85
N PRO XH 17 -42.04 -83.02 -25.80
CA PRO XH 17 -41.04 -82.31 -26.62
C PRO XH 17 -39.61 -82.60 -26.21
N SER XH 18 -39.38 -82.96 -24.95
CA SER XH 18 -38.04 -83.32 -24.50
C SER XH 18 -37.67 -84.75 -24.89
N MET XH 19 -38.62 -85.51 -25.43
CA MET XH 19 -38.33 -86.84 -25.95
C MET XH 19 -38.00 -86.83 -27.43
N THR XH 20 -37.81 -85.66 -28.02
CA THR XH 20 -37.56 -85.56 -29.46
C THR XH 20 -36.08 -85.77 -29.76
N GLY XH 21 -35.80 -86.65 -30.73
CA GLY XH 21 -34.44 -87.00 -31.06
C GLY XH 21 -33.88 -88.17 -30.29
N VAL XH 22 -34.64 -88.70 -29.33
CA VAL XH 22 -34.21 -89.83 -28.51
C VAL XH 22 -34.55 -91.10 -29.27
N LYS XH 23 -33.53 -91.89 -29.58
CA LYS XH 23 -33.72 -93.15 -30.27
C LYS XH 23 -34.07 -94.23 -29.25
N LEU XH 24 -35.22 -94.87 -29.44
CA LEU XH 24 -35.76 -95.81 -28.47
C LEU XH 24 -35.59 -97.24 -28.97
N LEU XH 25 -34.86 -98.04 -28.21
CA LEU XH 25 -34.60 -99.43 -28.55
C LEU XH 25 -35.35 -100.35 -27.61
N LEU XH 26 -35.97 -101.37 -28.18
CA LEU XH 26 -36.59 -102.44 -27.42
C LEU XH 26 -35.52 -103.48 -27.12
N LEU XH 27 -35.13 -103.60 -25.86
CA LEU XH 27 -34.06 -104.50 -25.45
C LEU XH 27 -34.64 -105.57 -24.55
N GLN XH 28 -34.41 -106.84 -24.91
CA GLN XH 28 -34.75 -107.96 -24.04
C GLN XH 28 -33.53 -108.29 -23.19
N PHE XH 29 -33.76 -108.51 -21.91
CA PHE XH 29 -32.67 -108.81 -21.00
C PHE XH 29 -32.19 -110.25 -21.19
N ILE XH 30 -30.88 -110.43 -21.10
CA ILE XH 30 -30.25 -111.74 -21.17
C ILE XH 30 -29.63 -112.02 -19.81
N ASP XH 31 -29.54 -113.30 -19.45
CA ASP XH 31 -29.04 -113.64 -18.13
C ASP XH 31 -27.50 -113.66 -18.13
N ALA XH 32 -26.94 -114.10 -17.01
CA ALA XH 32 -25.48 -114.19 -16.89
C ALA XH 32 -24.92 -115.33 -17.72
N ASN XH 33 -25.75 -116.31 -18.08
CA ASN XH 33 -25.28 -117.42 -18.91
C ASN XH 33 -25.52 -117.17 -20.38
N GLY XH 34 -26.32 -116.16 -20.72
CA GLY XH 34 -26.52 -115.75 -22.11
C GLY XH 34 -27.87 -116.05 -22.70
N GLU XH 35 -28.80 -116.64 -21.95
CA GLU XH 35 -30.13 -116.93 -22.46
C GLU XH 35 -31.06 -115.74 -22.24
N LEU XH 36 -32.07 -115.65 -23.09
CA LEU XH 36 -33.00 -114.52 -23.05
C LEU XH 36 -33.95 -114.64 -21.87
N LEU XH 37 -34.00 -113.63 -21.04
CA LEU XH 37 -34.95 -113.57 -19.94
C LEU XH 37 -36.29 -113.05 -20.44
N PRO XH 38 -37.41 -113.46 -19.80
CA PRO XH 38 -38.72 -112.87 -20.14
C PRO XH 38 -38.95 -111.51 -19.48
N LYS XH 39 -38.06 -110.57 -19.79
CA LYS XH 39 -38.10 -109.22 -19.23
C LYS XH 39 -37.43 -108.30 -20.24
N TYR XH 40 -38.05 -107.15 -20.49
CA TYR XH 40 -37.59 -106.24 -21.51
C TYR XH 40 -37.43 -104.84 -20.92
N GLU XH 41 -36.97 -103.93 -21.77
CA GLU XH 41 -36.84 -102.52 -21.46
C GLU XH 41 -36.89 -101.73 -22.76
N VAL XH 42 -37.33 -100.48 -22.66
CA VAL XH 42 -37.17 -99.52 -23.74
C VAL XH 42 -36.20 -98.46 -23.25
N ALA XH 43 -35.08 -98.31 -23.96
CA ALA XH 43 -34.00 -97.46 -23.51
C ALA XH 43 -33.57 -96.49 -24.60
N ALA XH 44 -33.08 -95.34 -24.17
CA ALA XH 44 -32.40 -94.42 -25.08
C ALA XH 44 -31.08 -95.02 -25.53
N ASP XH 45 -30.67 -94.67 -26.74
CA ASP XH 45 -29.49 -95.25 -27.38
C ASP XH 45 -28.58 -94.14 -27.90
N PRO XH 46 -27.70 -93.60 -27.05
CA PRO XH 46 -26.69 -92.67 -27.57
C PRO XH 46 -25.54 -93.38 -28.25
N VAL XH 47 -25.16 -94.55 -27.74
CA VAL XH 47 -24.14 -95.40 -28.36
C VAL XH 47 -24.85 -96.22 -29.41
N GLY XH 48 -24.53 -95.97 -30.68
CA GLY XH 48 -25.35 -96.46 -31.78
C GLY XH 48 -25.34 -97.97 -31.91
N ALA XH 49 -26.44 -98.61 -31.53
CA ALA XH 49 -26.53 -100.06 -31.44
C ALA XH 49 -27.64 -100.56 -32.34
N GLY XH 50 -27.36 -101.60 -33.13
CA GLY XH 50 -28.33 -102.18 -34.01
C GLY XH 50 -28.90 -103.48 -33.49
N LEU XH 51 -29.79 -104.06 -34.28
CA LEU XH 51 -30.57 -105.21 -33.85
C LEU XH 51 -29.70 -106.46 -33.77
N GLY XH 52 -29.84 -107.19 -32.66
CA GLY XH 52 -29.04 -108.36 -32.39
C GLY XH 52 -27.85 -108.12 -31.51
N GLU XH 53 -27.49 -106.87 -31.26
CA GLU XH 53 -26.29 -106.54 -30.49
C GLU XH 53 -26.53 -106.76 -29.00
N TRP XH 54 -25.43 -107.00 -28.30
CA TRP XH 54 -25.43 -107.09 -26.84
C TRP XH 54 -25.03 -105.74 -26.28
N VAL XH 55 -25.86 -105.19 -25.41
CA VAL XH 55 -25.63 -103.85 -24.87
C VAL XH 55 -25.69 -103.91 -23.35
N LEU XH 56 -25.04 -102.93 -22.73
CA LEU XH 56 -25.22 -102.65 -21.31
C LEU XH 56 -26.20 -101.49 -21.18
N VAL XH 57 -27.27 -101.72 -20.42
CA VAL XH 57 -28.29 -100.72 -20.19
C VAL XH 57 -28.37 -100.43 -18.69
N ASN XH 58 -28.39 -99.15 -18.34
CA ASN XH 58 -28.54 -98.77 -16.95
C ASN XH 58 -30.02 -98.44 -16.67
N ARG XH 59 -30.32 -98.13 -15.42
CA ARG XH 59 -31.69 -97.86 -15.01
C ARG XH 59 -31.69 -96.65 -14.11
N GLY XH 60 -32.79 -95.91 -14.13
CA GLY XH 60 -32.99 -94.85 -13.16
C GLY XH 60 -32.39 -93.53 -13.56
N SER XH 61 -31.88 -92.79 -12.57
CA SER XH 61 -31.34 -91.46 -12.79
C SER XH 61 -29.97 -91.48 -13.45
N ALA XH 62 -29.37 -92.66 -13.62
CA ALA XH 62 -28.11 -92.79 -14.35
C ALA XH 62 -28.31 -92.59 -15.84
N ALA XH 63 -29.54 -92.71 -16.34
CA ALA XH 63 -29.82 -92.45 -17.75
C ALA XH 63 -29.77 -90.98 -18.10
N ARG XH 64 -29.73 -90.10 -17.10
CA ARG XH 64 -29.72 -88.66 -17.30
C ARG XH 64 -28.35 -88.04 -17.01
N GLN XH 65 -27.27 -88.78 -17.21
CA GLN XH 65 -25.94 -88.31 -16.84
C GLN XH 65 -25.06 -87.97 -18.04
N THR XH 66 -25.53 -88.23 -19.26
CA THR XH 66 -24.71 -88.10 -20.45
C THR XH 66 -24.76 -86.71 -21.08
N GLU XH 67 -25.19 -85.72 -20.30
CA GLU XH 67 -25.18 -84.26 -20.54
C GLU XH 67 -26.02 -83.81 -21.75
N TYR XH 68 -26.62 -84.73 -22.49
CA TYR XH 68 -27.71 -84.37 -23.40
C TYR XH 68 -29.00 -85.12 -23.09
N HIS XH 69 -29.02 -85.88 -21.99
CA HIS XH 69 -30.23 -86.50 -21.47
C HIS XH 69 -30.60 -85.95 -20.10
N GLN XH 70 -30.09 -84.77 -19.74
CA GLN XH 70 -30.09 -84.33 -18.35
C GLN XH 70 -31.48 -83.96 -17.86
N ASN XH 71 -32.25 -83.25 -18.67
CA ASN XH 71 -33.60 -82.84 -18.29
C ASN XH 71 -34.66 -83.59 -19.08
N ARG XH 72 -34.28 -84.74 -19.64
CA ARG XH 72 -35.10 -85.63 -20.43
C ARG XH 72 -35.70 -86.71 -19.54
N PRO XH 73 -36.97 -87.05 -19.74
CA PRO XH 73 -37.65 -88.04 -18.89
C PRO XH 73 -37.30 -89.48 -19.25
N LEU XH 74 -36.04 -89.84 -19.02
CA LEU XH 74 -35.51 -91.15 -19.40
C LEU XH 74 -35.08 -91.90 -18.14
N ASP XH 75 -35.45 -93.17 -18.06
CA ASP XH 75 -35.04 -94.02 -16.94
C ASP XH 75 -34.28 -95.26 -17.38
N ALA XH 76 -33.84 -95.31 -18.64
CA ALA XH 76 -33.06 -96.41 -19.15
C ALA XH 76 -32.25 -95.90 -20.34
N MET XH 77 -31.02 -96.39 -20.48
CA MET XH 77 -30.12 -95.88 -21.49
C MET XH 77 -29.05 -96.93 -21.78
N VAL XH 78 -28.82 -97.20 -23.06
CA VAL XH 78 -27.68 -98.01 -23.46
C VAL XH 78 -26.41 -97.20 -23.23
N VAL XH 79 -25.54 -97.71 -22.36
CA VAL XH 79 -24.29 -97.02 -22.06
C VAL XH 79 -23.10 -97.61 -22.80
N ALA XH 80 -23.19 -98.86 -23.23
CA ALA XH 80 -22.07 -99.54 -23.86
C ALA XH 80 -22.61 -100.63 -24.76
N ILE XH 81 -21.93 -100.84 -25.88
CA ILE XH 81 -22.11 -102.03 -26.69
C ILE XH 81 -21.11 -103.06 -26.18
N ILE XH 82 -21.61 -104.24 -25.84
CA ILE XH 82 -20.75 -105.28 -25.25
C ILE XH 82 -19.86 -105.85 -26.35
N ASP XH 83 -18.56 -105.78 -26.14
CA ASP XH 83 -17.62 -106.44 -27.04
C ASP XH 83 -17.42 -107.90 -26.64
N THR XH 84 -17.10 -108.15 -25.37
CA THR XH 84 -16.87 -109.51 -24.91
C THR XH 84 -17.30 -109.67 -23.46
N VAL XH 85 -17.82 -110.85 -23.13
CA VAL XH 85 -18.14 -111.24 -21.77
C VAL XH 85 -17.33 -112.48 -21.43
N THR XH 86 -16.52 -112.38 -20.37
CA THR XH 86 -15.72 -113.50 -19.89
C THR XH 86 -16.29 -113.94 -18.56
N VAL XH 87 -16.76 -115.19 -18.48
CA VAL XH 87 -17.33 -115.75 -17.26
C VAL XH 87 -16.44 -116.92 -16.82
N ASN XH 88 -15.87 -116.80 -15.62
CA ASN XH 88 -14.99 -117.81 -15.01
C ASN XH 88 -13.79 -118.12 -15.90
N ASN XH 89 -13.15 -117.05 -16.39
CA ASN XH 89 -12.03 -117.05 -17.34
C ASN XH 89 -12.35 -117.72 -18.66
N ARG XH 90 -13.63 -117.91 -18.99
CA ARG XH 90 -14.06 -118.48 -20.26
C ARG XH 90 -14.87 -117.43 -21.00
N ARG XH 91 -14.55 -117.19 -22.26
CA ARG XH 91 -15.25 -116.20 -23.06
C ARG XH 91 -16.65 -116.69 -23.38
N LEU XH 92 -17.65 -115.96 -22.87
CA LEU XH 92 -19.05 -116.25 -23.15
C LEU XH 92 -19.54 -115.61 -24.44
N TYR XH 93 -19.08 -114.40 -24.73
CA TYR XH 93 -19.55 -113.64 -25.87
C TYR XH 93 -18.37 -112.97 -26.55
N GLY XH 94 -18.46 -112.83 -27.87
CA GLY XH 94 -17.42 -112.17 -28.63
C GLY XH 94 -16.31 -113.09 -29.07
N ALA YH 2 -79.11 -82.21 -10.26
CA ALA YH 2 -78.98 -83.32 -11.21
C ALA YH 2 -77.53 -83.77 -11.31
N VAL YH 3 -77.22 -84.46 -12.40
CA VAL YH 3 -75.86 -84.91 -12.68
C VAL YH 3 -74.97 -83.70 -12.93
N ALA YH 4 -73.75 -83.73 -12.39
CA ALA YH 4 -72.87 -82.56 -12.34
C ALA YH 4 -72.46 -82.08 -13.73
N VAL YH 5 -72.26 -80.77 -13.84
CA VAL YH 5 -71.89 -80.12 -15.10
C VAL YH 5 -70.48 -79.59 -14.95
N GLY YH 6 -69.65 -79.85 -15.95
CA GLY YH 6 -68.36 -79.20 -16.05
C GLY YH 6 -68.25 -78.44 -17.34
N MET YH 7 -67.65 -77.25 -17.28
CA MET YH 7 -67.50 -76.38 -18.43
C MET YH 7 -66.09 -75.86 -18.48
N ILE YH 8 -65.47 -75.92 -19.65
CA ILE YH 8 -64.20 -75.26 -19.91
C ILE YH 8 -64.39 -74.34 -21.10
N GLU YH 9 -64.19 -73.05 -20.89
CA GLU YH 9 -64.26 -72.06 -21.95
C GLU YH 9 -62.86 -71.71 -22.41
N THR YH 10 -62.59 -71.91 -23.70
CA THR YH 10 -61.30 -71.59 -24.28
C THR YH 10 -61.46 -70.53 -25.37
N LEU YH 11 -60.37 -69.86 -25.67
CA LEU YH 11 -60.28 -68.93 -26.79
C LEU YH 11 -59.64 -69.68 -27.95
N GLY YH 12 -60.46 -70.24 -28.82
CA GLY YH 12 -59.95 -71.00 -29.94
C GLY YH 12 -60.49 -72.42 -30.02
N PHE YH 13 -60.68 -72.90 -31.24
CA PHE YH 13 -61.19 -74.25 -31.48
C PHE YH 13 -60.18 -75.38 -31.31
N PRO YH 14 -58.88 -75.26 -31.67
CA PRO YH 14 -57.94 -76.32 -31.26
C PRO YH 14 -57.79 -76.46 -29.75
N ALA YH 15 -57.98 -75.39 -29.00
CA ALA YH 15 -57.88 -75.48 -27.55
C ALA YH 15 -59.12 -76.13 -26.95
N VAL YH 16 -60.26 -76.04 -27.62
CA VAL YH 16 -61.49 -76.56 -27.04
C VAL YH 16 -61.65 -78.03 -27.37
N VAL YH 17 -60.98 -78.50 -28.43
CA VAL YH 17 -61.01 -79.93 -28.75
C VAL YH 17 -60.04 -80.68 -27.84
N GLU YH 18 -58.90 -80.06 -27.52
CA GLU YH 18 -57.99 -80.62 -26.52
C GLU YH 18 -58.62 -80.60 -25.14
N ALA YH 19 -59.40 -79.56 -24.83
CA ALA YH 19 -60.14 -79.54 -23.57
C ALA YH 19 -61.19 -80.63 -23.53
N ALA YH 20 -61.91 -80.83 -24.64
CA ALA YH 20 -62.93 -81.88 -24.68
C ALA YH 20 -62.31 -83.26 -24.68
N ASP YH 21 -61.13 -83.41 -25.31
CA ASP YH 21 -60.51 -84.73 -25.39
C ASP YH 21 -59.83 -85.12 -24.09
N ALA YH 22 -59.21 -84.16 -23.40
CA ALA YH 22 -58.55 -84.48 -22.13
C ALA YH 22 -59.56 -84.68 -21.01
N MET YH 23 -60.77 -84.12 -21.16
CA MET YH 23 -61.77 -84.28 -20.11
C MET YH 23 -62.35 -85.69 -20.11
N VAL YH 24 -62.71 -86.21 -21.27
CA VAL YH 24 -63.31 -87.54 -21.31
C VAL YH 24 -62.24 -88.62 -21.24
N LYS YH 25 -60.97 -88.25 -21.32
CA LYS YH 25 -59.90 -89.22 -21.15
C LYS YH 25 -59.39 -89.26 -19.71
N ALA YH 26 -59.60 -88.18 -18.95
CA ALA YH 26 -59.11 -88.16 -17.58
C ALA YH 26 -60.03 -88.92 -16.64
N ALA YH 27 -61.33 -88.91 -16.92
CA ALA YH 27 -62.30 -89.51 -16.01
C ALA YH 27 -63.50 -89.98 -16.82
N ARG YH 28 -64.47 -90.57 -16.11
CA ARG YH 28 -65.68 -91.11 -16.71
C ARG YH 28 -66.73 -90.01 -16.73
N VAL YH 29 -66.57 -89.10 -17.68
CA VAL YH 29 -67.54 -88.05 -17.95
C VAL YH 29 -68.05 -88.21 -19.37
N THR YH 30 -69.19 -87.60 -19.64
CA THR YH 30 -69.79 -87.60 -20.96
C THR YH 30 -69.79 -86.19 -21.51
N LEU YH 31 -69.02 -85.97 -22.57
CA LEU YH 31 -69.07 -84.72 -23.31
C LEU YH 31 -70.41 -84.63 -24.01
N VAL YH 32 -71.24 -83.67 -23.61
CA VAL YH 32 -72.58 -83.56 -24.13
C VAL YH 32 -72.77 -82.32 -25.00
N GLY YH 33 -71.93 -81.31 -24.86
CA GLY YH 33 -72.23 -80.01 -25.41
C GLY YH 33 -71.01 -79.34 -25.98
N TYR YH 34 -71.27 -78.35 -26.83
CA TYR YH 34 -70.23 -77.60 -27.53
C TYR YH 34 -70.85 -76.27 -27.90
N GLU YH 35 -70.42 -75.21 -27.22
CA GLU YH 35 -71.15 -73.94 -27.24
C GLU YH 35 -70.25 -72.82 -27.72
N LYS YH 36 -70.73 -72.07 -28.71
CA LYS YH 36 -70.05 -70.89 -29.23
C LYS YH 36 -70.91 -69.67 -28.90
N ILE YH 37 -70.28 -68.66 -28.30
CA ILE YH 37 -70.97 -67.45 -27.89
C ILE YH 37 -70.39 -66.22 -28.57
N GLY YH 38 -69.46 -66.39 -29.50
CA GLY YH 38 -68.87 -65.27 -30.20
C GLY YH 38 -67.51 -64.87 -29.64
N THR YH 39 -66.79 -64.09 -30.45
CA THR YH 39 -65.40 -63.66 -30.25
C THR YH 39 -64.45 -64.81 -29.91
N GLY YH 40 -64.65 -65.98 -30.51
CA GLY YH 40 -63.75 -67.09 -30.29
C GLY YH 40 -63.91 -67.81 -28.97
N ARG YH 41 -64.82 -67.37 -28.11
CA ARG YH 41 -65.07 -68.03 -26.83
C ARG YH 41 -65.90 -69.28 -27.08
N VAL YH 42 -65.25 -70.44 -26.94
CA VAL YH 42 -65.88 -71.72 -27.19
C VAL YH 42 -65.90 -72.51 -25.88
N THR YH 43 -67.03 -73.14 -25.58
CA THR YH 43 -67.21 -73.88 -24.34
C THR YH 43 -67.66 -75.30 -24.66
N VAL YH 44 -67.00 -76.28 -24.04
CA VAL YH 44 -67.44 -77.67 -24.06
C VAL YH 44 -68.00 -78.01 -22.69
N ILE YH 45 -69.05 -78.82 -22.68
CA ILE YH 45 -69.81 -79.14 -21.49
C ILE YH 45 -69.74 -80.66 -21.27
N VAL YH 46 -69.29 -81.07 -20.10
CA VAL YH 46 -69.26 -82.49 -19.75
C VAL YH 46 -70.25 -82.74 -18.62
N ARG YH 47 -70.78 -83.95 -18.58
CA ARG YH 47 -71.65 -84.40 -17.50
C ARG YH 47 -71.06 -85.65 -16.87
N GLY YH 48 -71.33 -85.84 -15.58
CA GLY YH 48 -70.89 -87.03 -14.91
C GLY YH 48 -71.02 -86.86 -13.41
N ASP YH 49 -70.41 -87.80 -12.69
CA ASP YH 49 -70.34 -87.70 -11.25
C ASP YH 49 -69.40 -86.57 -10.85
N VAL YH 50 -69.54 -86.12 -9.61
CA VAL YH 50 -68.79 -84.95 -9.12
C VAL YH 50 -67.31 -85.26 -9.04
N SER YH 51 -66.96 -86.50 -8.67
CA SER YH 51 -65.56 -86.90 -8.64
C SER YH 51 -64.96 -86.95 -10.03
N GLU YH 52 -65.74 -87.39 -11.02
CA GLU YH 52 -65.25 -87.45 -12.38
C GLU YH 52 -65.17 -86.08 -13.03
N VAL YH 53 -66.15 -85.22 -12.77
CA VAL YH 53 -66.19 -83.89 -13.39
C VAL YH 53 -65.09 -83.00 -12.81
N GLN YH 54 -64.84 -83.11 -11.49
CA GLN YH 54 -63.75 -82.35 -10.88
C GLN YH 54 -62.39 -82.81 -11.38
N ALA YH 55 -62.23 -84.09 -11.65
CA ALA YH 55 -60.97 -84.59 -12.18
C ALA YH 55 -60.80 -84.21 -13.64
N SER YH 56 -61.90 -84.23 -14.40
CA SER YH 56 -61.83 -83.94 -15.84
C SER YH 56 -61.54 -82.47 -16.10
N VAL YH 57 -62.24 -81.58 -15.40
CA VAL YH 57 -62.10 -80.14 -15.62
C VAL YH 57 -60.72 -79.66 -15.18
N SER YH 58 -60.20 -80.23 -14.08
CA SER YH 58 -58.87 -79.84 -13.61
C SER YH 58 -57.77 -80.38 -14.52
N ALA YH 59 -57.95 -81.59 -15.06
CA ALA YH 59 -56.97 -82.12 -16.00
C ALA YH 59 -57.17 -81.53 -17.39
N GLY YH 60 -58.40 -81.17 -17.73
CA GLY YH 60 -58.65 -80.52 -19.01
C GLY YH 60 -58.13 -79.11 -19.07
N THR YH 61 -58.02 -78.44 -17.92
CA THR YH 61 -57.51 -77.07 -17.91
C THR YH 61 -56.01 -77.03 -18.12
N GLU YH 62 -55.28 -78.00 -17.55
CA GLU YH 62 -53.83 -78.03 -17.70
C GLU YH 62 -53.41 -78.50 -19.08
N SER YH 63 -54.27 -79.25 -19.76
CA SER YH 63 -53.92 -79.76 -21.08
C SER YH 63 -54.03 -78.67 -22.15
N VAL YH 64 -54.89 -77.68 -21.95
CA VAL YH 64 -55.01 -76.57 -22.89
C VAL YH 64 -53.76 -75.70 -22.89
N LYS YH 65 -53.08 -75.56 -21.76
CA LYS YH 65 -51.80 -74.85 -21.73
C LYS YH 65 -50.64 -75.79 -22.07
N ARG YH 66 -50.83 -76.58 -23.14
CA ARG YH 66 -49.81 -77.38 -23.79
C ARG YH 66 -50.08 -77.27 -25.27
N VAL YH 67 -51.10 -76.49 -25.62
CA VAL YH 67 -51.47 -76.17 -26.99
C VAL YH 67 -50.92 -74.78 -27.30
N ASN YH 68 -50.26 -74.65 -28.45
CA ASN YH 68 -49.79 -73.34 -28.88
C ASN YH 68 -50.98 -72.50 -29.33
N GLY YH 69 -51.11 -71.31 -28.77
CA GLY YH 69 -52.27 -70.50 -29.03
C GLY YH 69 -53.49 -70.87 -28.22
N GLY YH 70 -53.34 -71.76 -27.24
CA GLY YH 70 -54.44 -72.20 -26.40
C GLY YH 70 -54.52 -71.35 -25.14
N GLN YH 71 -55.74 -70.94 -24.80
CA GLN YH 71 -55.98 -70.08 -23.66
C GLN YH 71 -57.29 -70.46 -22.98
N VAL YH 72 -57.21 -70.86 -21.72
CA VAL YH 72 -58.40 -71.14 -20.92
C VAL YH 72 -58.96 -69.81 -20.47
N LEU YH 73 -60.22 -69.55 -20.83
CA LEU YH 73 -60.87 -68.32 -20.40
C LEU YH 73 -61.60 -68.50 -19.08
N SER YH 74 -62.37 -69.56 -18.96
CA SER YH 74 -63.20 -69.76 -17.79
C SER YH 74 -63.51 -71.24 -17.62
N THR YH 75 -63.33 -71.73 -16.40
CA THR YH 75 -63.69 -73.10 -16.05
C THR YH 75 -64.65 -73.05 -14.87
N HIS YH 76 -65.59 -73.99 -14.83
CA HIS YH 76 -66.50 -74.09 -13.69
C HIS YH 76 -67.06 -75.49 -13.59
N ILE YH 77 -67.35 -75.89 -12.36
CA ILE YH 77 -68.03 -77.15 -12.06
C ILE YH 77 -69.25 -76.83 -11.21
N ILE YH 78 -70.42 -77.27 -11.66
CA ILE YH 78 -71.64 -77.22 -10.85
C ILE YH 78 -71.98 -78.65 -10.46
N ALA YH 79 -71.84 -78.95 -9.17
CA ALA YH 79 -71.91 -80.34 -8.70
C ALA YH 79 -73.32 -80.87 -8.71
N ARG YH 80 -74.30 -80.00 -8.46
CA ARG YH 80 -75.71 -80.41 -8.42
C ARG YH 80 -76.52 -79.31 -9.07
N PRO YH 81 -76.64 -79.32 -10.40
CA PRO YH 81 -77.43 -78.29 -11.07
C PRO YH 81 -78.92 -78.52 -10.88
N HIS YH 82 -79.66 -77.41 -10.90
CA HIS YH 82 -81.11 -77.48 -10.87
C HIS YH 82 -81.63 -78.09 -12.16
N GLU YH 83 -82.76 -78.78 -12.06
CA GLU YH 83 -83.37 -79.42 -13.21
C GLU YH 83 -84.01 -78.40 -14.17
N ASN YH 84 -84.16 -77.14 -13.74
CA ASN YH 84 -84.57 -76.06 -14.63
C ASN YH 84 -83.52 -75.79 -15.70
N LEU YH 85 -82.24 -75.98 -15.38
CA LEU YH 85 -81.16 -75.55 -16.28
C LEU YH 85 -81.01 -76.45 -17.48
N GLU YH 86 -81.46 -77.70 -17.40
CA GLU YH 86 -81.31 -78.63 -18.52
C GLU YH 86 -82.25 -78.26 -19.67
N TYR YH 87 -83.39 -77.65 -19.35
CA TYR YH 87 -84.36 -77.35 -20.40
C TYR YH 87 -84.08 -76.00 -21.06
N VAL YH 88 -83.28 -75.16 -20.41
CA VAL YH 88 -83.01 -73.83 -20.96
C VAL YH 88 -81.61 -73.79 -21.56
N LEU YH 89 -80.63 -74.27 -20.83
CA LEU YH 89 -79.24 -74.20 -21.24
C LEU YH 89 -78.84 -75.47 -21.98
N PRO YH 90 -77.91 -75.39 -22.94
CA PRO YH 90 -77.46 -76.59 -23.66
C PRO YH 90 -76.43 -77.40 -22.89
N ILE YH 91 -76.84 -77.90 -21.73
CA ILE YH 91 -75.99 -78.73 -20.87
C ILE YH 91 -76.55 -80.12 -20.70
N ARG YH 92 -77.57 -80.50 -21.45
CA ARG YH 92 -78.29 -81.74 -21.21
C ARG YH 92 -77.77 -82.86 -22.09
N TYR YH 93 -78.12 -84.08 -21.69
CA TYR YH 93 -77.81 -85.25 -22.50
C TYR YH 93 -78.68 -85.28 -23.75
N THR YH 94 -78.04 -85.35 -24.90
CA THR YH 94 -78.76 -85.55 -26.15
C THR YH 94 -78.72 -87.03 -26.53
N GLU YH 95 -79.47 -87.38 -27.58
CA GLU YH 95 -79.60 -88.79 -27.94
C GLU YH 95 -78.39 -89.30 -28.70
N GLU YH 96 -77.51 -88.39 -29.15
CA GLU YH 96 -76.28 -88.82 -29.82
C GLU YH 96 -75.23 -89.27 -28.82
N VAL YH 97 -75.35 -88.85 -27.58
CA VAL YH 97 -74.36 -89.15 -26.55
C VAL YH 97 -74.94 -90.05 -25.45
N GLU YH 98 -76.03 -90.76 -25.74
CA GLU YH 98 -76.63 -91.63 -24.74
C GLU YH 98 -75.84 -92.92 -24.55
N GLN YH 99 -74.95 -93.26 -25.47
CA GLN YH 99 -74.14 -94.47 -25.32
C GLN YH 99 -72.98 -94.27 -24.35
N PHE YH 100 -72.59 -93.02 -24.11
CA PHE YH 100 -71.44 -92.73 -23.26
C PHE YH 100 -71.83 -92.43 -21.81
N ARG YH 101 -73.12 -92.36 -21.50
CA ARG YH 101 -73.56 -92.07 -20.14
C ARG YH 101 -73.34 -93.26 -19.22
N ALA ZH 2 -96.93 -57.76 -16.00
CA ALA ZH 2 -96.91 -59.21 -15.90
C ALA ZH 2 -96.03 -59.66 -14.74
N VAL ZH 3 -95.76 -60.97 -14.71
CA VAL ZH 3 -94.81 -61.54 -13.76
C VAL ZH 3 -93.42 -60.98 -14.04
N ALA ZH 4 -92.70 -60.61 -12.98
CA ALA ZH 4 -91.45 -59.86 -13.09
C ALA ZH 4 -90.36 -60.67 -13.81
N VAL ZH 5 -89.45 -59.96 -14.44
CA VAL ZH 5 -88.38 -60.55 -15.24
C VAL ZH 5 -87.04 -60.04 -14.73
N GLY ZH 6 -86.11 -60.96 -14.50
CA GLY ZH 6 -84.75 -60.58 -14.13
C GLY ZH 6 -83.76 -61.13 -15.14
N MET ZH 7 -82.80 -60.29 -15.49
CA MET ZH 7 -81.80 -60.65 -16.49
C MET ZH 7 -80.41 -60.41 -15.91
N ILE ZH 8 -79.54 -61.39 -16.06
CA ILE ZH 8 -78.12 -61.25 -15.73
C ILE ZH 8 -77.34 -61.50 -17.00
N GLU ZH 9 -76.60 -60.49 -17.45
CA GLU ZH 9 -75.70 -60.64 -18.58
C GLU ZH 9 -74.28 -60.84 -18.07
N THR ZH 10 -73.64 -61.92 -18.51
CA THR ZH 10 -72.26 -62.19 -18.16
C THR ZH 10 -71.42 -62.26 -19.43
N LEU ZH 11 -70.11 -62.12 -19.25
CA LEU ZH 11 -69.14 -62.33 -20.31
C LEU ZH 11 -68.61 -63.75 -20.15
N GLY ZH 12 -69.14 -64.67 -20.95
CA GLY ZH 12 -68.72 -66.04 -20.86
C GLY ZH 12 -69.85 -67.00 -20.51
N PHE ZH 13 -69.80 -68.19 -21.09
CA PHE ZH 13 -70.79 -69.23 -20.84
C PHE ZH 13 -70.66 -69.98 -19.50
N PRO ZH 14 -69.46 -70.30 -18.96
CA PRO ZH 14 -69.45 -70.88 -17.61
C PRO ZH 14 -69.92 -69.94 -16.52
N ALA ZH 15 -69.85 -68.63 -16.74
CA ALA ZH 15 -70.35 -67.70 -15.74
C ALA ZH 15 -71.87 -67.58 -15.79
N VAL ZH 16 -72.47 -67.88 -16.95
CA VAL ZH 16 -73.90 -67.65 -17.10
C VAL ZH 16 -74.67 -68.89 -16.63
N VAL ZH 17 -74.00 -70.04 -16.53
CA VAL ZH 17 -74.64 -71.24 -16.02
C VAL ZH 17 -74.59 -71.25 -14.51
N GLU ZH 18 -73.51 -70.72 -13.93
CA GLU ZH 18 -73.44 -70.56 -12.48
C GLU ZH 18 -74.37 -69.46 -12.00
N ALA ZH 19 -74.52 -68.40 -12.79
CA ALA ZH 19 -75.49 -67.36 -12.47
C ALA ZH 19 -76.92 -67.90 -12.56
N ALA ZH 20 -77.20 -68.75 -13.55
CA ALA ZH 20 -78.53 -69.32 -13.68
C ALA ZH 20 -78.79 -70.37 -12.61
N ASP ZH 21 -77.76 -71.10 -12.19
CA ASP ZH 21 -77.95 -72.10 -11.15
C ASP ZH 21 -78.10 -71.46 -9.78
N ALA ZH 22 -77.45 -70.32 -9.57
CA ALA ZH 22 -77.60 -69.62 -8.29
C ALA ZH 22 -78.94 -68.94 -8.19
N MET ZH 23 -79.52 -68.54 -9.32
CA MET ZH 23 -80.78 -67.79 -9.28
C MET ZH 23 -81.95 -68.68 -8.91
N VAL ZH 24 -82.04 -69.87 -9.51
CA VAL ZH 24 -83.20 -70.72 -9.27
C VAL ZH 24 -83.07 -71.49 -7.97
N LYS ZH 25 -81.89 -71.45 -7.35
CA LYS ZH 25 -81.75 -72.05 -6.02
C LYS ZH 25 -82.01 -71.02 -4.93
N ALA ZH 26 -81.76 -69.74 -5.21
CA ALA ZH 26 -81.87 -68.72 -4.18
C ALA ZH 26 -83.32 -68.36 -3.88
N ALA ZH 27 -84.19 -68.44 -4.88
CA ALA ZH 27 -85.57 -68.01 -4.70
C ALA ZH 27 -86.47 -68.79 -5.65
N ARG ZH 28 -87.78 -68.52 -5.55
CA ARG ZH 28 -88.79 -69.21 -6.36
C ARG ZH 28 -88.95 -68.49 -7.70
N VAL ZH 29 -87.89 -68.55 -8.49
CA VAL ZH 29 -87.90 -68.02 -9.84
C VAL ZH 29 -87.83 -69.19 -10.81
N THR ZH 30 -88.26 -68.94 -12.04
CA THR ZH 30 -88.18 -69.91 -13.12
C THR ZH 30 -87.24 -69.37 -14.18
N LEU ZH 31 -86.13 -70.06 -14.41
CA LEU ZH 31 -85.28 -69.78 -15.56
C LEU ZH 31 -86.05 -70.12 -16.82
N VAL ZH 32 -86.32 -69.12 -17.65
CA VAL ZH 32 -87.12 -69.31 -18.84
C VAL ZH 32 -86.35 -69.06 -20.12
N GLY ZH 33 -85.23 -68.35 -20.06
CA GLY ZH 33 -84.64 -67.79 -21.27
C GLY ZH 33 -83.14 -67.84 -21.22
N TYR ZH 34 -82.54 -67.71 -22.40
CA TYR ZH 34 -81.12 -67.84 -22.59
C TYR ZH 34 -80.78 -67.17 -23.92
N GLU ZH 35 -80.03 -66.08 -23.87
CA GLU ZH 35 -79.87 -65.22 -25.03
C GLU ZH 35 -78.40 -64.94 -25.30
N LYS ZH 36 -78.00 -65.06 -26.56
CA LYS ZH 36 -76.67 -64.73 -27.03
C LYS ZH 36 -76.79 -63.59 -28.03
N ILE ZH 37 -76.04 -62.51 -27.79
CA ILE ZH 37 -76.12 -61.31 -28.61
C ILE ZH 37 -74.78 -60.96 -29.24
N GLY ZH 38 -73.76 -61.78 -29.05
CA GLY ZH 38 -72.45 -61.52 -29.61
C GLY ZH 38 -71.47 -60.97 -28.60
N THR ZH 39 -70.20 -60.95 -29.00
CA THR ZH 39 -69.01 -60.66 -28.17
C THR ZH 39 -68.99 -61.41 -26.86
N GLY ZH 40 -69.49 -62.65 -26.83
CA GLY ZH 40 -69.52 -63.40 -25.60
C GLY ZH 40 -70.49 -62.92 -24.56
N ARG ZH 41 -71.37 -61.97 -24.91
CA ARG ZH 41 -72.36 -61.45 -23.96
C ARG ZH 41 -73.55 -62.39 -23.93
N VAL ZH 42 -73.69 -63.12 -22.83
CA VAL ZH 42 -74.71 -64.15 -22.68
C VAL ZH 42 -75.63 -63.73 -21.55
N THR ZH 43 -76.94 -63.88 -21.75
CA THR ZH 43 -77.95 -63.42 -20.81
C THR ZH 43 -78.88 -64.57 -20.46
N VAL ZH 44 -79.10 -64.80 -19.17
CA VAL ZH 44 -80.14 -65.70 -18.68
C VAL ZH 44 -81.27 -64.88 -18.09
N ILE ZH 45 -82.49 -65.37 -18.27
CA ILE ZH 45 -83.72 -64.64 -17.96
C ILE ZH 45 -84.56 -65.48 -17.01
N VAL ZH 46 -84.84 -64.93 -15.83
CA VAL ZH 46 -85.70 -65.60 -14.86
C VAL ZH 46 -87.01 -64.85 -14.75
N ARG ZH 47 -88.06 -65.58 -14.39
CA ARG ZH 47 -89.38 -65.01 -14.12
C ARG ZH 47 -89.83 -65.41 -12.73
N GLY ZH 48 -90.51 -64.50 -12.06
CA GLY ZH 48 -91.06 -64.78 -10.74
C GLY ZH 48 -91.66 -63.53 -10.15
N ASP ZH 49 -92.01 -63.62 -8.88
CA ASP ZH 49 -92.42 -62.41 -8.16
C ASP ZH 49 -91.22 -61.49 -7.97
N VAL ZH 50 -91.50 -60.19 -7.81
CA VAL ZH 50 -90.45 -59.17 -7.82
C VAL ZH 50 -89.52 -59.32 -6.61
N SER ZH 51 -90.03 -59.79 -5.47
CA SER ZH 51 -89.17 -60.05 -4.33
C SER ZH 51 -88.29 -61.27 -4.57
N GLU ZH 52 -88.85 -62.29 -5.24
CA GLU ZH 52 -88.06 -63.47 -5.56
C GLU ZH 52 -87.06 -63.20 -6.68
N VAL ZH 53 -87.44 -62.36 -7.63
CA VAL ZH 53 -86.54 -62.03 -8.73
C VAL ZH 53 -85.38 -61.16 -8.24
N GLN ZH 54 -85.67 -60.22 -7.33
CA GLN ZH 54 -84.62 -59.39 -6.75
C GLN ZH 54 -83.67 -60.20 -5.88
N ALA ZH 55 -84.20 -61.17 -5.15
CA ALA ZH 55 -83.35 -62.02 -4.30
C ALA ZH 55 -82.50 -62.96 -5.13
N SER ZH 56 -83.02 -63.40 -6.27
CA SER ZH 56 -82.29 -64.33 -7.11
C SER ZH 56 -81.21 -63.63 -7.92
N VAL ZH 57 -81.53 -62.47 -8.50
CA VAL ZH 57 -80.60 -61.74 -9.35
C VAL ZH 57 -79.42 -61.24 -8.54
N SER ZH 58 -79.67 -60.83 -7.29
CA SER ZH 58 -78.58 -60.44 -6.38
C SER ZH 58 -77.70 -61.62 -6.03
N ALA ZH 59 -78.29 -62.80 -5.87
CA ALA ZH 59 -77.49 -63.98 -5.56
C ALA ZH 59 -76.83 -64.56 -6.81
N GLY ZH 60 -77.34 -64.21 -7.99
CA GLY ZH 60 -76.72 -64.68 -9.22
C GLY ZH 60 -75.47 -63.91 -9.57
N THR ZH 61 -75.37 -62.64 -9.16
CA THR ZH 61 -74.16 -61.88 -9.41
C THR ZH 61 -73.03 -62.28 -8.48
N GLU ZH 62 -73.37 -62.74 -7.27
CA GLU ZH 62 -72.35 -63.10 -6.29
C GLU ZH 62 -71.71 -64.44 -6.63
N SER ZH 63 -72.40 -65.28 -7.41
CA SER ZH 63 -71.84 -66.58 -7.77
C SER ZH 63 -70.95 -66.52 -9.00
N VAL ZH 64 -71.02 -65.43 -9.78
CA VAL ZH 64 -70.10 -65.26 -10.88
C VAL ZH 64 -68.70 -64.95 -10.37
N LYS ZH 65 -68.58 -64.38 -9.17
CA LYS ZH 65 -67.29 -64.19 -8.54
C LYS ZH 65 -66.63 -65.52 -8.15
N ARG ZH 66 -67.43 -66.58 -7.96
CA ARG ZH 66 -66.87 -67.90 -7.76
C ARG ZH 66 -66.20 -68.42 -9.03
N VAL ZH 67 -66.74 -68.04 -10.20
CA VAL ZH 67 -66.20 -68.50 -11.46
C VAL ZH 67 -64.94 -67.69 -11.80
N ASN ZH 68 -63.86 -68.39 -12.09
CA ASN ZH 68 -62.65 -67.74 -12.57
C ASN ZH 68 -62.83 -67.37 -14.03
N GLY ZH 69 -62.52 -66.12 -14.37
CA GLY ZH 69 -62.77 -65.66 -15.72
C GLY ZH 69 -64.20 -65.27 -15.99
N GLY ZH 70 -65.04 -65.22 -14.96
CA GLY ZH 70 -66.43 -64.81 -15.10
C GLY ZH 70 -66.60 -63.37 -14.68
N GLN ZH 71 -67.46 -62.66 -15.41
CA GLN ZH 71 -67.68 -61.24 -15.20
C GLN ZH 71 -69.10 -60.87 -15.54
N VAL ZH 72 -69.81 -60.26 -14.60
CA VAL ZH 72 -71.16 -59.77 -14.82
C VAL ZH 72 -71.06 -58.45 -15.57
N LEU ZH 73 -71.72 -58.35 -16.72
CA LEU ZH 73 -71.69 -57.13 -17.50
C LEU ZH 73 -72.84 -56.20 -17.13
N SER ZH 74 -74.05 -56.74 -17.08
CA SER ZH 74 -75.24 -55.93 -16.85
C SER ZH 74 -76.32 -56.78 -16.22
N THR ZH 75 -77.01 -56.21 -15.24
CA THR ZH 75 -78.17 -56.84 -14.63
C THR ZH 75 -79.32 -55.86 -14.57
N HIS ZH 76 -80.53 -56.39 -14.67
CA HIS ZH 76 -81.72 -55.55 -14.53
C HIS ZH 76 -82.90 -56.41 -14.09
N ILE ZH 77 -83.82 -55.77 -13.38
CA ILE ZH 77 -85.08 -56.37 -12.95
C ILE ZH 77 -86.20 -55.44 -13.37
N ILE ZH 78 -87.17 -55.97 -14.12
CA ILE ZH 78 -88.39 -55.25 -14.46
C ILE ZH 78 -89.51 -55.87 -13.64
N ALA ZH 79 -90.09 -55.06 -12.74
CA ALA ZH 79 -91.02 -55.58 -11.73
C ALA ZH 79 -92.35 -55.99 -12.35
N ARG ZH 80 -92.74 -55.36 -13.45
CA ARG ZH 80 -94.03 -55.61 -14.08
C ARG ZH 80 -93.87 -55.33 -15.57
N PRO ZH 81 -93.35 -56.28 -16.33
CA PRO ZH 81 -93.16 -56.03 -17.76
C PRO ZH 81 -94.49 -56.01 -18.50
N HIS ZH 82 -94.52 -55.22 -19.57
CA HIS ZH 82 -95.70 -55.13 -20.42
C HIS ZH 82 -95.93 -56.44 -21.15
N GLU ZH 83 -97.20 -56.69 -21.50
CA GLU ZH 83 -97.58 -57.94 -22.16
C GLU ZH 83 -97.04 -58.03 -23.58
N ASN ZH 84 -96.66 -56.90 -24.18
CA ASN ZH 84 -96.07 -56.90 -25.52
C ASN ZH 84 -94.68 -57.53 -25.51
N LEU ZH 85 -94.00 -57.51 -24.37
CA LEU ZH 85 -92.59 -57.92 -24.31
C LEU ZH 85 -92.43 -59.43 -24.44
N GLU ZH 86 -93.42 -60.21 -24.02
CA GLU ZH 86 -93.27 -61.66 -24.03
C GLU ZH 86 -93.50 -62.22 -25.42
N TYR ZH 87 -94.09 -61.44 -26.32
CA TYR ZH 87 -94.34 -61.93 -27.67
C TYR ZH 87 -93.22 -61.56 -28.63
N VAL ZH 88 -92.35 -60.65 -28.20
CA VAL ZH 88 -91.22 -60.26 -29.04
C VAL ZH 88 -89.91 -60.76 -28.45
N LEU ZH 89 -89.65 -60.41 -27.21
CA LEU ZH 89 -88.41 -60.76 -26.54
C LEU ZH 89 -88.51 -62.15 -25.91
N PRO ZH 90 -87.41 -62.89 -25.84
CA PRO ZH 90 -87.43 -64.24 -25.23
C PRO ZH 90 -87.42 -64.21 -23.71
N ILE ZH 91 -88.47 -63.62 -23.12
CA ILE ZH 91 -88.67 -63.60 -21.69
C ILE ZH 91 -89.91 -64.37 -21.26
N ARG ZH 92 -90.58 -65.05 -22.19
CA ARG ZH 92 -91.84 -65.69 -21.89
C ARG ZH 92 -91.63 -67.10 -21.36
N TYR ZH 93 -92.65 -67.59 -20.67
CA TYR ZH 93 -92.67 -68.97 -20.24
C TYR ZH 93 -92.88 -69.88 -21.43
N THR ZH 94 -91.87 -70.66 -21.77
CA THR ZH 94 -92.02 -71.70 -22.78
C THR ZH 94 -92.70 -72.91 -22.16
N GLU ZH 95 -93.12 -73.84 -23.02
CA GLU ZH 95 -93.85 -75.01 -22.54
C GLU ZH 95 -92.93 -75.99 -21.81
N GLU ZH 96 -91.63 -75.93 -22.11
CA GLU ZH 96 -90.67 -76.84 -21.47
C GLU ZH 96 -90.45 -76.49 -20.01
N VAL ZH 97 -90.68 -75.22 -19.64
CA VAL ZH 97 -90.38 -74.75 -18.29
C VAL ZH 97 -91.64 -74.52 -17.46
N GLU ZH 98 -92.78 -75.08 -17.89
CA GLU ZH 98 -94.00 -74.91 -17.12
C GLU ZH 98 -94.07 -75.81 -15.89
N GLN ZH 99 -93.17 -76.80 -15.80
CA GLN ZH 99 -93.15 -77.64 -14.61
C GLN ZH 99 -92.46 -76.95 -13.44
N PHE ZH 100 -91.74 -75.86 -13.70
CA PHE ZH 100 -91.01 -75.14 -12.66
C PHE ZH 100 -91.68 -73.84 -12.24
N ARG ZH 101 -92.82 -73.50 -12.85
CA ARG ZH 101 -93.48 -72.24 -12.54
C ARG ZH 101 -94.20 -72.30 -11.20
N ALA AI 2 -67.47 -94.10 7.22
CA ALA AI 2 -68.49 -94.34 6.20
C ALA AI 2 -68.44 -93.25 5.14
N VAL AI 3 -69.38 -92.31 5.21
CA VAL AI 3 -69.36 -91.16 4.31
C VAL AI 3 -68.38 -90.13 4.84
N ALA AI 4 -67.96 -89.20 3.97
CA ALA AI 4 -67.00 -88.18 4.36
C ALA AI 4 -67.63 -87.16 5.30
N VAL AI 5 -66.79 -86.37 5.95
CA VAL AI 5 -67.24 -85.32 6.84
C VAL AI 5 -66.53 -84.03 6.47
N GLY AI 6 -67.29 -82.95 6.34
CA GLY AI 6 -66.73 -81.65 6.06
C GLY AI 6 -67.22 -80.64 7.07
N MET AI 7 -66.33 -79.72 7.46
CA MET AI 7 -66.62 -78.73 8.49
C MET AI 7 -66.24 -77.36 7.97
N ILE AI 8 -67.11 -76.38 8.17
CA ILE AI 8 -66.78 -74.97 7.99
C ILE AI 8 -66.99 -74.27 9.32
N GLU AI 9 -65.95 -73.68 9.85
CA GLU AI 9 -66.05 -72.87 11.07
C GLU AI 9 -66.06 -71.40 10.68
N THR AI 10 -67.10 -70.70 11.10
CA THR AI 10 -67.21 -69.27 10.87
C THR AI 10 -67.21 -68.52 12.20
N LEU AI 11 -66.96 -67.23 12.11
CA LEU AI 11 -67.11 -66.32 13.24
C LEU AI 11 -68.49 -65.66 13.09
N GLY AI 12 -69.45 -66.15 13.86
CA GLY AI 12 -70.78 -65.58 13.79
C GLY AI 12 -71.84 -66.55 13.30
N PHE AI 13 -73.04 -66.43 13.85
CA PHE AI 13 -74.17 -67.27 13.46
C PHE AI 13 -74.85 -66.90 12.14
N PRO AI 14 -75.00 -65.63 11.72
CA PRO AI 14 -75.48 -65.40 10.35
C PRO AI 14 -74.55 -65.90 9.26
N ALA AI 15 -73.24 -65.97 9.52
CA ALA AI 15 -72.33 -66.49 8.52
C ALA AI 15 -72.40 -68.00 8.45
N VAL AI 16 -72.78 -68.66 9.55
CA VAL AI 16 -72.71 -70.12 9.57
C VAL AI 16 -74.01 -70.71 9.01
N VAL AI 17 -75.08 -69.93 8.96
CA VAL AI 17 -76.31 -70.40 8.31
C VAL AI 17 -76.21 -70.22 6.81
N GLU AI 18 -75.56 -69.14 6.37
CA GLU AI 18 -75.30 -68.96 4.94
C GLU AI 18 -74.27 -69.96 4.44
N ALA AI 19 -73.31 -70.33 5.29
CA ALA AI 19 -72.39 -71.39 4.94
C ALA AI 19 -73.09 -72.74 4.85
N ALA AI 20 -73.98 -73.02 5.80
CA ALA AI 20 -74.69 -74.30 5.80
C ALA AI 20 -75.71 -74.37 4.66
N ASP AI 21 -76.32 -73.24 4.31
CA ASP AI 21 -77.29 -73.24 3.22
C ASP AI 21 -76.60 -73.39 1.86
N ALA AI 22 -75.40 -72.83 1.72
CA ALA AI 22 -74.68 -72.96 0.47
C ALA AI 22 -74.10 -74.36 0.30
N MET AI 23 -73.91 -75.09 1.40
CA MET AI 23 -73.34 -76.42 1.32
C MET AI 23 -74.35 -77.43 0.81
N VAL AI 24 -75.57 -77.41 1.36
CA VAL AI 24 -76.54 -78.43 1.00
C VAL AI 24 -77.24 -78.09 -0.32
N LYS AI 25 -77.05 -76.86 -0.81
CA LYS AI 25 -77.56 -76.53 -2.14
C LYS AI 25 -76.57 -76.89 -3.22
N ALA AI 26 -75.27 -76.86 -2.90
CA ALA AI 26 -74.25 -77.06 -3.92
C ALA AI 26 -74.12 -78.52 -4.32
N ALA AI 27 -74.21 -79.44 -3.36
CA ALA AI 27 -73.96 -80.84 -3.64
C ALA AI 27 -74.90 -81.71 -2.81
N ARG AI 28 -74.75 -83.02 -2.96
CA ARG AI 28 -75.58 -84.00 -2.26
C ARG AI 28 -74.94 -84.34 -0.91
N VAL AI 29 -74.91 -83.35 -0.05
CA VAL AI 29 -74.43 -83.52 1.32
C VAL AI 29 -75.60 -83.35 2.26
N THR AI 30 -75.46 -83.90 3.45
CA THR AI 30 -76.44 -83.76 4.52
C THR AI 30 -75.81 -82.96 5.65
N LEU AI 31 -76.35 -81.79 5.91
CA LEU AI 31 -76.02 -81.05 7.12
C LEU AI 31 -76.53 -81.82 8.32
N VAL AI 32 -75.62 -82.33 9.14
CA VAL AI 32 -75.98 -83.16 10.27
C VAL AI 32 -75.73 -82.49 11.60
N GLY AI 33 -74.87 -81.49 11.67
CA GLY AI 33 -74.36 -81.03 12.95
C GLY AI 33 -74.17 -79.55 12.99
N TYR AI 34 -73.97 -79.04 14.19
CA TYR AI 34 -73.92 -77.62 14.49
C TYR AI 34 -73.24 -77.47 15.84
N GLU AI 35 -72.07 -76.84 15.85
CA GLU AI 35 -71.20 -76.88 17.02
C GLU AI 35 -70.72 -75.49 17.39
N LYS AI 36 -70.81 -75.17 18.69
CA LYS AI 36 -70.32 -73.91 19.24
C LYS AI 36 -69.24 -74.23 20.26
N ILE AI 37 -68.08 -73.60 20.12
CA ILE AI 37 -66.94 -73.86 20.99
C ILE AI 37 -66.52 -72.60 21.75
N GLY AI 38 -67.23 -71.51 21.59
CA GLY AI 38 -66.91 -70.27 22.29
C GLY AI 38 -66.19 -69.28 21.41
N THR AI 39 -66.17 -68.02 21.90
CA THR AI 39 -65.74 -66.82 21.17
C THR AI 39 -66.36 -66.68 19.80
N GLY AI 40 -67.63 -67.05 19.65
CA GLY AI 40 -68.31 -66.90 18.39
C GLY AI 40 -67.90 -67.87 17.30
N ARG AI 41 -67.04 -68.83 17.61
CA ARG AI 41 -66.59 -69.80 16.62
C ARG AI 41 -67.65 -70.89 16.50
N VAL AI 42 -68.36 -70.90 15.37
CA VAL AI 42 -69.47 -71.80 15.15
C VAL AI 42 -69.16 -72.66 13.93
N THR AI 43 -69.39 -73.96 14.06
CA THR AI 43 -69.03 -74.93 13.02
C THR AI 43 -70.28 -75.69 12.59
N VAL AI 44 -70.48 -75.81 11.28
CA VAL AI 44 -71.49 -76.70 10.71
C VAL AI 44 -70.78 -77.90 10.07
N ILE AI 45 -71.42 -79.06 10.18
CA ILE AI 45 -70.84 -80.33 9.78
C ILE AI 45 -71.75 -80.94 8.71
N VAL AI 46 -71.17 -81.28 7.56
CA VAL AI 46 -71.91 -81.96 6.50
C VAL AI 46 -71.34 -83.36 6.32
N ARG AI 47 -72.20 -84.29 5.94
CA ARG AI 47 -71.81 -85.65 5.61
C ARG AI 47 -72.21 -85.95 4.18
N GLY AI 48 -71.37 -86.71 3.49
CA GLY AI 48 -71.67 -87.12 2.13
C GLY AI 48 -70.48 -87.81 1.52
N ASP AI 49 -70.51 -87.97 0.20
CA ASP AI 49 -69.34 -88.45 -0.51
C ASP AI 49 -68.25 -87.38 -0.48
N VAL AI 50 -67.00 -87.81 -0.65
CA VAL AI 50 -65.87 -86.90 -0.50
C VAL AI 50 -65.82 -85.87 -1.62
N SER AI 51 -66.32 -86.22 -2.81
CA SER AI 51 -66.41 -85.26 -3.90
C SER AI 51 -67.52 -84.25 -3.65
N GLU AI 52 -68.64 -84.71 -3.10
CA GLU AI 52 -69.74 -83.81 -2.79
C GLU AI 52 -69.42 -82.92 -1.60
N VAL AI 53 -68.67 -83.46 -0.63
CA VAL AI 53 -68.28 -82.66 0.53
C VAL AI 53 -67.27 -81.59 0.12
N GLN AI 54 -66.36 -81.93 -0.81
CA GLN AI 54 -65.41 -80.95 -1.31
C GLN AI 54 -66.09 -79.86 -2.13
N ALA AI 55 -67.14 -80.21 -2.86
CA ALA AI 55 -67.86 -79.20 -3.63
C ALA AI 55 -68.72 -78.32 -2.74
N SER AI 56 -69.21 -78.87 -1.63
CA SER AI 56 -70.04 -78.10 -0.72
C SER AI 56 -69.21 -77.17 0.15
N VAL AI 57 -68.10 -77.66 0.68
CA VAL AI 57 -67.24 -76.86 1.57
C VAL AI 57 -66.59 -75.71 0.80
N SER AI 58 -66.25 -75.95 -0.47
CA SER AI 58 -65.72 -74.88 -1.31
C SER AI 58 -66.78 -73.85 -1.64
N ALA AI 59 -68.03 -74.29 -1.79
CA ALA AI 59 -69.10 -73.35 -2.10
C ALA AI 59 -69.58 -72.62 -0.84
N GLY AI 60 -69.53 -73.31 0.31
CA GLY AI 60 -69.89 -72.66 1.55
C GLY AI 60 -68.87 -71.65 2.02
N THR AI 61 -67.62 -71.78 1.57
CA THR AI 61 -66.58 -70.85 1.97
C THR AI 61 -66.74 -69.50 1.25
N GLU AI 62 -67.08 -69.54 -0.04
CA GLU AI 62 -67.21 -68.29 -0.80
C GLU AI 62 -68.51 -67.56 -0.48
N SER AI 63 -69.49 -68.27 0.09
CA SER AI 63 -70.77 -67.63 0.41
C SER AI 63 -70.72 -66.84 1.71
N VAL AI 64 -69.72 -67.08 2.55
CA VAL AI 64 -69.56 -66.29 3.76
C VAL AI 64 -69.06 -64.88 3.41
N LYS AI 65 -68.35 -64.76 2.27
CA LYS AI 65 -67.86 -63.46 1.81
C LYS AI 65 -68.97 -62.51 1.43
N ARG AI 66 -70.15 -63.00 1.11
CA ARG AI 66 -71.31 -62.14 0.88
C ARG AI 66 -71.99 -61.71 2.17
N VAL AI 67 -71.67 -62.34 3.30
CA VAL AI 67 -72.20 -61.93 4.59
C VAL AI 67 -71.25 -60.90 5.19
N ASN AI 68 -71.78 -59.70 5.47
CA ASN AI 68 -71.02 -58.64 6.11
C ASN AI 68 -71.06 -58.87 7.62
N GLY AI 69 -69.90 -59.15 8.21
CA GLY AI 69 -69.80 -59.40 9.63
C GLY AI 69 -69.35 -60.80 9.99
N GLY AI 70 -69.17 -61.69 9.02
CA GLY AI 70 -68.72 -63.04 9.29
C GLY AI 70 -67.60 -63.43 8.35
N GLN AI 71 -66.72 -64.30 8.86
CA GLN AI 71 -65.57 -64.76 8.11
C GLN AI 71 -65.36 -66.24 8.39
N VAL AI 72 -64.80 -66.93 7.40
CA VAL AI 72 -64.44 -68.34 7.55
C VAL AI 72 -63.15 -68.42 8.36
N LEU AI 73 -63.20 -69.12 9.48
CA LEU AI 73 -62.00 -69.28 10.30
C LEU AI 73 -61.23 -70.52 9.90
N SER AI 74 -61.93 -71.63 9.69
CA SER AI 74 -61.27 -72.89 9.39
C SER AI 74 -62.23 -73.79 8.61
N THR AI 75 -61.67 -74.49 7.63
CA THR AI 75 -62.41 -75.50 6.89
C THR AI 75 -61.56 -76.77 6.86
N HIS AI 76 -62.25 -77.91 6.90
CA HIS AI 76 -61.54 -79.18 6.74
C HIS AI 76 -62.49 -80.23 6.19
N ILE AI 77 -61.91 -81.19 5.49
CA ILE AI 77 -62.62 -82.30 4.87
C ILE AI 77 -61.86 -83.58 5.19
N ILE AI 78 -62.55 -84.56 5.76
CA ILE AI 78 -61.98 -85.88 6.02
C ILE AI 78 -62.69 -86.88 5.12
N ALA AI 79 -61.91 -87.61 4.31
CA ALA AI 79 -62.48 -88.44 3.26
C ALA AI 79 -63.26 -89.62 3.81
N ARG AI 80 -62.77 -90.22 4.89
CA ARG AI 80 -63.49 -91.28 5.58
C ARG AI 80 -63.05 -91.27 7.04
N PRO AI 81 -63.87 -90.71 7.93
CA PRO AI 81 -63.49 -90.68 9.35
C PRO AI 81 -63.53 -92.06 9.98
N HIS AI 82 -62.74 -92.20 11.04
CA HIS AI 82 -62.74 -93.42 11.84
C HIS AI 82 -64.07 -93.58 12.54
N GLU AI 83 -64.43 -94.84 12.83
CA GLU AI 83 -65.70 -95.12 13.49
C GLU AI 83 -65.69 -94.68 14.95
N ASN AI 84 -64.52 -94.40 15.50
CA ASN AI 84 -64.41 -93.85 16.85
C ASN AI 84 -64.95 -92.43 16.93
N LEU AI 85 -64.89 -91.67 15.83
CA LEU AI 85 -65.19 -90.24 15.89
C LEU AI 85 -66.69 -89.97 15.98
N GLU AI 86 -67.54 -90.89 15.52
CA GLU AI 86 -68.98 -90.64 15.59
C GLU AI 86 -69.50 -90.78 17.01
N TYR AI 87 -68.81 -91.54 17.86
CA TYR AI 87 -69.29 -91.74 19.22
C TYR AI 87 -68.80 -90.66 20.16
N VAL AI 88 -67.71 -89.96 19.79
CA VAL AI 88 -67.18 -88.92 20.65
C VAL AI 88 -67.52 -87.54 20.10
N LEU AI 89 -67.26 -87.32 18.85
CA LEU AI 89 -67.48 -86.04 18.22
C LEU AI 89 -68.87 -85.97 17.60
N PRO AI 90 -69.52 -84.79 17.59
CA PRO AI 90 -70.88 -84.67 17.05
C PRO AI 90 -70.91 -84.53 15.53
N ILE AI 91 -70.38 -85.54 14.83
CA ILE AI 91 -70.37 -85.57 13.38
C ILE AI 91 -71.26 -86.68 12.82
N ARG AI 92 -72.03 -87.35 13.67
CA ARG AI 92 -72.81 -88.48 13.22
C ARG AI 92 -74.19 -88.04 12.73
N TYR AI 93 -74.85 -88.92 11.99
CA TYR AI 93 -76.20 -88.68 11.55
C TYR AI 93 -77.17 -88.78 12.72
N THR AI 94 -77.92 -87.71 12.97
CA THR AI 94 -78.99 -87.77 13.94
C THR AI 94 -80.24 -88.34 13.30
N GLU AI 95 -81.25 -88.62 14.13
CA GLU AI 95 -82.47 -89.24 13.64
C GLU AI 95 -83.34 -88.24 12.88
N GLU AI 96 -83.11 -86.94 13.10
CA GLU AI 96 -83.94 -85.92 12.46
C GLU AI 96 -83.51 -85.69 11.01
N VAL AI 97 -82.28 -86.06 10.66
CA VAL AI 97 -81.72 -85.72 9.36
C VAL AI 97 -81.59 -86.95 8.46
N GLU AI 98 -82.22 -88.07 8.82
CA GLU AI 98 -82.11 -89.27 8.00
C GLU AI 98 -82.96 -89.19 6.75
N GLN AI 99 -83.89 -88.24 6.67
CA GLN AI 99 -84.68 -88.06 5.46
C GLN AI 99 -83.89 -87.32 4.38
N PHE AI 100 -82.81 -86.64 4.75
CA PHE AI 100 -81.96 -85.93 3.80
C PHE AI 100 -80.73 -86.73 3.40
N ARG AI 101 -80.58 -87.96 3.90
CA ARG AI 101 -79.40 -88.77 3.61
C ARG AI 101 -79.45 -89.36 2.20
N MET BI 1 -37.64 -97.11 -19.97
CA MET BI 1 -39.07 -97.06 -20.19
C MET BI 1 -39.67 -98.45 -20.33
N GLN BI 2 -40.97 -98.53 -20.10
CA GLN BI 2 -41.73 -99.75 -20.29
C GLN BI 2 -42.91 -99.47 -21.21
N MET BI 3 -43.27 -100.46 -22.01
CA MET BI 3 -44.48 -100.39 -22.81
C MET BI 3 -45.67 -100.82 -21.98
N ALA BI 4 -46.73 -100.03 -22.02
CA ALA BI 4 -47.92 -100.31 -21.24
C ALA BI 4 -49.16 -100.00 -22.08
N LYS BI 5 -50.27 -100.60 -21.69
CA LYS BI 5 -51.56 -100.39 -22.32
C LYS BI 5 -52.47 -99.66 -21.35
N VAL BI 6 -53.15 -98.62 -21.83
CA VAL BI 6 -54.07 -97.85 -20.99
C VAL BI 6 -55.30 -98.71 -20.74
N CYS BI 7 -55.49 -99.11 -19.49
CA CYS BI 7 -56.65 -99.93 -19.14
C CYS BI 7 -57.70 -99.15 -18.38
N GLY BI 8 -57.37 -97.95 -17.91
CA GLY BI 8 -58.39 -97.14 -17.29
C GLY BI 8 -57.85 -95.91 -16.62
N THR BI 9 -58.68 -95.31 -15.77
CA THR BI 9 -58.36 -94.07 -15.09
C THR BI 9 -58.53 -94.26 -13.59
N VAL BI 10 -57.72 -93.56 -12.82
CA VAL BI 10 -57.81 -93.53 -11.36
C VAL BI 10 -58.09 -92.08 -10.95
N VAL BI 11 -59.17 -91.88 -10.22
CA VAL BI 11 -59.56 -90.56 -9.75
C VAL BI 11 -59.50 -90.56 -8.23
N GLY BI 12 -58.71 -89.64 -7.67
CA GLY BI 12 -58.70 -89.42 -6.24
C GLY BI 12 -58.94 -87.97 -5.92
N THR BI 13 -59.92 -87.69 -5.06
CA THR BI 13 -60.23 -86.31 -4.73
C THR BI 13 -59.51 -85.83 -3.48
N GLN BI 14 -59.29 -86.70 -2.50
CA GLN BI 14 -58.53 -86.39 -1.31
C GLN BI 14 -57.07 -86.76 -1.57
N LYS BI 15 -56.25 -85.76 -1.84
CA LYS BI 15 -54.88 -85.98 -2.27
C LYS BI 15 -54.01 -84.84 -1.76
N LEU BI 16 -52.74 -84.87 -2.15
CA LEU BI 16 -51.84 -83.78 -1.85
C LEU BI 16 -52.18 -82.57 -2.73
N PRO BI 17 -51.90 -81.35 -2.25
CA PRO BI 17 -52.15 -80.17 -3.09
C PRO BI 17 -51.27 -80.09 -4.33
N SER BI 18 -50.10 -80.73 -4.30
CA SER BI 18 -49.25 -80.75 -5.48
C SER BI 18 -49.66 -81.84 -6.46
N MET BI 19 -50.61 -82.68 -6.09
CA MET BI 19 -51.10 -83.72 -6.99
C MET BI 19 -52.32 -83.27 -7.79
N THR BI 20 -52.75 -82.02 -7.69
CA THR BI 20 -53.93 -81.57 -8.40
C THR BI 20 -53.58 -81.22 -9.84
N GLY BI 21 -54.55 -81.40 -10.73
CA GLY BI 21 -54.33 -81.23 -12.15
C GLY BI 21 -53.63 -82.38 -12.84
N VAL BI 22 -53.20 -83.39 -12.10
CA VAL BI 22 -52.47 -84.53 -12.64
C VAL BI 22 -53.48 -85.58 -13.07
N LYS BI 23 -53.45 -85.94 -14.35
CA LYS BI 23 -54.33 -86.99 -14.87
C LYS BI 23 -53.66 -88.34 -14.64
N LEU BI 24 -54.36 -89.23 -13.95
CA LEU BI 24 -53.82 -90.51 -13.53
C LEU BI 24 -54.45 -91.64 -14.34
N LEU BI 25 -53.61 -92.35 -15.09
CA LEU BI 25 -54.04 -93.47 -15.91
C LEU BI 25 -53.62 -94.78 -15.28
N LEU BI 26 -54.52 -95.74 -15.31
CA LEU BI 26 -54.22 -97.11 -14.90
C LEU BI 26 -53.68 -97.84 -16.12
N LEU BI 27 -52.40 -98.22 -16.06
CA LEU BI 27 -51.68 -98.75 -17.20
C LEU BI 27 -51.24 -100.17 -16.89
N GLN BI 28 -51.60 -101.12 -17.74
CA GLN BI 28 -51.14 -102.49 -17.59
C GLN BI 28 -49.93 -102.71 -18.50
N PHE BI 29 -48.86 -103.26 -17.93
CA PHE BI 29 -47.65 -103.48 -18.70
C PHE BI 29 -47.82 -104.64 -19.66
N ILE BI 30 -47.34 -104.44 -20.88
CA ILE BI 30 -47.34 -105.44 -21.93
C ILE BI 30 -45.90 -105.87 -22.17
N ASP BI 31 -45.71 -107.10 -22.64
CA ASP BI 31 -44.37 -107.60 -22.86
C ASP BI 31 -43.86 -107.17 -24.25
N ALA BI 32 -42.69 -107.69 -24.62
CA ALA BI 32 -42.15 -107.40 -25.95
C ALA BI 32 -42.91 -108.16 -27.03
N ASN BI 33 -43.62 -109.22 -26.67
CA ASN BI 33 -44.40 -109.96 -27.65
C ASN BI 33 -45.78 -109.36 -27.86
N GLY BI 34 -46.22 -108.50 -26.93
CA GLY BI 34 -47.52 -107.86 -27.04
C GLY BI 34 -48.58 -108.38 -26.09
N GLU BI 35 -48.27 -109.38 -25.27
CA GLU BI 35 -49.23 -109.94 -24.32
C GLU BI 35 -49.25 -109.11 -23.05
N LEU BI 36 -50.39 -109.12 -22.38
CA LEU BI 36 -50.54 -108.34 -21.15
C LEU BI 36 -49.86 -109.07 -20.00
N LEU BI 37 -49.00 -108.36 -19.28
CA LEU BI 37 -48.35 -108.91 -18.09
C LEU BI 37 -49.24 -108.68 -16.87
N PRO BI 38 -49.15 -109.54 -15.85
CA PRO BI 38 -49.88 -109.28 -14.59
C PRO BI 38 -49.16 -108.27 -13.70
N LYS BI 39 -48.98 -107.06 -14.22
CA LYS BI 39 -48.28 -105.98 -13.52
C LYS BI 39 -48.82 -104.67 -14.08
N TYR BI 40 -49.06 -103.72 -13.20
CA TYR BI 40 -49.68 -102.47 -13.58
C TYR BI 40 -48.91 -101.28 -13.01
N GLU BI 41 -49.39 -100.09 -13.32
CA GLU BI 41 -48.85 -98.85 -12.83
C GLU BI 41 -49.93 -97.78 -12.91
N VAL BI 42 -49.80 -96.77 -12.06
CA VAL BI 42 -50.59 -95.55 -12.19
C VAL BI 42 -49.62 -94.43 -12.49
N ALA BI 43 -49.80 -93.77 -13.64
CA ALA BI 43 -48.85 -92.79 -14.11
C ALA BI 43 -49.54 -91.48 -14.43
N ALA BI 44 -48.79 -90.39 -14.31
CA ALA BI 44 -49.22 -89.11 -14.83
C ALA BI 44 -49.21 -89.14 -16.35
N ASP BI 45 -50.12 -88.39 -16.95
CA ASP BI 45 -50.35 -88.42 -18.40
C ASP BI 45 -50.27 -86.99 -18.96
N PRO BI 46 -49.06 -86.51 -19.26
CA PRO BI 46 -48.96 -85.22 -19.97
C PRO BI 46 -49.25 -85.35 -21.45
N VAL BI 47 -48.84 -86.45 -22.06
CA VAL BI 47 -49.15 -86.76 -23.46
C VAL BI 47 -50.52 -87.42 -23.47
N GLY BI 48 -51.51 -86.76 -24.07
CA GLY BI 48 -52.90 -87.13 -23.86
C GLY BI 48 -53.23 -88.49 -24.45
N ALA BI 49 -53.41 -89.49 -23.60
CA ALA BI 49 -53.57 -90.88 -24.01
C ALA BI 49 -54.89 -91.41 -23.49
N GLY BI 50 -55.61 -92.13 -24.35
CA GLY BI 50 -56.91 -92.66 -24.01
C GLY BI 50 -56.90 -94.18 -23.88
N LEU BI 51 -58.10 -94.71 -23.61
CA LEU BI 51 -58.27 -96.12 -23.28
C LEU BI 51 -57.95 -97.02 -24.45
N GLY BI 52 -57.01 -97.93 -24.23
CA GLY BI 52 -56.59 -98.88 -25.23
C GLY BI 52 -55.29 -98.57 -25.93
N GLU BI 53 -54.74 -97.39 -25.73
CA GLU BI 53 -53.52 -97.01 -26.44
C GLU BI 53 -52.30 -97.68 -25.83
N TRP BI 54 -51.23 -97.71 -26.62
CA TRP BI 54 -49.94 -98.20 -26.17
C TRP BI 54 -49.06 -97.02 -25.83
N VAL BI 55 -48.51 -97.00 -24.62
CA VAL BI 55 -47.75 -95.86 -24.14
C VAL BI 55 -46.38 -96.33 -23.67
N LEU BI 56 -45.44 -95.39 -23.62
CA LEU BI 56 -44.16 -95.59 -22.98
C LEU BI 56 -44.19 -94.93 -21.61
N VAL BI 57 -43.81 -95.69 -20.58
CA VAL BI 57 -43.90 -95.25 -19.20
C VAL BI 57 -42.51 -95.29 -18.61
N ASN BI 58 -42.03 -94.16 -18.10
CA ASN BI 58 -40.82 -94.18 -17.31
C ASN BI 58 -41.19 -94.30 -15.84
N ARG BI 59 -40.20 -94.55 -15.00
CA ARG BI 59 -40.47 -94.60 -13.58
C ARG BI 59 -39.31 -93.97 -12.83
N GLY BI 60 -39.58 -93.57 -11.59
CA GLY BI 60 -38.57 -92.98 -10.75
C GLY BI 60 -38.55 -91.47 -10.87
N SER BI 61 -37.37 -90.88 -10.74
CA SER BI 61 -37.23 -89.42 -10.80
C SER BI 61 -37.29 -88.87 -12.21
N ALA BI 62 -37.35 -89.74 -13.22
CA ALA BI 62 -37.54 -89.31 -14.60
C ALA BI 62 -38.94 -88.80 -14.85
N ALA BI 63 -39.90 -89.15 -13.99
CA ALA BI 63 -41.26 -88.62 -14.09
C ALA BI 63 -41.33 -87.15 -13.70
N ARG BI 64 -40.30 -86.62 -13.06
CA ARG BI 64 -40.27 -85.23 -12.60
C ARG BI 64 -39.38 -84.35 -13.46
N GLN BI 65 -39.25 -84.66 -14.75
CA GLN BI 65 -38.33 -83.95 -15.62
C GLN BI 65 -39.01 -83.00 -16.60
N THR BI 66 -40.34 -83.03 -16.68
CA THR BI 66 -41.05 -82.31 -17.73
C THR BI 66 -41.41 -80.87 -17.33
N GLU BI 67 -40.71 -80.32 -16.34
CA GLU BI 67 -40.69 -78.92 -15.88
C GLU BI 67 -42.02 -78.39 -15.35
N TYR BI 68 -43.07 -79.22 -15.34
CA TYR BI 68 -44.25 -78.94 -14.52
C TYR BI 68 -44.61 -80.12 -13.63
N HIS BI 69 -43.79 -81.17 -13.62
CA HIS BI 69 -43.89 -82.26 -12.66
C HIS BI 69 -42.71 -82.26 -11.69
N GLN BI 70 -42.01 -81.13 -11.58
CA GLN BI 70 -40.67 -81.11 -10.98
C GLN BI 70 -40.71 -81.33 -9.48
N ASN BI 71 -41.64 -80.69 -8.78
CA ASN BI 71 -41.77 -80.83 -7.33
C ASN BI 71 -43.02 -81.60 -6.96
N ARG BI 72 -43.52 -82.41 -7.88
CA ARG BI 72 -44.71 -83.24 -7.74
C ARG BI 72 -44.32 -84.66 -7.34
N PRO BI 73 -45.03 -85.26 -6.41
CA PRO BI 73 -44.70 -86.62 -5.94
C PRO BI 73 -45.13 -87.70 -6.92
N LEU BI 74 -44.46 -87.75 -8.06
CA LEU BI 74 -44.78 -88.67 -9.14
C LEU BI 74 -43.58 -89.58 -9.40
N ASP BI 75 -43.85 -90.88 -9.50
CA ASP BI 75 -42.81 -91.85 -9.82
C ASP BI 75 -43.15 -92.67 -11.07
N ALA BI 76 -44.06 -92.18 -11.90
CA ALA BI 76 -44.44 -92.83 -13.14
C ALA BI 76 -45.11 -91.80 -14.04
N MET BI 77 -44.80 -91.85 -15.33
CA MET BI 77 -45.29 -90.84 -16.26
C MET BI 77 -45.33 -91.42 -17.66
N VAL BI 78 -46.42 -91.19 -18.37
CA VAL BI 78 -46.47 -91.49 -19.79
C VAL BI 78 -45.64 -90.44 -20.53
N VAL BI 79 -44.59 -90.89 -21.22
CA VAL BI 79 -43.72 -89.98 -21.94
C VAL BI 79 -43.97 -90.00 -23.45
N ALA BI 80 -44.61 -91.04 -23.96
CA ALA BI 80 -44.84 -91.16 -25.39
C ALA BI 80 -46.04 -92.06 -25.62
N ILE BI 81 -46.78 -91.78 -26.68
CA ILE BI 81 -47.77 -92.70 -27.21
C ILE BI 81 -47.09 -93.48 -28.33
N ILE BI 82 -47.15 -94.80 -28.23
CA ILE BI 82 -46.44 -95.66 -29.17
C ILE BI 82 -47.15 -95.63 -30.52
N ASP BI 83 -46.39 -95.28 -31.56
CA ASP BI 83 -46.88 -95.38 -32.92
C ASP BI 83 -46.58 -96.76 -33.52
N THR BI 84 -45.34 -97.20 -33.45
CA THR BI 84 -44.90 -98.42 -34.12
C THR BI 84 -43.92 -99.16 -33.22
N VAL BI 85 -44.14 -100.47 -33.05
CA VAL BI 85 -43.16 -101.36 -32.47
C VAL BI 85 -42.70 -102.33 -33.56
N THR BI 86 -41.42 -102.31 -33.87
CA THR BI 86 -40.82 -103.21 -34.85
C THR BI 86 -39.89 -104.15 -34.11
N VAL BI 87 -40.18 -105.44 -34.16
CA VAL BI 87 -39.35 -106.46 -33.52
C VAL BI 87 -38.81 -107.39 -34.60
N ASN BI 88 -37.47 -107.47 -34.69
CA ASN BI 88 -36.74 -108.31 -35.65
C ASN BI 88 -37.12 -107.96 -37.08
N ASN BI 89 -37.16 -106.65 -37.37
CA ASN BI 89 -37.57 -106.02 -38.62
C ASN BI 89 -39.00 -106.36 -39.02
N ARG BI 90 -39.83 -106.82 -38.09
CA ARG BI 90 -41.24 -107.12 -38.34
C ARG BI 90 -42.07 -106.21 -37.45
N ARG BI 91 -43.06 -105.54 -38.04
CA ARG BI 91 -43.90 -104.63 -37.29
C ARG BI 91 -44.83 -105.40 -36.36
N LEU BI 92 -44.68 -105.17 -35.05
CA LEU BI 92 -45.53 -105.76 -34.03
C LEU BI 92 -46.77 -104.93 -33.74
N TYR BI 93 -46.65 -103.61 -33.77
CA TYR BI 93 -47.74 -102.72 -33.44
C TYR BI 93 -47.75 -101.57 -34.43
N GLY BI 94 -48.95 -101.11 -34.77
CA GLY BI 94 -49.11 -100.00 -35.68
C GLY BI 94 -49.46 -100.43 -37.10
N ALA CI 2 -66.08 -9.61 -93.13
CA ALA CI 2 -67.07 -10.67 -93.25
C ALA CI 2 -67.78 -10.91 -91.93
N VAL CI 3 -68.41 -12.08 -91.82
CA VAL CI 3 -69.07 -12.50 -90.59
C VAL CI 3 -68.03 -12.71 -89.50
N ALA CI 4 -68.35 -12.26 -88.27
CA ALA CI 4 -67.38 -12.23 -87.18
C ALA CI 4 -66.90 -13.63 -86.80
N VAL CI 5 -65.67 -13.71 -86.34
CA VAL CI 5 -65.03 -14.98 -86.00
C VAL CI 5 -64.52 -14.90 -84.56
N GLY CI 6 -64.81 -15.93 -83.78
CA GLY CI 6 -64.28 -16.04 -82.43
C GLY CI 6 -63.46 -17.31 -82.29
N MET CI 7 -62.40 -17.22 -81.51
CA MET CI 7 -61.50 -18.34 -81.29
C MET CI 7 -61.24 -18.49 -79.81
N ILE CI 8 -61.30 -19.72 -79.31
CA ILE CI 8 -60.86 -20.05 -77.96
C ILE CI 8 -59.81 -21.14 -78.08
N GLU CI 9 -58.60 -20.85 -77.64
CA GLU CI 9 -57.52 -21.82 -77.62
C GLU CI 9 -57.36 -22.37 -76.22
N THR CI 10 -57.48 -23.69 -76.08
CA THR CI 10 -57.31 -24.35 -74.80
C THR CI 10 -56.16 -25.34 -74.88
N LEU CI 11 -55.67 -25.72 -73.70
CA LEU CI 11 -54.67 -26.77 -73.57
C LEU CI 11 -55.40 -28.04 -73.18
N GLY CI 12 -55.73 -28.87 -74.17
CA GLY CI 12 -56.45 -30.10 -73.89
C GLY CI 12 -57.75 -30.26 -74.66
N PHE CI 13 -58.07 -31.49 -75.02
CA PHE CI 13 -59.29 -31.81 -75.75
C PHE CI 13 -60.59 -31.80 -74.92
N PRO CI 14 -60.63 -32.24 -73.64
CA PRO CI 14 -61.87 -32.01 -72.88
C PRO CI 14 -62.17 -30.54 -72.62
N ALA CI 15 -61.15 -29.68 -72.58
CA ALA CI 15 -61.40 -28.26 -72.38
C ALA CI 15 -61.88 -27.59 -73.66
N VAL CI 16 -61.52 -28.14 -74.81
CA VAL CI 16 -61.87 -27.49 -76.06
C VAL CI 16 -63.26 -27.94 -76.52
N VAL CI 17 -63.73 -29.08 -76.02
CA VAL CI 17 -65.09 -29.51 -76.34
C VAL CI 17 -66.09 -28.78 -75.46
N GLU CI 18 -65.73 -28.53 -74.19
CA GLU CI 18 -66.54 -27.68 -73.33
C GLU CI 18 -66.53 -26.24 -73.82
N ALA CI 19 -65.40 -25.78 -74.37
CA ALA CI 19 -65.38 -24.47 -74.99
C ALA CI 19 -66.27 -24.43 -76.23
N ALA CI 20 -66.23 -25.48 -77.06
CA ALA CI 20 -67.08 -25.51 -78.24
C ALA CI 20 -68.55 -25.70 -77.89
N ASP CI 21 -68.83 -26.46 -76.84
CA ASP CI 21 -70.22 -26.71 -76.46
C ASP CI 21 -70.86 -25.50 -75.80
N ALA CI 22 -70.12 -24.80 -74.95
CA ALA CI 22 -70.69 -23.65 -74.25
C ALA CI 22 -70.82 -22.44 -75.17
N MET CI 23 -70.04 -22.40 -76.25
CA MET CI 23 -70.13 -21.27 -77.17
C MET CI 23 -71.41 -21.34 -78.00
N VAL CI 24 -71.75 -22.53 -78.50
CA VAL CI 24 -72.94 -22.63 -79.33
C VAL CI 24 -74.19 -22.76 -78.48
N LYS CI 25 -74.03 -22.91 -77.16
CA LYS CI 25 -75.18 -22.94 -76.27
C LYS CI 25 -75.45 -21.56 -75.66
N ALA CI 26 -74.45 -20.68 -75.65
CA ALA CI 26 -74.65 -19.36 -75.06
C ALA CI 26 -75.32 -18.41 -76.04
N ALA CI 27 -75.05 -18.57 -77.33
CA ALA CI 27 -75.52 -17.62 -78.32
C ALA CI 27 -75.72 -18.33 -79.64
N ARG CI 28 -76.18 -17.56 -80.64
CA ARG CI 28 -76.49 -18.08 -81.97
C ARG CI 28 -75.24 -17.97 -82.83
N VAL CI 29 -74.25 -18.80 -82.53
CA VAL CI 29 -73.03 -18.89 -83.30
C VAL CI 29 -72.98 -20.25 -83.96
N THR CI 30 -72.13 -20.37 -84.98
CA THR CI 30 -71.91 -21.62 -85.68
C THR CI 30 -70.46 -22.04 -85.48
N LEU CI 31 -70.26 -23.13 -84.75
CA LEU CI 31 -68.94 -23.75 -84.65
C LEU CI 31 -68.58 -24.34 -86.02
N VAL CI 32 -67.58 -23.76 -86.66
CA VAL CI 32 -67.20 -24.16 -88.01
C VAL CI 32 -65.89 -24.91 -88.05
N GLY CI 33 -65.03 -24.76 -87.05
CA GLY CI 33 -63.64 -25.15 -87.21
C GLY CI 33 -63.08 -25.76 -85.95
N TYR CI 34 -61.95 -26.42 -86.12
CA TYR CI 34 -61.28 -27.20 -85.08
C TYR CI 34 -59.84 -27.33 -85.48
N GLU CI 35 -58.94 -26.66 -84.77
CA GLU CI 35 -57.57 -26.51 -85.23
C GLU CI 35 -56.60 -26.99 -84.17
N LYS CI 36 -55.70 -27.88 -84.57
CA LYS CI 36 -54.63 -28.39 -83.73
C LYS CI 36 -53.32 -27.86 -84.29
N ILE CI 37 -52.52 -27.21 -83.44
CA ILE CI 37 -51.27 -26.62 -83.85
C ILE CI 37 -50.08 -27.20 -83.09
N GLY CI 38 -50.30 -28.25 -82.33
CA GLY CI 38 -49.23 -28.90 -81.60
C GLY CI 38 -49.13 -28.46 -80.15
N THR CI 39 -48.42 -29.29 -79.38
CA THR CI 39 -48.29 -29.19 -77.91
C THR CI 39 -49.61 -29.04 -77.17
N GLY CI 40 -50.67 -29.69 -77.66
CA GLY CI 40 -51.94 -29.65 -76.97
C GLY CI 40 -52.72 -28.36 -77.10
N ARG CI 41 -52.18 -27.36 -77.80
CA ARG CI 41 -52.90 -26.13 -78.05
C ARG CI 41 -53.97 -26.39 -79.11
N VAL CI 42 -55.22 -26.43 -78.69
CA VAL CI 42 -56.33 -26.77 -79.56
C VAL CI 42 -57.29 -25.58 -79.60
N THR CI 43 -57.69 -25.19 -80.80
CA THR CI 43 -58.53 -24.02 -81.01
C THR CI 43 -59.83 -24.41 -81.71
N VAL CI 44 -60.95 -23.96 -81.18
CA VAL CI 44 -62.24 -24.04 -81.84
C VAL CI 44 -62.61 -22.66 -82.37
N ILE CI 45 -63.27 -22.63 -83.51
CA ILE CI 45 -63.56 -21.41 -84.26
C ILE CI 45 -65.06 -21.33 -84.48
N VAL CI 46 -65.67 -20.25 -84.01
CA VAL CI 46 -67.09 -20.03 -84.23
C VAL CI 46 -67.27 -18.82 -85.15
N ARG CI 47 -68.38 -18.82 -85.88
CA ARG CI 47 -68.78 -17.69 -86.70
C ARG CI 47 -70.17 -17.24 -86.28
N GLY CI 48 -70.47 -15.97 -86.56
CA GLY CI 48 -71.79 -15.45 -86.24
C GLY CI 48 -71.75 -13.95 -86.16
N ASP CI 49 -72.85 -13.38 -85.70
CA ASP CI 49 -72.91 -11.94 -85.48
C ASP CI 49 -72.02 -11.55 -84.31
N VAL CI 50 -71.71 -10.25 -84.26
CA VAL CI 50 -70.73 -9.76 -83.28
C VAL CI 50 -71.28 -9.84 -81.87
N SER CI 51 -72.59 -9.60 -81.71
CA SER CI 51 -73.23 -9.75 -80.40
C SER CI 51 -73.23 -11.20 -79.96
N GLU CI 52 -73.38 -12.13 -80.89
CA GLU CI 52 -73.39 -13.54 -80.54
C GLU CI 52 -71.99 -14.05 -80.25
N VAL CI 53 -70.99 -13.62 -81.03
CA VAL CI 53 -69.63 -14.12 -80.88
C VAL CI 53 -69.01 -13.57 -79.59
N GLN CI 54 -69.29 -12.31 -79.26
CA GLN CI 54 -68.80 -11.73 -78.01
C GLN CI 54 -69.44 -12.41 -76.81
N ALA CI 55 -70.70 -12.81 -76.92
CA ALA CI 55 -71.37 -13.50 -75.81
C ALA CI 55 -70.88 -14.94 -75.69
N SER CI 56 -70.62 -15.58 -76.84
CA SER CI 56 -70.21 -16.98 -76.81
C SER CI 56 -68.79 -17.16 -76.31
N VAL CI 57 -67.87 -16.31 -76.78
CA VAL CI 57 -66.46 -16.43 -76.39
C VAL CI 57 -66.27 -16.08 -74.93
N SER CI 58 -67.02 -15.10 -74.44
CA SER CI 58 -66.93 -14.73 -73.03
C SER CI 58 -67.54 -15.79 -72.13
N ALA CI 59 -68.59 -16.47 -72.60
CA ALA CI 59 -69.19 -17.54 -71.81
C ALA CI 59 -68.44 -18.85 -72.01
N GLY CI 60 -67.84 -19.04 -73.20
CA GLY CI 60 -67.02 -20.20 -73.43
C GLY CI 60 -65.71 -20.18 -72.65
N THR CI 61 -65.23 -18.99 -72.33
CA THR CI 61 -64.00 -18.87 -71.54
C THR CI 61 -64.24 -19.26 -70.09
N GLU CI 62 -65.36 -18.83 -69.51
CA GLU CI 62 -65.66 -19.12 -68.11
C GLU CI 62 -66.04 -20.58 -67.90
N SER CI 63 -66.50 -21.26 -68.95
CA SER CI 63 -66.90 -22.65 -68.81
C SER CI 63 -65.69 -23.58 -68.77
N VAL CI 64 -64.58 -23.19 -69.41
CA VAL CI 64 -63.36 -24.00 -69.40
C VAL CI 64 -62.73 -24.05 -68.02
N LYS CI 65 -62.83 -22.98 -67.25
CA LYS CI 65 -62.36 -23.01 -65.86
C LYS CI 65 -63.45 -23.53 -64.92
N ARG CI 66 -64.07 -24.62 -65.32
CA ARG CI 66 -64.98 -25.44 -64.51
C ARG CI 66 -64.70 -26.88 -64.88
N VAL CI 67 -63.72 -27.06 -65.77
CA VAL CI 67 -63.21 -28.37 -66.18
C VAL CI 67 -61.90 -28.62 -65.45
N ASN CI 68 -61.76 -29.80 -64.86
CA ASN CI 68 -60.52 -30.15 -64.18
C ASN CI 68 -59.44 -30.43 -65.22
N GLY CI 69 -58.30 -29.79 -65.07
CA GLY CI 69 -57.26 -29.89 -66.07
C GLY CI 69 -57.49 -29.00 -67.28
N GLY CI 70 -58.48 -28.12 -67.23
CA GLY CI 70 -58.80 -27.23 -68.34
C GLY CI 70 -58.12 -25.89 -68.15
N GLN CI 71 -57.59 -25.36 -69.25
CA GLN CI 71 -56.85 -24.10 -69.22
C GLN CI 71 -57.08 -23.36 -70.53
N VAL CI 72 -57.52 -22.10 -70.42
CA VAL CI 72 -57.66 -21.24 -71.58
C VAL CI 72 -56.30 -20.63 -71.86
N LEU CI 73 -55.78 -20.86 -73.06
CA LEU CI 73 -54.51 -20.27 -73.44
C LEU CI 73 -54.70 -18.90 -74.07
N SER CI 74 -55.64 -18.79 -75.01
CA SER CI 74 -55.81 -17.57 -75.77
C SER CI 74 -57.22 -17.51 -76.33
N THR CI 75 -57.84 -16.34 -76.20
CA THR CI 75 -59.16 -16.09 -76.77
C THR CI 75 -59.09 -14.81 -77.58
N HIS CI 76 -59.87 -14.77 -78.66
CA HIS CI 76 -59.94 -13.56 -79.48
C HIS CI 76 -61.23 -13.53 -80.27
N ILE CI 77 -61.70 -12.32 -80.53
CA ILE CI 77 -62.85 -12.05 -81.39
C ILE CI 77 -62.42 -11.06 -82.45
N ILE CI 78 -62.61 -11.39 -83.72
CA ILE CI 78 -62.46 -10.46 -84.83
C ILE CI 78 -63.85 -10.16 -85.36
N ALA CI 79 -64.30 -8.93 -85.17
CA ALA CI 79 -65.68 -8.57 -85.46
C ALA CI 79 -65.96 -8.50 -86.95
N ARG CI 80 -64.94 -8.20 -87.74
CA ARG CI 80 -65.10 -8.05 -89.19
C ARG CI 80 -63.83 -8.52 -89.85
N PRO CI 81 -63.66 -9.82 -90.05
CA PRO CI 81 -62.46 -10.32 -90.71
C PRO CI 81 -62.48 -10.02 -92.20
N HIS CI 82 -61.29 -9.82 -92.75
CA HIS CI 82 -61.13 -9.61 -94.17
C HIS CI 82 -61.52 -10.86 -94.94
N GLU CI 83 -61.98 -10.65 -96.17
CA GLU CI 83 -62.39 -11.76 -97.02
C GLU CI 83 -61.19 -12.56 -97.56
N ASN CI 84 -59.98 -12.06 -97.38
CA ASN CI 84 -58.78 -12.83 -97.66
C ASN CI 84 -58.60 -13.98 -96.68
N LEU CI 85 -59.10 -13.84 -95.45
CA LEU CI 85 -58.74 -14.75 -94.38
C LEU CI 85 -59.45 -16.10 -94.48
N GLU CI 86 -60.65 -16.13 -95.07
CA GLU CI 86 -61.40 -17.38 -95.15
C GLU CI 86 -60.78 -18.35 -96.14
N TYR CI 87 -60.04 -17.83 -97.12
CA TYR CI 87 -59.44 -18.70 -98.13
C TYR CI 87 -58.13 -19.29 -97.66
N VAL CI 88 -57.47 -18.64 -96.69
CA VAL CI 88 -56.18 -19.12 -96.23
C VAL CI 88 -56.31 -19.81 -94.88
N LEU CI 89 -57.00 -19.21 -93.97
CA LEU CI 89 -57.14 -19.75 -92.64
C LEU CI 89 -58.38 -20.64 -92.54
N PRO CI 90 -58.36 -21.68 -91.71
CA PRO CI 90 -59.53 -22.57 -91.58
C PRO CI 90 -60.60 -22.00 -90.65
N ILE CI 91 -61.14 -20.84 -91.02
CA ILE CI 91 -62.21 -20.18 -90.29
C ILE CI 91 -63.48 -20.06 -91.10
N ARG CI 92 -63.56 -20.71 -92.25
CA ARG CI 92 -64.68 -20.51 -93.14
C ARG CI 92 -65.77 -21.55 -92.88
N TYR CI 93 -66.96 -21.24 -93.39
CA TYR CI 93 -68.07 -22.19 -93.32
C TYR CI 93 -67.84 -23.34 -94.27
N THR CI 94 -67.91 -24.56 -93.75
CA THR CI 94 -67.89 -25.75 -94.58
C THR CI 94 -69.31 -26.24 -94.81
N GLU CI 95 -69.45 -27.23 -95.70
CA GLU CI 95 -70.78 -27.72 -96.06
C GLU CI 95 -71.37 -28.60 -94.97
N GLU CI 96 -70.55 -29.05 -94.02
CA GLU CI 96 -71.06 -29.85 -92.91
C GLU CI 96 -71.80 -28.98 -91.90
N VAL CI 97 -71.52 -27.69 -91.87
CA VAL CI 97 -72.09 -26.78 -90.87
C VAL CI 97 -72.98 -25.73 -91.51
N GLU CI 98 -73.48 -25.97 -92.73
CA GLU CI 98 -74.35 -25.00 -93.38
C GLU CI 98 -75.77 -25.03 -92.83
N GLN CI 99 -76.14 -26.06 -92.08
CA GLN CI 99 -77.47 -26.11 -91.48
C GLN CI 99 -77.57 -25.23 -90.24
N PHE CI 100 -76.43 -24.90 -89.63
CA PHE CI 100 -76.43 -24.14 -88.39
C PHE CI 100 -76.20 -22.65 -88.61
N ARG CI 101 -75.98 -22.21 -89.84
CA ARG CI 101 -75.73 -20.79 -90.10
C ARG CI 101 -77.01 -19.96 -90.00
N ALA DI 2 -38.97 -12.14 -106.88
CA ALA DI 2 -40.41 -11.95 -106.98
C ALA DI 2 -40.85 -10.78 -106.10
N VAL DI 3 -42.15 -10.67 -105.87
CA VAL DI 3 -42.67 -9.61 -105.02
C VAL DI 3 -42.43 -10.00 -103.56
N ALA DI 4 -42.47 -9.02 -102.65
CA ALA DI 4 -41.90 -9.20 -101.32
C ALA DI 4 -42.73 -10.15 -100.46
N VAL DI 5 -42.06 -10.75 -99.47
CA VAL DI 5 -42.64 -11.72 -98.55
C VAL DI 5 -42.58 -11.16 -97.15
N GLY DI 6 -43.68 -11.21 -96.43
CA GLY DI 6 -43.69 -10.93 -95.01
C GLY DI 6 -44.23 -12.11 -94.23
N MET DI 7 -43.56 -12.44 -93.14
CA MET DI 7 -43.94 -13.57 -92.30
C MET DI 7 -44.00 -13.11 -90.86
N ILE DI 8 -45.07 -13.45 -90.17
CA ILE DI 8 -45.19 -13.28 -88.72
C ILE DI 8 -45.43 -14.65 -88.12
N GLU DI 9 -44.53 -15.08 -87.24
CA GLU DI 9 -44.69 -16.32 -86.51
C GLU DI 9 -45.16 -16.03 -85.10
N THR DI 10 -46.30 -16.61 -84.72
CA THR DI 10 -46.85 -16.42 -83.40
C THR DI 10 -46.95 -17.76 -82.68
N LEU DI 11 -47.06 -17.69 -81.36
CA LEU DI 11 -47.34 -18.84 -80.52
C LEU DI 11 -48.84 -18.86 -80.25
N GLY DI 12 -49.56 -19.66 -81.02
CA GLY DI 12 -50.99 -19.73 -80.85
C GLY DI 12 -51.78 -19.34 -82.08
N PHE DI 13 -52.91 -20.00 -82.27
CA PHE DI 13 -53.79 -19.74 -83.41
C PHE DI 13 -54.68 -18.49 -83.29
N PRO DI 14 -55.22 -18.10 -82.13
CA PRO DI 14 -55.91 -16.79 -82.10
C PRO DI 14 -54.98 -15.60 -82.32
N ALA DI 15 -53.69 -15.74 -82.01
CA ALA DI 15 -52.76 -14.65 -82.26
C ALA DI 15 -52.40 -14.56 -83.74
N VAL DI 16 -52.51 -15.66 -84.48
CA VAL DI 16 -52.06 -15.65 -85.87
C VAL DI 16 -53.18 -15.19 -86.80
N VAL DI 17 -54.43 -15.24 -86.33
CA VAL DI 17 -55.54 -14.77 -87.14
C VAL DI 17 -55.72 -13.27 -86.95
N GLU DI 18 -55.45 -12.77 -85.75
CA GLU DI 18 -55.44 -11.33 -85.52
C GLU DI 18 -54.25 -10.67 -86.21
N ALA DI 19 -53.11 -11.38 -86.26
CA ALA DI 19 -51.97 -10.87 -87.01
C ALA DI 19 -52.25 -10.85 -88.50
N ALA DI 20 -52.93 -11.88 -89.01
CA ALA DI 20 -53.24 -11.94 -90.43
C ALA DI 20 -54.32 -10.94 -90.81
N ASP DI 21 -55.27 -10.68 -89.90
CA ASP DI 21 -56.32 -9.72 -90.19
C ASP DI 21 -55.82 -8.29 -90.09
N ALA DI 22 -54.85 -8.04 -89.20
CA ALA DI 22 -54.27 -6.70 -89.12
C ALA DI 22 -53.37 -6.41 -90.32
N MET DI 23 -52.79 -7.45 -90.92
CA MET DI 23 -51.84 -7.24 -92.01
C MET DI 23 -52.56 -6.82 -93.28
N VAL DI 24 -53.65 -7.51 -93.63
CA VAL DI 24 -54.31 -7.23 -94.90
C VAL DI 24 -55.20 -6.01 -94.79
N LYS DI 25 -55.44 -5.51 -93.58
CA LYS DI 25 -56.18 -4.27 -93.42
C LYS DI 25 -55.24 -3.06 -93.40
N ALA DI 26 -53.99 -3.26 -92.99
CA ALA DI 26 -53.08 -2.14 -92.82
C ALA DI 26 -52.52 -1.68 -94.16
N ALA DI 27 -52.36 -2.58 -95.12
CA ALA DI 27 -51.71 -2.24 -96.37
C ALA DI 27 -52.23 -3.13 -97.49
N ARG DI 28 -51.70 -2.92 -98.69
CA ARG DI 28 -52.12 -3.64 -99.89
C ARG DI 28 -51.27 -4.91 -100.04
N VAL DI 29 -51.42 -5.80 -99.07
CA VAL DI 29 -50.76 -7.09 -99.09
C VAL DI 29 -51.82 -8.15 -99.29
N THR DI 30 -51.38 -9.31 -99.76
CA THR DI 30 -52.24 -10.48 -99.94
C THR DI 30 -51.76 -11.57 -99.01
N LEU DI 31 -52.59 -11.97 -98.06
CA LEU DI 31 -52.34 -13.15 -97.27
C LEU DI 31 -52.45 -14.37 -98.18
N VAL DI 32 -51.33 -15.06 -98.39
CA VAL DI 32 -51.29 -16.20 -99.30
C VAL DI 32 -51.05 -17.51 -98.59
N GLY DI 33 -50.54 -17.50 -97.38
CA GLY DI 33 -49.99 -18.70 -96.80
C GLY DI 33 -50.26 -18.78 -95.32
N TYR DI 34 -50.18 -19.99 -94.79
CA TYR DI 34 -50.47 -20.27 -93.40
C TYR DI 34 -49.77 -21.58 -93.08
N GLU DI 35 -48.80 -21.54 -92.17
CA GLU DI 35 -47.89 -22.66 -91.98
C GLU DI 35 -47.82 -23.06 -90.51
N LYS DI 36 -47.93 -24.35 -90.25
CA LYS DI 36 -47.75 -24.93 -88.92
C LYS DI 36 -46.49 -25.77 -88.94
N ILE DI 37 -45.60 -25.52 -87.98
CA ILE DI 37 -44.33 -26.23 -87.90
C ILE DI 37 -44.16 -26.94 -86.56
N GLY DI 38 -45.17 -26.92 -85.70
CA GLY DI 38 -45.11 -27.60 -84.43
C GLY DI 38 -44.81 -26.68 -83.26
N THR DI 39 -45.03 -27.22 -82.06
CA THR DI 39 -45.01 -26.52 -80.76
C THR DI 39 -45.82 -25.23 -80.74
N GLY DI 40 -46.94 -25.19 -81.45
CA GLY DI 40 -47.74 -23.99 -81.49
C GLY DI 40 -47.16 -22.85 -82.28
N ARG DI 41 -46.05 -23.05 -82.99
CA ARG DI 41 -45.45 -22.02 -83.81
C ARG DI 41 -46.19 -21.98 -85.14
N VAL DI 42 -46.98 -20.93 -85.34
CA VAL DI 42 -47.83 -20.80 -86.51
C VAL DI 42 -47.41 -19.53 -87.25
N THR DI 43 -47.28 -19.63 -88.57
CA THR DI 43 -46.78 -18.54 -89.40
C THR DI 43 -47.82 -18.21 -90.47
N VAL DI 44 -48.14 -16.93 -90.60
CA VAL DI 44 -48.91 -16.42 -91.73
C VAL DI 44 -48.00 -15.61 -92.63
N ILE DI 45 -48.25 -15.71 -93.94
CA ILE DI 45 -47.35 -15.20 -94.96
C ILE DI 45 -48.14 -14.25 -95.85
N VAL DI 46 -47.63 -13.03 -96.01
CA VAL DI 46 -48.25 -12.04 -96.89
C VAL DI 46 -47.32 -11.74 -98.05
N ARG DI 47 -47.91 -11.35 -99.16
CA ARG DI 47 -47.18 -10.92 -100.35
C ARG DI 47 -47.65 -9.53 -100.77
N GLY DI 48 -46.70 -8.71 -101.18
CA GLY DI 48 -47.04 -7.39 -101.68
C GLY DI 48 -45.76 -6.63 -101.97
N ASP DI 49 -45.91 -5.34 -102.24
CA ASP DI 49 -44.75 -4.48 -102.38
C ASP DI 49 -44.07 -4.32 -101.02
N VAL DI 50 -42.76 -4.04 -101.06
CA VAL DI 50 -41.93 -4.07 -99.85
C VAL DI 50 -42.34 -3.00 -98.86
N SER DI 51 -42.83 -1.85 -99.34
CA SER DI 51 -43.33 -0.81 -98.44
C SER DI 51 -44.67 -1.24 -97.82
N GLU DI 52 -45.50 -1.92 -98.61
CA GLU DI 52 -46.77 -2.43 -98.08
C GLU DI 52 -46.54 -3.61 -97.14
N VAL DI 53 -45.55 -4.44 -97.44
CA VAL DI 53 -45.25 -5.58 -96.59
C VAL DI 53 -44.64 -5.11 -95.28
N GLN DI 54 -43.79 -4.07 -95.33
CA GLN DI 54 -43.22 -3.49 -94.12
C GLN DI 54 -44.28 -2.83 -93.25
N ALA DI 55 -45.26 -2.18 -93.88
CA ALA DI 55 -46.31 -1.52 -93.13
C ALA DI 55 -47.28 -2.51 -92.52
N SER DI 56 -47.44 -3.67 -93.16
CA SER DI 56 -48.39 -4.66 -92.68
C SER DI 56 -47.78 -5.52 -91.57
N VAL DI 57 -46.53 -5.96 -91.75
CA VAL DI 57 -45.88 -6.86 -90.81
C VAL DI 57 -45.65 -6.17 -89.47
N SER DI 58 -45.32 -4.88 -89.50
CA SER DI 58 -45.19 -4.12 -88.26
C SER DI 58 -46.55 -3.90 -87.60
N ALA DI 59 -47.61 -3.74 -88.41
CA ALA DI 59 -48.94 -3.55 -87.85
C ALA DI 59 -49.53 -4.87 -87.36
N GLY DI 60 -49.16 -5.97 -87.98
CA GLY DI 60 -49.60 -7.27 -87.50
C GLY DI 60 -48.91 -7.69 -86.22
N THR DI 61 -47.73 -7.14 -85.95
CA THR DI 61 -47.02 -7.45 -84.71
C THR DI 61 -47.65 -6.75 -83.52
N GLU DI 62 -48.13 -5.51 -83.71
CA GLU DI 62 -48.72 -4.77 -82.60
C GLU DI 62 -50.10 -5.29 -82.23
N SER DI 63 -50.81 -5.90 -83.18
CA SER DI 63 -52.16 -6.36 -82.92
C SER DI 63 -52.19 -7.67 -82.14
N VAL DI 64 -51.06 -8.39 -82.06
CA VAL DI 64 -51.00 -9.59 -81.23
C VAL DI 64 -51.01 -9.22 -79.75
N LYS DI 65 -50.59 -7.99 -79.41
CA LYS DI 65 -50.70 -7.51 -78.04
C LYS DI 65 -52.14 -7.30 -77.61
N ARG DI 66 -53.06 -7.13 -78.57
CA ARG DI 66 -54.49 -7.12 -78.24
C ARG DI 66 -54.95 -8.49 -77.77
N VAL DI 67 -54.36 -9.55 -78.32
CA VAL DI 67 -54.76 -10.91 -77.97
C VAL DI 67 -54.13 -11.28 -76.63
N ASN DI 68 -54.97 -11.75 -75.70
CA ASN DI 68 -54.47 -12.28 -74.45
C ASN DI 68 -53.93 -13.69 -74.69
N GLY DI 69 -52.73 -13.96 -74.18
CA GLY DI 69 -52.10 -15.24 -74.45
C GLY DI 69 -51.47 -15.34 -75.82
N GLY DI 70 -51.37 -14.23 -76.54
CA GLY DI 70 -50.74 -14.20 -77.85
C GLY DI 70 -49.34 -13.62 -77.75
N GLN DI 71 -48.44 -14.18 -78.55
CA GLN DI 71 -47.03 -13.80 -78.49
C GLN DI 71 -46.39 -13.98 -79.86
N VAL DI 72 -45.78 -12.91 -80.37
CA VAL DI 72 -45.07 -12.96 -81.64
C VAL DI 72 -43.70 -13.59 -81.37
N LEU DI 73 -43.39 -14.68 -82.08
CA LEU DI 73 -42.11 -15.33 -81.90
C LEU DI 73 -41.06 -14.76 -82.85
N SER DI 74 -41.41 -14.61 -84.12
CA SER DI 74 -40.45 -14.16 -85.11
C SER DI 74 -41.17 -13.48 -86.26
N THR DI 75 -40.63 -12.35 -86.69
CA THR DI 75 -41.10 -11.67 -87.88
C THR DI 75 -39.92 -11.51 -88.84
N HIS DI 76 -40.21 -11.55 -90.14
CA HIS DI 76 -39.20 -11.28 -91.14
C HIS DI 76 -39.85 -10.79 -92.42
N ILE DI 77 -39.11 -9.96 -93.14
CA ILE DI 77 -39.53 -9.40 -94.43
C ILE DI 77 -38.41 -9.63 -95.43
N ILE DI 78 -38.73 -10.31 -96.53
CA ILE DI 78 -37.80 -10.49 -97.65
C ILE DI 78 -38.29 -9.63 -98.79
N ALA DI 79 -37.48 -8.65 -99.18
CA ALA DI 79 -37.92 -7.62 -100.11
C ALA DI 79 -38.02 -8.14 -101.53
N ARG DI 80 -37.13 -9.05 -101.91
CA ARG DI 80 -37.08 -9.56 -103.28
C ARG DI 80 -36.65 -11.02 -103.21
N PRO DI 81 -37.58 -11.92 -102.96
CA PRO DI 81 -37.22 -13.34 -102.84
C PRO DI 81 -36.90 -13.95 -104.20
N HIS DI 82 -36.06 -14.97 -104.16
CA HIS DI 82 -35.70 -15.72 -105.36
C HIS DI 82 -36.91 -16.50 -105.87
N GLU DI 83 -36.89 -16.79 -107.17
CA GLU DI 83 -37.99 -17.52 -107.79
C GLU DI 83 -38.02 -18.99 -107.37
N ASN DI 84 -36.93 -19.49 -106.81
CA ASN DI 84 -36.86 -20.88 -106.34
C ASN DI 84 -37.74 -21.09 -105.11
N LEU DI 85 -38.00 -20.04 -104.33
CA LEU DI 85 -38.65 -20.20 -103.04
C LEU DI 85 -40.15 -20.43 -103.16
N GLU DI 86 -40.77 -19.98 -104.26
CA GLU DI 86 -42.21 -20.13 -104.37
C GLU DI 86 -42.60 -21.54 -104.80
N TYR DI 87 -41.65 -22.31 -105.32
CA TYR DI 87 -41.96 -23.67 -105.75
C TYR DI 87 -41.69 -24.67 -104.64
N VAL DI 88 -40.95 -24.27 -103.61
CA VAL DI 88 -40.67 -25.17 -102.50
C VAL DI 88 -41.42 -24.73 -101.26
N LEU DI 89 -41.25 -23.51 -100.85
CA LEU DI 89 -41.88 -22.99 -99.64
C LEU DI 89 -43.29 -22.50 -99.95
N PRO DI 90 -44.21 -22.57 -98.97
CA PRO DI 90 -45.59 -22.11 -99.21
C PRO DI 90 -45.74 -20.59 -99.08
N ILE DI 91 -44.98 -19.86 -99.88
CA ILE DI 91 -45.08 -18.41 -99.95
C ILE DI 91 -45.67 -17.94 -101.28
N ARG DI 92 -46.19 -18.85 -102.09
CA ARG DI 92 -46.61 -18.49 -103.43
C ARG DI 92 -48.09 -18.09 -103.46
N TYR DI 93 -48.46 -17.41 -104.52
CA TYR DI 93 -49.87 -17.10 -104.77
C TYR DI 93 -50.59 -18.36 -105.24
N THR DI 94 -51.59 -18.78 -104.49
CA THR DI 94 -52.46 -19.85 -104.91
C THR DI 94 -53.62 -19.29 -105.73
N GLU DI 95 -54.40 -20.19 -106.32
CA GLU DI 95 -55.49 -19.77 -107.20
C GLU DI 95 -56.66 -19.17 -106.42
N GLU DI 96 -56.82 -19.58 -105.16
CA GLU DI 96 -57.92 -19.07 -104.35
C GLU DI 96 -57.70 -17.62 -103.93
N VAL DI 97 -56.46 -17.17 -103.87
CA VAL DI 97 -56.14 -15.83 -103.42
C VAL DI 97 -55.80 -14.90 -104.59
N GLU DI 98 -56.15 -15.28 -105.82
CA GLU DI 98 -55.87 -14.43 -106.96
C GLU DI 98 -56.80 -13.22 -107.03
N GLN DI 99 -57.95 -13.26 -106.35
CA GLN DI 99 -58.87 -12.14 -106.37
C GLN DI 99 -58.38 -11.00 -105.47
N PHE DI 100 -57.45 -11.28 -104.56
CA PHE DI 100 -56.96 -10.28 -103.62
C PHE DI 100 -55.61 -9.70 -104.00
N ARG DI 101 -55.02 -10.15 -105.11
CA ARG DI 101 -53.70 -9.68 -105.51
C ARG DI 101 -53.78 -8.28 -106.12
N ALA EI 2 -81.56 5.22 -81.97
CA ALA EI 2 -81.71 3.97 -82.70
C ALA EI 2 -80.35 3.31 -82.92
N VAL EI 3 -79.55 3.95 -83.76
CA VAL EI 3 -78.18 3.50 -83.98
C VAL EI 3 -77.33 3.93 -82.81
N ALA EI 4 -76.51 3.00 -82.30
CA ALA EI 4 -75.67 3.28 -81.14
C ALA EI 4 -74.58 4.29 -81.47
N VAL EI 5 -74.01 4.91 -80.44
CA VAL EI 5 -72.99 5.91 -80.59
C VAL EI 5 -71.82 5.57 -79.68
N GLY EI 6 -70.61 5.64 -80.22
CA GLY EI 6 -69.40 5.46 -79.42
C GLY EI 6 -68.44 6.57 -79.66
N MET EI 7 -67.73 6.96 -78.60
CA MET EI 7 -66.80 8.09 -78.63
C MET EI 7 -65.47 7.64 -78.06
N ILE EI 8 -64.39 8.05 -78.71
CA ILE EI 8 -63.05 7.93 -78.15
C ILE EI 8 -62.43 9.32 -78.13
N GLU EI 9 -62.08 9.80 -76.94
CA GLU EI 9 -61.40 11.07 -76.80
C GLU EI 9 -59.91 10.84 -76.59
N THR EI 10 -59.10 11.37 -77.49
CA THR EI 10 -57.66 11.28 -77.39
C THR EI 10 -57.07 12.65 -77.16
N LEU EI 11 -55.85 12.67 -76.65
CA LEU EI 11 -55.06 13.89 -76.54
C LEU EI 11 -54.16 13.95 -77.77
N GLY EI 12 -54.53 14.79 -78.74
CA GLY EI 12 -53.76 14.91 -79.95
C GLY EI 12 -54.47 14.43 -81.18
N PHE EI 13 -54.20 15.08 -82.31
CA PHE EI 13 -54.81 14.73 -83.59
C PHE EI 13 -54.23 13.49 -84.29
N PRO EI 14 -52.92 13.19 -84.27
CA PRO EI 14 -52.49 11.90 -84.83
C PRO EI 14 -53.04 10.69 -84.08
N ALA EI 15 -53.33 10.81 -82.80
CA ALA EI 15 -53.88 9.68 -82.06
C ALA EI 15 -55.36 9.50 -82.36
N VAL EI 16 -56.05 10.56 -82.78
CA VAL EI 16 -57.49 10.46 -82.98
C VAL EI 16 -57.78 9.98 -84.40
N VAL EI 17 -56.81 10.07 -85.30
CA VAL EI 17 -56.97 9.54 -86.65
C VAL EI 17 -56.65 8.04 -86.66
N GLU EI 18 -55.66 7.63 -85.86
CA GLU EI 18 -55.38 6.20 -85.69
C GLU EI 18 -56.51 5.52 -84.93
N ALA EI 19 -57.13 6.22 -83.98
CA ALA EI 19 -58.30 5.68 -83.30
C ALA EI 19 -59.48 5.57 -84.26
N ALA EI 20 -59.70 6.59 -85.11
CA ALA EI 20 -60.81 6.55 -86.03
C ALA EI 20 -60.59 5.53 -87.15
N ASP EI 21 -59.34 5.32 -87.55
CA ASP EI 21 -59.04 4.34 -88.58
C ASP EI 21 -59.17 2.92 -88.05
N ALA EI 22 -58.86 2.71 -86.77
CA ALA EI 22 -58.98 1.38 -86.20
C ALA EI 22 -60.43 1.04 -85.86
N MET EI 23 -61.27 2.06 -85.71
CA MET EI 23 -62.67 1.81 -85.36
C MET EI 23 -63.46 1.31 -86.56
N VAL EI 24 -63.28 1.95 -87.72
CA VAL EI 24 -64.10 1.59 -88.88
C VAL EI 24 -63.52 0.38 -89.59
N LYS EI 25 -62.29 -0.01 -89.26
CA LYS EI 25 -61.73 -1.24 -89.80
C LYS EI 25 -62.13 -2.45 -88.97
N ALA EI 26 -62.35 -2.25 -87.67
CA ALA EI 26 -62.60 -3.38 -86.79
C ALA EI 26 -64.01 -3.91 -86.93
N ALA EI 27 -64.99 -3.03 -87.12
CA ALA EI 27 -66.39 -3.45 -87.16
C ALA EI 27 -67.16 -2.59 -88.14
N ARG EI 28 -68.45 -2.87 -88.26
CA ARG EI 28 -69.33 -2.18 -89.20
C ARG EI 28 -69.93 -0.95 -88.51
N VAL EI 29 -69.06 0.03 -88.28
CA VAL EI 29 -69.47 1.30 -87.73
C VAL EI 29 -69.18 2.37 -88.76
N THR EI 30 -69.86 3.50 -88.64
CA THR EI 30 -69.66 4.66 -89.49
C THR EI 30 -69.10 5.79 -88.64
N LEU EI 31 -67.88 6.21 -88.96
CA LEU EI 31 -67.34 7.42 -88.39
C LEU EI 31 -68.14 8.61 -88.93
N VAL EI 32 -68.87 9.28 -88.05
CA VAL EI 32 -69.75 10.36 -88.47
C VAL EI 32 -69.29 11.72 -87.97
N GLY EI 33 -68.45 11.77 -86.95
CA GLY EI 33 -68.23 13.02 -86.24
C GLY EI 33 -66.80 13.17 -85.79
N TYR EI 34 -66.47 14.39 -85.40
CA TYR EI 34 -65.11 14.80 -85.08
C TYR EI 34 -65.23 16.08 -84.28
N GLU EI 35 -64.82 16.04 -83.02
CA GLU EI 35 -65.13 17.12 -82.09
C GLU EI 35 -63.90 17.57 -81.34
N LYS EI 36 -63.69 18.88 -81.28
CA LYS EI 36 -62.61 19.50 -80.52
C LYS EI 36 -63.22 20.37 -79.44
N ILE EI 37 -62.79 20.16 -78.20
CA ILE EI 37 -63.33 20.88 -77.05
C ILE EI 37 -62.26 21.71 -76.34
N GLY EI 38 -61.04 21.71 -76.86
CA GLY EI 38 -59.95 22.44 -76.24
C GLY EI 38 -59.03 21.55 -75.44
N THR EI 39 -57.90 22.15 -75.01
CA THR EI 39 -56.73 21.50 -74.42
C THR EI 39 -56.27 20.26 -75.18
N GLY EI 40 -56.35 20.27 -76.51
CA GLY EI 40 -55.93 19.14 -77.30
C GLY EI 40 -56.83 17.92 -77.23
N ARG EI 41 -57.96 18.01 -76.54
CA ARG EI 41 -58.85 16.88 -76.37
C ARG EI 41 -59.73 16.77 -77.62
N VAL EI 42 -59.51 15.72 -78.40
CA VAL EI 42 -60.18 15.53 -79.67
C VAL EI 42 -60.97 14.23 -79.61
N THR EI 43 -62.23 14.27 -80.06
CA THR EI 43 -63.14 13.15 -79.94
C THR EI 43 -63.66 12.77 -81.33
N VAL EI 44 -63.62 11.48 -81.65
CA VAL EI 44 -64.25 10.93 -82.84
C VAL EI 44 -65.47 10.13 -82.43
N ILE EI 45 -66.52 10.19 -83.25
CA ILE EI 45 -67.82 9.62 -82.95
C ILE EI 45 -68.14 8.60 -84.04
N VAL EI 46 -68.44 7.36 -83.63
CA VAL EI 46 -68.85 6.33 -84.57
C VAL EI 46 -70.30 5.96 -84.30
N ARG EI 47 -70.99 5.53 -85.35
CA ARG EI 47 -72.35 5.03 -85.24
C ARG EI 47 -72.43 3.63 -85.82
N GLY EI 48 -73.08 2.74 -85.09
CA GLY EI 48 -73.32 1.39 -85.58
C GLY EI 48 -74.24 0.66 -84.64
N ASP EI 49 -74.29 -0.66 -84.79
CA ASP EI 49 -74.91 -1.47 -83.77
C ASP EI 49 -74.05 -1.46 -82.52
N VAL EI 50 -74.68 -1.73 -81.37
CA VAL EI 50 -73.99 -1.61 -80.09
C VAL EI 50 -72.87 -2.64 -79.95
N SER EI 51 -73.03 -3.81 -80.56
CA SER EI 51 -71.97 -4.81 -80.55
C SER EI 51 -70.81 -4.40 -81.46
N GLU EI 52 -71.13 -3.74 -82.58
CA GLU EI 52 -70.09 -3.26 -83.47
C GLU EI 52 -69.37 -2.05 -82.90
N VAL EI 53 -70.10 -1.20 -82.19
CA VAL EI 53 -69.50 -0.04 -81.54
C VAL EI 53 -68.60 -0.47 -80.40
N GLN EI 54 -68.98 -1.54 -79.69
CA GLN EI 54 -68.15 -2.05 -78.59
C GLN EI 54 -66.86 -2.67 -79.11
N ALA EI 55 -66.92 -3.32 -80.27
CA ALA EI 55 -65.70 -3.89 -80.84
C ALA EI 55 -64.82 -2.81 -81.45
N SER EI 56 -65.42 -1.71 -81.91
CA SER EI 56 -64.65 -0.63 -82.49
C SER EI 56 -63.94 0.19 -81.42
N VAL EI 57 -64.64 0.51 -80.33
CA VAL EI 57 -64.08 1.38 -79.30
C VAL EI 57 -62.94 0.67 -78.56
N SER EI 58 -63.08 -0.65 -78.37
CA SER EI 58 -62.00 -1.41 -77.76
C SER EI 58 -60.80 -1.54 -78.68
N ALA EI 59 -61.05 -1.64 -79.99
CA ALA EI 59 -59.93 -1.72 -80.93
C ALA EI 59 -59.32 -0.35 -81.19
N GLY EI 60 -60.14 0.71 -81.14
CA GLY EI 60 -59.61 2.04 -81.29
C GLY EI 60 -58.83 2.51 -80.08
N THR EI 61 -59.12 1.95 -78.91
CA THR EI 61 -58.37 2.32 -77.71
C THR EI 61 -56.98 1.68 -77.71
N GLU EI 62 -56.89 0.43 -78.18
CA GLU EI 62 -55.61 -0.26 -78.18
C GLU EI 62 -54.68 0.27 -79.27
N SER EI 63 -55.22 0.88 -80.32
CA SER EI 63 -54.41 1.37 -81.40
C SER EI 63 -53.77 2.73 -81.10
N VAL EI 64 -54.26 3.44 -80.09
CA VAL EI 64 -53.63 4.70 -79.71
C VAL EI 64 -52.31 4.43 -78.99
N LYS EI 65 -52.19 3.27 -78.34
CA LYS EI 65 -50.97 2.89 -77.64
C LYS EI 65 -49.78 2.71 -78.58
N ARG EI 66 -50.02 2.44 -79.86
CA ARG EI 66 -48.95 2.39 -80.83
C ARG EI 66 -48.55 3.77 -81.34
N VAL EI 67 -49.34 4.80 -81.08
CA VAL EI 67 -48.97 6.17 -81.41
C VAL EI 67 -48.17 6.73 -80.24
N ASN EI 68 -46.95 7.19 -80.52
CA ASN EI 68 -46.12 7.83 -79.52
C ASN EI 68 -46.46 9.31 -79.47
N GLY EI 69 -46.94 9.78 -78.33
CA GLY EI 69 -47.36 11.16 -78.16
C GLY EI 69 -48.85 11.35 -78.02
N GLY EI 70 -49.64 10.28 -78.11
CA GLY EI 70 -51.06 10.38 -77.93
C GLY EI 70 -51.56 9.35 -76.94
N GLN EI 71 -52.63 9.70 -76.23
CA GLN EI 71 -53.20 8.82 -75.22
C GLN EI 71 -54.71 8.97 -75.24
N VAL EI 72 -55.38 7.87 -74.90
CA VAL EI 72 -56.84 7.86 -74.78
C VAL EI 72 -57.21 8.51 -73.46
N LEU EI 73 -58.05 9.56 -73.55
CA LEU EI 73 -58.48 10.24 -72.33
C LEU EI 73 -59.78 9.65 -71.80
N SER EI 74 -60.74 9.41 -72.69
CA SER EI 74 -62.04 8.91 -72.27
C SER EI 74 -62.70 8.20 -73.44
N THR EI 75 -63.36 7.08 -73.12
CA THR EI 75 -64.19 6.37 -74.08
C THR EI 75 -65.57 6.15 -73.47
N HIS EI 76 -66.58 6.11 -74.32
CA HIS EI 76 -67.93 5.80 -73.88
C HIS EI 76 -68.73 5.25 -75.04
N ILE EI 77 -69.71 4.41 -74.70
CA ILE EI 77 -70.62 3.77 -75.66
C ILE EI 77 -72.03 3.92 -75.11
N ILE EI 78 -72.94 4.40 -75.95
CA ILE EI 78 -74.36 4.49 -75.60
C ILE EI 78 -75.12 3.58 -76.57
N ALA EI 79 -75.88 2.64 -76.00
CA ALA EI 79 -76.49 1.57 -76.81
C ALA EI 79 -77.59 2.11 -77.72
N ARG EI 80 -78.33 3.12 -77.25
CA ARG EI 80 -79.36 3.77 -78.05
C ARG EI 80 -79.54 5.17 -77.50
N PRO EI 81 -78.94 6.17 -78.14
CA PRO EI 81 -79.10 7.54 -77.67
C PRO EI 81 -80.52 8.06 -77.88
N HIS EI 82 -80.90 8.99 -77.02
CA HIS EI 82 -82.17 9.67 -77.15
C HIS EI 82 -82.17 10.53 -78.41
N GLU EI 83 -83.36 10.74 -78.98
CA GLU EI 83 -83.46 11.50 -80.22
C GLU EI 83 -83.21 12.98 -80.01
N ASN EI 84 -83.21 13.44 -78.76
CA ASN EI 84 -82.82 14.81 -78.44
C ASN EI 84 -81.34 15.07 -78.72
N LEU EI 85 -80.50 14.03 -78.62
CA LEU EI 85 -79.06 14.23 -78.69
C LEU EI 85 -78.57 14.48 -80.11
N GLU EI 86 -79.32 14.04 -81.13
CA GLU EI 86 -78.87 14.25 -82.50
C GLU EI 86 -78.98 15.71 -82.92
N TYR EI 87 -79.91 16.44 -82.33
CA TYR EI 87 -80.13 17.83 -82.73
C TYR EI 87 -79.21 18.78 -81.98
N VAL EI 88 -78.76 18.39 -80.79
CA VAL EI 88 -77.92 19.27 -79.99
C VAL EI 88 -76.45 18.90 -80.13
N LEU EI 89 -76.14 17.65 -79.95
CA LEU EI 89 -74.78 17.15 -79.98
C LEU EI 89 -74.43 16.65 -81.39
N PRO EI 90 -73.18 16.81 -81.83
CA PRO EI 90 -72.79 16.41 -83.18
C PRO EI 90 -72.50 14.91 -83.31
N ILE EI 91 -73.51 14.10 -83.04
CA ILE EI 91 -73.41 12.65 -83.16
C ILE EI 91 -74.30 12.09 -84.26
N ARG EI 92 -74.93 12.96 -85.05
CA ARG EI 92 -75.88 12.50 -86.04
C ARG EI 92 -75.17 12.13 -87.34
N TYR EI 93 -75.85 11.32 -88.15
CA TYR EI 93 -75.37 10.99 -89.47
C TYR EI 93 -75.46 12.22 -90.37
N THR EI 94 -74.34 12.62 -90.94
CA THR EI 94 -74.35 13.65 -91.96
C THR EI 94 -74.56 13.04 -93.34
N GLU EI 95 -74.90 13.88 -94.30
CA GLU EI 95 -75.17 13.38 -95.65
C GLU EI 95 -73.90 13.07 -96.42
N GLU EI 96 -72.74 13.49 -95.89
CA GLU EI 96 -71.47 13.15 -96.54
C GLU EI 96 -71.08 11.71 -96.24
N VAL EI 97 -71.59 11.13 -95.16
CA VAL EI 97 -71.17 9.80 -94.72
C VAL EI 97 -72.31 8.79 -94.83
N GLU EI 98 -73.34 9.09 -95.62
CA GLU EI 98 -74.44 8.15 -95.77
C GLU EI 98 -74.08 6.98 -96.67
N GLN EI 99 -72.98 7.08 -97.43
CA GLN EI 99 -72.53 5.96 -98.24
C GLN EI 99 -71.87 4.87 -97.40
N PHE EI 100 -71.42 5.22 -96.19
CA PHE EI 100 -70.78 4.26 -95.31
C PHE EI 100 -71.72 3.70 -94.25
N ARG EI 101 -72.99 4.06 -94.29
CA ARG EI 101 -73.96 3.59 -93.30
C ARG EI 101 -74.38 2.14 -93.58
N MET FI 1 -86.64 -24.46 -55.87
CA MET FI 1 -86.38 -24.61 -57.29
C MET FI 1 -87.66 -24.78 -58.09
N GLN FI 2 -87.55 -24.55 -59.39
CA GLN FI 2 -88.64 -24.79 -60.32
C GLN FI 2 -88.09 -25.59 -61.49
N MET FI 3 -88.97 -26.39 -62.10
CA MET FI 3 -88.61 -27.09 -63.33
C MET FI 3 -88.89 -26.17 -64.51
N ALA FI 4 -87.90 -26.05 -65.39
CA ALA FI 4 -88.01 -25.17 -66.53
C ALA FI 4 -87.43 -25.86 -67.75
N LYS FI 5 -87.90 -25.44 -68.92
CA LYS FI 5 -87.40 -25.91 -70.20
C LYS FI 5 -86.62 -24.79 -70.87
N VAL FI 6 -85.42 -25.12 -71.35
CA VAL FI 6 -84.56 -24.14 -72.03
C VAL FI 6 -85.20 -23.86 -73.38
N CYS FI 7 -85.71 -22.65 -73.56
CA CYS FI 7 -86.35 -22.30 -74.83
C CYS FI 7 -85.47 -21.39 -75.68
N GLY FI 8 -84.50 -20.73 -75.08
CA GLY FI 8 -83.62 -19.91 -75.88
C GLY FI 8 -82.56 -19.21 -75.07
N THR FI 9 -81.90 -18.26 -75.72
CA THR FI 9 -80.80 -17.50 -75.15
C THR FI 9 -81.10 -16.02 -75.22
N VAL FI 10 -80.62 -15.27 -74.24
CA VAL FI 10 -80.72 -13.82 -74.21
C VAL FI 10 -79.31 -13.26 -74.20
N VAL FI 11 -79.00 -12.44 -75.20
CA VAL FI 11 -77.69 -11.81 -75.32
C VAL FI 11 -77.88 -10.31 -75.11
N GLY FI 12 -77.15 -9.76 -74.14
CA GLY FI 12 -77.11 -8.32 -73.97
C GLY FI 12 -75.68 -7.82 -73.95
N THR FI 13 -75.36 -6.86 -74.80
CA THR FI 13 -74.00 -6.34 -74.86
C THR FI 13 -73.79 -5.14 -73.96
N GLN FI 14 -74.80 -4.30 -73.80
CA GLN FI 14 -74.74 -3.15 -72.91
C GLN FI 14 -75.30 -3.59 -71.55
N LYS FI 15 -74.41 -3.89 -70.61
CA LYS FI 15 -74.81 -4.48 -69.35
C LYS FI 15 -73.89 -3.95 -68.25
N LEU FI 16 -74.09 -4.47 -67.04
CA LEU FI 16 -73.20 -4.16 -65.94
C LEU FI 16 -71.85 -4.86 -66.13
N PRO FI 17 -70.77 -4.29 -65.58
CA PRO FI 17 -69.47 -4.98 -65.69
C PRO FI 17 -69.40 -6.26 -64.89
N SER FI 18 -70.24 -6.42 -63.87
CA SER FI 18 -70.30 -7.66 -63.12
C SER FI 18 -71.17 -8.71 -63.82
N MET FI 19 -71.86 -8.32 -64.89
CA MET FI 19 -72.69 -9.27 -65.62
C MET FI 19 -71.99 -9.89 -66.82
N THR FI 20 -70.69 -9.64 -67.01
CA THR FI 20 -70.00 -10.21 -68.15
C THR FI 20 -69.53 -11.63 -67.85
N GLY FI 21 -69.47 -12.45 -68.89
CA GLY FI 21 -69.17 -13.86 -68.72
C GLY FI 21 -70.34 -14.71 -68.28
N VAL FI 22 -71.47 -14.10 -67.95
CA VAL FI 22 -72.65 -14.81 -67.47
C VAL FI 22 -73.48 -15.23 -68.66
N LYS FI 23 -73.66 -16.53 -68.83
CA LYS FI 23 -74.50 -17.06 -69.89
C LYS FI 23 -75.96 -17.00 -69.46
N LEU FI 24 -76.81 -16.39 -70.27
CA LEU FI 24 -78.20 -16.12 -69.92
C LEU FI 24 -79.12 -16.95 -70.79
N LEU FI 25 -79.88 -17.83 -70.17
CA LEU FI 25 -80.82 -18.70 -70.85
C LEU FI 25 -82.25 -18.23 -70.61
N LEU FI 26 -83.04 -18.24 -71.68
CA LEU FI 26 -84.47 -18.01 -71.61
C LEU FI 26 -85.14 -19.34 -71.31
N LEU FI 27 -85.68 -19.48 -70.11
CA LEU FI 27 -86.31 -20.70 -69.66
C LEU FI 27 -87.80 -20.50 -69.50
N GLN FI 28 -88.59 -21.40 -70.06
CA GLN FI 28 -90.03 -21.42 -69.82
C GLN FI 28 -90.34 -22.44 -68.74
N PHE FI 29 -91.15 -22.02 -67.76
CA PHE FI 29 -91.49 -22.92 -66.66
C PHE FI 29 -92.48 -23.97 -67.13
N ILE FI 30 -92.28 -25.19 -66.63
CA ILE FI 30 -93.14 -26.32 -66.92
C ILE FI 30 -93.77 -26.77 -65.61
N ASP FI 31 -94.97 -27.34 -65.69
CA ASP FI 31 -95.67 -27.74 -64.49
C ASP FI 31 -95.19 -29.12 -64.03
N ALA FI 32 -95.86 -29.64 -63.00
CA ALA FI 32 -95.53 -30.99 -62.51
C ALA FI 32 -95.99 -32.07 -63.49
N ASN FI 33 -96.96 -31.75 -64.34
CA ASN FI 33 -97.43 -32.72 -65.33
C ASN FI 33 -96.55 -32.72 -66.58
N GLY FI 34 -95.72 -31.70 -66.76
CA GLY FI 34 -94.84 -31.60 -67.90
C GLY FI 34 -95.26 -30.62 -68.98
N GLU FI 35 -96.39 -29.93 -68.81
CA GLU FI 35 -96.87 -28.98 -69.79
C GLU FI 35 -96.24 -27.61 -69.54
N LEU FI 36 -96.07 -26.85 -70.62
CA LEU FI 36 -95.42 -25.56 -70.53
C LEU FI 36 -96.37 -24.53 -69.92
N LEU FI 37 -95.92 -23.89 -68.85
CA LEU FI 37 -96.68 -22.81 -68.22
C LEU FI 37 -96.40 -21.50 -68.96
N PRO FI 38 -97.36 -20.56 -68.97
CA PRO FI 38 -97.11 -19.23 -69.57
C PRO FI 38 -96.36 -18.30 -68.63
N LYS FI 39 -95.18 -18.72 -68.20
CA LYS FI 39 -94.34 -17.98 -67.27
C LYS FI 39 -92.90 -18.35 -67.56
N TYR FI 40 -92.02 -17.35 -67.63
CA TYR FI 40 -90.65 -17.57 -68.03
C TYR FI 40 -89.68 -16.98 -67.01
N GLU FI 41 -88.40 -17.15 -67.30
CA GLU FI 41 -87.33 -16.61 -66.49
C GLU FI 41 -86.08 -16.51 -67.36
N VAL FI 42 -85.20 -15.57 -67.03
CA VAL FI 42 -83.86 -15.51 -67.58
C VAL FI 42 -82.91 -15.83 -66.45
N ALA FI 43 -82.09 -16.86 -66.62
CA ALA FI 43 -81.25 -17.37 -65.56
C ALA FI 43 -79.81 -17.50 -66.01
N ALA FI 44 -78.90 -17.34 -65.05
CA ALA FI 44 -77.52 -17.70 -65.26
C ALA FI 44 -77.37 -19.21 -65.38
N ASP FI 45 -76.42 -19.64 -66.20
CA ASP FI 45 -76.27 -21.05 -66.53
C ASP FI 45 -74.83 -21.51 -66.27
N PRO FI 46 -74.50 -21.89 -65.04
CA PRO FI 46 -73.18 -22.49 -64.79
C PRO FI 46 -73.10 -23.94 -65.24
N VAL FI 47 -74.19 -24.70 -65.09
CA VAL FI 47 -74.28 -26.06 -65.57
C VAL FI 47 -74.73 -25.98 -67.03
N GLY FI 48 -73.86 -26.39 -67.95
CA GLY FI 48 -74.04 -26.05 -69.36
C GLY FI 48 -75.25 -26.74 -69.97
N ALA FI 49 -76.30 -25.97 -70.23
CA ALA FI 49 -77.59 -26.49 -70.65
C ALA FI 49 -77.95 -25.93 -72.02
N GLY FI 50 -78.39 -26.81 -72.92
CA GLY FI 50 -78.76 -26.43 -74.26
C GLY FI 50 -80.27 -26.41 -74.46
N LEU FI 51 -80.65 -26.04 -75.67
CA LEU FI 51 -82.05 -25.78 -75.99
C LEU FI 51 -82.85 -27.08 -76.00
N GLY FI 52 -83.93 -27.10 -75.22
CA GLY FI 52 -84.78 -28.25 -75.10
C GLY FI 52 -84.62 -29.02 -73.81
N GLU FI 53 -83.58 -28.76 -73.03
CA GLU FI 53 -83.33 -29.51 -71.81
C GLU FI 53 -84.27 -29.08 -70.70
N TRP FI 54 -84.47 -29.99 -69.75
CA TRP FI 54 -85.19 -29.70 -68.52
C TRP FI 54 -84.19 -29.34 -67.44
N VAL FI 55 -84.38 -28.19 -66.80
CA VAL FI 55 -83.43 -27.69 -65.83
C VAL FI 55 -84.15 -27.39 -64.52
N LEU FI 56 -83.39 -27.38 -63.43
CA LEU FI 56 -83.84 -26.84 -62.17
C LEU FI 56 -83.26 -25.45 -62.02
N VAL FI 57 -84.11 -24.46 -61.80
CA VAL FI 57 -83.71 -23.08 -61.65
C VAL FI 57 -84.20 -22.57 -60.30
N ASN FI 58 -83.31 -21.92 -59.55
CA ASN FI 58 -83.70 -21.34 -58.29
C ASN FI 58 -83.99 -19.85 -58.48
N ARG FI 59 -84.49 -19.21 -57.43
CA ARG FI 59 -84.83 -17.80 -57.51
C ARG FI 59 -84.25 -17.10 -56.29
N GLY FI 60 -83.91 -15.84 -56.46
CA GLY FI 60 -83.52 -15.01 -55.34
C GLY FI 60 -82.05 -15.03 -55.02
N SER FI 61 -81.73 -14.97 -53.73
CA SER FI 61 -80.34 -14.90 -53.27
C SER FI 61 -79.64 -16.24 -53.35
N ALA FI 62 -80.35 -17.32 -53.66
CA ALA FI 62 -79.74 -18.62 -53.86
C ALA FI 62 -78.95 -18.68 -55.16
N ALA FI 63 -79.22 -17.76 -56.10
CA ALA FI 63 -78.46 -17.69 -57.35
C ALA FI 63 -77.04 -17.16 -57.14
N ARG FI 64 -76.74 -16.60 -55.97
CA ARG FI 64 -75.44 -16.03 -55.68
C ARG FI 64 -74.62 -16.89 -54.72
N GLN FI 65 -74.83 -18.20 -54.73
CA GLN FI 65 -74.17 -19.08 -53.77
C GLN FI 65 -73.09 -19.94 -54.37
N THR FI 66 -72.89 -19.90 -55.69
CA THR FI 66 -71.97 -20.80 -56.36
C THR FI 66 -70.55 -20.28 -56.45
N GLU FI 67 -70.22 -19.28 -55.62
CA GLU FI 67 -68.90 -18.69 -55.34
C GLU FI 67 -68.22 -18.03 -56.55
N TYR FI 68 -68.85 -18.05 -57.72
CA TYR FI 68 -68.46 -17.13 -58.78
C TYR FI 68 -69.62 -16.24 -59.21
N HIS FI 69 -70.78 -16.36 -58.55
CA HIS FI 69 -71.91 -15.46 -58.74
C HIS FI 69 -72.19 -14.63 -57.50
N GLN FI 70 -71.20 -14.49 -56.61
CA GLN FI 70 -71.46 -14.03 -55.24
C GLN FI 70 -71.85 -12.56 -55.19
N ASN FI 71 -71.09 -11.70 -55.87
CA ASN FI 71 -71.37 -10.28 -55.88
C ASN FI 71 -71.97 -9.84 -57.21
N ARG FI 72 -72.58 -10.77 -57.93
CA ARG FI 72 -73.21 -10.58 -59.23
C ARG FI 72 -74.70 -10.35 -59.06
N PRO FI 73 -75.28 -9.41 -59.80
CA PRO FI 73 -76.72 -9.09 -59.66
C PRO FI 73 -77.62 -10.12 -60.34
N LEU FI 74 -77.65 -11.32 -59.77
CA LEU FI 74 -78.38 -12.45 -60.33
C LEU FI 74 -79.46 -12.90 -59.36
N ASP FI 75 -80.66 -13.14 -59.88
CA ASP FI 75 -81.77 -13.63 -59.08
C ASP FI 75 -82.36 -14.92 -59.65
N ALA FI 76 -81.67 -15.57 -60.58
CA ALA FI 76 -82.11 -16.83 -61.14
C ALA FI 76 -80.90 -17.56 -61.70
N MET FI 77 -80.84 -18.86 -61.45
CA MET FI 77 -79.67 -19.65 -61.83
C MET FI 77 -80.09 -21.09 -62.07
N VAL FI 78 -79.68 -21.63 -63.21
CA VAL FI 78 -79.82 -23.07 -63.44
C VAL FI 78 -78.85 -23.79 -62.51
N VAL FI 79 -79.39 -24.62 -61.62
CA VAL FI 79 -78.56 -25.32 -60.65
C VAL FI 79 -78.37 -26.79 -61.01
N ALA FI 80 -79.21 -27.35 -61.88
CA ALA FI 80 -79.15 -28.76 -62.22
C ALA FI 80 -79.82 -28.96 -63.56
N ILE FI 81 -79.24 -29.85 -64.36
CA ILE FI 81 -79.90 -30.39 -65.54
C ILE FI 81 -80.66 -31.63 -65.08
N ILE FI 82 -81.97 -31.66 -65.37
CA ILE FI 82 -82.82 -32.74 -64.88
C ILE FI 82 -82.55 -34.00 -65.69
N ASP FI 83 -82.19 -35.08 -65.00
CA ASP FI 83 -82.10 -36.40 -65.62
C ASP FI 83 -83.47 -37.05 -65.72
N THR FI 84 -84.14 -37.26 -64.59
CA THR FI 84 -85.42 -37.94 -64.60
C THR FI 84 -86.34 -37.33 -63.55
N VAL FI 85 -87.63 -37.30 -63.87
CA VAL FI 85 -88.68 -36.89 -62.94
C VAL FI 85 -89.61 -38.08 -62.75
N THR FI 86 -89.75 -38.52 -61.50
CA THR FI 86 -90.65 -39.61 -61.15
C THR FI 86 -91.81 -39.01 -60.36
N VAL FI 87 -93.03 -39.21 -60.83
CA VAL FI 87 -94.24 -38.73 -60.17
C VAL FI 87 -95.14 -39.92 -59.91
N ASN FI 88 -95.47 -40.15 -58.62
CA ASN FI 88 -96.32 -41.26 -58.16
C ASN FI 88 -95.74 -42.61 -58.58
N ASN FI 89 -94.43 -42.77 -58.40
CA ASN FI 89 -93.60 -43.91 -58.79
C ASN FI 89 -93.63 -44.20 -60.29
N ARG FI 90 -94.03 -43.22 -61.10
CA ARG FI 90 -94.05 -43.36 -62.55
C ARG FI 90 -93.10 -42.34 -63.14
N ARG FI 91 -92.23 -42.78 -64.04
CA ARG FI 91 -91.26 -41.90 -64.67
C ARG FI 91 -91.98 -40.95 -65.63
N LEU FI 92 -91.88 -39.65 -65.37
CA LEU FI 92 -92.49 -38.63 -66.21
C LEU FI 92 -91.53 -38.06 -67.24
N TYR FI 93 -90.23 -38.01 -66.92
CA TYR FI 93 -89.22 -37.48 -67.80
C TYR FI 93 -88.00 -38.38 -67.75
N GLY FI 94 -87.29 -38.47 -68.87
CA GLY FI 94 -86.07 -39.25 -68.93
C GLY FI 94 -86.29 -40.69 -69.34
#